data_7AH9
#
_entry.id   7AH9
#
_cell.length_a   1.00
_cell.length_b   1.00
_cell.length_c   1.00
_cell.angle_alpha   90.00
_cell.angle_beta   90.00
_cell.angle_gamma   90.00
#
_symmetry.space_group_name_H-M   'P 1'
#
loop_
_entity.id
_entity.type
_entity.pdbx_description
1 polymer 'Surface presentation of antigens protein SpaP'
2 polymer 'Surface presentation of antigens protein SpaR'
3 polymer 'Surface presentation of antigens protein SpaQ'
4 polymer 'Protein PrgJ'
5 polymer SptP3x-GFP-FLAG
6 polymer 'Protein PrgI'
7 polymer 'Type 3 secretion system secretin'
8 polymer 'Lipoprotein PrgK'
9 polymer 'Protein PrgH'
10 non-polymer 1,2-DIACYL-GLYCEROL-3-SN-PHOSPHATE
11 non-polymer 'LAURYL DIMETHYLAMINE-N-OXIDE'
#
loop_
_entity_poly.entity_id
_entity_poly.type
_entity_poly.pdbx_seq_one_letter_code
_entity_poly.pdbx_strand_id
1 'polypeptide(L)'
;MGNDISLIALLAFSTLLPFIIASGTCFVKFSIVFVMVRNALGLQQIPSNMTLNGVALLLSMFVMWPIMHDAYVYFEDEDV
TFNDISSLSKHVDEGLDGYRDYLIKYSDRELVQFFENAQLKRQYGEETETVKRDKDEIEKPSIFALLPAYALSEIKSAFK
IGFYLYLPFVVVDLVVSSVLLALGMMMMSPVTISTPIKLVLFVALDGWTLLSKGLILQYMDIAT
;
1A,1B,1C,1D,1E
2 'polypeptide(L)'
;MFYALYFEIHHLVASAALGFARVAPIFFFLPFLNSGVLSGAPRNAIIILVALGVWPHALNEAPPFLSVAMIPLVLQEAAV
GVMLGCLLSWPFWVMHALGCIIDNQRGATLSSSIDPANGIDTSEMANFLNMFAAVVYLQNGGLVTMVDVLNKSYQLCDPM
NECTPSLPPLLTFINQVAQNALVLASPVVLVLLLSEVFLGLLSRFAPQMNAFAISLTVKSGIAVLIMLLYFSPVLPDNVL
RLSFQATGLSSWFYERGATHVLE
;
1F
3 'polypeptide(L)'
;MDDLVFAGNKALYLVLILSGWPTIVATIIGLLVGLFQTVTQLQEQTLPFGIKLLGVCLCLFLLSGWYGEVLLSYGRQVIF
LALAKG
;
1G,1H,1I,1J
4 'polypeptide(L)'
;MSIATIVPENAVIGQAVNIRSMETDIVSLDDRLLQAFSGSAIATAVDKQTITNRIEDPNLVTDPKELAISQEMISDYNLY
VSMVSTLTRKGVGAVETLLRS
;
1K,1L,1M,1N,1O,1P
5 'polypeptide(L)'
;(UNK)(UNK)(UNK)(UNK)(UNK)(UNK)(UNK)(UNK)(UNK)(UNK)(UNK)(UNK)(UNK)(UNK)(UNK)(UNK)
(UNK)(UNK)(UNK)(UNK)(UNK)(UNK)(UNK)(UNK)(UNK)(UNK)(UNK)(UNK)(UNK)(UNK)(UNK)(UNK)
(UNK)(UNK)(UNK)(UNK)(UNK)(UNK)(UNK)(UNK)(UNK)(UNK)(UNK)(UNK)(UNK)(UNK)(UNK)(UNK)
(UNK)(UNK)(UNK)(UNK)(UNK)(UNK)(UNK)(UNK)(UNK)(UNK)(UNK)(UNK)(UNK)(UNK)(UNK)(UNK)
(UNK)(UNK)(UNK)(UNK)(UNK)(UNK)(UNK)(UNK)(UNK)(UNK)(UNK)(UNK)(UNK)(UNK)(UNK)(UNK)
(UNK)(UNK)(UNK)(UNK)(UNK)(UNK)(UNK)(UNK)(UNK)(UNK)(UNK)(UNK)(UNK)(UNK)(UNK)(UNK)
(UNK)(UNK)(UNK)(UNK)(UNK)(UNK)(UNK)(UNK)(UNK)(UNK)(UNK)(UNK)(UNK)(UNK)(UNK)(UNK)
(UNK)(UNK)(UNK)(UNK)(UNK)(UNK)(UNK)(UNK)(UNK)(UNK)(UNK)(UNK)(UNK)(UNK)(UNK)(UNK)
(UNK)(UNK)(UNK)(UNK)(UNK)(UNK)(UNK)(UNK)(UNK)(UNK)(UNK)(UNK)(UNK)
;
1Z
6 'polypeptide(L)' MATPWSGYLDDVSAKFDTGVDNLQTQVTEALDKLAAKPSDPALLAAYQSKLSEYNLYRNAQSNTVKVFKDIDAAIIQNFR 2A,2B,2C,2D,2E,2F,2G,2H,2I,2J,2K,2L,2M,2N,2O,2P,2Q,2R,2S,2T,2U,2V,2W,2X,2Y,2Z,3A,3B,3C,3D,3E,3F,3G,3H,3I,3J,3K,3L,3M,3N,3O,3P,3Q,3R,3S,3T,3U,3V,3W,3X,3Y,3Z,4A,4B,4C,4D,4E,4F,4G,4H,4I,4J,4K,4L,4M,4N,4O,4P,4Q,4R,4S,4T
7 'polypeptide(L)'
;MKTHILLARVLACAALVLVTPGYSSEKIPVTGSGFVAKDDSLRTFFDAMALQLKEPVIVSKMAARKKITGNFEFHDPNAL
LEKLSLQLGLIWYFDGQAIYIYDASEMRNAVVSLRNVSLNEFNNFLKRSGLYNKNYPLRGDNRKGTFYVSGPPVYVDMVV
NAATMMDKQNDGIELGRQKIGVMRLNNTFVGDRTYNLRDQKMVIPGIATAIERLLQGEEQPLGNIVSSEPPAMPAFSANG
EKGKAANYAGGMSLQEALKQNAAAGNIKIVAYPDTNSLLVKGTAEQVHFIEMLVKALDVAKRHVELSLWIVDLNKSDLER
LGTSWSGSITIGDKLGVSLNQSSISTLDGSRFIAAVNALEEKKQATVVSRPVLLTQENVPAIFDNNRTFYTKLIGERNVA
LEHVTYGTMIRVLPRFSADGQIEMSLDIEDGNDKTPQSDTTTSVDALPEVGRTLISTIARVPHGKSLLVGGYTRDANTDT
VQSIPFLGKLPLIGSLFRYSSKNKSNVVRVFMIEPKEIVDPLTPDASESVNNILKQSGAWSGDDKLQKWVRVYLDRGQEA
IK
;
5A,5B,5C,5D,5E,5F,5G,5H,5I,5J,5K,5L,5M,5N,5O,5P
8 'polypeptide(L)'
;MIRRYLYTFLLVMTLAGCKDKDLLKGLDQEQANEVIAVLQMHNIEANKIDSGKLGYSITVAEPDFTAAVYWIKTYQLPPR
PRVEIAQMFPADSLVSSPRAEKARLYSAIEQRLEQSLQTMEGVLSARVHISYDIDAGENGRPPKPVHLSALAVYERGSPL
AHQISDIKRFLKNSFADVDYDNISVVLSERSDAQLQAPGTPVKRNSFATSWIVLIILLSVMSAGFGVWYYKNHYARNKKG
ITADDKAKSSNE
;
6A,6B,6C,6D,6E,6F,6G,6H,6I,6J,6K,6L,6M,6N,6O,6P,6Q,6R,6S,6T,6U,6V,6W,6X
9 'polypeptide(L)'
;METSKEKTITSPGPYIVRLLNSSLNGCEFPLLTGRTLFVVGQSDALTASGQLPDIPADSFFIPLDHGGVNFEIQVDTDAT
EIILHELKEGNSESRSVQLNTPIQVGELLILIRPESEPWVPEQPEKLETSAKKNEPRFKNGIVAALAGFFILGIGTVGTL
WILNSPQRQAAELDSLLGQEKERFQVLPGRDKMLYVAAQNERDTLWARQVLARGDYDKNARVINENEENKRISIWLDTYY
PQLAYYRIHFDEPRKPVFWLSRQRNTMSKKELEVLSQKLRALMPYADSVNITLMDDVTAAGQAEAGLKQQALPYSRRNHK
GGVTFVIQGALDDVEILRARQFVDSYYRTWGGRYVQFAIELKDDWLKGRSFQYGAEGYIKMSPGHWYFPSPL
;
7A,7B,7C,7D,7E,7F,7G,7H,7I,7J,7K,7L,7M,7N,7O,7P,7Q,7R,7S,7T,7U,7V,7W,7X
#
# COMPACT_ATOMS: atom_id res chain seq x y z
N MET A 1 -34.00 10.65 -25.21
CA MET A 1 -32.84 10.48 -26.12
C MET A 1 -33.10 11.09 -27.49
N GLY A 2 -33.83 10.36 -28.32
CA GLY A 2 -34.04 10.76 -29.69
C GLY A 2 -32.76 10.89 -30.50
N ASN A 3 -32.87 11.62 -31.59
CA ASN A 3 -31.74 11.88 -32.48
C ASN A 3 -31.23 13.30 -32.32
N ASP A 4 -29.92 13.41 -32.18
CA ASP A 4 -29.30 14.69 -31.80
C ASP A 4 -29.34 15.69 -32.93
N ILE A 5 -29.48 15.25 -34.18
CA ILE A 5 -29.62 16.19 -35.28
C ILE A 5 -31.05 16.69 -35.41
N SER A 6 -32.03 15.81 -35.25
CA SER A 6 -33.40 16.30 -35.23
C SER A 6 -33.64 17.25 -34.07
N LEU A 7 -32.88 17.13 -33.00
CA LEU A 7 -32.99 18.15 -31.95
C LEU A 7 -32.48 19.50 -32.41
N ILE A 8 -31.34 19.52 -33.10
CA ILE A 8 -30.82 20.78 -33.62
C ILE A 8 -31.81 21.39 -34.58
N ALA A 9 -32.39 20.57 -35.44
CA ALA A 9 -33.35 21.10 -36.41
C ALA A 9 -34.56 21.70 -35.72
N LEU A 10 -35.00 21.12 -34.61
CA LEU A 10 -36.14 21.69 -33.91
C LEU A 10 -35.81 23.05 -33.30
N LEU A 11 -34.68 23.13 -32.62
CA LEU A 11 -34.36 24.40 -31.98
C LEU A 11 -34.09 25.47 -33.01
N ALA A 12 -33.36 25.14 -34.08
CA ALA A 12 -33.13 26.12 -35.13
C ALA A 12 -34.44 26.63 -35.72
N PHE A 13 -35.31 25.73 -36.17
CA PHE A 13 -36.59 26.16 -36.72
C PHE A 13 -37.30 27.15 -35.80
N SER A 14 -37.41 26.83 -34.51
CA SER A 14 -38.12 27.75 -33.63
C SER A 14 -37.49 29.14 -33.49
N THR A 15 -36.23 29.35 -33.86
CA THR A 15 -35.69 30.72 -33.85
C THR A 15 -36.05 31.50 -35.11
N LEU A 16 -36.15 30.82 -36.24
CA LEU A 16 -36.51 31.44 -37.51
C LEU A 16 -38.00 31.67 -37.67
N LEU A 17 -38.81 30.99 -36.88
CA LEU A 17 -40.26 31.09 -37.03
C LEU A 17 -40.82 32.49 -37.28
N PRO A 18 -40.51 33.53 -36.51
CA PRO A 18 -41.12 34.83 -36.82
C PRO A 18 -40.70 35.43 -38.15
N PHE A 19 -39.53 35.11 -38.68
CA PHE A 19 -39.18 35.69 -39.98
C PHE A 19 -39.87 34.96 -41.12
N ILE A 20 -40.03 33.65 -40.99
CA ILE A 20 -40.87 32.92 -41.94
C ILE A 20 -42.27 33.49 -41.94
N ILE A 21 -42.92 33.57 -40.78
CA ILE A 21 -44.25 34.16 -40.74
C ILE A 21 -44.28 35.53 -41.39
N ALA A 22 -43.34 36.40 -41.03
CA ALA A 22 -43.31 37.75 -41.58
C ALA A 22 -43.01 37.84 -43.08
N SER A 23 -42.54 36.77 -43.72
CA SER A 23 -42.15 36.88 -45.13
C SER A 23 -42.76 35.86 -46.07
N GLY A 24 -43.40 34.81 -45.58
CA GLY A 24 -43.95 33.77 -46.41
C GLY A 24 -45.32 33.28 -45.99
N THR A 25 -46.16 34.19 -45.52
CA THR A 25 -47.47 33.87 -44.99
C THR A 25 -48.41 35.04 -45.27
N CYS A 26 -49.70 34.74 -45.34
CA CYS A 26 -50.73 35.75 -45.60
C CYS A 26 -50.70 36.93 -44.62
N PHE A 27 -49.99 36.80 -43.52
CA PHE A 27 -49.79 37.95 -42.64
C PHE A 27 -49.31 39.14 -43.44
N VAL A 28 -48.44 38.89 -44.42
CA VAL A 28 -47.94 39.93 -45.31
C VAL A 28 -49.07 40.75 -45.91
N LYS A 29 -50.12 40.10 -46.38
CA LYS A 29 -51.23 40.84 -46.99
C LYS A 29 -52.12 41.50 -45.95
N PHE A 30 -52.59 40.73 -44.98
CA PHE A 30 -53.51 41.28 -43.99
C PHE A 30 -52.94 42.51 -43.28
N SER A 31 -51.69 42.46 -42.86
CA SER A 31 -51.14 43.61 -42.14
C SER A 31 -51.02 44.84 -43.01
N ILE A 32 -50.90 44.69 -44.32
CA ILE A 32 -50.82 45.84 -45.20
C ILE A 32 -52.18 46.48 -45.44
N VAL A 33 -53.16 45.69 -45.86
CA VAL A 33 -54.46 46.26 -46.21
C VAL A 33 -55.03 47.11 -45.09
N PHE A 34 -55.04 46.60 -43.87
CA PHE A 34 -55.57 47.39 -42.75
C PHE A 34 -54.90 48.74 -42.61
N VAL A 35 -53.56 48.77 -42.61
CA VAL A 35 -52.88 50.04 -42.43
C VAL A 35 -53.16 50.99 -43.58
N MET A 36 -53.35 50.48 -44.79
CA MET A 36 -53.68 51.36 -45.89
C MET A 36 -55.04 51.99 -45.69
N VAL A 37 -56.05 51.17 -45.41
CA VAL A 37 -57.38 51.71 -45.12
C VAL A 37 -57.34 52.73 -44.00
N ARG A 38 -56.57 52.46 -42.95
CA ARG A 38 -56.45 53.44 -41.88
C ARG A 38 -55.89 54.78 -42.36
N ASN A 39 -54.87 54.75 -43.21
CA ASN A 39 -54.38 56.02 -43.74
C ASN A 39 -55.43 56.70 -44.62
N ALA A 40 -56.15 55.94 -45.42
CA ALA A 40 -57.15 56.54 -46.30
C ALA A 40 -58.25 57.24 -45.52
N LEU A 41 -58.68 56.66 -44.41
CA LEU A 41 -59.63 57.37 -43.57
C LEU A 41 -59.06 58.64 -42.96
N GLY A 42 -57.75 58.85 -43.06
CA GLY A 42 -57.19 60.12 -42.69
C GLY A 42 -57.02 60.39 -41.22
N LEU A 43 -57.01 59.37 -40.37
CA LEU A 43 -56.82 59.58 -38.94
C LEU A 43 -55.95 58.44 -38.41
N GLN A 44 -54.64 58.66 -38.46
CA GLN A 44 -53.67 57.71 -37.93
C GLN A 44 -53.87 57.47 -36.44
N GLN A 45 -53.32 56.35 -35.97
CA GLN A 45 -53.43 55.90 -34.59
C GLN A 45 -54.87 55.68 -34.13
N ILE A 46 -55.81 55.51 -35.06
CA ILE A 46 -57.11 54.93 -34.72
C ILE A 46 -57.54 53.99 -35.84
N PRO A 47 -57.62 52.68 -35.62
CA PRO A 47 -57.19 51.85 -34.50
C PRO A 47 -55.68 51.82 -34.30
N SER A 48 -55.24 51.37 -33.13
CA SER A 48 -53.83 51.22 -32.86
C SER A 48 -53.18 50.16 -33.73
N ASN A 49 -51.89 50.35 -33.99
CA ASN A 49 -51.10 49.29 -34.61
C ASN A 49 -51.15 48.02 -33.81
N MET A 50 -51.41 48.11 -32.51
CA MET A 50 -51.50 46.90 -31.70
C MET A 50 -52.75 46.12 -32.08
N THR A 51 -53.89 46.80 -32.16
CA THR A 51 -55.13 46.18 -32.59
C THR A 51 -54.99 45.55 -33.97
N LEU A 52 -54.48 46.32 -34.93
CA LEU A 52 -54.38 45.80 -36.30
C LEU A 52 -53.44 44.60 -36.40
N ASN A 53 -52.21 44.72 -35.94
CA ASN A 53 -51.32 43.58 -35.99
C ASN A 53 -51.87 42.37 -35.23
N GLY A 54 -52.46 42.58 -34.05
CA GLY A 54 -53.05 41.47 -33.33
C GLY A 54 -54.10 40.70 -34.11
N VAL A 55 -55.06 41.42 -34.70
CA VAL A 55 -56.07 40.75 -35.53
C VAL A 55 -55.45 40.06 -36.74
N ALA A 56 -54.62 40.76 -37.50
CA ALA A 56 -53.98 40.13 -38.64
C ALA A 56 -53.26 38.85 -38.26
N LEU A 57 -52.55 38.86 -37.14
CA LEU A 57 -51.88 37.65 -36.68
C LEU A 57 -52.87 36.53 -36.41
N LEU A 58 -53.92 36.80 -35.63
CA LEU A 58 -54.90 35.76 -35.36
C LEU A 58 -55.47 35.17 -36.63
N LEU A 59 -55.94 36.00 -37.56
CA LEU A 59 -56.49 35.45 -38.80
C LEU A 59 -55.50 34.60 -39.58
N SER A 60 -54.24 35.02 -39.66
CA SER A 60 -53.26 34.19 -40.37
C SER A 60 -53.17 32.77 -39.82
N MET A 61 -53.40 32.57 -38.54
CA MET A 61 -53.28 31.24 -37.96
C MET A 61 -54.35 30.29 -38.47
N PHE A 62 -55.57 30.74 -38.68
CA PHE A 62 -56.58 29.85 -39.24
C PHE A 62 -56.12 29.27 -40.57
N VAL A 63 -55.46 30.06 -41.39
CA VAL A 63 -55.00 29.57 -42.68
C VAL A 63 -53.81 28.63 -42.51
N MET A 64 -52.83 29.02 -41.71
CA MET A 64 -51.56 28.28 -41.70
C MET A 64 -51.44 27.14 -40.70
N TRP A 65 -52.11 27.19 -39.56
CA TRP A 65 -51.90 26.17 -38.53
C TRP A 65 -52.26 24.77 -38.98
N PRO A 66 -53.37 24.54 -39.68
CA PRO A 66 -53.62 23.21 -40.24
C PRO A 66 -52.50 22.64 -41.10
N ILE A 67 -51.81 23.45 -41.87
CA ILE A 67 -50.74 22.92 -42.72
C ILE A 67 -49.56 22.43 -41.89
N MET A 68 -49.17 23.17 -40.86
CA MET A 68 -48.09 22.71 -40.00
C MET A 68 -48.50 21.45 -39.25
N HIS A 69 -49.69 21.44 -38.69
CA HIS A 69 -50.14 20.26 -37.97
C HIS A 69 -50.20 19.04 -38.87
N ASP A 70 -50.64 19.20 -40.11
CA ASP A 70 -50.61 18.10 -41.07
C ASP A 70 -49.19 17.61 -41.31
N ALA A 71 -48.22 18.50 -41.33
CA ALA A 71 -46.85 18.04 -41.57
C ALA A 71 -46.32 17.22 -40.41
N TYR A 72 -46.55 17.68 -39.18
CA TYR A 72 -46.11 16.88 -38.04
C TYR A 72 -46.82 15.55 -37.96
N VAL A 73 -48.11 15.52 -38.28
CA VAL A 73 -48.79 14.23 -38.35
C VAL A 73 -48.21 13.34 -39.44
N TYR A 74 -47.66 13.92 -40.50
CA TYR A 74 -47.00 13.11 -41.50
C TYR A 74 -45.71 12.49 -40.99
N PHE A 75 -44.95 13.26 -40.21
CA PHE A 75 -43.67 12.74 -39.73
C PHE A 75 -43.79 11.77 -38.57
N GLU A 76 -44.79 11.93 -37.69
CA GLU A 76 -44.99 10.98 -36.59
C GLU A 76 -45.75 9.73 -37.04
N ASP A 77 -45.03 8.85 -37.74
CA ASP A 77 -45.66 7.78 -38.50
C ASP A 77 -44.76 6.55 -38.48
N GLU A 78 -45.11 5.57 -37.65
CA GLU A 78 -44.16 4.55 -37.21
C GLU A 78 -43.94 3.42 -38.22
N ASP A 79 -44.47 3.51 -39.44
CA ASP A 79 -44.49 2.38 -40.35
C ASP A 79 -43.49 2.50 -41.49
N VAL A 80 -42.77 3.61 -41.57
CA VAL A 80 -41.85 3.85 -42.66
C VAL A 80 -40.56 3.05 -42.46
N THR A 81 -39.84 2.82 -43.56
CA THR A 81 -38.49 2.30 -43.47
C THR A 81 -37.67 2.88 -44.61
N PHE A 82 -36.36 3.01 -44.38
CA PHE A 82 -35.44 3.62 -45.32
C PHE A 82 -34.22 2.73 -45.52
N ASN A 83 -33.46 3.03 -46.57
CA ASN A 83 -32.24 2.29 -46.88
C ASN A 83 -31.05 3.18 -47.18
N ASP A 84 -31.25 4.43 -47.57
CA ASP A 84 -30.14 5.23 -48.06
C ASP A 84 -30.48 6.70 -47.94
N ILE A 85 -29.43 7.52 -48.01
CA ILE A 85 -29.58 8.97 -47.97
C ILE A 85 -30.59 9.46 -48.99
N SER A 86 -30.61 8.87 -50.18
CA SER A 86 -31.61 9.26 -51.17
C SER A 86 -33.03 8.93 -50.71
N SER A 87 -33.24 7.69 -50.27
CA SER A 87 -34.56 7.30 -49.81
C SER A 87 -35.05 8.13 -48.64
N LEU A 88 -34.14 8.65 -47.81
CA LEU A 88 -34.57 9.53 -46.74
C LEU A 88 -34.87 10.94 -47.25
N SER A 89 -34.00 11.48 -48.09
CA SER A 89 -34.23 12.78 -48.68
C SER A 89 -35.60 12.86 -49.34
N LYS A 90 -35.91 11.88 -50.19
CA LYS A 90 -37.20 11.85 -50.84
C LYS A 90 -38.36 11.93 -49.85
N HIS A 91 -38.32 11.14 -48.79
CA HIS A 91 -39.41 11.16 -47.83
C HIS A 91 -39.51 12.46 -47.05
N VAL A 92 -38.38 13.09 -46.77
CA VAL A 92 -38.45 14.39 -46.09
C VAL A 92 -38.99 15.47 -47.01
N ASP A 93 -38.52 15.49 -48.25
CA ASP A 93 -39.08 16.40 -49.23
C ASP A 93 -40.58 16.21 -49.41
N GLU A 94 -41.01 14.96 -49.58
CA GLU A 94 -42.42 14.67 -49.67
C GLU A 94 -43.21 15.24 -48.51
N GLY A 95 -42.63 15.30 -47.32
CA GLY A 95 -43.34 15.91 -46.21
C GLY A 95 -43.72 17.38 -46.39
N LEU A 96 -42.88 18.16 -47.07
CA LEU A 96 -43.13 19.59 -47.31
C LEU A 96 -44.09 19.94 -48.45
N ASP A 97 -44.52 18.97 -49.26
CA ASP A 97 -45.40 19.30 -50.38
C ASP A 97 -46.68 20.01 -49.95
N GLY A 98 -47.21 19.73 -48.77
CA GLY A 98 -48.38 20.47 -48.32
C GLY A 98 -48.21 21.98 -48.31
N TYR A 99 -47.05 22.44 -47.88
CA TYR A 99 -46.70 23.87 -47.93
C TYR A 99 -46.34 24.32 -49.34
N ARG A 100 -45.52 23.54 -50.02
CA ARG A 100 -45.19 23.85 -51.40
C ARG A 100 -46.41 24.15 -52.25
N ASP A 101 -47.44 23.34 -52.16
CA ASP A 101 -48.67 23.56 -52.92
C ASP A 101 -49.31 24.92 -52.65
N TYR A 102 -49.33 25.34 -51.40
CA TYR A 102 -49.88 26.65 -51.06
C TYR A 102 -49.09 27.77 -51.73
N LEU A 103 -47.76 27.70 -51.64
CA LEU A 103 -46.95 28.71 -52.32
C LEU A 103 -47.15 28.69 -53.82
N ILE A 104 -47.24 27.51 -54.43
CA ILE A 104 -47.47 27.43 -55.88
C ILE A 104 -48.81 28.06 -56.24
N LYS A 105 -49.86 27.75 -55.48
CA LYS A 105 -51.15 28.35 -55.76
C LYS A 105 -51.06 29.87 -55.82
N TYR A 106 -50.52 30.51 -54.78
CA TYR A 106 -50.53 31.98 -54.73
C TYR A 106 -49.30 32.69 -55.27
N SER A 107 -48.68 32.29 -56.39
CA SER A 107 -47.51 33.02 -56.86
C SER A 107 -47.36 32.83 -58.37
N ASP A 108 -46.52 33.66 -58.98
CA ASP A 108 -46.34 33.66 -60.42
C ASP A 108 -45.39 32.60 -60.96
N ARG A 109 -45.88 31.83 -61.91
CA ARG A 109 -45.10 30.78 -62.54
C ARG A 109 -43.84 31.29 -63.20
N GLU A 110 -43.91 32.45 -63.86
CA GLU A 110 -42.74 32.85 -64.63
C GLU A 110 -41.66 33.46 -63.76
N LEU A 111 -42.02 34.20 -62.74
CA LEU A 111 -41.00 34.68 -61.82
C LEU A 111 -40.36 33.52 -61.07
N VAL A 112 -41.17 32.53 -60.68
CA VAL A 112 -40.62 31.32 -60.08
C VAL A 112 -39.63 30.66 -61.03
N GLN A 113 -40.01 30.50 -62.29
CA GLN A 113 -39.12 29.87 -63.24
C GLN A 113 -37.85 30.68 -63.43
N PHE A 114 -37.95 32.00 -63.42
CA PHE A 114 -36.76 32.83 -63.56
C PHE A 114 -35.77 32.55 -62.45
N PHE A 115 -36.22 32.58 -61.19
CA PHE A 115 -35.28 32.26 -60.12
C PHE A 115 -34.79 30.82 -60.18
N GLU A 116 -35.64 29.89 -60.62
CA GLU A 116 -35.18 28.52 -60.80
C GLU A 116 -34.04 28.44 -61.80
N ASN A 117 -34.09 29.25 -62.85
CA ASN A 117 -32.94 29.33 -63.74
C ASN A 117 -31.75 29.97 -63.05
N ALA A 118 -31.99 31.07 -62.33
CA ALA A 118 -30.89 31.86 -61.81
C ALA A 118 -30.09 31.12 -60.74
N GLN A 119 -30.68 30.14 -60.08
CA GLN A 119 -29.86 29.38 -59.12
C GLN A 119 -28.75 28.61 -59.82
N LEU A 120 -28.97 28.20 -61.06
CA LEU A 120 -28.04 27.33 -61.79
C LEU A 120 -27.22 28.07 -62.84
N LYS A 121 -27.91 28.78 -63.75
CA LYS A 121 -27.40 29.05 -65.08
C LYS A 121 -26.08 29.80 -65.11
N ARG A 122 -25.64 30.38 -64.00
CA ARG A 122 -24.26 30.84 -63.94
C ARG A 122 -23.30 29.66 -64.09
N GLN A 123 -23.77 28.43 -63.84
CA GLN A 123 -22.97 27.24 -64.08
C GLN A 123 -22.90 26.82 -65.55
N TYR A 124 -23.85 27.23 -66.38
CA TYR A 124 -24.22 26.47 -67.55
C TYR A 124 -23.50 26.98 -68.80
N GLY A 125 -23.02 26.05 -69.61
CA GLY A 125 -22.43 26.33 -70.92
C GLY A 125 -23.38 26.33 -72.09
N GLU A 126 -24.69 26.38 -71.85
CA GLU A 126 -25.66 26.00 -72.87
C GLU A 126 -26.90 26.90 -72.76
N GLU A 127 -27.72 26.86 -73.82
CA GLU A 127 -28.95 27.62 -73.89
C GLU A 127 -30.20 26.78 -73.81
N THR A 128 -30.13 25.50 -74.18
CA THR A 128 -31.30 24.64 -74.17
C THR A 128 -31.84 24.42 -72.76
N GLU A 129 -33.16 24.52 -72.62
CA GLU A 129 -33.85 24.36 -71.34
C GLU A 129 -34.79 23.16 -71.34
N THR A 130 -35.22 22.71 -72.52
CA THR A 130 -36.08 21.54 -72.66
C THR A 130 -35.50 20.30 -72.01
N VAL A 131 -34.20 20.28 -71.75
CA VAL A 131 -33.43 19.08 -71.44
C VAL A 131 -34.02 18.27 -70.29
N LYS A 132 -34.87 18.87 -69.47
CA LYS A 132 -35.76 18.09 -68.61
C LYS A 132 -37.19 18.41 -68.98
N ARG A 133 -37.95 17.37 -69.30
CA ARG A 133 -39.38 17.51 -69.56
C ARG A 133 -40.15 17.92 -68.31
N ASP A 134 -41.12 18.81 -68.52
CA ASP A 134 -41.56 19.73 -67.48
C ASP A 134 -42.09 19.00 -66.25
N LYS A 135 -42.69 17.82 -66.44
CA LYS A 135 -43.57 17.23 -65.43
C LYS A 135 -42.91 17.10 -64.05
N ASP A 136 -41.60 16.84 -64.00
CA ASP A 136 -40.90 16.92 -62.71
C ASP A 136 -40.68 18.36 -62.24
N GLU A 137 -40.10 19.22 -63.08
CA GLU A 137 -39.66 20.53 -62.57
C GLU A 137 -40.83 21.44 -62.26
N ILE A 138 -41.92 21.33 -63.01
CA ILE A 138 -43.13 22.11 -62.76
C ILE A 138 -43.73 21.75 -61.40
N GLU A 139 -43.67 20.48 -61.02
CA GLU A 139 -44.05 20.11 -59.66
C GLU A 139 -43.01 20.53 -58.63
N LYS A 140 -41.74 20.45 -58.95
CA LYS A 140 -40.74 20.65 -57.92
C LYS A 140 -39.89 21.88 -58.15
N PRO A 141 -40.47 23.07 -58.16
CA PRO A 141 -39.69 24.26 -57.86
C PRO A 141 -39.25 24.26 -56.41
N SER A 142 -38.02 24.71 -56.17
CA SER A 142 -37.50 24.71 -54.82
C SER A 142 -38.20 25.75 -53.95
N ILE A 143 -38.16 25.53 -52.65
CA ILE A 143 -38.82 26.45 -51.74
C ILE A 143 -38.09 27.79 -51.69
N PHE A 144 -36.77 27.80 -51.76
CA PHE A 144 -36.10 29.08 -51.83
C PHE A 144 -36.42 29.83 -53.11
N ALA A 145 -36.79 29.12 -54.17
CA ALA A 145 -37.27 29.81 -55.35
C ALA A 145 -38.69 30.32 -55.17
N LEU A 146 -39.50 29.59 -54.42
CA LEU A 146 -40.89 30.00 -54.25
C LEU A 146 -41.04 31.19 -53.32
N LEU A 147 -40.23 31.27 -52.26
CA LEU A 147 -40.48 32.28 -51.23
C LEU A 147 -40.51 33.70 -51.74
N PRO A 148 -39.44 34.24 -52.32
CA PRO A 148 -39.48 35.64 -52.75
C PRO A 148 -40.49 35.89 -53.84
N ALA A 149 -40.71 34.92 -54.72
CA ALA A 149 -41.74 35.05 -55.73
C ALA A 149 -43.13 35.15 -55.11
N TYR A 150 -43.33 34.52 -53.97
CA TYR A 150 -44.62 34.64 -53.30
C TYR A 150 -44.76 36.01 -52.63
N ALA A 151 -43.74 36.43 -51.89
CA ALA A 151 -43.84 37.72 -51.21
C ALA A 151 -44.04 38.86 -52.19
N LEU A 152 -43.30 38.86 -53.31
CA LEU A 152 -43.47 39.92 -54.28
C LEU A 152 -44.83 39.91 -54.94
N SER A 153 -45.57 38.80 -54.88
CA SER A 153 -46.89 38.80 -55.48
C SER A 153 -47.93 39.21 -54.47
N GLU A 154 -47.69 38.90 -53.21
CA GLU A 154 -48.62 39.30 -52.16
C GLU A 154 -48.68 40.81 -52.04
N ILE A 155 -47.52 41.45 -51.98
CA ILE A 155 -47.52 42.92 -51.92
C ILE A 155 -48.34 43.52 -53.06
N LYS A 156 -48.05 43.13 -54.30
CA LYS A 156 -48.80 43.65 -55.43
C LYS A 156 -50.31 43.45 -55.27
N SER A 157 -50.73 42.30 -54.77
CA SER A 157 -52.16 42.10 -54.54
C SER A 157 -52.70 43.09 -53.53
N ALA A 158 -51.97 43.32 -52.45
CA ALA A 158 -52.39 44.29 -51.44
C ALA A 158 -52.62 45.66 -52.05
N PHE A 159 -51.66 46.16 -52.82
CA PHE A 159 -51.87 47.46 -53.47
C PHE A 159 -53.09 47.45 -54.39
N LYS A 160 -53.24 46.40 -55.20
CA LYS A 160 -54.45 46.33 -56.03
C LYS A 160 -55.71 46.53 -55.21
N ILE A 161 -55.84 45.81 -54.11
CA ILE A 161 -57.03 45.96 -53.28
C ILE A 161 -57.19 47.38 -52.74
N GLY A 162 -56.18 47.87 -52.03
CA GLY A 162 -56.27 49.21 -51.45
C GLY A 162 -56.61 50.33 -52.43
N PHE A 163 -56.09 50.23 -53.66
CA PHE A 163 -56.46 51.22 -54.67
C PHE A 163 -57.97 51.44 -54.74
N TYR A 164 -58.74 50.38 -54.95
CA TYR A 164 -60.18 50.52 -55.05
C TYR A 164 -60.85 51.05 -53.80
N LEU A 165 -60.24 50.89 -52.64
CA LEU A 165 -60.83 51.46 -51.43
C LEU A 165 -60.60 52.96 -51.32
N TYR A 166 -59.53 53.47 -51.89
CA TYR A 166 -59.32 54.92 -51.85
C TYR A 166 -60.38 55.73 -52.59
N LEU A 167 -60.82 55.31 -53.75
CA LEU A 167 -61.75 56.08 -54.59
C LEU A 167 -62.96 56.75 -53.92
N PRO A 168 -63.81 56.03 -53.19
CA PRO A 168 -64.94 56.71 -52.54
C PRO A 168 -64.56 57.86 -51.61
N PHE A 169 -63.50 57.70 -50.83
CA PHE A 169 -63.10 58.81 -49.97
C PHE A 169 -62.68 60.03 -50.77
N VAL A 170 -61.96 59.82 -51.87
CA VAL A 170 -61.63 60.92 -52.77
C VAL A 170 -62.90 61.63 -53.21
N VAL A 171 -63.86 60.87 -53.69
CA VAL A 171 -65.14 61.46 -54.10
C VAL A 171 -65.73 62.33 -53.00
N VAL A 172 -65.80 61.80 -51.77
CA VAL A 172 -66.33 62.57 -50.65
C VAL A 172 -65.57 63.88 -50.44
N ASP A 173 -64.26 63.86 -50.63
CA ASP A 173 -63.50 65.10 -50.49
C ASP A 173 -63.86 66.12 -51.56
N LEU A 174 -64.04 65.67 -52.79
CA LEU A 174 -64.45 66.58 -53.85
C LEU A 174 -65.83 67.18 -53.57
N VAL A 175 -66.75 66.35 -53.11
CA VAL A 175 -68.09 66.85 -52.82
C VAL A 175 -68.05 67.94 -51.76
N VAL A 176 -67.41 67.66 -50.63
CA VAL A 176 -67.29 68.67 -49.57
C VAL A 176 -66.73 69.97 -50.12
N SER A 177 -65.60 69.90 -50.83
CA SER A 177 -65.00 71.13 -51.32
C SER A 177 -65.94 71.90 -52.24
N SER A 178 -66.61 71.21 -53.13
CA SER A 178 -67.52 71.89 -54.06
C SER A 178 -68.66 72.55 -53.32
N VAL A 179 -69.16 71.92 -52.26
CA VAL A 179 -70.22 72.54 -51.49
C VAL A 179 -69.73 73.82 -50.79
N LEU A 180 -68.59 73.75 -50.12
CA LEU A 180 -68.07 74.97 -49.50
C LEU A 180 -67.91 76.12 -50.51
N LEU A 181 -67.49 75.79 -51.73
CA LEU A 181 -67.37 76.86 -52.72
C LEU A 181 -68.74 77.36 -53.15
N ALA A 182 -69.68 76.44 -53.38
CA ALA A 182 -70.99 76.88 -53.84
C ALA A 182 -71.69 77.71 -52.77
N LEU A 183 -71.39 77.48 -51.50
CA LEU A 183 -71.91 78.34 -50.44
C LEU A 183 -71.09 79.61 -50.29
N GLY A 184 -69.93 79.71 -50.93
CA GLY A 184 -69.03 80.83 -50.70
C GLY A 184 -68.44 80.94 -49.32
N MET A 185 -68.68 79.94 -48.47
CA MET A 185 -68.11 79.89 -47.14
C MET A 185 -66.67 79.43 -47.30
N MET A 186 -65.92 80.26 -48.02
CA MET A 186 -64.62 79.88 -48.59
C MET A 186 -63.56 79.59 -47.54
N MET A 187 -63.34 80.49 -46.59
CA MET A 187 -62.16 80.42 -45.73
C MET A 187 -62.35 79.47 -44.56
N MET A 188 -62.67 78.22 -44.90
CA MET A 188 -62.66 77.12 -43.95
C MET A 188 -61.98 75.93 -44.62
N SER A 189 -61.07 75.29 -43.92
CA SER A 189 -60.38 74.14 -44.48
C SER A 189 -61.30 72.92 -44.49
N PRO A 190 -61.45 72.25 -45.63
CA PRO A 190 -62.45 71.17 -45.70
C PRO A 190 -62.10 69.94 -44.91
N VAL A 191 -60.82 69.69 -44.62
CA VAL A 191 -60.43 68.46 -43.94
C VAL A 191 -61.12 68.35 -42.59
N THR A 192 -61.25 69.48 -41.90
CA THR A 192 -61.87 69.51 -40.58
C THR A 192 -63.29 68.99 -40.63
N ILE A 193 -63.95 69.15 -41.76
CA ILE A 193 -65.33 68.73 -41.93
C ILE A 193 -65.41 67.31 -42.45
N SER A 194 -64.57 66.99 -43.43
CA SER A 194 -64.67 65.70 -44.10
C SER A 194 -64.10 64.52 -43.32
N THR A 195 -63.12 64.72 -42.43
CA THR A 195 -62.66 63.56 -41.67
C THR A 195 -63.70 62.99 -40.71
N PRO A 196 -64.42 63.79 -39.93
CA PRO A 196 -65.60 63.25 -39.24
C PRO A 196 -66.58 62.52 -40.14
N ILE A 197 -66.85 63.04 -41.33
CA ILE A 197 -67.82 62.40 -42.22
C ILE A 197 -67.31 61.04 -42.70
N LYS A 198 -66.06 60.98 -43.15
CA LYS A 198 -65.50 59.70 -43.55
C LYS A 198 -65.58 58.68 -42.43
N LEU A 199 -65.19 59.08 -41.22
CA LEU A 199 -65.21 58.14 -40.10
C LEU A 199 -66.62 57.63 -39.82
N VAL A 200 -67.56 58.55 -39.63
CA VAL A 200 -68.91 58.14 -39.29
C VAL A 200 -69.51 57.28 -40.37
N LEU A 201 -69.28 57.61 -41.64
CA LEU A 201 -69.84 56.83 -42.73
C LEU A 201 -69.30 55.41 -42.76
N PHE A 202 -67.98 55.26 -42.61
CA PHE A 202 -67.39 53.94 -42.71
C PHE A 202 -67.78 53.07 -41.52
N VAL A 203 -67.82 53.67 -40.33
CA VAL A 203 -68.21 52.90 -39.16
C VAL A 203 -69.69 52.55 -39.24
N ALA A 204 -70.53 53.50 -39.66
CA ALA A 204 -71.94 53.20 -39.78
C ALA A 204 -72.22 52.13 -40.81
N LEU A 205 -71.28 51.85 -41.71
CA LEU A 205 -71.49 50.74 -42.64
C LEU A 205 -70.66 49.51 -42.29
N ASP A 206 -69.96 49.52 -41.15
CA ASP A 206 -69.16 48.36 -40.72
C ASP A 206 -68.11 47.97 -41.74
N GLY A 207 -67.47 48.95 -42.33
CA GLY A 207 -66.46 48.64 -43.31
C GLY A 207 -65.46 47.61 -42.84
N TRP A 208 -65.03 47.70 -41.58
CA TRP A 208 -64.07 46.73 -41.06
C TRP A 208 -64.59 45.30 -41.09
N THR A 209 -65.88 45.08 -40.88
CA THR A 209 -66.39 43.72 -40.91
C THR A 209 -66.40 43.16 -42.32
N LEU A 210 -67.01 43.89 -43.24
CA LEU A 210 -67.02 43.48 -44.63
C LEU A 210 -65.60 43.24 -45.13
N LEU A 211 -64.69 44.14 -44.78
CA LEU A 211 -63.29 43.99 -45.14
C LEU A 211 -62.68 42.69 -44.62
N SER A 212 -62.91 42.37 -43.34
CA SER A 212 -62.37 41.12 -42.79
C SER A 212 -62.94 39.88 -43.48
N LYS A 213 -64.25 39.85 -43.72
CA LYS A 213 -64.79 38.72 -44.47
C LYS A 213 -64.21 38.64 -45.87
N GLY A 214 -64.16 39.76 -46.57
CA GLY A 214 -63.69 39.73 -47.93
C GLY A 214 -62.26 39.27 -48.02
N LEU A 215 -61.47 39.54 -46.99
CA LEU A 215 -60.10 39.03 -46.99
C LEU A 215 -60.04 37.53 -46.71
N ILE A 216 -60.80 37.05 -45.73
CA ILE A 216 -60.66 35.64 -45.38
C ILE A 216 -61.22 34.73 -46.48
N LEU A 217 -62.27 35.15 -47.16
CA LEU A 217 -62.88 34.30 -48.17
C LEU A 217 -62.00 34.03 -49.37
N GLN A 218 -60.82 34.61 -49.47
CA GLN A 218 -59.86 34.14 -50.48
C GLN A 218 -59.17 32.86 -50.08
N TYR A 219 -59.17 32.53 -48.79
CA TYR A 219 -58.34 31.48 -48.26
C TYR A 219 -59.12 30.37 -47.58
N MET A 220 -60.35 30.63 -47.12
CA MET A 220 -61.11 29.62 -46.42
C MET A 220 -62.57 29.76 -46.79
N ASP A 221 -63.34 28.73 -46.47
CA ASP A 221 -64.78 28.87 -46.25
C ASP A 221 -65.09 28.90 -44.77
N ILE A 222 -65.83 29.93 -44.36
CA ILE A 222 -66.02 30.19 -42.93
C ILE A 222 -66.90 29.11 -42.32
N ALA A 223 -67.88 28.62 -43.08
CA ALA A 223 -68.77 27.57 -42.61
C ALA A 223 -68.06 26.24 -42.46
N MET B 1 -12.22 19.72 -37.83
CA MET B 1 -11.08 18.78 -37.69
C MET B 1 -9.93 19.10 -38.64
N GLY B 2 -8.74 18.65 -38.25
CA GLY B 2 -7.53 18.89 -39.01
C GLY B 2 -6.53 19.68 -38.19
N ASN B 3 -5.79 20.54 -38.86
CA ASN B 3 -4.93 21.47 -38.16
C ASN B 3 -5.72 22.34 -37.20
N ASP B 4 -5.31 22.33 -35.94
CA ASP B 4 -5.98 23.11 -34.91
C ASP B 4 -6.12 24.57 -35.28
N ILE B 5 -5.12 25.15 -35.94
CA ILE B 5 -5.23 26.54 -36.35
C ILE B 5 -6.21 26.72 -37.49
N SER B 6 -6.29 25.78 -38.41
CA SER B 6 -7.29 25.90 -39.45
C SER B 6 -8.68 25.92 -38.85
N LEU B 7 -8.88 25.15 -37.78
CA LEU B 7 -10.17 25.17 -37.09
C LEU B 7 -10.49 26.55 -36.51
N ILE B 8 -9.54 27.14 -35.80
CA ILE B 8 -9.70 28.50 -35.29
C ILE B 8 -10.08 29.47 -36.38
N ALA B 9 -9.40 29.37 -37.53
CA ALA B 9 -9.71 30.27 -38.63
C ALA B 9 -11.14 30.10 -39.10
N LEU B 10 -11.59 28.86 -39.28
CA LEU B 10 -12.96 28.64 -39.69
C LEU B 10 -13.96 29.26 -38.72
N LEU B 11 -13.74 29.09 -37.41
CA LEU B 11 -14.70 29.64 -36.45
C LEU B 11 -14.66 31.17 -36.42
N ALA B 12 -13.49 31.77 -36.53
CA ALA B 12 -13.42 33.23 -36.60
C ALA B 12 -14.19 33.75 -37.80
N PHE B 13 -13.92 33.20 -38.97
CA PHE B 13 -14.67 33.60 -40.15
C PHE B 13 -16.17 33.53 -39.91
N SER B 14 -16.66 32.38 -39.46
CA SER B 14 -18.10 32.26 -39.23
C SER B 14 -18.61 33.21 -38.18
N THR B 15 -17.76 33.72 -37.30
CA THR B 15 -18.23 34.73 -36.36
C THR B 15 -18.37 36.10 -37.02
N LEU B 16 -17.46 36.45 -37.90
CA LEU B 16 -17.54 37.75 -38.57
C LEU B 16 -18.50 37.78 -39.74
N LEU B 17 -19.03 36.64 -40.15
CA LEU B 17 -19.89 36.56 -41.33
C LEU B 17 -20.94 37.65 -41.54
N PRO B 18 -21.82 37.96 -40.59
CA PRO B 18 -22.80 39.02 -40.88
C PRO B 18 -22.24 40.40 -41.14
N PHE B 19 -21.07 40.75 -40.62
CA PHE B 19 -20.54 42.07 -40.93
C PHE B 19 -19.98 42.10 -42.33
N ILE B 20 -19.44 40.98 -42.80
CA ILE B 20 -19.01 40.90 -44.18
C ILE B 20 -20.21 41.02 -45.10
N ILE B 21 -21.22 40.19 -44.89
CA ILE B 21 -22.42 40.33 -45.72
C ILE B 21 -22.95 41.75 -45.71
N ALA B 22 -22.93 42.42 -44.57
CA ALA B 22 -23.43 43.78 -44.48
C ALA B 22 -22.51 44.84 -45.06
N SER B 23 -21.27 44.51 -45.41
CA SER B 23 -20.33 45.53 -45.85
C SER B 23 -19.59 45.25 -47.15
N GLY B 24 -19.63 44.04 -47.68
CA GLY B 24 -18.90 43.69 -48.89
C GLY B 24 -19.69 42.80 -49.83
N THR B 25 -20.99 43.02 -49.93
CA THR B 25 -21.88 42.17 -50.71
C THR B 25 -23.02 43.00 -51.27
N CYS B 26 -23.62 42.51 -52.38
CA CYS B 26 -24.74 43.19 -53.01
C CYS B 26 -25.93 43.44 -52.09
N PHE B 27 -25.97 42.79 -50.94
CA PHE B 27 -27.04 43.06 -49.98
C PHE B 27 -27.11 44.55 -49.69
N VAL B 28 -25.95 45.20 -49.65
CA VAL B 28 -25.87 46.65 -49.43
C VAL B 28 -26.73 47.40 -50.44
N LYS B 29 -26.63 47.04 -51.72
CA LYS B 29 -27.42 47.72 -52.74
C LYS B 29 -28.91 47.42 -52.65
N PHE B 30 -29.28 46.14 -52.58
CA PHE B 30 -30.72 45.83 -52.54
C PHE B 30 -31.42 46.40 -51.33
N SER B 31 -30.79 46.38 -50.15
CA SER B 31 -31.41 46.97 -48.97
C SER B 31 -31.81 48.41 -49.19
N ILE B 32 -30.89 49.21 -49.70
CA ILE B 32 -31.15 50.62 -49.96
C ILE B 32 -32.26 50.79 -50.99
N VAL B 33 -32.12 50.15 -52.15
CA VAL B 33 -33.10 50.33 -53.23
C VAL B 33 -34.54 50.12 -52.75
N PHE B 34 -34.82 49.01 -52.07
CA PHE B 34 -36.20 48.79 -51.65
C PHE B 34 -36.74 49.87 -50.71
N VAL B 35 -35.94 50.32 -49.75
CA VAL B 35 -36.41 51.37 -48.85
C VAL B 35 -36.66 52.65 -49.61
N MET B 36 -35.78 53.01 -50.55
CA MET B 36 -36.02 54.21 -51.34
C MET B 36 -37.31 54.10 -52.13
N VAL B 37 -37.62 52.93 -52.65
CA VAL B 37 -38.89 52.80 -53.36
C VAL B 37 -40.07 53.05 -52.42
N ARG B 38 -40.02 52.50 -51.21
CA ARG B 38 -41.08 52.79 -50.27
C ARG B 38 -41.23 54.28 -49.99
N ASN B 39 -40.12 54.98 -49.82
CA ASN B 39 -40.22 56.42 -49.60
C ASN B 39 -40.73 57.16 -50.82
N ALA B 40 -40.39 56.71 -52.02
CA ALA B 40 -40.91 57.37 -53.20
C ALA B 40 -42.41 57.22 -53.31
N LEU B 41 -42.93 56.04 -52.98
CA LEU B 41 -44.38 55.92 -52.95
C LEU B 41 -45.00 56.67 -51.78
N GLY B 42 -44.22 57.06 -50.79
CA GLY B 42 -44.76 57.85 -49.69
C GLY B 42 -45.43 57.07 -48.57
N LEU B 43 -44.99 55.85 -48.32
CA LEU B 43 -45.53 55.01 -47.27
C LEU B 43 -44.53 55.00 -46.11
N GLN B 44 -45.02 55.19 -44.89
CA GLN B 44 -44.14 55.25 -43.73
C GLN B 44 -43.99 53.92 -43.00
N GLN B 45 -44.89 52.96 -43.21
CA GLN B 45 -44.85 51.73 -42.44
C GLN B 45 -45.11 50.49 -43.28
N ILE B 46 -45.30 50.61 -44.58
CA ILE B 46 -45.70 49.51 -45.42
C ILE B 46 -44.70 49.34 -46.57
N PRO B 47 -44.23 48.13 -46.85
CA PRO B 47 -44.09 46.94 -46.02
C PRO B 47 -43.20 47.17 -44.83
N SER B 48 -43.16 46.23 -43.91
CA SER B 48 -42.19 46.30 -42.82
C SER B 48 -40.77 46.14 -43.31
N ASN B 49 -39.85 46.78 -42.60
CA ASN B 49 -38.43 46.53 -42.82
C ASN B 49 -38.10 45.06 -42.71
N MET B 50 -38.79 44.34 -41.83
CA MET B 50 -38.54 42.93 -41.67
C MET B 50 -38.94 42.13 -42.89
N THR B 51 -39.85 42.64 -43.72
CA THR B 51 -40.16 41.99 -44.98
C THR B 51 -39.16 42.37 -46.07
N LEU B 52 -38.88 43.66 -46.19
CA LEU B 52 -37.96 44.13 -47.21
C LEU B 52 -36.57 43.50 -47.07
N ASN B 53 -36.02 43.52 -45.85
CA ASN B 53 -34.71 42.89 -45.66
C ASN B 53 -34.72 41.39 -45.91
N GLY B 54 -35.81 40.71 -45.58
CA GLY B 54 -35.88 39.29 -45.92
C GLY B 54 -35.78 39.03 -47.41
N VAL B 55 -36.56 39.76 -48.18
CA VAL B 55 -36.46 39.64 -49.63
C VAL B 55 -35.05 39.96 -50.11
N ALA B 56 -34.49 41.08 -49.69
CA ALA B 56 -33.13 41.45 -50.11
C ALA B 56 -32.11 40.36 -49.79
N LEU B 57 -32.23 39.73 -48.63
CA LEU B 57 -31.28 38.68 -48.29
C LEU B 57 -31.43 37.47 -49.18
N LEU B 58 -32.65 37.07 -49.48
CA LEU B 58 -32.83 35.94 -50.38
C LEU B 58 -32.25 36.25 -51.75
N LEU B 59 -32.65 37.37 -52.36
CA LEU B 59 -32.09 37.72 -53.66
C LEU B 59 -30.58 37.77 -53.65
N SER B 60 -29.95 38.23 -52.57
CA SER B 60 -28.49 38.24 -52.56
C SER B 60 -27.93 36.83 -52.53
N MET B 61 -28.61 35.90 -51.88
CA MET B 61 -28.06 34.56 -51.77
C MET B 61 -27.79 33.93 -53.13
N PHE B 62 -28.71 34.06 -54.09
CA PHE B 62 -28.46 33.52 -55.42
C PHE B 62 -27.15 34.04 -55.99
N VAL B 63 -26.97 35.35 -55.97
CA VAL B 63 -25.77 35.94 -56.54
C VAL B 63 -24.51 35.45 -55.84
N MET B 64 -24.55 35.27 -54.54
CA MET B 64 -23.31 34.91 -53.85
C MET B 64 -23.01 33.42 -53.76
N TRP B 65 -24.00 32.56 -53.81
CA TRP B 65 -23.76 31.13 -53.68
C TRP B 65 -22.63 30.55 -54.53
N PRO B 66 -22.65 30.70 -55.84
CA PRO B 66 -21.60 30.04 -56.65
C PRO B 66 -20.18 30.30 -56.21
N ILE B 67 -19.88 31.49 -55.68
CA ILE B 67 -18.55 31.76 -55.18
C ILE B 67 -18.24 30.96 -53.92
N MET B 68 -19.19 30.89 -53.00
CA MET B 68 -18.97 30.10 -51.79
C MET B 68 -18.82 28.63 -52.09
N HIS B 69 -19.60 28.11 -53.02
CA HIS B 69 -19.45 26.71 -53.40
C HIS B 69 -18.11 26.44 -54.05
N ASP B 70 -17.72 27.25 -55.03
CA ASP B 70 -16.41 27.08 -55.63
C ASP B 70 -15.26 27.14 -54.63
N ALA B 71 -15.26 28.11 -53.73
CA ALA B 71 -14.20 28.17 -52.71
C ALA B 71 -14.21 26.98 -51.77
N TYR B 72 -15.39 26.49 -51.42
CA TYR B 72 -15.46 25.31 -50.56
C TYR B 72 -14.86 24.11 -51.26
N VAL B 73 -15.31 23.82 -52.46
CA VAL B 73 -14.76 22.69 -53.20
C VAL B 73 -13.25 22.84 -53.36
N TYR B 74 -12.77 24.05 -53.60
CA TYR B 74 -11.34 24.27 -53.73
C TYR B 74 -10.57 23.89 -52.47
N PHE B 75 -11.13 24.12 -51.30
CA PHE B 75 -10.38 23.74 -50.10
C PHE B 75 -10.61 22.31 -49.64
N GLU B 76 -11.78 21.73 -49.89
CA GLU B 76 -12.02 20.31 -49.64
C GLU B 76 -11.42 19.43 -50.73
N ASP B 77 -10.10 19.46 -50.81
CA ASP B 77 -9.35 18.76 -51.85
C ASP B 77 -8.03 18.31 -51.26
N GLU B 78 -7.81 16.99 -51.23
CA GLU B 78 -6.67 16.35 -50.59
C GLU B 78 -5.40 16.40 -51.43
N ASP B 79 -5.43 17.06 -52.58
CA ASP B 79 -4.34 16.99 -53.56
C ASP B 79 -2.93 17.01 -52.96
N VAL B 80 -2.64 17.94 -52.06
CA VAL B 80 -1.26 18.27 -51.69
C VAL B 80 -1.13 18.37 -50.18
N THR B 81 0.11 18.19 -49.71
CA THR B 81 0.56 18.72 -48.44
C THR B 81 1.85 19.51 -48.66
N PHE B 82 2.04 20.52 -47.83
CA PHE B 82 2.87 21.67 -48.17
C PHE B 82 4.20 21.65 -47.44
N ASN B 83 5.25 22.00 -48.18
CA ASN B 83 6.60 22.00 -47.65
C ASN B 83 6.96 23.25 -46.86
N ASP B 84 6.40 24.41 -47.19
CA ASP B 84 6.99 25.64 -46.71
C ASP B 84 5.97 26.77 -46.64
N ILE B 85 6.30 27.77 -45.83
CA ILE B 85 5.48 28.97 -45.69
C ILE B 85 5.11 29.58 -47.03
N SER B 86 6.08 29.72 -47.95
CA SER B 86 5.75 30.36 -49.21
C SER B 86 4.85 29.51 -50.09
N SER B 87 4.96 28.19 -49.98
CA SER B 87 4.10 27.33 -50.77
C SER B 87 2.68 27.34 -50.21
N LEU B 88 2.57 27.26 -48.90
CA LEU B 88 1.26 27.29 -48.27
C LEU B 88 0.57 28.61 -48.51
N SER B 89 1.25 29.73 -48.23
CA SER B 89 0.61 31.02 -48.41
C SER B 89 0.19 31.27 -49.86
N LYS B 90 1.01 30.88 -50.84
CA LYS B 90 0.53 31.08 -52.21
C LYS B 90 -0.60 30.12 -52.57
N HIS B 91 -0.67 28.94 -51.95
CA HIS B 91 -1.84 28.10 -52.15
C HIS B 91 -3.09 28.70 -51.54
N VAL B 92 -2.98 29.29 -50.36
CA VAL B 92 -4.13 29.95 -49.75
C VAL B 92 -4.59 31.08 -50.66
N ASP B 93 -3.67 31.96 -51.03
CA ASP B 93 -4.02 33.13 -51.83
C ASP B 93 -4.74 32.75 -53.11
N GLU B 94 -4.26 31.72 -53.81
CA GLU B 94 -4.93 31.31 -55.04
C GLU B 94 -6.37 30.85 -54.86
N GLY B 95 -6.81 30.57 -53.63
CA GLY B 95 -8.21 30.21 -53.43
C GLY B 95 -9.19 31.37 -53.37
N LEU B 96 -8.73 32.55 -52.97
CA LEU B 96 -9.58 33.73 -52.85
C LEU B 96 -9.75 34.50 -54.15
N ASP B 97 -8.98 34.17 -55.18
CA ASP B 97 -9.08 34.88 -56.45
C ASP B 97 -10.50 34.99 -56.98
N GLY B 98 -11.37 34.02 -56.75
CA GLY B 98 -12.73 34.17 -57.24
C GLY B 98 -13.47 35.34 -56.61
N TYR B 99 -13.29 35.53 -55.31
CA TYR B 99 -13.88 36.67 -54.63
C TYR B 99 -13.17 37.97 -54.99
N ARG B 100 -11.84 37.98 -54.90
CA ARG B 100 -11.06 39.13 -55.35
C ARG B 100 -11.51 39.61 -56.73
N ASP B 101 -11.70 38.68 -57.65
CA ASP B 101 -12.17 39.01 -58.99
C ASP B 101 -13.61 39.43 -59.04
N TYR B 102 -14.44 39.04 -58.08
CA TYR B 102 -15.77 39.64 -58.01
C TYR B 102 -15.70 41.10 -57.57
N LEU B 103 -14.95 41.39 -56.51
CA LEU B 103 -14.82 42.77 -56.04
C LEU B 103 -14.20 43.70 -57.08
N ILE B 104 -13.29 43.19 -57.90
CA ILE B 104 -12.60 44.04 -58.87
C ILE B 104 -13.53 44.60 -59.93
N LYS B 105 -14.58 43.88 -60.30
CA LYS B 105 -15.44 44.41 -61.35
C LYS B 105 -16.21 45.65 -60.92
N TYR B 106 -16.41 45.86 -59.64
CA TYR B 106 -17.32 46.88 -59.16
C TYR B 106 -16.66 47.99 -58.36
N SER B 107 -15.60 47.72 -57.60
CA SER B 107 -14.87 48.83 -57.03
C SER B 107 -14.25 49.66 -58.15
N ASP B 108 -13.81 50.88 -57.80
CA ASP B 108 -13.24 51.80 -58.77
C ASP B 108 -11.72 51.93 -58.65
N ARG B 109 -11.06 51.85 -59.80
CA ARG B 109 -9.61 51.70 -59.90
C ARG B 109 -8.85 52.78 -59.14
N GLU B 110 -9.27 54.03 -59.29
CA GLU B 110 -8.50 55.13 -58.72
C GLU B 110 -8.55 55.12 -57.20
N LEU B 111 -9.72 54.83 -56.66
CA LEU B 111 -9.88 54.75 -55.22
C LEU B 111 -9.15 53.54 -54.66
N VAL B 112 -9.27 52.40 -55.35
CA VAL B 112 -8.52 51.21 -54.97
C VAL B 112 -7.04 51.53 -54.89
N GLN B 113 -6.48 52.14 -55.95
CA GLN B 113 -5.06 52.41 -55.96
C GLN B 113 -4.66 53.38 -54.85
N PHE B 114 -5.50 54.38 -54.59
CA PHE B 114 -5.20 55.29 -53.50
C PHE B 114 -5.11 54.54 -52.17
N PHE B 115 -6.02 53.61 -51.93
CA PHE B 115 -5.94 52.87 -50.68
C PHE B 115 -4.71 51.97 -50.66
N GLU B 116 -4.32 51.39 -51.78
CA GLU B 116 -3.11 50.57 -51.74
C GLU B 116 -1.90 51.42 -51.44
N ASN B 117 -1.83 52.62 -52.01
CA ASN B 117 -0.76 53.54 -51.67
C ASN B 117 -0.76 53.85 -50.18
N ALA B 118 -1.93 53.84 -49.56
CA ALA B 118 -2.01 54.24 -48.16
C ALA B 118 -1.38 53.24 -47.21
N GLN B 119 -1.30 51.96 -47.58
CA GLN B 119 -0.90 50.93 -46.63
C GLN B 119 0.61 50.86 -46.46
N LEU B 120 1.37 51.29 -47.47
CA LEU B 120 2.81 51.08 -47.48
C LEU B 120 3.47 51.76 -46.28
N LYS B 121 4.57 51.17 -45.85
CA LYS B 121 5.31 51.71 -44.72
C LYS B 121 5.68 53.16 -44.99
N ARG B 122 5.51 54.00 -43.98
CA ARG B 122 5.84 55.40 -44.10
C ARG B 122 7.33 55.57 -44.37
N GLN B 123 7.67 56.72 -44.96
CA GLN B 123 9.05 57.15 -45.09
C GLN B 123 9.20 58.60 -44.66
N TYR B 124 10.44 58.98 -44.38
CA TYR B 124 10.72 60.27 -43.78
C TYR B 124 10.67 61.39 -44.83
N GLY B 125 11.38 61.22 -45.94
CA GLY B 125 10.95 61.83 -47.17
C GLY B 125 9.69 61.17 -47.67
N GLU B 126 9.04 61.83 -48.63
CA GLU B 126 7.92 61.20 -49.30
C GLU B 126 8.36 59.90 -49.97
N GLU B 127 7.48 58.91 -49.94
CA GLU B 127 7.85 57.54 -50.28
C GLU B 127 8.51 57.48 -51.65
N THR B 128 9.46 56.55 -51.76
CA THR B 128 10.09 56.23 -53.03
C THR B 128 9.04 55.73 -54.04
N GLU B 129 9.08 56.31 -55.23
CA GLU B 129 8.04 56.08 -56.24
C GLU B 129 8.17 54.68 -56.82
N THR B 130 7.06 54.18 -57.36
CA THR B 130 7.08 52.93 -58.10
C THR B 130 5.93 52.90 -59.11
N VAL B 131 6.13 52.06 -60.13
CA VAL B 131 5.09 51.58 -61.03
C VAL B 131 5.22 50.08 -61.10
N LYS B 132 4.09 49.37 -61.09
CA LYS B 132 4.09 47.91 -61.00
C LYS B 132 3.25 47.33 -62.14
N ARG B 133 3.65 46.14 -62.57
CA ARG B 133 2.99 45.49 -63.70
C ARG B 133 1.63 44.91 -63.32
N ASP B 134 0.85 44.67 -64.37
CA ASP B 134 -0.57 44.40 -64.24
C ASP B 134 -0.87 43.17 -63.40
N LYS B 135 -0.02 42.14 -63.46
CA LYS B 135 -0.35 40.90 -62.75
C LYS B 135 -0.42 41.07 -61.25
N ASP B 136 0.35 41.98 -60.66
CA ASP B 136 -0.08 42.48 -59.36
C ASP B 136 -1.17 43.53 -59.50
N GLU B 137 -0.90 44.57 -60.27
CA GLU B 137 -1.62 45.83 -60.06
C GLU B 137 -3.05 45.73 -60.56
N ILE B 138 -3.22 45.27 -61.80
CA ILE B 138 -4.55 45.05 -62.33
C ILE B 138 -5.18 43.80 -61.75
N GLU B 139 -4.45 42.68 -61.80
CA GLU B 139 -4.96 41.38 -61.41
C GLU B 139 -5.08 41.22 -59.90
N LYS B 140 -4.18 41.81 -59.10
CA LYS B 140 -4.09 41.38 -57.71
C LYS B 140 -3.80 42.47 -56.68
N PRO B 141 -4.56 43.56 -56.65
CA PRO B 141 -4.58 44.41 -55.45
C PRO B 141 -5.09 43.65 -54.24
N SER B 142 -4.67 44.10 -53.05
CA SER B 142 -4.96 43.41 -51.81
C SER B 142 -6.40 43.65 -51.35
N ILE B 143 -6.96 42.68 -50.64
CA ILE B 143 -8.37 42.73 -50.28
C ILE B 143 -8.64 43.80 -49.24
N PHE B 144 -7.73 43.99 -48.29
CA PHE B 144 -7.90 45.10 -47.36
C PHE B 144 -7.90 46.45 -48.04
N ALA B 145 -7.54 46.53 -49.31
CA ALA B 145 -7.82 47.75 -50.04
C ALA B 145 -9.14 47.69 -50.77
N LEU B 146 -9.43 46.58 -51.42
CA LEU B 146 -10.61 46.50 -52.25
C LEU B 146 -11.89 46.73 -51.46
N LEU B 147 -11.94 46.21 -50.24
CA LEU B 147 -13.23 46.08 -49.57
C LEU B 147 -13.94 47.41 -49.31
N PRO B 148 -13.32 48.41 -48.66
CA PRO B 148 -14.01 49.70 -48.51
C PRO B 148 -14.30 50.43 -49.80
N ALA B 149 -13.42 50.35 -50.79
CA ALA B 149 -13.73 50.97 -52.08
C ALA B 149 -15.00 50.38 -52.65
N TYR B 150 -15.18 49.09 -52.50
CA TYR B 150 -16.41 48.44 -52.92
C TYR B 150 -17.61 49.00 -52.19
N ALA B 151 -17.59 48.95 -50.87
CA ALA B 151 -18.70 49.49 -50.10
C ALA B 151 -19.11 50.90 -50.55
N LEU B 152 -18.15 51.81 -50.64
CA LEU B 152 -18.45 53.18 -51.06
C LEU B 152 -19.04 53.26 -52.47
N SER B 153 -18.45 52.57 -53.43
CA SER B 153 -18.97 52.62 -54.78
C SER B 153 -20.39 52.05 -54.87
N GLU B 154 -20.66 50.99 -54.12
CA GLU B 154 -22.01 50.45 -54.08
C GLU B 154 -23.02 51.46 -53.56
N ILE B 155 -22.76 52.04 -52.39
CA ILE B 155 -23.65 53.07 -51.88
C ILE B 155 -23.96 54.12 -52.95
N LYS B 156 -22.91 54.69 -53.55
CA LYS B 156 -23.12 55.67 -54.61
C LYS B 156 -24.07 55.17 -55.70
N SER B 157 -23.73 54.05 -56.32
CA SER B 157 -24.59 53.49 -57.36
C SER B 157 -26.02 53.25 -56.88
N ALA B 158 -26.23 53.01 -55.59
CA ALA B 158 -27.60 52.86 -55.10
C ALA B 158 -28.35 54.18 -55.12
N PHE B 159 -27.74 55.22 -54.55
CA PHE B 159 -28.39 56.54 -54.61
C PHE B 159 -28.75 56.91 -56.03
N LYS B 160 -27.84 56.67 -56.97
CA LYS B 160 -28.14 56.95 -58.37
C LYS B 160 -29.46 56.35 -58.83
N ILE B 161 -29.66 55.06 -58.57
CA ILE B 161 -30.92 54.39 -58.93
C ILE B 161 -32.11 55.08 -58.29
N GLY B 162 -32.03 55.31 -56.98
CA GLY B 162 -33.14 55.98 -56.31
C GLY B 162 -33.54 57.28 -56.97
N PHE B 163 -32.56 58.07 -57.37
CA PHE B 163 -32.86 59.28 -58.13
C PHE B 163 -33.80 59.02 -59.30
N TYR B 164 -33.45 58.07 -60.19
CA TYR B 164 -34.33 57.82 -61.33
C TYR B 164 -35.71 57.37 -60.90
N LEU B 165 -35.79 56.57 -59.86
CA LEU B 165 -37.11 56.11 -59.42
C LEU B 165 -38.03 57.25 -59.00
N TYR B 166 -37.48 58.27 -58.35
CA TYR B 166 -38.31 59.42 -57.96
C TYR B 166 -38.95 60.22 -59.11
N LEU B 167 -38.25 60.43 -60.23
CA LEU B 167 -38.75 61.33 -61.27
C LEU B 167 -40.21 61.22 -61.71
N PRO B 168 -40.73 60.07 -62.13
CA PRO B 168 -42.14 60.04 -62.53
C PRO B 168 -43.14 60.46 -61.46
N PHE B 169 -42.90 60.10 -60.21
CA PHE B 169 -43.79 60.54 -59.15
C PHE B 169 -43.74 62.04 -58.94
N VAL B 170 -42.56 62.65 -59.03
CA VAL B 170 -42.49 64.11 -58.99
C VAL B 170 -43.36 64.72 -60.09
N VAL B 171 -43.28 64.18 -61.29
CA VAL B 171 -44.15 64.66 -62.37
C VAL B 171 -45.61 64.61 -61.96
N VAL B 172 -46.06 63.45 -61.48
CA VAL B 172 -47.44 63.31 -61.02
C VAL B 172 -47.79 64.38 -59.99
N ASP B 173 -46.99 64.49 -58.95
CA ASP B 173 -47.26 65.41 -57.87
C ASP B 173 -47.45 66.84 -58.35
N LEU B 174 -46.66 67.27 -59.34
CA LEU B 174 -46.86 68.61 -59.88
C LEU B 174 -48.13 68.73 -60.71
N VAL B 175 -48.28 67.88 -61.72
CA VAL B 175 -49.48 67.92 -62.57
C VAL B 175 -50.76 67.99 -61.74
N VAL B 176 -50.92 67.10 -60.77
CA VAL B 176 -52.16 67.08 -60.00
C VAL B 176 -52.44 68.41 -59.30
N SER B 177 -51.41 69.04 -58.74
CA SER B 177 -51.61 70.36 -58.14
C SER B 177 -52.04 71.39 -59.17
N SER B 178 -51.40 71.39 -60.32
CA SER B 178 -51.75 72.38 -61.32
C SER B 178 -53.20 72.23 -61.79
N VAL B 179 -53.67 71.00 -61.91
CA VAL B 179 -55.07 70.80 -62.29
C VAL B 179 -56.03 71.23 -61.18
N LEU B 180 -55.70 70.97 -59.93
CA LEU B 180 -56.58 71.46 -58.87
C LEU B 180 -56.62 72.99 -58.84
N LEU B 181 -55.50 73.65 -59.08
CA LEU B 181 -55.54 75.10 -59.17
C LEU B 181 -56.37 75.55 -60.37
N ALA B 182 -56.29 74.82 -61.48
CA ALA B 182 -57.11 75.21 -62.62
C ALA B 182 -58.59 75.07 -62.30
N LEU B 183 -58.95 74.16 -61.38
CA LEU B 183 -60.35 74.07 -60.98
C LEU B 183 -60.70 74.99 -59.81
N GLY B 184 -59.73 75.72 -59.27
CA GLY B 184 -59.97 76.69 -58.22
C GLY B 184 -60.08 76.16 -56.80
N MET B 185 -59.97 74.86 -56.60
CA MET B 185 -60.14 74.26 -55.29
C MET B 185 -58.87 74.46 -54.49
N MET B 186 -58.41 75.71 -54.42
CA MET B 186 -57.07 76.01 -53.95
C MET B 186 -56.77 75.47 -52.56
N MET B 187 -57.78 75.27 -51.73
CA MET B 187 -57.51 74.96 -50.33
C MET B 187 -57.29 73.47 -50.06
N MET B 188 -57.73 72.59 -50.95
CA MET B 188 -57.63 71.16 -50.71
C MET B 188 -56.18 70.70 -50.78
N SER B 189 -55.78 69.83 -49.86
CA SER B 189 -54.45 69.26 -49.91
C SER B 189 -54.35 68.22 -51.01
N PRO B 190 -53.39 68.35 -51.94
CA PRO B 190 -53.29 67.39 -53.05
C PRO B 190 -52.75 66.03 -52.70
N VAL B 191 -52.15 65.84 -51.51
CA VAL B 191 -51.65 64.53 -51.12
C VAL B 191 -52.75 63.47 -51.16
N THR B 192 -53.97 63.88 -50.80
CA THR B 192 -55.11 62.99 -50.72
C THR B 192 -55.49 62.38 -52.04
N ILE B 193 -55.04 62.98 -53.15
CA ILE B 193 -55.36 62.49 -54.46
C ILE B 193 -54.11 61.95 -55.15
N SER B 194 -52.97 62.58 -54.93
CA SER B 194 -51.76 62.12 -55.58
C SER B 194 -51.34 60.72 -55.12
N THR B 195 -51.49 60.42 -53.83
CA THR B 195 -51.05 59.11 -53.37
C THR B 195 -51.66 57.92 -54.11
N PRO B 196 -52.98 57.79 -54.21
CA PRO B 196 -53.53 56.68 -54.99
C PRO B 196 -53.10 56.64 -56.44
N ILE B 197 -52.96 57.79 -57.11
CA ILE B 197 -52.44 57.77 -58.46
C ILE B 197 -51.09 57.08 -58.51
N LYS B 198 -50.18 57.48 -57.63
CA LYS B 198 -48.87 56.84 -57.56
C LYS B 198 -48.98 55.34 -57.42
N LEU B 199 -49.87 54.87 -56.54
CA LEU B 199 -50.01 53.41 -56.39
C LEU B 199 -50.50 52.75 -57.68
N VAL B 200 -51.53 53.31 -58.29
CA VAL B 200 -52.03 52.80 -59.57
C VAL B 200 -50.91 52.70 -60.59
N LEU B 201 -50.16 53.78 -60.76
CA LEU B 201 -49.05 53.79 -61.69
C LEU B 201 -48.05 52.69 -61.40
N PHE B 202 -47.72 52.47 -60.13
CA PHE B 202 -46.73 51.45 -59.81
C PHE B 202 -47.22 50.04 -60.06
N VAL B 203 -48.48 49.75 -59.78
CA VAL B 203 -48.96 48.40 -60.06
C VAL B 203 -49.11 48.18 -61.56
N ALA B 204 -49.61 49.16 -62.30
CA ALA B 204 -49.74 48.96 -63.73
C ALA B 204 -48.36 48.80 -64.38
N LEU B 205 -47.37 49.52 -63.88
CA LEU B 205 -46.00 49.34 -64.33
C LEU B 205 -45.38 48.03 -63.85
N ASP B 206 -45.96 47.39 -62.85
CA ASP B 206 -45.40 46.17 -62.26
C ASP B 206 -43.94 46.36 -61.82
N GLY B 207 -43.72 47.42 -61.05
CA GLY B 207 -42.38 47.80 -60.66
C GLY B 207 -41.58 46.76 -59.88
N TRP B 208 -42.25 45.95 -59.05
CA TRP B 208 -41.51 44.91 -58.32
C TRP B 208 -40.87 43.87 -59.22
N THR B 209 -41.61 43.36 -60.20
CA THR B 209 -41.00 42.40 -61.10
C THR B 209 -39.81 42.98 -61.84
N LEU B 210 -39.97 44.17 -62.44
CA LEU B 210 -38.86 44.80 -63.14
C LEU B 210 -37.65 45.00 -62.24
N LEU B 211 -37.83 45.60 -61.08
CA LEU B 211 -36.70 45.80 -60.18
C LEU B 211 -36.02 44.49 -59.80
N SER B 212 -36.79 43.50 -59.35
CA SER B 212 -36.19 42.24 -58.94
C SER B 212 -35.44 41.56 -60.07
N LYS B 213 -36.00 41.54 -61.27
CA LYS B 213 -35.27 41.00 -62.42
C LYS B 213 -34.00 41.78 -62.75
N GLY B 214 -34.15 43.05 -63.12
CA GLY B 214 -32.98 43.80 -63.54
C GLY B 214 -31.85 43.86 -62.52
N LEU B 215 -32.19 43.96 -61.24
CA LEU B 215 -31.10 43.96 -60.27
C LEU B 215 -30.29 42.68 -60.35
N ILE B 216 -30.94 41.53 -60.49
CA ILE B 216 -30.19 40.29 -60.63
C ILE B 216 -29.41 40.26 -61.94
N LEU B 217 -30.03 40.72 -63.02
CA LEU B 217 -29.35 40.74 -64.32
C LEU B 217 -28.06 41.55 -64.27
N GLN B 218 -27.94 42.52 -63.38
CA GLN B 218 -26.68 43.24 -63.35
C GLN B 218 -25.50 42.35 -62.96
N TYR B 219 -25.72 41.24 -62.26
CA TYR B 219 -24.65 40.36 -61.80
C TYR B 219 -24.66 39.00 -62.44
N MET B 220 -25.82 38.38 -62.56
CA MET B 220 -25.92 37.10 -63.23
C MET B 220 -25.94 37.29 -64.73
N ASP B 221 -25.80 36.17 -65.44
CA ASP B 221 -25.99 36.14 -66.88
C ASP B 221 -26.94 34.98 -67.13
N ILE B 222 -28.09 35.26 -67.72
CA ILE B 222 -29.15 34.29 -67.86
C ILE B 222 -29.61 34.24 -69.31
N ALA B 223 -29.81 33.02 -69.82
CA ALA B 223 -30.24 32.83 -71.18
C ALA B 223 -31.23 31.68 -71.23
N MET C 1 4.96 32.18 -22.95
CA MET C 1 5.47 33.45 -22.38
C MET C 1 6.53 33.16 -21.34
N GLY C 2 7.47 34.09 -21.20
CA GLY C 2 8.52 34.00 -20.20
C GLY C 2 8.23 34.64 -18.87
N ASN C 3 7.12 35.34 -18.71
CA ASN C 3 6.79 35.94 -17.43
C ASN C 3 5.28 35.97 -17.24
N ASP C 4 4.84 35.37 -16.14
CA ASP C 4 3.41 35.31 -15.83
C ASP C 4 2.79 36.69 -15.72
N ILE C 5 3.52 37.68 -15.24
CA ILE C 5 2.90 39.00 -15.14
C ILE C 5 2.84 39.67 -16.49
N SER C 6 3.83 39.44 -17.34
CA SER C 6 3.72 39.93 -18.70
C SER C 6 2.49 39.36 -19.37
N LEU C 7 2.25 38.06 -19.17
CA LEU C 7 1.05 37.44 -19.70
C LEU C 7 -0.22 38.11 -19.20
N ILE C 8 -0.33 38.31 -17.88
CA ILE C 8 -1.50 38.96 -17.31
C ILE C 8 -1.74 40.34 -17.94
N ALA C 9 -0.69 41.16 -17.99
CA ALA C 9 -0.83 42.49 -18.57
C ALA C 9 -1.29 42.43 -20.02
N LEU C 10 -0.71 41.54 -20.81
CA LEU C 10 -1.13 41.42 -22.20
C LEU C 10 -2.60 41.08 -22.33
N LEU C 11 -3.07 40.09 -21.58
CA LEU C 11 -4.48 39.74 -21.65
C LEU C 11 -5.39 40.88 -21.19
N ALA C 12 -5.02 41.59 -20.13
CA ALA C 12 -5.83 42.74 -19.70
C ALA C 12 -5.97 43.77 -20.81
N PHE C 13 -4.86 44.18 -21.40
CA PHE C 13 -4.92 45.13 -22.50
C PHE C 13 -5.83 44.61 -23.61
N SER C 14 -5.65 43.35 -24.00
CA SER C 14 -6.52 42.77 -25.01
C SER C 14 -7.99 42.83 -24.63
N THR C 15 -8.29 42.83 -23.34
CA THR C 15 -9.68 42.91 -22.92
C THR C 15 -10.22 44.33 -22.97
N LEU C 16 -9.35 45.33 -22.86
CA LEU C 16 -9.80 46.71 -22.88
C LEU C 16 -9.81 47.33 -24.26
N LEU C 17 -9.16 46.73 -25.23
CA LEU C 17 -9.11 47.32 -26.57
C LEU C 17 -10.31 48.07 -27.11
N PRO C 18 -11.52 47.52 -27.15
CA PRO C 18 -12.63 48.28 -27.75
C PRO C 18 -12.95 49.60 -27.09
N PHE C 19 -12.68 49.78 -25.81
CA PHE C 19 -12.97 51.07 -25.22
C PHE C 19 -11.87 52.07 -25.56
N ILE C 20 -10.65 51.58 -25.75
CA ILE C 20 -9.57 52.46 -26.16
C ILE C 20 -9.79 52.89 -27.59
N ILE C 21 -10.15 51.95 -28.47
CA ILE C 21 -10.48 52.34 -29.83
C ILE C 21 -11.62 53.35 -29.86
N ALA C 22 -12.66 53.14 -29.07
CA ALA C 22 -13.79 54.07 -29.04
C ALA C 22 -13.50 55.39 -28.34
N SER C 23 -12.36 55.56 -27.69
CA SER C 23 -12.11 56.77 -26.92
C SER C 23 -10.77 57.44 -27.17
N GLY C 24 -9.85 56.83 -27.91
CA GLY C 24 -8.53 57.37 -28.14
C GLY C 24 -8.00 57.18 -29.54
N THR C 25 -8.87 57.23 -30.54
CA THR C 25 -8.51 56.94 -31.92
C THR C 25 -9.40 57.75 -32.85
N CYS C 26 -8.90 58.01 -34.05
CA CYS C 26 -9.65 58.72 -35.08
C CYS C 26 -11.01 58.12 -35.39
N PHE C 27 -11.24 56.90 -34.94
CA PHE C 27 -12.58 56.33 -35.07
C PHE C 27 -13.62 57.25 -34.49
N VAL C 28 -13.29 57.93 -33.39
CA VAL C 28 -14.20 58.91 -32.81
C VAL C 28 -14.70 59.90 -33.85
N LYS C 29 -13.80 60.44 -34.67
CA LYS C 29 -14.22 61.37 -35.71
C LYS C 29 -14.97 60.69 -36.86
N PHE C 30 -14.33 59.72 -37.52
CA PHE C 30 -14.96 59.10 -38.69
C PHE C 30 -16.35 58.55 -38.39
N SER C 31 -16.54 57.97 -37.21
CA SER C 31 -17.87 57.46 -36.87
C SER C 31 -18.93 58.55 -36.95
N ILE C 32 -18.65 59.71 -36.38
CA ILE C 32 -19.62 60.80 -36.33
C ILE C 32 -19.88 61.40 -37.71
N VAL C 33 -18.83 61.70 -38.46
CA VAL C 33 -19.01 62.38 -39.74
C VAL C 33 -20.01 61.67 -40.66
N PHE C 34 -19.91 60.35 -40.84
CA PHE C 34 -20.85 59.66 -41.71
C PHE C 34 -22.30 59.76 -41.24
N VAL C 35 -22.54 59.66 -39.95
CA VAL C 35 -23.92 59.79 -39.47
C VAL C 35 -24.44 61.20 -39.72
N MET C 36 -23.59 62.21 -39.58
CA MET C 36 -24.05 63.55 -39.91
C MET C 36 -24.37 63.69 -41.39
N VAL C 37 -23.57 63.07 -42.25
CA VAL C 37 -23.90 63.06 -43.67
C VAL C 37 -25.29 62.49 -43.90
N ARG C 38 -25.58 61.33 -43.32
CA ARG C 38 -26.90 60.73 -43.51
C ARG C 38 -28.02 61.64 -43.02
N ASN C 39 -27.82 62.30 -41.89
CA ASN C 39 -28.83 63.22 -41.42
C ASN C 39 -29.02 64.40 -42.37
N ALA C 40 -27.93 64.97 -42.85
CA ALA C 40 -28.06 66.12 -43.72
C ALA C 40 -28.75 65.74 -45.03
N LEU C 41 -28.52 64.53 -45.52
CA LEU C 41 -29.33 64.07 -46.64
C LEU C 41 -30.77 63.82 -46.26
N GLY C 42 -31.10 63.74 -44.98
CA GLY C 42 -32.48 63.52 -44.60
C GLY C 42 -33.00 62.11 -44.76
N LEU C 43 -32.16 61.12 -44.51
CA LEU C 43 -32.51 59.72 -44.61
C LEU C 43 -32.61 59.15 -43.20
N GLN C 44 -33.65 58.37 -42.93
CA GLN C 44 -33.80 57.79 -41.60
C GLN C 44 -33.03 56.49 -41.44
N GLN C 45 -33.29 55.51 -42.30
CA GLN C 45 -32.90 54.13 -42.04
C GLN C 45 -31.63 53.71 -42.75
N ILE C 46 -31.21 54.42 -43.79
CA ILE C 46 -30.31 53.84 -44.78
C ILE C 46 -29.16 54.79 -45.08
N PRO C 47 -27.93 54.32 -45.23
CA PRO C 47 -27.37 53.00 -44.92
C PRO C 47 -27.48 52.62 -43.46
N SER C 48 -27.28 51.33 -43.16
CA SER C 48 -27.30 50.87 -41.79
C SER C 48 -26.11 51.38 -40.99
N ASN C 49 -26.34 51.59 -39.70
CA ASN C 49 -25.27 52.00 -38.81
C ASN C 49 -24.10 51.05 -38.87
N MET C 50 -24.34 49.74 -38.94
CA MET C 50 -23.19 48.86 -38.97
C MET C 50 -22.46 48.87 -40.31
N THR C 51 -23.11 49.30 -41.39
CA THR C 51 -22.38 49.55 -42.62
C THR C 51 -21.45 50.75 -42.46
N LEU C 52 -21.99 51.85 -41.98
CA LEU C 52 -21.17 53.04 -41.79
C LEU C 52 -20.04 52.78 -40.80
N ASN C 53 -20.34 52.23 -39.64
CA ASN C 53 -19.29 51.90 -38.69
C ASN C 53 -18.25 50.92 -39.25
N GLY C 54 -18.68 49.96 -40.06
CA GLY C 54 -17.70 49.08 -40.69
C GLY C 54 -16.69 49.83 -41.53
N VAL C 55 -17.18 50.72 -42.39
CA VAL C 55 -16.28 51.56 -43.17
C VAL C 55 -15.38 52.40 -42.28
N ALA C 56 -15.96 53.11 -41.31
CA ALA C 56 -15.15 53.91 -40.39
C ALA C 56 -14.03 53.10 -39.75
N LEU C 57 -14.31 51.86 -39.35
CA LEU C 57 -13.28 51.05 -38.71
C LEU C 57 -12.19 50.66 -39.70
N LEU C 58 -12.57 50.30 -40.91
CA LEU C 58 -11.56 49.97 -41.90
C LEU C 58 -10.63 51.15 -42.14
N LEU C 59 -11.18 52.32 -42.41
CA LEU C 59 -10.34 53.49 -42.63
C LEU C 59 -9.45 53.80 -41.43
N SER C 60 -9.99 53.79 -40.23
CA SER C 60 -9.13 54.07 -39.08
C SER C 60 -7.99 53.06 -38.95
N MET C 61 -8.20 51.83 -39.40
CA MET C 61 -7.13 50.85 -39.33
C MET C 61 -5.86 51.32 -40.03
N PHE C 62 -5.97 51.82 -41.26
CA PHE C 62 -4.79 52.33 -41.95
C PHE C 62 -4.03 53.37 -41.14
N VAL C 63 -4.75 54.33 -40.57
CA VAL C 63 -4.10 55.41 -39.84
C VAL C 63 -3.37 54.88 -38.61
N MET C 64 -4.00 54.00 -37.85
CA MET C 64 -3.36 53.57 -36.60
C MET C 64 -2.34 52.45 -36.73
N TRP C 65 -2.43 51.60 -37.73
CA TRP C 65 -1.51 50.47 -37.82
C TRP C 65 -0.02 50.77 -37.68
N PRO C 66 0.56 51.74 -38.35
CA PRO C 66 1.99 52.02 -38.12
C PRO C 66 2.43 52.10 -36.67
N ILE C 67 1.62 52.63 -35.77
CA ILE C 67 2.03 52.73 -34.37
C ILE C 67 2.02 51.37 -33.69
N MET C 68 0.94 50.61 -33.87
CA MET C 68 0.88 49.26 -33.32
C MET C 68 2.09 48.44 -33.73
N HIS C 69 2.43 48.48 -35.01
CA HIS C 69 3.57 47.73 -35.50
C HIS C 69 4.87 48.20 -34.88
N ASP C 70 5.10 49.51 -34.87
CA ASP C 70 6.29 50.01 -34.20
C ASP C 70 6.43 49.49 -32.79
N ALA C 71 5.35 49.55 -32.01
CA ALA C 71 5.42 49.13 -30.62
C ALA C 71 5.66 47.63 -30.48
N TYR C 72 5.07 46.84 -31.36
CA TYR C 72 5.28 45.39 -31.33
C TYR C 72 6.74 45.05 -31.59
N VAL C 73 7.29 45.60 -32.67
CA VAL C 73 8.70 45.38 -32.99
C VAL C 73 9.62 45.85 -31.87
N TYR C 74 9.27 46.95 -31.21
CA TYR C 74 10.06 47.41 -30.07
C TYR C 74 10.00 46.42 -28.91
N PHE C 75 8.82 45.96 -28.56
CA PHE C 75 8.69 45.14 -27.36
C PHE C 75 9.17 43.71 -27.53
N GLU C 76 9.07 43.13 -28.72
CA GLU C 76 9.49 41.74 -28.89
C GLU C 76 10.99 41.50 -28.75
N ASP C 77 11.82 42.53 -28.72
CA ASP C 77 13.25 42.33 -28.50
C ASP C 77 13.56 41.91 -27.07
N GLU C 78 14.12 40.70 -26.91
CA GLU C 78 14.68 40.24 -25.64
C GLU C 78 16.16 40.61 -25.50
N ASP C 79 16.62 41.64 -26.21
CA ASP C 79 18.03 41.96 -26.34
C ASP C 79 18.67 42.44 -25.05
N VAL C 80 17.89 42.91 -24.08
CA VAL C 80 18.42 43.35 -22.81
C VAL C 80 17.57 42.77 -21.68
N THR C 81 18.24 42.42 -20.58
CA THR C 81 17.56 41.97 -19.38
C THR C 81 17.95 42.88 -18.22
N PHE C 82 17.04 43.01 -17.28
CA PHE C 82 16.92 44.22 -16.48
C PHE C 82 17.44 44.03 -15.08
N ASN C 83 18.36 44.89 -14.68
CA ASN C 83 18.94 44.85 -13.36
C ASN C 83 17.96 45.26 -12.27
N ASP C 84 17.02 46.16 -12.55
CA ASP C 84 16.29 46.76 -11.45
C ASP C 84 14.98 47.39 -11.90
N ILE C 85 14.16 47.68 -10.89
CA ILE C 85 12.87 48.33 -11.07
C ILE C 85 12.96 49.51 -12.01
N SER C 86 13.82 50.48 -11.68
CA SER C 86 13.89 51.67 -12.50
C SER C 86 14.33 51.37 -13.93
N SER C 87 15.22 50.41 -14.12
CA SER C 87 15.64 50.08 -15.48
C SER C 87 14.50 49.51 -16.30
N LEU C 88 13.73 48.62 -15.70
CA LEU C 88 12.54 48.09 -16.36
C LEU C 88 11.52 49.19 -16.64
N SER C 89 11.15 49.92 -15.60
CA SER C 89 10.17 50.99 -15.72
C SER C 89 10.51 51.95 -16.85
N LYS C 90 11.76 52.38 -16.92
CA LYS C 90 12.15 53.26 -18.01
C LYS C 90 12.07 52.57 -19.36
N HIS C 91 12.49 51.31 -19.43
CA HIS C 91 12.37 50.59 -20.69
C HIS C 91 10.93 50.54 -21.19
N VAL C 92 9.99 50.26 -20.30
CA VAL C 92 8.58 50.25 -20.68
C VAL C 92 8.12 51.64 -21.10
N ASP C 93 8.31 52.61 -20.22
CA ASP C 93 7.91 53.98 -20.51
C ASP C 93 8.34 54.44 -21.89
N GLU C 94 9.63 54.33 -22.19
CA GLU C 94 10.11 54.74 -23.50
C GLU C 94 9.43 54.04 -24.67
N GLY C 95 8.74 52.92 -24.44
CA GLY C 95 8.02 52.28 -25.54
C GLY C 95 6.72 52.94 -25.95
N LEU C 96 5.98 53.50 -25.00
CA LEU C 96 4.72 54.20 -25.26
C LEU C 96 4.87 55.52 -26.02
N ASP C 97 6.05 56.13 -26.04
CA ASP C 97 6.20 57.44 -26.65
C ASP C 97 5.71 57.53 -28.09
N GLY C 98 5.71 56.45 -28.86
CA GLY C 98 5.12 56.55 -30.18
C GLY C 98 3.64 56.87 -30.17
N TYR C 99 2.92 56.39 -29.16
CA TYR C 99 1.51 56.72 -28.92
C TYR C 99 1.37 58.09 -28.27
N ARG C 100 2.20 58.34 -27.27
CA ARG C 100 2.14 59.60 -26.53
C ARG C 100 2.33 60.77 -27.47
N ASP C 101 3.22 60.64 -28.44
CA ASP C 101 3.38 61.67 -29.44
C ASP C 101 2.07 61.94 -30.16
N TYR C 102 1.41 60.88 -30.62
CA TYR C 102 0.22 61.06 -31.43
C TYR C 102 -0.89 61.74 -30.64
N LEU C 103 -1.08 61.37 -29.39
CA LEU C 103 -2.05 62.08 -28.56
C LEU C 103 -1.67 63.55 -28.35
N ILE C 104 -0.39 63.84 -28.09
CA ILE C 104 0.02 65.21 -27.80
C ILE C 104 0.02 66.07 -29.05
N LYS C 105 0.06 65.47 -30.22
CA LYS C 105 -0.02 66.25 -31.45
C LYS C 105 -1.38 66.91 -31.60
N TYR C 106 -2.44 66.28 -31.14
CA TYR C 106 -3.80 66.71 -31.45
C TYR C 106 -4.59 67.23 -30.27
N SER C 107 -4.28 66.84 -29.03
CA SER C 107 -4.94 67.47 -27.90
C SER C 107 -4.45 68.91 -27.73
N ASP C 108 -5.04 69.62 -26.77
CA ASP C 108 -4.74 71.03 -26.53
C ASP C 108 -4.20 71.21 -25.11
N ARG C 109 -2.97 71.72 -25.01
CA ARG C 109 -2.16 71.55 -23.81
C ARG C 109 -2.80 72.14 -22.56
N GLU C 110 -3.62 73.17 -22.69
CA GLU C 110 -4.15 73.83 -21.49
C GLU C 110 -5.07 72.92 -20.69
N LEU C 111 -5.84 72.08 -21.38
CA LEU C 111 -6.56 71.03 -20.66
C LEU C 111 -5.57 70.06 -20.03
N VAL C 112 -4.60 69.60 -20.80
CA VAL C 112 -3.75 68.52 -20.31
C VAL C 112 -3.15 68.94 -18.98
N GLN C 113 -2.60 70.16 -18.95
CA GLN C 113 -2.03 70.69 -17.73
C GLN C 113 -3.07 70.83 -16.64
N PHE C 114 -4.29 71.25 -17.00
CA PHE C 114 -5.30 71.41 -15.98
C PHE C 114 -5.60 70.09 -15.28
N PHE C 115 -5.67 69.01 -16.05
CA PHE C 115 -5.91 67.70 -15.45
C PHE C 115 -4.72 67.23 -14.64
N GLU C 116 -3.51 67.40 -15.18
CA GLU C 116 -2.32 67.03 -14.44
C GLU C 116 -2.37 67.62 -13.05
N ASN C 117 -2.53 68.94 -12.97
CA ASN C 117 -2.59 69.61 -11.68
C ASN C 117 -3.75 69.14 -10.83
N ALA C 118 -4.73 68.47 -11.42
CA ALA C 118 -5.92 68.08 -10.68
C ALA C 118 -5.82 66.72 -10.04
N GLN C 119 -5.10 65.79 -10.66
CA GLN C 119 -5.06 64.46 -10.06
C GLN C 119 -4.06 64.42 -8.91
N LEU C 120 -2.97 65.15 -9.01
CA LEU C 120 -2.26 65.61 -7.83
C LEU C 120 -3.18 66.53 -7.03
N LYS C 121 -3.12 66.42 -5.71
CA LYS C 121 -3.96 67.25 -4.85
C LYS C 121 -3.46 68.68 -4.73
N ARG C 122 -2.53 69.09 -5.59
CA ARG C 122 -1.57 70.14 -5.27
C ARG C 122 -2.24 71.47 -4.96
N GLN C 123 -1.70 72.15 -3.94
CA GLN C 123 -2.12 73.49 -3.53
C GLN C 123 -3.64 73.62 -3.42
N TYR C 124 -4.27 72.58 -2.91
CA TYR C 124 -5.74 72.52 -2.85
C TYR C 124 -6.36 72.55 -4.24
N GLY C 125 -5.71 71.87 -5.20
CA GLY C 125 -6.36 71.56 -6.45
C GLY C 125 -6.42 72.64 -7.51
N GLU C 126 -6.73 73.89 -7.15
CA GLU C 126 -6.43 75.00 -8.05
C GLU C 126 -5.97 76.23 -7.29
N GLU C 127 -4.91 76.86 -7.81
CA GLU C 127 -4.35 78.08 -7.27
C GLU C 127 -3.80 78.92 -8.43
N THR C 128 -3.63 80.22 -8.17
CA THR C 128 -3.10 81.13 -9.17
C THR C 128 -1.60 80.93 -9.38
N GLU C 129 -1.15 81.26 -10.59
CA GLU C 129 0.28 81.29 -10.93
C GLU C 129 0.66 82.72 -11.34
N THR C 130 1.63 83.29 -10.63
CA THR C 130 2.12 84.62 -10.99
C THR C 130 2.95 84.57 -12.27
N VAL C 131 3.61 83.45 -12.52
CA VAL C 131 4.65 83.35 -13.53
C VAL C 131 4.31 82.19 -14.45
N LYS C 132 4.64 82.33 -15.73
CA LYS C 132 4.29 81.35 -16.75
C LYS C 132 5.56 80.80 -17.40
N ARG C 133 5.76 79.50 -17.24
CA ARG C 133 7.08 78.86 -17.35
C ARG C 133 6.85 77.44 -17.83
N ASP C 134 7.36 77.11 -19.02
CA ASP C 134 7.01 75.90 -19.73
C ASP C 134 8.21 74.96 -19.79
N LYS C 135 8.00 73.73 -19.34
CA LYS C 135 9.05 72.91 -18.74
C LYS C 135 9.27 71.62 -19.53
N ASP C 136 9.35 71.74 -20.85
CA ASP C 136 9.27 70.59 -21.75
C ASP C 136 8.11 69.67 -21.37
N GLU C 137 6.98 70.31 -21.06
CA GLU C 137 5.76 69.64 -20.60
C GLU C 137 5.27 68.56 -21.55
N ILE C 138 5.77 68.55 -22.79
CA ILE C 138 5.44 67.50 -23.76
C ILE C 138 5.86 66.10 -23.31
N GLU C 139 7.07 65.95 -22.78
CA GLU C 139 7.47 64.65 -22.25
C GLU C 139 6.92 64.32 -20.85
N LYS C 140 6.67 65.31 -19.99
CA LYS C 140 6.04 65.01 -18.71
C LYS C 140 4.64 64.38 -18.73
N PRO C 141 3.76 64.62 -19.70
CA PRO C 141 2.33 64.44 -19.44
C PRO C 141 1.93 62.97 -19.47
N SER C 142 1.21 62.55 -18.43
CA SER C 142 0.70 61.18 -18.34
C SER C 142 -0.39 60.90 -19.36
N ILE C 143 -0.41 59.65 -19.83
CA ILE C 143 -1.43 59.22 -20.78
C ILE C 143 -2.82 59.37 -20.18
N PHE C 144 -2.96 59.04 -18.90
CA PHE C 144 -4.25 59.25 -18.24
C PHE C 144 -4.67 60.70 -18.21
N ALA C 145 -3.74 61.63 -18.35
CA ALA C 145 -4.14 63.01 -18.61
C ALA C 145 -4.44 63.26 -20.07
N LEU C 146 -3.67 62.67 -20.97
CA LEU C 146 -3.85 62.97 -22.39
C LEU C 146 -5.17 62.47 -22.96
N LEU C 147 -5.69 61.35 -22.48
CA LEU C 147 -6.79 60.72 -23.20
C LEU C 147 -8.06 61.56 -23.27
N PRO C 148 -8.62 62.04 -22.16
CA PRO C 148 -9.80 62.91 -22.29
C PRO C 148 -9.58 64.11 -23.18
N ALA C 149 -8.43 64.76 -23.08
CA ALA C 149 -8.24 65.95 -23.88
C ALA C 149 -8.39 65.61 -25.35
N TYR C 150 -7.81 64.49 -25.76
CA TYR C 150 -7.91 64.07 -27.15
C TYR C 150 -9.36 63.85 -27.54
N ALA C 151 -10.08 63.10 -26.71
CA ALA C 151 -11.49 62.83 -27.01
C ALA C 151 -12.29 64.10 -27.26
N LEU C 152 -12.29 65.02 -26.30
CA LEU C 152 -13.04 66.27 -26.47
C LEU C 152 -12.55 67.08 -27.66
N SER C 153 -11.24 67.19 -27.81
CA SER C 153 -10.66 67.94 -28.91
C SER C 153 -11.12 67.42 -30.24
N GLU C 154 -11.43 66.14 -30.33
CA GLU C 154 -11.76 65.59 -31.63
C GLU C 154 -13.27 65.51 -31.88
N ILE C 155 -14.07 65.32 -30.83
CA ILE C 155 -15.52 65.49 -30.98
C ILE C 155 -15.84 66.87 -31.53
N LYS C 156 -15.35 67.92 -30.87
CA LYS C 156 -15.55 69.28 -31.38
C LYS C 156 -15.23 69.39 -32.87
N SER C 157 -14.08 68.88 -33.29
CA SER C 157 -13.71 68.91 -34.69
C SER C 157 -14.79 68.29 -35.56
N ALA C 158 -15.34 67.16 -35.12
CA ALA C 158 -16.39 66.53 -35.91
C ALA C 158 -17.60 67.44 -36.08
N PHE C 159 -18.08 68.03 -34.99
CA PHE C 159 -19.18 68.99 -35.13
C PHE C 159 -18.88 70.08 -36.14
N LYS C 160 -17.68 70.64 -36.11
CA LYS C 160 -17.31 71.64 -37.11
C LYS C 160 -17.49 71.14 -38.54
N ILE C 161 -16.96 69.95 -38.83
CA ILE C 161 -17.10 69.43 -40.19
C ILE C 161 -18.57 69.26 -40.55
N GLY C 162 -19.37 68.73 -39.64
CA GLY C 162 -20.79 68.58 -39.94
C GLY C 162 -21.49 69.89 -40.23
N PHE C 163 -21.13 70.94 -39.50
CA PHE C 163 -21.65 72.25 -39.82
C PHE C 163 -21.40 72.61 -41.27
N TYR C 164 -20.14 72.61 -41.68
CA TYR C 164 -19.89 72.91 -43.09
C TYR C 164 -20.70 72.05 -44.05
N LEU C 165 -20.78 70.75 -43.80
CA LEU C 165 -21.52 69.87 -44.70
C LEU C 165 -23.02 70.14 -44.81
N TYR C 166 -23.65 70.74 -43.80
CA TYR C 166 -25.08 71.05 -43.93
C TYR C 166 -25.45 72.16 -44.92
N LEU C 167 -24.66 73.22 -45.01
CA LEU C 167 -25.04 74.40 -45.80
C LEU C 167 -25.55 74.18 -47.22
N PRO C 168 -24.84 73.49 -48.12
CA PRO C 168 -25.39 73.30 -49.47
C PRO C 168 -26.80 72.78 -49.54
N PHE C 169 -27.19 71.85 -48.68
CA PHE C 169 -28.55 71.32 -48.73
C PHE C 169 -29.57 72.32 -48.22
N VAL C 170 -29.22 73.08 -47.18
CA VAL C 170 -30.11 74.12 -46.70
C VAL C 170 -30.48 75.07 -47.83
N VAL C 171 -29.50 75.42 -48.65
CA VAL C 171 -29.78 76.23 -49.83
C VAL C 171 -30.88 75.62 -50.69
N VAL C 172 -30.73 74.34 -51.04
CA VAL C 172 -31.73 73.64 -51.84
C VAL C 172 -33.13 73.74 -51.23
N ASP C 173 -33.23 73.46 -49.94
CA ASP C 173 -34.53 73.53 -49.29
C ASP C 173 -35.18 74.89 -49.43
N LEU C 174 -34.46 75.95 -49.06
CA LEU C 174 -35.07 77.26 -49.14
C LEU C 174 -35.39 77.66 -50.57
N VAL C 175 -34.62 77.20 -51.54
CA VAL C 175 -34.91 77.57 -52.92
C VAL C 175 -36.19 76.91 -53.40
N VAL C 176 -36.31 75.61 -53.19
CA VAL C 176 -37.54 74.91 -53.56
C VAL C 176 -38.75 75.57 -52.92
N SER C 177 -38.69 75.83 -51.62
CA SER C 177 -39.86 76.41 -50.97
C SER C 177 -40.19 77.78 -51.55
N SER C 178 -39.19 78.52 -52.00
CA SER C 178 -39.51 79.83 -52.53
C SER C 178 -40.14 79.74 -53.91
N VAL C 179 -39.63 78.87 -54.77
CA VAL C 179 -40.26 78.78 -56.09
C VAL C 179 -41.67 78.20 -56.00
N LEU C 180 -41.93 77.30 -55.04
CA LEU C 180 -43.31 76.88 -54.82
C LEU C 180 -44.20 78.03 -54.36
N LEU C 181 -43.69 78.92 -53.51
CA LEU C 181 -44.53 80.08 -53.21
C LEU C 181 -44.71 80.97 -54.42
N ALA C 182 -43.70 81.09 -55.28
CA ALA C 182 -43.89 81.88 -56.49
C ALA C 182 -45.00 81.30 -57.34
N LEU C 183 -45.08 79.98 -57.44
CA LEU C 183 -46.20 79.40 -58.16
C LEU C 183 -47.52 79.48 -57.39
N GLY C 184 -47.49 79.85 -56.11
CA GLY C 184 -48.71 79.87 -55.33
C GLY C 184 -49.25 78.53 -54.87
N MET C 185 -48.44 77.48 -54.90
CA MET C 185 -48.87 76.13 -54.58
C MET C 185 -48.73 75.89 -53.08
N MET C 186 -49.27 76.83 -52.32
CA MET C 186 -48.91 77.03 -50.92
C MET C 186 -49.14 75.81 -50.04
N MET C 187 -49.97 74.86 -50.48
CA MET C 187 -50.34 73.74 -49.63
C MET C 187 -49.32 72.60 -49.61
N MET C 188 -48.34 72.59 -50.49
CA MET C 188 -47.59 71.36 -50.79
C MET C 188 -46.25 71.37 -50.05
N SER C 189 -45.93 70.25 -49.44
CA SER C 189 -44.73 70.13 -48.62
C SER C 189 -43.50 69.93 -49.48
N PRO C 190 -42.48 70.78 -49.34
CA PRO C 190 -41.27 70.63 -50.17
C PRO C 190 -40.60 69.27 -50.13
N VAL C 191 -40.68 68.55 -49.01
CA VAL C 191 -39.91 67.31 -48.87
C VAL C 191 -40.23 66.29 -49.94
N THR C 192 -41.39 66.39 -50.57
CA THR C 192 -41.68 65.48 -51.68
C THR C 192 -40.76 65.70 -52.88
N ILE C 193 -40.26 66.92 -53.07
CA ILE C 193 -39.48 67.27 -54.25
C ILE C 193 -38.02 67.51 -53.94
N SER C 194 -37.71 68.14 -52.81
CA SER C 194 -36.34 68.50 -52.52
C SER C 194 -35.42 67.30 -52.32
N THR C 195 -35.92 66.18 -51.82
CA THR C 195 -35.06 65.02 -51.59
C THR C 195 -34.31 64.53 -52.81
N PRO C 196 -34.96 64.20 -53.93
CA PRO C 196 -34.19 63.76 -55.10
C PRO C 196 -33.14 64.76 -55.57
N ILE C 197 -33.41 66.05 -55.47
CA ILE C 197 -32.40 67.04 -55.83
C ILE C 197 -31.16 66.86 -54.97
N LYS C 198 -31.35 66.69 -53.67
CA LYS C 198 -30.20 66.43 -52.81
C LYS C 198 -29.45 65.18 -53.24
N LEU C 199 -30.18 64.10 -53.52
CA LEU C 199 -29.53 62.87 -53.97
C LEU C 199 -28.65 63.09 -55.19
N VAL C 200 -29.20 63.70 -56.24
CA VAL C 200 -28.41 63.90 -57.44
C VAL C 200 -27.25 64.86 -57.18
N LEU C 201 -27.44 65.86 -56.35
CA LEU C 201 -26.34 66.76 -56.03
C LEU C 201 -25.17 66.02 -55.40
N PHE C 202 -25.46 65.19 -54.40
CA PHE C 202 -24.39 64.43 -53.76
C PHE C 202 -23.75 63.43 -54.72
N VAL C 203 -24.55 62.76 -55.54
CA VAL C 203 -24.00 61.83 -56.52
C VAL C 203 -23.06 62.55 -57.49
N ALA C 204 -23.44 63.75 -57.95
CA ALA C 204 -22.57 64.46 -58.87
C ALA C 204 -21.31 64.97 -58.20
N LEU C 205 -21.40 65.43 -56.96
CA LEU C 205 -20.17 65.80 -56.25
C LEU C 205 -19.28 64.59 -56.00
N ASP C 206 -19.86 63.39 -55.92
CA ASP C 206 -19.12 62.20 -55.46
C ASP C 206 -18.53 62.46 -54.09
N GLY C 207 -19.43 62.83 -53.18
CA GLY C 207 -19.04 63.20 -51.83
C GLY C 207 -18.32 62.15 -51.03
N TRP C 208 -18.65 60.88 -51.23
CA TRP C 208 -17.95 59.82 -50.50
C TRP C 208 -16.46 59.78 -50.82
N THR C 209 -16.10 59.89 -52.09
CA THR C 209 -14.68 59.88 -52.43
C THR C 209 -13.93 61.06 -51.83
N LEU C 210 -14.36 62.27 -52.13
CA LEU C 210 -13.72 63.46 -51.56
C LEU C 210 -13.63 63.39 -50.04
N LEU C 211 -14.75 63.11 -49.39
CA LEU C 211 -14.80 63.03 -47.93
C LEU C 211 -13.82 62.02 -47.36
N SER C 212 -13.85 60.77 -47.86
CA SER C 212 -12.95 59.75 -47.36
C SER C 212 -11.50 60.12 -47.58
N LYS C 213 -11.13 60.52 -48.80
CA LYS C 213 -9.76 60.97 -49.05
C LYS C 213 -9.32 62.06 -48.09
N GLY C 214 -10.06 63.17 -48.02
CA GLY C 214 -9.66 64.25 -47.14
C GLY C 214 -9.49 63.84 -45.69
N LEU C 215 -10.37 62.99 -45.18
CA LEU C 215 -10.19 62.55 -43.80
C LEU C 215 -8.82 61.90 -43.58
N ILE C 216 -8.46 60.93 -44.41
CA ILE C 216 -7.14 60.30 -44.30
C ILE C 216 -6.02 61.33 -44.45
N LEU C 217 -6.09 62.17 -45.48
CA LEU C 217 -5.05 63.15 -45.70
C LEU C 217 -4.82 64.07 -44.51
N GLN C 218 -5.81 64.26 -43.64
CA GLN C 218 -5.52 65.06 -42.45
C GLN C 218 -4.46 64.40 -41.57
N TYR C 219 -4.34 63.08 -41.59
CA TYR C 219 -3.38 62.37 -40.75
C TYR C 219 -2.16 61.87 -41.51
N MET C 220 -2.33 61.38 -42.72
CA MET C 220 -1.24 60.88 -43.54
C MET C 220 -1.00 61.85 -44.67
N ASP C 221 0.01 61.57 -45.47
CA ASP C 221 0.20 62.26 -46.74
C ASP C 221 0.67 61.27 -47.78
N ILE C 222 0.13 61.41 -48.99
CA ILE C 222 0.28 60.42 -50.02
C ILE C 222 0.42 61.13 -51.36
N ALA C 223 1.17 60.52 -52.26
CA ALA C 223 1.30 61.06 -53.60
C ALA C 223 -0.09 61.10 -54.24
N MET D 1 -1.72 34.05 3.22
CA MET D 1 -2.31 35.32 2.72
C MET D 1 -2.95 36.11 3.84
N GLY D 2 -2.19 36.34 4.90
CA GLY D 2 -2.74 36.91 6.10
C GLY D 2 -3.85 36.05 6.67
N ASN D 3 -4.81 36.72 7.31
CA ASN D 3 -6.05 36.08 7.73
C ASN D 3 -6.99 35.87 6.55
N ASP D 4 -7.44 34.63 6.38
CA ASP D 4 -8.24 34.29 5.22
C ASP D 4 -9.65 34.85 5.27
N ILE D 5 -10.20 35.17 6.44
CA ILE D 5 -11.49 35.87 6.41
C ILE D 5 -11.31 37.30 5.93
N SER D 6 -10.15 37.88 6.13
CA SER D 6 -9.85 39.14 5.47
C SER D 6 -9.67 38.95 3.99
N LEU D 7 -9.23 37.77 3.59
CA LEU D 7 -9.14 37.50 2.15
C LEU D 7 -10.53 37.40 1.53
N ILE D 8 -11.44 36.69 2.18
CA ILE D 8 -12.82 36.62 1.70
C ILE D 8 -13.42 38.02 1.62
N ALA D 9 -13.21 38.84 2.66
CA ALA D 9 -13.80 40.16 2.62
C ALA D 9 -13.26 40.99 1.47
N LEU D 10 -11.99 40.79 1.13
CA LEU D 10 -11.41 41.57 0.03
C LEU D 10 -12.00 41.15 -1.29
N LEU D 11 -12.10 39.85 -1.55
CA LEU D 11 -12.69 39.41 -2.81
C LEU D 11 -14.16 39.81 -2.93
N ALA D 12 -14.93 39.75 -1.85
CA ALA D 12 -16.30 40.23 -1.89
C ALA D 12 -16.37 41.70 -2.31
N PHE D 13 -15.74 42.57 -1.54
CA PHE D 13 -15.66 43.97 -1.93
C PHE D 13 -15.28 44.16 -3.39
N SER D 14 -14.24 43.47 -3.84
CA SER D 14 -13.83 43.59 -5.24
C SER D 14 -14.94 43.21 -6.21
N THR D 15 -15.81 42.29 -5.82
CA THR D 15 -16.92 41.94 -6.70
C THR D 15 -18.00 43.01 -6.73
N LEU D 16 -18.28 43.64 -5.60
CA LEU D 16 -19.32 44.67 -5.58
C LEU D 16 -18.89 46.02 -6.11
N LEU D 17 -17.59 46.28 -6.20
CA LEU D 17 -17.05 47.56 -6.67
C LEU D 17 -17.81 48.33 -7.75
N PRO D 18 -18.19 47.75 -8.89
CA PRO D 18 -18.91 48.57 -9.89
C PRO D 18 -20.24 49.14 -9.44
N PHE D 19 -20.98 48.50 -8.55
CA PHE D 19 -22.23 49.10 -8.10
C PHE D 19 -21.98 50.26 -7.14
N ILE D 20 -20.93 50.15 -6.33
CA ILE D 20 -20.57 51.26 -5.47
C ILE D 20 -20.16 52.47 -6.30
N ILE D 21 -19.35 52.25 -7.34
CA ILE D 21 -19.03 53.36 -8.24
C ILE D 21 -20.29 53.93 -8.89
N ALA D 22 -21.18 53.06 -9.35
CA ALA D 22 -22.41 53.49 -10.01
C ALA D 22 -23.39 54.22 -9.11
N SER D 23 -23.23 54.15 -7.78
CA SER D 23 -24.22 54.74 -6.88
C SER D 23 -23.66 55.62 -5.77
N GLY D 24 -22.34 55.72 -5.62
CA GLY D 24 -21.75 56.50 -4.55
C GLY D 24 -20.52 57.28 -4.95
N THR D 25 -20.48 57.76 -6.19
CA THR D 25 -19.34 58.48 -6.73
C THR D 25 -19.86 59.47 -7.78
N CYS D 26 -19.11 60.54 -8.01
CA CYS D 26 -19.55 61.57 -8.95
C CYS D 26 -19.68 61.10 -10.39
N PHE D 27 -19.32 59.85 -10.68
CA PHE D 27 -19.67 59.28 -11.97
C PHE D 27 -21.16 59.44 -12.23
N VAL D 28 -21.94 59.23 -11.17
CA VAL D 28 -23.39 59.43 -11.20
C VAL D 28 -23.77 60.71 -11.90
N LYS D 29 -23.12 61.81 -11.53
CA LYS D 29 -23.46 63.12 -12.07
C LYS D 29 -22.90 63.35 -13.47
N PHE D 30 -21.60 63.08 -13.66
CA PHE D 30 -21.02 63.33 -14.98
C PHE D 30 -21.72 62.56 -16.09
N SER D 31 -22.10 61.30 -15.81
CA SER D 31 -22.80 60.50 -16.80
C SER D 31 -24.08 61.14 -17.28
N ILE D 32 -24.84 61.73 -16.37
CA ILE D 32 -26.11 62.33 -16.75
C ILE D 32 -25.89 63.62 -17.52
N VAL D 33 -25.03 64.48 -17.00
CA VAL D 33 -24.81 65.77 -17.66
C VAL D 33 -24.44 65.59 -19.12
N PHE D 34 -23.43 64.77 -19.42
CA PHE D 34 -23.08 64.62 -20.83
C PHE D 34 -24.22 64.12 -21.71
N VAL D 35 -25.04 63.19 -21.24
CA VAL D 35 -26.16 62.75 -22.07
C VAL D 35 -27.15 63.86 -22.30
N MET D 36 -27.40 64.69 -21.29
CA MET D 36 -28.32 65.80 -21.52
C MET D 36 -27.77 66.76 -22.55
N VAL D 37 -26.45 66.96 -22.60
CA VAL D 37 -25.91 67.80 -23.66
C VAL D 37 -26.32 67.28 -25.03
N ARG D 38 -26.24 65.97 -25.23
CA ARG D 38 -26.65 65.38 -26.51
C ARG D 38 -28.13 65.59 -26.78
N ASN D 39 -28.96 65.48 -25.76
CA ASN D 39 -30.38 65.70 -26.00
C ASN D 39 -30.67 67.15 -26.32
N ALA D 40 -30.03 68.07 -25.62
CA ALA D 40 -30.28 69.48 -25.88
C ALA D 40 -29.85 69.86 -27.29
N LEU D 41 -28.73 69.33 -27.76
CA LEU D 41 -28.40 69.53 -29.17
C LEU D 41 -29.32 68.74 -30.09
N GLY D 42 -30.14 67.85 -29.56
CA GLY D 42 -31.11 67.15 -30.38
C GLY D 42 -30.57 66.03 -31.24
N LEU D 43 -29.42 65.48 -30.88
CA LEU D 43 -28.81 64.39 -31.63
C LEU D 43 -29.27 63.09 -31.00
N GLN D 44 -29.52 62.09 -31.84
CA GLN D 44 -30.16 60.87 -31.38
C GLN D 44 -29.21 59.71 -31.11
N GLN D 45 -28.07 59.65 -31.78
CA GLN D 45 -27.24 58.45 -31.69
C GLN D 45 -25.74 58.74 -31.63
N ILE D 46 -25.32 59.99 -31.74
CA ILE D 46 -23.90 60.33 -31.80
C ILE D 46 -23.65 61.47 -30.83
N PRO D 47 -22.54 61.49 -30.10
CA PRO D 47 -21.54 60.47 -29.80
C PRO D 47 -22.12 59.23 -29.16
N SER D 48 -21.41 58.11 -29.25
CA SER D 48 -21.89 56.89 -28.64
C SER D 48 -21.85 56.97 -27.12
N ASN D 49 -22.76 56.25 -26.48
CA ASN D 49 -22.71 56.08 -25.04
C ASN D 49 -21.38 55.49 -24.60
N MET D 50 -20.76 54.66 -25.44
CA MET D 50 -19.43 54.16 -25.14
C MET D 50 -18.44 55.30 -24.94
N THR D 51 -18.54 56.32 -25.76
CA THR D 51 -17.60 57.43 -25.66
C THR D 51 -17.92 58.33 -24.48
N LEU D 52 -19.17 58.72 -24.35
CA LEU D 52 -19.54 59.61 -23.27
C LEU D 52 -19.24 58.99 -21.91
N ASN D 53 -19.60 57.73 -21.70
CA ASN D 53 -19.25 57.07 -20.45
C ASN D 53 -17.76 56.91 -20.25
N GLY D 54 -17.00 56.61 -21.31
CA GLY D 54 -15.56 56.54 -21.12
C GLY D 54 -14.98 57.83 -20.58
N VAL D 55 -15.37 58.96 -21.18
CA VAL D 55 -14.94 60.26 -20.67
C VAL D 55 -15.36 60.47 -19.22
N ALA D 56 -16.64 60.30 -18.91
CA ALA D 56 -17.09 60.47 -17.53
C ALA D 56 -16.32 59.62 -16.54
N LEU D 57 -16.03 58.38 -16.90
CA LEU D 57 -15.28 57.51 -16.01
C LEU D 57 -13.87 58.02 -15.79
N LEU D 58 -13.20 58.44 -16.85
CA LEU D 58 -11.87 59.01 -16.68
C LEU D 58 -11.91 60.21 -15.74
N LEU D 59 -12.67 61.23 -16.09
CA LEU D 59 -12.74 62.42 -15.23
C LEU D 59 -13.02 62.10 -13.77
N SER D 60 -13.94 61.20 -13.47
CA SER D 60 -14.22 60.94 -12.06
C SER D 60 -13.03 60.35 -11.31
N MET D 61 -12.16 59.61 -11.99
CA MET D 61 -10.99 59.09 -11.29
C MET D 61 -10.13 60.20 -10.71
N PHE D 62 -9.88 61.28 -11.45
CA PHE D 62 -9.10 62.36 -10.86
C PHE D 62 -9.66 62.80 -9.52
N VAL D 63 -10.97 62.95 -9.43
CA VAL D 63 -11.57 63.39 -8.19
C VAL D 63 -11.44 62.35 -7.08
N MET D 64 -11.61 61.08 -7.40
CA MET D 64 -11.58 60.07 -6.33
C MET D 64 -10.18 59.57 -5.95
N TRP D 65 -9.21 59.60 -6.85
CA TRP D 65 -7.86 59.13 -6.57
C TRP D 65 -7.27 59.53 -5.23
N PRO D 66 -7.25 60.80 -4.83
CA PRO D 66 -6.73 61.12 -3.50
C PRO D 66 -7.29 60.29 -2.35
N ILE D 67 -8.52 59.81 -2.42
CA ILE D 67 -9.10 59.04 -1.31
C ILE D 67 -8.66 57.59 -1.32
N MET D 68 -8.72 56.93 -2.47
CA MET D 68 -8.28 55.53 -2.54
C MET D 68 -6.81 55.38 -2.13
N HIS D 69 -5.95 56.30 -2.55
CA HIS D 69 -4.56 56.24 -2.14
C HIS D 69 -4.42 56.22 -0.63
N ASP D 70 -5.08 57.15 0.05
CA ASP D 70 -4.98 57.19 1.49
C ASP D 70 -5.53 55.93 2.14
N ALA D 71 -6.68 55.45 1.69
CA ALA D 71 -7.21 54.21 2.25
C ALA D 71 -6.25 53.05 2.05
N TYR D 72 -5.63 52.95 0.88
CA TYR D 72 -4.68 51.88 0.64
C TYR D 72 -3.53 51.93 1.62
N VAL D 73 -2.86 53.08 1.70
CA VAL D 73 -1.70 53.13 2.56
C VAL D 73 -2.09 52.91 4.01
N TYR D 74 -3.26 53.39 4.42
CA TYR D 74 -3.70 53.18 5.78
C TYR D 74 -3.90 51.70 6.09
N PHE D 75 -4.60 50.97 5.23
CA PHE D 75 -4.89 49.56 5.54
C PHE D 75 -3.73 48.61 5.26
N GLU D 76 -3.16 48.68 4.08
CA GLU D 76 -2.38 47.57 3.55
C GLU D 76 -0.90 47.72 3.83
N ASP D 77 -0.36 48.91 3.65
CA ASP D 77 1.07 49.11 3.80
C ASP D 77 1.47 49.07 5.27
N GLU D 78 0.75 49.80 6.12
CA GLU D 78 1.07 49.81 7.54
C GLU D 78 0.75 48.47 8.20
N ASP D 79 1.79 47.84 8.73
CA ASP D 79 1.62 46.80 9.75
C ASP D 79 1.26 47.44 11.09
N VAL D 80 0.32 46.81 11.80
CA VAL D 80 -0.17 47.30 13.07
C VAL D 80 -0.48 46.09 13.93
N THR D 81 -0.44 46.29 15.25
CA THR D 81 -0.85 45.27 16.20
C THR D 81 -2.22 45.62 16.78
N PHE D 82 -3.09 44.61 16.82
CA PHE D 82 -4.41 44.71 17.41
C PHE D 82 -4.78 43.32 17.88
N ASN D 83 -5.61 43.25 18.91
CA ASN D 83 -5.71 42.01 19.67
C ASN D 83 -7.11 41.58 20.04
N ASP D 84 -8.13 42.42 19.92
CA ASP D 84 -9.44 42.03 20.38
C ASP D 84 -10.50 42.68 19.51
N ILE D 85 -11.73 42.23 19.72
CA ILE D 85 -12.89 42.73 18.98
C ILE D 85 -12.96 44.25 18.96
N SER D 86 -12.96 44.89 20.13
CA SER D 86 -13.08 46.35 20.18
C SER D 86 -11.92 47.07 19.51
N SER D 87 -10.69 46.63 19.73
CA SER D 87 -9.55 47.30 19.11
C SER D 87 -9.59 47.16 17.60
N LEU D 88 -9.95 45.99 17.09
CA LEU D 88 -10.06 45.83 15.65
C LEU D 88 -11.21 46.64 15.08
N SER D 89 -12.38 46.57 15.69
CA SER D 89 -13.52 47.32 15.18
C SER D 89 -13.19 48.79 15.05
N LYS D 90 -12.64 49.39 16.10
CA LYS D 90 -12.23 50.78 16.03
C LYS D 90 -11.19 51.02 14.95
N HIS D 91 -10.18 50.17 14.86
CA HIS D 91 -9.16 50.34 13.81
C HIS D 91 -9.78 50.36 12.42
N VAL D 92 -10.62 49.39 12.11
CA VAL D 92 -11.26 49.33 10.81
C VAL D 92 -12.11 50.57 10.56
N ASP D 93 -12.99 50.90 11.48
CA ASP D 93 -13.84 52.06 11.30
C ASP D 93 -13.06 53.33 11.02
N GLU D 94 -12.02 53.59 11.80
CA GLU D 94 -11.23 54.80 11.60
C GLU D 94 -10.69 54.95 10.18
N GLY D 95 -10.37 53.86 9.50
CA GLY D 95 -9.93 53.95 8.11
C GLY D 95 -10.92 54.55 7.11
N LEU D 96 -12.21 54.35 7.32
CA LEU D 96 -13.25 54.88 6.43
C LEU D 96 -13.50 56.38 6.55
N ASP D 97 -13.08 57.02 7.63
CA ASP D 97 -13.42 58.43 7.80
C ASP D 97 -13.02 59.32 6.63
N GLY D 98 -11.97 58.98 5.89
CA GLY D 98 -11.62 59.78 4.72
C GLY D 98 -12.70 59.82 3.65
N TYR D 99 -13.42 58.72 3.47
CA TYR D 99 -14.55 58.66 2.54
C TYR D 99 -15.83 59.21 3.16
N ARG D 100 -16.10 58.81 4.40
CA ARG D 100 -17.22 59.36 5.14
C ARG D 100 -17.28 60.87 5.07
N ASP D 101 -16.16 61.55 5.27
CA ASP D 101 -16.17 63.00 5.22
C ASP D 101 -16.57 63.55 3.85
N TYR D 102 -16.20 62.88 2.78
CA TYR D 102 -16.63 63.30 1.45
C TYR D 102 -18.15 63.20 1.30
N LEU D 103 -18.70 62.05 1.68
CA LEU D 103 -20.15 61.90 1.61
C LEU D 103 -20.87 62.97 2.41
N ILE D 104 -20.47 63.17 3.66
CA ILE D 104 -21.10 64.22 4.48
C ILE D 104 -20.89 65.60 3.92
N LYS D 105 -19.85 65.81 3.12
CA LYS D 105 -19.70 67.11 2.49
C LYS D 105 -20.74 67.33 1.41
N TYR D 106 -21.14 66.28 0.70
CA TYR D 106 -22.07 66.40 -0.42
C TYR D 106 -23.45 65.79 -0.20
N SER D 107 -23.88 65.66 1.05
CA SER D 107 -25.17 65.05 1.38
C SER D 107 -25.93 66.02 2.27
N ASP D 108 -27.25 65.83 2.37
CA ASP D 108 -28.12 66.79 3.03
C ASP D 108 -28.68 66.30 4.37
N ARG D 109 -28.36 67.08 5.40
CA ARG D 109 -28.29 66.59 6.76
C ARG D 109 -29.62 66.01 7.21
N GLU D 110 -30.72 66.70 6.95
CA GLU D 110 -31.98 66.25 7.51
C GLU D 110 -32.39 64.91 6.93
N LEU D 111 -32.01 64.65 5.70
CA LEU D 111 -32.30 63.35 5.11
C LEU D 111 -31.40 62.27 5.68
N VAL D 112 -30.12 62.59 5.86
CA VAL D 112 -29.24 61.59 6.48
C VAL D 112 -29.74 61.23 7.86
N GLN D 113 -30.11 62.24 8.64
CA GLN D 113 -30.59 61.99 9.99
C GLN D 113 -31.90 61.22 10.01
N PHE D 114 -32.77 61.48 9.03
CA PHE D 114 -33.97 60.68 8.94
C PHE D 114 -33.64 59.22 8.74
N PHE D 115 -32.74 58.91 7.82
CA PHE D 115 -32.42 57.50 7.61
C PHE D 115 -31.76 56.87 8.83
N GLU D 116 -30.95 57.62 9.56
CA GLU D 116 -30.40 57.09 10.81
C GLU D 116 -31.51 56.69 11.76
N ASN D 117 -32.44 57.60 12.01
CA ASN D 117 -33.51 57.27 12.93
C ASN D 117 -34.37 56.13 12.40
N ALA D 118 -34.55 56.05 11.09
CA ALA D 118 -35.31 54.94 10.52
C ALA D 118 -34.65 53.60 10.76
N GLN D 119 -33.33 53.54 10.82
CA GLN D 119 -32.71 52.24 11.03
C GLN D 119 -32.46 51.91 12.49
N LEU D 120 -32.44 52.90 13.38
CA LEU D 120 -32.66 52.58 14.78
C LEU D 120 -34.11 52.18 15.03
N LYS D 121 -35.03 52.76 14.28
CA LYS D 121 -36.47 52.48 14.33
C LYS D 121 -37.07 52.82 15.69
N ARG D 122 -36.34 53.58 16.49
CA ARG D 122 -36.76 53.89 17.85
C ARG D 122 -37.90 54.90 17.86
N GLN D 123 -38.90 54.67 18.71
CA GLN D 123 -39.85 55.71 19.11
C GLN D 123 -40.43 56.46 17.92
N TYR D 124 -40.65 55.75 16.84
CA TYR D 124 -40.62 56.36 15.52
C TYR D 124 -41.85 57.20 15.24
N GLY D 125 -41.71 58.08 14.26
CA GLY D 125 -42.55 59.25 14.14
C GLY D 125 -42.14 60.36 15.06
N GLU D 126 -40.84 60.51 15.32
CA GLU D 126 -40.33 61.61 16.11
C GLU D 126 -40.52 62.92 15.37
N GLU D 127 -40.90 63.96 16.09
CA GLU D 127 -41.39 65.19 15.47
C GLU D 127 -40.25 66.12 15.05
N THR D 128 -40.61 67.13 14.26
CA THR D 128 -39.69 68.18 13.83
C THR D 128 -39.09 68.96 15.00
N GLU D 129 -39.71 68.92 16.17
CA GLU D 129 -39.09 69.54 17.34
C GLU D 129 -38.00 68.67 17.96
N THR D 130 -37.94 67.38 17.63
CA THR D 130 -36.78 66.59 18.00
C THR D 130 -35.53 67.03 17.24
N VAL D 131 -35.69 67.90 16.26
CA VAL D 131 -34.59 68.47 15.48
C VAL D 131 -34.64 69.98 15.69
N LYS D 132 -33.49 70.64 15.63
CA LYS D 132 -33.47 72.09 15.58
C LYS D 132 -32.43 72.61 14.59
N ARG D 133 -32.23 71.92 13.48
CA ARG D 133 -31.50 72.48 12.34
C ARG D 133 -30.11 73.00 12.75
N ASP D 134 -29.43 72.23 13.59
CA ASP D 134 -28.10 72.63 14.05
C ASP D 134 -27.13 72.71 12.86
N LYS D 135 -25.99 73.34 13.10
CA LYS D 135 -25.10 73.81 12.03
C LYS D 135 -23.74 73.12 12.02
N ASP D 136 -23.11 72.92 13.18
CA ASP D 136 -21.71 72.52 13.25
C ASP D 136 -21.60 71.25 14.09
N GLU D 137 -20.76 70.31 13.65
CA GLU D 137 -21.00 68.92 13.97
C GLU D 137 -19.72 68.18 14.28
N ILE D 138 -19.86 67.14 15.10
CA ILE D 138 -18.87 66.09 15.31
C ILE D 138 -19.58 64.74 15.26
N GLU D 139 -20.83 64.74 14.80
CA GLU D 139 -21.54 63.52 14.47
C GLU D 139 -20.76 62.68 13.47
N LYS D 140 -20.97 61.35 13.55
CA LYS D 140 -20.44 60.40 12.58
C LYS D 140 -21.56 59.48 12.14
N PRO D 141 -22.34 59.88 11.14
CA PRO D 141 -23.42 59.02 10.66
C PRO D 141 -22.92 57.73 10.04
N SER D 142 -23.81 56.73 10.02
CA SER D 142 -23.56 55.49 9.32
C SER D 142 -23.36 55.70 7.81
N ILE D 143 -22.53 54.85 7.22
CA ILE D 143 -22.44 54.82 5.77
C ILE D 143 -23.70 54.29 5.10
N PHE D 144 -24.38 53.33 5.72
CA PHE D 144 -25.64 52.91 5.13
C PHE D 144 -26.71 53.99 5.24
N ALA D 145 -26.51 54.98 6.09
CA ALA D 145 -27.34 56.17 5.99
C ALA D 145 -26.85 57.12 4.91
N LEU D 146 -25.53 57.20 4.74
CA LEU D 146 -24.99 58.24 3.87
C LEU D 146 -25.08 57.93 2.39
N LEU D 147 -24.99 56.66 1.97
CA LEU D 147 -24.99 56.37 0.54
C LEU D 147 -26.24 56.84 -0.20
N PRO D 148 -27.45 56.44 0.18
CA PRO D 148 -28.60 56.89 -0.59
C PRO D 148 -28.88 58.38 -0.51
N ALA D 149 -28.60 59.04 0.61
CA ALA D 149 -28.77 60.49 0.61
C ALA D 149 -27.86 61.13 -0.41
N TYR D 150 -26.69 60.56 -0.61
CA TYR D 150 -25.75 61.10 -1.58
C TYR D 150 -26.30 60.94 -2.99
N ALA D 151 -26.65 59.70 -3.34
CA ALA D 151 -27.23 59.45 -4.64
C ALA D 151 -28.37 60.42 -4.95
N LEU D 152 -29.33 60.54 -4.02
CA LEU D 152 -30.49 61.40 -4.25
C LEU D 152 -30.14 62.88 -4.26
N SER D 153 -28.97 63.27 -3.76
CA SER D 153 -28.57 64.67 -3.90
C SER D 153 -27.90 64.94 -5.24
N GLU D 154 -27.00 64.05 -5.63
CA GLU D 154 -26.33 64.17 -6.93
C GLU D 154 -27.33 64.23 -8.08
N ILE D 155 -28.30 63.33 -8.10
CA ILE D 155 -29.30 63.37 -9.17
C ILE D 155 -29.98 64.74 -9.28
N LYS D 156 -30.45 65.28 -8.16
CA LYS D 156 -31.08 66.59 -8.21
C LYS D 156 -30.14 67.66 -8.74
N SER D 157 -28.87 67.61 -8.35
CA SER D 157 -27.93 68.59 -8.87
C SER D 157 -27.80 68.48 -10.38
N ALA D 158 -27.71 67.26 -10.90
CA ALA D 158 -27.64 67.08 -12.34
C ALA D 158 -28.85 67.67 -13.05
N PHE D 159 -30.05 67.34 -12.60
CA PHE D 159 -31.23 67.98 -13.20
C PHE D 159 -31.12 69.49 -13.22
N LYS D 160 -30.65 70.09 -12.13
CA LYS D 160 -30.53 71.54 -12.13
C LYS D 160 -29.60 72.04 -13.23
N ILE D 161 -28.39 71.47 -13.33
CA ILE D 161 -27.51 71.86 -14.45
C ILE D 161 -28.19 71.69 -15.81
N GLY D 162 -28.93 70.60 -15.98
CA GLY D 162 -29.63 70.39 -17.22
C GLY D 162 -30.69 71.42 -17.52
N PHE D 163 -31.21 72.09 -16.51
CA PHE D 163 -32.13 73.18 -16.77
C PHE D 163 -31.48 74.30 -17.57
N TYR D 164 -30.38 74.84 -17.05
CA TYR D 164 -29.68 75.92 -17.75
C TYR D 164 -29.18 75.51 -19.13
N LEU D 165 -28.60 74.33 -19.27
CA LEU D 165 -28.09 73.96 -20.59
C LEU D 165 -29.11 74.03 -21.73
N TYR D 166 -30.39 73.74 -21.47
CA TYR D 166 -31.37 73.80 -22.56
C TYR D 166 -31.67 75.20 -23.08
N LEU D 167 -31.68 76.20 -22.23
CA LEU D 167 -32.20 77.52 -22.63
C LEU D 167 -31.69 78.17 -23.92
N PRO D 168 -30.40 78.36 -24.12
CA PRO D 168 -29.95 78.99 -25.37
C PRO D 168 -30.44 78.29 -26.63
N PHE D 169 -30.42 76.96 -26.64
CA PHE D 169 -30.90 76.23 -27.80
C PHE D 169 -32.41 76.35 -27.98
N VAL D 170 -33.15 76.58 -26.91
CA VAL D 170 -34.57 76.83 -27.04
C VAL D 170 -34.81 78.17 -27.71
N VAL D 171 -34.04 79.19 -27.35
CA VAL D 171 -34.15 80.48 -28.02
C VAL D 171 -33.83 80.36 -29.51
N VAL D 172 -32.71 79.71 -29.82
CA VAL D 172 -32.23 79.57 -31.18
C VAL D 172 -33.28 79.08 -32.17
N ASP D 173 -34.20 78.22 -31.75
CA ASP D 173 -35.15 77.69 -32.72
C ASP D 173 -36.50 78.38 -32.73
N LEU D 174 -36.87 79.08 -31.67
CA LEU D 174 -38.09 79.87 -31.75
C LEU D 174 -37.86 81.10 -32.60
N VAL D 175 -36.63 81.63 -32.60
CA VAL D 175 -36.32 82.69 -33.55
C VAL D 175 -36.47 82.19 -34.99
N VAL D 176 -35.93 81.01 -35.28
CA VAL D 176 -36.03 80.47 -36.64
C VAL D 176 -37.48 80.27 -37.06
N SER D 177 -38.31 79.76 -36.15
CA SER D 177 -39.72 79.61 -36.49
C SER D 177 -40.38 80.95 -36.76
N SER D 178 -40.06 81.95 -35.96
CA SER D 178 -40.69 83.25 -36.18
C SER D 178 -40.28 83.87 -37.50
N VAL D 179 -39.01 83.75 -37.88
CA VAL D 179 -38.60 84.27 -39.18
C VAL D 179 -39.29 83.52 -40.32
N LEU D 180 -39.41 82.20 -40.20
CA LEU D 180 -40.12 81.48 -41.25
C LEU D 180 -41.59 81.83 -41.32
N LEU D 181 -42.21 82.24 -40.22
CA LEU D 181 -43.58 82.72 -40.33
C LEU D 181 -43.67 84.17 -40.76
N ALA D 182 -42.58 84.91 -40.66
CA ALA D 182 -42.57 86.25 -41.23
C ALA D 182 -42.55 86.16 -42.74
N LEU D 183 -41.75 85.25 -43.28
CA LEU D 183 -41.98 84.85 -44.66
C LEU D 183 -43.26 84.02 -44.72
N GLY D 184 -43.66 83.61 -45.92
CA GLY D 184 -44.83 82.77 -46.01
C GLY D 184 -44.64 81.30 -45.71
N MET D 185 -43.43 80.87 -45.40
CA MET D 185 -43.01 79.49 -45.61
C MET D 185 -43.42 78.57 -44.49
N MET D 186 -44.65 78.71 -44.00
CA MET D 186 -45.16 77.92 -42.89
C MET D 186 -45.28 76.42 -43.18
N MET D 187 -45.15 75.99 -44.42
CA MET D 187 -45.14 74.56 -44.68
C MET D 187 -43.86 73.85 -44.30
N MET D 188 -42.76 74.55 -44.04
CA MET D 188 -41.46 73.91 -43.87
C MET D 188 -41.07 73.86 -42.40
N SER D 189 -40.55 72.70 -41.96
CA SER D 189 -40.17 72.53 -40.56
C SER D 189 -38.85 73.24 -40.25
N PRO D 190 -38.73 73.81 -39.05
CA PRO D 190 -37.47 74.47 -38.68
C PRO D 190 -36.26 73.56 -38.57
N VAL D 191 -36.45 72.27 -38.32
CA VAL D 191 -35.39 71.47 -37.75
C VAL D 191 -34.18 71.40 -38.67
N THR D 192 -34.42 71.24 -39.97
CA THR D 192 -33.31 71.14 -40.90
C THR D 192 -32.59 72.46 -41.08
N ILE D 193 -33.21 73.57 -40.75
CA ILE D 193 -32.49 74.84 -40.74
C ILE D 193 -31.85 75.08 -39.38
N SER D 194 -32.49 74.62 -38.31
CA SER D 194 -32.04 74.97 -36.98
C SER D 194 -30.82 74.19 -36.52
N THR D 195 -30.68 72.93 -36.91
CA THR D 195 -29.59 72.14 -36.34
C THR D 195 -28.19 72.72 -36.56
N PRO D 196 -27.77 73.05 -37.77
CA PRO D 196 -26.42 73.61 -37.92
C PRO D 196 -26.15 74.84 -37.08
N ILE D 197 -27.15 75.68 -36.87
CA ILE D 197 -26.95 76.85 -36.02
C ILE D 197 -26.55 76.42 -34.62
N LYS D 198 -27.27 75.46 -34.05
CA LYS D 198 -26.91 74.96 -32.74
C LYS D 198 -25.48 74.41 -32.72
N LEU D 199 -25.08 73.71 -33.77
CA LEU D 199 -23.71 73.17 -33.77
C LEU D 199 -22.65 74.28 -33.79
N VAL D 200 -22.89 75.36 -34.52
CA VAL D 200 -21.90 76.43 -34.51
C VAL D 200 -21.92 77.15 -33.18
N LEU D 201 -23.10 77.44 -32.66
CA LEU D 201 -23.16 78.07 -31.35
C LEU D 201 -22.33 77.28 -30.35
N PHE D 202 -22.51 75.97 -30.32
CA PHE D 202 -21.78 75.16 -29.34
C PHE D 202 -20.27 75.16 -29.58
N VAL D 203 -19.81 75.09 -30.83
CA VAL D 203 -18.36 75.11 -31.01
C VAL D 203 -17.78 76.49 -30.70
N ALA D 204 -18.48 77.55 -31.08
CA ALA D 204 -18.03 78.89 -30.72
C ALA D 204 -17.93 79.06 -29.22
N LEU D 205 -18.84 78.44 -28.46
CA LEU D 205 -18.71 78.49 -27.01
C LEU D 205 -17.66 77.54 -26.46
N ASP D 206 -17.22 76.55 -27.23
CA ASP D 206 -16.28 75.55 -26.73
C ASP D 206 -16.81 74.88 -25.47
N GLY D 207 -18.11 74.61 -25.49
CA GLY D 207 -18.81 74.11 -24.32
C GLY D 207 -18.18 72.92 -23.63
N TRP D 208 -17.59 71.99 -24.40
CA TRP D 208 -16.95 70.85 -23.78
C TRP D 208 -15.85 71.22 -22.78
N THR D 209 -15.03 72.20 -23.10
CA THR D 209 -13.96 72.55 -22.17
C THR D 209 -14.49 73.29 -20.95
N LEU D 210 -15.41 74.23 -21.14
CA LEU D 210 -15.99 74.92 -20.01
C LEU D 210 -16.71 73.96 -19.09
N LEU D 211 -17.44 73.01 -19.66
CA LEU D 211 -18.11 71.99 -18.86
C LEU D 211 -17.13 71.15 -18.05
N SER D 212 -16.19 70.49 -18.72
CA SER D 212 -15.24 69.66 -17.98
C SER D 212 -14.51 70.43 -16.89
N LYS D 213 -13.93 71.58 -17.23
CA LYS D 213 -13.29 72.40 -16.20
C LYS D 213 -14.22 72.75 -15.05
N GLY D 214 -15.39 73.30 -15.32
CA GLY D 214 -16.26 73.68 -14.22
C GLY D 214 -16.75 72.51 -13.39
N LEU D 215 -17.00 71.38 -14.02
CA LEU D 215 -17.39 70.20 -13.25
C LEU D 215 -16.29 69.78 -12.30
N ILE D 216 -15.04 69.84 -12.75
CA ILE D 216 -13.93 69.49 -11.85
C ILE D 216 -13.83 70.50 -10.72
N LEU D 217 -13.82 71.78 -11.05
CA LEU D 217 -13.66 72.82 -10.06
C LEU D 217 -14.61 72.74 -8.87
N GLN D 218 -15.79 72.13 -9.03
CA GLN D 218 -16.64 72.03 -7.86
C GLN D 218 -16.03 71.17 -6.77
N TYR D 219 -15.26 70.15 -7.12
CA TYR D 219 -14.74 69.25 -6.09
C TYR D 219 -13.37 69.63 -5.57
N MET D 220 -12.76 70.70 -6.06
CA MET D 220 -11.46 71.11 -5.54
C MET D 220 -11.67 71.83 -4.22
N MET E 1 -21.59 22.55 10.95
CA MET E 1 -23.00 22.17 11.26
C MET E 1 -23.06 20.83 11.96
N GLY E 2 -24.08 20.67 12.80
CA GLY E 2 -24.31 19.44 13.52
C GLY E 2 -25.07 18.37 12.77
N ASN E 3 -25.60 18.67 11.59
CA ASN E 3 -26.40 17.70 10.88
C ASN E 3 -26.30 17.99 9.39
N ASP E 4 -26.31 16.94 8.57
CA ASP E 4 -26.06 17.12 7.14
C ASP E 4 -27.28 17.60 6.36
N ILE E 5 -28.47 17.11 6.67
CA ILE E 5 -29.62 17.59 5.94
C ILE E 5 -29.87 19.05 6.25
N SER E 6 -29.62 19.43 7.50
CA SER E 6 -29.73 20.84 7.86
C SER E 6 -28.79 21.69 7.02
N LEU E 7 -27.70 21.11 6.53
CA LEU E 7 -26.78 21.82 5.66
C LEU E 7 -27.28 21.88 4.23
N ILE E 8 -27.77 20.76 3.73
CA ILE E 8 -28.28 20.73 2.36
C ILE E 8 -29.41 21.72 2.20
N ALA E 9 -30.31 21.78 3.17
CA ALA E 9 -31.41 22.72 3.04
C ALA E 9 -30.92 24.15 3.04
N LEU E 10 -29.86 24.43 3.77
CA LEU E 10 -29.37 25.79 3.83
C LEU E 10 -28.74 26.19 2.52
N LEU E 11 -28.05 25.27 1.87
CA LEU E 11 -27.45 25.63 0.59
C LEU E 11 -28.51 25.78 -0.49
N ALA E 12 -29.59 25.01 -0.42
CA ALA E 12 -30.65 25.20 -1.39
C ALA E 12 -31.29 26.56 -1.20
N PHE E 13 -31.63 26.89 0.04
CA PHE E 13 -32.23 28.19 0.28
C PHE E 13 -31.32 29.31 -0.21
N SER E 14 -30.04 29.23 0.10
CA SER E 14 -29.14 30.26 -0.35
C SER E 14 -29.01 30.27 -1.86
N THR E 15 -29.45 29.23 -2.55
CA THR E 15 -29.39 29.29 -4.00
C THR E 15 -30.63 29.89 -4.61
N LEU E 16 -31.74 29.88 -3.89
CA LEU E 16 -32.98 30.47 -4.42
C LEU E 16 -33.28 31.85 -3.85
N LEU E 17 -32.51 32.32 -2.88
CA LEU E 17 -32.73 33.64 -2.26
C LEU E 17 -33.07 34.81 -3.18
N PRO E 18 -32.36 35.06 -4.28
CA PRO E 18 -32.67 36.26 -5.07
C PRO E 18 -34.07 36.31 -5.62
N PHE E 19 -34.65 35.21 -6.05
CA PHE E 19 -36.02 35.28 -6.55
C PHE E 19 -37.00 35.58 -5.43
N ILE E 20 -36.70 35.15 -4.22
CA ILE E 20 -37.57 35.48 -3.10
C ILE E 20 -37.52 36.96 -2.83
N ILE E 21 -36.35 37.58 -3.00
CA ILE E 21 -36.29 39.02 -2.83
C ILE E 21 -36.98 39.73 -3.97
N ALA E 22 -36.81 39.24 -5.19
CA ALA E 22 -37.42 39.86 -6.34
C ALA E 22 -38.94 39.76 -6.35
N SER E 23 -39.54 38.80 -5.65
CA SER E 23 -40.99 38.63 -5.73
C SER E 23 -41.74 38.72 -4.41
N GLY E 24 -41.05 38.88 -3.28
CA GLY E 24 -41.74 38.91 -1.99
C GLY E 24 -41.17 39.93 -1.04
N THR E 25 -40.77 41.08 -1.56
CA THR E 25 -40.21 42.14 -0.75
C THR E 25 -40.54 43.47 -1.41
N CYS E 26 -40.51 44.54 -0.60
CA CYS E 26 -40.85 45.85 -1.10
C CYS E 26 -39.99 46.30 -2.29
N PHE E 27 -38.89 45.60 -2.55
CA PHE E 27 -38.06 45.96 -3.69
C PHE E 27 -38.90 46.03 -4.96
N VAL E 28 -39.86 45.13 -5.07
CA VAL E 28 -40.73 45.11 -6.24
C VAL E 28 -41.48 46.42 -6.40
N LYS E 29 -41.73 47.12 -5.31
CA LYS E 29 -42.46 48.37 -5.35
C LYS E 29 -41.56 49.58 -5.59
N PHE E 30 -40.48 49.69 -4.82
CA PHE E 30 -39.56 50.81 -5.03
C PHE E 30 -39.06 50.84 -6.47
N SER E 31 -38.71 49.67 -7.00
CA SER E 31 -38.20 49.60 -8.37
C SER E 31 -39.18 50.16 -9.36
N ILE E 32 -40.47 49.99 -9.11
CA ILE E 32 -41.46 50.49 -10.05
C ILE E 32 -41.63 51.98 -9.92
N VAL E 33 -41.70 52.48 -8.69
CA VAL E 33 -41.95 53.90 -8.53
C VAL E 33 -40.85 54.73 -9.18
N PHE E 34 -39.59 54.32 -9.04
CA PHE E 34 -38.55 55.15 -9.67
C PHE E 34 -38.61 55.13 -11.20
N VAL E 35 -39.01 54.01 -11.79
CA VAL E 35 -39.12 53.99 -13.24
C VAL E 35 -40.30 54.84 -13.67
N MET E 36 -41.35 54.87 -12.87
CA MET E 36 -42.48 55.74 -13.20
C MET E 36 -42.05 57.19 -13.21
N VAL E 37 -41.27 57.60 -12.22
CA VAL E 37 -40.78 58.98 -12.19
C VAL E 37 -39.98 59.30 -13.44
N ARG E 38 -39.14 58.36 -13.87
CA ARG E 38 -38.33 58.65 -15.06
C ARG E 38 -39.19 58.75 -16.31
N ASN E 39 -40.23 57.93 -16.41
CA ASN E 39 -41.15 58.06 -17.52
C ASN E 39 -41.83 59.41 -17.51
N ALA E 40 -42.32 59.82 -16.34
CA ALA E 40 -42.99 61.09 -16.18
C ALA E 40 -42.15 62.25 -16.69
N LEU E 41 -40.88 62.32 -16.28
CA LEU E 41 -40.11 63.46 -16.79
C LEU E 41 -39.80 63.37 -18.26
N GLY E 42 -40.18 62.30 -18.95
CA GLY E 42 -39.89 62.14 -20.36
C GLY E 42 -38.45 61.83 -20.72
N LEU E 43 -37.73 61.17 -19.83
CA LEU E 43 -36.35 60.78 -20.06
C LEU E 43 -36.32 59.34 -20.54
N GLN E 44 -35.19 58.95 -21.14
CA GLN E 44 -35.07 57.63 -21.73
C GLN E 44 -34.01 56.76 -21.07
N GLN E 45 -32.80 57.27 -20.89
CA GLN E 45 -31.71 56.45 -20.44
C GLN E 45 -31.06 56.93 -19.17
N ILE E 46 -31.47 58.06 -18.62
CA ILE E 46 -30.82 58.60 -17.45
C ILE E 46 -31.86 58.99 -16.41
N PRO E 47 -31.67 58.66 -15.13
CA PRO E 47 -30.61 57.85 -14.52
C PRO E 47 -30.65 56.41 -14.97
N SER E 48 -29.51 55.73 -14.93
CA SER E 48 -29.44 54.36 -15.39
C SER E 48 -30.20 53.42 -14.44
N ASN E 49 -30.60 52.29 -15.02
CA ASN E 49 -31.28 51.28 -14.22
C ASN E 49 -30.41 50.82 -13.08
N MET E 50 -29.10 50.75 -13.29
CA MET E 50 -28.24 50.29 -12.22
C MET E 50 -28.20 51.27 -11.06
N THR E 51 -28.40 52.56 -11.32
CA THR E 51 -28.43 53.52 -10.23
C THR E 51 -29.75 53.48 -9.50
N LEU E 52 -30.84 53.35 -10.24
CA LEU E 52 -32.13 53.34 -9.56
C LEU E 52 -32.32 52.04 -8.80
N ASN E 53 -31.87 50.92 -9.34
CA ASN E 53 -31.98 49.69 -8.58
C ASN E 53 -31.05 49.71 -7.39
N GLY E 54 -29.93 50.42 -7.48
CA GLY E 54 -29.05 50.52 -6.33
C GLY E 54 -29.76 51.16 -5.15
N VAL E 55 -30.33 52.35 -5.36
CA VAL E 55 -31.01 52.98 -4.25
C VAL E 55 -32.23 52.17 -3.81
N ALA E 56 -32.93 51.55 -4.75
CA ALA E 56 -34.10 50.76 -4.33
C ALA E 56 -33.71 49.61 -3.42
N LEU E 57 -32.56 48.98 -3.67
CA LEU E 57 -32.15 47.88 -2.81
C LEU E 57 -31.69 48.38 -1.45
N LEU E 58 -30.99 49.51 -1.43
CA LEU E 58 -30.59 50.03 -0.14
C LEU E 58 -31.81 50.36 0.69
N LEU E 59 -32.76 51.11 0.13
CA LEU E 59 -33.94 51.43 0.92
C LEU E 59 -34.69 50.18 1.35
N SER E 60 -34.71 49.13 0.55
CA SER E 60 -35.42 47.94 1.02
C SER E 60 -34.73 47.30 2.20
N MET E 61 -33.44 47.55 2.36
CA MET E 61 -32.74 46.93 3.49
C MET E 61 -33.27 47.44 4.83
N PHE E 62 -33.48 48.76 4.96
CA PHE E 62 -33.98 49.29 6.23
C PHE E 62 -35.30 48.68 6.64
N VAL E 63 -36.12 48.29 5.67
CA VAL E 63 -37.44 47.76 5.98
C VAL E 63 -37.42 46.28 6.26
N MET E 64 -36.61 45.49 5.56
CA MET E 64 -36.70 44.05 5.75
C MET E 64 -35.81 43.52 6.87
N TRP E 65 -34.70 44.18 7.15
CA TRP E 65 -33.72 43.71 8.14
C TRP E 65 -34.29 43.15 9.44
N PRO E 66 -35.24 43.80 10.12
CA PRO E 66 -35.65 43.27 11.43
C PRO E 66 -36.20 41.87 11.41
N ILE E 67 -36.93 41.45 10.37
CA ILE E 67 -37.46 40.10 10.43
C ILE E 67 -36.43 39.08 10.00
N MET E 68 -35.45 39.48 9.20
CA MET E 68 -34.39 38.54 8.84
C MET E 68 -33.49 38.28 10.04
N HIS E 69 -33.17 39.33 10.79
CA HIS E 69 -32.48 39.16 12.06
C HIS E 69 -33.26 38.30 13.04
N ASP E 70 -34.55 38.57 13.18
CA ASP E 70 -35.34 37.74 14.09
C ASP E 70 -35.30 36.26 13.71
N ALA E 71 -35.46 35.95 12.43
CA ALA E 71 -35.39 34.55 12.02
C ALA E 71 -34.00 33.97 12.26
N TYR E 72 -32.96 34.77 12.10
CA TYR E 72 -31.62 34.27 12.31
C TYR E 72 -31.40 33.86 13.76
N VAL E 73 -31.67 34.76 14.70
CA VAL E 73 -31.46 34.37 16.09
C VAL E 73 -32.43 33.26 16.51
N TYR E 74 -33.63 33.22 15.94
CA TYR E 74 -34.54 32.13 16.27
C TYR E 74 -33.97 30.78 15.88
N PHE E 75 -33.34 30.68 14.72
CA PHE E 75 -32.78 29.39 14.33
C PHE E 75 -31.39 29.12 14.90
N GLU E 76 -30.63 30.14 15.29
CA GLU E 76 -29.40 29.87 16.02
C GLU E 76 -29.65 29.42 17.45
N ASP E 77 -30.76 29.82 18.04
CA ASP E 77 -30.92 29.73 19.50
C ASP E 77 -30.55 28.35 20.02
N GLU E 78 -29.65 28.33 20.99
CA GLU E 78 -28.96 27.12 21.45
C GLU E 78 -29.76 26.31 22.49
N ASP E 79 -30.84 26.86 23.02
CA ASP E 79 -31.62 26.17 24.04
C ASP E 79 -32.40 25.00 23.46
N VAL E 80 -32.43 23.90 24.22
CA VAL E 80 -33.08 22.67 23.78
C VAL E 80 -34.56 22.90 23.54
N THR E 81 -35.05 22.45 22.39
CA THR E 81 -36.36 22.86 21.90
C THR E 81 -37.15 21.75 21.20
N PHE E 82 -36.51 20.73 20.62
CA PHE E 82 -37.24 19.71 19.90
C PHE E 82 -36.60 18.34 20.08
N ASN E 83 -37.43 17.31 19.91
CA ASN E 83 -37.09 15.93 20.25
C ASN E 83 -37.42 14.95 19.14
N ASP E 84 -38.45 15.24 18.35
CA ASP E 84 -39.02 14.21 17.50
C ASP E 84 -39.77 14.87 16.35
N ILE E 85 -40.09 14.04 15.34
CA ILE E 85 -40.56 14.54 14.05
C ILE E 85 -41.67 15.58 14.16
N SER E 86 -42.68 15.33 14.98
CA SER E 86 -43.76 16.31 15.13
C SER E 86 -43.27 17.61 15.76
N SER E 87 -42.37 17.52 16.72
CA SER E 87 -41.83 18.73 17.34
C SER E 87 -40.89 19.48 16.41
N LEU E 88 -40.17 18.77 15.54
CA LEU E 88 -39.32 19.47 14.60
C LEU E 88 -40.13 20.15 13.52
N SER E 89 -41.11 19.47 12.94
CA SER E 89 -41.94 20.13 11.93
C SER E 89 -42.70 21.31 12.51
N LYS E 90 -43.21 21.20 13.74
CA LYS E 90 -43.79 22.38 14.37
C LYS E 90 -42.77 23.46 14.68
N HIS E 91 -41.55 23.11 15.03
CA HIS E 91 -40.55 24.14 15.32
C HIS E 91 -40.18 24.92 14.07
N VAL E 92 -40.00 24.23 12.96
CA VAL E 92 -39.72 24.91 11.69
C VAL E 92 -40.90 25.75 11.27
N ASP E 93 -42.12 25.20 11.30
CA ASP E 93 -43.27 25.98 10.90
C ASP E 93 -43.40 27.22 11.75
N GLU E 94 -43.31 27.06 13.06
CA GLU E 94 -43.40 28.20 13.96
C GLU E 94 -42.35 29.26 13.64
N GLY E 95 -41.18 28.86 13.14
CA GLY E 95 -40.18 29.88 12.82
C GLY E 95 -40.51 30.80 11.66
N LEU E 96 -41.47 30.45 10.80
CA LEU E 96 -41.84 31.27 9.66
C LEU E 96 -42.96 32.28 9.92
N ASP E 97 -43.61 32.24 11.08
CA ASP E 97 -44.72 33.16 11.28
C ASP E 97 -44.28 34.61 11.31
N GLY E 98 -43.02 34.90 11.62
CA GLY E 98 -42.59 36.27 11.57
C GLY E 98 -42.69 36.87 10.18
N TYR E 99 -42.66 36.03 9.15
CA TYR E 99 -42.75 36.48 7.78
C TYR E 99 -44.13 36.28 7.19
N ARG E 100 -44.86 35.26 7.62
CA ARG E 100 -46.26 35.19 7.22
C ARG E 100 -47.02 36.42 7.68
N ASP E 101 -46.71 36.91 8.88
CA ASP E 101 -47.39 38.10 9.37
C ASP E 101 -47.13 39.30 8.48
N TYR E 102 -45.95 39.34 7.88
CA TYR E 102 -45.63 40.43 6.97
C TYR E 102 -46.44 40.30 5.70
N LEU E 103 -46.35 39.16 5.04
CA LEU E 103 -47.10 39.03 3.79
C LEU E 103 -48.58 39.34 4.01
N ILE E 104 -49.17 38.81 5.09
CA ILE E 104 -50.59 38.99 5.35
C ILE E 104 -50.92 40.45 5.63
N LYS E 105 -50.02 41.19 6.26
CA LYS E 105 -50.35 42.56 6.62
C LYS E 105 -50.47 43.49 5.43
N TYR E 106 -49.85 43.18 4.31
CA TYR E 106 -49.91 44.04 3.15
C TYR E 106 -50.63 43.44 1.95
N SER E 107 -50.96 42.16 1.97
CA SER E 107 -51.70 41.59 0.86
C SER E 107 -53.17 41.99 0.92
N ASP E 108 -53.79 42.11 -0.24
CA ASP E 108 -55.22 42.42 -0.31
C ASP E 108 -56.07 41.21 0.03
N ARG E 109 -56.97 41.42 0.99
CA ARG E 109 -57.81 40.35 1.53
C ARG E 109 -58.57 39.62 0.43
N GLU E 110 -59.05 40.34 -0.57
CA GLU E 110 -59.79 39.71 -1.66
C GLU E 110 -58.92 38.79 -2.49
N LEU E 111 -57.70 39.19 -2.78
CA LEU E 111 -56.82 38.32 -3.56
C LEU E 111 -56.41 37.10 -2.74
N VAL E 112 -56.08 37.32 -1.47
CA VAL E 112 -55.73 36.18 -0.63
C VAL E 112 -56.86 35.16 -0.63
N GLN E 113 -58.09 35.64 -0.51
CA GLN E 113 -59.23 34.74 -0.53
C GLN E 113 -59.38 34.02 -1.86
N PHE E 114 -59.10 34.70 -2.97
CA PHE E 114 -59.24 34.04 -4.26
C PHE E 114 -58.24 32.91 -4.41
N PHE E 115 -56.96 33.20 -4.16
CA PHE E 115 -55.96 32.16 -4.31
C PHE E 115 -56.11 31.03 -3.31
N GLU E 116 -56.74 31.27 -2.17
CA GLU E 116 -56.98 30.16 -1.25
C GLU E 116 -58.10 29.27 -1.74
N ASN E 117 -59.25 29.85 -2.09
CA ASN E 117 -60.36 29.04 -2.58
C ASN E 117 -59.96 28.24 -3.82
N ALA E 118 -59.21 28.86 -4.73
CA ALA E 118 -58.88 28.13 -5.95
C ALA E 118 -57.90 27.00 -5.71
N GLN E 119 -57.21 26.96 -4.58
CA GLN E 119 -56.45 25.77 -4.22
C GLN E 119 -57.31 24.71 -3.58
N LEU E 120 -58.24 25.11 -2.72
CA LEU E 120 -59.13 24.12 -2.15
C LEU E 120 -59.88 23.37 -3.25
N LYS E 121 -60.35 24.09 -4.25
CA LYS E 121 -61.05 23.43 -5.35
C LYS E 121 -60.16 22.57 -6.23
N ARG E 122 -58.84 22.78 -6.22
CA ARG E 122 -57.95 21.81 -6.86
C ARG E 122 -57.83 20.54 -6.03
N GLN E 123 -57.55 20.67 -4.75
CA GLN E 123 -57.25 19.48 -3.96
C GLN E 123 -58.50 18.67 -3.61
N TYR E 124 -59.52 19.30 -3.03
CA TYR E 124 -60.62 18.54 -2.46
C TYR E 124 -61.81 18.44 -3.40
N GLY E 125 -61.80 19.16 -4.51
CA GLY E 125 -62.83 19.07 -5.52
C GLY E 125 -63.74 20.27 -5.50
N GLU E 126 -64.14 20.71 -6.69
CA GLU E 126 -64.84 21.98 -6.86
C GLU E 126 -66.18 22.00 -6.15
N GLU E 127 -66.76 20.83 -5.89
CA GLU E 127 -67.99 20.79 -5.12
C GLU E 127 -67.79 21.19 -3.66
N THR E 128 -66.57 21.23 -3.16
CA THR E 128 -66.37 21.70 -1.79
C THR E 128 -66.85 23.15 -1.66
N GLU E 129 -67.53 23.42 -0.56
CA GLU E 129 -68.24 24.68 -0.37
C GLU E 129 -67.32 25.88 -0.54
N THR E 130 -67.70 26.79 -1.43
CA THR E 130 -66.97 28.04 -1.61
C THR E 130 -67.08 28.88 -0.35
N VAL E 131 -65.94 29.23 0.24
CA VAL E 131 -65.91 29.60 1.65
C VAL E 131 -66.64 30.93 1.89
N LYS E 132 -66.40 31.93 1.04
CA LYS E 132 -66.93 33.27 1.27
C LYS E 132 -66.65 33.74 2.69
N ARG E 133 -65.39 33.70 3.08
CA ARG E 133 -64.99 34.26 4.38
C ARG E 133 -64.97 35.78 4.24
N ASP E 134 -66.16 36.36 4.29
CA ASP E 134 -66.34 37.79 4.08
C ASP E 134 -65.98 38.58 5.34
N LYS E 135 -66.26 38.00 6.50
CA LYS E 135 -65.69 38.41 7.77
C LYS E 135 -64.79 37.28 8.21
N ASP E 136 -63.51 37.58 8.42
CA ASP E 136 -62.48 36.58 8.23
C ASP E 136 -61.38 36.65 9.27
N GLU E 137 -60.94 35.46 9.69
CA GLU E 137 -59.59 35.25 10.18
C GLU E 137 -59.04 34.15 9.29
N ILE E 138 -58.22 34.56 8.33
CA ILE E 138 -57.71 33.64 7.32
C ILE E 138 -56.70 32.70 7.95
N GLU E 139 -57.00 31.41 7.93
CA GLU E 139 -56.44 30.46 8.89
C GLU E 139 -55.03 30.05 8.47
N LYS E 140 -54.10 30.96 8.67
CA LYS E 140 -52.71 30.75 8.30
C LYS E 140 -52.58 30.15 6.89
N PRO E 141 -52.89 30.92 5.86
CA PRO E 141 -52.91 30.38 4.50
C PRO E 141 -51.54 29.93 4.03
N SER E 142 -51.53 29.00 3.08
CA SER E 142 -50.28 28.47 2.57
C SER E 142 -49.50 29.54 1.83
N ILE E 143 -48.17 29.50 1.99
CA ILE E 143 -47.33 30.56 1.47
C ILE E 143 -47.29 30.58 -0.05
N PHE E 144 -47.48 29.43 -0.69
CA PHE E 144 -47.59 29.42 -2.15
C PHE E 144 -48.85 30.10 -2.64
N ALA E 145 -49.89 30.14 -1.83
CA ALA E 145 -51.09 30.88 -2.17
C ALA E 145 -50.97 32.34 -1.79
N LEU E 146 -50.27 32.61 -0.71
CA LEU E 146 -50.13 33.95 -0.17
C LEU E 146 -49.18 34.83 -0.97
N LEU E 147 -48.13 34.27 -1.53
CA LEU E 147 -47.10 35.05 -2.21
C LEU E 147 -47.47 35.77 -3.51
N PRO E 148 -48.21 35.14 -4.43
CA PRO E 148 -48.66 35.89 -5.61
C PRO E 148 -49.71 36.96 -5.31
N ALA E 149 -50.46 36.81 -4.23
CA ALA E 149 -51.37 37.88 -3.85
C ALA E 149 -50.60 39.10 -3.40
N TYR E 150 -49.50 38.89 -2.68
CA TYR E 150 -48.65 40.02 -2.31
C TYR E 150 -48.06 40.67 -3.54
N ALA E 151 -47.55 39.86 -4.47
CA ALA E 151 -46.93 40.45 -5.65
C ALA E 151 -47.88 41.34 -6.44
N LEU E 152 -49.10 40.86 -6.69
CA LEU E 152 -50.06 41.71 -7.39
C LEU E 152 -50.56 42.87 -6.55
N SER E 153 -50.51 42.78 -5.23
CA SER E 153 -50.96 43.90 -4.44
C SER E 153 -49.95 45.03 -4.50
N GLU E 154 -48.67 44.69 -4.43
CA GLU E 154 -47.66 45.72 -4.51
C GLU E 154 -47.65 46.35 -5.89
N ILE E 155 -47.84 45.56 -6.94
CA ILE E 155 -47.91 46.18 -8.27
C ILE E 155 -49.05 47.17 -8.35
N LYS E 156 -50.21 46.79 -7.82
CA LYS E 156 -51.35 47.71 -7.80
C LYS E 156 -51.02 49.03 -7.13
N SER E 157 -50.57 48.97 -5.87
CA SER E 157 -50.32 50.21 -5.16
C SER E 157 -49.18 51.03 -5.77
N ALA E 158 -48.15 50.40 -6.33
CA ALA E 158 -47.10 51.19 -6.95
C ALA E 158 -47.62 51.94 -8.17
N PHE E 159 -48.44 51.29 -8.99
CA PHE E 159 -49.05 51.98 -10.11
C PHE E 159 -49.91 53.13 -9.65
N LYS E 160 -50.69 52.91 -8.61
CA LYS E 160 -51.53 53.96 -8.05
C LYS E 160 -50.70 55.17 -7.66
N ILE E 161 -49.62 54.97 -6.91
CA ILE E 161 -48.77 56.10 -6.53
C ILE E 161 -48.22 56.78 -7.78
N GLY E 162 -47.73 56.00 -8.74
CA GLY E 162 -47.17 56.59 -9.94
C GLY E 162 -48.13 57.46 -10.72
N PHE E 163 -49.41 57.12 -10.71
CA PHE E 163 -50.41 57.93 -11.40
C PHE E 163 -50.43 59.37 -10.88
N TYR E 164 -50.58 59.55 -9.58
CA TYR E 164 -50.63 60.88 -9.01
C TYR E 164 -49.49 61.78 -9.48
N LEU E 165 -48.27 61.26 -9.54
CA LEU E 165 -47.14 62.10 -9.91
C LEU E 165 -47.22 62.67 -11.32
N TYR E 166 -47.96 62.07 -12.24
CA TYR E 166 -47.99 62.63 -13.58
C TYR E 166 -48.69 63.98 -13.64
N LEU E 167 -49.71 64.19 -12.82
CA LEU E 167 -50.70 65.20 -13.14
C LEU E 167 -50.13 66.61 -13.32
N PRO E 168 -49.15 67.05 -12.55
CA PRO E 168 -48.53 68.35 -12.84
C PRO E 168 -47.88 68.44 -14.19
N PHE E 169 -47.09 67.44 -14.57
CA PHE E 169 -46.43 67.47 -15.86
C PHE E 169 -47.43 67.41 -17.00
N VAL E 170 -48.52 66.67 -16.83
CA VAL E 170 -49.58 66.67 -17.82
C VAL E 170 -50.11 68.08 -18.03
N VAL E 171 -50.35 68.80 -16.93
CA VAL E 171 -50.76 70.19 -17.04
C VAL E 171 -49.75 71.00 -17.84
N VAL E 172 -48.49 70.94 -17.44
CA VAL E 172 -47.43 71.66 -18.16
C VAL E 172 -47.49 71.43 -19.67
N ASP E 173 -47.59 70.18 -20.07
CA ASP E 173 -47.61 69.85 -21.50
C ASP E 173 -48.81 70.43 -22.22
N LEU E 174 -50.01 70.26 -21.67
CA LEU E 174 -51.17 70.80 -22.38
C LEU E 174 -51.15 72.32 -22.44
N VAL E 175 -50.65 72.97 -21.40
CA VAL E 175 -50.56 74.43 -21.44
C VAL E 175 -49.63 74.90 -22.55
N VAL E 176 -48.39 74.41 -22.54
CA VAL E 176 -47.44 74.78 -23.60
C VAL E 176 -48.03 74.57 -24.99
N SER E 177 -48.66 73.41 -25.22
CA SER E 177 -49.25 73.18 -26.53
C SER E 177 -50.32 74.19 -26.89
N SER E 178 -51.08 74.64 -25.90
CA SER E 178 -52.13 75.62 -26.21
C SER E 178 -51.54 76.98 -26.54
N VAL E 179 -50.55 77.43 -25.80
CA VAL E 179 -49.99 78.74 -26.13
C VAL E 179 -49.28 78.73 -27.49
N LEU E 180 -48.64 77.62 -27.85
CA LEU E 180 -48.05 77.59 -29.19
C LEU E 180 -49.11 77.65 -30.27
N LEU E 181 -50.21 76.92 -30.11
CA LEU E 181 -51.24 77.02 -31.12
C LEU E 181 -51.83 78.43 -31.15
N ALA E 182 -51.96 79.06 -29.98
CA ALA E 182 -52.44 80.44 -29.97
C ALA E 182 -51.54 81.35 -30.78
N LEU E 183 -50.25 81.05 -30.87
CA LEU E 183 -49.39 81.85 -31.75
C LEU E 183 -49.33 81.32 -33.18
N GLY E 184 -49.93 80.17 -33.45
CA GLY E 184 -49.89 79.60 -34.78
C GLY E 184 -48.63 78.88 -35.17
N MET E 185 -47.70 78.64 -34.25
CA MET E 185 -46.46 77.95 -34.57
C MET E 185 -46.71 76.44 -34.57
N MET E 186 -47.59 76.03 -35.47
CA MET E 186 -47.96 74.62 -35.57
C MET E 186 -46.78 73.70 -35.83
N MET E 187 -45.70 74.19 -36.42
CA MET E 187 -44.58 73.33 -36.74
C MET E 187 -43.57 73.15 -35.62
N MET E 188 -43.79 73.74 -34.45
CA MET E 188 -42.86 73.60 -33.33
C MET E 188 -43.20 72.37 -32.50
N SER E 189 -42.24 71.48 -32.34
CA SER E 189 -42.40 70.35 -31.43
C SER E 189 -42.40 70.81 -29.98
N PRO E 190 -43.50 70.65 -29.25
CA PRO E 190 -43.53 71.17 -27.88
C PRO E 190 -42.48 70.59 -26.96
N VAL E 191 -42.10 69.34 -27.17
CA VAL E 191 -41.25 68.64 -26.21
C VAL E 191 -39.96 69.39 -25.93
N THR E 192 -39.44 70.12 -26.92
CA THR E 192 -38.22 70.88 -26.71
C THR E 192 -38.40 71.94 -25.65
N ILE E 193 -39.56 72.57 -25.63
CA ILE E 193 -39.81 73.64 -24.68
C ILE E 193 -40.24 73.07 -23.34
N SER E 194 -41.09 72.05 -23.36
CA SER E 194 -41.67 71.54 -22.13
C SER E 194 -40.71 70.72 -21.29
N THR E 195 -39.68 70.10 -21.85
CA THR E 195 -38.75 69.34 -21.02
C THR E 195 -38.08 70.14 -19.90
N PRO E 196 -37.46 71.28 -20.15
CA PRO E 196 -36.85 72.03 -19.04
C PRO E 196 -37.85 72.54 -18.02
N ILE E 197 -39.08 72.80 -18.40
CA ILE E 197 -40.03 73.28 -17.42
C ILE E 197 -40.36 72.16 -16.44
N LYS E 198 -40.41 70.93 -16.94
CA LYS E 198 -40.62 69.78 -16.08
C LYS E 198 -39.45 69.62 -15.12
N LEU E 199 -38.23 69.70 -15.64
CA LEU E 199 -37.08 69.53 -14.77
C LEU E 199 -37.08 70.57 -13.65
N VAL E 200 -37.28 71.84 -13.98
CA VAL E 200 -37.23 72.84 -12.92
C VAL E 200 -38.39 72.71 -11.96
N LEU E 201 -39.55 72.25 -12.42
CA LEU E 201 -40.66 71.99 -11.52
C LEU E 201 -40.33 70.92 -10.50
N PHE E 202 -39.80 69.81 -10.97
CA PHE E 202 -39.45 68.73 -10.05
C PHE E 202 -38.37 69.16 -9.06
N VAL E 203 -37.37 69.89 -9.54
CA VAL E 203 -36.33 70.34 -8.63
C VAL E 203 -36.89 71.29 -7.57
N ALA E 204 -37.80 72.18 -7.96
CA ALA E 204 -38.41 73.08 -6.98
C ALA E 204 -39.24 72.32 -5.96
N LEU E 205 -39.91 71.26 -6.38
CA LEU E 205 -40.63 70.44 -5.39
C LEU E 205 -39.68 69.71 -4.45
N ASP E 206 -38.51 69.33 -4.93
CA ASP E 206 -37.62 68.48 -4.15
C ASP E 206 -38.18 67.06 -4.05
N GLY E 207 -38.72 66.60 -5.16
CA GLY E 207 -39.42 65.34 -5.25
C GLY E 207 -38.80 64.16 -4.53
N TRP E 208 -37.52 63.90 -4.76
CA TRP E 208 -36.90 62.73 -4.15
C TRP E 208 -36.91 62.75 -2.63
N THR E 209 -36.86 63.92 -1.99
CA THR E 209 -36.96 63.92 -0.53
C THR E 209 -38.34 63.48 -0.07
N LEU E 210 -39.36 64.22 -0.48
CA LEU E 210 -40.73 63.88 -0.12
C LEU E 210 -41.04 62.42 -0.39
N LEU E 211 -40.72 61.98 -1.60
CA LEU E 211 -41.06 60.64 -2.03
C LEU E 211 -40.34 59.58 -1.23
N SER E 212 -39.03 59.72 -1.01
CA SER E 212 -38.36 58.66 -0.27
C SER E 212 -38.77 58.64 1.19
N LYS E 213 -39.09 59.80 1.76
CA LYS E 213 -39.66 59.81 3.12
C LYS E 213 -40.96 59.02 3.19
N GLY E 214 -41.94 59.42 2.39
CA GLY E 214 -43.23 58.77 2.47
C GLY E 214 -43.18 57.29 2.17
N LEU E 215 -42.35 56.89 1.22
CA LEU E 215 -42.31 55.46 0.89
C LEU E 215 -41.85 54.64 2.08
N ILE E 216 -40.98 55.18 2.92
CA ILE E 216 -40.56 54.42 4.08
C ILE E 216 -41.58 54.50 5.19
N LEU E 217 -42.13 55.69 5.44
CA LEU E 217 -43.13 55.80 6.49
C LEU E 217 -44.35 54.93 6.25
N GLN E 218 -44.63 54.54 5.01
CA GLN E 218 -45.74 53.61 4.84
C GLN E 218 -45.50 52.26 5.49
N TYR E 219 -44.26 51.87 5.77
CA TYR E 219 -44.00 50.57 6.36
C TYR E 219 -43.72 50.56 7.85
N MET E 220 -43.69 51.70 8.52
CA MET E 220 -43.46 51.67 9.95
C MET E 220 -44.18 52.84 10.60
N ASP E 221 -44.74 52.59 11.77
CA ASP E 221 -45.48 53.60 12.50
C ASP E 221 -44.52 54.52 13.25
N MET F 1 -41.82 5.12 -2.06
CA MET F 1 -41.05 5.02 -3.33
C MET F 1 -40.13 6.22 -3.41
N PHE F 2 -38.83 5.96 -3.58
CA PHE F 2 -37.80 6.91 -3.16
C PHE F 2 -37.78 8.16 -4.03
N TYR F 3 -37.78 7.99 -5.36
CA TYR F 3 -37.69 9.09 -6.32
C TYR F 3 -38.96 9.88 -6.53
N ALA F 4 -40.04 9.57 -5.82
CA ALA F 4 -41.31 10.20 -6.11
C ALA F 4 -41.32 11.70 -5.88
N LEU F 5 -40.60 12.20 -4.87
CA LEU F 5 -40.55 13.65 -4.70
C LEU F 5 -39.78 14.35 -5.82
N TYR F 6 -38.71 13.74 -6.30
CA TYR F 6 -37.97 14.31 -7.42
C TYR F 6 -38.85 14.42 -8.65
N PHE F 7 -39.52 13.33 -9.02
CA PHE F 7 -40.44 13.44 -10.14
C PHE F 7 -41.55 14.44 -9.87
N GLU F 8 -42.03 14.53 -8.63
CA GLU F 8 -43.10 15.48 -8.36
C GLU F 8 -42.66 16.92 -8.51
N ILE F 9 -41.39 17.23 -8.32
CA ILE F 9 -40.94 18.59 -8.63
C ILE F 9 -40.82 18.82 -10.13
N HIS F 10 -40.41 17.81 -10.86
CA HIS F 10 -40.35 18.02 -12.30
C HIS F 10 -41.73 18.15 -12.94
N HIS F 11 -42.74 17.46 -12.43
CA HIS F 11 -44.08 17.68 -12.96
C HIS F 11 -44.53 19.11 -12.74
N LEU F 12 -44.12 19.70 -11.63
CA LEU F 12 -44.46 21.08 -11.33
C LEU F 12 -43.85 22.03 -12.34
N VAL F 13 -42.55 21.90 -12.59
CA VAL F 13 -41.96 22.86 -13.51
C VAL F 13 -42.44 22.66 -14.95
N ALA F 14 -42.75 21.43 -15.36
CA ALA F 14 -43.32 21.27 -16.70
C ALA F 14 -44.70 21.92 -16.81
N SER F 15 -45.49 21.89 -15.75
CA SER F 15 -46.79 22.56 -15.81
C SER F 15 -46.64 24.06 -15.84
N ALA F 16 -45.73 24.61 -15.03
CA ALA F 16 -45.53 26.05 -15.04
C ALA F 16 -45.04 26.50 -16.41
N ALA F 17 -44.12 25.77 -17.00
CA ALA F 17 -43.62 26.17 -18.31
C ALA F 17 -44.74 26.21 -19.33
N LEU F 18 -45.61 25.20 -19.36
CA LEU F 18 -46.70 25.30 -20.34
C LEU F 18 -47.75 26.35 -19.98
N GLY F 19 -47.80 26.81 -18.73
CA GLY F 19 -48.71 27.90 -18.40
C GLY F 19 -48.20 29.27 -18.79
N PHE F 20 -46.89 29.46 -18.75
CA PHE F 20 -46.29 30.73 -19.15
C PHE F 20 -46.71 31.14 -20.57
N ALA F 21 -46.79 30.17 -21.48
CA ALA F 21 -47.20 30.45 -22.85
C ALA F 21 -48.55 31.14 -22.94
N ARG F 22 -49.43 30.94 -21.98
CA ARG F 22 -50.77 31.51 -22.02
C ARG F 22 -50.91 32.73 -21.14
N VAL F 23 -50.11 32.86 -20.11
CA VAL F 23 -50.20 34.03 -19.23
C VAL F 23 -49.36 35.20 -19.72
N ALA F 24 -48.16 35.00 -20.25
CA ALA F 24 -47.32 36.13 -20.62
C ALA F 24 -47.90 37.13 -21.63
N PRO F 25 -48.58 36.72 -22.70
CA PRO F 25 -49.17 37.73 -23.60
C PRO F 25 -50.08 38.71 -22.91
N ILE F 26 -50.86 38.30 -21.93
CA ILE F 26 -51.67 39.26 -21.18
C ILE F 26 -50.78 40.34 -20.57
N PHE F 27 -49.70 39.92 -19.93
CA PHE F 27 -48.74 40.89 -19.38
C PHE F 27 -48.16 41.78 -20.44
N PHE F 28 -48.21 41.38 -21.71
CA PHE F 28 -47.74 42.29 -22.75
C PHE F 28 -48.72 43.41 -23.07
N PHE F 29 -50.02 43.14 -23.13
CA PHE F 29 -51.01 44.14 -23.51
C PHE F 29 -51.40 45.16 -22.44
N LEU F 30 -51.71 44.73 -21.23
CA LEU F 30 -52.23 45.65 -20.21
C LEU F 30 -51.26 46.77 -19.85
N PRO F 31 -51.75 47.99 -19.67
CA PRO F 31 -50.90 49.17 -19.49
C PRO F 31 -50.15 49.24 -18.17
N PHE F 32 -50.55 48.49 -17.15
CA PHE F 32 -49.82 48.46 -15.90
C PHE F 32 -48.93 47.24 -15.73
N LEU F 33 -48.84 46.38 -16.73
CA LEU F 33 -48.01 45.19 -16.68
C LEU F 33 -46.90 45.17 -17.71
N ASN F 34 -47.02 45.94 -18.79
CA ASN F 34 -46.02 45.87 -19.84
C ASN F 34 -44.65 46.31 -19.34
N SER F 35 -43.63 45.95 -20.12
CA SER F 35 -42.23 46.15 -19.75
C SER F 35 -41.80 47.60 -19.75
N GLY F 36 -42.69 48.53 -20.08
CA GLY F 36 -42.43 49.92 -19.76
C GLY F 36 -42.48 50.22 -18.29
N VAL F 37 -42.99 49.29 -17.49
CA VAL F 37 -43.18 49.47 -16.06
C VAL F 37 -42.49 48.38 -15.27
N LEU F 38 -42.85 47.14 -15.51
CA LEU F 38 -42.35 46.00 -14.77
C LEU F 38 -41.31 45.27 -15.60
N SER F 39 -40.05 45.38 -15.19
CA SER F 39 -38.94 44.87 -15.99
C SER F 39 -37.85 44.36 -15.07
N GLY F 40 -36.95 43.59 -15.64
CA GLY F 40 -35.88 42.97 -14.89
C GLY F 40 -36.34 41.72 -14.16
N ALA F 41 -35.55 41.32 -13.19
CA ALA F 41 -35.71 40.06 -12.50
C ALA F 41 -37.09 39.79 -11.90
N PRO F 42 -37.81 40.79 -11.43
CA PRO F 42 -39.19 40.54 -10.98
C PRO F 42 -40.10 39.95 -12.02
N ARG F 43 -39.92 40.28 -13.29
CA ARG F 43 -40.95 40.02 -14.29
C ARG F 43 -41.28 38.53 -14.41
N ASN F 44 -40.28 37.70 -14.67
CA ASN F 44 -40.51 36.25 -14.78
C ASN F 44 -40.98 35.66 -13.46
N ALA F 45 -40.33 36.04 -12.37
CA ALA F 45 -40.72 35.49 -11.07
C ALA F 45 -42.20 35.71 -10.81
N ILE F 46 -42.74 36.87 -11.16
CA ILE F 46 -44.16 37.10 -10.92
C ILE F 46 -45.04 36.35 -11.91
N ILE F 47 -44.73 36.42 -13.20
CA ILE F 47 -45.55 35.68 -14.16
C ILE F 47 -45.67 34.19 -13.80
N ILE F 48 -44.55 33.55 -13.48
CA ILE F 48 -44.60 32.14 -13.12
C ILE F 48 -45.47 31.88 -11.91
N LEU F 49 -45.34 32.71 -10.87
CA LEU F 49 -46.15 32.52 -9.68
C LEU F 49 -47.63 32.62 -9.97
N VAL F 50 -48.03 33.58 -10.80
CA VAL F 50 -49.43 33.67 -11.17
C VAL F 50 -49.89 32.42 -11.91
N ALA F 51 -49.16 32.03 -12.96
CA ALA F 51 -49.51 30.81 -13.68
C ALA F 51 -49.69 29.61 -12.77
N LEU F 52 -48.81 29.43 -11.79
CA LEU F 52 -49.03 28.36 -10.83
C LEU F 52 -50.24 28.61 -9.95
N GLY F 53 -50.55 29.86 -9.63
CA GLY F 53 -51.75 30.14 -8.88
C GLY F 53 -53.04 29.80 -9.58
N VAL F 54 -53.03 29.69 -10.90
CA VAL F 54 -54.28 29.44 -11.63
C VAL F 54 -54.31 28.13 -12.38
N TRP F 55 -53.23 27.39 -12.47
CA TRP F 55 -53.28 26.12 -13.17
C TRP F 55 -54.37 25.23 -12.56
N PRO F 56 -55.15 24.54 -13.39
CA PRO F 56 -56.41 23.92 -12.91
C PRO F 56 -56.26 22.55 -12.26
N HIS F 57 -55.16 21.84 -12.44
CA HIS F 57 -55.02 20.44 -12.03
C HIS F 57 -54.03 20.32 -10.89
N ALA F 58 -54.19 19.27 -10.10
CA ALA F 58 -53.26 19.04 -9.01
C ALA F 58 -51.84 18.97 -9.56
N LEU F 59 -50.95 19.75 -8.95
CA LEU F 59 -49.60 19.96 -9.45
C LEU F 59 -48.72 18.75 -9.32
N ASN F 60 -49.13 17.73 -8.57
CA ASN F 60 -48.25 16.63 -8.22
C ASN F 60 -48.49 15.37 -9.04
N GLU F 61 -49.26 15.45 -10.11
CA GLU F 61 -49.46 14.28 -10.96
C GLU F 61 -49.12 14.59 -12.40
N ALA F 62 -48.67 13.54 -13.09
CA ALA F 62 -47.89 13.72 -14.31
C ALA F 62 -48.65 14.57 -15.32
N PRO F 63 -47.99 15.46 -16.05
CA PRO F 63 -48.69 16.31 -17.00
C PRO F 63 -49.21 15.47 -18.15
N PRO F 64 -50.41 15.75 -18.65
CA PRO F 64 -51.01 14.87 -19.67
C PRO F 64 -50.44 15.02 -21.07
N PHE F 65 -49.64 16.03 -21.35
CA PHE F 65 -49.23 16.35 -22.71
C PHE F 65 -47.95 15.68 -23.17
N LEU F 66 -47.36 14.79 -22.38
CA LEU F 66 -46.06 14.23 -22.74
C LEU F 66 -46.05 13.51 -24.08
N SER F 67 -47.20 13.09 -24.57
CA SER F 67 -47.31 12.31 -25.81
C SER F 67 -47.55 13.14 -27.08
N VAL F 68 -47.40 14.45 -27.05
CA VAL F 68 -47.88 15.30 -28.13
C VAL F 68 -46.77 16.17 -28.69
N ALA F 69 -46.89 16.50 -29.98
CA ALA F 69 -45.94 17.37 -30.66
C ALA F 69 -46.01 18.75 -30.04
N MET F 70 -44.87 19.24 -29.57
CA MET F 70 -44.82 20.45 -28.75
C MET F 70 -45.13 21.74 -29.49
N ILE F 71 -44.62 21.94 -30.70
CA ILE F 71 -44.87 23.21 -31.38
C ILE F 71 -46.33 23.55 -31.69
N PRO F 72 -47.08 22.70 -32.38
CA PRO F 72 -48.51 23.00 -32.55
C PRO F 72 -49.20 23.38 -31.27
N LEU F 73 -48.81 22.74 -30.18
CA LEU F 73 -49.41 23.02 -28.88
C LEU F 73 -49.03 24.40 -28.37
N VAL F 74 -47.75 24.73 -28.40
CA VAL F 74 -47.32 26.04 -27.91
C VAL F 74 -47.95 27.16 -28.72
N LEU F 75 -48.00 27.02 -30.04
CA LEU F 75 -48.65 28.06 -30.85
C LEU F 75 -50.13 28.17 -30.52
N GLN F 76 -50.82 27.06 -30.36
CA GLN F 76 -52.22 27.10 -29.93
C GLN F 76 -52.39 27.93 -28.66
N GLU F 77 -51.60 27.63 -27.64
CA GLU F 77 -51.74 28.36 -26.38
C GLU F 77 -51.41 29.84 -26.54
N ALA F 78 -50.35 30.18 -27.27
CA ALA F 78 -50.04 31.59 -27.47
C ALA F 78 -51.16 32.34 -28.19
N ALA F 79 -51.80 31.72 -29.19
CA ALA F 79 -52.93 32.36 -29.85
C ALA F 79 -54.07 32.63 -28.88
N VAL F 80 -54.38 31.65 -28.03
CA VAL F 80 -55.42 31.86 -27.02
C VAL F 80 -55.08 33.02 -26.11
N GLY F 81 -53.84 33.06 -25.64
CA GLY F 81 -53.40 34.18 -24.82
C GLY F 81 -53.51 35.54 -25.49
N VAL F 82 -53.20 35.63 -26.78
CA VAL F 82 -53.40 36.88 -27.51
C VAL F 82 -54.87 37.28 -27.56
N MET F 83 -55.76 36.33 -27.78
CA MET F 83 -57.18 36.66 -27.78
C MET F 83 -57.65 37.19 -26.43
N LEU F 84 -57.23 36.53 -25.34
CA LEU F 84 -57.59 37.05 -24.02
C LEU F 84 -56.99 38.42 -23.75
N GLY F 85 -55.75 38.65 -24.17
CA GLY F 85 -55.17 39.97 -24.01
C GLY F 85 -55.97 41.06 -24.68
N CYS F 86 -56.49 40.80 -25.88
CA CYS F 86 -57.35 41.78 -26.54
C CYS F 86 -58.64 42.03 -25.76
N LEU F 87 -59.32 40.96 -25.37
CA LEU F 87 -60.60 41.16 -24.70
C LEU F 87 -60.43 41.87 -23.37
N LEU F 88 -59.37 41.59 -22.62
CA LEU F 88 -59.16 42.34 -21.38
C LEU F 88 -58.70 43.76 -21.64
N SER F 89 -57.98 44.02 -22.72
CA SER F 89 -57.58 45.38 -23.06
C SER F 89 -58.76 46.27 -23.41
N TRP F 90 -59.89 45.69 -23.79
CA TRP F 90 -60.93 46.46 -24.48
C TRP F 90 -61.33 47.79 -23.85
N PRO F 91 -61.52 47.93 -22.54
CA PRO F 91 -61.85 49.27 -22.02
C PRO F 91 -60.80 50.34 -22.20
N PHE F 92 -59.51 50.00 -22.29
CA PHE F 92 -58.47 51.01 -22.40
C PHE F 92 -58.33 51.56 -23.83
N TRP F 93 -58.40 50.68 -24.82
CA TRP F 93 -58.30 51.12 -26.21
C TRP F 93 -59.39 52.09 -26.61
N VAL F 94 -60.56 52.01 -25.99
CA VAL F 94 -61.60 52.99 -26.29
C VAL F 94 -61.23 54.38 -25.77
N MET F 95 -60.79 54.48 -24.52
CA MET F 95 -60.39 55.78 -24.01
C MET F 95 -59.19 56.35 -24.75
N HIS F 96 -58.26 55.48 -25.17
CA HIS F 96 -57.15 55.95 -25.99
C HIS F 96 -57.62 56.52 -27.32
N ALA F 97 -58.57 55.86 -27.96
CA ALA F 97 -59.11 56.39 -29.21
C ALA F 97 -59.79 57.73 -28.99
N LEU F 98 -60.63 57.81 -27.97
CA LEU F 98 -61.26 59.08 -27.61
C LEU F 98 -60.25 60.22 -27.50
N GLY F 99 -59.19 60.01 -26.73
CA GLY F 99 -58.17 61.03 -26.61
C GLY F 99 -57.50 61.40 -27.91
N CYS F 100 -57.30 60.42 -28.79
CA CYS F 100 -56.71 60.75 -30.08
C CYS F 100 -57.65 61.58 -30.94
N ILE F 101 -58.95 61.32 -30.86
CA ILE F 101 -59.89 62.10 -31.65
C ILE F 101 -59.92 63.54 -31.18
N ILE F 102 -59.96 63.74 -29.87
CA ILE F 102 -59.99 65.11 -29.34
C ILE F 102 -58.73 65.87 -29.75
N ASP F 103 -57.55 65.28 -29.49
CA ASP F 103 -56.32 65.97 -29.85
C ASP F 103 -56.18 66.20 -31.34
N ASN F 104 -56.83 65.39 -32.17
CA ASN F 104 -56.80 65.72 -33.59
C ASN F 104 -57.73 66.86 -33.94
N GLN F 105 -58.93 66.90 -33.37
CA GLN F 105 -59.84 67.99 -33.70
C GLN F 105 -59.31 69.33 -33.25
N ARG F 106 -58.67 69.39 -32.10
CA ARG F 106 -58.20 70.69 -31.63
C ARG F 106 -56.91 71.16 -32.31
N GLY F 107 -56.50 70.55 -33.41
CA GLY F 107 -55.21 70.84 -34.02
C GLY F 107 -54.12 69.88 -33.50
N ALA F 108 -53.09 70.43 -32.88
CA ALA F 108 -52.20 69.64 -32.03
C ALA F 108 -51.59 68.44 -32.74
N THR F 109 -51.61 68.43 -34.07
CA THR F 109 -51.12 67.28 -34.83
C THR F 109 -49.72 66.85 -34.42
N LEU F 110 -48.82 67.79 -34.20
CA LEU F 110 -47.40 67.47 -34.09
C LEU F 110 -47.00 66.90 -32.74
N SER F 111 -47.86 67.01 -31.73
CA SER F 111 -47.47 66.69 -30.36
C SER F 111 -47.10 65.23 -30.13
N SER F 112 -47.51 64.31 -31.00
CA SER F 112 -47.47 62.90 -30.66
C SER F 112 -46.06 62.31 -30.78
N SER F 113 -45.90 61.13 -30.18
CA SER F 113 -44.67 60.36 -30.21
C SER F 113 -44.98 58.88 -30.05
N ILE F 114 -44.11 58.03 -30.62
CA ILE F 114 -44.25 56.58 -30.53
C ILE F 114 -43.74 56.07 -29.20
N ASP F 115 -44.62 55.38 -28.47
CA ASP F 115 -44.26 54.78 -27.18
C ASP F 115 -43.36 53.56 -27.38
N PRO F 116 -42.18 53.51 -26.76
CA PRO F 116 -41.30 52.36 -26.98
C PRO F 116 -41.78 51.07 -26.34
N ALA F 117 -42.58 51.14 -25.29
CA ALA F 117 -43.04 49.92 -24.64
C ALA F 117 -44.02 49.13 -25.51
N ASN F 118 -44.74 49.81 -26.40
CA ASN F 118 -45.77 49.17 -27.20
C ASN F 118 -45.66 49.44 -28.68
N GLY F 119 -44.93 50.47 -29.10
CA GLY F 119 -44.94 50.87 -30.50
C GLY F 119 -46.21 51.51 -30.99
N ILE F 120 -46.79 52.42 -30.22
CA ILE F 120 -48.06 53.06 -30.56
C ILE F 120 -47.86 54.56 -30.48
N ASP F 121 -48.42 55.28 -31.44
CA ASP F 121 -48.26 56.73 -31.53
C ASP F 121 -49.21 57.40 -30.53
N THR F 122 -48.63 58.18 -29.61
CA THR F 122 -49.33 58.60 -28.40
C THR F 122 -49.37 60.12 -28.33
N SER F 123 -50.58 60.66 -28.28
CA SER F 123 -50.79 62.09 -28.15
C SER F 123 -50.65 62.50 -26.69
N GLU F 124 -51.02 63.74 -26.40
CA GLU F 124 -50.91 64.29 -25.05
C GLU F 124 -52.13 63.94 -24.21
N MET F 125 -53.33 64.15 -24.75
CA MET F 125 -54.57 63.74 -24.09
C MET F 125 -54.68 62.24 -23.94
N ALA F 126 -54.36 61.51 -25.00
CA ALA F 126 -54.56 60.06 -25.00
C ALA F 126 -53.83 59.39 -23.86
N ASN F 127 -52.62 59.84 -23.56
CA ASN F 127 -51.87 59.25 -22.47
C ASN F 127 -52.56 59.51 -21.13
N PHE F 128 -53.12 60.69 -20.97
CA PHE F 128 -53.77 61.03 -19.71
C PHE F 128 -55.01 60.16 -19.50
N LEU F 129 -55.92 60.16 -20.47
CA LEU F 129 -57.13 59.37 -20.28
C LEU F 129 -56.83 57.89 -20.17
N ASN F 130 -55.78 57.42 -20.85
CA ASN F 130 -55.40 56.03 -20.75
C ASN F 130 -54.90 55.66 -19.37
N MET F 131 -54.21 56.57 -18.69
CA MET F 131 -53.82 56.29 -17.31
C MET F 131 -55.04 56.32 -16.39
N PHE F 132 -55.85 57.36 -16.53
CA PHE F 132 -56.96 57.59 -15.62
C PHE F 132 -57.92 56.42 -15.62
N ALA F 133 -58.09 55.77 -16.77
CA ALA F 133 -58.94 54.59 -16.83
C ALA F 133 -58.33 53.45 -16.03
N ALA F 134 -57.04 53.20 -16.23
CA ALA F 134 -56.36 52.17 -15.48
C ALA F 134 -56.54 52.31 -13.98
N VAL F 135 -56.28 53.50 -13.43
CA VAL F 135 -56.43 53.66 -11.99
C VAL F 135 -57.86 53.42 -11.52
N VAL F 136 -58.87 53.93 -12.22
CA VAL F 136 -60.22 53.64 -11.72
C VAL F 136 -60.53 52.15 -11.80
N TYR F 137 -60.08 51.48 -12.85
CA TYR F 137 -60.27 50.04 -12.96
C TYR F 137 -59.63 49.29 -11.80
N LEU F 138 -58.36 49.53 -11.54
CA LEU F 138 -57.70 48.92 -10.38
C LEU F 138 -58.43 49.22 -9.08
N GLN F 139 -58.85 50.46 -8.88
CA GLN F 139 -59.54 50.82 -7.66
C GLN F 139 -60.81 50.02 -7.47
N ASN F 140 -61.53 49.76 -8.55
CA ASN F 140 -62.77 49.02 -8.41
C ASN F 140 -62.56 47.53 -8.19
N GLY F 141 -61.31 47.08 -8.08
CA GLY F 141 -60.96 45.68 -7.97
C GLY F 141 -61.04 44.82 -9.19
N GLY F 142 -61.02 45.40 -10.39
CA GLY F 142 -61.00 44.60 -11.60
C GLY F 142 -59.89 43.56 -11.60
N LEU F 143 -58.79 43.86 -10.93
CA LEU F 143 -57.69 42.93 -10.78
C LEU F 143 -58.15 41.53 -10.36
N VAL F 144 -59.19 41.44 -9.55
CA VAL F 144 -59.70 40.11 -9.19
C VAL F 144 -60.38 39.44 -10.38
N THR F 145 -61.18 40.19 -11.12
CA THR F 145 -61.85 39.62 -12.29
C THR F 145 -60.85 39.13 -13.33
N MET F 146 -59.67 39.74 -13.38
CA MET F 146 -58.68 39.30 -14.37
C MET F 146 -58.18 37.88 -14.09
N VAL F 147 -57.76 37.62 -12.86
CA VAL F 147 -57.36 36.26 -12.49
C VAL F 147 -58.55 35.32 -12.60
N ASP F 148 -59.74 35.80 -12.23
CA ASP F 148 -60.93 34.98 -12.35
C ASP F 148 -61.14 34.48 -13.77
N VAL F 149 -61.25 35.40 -14.74
CA VAL F 149 -61.40 35.01 -16.13
C VAL F 149 -60.29 34.08 -16.59
N LEU F 150 -59.07 34.26 -16.10
CA LEU F 150 -58.00 33.31 -16.46
C LEU F 150 -58.32 31.88 -16.00
N ASN F 151 -58.58 31.72 -14.71
CA ASN F 151 -58.95 30.41 -14.17
C ASN F 151 -60.12 29.80 -14.94
N LYS F 152 -61.19 30.56 -15.12
CA LYS F 152 -62.33 30.04 -15.85
C LYS F 152 -61.94 29.64 -17.26
N SER F 153 -61.03 30.37 -17.91
CA SER F 153 -60.60 29.97 -19.23
C SER F 153 -60.00 28.59 -19.23
N TYR F 154 -59.30 28.24 -18.16
CA TYR F 154 -58.81 26.87 -18.10
C TYR F 154 -59.89 25.84 -17.80
N GLN F 155 -60.83 26.17 -16.92
CA GLN F 155 -61.87 25.18 -16.64
C GLN F 155 -62.78 24.96 -17.83
N LEU F 156 -63.22 26.03 -18.49
CA LEU F 156 -64.14 25.92 -19.61
C LEU F 156 -63.50 25.44 -20.91
N CYS F 157 -62.23 25.74 -21.16
CA CYS F 157 -61.60 25.15 -22.33
C CYS F 157 -60.15 24.82 -22.03
N ASP F 158 -59.80 23.57 -22.26
CA ASP F 158 -58.61 22.90 -21.78
C ASP F 158 -57.56 22.75 -22.87
N PRO F 159 -56.29 23.00 -22.56
CA PRO F 159 -55.24 22.84 -23.56
C PRO F 159 -55.32 21.54 -24.33
N MET F 160 -55.68 20.46 -23.67
CA MET F 160 -55.68 19.15 -24.30
C MET F 160 -56.88 18.92 -25.21
N ASN F 161 -57.93 19.72 -25.10
CA ASN F 161 -59.08 19.59 -25.98
C ASN F 161 -59.01 20.51 -27.19
N GLU F 162 -57.86 21.10 -27.47
CA GLU F 162 -57.70 21.96 -28.63
C GLU F 162 -58.69 23.12 -28.64
N CYS F 163 -58.72 23.87 -27.55
CA CYS F 163 -59.60 25.03 -27.51
C CYS F 163 -59.15 26.09 -28.51
N THR F 164 -60.13 26.78 -29.08
CA THR F 164 -59.92 27.65 -30.23
C THR F 164 -60.84 28.86 -30.12
N PRO F 165 -60.39 30.06 -30.49
CA PRO F 165 -61.32 31.19 -30.58
C PRO F 165 -62.30 31.09 -31.73
N SER F 166 -63.54 31.48 -31.45
CA SER F 166 -64.61 31.48 -32.46
C SER F 166 -64.34 32.51 -33.54
N LEU F 167 -64.47 32.10 -34.80
CA LEU F 167 -64.20 33.01 -35.92
C LEU F 167 -65.28 34.08 -36.13
N PRO F 168 -66.56 33.75 -36.19
CA PRO F 168 -67.58 34.74 -36.51
C PRO F 168 -67.53 35.95 -35.60
N PRO F 169 -67.42 35.77 -34.29
CA PRO F 169 -67.44 36.94 -33.42
C PRO F 169 -66.16 37.74 -33.54
N LEU F 170 -65.05 37.08 -33.75
CA LEU F 170 -63.78 37.79 -33.94
C LEU F 170 -63.86 38.76 -35.10
N LEU F 171 -64.58 38.39 -36.16
CA LEU F 171 -64.70 39.30 -37.30
C LEU F 171 -65.38 40.64 -37.01
N THR F 172 -66.19 40.76 -35.95
CA THR F 172 -66.82 42.04 -35.61
C THR F 172 -65.98 42.95 -34.73
N PHE F 173 -64.91 42.42 -34.13
CA PHE F 173 -64.29 43.04 -32.98
C PHE F 173 -63.83 44.47 -33.25
N ILE F 174 -63.05 44.66 -34.33
CA ILE F 174 -62.51 45.99 -34.62
C ILE F 174 -63.63 47.01 -34.76
N ASN F 175 -64.72 46.62 -35.39
CA ASN F 175 -65.79 47.56 -35.63
C ASN F 175 -66.54 47.89 -34.35
N GLN F 176 -66.66 46.94 -33.43
CA GLN F 176 -67.27 47.29 -32.15
C GLN F 176 -66.42 48.26 -31.36
N VAL F 177 -65.10 48.12 -31.41
CA VAL F 177 -64.25 49.08 -30.72
C VAL F 177 -64.38 50.47 -31.33
N ALA F 178 -64.34 50.56 -32.66
CA ALA F 178 -64.47 51.87 -33.27
C ALA F 178 -65.83 52.50 -32.98
N GLN F 179 -66.90 51.71 -33.07
CA GLN F 179 -68.21 52.21 -32.73
C GLN F 179 -68.26 52.82 -31.35
N ASN F 180 -67.89 52.05 -30.33
CA ASN F 180 -67.89 52.58 -28.97
C ASN F 180 -67.13 53.90 -28.85
N ALA F 181 -65.96 53.98 -29.47
CA ALA F 181 -65.20 55.22 -29.38
C ALA F 181 -65.92 56.40 -30.00
N LEU F 182 -66.38 56.26 -31.24
CA LEU F 182 -67.15 57.33 -31.87
C LEU F 182 -68.36 57.76 -31.05
N VAL F 183 -69.20 56.79 -30.70
CA VAL F 183 -70.39 57.09 -29.89
C VAL F 183 -70.03 57.91 -28.68
N LEU F 184 -68.86 57.68 -28.11
CA LEU F 184 -68.50 58.41 -26.90
C LEU F 184 -67.89 59.78 -27.18
N ALA F 185 -67.08 59.91 -28.23
CA ALA F 185 -66.45 61.19 -28.60
C ALA F 185 -67.41 62.21 -29.22
N SER F 186 -68.44 61.77 -29.93
CA SER F 186 -69.37 62.64 -30.65
C SER F 186 -69.74 64.00 -30.05
N PRO F 187 -70.23 64.07 -28.82
CA PRO F 187 -70.56 65.39 -28.24
C PRO F 187 -69.51 66.49 -28.38
N VAL F 188 -68.22 66.18 -28.36
CA VAL F 188 -67.21 67.23 -28.53
C VAL F 188 -67.03 67.60 -29.99
N VAL F 189 -67.04 66.61 -30.88
CA VAL F 189 -66.88 66.90 -32.30
C VAL F 189 -67.99 67.83 -32.77
N LEU F 190 -69.21 67.60 -32.29
CA LEU F 190 -70.32 68.43 -32.76
C LEU F 190 -70.11 69.89 -32.41
N VAL F 191 -69.89 70.19 -31.14
CA VAL F 191 -69.70 71.57 -30.73
C VAL F 191 -68.53 72.22 -31.47
N LEU F 192 -67.43 71.49 -31.68
CA LEU F 192 -66.34 72.16 -32.38
C LEU F 192 -66.64 72.41 -33.85
N LEU F 193 -67.53 71.61 -34.45
CA LEU F 193 -67.93 71.89 -35.83
C LEU F 193 -68.82 73.13 -35.88
N LEU F 194 -69.85 73.15 -35.04
CA LEU F 194 -70.71 74.33 -34.97
C LEU F 194 -69.89 75.59 -34.74
N SER F 195 -68.90 75.53 -33.85
CA SER F 195 -68.04 76.68 -33.62
C SER F 195 -67.37 77.17 -34.89
N GLU F 196 -66.73 76.25 -35.62
CA GLU F 196 -66.02 76.70 -36.82
C GLU F 196 -66.96 77.21 -37.92
N VAL F 197 -68.14 76.60 -38.10
CA VAL F 197 -69.07 77.15 -39.07
C VAL F 197 -69.58 78.52 -38.64
N PHE F 198 -69.87 78.69 -37.35
CA PHE F 198 -70.28 79.99 -36.84
C PHE F 198 -69.28 81.08 -37.19
N LEU F 199 -67.99 80.80 -36.95
CA LEU F 199 -66.96 81.77 -37.33
C LEU F 199 -66.91 82.01 -38.83
N GLY F 200 -67.02 80.96 -39.64
CA GLY F 200 -67.06 81.16 -41.08
C GLY F 200 -68.22 82.02 -41.55
N LEU F 201 -69.41 81.79 -41.00
CA LEU F 201 -70.55 82.67 -41.27
C LEU F 201 -70.25 84.12 -40.89
N LEU F 202 -69.72 84.32 -39.68
CA LEU F 202 -69.39 85.68 -39.26
C LEU F 202 -68.42 86.34 -40.21
N SER F 203 -67.50 85.58 -40.79
CA SER F 203 -66.50 86.16 -41.68
C SER F 203 -67.09 86.86 -42.89
N ARG F 204 -68.32 86.49 -43.28
CA ARG F 204 -68.93 87.08 -44.47
C ARG F 204 -69.01 88.60 -44.40
N PHE F 205 -69.18 89.16 -43.21
CA PHE F 205 -69.29 90.60 -43.03
C PHE F 205 -67.95 91.31 -42.92
N ALA F 206 -66.84 90.59 -42.85
CA ALA F 206 -65.51 91.19 -42.65
C ALA F 206 -64.48 90.31 -43.30
N PRO F 207 -64.43 90.29 -44.63
CA PRO F 207 -63.73 89.21 -45.34
C PRO F 207 -62.23 89.21 -45.10
N GLN F 208 -61.66 90.27 -44.53
CA GLN F 208 -60.26 90.25 -44.15
C GLN F 208 -59.99 89.52 -42.85
N MET F 209 -61.02 89.19 -42.08
CA MET F 209 -60.81 88.47 -40.84
C MET F 209 -60.36 87.06 -41.12
N ASN F 210 -59.24 86.63 -40.53
CA ASN F 210 -58.79 85.26 -40.68
C ASN F 210 -59.54 84.37 -39.71
N ALA F 211 -60.71 83.91 -40.16
CA ALA F 211 -61.54 83.07 -39.32
C ALA F 211 -60.86 81.75 -39.03
N PHE F 212 -59.95 81.30 -39.88
CA PHE F 212 -59.24 80.08 -39.57
C PHE F 212 -58.33 80.30 -38.37
N ALA F 213 -57.49 81.32 -38.44
CA ALA F 213 -56.53 81.53 -37.35
C ALA F 213 -57.24 81.78 -36.03
N ILE F 214 -58.40 82.43 -36.04
CA ILE F 214 -59.14 82.63 -34.79
C ILE F 214 -59.54 81.30 -34.15
N SER F 215 -59.98 80.35 -34.97
CA SER F 215 -60.46 79.07 -34.47
C SER F 215 -59.37 78.31 -33.74
N LEU F 216 -58.13 78.40 -34.21
CA LEU F 216 -57.05 77.74 -33.49
C LEU F 216 -56.84 78.33 -32.11
N THR F 217 -57.06 79.63 -31.94
CA THR F 217 -56.94 80.19 -30.61
C THR F 217 -58.06 79.71 -29.70
N VAL F 218 -59.22 79.43 -30.26
CA VAL F 218 -60.42 79.18 -29.45
C VAL F 218 -60.61 77.71 -29.11
N LYS F 219 -60.47 76.82 -30.09
CA LYS F 219 -60.94 75.45 -29.96
C LYS F 219 -60.32 74.66 -28.82
N SER F 220 -59.06 74.90 -28.45
CA SER F 220 -58.51 74.12 -27.35
C SER F 220 -59.19 74.45 -26.02
N GLY F 221 -59.44 75.73 -25.77
CA GLY F 221 -60.19 76.11 -24.60
C GLY F 221 -61.61 75.55 -24.59
N ILE F 222 -62.30 75.64 -25.73
CA ILE F 222 -63.62 75.03 -25.82
C ILE F 222 -63.58 73.53 -25.50
N ALA F 223 -62.65 72.81 -26.10
CA ALA F 223 -62.53 71.37 -25.85
C ALA F 223 -62.40 71.05 -24.37
N VAL F 224 -61.43 71.68 -23.69
CA VAL F 224 -61.25 71.38 -22.27
C VAL F 224 -62.46 71.82 -21.45
N LEU F 225 -63.07 72.94 -21.81
CA LEU F 225 -64.25 73.39 -21.08
C LEU F 225 -65.37 72.38 -21.15
N ILE F 226 -65.66 71.87 -22.34
CA ILE F 226 -66.78 70.96 -22.46
C ILE F 226 -66.46 69.62 -21.81
N MET F 227 -65.27 69.10 -22.01
CA MET F 227 -64.97 67.81 -21.40
C MET F 227 -64.99 67.87 -19.88
N LEU F 228 -64.61 69.01 -19.31
CA LEU F 228 -64.72 69.18 -17.86
C LEU F 228 -66.14 68.99 -17.35
N LEU F 229 -67.16 69.33 -18.13
CA LEU F 229 -68.54 69.14 -17.67
C LEU F 229 -68.93 67.67 -17.70
N TYR F 230 -68.71 66.99 -18.82
CA TYR F 230 -69.05 65.58 -18.97
C TYR F 230 -67.97 64.65 -18.46
N PHE F 231 -67.15 65.09 -17.50
CA PHE F 231 -66.01 64.32 -17.04
C PHE F 231 -66.41 63.27 -15.99
N SER F 232 -67.28 63.61 -15.06
CA SER F 232 -67.59 62.72 -13.94
C SER F 232 -68.24 61.39 -14.34
N PRO F 233 -69.18 61.34 -15.30
CA PRO F 233 -69.66 60.04 -15.78
C PRO F 233 -68.58 59.11 -16.30
N VAL F 234 -67.39 59.61 -16.62
CA VAL F 234 -66.35 58.74 -17.14
C VAL F 234 -66.02 57.63 -16.17
N LEU F 235 -66.11 57.90 -14.87
CA LEU F 235 -65.80 56.85 -13.90
C LEU F 235 -66.74 55.66 -13.99
N PRO F 236 -68.06 55.82 -13.94
CA PRO F 236 -68.94 54.66 -14.10
C PRO F 236 -69.00 54.10 -15.50
N ASP F 237 -68.92 54.95 -16.51
CA ASP F 237 -69.07 54.48 -17.87
C ASP F 237 -68.11 53.33 -18.17
N ASN F 238 -66.83 53.51 -17.87
CA ASN F 238 -65.85 52.48 -18.21
C ASN F 238 -65.86 51.34 -17.20
N VAL F 239 -65.90 51.67 -15.92
CA VAL F 239 -65.58 50.68 -14.88
C VAL F 239 -66.44 49.44 -15.02
N LEU F 240 -67.71 49.62 -15.32
CA LEU F 240 -68.59 48.47 -15.42
C LEU F 240 -69.02 48.16 -16.84
N ARG F 241 -69.46 49.14 -17.60
CA ARG F 241 -70.14 48.79 -18.82
C ARG F 241 -69.19 48.24 -19.87
N LEU F 242 -67.93 48.64 -19.84
CA LEU F 242 -66.97 48.19 -20.83
C LEU F 242 -66.11 47.02 -20.38
N SER F 243 -65.91 46.84 -19.08
CA SER F 243 -65.09 45.74 -18.61
C SER F 243 -65.64 44.40 -19.06
N PHE F 244 -64.75 43.54 -19.56
CA PHE F 244 -65.06 42.15 -19.86
C PHE F 244 -65.49 41.40 -18.61
N GLN F 245 -66.18 40.27 -18.81
CA GLN F 245 -66.66 39.45 -17.70
C GLN F 245 -66.53 37.97 -18.04
N ALA F 246 -66.28 37.18 -17.01
CA ALA F 246 -66.16 35.73 -17.11
C ALA F 246 -67.31 35.04 -17.82
N THR F 247 -68.52 35.59 -17.78
CA THR F 247 -69.63 34.97 -18.48
C THR F 247 -69.47 34.95 -20.00
N GLY F 248 -68.78 35.93 -20.58
CA GLY F 248 -68.61 35.95 -22.03
C GLY F 248 -67.72 34.88 -22.63
N LEU F 249 -66.85 34.25 -21.85
CA LEU F 249 -65.97 33.22 -22.41
C LEU F 249 -66.71 32.19 -23.27
N SER F 250 -67.96 31.89 -22.92
CA SER F 250 -68.72 30.89 -23.64
C SER F 250 -68.86 31.22 -25.12
N SER F 251 -69.03 32.50 -25.45
CA SER F 251 -69.30 32.86 -26.82
C SER F 251 -68.03 33.08 -27.63
N TRP F 252 -66.96 33.56 -27.02
CA TRP F 252 -65.72 33.81 -27.76
C TRP F 252 -64.85 32.57 -27.93
N PHE F 253 -64.99 31.54 -27.09
CA PHE F 253 -64.18 30.33 -27.21
C PHE F 253 -65.01 29.06 -27.17
N TYR F 254 -64.52 28.05 -27.89
CA TYR F 254 -65.16 26.74 -27.91
C TYR F 254 -64.07 25.70 -28.11
N GLU F 255 -64.40 24.44 -27.84
CA GLU F 255 -63.45 23.34 -28.02
C GLU F 255 -63.65 22.62 -29.34
N ARG F 256 -62.56 22.47 -30.09
CA ARG F 256 -62.57 21.80 -31.37
C ARG F 256 -62.31 20.30 -31.24
N GLY F 257 -61.78 19.85 -30.12
CA GLY F 257 -61.54 18.44 -29.91
C GLY F 257 -62.74 17.70 -29.42
N MET G 1 -23.20 60.54 -67.36
CA MET G 1 -23.83 61.86 -67.07
C MET G 1 -25.00 62.08 -68.01
N ASP G 2 -24.73 61.95 -69.30
CA ASP G 2 -25.68 62.43 -70.30
C ASP G 2 -27.02 61.76 -70.15
N ASP G 3 -27.05 60.58 -69.52
CA ASP G 3 -28.33 59.97 -69.21
C ASP G 3 -29.07 60.71 -68.11
N LEU G 4 -28.36 61.14 -67.07
CA LEU G 4 -29.01 61.95 -66.03
C LEU G 4 -29.49 63.27 -66.59
N VAL G 5 -28.70 63.87 -67.48
CA VAL G 5 -29.11 65.13 -68.09
C VAL G 5 -30.36 64.94 -68.93
N PHE G 6 -30.37 63.90 -69.75
CA PHE G 6 -31.54 63.62 -70.55
C PHE G 6 -32.78 63.42 -69.69
N ALA G 7 -32.73 62.50 -68.74
CA ALA G 7 -33.94 62.22 -67.97
C ALA G 7 -34.41 63.43 -67.18
N GLY G 8 -33.52 64.33 -66.78
CA GLY G 8 -33.99 65.52 -66.09
C GLY G 8 -34.67 66.53 -67.00
N ASN G 9 -34.09 66.75 -68.17
CA ASN G 9 -34.77 67.62 -69.13
C ASN G 9 -36.11 67.03 -69.52
N LYS G 10 -36.14 65.75 -69.82
CA LYS G 10 -37.39 65.11 -70.21
C LYS G 10 -38.45 65.23 -69.13
N ALA G 11 -38.06 65.27 -67.86
CA ALA G 11 -39.04 65.47 -66.80
C ALA G 11 -39.62 66.88 -66.83
N LEU G 12 -38.76 67.89 -66.77
CA LEU G 12 -39.25 69.27 -66.86
C LEU G 12 -40.12 69.50 -68.09
N TYR G 13 -39.73 68.92 -69.22
CA TYR G 13 -40.53 69.07 -70.43
C TYR G 13 -41.88 68.40 -70.30
N LEU G 14 -41.93 67.20 -69.74
CA LEU G 14 -43.22 66.53 -69.65
C LEU G 14 -44.16 67.31 -68.76
N VAL G 15 -43.63 67.86 -67.66
CA VAL G 15 -44.47 68.72 -66.82
C VAL G 15 -45.03 69.88 -67.61
N LEU G 16 -44.20 70.53 -68.42
CA LEU G 16 -44.68 71.68 -69.17
C LEU G 16 -45.80 71.33 -70.13
N ILE G 17 -45.69 70.19 -70.80
CA ILE G 17 -46.74 69.85 -71.77
C ILE G 17 -47.98 69.32 -71.08
N LEU G 18 -47.83 68.43 -70.12
CA LEU G 18 -49.01 67.84 -69.51
C LEU G 18 -49.79 68.85 -68.69
N SER G 19 -49.13 69.86 -68.13
CA SER G 19 -49.87 70.94 -67.48
C SER G 19 -50.29 72.03 -68.45
N GLY G 20 -49.87 72.00 -69.71
CA GLY G 20 -50.28 73.02 -70.64
C GLY G 20 -51.76 72.99 -71.03
N TRP G 21 -52.19 71.94 -71.72
CA TRP G 21 -53.53 71.89 -72.29
C TRP G 21 -54.67 72.14 -71.31
N PRO G 22 -54.71 71.55 -70.12
CA PRO G 22 -55.83 71.82 -69.22
C PRO G 22 -56.00 73.29 -68.87
N THR G 23 -54.92 74.02 -68.63
CA THR G 23 -55.06 75.41 -68.20
C THR G 23 -55.35 76.34 -69.37
N ILE G 24 -54.87 76.01 -70.56
CA ILE G 24 -55.28 76.74 -71.75
C ILE G 24 -56.77 76.55 -72.01
N VAL G 25 -57.23 75.31 -72.01
CA VAL G 25 -58.64 75.07 -72.30
C VAL G 25 -59.51 75.73 -71.23
N ALA G 26 -59.14 75.61 -69.96
CA ALA G 26 -59.91 76.29 -68.93
C ALA G 26 -59.91 77.80 -69.11
N THR G 27 -58.80 78.37 -69.59
CA THR G 27 -58.78 79.81 -69.87
C THR G 27 -59.75 80.17 -70.98
N ILE G 28 -59.78 79.37 -72.04
CA ILE G 28 -60.68 79.65 -73.16
C ILE G 28 -62.14 79.55 -72.72
N ILE G 29 -62.49 78.51 -71.98
CA ILE G 29 -63.86 78.39 -71.49
C ILE G 29 -64.22 79.57 -70.60
N GLY G 30 -63.37 79.89 -69.62
CA GLY G 30 -63.69 80.98 -68.71
C GLY G 30 -63.79 82.32 -69.40
N LEU G 31 -62.99 82.53 -70.45
CA LEU G 31 -63.11 83.73 -71.26
C LEU G 31 -64.44 83.77 -72.00
N LEU G 32 -64.75 82.74 -72.78
CA LEU G 32 -65.94 82.84 -73.63
C LEU G 32 -67.20 82.93 -72.79
N VAL G 33 -67.26 82.17 -71.68
CA VAL G 33 -68.40 82.27 -70.78
C VAL G 33 -68.47 83.62 -70.06
N GLY G 34 -67.33 84.25 -69.78
CA GLY G 34 -67.38 85.62 -69.29
C GLY G 34 -67.84 86.63 -70.32
N LEU G 35 -67.42 86.46 -71.56
CA LEU G 35 -67.80 87.40 -72.62
C LEU G 35 -69.28 87.29 -72.98
N PHE G 36 -69.80 86.08 -73.22
CA PHE G 36 -71.16 86.01 -73.71
C PHE G 36 -72.22 86.38 -72.68
N GLN G 37 -71.83 86.66 -71.43
CA GLN G 37 -72.68 87.46 -70.57
C GLN G 37 -73.12 88.74 -71.28
N THR G 38 -72.32 89.19 -72.25
CA THR G 38 -72.65 90.35 -73.09
C THR G 38 -73.93 90.16 -73.90
N VAL G 39 -74.42 88.93 -74.02
CA VAL G 39 -75.71 88.67 -74.65
C VAL G 39 -76.69 88.01 -73.70
N THR G 40 -76.26 86.95 -73.02
CA THR G 40 -77.16 86.23 -72.12
C THR G 40 -76.39 85.65 -70.94
N GLN G 41 -77.06 85.63 -69.79
CA GLN G 41 -76.44 85.25 -68.52
C GLN G 41 -75.91 83.81 -68.53
N LEU G 42 -76.38 82.96 -69.43
CA LEU G 42 -75.80 81.63 -69.65
C LEU G 42 -75.76 80.81 -68.37
N GLN G 43 -76.92 80.68 -67.73
CA GLN G 43 -77.04 79.94 -66.47
C GLN G 43 -76.69 78.46 -66.62
N GLU G 44 -76.89 77.88 -67.80
CA GLU G 44 -76.95 76.42 -67.91
C GLU G 44 -75.59 75.73 -67.80
N GLN G 45 -74.48 76.47 -67.72
CA GLN G 45 -73.25 75.86 -67.21
C GLN G 45 -73.29 75.70 -65.70
N THR G 46 -73.54 76.79 -64.98
CA THR G 46 -73.21 76.93 -63.57
C THR G 46 -74.41 76.87 -62.66
N LEU G 47 -75.62 77.04 -63.20
CA LEU G 47 -76.81 76.92 -62.36
C LEU G 47 -77.04 75.48 -61.90
N PRO G 48 -77.02 74.47 -62.77
CA PRO G 48 -77.23 73.10 -62.28
C PRO G 48 -76.01 72.55 -61.56
N PHE G 49 -75.95 72.84 -60.26
CA PHE G 49 -74.76 72.54 -59.47
C PHE G 49 -74.41 71.06 -59.51
N GLY G 50 -75.41 70.18 -59.47
CA GLY G 50 -75.13 68.76 -59.63
C GLY G 50 -74.44 68.41 -60.92
N ILE G 51 -74.75 69.13 -61.99
CA ILE G 51 -74.13 68.88 -63.29
C ILE G 51 -72.71 69.45 -63.34
N LYS G 52 -72.52 70.64 -62.77
CA LYS G 52 -71.15 71.13 -62.63
C LYS G 52 -70.31 70.17 -61.80
N LEU G 53 -70.88 69.63 -60.72
CA LEU G 53 -70.15 68.69 -59.87
C LEU G 53 -69.80 67.39 -60.59
N LEU G 54 -70.74 66.85 -61.38
CA LEU G 54 -70.40 65.68 -62.19
C LEU G 54 -69.30 65.99 -63.19
N GLY G 55 -69.32 67.19 -63.77
CA GLY G 55 -68.35 67.54 -64.79
C GLY G 55 -66.91 67.33 -64.39
N VAL G 56 -66.56 67.70 -63.15
CA VAL G 56 -65.20 67.51 -62.66
C VAL G 56 -64.80 66.03 -62.69
N CYS G 57 -65.65 65.15 -62.17
CA CYS G 57 -65.31 63.72 -62.19
C CYS G 57 -65.18 63.19 -63.61
N LEU G 58 -66.08 63.61 -64.49
CA LEU G 58 -65.98 63.22 -65.89
C LEU G 58 -64.64 63.66 -66.50
N CYS G 59 -64.29 64.93 -66.33
CA CYS G 59 -63.02 65.45 -66.82
C CYS G 59 -61.83 64.65 -66.30
N LEU G 60 -61.72 64.52 -64.98
CA LEU G 60 -60.61 63.76 -64.41
C LEU G 60 -60.51 62.34 -64.96
N PHE G 61 -61.64 61.64 -65.04
CA PHE G 61 -61.63 60.29 -65.60
C PHE G 61 -61.10 60.27 -67.02
N LEU G 62 -61.72 61.03 -67.91
CA LEU G 62 -61.27 61.07 -69.30
C LEU G 62 -59.79 61.43 -69.43
N LEU G 63 -59.36 62.49 -68.76
CA LEU G 63 -57.98 62.92 -68.82
C LEU G 63 -57.00 61.82 -68.43
N SER G 64 -57.29 61.09 -67.34
CA SER G 64 -56.41 59.99 -66.97
C SER G 64 -56.24 58.95 -68.07
N GLY G 65 -57.23 58.82 -68.96
CA GLY G 65 -57.14 57.87 -70.06
C GLY G 65 -56.30 58.31 -71.22
N TRP G 66 -55.75 59.51 -71.14
CA TRP G 66 -54.85 60.06 -72.13
C TRP G 66 -53.46 60.25 -71.57
N TYR G 67 -53.34 60.49 -70.26
CA TYR G 67 -52.05 60.74 -69.65
C TYR G 67 -51.40 59.50 -69.04
N GLY G 68 -52.16 58.55 -68.49
CA GLY G 68 -51.51 57.40 -67.91
C GLY G 68 -50.62 56.63 -68.87
N GLU G 69 -51.06 56.47 -70.11
CA GLU G 69 -50.20 55.87 -71.14
C GLU G 69 -48.86 56.58 -71.29
N VAL G 70 -48.89 57.91 -71.30
CA VAL G 70 -47.66 58.69 -71.41
C VAL G 70 -46.74 58.40 -70.23
N LEU G 71 -47.28 58.50 -69.03
CA LEU G 71 -46.47 58.25 -67.85
C LEU G 71 -45.91 56.84 -67.83
N LEU G 72 -46.69 55.85 -68.24
CA LEU G 72 -46.17 54.49 -68.31
C LEU G 72 -44.98 54.39 -69.26
N SER G 73 -45.07 54.99 -70.43
CA SER G 73 -43.92 54.99 -71.34
C SER G 73 -42.70 55.61 -70.69
N TYR G 74 -42.87 56.79 -70.09
CA TYR G 74 -41.76 57.43 -69.38
C TYR G 74 -41.17 56.55 -68.28
N GLY G 75 -42.01 55.98 -67.43
CA GLY G 75 -41.54 55.08 -66.39
C GLY G 75 -40.71 53.91 -66.89
N ARG G 76 -41.23 53.19 -67.89
CA ARG G 76 -40.42 52.12 -68.47
C ARG G 76 -39.08 52.63 -68.96
N GLN G 77 -39.08 53.76 -69.65
CA GLN G 77 -37.84 54.33 -70.15
C GLN G 77 -36.82 54.59 -69.05
N VAL G 78 -37.22 55.29 -67.99
CA VAL G 78 -36.27 55.57 -66.91
C VAL G 78 -35.79 54.31 -66.22
N ILE G 79 -36.67 53.34 -65.95
CA ILE G 79 -36.18 52.10 -65.33
C ILE G 79 -35.16 51.40 -66.21
N PHE G 80 -35.45 51.30 -67.50
CA PHE G 80 -34.48 50.75 -68.43
C PHE G 80 -33.13 51.45 -68.31
N LEU G 81 -33.13 52.78 -68.37
CA LEU G 81 -31.86 53.52 -68.25
C LEU G 81 -31.17 53.30 -66.91
N ALA G 82 -31.93 53.25 -65.83
CA ALA G 82 -31.32 53.04 -64.52
C ALA G 82 -30.63 51.69 -64.40
N LEU G 83 -31.26 50.62 -64.89
CA LEU G 83 -30.69 49.30 -64.64
C LEU G 83 -29.81 48.76 -65.76
N ALA G 84 -30.12 49.02 -67.02
CA ALA G 84 -29.30 48.47 -68.09
C ALA G 84 -27.99 49.24 -68.22
N MET H 1 -12.97 83.99 -37.52
CA MET H 1 -13.07 82.79 -38.39
C MET H 1 -13.59 83.19 -39.77
N ASP H 2 -12.68 83.84 -40.51
CA ASP H 2 -13.03 84.42 -41.80
C ASP H 2 -13.70 83.41 -42.72
N ASP H 3 -13.14 82.20 -42.79
CA ASP H 3 -13.72 81.15 -43.63
C ASP H 3 -15.17 80.85 -43.25
N LEU H 4 -15.43 80.61 -41.97
CA LEU H 4 -16.78 80.35 -41.54
C LEU H 4 -17.74 81.50 -41.85
N VAL H 5 -17.30 82.72 -41.57
CA VAL H 5 -18.10 83.90 -41.89
C VAL H 5 -18.43 83.94 -43.37
N PHE H 6 -17.41 83.77 -44.20
CA PHE H 6 -17.60 83.76 -45.65
C PHE H 6 -18.61 82.73 -46.09
N ALA H 7 -18.42 81.48 -45.68
CA ALA H 7 -19.38 80.44 -46.02
C ALA H 7 -20.80 80.84 -45.66
N GLY H 8 -21.00 81.36 -44.46
CA GLY H 8 -22.32 81.82 -44.09
C GLY H 8 -22.93 82.90 -44.96
N ASN H 9 -22.22 84.02 -45.12
CA ASN H 9 -22.69 85.08 -46.01
C ASN H 9 -23.00 84.57 -47.41
N LYS H 10 -22.11 83.75 -47.97
CA LYS H 10 -22.36 83.23 -49.31
C LYS H 10 -23.64 82.42 -49.38
N ALA H 11 -23.95 81.65 -48.35
CA ALA H 11 -25.19 80.88 -48.38
C ALA H 11 -26.40 81.77 -48.66
N LEU H 12 -26.60 82.80 -47.86
CA LEU H 12 -27.72 83.71 -48.11
C LEU H 12 -27.65 84.34 -49.48
N TYR H 13 -26.47 84.82 -49.87
CA TYR H 13 -26.37 85.38 -51.22
C TYR H 13 -26.89 84.41 -52.28
N LEU H 14 -26.48 83.15 -52.20
CA LEU H 14 -26.95 82.13 -53.14
C LEU H 14 -28.46 81.96 -53.10
N VAL H 15 -29.06 81.92 -51.91
CA VAL H 15 -30.51 81.77 -51.86
C VAL H 15 -31.20 82.96 -52.51
N LEU H 16 -30.73 84.15 -52.20
CA LEU H 16 -31.34 85.35 -52.78
C LEU H 16 -31.27 85.35 -54.30
N ILE H 17 -30.13 84.95 -54.87
CA ILE H 17 -30.04 84.90 -56.31
C ILE H 17 -30.90 83.79 -56.87
N LEU H 18 -30.70 82.56 -56.40
CA LEU H 18 -31.29 81.43 -57.10
C LEU H 18 -32.80 81.47 -57.01
N SER H 19 -33.35 82.08 -55.95
CA SER H 19 -34.78 82.28 -55.92
C SER H 19 -35.22 83.53 -56.68
N GLY H 20 -34.30 84.45 -57.00
CA GLY H 20 -34.73 85.71 -57.55
C GLY H 20 -35.44 85.68 -58.89
N TRP H 21 -34.77 85.25 -59.95
CA TRP H 21 -35.35 85.14 -61.29
C TRP H 21 -36.77 84.58 -61.39
N PRO H 22 -37.05 83.37 -60.92
CA PRO H 22 -38.42 82.88 -61.07
C PRO H 22 -39.47 83.79 -60.47
N THR H 23 -39.19 84.42 -59.32
CA THR H 23 -40.15 85.36 -58.78
C THR H 23 -40.30 86.59 -59.66
N ILE H 24 -39.24 87.00 -60.34
CA ILE H 24 -39.36 88.17 -61.22
C ILE H 24 -40.19 87.84 -62.44
N VAL H 25 -39.94 86.68 -63.05
CA VAL H 25 -40.75 86.27 -64.20
C VAL H 25 -42.22 86.16 -63.81
N ALA H 26 -42.51 85.50 -62.69
CA ALA H 26 -43.89 85.41 -62.23
C ALA H 26 -44.49 86.78 -61.95
N THR H 27 -43.72 87.67 -61.34
CA THR H 27 -44.21 89.02 -61.10
C THR H 27 -44.59 89.71 -62.40
N ILE H 28 -43.69 89.72 -63.35
CA ILE H 28 -43.92 90.46 -64.58
C ILE H 28 -45.11 89.90 -65.33
N ILE H 29 -45.21 88.57 -65.44
CA ILE H 29 -46.37 87.99 -66.11
C ILE H 29 -47.66 88.37 -65.39
N GLY H 30 -47.68 88.27 -64.06
CA GLY H 30 -48.89 88.57 -63.33
C GLY H 30 -49.30 90.02 -63.50
N LEU H 31 -48.32 90.92 -63.49
CA LEU H 31 -48.59 92.34 -63.65
C LEU H 31 -49.09 92.64 -65.04
N LEU H 32 -48.44 92.11 -66.05
CA LEU H 32 -48.82 92.40 -67.42
C LEU H 32 -50.22 91.88 -67.75
N VAL H 33 -50.51 90.63 -67.39
CA VAL H 33 -51.87 90.14 -67.57
C VAL H 33 -52.87 90.95 -66.75
N GLY H 34 -52.49 91.35 -65.54
CA GLY H 34 -53.40 92.17 -64.76
C GLY H 34 -53.79 93.43 -65.48
N LEU H 35 -52.79 94.19 -65.95
CA LEU H 35 -53.09 95.41 -66.69
C LEU H 35 -53.90 95.11 -67.93
N PHE H 36 -53.59 94.01 -68.62
CA PHE H 36 -54.35 93.66 -69.80
C PHE H 36 -55.81 93.35 -69.50
N GLN H 37 -56.12 92.97 -68.27
CA GLN H 37 -57.52 92.84 -67.88
C GLN H 37 -58.25 94.17 -67.73
N THR H 38 -57.54 95.27 -67.51
CA THR H 38 -58.22 96.54 -67.28
C THR H 38 -58.81 97.11 -68.56
N VAL H 39 -58.18 96.86 -69.68
CA VAL H 39 -58.76 97.19 -70.98
C VAL H 39 -59.59 96.01 -71.45
N THR H 40 -60.61 96.31 -72.26
CA THR H 40 -61.50 95.27 -72.79
C THR H 40 -62.03 94.41 -71.65
N GLN H 41 -62.40 95.07 -70.57
CA GLN H 41 -62.32 94.44 -69.26
C GLN H 41 -63.21 93.21 -69.17
N LEU H 42 -62.59 92.08 -68.85
CA LEU H 42 -63.23 90.93 -68.24
C LEU H 42 -62.37 90.51 -67.07
N GLN H 43 -62.99 90.18 -65.94
CA GLN H 43 -62.28 89.96 -64.69
C GLN H 43 -62.37 88.49 -64.31
N GLU H 44 -61.23 87.81 -64.32
CA GLU H 44 -61.13 86.38 -64.06
C GLU H 44 -59.94 86.12 -63.16
N GLN H 45 -60.12 85.27 -62.17
CA GLN H 45 -59.11 85.07 -61.14
C GLN H 45 -57.97 84.15 -61.59
N THR H 46 -58.25 83.15 -62.42
CA THR H 46 -57.31 82.06 -62.64
C THR H 46 -56.27 82.34 -63.71
N LEU H 47 -56.49 83.30 -64.58
CA LEU H 47 -55.53 83.52 -65.67
C LEU H 47 -54.12 83.74 -65.18
N PRO H 48 -53.87 84.56 -64.16
CA PRO H 48 -52.54 84.62 -63.57
C PRO H 48 -51.98 83.26 -63.17
N PHE H 49 -52.81 82.38 -62.59
CA PHE H 49 -52.30 81.07 -62.21
C PHE H 49 -51.97 80.23 -63.42
N GLY H 50 -52.81 80.29 -64.45
CA GLY H 50 -52.53 79.50 -65.63
C GLY H 50 -51.24 79.91 -66.30
N ILE H 51 -51.06 81.21 -66.49
CA ILE H 51 -49.95 81.68 -67.30
C ILE H 51 -48.63 81.70 -66.52
N LYS H 52 -48.65 82.11 -65.25
CA LYS H 52 -47.41 82.12 -64.49
C LYS H 52 -46.80 80.72 -64.37
N LEU H 53 -47.63 79.68 -64.36
CA LEU H 53 -47.08 78.33 -64.36
C LEU H 53 -46.21 78.07 -65.58
N LEU H 54 -46.68 78.50 -66.75
CA LEU H 54 -45.87 78.36 -67.95
C LEU H 54 -44.61 79.21 -67.87
N GLY H 55 -44.75 80.41 -67.34
CA GLY H 55 -43.57 81.25 -67.17
C GLY H 55 -42.48 80.58 -66.37
N VAL H 56 -42.83 80.15 -65.16
CA VAL H 56 -41.83 79.57 -64.28
C VAL H 56 -41.29 78.26 -64.84
N CYS H 57 -42.15 77.41 -65.38
CA CYS H 57 -41.67 76.16 -65.96
C CYS H 57 -40.65 76.41 -67.06
N LEU H 58 -40.96 77.32 -67.96
CA LEU H 58 -40.05 77.60 -69.06
C LEU H 58 -38.73 78.22 -68.58
N CYS H 59 -38.81 79.11 -67.59
CA CYS H 59 -37.61 79.64 -66.98
C CYS H 59 -36.71 78.55 -66.41
N LEU H 60 -37.27 77.65 -65.60
CA LEU H 60 -36.46 76.55 -65.07
C LEU H 60 -35.91 75.65 -66.16
N PHE H 61 -36.71 75.40 -67.19
CA PHE H 61 -36.25 74.56 -68.28
C PHE H 61 -35.03 75.16 -68.97
N LEU H 62 -35.01 76.47 -69.15
CA LEU H 62 -33.83 77.10 -69.75
C LEU H 62 -32.64 77.15 -68.80
N LEU H 63 -32.83 77.66 -67.58
CA LEU H 63 -31.69 77.94 -66.72
C LEU H 63 -31.17 76.77 -65.89
N SER H 64 -31.89 75.66 -65.81
CA SER H 64 -31.49 74.59 -64.88
C SER H 64 -30.06 74.11 -65.06
N GLY H 65 -29.51 74.20 -66.27
CA GLY H 65 -28.08 73.92 -66.43
C GLY H 65 -27.16 74.80 -65.59
N TRP H 66 -27.51 76.08 -65.47
CA TRP H 66 -26.69 77.01 -64.70
C TRP H 66 -26.65 76.65 -63.21
N TYR H 67 -27.83 76.45 -62.64
CA TYR H 67 -28.01 76.12 -61.24
C TYR H 67 -27.06 75.04 -60.75
N GLY H 68 -27.05 73.89 -61.43
CA GLY H 68 -26.16 72.83 -61.01
C GLY H 68 -24.69 73.22 -60.98
N GLU H 69 -24.24 74.03 -61.92
CA GLU H 69 -22.85 74.43 -61.90
C GLU H 69 -22.53 75.32 -60.71
N VAL H 70 -23.44 76.25 -60.40
CA VAL H 70 -23.21 77.11 -59.24
C VAL H 70 -23.17 76.31 -57.95
N LEU H 71 -24.17 75.45 -57.77
CA LEU H 71 -24.23 74.58 -56.60
C LEU H 71 -22.98 73.71 -56.44
N LEU H 72 -22.61 72.99 -57.49
CA LEU H 72 -21.37 72.21 -57.46
C LEU H 72 -20.17 73.03 -57.00
N SER H 73 -19.95 74.19 -57.61
CA SER H 73 -18.82 75.02 -57.20
C SER H 73 -18.85 75.32 -55.72
N TYR H 74 -20.02 75.69 -55.21
CA TYR H 74 -20.14 75.96 -53.78
C TYR H 74 -19.85 74.73 -52.93
N GLY H 75 -20.41 73.59 -53.30
CA GLY H 75 -20.18 72.39 -52.51
C GLY H 75 -18.71 72.01 -52.43
N ARG H 76 -18.02 72.01 -53.56
CA ARG H 76 -16.58 71.74 -53.52
C ARG H 76 -15.88 72.72 -52.60
N GLN H 77 -16.12 74.01 -52.80
CA GLN H 77 -15.47 75.03 -51.99
C GLN H 77 -15.62 74.77 -50.49
N VAL H 78 -16.83 74.50 -50.03
CA VAL H 78 -17.02 74.28 -48.60
C VAL H 78 -16.39 72.97 -48.13
N ILE H 79 -16.52 71.89 -48.90
CA ILE H 79 -15.86 70.65 -48.50
C ILE H 79 -14.37 70.87 -48.25
N PHE H 80 -13.70 71.55 -49.18
CA PHE H 80 -12.28 71.85 -48.99
C PHE H 80 -12.05 72.72 -47.76
N LEU H 81 -12.79 73.82 -47.63
CA LEU H 81 -12.61 74.64 -46.43
C LEU H 81 -12.70 73.82 -45.16
N ALA H 82 -13.66 72.90 -45.10
CA ALA H 82 -13.83 72.08 -43.91
C ALA H 82 -12.67 71.11 -43.69
N LEU H 83 -12.30 70.34 -44.70
CA LEU H 83 -11.27 69.33 -44.50
C LEU H 83 -9.84 69.85 -44.47
N ALA H 84 -9.59 71.06 -44.94
CA ALA H 84 -8.23 71.59 -44.85
C ALA H 84 -7.75 71.54 -43.41
N MET I 1 -35.75 82.43 -6.24
CA MET I 1 -34.42 82.01 -6.75
C MET I 1 -33.96 83.00 -7.80
N ASP I 2 -33.30 84.06 -7.37
CA ASP I 2 -33.05 85.19 -8.25
C ASP I 2 -32.32 84.76 -9.52
N ASP I 3 -31.53 83.70 -9.45
CA ASP I 3 -30.84 83.22 -10.63
C ASP I 3 -31.79 82.58 -11.64
N LEU I 4 -32.67 81.70 -11.17
CA LEU I 4 -33.64 81.10 -12.09
C LEU I 4 -34.58 82.16 -12.64
N VAL I 5 -34.98 83.10 -11.81
CA VAL I 5 -35.82 84.21 -12.26
C VAL I 5 -35.14 84.99 -13.36
N PHE I 6 -33.87 85.33 -13.18
CA PHE I 6 -33.15 86.09 -14.19
C PHE I 6 -33.02 85.32 -15.49
N ALA I 7 -32.49 84.11 -15.43
CA ALA I 7 -32.26 83.36 -16.66
C ALA I 7 -33.56 83.10 -17.41
N GLY I 8 -34.64 82.80 -16.68
CA GLY I 8 -35.92 82.58 -17.33
C GLY I 8 -36.51 83.82 -17.96
N ASN I 9 -36.43 84.97 -17.29
CA ASN I 9 -36.98 86.16 -17.91
C ASN I 9 -36.15 86.62 -19.10
N LYS I 10 -34.83 86.57 -18.98
CA LYS I 10 -34.01 87.00 -20.10
C LYS I 10 -34.23 86.14 -21.34
N ALA I 11 -34.45 84.83 -21.16
CA ALA I 11 -34.67 84.02 -22.36
C ALA I 11 -35.83 84.53 -23.19
N LEU I 12 -36.92 84.90 -22.53
CA LEU I 12 -38.10 85.39 -23.24
C LEU I 12 -37.88 86.77 -23.82
N TYR I 13 -37.22 87.65 -23.08
CA TYR I 13 -36.92 88.96 -23.64
C TYR I 13 -36.07 88.85 -24.89
N LEU I 14 -35.08 87.96 -24.88
CA LEU I 14 -34.26 87.74 -26.07
C LEU I 14 -35.06 87.20 -27.23
N VAL I 15 -35.98 86.28 -26.98
CA VAL I 15 -36.81 85.82 -28.09
C VAL I 15 -37.57 86.99 -28.70
N LEU I 16 -38.15 87.84 -27.85
CA LEU I 16 -38.95 88.93 -28.35
C LEU I 16 -38.15 89.95 -29.18
N ILE I 17 -36.96 90.32 -28.74
CA ILE I 17 -36.21 91.31 -29.52
C ILE I 17 -35.46 90.70 -30.70
N LEU I 18 -34.93 89.49 -30.58
CA LEU I 18 -34.33 88.85 -31.75
C LEU I 18 -35.33 88.69 -32.88
N SER I 19 -36.53 88.22 -32.58
CA SER I 19 -37.51 88.03 -33.64
C SER I 19 -38.18 89.31 -34.11
N GLY I 20 -38.30 90.33 -33.27
CA GLY I 20 -39.06 91.51 -33.68
C GLY I 20 -38.58 92.18 -34.95
N TRP I 21 -37.27 92.37 -35.09
CA TRP I 21 -36.78 93.16 -36.22
C TRP I 21 -37.15 92.64 -37.60
N PRO I 22 -36.89 91.39 -37.95
CA PRO I 22 -37.41 90.88 -39.23
C PRO I 22 -38.90 91.06 -39.41
N THR I 23 -39.71 90.83 -38.38
CA THR I 23 -41.15 90.92 -38.58
C THR I 23 -41.58 92.37 -38.75
N ILE I 24 -40.91 93.31 -38.09
CA ILE I 24 -41.24 94.71 -38.30
C ILE I 24 -40.96 95.10 -39.74
N VAL I 25 -39.77 94.77 -40.22
CA VAL I 25 -39.43 95.11 -41.59
C VAL I 25 -40.45 94.50 -42.56
N ALA I 26 -40.75 93.22 -42.37
CA ALA I 26 -41.71 92.56 -43.24
C ALA I 26 -43.07 93.22 -43.19
N THR I 27 -43.50 93.68 -42.03
CA THR I 27 -44.83 94.29 -41.94
C THR I 27 -44.86 95.65 -42.62
N ILE I 28 -43.85 96.47 -42.41
CA ILE I 28 -43.86 97.79 -43.04
C ILE I 28 -43.82 97.67 -44.56
N ILE I 29 -42.95 96.80 -45.07
CA ILE I 29 -42.95 96.55 -46.51
C ILE I 29 -44.31 96.04 -46.98
N GLY I 30 -44.90 95.11 -46.24
CA GLY I 30 -46.20 94.61 -46.61
C GLY I 30 -47.24 95.72 -46.75
N LEU I 31 -47.28 96.61 -45.78
CA LEU I 31 -48.25 97.70 -45.83
C LEU I 31 -47.99 98.61 -47.03
N LEU I 32 -46.74 99.00 -47.27
CA LEU I 32 -46.52 99.93 -48.37
C LEU I 32 -46.86 99.31 -49.72
N VAL I 33 -46.51 98.04 -49.92
CA VAL I 33 -46.86 97.39 -51.18
C VAL I 33 -48.35 97.14 -51.30
N GLY I 34 -49.04 96.90 -50.18
CA GLY I 34 -50.48 96.81 -50.22
C GLY I 34 -51.16 98.13 -50.57
N LEU I 35 -50.62 99.23 -50.06
CA LEU I 35 -51.15 100.54 -50.43
C LEU I 35 -50.96 100.81 -51.92
N PHE I 36 -49.73 100.64 -52.40
CA PHE I 36 -49.44 101.00 -53.78
C PHE I 36 -50.39 100.30 -54.74
N GLN I 37 -50.75 99.05 -54.45
CA GLN I 37 -51.76 98.36 -55.25
C GLN I 37 -53.11 99.04 -55.19
N THR I 38 -53.43 99.72 -54.10
CA THR I 38 -54.73 100.39 -54.03
C THR I 38 -54.75 101.70 -54.80
N VAL I 39 -53.71 102.52 -54.61
CA VAL I 39 -53.68 103.77 -55.36
C VAL I 39 -53.49 103.53 -56.84
N THR I 40 -52.82 102.44 -57.23
CA THR I 40 -52.75 102.05 -58.63
C THR I 40 -53.97 101.25 -59.08
N GLN I 41 -54.74 100.71 -58.14
CA GLN I 41 -55.88 99.87 -58.45
C GLN I 41 -55.49 98.73 -59.38
N LEU I 42 -54.35 98.10 -59.06
CA LEU I 42 -53.70 97.10 -59.88
C LEU I 42 -53.26 95.99 -58.94
N GLN I 43 -53.52 94.73 -59.29
CA GLN I 43 -53.52 93.68 -58.28
C GLN I 43 -52.85 92.40 -58.75
N GLU I 44 -52.04 91.82 -57.86
CA GLU I 44 -51.36 90.56 -58.09
C GLU I 44 -50.93 90.01 -56.75
N GLN I 45 -50.73 88.70 -56.69
CA GLN I 45 -50.34 88.07 -55.43
C GLN I 45 -48.86 88.20 -55.11
N THR I 46 -47.99 88.26 -56.12
CA THR I 46 -46.59 87.89 -55.96
C THR I 46 -45.66 89.03 -55.58
N LEU I 47 -45.97 90.24 -56.02
CA LEU I 47 -45.13 91.41 -55.75
C LEU I 47 -44.79 91.59 -54.28
N PRO I 48 -45.73 91.48 -53.34
CA PRO I 48 -45.34 91.67 -51.94
C PRO I 48 -44.42 90.59 -51.45
N PHE I 49 -44.63 89.33 -51.82
CA PHE I 49 -43.72 88.29 -51.40
C PHE I 49 -42.33 88.54 -51.94
N GLY I 50 -42.25 88.87 -53.22
CA GLY I 50 -40.95 89.13 -53.84
C GLY I 50 -40.17 90.20 -53.10
N ILE I 51 -40.83 91.31 -52.77
CA ILE I 51 -40.11 92.37 -52.08
C ILE I 51 -39.79 91.98 -50.63
N LYS I 52 -40.73 91.33 -49.95
CA LYS I 52 -40.48 90.92 -48.57
C LYS I 52 -39.25 90.06 -48.45
N LEU I 53 -39.04 89.13 -49.38
CA LEU I 53 -37.86 88.27 -49.29
C LEU I 53 -36.57 89.09 -49.30
N LEU I 54 -36.46 90.02 -50.23
CA LEU I 54 -35.29 90.89 -50.27
C LEU I 54 -35.14 91.70 -48.99
N GLY I 55 -36.24 92.26 -48.50
CA GLY I 55 -36.17 93.02 -47.26
C GLY I 55 -35.64 92.23 -46.08
N VAL I 56 -36.08 90.98 -45.95
CA VAL I 56 -35.59 90.17 -44.84
C VAL I 56 -34.15 89.75 -45.05
N CYS I 57 -33.75 89.44 -46.27
CA CYS I 57 -32.36 89.06 -46.47
C CYS I 57 -31.41 90.21 -46.16
N LEU I 58 -31.75 91.42 -46.60
CA LEU I 58 -30.95 92.57 -46.19
C LEU I 58 -30.92 92.76 -44.68
N CYS I 59 -32.07 92.61 -44.03
CA CYS I 59 -32.10 92.70 -42.57
C CYS I 59 -31.11 91.75 -41.92
N LEU I 60 -31.03 90.53 -42.43
CA LEU I 60 -30.12 89.56 -41.85
C LEU I 60 -28.66 89.87 -42.17
N PHE I 61 -28.36 90.22 -43.42
CA PHE I 61 -27.00 90.62 -43.73
C PHE I 61 -26.50 91.71 -42.81
N LEU I 62 -27.36 92.66 -42.49
CA LEU I 62 -26.92 93.77 -41.64
C LEU I 62 -26.75 93.37 -40.19
N LEU I 63 -27.84 92.92 -39.55
CA LEU I 63 -27.83 92.65 -38.11
C LEU I 63 -27.06 91.40 -37.67
N SER I 64 -26.99 90.35 -38.47
CA SER I 64 -26.46 89.08 -37.97
C SER I 64 -25.21 89.09 -37.07
N GLY I 65 -24.25 89.98 -37.28
CA GLY I 65 -23.14 90.06 -36.36
C GLY I 65 -23.56 90.25 -34.91
N TRP I 66 -24.49 91.17 -34.70
CA TRP I 66 -25.02 91.42 -33.37
C TRP I 66 -25.77 90.22 -32.80
N TYR I 67 -26.45 89.44 -33.64
CA TYR I 67 -27.06 88.21 -33.14
C TYR I 67 -26.04 87.28 -32.52
N GLY I 68 -24.88 87.16 -33.15
CA GLY I 68 -23.82 86.36 -32.57
C GLY I 68 -23.29 86.91 -31.26
N GLU I 69 -23.03 88.21 -31.21
CA GLU I 69 -22.59 88.78 -29.94
C GLU I 69 -23.57 88.47 -28.81
N VAL I 70 -24.87 88.67 -29.06
CA VAL I 70 -25.86 88.47 -28.00
C VAL I 70 -25.94 87.01 -27.57
N LEU I 71 -25.91 86.09 -28.52
CA LEU I 71 -26.04 84.69 -28.15
C LEU I 71 -24.81 84.18 -27.43
N LEU I 72 -23.61 84.53 -27.87
CA LEU I 72 -22.43 84.11 -27.11
C LEU I 72 -22.47 84.64 -25.69
N SER I 73 -22.82 85.91 -25.53
CA SER I 73 -22.85 86.45 -24.17
C SER I 73 -23.79 85.65 -23.27
N TYR I 74 -25.00 85.38 -23.76
CA TYR I 74 -25.94 84.61 -22.97
C TYR I 74 -25.47 83.18 -22.72
N GLY I 75 -24.90 82.54 -23.74
CA GLY I 75 -24.36 81.21 -23.58
C GLY I 75 -23.32 81.08 -22.48
N ARG I 76 -22.32 81.94 -22.48
CA ARG I 76 -21.38 81.92 -21.37
C ARG I 76 -22.08 82.15 -20.04
N GLN I 77 -22.88 83.20 -19.96
CA GLN I 77 -23.47 83.59 -18.70
C GLN I 77 -24.24 82.45 -18.02
N VAL I 78 -25.05 81.73 -18.79
CA VAL I 78 -25.83 80.66 -18.15
C VAL I 78 -24.94 79.53 -17.64
N ILE I 79 -23.89 79.17 -18.37
CA ILE I 79 -22.98 78.14 -17.88
C ILE I 79 -22.36 78.54 -16.56
N PHE I 80 -21.82 79.76 -16.50
CA PHE I 80 -21.24 80.21 -15.25
C PHE I 80 -22.25 80.17 -14.10
N LEU I 81 -23.50 80.49 -14.37
CA LEU I 81 -24.48 80.39 -13.28
C LEU I 81 -24.70 78.94 -12.87
N ALA I 82 -24.90 78.04 -13.84
CA ALA I 82 -25.09 76.63 -13.51
C ALA I 82 -23.98 76.07 -12.65
N LEU I 83 -22.73 76.40 -12.97
CA LEU I 83 -21.58 75.86 -12.25
C LEU I 83 -21.03 76.86 -11.22
N ALA I 84 -21.83 77.85 -10.86
CA ALA I 84 -21.37 78.92 -9.96
C ALA I 84 -21.08 78.41 -8.56
N LYS I 85 -21.87 77.46 -8.06
CA LYS I 85 -21.71 77.07 -6.67
C LYS I 85 -20.32 76.55 -6.39
N GLY I 86 -19.62 76.06 -7.41
CA GLY I 86 -18.28 75.56 -7.24
C GLY I 86 -17.50 75.58 -8.54
N MET J 1 -60.83 56.54 -3.88
CA MET J 1 -61.55 56.76 -5.16
C MET J 1 -61.87 58.22 -5.40
N ASP J 2 -62.71 58.78 -4.54
CA ASP J 2 -63.05 60.18 -4.72
C ASP J 2 -61.82 61.07 -4.78
N ASP J 3 -60.74 60.70 -4.09
CA ASP J 3 -59.51 61.46 -4.24
C ASP J 3 -58.99 61.41 -5.66
N LEU J 4 -59.08 60.24 -6.31
CA LEU J 4 -58.69 60.13 -7.71
C LEU J 4 -59.53 61.01 -8.60
N VAL J 5 -60.85 60.90 -8.48
CA VAL J 5 -61.73 61.72 -9.30
C VAL J 5 -61.45 63.20 -9.08
N PHE J 6 -61.34 63.62 -7.82
CA PHE J 6 -61.05 65.00 -7.51
C PHE J 6 -59.75 65.50 -8.14
N ALA J 7 -58.66 64.76 -7.96
CA ALA J 7 -57.39 65.17 -8.55
C ALA J 7 -57.43 65.25 -10.07
N GLY J 8 -58.04 64.26 -10.73
CA GLY J 8 -58.16 64.33 -12.17
C GLY J 8 -58.98 65.50 -12.67
N ASN J 9 -60.12 65.76 -12.03
CA ASN J 9 -60.88 66.97 -12.35
C ASN J 9 -60.04 68.23 -12.22
N LYS J 10 -59.41 68.41 -11.07
CA LYS J 10 -58.58 69.58 -10.84
C LYS J 10 -57.51 69.78 -11.91
N ALA J 11 -56.92 68.70 -12.42
CA ALA J 11 -55.93 68.88 -13.49
C ALA J 11 -56.51 69.65 -14.68
N LEU J 12 -57.68 69.23 -15.16
CA LEU J 12 -58.31 69.93 -16.28
C LEU J 12 -58.68 71.36 -15.89
N TYR J 13 -59.15 71.55 -14.67
CA TYR J 13 -59.49 72.88 -14.20
C TYR J 13 -58.29 73.83 -14.23
N LEU J 14 -57.13 73.36 -13.79
CA LEU J 14 -55.93 74.19 -13.84
C LEU J 14 -55.49 74.47 -15.27
N VAL J 15 -55.53 73.48 -16.15
CA VAL J 15 -55.22 73.77 -17.54
C VAL J 15 -56.06 74.93 -18.03
N LEU J 16 -57.37 74.82 -17.86
CA LEU J 16 -58.28 75.87 -18.28
C LEU J 16 -57.89 77.24 -17.73
N ILE J 17 -57.68 77.33 -16.42
CA ILE J 17 -57.34 78.62 -15.82
C ILE J 17 -56.05 79.21 -16.38
N LEU J 18 -54.97 78.44 -16.38
CA LEU J 18 -53.69 79.00 -16.84
C LEU J 18 -53.70 79.40 -18.31
N SER J 19 -54.12 78.51 -19.19
CA SER J 19 -54.18 78.84 -20.61
C SER J 19 -55.20 79.91 -20.98
N GLY J 20 -56.26 80.11 -20.20
CA GLY J 20 -57.30 81.05 -20.60
C GLY J 20 -56.88 82.47 -20.95
N TRP J 21 -56.09 83.14 -20.13
CA TRP J 21 -55.75 84.53 -20.45
C TRP J 21 -54.96 84.78 -21.73
N PRO J 22 -53.88 84.07 -22.02
CA PRO J 22 -53.24 84.24 -23.33
C PRO J 22 -54.17 84.02 -24.51
N THR J 23 -55.03 83.02 -24.45
CA THR J 23 -55.87 82.76 -25.61
C THR J 23 -56.93 83.84 -25.77
N ILE J 24 -57.38 84.43 -24.67
CA ILE J 24 -58.28 85.57 -24.76
C ILE J 24 -57.61 86.73 -25.48
N VAL J 25 -56.42 87.13 -25.03
CA VAL J 25 -55.83 88.30 -25.65
C VAL J 25 -55.47 88.04 -27.11
N ALA J 26 -55.04 86.83 -27.44
CA ALA J 26 -54.81 86.52 -28.85
C ALA J 26 -56.09 86.55 -29.68
N THR J 27 -57.22 86.27 -29.06
CA THR J 27 -58.48 86.41 -29.77
C THR J 27 -58.82 87.87 -30.00
N ILE J 28 -58.78 88.66 -28.95
CA ILE J 28 -59.20 90.05 -29.07
C ILE J 28 -58.32 90.77 -30.08
N ILE J 29 -57.02 90.55 -30.03
CA ILE J 29 -56.14 91.17 -31.01
C ILE J 29 -56.45 90.69 -32.43
N GLY J 30 -56.80 89.41 -32.58
CA GLY J 30 -57.17 88.93 -33.91
C GLY J 30 -58.40 89.61 -34.47
N LEU J 31 -59.41 89.79 -33.63
CA LEU J 31 -60.63 90.47 -34.08
C LEU J 31 -60.38 91.93 -34.39
N LEU J 32 -59.69 92.65 -33.51
CA LEU J 32 -59.49 94.06 -33.74
C LEU J 32 -58.69 94.31 -35.02
N VAL J 33 -57.60 93.59 -35.21
CA VAL J 33 -56.81 93.81 -36.42
C VAL J 33 -57.61 93.42 -37.66
N GLY J 34 -58.35 92.32 -37.60
CA GLY J 34 -59.16 91.94 -38.75
C GLY J 34 -60.20 92.98 -39.11
N LEU J 35 -60.84 93.59 -38.10
CA LEU J 35 -61.78 94.65 -38.38
C LEU J 35 -61.09 95.87 -38.97
N PHE J 36 -60.00 96.30 -38.35
CA PHE J 36 -59.28 97.47 -38.84
C PHE J 36 -58.93 97.33 -40.32
N GLN J 37 -58.53 96.13 -40.73
CA GLN J 37 -58.19 95.91 -42.13
C GLN J 37 -59.40 95.92 -43.07
N THR J 38 -60.63 95.88 -42.56
CA THR J 38 -61.80 96.14 -43.38
C THR J 38 -62.22 97.60 -43.34
N VAL J 39 -61.94 98.27 -42.23
CA VAL J 39 -62.29 99.68 -42.10
C VAL J 39 -61.40 100.53 -42.99
N THR J 40 -60.11 100.20 -43.06
CA THR J 40 -59.25 100.70 -44.12
C THR J 40 -58.71 99.51 -44.89
N GLN J 41 -58.93 99.49 -46.20
CA GLN J 41 -58.73 98.27 -46.98
C GLN J 41 -57.24 98.04 -47.21
N LEU J 42 -56.69 97.12 -46.44
CA LEU J 42 -55.29 96.71 -46.52
C LEU J 42 -55.25 95.20 -46.36
N GLN J 43 -54.54 94.51 -47.24
CA GLN J 43 -54.61 93.06 -47.31
C GLN J 43 -53.37 92.39 -46.73
N GLU J 44 -52.74 93.02 -45.74
CA GLU J 44 -51.64 92.38 -45.05
C GLU J 44 -52.13 91.21 -44.20
N GLN J 45 -51.21 90.31 -43.87
CA GLN J 45 -51.53 89.13 -43.08
C GLN J 45 -50.52 88.78 -42.01
N THR J 46 -49.32 89.36 -42.02
CA THR J 46 -48.40 89.19 -40.91
C THR J 46 -48.66 90.14 -39.75
N LEU J 47 -49.37 91.24 -39.99
CA LEU J 47 -49.61 92.22 -38.93
C LEU J 47 -50.25 91.60 -37.70
N PRO J 48 -51.27 90.75 -37.82
CA PRO J 48 -51.76 90.04 -36.63
C PRO J 48 -50.67 89.29 -35.89
N PHE J 49 -49.80 88.59 -36.61
CA PHE J 49 -48.75 87.83 -35.93
C PHE J 49 -47.80 88.76 -35.20
N GLY J 50 -47.41 89.83 -35.86
CA GLY J 50 -46.50 90.79 -35.25
C GLY J 50 -47.06 91.39 -33.98
N ILE J 51 -48.34 91.72 -33.96
CA ILE J 51 -48.91 92.32 -32.75
C ILE J 51 -49.14 91.28 -31.66
N LYS J 52 -49.74 90.15 -32.03
CA LYS J 52 -50.12 89.17 -31.01
C LYS J 52 -48.92 88.50 -30.37
N LEU J 53 -47.76 88.46 -31.03
CA LEU J 53 -46.55 88.01 -30.34
C LEU J 53 -46.21 88.89 -29.15
N LEU J 54 -46.23 90.21 -29.35
CA LEU J 54 -46.00 91.14 -28.25
C LEU J 54 -47.09 91.04 -27.20
N GLY J 55 -48.34 90.85 -27.64
CA GLY J 55 -49.42 90.74 -26.69
C GLY J 55 -49.30 89.54 -25.78
N VAL J 56 -48.99 88.38 -26.34
CA VAL J 56 -48.86 87.19 -25.51
C VAL J 56 -47.64 87.27 -24.59
N CYS J 57 -46.50 87.73 -25.12
CA CYS J 57 -45.31 87.79 -24.27
C CYS J 57 -45.51 88.72 -23.09
N LEU J 58 -46.21 89.83 -23.29
CA LEU J 58 -46.41 90.75 -22.18
C LEU J 58 -47.15 90.10 -21.02
N CYS J 59 -48.25 89.41 -21.31
CA CYS J 59 -48.98 88.78 -20.21
C CYS J 59 -48.27 87.56 -19.66
N LEU J 60 -47.34 86.95 -20.40
CA LEU J 60 -46.50 85.94 -19.76
C LEU J 60 -45.58 86.57 -18.73
N PHE J 61 -45.05 87.76 -19.02
CA PHE J 61 -44.32 88.50 -17.99
C PHE J 61 -45.18 88.79 -16.78
N LEU J 62 -46.37 89.33 -17.00
CA LEU J 62 -47.24 89.65 -15.87
C LEU J 62 -47.55 88.44 -14.99
N LEU J 63 -47.98 87.33 -15.58
CA LEU J 63 -48.43 86.20 -14.78
C LEU J 63 -47.32 85.22 -14.39
N SER J 64 -46.07 85.47 -14.74
CA SER J 64 -44.98 84.56 -14.39
C SER J 64 -44.98 84.07 -12.94
N GLY J 65 -45.35 84.90 -11.98
CA GLY J 65 -45.40 84.44 -10.59
C GLY J 65 -46.52 83.54 -10.08
N TRP J 66 -47.74 83.96 -10.35
CA TRP J 66 -48.90 83.17 -9.98
C TRP J 66 -48.84 81.77 -10.61
N TYR J 67 -48.30 81.68 -11.82
CA TYR J 67 -48.06 80.37 -12.43
C TYR J 67 -47.24 79.43 -11.56
N GLY J 68 -46.17 79.92 -10.94
CA GLY J 68 -45.40 79.02 -10.11
C GLY J 68 -45.99 78.75 -8.75
N GLU J 69 -46.72 79.69 -8.18
CA GLU J 69 -47.35 79.39 -6.90
C GLU J 69 -48.46 78.35 -7.03
N VAL J 70 -49.26 78.44 -8.09
CA VAL J 70 -50.34 77.47 -8.28
C VAL J 70 -49.80 76.07 -8.46
N LEU J 71 -48.80 75.91 -9.32
CA LEU J 71 -48.26 74.59 -9.58
C LEU J 71 -47.55 74.01 -8.38
N LEU J 72 -46.85 74.81 -7.59
CA LEU J 72 -46.26 74.25 -6.39
C LEU J 72 -47.33 73.73 -5.45
N SER J 73 -48.35 74.54 -5.19
CA SER J 73 -49.37 74.10 -4.24
C SER J 73 -50.04 72.82 -4.71
N TYR J 74 -50.31 72.71 -6.02
CA TYR J 74 -50.90 71.49 -6.54
C TYR J 74 -49.99 70.28 -6.39
N GLY J 75 -48.72 70.41 -6.73
CA GLY J 75 -47.80 69.30 -6.55
C GLY J 75 -47.72 68.80 -5.12
N ARG J 76 -47.57 69.71 -4.16
CA ARG J 76 -47.59 69.28 -2.77
C ARG J 76 -48.88 68.57 -2.40
N GLN J 77 -50.02 69.10 -2.82
CA GLN J 77 -51.28 68.45 -2.52
C GLN J 77 -51.32 67.02 -3.02
N VAL J 78 -51.02 66.80 -4.30
CA VAL J 78 -51.14 65.44 -4.83
C VAL J 78 -50.10 64.50 -4.25
N ILE J 79 -48.90 64.98 -3.92
CA ILE J 79 -47.94 64.11 -3.24
C ILE J 79 -48.48 63.67 -1.88
N PHE J 80 -49.14 64.58 -1.16
CA PHE J 80 -49.75 64.17 0.09
C PHE J 80 -50.83 63.14 -0.13
N LEU J 81 -51.77 63.41 -1.05
CA LEU J 81 -52.83 62.43 -1.28
C LEU J 81 -52.28 61.07 -1.66
N ALA J 82 -51.18 61.04 -2.42
CA ALA J 82 -50.62 59.76 -2.82
C ALA J 82 -50.01 59.01 -1.65
N LEU J 83 -49.20 59.68 -0.83
CA LEU J 83 -48.38 58.96 0.14
C LEU J 83 -49.00 58.88 1.52
N ALA J 84 -49.72 59.90 1.97
CA ALA J 84 -50.23 59.94 3.34
C ALA J 84 -51.50 59.12 3.42
N LYS J 85 -51.33 57.83 3.60
CA LYS J 85 -52.40 56.91 3.94
C LYS J 85 -52.03 56.20 5.22
N GLY J 86 -53.04 55.90 6.03
CA GLY J 86 -52.82 55.15 7.25
C GLY J 86 -54.09 54.46 7.72
N VAL K 12 -11.89 -15.45 -39.49
CA VAL K 12 -11.94 -16.68 -40.24
C VAL K 12 -13.37 -17.20 -40.31
N ILE K 13 -13.87 -17.67 -39.16
CA ILE K 13 -15.20 -18.27 -39.12
C ILE K 13 -16.27 -17.24 -39.43
N GLY K 14 -17.32 -17.69 -40.14
CA GLY K 14 -18.49 -16.89 -40.40
C GLY K 14 -18.27 -15.52 -41.00
N GLN K 15 -17.23 -15.33 -41.79
CA GLN K 15 -16.92 -13.99 -42.29
C GLN K 15 -17.78 -13.66 -43.51
N ALA K 16 -18.19 -12.40 -43.60
CA ALA K 16 -19.03 -11.94 -44.70
C ALA K 16 -18.75 -10.46 -44.95
N VAL K 17 -18.91 -10.03 -46.20
CA VAL K 17 -18.84 -8.61 -46.49
C VAL K 17 -19.70 -8.26 -47.69
N ASN K 18 -20.32 -7.08 -47.66
CA ASN K 18 -21.22 -6.60 -48.68
C ASN K 18 -20.41 -5.69 -49.60
N ILE K 19 -20.25 -6.06 -50.86
CA ILE K 19 -19.27 -5.37 -51.69
C ILE K 19 -19.86 -4.19 -52.45
N ARG K 20 -21.04 -4.32 -53.04
CA ARG K 20 -21.33 -3.34 -54.09
C ARG K 20 -21.83 -2.03 -53.51
N SER K 21 -22.69 -2.08 -52.49
CA SER K 21 -23.43 -0.91 -52.06
C SER K 21 -23.40 -0.76 -50.55
N MET K 22 -23.48 0.49 -50.10
CA MET K 22 -23.49 0.82 -48.68
C MET K 22 -24.91 0.74 -48.11
N GLU K 23 -25.47 -0.46 -48.17
CA GLU K 23 -26.74 -0.71 -47.51
C GLU K 23 -26.53 -0.77 -46.00
N THR K 24 -27.16 0.16 -45.28
CA THR K 24 -26.92 0.29 -43.85
C THR K 24 -27.53 -0.89 -43.11
N ASP K 25 -26.71 -1.55 -42.28
CA ASP K 25 -27.13 -2.78 -41.62
C ASP K 25 -26.88 -2.81 -40.12
N ILE K 26 -25.96 -2.01 -39.58
CA ILE K 26 -25.79 -1.97 -38.13
C ILE K 26 -27.06 -1.54 -37.43
N VAL K 27 -27.85 -0.68 -38.06
CA VAL K 27 -29.18 -0.30 -37.57
C VAL K 27 -30.21 -0.54 -38.65
N SER K 28 -31.44 -0.77 -38.22
CA SER K 28 -32.59 -0.64 -39.11
C SER K 28 -33.01 0.82 -39.15
N LEU K 29 -32.98 1.41 -40.33
CA LEU K 29 -33.38 2.79 -40.51
C LEU K 29 -34.89 2.93 -40.39
N ASP K 30 -35.32 3.89 -39.57
CA ASP K 30 -36.65 3.86 -38.99
C ASP K 30 -37.03 5.26 -38.56
N ASP K 31 -38.32 5.45 -38.28
CA ASP K 31 -38.82 6.76 -37.89
C ASP K 31 -38.22 7.27 -36.59
N ARG K 32 -37.54 6.44 -35.83
CA ARG K 32 -36.76 6.91 -34.70
C ARG K 32 -35.66 7.89 -35.09
N LEU K 33 -35.31 7.99 -36.38
CA LEU K 33 -34.48 9.09 -36.83
C LEU K 33 -35.16 10.44 -36.65
N LEU K 34 -36.48 10.49 -36.85
CA LEU K 34 -37.18 11.74 -37.07
C LEU K 34 -37.87 12.27 -35.81
N GLN K 35 -37.31 12.02 -34.62
CA GLN K 35 -37.88 12.64 -33.44
C GLN K 35 -36.79 12.94 -32.43
N ALA K 36 -37.03 13.99 -31.65
CA ALA K 36 -36.08 14.44 -30.64
C ALA K 36 -36.21 13.70 -29.32
N PHE K 37 -37.43 13.42 -28.85
CA PHE K 37 -37.63 12.68 -27.63
C PHE K 37 -38.70 11.61 -27.81
N SER K 38 -38.43 10.41 -27.29
CA SER K 38 -39.40 9.31 -27.35
C SER K 38 -40.42 9.47 -26.21
N GLY K 39 -41.26 10.50 -26.38
CA GLY K 39 -42.08 10.95 -25.28
C GLY K 39 -42.94 9.86 -24.68
N SER K 40 -43.36 8.89 -25.49
CA SER K 40 -44.10 7.75 -24.95
C SER K 40 -43.23 6.88 -24.05
N ALA K 41 -41.96 6.71 -24.39
CA ALA K 41 -41.07 5.97 -23.51
C ALA K 41 -40.80 6.71 -22.21
N ILE K 42 -40.76 8.04 -22.27
CA ILE K 42 -40.73 8.81 -21.03
C ILE K 42 -42.02 8.63 -20.24
N ALA K 43 -43.17 8.75 -20.90
CA ALA K 43 -44.43 8.69 -20.18
C ALA K 43 -44.69 7.32 -19.56
N THR K 44 -44.17 6.27 -20.17
CA THR K 44 -44.25 4.95 -19.57
C THR K 44 -43.29 4.79 -18.40
N ALA K 45 -42.08 5.33 -18.49
CA ALA K 45 -41.17 5.15 -17.37
C ALA K 45 -41.61 6.00 -16.17
N VAL K 46 -42.00 7.25 -16.43
CA VAL K 46 -42.52 8.13 -15.39
C VAL K 46 -43.78 7.56 -14.76
N ASP K 47 -44.63 6.87 -15.53
CA ASP K 47 -45.73 6.18 -14.90
C ASP K 47 -45.22 5.22 -13.85
N LYS K 48 -44.32 4.31 -14.25
CA LYS K 48 -43.94 3.22 -13.38
C LYS K 48 -43.32 3.71 -12.08
N GLN K 49 -42.43 4.70 -12.17
CA GLN K 49 -41.83 5.26 -10.94
C GLN K 49 -42.74 6.25 -10.19
N THR K 50 -44.05 6.25 -10.42
CA THR K 50 -44.97 7.13 -9.71
C THR K 50 -46.28 6.46 -9.34
N ILE K 51 -46.71 5.43 -10.05
CA ILE K 51 -47.85 4.61 -9.61
C ILE K 51 -47.47 3.83 -8.37
N THR K 52 -46.18 3.56 -8.17
CA THR K 52 -45.71 2.74 -7.07
C THR K 52 -45.84 3.51 -5.75
N ASN K 53 -46.83 3.12 -4.94
CA ASN K 53 -47.06 3.71 -3.62
C ASN K 53 -47.39 2.57 -2.66
N ARG K 54 -46.42 2.17 -1.85
CA ARG K 54 -46.54 1.05 -0.91
C ARG K 54 -46.79 -0.28 -1.63
N ILE K 55 -45.93 -0.57 -2.61
CA ILE K 55 -45.89 -1.87 -3.25
C ILE K 55 -44.45 -2.12 -3.67
N GLU K 56 -44.06 -3.38 -3.71
CA GLU K 56 -42.65 -3.79 -3.71
C GLU K 56 -41.98 -3.15 -2.49
N ASP K 57 -40.88 -2.42 -2.63
CA ASP K 57 -40.21 -1.83 -1.48
C ASP K 57 -39.59 -0.50 -1.87
N PRO K 58 -39.34 0.38 -0.90
CA PRO K 58 -38.58 1.62 -1.13
C PRO K 58 -37.06 1.44 -1.04
N ASN K 59 -36.38 2.58 -1.17
CA ASN K 59 -34.96 2.76 -0.84
C ASN K 59 -33.99 1.90 -1.67
N LEU K 60 -34.28 1.58 -2.92
CA LEU K 60 -33.31 0.78 -3.69
C LEU K 60 -32.23 1.70 -4.23
N VAL K 61 -31.62 2.46 -3.33
CA VAL K 61 -30.37 3.16 -3.56
C VAL K 61 -29.18 2.25 -3.87
N THR K 62 -29.30 0.93 -3.71
CA THR K 62 -28.12 0.11 -3.53
C THR K 62 -27.90 -1.04 -4.51
N ASP K 63 -28.85 -1.40 -5.35
CA ASP K 63 -28.45 -2.54 -6.18
C ASP K 63 -27.93 -2.06 -7.53
N PRO K 64 -26.72 -2.46 -7.91
CA PRO K 64 -26.08 -1.87 -9.10
C PRO K 64 -26.78 -2.16 -10.42
N LYS K 65 -27.70 -3.10 -10.48
CA LYS K 65 -28.42 -3.33 -11.73
C LYS K 65 -29.63 -2.42 -11.92
N GLU K 66 -30.41 -2.17 -10.88
CA GLU K 66 -31.50 -1.21 -10.98
C GLU K 66 -31.00 0.21 -10.90
N LEU K 67 -29.95 0.43 -10.12
CA LEU K 67 -29.33 1.74 -10.06
C LEU K 67 -28.73 2.18 -11.38
N ALA K 68 -28.50 1.27 -12.31
CA ALA K 68 -28.06 1.69 -13.64
C ALA K 68 -29.21 1.95 -14.59
N ILE K 69 -30.43 1.57 -14.21
CA ILE K 69 -31.62 1.89 -14.97
C ILE K 69 -32.18 3.24 -14.57
N SER K 70 -32.10 3.54 -13.28
CA SER K 70 -32.53 4.86 -12.82
C SER K 70 -31.72 6.00 -13.42
N GLN K 71 -30.46 5.77 -13.77
CA GLN K 71 -29.64 6.86 -14.29
C GLN K 71 -30.17 7.41 -15.61
N GLU K 72 -30.64 6.52 -16.47
CA GLU K 72 -31.26 6.93 -17.73
C GLU K 72 -32.49 7.78 -17.52
N MET K 73 -33.38 7.37 -16.62
CA MET K 73 -34.61 8.11 -16.48
C MET K 73 -34.38 9.45 -15.82
N ILE K 74 -33.58 9.45 -14.76
CA ILE K 74 -33.31 10.70 -14.05
C ILE K 74 -32.66 11.71 -14.96
N SER K 75 -31.85 11.27 -15.92
CA SER K 75 -31.29 12.24 -16.86
C SER K 75 -32.29 12.70 -17.91
N ASP K 76 -32.97 11.74 -18.55
CA ASP K 76 -33.85 12.09 -19.66
C ASP K 76 -35.01 12.98 -19.27
N TYR K 77 -35.59 12.77 -18.10
CA TYR K 77 -36.69 13.66 -17.73
C TYR K 77 -36.21 15.06 -17.42
N ASN K 78 -35.00 15.20 -16.91
CA ASN K 78 -34.44 16.53 -16.70
C ASN K 78 -34.20 17.25 -18.01
N LEU K 79 -33.78 16.51 -19.04
CA LEU K 79 -33.56 17.16 -20.33
C LEU K 79 -34.88 17.57 -20.97
N TYR K 80 -35.87 16.69 -20.94
CA TYR K 80 -37.16 17.01 -21.53
C TYR K 80 -37.76 18.27 -20.90
N VAL K 81 -37.75 18.34 -19.58
CA VAL K 81 -38.27 19.52 -18.92
C VAL K 81 -37.46 20.75 -19.25
N SER K 82 -36.15 20.62 -19.39
CA SER K 82 -35.36 21.78 -19.76
C SER K 82 -35.70 22.29 -21.16
N MET K 83 -35.95 21.37 -22.09
CA MET K 83 -36.30 21.79 -23.46
C MET K 83 -37.61 22.55 -23.52
N VAL K 84 -38.65 22.05 -22.85
CA VAL K 84 -39.91 22.76 -22.93
C VAL K 84 -39.81 24.21 -22.46
N SER K 85 -38.94 24.48 -21.48
CA SER K 85 -38.76 25.82 -20.98
C SER K 85 -38.26 26.78 -22.04
N THR K 86 -37.44 26.30 -22.96
CA THR K 86 -36.93 27.17 -23.99
C THR K 86 -37.96 27.37 -25.08
N LEU K 87 -38.59 26.28 -25.51
CA LEU K 87 -39.59 26.42 -26.56
C LEU K 87 -40.67 27.44 -26.23
N THR K 88 -41.18 27.44 -25.00
CA THR K 88 -42.21 28.44 -24.68
C THR K 88 -41.69 29.88 -24.76
N ARG K 89 -40.49 30.13 -24.25
CA ARG K 89 -39.91 31.46 -24.39
C ARG K 89 -39.77 31.86 -25.85
N LYS K 90 -39.22 30.98 -26.68
CA LYS K 90 -39.15 31.28 -28.11
C LYS K 90 -40.51 31.65 -28.70
N GLY K 91 -41.52 30.82 -28.48
CA GLY K 91 -42.84 31.13 -28.99
C GLY K 91 -43.39 32.49 -28.60
N VAL K 92 -43.42 32.76 -27.30
CA VAL K 92 -43.82 34.09 -26.82
C VAL K 92 -42.97 35.19 -27.43
N GLY K 93 -41.66 35.00 -27.52
CA GLY K 93 -40.83 36.02 -28.13
C GLY K 93 -41.14 36.27 -29.58
N ALA K 94 -41.53 35.23 -30.31
CA ALA K 94 -41.91 35.43 -31.71
C ALA K 94 -43.19 36.24 -31.83
N VAL K 95 -44.15 35.98 -30.96
CA VAL K 95 -45.37 36.77 -30.98
C VAL K 95 -45.09 38.24 -30.63
N GLU K 96 -44.32 38.48 -29.59
CA GLU K 96 -43.98 39.86 -29.27
C GLU K 96 -43.21 40.55 -30.39
N THR K 97 -42.32 39.83 -31.04
CA THR K 97 -41.56 40.41 -32.15
C THR K 97 -42.48 40.87 -33.27
N LEU K 98 -43.44 40.02 -33.65
CA LEU K 98 -44.34 40.44 -34.71
C LEU K 98 -45.24 41.59 -34.28
N LEU K 99 -45.80 41.53 -33.08
CA LEU K 99 -46.73 42.57 -32.68
C LEU K 99 -46.07 43.94 -32.54
N ARG K 100 -44.80 44.01 -32.14
CA ARG K 100 -44.16 45.34 -32.15
C ARG K 100 -43.86 45.86 -33.55
N SER K 101 -43.76 45.00 -34.54
CA SER K 101 -43.11 45.39 -35.78
C SER K 101 -44.05 45.29 -36.96
N PRO L 8 -9.31 -4.86 -45.52
CA PRO L 8 -8.21 -5.82 -45.61
C PRO L 8 -6.88 -5.19 -45.23
N GLU L 9 -5.85 -6.01 -45.00
CA GLU L 9 -4.53 -5.51 -44.67
C GLU L 9 -3.48 -5.78 -45.74
N ASN L 10 -3.65 -6.83 -46.54
CA ASN L 10 -2.69 -7.18 -47.59
C ASN L 10 -3.10 -6.65 -48.95
N ALA L 11 -3.80 -5.51 -48.99
CA ALA L 11 -4.26 -4.99 -50.27
C ALA L 11 -4.37 -3.49 -50.18
N VAL L 12 -4.09 -2.83 -51.30
CA VAL L 12 -4.21 -1.39 -51.44
C VAL L 12 -5.09 -1.15 -52.66
N ILE L 13 -6.05 -0.24 -52.53
CA ILE L 13 -7.05 -0.07 -53.57
C ILE L 13 -7.27 1.42 -53.79
N GLY L 14 -6.97 1.89 -54.99
CA GLY L 14 -7.05 3.28 -55.34
C GLY L 14 -8.30 3.60 -56.12
N GLN L 15 -8.24 4.74 -56.80
CA GLN L 15 -9.25 5.15 -57.76
C GLN L 15 -8.48 5.69 -58.96
N ALA L 16 -8.92 5.33 -60.17
CA ALA L 16 -8.08 5.57 -61.33
C ALA L 16 -7.72 7.05 -61.44
N VAL L 17 -8.74 7.89 -61.61
CA VAL L 17 -8.62 9.33 -61.41
C VAL L 17 -9.92 9.79 -60.77
N ASN L 18 -9.82 10.64 -59.74
CA ASN L 18 -11.00 11.00 -58.97
C ASN L 18 -11.74 12.16 -59.63
N ILE L 19 -12.47 11.83 -60.69
CA ILE L 19 -13.53 12.70 -61.18
C ILE L 19 -14.67 12.72 -60.18
N ARG L 20 -15.36 13.86 -60.07
CA ARG L 20 -16.40 14.02 -59.06
C ARG L 20 -17.61 14.71 -59.67
N SER L 21 -18.64 13.91 -59.99
CA SER L 21 -19.91 14.43 -60.47
C SER L 21 -20.59 15.30 -59.42
N MET L 22 -20.41 14.97 -58.14
CA MET L 22 -20.99 15.78 -57.09
C MET L 22 -20.27 17.10 -56.88
N GLU L 23 -19.12 17.32 -57.53
CA GLU L 23 -18.63 18.68 -57.59
C GLU L 23 -19.53 19.59 -58.41
N THR L 24 -20.34 19.05 -59.32
CA THR L 24 -21.29 19.88 -60.05
C THR L 24 -22.35 20.45 -59.10
N ASP L 25 -22.60 21.75 -59.21
CA ASP L 25 -23.49 22.50 -58.33
C ASP L 25 -24.97 22.30 -58.67
N ILE L 26 -25.26 21.45 -59.64
CA ILE L 26 -26.49 21.58 -60.44
C ILE L 26 -27.75 21.56 -59.60
N VAL L 27 -27.73 20.87 -58.46
CA VAL L 27 -28.94 20.83 -57.63
C VAL L 27 -29.22 22.18 -56.99
N SER L 28 -30.46 22.32 -56.53
CA SER L 28 -30.94 23.52 -55.86
C SER L 28 -30.28 23.73 -54.50
N LEU L 29 -30.27 25.00 -54.10
CA LEU L 29 -29.91 25.37 -52.73
C LEU L 29 -30.66 24.63 -51.64
N ASP L 30 -31.85 24.09 -51.92
CA ASP L 30 -32.50 23.28 -50.89
C ASP L 30 -32.17 21.79 -50.98
N ASP L 31 -32.03 21.24 -52.18
CA ASP L 31 -31.54 19.87 -52.25
C ASP L 31 -30.16 19.76 -51.63
N ARG L 32 -29.33 20.78 -51.83
CA ARG L 32 -28.05 20.84 -51.13
C ARG L 32 -28.21 20.88 -49.63
N LEU L 33 -29.37 21.27 -49.12
CA LEU L 33 -29.58 21.24 -47.68
C LEU L 33 -30.06 19.87 -47.22
N LEU L 34 -31.01 19.30 -47.96
CA LEU L 34 -31.55 18.01 -47.57
C LEU L 34 -30.47 16.94 -47.57
N GLN L 35 -29.53 17.00 -48.52
CA GLN L 35 -28.45 16.02 -48.50
C GLN L 35 -27.69 16.07 -47.19
N ALA L 36 -27.26 17.26 -46.81
CA ALA L 36 -26.54 17.45 -45.56
C ALA L 36 -27.33 16.90 -44.38
N PHE L 37 -28.58 17.33 -44.22
CA PHE L 37 -29.34 16.85 -43.09
C PHE L 37 -29.46 15.33 -43.06
N SER L 38 -29.89 14.73 -44.16
CA SER L 38 -30.06 13.28 -44.20
C SER L 38 -28.76 12.52 -43.92
N GLY L 39 -27.67 12.95 -44.51
CA GLY L 39 -26.40 12.27 -44.26
C GLY L 39 -25.91 12.40 -42.84
N SER L 40 -26.01 13.58 -42.26
CA SER L 40 -25.61 13.75 -40.87
C SER L 40 -26.47 12.92 -39.93
N ALA L 41 -27.79 12.92 -40.12
CA ALA L 41 -28.63 12.12 -39.25
C ALA L 41 -28.30 10.64 -39.31
N ILE L 42 -28.05 10.11 -40.49
CA ILE L 42 -27.71 8.69 -40.56
C ILE L 42 -26.34 8.43 -39.93
N ALA L 43 -25.35 9.24 -40.25
CA ALA L 43 -24.02 9.02 -39.69
C ALA L 43 -24.05 9.00 -38.16
N THR L 44 -24.76 9.94 -37.54
CA THR L 44 -24.79 9.94 -36.08
C THR L 44 -25.53 8.76 -35.50
N ALA L 45 -26.66 8.35 -36.08
CA ALA L 45 -27.34 7.20 -35.51
C ALA L 45 -26.50 5.93 -35.60
N VAL L 46 -25.78 5.76 -36.70
CA VAL L 46 -24.90 4.61 -36.85
C VAL L 46 -23.77 4.65 -35.83
N ASP L 47 -23.12 5.79 -35.67
CA ASP L 47 -22.04 5.89 -34.70
C ASP L 47 -22.50 5.58 -33.29
N LYS L 48 -23.60 6.18 -32.85
CA LYS L 48 -24.09 5.87 -31.51
C LYS L 48 -24.34 4.39 -31.32
N GLN L 49 -25.02 3.75 -32.27
CA GLN L 49 -25.24 2.32 -32.14
C GLN L 49 -23.93 1.53 -32.03
N THR L 50 -22.97 1.79 -32.91
CA THR L 50 -21.70 1.10 -32.84
C THR L 50 -21.03 1.24 -31.47
N ILE L 51 -20.91 2.47 -30.98
CA ILE L 51 -20.34 2.66 -29.64
C ILE L 51 -21.06 1.82 -28.61
N THR L 52 -22.38 1.79 -28.63
CA THR L 52 -23.11 1.00 -27.65
C THR L 52 -22.73 -0.48 -27.73
N ASN L 53 -22.79 -1.06 -28.93
CA ASN L 53 -22.39 -2.45 -29.09
C ASN L 53 -20.99 -2.74 -28.56
N ARG L 54 -20.03 -1.87 -28.86
CA ARG L 54 -18.67 -2.09 -28.36
C ARG L 54 -18.57 -2.16 -26.85
N ILE L 55 -19.60 -1.78 -26.12
CA ILE L 55 -19.60 -1.81 -24.67
C ILE L 55 -20.43 -2.98 -24.16
N GLU L 56 -21.55 -3.25 -24.80
CA GLU L 56 -22.34 -4.42 -24.41
C GLU L 56 -21.55 -5.71 -24.61
N ASP L 57 -20.69 -5.78 -25.62
CA ASP L 57 -20.06 -7.06 -25.92
C ASP L 57 -18.86 -7.30 -25.01
N PRO L 58 -18.82 -8.42 -24.27
CA PRO L 58 -17.84 -8.56 -23.19
C PRO L 58 -16.40 -8.72 -23.64
N ASN L 59 -16.13 -9.16 -24.86
CA ASN L 59 -14.75 -9.31 -25.27
C ASN L 59 -14.13 -8.02 -25.78
N LEU L 60 -14.93 -7.00 -26.04
CA LEU L 60 -14.47 -5.71 -26.49
C LEU L 60 -14.19 -4.79 -25.33
N VAL L 61 -15.01 -4.84 -24.30
CA VAL L 61 -14.94 -3.93 -23.17
C VAL L 61 -13.90 -4.37 -22.14
N THR L 62 -13.10 -5.37 -22.45
CA THR L 62 -12.15 -5.88 -21.47
C THR L 62 -10.78 -6.19 -22.07
N ASP L 63 -10.48 -5.71 -23.27
CA ASP L 63 -9.18 -5.92 -23.88
C ASP L 63 -8.53 -4.58 -24.18
N PRO L 64 -7.34 -4.29 -23.65
CA PRO L 64 -6.78 -2.95 -23.84
C PRO L 64 -6.76 -2.50 -25.29
N LYS L 65 -6.49 -3.43 -26.20
CA LYS L 65 -6.43 -3.07 -27.61
C LYS L 65 -7.75 -2.48 -28.09
N GLU L 66 -8.85 -3.08 -27.65
CA GLU L 66 -10.18 -2.62 -28.03
C GLU L 66 -10.61 -1.36 -27.28
N LEU L 67 -10.23 -1.25 -26.02
CA LEU L 67 -10.58 -0.06 -25.27
C LEU L 67 -9.90 1.17 -25.87
N ALA L 68 -8.64 1.04 -26.25
CA ALA L 68 -7.96 2.19 -26.84
C ALA L 68 -8.70 2.71 -28.06
N ILE L 69 -9.26 1.83 -28.87
CA ILE L 69 -10.06 2.25 -30.02
C ILE L 69 -11.38 2.91 -29.61
N SER L 70 -12.10 2.29 -28.67
CA SER L 70 -13.35 2.89 -28.24
C SER L 70 -13.18 4.30 -27.70
N GLN L 71 -12.07 4.56 -26.99
CA GLN L 71 -11.83 5.93 -26.51
C GLN L 71 -11.84 6.93 -27.65
N GLU L 72 -11.19 6.60 -28.76
CA GLU L 72 -11.18 7.45 -29.93
C GLU L 72 -12.57 7.62 -30.52
N MET L 73 -13.29 6.51 -30.71
CA MET L 73 -14.64 6.64 -31.24
C MET L 73 -15.48 7.63 -30.43
N ILE L 74 -15.45 7.52 -29.10
CA ILE L 74 -16.23 8.44 -28.27
C ILE L 74 -15.80 9.88 -28.46
N SER L 75 -14.51 10.14 -28.46
CA SER L 75 -14.09 11.53 -28.61
C SER L 75 -14.47 12.10 -29.98
N ASP L 76 -14.24 11.34 -31.05
CA ASP L 76 -14.61 11.82 -32.37
C ASP L 76 -16.10 12.13 -32.47
N TYR L 77 -16.95 11.27 -31.90
CA TYR L 77 -18.37 11.57 -31.87
C TYR L 77 -18.66 12.91 -31.19
N ASN L 78 -18.12 13.08 -29.99
CA ASN L 78 -18.30 14.34 -29.28
C ASN L 78 -17.94 15.56 -30.12
N LEU L 79 -16.73 15.58 -30.67
CA LEU L 79 -16.30 16.72 -31.47
C LEU L 79 -17.21 16.97 -32.67
N TYR L 80 -17.58 15.92 -33.38
CA TYR L 80 -18.44 16.09 -34.54
C TYR L 80 -19.75 16.79 -34.19
N VAL L 81 -20.51 16.22 -33.25
CA VAL L 81 -21.77 16.85 -32.88
C VAL L 81 -21.60 18.28 -32.37
N SER L 82 -20.58 18.53 -31.55
CA SER L 82 -20.38 19.89 -31.05
C SER L 82 -20.12 20.89 -32.17
N MET L 83 -19.43 20.47 -33.21
CA MET L 83 -19.17 21.43 -34.28
C MET L 83 -20.39 21.66 -35.16
N VAL L 84 -21.15 20.62 -35.46
CA VAL L 84 -22.38 20.86 -36.22
C VAL L 84 -23.29 21.83 -35.48
N SER L 85 -23.48 21.62 -34.18
CA SER L 85 -24.30 22.54 -33.39
C SER L 85 -23.79 23.98 -33.46
N THR L 86 -22.50 24.18 -33.19
CA THR L 86 -21.94 25.52 -33.23
C THR L 86 -22.19 26.23 -34.56
N LEU L 87 -21.78 25.62 -35.67
CA LEU L 87 -22.00 26.26 -36.97
C LEU L 87 -23.46 26.53 -37.25
N THR L 88 -24.38 25.67 -36.82
CA THR L 88 -25.80 25.97 -37.07
C THR L 88 -26.23 27.23 -36.32
N ARG L 89 -25.88 27.30 -35.05
CA ARG L 89 -26.18 28.51 -34.28
C ARG L 89 -25.61 29.76 -34.93
N LYS L 90 -24.34 29.73 -35.31
CA LYS L 90 -23.76 30.89 -35.98
C LYS L 90 -24.53 31.28 -37.23
N GLY L 91 -24.96 30.29 -37.99
CA GLY L 91 -25.75 30.57 -39.17
C GLY L 91 -27.06 31.28 -38.92
N VAL L 92 -27.96 30.69 -38.14
CA VAL L 92 -29.21 31.39 -37.81
C VAL L 92 -28.95 32.73 -37.13
N GLY L 93 -27.92 32.83 -36.31
CA GLY L 93 -27.62 34.11 -35.69
C GLY L 93 -27.26 35.21 -36.68
N ALA L 94 -26.67 34.85 -37.81
CA ALA L 94 -26.43 35.87 -38.82
C ALA L 94 -27.72 36.41 -39.41
N VAL L 95 -28.61 35.52 -39.85
CA VAL L 95 -29.92 35.93 -40.33
C VAL L 95 -30.61 36.86 -39.33
N GLU L 96 -30.69 36.44 -38.08
CA GLU L 96 -31.31 37.27 -37.07
C GLU L 96 -30.66 38.64 -36.93
N THR L 97 -29.33 38.70 -36.94
CA THR L 97 -28.65 39.99 -36.84
C THR L 97 -29.01 40.93 -37.99
N LEU L 98 -29.02 40.41 -39.22
CA LEU L 98 -29.35 41.26 -40.35
C LEU L 98 -30.81 41.69 -40.34
N LEU L 99 -31.75 40.76 -40.20
CA LEU L 99 -33.15 41.15 -40.28
C LEU L 99 -33.61 42.02 -39.13
N ARG L 100 -33.00 41.95 -37.94
CA ARG L 100 -33.45 42.90 -36.93
C ARG L 100 -32.80 44.27 -37.10
N SER L 101 -31.79 44.39 -37.95
CA SER L 101 -31.13 45.67 -38.16
C SER L 101 -32.04 46.56 -38.99
N VAL M 12 24.32 12.88 -36.46
CA VAL M 12 24.83 11.55 -36.17
C VAL M 12 24.77 10.68 -37.44
N ILE M 13 23.61 10.11 -37.78
CA ILE M 13 23.47 9.26 -38.96
C ILE M 13 22.28 9.73 -39.77
N GLY M 14 22.47 9.81 -41.09
CA GLY M 14 21.43 10.26 -41.99
C GLY M 14 20.69 11.52 -41.57
N GLN M 15 21.38 12.66 -41.51
CA GLN M 15 20.82 13.88 -40.95
C GLN M 15 21.10 15.03 -41.90
N ALA M 16 20.14 15.93 -42.06
CA ALA M 16 20.31 17.05 -42.98
C ALA M 16 19.54 18.26 -42.46
N VAL M 17 20.02 19.45 -42.82
CA VAL M 17 19.36 20.70 -42.44
C VAL M 17 19.28 21.62 -43.65
N ASN M 18 18.17 22.34 -43.76
CA ASN M 18 17.97 23.35 -44.79
C ASN M 18 18.67 24.66 -44.39
N ILE M 19 19.68 25.06 -45.14
CA ILE M 19 20.47 26.24 -44.79
C ILE M 19 19.77 27.53 -45.17
N ARG M 20 19.23 27.61 -46.38
CA ARG M 20 18.66 28.85 -46.90
C ARG M 20 17.15 28.72 -47.01
N SER M 21 16.42 29.57 -46.28
CA SER M 21 15.00 29.73 -46.51
C SER M 21 14.71 30.56 -47.75
N MET M 22 13.72 30.13 -48.52
CA MET M 22 13.11 30.99 -49.51
C MET M 22 12.52 32.23 -48.87
N GLU M 23 12.35 33.28 -49.67
CA GLU M 23 12.08 34.61 -49.17
C GLU M 23 10.92 35.21 -49.96
N THR M 24 10.29 36.24 -49.41
CA THR M 24 9.20 36.90 -50.11
C THR M 24 9.12 38.36 -49.69
N ASP M 25 8.54 39.16 -50.59
CA ASP M 25 8.11 40.52 -50.27
C ASP M 25 6.88 40.53 -49.36
N ILE M 26 6.78 41.57 -48.53
CA ILE M 26 5.66 41.78 -47.63
C ILE M 26 5.26 43.25 -47.71
N VAL M 27 4.12 43.52 -48.33
CA VAL M 27 3.82 44.87 -48.81
C VAL M 27 2.46 45.35 -48.32
N SER M 28 1.63 44.45 -47.81
CA SER M 28 0.28 44.83 -47.41
C SER M 28 -0.14 44.03 -46.17
N LEU M 29 -1.14 44.58 -45.48
CA LEU M 29 -1.69 43.88 -44.32
C LEU M 29 -2.23 42.51 -44.70
N ASP M 30 -2.65 42.34 -45.95
CA ASP M 30 -3.11 41.04 -46.40
C ASP M 30 -1.99 40.02 -46.33
N ASP M 31 -0.85 40.35 -46.92
CA ASP M 31 0.26 39.42 -46.93
C ASP M 31 0.85 39.23 -45.54
N ARG M 32 0.88 40.29 -44.73
CA ARG M 32 1.31 40.09 -43.35
C ARG M 32 0.40 39.13 -42.60
N LEU M 33 -0.87 39.08 -42.98
CA LEU M 33 -1.76 38.17 -42.26
C LEU M 33 -1.56 36.75 -42.75
N LEU M 34 -1.59 36.54 -44.06
CA LEU M 34 -1.39 35.19 -44.57
C LEU M 34 -0.08 34.63 -44.08
N GLN M 35 0.95 35.47 -44.00
CA GLN M 35 2.25 35.00 -43.54
C GLN M 35 2.20 34.56 -42.08
N ALA M 36 1.59 35.35 -41.21
CA ALA M 36 1.51 34.91 -39.81
C ALA M 36 0.69 33.62 -39.64
N PHE M 37 -0.39 33.51 -40.40
CA PHE M 37 -1.15 32.26 -40.38
C PHE M 37 -0.31 31.06 -40.82
N SER M 38 0.32 31.16 -41.98
CA SER M 38 1.08 30.03 -42.48
C SER M 38 2.22 29.69 -41.55
N GLY M 39 2.86 30.70 -40.97
CA GLY M 39 3.91 30.43 -40.02
C GLY M 39 3.45 29.63 -38.82
N SER M 40 2.25 29.89 -38.32
CA SER M 40 1.79 29.12 -37.17
C SER M 40 1.31 27.71 -37.52
N ALA M 41 0.55 27.58 -38.59
CA ALA M 41 0.04 26.27 -38.99
C ALA M 41 1.12 25.19 -39.03
N ILE M 42 2.22 25.47 -39.72
CA ILE M 42 3.26 24.46 -39.91
C ILE M 42 3.93 24.09 -38.61
N ALA M 43 4.31 25.08 -37.80
CA ALA M 43 4.90 24.77 -36.51
C ALA M 43 3.99 23.86 -35.69
N THR M 44 2.69 24.08 -35.76
CA THR M 44 1.78 23.22 -35.01
C THR M 44 1.78 21.79 -35.53
N ALA M 45 1.64 21.62 -36.84
CA ALA M 45 1.64 20.26 -37.39
C ALA M 45 2.93 19.52 -37.05
N VAL M 46 4.06 20.18 -37.22
CA VAL M 46 5.35 19.56 -36.89
C VAL M 46 5.40 19.11 -35.44
N ASP M 47 5.00 19.98 -34.52
CA ASP M 47 5.03 19.59 -33.11
C ASP M 47 4.15 18.38 -32.83
N LYS M 48 2.92 18.39 -33.31
CA LYS M 48 2.04 17.25 -33.06
C LYS M 48 2.64 15.94 -33.58
N GLN M 49 3.15 15.95 -34.81
CA GLN M 49 3.79 14.74 -35.32
C GLN M 49 4.96 14.29 -34.46
N THR M 50 5.86 15.22 -34.12
CA THR M 50 7.00 14.87 -33.29
C THR M 50 6.56 14.17 -32.00
N ILE M 51 5.62 14.76 -31.27
CA ILE M 51 5.13 14.12 -30.05
C ILE M 51 4.60 12.72 -30.33
N THR M 52 3.74 12.57 -31.35
CA THR M 52 3.23 11.25 -31.66
C THR M 52 4.33 10.22 -31.86
N ASN M 53 5.40 10.56 -32.57
CA ASN M 53 6.49 9.61 -32.74
C ASN M 53 7.19 9.30 -31.42
N ARG M 54 7.49 10.32 -30.63
CA ARG M 54 8.12 10.10 -29.33
C ARG M 54 7.28 9.22 -28.42
N ILE M 55 5.97 9.12 -28.65
CA ILE M 55 5.16 8.20 -27.85
C ILE M 55 5.18 6.76 -28.32
N GLU M 56 5.82 6.45 -29.44
CA GLU M 56 5.74 5.12 -30.00
C GLU M 56 7.09 4.55 -30.39
N ASP M 57 8.15 5.31 -30.31
CA ASP M 57 9.46 4.67 -30.30
C ASP M 57 9.72 4.08 -28.92
N PRO M 58 9.81 2.75 -28.80
CA PRO M 58 9.93 2.14 -27.47
C PRO M 58 11.21 2.42 -26.72
N ASN M 59 12.25 2.93 -27.38
CA ASN M 59 13.41 3.39 -26.63
C ASN M 59 13.13 4.70 -25.92
N LEU M 60 12.17 5.47 -26.41
CA LEU M 60 11.82 6.76 -25.85
C LEU M 60 10.65 6.71 -24.88
N VAL M 61 9.72 5.78 -25.06
CA VAL M 61 8.60 5.69 -24.14
C VAL M 61 9.03 5.22 -22.75
N THR M 62 10.15 4.52 -22.63
CA THR M 62 10.46 3.81 -21.40
C THR M 62 11.74 4.30 -20.73
N ASP M 63 12.32 5.40 -21.18
CA ASP M 63 13.55 5.88 -20.59
C ASP M 63 13.28 7.16 -19.81
N PRO M 64 13.64 7.24 -18.53
CA PRO M 64 13.31 8.43 -17.74
C PRO M 64 13.78 9.72 -18.35
N LYS M 65 14.94 9.73 -18.98
CA LYS M 65 15.45 10.98 -19.54
C LYS M 65 14.59 11.43 -20.70
N GLU M 66 14.09 10.50 -21.50
CA GLU M 66 13.29 10.89 -22.65
C GLU M 66 11.88 11.25 -22.25
N LEU M 67 11.35 10.59 -21.23
CA LEU M 67 10.02 10.96 -20.76
C LEU M 67 10.03 12.35 -20.14
N ALA M 68 11.11 12.69 -19.44
CA ALA M 68 11.20 14.02 -18.85
C ALA M 68 11.12 15.11 -19.91
N ILE M 69 11.55 14.81 -21.13
CA ILE M 69 11.46 15.76 -22.22
C ILE M 69 10.07 15.80 -22.81
N SER M 70 9.53 14.64 -23.14
CA SER M 70 8.20 14.61 -23.73
C SER M 70 7.19 15.37 -22.87
N GLN M 71 7.33 15.30 -21.55
CA GLN M 71 6.41 16.06 -20.69
C GLN M 71 6.40 17.54 -21.06
N GLU M 72 7.57 18.13 -21.19
CA GLU M 72 7.67 19.54 -21.54
C GLU M 72 7.09 19.81 -22.90
N MET M 73 7.46 19.02 -23.89
CA MET M 73 6.90 19.25 -25.22
C MET M 73 5.38 19.29 -25.21
N ILE M 74 4.74 18.36 -24.49
CA ILE M 74 3.29 18.38 -24.41
C ILE M 74 2.78 19.66 -23.77
N SER M 75 3.41 20.07 -22.67
CA SER M 75 2.95 21.28 -22.00
C SER M 75 3.05 22.49 -22.91
N ASP M 76 4.21 22.73 -23.49
CA ASP M 76 4.39 23.86 -24.39
C ASP M 76 3.36 23.86 -25.50
N TYR M 77 3.03 22.70 -26.05
CA TYR M 77 2.01 22.67 -27.09
C TYR M 77 0.68 23.18 -26.58
N ASN M 78 0.24 22.63 -25.45
CA ASN M 78 -1.02 23.08 -24.86
C ASN M 78 -1.08 24.59 -24.66
N LEU M 79 -0.07 25.15 -23.99
CA LEU M 79 -0.06 26.59 -23.73
C LEU M 79 -0.11 27.40 -25.01
N TYR M 80 0.73 27.07 -25.98
CA TYR M 80 0.76 27.85 -27.21
C TYR M 80 -0.59 27.87 -27.94
N VAL M 81 -1.19 26.71 -28.16
CA VAL M 81 -2.48 26.72 -28.84
C VAL M 81 -3.57 27.42 -28.04
N SER M 82 -3.53 27.35 -26.70
CA SER M 82 -4.52 28.09 -25.92
C SER M 82 -4.35 29.60 -26.03
N MET M 83 -3.12 30.08 -26.06
CA MET M 83 -2.90 31.50 -26.28
C MET M 83 -3.43 31.97 -27.63
N VAL M 84 -3.06 31.30 -28.69
CA VAL M 84 -3.53 31.73 -30.01
C VAL M 84 -5.06 31.75 -30.08
N SER M 85 -5.70 30.75 -29.50
CA SER M 85 -7.16 30.75 -29.45
C SER M 85 -7.72 31.96 -28.72
N THR M 86 -7.18 32.24 -27.54
CA THR M 86 -7.73 33.34 -26.75
C THR M 86 -7.58 34.67 -27.46
N LEU M 87 -6.37 34.99 -27.90
CA LEU M 87 -6.18 36.30 -28.54
C LEU M 87 -6.98 36.44 -29.83
N THR M 88 -7.17 35.37 -30.60
CA THR M 88 -8.04 35.50 -31.76
C THR M 88 -9.46 35.84 -31.36
N ARG M 89 -9.97 35.19 -30.32
CA ARG M 89 -11.36 35.44 -29.96
C ARG M 89 -11.54 36.83 -29.37
N LYS M 90 -10.55 37.31 -28.63
CA LYS M 90 -10.59 38.70 -28.16
C LYS M 90 -10.62 39.70 -29.30
N GLY M 91 -9.81 39.50 -30.33
CA GLY M 91 -9.85 40.43 -31.45
C GLY M 91 -11.19 40.45 -32.16
N VAL M 92 -11.74 39.28 -32.44
CA VAL M 92 -13.04 39.23 -33.10
C VAL M 92 -14.12 39.83 -32.21
N GLY M 93 -14.03 39.63 -30.91
CA GLY M 93 -15.02 40.24 -30.03
C GLY M 93 -14.94 41.74 -29.99
N ALA M 94 -13.74 42.31 -30.12
CA ALA M 94 -13.63 43.76 -30.16
C ALA M 94 -14.25 44.34 -31.42
N VAL M 95 -14.07 43.68 -32.56
CA VAL M 95 -14.74 44.13 -33.77
C VAL M 95 -16.25 44.05 -33.62
N GLU M 96 -16.74 42.90 -33.19
CA GLU M 96 -18.18 42.75 -33.00
C GLU M 96 -18.76 43.80 -32.07
N THR M 97 -18.08 44.09 -30.96
CA THR M 97 -18.57 45.09 -30.03
C THR M 97 -18.65 46.47 -30.65
N LEU M 98 -17.61 46.89 -31.36
CA LEU M 98 -17.68 48.22 -31.95
C LEU M 98 -18.78 48.32 -33.00
N LEU M 99 -18.89 47.33 -33.89
CA LEU M 99 -19.92 47.45 -34.92
C LEU M 99 -21.32 47.36 -34.34
N ARG M 100 -21.54 46.54 -33.30
CA ARG M 100 -22.85 46.55 -32.66
C ARG M 100 -23.14 47.89 -32.05
N SER M 101 -22.13 48.55 -31.50
CA SER M 101 -22.34 49.85 -30.89
C SER M 101 -22.50 50.89 -31.98
N ILE N 13 27.40 32.18 0.62
CA ILE N 13 26.79 33.33 1.27
C ILE N 13 27.25 34.61 0.61
N GLY N 14 26.46 35.12 -0.31
CA GLY N 14 26.72 36.42 -0.90
C GLY N 14 25.40 37.11 -1.16
N GLN N 15 25.18 38.23 -0.48
CA GLN N 15 23.85 38.79 -0.33
C GLN N 15 23.89 40.30 -0.51
N ALA N 16 22.85 40.85 -1.12
CA ALA N 16 22.76 42.29 -1.27
C ALA N 16 21.31 42.71 -1.16
N VAL N 17 21.11 43.95 -0.72
CA VAL N 17 19.78 44.53 -0.53
C VAL N 17 19.78 45.94 -1.10
N ASN N 18 18.73 46.32 -1.82
CA ASN N 18 18.58 47.68 -2.32
C ASN N 18 17.55 48.40 -1.47
N ILE N 19 17.96 49.49 -0.83
CA ILE N 19 17.22 50.01 0.30
C ILE N 19 16.32 51.20 -0.06
N ARG N 20 16.82 52.14 -0.84
CA ARG N 20 16.11 53.39 -1.10
C ARG N 20 15.13 53.25 -2.27
N SER N 21 14.21 52.31 -2.14
CA SER N 21 13.52 51.75 -3.29
C SER N 21 12.26 52.48 -3.73
N MET N 22 11.58 53.24 -2.86
CA MET N 22 10.21 53.63 -3.18
C MET N 22 9.86 54.99 -2.58
N GLU N 23 8.95 55.69 -3.27
CA GLU N 23 8.46 57.01 -2.93
C GLU N 23 7.03 56.92 -2.41
N THR N 24 6.77 57.51 -1.25
CA THR N 24 5.55 57.29 -0.48
C THR N 24 4.53 58.42 -0.62
N ASP N 25 4.85 59.50 -1.33
CA ASP N 25 3.91 60.59 -1.53
C ASP N 25 2.78 60.18 -2.48
N ILE N 26 1.77 61.03 -2.57
CA ILE N 26 0.78 60.94 -3.64
C ILE N 26 1.43 61.30 -4.96
N VAL N 27 1.18 60.49 -5.99
CA VAL N 27 1.86 60.61 -7.27
C VAL N 27 0.87 60.27 -8.38
N SER N 28 1.20 60.76 -9.58
CA SER N 28 0.32 60.61 -10.73
C SER N 28 -0.06 59.16 -10.96
N LEU N 29 -1.28 58.96 -11.46
CA LEU N 29 -1.84 57.61 -11.56
C LEU N 29 -1.09 56.77 -12.58
N ASP N 30 -0.56 57.40 -13.62
CA ASP N 30 0.18 56.67 -14.64
C ASP N 30 1.38 55.92 -14.07
N ASP N 31 2.11 56.53 -13.16
CA ASP N 31 3.33 55.89 -12.66
C ASP N 31 3.10 54.90 -11.55
N ARG N 32 2.01 54.99 -10.79
CA ARG N 32 1.77 53.91 -9.85
C ARG N 32 1.65 52.57 -10.56
N LEU N 33 1.14 52.56 -11.78
CA LEU N 33 1.09 51.33 -12.55
C LEU N 33 2.48 50.82 -12.88
N LEU N 34 3.25 51.60 -13.63
CA LEU N 34 4.61 51.21 -13.96
C LEU N 34 5.39 50.71 -12.74
N GLN N 35 5.31 51.42 -11.61
CA GLN N 35 6.07 50.96 -10.45
C GLN N 35 5.52 49.67 -9.86
N ALA N 36 4.22 49.44 -9.92
CA ALA N 36 3.71 48.18 -9.39
C ALA N 36 4.05 47.03 -10.32
N PHE N 37 3.78 47.21 -11.60
CA PHE N 37 4.12 46.21 -12.60
C PHE N 37 5.57 45.80 -12.53
N SER N 38 6.48 46.76 -12.56
CA SER N 38 7.90 46.45 -12.55
C SER N 38 8.34 45.75 -11.27
N GLY N 39 7.93 46.24 -10.12
CA GLY N 39 8.31 45.54 -8.90
C GLY N 39 7.79 44.12 -8.81
N SER N 40 6.59 43.88 -9.34
CA SER N 40 6.04 42.54 -9.29
C SER N 40 6.74 41.61 -10.28
N ALA N 41 6.92 42.04 -11.53
CA ALA N 41 7.63 41.19 -12.47
C ALA N 41 9.03 40.83 -12.00
N ILE N 42 9.69 41.75 -11.31
CA ILE N 42 11.01 41.43 -10.79
C ILE N 42 10.94 40.38 -9.69
N ALA N 43 10.07 40.59 -8.71
CA ALA N 43 9.94 39.63 -7.63
C ALA N 43 9.63 38.23 -8.13
N THR N 44 8.64 38.08 -9.02
CA THR N 44 8.35 36.74 -9.52
C THR N 44 9.49 36.13 -10.31
N ALA N 45 10.19 36.91 -11.12
CA ALA N 45 11.31 36.32 -11.86
C ALA N 45 12.38 35.75 -10.95
N VAL N 46 12.79 36.51 -9.93
CA VAL N 46 13.81 35.97 -9.03
C VAL N 46 13.29 34.79 -8.21
N ASP N 47 12.06 34.88 -7.72
CA ASP N 47 11.49 33.76 -6.98
C ASP N 47 11.52 32.47 -7.78
N LYS N 48 11.01 32.50 -9.00
CA LYS N 48 11.03 31.33 -9.86
C LYS N 48 12.45 30.78 -10.06
N GLN N 49 13.41 31.65 -10.37
CA GLN N 49 14.78 31.17 -10.50
C GLN N 49 15.28 30.45 -9.25
N THR N 50 15.08 31.04 -8.07
CA THR N 50 15.58 30.35 -6.89
C THR N 50 14.90 29.00 -6.69
N ILE N 51 13.61 28.92 -7.00
CA ILE N 51 12.96 27.61 -6.93
C ILE N 51 13.67 26.60 -7.80
N THR N 52 13.89 26.93 -9.07
CA THR N 52 14.48 25.90 -9.94
C THR N 52 15.89 25.53 -9.51
N ASN N 53 16.69 26.49 -9.08
CA ASN N 53 18.03 26.06 -8.72
C ASN N 53 18.08 25.40 -7.35
N ARG N 54 16.99 25.41 -6.59
CA ARG N 54 16.93 24.58 -5.39
C ARG N 54 16.69 23.13 -5.72
N ILE N 55 16.04 22.86 -6.85
CA ILE N 55 15.78 21.48 -7.27
C ILE N 55 17.00 20.92 -7.96
N GLU N 56 17.69 21.72 -8.77
CA GLU N 56 18.85 21.20 -9.48
C GLU N 56 20.04 20.89 -8.57
N ASP N 57 20.16 21.54 -7.42
CA ASP N 57 21.31 21.30 -6.55
C ASP N 57 21.14 19.99 -5.78
N PRO N 58 22.03 19.01 -5.96
CA PRO N 58 21.86 17.72 -5.25
C PRO N 58 21.93 17.77 -3.76
N ASN N 59 22.58 18.76 -3.17
CA ASN N 59 22.65 18.81 -1.72
C ASN N 59 21.37 19.33 -1.08
N LEU N 60 20.51 19.97 -1.85
CA LEU N 60 19.25 20.54 -1.39
C LEU N 60 18.04 19.69 -1.70
N VAL N 61 18.02 18.99 -2.83
CA VAL N 61 16.91 18.13 -3.16
C VAL N 61 16.82 16.87 -2.31
N THR N 62 17.86 16.52 -1.57
CA THR N 62 17.85 15.28 -0.81
C THR N 62 17.88 15.44 0.70
N ASP N 63 17.90 16.67 1.22
CA ASP N 63 17.91 16.86 2.66
C ASP N 63 16.51 17.15 3.16
N PRO N 64 15.97 16.34 4.08
CA PRO N 64 14.60 16.56 4.56
C PRO N 64 14.38 17.90 5.22
N LYS N 65 15.41 18.57 5.71
CA LYS N 65 15.19 19.88 6.31
C LYS N 65 15.10 20.96 5.25
N GLU N 66 15.63 20.72 4.07
CA GLU N 66 15.66 21.67 2.97
C GLU N 66 14.40 21.54 2.12
N LEU N 67 14.01 20.30 1.87
CA LEU N 67 12.77 20.04 1.14
C LEU N 67 11.59 20.74 1.80
N ALA N 68 11.52 20.72 3.13
CA ALA N 68 10.42 21.39 3.79
C ALA N 68 10.38 22.88 3.50
N ILE N 69 11.51 23.50 3.23
CA ILE N 69 11.53 24.90 2.83
C ILE N 69 11.03 25.06 1.40
N SER N 70 11.58 24.28 0.49
CA SER N 70 11.11 24.36 -0.89
C SER N 70 9.61 24.19 -1.03
N GLN N 71 9.00 23.33 -0.22
CA GLN N 71 7.54 23.18 -0.27
C GLN N 71 6.82 24.49 0.01
N GLU N 72 7.26 25.23 1.01
CA GLU N 72 6.64 26.51 1.34
C GLU N 72 6.86 27.52 0.24
N MET N 73 8.08 27.60 -0.27
CA MET N 73 8.34 28.56 -1.33
C MET N 73 7.43 28.32 -2.53
N ILE N 74 7.32 27.07 -2.96
CA ILE N 74 6.44 26.77 -4.09
C ILE N 74 5.00 27.17 -3.82
N SER N 75 4.49 26.85 -2.64
CA SER N 75 3.10 27.20 -2.36
C SER N 75 2.87 28.70 -2.31
N ASP N 76 3.79 29.44 -1.69
CA ASP N 76 3.64 30.89 -1.64
C ASP N 76 3.63 31.50 -3.03
N TYR N 77 4.51 31.03 -3.90
CA TYR N 77 4.49 31.51 -5.28
C TYR N 77 3.14 31.26 -5.94
N ASN N 78 2.68 30.01 -5.90
CA ASN N 78 1.37 29.69 -6.45
C ASN N 78 0.27 30.65 -6.00
N LEU N 79 0.18 30.89 -4.69
CA LEU N 79 -0.86 31.78 -4.19
C LEU N 79 -0.70 33.21 -4.64
N TYR N 80 0.51 33.75 -4.58
CA TYR N 80 0.70 35.13 -5.01
C TYR N 80 0.28 35.36 -6.45
N VAL N 81 0.74 34.51 -7.37
CA VAL N 81 0.30 34.70 -8.76
C VAL N 81 -1.20 34.46 -8.95
N SER N 82 -1.79 33.53 -8.22
CA SER N 82 -3.24 33.36 -8.33
C SER N 82 -3.99 34.62 -7.93
N MET N 83 -3.50 35.32 -6.91
CA MET N 83 -4.25 36.48 -6.45
C MET N 83 -4.06 37.69 -7.33
N VAL N 84 -2.84 37.95 -7.77
CA VAL N 84 -2.67 39.07 -8.71
C VAL N 84 -3.51 38.88 -9.96
N SER N 85 -3.59 37.64 -10.47
CA SER N 85 -4.46 37.39 -11.61
C SER N 85 -5.93 37.66 -11.30
N THR N 86 -6.41 37.18 -10.17
CA THR N 86 -7.83 37.34 -9.86
C THR N 86 -8.22 38.80 -9.73
N LEU N 87 -7.46 39.56 -8.95
CA LEU N 87 -7.84 40.96 -8.77
C LEU N 87 -7.71 41.76 -10.05
N THR N 88 -6.71 41.49 -10.89
CA THR N 88 -6.67 42.23 -12.15
C THR N 88 -7.87 41.93 -13.03
N ARG N 89 -8.30 40.68 -13.08
CA ARG N 89 -9.48 40.35 -13.87
C ARG N 89 -10.72 41.05 -13.35
N LYS N 90 -10.89 41.14 -12.04
CA LYS N 90 -12.07 41.85 -11.55
C LYS N 90 -11.96 43.35 -11.76
N GLY N 91 -10.75 43.88 -11.76
CA GLY N 91 -10.56 45.27 -12.10
C GLY N 91 -11.03 45.63 -13.49
N VAL N 92 -10.52 44.96 -14.52
CA VAL N 92 -11.08 45.23 -15.84
C VAL N 92 -12.54 44.81 -16.00
N GLY N 93 -13.00 43.84 -15.20
CA GLY N 93 -14.41 43.48 -15.23
C GLY N 93 -15.34 44.58 -14.77
N ALA N 94 -14.89 45.41 -13.84
CA ALA N 94 -15.73 46.54 -13.45
C ALA N 94 -15.90 47.52 -14.59
N VAL N 95 -14.78 47.96 -15.17
CA VAL N 95 -14.82 48.96 -16.22
C VAL N 95 -15.70 48.49 -17.36
N GLU N 96 -15.53 47.24 -17.80
CA GLU N 96 -16.33 46.83 -18.95
C GLU N 96 -17.82 46.81 -18.67
N THR N 97 -18.24 46.61 -17.42
CA THR N 97 -19.67 46.67 -17.17
C THR N 97 -20.17 48.11 -17.08
N LEU N 98 -19.45 48.98 -16.40
CA LEU N 98 -19.89 50.36 -16.37
C LEU N 98 -19.96 50.97 -17.76
N LEU N 99 -19.02 50.64 -18.63
CA LEU N 99 -19.06 51.20 -19.98
C LEU N 99 -20.14 50.56 -20.86
N ARG N 100 -20.20 49.23 -20.92
CA ARG N 100 -21.26 48.64 -21.72
C ARG N 100 -22.63 49.10 -21.27
N SER N 101 -22.87 49.12 -19.97
CA SER N 101 -24.17 49.55 -19.49
C SER N 101 -24.30 51.07 -19.63
N VAL O 12 -10.54 23.32 29.84
CA VAL O 12 -10.88 23.44 31.26
C VAL O 12 -9.86 24.31 31.96
N ILE O 13 -8.80 24.69 31.26
CA ILE O 13 -7.72 25.44 31.89
C ILE O 13 -8.11 26.89 32.09
N GLY O 14 -8.47 27.57 31.02
CA GLY O 14 -9.01 28.91 31.14
C GLY O 14 -10.15 29.15 30.18
N GLN O 15 -11.27 29.66 30.67
CA GLN O 15 -12.45 29.81 29.84
C GLN O 15 -13.17 31.09 30.19
N ALA O 16 -13.84 31.66 29.20
CA ALA O 16 -14.71 32.80 29.41
C ALA O 16 -15.89 32.70 28.46
N VAL O 17 -16.96 33.40 28.79
CA VAL O 17 -18.11 33.51 27.91
C VAL O 17 -18.70 34.90 28.06
N ASN O 18 -19.32 35.38 27.00
CA ASN O 18 -19.96 36.69 26.99
C ASN O 18 -21.46 36.52 27.21
N ILE O 19 -21.98 37.06 28.31
CA ILE O 19 -23.32 36.71 28.74
C ILE O 19 -24.39 37.58 28.09
N ARG O 20 -24.21 38.89 28.03
CA ARG O 20 -25.23 39.81 27.57
C ARG O 20 -24.81 40.43 26.24
N SER O 21 -25.74 40.47 25.29
CA SER O 21 -25.54 41.16 24.03
C SER O 21 -26.28 42.50 24.01
N MET O 22 -25.61 43.52 23.52
CA MET O 22 -26.11 44.88 23.54
C MET O 22 -27.43 45.00 22.78
N GLU O 23 -28.29 45.89 23.28
CA GLU O 23 -29.59 46.14 22.65
C GLU O 23 -29.43 46.69 21.25
N THR O 24 -30.30 46.25 20.34
CA THR O 24 -30.26 46.70 18.96
C THR O 24 -30.71 48.14 18.81
N ASP O 25 -31.37 48.69 19.83
CA ASP O 25 -31.98 50.00 19.78
C ASP O 25 -30.98 51.15 19.76
N ILE O 26 -29.71 50.88 20.01
CA ILE O 26 -28.69 51.93 20.14
C ILE O 26 -27.55 51.75 19.16
N VAL O 27 -27.56 50.70 18.36
CA VAL O 27 -26.44 50.32 17.51
C VAL O 27 -26.89 50.41 16.06
N SER O 28 -26.11 51.09 15.23
CA SER O 28 -26.48 51.27 13.85
C SER O 28 -26.33 49.94 13.09
N LEU O 29 -26.89 49.92 11.89
CA LEU O 29 -26.82 48.70 11.08
C LEU O 29 -25.40 48.31 10.70
N ASP O 30 -24.50 49.26 10.49
CA ASP O 30 -23.15 48.87 10.10
C ASP O 30 -22.26 48.52 11.28
N ASP O 31 -22.56 49.01 12.48
CA ASP O 31 -21.86 48.53 13.65
C ASP O 31 -22.09 47.05 13.87
N ARG O 32 -23.32 46.58 13.69
CA ARG O 32 -23.54 45.15 13.90
C ARG O 32 -22.71 44.32 12.94
N LEU O 33 -22.41 44.86 11.76
CA LEU O 33 -21.57 44.13 10.83
C LEU O 33 -20.12 44.15 11.23
N LEU O 34 -19.56 45.34 11.46
CA LEU O 34 -18.19 45.39 11.94
C LEU O 34 -17.98 44.47 13.12
N GLN O 35 -18.88 44.55 14.10
CA GLN O 35 -18.76 43.73 15.30
C GLN O 35 -18.83 42.24 14.99
N ALA O 36 -19.67 41.82 14.04
CA ALA O 36 -19.70 40.40 13.69
C ALA O 36 -18.42 39.96 13.00
N PHE O 37 -18.00 40.72 12.00
CA PHE O 37 -16.78 40.43 11.25
C PHE O 37 -15.57 40.28 12.16
N SER O 38 -15.30 41.29 12.98
CA SER O 38 -14.15 41.24 13.87
C SER O 38 -14.09 39.97 14.71
N GLY O 39 -15.19 39.65 15.36
CA GLY O 39 -15.25 38.44 16.16
C GLY O 39 -14.93 37.18 15.37
N SER O 40 -15.44 37.08 14.16
CA SER O 40 -15.11 35.90 13.36
C SER O 40 -13.63 35.86 12.99
N ALA O 41 -13.10 36.98 12.51
CA ALA O 41 -11.69 37.03 12.11
C ALA O 41 -10.75 36.69 13.25
N ILE O 42 -11.09 37.06 14.48
CA ILE O 42 -10.20 36.74 15.58
C ILE O 42 -10.34 35.29 15.99
N ALA O 43 -11.54 34.79 16.22
CA ALA O 43 -11.63 33.36 16.53
C ALA O 43 -10.91 32.50 15.50
N THR O 44 -10.87 32.94 14.25
CA THR O 44 -10.18 32.14 13.24
C THR O 44 -8.67 32.20 13.36
N ALA O 45 -8.11 33.41 13.42
CA ALA O 45 -6.65 33.49 13.61
C ALA O 45 -6.21 32.74 14.86
N VAL O 46 -7.03 32.76 15.90
CA VAL O 46 -6.64 32.05 17.12
C VAL O 46 -6.67 30.54 16.94
N ASP O 47 -7.59 30.02 16.14
CA ASP O 47 -7.61 28.57 15.93
C ASP O 47 -6.41 28.13 15.10
N LYS O 48 -6.15 28.83 14.01
CA LYS O 48 -4.96 28.51 13.22
C LYS O 48 -3.70 28.47 14.08
N GLN O 49 -3.51 29.50 14.90
CA GLN O 49 -2.34 29.52 15.77
C GLN O 49 -2.32 28.32 16.72
N THR O 50 -3.44 28.03 17.37
CA THR O 50 -3.48 26.87 18.26
C THR O 50 -3.03 25.59 17.57
N ILE O 51 -3.58 25.28 16.41
CA ILE O 51 -3.15 24.08 15.69
C ILE O 51 -1.65 24.10 15.42
N THR O 52 -1.14 25.21 14.87
CA THR O 52 0.29 25.27 14.64
C THR O 52 1.09 24.94 15.89
N ASN O 53 0.74 25.53 17.02
CA ASN O 53 1.46 25.21 18.26
C ASN O 53 1.32 23.76 18.69
N ARG O 54 0.18 23.14 18.46
CA ARG O 54 0.09 21.71 18.80
C ARG O 54 1.04 20.88 17.97
N ILE O 55 1.27 21.25 16.71
CA ILE O 55 2.16 20.46 15.88
C ILE O 55 3.63 20.53 16.26
N GLU O 56 4.04 21.44 17.14
CA GLU O 56 5.44 21.58 17.50
C GLU O 56 5.81 21.07 18.88
N ASP O 57 4.92 21.11 19.85
CA ASP O 57 5.27 20.53 21.12
C ASP O 57 5.54 19.05 20.91
N PRO O 58 6.78 18.60 21.09
CA PRO O 58 7.08 17.19 20.84
C PRO O 58 6.27 16.23 21.67
N ASN O 59 5.78 16.65 22.83
CA ASN O 59 4.90 15.76 23.58
C ASN O 59 3.57 15.58 22.89
N LEU O 60 3.01 16.67 22.36
CA LEU O 60 1.71 16.63 21.69
C LEU O 60 1.77 15.96 20.33
N VAL O 61 2.87 16.13 19.59
CA VAL O 61 2.98 15.56 18.25
C VAL O 61 3.28 14.08 18.20
N THR O 62 3.62 13.42 19.31
CA THR O 62 4.00 12.01 19.29
C THR O 62 3.15 11.13 20.19
N ASP O 63 2.13 11.66 20.84
CA ASP O 63 1.27 10.87 21.73
C ASP O 63 -0.02 10.51 21.01
N PRO O 64 -0.36 9.23 20.86
CA PRO O 64 -1.61 8.86 20.19
C PRO O 64 -2.85 9.52 20.73
N LYS O 65 -2.92 9.78 22.02
CA LYS O 65 -4.09 10.46 22.58
C LYS O 65 -4.25 11.86 21.99
N GLU O 66 -3.16 12.62 21.92
CA GLU O 66 -3.22 14.01 21.48
C GLU O 66 -3.45 14.14 19.98
N LEU O 67 -2.89 13.24 19.19
CA LEU O 67 -3.12 13.27 17.75
C LEU O 67 -4.58 13.09 17.40
N ALA O 68 -5.28 12.19 18.08
CA ALA O 68 -6.69 12.03 17.83
C ALA O 68 -7.47 13.32 18.04
N ILE O 69 -6.93 14.25 18.83
CA ILE O 69 -7.56 15.55 19.02
C ILE O 69 -7.20 16.51 17.89
N SER O 70 -5.92 16.60 17.59
CA SER O 70 -5.49 17.45 16.48
C SER O 70 -6.23 17.14 15.18
N GLN O 71 -6.48 15.88 14.89
CA GLN O 71 -7.20 15.55 13.66
C GLN O 71 -8.62 16.12 13.63
N GLU O 72 -9.32 16.10 14.75
CA GLU O 72 -10.63 16.72 14.81
C GLU O 72 -10.55 18.23 14.69
N MET O 73 -9.60 18.84 15.39
CA MET O 73 -9.47 20.29 15.32
C MET O 73 -9.23 20.77 13.89
N ILE O 74 -8.38 20.08 13.15
CA ILE O 74 -8.13 20.50 11.77
C ILE O 74 -9.30 20.22 10.85
N SER O 75 -10.10 19.19 11.13
CA SER O 75 -11.27 18.97 10.29
C SER O 75 -12.34 20.01 10.52
N ASP O 76 -12.49 20.48 11.76
CA ASP O 76 -13.46 21.52 12.02
C ASP O 76 -13.05 22.85 11.44
N TYR O 77 -11.77 23.20 11.55
CA TYR O 77 -11.32 24.45 10.93
C TYR O 77 -11.61 24.45 9.44
N ASN O 78 -11.29 23.34 8.77
CA ASN O 78 -11.51 23.26 7.34
C ASN O 78 -12.98 23.43 6.97
N LEU O 79 -13.89 22.78 7.70
CA LEU O 79 -15.31 22.92 7.36
C LEU O 79 -15.83 24.32 7.64
N TYR O 80 -15.40 24.94 8.73
CA TYR O 80 -15.86 26.29 9.02
C TYR O 80 -15.50 27.27 7.91
N VAL O 81 -14.24 27.29 7.50
CA VAL O 81 -13.86 28.23 6.46
C VAL O 81 -14.52 27.90 5.11
N SER O 82 -14.69 26.63 4.77
CA SER O 82 -15.40 26.36 3.51
C SER O 82 -16.84 26.83 3.55
N MET O 83 -17.48 26.73 4.71
CA MET O 83 -18.85 27.19 4.82
C MET O 83 -18.96 28.69 4.62
N VAL O 84 -18.17 29.47 5.35
CA VAL O 84 -18.25 30.91 5.22
C VAL O 84 -17.94 31.36 3.80
N SER O 85 -16.88 30.82 3.21
CA SER O 85 -16.53 31.20 1.84
C SER O 85 -17.59 30.82 0.83
N THR O 86 -18.43 29.84 1.11
CA THR O 86 -19.49 29.53 0.14
C THR O 86 -20.68 30.48 0.29
N LEU O 87 -21.12 30.68 1.53
CA LEU O 87 -22.30 31.52 1.72
C LEU O 87 -22.05 32.98 1.34
N THR O 88 -20.84 33.51 1.57
CA THR O 88 -20.59 34.86 1.08
C THR O 88 -20.67 34.97 -0.44
N ARG O 89 -20.19 33.97 -1.17
CA ARG O 89 -20.29 34.00 -2.62
C ARG O 89 -21.73 33.95 -3.10
N LYS O 90 -22.57 33.15 -2.44
CA LYS O 90 -23.99 33.18 -2.76
C LYS O 90 -24.60 34.54 -2.45
N GLY O 91 -24.18 35.16 -1.36
CA GLY O 91 -24.71 36.45 -0.98
C GLY O 91 -24.43 37.54 -1.99
N VAL O 92 -23.18 37.66 -2.43
CA VAL O 92 -22.91 38.64 -3.48
C VAL O 92 -23.53 38.26 -4.81
N GLY O 93 -23.69 36.97 -5.09
CA GLY O 93 -24.34 36.58 -6.31
C GLY O 93 -25.79 37.02 -6.40
N ALA O 94 -26.47 37.11 -5.25
CA ALA O 94 -27.81 37.68 -5.26
C ALA O 94 -27.82 39.15 -5.67
N VAL O 95 -26.87 39.93 -5.16
CA VAL O 95 -26.84 41.34 -5.51
C VAL O 95 -26.54 41.53 -6.98
N GLU O 96 -25.58 40.77 -7.50
CA GLU O 96 -25.33 40.81 -8.94
C GLU O 96 -26.58 40.50 -9.74
N THR O 97 -27.29 39.44 -9.37
CA THR O 97 -28.50 39.07 -10.11
C THR O 97 -29.53 40.19 -10.14
N LEU O 98 -29.77 40.84 -9.00
CA LEU O 98 -30.77 41.90 -9.00
C LEU O 98 -30.32 43.18 -9.70
N LEU O 99 -29.10 43.63 -9.48
CA LEU O 99 -28.69 44.90 -10.08
C LEU O 99 -28.26 44.78 -11.53
N ARG O 100 -27.39 43.83 -11.87
CA ARG O 100 -26.96 43.72 -13.25
C ARG O 100 -28.14 43.44 -14.18
N SER O 101 -28.96 42.46 -13.82
CA SER O 101 -30.14 42.13 -14.61
C SER O 101 -31.01 43.36 -14.89
N VAL P 12 -37.87 -6.97 11.55
CA VAL P 12 -39.08 -7.57 12.10
C VAL P 12 -39.58 -6.91 13.38
N ILE P 13 -38.80 -6.01 13.98
CA ILE P 13 -39.15 -5.39 15.25
C ILE P 13 -39.78 -4.03 15.02
N GLY P 14 -40.97 -3.84 15.59
CA GLY P 14 -41.74 -2.62 15.49
C GLY P 14 -42.02 -2.06 14.11
N GLN P 15 -42.63 -2.86 13.25
CA GLN P 15 -42.97 -2.45 11.90
C GLN P 15 -44.31 -1.73 11.86
N ALA P 16 -44.39 -0.68 11.05
CA ALA P 16 -45.65 0.06 10.91
C ALA P 16 -45.70 0.67 9.52
N VAL P 17 -46.89 0.70 8.94
CA VAL P 17 -47.13 1.26 7.61
C VAL P 17 -48.43 2.04 7.60
N ASN P 18 -48.43 3.19 6.93
CA ASN P 18 -49.64 3.95 6.69
C ASN P 18 -50.36 3.48 5.44
N ILE P 19 -51.69 3.51 5.50
CA ILE P 19 -52.54 3.09 4.39
C ILE P 19 -53.32 4.29 3.85
N ARG P 20 -53.88 4.14 2.66
CA ARG P 20 -54.69 5.16 2.01
C ARG P 20 -54.12 6.56 2.15
N SER P 21 -52.81 6.68 2.01
CA SER P 21 -52.13 7.94 2.32
C SER P 21 -52.68 9.12 1.51
N MET P 22 -53.04 8.89 0.24
CA MET P 22 -53.52 9.96 -0.64
C MET P 22 -54.94 9.74 -1.16
N GLU P 23 -55.73 8.86 -0.55
CA GLU P 23 -56.95 8.42 -1.22
C GLU P 23 -58.06 9.45 -1.13
N THR P 24 -58.19 10.16 -0.01
CA THR P 24 -59.18 11.22 0.05
C THR P 24 -58.66 12.47 0.75
N ASP P 25 -57.35 12.60 0.90
CA ASP P 25 -56.75 13.85 1.33
C ASP P 25 -55.41 14.03 0.61
N ILE P 26 -55.10 15.28 0.30
CA ILE P 26 -53.85 15.61 -0.38
C ILE P 26 -53.22 16.80 0.34
N VAL P 27 -51.92 16.68 0.56
CA VAL P 27 -51.13 17.73 1.20
C VAL P 27 -50.77 18.81 0.19
N SER P 28 -50.61 20.03 0.69
CA SER P 28 -49.96 21.07 -0.09
C SER P 28 -48.49 20.75 -0.24
N LEU P 29 -47.91 21.18 -1.37
CA LEU P 29 -46.47 21.08 -1.55
C LEU P 29 -45.71 21.72 -0.39
N ASP P 30 -46.22 22.84 0.11
CA ASP P 30 -45.62 23.50 1.26
C ASP P 30 -45.41 22.55 2.41
N ASP P 31 -46.35 21.64 2.66
CA ASP P 31 -46.20 20.67 3.72
C ASP P 31 -45.45 19.44 3.28
N ARG P 32 -45.60 19.03 2.03
CA ARG P 32 -44.92 17.83 1.57
C ARG P 32 -43.42 17.98 1.75
N LEU P 33 -42.89 19.15 1.40
CA LEU P 33 -41.45 19.39 1.60
C LEU P 33 -41.09 19.33 3.07
N LEU P 34 -41.95 19.87 3.92
CA LEU P 34 -41.58 19.98 5.33
C LEU P 34 -41.56 18.62 6.00
N GLN P 35 -42.54 17.78 5.68
CA GLN P 35 -42.54 16.43 6.25
C GLN P 35 -41.34 15.65 5.74
N ALA P 36 -41.03 15.77 4.45
CA ALA P 36 -39.87 15.04 3.95
C ALA P 36 -38.62 15.44 4.70
N PHE P 37 -38.35 16.74 4.78
CA PHE P 37 -37.17 17.22 5.49
C PHE P 37 -37.07 16.68 6.90
N SER P 38 -38.18 16.71 7.65
CA SER P 38 -38.10 16.28 9.05
C SER P 38 -37.83 14.79 9.18
N GLY P 39 -38.57 13.99 8.43
CA GLY P 39 -38.37 12.56 8.47
C GLY P 39 -36.98 12.12 8.06
N SER P 40 -36.34 12.88 7.18
CA SER P 40 -34.96 12.54 6.83
C SER P 40 -33.96 12.99 7.89
N ALA P 41 -34.06 14.24 8.33
CA ALA P 41 -33.07 14.77 9.25
C ALA P 41 -32.98 13.99 10.55
N ILE P 42 -34.11 13.50 11.06
CA ILE P 42 -33.99 12.77 12.32
C ILE P 42 -33.40 11.38 12.12
N ALA P 43 -33.80 10.68 11.07
CA ALA P 43 -33.21 9.37 10.81
C ALA P 43 -31.70 9.49 10.68
N THR P 44 -31.23 10.48 9.93
CA THR P 44 -29.79 10.68 9.81
C THR P 44 -29.11 10.88 11.16
N ALA P 45 -29.62 11.80 11.98
CA ALA P 45 -28.93 12.05 13.25
C ALA P 45 -28.89 10.80 14.15
N VAL P 46 -29.94 10.00 14.14
CA VAL P 46 -29.91 8.76 14.90
C VAL P 46 -28.90 7.76 14.34
N ASP P 47 -28.77 7.67 13.02
CA ASP P 47 -27.77 6.75 12.47
C ASP P 47 -26.35 7.17 12.83
N LYS P 48 -26.05 8.46 12.82
CA LYS P 48 -24.72 8.89 13.24
C LYS P 48 -24.46 8.52 14.70
N GLN P 49 -25.42 8.75 15.58
CA GLN P 49 -25.19 8.33 16.96
C GLN P 49 -24.99 6.82 17.09
N THR P 50 -25.80 6.03 16.40
CA THR P 50 -25.61 4.58 16.46
C THR P 50 -24.19 4.17 16.07
N ILE P 51 -23.69 4.69 14.94
CA ILE P 51 -22.31 4.38 14.55
C ILE P 51 -21.31 4.76 15.63
N THR P 52 -21.32 6.02 16.07
CA THR P 52 -20.37 6.40 17.10
C THR P 52 -20.42 5.48 18.32
N ASN P 53 -21.62 5.14 18.78
CA ASN P 53 -21.70 4.24 19.93
C ASN P 53 -21.13 2.87 19.62
N ARG P 54 -21.37 2.34 18.42
CA ARG P 54 -20.77 1.05 18.12
C ARG P 54 -19.26 1.10 18.04
N ILE P 55 -18.68 2.29 17.90
CA ILE P 55 -17.22 2.42 17.89
C ILE P 55 -16.66 2.55 19.30
N GLU P 56 -17.39 3.22 20.18
CA GLU P 56 -16.88 3.43 21.54
C GLU P 56 -16.84 2.15 22.36
N ASP P 57 -17.86 1.33 22.29
CA ASP P 57 -17.94 0.17 23.18
C ASP P 57 -16.80 -0.82 22.95
N PRO P 58 -15.94 -1.05 23.95
CA PRO P 58 -14.81 -1.97 23.77
C PRO P 58 -15.18 -3.37 23.34
N ASN P 59 -16.39 -3.83 23.62
CA ASN P 59 -16.76 -5.18 23.21
C ASN P 59 -17.22 -5.27 21.77
N LEU P 60 -17.58 -4.16 21.16
CA LEU P 60 -18.04 -4.14 19.78
C LEU P 60 -16.94 -3.87 18.75
N VAL P 61 -15.89 -3.14 19.10
CA VAL P 61 -14.79 -2.91 18.16
C VAL P 61 -13.73 -3.99 18.18
N THR P 62 -13.93 -5.08 18.92
CA THR P 62 -12.90 -6.11 18.98
C THR P 62 -13.41 -7.50 18.61
N ASP P 63 -14.64 -7.61 18.10
CA ASP P 63 -15.21 -8.89 17.75
C ASP P 63 -15.49 -8.93 16.25
N PRO P 64 -14.95 -9.90 15.49
CA PRO P 64 -15.19 -9.92 14.05
C PRO P 64 -16.64 -9.84 13.65
N LYS P 65 -17.51 -10.48 14.41
CA LYS P 65 -18.93 -10.50 14.08
C LYS P 65 -19.54 -9.10 14.15
N GLU P 66 -19.08 -8.28 15.08
CA GLU P 66 -19.60 -6.94 15.24
C GLU P 66 -18.96 -5.95 14.29
N LEU P 67 -17.69 -6.14 13.96
CA LEU P 67 -17.06 -5.30 12.95
C LEU P 67 -17.68 -5.53 11.59
N ALA P 68 -17.94 -6.78 11.24
CA ALA P 68 -18.55 -7.03 9.94
C ALA P 68 -19.92 -6.39 9.84
N ILE P 69 -20.62 -6.22 10.96
CA ILE P 69 -21.86 -5.46 10.95
C ILE P 69 -21.62 -3.97 10.81
N SER P 70 -20.56 -3.44 11.43
CA SER P 70 -20.38 -1.99 11.38
C SER P 70 -19.93 -1.50 10.01
N GLN P 71 -19.19 -2.32 9.27
CA GLN P 71 -18.79 -1.92 7.92
C GLN P 71 -20.00 -1.65 7.03
N GLU P 72 -21.05 -2.43 7.17
CA GLU P 72 -22.25 -2.22 6.36
C GLU P 72 -22.97 -0.95 6.75
N MET P 73 -23.00 -0.63 8.03
CA MET P 73 -23.65 0.59 8.46
C MET P 73 -22.94 1.81 7.89
N ILE P 74 -21.62 1.83 7.94
CA ILE P 74 -20.91 2.99 7.40
C ILE P 74 -21.11 3.10 5.90
N SER P 75 -21.09 1.97 5.19
CA SER P 75 -21.32 2.02 3.76
C SER P 75 -22.70 2.57 3.41
N ASP P 76 -23.72 2.11 4.11
CA ASP P 76 -25.08 2.57 3.81
C ASP P 76 -25.27 4.04 4.14
N TYR P 77 -24.75 4.50 5.26
CA TYR P 77 -24.86 5.92 5.58
C TYR P 77 -24.23 6.78 4.50
N ASN P 78 -23.03 6.43 4.08
CA ASN P 78 -22.33 7.22 3.07
C ASN P 78 -23.07 7.25 1.74
N LEU P 79 -23.64 6.13 1.32
CA LEU P 79 -24.38 6.13 0.07
C LEU P 79 -25.68 6.91 0.16
N TYR P 80 -26.38 6.82 1.27
CA TYR P 80 -27.62 7.56 1.39
C TYR P 80 -27.38 9.06 1.35
N VAL P 81 -26.48 9.57 2.20
CA VAL P 81 -26.29 11.00 2.19
C VAL P 81 -25.81 11.52 0.84
N SER P 82 -24.99 10.73 0.11
CA SER P 82 -24.58 11.19 -1.21
C SER P 82 -25.74 11.24 -2.20
N MET P 83 -26.65 10.30 -2.13
CA MET P 83 -27.76 10.33 -3.07
C MET P 83 -28.73 11.46 -2.79
N VAL P 84 -29.06 11.69 -1.53
CA VAL P 84 -29.91 12.84 -1.22
C VAL P 84 -29.28 14.13 -1.70
N SER P 85 -27.98 14.30 -1.49
CA SER P 85 -27.36 15.56 -1.88
C SER P 85 -27.39 15.77 -3.38
N THR P 86 -27.08 14.72 -4.15
CA THR P 86 -27.07 14.87 -5.60
C THR P 86 -28.46 15.18 -6.16
N LEU P 87 -29.47 14.41 -5.77
CA LEU P 87 -30.81 14.69 -6.27
C LEU P 87 -31.27 16.10 -5.90
N THR P 88 -31.07 16.52 -4.65
CA THR P 88 -31.46 17.88 -4.30
C THR P 88 -30.81 18.94 -5.18
N ARG P 89 -29.50 18.87 -5.35
CA ARG P 89 -28.84 19.84 -6.22
C ARG P 89 -29.39 19.83 -7.63
N LYS P 90 -29.62 18.66 -8.19
CA LYS P 90 -30.14 18.57 -9.55
C LYS P 90 -31.56 19.13 -9.65
N GLY P 91 -32.40 18.90 -8.65
CA GLY P 91 -33.74 19.44 -8.71
C GLY P 91 -33.79 20.94 -8.55
N VAL P 92 -32.94 21.51 -7.70
CA VAL P 92 -32.84 22.97 -7.61
C VAL P 92 -32.42 23.59 -8.93
N GLY P 93 -31.42 23.00 -9.57
CA GLY P 93 -31.01 23.51 -10.88
C GLY P 93 -32.15 23.75 -11.84
N ALA P 94 -33.14 22.86 -11.87
CA ALA P 94 -34.24 23.03 -12.82
C ALA P 94 -35.10 24.24 -12.49
N VAL P 95 -35.31 24.53 -11.21
CA VAL P 95 -36.08 25.72 -10.88
C VAL P 95 -35.30 26.97 -11.22
N GLU P 96 -33.98 26.96 -11.05
CA GLU P 96 -33.21 28.10 -11.52
C GLU P 96 -33.37 28.29 -13.02
N THR P 97 -33.26 27.23 -13.80
CA THR P 97 -33.39 27.38 -15.24
C THR P 97 -34.78 27.82 -15.64
N LEU P 98 -35.77 27.60 -14.79
CA LEU P 98 -37.11 28.08 -15.11
C LEU P 98 -37.27 29.56 -14.81
N LEU P 99 -36.90 29.97 -13.60
CA LEU P 99 -37.14 31.36 -13.19
C LEU P 99 -36.16 32.33 -13.82
N ARG P 100 -34.91 31.91 -14.01
CA ARG P 100 -33.87 32.86 -14.39
C ARG P 100 -34.12 33.40 -15.78
N SER P 101 -34.25 34.72 -15.88
CA SER P 101 -34.45 35.38 -17.15
C SER P 101 -33.20 35.21 -18.00
N UNK Q 1 160.08 -230.28 139.82
CA UNK Q 1 158.80 -229.56 139.57
C UNK Q 1 158.91 -228.69 138.31
N UNK Q 2 157.75 -228.39 137.71
CA UNK Q 2 157.68 -227.55 136.52
C UNK Q 2 156.60 -226.50 136.71
N UNK Q 3 156.70 -225.43 135.93
CA UNK Q 3 155.74 -224.33 136.02
C UNK Q 3 155.52 -223.73 134.65
N UNK Q 4 154.39 -223.04 134.51
CA UNK Q 4 154.04 -222.38 133.25
C UNK Q 4 153.09 -221.23 133.54
N UNK Q 5 152.99 -220.31 132.57
CA UNK Q 5 152.13 -219.15 132.67
C UNK Q 5 151.55 -218.85 131.30
N UNK Q 6 150.54 -217.98 131.26
CA UNK Q 6 149.94 -217.56 130.00
C UNK Q 6 149.63 -216.07 130.03
N UNK Q 7 149.54 -215.50 128.84
CA UNK Q 7 149.23 -214.09 128.68
C UNK Q 7 147.74 -213.79 128.80
N UNK Q 8 147.43 -212.58 129.26
CA UNK Q 8 146.07 -212.05 129.36
C UNK Q 8 145.87 -210.87 128.41
N UNK Q 9 146.63 -210.82 127.32
CA UNK Q 9 146.51 -209.73 126.34
C UNK Q 9 145.14 -209.68 125.67
N UNK Q 10 144.78 -208.49 125.20
CA UNK Q 10 143.52 -208.25 124.49
C UNK Q 10 143.66 -207.08 123.53
N UNK Q 11 142.82 -207.09 122.49
CA UNK Q 11 142.72 -206.06 121.46
C UNK Q 11 141.32 -205.46 121.34
N UNK Q 12 140.55 -205.44 122.44
CA UNK Q 12 139.12 -205.12 122.36
C UNK Q 12 138.81 -203.65 122.06
N UNK Q 13 139.61 -202.70 122.52
CA UNK Q 13 139.24 -201.30 122.34
C UNK Q 13 139.32 -200.82 120.89
N UNK Q 14 138.28 -200.08 120.49
CA UNK Q 14 138.16 -199.46 119.17
C UNK Q 14 137.26 -198.23 119.29
N UNK Q 15 137.52 -197.21 118.46
CA UNK Q 15 136.71 -195.99 118.50
C UNK Q 15 136.60 -195.36 117.12
N UNK Q 16 135.47 -194.69 116.87
CA UNK Q 16 135.20 -193.99 115.62
C UNK Q 16 134.26 -192.82 115.90
N UNK Q 17 134.01 -191.99 114.86
CA UNK Q 17 133.12 -190.84 114.99
C UNK Q 17 131.95 -190.92 114.02
N UNK Q 18 130.80 -190.41 114.47
CA UNK Q 18 129.53 -190.40 113.74
C UNK Q 18 129.12 -189.05 113.16
N UNK Q 19 129.84 -187.95 113.44
CA UNK Q 19 129.40 -186.61 113.04
C UNK Q 19 129.86 -186.15 111.66
N UNK Q 20 128.88 -185.72 110.85
CA UNK Q 20 129.08 -185.09 109.55
C UNK Q 20 127.86 -184.23 109.29
N UNK Q 21 128.04 -183.07 108.64
CA UNK Q 21 126.90 -182.19 108.40
C UNK Q 21 127.13 -181.30 107.17
N UNK Q 22 126.02 -180.72 106.68
CA UNK Q 22 126.01 -179.78 105.56
C UNK Q 22 125.50 -178.41 106.02
N UNK Q 23 126.17 -177.36 105.56
CA UNK Q 23 125.83 -175.99 105.94
C UNK Q 23 124.46 -175.55 105.42
N UNK Q 24 123.65 -174.97 106.31
CA UNK Q 24 122.34 -174.42 105.95
C UNK Q 24 122.45 -173.15 105.09
N UNK Q 25 121.54 -173.02 104.12
CA UNK Q 25 121.49 -171.86 103.24
C UNK Q 25 120.08 -171.68 102.69
N UNK Q 26 119.68 -170.41 102.50
CA UNK Q 26 118.39 -170.07 101.90
C UNK Q 26 118.48 -168.74 101.17
N UNK Q 27 117.64 -168.58 100.14
CA UNK Q 27 117.61 -167.34 99.36
C UNK Q 27 116.20 -167.02 98.88
N UNK Q 28 115.93 -165.72 98.70
CA UNK Q 28 114.64 -165.24 98.20
C UNK Q 28 114.86 -163.98 97.39
N UNK Q 29 113.94 -163.71 96.46
CA UNK Q 29 114.03 -162.56 95.56
C UNK Q 29 112.82 -161.62 95.69
N UNK Q 30 113.08 -160.33 95.48
CA UNK Q 30 112.04 -159.31 95.48
C UNK Q 30 111.14 -159.40 94.24
N UNK Q 31 109.85 -159.11 94.42
CA UNK Q 31 108.88 -159.24 93.33
C UNK Q 31 107.77 -158.18 93.33
N UNK Q 32 107.84 -157.15 94.17
CA UNK Q 32 106.82 -156.10 94.18
C UNK Q 32 106.73 -155.36 92.85
N UNK Q 33 105.53 -154.83 92.58
CA UNK Q 33 105.17 -154.19 91.31
C UNK Q 33 104.43 -152.86 91.53
N UNK Q 34 104.64 -152.23 92.68
CA UNK Q 34 104.10 -150.92 93.04
C UNK Q 34 104.47 -149.78 92.09
N UNK Q 35 105.42 -149.97 91.17
CA UNK Q 35 105.85 -148.87 90.31
C UNK Q 35 104.78 -148.37 89.34
N UNK Q 36 103.72 -149.14 89.08
CA UNK Q 36 102.75 -148.77 88.05
C UNK Q 36 101.81 -147.62 88.46
N UNK Q 37 101.75 -147.29 89.74
CA UNK Q 37 100.75 -146.36 90.26
C UNK Q 37 100.82 -144.94 89.71
N UNK Q 38 101.97 -144.50 89.18
CA UNK Q 38 102.11 -143.11 88.75
C UNK Q 38 101.25 -142.69 87.56
N UNK Q 39 100.67 -143.61 86.80
CA UNK Q 39 99.83 -143.20 85.67
C UNK Q 39 98.61 -142.40 86.16
N UNK Q 40 98.17 -141.43 85.36
CA UNK Q 40 97.01 -140.62 85.71
C UNK Q 40 96.27 -140.14 84.47
N UNK Q 41 94.98 -139.86 84.66
CA UNK Q 41 94.12 -139.25 83.64
C UNK Q 41 94.61 -137.89 83.18
N UNK Q 42 94.51 -137.64 81.87
CA UNK Q 42 94.90 -136.38 81.25
C UNK Q 42 93.84 -135.97 80.23
N UNK Q 43 93.40 -134.71 80.28
CA UNK Q 43 92.29 -134.28 79.42
C UNK Q 43 92.30 -132.76 79.28
N UNK Q 44 91.58 -132.27 78.25
CA UNK Q 44 91.30 -130.86 78.06
C UNK Q 44 89.82 -130.61 77.80
N UNK Q 45 89.31 -129.50 78.33
CA UNK Q 45 87.98 -128.99 78.02
C UNK Q 45 87.89 -128.54 76.56
N UNK Q 46 86.69 -128.12 76.16
CA UNK Q 46 86.45 -127.42 74.90
C UNK Q 46 85.48 -126.27 75.12
N UNK Q 47 85.59 -125.24 74.29
CA UNK Q 47 84.67 -124.09 74.37
C UNK Q 47 84.55 -123.40 73.02
N UNK Q 48 83.40 -122.75 72.82
CA UNK Q 48 83.18 -121.87 71.67
C UNK Q 48 82.13 -120.83 72.02
N UNK Q 49 82.10 -119.72 71.27
CA UNK Q 49 81.11 -118.67 71.47
C UNK Q 49 80.61 -118.12 70.14
N UNK Q 50 79.35 -117.65 70.15
CA UNK Q 50 78.68 -117.09 68.98
C UNK Q 50 79.08 -115.64 68.70
N UNK Q 51 78.98 -115.25 67.43
CA UNK Q 51 79.05 -113.85 67.04
C UNK Q 51 77.84 -113.05 67.54
N UNK Q 52 78.10 -111.81 67.96
CA UNK Q 52 77.06 -110.88 68.35
C UNK Q 52 76.12 -110.53 67.20
N UNK Q 53 74.93 -110.04 67.56
CA UNK Q 53 73.92 -109.58 66.61
C UNK Q 53 74.30 -108.24 65.98
N UNK Q 54 73.79 -108.02 64.76
CA UNK Q 54 73.96 -106.75 64.06
C UNK Q 54 72.75 -106.48 63.16
N UNK Q 55 72.37 -105.20 63.06
CA UNK Q 55 71.37 -104.78 62.07
C UNK Q 55 71.60 -103.31 61.68
N UNK Q 56 71.29 -103.00 60.43
CA UNK Q 56 71.33 -101.64 59.87
C UNK Q 56 70.03 -100.87 60.09
N UNK Q 57 70.16 -99.54 60.07
CA UNK Q 57 69.04 -98.62 60.19
C UNK Q 57 68.07 -98.68 59.01
N UNK Q 58 66.83 -98.27 59.26
CA UNK Q 58 65.79 -98.19 58.25
C UNK Q 58 66.00 -97.00 57.29
N UNK Q 59 65.34 -97.09 56.14
CA UNK Q 59 65.26 -96.03 55.15
C UNK Q 59 64.45 -94.82 55.67
N UNK Q 60 64.51 -93.73 54.91
CA UNK Q 60 63.83 -92.47 55.23
C UNK Q 60 63.27 -91.85 53.96
N UNK Q 61 62.26 -90.98 54.12
CA UNK Q 61 61.56 -90.34 53.00
C UNK Q 61 61.52 -88.83 53.15
N UNK Q 62 61.63 -88.13 52.01
CA UNK Q 62 61.53 -86.67 51.93
C UNK Q 62 60.10 -86.15 52.10
N UNK Q 63 60.02 -84.89 52.52
CA UNK Q 63 58.80 -84.10 52.57
C UNK Q 63 58.21 -83.85 51.18
N UNK Q 64 56.99 -83.30 51.19
CA UNK Q 64 56.25 -82.94 49.99
C UNK Q 64 57.09 -82.08 49.04
N UNK Q 65 57.26 -82.57 47.82
CA UNK Q 65 58.16 -81.95 46.86
C UNK Q 65 57.68 -80.59 46.34
N UNK Q 66 56.38 -80.42 46.09
CA UNK Q 66 55.89 -79.14 45.58
C UNK Q 66 54.46 -78.84 45.99
N UNK Q 67 54.15 -77.55 46.05
CA UNK Q 67 52.79 -77.04 46.24
C UNK Q 67 52.64 -75.79 45.39
N UNK Q 68 51.77 -75.86 44.38
CA UNK Q 68 51.54 -74.81 43.40
C UNK Q 68 50.59 -73.73 43.91
N UNK Q 69 51.10 -72.52 44.10
CA UNK Q 69 50.26 -71.34 44.33
C UNK Q 69 49.56 -70.92 43.03
N UNK Q 70 48.56 -70.04 43.17
CA UNK Q 70 47.83 -69.48 42.03
C UNK Q 70 47.56 -67.99 42.25
N UNK Q 71 47.51 -67.24 41.14
CA UNK Q 71 47.21 -65.81 41.17
C UNK Q 71 46.24 -65.37 40.07
N UNK Q 72 45.40 -66.28 39.58
CA UNK Q 72 44.47 -66.06 38.48
C UNK Q 72 43.45 -64.94 38.68
N UNK Q 73 43.52 -63.88 37.85
CA UNK Q 73 42.64 -62.73 37.97
C UNK Q 73 42.65 -61.98 36.64
N UNK Q 74 41.68 -61.06 36.49
CA UNK Q 74 41.62 -60.19 35.30
C UNK Q 74 41.11 -58.80 35.64
N UNK Q 75 41.74 -57.79 35.03
CA UNK Q 75 41.33 -56.38 35.12
C UNK Q 75 40.09 -56.10 34.30
N UNK Q 76 38.97 -55.83 34.96
CA UNK Q 76 37.72 -55.50 34.27
C UNK Q 76 37.79 -54.14 33.60
N UNK Q 77 37.43 -54.09 32.32
CA UNK Q 77 37.35 -52.86 31.54
C UNK Q 77 36.21 -51.94 31.99
N UNK Q 78 36.44 -50.63 31.84
CA UNK Q 78 35.46 -49.59 32.15
C UNK Q 78 35.45 -48.53 31.04
N UNK Q 79 34.26 -48.13 30.62
CA UNK Q 79 34.10 -47.16 29.52
C UNK Q 79 32.76 -46.45 29.63
N UNK Q 80 32.62 -45.36 28.84
CA UNK Q 80 31.40 -44.57 28.78
C UNK Q 80 30.97 -44.32 27.34
N UNK Q 81 29.66 -44.46 27.09
CA UNK Q 81 29.08 -44.25 25.77
C UNK Q 81 29.06 -42.77 25.34
N UNK Q 82 29.30 -42.55 24.04
CA UNK Q 82 29.27 -41.22 23.44
C UNK Q 82 27.87 -40.59 23.47
N UNK Q 83 27.77 -39.43 24.09
CA UNK Q 83 26.53 -38.66 24.11
C UNK Q 83 26.17 -38.08 22.74
N UNK Q 84 24.89 -38.20 22.38
CA UNK Q 84 24.38 -37.61 21.15
C UNK Q 84 24.51 -36.08 21.14
N UNK Q 85 24.88 -35.53 19.99
CA UNK Q 85 25.01 -34.09 19.81
C UNK Q 85 23.74 -33.31 20.17
N UNK Q 86 23.94 -32.26 20.97
CA UNK Q 86 22.91 -31.31 21.40
C UNK Q 86 22.40 -30.37 20.30
N UNK Q 87 23.13 -30.23 19.18
CA UNK Q 87 22.83 -29.19 18.19
C UNK Q 87 21.59 -29.33 17.30
N UNK Q 88 20.41 -29.22 17.91
CA UNK Q 88 19.15 -29.10 17.17
C UNK Q 88 19.06 -27.68 16.60
N UNK Q 89 19.25 -27.53 15.29
CA UNK Q 89 19.23 -26.21 14.65
C UNK Q 89 17.86 -25.56 14.62
N UNK Q 90 17.79 -24.32 15.13
CA UNK Q 90 16.58 -23.50 15.13
C UNK Q 90 16.23 -22.97 13.73
N UNK Q 91 14.93 -22.97 13.42
CA UNK Q 91 14.42 -22.32 12.21
C UNK Q 91 14.54 -20.79 12.28
N UNK Q 92 14.40 -20.14 11.11
CA UNK Q 92 14.39 -18.69 10.98
C UNK Q 92 13.27 -18.09 10.13
N UNK Q 93 12.44 -18.92 9.49
CA UNK Q 93 11.52 -18.46 8.43
C UNK Q 93 10.58 -17.34 8.85
N UNK Q 94 10.14 -17.32 10.11
CA UNK Q 94 9.12 -16.37 10.57
C UNK Q 94 9.53 -14.89 10.47
N UNK Q 95 10.81 -14.57 10.34
CA UNK Q 95 11.25 -13.17 10.34
C UNK Q 95 10.65 -12.32 9.21
N UNK Q 96 10.39 -12.89 8.04
CA UNK Q 96 9.95 -12.13 6.87
C UNK Q 96 8.44 -12.14 6.68
N UNK Q 97 7.89 -11.01 6.24
CA UNK Q 97 6.44 -10.89 5.98
C UNK Q 97 6.20 -9.96 4.79
N UNK Q 98 4.93 -9.62 4.56
CA UNK Q 98 4.53 -8.69 3.50
C UNK Q 98 5.02 -7.25 3.68
N UNK Q 99 5.07 -6.53 2.56
CA UNK Q 99 5.27 -5.09 2.46
C UNK Q 99 4.03 -4.28 2.87
N UNK Q 100 4.28 -2.98 3.12
CA UNK Q 100 3.26 -1.97 3.38
C UNK Q 100 2.30 -1.70 2.21
N UNK Q 101 1.00 -1.70 2.50
CA UNK Q 101 -0.07 -1.41 1.55
C UNK Q 101 -0.07 0.08 1.15
N UNK Q 102 -0.91 0.43 0.16
CA UNK Q 102 -1.01 1.81 -0.32
C UNK Q 102 -2.40 2.07 -0.91
N UNK Q 103 -2.64 3.32 -1.33
CA UNK Q 103 -3.90 3.74 -1.95
C UNK Q 103 -3.69 5.01 -2.78
N UNK Q 104 -4.64 5.26 -3.69
CA UNK Q 104 -4.63 6.45 -4.55
C UNK Q 104 -6.06 6.91 -4.84
N UNK Q 105 -6.23 8.24 -4.98
CA UNK Q 105 -7.51 8.87 -5.31
C UNK Q 105 -7.34 9.97 -6.33
N UNK Q 106 -8.15 9.95 -7.40
CA UNK Q 106 -8.13 10.96 -8.45
C UNK Q 106 -8.84 12.27 -8.07
N UNK Q 107 -8.39 13.36 -8.71
CA UNK Q 107 -8.92 14.71 -8.48
C UNK Q 107 -10.38 14.87 -8.91
N UNK Q 108 -10.71 14.51 -10.17
CA UNK Q 108 -12.06 14.63 -10.70
C UNK Q 108 -12.60 16.07 -10.62
N UNK Q 109 -11.73 17.04 -10.88
CA UNK Q 109 -12.09 18.46 -10.82
C UNK Q 109 -13.02 18.85 -11.97
N UNK Q 110 -14.15 19.48 -11.64
CA UNK Q 110 -15.14 19.88 -12.64
C UNK Q 110 -15.01 21.35 -13.03
N UNK Q 111 -15.30 21.62 -14.31
CA UNK Q 111 -15.29 22.97 -14.88
C UNK Q 111 -16.51 23.81 -14.46
N UNK Q 112 -16.26 25.09 -14.19
CA UNK Q 112 -17.33 26.04 -13.84
C UNK Q 112 -18.30 26.26 -15.00
N UNK Q 113 -17.77 26.57 -16.19
CA UNK Q 113 -18.57 26.84 -17.38
C UNK Q 113 -19.59 27.97 -17.20
N UNK Q 114 -19.17 29.03 -16.50
CA UNK Q 114 -20.02 30.20 -16.27
C UNK Q 114 -20.41 30.84 -17.61
N UNK Q 115 -21.67 31.27 -17.72
CA UNK Q 115 -22.19 31.85 -18.96
C UNK Q 115 -23.25 32.91 -18.65
N UNK Q 116 -23.40 33.88 -19.56
CA UNK Q 116 -24.40 34.93 -19.40
C UNK Q 116 -24.84 35.48 -20.75
N UNK Q 117 -26.00 36.15 -20.74
CA UNK Q 117 -26.59 36.78 -21.92
C UNK Q 117 -25.85 38.05 -22.35
N UNK Q 118 -26.01 38.39 -23.63
CA UNK Q 118 -25.47 39.58 -24.26
C UNK Q 118 -26.40 40.80 -24.17
N UNK Q 119 -25.80 41.96 -24.44
CA UNK Q 119 -26.50 43.23 -24.60
C UNK Q 119 -27.45 43.22 -25.79
N UNK Q 120 -28.67 43.77 -25.60
CA UNK Q 120 -29.71 43.74 -26.62
C UNK Q 120 -30.33 45.09 -26.96
N UNK Q 121 -29.84 46.20 -26.39
CA UNK Q 121 -30.54 47.47 -26.40
C UNK Q 121 -30.76 47.98 -27.83
N UNK Q 122 -31.89 48.65 -28.07
CA UNK Q 122 -32.38 48.88 -29.43
C UNK Q 122 -32.86 50.32 -29.58
N UNK Q 123 -32.87 50.76 -30.84
CA UNK Q 123 -33.31 52.09 -31.28
C UNK Q 123 -34.80 52.10 -31.63
N UNK Q 124 -35.33 53.32 -31.85
CA UNK Q 124 -36.61 53.49 -32.53
C UNK Q 124 -36.62 54.79 -33.33
N UNK Q 125 -37.34 54.76 -34.45
CA UNK Q 125 -37.49 55.92 -35.33
C UNK Q 125 -38.25 57.06 -34.66
N UNK Q 126 -37.94 58.29 -35.09
CA UNK Q 126 -38.64 59.50 -34.69
C UNK Q 126 -39.28 60.22 -35.88
N UNK Q 127 -39.74 59.45 -36.88
CA UNK Q 127 -40.26 60.03 -38.10
C UNK Q 127 -41.43 60.99 -37.85
N UNK Q 128 -41.56 61.98 -38.74
CA UNK Q 128 -42.58 63.01 -38.66
C UNK Q 128 -43.65 62.75 -39.71
N UNK Q 129 -44.92 62.83 -39.31
CA UNK Q 129 -46.01 63.00 -40.26
C UNK Q 129 -45.97 64.38 -40.91
N UNK Q 130 -45.78 64.40 -42.23
CA UNK Q 130 -45.57 65.63 -42.97
C UNK Q 130 -46.80 66.52 -43.06
N UNK Q 131 -47.97 66.06 -42.65
CA UNK Q 131 -49.16 66.90 -42.74
C UNK Q 131 -48.99 68.20 -41.97
N UNK Q 132 -49.45 69.29 -42.56
CA UNK Q 132 -49.81 70.50 -41.81
C UNK Q 132 -51.17 70.98 -42.29
N UNK Q 133 -52.05 71.30 -41.34
CA UNK Q 133 -53.41 71.70 -41.65
C UNK Q 133 -53.48 73.07 -42.31
N UNK Q 134 -52.44 73.88 -42.22
CA UNK Q 134 -52.55 75.32 -42.43
C UNK Q 134 -53.22 75.68 -43.75
N UNK Q 135 -54.27 76.49 -43.65
CA UNK Q 135 -54.84 77.22 -44.77
C UNK Q 135 -53.93 78.39 -45.14
N UNK Q 136 -54.29 79.08 -46.22
CA UNK Q 136 -53.70 80.37 -46.53
C UNK Q 136 -54.74 81.30 -47.12
N UNK Q 137 -54.52 82.59 -46.96
CA UNK Q 137 -55.48 83.60 -47.40
C UNK Q 137 -55.46 83.75 -48.92
N UNK Q 138 -56.66 83.96 -49.48
CA UNK Q 138 -56.82 84.24 -50.90
C UNK Q 138 -57.67 85.50 -51.10
N UNK Q 139 -57.54 86.46 -50.20
CA UNK Q 139 -58.35 87.66 -50.26
C UNK Q 139 -58.09 88.41 -51.56
N UNK Q 140 -59.13 89.08 -52.06
CA UNK Q 140 -59.02 89.85 -53.29
C UNK Q 140 -60.10 90.92 -53.28
N UNK Q 141 -59.96 91.87 -54.20
CA UNK Q 141 -61.02 92.86 -54.44
C UNK Q 141 -62.28 92.17 -54.95
N SER R 6 -34.90 -13.73 -17.36
CA SER R 6 -36.31 -13.71 -17.02
C SER R 6 -37.06 -14.77 -17.81
N GLY R 7 -38.16 -15.24 -17.25
CA GLY R 7 -39.03 -16.20 -17.91
C GLY R 7 -40.06 -15.60 -18.82
N TYR R 8 -39.94 -14.33 -19.19
CA TYR R 8 -41.07 -13.56 -19.71
C TYR R 8 -40.67 -12.80 -20.97
N LEU R 9 -41.53 -12.89 -21.99
CA LEU R 9 -41.50 -12.00 -23.15
C LEU R 9 -42.91 -11.47 -23.43
N ASP R 10 -43.01 -10.18 -23.76
CA ASP R 10 -44.28 -9.56 -24.12
C ASP R 10 -44.22 -9.12 -25.58
N ASP R 11 -45.04 -9.75 -26.42
CA ASP R 11 -44.99 -9.46 -27.84
C ASP R 11 -45.69 -8.13 -28.12
N VAL R 12 -45.29 -7.51 -29.22
CA VAL R 12 -45.81 -6.21 -29.61
C VAL R 12 -45.95 -6.17 -31.12
N VAL R 20 -28.46 -15.64 -25.10
CA VAL R 20 -27.17 -15.74 -24.44
C VAL R 20 -27.38 -15.35 -22.98
N ASP R 21 -26.29 -15.15 -22.24
CA ASP R 21 -26.39 -14.75 -20.84
C ASP R 21 -25.29 -13.74 -20.52
N ASN R 22 -25.65 -12.76 -19.71
CA ASN R 22 -24.82 -11.59 -19.49
C ASN R 22 -23.99 -11.69 -18.21
N LEU R 23 -23.04 -10.77 -18.10
CA LEU R 23 -22.17 -10.75 -16.95
C LEU R 23 -22.95 -10.60 -15.66
N GLN R 24 -24.15 -10.03 -15.71
CA GLN R 24 -24.89 -9.84 -14.48
C GLN R 24 -25.36 -11.17 -13.94
N THR R 25 -25.66 -12.11 -14.82
CA THR R 25 -26.06 -13.43 -14.38
C THR R 25 -24.84 -14.22 -13.95
N GLN R 26 -23.81 -14.22 -14.79
CA GLN R 26 -22.64 -15.02 -14.49
C GLN R 26 -21.98 -14.64 -13.16
N VAL R 27 -21.92 -13.36 -12.83
CA VAL R 27 -21.40 -12.99 -11.51
C VAL R 27 -22.28 -13.54 -10.39
N THR R 28 -23.60 -13.42 -10.52
CA THR R 28 -24.43 -13.82 -9.41
C THR R 28 -24.31 -15.32 -9.18
N GLU R 29 -24.12 -16.05 -10.26
CA GLU R 29 -23.99 -17.49 -10.18
C GLU R 29 -22.64 -17.91 -9.62
N ALA R 30 -21.56 -17.27 -10.05
CA ALA R 30 -20.27 -17.64 -9.48
C ALA R 30 -20.16 -17.24 -8.02
N LEU R 31 -20.74 -16.10 -7.62
CA LEU R 31 -20.73 -15.81 -6.19
C LEU R 31 -21.49 -16.85 -5.44
N ASP R 32 -22.58 -17.35 -6.03
CA ASP R 32 -23.45 -18.24 -5.29
C ASP R 32 -22.75 -19.55 -5.06
N LYS R 33 -22.06 -20.03 -6.08
CA LYS R 33 -21.27 -21.24 -5.97
C LYS R 33 -20.12 -21.09 -4.99
N LEU R 34 -19.37 -19.98 -5.08
CA LEU R 34 -18.26 -19.79 -4.16
C LEU R 34 -18.72 -19.82 -2.71
N ALA R 35 -19.79 -19.11 -2.39
CA ALA R 35 -20.15 -18.96 -0.98
C ALA R 35 -20.41 -20.29 -0.30
N ALA R 36 -20.64 -21.36 -1.05
CA ALA R 36 -20.78 -22.67 -0.44
C ALA R 36 -19.47 -23.21 0.11
N LYS R 37 -18.32 -22.84 -0.43
CA LYS R 37 -17.04 -23.36 0.04
C LYS R 37 -15.95 -22.31 -0.15
N PRO R 38 -15.95 -21.27 0.70
CA PRO R 38 -15.03 -20.15 0.53
C PRO R 38 -13.55 -20.46 0.49
N SER R 39 -13.11 -21.70 0.68
CA SER R 39 -11.68 -21.97 0.75
C SER R 39 -11.16 -22.88 -0.36
N ASP R 40 -11.84 -22.94 -1.51
CA ASP R 40 -11.36 -23.80 -2.58
C ASP R 40 -10.65 -22.96 -3.62
N PRO R 41 -9.36 -23.22 -3.91
CA PRO R 41 -8.64 -22.34 -4.84
C PRO R 41 -9.18 -22.32 -6.25
N ALA R 42 -9.77 -23.40 -6.74
CA ALA R 42 -10.31 -23.35 -8.09
C ALA R 42 -11.46 -22.35 -8.16
N LEU R 43 -12.32 -22.37 -7.15
CA LEU R 43 -13.47 -21.48 -7.15
C LEU R 43 -13.03 -20.04 -6.91
N LEU R 44 -12.12 -19.82 -5.98
CA LEU R 44 -11.60 -18.47 -5.80
C LEU R 44 -11.02 -17.94 -7.10
N ALA R 45 -10.14 -18.71 -7.73
CA ALA R 45 -9.54 -18.22 -8.95
C ALA R 45 -10.54 -18.05 -10.07
N ALA R 46 -11.67 -18.76 -10.02
CA ALA R 46 -12.70 -18.53 -11.02
C ALA R 46 -13.49 -17.28 -10.73
N TYR R 47 -13.44 -16.78 -9.52
CA TYR R 47 -14.32 -15.67 -9.13
C TYR R 47 -13.66 -14.32 -9.25
N GLN R 48 -12.36 -14.28 -8.99
CA GLN R 48 -11.57 -13.06 -9.17
C GLN R 48 -11.78 -12.41 -10.53
N SER R 49 -11.63 -13.18 -11.60
CA SER R 49 -11.84 -12.64 -12.94
C SER R 49 -13.28 -12.33 -13.30
N LYS R 50 -14.27 -12.99 -12.71
CA LYS R 50 -15.61 -12.51 -13.00
C LYS R 50 -15.93 -11.23 -12.26
N LEU R 51 -15.47 -11.09 -11.03
CA LEU R 51 -15.75 -9.85 -10.33
C LEU R 51 -15.00 -8.69 -10.95
N SER R 52 -13.82 -8.94 -11.49
CA SER R 52 -13.08 -7.90 -12.19
C SER R 52 -13.77 -7.48 -13.48
N GLU R 53 -14.20 -8.44 -14.28
CA GLU R 53 -14.85 -8.06 -15.53
C GLU R 53 -16.17 -7.36 -15.29
N TYR R 54 -16.88 -7.71 -14.23
CA TYR R 54 -18.12 -7.00 -13.91
C TYR R 54 -17.86 -5.59 -13.45
N ASN R 55 -16.79 -5.37 -12.71
CA ASN R 55 -16.46 -4.01 -12.29
C ASN R 55 -16.12 -3.14 -13.49
N LEU R 56 -15.35 -3.67 -14.43
CA LEU R 56 -15.01 -2.88 -15.61
C LEU R 56 -16.22 -2.57 -16.49
N TYR R 57 -17.07 -3.56 -16.72
CA TYR R 57 -18.27 -3.32 -17.51
C TYR R 57 -19.13 -2.25 -16.88
N ARG R 58 -19.37 -2.36 -15.59
CA ARG R 58 -20.30 -1.47 -14.95
C ARG R 58 -19.77 -0.05 -14.78
N ASN R 59 -18.45 0.15 -14.80
CA ASN R 59 -17.91 1.50 -14.94
C ASN R 59 -18.03 2.08 -16.35
N ALA R 60 -17.61 1.33 -17.36
CA ALA R 60 -17.63 1.84 -18.73
C ALA R 60 -19.03 2.22 -19.21
N GLN R 61 -20.04 1.46 -18.82
CA GLN R 61 -21.39 1.82 -19.20
C GLN R 61 -21.79 3.19 -18.67
N SER R 62 -21.62 3.41 -17.38
CA SER R 62 -22.08 4.65 -16.80
C SER R 62 -21.31 5.84 -17.35
N ASN R 63 -20.01 5.69 -17.55
CA ASN R 63 -19.25 6.82 -18.09
C ASN R 63 -19.72 7.22 -19.48
N THR R 64 -20.13 6.26 -20.32
CA THR R 64 -20.56 6.74 -21.63
C THR R 64 -21.98 7.28 -21.64
N VAL R 65 -22.86 6.74 -20.82
CA VAL R 65 -24.16 7.39 -20.69
C VAL R 65 -24.00 8.85 -20.28
N LYS R 66 -23.12 9.10 -19.32
CA LYS R 66 -22.85 10.47 -18.90
C LYS R 66 -22.36 11.35 -20.04
N VAL R 67 -21.50 10.82 -20.90
CA VAL R 67 -21.06 11.65 -22.03
C VAL R 67 -22.19 12.04 -22.97
N PHE R 68 -23.07 11.10 -23.29
CA PHE R 68 -24.17 11.47 -24.19
C PHE R 68 -25.13 12.47 -23.57
N LYS R 69 -25.31 12.43 -22.26
CA LYS R 69 -26.21 13.44 -21.71
C LYS R 69 -25.55 14.80 -21.65
N ASP R 70 -24.25 14.88 -21.38
CA ASP R 70 -23.64 16.20 -21.39
C ASP R 70 -23.63 16.81 -22.79
N ILE R 71 -23.54 15.99 -23.84
CA ILE R 71 -23.68 16.52 -25.19
C ILE R 71 -25.04 17.16 -25.40
N ASP R 72 -26.11 16.47 -25.02
CA ASP R 72 -27.43 17.07 -25.25
C ASP R 72 -27.68 18.30 -24.39
N ALA R 73 -27.17 18.32 -23.16
CA ALA R 73 -27.33 19.52 -22.35
C ALA R 73 -26.60 20.70 -22.97
N ALA R 74 -25.42 20.47 -23.53
CA ALA R 74 -24.71 21.57 -24.17
C ALA R 74 -25.45 22.09 -25.39
N ILE R 75 -26.09 21.21 -26.16
CA ILE R 75 -26.86 21.70 -27.30
C ILE R 75 -27.99 22.62 -26.84
N ILE R 76 -28.76 22.16 -25.86
CA ILE R 76 -29.89 22.97 -25.42
C ILE R 76 -29.40 24.31 -24.88
N GLN R 77 -28.30 24.31 -24.14
CA GLN R 77 -27.81 25.58 -23.62
C GLN R 77 -27.31 26.47 -24.74
N ASN R 78 -26.73 25.90 -25.78
CA ASN R 78 -26.19 26.73 -26.86
C ASN R 78 -27.28 27.44 -27.62
N PHE R 79 -28.47 26.86 -27.68
CA PHE R 79 -29.56 27.56 -28.36
C PHE R 79 -30.42 28.38 -27.43
N ARG R 80 -30.09 28.47 -26.15
CA ARG R 80 -30.88 29.26 -25.24
C ARG R 80 -31.05 30.65 -25.79
N ASP S 21 2.32 -3.46 -34.85
CA ASP S 21 1.75 -3.80 -33.55
C ASP S 21 2.75 -4.61 -32.75
N ASN S 22 4.03 -4.27 -32.93
CA ASN S 22 5.07 -5.21 -32.61
C ASN S 22 5.08 -5.51 -31.11
N LEU S 23 5.04 -4.45 -30.30
CA LEU S 23 5.05 -4.60 -28.86
C LEU S 23 3.77 -5.22 -28.32
N GLN S 24 2.68 -5.21 -29.09
CA GLN S 24 1.51 -6.02 -28.75
C GLN S 24 1.73 -7.50 -29.03
N THR S 25 2.44 -7.82 -30.10
CA THR S 25 2.71 -9.22 -30.41
C THR S 25 3.70 -9.87 -29.45
N GLN S 26 4.78 -9.15 -29.15
CA GLN S 26 5.82 -9.69 -28.29
C GLN S 26 5.25 -10.15 -26.95
N VAL S 27 4.33 -9.39 -26.38
CA VAL S 27 3.83 -9.77 -25.07
C VAL S 27 2.98 -11.03 -25.13
N THR S 28 2.25 -11.23 -26.22
CA THR S 28 1.46 -12.46 -26.28
C THR S 28 2.33 -13.65 -26.57
N GLU S 29 3.44 -13.47 -27.26
CA GLU S 29 4.39 -14.58 -27.39
C GLU S 29 4.98 -14.95 -26.05
N ALA S 30 5.53 -13.96 -25.35
CA ALA S 30 6.11 -14.22 -24.04
C ALA S 30 5.14 -14.94 -23.13
N LEU S 31 3.87 -14.55 -23.18
CA LEU S 31 2.92 -15.18 -22.28
C LEU S 31 2.74 -16.66 -22.59
N ASP S 32 2.71 -17.03 -23.87
CA ASP S 32 2.60 -18.45 -24.21
C ASP S 32 3.80 -19.23 -23.71
N LYS S 33 5.00 -18.74 -24.03
CA LYS S 33 6.19 -19.45 -23.55
C LYS S 33 6.16 -19.61 -22.03
N LEU S 34 5.79 -18.57 -21.30
CA LEU S 34 5.71 -18.70 -19.85
C LEU S 34 4.65 -19.72 -19.43
N ALA S 35 3.42 -19.55 -19.91
CA ALA S 35 2.37 -20.49 -19.55
C ALA S 35 2.76 -21.93 -19.81
N ALA S 36 3.67 -22.16 -20.75
CA ALA S 36 4.13 -23.53 -20.98
C ALA S 36 4.86 -24.12 -19.77
N LYS S 37 5.59 -23.30 -19.01
CA LYS S 37 6.41 -23.79 -17.89
C LYS S 37 6.54 -22.71 -16.83
N PRO S 38 5.46 -22.42 -16.12
CA PRO S 38 5.45 -21.29 -15.18
C PRO S 38 6.56 -21.19 -14.16
N SER S 39 7.40 -22.20 -13.97
CA SER S 39 8.42 -22.14 -12.93
C SER S 39 9.83 -21.87 -13.45
N ASP S 40 10.01 -21.79 -14.75
CA ASP S 40 11.34 -21.50 -15.31
C ASP S 40 11.76 -20.06 -15.03
N PRO S 41 12.77 -19.82 -14.19
CA PRO S 41 13.16 -18.44 -13.88
C PRO S 41 13.61 -17.60 -15.07
N ALA S 42 14.19 -18.18 -16.11
CA ALA S 42 14.56 -17.34 -17.25
C ALA S 42 13.32 -16.78 -17.94
N LEU S 43 12.29 -17.59 -18.03
CA LEU S 43 11.06 -17.13 -18.66
C LEU S 43 10.38 -16.10 -17.78
N LEU S 44 10.29 -16.35 -16.48
CA LEU S 44 9.74 -15.35 -15.58
C LEU S 44 10.45 -14.01 -15.72
N ALA S 45 11.78 -14.03 -15.66
CA ALA S 45 12.55 -12.80 -15.81
C ALA S 45 12.26 -12.08 -17.11
N ALA S 46 12.10 -12.80 -18.21
CA ALA S 46 11.76 -12.11 -19.46
C ALA S 46 10.36 -11.49 -19.41
N TYR S 47 9.38 -12.27 -18.97
CA TYR S 47 8.01 -11.78 -18.95
C TYR S 47 7.84 -10.57 -18.06
N GLN S 48 8.46 -10.54 -16.89
CA GLN S 48 8.35 -9.35 -16.05
C GLN S 48 8.64 -8.08 -16.85
N SER S 49 9.74 -8.09 -17.58
CA SER S 49 10.13 -6.93 -18.39
C SER S 49 9.11 -6.61 -19.47
N LYS S 50 8.78 -7.59 -20.30
CA LYS S 50 7.81 -7.33 -21.37
C LYS S 50 6.50 -6.76 -20.85
N LEU S 51 5.96 -7.34 -19.80
CA LEU S 51 4.71 -6.84 -19.25
C LEU S 51 4.85 -5.43 -18.70
N SER S 52 5.96 -5.12 -18.04
CA SER S 52 6.13 -3.77 -17.52
C SER S 52 6.19 -2.74 -18.64
N GLU S 53 6.92 -3.03 -19.70
CA GLU S 53 7.01 -2.10 -20.81
C GLU S 53 5.66 -1.87 -21.45
N TYR S 54 4.94 -2.94 -21.76
CA TYR S 54 3.60 -2.79 -22.31
C TYR S 54 2.72 -1.93 -21.42
N ASN S 55 2.82 -2.14 -20.11
CA ASN S 55 2.03 -1.38 -19.16
C ASN S 55 2.30 0.11 -19.23
N LEU S 56 3.56 0.51 -19.38
CA LEU S 56 3.85 1.93 -19.52
C LEU S 56 3.37 2.49 -20.85
N TYR S 57 3.59 1.76 -21.92
CA TYR S 57 3.16 2.19 -23.25
C TYR S 57 1.67 2.53 -23.31
N ARG S 58 0.80 1.61 -22.90
CA ARG S 58 -0.64 1.90 -22.93
C ARG S 58 -1.03 3.19 -22.20
N ASN S 59 -0.56 3.36 -20.97
CA ASN S 59 -0.86 4.58 -20.23
C ASN S 59 -0.41 5.84 -20.97
N ALA S 60 0.83 5.86 -21.44
CA ALA S 60 1.28 7.06 -22.15
C ALA S 60 0.41 7.39 -23.35
N GLN S 61 0.07 6.39 -24.14
CA GLN S 61 -0.78 6.63 -25.30
C GLN S 61 -2.13 7.19 -24.92
N SER S 62 -2.81 6.55 -23.98
CA SER S 62 -4.13 7.05 -23.59
C SER S 62 -4.09 8.49 -23.07
N ASN S 63 -3.10 8.82 -22.23
CA ASN S 63 -3.05 10.17 -21.69
C ASN S 63 -2.84 11.23 -22.77
N THR S 64 -1.96 10.97 -23.73
CA THR S 64 -1.79 11.99 -24.76
C THR S 64 -3.01 12.11 -25.67
N VAL S 65 -3.64 11.00 -26.04
CA VAL S 65 -4.89 11.12 -26.78
C VAL S 65 -5.87 12.04 -26.07
N LYS S 66 -6.02 11.85 -24.77
CA LYS S 66 -6.90 12.73 -24.01
C LYS S 66 -6.52 14.19 -24.13
N VAL S 67 -5.25 14.52 -23.86
CA VAL S 67 -4.83 15.92 -23.98
C VAL S 67 -5.15 16.52 -25.35
N PHE S 68 -4.82 15.80 -26.41
CA PHE S 68 -5.09 16.32 -27.75
C PHE S 68 -6.56 16.58 -28.01
N LYS S 69 -7.47 15.83 -27.41
CA LYS S 69 -8.86 16.14 -27.73
C LYS S 69 -9.54 17.05 -26.73
N ASP S 70 -8.98 17.19 -25.54
CA ASP S 70 -9.42 18.26 -24.65
C ASP S 70 -9.05 19.63 -25.20
N ILE S 71 -7.96 19.74 -25.96
CA ILE S 71 -7.67 21.04 -26.56
C ILE S 71 -8.70 21.42 -27.62
N ASP S 72 -9.10 20.49 -28.46
CA ASP S 72 -10.14 20.80 -29.43
C ASP S 72 -11.44 21.20 -28.75
N ALA S 73 -11.87 20.44 -27.75
CA ALA S 73 -13.10 20.81 -27.09
C ALA S 73 -13.01 22.19 -26.44
N ALA S 74 -11.86 22.56 -25.91
CA ALA S 74 -11.74 23.90 -25.33
C ALA S 74 -11.76 24.98 -26.40
N ILE S 75 -11.29 24.69 -27.60
CA ILE S 75 -11.42 25.69 -28.66
C ILE S 75 -12.88 25.90 -29.00
N ILE S 76 -13.61 24.83 -29.21
CA ILE S 76 -15.01 25.01 -29.61
C ILE S 76 -15.77 25.75 -28.51
N GLN S 77 -15.57 25.34 -27.26
CA GLN S 77 -16.18 26.06 -26.15
C GLN S 77 -15.79 27.53 -26.09
N ASN S 78 -14.68 27.92 -26.70
CA ASN S 78 -14.30 29.32 -26.61
C ASN S 78 -15.16 30.21 -27.49
N PHE S 79 -15.56 29.74 -28.66
CA PHE S 79 -16.41 30.51 -29.55
C PHE S 79 -17.88 30.20 -29.35
N ARG S 80 -18.19 29.08 -28.71
CA ARG S 80 -19.56 28.69 -28.48
C ARG S 80 -20.18 29.52 -27.37
N ASN T 22 26.55 15.34 -14.66
CA ASN T 22 25.20 15.17 -14.17
C ASN T 22 25.08 13.88 -13.39
N LEU T 23 23.89 13.66 -12.84
CA LEU T 23 23.56 12.45 -12.11
C LEU T 23 23.28 11.24 -12.99
N GLN T 24 22.76 11.47 -14.20
CA GLN T 24 22.44 10.38 -15.12
C GLN T 24 23.64 9.49 -15.38
N THR T 25 24.79 10.09 -15.67
CA THR T 25 25.97 9.31 -15.93
C THR T 25 26.47 8.61 -14.68
N GLN T 26 26.54 9.31 -13.56
CA GLN T 26 27.00 8.65 -12.36
C GLN T 26 26.20 7.39 -12.05
N VAL T 27 24.87 7.46 -12.15
CA VAL T 27 24.06 6.26 -11.92
C VAL T 27 24.36 5.18 -12.96
N THR T 28 24.42 5.55 -14.23
CA THR T 28 24.73 4.55 -15.27
C THR T 28 26.04 3.84 -14.99
N GLU T 29 27.05 4.57 -14.55
CA GLU T 29 28.32 3.92 -14.33
C GLU T 29 28.31 3.08 -13.06
N ALA T 30 27.63 3.53 -12.01
CA ALA T 30 27.57 2.68 -10.83
C ALA T 30 26.93 1.35 -11.19
N LEU T 31 25.90 1.39 -12.02
CA LEU T 31 25.27 0.16 -12.49
C LEU T 31 26.24 -0.72 -13.26
N ASP T 32 27.02 -0.11 -14.16
CA ASP T 32 27.97 -0.94 -14.92
C ASP T 32 28.98 -1.61 -14.02
N LYS T 33 29.46 -0.91 -13.01
CA LYS T 33 30.42 -1.55 -12.11
C LYS T 33 29.76 -2.66 -11.29
N LEU T 34 28.54 -2.43 -10.80
CA LEU T 34 27.84 -3.46 -10.05
C LEU T 34 27.63 -4.73 -10.86
N ALA T 35 27.06 -4.60 -12.05
CA ALA T 35 26.72 -5.79 -12.82
C ALA T 35 27.94 -6.66 -13.11
N ALA T 36 29.14 -6.13 -12.96
CA ALA T 36 30.34 -6.95 -13.09
C ALA T 36 30.50 -7.94 -11.95
N LYS T 37 30.00 -7.63 -10.75
CA LYS T 37 30.23 -8.47 -9.57
C LYS T 37 29.11 -8.27 -8.57
N PRO T 38 27.89 -8.67 -8.91
CA PRO T 38 26.74 -8.42 -8.03
C PRO T 38 26.87 -8.83 -6.57
N SER T 39 27.84 -9.64 -6.22
CA SER T 39 27.96 -10.14 -4.85
C SER T 39 28.87 -9.32 -3.95
N ASP T 40 29.41 -8.19 -4.41
CA ASP T 40 30.32 -7.39 -3.60
C ASP T 40 29.59 -6.36 -2.75
N PRO T 41 29.53 -6.52 -1.43
CA PRO T 41 28.87 -5.53 -0.57
C PRO T 41 29.26 -4.09 -0.81
N ALA T 42 30.54 -3.81 -0.99
CA ALA T 42 30.95 -2.43 -1.20
C ALA T 42 30.30 -1.84 -2.43
N LEU T 43 30.12 -2.63 -3.47
CA LEU T 43 29.44 -2.13 -4.66
C LEU T 43 27.94 -1.97 -4.42
N LEU T 44 27.35 -2.89 -3.69
CA LEU T 44 25.91 -2.81 -3.42
C LEU T 44 25.56 -1.57 -2.62
N ALA T 45 26.26 -1.34 -1.52
CA ALA T 45 26.01 -0.15 -0.72
C ALA T 45 26.10 1.13 -1.52
N ALA T 46 27.10 1.26 -2.38
CA ALA T 46 27.19 2.44 -3.25
C ALA T 46 26.01 2.57 -4.20
N TYR T 47 25.56 1.46 -4.74
CA TYR T 47 24.47 1.54 -5.69
C TYR T 47 23.15 1.92 -5.04
N GLN T 48 22.82 1.29 -3.92
CA GLN T 48 21.62 1.70 -3.20
C GLN T 48 21.53 3.21 -3.05
N SER T 49 22.58 3.84 -2.55
CA SER T 49 22.60 5.29 -2.39
C SER T 49 22.40 6.05 -3.71
N LYS T 50 23.14 5.67 -4.75
CA LYS T 50 22.98 6.40 -6.01
C LYS T 50 21.58 6.28 -6.59
N LEU T 51 21.07 5.07 -6.72
CA LEU T 51 19.73 4.87 -7.24
C LEU T 51 18.67 5.60 -6.41
N SER T 52 18.83 5.63 -5.10
CA SER T 52 17.88 6.37 -4.27
C SER T 52 17.86 7.85 -4.61
N GLU T 53 19.03 8.49 -4.58
CA GLU T 53 19.07 9.91 -4.92
C GLU T 53 18.51 10.18 -6.30
N TYR T 54 18.84 9.36 -7.29
CA TYR T 54 18.29 9.56 -8.61
C TYR T 54 16.77 9.51 -8.62
N ASN T 55 16.19 8.57 -7.89
CA ASN T 55 14.74 8.48 -7.84
C ASN T 55 14.11 9.75 -7.29
N LEU T 56 14.62 10.24 -6.18
CA LEU T 56 14.10 11.48 -5.61
C LEU T 56 14.22 12.66 -6.57
N TYR T 57 15.40 12.86 -7.15
CA TYR T 57 15.59 13.92 -8.12
C TYR T 57 14.54 13.90 -9.24
N ARG T 58 14.39 12.77 -9.92
CA ARG T 58 13.40 12.71 -11.00
C ARG T 58 12.00 13.06 -10.54
N ASN T 59 11.58 12.57 -9.37
CA ASN T 59 10.23 12.90 -8.92
C ASN T 59 10.06 14.39 -8.63
N ALA T 60 10.96 14.97 -7.85
CA ALA T 60 10.87 16.39 -7.55
C ALA T 60 10.80 17.25 -8.82
N GLN T 61 11.65 16.94 -9.78
CA GLN T 61 11.63 17.69 -11.03
C GLN T 61 10.28 17.64 -11.73
N SER T 62 9.77 16.44 -11.95
CA SER T 62 8.49 16.32 -12.63
C SER T 62 7.36 17.06 -11.91
N ASN T 63 7.26 16.92 -10.59
CA ASN T 63 6.20 17.65 -9.88
C ASN T 63 6.31 19.16 -10.03
N THR T 64 7.51 19.71 -9.93
CA THR T 64 7.64 21.16 -10.09
C THR T 64 7.23 21.63 -11.48
N VAL T 65 7.68 20.93 -12.51
CA VAL T 65 7.26 21.30 -13.86
C VAL T 65 5.74 21.35 -13.97
N LYS T 66 5.08 20.28 -13.54
CA LYS T 66 3.62 20.28 -13.58
C LYS T 66 2.99 21.47 -12.86
N VAL T 67 3.42 21.76 -11.64
CA VAL T 67 2.87 22.91 -10.91
C VAL T 67 2.95 24.20 -11.74
N PHE T 68 4.13 24.53 -12.24
CA PHE T 68 4.23 25.76 -13.04
C PHE T 68 3.31 25.76 -14.25
N LYS T 69 3.17 24.63 -14.92
CA LYS T 69 2.25 24.65 -16.07
C LYS T 69 0.80 24.81 -15.65
N ASP T 70 0.38 24.20 -14.55
CA ASP T 70 -0.98 24.44 -14.08
C ASP T 70 -1.24 25.90 -13.77
N ILE T 71 -0.29 26.61 -13.16
CA ILE T 71 -0.50 28.03 -12.93
C ILE T 71 -0.69 28.77 -14.24
N ASP T 72 0.23 28.55 -15.17
CA ASP T 72 0.14 29.20 -16.46
C ASP T 72 -1.21 28.96 -17.14
N ALA T 73 -1.68 27.73 -17.15
CA ALA T 73 -3.00 27.43 -17.73
C ALA T 73 -4.12 28.15 -17.01
N ALA T 74 -4.07 28.19 -15.68
CA ALA T 74 -5.15 28.82 -14.93
C ALA T 74 -5.32 30.29 -15.29
N ILE T 75 -4.23 31.00 -15.54
CA ILE T 75 -4.40 32.41 -15.93
C ILE T 75 -5.23 32.56 -17.19
N ILE T 76 -4.88 31.80 -18.23
CA ILE T 76 -5.64 31.84 -19.47
C ILE T 76 -7.10 31.48 -19.20
N GLN T 77 -7.36 30.37 -18.53
CA GLN T 77 -8.74 30.07 -18.17
C GLN T 77 -9.43 31.19 -17.43
N ASN T 78 -8.68 32.01 -16.71
CA ASN T 78 -9.32 33.11 -15.98
C ASN T 78 -9.80 34.21 -16.92
N PHE T 79 -8.96 34.63 -17.86
CA PHE T 79 -9.43 35.69 -18.76
C PHE T 79 -10.27 35.18 -19.92
N ARG T 80 -10.14 33.93 -20.31
CA ARG T 80 -11.00 33.39 -21.34
C ARG T 80 -12.43 33.70 -21.04
N ALA U 2 -25.52 33.14 24.95
CA ALA U 2 -24.16 33.19 25.46
C ALA U 2 -23.19 32.69 24.40
N THR U 3 -22.00 33.29 24.36
CA THR U 3 -21.06 33.07 23.28
C THR U 3 -19.67 32.80 23.84
N PRO U 4 -18.89 31.91 23.23
CA PRO U 4 -17.53 31.70 23.72
C PRO U 4 -16.64 32.90 23.52
N TRP U 5 -15.66 33.03 24.40
CA TRP U 5 -14.77 34.18 24.40
C TRP U 5 -13.95 34.24 23.12
N SER U 6 -13.53 35.46 22.78
CA SER U 6 -12.78 35.67 21.55
C SER U 6 -11.43 34.97 21.55
N GLY U 7 -10.80 34.79 22.70
CA GLY U 7 -9.38 34.60 22.74
C GLY U 7 -8.62 35.90 22.51
N TYR U 8 -7.29 35.80 22.58
CA TYR U 8 -6.40 36.95 22.45
C TYR U 8 -5.16 36.50 21.70
N LEU U 9 -4.63 37.37 20.85
CA LEU U 9 -3.71 36.97 19.78
C LEU U 9 -2.26 37.37 20.10
N ASP U 10 -1.36 36.40 20.07
CA ASP U 10 0.08 36.62 20.28
C ASP U 10 0.83 37.07 19.02
N ASP U 11 0.35 38.14 18.38
CA ASP U 11 0.71 38.47 17.01
C ASP U 11 2.20 38.34 16.66
N VAL U 12 3.08 38.87 17.51
CA VAL U 12 4.51 38.92 17.17
C VAL U 12 5.26 37.60 17.31
N SER U 13 4.81 36.66 18.13
CA SER U 13 5.74 35.71 18.73
C SER U 13 6.25 34.69 17.71
N ALA U 14 5.35 34.11 16.93
CA ALA U 14 5.69 32.92 16.14
C ALA U 14 6.72 33.24 15.06
N LYS U 15 6.48 34.31 14.28
CA LYS U 15 7.27 34.50 13.07
C LYS U 15 8.75 34.68 13.36
N PHE U 16 9.10 35.17 14.55
CA PHE U 16 10.49 35.33 14.93
C PHE U 16 10.90 34.33 16.00
N ASP U 17 9.98 33.45 16.43
CA ASP U 17 10.35 32.22 17.12
C ASP U 17 10.98 31.19 16.19
N THR U 18 10.92 31.39 14.88
CA THR U 18 11.65 30.54 13.94
C THR U 18 13.14 30.55 14.23
N GLY U 19 13.73 29.36 14.28
CA GLY U 19 15.14 29.20 14.58
C GLY U 19 15.47 27.73 14.67
N VAL U 20 16.76 27.45 14.86
CA VAL U 20 17.23 26.09 14.67
C VAL U 20 16.59 25.18 15.70
N ASP U 21 15.94 24.12 15.22
CA ASP U 21 15.22 23.24 16.12
C ASP U 21 16.19 22.39 16.92
N ASN U 22 15.80 22.10 18.14
CA ASN U 22 16.55 21.17 18.97
C ASN U 22 16.55 19.79 18.33
N LEU U 23 15.42 19.41 17.74
CA LEU U 23 15.21 18.01 17.32
C LEU U 23 16.17 17.57 16.23
N GLN U 24 16.32 18.34 15.15
CA GLN U 24 17.32 17.97 14.16
C GLN U 24 18.73 17.94 14.74
N THR U 25 19.04 18.88 15.63
CA THR U 25 20.37 18.92 16.20
C THR U 25 20.65 17.64 16.96
N GLN U 26 19.70 17.22 17.77
CA GLN U 26 19.83 16.00 18.54
C GLN U 26 19.85 14.76 17.67
N VAL U 27 19.07 14.72 16.60
CA VAL U 27 19.16 13.57 15.70
C VAL U 27 20.56 13.43 15.12
N THR U 28 21.13 14.53 14.65
CA THR U 28 22.45 14.43 14.04
C THR U 28 23.52 14.09 15.07
N GLU U 29 23.38 14.61 16.28
CA GLU U 29 24.29 14.25 17.34
C GLU U 29 24.21 12.77 17.70
N ALA U 30 23.01 12.23 17.81
CA ALA U 30 22.88 10.82 18.14
C ALA U 30 23.47 9.94 17.04
N LEU U 31 23.24 10.31 15.79
CA LEU U 31 23.85 9.56 14.69
C LEU U 31 25.37 9.58 14.77
N ASP U 32 25.94 10.74 15.07
CA ASP U 32 27.39 10.81 15.20
C ASP U 32 27.93 10.03 16.37
N LYS U 33 27.18 9.91 17.46
CA LYS U 33 27.60 9.01 18.53
C LYS U 33 27.52 7.55 18.10
N LEU U 34 26.44 7.15 17.45
CA LEU U 34 26.30 5.76 17.05
C LEU U 34 27.38 5.34 16.07
N ALA U 35 27.66 6.18 15.07
CA ALA U 35 28.61 5.79 14.04
C ALA U 35 30.00 5.50 14.60
N ALA U 36 30.32 6.03 15.77
CA ALA U 36 31.59 5.70 16.41
C ALA U 36 31.66 4.28 16.94
N LYS U 37 30.54 3.63 17.26
CA LYS U 37 30.56 2.26 17.79
C LYS U 37 29.27 1.55 17.46
N PRO U 38 29.09 1.13 16.21
CA PRO U 38 27.79 0.65 15.76
C PRO U 38 27.23 -0.56 16.50
N SER U 39 27.94 -1.11 17.48
CA SER U 39 27.50 -2.34 18.12
C SER U 39 27.08 -2.16 19.58
N ASP U 40 27.10 -0.95 20.12
CA ASP U 40 26.65 -0.76 21.48
C ASP U 40 25.13 -0.71 21.61
N PRO U 41 24.52 -1.69 22.28
CA PRO U 41 23.07 -1.68 22.45
C PRO U 41 22.52 -0.45 23.14
N ALA U 42 23.26 0.13 24.08
CA ALA U 42 22.76 1.31 24.77
C ALA U 42 22.64 2.48 23.81
N LEU U 43 23.47 2.55 22.79
CA LEU U 43 23.37 3.63 21.83
C LEU U 43 22.33 3.33 20.76
N LEU U 44 22.24 2.07 20.35
CA LEU U 44 21.21 1.69 19.38
C LEU U 44 19.81 1.97 19.92
N ALA U 45 19.54 1.55 21.15
CA ALA U 45 18.24 1.82 21.75
C ALA U 45 17.90 3.30 21.74
N ALA U 46 18.86 4.17 21.97
CA ALA U 46 18.57 5.60 21.95
C ALA U 46 18.27 6.09 20.54
N TYR U 47 19.11 5.72 19.59
CA TYR U 47 18.90 6.19 18.24
C TYR U 47 17.62 5.69 17.60
N GLN U 48 17.19 4.47 17.89
CA GLN U 48 15.89 4.03 17.37
C GLN U 48 14.79 5.00 17.76
N SER U 49 14.74 5.37 19.03
CA SER U 49 13.70 6.27 19.51
C SER U 49 13.78 7.65 18.88
N LYS U 50 14.96 8.26 18.88
CA LYS U 50 15.07 9.59 18.30
C LYS U 50 14.72 9.62 16.82
N LEU U 51 15.29 8.71 16.03
CA LEU U 51 14.93 8.68 14.61
C LEU U 51 13.44 8.49 14.39
N SER U 52 12.78 7.65 15.18
CA SER U 52 11.34 7.48 15.04
C SER U 52 10.59 8.79 15.27
N GLU U 53 10.86 9.45 16.37
CA GLU U 53 10.20 10.73 16.63
C GLU U 53 10.44 11.72 15.51
N TYR U 54 11.65 11.78 14.97
CA TYR U 54 11.89 12.72 13.88
C TYR U 54 11.07 12.40 12.65
N ASN U 55 10.86 11.11 12.38
CA ASN U 55 10.01 10.74 11.26
C ASN U 55 8.59 11.24 11.42
N LEU U 56 8.01 10.98 12.58
CA LEU U 56 6.64 11.42 12.82
C LEU U 56 6.49 12.94 12.73
N TYR U 57 7.33 13.67 13.45
CA TYR U 57 7.28 15.13 13.38
C TYR U 57 7.34 15.66 11.96
N ARG U 58 8.30 15.21 11.16
CA ARG U 58 8.41 15.74 9.82
C ARG U 58 7.18 15.45 8.95
N ASN U 59 6.61 14.25 9.04
CA ASN U 59 5.38 14.00 8.29
C ASN U 59 4.22 14.88 8.74
N ALA U 60 3.94 14.89 10.05
CA ALA U 60 2.85 15.73 10.54
C ALA U 60 2.96 17.16 10.05
N GLN U 61 4.17 17.71 10.02
CA GLN U 61 4.32 19.07 9.57
C GLN U 61 3.99 19.23 8.10
N SER U 62 4.58 18.40 7.25
CA SER U 62 4.27 18.50 5.83
C SER U 62 2.78 18.41 5.54
N ASN U 63 2.10 17.39 6.08
CA ASN U 63 0.66 17.30 5.84
C ASN U 63 -0.11 18.50 6.35
N THR U 64 0.39 19.19 7.35
CA THR U 64 -0.34 20.36 7.83
C THR U 64 -0.18 21.54 6.90
N VAL U 65 1.04 21.87 6.53
CA VAL U 65 1.24 22.92 5.53
C VAL U 65 0.38 22.67 4.29
N LYS U 66 0.32 21.42 3.85
CA LYS U 66 -0.47 21.09 2.67
C LYS U 66 -1.95 21.42 2.87
N VAL U 67 -2.50 21.05 4.02
CA VAL U 67 -3.90 21.35 4.28
C VAL U 67 -4.16 22.85 4.34
N PHE U 68 -3.35 23.60 5.08
CA PHE U 68 -3.63 25.03 5.15
C PHE U 68 -3.54 25.73 3.81
N LYS U 69 -2.69 25.28 2.90
CA LYS U 69 -2.67 26.02 1.64
C LYS U 69 -3.76 25.59 0.65
N ASP U 70 -4.26 24.37 0.76
CA ASP U 70 -5.40 24.01 -0.09
C ASP U 70 -6.63 24.88 0.20
N ILE U 71 -6.85 25.26 1.45
CA ILE U 71 -8.01 26.12 1.77
C ILE U 71 -7.93 27.43 1.01
N ASP U 72 -6.75 28.05 0.96
CA ASP U 72 -6.60 29.33 0.29
C ASP U 72 -6.74 29.21 -1.22
N ALA U 73 -6.17 28.17 -1.80
CA ALA U 73 -6.38 27.95 -3.22
C ALA U 73 -7.85 27.71 -3.55
N ALA U 74 -8.57 27.03 -2.67
CA ALA U 74 -9.99 26.80 -2.90
C ALA U 74 -10.83 28.05 -2.72
N ILE U 75 -10.42 28.97 -1.86
CA ILE U 75 -11.15 30.23 -1.79
C ILE U 75 -10.97 31.01 -3.08
N ILE U 76 -9.73 31.22 -3.49
CA ILE U 76 -9.55 32.04 -4.68
C ILE U 76 -10.28 31.41 -5.85
N GLN U 77 -10.17 30.09 -6.00
CA GLN U 77 -10.90 29.45 -7.08
C GLN U 77 -12.40 29.50 -6.89
N ASN U 78 -12.88 29.83 -5.69
CA ASN U 78 -14.31 30.00 -5.55
C ASN U 78 -14.76 31.35 -6.07
N PHE U 79 -13.92 32.36 -5.98
CA PHE U 79 -14.35 33.66 -6.46
C PHE U 79 -13.95 33.97 -7.90
N ARG U 80 -12.93 33.34 -8.45
CA ARG U 80 -12.79 33.41 -9.91
C ARG U 80 -13.39 32.21 -10.60
N THR V 3 -19.53 18.86 17.11
CA THR V 3 -20.30 20.10 17.13
C THR V 3 -21.78 19.78 17.32
N PRO V 4 -22.45 20.50 18.21
CA PRO V 4 -23.84 20.16 18.52
C PRO V 4 -24.79 20.69 17.45
N TRP V 5 -25.82 19.91 17.17
CA TRP V 5 -26.98 20.40 16.45
C TRP V 5 -27.83 21.22 17.41
N SER V 6 -27.89 22.53 17.19
CA SER V 6 -28.46 23.46 18.16
C SER V 6 -29.92 23.15 18.43
N GLY V 7 -30.25 22.89 19.69
CA GLY V 7 -31.61 22.66 20.13
C GLY V 7 -32.05 21.22 20.15
N TYR V 8 -31.27 20.31 19.59
CA TYR V 8 -31.65 18.91 19.62
C TYR V 8 -31.48 18.34 21.03
N LEU V 9 -32.55 17.73 21.53
CA LEU V 9 -32.45 16.95 22.75
C LEU V 9 -31.70 15.65 22.47
N ASP V 10 -30.71 15.33 23.31
CA ASP V 10 -29.64 14.41 22.95
C ASP V 10 -28.98 14.83 21.64
N ASP V 21 -12.67 6.39 27.87
CA ASP V 21 -11.35 6.91 28.25
C ASP V 21 -10.67 5.95 29.18
N ASN V 22 -11.34 4.84 29.48
CA ASN V 22 -10.78 3.88 30.42
C ASN V 22 -9.67 3.05 29.79
N LEU V 23 -9.82 2.70 28.52
CA LEU V 23 -8.81 1.87 27.88
C LEU V 23 -7.43 2.51 27.91
N GLN V 24 -7.37 3.84 27.89
CA GLN V 24 -6.10 4.54 27.98
C GLN V 24 -5.42 4.35 29.34
N THR V 25 -6.21 4.45 30.41
CA THR V 25 -5.67 4.25 31.74
C THR V 25 -5.30 2.79 31.95
N GLN V 26 -6.11 1.90 31.43
CA GLN V 26 -5.83 0.48 31.56
C GLN V 26 -4.52 0.08 30.89
N VAL V 27 -4.27 0.59 29.68
CA VAL V 27 -2.98 0.31 29.05
C VAL V 27 -1.82 0.93 29.81
N THR V 28 -2.00 2.15 30.33
CA THR V 28 -0.92 2.76 31.10
C THR V 28 -0.58 1.93 32.33
N GLU V 29 -1.60 1.52 33.06
CA GLU V 29 -1.40 0.67 34.23
C GLU V 29 -0.67 -0.63 33.88
N ALA V 30 -1.12 -1.32 32.84
CA ALA V 30 -0.46 -2.59 32.53
C ALA V 30 1.00 -2.35 32.15
N LEU V 31 1.28 -1.28 31.42
CA LEU V 31 2.67 -0.96 31.13
C LEU V 31 3.50 -0.76 32.39
N ASP V 32 2.98 -0.01 33.35
CA ASP V 32 3.72 0.21 34.60
C ASP V 32 3.97 -1.08 35.38
N LYS V 33 3.00 -1.99 35.41
CA LYS V 33 3.27 -3.27 36.06
C LYS V 33 4.35 -4.05 35.33
N LEU V 34 4.23 -4.16 34.02
CA LEU V 34 5.21 -4.92 33.24
C LEU V 34 6.61 -4.36 33.38
N ALA V 35 6.77 -3.05 33.23
CA ALA V 35 8.10 -2.44 33.33
C ALA V 35 8.83 -2.82 34.60
N ALA V 36 8.14 -3.14 35.68
CA ALA V 36 8.81 -3.51 36.91
C ALA V 36 9.42 -4.91 36.89
N LYS V 37 8.90 -5.83 36.08
CA LYS V 37 9.38 -7.21 36.05
C LYS V 37 9.15 -7.79 34.67
N PRO V 38 9.96 -7.36 33.69
CA PRO V 38 9.73 -7.78 32.30
C PRO V 38 9.76 -9.28 32.05
N SER V 39 10.13 -10.11 33.01
CA SER V 39 10.25 -11.53 32.75
C SER V 39 9.07 -12.34 33.27
N ASP V 40 8.06 -11.72 33.84
CA ASP V 40 6.89 -12.46 34.31
C ASP V 40 5.93 -12.87 33.19
N PRO V 41 5.79 -14.16 32.91
CA PRO V 41 4.87 -14.58 31.85
C PRO V 41 3.44 -14.10 32.03
N ALA V 42 2.97 -13.88 33.25
CA ALA V 42 1.59 -13.46 33.40
C ALA V 42 1.43 -11.98 33.06
N LEU V 43 2.43 -11.18 33.37
CA LEU V 43 2.36 -9.78 33.04
C LEU V 43 2.53 -9.59 31.54
N LEU V 44 3.33 -10.45 30.91
CA LEU V 44 3.49 -10.38 29.46
C LEU V 44 2.20 -10.75 28.76
N ALA V 45 1.61 -11.89 29.12
CA ALA V 45 0.34 -12.29 28.52
C ALA V 45 -0.74 -11.23 28.70
N ALA V 46 -0.78 -10.54 29.84
CA ALA V 46 -1.79 -9.50 30.00
C ALA V 46 -1.52 -8.28 29.11
N TYR V 47 -0.28 -7.80 29.11
CA TYR V 47 0.04 -6.64 28.30
C TYR V 47 -0.20 -6.86 26.81
N GLN V 48 0.13 -8.05 26.31
CA GLN V 48 -0.15 -8.33 24.90
C GLN V 48 -1.60 -8.05 24.53
N SER V 49 -2.54 -8.45 25.37
CA SER V 49 -3.95 -8.24 25.06
C SER V 49 -4.33 -6.77 25.16
N LYS V 50 -3.93 -6.11 26.23
CA LYS V 50 -4.30 -4.70 26.36
C LYS V 50 -3.78 -3.88 25.19
N LEU V 51 -2.52 -4.08 24.82
CA LEU V 51 -1.95 -3.34 23.71
C LEU V 51 -2.62 -3.66 22.38
N SER V 52 -2.99 -4.93 22.14
CA SER V 52 -3.66 -5.23 20.88
C SER V 52 -5.02 -4.55 20.78
N GLU V 53 -5.80 -4.56 21.86
CA GLU V 53 -7.09 -3.91 21.82
C GLU V 53 -6.96 -2.40 21.64
N TYR V 54 -6.08 -1.77 22.38
CA TYR V 54 -5.87 -0.33 22.22
C TYR V 54 -5.51 0.01 20.79
N ASN V 55 -4.62 -0.77 20.16
CA ASN V 55 -4.27 -0.51 18.77
C ASN V 55 -5.48 -0.54 17.84
N LEU V 56 -6.30 -1.58 17.94
CA LEU V 56 -7.48 -1.65 17.09
C LEU V 56 -8.44 -0.49 17.32
N TYR V 57 -8.67 -0.14 18.58
CA TYR V 57 -9.52 0.99 18.91
C TYR V 57 -9.08 2.27 18.22
N ARG V 58 -7.82 2.67 18.41
CA ARG V 58 -7.36 3.89 17.77
C ARG V 58 -7.50 3.88 16.25
N ASN V 59 -7.25 2.74 15.61
CA ASN V 59 -7.39 2.73 14.17
C ASN V 59 -8.84 2.90 13.71
N ALA V 60 -9.75 2.08 14.23
CA ALA V 60 -11.15 2.24 13.87
C ALA V 60 -11.65 3.66 14.08
N GLN V 61 -11.27 4.28 15.19
CA GLN V 61 -11.69 5.65 15.43
C GLN V 61 -11.24 6.57 14.32
N SER V 62 -9.94 6.61 14.03
CA SER V 62 -9.48 7.63 13.10
C SER V 62 -9.99 7.40 11.69
N ASN V 63 -10.19 6.15 11.27
CA ASN V 63 -10.84 5.94 9.98
C ASN V 63 -12.26 6.51 9.96
N THR V 64 -13.04 6.30 11.02
CA THR V 64 -14.39 6.85 11.00
C THR V 64 -14.41 8.37 10.95
N VAL V 65 -13.54 9.02 11.72
CA VAL V 65 -13.50 10.49 11.68
C VAL V 65 -13.13 11.02 10.31
N LYS V 66 -12.28 10.32 9.57
CA LYS V 66 -12.04 10.76 8.20
C LYS V 66 -13.26 10.56 7.31
N VAL V 67 -13.93 9.42 7.42
CA VAL V 67 -15.10 9.21 6.56
C VAL V 67 -16.16 10.29 6.74
N PHE V 68 -16.39 10.75 7.96
CA PHE V 68 -17.34 11.84 8.13
C PHE V 68 -16.82 13.16 7.58
N LYS V 69 -15.54 13.47 7.78
CA LYS V 69 -15.03 14.67 7.15
C LYS V 69 -15.29 14.65 5.65
N ASP V 70 -14.99 13.54 5.00
CA ASP V 70 -15.10 13.49 3.55
C ASP V 70 -16.53 13.56 3.05
N ILE V 71 -17.50 13.17 3.86
CA ILE V 71 -18.87 13.35 3.41
C ILE V 71 -19.28 14.82 3.50
N ASP V 72 -18.95 15.48 4.59
CA ASP V 72 -19.26 16.90 4.68
C ASP V 72 -18.58 17.71 3.57
N ALA V 73 -17.31 17.41 3.29
CA ALA V 73 -16.63 18.10 2.20
C ALA V 73 -17.28 17.85 0.85
N ALA V 74 -17.70 16.62 0.57
CA ALA V 74 -18.35 16.36 -0.71
C ALA V 74 -19.66 17.12 -0.83
N ILE V 75 -20.42 17.22 0.26
CA ILE V 75 -21.66 17.98 0.19
C ILE V 75 -21.37 19.43 -0.17
N ILE V 76 -20.46 20.06 0.55
CA ILE V 76 -20.20 21.47 0.28
C ILE V 76 -19.71 21.65 -1.15
N GLN V 77 -18.79 20.80 -1.58
CA GLN V 77 -18.23 20.93 -2.92
C GLN V 77 -19.26 20.67 -4.01
N ASN V 78 -20.39 20.06 -3.68
CA ASN V 78 -21.42 19.86 -4.68
C ASN V 78 -22.17 21.14 -5.02
N PHE V 79 -22.40 22.00 -4.03
CA PHE V 79 -23.09 23.26 -4.23
C PHE V 79 -22.15 24.41 -4.46
N ARG V 80 -20.87 24.25 -4.12
CA ARG V 80 -19.87 25.27 -4.34
C ARG V 80 -19.47 25.33 -5.79
N SER W 6 -32.24 -2.52 5.53
CA SER W 6 -31.74 -3.57 4.64
C SER W 6 -30.94 -2.95 3.49
N GLY W 7 -30.73 -3.74 2.46
CA GLY W 7 -30.08 -3.24 1.26
C GLY W 7 -29.34 -4.35 0.55
N TYR W 8 -28.89 -4.03 -0.66
CA TYR W 8 -28.21 -5.03 -1.47
C TYR W 8 -26.87 -5.42 -0.89
N LEU W 9 -26.14 -4.47 -0.29
CA LEU W 9 -24.85 -4.82 0.29
C LEU W 9 -25.00 -5.72 1.50
N ASP W 10 -26.10 -5.60 2.23
CA ASP W 10 -26.42 -6.58 3.25
C ASP W 10 -26.89 -7.90 2.63
N ASP W 11 -27.51 -7.86 1.46
CA ASP W 11 -27.83 -9.10 0.77
C ASP W 11 -26.57 -9.87 0.39
N VAL W 12 -25.58 -9.17 -0.14
CA VAL W 12 -24.30 -9.80 -0.43
C VAL W 12 -23.63 -10.30 0.85
N SER W 13 -23.62 -9.50 1.90
CA SER W 13 -23.05 -9.97 3.15
C SER W 13 -23.73 -11.24 3.65
N ALA W 14 -25.06 -11.28 3.58
CA ALA W 14 -25.83 -12.44 4.04
C ALA W 14 -25.62 -13.65 3.17
N LYS W 15 -25.35 -13.47 1.89
CA LYS W 15 -25.16 -14.62 1.02
C LYS W 15 -23.97 -15.48 1.43
N PHE W 16 -23.03 -14.93 2.21
CA PHE W 16 -22.01 -15.75 2.84
C PHE W 16 -22.52 -16.47 4.08
N ASP W 17 -23.22 -15.74 4.96
CA ASP W 17 -23.59 -16.31 6.25
C ASP W 17 -24.62 -17.42 6.11
N THR W 18 -25.44 -17.39 5.07
CA THR W 18 -26.27 -18.54 4.76
C THR W 18 -25.51 -19.59 3.98
N GLY W 19 -24.27 -19.33 3.64
CA GLY W 19 -23.42 -20.27 2.94
C GLY W 19 -22.65 -21.17 3.89
N VAL W 20 -22.07 -20.56 4.91
CA VAL W 20 -21.39 -21.32 5.97
C VAL W 20 -22.39 -21.52 7.10
N ASP W 21 -23.09 -22.65 7.03
CA ASP W 21 -24.19 -22.97 7.94
C ASP W 21 -23.87 -22.82 9.41
N ASN W 22 -22.79 -23.43 9.87
CA ASN W 22 -22.57 -23.63 11.29
C ASN W 22 -21.18 -23.24 11.79
N LEU W 23 -20.26 -22.93 10.89
CA LEU W 23 -18.90 -22.56 11.24
C LEU W 23 -18.84 -21.61 12.43
N GLN W 24 -19.66 -20.56 12.41
CA GLN W 24 -19.64 -19.59 13.50
C GLN W 24 -19.77 -20.26 14.86
N THR W 25 -20.55 -21.33 14.95
CA THR W 25 -20.66 -22.07 16.20
C THR W 25 -19.47 -23.01 16.40
N GLN W 26 -19.27 -23.90 15.43
CA GLN W 26 -18.16 -24.85 15.51
C GLN W 26 -16.87 -24.26 16.04
N VAL W 27 -16.43 -23.11 15.53
CA VAL W 27 -15.18 -22.52 16.01
C VAL W 27 -15.18 -22.33 17.53
N THR W 28 -16.23 -21.72 18.08
CA THR W 28 -16.26 -21.50 19.52
C THR W 28 -16.33 -22.81 20.29
N GLU W 29 -17.02 -23.79 19.75
CA GLU W 29 -17.12 -25.06 20.44
C GLU W 29 -15.77 -25.77 20.50
N ALA W 30 -15.06 -25.80 19.37
CA ALA W 30 -13.72 -26.37 19.33
C ALA W 30 -12.77 -25.62 20.27
N LEU W 31 -12.88 -24.30 20.31
CA LEU W 31 -12.08 -23.53 21.26
C LEU W 31 -12.33 -23.95 22.69
N ASP W 32 -13.59 -24.09 23.09
CA ASP W 32 -13.87 -24.54 24.45
C ASP W 32 -13.26 -25.91 24.75
N LYS W 33 -13.40 -26.86 23.83
CA LYS W 33 -12.77 -28.15 24.04
C LYS W 33 -11.27 -28.03 24.22
N LEU W 34 -10.59 -27.40 23.26
CA LEU W 34 -9.15 -27.22 23.38
C LEU W 34 -8.75 -26.54 24.68
N ALA W 35 -9.42 -25.45 25.03
CA ALA W 35 -9.12 -24.78 26.29
C ALA W 35 -9.25 -25.73 27.47
N ALA W 36 -10.08 -26.76 27.35
CA ALA W 36 -10.19 -27.71 28.45
C ALA W 36 -8.94 -28.59 28.58
N LYS W 37 -8.25 -28.88 27.48
CA LYS W 37 -7.08 -29.78 27.51
C LYS W 37 -6.09 -29.32 26.44
N PRO W 38 -5.43 -28.19 26.67
CA PRO W 38 -4.53 -27.61 25.66
C PRO W 38 -3.46 -28.52 25.07
N SER W 39 -3.25 -29.73 25.57
CA SER W 39 -2.13 -30.54 25.11
C SER W 39 -2.55 -31.80 24.37
N ASP W 40 -3.81 -31.91 23.95
CA ASP W 40 -4.25 -33.05 23.16
C ASP W 40 -4.04 -32.81 21.67
N PRO W 41 -3.12 -33.52 21.01
CA PRO W 41 -2.93 -33.29 19.58
C PRO W 41 -4.17 -33.54 18.73
N ALA W 42 -5.07 -34.41 19.18
CA ALA W 42 -6.29 -34.64 18.41
C ALA W 42 -7.13 -33.38 18.37
N LEU W 43 -7.24 -32.68 19.49
CA LEU W 43 -7.96 -31.42 19.55
C LEU W 43 -7.25 -30.34 18.75
N LEU W 44 -5.96 -30.17 18.99
CA LEU W 44 -5.18 -29.17 18.25
C LEU W 44 -5.38 -29.28 16.75
N ALA W 45 -5.21 -30.48 16.20
CA ALA W 45 -5.36 -30.65 14.76
C ALA W 45 -6.70 -30.16 14.24
N ALA W 46 -7.78 -30.42 14.96
CA ALA W 46 -9.08 -29.92 14.50
C ALA W 46 -9.19 -28.40 14.59
N TYR W 47 -8.69 -27.84 15.69
CA TYR W 47 -8.80 -26.39 15.83
C TYR W 47 -8.04 -25.65 14.75
N GLN W 48 -6.85 -26.12 14.38
CA GLN W 48 -6.12 -25.45 13.30
C GLN W 48 -6.97 -25.32 12.04
N SER W 49 -7.61 -26.41 11.63
CA SER W 49 -8.48 -26.37 10.45
C SER W 49 -9.61 -25.37 10.61
N LYS W 50 -10.42 -25.52 11.64
CA LYS W 50 -11.55 -24.61 11.80
C LYS W 50 -11.14 -23.15 11.85
N LEU W 51 -10.10 -22.83 12.61
CA LEU W 51 -9.65 -21.45 12.65
C LEU W 51 -9.23 -20.93 11.29
N SER W 52 -8.49 -21.73 10.52
CA SER W 52 -8.12 -21.28 9.18
C SER W 52 -9.34 -21.01 8.31
N GLU W 53 -10.29 -21.94 8.31
CA GLU W 53 -11.49 -21.76 7.50
C GLU W 53 -12.25 -20.51 7.88
N TYR W 54 -12.15 -20.10 9.13
CA TYR W 54 -12.79 -18.87 9.58
C TYR W 54 -12.07 -17.64 9.06
N ASN W 55 -10.78 -17.57 9.31
CA ASN W 55 -9.98 -16.48 8.80
C ASN W 55 -10.22 -16.20 7.32
N LEU W 56 -10.26 -17.26 6.51
CA LEU W 56 -10.52 -17.06 5.09
C LEU W 56 -11.93 -16.58 4.80
N TYR W 57 -12.92 -17.13 5.49
CA TYR W 57 -14.29 -16.70 5.23
C TYR W 57 -14.45 -15.21 5.49
N ARG W 58 -13.95 -14.74 6.62
CA ARG W 58 -14.11 -13.33 6.98
C ARG W 58 -13.36 -12.38 6.05
N ASN W 59 -12.17 -12.77 5.58
CA ASN W 59 -11.48 -11.93 4.60
C ASN W 59 -12.19 -11.84 3.25
N ALA W 60 -12.65 -12.98 2.72
CA ALA W 60 -13.34 -12.91 1.44
C ALA W 60 -14.61 -12.08 1.53
N GLN W 61 -15.37 -12.25 2.61
CA GLN W 61 -16.57 -11.45 2.77
C GLN W 61 -16.25 -9.96 2.74
N SER W 62 -15.30 -9.52 3.56
CA SER W 62 -15.09 -8.09 3.66
C SER W 62 -14.59 -7.48 2.36
N ASN W 63 -13.67 -8.14 1.66
CA ASN W 63 -13.23 -7.56 0.39
C ASN W 63 -14.33 -7.48 -0.65
N THR W 64 -15.23 -8.45 -0.69
CA THR W 64 -16.32 -8.35 -1.65
C THR W 64 -17.25 -7.18 -1.34
N VAL W 65 -17.60 -6.99 -0.07
CA VAL W 65 -18.46 -5.85 0.25
C VAL W 65 -17.79 -4.54 -0.14
N LYS W 66 -16.49 -4.44 0.08
CA LYS W 66 -15.77 -3.25 -0.34
C LYS W 66 -15.91 -2.97 -1.83
N VAL W 67 -15.80 -4.00 -2.67
CA VAL W 67 -15.87 -3.78 -4.12
C VAL W 67 -17.26 -3.33 -4.55
N PHE W 68 -18.30 -3.98 -4.08
CA PHE W 68 -19.63 -3.50 -4.48
C PHE W 68 -19.95 -2.11 -3.96
N LYS W 69 -19.40 -1.73 -2.82
CA LYS W 69 -19.57 -0.37 -2.37
C LYS W 69 -18.94 0.62 -3.34
N ASP W 70 -17.76 0.29 -3.86
CA ASP W 70 -17.14 1.23 -4.80
C ASP W 70 -17.85 1.32 -6.13
N ILE W 71 -18.46 0.23 -6.60
CA ILE W 71 -19.26 0.32 -7.81
C ILE W 71 -20.43 1.28 -7.62
N ASP W 72 -21.12 1.18 -6.49
CA ASP W 72 -22.26 2.07 -6.32
C ASP W 72 -21.81 3.51 -6.13
N ALA W 73 -20.72 3.74 -5.41
CA ALA W 73 -20.30 5.10 -5.20
C ALA W 73 -19.87 5.76 -6.51
N ALA W 74 -19.40 4.98 -7.48
CA ALA W 74 -19.12 5.55 -8.81
C ALA W 74 -20.40 5.94 -9.54
N ILE W 75 -21.39 5.06 -9.56
CA ILE W 75 -22.61 5.38 -10.29
C ILE W 75 -23.32 6.60 -9.69
N ILE W 76 -23.36 6.71 -8.38
CA ILE W 76 -24.07 7.85 -7.81
C ILE W 76 -23.36 9.15 -8.09
N GLN W 77 -22.08 9.11 -8.46
CA GLN W 77 -21.43 10.35 -8.88
C GLN W 77 -21.76 10.65 -10.31
N ASN W 78 -21.80 9.63 -11.16
CA ASN W 78 -22.19 9.93 -12.53
C ASN W 78 -23.66 10.31 -12.66
N PHE W 79 -24.43 10.31 -11.58
CA PHE W 79 -25.78 10.86 -11.76
C PHE W 79 -25.73 12.34 -12.10
N ARG W 80 -24.71 13.05 -11.65
CA ARG W 80 -24.70 14.50 -11.73
C ARG W 80 -24.84 14.94 -13.18
N TRP X 5 -20.14 -17.73 -21.74
CA TRP X 5 -19.57 -16.79 -22.71
C TRP X 5 -18.84 -15.68 -21.95
N SER X 6 -17.60 -15.39 -22.36
CA SER X 6 -16.61 -14.86 -21.43
C SER X 6 -15.75 -13.78 -22.05
N GLY X 7 -15.09 -13.04 -21.17
CA GLY X 7 -14.31 -11.87 -21.50
C GLY X 7 -12.89 -12.22 -21.87
N TYR X 8 -11.99 -11.26 -21.67
CA TYR X 8 -10.59 -11.46 -22.01
C TYR X 8 -9.70 -11.77 -20.83
N LEU X 9 -10.15 -11.49 -19.61
CA LEU X 9 -9.42 -11.97 -18.45
C LEU X 9 -9.64 -13.45 -18.20
N ASP X 10 -10.71 -14.00 -18.74
CA ASP X 10 -10.84 -15.44 -18.80
C ASP X 10 -9.97 -16.06 -19.87
N ASP X 11 -9.78 -15.41 -21.01
CA ASP X 11 -8.79 -15.92 -21.94
C ASP X 11 -7.41 -15.94 -21.33
N VAL X 12 -7.14 -15.02 -20.41
CA VAL X 12 -5.80 -14.98 -19.85
C VAL X 12 -5.62 -15.99 -18.73
N SER X 13 -6.65 -16.22 -17.91
CA SER X 13 -6.57 -17.35 -16.99
C SER X 13 -6.49 -18.68 -17.72
N ALA X 14 -7.34 -18.88 -18.71
CA ALA X 14 -7.34 -20.15 -19.40
C ALA X 14 -6.03 -20.43 -20.13
N LYS X 15 -5.24 -19.40 -20.44
CA LYS X 15 -3.94 -19.74 -21.02
C LYS X 15 -3.04 -20.46 -20.03
N PHE X 16 -3.18 -20.21 -18.74
CA PHE X 16 -2.47 -21.03 -17.76
C PHE X 16 -3.12 -22.39 -17.60
N ASP X 17 -4.45 -22.41 -17.51
CA ASP X 17 -5.08 -23.69 -17.20
C ASP X 17 -4.91 -24.70 -18.32
N THR X 18 -4.87 -24.26 -19.57
CA THR X 18 -4.48 -25.16 -20.65
C THR X 18 -2.98 -25.24 -20.84
N GLY X 19 -2.19 -24.40 -20.17
CA GLY X 19 -0.77 -24.46 -20.38
C GLY X 19 -0.16 -25.58 -19.57
N VAL X 20 -0.52 -25.65 -18.29
CA VAL X 20 -0.05 -26.73 -17.41
C VAL X 20 -1.04 -27.89 -17.52
N ASP X 21 -0.76 -28.82 -18.43
CA ASP X 21 -1.81 -29.67 -18.99
C ASP X 21 -2.65 -30.32 -17.91
N ASN X 22 -1.99 -30.95 -16.94
CA ASN X 22 -2.59 -31.97 -16.11
C ASN X 22 -2.35 -31.77 -14.62
N LEU X 23 -1.52 -30.79 -14.26
CA LEU X 23 -1.06 -30.64 -12.90
C LEU X 23 -2.23 -30.63 -11.92
N GLN X 24 -3.32 -30.01 -12.32
CA GLN X 24 -4.46 -29.87 -11.41
C GLN X 24 -4.95 -31.22 -10.91
N THR X 25 -4.91 -32.25 -11.73
CA THR X 25 -5.24 -33.58 -11.24
C THR X 25 -4.05 -34.28 -10.62
N GLN X 26 -2.87 -34.08 -11.19
CA GLN X 26 -1.70 -34.79 -10.67
C GLN X 26 -1.50 -34.52 -9.19
N VAL X 27 -1.80 -33.31 -8.73
CA VAL X 27 -1.68 -33.02 -7.30
C VAL X 27 -2.60 -33.91 -6.47
N THR X 28 -3.87 -33.96 -6.84
CA THR X 28 -4.81 -34.77 -6.09
C THR X 28 -4.39 -36.23 -6.06
N GLU X 29 -3.92 -36.73 -7.19
CA GLU X 29 -3.43 -38.11 -7.24
C GLU X 29 -2.28 -38.32 -6.25
N ALA X 30 -1.26 -37.47 -6.33
CA ALA X 30 -0.13 -37.57 -5.42
C ALA X 30 -0.58 -37.57 -3.96
N LEU X 31 -1.53 -36.71 -3.62
CA LEU X 31 -2.03 -36.70 -2.26
C LEU X 31 -2.76 -37.98 -1.91
N ASP X 32 -3.52 -38.54 -2.83
CA ASP X 32 -4.19 -39.81 -2.57
C ASP X 32 -3.19 -40.92 -2.29
N LYS X 33 -2.06 -40.91 -2.97
CA LYS X 33 -1.06 -41.94 -2.71
C LYS X 33 -0.32 -41.70 -1.41
N LEU X 34 0.12 -40.46 -1.16
CA LEU X 34 0.84 -40.20 0.07
C LEU X 34 -0.01 -40.43 1.30
N ALA X 35 -1.26 -40.01 1.29
CA ALA X 35 -2.13 -40.24 2.45
C ALA X 35 -2.13 -41.69 2.88
N ALA X 36 -1.98 -42.62 1.95
CA ALA X 36 -1.97 -44.04 2.28
C ALA X 36 -0.70 -44.51 2.99
N LYS X 37 0.44 -43.83 2.85
CA LYS X 37 1.70 -44.31 3.40
C LYS X 37 2.63 -43.14 3.67
N PRO X 38 2.27 -42.27 4.61
CA PRO X 38 3.08 -41.07 4.86
C PRO X 38 4.57 -41.30 5.08
N SER X 39 4.98 -42.43 5.60
CA SER X 39 6.38 -42.67 5.92
C SER X 39 7.24 -43.10 4.73
N ASP X 40 6.76 -42.99 3.48
CA ASP X 40 7.52 -43.42 2.33
C ASP X 40 8.31 -42.27 1.72
N PRO X 41 9.64 -42.29 1.76
CA PRO X 41 10.41 -41.16 1.22
C PRO X 41 10.28 -40.95 -0.27
N ALA X 42 9.90 -41.94 -1.06
CA ALA X 42 9.76 -41.66 -2.49
C ALA X 42 8.49 -40.89 -2.76
N LEU X 43 7.46 -41.18 -1.99
CA LEU X 43 6.21 -40.46 -2.11
C LEU X 43 6.38 -39.04 -1.60
N LEU X 44 7.04 -38.90 -0.45
CA LEU X 44 7.29 -37.57 0.08
C LEU X 44 8.07 -36.72 -0.91
N ALA X 45 9.14 -37.27 -1.48
CA ALA X 45 9.92 -36.53 -2.45
C ALA X 45 9.11 -36.13 -3.68
N ALA X 46 8.19 -36.97 -4.11
CA ALA X 46 7.36 -36.58 -5.25
C ALA X 46 6.38 -35.47 -4.90
N TYR X 47 5.70 -35.63 -3.77
CA TYR X 47 4.72 -34.63 -3.39
C TYR X 47 5.34 -33.26 -3.19
N GLN X 48 6.52 -33.17 -2.60
CA GLN X 48 7.12 -31.83 -2.45
C GLN X 48 7.19 -31.09 -3.77
N SER X 49 7.59 -31.79 -4.83
CA SER X 49 7.70 -31.16 -6.14
C SER X 49 6.36 -30.73 -6.67
N LYS X 50 5.38 -31.62 -6.65
CA LYS X 50 4.07 -31.24 -7.18
C LYS X 50 3.45 -30.08 -6.43
N LEU X 51 3.49 -30.11 -5.10
CA LEU X 51 2.86 -29.03 -4.36
C LEU X 51 3.56 -27.69 -4.57
N SER X 52 4.88 -27.69 -4.69
CA SER X 52 5.57 -26.42 -4.96
C SER X 52 5.20 -25.87 -6.33
N GLU X 53 5.23 -26.74 -7.34
CA GLU X 53 4.88 -26.33 -8.68
C GLU X 53 3.47 -25.75 -8.74
N TYR X 54 2.54 -26.34 -8.01
CA TYR X 54 1.17 -25.83 -7.99
C TYR X 54 1.08 -24.48 -7.31
N ASN X 55 1.80 -24.29 -6.22
CA ASN X 55 1.81 -22.99 -5.55
C ASN X 55 2.27 -21.87 -6.47
N LEU X 56 3.32 -22.11 -7.25
CA LEU X 56 3.77 -21.06 -8.17
C LEU X 56 2.77 -20.82 -9.30
N TYR X 57 2.28 -21.88 -9.92
CA TYR X 57 1.21 -21.75 -10.90
C TYR X 57 0.11 -20.78 -10.45
N ARG X 58 -0.47 -21.02 -9.28
CA ARG X 58 -1.54 -20.14 -8.81
C ARG X 58 -1.10 -18.70 -8.56
N ASN X 59 0.07 -18.49 -7.97
CA ASN X 59 0.50 -17.11 -7.77
C ASN X 59 0.71 -16.34 -9.07
N ALA X 60 1.41 -16.93 -10.04
CA ALA X 60 1.62 -16.25 -11.30
C ALA X 60 0.32 -15.94 -12.02
N GLN X 61 -0.64 -16.86 -11.96
CA GLN X 61 -1.94 -16.60 -12.58
C GLN X 61 -2.63 -15.40 -11.95
N SER X 62 -2.69 -15.36 -10.63
CA SER X 62 -3.45 -14.28 -10.02
C SER X 62 -2.79 -12.91 -10.18
N ASN X 63 -1.47 -12.83 -10.06
CA ASN X 63 -0.83 -11.55 -10.28
C ASN X 63 -0.94 -11.04 -11.71
N THR X 64 -0.96 -11.93 -12.70
CA THR X 64 -1.16 -11.45 -14.06
C THR X 64 -2.57 -10.90 -14.27
N VAL X 65 -3.59 -11.57 -13.74
CA VAL X 65 -4.91 -10.98 -13.95
C VAL X 65 -5.06 -9.66 -13.21
N LYS X 66 -4.39 -9.50 -12.08
CA LYS X 66 -4.45 -8.22 -11.39
C LYS X 66 -3.86 -7.10 -12.25
N VAL X 67 -2.72 -7.36 -12.87
CA VAL X 67 -2.10 -6.32 -13.69
C VAL X 67 -2.96 -5.93 -14.87
N PHE X 68 -3.55 -6.90 -15.57
CA PHE X 68 -4.40 -6.49 -16.68
C PHE X 68 -5.65 -5.73 -16.23
N LYS X 69 -6.18 -6.02 -15.05
CA LYS X 69 -7.26 -5.15 -14.59
C LYS X 69 -6.78 -3.74 -14.29
N ASP X 70 -5.54 -3.57 -13.84
CA ASP X 70 -5.06 -2.20 -13.60
C ASP X 70 -4.84 -1.42 -14.88
N ILE X 71 -4.44 -2.08 -15.97
CA ILE X 71 -4.35 -1.36 -17.24
C ILE X 71 -5.74 -0.95 -17.74
N ASP X 72 -6.68 -1.89 -17.74
CA ASP X 72 -8.00 -1.56 -18.26
C ASP X 72 -8.66 -0.45 -17.47
N ALA X 73 -8.65 -0.52 -16.14
CA ALA X 73 -9.35 0.49 -15.38
C ALA X 73 -8.80 1.88 -15.65
N ALA X 74 -7.53 1.98 -15.99
CA ALA X 74 -6.94 3.28 -16.25
C ALA X 74 -7.35 3.80 -17.59
N ILE X 75 -7.51 2.93 -18.59
CA ILE X 75 -7.99 3.43 -19.87
C ILE X 75 -9.43 3.88 -19.76
N ILE X 76 -10.27 3.07 -19.14
CA ILE X 76 -11.68 3.44 -18.97
C ILE X 76 -11.83 4.76 -18.22
N GLN X 77 -10.99 5.00 -17.22
CA GLN X 77 -11.08 6.28 -16.53
C GLN X 77 -10.94 7.49 -17.46
N ASN X 78 -10.23 7.37 -18.56
CA ASN X 78 -10.11 8.49 -19.49
C ASN X 78 -11.30 8.67 -20.42
N PHE X 79 -12.30 7.78 -20.42
CA PHE X 79 -13.42 8.03 -21.32
C PHE X 79 -14.10 9.35 -21.06
N ARG X 80 -13.99 9.90 -19.85
CA ARG X 80 -14.63 11.17 -19.53
C ARG X 80 -14.57 12.14 -20.69
N SER Y 6 12.18 -3.56 -28.55
CA SER Y 6 13.27 -3.53 -27.59
C SER Y 6 12.85 -2.91 -26.27
N GLY Y 7 13.08 -1.62 -26.09
CA GLY Y 7 12.81 -0.99 -24.82
C GLY Y 7 14.03 -0.87 -23.93
N TYR Y 8 13.90 0.00 -22.95
CA TYR Y 8 14.97 0.35 -22.02
C TYR Y 8 15.06 -0.59 -20.83
N LEU Y 9 13.93 -1.07 -20.31
CA LEU Y 9 14.00 -2.03 -19.23
C LEU Y 9 14.65 -3.32 -19.70
N ASP Y 10 14.47 -3.68 -20.97
CA ASP Y 10 15.17 -4.85 -21.51
C ASP Y 10 16.66 -4.62 -21.57
N ASP Y 11 17.11 -3.41 -21.82
CA ASP Y 11 18.55 -3.15 -21.83
C ASP Y 11 19.10 -3.24 -20.42
N VAL Y 12 18.39 -2.67 -19.45
CA VAL Y 12 18.81 -2.79 -18.06
C VAL Y 12 18.90 -4.26 -17.66
N SER Y 13 17.85 -5.02 -17.93
CA SER Y 13 17.88 -6.45 -17.57
C SER Y 13 18.99 -7.20 -18.28
N ALA Y 14 19.19 -6.96 -19.57
CA ALA Y 14 20.25 -7.67 -20.27
C ALA Y 14 21.64 -7.27 -19.81
N LYS Y 15 21.79 -6.11 -19.21
CA LYS Y 15 23.12 -5.71 -18.77
C LYS Y 15 23.68 -6.68 -17.74
N PHE Y 16 22.83 -7.20 -16.85
CA PHE Y 16 23.27 -8.25 -15.92
C PHE Y 16 23.67 -9.52 -16.66
N ASP Y 17 22.81 -10.00 -17.55
CA ASP Y 17 23.14 -11.19 -18.33
C ASP Y 17 24.49 -11.09 -19.01
N THR Y 18 24.86 -9.91 -19.51
CA THR Y 18 26.21 -9.78 -20.06
C THR Y 18 27.26 -9.56 -19.00
N GLY Y 19 26.89 -9.07 -17.82
CA GLY Y 19 27.86 -8.90 -16.76
C GLY Y 19 28.36 -10.23 -16.25
N VAL Y 20 27.46 -11.16 -16.00
CA VAL Y 20 27.81 -12.54 -15.69
C VAL Y 20 27.73 -13.30 -17.01
N ASP Y 21 28.90 -13.67 -17.51
CA ASP Y 21 29.04 -14.28 -18.82
C ASP Y 21 28.36 -15.64 -18.91
N ASN Y 22 28.64 -16.52 -17.98
CA ASN Y 22 28.36 -17.92 -18.13
C ASN Y 22 27.49 -18.51 -17.03
N LEU Y 23 27.04 -17.71 -16.08
CA LEU Y 23 26.50 -18.23 -14.84
C LEU Y 23 25.28 -19.10 -15.07
N GLN Y 24 24.38 -18.65 -15.94
CA GLN Y 24 23.18 -19.43 -16.24
C GLN Y 24 23.46 -20.86 -16.66
N THR Y 25 24.64 -21.14 -17.21
CA THR Y 25 24.96 -22.52 -17.58
C THR Y 25 26.16 -23.06 -16.84
N GLN Y 26 26.79 -22.26 -16.02
CA GLN Y 26 27.67 -22.79 -14.98
C GLN Y 26 26.85 -23.51 -13.93
N VAL Y 27 25.72 -22.95 -13.54
CA VAL Y 27 24.90 -23.64 -12.56
C VAL Y 27 24.47 -24.99 -13.11
N THR Y 28 23.93 -25.01 -14.33
CA THR Y 28 23.42 -26.27 -14.85
C THR Y 28 24.52 -27.30 -15.02
N GLU Y 29 25.74 -26.85 -15.29
CA GLU Y 29 26.81 -27.82 -15.41
C GLU Y 29 27.26 -28.33 -14.04
N ALA Y 30 27.46 -27.44 -13.08
CA ALA Y 30 27.88 -27.91 -11.77
C ALA Y 30 26.84 -28.80 -11.13
N LEU Y 31 25.57 -28.56 -11.42
CA LEU Y 31 24.54 -29.49 -10.98
C LEU Y 31 24.69 -30.84 -11.64
N ASP Y 32 24.93 -30.87 -12.95
CA ASP Y 32 25.03 -32.16 -13.62
C ASP Y 32 26.22 -32.95 -13.10
N LYS Y 33 27.31 -32.28 -12.78
CA LYS Y 33 28.45 -32.94 -12.17
C LYS Y 33 28.12 -33.47 -10.78
N LEU Y 34 27.51 -32.66 -9.92
CA LEU Y 34 27.19 -33.13 -8.58
C LEU Y 34 26.25 -34.33 -8.64
N ALA Y 35 25.22 -34.26 -9.47
CA ALA Y 35 24.19 -35.29 -9.45
C ALA Y 35 24.76 -36.67 -9.72
N ALA Y 36 25.97 -36.74 -10.29
CA ALA Y 36 26.63 -38.01 -10.55
C ALA Y 36 27.22 -38.63 -9.29
N LYS Y 37 27.65 -37.81 -8.33
CA LYS Y 37 28.31 -38.32 -7.12
C LYS Y 37 27.98 -37.40 -5.96
N PRO Y 38 26.73 -37.39 -5.52
CA PRO Y 38 26.30 -36.50 -4.44
C PRO Y 38 27.14 -36.45 -3.18
N SER Y 39 28.07 -37.37 -2.95
CA SER Y 39 28.77 -37.41 -1.69
C SER Y 39 30.19 -36.86 -1.74
N ASP Y 40 30.66 -36.42 -2.90
CA ASP Y 40 32.00 -35.85 -3.00
C ASP Y 40 32.03 -34.45 -2.39
N PRO Y 41 32.76 -34.22 -1.30
CA PRO Y 41 32.77 -32.88 -0.70
C PRO Y 41 33.33 -31.78 -1.57
N ALA Y 42 34.27 -32.06 -2.47
CA ALA Y 42 34.73 -30.94 -3.28
C ALA Y 42 33.64 -30.50 -4.24
N LEU Y 43 32.80 -31.43 -4.65
CA LEU Y 43 31.69 -31.06 -5.54
C LEU Y 43 30.62 -30.32 -4.77
N LEU Y 44 30.30 -30.79 -3.57
CA LEU Y 44 29.34 -30.06 -2.75
C LEU Y 44 29.80 -28.63 -2.52
N ALA Y 45 31.04 -28.45 -2.11
CA ALA Y 45 31.53 -27.10 -1.84
C ALA Y 45 31.55 -26.25 -3.09
N ALA Y 46 31.79 -26.84 -4.26
CA ALA Y 46 31.71 -26.06 -5.48
C ALA Y 46 30.29 -25.60 -5.75
N TYR Y 47 29.33 -26.50 -5.61
CA TYR Y 47 27.94 -26.18 -5.90
C TYR Y 47 27.36 -25.13 -4.99
N GLN Y 48 27.73 -25.14 -3.70
CA GLN Y 48 27.17 -24.15 -2.79
C GLN Y 48 27.40 -22.72 -3.24
N SER Y 49 28.60 -22.41 -3.73
CA SER Y 49 28.85 -21.02 -4.07
C SER Y 49 28.16 -20.63 -5.36
N LYS Y 50 28.15 -21.50 -6.36
CA LYS Y 50 27.47 -21.18 -7.61
C LYS Y 50 26.01 -20.93 -7.38
N LEU Y 51 25.34 -21.81 -6.63
CA LEU Y 51 23.93 -21.60 -6.38
C LEU Y 51 23.68 -20.32 -5.58
N SER Y 52 24.54 -19.99 -4.62
CA SER Y 52 24.37 -18.72 -3.93
C SER Y 52 24.46 -17.55 -4.90
N GLU Y 53 25.52 -17.51 -5.70
CA GLU Y 53 25.70 -16.45 -6.67
C GLU Y 53 24.48 -16.28 -7.57
N TYR Y 54 23.96 -17.38 -8.07
CA TYR Y 54 22.78 -17.33 -8.92
C TYR Y 54 21.60 -16.69 -8.19
N ASN Y 55 21.37 -17.10 -6.95
CA ASN Y 55 20.30 -16.51 -6.17
C ASN Y 55 20.40 -14.99 -6.10
N LEU Y 56 21.55 -14.48 -5.70
CA LEU Y 56 21.71 -13.02 -5.61
C LEU Y 56 21.54 -12.33 -6.95
N TYR Y 57 22.21 -12.83 -7.98
CA TYR Y 57 22.02 -12.31 -9.32
C TYR Y 57 20.55 -12.09 -9.68
N ARG Y 58 19.73 -13.14 -9.56
CA ARG Y 58 18.31 -12.97 -9.91
C ARG Y 58 17.60 -11.94 -9.04
N ASN Y 59 17.85 -11.92 -7.73
CA ASN Y 59 17.18 -10.92 -6.89
C ASN Y 59 17.49 -9.49 -7.33
N ALA Y 60 18.77 -9.15 -7.41
CA ALA Y 60 19.16 -7.82 -7.85
C ALA Y 60 18.55 -7.46 -9.20
N GLN Y 61 18.60 -8.39 -10.15
CA GLN Y 61 18.03 -8.14 -11.46
C GLN Y 61 16.58 -7.74 -11.38
N SER Y 62 15.78 -8.48 -10.62
CA SER Y 62 14.37 -8.14 -10.52
C SER Y 62 14.11 -6.81 -9.82
N ASN Y 63 14.69 -6.60 -8.65
CA ASN Y 63 14.40 -5.36 -7.94
C ASN Y 63 14.78 -4.10 -8.72
N THR Y 64 15.84 -4.15 -9.53
CA THR Y 64 16.19 -2.94 -10.26
C THR Y 64 15.15 -2.60 -11.33
N VAL Y 65 14.71 -3.59 -12.08
CA VAL Y 65 13.66 -3.36 -13.06
C VAL Y 65 12.43 -2.79 -12.38
N LYS Y 66 12.14 -3.25 -11.17
CA LYS Y 66 10.98 -2.72 -10.46
C LYS Y 66 11.12 -1.24 -10.16
N VAL Y 67 12.25 -0.83 -9.60
CA VAL Y 67 12.44 0.59 -9.31
C VAL Y 67 12.30 1.45 -10.56
N PHE Y 68 12.92 1.05 -11.67
CA PHE Y 68 12.77 1.87 -12.88
C PHE Y 68 11.34 1.93 -13.36
N LYS Y 69 10.59 0.85 -13.23
CA LYS Y 69 9.18 0.91 -13.59
C LYS Y 69 8.49 2.00 -12.81
N ASP Y 70 8.66 2.00 -11.51
CA ASP Y 70 8.00 3.00 -10.68
C ASP Y 70 8.36 4.42 -11.08
N ILE Y 71 9.63 4.70 -11.33
CA ILE Y 71 9.98 6.05 -11.76
C ILE Y 71 9.27 6.46 -13.05
N ASP Y 72 9.19 5.55 -14.01
CA ASP Y 72 8.48 5.89 -15.24
C ASP Y 72 7.00 6.10 -15.02
N ALA Y 73 6.35 5.24 -14.26
CA ALA Y 73 4.92 5.42 -14.04
C ALA Y 73 4.63 6.73 -13.34
N ALA Y 74 5.48 7.11 -12.39
CA ALA Y 74 5.29 8.40 -11.72
C ALA Y 74 5.48 9.58 -12.65
N ILE Y 75 6.34 9.47 -13.66
CA ILE Y 75 6.44 10.58 -14.60
C ILE Y 75 5.24 10.62 -15.54
N ILE Y 76 4.85 9.47 -16.09
CA ILE Y 76 3.73 9.45 -17.02
C ILE Y 76 2.44 9.92 -16.36
N GLN Y 77 2.30 9.71 -15.06
CA GLN Y 77 1.14 10.24 -14.37
C GLN Y 77 0.98 11.75 -14.49
N ASN Y 78 2.05 12.49 -14.74
CA ASN Y 78 1.95 13.95 -14.85
C ASN Y 78 1.76 14.46 -16.27
N PHE Y 79 1.56 13.60 -17.26
CA PHE Y 79 1.20 14.16 -18.56
C PHE Y 79 -0.14 14.84 -18.52
N ARG Y 80 -1.05 14.35 -17.71
CA ARG Y 80 -2.36 14.98 -17.55
C ARG Y 80 -2.26 16.26 -16.75
N SER Z 6 27.05 14.42 -5.32
CA SER Z 6 26.78 13.66 -4.11
C SER Z 6 25.77 14.37 -3.24
N GLY Z 7 24.71 13.67 -2.85
CA GLY Z 7 23.68 14.23 -2.00
C GLY Z 7 23.89 14.03 -0.52
N TYR Z 8 22.77 14.13 0.20
CA TYR Z 8 22.75 13.94 1.64
C TYR Z 8 22.84 12.47 2.03
N LEU Z 9 22.18 11.59 1.27
CA LEU Z 9 22.27 10.16 1.58
C LEU Z 9 23.70 9.66 1.52
N ASP Z 10 24.47 10.10 0.53
CA ASP Z 10 25.89 9.77 0.51
C ASP Z 10 26.58 10.21 1.77
N ASP Z 11 26.28 11.41 2.26
CA ASP Z 11 26.83 11.86 3.52
C ASP Z 11 26.49 10.91 4.66
N VAL Z 12 25.23 10.51 4.76
CA VAL Z 12 24.84 9.61 5.84
C VAL Z 12 25.57 8.27 5.75
N SER Z 13 25.74 7.75 4.54
CA SER Z 13 26.53 6.53 4.36
C SER Z 13 28.01 6.72 4.76
N ALA Z 14 28.60 7.80 4.29
CA ALA Z 14 30.00 8.08 4.59
C ALA Z 14 30.25 8.34 6.06
N LYS Z 15 29.25 8.79 6.80
CA LYS Z 15 29.44 8.88 8.24
C LYS Z 15 29.74 7.52 8.86
N PHE Z 16 29.12 6.46 8.38
CA PHE Z 16 29.48 5.13 8.86
C PHE Z 16 30.86 4.72 8.36
N ASP Z 17 31.15 5.02 7.08
CA ASP Z 17 32.45 4.63 6.56
C ASP Z 17 33.59 5.27 7.35
N THR Z 18 33.44 6.51 7.79
CA THR Z 18 34.48 7.12 8.60
C THR Z 18 34.33 6.78 10.07
N GLY Z 19 33.17 6.35 10.52
CA GLY Z 19 33.02 6.02 11.91
C GLY Z 19 33.76 4.75 12.25
N VAL Z 20 33.84 3.83 11.30
CA VAL Z 20 34.68 2.64 11.47
C VAL Z 20 35.93 2.91 10.65
N ASP Z 21 37.05 3.07 11.35
CA ASP Z 21 38.31 3.42 10.71
C ASP Z 21 38.84 2.33 9.81
N ASN Z 22 39.19 1.20 10.41
CA ASN Z 22 40.02 0.19 9.77
C ASN Z 22 39.33 -1.16 9.59
N LEU Z 23 38.06 -1.26 9.93
CA LEU Z 23 37.36 -2.54 9.95
C LEU Z 23 37.45 -3.31 8.63
N GLN Z 24 37.23 -2.67 7.49
CA GLN Z 24 37.29 -3.40 6.22
C GLN Z 24 38.63 -4.09 6.00
N THR Z 25 39.72 -3.38 6.21
CA THR Z 25 41.03 -3.99 6.02
C THR Z 25 41.35 -4.98 7.13
N GLN Z 26 40.94 -4.71 8.36
CA GLN Z 26 41.12 -5.71 9.39
C GLN Z 26 40.44 -7.02 9.03
N VAL Z 27 39.22 -6.97 8.53
CA VAL Z 27 38.53 -8.18 8.10
C VAL Z 27 39.28 -8.87 6.96
N THR Z 28 39.64 -8.13 5.93
CA THR Z 28 40.38 -8.74 4.83
C THR Z 28 41.66 -9.41 5.32
N GLU Z 29 42.40 -8.76 6.20
CA GLU Z 29 43.61 -9.35 6.75
C GLU Z 29 43.29 -10.63 7.52
N ALA Z 30 42.47 -10.50 8.55
CA ALA Z 30 42.29 -11.63 9.46
C ALA Z 30 41.80 -12.84 8.71
N LEU Z 31 41.00 -12.65 7.66
CA LEU Z 31 40.61 -13.78 6.84
C LEU Z 31 41.81 -14.49 6.23
N ASP Z 32 42.81 -13.75 5.77
CA ASP Z 32 43.96 -14.39 5.13
C ASP Z 32 44.88 -15.06 6.14
N LYS Z 33 44.96 -14.51 7.34
CA LYS Z 33 45.66 -15.24 8.39
C LYS Z 33 44.94 -16.52 8.73
N LEU Z 34 43.61 -16.50 8.87
CA LEU Z 34 42.91 -17.72 9.19
C LEU Z 34 43.08 -18.74 8.08
N ALA Z 35 42.86 -18.32 6.84
CA ALA Z 35 42.99 -19.25 5.73
C ALA Z 35 44.38 -19.83 5.60
N ALA Z 36 45.39 -19.20 6.20
CA ALA Z 36 46.70 -19.82 6.16
C ALA Z 36 46.84 -20.97 7.14
N LYS Z 37 46.09 -20.97 8.24
CA LYS Z 37 46.17 -22.04 9.25
C LYS Z 37 44.80 -22.20 9.88
N PRO Z 38 43.84 -22.77 9.13
CA PRO Z 38 42.45 -22.84 9.59
C PRO Z 38 42.20 -23.51 10.92
N SER Z 39 43.19 -24.09 11.60
CA SER Z 39 42.89 -24.83 12.82
C SER Z 39 43.50 -24.23 14.07
N ASP Z 40 43.81 -22.93 14.08
CA ASP Z 40 44.40 -22.33 15.26
C ASP Z 40 43.34 -21.59 16.05
N PRO Z 41 43.10 -21.96 17.32
CA PRO Z 41 42.03 -21.30 18.06
C PRO Z 41 42.21 -19.83 18.27
N ALA Z 42 43.44 -19.33 18.34
CA ALA Z 42 43.61 -17.89 18.50
C ALA Z 42 43.07 -17.17 17.29
N LEU Z 43 43.42 -17.65 16.10
CA LEU Z 43 42.95 -17.00 14.88
C LEU Z 43 41.43 -17.14 14.73
N LEU Z 44 40.90 -18.32 15.04
CA LEU Z 44 39.45 -18.47 14.97
C LEU Z 44 38.76 -17.47 15.90
N ALA Z 45 39.19 -17.42 17.15
CA ALA Z 45 38.54 -16.49 18.08
C ALA Z 45 38.66 -15.07 17.58
N ALA Z 46 39.81 -14.69 17.02
CA ALA Z 46 39.94 -13.34 16.54
C ALA Z 46 38.99 -13.06 15.40
N TYR Z 47 38.61 -14.07 14.64
CA TYR Z 47 37.90 -13.77 13.41
C TYR Z 47 36.41 -13.60 13.61
N GLN Z 48 35.82 -14.49 14.42
CA GLN Z 48 34.41 -14.42 14.77
C GLN Z 48 33.93 -13.01 15.14
N SER Z 49 34.64 -12.36 16.05
CA SER Z 49 34.26 -11.02 16.48
C SER Z 49 34.32 -10.01 15.34
N LYS Z 50 35.39 -10.03 14.56
CA LYS Z 50 35.48 -9.08 13.45
C LYS Z 50 34.34 -9.27 12.48
N LEU Z 51 34.07 -10.50 12.08
CA LEU Z 51 33.01 -10.71 11.11
C LEU Z 51 31.66 -10.30 11.67
N SER Z 52 31.42 -10.56 12.96
CA SER Z 52 30.17 -10.10 13.56
C SER Z 52 30.03 -8.58 13.50
N GLU Z 53 31.08 -7.87 13.87
CA GLU Z 53 31.08 -6.41 13.80
C GLU Z 53 30.77 -5.92 12.39
N TYR Z 54 31.44 -6.51 11.41
CA TYR Z 54 31.19 -6.13 10.02
C TYR Z 54 29.73 -6.34 9.62
N ASN Z 55 29.14 -7.45 10.05
CA ASN Z 55 27.74 -7.70 9.74
C ASN Z 55 26.81 -6.63 10.30
N LEU Z 56 26.97 -6.30 11.58
CA LEU Z 56 26.13 -5.27 12.15
C LEU Z 56 26.34 -3.91 11.49
N TYR Z 57 27.58 -3.55 11.23
CA TYR Z 57 27.88 -2.31 10.52
C TYR Z 57 27.09 -2.19 9.22
N ARG Z 58 27.24 -3.14 8.32
CA ARG Z 58 26.50 -3.08 7.06
C ARG Z 58 24.99 -2.99 7.26
N ASN Z 59 24.43 -3.77 8.19
CA ASN Z 59 22.98 -3.71 8.37
C ASN Z 59 22.51 -2.33 8.83
N ALA Z 60 23.11 -1.80 9.89
CA ALA Z 60 22.70 -0.48 10.35
C ALA Z 60 22.79 0.56 9.26
N GLN Z 61 23.86 0.53 8.48
CA GLN Z 61 24.01 1.49 7.39
C GLN Z 61 22.84 1.43 6.42
N SER Z 62 22.55 0.24 5.91
CA SER Z 62 21.46 0.14 4.93
C SER Z 62 20.09 0.51 5.50
N ASN Z 63 19.74 0.06 6.70
CA ASN Z 63 18.46 0.44 7.25
C ASN Z 63 18.30 1.95 7.45
N THR Z 64 19.40 2.64 7.77
CA THR Z 64 19.26 4.09 7.94
C THR Z 64 19.02 4.79 6.61
N VAL Z 65 19.81 4.46 5.59
CA VAL Z 65 19.55 5.07 4.30
C VAL Z 65 18.11 4.82 3.87
N LYS Z 66 17.60 3.61 4.13
CA LYS Z 66 16.22 3.31 3.78
C LYS Z 66 15.24 4.27 4.45
N VAL Z 67 15.35 4.46 5.76
CA VAL Z 67 14.42 5.38 6.43
C VAL Z 67 14.46 6.77 5.83
N PHE Z 68 15.65 7.34 5.65
CA PHE Z 68 15.69 8.69 5.10
C PHE Z 68 15.01 8.77 3.73
N LYS Z 69 15.23 7.80 2.86
CA LYS Z 69 14.54 7.85 1.58
C LYS Z 69 13.04 8.02 1.74
N ASP Z 70 12.44 7.29 2.68
CA ASP Z 70 11.00 7.41 2.90
C ASP Z 70 10.58 8.79 3.35
N ILE Z 71 11.30 9.37 4.31
CA ILE Z 71 10.94 10.72 4.74
C ILE Z 71 11.01 11.70 3.57
N ASP Z 72 12.01 11.58 2.70
CA ASP Z 72 12.08 12.49 1.56
C ASP Z 72 10.97 12.25 0.55
N ALA Z 73 10.73 11.00 0.18
CA ALA Z 73 9.67 10.78 -0.81
C ALA Z 73 8.32 11.22 -0.29
N ALA Z 74 8.07 11.05 1.01
CA ALA Z 74 6.82 11.51 1.58
C ALA Z 74 6.69 13.03 1.56
N ILE Z 75 7.79 13.76 1.71
CA ILE Z 75 7.67 15.22 1.56
C ILE Z 75 7.44 15.60 0.10
N ILE Z 76 8.23 15.03 -0.80
CA ILE Z 76 8.13 15.39 -2.22
C ILE Z 76 6.74 15.14 -2.76
N GLN Z 77 6.07 14.09 -2.29
CA GLN Z 77 4.70 13.87 -2.73
C GLN Z 77 3.78 15.06 -2.53
N ASN Z 78 3.99 15.84 -1.47
CA ASN Z 78 3.12 16.98 -1.21
C ASN Z 78 3.45 18.23 -2.01
N PHE Z 79 4.42 18.22 -2.92
CA PHE Z 79 4.57 19.39 -3.78
C PHE Z 79 3.35 19.58 -4.65
N ARG Z 80 2.61 18.51 -4.94
CA ARG Z 80 1.36 18.60 -5.66
C ARG Z 80 0.16 18.67 -4.73
N SER AA 6 12.71 15.74 23.73
CA SER AA 6 12.19 14.40 23.94
C SER AA 6 10.68 14.42 23.80
N GLY AA 7 10.13 13.40 23.16
CA GLY AA 7 8.69 13.26 23.05
C GLY AA 7 8.08 12.26 24.01
N TYR AA 8 7.08 11.55 23.52
CA TYR AA 8 6.39 10.49 24.23
C TYR AA 8 7.05 9.13 24.08
N LEU AA 9 7.63 8.85 22.92
CA LEU AA 9 8.37 7.61 22.74
C LEU AA 9 9.57 7.53 23.68
N ASP AA 10 10.36 8.60 23.77
CA ASP AA 10 11.44 8.60 24.74
C ASP AA 10 10.95 8.30 26.14
N ASP AA 11 9.75 8.75 26.49
CA ASP AA 11 9.24 8.47 27.82
C ASP AA 11 8.86 7.01 27.98
N VAL AA 12 8.15 6.46 27.02
CA VAL AA 12 7.85 5.03 27.03
C VAL AA 12 9.13 4.23 27.16
N SER AA 13 10.11 4.52 26.33
CA SER AA 13 11.41 3.88 26.41
C SER AA 13 12.01 3.98 27.81
N ALA AA 14 12.05 5.18 28.38
CA ALA AA 14 12.63 5.34 29.70
C ALA AA 14 11.84 4.68 30.80
N LYS AA 15 10.61 4.22 30.56
CA LYS AA 15 9.94 3.53 31.65
C LYS AA 15 10.64 2.22 31.99
N PHE AA 16 11.05 1.45 30.98
CA PHE AA 16 11.82 0.23 31.24
C PHE AA 16 13.12 0.52 31.98
N ASP AA 17 13.88 1.52 31.49
CA ASP AA 17 15.15 1.86 32.11
C ASP AA 17 14.98 2.31 33.54
N THR AA 18 13.82 2.84 33.89
CA THR AA 18 13.60 3.23 35.27
C THR AA 18 13.03 2.08 36.07
N GLY AA 19 12.37 1.14 35.42
CA GLY AA 19 11.79 0.02 36.13
C GLY AA 19 12.83 -0.98 36.57
N VAL AA 20 13.90 -1.15 35.79
CA VAL AA 20 15.00 -2.00 36.22
C VAL AA 20 16.06 -1.10 36.84
N ASP AA 21 16.14 -1.17 38.18
CA ASP AA 21 16.99 -0.24 38.94
C ASP AA 21 18.44 -0.22 38.50
N ASN AA 22 19.07 -1.39 38.43
CA ASN AA 22 20.51 -1.46 38.40
C ASN AA 22 21.07 -2.48 37.42
N LEU AA 23 20.23 -3.14 36.63
CA LEU AA 23 20.68 -4.26 35.83
C LEU AA 23 21.85 -3.90 34.92
N GLN AA 24 21.84 -2.72 34.32
CA GLN AA 24 22.97 -2.38 33.44
C GLN AA 24 24.29 -2.45 34.19
N THR AA 25 24.30 -2.06 35.46
CA THR AA 25 25.51 -2.18 36.26
C THR AA 25 25.79 -3.61 36.67
N GLN AA 26 24.82 -4.25 37.31
CA GLN AA 26 24.98 -5.64 37.73
C GLN AA 26 25.54 -6.54 36.65
N VAL AA 27 24.99 -6.48 35.44
CA VAL AA 27 25.46 -7.35 34.37
C VAL AA 27 26.93 -7.12 34.05
N THR AA 28 27.37 -5.87 34.00
CA THR AA 28 28.77 -5.59 33.73
C THR AA 28 29.66 -6.11 34.86
N GLU AA 29 29.29 -5.81 36.08
CA GLU AA 29 30.07 -6.27 37.22
C GLU AA 29 30.21 -7.79 37.19
N ALA AA 30 29.09 -8.51 37.09
CA ALA AA 30 29.17 -9.97 37.03
C ALA AA 30 30.06 -10.45 35.89
N LEU AA 31 30.02 -9.78 34.75
CA LEU AA 31 30.93 -10.14 33.67
C LEU AA 31 32.38 -10.02 34.07
N ASP AA 32 32.72 -8.95 34.77
CA ASP AA 32 34.10 -8.77 35.20
C ASP AA 32 34.51 -9.78 36.25
N LYS AA 33 33.65 -10.09 37.21
CA LYS AA 33 33.99 -11.15 38.15
C LYS AA 33 34.21 -12.48 37.44
N LEU AA 34 33.33 -12.83 36.50
CA LEU AA 34 33.51 -14.11 35.80
C LEU AA 34 34.79 -14.14 34.98
N ALA AA 35 35.10 -13.07 34.25
CA ALA AA 35 36.26 -13.11 33.37
C ALA AA 35 37.54 -13.38 34.13
N ALA AA 36 37.61 -12.99 35.39
CA ALA AA 36 38.80 -13.29 36.19
C ALA AA 36 38.97 -14.78 36.48
N LYS AA 37 37.90 -15.57 36.48
CA LYS AA 37 37.97 -16.96 36.95
C LYS AA 37 36.93 -17.81 36.24
N PRO AA 38 37.11 -18.07 34.95
CA PRO AA 38 36.04 -18.61 34.12
C PRO AA 38 35.46 -19.94 34.54
N SER AA 39 35.92 -20.53 35.63
CA SER AA 39 35.62 -21.92 35.91
C SER AA 39 35.00 -22.14 37.28
N ASP AA 40 34.56 -21.10 37.99
CA ASP AA 40 33.85 -21.28 39.23
C ASP AA 40 32.35 -21.40 38.98
N PRO AA 41 31.75 -22.55 39.25
CA PRO AA 41 30.32 -22.72 38.96
C PRO AA 41 29.41 -21.69 39.59
N ALA AA 42 29.79 -21.15 40.73
CA ALA AA 42 28.95 -20.16 41.39
C ALA AA 42 29.04 -18.80 40.74
N LEU AA 43 30.20 -18.43 40.21
CA LEU AA 43 30.25 -17.24 39.39
C LEU AA 43 29.51 -17.45 38.09
N LEU AA 44 29.50 -18.67 37.60
CA LEU AA 44 29.01 -18.94 36.26
C LEU AA 44 27.48 -18.95 36.22
N ALA AA 45 26.86 -19.57 37.21
CA ALA AA 45 25.40 -19.65 37.27
C ALA AA 45 24.74 -18.29 37.43
N ALA AA 46 25.33 -17.42 38.26
CA ALA AA 46 24.78 -16.07 38.40
C ALA AA 46 24.75 -15.35 37.05
N TYR AA 47 25.90 -15.28 36.41
CA TYR AA 47 25.98 -14.60 35.12
C TYR AA 47 24.98 -15.14 34.12
N GLN AA 48 24.77 -16.44 34.09
CA GLN AA 48 23.76 -16.96 33.17
C GLN AA 48 22.41 -16.27 33.35
N SER AA 49 21.94 -16.16 34.59
CA SER AA 49 20.66 -15.51 34.85
C SER AA 49 20.67 -14.03 34.49
N LYS AA 50 21.67 -13.29 34.97
CA LYS AA 50 21.69 -11.86 34.67
C LYS AA 50 21.69 -11.59 33.17
N LEU AA 51 22.55 -12.26 32.42
CA LEU AA 51 22.55 -12.04 30.98
C LEU AA 51 21.21 -12.41 30.36
N SER AA 52 20.60 -13.50 30.83
CA SER AA 52 19.31 -13.88 30.29
C SER AA 52 18.29 -12.77 30.46
N GLU AA 53 18.20 -12.18 31.65
CA GLU AA 53 17.24 -11.11 31.84
C GLU AA 53 17.56 -9.87 31.02
N TYR AA 54 18.83 -9.54 30.89
CA TYR AA 54 19.20 -8.40 30.04
C TYR AA 54 18.62 -8.56 28.65
N ASN AA 55 18.76 -9.76 28.09
CA ASN AA 55 18.23 -10.05 26.76
C ASN AA 55 16.75 -9.69 26.62
N LEU AA 56 15.92 -10.24 27.50
CA LEU AA 56 14.48 -9.97 27.46
C LEU AA 56 14.17 -8.49 27.61
N TYR AA 57 14.82 -7.83 28.56
CA TYR AA 57 14.59 -6.41 28.75
C TYR AA 57 14.78 -5.62 27.46
N ARG AA 58 15.92 -5.78 26.79
CA ARG AA 58 16.11 -5.05 25.53
C ARG AA 58 15.10 -5.44 24.45
N ASN AA 59 14.75 -6.71 24.35
CA ASN AA 59 13.77 -7.10 23.32
C ASN AA 59 12.42 -6.44 23.52
N ALA AA 60 11.87 -6.55 24.72
CA ALA AA 60 10.57 -5.94 25.00
C ALA AA 60 10.60 -4.45 24.76
N GLN AA 61 11.65 -3.78 25.24
CA GLN AA 61 11.75 -2.35 25.07
C GLN AA 61 11.69 -1.95 23.61
N SER AA 62 12.35 -2.69 22.73
CA SER AA 62 12.32 -2.31 21.32
C SER AA 62 10.97 -2.57 20.65
N ASN AA 63 10.41 -3.76 20.85
CA ASN AA 63 9.12 -4.04 20.21
C ASN AA 63 8.02 -3.07 20.61
N THR AA 64 8.02 -2.59 21.85
CA THR AA 64 6.97 -1.66 22.26
C THR AA 64 7.06 -0.33 21.52
N VAL AA 65 8.25 0.24 21.45
CA VAL AA 65 8.44 1.47 20.72
C VAL AA 65 7.96 1.32 19.29
N LYS AA 66 8.32 0.22 18.63
CA LYS AA 66 7.85 0.03 17.27
C LYS AA 66 6.32 0.08 17.16
N VAL AA 67 5.62 -0.62 18.05
CA VAL AA 67 4.16 -0.60 17.98
C VAL AA 67 3.60 0.82 18.11
N PHE AA 68 4.07 1.57 19.10
CA PHE AA 68 3.57 2.95 19.21
C PHE AA 68 3.87 3.79 17.98
N LYS AA 69 5.04 3.64 17.39
CA LYS AA 69 5.32 4.35 16.16
C LYS AA 69 4.27 4.05 15.09
N ASP AA 70 3.95 2.78 14.90
CA ASP AA 70 2.95 2.44 13.89
C ASP AA 70 1.60 3.09 14.16
N ILE AA 71 1.10 3.00 15.40
CA ILE AA 71 -0.18 3.65 15.70
C ILE AA 71 -0.16 5.14 15.36
N ASP AA 72 0.96 5.81 15.62
CA ASP AA 72 1.02 7.23 15.30
C ASP AA 72 1.06 7.48 13.80
N ALA AA 73 1.89 6.77 13.07
CA ALA AA 73 1.98 7.05 11.64
C ALA AA 73 0.66 6.75 10.95
N ALA AA 74 -0.05 5.72 11.40
CA ALA AA 74 -1.37 5.45 10.85
C ALA AA 74 -2.37 6.55 11.16
N ILE AA 75 -2.25 7.23 12.29
CA ILE AA 75 -3.14 8.37 12.51
C ILE AA 75 -2.75 9.53 11.60
N ILE AA 76 -1.47 9.86 11.55
CA ILE AA 76 -1.02 11.04 10.81
C ILE AA 76 -1.30 10.91 9.32
N GLN AA 77 -1.38 9.71 8.79
CA GLN AA 77 -1.85 9.56 7.40
C GLN AA 77 -3.21 10.19 7.16
N ASN AA 78 -4.07 10.24 8.15
CA ASN AA 78 -5.42 10.74 7.95
C ASN AA 78 -5.57 12.25 8.08
N PHE AA 79 -4.51 12.99 8.41
CA PHE AA 79 -4.70 14.43 8.54
C PHE AA 79 -5.16 15.05 7.24
N ARG AA 80 -4.63 14.60 6.12
CA ARG AA 80 -5.02 15.17 4.85
C ARG AA 80 -6.23 14.46 4.31
N PRO BA 4 -12.85 -0.06 34.08
CA PRO BA 4 -12.53 -1.46 33.82
C PRO BA 4 -13.37 -2.03 32.71
N TRP BA 5 -12.82 -2.29 31.53
CA TRP BA 5 -13.61 -2.84 30.45
C TRP BA 5 -12.91 -3.95 29.69
N SER BA 6 -13.49 -5.14 29.80
CA SER BA 6 -13.05 -6.33 29.11
C SER BA 6 -13.42 -6.21 27.64
N GLY BA 7 -12.48 -6.40 26.74
CA GLY BA 7 -12.81 -6.54 25.34
C GLY BA 7 -13.14 -7.97 24.96
N TYR BA 8 -12.91 -8.31 23.72
CA TYR BA 8 -13.08 -9.67 23.25
C TYR BA 8 -11.82 -10.52 23.36
N LEU BA 9 -10.68 -9.95 23.00
CA LEU BA 9 -9.43 -10.68 23.16
C LEU BA 9 -9.22 -11.09 24.60
N ASP BA 10 -9.50 -10.19 25.54
CA ASP BA 10 -9.48 -10.54 26.95
C ASP BA 10 -10.28 -11.81 27.24
N ASP BA 11 -11.45 -11.94 26.64
CA ASP BA 11 -12.27 -13.12 26.86
C ASP BA 11 -11.63 -14.36 26.25
N VAL BA 12 -11.05 -14.22 25.07
CA VAL BA 12 -10.37 -15.35 24.45
C VAL BA 12 -9.23 -15.85 25.34
N SER BA 13 -8.44 -14.94 25.87
CA SER BA 13 -7.39 -15.31 26.82
C SER BA 13 -7.95 -15.96 28.08
N ALA BA 14 -8.88 -15.29 28.73
CA ALA BA 14 -9.46 -15.86 29.94
C ALA BA 14 -10.05 -17.24 29.71
N LYS BA 15 -10.48 -17.57 28.49
CA LYS BA 15 -10.93 -18.95 28.29
C LYS BA 15 -9.83 -19.94 28.62
N PHE BA 16 -8.60 -19.65 28.26
CA PHE BA 16 -7.49 -20.53 28.61
C PHE BA 16 -7.23 -20.49 30.12
N ASP BA 17 -7.15 -19.30 30.69
CA ASP BA 17 -6.94 -19.24 32.14
C ASP BA 17 -7.97 -20.06 32.92
N THR BA 18 -9.26 -19.85 32.67
CA THR BA 18 -10.31 -20.66 33.29
C THR BA 18 -10.36 -22.10 32.78
N GLY BA 19 -9.58 -22.44 31.77
CA GLY BA 19 -9.46 -23.82 31.34
C GLY BA 19 -8.49 -24.58 32.22
N VAL BA 20 -7.25 -24.14 32.23
CA VAL BA 20 -6.26 -24.73 33.14
C VAL BA 20 -6.44 -24.09 34.52
N ASP BA 21 -7.49 -24.54 35.20
CA ASP BA 21 -7.92 -23.98 36.48
C ASP BA 21 -6.81 -23.87 37.53
N ASN BA 22 -6.01 -24.91 37.69
CA ASN BA 22 -5.08 -24.97 38.80
C ASN BA 22 -3.62 -25.10 38.38
N LEU BA 23 -3.34 -25.32 37.11
CA LEU BA 23 -1.98 -25.54 36.65
C LEU BA 23 -1.06 -24.40 37.06
N GLN BA 24 -1.58 -23.18 37.08
CA GLN BA 24 -0.79 -22.02 37.48
C GLN BA 24 -0.31 -22.09 38.91
N THR BA 25 -1.02 -22.79 39.78
CA THR BA 25 -0.50 -23.02 41.12
C THR BA 25 0.35 -24.27 41.19
N GLN BA 26 -0.13 -25.36 40.62
CA GLN BA 26 0.60 -26.62 40.64
C GLN BA 26 2.04 -26.47 40.20
N VAL BA 27 2.31 -25.69 39.16
CA VAL BA 27 3.70 -25.49 38.75
C VAL BA 27 4.57 -24.90 39.86
N THR BA 28 4.07 -23.93 40.59
CA THR BA 28 4.91 -23.33 41.62
C THR BA 28 5.00 -24.19 42.86
N GLU BA 29 4.01 -25.04 43.08
CA GLU BA 29 4.11 -25.90 44.24
C GLU BA 29 5.02 -27.08 43.96
N ALA BA 30 4.95 -27.67 42.78
CA ALA BA 30 5.88 -28.73 42.44
C ALA BA 30 7.31 -28.22 42.40
N LEU BA 31 7.51 -26.99 41.92
CA LEU BA 31 8.84 -26.41 42.05
C LEU BA 31 9.28 -26.28 43.50
N ASP BA 32 8.39 -25.85 44.39
CA ASP BA 32 8.81 -25.68 45.77
C ASP BA 32 9.05 -26.99 46.50
N LYS BA 33 8.41 -28.08 46.07
CA LYS BA 33 8.85 -29.41 46.47
C LYS BA 33 10.24 -29.73 45.96
N LEU BA 34 10.45 -29.61 44.65
CA LEU BA 34 11.68 -30.12 44.07
C LEU BA 34 12.90 -29.38 44.60
N ALA BA 35 12.82 -28.06 44.71
CA ALA BA 35 14.00 -27.30 45.10
C ALA BA 35 14.55 -27.73 46.45
N ALA BA 36 13.73 -28.35 47.29
CA ALA BA 36 14.20 -28.85 48.57
C ALA BA 36 15.06 -30.12 48.46
N LYS BA 37 14.78 -30.99 47.50
CA LYS BA 37 15.45 -32.29 47.41
C LYS BA 37 15.59 -32.68 45.94
N PRO BA 38 16.42 -31.97 45.20
CA PRO BA 38 16.56 -32.18 43.76
C PRO BA 38 16.85 -33.60 43.28
N SER BA 39 17.17 -34.54 44.15
CA SER BA 39 17.58 -35.85 43.69
C SER BA 39 16.48 -36.90 43.71
N ASP BA 40 15.28 -36.55 44.18
CA ASP BA 40 14.19 -37.52 44.21
C ASP BA 40 13.56 -37.80 42.86
N PRO BA 41 13.74 -39.00 42.31
CA PRO BA 41 13.13 -39.33 41.01
C PRO BA 41 11.65 -39.04 40.92
N ALA BA 42 10.88 -39.31 41.97
CA ALA BA 42 9.45 -39.01 41.92
C ALA BA 42 9.21 -37.54 41.64
N LEU BA 43 9.99 -36.67 42.26
CA LEU BA 43 9.77 -35.24 42.11
C LEU BA 43 10.23 -34.78 40.73
N LEU BA 44 11.31 -35.34 40.23
CA LEU BA 44 11.73 -34.98 38.88
C LEU BA 44 10.67 -35.39 37.87
N ALA BA 45 10.23 -36.63 37.94
CA ALA BA 45 9.19 -37.13 37.04
C ALA BA 45 7.94 -36.24 37.10
N ALA BA 46 7.54 -35.79 38.27
CA ALA BA 46 6.38 -34.91 38.36
C ALA BA 46 6.63 -33.57 37.67
N TYR BA 47 7.73 -32.92 38.04
CA TYR BA 47 7.98 -31.57 37.54
C TYR BA 47 8.20 -31.52 36.04
N GLN BA 48 8.81 -32.55 35.44
CA GLN BA 48 8.91 -32.58 33.98
C GLN BA 48 7.53 -32.42 33.34
N SER BA 49 6.55 -33.17 33.84
CA SER BA 49 5.19 -33.10 33.32
C SER BA 49 4.58 -31.73 33.50
N LYS BA 50 4.52 -31.24 34.74
CA LYS BA 50 3.82 -29.98 34.95
C LYS BA 50 4.49 -28.83 34.20
N LEU BA 51 5.82 -28.82 34.13
CA LEU BA 51 6.50 -27.77 33.37
C LEU BA 51 6.16 -27.82 31.89
N SER BA 52 6.21 -29.01 31.30
CA SER BA 52 5.87 -29.14 29.88
C SER BA 52 4.45 -28.64 29.61
N GLU BA 53 3.50 -29.07 30.42
CA GLU BA 53 2.13 -28.58 30.27
C GLU BA 53 2.07 -27.07 30.30
N TYR BA 54 2.72 -26.45 31.29
CA TYR BA 54 2.64 -25.00 31.38
C TYR BA 54 3.24 -24.30 30.17
N ASN BA 55 4.30 -24.86 29.60
CA ASN BA 55 4.86 -24.32 28.38
C ASN BA 55 3.86 -24.32 27.24
N LEU BA 56 3.31 -25.50 26.92
CA LEU BA 56 2.32 -25.60 25.86
C LEU BA 56 1.17 -24.63 26.06
N TYR BA 57 0.63 -24.56 27.27
CA TYR BA 57 -0.49 -23.68 27.54
C TYR BA 57 -0.18 -22.22 27.23
N ARG BA 58 0.93 -21.68 27.72
CA ARG BA 58 1.24 -20.29 27.40
C ARG BA 58 1.49 -20.05 25.92
N ASN BA 59 2.06 -21.04 25.23
CA ASN BA 59 2.35 -20.85 23.81
C ASN BA 59 1.09 -20.83 22.96
N ALA BA 60 0.20 -21.80 23.16
CA ALA BA 60 -1.05 -21.82 22.41
C ALA BA 60 -1.90 -20.61 22.69
N GLN BA 61 -1.90 -20.13 23.93
CA GLN BA 61 -2.64 -18.92 24.24
C GLN BA 61 -2.16 -17.74 23.41
N SER BA 62 -0.85 -17.51 23.36
CA SER BA 62 -0.39 -16.33 22.66
C SER BA 62 -0.60 -16.40 21.15
N ASN BA 63 -0.36 -17.56 20.54
CA ASN BA 63 -0.66 -17.66 19.11
C ASN BA 63 -2.14 -17.39 18.82
N THR BA 64 -3.03 -17.92 19.65
CA THR BA 64 -4.44 -17.74 19.36
C THR BA 64 -4.84 -16.29 19.44
N VAL BA 65 -4.36 -15.55 20.44
CA VAL BA 65 -4.72 -14.13 20.48
C VAL BA 65 -4.21 -13.41 19.23
N LYS BA 66 -3.04 -13.79 18.74
CA LYS BA 66 -2.52 -13.10 17.56
C LYS BA 66 -3.38 -13.28 16.33
N VAL BA 67 -3.93 -14.47 16.12
CA VAL BA 67 -4.70 -14.65 14.89
C VAL BA 67 -5.94 -13.75 14.86
N PHE BA 68 -6.67 -13.65 15.97
CA PHE BA 68 -7.82 -12.75 15.99
C PHE BA 68 -7.43 -11.29 15.83
N LYS BA 69 -6.31 -10.89 16.42
CA LYS BA 69 -5.83 -9.53 16.16
C LYS BA 69 -5.60 -9.28 14.67
N ASP BA 70 -5.11 -10.29 13.95
CA ASP BA 70 -4.88 -10.11 12.52
C ASP BA 70 -6.15 -10.15 11.69
N ILE BA 71 -7.18 -10.87 12.11
CA ILE BA 71 -8.44 -10.77 11.37
C ILE BA 71 -9.06 -9.39 11.57
N ASP BA 72 -9.09 -8.92 12.82
CA ASP BA 72 -9.75 -7.65 13.11
C ASP BA 72 -9.11 -6.50 12.35
N ALA BA 73 -7.79 -6.40 12.39
CA ALA BA 73 -7.15 -5.32 11.63
C ALA BA 73 -7.51 -5.37 10.15
N ALA BA 74 -7.55 -6.56 9.57
CA ALA BA 74 -7.86 -6.68 8.16
C ALA BA 74 -9.29 -6.26 7.82
N ILE BA 75 -10.22 -6.41 8.76
CA ILE BA 75 -11.56 -5.84 8.53
C ILE BA 75 -11.55 -4.34 8.68
N ILE BA 76 -10.90 -3.82 9.72
CA ILE BA 76 -10.94 -2.38 9.99
C ILE BA 76 -10.29 -1.60 8.86
N GLN BA 77 -9.33 -2.17 8.18
CA GLN BA 77 -8.73 -1.47 7.05
C GLN BA 77 -9.70 -1.22 5.91
N ASN BA 78 -10.79 -1.95 5.81
CA ASN BA 78 -11.78 -1.70 4.77
C ASN BA 78 -12.80 -0.62 5.11
N PHE BA 79 -12.73 0.02 6.28
CA PHE BA 79 -13.73 1.05 6.54
C PHE BA 79 -13.59 2.22 5.61
N ARG BA 80 -12.44 2.37 4.97
CA ARG BA 80 -12.19 3.52 4.11
C ARG BA 80 -13.38 3.80 3.22
N THR CA 3 -26.73 -30.39 7.91
CA THR CA 3 -25.52 -31.18 7.83
C THR CA 3 -24.34 -30.39 8.38
N PRO CA 4 -23.42 -31.06 9.05
CA PRO CA 4 -22.19 -30.38 9.51
C PRO CA 4 -21.37 -29.88 8.35
N TRP CA 5 -21.32 -28.56 8.18
CA TRP CA 5 -20.57 -28.01 7.06
C TRP CA 5 -19.10 -28.31 7.23
N SER CA 6 -18.41 -28.51 6.11
CA SER CA 6 -16.96 -28.70 6.14
C SER CA 6 -16.31 -28.16 4.88
N GLY CA 7 -15.22 -27.44 5.04
CA GLY CA 7 -14.61 -26.66 3.99
C GLY CA 7 -13.65 -27.49 3.17
N TYR CA 8 -12.80 -26.81 2.40
CA TYR CA 8 -11.80 -27.54 1.64
C TYR CA 8 -10.67 -28.00 2.54
N LEU CA 9 -10.24 -27.17 3.48
CA LEU CA 9 -9.11 -27.56 4.31
C LEU CA 9 -9.51 -28.71 5.22
N ASP CA 10 -10.73 -28.65 5.75
CA ASP CA 10 -11.33 -29.76 6.46
C ASP CA 10 -11.17 -31.07 5.72
N ASP CA 11 -11.48 -31.08 4.42
CA ASP CA 11 -11.35 -32.32 3.66
C ASP CA 11 -9.90 -32.73 3.49
N VAL CA 12 -9.01 -31.77 3.28
CA VAL CA 12 -7.60 -32.13 3.17
C VAL CA 12 -7.12 -32.80 4.44
N SER CA 13 -7.45 -32.21 5.59
CA SER CA 13 -7.13 -32.81 6.87
C SER CA 13 -7.70 -34.21 7.01
N ALA CA 14 -9.00 -34.36 6.79
CA ALA CA 14 -9.65 -35.66 6.93
C ALA CA 14 -9.13 -36.72 5.97
N LYS CA 15 -8.53 -36.32 4.86
CA LYS CA 15 -8.00 -37.32 3.95
C LYS CA 15 -6.92 -38.16 4.61
N PHE CA 16 -6.11 -37.55 5.48
CA PHE CA 16 -5.12 -38.31 6.23
C PHE CA 16 -5.77 -39.24 7.25
N ASP CA 17 -6.71 -38.74 8.02
CA ASP CA 17 -7.39 -39.58 9.00
C ASP CA 17 -7.99 -40.82 8.37
N THR CA 18 -8.66 -40.68 7.23
CA THR CA 18 -9.15 -41.89 6.58
C THR CA 18 -8.06 -42.67 5.87
N GLY CA 19 -6.91 -42.07 5.62
CA GLY CA 19 -5.81 -42.82 5.05
C GLY CA 19 -5.20 -43.80 6.03
N VAL CA 20 -4.79 -43.31 7.18
CA VAL CA 20 -4.37 -44.16 8.30
C VAL CA 20 -5.56 -44.74 9.06
N ASP CA 21 -6.01 -45.92 8.65
CA ASP CA 21 -7.27 -46.47 9.15
C ASP CA 21 -7.38 -46.50 10.66
N ASN CA 22 -6.35 -46.99 11.36
CA ASN CA 22 -6.51 -47.23 12.78
C ASN CA 22 -5.31 -46.87 13.64
N LEU CA 23 -4.25 -46.35 13.03
CA LEU CA 23 -3.07 -45.92 13.78
C LEU CA 23 -3.48 -45.21 15.06
N GLN CA 24 -4.47 -44.33 14.94
CA GLN CA 24 -4.97 -43.56 16.07
C GLN CA 24 -5.22 -44.41 17.30
N THR CA 25 -5.70 -45.64 17.15
CA THR CA 25 -5.93 -46.47 18.33
C THR CA 25 -4.83 -47.49 18.55
N GLN CA 26 -4.18 -47.95 17.50
CA GLN CA 26 -3.08 -48.86 17.71
C GLN CA 26 -2.03 -48.24 18.62
N VAL CA 27 -1.78 -46.94 18.47
CA VAL CA 27 -0.85 -46.25 19.35
C VAL CA 27 -1.22 -46.41 20.82
N THR CA 28 -2.49 -46.23 21.15
CA THR CA 28 -2.90 -46.33 22.54
C THR CA 28 -2.85 -47.76 23.04
N GLU CA 29 -3.24 -48.73 22.23
CA GLU CA 29 -3.16 -50.10 22.71
C GLU CA 29 -1.72 -50.53 22.91
N ALA CA 30 -0.84 -50.18 21.98
CA ALA CA 30 0.58 -50.47 22.15
C ALA CA 30 1.11 -49.85 23.44
N LEU CA 31 0.71 -48.62 23.72
CA LEU CA 31 1.12 -47.97 24.96
C LEU CA 31 0.65 -48.74 26.18
N ASP CA 32 -0.62 -49.11 26.22
CA ASP CA 32 -1.12 -49.85 27.37
C ASP CA 32 -0.37 -51.15 27.57
N LYS CA 33 -0.11 -51.87 26.48
CA LYS CA 33 0.62 -53.12 26.57
C LYS CA 33 2.02 -52.90 27.14
N LEU CA 34 2.72 -51.88 26.64
CA LEU CA 34 4.05 -51.58 27.16
C LEU CA 34 4.01 -51.21 28.63
N ALA CA 35 3.13 -50.29 29.00
CA ALA CA 35 3.00 -49.87 30.39
C ALA CA 35 2.76 -51.06 31.30
N ALA CA 36 2.14 -52.11 30.81
CA ALA CA 36 1.98 -53.30 31.64
C ALA CA 36 3.30 -54.02 31.89
N LYS CA 37 4.26 -53.96 30.96
CA LYS CA 37 5.50 -54.74 31.07
C LYS CA 37 6.65 -54.00 30.40
N PRO CA 38 7.07 -52.89 30.97
CA PRO CA 38 8.12 -52.06 30.36
C PRO CA 38 9.40 -52.75 29.91
N SER CA 39 9.68 -53.97 30.32
CA SER CA 39 10.98 -54.59 30.07
C SER CA 39 10.98 -55.68 28.99
N ASP CA 40 9.91 -55.82 28.20
CA ASP CA 40 9.89 -56.83 27.16
C ASP CA 40 10.36 -56.30 25.81
N PRO CA 41 11.51 -56.74 25.29
CA PRO CA 41 11.99 -56.23 24.00
C PRO CA 41 10.99 -56.28 22.86
N ALA CA 42 10.16 -57.31 22.75
CA ALA CA 42 9.20 -57.34 21.66
C ALA CA 42 8.22 -56.19 21.77
N LEU CA 43 7.86 -55.82 22.98
CA LEU CA 43 6.89 -54.75 23.12
C LEU CA 43 7.56 -53.41 22.88
N LEU CA 44 8.79 -53.25 23.37
CA LEU CA 44 9.52 -52.02 23.10
C LEU CA 44 9.69 -51.82 21.60
N ALA CA 45 10.14 -52.84 20.89
CA ALA CA 45 10.29 -52.76 19.45
C ALA CA 45 9.00 -52.41 18.73
N ALA CA 46 7.87 -52.98 19.15
CA ALA CA 46 6.61 -52.60 18.51
C ALA CA 46 6.28 -51.13 18.73
N TYR CA 47 6.38 -50.68 19.97
CA TYR CA 47 6.07 -49.29 20.29
C TYR CA 47 6.94 -48.29 19.56
N GLN CA 48 8.24 -48.51 19.51
CA GLN CA 48 9.09 -47.58 18.76
C GLN CA 48 8.57 -47.31 17.35
N SER CA 49 8.15 -48.36 16.66
CA SER CA 49 7.63 -48.22 15.31
C SER CA 49 6.33 -47.42 15.28
N LYS CA 50 5.34 -47.87 16.04
CA LYS CA 50 4.07 -47.16 16.03
C LYS CA 50 4.20 -45.69 16.41
N LEU CA 51 4.93 -45.38 17.47
CA LEU CA 51 5.12 -43.98 17.84
C LEU CA 51 5.78 -43.16 16.75
N SER CA 52 6.84 -43.67 16.14
CA SER CA 52 7.47 -42.94 15.04
C SER CA 52 6.48 -42.65 13.92
N GLU CA 53 5.79 -43.69 13.47
CA GLU CA 53 4.80 -43.54 12.41
C GLU CA 53 3.77 -42.45 12.74
N TYR CA 54 3.28 -42.44 13.97
CA TYR CA 54 2.33 -41.42 14.40
C TYR CA 54 2.92 -40.01 14.28
N ASN CA 55 4.13 -39.84 14.77
CA ASN CA 55 4.81 -38.55 14.66
C ASN CA 55 4.81 -38.03 13.23
N LEU CA 56 5.32 -38.84 12.30
CA LEU CA 56 5.44 -38.39 10.92
C LEU CA 56 4.07 -38.06 10.31
N TYR CA 57 3.05 -38.83 10.65
CA TYR CA 57 1.71 -38.53 10.17
C TYR CA 57 1.23 -37.15 10.60
N ARG CA 58 1.23 -36.89 11.89
CA ARG CA 58 0.83 -35.57 12.38
C ARG CA 58 1.59 -34.40 11.75
N ASN CA 59 2.90 -34.55 11.55
CA ASN CA 59 3.64 -33.46 10.89
C ASN CA 59 3.23 -33.25 9.44
N ALA CA 60 3.14 -34.31 8.66
CA ALA CA 60 2.77 -34.11 7.26
C ALA CA 60 1.41 -33.43 7.17
N GLN CA 61 0.53 -33.74 8.10
CA GLN CA 61 -0.80 -33.19 8.05
C GLN CA 61 -0.77 -31.69 8.26
N SER CA 62 -0.16 -31.23 9.35
CA SER CA 62 -0.20 -29.80 9.62
C SER CA 62 0.56 -28.97 8.58
N ASN CA 63 1.67 -29.46 8.05
CA ASN CA 63 2.34 -28.68 7.00
C ASN CA 63 1.51 -28.55 5.73
N THR CA 64 0.81 -29.60 5.33
CA THR CA 64 -0.01 -29.44 4.13
C THR CA 64 -1.16 -28.46 4.33
N VAL CA 65 -1.83 -28.55 5.48
CA VAL CA 65 -2.92 -27.61 5.73
C VAL CA 65 -2.44 -26.17 5.70
N LYS CA 66 -1.25 -25.91 6.26
CA LYS CA 66 -0.79 -24.52 6.23
C LYS CA 66 -0.49 -24.06 4.81
N VAL CA 67 0.12 -24.92 3.99
CA VAL CA 67 0.46 -24.46 2.65
C VAL CA 67 -0.78 -24.05 1.89
N PHE CA 68 -1.85 -24.84 2.00
CA PHE CA 68 -3.06 -24.44 1.28
C PHE CA 68 -3.65 -23.15 1.83
N LYS CA 69 -3.60 -22.95 3.15
CA LYS CA 69 -4.08 -21.67 3.64
C LYS CA 69 -3.33 -20.52 3.01
N ASP CA 70 -2.01 -20.64 2.88
CA ASP CA 70 -1.23 -19.52 2.37
C ASP CA 70 -1.34 -19.33 0.86
N ILE CA 71 -1.81 -20.33 0.13
CA ILE CA 71 -2.25 -20.06 -1.24
C ILE CA 71 -3.54 -19.25 -1.26
N ASP CA 72 -4.53 -19.67 -0.49
CA ASP CA 72 -5.83 -18.99 -0.60
C ASP CA 72 -5.76 -17.56 -0.14
N ALA CA 73 -5.07 -17.28 0.96
CA ALA CA 73 -4.92 -15.90 1.38
C ALA CA 73 -4.28 -15.02 0.31
N ALA CA 74 -3.31 -15.57 -0.41
CA ALA CA 74 -2.65 -14.83 -1.48
C ALA CA 74 -3.55 -14.61 -2.68
N ILE CA 75 -4.60 -15.40 -2.84
CA ILE CA 75 -5.51 -15.09 -3.94
C ILE CA 75 -6.54 -14.06 -3.51
N ILE CA 76 -7.20 -14.28 -2.36
CA ILE CA 76 -8.24 -13.35 -1.95
C ILE CA 76 -7.69 -11.99 -1.59
N GLN CA 77 -6.37 -11.86 -1.49
CA GLN CA 77 -5.75 -10.55 -1.45
C GLN CA 77 -6.08 -9.71 -2.69
N ASN CA 78 -6.04 -10.30 -3.87
CA ASN CA 78 -6.19 -9.57 -5.13
C ASN CA 78 -7.62 -9.22 -5.50
N PHE CA 79 -8.62 -9.51 -4.68
CA PHE CA 79 -9.97 -9.04 -5.03
C PHE CA 79 -10.05 -7.53 -5.05
N ARG CA 80 -9.27 -6.86 -4.23
CA ARG CA 80 -9.25 -5.41 -4.23
C ARG CA 80 -8.90 -4.87 -5.59
N THR DA 3 2.31 -37.09 -23.01
CA THR DA 3 3.39 -37.01 -22.03
C THR DA 3 2.85 -36.44 -20.74
N PRO DA 4 3.21 -37.02 -19.60
CA PRO DA 4 2.91 -36.35 -18.33
C PRO DA 4 3.63 -35.01 -18.26
N TRP DA 5 2.87 -33.94 -18.09
CA TRP DA 5 3.47 -32.64 -17.92
C TRP DA 5 4.43 -32.60 -16.73
N SER DA 6 5.59 -32.00 -16.95
CA SER DA 6 6.60 -31.81 -15.92
C SER DA 6 7.00 -30.35 -15.95
N GLY DA 7 7.08 -29.73 -14.79
CA GLY DA 7 7.62 -28.40 -14.68
C GLY DA 7 9.14 -28.36 -14.69
N TYR DA 8 9.66 -27.30 -14.09
CA TYR DA 8 11.09 -27.14 -13.89
C TYR DA 8 11.58 -27.78 -12.61
N LEU DA 9 10.83 -27.62 -11.52
CA LEU DA 9 11.23 -28.21 -10.25
C LEU DA 9 11.33 -29.73 -10.35
N ASP DA 10 10.34 -30.37 -10.96
CA ASP DA 10 10.41 -31.81 -11.17
C ASP DA 10 11.41 -32.22 -12.23
N ASP DA 11 12.06 -31.29 -12.92
CA ASP DA 11 13.20 -31.63 -13.78
C ASP DA 11 14.47 -31.65 -12.96
N VAL DA 12 14.66 -30.59 -12.18
CA VAL DA 12 15.78 -30.55 -11.25
C VAL DA 12 15.76 -31.76 -10.35
N SER DA 13 14.60 -32.07 -9.78
CA SER DA 13 14.47 -33.26 -8.95
C SER DA 13 14.83 -34.53 -9.69
N ALA DA 14 14.40 -34.66 -10.94
CA ALA DA 14 14.68 -35.87 -11.71
C ALA DA 14 16.16 -36.03 -12.06
N LYS DA 15 16.88 -34.93 -12.24
CA LYS DA 15 18.32 -35.05 -12.47
C LYS DA 15 19.00 -35.92 -11.42
N PHE DA 16 18.65 -35.77 -10.15
CA PHE DA 16 19.23 -36.65 -9.12
C PHE DA 16 18.80 -38.10 -9.31
N ASP DA 17 17.53 -38.34 -9.58
CA ASP DA 17 17.06 -39.71 -9.75
C ASP DA 17 17.82 -40.43 -10.85
N THR DA 18 17.95 -39.82 -12.01
CA THR DA 18 18.74 -40.50 -13.04
C THR DA 18 20.24 -40.42 -12.79
N GLY DA 19 20.71 -39.49 -11.99
CA GLY DA 19 22.13 -39.45 -11.67
C GLY DA 19 22.58 -40.63 -10.83
N VAL DA 20 21.81 -40.97 -9.81
CA VAL DA 20 22.08 -42.19 -9.01
C VAL DA 20 21.29 -43.32 -9.66
N ASP DA 21 21.88 -43.89 -10.71
CA ASP DA 21 21.22 -44.90 -11.53
C ASP DA 21 20.47 -45.99 -10.80
N ASN DA 22 21.13 -46.67 -9.86
CA ASN DA 22 20.60 -47.91 -9.31
C ASN DA 22 20.57 -47.94 -7.79
N LEU DA 23 21.06 -46.90 -7.13
CA LEU DA 23 21.11 -46.87 -5.68
C LEU DA 23 19.78 -47.29 -5.07
N GLN DA 24 18.68 -46.79 -5.61
CA GLN DA 24 17.38 -47.08 -5.02
C GLN DA 24 17.16 -48.57 -4.81
N THR DA 25 17.55 -49.39 -5.78
CA THR DA 25 17.41 -50.84 -5.62
C THR DA 25 18.56 -51.47 -4.85
N GLN DA 26 19.79 -51.03 -5.09
CA GLN DA 26 20.92 -51.53 -4.32
C GLN DA 26 20.65 -51.47 -2.82
N VAL DA 27 19.98 -50.42 -2.35
CA VAL DA 27 19.68 -50.30 -0.93
C VAL DA 27 18.81 -51.45 -0.45
N THR DA 28 17.71 -51.74 -1.15
CA THR DA 28 16.84 -52.80 -0.69
C THR DA 28 17.48 -54.18 -0.83
N GLU DA 29 18.22 -54.41 -1.91
CA GLU DA 29 18.96 -55.67 -2.01
C GLU DA 29 19.87 -55.89 -0.80
N ALA DA 30 20.67 -54.87 -0.47
CA ALA DA 30 21.57 -54.98 0.68
C ALA DA 30 20.78 -55.20 1.96
N LEU DA 31 19.60 -54.59 2.06
CA LEU DA 31 18.78 -54.80 3.24
C LEU DA 31 18.28 -56.23 3.33
N ASP DA 32 17.85 -56.83 2.23
CA ASP DA 32 17.35 -58.19 2.31
C ASP DA 32 18.46 -59.18 2.67
N LYS DA 33 19.67 -58.98 2.16
CA LYS DA 33 20.76 -59.84 2.62
C LYS DA 33 21.03 -59.64 4.12
N LEU DA 34 21.18 -58.40 4.55
CA LEU DA 34 21.42 -58.14 5.96
C LEU DA 34 20.34 -58.78 6.81
N ALA DA 35 19.08 -58.66 6.40
CA ALA DA 35 18.00 -59.29 7.15
C ALA DA 35 18.10 -60.79 7.13
N ALA DA 36 18.75 -61.35 6.11
CA ALA DA 36 18.90 -62.80 6.10
C ALA DA 36 19.97 -63.26 7.08
N LYS DA 37 20.92 -62.40 7.42
CA LYS DA 37 21.95 -62.84 8.36
C LYS DA 37 22.62 -61.66 9.05
N PRO DA 38 21.94 -61.03 10.00
CA PRO DA 38 22.49 -59.86 10.71
C PRO DA 38 23.89 -59.96 11.28
N SER DA 39 24.36 -61.14 11.65
CA SER DA 39 25.67 -61.24 12.28
C SER DA 39 26.85 -61.26 11.32
N ASP DA 40 26.65 -61.27 10.01
CA ASP DA 40 27.80 -61.32 9.11
C ASP DA 40 28.43 -59.95 8.92
N PRO DA 41 29.70 -59.76 9.32
CA PRO DA 41 30.30 -58.43 9.21
C PRO DA 41 30.48 -57.98 7.79
N ALA DA 42 30.57 -58.90 6.84
CA ALA DA 42 30.76 -58.46 5.46
C ALA DA 42 29.47 -57.90 4.89
N LEU DA 43 28.34 -58.33 5.42
CA LEU DA 43 27.08 -57.75 5.00
C LEU DA 43 26.85 -56.42 5.70
N LEU DA 44 27.15 -56.38 7.00
CA LEU DA 44 27.06 -55.13 7.76
C LEU DA 44 27.85 -54.00 7.09
N ALA DA 45 29.15 -54.22 6.90
CA ALA DA 45 29.99 -53.17 6.35
C ALA DA 45 29.61 -52.79 4.94
N ALA DA 46 28.80 -53.58 4.26
CA ALA DA 46 28.34 -53.18 2.94
C ALA DA 46 27.07 -52.40 3.02
N TYR DA 47 26.26 -52.66 4.04
CA TYR DA 47 25.02 -51.93 4.21
C TYR DA 47 25.26 -50.51 4.67
N GLN DA 48 26.21 -50.32 5.58
CA GLN DA 48 26.52 -48.97 6.06
C GLN DA 48 26.77 -47.97 4.93
N SER DA 49 27.57 -48.35 3.93
CA SER DA 49 27.89 -47.43 2.83
C SER DA 49 26.69 -47.08 1.98
N LYS DA 50 25.76 -48.02 1.82
CA LYS DA 50 24.62 -47.73 0.96
C LYS DA 50 23.60 -46.90 1.70
N LEU DA 51 23.28 -47.26 2.92
CA LEU DA 51 22.36 -46.44 3.68
C LEU DA 51 22.86 -45.00 3.78
N SER DA 52 24.16 -44.80 3.99
CA SER DA 52 24.68 -43.44 4.04
C SER DA 52 24.55 -42.71 2.71
N GLU DA 53 24.89 -43.37 1.61
CA GLU DA 53 24.72 -42.73 0.31
C GLU DA 53 23.28 -42.31 0.07
N TYR DA 54 22.34 -43.18 0.40
CA TYR DA 54 20.93 -42.86 0.23
C TYR DA 54 20.53 -41.63 1.03
N ASN DA 55 20.86 -41.62 2.31
CA ASN DA 55 20.55 -40.48 3.16
C ASN DA 55 21.02 -39.16 2.56
N LEU DA 56 22.30 -39.09 2.19
CA LEU DA 56 22.82 -37.86 1.60
C LEU DA 56 22.11 -37.47 0.30
N TYR DA 57 21.87 -38.43 -0.57
CA TYR DA 57 21.15 -38.16 -1.81
C TYR DA 57 19.80 -37.48 -1.56
N ARG DA 58 18.94 -38.08 -0.74
CA ARG DA 58 17.65 -37.45 -0.45
C ARG DA 58 17.77 -36.05 0.14
N ASN DA 59 18.71 -35.85 1.06
CA ASN DA 59 18.89 -34.51 1.63
C ASN DA 59 19.22 -33.46 0.58
N ALA DA 60 20.28 -33.68 -0.20
CA ALA DA 60 20.64 -32.70 -1.22
C ALA DA 60 19.48 -32.43 -2.17
N GLN DA 61 18.76 -33.48 -2.55
CA GLN DA 61 17.64 -33.30 -3.46
C GLN DA 61 16.63 -32.28 -2.95
N SER DA 62 16.08 -32.52 -1.76
CA SER DA 62 15.05 -31.60 -1.31
C SER DA 62 15.58 -30.20 -0.96
N ASN DA 63 16.79 -30.09 -0.45
CA ASN DA 63 17.32 -28.76 -0.20
C ASN DA 63 17.40 -27.93 -1.48
N THR DA 64 17.73 -28.57 -2.59
CA THR DA 64 17.83 -27.82 -3.84
C THR DA 64 16.47 -27.40 -4.35
N VAL DA 65 15.51 -28.30 -4.31
CA VAL DA 65 14.17 -27.93 -4.75
C VAL DA 65 13.67 -26.72 -3.97
N LYS DA 66 13.85 -26.72 -2.66
CA LYS DA 66 13.39 -25.56 -1.90
C LYS DA 66 14.07 -24.26 -2.33
N VAL DA 67 15.38 -24.30 -2.55
CA VAL DA 67 16.04 -23.04 -2.93
C VAL DA 67 15.46 -22.47 -4.21
N PHE DA 68 15.24 -23.32 -5.21
CA PHE DA 68 14.63 -22.82 -6.43
C PHE DA 68 13.24 -22.24 -6.20
N LYS DA 69 12.38 -22.93 -5.47
CA LYS DA 69 11.07 -22.34 -5.24
C LYS DA 69 11.17 -20.95 -4.62
N ASP DA 70 12.15 -20.73 -3.74
CA ASP DA 70 12.29 -19.40 -3.16
C ASP DA 70 12.70 -18.37 -4.20
N ILE DA 71 13.56 -18.77 -5.13
CA ILE DA 71 13.98 -17.82 -6.17
C ILE DA 71 12.81 -17.47 -7.08
N ASP DA 72 11.93 -18.41 -7.37
CA ASP DA 72 10.84 -18.06 -8.26
C ASP DA 72 9.79 -17.21 -7.56
N ALA DA 73 9.42 -17.55 -6.34
CA ALA DA 73 8.44 -16.74 -5.63
C ALA DA 73 8.91 -15.31 -5.46
N ALA DA 74 10.21 -15.10 -5.29
CA ALA DA 74 10.69 -13.72 -5.16
C ALA DA 74 10.55 -12.92 -6.45
N ILE DA 75 10.56 -13.55 -7.62
CA ILE DA 75 10.32 -12.81 -8.85
C ILE DA 75 8.84 -12.56 -9.05
N ILE DA 76 8.03 -13.58 -8.85
CA ILE DA 76 6.60 -13.39 -9.07
C ILE DA 76 6.04 -12.31 -8.15
N GLN DA 77 6.63 -12.14 -6.99
CA GLN DA 77 6.22 -11.04 -6.12
C GLN DA 77 6.35 -9.67 -6.76
N ASN DA 78 7.23 -9.50 -7.73
CA ASN DA 78 7.42 -8.22 -8.40
C ASN DA 78 6.54 -7.96 -9.62
N PHE DA 79 5.67 -8.88 -10.04
CA PHE DA 79 4.81 -8.53 -11.17
C PHE DA 79 3.88 -7.40 -10.80
N ARG DA 80 3.39 -7.37 -9.57
CA ARG DA 80 2.44 -6.35 -9.19
C ARG DA 80 3.12 -5.00 -9.17
N THR EA 3 37.44 -21.52 -13.62
CA THR EA 3 36.40 -21.02 -14.52
C THR EA 3 36.71 -19.60 -14.94
N PRO EA 4 36.18 -19.19 -16.10
CA PRO EA 4 36.41 -17.80 -16.53
C PRO EA 4 35.81 -16.75 -15.61
N TRP EA 5 34.52 -16.86 -15.28
CA TRP EA 5 33.87 -15.91 -14.40
C TRP EA 5 33.94 -16.37 -12.96
N SER EA 6 34.26 -15.44 -12.06
CA SER EA 6 34.41 -15.74 -10.65
C SER EA 6 33.86 -14.57 -9.84
N GLY EA 7 32.80 -14.85 -9.08
CA GLY EA 7 32.21 -13.89 -8.17
C GLY EA 7 32.98 -13.69 -6.88
N TYR EA 8 32.41 -12.82 -6.06
CA TYR EA 8 32.97 -12.52 -4.74
C TYR EA 8 32.93 -13.73 -3.82
N LEU EA 9 31.80 -14.43 -3.77
CA LEU EA 9 31.76 -15.61 -2.93
C LEU EA 9 32.73 -16.66 -3.45
N ASP EA 10 32.80 -16.84 -4.75
CA ASP EA 10 33.83 -17.70 -5.33
C ASP EA 10 35.22 -17.37 -4.81
N ASP EA 11 35.60 -16.10 -4.92
CA ASP EA 11 36.90 -15.65 -4.42
C ASP EA 11 37.11 -16.02 -2.95
N VAL EA 12 36.15 -15.68 -2.10
CA VAL EA 12 36.32 -15.98 -0.69
C VAL EA 12 36.43 -17.47 -0.46
N SER EA 13 35.68 -18.28 -1.20
CA SER EA 13 35.86 -19.72 -1.08
C SER EA 13 37.26 -20.14 -1.48
N ALA EA 14 37.71 -19.66 -2.64
CA ALA EA 14 39.01 -20.04 -3.16
C ALA EA 14 40.16 -19.61 -2.28
N LYS EA 15 39.98 -18.64 -1.40
CA LYS EA 15 41.09 -18.25 -0.54
C LYS EA 15 41.52 -19.41 0.35
N PHE EA 16 40.58 -20.24 0.79
CA PHE EA 16 40.97 -21.40 1.59
C PHE EA 16 41.68 -22.44 0.72
N ASP EA 17 41.13 -22.71 -0.46
CA ASP EA 17 41.71 -23.72 -1.33
C ASP EA 17 43.14 -23.40 -1.70
N THR EA 18 43.49 -22.12 -1.83
CA THR EA 18 44.88 -21.79 -2.05
C THR EA 18 45.65 -21.59 -0.76
N GLY EA 19 44.97 -21.47 0.38
CA GLY EA 19 45.70 -21.21 1.61
C GLY EA 19 46.22 -22.49 2.21
N VAL EA 20 45.57 -23.62 1.95
CA VAL EA 20 46.10 -24.92 2.35
C VAL EA 20 46.80 -25.53 1.14
N ASP EA 21 48.12 -25.64 1.19
CA ASP EA 21 48.88 -25.76 -0.05
C ASP EA 21 48.49 -27.00 -0.84
N ASN EA 22 48.51 -28.17 -0.20
CA ASN EA 22 48.16 -29.41 -0.89
C ASN EA 22 47.48 -30.43 0.01
N LEU EA 23 46.87 -29.98 1.10
CA LEU EA 23 46.23 -30.90 2.03
C LEU EA 23 45.31 -31.85 1.28
N GLN EA 24 44.61 -31.34 0.27
CA GLN EA 24 43.71 -32.18 -0.48
C GLN EA 24 44.39 -33.41 -1.05
N THR EA 25 45.68 -33.33 -1.31
CA THR EA 25 46.46 -34.48 -1.76
C THR EA 25 47.01 -35.28 -0.58
N GLN EA 26 47.49 -34.57 0.44
CA GLN EA 26 48.10 -35.27 1.56
C GLN EA 26 47.13 -36.24 2.22
N VAL EA 27 45.85 -35.89 2.29
CA VAL EA 27 44.92 -36.86 2.88
C VAL EA 27 44.67 -38.04 1.96
N THR EA 28 44.73 -37.84 0.66
CA THR EA 28 44.47 -38.94 -0.25
C THR EA 28 45.60 -39.95 -0.21
N GLU EA 29 46.83 -39.47 -0.25
CA GLU EA 29 47.93 -40.42 -0.23
C GLU EA 29 48.20 -40.98 1.16
N ALA EA 30 47.92 -40.23 2.23
CA ALA EA 30 48.01 -40.86 3.54
C ALA EA 30 47.02 -42.01 3.65
N LEU EA 31 45.80 -41.84 3.13
CA LEU EA 31 44.87 -42.96 3.09
C LEU EA 31 45.41 -44.12 2.26
N ASP EA 32 45.97 -43.83 1.10
CA ASP EA 32 46.54 -44.89 0.28
C ASP EA 32 47.59 -45.70 1.04
N LYS EA 33 48.42 -45.03 1.82
CA LYS EA 33 49.42 -45.75 2.63
C LYS EA 33 48.77 -46.55 3.74
N LEU EA 34 47.85 -45.94 4.49
CA LEU EA 34 47.24 -46.63 5.62
C LEU EA 34 46.41 -47.83 5.19
N ALA EA 35 45.59 -47.69 4.16
CA ALA EA 35 44.78 -48.81 3.70
C ALA EA 35 45.63 -50.01 3.33
N ALA EA 36 46.89 -49.81 2.98
CA ALA EA 36 47.77 -50.91 2.66
C ALA EA 36 48.26 -51.68 3.88
N LYS EA 37 48.24 -51.09 5.06
CA LYS EA 37 48.76 -51.73 6.28
C LYS EA 37 48.03 -51.16 7.47
N PRO EA 38 46.74 -51.49 7.61
CA PRO EA 38 45.91 -50.89 8.67
C PRO EA 38 46.39 -51.05 10.11
N SER EA 39 47.50 -51.73 10.36
CA SER EA 39 47.90 -52.00 11.74
C SER EA 39 49.18 -51.29 12.14
N ASP EA 40 49.74 -50.45 11.30
CA ASP EA 40 50.94 -49.67 11.63
C ASP EA 40 50.62 -48.42 12.44
N PRO EA 41 51.01 -48.35 13.72
CA PRO EA 41 50.72 -47.15 14.52
C PRO EA 41 51.27 -45.86 13.95
N ALA EA 42 52.40 -45.88 13.27
CA ALA EA 42 52.95 -44.65 12.72
C ALA EA 42 52.02 -44.08 11.65
N LEU EA 43 51.39 -44.96 10.90
CA LEU EA 43 50.49 -44.55 9.85
C LEU EA 43 49.16 -44.12 10.41
N LEU EA 44 48.63 -44.84 11.38
CA LEU EA 44 47.40 -44.39 12.02
C LEU EA 44 47.58 -43.02 12.66
N ALA EA 45 48.66 -42.83 13.40
CA ALA EA 45 48.89 -41.53 14.02
C ALA EA 45 49.06 -40.41 13.01
N ALA EA 46 49.59 -40.69 11.82
CA ALA EA 46 49.61 -39.65 10.79
C ALA EA 46 48.19 -39.35 10.29
N TYR EA 47 47.45 -40.41 9.98
CA TYR EA 47 46.18 -40.22 9.31
C TYR EA 47 45.19 -39.49 10.20
N GLN EA 48 45.22 -39.74 11.51
CA GLN EA 48 44.29 -39.04 12.38
C GLN EA 48 44.44 -37.53 12.24
N SER EA 49 45.68 -37.05 12.20
CA SER EA 49 45.90 -35.62 12.12
C SER EA 49 45.44 -35.08 10.78
N LYS EA 50 45.81 -35.74 9.70
CA LYS EA 50 45.47 -35.17 8.40
C LYS EA 50 43.97 -35.18 8.15
N LEU EA 51 43.28 -36.22 8.63
CA LEU EA 51 41.83 -36.23 8.49
C LEU EA 51 41.17 -35.15 9.34
N SER EA 52 41.66 -34.91 10.56
CA SER EA 52 41.04 -33.86 11.35
C SER EA 52 41.26 -32.49 10.72
N GLU EA 53 42.47 -32.21 10.24
CA GLU EA 53 42.70 -30.93 9.60
C GLU EA 53 41.77 -30.74 8.41
N TYR EA 54 41.56 -31.80 7.64
CA TYR EA 54 40.68 -31.68 6.49
C TYR EA 54 39.26 -31.39 6.91
N ASN EA 55 38.87 -31.92 8.05
CA ASN EA 55 37.51 -31.66 8.53
C ASN EA 55 37.32 -30.19 8.90
N LEU EA 56 38.22 -29.65 9.71
CA LEU EA 56 38.04 -28.26 10.13
C LEU EA 56 38.13 -27.29 8.96
N TYR EA 57 38.95 -27.60 7.97
CA TYR EA 57 39.01 -26.78 6.78
C TYR EA 57 37.69 -26.78 6.00
N ARG EA 58 37.18 -27.96 5.67
CA ARG EA 58 35.95 -27.99 4.89
C ARG EA 58 34.82 -27.33 5.63
N ASN EA 59 34.79 -27.47 6.95
CA ASN EA 59 33.67 -26.93 7.71
C ASN EA 59 33.67 -25.41 7.71
N ALA EA 60 34.77 -24.79 8.14
CA ALA EA 60 34.79 -23.34 8.21
C ALA EA 60 34.63 -22.68 6.85
N GLN EA 61 35.07 -23.33 5.77
CA GLN EA 61 34.84 -22.71 4.47
C GLN EA 61 33.36 -22.47 4.21
N SER EA 62 32.54 -23.43 4.60
CA SER EA 62 31.12 -23.33 4.27
C SER EA 62 30.41 -22.35 5.19
N ASN EA 63 30.74 -22.35 6.48
CA ASN EA 63 30.08 -21.37 7.32
C ASN EA 63 30.41 -19.95 6.87
N THR EA 64 31.64 -19.70 6.46
CA THR EA 64 31.97 -18.34 6.05
C THR EA 64 31.20 -17.92 4.82
N VAL EA 65 31.08 -18.80 3.83
CA VAL EA 65 30.31 -18.42 2.65
C VAL EA 65 28.86 -18.16 3.00
N LYS EA 66 28.28 -18.96 3.90
CA LYS EA 66 26.91 -18.71 4.32
C LYS EA 66 26.74 -17.32 4.92
N VAL EA 67 27.66 -16.92 5.79
CA VAL EA 67 27.54 -15.60 6.41
C VAL EA 67 27.62 -14.50 5.38
N PHE EA 68 28.58 -14.59 4.45
CA PHE EA 68 28.65 -13.50 3.48
C PHE EA 68 27.43 -13.47 2.58
N LYS EA 69 26.80 -14.60 2.31
CA LYS EA 69 25.59 -14.52 1.52
C LYS EA 69 24.52 -13.73 2.24
N ASP EA 70 24.33 -14.01 3.53
CA ASP EA 70 23.26 -13.33 4.25
C ASP EA 70 23.53 -11.85 4.49
N ILE EA 71 24.80 -11.46 4.61
CA ILE EA 71 25.11 -10.05 4.80
C ILE EA 71 24.54 -9.19 3.71
N ASP EA 72 24.45 -9.67 2.48
CA ASP EA 72 24.07 -8.82 1.38
C ASP EA 72 22.77 -9.23 0.73
N ALA EA 73 22.30 -10.45 0.95
CA ALA EA 73 20.90 -10.71 0.73
C ALA EA 73 20.05 -9.77 1.55
N ALA EA 74 20.53 -9.39 2.74
CA ALA EA 74 19.82 -8.37 3.49
C ALA EA 74 19.92 -6.97 2.89
N ILE EA 75 20.95 -6.66 2.12
CA ILE EA 75 21.04 -5.33 1.52
C ILE EA 75 20.15 -5.20 0.31
N ILE EA 76 20.19 -6.16 -0.60
CA ILE EA 76 19.39 -6.00 -1.82
C ILE EA 76 17.92 -6.02 -1.54
N GLN EA 77 17.51 -6.40 -0.34
CA GLN EA 77 16.13 -6.28 0.10
C GLN EA 77 15.67 -4.83 0.25
N ASN EA 78 16.59 -3.89 0.45
CA ASN EA 78 16.22 -2.49 0.61
C ASN EA 78 16.24 -1.69 -0.67
N PHE EA 79 16.52 -2.30 -1.82
CA PHE EA 79 16.51 -1.52 -3.05
C PHE EA 79 15.13 -0.98 -3.35
N ARG EA 80 14.10 -1.76 -3.07
CA ARG EA 80 12.75 -1.34 -3.40
C ARG EA 80 12.29 -0.21 -2.52
N THR FA 3 43.52 -3.23 17.90
CA THR FA 3 43.83 -2.11 18.79
C THR FA 3 43.43 -0.78 18.14
N PRO FA 4 43.91 -0.54 16.92
CA PRO FA 4 43.57 0.73 16.27
C PRO FA 4 42.08 1.02 16.30
N TRP FA 5 41.26 0.03 15.95
CA TRP FA 5 39.82 0.13 16.03
C TRP FA 5 39.23 -1.13 16.62
N SER FA 6 38.30 -0.95 17.55
CA SER FA 6 37.67 -2.06 18.23
C SER FA 6 36.25 -1.65 18.56
N GLY FA 7 35.33 -2.58 18.42
CA GLY FA 7 33.96 -2.39 18.82
C GLY FA 7 33.63 -2.90 20.21
N TYR FA 8 32.33 -2.89 20.48
CA TYR FA 8 31.82 -3.41 21.75
C TYR FA 8 32.04 -4.92 21.85
N LEU FA 9 31.78 -5.66 20.78
CA LEU FA 9 32.06 -7.09 20.82
C LEU FA 9 33.54 -7.35 21.04
N ASP FA 10 34.40 -6.60 20.36
CA ASP FA 10 35.84 -6.70 20.62
C ASP FA 10 36.17 -6.45 22.08
N ASP FA 11 35.48 -5.52 22.72
CA ASP FA 11 35.74 -5.26 24.13
C ASP FA 11 35.33 -6.44 24.99
N VAL FA 12 34.11 -6.93 24.80
CA VAL FA 12 33.66 -8.12 25.52
C VAL FA 12 34.65 -9.25 25.37
N SER FA 13 35.13 -9.47 24.15
CA SER FA 13 36.09 -10.54 23.92
C SER FA 13 37.40 -10.28 24.67
N ALA FA 14 38.01 -9.13 24.43
CA ALA FA 14 39.27 -8.79 25.10
C ALA FA 14 39.20 -8.91 26.62
N LYS FA 15 38.05 -8.67 27.22
CA LYS FA 15 38.00 -8.82 28.67
C LYS FA 15 38.31 -10.23 29.14
N PHE FA 16 38.15 -11.25 28.32
CA PHE FA 16 38.65 -12.56 28.74
C PHE FA 16 40.15 -12.69 28.48
N ASP FA 17 40.61 -12.17 27.35
CA ASP FA 17 42.01 -12.30 27.01
C ASP FA 17 42.89 -11.62 28.03
N THR FA 18 42.39 -10.58 28.69
CA THR FA 18 43.13 -10.04 29.83
C THR FA 18 42.63 -10.59 31.15
N GLY FA 19 41.48 -11.25 31.19
CA GLY FA 19 41.01 -11.77 32.45
C GLY FA 19 41.90 -12.90 32.91
N VAL FA 20 42.33 -13.75 31.98
CA VAL FA 20 43.35 -14.76 32.27
C VAL FA 20 44.72 -14.21 31.90
N ASP FA 21 45.58 -14.06 32.91
CA ASP FA 21 46.82 -13.30 32.72
C ASP FA 21 47.78 -14.00 31.78
N ASN FA 22 48.10 -15.26 32.08
CA ASN FA 22 49.19 -15.95 31.41
C ASN FA 22 48.86 -17.37 30.96
N LEU FA 23 47.63 -17.83 31.16
CA LEU FA 23 47.26 -19.19 30.77
C LEU FA 23 47.64 -19.46 29.32
N GLN FA 24 47.52 -18.44 28.49
CA GLN FA 24 47.87 -18.56 27.08
C GLN FA 24 49.29 -19.06 26.87
N THR FA 25 50.22 -18.72 27.76
CA THR FA 25 51.56 -19.28 27.64
C THR FA 25 51.73 -20.53 28.47
N GLN FA 26 51.24 -20.51 29.71
CA GLN FA 26 51.41 -21.66 30.58
C GLN FA 26 51.06 -22.96 29.88
N VAL FA 27 49.99 -22.97 29.09
CA VAL FA 27 49.58 -24.22 28.47
C VAL FA 27 50.58 -24.70 27.42
N THR FA 28 51.13 -23.79 26.64
CA THR FA 28 52.17 -24.20 25.68
C THR FA 28 53.45 -24.61 26.38
N GLU FA 29 53.79 -23.96 27.47
CA GLU FA 29 54.96 -24.35 28.25
C GLU FA 29 54.83 -25.78 28.76
N ALA FA 30 53.78 -26.03 29.54
CA ALA FA 30 53.53 -27.38 30.04
C ALA FA 30 53.49 -28.41 28.93
N LEU FA 31 52.95 -28.04 27.76
CA LEU FA 31 52.91 -28.98 26.65
C LEU FA 31 54.29 -29.55 26.32
N ASP FA 32 55.31 -28.71 26.22
CA ASP FA 32 56.61 -29.24 25.86
C ASP FA 32 57.40 -29.78 27.03
N LYS FA 33 57.16 -29.29 28.24
CA LYS FA 33 57.72 -30.00 29.39
C LYS FA 33 57.29 -31.45 29.36
N LEU FA 34 55.99 -31.68 29.19
CA LEU FA 34 55.48 -33.05 29.07
C LEU FA 34 56.08 -33.76 27.88
N ALA FA 35 56.04 -33.15 26.70
CA ALA FA 35 56.57 -33.80 25.50
C ALA FA 35 57.99 -34.29 25.69
N ALA FA 36 58.78 -33.60 26.51
CA ALA FA 36 60.14 -34.08 26.78
C ALA FA 36 60.16 -35.40 27.56
N LYS FA 37 59.12 -35.69 28.35
CA LYS FA 37 59.13 -36.85 29.24
C LYS FA 37 57.69 -37.29 29.50
N PRO FA 38 57.02 -37.80 28.49
CA PRO FA 38 55.59 -38.10 28.63
C PRO FA 38 55.21 -39.14 29.67
N SER FA 39 56.15 -39.69 30.42
CA SER FA 39 55.83 -40.71 31.41
C SER FA 39 55.86 -40.21 32.84
N ASP FA 40 56.19 -38.94 33.08
CA ASP FA 40 56.20 -38.39 34.43
C ASP FA 40 54.83 -38.05 34.99
N PRO FA 41 54.36 -38.77 36.01
CA PRO FA 41 53.05 -38.45 36.59
C PRO FA 41 52.85 -37.00 36.98
N ALA FA 42 53.85 -36.37 37.60
CA ALA FA 42 53.67 -34.98 38.00
C ALA FA 42 53.42 -34.08 36.79
N LEU FA 43 54.13 -34.33 35.70
CA LEU FA 43 53.93 -33.53 34.49
C LEU FA 43 52.56 -33.80 33.89
N LEU FA 44 52.12 -35.04 33.90
CA LEU FA 44 50.78 -35.35 33.39
C LEU FA 44 49.71 -34.61 34.17
N ALA FA 45 49.72 -34.78 35.49
CA ALA FA 45 48.74 -34.10 36.32
C ALA FA 45 48.79 -32.59 36.12
N ALA FA 46 49.98 -32.01 36.02
CA ALA FA 46 50.08 -30.57 35.77
C ALA FA 46 49.42 -30.18 34.46
N TYR FA 47 49.58 -30.99 33.42
CA TYR FA 47 49.01 -30.67 32.12
C TYR FA 47 47.49 -30.79 32.08
N GLN FA 48 46.95 -31.84 32.67
CA GLN FA 48 45.52 -32.09 32.57
C GLN FA 48 44.66 -30.91 33.03
N SER FA 49 45.05 -30.25 34.11
CA SER FA 49 44.26 -29.12 34.59
C SER FA 49 44.45 -27.87 33.76
N LYS FA 50 45.66 -27.58 33.31
CA LYS FA 50 45.84 -26.40 32.47
C LYS FA 50 45.10 -26.54 31.16
N LEU FA 51 45.09 -27.72 30.58
CA LEU FA 51 44.35 -27.90 29.34
C LEU FA 51 42.85 -27.81 29.56
N SER FA 52 42.34 -28.34 30.67
CA SER FA 52 40.92 -28.19 30.95
C SER FA 52 40.54 -26.72 31.09
N GLU FA 53 41.33 -25.96 31.85
CA GLU FA 53 41.06 -24.53 31.98
C GLU FA 53 41.13 -23.78 30.67
N TYR FA 54 42.00 -24.18 29.76
CA TYR FA 54 42.03 -23.51 28.46
C TYR FA 54 40.79 -23.82 27.65
N ASN FA 55 40.32 -25.06 27.71
CA ASN FA 55 39.10 -25.42 27.01
C ASN FA 55 37.93 -24.58 27.50
N LEU FA 56 37.69 -24.57 28.80
CA LEU FA 56 36.56 -23.81 29.32
C LEU FA 56 36.68 -22.32 29.03
N TYR FA 57 37.89 -21.78 29.06
CA TYR FA 57 38.08 -20.37 28.70
C TYR FA 57 37.60 -20.07 27.28
N ARG FA 58 37.94 -20.91 26.32
CA ARG FA 58 37.51 -20.59 24.96
C ARG FA 58 36.01 -20.78 24.76
N ASN FA 59 35.43 -21.83 25.35
CA ASN FA 59 34.00 -21.99 25.19
C ASN FA 59 33.24 -20.84 25.81
N ALA FA 60 33.59 -20.46 27.04
CA ALA FA 60 32.87 -19.38 27.68
C ALA FA 60 33.00 -18.10 26.87
N GLN FA 61 34.17 -17.86 26.29
CA GLN FA 61 34.35 -16.65 25.50
C GLN FA 61 33.41 -16.60 24.31
N SER FA 62 33.22 -17.71 23.60
CA SER FA 62 32.52 -17.59 22.32
C SER FA 62 31.00 -17.43 22.42
N ASN FA 63 30.35 -18.19 23.30
CA ASN FA 63 28.91 -18.04 23.50
C ASN FA 63 28.49 -16.62 23.86
N THR FA 64 29.27 -15.93 24.68
CA THR FA 64 28.93 -14.55 25.03
C THR FA 64 28.91 -13.64 23.81
N VAL FA 65 29.91 -13.75 22.97
CA VAL FA 65 29.92 -12.90 21.79
C VAL FA 65 28.71 -13.19 20.92
N LYS FA 66 28.28 -14.45 20.86
CA LYS FA 66 27.11 -14.73 20.04
C LYS FA 66 25.86 -14.10 20.63
N VAL FA 67 25.66 -14.23 21.94
CA VAL FA 67 24.49 -13.64 22.58
C VAL FA 67 24.39 -12.15 22.28
N PHE FA 68 25.49 -11.43 22.45
CA PHE FA 68 25.44 -10.00 22.15
C PHE FA 68 25.16 -9.72 20.69
N LYS FA 69 25.65 -10.56 19.79
CA LYS FA 69 25.30 -10.31 18.38
C LYS FA 69 23.82 -10.43 18.16
N ASP FA 70 23.18 -11.40 18.80
CA ASP FA 70 21.75 -11.57 18.59
C ASP FA 70 20.92 -10.46 19.21
N ILE FA 71 21.32 -9.93 20.35
CA ILE FA 71 20.64 -8.73 20.87
C ILE FA 71 20.75 -7.56 19.90
N ASP FA 72 21.94 -7.28 19.41
CA ASP FA 72 22.08 -6.14 18.52
C ASP FA 72 21.34 -6.32 17.19
N ALA FA 73 21.40 -7.51 16.60
CA ALA FA 73 20.62 -7.72 15.39
C ALA FA 73 19.13 -7.57 15.65
N ALA FA 74 18.65 -8.00 16.81
CA ALA FA 74 17.23 -7.84 17.10
C ALA FA 74 16.83 -6.38 17.18
N ILE FA 75 17.67 -5.53 17.77
CA ILE FA 75 17.30 -4.11 17.82
C ILE FA 75 17.37 -3.49 16.43
N ILE FA 76 18.44 -3.76 15.68
CA ILE FA 76 18.58 -3.14 14.37
C ILE FA 76 17.45 -3.53 13.44
N GLN FA 77 16.88 -4.73 13.61
CA GLN FA 77 15.77 -5.12 12.77
C GLN FA 77 14.59 -4.16 12.83
N ASN FA 78 14.41 -3.44 13.93
CA ASN FA 78 13.25 -2.58 14.07
C ASN FA 78 13.46 -1.16 13.58
N PHE FA 79 14.61 -0.81 13.03
CA PHE FA 79 14.76 0.55 12.54
C PHE FA 79 13.77 0.85 11.43
N ARG FA 80 13.48 -0.12 10.59
CA ARG FA 80 12.51 0.08 9.52
C ARG FA 80 11.12 0.18 10.09
N PRO GA 4 17.71 -5.85 46.68
CA PRO GA 4 18.20 -5.43 45.36
C PRO GA 4 17.19 -5.71 44.28
N TRP GA 5 17.42 -5.22 43.07
CA TRP GA 5 16.54 -5.55 41.95
C TRP GA 5 16.74 -6.98 41.49
N SER GA 6 15.67 -7.70 41.25
CA SER GA 6 15.80 -9.11 40.90
C SER GA 6 14.56 -9.54 40.12
N GLY GA 7 14.79 -9.96 38.89
CA GLY GA 7 13.76 -10.50 38.03
C GLY GA 7 13.20 -11.85 38.41
N TYR GA 8 12.23 -12.26 37.61
CA TYR GA 8 11.57 -13.54 37.79
C TYR GA 8 12.55 -14.70 37.66
N LEU GA 9 13.42 -14.67 36.65
CA LEU GA 9 14.44 -15.71 36.52
C LEU GA 9 15.38 -15.74 37.71
N ASP GA 10 15.79 -14.57 38.21
CA ASP GA 10 16.63 -14.55 39.40
C ASP GA 10 15.93 -15.22 40.56
N ASP GA 11 14.64 -14.99 40.70
CA ASP GA 11 13.87 -15.65 41.73
C ASP GA 11 13.86 -17.17 41.54
N VAL GA 12 13.48 -17.63 40.35
CA VAL GA 12 13.46 -19.06 40.09
C VAL GA 12 14.82 -19.70 40.28
N SER GA 13 15.89 -18.93 40.14
CA SER GA 13 17.22 -19.44 40.45
C SER GA 13 17.43 -19.56 41.96
N ALA GA 14 17.29 -18.44 42.65
CA ALA GA 14 17.48 -18.40 44.11
C ALA GA 14 16.63 -19.42 44.84
N LYS GA 15 15.52 -19.85 44.27
CA LYS GA 15 14.77 -20.92 44.91
C LYS GA 15 15.65 -22.13 45.22
N PHE GA 16 16.55 -22.51 44.31
CA PHE GA 16 17.41 -23.65 44.58
C PHE GA 16 18.45 -23.35 45.65
N ASP GA 17 19.09 -22.19 45.56
CA ASP GA 17 20.05 -21.79 46.58
C ASP GA 17 19.43 -21.89 47.97
N THR GA 18 18.36 -21.14 48.21
CA THR GA 18 17.73 -21.24 49.52
C THR GA 18 17.11 -22.59 49.78
N GLY GA 19 16.99 -23.44 48.78
CA GLY GA 19 16.42 -24.75 49.00
C GLY GA 19 17.44 -25.66 49.66
N VAL GA 20 18.61 -25.80 49.05
CA VAL GA 20 19.67 -26.63 49.61
C VAL GA 20 20.48 -25.79 50.60
N ASP GA 21 20.16 -25.94 51.88
CA ASP GA 21 20.59 -24.95 52.87
C ASP GA 21 22.09 -24.81 52.92
N ASN GA 22 22.80 -25.93 52.93
CA ASN GA 22 24.17 -26.00 53.43
C ASN GA 22 25.13 -26.76 52.51
N LEU GA 23 24.61 -27.41 51.47
CA LEU GA 23 25.43 -28.26 50.62
C LEU GA 23 26.60 -27.49 50.01
N GLN GA 24 26.37 -26.24 49.64
CA GLN GA 24 27.45 -25.42 49.10
C GLN GA 24 28.64 -25.32 50.02
N THR GA 25 28.43 -25.40 51.33
CA THR GA 25 29.56 -25.50 52.25
C THR GA 25 30.05 -26.93 52.40
N GLN GA 26 29.11 -27.85 52.64
CA GLN GA 26 29.51 -29.21 52.95
C GLN GA 26 30.42 -29.83 51.90
N VAL GA 27 30.21 -29.52 50.61
CA VAL GA 27 31.14 -30.07 49.62
C VAL GA 27 32.56 -29.57 49.78
N THR GA 28 32.73 -28.36 50.30
CA THR GA 28 34.09 -27.86 50.49
C THR GA 28 34.70 -28.42 51.75
N GLU GA 29 33.91 -28.58 52.80
CA GLU GA 29 34.49 -29.11 54.02
C GLU GA 29 34.81 -30.59 53.85
N ALA GA 30 33.95 -31.34 53.17
CA ALA GA 30 34.27 -32.73 52.87
C ALA GA 30 35.50 -32.82 51.97
N LEU GA 31 35.68 -31.87 51.06
CA LEU GA 31 36.84 -31.94 50.18
C LEU GA 31 38.12 -31.72 50.95
N ASP GA 32 38.16 -30.71 51.80
CA ASP GA 32 39.41 -30.43 52.49
C ASP GA 32 39.67 -31.35 53.68
N LYS GA 33 38.68 -32.07 54.18
CA LYS GA 33 38.98 -33.27 54.95
C LYS GA 33 39.62 -34.37 54.12
N LEU GA 34 39.00 -34.75 53.01
CA LEU GA 34 39.54 -35.83 52.19
C LEU GA 34 40.96 -35.54 51.69
N ALA GA 35 41.20 -34.32 51.24
CA ALA GA 35 42.52 -34.00 50.69
C ALA GA 35 43.63 -34.22 51.70
N ALA GA 36 43.34 -34.15 52.99
CA ALA GA 36 44.37 -34.44 53.98
C ALA GA 36 44.68 -35.92 54.09
N LYS GA 37 43.81 -36.81 53.63
CA LYS GA 37 43.99 -38.22 53.93
C LYS GA 37 43.29 -39.09 52.90
N PRO GA 38 43.77 -39.11 51.66
CA PRO GA 38 43.00 -39.70 50.56
C PRO GA 38 42.64 -41.16 50.71
N SER GA 39 43.23 -41.90 51.64
CA SER GA 39 43.06 -43.34 51.68
C SER GA 39 42.11 -43.81 52.77
N ASP GA 40 41.24 -42.93 53.29
CA ASP GA 40 40.30 -43.34 54.33
C ASP GA 40 38.93 -43.64 53.75
N PRO GA 41 38.47 -44.90 53.82
CA PRO GA 41 37.19 -45.25 53.20
C PRO GA 41 36.02 -44.42 53.69
N ALA GA 42 36.01 -44.04 54.96
CA ALA GA 42 34.89 -43.29 55.49
C ALA GA 42 34.82 -41.88 54.92
N LEU GA 43 35.97 -41.32 54.55
CA LEU GA 43 35.97 -40.02 53.90
C LEU GA 43 35.60 -40.14 52.42
N LEU GA 44 36.11 -41.16 51.76
CA LEU GA 44 35.75 -41.36 50.36
C LEU GA 44 34.26 -41.60 50.18
N ALA GA 45 33.68 -42.47 51.01
CA ALA GA 45 32.28 -42.82 50.79
C ALA GA 45 31.37 -41.62 51.00
N ALA GA 46 31.73 -40.71 51.89
CA ALA GA 46 30.91 -39.52 52.06
C ALA GA 46 31.07 -38.60 50.85
N TYR GA 47 32.32 -38.30 50.51
CA TYR GA 47 32.58 -37.35 49.44
C TYR GA 47 31.86 -37.73 48.16
N GLN GA 48 31.85 -39.01 47.83
CA GLN GA 48 31.15 -39.45 46.63
C GLN GA 48 29.70 -38.97 46.57
N SER GA 49 28.96 -39.14 47.66
CA SER GA 49 27.57 -38.73 47.68
C SER GA 49 27.40 -37.22 47.67
N LYS GA 50 28.28 -36.50 48.36
CA LYS GA 50 28.11 -35.05 48.37
C LYS GA 50 28.39 -34.46 47.00
N LEU GA 51 29.53 -34.81 46.40
CA LEU GA 51 29.85 -34.33 45.07
C LEU GA 51 28.76 -34.67 44.06
N SER GA 52 28.25 -35.90 44.05
CA SER GA 52 27.20 -36.19 43.08
C SER GA 52 25.91 -35.41 43.32
N GLU GA 53 25.58 -35.12 44.58
CA GLU GA 53 24.41 -34.29 44.84
C GLU GA 53 24.59 -32.87 44.30
N TYR GA 54 25.76 -32.30 44.54
CA TYR GA 54 26.07 -30.98 44.00
C TYR GA 54 25.95 -30.96 42.48
N ASN GA 55 26.40 -32.03 41.84
CA ASN GA 55 26.29 -32.13 40.39
C ASN GA 55 24.85 -32.00 39.92
N LEU GA 56 23.98 -32.90 40.38
CA LEU GA 56 22.58 -32.81 40.00
C LEU GA 56 21.94 -31.45 40.29
N TYR GA 57 22.25 -30.88 41.45
CA TYR GA 57 21.78 -29.54 41.79
C TYR GA 57 22.07 -28.50 40.70
N ARG GA 58 23.34 -28.34 40.33
CA ARG GA 58 23.65 -27.35 39.29
C ARG GA 58 22.99 -27.65 37.95
N ASN GA 59 22.93 -28.91 37.54
CA ASN GA 59 22.29 -29.19 36.26
C ASN GA 59 20.81 -28.82 36.26
N ALA GA 60 20.05 -29.27 37.24
CA ALA GA 60 18.62 -28.97 37.25
C ALA GA 60 18.35 -27.47 37.31
N GLN GA 61 19.16 -26.73 38.06
CA GLN GA 61 19.00 -25.28 38.08
C GLN GA 61 19.18 -24.66 36.70
N SER GA 62 20.24 -25.06 35.99
CA SER GA 62 20.50 -24.43 34.71
C SER GA 62 19.43 -24.76 33.65
N ASN GA 63 18.94 -26.00 33.65
CA ASN GA 63 17.90 -26.31 32.67
C ASN GA 63 16.59 -25.59 32.97
N THR GA 64 16.25 -25.42 34.24
CA THR GA 64 14.99 -24.71 34.51
C THR GA 64 15.06 -23.27 34.06
N VAL GA 65 16.16 -22.58 34.33
CA VAL GA 65 16.23 -21.20 33.89
C VAL GA 65 16.18 -21.10 32.38
N LYS GA 66 16.81 -22.04 31.68
CA LYS GA 66 16.76 -22.01 30.22
C LYS GA 66 15.33 -22.12 29.70
N VAL GA 67 14.53 -23.01 30.27
CA VAL GA 67 13.15 -23.16 29.78
C VAL GA 67 12.32 -21.92 30.03
N PHE GA 68 12.43 -21.30 31.20
CA PHE GA 68 11.63 -20.10 31.39
C PHE GA 68 12.07 -18.96 30.49
N LYS GA 69 13.35 -18.89 30.16
CA LYS GA 69 13.75 -17.88 29.19
C LYS GA 69 13.02 -18.10 27.88
N ASP GA 70 12.93 -19.35 27.44
CA ASP GA 70 12.39 -19.53 26.09
C ASP GA 70 10.88 -19.37 26.03
N ILE GA 71 10.17 -19.58 27.13
CA ILE GA 71 8.76 -19.18 27.16
C ILE GA 71 8.60 -17.68 27.05
N ASP GA 72 9.46 -16.91 27.70
CA ASP GA 72 9.32 -15.46 27.60
C ASP GA 72 9.64 -14.97 26.21
N ALA GA 73 10.73 -15.44 25.62
CA ALA GA 73 11.06 -14.99 24.28
C ALA GA 73 9.96 -15.34 23.29
N ALA GA 74 9.28 -16.47 23.49
CA ALA GA 74 8.18 -16.81 22.60
C ALA GA 74 7.03 -15.83 22.74
N ILE GA 75 6.73 -15.37 23.94
CA ILE GA 75 5.62 -14.42 24.04
C ILE GA 75 6.02 -13.07 23.48
N ILE GA 76 7.21 -12.59 23.80
CA ILE GA 76 7.63 -11.27 23.34
C ILE GA 76 7.70 -11.19 21.84
N GLN GA 77 7.93 -12.30 21.16
CA GLN GA 77 7.90 -12.27 19.70
C GLN GA 77 6.56 -11.92 19.09
N ASN GA 78 5.46 -12.04 19.82
CA ASN GA 78 4.15 -11.69 19.27
C ASN GA 78 3.67 -10.26 19.51
N PHE GA 79 4.37 -9.42 20.26
CA PHE GA 79 3.89 -8.05 20.36
C PHE GA 79 3.86 -7.36 19.02
N ARG GA 80 4.78 -7.71 18.13
CA ARG GA 80 4.92 -6.96 16.90
C ARG GA 80 3.75 -7.22 15.99
N THR HA 3 -9.18 -27.95 42.55
CA THR HA 3 -9.30 -29.29 41.99
C THR HA 3 -7.99 -29.76 41.35
N PRO HA 4 -7.53 -30.95 41.68
CA PRO HA 4 -6.35 -31.49 40.99
C PRO HA 4 -6.58 -31.65 39.50
N TRP HA 5 -5.89 -30.82 38.72
CA TRP HA 5 -6.02 -30.75 37.27
C TRP HA 5 -4.96 -31.59 36.60
N SER HA 6 -5.36 -32.36 35.60
CA SER HA 6 -4.44 -33.21 34.85
C SER HA 6 -4.66 -33.01 33.37
N GLY HA 7 -3.56 -32.78 32.64
CA GLY HA 7 -3.56 -32.67 31.20
C GLY HA 7 -3.50 -34.00 30.49
N TYR HA 8 -2.99 -33.94 29.25
CA TYR HA 8 -2.77 -35.13 28.44
C TYR HA 8 -1.43 -35.79 28.75
N LEU HA 9 -0.37 -35.01 28.90
CA LEU HA 9 0.91 -35.59 29.28
C LEU HA 9 0.81 -36.27 30.64
N ASP HA 10 0.11 -35.65 31.58
CA ASP HA 10 -0.15 -36.31 32.86
C ASP HA 10 -0.87 -37.63 32.69
N ASP HA 11 -1.93 -37.64 31.89
CA ASP HA 11 -2.62 -38.89 31.58
C ASP HA 11 -1.71 -39.92 30.95
N VAL HA 12 -0.67 -39.48 30.25
CA VAL HA 12 0.27 -40.41 29.65
C VAL HA 12 1.19 -41.00 30.70
N SER HA 13 1.94 -40.15 31.39
CA SER HA 13 2.86 -40.64 32.40
C SER HA 13 2.15 -41.48 33.46
N ALA HA 14 0.94 -41.08 33.86
CA ALA HA 14 0.20 -41.85 34.85
C ALA HA 14 -0.04 -43.29 34.43
N LYS HA 15 -0.15 -43.58 33.15
CA LYS HA 15 -0.34 -44.97 32.75
C LYS HA 15 0.80 -45.85 33.23
N PHE HA 16 2.03 -45.35 33.21
CA PHE HA 16 3.13 -46.17 33.72
C PHE HA 16 3.00 -46.41 35.23
N ASP HA 17 2.76 -45.36 36.00
CA ASP HA 17 2.59 -45.50 37.44
C ASP HA 17 1.53 -46.53 37.79
N THR HA 18 0.36 -46.44 37.17
CA THR HA 18 -0.63 -47.48 37.43
C THR HA 18 -0.27 -48.81 36.81
N GLY HA 19 0.53 -48.83 35.75
CA GLY HA 19 0.91 -50.08 35.13
C GLY HA 19 1.78 -50.94 36.04
N VAL HA 20 2.72 -50.33 36.73
CA VAL HA 20 3.50 -51.04 37.74
C VAL HA 20 2.81 -50.85 39.09
N ASP HA 21 2.11 -51.89 39.53
CA ASP HA 21 1.28 -51.81 40.73
C ASP HA 21 2.05 -51.37 41.96
N ASN HA 22 3.12 -52.06 42.27
CA ASN HA 22 3.78 -51.93 43.56
C ASN HA 22 5.29 -51.82 43.50
N LEU HA 23 5.88 -51.89 42.32
CA LEU HA 23 7.32 -51.79 42.18
C LEU HA 23 7.87 -50.66 43.04
N GLN HA 24 7.23 -49.49 43.00
CA GLN HA 24 7.69 -48.38 43.82
C GLN HA 24 7.95 -48.81 45.26
N THR HA 25 7.05 -49.60 45.84
CA THR HA 25 7.24 -50.07 47.20
C THR HA 25 8.29 -51.18 47.27
N GLN HA 26 8.10 -52.23 46.47
CA GLN HA 26 9.02 -53.36 46.49
C GLN HA 26 10.48 -52.93 46.49
N VAL HA 27 10.84 -51.95 45.66
CA VAL HA 27 12.23 -51.48 45.65
C VAL HA 27 12.69 -51.08 47.05
N THR HA 28 11.90 -50.28 47.74
CA THR HA 28 12.27 -49.84 49.09
C THR HA 28 12.30 -51.00 50.08
N GLU HA 29 11.37 -51.93 49.97
CA GLU HA 29 11.38 -53.07 50.87
C GLU HA 29 12.63 -53.92 50.66
N ALA HA 30 12.92 -54.28 49.41
CA ALA HA 30 14.11 -55.07 49.10
C ALA HA 30 15.37 -54.37 49.59
N LEU HA 31 15.49 -53.08 49.33
CA LEU HA 31 16.66 -52.35 49.82
C LEU HA 31 16.77 -52.41 51.32
N ASP HA 32 15.70 -52.13 52.04
CA ASP HA 32 15.76 -52.19 53.50
C ASP HA 32 16.16 -53.57 54.02
N LYS HA 33 15.68 -54.64 53.39
CA LYS HA 33 16.17 -55.96 53.76
C LYS HA 33 17.67 -56.09 53.54
N LEU HA 34 18.10 -55.94 52.29
CA LEU HA 34 19.51 -56.05 51.93
C LEU HA 34 20.41 -55.24 52.85
N ALA HA 35 20.07 -53.97 53.11
CA ALA HA 35 20.91 -53.14 53.95
C ALA HA 35 21.12 -53.75 55.34
N ALA HA 36 20.19 -54.54 55.83
CA ALA HA 36 20.41 -55.21 57.10
C ALA HA 36 21.44 -56.31 57.01
N LYS HA 37 21.54 -57.00 55.88
CA LYS HA 37 22.35 -58.21 55.75
C LYS HA 37 22.96 -58.25 54.36
N PRO HA 38 23.89 -57.35 54.07
CA PRO HA 38 24.47 -57.26 52.72
C PRO HA 38 25.35 -58.41 52.29
N SER HA 39 24.98 -59.64 52.61
CA SER HA 39 25.82 -60.78 52.35
C SER HA 39 25.05 -62.01 51.91
N ASP HA 40 23.73 -61.96 51.87
CA ASP HA 40 22.94 -63.10 51.45
C ASP HA 40 22.73 -63.06 49.94
N PRO HA 41 23.22 -64.03 49.19
CA PRO HA 41 23.04 -64.00 47.73
C PRO HA 41 21.60 -63.96 47.27
N ALA HA 42 20.65 -64.56 47.98
CA ALA HA 42 19.27 -64.47 47.51
C ALA HA 42 18.76 -63.04 47.59
N LEU HA 43 19.19 -62.33 48.62
CA LEU HA 43 18.84 -60.91 48.74
C LEU HA 43 19.51 -60.10 47.64
N LEU HA 44 20.79 -60.30 47.43
CA LEU HA 44 21.49 -59.56 46.39
C LEU HA 44 20.88 -59.81 45.01
N ALA HA 45 20.58 -61.05 44.67
CA ALA HA 45 19.99 -61.32 43.36
C ALA HA 45 18.62 -60.70 43.20
N ALA HA 46 17.84 -60.67 44.27
CA ALA HA 46 16.53 -60.03 44.19
C ALA HA 46 16.67 -58.53 43.99
N TYR HA 47 17.53 -57.90 44.77
CA TYR HA 47 17.66 -56.47 44.65
C TYR HA 47 18.23 -56.07 43.29
N GLN HA 48 19.17 -56.83 42.76
CA GLN HA 48 19.65 -56.55 41.41
C GLN HA 48 18.52 -56.56 40.39
N SER HA 49 17.66 -57.58 40.46
CA SER HA 49 16.57 -57.64 39.49
C SER HA 49 15.61 -56.47 39.63
N LYS HA 50 15.25 -56.11 40.85
CA LYS HA 50 14.23 -55.08 41.00
C LYS HA 50 14.79 -53.67 40.85
N LEU HA 51 16.05 -53.45 41.16
CA LEU HA 51 16.68 -52.18 40.80
C LEU HA 51 16.73 -51.99 39.29
N SER HA 52 17.02 -53.04 38.54
CA SER HA 52 17.10 -52.78 37.10
C SER HA 52 15.73 -52.64 36.44
N GLU HA 53 14.71 -53.36 36.91
CA GLU HA 53 13.35 -53.06 36.45
C GLU HA 53 12.93 -51.64 36.80
N TYR HA 54 13.34 -51.14 37.97
CA TYR HA 54 13.01 -49.77 38.32
C TYR HA 54 13.76 -48.77 37.45
N ASN HA 55 14.92 -49.15 36.93
CA ASN HA 55 15.64 -48.23 36.05
C ASN HA 55 14.90 -48.09 34.73
N LEU HA 56 14.69 -49.21 34.05
CA LEU HA 56 14.06 -49.16 32.74
C LEU HA 56 12.70 -48.49 32.77
N TYR HA 57 11.93 -48.71 33.84
CA TYR HA 57 10.65 -48.05 34.00
C TYR HA 57 10.72 -46.54 33.78
N ARG HA 58 11.55 -45.85 34.54
CA ARG HA 58 11.59 -44.40 34.44
C ARG HA 58 12.27 -43.87 33.19
N ASN HA 59 13.27 -44.56 32.64
CA ASN HA 59 13.74 -44.07 31.35
C ASN HA 59 12.66 -44.12 30.27
N ALA HA 60 11.95 -45.24 30.17
CA ALA HA 60 10.90 -45.31 29.17
C ALA HA 60 9.83 -44.25 29.40
N GLN HA 61 9.57 -43.93 30.66
CA GLN HA 61 8.59 -42.90 30.96
C GLN HA 61 9.03 -41.54 30.46
N SER HA 62 10.24 -41.11 30.80
CA SER HA 62 10.58 -39.73 30.46
C SER HA 62 10.78 -39.55 28.96
N ASN HA 63 11.36 -40.53 28.27
CA ASN HA 63 11.46 -40.40 26.82
C ASN HA 63 10.10 -40.29 26.15
N THR HA 64 9.15 -41.15 26.54
CA THR HA 64 7.87 -41.06 25.88
C THR HA 64 7.11 -39.79 26.24
N VAL HA 65 7.31 -39.24 27.43
CA VAL HA 65 6.70 -37.93 27.70
C VAL HA 65 7.31 -36.82 26.86
N LYS HA 66 8.60 -36.88 26.56
CA LYS HA 66 9.20 -35.85 25.71
C LYS HA 66 8.65 -35.85 24.28
N VAL HA 67 8.51 -37.02 23.67
CA VAL HA 67 8.15 -37.03 22.26
C VAL HA 67 6.79 -36.36 22.00
N PHE HA 68 5.82 -36.55 22.89
CA PHE HA 68 4.54 -35.87 22.70
C PHE HA 68 4.64 -34.36 22.84
N LYS HA 69 5.53 -33.88 23.68
CA LYS HA 69 5.74 -32.45 23.75
C LYS HA 69 6.22 -31.92 22.41
N ASP HA 70 7.13 -32.65 21.77
CA ASP HA 70 7.64 -32.15 20.50
C ASP HA 70 6.57 -32.19 19.40
N ILE HA 71 5.70 -33.19 19.40
CA ILE HA 71 4.60 -33.19 18.44
C ILE HA 71 3.65 -32.03 18.68
N ASP HA 72 3.34 -31.72 19.93
CA ASP HA 72 2.44 -30.61 20.19
C ASP HA 72 3.06 -29.28 19.79
N ALA HA 73 4.30 -29.04 20.19
CA ALA HA 73 4.92 -27.77 19.85
C ALA HA 73 4.99 -27.59 18.35
N ALA HA 74 5.24 -28.67 17.62
CA ALA HA 74 5.27 -28.57 16.16
C ALA HA 74 3.93 -28.18 15.59
N ILE HA 75 2.83 -28.76 16.09
CA ILE HA 75 1.53 -28.34 15.56
C ILE HA 75 1.21 -26.91 15.92
N ILE HA 76 1.46 -26.51 17.17
CA ILE HA 76 1.12 -25.17 17.62
C ILE HA 76 1.88 -24.10 16.84
N GLN HA 77 3.12 -24.36 16.47
CA GLN HA 77 3.87 -23.35 15.74
C GLN HA 77 3.21 -22.95 14.42
N ASN HA 78 2.40 -23.83 13.83
CA ASN HA 78 1.74 -23.51 12.57
C ASN HA 78 0.41 -22.75 12.71
N PHE HA 79 -0.06 -22.43 13.92
CA PHE HA 79 -1.30 -21.68 13.98
C PHE HA 79 -1.19 -20.32 13.32
N ARG HA 80 -0.01 -19.73 13.30
CA ARG HA 80 0.08 -18.42 12.68
C ARG HA 80 -0.25 -18.58 11.22
N ALA IA 2 -10.00 -56.69 8.37
CA ALA IA 2 -8.99 -57.62 7.92
C ALA IA 2 -7.69 -57.40 8.71
N THR IA 3 -6.58 -57.21 8.01
CA THR IA 3 -5.31 -56.99 8.70
C THR IA 3 -5.15 -55.52 9.07
N PRO IA 4 -4.47 -55.25 10.18
CA PRO IA 4 -4.26 -53.85 10.57
C PRO IA 4 -3.33 -53.11 9.63
N TRP IA 5 -3.59 -51.82 9.50
CA TRP IA 5 -2.77 -50.92 8.68
C TRP IA 5 -1.33 -50.90 9.16
N SER IA 6 -0.38 -50.88 8.21
CA SER IA 6 1.04 -50.86 8.53
C SER IA 6 1.78 -49.93 7.58
N GLY IA 7 2.66 -49.10 8.15
CA GLY IA 7 3.47 -48.17 7.39
C GLY IA 7 4.79 -48.73 6.89
N TYR IA 8 5.54 -47.85 6.20
CA TYR IA 8 6.85 -48.21 5.68
C TYR IA 8 7.82 -48.61 6.79
N LEU IA 9 7.83 -47.86 7.89
CA LEU IA 9 8.67 -48.24 9.02
C LEU IA 9 8.29 -49.61 9.57
N ASP IA 10 7.01 -49.94 9.56
CA ASP IA 10 6.60 -51.28 9.99
C ASP IA 10 7.08 -52.35 9.02
N ASP IA 11 6.98 -52.09 7.72
CA ASP IA 11 7.52 -53.05 6.77
C ASP IA 11 9.01 -53.29 6.98
N VAL IA 12 9.74 -52.24 7.33
CA VAL IA 12 11.18 -52.40 7.58
C VAL IA 12 11.40 -53.20 8.84
N SER IA 13 10.77 -52.81 9.93
CA SER IA 13 10.89 -53.57 11.17
C SER IA 13 10.53 -55.04 10.96
N ALA IA 14 9.44 -55.32 10.24
CA ALA IA 14 9.02 -56.69 10.01
C ALA IA 14 9.97 -57.49 9.13
N LYS IA 15 10.72 -56.85 8.24
CA LYS IA 15 11.65 -57.64 7.43
C LYS IA 15 12.57 -58.49 8.30
N PHE IA 16 13.23 -57.87 9.28
CA PHE IA 16 14.10 -58.62 10.18
C PHE IA 16 13.40 -59.82 10.82
N ASP IA 17 12.16 -59.64 11.27
CA ASP IA 17 11.44 -60.73 11.92
C ASP IA 17 11.12 -61.86 10.95
N THR IA 18 10.84 -61.56 9.70
CA THR IA 18 10.68 -62.65 8.75
C THR IA 18 12.00 -63.26 8.36
N GLY IA 19 13.09 -62.52 8.51
CA GLY IA 19 14.41 -63.05 8.25
C GLY IA 19 14.84 -64.09 9.26
N VAL IA 20 14.79 -63.74 10.54
CA VAL IA 20 15.07 -64.71 11.60
C VAL IA 20 13.81 -65.53 11.87
N ASP IA 21 13.64 -66.59 11.07
CA ASP IA 21 12.47 -67.45 11.10
C ASP IA 21 12.05 -67.89 12.50
N ASN IA 22 12.99 -68.41 13.28
CA ASN IA 22 12.66 -69.08 14.53
C ASN IA 22 13.45 -68.60 15.74
N LEU IA 23 14.37 -67.66 15.55
CA LEU IA 23 15.23 -67.24 16.64
C LEU IA 23 14.44 -66.93 17.90
N GLN IA 24 13.30 -66.26 17.76
CA GLN IA 24 12.50 -65.93 18.94
C GLN IA 24 12.12 -67.15 19.76
N THR IA 25 11.85 -68.28 19.12
CA THR IA 25 11.56 -69.49 19.87
C THR IA 25 12.83 -70.18 20.38
N GLN IA 26 13.78 -70.39 19.47
CA GLN IA 26 15.06 -70.99 19.87
C GLN IA 26 15.65 -70.35 21.11
N VAL IA 27 15.57 -69.02 21.22
CA VAL IA 27 16.14 -68.35 22.38
C VAL IA 27 15.40 -68.71 23.66
N THR IA 28 14.12 -69.05 23.58
CA THR IA 28 13.38 -69.44 24.76
C THR IA 28 13.71 -70.87 25.17
N GLU IA 29 13.57 -71.80 24.22
CA GLU IA 29 13.81 -73.20 24.55
C GLU IA 29 15.26 -73.45 24.95
N ALA IA 30 16.22 -72.75 24.34
CA ALA IA 30 17.59 -72.89 24.79
C ALA IA 30 17.73 -72.52 26.26
N LEU IA 31 17.04 -71.47 26.69
CA LEU IA 31 17.07 -71.04 28.08
C LEU IA 31 16.43 -72.05 29.01
N ASP IA 32 15.34 -72.67 28.61
CA ASP IA 32 14.73 -73.66 29.49
C ASP IA 32 15.53 -74.95 29.59
N LYS IA 33 16.15 -75.39 28.50
CA LYS IA 33 17.12 -76.48 28.62
C LYS IA 33 18.24 -76.10 29.57
N LEU IA 34 18.84 -74.92 29.38
CA LEU IA 34 19.97 -74.54 30.21
C LEU IA 34 19.57 -74.48 31.68
N ALA IA 35 18.48 -73.77 31.98
CA ALA IA 35 18.07 -73.58 33.36
C ALA IA 35 17.67 -74.88 34.04
N ALA IA 36 17.27 -75.91 33.27
CA ALA IA 36 17.01 -77.20 33.91
C ALA IA 36 18.28 -77.88 34.43
N LYS IA 37 19.44 -77.58 33.86
CA LYS IA 37 20.70 -78.22 34.27
C LYS IA 37 21.85 -77.26 34.04
N PRO IA 38 21.96 -76.23 34.87
CA PRO IA 38 22.83 -75.10 34.54
C PRO IA 38 24.30 -75.36 34.75
N SER IA 39 24.78 -76.54 34.33
CA SER IA 39 26.18 -76.89 34.54
C SER IA 39 26.64 -77.89 33.50
N ASP IA 40 26.04 -77.88 32.31
CA ASP IA 40 26.44 -78.72 31.20
C ASP IA 40 27.11 -77.89 30.13
N PRO IA 41 28.38 -78.12 29.81
CA PRO IA 41 29.05 -77.22 28.87
C PRO IA 41 28.48 -77.30 27.48
N ALA IA 42 27.84 -78.42 27.13
CA ALA IA 42 27.22 -78.51 25.81
C ALA IA 42 26.00 -77.61 25.72
N LEU IA 43 25.30 -77.41 26.83
CA LEU IA 43 24.16 -76.51 26.81
C LEU IA 43 24.64 -75.07 26.86
N LEU IA 44 25.72 -74.83 27.59
CA LEU IA 44 26.19 -73.47 27.78
C LEU IA 44 26.77 -72.90 26.49
N ALA IA 45 27.63 -73.66 25.81
CA ALA IA 45 28.16 -73.20 24.54
C ALA IA 45 27.07 -72.88 23.52
N ALA IA 46 25.99 -73.67 23.50
CA ALA IA 46 24.87 -73.36 22.62
C ALA IA 46 24.19 -72.05 22.99
N TYR IA 47 23.81 -71.91 24.26
CA TYR IA 47 23.15 -70.70 24.69
C TYR IA 47 23.97 -69.44 24.45
N GLN IA 48 25.28 -69.49 24.68
CA GLN IA 48 26.09 -68.31 24.37
C GLN IA 48 25.87 -67.82 22.95
N SER IA 49 25.87 -68.73 21.99
CA SER IA 49 25.67 -68.39 20.60
C SER IA 49 24.29 -67.76 20.37
N LYS IA 50 23.25 -68.50 20.72
CA LYS IA 50 21.89 -67.97 20.53
C LYS IA 50 21.68 -66.60 21.16
N LEU IA 51 22.12 -66.40 22.40
CA LEU IA 51 21.94 -65.09 23.02
C LEU IA 51 22.69 -63.98 22.29
N SER IA 52 23.89 -64.27 21.80
CA SER IA 52 24.61 -63.26 21.02
C SER IA 52 23.84 -62.88 19.75
N GLU IA 53 23.41 -63.89 19.00
CA GLU IA 53 22.60 -63.63 17.81
C GLU IA 53 21.39 -62.76 18.10
N TYR IA 54 20.67 -63.08 19.17
CA TYR IA 54 19.51 -62.28 19.53
C TYR IA 54 19.87 -60.82 19.81
N ASN IA 55 20.94 -60.60 20.56
CA ASN IA 55 21.38 -59.24 20.83
C ASN IA 55 21.64 -58.44 19.55
N LEU IA 56 22.53 -58.94 18.69
CA LEU IA 56 22.80 -58.24 17.44
C LEU IA 56 21.55 -57.99 16.61
N TYR IA 57 20.65 -58.96 16.54
CA TYR IA 57 19.42 -58.79 15.80
C TYR IA 57 18.62 -57.57 16.28
N ARG IA 58 18.22 -57.57 17.54
CA ARG IA 58 17.47 -56.43 18.07
C ARG IA 58 18.18 -55.10 17.88
N ASN IA 59 19.46 -55.07 18.18
CA ASN IA 59 20.19 -53.82 18.11
C ASN IA 59 20.32 -53.27 16.69
N ALA IA 60 20.46 -54.13 15.68
CA ALA IA 60 20.46 -53.63 14.31
C ALA IA 60 19.09 -53.14 13.86
N GLN IA 61 18.03 -53.82 14.31
CA GLN IA 61 16.69 -53.43 13.90
C GLN IA 61 16.34 -52.01 14.35
N SER IA 62 16.65 -51.68 15.60
CA SER IA 62 16.22 -50.37 16.06
C SER IA 62 16.99 -49.24 15.39
N ASN IA 63 18.30 -49.40 15.17
CA ASN IA 63 19.05 -48.32 14.53
C ASN IA 63 18.58 -48.08 13.11
N THR IA 64 18.26 -49.14 12.37
CA THR IA 64 17.77 -48.91 11.02
C THR IA 64 16.48 -48.12 11.02
N VAL IA 65 15.57 -48.45 11.93
CA VAL IA 65 14.31 -47.70 11.96
C VAL IA 65 14.55 -46.23 12.29
N LYS IA 66 15.47 -45.95 13.21
CA LYS IA 66 15.69 -44.54 13.52
C LYS IA 66 16.26 -43.75 12.35
N VAL IA 67 17.20 -44.33 11.60
CA VAL IA 67 17.73 -43.60 10.45
C VAL IA 67 16.64 -43.28 9.43
N PHE IA 68 15.75 -44.22 9.16
CA PHE IA 68 14.68 -43.88 8.23
C PHE IA 68 13.72 -42.83 8.78
N LYS IA 69 13.51 -42.79 10.09
CA LYS IA 69 12.72 -41.70 10.63
C LYS IA 69 13.38 -40.37 10.34
N ASP IA 70 14.68 -40.26 10.58
CA ASP IA 70 15.29 -38.95 10.42
C ASP IA 70 15.31 -38.49 8.97
N ILE IA 71 15.42 -39.42 8.02
CA ILE IA 71 15.31 -39.01 6.62
C ILE IA 71 13.95 -38.44 6.32
N ASP IA 72 12.89 -39.05 6.84
CA ASP IA 72 11.59 -38.52 6.48
C ASP IA 72 11.31 -37.20 7.17
N ALA IA 73 11.59 -37.10 8.47
CA ALA IA 73 11.37 -35.83 9.13
C ALA IA 73 12.15 -34.69 8.49
N ALA IA 74 13.32 -34.99 7.92
CA ALA IA 74 14.06 -33.95 7.24
C ALA IA 74 13.49 -33.61 5.87
N ILE IA 75 12.74 -34.50 5.24
CA ILE IA 75 12.09 -34.06 4.01
C ILE IA 75 10.86 -33.23 4.34
N ILE IA 76 10.06 -33.69 5.28
CA ILE IA 76 8.82 -32.99 5.59
C ILE IA 76 9.09 -31.57 6.05
N GLN IA 77 10.20 -31.37 6.76
CA GLN IA 77 10.58 -30.02 7.16
C GLN IA 77 10.70 -29.03 6.00
N ASN IA 78 10.77 -29.45 4.75
CA ASN IA 78 10.85 -28.51 3.64
C ASN IA 78 9.53 -28.20 2.94
N PHE IA 79 8.41 -28.79 3.34
CA PHE IA 79 7.18 -28.47 2.62
C PHE IA 79 6.85 -27.01 2.78
N ARG IA 80 7.08 -26.45 3.96
CA ARG IA 80 6.60 -25.12 4.26
C ARG IA 80 7.26 -24.13 3.35
N THR JA 3 29.96 -48.35 -16.50
CA THR JA 3 30.50 -48.95 -15.29
C THR JA 3 29.43 -49.03 -14.21
N PRO JA 4 29.63 -49.89 -13.21
CA PRO JA 4 28.71 -49.92 -12.07
C PRO JA 4 28.72 -48.62 -11.29
N TRP JA 5 27.54 -48.24 -10.80
CA TRP JA 5 27.38 -47.03 -10.00
C TRP JA 5 27.93 -47.18 -8.58
N SER JA 6 28.81 -46.26 -8.20
CA SER JA 6 29.37 -46.29 -6.85
C SER JA 6 29.65 -44.85 -6.48
N GLY JA 7 29.32 -44.52 -5.24
CA GLY JA 7 29.57 -43.22 -4.65
C GLY JA 7 30.98 -43.01 -4.18
N TYR JA 8 31.13 -41.95 -3.39
CA TYR JA 8 32.42 -41.61 -2.83
C TYR JA 8 32.67 -42.42 -1.56
N LEU JA 9 31.64 -42.67 -0.78
CA LEU JA 9 31.79 -43.54 0.38
C LEU JA 9 32.13 -44.97 -0.05
N ASP JA 10 31.52 -45.43 -1.14
CA ASP JA 10 31.87 -46.74 -1.69
C ASP JA 10 33.35 -46.83 -2.05
N ASP JA 11 33.90 -45.77 -2.64
CA ASP JA 11 35.32 -45.76 -2.96
C ASP JA 11 36.16 -45.82 -1.70
N VAL JA 12 35.92 -44.90 -0.78
CA VAL JA 12 36.66 -44.89 0.47
C VAL JA 12 36.59 -46.25 1.15
N SER JA 13 35.45 -46.92 1.08
CA SER JA 13 35.34 -48.24 1.66
C SER JA 13 36.17 -49.27 0.89
N ALA JA 14 36.01 -49.32 -0.43
CA ALA JA 14 36.74 -50.29 -1.25
C ALA JA 14 38.25 -50.12 -1.22
N LYS JA 15 38.76 -48.95 -0.84
CA LYS JA 15 40.19 -48.83 -0.69
C LYS JA 15 40.74 -49.91 0.23
N PHE JA 16 40.12 -50.10 1.37
CA PHE JA 16 40.57 -51.12 2.31
C PHE JA 16 40.48 -52.52 1.72
N ASP JA 17 39.33 -52.87 1.14
CA ASP JA 17 39.20 -54.20 0.54
C ASP JA 17 40.27 -54.49 -0.50
N THR JA 18 40.65 -53.50 -1.29
CA THR JA 18 41.73 -53.73 -2.24
C THR JA 18 43.12 -53.56 -1.64
N GLY JA 19 43.23 -53.06 -0.42
CA GLY JA 19 44.50 -52.97 0.25
C GLY JA 19 44.87 -54.28 0.93
N VAL JA 20 43.91 -54.88 1.62
CA VAL JA 20 44.06 -56.22 2.15
C VAL JA 20 43.73 -57.22 1.06
N ASP JA 21 44.75 -57.60 0.29
CA ASP JA 21 44.57 -58.43 -0.89
C ASP JA 21 43.77 -59.71 -0.64
N ASN JA 22 44.07 -60.42 0.43
CA ASN JA 22 43.54 -61.77 0.60
C ASN JA 22 43.17 -62.13 2.03
N LEU JA 23 43.35 -61.19 2.96
CA LEU JA 23 43.04 -61.44 4.36
C LEU JA 23 41.70 -62.11 4.56
N GLN JA 24 40.67 -61.67 3.85
CA GLN JA 24 39.36 -62.27 4.04
C GLN JA 24 39.34 -63.77 3.84
N THR JA 25 40.17 -64.30 2.94
CA THR JA 25 40.25 -65.75 2.78
C THR JA 25 41.20 -66.38 3.78
N GLN JA 26 42.40 -65.84 3.91
CA GLN JA 26 43.35 -66.39 4.87
C GLN JA 26 42.73 -66.57 6.26
N VAL JA 27 42.04 -65.55 6.76
CA VAL JA 27 41.41 -65.65 8.08
C VAL JA 27 40.42 -66.80 8.16
N THR JA 28 39.85 -67.21 7.03
CA THR JA 28 38.92 -68.34 7.05
C THR JA 28 39.66 -69.66 7.03
N GLU JA 29 40.60 -69.80 6.11
CA GLU JA 29 41.39 -71.02 6.02
C GLU JA 29 42.16 -71.31 7.31
N ALA JA 30 42.75 -70.30 7.93
CA ALA JA 30 43.42 -70.49 9.21
C ALA JA 30 42.50 -71.12 10.23
N LEU JA 31 41.26 -70.63 10.31
CA LEU JA 31 40.26 -71.21 11.20
C LEU JA 31 39.95 -72.64 10.83
N ASP JA 32 39.72 -72.90 9.55
CA ASP JA 32 39.44 -74.26 9.12
C ASP JA 32 40.52 -75.23 9.56
N LYS JA 33 41.79 -74.86 9.38
CA LYS JA 33 42.88 -75.70 9.88
C LYS JA 33 42.86 -75.85 11.39
N LEU JA 34 42.82 -74.74 12.11
CA LEU JA 34 42.80 -74.78 13.57
C LEU JA 34 41.71 -75.70 14.10
N ALA JA 35 40.48 -75.53 13.62
CA ALA JA 35 39.37 -76.36 14.07
C ALA JA 35 39.67 -77.85 13.94
N ALA JA 36 40.53 -78.24 13.02
CA ALA JA 36 40.88 -79.66 12.89
C ALA JA 36 41.73 -80.17 14.05
N LYS JA 37 42.53 -79.32 14.68
CA LYS JA 37 43.38 -79.79 15.78
C LYS JA 37 43.70 -78.65 16.73
N PRO JA 38 42.72 -78.18 17.47
CA PRO JA 38 42.92 -77.06 18.40
C PRO JA 38 44.13 -77.10 19.30
N SER JA 39 44.71 -78.25 19.56
CA SER JA 39 45.85 -78.32 20.46
C SER JA 39 47.20 -77.99 19.83
N ASP JA 40 47.30 -77.76 18.53
CA ASP JA 40 48.59 -77.40 17.95
C ASP JA 40 48.98 -75.94 18.22
N PRO JA 41 50.07 -75.70 18.96
CA PRO JA 41 50.44 -74.32 19.28
C PRO JA 41 50.80 -73.48 18.07
N ALA JA 42 51.41 -74.05 17.04
CA ALA JA 42 51.73 -73.24 15.87
C ALA JA 42 50.47 -72.72 15.20
N LEU JA 43 49.45 -73.58 15.11
CA LEU JA 43 48.17 -73.16 14.56
C LEU JA 43 47.58 -72.04 15.40
N LEU JA 44 47.51 -72.24 16.71
CA LEU JA 44 47.01 -71.18 17.59
C LEU JA 44 47.73 -69.85 17.37
N ALA JA 45 49.05 -69.88 17.39
CA ALA JA 45 49.85 -68.68 17.19
C ALA JA 45 49.51 -67.98 15.88
N ALA JA 46 49.47 -68.71 14.78
CA ALA JA 46 49.09 -68.07 13.51
C ALA JA 46 47.72 -67.44 13.57
N TYR JA 47 46.72 -68.23 13.96
CA TYR JA 47 45.35 -67.73 13.99
C TYR JA 47 45.20 -66.47 14.83
N GLN JA 48 45.84 -66.41 15.99
CA GLN JA 48 45.75 -65.19 16.80
C GLN JA 48 46.09 -63.93 16.00
N SER JA 49 47.21 -63.94 15.30
CA SER JA 49 47.62 -62.77 14.52
C SER JA 49 46.64 -62.47 13.40
N LYS JA 50 46.16 -63.50 12.72
CA LYS JA 50 45.21 -63.23 11.63
C LYS JA 50 43.91 -62.62 12.14
N LEU JA 51 43.30 -63.23 13.14
CA LEU JA 51 42.08 -62.66 13.72
C LEU JA 51 42.28 -61.22 14.17
N SER JA 52 43.37 -60.92 14.86
CA SER JA 52 43.63 -59.55 15.28
C SER JA 52 43.70 -58.58 14.11
N GLU JA 53 44.36 -58.97 13.03
CA GLU JA 53 44.43 -58.08 11.88
C GLU JA 53 43.05 -57.85 11.26
N TYR JA 54 42.24 -58.89 11.15
CA TYR JA 54 40.90 -58.70 10.61
C TYR JA 54 40.08 -57.75 11.47
N ASN JA 55 40.20 -57.87 12.79
CA ASN JA 55 39.53 -56.97 13.70
C ASN JA 55 39.85 -55.50 13.43
N LEU JA 56 41.14 -55.17 13.43
CA LEU JA 56 41.51 -53.78 13.21
C LEU JA 56 41.09 -53.27 11.84
N TYR JA 57 41.17 -54.12 10.83
CA TYR JA 57 40.73 -53.73 9.49
C TYR JA 57 39.26 -53.29 9.47
N ARG JA 58 38.38 -54.11 10.03
CA ARG JA 58 36.97 -53.70 10.06
C ARG JA 58 36.73 -52.42 10.87
N ASN JA 59 37.43 -52.26 11.99
CA ASN JA 59 37.22 -51.04 12.77
C ASN JA 59 37.57 -49.78 12.00
N ALA JA 60 38.81 -49.68 11.54
CA ALA JA 60 39.20 -48.50 10.77
C ALA JA 60 38.29 -48.25 9.59
N GLN JA 61 37.91 -49.31 8.88
CA GLN JA 61 37.02 -49.15 7.74
C GLN JA 61 35.71 -48.47 8.12
N SER JA 62 35.13 -48.84 9.25
CA SER JA 62 33.85 -48.23 9.63
C SER JA 62 33.99 -46.78 10.11
N ASN JA 63 34.91 -46.53 11.04
CA ASN JA 63 35.05 -45.15 11.52
C ASN JA 63 35.33 -44.14 10.42
N THR JA 64 36.12 -44.50 9.41
CA THR JA 64 36.39 -43.52 8.36
C THR JA 64 35.12 -43.15 7.58
N VAL JA 65 34.34 -44.14 7.20
CA VAL JA 65 33.09 -43.87 6.51
C VAL JA 65 32.21 -42.93 7.32
N LYS JA 66 32.14 -43.15 8.63
CA LYS JA 66 31.33 -42.25 9.45
C LYS JA 66 31.81 -40.81 9.36
N VAL JA 67 33.11 -40.58 9.44
CA VAL JA 67 33.58 -39.21 9.43
C VAL JA 67 33.31 -38.53 8.10
N PHE JA 68 33.45 -39.24 6.99
CA PHE JA 68 33.09 -38.56 5.75
C PHE JA 68 31.60 -38.32 5.61
N LYS JA 69 30.76 -39.15 6.22
CA LYS JA 69 29.33 -38.85 6.17
C LYS JA 69 29.04 -37.55 6.88
N ASP JA 70 29.70 -37.32 8.01
CA ASP JA 70 29.42 -36.09 8.74
C ASP JA 70 29.95 -34.87 8.01
N ILE JA 71 31.13 -34.96 7.41
CA ILE JA 71 31.60 -33.80 6.67
C ILE JA 71 30.65 -33.43 5.55
N ASP JA 72 30.05 -34.43 4.89
CA ASP JA 72 29.09 -34.12 3.84
C ASP JA 72 27.82 -33.46 4.38
N ALA JA 73 27.18 -34.11 5.36
CA ALA JA 73 25.96 -33.56 5.93
C ALA JA 73 26.12 -32.12 6.39
N ALA JA 74 27.27 -31.78 6.98
CA ALA JA 74 27.45 -30.40 7.41
C ALA JA 74 27.35 -29.42 6.25
N ILE JA 75 27.91 -29.76 5.09
CA ILE JA 75 27.83 -28.84 3.96
C ILE JA 75 26.41 -28.78 3.44
N ILE JA 76 25.81 -29.94 3.21
CA ILE JA 76 24.45 -29.97 2.67
C ILE JA 76 23.53 -29.08 3.48
N GLN JA 77 23.66 -29.11 4.81
CA GLN JA 77 22.80 -28.28 5.64
C GLN JA 77 22.83 -26.81 5.26
N ASN JA 78 23.96 -26.28 4.80
CA ASN JA 78 24.05 -24.84 4.53
C ASN JA 78 23.50 -24.41 3.18
N PHE JA 79 23.05 -25.30 2.30
CA PHE JA 79 22.50 -24.80 1.04
C PHE JA 79 21.43 -23.75 1.28
N ARG JA 80 20.55 -23.98 2.23
CA ARG JA 80 19.43 -23.07 2.47
C ARG JA 80 19.91 -21.76 3.04
N ALA KA 2 58.39 -26.69 -1.88
CA ALA KA 2 59.14 -26.45 -0.65
C ALA KA 2 58.72 -27.46 0.42
N THR KA 3 58.92 -27.10 1.68
CA THR KA 3 58.43 -27.93 2.77
C THR KA 3 56.92 -28.13 2.63
N PRO KA 4 56.41 -29.31 2.97
CA PRO KA 4 54.97 -29.54 2.88
C PRO KA 4 54.21 -28.76 3.94
N TRP KA 5 53.00 -28.33 3.56
CA TRP KA 5 52.18 -27.54 4.46
C TRP KA 5 51.74 -28.36 5.67
N SER KA 6 51.57 -27.67 6.80
CA SER KA 6 51.33 -28.34 8.08
C SER KA 6 50.52 -27.44 9.00
N GLY KA 7 49.38 -27.92 9.46
CA GLY KA 7 48.48 -27.12 10.28
C GLY KA 7 48.92 -27.00 11.72
N TYR KA 8 47.98 -26.57 12.55
CA TYR KA 8 48.24 -26.49 13.99
C TYR KA 8 48.21 -27.87 14.65
N LEU KA 9 47.29 -28.72 14.23
CA LEU KA 9 47.22 -30.03 14.88
C LEU KA 9 48.45 -30.85 14.54
N ASP KA 10 48.90 -30.76 13.30
CA ASP KA 10 50.12 -31.43 12.90
C ASP KA 10 51.27 -31.04 13.81
N ASP KA 11 51.32 -29.77 14.21
CA ASP KA 11 52.41 -29.28 15.04
C ASP KA 11 52.31 -29.79 16.46
N VAL KA 12 51.12 -29.75 17.02
CA VAL KA 12 50.91 -30.36 18.33
C VAL KA 12 51.23 -31.85 18.33
N SER KA 13 50.99 -32.55 17.24
CA SER KA 13 51.41 -33.94 17.17
C SER KA 13 52.92 -34.09 17.08
N ALA KA 14 53.54 -33.39 16.13
CA ALA KA 14 54.97 -33.49 15.89
C ALA KA 14 55.83 -33.02 17.06
N LYS KA 15 55.30 -32.21 17.98
CA LYS KA 15 56.06 -31.93 19.18
C LYS KA 15 56.39 -33.19 19.98
N PHE KA 16 55.60 -34.23 19.87
CA PHE KA 16 56.01 -35.49 20.48
C PHE KA 16 57.06 -36.20 19.64
N ASP KA 17 56.84 -36.32 18.35
CA ASP KA 17 57.79 -37.05 17.53
C ASP KA 17 59.17 -36.40 17.55
N THR KA 18 59.27 -35.11 17.85
CA THR KA 18 60.57 -34.48 18.05
C THR KA 18 60.95 -34.36 19.51
N GLY KA 19 60.07 -34.75 20.42
CA GLY KA 19 60.41 -34.71 21.82
C GLY KA 19 61.04 -36.01 22.28
N VAL KA 20 60.39 -37.14 21.97
CA VAL KA 20 61.01 -38.45 22.18
C VAL KA 20 62.00 -38.71 21.06
N ASP KA 21 63.30 -38.58 21.37
CA ASP KA 21 64.30 -38.34 20.35
C ASP KA 21 64.39 -39.48 19.33
N ASN KA 22 64.38 -40.72 19.81
CA ASN KA 22 64.58 -41.85 18.91
C ASN KA 22 63.88 -43.12 19.39
N LEU KA 23 62.89 -42.98 20.24
CA LEU KA 23 62.22 -44.13 20.82
C LEU KA 23 61.72 -45.06 19.74
N GLN KA 24 61.23 -44.51 18.64
CA GLN KA 24 60.73 -45.33 17.54
C GLN KA 24 61.79 -46.24 16.94
N THR KA 25 63.06 -45.85 16.98
CA THR KA 25 64.11 -46.77 16.57
C THR KA 25 64.49 -47.72 17.70
N GLN KA 26 64.65 -47.18 18.90
CA GLN KA 26 65.05 -48.00 20.04
C GLN KA 26 64.16 -49.21 20.25
N VAL KA 27 62.84 -49.06 20.07
CA VAL KA 27 61.95 -50.20 20.24
C VAL KA 27 62.22 -51.31 19.23
N THR KA 28 62.48 -50.95 17.98
CA THR KA 28 62.76 -52.00 17.00
C THR KA 28 64.11 -52.65 17.22
N GLU KA 29 65.09 -51.89 17.72
CA GLU KA 29 66.35 -52.51 18.10
C GLU KA 29 66.17 -53.48 19.25
N ALA KA 30 65.43 -53.08 20.28
CA ALA KA 30 65.25 -53.95 21.42
C ALA KA 30 64.51 -55.23 21.04
N LEU KA 31 63.54 -55.13 20.15
CA LEU KA 31 62.84 -56.32 19.69
C LEU KA 31 63.73 -57.23 18.84
N ASP KA 32 64.54 -56.66 17.95
CA ASP KA 32 65.45 -57.48 17.16
C ASP KA 32 66.50 -58.17 18.02
N LYS KA 33 66.94 -57.55 19.10
CA LYS KA 33 67.83 -58.25 20.01
C LYS KA 33 67.12 -59.33 20.82
N LEU KA 34 65.94 -59.03 21.35
CA LEU KA 34 65.23 -60.03 22.14
C LEU KA 34 64.87 -61.26 21.30
N ALA KA 35 64.35 -61.06 20.09
CA ALA KA 35 63.99 -62.22 19.27
C ALA KA 35 65.18 -63.12 19.00
N ALA KA 36 66.40 -62.63 19.18
CA ALA KA 36 67.58 -63.47 18.97
C ALA KA 36 67.70 -64.53 20.05
N LYS KA 37 67.41 -64.16 21.29
CA LYS KA 37 67.57 -65.06 22.44
C LYS KA 37 66.56 -64.69 23.50
N PRO KA 38 65.31 -65.14 23.35
CA PRO KA 38 64.24 -64.74 24.28
C PRO KA 38 64.50 -65.03 25.75
N SER KA 39 65.48 -65.85 26.11
CA SER KA 39 65.62 -66.28 27.50
C SER KA 39 66.70 -65.52 28.26
N ASP KA 40 67.14 -64.37 27.76
CA ASP KA 40 68.08 -63.53 28.50
C ASP KA 40 67.37 -62.56 29.44
N PRO KA 41 67.51 -62.72 30.76
CA PRO KA 41 66.86 -61.78 31.68
C PRO KA 41 67.15 -60.32 31.39
N ALA KA 42 68.38 -59.98 30.99
CA ALA KA 42 68.68 -58.56 30.80
C ALA KA 42 68.01 -58.02 29.57
N LEU KA 43 67.71 -58.87 28.61
CA LEU KA 43 67.03 -58.43 27.41
C LEU KA 43 65.54 -58.29 27.66
N LEU KA 44 64.94 -59.24 28.36
CA LEU KA 44 63.54 -59.05 28.72
C LEU KA 44 63.35 -57.81 29.59
N ALA KA 45 64.22 -57.62 30.58
CA ALA KA 45 64.14 -56.43 31.43
C ALA KA 45 64.33 -55.16 30.64
N ALA KA 46 65.16 -55.19 29.62
CA ALA KA 46 65.34 -54.00 28.79
C ALA KA 46 64.11 -53.72 27.94
N TYR KA 47 63.53 -54.75 27.36
CA TYR KA 47 62.42 -54.55 26.44
C TYR KA 47 61.14 -54.10 27.14
N GLN KA 48 60.88 -54.59 28.34
CA GLN KA 48 59.67 -54.17 29.05
C GLN KA 48 59.55 -52.65 29.17
N SER KA 49 60.64 -51.97 29.50
CA SER KA 49 60.62 -50.51 29.65
C SER KA 49 60.36 -49.78 28.35
N LYS KA 50 61.07 -50.14 27.28
CA LYS KA 50 60.84 -49.49 26.01
C LYS KA 50 59.42 -49.67 25.52
N LEU KA 51 58.89 -50.89 25.61
CA LEU KA 51 57.53 -51.10 25.17
C LEU KA 51 56.53 -50.27 25.97
N SER KA 52 56.68 -50.21 27.29
CA SER KA 52 55.76 -49.39 28.08
C SER KA 52 55.84 -47.90 27.73
N GLU KA 53 57.06 -47.37 27.63
CA GLU KA 53 57.22 -45.98 27.22
C GLU KA 53 56.57 -45.69 25.89
N TYR KA 54 56.76 -46.57 24.91
CA TYR KA 54 56.14 -46.38 23.60
C TYR KA 54 54.63 -46.32 23.69
N ASN KA 55 54.03 -47.26 24.41
CA ASN KA 55 52.59 -47.24 24.61
C ASN KA 55 52.09 -45.90 25.14
N LEU KA 56 52.63 -45.46 26.28
CA LEU KA 56 52.22 -44.19 26.86
C LEU KA 56 52.39 -43.02 25.88
N TYR KA 57 53.51 -42.98 25.18
CA TYR KA 57 53.73 -41.91 24.22
C TYR KA 57 52.61 -41.82 23.18
N ARG KA 58 52.26 -42.94 22.57
CA ARG KA 58 51.18 -42.87 21.58
C ARG KA 58 49.82 -42.50 22.17
N ASN KA 59 49.53 -42.92 23.40
CA ASN KA 59 48.28 -42.50 24.02
C ASN KA 59 48.21 -41.00 24.24
N ALA KA 60 49.21 -40.42 24.88
CA ALA KA 60 49.18 -39.00 25.17
C ALA KA 60 49.08 -38.18 23.90
N GLN KA 61 49.79 -38.60 22.85
CA GLN KA 61 49.70 -37.90 21.58
C GLN KA 61 48.28 -37.87 21.04
N SER KA 62 47.65 -39.02 20.86
CA SER KA 62 46.35 -38.99 20.20
C SER KA 62 45.27 -38.34 21.05
N ASN KA 63 45.26 -38.56 22.37
CA ASN KA 63 44.28 -37.84 23.18
C ASN KA 63 44.41 -36.32 23.08
N THR KA 64 45.64 -35.81 23.00
CA THR KA 64 45.76 -34.35 22.92
C THR KA 64 45.26 -33.83 21.58
N VAL KA 65 45.52 -34.57 20.50
CA VAL KA 65 44.99 -34.10 19.22
C VAL KA 65 43.47 -34.08 19.23
N LYS KA 66 42.84 -35.08 19.84
CA LYS KA 66 41.38 -35.04 19.86
C LYS KA 66 40.85 -33.85 20.62
N VAL KA 67 41.45 -33.55 21.78
CA VAL KA 67 40.92 -32.45 22.58
C VAL KA 67 40.97 -31.15 21.80
N PHE KA 68 42.10 -30.86 21.14
CA PHE KA 68 42.08 -29.63 20.35
C PHE KA 68 41.07 -29.67 19.21
N LYS KA 69 40.83 -30.83 18.61
CA LYS KA 69 39.87 -30.81 17.51
C LYS KA 69 38.47 -30.49 18.01
N ASP KA 70 38.22 -30.77 19.27
CA ASP KA 70 36.91 -30.49 19.83
C ASP KA 70 36.81 -29.05 20.31
N ILE KA 71 37.93 -28.45 20.71
CA ILE KA 71 37.85 -27.04 21.07
C ILE KA 71 37.66 -26.20 19.82
N ASP KA 72 38.20 -26.63 18.69
CA ASP KA 72 38.04 -25.83 17.47
C ASP KA 72 36.63 -25.94 16.90
N ALA KA 73 36.08 -27.15 16.83
CA ALA KA 73 34.76 -27.26 16.20
C ALA KA 73 33.70 -26.44 16.92
N ALA KA 74 33.82 -26.27 18.23
CA ALA KA 74 32.84 -25.51 18.98
C ALA KA 74 32.89 -24.01 18.69
N ILE KA 75 34.05 -23.49 18.30
CA ILE KA 75 34.08 -22.10 17.87
C ILE KA 75 33.56 -22.00 16.45
N ILE KA 76 33.97 -22.92 15.58
CA ILE KA 76 33.56 -22.79 14.19
C ILE KA 76 32.05 -22.86 14.07
N GLN KA 77 31.39 -23.55 15.00
CA GLN KA 77 29.94 -23.62 14.94
C GLN KA 77 29.24 -22.30 15.25
N ASN KA 78 29.85 -21.42 16.03
CA ASN KA 78 29.23 -20.13 16.32
C ASN KA 78 29.36 -19.10 15.22
N PHE KA 79 30.01 -19.39 14.10
CA PHE KA 79 30.05 -18.37 13.05
C PHE KA 79 28.66 -18.10 12.51
N ARG KA 80 27.80 -19.10 12.50
CA ARG KA 80 26.46 -18.94 11.96
C ARG KA 80 25.58 -18.25 12.98
N THR LA 3 52.02 -18.08 42.10
CA THR LA 3 51.67 -18.51 40.75
C THR LA 3 51.19 -17.31 39.94
N PRO LA 4 51.54 -17.26 38.65
CA PRO LA 4 51.01 -16.18 37.83
C PRO LA 4 49.50 -16.18 37.70
N TRP LA 5 48.87 -17.34 37.55
CA TRP LA 5 47.43 -17.38 37.40
C TRP LA 5 46.94 -18.77 37.77
N SER LA 6 45.81 -18.86 38.45
CA SER LA 6 45.32 -20.16 38.90
C SER LA 6 43.80 -20.20 38.87
N GLY LA 7 43.25 -21.05 38.00
CA GLY LA 7 41.82 -21.27 37.96
C GLY LA 7 41.29 -22.12 39.08
N TYR LA 8 39.97 -22.20 39.12
CA TYR LA 8 39.30 -23.02 40.12
C TYR LA 8 39.78 -24.47 40.12
N LEU LA 9 39.96 -25.05 38.93
CA LEU LA 9 40.48 -26.41 38.84
C LEU LA 9 41.88 -26.51 39.44
N ASP LA 10 42.73 -25.53 39.17
CA ASP LA 10 44.04 -25.52 39.79
C ASP LA 10 43.92 -25.48 41.31
N ASP LA 11 43.04 -24.62 41.82
CA ASP LA 11 42.82 -24.57 43.26
C ASP LA 11 42.44 -25.96 43.81
N VAL LA 12 41.57 -26.67 43.10
CA VAL LA 12 41.19 -28.02 43.54
C VAL LA 12 42.40 -28.94 43.56
N SER LA 13 43.20 -28.95 42.50
CA SER LA 13 44.37 -29.82 42.47
C SER LA 13 45.35 -29.46 43.58
N ALA LA 14 45.60 -28.17 43.75
CA ALA LA 14 46.53 -27.73 44.78
C ALA LA 14 46.05 -28.14 46.17
N LYS LA 15 44.73 -28.23 46.38
CA LYS LA 15 44.30 -28.73 47.68
C LYS LA 15 44.88 -30.10 47.99
N PHE LA 16 44.85 -31.02 47.03
CA PHE LA 16 45.50 -32.32 47.21
C PHE LA 16 47.00 -32.19 47.43
N ASP LA 17 47.67 -31.42 46.58
CA ASP LA 17 49.12 -31.30 46.75
C ASP LA 17 49.48 -30.78 48.13
N THR LA 18 48.93 -29.63 48.53
CA THR LA 18 49.27 -29.15 49.86
C THR LA 18 48.67 -30.02 50.95
N GLY LA 19 47.70 -30.87 50.61
CA GLY LA 19 47.09 -31.72 51.61
C GLY LA 19 47.94 -32.90 52.01
N VAL LA 20 48.83 -33.33 51.12
CA VAL LA 20 49.79 -34.38 51.48
C VAL LA 20 51.15 -33.71 51.63
N ASP LA 21 51.70 -33.77 52.85
CA ASP LA 21 52.81 -32.90 53.19
C ASP LA 21 54.02 -33.18 52.31
N ASN LA 22 54.54 -34.40 52.39
CA ASN LA 22 55.87 -34.69 51.90
C ASN LA 22 55.95 -36.04 51.18
N LEU LA 23 54.79 -36.66 50.93
CA LEU LA 23 54.76 -37.98 50.31
C LEU LA 23 55.54 -38.01 49.00
N GLN LA 24 55.48 -36.91 48.24
CA GLN LA 24 56.24 -36.81 47.01
C GLN LA 24 57.70 -37.20 47.20
N THR LA 25 58.35 -36.69 48.25
CA THR LA 25 59.74 -37.06 48.44
C THR LA 25 59.88 -38.36 49.20
N GLN LA 26 58.97 -38.64 50.12
CA GLN LA 26 59.09 -39.84 50.92
C GLN LA 26 59.22 -41.07 50.03
N VAL LA 27 58.33 -41.17 49.02
CA VAL LA 27 58.40 -42.28 48.08
C VAL LA 27 59.72 -42.29 47.32
N THR LA 28 60.23 -41.12 46.96
CA THR LA 28 61.50 -41.03 46.24
C THR LA 28 62.64 -41.58 47.06
N GLU LA 29 62.73 -41.17 48.32
CA GLU LA 29 63.79 -41.66 49.20
C GLU LA 29 63.64 -43.16 49.45
N ALA LA 30 62.43 -43.62 49.76
CA ALA LA 30 62.22 -45.04 49.98
C ALA LA 30 62.69 -45.88 48.80
N LEU LA 31 62.45 -45.41 47.57
CA LEU LA 31 62.93 -46.14 46.41
C LEU LA 31 64.44 -46.34 46.43
N ASP LA 32 65.21 -45.28 46.69
CA ASP LA 32 66.66 -45.40 46.72
C ASP LA 32 67.16 -46.29 47.85
N LYS LA 33 66.57 -46.14 49.03
CA LYS LA 33 66.92 -47.05 50.11
C LYS LA 33 66.72 -48.50 49.68
N LEU LA 34 65.51 -48.84 49.25
CA LEU LA 34 65.25 -50.22 48.84
C LEU LA 34 66.20 -50.66 47.73
N ALA LA 35 66.48 -49.79 46.76
CA ALA LA 35 67.42 -50.13 45.71
C ALA LA 35 68.80 -50.46 46.27
N ALA LA 36 69.13 -49.94 47.45
CA ALA LA 36 70.43 -50.27 48.02
C ALA LA 36 70.46 -51.68 48.62
N LYS LA 37 69.35 -52.20 49.12
CA LYS LA 37 69.28 -53.52 49.76
C LYS LA 37 67.98 -54.20 49.39
N PRO LA 38 67.82 -54.60 48.13
CA PRO LA 38 66.52 -55.11 47.68
C PRO LA 38 66.00 -56.30 48.45
N SER LA 39 66.75 -56.86 49.39
CA SER LA 39 66.35 -58.06 50.11
C SER LA 39 66.10 -57.85 51.60
N ASP LA 40 65.99 -56.60 52.08
CA ASP LA 40 65.62 -56.39 53.48
C ASP LA 40 64.11 -56.28 53.67
N PRO LA 41 63.50 -57.17 54.46
CA PRO LA 41 62.05 -57.12 54.65
C PRO LA 41 61.52 -55.79 55.14
N ALA LA 42 62.26 -55.08 55.99
CA ALA LA 42 61.76 -53.82 56.51
C ALA LA 42 61.63 -52.79 55.40
N LEU LA 43 62.65 -52.68 54.57
CA LEU LA 43 62.60 -51.73 53.47
C LEU LA 43 61.49 -52.10 52.50
N LEU LA 44 61.30 -53.38 52.24
CA LEU LA 44 60.18 -53.78 51.39
C LEU LA 44 58.85 -53.36 51.99
N ALA LA 45 58.61 -53.70 53.25
CA ALA LA 45 57.31 -53.39 53.87
C ALA LA 45 57.06 -51.90 53.92
N ALA LA 46 58.12 -51.09 53.98
CA ALA LA 46 57.94 -49.65 53.93
C ALA LA 46 57.53 -49.18 52.53
N TYR LA 47 58.26 -49.62 51.53
CA TYR LA 47 57.99 -49.16 50.18
C TYR LA 47 56.62 -49.59 49.68
N GLN LA 48 56.18 -50.82 50.00
CA GLN LA 48 54.84 -51.21 49.60
C GLN LA 48 53.78 -50.20 50.03
N SER LA 49 53.87 -49.73 51.26
CA SER LA 49 52.92 -48.76 51.80
C SER LA 49 53.02 -47.42 51.09
N LYS LA 50 54.21 -46.85 51.04
CA LYS LA 50 54.34 -45.56 50.37
C LYS LA 50 53.85 -45.60 48.94
N LEU LA 51 54.21 -46.63 48.18
CA LEU LA 51 53.77 -46.66 46.79
C LEU LA 51 52.27 -46.83 46.64
N SER LA 52 51.64 -47.62 47.51
CA SER LA 52 50.18 -47.70 47.47
C SER LA 52 49.52 -46.34 47.73
N GLU LA 53 49.94 -45.69 48.81
CA GLU LA 53 49.44 -44.35 49.12
C GLU LA 53 49.58 -43.39 47.95
N TYR LA 54 50.75 -43.36 47.33
CA TYR LA 54 50.96 -42.50 46.17
C TYR LA 54 49.97 -42.80 45.05
N ASN LA 55 49.79 -44.07 44.74
CA ASN LA 55 48.83 -44.46 43.71
C ASN LA 55 47.43 -43.89 43.96
N LEU LA 56 46.92 -44.10 45.17
CA LEU LA 56 45.58 -43.58 45.48
C LEU LA 56 45.52 -42.06 45.42
N TYR LA 57 46.56 -41.39 45.90
CA TYR LA 57 46.60 -39.94 45.81
C TYR LA 57 46.42 -39.47 44.38
N ARG LA 58 47.22 -39.98 43.45
CA ARG LA 58 47.08 -39.55 42.06
C ARG LA 58 45.71 -39.87 41.47
N ASN LA 59 45.15 -41.03 41.77
CA ASN LA 59 43.83 -41.35 41.21
C ASN LA 59 42.75 -40.38 41.69
N ALA LA 60 42.61 -40.26 43.00
CA ALA LA 60 41.63 -39.32 43.54
C ALA LA 60 41.83 -37.93 42.97
N GLN LA 61 43.08 -37.47 42.88
CA GLN LA 61 43.34 -36.16 42.31
C GLN LA 61 42.76 -36.03 40.91
N SER LA 62 43.08 -36.96 40.02
CA SER LA 62 42.69 -36.78 38.63
C SER LA 62 41.20 -36.95 38.37
N ASN LA 63 40.47 -37.76 39.14
CA ASN LA 63 39.05 -37.90 38.81
C ASN LA 63 38.22 -36.66 39.15
N THR LA 64 38.52 -36.02 40.28
CA THR LA 64 37.77 -34.84 40.69
C THR LA 64 37.81 -33.73 39.66
N VAL LA 65 39.00 -33.42 39.15
CA VAL LA 65 39.13 -32.39 38.13
C VAL LA 65 38.19 -32.65 36.96
N LYS LA 66 38.05 -33.91 36.56
CA LYS LA 66 37.16 -34.20 35.45
C LYS LA 66 35.71 -33.90 35.82
N VAL LA 67 35.27 -34.36 36.99
CA VAL LA 67 33.89 -34.07 37.39
C VAL LA 67 33.59 -32.57 37.33
N PHE LA 68 34.44 -31.78 37.96
CA PHE LA 68 34.24 -30.34 37.89
C PHE LA 68 34.30 -29.79 36.49
N LYS LA 69 35.09 -30.38 35.59
CA LYS LA 69 35.06 -29.89 34.22
C LYS LA 69 33.70 -30.11 33.59
N ASP LA 70 33.13 -31.29 33.79
CA ASP LA 70 31.84 -31.57 33.15
C ASP LA 70 30.72 -30.68 33.68
N ILE LA 71 30.75 -30.35 34.97
CA ILE LA 71 29.70 -29.44 35.48
C ILE LA 71 29.76 -28.09 34.79
N ASP LA 72 30.95 -27.53 34.66
CA ASP LA 72 31.10 -26.24 33.99
C ASP LA 72 30.70 -26.31 32.54
N ALA LA 73 31.20 -27.31 31.82
CA ALA LA 73 30.81 -27.45 30.42
C ALA LA 73 29.30 -27.49 30.25
N ALA LA 74 28.60 -28.21 31.13
CA ALA LA 74 27.15 -28.24 31.04
C ALA LA 74 26.52 -26.87 31.25
N ILE LA 75 26.97 -26.12 32.24
CA ILE LA 75 26.41 -24.77 32.43
C ILE LA 75 26.70 -23.88 31.23
N ILE LA 76 27.96 -23.81 30.81
CA ILE LA 76 28.33 -22.97 29.68
C ILE LA 76 27.50 -23.28 28.46
N GLN LA 77 27.14 -24.54 28.26
CA GLN LA 77 26.35 -24.86 27.06
C GLN LA 77 25.05 -24.07 27.00
N ASN LA 78 24.38 -23.86 28.12
CA ASN LA 78 23.07 -23.22 28.07
C ASN LA 78 23.08 -21.71 27.86
N PHE LA 79 24.22 -21.05 27.70
CA PHE LA 79 24.16 -19.62 27.36
C PHE LA 79 23.47 -19.42 26.03
N ARG LA 80 23.62 -20.36 25.11
CA ARG LA 80 23.07 -20.23 23.77
C ARG LA 80 21.57 -20.04 23.84
N ALA MA 2 21.24 -24.38 61.16
CA ALA MA 2 20.17 -25.30 60.84
C ALA MA 2 20.67 -26.74 60.83
N THR MA 3 19.75 -27.67 60.97
CA THR MA 3 20.06 -29.08 60.83
C THR MA 3 20.78 -29.32 59.50
N PRO MA 4 21.80 -30.18 59.47
CA PRO MA 4 22.53 -30.45 58.23
C PRO MA 4 21.63 -31.00 57.14
N TRP MA 5 21.62 -30.31 56.00
CA TRP MA 5 20.83 -30.76 54.86
C TRP MA 5 21.31 -32.11 54.36
N SER MA 6 20.34 -32.98 54.02
CA SER MA 6 20.62 -34.31 53.49
C SER MA 6 19.61 -34.63 52.40
N GLY MA 7 20.11 -35.05 51.24
CA GLY MA 7 19.28 -35.43 50.11
C GLY MA 7 18.89 -36.89 50.03
N TYR MA 8 18.39 -37.27 48.85
CA TYR MA 8 17.98 -38.65 48.58
C TYR MA 8 19.16 -39.61 48.47
N LEU MA 9 20.25 -39.18 47.85
CA LEU MA 9 21.41 -40.06 47.80
C LEU MA 9 22.02 -40.22 49.17
N ASP MA 10 22.09 -39.14 49.94
CA ASP MA 10 22.49 -39.26 51.33
C ASP MA 10 21.64 -40.27 52.08
N ASP MA 11 20.31 -40.14 51.99
CA ASP MA 11 19.41 -41.12 52.60
C ASP MA 11 19.76 -42.56 52.23
N VAL MA 12 19.84 -42.83 50.93
CA VAL MA 12 20.17 -44.18 50.47
C VAL MA 12 21.50 -44.66 51.02
N SER MA 13 22.51 -43.80 51.00
CA SER MA 13 23.81 -44.18 51.55
C SER MA 13 23.71 -44.51 53.04
N ALA MA 14 23.10 -43.62 53.82
CA ALA MA 14 23.00 -43.83 55.25
C ALA MA 14 22.24 -45.09 55.64
N LYS MA 15 21.32 -45.55 54.80
CA LYS MA 15 20.65 -46.79 55.18
C LYS MA 15 21.65 -47.93 55.45
N PHE MA 16 22.75 -47.99 54.72
CA PHE MA 16 23.72 -49.04 55.00
C PHE MA 16 24.44 -48.83 56.33
N ASP MA 17 24.90 -47.62 56.58
CA ASP MA 17 25.57 -47.33 57.84
C ASP MA 17 24.70 -47.69 59.03
N THR MA 18 23.44 -47.30 59.01
CA THR MA 18 22.58 -47.71 60.12
C THR MA 18 22.12 -49.15 60.03
N GLY MA 19 22.28 -49.81 58.88
CA GLY MA 19 21.91 -51.20 58.78
C GLY MA 19 22.94 -52.10 59.43
N VAL MA 20 24.21 -51.76 59.27
CA VAL MA 20 25.29 -52.45 59.97
C VAL MA 20 25.56 -51.71 61.27
N ASP MA 21 24.94 -52.20 62.35
CA ASP MA 21 24.98 -51.53 63.65
C ASP MA 21 26.39 -51.18 64.10
N ASN MA 22 27.27 -52.18 64.19
CA ASN MA 22 28.57 -52.00 64.82
C ASN MA 22 29.76 -52.53 64.03
N LEU MA 23 29.53 -53.19 62.89
CA LEU MA 23 30.60 -53.70 62.05
C LEU MA 23 31.74 -52.70 61.95
N GLN MA 24 31.38 -51.45 61.71
CA GLN MA 24 32.34 -50.36 61.56
C GLN MA 24 33.33 -50.27 62.70
N THR MA 25 32.97 -50.74 63.90
CA THR MA 25 33.93 -50.78 65.00
C THR MA 25 34.45 -52.18 65.31
N GLN MA 26 33.62 -53.20 65.10
CA GLN MA 26 34.11 -54.57 65.25
C GLN MA 26 35.40 -54.78 64.45
N VAL MA 27 35.43 -54.33 63.20
CA VAL MA 27 36.63 -54.51 62.40
C VAL MA 27 37.83 -53.72 62.93
N THR MA 28 37.63 -52.74 63.81
CA THR MA 28 38.78 -52.07 64.40
C THR MA 28 39.30 -52.83 65.61
N GLU MA 29 38.37 -53.32 66.43
CA GLU MA 29 38.79 -54.08 67.59
C GLU MA 29 39.51 -55.35 67.18
N ALA MA 30 38.91 -56.13 66.27
CA ALA MA 30 39.54 -57.39 65.90
C ALA MA 30 40.93 -57.17 65.32
N LEU MA 31 41.15 -56.04 64.66
CA LEU MA 31 42.49 -55.70 64.22
C LEU MA 31 43.42 -55.45 65.39
N ASP MA 32 43.00 -54.64 66.36
CA ASP MA 32 43.93 -54.38 67.47
C ASP MA 32 44.29 -55.66 68.20
N LYS MA 33 43.37 -56.63 68.21
CA LYS MA 33 43.64 -57.89 68.86
C LYS MA 33 44.63 -58.72 68.07
N LEU MA 34 44.29 -59.04 66.83
CA LEU MA 34 45.19 -59.83 66.00
C LEU MA 34 46.57 -59.20 65.96
N ALA MA 35 46.64 -57.87 65.92
CA ALA MA 35 47.94 -57.21 65.94
C ALA MA 35 48.65 -57.45 67.26
N ALA MA 36 47.91 -57.55 68.36
CA ALA MA 36 48.57 -57.83 69.62
C ALA MA 36 49.11 -59.25 69.67
N LYS MA 37 48.48 -60.19 68.97
CA LYS MA 37 48.89 -61.60 68.99
C LYS MA 37 48.69 -62.23 67.62
N PRO MA 38 49.54 -61.85 66.66
CA PRO MA 38 49.33 -62.24 65.26
C PRO MA 38 49.30 -63.73 64.98
N SER MA 39 49.62 -64.60 65.93
CA SER MA 39 49.82 -66.02 65.63
C SER MA 39 48.82 -66.91 66.35
N ASP MA 40 47.64 -66.39 66.68
CA ASP MA 40 46.58 -67.23 67.23
C ASP MA 40 45.49 -67.52 66.21
N PRO MA 41 45.22 -68.79 65.95
CA PRO MA 41 44.29 -69.13 64.87
C PRO MA 41 42.88 -68.66 65.13
N ALA MA 42 42.46 -68.57 66.39
CA ALA MA 42 41.11 -68.09 66.69
C ALA MA 42 40.95 -66.66 66.23
N LEU MA 43 41.92 -65.82 66.57
CA LEU MA 43 41.89 -64.42 66.16
C LEU MA 43 41.95 -64.29 64.65
N LEU MA 44 42.78 -65.11 64.00
CA LEU MA 44 42.78 -65.09 62.54
C LEU MA 44 41.41 -65.47 61.97
N ALA MA 45 40.85 -66.57 62.44
CA ALA MA 45 39.58 -67.03 61.88
C ALA MA 45 38.47 -66.02 62.08
N ALA MA 46 38.55 -65.22 63.15
CA ALA MA 46 37.57 -64.16 63.35
C ALA MA 46 37.79 -63.01 62.37
N TYR MA 47 39.03 -62.53 62.29
CA TYR MA 47 39.30 -61.36 61.47
C TYR MA 47 39.01 -61.61 59.99
N GLN MA 48 39.28 -62.82 59.50
CA GLN MA 48 38.94 -63.10 58.10
C GLN MA 48 37.48 -62.80 57.80
N SER MA 49 36.58 -63.25 58.68
CA SER MA 49 35.16 -62.99 58.50
C SER MA 49 34.82 -61.52 58.54
N LYS MA 50 35.23 -60.84 59.60
CA LYS MA 50 34.91 -59.42 59.70
C LYS MA 50 35.42 -58.62 58.50
N LEU MA 51 36.65 -58.83 58.09
CA LEU MA 51 37.16 -58.06 56.97
C LEU MA 51 36.42 -58.38 55.67
N SER MA 52 35.98 -59.62 55.48
CA SER MA 52 35.18 -59.92 54.30
C SER MA 52 33.87 -59.15 54.30
N GLU MA 53 33.11 -59.27 55.39
CA GLU MA 53 31.83 -58.56 55.50
C GLU MA 53 31.97 -57.06 55.26
N TYR MA 54 33.04 -56.47 55.77
CA TYR MA 54 33.26 -55.05 55.56
C TYR MA 54 33.50 -54.71 54.09
N ASN MA 55 34.36 -55.47 53.43
CA ASN MA 55 34.59 -55.25 52.01
C ASN MA 55 33.32 -55.33 51.17
N LEU MA 56 32.50 -56.36 51.40
CA LEU MA 56 31.25 -56.46 50.66
C LEU MA 56 30.30 -55.30 50.95
N TYR MA 57 30.21 -54.87 52.20
CA TYR MA 57 29.37 -53.72 52.52
C TYR MA 57 29.77 -52.47 51.74
N ARG MA 58 31.06 -52.12 51.75
CA ARG MA 58 31.47 -50.91 51.05
C ARG MA 58 31.27 -50.99 49.54
N ASN MA 59 31.45 -52.16 48.93
CA ASN MA 59 31.16 -52.26 47.50
C ASN MA 59 29.67 -52.09 47.17
N ALA MA 60 28.79 -52.79 47.88
CA ALA MA 60 27.37 -52.67 47.58
C ALA MA 60 26.87 -51.24 47.77
N GLN MA 61 27.39 -50.55 48.79
CA GLN MA 61 27.03 -49.15 48.98
C GLN MA 61 27.43 -48.31 47.77
N SER MA 62 28.70 -48.34 47.41
CA SER MA 62 29.14 -47.38 46.40
C SER MA 62 28.54 -47.67 45.04
N ASN MA 63 28.29 -48.93 44.70
CA ASN MA 63 27.60 -49.17 43.43
C ASN MA 63 26.17 -48.65 43.42
N THR MA 64 25.43 -48.88 44.50
CA THR MA 64 24.03 -48.45 44.49
C THR MA 64 23.87 -46.94 44.36
N VAL MA 65 24.74 -46.18 45.02
CA VAL MA 65 24.63 -44.72 44.88
C VAL MA 65 24.84 -44.27 43.44
N LYS MA 66 25.79 -44.87 42.73
CA LYS MA 66 25.97 -44.49 41.33
C LYS MA 66 24.80 -44.89 40.47
N VAL MA 67 24.20 -46.05 40.71
CA VAL MA 67 23.04 -46.39 39.90
C VAL MA 67 21.96 -45.34 40.03
N PHE MA 68 21.69 -44.86 41.24
CA PHE MA 68 20.67 -43.80 41.36
C PHE MA 68 21.08 -42.50 40.67
N LYS MA 69 22.30 -42.06 40.91
CA LYS MA 69 22.78 -40.86 40.23
C LYS MA 69 22.58 -40.92 38.73
N ASP MA 70 22.70 -42.12 38.14
CA ASP MA 70 22.55 -42.21 36.69
C ASP MA 70 21.11 -42.13 36.22
N ILE MA 71 20.13 -42.38 37.09
CA ILE MA 71 18.74 -42.18 36.72
C ILE MA 71 18.40 -40.70 36.78
N ASP MA 72 18.72 -40.06 37.90
CA ASP MA 72 18.45 -38.64 38.01
C ASP MA 72 19.07 -37.85 36.87
N ALA MA 73 20.34 -38.12 36.56
CA ALA MA 73 20.97 -37.40 35.47
C ALA MA 73 20.31 -37.67 34.13
N ALA MA 74 19.70 -38.84 33.96
CA ALA MA 74 19.02 -39.15 32.70
C ALA MA 74 17.71 -38.41 32.58
N ILE MA 75 16.98 -38.26 33.67
CA ILE MA 75 15.71 -37.54 33.60
C ILE MA 75 15.94 -36.05 33.40
N ILE MA 76 16.89 -35.47 34.13
CA ILE MA 76 17.09 -34.02 34.02
C ILE MA 76 17.46 -33.59 32.61
N GLN MA 77 18.03 -34.48 31.82
CA GLN MA 77 18.38 -34.15 30.44
C GLN MA 77 17.16 -33.81 29.59
N ASN MA 78 16.01 -34.38 29.86
CA ASN MA 78 14.81 -34.12 29.08
C ASN MA 78 14.09 -32.82 29.38
N PHE MA 79 14.47 -32.05 30.40
CA PHE MA 79 13.72 -30.83 30.64
C PHE MA 79 13.82 -29.88 29.48
N ARG MA 80 14.89 -29.97 28.70
CA ARG MA 80 15.13 -29.01 27.64
C ARG MA 80 13.93 -28.91 26.74
N ALA NA 2 -1.59 -57.23 45.65
CA ALA NA 2 -1.12 -58.05 46.76
C ALA NA 2 0.09 -58.86 46.34
N THR NA 3 -0.14 -59.89 45.52
CA THR NA 3 0.98 -60.66 45.00
C THR NA 3 1.92 -59.76 44.22
N PRO NA 4 3.20 -60.08 44.19
CA PRO NA 4 4.18 -59.19 43.57
C PRO NA 4 3.84 -58.99 42.10
N TRP NA 5 3.87 -57.73 41.66
CA TRP NA 5 4.12 -57.49 40.25
C TRP NA 5 5.50 -58.02 39.90
N SER NA 6 5.57 -58.79 38.83
CA SER NA 6 6.82 -59.24 38.23
C SER NA 6 6.95 -58.71 36.82
N GLY NA 7 8.12 -58.17 36.49
CA GLY NA 7 8.42 -57.75 35.15
C GLY NA 7 8.79 -58.89 34.23
N TYR NA 8 9.74 -58.65 33.34
CA TYR NA 8 10.31 -59.67 32.47
C TYR NA 8 11.58 -60.27 33.05
N LEU NA 9 12.49 -59.41 33.51
CA LEU NA 9 13.69 -59.90 34.16
C LEU NA 9 13.35 -60.80 35.33
N ASP NA 10 12.28 -60.47 36.07
CA ASP NA 10 11.82 -61.36 37.12
C ASP NA 10 11.48 -62.74 36.59
N ASP NA 11 10.84 -62.82 35.44
CA ASP NA 11 10.56 -64.11 34.83
C ASP NA 11 11.84 -64.86 34.49
N VAL NA 12 12.81 -64.15 33.97
CA VAL NA 12 14.10 -64.78 33.64
C VAL NA 12 14.75 -65.35 34.89
N SER NA 13 14.85 -64.55 35.95
CA SER NA 13 15.41 -65.06 37.20
C SER NA 13 14.63 -66.25 37.74
N ALA NA 14 13.29 -66.15 37.72
CA ALA NA 14 12.46 -67.24 38.19
C ALA NA 14 12.68 -68.54 37.43
N LYS NA 15 13.01 -68.47 36.14
CA LYS NA 15 13.31 -69.73 35.44
C LYS NA 15 14.44 -70.51 36.11
N PHE NA 16 15.51 -69.84 36.52
CA PHE NA 16 16.56 -70.50 37.30
C PHE NA 16 16.05 -70.95 38.67
N ASP NA 17 15.35 -70.07 39.39
CA ASP NA 17 14.88 -70.47 40.72
C ASP NA 17 13.99 -71.70 40.67
N THR NA 18 13.13 -71.81 39.68
CA THR NA 18 12.28 -73.00 39.54
C THR NA 18 12.94 -74.08 38.72
N GLY NA 19 14.17 -73.86 38.27
CA GLY NA 19 14.95 -74.87 37.60
C GLY NA 19 15.65 -75.74 38.61
N VAL NA 20 16.42 -75.13 39.50
CA VAL NA 20 17.02 -75.93 40.57
C VAL NA 20 15.99 -76.07 41.68
N ASP NA 21 15.12 -77.06 41.51
CA ASP NA 21 14.03 -77.35 42.45
C ASP NA 21 14.43 -77.35 43.92
N ASN NA 22 15.54 -77.99 44.25
CA ASN NA 22 15.83 -78.32 45.64
C ASN NA 22 17.22 -77.92 46.11
N LEU NA 23 18.09 -77.50 45.20
CA LEU NA 23 19.48 -77.25 45.54
C LEU NA 23 19.59 -76.25 46.69
N GLN NA 24 18.76 -75.22 46.67
CA GLN NA 24 18.79 -74.20 47.70
C GLN NA 24 18.82 -74.78 49.11
N THR NA 25 18.09 -75.85 49.35
CA THR NA 25 18.08 -76.46 50.68
C THR NA 25 19.08 -77.59 50.82
N GLN NA 26 19.29 -78.36 49.75
CA GLN NA 26 20.31 -79.40 49.80
C GLN NA 26 21.65 -78.85 50.28
N VAL NA 27 22.06 -77.71 49.74
CA VAL NA 27 23.33 -77.10 50.17
C VAL NA 27 23.36 -76.89 51.68
N THR NA 28 22.30 -76.36 52.25
CA THR NA 28 22.27 -76.10 53.67
C THR NA 28 22.34 -77.37 54.50
N GLU NA 29 21.57 -78.39 54.14
CA GLU NA 29 21.64 -79.65 54.87
C GLU NA 29 23.04 -80.25 54.82
N ALA NA 30 23.63 -80.27 53.63
CA ALA NA 30 25.00 -80.74 53.48
C ALA NA 30 25.93 -80.03 54.45
N LEU NA 31 25.92 -78.71 54.42
CA LEU NA 31 26.73 -77.95 55.36
C LEU NA 31 26.49 -78.33 56.82
N ASP NA 32 25.24 -78.40 57.24
CA ASP NA 32 24.94 -78.76 58.62
C ASP NA 32 25.58 -80.07 59.06
N LYS NA 33 25.42 -81.13 58.29
CA LYS NA 33 26.04 -82.39 58.71
C LYS NA 33 27.55 -82.38 58.57
N LEU NA 34 28.07 -81.80 57.49
CA LEU NA 34 29.53 -81.73 57.34
C LEU NA 34 30.13 -80.99 58.53
N ALA NA 35 29.56 -79.86 58.90
CA ALA NA 35 30.05 -79.12 60.06
C ALA NA 35 29.90 -79.93 61.33
N ALA NA 36 28.91 -80.82 61.38
CA ALA NA 36 28.80 -81.66 62.57
C ALA NA 36 29.97 -82.62 62.69
N LYS NA 37 30.44 -83.16 61.57
CA LYS NA 37 31.54 -84.16 61.59
C LYS NA 37 32.48 -83.90 60.42
N PRO NA 38 33.23 -82.79 60.47
CA PRO NA 38 34.11 -82.40 59.37
C PRO NA 38 35.11 -83.42 58.82
N SER NA 39 35.48 -84.46 59.55
CA SER NA 39 36.56 -85.34 59.13
C SER NA 39 36.10 -86.56 58.34
N ASP NA 40 34.87 -86.57 57.82
CA ASP NA 40 34.36 -87.71 57.06
C ASP NA 40 34.45 -87.47 55.57
N PRO NA 41 35.27 -88.22 54.83
CA PRO NA 41 35.40 -87.97 53.39
C PRO NA 41 34.14 -88.28 52.60
N ALA NA 42 33.17 -88.97 53.17
CA ALA NA 42 31.93 -89.20 52.45
C ALA NA 42 31.10 -87.93 52.47
N LEU NA 43 31.11 -87.22 53.58
CA LEU NA 43 30.44 -85.94 53.68
C LEU NA 43 31.13 -84.91 52.79
N LEU NA 44 32.46 -84.80 52.95
CA LEU NA 44 33.25 -83.87 52.14
C LEU NA 44 33.03 -84.05 50.63
N ALA NA 45 33.16 -85.28 50.12
CA ALA NA 45 33.00 -85.51 48.70
C ALA NA 45 31.66 -85.04 48.16
N ALA NA 46 30.61 -85.10 48.97
CA ALA NA 46 29.30 -84.62 48.53
C ALA NA 46 29.19 -83.11 48.59
N TYR NA 47 29.56 -82.53 49.72
CA TYR NA 47 29.51 -81.09 49.87
C TYR NA 47 30.29 -80.35 48.79
N GLN NA 48 31.46 -80.84 48.41
CA GLN NA 48 32.20 -80.20 47.32
C GLN NA 48 31.35 -80.05 46.05
N SER NA 49 30.67 -81.12 45.65
CA SER NA 49 29.80 -81.08 44.47
C SER NA 49 28.67 -80.08 44.64
N LYS NA 50 27.93 -80.18 45.73
CA LYS NA 50 26.81 -79.26 45.94
C LYS NA 50 27.25 -77.80 45.92
N LEU NA 51 28.29 -77.47 46.65
CA LEU NA 51 28.76 -76.08 46.65
C LEU NA 51 29.16 -75.61 45.26
N SER NA 52 29.81 -76.46 44.47
CA SER NA 52 30.18 -76.04 43.11
C SER NA 52 28.96 -75.79 42.24
N GLU NA 53 27.98 -76.70 42.28
CA GLU NA 53 26.74 -76.47 41.55
C GLU NA 53 26.08 -75.15 41.95
N TYR NA 54 26.06 -74.84 43.24
CA TYR NA 54 25.48 -73.58 43.69
C TYR NA 54 26.20 -72.38 43.11
N ASN NA 55 27.53 -72.41 43.13
CA ASN NA 55 28.30 -71.32 42.57
C ASN NA 55 27.94 -71.08 41.10
N LEU NA 56 27.99 -72.12 40.29
CA LEU NA 56 27.64 -71.93 38.87
C LEU NA 56 26.23 -71.40 38.67
N TYR NA 57 25.25 -71.97 39.36
CA TYR NA 57 23.88 -71.48 39.27
C TYR NA 57 23.77 -69.97 39.51
N ARG NA 58 24.22 -69.49 40.66
CA ARG NA 58 24.16 -68.05 40.93
C ARG NA 58 24.87 -67.22 39.86
N ASN NA 59 26.02 -67.67 39.40
CA ASN NA 59 26.78 -66.87 38.45
C ASN NA 59 26.06 -66.72 37.11
N ALA NA 60 25.62 -67.84 36.54
CA ALA NA 60 24.86 -67.78 35.30
C ALA NA 60 23.63 -66.91 35.41
N GLN NA 61 22.89 -67.02 36.50
CA GLN NA 61 21.70 -66.21 36.67
C GLN NA 61 22.00 -64.72 36.56
N SER NA 62 23.02 -64.25 37.29
CA SER NA 62 23.33 -62.83 37.25
C SER NA 62 23.78 -62.35 35.86
N ASN NA 63 24.81 -63.00 35.31
CA ASN NA 63 25.24 -62.63 33.96
C ASN NA 63 24.10 -62.53 32.96
N THR NA 64 23.18 -63.48 32.95
CA THR NA 64 22.05 -63.42 32.03
C THR NA 64 21.21 -62.16 32.20
N VAL NA 65 20.79 -61.88 33.44
CA VAL NA 65 19.97 -60.70 33.67
C VAL NA 65 20.62 -59.45 33.09
N LYS NA 66 21.91 -59.25 33.37
CA LYS NA 66 22.55 -58.03 32.84
C LYS NA 66 22.43 -57.87 31.32
N VAL NA 67 22.63 -58.95 30.57
CA VAL NA 67 22.53 -58.86 29.11
C VAL NA 67 21.16 -58.37 28.68
N PHE NA 68 20.10 -58.94 29.26
CA PHE NA 68 18.79 -58.42 28.87
C PHE NA 68 18.62 -56.96 29.24
N LYS NA 69 19.13 -56.55 30.40
CA LYS NA 69 19.06 -55.13 30.74
C LYS NA 69 19.66 -54.26 29.64
N ASP NA 70 20.83 -54.62 29.14
CA ASP NA 70 21.46 -53.73 28.16
C ASP NA 70 20.78 -53.76 26.80
N ILE NA 71 20.15 -54.87 26.43
CA ILE NA 71 19.37 -54.83 25.18
C ILE NA 71 18.22 -53.85 25.31
N ASP NA 72 17.45 -53.97 26.38
CA ASP NA 72 16.34 -53.05 26.58
C ASP NA 72 16.82 -51.60 26.60
N ALA NA 73 17.83 -51.28 27.39
CA ALA NA 73 18.34 -49.91 27.43
C ALA NA 73 18.69 -49.39 26.05
N ALA NA 74 19.32 -50.21 25.21
CA ALA NA 74 19.68 -49.73 23.89
C ALA NA 74 18.47 -49.44 23.03
N ILE NA 75 17.43 -50.26 23.12
CA ILE NA 75 16.22 -49.95 22.34
C ILE NA 75 15.55 -48.67 22.84
N ILE NA 76 15.34 -48.56 24.14
CA ILE NA 76 14.72 -47.35 24.69
C ILE NA 76 15.44 -46.08 24.28
N GLN NA 77 16.77 -46.09 24.23
CA GLN NA 77 17.46 -44.85 23.87
C GLN NA 77 17.00 -44.24 22.54
N ASN NA 78 16.71 -45.04 21.53
CA ASN NA 78 16.27 -44.51 20.25
C ASN NA 78 14.90 -43.83 20.22
N PHE NA 79 14.09 -43.89 21.28
CA PHE NA 79 12.81 -43.18 21.20
C PHE NA 79 13.04 -41.69 20.96
N ARG NA 80 13.93 -41.08 21.72
CA ARG NA 80 14.22 -39.66 21.51
C ARG NA 80 14.49 -39.43 20.05
N THR OA 3 16.50 -76.64 7.82
CA THR OA 3 15.36 -75.73 7.82
C THR OA 3 15.46 -74.65 8.90
N PRO OA 4 15.81 -74.98 10.15
CA PRO OA 4 15.83 -73.92 11.16
C PRO OA 4 16.89 -72.88 10.80
N TRP OA 5 16.72 -71.70 11.35
CA TRP OA 5 17.66 -70.61 11.14
C TRP OA 5 18.90 -70.72 12.00
N SER OA 6 20.07 -70.54 11.38
CA SER OA 6 21.36 -70.58 12.05
C SER OA 6 22.16 -69.37 11.60
N GLY OA 7 22.71 -68.62 12.54
CA GLY OA 7 23.45 -67.42 12.21
C GLY OA 7 24.91 -67.64 11.92
N TYR OA 8 25.59 -66.52 11.67
CA TYR OA 8 27.02 -66.56 11.41
C TYR OA 8 27.80 -67.10 12.60
N LEU OA 9 27.44 -66.65 13.81
CA LEU OA 9 28.10 -67.18 15.00
C LEU OA 9 27.83 -68.66 15.18
N ASP OA 10 26.65 -69.12 14.80
CA ASP OA 10 26.38 -70.55 14.85
C ASP OA 10 27.27 -71.31 13.87
N ASP OA 11 27.49 -70.75 12.69
CA ASP OA 11 28.44 -71.37 11.75
C ASP OA 11 29.84 -71.46 12.34
N VAL OA 12 30.34 -70.34 12.86
CA VAL OA 12 31.66 -70.33 13.48
C VAL OA 12 31.75 -71.38 14.58
N SER OA 13 30.76 -71.43 15.47
CA SER OA 13 30.80 -72.42 16.53
C SER OA 13 30.77 -73.84 15.97
N ALA OA 14 29.80 -74.14 15.11
CA ALA OA 14 29.67 -75.46 14.52
C ALA OA 14 30.94 -75.97 13.86
N LYS OA 15 31.75 -75.08 13.28
CA LYS OA 15 32.99 -75.57 12.68
C LYS OA 15 33.83 -76.37 13.68
N PHE OA 16 33.88 -75.96 14.93
CA PHE OA 16 34.62 -76.73 15.94
C PHE OA 16 33.97 -78.08 16.20
N ASP OA 17 32.66 -78.10 16.40
CA ASP OA 17 31.98 -79.37 16.66
C ASP OA 17 32.23 -80.38 15.54
N THR OA 18 32.03 -79.97 14.30
CA THR OA 18 32.37 -80.88 13.20
C THR OA 18 33.87 -81.08 13.03
N GLY OA 19 34.69 -80.28 13.70
CA GLY OA 19 36.13 -80.48 13.63
C GLY OA 19 36.55 -81.62 14.52
N VAL OA 20 36.20 -81.54 15.79
CA VAL OA 20 36.50 -82.63 16.72
C VAL OA 20 35.42 -83.69 16.55
N ASP OA 21 35.72 -84.67 15.71
CA ASP OA 21 34.69 -85.56 15.20
C ASP OA 21 34.00 -86.35 16.31
N ASN OA 22 34.78 -86.93 17.20
CA ASN OA 22 34.29 -87.95 18.11
C ASN OA 22 34.63 -87.68 19.57
N LEU OA 23 35.37 -86.62 19.84
CA LEU OA 23 35.91 -86.40 21.17
C LEU OA 23 34.83 -86.43 22.24
N GLN OA 24 33.64 -85.92 21.91
CA GLN OA 24 32.55 -85.94 22.87
C GLN OA 24 32.17 -87.34 23.33
N THR OA 25 32.25 -88.33 22.44
CA THR OA 25 31.98 -89.70 22.86
C THR OA 25 33.20 -90.34 23.50
N GLN OA 26 34.37 -90.09 22.93
CA GLN OA 26 35.61 -90.61 23.51
C GLN OA 26 35.75 -90.25 24.99
N VAL OA 27 35.48 -89.01 25.35
CA VAL OA 27 35.61 -88.62 26.76
C VAL OA 27 34.63 -89.34 27.66
N THR OA 28 33.44 -89.62 27.16
CA THR OA 28 32.45 -90.29 28.00
C THR OA 28 32.83 -91.74 28.23
N GLU OA 29 33.19 -92.44 27.16
CA GLU OA 29 33.51 -93.85 27.34
C GLU OA 29 34.83 -94.02 28.09
N ALA OA 30 35.81 -93.16 27.85
CA ALA OA 30 37.03 -93.23 28.64
C ALA OA 30 36.78 -92.99 30.11
N LEU OA 31 35.81 -92.13 30.45
CA LEU OA 31 35.47 -91.94 31.85
C LEU OA 31 34.76 -93.13 32.46
N ASP OA 32 33.91 -93.81 31.70
CA ASP OA 32 33.29 -95.02 32.25
C ASP OA 32 34.29 -96.17 32.40
N LYS OA 33 35.17 -96.35 31.42
CA LYS OA 33 36.22 -97.36 31.55
C LYS OA 33 37.13 -97.08 32.73
N LEU OA 34 37.47 -95.82 32.97
CA LEU OA 34 38.22 -95.50 34.18
C LEU OA 34 37.41 -95.82 35.43
N ALA OA 35 36.15 -95.40 35.47
CA ALA OA 35 35.37 -95.58 36.68
C ALA OA 35 35.27 -97.06 37.04
N ALA OA 36 35.32 -97.94 36.05
CA ALA OA 36 35.25 -99.37 36.37
C ALA OA 36 36.49 -99.86 37.14
N LYS OA 37 37.65 -99.26 36.92
CA LYS OA 37 38.88 -99.63 37.62
C LYS OA 37 39.68 -98.37 37.90
N PRO OA 38 39.34 -97.65 38.94
CA PRO OA 38 39.92 -96.32 39.17
C PRO OA 38 41.43 -96.28 39.33
N SER OA 39 42.13 -97.41 39.30
CA SER OA 39 43.59 -97.35 39.31
C SER OA 39 44.14 -98.38 38.34
N ASP OA 40 44.40 -97.93 37.11
CA ASP OA 40 45.07 -98.71 36.10
C ASP OA 40 45.90 -97.77 35.22
N PRO OA 41 47.23 -97.92 35.18
CA PRO OA 41 48.04 -96.84 34.62
C PRO OA 41 47.66 -96.50 33.20
N ALA OA 42 47.13 -97.46 32.43
CA ALA OA 42 46.80 -97.18 31.05
C ALA OA 42 45.52 -96.37 30.95
N LEU OA 43 44.60 -96.58 31.87
CA LEU OA 43 43.37 -95.82 31.85
C LEU OA 43 43.64 -94.40 32.31
N LEU OA 44 44.44 -94.24 33.35
CA LEU OA 44 44.81 -92.90 33.77
C LEU OA 44 45.54 -92.13 32.66
N ALA OA 45 46.52 -92.77 32.02
CA ALA OA 45 47.25 -92.10 30.95
C ALA OA 45 46.38 -91.76 29.75
N ALA OA 46 45.41 -92.59 29.40
CA ALA OA 46 44.47 -92.22 28.35
C ALA OA 46 43.58 -91.05 28.76
N TYR OA 47 43.01 -91.14 29.95
CA TYR OA 47 42.04 -90.15 30.38
C TYR OA 47 42.64 -88.77 30.53
N GLN OA 48 43.86 -88.68 31.07
CA GLN OA 48 44.49 -87.37 31.20
C GLN OA 48 44.59 -86.65 29.85
N SER OA 49 44.89 -87.39 28.79
CA SER OA 49 44.94 -86.81 27.46
C SER OA 49 43.58 -86.34 26.99
N LYS OA 50 42.57 -87.20 27.08
CA LYS OA 50 41.29 -86.82 26.51
C LYS OA 50 40.65 -85.66 27.27
N LEU OA 51 40.74 -85.66 28.58
CA LEU OA 51 40.21 -84.54 29.34
C LEU OA 51 40.95 -83.23 29.03
N SER OA 52 42.26 -83.29 28.80
CA SER OA 52 42.96 -82.06 28.42
C SER OA 52 42.52 -81.53 27.06
N GLU OA 53 42.43 -82.42 26.07
CA GLU OA 53 41.95 -81.98 24.76
C GLU OA 53 40.56 -81.38 24.83
N TYR OA 54 39.71 -81.91 25.69
CA TYR OA 54 38.37 -81.35 25.83
C TYR OA 54 38.40 -79.94 26.42
N ASN OA 55 39.20 -79.74 27.46
CA ASN OA 55 39.30 -78.41 28.05
C ASN OA 55 39.75 -77.36 27.03
N LEU OA 56 40.77 -77.68 26.24
CA LEU OA 56 41.22 -76.72 25.23
C LEU OA 56 40.18 -76.46 24.15
N TYR OA 57 39.48 -77.50 23.71
CA TYR OA 57 38.44 -77.31 22.72
C TYR OA 57 37.37 -76.32 23.18
N ARG OA 58 36.82 -76.51 24.38
CA ARG OA 58 35.77 -75.60 24.83
C ARG OA 58 36.26 -74.17 25.07
N ASN OA 59 37.51 -74.00 25.49
CA ASN OA 59 38.01 -72.64 25.62
C ASN OA 59 38.15 -71.93 24.28
N ALA OA 60 38.77 -72.57 23.30
CA ALA OA 60 38.98 -71.89 22.02
C ALA OA 60 37.67 -71.54 21.35
N GLN OA 61 36.68 -72.43 21.45
CA GLN OA 61 35.39 -72.14 20.85
C GLN OA 61 34.76 -70.90 21.46
N SER OA 62 34.65 -70.85 22.79
CA SER OA 62 33.90 -69.73 23.35
C SER OA 62 34.62 -68.39 23.18
N ASN OA 63 35.95 -68.37 23.27
CA ASN OA 63 36.62 -67.10 23.07
C ASN OA 63 36.45 -66.59 21.64
N THR OA 64 36.51 -67.48 20.66
CA THR OA 64 36.35 -67.00 19.29
C THR OA 64 34.98 -66.37 19.07
N VAL OA 65 33.93 -67.05 19.53
CA VAL OA 65 32.61 -66.46 19.33
C VAL OA 65 32.47 -65.11 20.00
N LYS OA 66 33.12 -64.93 21.14
CA LYS OA 66 33.06 -63.64 21.81
C LYS OA 66 33.69 -62.53 20.95
N VAL OA 67 34.88 -62.78 20.44
CA VAL OA 67 35.55 -61.79 19.60
C VAL OA 67 34.68 -61.38 18.42
N PHE OA 68 34.15 -62.33 17.69
CA PHE OA 68 33.27 -61.94 16.58
C PHE OA 68 32.07 -61.11 17.02
N LYS OA 69 31.46 -61.44 18.15
CA LYS OA 69 30.35 -60.60 18.60
C LYS OA 69 30.79 -59.15 18.76
N ASP OA 70 31.99 -58.92 19.27
CA ASP OA 70 32.40 -57.52 19.45
C ASP OA 70 32.73 -56.85 18.12
N ILE OA 71 33.29 -57.58 17.17
CA ILE OA 71 33.53 -56.95 15.87
C ILE OA 71 32.22 -56.53 15.22
N ASP OA 72 31.14 -57.27 15.41
CA ASP OA 72 29.87 -56.86 14.82
C ASP OA 72 29.27 -55.66 15.54
N ALA OA 73 29.13 -55.75 16.86
CA ALA OA 73 28.58 -54.62 17.60
C ALA OA 73 29.30 -53.32 17.31
N ALA OA 74 30.61 -53.37 17.05
CA ALA OA 74 31.32 -52.12 16.78
C ALA OA 74 30.90 -51.49 15.46
N ILE OA 75 30.41 -52.26 14.51
CA ILE OA 75 29.94 -51.71 13.24
C ILE OA 75 28.51 -51.24 13.36
N ILE OA 76 27.65 -52.06 13.95
CA ILE OA 76 26.26 -51.65 14.12
C ILE OA 76 26.18 -50.31 14.82
N GLN OA 77 27.01 -50.08 15.82
CA GLN OA 77 26.96 -48.79 16.50
C GLN OA 77 27.08 -47.58 15.56
N ASN OA 78 27.81 -47.68 14.46
CA ASN OA 78 27.97 -46.53 13.57
C ASN OA 78 26.78 -46.23 12.67
N PHE OA 79 25.80 -47.11 12.51
CA PHE OA 79 24.65 -46.75 11.68
C PHE OA 79 23.98 -45.50 12.22
N ARG OA 80 23.81 -45.43 13.52
CA ARG OA 80 23.14 -44.33 14.19
C ARG OA 80 23.50 -43.01 13.56
N THR PA 3 53.84 -62.81 -3.02
CA THR PA 3 53.65 -63.19 -1.62
C THR PA 3 52.25 -62.81 -1.15
N PRO PA 4 51.73 -63.53 -0.16
CA PRO PA 4 50.44 -63.15 0.41
C PRO PA 4 50.57 -61.87 1.22
N TRP PA 5 49.44 -61.20 1.40
CA TRP PA 5 49.40 -60.03 2.26
C TRP PA 5 49.72 -60.39 3.71
N SER PA 6 50.58 -59.58 4.32
CA SER PA 6 50.99 -59.76 5.71
C SER PA 6 50.93 -58.41 6.39
N GLY PA 7 50.36 -58.36 7.59
CA GLY PA 7 50.27 -57.11 8.32
C GLY PA 7 51.46 -56.82 9.21
N TYR PA 8 51.39 -55.67 9.87
CA TYR PA 8 52.42 -55.29 10.82
C TYR PA 8 52.50 -56.27 11.98
N LEU PA 9 51.36 -56.78 12.43
CA LEU PA 9 51.38 -57.78 13.49
C LEU PA 9 51.98 -59.08 13.00
N ASP PA 10 51.81 -59.38 11.72
CA ASP PA 10 52.45 -60.56 11.15
C ASP PA 10 53.96 -60.40 11.13
N ASP PA 11 54.44 -59.27 10.65
CA ASP PA 11 55.87 -58.99 10.71
C ASP PA 11 56.43 -59.17 12.11
N VAL PA 12 55.78 -58.56 13.11
CA VAL PA 12 56.23 -58.71 14.50
C VAL PA 12 56.24 -60.17 14.92
N SER PA 13 55.17 -60.91 14.63
CA SER PA 13 55.12 -62.32 14.95
C SER PA 13 56.27 -63.09 14.32
N ALA PA 14 56.46 -62.93 13.02
CA ALA PA 14 57.51 -63.64 12.28
C ALA PA 14 58.91 -63.30 12.74
N LYS PA 15 59.16 -62.10 13.26
CA LYS PA 15 60.50 -61.84 13.78
C LYS PA 15 60.95 -62.89 14.77
N PHE PA 16 60.05 -63.35 15.64
CA PHE PA 16 60.42 -64.41 16.57
C PHE PA 16 60.75 -65.71 15.87
N ASP PA 17 59.82 -66.23 15.07
CA ASP PA 17 60.09 -67.47 14.34
C ASP PA 17 61.43 -67.43 13.61
N THR PA 18 61.70 -66.37 12.85
CA THR PA 18 63.00 -66.29 12.18
C THR PA 18 64.13 -66.02 13.14
N GLY PA 19 63.85 -65.58 14.35
CA GLY PA 19 64.90 -65.42 15.33
C GLY PA 19 65.40 -66.76 15.81
N VAL PA 20 64.48 -67.58 16.30
CA VAL PA 20 64.83 -68.95 16.69
C VAL PA 20 64.84 -69.82 15.44
N ASP PA 21 65.95 -69.78 14.72
CA ASP PA 21 66.07 -70.49 13.44
C ASP PA 21 65.67 -71.95 13.50
N ASN PA 22 66.20 -72.71 14.45
CA ASN PA 22 66.10 -74.16 14.42
C ASN PA 22 65.39 -74.79 15.61
N LEU PA 23 65.20 -74.06 16.71
CA LEU PA 23 64.49 -74.61 17.86
C LEU PA 23 63.24 -75.37 17.47
N GLN PA 24 62.47 -74.81 16.53
CA GLN PA 24 61.23 -75.42 16.08
C GLN PA 24 61.36 -76.90 15.79
N THR PA 25 62.51 -77.36 15.35
CA THR PA 25 62.70 -78.76 15.00
C THR PA 25 63.62 -79.48 15.96
N GLN PA 26 64.65 -78.79 16.47
CA GLN PA 26 65.46 -79.37 17.53
C GLN PA 26 64.58 -79.98 18.62
N VAL PA 27 63.56 -79.25 19.04
CA VAL PA 27 62.66 -79.74 20.10
C VAL PA 27 61.96 -81.03 19.72
N THR PA 28 61.72 -81.26 18.44
CA THR PA 28 61.05 -82.50 18.03
C THR PA 28 62.03 -83.67 17.96
N GLU PA 29 63.18 -83.44 17.33
CA GLU PA 29 64.21 -84.48 17.32
C GLU PA 29 64.56 -84.94 18.74
N ALA PA 30 64.73 -83.99 19.67
CA ALA PA 30 65.01 -84.36 21.04
C ALA PA 30 63.99 -85.33 21.59
N LEU PA 31 62.72 -85.08 21.33
CA LEU PA 31 61.65 -85.98 21.77
C LEU PA 31 61.76 -87.34 21.12
N ASP PA 32 61.94 -87.38 19.80
CA ASP PA 32 62.07 -88.66 19.12
C ASP PA 32 63.21 -89.50 19.70
N LYS PA 33 64.33 -88.87 20.03
CA LYS PA 33 65.41 -89.60 20.67
C LYS PA 33 65.06 -90.06 22.08
N LEU PA 34 64.64 -89.13 22.93
CA LEU PA 34 64.32 -89.47 24.32
C LEU PA 34 63.28 -90.59 24.42
N ALA PA 35 62.30 -90.61 23.54
CA ALA PA 35 61.33 -91.70 23.57
C ALA PA 35 61.98 -93.06 23.35
N ALA PA 36 63.12 -93.11 22.67
CA ALA PA 36 63.76 -94.39 22.42
C ALA PA 36 64.28 -95.03 23.71
N LYS PA 37 64.90 -94.25 24.60
CA LYS PA 37 65.38 -94.74 25.89
C LYS PA 37 65.06 -93.72 26.96
N PRO PA 38 63.82 -93.71 27.45
CA PRO PA 38 63.40 -92.70 28.42
C PRO PA 38 64.26 -92.61 29.66
N SER PA 39 65.16 -93.55 29.91
CA SER PA 39 65.92 -93.59 31.15
C SER PA 39 67.40 -93.26 30.95
N ASP PA 40 67.72 -92.43 29.96
CA ASP PA 40 69.09 -91.97 29.75
C ASP PA 40 69.24 -90.55 30.26
N PRO PA 41 69.98 -90.31 31.35
CA PRO PA 41 70.07 -88.94 31.88
C PRO PA 41 70.71 -87.96 30.92
N ALA PA 42 71.56 -88.42 30.01
CA ALA PA 42 72.14 -87.51 29.05
C ALA PA 42 71.08 -86.97 28.11
N LEU PA 43 70.10 -87.80 27.79
CA LEU PA 43 68.98 -87.38 26.95
C LEU PA 43 68.04 -86.46 27.72
N LEU PA 44 67.69 -86.85 28.94
CA LEU PA 44 66.79 -86.03 29.75
C LEU PA 44 67.36 -84.63 29.98
N ALA PA 45 68.65 -84.53 30.31
CA ALA PA 45 69.24 -83.22 30.57
C ALA PA 45 69.14 -82.30 29.37
N ALA PA 46 69.13 -82.84 28.16
CA ALA PA 46 69.02 -82.04 26.95
C ALA PA 46 67.58 -81.63 26.70
N TYR PA 47 66.67 -82.58 26.84
CA TYR PA 47 65.27 -82.28 26.55
C TYR PA 47 64.71 -81.24 27.50
N GLN PA 48 65.06 -81.32 28.78
CA GLN PA 48 64.58 -80.30 29.71
C GLN PA 48 64.88 -78.88 29.22
N SER PA 49 66.10 -78.67 28.73
CA SER PA 49 66.51 -77.37 28.21
C SER PA 49 65.72 -76.96 26.98
N LYS PA 50 65.73 -77.80 25.96
CA LYS PA 50 64.98 -77.45 24.75
C LYS PA 50 63.52 -77.11 25.05
N LEU PA 51 62.86 -77.92 25.86
CA LEU PA 51 61.45 -77.64 26.13
C LEU PA 51 61.24 -76.36 26.93
N SER PA 52 62.11 -76.06 27.88
CA SER PA 52 62.00 -74.78 28.58
C SER PA 52 62.13 -73.60 27.62
N GLU PA 53 63.11 -73.68 26.71
CA GLU PA 53 63.27 -72.61 25.73
C GLU PA 53 62.03 -72.43 24.88
N TYR PA 54 61.45 -73.53 24.42
CA TYR PA 54 60.22 -73.44 23.63
C TYR PA 54 59.10 -72.75 24.39
N ASN PA 55 58.91 -73.13 25.65
CA ASN PA 55 57.89 -72.48 26.48
C ASN PA 55 58.05 -70.97 26.53
N LEU PA 56 59.24 -70.49 26.88
CA LEU PA 56 59.44 -69.05 26.96
C LEU PA 56 59.23 -68.36 25.62
N TYR PA 57 59.64 -69.00 24.53
CA TYR PA 57 59.47 -68.42 23.20
C TYR PA 57 58.00 -68.16 22.88
N ARG PA 58 57.16 -69.18 22.97
CA ARG PA 58 55.74 -68.98 22.68
C ARG PA 58 55.06 -67.95 23.58
N ASN PA 59 55.37 -67.94 24.88
CA ASN PA 59 54.72 -66.91 25.72
C ASN PA 59 55.15 -65.50 25.37
N ALA PA 60 56.44 -65.27 25.12
CA ALA PA 60 56.83 -63.91 24.74
C ALA PA 60 56.14 -63.48 23.46
N GLN PA 61 55.98 -64.43 22.54
CA GLN PA 61 55.37 -64.10 21.26
C GLN PA 61 53.96 -63.57 21.44
N SER PA 62 53.11 -64.39 22.06
CA SER PA 62 51.72 -63.98 22.23
C SER PA 62 51.59 -62.67 22.99
N ASN PA 63 52.30 -62.51 24.11
CA ASN PA 63 52.12 -61.26 24.86
C ASN PA 63 52.48 -60.03 24.03
N THR PA 64 53.56 -60.11 23.24
CA THR PA 64 53.92 -58.96 22.42
C THR PA 64 52.81 -58.61 21.43
N VAL PA 65 52.32 -59.62 20.72
CA VAL PA 65 51.24 -59.37 19.76
C VAL PA 65 50.08 -58.64 20.43
N LYS PA 66 49.67 -59.11 21.60
CA LYS PA 66 48.55 -58.45 22.25
C LYS PA 66 48.81 -56.99 22.60
N VAL PA 67 50.01 -56.67 23.09
CA VAL PA 67 50.26 -55.26 23.41
C VAL PA 67 50.14 -54.37 22.17
N PHE PA 68 50.58 -54.85 21.01
CA PHE PA 68 50.42 -53.97 19.85
C PHE PA 68 48.97 -53.90 19.38
N LYS PA 69 48.21 -54.97 19.56
CA LYS PA 69 46.80 -54.87 19.21
C LYS PA 69 46.12 -53.81 20.04
N ASP PA 70 46.45 -53.73 21.32
CA ASP PA 70 45.76 -52.74 22.14
C ASP PA 70 46.27 -51.32 21.93
N ILE PA 71 47.48 -51.13 21.41
CA ILE PA 71 47.86 -49.77 21.02
C ILE PA 71 47.06 -49.32 19.81
N ASP PA 72 47.04 -50.12 18.75
CA ASP PA 72 46.27 -49.75 17.57
C ASP PA 72 44.81 -49.50 17.87
N ALA PA 73 44.16 -50.40 18.61
CA ALA PA 73 42.75 -50.20 18.90
C ALA PA 73 42.50 -48.86 19.61
N ALA PA 74 43.41 -48.48 20.49
CA ALA PA 74 43.26 -47.23 21.21
C ALA PA 74 43.41 -46.03 20.30
N ILE PA 75 44.23 -46.12 19.27
CA ILE PA 75 44.32 -44.98 18.37
C ILE PA 75 43.10 -44.92 17.46
N ILE PA 76 42.73 -46.05 16.87
CA ILE PA 76 41.57 -46.10 15.97
C ILE PA 76 40.32 -45.58 16.63
N GLN PA 77 40.16 -45.83 17.93
CA GLN PA 77 38.98 -45.30 18.61
C GLN PA 77 38.77 -43.80 18.44
N ASN PA 78 39.80 -42.99 18.31
CA ASN PA 78 39.57 -41.55 18.31
C ASN PA 78 39.36 -40.94 16.95
N PHE PA 79 39.35 -41.70 15.86
CA PHE PA 79 39.11 -41.06 14.58
C PHE PA 79 37.75 -40.39 14.56
N ARG PA 80 36.78 -40.96 15.25
CA ARG PA 80 35.49 -40.31 15.44
C ARG PA 80 35.63 -39.05 16.25
N THR QA 3 71.05 -42.86 20.92
CA THR QA 3 70.06 -41.99 21.54
C THR QA 3 70.00 -42.23 23.05
N PRO QA 4 70.68 -41.42 23.80
CA PRO QA 4 70.59 -41.49 25.27
C PRO QA 4 69.28 -40.91 25.83
N TRP QA 5 68.16 -41.37 25.28
CA TRP QA 5 66.85 -40.91 25.70
C TRP QA 5 66.29 -41.91 26.70
N SER QA 6 65.87 -41.42 27.87
CA SER QA 6 65.43 -42.32 28.93
C SER QA 6 64.29 -41.68 29.70
N GLY QA 7 63.09 -42.21 29.50
CA GLY QA 7 61.92 -41.76 30.21
C GLY QA 7 61.98 -42.02 31.70
N TYR QA 8 60.88 -41.65 32.34
CA TYR QA 8 60.74 -41.87 33.78
C TYR QA 8 60.81 -43.34 34.14
N LEU QA 9 60.17 -44.20 33.36
CA LEU QA 9 60.26 -45.64 33.64
C LEU QA 9 61.68 -46.16 33.48
N ASP QA 10 62.38 -45.73 32.43
CA ASP QA 10 63.79 -46.09 32.29
C ASP QA 10 64.59 -45.67 33.52
N ASP QA 11 64.40 -44.44 34.00
CA ASP QA 11 65.07 -44.01 35.22
C ASP QA 11 64.75 -44.89 36.42
N VAL QA 12 63.47 -45.16 36.65
CA VAL QA 12 63.07 -46.01 37.76
C VAL QA 12 63.73 -47.37 37.69
N SER QA 13 63.87 -47.91 36.49
CA SER QA 13 64.54 -49.20 36.37
C SER QA 13 66.04 -49.07 36.60
N ALA QA 14 66.67 -48.10 35.95
CA ALA QA 14 68.11 -47.87 36.12
C ALA QA 14 68.52 -47.74 37.58
N LYS QA 15 67.69 -47.17 38.43
CA LYS QA 15 68.08 -47.10 39.83
C LYS QA 15 68.48 -48.46 40.40
N PHE QA 16 67.77 -49.52 40.08
CA PHE QA 16 68.17 -50.84 40.56
C PHE QA 16 69.50 -51.28 39.95
N ASP QA 17 69.63 -51.16 38.63
CA ASP QA 17 70.90 -51.50 37.98
C ASP QA 17 72.08 -50.84 38.67
N THR QA 18 71.97 -49.57 39.03
CA THR QA 18 73.05 -48.88 39.71
C THR QA 18 73.05 -49.06 41.22
N GLY QA 19 72.06 -49.74 41.76
CA GLY QA 19 72.05 -50.06 43.17
C GLY QA 19 72.80 -51.34 43.43
N VAL QA 20 72.62 -52.31 42.55
CA VAL QA 20 73.42 -53.54 42.60
C VAL QA 20 74.58 -53.42 41.63
N ASP QA 21 75.64 -52.80 42.12
CA ASP QA 21 76.80 -52.44 41.29
C ASP QA 21 77.41 -53.63 40.57
N ASN QA 22 77.78 -54.67 41.28
CA ASN QA 22 78.59 -55.75 40.75
C ASN QA 22 77.90 -57.11 40.71
N LEU QA 23 76.77 -57.27 41.40
CA LEU QA 23 76.04 -58.52 41.42
C LEU QA 23 75.92 -59.10 40.02
N GLN QA 24 75.63 -58.25 39.05
CA GLN QA 24 75.48 -58.70 37.67
C GLN QA 24 76.60 -59.61 37.23
N THR QA 25 77.83 -59.38 37.67
CA THR QA 25 78.93 -60.26 37.29
C THR QA 25 79.30 -61.25 38.36
N GLN QA 26 79.23 -60.87 39.64
CA GLN QA 26 79.46 -61.84 40.70
C GLN QA 26 78.67 -63.12 40.44
N VAL QA 27 77.45 -62.97 39.94
CA VAL QA 27 76.61 -64.13 39.68
C VAL QA 27 77.21 -65.05 38.63
N THR QA 28 77.99 -64.51 37.70
CA THR QA 28 78.61 -65.37 36.70
C THR QA 28 79.95 -65.92 37.16
N GLU QA 29 80.73 -65.11 37.86
CA GLU QA 29 81.96 -65.60 38.46
C GLU QA 29 81.70 -66.83 39.31
N ALA QA 30 80.75 -66.71 40.24
CA ALA QA 30 80.41 -67.85 41.09
C ALA QA 30 79.97 -69.06 40.28
N LEU QA 31 79.18 -68.85 39.23
CA LEU QA 31 78.77 -69.97 38.41
C LEU QA 31 79.95 -70.68 37.76
N ASP QA 32 80.85 -69.93 37.16
CA ASP QA 32 82.00 -70.54 36.50
C ASP QA 32 82.89 -71.32 37.48
N LYS QA 33 83.17 -70.74 38.63
CA LYS QA 33 84.01 -71.48 39.57
C LYS QA 33 83.28 -72.66 40.20
N LEU QA 34 81.96 -72.58 40.39
CA LEU QA 34 81.23 -73.76 40.82
C LEU QA 34 81.31 -74.85 39.77
N ALA QA 35 81.02 -74.51 38.52
CA ALA QA 35 81.01 -75.51 37.47
C ALA QA 35 82.38 -76.15 37.32
N ALA QA 36 83.43 -75.45 37.72
CA ALA QA 36 84.74 -76.07 37.70
C ALA QA 36 84.88 -77.20 38.72
N LYS QA 37 84.08 -77.24 39.77
CA LYS QA 37 84.21 -78.29 40.77
C LYS QA 37 82.92 -78.41 41.59
N PRO QA 38 81.88 -79.01 41.01
CA PRO QA 38 80.54 -78.90 41.61
C PRO QA 38 80.38 -79.44 43.01
N SER QA 39 81.29 -80.26 43.51
CA SER QA 39 81.08 -80.97 44.78
C SER QA 39 81.75 -80.28 45.97
N ASP QA 40 81.84 -78.95 46.00
CA ASP QA 40 82.50 -78.26 47.10
C ASP QA 40 81.53 -77.43 47.92
N PRO QA 41 81.41 -77.71 49.23
CA PRO QA 41 80.47 -76.97 50.06
C PRO QA 41 80.66 -75.47 50.09
N ALA QA 42 81.90 -74.97 49.98
CA ALA QA 42 82.08 -73.53 50.05
C ALA QA 42 81.54 -72.85 48.82
N LEU QA 43 81.63 -73.51 47.67
CA LEU QA 43 81.13 -72.93 46.45
C LEU QA 43 79.61 -73.06 46.39
N LEU QA 44 79.08 -74.19 46.84
CA LEU QA 44 77.63 -74.33 46.87
C LEU QA 44 77.00 -73.26 47.77
N ALA QA 45 77.54 -73.10 48.97
CA ALA QA 45 77.00 -72.12 49.91
C ALA QA 45 77.11 -70.70 49.38
N ALA QA 46 78.19 -70.39 48.66
CA ALA QA 46 78.29 -69.05 48.09
C ALA QA 46 77.26 -68.83 47.00
N TYR QA 47 77.19 -69.76 46.06
CA TYR QA 47 76.26 -69.62 44.94
C TYR QA 47 74.83 -69.43 45.42
N GLN QA 48 74.33 -70.32 46.28
CA GLN QA 48 72.98 -70.14 46.78
C GLN QA 48 72.66 -68.70 47.19
N SER QA 49 73.54 -68.12 48.02
CA SER QA 49 73.33 -66.77 48.50
C SER QA 49 73.43 -65.71 47.42
N LYS QA 50 74.11 -65.99 46.31
CA LYS QA 50 74.13 -64.99 45.26
C LYS QA 50 72.92 -65.11 44.32
N LEU QA 51 72.64 -66.34 43.89
CA LEU QA 51 71.50 -66.60 43.02
C LEU QA 51 70.19 -66.11 43.61
N SER QA 52 69.96 -66.32 44.91
CA SER QA 52 68.71 -65.84 45.49
C SER QA 52 68.59 -64.32 45.45
N GLU QA 53 69.67 -63.62 45.77
CA GLU QA 53 69.68 -62.16 45.68
C GLU QA 53 69.38 -61.69 44.27
N TYR QA 54 69.95 -62.34 43.27
CA TYR QA 54 69.64 -61.94 41.89
C TYR QA 54 68.18 -62.19 41.52
N ASN QA 55 67.62 -63.28 42.00
CA ASN QA 55 66.19 -63.53 41.77
C ASN QA 55 65.33 -62.40 42.32
N LEU QA 56 65.51 -62.06 43.59
CA LEU QA 56 64.67 -61.02 44.18
C LEU QA 56 64.92 -59.65 43.55
N TYR QA 57 66.15 -59.41 43.09
CA TYR QA 57 66.46 -58.19 42.38
C TYR QA 57 65.60 -58.03 41.13
N ARG QA 58 65.61 -59.03 40.25
CA ARG QA 58 64.82 -58.91 39.04
C ARG QA 58 63.31 -58.86 39.29
N ASN QA 59 62.81 -59.54 40.31
CA ASN QA 59 61.37 -59.43 40.58
C ASN QA 59 60.95 -58.04 41.05
N ALA QA 60 61.66 -57.46 42.01
CA ALA QA 60 61.28 -56.11 42.43
C ALA QA 60 61.44 -55.12 41.29
N GLN QA 61 62.44 -55.34 40.44
CA GLN QA 61 62.66 -54.44 39.32
C GLN QA 61 61.45 -54.40 38.40
N SER QA 62 60.92 -55.56 38.04
CA SER QA 62 59.84 -55.55 37.06
C SER QA 62 58.50 -55.13 37.66
N ASN QA 63 58.21 -55.51 38.90
CA ASN QA 63 56.93 -55.08 39.45
C ASN QA 63 56.85 -53.57 39.62
N THR QA 64 57.94 -52.92 40.02
CA THR QA 64 57.86 -51.46 40.17
C THR QA 64 57.48 -50.78 38.85
N VAL QA 65 58.11 -51.21 37.77
CA VAL QA 65 57.82 -50.67 36.45
C VAL QA 65 56.35 -50.82 36.11
N LYS QA 66 55.80 -52.00 36.32
CA LYS QA 66 54.39 -52.17 35.98
C LYS QA 66 53.49 -51.25 36.79
N VAL QA 67 53.73 -51.12 38.10
CA VAL QA 67 52.83 -50.27 38.89
C VAL QA 67 52.88 -48.80 38.44
N PHE QA 68 54.06 -48.29 38.11
CA PHE QA 68 54.10 -46.95 37.54
C PHE QA 68 53.33 -46.84 36.24
N LYS QA 69 53.49 -47.81 35.33
CA LYS QA 69 52.72 -47.73 34.11
C LYS QA 69 51.23 -47.65 34.38
N ASP QA 70 50.75 -48.43 35.34
CA ASP QA 70 49.33 -48.36 35.64
C ASP QA 70 48.91 -47.06 36.31
N ILE QA 71 49.83 -46.33 36.92
CA ILE QA 71 49.49 -44.99 37.41
C ILE QA 71 49.36 -43.99 36.26
N ASP QA 72 50.29 -44.04 35.31
CA ASP QA 72 50.21 -43.10 34.19
C ASP QA 72 48.95 -43.32 33.35
N ALA QA 73 48.68 -44.56 32.99
CA ALA QA 73 47.60 -44.79 32.02
C ALA QA 73 46.26 -44.29 32.56
N ALA QA 74 46.03 -44.42 33.86
CA ALA QA 74 44.80 -43.90 34.45
C ALA QA 74 44.70 -42.38 34.41
N ILE QA 75 45.81 -41.66 34.33
CA ILE QA 75 45.70 -40.21 34.17
C ILE QA 75 45.43 -39.88 32.71
N ILE QA 76 46.19 -40.49 31.82
CA ILE QA 76 46.07 -40.13 30.40
C ILE QA 76 44.68 -40.41 29.90
N GLN QA 77 44.01 -41.42 30.46
CA GLN QA 77 42.64 -41.69 30.06
C GLN QA 77 41.71 -40.49 30.27
N ASN QA 78 41.91 -39.73 31.34
CA ASN QA 78 41.04 -38.59 31.62
C ASN QA 78 41.28 -37.36 30.75
N PHE QA 79 42.25 -37.35 29.85
CA PHE QA 79 42.42 -36.15 29.03
C PHE QA 79 41.20 -35.85 28.19
N ARG QA 80 40.43 -36.85 27.80
CA ARG QA 80 39.19 -36.56 27.11
C ARG QA 80 38.21 -35.98 28.09
N ALA RA 2 52.12 -36.18 66.29
CA ALA RA 2 52.02 -36.30 64.85
C ALA RA 2 53.35 -36.68 64.24
N THR RA 3 53.31 -37.29 63.06
CA THR RA 3 54.43 -38.02 62.49
C THR RA 3 54.63 -37.57 61.05
N PRO RA 4 55.79 -37.87 60.46
CA PRO RA 4 56.26 -37.07 59.31
C PRO RA 4 55.23 -36.89 58.22
N TRP RA 5 54.57 -37.97 57.84
CA TRP RA 5 53.22 -37.93 57.28
C TRP RA 5 52.72 -39.36 57.40
N SER RA 6 51.41 -39.55 57.29
CA SER RA 6 50.95 -40.92 57.16
C SER RA 6 49.53 -40.98 56.64
N GLY RA 7 49.30 -41.88 55.69
CA GLY RA 7 47.99 -42.23 55.24
C GLY RA 7 47.38 -43.28 56.11
N TYR RA 8 46.20 -43.74 55.72
CA TYR RA 8 45.52 -44.76 56.48
C TYR RA 8 46.25 -46.09 56.39
N LEU RA 9 46.95 -46.33 55.29
CA LEU RA 9 47.65 -47.59 55.17
C LEU RA 9 48.88 -47.62 56.07
N ASP RA 10 49.60 -46.50 56.14
CA ASP RA 10 50.73 -46.42 57.05
C ASP RA 10 50.29 -46.80 58.45
N ASP RA 11 49.14 -46.29 58.86
CA ASP RA 11 48.59 -46.57 60.17
C ASP RA 11 48.34 -48.05 60.37
N VAL RA 12 47.70 -48.68 59.39
CA VAL RA 12 47.45 -50.11 59.51
C VAL RA 12 48.75 -50.89 59.64
N SER RA 13 49.79 -50.47 58.93
CA SER RA 13 51.11 -51.09 59.09
C SER RA 13 51.69 -50.87 60.49
N ALA RA 14 51.75 -49.62 60.92
CA ALA RA 14 52.28 -49.31 62.24
C ALA RA 14 51.53 -50.03 63.36
N LYS RA 15 50.27 -50.37 63.16
CA LYS RA 15 49.58 -51.14 64.21
C LYS RA 15 50.24 -52.49 64.45
N PHE RA 16 50.67 -53.18 63.41
CA PHE RA 16 51.48 -54.38 63.63
C PHE RA 16 52.85 -54.03 64.20
N ASP RA 17 53.51 -53.04 63.63
CA ASP RA 17 54.87 -52.75 64.10
C ASP RA 17 54.92 -52.37 65.58
N THR RA 18 53.83 -51.83 66.11
CA THR RA 18 53.75 -51.57 67.55
C THR RA 18 53.00 -52.63 68.31
N GLY RA 19 52.39 -53.59 67.62
CA GLY RA 19 51.76 -54.70 68.29
C GLY RA 19 52.74 -55.79 68.68
N VAL RA 20 53.72 -56.05 67.83
CA VAL RA 20 54.84 -56.92 68.22
C VAL RA 20 55.96 -56.04 68.79
N ASP RA 21 56.00 -55.94 70.12
CA ASP RA 21 56.70 -54.83 70.77
C ASP RA 21 58.17 -54.77 70.38
N ASN RA 22 58.86 -55.92 70.35
CA ASN RA 22 60.30 -55.89 70.14
C ASN RA 22 60.82 -57.11 69.36
N LEU RA 23 59.91 -57.87 68.74
CA LEU RA 23 60.29 -59.09 68.07
C LEU RA 23 61.42 -58.87 67.08
N GLN RA 24 61.46 -57.71 66.43
CA GLN RA 24 62.54 -57.44 65.49
C GLN RA 24 63.91 -57.55 66.13
N THR RA 25 64.09 -56.97 67.31
CA THR RA 25 65.41 -57.04 67.93
C THR RA 25 65.63 -58.39 68.58
N GLN RA 26 64.58 -58.98 69.15
CA GLN RA 26 64.75 -60.33 69.70
C GLN RA 26 65.27 -61.30 68.65
N VAL RA 27 64.67 -61.31 67.46
CA VAL RA 27 65.15 -62.17 66.39
C VAL RA 27 66.53 -61.74 65.92
N THR RA 28 66.80 -60.44 65.87
CA THR RA 28 68.08 -59.99 65.35
C THR RA 28 69.23 -60.46 66.24
N GLU RA 29 69.01 -60.51 67.55
CA GLU RA 29 70.05 -60.94 68.48
C GLU RA 29 70.09 -62.45 68.70
N ALA RA 30 68.95 -63.14 68.75
CA ALA RA 30 69.01 -64.57 69.04
C ALA RA 30 69.83 -65.29 67.99
N LEU RA 31 69.82 -64.79 66.75
CA LEU RA 31 70.72 -65.26 65.72
C LEU RA 31 72.18 -65.06 66.09
N ASP RA 32 72.53 -63.91 66.67
CA ASP RA 32 73.92 -63.70 67.05
C ASP RA 32 74.34 -64.60 68.18
N LYS RA 33 73.42 -65.00 69.05
CA LYS RA 33 73.74 -66.11 69.95
C LYS RA 33 73.97 -67.40 69.17
N LEU RA 34 72.98 -67.82 68.39
CA LEU RA 34 72.98 -69.14 67.79
C LEU RA 34 74.21 -69.36 66.91
N ALA RA 35 74.55 -68.37 66.09
CA ALA RA 35 75.67 -68.51 65.17
C ALA RA 35 76.98 -68.78 65.88
N ALA RA 36 77.15 -68.26 67.08
CA ALA RA 36 78.41 -68.46 67.78
C ALA RA 36 78.56 -69.84 68.40
N LYS RA 37 77.48 -70.62 68.54
CA LYS RA 37 77.58 -72.00 69.02
C LYS RA 37 76.47 -72.84 68.39
N PRO RA 38 76.59 -73.10 67.08
CA PRO RA 38 75.45 -73.59 66.30
C PRO RA 38 74.84 -74.90 66.75
N SER RA 39 75.40 -75.59 67.74
CA SER RA 39 75.01 -76.97 68.01
C SER RA 39 74.39 -77.15 69.37
N ASP RA 40 73.82 -76.09 69.96
CA ASP RA 40 73.17 -76.21 71.25
C ASP RA 40 71.67 -76.31 71.08
N PRO RA 41 71.02 -77.38 71.55
CA PRO RA 41 69.60 -77.58 71.26
C PRO RA 41 68.68 -76.54 71.89
N ALA RA 42 69.05 -75.95 73.01
CA ALA RA 42 68.24 -74.86 73.54
C ALA RA 42 68.26 -73.69 72.59
N LEU RA 43 69.45 -73.31 72.13
CA LEU RA 43 69.54 -72.17 71.24
C LEU RA 43 68.74 -72.44 69.97
N LEU RA 44 68.84 -73.66 69.44
CA LEU RA 44 68.08 -73.95 68.24
C LEU RA 44 66.59 -73.80 68.49
N ALA RA 45 66.08 -74.43 69.55
CA ALA RA 45 64.63 -74.43 69.73
C ALA RA 45 64.11 -73.01 69.90
N ALA RA 46 64.91 -72.16 70.54
CA ALA RA 46 64.56 -70.76 70.62
C ALA RA 46 64.45 -70.16 69.22
N TYR RA 47 65.50 -70.30 68.42
CA TYR RA 47 65.51 -69.59 67.16
C TYR RA 47 64.39 -70.04 66.25
N GLN RA 48 64.16 -71.34 66.15
CA GLN RA 48 62.97 -71.86 65.49
C GLN RA 48 61.68 -71.14 65.91
N SER RA 49 61.40 -71.16 67.22
CA SER RA 49 60.18 -70.51 67.72
C SER RA 49 60.11 -69.03 67.35
N LYS RA 50 61.24 -68.35 67.31
CA LYS RA 50 61.22 -66.92 66.99
C LYS RA 50 61.01 -66.67 65.50
N LEU RA 51 61.78 -67.33 64.66
CA LEU RA 51 61.68 -67.08 63.24
C LEU RA 51 60.31 -67.46 62.69
N SER RA 52 59.64 -68.45 63.26
CA SER RA 52 58.28 -68.73 62.82
C SER RA 52 57.35 -67.55 63.07
N GLU RA 53 57.49 -66.91 64.23
CA GLU RA 53 56.72 -65.71 64.55
C GLU RA 53 57.01 -64.59 63.58
N TYR RA 54 58.28 -64.32 63.33
CA TYR RA 54 58.62 -63.24 62.40
C TYR RA 54 58.05 -63.48 61.02
N ASN RA 55 58.10 -64.74 60.56
CA ASN RA 55 57.49 -65.08 59.29
C ASN RA 55 56.02 -64.69 59.26
N LEU RA 56 55.23 -65.27 60.16
CA LEU RA 56 53.79 -65.01 60.13
C LEU RA 56 53.47 -63.53 60.26
N TYR RA 57 54.21 -62.82 61.10
CA TYR RA 57 54.05 -61.39 61.24
C TYR RA 57 54.15 -60.66 59.91
N ARG RA 58 55.30 -60.74 59.26
CA ARG RA 58 55.44 -60.03 57.98
C ARG RA 58 54.43 -60.47 56.94
N ASN RA 59 54.06 -61.76 56.95
CA ASN RA 59 53.07 -62.23 55.99
C ASN RA 59 51.74 -61.51 56.16
N ALA RA 60 51.10 -61.66 57.32
CA ALA RA 60 49.80 -61.02 57.51
C ALA RA 60 49.88 -59.51 57.39
N GLN RA 61 51.04 -58.93 57.67
CA GLN RA 61 51.18 -57.49 57.53
C GLN RA 61 51.00 -57.10 56.09
N SER RA 62 51.75 -57.73 55.19
CA SER RA 62 51.62 -57.32 53.79
C SER RA 62 50.26 -57.65 53.20
N ASN RA 63 49.62 -58.75 53.60
CA ASN RA 63 48.29 -59.02 53.04
C ASN RA 63 47.23 -57.96 53.43
N THR RA 64 47.26 -57.47 54.66
CA THR RA 64 46.22 -56.52 55.05
C THR RA 64 46.25 -55.24 54.22
N VAL RA 65 47.45 -54.77 53.90
CA VAL RA 65 47.58 -53.54 53.13
C VAL RA 65 46.94 -53.71 51.77
N LYS RA 66 47.21 -54.85 51.14
CA LYS RA 66 46.64 -55.11 49.82
C LYS RA 66 45.13 -55.10 49.86
N VAL RA 67 44.53 -55.64 50.93
CA VAL RA 67 43.07 -55.62 50.94
C VAL RA 67 42.51 -54.21 51.09
N PHE RA 68 43.11 -53.38 51.92
CA PHE RA 68 42.62 -52.00 51.99
C PHE RA 68 42.86 -51.21 50.71
N LYS RA 69 43.97 -51.43 50.02
CA LYS RA 69 44.13 -50.78 48.73
C LYS RA 69 43.07 -51.18 47.74
N ASP RA 70 42.69 -52.45 47.74
CA ASP RA 70 41.61 -52.89 46.86
C ASP RA 70 40.30 -52.19 47.18
N ILE RA 71 39.95 -52.12 48.46
CA ILE RA 71 38.70 -51.45 48.84
C ILE RA 71 38.70 -49.98 48.45
N ASP RA 72 39.82 -49.28 48.58
CA ASP RA 72 39.81 -47.88 48.17
C ASP RA 72 39.69 -47.71 46.67
N ALA RA 73 40.50 -48.44 45.90
CA ALA RA 73 40.39 -48.36 44.44
C ALA RA 73 38.97 -48.59 43.96
N ALA RA 74 38.23 -49.49 44.61
CA ALA RA 74 36.88 -49.77 44.16
C ALA RA 74 35.95 -48.57 44.33
N ILE RA 75 36.20 -47.69 45.27
CA ILE RA 75 35.35 -46.52 45.48
C ILE RA 75 35.80 -45.36 44.61
N ILE RA 76 37.10 -45.09 44.57
CA ILE RA 76 37.58 -44.01 43.73
C ILE RA 76 37.17 -44.22 42.29
N GLN RA 77 37.17 -45.47 41.83
CA GLN RA 77 36.75 -45.73 40.46
C GLN RA 77 35.31 -45.27 40.19
N ASN RA 78 34.42 -45.32 41.17
CA ASN RA 78 33.03 -44.91 40.96
C ASN RA 78 32.77 -43.40 40.98
N PHE RA 79 33.73 -42.56 41.31
CA PHE RA 79 33.46 -41.12 41.23
C PHE RA 79 33.09 -40.72 39.81
N ARG RA 80 33.96 -41.04 38.87
CA ARG RA 80 33.74 -40.70 37.47
C ARG RA 80 32.58 -41.45 36.88
N ALA SA 2 21.00 -56.26 68.76
CA ALA SA 2 21.22 -56.58 70.15
C ALA SA 2 22.54 -57.29 70.34
N THR SA 3 22.55 -58.61 70.16
CA THR SA 3 23.82 -59.32 70.11
C THR SA 3 24.68 -58.62 69.08
N PRO SA 4 25.99 -58.59 69.24
CA PRO SA 4 26.83 -58.01 68.19
C PRO SA 4 26.38 -58.39 66.79
N TRP SA 5 26.24 -57.39 65.93
CA TRP SA 5 25.82 -57.61 64.56
C TRP SA 5 26.63 -58.74 63.92
N SER SA 6 25.94 -59.64 63.24
CA SER SA 6 26.60 -60.73 62.52
C SER SA 6 25.92 -60.87 61.17
N GLY SA 7 26.73 -60.97 60.13
CA GLY SA 7 26.23 -61.21 58.79
C GLY SA 7 26.11 -62.67 58.42
N TYR SA 8 25.99 -62.89 57.11
CA TYR SA 8 25.90 -64.24 56.58
C TYR SA 8 27.19 -65.01 56.77
N LEU SA 9 28.32 -64.40 56.45
CA LEU SA 9 29.59 -65.09 56.64
C LEU SA 9 29.86 -65.39 58.11
N ASP SA 10 29.62 -64.41 58.99
CA ASP SA 10 29.69 -64.69 60.41
C ASP SA 10 28.84 -65.89 60.81
N ASP SA 11 27.58 -65.90 60.39
CA ASP SA 11 26.69 -67.01 60.72
C ASP SA 11 27.09 -68.31 60.06
N VAL SA 12 27.93 -68.27 59.03
CA VAL SA 12 28.46 -69.51 58.47
C VAL SA 12 29.65 -70.00 59.26
N SER SA 13 30.61 -69.13 59.50
CA SER SA 13 31.77 -69.47 60.32
C SER SA 13 31.36 -70.02 61.68
N ALA SA 14 30.49 -69.32 62.39
CA ALA SA 14 30.03 -69.79 63.69
C ALA SA 14 29.37 -71.16 63.65
N LYS SA 15 28.83 -71.58 62.51
CA LYS SA 15 28.25 -72.91 62.44
C LYS SA 15 29.27 -73.99 62.78
N PHE SA 16 30.48 -73.89 62.24
CA PHE SA 16 31.53 -74.84 62.58
C PHE SA 16 31.83 -74.86 64.08
N ASP SA 17 32.06 -73.68 64.65
CA ASP SA 17 32.31 -73.62 66.09
C ASP SA 17 31.23 -74.30 66.91
N THR SA 18 29.96 -74.06 66.58
CA THR SA 18 28.93 -74.79 67.31
C THR SA 18 28.78 -76.24 66.87
N GLY SA 19 29.41 -76.64 65.78
CA GLY SA 19 29.43 -78.02 65.38
C GLY SA 19 30.39 -78.85 66.19
N VAL SA 20 31.62 -78.37 66.29
CA VAL SA 20 32.66 -79.02 67.15
C VAL SA 20 32.48 -78.46 68.55
N ASP SA 21 31.49 -79.02 69.25
CA ASP SA 21 31.07 -78.53 70.56
C ASP SA 21 32.19 -78.17 71.54
N ASN SA 22 33.15 -79.07 71.74
CA ASN SA 22 34.16 -78.90 72.78
C ASN SA 22 35.60 -79.08 72.34
N LEU SA 23 35.81 -79.40 71.06
CA LEU SA 23 37.15 -79.67 70.56
C LEU SA 23 38.13 -78.58 70.99
N GLN SA 24 37.72 -77.32 70.91
CA GLN SA 24 38.62 -76.25 71.30
C GLN SA 24 39.19 -76.43 72.69
N THR SA 25 38.44 -77.02 73.61
CA THR SA 25 38.99 -77.30 74.94
C THR SA 25 39.77 -78.60 74.97
N GLN SA 26 39.16 -79.67 74.44
CA GLN SA 26 39.84 -80.97 74.42
C GLN SA 26 41.27 -80.90 73.90
N VAL SA 27 41.53 -80.04 72.91
CA VAL SA 27 42.89 -79.94 72.39
C VAL SA 27 43.84 -79.40 73.46
N THR SA 28 43.46 -78.33 74.15
CA THR SA 28 44.36 -77.80 75.18
C THR SA 28 44.47 -78.74 76.37
N GLU SA 29 43.36 -79.37 76.75
CA GLU SA 29 43.41 -80.37 77.81
C GLU SA 29 44.45 -81.45 77.52
N ALA SA 30 44.26 -82.18 76.42
CA ALA SA 30 45.21 -83.21 76.05
C ALA SA 30 46.63 -82.65 75.95
N LEU SA 31 46.80 -81.47 75.36
CA LEU SA 31 48.13 -80.89 75.26
C LEU SA 31 48.80 -80.74 76.61
N ASP SA 32 48.06 -80.29 77.62
CA ASP SA 32 48.65 -80.15 78.96
C ASP SA 32 48.93 -81.51 79.60
N LYS SA 33 47.97 -82.42 79.55
CA LYS SA 33 48.23 -83.76 80.07
C LYS SA 33 49.50 -84.35 79.48
N LEU SA 34 49.65 -84.28 78.15
CA LEU SA 34 50.81 -84.84 77.50
C LEU SA 34 52.09 -84.09 77.87
N ALA SA 35 52.05 -82.77 77.88
CA ALA SA 35 53.23 -82.02 78.29
C ALA SA 35 53.67 -82.41 79.69
N ALA SA 36 52.72 -82.88 80.51
CA ALA SA 36 53.07 -83.33 81.85
C ALA SA 36 54.00 -84.56 81.82
N LYS SA 37 53.87 -85.43 80.81
CA LYS SA 37 54.64 -86.67 80.78
C LYS SA 37 54.88 -87.08 79.33
N PRO SA 38 55.78 -86.37 78.64
CA PRO SA 38 55.94 -86.53 77.19
C PRO SA 38 56.16 -87.94 76.68
N SER SA 39 56.68 -88.86 77.48
CA SER SA 39 57.07 -90.18 77.02
C SER SA 39 56.01 -91.25 77.27
N ASP SA 40 54.73 -90.90 77.20
CA ASP SA 40 53.67 -91.87 77.47
C ASP SA 40 52.84 -92.19 76.24
N PRO SA 41 52.86 -93.43 75.75
CA PRO SA 41 52.27 -93.71 74.45
C PRO SA 41 50.78 -93.50 74.42
N ALA SA 42 50.10 -93.72 75.54
CA ALA SA 42 48.65 -93.55 75.57
C ALA SA 42 48.28 -92.09 75.40
N LEU SA 43 49.14 -91.18 75.84
CA LEU SA 43 48.90 -89.76 75.66
C LEU SA 43 49.25 -89.34 74.25
N LEU SA 44 50.37 -89.82 73.73
CA LEU SA 44 50.75 -89.49 72.35
C LEU SA 44 49.68 -89.93 71.37
N ALA SA 45 49.18 -91.15 71.50
CA ALA SA 45 48.17 -91.66 70.58
C ALA SA 45 46.87 -90.88 70.66
N ALA SA 46 46.60 -90.21 71.77
CA ALA SA 46 45.43 -89.35 71.90
C ALA SA 46 45.65 -88.01 71.21
N TYR SA 47 46.76 -87.37 71.54
CA TYR SA 47 47.04 -86.05 71.02
C TYR SA 47 47.23 -86.04 69.52
N GLN SA 48 47.81 -87.08 68.94
CA GLN SA 48 47.85 -87.15 67.48
C GLN SA 48 46.46 -86.98 66.85
N SER SA 49 45.48 -87.70 67.38
CA SER SA 49 44.12 -87.64 66.85
C SER SA 49 43.51 -86.27 67.06
N LYS SA 50 43.59 -85.75 68.27
CA LYS SA 50 43.03 -84.43 68.55
C LYS SA 50 43.60 -83.36 67.63
N LEU SA 51 44.91 -83.29 67.52
CA LEU SA 51 45.52 -82.26 66.70
C LEU SA 51 45.18 -82.42 65.21
N SER SA 52 45.11 -83.66 64.72
CA SER SA 52 44.68 -83.86 63.33
C SER SA 52 43.27 -83.31 63.10
N GLU SA 53 42.36 -83.61 64.01
CA GLU SA 53 41.00 -83.10 63.89
C GLU SA 53 40.97 -81.58 63.88
N TYR SA 54 41.69 -80.95 64.80
CA TYR SA 54 41.72 -79.51 64.85
C TYR SA 54 42.24 -78.88 63.56
N ASN SA 55 43.27 -79.48 62.98
CA ASN SA 55 43.81 -78.97 61.73
C ASN SA 55 42.77 -79.01 60.61
N LEU SA 56 42.18 -80.18 60.38
CA LEU SA 56 41.17 -80.29 59.33
C LEU SA 56 40.02 -79.31 59.52
N TYR SA 57 39.54 -79.17 60.75
CA TYR SA 57 38.47 -78.22 61.03
C TYR SA 57 38.82 -76.78 60.66
N ARG SA 58 39.90 -76.25 61.20
CA ARG SA 58 40.24 -74.86 60.88
C ARG SA 58 40.45 -74.63 59.38
N ASN SA 59 41.03 -75.61 58.70
CA ASN SA 59 41.27 -75.47 57.27
C ASN SA 59 39.97 -75.40 56.48
N ALA SA 60 39.10 -76.39 56.63
CA ALA SA 60 37.85 -76.39 55.88
C ALA SA 60 36.99 -75.17 56.19
N GLN SA 61 37.04 -74.68 57.42
CA GLN SA 61 36.34 -73.44 57.73
C GLN SA 61 36.80 -72.28 56.85
N SER SA 62 38.10 -72.04 56.80
CA SER SA 62 38.55 -70.86 56.06
C SER SA 62 38.29 -70.99 54.56
N ASN SA 63 38.45 -72.18 54.00
CA ASN SA 63 38.13 -72.31 52.57
C ASN SA 63 36.67 -72.02 52.27
N THR SA 64 35.76 -72.51 53.11
CA THR SA 64 34.35 -72.27 52.80
C THR SA 64 33.99 -70.80 52.89
N VAL SA 65 34.51 -70.10 53.90
CA VAL SA 65 34.24 -68.66 53.97
C VAL SA 65 34.78 -67.92 52.75
N LYS SA 66 35.93 -68.32 52.21
CA LYS SA 66 36.38 -67.63 51.01
C LYS SA 66 35.46 -67.86 49.83
N VAL SA 67 35.01 -69.10 49.62
CA VAL SA 67 34.13 -69.34 48.48
C VAL SA 67 32.87 -68.50 48.58
N PHE SA 68 32.27 -68.44 49.76
CA PHE SA 68 31.11 -67.56 49.86
C PHE SA 68 31.44 -66.08 49.76
N LYS SA 69 32.71 -65.66 49.87
CA LYS SA 69 32.95 -64.26 49.52
C LYS SA 69 32.94 -64.05 48.02
N ASP SA 70 33.51 -64.99 47.28
CA ASP SA 70 33.58 -64.82 45.84
C ASP SA 70 32.20 -64.83 45.20
N ILE SA 71 31.34 -65.73 45.66
CA ILE SA 71 29.99 -65.79 45.08
C ILE SA 71 29.28 -64.44 45.21
N ASP SA 72 29.46 -63.74 46.31
CA ASP SA 72 28.82 -62.44 46.47
C ASP SA 72 29.46 -61.37 45.59
N ALA SA 73 30.79 -61.24 45.66
CA ALA SA 73 31.43 -60.19 44.87
C ALA SA 73 31.08 -60.28 43.40
N ALA SA 74 30.98 -61.50 42.87
CA ALA SA 74 30.59 -61.63 41.46
C ALA SA 74 29.22 -61.03 41.17
N ILE SA 75 28.29 -61.11 42.11
CA ILE SA 75 26.96 -60.54 41.91
C ILE SA 75 26.98 -59.04 42.05
N ILE SA 76 27.57 -58.55 43.13
CA ILE SA 76 27.63 -57.10 43.34
C ILE SA 76 28.22 -56.40 42.14
N GLN SA 77 29.27 -56.95 41.55
CA GLN SA 77 29.85 -56.27 40.39
C GLN SA 77 28.83 -55.95 39.30
N ASN SA 78 27.84 -56.81 39.07
CA ASN SA 78 26.87 -56.57 38.01
C ASN SA 78 25.85 -55.46 38.29
N PHE SA 79 25.72 -54.94 39.51
CA PHE SA 79 24.75 -53.87 39.71
C PHE SA 79 25.00 -52.72 38.76
N ARG SA 80 26.24 -52.31 38.64
CA ARG SA 80 26.58 -51.17 37.81
C ARG SA 80 26.49 -51.52 36.35
N THR TA 3 12.48 -84.51 45.35
CA THR TA 3 13.10 -85.22 44.26
C THR TA 3 14.63 -85.10 44.35
N PRO TA 4 15.33 -86.17 44.02
CA PRO TA 4 16.80 -86.12 44.04
C PRO TA 4 17.38 -85.32 42.88
N TRP TA 5 17.18 -84.01 42.87
CA TRP TA 5 17.75 -83.20 41.79
C TRP TA 5 19.26 -83.32 41.80
N SER TA 6 19.83 -83.66 40.66
CA SER TA 6 21.28 -83.73 40.48
C SER TA 6 21.72 -82.94 39.28
N GLY TA 7 22.83 -82.22 39.42
CA GLY TA 7 23.47 -81.53 38.34
C GLY TA 7 24.38 -82.41 37.50
N TYR TA 8 25.17 -81.73 36.67
CA TYR TA 8 26.17 -82.42 35.86
C TYR TA 8 27.31 -82.93 36.73
N LEU TA 9 27.86 -82.09 37.59
CA LEU TA 9 28.90 -82.54 38.50
C LEU TA 9 28.41 -83.69 39.37
N ASP TA 10 27.17 -83.62 39.83
CA ASP TA 10 26.56 -84.72 40.57
C ASP TA 10 26.56 -86.00 39.75
N ASP TA 11 26.16 -85.92 38.48
CA ASP TA 11 26.15 -87.11 37.65
C ASP TA 11 27.55 -87.64 37.38
N VAL TA 12 28.55 -86.77 37.34
CA VAL TA 12 29.92 -87.22 37.24
C VAL TA 12 30.34 -87.98 38.49
N SER TA 13 30.30 -87.30 39.63
CA SER TA 13 30.62 -87.93 40.91
C SER TA 13 29.93 -89.27 41.11
N ALA TA 14 28.64 -89.36 40.84
CA ALA TA 14 27.93 -90.63 41.02
C ALA TA 14 28.53 -91.76 40.21
N LYS TA 15 29.16 -91.48 39.07
CA LYS TA 15 29.79 -92.56 38.31
C LYS TA 15 30.77 -93.34 39.17
N PHE TA 16 31.68 -92.67 39.87
CA PHE TA 16 32.64 -93.40 40.68
C PHE TA 16 31.98 -94.21 41.77
N ASP TA 17 30.96 -93.64 42.44
CA ASP TA 17 30.25 -94.38 43.48
C ASP TA 17 29.64 -95.67 42.95
N THR TA 18 29.10 -95.66 41.73
CA THR TA 18 28.59 -96.90 41.16
C THR TA 18 29.68 -97.77 40.55
N GLY TA 19 30.81 -97.17 40.17
CA GLY TA 19 31.92 -97.95 39.62
C GLY TA 19 32.60 -98.81 40.67
N VAL TA 20 32.95 -98.21 41.81
CA VAL TA 20 33.46 -99.00 42.92
C VAL TA 20 32.27 -99.61 43.65
N ASP TA 21 31.78 -100.71 43.09
CA ASP TA 21 30.58 -101.39 43.57
C ASP TA 21 30.45 -101.51 45.08
N ASN TA 22 31.50 -101.98 45.74
CA ASN TA 22 31.39 -102.39 47.14
C ASN TA 22 32.55 -101.92 48.01
N LEU TA 23 33.57 -101.30 47.41
CA LEU TA 23 34.77 -100.92 48.13
C LEU TA 23 34.45 -100.21 49.44
N GLN TA 24 33.47 -99.32 49.43
CA GLN TA 24 33.13 -98.60 50.66
C GLN TA 24 32.84 -99.53 51.83
N THR TA 25 32.03 -100.55 51.61
CA THR TA 25 31.77 -101.51 52.69
C THR TA 25 32.99 -102.40 52.96
N GLN TA 26 33.56 -102.96 51.90
CA GLN TA 26 34.75 -103.81 52.05
C GLN TA 26 35.81 -103.20 52.97
N VAL TA 27 36.20 -101.95 52.72
CA VAL TA 27 37.18 -101.29 53.59
C VAL TA 27 36.78 -101.35 55.05
N THR TA 28 35.55 -100.93 55.35
CA THR TA 28 35.08 -100.92 56.74
C THR TA 28 35.14 -102.30 57.36
N GLU TA 29 34.75 -103.34 56.62
CA GLU TA 29 34.78 -104.69 57.16
C GLU TA 29 36.20 -105.19 57.39
N ALA TA 30 37.06 -105.05 56.39
CA ALA TA 30 38.47 -105.42 56.58
C ALA TA 30 39.06 -104.78 57.82
N LEU TA 31 38.80 -103.48 58.03
CA LEU TA 31 39.27 -102.82 59.24
C LEU TA 31 38.61 -103.38 60.49
N ASP TA 32 37.32 -103.66 60.43
CA ASP TA 32 36.60 -104.22 61.57
C ASP TA 32 37.23 -105.52 62.05
N LYS TA 33 37.53 -106.43 61.14
CA LYS TA 33 38.17 -107.67 61.55
C LYS TA 33 39.64 -107.46 61.96
N LEU TA 34 40.41 -106.70 61.18
CA LEU TA 34 41.82 -106.51 61.54
C LEU TA 34 41.98 -105.92 62.93
N ALA TA 35 41.08 -105.03 63.33
CA ALA TA 35 41.15 -104.44 64.66
C ALA TA 35 41.16 -105.50 65.76
N ALA TA 36 40.52 -106.64 65.54
CA ALA TA 36 40.48 -107.71 66.54
C ALA TA 36 41.77 -108.53 66.64
N LYS TA 37 42.64 -108.52 65.62
CA LYS TA 37 43.84 -109.35 65.62
C LYS TA 37 44.91 -108.69 64.76
N PRO TA 38 45.50 -107.60 65.26
CA PRO TA 38 46.47 -106.83 64.46
C PRO TA 38 47.67 -107.59 63.96
N SER TA 39 48.00 -108.75 64.50
CA SER TA 39 49.24 -109.43 64.13
C SER TA 39 49.04 -110.54 63.11
N ASP TA 40 47.86 -110.66 62.53
CA ASP TA 40 47.68 -111.60 61.44
C ASP TA 40 48.11 -111.02 60.10
N PRO TA 41 49.22 -111.50 59.52
CA PRO TA 41 49.67 -110.92 58.24
C PRO TA 41 48.70 -111.16 57.11
N ALA TA 42 47.95 -112.26 57.15
CA ALA TA 42 46.98 -112.51 56.08
C ALA TA 42 45.94 -111.41 56.04
N LEU TA 43 45.72 -110.74 57.16
CA LEU TA 43 44.77 -109.64 57.27
C LEU TA 43 45.42 -108.30 56.99
N LEU TA 44 46.63 -108.09 57.49
CA LEU TA 44 47.34 -106.87 57.15
C LEU TA 44 47.49 -106.71 55.64
N ALA TA 45 47.87 -107.79 54.94
CA ALA TA 45 48.04 -107.70 53.50
C ALA TA 45 46.75 -107.31 52.78
N ALA TA 46 45.62 -107.84 53.23
CA ALA TA 46 44.32 -107.44 52.69
C ALA TA 46 44.05 -105.95 52.91
N TYR TA 47 44.26 -105.49 54.13
CA TYR TA 47 43.92 -104.12 54.46
C TYR TA 47 44.80 -103.11 53.72
N GLN TA 48 46.08 -103.41 53.55
CA GLN TA 48 46.92 -102.50 52.77
C GLN TA 48 46.37 -102.24 51.37
N SER TA 49 45.90 -103.29 50.71
CA SER TA 49 45.33 -103.15 49.37
C SER TA 49 44.02 -102.37 49.38
N LYS TA 50 43.14 -102.68 50.31
CA LYS TA 50 41.88 -101.95 50.33
C LYS TA 50 42.07 -100.47 50.65
N LEU TA 51 42.96 -100.14 51.58
CA LEU TA 51 43.17 -98.73 51.86
C LEU TA 51 43.84 -98.01 50.69
N SER TA 52 44.72 -98.68 49.95
CA SER TA 52 45.28 -98.07 48.76
C SER TA 52 44.21 -97.74 47.72
N GLU TA 53 43.38 -98.74 47.40
CA GLU TA 53 42.26 -98.52 46.49
C GLU TA 53 41.38 -97.35 46.91
N TYR TA 54 41.06 -97.27 48.19
CA TYR TA 54 40.23 -96.17 48.68
C TYR TA 54 40.88 -94.82 48.44
N ASN TA 55 42.14 -94.68 48.85
CA ASN TA 55 42.87 -93.44 48.63
C ASN TA 55 42.84 -92.99 47.17
N LEU TA 56 43.19 -93.88 46.24
CA LEU TA 56 43.21 -93.50 44.84
C LEU TA 56 41.83 -93.12 44.31
N TYR TA 57 40.80 -93.82 44.75
CA TYR TA 57 39.45 -93.49 44.33
C TYR TA 57 39.03 -92.08 44.76
N ARG TA 58 39.24 -91.74 46.03
CA ARG TA 58 38.83 -90.40 46.46
C ARG TA 58 39.63 -89.28 45.81
N ASN TA 59 40.91 -89.51 45.53
CA ASN TA 59 41.67 -88.50 44.78
C ASN TA 59 41.13 -88.31 43.37
N ALA TA 60 41.00 -89.38 42.60
CA ALA TA 60 40.56 -89.20 41.22
C ALA TA 60 39.21 -88.50 41.16
N GLN TA 61 38.31 -88.86 42.06
CA GLN TA 61 36.98 -88.27 42.04
C GLN TA 61 37.04 -86.75 42.25
N SER TA 62 37.72 -86.30 43.30
CA SER TA 62 37.68 -84.87 43.56
C SER TA 62 38.47 -84.05 42.53
N ASN TA 63 39.54 -84.62 41.97
CA ASN TA 63 40.22 -83.90 40.91
C ASN TA 63 39.35 -83.73 39.67
N THR TA 64 38.63 -84.77 39.26
CA THR TA 64 37.80 -84.63 38.06
C THR TA 64 36.68 -83.61 38.26
N VAL TA 65 36.04 -83.63 39.42
CA VAL TA 65 35.02 -82.62 39.66
C VAL TA 65 35.60 -81.22 39.61
N LYS TA 66 36.80 -81.04 40.16
CA LYS TA 66 37.37 -79.70 40.13
C LYS TA 66 37.62 -79.25 38.71
N VAL TA 67 38.12 -80.13 37.85
CA VAL TA 67 38.39 -79.71 36.47
C VAL TA 67 37.12 -79.28 35.75
N PHE TA 68 36.04 -80.05 35.87
CA PHE TA 68 34.81 -79.60 35.20
C PHE TA 68 34.24 -78.30 35.76
N LYS TA 69 34.52 -77.97 37.01
CA LYS TA 69 34.05 -76.67 37.48
C LYS TA 69 34.72 -75.54 36.71
N ASP TA 70 36.01 -75.67 36.43
CA ASP TA 70 36.70 -74.61 35.72
C ASP TA 70 36.28 -74.54 34.27
N ILE TA 71 36.01 -75.69 33.65
CA ILE TA 71 35.51 -75.60 32.28
C ILE TA 71 34.20 -74.82 32.23
N ASP TA 72 33.29 -75.07 33.17
CA ASP TA 72 32.03 -74.31 33.14
C ASP TA 72 32.23 -72.83 33.41
N ALA TA 73 32.88 -72.50 34.53
CA ALA TA 73 33.10 -71.08 34.86
C ALA TA 73 33.73 -70.29 33.73
N ALA TA 74 34.66 -70.90 32.98
CA ALA TA 74 35.26 -70.16 31.88
C ALA TA 74 34.24 -69.76 30.82
N ILE TA 75 33.33 -70.65 30.46
CA ILE TA 75 32.31 -70.32 29.49
C ILE TA 75 31.37 -69.26 30.04
N ILE TA 76 30.85 -69.45 31.25
CA ILE TA 76 29.94 -68.47 31.82
C ILE TA 76 30.54 -67.08 31.77
N GLN TA 77 31.81 -66.94 32.09
CA GLN TA 77 32.41 -65.62 32.12
C GLN TA 77 32.22 -64.83 30.83
N ASN TA 78 32.21 -65.49 29.67
CA ASN TA 78 32.13 -64.78 28.39
C ASN TA 78 30.74 -64.28 27.98
N PHE TA 79 29.66 -64.53 28.71
CA PHE TA 79 28.39 -63.95 28.26
C PHE TA 79 28.50 -62.44 28.11
N ARG TA 80 29.21 -61.78 29.02
CA ARG TA 80 29.33 -60.33 28.89
C ARG TA 80 30.40 -59.99 27.87
N THR UA 3 37.01 -95.57 13.49
CA THR UA 3 37.80 -94.45 13.03
C THR UA 3 38.23 -93.59 14.21
N PRO UA 4 39.54 -93.52 14.47
CA PRO UA 4 40.02 -92.75 15.63
C PRO UA 4 40.00 -91.25 15.32
N TRP UA 5 40.17 -90.48 16.39
CA TRP UA 5 40.44 -89.06 16.28
C TRP UA 5 41.47 -88.71 17.33
N SER UA 6 42.50 -87.99 16.93
CA SER UA 6 43.61 -87.71 17.83
C SER UA 6 44.01 -86.26 17.69
N GLY UA 7 44.27 -85.63 18.82
CA GLY UA 7 44.78 -84.29 18.89
C GLY UA 7 46.28 -84.27 18.81
N TYR UA 8 46.86 -83.19 19.31
CA TYR UA 8 48.30 -83.04 19.41
C TYR UA 8 48.84 -83.67 20.67
N LEU UA 9 48.16 -83.47 21.79
CA LEU UA 9 48.57 -84.15 23.01
C LEU UA 9 48.47 -85.66 22.87
N ASP UA 10 47.46 -86.14 22.14
CA ASP UA 10 47.38 -87.56 21.81
C ASP UA 10 48.63 -88.04 21.09
N ASP UA 11 49.04 -87.32 20.06
CA ASP UA 11 50.27 -87.67 19.34
C ASP UA 11 51.47 -87.72 20.26
N VAL UA 12 51.70 -86.64 21.01
CA VAL UA 12 52.81 -86.61 21.95
C VAL UA 12 52.79 -87.82 22.86
N SER UA 13 51.65 -88.11 23.47
CA SER UA 13 51.56 -89.27 24.35
C SER UA 13 51.90 -90.56 23.61
N ALA UA 14 51.20 -90.84 22.53
CA ALA UA 14 51.44 -92.04 21.75
C ALA UA 14 52.89 -92.23 21.31
N LYS UA 15 53.63 -91.14 21.14
CA LYS UA 15 55.04 -91.31 20.80
C LYS UA 15 55.78 -92.19 21.80
N PHE UA 16 55.53 -92.04 23.09
CA PHE UA 16 56.19 -92.90 24.07
C PHE UA 16 55.73 -94.34 23.95
N ASP UA 17 54.44 -94.57 23.74
CA ASP UA 17 53.93 -95.93 23.59
C ASP UA 17 54.57 -96.64 22.40
N THR UA 18 54.59 -96.00 21.24
CA THR UA 18 55.29 -96.59 20.10
C THR UA 18 56.80 -96.58 20.26
N GLY UA 19 57.33 -95.86 21.24
CA GLY UA 19 58.75 -95.86 21.50
C GLY UA 19 59.17 -97.12 22.21
N VAL UA 20 58.55 -97.39 23.35
CA VAL UA 20 58.84 -98.59 24.13
C VAL UA 20 58.03 -99.76 23.55
N ASP UA 21 58.69 -100.58 22.73
CA ASP UA 21 57.98 -101.51 21.87
C ASP UA 21 57.10 -102.47 22.64
N ASN UA 22 57.63 -103.06 23.71
CA ASN UA 22 57.02 -104.22 24.33
C ASN UA 22 56.98 -104.15 25.85
N LEU UA 23 57.56 -103.12 26.44
CA LEU UA 23 57.76 -103.10 27.89
C LEU UA 23 56.49 -103.45 28.65
N GLN UA 24 55.34 -103.00 28.17
CA GLN UA 24 54.10 -103.30 28.88
C GLN UA 24 53.78 -104.78 28.95
N THR UA 25 54.14 -105.57 27.94
CA THR UA 25 54.01 -107.02 28.09
C THR UA 25 55.15 -107.62 28.90
N GLN UA 26 56.37 -107.14 28.65
CA GLN UA 26 57.53 -107.66 29.37
C GLN UA 26 57.33 -107.62 30.88
N VAL UA 27 56.88 -106.47 31.40
CA VAL UA 27 56.65 -106.37 32.84
C VAL UA 27 55.64 -107.40 33.32
N THR UA 28 54.56 -107.58 32.58
CA THR UA 28 53.51 -108.47 33.06
C THR UA 28 53.98 -109.91 33.07
N GLU UA 29 54.78 -110.30 32.08
CA GLU UA 29 55.28 -111.67 32.09
C GLU UA 29 56.40 -111.87 33.11
N ALA UA 30 57.23 -110.86 33.35
CA ALA UA 30 58.25 -111.02 34.38
C ALA UA 30 57.61 -111.20 35.74
N LEU UA 31 56.60 -110.39 36.05
CA LEU UA 31 55.83 -110.62 37.27
C LEU UA 31 55.17 -111.98 37.28
N ASP UA 32 54.61 -112.39 36.14
CA ASP UA 32 53.95 -113.69 36.05
C ASP UA 32 54.85 -114.83 36.46
N LYS UA 33 56.07 -114.90 35.91
CA LYS UA 33 56.97 -115.98 36.32
C LYS UA 33 57.52 -115.79 37.73
N LEU UA 34 57.92 -114.57 38.11
CA LEU UA 34 58.38 -114.35 39.47
C LEU UA 34 57.38 -114.86 40.50
N ALA UA 35 56.11 -114.53 40.34
CA ALA UA 35 55.09 -115.00 41.27
C ALA UA 35 55.17 -116.49 41.52
N ALA UA 36 55.48 -117.28 40.49
CA ALA UA 36 55.60 -118.72 40.68
C ALA UA 36 56.77 -119.13 41.56
N LYS UA 37 57.80 -118.30 41.72
CA LYS UA 37 58.97 -118.65 42.51
C LYS UA 37 59.61 -117.38 43.07
N PRO UA 38 58.93 -116.73 43.98
CA PRO UA 38 59.43 -115.46 44.54
C PRO UA 38 60.84 -115.49 45.12
N SER UA 39 61.38 -116.68 45.40
CA SER UA 39 62.67 -116.82 46.04
C SER UA 39 63.85 -116.95 45.07
N ASP UA 40 63.65 -116.64 43.77
CA ASP UA 40 64.79 -116.83 42.87
C ASP UA 40 65.49 -115.52 42.55
N PRO UA 41 66.80 -115.45 42.78
CA PRO UA 41 67.54 -114.20 42.53
C PRO UA 41 67.52 -113.70 41.09
N ALA UA 42 67.69 -114.57 40.10
CA ALA UA 42 67.69 -114.09 38.72
C ALA UA 42 66.36 -113.43 38.37
N LEU UA 43 65.27 -113.98 38.88
CA LEU UA 43 63.96 -113.42 38.61
C LEU UA 43 63.81 -112.08 39.30
N LEU UA 44 64.20 -112.02 40.57
CA LEU UA 44 64.15 -110.74 41.29
C LEU UA 44 64.97 -109.67 40.59
N ALA UA 45 66.21 -109.99 40.21
CA ALA UA 45 67.06 -109.04 39.51
C ALA UA 45 66.47 -108.57 38.19
N ALA UA 46 65.79 -109.44 37.44
CA ALA UA 46 65.16 -108.99 36.21
C ALA UA 46 63.98 -108.07 36.48
N TYR UA 47 63.15 -108.43 37.45
CA TYR UA 47 61.98 -107.63 37.75
C TYR UA 47 62.36 -106.26 38.28
N GLN UA 48 63.40 -106.19 39.11
CA GLN UA 48 63.84 -104.91 39.64
C GLN UA 48 64.12 -103.90 38.52
N SER UA 49 64.76 -104.35 37.45
CA SER UA 49 65.01 -103.47 36.31
C SER UA 49 63.72 -103.06 35.61
N LYS UA 50 62.97 -104.05 35.11
CA LYS UA 50 61.76 -103.72 34.36
C LYS UA 50 60.80 -102.79 35.11
N LEU UA 51 60.56 -103.05 36.39
CA LEU UA 51 59.69 -102.18 37.15
C LEU UA 51 60.17 -100.73 37.14
N SER UA 52 61.48 -100.53 37.21
CA SER UA 52 62.01 -99.17 37.21
C SER UA 52 61.85 -98.50 35.86
N GLU UA 53 62.26 -99.18 34.79
CA GLU UA 53 62.05 -98.64 33.46
C GLU UA 53 60.60 -98.19 33.27
N TYR UA 54 59.66 -99.04 33.70
CA TYR UA 54 58.25 -98.70 33.58
C TYR UA 54 57.85 -97.45 34.36
N ASN UA 55 58.27 -97.38 35.62
CA ASN UA 55 57.96 -96.20 36.43
C ASN UA 55 58.48 -94.90 35.81
N LEU UA 56 59.71 -94.90 35.31
CA LEU UA 56 60.23 -93.69 34.68
C LEU UA 56 59.49 -93.36 33.39
N TYR UA 57 59.14 -94.39 32.62
CA TYR UA 57 58.35 -94.18 31.42
C TYR UA 57 57.05 -93.43 31.72
N ARG UA 58 56.27 -93.94 32.66
CA ARG UA 58 54.99 -93.31 32.95
C ARG UA 58 55.14 -91.88 33.46
N ASN UA 59 56.15 -91.62 34.28
CA ASN UA 59 56.34 -90.25 34.75
C ASN UA 59 56.65 -89.29 33.62
N ALA UA 60 57.68 -89.58 32.83
CA ALA UA 60 58.05 -88.66 31.77
C ALA UA 60 56.88 -88.40 30.83
N GLN UA 61 56.06 -89.42 30.60
CA GLN UA 61 54.87 -89.21 29.79
C GLN UA 61 53.96 -88.14 30.39
N SER UA 62 53.55 -88.32 31.64
CA SER UA 62 52.54 -87.41 32.16
C SER UA 62 53.06 -86.00 32.35
N ASN UA 63 54.33 -85.85 32.74
CA ASN UA 63 54.85 -84.49 32.88
C ASN UA 63 54.94 -83.75 31.55
N THR UA 64 55.32 -84.44 30.47
CA THR UA 64 55.35 -83.75 29.18
C THR UA 64 53.95 -83.30 28.76
N VAL UA 65 52.97 -84.19 28.90
CA VAL UA 65 51.63 -83.81 28.47
C VAL UA 65 51.11 -82.62 29.25
N LYS UA 66 51.42 -82.56 30.55
CA LYS UA 66 51.02 -81.37 31.28
C LYS UA 66 51.68 -80.10 30.75
N VAL UA 67 53.01 -80.13 30.54
CA VAL UA 67 53.66 -78.91 30.08
C VAL UA 67 53.04 -78.36 28.81
N PHE UA 68 52.73 -79.23 27.86
CA PHE UA 68 52.08 -78.74 26.64
C PHE UA 68 50.70 -78.15 26.91
N LYS UA 69 49.89 -78.84 27.69
CA LYS UA 69 48.60 -78.27 28.03
C LYS UA 69 48.73 -76.88 28.62
N ASP UA 70 49.74 -76.68 29.49
CA ASP UA 70 49.95 -75.37 30.10
C ASP UA 70 50.36 -74.31 29.09
N ILE UA 71 51.06 -74.68 28.03
CA ILE UA 71 51.36 -73.69 27.00
C ILE UA 71 50.09 -73.26 26.27
N ASP UA 72 49.40 -74.23 25.66
CA ASP UA 72 48.18 -73.90 24.92
C ASP UA 72 47.21 -73.06 25.75
N ALA UA 73 46.93 -73.48 26.97
CA ALA UA 73 46.03 -72.70 27.82
C ALA UA 73 46.46 -71.24 27.96
N ALA UA 74 47.75 -70.97 27.86
CA ALA UA 74 48.23 -69.59 27.96
C ALA UA 74 48.17 -68.82 26.65
N ILE UA 75 48.22 -69.52 25.53
CA ILE UA 75 48.05 -68.82 24.26
C ILE UA 75 46.59 -68.45 24.04
N ILE UA 76 45.68 -69.40 24.26
CA ILE UA 76 44.26 -69.14 24.00
C ILE UA 76 43.76 -67.98 24.84
N GLN UA 77 44.23 -67.86 26.07
CA GLN UA 77 43.88 -66.73 26.92
C GLN UA 77 44.06 -65.37 26.25
N ASN UA 78 45.00 -65.22 25.34
CA ASN UA 78 45.24 -63.93 24.72
C ASN UA 78 44.32 -63.60 23.55
N PHE UA 79 43.39 -64.46 23.15
CA PHE UA 79 42.47 -64.02 22.10
C PHE UA 79 41.56 -62.91 22.60
N ARG UA 80 41.04 -63.06 23.80
CA ARG UA 80 39.97 -62.21 24.27
C ARG UA 80 40.47 -60.80 24.46
N THR VA 3 77.08 -73.77 16.03
CA THR VA 3 76.41 -73.69 14.75
C THR VA 3 74.89 -73.73 14.90
N PRO VA 4 74.33 -74.83 15.41
CA PRO VA 4 72.89 -74.84 15.66
C PRO VA 4 72.53 -73.79 16.72
N TRP VA 5 71.33 -73.24 16.59
CA TRP VA 5 70.84 -72.24 17.52
C TRP VA 5 70.85 -72.76 18.95
N SER VA 6 71.30 -71.93 19.88
CA SER VA 6 71.35 -72.27 21.30
C SER VA 6 70.88 -71.05 22.09
N GLY VA 7 70.07 -71.29 23.12
CA GLY VA 7 69.62 -70.23 23.99
C GLY VA 7 70.51 -69.97 25.20
N TYR VA 8 69.98 -69.13 26.09
CA TYR VA 8 70.65 -68.84 27.34
C TYR VA 8 70.61 -70.00 28.31
N LEU VA 9 69.49 -70.74 28.34
CA LEU VA 9 69.43 -71.92 29.19
C LEU VA 9 70.31 -73.03 28.63
N ASP VA 10 70.48 -73.07 27.32
CA ASP VA 10 71.43 -74.00 26.74
C ASP VA 10 72.85 -73.65 27.16
N ASP VA 11 73.24 -72.40 26.97
CA ASP VA 11 74.56 -71.96 27.46
C ASP VA 11 74.78 -72.34 28.92
N VAL VA 12 73.82 -72.02 29.79
CA VAL VA 12 73.97 -72.35 31.20
C VAL VA 12 74.05 -73.85 31.44
N SER VA 13 73.39 -74.64 30.62
CA SER VA 13 73.51 -76.09 30.75
C SER VA 13 74.90 -76.57 30.35
N ALA VA 14 75.30 -76.24 29.12
CA ALA VA 14 76.60 -76.62 28.58
C ALA VA 14 77.76 -76.19 29.46
N LYS VA 15 77.64 -75.09 30.19
CA LYS VA 15 78.73 -74.73 31.09
C LYS VA 15 79.15 -75.87 31.99
N PHE VA 16 78.21 -76.68 32.48
CA PHE VA 16 78.59 -77.81 33.31
C PHE VA 16 79.22 -78.94 32.49
N ASP VA 17 78.65 -79.25 31.34
CA ASP VA 17 79.23 -80.28 30.49
C ASP VA 17 80.68 -79.99 30.17
N THR VA 18 81.01 -78.74 29.89
CA THR VA 18 82.42 -78.38 29.68
C THR VA 18 83.18 -78.23 30.99
N GLY VA 19 82.49 -78.02 32.11
CA GLY VA 19 83.17 -77.86 33.37
C GLY VA 19 83.74 -79.18 33.84
N VAL VA 20 82.89 -80.20 34.00
CA VAL VA 20 83.38 -81.54 34.28
C VAL VA 20 83.85 -82.21 33.00
N ASP VA 21 85.14 -82.05 32.71
CA ASP VA 21 85.66 -82.22 31.36
C ASP VA 21 85.41 -83.62 30.81
N ASN VA 22 85.63 -84.65 31.61
CA ASN VA 22 85.66 -86.02 31.16
C ASN VA 22 84.83 -86.98 31.99
N LEU VA 23 84.19 -86.50 33.05
CA LEU VA 23 83.58 -87.37 34.03
C LEU VA 23 82.62 -88.38 33.40
N GLN VA 24 81.88 -88.00 32.37
CA GLN VA 24 81.05 -88.96 31.67
C GLN VA 24 81.84 -90.16 31.15
N THR VA 25 83.02 -89.90 30.60
CA THR VA 25 83.87 -90.99 30.14
C THR VA 25 84.44 -91.75 31.33
N GLN VA 26 84.96 -91.05 32.32
CA GLN VA 26 85.56 -91.74 33.45
C GLN VA 26 84.57 -92.70 34.10
N VAL VA 27 83.30 -92.30 34.23
CA VAL VA 27 82.29 -93.20 34.78
C VAL VA 27 82.03 -94.38 33.86
N THR VA 28 81.97 -94.15 32.55
CA THR VA 28 81.74 -95.27 31.65
C THR VA 28 82.89 -96.27 31.67
N GLU VA 29 84.11 -95.79 31.89
CA GLU VA 29 85.25 -96.69 32.03
C GLU VA 29 85.24 -97.41 33.36
N ALA VA 30 85.09 -96.67 34.46
CA ALA VA 30 85.22 -97.28 35.77
C ALA VA 30 84.18 -98.37 35.96
N LEU VA 31 82.97 -98.19 35.41
CA LEU VA 31 81.98 -99.25 35.51
C LEU VA 31 82.37 -100.50 34.73
N ASP VA 32 83.03 -100.36 33.59
CA ASP VA 32 83.46 -101.54 32.84
C ASP VA 32 84.56 -102.30 33.57
N LYS VA 33 85.60 -101.60 33.99
CA LYS VA 33 86.67 -102.28 34.69
C LYS VA 33 86.24 -102.82 36.04
N LEU VA 34 85.28 -102.18 36.71
CA LEU VA 34 84.71 -102.81 37.89
C LEU VA 34 83.97 -104.10 37.54
N ALA VA 35 83.05 -104.04 36.58
CA ALA VA 35 82.25 -105.23 36.28
C ALA VA 35 83.11 -106.38 35.82
N ALA VA 36 84.28 -106.08 35.26
CA ALA VA 36 85.23 -107.12 34.90
C ALA VA 36 85.77 -107.89 36.11
N LYS VA 37 85.78 -107.30 37.30
CA LYS VA 37 86.15 -108.01 38.52
C LYS VA 37 85.48 -107.40 39.74
N PRO VA 38 84.22 -107.74 39.99
CA PRO VA 38 83.43 -107.00 40.98
C PRO VA 38 83.97 -106.98 42.40
N SER VA 39 84.98 -107.77 42.73
CA SER VA 39 85.38 -107.97 44.12
C SER VA 39 86.75 -107.39 44.46
N ASP VA 40 87.32 -106.54 43.62
CA ASP VA 40 88.52 -105.81 44.00
C ASP VA 40 88.19 -104.56 44.79
N PRO VA 41 88.60 -104.45 46.06
CA PRO VA 41 88.21 -103.28 46.85
C PRO VA 41 88.84 -101.99 46.37
N ALA VA 42 89.98 -102.03 45.68
CA ALA VA 42 90.50 -100.81 45.11
C ALA VA 42 89.61 -100.31 43.98
N LEU VA 43 89.01 -101.22 43.24
CA LEU VA 43 88.11 -100.82 42.18
C LEU VA 43 86.80 -100.30 42.75
N LEU VA 44 86.28 -100.95 43.78
CA LEU VA 44 85.09 -100.42 44.44
C LEU VA 44 85.35 -99.00 44.97
N ALA VA 45 86.45 -98.81 45.68
CA ALA VA 45 86.78 -97.51 46.24
C ALA VA 45 86.99 -96.44 45.17
N ALA VA 46 87.50 -96.81 44.01
CA ALA VA 46 87.57 -95.88 42.90
C ALA VA 46 86.19 -95.54 42.36
N TYR VA 47 85.36 -96.54 42.17
CA TYR VA 47 84.05 -96.34 41.53
C TYR VA 47 83.11 -95.50 42.37
N GLN VA 48 83.13 -95.67 43.69
CA GLN VA 48 82.25 -94.89 44.55
C GLN VA 48 82.38 -93.38 44.34
N SER VA 49 83.60 -92.86 44.24
CA SER VA 49 83.77 -91.43 44.03
C SER VA 49 83.17 -90.97 42.72
N LYS VA 50 83.50 -91.66 41.63
CA LYS VA 50 83.00 -91.23 40.33
C LYS VA 50 81.48 -91.22 40.31
N LEU VA 51 80.84 -92.23 40.89
CA LEU VA 51 79.38 -92.25 40.93
C LEU VA 51 78.81 -91.09 41.74
N SER VA 52 79.33 -90.85 42.94
CA SER VA 52 78.81 -89.73 43.72
C SER VA 52 79.01 -88.39 43.01
N GLU VA 53 80.14 -88.22 42.35
CA GLU VA 53 80.38 -87.00 41.59
C GLU VA 53 79.37 -86.84 40.47
N TYR VA 54 79.11 -87.91 39.73
CA TYR VA 54 78.10 -87.83 38.67
C TYR VA 54 76.74 -87.43 39.20
N ASN VA 55 76.35 -88.01 40.34
CA ASN VA 55 75.06 -87.65 40.92
C ASN VA 55 74.97 -86.17 41.25
N LEU VA 56 75.91 -85.65 42.03
CA LEU VA 56 75.86 -84.23 42.38
C LEU VA 56 75.92 -83.32 41.17
N TYR VA 57 76.72 -83.71 40.17
CA TYR VA 57 76.79 -82.99 38.91
C TYR VA 57 75.42 -82.83 38.26
N ARG VA 58 74.76 -83.93 37.95
CA ARG VA 58 73.48 -83.82 37.27
C ARG VA 58 72.43 -83.10 38.11
N ASN VA 59 72.51 -83.22 39.43
CA ASN VA 59 71.48 -82.58 40.25
C ASN VA 59 71.61 -81.07 40.27
N ALA VA 60 72.82 -80.56 40.48
CA ALA VA 60 73.05 -79.13 40.39
C ALA VA 60 72.68 -78.60 39.01
N GLN VA 61 73.04 -79.35 37.98
CA GLN VA 61 72.72 -78.94 36.61
C GLN VA 61 71.24 -78.66 36.45
N SER VA 62 70.38 -79.57 36.89
CA SER VA 62 68.97 -79.32 36.62
C SER VA 62 68.36 -78.25 37.53
N ASN VA 63 68.73 -78.20 38.81
CA ASN VA 63 68.11 -77.18 39.66
C ASN VA 63 68.45 -75.76 39.19
N THR VA 64 69.67 -75.54 38.71
CA THR VA 64 70.00 -74.21 38.19
C THR VA 64 69.10 -73.80 37.04
N VAL VA 65 68.95 -74.67 36.05
CA VAL VA 65 68.07 -74.41 34.91
C VAL VA 65 66.67 -74.04 35.36
N LYS VA 66 66.09 -74.82 36.27
CA LYS VA 66 64.74 -74.48 36.69
C LYS VA 66 64.65 -73.10 37.32
N VAL VA 67 65.65 -72.69 38.08
CA VAL VA 67 65.59 -71.35 38.68
C VAL VA 67 65.63 -70.27 37.60
N PHE VA 68 66.53 -70.41 36.64
CA PHE VA 68 66.59 -69.39 35.59
C PHE VA 68 65.35 -69.38 34.71
N LYS VA 69 64.71 -70.53 34.51
CA LYS VA 69 63.43 -70.52 33.82
C LYS VA 69 62.40 -69.68 34.55
N ASP VA 70 62.26 -69.89 35.86
CA ASP VA 70 61.16 -69.21 36.54
C ASP VA 70 61.40 -67.73 36.74
N ILE VA 71 62.65 -67.27 36.80
CA ILE VA 71 62.87 -65.82 36.76
C ILE VA 71 62.34 -65.21 35.46
N ASP VA 72 62.53 -65.89 34.35
CA ASP VA 72 62.07 -65.32 33.09
C ASP VA 72 60.56 -65.39 32.95
N ALA VA 73 59.95 -66.49 33.32
CA ALA VA 73 58.49 -66.53 33.28
C ALA VA 73 57.89 -65.46 34.18
N ALA VA 74 58.57 -65.13 35.27
CA ALA VA 74 58.10 -64.04 36.12
C ALA VA 74 58.23 -62.68 35.46
N ILE VA 75 59.28 -62.46 34.68
CA ILE VA 75 59.35 -61.17 33.98
C ILE VA 75 58.32 -61.10 32.87
N ILE VA 76 58.21 -62.15 32.07
CA ILE VA 76 57.30 -62.14 30.93
C ILE VA 76 55.87 -61.93 31.37
N GLN VA 77 55.52 -62.42 32.56
CA GLN VA 77 54.16 -62.22 33.04
C GLN VA 77 53.72 -60.76 33.13
N ASN VA 78 54.64 -59.81 33.15
CA ASN VA 78 54.26 -58.41 33.27
C ASN VA 78 54.22 -57.64 31.96
N PHE VA 79 54.45 -58.26 30.81
CA PHE VA 79 54.35 -57.51 29.57
C PHE VA 79 52.94 -56.99 29.34
N ARG VA 80 51.94 -57.71 29.84
CA ARG VA 80 50.57 -57.24 29.71
C ARG VA 80 50.45 -55.84 30.26
N THR WA 3 83.49 -51.82 44.75
CA THR WA 3 83.92 -53.13 44.26
C THR WA 3 83.04 -54.24 44.89
N PRO WA 4 83.26 -54.64 46.14
CA PRO WA 4 82.37 -55.65 46.71
C PRO WA 4 80.97 -55.10 46.88
N TRP WA 5 79.99 -56.00 46.80
CA TRP WA 5 78.59 -55.68 47.07
C TRP WA 5 78.01 -56.83 47.88
N SER WA 6 77.27 -56.50 48.93
CA SER WA 6 76.70 -57.53 49.77
C SER WA 6 75.29 -57.16 50.17
N GLY WA 7 74.39 -58.14 50.07
CA GLY WA 7 73.02 -58.02 50.47
C GLY WA 7 72.71 -58.58 51.85
N TYR WA 8 71.42 -58.57 52.16
CA TYR WA 8 70.94 -59.07 53.43
C TYR WA 8 71.13 -60.58 53.57
N LEU WA 9 70.90 -61.33 52.50
CA LEU WA 9 71.05 -62.78 52.59
C LEU WA 9 72.50 -63.20 52.75
N ASP WA 10 73.40 -62.67 51.93
CA ASP WA 10 74.80 -62.99 52.14
C ASP WA 10 75.31 -62.44 53.47
N ASP WA 11 74.78 -61.32 53.95
CA ASP WA 11 75.09 -60.91 55.31
C ASP WA 11 74.72 -61.99 56.32
N VAL WA 12 73.52 -62.54 56.18
CA VAL WA 12 73.08 -63.61 57.08
C VAL WA 12 74.00 -64.82 57.01
N SER WA 13 74.55 -65.11 55.85
CA SER WA 13 75.54 -66.19 55.75
C SER WA 13 76.83 -65.82 56.47
N ALA WA 14 77.33 -64.62 56.18
CA ALA WA 14 78.55 -64.13 56.79
C ALA WA 14 78.50 -64.22 58.31
N LYS WA 15 77.35 -63.95 58.91
CA LYS WA 15 77.28 -64.10 60.36
C LYS WA 15 77.67 -65.50 60.82
N PHE WA 16 77.31 -66.54 60.07
CA PHE WA 16 77.77 -67.87 60.42
C PHE WA 16 79.26 -68.02 60.17
N ASP WA 17 79.71 -67.57 59.01
CA ASP WA 17 81.13 -67.72 58.69
C ASP WA 17 82.02 -67.10 59.75
N THR WA 18 81.64 -65.93 60.25
CA THR WA 18 82.37 -65.30 61.34
C THR WA 18 82.09 -65.93 62.70
N GLY WA 19 80.97 -66.63 62.86
CA GLY WA 19 80.69 -67.21 64.16
C GLY WA 19 81.43 -68.51 64.40
N VAL WA 20 81.72 -69.26 63.34
CA VAL WA 20 82.66 -70.39 63.47
C VAL WA 20 84.04 -69.84 63.09
N ASP WA 21 84.73 -69.34 64.10
CA ASP WA 21 86.03 -68.69 63.92
C ASP WA 21 87.03 -69.48 63.06
N ASN WA 22 87.19 -70.77 63.35
CA ASN WA 22 88.28 -71.54 62.74
C ASN WA 22 87.91 -72.93 62.25
N LEU WA 23 86.69 -73.41 62.51
CA LEU WA 23 86.31 -74.75 62.13
C LEU WA 23 86.70 -75.04 60.68
N GLN WA 24 86.50 -74.07 59.80
CA GLN WA 24 86.86 -74.23 58.40
C GLN WA 24 88.26 -74.81 58.24
N THR WA 25 89.19 -74.43 59.10
CA THR WA 25 90.56 -74.94 59.03
C THR WA 25 90.78 -76.16 59.91
N GLN WA 26 90.24 -76.15 61.13
CA GLN WA 26 90.37 -77.30 62.01
C GLN WA 26 89.95 -78.60 61.32
N VAL WA 27 88.83 -78.59 60.62
CA VAL WA 27 88.38 -79.80 59.97
C VAL WA 27 89.35 -80.24 58.87
N THR WA 28 89.97 -79.28 58.18
CA THR WA 28 90.94 -79.64 57.15
C THR WA 28 92.18 -80.28 57.75
N GLU WA 29 92.65 -79.76 58.87
CA GLU WA 29 93.84 -80.30 59.52
C GLU WA 29 93.59 -81.68 60.11
N ALA WA 30 92.55 -81.82 60.93
CA ALA WA 30 92.28 -83.10 61.55
C ALA WA 30 92.20 -84.22 60.52
N LEU WA 31 91.69 -83.93 59.33
CA LEU WA 31 91.71 -84.94 58.27
C LEU WA 31 93.12 -85.33 57.88
N ASP WA 32 94.02 -84.36 57.71
CA ASP WA 32 95.40 -84.69 57.37
C ASP WA 32 96.04 -85.56 58.44
N LYS WA 33 95.92 -85.13 59.70
CA LYS WA 33 96.44 -85.94 60.81
C LYS WA 33 95.91 -87.36 60.74
N LEU WA 34 94.60 -87.54 60.66
CA LEU WA 34 94.05 -88.89 60.59
C LEU WA 34 94.59 -89.65 59.38
N ALA WA 35 94.69 -88.99 58.22
CA ALA WA 35 95.21 -89.66 57.04
C ALA WA 35 96.64 -90.15 57.28
N ALA WA 36 97.37 -89.47 58.16
CA ALA WA 36 98.72 -89.93 58.47
C ALA WA 36 98.74 -91.27 59.22
N LYS WA 37 97.79 -91.50 60.12
CA LYS WA 37 97.79 -92.71 60.95
C LYS WA 37 96.35 -93.07 61.34
N PRO WA 38 95.61 -93.68 60.43
CA PRO WA 38 94.16 -93.89 60.67
C PRO WA 38 93.80 -94.69 61.91
N SER WA 39 94.66 -95.56 62.42
CA SER WA 39 94.31 -96.43 63.54
C SER WA 39 94.50 -95.82 64.92
N ASP WA 40 94.82 -94.54 65.03
CA ASP WA 40 94.90 -93.93 66.36
C ASP WA 40 93.52 -93.48 66.86
N PRO WA 41 93.02 -94.06 67.95
CA PRO WA 41 91.66 -93.71 68.39
C PRO WA 41 91.55 -92.30 68.91
N ALA WA 42 92.66 -91.64 69.20
CA ALA WA 42 92.61 -90.24 69.62
C ALA WA 42 92.19 -89.40 68.44
N LEU WA 43 92.94 -89.50 67.36
CA LEU WA 43 92.66 -88.76 66.15
C LEU WA 43 91.30 -89.13 65.59
N LEU WA 44 90.90 -90.40 65.74
CA LEU WA 44 89.55 -90.78 65.33
C LEU WA 44 88.48 -90.03 66.10
N ALA WA 45 88.59 -89.97 67.43
CA ALA WA 45 87.57 -89.24 68.19
C ALA WA 45 87.58 -87.75 67.88
N ALA WA 46 88.75 -87.21 67.59
CA ALA WA 46 88.83 -85.79 67.24
C ALA WA 46 88.11 -85.54 65.92
N TYR WA 47 88.46 -86.30 64.90
CA TYR WA 47 87.85 -86.04 63.60
C TYR WA 47 86.35 -86.29 63.63
N GLN WA 48 85.88 -87.27 64.40
CA GLN WA 48 84.43 -87.43 64.54
C GLN WA 48 83.77 -86.18 65.11
N SER WA 49 84.37 -85.58 66.13
CA SER WA 49 83.82 -84.35 66.70
C SER WA 49 83.77 -83.22 65.68
N LYS WA 50 84.88 -82.99 64.99
CA LYS WA 50 84.92 -81.90 64.04
C LYS WA 50 83.96 -82.12 62.88
N LEU WA 51 84.00 -83.30 62.26
CA LEU WA 51 83.15 -83.49 61.10
C LEU WA 51 81.68 -83.35 61.44
N SER WA 52 81.25 -83.77 62.63
CA SER WA 52 79.85 -83.53 62.98
C SER WA 52 79.55 -82.04 63.16
N GLU WA 53 80.46 -81.30 63.78
CA GLU WA 53 80.23 -79.86 63.92
C GLU WA 53 80.10 -79.18 62.56
N TYR WA 54 80.92 -79.59 61.60
CA TYR WA 54 80.85 -78.98 60.27
C TYR WA 54 79.56 -79.33 59.56
N ASN WA 55 79.09 -80.56 59.72
CA ASN WA 55 77.83 -80.96 59.12
C ASN WA 55 76.67 -80.11 59.62
N LEU WA 56 76.60 -79.89 60.93
CA LEU WA 56 75.54 -79.02 61.44
C LEU WA 56 75.67 -77.57 60.98
N TYR WA 57 76.89 -77.02 61.04
CA TYR WA 57 77.05 -75.63 60.62
C TYR WA 57 76.52 -75.39 59.21
N ARG WA 58 76.80 -76.31 58.29
CA ARG WA 58 76.33 -76.11 56.92
C ARG WA 58 74.82 -76.30 56.80
N ASN WA 59 74.29 -77.35 57.41
CA ASN WA 59 72.85 -77.58 57.33
C ASN WA 59 72.07 -76.38 57.84
N ALA WA 60 72.39 -75.85 59.01
CA ALA WA 60 71.59 -74.74 59.52
C ALA WA 60 71.76 -73.49 58.66
N GLN WA 61 72.97 -73.25 58.15
CA GLN WA 61 73.18 -72.07 57.32
C GLN WA 61 72.22 -72.04 56.13
N SER WA 62 72.21 -73.11 55.35
CA SER WA 62 71.38 -73.10 54.13
C SER WA 62 69.90 -72.91 54.41
N ASN WA 63 69.34 -73.63 55.37
CA ASN WA 63 67.92 -73.45 55.66
C ASN WA 63 67.59 -72.02 56.09
N THR WA 64 68.41 -71.42 56.95
CA THR WA 64 68.15 -70.04 57.32
C THR WA 64 68.05 -69.15 56.09
N VAL WA 65 69.04 -69.23 55.21
CA VAL WA 65 68.98 -68.43 53.98
C VAL WA 65 67.69 -68.68 53.22
N LYS WA 66 67.31 -69.94 53.04
CA LYS WA 66 66.13 -70.26 52.25
C LYS WA 66 64.87 -69.64 52.83
N VAL WA 67 64.69 -69.72 54.15
CA VAL WA 67 63.55 -69.08 54.79
C VAL WA 67 63.51 -67.58 54.55
N PHE WA 68 64.65 -66.91 54.67
CA PHE WA 68 64.61 -65.48 54.38
C PHE WA 68 64.39 -65.15 52.92
N LYS WA 69 64.69 -66.05 51.99
CA LYS WA 69 64.25 -65.80 50.62
C LYS WA 69 62.74 -65.87 50.52
N ASP WA 70 62.14 -66.89 51.09
CA ASP WA 70 60.70 -67.06 50.96
C ASP WA 70 59.92 -65.89 51.55
N ILE WA 71 60.36 -65.39 52.71
CA ILE WA 71 59.66 -64.26 53.30
C ILE WA 71 59.72 -63.01 52.43
N ASP WA 72 60.77 -62.86 51.64
CA ASP WA 72 60.81 -61.70 50.76
C ASP WA 72 59.93 -61.90 49.53
N ALA WA 73 59.99 -63.08 48.94
CA ALA WA 73 59.17 -63.34 47.77
C ALA WA 73 57.70 -63.09 48.07
N ALA WA 74 57.25 -63.50 49.26
CA ALA WA 74 55.86 -63.29 49.64
C ALA WA 74 55.46 -61.82 49.79
N ILE WA 75 56.40 -60.91 50.01
CA ILE WA 75 56.06 -59.49 49.99
C ILE WA 75 56.09 -58.93 48.58
N ILE WA 76 57.12 -59.24 47.83
CA ILE WA 76 57.24 -58.68 46.48
C ILE WA 76 56.07 -59.13 45.63
N GLN WA 77 55.52 -60.30 45.91
CA GLN WA 77 54.30 -60.73 45.25
C GLN WA 77 53.12 -59.79 45.45
N ASN WA 78 53.02 -59.11 46.59
CA ASN WA 78 51.90 -58.19 46.82
C ASN WA 78 52.09 -56.79 46.26
N PHE WA 79 53.22 -56.45 45.64
CA PHE WA 79 53.36 -55.09 45.12
C PHE WA 79 52.30 -54.79 44.08
N ARG WA 80 52.02 -55.75 43.23
CA ARG WA 80 51.17 -55.48 42.09
C ARG WA 80 49.75 -55.25 42.57
N ALA XA 2 59.63 -52.82 79.74
CA ALA XA 2 58.52 -53.60 79.19
C ALA XA 2 58.77 -55.09 79.39
N THR XA 3 57.68 -55.82 79.60
CA THR XA 3 57.75 -57.27 79.62
C THR XA 3 58.33 -57.79 78.30
N PRO XA 4 59.12 -58.85 78.33
CA PRO XA 4 59.55 -59.48 77.08
C PRO XA 4 58.37 -60.03 76.32
N TRP XA 5 58.10 -59.43 75.17
CA TRP XA 5 56.98 -59.82 74.32
C TRP XA 5 57.13 -61.27 73.85
N SER XA 6 56.00 -61.97 73.82
CA SER XA 6 55.96 -63.33 73.34
C SER XA 6 54.65 -63.57 72.60
N GLY XA 7 54.72 -64.43 71.60
CA GLY XA 7 53.56 -64.87 70.85
C GLY XA 7 52.88 -66.13 71.35
N TYR XA 8 52.08 -66.70 70.45
CA TYR XA 8 51.41 -67.97 70.68
C TYR XA 8 52.38 -69.13 70.61
N LEU XA 9 53.17 -69.21 69.54
CA LEU XA 9 53.99 -70.38 69.32
C LEU XA 9 55.06 -70.52 70.39
N ASP XA 10 55.69 -69.42 70.79
CA ASP XA 10 56.66 -69.50 71.87
C ASP XA 10 56.02 -69.77 73.22
N ASP XA 11 54.72 -69.57 73.36
CA ASP XA 11 54.07 -69.96 74.61
C ASP XA 11 53.74 -71.44 74.62
N VAL XA 12 53.41 -71.99 73.47
CA VAL XA 12 53.25 -73.44 73.39
C VAL XA 12 54.60 -74.11 73.57
N SER XA 13 55.66 -73.52 73.04
CA SER XA 13 57.00 -74.00 73.29
C SER XA 13 57.33 -74.00 74.77
N ALA XA 14 57.10 -72.86 75.44
CA ALA XA 14 57.37 -72.76 76.88
C ALA XA 14 56.56 -73.76 77.70
N LYS XA 15 55.36 -74.11 77.28
CA LYS XA 15 54.61 -75.14 78.02
C LYS XA 15 55.42 -76.41 78.27
N PHE XA 16 56.18 -76.89 77.30
CA PHE XA 16 57.00 -78.07 77.53
C PHE XA 16 58.16 -77.80 78.50
N ASP XA 17 58.88 -76.70 78.31
CA ASP XA 17 59.96 -76.35 79.23
C ASP XA 17 59.48 -76.28 80.67
N THR XA 18 58.29 -75.76 80.90
CA THR XA 18 57.73 -75.72 82.24
C THR XA 18 57.02 -77.00 82.63
N GLY XA 19 56.76 -77.90 81.69
CA GLY XA 19 56.25 -79.21 81.99
C GLY XA 19 57.31 -80.11 82.57
N VAL XA 20 58.48 -80.13 81.94
CA VAL XA 20 59.63 -80.85 82.50
C VAL XA 20 60.36 -79.90 83.46
N ASP XA 21 60.03 -80.05 84.74
CA ASP XA 21 60.52 -79.14 85.79
C ASP XA 21 62.04 -78.98 85.81
N ASN XA 22 62.78 -80.09 85.80
CA ASN XA 22 64.23 -80.03 86.01
C ASN XA 22 65.04 -80.90 85.06
N LEU XA 23 64.40 -81.66 84.17
CA LEU XA 23 65.07 -82.59 83.30
C LEU XA 23 66.33 -81.96 82.72
N GLN XA 24 66.24 -80.68 82.35
CA GLN XA 24 67.37 -79.99 81.76
C GLN XA 24 68.62 -80.07 82.63
N THR XA 25 68.47 -79.87 83.94
CA THR XA 25 69.62 -79.97 84.82
C THR XA 25 69.98 -81.42 85.13
N GLN XA 26 68.98 -82.23 85.47
CA GLN XA 26 69.24 -83.64 85.72
C GLN XA 26 70.12 -84.26 84.63
N VAL XA 27 69.83 -83.95 83.37
CA VAL XA 27 70.62 -84.50 82.26
C VAL XA 27 72.08 -84.14 82.38
N THR XA 28 72.40 -82.97 82.90
CA THR XA 28 73.81 -82.62 83.07
C THR XA 28 74.42 -83.27 84.31
N GLU XA 29 73.70 -83.24 85.43
CA GLU XA 29 74.17 -83.91 86.64
C GLU XA 29 74.54 -85.36 86.40
N ALA XA 30 73.65 -86.10 85.72
CA ALA XA 30 73.94 -87.50 85.42
C ALA XA 30 75.19 -87.64 84.56
N LEU XA 31 75.32 -86.81 83.54
CA LEU XA 31 76.51 -86.88 82.71
C LEU XA 31 77.76 -86.62 83.53
N ASP XA 32 77.71 -85.60 84.39
CA ASP XA 32 78.84 -85.27 85.24
C ASP XA 32 79.31 -86.46 86.07
N LYS XA 33 78.42 -87.02 86.87
CA LYS XA 33 78.80 -88.16 87.70
C LYS XA 33 79.19 -89.38 86.88
N LEU XA 34 78.56 -89.61 85.72
CA LEU XA 34 78.95 -90.76 84.91
C LEU XA 34 80.35 -90.56 84.34
N ALA XA 35 80.64 -89.39 83.80
CA ALA XA 35 81.97 -89.08 83.30
C ALA XA 35 83.01 -89.24 84.39
N ALA XA 36 82.62 -88.99 85.64
CA ALA XA 36 83.55 -89.19 86.75
C ALA XA 36 83.96 -90.66 86.89
N LYS XA 37 83.07 -91.60 86.59
CA LYS XA 37 83.35 -93.04 86.74
C LYS XA 37 82.63 -93.81 85.63
N PRO XA 38 83.15 -93.75 84.42
CA PRO XA 38 82.44 -94.30 83.26
C PRO XA 38 82.05 -95.77 83.31
N SER XA 39 82.72 -96.61 84.09
CA SER XA 39 82.40 -98.04 84.10
C SER XA 39 81.37 -98.47 85.14
N ASP XA 40 80.74 -97.53 85.84
CA ASP XA 40 79.81 -97.90 86.91
C ASP XA 40 78.40 -98.18 86.42
N PRO XA 41 77.90 -99.41 86.52
CA PRO XA 41 76.64 -99.74 85.83
C PRO XA 41 75.44 -99.11 86.47
N ALA XA 42 75.54 -98.66 87.72
CA ALA XA 42 74.44 -97.92 88.32
C ALA XA 42 74.24 -96.61 87.57
N LEU XA 43 75.34 -95.91 87.33
CA LEU XA 43 75.31 -94.65 86.61
C LEU XA 43 74.86 -94.86 85.18
N LEU XA 44 75.33 -95.92 84.52
CA LEU XA 44 75.00 -96.08 83.10
C LEU XA 44 73.50 -96.19 82.87
N ALA XA 45 72.80 -97.06 83.61
CA ALA XA 45 71.37 -97.19 83.37
C ALA XA 45 70.62 -95.89 83.65
N ALA XA 46 71.12 -95.11 84.60
CA ALA XA 46 70.51 -93.82 84.92
C ALA XA 46 70.67 -92.87 83.75
N TYR XA 47 71.89 -92.70 83.27
CA TYR XA 47 72.10 -91.78 82.17
C TYR XA 47 71.36 -92.23 80.93
N GLN XA 48 71.27 -93.53 80.69
CA GLN XA 48 70.46 -94.01 79.56
C GLN XA 48 69.03 -93.52 79.68
N SER XA 49 68.44 -93.67 80.87
CA SER XA 49 67.08 -93.19 81.10
C SER XA 49 66.93 -91.71 80.82
N LYS XA 50 67.76 -90.89 81.46
CA LYS XA 50 67.68 -89.44 81.28
C LYS XA 50 67.83 -89.02 79.83
N LEU XA 51 68.84 -89.54 79.14
CA LEU XA 51 69.02 -89.12 77.76
C LEU XA 51 67.88 -89.57 76.86
N SER XA 52 67.39 -90.80 77.04
CA SER XA 52 66.22 -91.23 76.28
C SER XA 52 65.02 -90.35 76.53
N GLU XA 53 64.91 -89.79 77.73
CA GLU XA 53 63.80 -88.86 78.00
C GLU XA 53 63.99 -87.54 77.25
N TYR XA 54 65.17 -86.97 77.36
CA TYR XA 54 65.43 -85.66 76.75
C TYR XA 54 65.21 -85.69 75.25
N ASN XA 55 65.57 -86.80 74.61
CA ASN XA 55 65.41 -86.90 73.16
C ASN XA 55 63.95 -86.82 72.70
N LEU XA 56 63.06 -87.52 73.40
CA LEU XA 56 61.64 -87.43 73.07
C LEU XA 56 61.05 -86.07 73.41
N TYR XA 57 61.49 -85.49 74.53
CA TYR XA 57 61.09 -84.14 74.87
C TYR XA 57 61.31 -83.15 73.72
N ARG XA 58 62.55 -83.03 73.27
CA ARG XA 58 62.83 -82.11 72.17
C ARG XA 58 62.08 -82.47 70.89
N ASN XA 59 62.03 -83.74 70.50
CA ASN XA 59 61.32 -84.06 69.28
C ASN XA 59 59.86 -83.61 69.33
N ALA XA 60 59.12 -84.03 70.35
CA ALA XA 60 57.71 -83.67 70.41
C ALA XA 60 57.51 -82.17 70.42
N GLN XA 61 58.45 -81.43 71.02
CA GLN XA 61 58.34 -79.99 71.03
C GLN XA 61 58.40 -79.42 69.62
N SER XA 62 59.52 -79.64 68.93
CA SER XA 62 59.68 -79.11 67.59
C SER XA 62 58.54 -79.50 66.66
N ASN XA 63 58.11 -80.76 66.68
CA ASN XA 63 57.02 -81.12 65.77
C ASN XA 63 55.73 -80.36 66.07
N THR XA 64 55.37 -80.22 67.35
CA THR XA 64 54.14 -79.50 67.65
C THR XA 64 54.21 -78.06 67.15
N VAL XA 65 55.36 -77.42 67.34
CA VAL XA 65 55.50 -76.05 66.85
C VAL XA 65 55.30 -75.98 65.34
N LYS XA 66 55.91 -76.91 64.60
CA LYS XA 66 55.79 -76.88 63.15
C LYS XA 66 54.35 -77.06 62.67
N VAL XA 67 53.60 -77.96 63.30
CA VAL XA 67 52.20 -78.08 62.89
C VAL XA 67 51.41 -76.82 63.20
N PHE XA 68 51.63 -76.20 64.36
CA PHE XA 68 50.89 -74.98 64.64
C PHE XA 68 51.30 -73.82 63.74
N LYS XA 69 52.50 -73.85 63.16
CA LYS XA 69 52.83 -72.87 62.13
C LYS XA 69 52.04 -73.12 60.86
N ASP XA 70 51.97 -74.37 60.42
CA ASP XA 70 51.30 -74.66 59.16
C ASP XA 70 49.81 -74.31 59.22
N ILE XA 71 49.17 -74.57 60.35
CA ILE XA 71 47.76 -74.19 60.48
C ILE XA 71 47.55 -72.69 60.37
N ASP XA 72 48.50 -71.87 60.81
CA ASP XA 72 48.31 -70.43 60.69
C ASP XA 72 48.57 -69.94 59.28
N ALA XA 73 49.64 -70.43 58.65
CA ALA XA 73 49.94 -70.00 57.30
C ALA XA 73 48.80 -70.32 56.34
N ALA XA 74 48.15 -71.46 56.53
CA ALA XA 74 47.01 -71.80 55.67
C ALA XA 74 45.86 -70.82 55.82
N ILE XA 75 45.61 -70.25 57.00
CA ILE XA 75 44.55 -69.27 57.12
C ILE XA 75 45.00 -67.92 56.58
N ILE XA 76 46.22 -67.50 56.89
CA ILE XA 76 46.64 -66.17 56.48
C ILE XA 76 46.68 -66.06 54.98
N GLN XA 77 46.91 -67.16 54.27
CA GLN XA 77 46.87 -67.10 52.81
C GLN XA 77 45.50 -66.70 52.27
N ASN XA 78 44.42 -67.14 52.90
CA ASN XA 78 43.07 -66.84 52.45
C ASN XA 78 42.62 -65.40 52.70
N PHE XA 79 43.42 -64.52 53.29
CA PHE XA 79 42.95 -63.15 53.46
C PHE XA 79 42.79 -62.43 52.13
N ARG XA 80 43.58 -62.77 51.13
CA ARG XA 80 43.50 -62.02 49.88
C ARG XA 80 42.10 -62.13 49.35
N THR YA 3 26.91 -86.03 73.85
CA THR YA 3 27.95 -86.71 74.62
C THR YA 3 29.27 -86.01 74.25
N PRO YA 4 30.43 -86.52 74.68
CA PRO YA 4 31.67 -85.83 74.29
C PRO YA 4 31.92 -85.95 72.80
N TRP YA 5 32.30 -84.83 72.20
CA TRP YA 5 32.51 -84.75 70.76
C TRP YA 5 33.67 -85.63 70.32
N SER YA 6 33.43 -86.50 69.34
CA SER YA 6 34.45 -87.33 68.75
C SER YA 6 34.34 -87.27 67.23
N GLY YA 7 35.49 -87.12 66.56
CA GLY YA 7 35.55 -87.15 65.12
C GLY YA 7 35.71 -88.54 64.54
N TYR YA 8 35.67 -88.59 63.20
CA TYR YA 8 35.87 -89.85 62.49
C TYR YA 8 37.22 -90.48 62.81
N LEU YA 9 38.25 -89.65 62.97
CA LEU YA 9 39.56 -90.16 63.37
C LEU YA 9 39.52 -90.73 64.78
N ASP YA 10 38.92 -89.98 65.71
CA ASP YA 10 38.74 -90.48 67.07
C ASP YA 10 38.03 -91.82 67.06
N ASP YA 11 36.93 -91.92 66.33
CA ASP YA 11 36.22 -93.19 66.20
C ASP YA 11 37.14 -94.31 65.71
N VAL YA 12 37.97 -94.06 64.71
CA VAL YA 12 38.91 -95.10 64.26
C VAL YA 12 39.88 -95.51 65.36
N SER YA 13 40.50 -94.53 66.00
CA SER YA 13 41.37 -94.82 67.12
C SER YA 13 40.67 -95.67 68.17
N ALA YA 14 39.48 -95.23 68.59
CA ALA YA 14 38.69 -96.01 69.53
C ALA YA 14 38.37 -97.40 69.00
N LYS YA 15 38.27 -97.55 67.69
CA LYS YA 15 38.04 -98.87 67.14
C LYS YA 15 39.18 -99.80 67.49
N PHE YA 16 40.41 -99.30 67.39
CA PHE YA 16 41.55 -100.10 67.88
C PHE YA 16 41.53 -100.30 69.40
N ASP YA 17 41.23 -99.24 70.14
CA ASP YA 17 41.21 -99.33 71.60
C ASP YA 17 40.23 -100.40 72.09
N THR YA 18 39.03 -100.45 71.53
CA THR YA 18 38.10 -101.52 71.88
C THR YA 18 38.39 -102.82 71.17
N GLY YA 19 39.23 -102.80 70.13
CA GLY YA 19 39.61 -104.05 69.49
C GLY YA 19 40.53 -104.87 70.39
N VAL YA 20 41.60 -104.26 70.87
CA VAL YA 20 42.44 -104.92 71.87
C VAL YA 20 41.72 -104.82 73.22
N ASP YA 21 41.00 -105.88 73.57
CA ASP YA 21 40.15 -105.90 74.76
C ASP YA 21 40.86 -105.40 76.02
N ASN YA 22 42.01 -105.99 76.35
CA ASN YA 22 42.65 -105.70 77.62
C ASN YA 22 44.18 -105.68 77.55
N LEU YA 23 44.75 -105.72 76.35
CA LEU YA 23 46.20 -105.79 76.21
C LEU YA 23 46.90 -104.79 77.11
N GLN YA 24 46.40 -103.55 77.18
CA GLN YA 24 47.05 -102.54 78.00
C GLN YA 24 47.23 -102.99 79.44
N THR YA 25 46.22 -103.63 80.02
CA THR YA 25 46.35 -104.16 81.37
C THR YA 25 47.24 -105.38 81.43
N GLN YA 26 47.03 -106.33 80.51
CA GLN YA 26 47.86 -107.52 80.47
C GLN YA 26 49.35 -107.19 80.49
N VAL YA 27 49.76 -106.21 79.70
CA VAL YA 27 51.18 -105.83 79.68
C VAL YA 27 51.63 -105.33 81.05
N THR YA 28 50.79 -104.55 81.73
CA THR YA 28 51.15 -104.03 83.04
C THR YA 28 51.32 -105.18 84.03
N GLU YA 29 50.39 -106.12 84.04
CA GLU YA 29 50.50 -107.23 84.97
C GLU YA 29 51.70 -108.11 84.66
N ALA YA 30 51.89 -108.44 83.38
CA ALA YA 30 53.04 -109.26 83.02
C ALA YA 30 54.33 -108.60 83.47
N LEU YA 31 54.42 -107.28 83.32
CA LEU YA 31 55.59 -106.55 83.80
C LEU YA 31 55.77 -106.68 85.30
N ASP YA 32 54.69 -106.54 86.06
CA ASP YA 32 54.83 -106.65 87.51
C ASP YA 32 55.21 -108.06 87.95
N LYS YA 33 54.65 -109.08 87.31
CA LYS YA 33 55.06 -110.45 87.63
C LYS YA 33 56.53 -110.66 87.33
N LEU YA 34 56.94 -110.29 86.12
CA LEU YA 34 58.35 -110.43 85.75
C LEU YA 34 59.25 -109.74 86.75
N ALA YA 35 58.93 -108.51 87.12
CA ALA YA 35 59.79 -107.78 88.05
C ALA YA 35 60.03 -108.55 89.33
N ALA YA 36 59.06 -109.38 89.74
CA ALA YA 36 59.24 -110.12 90.98
C ALA YA 36 60.35 -111.17 90.87
N LYS YA 37 60.56 -111.73 89.69
CA LYS YA 37 61.60 -112.75 89.48
C LYS YA 37 62.11 -112.67 88.06
N PRO YA 38 63.00 -111.72 87.78
CA PRO YA 38 63.51 -111.53 86.41
C PRO YA 38 64.11 -112.75 85.73
N SER YA 39 64.41 -113.82 86.46
CA SER YA 39 65.07 -114.99 85.88
C SER YA 39 64.13 -116.13 85.52
N ASP YA 40 62.83 -115.98 85.71
CA ASP YA 40 61.91 -117.07 85.38
C ASP YA 40 61.66 -117.17 83.88
N PRO YA 41 62.01 -118.29 83.24
CA PRO YA 41 61.80 -118.37 81.79
C PRO YA 41 60.33 -118.41 81.42
N ALA YA 42 59.47 -118.96 82.27
CA ALA YA 42 58.06 -119.02 81.93
C ALA YA 42 57.45 -117.64 81.96
N LEU YA 43 58.01 -116.74 82.77
CA LEU YA 43 57.56 -115.36 82.78
C LEU YA 43 58.07 -114.64 81.53
N LEU YA 44 59.39 -114.69 81.32
CA LEU YA 44 59.98 -114.06 80.14
C LEU YA 44 59.26 -114.43 78.84
N ALA YA 45 59.00 -115.72 78.63
CA ALA YA 45 58.33 -116.13 77.41
C ALA YA 45 57.01 -115.39 77.20
N ALA YA 46 56.19 -115.27 78.24
CA ALA YA 46 54.94 -114.53 78.12
C ALA YA 46 55.19 -113.04 77.86
N TYR YA 47 56.04 -112.42 78.67
CA TYR YA 47 56.34 -111.01 78.53
C TYR YA 47 56.76 -110.64 77.12
N GLN YA 48 57.70 -111.38 76.53
CA GLN YA 48 58.12 -111.11 75.16
C GLN YA 48 56.94 -111.06 74.18
N SER YA 49 56.06 -112.06 74.25
CA SER YA 49 54.89 -112.08 73.37
C SER YA 49 54.02 -110.85 73.57
N LYS YA 50 53.71 -110.54 74.82
CA LYS YA 50 52.85 -109.38 75.10
C LYS YA 50 53.47 -108.10 74.57
N LEU YA 51 54.73 -107.83 74.89
CA LEU YA 51 55.35 -106.60 74.43
C LEU YA 51 55.38 -106.50 72.91
N SER YA 52 55.57 -107.61 72.21
CA SER YA 52 55.52 -107.57 70.76
C SER YA 52 54.13 -107.19 70.25
N GLU YA 53 53.11 -107.87 70.75
CA GLU YA 53 51.74 -107.53 70.38
C GLU YA 53 51.45 -106.05 70.59
N TYR YA 54 51.87 -105.51 71.72
CA TYR YA 54 51.62 -104.09 72.00
C TYR YA 54 52.32 -103.20 70.98
N ASN YA 55 53.55 -103.52 70.63
CA ASN YA 55 54.25 -102.78 69.60
C ASN YA 55 53.46 -102.70 68.30
N LEU YA 56 53.03 -103.86 67.79
CA LEU YA 56 52.32 -103.87 66.52
C LEU YA 56 50.98 -103.14 66.60
N TYR YA 57 50.30 -103.25 67.73
CA TYR YA 57 49.07 -102.50 67.95
C TYR YA 57 49.27 -101.00 67.79
N ARG YA 58 50.24 -100.44 68.52
CA ARG YA 58 50.48 -99.01 68.41
C ARG YA 58 50.88 -98.56 67.01
N ASN YA 59 51.73 -99.33 66.33
CA ASN YA 59 52.14 -98.88 65.00
C ASN YA 59 51.02 -98.91 63.98
N ALA YA 60 50.20 -99.97 63.98
CA ALA YA 60 49.08 -99.99 63.04
C ALA YA 60 48.10 -98.88 63.30
N GLN YA 61 47.82 -98.60 64.57
CA GLN YA 61 46.95 -97.50 64.92
C GLN YA 61 47.43 -96.18 64.31
N SER YA 62 48.62 -95.73 64.71
CA SER YA 62 49.08 -94.42 64.29
C SER YA 62 49.23 -94.27 62.78
N ASN YA 63 49.71 -95.32 62.10
CA ASN YA 63 49.79 -95.18 60.65
C ASN YA 63 48.41 -95.05 60.00
N THR YA 64 47.42 -95.83 60.42
CA THR YA 64 46.12 -95.67 59.80
C THR YA 64 45.58 -94.27 59.99
N VAL YA 65 45.77 -93.72 61.19
CA VAL YA 65 45.31 -92.36 61.46
C VAL YA 65 45.89 -91.39 60.44
N LYS YA 66 47.21 -91.45 60.25
CA LYS YA 66 47.82 -90.52 59.30
C LYS YA 66 47.32 -90.70 57.87
N VAL YA 67 47.14 -91.93 57.42
CA VAL YA 67 46.66 -92.11 56.05
C VAL YA 67 45.30 -91.45 55.83
N PHE YA 68 44.43 -91.54 56.84
CA PHE YA 68 43.15 -90.84 56.70
C PHE YA 68 43.31 -89.32 56.67
N LYS YA 69 44.05 -88.77 57.62
CA LYS YA 69 44.25 -87.33 57.59
C LYS YA 69 44.77 -86.86 56.23
N ASP YA 70 45.67 -87.63 55.62
CA ASP YA 70 46.20 -87.21 54.33
C ASP YA 70 45.17 -87.28 53.22
N ILE YA 71 44.21 -88.19 53.29
CA ILE YA 71 43.14 -88.16 52.30
C ILE YA 71 42.27 -86.92 52.47
N ASP YA 72 41.77 -86.70 53.67
CA ASP YA 72 40.93 -85.52 53.93
C ASP YA 72 41.57 -84.22 53.49
N ALA YA 73 42.81 -83.95 53.91
CA ALA YA 73 43.45 -82.71 53.49
C ALA YA 73 43.43 -82.52 51.97
N ALA YA 74 43.60 -83.61 51.23
CA ALA YA 74 43.58 -83.51 49.78
C ALA YA 74 42.21 -83.14 49.26
N ILE YA 75 41.16 -83.72 49.81
CA ILE YA 75 39.83 -83.34 49.34
C ILE YA 75 39.54 -81.87 49.65
N ILE YA 76 39.87 -81.43 50.87
CA ILE YA 76 39.65 -80.03 51.25
C ILE YA 76 40.33 -79.08 50.28
N GLN YA 77 41.56 -79.37 49.87
CA GLN YA 77 42.24 -78.43 48.97
C GLN YA 77 41.46 -78.15 47.69
N ASN YA 78 40.71 -79.10 47.16
CA ASN YA 78 39.96 -78.84 45.94
C ASN YA 78 38.72 -77.97 46.13
N PHE YA 79 38.38 -77.53 47.34
CA PHE YA 79 37.30 -76.54 47.46
C PHE YA 79 37.67 -75.24 46.78
N ARG YA 80 38.73 -74.60 47.27
CA ARG YA 80 39.09 -73.29 46.77
C ARG YA 80 39.64 -73.42 45.38
N THR ZA 3 29.30 -108.02 43.26
CA THR ZA 3 29.61 -107.49 44.59
C THR ZA 3 31.08 -107.73 45.05
N PRO ZA 4 31.71 -108.85 44.64
CA PRO ZA 4 33.12 -109.07 45.01
C PRO ZA 4 34.07 -108.28 44.11
N TRP ZA 5 33.95 -106.96 44.20
CA TRP ZA 5 34.76 -106.07 43.37
C TRP ZA 5 36.22 -106.08 43.80
N SER ZA 6 37.11 -106.05 42.81
CA SER ZA 6 38.55 -106.06 43.01
C SER ZA 6 39.19 -105.09 42.04
N GLY ZA 7 40.09 -104.25 42.55
CA GLY ZA 7 40.87 -103.36 41.73
C GLY ZA 7 42.08 -104.00 41.10
N TYR ZA 8 42.92 -103.14 40.51
CA TYR ZA 8 44.16 -103.57 39.88
C TYR ZA 8 45.24 -103.94 40.89
N LEU ZA 9 45.29 -103.27 42.04
CA LEU ZA 9 46.26 -103.67 43.05
C LEU ZA 9 45.88 -105.02 43.63
N ASP ZA 10 44.59 -105.23 43.88
CA ASP ZA 10 44.09 -106.54 44.27
C ASP ZA 10 44.46 -107.58 43.23
N ASP ZA 11 44.19 -107.29 41.96
CA ASP ZA 11 44.56 -108.20 40.89
C ASP ZA 11 46.05 -108.54 40.90
N VAL ZA 12 46.88 -107.66 41.44
CA VAL ZA 12 48.31 -107.97 41.50
C VAL ZA 12 48.66 -108.79 42.73
N SER ZA 13 48.21 -108.37 43.91
CA SER ZA 13 48.43 -109.15 45.13
C SER ZA 13 47.93 -110.59 45.00
N ALA ZA 14 46.67 -110.75 44.62
CA ALA ZA 14 46.14 -112.08 44.42
C ALA ZA 14 46.96 -112.89 43.41
N LYS ZA 15 47.70 -112.23 42.53
CA LYS ZA 15 48.55 -112.98 41.61
C LYS ZA 15 49.63 -113.76 42.34
N PHE ZA 16 50.24 -113.17 43.37
CA PHE ZA 16 51.11 -113.95 44.26
C PHE ZA 16 50.34 -114.98 45.05
N ASP ZA 17 49.22 -114.58 45.64
CA ASP ZA 17 48.56 -115.51 46.54
C ASP ZA 17 48.10 -116.77 45.80
N THR ZA 18 47.68 -116.64 44.56
CA THR ZA 18 47.36 -117.76 43.70
C THR ZA 18 48.57 -118.32 42.96
N GLY ZA 19 49.73 -117.69 43.08
CA GLY ZA 19 50.94 -118.24 42.49
C GLY ZA 19 51.63 -119.23 43.41
N VAL ZA 20 51.78 -118.89 44.68
CA VAL ZA 20 52.33 -119.84 45.64
C VAL ZA 20 51.23 -120.75 46.15
N ASP ZA 21 51.05 -121.88 45.46
CA ASP ZA 21 49.80 -122.63 45.49
C ASP ZA 21 49.34 -122.95 46.91
N ASN ZA 22 50.25 -123.45 47.74
CA ASN ZA 22 49.88 -124.05 49.01
C ASN ZA 22 50.67 -123.55 50.21
N LEU ZA 23 51.67 -122.72 50.00
CA LEU ZA 23 52.64 -122.44 51.05
C LEU ZA 23 51.96 -122.08 52.36
N GLN ZA 24 50.87 -121.31 52.30
CA GLN ZA 24 50.18 -120.93 53.52
C GLN ZA 24 49.70 -122.12 54.35
N THR ZA 25 49.28 -123.21 53.71
CA THR ZA 25 48.94 -124.40 54.47
C THR ZA 25 50.17 -125.21 54.84
N GLN ZA 26 51.12 -125.32 53.91
CA GLN ZA 26 52.33 -126.11 54.16
C GLN ZA 26 53.05 -125.64 55.41
N VAL ZA 27 53.21 -124.33 55.57
CA VAL ZA 27 53.85 -123.80 56.77
C VAL ZA 27 53.03 -124.12 58.01
N THR ZA 28 51.71 -124.01 57.91
CA THR ZA 28 50.89 -124.28 59.09
C THR ZA 28 51.03 -125.73 59.53
N GLU ZA 29 51.14 -126.65 58.58
CA GLU ZA 29 51.35 -128.05 58.93
C GLU ZA 29 52.73 -128.28 59.56
N ALA ZA 30 53.78 -127.85 58.86
CA ALA ZA 30 55.14 -128.04 59.36
C ALA ZA 30 55.29 -127.49 60.77
N LEU ZA 31 54.69 -126.34 61.05
CA LEU ZA 31 54.73 -125.78 62.39
C LEU ZA 31 54.24 -126.76 63.43
N ASP ZA 32 53.01 -127.26 63.26
CA ASP ZA 32 52.45 -128.17 64.25
C ASP ZA 32 53.26 -129.46 64.37
N LYS ZA 33 53.71 -130.03 63.25
CA LYS ZA 33 54.58 -131.20 63.36
C LYS ZA 33 55.79 -130.91 64.23
N LEU ZA 34 56.57 -129.89 63.88
CA LEU ZA 34 57.75 -129.54 64.68
C LEU ZA 34 57.39 -129.31 66.14
N ALA ZA 35 56.41 -128.45 66.41
CA ALA ZA 35 56.01 -128.16 67.78
C ALA ZA 35 55.60 -129.41 68.55
N ALA ZA 36 55.06 -130.42 67.87
CA ALA ZA 36 54.63 -131.60 68.60
C ALA ZA 36 55.81 -132.38 69.16
N LYS ZA 37 56.95 -132.38 68.47
CA LYS ZA 37 58.10 -133.16 68.88
C LYS ZA 37 59.37 -132.41 68.50
N PRO ZA 38 59.64 -131.30 69.16
CA PRO ZA 38 60.84 -130.53 68.83
C PRO ZA 38 62.10 -131.35 69.00
N SER ZA 39 63.19 -130.76 68.56
CA SER ZA 39 64.52 -131.36 68.61
C SER ZA 39 64.67 -132.49 67.61
N ASP ZA 40 63.90 -132.47 66.53
CA ASP ZA 40 64.04 -133.44 65.47
C ASP ZA 40 64.73 -132.77 64.29
N PRO ZA 41 65.97 -133.12 63.96
CA PRO ZA 41 66.61 -132.46 62.81
C PRO ZA 41 65.80 -132.52 61.53
N ALA ZA 42 65.10 -133.63 61.29
CA ALA ZA 42 64.31 -133.75 60.07
C ALA ZA 42 63.21 -132.69 60.00
N LEU ZA 43 62.61 -132.39 61.13
CA LEU ZA 43 61.58 -131.36 61.19
C LEU ZA 43 62.17 -129.96 61.09
N LEU ZA 44 63.17 -129.68 61.91
CA LEU ZA 44 63.82 -128.37 61.90
C LEU ZA 44 64.32 -127.99 60.50
N ALA ZA 45 65.03 -128.88 59.84
CA ALA ZA 45 65.51 -128.59 58.49
C ALA ZA 45 64.39 -128.13 57.55
N ALA ZA 46 63.27 -128.84 57.53
CA ALA ZA 46 62.15 -128.46 56.67
C ALA ZA 46 61.54 -127.12 57.08
N TYR ZA 47 61.25 -126.97 58.37
CA TYR ZA 47 60.65 -125.75 58.88
C TYR ZA 47 61.47 -124.52 58.51
N GLN ZA 48 62.78 -124.56 58.73
CA GLN ZA 48 63.62 -123.44 58.33
C GLN ZA 48 63.33 -122.98 56.91
N SER ZA 49 63.38 -123.91 55.96
CA SER ZA 49 63.13 -123.56 54.56
C SER ZA 49 61.76 -122.94 54.35
N LYS ZA 50 60.71 -123.60 54.82
CA LYS ZA 50 59.36 -123.06 54.60
C LYS ZA 50 59.21 -121.67 55.17
N LEU ZA 51 59.57 -121.47 56.44
CA LEU ZA 51 59.39 -120.14 57.02
C LEU ZA 51 60.26 -119.09 56.34
N SER ZA 52 61.50 -119.44 56.03
CA SER ZA 52 62.39 -118.52 55.33
C SER ZA 52 61.78 -118.01 54.03
N GLU ZA 53 61.32 -118.91 53.16
CA GLU ZA 53 60.73 -118.43 51.92
C GLU ZA 53 59.37 -117.77 52.11
N TYR ZA 54 58.62 -118.13 53.15
CA TYR ZA 54 57.38 -117.40 53.41
C TYR ZA 54 57.65 -115.93 53.71
N ASN ZA 55 58.74 -115.65 54.43
CA ASN ZA 55 59.13 -114.27 54.65
C ASN ZA 55 59.35 -113.49 53.36
N LEU ZA 56 60.11 -114.07 52.43
CA LEU ZA 56 60.35 -113.42 51.14
C LEU ZA 56 59.06 -113.18 50.39
N TYR ZA 57 58.21 -114.20 50.31
CA TYR ZA 57 56.92 -114.04 49.65
C TYR ZA 57 56.15 -112.82 50.15
N ARG ZA 58 55.93 -112.73 51.46
CA ARG ZA 58 55.22 -111.56 51.99
C ARG ZA 58 55.92 -110.24 51.69
N ASN ZA 59 57.23 -110.15 51.87
CA ASN ZA 59 57.91 -108.89 51.59
C ASN ZA 59 57.78 -108.47 50.13
N ALA ZA 60 58.06 -109.39 49.22
CA ALA ZA 60 57.97 -109.06 47.80
C ALA ZA 60 56.59 -108.54 47.42
N GLN ZA 61 55.55 -109.19 47.93
CA GLN ZA 61 54.20 -108.75 47.64
C GLN ZA 61 53.94 -107.32 48.11
N SER ZA 62 54.20 -107.05 49.38
CA SER ZA 62 53.90 -105.70 49.87
C SER ZA 62 54.72 -104.61 49.19
N ASN ZA 63 56.00 -104.87 48.89
CA ASN ZA 63 56.77 -103.84 48.20
C ASN ZA 63 56.24 -103.57 46.80
N THR ZA 64 55.85 -104.62 46.08
CA THR ZA 64 55.30 -104.42 44.74
C THR ZA 64 54.05 -103.55 44.76
N VAL ZA 65 53.16 -103.82 45.71
CA VAL ZA 65 51.95 -103.01 45.78
C VAL ZA 65 52.26 -101.55 46.08
N LYS ZA 66 53.17 -101.27 47.02
CA LYS ZA 66 53.46 -99.87 47.28
C LYS ZA 66 54.03 -99.15 46.05
N VAL ZA 67 54.94 -99.80 45.32
CA VAL ZA 67 55.49 -99.17 44.12
C VAL ZA 67 54.38 -98.77 43.15
N PHE ZA 68 53.50 -99.72 42.82
CA PHE ZA 68 52.39 -99.38 41.93
C PHE ZA 68 51.56 -98.22 42.47
N LYS ZA 69 51.23 -98.26 43.76
CA LYS ZA 69 50.40 -97.19 44.31
C LYS ZA 69 51.00 -95.82 44.03
N ASP ZA 70 52.30 -95.68 44.22
CA ASP ZA 70 52.87 -94.35 44.00
C ASP ZA 70 53.03 -93.98 42.53
N ILE ZA 71 53.12 -94.96 41.64
CA ILE ZA 71 53.03 -94.63 40.22
C ILE ZA 71 51.68 -94.02 39.89
N ASP ZA 72 50.61 -94.62 40.41
CA ASP ZA 72 49.28 -94.08 40.11
C ASP ZA 72 49.06 -92.73 40.75
N ALA ZA 73 49.42 -92.56 42.01
CA ALA ZA 73 49.23 -91.26 42.64
C ALA ZA 73 49.97 -90.17 41.88
N ALA ZA 74 51.16 -90.47 41.35
CA ALA ZA 74 51.87 -89.47 40.58
C ALA ZA 74 51.16 -89.12 39.29
N ILE ZA 75 50.57 -90.10 38.61
CA ILE ZA 75 49.82 -89.76 37.40
C ILE ZA 75 48.57 -88.94 37.72
N ILE ZA 76 47.86 -89.30 38.79
CA ILE ZA 76 46.65 -88.57 39.16
C ILE ZA 76 46.96 -87.12 39.51
N GLN ZA 77 48.11 -86.87 40.11
CA GLN ZA 77 48.45 -85.49 40.46
C GLN ZA 77 48.47 -84.56 39.25
N ASN ZA 78 48.83 -85.05 38.08
CA ASN ZA 78 48.84 -84.21 36.89
C ASN ZA 78 47.46 -83.92 36.28
N PHE ZA 79 46.35 -84.40 36.86
CA PHE ZA 79 45.07 -84.06 36.25
C PHE ZA 79 44.77 -82.58 36.34
N ARG ZA 80 45.22 -81.93 37.41
CA ARG ZA 80 44.77 -80.59 37.69
C ARG ZA 80 45.30 -79.66 36.63
N THR AB 3 67.11 -109.16 20.51
CA THR AB 3 66.00 -108.54 19.80
C THR AB 3 65.03 -107.74 20.67
N PRO AB 4 64.57 -108.27 21.81
CA PRO AB 4 63.60 -107.50 22.59
C PRO AB 4 64.17 -106.16 23.04
N TRP AB 5 63.27 -105.19 23.17
CA TRP AB 5 63.62 -103.85 23.64
C TRP AB 5 64.31 -103.89 25.00
N SER AB 6 65.39 -103.11 25.12
CA SER AB 6 66.16 -102.99 26.36
C SER AB 6 66.45 -101.52 26.62
N GLY AB 7 66.12 -101.05 27.81
CA GLY AB 7 66.39 -99.70 28.22
C GLY AB 7 67.84 -99.45 28.58
N TYR AB 8 68.04 -98.41 29.39
CA TYR AB 8 69.35 -98.05 29.91
C TYR AB 8 69.74 -98.89 31.12
N LEU AB 9 68.85 -98.97 32.11
CA LEU AB 9 69.13 -99.81 33.27
C LEU AB 9 69.35 -101.26 32.85
N ASP AB 10 68.60 -101.73 31.87
CA ASP AB 10 68.85 -103.04 31.29
C ASP AB 10 70.30 -103.20 30.84
N ASP AB 11 70.85 -102.16 30.20
CA ASP AB 11 72.24 -102.20 29.78
C ASP AB 11 73.18 -102.24 30.99
N VAL AB 12 72.90 -101.45 32.01
CA VAL AB 12 73.73 -101.45 33.20
C VAL AB 12 73.77 -102.85 33.82
N SER AB 13 72.61 -103.49 33.94
CA SER AB 13 72.56 -104.87 34.45
C SER AB 13 73.33 -105.83 33.56
N ALA AB 14 73.06 -105.79 32.26
CA ALA AB 14 73.74 -106.69 31.35
C ALA AB 14 75.26 -106.54 31.40
N LYS AB 15 75.78 -105.35 31.69
CA LYS AB 15 77.23 -105.25 31.87
C LYS AB 15 77.75 -106.19 32.96
N PHE AB 16 77.03 -106.32 34.06
CA PHE AB 16 77.42 -107.32 35.05
C PHE AB 16 77.23 -108.74 34.54
N ASP AB 17 76.09 -109.01 33.91
CA ASP AB 17 75.85 -110.36 33.43
C ASP AB 17 76.94 -110.83 32.47
N THR AB 18 77.41 -109.96 31.58
CA THR AB 18 78.51 -110.29 30.69
C THR AB 18 79.87 -110.14 31.34
N GLY AB 19 79.97 -109.49 32.49
CA GLY AB 19 81.26 -109.37 33.15
C GLY AB 19 81.61 -110.59 33.97
N VAL AB 20 80.61 -111.24 34.54
CA VAL AB 20 80.82 -112.56 35.16
C VAL AB 20 80.37 -113.60 34.13
N ASP AB 21 81.32 -113.97 33.27
CA ASP AB 21 81.10 -114.92 32.18
C ASP AB 21 80.31 -116.18 32.54
N ASN AB 22 80.73 -116.89 33.57
CA ASN AB 22 80.16 -118.19 33.88
C ASN AB 22 79.91 -118.45 35.36
N LEU AB 23 80.15 -117.47 36.21
CA LEU AB 23 80.00 -117.63 37.66
C LEU AB 23 78.73 -118.37 38.06
N GLN AB 24 77.60 -118.06 37.43
CA GLN AB 24 76.36 -118.74 37.79
C GLN AB 24 76.45 -120.25 37.64
N THR AB 25 77.01 -120.73 36.53
CA THR AB 25 77.14 -122.17 36.37
C THR AB 25 78.25 -122.72 37.25
N GLN AB 26 79.37 -122.02 37.37
CA GLN AB 26 80.40 -122.50 38.27
C GLN AB 26 79.81 -122.77 39.66
N VAL AB 27 79.05 -121.82 40.19
CA VAL AB 27 78.39 -121.99 41.48
C VAL AB 27 77.46 -123.19 41.47
N THR AB 28 76.60 -123.30 40.46
CA THR AB 28 75.63 -124.39 40.44
C THR AB 28 76.32 -125.75 40.43
N GLU AB 29 77.28 -125.93 39.52
CA GLU AB 29 77.99 -127.21 39.45
C GLU AB 29 78.82 -127.47 40.69
N ALA AB 30 79.50 -126.47 41.23
CA ALA AB 30 80.24 -126.68 42.47
C ALA AB 30 79.32 -127.21 43.55
N LEU AB 31 78.15 -126.60 43.71
CA LEU AB 31 77.18 -127.11 44.65
C LEU AB 31 76.77 -128.55 44.34
N ASP AB 32 76.42 -128.83 43.09
CA ASP AB 32 76.02 -130.18 42.71
C ASP AB 32 77.07 -131.23 43.02
N LYS AB 33 78.34 -130.95 42.77
CA LYS AB 33 79.38 -131.93 43.11
C LYS AB 33 79.63 -132.00 44.62
N LEU AB 34 79.66 -130.86 45.31
CA LEU AB 34 79.87 -130.89 46.75
C LEU AB 34 78.79 -131.69 47.46
N ALA AB 35 77.55 -131.57 47.00
CA ALA AB 35 76.45 -132.32 47.62
C ALA AB 35 76.74 -133.81 47.68
N ALA AB 36 77.37 -134.36 46.64
CA ALA AB 36 77.69 -135.79 46.64
C ALA AB 36 78.68 -136.19 47.72
N LYS AB 37 79.56 -135.30 48.18
CA LYS AB 37 80.60 -135.66 49.15
C LYS AB 37 80.88 -134.47 50.05
N PRO AB 38 79.91 -134.14 50.93
CA PRO AB 38 80.00 -132.90 51.71
C PRO AB 38 81.20 -132.77 52.62
N SER AB 39 82.00 -133.82 52.80
CA SER AB 39 83.08 -133.81 53.78
C SER AB 39 84.46 -133.77 53.14
N ASP AB 40 84.55 -133.35 51.88
CA ASP AB 40 85.85 -133.14 51.24
C ASP AB 40 86.30 -131.68 51.34
N PRO AB 41 87.39 -131.41 52.05
CA PRO AB 41 87.79 -130.01 52.26
C PRO AB 41 88.13 -129.27 50.99
N ALA AB 42 88.62 -129.96 49.96
CA ALA AB 42 88.91 -129.25 48.72
C ALA AB 42 87.63 -128.67 48.14
N LEU AB 43 86.55 -129.44 48.23
CA LEU AB 43 85.26 -128.98 47.76
C LEU AB 43 84.78 -127.80 48.58
N LEU AB 44 84.85 -127.92 49.90
CA LEU AB 44 84.39 -126.81 50.73
C LEU AB 44 85.18 -125.54 50.47
N ALA AB 45 86.51 -125.65 50.34
CA ALA AB 45 87.35 -124.49 50.07
C ALA AB 45 87.02 -123.85 48.73
N ALA AB 46 86.72 -124.65 47.72
CA ALA AB 46 86.27 -124.09 46.45
C ALA AB 46 84.95 -123.34 46.61
N TYR AB 47 83.97 -124.03 47.18
CA TYR AB 47 82.62 -123.50 47.21
C TYR AB 47 82.53 -122.22 48.01
N GLN AB 48 83.24 -122.10 49.13
CA GLN AB 48 83.21 -120.86 49.88
C GLN AB 48 83.60 -119.66 49.01
N SER AB 49 84.62 -119.84 48.16
CA SER AB 49 85.05 -118.78 47.26
C SER AB 49 83.97 -118.46 46.23
N LYS AB 50 83.51 -119.47 45.52
CA LYS AB 50 82.49 -119.24 44.50
C LYS AB 50 81.26 -118.55 45.08
N LEU AB 51 80.72 -119.05 46.19
CA LEU AB 51 79.51 -118.45 46.73
C LEU AB 51 79.74 -117.03 47.20
N SER AB 52 80.91 -116.74 47.77
CA SER AB 52 81.21 -115.36 48.14
C SER AB 52 81.17 -114.44 46.93
N GLU AB 53 81.90 -114.81 45.87
CA GLU AB 53 81.89 -114.01 44.65
C GLU AB 53 80.48 -113.78 44.12
N TYR AB 54 79.64 -114.81 44.14
CA TYR AB 54 78.27 -114.65 43.68
C TYR AB 54 77.50 -113.63 44.51
N ASN AB 55 77.59 -113.76 45.82
CA ASN AB 55 76.95 -112.81 46.72
C ASN AB 55 77.32 -111.37 46.37
N LEU AB 56 78.60 -111.08 46.30
CA LEU AB 56 79.00 -109.70 46.02
C LEU AB 56 78.55 -109.23 44.64
N TYR AB 57 78.61 -110.11 43.64
CA TYR AB 57 78.11 -109.74 42.31
C TYR AB 57 76.67 -109.26 42.36
N ARG AB 58 75.77 -110.04 42.98
CA ARG AB 58 74.38 -109.63 43.06
C ARG AB 58 74.20 -108.35 43.85
N ASN AB 59 74.87 -108.23 44.99
CA ASN AB 59 74.73 -107.04 45.80
C ASN AB 59 75.10 -105.77 45.03
N ALA AB 60 76.30 -105.74 44.43
CA ALA AB 60 76.73 -104.55 43.71
C ALA AB 60 75.79 -104.21 42.56
N GLN AB 61 75.29 -105.24 41.87
CA GLN AB 61 74.36 -104.99 40.79
C GLN AB 61 73.12 -104.24 41.26
N SER AB 62 72.45 -104.81 42.27
CA SER AB 62 71.21 -104.22 42.74
C SER AB 62 71.41 -102.83 43.34
N ASN AB 63 72.57 -102.53 43.94
CA ASN AB 63 72.74 -101.16 44.42
C ASN AB 63 72.93 -100.16 43.27
N THR AB 64 73.81 -100.47 42.33
CA THR AB 64 74.01 -99.54 41.20
C THR AB 64 72.72 -99.20 40.46
N VAL AB 65 71.90 -100.22 40.17
CA VAL AB 65 70.67 -99.92 39.43
C VAL AB 65 69.75 -98.97 40.20
N LYS AB 66 69.73 -99.06 41.51
CA LYS AB 66 68.95 -98.11 42.29
C LYS AB 66 69.53 -96.72 42.16
N VAL AB 67 70.84 -96.58 42.32
CA VAL AB 67 71.42 -95.24 42.29
C VAL AB 67 71.07 -94.53 40.98
N PHE AB 68 71.12 -95.26 39.86
CA PHE AB 68 70.72 -94.62 38.60
C PHE AB 68 69.25 -94.26 38.57
N LYS AB 69 68.37 -95.16 39.01
CA LYS AB 69 66.96 -94.79 38.99
C LYS AB 69 66.71 -93.51 39.78
N ASP AB 70 67.37 -93.39 40.92
CA ASP AB 70 67.22 -92.20 41.75
C ASP AB 70 67.82 -90.96 41.11
N ILE AB 71 68.81 -91.11 40.24
CA ILE AB 71 69.28 -89.94 39.50
C ILE AB 71 68.24 -89.50 38.49
N ASP AB 72 67.64 -90.44 37.77
CA ASP AB 72 66.70 -90.06 36.71
C ASP AB 72 65.44 -89.43 37.26
N ALA AB 73 64.87 -89.99 38.33
CA ALA AB 73 63.64 -89.46 38.88
C ALA AB 73 63.77 -88.00 39.28
N ALA AB 74 64.92 -87.58 39.77
CA ALA AB 74 65.10 -86.19 40.17
C ALA AB 74 65.09 -85.23 38.99
N ILE AB 75 65.58 -85.64 37.83
CA ILE AB 75 65.48 -84.77 36.66
C ILE AB 75 64.06 -84.72 36.14
N ILE AB 76 63.40 -85.88 36.07
CA ILE AB 76 62.03 -85.90 35.57
C ILE AB 76 61.10 -85.09 36.45
N GLN AB 77 61.36 -85.07 37.74
CA GLN AB 77 60.61 -84.23 38.67
C GLN AB 77 60.66 -82.73 38.36
N ASN AB 78 61.65 -82.26 37.63
CA ASN AB 78 61.77 -80.84 37.33
C ASN AB 78 61.24 -80.39 35.96
N PHE AB 79 60.67 -81.26 35.15
CA PHE AB 79 59.96 -80.75 33.98
C PHE AB 79 58.74 -79.96 34.40
N ARG AB 80 57.97 -80.51 35.31
CA ARG AB 80 56.75 -79.89 35.82
C ARG AB 80 57.04 -78.64 36.61
N THR BB 3 95.80 -83.60 32.21
CA THR BB 3 95.57 -84.08 33.58
C THR BB 3 94.10 -84.50 33.70
N PRO BB 4 93.85 -85.67 34.28
CA PRO BB 4 92.46 -86.11 34.44
C PRO BB 4 91.67 -85.22 35.39
N TRP BB 5 90.43 -84.95 35.01
CA TRP BB 5 89.52 -84.18 35.86
C TRP BB 5 89.30 -84.88 37.18
N SER BB 6 89.59 -84.17 38.27
CA SER BB 6 89.39 -84.70 39.61
C SER BB 6 88.51 -83.72 40.37
N GLY BB 7 87.47 -84.25 41.00
CA GLY BB 7 86.58 -83.49 41.85
C GLY BB 7 87.15 -83.21 43.23
N TYR BB 8 86.23 -83.00 44.17
CA TYR BB 8 86.56 -82.78 45.57
C TYR BB 8 86.49 -84.06 46.39
N LEU BB 9 85.54 -84.95 46.09
CA LEU BB 9 85.51 -86.22 46.79
C LEU BB 9 86.71 -87.07 46.36
N ASP BB 10 87.15 -86.88 45.11
CA ASP BB 10 88.43 -87.38 44.64
C ASP BB 10 89.55 -86.94 45.56
N ASP BB 11 89.69 -85.64 45.73
CA ASP BB 11 90.69 -85.06 46.62
C ASP BB 11 90.66 -85.71 48.00
N VAL BB 12 89.48 -85.81 48.60
CA VAL BB 12 89.39 -86.38 49.93
C VAL BB 12 89.85 -87.84 49.93
N SER BB 13 89.49 -88.61 48.92
CA SER BB 13 89.99 -89.99 48.87
C SER BB 13 91.50 -90.05 48.66
N ALA BB 14 92.04 -89.20 47.80
CA ALA BB 14 93.47 -89.22 47.57
C ALA BB 14 94.26 -88.74 48.78
N LYS BB 15 93.66 -87.98 49.69
CA LYS BB 15 94.36 -87.72 50.94
C LYS BB 15 94.75 -89.02 51.62
N PHE BB 16 93.79 -89.93 51.79
CA PHE BB 16 94.08 -91.24 52.37
C PHE BB 16 95.07 -92.03 51.53
N ASP BB 17 94.88 -92.04 50.21
CA ASP BB 17 95.81 -92.83 49.39
C ASP BB 17 97.24 -92.34 49.47
N THR BB 18 97.48 -91.03 49.53
CA THR BB 18 98.83 -90.53 49.79
C THR BB 18 99.23 -90.67 51.24
N GLY BB 19 98.27 -90.88 52.13
CA GLY BB 19 98.58 -91.09 53.54
C GLY BB 19 99.19 -92.45 53.80
N VAL BB 20 98.58 -93.50 53.27
CA VAL BB 20 99.16 -94.86 53.41
C VAL BB 20 100.10 -95.04 52.22
N ASP BB 21 101.33 -94.55 52.41
CA ASP BB 21 102.37 -94.54 51.38
C ASP BB 21 102.52 -95.85 50.62
N ASN BB 22 102.68 -96.96 51.33
CA ASN BB 22 103.00 -98.23 50.69
C ASN BB 22 102.20 -99.40 51.23
N LEU BB 23 101.21 -99.17 52.09
CA LEU BB 23 100.50 -100.27 52.72
C LEU BB 23 99.91 -101.19 51.67
N GLN BB 24 99.40 -100.63 50.58
CA GLN BB 24 98.85 -101.46 49.52
C GLN BB 24 99.83 -102.50 49.03
N THR BB 25 101.12 -102.13 48.92
CA THR BB 25 102.11 -103.11 48.53
C THR BB 25 102.58 -104.01 49.69
N GLN BB 26 102.67 -103.45 50.89
CA GLN BB 26 103.11 -104.23 52.03
C GLN BB 26 102.16 -105.38 52.34
N VAL BB 27 100.87 -105.18 52.17
CA VAL BB 27 99.92 -106.28 52.32
C VAL BB 27 100.17 -107.33 51.25
N THR BB 28 100.34 -106.90 50.01
CA THR BB 28 100.48 -107.84 48.90
C THR BB 28 101.68 -108.74 49.10
N GLU BB 29 102.83 -108.15 49.41
CA GLU BB 29 104.04 -108.94 49.59
C GLU BB 29 104.02 -109.79 50.85
N ALA BB 30 103.49 -109.26 51.96
CA ALA BB 30 103.41 -110.09 53.17
C ALA BB 30 102.49 -111.29 52.96
N LEU BB 31 101.41 -111.13 52.19
CA LEU BB 31 100.57 -112.27 51.87
C LEU BB 31 101.34 -113.36 51.14
N ASP BB 32 102.17 -113.01 50.17
CA ASP BB 32 102.94 -114.00 49.44
C ASP BB 32 103.98 -114.67 50.33
N LYS BB 33 104.68 -113.88 51.14
CA LYS BB 33 105.63 -114.45 52.08
C LYS BB 33 104.96 -115.48 52.98
N LEU BB 34 103.81 -115.13 53.56
CA LEU BB 34 103.10 -116.08 54.41
C LEU BB 34 102.65 -117.30 53.62
N ALA BB 35 102.08 -117.08 52.44
CA ALA BB 35 101.60 -118.21 51.64
C ALA BB 35 102.71 -119.19 51.30
N ALA BB 36 103.95 -118.72 51.22
CA ALA BB 36 105.05 -119.64 51.00
C ALA BB 36 105.28 -120.55 52.21
N LYS BB 37 104.95 -120.11 53.42
CA LYS BB 37 105.23 -120.89 54.63
C LYS BB 37 104.20 -120.54 55.69
N PRO BB 38 102.96 -120.99 55.50
CA PRO BB 38 101.87 -120.67 56.45
C PRO BB 38 102.14 -121.00 57.90
N SER BB 39 103.10 -121.85 58.22
CA SER BB 39 103.29 -122.35 59.57
C SER BB 39 104.36 -121.60 60.37
N ASP BB 40 104.61 -120.33 60.06
CA ASP BB 40 105.63 -119.55 60.75
C ASP BB 40 105.01 -118.43 61.58
N PRO BB 41 105.16 -118.48 62.91
CA PRO BB 41 104.58 -117.42 63.74
C PRO BB 41 105.08 -116.03 63.42
N ALA BB 42 106.33 -115.89 63.02
CA ALA BB 42 106.87 -114.58 62.70
C ALA BB 42 106.36 -114.03 61.37
N LEU BB 43 105.77 -114.87 60.53
CA LEU BB 43 105.01 -114.38 59.39
C LEU BB 43 103.58 -114.06 59.76
N LEU BB 44 102.94 -114.97 60.51
CA LEU BB 44 101.56 -114.79 60.92
C LEU BB 44 101.35 -113.49 61.70
N ALA BB 45 102.19 -113.23 62.70
CA ALA BB 45 102.01 -112.03 63.51
C ALA BB 45 102.23 -110.74 62.72
N ALA BB 46 103.02 -110.79 61.65
CA ALA BB 46 103.12 -109.63 60.77
C ALA BB 46 101.86 -109.44 59.94
N TYR BB 47 101.41 -110.52 59.31
CA TYR BB 47 100.28 -110.43 58.40
C TYR BB 47 99.02 -110.00 59.12
N GLN BB 48 98.77 -110.52 60.32
CA GLN BB 48 97.62 -110.06 61.10
C GLN BB 48 97.59 -108.55 61.26
N SER BB 49 98.75 -107.95 61.48
CA SER BB 49 98.84 -106.50 61.66
C SER BB 49 98.51 -105.78 60.36
N LYS BB 50 99.22 -106.12 59.30
CA LYS BB 50 99.02 -105.36 58.07
C LYS BB 50 97.62 -105.53 57.51
N LEU BB 51 97.02 -106.71 57.66
CA LEU BB 51 95.63 -106.88 57.26
C LEU BB 51 94.68 -106.02 58.09
N SER BB 52 94.90 -105.92 59.40
CA SER BB 52 94.04 -105.05 60.21
C SER BB 52 94.18 -103.58 59.81
N GLU BB 53 95.41 -103.11 59.63
CA GLU BB 53 95.60 -101.73 59.21
C GLU BB 53 94.95 -101.44 57.86
N TYR BB 54 94.96 -102.42 56.96
CA TYR BB 54 94.30 -102.25 55.68
C TYR BB 54 92.79 -102.18 55.81
N ASN BB 55 92.21 -103.06 56.62
CA ASN BB 55 90.77 -103.02 56.87
C ASN BB 55 90.33 -101.66 57.43
N LEU BB 56 91.02 -101.15 58.45
CA LEU BB 56 90.64 -99.85 59.00
C LEU BB 56 90.86 -98.69 58.03
N TYR BB 57 91.89 -98.77 57.21
CA TYR BB 57 92.06 -97.77 56.15
C TYR BB 57 90.87 -97.74 55.21
N ARG BB 58 90.48 -98.88 54.67
CA ARG BB 58 89.37 -98.88 53.72
C ARG BB 58 88.07 -98.41 54.36
N ASN BB 59 87.81 -98.78 55.62
CA ASN BB 59 86.56 -98.35 56.23
C ASN BB 59 86.51 -96.84 56.50
N ALA BB 60 87.60 -96.25 56.97
CA ALA BB 60 87.60 -94.81 57.17
C ALA BB 60 87.43 -94.07 55.85
N GLN BB 61 88.11 -94.55 54.81
CA GLN BB 61 87.98 -93.88 53.52
C GLN BB 61 86.55 -93.94 53.02
N SER BB 62 85.95 -95.12 53.03
CA SER BB 62 84.63 -95.24 52.40
C SER BB 62 83.53 -94.54 53.20
N ASN BB 63 83.63 -94.43 54.53
CA ASN BB 63 82.63 -93.64 55.24
C ASN BB 63 82.77 -92.12 55.04
N THR BB 64 84.00 -91.61 54.93
CA THR BB 64 84.11 -90.15 54.84
C THR BB 64 83.46 -89.63 53.56
N VAL BB 65 83.63 -90.34 52.46
CA VAL BB 65 83.08 -89.88 51.19
C VAL BB 65 81.56 -89.81 51.23
N LYS BB 66 80.93 -90.77 51.91
CA LYS BB 66 79.48 -90.68 52.06
C LYS BB 66 79.05 -89.48 52.86
N VAL BB 67 79.75 -89.18 53.96
CA VAL BB 67 79.31 -88.04 54.76
C VAL BB 67 79.46 -86.73 53.99
N PHE BB 68 80.53 -86.61 53.20
CA PHE BB 68 80.64 -85.42 52.35
C PHE BB 68 79.65 -85.39 51.21
N LYS BB 69 79.21 -86.53 50.69
CA LYS BB 69 78.12 -86.49 49.72
C LYS BB 69 76.84 -85.95 50.36
N ASP BB 70 76.51 -86.41 51.56
CA ASP BB 70 75.30 -85.95 52.21
C ASP BB 70 75.31 -84.44 52.42
N ILE BB 71 76.44 -83.92 52.90
CA ILE BB 71 76.48 -82.48 53.19
C ILE BB 71 76.29 -81.63 51.95
N ASP BB 72 76.58 -82.14 50.75
CA ASP BB 72 76.32 -81.41 49.52
C ASP BB 72 74.89 -81.57 49.03
N ALA BB 73 74.40 -82.80 49.04
CA ALA BB 73 73.03 -83.01 48.59
C ALA BB 73 72.04 -82.17 49.38
N ALA BB 74 72.21 -82.13 50.70
CA ALA BB 74 71.30 -81.33 51.51
C ALA BB 74 71.37 -79.84 51.21
N ILE BB 75 72.46 -79.36 50.62
CA ILE BB 75 72.52 -77.97 50.16
C ILE BB 75 71.83 -77.78 48.83
N ILE BB 76 72.23 -78.56 47.84
CA ILE BB 76 71.58 -78.48 46.53
C ILE BB 76 70.07 -78.53 46.66
N GLN BB 77 69.56 -79.34 47.57
CA GLN BB 77 68.12 -79.42 47.77
C GLN BB 77 67.44 -78.07 47.98
N ASN BB 78 68.16 -77.04 48.42
CA ASN BB 78 67.54 -75.73 48.67
C ASN BB 78 67.64 -74.76 47.51
N PHE BB 79 68.34 -75.09 46.42
CA PHE BB 79 68.30 -74.18 45.28
C PHE BB 79 66.88 -74.00 44.79
N ARG BB 80 66.21 -75.11 44.51
CA ARG BB 80 64.82 -75.09 44.08
C ARG BB 80 63.88 -74.74 45.22
N PRO CB 4 90.97 -71.02 70.22
CA PRO CB 4 90.51 -72.35 69.79
C PRO CB 4 89.00 -72.45 69.82
N TRP CB 5 88.34 -72.35 68.67
CA TRP CB 5 86.89 -72.46 68.66
C TRP CB 5 86.49 -73.89 68.99
N SER CB 6 85.57 -74.04 69.94
CA SER CB 6 85.06 -75.33 70.37
C SER CB 6 83.54 -75.30 70.30
N GLY CB 7 82.95 -76.31 69.67
CA GLY CB 7 81.51 -76.37 69.57
C GLY CB 7 80.88 -77.07 70.77
N TYR CB 8 79.55 -77.09 70.76
CA TYR CB 8 78.86 -77.76 71.85
C TYR CB 8 79.17 -79.24 71.89
N LEU CB 9 79.50 -79.83 70.75
CA LEU CB 9 79.88 -81.24 70.75
C LEU CB 9 81.27 -81.41 71.34
N ASP CB 10 82.17 -80.52 70.96
CA ASP CB 10 83.50 -80.49 71.54
C ASP CB 10 83.45 -80.43 73.06
N ASP CB 11 82.60 -79.57 73.61
CA ASP CB 11 82.52 -79.46 75.06
C ASP CB 11 82.10 -80.76 75.73
N VAL CB 12 81.27 -81.55 75.06
CA VAL CB 12 80.85 -82.82 75.63
C VAL CB 12 81.95 -83.86 75.48
N SER CB 13 82.62 -83.87 74.33
CA SER CB 13 83.74 -84.78 74.14
C SER CB 13 84.83 -84.52 75.17
N ALA CB 14 85.29 -83.27 75.27
CA ALA CB 14 86.31 -82.89 76.25
C ALA CB 14 85.90 -83.19 77.68
N LYS CB 15 84.61 -83.10 78.00
CA LYS CB 15 84.20 -83.45 79.36
C LYS CB 15 84.80 -84.79 79.79
N PHE CB 16 84.62 -85.85 78.99
CA PHE CB 16 85.18 -87.15 79.34
C PHE CB 16 86.69 -87.11 79.52
N ASP CB 17 87.38 -86.41 78.62
CA ASP CB 17 88.82 -86.26 78.75
C ASP CB 17 89.22 -85.69 80.10
N THR CB 18 88.51 -84.67 80.58
CA THR CB 18 88.82 -84.15 81.90
C THR CB 18 88.32 -85.06 83.01
N GLY CB 19 87.33 -85.89 82.72
CA GLY CB 19 86.83 -86.82 83.72
C GLY CB 19 87.84 -87.89 84.08
N VAL CB 20 88.48 -88.48 83.08
CA VAL CB 20 89.54 -89.45 83.30
C VAL CB 20 90.88 -88.73 83.45
N ASP CB 21 91.29 -88.53 84.71
CA ASP CB 21 92.48 -87.75 85.03
C ASP CB 21 93.70 -88.13 84.20
N ASN CB 22 94.03 -89.42 84.15
CA ASN CB 22 95.29 -89.81 83.54
C ASN CB 22 95.28 -91.15 82.81
N LEU CB 23 94.12 -91.80 82.66
CA LEU CB 23 94.06 -93.11 82.01
C LEU CB 23 94.87 -93.13 80.72
N GLN CB 24 94.82 -92.02 79.97
CA GLN CB 24 95.57 -91.92 78.73
C GLN CB 24 97.04 -92.28 78.89
N THR CB 25 97.65 -91.90 80.01
CA THR CB 25 99.05 -92.25 80.27
C THR CB 25 99.21 -93.53 81.07
N GLN CB 26 98.38 -93.71 82.10
CA GLN CB 26 98.41 -94.94 82.88
C GLN CB 26 98.45 -96.17 81.99
N VAL CB 27 97.61 -96.20 80.95
CA VAL CB 27 97.62 -97.32 80.01
C VAL CB 27 98.99 -97.51 79.38
N THR CB 28 99.61 -96.42 78.93
CA THR CB 28 100.94 -96.49 78.32
C THR CB 28 101.97 -97.06 79.29
N GLU CB 29 102.00 -96.52 80.50
CA GLU CB 29 102.91 -97.02 81.52
C GLU CB 29 102.70 -98.52 81.77
N ALA CB 30 101.47 -98.91 82.09
CA ALA CB 30 101.17 -100.33 82.28
C ALA CB 30 101.65 -101.18 81.12
N LEU CB 31 101.37 -100.74 79.89
CA LEU CB 31 101.85 -101.47 78.72
C LEU CB 31 103.36 -101.63 78.71
N ASP CB 32 104.11 -100.54 78.89
CA ASP CB 32 105.56 -100.66 78.89
C ASP CB 32 106.07 -101.60 79.99
N LYS CB 33 105.52 -101.48 81.19
CA LYS CB 33 105.90 -102.41 82.25
C LYS CB 33 105.68 -103.86 81.82
N LEU CB 34 104.47 -104.18 81.38
CA LEU CB 34 104.19 -105.55 80.98
C LEU CB 34 105.06 -106.00 79.82
N ALA CB 35 105.27 -105.13 78.83
CA ALA CB 35 106.14 -105.49 77.72
C ALA CB 35 107.56 -105.75 78.16
N ALA CB 36 107.96 -105.22 79.31
CA ALA CB 36 109.29 -105.56 79.82
C ALA CB 36 109.39 -107.03 80.21
N LYS CB 37 108.38 -107.55 80.92
CA LYS CB 37 108.35 -108.95 81.33
C LYS CB 37 106.94 -109.53 81.16
N PRO CB 38 106.61 -109.96 79.94
CA PRO CB 38 105.27 -110.46 79.64
C PRO CB 38 104.71 -111.54 80.56
N SER CB 39 105.56 -112.24 81.30
CA SER CB 39 105.13 -113.38 82.10
C SER CB 39 104.90 -113.08 83.58
N ASP CB 40 104.94 -111.82 83.99
CA ASP CB 40 104.59 -111.53 85.38
C ASP CB 40 103.08 -111.37 85.57
N PRO CB 41 102.46 -112.15 86.46
CA PRO CB 41 101.00 -112.07 86.61
C PRO CB 41 100.52 -110.77 87.21
N ALA CB 42 101.33 -110.07 87.99
CA ALA CB 42 100.87 -108.80 88.55
C ALA CB 42 100.76 -107.76 87.44
N LEU CB 43 101.72 -107.76 86.53
CA LEU CB 43 101.68 -106.88 85.38
C LEU CB 43 100.47 -107.21 84.52
N LEU CB 44 100.29 -108.49 84.21
CA LEU CB 44 99.15 -108.90 83.41
C LEU CB 44 97.82 -108.48 84.03
N ALA CB 45 97.63 -108.77 85.32
CA ALA CB 45 96.37 -108.43 85.97
C ALA CB 45 96.11 -106.93 86.00
N ALA CB 46 97.15 -106.12 86.18
CA ALA CB 46 96.94 -104.67 86.12
C ALA CB 46 96.57 -104.22 84.72
N TYR CB 47 97.33 -104.69 83.74
CA TYR CB 47 97.12 -104.24 82.36
C TYR CB 47 95.74 -104.59 81.86
N GLN CB 48 95.24 -105.79 82.17
CA GLN CB 48 93.88 -106.15 81.76
C GLN CB 48 92.86 -105.12 82.23
N SER CB 49 92.99 -104.66 83.47
CA SER CB 49 92.11 -103.63 84.01
C SER CB 49 92.20 -102.34 83.21
N LYS CB 50 93.40 -101.77 83.13
CA LYS CB 50 93.56 -100.53 82.38
C LYS CB 50 93.00 -100.63 80.98
N LEU CB 51 93.32 -101.70 80.26
CA LEU CB 51 92.84 -101.84 78.89
C LEU CB 51 91.32 -101.88 78.82
N SER CB 52 90.67 -102.53 79.79
CA SER CB 52 89.22 -102.54 79.77
C SER CB 52 88.63 -101.16 80.05
N GLU CB 53 89.24 -100.43 80.95
CA GLU CB 53 88.79 -99.07 81.23
C GLU CB 53 88.91 -98.18 80.00
N TYR CB 54 90.04 -98.25 79.31
CA TYR CB 54 90.20 -97.49 78.07
C TYR CB 54 89.12 -97.85 77.07
N ASN CB 55 88.86 -99.14 76.90
CA ASN CB 55 87.80 -99.60 76.02
C ASN CB 55 86.46 -98.93 76.31
N LEU CB 56 85.94 -99.09 77.53
CA LEU CB 56 84.62 -98.56 77.82
C LEU CB 56 84.58 -97.03 77.81
N TYR CB 57 85.71 -96.39 78.10
CA TYR CB 57 85.80 -94.95 77.97
C TYR CB 57 85.57 -94.49 76.54
N ARG CB 58 86.36 -95.01 75.61
CA ARG CB 58 86.18 -94.63 74.20
C ARG CB 58 84.80 -94.98 73.65
N ASN CB 59 84.20 -96.09 74.10
CA ASN CB 59 82.86 -96.39 73.62
C ASN CB 59 81.82 -95.38 74.08
N ALA CB 60 81.74 -95.11 75.38
CA ALA CB 60 80.74 -94.13 75.81
C ALA CB 60 80.98 -92.76 75.17
N GLN CB 61 82.25 -92.39 75.04
CA GLN CB 61 82.59 -91.13 74.38
C GLN CB 61 82.03 -91.05 72.98
N SER CB 62 82.08 -92.14 72.23
CA SER CB 62 81.69 -92.04 70.84
C SER CB 62 80.25 -92.41 70.58
N ASN CB 63 79.53 -92.95 71.55
CA ASN CB 63 78.09 -93.10 71.36
C ASN CB 63 77.36 -91.81 71.69
N THR CB 64 77.72 -91.15 72.80
CA THR CB 64 76.96 -89.98 73.21
C THR CB 64 76.95 -88.90 72.13
N VAL CB 65 78.10 -88.67 71.50
CA VAL CB 65 78.22 -87.64 70.48
C VAL CB 65 77.27 -87.90 69.33
N LYS CB 66 77.10 -89.16 68.94
CA LYS CB 66 76.14 -89.43 67.88
C LYS CB 66 74.72 -89.16 68.33
N VAL CB 67 74.37 -89.54 69.54
CA VAL CB 67 72.98 -89.32 69.95
C VAL CB 67 72.63 -87.83 69.95
N PHE CB 68 73.57 -87.00 70.38
CA PHE CB 68 73.29 -85.56 70.32
C PHE CB 68 73.27 -85.02 68.89
N LYS CB 69 74.21 -85.43 68.04
CA LYS CB 69 74.15 -84.97 66.66
C LYS CB 69 72.82 -85.36 66.03
N ASP CB 70 72.30 -86.54 66.36
CA ASP CB 70 71.02 -86.97 65.84
C ASP CB 70 69.85 -86.18 66.41
N ILE CB 71 70.00 -85.58 67.58
CA ILE CB 71 68.95 -84.69 68.05
C ILE CB 71 68.98 -83.39 67.25
N ASP CB 72 70.16 -82.77 67.18
CA ASP CB 72 70.23 -81.46 66.55
C ASP CB 72 69.82 -81.55 65.07
N ALA CB 73 70.24 -82.60 64.38
CA ALA CB 73 69.82 -82.79 62.99
C ALA CB 73 68.31 -82.76 62.85
N ALA CB 74 67.62 -83.45 63.75
CA ALA CB 74 66.16 -83.53 63.71
C ALA CB 74 65.51 -82.19 63.97
N ILE CB 75 66.09 -81.37 64.82
CA ILE CB 75 65.51 -80.05 65.02
C ILE CB 75 65.80 -79.15 63.83
N ILE CB 76 67.04 -79.14 63.36
CA ILE CB 76 67.43 -78.19 62.31
C ILE CB 76 66.66 -78.47 61.04
N GLN CB 77 66.37 -79.74 60.75
CA GLN CB 77 65.58 -80.04 59.56
C GLN CB 77 64.24 -79.35 59.59
N ASN CB 78 63.68 -79.15 60.76
CA ASN CB 78 62.34 -78.63 60.89
C ASN CB 78 62.22 -77.15 60.55
N PHE CB 79 63.30 -76.46 60.21
CA PHE CB 79 63.14 -75.07 59.79
C PHE CB 79 62.46 -74.96 58.43
N ARG CB 80 62.71 -75.91 57.54
CA ARG CB 80 62.12 -75.88 56.20
C ARG CB 80 60.60 -75.95 56.24
N THR DB 3 61.73 -81.53 94.69
CA THR DB 3 61.13 -82.76 94.18
C THR DB 3 61.64 -83.05 92.76
N PRO DB 4 62.40 -84.13 92.59
CA PRO DB 4 62.89 -84.43 91.25
C PRO DB 4 61.78 -84.92 90.34
N TRP DB 5 61.87 -84.53 89.08
CA TRP DB 5 60.91 -84.96 88.07
C TRP DB 5 61.28 -86.34 87.54
N SER DB 6 60.27 -87.14 87.24
CA SER DB 6 60.50 -88.48 86.72
C SER DB 6 59.55 -88.69 85.53
N GLY DB 7 60.12 -89.14 84.42
CA GLY DB 7 59.34 -89.56 83.28
C GLY DB 7 58.75 -90.96 83.37
N TYR DB 8 58.15 -91.35 82.24
CA TYR DB 8 57.61 -92.68 82.08
C TYR DB 8 58.73 -93.70 82.06
N LEU DB 9 59.76 -93.46 81.25
CA LEU DB 9 60.87 -94.40 81.21
C LEU DB 9 61.59 -94.43 82.56
N ASP DB 10 61.66 -93.28 83.23
CA ASP DB 10 62.21 -93.25 84.58
C ASP DB 10 61.47 -94.22 85.49
N ASP DB 11 60.14 -94.22 85.43
CA ASP DB 11 59.38 -95.11 86.30
C ASP DB 11 59.48 -96.57 85.84
N VAL DB 12 59.54 -96.81 84.54
CA VAL DB 12 59.75 -98.16 84.05
C VAL DB 12 61.06 -98.72 84.58
N SER DB 13 62.13 -97.96 84.45
CA SER DB 13 63.42 -98.36 85.00
C SER DB 13 63.35 -98.63 86.50
N ALA DB 14 62.90 -97.64 87.27
CA ALA DB 14 62.80 -97.78 88.72
C ALA DB 14 61.99 -98.99 89.15
N LYS DB 15 60.93 -99.34 88.42
CA LYS DB 15 60.16 -100.52 88.77
C LYS DB 15 61.04 -101.74 89.04
N PHE DB 16 61.97 -102.07 88.14
CA PHE DB 16 62.89 -103.18 88.41
C PHE DB 16 63.60 -103.03 89.75
N ASP DB 17 64.10 -101.83 90.04
CA ASP DB 17 64.79 -101.58 91.30
C ASP DB 17 63.88 -101.76 92.49
N THR DB 18 62.58 -101.71 92.30
CA THR DB 18 61.71 -102.00 93.41
C THR DB 18 61.35 -103.48 93.44
N GLY DB 19 61.35 -104.10 92.27
CA GLY DB 19 61.05 -105.53 92.21
C GLY DB 19 62.11 -106.33 92.91
N VAL DB 20 63.35 -105.87 92.87
CA VAL DB 20 64.45 -106.51 93.60
C VAL DB 20 64.77 -105.61 94.80
N ASP DB 21 64.68 -106.19 95.99
CA ASP DB 21 64.78 -105.41 97.22
C ASP DB 21 66.19 -104.92 97.50
N ASN DB 22 67.18 -105.82 97.50
CA ASN DB 22 68.51 -105.45 97.96
C ASN DB 22 69.65 -106.08 97.17
N LEU DB 23 69.37 -106.70 96.03
CA LEU DB 23 70.40 -107.41 95.29
C LEU DB 23 71.68 -106.59 95.14
N GLN DB 24 71.55 -105.29 94.94
CA GLN DB 24 72.74 -104.45 94.81
C GLN DB 24 73.66 -104.55 96.01
N THR DB 25 73.10 -104.59 97.22
CA THR DB 25 73.91 -104.77 98.43
C THR DB 25 74.33 -106.22 98.66
N GLN DB 26 73.39 -107.15 98.49
CA GLN DB 26 73.71 -108.57 98.65
C GLN DB 26 74.93 -108.96 97.83
N VAL DB 27 74.97 -108.58 96.56
CA VAL DB 27 76.12 -108.90 95.71
C VAL DB 27 77.39 -108.24 96.22
N THR DB 28 77.29 -106.99 96.67
CA THR DB 28 78.46 -106.28 97.18
C THR DB 28 79.07 -107.02 98.38
N GLU DB 29 78.23 -107.44 99.32
CA GLU DB 29 78.73 -108.10 100.51
C GLU DB 29 79.22 -109.51 100.22
N ALA DB 30 78.50 -110.26 99.38
CA ALA DB 30 78.99 -111.56 98.96
C ALA DB 30 80.38 -111.44 98.37
N LEU DB 31 80.58 -110.52 97.43
CA LEU DB 31 81.90 -110.25 96.90
C LEU DB 31 82.92 -109.93 97.98
N ASP DB 32 82.56 -109.03 98.91
CA ASP DB 32 83.49 -108.64 99.97
C ASP DB 32 83.99 -109.83 100.78
N LYS DB 33 83.08 -110.69 101.24
CA LYS DB 33 83.52 -111.84 102.02
C LYS DB 33 84.24 -112.89 101.16
N LEU DB 34 83.75 -113.14 99.95
CA LEU DB 34 84.47 -114.06 99.07
C LEU DB 34 85.90 -113.60 98.87
N ALA DB 35 86.11 -112.29 98.73
CA ALA DB 35 87.46 -111.77 98.66
C ALA DB 35 88.20 -111.96 99.97
N ALA DB 36 87.46 -111.94 101.08
CA ALA DB 36 88.09 -112.20 102.37
C ALA DB 36 88.63 -113.62 102.46
N LYS DB 37 87.98 -114.58 101.78
CA LYS DB 37 88.39 -115.98 101.86
C LYS DB 37 88.11 -116.66 100.52
N PRO DB 38 88.93 -116.36 99.50
CA PRO DB 38 88.62 -116.77 98.12
C PRO DB 38 88.49 -118.26 97.86
N SER DB 39 88.91 -119.13 98.78
CA SER DB 39 89.01 -120.56 98.50
C SER DB 39 87.95 -121.39 99.21
N ASP DB 40 86.77 -120.82 99.47
CA ASP DB 40 85.70 -121.57 100.09
C ASP DB 40 84.55 -121.87 99.15
N PRO DB 41 84.24 -123.15 98.91
CA PRO DB 41 83.19 -123.47 97.95
C PRO DB 41 81.83 -123.01 98.41
N ALA DB 42 81.60 -122.90 99.72
CA ALA DB 42 80.28 -122.51 100.21
C ALA DB 42 80.01 -121.05 99.88
N LEU DB 43 81.09 -120.26 99.78
CA LEU DB 43 81.00 -118.88 99.36
C LEU DB 43 80.85 -118.80 97.85
N LEU DB 44 81.71 -119.51 97.14
CA LEU DB 44 81.69 -119.49 95.68
C LEU DB 44 80.33 -119.90 95.12
N ALA DB 45 79.76 -120.99 95.62
CA ALA DB 45 78.49 -121.45 95.07
C ALA DB 45 77.38 -120.43 95.23
N ALA DB 46 77.46 -119.59 96.27
CA ALA DB 46 76.48 -118.53 96.45
C ALA DB 46 76.75 -117.36 95.51
N TYR DB 47 78.00 -116.89 95.50
CA TYR DB 47 78.34 -115.74 94.68
C TYR DB 47 78.07 -115.99 93.21
N GLN DB 48 78.32 -117.20 92.72
CA GLN DB 48 77.94 -117.52 91.34
C GLN DB 48 76.49 -117.14 91.06
N SER DB 49 75.59 -117.55 91.95
CA SER DB 49 74.17 -117.30 91.78
C SER DB 49 73.85 -115.81 91.84
N LYS DB 50 74.28 -115.15 92.90
CA LYS DB 50 74.01 -113.73 93.04
C LYS DB 50 74.49 -112.93 91.82
N LEU DB 51 75.71 -113.17 91.39
CA LEU DB 51 76.22 -112.42 90.24
C LEU DB 51 75.46 -112.73 88.95
N SER DB 52 75.12 -113.99 88.72
CA SER DB 52 74.29 -114.32 87.54
C SER DB 52 72.96 -113.56 87.57
N GLU DB 53 72.28 -113.62 88.70
CA GLU DB 53 71.01 -112.93 88.87
C GLU DB 53 71.13 -111.44 88.56
N TYR DB 54 72.14 -110.78 89.12
CA TYR DB 54 72.33 -109.36 88.86
C TYR DB 54 72.61 -109.06 87.40
N ASN DB 55 73.41 -109.89 86.75
CA ASN DB 55 73.66 -109.70 85.33
C ASN DB 55 72.36 -109.70 84.53
N LEU DB 56 71.56 -110.76 84.69
CA LEU DB 56 70.28 -110.84 83.99
C LEU DB 56 69.40 -109.64 84.27
N TYR DB 57 69.15 -109.36 85.54
CA TYR DB 57 68.44 -108.17 85.96
C TYR DB 57 68.79 -106.93 85.15
N ARG DB 58 70.05 -106.48 85.23
CA ARG DB 58 70.41 -105.25 84.54
C ARG DB 58 70.20 -105.33 83.03
N ASN DB 59 70.47 -106.49 82.43
CA ASN DB 59 70.28 -106.60 80.99
C ASN DB 59 68.82 -106.39 80.59
N ALA DB 60 67.93 -107.18 81.18
CA ALA DB 60 66.51 -107.06 80.88
C ALA DB 60 65.99 -105.64 81.10
N GLN DB 61 66.46 -104.99 82.16
CA GLN DB 61 66.09 -103.60 82.40
C GLN DB 61 66.40 -102.70 81.20
N SER DB 62 67.68 -102.64 80.81
CA SER DB 62 68.05 -101.73 79.73
C SER DB 62 67.36 -102.06 78.41
N ASN DB 63 67.16 -103.34 78.11
CA ASN DB 63 66.51 -103.65 76.84
C ASN DB 63 65.05 -103.23 76.84
N THR DB 64 64.34 -103.42 77.95
CA THR DB 64 62.97 -102.93 78.02
C THR DB 64 62.90 -101.43 77.78
N VAL DB 65 63.79 -100.69 78.44
CA VAL DB 65 63.84 -99.25 78.23
C VAL DB 65 63.96 -98.89 76.75
N LYS DB 66 64.88 -99.54 76.05
CA LYS DB 66 65.03 -99.20 74.63
C LYS DB 66 63.79 -99.54 73.82
N VAL DB 67 63.15 -100.68 74.09
CA VAL DB 67 61.96 -101.01 73.30
C VAL DB 67 60.89 -99.94 73.45
N PHE DB 68 60.64 -99.49 74.68
CA PHE DB 68 59.66 -98.42 74.84
C PHE DB 68 60.10 -97.11 74.23
N LYS DB 69 61.40 -96.83 74.20
CA LYS DB 69 61.84 -95.59 73.57
C LYS DB 69 61.52 -95.60 72.08
N ASP DB 70 61.76 -96.72 71.40
CA ASP DB 70 61.49 -96.73 69.96
C ASP DB 70 59.99 -96.81 69.66
N ILE DB 71 59.18 -97.38 70.56
CA ILE DB 71 57.74 -97.27 70.38
C ILE DB 71 57.30 -95.81 70.48
N ASP DB 72 57.88 -95.04 71.39
CA ASP DB 72 57.48 -93.63 71.46
C ASP DB 72 57.92 -92.87 70.22
N ALA DB 73 59.17 -93.04 69.82
CA ALA DB 73 59.69 -92.29 68.69
C ALA DB 73 58.88 -92.53 67.41
N ALA DB 74 58.42 -93.77 67.21
CA ALA DB 74 57.63 -94.05 66.01
C ALA DB 74 56.32 -93.26 65.98
N ILE DB 75 55.67 -93.08 67.12
CA ILE DB 75 54.43 -92.29 67.13
C ILE DB 75 54.73 -90.80 67.00
N ILE DB 76 55.78 -90.32 67.66
CA ILE DB 76 56.09 -88.90 67.59
C ILE DB 76 56.41 -88.49 66.16
N GLN DB 77 57.06 -89.37 65.41
CA GLN DB 77 57.42 -89.02 64.04
C GLN DB 77 56.20 -88.80 63.14
N ASN DB 78 55.05 -89.37 63.46
CA ASN DB 78 53.84 -89.16 62.67
C ASN DB 78 53.06 -87.87 62.97
N PHE DB 79 53.49 -87.03 63.90
CA PHE DB 79 52.79 -85.76 64.07
C PHE DB 79 52.95 -84.88 62.84
N ARG DB 80 54.12 -84.90 62.23
CA ARG DB 80 54.37 -84.12 61.04
C ARG DB 80 53.51 -84.64 59.91
N THR EB 3 37.09 -112.96 79.85
CA THR EB 3 37.66 -113.81 78.81
C THR EB 3 39.06 -113.35 78.43
N PRO EB 4 39.98 -114.30 78.23
CA PRO EB 4 41.34 -113.91 77.86
C PRO EB 4 41.40 -113.50 76.40
N TRP EB 5 42.23 -112.51 76.10
CA TRP EB 5 42.43 -112.04 74.74
C TRP EB 5 43.81 -112.46 74.27
N SER EB 6 43.87 -113.04 73.09
CA SER EB 6 45.13 -113.49 72.52
C SER EB 6 45.29 -112.94 71.11
N GLY EB 7 46.52 -112.60 70.76
CA GLY EB 7 46.87 -112.26 69.39
C GLY EB 7 47.31 -113.46 68.60
N TYR EB 8 47.92 -113.19 67.45
CA TYR EB 8 48.52 -114.24 66.64
C TYR EB 8 49.79 -114.79 67.28
N LEU EB 9 50.66 -113.89 67.73
CA LEU EB 9 51.94 -114.32 68.27
C LEU EB 9 51.79 -115.20 69.49
N ASP EB 10 50.89 -114.84 70.41
CA ASP EB 10 50.68 -115.69 71.57
C ASP EB 10 49.87 -116.93 71.25
N ASP EB 11 49.29 -117.02 70.06
CA ASP EB 11 48.69 -118.28 69.63
C ASP EB 11 49.78 -119.23 69.19
N VAL EB 12 50.66 -118.76 68.33
CA VAL EB 12 51.82 -119.55 67.94
C VAL EB 12 52.60 -119.97 69.17
N SER EB 13 52.87 -119.03 70.08
CA SER EB 13 53.51 -119.35 71.34
C SER EB 13 52.80 -120.47 72.10
N ALA EB 14 51.48 -120.38 72.23
CA ALA EB 14 50.73 -121.42 72.92
C ALA EB 14 50.81 -122.78 72.22
N LYS EB 15 50.96 -122.79 70.91
CA LYS EB 15 51.10 -124.07 70.22
C LYS EB 15 52.26 -124.89 70.77
N PHE EB 16 53.34 -124.25 71.21
CA PHE EB 16 54.45 -124.97 71.83
C PHE EB 16 54.04 -125.58 73.17
N ASP EB 17 53.51 -124.76 74.07
CA ASP EB 17 53.14 -125.26 75.39
C ASP EB 17 52.10 -126.36 75.31
N THR EB 18 51.18 -126.29 74.34
CA THR EB 18 50.24 -127.39 74.18
C THR EB 18 50.82 -128.52 73.35
N GLY EB 19 51.97 -128.31 72.73
CA GLY EB 19 52.62 -129.37 72.00
C GLY EB 19 53.31 -130.29 72.97
N VAL EB 20 54.14 -129.71 73.84
CA VAL EB 20 54.82 -130.49 74.87
C VAL EB 20 53.86 -130.63 76.05
N ASP EB 21 53.19 -131.78 76.10
CA ASP EB 21 52.09 -131.99 77.03
C ASP EB 21 52.45 -131.74 78.49
N ASN EB 22 53.61 -132.23 78.95
CA ASN EB 22 53.92 -132.12 80.37
C ASN EB 22 55.39 -131.85 80.69
N LEU EB 23 56.23 -131.61 79.69
CA LEU EB 23 57.66 -131.41 79.92
C LEU EB 23 57.93 -130.46 81.06
N GLN EB 24 57.16 -129.37 81.16
CA GLN EB 24 57.41 -128.39 82.19
C GLN EB 24 57.29 -128.99 83.59
N THR EB 25 56.39 -129.94 83.78
CA THR EB 25 56.29 -130.60 85.08
C THR EB 25 57.33 -131.69 85.24
N GLN EB 26 57.56 -132.47 84.18
CA GLN EB 26 58.54 -133.54 84.25
C GLN EB 26 59.91 -133.04 84.65
N VAL EB 27 60.33 -131.90 84.12
CA VAL EB 27 61.61 -131.32 84.53
C VAL EB 27 61.63 -131.05 86.02
N THR EB 28 60.54 -130.49 86.54
CA THR EB 28 60.50 -130.11 87.94
C THR EB 28 60.50 -131.33 88.85
N GLU EB 29 59.85 -132.41 88.42
CA GLU EB 29 59.82 -133.61 89.24
C GLU EB 29 61.16 -134.33 89.19
N ALA EB 30 61.70 -134.50 87.99
CA ALA EB 30 63.00 -135.12 87.84
C ALA EB 30 64.03 -134.44 88.74
N LEU EB 31 63.99 -133.11 88.82
CA LEU EB 31 64.96 -132.44 89.66
C LEU EB 31 64.75 -132.72 91.14
N ASP EB 32 63.52 -132.98 91.58
CA ASP EB 32 63.35 -133.31 92.99
C ASP EB 32 63.81 -134.73 93.27
N LYS EB 33 63.61 -135.63 92.31
CA LYS EB 33 64.19 -136.97 92.42
C LYS EB 33 65.70 -136.88 92.57
N LEU EB 34 66.34 -136.12 91.68
CA LEU EB 34 67.78 -135.96 91.71
C LEU EB 34 68.26 -135.36 93.02
N ALA EB 35 67.66 -134.24 93.45
CA ALA EB 35 68.17 -133.53 94.62
C ALA EB 35 68.33 -134.43 95.83
N ALA EB 36 67.45 -135.41 96.00
CA ALA EB 36 67.57 -136.31 97.15
C ALA EB 36 68.70 -137.32 97.01
N LYS EB 37 69.21 -137.56 95.80
CA LYS EB 37 70.22 -138.60 95.58
C LYS EB 37 71.13 -138.18 94.44
N PRO EB 38 71.88 -137.09 94.60
CA PRO EB 38 72.72 -136.57 93.49
C PRO EB 38 73.70 -137.56 92.87
N SER EB 39 73.87 -138.78 93.36
CA SER EB 39 74.89 -139.67 92.82
C SER EB 39 74.31 -140.87 92.06
N ASP EB 40 72.99 -140.96 91.94
CA ASP EB 40 72.34 -142.02 91.18
C ASP EB 40 72.44 -141.83 89.67
N PRO EB 41 73.17 -142.69 88.97
CA PRO EB 41 73.33 -142.46 87.53
C PRO EB 41 72.04 -142.58 86.75
N ALA EB 42 71.07 -143.38 87.19
CA ALA EB 42 69.80 -143.41 86.45
C ALA EB 42 69.10 -142.06 86.51
N LEU EB 43 69.26 -141.35 87.62
CA LEU EB 43 68.68 -140.02 87.75
C LEU EB 43 69.43 -139.04 86.88
N LEU EB 44 70.75 -139.03 86.98
CA LEU EB 44 71.53 -138.17 86.08
C LEU EB 44 71.14 -138.42 84.62
N ALA EB 45 71.10 -139.68 84.20
CA ALA EB 45 70.80 -140.00 82.81
C ALA EB 45 69.43 -139.47 82.39
N ALA EB 46 68.43 -139.55 83.27
CA ALA EB 46 67.13 -139.00 82.93
C ALA EB 46 67.18 -137.47 82.86
N TYR EB 47 67.66 -136.86 83.95
CA TYR EB 47 67.74 -135.41 84.06
C TYR EB 47 68.44 -134.73 82.90
N GLN EB 48 69.61 -135.24 82.50
CA GLN EB 48 70.32 -134.60 81.40
C GLN EB 48 69.47 -134.55 80.12
N SER EB 49 68.75 -135.64 79.83
CA SER EB 49 67.91 -135.64 78.64
C SER EB 49 66.78 -134.64 78.76
N LYS EB 50 66.08 -134.66 79.89
CA LYS EB 50 64.95 -133.76 80.05
C LYS EB 50 65.37 -132.30 79.99
N LEU EB 51 66.48 -131.96 80.64
CA LEU EB 51 66.97 -130.59 80.58
C LEU EB 51 67.35 -130.18 79.16
N SER EB 52 67.99 -131.06 78.39
CA SER EB 52 68.32 -130.70 77.01
C SER EB 52 67.06 -130.49 76.18
N GLU EB 53 66.07 -131.37 76.32
CA GLU EB 53 64.79 -131.20 75.65
C GLU EB 53 64.21 -129.82 75.95
N TYR EB 54 64.15 -129.47 77.22
CA TYR EB 54 63.63 -128.17 77.64
C TYR EB 54 64.39 -127.01 77.02
N ASN EB 55 65.72 -127.06 77.08
CA ASN EB 55 66.53 -126.02 76.44
C ASN EB 55 66.17 -125.79 74.98
N LEU EB 56 66.15 -126.85 74.18
CA LEU EB 56 65.81 -126.71 72.76
C LEU EB 56 64.41 -126.16 72.56
N TYR EB 57 63.46 -126.68 73.32
CA TYR EB 57 62.09 -126.17 73.27
C TYR EB 57 62.03 -124.66 73.46
N ARG EB 58 62.59 -124.16 74.55
CA ARG EB 58 62.59 -122.71 74.78
C ARG EB 58 63.27 -121.93 73.67
N ASN EB 59 64.41 -122.40 73.17
CA ASN EB 59 65.08 -121.69 72.08
C ASN EB 59 64.19 -121.53 70.86
N ALA EB 60 63.76 -122.64 70.27
CA ALA EB 60 62.87 -122.56 69.11
C ALA EB 60 61.64 -121.69 69.37
N GLN EB 61 61.03 -121.82 70.55
CA GLN EB 61 59.89 -121.00 70.88
C GLN EB 61 60.20 -119.52 70.78
N SER EB 62 61.38 -119.12 71.25
CA SER EB 62 61.73 -117.70 71.20
C SER EB 62 61.99 -117.21 69.78
N ASN EB 63 62.85 -117.90 69.04
CA ASN EB 63 63.16 -117.42 67.68
C ASN EB 63 61.94 -117.35 66.76
N THR EB 64 61.01 -118.28 66.86
CA THR EB 64 59.83 -118.19 65.99
C THR EB 64 59.09 -116.86 66.16
N VAL EB 65 58.91 -116.41 67.40
CA VAL EB 65 58.18 -115.17 67.61
C VAL EB 65 58.88 -113.99 66.95
N LYS EB 66 60.20 -113.87 67.11
CA LYS EB 66 60.89 -112.77 66.48
C LYS EB 66 60.71 -112.81 64.97
N VAL EB 67 60.79 -114.01 64.39
CA VAL EB 67 60.63 -114.13 62.95
C VAL EB 67 59.24 -113.79 62.46
N PHE EB 68 58.21 -113.80 63.31
CA PHE EB 68 56.95 -113.22 62.86
C PHE EB 68 56.78 -111.74 63.18
N LYS EB 69 57.37 -111.27 64.27
CA LYS EB 69 57.36 -109.83 64.54
C LYS EB 69 57.99 -109.06 63.41
N ASP EB 70 59.07 -109.61 62.84
CA ASP EB 70 59.71 -108.95 61.70
C ASP EB 70 58.73 -108.77 60.54
N ILE EB 71 58.08 -109.84 60.13
CA ILE EB 71 57.23 -109.78 58.95
C ILE EB 71 56.08 -108.80 59.16
N ASP EB 72 55.52 -108.80 60.36
CA ASP EB 72 54.44 -107.85 60.63
C ASP EB 72 54.93 -106.41 60.62
N ALA EB 73 56.04 -106.13 61.30
CA ALA EB 73 56.54 -104.76 61.30
C ALA EB 73 56.86 -104.27 59.89
N ALA EB 74 57.44 -105.16 59.06
CA ALA EB 74 57.75 -104.77 57.70
C ALA EB 74 56.50 -104.46 56.89
N ILE EB 75 55.46 -105.27 57.00
CA ILE EB 75 54.23 -104.94 56.27
C ILE EB 75 53.60 -103.66 56.78
N ILE EB 76 53.58 -103.44 58.09
CA ILE EB 76 52.99 -102.22 58.64
C ILE EB 76 53.75 -100.99 58.17
N GLN EB 77 55.06 -101.09 58.03
CA GLN EB 77 55.84 -99.95 57.58
C GLN EB 77 55.48 -99.47 56.17
N ASN EB 78 54.88 -100.31 55.33
CA ASN EB 78 54.49 -99.86 54.00
C ASN EB 78 53.14 -99.16 53.92
N PHE EB 79 52.36 -99.08 55.00
CA PHE EB 79 51.10 -98.36 54.88
C PHE EB 79 51.34 -96.89 54.60
N ARG EB 80 52.26 -96.29 55.35
CA ARG EB 80 52.58 -94.89 55.20
C ARG EB 80 53.41 -94.69 53.94
N PRO FB 4 52.14 -130.75 45.27
CA PRO FB 4 52.99 -129.95 46.16
C PRO FB 4 53.56 -128.73 45.44
N TRP FB 5 54.21 -127.85 46.21
CA TRP FB 5 54.81 -126.65 45.65
C TRP FB 5 56.18 -126.45 46.27
N SER FB 6 57.17 -126.16 45.44
CA SER FB 6 58.53 -125.94 45.92
C SER FB 6 59.08 -124.65 45.35
N GLY FB 7 59.89 -123.97 46.17
CA GLY FB 7 60.61 -122.79 45.75
C GLY FB 7 62.07 -123.04 45.44
N TYR FB 8 62.86 -121.99 45.53
CA TYR FB 8 64.31 -122.07 45.36
C TYR FB 8 64.99 -122.72 46.56
N LEU FB 9 64.78 -122.17 47.74
CA LEU FB 9 65.45 -122.63 48.95
C LEU FB 9 65.22 -124.11 49.21
N ASP FB 10 63.98 -124.58 49.07
CA ASP FB 10 63.74 -126.00 49.29
C ASP FB 10 64.39 -126.87 48.22
N ASP FB 11 64.54 -126.38 47.01
CA ASP FB 11 65.29 -127.14 46.02
C ASP FB 11 66.76 -127.21 46.37
N VAL FB 12 67.32 -126.12 46.88
CA VAL FB 12 68.70 -126.14 47.37
C VAL FB 12 68.86 -127.16 48.49
N SER FB 13 67.91 -127.21 49.41
CA SER FB 13 67.93 -128.24 50.45
C SER FB 13 67.83 -129.65 49.85
N ALA FB 14 66.86 -129.85 48.96
CA ALA FB 14 66.68 -131.16 48.34
C ALA FB 14 67.93 -131.62 47.61
N LYS FB 15 68.73 -130.70 47.07
CA LYS FB 15 70.00 -131.15 46.49
C LYS FB 15 70.81 -131.96 47.50
N PHE FB 16 70.99 -131.45 48.71
CA PHE FB 16 71.71 -132.19 49.74
C PHE FB 16 71.00 -133.48 50.11
N ASP FB 17 69.69 -133.40 50.36
CA ASP FB 17 68.94 -134.60 50.72
C ASP FB 17 69.11 -135.72 49.69
N THR FB 18 68.91 -135.43 48.41
CA THR FB 18 69.14 -136.44 47.38
C THR FB 18 70.61 -136.73 47.15
N GLY FB 19 71.50 -135.83 47.58
CA GLY FB 19 72.93 -136.10 47.45
C GLY FB 19 73.38 -137.21 48.36
N VAL FB 20 73.05 -137.10 49.65
CA VAL FB 20 73.34 -138.21 50.55
C VAL FB 20 72.23 -139.24 50.41
N ASP FB 21 72.46 -140.16 49.47
CA ASP FB 21 71.48 -141.15 49.05
C ASP FB 21 70.72 -141.83 50.17
N ASN FB 22 71.43 -142.34 51.16
CA ASN FB 22 70.82 -143.22 52.15
C ASN FB 22 71.25 -142.98 53.58
N LEU FB 23 72.20 -142.09 53.84
CA LEU FB 23 72.76 -141.83 55.15
C LEU FB 23 71.72 -141.85 56.28
N GLN FB 24 70.56 -141.23 56.07
CA GLN FB 24 69.56 -141.20 57.11
C GLN FB 24 69.22 -142.58 57.66
N THR FB 25 69.17 -143.59 56.79
CA THR FB 25 68.96 -144.96 57.25
C THR FB 25 70.17 -145.52 57.98
N GLN FB 26 71.34 -145.44 57.34
CA GLN FB 26 72.57 -145.94 57.93
C GLN FB 26 72.79 -145.45 59.34
N VAL FB 27 72.53 -144.18 59.60
CA VAL FB 27 72.71 -143.66 60.96
C VAL FB 27 71.78 -144.34 61.93
N THR FB 28 70.57 -144.65 61.50
CA THR FB 28 69.63 -145.38 62.34
C THR FB 28 70.11 -146.80 62.62
N GLU FB 29 70.38 -147.56 61.56
CA GLU FB 29 70.85 -148.94 61.73
C GLU FB 29 72.11 -149.03 62.60
N ALA FB 30 73.14 -148.26 62.27
CA ALA FB 30 74.35 -148.26 63.07
C ALA FB 30 74.07 -148.02 64.55
N LEU FB 31 73.16 -147.10 64.84
CA LEU FB 31 72.79 -146.85 66.22
C LEU FB 31 72.13 -148.06 66.85
N ASP FB 32 71.19 -148.69 66.15
CA ASP FB 32 70.54 -149.86 66.72
C ASP FB 32 71.54 -150.97 67.04
N LYS FB 33 72.53 -151.16 66.16
CA LYS FB 33 73.57 -152.16 66.44
C LYS FB 33 74.43 -151.79 67.64
N LEU FB 34 75.01 -150.58 67.63
CA LEU FB 34 75.86 -150.21 68.76
C LEU FB 34 75.08 -150.25 70.07
N ALA FB 35 73.83 -149.77 70.07
CA ALA FB 35 73.01 -149.86 71.27
C ALA FB 35 72.74 -151.32 71.65
N ALA FB 36 72.71 -152.21 70.66
CA ALA FB 36 72.55 -153.62 70.95
C ALA FB 36 73.78 -154.18 71.66
N LYS FB 37 74.97 -153.69 71.31
CA LYS FB 37 76.21 -154.19 71.91
C LYS FB 37 77.21 -153.06 72.08
N PRO FB 38 77.07 -152.28 73.15
CA PRO FB 38 77.95 -151.12 73.38
C PRO FB 38 79.45 -151.34 73.38
N SER FB 39 79.93 -152.58 73.45
CA SER FB 39 81.36 -152.83 73.64
C SER FB 39 82.03 -153.40 72.40
N ASP FB 40 81.35 -153.42 71.26
CA ASP FB 40 81.93 -153.94 70.03
C ASP FB 40 82.68 -152.87 69.23
N PRO FB 41 84.01 -152.90 69.20
CA PRO FB 41 84.73 -151.82 68.50
C PRO FB 41 84.45 -151.82 67.02
N ALA FB 42 84.14 -152.98 66.43
CA ALA FB 42 83.78 -153.02 65.02
C ALA FB 42 82.59 -152.12 64.76
N LEU FB 43 81.68 -152.06 65.72
CA LEU FB 43 80.51 -151.20 65.63
C LEU FB 43 80.87 -149.75 65.92
N LEU FB 44 81.63 -149.51 66.98
CA LEU FB 44 81.97 -148.15 67.34
C LEU FB 44 82.72 -147.43 66.21
N ALA FB 45 83.71 -148.10 65.61
CA ALA FB 45 84.46 -147.48 64.53
C ALA FB 45 83.56 -147.08 63.36
N ALA FB 46 82.49 -147.82 63.14
CA ALA FB 46 81.51 -147.46 62.12
C ALA FB 46 80.69 -146.26 62.54
N TYR FB 47 80.10 -146.33 63.73
CA TYR FB 47 79.18 -145.29 64.17
C TYR FB 47 79.86 -143.94 64.31
N GLN FB 48 81.08 -143.89 64.83
CA GLN FB 48 81.80 -142.63 64.89
C GLN FB 48 81.83 -141.94 63.53
N SER FB 49 82.15 -142.69 62.49
CA SER FB 49 82.17 -142.17 61.13
C SER FB 49 80.81 -141.67 60.70
N LYS FB 50 79.83 -142.56 60.69
CA LYS FB 50 78.49 -142.19 60.24
C LYS FB 50 77.96 -140.95 60.95
N LEU FB 51 78.10 -140.89 62.27
CA LEU FB 51 77.62 -139.73 63.00
C LEU FB 51 78.35 -138.45 62.60
N SER FB 52 79.67 -138.49 62.50
CA SER FB 52 80.40 -137.30 62.04
C SER FB 52 79.90 -136.83 60.69
N GLU FB 53 79.76 -137.75 59.75
CA GLU FB 53 79.23 -137.44 58.43
C GLU FB 53 77.88 -136.73 58.51
N TYR FB 54 76.96 -137.29 59.28
CA TYR FB 54 75.65 -136.69 59.45
C TYR FB 54 75.75 -135.27 59.99
N ASN FB 55 76.59 -135.06 60.99
CA ASN FB 55 76.75 -133.73 61.55
C ASN FB 55 77.17 -132.72 60.49
N LEU FB 56 78.23 -133.03 59.74
CA LEU FB 56 78.68 -132.06 58.74
C LEU FB 56 77.65 -131.83 57.65
N TYR FB 57 76.91 -132.88 57.29
CA TYR FB 57 75.83 -132.75 56.31
C TYR FB 57 74.80 -131.70 56.74
N ARG FB 58 74.25 -131.86 57.93
CA ARG FB 58 73.28 -130.90 58.43
C ARG FB 58 73.84 -129.48 58.55
N ASN FB 59 75.09 -129.33 59.01
CA ASN FB 59 75.64 -127.97 59.10
C ASN FB 59 75.79 -127.30 57.74
N ALA FB 60 76.38 -127.99 56.75
CA ALA FB 60 76.53 -127.36 55.45
C ALA FB 60 75.18 -126.99 54.85
N GLN FB 61 74.17 -127.83 55.06
CA GLN FB 61 72.85 -127.54 54.51
C GLN FB 61 72.27 -126.28 55.13
N SER FB 62 72.18 -126.27 56.46
CA SER FB 62 71.60 -125.14 57.15
C SER FB 62 72.30 -123.82 56.81
N ASN FB 63 73.63 -123.80 56.76
CA ASN FB 63 74.25 -122.51 56.41
C ASN FB 63 74.03 -122.09 54.96
N THR FB 64 74.01 -123.03 54.01
CA THR FB 64 73.75 -122.61 52.63
C THR FB 64 72.38 -121.95 52.51
N VAL FB 65 71.38 -122.50 53.21
CA VAL FB 65 70.03 -121.95 53.08
C VAL FB 65 69.98 -120.50 53.52
N LYS FB 66 70.55 -120.20 54.69
CA LYS FB 66 70.53 -118.83 55.18
C LYS FB 66 71.29 -117.88 54.28
N VAL FB 67 72.41 -118.32 53.71
CA VAL FB 67 73.14 -117.41 52.84
C VAL FB 67 72.29 -117.01 51.64
N PHE FB 68 71.66 -117.98 50.97
CA PHE FB 68 70.79 -117.59 49.86
C PHE FB 68 69.61 -116.73 50.31
N LYS FB 69 69.08 -117.01 51.49
CA LYS FB 69 67.98 -116.20 51.99
C LYS FB 69 68.36 -114.73 52.05
N ASP FB 70 69.48 -114.41 52.67
CA ASP FB 70 69.86 -113.00 52.75
C ASP FB 70 70.24 -112.42 51.39
N ILE FB 71 70.90 -113.19 50.53
CA ILE FB 71 71.15 -112.65 49.19
C ILE FB 71 69.86 -112.17 48.53
N ASP FB 72 68.78 -112.92 48.69
CA ASP FB 72 67.51 -112.50 48.10
C ASP FB 72 66.92 -111.29 48.81
N ALA FB 73 66.81 -111.35 50.13
CA ALA FB 73 66.23 -110.21 50.84
C ALA FB 73 66.95 -108.91 50.52
N ALA FB 74 68.26 -108.95 50.29
CA ALA FB 74 68.97 -107.72 49.96
C ALA FB 74 68.50 -107.13 48.65
N ILE FB 75 68.12 -107.96 47.68
CA ILE FB 75 67.60 -107.45 46.41
C ILE FB 75 66.18 -106.92 46.59
N ILE FB 76 65.32 -107.72 47.19
CA ILE FB 76 63.94 -107.27 47.41
C ILE FB 76 63.93 -105.90 48.08
N GLN FB 77 64.79 -105.69 49.07
CA GLN FB 77 64.88 -104.38 49.71
C GLN FB 77 64.91 -103.21 48.72
N ASN FB 78 65.65 -103.32 47.62
CA ASN FB 78 65.76 -102.17 46.72
C ASN FB 78 64.53 -101.86 45.88
N PHE FB 79 63.42 -102.59 45.96
CA PHE FB 79 62.25 -102.15 45.18
C PHE FB 79 61.77 -100.80 45.67
N ARG FB 80 61.60 -100.64 46.97
CA ARG FB 80 61.28 -99.33 47.54
C ARG FB 80 62.45 -98.40 47.33
N PRO GB 4 88.05 -119.80 32.03
CA PRO GB 4 87.35 -119.94 33.31
C PRO GB 4 87.46 -118.69 34.18
N TRP GB 5 86.40 -117.89 34.18
CA TRP GB 5 86.40 -116.65 34.94
C TRP GB 5 86.67 -116.92 36.41
N SER GB 6 87.56 -116.13 37.00
CA SER GB 6 87.88 -116.22 38.42
C SER GB 6 87.82 -114.83 39.02
N GLY GB 7 87.30 -114.74 40.24
CA GLY GB 7 87.22 -113.48 40.95
C GLY GB 7 88.50 -113.11 41.65
N TYR GB 8 88.39 -112.16 42.57
CA TYR GB 8 89.52 -111.78 43.41
C TYR GB 8 89.74 -112.77 44.53
N LEU GB 9 88.65 -113.25 45.14
CA LEU GB 9 88.80 -114.21 46.22
C LEU GB 9 89.39 -115.50 45.69
N ASP GB 10 89.09 -115.83 44.43
CA ASP GB 10 89.70 -116.97 43.79
C ASP GB 10 91.20 -116.79 43.72
N ASP GB 11 91.65 -115.59 43.37
CA ASP GB 11 93.08 -115.32 43.30
C ASP GB 11 93.73 -115.48 44.66
N VAL GB 12 93.06 -115.01 45.71
CA VAL GB 12 93.65 -115.15 47.04
C VAL GB 12 93.75 -116.63 47.43
N SER GB 13 92.70 -117.40 47.17
CA SER GB 13 92.74 -118.84 47.41
C SER GB 13 93.88 -119.51 46.64
N ALA GB 14 93.97 -119.24 45.34
CA ALA GB 14 95.01 -119.83 44.52
C ALA GB 14 96.41 -119.43 44.97
N LYS GB 15 96.58 -118.24 45.53
CA LYS GB 15 97.90 -117.89 46.06
C LYS GB 15 98.39 -118.89 47.08
N PHE GB 16 97.52 -119.37 47.97
CA PHE GB 16 97.88 -120.51 48.82
C PHE GB 16 98.05 -121.79 48.01
N ASP GB 17 97.07 -122.10 47.15
CA ASP GB 17 97.10 -123.40 46.49
C ASP GB 17 98.35 -123.60 45.65
N THR GB 18 98.99 -122.52 45.20
CA THR GB 18 100.29 -122.65 44.58
C THR GB 18 101.43 -122.32 45.55
N GLY GB 19 101.14 -121.61 46.63
CA GLY GB 19 102.16 -121.26 47.59
C GLY GB 19 102.75 -122.49 48.24
N VAL GB 20 101.95 -123.54 48.39
CA VAL GB 20 102.47 -124.83 48.81
C VAL GB 20 102.24 -125.85 47.71
N ASP GB 21 103.34 -126.42 47.19
CA ASP GB 21 103.28 -127.16 45.93
C ASP GB 21 102.59 -128.50 46.08
N ASN GB 22 102.99 -129.28 47.10
CA ASN GB 22 102.75 -130.72 47.08
C ASN GB 22 101.84 -131.20 48.18
N LEU GB 23 101.57 -130.38 49.19
CA LEU GB 23 101.13 -130.91 50.47
C LEU GB 23 99.91 -131.81 50.30
N GLN GB 24 99.01 -131.42 49.40
CA GLN GB 24 97.85 -132.25 49.09
C GLN GB 24 98.23 -133.68 48.71
N THR GB 25 99.25 -133.84 47.87
CA THR GB 25 99.71 -135.17 47.51
C THR GB 25 100.46 -135.83 48.66
N GLN GB 26 101.41 -135.10 49.23
CA GLN GB 26 102.28 -135.68 50.26
C GLN GB 26 101.48 -136.27 51.42
N VAL GB 27 100.45 -135.57 51.88
CA VAL GB 27 99.65 -136.10 52.97
C VAL GB 27 98.98 -137.41 52.58
N THR GB 28 98.43 -137.47 51.37
CA THR GB 28 97.76 -138.68 50.93
C THR GB 28 98.74 -139.84 50.85
N GLU GB 29 99.95 -139.58 50.38
CA GLU GB 29 100.96 -140.62 50.31
C GLU GB 29 101.33 -141.13 51.69
N ALA GB 30 101.68 -140.23 52.60
CA ALA GB 30 102.05 -140.62 53.95
C ALA GB 30 100.96 -141.46 54.60
N LEU GB 31 99.71 -141.00 54.49
CA LEU GB 31 98.58 -141.76 55.02
C LEU GB 31 98.47 -143.14 54.38
N ASP GB 32 98.44 -143.20 53.06
CA ASP GB 32 98.29 -144.47 52.38
C ASP GB 32 99.38 -145.47 52.77
N LYS GB 33 100.63 -145.04 52.87
CA LYS GB 33 101.67 -145.99 53.26
C LYS GB 33 101.58 -146.36 54.74
N LEU GB 34 101.31 -145.40 55.62
CA LEU GB 34 101.21 -145.74 57.04
C LEU GB 34 100.06 -146.69 57.30
N ALA GB 35 98.97 -146.58 56.54
CA ALA GB 35 97.82 -147.46 56.73
C ALA GB 35 98.22 -148.93 56.66
N ALA GB 36 99.18 -149.26 55.79
CA ALA GB 36 99.62 -150.64 55.66
C ALA GB 36 100.38 -151.14 56.88
N LYS GB 37 100.92 -150.25 57.70
CA LYS GB 37 101.79 -150.63 58.80
C LYS GB 37 101.79 -149.57 59.89
N PRO GB 38 100.69 -149.41 60.59
CA PRO GB 38 100.51 -148.33 61.57
C PRO GB 38 101.26 -148.55 62.89
N SER GB 39 102.54 -148.88 62.77
CA SER GB 39 103.31 -149.35 63.93
C SER GB 39 104.78 -149.00 63.83
N ASP GB 40 105.15 -148.01 63.02
CA ASP GB 40 106.54 -147.58 62.86
C ASP GB 40 106.69 -146.11 63.22
N PRO GB 41 107.49 -145.77 64.23
CA PRO GB 41 107.50 -144.37 64.69
C PRO GB 41 108.05 -143.43 63.64
N ALA GB 42 108.90 -143.93 62.74
CA ALA GB 42 109.46 -143.06 61.69
C ALA GB 42 108.35 -142.59 60.78
N LEU GB 43 107.34 -143.43 60.58
CA LEU GB 43 106.16 -143.08 59.79
C LEU GB 43 105.24 -142.17 60.60
N LEU GB 44 105.03 -142.50 61.86
CA LEU GB 44 104.10 -141.72 62.67
C LEU GB 44 104.54 -140.28 62.80
N ALA GB 45 105.80 -140.03 63.14
CA ALA GB 45 106.26 -138.64 63.28
C ALA GB 45 106.14 -137.86 61.98
N ALA GB 46 106.28 -138.55 60.85
CA ALA GB 46 106.14 -137.90 59.56
C ALA GB 46 104.70 -137.49 59.31
N TYR GB 47 103.78 -138.43 59.51
CA TYR GB 47 102.38 -138.11 59.26
C TYR GB 47 101.87 -137.06 60.23
N GLN GB 48 102.29 -137.12 61.50
CA GLN GB 48 101.95 -136.05 62.43
C GLN GB 48 102.38 -134.67 61.92
N SER GB 49 103.61 -134.58 61.41
CA SER GB 49 104.09 -133.30 60.88
C SER GB 49 103.25 -132.83 59.71
N LYS GB 50 103.15 -133.65 58.67
CA LYS GB 50 102.41 -133.27 57.48
C LYS GB 50 100.95 -132.91 57.79
N LEU GB 51 100.27 -133.69 58.62
CA LEU GB 51 98.88 -133.37 58.90
C LEU GB 51 98.73 -132.07 59.68
N SER GB 52 99.62 -131.77 60.63
CA SER GB 52 99.53 -130.47 61.30
C SER GB 52 99.75 -129.32 60.31
N GLU GB 53 100.68 -129.50 59.38
CA GLU GB 53 100.85 -128.52 58.30
C GLU GB 53 99.56 -128.31 57.52
N TYR GB 54 98.94 -129.39 57.07
CA TYR GB 54 97.68 -129.29 56.35
C TYR GB 54 96.61 -128.51 57.14
N ASN GB 55 96.46 -128.83 58.42
CA ASN GB 55 95.51 -128.12 59.25
C ASN GB 55 95.73 -126.61 59.26
N LEU GB 56 96.97 -126.19 59.53
CA LEU GB 56 97.26 -124.75 59.53
C LEU GB 56 97.02 -124.12 58.16
N TYR GB 57 97.40 -124.82 57.09
CA TYR GB 57 97.16 -124.34 55.73
C TYR GB 57 95.69 -124.02 55.49
N ARG GB 58 94.81 -125.00 55.67
CA ARG GB 58 93.39 -124.76 55.43
C ARG GB 58 92.80 -123.67 56.32
N ASN GB 59 93.19 -123.63 57.60
CA ASN GB 59 92.61 -122.59 58.44
C ASN GB 59 93.06 -121.19 58.02
N ALA GB 60 94.33 -121.02 57.68
CA ALA GB 60 94.80 -119.72 57.23
C ALA GB 60 94.06 -119.28 55.97
N GLN GB 61 93.93 -120.20 55.01
CA GLN GB 61 93.23 -119.89 53.78
C GLN GB 61 91.82 -119.39 54.03
N SER GB 62 91.00 -120.21 54.68
CA SER GB 62 89.60 -119.85 54.86
C SER GB 62 89.40 -118.61 55.70
N ASN GB 63 90.28 -118.33 56.66
CA ASN GB 63 90.12 -117.06 57.38
C ASN GB 63 90.47 -115.87 56.50
N THR GB 64 91.51 -115.95 55.69
CA THR GB 64 91.83 -114.80 54.86
C THR GB 64 90.70 -114.50 53.88
N VAL GB 65 90.12 -115.53 53.27
CA VAL GB 65 89.01 -115.27 52.34
C VAL GB 65 87.81 -114.70 53.06
N LYS GB 66 87.54 -115.15 54.28
CA LYS GB 66 86.45 -114.57 55.04
C LYS GB 66 86.69 -113.09 55.32
N VAL GB 67 87.89 -112.74 55.77
CA VAL GB 67 88.17 -111.34 56.04
C VAL GB 67 88.01 -110.48 54.80
N PHE GB 68 88.55 -110.94 53.66
CA PHE GB 68 88.41 -110.15 52.44
C PHE GB 68 86.97 -109.97 51.97
N LYS GB 69 86.07 -110.85 52.37
CA LYS GB 69 84.67 -110.63 52.00
C LYS GB 69 84.08 -109.40 52.68
N ASP GB 70 84.40 -109.19 53.95
CA ASP GB 70 83.74 -108.17 54.75
C ASP GB 70 84.18 -106.74 54.45
N ILE GB 71 85.31 -106.54 53.78
CA ILE GB 71 85.66 -105.19 53.35
C ILE GB 71 84.76 -104.78 52.20
N ASP GB 72 84.63 -105.66 51.22
CA ASP GB 72 83.79 -105.39 50.06
C ASP GB 72 82.35 -105.21 50.48
N ALA GB 73 81.87 -106.02 51.42
CA ALA GB 73 80.51 -105.82 51.90
C ALA GB 73 80.26 -104.38 52.30
N ALA GB 74 81.13 -103.81 53.13
CA ALA GB 74 80.94 -102.44 53.62
C ALA GB 74 81.09 -101.40 52.53
N ILE GB 75 82.03 -101.60 51.60
CA ILE GB 75 82.15 -100.63 50.51
C ILE GB 75 80.90 -100.65 49.63
N ILE GB 76 80.40 -101.83 49.29
CA ILE GB 76 79.16 -101.91 48.52
C ILE GB 76 78.02 -101.24 49.28
N GLN GB 77 77.96 -101.47 50.59
CA GLN GB 77 76.87 -100.90 51.37
C GLN GB 77 76.87 -99.38 51.37
N ASN GB 78 78.04 -98.75 51.31
CA ASN GB 78 78.04 -97.29 51.22
C ASN GB 78 77.65 -96.71 49.87
N PHE GB 79 77.43 -97.51 48.81
CA PHE GB 79 77.06 -96.88 47.54
C PHE GB 79 75.77 -96.10 47.62
N ARG GB 80 74.82 -96.56 48.42
CA ARG GB 80 73.58 -95.81 48.57
C ARG GB 80 73.77 -94.70 49.60
N PRO HB 4 109.93 -96.65 55.77
CA PRO HB 4 109.12 -97.76 56.27
C PRO HB 4 107.85 -97.30 56.98
N TRP HB 5 106.81 -97.06 56.21
CA TRP HB 5 105.54 -96.60 56.76
C TRP HB 5 105.01 -97.60 57.77
N SER HB 6 104.50 -97.09 58.90
CA SER HB 6 103.95 -97.96 59.93
C SER HB 6 102.79 -97.25 60.61
N GLY HB 7 101.85 -98.05 61.10
CA GLY HB 7 100.68 -97.56 61.79
C GLY HB 7 100.79 -97.62 63.30
N TYR HB 8 99.63 -97.61 63.95
CA TYR HB 8 99.58 -97.69 65.40
C TYR HB 8 99.66 -99.12 65.89
N LEU HB 9 98.99 -100.04 65.20
CA LEU HB 9 99.06 -101.45 65.60
C LEU HB 9 100.46 -102.01 65.34
N ASP HB 10 101.14 -101.48 64.33
CA ASP HB 10 102.56 -101.75 64.16
C ASP HB 10 103.36 -101.36 65.38
N ASP HB 11 103.05 -100.20 65.95
CA ASP HB 11 103.70 -99.75 67.18
C ASP HB 11 103.40 -100.67 68.35
N VAL HB 12 102.13 -101.00 68.54
CA VAL HB 12 101.74 -101.93 69.59
C VAL HB 12 102.55 -103.22 69.48
N SER HB 13 102.72 -103.74 68.27
CA SER HB 13 103.47 -104.98 68.10
C SER HB 13 104.98 -104.77 68.32
N ALA HB 14 105.53 -103.69 67.79
CA ALA HB 14 106.95 -103.43 67.97
C ALA HB 14 107.30 -103.20 69.43
N LYS HB 15 106.37 -102.71 70.25
CA LYS HB 15 106.65 -102.63 71.67
C LYS HB 15 107.05 -104.00 72.23
N PHE HB 16 106.34 -105.05 71.85
CA PHE HB 16 106.74 -106.40 72.26
C PHE HB 16 108.04 -106.84 71.61
N ASP HB 17 108.16 -106.66 70.30
CA ASP HB 17 109.38 -107.10 69.62
C ASP HB 17 110.63 -106.43 70.17
N THR HB 18 110.53 -105.19 70.65
CA THR HB 18 111.67 -104.56 71.31
C THR HB 18 111.75 -104.90 72.79
N GLY HB 19 110.62 -105.14 73.44
CA GLY HB 19 110.64 -105.51 74.84
C GLY HB 19 111.39 -106.80 75.08
N VAL HB 20 111.05 -107.86 74.36
CA VAL HB 20 111.89 -109.05 74.41
C VAL HB 20 113.11 -108.78 73.52
N ASP HB 21 114.27 -108.67 74.17
CA ASP HB 21 115.49 -108.27 73.48
C ASP HB 21 115.89 -109.27 72.41
N ASN HB 22 116.19 -110.50 72.81
CA ASN HB 22 116.66 -111.51 71.86
C ASN HB 22 116.06 -112.88 72.13
N LEU HB 23 114.89 -112.93 72.76
CA LEU HB 23 114.24 -114.20 73.05
C LEU HB 23 114.20 -115.11 71.83
N GLN HB 24 113.87 -114.55 70.66
CA GLN HB 24 113.86 -115.35 69.44
C GLN HB 24 115.17 -116.11 69.22
N THR HB 25 116.29 -115.44 69.44
CA THR HB 25 117.56 -116.11 69.24
C THR HB 25 117.88 -117.08 70.36
N GLN HB 26 117.63 -116.67 71.61
CA GLN HB 26 117.81 -117.59 72.72
C GLN HB 26 117.10 -118.91 72.46
N VAL HB 27 115.84 -118.84 72.05
CA VAL HB 27 115.07 -120.06 71.76
C VAL HB 27 115.70 -120.84 70.61
N THR HB 28 116.07 -120.15 69.53
CA THR HB 28 116.69 -120.83 68.41
C THR HB 28 117.93 -121.61 68.84
N GLU HB 29 118.87 -120.93 69.50
CA GLU HB 29 120.10 -121.57 69.95
C GLU HB 29 119.83 -122.71 70.93
N ALA HB 30 118.98 -122.46 71.92
CA ALA HB 30 118.60 -123.51 72.85
C ALA HB 30 118.16 -124.77 72.13
N LEU HB 31 117.26 -124.63 71.16
CA LEU HB 31 116.80 -125.81 70.43
C LEU HB 31 117.90 -126.44 69.57
N ASP HB 32 118.78 -125.63 68.99
CA ASP HB 32 119.88 -126.17 68.21
C ASP HB 32 120.82 -127.03 69.05
N LYS HB 33 121.29 -126.49 70.17
CA LYS HB 33 122.16 -127.27 71.05
C LYS HB 33 121.42 -128.44 71.69
N LEU HB 34 120.13 -128.30 71.99
CA LEU HB 34 119.40 -129.40 72.58
C LEU HB 34 119.31 -130.57 71.61
N ALA HB 35 119.06 -130.30 70.33
CA ALA HB 35 118.98 -131.38 69.36
C ALA HB 35 120.27 -132.21 69.35
N ALA HB 36 121.41 -131.58 69.61
CA ALA HB 36 122.69 -132.27 69.65
C ALA HB 36 122.81 -133.25 70.81
N LYS HB 37 122.01 -133.09 71.87
CA LYS HB 37 122.11 -133.92 73.07
C LYS HB 37 120.76 -133.96 73.78
N PRO HB 38 119.76 -134.63 73.19
CA PRO HB 38 118.40 -134.56 73.72
C PRO HB 38 118.23 -135.03 75.16
N SER HB 39 119.15 -135.83 75.71
CA SER HB 39 118.97 -136.41 77.04
C SER HB 39 119.72 -135.69 78.15
N ASP HB 40 120.32 -134.53 77.88
CA ASP HB 40 120.92 -133.75 78.96
C ASP HB 40 119.87 -132.96 79.74
N PRO HB 41 119.65 -133.27 81.03
CA PRO HB 41 118.60 -132.56 81.77
C PRO HB 41 118.92 -131.10 81.99
N ALA HB 42 120.21 -130.73 82.02
CA ALA HB 42 120.55 -129.33 82.22
C ALA HB 42 120.04 -128.52 81.04
N LEU HB 43 120.11 -129.10 79.85
CA LEU HB 43 119.59 -128.45 78.66
C LEU HB 43 118.07 -128.45 78.68
N LEU HB 44 117.47 -129.60 78.99
CA LEU HB 44 116.02 -129.72 78.95
C LEU HB 44 115.33 -128.74 79.90
N ALA HB 45 115.79 -128.65 81.15
CA ALA HB 45 115.14 -127.74 82.10
C ALA HB 45 115.21 -126.29 81.66
N ALA HB 46 116.31 -125.89 81.04
CA ALA HB 46 116.43 -124.53 80.49
C ALA HB 46 115.46 -124.33 79.33
N TYR HB 47 115.45 -125.27 78.40
CA TYR HB 47 114.65 -125.13 77.19
C TYR HB 47 113.16 -125.06 77.51
N GLN HB 48 112.69 -125.89 78.43
CA GLN HB 48 111.28 -125.81 78.83
C GLN HB 48 110.90 -124.40 79.27
N SER HB 49 111.79 -123.75 80.01
CA SER HB 49 111.56 -122.38 80.47
C SER HB 49 111.48 -121.42 79.30
N LYS HB 50 112.54 -121.35 78.50
CA LYS HB 50 112.53 -120.45 77.35
C LYS HB 50 111.31 -120.65 76.46
N LEU HB 51 110.97 -121.90 76.15
CA LEU HB 51 109.82 -122.14 75.28
C LEU HB 51 108.52 -121.64 75.90
N SER HB 52 108.36 -121.77 77.21
CA SER HB 52 107.15 -121.22 77.83
C SER HB 52 107.11 -119.70 77.72
N GLU HB 53 108.23 -119.05 78.03
CA GLU HB 53 108.33 -117.60 77.84
C GLU HB 53 107.89 -117.19 76.45
N TYR HB 54 108.43 -117.85 75.43
CA TYR HB 54 108.08 -117.56 74.04
C TYR HB 54 106.59 -117.72 73.79
N ASN HB 55 106.04 -118.87 74.16
CA ASN HB 55 104.61 -119.10 73.99
C ASN HB 55 103.77 -117.95 74.54
N LEU HB 56 103.97 -117.61 75.81
CA LEU HB 56 103.15 -116.55 76.42
C LEU HB 56 103.40 -115.19 75.79
N TYR HB 57 104.64 -114.90 75.40
CA TYR HB 57 104.96 -113.70 74.64
C TYR HB 57 104.06 -113.54 73.41
N ARG HB 58 104.11 -114.52 72.52
CA ARG HB 58 103.29 -114.48 71.30
C ARG HB 58 101.80 -114.39 71.60
N ASN HB 59 101.32 -115.14 72.59
CA ASN HB 59 99.90 -115.05 72.92
C ASN HB 59 99.50 -113.65 73.34
N ALA HB 60 100.21 -113.06 74.30
CA ALA HB 60 99.83 -111.73 74.74
C ALA HB 60 99.92 -110.70 73.63
N GLN HB 61 100.88 -110.84 72.73
CA GLN HB 61 100.97 -109.92 71.61
C GLN HB 61 99.72 -109.96 70.74
N SER HB 62 99.41 -111.13 70.22
CA SER HB 62 98.29 -111.24 69.30
C SER HB 62 96.96 -110.90 69.97
N ASN HB 63 96.77 -111.31 71.22
CA ASN HB 63 95.54 -110.90 71.90
C ASN HB 63 95.45 -109.38 72.06
N THR HB 64 96.54 -108.72 72.39
CA THR HB 64 96.47 -107.27 72.58
C THR HB 64 96.10 -106.52 71.31
N VAL HB 65 96.58 -106.99 70.16
CA VAL HB 65 96.28 -106.24 68.93
C VAL HB 65 94.78 -106.24 68.58
N LYS HB 66 94.09 -107.35 68.83
CA LYS HB 66 92.68 -107.43 68.48
C LYS HB 66 91.82 -106.41 69.23
N VAL HB 67 92.12 -106.15 70.50
CA VAL HB 67 91.30 -105.21 71.24
C VAL HB 67 91.35 -103.79 70.67
N PHE HB 68 92.49 -103.38 70.13
CA PHE HB 68 92.53 -102.09 69.47
C PHE HB 68 91.88 -102.10 68.11
N LYS HB 69 91.89 -103.24 67.42
CA LYS HB 69 91.06 -103.31 66.21
C LYS HB 69 89.57 -103.16 66.56
N ASP HB 70 89.14 -103.78 67.65
CA ASP HB 70 87.75 -103.67 68.07
C ASP HB 70 87.36 -102.23 68.41
N ILE HB 71 88.19 -101.54 69.18
CA ILE HB 71 87.89 -100.16 69.53
C ILE HB 71 87.85 -99.26 68.29
N ASP HB 72 88.78 -99.44 67.37
CA ASP HB 72 88.75 -98.60 66.18
C ASP HB 72 87.50 -98.86 65.34
N ALA HB 73 87.16 -100.11 65.09
CA ALA HB 73 85.95 -100.37 64.31
C ALA HB 73 84.71 -99.79 65.00
N ALA HB 74 84.66 -99.89 66.33
CA ALA HB 74 83.52 -99.35 67.06
C ALA HB 74 83.44 -97.83 67.01
N ILE HB 75 84.56 -97.15 66.82
CA ILE HB 75 84.48 -95.71 66.61
C ILE HB 75 84.11 -95.38 65.16
N ILE HB 76 84.73 -96.06 64.21
CA ILE HB 76 84.53 -95.73 62.81
C ILE HB 76 83.10 -95.95 62.36
N GLN HB 77 82.40 -96.94 62.93
CA GLN HB 77 80.99 -97.13 62.57
C GLN HB 77 80.12 -95.92 62.93
N ASN HB 78 80.40 -95.23 64.02
CA ASN HB 78 79.62 -94.05 64.41
C ASN HB 78 79.93 -92.81 63.59
N PHE HB 79 80.75 -92.92 62.55
CA PHE HB 79 80.86 -91.83 61.58
C PHE HB 79 79.62 -91.73 60.73
N ARG HB 80 79.01 -92.85 60.39
CA ARG HB 80 77.95 -92.86 59.39
C ARG HB 80 76.62 -92.48 59.99
N PRO IB 4 95.75 -91.71 92.35
CA PRO IB 4 95.47 -91.73 90.91
C PRO IB 4 94.07 -92.22 90.57
N TRP IB 5 93.65 -92.01 89.33
CA TRP IB 5 92.32 -92.43 88.90
C TRP IB 5 92.14 -93.92 89.11
N SER IB 6 90.91 -94.32 89.44
CA SER IB 6 90.61 -95.73 89.68
C SER IB 6 89.17 -95.99 89.24
N GLY IB 7 89.03 -96.71 88.13
CA GLY IB 7 87.74 -97.14 87.66
C GLY IB 7 87.13 -98.22 88.53
N TYR IB 8 85.86 -98.50 88.22
CA TYR IB 8 85.11 -99.51 88.96
C TYR IB 8 85.75 -100.89 88.85
N LEU IB 9 86.39 -101.20 87.74
CA LEU IB 9 87.15 -102.44 87.68
C LEU IB 9 88.35 -102.42 88.61
N ASP IB 10 88.93 -101.24 88.86
CA ASP IB 10 89.99 -101.16 89.84
C ASP IB 10 89.44 -101.31 91.23
N ASP IB 11 88.26 -100.76 91.49
CA ASP IB 11 87.58 -100.97 92.76
C ASP IB 11 87.36 -102.45 93.02
N VAL IB 12 87.06 -103.21 91.96
CA VAL IB 12 86.91 -104.66 92.11
C VAL IB 12 88.26 -105.33 92.38
N SER IB 13 89.27 -105.02 91.57
CA SER IB 13 90.60 -105.56 91.77
C SER IB 13 91.10 -105.33 93.21
N ALA IB 14 90.94 -104.10 93.70
CA ALA IB 14 91.36 -103.75 95.05
C ALA IB 14 90.73 -104.64 96.13
N LYS IB 15 89.47 -105.02 95.98
CA LYS IB 15 88.88 -105.92 96.97
C LYS IB 15 89.72 -107.18 97.12
N PHE IB 16 90.11 -107.80 96.02
CA PHE IB 16 90.97 -108.97 96.06
C PHE IB 16 92.36 -108.65 96.62
N ASP IB 17 93.01 -107.63 96.08
CA ASP IB 17 94.34 -107.27 96.59
C ASP IB 17 94.35 -107.05 98.10
N THR IB 18 93.36 -106.34 98.63
CA THR IB 18 93.27 -106.19 100.08
C THR IB 18 92.74 -107.44 100.77
N GLY IB 19 92.13 -108.36 100.02
CA GLY IB 19 91.69 -109.60 100.64
C GLY IB 19 92.85 -110.51 100.97
N VAL IB 20 93.71 -110.76 99.98
CA VAL IB 20 94.94 -111.50 100.27
C VAL IB 20 95.96 -110.54 100.87
N ASP IB 21 95.90 -110.43 102.20
CA ASP IB 21 96.70 -109.47 102.96
C ASP IB 21 98.19 -109.50 102.61
N ASN IB 22 98.80 -110.68 102.62
CA ASN IB 22 100.25 -110.80 102.45
C ASN IB 22 100.69 -111.95 101.56
N LEU IB 23 99.75 -112.73 101.04
CA LEU IB 23 100.07 -113.92 100.25
C LEU IB 23 101.19 -113.63 99.26
N GLN IB 24 101.16 -112.46 98.61
CA GLN IB 24 102.23 -112.11 97.68
C GLN IB 24 103.61 -112.30 98.29
N THR IB 25 103.82 -111.82 99.51
CA THR IB 25 105.10 -112.01 100.18
C THR IB 25 105.27 -113.44 100.67
N GLN IB 26 104.27 -113.97 101.36
CA GLN IB 26 104.30 -115.35 101.84
C GLN IB 26 104.81 -116.34 100.79
N VAL IB 27 104.19 -116.33 99.62
CA VAL IB 27 104.58 -117.25 98.54
C VAL IB 27 106.04 -117.01 98.14
N THR IB 28 106.44 -115.76 98.01
CA THR IB 28 107.83 -115.47 97.64
C THR IB 28 108.80 -116.08 98.64
N GLU IB 29 108.53 -115.95 99.94
CA GLU IB 29 109.47 -116.49 100.91
C GLU IB 29 109.40 -118.00 101.03
N ALA IB 30 108.20 -118.58 100.97
CA ALA IB 30 108.09 -120.02 100.94
C ALA IB 30 108.90 -120.61 99.80
N LEU IB 31 108.78 -120.01 98.62
CA LEU IB 31 109.59 -120.41 97.49
C LEU IB 31 111.08 -120.22 97.77
N ASP IB 32 111.46 -119.08 98.33
CA ASP IB 32 112.88 -118.83 98.57
C ASP IB 32 113.51 -119.92 99.42
N LYS IB 33 112.88 -120.26 100.54
CA LYS IB 33 113.45 -121.31 101.38
C LYS IB 33 113.34 -122.68 100.74
N LEU IB 34 112.21 -123.01 100.12
CA LEU IB 34 112.15 -124.28 99.40
C LEU IB 34 113.31 -124.41 98.44
N ALA IB 35 113.54 -123.36 97.65
CA ALA IB 35 114.61 -123.41 96.67
C ALA IB 35 115.95 -123.58 97.35
N ALA IB 36 116.08 -123.10 98.59
CA ALA IB 36 117.34 -123.30 99.30
C ALA IB 36 117.47 -124.71 99.85
N LYS IB 37 116.37 -125.43 100.05
CA LYS IB 37 116.41 -126.81 100.55
C LYS IB 37 115.24 -127.60 100.01
N PRO IB 38 115.28 -127.99 98.74
CA PRO IB 38 114.19 -128.77 98.12
C PRO IB 38 113.73 -130.02 98.85
N SER IB 39 114.52 -130.56 99.78
CA SER IB 39 114.27 -131.89 100.34
C SER IB 39 113.54 -131.91 101.70
N ASP IB 40 112.80 -130.87 102.08
CA ASP IB 40 112.09 -130.93 103.36
C ASP IB 40 110.59 -131.03 103.15
N PRO IB 41 109.93 -132.03 103.74
CA PRO IB 41 108.49 -132.21 103.49
C PRO IB 41 107.61 -131.12 104.06
N ALA IB 42 108.02 -130.46 105.15
CA ALA IB 42 107.18 -129.40 105.68
C ALA IB 42 107.25 -128.18 104.77
N LEU IB 43 108.46 -127.89 104.28
CA LEU IB 43 108.62 -126.85 103.28
C LEU IB 43 107.78 -127.12 102.05
N LEU IB 44 107.78 -128.38 101.59
CA LEU IB 44 106.96 -128.77 100.45
C LEU IB 44 105.48 -128.56 100.70
N ALA IB 45 104.95 -129.13 101.78
CA ALA IB 45 103.52 -128.96 102.08
C ALA IB 45 103.12 -127.49 102.20
N ALA IB 46 103.94 -126.70 102.89
CA ALA IB 46 103.69 -125.27 102.98
C ALA IB 46 103.60 -124.61 101.61
N TYR IB 47 104.64 -124.80 100.80
CA TYR IB 47 104.62 -124.23 99.45
C TYR IB 47 103.41 -124.67 98.66
N GLN IB 48 103.14 -125.98 98.61
CA GLN IB 48 101.96 -126.48 97.92
C GLN IB 48 100.71 -125.73 98.32
N SER IB 49 100.53 -125.52 99.63
CA SER IB 49 99.37 -124.76 100.11
C SER IB 49 99.34 -123.34 99.57
N LYS IB 50 100.37 -122.56 99.90
CA LYS IB 50 100.43 -121.16 99.47
C LYS IB 50 100.24 -121.02 97.97
N LEU IB 51 100.92 -121.84 97.17
CA LEU IB 51 100.79 -121.74 95.72
C LEU IB 51 99.38 -122.05 95.25
N SER IB 52 98.70 -123.03 95.84
CA SER IB 52 97.31 -123.27 95.49
C SER IB 52 96.44 -122.05 95.79
N GLU IB 53 96.59 -121.49 96.98
CA GLU IB 53 95.85 -120.28 97.33
C GLU IB 53 96.09 -119.15 96.33
N TYR IB 54 97.35 -118.93 95.94
CA TYR IB 54 97.67 -117.86 95.00
C TYR IB 54 97.10 -118.13 93.61
N ASN IB 55 97.07 -119.38 93.19
CA ASN IB 55 96.43 -119.73 91.93
C ASN IB 55 94.96 -119.36 91.92
N LEU IB 56 94.23 -119.81 92.95
CA LEU IB 56 92.79 -119.55 92.96
C LEU IB 56 92.49 -118.07 93.13
N TYR IB 57 93.30 -117.37 93.92
CA TYR IB 57 93.25 -115.91 94.01
C TYR IB 57 93.26 -115.24 92.64
N ARG IB 58 94.35 -115.44 91.88
CA ARG IB 58 94.43 -114.78 90.58
C ARG IB 58 93.30 -115.19 89.64
N ASN IB 59 92.91 -116.46 89.66
CA ASN IB 59 91.85 -116.88 88.76
C ASN IB 59 90.53 -116.19 89.06
N ALA IB 60 90.11 -116.18 90.32
CA ALA IB 60 88.84 -115.54 90.64
C ALA IB 60 88.86 -114.05 90.34
N GLN IB 61 89.98 -113.38 90.62
CA GLN IB 61 90.11 -111.98 90.23
C GLN IB 61 89.86 -111.76 88.74
N SER IB 62 90.64 -112.44 87.91
CA SER IB 62 90.52 -112.23 86.48
C SER IB 62 89.15 -112.59 85.93
N ASN IB 63 88.56 -113.70 86.37
CA ASN IB 63 87.23 -114.01 85.84
C ASN IB 63 86.16 -113.03 86.31
N THR IB 64 86.26 -112.48 87.52
CA THR IB 64 85.27 -111.48 87.92
C THR IB 64 85.35 -110.23 87.05
N VAL IB 65 86.55 -109.74 86.80
CA VAL IB 65 86.73 -108.54 85.98
C VAL IB 65 86.01 -108.65 84.64
N LYS IB 66 86.15 -109.80 83.97
CA LYS IB 66 85.53 -109.99 82.66
C LYS IB 66 84.02 -109.79 82.72
N VAL IB 67 83.37 -110.41 83.69
CA VAL IB 67 81.92 -110.30 83.79
C VAL IB 67 81.49 -108.87 84.04
N PHE IB 68 82.22 -108.15 84.90
CA PHE IB 68 81.85 -106.75 85.11
C PHE IB 68 82.10 -105.88 83.88
N LYS IB 69 83.05 -106.27 83.01
CA LYS IB 69 83.17 -105.57 81.74
C LYS IB 69 81.96 -105.83 80.86
N ASP IB 70 81.58 -107.09 80.71
CA ASP IB 70 80.56 -107.42 79.74
C ASP IB 70 79.15 -107.07 80.20
N ILE IB 71 78.92 -106.89 81.49
CA ILE IB 71 77.67 -106.26 81.92
C ILE IB 71 77.60 -104.81 81.48
N ASP IB 72 78.74 -104.13 81.37
CA ASP IB 72 78.72 -102.75 80.92
C ASP IB 72 78.51 -102.66 79.41
N ALA IB 73 79.15 -103.54 78.67
CA ALA IB 73 79.16 -103.43 77.21
C ALA IB 73 77.75 -103.37 76.64
N ALA IB 74 76.89 -104.31 77.04
CA ALA IB 74 75.51 -104.39 76.59
C ALA IB 74 74.61 -103.30 77.13
N ILE IB 75 75.11 -102.41 77.99
CA ILE IB 75 74.36 -101.24 78.42
C ILE IB 75 74.81 -100.00 77.67
N ILE IB 76 76.11 -99.91 77.38
CA ILE IB 76 76.56 -98.84 76.51
C ILE IB 76 75.98 -99.01 75.11
N GLN IB 77 75.94 -100.24 74.62
CA GLN IB 77 75.41 -100.49 73.29
C GLN IB 77 74.03 -99.89 73.09
N ASN IB 78 73.16 -100.03 74.08
CA ASN IB 78 71.79 -99.54 73.96
C ASN IB 78 71.65 -98.02 73.92
N PHE IB 79 72.71 -97.23 74.05
CA PHE IB 79 72.52 -95.79 73.87
C PHE IB 79 72.20 -95.45 72.42
N ARG IB 80 72.76 -96.17 71.46
CA ARG IB 80 72.49 -95.88 70.06
C ARG IB 80 71.06 -96.22 69.71
N PRO JB 4 65.07 -112.89 102.91
CA PRO JB 4 65.26 -111.84 101.90
C PRO JB 4 64.91 -112.29 100.50
N TRP JB 5 64.98 -111.35 99.57
CA TRP JB 5 64.67 -111.66 98.18
C TRP JB 5 65.56 -112.77 97.65
N SER JB 6 64.97 -113.64 96.82
CA SER JB 6 65.70 -114.72 96.17
C SER JB 6 65.20 -114.82 94.73
N GLY JB 7 66.12 -115.04 93.81
CA GLY JB 7 65.78 -115.33 92.44
C GLY JB 7 65.37 -116.77 92.17
N TYR JB 8 65.20 -117.04 90.88
CA TYR JB 8 64.96 -118.39 90.40
C TYR JB 8 66.20 -119.24 90.54
N LEU JB 9 67.36 -118.71 90.16
CA LEU JB 9 68.61 -119.43 90.33
C LEU JB 9 68.88 -119.71 91.80
N ASP JB 10 68.59 -118.75 92.67
CA ASP JB 10 68.67 -118.97 94.11
C ASP JB 10 67.77 -120.12 94.53
N ASP JB 11 66.53 -120.13 94.06
CA ASP JB 11 65.63 -121.21 94.44
C ASP JB 11 66.06 -122.54 93.84
N VAL JB 12 66.81 -122.53 92.75
CA VAL JB 12 67.36 -123.77 92.20
C VAL JB 12 68.48 -124.30 93.09
N SER JB 13 69.41 -123.43 93.48
CA SER JB 13 70.45 -123.81 94.42
C SER JB 13 69.84 -124.38 95.70
N ALA JB 14 68.81 -123.70 96.22
CA ALA JB 14 68.12 -124.14 97.42
C ALA JB 14 67.72 -125.61 97.39
N LYS JB 15 67.36 -126.14 96.21
CA LYS JB 15 66.98 -127.55 96.15
C LYS JB 15 68.15 -128.47 96.51
N PHE JB 16 69.31 -128.25 95.89
CA PHE JB 16 70.50 -129.00 96.26
C PHE JB 16 70.84 -128.85 97.74
N ASP JB 17 70.88 -127.60 98.20
CA ASP JB 17 71.24 -127.32 99.59
C ASP JB 17 70.32 -128.03 100.58
N THR JB 18 69.01 -128.06 100.32
CA THR JB 18 68.12 -128.80 101.21
C THR JB 18 68.01 -130.27 100.85
N GLY JB 19 68.61 -130.70 99.75
CA GLY JB 19 68.57 -132.10 99.34
C GLY JB 19 69.62 -132.87 100.10
N VAL JB 20 70.81 -132.27 100.22
CA VAL JB 20 71.85 -132.88 101.04
C VAL JB 20 71.61 -132.47 102.50
N ASP JB 21 70.85 -133.30 103.21
CA ASP JB 21 70.38 -132.94 104.54
C ASP JB 21 71.49 -132.55 105.50
N ASN JB 22 72.58 -133.33 105.55
CA ASN JB 22 73.63 -133.03 106.52
C ASN JB 22 75.04 -133.29 106.01
N LEU JB 23 75.21 -133.65 104.75
CA LEU JB 23 76.52 -133.89 104.15
C LEU JB 23 77.50 -132.79 104.55
N GLN JB 24 77.02 -131.56 104.53
CA GLN JB 24 77.83 -130.40 104.87
C GLN JB 24 78.55 -130.56 106.19
N THR JB 25 77.90 -131.16 107.19
CA THR JB 25 78.58 -131.37 108.45
C THR JB 25 79.30 -132.72 108.51
N GLN JB 26 78.68 -133.76 107.96
CA GLN JB 26 79.31 -135.08 107.99
C GLN JB 26 80.75 -135.03 107.48
N VAL JB 27 80.96 -134.28 106.40
CA VAL JB 27 82.32 -134.11 105.87
C VAL JB 27 83.23 -133.47 106.92
N THR JB 28 82.71 -132.49 107.65
CA THR JB 28 83.53 -131.82 108.66
C THR JB 28 83.87 -132.75 109.81
N GLU JB 29 82.97 -133.67 110.14
CA GLU JB 29 83.30 -134.63 111.20
C GLU JB 29 84.39 -135.60 110.75
N ALA JB 30 84.24 -136.17 109.56
CA ALA JB 30 85.29 -137.02 109.01
C ALA JB 30 86.64 -136.30 109.00
N LEU JB 31 86.66 -135.07 108.51
CA LEU JB 31 87.87 -134.26 108.48
C LEU JB 31 88.60 -134.19 109.81
N ASP JB 32 87.88 -134.27 110.92
CA ASP JB 32 88.54 -134.23 112.22
C ASP JB 32 88.90 -135.60 112.77
N LYS JB 33 88.01 -136.58 112.66
CA LYS JB 33 88.34 -137.91 113.16
C LYS JB 33 89.57 -138.47 112.45
N LEU JB 34 89.67 -138.30 111.15
CA LEU JB 34 90.86 -138.74 110.44
C LEU JB 34 92.09 -137.93 110.82
N ALA JB 35 91.95 -136.62 110.96
CA ALA JB 35 93.11 -135.83 111.35
C ALA JB 35 93.64 -136.29 112.70
N ALA JB 36 92.74 -136.65 113.62
CA ALA JB 36 93.20 -137.15 114.92
C ALA JB 36 93.77 -138.56 114.82
N LYS JB 37 93.40 -139.35 113.81
CA LYS JB 37 93.86 -140.74 113.71
C LYS JB 37 93.98 -141.13 112.24
N PRO JB 38 94.96 -140.55 111.54
CA PRO JB 38 95.13 -140.80 110.10
C PRO JB 38 95.25 -142.25 109.63
N SER JB 39 95.29 -143.24 110.51
CA SER JB 39 95.56 -144.61 110.08
C SER JB 39 94.39 -145.56 110.25
N ASP JB 40 93.23 -145.09 110.67
CA ASP JB 40 92.08 -145.96 110.84
C ASP JB 40 91.46 -146.38 109.51
N PRO JB 41 91.50 -147.66 109.13
CA PRO JB 41 90.86 -148.06 107.87
C PRO JB 41 89.39 -147.69 107.80
N ALA JB 42 88.65 -147.81 108.90
CA ALA JB 42 87.22 -147.48 108.88
C ALA JB 42 86.99 -146.00 108.64
N LEU JB 43 87.71 -145.15 109.36
CA LEU JB 43 87.61 -143.71 109.13
C LEU JB 43 87.93 -143.38 107.69
N LEU JB 44 89.05 -143.89 107.18
CA LEU JB 44 89.42 -143.67 105.80
C LEU JB 44 88.30 -144.07 104.83
N ALA JB 45 87.77 -145.28 104.98
CA ALA JB 45 86.70 -145.75 104.11
C ALA JB 45 85.49 -144.82 104.13
N ALA JB 46 85.05 -144.40 105.32
CA ALA JB 46 83.92 -143.48 105.39
C ALA JB 46 84.24 -142.13 104.75
N TYR JB 47 85.36 -141.54 105.14
CA TYR JB 47 85.77 -140.24 104.60
C TYR JB 47 85.84 -140.22 103.09
N GLN JB 48 86.50 -141.21 102.48
CA GLN JB 48 86.54 -141.28 101.02
C GLN JB 48 85.15 -141.17 100.39
N SER JB 49 84.17 -141.87 100.96
CA SER JB 49 82.80 -141.80 100.46
C SER JB 49 82.22 -140.40 100.59
N LYS JB 50 82.20 -139.86 101.80
CA LYS JB 50 81.70 -138.49 101.98
C LYS JB 50 82.37 -137.51 101.02
N LEU JB 51 83.69 -137.57 100.90
CA LEU JB 51 84.40 -136.70 99.95
C LEU JB 51 83.86 -136.82 98.53
N SER JB 52 83.75 -138.03 98.01
CA SER JB 52 83.19 -138.23 96.68
C SER JB 52 81.78 -137.65 96.56
N GLU JB 53 80.92 -137.95 97.52
CA GLU JB 53 79.56 -137.39 97.52
C GLU JB 53 79.57 -135.87 97.43
N TYR JB 54 80.42 -135.23 98.21
CA TYR JB 54 80.54 -133.77 98.16
C TYR JB 54 80.97 -133.28 96.79
N ASN JB 55 82.02 -133.89 96.24
CA ASN JB 55 82.48 -133.54 94.90
C ASN JB 55 81.34 -133.57 93.87
N LEU JB 56 80.64 -134.70 93.79
CA LEU JB 56 79.52 -134.82 92.85
C LEU JB 56 78.43 -133.79 93.10
N TYR JB 57 78.08 -133.60 94.37
CA TYR JB 57 77.10 -132.59 94.76
C TYR JB 57 77.44 -131.21 94.19
N ARG JB 58 78.63 -130.71 94.49
CA ARG JB 58 79.01 -129.39 93.99
C ARG JB 58 79.08 -129.31 92.47
N ASN JB 59 79.63 -130.33 91.80
CA ASN JB 59 79.70 -130.26 90.34
C ASN JB 59 78.32 -130.21 89.70
N ALA JB 60 77.38 -130.99 90.20
CA ALA JB 60 76.04 -130.98 89.62
C ALA JB 60 75.35 -129.65 89.87
N GLN JB 61 75.44 -129.14 91.10
CA GLN JB 61 74.84 -127.85 91.40
C GLN JB 61 75.32 -126.76 90.44
N SER JB 62 76.63 -126.53 90.41
CA SER JB 62 77.12 -125.41 89.60
C SER JB 62 76.88 -125.59 88.10
N ASN JB 63 76.89 -126.82 87.58
CA ASN JB 63 76.56 -126.93 86.16
C ASN JB 63 75.08 -126.66 85.88
N THR JB 64 74.19 -127.09 86.77
CA THR JB 64 72.78 -126.76 86.58
C THR JB 64 72.54 -125.24 86.55
N VAL JB 65 73.15 -124.53 87.49
CA VAL JB 65 72.99 -123.07 87.49
C VAL JB 65 73.53 -122.44 86.22
N LYS JB 66 74.70 -122.88 85.77
CA LYS JB 66 75.23 -122.31 84.54
C LYS JB 66 74.28 -122.52 83.36
N VAL JB 67 73.71 -123.71 83.26
CA VAL JB 67 72.76 -124.02 82.20
C VAL JB 67 71.56 -123.08 82.21
N PHE JB 68 70.90 -122.96 83.36
CA PHE JB 68 69.77 -122.03 83.42
C PHE JB 68 70.16 -120.60 83.07
N LYS JB 69 71.31 -120.12 83.57
CA LYS JB 69 71.70 -118.76 83.21
C LYS JB 69 71.77 -118.60 81.70
N ASP JB 70 72.38 -119.56 81.02
CA ASP JB 70 72.51 -119.40 79.57
C ASP JB 70 71.21 -119.63 78.82
N ILE JB 71 70.25 -120.33 79.42
CA ILE JB 71 68.90 -120.35 78.86
C ILE JB 71 68.26 -118.97 78.91
N ASP JB 72 68.30 -118.32 80.08
CA ASP JB 72 67.70 -117.00 80.21
C ASP JB 72 68.32 -115.97 79.28
N ALA JB 73 69.65 -115.88 79.26
CA ALA JB 73 70.32 -114.90 78.42
C ALA JB 73 69.88 -114.95 76.96
N ALA JB 74 69.79 -116.13 76.39
CA ALA JB 74 69.37 -116.26 75.00
C ALA JB 74 67.99 -115.65 74.75
N ILE JB 75 67.08 -115.75 75.71
CA ILE JB 75 65.77 -115.13 75.55
C ILE JB 75 65.85 -113.63 75.73
N ILE JB 76 66.48 -113.17 76.80
CA ILE JB 76 66.58 -111.74 77.03
C ILE JB 76 67.16 -111.02 75.83
N GLN JB 77 68.17 -111.60 75.20
CA GLN JB 77 68.70 -110.98 73.99
C GLN JB 77 67.65 -110.87 72.90
N ASN JB 78 66.71 -111.81 72.86
CA ASN JB 78 65.67 -111.83 71.84
C ASN JB 78 64.72 -110.63 71.90
N PHE JB 79 64.64 -109.90 73.02
CA PHE JB 79 63.68 -108.79 73.07
C PHE JB 79 64.01 -107.69 72.09
N ARG JB 80 65.28 -107.44 71.84
CA ARG JB 80 65.64 -106.32 70.98
C ARG JB 80 65.63 -106.75 69.54
N PRO KB 4 53.74 -141.73 78.47
CA PRO KB 4 53.58 -140.28 78.52
C PRO KB 4 54.26 -139.58 77.36
N TRP KB 5 54.26 -138.25 77.39
CA TRP KB 5 54.93 -137.49 76.34
C TRP KB 5 56.43 -137.71 76.39
N SER KB 6 57.02 -137.87 75.22
CA SER KB 6 58.45 -138.12 75.07
C SER KB 6 58.97 -137.25 73.93
N GLY KB 7 60.24 -136.87 74.03
CA GLY KB 7 60.91 -136.15 72.98
C GLY KB 7 61.71 -137.04 72.04
N TYR KB 8 62.63 -136.41 71.33
CA TYR KB 8 63.56 -137.12 70.45
C TYR KB 8 64.71 -137.74 71.25
N LEU KB 9 65.38 -136.93 72.07
CA LEU KB 9 66.59 -137.39 72.76
C LEU KB 9 66.27 -138.50 73.76
N ASP KB 10 65.16 -138.39 74.48
CA ASP KB 10 64.77 -139.47 75.37
C ASP KB 10 64.45 -140.74 74.60
N ASP KB 11 63.76 -140.61 73.46
CA ASP KB 11 63.52 -141.77 72.62
C ASP KB 11 64.78 -142.35 72.01
N VAL KB 12 65.86 -141.58 71.96
CA VAL KB 12 67.16 -142.16 71.62
C VAL KB 12 67.77 -142.90 72.81
N SER KB 13 67.71 -142.30 74.00
CA SER KB 13 68.09 -143.05 75.20
C SER KB 13 67.36 -144.38 75.31
N ALA KB 14 66.11 -144.41 74.83
CA ALA KB 14 65.32 -145.63 74.87
C ALA KB 14 65.98 -146.76 74.11
N LYS KB 15 66.67 -146.46 73.02
CA LYS KB 15 67.39 -147.50 72.28
C LYS KB 15 68.45 -148.17 73.14
N PHE KB 16 69.25 -147.38 73.86
CA PHE KB 16 70.20 -147.96 74.81
C PHE KB 16 69.49 -148.78 75.89
N ASP KB 17 68.47 -148.20 76.53
CA ASP KB 17 67.89 -148.88 77.68
C ASP KB 17 67.14 -150.15 77.30
N THR KB 18 66.62 -150.25 76.07
CA THR KB 18 66.12 -151.53 75.58
C THR KB 18 67.23 -152.40 75.00
N GLY KB 19 68.37 -151.81 74.65
CA GLY KB 19 69.49 -152.61 74.17
C GLY KB 19 70.10 -153.45 75.27
N VAL KB 20 70.49 -152.81 76.37
CA VAL KB 20 70.89 -153.58 77.55
C VAL KB 20 69.64 -154.24 78.13
N ASP KB 21 69.51 -155.54 77.88
CA ASP KB 21 68.36 -156.33 78.31
C ASP KB 21 68.09 -156.25 79.82
N ASN KB 22 69.09 -156.60 80.62
CA ASN KB 22 68.92 -156.72 82.06
C ASN KB 22 70.14 -156.28 82.85
N LEU KB 23 71.09 -155.61 82.21
CA LEU KB 23 72.39 -155.37 82.83
C LEU KB 23 72.27 -154.75 84.21
N GLN KB 24 71.38 -153.79 84.38
CA GLN KB 24 71.29 -153.11 85.67
C GLN KB 24 70.95 -154.09 86.79
N THR KB 25 70.10 -155.07 86.52
CA THR KB 25 69.81 -156.08 87.52
C THR KB 25 70.96 -157.06 87.68
N GLN KB 26 71.49 -157.55 86.58
CA GLN KB 26 72.63 -158.46 86.68
C GLN KB 26 73.75 -157.85 87.52
N VAL KB 27 74.05 -156.58 87.32
CA VAL KB 27 75.05 -155.87 88.11
C VAL KB 27 74.65 -155.79 89.58
N THR KB 28 73.41 -155.40 89.85
CA THR KB 28 72.99 -155.32 91.25
C THR KB 28 73.14 -156.65 91.97
N GLU KB 29 72.69 -157.73 91.33
CA GLU KB 29 72.78 -159.06 91.95
C GLU KB 29 74.21 -159.57 92.08
N ALA KB 30 75.01 -159.42 91.03
CA ALA KB 30 76.42 -159.79 91.14
C ALA KB 30 77.09 -159.05 92.28
N LEU KB 31 76.87 -157.74 92.40
CA LEU KB 31 77.40 -156.99 93.54
C LEU KB 31 76.91 -157.55 94.87
N ASP KB 32 75.66 -157.95 94.95
CA ASP KB 32 75.16 -158.47 96.23
C ASP KB 32 75.84 -159.77 96.61
N LYS KB 33 75.82 -160.76 95.71
CA LYS KB 33 76.42 -162.05 96.05
C LYS KB 33 77.94 -161.95 96.19
N LEU KB 34 78.56 -160.97 95.54
CA LEU KB 34 79.99 -160.72 95.73
C LEU KB 34 80.26 -160.16 97.12
N ALA KB 35 79.65 -159.02 97.45
CA ALA KB 35 79.91 -158.40 98.75
C ALA KB 35 79.53 -159.33 99.89
N ALA KB 36 78.61 -160.26 99.66
CA ALA KB 36 78.32 -161.21 100.72
C ALA KB 36 79.47 -162.20 100.93
N LYS KB 37 80.30 -162.43 99.91
CA LYS KB 37 81.38 -163.41 99.98
C LYS KB 37 82.55 -162.90 99.14
N PRO KB 38 83.13 -161.75 99.48
CA PRO KB 38 84.15 -161.10 98.65
C PRO KB 38 85.40 -161.86 98.26
N SER KB 39 85.62 -163.08 98.73
CA SER KB 39 86.89 -163.76 98.51
C SER KB 39 86.85 -164.85 97.44
N ASP KB 40 85.85 -164.84 96.55
CA ASP KB 40 85.77 -165.86 95.51
C ASP KB 40 86.29 -165.35 94.17
N PRO KB 41 87.41 -165.89 93.66
CA PRO KB 41 87.92 -165.41 92.36
C PRO KB 41 87.01 -165.76 91.20
N ALA KB 42 86.12 -166.73 91.36
CA ALA KB 42 85.19 -167.05 90.28
C ALA KB 42 84.14 -165.96 90.16
N LEU KB 43 83.72 -165.41 91.30
CA LEU KB 43 82.77 -164.31 91.31
C LEU KB 43 83.41 -163.02 90.82
N LEU KB 44 84.57 -162.68 91.39
CA LEU KB 44 85.26 -161.44 91.03
C LEU KB 44 85.42 -161.24 89.54
N ALA KB 45 85.82 -162.26 88.79
CA ALA KB 45 85.97 -162.10 87.34
C ALA KB 45 84.68 -161.72 86.65
N ALA KB 46 83.57 -162.38 87.01
CA ALA KB 46 82.28 -162.05 86.42
C ALA KB 46 81.84 -160.64 86.80
N TYR KB 47 82.00 -160.28 88.08
CA TYR KB 47 81.67 -158.93 88.50
C TYR KB 47 82.45 -157.89 87.73
N GLN KB 48 83.78 -158.03 87.69
CA GLN KB 48 84.62 -157.15 86.88
C GLN KB 48 84.09 -157.01 85.45
N SER KB 49 83.75 -158.13 84.82
CA SER KB 49 83.22 -158.10 83.45
C SER KB 49 81.95 -157.26 83.34
N LYS KB 50 80.95 -157.61 84.13
CA LYS KB 50 79.68 -156.88 84.08
C LYS KB 50 79.86 -155.40 84.39
N LEU KB 51 80.63 -155.07 85.41
CA LEU KB 51 80.87 -153.66 85.73
C LEU KB 51 81.54 -152.91 84.60
N SER KB 52 82.48 -153.55 83.90
CA SER KB 52 83.08 -152.90 82.74
C SER KB 52 82.06 -152.66 81.64
N GLU KB 53 81.24 -153.67 81.33
CA GLU KB 53 80.18 -153.48 80.34
C GLU KB 53 79.25 -152.34 80.72
N TYR KB 54 78.94 -152.21 82.00
CA TYR KB 54 78.10 -151.12 82.49
C TYR KB 54 78.76 -149.77 82.27
N ASN KB 55 80.03 -149.65 82.66
CA ASN KB 55 80.75 -148.40 82.47
C ASN KB 55 80.78 -147.96 81.02
N LEU KB 56 80.92 -148.91 80.10
CA LEU KB 56 80.86 -148.58 78.69
C LEU KB 56 79.47 -148.14 78.25
N TYR KB 57 78.43 -148.87 78.63
CA TYR KB 57 77.08 -148.48 78.26
C TYR KB 57 76.75 -147.06 78.71
N ARG KB 58 77.14 -146.69 79.93
CA ARG KB 58 76.91 -145.32 80.38
C ARG KB 58 77.72 -144.29 79.61
N ASN KB 59 79.01 -144.57 79.37
CA ASN KB 59 79.83 -143.58 78.69
C ASN KB 59 79.38 -143.35 77.26
N ALA KB 60 78.93 -144.41 76.58
CA ALA KB 60 78.39 -144.23 75.24
C ALA KB 60 77.13 -143.36 75.28
N GLN KB 61 76.18 -143.73 76.13
CA GLN KB 61 74.89 -143.06 76.14
C GLN KB 61 75.05 -141.55 76.38
N SER KB 62 75.69 -141.19 77.48
CA SER KB 62 75.75 -139.77 77.83
C SER KB 62 76.46 -138.91 76.79
N ASN KB 63 77.40 -139.46 76.03
CA ASN KB 63 77.97 -138.69 74.91
C ASN KB 63 77.02 -138.58 73.73
N THR KB 64 76.35 -139.68 73.39
CA THR KB 64 75.50 -139.67 72.21
C THR KB 64 74.37 -138.65 72.34
N VAL KB 65 73.80 -138.52 73.55
CA VAL KB 65 72.83 -137.45 73.77
C VAL KB 65 73.38 -136.08 73.40
N LYS KB 66 74.58 -135.76 73.89
CA LYS KB 66 75.13 -134.43 73.68
C LYS KB 66 75.36 -134.14 72.21
N VAL KB 67 75.84 -135.13 71.46
CA VAL KB 67 76.16 -134.83 70.07
C VAL KB 67 74.92 -134.43 69.30
N PHE KB 68 73.79 -135.11 69.51
CA PHE KB 68 72.54 -134.65 68.89
C PHE KB 68 72.12 -133.28 69.38
N LYS KB 69 72.37 -132.97 70.65
CA LYS KB 69 72.03 -131.63 71.12
C LYS KB 69 72.78 -130.55 70.34
N ASP KB 70 74.07 -130.75 70.14
CA ASP KB 70 74.84 -129.78 69.37
C ASP KB 70 74.65 -129.87 67.86
N ILE KB 71 74.06 -130.95 67.34
CA ILE KB 71 73.53 -130.89 65.99
C ILE KB 71 72.33 -129.95 65.92
N ASP KB 72 71.41 -130.07 66.87
CA ASP KB 72 70.17 -129.29 66.77
C ASP KB 72 70.39 -127.81 67.02
N ALA KB 73 71.10 -127.46 68.08
CA ALA KB 73 71.32 -126.05 68.39
C ALA KB 73 71.87 -125.26 67.22
N ALA KB 74 72.82 -125.83 66.46
CA ALA KB 74 73.36 -125.13 65.30
C ALA KB 74 72.31 -124.83 64.25
N ILE KB 75 71.33 -125.70 64.07
CA ILE KB 75 70.24 -125.46 63.13
C ILE KB 75 69.30 -124.42 63.67
N ILE KB 76 68.98 -124.48 64.96
CA ILE KB 76 68.05 -123.53 65.56
C ILE KB 76 68.60 -122.12 65.51
N GLN KB 77 69.86 -121.92 65.86
CA GLN KB 77 70.38 -120.56 65.81
C GLN KB 77 70.23 -119.97 64.42
N ASN KB 78 70.28 -120.82 63.40
CA ASN KB 78 70.15 -120.39 62.02
C ASN KB 78 68.83 -119.68 61.71
N PHE KB 79 67.79 -119.85 62.52
CA PHE KB 79 66.52 -119.18 62.24
C PHE KB 79 66.60 -117.67 62.39
N ARG KB 80 67.38 -117.15 63.32
CA ARG KB 80 67.49 -115.71 63.45
C ARG KB 80 67.94 -115.10 62.13
N PRO LB 4 75.63 -148.78 47.93
CA PRO LB 4 76.02 -148.16 49.20
C PRO LB 4 76.57 -146.76 49.01
N TRP LB 5 76.68 -145.99 50.09
CA TRP LB 5 77.17 -144.62 50.04
C TRP LB 5 78.24 -144.44 51.10
N SER LB 6 79.32 -143.75 50.74
CA SER LB 6 80.40 -143.50 51.67
C SER LB 6 80.92 -142.07 51.51
N GLY LB 7 81.19 -141.43 52.64
CA GLY LB 7 81.81 -140.14 52.68
C GLY LB 7 83.33 -140.18 52.66
N TYR LB 8 83.92 -138.99 52.82
CA TYR LB 8 85.36 -138.86 52.88
C TYR LB 8 85.93 -139.53 54.12
N LEU LB 9 85.29 -139.30 55.28
CA LEU LB 9 85.71 -139.96 56.51
C LEU LB 9 85.55 -141.47 56.40
N ASP LB 10 84.43 -141.92 55.84
CA ASP LB 10 84.26 -143.34 55.54
C ASP LB 10 85.42 -143.90 54.74
N ASP LB 11 85.81 -143.20 53.68
CA ASP LB 11 86.92 -143.66 52.86
C ASP LB 11 88.25 -143.64 53.59
N VAL LB 12 88.43 -142.70 54.52
CA VAL LB 12 89.63 -142.73 55.34
C VAL LB 12 89.66 -143.98 56.21
N SER LB 13 88.57 -144.26 56.90
CA SER LB 13 88.47 -145.50 57.67
C SER LB 13 88.75 -146.73 56.79
N ALA LB 14 88.10 -146.78 55.62
CA ALA LB 14 88.33 -147.88 54.69
C ALA LB 14 89.80 -148.04 54.34
N LYS LB 15 90.55 -146.94 54.24
CA LYS LB 15 91.98 -147.07 53.98
C LYS LB 15 92.67 -147.95 55.02
N PHE LB 16 92.44 -147.67 56.30
CA PHE LB 16 93.02 -148.50 57.35
C PHE LB 16 92.53 -149.94 57.29
N ASP LB 17 91.24 -150.12 57.04
CA ASP LB 17 90.72 -151.50 56.97
C ASP LB 17 91.37 -152.28 55.83
N THR LB 18 91.61 -151.63 54.69
CA THR LB 18 92.34 -152.27 53.59
C THR LB 18 93.84 -152.32 53.83
N GLY LB 19 94.35 -151.63 54.84
CA GLY LB 19 95.74 -151.68 55.19
C GLY LB 19 96.05 -152.88 56.08
N VAL LB 20 95.28 -153.05 57.14
CA VAL LB 20 95.41 -154.23 58.00
C VAL LB 20 94.46 -155.30 57.45
N ASP LB 21 94.94 -155.99 56.42
CA ASP LB 21 94.13 -156.96 55.68
C ASP LB 21 93.34 -157.92 56.58
N ASN LB 22 94.03 -158.58 57.52
CA ASN LB 22 93.39 -159.65 58.30
C ASN LB 22 93.65 -159.59 59.80
N LEU LB 23 94.29 -158.54 60.30
CA LEU LB 23 94.65 -158.51 61.72
C LEU LB 23 93.47 -158.86 62.61
N GLN LB 24 92.26 -158.41 62.26
CA GLN LB 24 91.08 -158.77 63.05
C GLN LB 24 90.93 -160.28 63.17
N THR LB 25 91.11 -161.02 62.08
CA THR LB 25 90.98 -162.47 62.16
C THR LB 25 92.18 -163.12 62.82
N GLN LB 26 93.39 -162.66 62.50
CA GLN LB 26 94.56 -163.23 63.12
C GLN LB 26 94.51 -163.06 64.63
N VAL LB 27 93.86 -162.01 65.10
CA VAL LB 27 93.68 -161.79 66.54
C VAL LB 27 92.61 -162.72 67.09
N THR LB 28 91.43 -162.70 66.47
CA THR LB 28 90.35 -163.55 66.95
C THR LB 28 90.79 -165.00 67.06
N GLU LB 29 91.40 -165.53 65.99
CA GLU LB 29 91.79 -166.93 66.03
C GLU LB 29 93.06 -167.18 66.84
N ALA LB 30 93.93 -166.19 67.05
CA ALA LB 30 95.05 -166.43 67.93
C ALA LB 30 94.56 -166.54 69.36
N LEU LB 31 93.70 -165.61 69.76
CA LEU LB 31 93.02 -165.71 71.04
C LEU LB 31 92.33 -167.04 71.21
N ASP LB 32 91.64 -167.49 70.15
CA ASP LB 32 90.89 -168.75 70.24
C ASP LB 32 91.81 -169.95 70.44
N LYS LB 33 92.93 -170.02 69.74
CA LYS LB 33 93.80 -171.17 69.98
C LYS LB 33 94.54 -171.03 71.31
N LEU LB 34 94.88 -169.81 71.71
CA LEU LB 34 95.54 -169.60 73.01
C LEU LB 34 94.64 -170.03 74.17
N ALA LB 35 93.36 -169.72 74.09
CA ALA LB 35 92.43 -170.07 75.16
C ALA LB 35 92.38 -171.56 75.44
N ALA LB 36 92.81 -172.41 74.51
CA ALA LB 36 92.79 -173.84 74.78
C ALA LB 36 93.98 -174.31 75.60
N LYS LB 37 95.06 -173.53 75.68
CA LYS LB 37 96.24 -173.89 76.47
C LYS LB 37 96.97 -172.63 76.90
N PRO LB 38 96.40 -171.87 77.83
CA PRO LB 38 96.99 -170.59 78.24
C PRO LB 38 98.42 -170.67 78.73
N SER LB 39 98.91 -171.85 79.08
CA SER LB 39 100.22 -172.03 79.70
C SER LB 39 101.36 -172.22 78.71
N ASP LB 40 101.18 -171.86 77.43
CA ASP LB 40 102.24 -172.05 76.45
C ASP LB 40 102.85 -170.70 76.07
N PRO LB 41 104.15 -170.52 76.32
CA PRO LB 41 104.78 -169.23 75.96
C PRO LB 41 104.77 -168.89 74.49
N ALA LB 42 104.78 -169.86 73.57
CA ALA LB 42 104.81 -169.46 72.17
C ALA LB 42 103.51 -168.77 71.80
N LEU LB 43 102.41 -169.27 72.32
CA LEU LB 43 101.12 -168.66 72.04
C LEU LB 43 100.98 -167.36 72.82
N LEU LB 44 101.51 -167.32 74.04
CA LEU LB 44 101.48 -166.06 74.78
C LEU LB 44 102.19 -164.94 74.02
N ALA LB 45 103.43 -165.18 73.60
CA ALA LB 45 104.19 -164.21 72.82
C ALA LB 45 103.46 -163.78 71.56
N ALA LB 46 102.93 -164.74 70.80
CA ALA LB 46 102.21 -164.40 69.58
C ALA LB 46 101.00 -163.51 69.88
N TYR LB 47 100.13 -163.97 70.78
CA TYR LB 47 98.95 -163.19 71.13
C TYR LB 47 99.30 -161.78 71.60
N GLN LB 48 100.29 -161.65 72.48
CA GLN LB 48 100.74 -160.32 72.90
C GLN LB 48 101.11 -159.43 71.72
N SER LB 49 101.86 -159.97 70.76
CA SER LB 49 102.22 -159.18 69.57
C SER LB 49 100.98 -158.72 68.81
N LYS LB 50 100.15 -159.68 68.40
CA LYS LB 50 98.95 -159.35 67.65
C LYS LB 50 98.09 -158.31 68.38
N LEU LB 51 97.83 -158.53 69.66
CA LEU LB 51 97.05 -157.58 70.43
C LEU LB 51 97.65 -156.18 70.41
N SER LB 52 98.96 -156.05 70.65
CA SER LB 52 99.55 -154.72 70.59
C SER LB 52 99.33 -154.05 69.24
N GLU LB 53 99.57 -154.78 68.15
CA GLU LB 53 99.33 -154.21 66.82
C GLU LB 53 97.89 -153.76 66.63
N TYR LB 54 96.93 -154.62 66.99
CA TYR LB 54 95.52 -154.29 66.87
C TYR LB 54 95.17 -153.02 67.67
N ASN LB 55 95.64 -152.96 68.92
CA ASN LB 55 95.42 -151.77 69.74
C ASN LB 55 95.89 -150.50 69.04
N LEU LB 56 97.14 -150.47 68.61
CA LEU LB 56 97.64 -149.27 67.94
C LEU LB 56 96.85 -148.95 66.68
N TYR LB 57 96.46 -149.98 65.94
CA TYR LB 57 95.63 -149.81 64.75
C TYR LB 57 94.35 -149.04 65.05
N ARG LB 58 93.57 -149.52 66.01
CA ARG LB 58 92.32 -148.84 66.36
C ARG LB 58 92.56 -147.43 66.91
N ASN LB 59 93.62 -147.22 67.69
CA ASN LB 59 93.87 -145.87 68.19
C ASN LB 59 94.17 -144.88 67.07
N ALA LB 60 95.13 -145.20 66.20
CA ALA LB 60 95.46 -144.29 65.11
C ALA LB 60 94.27 -144.04 64.19
N GLN LB 61 93.45 -145.07 63.97
CA GLN LB 61 92.27 -144.90 63.14
C GLN LB 61 91.30 -143.92 63.76
N SER LB 62 90.90 -144.15 65.00
CA SER LB 62 89.91 -143.30 65.60
C SER LB 62 90.41 -141.88 65.86
N ASN LB 63 91.70 -141.68 66.11
CA ASN LB 63 92.18 -140.31 66.22
C ASN LB 63 92.17 -139.56 64.89
N THR LB 64 92.49 -140.21 63.77
CA THR LB 64 92.53 -139.47 62.51
C THR LB 64 91.18 -138.81 62.18
N VAL LB 65 90.10 -139.55 62.39
CA VAL LB 65 88.76 -139.09 62.03
C VAL LB 65 88.42 -137.77 62.71
N LYS LB 66 88.67 -137.68 64.01
CA LYS LB 66 88.34 -136.43 64.71
C LYS LB 66 89.09 -135.24 64.14
N VAL LB 67 90.37 -135.40 63.82
CA VAL LB 67 91.12 -134.26 63.28
C VAL LB 67 90.53 -133.79 61.97
N PHE LB 68 90.21 -134.72 61.07
CA PHE LB 68 89.60 -134.27 59.81
C PHE LB 68 88.24 -133.63 60.00
N LYS LB 69 87.38 -134.22 60.82
CA LYS LB 69 86.09 -133.61 61.11
C LYS LB 69 86.25 -132.20 61.70
N ASP LB 70 87.22 -132.02 62.60
CA ASP LB 70 87.44 -130.72 63.21
C ASP LB 70 88.07 -129.71 62.27
N ILE LB 71 88.69 -130.15 61.17
CA ILE LB 71 89.02 -129.22 60.10
C ILE LB 71 87.78 -128.80 59.33
N ASP LB 72 86.99 -129.77 58.88
CA ASP LB 72 85.84 -129.42 58.05
C ASP LB 72 84.86 -128.52 58.78
N ALA LB 73 84.59 -128.79 60.06
CA ALA LB 73 83.70 -127.91 60.82
C ALA LB 73 84.22 -126.49 60.89
N ALA LB 74 85.52 -126.30 60.83
CA ALA LB 74 86.07 -124.95 60.83
C ALA LB 74 85.92 -124.29 59.48
N ILE LB 75 86.08 -125.04 58.40
CA ILE LB 75 85.88 -124.42 57.09
C ILE LB 75 84.43 -124.04 56.92
N ILE LB 76 83.51 -124.91 57.35
CA ILE LB 76 82.09 -124.65 57.18
C ILE LB 76 81.63 -123.47 58.01
N GLN LB 77 82.21 -123.27 59.20
CA GLN LB 77 81.77 -122.16 60.03
C GLN LB 77 81.91 -120.81 59.35
N ASN LB 78 82.87 -120.64 58.44
CA ASN LB 78 83.01 -119.36 57.75
C ASN LB 78 82.00 -119.13 56.63
N PHE LB 79 81.09 -120.06 56.35
CA PHE LB 79 80.04 -119.77 55.38
C PHE LB 79 79.14 -118.64 55.84
N ARG LB 80 78.98 -118.46 57.14
CA ARG LB 80 78.11 -117.41 57.64
C ARG LB 80 78.79 -116.05 57.51
N PRO MB 4 110.43 -132.49 48.59
CA PRO MB 4 110.55 -131.20 47.89
C PRO MB 4 110.10 -130.03 48.75
N TRP MB 5 108.79 -129.81 48.89
CA TRP MB 5 108.29 -128.71 49.68
C TRP MB 5 108.27 -129.10 51.16
N SER MB 6 108.58 -128.14 52.02
CA SER MB 6 108.52 -128.37 53.46
C SER MB 6 108.06 -127.08 54.14
N GLY MB 7 107.41 -127.25 55.28
CA GLY MB 7 107.02 -126.14 56.12
C GLY MB 7 108.01 -125.80 57.22
N TYR MB 8 107.48 -125.12 58.24
CA TYR MB 8 108.25 -124.79 59.44
C TYR MB 8 108.39 -125.97 60.40
N LEU MB 9 107.26 -126.59 60.75
CA LEU MB 9 107.26 -127.68 61.72
C LEU MB 9 108.11 -128.86 61.27
N ASP MB 10 107.97 -129.28 60.01
CA ASP MB 10 108.80 -130.36 59.50
C ASP MB 10 110.28 -129.97 59.43
N ASP MB 11 110.56 -128.71 59.12
CA ASP MB 11 111.94 -128.25 59.18
C ASP MB 11 112.48 -128.29 60.60
N VAL MB 12 111.62 -128.11 61.59
CA VAL MB 12 112.05 -128.24 62.98
C VAL MB 12 112.35 -129.71 63.30
N SER MB 13 111.42 -130.60 62.97
CA SER MB 13 111.69 -132.03 63.14
C SER MB 13 113.03 -132.43 62.53
N ALA MB 14 113.30 -131.94 61.31
CA ALA MB 14 114.57 -132.25 60.69
C ALA MB 14 115.75 -131.88 61.58
N LYS MB 15 115.63 -130.86 62.43
CA LYS MB 15 116.70 -130.57 63.38
C LYS MB 15 117.07 -131.80 64.18
N PHE MB 16 116.10 -132.42 64.85
CA PHE MB 16 116.36 -133.66 65.57
C PHE MB 16 116.93 -134.75 64.67
N ASP MB 17 116.31 -134.94 63.51
CA ASP MB 17 116.81 -135.98 62.59
C ASP MB 17 118.29 -135.82 62.30
N THR MB 18 118.73 -134.62 61.92
CA THR MB 18 120.16 -134.39 61.72
C THR MB 18 120.94 -134.31 63.02
N GLY MB 19 120.28 -134.12 64.15
CA GLY MB 19 120.99 -134.09 65.41
C GLY MB 19 121.46 -135.47 65.84
N VAL MB 20 120.56 -136.43 65.88
CA VAL MB 20 120.99 -137.81 66.09
C VAL MB 20 121.52 -138.33 64.76
N ASP MB 21 122.82 -138.14 64.56
CA ASP MB 21 123.47 -138.44 63.29
C ASP MB 21 123.19 -139.86 62.80
N ASN MB 22 123.38 -140.86 63.65
CA ASN MB 22 123.31 -142.25 63.22
C ASN MB 22 122.53 -143.16 64.16
N LEU MB 23 121.95 -142.63 65.22
CA LEU MB 23 121.26 -143.45 66.21
C LEU MB 23 120.32 -144.45 65.58
N GLN MB 24 119.58 -144.05 64.55
CA GLN MB 24 118.67 -144.99 63.90
C GLN MB 24 119.39 -146.26 63.43
N THR MB 25 120.54 -146.09 62.78
CA THR MB 25 121.31 -147.25 62.33
C THR MB 25 121.90 -148.02 63.49
N GLN MB 26 122.54 -147.31 64.42
CA GLN MB 26 123.08 -147.97 65.61
C GLN MB 26 122.04 -148.83 66.31
N VAL MB 27 120.84 -148.28 66.51
CA VAL MB 27 119.76 -149.02 67.16
C VAL MB 27 119.32 -150.21 66.33
N THR MB 28 119.25 -150.04 65.02
CA THR MB 28 118.89 -151.16 64.15
C THR MB 28 119.89 -152.31 64.28
N GLU MB 29 121.18 -152.00 64.28
CA GLU MB 29 122.18 -153.08 64.28
C GLU MB 29 122.43 -153.68 65.66
N ALA MB 30 122.51 -152.85 66.70
CA ALA MB 30 122.75 -153.39 68.03
C ALA MB 30 121.74 -154.47 68.37
N LEU MB 31 120.47 -154.19 68.07
CA LEU MB 31 119.42 -155.19 68.25
C LEU MB 31 119.70 -156.47 67.47
N ASP MB 32 120.22 -156.35 66.24
CA ASP MB 32 120.51 -157.54 65.47
C ASP MB 32 121.60 -158.40 66.12
N LYS MB 33 122.66 -157.75 66.59
CA LYS MB 33 123.69 -158.47 67.33
C LYS MB 33 123.11 -159.15 68.57
N LEU MB 34 122.47 -158.37 69.44
CA LEU MB 34 121.88 -158.93 70.66
C LEU MB 34 120.97 -160.10 70.33
N ALA MB 35 120.04 -159.91 69.39
CA ALA MB 35 119.13 -160.97 68.99
C ALA MB 35 119.89 -162.21 68.56
N ALA MB 36 121.08 -162.04 67.98
CA ALA MB 36 121.84 -163.21 67.56
C ALA MB 36 122.38 -164.02 68.75
N LYS MB 37 122.53 -163.40 69.93
CA LYS MB 37 123.08 -164.08 71.10
C LYS MB 37 122.57 -163.40 72.36
N PRO MB 38 121.29 -163.62 72.68
CA PRO MB 38 120.60 -162.78 73.68
C PRO MB 38 121.24 -162.66 75.06
N SER MB 39 122.16 -163.53 75.44
CA SER MB 39 122.64 -163.57 76.82
C SER MB 39 124.05 -163.00 77.03
N ASP MB 40 124.64 -162.36 76.04
CA ASP MB 40 125.92 -161.68 76.27
C ASP MB 40 125.73 -160.35 77.00
N PRO MB 41 126.37 -160.17 78.17
CA PRO MB 41 126.08 -158.96 78.96
C PRO MB 41 126.58 -157.69 78.30
N ALA MB 42 127.60 -157.78 77.44
CA ALA MB 42 128.06 -156.61 76.72
C ALA MB 42 126.97 -156.12 75.77
N LEU MB 43 126.43 -157.06 74.99
CA LEU MB 43 125.34 -156.73 74.07
C LEU MB 43 124.18 -156.12 74.83
N LEU MB 44 123.73 -156.78 75.89
CA LEU MB 44 122.61 -156.26 76.67
C LEU MB 44 122.90 -154.86 77.22
N ALA MB 45 124.07 -154.67 77.82
CA ALA MB 45 124.37 -153.36 78.41
C ALA MB 45 124.45 -152.26 77.35
N ALA MB 46 124.82 -152.61 76.13
CA ALA MB 46 124.80 -151.61 75.05
C ALA MB 46 123.38 -151.32 74.58
N TYR MB 47 122.60 -152.37 74.36
CA TYR MB 47 121.27 -152.21 73.79
C TYR MB 47 120.32 -151.48 74.74
N GLN MB 48 120.44 -151.70 76.05
CA GLN MB 48 119.67 -150.90 76.99
C GLN MB 48 119.85 -149.41 76.75
N SER MB 49 121.11 -148.98 76.58
CA SER MB 49 121.43 -147.59 76.33
C SER MB 49 120.82 -147.10 75.02
N LYS MB 50 121.11 -147.81 73.93
CA LYS MB 50 120.58 -147.40 72.64
C LYS MB 50 119.06 -147.25 72.66
N LEU MB 51 118.35 -148.26 73.16
CA LEU MB 51 116.89 -148.18 73.17
C LEU MB 51 116.38 -147.03 74.04
N SER MB 52 116.99 -146.79 75.21
CA SER MB 52 116.53 -145.67 76.02
C SER MB 52 116.76 -144.33 75.33
N GLU MB 53 117.91 -144.15 74.69
CA GLU MB 53 118.15 -142.96 73.90
C GLU MB 53 117.12 -142.78 72.79
N TYR MB 54 116.79 -143.86 72.10
CA TYR MB 54 115.79 -143.78 71.03
C TYR MB 54 114.42 -143.38 71.56
N ASN MB 55 114.02 -143.96 72.68
CA ASN MB 55 112.76 -143.55 73.30
C ASN MB 55 112.73 -142.06 73.62
N LEU MB 56 113.75 -141.55 74.32
CA LEU MB 56 113.72 -140.15 74.71
C LEU MB 56 113.80 -139.21 73.51
N TYR MB 57 114.58 -139.58 72.49
CA TYR MB 57 114.59 -138.86 71.23
C TYR MB 57 113.20 -138.69 70.66
N ARG MB 58 112.50 -139.81 70.44
CA ARG MB 58 111.18 -139.74 69.86
C ARG MB 58 110.21 -138.95 70.73
N ASN MB 59 110.22 -139.16 72.04
CA ASN MB 59 109.26 -138.45 72.88
C ASN MB 59 109.45 -136.94 72.79
N ALA MB 60 110.67 -136.46 73.05
CA ALA MB 60 110.89 -135.01 73.00
C ALA MB 60 110.58 -134.44 71.63
N GLN MB 61 110.90 -135.17 70.56
CA GLN MB 61 110.52 -134.73 69.23
C GLN MB 61 109.01 -134.53 69.10
N SER MB 62 108.24 -135.57 69.43
CA SER MB 62 106.80 -135.47 69.24
C SER MB 62 106.18 -134.39 70.11
N ASN MB 63 106.73 -134.12 71.30
CA ASN MB 63 106.15 -133.04 72.10
C ASN MB 63 106.46 -131.67 71.54
N THR MB 64 107.65 -131.47 70.98
CA THR MB 64 108.01 -130.14 70.48
C THR MB 64 107.05 -129.62 69.41
N VAL MB 65 106.55 -130.51 68.55
CA VAL MB 65 105.64 -130.09 67.47
C VAL MB 65 104.33 -129.50 67.99
N LYS MB 66 103.71 -130.16 68.96
CA LYS MB 66 102.37 -129.75 69.38
C LYS MB 66 102.32 -128.34 69.94
N VAL MB 67 103.38 -127.89 70.60
CA VAL MB 67 103.40 -126.53 71.14
C VAL MB 67 103.30 -125.51 70.01
N PHE MB 68 104.13 -125.65 68.99
CA PHE MB 68 104.05 -124.75 67.85
C PHE MB 68 102.69 -124.82 67.19
N LYS MB 69 102.15 -126.03 67.03
CA LYS MB 69 100.83 -126.15 66.44
C LYS MB 69 99.79 -125.33 67.18
N ASP MB 70 99.87 -125.31 68.52
CA ASP MB 70 98.91 -124.51 69.28
C ASP MB 70 99.15 -123.01 69.12
N ILE MB 71 100.40 -122.57 69.21
CA ILE MB 71 100.67 -121.15 69.04
C ILE MB 71 100.10 -120.66 67.71
N ASP MB 72 100.41 -121.38 66.64
CA ASP MB 72 99.91 -120.99 65.32
C ASP MB 72 98.39 -121.02 65.27
N ALA MB 73 97.77 -122.09 65.76
CA ALA MB 73 96.30 -122.13 65.77
C ALA MB 73 95.71 -120.89 66.43
N ALA MB 74 96.24 -120.49 67.57
CA ALA MB 74 95.77 -119.29 68.26
C ALA MB 74 95.90 -118.06 67.37
N ILE MB 75 97.08 -117.83 66.80
CA ILE MB 75 97.25 -116.64 65.96
C ILE MB 75 96.30 -116.67 64.77
N ILE MB 76 96.03 -117.85 64.22
CA ILE MB 76 95.06 -117.94 63.13
C ILE MB 76 93.67 -117.56 63.62
N GLN MB 77 93.28 -118.06 64.79
CA GLN MB 77 91.96 -117.70 65.31
C GLN MB 77 91.83 -116.20 65.53
N ASN MB 78 92.91 -115.50 65.76
CA ASN MB 78 92.79 -114.05 65.89
C ASN MB 78 92.70 -113.30 64.57
N PHE MB 79 92.71 -113.97 63.41
CA PHE MB 79 92.48 -113.25 62.16
C PHE MB 79 91.03 -112.83 61.96
N ARG MB 80 90.09 -113.47 62.63
CA ARG MB 80 88.68 -113.20 62.35
C ARG MB 80 88.35 -111.76 62.69
N PRO NB 4 121.58 -110.58 79.73
CA PRO NB 4 120.60 -110.73 78.64
C PRO NB 4 119.17 -110.76 79.14
N TRP NB 5 118.22 -110.79 78.20
CA TRP NB 5 116.82 -110.84 78.56
C TRP NB 5 116.52 -112.05 79.43
N SER NB 6 115.81 -111.82 80.53
CA SER NB 6 115.39 -112.89 81.43
C SER NB 6 113.95 -112.62 81.82
N GLY NB 7 113.11 -113.65 81.76
CA GLY NB 7 111.73 -113.52 82.19
C GLY NB 7 111.51 -113.92 83.63
N TYR NB 8 110.22 -114.03 83.97
CA TYR NB 8 109.84 -114.44 85.31
C TYR NB 8 109.98 -115.94 85.52
N LEU NB 9 109.84 -116.73 84.46
CA LEU NB 9 110.20 -118.14 84.58
C LEU NB 9 111.70 -118.33 84.69
N ASP NB 10 112.49 -117.43 84.11
CA ASP NB 10 113.92 -117.40 84.39
C ASP NB 10 114.17 -117.08 85.85
N ASP NB 11 113.49 -116.06 86.35
CA ASP NB 11 113.59 -115.72 87.77
C ASP NB 11 113.27 -116.91 88.66
N VAL NB 12 112.28 -117.71 88.27
CA VAL NB 12 111.92 -118.89 89.05
C VAL NB 12 113.01 -119.96 88.98
N SER NB 13 113.30 -120.46 87.79
CA SER NB 13 114.32 -121.52 87.68
C SER NB 13 115.66 -121.09 88.29
N ALA NB 14 116.08 -119.85 88.06
CA ALA NB 14 117.33 -119.39 88.63
C ALA NB 14 117.36 -119.50 90.15
N LYS NB 15 116.21 -119.39 90.82
CA LYS NB 15 116.25 -119.59 92.27
C LYS NB 15 116.74 -120.99 92.63
N PHE NB 16 116.34 -122.00 91.88
CA PHE NB 16 116.86 -123.34 92.09
C PHE NB 16 118.33 -123.43 91.72
N ASP NB 17 118.65 -123.02 90.50
CA ASP NB 17 120.05 -123.07 90.05
C ASP NB 17 121.01 -122.39 91.02
N THR NB 18 120.60 -121.27 91.62
CA THR NB 18 121.42 -120.60 92.63
C THR NB 18 121.21 -121.10 94.05
N GLY NB 19 120.16 -121.87 94.32
CA GLY NB 19 119.94 -122.35 95.66
C GLY NB 19 120.84 -123.56 95.86
N VAL NB 20 120.75 -124.51 94.94
CA VAL NB 20 121.66 -125.64 94.97
C VAL NB 20 122.97 -125.21 94.32
N ASP NB 21 123.86 -124.63 95.13
CA ASP NB 21 125.05 -123.96 94.60
C ASP NB 21 125.93 -124.89 93.78
N ASN NB 22 126.20 -126.10 94.28
CA ASN NB 22 127.17 -126.97 93.63
C ASN NB 22 126.73 -128.41 93.47
N LEU NB 23 125.49 -128.74 93.85
CA LEU NB 23 125.02 -130.12 93.80
C LEU NB 23 125.38 -130.82 92.48
N GLN NB 24 125.32 -130.09 91.36
CA GLN NB 24 125.69 -130.71 90.08
C GLN NB 24 127.10 -131.28 90.11
N THR NB 25 128.07 -130.50 90.59
CA THR NB 25 129.44 -131.00 90.71
C THR NB 25 129.55 -132.07 91.80
N GLN NB 26 128.89 -131.87 92.93
CA GLN NB 26 128.91 -132.90 93.96
C GLN NB 26 128.50 -134.26 93.37
N VAL NB 27 127.44 -134.26 92.56
CA VAL NB 27 127.02 -135.48 91.87
C VAL NB 27 128.09 -135.96 90.91
N THR NB 28 128.59 -135.07 90.07
CA THR NB 28 129.62 -135.45 89.11
C THR NB 28 130.79 -136.17 89.77
N GLU NB 29 131.38 -135.55 90.80
CA GLU NB 29 132.54 -136.13 91.44
C GLU NB 29 132.20 -137.36 92.27
N ALA NB 30 131.04 -137.40 92.92
CA ALA NB 30 130.63 -138.63 93.60
C ALA NB 30 130.57 -139.79 92.60
N LEU NB 31 129.92 -139.55 91.47
CA LEU NB 31 129.86 -140.52 90.38
C LEU NB 31 131.25 -140.98 89.96
N ASP NB 32 132.15 -140.02 89.74
CA ASP NB 32 133.51 -140.37 89.32
C ASP NB 32 134.22 -141.23 90.36
N LYS NB 33 134.08 -140.89 91.64
CA LYS NB 33 134.72 -141.70 92.69
C LYS NB 33 134.17 -143.13 92.69
N LEU NB 34 132.84 -143.26 92.62
CA LEU NB 34 132.22 -144.58 92.55
C LEU NB 34 132.75 -145.36 91.34
N ALA NB 35 132.78 -144.72 90.17
CA ALA NB 35 133.32 -145.39 88.99
C ALA NB 35 134.77 -145.79 89.20
N ALA NB 36 135.53 -144.98 89.94
CA ALA NB 36 136.92 -145.33 90.22
C ALA NB 36 137.05 -146.51 91.17
N LYS NB 37 136.02 -146.79 91.96
CA LYS NB 37 136.04 -147.92 92.90
C LYS NB 37 134.63 -148.40 93.11
N PRO NB 38 134.08 -149.14 92.13
CA PRO NB 38 132.69 -149.63 92.23
C PRO NB 38 132.35 -150.49 93.44
N SER NB 39 133.31 -150.97 94.23
CA SER NB 39 133.02 -151.95 95.27
C SER NB 39 133.15 -151.42 96.69
N ASP NB 40 133.28 -150.11 96.88
CA ASP NB 40 133.41 -149.55 98.21
C ASP NB 40 132.06 -149.02 98.68
N PRO NB 41 131.51 -149.56 99.78
CA PRO NB 41 130.19 -149.11 100.23
C PRO NB 41 130.10 -147.63 100.57
N ALA NB 42 131.19 -147.01 101.02
CA ALA NB 42 131.13 -145.57 101.32
C ALA NB 42 130.73 -144.77 100.10
N LEU NB 43 131.25 -145.14 98.93
CA LEU NB 43 130.94 -144.41 97.70
C LEU NB 43 129.49 -144.63 97.30
N LEU NB 44 128.96 -145.82 97.53
CA LEU NB 44 127.55 -146.06 97.24
C LEU NB 44 126.66 -145.24 98.16
N ALA NB 45 126.92 -145.32 99.47
CA ALA NB 45 126.12 -144.55 100.41
C ALA NB 45 126.11 -143.07 100.07
N ALA NB 46 127.27 -142.50 99.74
CA ALA NB 46 127.32 -141.09 99.34
C ALA NB 46 126.55 -140.82 98.05
N TYR NB 47 126.91 -141.53 96.98
CA TYR NB 47 126.25 -141.32 95.70
C TYR NB 47 124.74 -141.44 95.77
N GLN NB 48 124.23 -142.45 96.48
CA GLN NB 48 122.78 -142.56 96.65
C GLN NB 48 122.14 -141.25 97.11
N SER NB 49 122.78 -140.59 98.08
CA SER NB 49 122.30 -139.30 98.55
C SER NB 49 122.33 -138.26 97.45
N LYS NB 50 123.51 -138.01 96.90
CA LYS NB 50 123.61 -137.01 95.85
C LYS NB 50 122.60 -137.23 94.72
N LEU NB 51 122.50 -138.46 94.22
CA LEU NB 51 121.58 -138.74 93.13
C LEU NB 51 120.12 -138.50 93.51
N SER NB 52 119.70 -138.93 94.70
CA SER NB 52 118.32 -138.67 95.12
C SER NB 52 118.05 -137.19 95.22
N GLU NB 53 118.98 -136.44 95.81
CA GLU NB 53 118.87 -134.99 95.87
C GLU NB 53 118.70 -134.37 94.49
N TYR NB 54 119.50 -134.80 93.52
CA TYR NB 54 119.38 -134.26 92.17
C TYR NB 54 118.04 -134.60 91.53
N ASN NB 55 117.56 -135.82 91.74
CA ASN NB 55 116.22 -136.19 91.26
C ASN NB 55 115.14 -135.26 91.82
N LEU NB 56 115.14 -135.08 93.14
CA LEU NB 56 114.18 -134.19 93.78
C LEU NB 56 114.27 -132.78 93.21
N TYR NB 57 115.48 -132.25 93.14
CA TYR NB 57 115.74 -130.93 92.58
C TYR NB 57 115.07 -130.73 91.23
N ARG NB 58 115.39 -131.58 90.26
CA ARG NB 58 114.82 -131.39 88.92
C ARG NB 58 113.30 -131.61 88.87
N ASN NB 59 112.78 -132.58 89.63
CA ASN NB 59 111.32 -132.73 89.67
C ASN NB 59 110.62 -131.49 90.20
N ALA NB 60 111.09 -130.94 91.32
CA ALA NB 60 110.48 -129.75 91.89
C ALA NB 60 110.52 -128.57 90.94
N GLN NB 61 111.70 -128.31 90.36
CA GLN NB 61 111.84 -127.22 89.40
C GLN NB 61 110.84 -127.34 88.26
N SER NB 62 110.90 -128.45 87.51
CA SER NB 62 110.06 -128.60 86.34
C SER NB 62 108.57 -128.59 86.67
N ASN NB 63 108.15 -129.19 87.78
CA ASN NB 63 106.73 -129.08 88.11
C ASN NB 63 106.31 -127.66 88.44
N THR NB 64 107.14 -126.91 89.15
CA THR NB 64 106.80 -125.52 89.46
C THR NB 64 106.54 -124.68 88.22
N VAL NB 65 107.46 -124.76 87.25
CA VAL NB 65 107.34 -123.91 86.07
C VAL NB 65 106.02 -124.12 85.32
N LYS NB 66 105.52 -125.36 85.26
CA LYS NB 66 104.20 -125.57 84.66
C LYS NB 66 103.10 -124.76 85.33
N VAL NB 67 103.12 -124.68 86.65
CA VAL NB 67 102.07 -123.96 87.35
C VAL NB 67 102.16 -122.47 87.07
N PHE NB 68 103.37 -121.94 87.06
CA PHE NB 68 103.46 -120.52 86.73
C PHE NB 68 103.10 -120.23 85.28
N LYS NB 69 103.33 -121.17 84.37
CA LYS NB 69 102.81 -121.00 83.00
C LYS NB 69 101.29 -120.89 83.00
N ASP NB 70 100.61 -121.76 83.73
CA ASP NB 70 99.16 -121.75 83.72
C ASP NB 70 98.59 -120.48 84.32
N ILE NB 71 99.15 -120.03 85.43
CA ILE NB 71 98.63 -118.83 86.08
C ILE NB 71 98.74 -117.60 85.19
N ASP NB 72 99.60 -117.62 84.17
CA ASP NB 72 99.59 -116.58 83.16
C ASP NB 72 98.59 -116.84 82.04
N ALA NB 73 98.65 -118.03 81.45
CA ALA NB 73 97.81 -118.32 80.29
C ALA NB 73 96.33 -118.11 80.61
N ALA NB 74 95.90 -118.48 81.80
CA ALA NB 74 94.51 -118.24 82.19
C ALA NB 74 94.16 -116.76 82.17
N ILE NB 75 95.07 -115.89 82.60
CA ILE NB 75 94.78 -114.45 82.57
C ILE NB 75 94.75 -113.95 81.13
N ILE NB 76 95.70 -114.38 80.31
CA ILE NB 76 95.78 -113.88 78.95
C ILE NB 76 94.54 -114.28 78.17
N GLN NB 77 94.02 -115.48 78.41
CA GLN NB 77 92.78 -115.89 77.77
C GLN NB 77 91.61 -114.95 78.02
N ASN NB 78 91.67 -114.11 79.05
CA ASN NB 78 90.59 -113.17 79.31
C ASN NB 78 90.90 -111.74 78.88
N PHE NB 79 91.95 -111.53 78.10
CA PHE NB 79 92.06 -110.25 77.42
C PHE NB 79 91.01 -110.07 76.36
N ARG NB 80 90.45 -111.16 75.83
CA ARG NB 80 89.68 -111.10 74.60
C ARG NB 80 88.39 -110.33 74.84
N PRO OB 4 99.72 -112.50 110.17
CA PRO OB 4 99.78 -113.53 109.12
C PRO OB 4 98.48 -113.66 108.36
N TRP OB 5 98.47 -114.56 107.37
CA TRP OB 5 97.29 -114.76 106.54
C TRP OB 5 97.18 -116.23 106.20
N SER OB 6 95.94 -116.71 106.09
CA SER OB 6 95.70 -118.10 105.76
C SER OB 6 94.42 -118.19 104.95
N GLY OB 7 94.38 -119.18 104.07
CA GLY OB 7 93.20 -119.50 103.30
C GLY OB 7 92.49 -120.74 103.81
N TYR OB 8 91.55 -121.21 103.00
CA TYR OB 8 90.79 -122.41 103.35
C TYR OB 8 91.65 -123.66 103.28
N LEU OB 9 92.50 -123.77 102.26
CA LEU OB 9 93.39 -124.92 102.20
C LEU OB 9 94.45 -124.88 103.29
N ASP OB 10 95.00 -123.71 103.57
CA ASP OB 10 95.88 -123.55 104.73
C ASP OB 10 95.21 -124.04 106.00
N ASP OB 11 94.05 -123.47 106.31
CA ASP OB 11 93.30 -123.80 107.51
C ASP OB 11 92.86 -125.26 107.56
N VAL OB 12 92.76 -125.93 106.42
CA VAL OB 12 92.45 -127.36 106.44
C VAL OB 12 93.71 -128.18 106.68
N SER OB 13 94.76 -127.90 105.92
CA SER OB 13 96.03 -128.60 106.11
C SER OB 13 96.51 -128.51 107.56
N ALA OB 14 96.49 -127.33 108.15
CA ALA OB 14 96.90 -127.19 109.55
C ALA OB 14 96.11 -128.07 110.50
N LYS OB 15 94.91 -128.49 110.12
CA LYS OB 15 94.15 -129.40 110.96
C LYS OB 15 94.98 -130.62 111.34
N PHE OB 16 95.55 -131.31 110.35
CA PHE OB 16 96.42 -132.45 110.62
C PHE OB 16 97.54 -132.12 111.60
N ASP OB 17 98.18 -130.96 111.41
CA ASP OB 17 99.29 -130.59 112.27
C ASP OB 17 98.84 -130.39 113.72
N THR OB 18 97.63 -129.89 113.91
CA THR OB 18 97.15 -129.80 115.29
C THR OB 18 96.67 -131.15 115.78
N GLY OB 19 96.18 -131.99 114.88
CA GLY OB 19 95.67 -133.29 115.28
C GLY OB 19 96.74 -134.19 115.84
N VAL OB 20 97.89 -134.26 115.18
CA VAL OB 20 99.01 -135.03 115.70
C VAL OB 20 99.82 -134.12 116.61
N ASP OB 21 99.85 -134.46 117.90
CA ASP OB 21 100.44 -133.58 118.89
C ASP OB 21 101.94 -133.40 118.68
N ASN OB 22 102.66 -134.49 118.45
CA ASN OB 22 104.11 -134.40 118.42
C ASN OB 22 104.78 -135.39 117.48
N LEU OB 23 104.03 -136.10 116.63
CA LEU OB 23 104.59 -137.14 115.78
C LEU OB 23 105.89 -136.70 115.10
N GLN OB 24 105.97 -135.44 114.69
CA GLN OB 24 107.20 -134.97 114.07
C GLN OB 24 108.42 -135.21 114.95
N THR OB 25 108.34 -134.85 116.22
CA THR OB 25 109.46 -135.14 117.12
C THR OB 25 109.51 -136.61 117.51
N GLN OB 26 108.36 -137.25 117.73
CA GLN OB 26 108.40 -138.67 118.05
C GLN OB 26 109.22 -139.46 117.03
N VAL OB 27 109.21 -139.00 115.78
CA VAL OB 27 110.07 -139.61 114.77
C VAL OB 27 111.48 -139.05 114.82
N THR OB 28 111.61 -137.72 114.75
CA THR OB 28 112.93 -137.08 114.77
C THR OB 28 113.82 -137.58 115.89
N GLU OB 29 113.35 -137.53 117.12
CA GLU OB 29 114.15 -137.95 118.27
C GLU OB 29 114.39 -139.45 118.30
N ALA OB 30 113.37 -140.25 118.00
CA ALA OB 30 113.61 -141.69 118.00
C ALA OB 30 114.71 -142.04 117.01
N LEU OB 31 114.69 -141.41 115.83
CA LEU OB 31 115.81 -141.55 114.90
C LEU OB 31 117.12 -141.07 115.51
N ASP OB 32 117.09 -139.92 116.18
CA ASP OB 32 118.34 -139.29 116.60
C ASP OB 32 119.03 -140.06 117.71
N LYS OB 33 118.28 -140.79 118.54
CA LYS OB 33 118.91 -141.77 119.42
C LYS OB 33 119.25 -143.07 118.71
N LEU OB 34 118.34 -143.62 117.90
CA LEU OB 34 118.58 -144.95 117.36
C LEU OB 34 119.82 -144.97 116.46
N ALA OB 35 119.99 -143.95 115.62
CA ALA OB 35 121.19 -143.86 114.80
C ALA OB 35 122.47 -143.85 115.63
N ALA OB 36 122.39 -143.49 116.91
CA ALA OB 36 123.55 -143.58 117.78
C ALA OB 36 123.77 -144.99 118.34
N LYS OB 37 122.83 -145.91 118.18
CA LYS OB 37 122.99 -147.28 118.64
C LYS OB 37 122.23 -148.21 117.70
N PRO OB 38 122.76 -148.41 116.48
CA PRO OB 38 121.96 -148.97 115.38
C PRO OB 38 121.41 -150.38 115.57
N SER OB 39 121.67 -151.04 116.69
CA SER OB 39 121.44 -152.48 116.79
C SER OB 39 120.42 -152.89 117.82
N ASP OB 40 119.80 -151.95 118.53
CA ASP OB 40 118.82 -152.31 119.53
C ASP OB 40 117.46 -152.64 118.91
N PRO OB 41 117.04 -153.91 118.94
CA PRO OB 41 115.74 -154.24 118.34
C PRO OB 41 114.58 -153.57 119.04
N ALA OB 42 114.73 -153.27 120.33
CA ALA OB 42 113.66 -152.61 121.06
C ALA OB 42 113.41 -151.21 120.51
N LEU OB 43 114.46 -150.56 120.02
CA LEU OB 43 114.36 -149.24 119.40
C LEU OB 43 113.85 -149.35 117.98
N LEU OB 44 114.48 -150.22 117.19
CA LEU OB 44 114.08 -150.45 115.81
C LEU OB 44 112.60 -150.78 115.67
N ALA OB 45 112.08 -151.70 116.48
CA ALA OB 45 110.67 -152.06 116.41
C ALA OB 45 109.75 -150.86 116.63
N ALA OB 46 110.22 -149.83 117.33
CA ALA OB 46 109.44 -148.62 117.55
C ALA OB 46 109.57 -147.64 116.39
N TYR OB 47 110.82 -147.36 116.02
CA TYR OB 47 111.13 -146.47 114.91
C TYR OB 47 110.38 -146.86 113.64
N GLN OB 48 110.43 -148.13 113.27
CA GLN OB 48 109.67 -148.63 112.15
C GLN OB 48 108.22 -148.15 112.14
N SER OB 49 107.52 -148.33 113.26
CA SER OB 49 106.12 -147.93 113.37
C SER OB 49 105.92 -146.43 113.28
N LYS OB 50 106.71 -145.67 114.04
CA LYS OB 50 106.55 -144.21 114.01
C LYS OB 50 106.77 -143.66 112.61
N LEU OB 51 107.83 -144.10 111.94
CA LEU OB 51 108.07 -143.66 110.56
C LEU OB 51 106.91 -144.03 109.64
N SER OB 52 106.40 -145.26 109.74
CA SER OB 52 105.25 -145.65 108.92
C SER OB 52 104.06 -144.71 109.13
N GLU OB 53 103.71 -144.47 110.39
CA GLU OB 53 102.66 -143.52 110.73
C GLU OB 53 102.87 -142.17 110.07
N TYR OB 54 104.08 -141.63 110.20
CA TYR OB 54 104.41 -140.34 109.58
C TYR OB 54 104.19 -140.36 108.07
N ASN OB 55 104.69 -141.39 107.40
CA ASN OB 55 104.48 -141.56 105.97
C ASN OB 55 103.01 -141.45 105.57
N LEU OB 56 102.16 -142.27 106.19
CA LEU OB 56 100.73 -142.21 105.86
C LEU OB 56 100.12 -140.84 106.19
N TYR OB 57 100.52 -140.25 107.30
CA TYR OB 57 100.03 -138.92 107.66
C TYR OB 57 100.28 -137.91 106.55
N ARG OB 58 101.53 -137.78 106.12
CA ARG OB 58 101.84 -136.86 105.03
C ARG OB 58 101.11 -137.19 103.74
N ASN OB 59 101.03 -138.47 103.36
CA ASN OB 59 100.27 -138.81 102.16
C ASN OB 59 98.84 -138.29 102.21
N ALA OB 60 98.12 -138.60 103.29
CA ALA OB 60 96.75 -138.11 103.42
C ALA OB 60 96.67 -136.59 103.36
N GLN OB 61 97.53 -135.90 104.12
CA GLN OB 61 97.53 -134.45 104.11
C GLN OB 61 97.69 -133.88 102.72
N SER OB 62 98.72 -134.30 102.00
CA SER OB 62 98.95 -133.77 100.66
C SER OB 62 97.83 -134.11 99.67
N ASN OB 63 97.23 -135.29 99.76
CA ASN OB 63 96.13 -135.58 98.83
C ASN OB 63 94.87 -134.77 99.10
N THR OB 64 94.54 -134.48 100.35
CA THR OB 64 93.34 -133.67 100.61
C THR OB 64 93.39 -132.31 99.91
N VAL OB 65 94.57 -131.69 99.90
CA VAL OB 65 94.72 -130.37 99.29
C VAL OB 65 94.33 -130.42 97.82
N LYS OB 66 94.83 -131.40 97.08
CA LYS OB 66 94.47 -131.51 95.67
C LYS OB 66 92.96 -131.48 95.46
N VAL OB 67 92.23 -132.30 96.21
CA VAL OB 67 90.80 -132.40 95.98
C VAL OB 67 90.09 -131.09 96.27
N PHE OB 68 90.41 -130.42 97.38
CA PHE OB 68 89.75 -129.14 97.59
C PHE OB 68 90.14 -128.09 96.54
N LYS OB 69 91.44 -128.05 96.19
CA LYS OB 69 91.89 -127.17 95.13
C LYS OB 69 91.07 -127.35 93.86
N ASP OB 70 90.74 -128.59 93.52
CA ASP OB 70 90.07 -128.81 92.25
C ASP OB 70 88.56 -128.75 92.35
N ILE OB 71 88.00 -128.92 93.54
CA ILE OB 71 86.58 -128.61 93.71
C ILE OB 71 86.35 -127.11 93.55
N ASP OB 72 87.32 -126.28 93.91
CA ASP OB 72 87.17 -124.85 93.65
C ASP OB 72 87.32 -124.49 92.17
N ALA OB 73 88.27 -125.13 91.48
CA ALA OB 73 88.63 -124.72 90.13
C ALA OB 73 87.48 -124.80 89.14
N ALA OB 74 86.68 -125.87 89.21
CA ALA OB 74 85.54 -125.98 88.31
C ALA OB 74 84.54 -124.85 88.52
N ILE OB 75 84.26 -124.50 89.77
CA ILE OB 75 83.29 -123.44 90.02
C ILE OB 75 83.81 -122.11 89.51
N ILE OB 76 85.10 -121.85 89.72
CA ILE OB 76 85.63 -120.57 89.25
C ILE OB 76 85.63 -120.51 87.74
N GLN OB 77 85.87 -121.64 87.06
CA GLN OB 77 85.68 -121.65 85.61
C GLN OB 77 84.23 -121.37 85.24
N ASN OB 78 83.27 -121.95 85.96
CA ASN OB 78 81.86 -121.68 85.68
C ASN OB 78 81.40 -120.29 86.08
N PHE OB 79 82.25 -119.45 86.66
CA PHE OB 79 81.91 -118.03 86.67
C PHE OB 79 81.96 -117.44 85.26
N ARG OB 80 82.87 -117.92 84.43
CA ARG OB 80 82.85 -117.60 83.02
C ARG OB 80 82.08 -118.73 82.31
N PRO PB 4 70.17 -139.92 109.47
CA PRO PB 4 71.26 -139.30 108.73
C PRO PB 4 71.09 -139.44 107.22
N TRP PB 5 71.92 -138.75 106.45
CA TRP PB 5 71.85 -138.82 105.00
C TRP PB 5 72.79 -139.88 104.46
N SER PB 6 72.36 -140.56 103.40
CA SER PB 6 73.13 -141.63 102.78
C SER PB 6 73.07 -141.49 101.26
N GLY PB 7 74.24 -141.45 100.62
CA GLY PB 7 74.33 -141.34 99.19
C GLY PB 7 74.31 -142.69 98.50
N TYR PB 8 74.53 -142.65 97.19
CA TYR PB 8 74.63 -143.87 96.40
C TYR PB 8 75.97 -144.58 96.63
N LEU PB 9 77.07 -143.86 96.44
CA LEU PB 9 78.37 -144.45 96.75
C LEU PB 9 78.46 -144.83 98.23
N ASP PB 10 77.95 -143.96 99.10
CA ASP PB 10 77.90 -144.29 100.52
C ASP PB 10 77.16 -145.60 100.78
N ASP PB 11 76.03 -145.81 100.10
CA ASP PB 11 75.27 -147.03 100.29
C ASP PB 11 75.99 -148.24 99.70
N VAL PB 12 76.49 -148.11 98.48
CA VAL PB 12 77.28 -149.19 97.89
C VAL PB 12 78.37 -149.63 98.85
N SER PB 13 79.16 -148.68 99.34
CA SER PB 13 80.21 -149.02 100.28
C SER PB 13 79.65 -149.70 101.52
N ALA PB 14 78.52 -149.23 102.04
CA ALA PB 14 77.99 -149.89 103.24
C ALA PB 14 77.46 -151.29 102.95
N LYS PB 15 77.24 -151.65 101.68
CA LYS PB 15 76.88 -153.03 101.37
C LYS PB 15 77.93 -154.01 101.87
N PHE PB 16 79.21 -153.63 101.78
CA PHE PB 16 80.26 -154.50 102.29
C PHE PB 16 80.16 -154.68 103.79
N ASP PB 17 80.07 -153.58 104.55
CA ASP PB 17 79.98 -153.73 105.99
C ASP PB 17 78.73 -154.49 106.40
N THR PB 18 77.67 -154.44 105.59
CA THR PB 18 76.48 -155.22 105.86
C THR PB 18 76.55 -156.65 105.32
N GLY PB 19 77.57 -156.96 104.54
CA GLY PB 19 77.78 -158.31 104.02
C GLY PB 19 78.72 -159.09 104.92
N VAL PB 20 79.78 -158.43 105.38
CA VAL PB 20 80.74 -159.03 106.32
C VAL PB 20 80.21 -158.67 107.71
N ASP PB 21 79.34 -159.54 108.22
CA ASP PB 21 78.59 -159.25 109.44
C ASP PB 21 79.49 -158.92 110.63
N ASN PB 22 80.55 -159.70 110.86
CA ASN PB 22 81.34 -159.48 112.06
C ASN PB 22 82.83 -159.68 111.87
N LEU PB 23 83.32 -159.77 110.62
CA LEU PB 23 84.75 -159.85 110.39
C LEU PB 23 85.51 -158.82 111.20
N GLN PB 24 84.98 -157.60 111.29
CA GLN PB 24 85.68 -156.56 112.03
C GLN PB 24 85.83 -156.89 113.51
N THR PB 25 84.90 -157.67 114.07
CA THR PB 25 85.09 -158.15 115.43
C THR PB 25 86.10 -159.30 115.49
N GLN PB 26 85.86 -160.30 114.65
CA GLN PB 26 86.70 -161.49 114.61
C GLN PB 26 88.19 -161.15 114.48
N VAL PB 27 88.54 -160.16 113.65
CA VAL PB 27 89.94 -159.79 113.49
C VAL PB 27 90.56 -159.27 114.79
N THR PB 28 89.84 -158.43 115.53
CA THR PB 28 90.40 -157.94 116.79
C THR PB 28 90.42 -159.01 117.86
N GLU PB 29 89.38 -159.83 117.90
CA GLU PB 29 89.35 -160.97 118.82
C GLU PB 29 90.57 -161.87 118.60
N ALA PB 30 90.75 -162.36 117.37
CA ALA PB 30 91.91 -163.18 117.03
C ALA PB 30 93.22 -162.46 117.35
N LEU PB 31 93.31 -161.15 117.08
CA LEU PB 31 94.51 -160.41 117.43
C LEU PB 31 94.84 -160.51 118.91
N ASP PB 32 93.89 -160.12 119.76
CA ASP PB 32 94.10 -160.19 121.20
C ASP PB 32 94.34 -161.62 121.69
N LYS PB 33 93.80 -162.62 121.00
CA LYS PB 33 94.12 -164.00 121.33
C LYS PB 33 95.59 -164.31 121.06
N LEU PB 34 96.01 -164.11 119.81
CA LEU PB 34 97.39 -164.42 119.43
C LEU PB 34 98.39 -163.64 120.27
N ALA PB 35 98.11 -162.37 120.54
CA ALA PB 35 99.04 -161.56 121.33
C ALA PB 35 99.27 -162.14 122.72
N ALA PB 36 98.30 -162.90 123.24
CA ALA PB 36 98.46 -163.54 124.54
C ALA PB 36 99.40 -164.74 124.52
N LYS PB 37 99.62 -165.38 123.37
CA LYS PB 37 100.48 -166.56 123.27
C LYS PB 37 101.04 -166.65 121.86
N PRO PB 38 101.96 -165.75 121.50
CA PRO PB 38 102.44 -165.66 120.12
C PRO PB 38 103.00 -166.95 119.54
N SER PB 39 103.44 -167.90 120.36
CA SER PB 39 103.98 -169.15 119.86
C SER PB 39 102.92 -170.23 119.64
N ASP PB 40 101.65 -169.90 119.79
CA ASP PB 40 100.59 -170.85 119.50
C ASP PB 40 100.59 -171.25 118.03
N PRO PB 41 100.61 -172.54 117.69
CA PRO PB 41 100.71 -172.92 116.28
C PRO PB 41 99.44 -172.66 115.50
N ALA PB 42 98.27 -172.70 116.14
CA ALA PB 42 96.98 -172.55 115.47
C ALA PB 42 96.58 -171.08 115.32
N LEU PB 43 96.79 -170.29 116.37
CA LEU PB 43 96.45 -168.87 116.34
C LEU PB 43 97.10 -168.16 115.15
N LEU PB 44 98.33 -168.54 114.81
CA LEU PB 44 98.96 -167.88 113.67
C LEU PB 44 98.22 -168.18 112.36
N ALA PB 45 97.83 -169.43 112.13
CA ALA PB 45 97.09 -169.76 110.92
C ALA PB 45 95.72 -169.08 110.91
N ALA PB 46 95.09 -168.97 112.06
CA ALA PB 46 93.80 -168.29 112.14
C ALA PB 46 93.94 -166.81 111.81
N TYR PB 47 94.88 -166.14 112.45
CA TYR PB 47 95.05 -164.72 112.24
C TYR PB 47 95.53 -164.42 110.82
N GLN PB 48 96.42 -165.25 110.27
CA GLN PB 48 96.76 -165.15 108.85
C GLN PB 48 95.52 -165.16 107.96
N SER PB 49 94.62 -166.13 108.20
CA SER PB 49 93.40 -166.22 107.41
C SER PB 49 92.57 -164.95 107.51
N LYS PB 50 92.20 -164.59 108.74
CA LYS PB 50 91.38 -163.39 108.95
C LYS PB 50 92.02 -162.13 108.37
N LEU PB 51 93.30 -161.90 108.64
CA LEU PB 51 93.94 -160.68 108.13
C LEU PB 51 93.96 -160.64 106.61
N SER PB 52 94.13 -161.79 105.95
CA SER PB 52 94.02 -161.81 104.50
C SER PB 52 92.61 -161.42 104.04
N GLU PB 53 91.60 -162.06 104.63
CA GLU PB 53 90.21 -161.71 104.35
C GLU PB 53 89.95 -160.21 104.49
N TYR PB 54 90.48 -159.61 105.54
CA TYR PB 54 90.32 -158.18 105.79
C TYR PB 54 90.98 -157.33 104.72
N ASN PB 55 92.23 -157.65 104.38
CA ASN PB 55 92.92 -156.95 103.31
C ASN PB 55 92.09 -156.91 102.03
N LEU PB 56 91.68 -158.08 101.55
CA LEU PB 56 90.87 -158.14 100.34
C LEU PB 56 89.55 -157.38 100.47
N TYR PB 57 88.87 -157.54 101.60
CA TYR PB 57 87.63 -156.80 101.87
C TYR PB 57 87.80 -155.30 101.64
N ARG PB 58 88.74 -154.69 102.35
CA ARG PB 58 88.94 -153.25 102.23
C ARG PB 58 89.34 -152.82 100.81
N ASN PB 59 90.25 -153.56 100.17
CA ASN PB 59 90.63 -153.19 98.82
C ASN PB 59 89.45 -153.21 97.85
N ALA PB 60 88.70 -154.31 97.83
CA ALA PB 60 87.53 -154.37 96.96
C ALA PB 60 86.58 -153.19 97.20
N GLN PB 61 86.25 -152.93 98.46
CA GLN PB 61 85.39 -151.79 98.80
C GLN PB 61 85.88 -150.47 98.20
N SER PB 62 87.15 -150.14 98.45
CA SER PB 62 87.66 -148.84 97.98
C SER PB 62 87.70 -148.74 96.46
N ASN PB 63 88.20 -149.78 95.79
CA ASN PB 63 88.20 -149.73 94.33
C ASN PB 63 86.80 -149.55 93.75
N THR PB 64 85.81 -150.25 94.30
CA THR PB 64 84.44 -150.07 93.81
C THR PB 64 83.96 -148.63 93.94
N VAL PB 65 84.16 -148.03 95.11
CA VAL PB 65 83.75 -146.63 95.29
C VAL PB 65 84.43 -145.72 94.28
N LYS PB 66 85.73 -145.91 94.06
CA LYS PB 66 86.46 -145.10 93.09
C LYS PB 66 85.83 -145.23 91.70
N VAL PB 67 85.59 -146.46 91.26
CA VAL PB 67 85.04 -146.68 89.93
C VAL PB 67 83.71 -145.95 89.75
N PHE PB 68 82.81 -146.06 90.72
CA PHE PB 68 81.53 -145.35 90.58
C PHE PB 68 81.72 -143.84 90.51
N LYS PB 69 82.61 -143.29 91.32
CA LYS PB 69 82.88 -141.86 91.23
C LYS PB 69 83.27 -141.48 89.81
N ASP PB 70 84.15 -142.27 89.21
CA ASP PB 70 84.62 -141.95 87.86
C ASP PB 70 83.54 -142.13 86.82
N ILE PB 71 82.61 -143.07 87.01
CA ILE PB 71 81.51 -143.17 86.06
C ILE PB 71 80.64 -141.91 86.12
N ASP PB 72 80.30 -141.47 87.33
CA ASP PB 72 79.45 -140.27 87.46
C ASP PB 72 80.10 -139.04 86.85
N ALA PB 73 81.40 -138.86 87.07
CA ALA PB 73 82.11 -137.69 86.56
C ALA PB 73 81.83 -137.35 85.10
N ALA PB 74 81.89 -138.34 84.20
CA ALA PB 74 81.64 -138.02 82.79
C ALA PB 74 80.20 -137.59 82.53
N ILE PB 75 79.25 -138.23 83.19
CA ILE PB 75 77.86 -137.85 82.93
C ILE PB 75 77.62 -136.42 83.39
N ILE PB 76 78.16 -136.04 84.54
CA ILE PB 76 77.96 -134.67 84.98
C ILE PB 76 78.69 -133.70 84.05
N GLN PB 77 79.87 -134.06 83.57
CA GLN PB 77 80.54 -133.21 82.58
C GLN PB 77 79.66 -132.99 81.35
N ASN PB 78 78.90 -133.99 80.94
CA ASN PB 78 78.06 -133.82 79.76
C ASN PB 78 76.75 -133.08 80.03
N PHE PB 79 76.59 -132.37 81.15
CA PHE PB 79 75.49 -131.43 81.25
C PHE PB 79 75.70 -130.23 80.35
N ARG PB 80 76.90 -129.66 80.37
CA ARG PB 80 77.22 -128.53 79.51
C ARG PB 80 77.29 -128.96 78.06
N PRO QB 4 69.06 -163.98 79.08
CA PRO QB 4 70.35 -163.44 79.51
C PRO QB 4 71.02 -162.64 78.40
N TRP QB 5 72.13 -161.98 78.69
CA TRP QB 5 72.81 -161.22 77.66
C TRP QB 5 74.30 -161.19 77.97
N SER QB 6 75.10 -161.38 76.94
CA SER QB 6 76.56 -161.32 77.01
C SER QB 6 77.09 -160.12 76.25
N GLY QB 7 77.73 -159.21 76.95
CA GLY QB 7 78.45 -158.16 76.27
C GLY QB 7 79.68 -158.71 75.55
N TYR QB 8 80.33 -157.85 74.79
CA TYR QB 8 81.56 -158.24 74.11
C TYR QB 8 82.59 -158.76 75.09
N LEU QB 9 82.80 -158.04 76.20
CA LEU QB 9 83.76 -158.48 77.19
C LEU QB 9 83.33 -159.77 77.87
N ASP QB 10 82.03 -160.04 77.89
CA ASP QB 10 81.57 -161.32 78.40
C ASP QB 10 81.96 -162.44 77.45
N ASP QB 11 81.72 -162.25 76.15
CA ASP QB 11 82.20 -163.19 75.15
C ASP QB 11 83.69 -163.45 75.29
N VAL QB 12 84.48 -162.38 75.37
CA VAL QB 12 85.93 -162.49 75.55
C VAL QB 12 86.27 -163.30 76.80
N SER QB 13 85.50 -163.18 77.86
CA SER QB 13 85.80 -163.94 79.08
C SER QB 13 85.37 -165.40 78.95
N ALA QB 14 84.16 -165.63 78.46
CA ALA QB 14 83.62 -166.98 78.36
C ALA QB 14 84.51 -167.92 77.57
N LYS QB 15 85.29 -167.39 76.62
CA LYS QB 15 86.20 -168.26 75.87
C LYS QB 15 87.12 -169.03 76.79
N PHE QB 16 87.59 -168.42 77.87
CA PHE QB 16 88.45 -169.10 78.83
C PHE QB 16 87.69 -170.19 79.59
N ASP QB 17 86.50 -169.88 80.08
CA ASP QB 17 85.76 -170.87 80.84
C ASP QB 17 85.38 -172.06 79.98
N THR QB 18 85.06 -171.83 78.71
CA THR QB 18 84.81 -172.94 77.80
C THR QB 18 86.09 -173.55 77.25
N GLY QB 19 87.23 -172.91 77.47
CA GLY QB 19 88.51 -173.42 77.03
C GLY QB 19 88.97 -174.48 78.00
N VAL QB 20 89.02 -174.14 79.27
CA VAL QB 20 89.39 -175.09 80.31
C VAL QB 20 88.10 -175.81 80.71
N ASP QB 21 87.89 -176.98 80.11
CA ASP QB 21 86.62 -177.68 80.28
C ASP QB 21 86.31 -178.00 81.73
N ASN QB 22 87.29 -178.47 82.50
CA ASN QB 22 86.98 -178.92 83.85
C ASN QB 22 88.04 -178.56 84.89
N LEU QB 23 89.00 -177.72 84.56
CA LEU QB 23 90.08 -177.36 85.49
C LEU QB 23 89.56 -177.04 86.89
N GLN QB 24 88.44 -176.33 86.98
CA GLN QB 24 87.88 -176.01 88.30
C GLN QB 24 87.65 -177.26 89.16
N THR QB 25 87.01 -178.28 88.60
CA THR QB 25 86.83 -179.54 89.33
C THR QB 25 88.15 -180.28 89.53
N GLN QB 26 89.00 -180.29 88.50
CA GLN QB 26 90.31 -180.93 88.65
C GLN QB 26 91.02 -180.37 89.87
N VAL QB 27 90.80 -179.10 90.18
CA VAL QB 27 91.36 -178.47 91.37
C VAL QB 27 90.56 -178.82 92.62
N THR QB 28 89.24 -178.74 92.54
CA THR QB 28 88.40 -178.93 93.73
C THR QB 28 88.48 -180.35 94.28
N GLU QB 29 88.38 -181.36 93.42
CA GLU QB 29 88.44 -182.74 93.88
C GLU QB 29 89.87 -183.13 94.25
N ALA QB 30 90.85 -182.69 93.47
CA ALA QB 30 92.23 -182.93 93.87
C ALA QB 30 92.50 -182.36 95.26
N LEU QB 31 91.88 -181.24 95.61
CA LEU QB 31 92.05 -180.71 96.97
C LEU QB 31 91.55 -181.68 98.04
N ASP QB 32 90.41 -182.33 97.81
CA ASP QB 32 89.95 -183.31 98.78
C ASP QB 32 90.87 -184.53 98.84
N LYS QB 33 91.26 -185.04 97.68
CA LYS QB 33 92.21 -186.15 97.66
C LYS QB 33 93.51 -185.83 98.40
N LEU QB 34 94.08 -184.65 98.14
CA LEU QB 34 95.29 -184.24 98.84
C LEU QB 34 95.06 -184.09 100.34
N ALA QB 35 94.07 -183.29 100.74
CA ALA QB 35 93.81 -183.11 102.16
C ALA QB 35 93.58 -184.45 102.87
N ALA QB 36 93.05 -185.45 102.17
CA ALA QB 36 92.90 -186.77 102.79
C ALA QB 36 94.25 -187.41 103.11
N LYS QB 37 95.25 -187.18 102.27
CA LYS QB 37 96.58 -187.78 102.44
C LYS QB 37 97.64 -186.73 102.15
N PRO QB 38 97.72 -185.69 102.98
CA PRO QB 38 98.55 -184.54 102.63
C PRO QB 38 100.02 -184.84 102.38
N SER QB 39 100.58 -185.88 103.00
CA SER QB 39 102.00 -186.15 102.87
C SER QB 39 102.34 -187.09 101.72
N ASP QB 40 101.34 -187.60 101.00
CA ASP QB 40 101.58 -188.46 99.86
C ASP QB 40 102.39 -187.74 98.78
N PRO QB 41 103.62 -188.16 98.50
CA PRO QB 41 104.46 -187.43 97.53
C PRO QB 41 103.93 -187.48 96.12
N ALA QB 42 102.98 -188.37 95.83
CA ALA QB 42 102.40 -188.47 94.50
C ALA QB 42 101.37 -187.38 94.25
N LEU QB 43 100.63 -186.99 95.30
CA LEU QB 43 99.52 -186.05 95.17
C LEU QB 43 99.99 -184.61 94.98
N LEU QB 44 101.01 -184.18 95.71
CA LEU QB 44 101.35 -182.77 95.66
C LEU QB 44 101.99 -182.34 94.34
N ALA QB 45 102.64 -183.24 93.59
CA ALA QB 45 103.07 -182.85 92.26
C ALA QB 45 101.88 -182.51 91.37
N ALA QB 46 100.80 -183.28 91.52
CA ALA QB 46 99.58 -183.06 90.75
C ALA QB 46 98.90 -181.75 91.17
N TYR QB 47 98.78 -181.54 92.47
CA TYR QB 47 98.12 -180.32 92.93
C TYR QB 47 98.94 -179.10 92.56
N GLN QB 48 100.27 -179.17 92.67
CA GLN QB 48 101.12 -178.10 92.17
C GLN QB 48 100.83 -177.79 90.71
N SER QB 49 100.71 -178.84 89.89
CA SER QB 49 100.40 -178.64 88.48
C SER QB 49 99.10 -177.88 88.31
N LYS QB 50 98.01 -178.50 88.72
CA LYS QB 50 96.69 -177.89 88.59
C LYS QB 50 96.64 -176.45 89.10
N LEU QB 51 97.16 -176.20 90.30
CA LEU QB 51 97.08 -174.84 90.83
C LEU QB 51 97.92 -173.83 90.05
N SER QB 52 99.04 -174.25 89.46
CA SER QB 52 99.76 -173.32 88.61
C SER QB 52 98.99 -173.00 87.33
N GLU QB 53 98.47 -174.05 86.68
CA GLU QB 53 97.61 -173.87 85.52
C GLU QB 53 96.46 -172.91 85.82
N TYR QB 54 95.85 -173.07 86.98
CA TYR QB 54 94.74 -172.21 87.39
C TYR QB 54 95.16 -170.76 87.56
N ASN QB 55 96.22 -170.51 88.33
CA ASN QB 55 96.76 -169.15 88.46
C ASN QB 55 96.99 -168.48 87.10
N LEU QB 56 97.67 -169.17 86.19
CA LEU QB 56 97.90 -168.60 84.85
C LEU QB 56 96.59 -168.33 84.11
N TYR QB 57 95.66 -169.27 84.14
CA TYR QB 57 94.35 -169.06 83.52
C TYR QB 57 93.68 -167.77 83.99
N ARG QB 58 93.53 -167.62 85.30
CA ARG QB 58 92.91 -166.42 85.86
C ARG QB 58 93.65 -165.14 85.46
N ASN QB 59 94.96 -165.11 85.68
CA ASN QB 59 95.73 -163.91 85.34
C ASN QB 59 95.65 -163.54 83.87
N ALA QB 60 95.64 -164.51 82.96
CA ALA QB 60 95.45 -164.17 81.55
C ALA QB 60 94.07 -163.58 81.30
N GLN QB 61 93.05 -164.12 81.96
CA GLN QB 61 91.69 -163.65 81.77
C GLN QB 61 91.53 -162.18 82.16
N SER QB 62 91.91 -161.84 83.39
CA SER QB 62 91.72 -160.47 83.86
C SER QB 62 92.43 -159.45 82.98
N ASN QB 63 93.73 -159.66 82.70
CA ASN QB 63 94.45 -158.72 81.84
C ASN QB 63 93.79 -158.57 80.48
N THR QB 64 93.36 -159.67 79.85
CA THR QB 64 92.69 -159.55 78.56
C THR QB 64 91.45 -158.66 78.64
N VAL QB 65 90.63 -158.85 79.66
CA VAL QB 65 89.45 -158.01 79.81
C VAL QB 65 89.83 -156.53 79.96
N LYS QB 66 90.81 -156.24 80.83
CA LYS QB 66 91.24 -154.86 81.00
C LYS QB 66 91.69 -154.22 79.69
N VAL QB 67 92.56 -154.90 78.95
CA VAL QB 67 93.04 -154.36 77.69
C VAL QB 67 91.89 -154.06 76.74
N PHE QB 68 90.90 -154.94 76.64
CA PHE QB 68 89.76 -154.62 75.80
C PHE QB 68 88.96 -153.42 76.32
N LYS QB 69 88.80 -153.30 77.64
CA LYS QB 69 88.13 -152.11 78.16
C LYS QB 69 88.83 -150.84 77.72
N ASP QB 70 90.15 -150.80 77.87
CA ASP QB 70 90.92 -149.67 77.37
C ASP QB 70 90.68 -149.42 75.89
N ILE QB 71 90.76 -150.49 75.09
CA ILE QB 71 90.59 -150.38 73.65
C ILE QB 71 89.24 -149.80 73.26
N ASP QB 72 88.22 -149.97 74.11
CA ASP QB 72 86.93 -149.33 73.84
C ASP QB 72 86.82 -147.91 74.36
N ALA QB 73 87.20 -147.67 75.62
CA ALA QB 73 87.11 -146.32 76.16
C ALA QB 73 87.92 -145.32 75.34
N ALA QB 74 89.07 -145.75 74.82
CA ALA QB 74 89.88 -144.91 73.97
C ALA QB 74 89.22 -144.59 72.64
N ILE QB 75 88.20 -145.34 72.25
CA ILE QB 75 87.42 -144.95 71.08
C ILE QB 75 86.29 -144.03 71.49
N ILE QB 76 85.53 -144.42 72.52
CA ILE QB 76 84.33 -143.68 72.85
C ILE QB 76 84.68 -142.23 73.16
N GLN QB 77 85.81 -142.02 73.83
CA GLN QB 77 86.17 -140.65 74.19
C GLN QB 77 86.43 -139.75 72.98
N ASN QB 78 86.55 -140.29 71.77
CA ASN QB 78 86.61 -139.48 70.57
C ASN QB 78 85.26 -138.96 70.09
N PHE QB 79 84.15 -139.43 70.63
CA PHE QB 79 82.87 -138.83 70.26
C PHE QB 79 82.78 -137.38 70.69
N ARG QB 80 83.52 -137.00 71.72
CA ARG QB 80 83.40 -135.66 72.29
C ARG QB 80 83.93 -134.64 71.31
N PRO RB 4 101.08 -163.56 53.97
CA PRO RB 4 100.26 -163.06 55.05
C PRO RB 4 100.64 -161.63 55.46
N TRP RB 5 99.76 -160.98 56.22
CA TRP RB 5 100.06 -159.65 56.73
C TRP RB 5 100.94 -159.74 57.96
N SER RB 6 101.96 -158.88 58.02
CA SER RB 6 102.90 -158.84 59.13
C SER RB 6 103.17 -157.39 59.51
N GLY RB 7 102.99 -157.08 60.78
CA GLY RB 7 103.26 -155.76 61.30
C GLY RB 7 104.72 -155.48 61.59
N TYR RB 8 104.92 -154.38 62.33
CA TYR RB 8 106.24 -153.96 62.81
C TYR RB 8 106.67 -154.72 64.05
N LEU RB 9 105.84 -154.67 65.11
CA LEU RB 9 106.16 -155.41 66.31
C LEU RB 9 106.23 -156.90 66.01
N ASP RB 10 105.47 -157.34 65.02
CA ASP RB 10 105.58 -158.71 64.54
C ASP RB 10 107.00 -158.99 64.09
N ASP RB 11 107.59 -158.08 63.33
CA ASP RB 11 108.96 -158.24 62.85
C ASP RB 11 109.97 -158.21 63.98
N VAL RB 12 109.93 -157.17 64.79
CA VAL RB 12 110.84 -157.09 65.93
C VAL RB 12 110.78 -158.35 66.78
N SER RB 13 109.57 -158.88 67.02
CA SER RB 13 109.43 -160.13 67.75
C SER RB 13 110.05 -161.31 67.00
N ALA RB 14 109.77 -161.44 65.71
CA ALA RB 14 110.32 -162.54 64.93
C ALA RB 14 111.84 -162.47 64.77
N LYS RB 15 112.46 -161.32 64.99
CA LYS RB 15 113.91 -161.28 64.95
C LYS RB 15 114.54 -162.29 65.91
N PHE RB 16 114.00 -162.41 67.11
CA PHE RB 16 114.47 -163.45 68.03
C PHE RB 16 114.25 -164.85 67.46
N ASP RB 17 113.04 -165.13 66.99
CA ASP RB 17 112.75 -166.44 66.42
C ASP RB 17 113.71 -166.80 65.29
N THR RB 18 114.14 -165.81 64.51
CA THR RB 18 115.11 -166.08 63.46
C THR RB 18 116.56 -165.93 63.93
N GLY RB 19 116.77 -165.47 65.16
CA GLY RB 19 118.09 -165.35 65.74
C GLY RB 19 118.50 -166.65 66.40
N VAL RB 20 117.69 -167.11 67.34
CA VAL RB 20 117.88 -168.46 67.88
C VAL RB 20 117.44 -169.47 66.82
N ASP RB 21 118.39 -170.29 66.38
CA ASP RB 21 118.17 -171.22 65.28
C ASP RB 21 117.25 -172.38 65.66
N ASN RB 22 117.56 -173.08 66.76
CA ASN RB 22 116.80 -174.26 67.15
C ASN RB 22 116.62 -174.41 68.65
N LEU RB 23 116.89 -173.37 69.43
CA LEU RB 23 116.77 -173.47 70.88
C LEU RB 23 115.45 -174.09 71.30
N GLN RB 24 114.34 -173.72 70.65
CA GLN RB 24 113.05 -174.28 71.03
C GLN RB 24 113.01 -175.79 70.87
N THR RB 25 113.62 -176.33 69.82
CA THR RB 25 113.65 -177.78 69.71
C THR RB 25 114.62 -178.39 70.71
N GLN RB 26 115.83 -177.84 70.77
CA GLN RB 26 116.85 -178.30 71.70
C GLN RB 26 116.32 -178.48 73.13
N VAL RB 27 115.61 -177.48 73.65
CA VAL RB 27 115.08 -177.56 75.01
C VAL RB 27 114.11 -178.73 75.19
N THR RB 28 113.44 -179.15 74.13
CA THR RB 28 112.51 -180.27 74.24
C THR RB 28 113.25 -181.60 74.09
N GLU RB 29 114.14 -181.70 73.12
CA GLU RB 29 114.85 -182.95 72.91
C GLU RB 29 115.78 -183.24 74.09
N ALA RB 30 116.42 -182.22 74.64
CA ALA RB 30 117.18 -182.40 75.87
C ALA RB 30 116.30 -182.93 76.98
N LEU RB 31 115.02 -182.58 76.98
CA LEU RB 31 114.11 -183.12 77.99
C LEU RB 31 113.81 -184.57 77.70
N ASP RB 32 113.71 -184.93 76.43
CA ASP RB 32 113.55 -186.33 76.08
C ASP RB 32 114.75 -187.14 76.53
N LYS RB 33 115.94 -186.52 76.53
CA LYS RB 33 117.12 -187.17 77.09
C LYS RB 33 116.99 -187.32 78.60
N LEU RB 34 116.82 -186.20 79.29
CA LEU RB 34 116.72 -186.21 80.75
C LEU RB 34 115.71 -187.22 81.27
N ALA RB 35 114.52 -187.26 80.66
CA ALA RB 35 113.50 -188.18 81.15
C ALA RB 35 113.94 -189.64 81.04
N ALA RB 36 114.82 -189.97 80.08
CA ALA RB 36 115.25 -191.35 79.96
C ALA RB 36 116.25 -191.73 81.04
N LYS RB 37 117.01 -190.76 81.56
CA LYS RB 37 117.99 -191.03 82.62
C LYS RB 37 118.13 -189.79 83.49
N PRO RB 38 117.14 -189.54 84.35
CA PRO RB 38 117.19 -188.36 85.21
C PRO RB 38 118.47 -188.17 86.03
N SER RB 39 119.26 -189.23 86.22
CA SER RB 39 120.43 -189.17 87.09
C SER RB 39 121.76 -188.96 86.36
N ASP RB 40 121.75 -188.45 85.14
CA ASP RB 40 123.02 -188.22 84.45
C ASP RB 40 123.43 -186.75 84.53
N PRO RB 41 124.54 -186.44 85.18
CA PRO RB 41 124.96 -185.03 85.24
C PRO RB 41 125.25 -184.44 83.87
N ALA RB 42 125.72 -185.26 82.92
CA ALA RB 42 125.95 -184.76 81.57
C ALA RB 42 124.68 -184.22 80.96
N LEU RB 43 123.54 -184.81 81.30
CA LEU RB 43 122.25 -184.32 80.86
C LEU RB 43 121.81 -183.12 81.67
N LEU RB 44 121.89 -183.23 83.00
CA LEU RB 44 121.47 -182.14 83.87
C LEU RB 44 122.17 -180.82 83.54
N ALA RB 45 123.49 -180.82 83.43
CA ALA RB 45 124.22 -179.59 83.11
C ALA RB 45 123.77 -178.97 81.80
N ALA RB 46 123.66 -179.79 80.76
CA ALA RB 46 123.18 -179.30 79.48
C ALA RB 46 121.81 -178.67 79.62
N TYR RB 47 120.87 -179.40 80.23
CA TYR RB 47 119.54 -178.87 80.46
C TYR RB 47 119.58 -177.53 81.19
N GLN RB 48 120.31 -177.44 82.30
CA GLN RB 48 120.36 -176.20 83.05
C GLN RB 48 120.84 -175.03 82.19
N SER RB 49 121.87 -175.26 81.37
CA SER RB 49 122.35 -174.20 80.49
C SER RB 49 121.31 -173.81 79.44
N LYS RB 50 120.81 -174.79 78.69
CA LYS RB 50 119.85 -174.50 77.64
C LYS RB 50 118.61 -173.81 78.19
N LEU RB 51 118.05 -174.34 79.26
CA LEU RB 51 116.90 -173.71 79.90
C LEU RB 51 117.17 -172.26 80.28
N SER RB 52 118.32 -171.97 80.89
CA SER RB 52 118.60 -170.58 81.24
C SER RB 52 118.64 -169.68 80.00
N GLU RB 53 119.30 -170.15 78.95
CA GLU RB 53 119.31 -169.42 77.68
C GLU RB 53 117.89 -169.15 77.18
N TYR RB 54 117.06 -170.18 77.14
CA TYR RB 54 115.67 -170.05 76.70
C TYR RB 54 114.90 -169.03 77.52
N ASN RB 55 115.00 -169.10 78.84
CA ASN RB 55 114.29 -168.15 79.70
C ASN RB 55 114.69 -166.71 79.38
N LEU RB 56 116.00 -166.46 79.27
CA LEU RB 56 116.44 -165.11 78.92
C LEU RB 56 115.94 -164.67 77.55
N TYR RB 57 115.97 -165.58 76.58
CA TYR RB 57 115.40 -165.34 75.26
C TYR RB 57 113.98 -164.82 75.33
N ARG RB 58 113.11 -165.55 76.02
CA ARG RB 58 111.71 -165.13 76.17
C ARG RB 58 111.56 -163.79 76.88
N ASN RB 59 112.24 -163.60 78.01
CA ASN RB 59 112.12 -162.33 78.71
C ASN RB 59 112.54 -161.13 77.85
N ALA RB 60 113.71 -161.21 77.22
CA ALA RB 60 114.12 -160.11 76.36
C ALA RB 60 113.12 -159.86 75.23
N GLN RB 61 112.62 -160.95 74.63
CA GLN RB 61 111.61 -160.82 73.57
C GLN RB 61 110.40 -160.04 74.05
N SER RB 62 109.94 -160.32 75.25
CA SER RB 62 108.75 -159.62 75.78
C SER RB 62 109.03 -158.14 76.05
N ASN RB 63 110.09 -157.86 76.82
CA ASN RB 63 110.34 -156.47 77.18
C ASN RB 63 110.57 -155.58 75.97
N THR RB 64 111.26 -156.07 74.94
CA THR RB 64 111.48 -155.25 73.76
C THR RB 64 110.16 -154.79 73.14
N VAL RB 65 109.23 -155.74 72.98
CA VAL RB 65 107.94 -155.41 72.39
C VAL RB 65 107.20 -154.39 73.23
N LYS RB 66 107.20 -154.58 74.55
CA LYS RB 66 106.49 -153.60 75.37
C LYS RB 66 107.09 -152.21 75.20
N VAL RB 67 108.42 -152.13 75.22
CA VAL RB 67 109.07 -150.82 75.19
C VAL RB 67 108.85 -150.09 73.88
N PHE RB 68 108.64 -150.80 72.77
CA PHE RB 68 108.22 -150.07 71.56
C PHE RB 68 106.73 -149.75 71.54
N LYS RB 69 105.89 -150.66 72.02
CA LYS RB 69 104.47 -150.38 72.13
C LYS RB 69 104.22 -149.06 72.81
N ASP RB 70 104.90 -148.84 73.94
CA ASP RB 70 104.69 -147.63 74.72
C ASP RB 70 105.47 -146.42 74.23
N ILE RB 71 106.17 -146.53 73.11
CA ILE RB 71 106.53 -145.35 72.33
C ILE RB 71 105.41 -144.98 71.37
N ASP RB 72 104.94 -145.97 70.61
CA ASP RB 72 103.93 -145.66 69.60
C ASP RB 72 102.65 -145.13 70.25
N ALA RB 73 102.25 -145.73 71.38
CA ALA RB 73 101.07 -145.25 72.08
C ALA RB 73 101.23 -143.82 72.56
N ALA RB 74 102.45 -143.33 72.71
CA ALA RB 74 102.65 -141.93 73.07
C ALA RB 74 102.55 -141.04 71.87
N ILE RB 75 103.27 -141.39 70.80
CA ILE RB 75 103.29 -140.54 69.61
C ILE RB 75 101.88 -140.36 69.04
N ILE RB 76 101.06 -141.42 69.05
CA ILE RB 76 99.71 -141.28 68.50
C ILE RB 76 98.76 -140.43 69.34
N GLN RB 77 99.09 -140.12 70.59
CA GLN RB 77 98.32 -139.10 71.31
C GLN RB 77 98.54 -137.70 70.76
N ASN RB 78 99.75 -137.35 70.47
CA ASN RB 78 100.00 -136.00 70.00
C ASN RB 78 99.45 -135.74 68.60
N PHE RB 79 98.63 -136.61 68.00
CA PHE RB 79 97.82 -136.15 66.88
C PHE RB 79 96.78 -135.14 67.31
N ARG RB 80 96.32 -135.20 68.55
CA ARG RB 80 95.37 -134.19 69.00
C ARG RB 80 96.11 -132.89 69.25
N PRO SB 4 131.09 -141.85 64.70
CA PRO SB 4 130.10 -142.38 65.62
C PRO SB 4 129.36 -141.29 66.39
N TRP SB 5 128.41 -141.69 67.22
CA TRP SB 5 127.62 -140.74 67.99
C TRP SB 5 127.20 -141.41 69.28
N SER SB 6 127.03 -140.62 70.33
CA SER SB 6 126.65 -141.15 71.63
C SER SB 6 125.76 -140.14 72.35
N GLY SB 7 124.77 -140.67 73.06
CA GLY SB 7 123.94 -139.88 73.95
C GLY SB 7 124.57 -139.66 75.31
N TYR SB 8 123.88 -138.88 76.12
CA TYR SB 8 124.35 -138.61 77.47
C TYR SB 8 124.34 -139.88 78.31
N LEU SB 9 123.36 -140.74 78.12
CA LEU SB 9 123.36 -142.02 78.82
C LEU SB 9 124.56 -142.89 78.43
N ASP SB 10 124.90 -142.87 77.14
CA ASP SB 10 126.11 -143.55 76.67
C ASP SB 10 127.35 -142.97 77.34
N ASP SB 11 127.44 -141.65 77.38
CA ASP SB 11 128.60 -141.00 78.02
C ASP SB 11 128.67 -141.32 79.50
N VAL SB 12 127.53 -141.54 80.15
CA VAL SB 12 127.54 -141.98 81.54
C VAL SB 12 128.08 -143.39 81.66
N SER SB 13 127.52 -144.33 80.91
CA SER SB 13 128.01 -145.71 80.93
C SER SB 13 129.51 -145.76 80.65
N ALA SB 14 129.97 -144.98 79.68
CA ALA SB 14 131.39 -144.93 79.38
C ALA SB 14 132.23 -144.68 80.63
N LYS SB 15 131.73 -143.92 81.61
CA LYS SB 15 132.49 -143.71 82.83
C LYS SB 15 132.79 -145.02 83.55
N PHE SB 16 131.79 -145.89 83.67
CA PHE SB 16 132.00 -147.21 84.26
C PHE SB 16 132.96 -148.04 83.42
N ASP SB 17 132.75 -148.05 82.12
CA ASP SB 17 133.62 -148.84 81.24
C ASP SB 17 135.07 -148.37 81.32
N THR SB 18 135.31 -147.07 81.38
CA THR SB 18 136.66 -146.56 81.56
C THR SB 18 137.13 -146.61 83.01
N GLY SB 19 136.25 -146.95 83.94
CA GLY SB 19 136.64 -147.10 85.33
C GLY SB 19 137.23 -148.48 85.50
N VAL SB 20 136.47 -149.50 85.09
CA VAL SB 20 136.97 -150.88 85.13
C VAL SB 20 137.84 -151.07 83.90
N ASP SB 21 139.12 -150.71 84.02
CA ASP SB 21 140.01 -150.71 82.86
C ASP SB 21 140.19 -152.09 82.24
N ASN SB 22 140.46 -153.10 83.07
CA ASN SB 22 140.79 -154.43 82.57
C ASN SB 22 139.94 -155.55 83.13
N LEU SB 23 139.07 -155.27 84.08
CA LEU SB 23 138.31 -156.31 84.76
C LEU SB 23 137.79 -157.36 83.78
N GLN SB 24 137.20 -156.93 82.66
CA GLN SB 24 136.74 -157.89 81.66
C GLN SB 24 137.82 -158.87 81.23
N THR SB 25 139.00 -158.34 80.85
CA THR SB 25 140.12 -159.20 80.47
C THR SB 25 140.57 -160.11 81.61
N GLN SB 26 140.76 -159.53 82.79
CA GLN SB 26 141.13 -160.31 83.97
C GLN SB 26 140.19 -161.49 84.19
N VAL SB 27 138.88 -161.23 84.19
CA VAL SB 27 137.91 -162.31 84.38
C VAL SB 27 137.99 -163.33 83.26
N THR SB 28 138.25 -162.88 82.03
CA THR SB 28 138.36 -163.82 80.92
C THR SB 28 139.54 -164.77 81.11
N GLU SB 29 140.70 -164.23 81.47
CA GLU SB 29 141.87 -165.04 81.76
C GLU SB 29 141.61 -166.02 82.90
N ALA SB 30 141.19 -165.49 84.05
CA ALA SB 30 140.93 -166.33 85.22
C ALA SB 30 139.95 -167.45 84.88
N LEU SB 31 138.90 -167.16 84.12
CA LEU SB 31 137.94 -168.19 83.75
C LEU SB 31 138.62 -169.40 83.14
N ASP SB 32 139.52 -169.18 82.18
CA ASP SB 32 140.23 -170.30 81.55
C ASP SB 32 141.18 -170.98 82.52
N LYS SB 33 141.99 -170.23 83.24
CA LYS SB 33 142.88 -170.83 84.23
C LYS SB 33 142.13 -171.75 85.19
N LEU SB 34 141.18 -171.19 85.94
CA LEU SB 34 140.36 -171.98 86.86
C LEU SB 34 139.71 -173.18 86.18
N ALA SB 35 138.98 -172.98 85.09
CA ALA SB 35 138.34 -174.10 84.42
C ALA SB 35 139.35 -175.16 84.00
N ALA SB 36 140.58 -174.75 83.71
CA ALA SB 36 141.62 -175.71 83.36
C ALA SB 36 142.12 -176.47 84.59
N LYS SB 37 142.01 -175.89 85.78
CA LYS SB 37 142.51 -176.53 87.00
C LYS SB 37 141.56 -176.19 88.15
N PRO SB 38 140.32 -176.67 88.07
CA PRO SB 38 139.31 -176.38 89.08
C PRO SB 38 139.63 -176.66 90.55
N SER SB 39 140.76 -177.30 90.86
CA SER SB 39 141.00 -177.72 92.23
C SER SB 39 142.15 -176.99 92.92
N ASP SB 40 142.83 -176.09 92.24
CA ASP SB 40 143.89 -175.34 92.88
C ASP SB 40 143.31 -174.21 93.72
N PRO SB 41 143.48 -174.25 95.05
CA PRO SB 41 142.90 -173.17 95.88
C PRO SB 41 143.39 -171.79 95.53
N ALA SB 42 144.55 -171.65 94.89
CA ALA SB 42 145.03 -170.33 94.51
C ALA SB 42 144.11 -169.67 93.49
N LEU SB 43 143.59 -170.44 92.53
CA LEU SB 43 142.76 -169.90 91.47
C LEU SB 43 141.33 -169.60 91.93
N LEU SB 44 140.81 -170.39 92.86
CA LEU SB 44 139.42 -170.25 93.30
C LEU SB 44 139.12 -168.88 93.89
N ALA SB 45 139.76 -168.51 94.99
CA ALA SB 45 139.52 -167.20 95.61
C ALA SB 45 139.75 -166.06 94.63
N ALA SB 46 140.77 -166.15 93.77
CA ALA SB 46 141.00 -165.10 92.79
C ALA SB 46 139.80 -164.94 91.85
N TYR SB 47 139.35 -166.06 91.28
CA TYR SB 47 138.22 -166.00 90.35
C TYR SB 47 136.96 -165.53 91.05
N GLN SB 48 136.76 -165.94 92.30
CA GLN SB 48 135.65 -165.43 93.10
C GLN SB 48 135.70 -163.92 93.20
N SER SB 49 136.88 -163.39 93.52
CA SER SB 49 137.06 -161.95 93.63
C SER SB 49 136.65 -161.25 92.35
N LYS SB 50 137.31 -161.61 91.26
CA LYS SB 50 137.04 -160.96 89.97
C LYS SB 50 135.57 -161.08 89.56
N LEU SB 51 134.98 -162.26 89.71
CA LEU SB 51 133.58 -162.42 89.32
C LEU SB 51 132.66 -161.55 90.15
N SER SB 52 132.96 -161.40 91.45
CA SER SB 52 132.16 -160.51 92.28
C SER SB 52 132.31 -159.06 91.83
N GLU SB 53 133.54 -158.64 91.57
CA GLU SB 53 133.81 -157.31 91.04
C GLU SB 53 132.97 -157.03 89.80
N TYR SB 54 132.97 -157.97 88.85
CA TYR SB 54 132.19 -157.81 87.63
C TYR SB 54 130.69 -157.71 87.91
N ASN SB 55 130.17 -158.57 88.76
CA ASN SB 55 128.76 -158.48 89.13
C ASN SB 55 128.37 -157.10 89.65
N LEU SB 56 129.14 -156.57 90.59
CA LEU SB 56 128.86 -155.25 91.13
C LEU SB 56 128.95 -154.16 90.07
N TYR SB 57 130.01 -154.19 89.27
CA TYR SB 57 130.17 -153.23 88.18
C TYR SB 57 128.96 -153.20 87.24
N ARG SB 58 128.55 -154.36 86.72
CA ARG SB 58 127.41 -154.38 85.82
C ARG SB 58 126.11 -153.96 86.49
N ASN SB 59 125.91 -154.29 87.76
CA ASN SB 59 124.72 -153.80 88.44
C ASN SB 59 124.68 -152.28 88.54
N ALA SB 60 125.74 -151.68 89.09
CA ALA SB 60 125.77 -150.23 89.24
C ALA SB 60 125.59 -149.53 87.89
N GLN SB 61 126.30 -150.02 86.87
CA GLN SB 61 126.18 -149.45 85.54
C GLN SB 61 124.73 -149.48 85.04
N SER SB 62 124.07 -150.63 85.11
CA SER SB 62 122.75 -150.72 84.51
C SER SB 62 121.68 -149.97 85.29
N ASN SB 63 121.75 -149.96 86.63
CA ASN SB 63 120.75 -149.17 87.36
C ASN SB 63 120.92 -147.67 87.18
N THR SB 64 122.15 -147.17 87.13
CA THR SB 64 122.34 -145.74 86.91
C THR SB 64 121.65 -145.23 85.65
N VAL SB 65 121.82 -145.96 84.54
CA VAL SB 65 121.23 -145.54 83.28
C VAL SB 65 119.72 -145.46 83.38
N LYS SB 66 119.08 -146.46 83.98
CA LYS SB 66 117.63 -146.42 84.10
C LYS SB 66 117.17 -145.21 84.90
N VAL SB 67 117.84 -144.93 86.02
CA VAL SB 67 117.43 -143.78 86.81
C VAL SB 67 117.52 -142.48 86.00
N PHE SB 68 118.62 -142.28 85.28
CA PHE SB 68 118.71 -141.07 84.47
C PHE SB 68 117.69 -141.03 83.34
N LYS SB 69 117.37 -142.18 82.74
CA LYS SB 69 116.32 -142.19 81.72
C LYS SB 69 114.99 -141.74 82.29
N ASP SB 70 114.69 -142.13 83.53
CA ASP SB 70 113.44 -141.68 84.13
C ASP SB 70 113.48 -140.20 84.48
N ILE SB 71 114.60 -139.72 85.02
CA ILE SB 71 114.72 -138.31 85.33
C ILE SB 71 114.57 -137.44 84.09
N ASP SB 72 114.98 -137.94 82.92
CA ASP SB 72 114.70 -137.21 81.68
C ASP SB 72 113.24 -137.28 81.27
N ALA SB 73 112.69 -138.50 81.20
CA ALA SB 73 111.32 -138.66 80.74
C ALA SB 73 110.32 -137.84 81.57
N ALA SB 74 110.58 -137.69 82.87
CA ALA SB 74 109.71 -136.87 83.71
C ALA SB 74 109.70 -135.41 83.28
N ILE SB 75 110.82 -134.86 82.85
CA ILE SB 75 110.81 -133.49 82.36
C ILE SB 75 110.22 -133.41 80.96
N ILE SB 76 110.56 -134.36 80.09
CA ILE SB 76 110.10 -134.30 78.70
C ILE SB 76 108.59 -134.38 78.63
N GLN SB 77 107.97 -135.18 79.50
CA GLN SB 77 106.50 -135.19 79.54
C GLN SB 77 105.93 -133.86 80.00
N ASN SB 78 106.64 -133.15 80.84
CA ASN SB 78 106.21 -131.87 81.38
C ASN SB 78 106.29 -130.74 80.36
N PHE SB 79 106.44 -131.00 79.07
CA PHE SB 79 106.16 -129.98 78.05
C PHE SB 79 104.72 -129.95 77.61
N ARG SB 80 103.95 -131.01 77.83
CA ARG SB 80 102.54 -131.02 77.47
C ARG SB 80 101.79 -130.06 78.39
N PRO TB 4 130.34 -126.03 102.34
CA PRO TB 4 129.76 -126.78 101.23
C PRO TB 4 128.23 -126.81 101.29
N TRP TB 5 127.60 -127.36 100.26
CA TRP TB 5 126.15 -127.47 100.17
C TRP TB 5 125.71 -128.89 100.52
N SER TB 6 124.68 -129.00 101.36
CA SER TB 6 124.13 -130.29 101.73
C SER TB 6 122.61 -130.19 101.78
N GLY TB 7 121.95 -131.34 101.65
CA GLY TB 7 120.52 -131.44 101.77
C GLY TB 7 120.04 -132.09 103.05
N TYR TB 8 118.73 -132.30 103.10
CA TYR TB 8 118.09 -132.96 104.24
C TYR TB 8 118.42 -134.44 104.29
N LEU TB 9 118.46 -135.11 103.14
CA LEU TB 9 118.77 -136.52 103.12
C LEU TB 9 120.19 -136.82 103.61
N ASP TB 10 121.18 -136.13 103.06
CA ASP TB 10 122.55 -136.29 103.56
C ASP TB 10 122.69 -135.78 104.99
N ASP TB 11 121.96 -134.73 105.38
CA ASP TB 11 122.00 -134.35 106.80
C ASP TB 11 121.36 -135.40 107.69
N VAL TB 12 120.53 -136.28 107.13
CA VAL TB 12 119.99 -137.40 107.88
C VAL TB 12 121.02 -138.53 107.97
N SER TB 13 121.62 -138.86 106.83
CA SER TB 13 122.73 -139.81 106.81
C SER TB 13 123.79 -139.43 107.83
N ALA TB 14 124.13 -138.14 107.89
CA ALA TB 14 125.07 -137.64 108.87
C ALA TB 14 124.73 -138.10 110.28
N LYS TB 15 123.45 -138.32 110.57
CA LYS TB 15 123.07 -138.82 111.89
C LYS TB 15 123.69 -140.19 112.17
N PHE TB 16 123.60 -141.12 111.23
CA PHE TB 16 124.30 -142.39 111.37
C PHE TB 16 125.82 -142.21 111.33
N ASP TB 17 126.31 -141.43 110.37
CA ASP TB 17 127.74 -141.28 110.17
C ASP TB 17 128.44 -140.55 111.31
N THR TB 18 127.70 -139.91 112.20
CA THR TB 18 128.27 -139.36 113.43
C THR TB 18 127.64 -140.00 114.66
N GLY TB 19 126.77 -140.98 114.48
CA GLY TB 19 126.19 -141.71 115.57
C GLY TB 19 127.10 -142.86 115.93
N VAL TB 20 127.56 -143.59 114.92
CA VAL TB 20 128.54 -144.65 115.15
C VAL TB 20 129.95 -144.05 115.06
N ASP TB 21 130.59 -143.92 116.22
CA ASP TB 21 131.65 -142.93 116.36
C ASP TB 21 132.94 -143.34 115.66
N ASN TB 22 133.27 -144.64 115.66
CA ASN TB 22 134.46 -145.13 114.98
C ASN TB 22 134.28 -146.48 114.30
N LEU TB 23 133.07 -147.03 114.28
CA LEU TB 23 132.88 -148.42 113.89
C LEU TB 23 133.54 -148.71 112.55
N GLN TB 24 133.46 -147.77 111.61
CA GLN TB 24 134.12 -147.95 110.33
C GLN TB 24 135.62 -148.09 110.47
N THR TB 25 136.23 -147.43 111.46
CA THR TB 25 137.65 -147.63 111.72
C THR TB 25 137.92 -148.89 112.52
N GLN TB 26 137.05 -149.21 113.47
CA GLN TB 26 137.25 -150.37 114.34
C GLN TB 26 137.24 -151.68 113.55
N VAL TB 27 136.37 -151.79 112.54
CA VAL TB 27 136.44 -152.96 111.66
C VAL TB 27 137.72 -152.94 110.84
N THR TB 28 138.13 -151.77 110.33
CA THR TB 28 139.34 -151.67 109.54
C THR TB 28 140.55 -152.14 110.35
N GLU TB 29 140.59 -151.77 111.62
CA GLU TB 29 141.66 -152.16 112.52
C GLU TB 29 141.62 -153.65 112.84
N ALA TB 30 140.45 -154.15 113.24
CA ALA TB 30 140.32 -155.56 113.60
C ALA TB 30 140.62 -156.48 112.44
N LEU TB 31 140.42 -156.03 111.20
CA LEU TB 31 140.80 -156.87 110.06
C LEU TB 31 142.31 -157.11 110.03
N ASP TB 32 143.10 -156.05 110.18
CA ASP TB 32 144.55 -156.22 110.18
C ASP TB 32 145.04 -156.98 111.41
N LYS TB 33 144.44 -156.69 112.57
CA LYS TB 33 144.75 -157.45 113.77
C LYS TB 33 144.55 -158.95 113.56
N LEU TB 34 143.43 -159.33 112.93
CA LEU TB 34 143.25 -160.72 112.56
C LEU TB 34 144.31 -161.20 111.58
N ALA TB 35 144.57 -160.41 110.52
CA ALA TB 35 145.55 -160.82 109.53
C ALA TB 35 146.92 -161.07 110.14
N ALA TB 36 147.23 -160.40 111.24
CA ALA TB 36 148.48 -160.66 111.95
C ALA TB 36 148.48 -162.01 112.68
N LYS TB 37 147.33 -162.48 113.17
CA LYS TB 37 147.24 -163.76 113.88
C LYS TB 37 145.90 -164.42 113.60
N PRO TB 38 145.69 -164.89 112.36
CA PRO TB 38 144.41 -165.46 111.95
C PRO TB 38 143.86 -166.64 112.75
N SER TB 39 144.56 -167.11 113.77
CA SER TB 39 144.11 -168.27 114.54
C SER TB 39 143.82 -167.93 115.99
N ASP TB 40 143.49 -166.67 116.28
CA ASP TB 40 143.17 -166.26 117.64
C ASP TB 40 141.66 -166.18 117.81
N PRO TB 41 141.07 -166.90 118.75
CA PRO TB 41 139.62 -166.86 118.89
C PRO TB 41 139.10 -165.50 119.32
N ALA TB 42 139.86 -164.77 120.15
CA ALA TB 42 139.39 -163.46 120.58
C ALA TB 42 139.32 -162.50 119.39
N LEU TB 43 140.33 -162.54 118.53
CA LEU TB 43 140.30 -161.78 117.30
C LEU TB 43 139.09 -162.16 116.46
N LEU TB 44 138.89 -163.46 116.27
CA LEU TB 44 137.78 -163.90 115.43
C LEU TB 44 136.44 -163.41 115.98
N ALA TB 45 136.19 -163.69 117.26
CA ALA TB 45 134.89 -163.36 117.84
C ALA TB 45 134.62 -161.86 117.79
N ALA TB 46 135.64 -161.05 118.11
CA ALA TB 46 135.46 -159.61 118.01
C ALA TB 46 135.17 -159.19 116.57
N TYR TB 47 135.94 -159.74 115.62
CA TYR TB 47 135.76 -159.31 114.25
C TYR TB 47 134.35 -159.65 113.76
N GLN TB 48 133.87 -160.85 114.09
CA GLN TB 48 132.48 -161.23 113.82
C GLN TB 48 131.49 -160.19 114.33
N SER TB 49 131.60 -159.85 115.62
CA SER TB 49 130.72 -158.84 116.20
C SER TB 49 130.77 -157.52 115.44
N LYS TB 50 131.97 -156.98 115.28
CA LYS TB 50 132.14 -155.71 114.58
C LYS TB 50 131.59 -155.74 113.15
N LEU TB 51 131.83 -156.82 112.43
CA LEU TB 51 131.28 -156.95 111.08
C LEU TB 51 129.77 -156.93 111.07
N SER TB 52 129.14 -157.66 111.98
CA SER TB 52 127.68 -157.62 112.08
C SER TB 52 127.18 -156.20 112.34
N GLU TB 53 127.72 -155.55 113.36
CA GLU TB 53 127.36 -154.16 113.66
C GLU TB 53 127.50 -153.25 112.43
N TYR TB 54 128.65 -153.29 111.77
CA TYR TB 54 128.88 -152.48 110.58
C TYR TB 54 127.84 -152.74 109.49
N ASN TB 55 127.51 -154.00 109.24
CA ASN TB 55 126.50 -154.32 108.23
C ASN TB 55 125.15 -153.71 108.59
N LEU TB 56 124.70 -153.90 109.82
CA LEU TB 56 123.45 -153.27 110.26
C LEU TB 56 123.49 -151.74 110.09
N TYR TB 57 124.62 -151.13 110.40
CA TYR TB 57 124.81 -149.69 110.21
C TYR TB 57 124.57 -149.27 108.77
N ARG TB 58 125.32 -149.87 107.83
CA ARG TB 58 125.16 -149.53 106.42
C ARG TB 58 123.75 -149.81 105.90
N ASN TB 59 123.15 -150.90 106.35
CA ASN TB 59 121.80 -151.22 105.89
C ASN TB 59 120.79 -150.15 106.31
N ALA TB 60 120.65 -149.91 107.61
CA ALA TB 60 119.77 -148.85 108.08
C ALA TB 60 120.05 -147.52 107.37
N GLN TB 61 121.32 -147.17 107.23
CA GLN TB 61 121.72 -145.97 106.49
C GLN TB 61 121.04 -145.88 105.13
N SER TB 62 121.07 -146.97 104.37
CA SER TB 62 120.46 -146.94 103.03
C SER TB 62 118.94 -146.87 103.06
N ASN TB 63 118.31 -147.75 103.84
CA ASN TB 63 116.85 -147.77 103.87
C ASN TB 63 116.22 -146.45 104.32
N THR TB 64 116.86 -145.74 105.25
CA THR TB 64 116.28 -144.45 105.65
C THR TB 64 116.19 -143.48 104.48
N VAL TB 65 117.28 -143.37 103.71
CA VAL TB 65 117.29 -142.52 102.53
C VAL TB 65 116.21 -142.94 101.55
N LYS TB 66 116.07 -144.23 101.31
CA LYS TB 66 114.99 -144.68 100.41
C LYS TB 66 113.62 -144.17 100.86
N VAL TB 67 113.30 -144.37 102.13
CA VAL TB 67 112.01 -143.93 102.66
C VAL TB 67 111.79 -142.44 102.45
N PHE TB 68 112.75 -141.60 102.85
CA PHE TB 68 112.54 -140.16 102.65
C PHE TB 68 112.42 -139.77 101.18
N LYS TB 69 113.12 -140.44 100.29
CA LYS TB 69 112.95 -140.17 98.87
C LYS TB 69 111.51 -140.43 98.46
N ASP TB 70 111.01 -141.63 98.76
CA ASP TB 70 109.64 -141.97 98.38
C ASP TB 70 108.63 -141.00 98.98
N ILE TB 71 108.84 -140.55 100.21
CA ILE TB 71 107.89 -139.61 100.80
C ILE TB 71 107.90 -138.29 100.03
N ASP TB 72 109.08 -137.73 99.77
CA ASP TB 72 109.14 -136.43 99.09
C ASP TB 72 108.53 -136.49 97.68
N ALA TB 73 108.91 -137.51 96.91
CA ALA TB 73 108.47 -137.63 95.53
C ALA TB 73 106.95 -137.52 95.36
N ALA TB 74 106.18 -138.18 96.23
CA ALA TB 74 104.72 -138.08 96.13
C ALA TB 74 104.22 -136.64 96.16
N ILE TB 75 104.54 -135.91 97.23
CA ILE TB 75 104.17 -134.50 97.32
C ILE TB 75 104.63 -133.72 96.09
N ILE TB 76 105.88 -133.94 95.67
CA ILE TB 76 106.39 -133.22 94.52
C ILE TB 76 105.52 -133.47 93.29
N GLN TB 77 105.08 -134.71 93.09
CA GLN TB 77 104.14 -134.95 92.00
C GLN TB 77 102.80 -134.26 92.25
N ASN TB 78 102.33 -134.31 93.50
CA ASN TB 78 101.05 -133.73 93.87
C ASN TB 78 100.98 -132.23 93.64
N PHE TB 79 102.12 -131.55 93.42
CA PHE TB 79 102.02 -130.12 93.14
C PHE TB 79 101.25 -129.80 91.87
N ARG TB 80 101.33 -130.64 90.85
CA ARG TB 80 100.58 -130.33 89.63
C ARG TB 80 99.11 -130.63 89.85
N PRO UB 4 102.00 -138.41 125.01
CA PRO UB 4 102.42 -138.29 123.62
C PRO UB 4 101.43 -138.97 122.67
N TRP UB 5 101.39 -138.49 121.42
CA TRP UB 5 100.43 -139.03 120.46
C TRP UB 5 100.76 -140.47 120.10
N SER UB 6 99.72 -141.22 119.77
CA SER UB 6 99.87 -142.59 119.27
C SER UB 6 98.74 -142.87 118.29
N GLY UB 7 99.03 -143.70 117.29
CA GLY UB 7 98.04 -144.05 116.29
C GLY UB 7 97.50 -145.47 116.35
N TYR UB 8 97.08 -145.97 115.19
CA TYR UB 8 96.61 -147.35 115.03
C TYR UB 8 97.77 -148.36 115.00
N LEU UB 9 98.77 -148.09 114.16
CA LEU UB 9 99.89 -149.02 113.99
C LEU UB 9 100.65 -149.21 115.29
N ASP UB 10 101.01 -148.10 115.95
CA ASP UB 10 101.76 -148.24 117.19
C ASP UB 10 100.89 -148.77 118.31
N ASP UB 11 99.58 -148.57 118.25
CA ASP UB 11 98.70 -149.24 119.19
C ASP UB 11 98.77 -150.76 119.00
N VAL UB 12 98.66 -151.22 117.76
CA VAL UB 12 98.80 -152.65 117.47
C VAL UB 12 100.16 -153.19 117.92
N SER UB 13 101.19 -152.37 117.83
CA SER UB 13 102.50 -152.77 118.36
C SER UB 13 102.47 -152.88 119.89
N ALA UB 14 101.99 -151.84 120.56
CA ALA UB 14 101.91 -151.90 122.01
C ALA UB 14 101.04 -153.06 122.48
N LYS UB 15 100.06 -153.47 121.69
CA LYS UB 15 99.31 -154.67 122.07
C LYS UB 15 100.23 -155.87 122.25
N PHE UB 16 101.37 -155.89 121.57
CA PHE UB 16 102.36 -156.95 121.74
C PHE UB 16 103.31 -156.66 122.88
N ASP UB 17 103.72 -155.40 122.99
CA ASP UB 17 104.55 -154.99 124.13
C ASP UB 17 103.86 -155.35 125.45
N THR UB 18 102.58 -155.02 125.58
CA THR UB 18 101.76 -155.43 126.72
C THR UB 18 101.32 -156.88 126.65
N GLY UB 19 101.42 -157.52 125.50
CA GLY UB 19 101.07 -158.92 125.36
C GLY UB 19 102.08 -159.82 126.02
N VAL UB 20 103.35 -159.67 125.67
CA VAL UB 20 104.36 -160.43 126.42
C VAL UB 20 104.60 -159.72 127.75
N ASP UB 21 103.81 -160.11 128.76
CA ASP UB 21 103.79 -159.44 130.05
C ASP UB 21 105.19 -159.24 130.63
N ASN UB 22 106.02 -160.28 130.58
CA ASN UB 22 107.34 -160.23 131.19
C ASN UB 22 108.45 -160.89 130.38
N LEU UB 23 108.14 -161.37 129.16
CA LEU UB 23 109.14 -162.06 128.36
C LEU UB 23 110.47 -161.31 128.31
N GLN UB 24 110.43 -160.00 128.18
CA GLN UB 24 111.67 -159.24 128.07
C GLN UB 24 112.54 -159.37 129.31
N THR UB 25 111.93 -159.39 130.49
CA THR UB 25 112.72 -159.57 131.70
C THR UB 25 113.17 -161.02 131.84
N GLN UB 26 112.30 -161.96 131.47
CA GLN UB 26 112.70 -163.36 131.56
C GLN UB 26 113.94 -163.59 130.72
N VAL UB 27 113.94 -163.04 129.50
CA VAL UB 27 115.09 -163.16 128.62
C VAL UB 27 116.30 -162.45 129.21
N THR UB 28 116.07 -161.27 129.79
CA THR UB 28 117.18 -160.51 130.37
C THR UB 28 117.89 -161.32 131.44
N GLU UB 29 117.13 -161.87 132.38
CA GLU UB 29 117.79 -162.60 133.46
C GLU UB 29 118.27 -163.98 133.02
N ALA UB 30 117.62 -164.65 132.06
CA ALA UB 30 118.18 -165.91 131.61
C ALA UB 30 119.54 -165.68 130.96
N LEU UB 31 119.63 -164.64 130.11
CA LEU UB 31 120.90 -164.31 129.46
C LEU UB 31 121.95 -163.92 130.48
N ASP UB 32 121.56 -163.19 131.52
CA ASP UB 32 122.55 -162.75 132.50
C ASP UB 32 123.01 -163.89 133.39
N LYS UB 33 122.08 -164.66 133.95
CA LYS UB 33 122.45 -165.74 134.85
C LYS UB 33 123.25 -166.83 134.13
N LEU UB 34 122.84 -167.19 132.91
CA LEU UB 34 123.56 -168.23 132.19
C LEU UB 34 125.03 -167.86 131.97
N ALA UB 35 125.30 -166.60 131.59
CA ALA UB 35 126.66 -166.21 131.27
C ALA UB 35 127.64 -166.46 132.40
N ALA UB 36 127.18 -166.55 133.64
CA ALA UB 36 128.07 -166.85 134.75
C ALA UB 36 128.47 -168.32 134.83
N LYS UB 37 127.70 -169.23 134.23
CA LYS UB 37 128.03 -170.65 134.23
C LYS UB 37 127.57 -171.27 132.92
N PRO UB 38 128.35 -171.07 131.85
CA PRO UB 38 128.00 -171.62 130.53
C PRO UB 38 127.78 -173.12 130.44
N SER UB 39 127.91 -173.88 131.54
CA SER UB 39 127.90 -175.32 131.47
C SER UB 39 126.71 -176.00 132.16
N ASP UB 40 125.75 -175.24 132.67
CA ASP UB 40 124.57 -175.87 133.27
C ASP UB 40 123.51 -176.17 132.21
N PRO UB 41 123.15 -177.43 132.00
CA PRO UB 41 122.14 -177.74 130.97
C PRO UB 41 120.77 -177.18 131.29
N ALA UB 42 120.42 -177.06 132.57
CA ALA UB 42 119.11 -176.53 132.91
C ALA UB 42 119.02 -175.05 132.61
N LEU UB 43 120.15 -174.36 132.65
CA LEU UB 43 120.16 -172.95 132.27
C LEU UB 43 120.17 -172.82 130.76
N LEU UB 44 120.96 -173.66 130.09
CA LEU UB 44 121.02 -173.61 128.64
C LEU UB 44 119.66 -173.83 127.99
N ALA UB 45 118.97 -174.90 128.36
CA ALA UB 45 117.68 -175.21 127.73
C ALA UB 45 116.65 -174.12 127.98
N ALA UB 46 116.65 -173.55 129.19
CA ALA UB 46 115.71 -172.48 129.51
C ALA UB 46 115.99 -171.25 128.66
N TYR UB 47 117.25 -170.83 128.61
CA TYR UB 47 117.60 -169.67 127.82
C TYR UB 47 117.28 -169.90 126.35
N GLN UB 48 117.58 -171.09 125.83
CA GLN UB 48 117.22 -171.43 124.46
C GLN UB 48 115.73 -171.24 124.19
N SER UB 49 114.90 -171.70 125.13
CA SER UB 49 113.45 -171.52 124.99
C SER UB 49 113.06 -170.04 124.93
N LYS UB 50 113.45 -169.29 125.96
CA LYS UB 50 113.12 -167.86 125.98
C LYS UB 50 113.65 -167.11 124.75
N LEU UB 51 114.84 -167.46 124.29
CA LEU UB 51 115.40 -166.83 123.09
C LEU UB 51 114.53 -167.11 121.86
N SER UB 52 114.11 -168.35 121.68
CA SER UB 52 113.22 -168.65 120.57
C SER UB 52 111.91 -167.87 120.67
N GLU UB 53 111.30 -167.87 121.84
CA GLU UB 53 110.08 -167.09 122.07
C GLU UB 53 110.28 -165.61 121.72
N TYR UB 54 111.39 -165.02 122.15
CA TYR UB 54 111.69 -163.63 121.81
C TYR UB 54 111.77 -163.41 120.30
N ASN UB 55 112.47 -164.30 119.61
CA ASN UB 55 112.55 -164.22 118.16
C ASN UB 55 111.16 -164.19 117.52
N LEU UB 56 110.32 -165.17 117.85
CA LEU UB 56 108.98 -165.23 117.26
C LEU UB 56 108.14 -164.02 117.66
N TYR UB 57 108.34 -163.50 118.86
CA TYR UB 57 107.68 -162.26 119.28
C TYR UB 57 107.99 -161.11 118.33
N ARG UB 58 109.27 -160.80 118.17
CA ARG UB 58 109.67 -159.70 117.28
C ARG UB 58 109.20 -159.89 115.84
N ASN UB 59 109.34 -161.10 115.28
CA ASN UB 59 108.89 -161.28 113.91
C ASN UB 59 107.37 -161.15 113.73
N ALA UB 60 106.58 -161.70 114.64
CA ALA UB 60 105.13 -161.53 114.53
C ALA UB 60 104.73 -160.07 114.67
N GLN UB 61 105.34 -159.36 115.62
CA GLN UB 61 105.01 -157.95 115.82
C GLN UB 61 105.29 -157.13 114.57
N SER UB 62 106.52 -157.24 114.06
CA SER UB 62 106.91 -156.48 112.88
C SER UB 62 106.03 -156.78 111.67
N ASN UB 63 105.78 -158.05 111.36
CA ASN UB 63 104.95 -158.31 110.19
C ASN UB 63 103.49 -157.91 110.39
N THR UB 64 102.97 -157.97 111.62
CA THR UB 64 101.63 -157.44 111.84
C THR UB 64 101.56 -155.95 111.57
N VAL UB 65 102.57 -155.19 111.99
CA VAL UB 65 102.57 -153.76 111.70
C VAL UB 65 102.67 -153.51 110.21
N LYS UB 66 103.59 -154.21 109.55
CA LYS UB 66 103.87 -153.98 108.14
C LYS UB 66 102.65 -154.23 107.26
N VAL UB 67 101.91 -155.31 107.51
CA VAL UB 67 100.74 -155.56 106.67
C VAL UB 67 99.69 -154.46 106.82
N PHE UB 68 99.45 -153.97 108.04
CA PHE UB 68 98.51 -152.87 108.21
C PHE UB 68 98.96 -151.60 107.51
N LYS UB 69 100.26 -151.32 107.56
CA LYS UB 69 100.78 -150.17 106.81
C LYS UB 69 100.43 -150.31 105.33
N ASP UB 70 100.73 -151.46 104.75
CA ASP UB 70 100.46 -151.67 103.33
C ASP UB 70 98.96 -151.64 103.03
N ILE UB 71 98.12 -152.02 103.99
CA ILE UB 71 96.68 -151.89 103.78
C ILE UB 71 96.28 -150.42 103.67
N ASP UB 72 96.66 -149.60 104.65
CA ASP UB 72 96.28 -148.20 104.63
C ASP UB 72 96.84 -147.46 103.42
N ALA UB 73 98.10 -147.71 103.09
CA ALA UB 73 98.74 -147.01 101.97
C ALA UB 73 98.02 -147.26 100.66
N ALA UB 74 97.29 -148.37 100.54
CA ALA UB 74 96.49 -148.60 99.34
C ALA UB 74 95.27 -147.69 99.31
N ILE UB 75 94.65 -147.47 100.47
CA ILE UB 75 93.37 -146.77 100.49
C ILE UB 75 93.58 -145.27 100.37
N ILE UB 76 94.65 -144.75 100.97
CA ILE UB 76 94.96 -143.33 100.76
C ILE UB 76 95.21 -143.01 99.30
N GLN UB 77 95.60 -143.99 98.49
CA GLN UB 77 95.72 -143.76 97.06
C GLN UB 77 94.38 -143.37 96.43
N ASN UB 78 93.29 -144.00 96.86
CA ASN UB 78 92.00 -143.83 96.19
C ASN UB 78 91.29 -142.52 96.45
N PHE UB 79 91.88 -141.57 97.19
CA PHE UB 79 91.36 -140.21 97.10
C PHE UB 79 91.64 -139.61 95.73
N ARG UB 80 92.65 -140.10 95.03
CA ARG UB 80 93.02 -139.55 93.73
C ARG UB 80 91.92 -139.88 92.74
N PRO VB 4 79.35 -168.11 113.19
CA PRO VB 4 80.05 -166.85 112.91
C PRO VB 4 80.42 -166.71 111.44
N TRP VB 5 80.53 -165.47 110.97
CA TRP VB 5 80.84 -165.25 109.57
C TRP VB 5 82.22 -165.79 109.21
N SER VB 6 82.28 -166.49 108.08
CA SER VB 6 83.52 -167.08 107.59
C SER VB 6 83.61 -166.80 106.10
N GLY VB 7 84.82 -166.50 105.64
CA GLY VB 7 85.04 -166.25 104.24
C GLY VB 7 85.45 -167.49 103.47
N TYR VB 8 85.69 -167.29 102.18
CA TYR VB 8 86.14 -168.38 101.32
C TYR VB 8 87.44 -168.98 101.83
N LEU VB 9 88.39 -168.12 102.24
CA LEU VB 9 89.65 -168.60 102.79
C LEU VB 9 89.43 -169.44 104.03
N ASP VB 10 88.58 -168.96 104.94
CA ASP VB 10 88.23 -169.72 106.14
C ASP VB 10 87.67 -171.09 105.79
N ASP VB 11 86.60 -171.10 105.01
CA ASP VB 11 85.95 -172.35 104.61
C ASP VB 11 86.91 -173.29 103.89
N VAL VB 12 87.83 -172.75 103.08
CA VAL VB 12 88.82 -173.60 102.43
C VAL VB 12 89.79 -174.20 103.45
N SER VB 13 90.37 -173.36 104.31
CA SER VB 13 91.25 -173.88 105.35
C SER VB 13 90.57 -174.95 106.20
N ALA VB 14 89.27 -174.81 106.42
CA ALA VB 14 88.53 -175.86 107.12
C ALA VB 14 88.72 -177.23 106.50
N LYS VB 15 88.95 -177.29 105.19
CA LYS VB 15 89.21 -178.57 104.54
C LYS VB 15 90.42 -179.27 105.15
N PHE VB 16 91.44 -178.51 105.52
CA PHE VB 16 92.63 -179.09 106.15
C PHE VB 16 92.30 -179.67 107.52
N ASP VB 17 91.75 -178.86 108.41
CA ASP VB 17 91.44 -179.34 109.76
C ASP VB 17 90.50 -180.52 109.75
N THR VB 18 89.49 -180.52 108.88
CA THR VB 18 88.63 -181.70 108.77
C THR VB 18 89.26 -182.84 107.98
N GLY VB 19 90.35 -182.59 107.26
CA GLY VB 19 91.06 -183.63 106.55
C GLY VB 19 91.95 -184.41 107.49
N VAL VB 20 92.64 -183.71 108.37
CA VAL VB 20 93.40 -184.37 109.42
C VAL VB 20 92.42 -184.76 110.53
N ASP VB 21 91.71 -185.85 110.30
CA ASP VB 21 90.64 -186.30 111.16
C ASP VB 21 90.97 -186.25 112.66
N ASN VB 22 92.15 -186.76 113.05
CA ASN VB 22 92.49 -186.81 114.46
C ASN VB 22 93.96 -186.51 114.73
N LEU VB 23 94.72 -186.08 113.72
CA LEU VB 23 96.15 -185.87 113.86
C LEU VB 23 96.53 -185.11 115.13
N GLN VB 24 95.86 -183.99 115.39
CA GLN VB 24 96.17 -183.19 116.58
C GLN VB 24 96.11 -184.00 117.87
N THR VB 25 95.07 -184.82 118.02
CA THR VB 25 94.98 -185.62 119.23
C THR VB 25 96.02 -186.72 119.25
N GLN VB 26 96.26 -187.36 118.12
CA GLN VB 26 97.27 -188.41 118.09
C GLN VB 26 98.63 -187.84 118.48
N VAL VB 27 98.97 -186.66 117.96
CA VAL VB 27 100.22 -185.97 118.29
C VAL VB 27 100.29 -185.64 119.78
N THR VB 28 99.23 -185.07 120.32
CA THR VB 28 99.27 -184.69 121.73
C THR VB 28 99.39 -185.92 122.63
N GLU VB 29 98.65 -186.99 122.34
CA GLU VB 29 98.77 -188.16 123.20
C GLU VB 29 100.10 -188.87 123.00
N ALA VB 30 100.68 -188.78 121.80
CA ALA VB 30 102.01 -189.35 121.59
C ALA VB 30 103.03 -188.62 122.46
N LEU VB 31 102.90 -187.30 122.56
CA LEU VB 31 103.79 -186.56 123.45
C LEU VB 31 103.49 -186.87 124.91
N ASP VB 32 102.21 -187.10 125.22
CA ASP VB 32 101.83 -187.43 126.59
C ASP VB 32 102.50 -188.72 127.05
N LYS VB 33 102.41 -189.77 126.24
CA LYS VB 33 103.06 -191.03 126.60
C LYS VB 33 104.58 -190.94 126.51
N LEU VB 34 105.11 -190.12 125.59
CA LEU VB 34 106.55 -189.92 125.56
C LEU VB 34 107.05 -189.33 126.87
N ALA VB 35 106.39 -188.27 127.34
CA ALA VB 35 106.77 -187.70 128.63
C ALA VB 35 106.58 -188.70 129.75
N ALA VB 36 105.53 -189.53 129.64
CA ALA VB 36 105.27 -190.54 130.66
C ALA VB 36 106.38 -191.57 130.73
N LYS VB 37 107.03 -191.87 129.61
CA LYS VB 37 108.09 -192.88 129.56
C LYS VB 37 109.13 -192.46 128.52
N PRO VB 38 109.91 -191.43 128.83
CA PRO VB 38 110.85 -190.84 127.85
C PRO VB 38 111.90 -191.75 127.24
N SER VB 39 111.97 -193.04 127.58
CA SER VB 39 113.03 -193.88 127.06
C SER VB 39 112.58 -195.13 126.28
N ASP VB 40 111.31 -195.28 125.97
CA ASP VB 40 110.92 -196.46 125.19
C ASP VB 40 111.19 -196.21 123.71
N PRO VB 41 112.04 -197.01 123.05
CA PRO VB 41 112.31 -196.79 121.63
C PRO VB 41 111.10 -196.93 120.73
N ALA VB 42 110.14 -197.78 121.11
CA ALA VB 42 108.93 -197.98 120.32
C ALA VB 42 108.06 -196.73 120.27
N LEU VB 43 108.05 -195.95 121.36
CA LEU VB 43 107.21 -194.77 121.43
C LEU VB 43 107.76 -193.62 120.59
N LEU VB 44 109.07 -193.44 120.58
CA LEU VB 44 109.67 -192.36 119.81
C LEU VB 44 109.44 -192.51 118.32
N ALA VB 45 109.43 -193.74 117.79
CA ALA VB 45 109.12 -193.93 116.38
C ALA VB 45 107.75 -193.34 116.02
N ALA VB 46 106.75 -193.62 116.84
CA ALA VB 46 105.41 -193.09 116.60
C ALA VB 46 105.39 -191.57 116.76
N TYR VB 47 105.97 -191.07 117.84
CA TYR VB 47 105.99 -189.62 118.04
C TYR VB 47 106.65 -188.92 116.86
N GLN VB 48 107.81 -189.41 116.43
CA GLN VB 48 108.51 -188.83 115.29
C GLN VB 48 107.66 -188.84 114.02
N SER VB 49 106.93 -189.94 113.80
CA SER VB 49 106.03 -190.02 112.66
C SER VB 49 104.92 -188.97 112.72
N LYS VB 50 104.17 -188.97 113.82
CA LYS VB 50 103.08 -188.03 113.99
C LYS VB 50 103.55 -186.58 113.89
N LEU VB 51 104.67 -186.25 114.55
CA LEU VB 51 105.21 -184.91 114.45
C LEU VB 51 105.50 -184.51 113.00
N SER VB 52 106.13 -185.40 112.24
CA SER VB 52 106.35 -185.11 110.82
C SER VB 52 105.03 -184.85 110.08
N GLU VB 53 104.06 -185.74 110.28
CA GLU VB 53 102.74 -185.54 109.66
C GLU VB 53 102.15 -184.18 109.99
N TYR VB 54 102.30 -183.74 111.23
CA TYR VB 54 101.80 -182.44 111.66
C TYR VB 54 102.52 -181.30 110.96
N ASN VB 55 103.85 -181.34 110.94
CA ASN VB 55 104.61 -180.31 110.26
C ASN VB 55 104.16 -180.15 108.81
N LEU VB 56 104.11 -181.25 108.07
CA LEU VB 56 103.76 -181.17 106.65
C LEU VB 56 102.33 -180.68 106.45
N TYR VB 57 101.41 -181.12 107.30
CA TYR VB 57 100.04 -180.63 107.29
C TYR VB 57 99.96 -179.11 107.45
N ARG VB 58 100.55 -178.58 108.51
CA ARG VB 58 100.48 -177.13 108.74
C ARG VB 58 101.16 -176.34 107.63
N ASN VB 59 102.28 -176.86 107.11
CA ASN VB 59 102.94 -176.19 106.00
C ASN VB 59 102.01 -176.06 104.80
N ALA VB 60 101.52 -177.20 104.29
CA ALA VB 60 100.68 -177.13 103.10
C ALA VB 60 99.46 -176.24 103.30
N GLN VB 61 98.92 -176.21 104.52
CA GLN VB 61 97.82 -175.29 104.80
C GLN VB 61 98.21 -173.84 104.55
N SER VB 62 99.27 -173.40 105.24
CA SER VB 62 99.70 -172.02 105.10
C SER VB 62 100.00 -171.66 103.65
N ASN VB 63 100.82 -172.49 102.98
CA ASN VB 63 101.12 -172.19 101.58
C ASN VB 63 99.88 -172.06 100.70
N THR VB 64 98.88 -172.92 100.89
CA THR VB 64 97.65 -172.78 100.11
C THR VB 64 96.95 -171.44 100.35
N VAL VB 65 96.90 -171.01 101.60
CA VAL VB 65 96.28 -169.72 101.90
C VAL VB 65 97.05 -168.59 101.25
N LYS VB 66 98.38 -168.63 101.34
CA LYS VB 66 99.19 -167.58 100.75
C LYS VB 66 99.02 -167.52 99.24
N VAL VB 67 98.96 -168.68 98.59
CA VAL VB 67 98.76 -168.68 97.14
C VAL VB 67 97.43 -168.05 96.76
N PHE VB 68 96.33 -168.48 97.39
CA PHE VB 68 95.04 -167.92 96.97
C PHE VB 68 94.89 -166.43 97.28
N LYS VB 69 95.50 -165.95 98.37
CA LYS VB 69 95.45 -164.52 98.65
C LYS VB 69 96.02 -163.69 97.50
N ASP VB 70 97.06 -164.20 96.82
CA ASP VB 70 97.60 -163.44 95.69
C ASP VB 70 96.68 -163.47 94.48
N ILE VB 71 95.95 -164.56 94.27
CA ILE VB 71 95.05 -164.60 93.12
C ILE VB 71 93.94 -163.58 93.29
N ASP VB 72 93.46 -163.44 94.52
CA ASP VB 72 92.47 -162.38 94.78
C ASP VB 72 93.08 -160.99 94.65
N ALA VB 73 94.27 -160.77 95.21
CA ALA VB 73 94.86 -159.44 95.10
C ALA VB 73 95.09 -159.04 93.64
N ALA VB 74 95.58 -159.99 92.83
CA ALA VB 74 95.82 -159.73 91.41
C ALA VB 74 94.53 -159.41 90.66
N ILE VB 75 93.42 -160.07 90.97
CA ILE VB 75 92.19 -159.74 90.28
C ILE VB 75 91.63 -158.40 90.76
N ILE VB 76 91.63 -158.18 92.08
CA ILE VB 76 91.13 -156.91 92.64
C ILE VB 76 91.87 -155.71 92.07
N GLN VB 77 93.19 -155.78 91.98
CA GLN VB 77 93.93 -154.65 91.41
C GLN VB 77 93.51 -154.35 89.98
N ASN VB 78 93.07 -155.35 89.23
CA ASN VB 78 92.66 -155.14 87.85
C ASN VB 78 91.50 -154.17 87.70
N PHE VB 79 90.71 -153.93 88.74
CA PHE VB 79 89.53 -153.07 88.57
C PHE VB 79 89.89 -151.64 88.19
N ARG VB 80 90.92 -151.06 88.79
CA ARG VB 80 91.26 -149.69 88.43
C ARG VB 80 91.76 -149.60 87.00
N PRO WB 4 90.11 -186.04 79.80
CA PRO WB 4 90.13 -184.81 80.60
C PRO WB 4 91.16 -183.81 80.10
N TRP WB 5 90.91 -182.53 80.35
CA TRP WB 5 91.83 -181.49 79.91
C TRP WB 5 93.18 -181.61 80.60
N SER WB 6 94.22 -181.20 79.87
CA SER WB 6 95.58 -181.18 80.36
C SER WB 6 96.28 -179.95 79.79
N GLY WB 7 97.08 -179.28 80.61
CA GLY WB 7 97.80 -178.10 80.19
C GLY WB 7 99.23 -178.40 79.76
N TYR WB 8 99.99 -177.33 79.55
CA TYR WB 8 101.38 -177.46 79.16
C TYR WB 8 102.24 -177.90 80.34
N LEU WB 9 102.00 -177.30 81.50
CA LEU WB 9 102.69 -177.72 82.72
C LEU WB 9 102.31 -179.14 83.09
N ASP WB 10 101.03 -179.47 82.94
CA ASP WB 10 100.57 -180.83 83.12
C ASP WB 10 101.33 -181.80 82.23
N ASP WB 11 101.38 -181.55 80.93
CA ASP WB 11 102.11 -182.45 80.02
C ASP WB 11 103.61 -182.50 80.32
N VAL WB 12 104.20 -181.38 80.73
CA VAL WB 12 105.59 -181.42 81.17
C VAL WB 12 105.76 -182.37 82.34
N SER WB 13 104.92 -182.21 83.36
CA SER WB 13 104.97 -183.14 84.49
C SER WB 13 104.83 -184.57 84.02
N ALA WB 14 103.86 -184.82 83.14
CA ALA WB 14 103.65 -186.15 82.60
C ALA WB 14 104.92 -186.73 81.97
N LYS WB 15 105.77 -185.89 81.39
CA LYS WB 15 106.98 -186.46 80.80
C LYS WB 15 107.90 -187.14 81.82
N PHE WB 16 107.97 -186.62 83.04
CA PHE WB 16 108.75 -187.31 84.08
C PHE WB 16 108.18 -188.68 84.39
N ASP WB 17 106.89 -188.73 84.72
CA ASP WB 17 106.24 -189.99 85.04
C ASP WB 17 106.38 -190.99 83.89
N THR WB 18 106.19 -190.55 82.65
CA THR WB 18 106.37 -191.46 81.53
C THR WB 18 107.84 -191.73 81.22
N GLY WB 19 108.75 -190.96 81.80
CA GLY WB 19 110.16 -191.18 81.61
C GLY WB 19 110.57 -192.33 82.49
N VAL WB 20 110.07 -192.31 83.72
CA VAL WB 20 110.33 -193.39 84.68
C VAL WB 20 109.21 -194.42 84.45
N ASP WB 21 109.51 -195.37 83.57
CA ASP WB 21 108.51 -196.32 83.07
C ASP WB 21 107.76 -197.05 84.18
N ASN WB 22 108.47 -197.56 85.19
CA ASN WB 22 107.83 -198.36 86.22
C ASN WB 22 108.39 -198.16 87.62
N LEU WB 23 109.29 -197.21 87.81
CA LEU WB 23 109.94 -196.96 89.10
C LEU WB 23 108.96 -196.97 90.27
N GLN WB 24 107.79 -196.36 90.09
CA GLN WB 24 106.80 -196.28 91.17
C GLN WB 24 106.43 -197.64 91.75
N THR WB 25 106.21 -198.64 90.89
CA THR WB 25 105.90 -199.98 91.37
C THR WB 25 107.10 -200.61 92.08
N GLN WB 26 108.27 -200.56 91.44
CA GLN WB 26 109.48 -201.14 92.02
C GLN WB 26 109.76 -200.60 93.42
N VAL WB 27 109.68 -199.29 93.59
CA VAL WB 27 109.90 -198.66 94.89
C VAL WB 27 108.94 -199.20 95.94
N THR WB 28 107.72 -199.50 95.53
CA THR WB 28 106.70 -200.00 96.45
C THR WB 28 106.95 -201.46 96.84
N GLU WB 29 107.05 -202.32 95.83
CA GLU WB 29 107.23 -203.76 96.07
C GLU WB 29 108.55 -204.08 96.77
N ALA WB 30 109.65 -203.51 96.28
CA ALA WB 30 110.92 -203.83 96.90
C ALA WB 30 110.97 -203.42 98.37
N LEU WB 31 110.15 -202.46 98.77
CA LEU WB 31 110.08 -202.08 100.18
C LEU WB 31 109.36 -203.15 101.00
N ASP WB 32 108.34 -203.79 100.44
CA ASP WB 32 107.62 -204.81 101.19
C ASP WB 32 108.43 -206.09 101.31
N LYS WB 33 109.11 -206.48 100.24
CA LYS WB 33 110.02 -207.63 100.34
C LYS WB 33 111.32 -207.33 101.08
N LEU WB 34 111.73 -206.08 101.18
CA LEU WB 34 112.76 -205.73 102.16
C LEU WB 34 112.26 -205.87 103.58
N ALA WB 35 111.11 -205.27 103.90
CA ALA WB 35 110.57 -205.36 105.26
C ALA WB 35 110.25 -206.79 105.65
N ALA WB 36 110.03 -207.67 104.67
CA ALA WB 36 109.92 -209.09 104.98
C ALA WB 36 111.22 -209.65 105.55
N LYS WB 37 112.36 -209.08 105.18
CA LYS WB 37 113.66 -209.53 105.70
C LYS WB 37 114.56 -208.31 105.89
N PRO WB 38 114.29 -207.52 106.93
CA PRO WB 38 115.06 -206.29 107.18
C PRO WB 38 116.56 -206.49 107.35
N SER WB 39 117.06 -207.73 107.37
CA SER WB 39 118.48 -207.98 107.63
C SER WB 39 119.24 -208.59 106.46
N ASP WB 40 118.80 -208.34 105.22
CA ASP WB 40 119.56 -208.83 104.07
C ASP WB 40 120.32 -207.69 103.41
N PRO WB 41 121.65 -207.79 103.31
CA PRO WB 41 122.43 -206.68 102.73
C PRO WB 41 122.14 -206.45 101.26
N ALA WB 42 121.84 -207.51 100.51
CA ALA WB 42 121.54 -207.34 99.09
C ALA WB 42 120.26 -206.53 98.94
N LEU WB 43 119.22 -206.87 99.70
CA LEU WB 43 117.95 -206.22 99.54
C LEU WB 43 118.02 -204.78 100.03
N LEU WB 44 118.84 -204.53 101.05
CA LEU WB 44 119.08 -203.16 101.48
C LEU WB 44 119.74 -202.33 100.39
N ALA WB 45 120.80 -202.85 99.77
CA ALA WB 45 121.46 -202.13 98.70
C ALA WB 45 120.52 -201.93 97.50
N ALA WB 46 119.74 -202.94 97.17
CA ALA WB 46 118.77 -202.82 96.09
C ALA WB 46 117.75 -201.73 96.40
N TYR WB 47 117.30 -201.63 97.65
CA TYR WB 47 116.38 -200.58 97.99
C TYR WB 47 117.01 -199.20 97.90
N GLN WB 48 118.18 -199.01 98.49
CA GLN WB 48 118.94 -197.77 98.31
C GLN WB 48 118.99 -197.34 96.84
N SER WB 49 119.26 -198.31 95.95
CA SER WB 49 119.32 -198.05 94.52
C SER WB 49 118.04 -197.45 93.95
N LYS WB 50 116.89 -197.79 94.53
CA LYS WB 50 115.62 -197.23 94.10
C LYS WB 50 115.30 -195.91 94.80
N LEU WB 51 115.53 -195.86 96.10
CA LEU WB 51 115.22 -194.67 96.89
C LEU WB 51 115.91 -193.43 96.34
N SER WB 52 117.24 -193.47 96.20
CA SER WB 52 117.94 -192.30 95.66
C SER WB 52 117.44 -191.90 94.27
N GLU WB 53 117.17 -192.89 93.42
CA GLU WB 53 116.62 -192.62 92.09
C GLU WB 53 115.31 -191.86 92.16
N TYR WB 54 114.38 -192.38 92.95
CA TYR WB 54 113.08 -191.72 93.14
C TYR WB 54 113.24 -190.30 93.66
N ASN WB 55 114.11 -190.11 94.64
CA ASN WB 55 114.40 -188.80 95.17
C ASN WB 55 114.77 -187.79 94.08
N LEU WB 56 115.84 -188.09 93.33
CA LEU WB 56 116.24 -187.18 92.25
C LEU WB 56 115.13 -186.97 91.22
N TYR WB 57 114.45 -188.05 90.82
CA TYR WB 57 113.28 -187.95 89.94
C TYR WB 57 112.29 -186.86 90.38
N ARG WB 58 111.80 -186.96 91.61
CA ARG WB 58 110.84 -185.98 92.09
C ARG WB 58 111.42 -184.58 92.20
N ASN WB 59 112.68 -184.47 92.61
CA ASN WB 59 113.28 -183.13 92.66
C ASN WB 59 113.33 -182.49 91.27
N ALA WB 60 113.68 -183.26 90.26
CA ALA WB 60 113.76 -182.71 88.91
C ALA WB 60 112.40 -182.24 88.43
N GLN WB 61 111.40 -183.10 88.56
CA GLN WB 61 110.05 -182.76 88.13
C GLN WB 61 109.56 -181.46 88.78
N SER WB 62 109.55 -181.43 90.12
CA SER WB 62 109.00 -180.27 90.80
C SER WB 62 109.79 -179.00 90.51
N ASN WB 63 111.13 -179.05 90.48
CA ASN WB 63 111.85 -177.83 90.12
C ASN WB 63 111.60 -177.36 88.70
N THR WB 64 111.41 -178.27 87.75
CA THR WB 64 111.09 -177.85 86.38
C THR WB 64 109.77 -177.07 86.30
N VAL WB 65 108.74 -177.61 86.94
CA VAL WB 65 107.42 -176.98 86.88
C VAL WB 65 107.45 -175.51 87.29
N LYS WB 66 108.14 -175.19 88.38
CA LYS WB 66 108.14 -173.80 88.85
C LYS WB 66 108.77 -172.85 87.85
N VAL WB 67 109.87 -173.26 87.20
CA VAL WB 67 110.51 -172.41 86.20
C VAL WB 67 109.54 -172.12 85.05
N PHE WB 68 108.86 -173.16 84.57
CA PHE WB 68 107.89 -172.90 83.50
C PHE WB 68 106.71 -172.06 83.96
N LYS WB 69 106.34 -172.14 85.23
CA LYS WB 69 105.30 -171.24 85.72
C LYS WB 69 105.76 -169.80 85.71
N ASP WB 70 106.97 -169.55 86.20
CA ASP WB 70 107.49 -168.18 86.32
C ASP WB 70 107.67 -167.51 84.95
N ILE WB 71 108.14 -168.25 83.94
CA ILE WB 71 108.27 -167.65 82.62
C ILE WB 71 106.93 -167.13 82.11
N ASP WB 72 105.89 -167.95 82.24
CA ASP WB 72 104.55 -167.52 81.82
C ASP WB 72 104.07 -166.34 82.64
N ALA WB 73 104.23 -166.40 83.95
CA ALA WB 73 103.83 -165.27 84.80
C ALA WB 73 104.48 -163.97 84.34
N ALA WB 74 105.76 -164.02 83.98
CA ALA WB 74 106.44 -162.82 83.48
C ALA WB 74 105.81 -162.31 82.19
N ILE WB 75 105.66 -163.19 81.20
CA ILE WB 75 105.05 -162.77 79.93
C ILE WB 75 103.66 -162.19 80.16
N ILE WB 76 102.81 -162.89 80.91
CA ILE WB 76 101.46 -162.40 81.18
C ILE WB 76 101.51 -161.03 81.84
N GLN WB 77 102.38 -160.83 82.81
CA GLN WB 77 102.44 -159.51 83.42
C GLN WB 77 102.88 -158.47 82.41
N ASN WB 78 103.67 -158.86 81.42
CA ASN WB 78 104.12 -157.88 80.45
C ASN WB 78 103.03 -157.41 79.48
N PHE WB 79 101.78 -157.88 79.55
CA PHE WB 79 100.73 -157.23 78.77
C PHE WB 79 100.52 -155.78 79.20
N ARG WB 80 100.60 -155.52 80.49
CA ARG WB 80 100.43 -154.17 81.02
C ARG WB 80 101.69 -153.32 80.82
N PRO XB 4 126.08 -176.81 66.35
CA PRO XB 4 124.76 -176.23 66.54
C PRO XB 4 124.82 -174.86 67.21
N TRP XB 5 123.69 -174.15 67.24
CA TRP XB 5 123.66 -172.86 67.91
C TRP XB 5 124.03 -173.03 69.38
N SER XB 6 124.70 -172.01 69.91
CA SER XB 6 125.07 -171.97 71.32
C SER XB 6 124.99 -170.54 71.81
N GLY XB 7 124.82 -170.38 73.13
CA GLY XB 7 124.84 -169.10 73.77
C GLY XB 7 126.11 -168.83 74.55
N TYR XB 8 126.01 -167.88 75.48
CA TYR XB 8 127.13 -167.51 76.34
C TYR XB 8 127.34 -168.54 77.44
N LEU XB 9 126.24 -168.97 78.06
CA LEU XB 9 126.34 -169.91 79.16
C LEU XB 9 126.79 -171.27 78.67
N ASP XB 10 126.23 -171.71 77.54
CA ASP XB 10 126.71 -172.93 76.89
C ASP XB 10 128.21 -172.88 76.67
N ASP XB 11 128.73 -171.71 76.30
CA ASP XB 11 130.16 -171.60 75.99
C ASP XB 11 131.01 -171.66 77.24
N VAL XB 12 130.59 -170.95 78.29
CA VAL XB 12 131.30 -171.05 79.57
C VAL XB 12 131.27 -172.48 80.10
N SER XB 13 130.16 -173.18 79.93
CA SER XB 13 130.10 -174.60 80.27
C SER XB 13 131.06 -175.44 79.43
N ALA XB 14 131.09 -175.22 78.11
CA ALA XB 14 131.99 -175.95 77.23
C ALA XB 14 133.46 -175.70 77.58
N LYS XB 15 133.78 -174.53 78.13
CA LYS XB 15 135.15 -174.26 78.54
C LYS XB 15 135.65 -175.26 79.57
N PHE XB 16 134.78 -175.76 80.44
CA PHE XB 16 135.18 -176.83 81.35
C PHE XB 16 135.41 -178.14 80.62
N ASP XB 17 134.51 -178.50 79.70
CA ASP XB 17 134.70 -179.70 78.90
C ASP XB 17 136.05 -179.70 78.19
N THR XB 18 136.36 -178.60 77.52
CA THR XB 18 137.67 -178.45 76.88
C THR XB 18 138.80 -178.20 77.87
N GLY XB 19 138.50 -177.94 79.14
CA GLY XB 19 139.51 -177.85 80.16
C GLY XB 19 139.97 -179.20 80.66
N VAL XB 20 139.06 -179.95 81.27
CA VAL XB 20 139.35 -181.34 81.70
C VAL XB 20 139.02 -182.24 80.51
N ASP XB 21 139.93 -182.24 79.53
CA ASP XB 21 139.70 -182.98 78.30
C ASP XB 21 139.46 -184.48 78.54
N ASN XB 22 140.24 -185.09 79.43
CA ASN XB 22 140.21 -186.53 79.62
C ASN XB 22 139.68 -187.01 80.97
N LEU XB 23 139.47 -186.12 81.94
CA LEU XB 23 138.91 -186.53 83.22
C LEU XB 23 137.74 -187.50 83.04
N GLN XB 24 136.83 -187.18 82.13
CA GLN XB 24 135.66 -188.02 81.90
C GLN XB 24 136.03 -189.47 81.58
N THR XB 25 136.88 -189.67 80.56
CA THR XB 25 137.25 -191.03 80.17
C THR XB 25 138.13 -191.70 81.21
N GLN XB 26 139.04 -190.96 81.83
CA GLN XB 26 139.85 -191.56 82.89
C GLN XB 26 138.97 -192.13 83.99
N VAL XB 27 137.95 -191.37 84.40
CA VAL XB 27 137.03 -191.85 85.43
C VAL XB 27 136.20 -193.00 84.91
N THR XB 28 135.87 -192.98 83.62
CA THR XB 28 135.12 -194.09 83.03
C THR XB 28 135.88 -195.40 83.15
N GLU XB 29 137.14 -195.41 82.73
CA GLU XB 29 137.94 -196.64 82.77
C GLU XB 29 138.28 -197.06 84.19
N ALA XB 30 138.60 -196.12 85.08
CA ALA XB 30 139.03 -196.47 86.43
C ALA XB 30 137.98 -197.28 87.18
N LEU XB 31 136.71 -196.89 87.07
CA LEU XB 31 135.62 -197.59 87.74
C LEU XB 31 135.61 -199.08 87.42
N ASP XB 32 135.60 -199.44 86.14
CA ASP XB 32 135.57 -200.85 85.76
C ASP XB 32 136.67 -201.65 86.45
N LYS XB 33 137.91 -201.16 86.36
CA LYS XB 33 139.06 -201.83 86.98
C LYS XB 33 138.86 -202.00 88.49
N LEU XB 34 138.58 -200.92 89.20
CA LEU XB 34 138.40 -201.04 90.64
C LEU XB 34 137.25 -201.99 91.00
N ALA XB 35 136.13 -201.85 90.31
CA ALA XB 35 134.98 -202.72 90.57
C ALA XB 35 135.34 -204.18 90.37
N ALA XB 36 136.18 -204.48 89.37
CA ALA XB 36 136.65 -205.85 89.19
C ALA XB 36 137.63 -206.30 90.26
N LYS XB 37 138.07 -205.40 91.14
CA LYS XB 37 139.05 -205.76 92.15
C LYS XB 37 139.01 -204.76 93.31
N PRO XB 38 137.92 -204.76 94.08
CA PRO XB 38 137.80 -203.78 95.16
C PRO XB 38 138.88 -203.90 96.22
N SER XB 39 139.58 -205.02 96.30
CA SER XB 39 140.64 -205.21 97.28
C SER XB 39 141.99 -204.68 96.81
N ASP XB 40 142.08 -204.11 95.61
CA ASP XB 40 143.34 -203.56 95.14
C ASP XB 40 143.80 -202.39 96.00
N PRO XB 41 145.01 -202.43 96.57
CA PRO XB 41 145.46 -201.30 97.40
C PRO XB 41 145.78 -200.04 96.64
N ALA XB 42 146.10 -200.12 95.34
CA ALA XB 42 146.48 -198.93 94.59
C ALA XB 42 145.31 -198.27 93.88
N LEU XB 43 144.43 -199.08 93.28
CA LEU XB 43 143.31 -198.55 92.51
C LEU XB 43 142.41 -197.67 93.36
N LEU XB 44 142.20 -198.06 94.61
CA LEU XB 44 141.33 -197.33 95.53
C LEU XB 44 141.63 -195.83 95.59
N ALA XB 45 142.85 -195.47 96.00
CA ALA XB 45 143.18 -194.05 96.16
C ALA XB 45 143.13 -193.28 94.85
N ALA XB 46 143.51 -193.90 93.74
CA ALA XB 46 143.45 -193.20 92.46
C ALA XB 46 142.01 -192.91 92.08
N TYR XB 47 141.19 -193.96 92.07
CA TYR XB 47 139.76 -193.82 91.81
C TYR XB 47 139.15 -192.72 92.68
N GLN XB 48 139.41 -192.76 93.98
CA GLN XB 48 138.87 -191.74 94.89
C GLN XB 48 139.33 -190.33 94.50
N SER XB 49 140.59 -190.16 94.15
CA SER XB 49 141.06 -188.82 93.77
C SER XB 49 140.36 -188.34 92.50
N LYS XB 50 140.27 -189.21 91.50
CA LYS XB 50 139.59 -188.81 90.26
C LYS XB 50 138.13 -188.51 90.51
N LEU XB 51 137.47 -189.28 91.37
CA LEU XB 51 136.09 -189.01 91.73
C LEU XB 51 135.92 -187.63 92.37
N SER XB 52 136.82 -187.30 93.31
CA SER XB 52 136.80 -185.97 93.92
C SER XB 52 136.97 -184.86 92.88
N GLU XB 53 137.94 -185.03 91.98
CA GLU XB 53 138.14 -184.06 90.91
C GLU XB 53 136.89 -183.90 90.05
N TYR XB 54 136.28 -185.02 89.64
CA TYR XB 54 135.03 -184.98 88.88
C TYR XB 54 133.96 -184.19 89.61
N ASN XB 55 133.74 -184.50 90.88
CA ASN XB 55 132.80 -183.74 91.72
C ASN XB 55 133.06 -182.24 91.65
N LEU XB 56 134.27 -181.82 91.99
CA LEU XB 56 134.61 -180.40 91.94
C LEU XB 56 134.35 -179.79 90.57
N TYR XB 57 134.75 -180.49 89.51
CA TYR XB 57 134.47 -180.05 88.15
C TYR XB 57 132.99 -179.74 87.93
N ARG XB 58 132.13 -180.73 88.15
CA ARG XB 58 130.69 -180.53 88.00
C ARG XB 58 130.15 -179.40 88.87
N ASN XB 59 130.64 -179.27 90.10
CA ASN XB 59 130.13 -178.19 90.96
C ASN XB 59 130.53 -176.81 90.45
N ALA XB 60 131.78 -176.62 90.07
CA ALA XB 60 132.17 -175.33 89.50
C ALA XB 60 131.37 -175.03 88.22
N GLN XB 61 131.18 -176.05 87.39
CA GLN XB 61 130.42 -175.89 86.16
C GLN XB 61 128.99 -175.44 86.43
N SER XB 62 128.33 -176.04 87.41
CA SER XB 62 126.93 -175.72 87.65
C SER XB 62 126.73 -174.49 88.53
N ASN XB 63 127.72 -174.10 89.33
CA ASN XB 63 127.66 -172.79 89.95
C ASN XB 63 127.78 -171.65 88.93
N THR XB 64 128.80 -171.72 88.06
CA THR XB 64 129.12 -170.57 87.24
C THR XB 64 127.96 -170.16 86.34
N VAL XB 65 127.24 -171.14 85.77
CA VAL XB 65 126.12 -170.83 84.90
C VAL XB 65 125.09 -169.98 85.64
N LYS XB 66 124.74 -170.38 86.86
CA LYS XB 66 123.76 -169.63 87.64
C LYS XB 66 124.24 -168.23 87.93
N VAL XB 67 125.50 -168.12 88.35
CA VAL XB 67 126.05 -166.82 88.71
C VAL XB 67 126.03 -165.87 87.51
N PHE XB 68 126.33 -166.38 86.31
CA PHE XB 68 126.23 -165.53 85.14
C PHE XB 68 124.79 -165.21 84.77
N LYS XB 69 123.91 -166.21 84.80
CA LYS XB 69 122.50 -165.99 84.49
C LYS XB 69 121.91 -164.83 85.30
N ASP XB 70 122.22 -164.79 86.59
CA ASP XB 70 121.56 -163.81 87.44
C ASP XB 70 122.06 -162.37 87.28
N ILE XB 71 123.11 -162.13 86.50
CA ILE XB 71 123.39 -160.77 86.06
C ILE XB 71 122.46 -160.36 84.91
N ASP XB 72 122.19 -161.28 84.01
CA ASP XB 72 121.31 -161.01 82.88
C ASP XB 72 119.86 -160.86 83.35
N ALA XB 73 119.43 -161.70 84.27
CA ALA XB 73 118.08 -161.56 84.81
C ALA XB 73 117.87 -160.21 85.46
N ALA XB 74 118.94 -159.56 85.93
CA ALA XB 74 118.86 -158.20 86.43
C ALA XB 74 118.81 -157.19 85.29
N ILE XB 75 119.76 -157.29 84.35
CA ILE XB 75 119.84 -156.30 83.29
C ILE XB 75 118.56 -156.29 82.48
N ILE XB 76 118.00 -157.45 82.15
CA ILE XB 76 116.80 -157.47 81.33
C ILE XB 76 115.62 -156.89 82.10
N GLN XB 77 115.62 -157.02 83.43
CA GLN XB 77 114.58 -156.34 84.20
C GLN XB 77 114.76 -154.84 84.13
N ASN XB 78 115.99 -154.38 84.00
CA ASN XB 78 116.27 -152.95 83.91
C ASN XB 78 115.76 -152.33 82.61
N PHE XB 79 115.12 -153.08 81.72
CA PHE XB 79 114.47 -152.46 80.57
C PHE XB 79 113.12 -151.84 80.86
N ARG XB 80 112.39 -152.32 81.87
CA ARG XB 80 111.15 -151.64 82.27
C ARG XB 80 111.45 -150.34 83.00
N PRO YB 4 148.30 -154.02 88.05
CA PRO YB 4 147.04 -154.07 87.31
C PRO YB 4 145.90 -153.41 88.07
N TRP YB 5 144.76 -153.21 87.41
CA TRP YB 5 143.59 -152.67 88.07
C TRP YB 5 143.10 -153.61 89.17
N SER YB 6 142.75 -153.03 90.31
CA SER YB 6 142.24 -153.77 91.44
C SER YB 6 141.14 -152.95 92.09
N GLY YB 7 140.14 -153.64 92.64
CA GLY YB 7 139.07 -153.03 93.38
C GLY YB 7 139.25 -153.06 94.89
N TYR YB 8 138.12 -152.96 95.58
CA TYR YB 8 138.06 -153.08 97.03
C TYR YB 8 138.17 -154.53 97.50
N LEU YB 9 137.30 -155.40 96.99
CA LEU YB 9 137.27 -156.79 97.44
C LEU YB 9 138.63 -157.48 97.28
N ASP YB 10 139.28 -157.30 96.14
CA ASP YB 10 140.57 -157.94 95.92
C ASP YB 10 141.67 -157.33 96.78
N ASP YB 11 141.73 -156.00 96.88
CA ASP YB 11 142.74 -155.38 97.73
C ASP YB 11 142.52 -155.69 99.21
N VAL YB 12 141.28 -155.99 99.61
CA VAL YB 12 141.04 -156.46 100.96
C VAL YB 12 141.56 -157.89 101.12
N SER YB 13 141.12 -158.79 100.25
CA SER YB 13 141.60 -160.16 100.29
C SER YB 13 143.12 -160.21 100.32
N ALA YB 14 143.78 -159.31 99.60
CA ALA YB 14 145.24 -159.24 99.60
C ALA YB 14 145.80 -159.10 101.01
N LYS YB 15 145.03 -158.56 101.96
CA LYS YB 15 145.56 -158.44 103.31
C LYS YB 15 145.87 -159.79 103.92
N PHE YB 16 145.02 -160.78 103.69
CA PHE YB 16 145.32 -162.14 104.17
C PHE YB 16 146.57 -162.68 103.49
N ASP YB 17 146.67 -162.52 102.17
CA ASP YB 17 147.84 -163.00 101.44
C ASP YB 17 149.12 -162.40 102.01
N THR YB 18 149.13 -161.09 102.26
CA THR YB 18 150.25 -160.44 102.92
C THR YB 18 150.33 -160.72 104.42
N GLY YB 19 149.31 -161.32 105.00
CA GLY YB 19 149.33 -161.63 106.41
C GLY YB 19 150.04 -162.94 106.65
N VAL YB 20 149.60 -164.00 105.98
CA VAL YB 20 150.41 -165.22 105.98
C VAL YB 20 151.53 -164.99 104.98
N ASP YB 21 152.63 -164.43 105.49
CA ASP YB 21 153.81 -164.12 104.70
C ASP YB 21 154.21 -165.20 103.69
N ASN YB 22 154.35 -166.44 104.17
CA ASN YB 22 154.84 -167.52 103.32
C ASN YB 22 154.14 -168.84 103.56
N LEU YB 23 153.06 -168.87 104.34
CA LEU YB 23 152.41 -170.13 104.69
C LEU YB 23 152.22 -171.03 103.47
N GLN YB 24 151.91 -170.46 102.31
CA GLN YB 24 151.82 -171.27 101.09
C GLN YB 24 153.04 -172.16 100.89
N THR YB 25 154.23 -171.58 100.93
CA THR YB 25 155.44 -172.38 100.81
C THR YB 25 155.67 -173.23 102.05
N GLN YB 26 155.44 -172.68 103.23
CA GLN YB 26 155.72 -173.47 104.42
C GLN YB 26 154.93 -174.77 104.42
N VAL YB 27 153.72 -174.74 103.85
CA VAL YB 27 152.96 -175.96 103.58
C VAL YB 27 153.59 -176.77 102.46
N THR YB 28 153.89 -176.15 101.31
CA THR YB 28 154.41 -176.93 100.19
C THR YB 28 155.64 -177.72 100.58
N GLU YB 29 156.57 -177.04 101.27
CA GLU YB 29 157.83 -177.66 101.68
C GLU YB 29 157.66 -178.61 102.84
N ALA YB 30 156.84 -178.28 103.85
CA ALA YB 30 156.58 -179.28 104.88
C ALA YB 30 156.01 -180.55 104.26
N LEU YB 31 155.12 -180.41 103.28
CA LEU YB 31 154.52 -181.55 102.59
C LEU YB 31 155.57 -182.41 101.90
N ASP YB 32 156.43 -181.81 101.09
CA ASP YB 32 157.42 -182.62 100.37
C ASP YB 32 158.56 -183.11 101.27
N LYS YB 33 158.89 -182.36 102.33
CA LYS YB 33 159.84 -182.87 103.31
C LYS YB 33 159.29 -184.11 104.02
N LEU YB 34 158.06 -184.05 104.51
CA LEU YB 34 157.47 -185.23 105.13
C LEU YB 34 157.40 -186.38 104.14
N ALA YB 35 156.94 -186.12 102.92
CA ALA YB 35 156.91 -187.18 101.92
C ALA YB 35 158.30 -187.75 101.66
N ALA YB 36 159.36 -186.97 101.91
CA ALA YB 36 160.71 -187.48 101.71
C ALA YB 36 161.05 -188.64 102.64
N LYS YB 37 160.37 -188.75 103.76
CA LYS YB 37 160.41 -189.95 104.59
C LYS YB 37 159.14 -189.98 105.42
N PRO YB 38 158.06 -190.56 104.88
CA PRO YB 38 156.73 -190.35 105.45
C PRO YB 38 156.58 -190.56 106.94
N SER YB 39 157.45 -191.35 107.57
CA SER YB 39 157.29 -191.71 108.97
C SER YB 39 158.33 -191.02 109.85
N ASP YB 40 157.86 -190.12 110.70
CA ASP YB 40 158.46 -189.75 111.99
C ASP YB 40 157.52 -188.78 112.66
N PRO YB 41 157.57 -188.61 113.98
CA PRO YB 41 156.55 -187.77 114.63
C PRO YB 41 156.71 -186.28 114.38
N ALA YB 42 157.95 -185.78 114.37
CA ALA YB 42 158.14 -184.32 114.35
C ALA YB 42 157.60 -183.72 113.07
N LEU YB 43 157.98 -184.27 111.92
CA LEU YB 43 157.50 -183.77 110.65
C LEU YB 43 155.99 -183.91 110.54
N LEU YB 44 155.44 -185.02 111.02
CA LEU YB 44 153.99 -185.18 111.02
C LEU YB 44 153.30 -184.04 111.76
N ALA YB 45 153.65 -183.85 113.05
CA ALA YB 45 153.04 -182.76 113.81
C ALA YB 45 153.23 -181.39 113.15
N ALA YB 46 154.44 -181.10 112.68
CA ALA YB 46 154.69 -179.83 112.01
C ALA YB 46 153.83 -179.62 110.78
N TYR YB 47 153.90 -180.55 109.83
CA TYR YB 47 153.10 -180.51 108.62
C TYR YB 47 151.62 -180.38 108.92
N GLN YB 48 151.11 -181.24 109.80
CA GLN YB 48 149.72 -181.14 110.25
C GLN YB 48 149.36 -179.74 110.73
N SER YB 49 150.23 -179.15 111.54
CA SER YB 49 149.99 -177.79 112.02
C SER YB 49 149.88 -176.78 110.88
N LYS YB 50 150.90 -176.73 110.02
CA LYS YB 50 150.87 -175.82 108.88
C LYS YB 50 149.64 -176.03 108.01
N LEU YB 51 149.30 -177.29 107.72
CA LEU YB 51 148.10 -177.59 106.94
C LEU YB 51 146.84 -177.02 107.60
N SER YB 52 146.67 -177.25 108.90
CA SER YB 52 145.53 -176.67 109.60
C SER YB 52 145.49 -175.15 109.46
N GLU YB 53 146.62 -174.48 109.70
CA GLU YB 53 146.64 -173.03 109.53
C GLU YB 53 146.25 -172.61 108.13
N TYR YB 54 146.77 -173.29 107.10
CA TYR YB 54 146.41 -172.95 105.72
C TYR YB 54 144.91 -173.12 105.46
N ASN YB 55 144.35 -174.20 105.98
CA ASN YB 55 142.91 -174.44 105.89
C ASN YB 55 142.11 -173.28 106.50
N LEU YB 56 142.40 -172.95 107.74
CA LEU YB 56 141.68 -171.87 108.41
C LEU YB 56 141.86 -170.54 107.69
N TYR YB 57 143.07 -170.26 107.22
CA TYR YB 57 143.32 -169.03 106.46
C TYR YB 57 142.37 -168.94 105.25
N ARG YB 58 142.26 -170.00 104.47
CA ARG YB 58 141.40 -169.95 103.30
C ARG YB 58 139.93 -169.84 103.66
N ASN YB 59 139.47 -170.63 104.64
CA ASN YB 59 138.08 -170.53 105.08
C ASN YB 59 137.72 -169.12 105.52
N ALA YB 60 138.51 -168.54 106.41
CA ALA YB 60 138.20 -167.20 106.90
C ALA YB 60 138.23 -166.17 105.78
N GLN YB 61 139.19 -166.29 104.86
CA GLN YB 61 139.24 -165.37 103.73
C GLN YB 61 137.96 -165.40 102.91
N SER YB 62 137.55 -166.60 102.46
CA SER YB 62 136.35 -166.71 101.64
C SER YB 62 135.08 -166.25 102.36
N ASN YB 63 134.88 -166.72 103.59
CA ASN YB 63 133.71 -166.25 104.34
C ASN YB 63 133.73 -164.76 104.63
N THR YB 64 134.91 -164.14 104.68
CA THR YB 64 134.94 -162.69 104.77
C THR YB 64 134.49 -162.03 103.48
N VAL YB 65 135.11 -162.43 102.36
CA VAL YB 65 134.78 -161.83 101.06
C VAL YB 65 133.28 -161.87 100.77
N LYS YB 66 132.66 -163.03 100.97
CA LYS YB 66 131.23 -163.13 100.70
C LYS YB 66 130.40 -162.05 101.40
N VAL YB 67 130.74 -161.75 102.65
CA VAL YB 67 129.99 -160.74 103.41
C VAL YB 67 129.99 -159.39 102.70
N PHE YB 68 131.16 -158.93 102.25
CA PHE YB 68 131.21 -157.67 101.51
C PHE YB 68 130.47 -157.74 100.19
N LYS YB 69 130.54 -158.88 99.50
CA LYS YB 69 129.73 -159.02 98.29
C LYS YB 69 128.26 -158.79 98.60
N ASP YB 70 127.74 -159.43 99.64
CA ASP YB 70 126.33 -159.28 99.97
C ASP YB 70 125.99 -157.85 100.39
N ILE YB 71 126.83 -157.22 101.21
CA ILE YB 71 126.59 -155.83 101.59
C ILE YB 71 126.44 -154.94 100.37
N ASP YB 72 127.40 -155.02 99.44
CA ASP YB 72 127.33 -154.20 98.23
C ASP YB 72 126.09 -154.53 97.39
N ALA YB 73 125.82 -155.80 97.16
CA ALA YB 73 124.61 -156.18 96.43
C ALA YB 73 123.35 -155.61 97.08
N ALA YB 74 123.28 -155.64 98.40
CA ALA YB 74 122.14 -155.07 99.12
C ALA YB 74 122.03 -153.56 98.94
N ILE YB 75 123.14 -152.85 99.00
CA ILE YB 75 123.08 -151.39 98.86
C ILE YB 75 122.74 -150.98 97.43
N ILE YB 76 123.42 -151.56 96.45
CA ILE YB 76 123.21 -151.16 95.06
C ILE YB 76 121.75 -151.29 94.65
N GLN YB 77 121.11 -152.40 94.99
CA GLN YB 77 119.71 -152.56 94.61
C GLN YB 77 118.84 -151.46 95.21
N ASN YB 78 119.22 -150.92 96.35
CA ASN YB 78 118.41 -149.88 96.97
C ASN YB 78 118.32 -148.63 96.11
N PHE YB 79 119.21 -148.45 95.12
CA PHE YB 79 119.13 -147.25 94.29
C PHE YB 79 117.81 -147.13 93.54
N ARG YB 80 117.23 -148.24 93.09
CA ARG YB 80 116.05 -148.15 92.22
C ARG YB 80 114.91 -147.41 92.90
N PRO ZB 4 136.33 -145.98 122.72
CA PRO ZB 4 135.79 -146.85 121.68
C PRO ZB 4 134.27 -146.82 121.60
N TRP ZB 5 133.70 -147.55 120.64
CA TRP ZB 5 132.26 -147.62 120.47
C TRP ZB 5 131.81 -149.07 120.49
N SER ZB 6 130.67 -149.32 121.11
CA SER ZB 6 130.09 -150.66 121.21
C SER ZB 6 128.58 -150.53 121.05
N GLY ZB 7 127.99 -151.50 120.35
CA GLY ZB 7 126.56 -151.60 120.22
C GLY ZB 7 125.95 -152.75 121.02
N TYR ZB 8 124.69 -153.02 120.71
CA TYR ZB 8 123.97 -154.11 121.36
C TYR ZB 8 124.70 -155.44 121.24
N LEU ZB 9 125.15 -155.78 120.03
CA LEU ZB 9 125.83 -157.06 119.81
C LEU ZB 9 127.15 -157.14 120.57
N ASP ZB 10 127.96 -156.09 120.54
CA ASP ZB 10 129.19 -156.06 121.31
C ASP ZB 10 128.91 -156.19 122.81
N ASP ZB 11 127.93 -155.44 123.31
CA ASP ZB 11 127.59 -155.51 124.73
C ASP ZB 11 127.05 -156.87 125.12
N VAL ZB 12 126.33 -157.54 124.22
CA VAL ZB 12 125.89 -158.90 124.48
C VAL ZB 12 127.08 -159.86 124.55
N SER ZB 13 127.96 -159.81 123.55
CA SER ZB 13 129.16 -160.62 123.57
C SER ZB 13 129.95 -160.42 124.87
N ALA ZB 14 130.14 -159.17 125.27
CA ALA ZB 14 130.84 -158.86 126.50
C ALA ZB 14 130.29 -159.58 127.72
N LYS ZB 15 128.99 -159.89 127.76
CA LYS ZB 15 128.47 -160.57 128.93
C LYS ZB 15 129.06 -161.96 129.13
N PHE ZB 16 129.52 -162.60 128.07
CA PHE ZB 16 130.18 -163.89 128.19
C PHE ZB 16 131.61 -163.73 128.72
N ASP ZB 17 132.38 -162.85 128.10
CA ASP ZB 17 133.73 -162.56 128.56
C ASP ZB 17 133.74 -162.18 130.03
N THR ZB 18 132.83 -161.30 130.44
CA THR ZB 18 132.69 -160.93 131.84
C THR ZB 18 131.99 -162.00 132.69
N GLY ZB 19 131.36 -162.99 132.09
CA GLY ZB 19 130.73 -164.04 132.87
C GLY ZB 19 131.78 -165.04 133.29
N VAL ZB 20 132.54 -165.55 132.33
CA VAL ZB 20 133.67 -166.44 132.66
C VAL ZB 20 134.81 -165.53 133.11
N ASP ZB 21 134.91 -165.35 134.43
CA ASP ZB 21 135.83 -164.36 135.00
C ASP ZB 21 137.29 -164.62 134.63
N ASN ZB 22 137.76 -165.87 134.71
CA ASN ZB 22 139.17 -166.13 134.49
C ASN ZB 22 139.49 -167.36 133.65
N LEU ZB 23 138.49 -168.09 133.16
CA LEU ZB 23 138.76 -169.32 132.42
C LEU ZB 23 139.83 -169.12 131.36
N GLN ZB 24 139.82 -167.96 130.69
CA GLN ZB 24 140.83 -167.68 129.67
C GLN ZB 24 142.25 -167.76 130.21
N THR ZB 25 142.48 -167.25 131.42
CA THR ZB 25 143.80 -167.37 132.04
C THR ZB 25 144.02 -168.74 132.67
N GLN ZB 26 142.98 -169.30 133.28
CA GLN ZB 26 143.08 -170.64 133.82
C GLN ZB 26 143.62 -171.64 132.81
N VAL ZB 27 143.09 -171.60 131.58
CA VAL ZB 27 143.60 -172.46 130.51
C VAL ZB 27 145.06 -172.12 130.17
N THR ZB 28 145.39 -170.83 130.16
CA THR ZB 28 146.75 -170.40 129.86
C THR ZB 28 147.75 -170.93 130.87
N GLU ZB 29 147.37 -170.95 132.15
CA GLU ZB 29 148.25 -171.46 133.19
C GLU ZB 29 148.28 -172.98 133.18
N ALA ZB 30 147.11 -173.60 133.09
CA ALA ZB 30 147.01 -175.05 133.04
C ALA ZB 30 147.88 -175.65 131.96
N LEU ZB 31 147.85 -175.09 130.76
CA LEU ZB 31 148.70 -175.60 129.70
C LEU ZB 31 150.19 -175.51 130.05
N ASP ZB 32 150.64 -174.41 130.63
CA ASP ZB 32 152.04 -174.32 131.03
C ASP ZB 32 152.41 -175.35 132.09
N LYS ZB 33 151.51 -175.56 133.06
CA LYS ZB 33 151.75 -176.58 134.07
C LYS ZB 33 151.87 -177.96 133.43
N LEU ZB 34 150.85 -178.37 132.68
CA LEU ZB 34 150.87 -179.66 132.02
C LEU ZB 34 152.09 -179.82 131.13
N ALA ZB 35 152.36 -178.85 130.25
CA ALA ZB 35 153.51 -178.93 129.36
C ALA ZB 35 154.82 -179.05 130.13
N ALA ZB 36 154.88 -178.51 131.36
CA ALA ZB 36 156.09 -178.69 132.14
C ALA ZB 36 156.30 -180.15 132.51
N LYS ZB 37 155.23 -180.90 132.78
CA LYS ZB 37 155.32 -182.33 133.07
C LYS ZB 37 154.07 -183.03 132.59
N PRO ZB 38 154.00 -183.33 131.30
CA PRO ZB 38 152.77 -183.92 130.73
C PRO ZB 38 152.33 -185.22 131.39
N SER ZB 39 153.17 -185.84 132.20
CA SER ZB 39 152.84 -187.10 132.84
C SER ZB 39 152.12 -186.94 134.18
N ASP ZB 40 151.86 -185.73 134.64
CA ASP ZB 40 151.05 -185.54 135.82
C ASP ZB 40 149.57 -185.71 135.52
N PRO ZB 41 148.93 -186.75 136.06
CA PRO ZB 41 147.50 -186.95 135.78
C PRO ZB 41 146.62 -185.83 136.32
N ALA ZB 42 147.00 -185.20 137.43
CA ALA ZB 42 146.19 -184.11 137.95
C ALA ZB 42 146.17 -182.94 136.98
N LEU ZB 43 147.34 -182.62 136.42
CA LEU ZB 43 147.41 -181.56 135.42
C LEU ZB 43 146.64 -181.93 134.17
N LEU ZB 44 146.74 -183.19 133.76
CA LEU ZB 44 145.96 -183.66 132.62
C LEU ZB 44 144.46 -183.46 132.84
N ALA ZB 45 143.93 -183.96 133.94
CA ALA ZB 45 142.49 -183.84 134.21
C ALA ZB 45 142.06 -182.39 134.35
N ALA ZB 46 142.85 -181.55 135.03
CA ALA ZB 46 142.46 -180.15 135.18
C ALA ZB 46 142.42 -179.44 133.84
N TYR ZB 47 143.48 -179.61 133.04
CA TYR ZB 47 143.51 -179.02 131.71
C TYR ZB 47 142.33 -179.49 130.87
N GLN ZB 48 142.03 -180.80 130.91
CA GLN ZB 48 140.87 -181.33 130.21
C GLN ZB 48 139.58 -180.59 130.59
N SER ZB 49 139.32 -180.46 131.89
CA SER ZB 49 138.12 -179.77 132.35
C SER ZB 49 138.08 -178.32 131.88
N LYS ZB 50 139.16 -177.58 132.08
CA LYS ZB 50 139.17 -176.18 131.70
C LYS ZB 50 139.03 -175.98 130.19
N LEU ZB 51 139.73 -176.79 129.40
CA LEU ZB 51 139.58 -176.71 127.96
C LEU ZB 51 138.15 -177.00 127.52
N SER ZB 52 137.53 -178.04 128.07
CA SER ZB 52 136.12 -178.30 127.79
C SER ZB 52 135.25 -177.08 128.07
N GLU ZB 53 135.39 -176.52 129.26
CA GLU ZB 53 134.66 -175.31 129.61
C GLU ZB 53 134.86 -174.18 128.61
N TYR ZB 54 136.11 -173.92 128.22
CA TYR ZB 54 136.37 -172.82 127.29
C TYR ZB 54 135.81 -173.08 125.91
N ASN ZB 55 135.87 -174.32 125.44
CA ASN ZB 55 135.23 -174.67 124.18
C ASN ZB 55 133.75 -174.31 124.21
N LEU ZB 56 133.04 -174.85 125.20
CA LEU ZB 56 131.61 -174.57 125.34
C LEU ZB 56 131.34 -173.06 125.43
N TYR ZB 57 132.10 -172.37 126.27
CA TYR ZB 57 132.01 -170.92 126.41
C TYR ZB 57 132.04 -170.18 125.08
N ARG ZB 58 133.12 -170.35 124.31
CA ARG ZB 58 133.22 -169.64 123.04
C ARG ZB 58 132.14 -170.07 122.05
N ASN ZB 59 131.77 -171.34 122.02
CA ASN ZB 59 130.69 -171.78 121.13
C ASN ZB 59 129.39 -171.04 121.44
N ALA ZB 60 128.95 -171.11 122.69
CA ALA ZB 60 127.71 -170.43 123.09
C ALA ZB 60 127.76 -168.94 122.80
N GLN ZB 61 128.89 -168.28 123.10
CA GLN ZB 61 129.01 -166.87 122.77
C GLN ZB 61 128.74 -166.60 121.29
N SER ZB 62 129.50 -167.26 120.41
CA SER ZB 62 129.33 -167.05 118.98
C SER ZB 62 127.89 -167.30 118.51
N ASN ZB 63 127.27 -168.37 119.00
CA ASN ZB 63 125.88 -168.62 118.60
C ASN ZB 63 124.94 -167.51 119.05
N THR ZB 64 125.05 -167.08 120.30
CA THR ZB 64 124.23 -165.97 120.76
C THR ZB 64 124.40 -164.72 119.89
N VAL ZB 65 125.64 -164.40 119.55
CA VAL ZB 65 125.92 -163.24 118.70
C VAL ZB 65 125.17 -163.34 117.38
N LYS ZB 66 125.32 -164.48 116.69
CA LYS ZB 66 124.62 -164.67 115.43
C LYS ZB 66 123.10 -164.59 115.59
N VAL ZB 67 122.56 -165.30 116.58
CA VAL ZB 67 121.12 -165.28 116.77
C VAL ZB 67 120.58 -163.86 116.94
N PHE ZB 68 121.28 -163.01 117.71
CA PHE ZB 68 120.80 -161.63 117.78
C PHE ZB 68 120.99 -160.86 116.48
N LYS ZB 69 122.06 -161.13 115.74
CA LYS ZB 69 122.21 -160.47 114.44
C LYS ZB 69 121.01 -160.71 113.54
N ASP ZB 70 120.57 -161.98 113.49
CA ASP ZB 70 119.45 -162.36 112.64
C ASP ZB 70 118.19 -161.53 112.89
N ILE ZB 71 117.82 -161.36 114.15
CA ILE ZB 71 116.60 -160.63 114.48
C ILE ZB 71 116.62 -159.21 113.91
N ASP ZB 72 117.70 -158.48 114.19
CA ASP ZB 72 117.81 -157.12 113.67
C ASP ZB 72 117.79 -157.08 112.15
N ALA ZB 73 118.58 -157.94 111.51
CA ALA ZB 73 118.55 -157.99 110.06
C ALA ZB 73 117.13 -158.17 109.54
N ALA ZB 74 116.40 -159.11 110.13
CA ALA ZB 74 115.03 -159.38 109.70
C ALA ZB 74 114.12 -158.19 109.92
N ILE ZB 75 114.25 -157.49 111.04
CA ILE ZB 75 113.42 -156.30 111.26
C ILE ZB 75 113.74 -155.21 110.25
N ILE ZB 76 115.02 -154.98 109.98
CA ILE ZB 76 115.39 -153.94 109.03
C ILE ZB 76 114.84 -154.26 107.65
N GLN ZB 77 114.94 -155.51 107.21
CA GLN ZB 77 114.31 -155.87 105.95
C GLN ZB 77 112.78 -155.75 106.01
N ASN ZB 78 112.16 -156.24 107.08
CA ASN ZB 78 110.71 -156.17 107.18
C ASN ZB 78 110.16 -154.74 107.13
N PHE ZB 79 110.88 -153.76 107.68
CA PHE ZB 79 110.23 -152.45 107.68
C PHE ZB 79 110.19 -151.83 106.28
N ARG ZB 80 110.78 -152.47 105.28
CA ARG ZB 80 110.64 -152.00 103.92
C ARG ZB 80 109.21 -152.20 103.45
N PRO AC 4 104.87 -164.54 136.77
CA PRO AC 4 105.49 -165.44 135.82
C PRO AC 4 104.74 -165.54 134.50
N TRP AC 5 105.46 -165.93 133.44
CA TRP AC 5 104.86 -166.01 132.11
C TRP AC 5 105.52 -167.15 131.35
N SER AC 6 104.74 -167.86 130.56
CA SER AC 6 105.26 -168.97 129.79
C SER AC 6 104.60 -168.99 128.41
N GLY AC 7 105.40 -169.30 127.40
CA GLY AC 7 104.90 -169.55 126.07
C GLY AC 7 104.48 -171.00 125.87
N TYR AC 8 104.06 -171.26 124.64
CA TYR AC 8 103.72 -172.63 124.25
C TYR AC 8 104.96 -173.50 124.32
N LEU AC 9 106.08 -173.00 123.78
CA LEU AC 9 107.32 -173.76 123.81
C LEU AC 9 107.74 -174.02 125.25
N ASP AC 10 107.55 -173.03 126.13
CA ASP AC 10 107.82 -173.21 127.55
C ASP AC 10 106.98 -174.35 128.13
N ASP AC 11 105.69 -174.39 127.82
CA ASP AC 11 104.85 -175.48 128.34
C ASP AC 11 105.26 -176.82 127.74
N VAL AC 12 105.76 -176.80 126.50
CA VAL AC 12 106.27 -178.02 125.90
C VAL AC 12 107.47 -178.52 126.69
N SER AC 13 108.46 -177.65 126.91
CA SER AC 13 109.61 -178.04 127.70
C SER AC 13 109.18 -178.51 129.09
N ALA AC 14 108.22 -177.80 129.70
CA ALA AC 14 107.73 -178.23 130.99
C ALA AC 14 107.11 -179.62 130.91
N LYS AC 15 106.70 -180.06 129.73
CA LYS AC 15 106.16 -181.42 129.65
C LYS AC 15 107.28 -182.44 129.81
N PHE AC 16 108.47 -182.13 129.32
CA PHE AC 16 109.60 -183.02 129.54
C PHE AC 16 110.04 -182.96 131.00
N ASP AC 17 110.05 -181.75 131.57
CA ASP AC 17 110.42 -181.65 132.97
C ASP AC 17 109.47 -182.44 133.85
N THR AC 18 108.17 -182.36 133.59
CA THR AC 18 107.19 -183.17 134.30
C THR AC 18 107.17 -184.62 133.84
N GLY AC 19 107.99 -184.95 132.85
CA GLY AC 19 108.18 -186.33 132.42
C GLY AC 19 109.20 -186.95 133.35
N VAL AC 20 110.33 -186.25 133.49
CA VAL AC 20 111.41 -186.67 134.37
C VAL AC 20 111.19 -185.95 135.70
N ASP AC 21 110.35 -186.55 136.54
CA ASP AC 21 109.94 -185.93 137.80
C ASP AC 21 111.10 -185.67 138.75
N ASN AC 22 112.01 -186.65 138.91
CA ASN AC 22 113.08 -186.57 139.89
C ASN AC 22 114.45 -186.94 139.35
N LEU AC 23 114.56 -187.26 138.06
CA LEU AC 23 115.83 -187.68 137.50
C LEU AC 23 117.00 -186.80 137.91
N GLN AC 24 116.81 -185.48 137.92
CA GLN AC 24 117.91 -184.59 138.33
C GLN AC 24 118.45 -184.94 139.71
N THR AC 25 117.57 -185.08 140.70
CA THR AC 25 118.03 -185.44 142.04
C THR AC 25 118.64 -186.84 142.07
N GLN AC 26 117.98 -187.80 141.43
CA GLN AC 26 118.55 -189.14 141.36
C GLN AC 26 119.99 -189.12 140.83
N VAL AC 27 120.19 -188.48 139.67
CA VAL AC 27 121.51 -188.37 139.06
C VAL AC 27 122.49 -187.60 139.94
N THR AC 28 122.00 -186.70 140.78
CA THR AC 28 122.92 -185.94 141.63
C THR AC 28 123.37 -186.77 142.83
N GLU AC 29 122.41 -187.30 143.57
CA GLU AC 29 122.73 -188.05 144.78
C GLU AC 29 123.46 -189.35 144.45
N ALA AC 30 123.08 -190.03 143.37
CA ALA AC 30 123.83 -191.22 143.01
C ALA AC 30 125.28 -190.89 142.66
N LEU AC 31 125.54 -189.70 142.14
CA LEU AC 31 126.93 -189.29 141.93
C LEU AC 31 127.67 -189.02 143.22
N ASP AC 32 126.98 -188.42 144.19
CA ASP AC 32 127.63 -188.19 145.47
C ASP AC 32 127.81 -189.46 146.29
N LYS AC 33 126.99 -190.47 146.07
CA LYS AC 33 127.32 -191.83 146.48
C LYS AC 33 128.54 -192.39 145.76
N LEU AC 34 128.47 -192.47 144.43
CA LEU AC 34 129.50 -193.15 143.66
C LEU AC 34 130.89 -192.58 143.94
N ALA AC 35 130.99 -191.27 144.13
CA ALA AC 35 132.29 -190.71 144.44
C ALA AC 35 132.81 -191.17 145.81
N ALA AC 36 131.97 -191.75 146.65
CA ALA AC 36 132.43 -192.27 147.94
C ALA AC 36 133.15 -193.61 147.85
N LYS AC 37 132.81 -194.46 146.88
CA LYS AC 37 133.52 -195.72 146.68
C LYS AC 37 133.53 -196.08 145.20
N PRO AC 38 134.49 -195.56 144.44
CA PRO AC 38 134.53 -195.82 143.00
C PRO AC 38 134.49 -197.29 142.60
N SER AC 39 134.86 -198.20 143.50
CA SER AC 39 134.84 -199.62 143.20
C SER AC 39 133.49 -200.30 143.40
N ASP AC 40 132.48 -199.60 143.89
CA ASP AC 40 131.21 -200.25 144.21
C ASP AC 40 130.46 -200.62 142.93
N PRO AC 41 130.37 -201.91 142.57
CA PRO AC 41 129.73 -202.26 141.29
C PRO AC 41 128.26 -201.91 141.22
N ALA AC 42 127.51 -202.08 142.30
CA ALA AC 42 126.09 -201.74 142.29
C ALA AC 42 125.90 -200.26 141.97
N LEU AC 43 126.70 -199.41 142.59
CA LEU AC 43 126.66 -197.98 142.28
C LEU AC 43 127.09 -197.70 140.85
N LEU AC 44 128.14 -198.34 140.38
CA LEU AC 44 128.55 -198.13 138.99
C LEU AC 44 127.41 -198.45 138.02
N ALA AC 45 126.80 -199.63 138.16
CA ALA AC 45 125.67 -200.00 137.31
C ALA AC 45 124.51 -199.03 137.41
N ALA AC 46 124.12 -198.66 138.63
CA ALA AC 46 123.03 -197.70 138.79
C ALA AC 46 123.35 -196.38 138.12
N TYR AC 47 124.50 -195.79 138.45
CA TYR AC 47 124.90 -194.53 137.86
C TYR AC 47 124.95 -194.59 136.34
N GLN AC 48 125.56 -195.64 135.79
CA GLN AC 48 125.59 -195.79 134.33
C GLN AC 48 124.19 -195.74 133.73
N SER AC 49 123.24 -196.45 134.35
CA SER AC 49 121.88 -196.44 133.81
C SER AC 49 121.21 -195.08 133.95
N LYS AC 50 121.37 -194.44 135.10
CA LYS AC 50 120.76 -193.13 135.31
C LYS AC 50 121.35 -192.08 134.37
N LEU AC 51 122.67 -192.10 134.20
CA LEU AC 51 123.34 -191.18 133.28
C LEU AC 51 122.85 -191.37 131.85
N SER AC 52 122.70 -192.63 131.41
CA SER AC 52 122.12 -192.84 130.08
C SER AC 52 120.71 -192.25 129.98
N GLU AC 53 119.90 -192.47 131.03
CA GLU AC 53 118.57 -191.88 131.06
C GLU AC 53 118.62 -190.37 130.90
N TYR AC 54 119.49 -189.72 131.65
CA TYR AC 54 119.64 -188.27 131.59
C TYR AC 54 120.06 -187.79 130.22
N ASN AC 55 121.06 -188.45 129.63
CA ASN AC 55 121.53 -188.05 128.31
C ASN AC 55 120.40 -188.11 127.28
N LEU AC 56 119.67 -189.23 127.24
CA LEU AC 56 118.62 -189.33 126.23
C LEU AC 56 117.48 -188.34 126.52
N TYR AC 57 117.16 -188.15 127.80
CA TYR AC 57 116.17 -187.15 128.18
C TYR AC 57 116.52 -185.76 127.66
N ARG AC 58 117.72 -185.29 127.97
CA ARG AC 58 118.09 -183.94 127.58
C ARG AC 58 118.21 -183.79 126.08
N ASN AC 59 118.67 -184.80 125.36
CA ASN AC 59 118.82 -184.56 123.93
C ASN AC 59 117.50 -184.67 123.19
N ALA AC 60 116.58 -185.50 123.68
CA ALA AC 60 115.26 -185.51 123.05
C ALA AC 60 114.53 -184.20 123.32
N GLN AC 61 114.64 -183.70 124.55
CA GLN AC 61 113.96 -182.45 124.87
C GLN AC 61 114.52 -181.30 124.03
N SER AC 62 115.85 -181.15 124.01
CA SER AC 62 116.43 -180.05 123.24
C SER AC 62 116.04 -180.13 121.77
N ASN AC 63 116.31 -181.26 121.12
CA ASN AC 63 115.97 -181.37 119.70
C ASN AC 63 114.48 -181.26 119.41
N THR AC 64 113.60 -181.47 120.40
CA THR AC 64 112.17 -181.31 120.14
C THR AC 64 111.74 -179.87 119.85
N VAL AC 65 112.23 -178.91 120.63
CA VAL AC 65 111.86 -177.50 120.42
C VAL AC 65 112.17 -177.03 119.01
N LYS AC 66 113.29 -177.48 118.44
CA LYS AC 66 113.63 -177.14 117.07
C LYS AC 66 112.48 -177.31 116.08
N VAL AC 67 111.70 -178.38 116.22
CA VAL AC 67 110.59 -178.61 115.29
C VAL AC 67 109.55 -177.50 115.38
N PHE AC 68 109.20 -177.07 116.59
CA PHE AC 68 108.25 -175.98 116.73
C PHE AC 68 108.83 -174.65 116.26
N LYS AC 69 110.10 -174.39 116.56
CA LYS AC 69 110.73 -173.18 116.04
C LYS AC 69 110.67 -173.10 114.52
N ASP AC 70 111.05 -174.19 113.84
CA ASP AC 70 110.92 -174.25 112.38
C ASP AC 70 109.48 -174.09 111.90
N ILE AC 71 108.52 -174.71 112.59
CA ILE AC 71 107.12 -174.57 112.20
C ILE AC 71 106.69 -173.12 112.29
N ASP AC 72 106.86 -172.51 113.46
CA ASP AC 72 106.30 -171.17 113.62
C ASP AC 72 107.04 -170.17 112.74
N ALA AC 73 108.35 -170.32 112.56
CA ALA AC 73 109.05 -169.44 111.64
C ALA AC 73 108.51 -169.57 110.21
N ALA AC 74 108.20 -170.79 109.79
CA ALA AC 74 107.61 -170.99 108.47
C ALA AC 74 106.25 -170.32 108.38
N ILE AC 75 105.36 -170.63 109.32
CA ILE AC 75 104.00 -170.12 109.23
C ILE AC 75 103.99 -168.59 109.32
N ILE AC 76 104.92 -168.01 110.07
CA ILE AC 76 105.03 -166.55 110.14
C ILE AC 76 105.56 -165.96 108.84
N GLN AC 77 106.46 -166.67 108.16
CA GLN AC 77 106.87 -166.21 106.83
C GLN AC 77 105.73 -166.29 105.81
N ASN AC 78 104.95 -167.36 105.82
CA ASN AC 78 103.76 -167.41 104.98
C ASN AC 78 102.70 -166.42 105.43
N PHE AC 79 102.75 -165.98 106.68
CA PHE AC 79 101.71 -165.10 107.21
C PHE AC 79 101.79 -163.71 106.59
N ARG AC 80 102.99 -163.24 106.27
CA ARG AC 80 103.14 -161.99 105.54
C ARG AC 80 102.73 -162.16 104.07
N PRO BC 4 91.71 -195.86 113.19
CA PRO BC 4 91.55 -194.42 113.03
C PRO BC 4 92.37 -193.85 111.87
N TRP BC 5 92.09 -192.59 111.53
CA TRP BC 5 92.84 -191.90 110.49
C TRP BC 5 94.33 -191.99 110.77
N SER BC 6 95.10 -192.10 109.69
CA SER BC 6 96.55 -192.24 109.76
C SER BC 6 97.14 -191.57 108.52
N GLY BC 7 98.39 -191.14 108.65
CA GLY BC 7 99.14 -190.56 107.55
C GLY BC 7 99.83 -191.56 106.64
N TYR BC 8 100.79 -191.03 105.87
CA TYR BC 8 101.66 -191.83 105.01
C TYR BC 8 102.85 -192.40 105.75
N LEU BC 9 103.61 -191.55 106.42
CA LEU BC 9 104.83 -191.98 107.10
C LEU BC 9 104.56 -192.94 108.25
N ASP BC 10 103.51 -192.68 109.04
CA ASP BC 10 103.13 -193.64 110.07
C ASP BC 10 102.77 -194.99 109.47
N ASP BC 11 102.00 -194.99 108.38
CA ASP BC 11 101.71 -196.22 107.65
C ASP BC 11 102.99 -196.93 107.22
N VAL BC 12 103.94 -196.19 106.67
CA VAL BC 12 105.24 -196.77 106.31
C VAL BC 12 105.87 -197.46 107.50
N SER BC 13 105.93 -196.78 108.65
CA SER BC 13 106.47 -197.40 109.85
C SER BC 13 105.71 -198.67 110.21
N ALA BC 14 104.38 -198.61 110.15
CA ALA BC 14 103.56 -199.79 110.41
C ALA BC 14 103.92 -200.93 109.49
N LYS BC 15 104.36 -200.64 108.27
CA LYS BC 15 104.76 -201.73 107.38
C LYS BC 15 105.97 -202.48 107.92
N PHE BC 16 106.90 -201.78 108.58
CA PHE BC 16 107.99 -202.46 109.26
C PHE BC 16 107.51 -203.22 110.48
N ASP BC 17 106.66 -202.57 111.28
CA ASP BC 17 106.09 -203.23 112.45
C ASP BC 17 105.43 -204.56 112.08
N THR BC 18 104.61 -204.57 111.04
CA THR BC 18 104.00 -205.79 110.52
C THR BC 18 104.96 -206.67 109.73
N GLY BC 19 106.15 -206.16 109.37
CA GLY BC 19 107.13 -206.98 108.69
C GLY BC 19 107.85 -207.85 109.69
N VAL BC 20 108.23 -207.28 110.83
CA VAL BC 20 108.74 -208.09 111.93
C VAL BC 20 107.54 -208.62 112.71
N ASP BC 21 107.04 -209.78 112.28
CA ASP BC 21 105.84 -210.39 112.84
C ASP BC 21 105.85 -210.46 114.37
N ASN BC 22 106.96 -210.93 114.96
CA ASN BC 22 106.99 -211.15 116.40
C ASN BC 22 108.29 -210.75 117.09
N LEU BC 23 109.26 -210.21 116.34
CA LEU BC 23 110.55 -209.89 116.93
C LEU BC 23 110.42 -209.10 118.24
N GLN BC 24 109.47 -208.17 118.29
CA GLN BC 24 109.29 -207.41 119.53
C GLN BC 24 109.03 -208.31 120.73
N THR BC 25 108.18 -209.32 120.57
CA THR BC 25 107.93 -210.27 121.65
C THR BC 25 109.15 -211.13 121.92
N GLN BC 26 109.78 -211.64 120.87
CA GLN BC 26 110.99 -212.44 121.04
C GLN BC 26 112.01 -211.69 121.90
N VAL BC 27 112.29 -210.44 121.57
CA VAL BC 27 113.23 -209.62 122.31
C VAL BC 27 112.70 -209.29 123.70
N THR BC 28 111.38 -209.25 123.86
CA THR BC 28 110.78 -208.99 125.16
C THR BC 28 111.02 -210.16 126.11
N GLU BC 29 110.81 -211.38 125.64
CA GLU BC 29 110.91 -212.56 126.49
C GLU BC 29 112.34 -213.10 126.63
N ALA BC 30 113.12 -213.08 125.55
CA ALA BC 30 114.48 -213.63 125.64
C ALA BC 30 115.31 -212.96 126.72
N LEU BC 31 115.27 -211.64 126.81
CA LEU BC 31 115.99 -210.96 127.88
C LEU BC 31 115.56 -211.42 129.27
N ASP BC 32 114.26 -211.44 129.54
CA ASP BC 32 113.79 -211.86 130.85
C ASP BC 32 114.15 -213.31 131.16
N LYS BC 33 114.18 -214.18 130.15
CA LYS BC 33 114.62 -215.56 130.37
C LYS BC 33 116.11 -215.63 130.65
N LEU BC 34 116.93 -215.14 129.72
CA LEU BC 34 118.37 -215.04 129.93
C LEU BC 34 118.70 -214.53 131.32
N ALA BC 35 118.09 -213.42 131.74
CA ALA BC 35 118.36 -212.87 133.05
C ALA BC 35 118.15 -213.89 134.17
N ALA BC 36 117.40 -214.96 133.93
CA ALA BC 36 117.24 -215.97 134.97
C ALA BC 36 118.52 -216.76 135.17
N LYS BC 37 119.27 -217.01 134.09
CA LYS BC 37 120.56 -217.69 134.17
C LYS BC 37 121.52 -217.07 133.16
N PRO BC 38 121.94 -215.82 133.39
CA PRO BC 38 122.82 -215.12 132.45
C PRO BC 38 124.07 -215.90 132.09
N SER BC 39 124.46 -216.82 132.96
CA SER BC 39 125.63 -217.66 132.79
C SER BC 39 125.49 -218.73 131.70
N ASP BC 40 124.33 -218.86 131.06
CA ASP BC 40 124.13 -220.00 130.16
C ASP BC 40 124.38 -219.67 128.69
N PRO BC 41 125.33 -220.36 128.06
CA PRO BC 41 125.56 -220.17 126.61
C PRO BC 41 124.42 -220.65 125.75
N ALA BC 42 123.48 -221.42 126.32
CA ALA BC 42 122.30 -221.81 125.56
C ALA BC 42 121.35 -220.65 125.36
N LEU BC 43 121.55 -219.56 126.11
CA LEU BC 43 120.73 -218.38 126.05
C LEU BC 43 121.48 -217.18 125.52
N LEU BC 44 122.81 -217.17 125.65
CA LEU BC 44 123.58 -216.00 125.22
C LEU BC 44 123.51 -215.78 123.71
N ALA BC 45 123.89 -216.79 122.91
CA ALA BC 45 123.89 -216.61 121.47
C ALA BC 45 122.52 -216.23 120.92
N ALA BC 46 121.46 -216.84 121.45
CA ALA BC 46 120.10 -216.51 121.05
C ALA BC 46 119.75 -215.06 121.35
N TYR BC 47 119.94 -214.63 122.59
CA TYR BC 47 119.65 -213.25 122.92
C TYR BC 47 120.46 -212.29 122.06
N GLN BC 48 121.74 -212.56 121.88
CA GLN BC 48 122.57 -211.75 120.98
C GLN BC 48 121.95 -211.60 119.60
N SER BC 49 121.50 -212.71 119.01
CA SER BC 49 120.88 -212.67 117.69
C SER BC 49 119.64 -211.78 117.68
N LYS BC 50 118.74 -211.98 118.62
CA LYS BC 50 117.52 -211.18 118.65
C LYS BC 50 117.81 -209.70 118.90
N LEU BC 51 118.68 -209.40 119.86
CA LEU BC 51 119.08 -208.01 120.08
C LEU BC 51 119.62 -207.36 118.81
N SER BC 52 120.45 -208.08 118.06
CA SER BC 52 120.97 -207.55 116.80
C SER BC 52 119.85 -207.27 115.80
N GLU BC 53 118.98 -208.24 115.58
CA GLU BC 53 117.86 -208.03 114.67
C GLU BC 53 116.99 -206.85 115.10
N TYR BC 54 116.80 -206.66 116.40
CA TYR BC 54 116.04 -205.51 116.89
C TYR BC 54 116.71 -204.19 116.54
N ASN BC 55 118.00 -204.09 116.84
CA ASN BC 55 118.77 -202.92 116.46
C ASN BC 55 118.59 -202.57 114.99
N LEU BC 56 118.86 -203.54 114.12
CA LEU BC 56 118.78 -203.28 112.69
C LEU BC 56 117.37 -202.90 112.25
N TYR BC 57 116.36 -203.53 112.85
CA TYR BC 57 114.98 -203.18 112.56
C TYR BC 57 114.67 -201.71 112.85
N ARG BC 58 114.90 -201.28 114.10
CA ARG BC 58 114.65 -199.88 114.45
C ARG BC 58 115.46 -198.89 113.61
N ASN BC 59 116.70 -199.22 113.28
CA ASN BC 59 117.48 -198.25 112.52
C ASN BC 59 117.03 -198.17 111.07
N ALA BC 60 116.79 -199.32 110.42
CA ALA BC 60 116.27 -199.26 109.05
C ALA BC 60 114.91 -198.59 109.01
N GLN BC 61 114.12 -198.73 110.06
CA GLN BC 61 112.81 -198.09 110.11
C GLN BC 61 112.90 -196.57 110.11
N SER BC 62 113.76 -196.01 110.96
CA SER BC 62 113.86 -194.55 111.09
C SER BC 62 114.28 -193.83 109.80
N ASN BC 63 115.48 -194.12 109.30
CA ASN BC 63 116.01 -193.40 108.14
C ASN BC 63 115.07 -193.41 106.94
N THR BC 64 114.46 -194.55 106.61
CA THR BC 64 113.52 -194.58 105.50
C THR BC 64 112.43 -193.52 105.64
N VAL BC 65 111.89 -193.38 106.85
CA VAL BC 65 110.85 -192.38 107.09
C VAL BC 65 111.42 -190.98 106.92
N LYS BC 66 112.61 -190.73 107.46
CA LYS BC 66 113.24 -189.42 107.24
C LYS BC 66 113.33 -189.07 105.76
N VAL BC 67 113.72 -190.03 104.94
CA VAL BC 67 113.81 -189.81 103.50
C VAL BC 67 112.44 -189.51 102.90
N PHE BC 68 111.44 -190.34 103.19
CA PHE BC 68 110.11 -190.04 102.68
C PHE BC 68 109.57 -188.70 103.17
N LYS BC 69 110.02 -188.24 104.32
CA LYS BC 69 109.65 -186.89 104.77
C LYS BC 69 110.27 -185.81 103.89
N ASP BC 70 111.60 -185.82 103.76
CA ASP BC 70 112.22 -184.71 103.04
C ASP BC 70 112.07 -184.77 101.53
N ILE BC 71 111.84 -185.95 100.95
CA ILE BC 71 111.36 -186.01 99.58
C ILE BC 71 110.06 -185.23 99.38
N ASP BC 72 109.21 -185.18 100.39
CA ASP BC 72 107.97 -184.43 100.30
C ASP BC 72 108.17 -182.95 100.63
N ALA BC 73 109.01 -182.67 101.63
CA ALA BC 73 109.30 -181.29 101.99
C ALA BC 73 109.89 -180.52 100.81
N ALA BC 74 110.77 -181.18 100.03
CA ALA BC 74 111.31 -180.53 98.84
C ALA BC 74 110.25 -180.17 97.82
N ILE BC 75 109.13 -180.88 97.80
CA ILE BC 75 108.04 -180.53 96.89
C ILE BC 75 107.18 -179.43 97.46
N ILE BC 76 107.02 -179.40 98.78
CA ILE BC 76 106.26 -178.32 99.40
C ILE BC 76 106.99 -176.99 99.29
N GLN BC 77 108.31 -177.01 99.36
CA GLN BC 77 109.04 -175.74 99.46
C GLN BC 77 108.80 -174.84 98.25
N ASN BC 78 108.49 -175.39 97.08
CA ASN BC 78 108.44 -174.61 95.85
C ASN BC 78 107.02 -174.43 95.32
N PHE BC 79 106.00 -174.49 96.19
CA PHE BC 79 104.67 -174.11 95.77
C PHE BC 79 104.52 -172.61 95.62
N ARG BC 80 105.30 -171.84 96.37
CA ARG BC 80 105.17 -170.39 96.39
C ARG BC 80 105.94 -169.76 95.24
N PRO CC 4 111.50 -204.34 82.71
CA PRO CC 4 112.66 -203.82 83.43
C PRO CC 4 113.05 -202.41 83.03
N TRP CC 5 113.69 -201.69 83.96
CA TRP CC 5 114.13 -200.33 83.73
C TRP CC 5 115.29 -200.03 84.67
N SER CC 6 116.15 -199.10 84.28
CA SER CC 6 117.28 -198.77 85.12
C SER CC 6 117.71 -197.32 84.89
N GLY CC 7 118.31 -196.75 85.91
CA GLY CC 7 118.93 -195.45 85.85
C GLY CC 7 120.45 -195.51 85.75
N TYR CC 8 121.09 -194.47 86.30
CA TYR CC 8 122.54 -194.41 86.41
C TYR CC 8 123.07 -195.15 87.65
N LEU CC 9 122.54 -194.80 88.81
CA LEU CC 9 123.05 -195.36 90.07
C LEU CC 9 122.87 -196.87 90.14
N ASP CC 10 121.73 -197.38 89.70
CA ASP CC 10 121.55 -198.83 89.68
C ASP CC 10 122.47 -199.49 88.67
N ASP CC 11 122.76 -198.83 87.54
CA ASP CC 11 123.74 -199.39 86.61
C ASP CC 11 125.12 -199.46 87.24
N VAL CC 12 125.47 -198.48 88.08
CA VAL CC 12 126.73 -198.55 88.81
C VAL CC 12 126.72 -199.73 89.78
N SER CC 13 125.63 -199.89 90.53
CA SER CC 13 125.51 -201.03 91.42
C SER CC 13 125.58 -202.35 90.65
N ALA CC 14 124.99 -202.40 89.47
CA ALA CC 14 125.06 -203.59 88.62
C ALA CC 14 126.47 -203.84 88.09
N LYS CC 15 127.25 -202.78 87.90
CA LYS CC 15 128.66 -202.97 87.60
C LYS CC 15 129.43 -203.51 88.79
N PHE CC 16 129.05 -203.13 90.01
CA PHE CC 16 129.57 -203.80 91.20
C PHE CC 16 129.21 -205.28 91.21
N ASP CC 17 127.93 -205.59 91.00
CA ASP CC 17 127.46 -206.97 91.08
C ASP CC 17 128.07 -207.87 90.01
N THR CC 18 128.22 -207.38 88.78
CA THR CC 18 129.02 -208.13 87.80
C THR CC 18 130.51 -207.96 88.01
N GLY CC 19 130.93 -207.10 88.93
CA GLY CC 19 132.33 -206.89 89.21
C GLY CC 19 132.87 -208.02 90.05
N VAL CC 20 132.25 -208.25 91.20
CA VAL CC 20 132.56 -209.42 92.01
C VAL CC 20 131.73 -210.60 91.49
N ASP CC 21 132.34 -211.40 90.62
CA ASP CC 21 131.57 -212.15 89.63
C ASP CC 21 130.61 -213.13 90.30
N ASN CC 22 131.11 -213.87 91.29
CA ASN CC 22 130.37 -214.95 91.95
C ASN CC 22 130.44 -214.88 93.46
N LEU CC 23 131.17 -213.90 94.01
CA LEU CC 23 131.57 -213.95 95.41
C LEU CC 23 130.44 -214.27 96.37
N GLN CC 24 129.21 -213.84 96.06
CA GLN CC 24 128.10 -214.15 96.98
C GLN CC 24 127.88 -215.66 97.11
N THR CC 25 127.87 -216.37 95.99
CA THR CC 25 127.70 -217.82 96.07
C THR CC 25 128.97 -218.48 96.54
N GLN CC 26 130.12 -217.95 96.15
CA GLN CC 26 131.38 -218.48 96.66
C GLN CC 26 131.39 -218.48 98.18
N VAL CC 27 130.91 -217.39 98.80
CA VAL CC 27 130.83 -217.31 100.26
C VAL CC 27 129.78 -218.26 100.81
N THR CC 28 128.63 -218.37 100.13
CA THR CC 28 127.59 -219.30 100.59
C THR CC 28 128.11 -220.74 100.62
N GLU CC 29 128.70 -221.18 99.52
CA GLU CC 29 129.27 -222.53 99.46
C GLU CC 29 130.41 -222.69 100.46
N ALA CC 30 131.32 -221.72 100.55
CA ALA CC 30 132.37 -221.79 101.56
C ALA CC 30 131.81 -221.99 102.96
N LEU CC 31 130.72 -221.28 103.29
CA LEU CC 31 130.07 -221.46 104.58
C LEU CC 31 129.49 -222.86 104.75
N ASP CC 32 128.80 -223.35 103.74
CA ASP CC 32 128.28 -224.71 103.82
C ASP CC 32 129.39 -225.75 103.99
N LYS CC 33 130.53 -225.53 103.35
CA LYS CC 33 131.68 -226.41 103.52
C LYS CC 33 132.27 -226.30 104.92
N LEU CC 34 132.36 -225.07 105.45
CA LEU CC 34 132.83 -224.87 106.81
C LEU CC 34 131.94 -225.59 107.82
N ALA CC 35 130.63 -225.57 107.60
CA ALA CC 35 129.74 -226.25 108.54
C ALA CC 35 130.15 -227.70 108.79
N ALA CC 36 130.87 -228.32 107.84
CA ALA CC 36 131.35 -229.69 108.02
C ALA CC 36 132.17 -229.87 109.30
N LYS CC 37 133.03 -228.91 109.62
CA LYS CC 37 133.89 -228.99 110.80
C LYS CC 37 134.37 -227.60 111.23
N PRO CC 38 133.66 -226.93 112.13
CA PRO CC 38 134.08 -225.59 112.57
C PRO CC 38 135.50 -225.54 113.15
N SER CC 39 136.11 -226.67 113.47
CA SER CC 39 137.44 -226.72 114.06
C SER CC 39 138.53 -227.04 113.04
N ASP CC 40 138.24 -226.97 111.74
CA ASP CC 40 139.23 -227.27 110.71
C ASP CC 40 139.82 -225.98 110.15
N PRO CC 41 141.13 -225.76 110.28
CA PRO CC 41 141.71 -224.51 109.76
C PRO CC 41 141.68 -224.40 108.25
N ALA CC 42 141.55 -225.52 107.53
CA ALA CC 42 141.46 -225.48 106.08
C ALA CC 42 140.18 -224.82 105.62
N LEU CC 43 139.17 -224.80 106.49
CA LEU CC 43 137.89 -224.17 106.27
C LEU CC 43 137.86 -222.78 106.89
N LEU CC 44 138.34 -222.68 108.13
CA LEU CC 44 138.34 -221.41 108.84
C LEU CC 44 139.12 -220.33 108.08
N ALA CC 45 140.38 -220.60 107.73
CA ALA CC 45 141.17 -219.62 106.98
C ALA CC 45 140.53 -219.25 105.64
N ALA CC 46 139.89 -220.22 104.98
CA ALA CC 46 139.21 -219.95 103.71
C ALA CC 46 138.03 -219.01 103.91
N TYR CC 47 137.19 -219.29 104.90
CA TYR CC 47 136.06 -218.41 105.19
C TYR CC 47 136.55 -217.01 105.56
N GLN CC 48 137.56 -216.94 106.42
CA GLN CC 48 138.15 -215.64 106.76
C GLN CC 48 138.56 -214.87 105.52
N SER CC 49 139.15 -215.55 104.55
CA SER CC 49 139.53 -214.92 103.28
C SER CC 49 138.33 -214.42 102.49
N LYS CC 50 137.39 -215.32 102.20
CA LYS CC 50 136.23 -214.97 101.38
C LYS CC 50 135.37 -213.86 101.97
N LEU CC 51 134.97 -214.00 103.23
CA LEU CC 51 134.07 -213.00 103.80
C LEU CC 51 134.69 -211.61 103.86
N SER CC 52 136.00 -211.50 104.08
CA SER CC 52 136.61 -210.18 104.10
C SER CC 52 136.53 -209.49 102.74
N GLU CC 53 136.62 -210.29 101.66
CA GLU CC 53 136.43 -209.76 100.32
C GLU CC 53 135.00 -209.31 100.10
N TYR CC 54 134.04 -210.09 100.60
CA TYR CC 54 132.65 -209.71 100.43
C TYR CC 54 132.31 -208.43 101.19
N ASN CC 55 132.86 -208.31 102.40
CA ASN CC 55 132.69 -207.09 103.19
C ASN CC 55 133.27 -205.86 102.47
N LEU CC 56 134.50 -205.95 101.96
CA LEU CC 56 135.06 -204.82 101.21
C LEU CC 56 134.26 -204.48 99.97
N TYR CC 57 133.78 -205.49 99.25
CA TYR CC 57 132.89 -205.25 98.11
C TYR CC 57 131.67 -204.42 98.49
N ARG CC 58 130.86 -204.93 99.43
CA ARG CC 58 129.64 -204.22 99.78
C ARG CC 58 129.91 -202.84 100.38
N ASN CC 59 130.96 -202.72 101.20
CA ASN CC 59 131.26 -201.43 101.79
C ASN CC 59 131.68 -200.39 100.76
N ALA CC 60 132.46 -200.78 99.76
CA ALA CC 60 132.76 -199.84 98.68
C ALA CC 60 131.51 -199.47 97.88
N GLN CC 61 130.67 -200.46 97.58
CA GLN CC 61 129.47 -200.22 96.77
C GLN CC 61 128.53 -199.21 97.42
N SER CC 62 128.18 -199.44 98.69
CA SER CC 62 127.17 -198.56 99.28
C SER CC 62 127.65 -197.12 99.39
N ASN CC 63 128.94 -196.90 99.68
CA ASN CC 63 129.42 -195.53 99.70
C ASN CC 63 129.46 -194.92 98.31
N THR CC 64 129.77 -195.74 97.29
CA THR CC 64 129.74 -195.25 95.92
C THR CC 64 128.38 -194.71 95.53
N VAL CC 65 127.32 -195.47 95.84
CA VAL CC 65 125.97 -195.02 95.49
C VAL CC 65 125.66 -193.64 96.06
N LYS CC 66 125.90 -193.47 97.37
CA LYS CC 66 125.72 -192.19 98.03
C LYS CC 66 126.46 -191.06 97.32
N VAL CC 67 127.78 -191.21 97.17
CA VAL CC 67 128.55 -190.16 96.52
C VAL CC 67 127.99 -189.82 95.15
N PHE CC 68 127.71 -190.83 94.33
CA PHE CC 68 127.14 -190.54 93.01
C PHE CC 68 125.79 -189.83 93.09
N LYS CC 69 125.03 -190.02 94.17
CA LYS CC 69 123.79 -189.27 94.30
C LYS CC 69 124.05 -187.80 94.59
N ASP CC 70 125.03 -187.52 95.45
CA ASP CC 70 125.33 -186.15 95.85
C ASP CC 70 125.49 -185.19 94.68
N ILE CC 71 126.22 -185.59 93.65
CA ILE CC 71 126.43 -184.69 92.50
C ILE CC 71 125.12 -184.35 91.81
N ASP CC 72 124.21 -185.31 91.69
CA ASP CC 72 122.90 -185.02 91.10
C ASP CC 72 122.10 -184.06 91.97
N ALA CC 73 122.00 -184.36 93.27
CA ALA CC 73 121.32 -183.44 94.17
C ALA CC 73 121.86 -182.02 94.04
N ALA CC 74 123.18 -181.89 94.00
CA ALA CC 74 123.81 -180.58 93.87
C ALA CC 74 123.46 -179.89 92.57
N ILE CC 75 123.46 -180.60 91.44
CA ILE CC 75 123.12 -179.95 90.19
C ILE CC 75 121.65 -179.56 90.17
N ILE CC 76 120.77 -180.50 90.49
CA ILE CC 76 119.34 -180.23 90.43
C ILE CC 76 118.99 -179.01 91.27
N GLN CC 77 119.57 -178.89 92.46
CA GLN CC 77 119.22 -177.76 93.31
C GLN CC 77 119.53 -176.42 92.67
N ASN CC 78 120.59 -176.33 91.87
CA ASN CC 78 120.98 -175.07 91.24
C ASN CC 78 120.26 -174.80 89.92
N PHE CC 79 119.19 -175.52 89.59
CA PHE CC 79 118.33 -175.07 88.50
C PHE CC 79 117.74 -173.71 88.81
N ARG CC 80 117.41 -173.46 90.06
CA ARG CC 80 116.87 -172.19 90.49
C ARG CC 80 118.00 -171.23 90.77
N PRO DC 4 149.39 -187.55 80.55
CA PRO DC 4 147.97 -187.24 80.31
C PRO DC 4 147.47 -186.10 81.16
N TRP DC 5 146.26 -185.63 80.88
CA TRP DC 5 145.64 -184.61 81.72
C TRP DC 5 145.50 -185.13 83.15
N SER DC 6 145.81 -184.26 84.11
CA SER DC 6 145.68 -184.62 85.51
C SER DC 6 145.42 -183.36 86.32
N GLY DC 7 144.82 -183.55 87.48
CA GLY DC 7 144.43 -182.48 88.37
C GLY DC 7 145.43 -182.17 89.48
N TYR DC 8 144.91 -181.52 90.52
CA TYR DC 8 145.64 -181.21 91.74
C TYR DC 8 145.75 -182.42 92.66
N LEU DC 9 144.61 -183.03 93.00
CA LEU DC 9 144.61 -184.14 93.94
C LEU DC 9 145.43 -185.33 93.45
N ASP DC 10 145.36 -185.64 92.16
CA ASP DC 10 146.18 -186.74 91.68
C ASP DC 10 147.65 -186.36 91.62
N ASP DC 11 147.95 -185.06 91.66
CA ASP DC 11 149.34 -184.63 91.81
C ASP DC 11 149.80 -184.84 93.24
N VAL DC 12 148.97 -184.43 94.20
CA VAL DC 12 149.23 -184.74 95.61
C VAL DC 12 149.51 -186.22 95.79
N SER DC 13 148.71 -187.07 95.15
CA SER DC 13 148.98 -188.50 95.12
C SER DC 13 150.37 -188.81 94.56
N ALA DC 14 150.63 -188.35 93.34
CA ALA DC 14 151.92 -188.57 92.69
C ALA DC 14 153.09 -188.21 93.61
N LYS DC 15 152.97 -187.13 94.38
CA LYS DC 15 154.04 -186.78 95.30
C LYS DC 15 154.36 -187.90 96.30
N PHE DC 16 153.35 -188.57 96.83
CA PHE DC 16 153.59 -189.75 97.67
C PHE DC 16 154.15 -190.91 96.86
N ASP DC 17 153.46 -191.28 95.78
CA ASP DC 17 153.87 -192.39 94.94
C ASP DC 17 155.33 -192.29 94.49
N THR DC 18 155.82 -191.07 94.23
CA THR DC 18 157.22 -190.89 93.88
C THR DC 18 158.11 -190.63 95.10
N GLY DC 19 157.55 -190.15 96.20
CA GLY DC 19 158.32 -190.04 97.41
C GLY DC 19 158.85 -191.40 97.84
N VAL DC 20 157.99 -192.41 97.77
CA VAL DC 20 158.45 -193.79 97.92
C VAL DC 20 159.15 -194.20 96.64
N ASP DC 21 160.42 -194.59 96.76
CA ASP DC 21 161.24 -194.93 95.60
C ASP DC 21 160.64 -196.08 94.78
N ASN DC 22 160.56 -197.26 95.40
CA ASN DC 22 160.07 -198.47 94.75
C ASN DC 22 159.46 -199.40 95.78
N LEU DC 23 158.95 -198.83 96.86
CA LEU DC 23 158.38 -199.56 97.98
C LEU DC 23 157.48 -200.70 97.52
N GLN DC 24 156.66 -200.50 96.50
CA GLN DC 24 155.80 -201.59 96.06
C GLN DC 24 156.59 -202.81 95.58
N THR DC 25 157.67 -202.59 94.83
CA THR DC 25 158.48 -203.73 94.41
C THR DC 25 159.25 -204.32 95.59
N GLN DC 26 159.80 -203.46 96.44
CA GLN DC 26 160.48 -203.91 97.64
C GLN DC 26 159.55 -204.76 98.51
N VAL DC 27 158.26 -204.44 98.52
CA VAL DC 27 157.28 -205.22 99.27
C VAL DC 27 156.96 -206.53 98.58
N THR DC 28 156.78 -206.51 97.26
CA THR DC 28 156.50 -207.75 96.55
C THR DC 28 157.62 -208.75 96.76
N GLU DC 29 158.87 -208.29 96.69
CA GLU DC 29 159.99 -209.18 96.93
C GLU DC 29 160.05 -209.62 98.38
N ALA DC 30 159.89 -208.70 99.33
CA ALA DC 30 159.87 -209.08 100.74
C ALA DC 30 158.83 -210.18 100.98
N LEU DC 31 157.64 -210.00 100.41
CA LEU DC 31 156.56 -210.95 100.59
C LEU DC 31 156.87 -212.31 99.98
N ASP DC 32 157.48 -212.35 98.81
CA ASP DC 32 157.76 -213.67 98.26
C ASP DC 32 158.94 -214.34 98.96
N LYS DC 33 159.91 -213.57 99.44
CA LYS DC 33 160.99 -214.17 100.22
C LYS DC 33 160.47 -214.78 101.51
N LEU DC 34 159.63 -214.01 102.22
CA LEU DC 34 158.96 -214.53 103.41
C LEU DC 34 158.17 -215.79 103.09
N ALA DC 35 157.22 -215.71 102.15
CA ALA DC 35 156.42 -216.88 101.87
C ALA DC 35 157.28 -218.04 101.38
N ALA DC 36 158.48 -217.77 100.88
CA ALA DC 36 159.37 -218.87 100.51
C ALA DC 36 160.06 -219.47 101.73
N LYS DC 37 160.13 -218.72 102.83
CA LYS DC 37 160.80 -219.20 104.05
C LYS DC 37 160.05 -218.69 105.28
N PRO DC 38 158.79 -219.11 105.45
CA PRO DC 38 158.02 -218.64 106.60
C PRO DC 38 158.63 -219.02 107.95
N SER DC 39 159.53 -220.00 107.98
CA SER DC 39 160.20 -220.37 109.22
C SER DC 39 161.35 -219.44 109.58
N ASP DC 40 161.84 -218.65 108.62
CA ASP DC 40 162.99 -217.78 108.86
C ASP DC 40 162.65 -216.67 109.86
N PRO DC 41 163.37 -216.57 111.00
CA PRO DC 41 163.07 -215.51 111.97
C PRO DC 41 163.62 -214.15 111.59
N ALA DC 42 164.70 -214.12 110.83
CA ALA DC 42 165.37 -212.86 110.53
C ALA DC 42 164.55 -211.99 109.60
N LEU DC 43 163.72 -212.60 108.75
CA LEU DC 43 162.86 -211.85 107.85
C LEU DC 43 161.77 -211.07 108.56
N LEU DC 44 161.42 -211.43 109.79
CA LEU DC 44 160.36 -210.74 110.51
C LEU DC 44 160.72 -209.30 110.88
N ALA DC 45 162.00 -208.98 110.99
CA ALA DC 45 162.40 -207.58 111.20
C ALA DC 45 162.15 -206.74 109.96
N ALA DC 46 162.60 -207.23 108.80
CA ALA DC 46 162.47 -206.49 107.54
C ALA DC 46 161.03 -206.46 107.05
N TYR DC 47 160.47 -207.64 106.76
CA TYR DC 47 159.12 -207.74 106.23
C TYR DC 47 158.09 -206.97 107.05
N GLN DC 48 158.11 -207.14 108.38
CA GLN DC 48 157.14 -206.43 109.21
C GLN DC 48 157.35 -204.92 109.19
N SER DC 49 158.60 -204.46 109.12
CA SER DC 49 158.85 -203.03 108.97
C SER DC 49 158.28 -202.51 107.67
N LYS DC 50 158.53 -203.24 106.58
CA LYS DC 50 158.04 -202.84 105.26
C LYS DC 50 156.53 -202.79 105.23
N LEU DC 51 155.87 -203.84 105.73
CA LEU DC 51 154.40 -203.85 105.81
C LEU DC 51 153.87 -202.65 106.58
N SER DC 52 154.39 -202.41 107.79
CA SER DC 52 153.90 -201.29 108.57
C SER DC 52 154.12 -199.96 107.84
N GLU DC 53 155.27 -199.82 107.17
CA GLU DC 53 155.54 -198.63 106.38
C GLU DC 53 154.53 -198.45 105.25
N TYR DC 54 154.27 -199.53 104.50
CA TYR DC 54 153.27 -199.49 103.45
C TYR DC 54 151.90 -199.07 103.97
N ASN DC 55 151.47 -199.66 105.08
CA ASN DC 55 150.20 -199.31 105.68
C ASN DC 55 150.12 -197.84 106.04
N LEU DC 56 151.12 -197.34 106.78
CA LEU DC 56 151.15 -195.92 107.12
C LEU DC 56 151.14 -195.04 105.87
N TYR DC 57 151.91 -195.42 104.85
CA TYR DC 57 151.94 -194.71 103.58
C TYR DC 57 150.55 -194.59 102.96
N ARG DC 58 149.85 -195.70 102.81
CA ARG DC 58 148.49 -195.68 102.28
C ARG DC 58 147.56 -194.81 103.12
N ASN DC 59 147.59 -194.98 104.44
CA ASN DC 59 146.72 -194.17 105.29
C ASN DC 59 146.98 -192.67 105.15
N ALA DC 60 148.23 -192.26 104.98
CA ALA DC 60 148.52 -190.84 104.84
C ALA DC 60 147.85 -190.21 103.62
N GLN DC 61 147.71 -190.97 102.54
CA GLN DC 61 147.13 -190.41 101.31
C GLN DC 61 145.67 -190.02 101.49
N SER DC 62 144.82 -190.97 101.85
CA SER DC 62 143.41 -190.65 102.07
C SER DC 62 143.23 -189.48 103.05
N ASN DC 63 143.89 -189.54 104.20
CA ASN DC 63 143.78 -188.45 105.16
C ASN DC 63 144.28 -187.12 104.61
N THR DC 64 145.12 -187.12 103.58
CA THR DC 64 145.48 -185.85 102.94
C THR DC 64 144.42 -185.41 101.94
N VAL DC 65 144.11 -186.31 101.01
CA VAL DC 65 143.15 -186.06 99.94
C VAL DC 65 141.83 -185.53 100.47
N LYS DC 66 141.26 -186.18 101.49
CA LYS DC 66 139.98 -185.71 102.01
C LYS DC 66 140.05 -184.24 102.44
N VAL DC 67 141.00 -183.92 103.31
CA VAL DC 67 141.19 -182.52 103.74
C VAL DC 67 141.26 -181.59 102.54
N PHE DC 68 142.13 -181.91 101.57
CA PHE DC 68 142.28 -181.04 100.41
C PHE DC 68 141.02 -180.93 99.56
N LYS DC 69 140.24 -182.00 99.47
CA LYS DC 69 138.98 -181.96 98.74
C LYS DC 69 137.99 -181.03 99.41
N ASP DC 70 137.78 -181.22 100.71
CA ASP DC 70 136.83 -180.39 101.44
C ASP DC 70 137.23 -178.92 101.42
N ILE DC 71 138.53 -178.63 101.50
CA ILE DC 71 138.97 -177.23 101.40
C ILE DC 71 138.42 -176.59 100.13
N ASP DC 72 138.49 -177.32 99.01
CA ASP DC 72 138.01 -176.78 97.74
C ASP DC 72 136.48 -176.69 97.73
N ALA DC 73 135.81 -177.79 98.09
CA ALA DC 73 134.36 -177.78 98.11
C ALA DC 73 133.80 -176.59 98.88
N ALA DC 74 134.32 -176.34 100.08
CA ALA DC 74 133.84 -175.21 100.88
C ALA DC 74 133.92 -173.88 100.14
N ILE DC 75 135.09 -173.53 99.63
CA ILE DC 75 135.24 -172.27 98.90
C ILE DC 75 134.37 -172.24 97.63
N ILE DC 76 134.19 -173.37 96.96
CA ILE DC 76 133.29 -173.38 95.82
C ILE DC 76 131.87 -173.04 96.23
N GLN DC 77 131.35 -173.73 97.24
CA GLN DC 77 130.02 -173.36 97.74
C GLN DC 77 129.97 -171.89 98.11
N ASN DC 78 131.07 -171.35 98.64
CA ASN DC 78 131.09 -169.94 99.00
C ASN DC 78 130.77 -169.03 97.82
N PHE DC 79 130.99 -169.48 96.58
CA PHE DC 79 130.72 -168.62 95.43
C PHE DC 79 129.27 -168.19 95.37
N ARG DC 80 128.35 -169.01 95.89
CA ARG DC 80 126.94 -168.74 95.69
C ARG DC 80 126.51 -167.58 96.58
N PRO EC 4 160.54 -166.71 110.48
CA PRO EC 4 159.33 -166.96 109.68
C PRO EC 4 158.04 -166.74 110.46
N TRP EC 5 156.94 -166.61 109.75
CA TRP EC 5 155.64 -166.44 110.38
C TRP EC 5 155.24 -167.69 111.16
N SER EC 6 154.69 -167.48 112.35
CA SER EC 6 154.26 -168.57 113.22
C SER EC 6 152.86 -168.28 113.73
N GLY EC 7 152.00 -169.31 113.70
CA GLY EC 7 150.62 -169.16 114.12
C GLY EC 7 150.41 -169.51 115.58
N TYR EC 8 149.16 -169.36 116.00
CA TYR EC 8 148.78 -169.78 117.33
C TYR EC 8 148.97 -171.28 117.50
N LEU EC 9 148.70 -172.05 116.45
CA LEU EC 9 148.92 -173.49 116.52
C LEU EC 9 150.40 -173.80 116.70
N ASP EC 10 151.25 -173.04 116.00
CA ASP EC 10 152.70 -173.16 116.18
C ASP EC 10 153.12 -172.86 117.60
N ASP EC 11 152.61 -171.76 118.18
CA ASP EC 11 152.88 -171.47 119.59
C ASP EC 11 152.47 -172.62 120.50
N VAL EC 12 151.27 -173.18 120.28
CA VAL EC 12 150.80 -174.32 121.06
C VAL EC 12 151.80 -175.48 120.98
N SER EC 13 152.25 -175.82 119.78
CA SER EC 13 153.28 -176.86 119.61
C SER EC 13 154.59 -176.47 120.30
N ALA EC 14 155.03 -175.25 120.11
CA ALA EC 14 156.26 -174.76 120.73
C ALA EC 14 156.21 -174.89 122.25
N LYS EC 15 155.05 -174.70 122.87
CA LYS EC 15 154.98 -174.90 124.31
C LYS EC 15 155.50 -176.27 124.71
N PHE EC 16 155.18 -177.29 123.92
CA PHE EC 16 155.72 -178.63 124.17
C PHE EC 16 157.20 -178.74 123.81
N ASP EC 17 157.54 -178.34 122.60
CA ASP EC 17 158.94 -178.41 122.18
C ASP EC 17 159.89 -177.72 123.15
N THR EC 18 159.50 -176.58 123.71
CA THR EC 18 160.31 -175.90 124.72
C THR EC 18 160.13 -176.47 126.13
N GLY EC 19 159.00 -177.12 126.40
CA GLY EC 19 158.83 -177.76 127.70
C GLY EC 19 159.73 -178.98 127.86
N VAL EC 20 159.75 -179.85 126.86
CA VAL EC 20 160.68 -180.97 126.89
C VAL EC 20 162.06 -180.47 126.47
N ASP EC 21 162.79 -179.98 127.48
CA ASP EC 21 164.10 -179.36 127.29
C ASP EC 21 165.00 -180.13 126.33
N ASN EC 22 165.22 -181.41 126.60
CA ASN EC 22 166.16 -182.20 125.83
C ASN EC 22 165.68 -183.63 125.60
N LEU EC 23 164.43 -183.94 125.94
CA LEU EC 23 163.96 -185.32 125.93
C LEU EC 23 164.14 -185.99 124.58
N GLN EC 24 164.01 -185.26 123.47
CA GLN EC 24 164.24 -185.88 122.17
C GLN EC 24 165.66 -186.42 122.06
N THR EC 25 166.63 -185.64 122.53
CA THR EC 25 168.02 -186.09 122.52
C THR EC 25 168.22 -187.26 123.47
N GLN EC 26 167.64 -187.15 124.67
CA GLN EC 26 167.77 -188.23 125.64
C GLN EC 26 167.22 -189.55 125.11
N VAL EC 27 166.06 -189.50 124.45
CA VAL EC 27 165.48 -190.71 123.90
C VAL EC 27 166.28 -191.20 122.72
N THR EC 28 166.91 -190.31 121.97
CA THR EC 28 167.73 -190.78 120.86
C THR EC 28 168.97 -191.48 121.38
N GLU EC 29 169.62 -190.91 122.40
CA GLU EC 29 170.83 -191.48 122.97
C GLU EC 29 170.54 -192.80 123.69
N ALA EC 30 169.46 -192.85 124.45
CA ALA EC 30 169.19 -194.02 125.29
C ALA EC 30 169.07 -195.28 124.45
N LEU EC 31 168.32 -195.21 123.36
CA LEU EC 31 168.19 -196.36 122.47
C LEU EC 31 169.49 -196.71 121.77
N ASP EC 32 170.29 -195.71 121.40
CA ASP EC 32 171.58 -196.00 120.80
C ASP EC 32 172.51 -196.72 121.76
N LYS EC 33 172.54 -196.31 123.02
CA LYS EC 33 173.39 -197.00 123.99
C LYS EC 33 172.82 -198.33 124.43
N LEU EC 34 171.50 -198.49 124.42
CA LEU EC 34 170.91 -199.79 124.72
C LEU EC 34 171.19 -200.81 123.62
N ALA EC 35 170.82 -200.49 122.38
CA ALA EC 35 170.89 -201.49 121.32
C ALA EC 35 172.31 -201.94 121.00
N ALA EC 36 173.33 -201.22 121.47
CA ALA EC 36 174.69 -201.71 121.37
C ALA EC 36 174.92 -202.97 122.20
N LYS EC 37 174.18 -203.16 123.28
CA LYS EC 37 174.12 -204.44 124.01
C LYS EC 37 172.68 -204.78 124.29
N PRO EC 38 171.99 -205.41 123.33
CA PRO EC 38 170.55 -205.68 123.49
C PRO EC 38 170.20 -206.46 124.75
N SER EC 39 171.14 -207.16 125.36
CA SER EC 39 170.86 -207.94 126.56
C SER EC 39 171.05 -207.17 127.86
N ASP EC 40 171.54 -205.95 127.82
CA ASP EC 40 172.03 -205.30 129.03
C ASP EC 40 170.89 -205.05 130.03
N PRO EC 41 170.82 -205.79 131.14
CA PRO EC 41 169.73 -205.58 132.11
C PRO EC 41 169.92 -204.32 132.94
N ALA EC 42 171.06 -203.63 132.79
CA ALA EC 42 171.24 -202.32 133.37
C ALA EC 42 170.37 -201.27 132.69
N LEU EC 43 169.99 -201.52 131.44
CA LEU EC 43 169.25 -200.59 130.60
C LEU EC 43 167.87 -201.09 130.24
N LEU EC 44 167.71 -202.40 130.02
CA LEU EC 44 166.45 -202.90 129.49
C LEU EC 44 165.26 -202.48 130.34
N ALA EC 45 165.36 -202.66 131.66
CA ALA EC 45 164.29 -202.27 132.58
C ALA EC 45 164.20 -200.77 132.84
N ALA EC 46 165.20 -199.97 132.46
CA ALA EC 46 165.15 -198.53 132.65
C ALA EC 46 164.66 -197.76 131.44
N TYR EC 47 164.94 -198.25 130.24
CA TYR EC 47 164.67 -197.50 129.01
C TYR EC 47 163.17 -197.23 128.81
N GLN EC 48 162.32 -198.22 129.08
CA GLN EC 48 160.92 -198.14 128.65
C GLN EC 48 160.16 -196.97 129.26
N SER EC 49 160.61 -196.47 130.41
CA SER EC 49 160.06 -195.23 130.95
C SER EC 49 160.19 -194.08 129.96
N LYS EC 50 161.36 -193.95 129.34
CA LYS EC 50 161.63 -192.85 128.42
C LYS EC 50 160.71 -192.88 127.21
N LEU EC 51 160.55 -194.06 126.60
CA LEU EC 51 159.66 -194.16 125.45
C LEU EC 51 158.20 -193.94 125.84
N SER EC 52 157.80 -194.35 127.05
CA SER EC 52 156.44 -194.03 127.50
C SER EC 52 156.26 -192.52 127.64
N GLU EC 53 157.21 -191.85 128.30
CA GLU EC 53 157.14 -190.40 128.45
C GLU EC 53 157.05 -189.71 127.11
N TYR EC 54 157.85 -190.15 126.13
CA TYR EC 54 157.81 -189.54 124.81
C TYR EC 54 156.47 -189.77 124.12
N ASN EC 55 155.98 -191.00 124.14
CA ASN EC 55 154.71 -191.28 123.47
C ASN EC 55 153.57 -190.47 124.06
N LEU EC 56 153.50 -190.38 125.38
CA LEU EC 56 152.49 -189.54 126.03
C LEU EC 56 152.66 -188.06 125.70
N TYR EC 57 153.89 -187.58 125.61
CA TYR EC 57 154.13 -186.22 125.11
C TYR EC 57 153.52 -186.00 123.73
N ARG EC 58 153.83 -186.89 122.80
CA ARG EC 58 153.30 -186.72 121.44
C ARG EC 58 151.78 -186.80 121.40
N ASN EC 59 151.17 -187.67 122.21
CA ASN EC 59 149.71 -187.71 122.27
C ASN EC 59 149.12 -186.40 122.77
N ALA EC 60 149.61 -185.88 123.89
CA ALA EC 60 149.08 -184.60 124.37
C ALA EC 60 149.28 -183.49 123.35
N GLN EC 61 150.46 -183.44 122.73
CA GLN EC 61 150.76 -182.40 121.75
C GLN EC 61 149.81 -182.46 120.56
N SER EC 62 149.56 -183.67 120.05
CA SER EC 62 148.70 -183.82 118.90
C SER EC 62 147.23 -183.55 119.21
N ASN EC 63 146.69 -184.15 120.27
CA ASN EC 63 145.30 -183.91 120.60
C ASN EC 63 145.01 -182.44 120.91
N THR EC 64 145.90 -181.76 121.62
CA THR EC 64 145.67 -180.35 121.94
C THR EC 64 145.43 -179.50 120.68
N VAL EC 65 146.35 -179.58 119.72
CA VAL EC 65 146.19 -178.83 118.47
C VAL EC 65 144.87 -179.14 117.80
N LYS EC 66 144.50 -180.41 117.76
CA LYS EC 66 143.22 -180.84 117.21
C LYS EC 66 142.06 -180.07 117.82
N VAL EC 67 141.92 -180.18 119.13
CA VAL EC 67 140.85 -179.48 119.84
C VAL EC 67 140.84 -177.99 119.54
N PHE EC 68 142.01 -177.35 119.61
CA PHE EC 68 142.06 -175.92 119.30
C PHE EC 68 141.68 -175.60 117.86
N LYS EC 69 141.99 -176.47 116.92
CA LYS EC 69 141.55 -176.25 115.54
C LYS EC 69 140.04 -176.24 115.48
N ASP EC 70 139.41 -177.27 116.05
CA ASP EC 70 137.96 -177.39 116.01
C ASP EC 70 137.28 -176.22 116.69
N ILE EC 71 137.85 -175.73 117.79
CA ILE EC 71 137.29 -174.55 118.46
C ILE EC 71 137.21 -173.36 117.51
N ASP EC 72 138.22 -173.17 116.66
CA ASP EC 72 138.21 -172.04 115.73
C ASP EC 72 137.28 -172.28 114.55
N ALA EC 73 137.41 -173.45 113.91
CA ALA EC 73 136.66 -173.74 112.69
C ALA EC 73 135.18 -173.36 112.81
N ALA EC 74 134.56 -173.73 113.93
CA ALA EC 74 133.17 -173.37 114.16
C ALA EC 74 132.95 -171.85 114.09
N ILE EC 75 133.71 -171.09 114.88
CA ILE EC 75 133.50 -169.64 114.92
C ILE EC 75 133.74 -169.03 113.54
N ILE EC 76 134.72 -169.54 112.81
CA ILE EC 76 134.95 -169.03 111.45
C ILE EC 76 133.77 -169.31 110.55
N GLN EC 77 133.23 -170.52 110.61
CA GLN EC 77 132.05 -170.83 109.82
C GLN EC 77 130.88 -169.95 110.21
N ASN EC 78 130.78 -169.61 111.50
CA ASN EC 78 129.73 -168.74 111.99
C ASN EC 78 129.70 -167.39 111.27
N PHE EC 79 130.76 -167.03 110.54
CA PHE EC 79 130.73 -165.78 109.79
C PHE EC 79 129.71 -165.82 108.65
N ARG EC 80 129.44 -166.98 108.08
CA ARG EC 80 128.44 -167.07 107.02
C ARG EC 80 127.10 -166.55 107.52
N PRO FC 4 139.67 -169.37 142.91
CA PRO FC 4 139.31 -168.76 141.64
C PRO FC 4 138.05 -169.34 141.02
N TRP FC 5 137.65 -168.78 139.88
CA TRP FC 5 136.43 -169.20 139.21
C TRP FC 5 136.47 -170.70 138.90
N SER FC 6 135.33 -171.35 139.06
CA SER FC 6 135.20 -172.78 138.79
C SER FC 6 133.97 -173.02 137.95
N GLY FC 7 134.12 -173.87 136.93
CA GLY FC 7 133.00 -174.33 136.14
C GLY FC 7 132.24 -175.48 136.77
N TYR FC 8 131.27 -175.96 135.99
CA TYR FC 8 130.52 -177.14 136.37
C TYR FC 8 131.39 -178.39 136.29
N LEU FC 9 132.06 -178.57 135.16
CA LEU FC 9 132.97 -179.71 135.03
C LEU FC 9 134.01 -179.71 136.14
N ASP FC 10 134.53 -178.53 136.47
CA ASP FC 10 135.44 -178.37 137.60
C ASP FC 10 134.81 -178.89 138.89
N ASP FC 11 133.59 -178.43 139.19
CA ASP FC 11 132.89 -178.92 140.37
C ASP FC 11 132.73 -180.43 140.36
N VAL FC 12 132.38 -180.99 139.21
CA VAL FC 12 132.26 -182.44 139.07
C VAL FC 12 133.58 -183.12 139.41
N SER FC 13 134.70 -182.55 138.96
CA SER FC 13 136.01 -183.06 139.36
C SER FC 13 136.18 -182.99 140.87
N ALA FC 14 135.86 -181.85 141.47
CA ALA FC 14 135.97 -181.71 142.91
C ALA FC 14 135.14 -182.77 143.64
N LYS FC 15 134.02 -183.20 143.05
CA LYS FC 15 133.26 -184.30 143.65
C LYS FC 15 134.14 -185.52 143.85
N PHE FC 16 134.97 -185.85 142.88
CA PHE FC 16 135.92 -186.95 143.00
C PHE FC 16 137.01 -186.65 144.00
N ASP FC 17 137.61 -185.46 143.89
CA ASP FC 17 138.66 -185.08 144.83
C ASP FC 17 138.20 -185.22 146.28
N THR FC 18 137.00 -184.74 146.60
CA THR FC 18 136.43 -184.90 147.93
C THR FC 18 135.80 -186.28 148.16
N GLY FC 19 135.66 -187.10 147.12
CA GLY FC 19 135.21 -188.46 147.27
C GLY FC 19 136.35 -189.26 147.85
N VAL FC 20 137.44 -189.36 147.11
CA VAL FC 20 138.67 -189.96 147.64
C VAL FC 20 139.55 -188.84 148.17
N ASP FC 21 139.26 -188.38 149.39
CA ASP FC 21 139.91 -187.21 149.97
C ASP FC 21 141.43 -187.30 149.96
N ASN FC 22 142.00 -188.44 150.35
CA ASN FC 22 143.44 -188.51 150.55
C ASN FC 22 144.13 -189.70 149.90
N LEU FC 23 143.44 -190.43 149.03
CA LEU FC 23 144.06 -191.57 148.35
C LEU FC 23 145.43 -191.23 147.76
N GLN FC 24 145.57 -190.01 147.22
CA GLN FC 24 146.84 -189.58 146.63
C GLN FC 24 148.03 -189.77 147.56
N THR FC 25 147.90 -189.33 148.82
CA THR FC 25 149.01 -189.48 149.75
C THR FC 25 149.28 -190.93 150.06
N GLN FC 26 148.24 -191.72 150.32
CA GLN FC 26 148.46 -193.13 150.59
C GLN FC 26 149.21 -193.79 149.43
N VAL FC 27 148.85 -193.42 148.19
CA VAL FC 27 149.50 -193.92 146.99
C VAL FC 27 150.97 -193.53 146.95
N THR FC 28 151.31 -192.34 147.42
CA THR FC 28 152.72 -191.92 147.42
C THR FC 28 153.49 -192.56 148.57
N GLU FC 29 152.88 -192.61 149.74
CA GLU FC 29 153.55 -193.20 150.90
C GLU FC 29 153.86 -194.66 150.66
N ALA FC 30 152.89 -195.43 150.17
CA ALA FC 30 153.17 -196.85 149.96
C ALA FC 30 154.33 -197.02 148.99
N LEU FC 31 154.48 -196.11 148.04
CA LEU FC 31 155.64 -196.11 147.15
C LEU FC 31 156.94 -195.93 147.92
N ASP FC 32 157.05 -194.82 148.65
CA ASP FC 32 158.26 -194.56 149.43
C ASP FC 32 158.58 -195.68 150.41
N LYS FC 33 157.55 -196.29 151.00
CA LYS FC 33 157.77 -197.37 151.96
C LYS FC 33 158.24 -198.64 151.27
N LEU FC 34 157.45 -199.16 150.33
CA LEU FC 34 157.83 -200.37 149.62
C LEU FC 34 159.21 -200.26 149.01
N ALA FC 35 159.57 -199.09 148.47
CA ALA FC 35 160.91 -198.93 147.91
C ALA FC 35 162.02 -199.28 148.90
N ALA FC 36 161.72 -199.33 150.20
CA ALA FC 36 162.74 -199.69 151.18
C ALA FC 36 163.22 -201.12 150.95
N LYS FC 37 162.29 -202.06 150.75
CA LYS FC 37 162.65 -203.43 150.41
C LYS FC 37 161.51 -204.06 149.62
N PRO FC 38 161.67 -204.22 148.30
CA PRO FC 38 160.59 -204.78 147.47
C PRO FC 38 160.00 -206.10 147.91
N SER FC 39 160.61 -206.83 148.84
CA SER FC 39 160.14 -208.16 149.19
C SER FC 39 159.04 -208.18 150.25
N ASP FC 40 158.66 -207.06 150.83
CA ASP FC 40 157.62 -207.09 151.84
C ASP FC 40 156.27 -207.41 151.21
N PRO FC 41 155.69 -208.59 151.44
CA PRO FC 41 154.41 -208.91 150.77
C PRO FC 41 153.24 -208.10 151.31
N ALA FC 42 153.31 -207.62 152.55
CA ALA FC 42 152.22 -206.81 153.09
C ALA FC 42 152.25 -205.43 152.47
N LEU FC 43 153.45 -204.88 152.29
CA LEU FC 43 153.57 -203.60 151.62
C LEU FC 43 153.17 -203.76 150.16
N LEU FC 44 153.49 -204.91 149.55
CA LEU FC 44 153.07 -205.13 148.18
C LEU FC 44 151.54 -205.16 148.07
N ALA FC 45 150.87 -205.74 149.07
CA ALA FC 45 149.41 -205.75 149.05
C ALA FC 45 148.83 -204.35 149.20
N ALA FC 46 149.39 -203.57 150.12
CA ALA FC 46 148.91 -202.20 150.29
C ALA FC 46 149.16 -201.37 149.04
N TYR FC 47 150.37 -201.48 148.49
CA TYR FC 47 150.73 -200.84 147.24
C TYR FC 47 149.72 -201.14 146.15
N GLN FC 48 149.44 -202.43 145.92
CA GLN FC 48 148.48 -202.82 144.89
C GLN FC 48 147.10 -202.24 145.18
N SER FC 49 146.66 -202.32 146.44
CA SER FC 49 145.35 -201.78 146.80
C SER FC 49 145.23 -200.31 146.40
N LYS FC 50 146.14 -199.48 146.92
CA LYS FC 50 146.07 -198.05 146.65
C LYS FC 50 146.26 -197.72 145.17
N LEU FC 51 147.20 -198.38 144.50
CA LEU FC 51 147.40 -198.12 143.07
C LEU FC 51 146.15 -198.47 142.27
N SER FC 52 145.47 -199.56 142.65
CA SER FC 52 144.24 -199.95 141.99
C SER FC 52 143.16 -198.90 142.19
N GLU FC 53 142.89 -198.55 143.44
CA GLU FC 53 141.91 -197.50 143.72
C GLU FC 53 142.24 -196.21 142.96
N TYR FC 54 143.52 -195.88 142.82
CA TYR FC 54 143.91 -194.71 142.04
C TYR FC 54 143.54 -194.85 140.56
N ASN FC 55 143.87 -196.00 139.97
CA ASN FC 55 143.51 -196.27 138.59
C ASN FC 55 142.01 -196.08 138.35
N LEU FC 56 141.20 -196.74 139.17
CA LEU FC 56 139.74 -196.60 139.03
C LEU FC 56 139.27 -195.16 139.23
N TYR FC 57 139.83 -194.47 140.23
CA TYR FC 57 139.52 -193.07 140.46
C TYR FC 57 139.72 -192.23 139.20
N ARG FC 58 140.92 -192.29 138.61
CA ARG FC 58 141.19 -191.53 137.39
C ARG FC 58 140.30 -191.94 136.23
N ASN FC 59 140.18 -193.24 135.97
CA ASN FC 59 139.34 -193.71 134.87
C ASN FC 59 137.91 -193.19 134.95
N ALA FC 60 137.22 -193.50 136.05
CA ALA FC 60 135.84 -193.06 136.20
C ALA FC 60 135.71 -191.54 136.18
N GLN FC 61 136.59 -190.84 136.87
CA GLN FC 61 136.57 -189.38 136.84
C GLN FC 61 136.63 -188.85 135.41
N SER FC 62 137.58 -189.33 134.63
CA SER FC 62 137.75 -188.82 133.27
C SER FC 62 136.52 -189.08 132.41
N ASN FC 63 136.05 -190.33 132.35
CA ASN FC 63 134.90 -190.55 131.47
C ASN FC 63 133.65 -189.85 131.97
N THR FC 64 133.45 -189.76 133.28
CA THR FC 64 132.33 -189.00 133.83
C THR FC 64 132.36 -187.55 133.37
N VAL FC 65 133.54 -186.94 133.42
CA VAL FC 65 133.71 -185.57 132.93
C VAL FC 65 133.35 -185.48 131.45
N LYS FC 66 133.89 -186.41 130.66
CA LYS FC 66 133.69 -186.35 129.21
C LYS FC 66 132.23 -186.48 128.81
N VAL FC 67 131.45 -187.31 129.51
CA VAL FC 67 130.05 -187.47 129.13
C VAL FC 67 129.24 -186.17 129.14
N PHE FC 68 129.63 -185.16 129.91
CA PHE FC 68 128.93 -183.88 129.87
C PHE FC 68 129.14 -183.10 128.57
N LYS FC 69 130.24 -183.35 127.85
CA LYS FC 69 130.44 -182.70 126.58
C LYS FC 69 129.31 -182.98 125.61
N ASP FC 70 128.87 -184.23 125.52
CA ASP FC 70 127.83 -184.54 124.54
C ASP FC 70 126.58 -183.69 124.77
N ILE FC 71 126.11 -183.62 126.01
CA ILE FC 71 124.89 -182.88 126.30
C ILE FC 71 125.10 -181.39 126.09
N ASP FC 72 126.23 -180.84 126.55
CA ASP FC 72 126.40 -179.41 126.39
C ASP FC 72 126.57 -179.02 124.93
N ALA FC 73 127.38 -179.76 124.19
CA ALA FC 73 127.57 -179.44 122.77
C ALA FC 73 126.24 -179.53 122.05
N ALA FC 74 125.45 -180.58 122.30
CA ALA FC 74 124.17 -180.73 121.62
C ALA FC 74 123.24 -179.55 121.92
N ILE FC 75 123.16 -179.12 123.18
CA ILE FC 75 122.25 -178.03 123.50
C ILE FC 75 122.74 -176.71 122.91
N ILE FC 76 124.04 -176.45 122.98
CA ILE FC 76 124.58 -175.22 122.38
C ILE FC 76 124.35 -175.21 120.88
N GLN FC 77 124.53 -176.36 120.23
CA GLN FC 77 124.25 -176.47 118.80
C GLN FC 77 122.79 -176.20 118.47
N ASN FC 78 121.88 -176.72 119.30
CA ASN FC 78 120.48 -176.42 119.02
C ASN FC 78 120.16 -174.92 119.04
N PHE FC 79 121.07 -174.06 119.49
CA PHE FC 79 120.80 -172.63 119.35
C PHE FC 79 120.74 -172.22 117.89
N ARG FC 80 121.53 -172.85 117.03
CA ARG FC 80 121.60 -172.47 115.64
C ARG FC 80 120.96 -173.55 114.76
N PRO GC 4 108.40 -194.31 143.55
CA PRO GC 4 109.36 -193.28 143.15
C PRO GC 4 109.58 -193.24 141.64
N TRP GC 5 110.23 -192.19 141.16
CA TRP GC 5 110.43 -192.04 139.72
C TRP GC 5 111.32 -193.17 139.19
N SER GC 6 111.03 -193.61 137.97
CA SER GC 6 111.80 -194.67 137.34
C SER GC 6 111.57 -194.60 135.83
N GLY GC 7 112.27 -195.46 135.09
CA GLY GC 7 112.15 -195.44 133.65
C GLY GC 7 112.48 -196.76 133.02
N TYR GC 8 112.22 -196.83 131.71
CA TYR GC 8 112.34 -198.09 131.00
C TYR GC 8 113.75 -198.65 131.12
N LEU GC 9 114.77 -197.80 131.08
CA LEU GC 9 116.12 -198.34 131.26
C LEU GC 9 116.33 -198.85 132.67
N ASP GC 10 115.65 -198.25 133.65
CA ASP GC 10 115.62 -198.83 134.99
C ASP GC 10 115.15 -200.26 134.92
N ASP GC 11 114.00 -200.49 134.27
CA ASP GC 11 113.52 -201.86 134.06
C ASP GC 11 114.55 -202.74 133.37
N VAL GC 12 115.13 -202.25 132.27
CA VAL GC 12 116.17 -202.98 131.55
C VAL GC 12 117.27 -203.46 132.49
N SER GC 13 117.77 -202.58 133.35
CA SER GC 13 118.81 -202.98 134.29
C SER GC 13 118.27 -203.89 135.40
N ALA GC 14 117.12 -203.55 135.97
CA ALA GC 14 116.53 -204.34 137.04
C ALA GC 14 116.18 -205.76 136.63
N LYS GC 15 115.95 -206.02 135.35
CA LYS GC 15 115.73 -207.41 134.93
C LYS GC 15 116.87 -208.31 135.36
N PHE GC 16 118.10 -207.81 135.31
CA PHE GC 16 119.26 -208.56 135.79
C PHE GC 16 119.21 -208.76 137.30
N ASP GC 17 119.07 -207.66 138.05
CA ASP GC 17 119.04 -207.72 139.50
C ASP GC 17 117.94 -208.64 140.01
N THR GC 18 116.76 -208.61 139.38
CA THR GC 18 115.67 -209.52 139.73
C THR GC 18 115.81 -210.89 139.06
N GLY GC 19 116.78 -211.05 138.17
CA GLY GC 19 117.01 -212.32 137.51
C GLY GC 19 117.88 -213.15 138.41
N VAL GC 20 118.96 -212.58 138.92
CA VAL GC 20 119.84 -213.28 139.85
C VAL GC 20 119.22 -213.07 141.23
N ASP GC 21 118.37 -214.02 141.60
CA ASP GC 21 117.63 -213.97 142.86
C ASP GC 21 118.53 -213.85 144.08
N ASN GC 22 119.59 -214.66 144.14
CA ASN GC 22 120.43 -214.73 145.32
C ASN GC 22 121.93 -214.50 145.09
N LEU GC 23 122.39 -214.48 143.83
CA LEU GC 23 123.81 -214.69 143.53
C LEU GC 23 124.73 -213.73 144.28
N GLN GC 24 124.40 -212.44 144.34
CA GLN GC 24 125.28 -211.49 145.02
C GLN GC 24 125.51 -211.84 146.48
N THR GC 25 124.45 -212.18 147.20
CA THR GC 25 124.65 -212.48 148.61
C THR GC 25 125.11 -213.91 148.83
N GLN GC 26 124.84 -214.83 147.90
CA GLN GC 26 125.57 -216.09 147.90
C GLN GC 26 127.06 -215.84 147.87
N VAL GC 27 127.51 -214.96 146.97
CA VAL GC 27 128.93 -214.64 146.87
C VAL GC 27 129.44 -214.03 148.18
N THR GC 28 128.65 -213.12 148.76
CA THR GC 28 129.03 -212.53 150.04
C THR GC 28 129.20 -213.61 151.10
N GLU GC 29 128.25 -214.53 151.18
CA GLU GC 29 128.35 -215.66 152.12
C GLU GC 29 129.58 -216.50 151.85
N ALA GC 30 129.83 -216.84 150.59
CA ALA GC 30 131.02 -217.60 150.22
C ALA GC 30 132.30 -216.93 150.72
N LEU GC 31 132.38 -215.61 150.56
CA LEU GC 31 133.54 -214.88 151.06
C LEU GC 31 133.59 -214.88 152.58
N ASP GC 32 132.47 -214.62 153.24
CA ASP GC 32 132.45 -214.66 154.70
C ASP GC 32 132.85 -216.03 155.25
N LYS GC 33 132.61 -217.09 154.48
CA LYS GC 33 133.09 -218.41 154.88
C LYS GC 33 134.59 -218.59 154.66
N LEU GC 34 135.05 -218.33 153.43
CA LEU GC 34 136.47 -218.45 153.13
C LEU GC 34 137.34 -217.56 154.02
N ALA GC 35 136.84 -216.40 154.43
CA ALA GC 35 137.64 -215.49 155.23
C ALA GC 35 138.21 -216.12 156.48
N ALA GC 36 137.64 -217.22 156.96
CA ALA GC 36 138.15 -217.86 158.16
C ALA GC 36 139.13 -219.00 157.89
N LYS GC 37 139.11 -219.59 156.70
CA LYS GC 37 139.95 -220.76 156.40
C LYS GC 37 140.38 -220.72 154.93
N PRO GC 38 141.59 -220.19 154.66
CA PRO GC 38 142.08 -220.10 153.27
C PRO GC 38 142.32 -221.41 152.51
N SER GC 39 142.17 -222.57 153.13
CA SER GC 39 142.58 -223.83 152.51
C SER GC 39 141.48 -224.85 152.27
N ASP GC 40 140.22 -224.55 152.58
CA ASP GC 40 139.16 -225.53 152.39
C ASP GC 40 138.70 -225.61 150.94
N PRO GC 41 138.75 -226.77 150.30
CA PRO GC 41 138.30 -226.85 148.90
C PRO GC 41 136.85 -226.45 148.73
N ALA GC 42 135.99 -226.70 149.73
CA ALA GC 42 134.60 -226.27 149.59
C ALA GC 42 134.50 -224.76 149.58
N LEU GC 43 135.46 -224.09 150.21
CA LEU GC 43 135.53 -222.63 150.23
C LEU GC 43 136.26 -222.08 149.02
N LEU GC 44 136.97 -222.94 148.29
CA LEU GC 44 137.67 -222.54 147.06
C LEU GC 44 136.82 -222.74 145.80
N ALA GC 45 136.41 -223.98 145.54
CA ALA GC 45 135.72 -224.31 144.29
C ALA GC 45 134.40 -223.57 144.15
N ALA GC 46 133.50 -223.76 145.11
CA ALA GC 46 132.21 -223.06 145.08
C ALA GC 46 132.40 -221.56 145.01
N TYR GC 47 133.35 -221.04 145.78
CA TYR GC 47 133.68 -219.62 145.73
C TYR GC 47 133.98 -219.17 144.31
N GLN GC 48 135.01 -219.75 143.69
CA GLN GC 48 135.37 -219.37 142.32
C GLN GC 48 134.23 -219.59 141.34
N SER GC 49 133.39 -220.60 141.56
CA SER GC 49 132.23 -220.81 140.69
C SER GC 49 131.26 -219.64 140.75
N LYS GC 50 130.83 -219.28 141.96
CA LYS GC 50 129.93 -218.15 142.10
C LYS GC 50 130.58 -216.84 141.67
N LEU GC 51 131.88 -216.70 141.87
CA LEU GC 51 132.57 -215.51 141.35
C LEU GC 51 132.48 -215.43 139.83
N SER GC 52 132.68 -216.54 139.15
CA SER GC 52 132.51 -216.57 137.69
C SER GC 52 131.08 -216.21 137.28
N GLU GC 53 130.09 -216.85 137.91
CA GLU GC 53 128.70 -216.51 137.61
C GLU GC 53 128.41 -215.03 137.80
N TYR GC 54 128.81 -214.45 138.94
CA TYR GC 54 128.65 -213.03 139.18
C TYR GC 54 129.33 -212.17 138.13
N ASN GC 55 130.58 -212.48 137.79
CA ASN GC 55 131.27 -211.75 136.73
C ASN GC 55 130.50 -211.77 135.41
N LEU GC 56 130.10 -212.97 134.97
CA LEU GC 56 129.29 -213.08 133.76
C LEU GC 56 128.02 -212.25 133.83
N TYR GC 57 127.31 -212.32 134.95
CA TYR GC 57 126.13 -211.49 135.19
C TYR GC 57 126.40 -210.00 134.99
N ARG GC 58 127.35 -209.46 135.74
CA ARG GC 58 127.71 -208.04 135.60
C ARG GC 58 128.12 -207.69 134.17
N ASN GC 59 128.90 -208.54 133.51
CA ASN GC 59 129.35 -208.22 132.16
C ASN GC 59 128.18 -208.21 131.17
N ALA GC 60 127.32 -209.23 131.22
CA ALA GC 60 126.14 -209.24 130.37
C ALA GC 60 125.28 -208.00 130.59
N GLN GC 61 125.08 -207.61 131.86
CA GLN GC 61 124.37 -206.37 132.17
C GLN GC 61 124.99 -205.16 131.47
N SER GC 62 126.28 -204.95 131.68
CA SER GC 62 126.93 -203.77 131.13
C SER GC 62 126.90 -203.75 129.61
N ASN GC 63 127.01 -204.92 128.98
CA ASN GC 63 126.97 -204.94 127.51
C ASN GC 63 125.56 -204.71 127.00
N THR GC 64 124.59 -205.47 127.49
CA THR GC 64 123.23 -205.38 126.97
C THR GC 64 122.63 -203.99 127.16
N VAL GC 65 122.85 -203.36 128.32
CA VAL GC 65 122.19 -202.06 128.55
C VAL GC 65 122.66 -200.96 127.61
N LYS GC 66 123.92 -200.98 127.19
CA LYS GC 66 124.41 -199.92 126.30
C LYS GC 66 123.73 -199.93 124.93
N VAL GC 67 123.41 -201.11 124.42
CA VAL GC 67 122.72 -201.22 123.12
C VAL GC 67 121.45 -200.38 123.08
N PHE GC 68 120.68 -200.34 124.16
CA PHE GC 68 119.46 -199.53 124.13
C PHE GC 68 119.74 -198.05 124.24
N LYS GC 69 120.90 -197.68 124.77
CA LYS GC 69 121.27 -196.28 124.77
C LYS GC 69 121.63 -195.85 123.35
N ASP GC 70 122.40 -196.68 122.65
CA ASP GC 70 122.76 -196.35 121.27
C ASP GC 70 121.53 -196.29 120.38
N ILE GC 71 120.62 -197.27 120.53
CA ILE GC 71 119.36 -197.28 119.78
C ILE GC 71 118.57 -195.99 120.01
N ASP GC 72 118.40 -195.60 121.28
CA ASP GC 72 117.64 -194.39 121.53
C ASP GC 72 118.34 -193.16 120.96
N ALA GC 73 119.67 -193.10 121.07
CA ALA GC 73 120.37 -191.95 120.51
C ALA GC 73 120.15 -191.86 119.01
N ALA GC 74 120.15 -193.01 118.32
CA ALA GC 74 119.86 -193.03 116.88
C ALA GC 74 118.46 -192.53 116.58
N ILE GC 75 117.48 -192.90 117.41
CA ILE GC 75 116.12 -192.42 117.17
C ILE GC 75 116.03 -190.92 117.39
N ILE GC 76 116.66 -190.41 118.45
CA ILE GC 76 116.62 -188.97 118.68
C ILE GC 76 117.33 -188.24 117.56
N GLN GC 77 118.44 -188.80 117.07
CA GLN GC 77 119.14 -188.21 115.94
C GLN GC 77 118.23 -188.09 114.73
N ASN GC 78 117.33 -189.06 114.52
CA ASN GC 78 116.38 -188.91 113.42
C ASN GC 78 115.39 -187.77 113.59
N PHE GC 79 115.43 -187.02 114.69
CA PHE GC 79 114.62 -185.79 114.80
C PHE GC 79 115.30 -184.61 114.11
N ARG GC 80 116.62 -184.53 114.18
CA ARG GC 80 117.37 -183.43 113.62
C ARG GC 80 117.08 -183.27 112.14
N PRO HC 4 107.79 -219.30 114.85
CA PRO HC 4 107.97 -217.90 115.22
C PRO HC 4 108.72 -217.11 114.17
N TRP HC 5 108.68 -215.79 114.27
CA TRP HC 5 109.44 -214.96 113.35
C TRP HC 5 110.94 -215.23 113.46
N SER HC 6 111.61 -215.26 112.31
CA SER HC 6 113.05 -215.47 112.25
C SER HC 6 113.62 -214.60 111.14
N GLY HC 7 114.83 -214.12 111.37
CA GLY HC 7 115.47 -213.13 110.53
C GLY HC 7 116.48 -213.73 109.57
N TYR HC 8 117.63 -213.05 109.46
CA TYR HC 8 118.81 -213.50 108.74
C TYR HC 8 119.89 -214.00 109.68
N LEU HC 9 120.16 -213.23 110.74
CA LEU HC 9 121.25 -213.56 111.64
C LEU HC 9 121.00 -214.89 112.36
N ASP HC 10 119.77 -215.09 112.82
CA ASP HC 10 119.40 -216.36 113.46
C ASP HC 10 119.48 -217.53 112.49
N ASP HC 11 119.25 -217.29 111.21
CA ASP HC 11 119.42 -218.36 110.23
C ASP HC 11 120.89 -218.69 110.01
N VAL HC 12 121.73 -217.67 109.85
CA VAL HC 12 123.17 -217.90 109.76
C VAL HC 12 123.65 -218.66 111.00
N SER HC 13 123.19 -218.25 112.18
CA SER HC 13 123.47 -219.01 113.39
C SER HC 13 123.03 -220.47 113.28
N ALA HC 14 121.78 -220.69 112.88
CA ALA HC 14 121.29 -222.05 112.68
C ALA HC 14 122.16 -222.86 111.72
N LYS HC 15 122.85 -222.21 110.80
CA LYS HC 15 123.79 -222.93 109.95
C LYS HC 15 124.78 -223.74 110.78
N PHE HC 16 125.27 -223.15 111.87
CA PHE HC 16 126.17 -223.84 112.79
C PHE HC 16 125.48 -225.00 113.49
N ASP HC 17 124.30 -224.77 114.06
CA ASP HC 17 123.62 -225.86 114.76
C ASP HC 17 123.31 -227.02 113.81
N THR HC 18 122.99 -226.72 112.55
CA THR HC 18 122.78 -227.76 111.56
C THR HC 18 124.09 -228.33 111.03
N GLY HC 19 125.21 -227.72 111.39
CA GLY HC 19 126.53 -228.26 111.10
C GLY HC 19 126.91 -229.27 112.16
N VAL HC 20 126.93 -228.82 113.41
CA VAL HC 20 127.25 -229.70 114.54
C VAL HC 20 125.91 -230.33 114.92
N ASP HC 21 125.66 -231.49 114.31
CA ASP HC 21 124.37 -232.16 114.45
C ASP HC 21 124.05 -232.52 115.90
N ASN HC 22 125.02 -233.06 116.63
CA ASN HC 22 124.77 -233.57 117.97
C ASN HC 22 125.81 -233.15 119.02
N LEU HC 23 126.82 -232.39 118.63
CA LEU HC 23 127.89 -232.02 119.58
C LEU HC 23 127.34 -231.50 120.90
N GLN HC 24 126.29 -230.68 120.86
CA GLN HC 24 125.69 -230.15 122.09
C GLN HC 24 125.33 -231.25 123.08
N THR HC 25 124.71 -232.34 122.59
CA THR HC 25 124.36 -233.47 123.45
C THR HC 25 125.57 -234.34 123.78
N GLN HC 26 126.37 -234.66 122.76
CA GLN HC 26 127.56 -235.48 122.97
C GLN HC 26 128.46 -234.93 124.07
N VAL HC 27 128.69 -233.61 124.07
CA VAL HC 27 129.47 -232.98 125.14
C VAL HC 27 128.85 -233.25 126.50
N THR HC 28 127.53 -233.05 126.61
CA THR HC 28 126.85 -233.24 127.88
C THR HC 28 126.98 -234.67 128.38
N GLU HC 29 126.75 -235.64 127.50
CA GLU HC 29 126.80 -237.04 127.93
C GLU HC 29 128.23 -237.49 128.24
N ALA HC 30 129.20 -237.05 127.45
CA ALA HC 30 130.59 -237.40 127.74
C ALA HC 30 131.07 -236.82 129.06
N LEU HC 31 130.73 -235.55 129.34
CA LEU HC 31 131.05 -235.00 130.65
C LEU HC 31 130.30 -235.69 131.77
N ASP HC 32 129.02 -235.98 131.58
CA ASP HC 32 128.24 -236.61 132.64
C ASP HC 32 128.78 -237.99 133.00
N LYS HC 33 129.19 -238.78 132.00
CA LYS HC 33 129.80 -240.07 132.31
C LYS HC 33 131.21 -239.93 132.90
N LEU HC 34 132.00 -238.97 132.43
CA LEU HC 34 133.28 -238.72 133.09
C LEU HC 34 133.09 -238.37 134.56
N ALA HC 35 132.18 -237.46 134.85
CA ALA HC 35 131.89 -237.09 136.24
C ALA HC 35 131.33 -238.25 137.04
N ALA HC 36 130.57 -239.14 136.40
CA ALA HC 36 130.05 -240.31 137.08
C ALA HC 36 131.11 -241.37 137.35
N LYS HC 37 132.18 -241.41 136.54
CA LYS HC 37 133.24 -242.42 136.71
C LYS HC 37 134.61 -241.82 136.44
N PRO HC 38 135.03 -240.85 137.26
CA PRO HC 38 136.25 -240.08 136.93
C PRO HC 38 137.51 -240.91 136.80
N SER HC 39 137.53 -242.13 137.34
CA SER HC 39 138.73 -242.96 137.36
C SER HC 39 139.18 -243.48 136.01
N ASP HC 40 138.39 -243.33 134.94
CA ASP HC 40 138.76 -243.92 133.66
C ASP HC 40 139.24 -242.85 132.70
N PRO HC 41 140.50 -242.90 132.26
CA PRO HC 41 141.00 -241.90 131.29
C PRO HC 41 140.29 -241.91 129.95
N ALA HC 42 139.62 -243.00 129.58
CA ALA HC 42 138.87 -243.00 128.33
C ALA HC 42 137.78 -241.94 128.34
N LEU HC 43 137.22 -241.68 129.52
CA LEU HC 43 136.21 -240.63 129.64
C LEU HC 43 136.84 -239.24 129.54
N LEU HC 44 138.07 -239.09 130.01
CA LEU HC 44 138.80 -237.83 129.77
C LEU HC 44 139.04 -237.62 128.30
N ALA HC 45 139.54 -238.65 127.61
CA ALA HC 45 139.72 -238.57 126.16
C ALA HC 45 138.42 -238.15 125.45
N ALA HC 46 137.32 -238.83 125.75
CA ALA HC 46 136.01 -238.47 125.19
C ALA HC 46 135.66 -237.02 125.51
N TYR HC 47 135.70 -236.67 126.78
CA TYR HC 47 135.39 -235.31 127.23
C TYR HC 47 136.16 -234.28 126.45
N GLN HC 48 137.49 -234.42 126.37
CA GLN HC 48 138.29 -233.49 125.58
C GLN HC 48 137.85 -233.48 124.12
N SER HC 49 137.70 -234.67 123.52
CA SER HC 49 137.30 -234.75 122.13
C SER HC 49 136.02 -233.99 121.83
N LYS HC 50 135.10 -233.91 122.80
CA LYS HC 50 133.88 -233.13 122.58
C LYS HC 50 134.00 -231.66 122.97
N LEU HC 51 134.40 -231.39 124.22
CA LEU HC 51 134.50 -230.01 124.70
C LEU HC 51 135.43 -229.15 123.84
N SER HC 52 136.57 -229.70 123.42
CA SER HC 52 137.50 -228.94 122.59
C SER HC 52 136.82 -228.42 121.33
N GLU HC 53 135.96 -229.24 120.74
CA GLU HC 53 135.25 -228.82 119.52
C GLU HC 53 134.13 -227.83 119.84
N TYR HC 54 133.38 -228.12 120.89
CA TYR HC 54 132.27 -227.25 121.30
C TYR HC 54 132.73 -225.82 121.59
N ASN HC 55 133.85 -225.69 122.33
CA ASN HC 55 134.38 -224.38 122.67
C ASN HC 55 134.60 -223.49 121.46
N LEU HC 56 135.15 -224.05 120.38
CA LEU HC 56 135.36 -223.24 119.18
C LEU HC 56 134.08 -223.08 118.37
N TYR HC 57 133.23 -224.10 118.37
CA TYR HC 57 131.93 -223.99 117.70
C TYR HC 57 131.13 -222.78 118.15
N ARG HC 58 130.93 -222.64 119.47
CA ARG HC 58 130.12 -221.52 119.94
C ARG HC 58 130.75 -220.16 119.64
N ASN HC 59 132.07 -220.05 119.77
CA ASN HC 59 132.71 -218.77 119.50
C ASN HC 59 132.64 -218.40 118.03
N ALA HC 60 133.01 -219.33 117.15
CA ALA HC 60 132.88 -219.07 115.72
C ALA HC 60 131.48 -218.61 115.35
N GLN HC 61 130.47 -219.32 115.86
CA GLN HC 61 129.08 -218.93 115.61
C GLN HC 61 128.77 -217.51 116.03
N SER HC 62 129.01 -217.18 117.30
CA SER HC 62 128.72 -215.84 117.78
C SER HC 62 129.49 -214.75 117.03
N ASN HC 63 130.79 -214.96 116.79
CA ASN HC 63 131.55 -213.99 116.01
C ASN HC 63 130.99 -213.78 114.62
N THR HC 64 130.67 -214.86 113.90
CA THR HC 64 130.09 -214.69 112.56
C THR HC 64 128.78 -213.91 112.60
N VAL HC 65 127.91 -214.20 113.56
CA VAL HC 65 126.68 -213.44 113.73
C VAL HC 65 126.98 -211.95 113.91
N LYS HC 66 127.91 -211.65 114.81
CA LYS HC 66 128.35 -210.28 115.05
C LYS HC 66 128.81 -209.61 113.75
N VAL HC 67 129.71 -210.28 113.03
CA VAL HC 67 130.22 -209.77 111.76
C VAL HC 67 129.10 -209.41 110.79
N PHE HC 68 128.21 -210.36 110.50
CA PHE HC 68 127.13 -210.04 109.56
C PHE HC 68 126.22 -208.93 110.05
N LYS HC 69 125.97 -208.85 111.36
CA LYS HC 69 125.22 -207.73 111.90
C LYS HC 69 125.92 -206.43 111.56
N ASP HC 70 127.24 -206.40 111.74
CA ASP HC 70 128.02 -205.21 111.42
C ASP HC 70 128.04 -204.93 109.93
N ILE HC 71 127.80 -205.94 109.10
CA ILE HC 71 127.76 -205.70 107.66
C ILE HC 71 126.45 -204.99 107.30
N ASP HC 72 125.35 -205.36 107.94
CA ASP HC 72 124.09 -204.68 107.67
C ASP HC 72 124.10 -203.26 108.23
N ALA HC 73 124.66 -203.09 109.43
CA ALA HC 73 124.76 -201.77 110.04
C ALA HC 73 125.39 -200.76 109.09
N ALA HC 74 126.46 -201.16 108.41
CA ALA HC 74 127.13 -200.29 107.44
C ALA HC 74 126.18 -199.81 106.34
N ILE HC 75 125.15 -200.58 106.02
CA ILE HC 75 124.22 -200.16 104.99
C ILE HC 75 123.14 -199.25 105.57
N ILE HC 76 122.65 -199.57 106.76
CA ILE HC 76 121.68 -198.65 107.36
C ILE HC 76 122.32 -197.28 107.56
N GLN HC 77 123.57 -197.24 108.01
CA GLN HC 77 124.33 -196.02 108.11
C GLN HC 77 124.53 -195.32 106.77
N ASN HC 78 124.22 -195.98 105.65
CA ASN HC 78 124.39 -195.39 104.33
C ASN HC 78 123.08 -195.20 103.60
N PHE HC 79 121.95 -195.51 104.23
CA PHE HC 79 120.67 -195.22 103.61
C PHE HC 79 120.29 -193.76 103.71
N ARG HC 80 120.86 -193.04 104.67
CA ARG HC 80 120.61 -191.61 104.80
C ARG HC 80 120.96 -190.92 103.49
N PRO IC 4 136.90 -219.57 88.80
CA PRO IC 4 136.25 -218.81 89.88
C PRO IC 4 136.88 -217.45 90.16
N TRP IC 5 136.05 -216.53 90.61
CA TRP IC 5 136.50 -215.20 91.00
C TRP IC 5 137.50 -215.27 92.14
N SER IC 6 138.45 -214.33 92.14
CA SER IC 6 139.47 -214.28 93.17
C SER IC 6 139.98 -212.85 93.28
N GLY IC 7 140.29 -212.43 94.51
CA GLY IC 7 140.82 -211.11 94.77
C GLY IC 7 142.25 -211.11 95.27
N TYR IC 8 142.65 -209.94 95.76
CA TYR IC 8 144.00 -209.75 96.30
C TYR IC 8 144.26 -210.56 97.56
N LEU IC 9 143.31 -210.60 98.48
CA LEU IC 9 143.49 -211.44 99.66
C LEU IC 9 143.55 -212.92 99.30
N ASP IC 10 142.71 -213.35 98.35
CA ASP IC 10 142.86 -214.70 97.80
C ASP IC 10 144.27 -214.91 97.26
N ASP IC 11 144.80 -213.91 96.55
CA ASP IC 11 146.16 -214.00 96.02
C ASP IC 11 147.18 -214.18 97.14
N VAL IC 12 147.07 -213.40 98.22
CA VAL IC 12 147.91 -213.59 99.40
C VAL IC 12 147.81 -215.03 99.92
N SER IC 13 146.59 -215.51 100.07
CA SER IC 13 146.35 -216.88 100.50
C SER IC 13 147.09 -217.87 99.60
N ALA IC 14 146.87 -217.77 98.29
CA ALA IC 14 147.55 -218.67 97.36
C ALA IC 14 149.05 -218.51 97.42
N LYS IC 15 149.55 -217.30 97.67
CA LYS IC 15 151.00 -217.12 97.81
C LYS IC 15 151.53 -217.98 98.94
N PHE IC 16 150.88 -217.91 100.10
CA PHE IC 16 151.23 -218.77 101.22
C PHE IC 16 151.11 -220.26 100.87
N ASP IC 17 149.97 -220.66 100.33
CA ASP IC 17 149.73 -222.07 100.05
C ASP IC 17 150.69 -222.63 99.01
N THR IC 18 151.10 -221.82 98.03
CA THR IC 18 152.12 -222.25 97.09
C THR IC 18 153.51 -222.08 97.64
N GLY IC 19 153.67 -221.35 98.74
CA GLY IC 19 154.95 -221.31 99.41
C GLY IC 19 155.20 -222.63 100.10
N VAL IC 20 154.17 -223.12 100.80
CA VAL IC 20 154.27 -224.43 101.46
C VAL IC 20 154.01 -225.45 100.36
N ASP IC 21 155.10 -226.00 99.82
CA ASP IC 21 154.99 -226.91 98.67
C ASP IC 21 154.08 -228.10 98.97
N ASN IC 22 154.35 -228.80 100.07
CA ASN IC 22 153.60 -230.02 100.37
C ASN IC 22 153.44 -230.24 101.86
N LEU IC 23 153.82 -229.26 102.69
CA LEU IC 23 153.85 -229.47 104.13
C LEU IC 23 152.53 -230.02 104.66
N GLN IC 24 151.39 -229.64 104.08
CA GLN IC 24 150.13 -230.18 104.57
C GLN IC 24 150.13 -231.69 104.53
N THR IC 25 150.59 -232.27 103.42
CA THR IC 25 150.62 -233.72 103.29
C THR IC 25 151.75 -234.31 104.11
N GLN IC 26 152.89 -233.63 104.14
CA GLN IC 26 154.02 -234.14 104.90
C GLN IC 26 153.62 -234.31 106.37
N VAL IC 27 153.01 -233.28 106.93
CA VAL IC 27 152.59 -233.31 108.32
C VAL IC 27 151.47 -234.33 108.52
N THR IC 28 150.54 -234.43 107.57
CA THR IC 28 149.45 -235.38 107.74
C THR IC 28 149.96 -236.82 107.79
N GLU IC 29 150.79 -237.20 106.82
CA GLU IC 29 151.28 -238.58 106.84
C GLU IC 29 152.33 -238.81 107.91
N ALA IC 30 153.06 -237.78 108.33
CA ALA IC 30 153.99 -237.96 109.43
C ALA IC 30 153.25 -238.24 110.72
N LEU IC 31 152.06 -237.63 110.87
CA LEU IC 31 151.22 -237.96 112.01
C LEU IC 31 150.60 -239.33 111.85
N ASP IC 32 150.16 -239.66 110.63
CA ASP IC 32 149.52 -240.94 110.37
C ASP IC 32 150.46 -242.12 110.62
N LYS IC 33 151.76 -241.95 110.40
CA LYS IC 33 152.68 -243.04 110.71
C LYS IC 33 152.84 -243.23 112.22
N LEU IC 34 152.81 -242.13 112.98
CA LEU IC 34 152.93 -242.24 114.43
C LEU IC 34 151.65 -242.77 115.06
N ALA IC 35 150.49 -242.44 114.50
CA ALA IC 35 149.21 -242.84 115.06
C ALA IC 35 149.08 -244.34 115.27
N ALA IC 36 149.90 -245.16 114.60
CA ALA IC 36 149.83 -246.61 114.78
C ALA IC 36 150.64 -247.13 115.96
N LYS IC 37 151.63 -246.38 116.43
CA LYS IC 37 152.50 -246.84 117.53
C LYS IC 37 153.04 -245.62 118.28
N PRO IC 38 152.21 -245.05 119.16
CA PRO IC 38 152.59 -243.80 119.85
C PRO IC 38 153.87 -243.86 120.69
N SER IC 39 154.30 -245.03 121.16
CA SER IC 39 155.44 -245.09 122.06
C SER IC 39 156.80 -245.02 121.36
N ASP IC 40 156.86 -245.16 120.04
CA ASP IC 40 158.15 -245.09 119.36
C ASP IC 40 158.57 -243.64 119.13
N PRO IC 41 159.69 -243.20 119.72
CA PRO IC 41 160.10 -241.79 119.57
C PRO IC 41 160.60 -241.45 118.17
N ALA IC 42 161.10 -242.43 117.41
CA ALA IC 42 161.61 -242.14 116.09
C ALA IC 42 160.53 -241.65 115.13
N LEU IC 43 159.26 -241.94 115.43
CA LEU IC 43 158.16 -241.46 114.61
C LEU IC 43 157.71 -240.05 114.98
N LEU IC 44 158.09 -239.58 116.17
CA LEU IC 44 157.68 -238.28 116.69
C LEU IC 44 158.75 -237.21 116.56
N ALA IC 45 160.03 -237.59 116.78
CA ALA IC 45 161.09 -236.60 116.81
C ALA IC 45 161.19 -235.82 115.51
N ALA IC 46 160.83 -236.43 114.37
CA ALA IC 46 160.84 -235.70 113.11
C ALA IC 46 159.49 -235.07 112.80
N TYR IC 47 158.41 -235.62 113.37
CA TYR IC 47 157.07 -235.07 113.15
C TYR IC 47 156.91 -233.71 113.79
N GLN IC 48 157.34 -233.58 115.03
CA GLN IC 48 157.17 -232.32 115.77
C GLN IC 48 157.77 -231.13 115.04
N SER IC 49 158.90 -231.32 114.36
CA SER IC 49 159.54 -230.21 113.66
C SER IC 49 158.68 -229.70 112.50
N LYS IC 50 158.07 -230.62 111.75
CA LYS IC 50 157.24 -230.17 110.64
C LYS IC 50 155.93 -229.59 111.14
N LEU IC 51 155.39 -230.14 112.24
CA LEU IC 51 154.20 -229.54 112.82
C LEU IC 51 154.48 -228.10 113.26
N SER IC 52 155.67 -227.85 113.80
CA SER IC 52 156.02 -226.48 114.21
C SER IC 52 156.15 -225.56 113.01
N GLU IC 53 156.85 -226.00 111.97
CA GLU IC 53 156.90 -225.22 110.74
C GLU IC 53 155.50 -224.89 110.22
N TYR IC 54 154.60 -225.88 110.24
CA TYR IC 54 153.24 -225.67 109.79
C TYR IC 54 152.49 -224.67 110.67
N ASN IC 55 152.76 -224.69 111.97
CA ASN IC 55 152.12 -223.71 112.84
C ASN IC 55 152.60 -222.30 112.53
N LEU IC 56 153.91 -222.12 112.33
CA LEU IC 56 154.43 -220.82 111.91
C LEU IC 56 153.79 -220.37 110.60
N TYR IC 57 153.69 -221.29 109.64
CA TYR IC 57 153.03 -221.01 108.37
C TYR IC 57 151.62 -220.48 108.54
N ARG IC 58 150.81 -221.16 109.34
CA ARG IC 58 149.41 -220.74 109.46
C ARG IC 58 149.28 -219.46 110.27
N ASN IC 59 150.10 -219.29 111.30
CA ASN IC 59 150.07 -218.04 112.06
C ASN IC 59 150.38 -216.84 111.17
N ALA IC 60 151.52 -216.88 110.48
CA ALA IC 60 151.88 -215.80 109.57
C ALA IC 60 150.81 -215.57 108.49
N GLN IC 61 150.33 -216.65 107.86
CA GLN IC 61 149.29 -216.51 106.84
C GLN IC 61 148.05 -215.79 107.35
N SER IC 62 147.44 -216.33 108.41
CA SER IC 62 146.24 -215.71 108.97
C SER IC 62 146.47 -214.27 109.41
N ASN IC 63 147.57 -214.01 110.12
CA ASN IC 63 147.87 -212.64 110.53
C ASN IC 63 148.01 -211.70 109.33
N THR IC 64 148.68 -212.16 108.28
CA THR IC 64 148.80 -211.35 107.07
C THR IC 64 147.44 -210.98 106.48
N VAL IC 65 146.57 -211.99 106.32
CA VAL IC 65 145.21 -211.71 105.85
C VAL IC 65 144.53 -210.69 106.75
N LYS IC 66 144.45 -211.00 108.04
CA LYS IC 66 143.83 -210.13 109.01
C LYS IC 66 144.30 -208.68 108.90
N VAL IC 67 145.61 -208.47 108.78
CA VAL IC 67 146.13 -207.11 108.73
C VAL IC 67 145.85 -206.46 107.38
N PHE IC 68 146.20 -207.12 106.28
CA PHE IC 68 146.05 -206.50 104.97
C PHE IC 68 144.60 -206.18 104.62
N LYS IC 69 143.65 -206.98 105.09
CA LYS IC 69 142.24 -206.69 104.86
C LYS IC 69 141.87 -205.24 105.14
N ASP IC 70 142.16 -204.78 106.35
CA ASP IC 70 141.73 -203.44 106.78
C ASP IC 70 142.45 -202.28 106.11
N ILE IC 71 143.64 -202.49 105.55
CA ILE IC 71 144.30 -201.38 104.86
C ILE IC 71 143.39 -200.76 103.80
N ASP IC 72 142.67 -201.59 103.04
CA ASP IC 72 141.74 -201.07 102.03
C ASP IC 72 140.55 -200.34 102.65
N ALA IC 73 139.97 -200.92 103.68
CA ALA IC 73 138.86 -200.26 104.40
C ALA IC 73 139.27 -198.88 104.89
N ALA IC 74 140.46 -198.78 105.47
CA ALA IC 74 140.98 -197.49 105.94
C ALA IC 74 141.12 -196.48 104.82
N ILE IC 75 141.07 -196.90 103.55
CA ILE IC 75 141.04 -195.97 102.43
C ILE IC 75 139.62 -195.64 102.02
N ILE IC 76 138.82 -196.68 101.82
CA ILE IC 76 137.42 -196.51 101.41
C ILE IC 76 136.68 -195.56 102.34
N GLN IC 77 136.69 -195.86 103.64
CA GLN IC 77 135.95 -195.06 104.61
C GLN IC 77 136.17 -193.56 104.46
N ASN IC 78 137.41 -193.13 104.25
CA ASN IC 78 137.70 -191.70 104.17
C ASN IC 78 137.03 -190.97 103.01
N PHE IC 79 136.56 -191.64 101.97
CA PHE IC 79 135.99 -190.83 100.89
C PHE IC 79 134.53 -190.45 101.13
N ARG IC 80 133.89 -190.96 102.19
CA ARG IC 80 132.51 -190.58 102.48
C ARG IC 80 132.37 -189.07 102.45
N PRO JC 4 168.59 -199.17 96.78
CA PRO JC 4 167.62 -199.50 97.82
C PRO JC 4 167.15 -198.29 98.61
N TRP JC 5 166.01 -198.43 99.30
CA TRP JC 5 165.43 -197.36 100.08
C TRP JC 5 164.93 -197.89 101.41
N SER JC 6 165.06 -197.07 102.45
CA SER JC 6 164.64 -197.41 103.80
C SER JC 6 163.80 -196.27 104.34
N GLY JC 7 162.87 -196.62 105.22
CA GLY JC 7 162.07 -195.65 105.93
C GLY JC 7 162.65 -195.23 107.26
N TYR JC 8 161.80 -195.18 108.28
CA TYR JC 8 162.21 -194.92 109.65
C TYR JC 8 162.10 -196.13 110.56
N LEU JC 9 161.04 -196.93 110.44
CA LEU JC 9 160.90 -198.10 111.30
C LEU JC 9 162.02 -199.10 111.08
N ASP JC 10 162.41 -199.29 109.82
CA ASP JC 10 163.54 -200.12 109.44
C ASP JC 10 164.90 -199.54 109.82
N ASP JC 11 165.04 -198.22 109.79
CA ASP JC 11 166.29 -197.62 110.28
C ASP JC 11 166.38 -197.67 111.80
N VAL JC 12 165.26 -197.73 112.51
CA VAL JC 12 165.28 -198.09 113.92
C VAL JC 12 165.70 -199.54 114.09
N SER JC 13 165.06 -200.45 113.35
CA SER JC 13 165.40 -201.87 113.43
C SER JC 13 166.89 -202.14 113.15
N ALA JC 14 167.48 -201.40 112.21
CA ALA JC 14 168.90 -201.56 111.93
C ALA JC 14 169.82 -201.17 113.09
N LYS JC 15 169.30 -200.50 114.12
CA LYS JC 15 170.14 -200.20 115.28
C LYS JC 15 170.60 -201.46 116.00
N PHE JC 16 169.77 -202.49 116.04
CA PHE JC 16 170.19 -203.78 116.57
C PHE JC 16 171.29 -204.42 115.72
N ASP JC 17 171.04 -204.52 114.40
CA ASP JC 17 172.00 -205.13 113.51
C ASP JC 17 173.33 -204.40 113.49
N THR JC 18 173.33 -203.09 113.67
CA THR JC 18 174.57 -202.34 113.81
C THR JC 18 175.11 -202.29 115.22
N GLY JC 19 174.33 -202.72 116.21
CA GLY JC 19 174.79 -202.79 117.58
C GLY JC 19 175.56 -204.07 117.84
N VAL JC 20 174.98 -205.20 117.44
CA VAL JC 20 175.66 -206.50 117.55
C VAL JC 20 176.14 -206.91 116.17
N ASP JC 21 177.45 -207.15 116.06
CA ASP JC 21 178.13 -207.12 114.77
C ASP JC 21 177.97 -208.44 114.01
N ASN JC 22 177.96 -209.57 114.71
CA ASN JC 22 178.00 -210.87 114.06
C ASN JC 22 177.02 -211.87 114.67
N LEU JC 23 176.17 -211.45 115.60
CA LEU JC 23 175.47 -212.38 116.47
C LEU JC 23 174.70 -213.45 115.67
N GLN JC 24 174.05 -213.05 114.59
CA GLN JC 24 173.31 -214.02 113.79
C GLN JC 24 174.22 -215.07 113.14
N THR JC 25 175.48 -214.73 112.84
CA THR JC 25 176.45 -215.76 112.43
C THR JC 25 177.02 -216.53 113.62
N GLN JC 26 177.31 -215.84 114.70
CA GLN JC 26 177.92 -216.50 115.85
C GLN JC 26 176.98 -217.51 116.47
N VAL JC 27 175.67 -217.31 116.32
CA VAL JC 27 174.69 -218.34 116.63
C VAL JC 27 174.94 -219.61 115.82
N THR JC 28 175.27 -219.45 114.54
CA THR JC 28 175.53 -220.62 113.71
C THR JC 28 176.84 -221.28 114.11
N GLU JC 29 177.80 -220.48 114.54
CA GLU JC 29 179.05 -221.04 115.06
C GLU JC 29 178.82 -221.82 116.35
N ALA JC 30 178.01 -221.26 117.26
CA ALA JC 30 177.67 -221.93 118.51
C ALA JC 30 176.84 -223.19 118.28
N LEU JC 31 176.12 -223.26 117.17
CA LEU JC 31 175.46 -224.52 116.80
C LEU JC 31 176.46 -225.53 116.23
N ASP JC 32 177.33 -225.09 115.32
CA ASP JC 32 178.26 -226.02 114.67
C ASP JC 32 179.27 -226.60 115.66
N LYS JC 33 179.83 -225.77 116.53
CA LYS JC 33 180.76 -226.27 117.53
C LYS JC 33 180.11 -227.30 118.44
N LEU JC 34 178.91 -227.01 118.94
CA LEU JC 34 178.18 -228.00 119.74
C LEU JC 34 177.97 -229.27 118.95
N ALA JC 35 177.46 -229.17 117.72
CA ALA JC 35 177.26 -230.35 116.88
C ALA JC 35 178.56 -231.13 116.69
N ALA JC 36 179.71 -230.49 116.85
CA ALA JC 36 180.97 -231.22 116.74
C ALA JC 36 181.18 -232.17 117.92
N LYS JC 37 180.77 -231.77 119.11
CA LYS JC 37 180.93 -232.61 120.31
C LYS JC 37 179.78 -232.32 121.27
N PRO JC 38 178.59 -232.84 120.97
CA PRO JC 38 177.41 -232.57 121.81
C PRO JC 38 177.59 -232.85 123.29
N SER JC 39 178.54 -233.72 123.63
CA SER JC 39 178.75 -234.13 125.02
C SER JC 39 179.56 -233.14 125.83
N ASP JC 40 180.16 -232.12 125.22
CA ASP JC 40 180.99 -231.18 125.97
C ASP JC 40 180.12 -230.18 126.74
N PRO JC 41 180.22 -230.13 128.08
CA PRO JC 41 179.43 -229.13 128.80
C PRO JC 41 179.88 -227.72 128.51
N ALA JC 42 181.15 -227.53 128.15
CA ALA JC 42 181.61 -226.20 127.77
C ALA JC 42 180.92 -225.71 126.50
N LEU JC 43 180.75 -226.61 125.54
CA LEU JC 43 180.04 -226.28 124.32
C LEU JC 43 178.56 -226.06 124.58
N LEU JC 44 177.94 -226.91 125.41
CA LEU JC 44 176.55 -226.67 125.77
C LEU JC 44 176.36 -225.30 126.43
N ALA JC 45 177.25 -224.95 127.36
CA ALA JC 45 177.19 -223.64 127.99
C ALA JC 45 177.33 -222.50 126.98
N ALA JC 46 178.33 -222.58 126.11
CA ALA JC 46 178.49 -221.58 125.05
C ALA JC 46 177.24 -221.46 124.20
N TYR JC 47 176.72 -222.59 123.74
CA TYR JC 47 175.48 -222.62 122.98
C TYR JC 47 174.33 -221.90 123.70
N GLN JC 48 174.03 -222.33 124.93
CA GLN JC 48 172.96 -221.68 125.70
C GLN JC 48 173.20 -220.18 125.90
N SER JC 49 174.46 -219.77 126.08
CA SER JC 49 174.78 -218.36 126.22
C SER JC 49 174.46 -217.56 124.97
N LYS JC 50 174.98 -217.99 123.82
CA LYS JC 50 174.68 -217.28 122.58
C LYS JC 50 173.22 -217.43 122.19
N LEU JC 51 172.56 -218.50 122.62
CA LEU JC 51 171.12 -218.64 122.45
C LEU JC 51 170.38 -217.51 123.15
N SER JC 52 170.74 -217.27 124.41
CA SER JC 52 170.11 -216.20 125.18
C SER JC 52 170.37 -214.85 124.54
N GLU JC 53 171.62 -214.60 124.15
CA GLU JC 53 171.95 -213.35 123.46
C GLU JC 53 171.11 -213.16 122.18
N TYR JC 54 170.99 -214.21 121.36
CA TYR JC 54 170.22 -214.09 120.12
C TYR JC 54 168.73 -213.90 120.40
N ASN JC 55 168.19 -214.63 121.38
CA ASN JC 55 166.78 -214.45 121.75
C ASN JC 55 166.51 -213.03 122.21
N LEU JC 56 167.37 -212.47 123.07
CA LEU JC 56 167.18 -211.09 123.51
C LEU JC 56 167.40 -210.08 122.40
N TYR JC 57 168.29 -210.37 121.46
CA TYR JC 57 168.42 -209.58 120.25
C TYR JC 57 167.14 -209.56 119.40
N ARG JC 58 166.51 -210.72 119.23
CA ARG JC 58 165.30 -210.80 118.41
C ARG JC 58 164.03 -210.28 119.10
N ASN JC 59 163.82 -210.59 120.37
CA ASN JC 59 162.57 -210.25 121.04
C ASN JC 59 162.39 -208.75 121.31
N ALA JC 60 163.47 -207.98 121.43
CA ALA JC 60 163.32 -206.53 121.55
C ALA JC 60 162.94 -205.82 120.25
N GLN JC 61 163.32 -206.35 119.09
CA GLN JC 61 163.28 -205.57 117.86
C GLN JC 61 161.85 -205.29 117.38
N SER JC 62 161.06 -206.35 117.18
CA SER JC 62 159.66 -206.15 116.81
C SER JC 62 158.88 -205.46 117.90
N ASN JC 63 159.14 -205.79 119.16
CA ASN JC 63 158.38 -205.14 120.23
C ASN JC 63 158.62 -203.63 120.23
N THR JC 64 159.87 -203.21 119.97
CA THR JC 64 160.17 -201.78 119.85
C THR JC 64 159.49 -201.14 118.65
N VAL JC 65 159.53 -201.81 117.50
CA VAL JC 65 158.90 -201.27 116.29
C VAL JC 65 157.40 -201.11 116.45
N LYS JC 66 156.77 -202.04 117.17
CA LYS JC 66 155.34 -201.96 117.42
C LYS JC 66 154.93 -200.72 118.21
N VAL JC 67 155.88 -200.05 118.89
CA VAL JC 67 155.56 -198.76 119.49
C VAL JC 67 155.55 -197.64 118.45
N PHE JC 68 156.54 -197.61 117.55
CA PHE JC 68 156.53 -196.54 116.57
C PHE JC 68 155.35 -196.69 115.61
N LYS JC 69 154.87 -197.91 115.43
CA LYS JC 69 153.64 -198.12 114.67
C LYS JC 69 152.53 -197.18 115.13
N ASP JC 70 152.26 -197.18 116.43
CA ASP JC 70 151.18 -196.36 116.96
C ASP JC 70 151.60 -194.91 117.10
N ILE JC 71 152.87 -194.66 117.37
CA ILE JC 71 153.34 -193.28 117.47
C ILE JC 71 153.06 -192.54 116.17
N ASP JC 72 153.18 -193.23 115.04
CA ASP JC 72 152.84 -192.60 113.77
C ASP JC 72 151.35 -192.67 113.45
N ALA JC 73 150.72 -193.84 113.65
CA ALA JC 73 149.32 -194.00 113.29
C ALA JC 73 148.40 -193.01 114.00
N ALA JC 74 148.66 -192.72 115.29
CA ALA JC 74 147.84 -191.75 116.00
C ALA JC 74 147.90 -190.37 115.38
N ILE JC 75 149.07 -189.96 114.89
CA ILE JC 75 149.14 -188.64 114.25
C ILE JC 75 148.51 -188.68 112.87
N ILE JC 76 148.74 -189.75 112.11
CA ILE JC 76 148.07 -189.89 110.83
C ILE JC 76 146.56 -189.76 110.98
N GLN JC 77 145.99 -190.37 112.02
CA GLN JC 77 144.58 -190.17 112.28
C GLN JC 77 144.28 -188.74 112.70
N ASN JC 78 145.16 -188.13 113.49
CA ASN JC 78 144.92 -186.77 113.96
C ASN JC 78 144.69 -185.77 112.83
N PHE JC 79 145.01 -186.10 111.58
CA PHE JC 79 144.77 -185.16 110.48
C PHE JC 79 143.30 -184.85 110.30
N ARG JC 80 142.41 -185.77 110.67
CA ARG JC 80 140.98 -185.49 110.56
C ARG JC 80 140.59 -184.40 111.55
N PRO KC 4 169.75 -182.32 133.44
CA PRO KC 4 168.99 -182.92 132.35
C PRO KC 4 167.48 -182.91 132.61
N TRP KC 5 166.69 -183.12 131.57
CA TRP KC 5 165.24 -183.14 131.76
C TRP KC 5 164.84 -184.45 132.44
N SER KC 6 163.83 -184.36 133.31
CA SER KC 6 163.35 -185.53 134.03
C SER KC 6 161.86 -185.38 134.28
N GLY KC 7 161.17 -186.51 134.46
CA GLY KC 7 159.73 -186.51 134.46
C GLY KC 7 159.14 -187.43 135.51
N TYR KC 8 157.83 -187.68 135.42
CA TYR KC 8 157.12 -188.38 136.49
C TYR KC 8 157.50 -189.85 136.55
N LEU KC 9 157.63 -190.48 135.38
CA LEU KC 9 157.95 -191.90 135.35
C LEU KC 9 159.42 -192.15 135.63
N ASP KC 10 160.30 -191.35 135.03
CA ASP KC 10 161.72 -191.57 135.21
C ASP KC 10 162.17 -191.13 136.60
N ASP KC 11 161.45 -190.19 137.22
CA ASP KC 11 161.67 -189.90 138.63
C ASP KC 11 161.17 -191.02 139.54
N VAL KC 12 160.04 -191.64 139.22
CA VAL KC 12 159.63 -192.79 140.01
C VAL KC 12 160.64 -193.94 139.86
N SER KC 13 161.12 -194.15 138.64
CA SER KC 13 162.18 -195.14 138.41
C SER KC 13 163.45 -194.82 139.21
N ALA KC 14 163.84 -193.54 139.27
CA ALA KC 14 164.99 -193.19 140.09
C ALA KC 14 164.72 -193.43 141.58
N LYS KC 15 163.50 -193.16 142.03
CA LYS KC 15 163.13 -193.55 143.40
C LYS KC 15 163.33 -195.03 143.64
N PHE KC 16 162.93 -195.86 142.68
CA PHE KC 16 163.13 -197.31 142.79
C PHE KC 16 164.60 -197.69 142.76
N ASP KC 17 165.42 -196.96 142.03
CA ASP KC 17 166.86 -197.22 142.04
C ASP KC 17 167.46 -196.87 143.40
N THR KC 18 167.29 -195.60 143.82
CA THR KC 18 167.91 -195.13 145.05
C THR KC 18 167.44 -195.91 146.27
N GLY KC 19 166.14 -196.24 146.34
CA GLY KC 19 165.68 -197.05 147.45
C GLY KC 19 166.34 -198.42 147.53
N VAL KC 20 166.74 -198.98 146.38
CA VAL KC 20 167.36 -200.29 146.35
C VAL KC 20 168.89 -200.21 146.28
N ASP KC 21 169.46 -199.01 146.34
CA ASP KC 21 170.92 -198.83 146.22
C ASP KC 21 171.74 -199.89 146.95
N ASN KC 22 171.34 -200.20 148.19
CA ASN KC 22 172.04 -201.21 148.98
C ASN KC 22 172.05 -202.59 148.30
N LEU KC 23 170.86 -203.13 148.01
CA LEU KC 23 170.77 -204.46 147.41
C LEU KC 23 171.36 -204.50 145.99
N GLN KC 24 171.03 -203.51 145.16
CA GLN KC 24 171.62 -203.44 143.83
C GLN KC 24 173.13 -203.26 143.88
N THR KC 25 173.68 -202.83 145.01
CA THR KC 25 175.13 -202.79 145.17
C THR KC 25 175.67 -204.16 145.57
N GLN KC 26 175.10 -204.76 146.62
CA GLN KC 26 175.54 -206.07 147.08
C GLN KC 26 175.55 -207.07 145.93
N VAL KC 27 174.50 -207.10 145.11
CA VAL KC 27 174.43 -208.06 144.02
C VAL KC 27 175.54 -207.84 142.99
N THR KC 28 176.09 -206.63 142.92
CA THR KC 28 177.24 -206.39 142.04
C THR KC 28 178.46 -207.19 142.48
N GLU KC 29 178.49 -207.65 143.72
CA GLU KC 29 179.67 -208.25 144.32
C GLU KC 29 179.45 -209.69 144.77
N ALA KC 30 178.22 -210.05 145.11
CA ALA KC 30 177.93 -211.42 145.54
C ALA KC 30 178.34 -212.45 144.49
N LEU KC 31 178.32 -212.08 143.21
CA LEU KC 31 178.95 -212.92 142.20
C LEU KC 31 180.46 -212.96 142.36
N ASP KC 32 181.10 -211.81 142.56
CA ASP KC 32 182.53 -211.68 142.26
C ASP KC 32 183.37 -212.72 143.00
N LYS KC 33 183.04 -212.99 144.26
CA LYS KC 33 183.76 -213.99 145.04
C LYS KC 33 183.61 -215.40 144.48
N LEU KC 34 182.41 -215.77 144.03
CA LEU KC 34 182.24 -217.10 143.45
C LEU KC 34 182.65 -217.17 141.99
N ALA KC 35 182.71 -216.03 141.31
CA ALA KC 35 183.30 -215.94 139.99
C ALA KC 35 184.80 -216.14 140.05
N ALA KC 36 185.43 -215.79 141.16
CA ALA KC 36 186.83 -216.14 141.38
C ALA KC 36 187.00 -217.53 141.99
N LYS KC 37 186.10 -217.96 142.86
CA LYS KC 37 186.20 -219.26 143.55
C LYS KC 37 184.81 -219.87 143.61
N PRO KC 38 184.36 -220.47 142.50
CA PRO KC 38 183.02 -221.08 142.44
C PRO KC 38 182.68 -222.14 143.48
N SER KC 39 183.59 -222.48 144.39
CA SER KC 39 183.40 -223.60 145.30
C SER KC 39 183.20 -223.18 146.76
N ASP KC 40 182.66 -221.99 147.03
CA ASP KC 40 182.53 -221.57 148.41
C ASP KC 40 181.13 -221.89 148.93
N PRO KC 41 180.98 -222.85 149.85
CA PRO KC 41 179.64 -223.26 150.30
C PRO KC 41 178.91 -222.26 151.18
N ALA KC 42 179.63 -221.37 151.87
CA ALA KC 42 178.99 -220.44 152.79
C ALA KC 42 178.02 -219.50 152.10
N LEU KC 43 178.38 -218.99 150.93
CA LEU KC 43 177.82 -217.74 150.43
C LEU KC 43 176.64 -217.92 149.49
N LEU KC 44 176.37 -219.14 149.03
CA LEU KC 44 175.48 -219.32 147.88
C LEU KC 44 174.04 -218.96 148.19
N ALA KC 45 173.53 -219.35 149.36
CA ALA KC 45 172.20 -218.93 149.78
C ALA KC 45 172.06 -217.41 149.83
N ALA KC 46 173.05 -216.71 150.38
CA ALA KC 46 173.03 -215.25 150.41
C ALA KC 46 172.99 -214.67 148.99
N TYR KC 47 173.93 -215.10 148.16
CA TYR KC 47 173.96 -214.69 146.76
C TYR KC 47 172.59 -214.88 146.10
N GLN KC 48 172.05 -216.09 146.16
CA GLN KC 48 170.72 -216.39 145.62
C GLN KC 48 169.64 -215.47 146.16
N SER KC 49 169.60 -215.28 147.47
CA SER KC 49 168.62 -214.39 148.09
C SER KC 49 168.69 -212.97 147.53
N LYS KC 50 169.86 -212.35 147.59
CA LYS KC 50 170.01 -210.99 147.07
C LYS KC 50 169.71 -210.90 145.58
N LEU KC 51 170.20 -211.86 144.78
CA LEU KC 51 169.84 -211.90 143.36
C LEU KC 51 168.34 -211.94 143.15
N SER KC 52 167.65 -212.81 143.89
CA SER KC 52 166.18 -212.88 143.82
C SER KC 52 165.53 -211.53 144.14
N GLU KC 53 165.87 -210.95 145.28
CA GLU KC 53 165.32 -209.64 145.64
C GLU KC 53 165.64 -208.56 144.59
N TYR KC 54 166.81 -208.64 143.96
CA TYR KC 54 167.15 -207.73 142.86
C TYR KC 54 166.24 -207.93 141.64
N ASN KC 55 165.97 -209.18 141.27
CA ASN KC 55 165.02 -209.43 140.19
C ASN KC 55 163.63 -208.92 140.55
N LEU KC 56 163.20 -209.13 141.80
CA LEU KC 56 161.93 -208.57 142.24
C LEU KC 56 161.93 -207.05 142.16
N TYR KC 57 163.01 -206.42 142.61
CA TYR KC 57 163.28 -205.00 142.36
C TYR KC 57 163.00 -204.56 140.93
N ARG KC 58 163.63 -205.22 139.96
CA ARG KC 58 163.42 -204.83 138.56
C ARG KC 58 161.99 -205.10 138.09
N ASN KC 59 161.37 -206.18 138.56
CA ASN KC 59 159.99 -206.47 138.18
C ASN KC 59 159.03 -205.42 138.72
N ALA KC 60 159.23 -205.02 139.97
CA ALA KC 60 158.41 -203.98 140.56
C ALA KC 60 158.61 -202.65 139.84
N GLN KC 61 159.85 -202.26 139.62
CA GLN KC 61 160.09 -200.96 138.98
C GLN KC 61 159.45 -200.91 137.59
N SER KC 62 159.81 -201.85 136.71
CA SER KC 62 159.33 -201.77 135.33
C SER KC 62 157.81 -201.93 135.23
N ASN KC 63 157.22 -202.80 136.05
CA ASN KC 63 155.76 -202.89 136.03
C ASN KC 63 155.07 -201.69 136.65
N THR KC 64 155.65 -201.10 137.71
CA THR KC 64 155.12 -199.85 138.23
C THR KC 64 155.07 -198.79 137.15
N VAL KC 65 156.14 -198.65 136.38
CA VAL KC 65 156.15 -197.67 135.29
C VAL KC 65 155.05 -198.01 134.27
N LYS KC 66 155.03 -199.26 133.80
CA LYS KC 66 154.07 -199.63 132.75
C LYS KC 66 152.62 -199.49 133.20
N VAL KC 67 152.34 -199.63 134.49
CA VAL KC 67 150.99 -199.50 135.03
C VAL KC 67 150.39 -198.13 134.73
N PHE KC 68 151.17 -197.06 134.79
CA PHE KC 68 150.64 -195.73 134.50
C PHE KC 68 150.15 -195.56 133.07
N LYS KC 69 150.52 -196.45 132.15
CA LYS KC 69 150.08 -196.29 130.77
C LYS KC 69 148.56 -196.28 130.66
N ASP KC 70 147.89 -197.15 131.42
CA ASP KC 70 146.42 -197.21 131.40
C ASP KC 70 145.79 -195.91 131.86
N ILE KC 71 146.44 -195.21 132.78
CA ILE KC 71 145.89 -194.00 133.35
C ILE KC 71 146.14 -192.84 132.40
N ASP KC 72 147.42 -192.52 132.19
CA ASP KC 72 147.77 -191.36 131.38
C ASP KC 72 147.27 -191.47 129.94
N ALA KC 73 147.54 -192.59 129.26
CA ALA KC 73 147.07 -192.72 127.89
C ALA KC 73 145.55 -192.54 127.79
N ALA KC 74 144.82 -193.20 128.68
CA ALA KC 74 143.37 -193.09 128.70
C ALA KC 74 142.90 -191.65 128.89
N ILE KC 75 143.41 -190.96 129.92
CA ILE KC 75 143.00 -189.58 130.14
C ILE KC 75 143.34 -188.68 128.94
N ILE KC 76 144.52 -188.87 128.34
CA ILE KC 76 144.85 -188.09 127.15
C ILE KC 76 143.85 -188.35 126.02
N GLN KC 77 143.59 -189.62 125.74
CA GLN KC 77 142.59 -189.92 124.71
C GLN KC 77 141.22 -189.36 125.07
N ASN KC 78 140.95 -189.20 126.37
CA ASN KC 78 139.68 -188.64 126.84
C ASN KC 78 139.49 -187.19 126.45
N PHE KC 79 140.54 -186.51 125.99
CA PHE KC 79 140.40 -185.13 125.55
C PHE KC 79 139.56 -185.03 124.27
N ARG KC 80 139.41 -186.12 123.54
CA ARG KC 80 138.57 -186.16 122.34
C ARG KC 80 137.26 -185.40 122.58
N VAL LC 30 -41.79 -4.46 -91.16
CA VAL LC 30 -40.47 -4.64 -90.57
C VAL LC 30 -40.44 -5.97 -89.84
N THR LC 31 -39.38 -6.75 -90.06
CA THR LC 31 -39.34 -8.14 -89.64
C THR LC 31 -38.82 -8.32 -88.21
N GLY LC 32 -37.66 -7.78 -87.91
CA GLY LC 32 -37.10 -7.87 -86.59
C GLY LC 32 -37.70 -6.89 -85.62
N SER LC 33 -37.17 -6.94 -84.40
CA SER LC 33 -37.56 -6.02 -83.34
C SER LC 33 -36.38 -5.13 -83.03
N GLY LC 34 -36.59 -3.82 -83.15
CA GLY LC 34 -35.63 -2.84 -82.72
C GLY LC 34 -36.29 -1.71 -81.98
N PHE LC 35 -35.55 -0.64 -81.73
CA PHE LC 35 -35.96 0.42 -80.83
C PHE LC 35 -35.71 1.73 -81.55
N VAL LC 36 -36.67 2.65 -81.47
CA VAL LC 36 -36.49 3.99 -82.01
C VAL LC 36 -36.24 4.94 -80.86
N ALA LC 37 -34.98 5.31 -80.64
CA ALA LC 37 -34.65 6.29 -79.62
C ALA LC 37 -34.80 7.70 -80.14
N LYS LC 38 -35.27 8.60 -79.28
CA LYS LC 38 -35.42 10.02 -79.61
C LYS LC 38 -35.00 10.84 -78.40
N ASP LC 39 -33.70 10.98 -78.22
CA ASP LC 39 -33.13 11.64 -77.05
C ASP LC 39 -33.52 10.94 -75.76
N ASP LC 40 -33.07 9.70 -75.63
CA ASP LC 40 -33.39 8.83 -74.51
C ASP LC 40 -32.18 8.68 -73.61
N SER LC 41 -32.39 8.73 -72.31
CA SER LC 41 -31.33 8.35 -71.40
C SER LC 41 -30.84 6.95 -71.71
N LEU LC 42 -29.53 6.75 -71.57
CA LEU LC 42 -28.97 5.43 -71.78
C LEU LC 42 -29.57 4.38 -70.87
N ARG LC 43 -30.04 4.76 -69.68
CA ARG LC 43 -30.77 3.79 -68.87
C ARG LC 43 -32.04 3.30 -69.53
N THR LC 44 -32.82 4.20 -70.11
CA THR LC 44 -34.04 3.77 -70.78
C THR LC 44 -33.76 3.06 -72.10
N PHE LC 45 -32.61 3.34 -72.72
CA PHE LC 45 -32.22 2.59 -73.92
C PHE LC 45 -31.77 1.17 -73.60
N PHE LC 46 -30.87 1.01 -72.64
CA PHE LC 46 -30.43 -0.34 -72.33
C PHE LC 46 -31.50 -1.16 -71.65
N ASP LC 47 -32.46 -0.55 -70.95
CA ASP LC 47 -33.61 -1.33 -70.55
C ASP LC 47 -34.28 -1.97 -71.74
N ALA LC 48 -34.41 -1.23 -72.85
CA ALA LC 48 -35.04 -1.79 -74.04
C ALA LC 48 -34.24 -2.94 -74.60
N MET LC 49 -32.92 -2.83 -74.52
CA MET LC 49 -32.04 -3.89 -75.04
C MET LC 49 -32.02 -5.14 -74.13
N ALA LC 50 -32.39 -4.99 -72.87
CA ALA LC 50 -32.30 -6.08 -71.92
C ALA LC 50 -33.05 -7.34 -72.35
N LEU LC 51 -34.23 -7.22 -72.95
CA LEU LC 51 -34.94 -8.43 -73.38
C LEU LC 51 -34.11 -9.31 -74.30
N GLN LC 52 -33.50 -8.73 -75.33
CA GLN LC 52 -32.65 -9.51 -76.22
C GLN LC 52 -31.42 -10.02 -75.51
N LEU LC 53 -30.82 -9.20 -74.67
CA LEU LC 53 -29.69 -9.70 -73.87
C LEU LC 53 -30.10 -10.86 -72.96
N LYS LC 54 -31.38 -10.95 -72.59
CA LYS LC 54 -31.89 -11.96 -71.68
C LYS LC 54 -31.32 -11.87 -70.27
N GLU LC 55 -30.89 -10.67 -69.86
CA GLU LC 55 -30.30 -10.47 -68.55
C GLU LC 55 -30.73 -9.11 -68.04
N PRO LC 56 -30.88 -8.93 -66.74
CA PRO LC 56 -31.13 -7.60 -66.20
C PRO LC 56 -29.89 -6.72 -66.33
N VAL LC 57 -30.13 -5.43 -66.53
CA VAL LC 57 -29.07 -4.46 -66.76
C VAL LC 57 -29.14 -3.36 -65.72
N ILE LC 58 -28.01 -3.14 -65.03
CA ILE LC 58 -27.83 -2.08 -64.04
C ILE LC 58 -26.90 -1.02 -64.62
N VAL LC 59 -27.35 0.24 -64.62
CA VAL LC 59 -26.58 1.34 -65.21
C VAL LC 59 -26.28 2.38 -64.15
N SER LC 60 -25.00 2.74 -64.05
CA SER LC 60 -24.51 3.84 -63.22
C SER LC 60 -25.19 5.16 -63.54
N LYS LC 61 -25.40 5.96 -62.49
CA LYS LC 61 -25.99 7.28 -62.62
C LYS LC 61 -25.27 8.20 -63.61
N MET LC 62 -23.96 8.35 -63.47
CA MET LC 62 -23.23 9.21 -64.38
C MET LC 62 -23.24 8.69 -65.81
N ALA LC 63 -23.37 7.39 -66.00
CA ALA LC 63 -23.58 6.90 -67.36
C ALA LC 63 -24.99 7.19 -67.85
N ALA LC 64 -25.98 7.11 -66.95
CA ALA LC 64 -27.34 7.47 -67.27
C ALA LC 64 -27.51 8.93 -67.62
N ARG LC 65 -26.50 9.76 -67.36
CA ARG LC 65 -26.59 11.16 -67.76
C ARG LC 65 -26.47 11.38 -69.27
N LYS LC 66 -25.85 10.47 -70.01
CA LYS LC 66 -25.67 10.62 -71.46
C LYS LC 66 -26.95 10.33 -72.23
N LYS LC 67 -27.07 10.95 -73.41
CA LYS LC 67 -28.23 10.84 -74.28
C LYS LC 67 -27.87 10.21 -75.61
N ILE LC 68 -28.81 9.46 -76.19
CA ILE LC 68 -28.64 8.86 -77.51
C ILE LC 68 -29.91 9.05 -78.32
N THR LC 69 -29.76 9.16 -79.63
CA THR LC 69 -30.88 9.24 -80.55
C THR LC 69 -30.56 8.50 -81.85
N GLY LC 70 -31.58 7.90 -82.46
CA GLY LC 70 -31.38 7.09 -83.66
C GLY LC 70 -32.24 5.85 -83.74
N ASN LC 71 -32.15 5.11 -84.85
CA ASN LC 71 -32.90 3.88 -85.07
C ASN LC 71 -31.98 2.68 -85.00
N PHE LC 72 -32.21 1.80 -84.02
CA PHE LC 72 -31.30 0.70 -83.71
C PHE LC 72 -31.98 -0.64 -83.87
N GLU LC 73 -31.35 -1.52 -84.63
CA GLU LC 73 -31.83 -2.88 -84.86
C GLU LC 73 -30.98 -3.88 -84.10
N PHE LC 74 -31.61 -4.80 -83.38
CA PHE LC 74 -30.92 -5.72 -82.47
C PHE LC 74 -30.65 -7.08 -83.10
N HIS LC 75 -29.92 -7.10 -84.22
CA HIS LC 75 -29.52 -8.36 -84.82
C HIS LC 75 -28.64 -9.19 -83.88
N ASP LC 76 -27.59 -8.59 -83.33
CA ASP LC 76 -26.76 -9.24 -82.32
C ASP LC 76 -26.41 -8.26 -81.22
N PRO LC 77 -27.13 -8.31 -80.11
CA PRO LC 77 -26.85 -7.38 -79.01
C PRO LC 77 -25.43 -7.40 -78.50
N ASN LC 78 -24.72 -8.51 -78.55
CA ASN LC 78 -23.37 -8.50 -78.00
C ASN LC 78 -22.40 -7.71 -78.88
N ALA LC 79 -22.54 -7.85 -80.19
CA ALA LC 79 -21.74 -7.02 -81.07
C ALA LC 79 -22.13 -5.55 -80.95
N LEU LC 80 -23.43 -5.27 -80.85
CA LEU LC 80 -23.83 -3.88 -80.74
C LEU LC 80 -23.33 -3.27 -79.44
N LEU LC 81 -23.47 -3.98 -78.33
CA LEU LC 81 -22.98 -3.48 -77.06
C LEU LC 81 -21.47 -3.26 -77.09
N GLU LC 82 -20.73 -4.16 -77.73
CA GLU LC 82 -19.28 -3.99 -77.81
C GLU LC 82 -18.89 -2.78 -78.63
N LYS LC 83 -19.61 -2.48 -79.72
CA LYS LC 83 -19.29 -1.27 -80.44
C LYS LC 83 -19.65 -0.03 -79.62
N LEU LC 84 -20.88 0.03 -79.14
CA LEU LC 84 -21.31 1.25 -78.47
C LEU LC 84 -20.47 1.56 -77.24
N SER LC 85 -20.01 0.54 -76.51
CA SER LC 85 -19.14 0.82 -75.38
C SER LC 85 -17.92 1.62 -75.80
N LEU LC 86 -17.31 1.25 -76.91
CA LEU LC 86 -16.09 1.93 -77.33
C LEU LC 86 -16.38 3.25 -78.01
N GLN LC 87 -17.58 3.46 -78.51
CA GLN LC 87 -17.89 4.74 -79.11
C GLN LC 87 -18.37 5.76 -78.09
N LEU LC 88 -19.07 5.33 -77.05
CA LEU LC 88 -19.56 6.25 -76.02
C LEU LC 88 -18.61 6.38 -74.84
N GLY LC 89 -17.64 5.48 -74.68
CA GLY LC 89 -16.73 5.56 -73.57
C GLY LC 89 -17.20 4.88 -72.30
N LEU LC 90 -17.99 3.83 -72.41
CA LEU LC 90 -18.48 3.08 -71.27
C LEU LC 90 -17.61 1.85 -71.03
N ILE LC 91 -17.77 1.26 -69.85
CA ILE LC 91 -17.12 0.00 -69.51
C ILE LC 91 -18.19 -0.89 -68.92
N TRP LC 92 -18.06 -2.19 -69.10
CA TRP LC 92 -19.12 -3.09 -68.66
C TRP LC 92 -18.59 -4.43 -68.23
N TYR LC 93 -19.40 -5.12 -67.42
CA TYR LC 93 -19.07 -6.43 -66.87
C TYR LC 93 -20.30 -7.32 -66.82
N PHE LC 94 -20.06 -8.59 -66.54
CA PHE LC 94 -21.10 -9.61 -66.48
C PHE LC 94 -20.67 -10.71 -65.53
N ASP LC 95 -21.37 -10.83 -64.42
CA ASP LC 95 -21.11 -11.78 -63.35
C ASP LC 95 -21.79 -13.13 -63.55
N GLY LC 96 -22.58 -13.29 -64.61
CA GLY LC 96 -23.44 -14.44 -64.84
C GLY LC 96 -24.88 -14.26 -64.44
N GLN LC 97 -25.19 -13.23 -63.65
CA GLN LC 97 -26.55 -12.92 -63.23
C GLN LC 97 -27.06 -11.64 -63.86
N ALA LC 98 -26.23 -10.60 -63.92
CA ALA LC 98 -26.66 -9.31 -64.47
C ALA LC 98 -25.51 -8.62 -65.18
N ILE LC 99 -25.86 -7.77 -66.12
CA ILE LC 99 -24.92 -6.91 -66.85
C ILE LC 99 -24.81 -5.56 -66.15
N TYR LC 100 -23.59 -5.08 -65.94
CA TYR LC 100 -23.40 -3.79 -65.30
C TYR LC 100 -22.61 -2.87 -66.20
N ILE LC 101 -23.09 -1.63 -66.29
CA ILE LC 101 -22.55 -0.59 -67.16
C ILE LC 101 -22.08 0.59 -66.33
N TYR LC 102 -20.90 1.11 -66.64
CA TYR LC 102 -20.33 2.23 -65.92
C TYR LC 102 -19.69 3.18 -66.92
N ASP LC 103 -19.10 4.24 -66.39
CA ASP LC 103 -18.33 5.19 -67.18
C ASP LC 103 -16.86 4.84 -67.11
N ALA LC 104 -16.16 5.04 -68.22
CA ALA LC 104 -14.71 4.86 -68.27
C ALA LC 104 -13.99 5.53 -67.11
N SER LC 105 -14.36 6.74 -66.76
CA SER LC 105 -13.72 7.45 -65.67
C SER LC 105 -13.89 6.82 -64.30
N GLU LC 106 -14.57 5.68 -64.19
CA GLU LC 106 -14.77 5.01 -62.91
C GLU LC 106 -13.83 3.83 -62.67
N MET LC 107 -12.98 3.47 -63.62
CA MET LC 107 -12.06 2.34 -63.45
C MET LC 107 -11.41 2.37 -62.08
N ARG LC 108 -11.19 1.20 -61.52
CA ARG LC 108 -10.47 1.07 -60.25
C ARG LC 108 -9.34 0.08 -60.41
N ASN LC 109 -8.43 0.08 -59.44
CA ASN LC 109 -7.33 -0.88 -59.48
C ASN LC 109 -6.77 -1.08 -58.08
N ALA LC 110 -6.06 -2.18 -57.92
CA ALA LC 110 -5.52 -2.55 -56.62
C ALA LC 110 -4.29 -3.42 -56.81
N VAL LC 111 -3.52 -3.54 -55.73
CA VAL LC 111 -2.31 -4.34 -55.69
C VAL LC 111 -2.39 -5.22 -54.46
N VAL LC 112 -2.08 -6.51 -54.62
CA VAL LC 112 -2.41 -7.49 -53.59
C VAL LC 112 -1.24 -8.42 -53.40
N SER LC 113 -1.03 -8.86 -52.17
CA SER LC 113 0.04 -9.79 -51.84
C SER LC 113 -0.48 -10.94 -51.00
N LEU LC 114 -0.20 -12.17 -51.44
CA LEU LC 114 -0.78 -13.37 -50.87
C LEU LC 114 0.30 -14.19 -50.16
N ARG LC 115 0.09 -14.52 -48.90
CA ARG LC 115 1.11 -15.21 -48.15
C ARG LC 115 1.04 -16.72 -48.24
N ASN LC 116 -0.08 -17.30 -48.70
CA ASN LC 116 -0.15 -18.74 -48.88
C ASN LC 116 -0.59 -19.25 -50.24
N VAL LC 117 -1.19 -18.43 -51.11
CA VAL LC 117 -1.81 -18.91 -52.35
C VAL LC 117 -1.13 -18.25 -53.54
N SER LC 118 -0.50 -19.07 -54.39
CA SER LC 118 0.08 -18.56 -55.62
C SER LC 118 -0.97 -18.12 -56.65
N LEU LC 119 -0.55 -17.17 -57.48
CA LEU LC 119 -1.39 -16.64 -58.53
C LEU LC 119 -1.97 -17.76 -59.38
N ASN LC 120 -1.13 -18.72 -59.76
CA ASN LC 120 -1.64 -19.84 -60.54
C ASN LC 120 -2.68 -20.62 -59.75
N GLU LC 121 -2.57 -20.63 -58.43
CA GLU LC 121 -3.61 -21.28 -57.62
C GLU LC 121 -4.91 -20.53 -57.72
N PHE LC 122 -4.84 -19.21 -57.92
CA PHE LC 122 -6.07 -18.43 -57.79
C PHE LC 122 -6.79 -18.37 -59.12
N ASN LC 123 -6.05 -18.15 -60.21
CA ASN LC 123 -6.68 -18.09 -61.53
C ASN LC 123 -7.59 -19.30 -61.74
N ASN LC 124 -7.08 -20.48 -61.40
CA ASN LC 124 -7.85 -21.71 -61.51
C ASN LC 124 -9.18 -21.62 -60.76
N PHE LC 125 -9.14 -21.14 -59.52
CA PHE LC 125 -10.38 -20.96 -58.81
C PHE LC 125 -11.32 -20.07 -59.60
N LEU LC 126 -10.80 -18.97 -60.16
CA LEU LC 126 -11.70 -18.07 -60.88
C LEU LC 126 -12.33 -18.78 -62.06
N LYS LC 127 -11.55 -19.64 -62.72
CA LYS LC 127 -12.07 -20.37 -63.87
C LYS LC 127 -13.20 -21.30 -63.46
N ARG LC 128 -12.96 -22.15 -62.47
CA ARG LC 128 -14.04 -23.02 -61.99
C ARG LC 128 -15.27 -22.22 -61.57
N SER LC 129 -15.08 -21.10 -60.88
CA SER LC 129 -16.22 -20.26 -60.55
C SER LC 129 -16.92 -19.71 -61.77
N GLY LC 130 -16.21 -19.56 -62.89
CA GLY LC 130 -16.78 -18.84 -64.00
C GLY LC 130 -16.84 -17.34 -63.80
N LEU LC 131 -15.97 -16.84 -62.95
CA LEU LC 131 -15.79 -15.42 -62.68
C LEU LC 131 -14.71 -14.83 -63.55
N TYR LC 132 -13.76 -15.67 -63.95
CA TYR LC 132 -12.68 -15.29 -64.83
C TYR LC 132 -13.20 -14.49 -66.02
N ASN LC 133 -12.42 -13.49 -66.43
CA ASN LC 133 -12.81 -12.58 -67.49
C ASN LC 133 -11.56 -12.14 -68.25
N LYS LC 134 -11.41 -12.65 -69.47
CA LYS LC 134 -10.21 -12.44 -70.26
C LYS LC 134 -9.97 -10.99 -70.70
N ASN LC 135 -10.97 -10.12 -70.57
CA ASN LC 135 -10.74 -8.72 -70.86
C ASN LC 135 -10.01 -7.99 -69.75
N TYR LC 136 -10.07 -8.49 -68.53
CA TYR LC 136 -9.42 -7.83 -67.39
C TYR LC 136 -8.62 -8.83 -66.59
N PRO LC 137 -7.68 -9.52 -67.23
CA PRO LC 137 -6.96 -10.60 -66.54
C PRO LC 137 -6.11 -10.04 -65.42
N LEU LC 138 -5.72 -10.91 -64.49
CA LEU LC 138 -4.75 -10.47 -63.51
C LEU LC 138 -3.37 -10.41 -64.13
N ARG LC 139 -2.54 -9.53 -63.59
CA ARG LC 139 -1.21 -9.26 -64.13
C ARG LC 139 -0.14 -9.48 -63.08
N GLY LC 140 0.72 -10.47 -63.27
CA GLY LC 140 1.77 -10.72 -62.30
C GLY LC 140 2.57 -11.94 -62.66
N ASP LC 141 3.33 -12.43 -61.69
CA ASP LC 141 4.13 -13.64 -61.84
C ASP LC 141 3.39 -14.87 -61.31
N ASN LC 142 3.05 -15.77 -62.22
CA ASN LC 142 2.34 -17.00 -61.85
C ASN LC 142 3.02 -17.74 -60.71
N ARG LC 143 4.34 -17.61 -60.59
CA ARG LC 143 5.08 -18.30 -59.54
C ARG LC 143 4.95 -17.61 -58.18
N LYS LC 144 5.02 -16.29 -58.14
CA LYS LC 144 4.94 -15.57 -56.88
C LYS LC 144 3.50 -15.37 -56.43
N GLY LC 145 3.31 -14.52 -55.43
CA GLY LC 145 1.99 -14.22 -54.90
C GLY LC 145 1.57 -12.76 -54.88
N THR LC 146 2.22 -11.90 -55.63
CA THR LC 146 1.87 -10.49 -55.69
C THR LC 146 1.36 -10.16 -57.08
N PHE LC 147 0.28 -9.39 -57.15
CA PHE LC 147 -0.22 -9.01 -58.46
C PHE LC 147 -0.94 -7.67 -58.43
N TYR LC 148 -1.26 -7.20 -59.63
CA TYR LC 148 -1.95 -5.94 -59.91
C TYR LC 148 -3.22 -6.24 -60.69
N VAL LC 149 -4.32 -5.53 -60.40
CA VAL LC 149 -5.54 -5.74 -61.15
C VAL LC 149 -6.29 -4.43 -61.29
N SER LC 150 -7.01 -4.28 -62.41
CA SER LC 150 -7.88 -3.12 -62.58
C SER LC 150 -9.09 -3.49 -63.42
N GLY LC 151 -10.16 -2.71 -63.23
CA GLY LC 151 -11.43 -3.02 -63.85
C GLY LC 151 -12.62 -2.29 -63.26
N PRO LC 152 -13.81 -2.70 -63.69
CA PRO LC 152 -15.02 -2.10 -63.15
C PRO LC 152 -15.13 -2.34 -61.66
N PRO LC 153 -15.71 -1.41 -60.92
CA PRO LC 153 -15.60 -1.46 -59.46
C PRO LC 153 -16.17 -2.71 -58.80
N VAL LC 154 -17.26 -3.28 -59.30
CA VAL LC 154 -17.75 -4.48 -58.64
C VAL LC 154 -16.83 -5.65 -58.87
N TYR LC 155 -16.09 -5.63 -59.97
CA TYR LC 155 -15.20 -6.73 -60.25
C TYR LC 155 -13.96 -6.60 -59.37
N VAL LC 156 -13.38 -5.41 -59.34
CA VAL LC 156 -12.21 -5.20 -58.50
C VAL LC 156 -12.53 -5.55 -57.06
N ASP LC 157 -13.69 -5.11 -56.55
CA ASP LC 157 -13.98 -5.40 -55.15
C ASP LC 157 -14.22 -6.87 -54.91
N MET LC 158 -14.82 -7.57 -55.86
CA MET LC 158 -15.04 -8.99 -55.66
C MET LC 158 -13.72 -9.72 -55.60
N VAL LC 159 -12.83 -9.43 -56.53
CA VAL LC 159 -11.53 -10.07 -56.58
C VAL LC 159 -10.75 -9.83 -55.30
N VAL LC 160 -10.59 -8.57 -54.91
CA VAL LC 160 -9.81 -8.28 -53.71
C VAL LC 160 -10.36 -8.99 -52.47
N ASN LC 161 -11.68 -9.09 -52.37
CA ASN LC 161 -12.21 -9.78 -51.19
C ASN LC 161 -12.05 -11.29 -51.27
N ALA LC 162 -12.27 -11.89 -52.43
CA ALA LC 162 -12.16 -13.33 -52.48
C ALA LC 162 -10.73 -13.75 -52.21
N ALA LC 163 -9.78 -13.08 -52.85
CA ALA LC 163 -8.40 -13.51 -52.69
C ALA LC 163 -7.95 -13.32 -51.25
N THR LC 164 -8.36 -12.22 -50.62
CA THR LC 164 -7.80 -11.96 -49.31
C THR LC 164 -8.43 -12.82 -48.24
N MET LC 165 -9.68 -13.25 -48.42
CA MET LC 165 -10.22 -14.25 -47.49
C MET LC 165 -9.58 -15.61 -47.70
N MET LC 166 -9.43 -16.04 -48.94
CA MET LC 166 -8.93 -17.38 -49.17
C MET LC 166 -7.48 -17.51 -48.71
N ASP LC 167 -6.72 -16.41 -48.80
CA ASP LC 167 -5.39 -16.38 -48.20
C ASP LC 167 -5.40 -16.70 -46.72
N LYS LC 168 -6.48 -16.42 -46.00
CA LYS LC 168 -6.51 -16.78 -44.59
C LYS LC 168 -7.04 -18.18 -44.39
N GLN LC 169 -7.95 -18.62 -45.25
CA GLN LC 169 -8.43 -19.99 -45.13
C GLN LC 169 -7.28 -20.97 -45.29
N ASN LC 170 -6.36 -20.69 -46.21
CA ASN LC 170 -5.16 -21.52 -46.33
C ASN LC 170 -3.96 -20.84 -45.69
N SER MC 25 -74.24 -7.03 -67.28
CA SER MC 25 -74.16 -6.10 -66.16
C SER MC 25 -74.49 -4.69 -66.63
N GLU MC 26 -75.11 -3.90 -65.76
CA GLU MC 26 -75.38 -2.51 -66.12
C GLU MC 26 -74.10 -1.69 -66.09
N LYS MC 27 -73.29 -1.88 -65.06
CA LYS MC 27 -71.91 -1.46 -65.09
C LYS MC 27 -71.09 -2.54 -65.79
N ILE MC 28 -69.85 -2.20 -66.13
CA ILE MC 28 -68.88 -3.15 -66.67
C ILE MC 28 -69.43 -4.00 -67.82
N PRO MC 29 -70.05 -3.39 -68.83
CA PRO MC 29 -70.61 -4.16 -69.96
C PRO MC 29 -69.55 -4.61 -70.97
N VAL MC 30 -68.60 -5.42 -70.51
CA VAL MC 30 -67.50 -5.90 -71.34
C VAL MC 30 -67.46 -7.42 -71.29
N THR MC 31 -67.43 -8.04 -72.46
CA THR MC 31 -67.39 -9.49 -72.61
C THR MC 31 -65.99 -10.04 -72.33
N GLY MC 32 -65.91 -11.37 -72.27
CA GLY MC 32 -64.67 -12.08 -72.06
C GLY MC 32 -64.09 -11.92 -70.66
N SER MC 33 -62.76 -11.91 -70.58
CA SER MC 33 -62.10 -11.72 -69.29
C SER MC 33 -60.75 -11.04 -69.44
N GLY MC 34 -60.41 -10.24 -68.44
CA GLY MC 34 -59.09 -9.62 -68.41
C GLY MC 34 -59.01 -8.56 -67.33
N PHE MC 35 -57.99 -7.71 -67.46
CA PHE MC 35 -57.78 -6.56 -66.58
C PHE MC 35 -57.44 -5.37 -67.45
N VAL MC 36 -58.11 -4.24 -67.23
CA VAL MC 36 -57.78 -3.00 -67.92
C VAL MC 36 -57.15 -2.06 -66.92
N ALA MC 37 -55.93 -1.62 -67.20
CA ALA MC 37 -55.21 -0.67 -66.38
C ALA MC 37 -55.19 0.66 -67.10
N LYS MC 38 -55.55 1.74 -66.41
CA LYS MC 38 -55.16 3.07 -66.83
C LYS MC 38 -54.32 3.74 -65.76
N ASP MC 39 -53.07 4.04 -66.11
CA ASP MC 39 -52.09 4.65 -65.23
C ASP MC 39 -51.99 3.97 -63.87
N ASP MC 40 -52.12 2.67 -63.86
CA ASP MC 40 -52.00 1.96 -62.59
C ASP MC 40 -50.56 2.02 -62.12
N SER MC 41 -50.38 2.28 -60.83
CA SER MC 41 -49.12 1.92 -60.21
C SER MC 41 -48.94 0.41 -60.30
N LEU MC 42 -47.69 -0.01 -60.45
CA LEU MC 42 -47.41 -1.43 -60.39
C LEU MC 42 -47.97 -2.06 -59.12
N ARG MC 43 -48.05 -1.32 -58.02
CA ARG MC 43 -48.59 -1.87 -56.80
C ARG MC 43 -49.98 -2.46 -57.03
N THR MC 44 -50.84 -1.71 -57.71
CA THR MC 44 -52.20 -2.17 -57.96
C THR MC 44 -52.26 -3.16 -59.12
N PHE MC 45 -51.37 -3.03 -60.09
CA PHE MC 45 -51.36 -3.99 -61.18
C PHE MC 45 -51.06 -5.40 -60.67
N PHE MC 46 -49.94 -5.56 -59.98
CA PHE MC 46 -49.65 -6.87 -59.42
C PHE MC 46 -50.67 -7.27 -58.35
N ASP MC 47 -51.27 -6.33 -57.63
CA ASP MC 47 -52.36 -6.74 -56.75
C ASP MC 47 -53.45 -7.45 -57.53
N ALA MC 48 -53.90 -6.84 -58.62
CA ALA MC 48 -54.89 -7.49 -59.48
C ALA MC 48 -54.43 -8.85 -59.98
N MET MC 49 -53.14 -9.04 -60.15
CA MET MC 49 -52.64 -10.34 -60.64
C MET MC 49 -52.50 -11.39 -59.54
N ALA MC 50 -52.41 -10.96 -58.27
CA ALA MC 50 -52.21 -11.88 -57.17
C ALA MC 50 -53.22 -13.02 -57.08
N LEU MC 51 -54.50 -12.79 -57.36
CA LEU MC 51 -55.46 -13.90 -57.29
C LEU MC 51 -55.08 -15.04 -58.22
N GLN MC 52 -54.68 -14.72 -59.44
CA GLN MC 52 -54.27 -15.74 -60.40
C GLN MC 52 -52.98 -16.40 -59.96
N LEU MC 53 -52.04 -15.62 -59.45
CA LEU MC 53 -50.79 -16.24 -58.98
C LEU MC 53 -51.02 -17.10 -57.75
N LYS MC 54 -52.09 -16.89 -57.00
CA LYS MC 54 -52.37 -17.60 -55.75
C LYS MC 54 -51.36 -17.33 -54.65
N GLU MC 55 -50.74 -16.16 -54.66
CA GLU MC 55 -49.75 -15.81 -53.66
C GLU MC 55 -49.87 -14.32 -53.37
N PRO MC 56 -49.61 -13.89 -52.15
CA PRO MC 56 -49.53 -12.45 -51.89
C PRO MC 56 -48.28 -11.86 -52.54
N VAL MC 57 -48.43 -10.67 -53.13
CA VAL MC 57 -47.34 -9.99 -53.82
C VAL MC 57 -46.93 -8.76 -53.05
N ILE MC 58 -45.63 -8.67 -52.76
CA ILE MC 58 -45.00 -7.54 -52.09
C ILE MC 58 -44.20 -6.73 -53.12
N VAL MC 59 -44.50 -5.44 -53.26
CA VAL MC 59 -43.84 -4.56 -54.21
C VAL MC 59 -43.17 -3.41 -53.46
N SER MC 60 -41.87 -3.25 -53.66
CA SER MC 60 -41.11 -2.15 -53.10
C SER MC 60 -41.52 -0.80 -53.69
N LYS MC 61 -41.22 0.26 -52.94
CA LYS MC 61 -41.45 1.65 -53.37
C LYS MC 61 -40.83 2.02 -54.71
N MET MC 62 -39.54 1.77 -54.87
CA MET MC 62 -38.88 2.17 -56.10
C MET MC 62 -39.57 1.56 -57.32
N ALA MC 63 -40.02 0.32 -57.21
CA ALA MC 63 -40.79 -0.29 -58.29
C ALA MC 63 -42.17 0.33 -58.39
N ALA MC 64 -42.82 0.56 -57.27
CA ALA MC 64 -44.14 1.17 -57.25
C ALA MC 64 -44.20 2.51 -57.96
N ARG MC 65 -43.09 3.21 -58.13
CA ARG MC 65 -43.18 4.48 -58.86
C ARG MC 65 -43.51 4.31 -60.34
N LYS MC 66 -43.07 3.23 -60.99
CA LYS MC 66 -43.37 3.01 -62.40
C LYS MC 66 -44.88 2.81 -62.65
N LYS MC 67 -45.32 3.23 -63.84
CA LYS MC 67 -46.73 3.22 -64.24
C LYS MC 67 -46.92 2.45 -65.53
N ILE MC 68 -48.09 1.81 -65.69
CA ILE MC 68 -48.41 1.01 -66.86
C ILE MC 68 -49.88 1.17 -67.25
N THR MC 69 -50.16 1.08 -68.56
CA THR MC 69 -51.49 1.15 -69.14
C THR MC 69 -51.70 0.07 -70.19
N GLY MC 70 -52.96 -0.28 -70.47
CA GLY MC 70 -53.31 -1.27 -71.46
C GLY MC 70 -54.30 -2.32 -71.00
N ASN MC 71 -54.47 -3.35 -71.84
CA ASN MC 71 -55.41 -4.45 -71.66
C ASN MC 71 -54.73 -5.81 -71.62
N PHE MC 72 -54.65 -6.42 -70.44
CA PHE MC 72 -53.90 -7.65 -70.22
C PHE MC 72 -54.80 -8.82 -69.82
N GLU MC 73 -54.29 -10.03 -70.06
CA GLU MC 73 -54.93 -11.27 -69.65
C GLU MC 73 -53.91 -12.14 -68.91
N PHE MC 74 -54.36 -12.79 -67.84
CA PHE MC 74 -53.52 -13.54 -66.91
C PHE MC 74 -53.59 -15.06 -67.04
N HIS MC 75 -54.03 -15.61 -68.16
CA HIS MC 75 -54.14 -17.07 -68.24
C HIS MC 75 -52.84 -17.83 -68.00
N ASP MC 76 -51.68 -17.18 -68.00
CA ASP MC 76 -50.41 -17.88 -67.73
C ASP MC 76 -49.54 -16.94 -66.91
N PRO MC 77 -49.85 -16.82 -65.62
CA PRO MC 77 -49.16 -15.84 -64.77
C PRO MC 77 -47.65 -15.90 -64.73
N ASN MC 78 -47.05 -17.06 -64.50
CA ASN MC 78 -45.61 -17.11 -64.35
C ASN MC 78 -44.89 -16.65 -65.62
N ALA MC 79 -45.33 -17.12 -66.78
CA ALA MC 79 -44.73 -16.68 -68.03
C ALA MC 79 -44.90 -15.17 -68.22
N LEU MC 80 -46.11 -14.67 -67.99
CA LEU MC 80 -46.31 -13.23 -68.10
C LEU MC 80 -45.39 -12.45 -67.20
N LEU MC 81 -45.40 -12.77 -65.91
CA LEU MC 81 -44.50 -12.17 -64.94
C LEU MC 81 -43.05 -12.17 -65.42
N GLU MC 82 -42.56 -13.32 -65.86
CA GLU MC 82 -41.18 -13.40 -66.31
C GLU MC 82 -40.88 -12.50 -67.50
N LYS MC 83 -41.77 -12.44 -68.48
CA LYS MC 83 -41.54 -11.52 -69.59
C LYS MC 83 -41.54 -10.06 -69.14
N LEU MC 84 -42.62 -9.64 -68.48
CA LEU MC 84 -42.68 -8.26 -67.99
C LEU MC 84 -41.47 -7.87 -67.15
N SER MC 85 -40.93 -8.81 -66.37
CA SER MC 85 -39.71 -8.51 -65.61
C SER MC 85 -38.61 -7.94 -66.50
N LEU MC 86 -38.35 -8.59 -67.62
CA LEU MC 86 -37.34 -8.10 -68.56
C LEU MC 86 -37.75 -6.80 -69.22
N GLN MC 87 -38.96 -6.75 -69.79
CA GLN MC 87 -39.37 -5.54 -70.49
C GLN MC 87 -39.37 -4.30 -69.60
N LEU MC 88 -39.71 -4.44 -68.32
CA LEU MC 88 -39.75 -3.30 -67.41
C LEU MC 88 -38.47 -3.11 -66.62
N GLY MC 89 -37.65 -4.14 -66.49
CA GLY MC 89 -36.46 -4.10 -65.66
C GLY MC 89 -36.64 -4.28 -64.18
N LEU MC 90 -37.28 -5.39 -63.84
CA LEU MC 90 -37.62 -5.76 -62.49
C LEU MC 90 -36.91 -7.07 -62.16
N ILE MC 91 -36.71 -7.32 -60.89
CA ILE MC 91 -36.22 -8.61 -60.43
C ILE MC 91 -37.26 -9.11 -59.44
N TRP MC 92 -37.48 -10.41 -59.45
CA TRP MC 92 -38.47 -11.03 -58.59
C TRP MC 92 -37.99 -12.34 -58.02
N TYR MC 93 -38.48 -12.65 -56.83
CA TYR MC 93 -38.11 -13.88 -56.15
C TYR MC 93 -39.33 -14.47 -55.49
N PHE MC 94 -39.24 -15.74 -55.12
CA PHE MC 94 -40.36 -16.45 -54.50
C PHE MC 94 -39.84 -17.48 -53.51
N ASP MC 95 -40.12 -17.22 -52.23
CA ASP MC 95 -39.73 -18.03 -51.08
C ASP MC 95 -40.67 -19.20 -50.80
N GLY MC 96 -41.81 -19.28 -51.47
CA GLY MC 96 -42.83 -20.26 -51.21
C GLY MC 96 -44.07 -19.72 -50.53
N GLN MC 97 -44.01 -18.55 -49.94
CA GLN MC 97 -45.13 -17.93 -49.24
C GLN MC 97 -45.58 -16.63 -49.89
N ALA MC 98 -44.67 -15.85 -50.45
CA ALA MC 98 -45.01 -14.56 -51.04
C ALA MC 98 -44.03 -14.28 -52.16
N ILE MC 99 -44.47 -13.50 -53.15
CA ILE MC 99 -43.61 -13.07 -54.25
C ILE MC 99 -43.13 -11.64 -54.04
N TYR MC 100 -41.82 -11.44 -54.11
CA TYR MC 100 -41.19 -10.14 -53.91
C TYR MC 100 -40.70 -9.55 -55.21
N ILE MC 101 -41.06 -8.31 -55.49
CA ILE MC 101 -40.67 -7.60 -56.70
C ILE MC 101 -39.88 -6.34 -56.34
N TYR MC 102 -38.74 -6.14 -57.01
CA TYR MC 102 -37.85 -5.01 -56.78
C TYR MC 102 -37.38 -4.43 -58.09
N ASP MC 103 -36.92 -3.18 -58.03
CA ASP MC 103 -36.24 -2.58 -59.15
C ASP MC 103 -34.87 -3.21 -59.36
N ALA MC 104 -34.49 -3.39 -60.63
CA ALA MC 104 -33.20 -3.96 -60.99
C ALA MC 104 -32.01 -3.34 -60.28
N SER MC 105 -31.96 -2.03 -60.14
CA SER MC 105 -30.84 -1.39 -59.47
C SER MC 105 -30.63 -1.84 -58.03
N GLU MC 106 -31.65 -2.42 -57.40
CA GLU MC 106 -31.55 -2.87 -56.01
C GLU MC 106 -30.78 -4.15 -55.80
N MET MC 107 -30.28 -4.81 -56.84
CA MET MC 107 -29.44 -5.99 -56.68
C MET MC 107 -28.44 -5.82 -55.56
N ARG MC 108 -28.21 -6.87 -54.77
CA ARG MC 108 -27.13 -6.87 -53.80
C ARG MC 108 -26.18 -8.04 -54.00
N ASN MC 109 -24.93 -7.83 -53.59
CA ASN MC 109 -23.81 -8.73 -53.85
C ASN MC 109 -23.02 -8.96 -52.58
N ALA MC 110 -22.52 -10.17 -52.37
CA ALA MC 110 -21.68 -10.41 -51.21
C ALA MC 110 -20.76 -11.59 -51.44
N VAL MC 111 -19.66 -11.61 -50.68
CA VAL MC 111 -18.71 -12.71 -50.65
C VAL MC 111 -18.69 -13.32 -49.27
N VAL MC 112 -18.69 -14.64 -49.21
CA VAL MC 112 -18.89 -15.40 -47.98
C VAL MC 112 -17.79 -16.44 -47.91
N SER MC 113 -17.28 -16.72 -46.71
CA SER MC 113 -16.13 -17.60 -46.59
C SER MC 113 -16.24 -18.46 -45.33
N LEU MC 114 -16.86 -19.62 -45.50
CA LEU MC 114 -17.12 -20.56 -44.45
C LEU MC 114 -15.82 -21.25 -44.05
N ARG MC 115 -15.86 -21.97 -42.95
CA ARG MC 115 -14.71 -22.68 -42.45
C ARG MC 115 -14.96 -24.17 -42.34
N ASN MC 116 -16.14 -24.56 -41.87
CA ASN MC 116 -16.46 -25.96 -41.59
C ASN MC 116 -17.43 -26.59 -42.58
N VAL MC 117 -18.14 -25.79 -43.36
CA VAL MC 117 -19.24 -26.24 -44.22
C VAL MC 117 -18.87 -25.97 -45.67
N SER MC 118 -18.50 -27.03 -46.40
CA SER MC 118 -18.26 -26.92 -47.83
C SER MC 118 -19.50 -26.46 -48.61
N LEU MC 119 -19.22 -25.81 -49.73
CA LEU MC 119 -20.26 -25.30 -50.61
C LEU MC 119 -21.26 -26.38 -50.94
N ASN MC 120 -20.77 -27.57 -51.29
CA ASN MC 120 -21.67 -28.66 -51.58
C ASN MC 120 -22.52 -29.02 -50.37
N GLU MC 121 -21.99 -28.79 -49.17
CA GLU MC 121 -22.79 -29.03 -47.96
C GLU MC 121 -23.94 -28.03 -47.89
N PHE MC 122 -23.71 -26.81 -48.35
CA PHE MC 122 -24.75 -25.80 -48.20
C PHE MC 122 -25.79 -25.91 -49.32
N ASN MC 123 -25.36 -26.16 -50.55
CA ASN MC 123 -26.31 -26.37 -51.64
C ASN MC 123 -27.36 -27.41 -51.27
N ASN MC 124 -26.92 -28.53 -50.68
CA ASN MC 124 -27.87 -29.57 -50.32
C ASN MC 124 -28.90 -29.06 -49.32
N PHE MC 125 -28.47 -28.21 -48.38
CA PHE MC 125 -29.43 -27.66 -47.44
C PHE MC 125 -30.46 -26.80 -48.15
N LEU MC 126 -30.00 -25.91 -49.04
CA LEU MC 126 -30.95 -25.12 -49.82
C LEU MC 126 -31.93 -25.99 -50.60
N LYS MC 127 -31.45 -27.05 -51.22
CA LYS MC 127 -32.35 -27.91 -51.99
C LYS MC 127 -33.36 -28.60 -51.09
N ARG MC 128 -32.92 -29.22 -50.01
CA ARG MC 128 -33.86 -29.88 -49.13
C ARG MC 128 -34.87 -28.88 -48.56
N SER MC 129 -34.41 -27.67 -48.27
CA SER MC 129 -35.30 -26.61 -47.81
C SER MC 129 -36.26 -26.11 -48.86
N GLY MC 130 -35.98 -26.32 -50.14
CA GLY MC 130 -36.89 -25.77 -51.14
C GLY MC 130 -36.71 -24.30 -51.35
N LEU MC 131 -35.51 -23.78 -51.07
CA LEU MC 131 -35.16 -22.38 -51.16
C LEU MC 131 -34.24 -22.09 -52.34
N TYR MC 132 -33.67 -23.11 -52.94
CA TYR MC 132 -32.81 -22.94 -54.09
C TYR MC 132 -33.53 -22.25 -55.24
N ASN MC 133 -32.76 -21.50 -56.02
CA ASN MC 133 -33.24 -20.75 -57.17
C ASN MC 133 -32.17 -20.81 -58.24
N LYS MC 134 -32.48 -21.50 -59.34
CA LYS MC 134 -31.54 -21.67 -60.43
C LYS MC 134 -31.23 -20.40 -61.23
N ASN MC 135 -31.91 -19.28 -60.99
CA ASN MC 135 -31.50 -18.06 -61.67
C ASN MC 135 -30.37 -17.33 -60.97
N TYR MC 136 -30.13 -17.59 -59.70
CA TYR MC 136 -29.10 -16.91 -58.93
C TYR MC 136 -28.24 -17.89 -58.15
N PRO MC 137 -27.73 -18.94 -58.81
CA PRO MC 137 -26.99 -19.95 -58.07
C PRO MC 137 -25.71 -19.41 -57.45
N LEU MC 138 -25.27 -20.10 -56.40
CA LEU MC 138 -23.98 -19.81 -55.79
C LEU MC 138 -22.86 -20.15 -56.75
N ARG MC 139 -21.87 -19.27 -56.83
CA ARG MC 139 -20.72 -19.42 -57.71
C ARG MC 139 -19.43 -19.61 -56.93
N GLY MC 140 -18.81 -20.77 -57.10
CA GLY MC 140 -17.57 -21.06 -56.39
C GLY MC 140 -17.14 -22.50 -56.59
N ASP MC 141 -16.23 -22.94 -55.74
CA ASP MC 141 -15.69 -24.30 -55.78
C ASP MC 141 -16.38 -25.23 -54.78
N ASN MC 142 -17.10 -26.22 -55.29
CA ASN MC 142 -17.80 -27.17 -54.43
C ASN MC 142 -16.87 -27.78 -53.39
N ARG MC 143 -15.59 -27.88 -53.69
CA ARG MC 143 -14.61 -28.45 -52.76
C ARG MC 143 -14.21 -27.47 -51.66
N LYS MC 144 -14.01 -26.20 -51.99
CA LYS MC 144 -13.59 -25.22 -51.01
C LYS MC 144 -14.80 -24.70 -50.23
N GLY MC 145 -14.57 -23.67 -49.43
CA GLY MC 145 -15.63 -23.04 -48.67
C GLY MC 145 -15.82 -21.56 -48.87
N THR MC 146 -15.44 -21.02 -50.02
CA THR MC 146 -15.59 -19.59 -50.28
C THR MC 146 -16.40 -19.42 -51.55
N PHE MC 147 -17.39 -18.53 -51.50
CA PHE MC 147 -18.30 -18.36 -52.62
C PHE MC 147 -18.79 -16.92 -52.68
N TYR MC 148 -19.40 -16.59 -53.81
CA TYR MC 148 -19.98 -15.28 -54.08
C TYR MC 148 -21.44 -15.43 -54.47
N VAL MC 149 -22.28 -14.48 -54.04
CA VAL MC 149 -23.71 -14.55 -54.25
C VAL MC 149 -24.24 -13.17 -54.60
N SER MC 150 -25.14 -13.12 -55.58
CA SER MC 150 -25.77 -11.87 -55.99
C SER MC 150 -27.22 -12.07 -56.35
N GLY MC 151 -28.07 -11.12 -55.98
CA GLY MC 151 -29.48 -11.22 -56.27
C GLY MC 151 -30.38 -10.29 -55.50
N PRO MC 152 -31.69 -10.59 -55.49
CA PRO MC 152 -32.61 -9.79 -54.70
C PRO MC 152 -32.23 -9.77 -53.23
N PRO MC 153 -32.47 -8.65 -52.56
CA PRO MC 153 -32.18 -8.52 -51.12
C PRO MC 153 -32.57 -9.65 -50.20
N VAL MC 154 -33.84 -10.06 -50.20
CA VAL MC 154 -34.29 -11.13 -49.30
C VAL MC 154 -33.48 -12.39 -49.51
N TYR MC 155 -33.28 -12.76 -50.76
CA TYR MC 155 -32.49 -13.95 -51.06
C TYR MC 155 -31.07 -13.82 -50.52
N VAL MC 156 -30.38 -12.74 -50.86
CA VAL MC 156 -29.02 -12.53 -50.39
C VAL MC 156 -28.93 -12.59 -48.87
N ASP MC 157 -29.78 -11.85 -48.18
CA ASP MC 157 -29.74 -11.83 -46.72
C ASP MC 157 -29.99 -13.21 -46.12
N MET MC 158 -30.98 -13.93 -46.60
CA MET MC 158 -31.23 -15.26 -46.09
C MET MC 158 -30.00 -16.15 -46.27
N VAL MC 159 -29.46 -16.18 -47.48
CA VAL MC 159 -28.25 -16.97 -47.74
C VAL MC 159 -27.13 -16.65 -46.76
N VAL MC 160 -26.79 -15.37 -46.64
CA VAL MC 160 -25.64 -15.01 -45.79
C VAL MC 160 -25.89 -15.38 -44.34
N ASN MC 161 -27.10 -15.15 -43.84
CA ASN MC 161 -27.41 -15.51 -42.46
C ASN MC 161 -27.32 -17.01 -42.21
N ALA MC 162 -28.05 -17.78 -43.00
CA ALA MC 162 -28.00 -19.23 -42.85
C ALA MC 162 -26.59 -19.78 -42.88
N ALA MC 163 -25.80 -19.37 -43.88
CA ALA MC 163 -24.42 -19.82 -43.95
C ALA MC 163 -23.62 -19.50 -42.69
N THR MC 164 -23.70 -18.26 -42.22
CA THR MC 164 -22.92 -17.92 -41.04
C THR MC 164 -23.38 -18.64 -39.79
N MET MC 165 -24.66 -18.98 -39.66
CA MET MC 165 -25.08 -19.79 -38.52
C MET MC 165 -24.61 -21.24 -38.63
N MET MC 166 -24.75 -21.85 -39.81
CA MET MC 166 -24.25 -23.19 -40.02
C MET MC 166 -22.79 -23.29 -39.60
N ASP MC 167 -22.01 -22.25 -39.91
CA ASP MC 167 -20.58 -22.33 -39.70
C ASP MC 167 -20.25 -22.45 -38.23
N LYS MC 168 -20.86 -21.62 -37.39
CA LYS MC 168 -20.55 -21.69 -35.98
C LYS MC 168 -21.17 -22.90 -35.30
N GLN MC 169 -22.31 -23.38 -35.81
CA GLN MC 169 -22.86 -24.62 -35.27
C GLN MC 169 -21.92 -25.81 -35.43
N ASN MC 170 -21.44 -26.05 -36.65
CA ASN MC 170 -20.56 -27.20 -36.85
C ASN MC 170 -19.19 -27.09 -36.18
N ASP MC 171 -18.89 -26.03 -35.44
CA ASP MC 171 -17.53 -25.78 -34.97
C ASP MC 171 -17.08 -26.69 -33.83
N GLY MC 172 -17.99 -27.33 -33.11
CA GLY MC 172 -17.65 -28.30 -32.08
C GLY MC 172 -17.10 -29.63 -32.58
N ILE MC 173 -17.25 -29.94 -33.86
CA ILE MC 173 -16.70 -31.18 -34.43
C ILE MC 173 -15.19 -31.26 -34.20
N GLU MC 174 -14.76 -32.31 -33.51
CA GLU MC 174 -13.36 -32.62 -33.25
C GLU MC 174 -12.86 -33.63 -34.28
N LEU MC 175 -11.75 -33.31 -34.96
CA LEU MC 175 -11.22 -34.13 -36.02
C LEU MC 175 -9.81 -34.66 -35.84
N GLY MC 176 -9.01 -34.11 -34.93
CA GLY MC 176 -7.68 -34.66 -34.66
C GLY MC 176 -7.62 -35.82 -33.69
N ARG MC 177 -7.04 -36.95 -34.11
CA ARG MC 177 -7.09 -38.18 -33.34
C ARG MC 177 -5.73 -38.88 -33.31
N GLN MC 178 -5.45 -39.48 -32.16
CA GLN MC 178 -4.24 -40.24 -31.85
C GLN MC 178 -4.40 -41.73 -32.08
N LYS MC 179 -3.31 -42.40 -32.49
CA LYS MC 179 -3.31 -43.84 -32.72
C LYS MC 179 -2.10 -44.49 -32.07
N ILE MC 180 -2.28 -45.79 -31.81
CA ILE MC 180 -1.30 -46.68 -31.17
C ILE MC 180 -0.70 -47.65 -32.18
N GLY MC 181 0.62 -47.62 -32.30
CA GLY MC 181 1.37 -48.58 -33.12
C GLY MC 181 2.23 -49.50 -32.26
N VAL MC 182 2.07 -50.80 -32.49
CA VAL MC 182 2.78 -51.87 -31.79
C VAL MC 182 3.95 -52.32 -32.66
N MET MC 183 5.15 -52.40 -32.10
CA MET MC 183 6.33 -52.79 -32.88
C MET MC 183 7.22 -53.74 -32.09
N ARG MC 184 7.33 -54.97 -32.57
CA ARG MC 184 8.22 -55.98 -32.00
C ARG MC 184 9.66 -55.85 -32.50
N LEU MC 185 10.60 -55.91 -31.57
CA LEU MC 185 12.02 -56.01 -31.91
C LEU MC 185 12.39 -57.47 -32.11
N ASN MC 186 13.18 -57.73 -33.15
CA ASN MC 186 13.61 -59.06 -33.53
C ASN MC 186 15.04 -59.38 -33.14
N ASN MC 187 15.87 -58.39 -32.87
CA ASN MC 187 17.30 -58.58 -32.77
C ASN MC 187 17.92 -58.04 -31.48
N THR MC 188 17.13 -57.51 -30.56
CA THR MC 188 17.69 -56.91 -29.35
C THR MC 188 16.63 -56.89 -28.26
N PHE MC 189 17.10 -56.84 -27.02
CA PHE MC 189 16.23 -56.68 -25.87
C PHE MC 189 15.66 -55.27 -25.79
N VAL MC 190 14.34 -55.19 -25.58
CA VAL MC 190 13.64 -53.92 -25.53
C VAL MC 190 14.05 -53.07 -24.32
N GLY MC 191 14.06 -53.66 -23.14
CA GLY MC 191 14.37 -52.89 -21.95
C GLY MC 191 15.83 -52.55 -21.71
N ASP MC 192 16.00 -51.61 -20.78
CA ASP MC 192 17.31 -51.18 -20.32
C ASP MC 192 18.06 -52.37 -19.71
N ARG MC 193 19.29 -52.57 -20.16
CA ARG MC 193 19.92 -53.87 -20.08
C ARG MC 193 21.01 -53.87 -19.03
N THR MC 194 20.91 -54.79 -18.08
CA THR MC 194 21.87 -54.98 -17.01
C THR MC 194 22.78 -56.15 -17.35
N TYR MC 195 24.08 -55.95 -17.11
CA TYR MC 195 25.06 -57.02 -17.05
C TYR MC 195 25.61 -57.04 -15.64
N ASN MC 196 25.95 -58.20 -15.13
CA ASN MC 196 26.69 -58.28 -13.88
C ASN MC 196 28.13 -58.65 -14.18
N LEU MC 197 29.04 -57.74 -13.84
CA LEU MC 197 30.45 -58.05 -13.74
C LEU MC 197 30.71 -58.81 -12.44
N ARG MC 198 31.96 -59.24 -12.27
CA ARG MC 198 32.27 -60.22 -11.22
C ARG MC 198 31.58 -59.87 -9.92
N ASP MC 199 31.55 -58.60 -9.57
CA ASP MC 199 30.97 -58.15 -8.31
C ASP MC 199 29.93 -57.06 -8.48
N GLN MC 200 29.65 -56.64 -9.70
CA GLN MC 200 28.94 -55.38 -9.91
C GLN MC 200 28.01 -55.50 -11.10
N LYS MC 201 26.78 -55.00 -10.91
CA LYS MC 201 25.88 -54.71 -12.01
C LYS MC 201 26.24 -53.39 -12.70
N MET MC 202 26.11 -53.36 -14.02
CA MET MC 202 26.24 -52.15 -14.81
C MET MC 202 25.19 -52.21 -15.91
N VAL MC 203 24.73 -51.04 -16.35
CA VAL MC 203 23.44 -50.91 -17.02
C VAL MC 203 23.56 -49.98 -18.22
N ILE MC 204 22.86 -50.33 -19.30
CA ILE MC 204 22.94 -49.61 -20.56
C ILE MC 204 21.56 -49.18 -21.03
N PRO MC 205 21.43 -47.95 -21.55
CA PRO MC 205 20.13 -47.41 -21.98
C PRO MC 205 19.51 -48.10 -23.19
N GLY MC 206 18.21 -48.36 -23.07
CA GLY MC 206 17.40 -48.84 -24.18
C GLY MC 206 17.00 -47.78 -25.19
N ILE MC 207 16.40 -48.29 -26.26
CA ILE MC 207 15.89 -47.45 -27.35
C ILE MC 207 14.92 -46.41 -26.85
N ALA MC 208 13.87 -46.83 -26.14
CA ALA MC 208 12.88 -45.90 -25.60
C ALA MC 208 13.54 -44.78 -24.82
N THR MC 209 14.55 -45.12 -24.00
CA THR MC 209 15.27 -44.12 -23.24
C THR MC 209 15.97 -43.13 -24.16
N ALA MC 210 16.69 -43.63 -25.16
CA ALA MC 210 17.43 -42.73 -26.04
C ALA MC 210 16.51 -41.82 -26.82
N ILE MC 211 15.40 -42.35 -27.35
CA ILE MC 211 14.51 -41.50 -28.13
C ILE MC 211 13.79 -40.49 -27.24
N GLU MC 212 13.37 -40.90 -26.04
CA GLU MC 212 12.75 -39.96 -25.12
C GLU MC 212 13.73 -38.89 -24.65
N ARG MC 213 15.03 -39.14 -24.76
CA ARG MC 213 16.01 -38.08 -24.55
C ARG MC 213 16.28 -37.27 -25.79
N LEU MC 214 16.02 -37.84 -26.95
CA LEU MC 214 16.27 -37.13 -28.20
C LEU MC 214 15.20 -36.08 -28.46
N LEU MC 215 13.94 -36.45 -28.34
CA LEU MC 215 12.87 -35.54 -28.74
C LEU MC 215 12.39 -34.61 -27.65
N GLN MC 216 12.99 -34.63 -26.46
CA GLN MC 216 12.32 -34.09 -25.29
C GLN MC 216 12.00 -32.61 -25.45
N GLY MC 217 10.71 -32.28 -25.46
CA GLY MC 217 10.22 -30.92 -25.54
C GLY MC 217 10.25 -30.27 -26.90
N GLU MC 218 10.50 -31.01 -27.97
CA GLU MC 218 10.55 -30.40 -29.29
C GLU MC 218 9.16 -29.96 -29.74
N GLU MC 219 9.12 -28.90 -30.54
CA GLU MC 219 7.88 -28.36 -31.09
C GLU MC 219 7.77 -28.43 -32.60
N GLN MC 220 8.89 -28.47 -33.31
CA GLN MC 220 8.88 -28.61 -34.76
C GLN MC 220 8.40 -30.01 -35.13
N PRO MC 221 7.77 -30.17 -36.29
CA PRO MC 221 7.40 -31.52 -36.73
C PRO MC 221 8.63 -32.32 -37.14
N LEU MC 222 8.54 -33.62 -36.94
CA LEU MC 222 9.59 -34.54 -37.33
C LEU MC 222 9.40 -35.01 -38.77
N GLY MC 223 10.50 -35.40 -39.40
CA GLY MC 223 10.45 -36.26 -40.57
C GLY MC 223 11.80 -36.70 -41.09
N ASN MC 224 11.88 -37.00 -42.37
CA ASN MC 224 13.13 -36.90 -43.12
C ASN MC 224 14.21 -37.85 -42.64
N ILE MC 225 13.86 -38.97 -42.00
CA ILE MC 225 14.86 -39.75 -41.27
C ILE MC 225 15.91 -40.28 -42.22
N VAL MC 226 17.18 -40.11 -41.83
CA VAL MC 226 18.33 -40.39 -42.67
C VAL MC 226 19.34 -41.21 -41.88
N SER MC 227 20.01 -42.14 -42.56
CA SER MC 227 21.15 -42.83 -41.97
C SER MC 227 22.37 -41.92 -41.95
N LYS MC 259 -2.79 -34.40 -36.85
CA LYS MC 259 -2.65 -33.72 -38.13
C LYS MC 259 -1.19 -33.62 -38.57
N GLN MC 260 -1.01 -33.34 -39.87
CA GLN MC 260 0.31 -33.36 -40.48
C GLN MC 260 1.29 -32.40 -39.81
N ASN MC 261 0.77 -31.39 -39.11
CA ASN MC 261 1.59 -30.38 -38.44
C ASN MC 261 1.65 -30.58 -36.93
N ALA MC 262 1.28 -31.77 -36.44
CA ALA MC 262 1.44 -32.09 -35.03
C ALA MC 262 2.92 -32.04 -34.61
N ALA MC 263 3.14 -31.78 -33.33
CA ALA MC 263 4.48 -31.57 -32.80
C ALA MC 263 5.21 -32.88 -32.55
N ALA MC 264 6.53 -32.84 -32.71
CA ALA MC 264 7.37 -33.98 -32.39
C ALA MC 264 7.35 -34.34 -30.91
N GLY MC 265 7.14 -33.36 -30.03
CA GLY MC 265 7.13 -33.64 -28.61
C GLY MC 265 5.92 -34.40 -28.09
N ASN MC 266 4.92 -34.66 -28.93
CA ASN MC 266 3.74 -35.40 -28.48
C ASN MC 266 3.89 -36.91 -28.51
N ILE MC 267 4.95 -37.45 -29.13
CA ILE MC 267 5.11 -38.89 -29.24
C ILE MC 267 5.40 -39.47 -27.87
N LYS MC 268 4.81 -40.64 -27.58
CA LYS MC 268 5.18 -41.38 -26.37
C LYS MC 268 5.57 -42.82 -26.71
N ILE MC 269 6.62 -43.33 -26.07
CA ILE MC 269 7.12 -44.69 -26.24
C ILE MC 269 7.16 -45.43 -24.91
N VAL MC 270 6.59 -46.62 -24.87
CA VAL MC 270 6.56 -47.46 -23.67
C VAL MC 270 7.09 -48.85 -23.99
N ALA MC 271 8.19 -49.25 -23.35
CA ALA MC 271 8.76 -50.57 -23.49
C ALA MC 271 7.86 -51.63 -22.82
N TYR MC 272 7.72 -52.79 -23.47
CA TYR MC 272 6.91 -53.90 -22.97
C TYR MC 272 7.71 -55.19 -23.10
N PRO MC 273 8.59 -55.46 -22.13
CA PRO MC 273 9.42 -56.67 -22.19
C PRO MC 273 8.67 -57.98 -22.18
N ASP MC 274 7.46 -58.02 -21.62
CA ASP MC 274 6.70 -59.27 -21.59
C ASP MC 274 6.70 -59.99 -22.93
N THR MC 275 6.62 -59.23 -24.02
CA THR MC 275 6.63 -59.79 -25.37
C THR MC 275 7.77 -59.22 -26.19
N ASN MC 276 8.72 -58.58 -25.54
CA ASN MC 276 9.84 -57.91 -26.21
C ASN MC 276 9.37 -56.95 -27.30
N SER MC 277 8.43 -56.07 -26.96
CA SER MC 277 7.82 -55.21 -27.96
C SER MC 277 7.74 -53.78 -27.42
N LEU MC 278 7.40 -52.84 -28.31
CA LEU MC 278 7.24 -51.44 -27.97
C LEU MC 278 5.83 -50.98 -28.29
N LEU MC 279 5.31 -50.08 -27.46
CA LEU MC 279 4.06 -49.38 -27.71
C LEU MC 279 4.37 -47.93 -28.02
N VAL MC 280 3.82 -47.41 -29.12
CA VAL MC 280 4.08 -46.05 -29.55
C VAL MC 280 2.74 -45.35 -29.74
N LYS MC 281 2.63 -44.14 -29.23
CA LYS MC 281 1.43 -43.31 -29.35
C LYS MC 281 1.74 -42.01 -30.06
N GLY MC 282 1.01 -41.75 -31.14
CA GLY MC 282 1.17 -40.51 -31.87
C GLY MC 282 0.24 -40.44 -33.06
N THR MC 283 0.58 -39.59 -34.02
CA THR MC 283 -0.10 -39.55 -35.31
C THR MC 283 0.45 -40.62 -36.25
N ALA MC 284 -0.29 -40.87 -37.32
CA ALA MC 284 0.09 -41.87 -38.31
C ALA MC 284 1.48 -41.63 -38.89
N GLU MC 285 1.77 -40.40 -39.32
CA GLU MC 285 3.08 -40.12 -39.88
C GLU MC 285 4.18 -40.25 -38.84
N GLN MC 286 3.91 -39.85 -37.61
CA GLN MC 286 4.89 -40.02 -36.55
C GLN MC 286 5.18 -41.49 -36.30
N VAL MC 287 4.14 -42.30 -36.13
CA VAL MC 287 4.29 -43.74 -36.03
C VAL MC 287 5.15 -44.30 -37.15
N HIS MC 288 4.84 -43.91 -38.38
CA HIS MC 288 5.64 -44.35 -39.53
C HIS MC 288 7.12 -44.02 -39.39
N PHE MC 289 7.44 -42.76 -39.12
CA PHE MC 289 8.84 -42.38 -38.89
C PHE MC 289 9.49 -43.17 -37.76
N ILE MC 290 8.81 -43.29 -36.63
CA ILE MC 290 9.34 -44.10 -35.52
C ILE MC 290 9.67 -45.51 -35.98
N GLU MC 291 8.74 -46.14 -36.69
CA GLU MC 291 8.97 -47.47 -37.22
C GLU MC 291 10.23 -47.56 -38.07
N MET MC 292 10.38 -46.61 -38.98
CA MET MC 292 11.59 -46.57 -39.81
C MET MC 292 12.85 -46.43 -38.98
N LEU MC 293 12.84 -45.56 -37.98
CA LEU MC 293 14.00 -45.42 -37.10
C LEU MC 293 14.32 -46.71 -36.34
N VAL MC 294 13.30 -47.32 -35.75
CA VAL MC 294 13.49 -48.59 -35.05
C VAL MC 294 14.21 -49.59 -35.93
N LYS MC 295 13.71 -49.78 -37.14
CA LYS MC 295 14.34 -50.75 -38.03
C LYS MC 295 15.65 -50.26 -38.61
N ALA MC 296 15.94 -48.97 -38.50
CA ALA MC 296 17.29 -48.48 -38.79
C ALA MC 296 18.25 -48.69 -37.64
N LEU MC 297 17.74 -48.99 -36.45
CA LEU MC 297 18.57 -49.14 -35.26
C LEU MC 297 18.91 -50.59 -34.90
N ASP MC 298 17.93 -51.47 -34.80
CA ASP MC 298 18.25 -52.83 -34.35
C ASP MC 298 18.85 -53.71 -35.45
N VAL MC 299 20.01 -54.31 -35.15
CA VAL MC 299 20.70 -55.25 -36.03
C VAL MC 299 21.30 -56.37 -35.20
N ALA MC 300 21.38 -57.57 -35.79
CA ALA MC 300 21.99 -58.75 -35.15
C ALA MC 300 23.50 -58.57 -34.99
N LYS MC 301 23.95 -58.41 -33.74
CA LYS MC 301 25.37 -58.32 -33.41
C LYS MC 301 26.20 -59.53 -33.85
N ARG MC 302 27.40 -59.26 -34.33
CA ARG MC 302 28.44 -60.25 -34.62
C ARG MC 302 29.00 -60.91 -33.36
N HIS MC 303 29.51 -62.13 -33.51
CA HIS MC 303 30.22 -62.85 -32.45
C HIS MC 303 31.74 -62.75 -32.63
N VAL MC 304 32.44 -62.63 -31.50
CA VAL MC 304 33.89 -62.50 -31.44
C VAL MC 304 34.44 -63.50 -30.43
N GLU MC 305 35.52 -64.20 -30.79
CA GLU MC 305 36.21 -65.13 -29.89
C GLU MC 305 37.64 -64.68 -29.66
N LEU MC 306 38.07 -64.73 -28.40
CA LEU MC 306 39.38 -64.22 -27.97
C LEU MC 306 40.17 -65.33 -27.30
N SER MC 307 41.36 -65.59 -27.85
CA SER MC 307 42.36 -66.52 -27.32
C SER MC 307 43.57 -65.75 -26.79
N LEU MC 308 43.92 -65.98 -25.53
CA LEU MC 308 45.09 -65.34 -24.90
C LEU MC 308 46.16 -66.36 -24.53
N TRP MC 309 47.34 -66.26 -25.15
CA TRP MC 309 48.47 -67.14 -24.86
C TRP MC 309 49.40 -66.54 -23.81
N ILE MC 310 49.59 -67.24 -22.70
CA ILE MC 310 50.51 -66.89 -21.62
C ILE MC 310 51.63 -67.93 -21.56
N VAL MC 311 52.86 -67.50 -21.79
CA VAL MC 311 54.01 -68.40 -21.89
C VAL MC 311 55.08 -68.02 -20.87
N ASP MC 312 55.60 -69.01 -20.16
CA ASP MC 312 56.63 -68.85 -19.14
C ASP MC 312 57.74 -69.89 -19.30
N LEU MC 313 58.99 -69.45 -19.14
CA LEU MC 313 60.17 -70.31 -19.27
C LEU MC 313 61.20 -69.96 -18.21
N ASN MC 314 61.97 -70.96 -17.78
CA ASN MC 314 62.98 -70.72 -16.74
C ASN MC 314 64.14 -71.69 -16.82
N LYS MC 315 65.35 -71.15 -16.63
CA LYS MC 315 66.63 -71.86 -16.56
C LYS MC 315 67.45 -71.40 -15.37
N SER MC 316 68.07 -72.34 -14.66
CA SER MC 316 68.92 -71.93 -13.55
C SER MC 316 69.99 -72.98 -13.22
N ASP MC 317 71.17 -72.49 -12.85
CA ASP MC 317 72.34 -73.29 -12.48
C ASP MC 317 72.87 -72.85 -11.12
N LEU MC 318 73.31 -73.81 -10.32
CA LEU MC 318 73.93 -73.53 -9.02
C LEU MC 318 75.14 -74.40 -8.78
N GLU MC 319 76.23 -73.81 -8.28
CA GLU MC 319 77.39 -74.57 -7.83
C GLU MC 319 78.00 -73.96 -6.57
N ARG MC 320 78.34 -74.83 -5.61
CA ARG MC 320 79.09 -74.47 -4.41
C ARG MC 320 80.18 -75.49 -4.18
N LEU MC 321 81.39 -75.01 -3.85
CA LEU MC 321 82.52 -75.92 -3.70
C LEU MC 321 83.58 -75.32 -2.82
N GLY MC 322 84.00 -76.07 -1.80
CA GLY MC 322 85.16 -75.72 -1.02
C GLY MC 322 85.00 -76.00 0.45
N THR MC 323 85.84 -75.37 1.26
CA THR MC 323 86.02 -75.74 2.65
C THR MC 323 86.26 -74.52 3.52
N SER MC 324 85.87 -74.65 4.80
CA SER MC 324 86.03 -73.58 5.77
C SER MC 324 86.57 -74.16 7.08
N TRP MC 325 87.38 -73.36 7.79
CA TRP MC 325 88.21 -73.87 8.89
C TRP MC 325 88.14 -72.97 10.12
N SER MC 326 88.22 -73.61 11.29
CA SER MC 326 88.42 -72.91 12.55
C SER MC 326 89.08 -73.86 13.55
N GLY MC 327 89.66 -73.32 14.60
CA GLY MC 327 90.25 -74.21 15.60
C GLY MC 327 91.00 -73.46 16.68
N SER MC 328 91.62 -74.22 17.57
CA SER MC 328 92.31 -73.62 18.71
C SER MC 328 93.30 -74.60 19.33
N ILE MC 329 94.27 -74.03 20.06
CA ILE MC 329 95.30 -74.78 20.76
C ILE MC 329 95.62 -74.10 22.08
N THR MC 330 96.22 -74.86 22.99
CA THR MC 330 96.60 -74.35 24.30
C THR MC 330 97.95 -74.89 24.74
N ILE MC 331 98.75 -74.02 25.36
CA ILE MC 331 100.01 -74.40 25.99
C ILE MC 331 99.84 -74.32 27.51
N GLY MC 332 100.05 -75.46 28.17
CA GLY MC 332 99.70 -75.63 29.56
C GLY MC 332 98.27 -75.25 29.83
N ASP MC 333 98.08 -74.43 30.86
CA ASP MC 333 96.92 -73.55 30.95
C ASP MC 333 97.35 -72.09 30.82
N LYS MC 334 98.59 -71.86 30.40
CA LYS MC 334 99.15 -70.51 30.41
C LYS MC 334 98.73 -69.73 29.18
N LEU MC 335 99.02 -70.24 27.99
CA LEU MC 335 98.70 -69.50 26.77
C LEU MC 335 97.65 -70.23 25.95
N GLY MC 336 96.52 -69.55 25.74
CA GLY MC 336 95.47 -70.04 24.86
C GLY MC 336 95.47 -69.28 23.54
N VAL MC 337 95.26 -70.01 22.46
CA VAL MC 337 95.25 -69.44 21.12
C VAL MC 337 94.02 -69.98 20.40
N SER MC 338 93.29 -69.09 19.74
CA SER MC 338 92.13 -69.48 18.96
C SER MC 338 92.23 -68.86 17.58
N LEU MC 339 91.97 -69.67 16.56
CA LEU MC 339 92.01 -69.26 15.16
C LEU MC 339 90.60 -69.24 14.60
N ASN MC 340 90.16 -68.04 14.23
CA ASN MC 340 88.87 -67.77 13.60
C ASN MC 340 87.70 -68.37 14.36
N GLN MC 341 87.61 -68.06 15.65
CA GLN MC 341 86.51 -68.55 16.48
C GLN MC 341 85.86 -67.40 17.22
N SER MC 342 84.53 -67.35 17.16
CA SER MC 342 83.80 -66.47 18.05
C SER MC 342 83.83 -67.04 19.47
N SER MC 343 84.05 -68.36 19.59
CA SER MC 343 84.22 -68.98 20.90
C SER MC 343 85.49 -68.47 21.56
N ILE MC 344 85.35 -68.10 22.83
CA ILE MC 344 86.47 -67.58 23.63
C ILE MC 344 87.32 -68.70 24.23
N SER MC 345 86.69 -69.78 24.69
CA SER MC 345 87.42 -70.83 25.39
C SER MC 345 88.29 -71.69 24.48
N THR MC 346 89.40 -72.14 25.06
CA THR MC 346 90.38 -73.03 24.44
C THR MC 346 90.74 -74.10 25.46
N LEU MC 347 89.70 -74.75 25.98
CA LEU MC 347 89.80 -75.71 27.07
C LEU MC 347 90.81 -76.82 26.82
N ASP MC 348 91.06 -77.20 25.57
CA ASP MC 348 91.92 -78.33 25.28
C ASP MC 348 93.18 -77.92 24.54
N GLY MC 349 94.17 -78.83 24.60
CA GLY MC 349 95.43 -78.62 23.91
C GLY MC 349 95.29 -78.34 22.43
N SER MC 350 94.37 -79.03 21.75
CA SER MC 350 94.22 -78.78 20.32
C SER MC 350 92.91 -79.36 19.81
N ARG MC 351 92.18 -78.57 19.03
CA ARG MC 351 90.92 -79.04 18.45
C ARG MC 351 90.60 -78.17 17.24
N PHE MC 352 90.16 -78.80 16.16
CA PHE MC 352 89.85 -78.09 14.92
C PHE MC 352 88.58 -78.62 14.26
N ILE MC 353 87.92 -77.73 13.51
CA ILE MC 353 86.68 -78.03 12.81
C ILE MC 353 86.79 -77.53 11.37
N ALA MC 354 86.31 -78.34 10.43
CA ALA MC 354 86.32 -78.02 9.01
C ALA MC 354 85.01 -78.45 8.37
N ALA MC 355 84.41 -77.56 7.59
CA ALA MC 355 83.17 -77.82 6.86
C ALA MC 355 83.43 -77.87 5.36
N VAL MC 356 83.12 -79.01 4.75
CA VAL MC 356 83.25 -79.25 3.31
C VAL MC 356 81.89 -79.15 2.64
N ASN MC 357 81.80 -78.31 1.60
CA ASN MC 357 80.55 -78.06 0.88
C ASN MC 357 80.81 -78.23 -0.61
N ALA MC 358 80.25 -79.30 -1.21
CA ALA MC 358 80.46 -79.59 -2.63
C ALA MC 358 79.17 -80.08 -3.28
N LEU MC 359 78.52 -79.20 -4.05
CA LEU MC 359 77.23 -79.54 -4.65
C LEU MC 359 76.96 -78.71 -5.89
N GLU MC 360 76.29 -79.32 -6.86
CA GLU MC 360 75.92 -78.69 -8.13
C GLU MC 360 74.50 -79.11 -8.52
N GLU MC 361 73.73 -78.17 -9.07
CA GLU MC 361 72.34 -78.42 -9.41
C GLU MC 361 71.90 -77.61 -10.62
N LYS MC 362 71.03 -78.22 -11.45
CA LYS MC 362 70.44 -77.57 -12.61
C LYS MC 362 68.93 -77.71 -12.56
N LYS MC 363 68.22 -76.70 -13.04
CA LYS MC 363 66.78 -76.72 -13.01
C LYS MC 363 66.21 -75.96 -14.21
N GLN MC 364 65.14 -76.49 -14.80
CA GLN MC 364 64.52 -75.88 -15.97
C GLN MC 364 63.01 -76.15 -15.93
N ALA MC 365 62.22 -75.19 -16.41
CA ALA MC 365 60.77 -75.34 -16.40
C ALA MC 365 60.12 -74.58 -17.56
N THR MC 366 58.94 -75.08 -17.97
CA THR MC 366 58.14 -74.55 -19.07
C THR MC 366 56.64 -74.62 -18.77
N VAL MC 367 55.94 -73.50 -18.91
CA VAL MC 367 54.49 -73.46 -18.66
C VAL MC 367 53.80 -72.65 -19.75
N VAL MC 368 52.75 -73.22 -20.34
CA VAL MC 368 51.90 -72.55 -21.31
C VAL MC 368 50.45 -72.65 -20.86
N SER MC 369 49.76 -71.50 -20.82
CA SER MC 369 48.36 -71.42 -20.44
C SER MC 369 47.63 -70.60 -21.48
N ARG MC 370 46.46 -71.06 -21.91
CA ARG MC 370 45.70 -70.35 -22.94
C ARG MC 370 44.20 -70.38 -22.67
N PRO MC 371 43.65 -69.30 -22.13
CA PRO MC 371 42.20 -69.14 -22.05
C PRO MC 371 41.56 -68.71 -23.35
N VAL MC 372 40.32 -69.14 -23.54
CA VAL MC 372 39.49 -68.77 -24.68
C VAL MC 372 38.11 -68.35 -24.18
N LEU MC 373 37.59 -67.27 -24.77
CA LEU MC 373 36.31 -66.72 -24.36
C LEU MC 373 35.53 -66.20 -25.56
N LEU MC 374 34.20 -66.29 -25.48
CA LEU MC 374 33.30 -65.82 -26.52
C LEU MC 374 32.48 -64.62 -26.04
N THR MC 375 32.35 -63.62 -26.91
CA THR MC 375 31.76 -62.34 -26.57
C THR MC 375 31.03 -61.82 -27.80
N GLN MC 376 29.97 -61.04 -27.59
CA GLN MC 376 29.39 -60.33 -28.71
C GLN MC 376 30.05 -58.97 -28.89
N GLU MC 377 29.85 -58.41 -30.09
CA GLU MC 377 30.25 -57.04 -30.37
C GLU MC 377 29.63 -56.05 -29.38
N ASN MC 378 30.47 -55.12 -28.93
CA ASN MC 378 30.07 -54.06 -27.99
C ASN MC 378 29.65 -54.51 -26.60
N VAL MC 379 29.65 -55.80 -26.31
CA VAL MC 379 29.22 -56.31 -25.01
C VAL MC 379 30.43 -56.69 -24.19
N PRO MC 380 30.57 -56.17 -22.96
CA PRO MC 380 31.73 -56.53 -22.14
C PRO MC 380 31.59 -57.94 -21.60
N ALA MC 381 32.73 -58.60 -21.40
CA ALA MC 381 32.70 -59.94 -20.81
C ALA MC 381 33.90 -60.15 -19.89
N ILE MC 382 33.75 -61.15 -19.03
CA ILE MC 382 34.71 -61.45 -17.98
C ILE MC 382 34.86 -62.95 -17.81
N PHE MC 383 36.11 -63.37 -17.56
CA PHE MC 383 36.47 -64.76 -17.32
C PHE MC 383 37.36 -64.78 -16.09
N ASP MC 384 37.08 -65.67 -15.16
CA ASP MC 384 37.82 -65.75 -13.90
C ASP MC 384 38.02 -67.19 -13.47
N ASN MC 385 39.28 -67.59 -13.28
CA ASN MC 385 39.59 -69.00 -13.06
C ASN MC 385 40.77 -69.17 -12.13
N ASN MC 386 40.75 -70.25 -11.36
CA ASN MC 386 41.90 -70.64 -10.56
C ASN MC 386 41.84 -72.13 -10.29
N ARG MC 387 43.01 -72.70 -10.02
CA ARG MC 387 43.13 -74.12 -9.76
C ARG MC 387 44.29 -74.40 -8.82
N THR MC 388 44.18 -75.48 -8.04
CA THR MC 388 45.19 -75.87 -7.08
C THR MC 388 45.82 -77.20 -7.44
N PHE MC 389 47.10 -77.35 -7.10
CA PHE MC 389 47.89 -78.53 -7.38
C PHE MC 389 48.61 -78.96 -6.11
N TYR MC 390 48.86 -80.25 -5.99
CA TYR MC 390 49.49 -80.83 -4.81
C TYR MC 390 50.72 -81.60 -5.25
N THR MC 391 51.81 -81.47 -4.50
CA THR MC 391 52.97 -82.31 -4.68
C THR MC 391 52.70 -83.69 -4.07
N LYS MC 392 52.58 -84.71 -4.93
CA LYS MC 392 52.47 -86.08 -4.45
C LYS MC 392 53.76 -86.47 -3.73
N LEU MC 393 53.63 -86.91 -2.47
CA LEU MC 393 54.75 -86.92 -1.55
C LEU MC 393 55.03 -88.32 -1.03
N ILE MC 394 56.32 -88.56 -0.78
CA ILE MC 394 56.81 -89.86 -0.34
C ILE MC 394 56.40 -90.12 1.10
N GLY MC 395 56.02 -91.37 1.38
CA GLY MC 395 55.69 -91.77 2.72
C GLY MC 395 54.26 -91.51 3.16
N GLU MC 396 53.29 -91.84 2.29
CA GLU MC 396 51.89 -91.51 2.54
C GLU MC 396 51.38 -92.09 3.85
N ARG MC 397 52.12 -93.02 4.45
CA ARG MC 397 51.83 -93.43 5.81
C ARG MC 397 51.82 -92.22 6.74
N ASN MC 398 52.74 -91.30 6.51
CA ASN MC 398 52.75 -90.02 7.21
C ASN MC 398 51.99 -88.99 6.40
N VAL MC 399 51.44 -88.00 7.09
CA VAL MC 399 50.55 -87.01 6.50
C VAL MC 399 51.32 -85.69 6.36
N ALA MC 400 51.79 -85.41 5.15
CA ALA MC 400 52.31 -84.09 4.81
C ALA MC 400 52.14 -83.90 3.32
N LEU MC 401 51.24 -83.01 2.93
CA LEU MC 401 50.97 -82.68 1.53
C LEU MC 401 51.00 -81.17 1.37
N GLU MC 402 51.70 -80.67 0.34
CA GLU MC 402 51.81 -79.23 0.12
C GLU MC 402 51.27 -78.87 -1.26
N HIS MC 403 50.61 -77.72 -1.32
CA HIS MC 403 49.90 -77.27 -2.51
C HIS MC 403 50.33 -75.88 -2.97
N VAL MC 404 49.95 -75.58 -4.21
CA VAL MC 404 50.14 -74.28 -4.85
C VAL MC 404 48.87 -73.97 -5.63
N THR MC 405 48.54 -72.69 -5.72
CA THR MC 405 47.35 -72.27 -6.47
C THR MC 405 47.70 -71.24 -7.53
N TYR MC 406 47.14 -71.43 -8.72
CA TYR MC 406 47.34 -70.57 -9.87
C TYR MC 406 46.01 -69.93 -10.20
N GLY MC 407 46.03 -68.65 -10.57
CA GLY MC 407 44.79 -67.96 -10.89
C GLY MC 407 44.97 -66.87 -11.91
N THR MC 408 43.89 -66.61 -12.66
CA THR MC 408 43.91 -65.74 -13.81
C THR MC 408 42.55 -65.07 -13.97
N MET MC 409 42.57 -63.80 -14.38
CA MET MC 409 41.34 -63.05 -14.59
C MET MC 409 41.50 -62.19 -15.84
N ILE MC 410 40.46 -62.17 -16.67
CA ILE MC 410 40.41 -61.36 -17.89
C ILE MC 410 39.08 -60.62 -17.97
N ARG MC 411 39.15 -59.33 -18.28
CA ARG MC 411 37.98 -58.51 -18.57
C ARG MC 411 38.24 -57.84 -19.92
N VAL MC 412 37.25 -57.84 -20.81
CA VAL MC 412 37.48 -57.34 -22.16
C VAL MC 412 36.22 -56.74 -22.78
N LEU MC 413 36.44 -55.75 -23.63
CA LEU MC 413 35.39 -55.12 -24.44
C LEU MC 413 35.76 -55.15 -25.93
N PRO MC 414 34.98 -55.84 -26.80
CA PRO MC 414 35.32 -55.90 -28.24
C PRO MC 414 34.64 -54.89 -29.16
N ARG MC 415 35.41 -54.31 -30.09
CA ARG MC 415 34.96 -53.35 -31.10
C ARG MC 415 35.38 -53.77 -32.51
N PHE MC 416 34.43 -53.72 -33.45
CA PHE MC 416 34.69 -54.00 -34.87
C PHE MC 416 34.89 -52.72 -35.64
N SER MC 417 36.05 -52.56 -36.25
CA SER MC 417 36.34 -51.48 -37.16
C SER MC 417 35.83 -51.80 -38.55
N ALA MC 418 35.56 -50.74 -39.32
CA ALA MC 418 35.15 -50.88 -40.72
C ALA MC 418 36.22 -51.58 -41.56
N ASP MC 419 37.49 -51.39 -41.22
CA ASP MC 419 38.61 -51.97 -41.95
C ASP MC 419 38.83 -53.45 -41.69
N GLY MC 420 37.89 -54.13 -41.04
CA GLY MC 420 38.10 -55.51 -40.67
C GLY MC 420 39.11 -55.75 -39.58
N GLN MC 421 39.18 -54.85 -38.61
CA GLN MC 421 40.13 -54.92 -37.51
C GLN MC 421 39.34 -54.93 -36.21
N ILE MC 422 39.84 -55.67 -35.22
CA ILE MC 422 39.23 -55.70 -33.89
C ILE MC 422 40.05 -54.87 -32.93
N GLU MC 423 39.37 -54.01 -32.17
CA GLU MC 423 39.96 -53.16 -31.15
C GLU MC 423 39.37 -53.56 -29.81
N MET MC 424 40.20 -53.71 -28.79
CA MET MC 424 39.69 -54.15 -27.50
C MET MC 424 40.36 -53.41 -26.36
N SER MC 425 39.59 -53.24 -25.30
CA SER MC 425 40.05 -52.71 -24.02
C SER MC 425 40.17 -53.90 -23.08
N LEU MC 426 41.36 -54.06 -22.48
CA LEU MC 426 41.72 -55.28 -21.77
C LEU MC 426 42.25 -55.00 -20.38
N ASP MC 427 41.76 -55.78 -19.40
CA ASP MC 427 42.28 -55.84 -18.04
C ASP MC 427 42.64 -57.30 -17.77
N ILE MC 428 43.92 -57.56 -17.53
CA ILE MC 428 44.44 -58.92 -17.46
C ILE MC 428 45.35 -59.09 -16.26
N GLU MC 429 45.16 -60.17 -15.51
CA GLU MC 429 46.05 -60.42 -14.39
C GLU MC 429 46.21 -61.92 -14.18
N ASP MC 430 47.38 -62.32 -13.68
CA ASP MC 430 47.69 -63.71 -13.44
C ASP MC 430 48.71 -63.87 -12.34
N GLY MC 431 48.69 -65.02 -11.67
CA GLY MC 431 49.86 -65.40 -10.91
C GLY MC 431 49.64 -66.62 -10.04
N ASN MC 432 50.68 -66.94 -9.27
CA ASN MC 432 50.56 -67.77 -8.10
C ASN MC 432 50.00 -66.94 -6.95
N ASP MC 433 48.88 -67.38 -6.38
CA ASP MC 433 48.21 -66.57 -5.38
C ASP MC 433 48.94 -66.55 -4.05
N LYS MC 434 49.32 -67.72 -3.53
CA LYS MC 434 50.16 -67.76 -2.35
C LYS MC 434 50.88 -69.11 -2.25
N THR MC 435 51.99 -69.11 -1.53
CA THR MC 435 52.70 -70.32 -1.16
C THR MC 435 53.37 -70.13 0.19
N PRO MC 436 52.63 -69.85 1.26
CA PRO MC 436 53.27 -69.62 2.56
C PRO MC 436 53.90 -70.87 3.16
N GLN MC 437 53.61 -72.04 2.59
CA GLN MC 437 54.18 -73.30 3.06
C GLN MC 437 55.68 -73.34 2.77
N SER MC 438 56.48 -73.21 3.83
CA SER MC 438 57.93 -73.17 3.64
C SER MC 438 58.44 -74.45 3.00
N ASP MC 439 57.98 -75.59 3.50
CA ASP MC 439 58.36 -76.91 2.97
C ASP MC 439 59.87 -76.96 2.84
N THR MC 440 60.41 -77.29 1.65
CA THR MC 440 61.80 -77.64 1.44
C THR MC 440 62.08 -77.45 -0.04
N THR MC 441 63.33 -77.74 -0.44
CA THR MC 441 63.66 -77.86 -1.85
C THR MC 441 62.57 -78.60 -2.62
N THR MC 442 61.99 -79.64 -2.00
CA THR MC 442 61.00 -80.45 -2.69
C THR MC 442 59.84 -79.61 -3.19
N SER MC 443 59.59 -78.46 -2.57
CA SER MC 443 58.54 -77.55 -3.01
C SER MC 443 58.79 -77.09 -4.44
N VAL MC 444 59.87 -76.35 -4.67
CA VAL MC 444 60.15 -75.87 -6.01
C VAL MC 444 60.50 -77.02 -6.95
N ASP MC 445 61.17 -78.05 -6.43
CA ASP MC 445 61.40 -79.23 -7.23
C ASP MC 445 60.10 -79.76 -7.81
N ALA MC 446 59.00 -79.62 -7.08
CA ALA MC 446 57.70 -80.10 -7.56
C ALA MC 446 56.95 -79.05 -8.40
N LEU MC 447 56.71 -77.87 -7.82
CA LEU MC 447 55.77 -76.92 -8.40
C LEU MC 447 56.42 -75.59 -8.78
N PRO MC 448 56.19 -75.12 -10.01
CA PRO MC 448 56.93 -73.96 -10.54
C PRO MC 448 56.44 -72.62 -9.99
N GLU MC 449 57.38 -71.79 -9.52
CA GLU MC 449 57.07 -70.40 -9.20
C GLU MC 449 56.89 -69.55 -10.45
N VAL MC 450 55.78 -68.83 -10.52
CA VAL MC 450 55.58 -67.71 -11.43
C VAL MC 450 54.97 -66.53 -10.65
N GLY MC 451 55.50 -65.34 -10.87
CA GLY MC 451 55.08 -64.16 -10.13
C GLY MC 451 53.69 -63.65 -10.49
N ARG MC 452 53.26 -62.66 -9.72
CA ARG MC 452 52.02 -61.93 -9.98
C ARG MC 452 52.25 -60.85 -11.02
N THR MC 453 51.44 -60.84 -12.07
CA THR MC 453 51.56 -59.88 -13.17
C THR MC 453 50.19 -59.28 -13.49
N LEU MC 454 50.16 -57.95 -13.67
CA LEU MC 454 48.93 -57.22 -13.94
C LEU MC 454 49.16 -56.22 -15.07
N ILE MC 455 48.25 -56.19 -16.04
CA ILE MC 455 48.32 -55.30 -17.19
C ILE MC 455 46.94 -54.76 -17.52
N SER MC 456 46.89 -53.50 -17.94
CA SER MC 456 45.69 -52.94 -18.56
C SER MC 456 46.08 -52.09 -19.76
N THR MC 457 45.37 -52.26 -20.87
CA THR MC 457 45.72 -51.52 -22.09
C THR MC 457 44.61 -51.65 -23.12
N ILE MC 458 44.81 -50.98 -24.25
CA ILE MC 458 43.93 -51.06 -25.42
C ILE MC 458 44.77 -51.44 -26.63
N ALA MC 459 44.26 -52.34 -27.46
CA ALA MC 459 44.99 -52.72 -28.67
C ALA MC 459 44.03 -53.09 -29.79
N ARG MC 460 44.51 -52.88 -31.02
CA ARG MC 460 43.79 -53.16 -32.26
C ARG MC 460 44.62 -54.07 -33.14
N VAL MC 461 43.98 -55.07 -33.75
CA VAL MC 461 44.71 -56.03 -34.58
C VAL MC 461 43.87 -56.49 -35.75
N PRO MC 462 44.47 -56.68 -36.94
CA PRO MC 462 43.76 -57.32 -38.04
C PRO MC 462 43.24 -58.69 -37.65
N HIS MC 463 42.01 -58.97 -38.09
CA HIS MC 463 41.37 -60.25 -37.82
C HIS MC 463 42.30 -61.42 -38.09
N GLY MC 464 42.39 -62.33 -37.11
CA GLY MC 464 43.26 -63.49 -37.18
C GLY MC 464 44.74 -63.25 -36.97
N LYS MC 465 45.21 -62.01 -36.97
CA LYS MC 465 46.60 -61.80 -36.62
C LYS MC 465 46.76 -61.78 -35.10
N SER MC 466 48.01 -61.82 -34.64
CA SER MC 466 48.32 -61.81 -33.22
C SER MC 466 49.18 -60.60 -32.87
N LEU MC 467 49.05 -60.12 -31.63
CA LEU MC 467 49.90 -59.05 -31.12
C LEU MC 467 50.49 -59.41 -29.77
N LEU MC 468 51.77 -59.07 -29.60
CA LEU MC 468 52.44 -59.09 -28.30
C LEU MC 468 52.00 -57.88 -27.49
N VAL MC 469 51.27 -58.10 -26.41
CA VAL MC 469 50.85 -56.98 -25.56
C VAL MC 469 51.91 -56.64 -24.52
N GLY MC 470 52.64 -57.61 -23.97
CA GLY MC 470 53.64 -57.28 -22.98
C GLY MC 470 54.46 -58.49 -22.61
N GLY MC 471 55.58 -58.22 -21.95
CA GLY MC 471 56.46 -59.29 -21.52
C GLY MC 471 57.54 -58.78 -20.60
N TYR MC 472 58.29 -59.73 -20.06
CA TYR MC 472 59.35 -59.47 -19.10
C TYR MC 472 60.46 -60.49 -19.24
N THR MC 473 61.69 -60.03 -19.04
CA THR MC 473 62.87 -60.89 -19.11
C THR MC 473 63.84 -60.49 -18.01
N ARG MC 474 64.51 -61.48 -17.42
CA ARG MC 474 65.51 -61.24 -16.40
C ARG MC 474 66.67 -62.18 -16.58
N ASP MC 475 67.88 -61.66 -16.38
CA ASP MC 475 69.12 -62.43 -16.52
C ASP MC 475 70.12 -61.97 -15.49
N ALA MC 476 70.76 -62.92 -14.81
CA ALA MC 476 71.69 -62.53 -13.76
C ALA MC 476 72.75 -63.60 -13.54
N ASN MC 477 73.90 -63.15 -13.05
CA ASN MC 477 75.06 -63.98 -12.72
C ASN MC 477 75.74 -63.44 -11.47
N THR MC 478 76.28 -64.35 -10.66
CA THR MC 478 76.95 -63.97 -9.43
C THR MC 478 78.03 -64.98 -9.10
N ASP MC 479 79.16 -64.48 -8.59
CA ASP MC 479 80.30 -65.32 -8.24
C ASP MC 479 81.01 -64.76 -7.02
N THR MC 480 81.60 -65.65 -6.23
CA THR MC 480 82.35 -65.18 -5.06
C THR MC 480 83.32 -66.27 -4.60
N VAL MC 481 84.38 -65.82 -3.91
CA VAL MC 481 85.41 -66.72 -3.40
C VAL MC 481 86.00 -66.16 -2.12
N GLN MC 482 86.29 -67.05 -1.17
CA GLN MC 482 86.89 -66.73 0.12
C GLN MC 482 88.10 -67.62 0.35
N SER MC 483 89.12 -67.08 1.01
CA SER MC 483 90.31 -67.89 1.28
C SER MC 483 91.08 -67.34 2.46
N ILE MC 484 91.88 -68.21 3.06
CA ILE MC 484 92.98 -67.87 3.96
C ILE MC 484 94.05 -67.07 3.22
N PRO MC 485 94.42 -65.88 3.70
CA PRO MC 485 95.32 -65.01 2.92
C PRO MC 485 96.59 -65.65 2.39
N PHE MC 486 97.26 -66.54 3.13
CA PHE MC 486 98.52 -67.11 2.66
C PHE MC 486 98.37 -68.51 2.08
N LEU MC 487 97.72 -69.41 2.81
CA LEU MC 487 97.68 -70.80 2.39
C LEU MC 487 96.76 -70.99 1.20
N GLY MC 488 95.71 -70.18 1.08
CA GLY MC 488 94.83 -70.30 -0.06
C GLY MC 488 95.52 -70.09 -1.39
N LYS MC 489 96.78 -69.67 -1.38
CA LYS MC 489 97.50 -69.35 -2.60
C LYS MC 489 98.63 -70.33 -2.84
N LEU MC 490 98.75 -71.33 -1.97
CA LEU MC 490 99.77 -72.37 -2.11
C LEU MC 490 99.41 -73.29 -3.28
N PRO MC 491 100.40 -73.72 -4.06
CA PRO MC 491 100.10 -74.55 -5.24
C PRO MC 491 99.37 -75.86 -4.95
N LEU MC 492 99.79 -76.60 -3.93
CA LEU MC 492 99.18 -77.90 -3.65
C LEU MC 492 98.06 -77.91 -2.63
N ILE MC 493 97.97 -76.95 -1.72
CA ILE MC 493 96.95 -77.02 -0.68
C ILE MC 493 95.99 -75.84 -0.67
N GLY MC 494 96.18 -74.84 -1.54
CA GLY MC 494 95.24 -73.72 -1.56
C GLY MC 494 93.80 -74.18 -1.68
N SER MC 495 93.58 -75.23 -2.47
CA SER MC 495 92.24 -75.78 -2.66
C SER MC 495 91.65 -76.28 -1.35
N LEU MC 496 92.47 -76.56 -0.35
CA LEU MC 496 91.94 -76.89 0.96
C LEU MC 496 91.50 -75.65 1.72
N PHE MC 497 92.03 -74.48 1.38
CA PHE MC 497 91.79 -73.26 2.13
C PHE MC 497 91.01 -72.25 1.31
N ARG MC 498 90.34 -72.71 0.26
CA ARG MC 498 89.52 -71.85 -0.58
C ARG MC 498 88.10 -72.38 -0.62
N TYR MC 499 87.14 -71.46 -0.79
CA TYR MC 499 85.77 -71.82 -1.11
C TYR MC 499 85.17 -70.83 -2.12
N SER MC 500 84.34 -71.36 -3.03
CA SER MC 500 83.80 -70.62 -4.15
C SER MC 500 82.31 -70.90 -4.31
N SER MC 501 81.62 -69.94 -4.95
CA SER MC 501 80.19 -70.08 -5.20
C SER MC 501 79.80 -69.34 -6.48
N LYS MC 502 78.88 -69.93 -7.25
CA LYS MC 502 78.43 -69.40 -8.53
C LYS MC 502 76.92 -69.60 -8.72
N ASN MC 503 76.25 -68.61 -9.30
CA ASN MC 503 74.82 -68.67 -9.56
C ASN MC 503 74.44 -67.95 -10.84
N LYS MC 504 73.57 -68.55 -11.66
CA LYS MC 504 73.11 -67.96 -12.90
C LYS MC 504 71.62 -68.22 -13.12
N SER MC 505 70.89 -67.23 -13.64
CA SER MC 505 69.46 -67.40 -13.91
C SER MC 505 68.94 -66.58 -15.10
N ASN MC 506 68.01 -67.17 -15.85
CA ASN MC 506 67.40 -66.56 -17.04
C ASN MC 506 65.91 -66.88 -17.11
N VAL MC 507 65.06 -65.86 -17.16
CA VAL MC 507 63.60 -66.01 -17.04
C VAL MC 507 62.90 -65.14 -18.08
N VAL MC 508 61.84 -65.69 -18.69
CA VAL MC 508 61.04 -64.99 -19.71
C VAL MC 508 59.56 -65.27 -19.54
N ARG MC 509 58.72 -64.22 -19.59
CA ARG MC 509 57.26 -64.35 -19.59
C ARG MC 509 56.66 -63.39 -20.60
N VAL MC 510 55.68 -63.86 -21.40
CA VAL MC 510 55.06 -63.03 -22.42
C VAL MC 510 53.55 -63.28 -22.54
N PHE MC 511 52.85 -62.25 -23.01
CA PHE MC 511 51.40 -62.24 -23.24
C PHE MC 511 51.09 -61.83 -24.67
N MET MC 512 50.41 -62.72 -25.41
CA MET MC 512 50.09 -62.46 -26.82
C MET MC 512 48.63 -62.78 -27.07
N ILE MC 513 47.95 -61.84 -27.73
CA ILE MC 513 46.51 -61.90 -27.97
C ILE MC 513 46.23 -62.19 -29.44
N GLU MC 514 45.34 -63.15 -29.70
CA GLU MC 514 44.89 -63.49 -31.04
C GLU MC 514 43.37 -63.55 -31.08
N PRO MC 515 42.70 -62.53 -31.63
CA PRO MC 515 41.24 -62.60 -31.78
C PRO MC 515 40.77 -63.23 -33.08
N LYS MC 516 39.70 -64.03 -32.98
CA LYS MC 516 39.07 -64.69 -34.11
C LYS MC 516 37.58 -64.40 -34.12
N GLU MC 517 37.03 -64.20 -35.33
CA GLU MC 517 35.60 -64.15 -35.52
C GLU MC 517 34.99 -65.54 -35.58
N ILE MC 518 33.79 -65.68 -35.01
CA ILE MC 518 33.04 -66.94 -34.99
C ILE MC 518 31.73 -66.72 -35.73
N VAL MC 519 31.54 -67.47 -36.80
CA VAL MC 519 30.35 -67.38 -37.63
C VAL MC 519 29.58 -68.68 -37.73
N ASP MC 520 30.19 -69.83 -37.45
CA ASP MC 520 29.56 -71.12 -37.65
C ASP MC 520 29.49 -71.89 -36.32
N PRO MC 521 28.48 -72.74 -36.14
CA PRO MC 521 28.47 -73.61 -34.97
C PRO MC 521 29.58 -74.65 -35.01
N LEU MC 522 29.71 -75.36 -33.89
CA LEU MC 522 30.65 -76.46 -33.77
C LEU MC 522 30.37 -77.57 -34.78
N THR MC 523 31.42 -78.35 -35.03
CA THR MC 523 31.35 -79.56 -35.85
C THR MC 523 32.49 -80.50 -35.46
N PRO MC 524 32.21 -81.70 -34.90
CA PRO MC 524 30.97 -82.33 -34.46
C PRO MC 524 30.19 -81.59 -33.38
N ASP MC 525 28.94 -81.99 -33.18
CA ASP MC 525 28.16 -81.49 -32.07
C ASP MC 525 28.70 -81.95 -30.71
N ALA MC 526 28.44 -81.12 -29.72
CA ALA MC 526 28.81 -81.37 -28.34
C ALA MC 526 28.49 -82.80 -27.89
N SER MC 527 27.25 -83.23 -28.09
CA SER MC 527 26.89 -84.58 -27.69
C SER MC 527 27.76 -85.62 -28.38
N GLU MC 528 28.07 -85.41 -29.66
CA GLU MC 528 28.92 -86.37 -30.37
C GLU MC 528 30.28 -86.51 -29.70
N SER MC 529 30.95 -85.39 -29.48
CA SER MC 529 32.23 -85.43 -28.79
C SER MC 529 32.12 -86.04 -27.40
N VAL MC 530 31.09 -85.65 -26.65
CA VAL MC 530 30.85 -86.24 -25.33
C VAL MC 530 30.76 -87.76 -25.42
N ASN MC 531 29.89 -88.26 -26.30
CA ASN MC 531 29.76 -89.70 -26.51
C ASN MC 531 31.10 -90.38 -26.73
N ASN MC 532 31.87 -89.88 -27.69
CA ASN MC 532 33.17 -90.48 -27.97
C ASN MC 532 34.09 -90.46 -26.75
N ILE MC 533 34.20 -89.29 -26.10
CA ILE MC 533 34.99 -89.18 -24.87
C ILE MC 533 34.59 -90.25 -23.85
N LEU MC 534 33.32 -90.26 -23.48
CA LEU MC 534 32.82 -91.21 -22.50
C LEU MC 534 33.15 -92.64 -22.87
N LYS MC 535 32.84 -93.04 -24.10
CA LYS MC 535 33.08 -94.41 -24.51
C LYS MC 535 34.56 -94.77 -24.46
N GLN MC 536 35.42 -93.95 -25.05
CA GLN MC 536 36.85 -94.23 -24.98
C GLN MC 536 37.34 -94.30 -23.53
N SER MC 537 36.86 -93.41 -22.67
CA SER MC 537 37.22 -93.42 -21.26
C SER MC 537 36.59 -94.57 -20.47
N GLY MC 538 35.61 -95.28 -21.03
CA GLY MC 538 34.85 -96.25 -20.28
C GLY MC 538 33.99 -95.67 -19.18
N ALA MC 539 33.92 -94.34 -19.08
CA ALA MC 539 32.99 -93.73 -18.13
C ALA MC 539 31.56 -94.04 -18.52
N TRP MC 540 31.31 -94.25 -19.80
CA TRP MC 540 29.99 -94.57 -20.32
C TRP MC 540 29.26 -95.61 -19.48
N SER MC 541 28.02 -95.26 -19.12
CA SER MC 541 27.12 -96.12 -18.38
C SER MC 541 25.68 -95.91 -18.84
N GLY MC 542 25.46 -95.23 -19.96
CA GLY MC 542 24.14 -94.94 -20.48
C GLY MC 542 23.33 -96.17 -20.83
N ASP MC 543 23.99 -97.33 -20.95
CA ASP MC 543 23.31 -98.59 -21.17
C ASP MC 543 22.69 -99.18 -19.91
N ASP MC 544 22.85 -98.53 -18.76
CA ASP MC 544 22.31 -99.09 -17.52
C ASP MC 544 20.84 -99.44 -17.65
N LYS MC 545 20.53 -100.69 -17.31
CA LYS MC 545 19.20 -101.23 -17.45
C LYS MC 545 18.16 -100.43 -16.68
N LEU MC 546 18.58 -99.69 -15.66
CA LEU MC 546 17.66 -98.94 -14.81
C LEU MC 546 17.63 -97.44 -15.11
N GLN MC 547 18.79 -96.79 -15.12
CA GLN MC 547 18.84 -95.36 -15.43
C GLN MC 547 18.27 -95.05 -16.81
N LYS MC 548 18.31 -96.00 -17.73
CA LYS MC 548 17.71 -95.83 -19.05
C LYS MC 548 16.35 -95.14 -18.97
N TRP MC 549 15.52 -95.56 -18.01
CA TRP MC 549 14.15 -95.10 -17.91
C TRP MC 549 14.05 -93.61 -17.66
N VAL MC 550 15.16 -92.97 -17.28
CA VAL MC 550 15.23 -91.54 -17.07
C VAL MC 550 16.08 -90.87 -18.13
N ARG MC 551 17.31 -91.35 -18.29
CA ARG MC 551 18.21 -90.81 -19.29
C ARG MC 551 17.51 -90.65 -20.64
N VAL MC 552 16.63 -91.59 -21.00
CA VAL MC 552 15.84 -91.47 -22.22
C VAL MC 552 15.26 -90.07 -22.38
N TYR MC 553 14.55 -89.56 -21.36
CA TYR MC 553 13.96 -88.23 -21.46
C TYR MC 553 15.01 -87.17 -21.76
N LEU MC 554 16.14 -87.22 -21.06
CA LEU MC 554 17.15 -86.19 -21.27
C LEU MC 554 17.74 -86.25 -22.67
N ASP MC 555 18.08 -87.45 -23.15
CA ASP MC 555 18.66 -87.53 -24.49
C ASP MC 555 17.60 -87.42 -25.57
N ARG MC 556 16.49 -88.14 -25.41
CA ARG MC 556 15.43 -88.06 -26.41
C ARG MC 556 14.76 -86.70 -26.36
N GLY MC 557 14.31 -86.28 -25.18
CA GLY MC 557 13.52 -85.07 -25.02
C GLY MC 557 12.19 -85.10 -25.75
N PRO NC 29 -83.52 -6.28 -50.78
CA PRO NC 29 -82.95 -7.04 -49.67
C PRO NC 29 -83.35 -8.52 -49.73
N VAL NC 30 -82.60 -9.37 -49.03
CA VAL NC 30 -82.70 -10.81 -49.20
C VAL NC 30 -82.71 -11.48 -47.84
N THR NC 31 -83.24 -12.70 -47.81
CA THR NC 31 -83.23 -13.51 -46.61
C THR NC 31 -81.79 -13.82 -46.18
N GLY NC 32 -81.65 -14.20 -44.92
CA GLY NC 32 -80.35 -14.45 -44.33
C GLY NC 32 -79.50 -13.23 -44.08
N SER NC 33 -78.39 -13.47 -43.40
CA SER NC 33 -77.44 -12.42 -43.02
C SER NC 33 -76.65 -11.90 -44.21
N GLY NC 34 -76.20 -10.66 -44.07
CA GLY NC 34 -75.39 -9.99 -45.07
C GLY NC 34 -75.15 -8.58 -44.62
N PHE NC 35 -74.32 -7.88 -45.37
CA PHE NC 35 -73.99 -6.50 -45.05
C PHE NC 35 -74.07 -5.64 -46.29
N VAL NC 36 -74.58 -4.43 -46.14
CA VAL NC 36 -74.61 -3.46 -47.23
C VAL NC 36 -73.62 -2.37 -46.87
N ALA NC 37 -72.52 -2.32 -47.59
CA ALA NC 37 -71.42 -1.41 -47.30
C ALA NC 37 -71.41 -0.26 -48.28
N LYS NC 38 -71.17 0.94 -47.77
CA LYS NC 38 -71.24 2.15 -48.58
C LYS NC 38 -70.05 3.03 -48.18
N ASP NC 39 -68.91 2.77 -48.82
CA ASP NC 39 -67.69 3.52 -48.57
C ASP NC 39 -67.18 3.30 -47.14
N ASP NC 40 -67.14 2.04 -46.72
CA ASP NC 40 -66.87 1.69 -45.34
C ASP NC 40 -65.42 1.27 -45.18
N SER NC 41 -64.79 1.71 -44.11
CA SER NC 41 -63.48 1.20 -43.75
C SER NC 41 -63.51 -0.30 -43.53
N LEU NC 42 -62.44 -0.95 -43.97
CA LEU NC 42 -62.31 -2.37 -43.75
C LEU NC 42 -62.53 -2.75 -42.30
N ARG NC 43 -62.18 -1.87 -41.37
CA ARG NC 43 -62.39 -2.19 -39.96
C ARG NC 43 -63.86 -2.45 -39.67
N THR NC 44 -64.74 -1.56 -40.12
CA THR NC 44 -66.16 -1.75 -39.90
C THR NC 44 -66.68 -2.95 -40.65
N PHE NC 45 -66.13 -3.21 -41.84
CA PHE NC 45 -66.60 -4.35 -42.62
C PHE NC 45 -66.30 -5.69 -41.93
N PHE NC 46 -65.05 -5.93 -41.61
CA PHE NC 46 -64.73 -7.18 -40.91
C PHE NC 46 -65.37 -7.24 -39.53
N ASP NC 47 -65.50 -6.13 -38.82
CA ASP NC 47 -66.25 -6.22 -37.56
C ASP NC 47 -67.67 -6.71 -37.81
N ALA NC 48 -68.32 -6.24 -38.86
CA ALA NC 48 -69.64 -6.75 -39.21
C ALA NC 48 -69.61 -8.25 -39.50
N MET NC 49 -68.49 -8.75 -39.96
CA MET NC 49 -68.35 -10.18 -40.30
C MET NC 49 -68.02 -11.06 -39.09
N ALA NC 50 -67.51 -10.45 -38.02
CA ALA NC 50 -67.11 -11.20 -36.84
C ALA NC 50 -68.21 -12.09 -36.27
N LEU NC 51 -69.46 -11.64 -36.23
CA LEU NC 51 -70.53 -12.50 -35.72
C LEU NC 51 -70.61 -13.86 -36.41
N GLN NC 52 -70.47 -13.88 -37.72
CA GLN NC 52 -70.48 -15.15 -38.44
C GLN NC 52 -69.19 -15.92 -38.25
N LEU NC 53 -68.05 -15.23 -38.24
CA LEU NC 53 -66.80 -15.92 -37.93
C LEU NC 53 -66.82 -16.52 -36.53
N LYS NC 54 -67.63 -15.98 -35.63
CA LYS NC 54 -67.67 -16.37 -34.22
C LYS NC 54 -66.36 -16.11 -33.48
N GLU NC 55 -65.58 -15.14 -33.94
CA GLU NC 55 -64.28 -14.83 -33.38
C GLU NC 55 -64.08 -13.33 -33.46
N PRO NC 56 -63.46 -12.70 -32.47
CA PRO NC 56 -63.14 -11.28 -32.58
C PRO NC 56 -62.05 -11.04 -33.62
N VAL NC 57 -62.20 -9.95 -34.36
CA VAL NC 57 -61.31 -9.59 -35.46
C VAL NC 57 -60.55 -8.32 -35.12
N ILE NC 58 -59.24 -8.32 -35.35
CA ILE NC 58 -58.37 -7.17 -35.14
C ILE NC 58 -57.76 -6.76 -36.48
N VAL NC 59 -57.96 -5.50 -36.87
CA VAL NC 59 -57.49 -4.99 -38.15
C VAL NC 59 -56.38 -3.95 -37.94
N SER NC 60 -55.24 -4.20 -38.57
CA SER NC 60 -54.12 -3.27 -38.60
C SER NC 60 -54.50 -1.88 -39.10
N LYS NC 61 -53.85 -0.87 -38.51
CA LYS NC 61 -54.09 0.52 -38.89
C LYS NC 61 -53.69 0.83 -40.32
N MET NC 62 -52.74 0.09 -40.89
CA MET NC 62 -52.43 0.28 -42.31
C MET NC 62 -53.51 -0.28 -43.22
N ALA NC 63 -54.10 -1.40 -42.84
CA ALA NC 63 -55.22 -1.96 -43.60
C ALA NC 63 -56.47 -1.11 -43.47
N ALA NC 64 -56.69 -0.48 -42.32
CA ALA NC 64 -57.90 0.30 -42.11
C ALA NC 64 -58.07 1.48 -43.08
N ARG NC 65 -57.08 1.80 -43.90
CA ARG NC 65 -57.25 2.84 -44.91
C ARG NC 65 -58.05 2.41 -46.15
N LYS NC 66 -58.13 1.12 -46.44
CA LYS NC 66 -58.83 0.66 -47.63
C LYS NC 66 -60.35 0.77 -47.47
N LYS NC 67 -61.04 1.01 -48.58
CA LYS NC 67 -62.47 1.29 -48.61
C LYS NC 67 -63.18 0.28 -49.51
N ILE NC 68 -64.43 -0.05 -49.20
CA ILE NC 68 -65.19 -1.03 -49.98
C ILE NC 68 -66.66 -0.63 -50.09
N THR NC 69 -67.32 -1.06 -51.17
CA THR NC 69 -68.76 -0.91 -51.36
C THR NC 69 -69.38 -2.14 -52.00
N GLY NC 70 -70.59 -2.50 -51.58
CA GLY NC 70 -71.33 -3.56 -52.24
C GLY NC 70 -72.19 -4.33 -51.25
N ASN NC 71 -72.93 -5.32 -51.80
CA ASN NC 71 -73.74 -6.26 -51.02
C ASN NC 71 -73.04 -7.60 -50.89
N PHE NC 72 -72.85 -8.05 -49.66
CA PHE NC 72 -72.16 -9.30 -49.38
C PHE NC 72 -73.03 -10.18 -48.49
N GLU NC 73 -73.07 -11.47 -48.81
CA GLU NC 73 -73.82 -12.46 -48.04
C GLU NC 73 -72.85 -13.41 -47.37
N PHE NC 74 -73.00 -13.55 -46.06
CA PHE NC 74 -72.12 -14.39 -45.25
C PHE NC 74 -72.56 -15.86 -45.22
N HIS NC 75 -72.54 -16.47 -46.40
CA HIS NC 75 -72.80 -17.90 -46.52
C HIS NC 75 -71.65 -18.68 -45.90
N ASP NC 76 -70.44 -18.49 -46.43
CA ASP NC 76 -69.23 -19.11 -45.91
C ASP NC 76 -68.19 -18.03 -45.72
N PRO NC 77 -68.17 -17.42 -44.54
CA PRO NC 77 -67.18 -16.39 -44.24
C PRO NC 77 -65.75 -16.78 -44.52
N ASN NC 78 -65.37 -18.05 -44.38
CA ASN NC 78 -63.97 -18.39 -44.60
C ASN NC 78 -63.59 -18.28 -46.07
N ALA NC 79 -64.42 -18.79 -46.96
CA ALA NC 79 -64.11 -18.65 -48.38
C ALA NC 79 -64.17 -17.20 -48.80
N LEU NC 80 -65.17 -16.48 -48.30
CA LEU NC 80 -65.25 -15.06 -48.59
C LEU NC 80 -63.96 -14.36 -48.17
N LEU NC 81 -63.54 -14.59 -46.93
CA LEU NC 81 -62.32 -14.03 -46.39
C LEU NC 81 -61.11 -14.33 -47.28
N GLU NC 82 -60.97 -15.55 -47.77
CA GLU NC 82 -59.77 -15.83 -48.57
C GLU NC 82 -59.82 -15.18 -49.94
N LYS NC 83 -60.99 -15.19 -50.58
CA LYS NC 83 -61.12 -14.46 -51.84
C LYS NC 83 -60.74 -12.99 -51.69
N LEU NC 84 -61.33 -12.32 -50.70
CA LEU NC 84 -61.02 -10.92 -50.45
C LEU NC 84 -59.56 -10.70 -50.10
N SER NC 85 -58.96 -11.58 -49.29
CA SER NC 85 -57.55 -11.43 -48.98
C SER NC 85 -56.72 -11.38 -50.25
N LEU NC 86 -56.96 -12.28 -51.19
CA LEU NC 86 -56.17 -12.25 -52.41
C LEU NC 86 -56.49 -11.06 -53.31
N GLN NC 87 -57.76 -10.66 -53.41
CA GLN NC 87 -58.11 -9.53 -54.25
C GLN NC 87 -57.58 -8.20 -53.71
N LEU NC 88 -57.68 -7.95 -52.41
CA LEU NC 88 -57.25 -6.68 -51.85
C LEU NC 88 -55.79 -6.65 -51.47
N GLY NC 89 -55.16 -7.81 -51.29
CA GLY NC 89 -53.79 -7.90 -50.83
C GLY NC 89 -53.57 -7.91 -49.34
N LEU NC 90 -54.50 -8.47 -48.59
CA LEU NC 90 -54.42 -8.61 -47.15
C LEU NC 90 -53.81 -9.96 -46.82
N ILE NC 91 -53.20 -10.06 -45.65
CA ILE NC 91 -52.74 -11.34 -45.12
C ILE NC 91 -53.36 -11.48 -43.75
N TRP NC 92 -53.70 -12.71 -43.39
CA TRP NC 92 -54.37 -12.95 -42.12
C TRP NC 92 -53.94 -14.23 -41.43
N TYR NC 93 -54.15 -14.24 -40.11
CA TYR NC 93 -53.74 -15.33 -39.25
C TYR NC 93 -54.81 -15.57 -38.21
N PHE NC 94 -54.80 -16.79 -37.65
CA PHE NC 94 -55.78 -17.20 -36.64
C PHE NC 94 -55.13 -18.11 -35.61
N ASP NC 95 -55.00 -17.61 -34.39
CA ASP NC 95 -54.29 -18.27 -33.30
C ASP NC 95 -55.20 -19.14 -32.44
N GLY NC 96 -56.49 -19.19 -32.73
CA GLY NC 96 -57.47 -19.87 -31.93
C GLY NC 96 -58.28 -18.98 -31.02
N GLN NC 97 -57.87 -17.73 -30.82
CA GLN NC 97 -58.59 -16.82 -29.96
C GLN NC 97 -59.10 -15.60 -30.71
N ALA NC 98 -58.40 -15.16 -31.76
CA ALA NC 98 -58.86 -14.04 -32.56
C ALA NC 98 -58.27 -14.14 -33.96
N ILE NC 99 -58.91 -13.47 -34.90
CA ILE NC 99 -58.43 -13.32 -36.27
C ILE NC 99 -57.72 -12.00 -36.46
N TYR NC 100 -56.48 -12.04 -36.96
CA TYR NC 100 -55.71 -10.82 -37.18
C TYR NC 100 -55.50 -10.61 -38.67
N ILE NC 101 -55.77 -9.38 -39.11
CA ILE NC 101 -55.68 -8.95 -40.50
C ILE NC 101 -54.63 -7.87 -40.64
N TYR NC 102 -53.74 -8.02 -41.63
CA TYR NC 102 -52.68 -7.06 -41.87
C TYR NC 102 -52.54 -6.78 -43.35
N ASP NC 103 -51.72 -5.80 -43.66
CA ASP NC 103 -51.34 -5.48 -45.02
C ASP NC 103 -50.17 -6.36 -45.47
N ALA NC 104 -50.22 -6.78 -46.73
CA ALA NC 104 -49.16 -7.58 -47.32
C ALA NC 104 -47.76 -7.02 -47.09
N SER NC 105 -47.60 -5.70 -47.10
CA SER NC 105 -46.29 -5.11 -46.86
C SER NC 105 -45.69 -5.44 -45.49
N GLU NC 106 -46.48 -5.84 -44.52
CA GLU NC 106 -45.99 -6.16 -43.18
C GLU NC 106 -45.36 -7.55 -43.01
N MET NC 107 -45.35 -8.40 -44.03
CA MET NC 107 -44.69 -9.71 -43.92
C MET NC 107 -43.30 -9.61 -43.29
N ARG NC 108 -43.08 -10.32 -42.19
CA ARG NC 108 -41.74 -10.43 -41.63
C ARG NC 108 -41.12 -11.78 -41.98
N ASN NC 109 -39.82 -11.89 -41.72
CA ASN NC 109 -39.09 -13.13 -41.94
C ASN NC 109 -37.81 -13.16 -41.10
N ALA NC 110 -37.41 -14.35 -40.67
CA ALA NC 110 -36.23 -14.48 -39.83
C ALA NC 110 -35.61 -15.86 -39.97
N VAL NC 111 -34.32 -15.93 -39.64
CA VAL NC 111 -33.53 -17.16 -39.56
C VAL NC 111 -33.24 -17.49 -38.10
N VAL NC 112 -33.57 -18.71 -37.69
CA VAL NC 112 -33.39 -19.18 -36.31
C VAL NC 112 -32.47 -20.39 -36.29
N SER NC 113 -31.66 -20.49 -35.22
CA SER NC 113 -30.77 -21.62 -35.02
C SER NC 113 -30.84 -22.14 -33.59
N LEU NC 114 -30.92 -23.47 -33.47
CA LEU NC 114 -31.10 -24.17 -32.21
C LEU NC 114 -29.89 -25.05 -31.91
N ARG NC 115 -29.33 -24.88 -30.71
CA ARG NC 115 -28.18 -25.69 -30.30
C ARG NC 115 -28.58 -27.13 -29.99
N ASN NC 116 -29.59 -27.32 -29.16
CA ASN NC 116 -29.94 -28.63 -28.62
C ASN NC 116 -31.14 -29.32 -29.24
N VAL NC 117 -31.90 -28.68 -30.11
CA VAL NC 117 -33.19 -29.21 -30.55
C VAL NC 117 -33.25 -29.21 -32.07
N SER NC 118 -33.66 -30.36 -32.62
CA SER NC 118 -33.89 -30.52 -34.05
C SER NC 118 -35.25 -29.99 -34.48
N LEU NC 119 -35.31 -29.57 -35.75
CA LEU NC 119 -36.53 -28.99 -36.31
C LEU NC 119 -37.72 -29.92 -36.17
N ASN NC 120 -37.53 -31.21 -36.38
CA ASN NC 120 -38.67 -32.10 -36.27
C ASN NC 120 -39.16 -32.19 -34.83
N GLU NC 121 -38.30 -31.88 -33.86
CA GLU NC 121 -38.71 -31.82 -32.47
C GLU NC 121 -39.63 -30.65 -32.23
N PHE NC 122 -39.44 -29.56 -32.94
CA PHE NC 122 -40.22 -28.36 -32.72
C PHE NC 122 -41.55 -28.42 -33.46
N ASN NC 123 -41.56 -28.97 -34.67
CA ASN NC 123 -42.83 -29.15 -35.36
C ASN NC 123 -43.85 -29.89 -34.49
N ASN NC 124 -43.44 -31.00 -33.88
CA ASN NC 124 -44.35 -31.74 -33.00
C ASN NC 124 -44.91 -30.88 -31.88
N PHE NC 125 -44.07 -30.05 -31.25
CA PHE NC 125 -44.57 -29.15 -30.23
C PHE NC 125 -45.66 -28.24 -30.78
N LEU NC 126 -45.39 -27.57 -31.91
CA LEU NC 126 -46.42 -26.73 -32.50
C LEU NC 126 -47.71 -27.49 -32.76
N LYS NC 127 -47.60 -28.70 -33.29
CA LYS NC 127 -48.78 -29.52 -33.54
C LYS NC 127 -49.57 -29.78 -32.26
N ARG NC 128 -48.91 -30.29 -31.23
CA ARG NC 128 -49.60 -30.51 -29.96
C ARG NC 128 -50.26 -29.23 -29.45
N SER NC 129 -49.55 -28.11 -29.54
CA SER NC 129 -50.10 -26.81 -29.16
C SER NC 129 -51.31 -26.42 -29.99
N GLY NC 130 -51.42 -26.91 -31.22
CA GLY NC 130 -52.43 -26.38 -32.11
C GLY NC 130 -52.09 -25.02 -32.68
N LEU NC 131 -50.80 -24.73 -32.81
CA LEU NC 131 -50.27 -23.47 -33.29
C LEU NC 131 -49.78 -23.59 -34.72
N TYR NC 132 -49.49 -24.80 -35.16
CA TYR NC 132 -49.07 -25.06 -36.52
C TYR NC 132 -50.02 -24.44 -37.52
N ASN NC 133 -49.46 -23.92 -38.60
CA ASN NC 133 -50.19 -23.27 -39.67
C ASN NC 133 -49.56 -23.66 -41.00
N LYS NC 134 -50.24 -24.51 -41.74
CA LYS NC 134 -49.73 -25.00 -43.01
C LYS NC 134 -49.61 -23.95 -44.10
N ASN NC 135 -50.12 -22.73 -43.93
CA ASN NC 135 -49.86 -21.73 -44.96
C ASN NC 135 -48.51 -21.05 -44.81
N TYR NC 136 -47.91 -21.09 -43.63
CA TYR NC 136 -46.63 -20.45 -43.35
C TYR NC 136 -45.68 -21.39 -42.64
N PRO NC 137 -45.50 -22.61 -43.13
CA PRO NC 137 -44.70 -23.58 -42.39
C PRO NC 137 -43.22 -23.24 -42.34
N LEU NC 138 -42.56 -23.83 -41.36
CA LEU NC 138 -41.11 -23.75 -41.23
C LEU NC 138 -40.45 -24.46 -42.40
N ARG NC 139 -39.40 -23.83 -42.93
CA ARG NC 139 -38.67 -24.36 -44.07
C ARG NC 139 -37.23 -24.61 -43.67
N GLY NC 140 -36.79 -25.86 -43.78
CA GLY NC 140 -35.43 -26.21 -43.41
C GLY NC 140 -35.23 -27.70 -43.52
N ASP NC 141 -34.15 -28.18 -42.90
CA ASP NC 141 -33.79 -29.59 -42.90
C ASP NC 141 -34.21 -30.23 -41.58
N ASN NC 142 -35.07 -31.25 -41.66
CA ASN NC 142 -35.58 -31.89 -40.44
C ASN NC 142 -34.51 -32.45 -39.53
N ARG NC 143 -33.33 -32.76 -40.06
CA ARG NC 143 -32.28 -33.29 -39.20
C ARG NC 143 -31.48 -32.20 -38.50
N LYS NC 144 -31.32 -31.05 -39.14
CA LYS NC 144 -30.54 -29.98 -38.55
C LYS NC 144 -31.39 -29.15 -37.59
N GLY NC 145 -30.80 -28.09 -37.09
CA GLY NC 145 -31.49 -27.16 -36.21
C GLY NC 145 -31.51 -25.73 -36.70
N THR NC 146 -31.42 -25.52 -38.00
CA THR NC 146 -31.40 -24.18 -38.57
C THR NC 146 -32.53 -24.06 -39.57
N PHE NC 147 -33.38 -23.05 -39.39
CA PHE NC 147 -34.56 -22.91 -40.23
C PHE NC 147 -34.89 -21.45 -40.50
N TYR NC 148 -35.63 -21.24 -41.59
CA TYR NC 148 -36.18 -19.98 -42.03
C TYR NC 148 -37.69 -19.92 -41.88
N VAL NC 149 -38.22 -18.83 -41.32
CA VAL NC 149 -39.66 -18.64 -41.12
C VAL NC 149 -40.08 -17.25 -41.56
N SER NC 150 -41.23 -17.17 -42.24
CA SER NC 150 -41.77 -15.91 -42.73
C SER NC 150 -43.30 -15.89 -42.62
N GLY NC 151 -43.86 -14.73 -42.29
CA GLY NC 151 -45.29 -14.59 -42.14
C GLY NC 151 -45.76 -13.34 -41.42
N PRO NC 152 -47.02 -13.33 -40.98
CA PRO NC 152 -47.51 -12.21 -40.19
C PRO NC 152 -46.69 -11.99 -38.92
N PRO NC 153 -46.63 -10.74 -38.46
CA PRO NC 153 -45.88 -10.39 -37.24
C PRO NC 153 -46.12 -11.18 -35.97
N VAL NC 154 -47.35 -11.48 -35.59
CA VAL NC 154 -47.52 -12.22 -34.34
C VAL NC 154 -47.15 -13.67 -34.49
N TYR NC 155 -47.16 -14.17 -35.72
CA TYR NC 155 -46.76 -15.54 -35.93
C TYR NC 155 -45.24 -15.64 -35.84
N VAL NC 156 -44.56 -14.81 -36.60
CA VAL NC 156 -43.10 -14.78 -36.57
C VAL NC 156 -42.58 -14.55 -35.14
N ASP NC 157 -43.08 -13.54 -34.44
CA ASP NC 157 -42.63 -13.31 -33.07
C ASP NC 157 -42.94 -14.47 -32.12
N MET NC 158 -44.06 -15.14 -32.28
CA MET NC 158 -44.33 -16.28 -31.41
C MET NC 158 -43.37 -17.41 -31.70
N VAL NC 159 -43.19 -17.74 -32.97
CA VAL NC 159 -42.27 -18.80 -33.36
C VAL NC 159 -40.89 -18.55 -32.80
N VAL NC 160 -40.34 -17.37 -33.05
CA VAL NC 160 -38.99 -17.02 -32.60
C VAL NC 160 -38.83 -17.19 -31.10
N ASN NC 161 -39.69 -16.55 -30.31
CA ASN NC 161 -39.52 -16.68 -28.87
C ASN NC 161 -39.73 -18.10 -28.35
N ALA NC 162 -40.75 -18.80 -28.83
CA ALA NC 162 -40.94 -20.17 -28.38
C ALA NC 162 -39.72 -21.04 -28.67
N ALA NC 163 -39.15 -20.92 -29.86
CA ALA NC 163 -38.00 -21.72 -30.22
C ALA NC 163 -36.80 -21.41 -29.34
N THR NC 164 -36.54 -20.12 -29.11
CA THR NC 164 -35.38 -19.78 -28.30
C THR NC 164 -35.52 -20.25 -26.85
N MET NC 165 -36.71 -20.15 -26.28
CA MET NC 165 -36.81 -20.60 -24.89
C MET NC 165 -36.81 -22.12 -24.77
N MET NC 166 -37.47 -22.85 -25.67
CA MET NC 166 -37.30 -24.30 -25.64
C MET NC 166 -35.85 -24.70 -25.78
N ASP NC 167 -35.09 -23.99 -26.60
CA ASP NC 167 -33.66 -24.26 -26.70
C ASP NC 167 -32.95 -24.09 -25.38
N LYS NC 168 -33.20 -22.96 -24.71
CA LYS NC 168 -32.48 -22.71 -23.46
C LYS NC 168 -32.86 -23.68 -22.36
N GLN NC 169 -34.10 -24.17 -22.32
CA GLN NC 169 -34.47 -25.12 -21.28
C GLN NC 169 -33.76 -26.47 -21.35
N ASN NC 170 -32.96 -26.75 -22.37
CA ASN NC 170 -32.26 -28.01 -22.51
C ASN NC 170 -30.77 -27.96 -22.24
N ASP NC 171 -30.17 -26.79 -22.22
CA ASP NC 171 -28.73 -26.67 -22.05
C ASP NC 171 -28.21 -27.42 -20.82
N GLY NC 172 -28.98 -27.45 -19.74
CA GLY NC 172 -28.52 -28.19 -18.57
C GLY NC 172 -28.52 -29.70 -18.70
N ILE NC 173 -29.25 -30.26 -19.67
CA ILE NC 173 -29.28 -31.70 -19.87
C ILE NC 173 -27.93 -32.22 -20.36
N GLU NC 174 -27.44 -33.28 -19.74
CA GLU NC 174 -26.23 -33.98 -20.17
C GLU NC 174 -26.60 -35.27 -20.90
N LEU NC 175 -25.93 -35.48 -22.03
CA LEU NC 175 -26.17 -36.63 -22.89
C LEU NC 175 -25.06 -37.67 -22.90
N GLY NC 176 -23.83 -37.31 -22.54
CA GLY NC 176 -22.77 -38.31 -22.46
C GLY NC 176 -22.98 -39.30 -21.34
N ARG NC 177 -22.31 -40.44 -21.46
CA ARG NC 177 -22.43 -41.48 -20.46
C ARG NC 177 -21.13 -42.29 -20.42
N GLN NC 178 -20.96 -43.04 -19.33
CA GLN NC 178 -19.83 -43.94 -19.15
C GLN NC 178 -20.31 -45.38 -18.99
N LYS NC 179 -19.56 -46.31 -19.58
CA LYS NC 179 -19.84 -47.73 -19.44
C LYS NC 179 -18.58 -48.47 -18.99
N ILE NC 180 -18.82 -49.64 -18.38
CA ILE NC 180 -17.80 -50.50 -17.81
C ILE NC 180 -17.71 -51.83 -18.55
N GLY NC 181 -16.51 -52.13 -19.05
CA GLY NC 181 -16.17 -53.41 -19.65
C GLY NC 181 -15.29 -54.33 -18.81
N VAL NC 182 -15.76 -55.55 -18.58
CA VAL NC 182 -15.03 -56.59 -17.83
C VAL NC 182 -14.40 -57.53 -18.84
N MET NC 183 -13.08 -57.68 -18.80
CA MET NC 183 -12.36 -58.44 -19.82
C MET NC 183 -11.35 -59.38 -19.17
N ARG NC 184 -11.67 -60.68 -19.14
CA ARG NC 184 -10.73 -61.69 -18.67
C ARG NC 184 -9.53 -61.85 -19.59
N LEU NC 185 -8.35 -61.93 -18.98
CA LEU NC 185 -7.13 -62.30 -19.70
C LEU NC 185 -7.00 -63.81 -19.76
N ASN NC 186 -6.97 -64.34 -20.97
CA ASN NC 186 -6.91 -65.78 -21.22
C ASN NC 186 -5.49 -66.33 -21.14
N ASN NC 187 -4.46 -65.51 -21.31
CA ASN NC 187 -3.12 -66.04 -21.51
C ASN NC 187 -2.03 -65.49 -20.59
N THR NC 188 -2.35 -64.61 -19.64
CA THR NC 188 -1.28 -64.08 -18.82
C THR NC 188 -1.84 -63.52 -17.53
N PHE NC 189 -0.94 -63.41 -16.54
CA PHE NC 189 -1.24 -62.79 -15.25
C PHE NC 189 -1.46 -61.29 -15.37
N VAL NC 190 -2.53 -60.81 -14.73
CA VAL NC 190 -2.89 -59.40 -14.77
C VAL NC 190 -1.88 -58.55 -14.00
N GLY NC 191 -1.52 -58.97 -12.79
CA GLY NC 191 -0.63 -58.16 -11.99
C GLY NC 191 0.80 -58.09 -12.49
N ASP NC 192 1.49 -57.07 -11.96
CA ASP NC 192 2.91 -56.88 -12.16
C ASP NC 192 3.67 -58.06 -11.56
N ARG NC 193 4.61 -58.60 -12.33
CA ARG NC 193 5.37 -59.74 -11.86
C ARG NC 193 6.72 -59.33 -11.30
N THR NC 194 7.17 -60.06 -10.28
CA THR NC 194 8.47 -59.80 -9.68
C THR NC 194 9.13 -61.13 -9.35
N TYR NC 195 10.41 -61.23 -9.68
CA TYR NC 195 11.20 -62.44 -9.48
C TYR NC 195 12.36 -62.14 -8.55
N ASN NC 196 12.52 -63.00 -7.54
CA ASN NC 196 13.58 -62.95 -6.56
C ASN NC 196 14.59 -64.06 -6.85
N LEU NC 197 15.84 -63.68 -7.02
CA LEU NC 197 16.92 -64.57 -7.39
C LEU NC 197 18.07 -64.35 -6.44
N ARG NC 198 18.92 -65.37 -6.35
CA ARG NC 198 20.09 -65.40 -5.49
C ARG NC 198 20.83 -64.07 -5.44
N ASP NC 199 20.92 -63.37 -6.56
CA ASP NC 199 21.68 -62.13 -6.58
C ASP NC 199 20.95 -61.02 -7.32
N GLN NC 200 19.65 -61.15 -7.52
CA GLN NC 200 18.99 -60.20 -8.39
C GLN NC 200 17.51 -60.11 -8.05
N LYS NC 201 16.94 -58.95 -8.32
CA LYS NC 201 15.51 -58.71 -8.20
C LYS NC 201 15.06 -58.14 -9.54
N MET NC 202 13.97 -58.64 -10.07
CA MET NC 202 13.47 -58.18 -11.36
C MET NC 202 11.98 -57.89 -11.30
N VAL NC 203 11.57 -56.76 -11.87
CA VAL NC 203 10.18 -56.31 -11.87
C VAL NC 203 9.74 -56.10 -13.31
N ILE NC 204 8.56 -56.63 -13.63
CA ILE NC 204 7.97 -56.50 -14.96
C ILE NC 204 6.58 -55.91 -14.83
N PRO NC 205 6.28 -54.78 -15.49
CA PRO NC 205 4.94 -54.20 -15.40
C PRO NC 205 3.89 -54.97 -16.19
N GLY NC 206 2.68 -54.99 -15.64
CA GLY NC 206 1.52 -55.55 -16.32
C GLY NC 206 0.93 -54.66 -17.40
N ILE NC 207 -0.08 -55.23 -18.06
CA ILE NC 207 -0.79 -54.55 -19.14
C ILE NC 207 -1.43 -53.26 -18.65
N ALA NC 208 -2.17 -53.33 -17.55
CA ALA NC 208 -2.79 -52.14 -16.98
C ALA NC 208 -1.76 -51.04 -16.72
N THR NC 209 -0.65 -51.40 -16.10
CA THR NC 209 0.40 -50.43 -15.83
C THR NC 209 0.92 -49.80 -17.11
N ALA NC 210 1.22 -50.61 -18.12
CA ALA NC 210 1.76 -50.07 -19.36
C ALA NC 210 0.77 -49.20 -20.11
N ILE NC 211 -0.48 -49.64 -20.20
CA ILE NC 211 -1.46 -48.85 -20.94
C ILE NC 211 -1.73 -47.54 -20.22
N GLU NC 212 -1.90 -47.59 -18.90
CA GLU NC 212 -2.14 -46.36 -18.16
C GLU NC 212 -0.98 -45.39 -18.34
N ARG NC 213 0.24 -45.89 -18.17
CA ARG NC 213 1.42 -45.07 -18.37
C ARG NC 213 1.50 -44.50 -19.78
N LEU NC 214 0.88 -45.16 -20.76
CA LEU NC 214 0.85 -44.60 -22.10
C LEU NC 214 -0.21 -43.50 -22.27
N LEU NC 215 -1.42 -43.76 -21.80
CA LEU NC 215 -2.52 -42.82 -22.05
C LEU NC 215 -2.53 -41.62 -21.12
N GLN NC 216 -1.84 -41.69 -19.99
CA GLN NC 216 -1.89 -40.64 -18.97
C GLN NC 216 -1.72 -39.25 -19.54
N GLY NC 217 -2.76 -38.43 -19.37
CA GLY NC 217 -2.75 -37.03 -19.77
C GLY NC 217 -3.23 -36.74 -21.17
N GLU NC 218 -3.56 -37.76 -21.94
CA GLU NC 218 -3.99 -37.56 -23.33
C GLU NC 218 -5.25 -36.73 -23.47
N GLU NC 219 -5.21 -35.78 -24.39
CA GLU NC 219 -6.32 -34.90 -24.75
C GLU NC 219 -7.14 -35.41 -25.92
N GLN NC 220 -6.49 -35.91 -26.97
CA GLN NC 220 -7.22 -36.30 -28.16
C GLN NC 220 -7.94 -37.63 -28.00
N PRO NC 221 -9.04 -37.83 -28.73
CA PRO NC 221 -9.62 -39.16 -28.87
C PRO NC 221 -8.67 -40.15 -29.53
N LEU NC 222 -8.91 -41.43 -29.30
CA LEU NC 222 -8.19 -42.51 -29.96
C LEU NC 222 -8.88 -42.94 -31.24
N GLY NC 223 -8.13 -43.67 -32.07
CA GLY NC 223 -8.68 -44.33 -33.23
C GLY NC 223 -7.72 -45.37 -33.77
N ASN NC 224 -8.24 -46.17 -34.70
CA ASN NC 224 -7.45 -46.95 -35.64
C ASN NC 224 -6.20 -47.56 -35.00
N ILE NC 225 -6.42 -48.44 -34.03
CA ILE NC 225 -5.31 -49.17 -33.41
C ILE NC 225 -4.75 -50.17 -34.42
N VAL NC 226 -3.43 -50.13 -34.60
CA VAL NC 226 -2.75 -50.97 -35.58
C VAL NC 226 -1.60 -51.72 -34.91
N SER NC 227 -1.30 -52.90 -35.43
CA SER NC 227 -0.12 -53.65 -35.01
C SER NC 227 1.15 -52.97 -35.54
N GLU NC 256 -24.45 -33.32 -31.94
CA GLU NC 256 -24.80 -34.63 -31.43
C GLU NC 256 -23.56 -35.51 -31.32
N ALA NC 257 -22.75 -35.51 -32.38
CA ALA NC 257 -21.52 -36.29 -32.38
C ALA NC 257 -20.55 -35.86 -31.29
N LEU NC 258 -20.78 -34.69 -30.69
CA LEU NC 258 -19.96 -34.24 -29.57
C LEU NC 258 -19.79 -35.33 -28.52
N LYS NC 259 -20.83 -36.13 -28.31
CA LYS NC 259 -20.75 -37.22 -27.35
C LYS NC 259 -19.63 -38.18 -27.71
N GLN NC 260 -19.38 -38.35 -29.01
CA GLN NC 260 -18.37 -39.30 -29.48
C GLN NC 260 -16.97 -38.87 -29.08
N ASN NC 261 -16.70 -37.56 -29.09
CA ASN NC 261 -15.34 -37.04 -28.92
C ASN NC 261 -14.89 -36.97 -27.45
N ALA NC 262 -15.02 -38.08 -26.73
CA ALA NC 262 -14.49 -38.15 -25.37
C ALA NC 262 -12.96 -38.21 -25.39
N ALA NC 263 -12.36 -37.49 -24.45
CA ALA NC 263 -10.90 -37.49 -24.30
C ALA NC 263 -10.38 -38.83 -23.81
N ALA NC 264 -9.31 -39.30 -24.46
CA ALA NC 264 -8.65 -40.53 -24.08
C ALA NC 264 -8.24 -40.57 -22.60
N GLY NC 265 -7.77 -39.45 -22.05
CA GLY NC 265 -7.42 -39.43 -20.64
C GLY NC 265 -8.51 -39.83 -19.68
N ASN NC 266 -9.78 -39.82 -20.09
CA ASN NC 266 -10.83 -40.31 -19.22
C ASN NC 266 -10.83 -41.82 -19.05
N ILE NC 267 -10.27 -42.57 -20.00
CA ILE NC 267 -10.22 -44.02 -19.89
C ILE NC 267 -9.51 -44.42 -18.61
N LYS NC 268 -10.11 -45.31 -17.84
CA LYS NC 268 -9.46 -45.86 -16.66
C LYS NC 268 -9.45 -47.37 -16.71
N ILE NC 269 -8.34 -47.95 -16.24
CA ILE NC 269 -8.13 -49.40 -16.19
C ILE NC 269 -7.69 -49.81 -14.79
N VAL NC 270 -8.34 -50.84 -14.24
CA VAL NC 270 -8.03 -51.38 -12.93
C VAL NC 270 -7.87 -52.89 -13.05
N ALA NC 271 -6.74 -53.41 -12.59
CA ALA NC 271 -6.52 -54.86 -12.56
C ALA NC 271 -7.22 -55.51 -11.38
N TYR NC 272 -7.82 -56.68 -11.62
CA TYR NC 272 -8.55 -57.45 -10.60
C TYR NC 272 -8.01 -58.87 -10.60
N PRO NC 273 -6.89 -59.10 -9.93
CA PRO NC 273 -6.29 -60.45 -9.86
C PRO NC 273 -7.19 -61.56 -9.36
N ASP NC 274 -8.17 -61.26 -8.50
CA ASP NC 274 -9.00 -62.31 -7.94
C ASP NC 274 -9.58 -63.22 -9.00
N THR NC 275 -9.87 -62.68 -10.18
CA THR NC 275 -10.35 -63.47 -11.31
C THR NC 275 -9.41 -63.36 -12.49
N ASN NC 276 -8.29 -62.65 -12.34
CA ASN NC 276 -7.35 -62.41 -13.42
C ASN NC 276 -8.02 -61.67 -14.58
N SER NC 277 -8.67 -60.55 -14.26
CA SER NC 277 -9.45 -59.82 -15.26
C SER NC 277 -9.17 -58.32 -15.15
N LEU NC 278 -9.48 -57.60 -16.23
CA LEU NC 278 -9.35 -56.15 -16.29
C LEU NC 278 -10.69 -55.46 -16.28
N LEU NC 279 -10.79 -54.39 -15.50
CA LEU NC 279 -11.95 -53.51 -15.46
C LEU NC 279 -11.64 -52.23 -16.21
N VAL NC 280 -12.46 -51.87 -17.19
CA VAL NC 280 -12.21 -50.70 -18.03
C VAL NC 280 -13.44 -49.79 -17.96
N LYS NC 281 -13.21 -48.51 -17.71
CA LYS NC 281 -14.25 -47.49 -17.65
C LYS NC 281 -14.05 -46.42 -18.71
N GLY NC 282 -15.09 -46.16 -19.49
CA GLY NC 282 -15.02 -45.11 -20.49
C GLY NC 282 -16.18 -45.15 -21.46
N THR NC 283 -15.97 -44.59 -22.65
CA THR NC 283 -16.93 -44.65 -23.73
C THR NC 283 -16.81 -45.97 -24.52
N ALA NC 284 -17.92 -46.33 -25.17
CA ALA NC 284 -17.99 -47.59 -25.90
C ALA NC 284 -16.89 -47.76 -26.95
N GLU NC 285 -16.58 -46.72 -27.73
CA GLU NC 285 -15.49 -46.88 -28.68
C GLU NC 285 -14.17 -47.09 -27.99
N GLN NC 286 -13.93 -46.37 -26.91
CA GLN NC 286 -12.71 -46.57 -26.13
C GLN NC 286 -12.62 -48.01 -25.63
N VAL NC 287 -13.66 -48.48 -24.95
CA VAL NC 287 -13.70 -49.87 -24.50
C VAL NC 287 -13.37 -50.83 -25.66
N HIS NC 288 -13.98 -50.60 -26.82
CA HIS NC 288 -13.70 -51.42 -27.99
C HIS NC 288 -12.22 -51.43 -28.37
N PHE NC 289 -11.66 -50.25 -28.59
CA PHE NC 289 -10.23 -50.13 -28.89
C PHE NC 289 -9.34 -50.81 -27.87
N ILE NC 290 -9.59 -50.56 -26.59
CA ILE NC 290 -8.84 -51.22 -25.52
C ILE NC 290 -8.91 -52.72 -25.65
N GLU NC 291 -10.10 -53.27 -25.83
CA GLU NC 291 -10.25 -54.70 -26.02
C GLU NC 291 -9.40 -55.22 -27.17
N MET NC 292 -9.47 -54.57 -28.32
CA MET NC 292 -8.63 -54.96 -29.45
C MET NC 292 -7.15 -54.96 -29.07
N LEU NC 293 -6.70 -53.91 -28.39
CA LEU NC 293 -5.31 -53.82 -27.96
C LEU NC 293 -4.92 -54.94 -27.01
N VAL NC 294 -5.75 -55.22 -26.02
CA VAL NC 294 -5.51 -56.32 -25.09
C VAL NC 294 -5.32 -57.63 -25.84
N LYS NC 295 -6.23 -57.92 -26.78
CA LYS NC 295 -6.13 -59.17 -27.52
C LYS NC 295 -4.96 -59.18 -28.49
N ALA NC 296 -4.47 -58.03 -28.90
CA ALA NC 296 -3.21 -57.97 -29.62
C ALA NC 296 -2.02 -58.34 -28.76
N LEU NC 297 -2.16 -58.40 -27.45
CA LEU NC 297 -1.02 -58.47 -26.54
C LEU NC 297 -0.94 -59.73 -25.68
N ASP NC 298 -2.08 -60.30 -25.26
CA ASP NC 298 -2.06 -61.52 -24.44
C ASP NC 298 -1.86 -62.79 -25.30
N VAL NC 299 -0.65 -62.94 -25.84
CA VAL NC 299 -0.26 -64.12 -26.62
C VAL NC 299 0.65 -65.05 -25.81
N ALA NC 300 0.33 -66.35 -25.81
CA ALA NC 300 1.02 -67.34 -25.00
C ALA NC 300 2.45 -67.60 -25.46
N LYS NC 301 3.32 -67.95 -24.51
CA LYS NC 301 4.76 -68.11 -24.73
C LYS NC 301 5.20 -69.52 -25.13
N ARG NC 302 6.23 -69.56 -25.98
CA ARG NC 302 6.99 -70.77 -26.34
C ARG NC 302 7.97 -71.22 -25.25
N HIS NC 303 7.89 -72.49 -24.84
CA HIS NC 303 8.84 -73.07 -23.89
C HIS NC 303 10.20 -73.33 -24.53
N VAL NC 304 11.26 -73.04 -23.79
CA VAL NC 304 12.65 -73.29 -24.20
C VAL NC 304 13.37 -74.09 -23.12
N GLU NC 305 13.99 -75.20 -23.52
CA GLU NC 305 14.82 -76.01 -22.64
C GLU NC 305 16.29 -75.83 -22.98
N LEU NC 306 17.11 -75.56 -21.96
CA LEU NC 306 18.54 -75.37 -22.10
C LEU NC 306 19.29 -76.51 -21.42
N SER NC 307 20.32 -77.03 -22.09
CA SER NC 307 21.21 -78.05 -21.54
C SER NC 307 22.67 -77.59 -21.64
N LEU NC 308 23.46 -77.88 -20.60
CA LEU NC 308 24.85 -77.46 -20.55
C LEU NC 308 25.81 -78.61 -20.29
N TRP NC 309 26.89 -78.68 -21.07
CA TRP NC 309 27.94 -79.69 -20.96
C TRP NC 309 29.23 -79.12 -20.36
N ILE NC 310 29.69 -79.69 -19.26
CA ILE NC 310 30.96 -79.35 -18.62
C ILE NC 310 31.86 -80.58 -18.67
N VAL NC 311 33.07 -80.41 -19.20
CA VAL NC 311 34.02 -81.51 -19.41
C VAL NC 311 35.38 -81.16 -18.83
N ASP NC 312 35.94 -82.07 -18.02
CA ASP NC 312 37.26 -81.93 -17.42
C ASP NC 312 38.11 -83.17 -17.65
N LEU NC 313 39.35 -82.97 -18.10
CA LEU NC 313 40.31 -84.03 -18.41
C LEU NC 313 41.69 -83.70 -17.85
N ASN NC 314 42.36 -84.69 -17.25
CA ASN NC 314 43.68 -84.47 -16.64
C ASN NC 314 44.59 -85.69 -16.81
N LYS NC 315 45.87 -85.42 -17.13
CA LYS NC 315 46.93 -86.42 -17.22
C LYS NC 315 48.20 -85.95 -16.53
N SER NC 316 48.87 -86.85 -15.81
CA SER NC 316 50.12 -86.48 -15.16
C SER NC 316 51.08 -87.67 -15.00
N ASP NC 317 52.37 -87.38 -15.19
CA ASP NC 317 53.47 -88.33 -15.05
C ASP NC 317 54.48 -87.81 -14.05
N LEU NC 318 54.98 -88.68 -13.18
CA LEU NC 318 55.93 -88.27 -12.15
C LEU NC 318 57.04 -89.30 -11.97
N GLU NC 319 58.25 -88.80 -11.70
CA GLU NC 319 59.44 -89.63 -11.60
C GLU NC 319 60.48 -88.98 -10.69
N ARG NC 320 60.97 -89.72 -9.71
CA ARG NC 320 62.06 -89.30 -8.83
C ARG NC 320 63.03 -90.47 -8.65
N LEU NC 321 64.33 -90.20 -8.83
CA LEU NC 321 65.30 -91.28 -8.72
C LEU NC 321 66.70 -90.75 -8.42
N GLY NC 322 67.36 -91.33 -7.41
CA GLY NC 322 68.71 -90.98 -7.04
C GLY NC 322 68.98 -91.03 -5.55
N THR NC 323 70.12 -90.44 -5.17
CA THR NC 323 70.63 -90.47 -3.80
C THR NC 323 71.19 -89.14 -3.30
N SER NC 324 70.97 -88.88 -2.02
CA SER NC 324 71.53 -87.73 -1.30
C SER NC 324 72.44 -88.23 -0.18
N TRP NC 325 73.53 -87.48 0.09
CA TRP NC 325 74.61 -87.89 0.98
C TRP NC 325 74.93 -86.86 2.06
N SER NC 326 75.36 -87.35 3.21
CA SER NC 326 75.94 -86.50 4.25
C SER NC 326 76.78 -87.34 5.19
N GLY NC 327 77.69 -86.70 5.92
CA GLY NC 327 78.51 -87.49 6.85
C GLY NC 327 79.49 -86.63 7.62
N SER NC 328 80.06 -87.23 8.67
CA SER NC 328 80.98 -86.49 9.52
C SER NC 328 82.02 -87.41 10.15
N ILE NC 329 83.20 -86.84 10.41
CA ILE NC 329 84.35 -87.53 10.98
C ILE NC 329 84.94 -86.67 12.11
N THR NC 330 85.13 -87.27 13.29
CA THR NC 330 85.93 -86.68 14.35
C THR NC 330 87.08 -87.64 14.66
N ILE NC 331 88.30 -87.24 14.30
CA ILE NC 331 89.47 -88.10 14.51
C ILE NC 331 89.95 -87.88 15.94
N GLY NC 332 89.65 -88.83 16.81
CA GLY NC 332 89.98 -88.75 18.23
C GLY NC 332 89.40 -87.53 18.92
N ASP NC 333 88.45 -86.86 18.27
CA ASP NC 333 88.02 -85.52 18.64
C ASP NC 333 89.15 -84.52 18.61
N LYS NC 334 90.25 -84.82 17.92
CA LYS NC 334 91.26 -83.81 17.68
C LYS NC 334 90.86 -82.90 16.52
N LEU NC 335 90.61 -83.50 15.35
CA LEU NC 335 90.21 -82.77 14.17
C LEU NC 335 88.80 -83.21 13.78
N GLY NC 336 87.89 -82.25 13.70
CA GLY NC 336 86.56 -82.48 13.15
C GLY NC 336 86.42 -82.01 11.71
N VAL NC 337 85.92 -82.91 10.87
CA VAL NC 337 85.63 -82.64 9.47
C VAL NC 337 84.18 -83.07 9.22
N SER NC 338 83.44 -82.27 8.48
CA SER NC 338 82.07 -82.62 8.14
C SER NC 338 81.81 -82.42 6.66
N LEU NC 339 81.10 -83.37 6.06
CA LEU NC 339 80.72 -83.33 4.66
C LEU NC 339 79.24 -83.07 4.55
N ASN NC 340 78.90 -81.94 3.90
CA ASN NC 340 77.53 -81.60 3.56
C ASN NC 340 76.58 -81.72 4.73
N GLN NC 341 77.08 -81.52 5.94
CA GLN NC 341 76.22 -81.39 7.11
C GLN NC 341 76.06 -79.92 7.41
N SER NC 342 74.82 -79.45 7.46
CA SER NC 342 74.51 -78.12 7.95
C SER NC 342 74.43 -78.08 9.47
N SER NC 343 74.40 -79.23 10.11
CA SER NC 343 74.51 -79.38 11.56
C SER NC 343 75.87 -79.98 11.88
N ILE NC 344 76.61 -79.33 12.76
CA ILE NC 344 77.93 -79.82 13.11
C ILE NC 344 77.78 -81.06 13.96
N SER NC 345 78.63 -82.05 13.71
CA SER NC 345 78.44 -83.38 14.28
C SER NC 345 79.01 -83.42 15.69
N THR NC 346 78.12 -83.45 16.68
CA THR NC 346 78.53 -83.74 18.04
C THR NC 346 78.76 -85.24 18.22
N LEU NC 347 78.21 -86.04 17.30
CA LEU NC 347 78.37 -87.48 17.35
C LEU NC 347 79.83 -87.89 17.27
N ASP NC 348 80.26 -88.69 18.23
CA ASP NC 348 81.65 -89.11 18.30
C ASP NC 348 81.95 -90.13 17.20
N GLY NC 349 83.17 -90.06 16.67
CA GLY NC 349 83.65 -90.93 15.62
C GLY NC 349 83.30 -90.53 14.19
N SER NC 350 83.04 -91.50 13.32
CA SER NC 350 82.64 -91.20 11.94
C SER NC 350 81.34 -91.91 11.57
N ARG NC 351 80.56 -91.25 10.72
CA ARG NC 351 79.26 -91.78 10.36
C ARG NC 351 78.84 -91.17 9.02
N PHE NC 352 78.19 -91.98 8.19
CA PHE NC 352 77.65 -91.54 6.91
C PHE NC 352 76.16 -91.87 6.80
N ILE NC 353 75.44 -91.05 6.03
CA ILE NC 353 74.01 -91.22 5.84
C ILE NC 353 73.70 -91.03 4.36
N ALA NC 354 72.85 -91.91 3.83
CA ALA NC 354 72.36 -91.89 2.46
C ALA NC 354 70.84 -91.89 2.45
N ALA NC 355 70.25 -91.04 1.62
CA ALA NC 355 68.80 -90.98 1.44
C ALA NC 355 68.48 -91.29 -0.01
N VAL NC 356 67.71 -92.35 -0.22
CA VAL NC 356 67.46 -92.91 -1.55
C VAL NC 356 66.01 -92.62 -1.94
N ASN NC 357 65.80 -92.18 -3.17
CA ASN NC 357 64.46 -92.08 -3.73
C ASN NC 357 64.38 -92.85 -5.05
N ALA NC 358 63.27 -93.58 -5.21
CA ALA NC 358 63.00 -94.31 -6.45
C ALA NC 358 61.49 -94.47 -6.59
N LEU NC 359 60.84 -93.63 -7.39
CA LEU NC 359 59.40 -93.79 -7.58
C LEU NC 359 58.95 -93.22 -8.91
N GLU NC 360 57.97 -93.90 -9.50
CA GLU NC 360 57.31 -93.53 -10.74
C GLU NC 360 55.80 -93.62 -10.58
N GLU NC 361 55.08 -92.63 -11.07
CA GLU NC 361 53.63 -92.59 -10.88
C GLU NC 361 52.92 -91.98 -12.09
N LYS NC 362 51.75 -92.52 -12.41
CA LYS NC 362 50.95 -92.04 -13.52
C LYS NC 362 49.51 -91.86 -13.07
N LYS NC 363 48.86 -90.80 -13.53
CA LYS NC 363 47.47 -90.55 -13.15
C LYS NC 363 46.69 -89.92 -14.28
N GLN NC 364 45.45 -90.38 -14.45
CA GLN NC 364 44.54 -89.88 -15.47
C GLN NC 364 43.15 -89.76 -14.87
N ALA NC 365 42.42 -88.70 -15.23
CA ALA NC 365 41.10 -88.47 -14.66
C ALA NC 365 40.19 -87.77 -15.66
N THR NC 366 38.89 -88.02 -15.51
CA THR NC 366 37.85 -87.53 -16.40
C THR NC 366 36.51 -87.31 -15.71
N VAL NC 367 35.91 -86.12 -15.87
CA VAL NC 367 34.61 -85.84 -15.29
C VAL NC 367 33.75 -85.08 -16.30
N VAL NC 368 32.50 -85.51 -16.45
CA VAL NC 368 31.52 -84.87 -17.32
C VAL NC 368 30.23 -84.62 -16.53
N SER NC 369 29.70 -83.40 -16.62
CA SER NC 369 28.47 -83.05 -15.92
C SER NC 369 27.58 -82.22 -16.82
N ARG NC 370 26.27 -82.44 -16.71
CA ARG NC 370 25.30 -81.77 -17.60
C ARG NC 370 23.97 -81.46 -16.92
N PRO NC 371 23.72 -80.19 -16.59
CA PRO NC 371 22.40 -79.78 -16.11
C PRO NC 371 21.46 -79.34 -17.22
N VAL NC 372 20.17 -79.59 -16.97
CA VAL NC 372 19.07 -79.24 -17.88
C VAL NC 372 18.04 -78.39 -17.14
N LEU NC 373 17.66 -77.27 -17.74
CA LEU NC 373 16.70 -76.34 -17.15
C LEU NC 373 15.64 -75.92 -18.17
N LEU NC 374 14.37 -75.97 -17.77
CA LEU NC 374 13.24 -75.52 -18.56
C LEU NC 374 12.81 -74.11 -18.19
N THR NC 375 12.53 -73.28 -19.21
CA THR NC 375 12.17 -71.89 -19.01
C THR NC 375 11.20 -71.48 -20.11
N GLN NC 376 10.68 -70.27 -20.00
CA GLN NC 376 9.87 -69.65 -21.05
C GLN NC 376 10.53 -68.40 -21.59
N GLU NC 377 10.29 -68.17 -22.87
CA GLU NC 377 10.69 -66.97 -23.57
C GLU NC 377 10.50 -65.72 -22.73
N ASN NC 378 11.55 -64.91 -22.66
CA ASN NC 378 11.65 -63.65 -21.92
C ASN NC 378 11.56 -63.79 -20.41
N VAL NC 379 11.46 -64.99 -19.87
CA VAL NC 379 11.31 -65.20 -18.43
C VAL NC 379 12.69 -65.56 -17.87
N PRO NC 380 13.22 -64.80 -16.91
CA PRO NC 380 14.49 -65.18 -16.29
C PRO NC 380 14.34 -66.43 -15.44
N ALA NC 381 15.41 -67.22 -15.38
CA ALA NC 381 15.37 -68.46 -14.63
C ALA NC 381 16.74 -68.79 -14.06
N ILE NC 382 16.75 -69.57 -12.98
CA ILE NC 382 17.98 -69.97 -12.33
C ILE NC 382 17.92 -71.43 -11.93
N PHE NC 383 19.08 -72.08 -11.98
CA PHE NC 383 19.29 -73.43 -11.49
C PHE NC 383 20.51 -73.44 -10.58
N ASP NC 384 20.39 -74.07 -9.43
CA ASP NC 384 21.47 -74.07 -8.45
C ASP NC 384 21.57 -75.43 -7.78
N ASN NC 385 22.77 -76.00 -7.77
CA ASN NC 385 22.96 -77.35 -7.23
C ASN NC 385 24.26 -77.47 -6.47
N ASN NC 386 24.24 -78.28 -5.42
CA ASN NC 386 25.40 -78.63 -4.63
C ASN NC 386 25.33 -80.10 -4.22
N ARG NC 387 26.46 -80.81 -4.30
CA ARG NC 387 26.50 -82.21 -3.87
C ARG NC 387 27.87 -82.60 -3.34
N THR NC 388 27.87 -83.61 -2.49
CA THR NC 388 29.06 -84.08 -1.77
C THR NC 388 29.36 -85.52 -2.12
N PHE NC 389 30.65 -85.87 -2.10
CA PHE NC 389 31.10 -87.24 -2.31
C PHE NC 389 32.14 -87.62 -1.27
N TYR NC 390 32.11 -88.89 -0.88
CA TYR NC 390 32.97 -89.42 0.18
C TYR NC 390 33.96 -90.43 -0.39
N THR NC 391 35.24 -90.25 -0.09
CA THR NC 391 36.26 -91.20 -0.48
C THR NC 391 36.16 -92.40 0.45
N LYS NC 392 35.71 -93.54 -0.08
CA LYS NC 392 35.69 -94.77 0.70
C LYS NC 392 37.10 -95.35 0.82
N LEU NC 393 37.87 -94.78 1.74
CA LEU NC 393 39.04 -95.45 2.30
C LEU NC 393 38.64 -95.96 3.67
N ILE NC 394 38.72 -97.27 3.88
CA ILE NC 394 37.84 -97.94 4.83
C ILE NC 394 38.63 -98.77 5.83
N GLY NC 395 38.11 -98.83 7.04
CA GLY NC 395 38.62 -99.69 8.09
C GLY NC 395 38.08 -99.21 9.43
N GLU NC 396 38.51 -99.89 10.48
CA GLU NC 396 38.37 -99.35 11.83
C GLU NC 396 39.63 -98.62 12.29
N ARG NC 397 40.79 -99.18 11.99
CA ARG NC 397 42.07 -98.47 12.13
C ARG NC 397 42.24 -97.54 10.94
N ASN NC 398 41.21 -96.76 10.63
CA ASN NC 398 41.12 -96.02 9.38
C ASN NC 398 41.60 -94.59 9.57
N VAL NC 399 41.88 -93.93 8.45
CA VAL NC 399 41.90 -92.48 8.43
C VAL NC 399 40.46 -91.96 8.44
N ALA NC 400 40.32 -90.70 8.83
CA ALA NC 400 39.02 -90.05 8.71
C ALA NC 400 38.56 -90.08 7.27
N LEU NC 401 37.27 -90.36 7.08
CA LEU NC 401 36.70 -90.45 5.74
C LEU NC 401 36.69 -89.06 5.12
N GLU NC 402 37.53 -88.87 4.10
CA GLU NC 402 37.61 -87.60 3.40
C GLU NC 402 36.44 -87.42 2.44
N HIS NC 403 36.18 -86.17 2.08
CA HIS NC 403 35.07 -85.85 1.20
C HIS NC 403 35.37 -84.58 0.41
N VAL NC 404 34.68 -84.44 -0.72
CA VAL NC 404 34.78 -83.26 -1.58
C VAL NC 404 33.40 -82.86 -2.04
N THR NC 405 33.19 -81.56 -2.22
CA THR NC 405 31.88 -81.02 -2.56
C THR NC 405 31.95 -80.15 -3.80
N TYR NC 406 31.00 -80.36 -4.71
CA TYR NC 406 30.97 -79.74 -6.03
C TYR NC 406 29.67 -78.98 -6.18
N GLY NC 407 29.69 -77.89 -6.92
CA GLY NC 407 28.47 -77.11 -7.07
C GLY NC 407 28.49 -76.13 -8.21
N THR NC 408 27.27 -75.79 -8.66
CA THR NC 408 27.04 -75.09 -9.91
C THR NC 408 25.87 -74.11 -9.80
N MET NC 409 26.05 -72.94 -10.40
CA MET NC 409 25.00 -71.97 -10.69
C MET NC 409 24.84 -71.84 -12.19
N ILE NC 410 23.60 -71.74 -12.65
CA ILE NC 410 23.26 -71.15 -13.94
C ILE NC 410 22.15 -70.13 -13.74
N ARG NC 411 22.32 -68.96 -14.35
CA ARG NC 411 21.28 -67.96 -14.44
C ARG NC 411 21.15 -67.53 -15.89
N VAL NC 412 19.92 -67.45 -16.39
CA VAL NC 412 19.72 -67.35 -17.83
C VAL NC 412 18.47 -66.54 -18.15
N LEU NC 413 18.48 -65.93 -19.33
CA LEU NC 413 17.32 -65.25 -19.91
C LEU NC 413 17.28 -65.46 -21.43
N PRO NC 414 16.30 -66.26 -21.95
CA PRO NC 414 16.21 -66.56 -23.39
C PRO NC 414 15.31 -65.68 -24.24
N ARG NC 415 15.70 -65.52 -25.51
CA ARG NC 415 15.01 -64.72 -26.53
C ARG NC 415 14.90 -65.45 -27.87
N PHE NC 416 13.71 -65.45 -28.46
CA PHE NC 416 13.49 -66.01 -29.81
C PHE NC 416 13.73 -64.94 -30.87
N SER NC 417 14.55 -65.26 -31.86
CA SER NC 417 14.82 -64.43 -33.02
C SER NC 417 14.13 -65.04 -34.23
N ALA NC 418 13.57 -64.19 -35.08
CA ALA NC 418 12.78 -64.64 -36.21
C ALA NC 418 13.56 -65.55 -37.17
N ASP NC 419 14.87 -65.50 -37.14
CA ASP NC 419 15.66 -66.43 -37.95
C ASP NC 419 15.60 -67.86 -37.44
N GLY NC 420 14.86 -68.15 -36.38
CA GLY NC 420 14.93 -69.47 -35.77
C GLY NC 420 16.20 -69.63 -34.98
N GLN NC 421 16.66 -68.57 -34.32
CA GLN NC 421 17.81 -68.58 -33.45
C GLN NC 421 17.39 -68.20 -32.04
N ILE NC 422 18.02 -68.80 -31.04
CA ILE NC 422 17.79 -68.48 -29.64
C ILE NC 422 18.99 -67.72 -29.11
N GLU NC 423 18.72 -66.62 -28.44
CA GLU NC 423 19.72 -65.77 -27.79
C GLU NC 423 19.56 -65.89 -26.28
N MET NC 424 20.67 -65.98 -25.56
CA MET NC 424 20.60 -66.14 -24.11
C MET NC 424 21.58 -65.20 -23.44
N SER NC 425 21.12 -64.49 -22.42
CA SER NC 425 22.03 -63.88 -21.46
C SER NC 425 22.36 -64.89 -20.37
N LEU NC 426 23.66 -65.11 -20.12
CA LEU NC 426 24.15 -66.23 -19.34
C LEU NC 426 25.10 -65.79 -18.23
N ASP NC 427 24.84 -66.29 -17.02
CA ASP NC 427 25.78 -66.33 -15.91
C ASP NC 427 26.03 -67.77 -15.51
N ILE NC 428 27.29 -68.20 -15.45
CA ILE NC 428 27.66 -69.56 -15.11
C ILE NC 428 28.72 -69.54 -14.03
N GLU NC 429 28.51 -70.31 -12.96
CA GLU NC 429 29.48 -70.44 -11.89
C GLU NC 429 29.65 -71.91 -11.55
N ASP NC 430 30.89 -72.38 -11.45
CA ASP NC 430 31.09 -73.80 -11.23
C ASP NC 430 32.35 -74.09 -10.44
N GLY NC 431 32.37 -75.20 -9.73
CA GLY NC 431 33.62 -75.63 -9.13
C GLY NC 431 33.40 -76.56 -7.95
N ASN NC 432 34.41 -76.59 -7.08
CA ASN NC 432 34.38 -77.43 -5.89
C ASN NC 432 35.07 -76.70 -4.75
N ASP NC 433 34.67 -77.05 -3.54
CA ASP NC 433 35.02 -76.26 -2.36
C ASP NC 433 36.45 -76.47 -1.90
N LYS NC 434 37.17 -75.37 -1.73
CA LYS NC 434 38.55 -75.39 -1.27
C LYS NC 434 38.66 -76.04 0.09
N THR NC 435 39.52 -77.06 0.21
CA THR NC 435 39.52 -77.94 1.38
C THR NC 435 40.94 -78.22 1.83
N PRO NC 436 41.54 -77.27 2.54
CA PRO NC 436 42.84 -77.55 3.20
C PRO NC 436 42.76 -78.68 4.20
N GLN NC 437 41.59 -78.85 4.82
CA GLN NC 437 41.39 -79.91 5.79
C GLN NC 437 41.67 -81.30 5.24
N SER NC 438 41.59 -81.49 3.93
CA SER NC 438 41.92 -82.80 3.37
C SER NC 438 43.45 -82.92 3.30
N ASP NC 439 44.03 -82.97 4.51
CA ASP NC 439 45.47 -82.99 4.71
C ASP NC 439 46.11 -84.29 4.26
N THR NC 440 45.33 -85.36 4.12
CA THR NC 440 45.88 -86.69 3.96
C THR NC 440 46.79 -86.82 2.74
N THR NC 441 47.91 -87.51 2.95
CA THR NC 441 48.75 -88.03 1.86
C THR NC 441 48.22 -89.37 1.38
N THR NC 442 47.78 -90.20 2.32
CA THR NC 442 47.37 -91.58 2.00
C THR NC 442 46.34 -91.61 0.89
N SER NC 443 45.45 -90.62 0.85
CA SER NC 443 44.56 -90.49 -0.30
C SER NC 443 45.30 -89.71 -1.40
N VAL NC 444 46.16 -90.42 -2.12
CA VAL NC 444 46.56 -89.98 -3.45
C VAL NC 444 45.47 -90.27 -4.45
N ASP NC 445 44.54 -91.13 -4.11
CA ASP NC 445 43.34 -91.36 -4.90
C ASP NC 445 42.31 -90.27 -4.67
N ALA NC 446 42.76 -89.03 -4.54
CA ALA NC 446 41.86 -87.95 -4.21
C ALA NC 446 40.74 -87.87 -5.24
N LEU NC 447 39.60 -87.41 -4.79
CA LEU NC 447 38.58 -86.95 -5.72
C LEU NC 447 39.15 -85.85 -6.60
N PRO NC 448 38.85 -85.85 -7.90
CA PRO NC 448 39.61 -85.03 -8.86
C PRO NC 448 39.39 -83.55 -8.59
N GLU NC 449 40.50 -82.82 -8.41
CA GLU NC 449 40.45 -81.37 -8.26
C GLU NC 449 40.15 -80.67 -9.57
N VAL NC 450 38.88 -80.29 -9.74
CA VAL NC 450 38.52 -79.28 -10.71
C VAL NC 450 38.85 -77.89 -10.14
N GLY NC 451 38.89 -76.90 -11.02
CA GLY NC 451 38.97 -75.51 -10.59
C GLY NC 451 37.70 -74.89 -10.04
N ARG NC 452 37.70 -73.56 -9.99
CA ARG NC 452 36.52 -72.74 -9.76
C ARG NC 452 36.47 -71.69 -10.86
N THR NC 453 35.31 -71.51 -11.48
CA THR NC 453 35.23 -70.68 -12.67
C THR NC 453 33.93 -69.87 -12.68
N LEU NC 454 34.05 -68.63 -13.14
CA LEU NC 454 32.92 -67.72 -13.37
C LEU NC 454 32.96 -67.23 -14.81
N ILE NC 455 31.82 -67.27 -15.49
CA ILE NC 455 31.67 -66.70 -16.81
C ILE NC 455 30.35 -65.94 -16.87
N SER NC 456 30.37 -64.76 -17.49
CA SER NC 456 29.12 -64.13 -17.89
C SER NC 456 29.23 -63.56 -19.28
N THR NC 457 28.23 -63.82 -20.12
CA THR NC 457 28.26 -63.38 -21.51
C THR NC 457 26.90 -63.56 -22.16
N ILE NC 458 26.81 -63.14 -23.42
CA ILE NC 458 25.63 -63.31 -24.26
C ILE NC 458 26.04 -64.11 -25.49
N ALA NC 459 25.17 -65.02 -25.93
CA ALA NC 459 25.45 -65.81 -27.13
C ALA NC 459 24.16 -66.08 -27.89
N ARG NC 460 24.32 -66.31 -29.19
CA ARG NC 460 23.23 -66.56 -30.12
C ARG NC 460 23.57 -67.76 -30.98
N VAL NC 461 22.65 -68.71 -31.13
CA VAL NC 461 22.96 -69.93 -31.85
C VAL NC 461 21.75 -70.42 -32.62
N PRO NC 462 21.92 -70.97 -33.82
CA PRO NC 462 20.82 -71.64 -34.51
C PRO NC 462 20.21 -72.76 -33.68
N HIS NC 463 18.88 -72.83 -33.72
CA HIS NC 463 18.11 -73.83 -33.01
C HIS NC 463 18.68 -75.23 -33.12
N GLY NC 464 18.93 -75.86 -31.97
CA GLY NC 464 19.53 -77.18 -31.86
C GLY NC 464 21.01 -77.29 -32.12
N LYS NC 465 21.68 -76.26 -32.62
CA LYS NC 465 23.12 -76.29 -32.74
C LYS NC 465 23.76 -76.05 -31.38
N SER NC 466 25.09 -76.09 -31.33
CA SER NC 466 25.82 -75.90 -30.08
C SER NC 466 27.04 -75.01 -30.32
N LEU NC 467 27.43 -74.28 -29.28
CA LEU NC 467 28.57 -73.38 -29.32
C LEU NC 467 29.49 -73.64 -28.13
N LEU NC 468 30.76 -73.33 -28.32
CA LEU NC 468 31.75 -73.30 -27.24
C LEU NC 468 31.78 -71.90 -26.66
N VAL NC 469 31.33 -71.76 -25.41
CA VAL NC 469 31.35 -70.46 -24.76
C VAL NC 469 32.71 -70.15 -24.14
N GLY NC 470 33.51 -71.15 -23.79
CA GLY NC 470 34.79 -70.87 -23.18
C GLY NC 470 35.44 -72.12 -22.66
N GLY NC 471 36.71 -71.98 -22.35
CA GLY NC 471 37.49 -73.10 -21.85
C GLY NC 471 38.86 -72.64 -21.39
N TYR NC 472 39.65 -73.63 -21.00
CA TYR NC 472 40.98 -73.40 -20.46
C TYR NC 472 41.84 -74.63 -20.73
N THR NC 473 43.14 -74.39 -20.96
CA THR NC 473 44.10 -75.45 -21.16
C THR NC 473 45.41 -75.11 -20.47
N ARG NC 474 46.01 -76.10 -19.81
CA ARG NC 474 47.31 -75.91 -19.17
C ARG NC 474 48.20 -77.09 -19.50
N ASP NC 475 49.42 -76.80 -19.94
CA ASP NC 475 50.41 -77.80 -20.27
C ASP NC 475 51.74 -77.39 -19.70
N ALA NC 476 52.37 -78.26 -18.90
CA ALA NC 476 53.60 -77.85 -18.24
C ALA NC 476 54.54 -79.04 -18.08
N ASN NC 477 55.82 -78.70 -17.90
CA ASN NC 477 56.91 -79.66 -17.77
C ASN NC 477 57.95 -79.09 -16.84
N THR NC 478 58.57 -79.97 -16.04
CA THR NC 478 59.65 -79.58 -15.14
C THR NC 478 60.72 -80.67 -15.06
N ASP NC 479 61.98 -80.24 -14.94
CA ASP NC 479 63.14 -81.12 -14.95
C ASP NC 479 64.21 -80.58 -14.03
N THR NC 480 64.79 -81.45 -13.19
CA THR NC 480 65.80 -81.04 -12.22
C THR NC 480 66.82 -82.15 -12.04
N VAL NC 481 68.07 -81.77 -11.74
CA VAL NC 481 69.14 -82.75 -11.53
C VAL NC 481 70.20 -82.18 -10.59
N GLN NC 482 70.69 -83.02 -9.67
CA GLN NC 482 71.73 -82.69 -8.70
C GLN NC 482 72.82 -83.75 -8.73
N SER NC 483 74.06 -83.33 -8.45
CA SER NC 483 75.13 -84.31 -8.32
C SER NC 483 76.32 -83.74 -7.58
N ILE NC 484 77.11 -84.64 -7.01
CA ILE NC 484 78.46 -84.38 -6.52
C ILE NC 484 79.39 -84.09 -7.70
N PRO NC 485 80.05 -82.94 -7.78
CA PRO NC 485 80.85 -82.61 -8.97
C PRO NC 485 81.90 -83.64 -9.40
N PHE NC 486 82.84 -84.01 -8.52
CA PHE NC 486 83.88 -84.97 -8.88
C PHE NC 486 83.35 -86.39 -9.05
N LEU NC 487 82.44 -86.84 -8.20
CA LEU NC 487 82.03 -88.23 -8.27
C LEU NC 487 80.95 -88.49 -9.31
N GLY NC 488 80.08 -87.53 -9.58
CA GLY NC 488 79.06 -87.80 -10.58
C GLY NC 488 79.63 -87.99 -11.97
N LYS NC 489 80.90 -87.67 -12.17
CA LYS NC 489 81.55 -87.81 -13.47
C LYS NC 489 81.80 -89.28 -13.83
N LEU NC 490 82.31 -90.07 -12.89
CA LEU NC 490 82.70 -91.43 -13.21
C LEU NC 490 81.53 -92.22 -13.78
N PRO NC 491 81.74 -93.00 -14.86
CA PRO NC 491 80.62 -93.66 -15.54
C PRO NC 491 80.04 -94.86 -14.80
N LEU NC 492 80.82 -95.59 -14.02
CA LEU NC 492 80.28 -96.76 -13.33
C LEU NC 492 79.62 -96.40 -12.02
N ILE NC 493 80.33 -95.68 -11.17
CA ILE NC 493 79.82 -95.35 -9.84
C ILE NC 493 79.03 -94.04 -9.80
N GLY NC 494 79.22 -93.16 -10.78
CA GLY NC 494 78.58 -91.86 -10.72
C GLY NC 494 77.08 -91.94 -10.55
N SER NC 495 76.45 -92.98 -11.09
CA SER NC 495 75.02 -93.16 -10.91
C SER NC 495 74.64 -93.12 -9.44
N LEU NC 496 75.50 -93.66 -8.58
CA LEU NC 496 75.29 -93.65 -7.14
C LEU NC 496 75.26 -92.26 -6.53
N PHE NC 497 75.66 -91.22 -7.26
CA PHE NC 497 75.81 -89.86 -6.73
C PHE NC 497 74.96 -88.82 -7.45
N ARG NC 498 74.00 -89.24 -8.28
CA ARG NC 498 73.17 -88.33 -9.04
C ARG NC 498 71.73 -88.41 -8.56
N TYR NC 499 71.02 -87.31 -8.74
CA TYR NC 499 69.60 -87.22 -8.41
C TYR NC 499 68.91 -86.39 -9.47
N SER NC 500 67.77 -86.87 -9.94
CA SER NC 500 67.02 -86.16 -10.96
C SER NC 500 65.53 -86.42 -10.78
N SER NC 501 64.72 -85.50 -11.33
CA SER NC 501 63.28 -85.62 -11.28
C SER NC 501 62.66 -84.92 -12.47
N LYS NC 502 61.52 -85.46 -12.92
CA LYS NC 502 60.77 -84.92 -14.04
C LYS NC 502 59.27 -84.94 -13.73
N ASN NC 503 58.55 -84.00 -14.33
CA ASN NC 503 57.11 -83.91 -14.13
C ASN NC 503 56.42 -83.28 -15.33
N LYS NC 504 55.30 -83.86 -15.75
CA LYS NC 504 54.53 -83.38 -16.89
C LYS NC 504 53.05 -83.35 -16.56
N SER NC 505 52.34 -82.32 -17.03
CA SER NC 505 50.91 -82.21 -16.74
C SER NC 505 50.14 -81.53 -17.86
N ASN NC 506 48.94 -82.04 -18.14
CA ASN NC 506 48.08 -81.54 -19.23
C ASN NC 506 46.62 -81.57 -18.81
N VAL NC 507 45.95 -80.40 -18.84
CA VAL NC 507 44.57 -80.27 -18.40
C VAL NC 507 43.78 -79.46 -19.43
N VAL NC 508 42.56 -79.91 -19.72
CA VAL NC 508 41.63 -79.25 -20.63
C VAL NC 508 40.23 -79.19 -20.05
N ARG NC 509 39.57 -78.04 -20.17
CA ARG NC 509 38.25 -77.82 -19.60
C ARG NC 509 37.42 -76.92 -20.52
N VAL NC 510 36.17 -77.30 -20.81
CA VAL NC 510 35.33 -76.52 -21.74
C VAL NC 510 33.87 -76.52 -21.32
N PHE NC 511 33.19 -75.42 -21.68
CA PHE NC 511 31.76 -75.20 -21.49
C PHE NC 511 31.03 -75.08 -22.82
N MET NC 512 30.09 -76.00 -23.09
CA MET NC 512 29.34 -76.01 -24.34
C MET NC 512 27.85 -76.01 -24.07
N ILE NC 513 27.11 -75.16 -24.80
CA ILE NC 513 25.67 -74.92 -24.63
C ILE NC 513 24.88 -75.45 -25.82
N GLU NC 514 23.75 -76.08 -25.52
CA GLU NC 514 22.80 -76.55 -26.54
C GLU NC 514 21.36 -76.26 -26.15
N PRO NC 515 20.70 -75.26 -26.76
CA PRO NC 515 19.27 -75.04 -26.48
C PRO NC 515 18.35 -75.82 -27.40
N LYS NC 516 17.25 -76.32 -26.81
CA LYS NC 516 16.21 -77.05 -27.52
C LYS NC 516 14.85 -76.46 -27.22
N GLU NC 517 14.05 -76.25 -28.26
CA GLU NC 517 12.63 -75.92 -28.07
C GLU NC 517 11.85 -77.15 -27.65
N ILE NC 518 10.96 -76.96 -26.67
CA ILE NC 518 10.11 -78.03 -26.14
C ILE NC 518 8.66 -77.69 -26.46
N VAL NC 519 8.01 -78.58 -27.19
CA VAL NC 519 6.61 -78.43 -27.57
C VAL NC 519 5.72 -79.57 -27.10
N ASP NC 520 6.28 -80.72 -26.74
CA ASP NC 520 5.50 -81.90 -26.40
C ASP NC 520 5.75 -82.34 -24.98
N PRO NC 521 4.73 -82.86 -24.30
CA PRO NC 521 4.95 -83.47 -22.98
C PRO NC 521 5.71 -84.77 -23.08
N LEU NC 522 6.08 -85.28 -21.91
CA LEU NC 522 6.73 -86.57 -21.80
C LEU NC 522 5.79 -87.71 -22.22
N THR NC 523 6.43 -88.81 -22.63
CA THR NC 523 5.75 -90.03 -23.03
C THR NC 523 6.71 -91.22 -22.96
N PRO NC 524 6.47 -92.22 -22.10
CA PRO NC 524 5.47 -92.41 -21.05
C PRO NC 524 5.42 -91.28 -20.03
N ASP NC 525 4.28 -91.15 -19.36
CA ASP NC 525 4.18 -90.21 -18.26
C ASP NC 525 5.14 -90.56 -17.12
N ALA NC 526 5.48 -89.52 -16.37
CA ALA NC 526 6.37 -89.66 -15.23
C ALA NC 526 5.99 -90.84 -14.35
N SER NC 527 4.72 -90.96 -13.99
CA SER NC 527 4.27 -92.08 -13.17
C SER NC 527 4.51 -93.41 -13.88
N GLU NC 528 4.27 -93.45 -15.19
CA GLU NC 528 4.46 -94.69 -15.93
C GLU NC 528 5.91 -95.17 -15.89
N SER NC 529 6.85 -94.25 -16.03
CA SER NC 529 8.26 -94.61 -15.89
C SER NC 529 8.62 -94.96 -14.45
N VAL NC 530 8.17 -94.13 -13.50
CA VAL NC 530 8.43 -94.35 -12.08
C VAL NC 530 8.04 -95.75 -11.65
N ASN NC 531 6.86 -96.21 -12.01
CA ASN NC 531 6.44 -97.56 -11.66
C ASN NC 531 7.43 -98.61 -12.13
N ASN NC 532 7.92 -98.50 -13.36
CA ASN NC 532 8.90 -99.46 -13.85
C ASN NC 532 10.19 -99.39 -13.05
N ILE NC 533 10.67 -98.18 -12.78
CA ILE NC 533 11.87 -98.06 -11.95
C ILE NC 533 11.68 -98.72 -10.60
N LEU NC 534 10.55 -98.45 -9.94
CA LEU NC 534 10.30 -99.04 -8.62
C LEU NC 534 10.28 -100.56 -8.67
N LYS NC 535 9.50 -101.12 -9.59
CA LYS NC 535 9.40 -102.57 -9.68
C LYS NC 535 10.74 -103.20 -10.00
N GLN NC 536 11.46 -102.64 -10.97
CA GLN NC 536 12.74 -103.21 -11.35
C GLN NC 536 13.78 -103.02 -10.25
N SER NC 537 13.62 -102.00 -9.41
CA SER NC 537 14.52 -101.81 -8.28
C SER NC 537 14.17 -102.65 -7.06
N GLY NC 538 12.98 -103.27 -7.03
CA GLY NC 538 12.48 -103.82 -5.79
C GLY NC 538 12.07 -102.84 -4.74
N ALA NC 539 12.01 -101.55 -5.08
CA ALA NC 539 11.55 -100.52 -4.17
C ALA NC 539 10.03 -100.45 -4.11
N TRP NC 540 9.34 -101.17 -5.00
CA TRP NC 540 7.88 -101.18 -5.04
C TRP NC 540 7.27 -101.54 -3.69
N SER NC 541 6.09 -100.97 -3.45
CA SER NC 541 5.49 -100.91 -2.12
C SER NC 541 4.00 -101.14 -2.09
N GLY NC 542 3.27 -100.92 -3.19
CA GLY NC 542 1.82 -100.96 -3.22
C GLY NC 542 1.24 -102.33 -2.99
N ASP NC 543 2.11 -103.32 -2.79
CA ASP NC 543 1.70 -104.63 -2.32
C ASP NC 543 1.10 -104.58 -0.93
N ASP NC 544 1.46 -103.57 -0.13
CA ASP NC 544 1.17 -103.62 1.30
C ASP NC 544 -0.33 -103.64 1.57
N LYS NC 545 -0.72 -104.60 2.41
CA LYS NC 545 -2.12 -104.85 2.71
C LYS NC 545 -2.79 -103.66 3.36
N LEU NC 546 -2.01 -102.77 3.97
CA LEU NC 546 -2.55 -101.70 4.79
C LEU NC 546 -2.41 -100.34 4.15
N GLN NC 547 -1.23 -100.00 3.63
CA GLN NC 547 -1.06 -98.69 3.02
C GLN NC 547 -1.90 -98.50 1.77
N LYS NC 548 -2.37 -99.58 1.15
CA LYS NC 548 -3.34 -99.46 0.05
C LYS NC 548 -4.50 -98.54 0.41
N TRP NC 549 -4.98 -98.61 1.66
CA TRP NC 549 -6.14 -97.83 2.07
C TRP NC 549 -5.95 -96.34 1.85
N VAL NC 550 -4.73 -95.88 1.85
CA VAL NC 550 -4.40 -94.48 1.67
C VAL NC 550 -3.86 -94.22 0.27
N ARG NC 551 -2.90 -95.03 -0.15
CA ARG NC 551 -2.29 -94.83 -1.45
C ARG NC 551 -3.31 -94.89 -2.57
N VAL NC 552 -4.44 -95.56 -2.34
CA VAL NC 552 -5.53 -95.57 -3.32
C VAL NC 552 -5.87 -94.15 -3.78
N TYR NC 553 -6.10 -93.24 -2.84
CA TYR NC 553 -6.44 -91.87 -3.23
C TYR NC 553 -5.35 -91.20 -4.06
N LEU NC 554 -4.09 -91.32 -3.63
CA LEU NC 554 -3.02 -90.63 -4.35
C LEU NC 554 -2.73 -91.26 -5.71
N ASP NC 555 -2.55 -92.57 -5.75
CA ASP NC 555 -2.12 -93.25 -6.98
C ASP NC 555 -2.78 -92.75 -8.26
N ARG NC 556 -4.10 -92.92 -8.37
CA ARG NC 556 -4.76 -92.65 -9.65
C ARG NC 556 -6.05 -91.87 -9.55
N GLY NC 557 -6.57 -91.58 -8.35
CA GLY NC 557 -7.81 -90.85 -8.24
C GLY NC 557 -7.76 -89.50 -8.94
N GLU OC 26 -98.12 10.94 -13.85
CA GLU OC 26 -97.02 10.04 -14.15
C GLU OC 26 -95.91 10.73 -14.91
N LYS OC 27 -94.69 10.27 -14.69
CA LYS OC 27 -93.53 10.72 -15.43
C LYS OC 27 -93.03 9.71 -16.44
N ILE OC 28 -93.14 8.42 -16.17
CA ILE OC 28 -92.73 7.37 -17.10
C ILE OC 28 -93.95 6.58 -17.54
N PRO OC 29 -94.83 7.17 -18.34
CA PRO OC 29 -96.04 6.46 -18.76
C PRO OC 29 -95.83 5.35 -19.78
N VAL OC 30 -94.94 4.40 -19.51
CA VAL OC 30 -94.62 3.34 -20.45
C VAL OC 30 -94.92 2.00 -19.79
N THR OC 31 -95.55 1.11 -20.54
CA THR OC 31 -95.89 -0.24 -20.11
C THR OC 31 -94.68 -1.18 -20.17
N GLY OC 32 -94.84 -2.32 -19.49
CA GLY OC 32 -93.85 -3.38 -19.40
C GLY OC 32 -92.57 -3.00 -18.69
N SER OC 33 -91.44 -3.48 -19.21
CA SER OC 33 -90.14 -3.18 -18.63
C SER OC 33 -89.07 -3.12 -19.71
N GLY OC 34 -87.96 -2.49 -19.37
CA GLY OC 34 -86.81 -2.44 -20.24
C GLY OC 34 -86.00 -1.18 -19.99
N PHE OC 35 -85.01 -0.97 -20.85
CA PHE OC 35 -84.18 0.21 -20.83
C PHE OC 35 -84.18 0.86 -22.20
N VAL OC 36 -84.42 2.16 -22.27
CA VAL OC 36 -84.36 2.89 -23.53
C VAL OC 36 -83.10 3.71 -23.53
N ALA OC 37 -82.22 3.40 -24.46
CA ALA OC 37 -80.94 4.08 -24.64
C ALA OC 37 -81.03 5.05 -25.80
N LYS OC 38 -80.58 6.28 -25.59
CA LYS OC 38 -80.40 7.21 -26.71
C LYS OC 38 -78.98 7.77 -26.72
N ASP OC 39 -78.17 7.23 -27.63
CA ASP OC 39 -76.77 7.59 -27.86
C ASP OC 39 -75.97 7.57 -26.57
N ASP OC 40 -76.38 6.69 -25.66
CA ASP OC 40 -75.65 6.52 -24.42
C ASP OC 40 -74.25 6.02 -24.73
N SER OC 41 -73.28 6.51 -23.98
CA SER OC 41 -71.97 5.88 -24.00
C SER OC 41 -72.03 4.51 -23.34
N LEU OC 42 -71.31 3.58 -23.94
CA LEU OC 42 -71.29 2.22 -23.42
C LEU OC 42 -71.04 2.17 -21.93
N ARG OC 43 -70.34 3.16 -21.37
CA ARG OC 43 -70.15 3.17 -19.92
C ARG OC 43 -71.47 3.27 -19.17
N THR OC 44 -72.31 4.21 -19.55
CA THR OC 44 -73.61 4.32 -18.90
C THR OC 44 -74.52 3.16 -19.25
N PHE OC 45 -74.38 2.60 -20.44
CA PHE OC 45 -75.21 1.47 -20.81
C PHE OC 45 -74.93 0.25 -19.94
N PHE OC 46 -73.70 -0.25 -19.96
CA PHE OC 46 -73.37 -1.34 -19.05
C PHE OC 46 -73.59 -0.98 -17.58
N ASP OC 47 -73.43 0.26 -17.16
CA ASP OC 47 -73.75 0.55 -15.76
C ASP OC 47 -75.23 0.32 -15.49
N ALA OC 48 -76.09 0.60 -16.46
CA ALA OC 48 -77.50 0.29 -16.29
C ALA OC 48 -77.74 -1.21 -16.22
N MET OC 49 -77.06 -1.99 -17.05
CA MET OC 49 -77.17 -3.45 -17.04
C MET OC 49 -76.63 -4.11 -15.77
N ALA OC 50 -75.76 -3.42 -15.05
CA ALA OC 50 -75.12 -4.00 -13.86
C ALA OC 50 -76.09 -4.58 -12.83
N LEU OC 51 -77.22 -3.93 -12.58
CA LEU OC 51 -78.17 -4.50 -11.60
C LEU OC 51 -78.59 -5.92 -11.95
N GLN OC 52 -78.83 -6.20 -13.22
CA GLN OC 52 -79.20 -7.56 -13.62
C GLN OC 52 -78.01 -8.50 -13.58
N LEU OC 53 -76.85 -8.03 -14.04
CA LEU OC 53 -75.66 -8.87 -13.94
C LEU OC 53 -75.29 -9.18 -12.50
N LYS OC 54 -75.68 -8.34 -11.56
CA LYS OC 54 -75.34 -8.48 -10.13
C LYS OC 54 -73.85 -8.37 -9.87
N GLU OC 55 -73.13 -7.67 -10.74
CA GLU OC 55 -71.69 -7.55 -10.66
C GLU OC 55 -71.31 -6.14 -11.11
N PRO OC 56 -70.43 -5.45 -10.41
CA PRO OC 56 -69.98 -4.15 -10.91
C PRO OC 56 -69.25 -4.31 -12.23
N VAL OC 57 -69.37 -3.31 -13.10
CA VAL OC 57 -68.88 -3.39 -14.47
C VAL OC 57 -67.96 -2.21 -14.77
N ILE OC 58 -66.83 -2.50 -15.41
CA ILE OC 58 -65.73 -1.56 -15.60
C ILE OC 58 -65.35 -1.51 -17.06
N VAL OC 59 -65.36 -0.31 -17.65
CA VAL OC 59 -65.31 -0.13 -19.09
C VAL OC 59 -64.08 0.70 -19.43
N SER OC 60 -63.27 0.21 -20.36
CA SER OC 60 -62.11 0.94 -20.85
C SER OC 60 -62.51 2.18 -21.64
N LYS OC 61 -61.64 3.19 -21.62
CA LYS OC 61 -61.90 4.45 -22.32
C LYS OC 61 -62.12 4.24 -23.82
N MET OC 62 -61.32 3.39 -24.43
CA MET OC 62 -61.49 3.10 -25.85
C MET OC 62 -62.81 2.41 -26.14
N ALA OC 63 -63.42 1.74 -25.16
CA ALA OC 63 -64.78 1.28 -25.33
C ALA OC 63 -65.79 2.36 -25.01
N ALA OC 64 -65.42 3.30 -24.16
CA ALA OC 64 -66.34 4.36 -23.76
C ALA OC 64 -66.62 5.30 -24.92
N ARG OC 65 -65.71 5.37 -25.88
CA ARG OC 65 -65.99 6.22 -27.05
C ARG OC 65 -67.21 5.78 -27.87
N LYS OC 66 -67.56 4.50 -27.89
CA LYS OC 66 -68.66 4.01 -28.72
C LYS OC 66 -70.05 4.31 -28.16
N LYS OC 67 -70.98 4.68 -29.06
CA LYS OC 67 -72.37 5.05 -28.78
C LYS OC 67 -73.37 3.99 -29.21
N ILE OC 68 -74.52 3.91 -28.52
CA ILE OC 68 -75.57 2.95 -28.83
C ILE OC 68 -76.95 3.57 -28.59
N THR OC 69 -77.93 3.18 -29.41
CA THR OC 69 -79.32 3.61 -29.32
C THR OC 69 -80.29 2.47 -29.50
N GLY OC 70 -81.49 2.59 -28.92
CA GLY OC 70 -82.56 1.61 -29.04
C GLY OC 70 -83.22 1.21 -27.73
N ASN OC 71 -84.06 0.18 -27.82
CA ASN OC 71 -84.82 -0.41 -26.71
C ASN OC 71 -84.38 -1.84 -26.40
N PHE OC 72 -83.80 -2.05 -25.22
CA PHE OC 72 -83.23 -3.32 -24.83
C PHE OC 72 -83.89 -3.99 -23.64
N GLU OC 73 -83.99 -5.31 -23.71
CA GLU OC 73 -84.51 -6.21 -22.68
C GLU OC 73 -83.36 -6.97 -22.02
N PHE OC 74 -83.13 -6.76 -20.72
CA PHE OC 74 -82.06 -7.45 -19.98
C PHE OC 74 -82.57 -8.67 -19.22
N HIS OC 75 -82.66 -9.78 -19.94
CA HIS OC 75 -83.01 -11.09 -19.41
C HIS OC 75 -82.01 -12.05 -20.01
N ASP OC 76 -81.51 -12.98 -19.19
CA ASP OC 76 -80.37 -13.80 -19.56
C ASP OC 76 -79.30 -12.82 -20.04
N PRO OC 77 -78.91 -11.89 -19.18
CA PRO OC 77 -77.96 -10.85 -19.59
C PRO OC 77 -76.62 -11.41 -20.00
N ASN OC 78 -76.20 -12.56 -19.49
CA ASN OC 78 -74.94 -13.12 -19.97
C ASN OC 78 -75.00 -13.40 -21.45
N ALA OC 79 -76.08 -14.01 -21.91
CA ALA OC 79 -76.26 -14.25 -23.33
C ALA OC 79 -76.33 -12.94 -24.11
N LEU OC 80 -77.10 -11.98 -23.63
CA LEU OC 80 -77.13 -10.69 -24.30
C LEU OC 80 -75.73 -10.09 -24.41
N LEU OC 81 -74.99 -10.10 -23.31
CA LEU OC 81 -73.64 -9.57 -23.27
C LEU OC 81 -72.73 -10.23 -24.30
N GLU OC 82 -72.71 -11.56 -24.31
CA GLU OC 82 -71.83 -12.24 -25.25
C GLU OC 82 -72.26 -12.04 -26.71
N LYS OC 83 -73.53 -11.76 -26.97
CA LYS OC 83 -73.91 -11.46 -28.35
C LYS OC 83 -73.43 -10.07 -28.76
N LEU OC 84 -73.79 -9.07 -27.97
CA LEU OC 84 -73.31 -7.72 -28.26
C LEU OC 84 -71.80 -7.66 -28.37
N SER OC 85 -71.07 -8.37 -27.52
CA SER OC 85 -69.63 -8.42 -27.67
C SER OC 85 -69.19 -8.63 -29.10
N LEU OC 86 -69.73 -9.63 -29.78
CA LEU OC 86 -69.36 -9.90 -31.16
C LEU OC 86 -69.89 -8.86 -32.12
N GLN OC 87 -71.10 -8.36 -31.91
CA GLN OC 87 -71.60 -7.34 -32.83
C GLN OC 87 -70.81 -6.03 -32.75
N LEU OC 88 -70.49 -5.57 -31.56
CA LEU OC 88 -69.79 -4.30 -31.34
C LEU OC 88 -68.27 -4.42 -31.34
N GLY OC 89 -67.72 -5.63 -31.32
CA GLY OC 89 -66.28 -5.79 -31.31
C GLY OC 89 -65.57 -5.51 -30.00
N LEU OC 90 -66.15 -5.97 -28.90
CA LEU OC 90 -65.60 -5.87 -27.56
C LEU OC 90 -65.06 -7.23 -27.12
N ILE OC 91 -64.20 -7.21 -26.10
CA ILE OC 91 -63.84 -8.42 -25.38
C ILE OC 91 -64.05 -8.18 -23.91
N TRP OC 92 -64.38 -9.24 -23.18
CA TRP OC 92 -64.77 -9.09 -21.79
C TRP OC 92 -64.34 -10.27 -20.96
N TYR OC 93 -64.29 -10.06 -19.65
CA TYR OC 93 -63.79 -11.08 -18.74
C TYR OC 93 -64.39 -10.89 -17.36
N PHE OC 94 -64.27 -11.94 -16.54
CA PHE OC 94 -64.90 -11.97 -15.23
C PHE OC 94 -64.01 -12.76 -14.27
N ASP OC 95 -63.42 -12.08 -13.29
CA ASP OC 95 -62.49 -12.71 -12.36
C ASP OC 95 -63.18 -13.32 -11.15
N GLY OC 96 -64.47 -13.11 -10.98
CA GLY OC 96 -65.22 -13.50 -9.80
C GLY OC 96 -65.68 -12.36 -8.94
N GLN OC 97 -65.18 -11.16 -9.14
CA GLN OC 97 -65.60 -10.00 -8.37
C GLN OC 97 -66.23 -8.93 -9.23
N ALA OC 98 -65.86 -8.83 -10.50
CA ALA OC 98 -66.40 -7.77 -11.34
C ALA OC 98 -66.08 -8.07 -12.79
N ILE OC 99 -66.78 -7.37 -13.67
CA ILE OC 99 -66.74 -7.61 -15.11
C ILE OC 99 -65.92 -6.51 -15.76
N TYR OC 100 -65.00 -6.89 -16.65
CA TYR OC 100 -64.14 -5.94 -17.33
C TYR OC 100 -64.42 -6.02 -18.82
N ILE OC 101 -64.48 -4.86 -19.48
CA ILE OC 101 -64.81 -4.78 -20.89
C ILE OC 101 -63.82 -3.88 -21.61
N TYR OC 102 -63.35 -4.32 -22.78
CA TYR OC 102 -62.30 -3.63 -23.52
C TYR OC 102 -62.67 -3.60 -25.00
N ASP OC 103 -62.06 -2.65 -25.72
CA ASP OC 103 -62.05 -2.71 -27.16
C ASP OC 103 -61.18 -3.86 -27.62
N ALA OC 104 -61.57 -4.50 -28.72
CA ALA OC 104 -60.85 -5.68 -29.18
C ALA OC 104 -59.39 -5.41 -29.49
N SER OC 105 -59.06 -4.27 -30.00
CA SER OC 105 -57.66 -4.01 -30.29
C SER OC 105 -56.82 -3.81 -29.09
N GLU OC 106 -57.27 -4.01 -27.86
CA GLU OC 106 -56.43 -4.03 -26.69
C GLU OC 106 -55.97 -5.42 -26.26
N MET OC 107 -56.34 -6.47 -26.98
CA MET OC 107 -55.86 -7.81 -26.66
C MET OC 107 -54.34 -7.85 -26.60
N ARG OC 108 -53.81 -8.75 -25.76
CA ARG OC 108 -52.37 -8.82 -25.51
C ARG OC 108 -51.90 -10.27 -25.55
N ASN OC 109 -50.62 -10.49 -25.85
CA ASN OC 109 -50.05 -11.82 -26.04
C ASN OC 109 -48.76 -11.96 -25.26
N ALA OC 110 -48.45 -13.18 -24.83
CA ALA OC 110 -47.15 -13.45 -24.22
C ALA OC 110 -46.77 -14.91 -24.40
N VAL OC 111 -45.47 -15.18 -24.21
CA VAL OC 111 -44.93 -16.53 -24.13
C VAL OC 111 -44.19 -16.68 -22.81
N VAL OC 112 -44.42 -17.79 -22.12
CA VAL OC 112 -43.95 -17.94 -20.74
C VAL OC 112 -43.29 -19.30 -20.61
N SER OC 113 -42.21 -19.35 -19.84
CA SER OC 113 -41.38 -20.56 -19.75
C SER OC 113 -41.01 -20.88 -18.31
N LEU OC 114 -41.62 -21.92 -17.77
CA LEU OC 114 -41.45 -22.34 -16.38
C LEU OC 114 -40.30 -23.32 -16.26
N ARG OC 115 -39.67 -23.33 -15.10
CA ARG OC 115 -38.47 -24.12 -14.87
C ARG OC 115 -38.69 -25.27 -13.90
N ASN OC 116 -39.56 -25.09 -12.91
CA ASN OC 116 -39.87 -26.10 -11.91
C ASN OC 116 -41.24 -26.73 -12.11
N VAL OC 117 -42.26 -25.93 -12.34
CA VAL OC 117 -43.65 -26.35 -12.44
C VAL OC 117 -43.93 -26.75 -13.89
N SER OC 118 -45.10 -27.32 -14.15
CA SER OC 118 -45.48 -27.66 -15.52
C SER OC 118 -46.96 -27.44 -15.77
N LEU OC 119 -47.27 -27.32 -17.06
CA LEU OC 119 -48.53 -26.73 -17.49
C LEU OC 119 -49.69 -27.44 -16.82
N ASN OC 120 -49.61 -28.77 -16.74
CA ASN OC 120 -50.68 -29.52 -16.10
C ASN OC 120 -50.77 -29.18 -14.62
N GLU OC 121 -49.65 -28.82 -14.01
CA GLU OC 121 -49.66 -28.39 -12.62
C GLU OC 121 -50.37 -27.06 -12.49
N PHE OC 122 -50.23 -26.20 -13.48
CA PHE OC 122 -50.73 -24.84 -13.36
C PHE OC 122 -52.21 -24.72 -13.73
N ASN OC 123 -52.66 -25.50 -14.72
CA ASN OC 123 -54.09 -25.51 -15.03
C ASN OC 123 -54.92 -25.83 -13.80
N ASN OC 124 -54.52 -26.87 -13.06
CA ASN OC 124 -55.24 -27.24 -11.85
C ASN OC 124 -55.37 -26.08 -10.89
N PHE OC 125 -54.29 -25.31 -10.71
CA PHE OC 125 -54.36 -24.12 -9.89
C PHE OC 125 -55.44 -23.17 -10.38
N LEU OC 126 -55.38 -22.78 -11.64
CA LEU OC 126 -56.44 -21.93 -12.19
C LEU OC 126 -57.84 -22.49 -11.94
N LYS OC 127 -58.01 -23.80 -12.13
CA LYS OC 127 -59.31 -24.42 -11.90
C LYS OC 127 -59.79 -24.21 -10.47
N ARG OC 128 -59.02 -24.66 -9.49
CA ARG OC 128 -59.42 -24.47 -8.10
C ARG OC 128 -59.63 -23.00 -7.77
N SER OC 129 -58.85 -22.10 -8.36
CA SER OC 129 -59.07 -20.68 -8.16
C SER OC 129 -60.40 -20.22 -8.74
N GLY OC 130 -60.91 -20.91 -9.75
CA GLY OC 130 -62.07 -20.40 -10.46
C GLY OC 130 -61.78 -19.27 -11.41
N LEU OC 131 -60.54 -19.20 -11.89
CA LEU OC 131 -59.98 -18.21 -12.80
C LEU OC 131 -60.02 -18.70 -14.24
N TYR OC 132 -59.83 -19.98 -14.42
CA TYR OC 132 -59.86 -20.60 -15.74
C TYR OC 132 -61.01 -20.10 -16.59
N ASN OC 133 -60.72 -19.93 -17.88
CA ASN OC 133 -61.64 -19.41 -18.88
C ASN OC 133 -61.45 -20.17 -20.19
N LYS OC 134 -62.41 -21.03 -20.53
CA LYS OC 134 -62.30 -21.81 -21.77
C LYS OC 134 -62.24 -20.96 -23.03
N ASN OC 135 -62.54 -19.68 -22.99
CA ASN OC 135 -62.34 -18.84 -24.17
C ASN OC 135 -60.89 -18.50 -24.43
N TYR OC 136 -60.06 -18.45 -23.40
CA TYR OC 136 -58.67 -18.01 -23.54
C TYR OC 136 -57.71 -18.99 -22.88
N PRO OC 137 -57.81 -20.27 -23.20
CA PRO OC 137 -56.94 -21.26 -22.57
C PRO OC 137 -55.47 -21.09 -22.91
N LEU OC 138 -54.64 -21.63 -22.02
CA LEU OC 138 -53.20 -21.77 -22.26
C LEU OC 138 -52.93 -22.77 -23.36
N ARG OC 139 -52.02 -22.44 -24.26
CA ARG OC 139 -51.67 -23.32 -25.39
C ARG OC 139 -50.24 -23.81 -25.31
N GLY OC 140 -50.07 -25.12 -25.18
CA GLY OC 140 -48.73 -25.69 -25.10
C GLY OC 140 -48.75 -27.19 -24.89
N ASP OC 141 -47.60 -27.73 -24.49
CA ASP OC 141 -47.45 -29.16 -24.18
C ASP OC 141 -47.58 -29.42 -22.68
N ASN OC 142 -48.65 -30.10 -22.30
CA ASN OC 142 -48.92 -30.37 -20.88
C ASN OC 142 -47.74 -30.99 -20.17
N ARG OC 143 -46.95 -31.82 -20.86
CA ARG OC 143 -45.81 -32.46 -20.21
C ARG OC 143 -44.69 -31.46 -19.97
N LYS OC 144 -44.51 -30.52 -20.88
CA LYS OC 144 -43.43 -29.54 -20.83
C LYS OC 144 -43.86 -28.30 -20.08
N GLY OC 145 -42.92 -27.36 -20.01
CA GLY OC 145 -43.06 -26.16 -19.23
C GLY OC 145 -42.92 -24.87 -20.02
N THR OC 146 -43.51 -24.83 -21.20
CA THR OC 146 -43.49 -23.59 -21.97
C THR OC 146 -44.80 -23.47 -22.70
N PHE OC 147 -45.36 -22.26 -22.73
CA PHE OC 147 -46.70 -22.11 -23.28
C PHE OC 147 -46.90 -20.70 -23.78
N TYR OC 148 -47.99 -20.52 -24.51
CA TYR OC 148 -48.42 -19.25 -25.05
C TYR OC 148 -49.78 -18.88 -24.47
N VAL OC 149 -49.99 -17.58 -24.25
CA VAL OC 149 -51.24 -17.07 -23.70
C VAL OC 149 -51.60 -15.76 -24.36
N SER OC 150 -52.88 -15.58 -24.67
CA SER OC 150 -53.36 -14.32 -25.23
C SER OC 150 -54.73 -14.02 -24.67
N GLY OC 151 -55.02 -12.74 -24.48
CA GLY OC 151 -56.28 -12.35 -23.89
C GLY OC 151 -56.38 -10.91 -23.42
N PRO OC 152 -57.46 -10.61 -22.70
CA PRO OC 152 -57.59 -9.30 -22.09
C PRO OC 152 -56.48 -9.00 -21.11
N PRO OC 153 -56.09 -7.73 -20.99
CA PRO OC 153 -54.95 -7.37 -20.15
C PRO OC 153 -54.94 -7.93 -18.75
N VAL OC 154 -56.04 -7.82 -18.02
CA VAL OC 154 -56.03 -8.28 -16.62
C VAL OC 154 -55.73 -9.76 -16.54
N TYR OC 155 -56.15 -10.50 -17.56
CA TYR OC 155 -55.97 -11.94 -17.57
C TYR OC 155 -54.54 -12.29 -17.87
N VAL OC 156 -53.98 -11.67 -18.90
CA VAL OC 156 -52.59 -11.95 -19.24
C VAL OC 156 -51.66 -11.50 -18.12
N ASP OC 157 -51.94 -10.37 -17.47
CA ASP OC 157 -51.05 -9.95 -16.39
C ASP OC 157 -51.15 -10.86 -15.18
N MET OC 158 -52.32 -11.41 -14.91
CA MET OC 158 -52.40 -12.27 -13.74
C MET OC 158 -51.81 -13.64 -14.02
N VAL OC 159 -51.90 -14.11 -15.26
CA VAL OC 159 -51.28 -15.39 -15.58
C VAL OC 159 -49.77 -15.29 -15.56
N VAL OC 160 -49.21 -14.25 -16.15
CA VAL OC 160 -47.76 -14.06 -16.13
C VAL OC 160 -47.23 -13.98 -14.70
N ASN OC 161 -47.86 -13.14 -13.87
CA ASN OC 161 -47.40 -13.02 -12.49
C ASN OC 161 -47.52 -14.33 -11.72
N ALA OC 162 -48.70 -14.93 -11.68
CA ALA OC 162 -48.85 -16.14 -10.89
C ALA OC 162 -47.88 -17.22 -11.33
N ALA OC 163 -47.75 -17.46 -12.63
CA ALA OC 163 -46.86 -18.52 -13.08
C ALA OC 163 -45.43 -18.28 -12.62
N THR OC 164 -44.98 -17.03 -12.66
CA THR OC 164 -43.60 -16.77 -12.28
C THR OC 164 -43.39 -16.96 -10.78
N MET OC 165 -44.30 -16.46 -9.96
CA MET OC 165 -44.13 -16.61 -8.52
C MET OC 165 -44.22 -18.07 -8.08
N MET OC 166 -45.13 -18.86 -8.65
CA MET OC 166 -45.09 -20.29 -8.36
C MET OC 166 -43.75 -20.92 -8.69
N ASP OC 167 -43.22 -20.62 -9.88
CA ASP OC 167 -41.92 -21.18 -10.23
C ASP OC 167 -40.86 -20.87 -9.17
N LYS OC 168 -40.79 -19.61 -8.74
CA LYS OC 168 -39.81 -19.29 -7.71
C LYS OC 168 -40.12 -19.91 -6.36
N GLN OC 169 -41.38 -20.18 -6.04
CA GLN OC 169 -41.61 -20.90 -4.79
C GLN OC 169 -41.19 -22.36 -4.87
N ASN OC 170 -41.18 -22.96 -6.06
CA ASN OC 170 -40.81 -24.36 -6.15
C ASN OC 170 -39.31 -24.58 -6.27
N ASP OC 171 -38.57 -23.59 -6.77
CA ASP OC 171 -37.14 -23.78 -7.02
C ASP OC 171 -36.38 -24.47 -5.88
N GLY OC 172 -36.72 -24.17 -4.63
CA GLY OC 172 -36.00 -24.76 -3.49
C GLY OC 172 -36.27 -26.22 -3.14
N ILE OC 173 -37.37 -26.80 -3.56
CA ILE OC 173 -37.64 -28.22 -3.24
C ILE OC 173 -36.61 -29.15 -3.86
N GLU OC 174 -35.98 -29.97 -3.01
CA GLU OC 174 -35.05 -31.02 -3.40
C GLU OC 174 -35.82 -32.32 -3.68
N LEU OC 175 -35.74 -32.80 -4.91
CA LEU OC 175 -36.41 -34.03 -5.33
C LEU OC 175 -35.55 -35.29 -5.39
N GLY OC 176 -34.22 -35.17 -5.41
CA GLY OC 176 -33.38 -36.36 -5.40
C GLY OC 176 -33.38 -37.15 -4.10
N ARG OC 177 -33.44 -38.47 -4.24
CA ARG OC 177 -33.48 -39.44 -3.16
C ARG OC 177 -32.29 -40.39 -3.26
N GLN OC 178 -31.81 -40.84 -2.10
CA GLN OC 178 -30.69 -41.78 -1.98
C GLN OC 178 -31.14 -43.12 -1.42
N LYS OC 179 -31.08 -44.15 -2.25
CA LYS OC 179 -31.41 -45.52 -1.86
C LYS OC 179 -30.20 -46.26 -1.30
N ILE OC 180 -30.49 -47.21 -0.40
CA ILE OC 180 -29.53 -48.14 0.19
C ILE OC 180 -29.86 -49.56 -0.20
N GLY OC 181 -28.94 -50.22 -0.89
CA GLY OC 181 -29.05 -51.64 -1.23
C GLY OC 181 -28.08 -52.49 -0.45
N VAL OC 182 -28.57 -53.64 0.01
CA VAL OC 182 -27.80 -54.63 0.77
C VAL OC 182 -27.65 -55.87 -0.10
N MET OC 183 -26.41 -56.34 -0.28
CA MET OC 183 -26.16 -57.48 -1.15
C MET OC 183 -25.21 -58.47 -0.50
N ARG OC 184 -25.62 -59.73 -0.45
CA ARG OC 184 -24.79 -60.82 0.04
C ARG OC 184 -23.91 -61.42 -1.03
N LEU OC 185 -22.64 -61.63 -0.68
CA LEU OC 185 -21.72 -62.39 -1.53
C LEU OC 185 -21.82 -63.87 -1.20
N ASN OC 186 -21.85 -64.68 -2.26
CA ASN OC 186 -22.04 -66.11 -2.16
C ASN OC 186 -20.81 -66.93 -2.51
N ASN OC 187 -19.87 -66.38 -3.27
CA ASN OC 187 -18.76 -67.17 -3.79
C ASN OC 187 -17.38 -66.66 -3.39
N THR OC 188 -17.29 -65.60 -2.58
CA THR OC 188 -15.98 -65.07 -2.23
C THR OC 188 -16.08 -64.27 -0.94
N PHE OC 189 -14.96 -64.15 -0.24
CA PHE OC 189 -14.83 -63.26 0.90
C PHE OC 189 -14.93 -61.79 0.48
N VAL OC 190 -15.50 -60.98 1.37
CA VAL OC 190 -15.70 -59.57 1.10
C VAL OC 190 -14.41 -58.73 1.24
N GLY OC 191 -13.64 -58.94 2.30
CA GLY OC 191 -12.47 -58.10 2.50
C GLY OC 191 -11.29 -58.39 1.60
N ASP OC 192 -10.28 -57.53 1.73
CA ASP OC 192 -8.99 -57.75 1.08
C ASP OC 192 -8.26 -58.89 1.75
N ARG OC 193 -7.39 -59.56 1.00
CA ARG OC 193 -6.65 -60.68 1.56
C ARG OC 193 -5.16 -60.53 1.29
N THR OC 194 -4.36 -60.72 2.33
CA THR OC 194 -2.91 -60.68 2.23
C THR OC 194 -2.34 -62.05 2.54
N TYR OC 195 -1.54 -62.57 1.62
CA TYR OC 195 -0.87 -63.85 1.79
C TYR OC 195 0.58 -63.61 2.16
N ASN OC 196 0.93 -64.08 3.35
CA ASN OC 196 2.27 -63.94 3.92
C ASN OC 196 3.09 -65.20 3.62
N LEU OC 197 3.41 -65.35 2.35
CA LEU OC 197 4.28 -66.45 1.94
C LEU OC 197 5.63 -66.33 2.62
N ARG OC 198 6.21 -67.49 2.91
CA ARG OC 198 7.51 -67.59 3.57
C ARG OC 198 8.50 -66.55 3.06
N ASP OC 199 8.47 -66.27 1.77
CA ASP OC 199 9.41 -65.33 1.18
C ASP OC 199 8.75 -64.11 0.55
N GLN OC 200 7.43 -64.05 0.48
CA GLN OC 200 6.81 -62.96 -0.24
C GLN OC 200 5.50 -62.56 0.42
N LYS OC 201 5.28 -61.26 0.47
CA LYS OC 201 4.04 -60.64 0.91
C LYS OC 201 3.24 -60.24 -0.32
N MET OC 202 2.01 -60.77 -0.46
CA MET OC 202 1.20 -60.51 -1.64
C MET OC 202 -0.20 -60.06 -1.21
N VAL OC 203 -0.72 -59.03 -1.87
CA VAL OC 203 -2.00 -58.42 -1.51
C VAL OC 203 -2.99 -58.53 -2.67
N ILE OC 204 -4.23 -58.89 -2.34
CA ILE OC 204 -5.34 -58.95 -3.28
C ILE OC 204 -6.44 -58.02 -2.78
N PRO OC 205 -6.81 -56.98 -3.54
CA PRO OC 205 -7.88 -56.07 -3.13
C PRO OC 205 -9.27 -56.63 -3.35
N GLY OC 206 -10.16 -56.34 -2.40
CA GLY OC 206 -11.55 -56.67 -2.56
C GLY OC 206 -12.30 -55.79 -3.55
N ILE OC 207 -13.48 -56.29 -3.91
CA ILE OC 207 -14.38 -55.60 -4.83
C ILE OC 207 -14.60 -54.15 -4.43
N ALA OC 208 -14.96 -53.92 -3.17
CA ALA OC 208 -15.19 -52.56 -2.69
C ALA OC 208 -14.03 -51.64 -3.05
N THR OC 209 -12.82 -52.01 -2.66
CA THR OC 209 -11.64 -51.23 -3.01
C THR OC 209 -11.50 -51.02 -4.51
N ALA OC 210 -11.59 -52.09 -5.29
CA ALA OC 210 -11.36 -51.96 -6.72
C ALA OC 210 -12.38 -51.05 -7.38
N ILE OC 211 -13.64 -51.13 -7.00
CA ILE OC 211 -14.65 -50.26 -7.61
C ILE OC 211 -14.51 -48.82 -7.15
N GLU OC 212 -14.34 -48.61 -5.85
CA GLU OC 212 -14.13 -47.25 -5.37
C GLU OC 212 -12.91 -46.62 -6.03
N ARG OC 213 -11.94 -47.42 -6.42
CA ARG OC 213 -10.78 -46.91 -7.13
C ARG OC 213 -11.07 -46.64 -8.60
N LEU OC 214 -11.89 -47.48 -9.22
CA LEU OC 214 -12.25 -47.25 -10.62
C LEU OC 214 -13.10 -46.00 -10.82
N LEU OC 215 -14.09 -45.77 -9.97
CA LEU OC 215 -15.00 -44.65 -10.16
C LEU OC 215 -14.45 -43.31 -9.68
N GLN OC 216 -13.24 -43.28 -9.13
CA GLN OC 216 -12.76 -42.11 -8.39
C GLN OC 216 -12.88 -40.82 -9.19
N GLY OC 217 -13.59 -39.85 -8.60
CA GLY OC 217 -13.85 -38.55 -9.20
C GLY OC 217 -14.62 -38.47 -10.49
N GLU OC 218 -15.25 -39.56 -10.92
CA GLU OC 218 -16.01 -39.51 -12.15
C GLU OC 218 -17.17 -38.52 -12.05
N GLU OC 219 -17.38 -37.77 -13.13
CA GLU OC 219 -18.46 -36.77 -13.20
C GLU OC 219 -19.65 -37.19 -14.05
N GLN OC 220 -19.46 -38.02 -15.03
CA GLN OC 220 -20.54 -38.44 -15.90
C GLN OC 220 -21.29 -39.61 -15.28
N PRO OC 221 -22.55 -39.79 -15.64
CA PRO OC 221 -23.32 -40.94 -15.15
C PRO OC 221 -22.93 -42.25 -15.84
N LEU OC 222 -23.19 -43.34 -15.13
CA LEU OC 222 -22.98 -44.70 -15.59
C LEU OC 222 -24.13 -45.23 -16.44
N GLY OC 223 -23.81 -46.16 -17.33
CA GLY OC 223 -24.82 -46.86 -18.09
C GLY OC 223 -24.21 -47.98 -18.90
N ASN OC 224 -25.10 -48.76 -19.51
CA ASN OC 224 -24.77 -49.81 -20.48
C ASN OC 224 -23.61 -50.70 -20.07
N ILE OC 225 -23.52 -51.03 -18.78
CA ILE OC 225 -22.49 -51.94 -18.29
C ILE OC 225 -22.53 -53.26 -19.04
N VAL OC 226 -21.36 -53.76 -19.43
CA VAL OC 226 -21.23 -55.00 -20.19
C VAL OC 226 -20.04 -55.78 -19.69
N SER OC 227 -20.03 -57.08 -20.01
CA SER OC 227 -18.92 -57.95 -19.68
C SER OC 227 -18.32 -58.54 -20.96
N LEU OC 254 -40.11 -33.96 -17.37
CA LEU OC 254 -39.13 -32.88 -17.41
C LEU OC 254 -38.01 -33.13 -16.40
N GLN OC 255 -38.40 -33.44 -15.18
CA GLN OC 255 -37.45 -33.64 -14.09
C GLN OC 255 -36.72 -34.97 -14.22
N GLU OC 256 -37.30 -35.92 -14.95
CA GLU OC 256 -36.71 -37.25 -15.07
C GLU OC 256 -35.23 -37.18 -15.44
N ALA OC 257 -34.91 -36.53 -16.56
CA ALA OC 257 -33.51 -36.35 -16.96
C ALA OC 257 -32.67 -35.63 -15.90
N LEU OC 258 -33.25 -34.67 -15.19
CA LEU OC 258 -32.50 -33.98 -14.15
C LEU OC 258 -32.12 -34.91 -13.00
N LYS OC 259 -33.02 -35.82 -12.65
CA LYS OC 259 -32.75 -36.82 -11.63
C LYS OC 259 -31.75 -37.85 -12.13
N GLN OC 260 -32.00 -38.39 -13.33
CA GLN OC 260 -31.12 -39.37 -13.94
C GLN OC 260 -29.69 -38.87 -14.04
N ASN OC 261 -29.50 -37.59 -14.32
CA ASN OC 261 -28.16 -37.02 -14.47
C ASN OC 261 -27.48 -36.89 -13.10
N ALA OC 262 -27.26 -38.05 -12.48
CA ALA OC 262 -26.61 -38.18 -11.18
C ALA OC 262 -25.19 -38.67 -11.36
N ALA OC 263 -24.23 -37.96 -10.76
CA ALA OC 263 -22.81 -38.27 -10.90
C ALA OC 263 -22.42 -39.62 -10.30
N ALA OC 264 -21.57 -40.33 -11.04
CA ALA OC 264 -21.00 -41.59 -10.61
C ALA OC 264 -20.24 -41.49 -9.29
N GLY OC 265 -19.45 -40.43 -9.11
CA GLY OC 265 -18.65 -40.27 -7.91
C GLY OC 265 -19.41 -40.24 -6.60
N ASN OC 266 -20.73 -40.23 -6.61
CA ASN OC 266 -21.50 -40.31 -5.38
C ASN OC 266 -21.76 -41.74 -4.91
N ILE OC 267 -21.51 -42.74 -5.74
CA ILE OC 267 -21.72 -44.11 -5.32
C ILE OC 267 -20.76 -44.43 -4.18
N LYS OC 268 -21.29 -45.04 -3.12
CA LYS OC 268 -20.48 -45.42 -1.97
C LYS OC 268 -20.71 -46.89 -1.63
N ILE OC 269 -19.61 -47.62 -1.41
CA ILE OC 269 -19.65 -49.04 -1.10
C ILE OC 269 -18.88 -49.32 0.19
N VAL OC 270 -19.53 -49.98 1.14
CA VAL OC 270 -18.91 -50.36 2.41
C VAL OC 270 -19.02 -51.87 2.59
N ALA OC 271 -17.87 -52.53 2.67
CA ALA OC 271 -17.80 -53.96 2.95
C ALA OC 271 -18.15 -54.27 4.41
N TYR OC 272 -19.12 -55.16 4.63
CA TYR OC 272 -19.56 -55.61 5.94
C TYR OC 272 -19.21 -57.08 6.13
N PRO OC 273 -18.06 -57.39 6.75
CA PRO OC 273 -17.65 -58.79 6.93
C PRO OC 273 -18.56 -59.66 7.77
N ASP OC 274 -19.23 -59.09 8.78
CA ASP OC 274 -19.99 -59.93 9.72
C ASP OC 274 -21.02 -60.81 9.03
N THR OC 275 -21.55 -60.36 7.89
CA THR OC 275 -22.53 -61.15 7.13
C THR OC 275 -22.08 -61.33 5.70
N ASN OC 276 -20.79 -61.13 5.43
CA ASN OC 276 -20.23 -61.26 4.10
C ASN OC 276 -21.04 -60.54 3.03
N SER OC 277 -21.27 -59.25 3.26
CA SER OC 277 -22.22 -58.51 2.43
C SER OC 277 -21.69 -57.10 2.17
N LEU OC 278 -22.19 -56.49 1.11
CA LEU OC 278 -21.87 -55.13 0.72
C LEU OC 278 -23.05 -54.20 0.97
N LEU OC 279 -22.76 -53.03 1.50
CA LEU OC 279 -23.71 -51.94 1.63
C LEU OC 279 -23.44 -50.92 0.54
N VAL OC 280 -24.47 -50.57 -0.23
CA VAL OC 280 -24.31 -49.71 -1.40
C VAL OC 280 -25.27 -48.55 -1.27
N LYS OC 281 -24.73 -47.33 -1.40
CA LYS OC 281 -25.48 -46.08 -1.38
C LYS OC 281 -25.44 -45.43 -2.75
N GLY OC 282 -26.62 -45.19 -3.30
CA GLY OC 282 -26.73 -44.51 -4.59
C GLY OC 282 -28.17 -44.37 -5.00
N THR OC 283 -28.37 -43.84 -6.19
CA THR OC 283 -29.70 -43.79 -6.76
C THR OC 283 -30.13 -45.18 -7.17
N ALA OC 284 -31.44 -45.37 -7.32
CA ALA OC 284 -31.96 -46.68 -7.70
C ALA OC 284 -31.31 -47.24 -8.96
N GLU OC 285 -31.08 -46.39 -9.96
CA GLU OC 285 -30.42 -46.87 -11.17
C GLU OC 285 -28.99 -47.31 -10.87
N GLN OC 286 -28.25 -46.47 -10.17
CA GLN OC 286 -26.89 -46.82 -9.82
C GLN OC 286 -26.83 -48.14 -9.08
N VAL OC 287 -27.68 -48.28 -8.06
CA VAL OC 287 -27.77 -49.53 -7.29
C VAL OC 287 -27.97 -50.72 -8.21
N HIS OC 288 -28.87 -50.59 -9.18
CA HIS OC 288 -29.12 -51.67 -10.13
C HIS OC 288 -27.87 -52.03 -10.93
N PHE OC 289 -27.23 -51.03 -11.53
CA PHE OC 289 -26.00 -51.29 -12.28
C PHE OC 289 -24.91 -51.94 -11.42
N ILE OC 290 -24.70 -51.42 -10.22
CA ILE OC 290 -23.75 -52.01 -9.29
C ILE OC 290 -24.06 -53.47 -9.03
N GLU OC 291 -25.31 -53.78 -8.70
CA GLU OC 291 -25.71 -55.15 -8.47
C GLU OC 291 -25.37 -56.06 -9.66
N MET OC 292 -25.74 -55.63 -10.87
CA MET OC 292 -25.37 -56.42 -12.04
C MET OC 292 -23.88 -56.67 -12.11
N LEU OC 293 -23.07 -55.65 -11.85
CA LEU OC 293 -21.64 -55.83 -11.85
C LEU OC 293 -21.17 -56.85 -10.81
N VAL OC 294 -21.65 -56.71 -9.58
CA VAL OC 294 -21.34 -57.67 -8.52
C VAL OC 294 -21.60 -59.10 -8.98
N LYS OC 295 -22.79 -59.32 -9.53
CA LYS OC 295 -23.14 -60.66 -9.97
C LYS OC 295 -22.34 -61.08 -11.18
N ALA OC 296 -21.66 -60.17 -11.85
CA ALA OC 296 -20.72 -60.59 -12.89
C ALA OC 296 -19.38 -61.02 -12.31
N LEU OC 297 -19.07 -60.65 -11.07
CA LEU OC 297 -17.72 -60.75 -10.53
C LEU OC 297 -17.53 -61.81 -9.46
N ASP OC 298 -18.56 -62.20 -8.71
CA ASP OC 298 -18.38 -63.32 -7.77
C ASP OC 298 -18.67 -64.71 -8.37
N VAL OC 299 -17.89 -65.08 -9.39
CA VAL OC 299 -17.85 -66.47 -9.86
C VAL OC 299 -17.08 -67.38 -8.92
N ALA OC 300 -17.58 -68.61 -8.73
CA ALA OC 300 -16.91 -69.63 -7.92
C ALA OC 300 -15.66 -70.19 -8.59
N LYS OC 301 -14.61 -70.43 -7.78
CA LYS OC 301 -13.31 -70.90 -8.28
C LYS OC 301 -13.17 -72.43 -8.37
N ARG OC 302 -12.43 -72.88 -9.39
CA ARG OC 302 -11.96 -74.25 -9.57
C ARG OC 302 -10.83 -74.64 -8.62
N HIS OC 303 -10.69 -75.95 -8.38
CA HIS OC 303 -9.60 -76.54 -7.59
C HIS OC 303 -8.57 -77.25 -8.48
N VAL OC 304 -7.29 -77.13 -8.12
CA VAL OC 304 -6.17 -77.75 -8.81
C VAL OC 304 -5.32 -78.53 -7.82
N GLU OC 305 -5.12 -79.82 -8.09
CA GLU OC 305 -4.21 -80.68 -7.32
C GLU OC 305 -2.89 -80.85 -8.06
N LEU OC 306 -1.80 -80.46 -7.41
CA LEU OC 306 -0.45 -80.52 -7.94
C LEU OC 306 0.33 -81.66 -7.29
N SER OC 307 0.83 -82.58 -8.10
CA SER OC 307 1.69 -83.69 -7.68
C SER OC 307 3.06 -83.54 -8.31
N LEU OC 308 4.11 -83.69 -7.50
CA LEU OC 308 5.49 -83.58 -7.96
C LEU OC 308 6.30 -84.85 -7.70
N TRP OC 309 7.03 -85.30 -8.73
CA TRP OC 309 7.89 -86.48 -8.65
C TRP OC 309 9.37 -86.14 -8.64
N ILE OC 310 10.10 -86.67 -7.66
CA ILE OC 310 11.55 -86.49 -7.52
C ILE OC 310 12.20 -87.85 -7.46
N VAL OC 311 13.23 -88.08 -8.28
CA VAL OC 311 13.88 -89.39 -8.39
C VAL OC 311 15.40 -89.23 -8.35
N ASP OC 312 16.05 -89.94 -7.43
CA ASP OC 312 17.50 -89.99 -7.28
C ASP OC 312 18.03 -91.41 -7.42
N LEU OC 313 19.02 -91.58 -8.30
CA LEU OC 313 19.63 -92.87 -8.60
C LEU OC 313 21.15 -92.75 -8.53
N ASN OC 314 21.82 -93.78 -7.99
CA ASN OC 314 23.27 -93.69 -7.82
C ASN OC 314 23.93 -95.06 -7.89
N LYS OC 315 25.02 -95.13 -8.65
CA LYS OC 315 25.89 -96.29 -8.85
C LYS OC 315 27.36 -95.97 -8.61
N SER OC 316 28.09 -96.84 -7.92
CA SER OC 316 29.52 -96.59 -7.77
C SER OC 316 30.30 -97.89 -7.59
N ASP OC 317 31.51 -97.91 -8.16
CA ASP OC 317 32.44 -99.03 -8.08
C ASP OC 317 33.82 -98.57 -7.62
N LEU OC 318 34.50 -99.42 -6.85
CA LEU OC 318 35.82 -99.11 -6.32
C LEU OC 318 36.74 -100.32 -6.31
N GLU OC 319 38.03 -100.08 -6.61
CA GLU OC 319 39.04 -101.13 -6.64
C GLU OC 319 40.41 -100.56 -6.30
N ARG OC 320 41.10 -101.18 -5.35
CA ARG OC 320 42.46 -100.82 -4.96
C ARG OC 320 43.29 -102.08 -4.76
N LEU OC 321 44.47 -102.14 -5.39
CA LEU OC 321 45.31 -103.31 -5.26
C LEU OC 321 46.79 -103.02 -5.44
N GLY OC 322 47.61 -103.61 -4.57
CA GLY OC 322 49.07 -103.51 -4.66
C GLY OC 322 49.77 -103.35 -3.33
N THR OC 323 51.02 -102.85 -3.43
CA THR OC 323 51.95 -102.73 -2.30
C THR OC 323 52.76 -101.44 -2.37
N SER OC 324 53.13 -100.93 -1.20
CA SER OC 324 54.01 -99.76 -1.06
C SER OC 324 55.14 -100.03 -0.06
N TRP OC 325 56.33 -99.52 -0.37
CA TRP OC 325 57.59 -99.91 0.26
C TRP OC 325 58.33 -98.70 0.80
N SER OC 326 58.87 -98.82 2.01
CA SER OC 326 59.77 -97.81 2.59
C SER OC 326 60.41 -98.38 3.84
N GLY OC 327 61.48 -97.73 4.31
CA GLY OC 327 62.15 -98.21 5.50
C GLY OC 327 63.56 -97.67 5.61
N SER OC 328 64.32 -98.25 6.55
CA SER OC 328 65.71 -97.86 6.74
C SER OC 328 66.55 -99.04 7.21
N ILE OC 329 67.86 -98.92 7.02
CA ILE OC 329 68.85 -99.95 7.37
C ILE OC 329 70.15 -99.25 7.75
N THR OC 330 71.06 -100.02 8.34
CA THR OC 330 72.44 -99.58 8.54
C THR OC 330 73.37 -100.77 8.40
N ILE OC 331 74.62 -100.48 8.01
CA ILE OC 331 75.66 -101.50 7.88
C ILE OC 331 76.84 -101.13 8.77
N GLY OC 332 77.35 -102.16 9.46
CA GLY OC 332 78.25 -102.04 10.59
C GLY OC 332 77.71 -101.11 11.65
N ASP OC 333 78.49 -100.06 11.90
CA ASP OC 333 77.96 -98.79 12.38
C ASP OC 333 78.50 -97.69 11.46
N LYS OC 334 78.97 -98.10 10.30
CA LYS OC 334 79.71 -97.23 9.40
C LYS OC 334 78.75 -96.39 8.57
N LEU OC 335 77.67 -97.00 8.09
CA LEU OC 335 76.75 -96.29 7.19
C LEU OC 335 75.30 -96.52 7.60
N GLY OC 336 74.53 -95.44 7.61
CA GLY OC 336 73.07 -95.51 7.65
C GLY OC 336 72.45 -95.15 6.31
N VAL OC 337 71.39 -95.85 5.95
CA VAL OC 337 70.74 -95.76 4.64
C VAL OC 337 69.25 -95.80 4.86
N SER OC 338 68.50 -95.05 4.05
CA SER OC 338 67.06 -95.02 4.17
C SER OC 338 66.40 -94.93 2.81
N LEU OC 339 65.21 -95.51 2.71
CA LEU OC 339 64.40 -95.45 1.52
C LEU OC 339 63.04 -94.84 1.83
N ASN OC 340 62.66 -93.89 0.98
CA ASN OC 340 61.30 -93.39 0.82
C ASN OC 340 60.63 -93.02 2.15
N GLN OC 341 61.35 -92.29 3.00
CA GLN OC 341 60.69 -91.41 3.95
C GLN OC 341 60.85 -89.97 3.49
N SER OC 342 59.80 -89.17 3.67
CA SER OC 342 59.91 -87.74 3.38
C SER OC 342 60.86 -87.05 4.34
N SER OC 343 60.99 -87.57 5.56
CA SER OC 343 62.06 -87.19 6.48
C SER OC 343 62.37 -88.42 7.30
N ILE OC 344 63.62 -88.53 7.75
CA ILE OC 344 64.18 -89.82 8.10
C ILE OC 344 64.37 -89.90 9.60
N SER OC 345 63.76 -90.92 10.19
CA SER OC 345 64.14 -91.47 11.48
C SER OC 345 64.63 -92.88 11.24
N THR OC 346 65.64 -93.30 12.00
CA THR OC 346 66.26 -94.60 11.75
C THR OC 346 66.25 -95.42 13.02
N LEU OC 347 66.11 -96.73 12.83
CA LEU OC 347 66.45 -97.72 13.84
C LEU OC 347 67.93 -98.05 13.76
N ASP OC 348 68.46 -98.56 14.88
CA ASP OC 348 69.61 -99.44 14.81
C ASP OC 348 69.16 -100.80 14.28
N GLY OC 349 69.95 -101.36 13.37
CA GLY OC 349 69.65 -102.64 12.75
C GLY OC 349 69.02 -102.58 11.37
N SER OC 350 68.11 -103.51 11.06
CA SER OC 350 67.49 -103.59 9.73
C SER OC 350 66.08 -104.14 9.85
N ARG OC 351 65.07 -103.32 9.57
CA ARG OC 351 63.70 -103.82 9.44
C ARG OC 351 62.92 -102.87 8.55
N PHE OC 352 62.24 -103.41 7.55
CA PHE OC 352 61.49 -102.66 6.55
C PHE OC 352 60.01 -102.98 6.61
N ILE OC 353 59.20 -102.16 5.93
CA ILE OC 353 57.75 -102.31 5.89
C ILE OC 353 57.29 -102.45 4.45
N ALA OC 354 56.38 -103.39 4.22
CA ALA OC 354 55.55 -103.45 3.02
C ALA OC 354 54.09 -103.32 3.41
N ALA OC 355 53.41 -102.30 2.89
CA ALA OC 355 51.99 -102.10 3.12
C ALA OC 355 51.18 -102.60 1.92
N VAL OC 356 50.28 -103.54 2.18
CA VAL OC 356 49.47 -104.19 1.15
C VAL OC 356 48.04 -103.66 1.23
N ASN OC 357 47.46 -103.28 0.09
CA ASN OC 357 46.02 -103.09 0.02
C ASN OC 357 45.41 -103.96 -1.07
N ALA OC 358 44.24 -104.54 -0.77
CA ALA OC 358 43.46 -105.32 -1.71
C ALA OC 358 41.97 -105.19 -1.38
N LEU OC 359 41.20 -104.46 -2.18
CA LEU OC 359 39.81 -104.24 -1.80
C LEU OC 359 38.97 -103.80 -3.01
N GLU OC 360 37.80 -104.39 -3.13
CA GLU OC 360 36.81 -104.05 -4.15
C GLU OC 360 35.44 -103.85 -3.51
N GLU OC 361 34.72 -102.81 -3.96
CA GLU OC 361 33.43 -102.49 -3.36
C GLU OC 361 32.47 -101.89 -4.39
N LYS OC 362 31.18 -102.12 -4.21
CA LYS OC 362 30.16 -101.58 -5.11
C LYS OC 362 28.96 -101.10 -4.32
N LYS OC 363 28.25 -100.10 -4.86
CA LYS OC 363 27.09 -99.54 -4.20
C LYS OC 363 26.02 -99.09 -5.20
N GLN OC 364 24.76 -99.24 -4.79
CA GLN OC 364 23.57 -98.81 -5.53
C GLN OC 364 22.56 -98.17 -4.59
N ALA OC 365 21.98 -97.03 -4.99
CA ALA OC 365 20.97 -96.33 -4.20
C ALA OC 365 19.86 -95.79 -5.09
N THR OC 366 18.65 -95.68 -4.49
CA THR OC 366 17.45 -95.22 -5.20
C THR OC 366 16.43 -94.62 -4.25
N VAL OC 367 15.97 -93.40 -4.57
CA VAL OC 367 15.05 -92.65 -3.71
C VAL OC 367 13.98 -91.96 -4.55
N VAL OC 368 12.71 -92.22 -4.25
CA VAL OC 368 11.55 -91.64 -4.94
C VAL OC 368 10.69 -90.87 -3.95
N SER OC 369 10.39 -89.60 -4.26
CA SER OC 369 9.57 -88.74 -3.41
C SER OC 369 8.43 -88.07 -4.17
N ARG OC 370 7.26 -88.05 -3.54
CA ARG OC 370 6.08 -87.35 -4.07
C ARG OC 370 5.45 -86.38 -3.09
N PRO OC 371 5.49 -85.07 -3.37
CA PRO OC 371 4.64 -84.14 -2.63
C PRO OC 371 3.35 -83.89 -3.40
N VAL OC 372 2.25 -83.77 -2.65
CA VAL OC 372 0.92 -83.54 -3.21
C VAL OC 372 0.25 -82.37 -2.48
N LEU OC 373 -0.22 -81.39 -3.25
CA LEU OC 373 -0.85 -80.19 -2.70
C LEU OC 373 -2.15 -79.83 -3.41
N LEU OC 374 -3.14 -79.40 -2.63
CA LEU OC 374 -4.42 -78.91 -3.15
C LEU OC 374 -4.53 -77.39 -3.04
N THR OC 375 -4.90 -76.73 -4.14
CA THR OC 375 -4.95 -75.27 -4.20
C THR OC 375 -6.17 -74.85 -5.00
N GLN OC 376 -6.70 -73.67 -4.71
CA GLN OC 376 -7.63 -73.06 -5.64
C GLN OC 376 -6.92 -72.30 -6.75
N GLU OC 377 -7.64 -72.14 -7.85
CA GLU OC 377 -7.24 -71.28 -8.95
C GLU OC 377 -6.87 -69.88 -8.49
N ASN OC 378 -5.78 -69.36 -9.02
CA ASN OC 378 -5.28 -68.00 -8.75
C ASN OC 378 -4.86 -67.73 -7.32
N VAL OC 379 -4.98 -68.72 -6.44
CA VAL OC 379 -4.64 -68.56 -5.03
C VAL OC 379 -3.24 -69.14 -4.82
N PRO OC 380 -2.28 -68.38 -4.30
CA PRO OC 380 -0.95 -68.95 -4.05
C PRO OC 380 -0.96 -69.86 -2.82
N ALA OC 381 -0.16 -70.92 -2.89
CA ALA OC 381 -0.10 -71.88 -1.79
C ALA OC 381 1.32 -72.40 -1.62
N ILE OC 382 1.62 -72.88 -0.42
CA ILE OC 382 2.93 -73.47 -0.11
C ILE OC 382 2.74 -74.78 0.61
N PHE OC 383 3.71 -75.67 0.43
CA PHE OC 383 3.84 -76.92 1.17
C PHE OC 383 5.28 -77.04 1.63
N ASP OC 384 5.48 -77.44 2.89
CA ASP OC 384 6.82 -77.48 3.45
C ASP OC 384 6.95 -78.62 4.44
N ASN OC 385 8.00 -79.44 4.29
CA ASN OC 385 8.17 -80.59 5.15
C ASN OC 385 9.62 -80.99 5.30
N ASN OC 386 9.92 -81.66 6.42
CA ASN OC 386 11.23 -82.21 6.69
C ASN OC 386 11.06 -83.38 7.65
N ARG OC 387 11.96 -84.35 7.58
CA ARG OC 387 11.87 -85.55 8.40
C ARG OC 387 13.26 -86.10 8.67
N THR OC 388 13.40 -86.80 9.78
CA THR OC 388 14.67 -87.39 10.20
C THR OC 388 14.62 -88.92 10.23
N PHE OC 389 15.67 -89.54 9.70
CA PHE OC 389 15.81 -90.99 9.67
C PHE OC 389 17.06 -91.41 10.41
N TYR OC 390 16.91 -92.40 11.30
CA TYR OC 390 17.95 -92.87 12.20
C TYR OC 390 18.41 -94.27 11.84
N THR OC 391 19.65 -94.57 12.23
CA THR OC 391 20.23 -95.89 12.08
C THR OC 391 20.95 -96.27 13.36
N LYS OC 392 20.77 -97.53 13.74
CA LYS OC 392 21.35 -98.14 14.93
C LYS OC 392 22.81 -98.51 14.69
N LEU OC 393 23.70 -97.87 15.44
CA LEU OC 393 25.12 -98.23 15.36
C LEU OC 393 25.35 -99.60 15.98
N ILE OC 394 26.45 -100.23 15.55
CA ILE OC 394 26.86 -101.53 16.06
C ILE OC 394 27.27 -101.45 17.52
N GLY OC 395 27.25 -102.60 18.19
CA GLY OC 395 27.64 -102.73 19.58
C GLY OC 395 26.71 -102.02 20.54
N GLU OC 396 25.47 -102.52 20.64
CA GLU OC 396 24.40 -101.75 21.24
C GLU OC 396 24.68 -101.39 22.69
N ARG OC 397 25.56 -102.14 23.36
CA ARG OC 397 26.03 -101.68 24.66
C ARG OC 397 26.64 -100.29 24.55
N ASN OC 398 27.27 -100.00 23.42
CA ASN OC 398 27.84 -98.68 23.13
C ASN OC 398 26.77 -97.77 22.51
N VAL OC 399 25.75 -97.50 23.32
CA VAL OC 399 24.50 -96.96 22.78
C VAL OC 399 24.77 -95.67 22.03
N ALA OC 400 24.44 -95.67 20.73
CA ALA OC 400 24.59 -94.49 19.89
C ALA OC 400 23.68 -94.63 18.68
N LEU OC 401 23.43 -93.50 18.02
CA LEU OC 401 22.64 -93.45 16.80
C LEU OC 401 23.33 -92.56 15.77
N GLU OC 402 22.97 -92.77 14.50
CA GLU OC 402 23.26 -91.78 13.48
C GLU OC 402 21.95 -91.39 12.81
N HIS OC 403 21.88 -90.19 12.27
CA HIS OC 403 20.66 -89.77 11.59
C HIS OC 403 20.98 -88.77 10.50
N VAL OC 404 19.99 -88.55 9.63
CA VAL OC 404 20.01 -87.43 8.70
C VAL OC 404 18.61 -86.88 8.53
N THR OC 405 18.53 -85.62 8.15
CA THR OC 405 17.26 -84.95 7.86
C THR OC 405 17.16 -84.69 6.36
N TYR OC 406 16.01 -85.03 5.80
CA TYR OC 406 15.63 -84.68 4.43
C TYR OC 406 14.53 -83.65 4.49
N GLY OC 407 14.60 -82.63 3.65
CA GLY OC 407 13.54 -81.63 3.65
C GLY OC 407 13.32 -81.01 2.29
N THR OC 408 12.09 -80.58 2.06
CA THR OC 408 11.62 -80.11 0.77
C THR OC 408 10.55 -79.05 0.95
N MET OC 409 10.56 -78.06 0.07
CA MET OC 409 9.57 -77.01 0.08
C MET OC 409 9.15 -76.69 -1.34
N ILE OC 410 7.84 -76.46 -1.51
CA ILE OC 410 7.23 -76.10 -2.78
C ILE OC 410 6.34 -74.89 -2.59
N ARG OC 411 6.43 -73.93 -3.51
CA ARG OC 411 5.54 -72.78 -3.53
C ARG OC 411 5.01 -72.61 -4.95
N VAL OC 412 3.70 -72.41 -5.08
CA VAL OC 412 3.07 -72.48 -6.39
C VAL OC 412 1.93 -71.48 -6.50
N LEU OC 413 1.70 -71.01 -7.73
CA LEU OC 413 0.51 -70.25 -8.10
C LEU OC 413 -0.07 -70.70 -9.45
N PRO OC 414 -1.22 -71.38 -9.47
CA PRO OC 414 -1.83 -71.89 -10.71
C PRO OC 414 -2.78 -70.95 -11.43
N ARG OC 415 -2.66 -70.94 -12.76
CA ARG OC 415 -3.51 -70.23 -13.72
C ARG OC 415 -4.13 -71.18 -14.74
N PHE OC 416 -5.47 -71.19 -14.82
CA PHE OC 416 -6.16 -71.96 -15.85
C PHE OC 416 -6.12 -71.27 -17.21
N SER OC 417 -5.68 -72.02 -18.22
CA SER OC 417 -5.71 -71.59 -19.60
C SER OC 417 -7.11 -71.77 -20.18
N ALA OC 418 -7.43 -70.92 -21.15
CA ALA OC 418 -8.67 -71.10 -21.91
C ALA OC 418 -8.71 -72.43 -22.66
N ASP OC 419 -7.54 -72.92 -23.07
CA ASP OC 419 -7.40 -74.22 -23.73
C ASP OC 419 -7.57 -75.39 -22.78
N GLY OC 420 -7.79 -75.13 -21.49
CA GLY OC 420 -7.76 -76.13 -20.45
C GLY OC 420 -6.38 -76.53 -19.99
N GLN OC 421 -5.34 -75.88 -20.50
CA GLN OC 421 -3.99 -76.11 -20.00
C GLN OC 421 -3.87 -75.44 -18.62
N ILE OC 422 -2.82 -75.80 -17.88
CA ILE OC 422 -2.52 -75.19 -16.59
C ILE OC 422 -1.12 -74.63 -16.59
N GLU OC 423 -0.98 -73.40 -16.10
CA GLU OC 423 0.29 -72.68 -16.03
C GLU OC 423 0.59 -72.39 -14.58
N MET OC 424 1.81 -72.65 -14.13
CA MET OC 424 2.10 -72.49 -12.71
C MET OC 424 3.43 -71.79 -12.49
N SER OC 425 3.38 -70.74 -11.67
CA SER OC 425 4.59 -70.10 -11.16
C SER OC 425 5.12 -70.93 -10.00
N LEU OC 426 6.32 -71.52 -10.15
CA LEU OC 426 6.82 -72.51 -9.20
C LEU OC 426 8.21 -72.18 -8.66
N ASP OC 427 8.37 -72.44 -7.35
CA ASP OC 427 9.63 -72.40 -6.64
C ASP OC 427 9.79 -73.69 -5.85
N ILE OC 428 10.92 -74.37 -6.01
CA ILE OC 428 11.15 -75.66 -5.38
C ILE OC 428 12.54 -75.66 -4.75
N GLU OC 429 12.66 -76.21 -3.55
CA GLU OC 429 13.98 -76.60 -3.06
C GLU OC 429 13.91 -77.89 -2.27
N ASP OC 430 15.00 -78.65 -2.31
CA ASP OC 430 15.01 -80.02 -1.82
C ASP OC 430 16.41 -80.44 -1.42
N GLY OC 431 16.50 -81.31 -0.43
CA GLY OC 431 17.76 -82.00 -0.21
C GLY OC 431 17.98 -82.43 1.24
N ASN OC 432 19.23 -82.84 1.49
CA ASN OC 432 19.78 -82.98 2.82
C ASN OC 432 20.29 -81.65 3.35
N ASP OC 433 20.09 -81.42 4.63
CA ASP OC 433 20.78 -80.34 5.33
C ASP OC 433 22.24 -80.69 5.56
N LYS OC 434 23.13 -79.74 5.27
CA LYS OC 434 24.57 -79.96 5.27
C LYS OC 434 25.11 -79.97 6.70
N THR OC 435 24.83 -81.07 7.40
CA THR OC 435 25.47 -81.40 8.68
C THR OC 435 26.09 -82.78 8.53
N PRO OC 436 27.35 -82.87 8.05
CA PRO OC 436 27.91 -84.17 7.71
C PRO OC 436 28.30 -85.01 8.92
N GLN OC 437 27.35 -85.83 9.37
CA GLN OC 437 27.60 -86.77 10.46
C GLN OC 437 28.57 -87.88 10.08
N SER OC 438 28.93 -87.99 8.80
CA SER OC 438 29.51 -89.21 8.26
C SER OC 438 30.96 -89.37 8.71
N ASP OC 439 31.12 -89.58 10.02
CA ASP OC 439 32.42 -89.90 10.59
C ASP OC 439 32.69 -91.40 10.61
N THR OC 440 31.66 -92.23 10.40
CA THR OC 440 31.80 -93.67 10.57
C THR OC 440 31.09 -94.41 9.44
N THR OC 441 31.71 -95.53 9.02
CA THR OC 441 31.39 -96.13 7.73
C THR OC 441 29.90 -96.44 7.61
N THR OC 442 29.30 -96.92 8.69
CA THR OC 442 27.89 -97.30 8.63
C THR OC 442 27.01 -96.12 8.23
N SER OC 443 27.38 -94.90 8.65
CA SER OC 443 26.56 -93.74 8.34
C SER OC 443 26.36 -93.61 6.82
N VAL OC 444 27.47 -93.51 6.09
CA VAL OC 444 27.43 -93.41 4.64
C VAL OC 444 26.85 -94.67 4.00
N ASP OC 445 27.13 -95.85 4.56
CA ASP OC 445 26.54 -97.07 4.03
C ASP OC 445 25.01 -97.04 4.08
N ALA OC 446 24.46 -96.62 5.22
CA ALA OC 446 23.02 -96.68 5.42
C ALA OC 446 22.27 -95.51 4.81
N LEU OC 447 22.75 -94.29 4.96
CA LEU OC 447 21.93 -93.14 4.62
C LEU OC 447 22.31 -92.50 3.28
N PRO OC 448 21.43 -92.55 2.28
CA PRO OC 448 21.73 -91.96 0.97
C PRO OC 448 21.95 -90.45 1.04
N GLU OC 449 23.07 -90.00 0.48
CA GLU OC 449 23.20 -88.58 0.15
C GLU OC 449 22.35 -88.25 -1.06
N VAL OC 450 21.56 -87.18 -0.96
CA VAL OC 450 20.97 -86.53 -2.11
C VAL OC 450 21.37 -85.06 -2.14
N GLY OC 451 21.56 -84.53 -3.33
CA GLY OC 451 22.03 -83.17 -3.50
C GLY OC 451 21.05 -82.14 -2.95
N ARG OC 452 21.57 -80.96 -2.66
CA ARG OC 452 20.77 -79.80 -2.28
C ARG OC 452 20.52 -78.96 -3.52
N THR OC 453 19.25 -78.74 -3.84
CA THR OC 453 18.87 -78.21 -5.15
C THR OC 453 17.77 -77.18 -5.02
N LEU OC 454 17.84 -76.16 -5.88
CA LEU OC 454 16.86 -75.09 -5.94
C LEU OC 454 16.49 -74.78 -7.39
N ILE OC 455 15.20 -74.60 -7.65
CA ILE OC 455 14.67 -74.29 -8.98
C ILE OC 455 13.60 -73.22 -8.85
N SER OC 456 13.56 -72.31 -9.82
CA SER OC 456 12.47 -71.34 -9.89
C SER OC 456 12.13 -71.06 -11.34
N THR OC 457 10.88 -71.30 -11.73
CA THR OC 457 10.52 -71.16 -13.14
C THR OC 457 9.00 -71.18 -13.33
N ILE OC 458 8.59 -70.88 -14.56
CA ILE OC 458 7.21 -71.02 -15.01
C ILE OC 458 7.13 -72.15 -16.03
N ALA OC 459 6.06 -72.94 -15.96
CA ALA OC 459 5.77 -73.94 -16.97
C ALA OC 459 4.27 -74.05 -17.18
N ARG OC 460 3.87 -74.40 -18.40
CA ARG OC 460 2.49 -74.64 -18.78
C ARG OC 460 2.37 -76.01 -19.41
N VAL OC 461 1.32 -76.75 -19.05
CA VAL OC 461 1.24 -78.16 -19.40
C VAL OC 461 -0.14 -78.56 -19.90
N PRO OC 462 -0.24 -79.40 -20.92
CA PRO OC 462 -1.53 -79.95 -21.33
C PRO OC 462 -2.29 -80.60 -20.18
N HIS OC 463 -3.62 -80.56 -20.30
CA HIS OC 463 -4.51 -80.69 -19.15
C HIS OC 463 -4.18 -81.87 -18.25
N GLY OC 464 -3.83 -83.01 -18.85
CA GLY OC 464 -3.56 -84.22 -18.08
C GLY OC 464 -2.14 -84.74 -18.12
N LYS OC 465 -1.20 -84.03 -18.73
CA LYS OC 465 0.10 -84.59 -19.03
C LYS OC 465 1.13 -84.12 -18.01
N SER OC 466 2.31 -84.73 -18.08
CA SER OC 466 3.42 -84.40 -17.20
C SER OC 466 4.60 -83.89 -18.00
N LEU OC 467 5.48 -83.17 -17.31
CA LEU OC 467 6.57 -82.44 -17.95
C LEU OC 467 7.77 -82.48 -17.02
N LEU OC 468 8.96 -82.53 -17.61
CA LEU OC 468 10.20 -82.43 -16.84
C LEU OC 468 10.64 -80.99 -16.72
N VAL OC 469 10.65 -80.48 -15.48
CA VAL OC 469 11.04 -79.11 -15.22
C VAL OC 469 12.55 -78.93 -15.04
N GLY OC 470 13.26 -79.95 -14.58
CA GLY OC 470 14.70 -79.84 -14.48
C GLY OC 470 15.35 -81.14 -14.07
N GLY OC 471 16.63 -81.25 -14.36
CA GLY OC 471 17.36 -82.44 -14.01
C GLY OC 471 18.85 -82.24 -14.14
N TYR OC 472 19.59 -83.22 -13.64
CA TYR OC 472 21.03 -83.15 -13.52
C TYR OC 472 21.62 -84.54 -13.65
N THR OC 473 22.79 -84.63 -14.25
CA THR OC 473 23.50 -85.90 -14.35
C THR OC 473 25.00 -85.67 -14.26
N ARG OC 474 25.71 -86.63 -13.67
CA ARG OC 474 27.16 -86.55 -13.62
C ARG OC 474 27.76 -87.94 -13.76
N ASP OC 475 28.80 -88.05 -14.59
CA ASP OC 475 29.50 -89.30 -14.84
C ASP OC 475 31.00 -89.08 -14.81
N ALA OC 476 31.72 -89.93 -14.08
CA ALA OC 476 33.13 -89.66 -13.86
C ALA OC 476 33.90 -90.96 -13.64
N ASN OC 477 35.19 -90.91 -13.99
CA ASN OC 477 36.09 -92.03 -13.84
C ASN OC 477 37.49 -91.54 -13.50
N THR OC 478 38.23 -92.37 -12.77
CA THR OC 478 39.61 -92.07 -12.44
C THR OC 478 40.40 -93.36 -12.26
N ASP OC 479 41.67 -93.32 -12.65
CA ASP OC 479 42.51 -94.49 -12.68
C ASP OC 479 43.95 -94.08 -12.41
N THR OC 480 44.68 -94.87 -11.63
CA THR OC 480 46.07 -94.47 -11.33
C THR OC 480 46.89 -95.70 -10.97
N VAL OC 481 48.20 -95.59 -11.17
CA VAL OC 481 49.13 -96.67 -10.87
C VAL OC 481 50.47 -96.10 -10.43
N GLN OC 482 51.17 -96.85 -9.58
CA GLN OC 482 52.38 -96.40 -8.90
C GLN OC 482 53.32 -97.58 -8.66
N SER OC 483 54.62 -97.40 -8.91
CA SER OC 483 55.53 -98.52 -8.74
C SER OC 483 56.97 -98.05 -8.56
N ILE OC 484 57.78 -98.94 -8.00
CA ILE OC 484 59.24 -98.89 -8.04
C ILE OC 484 59.74 -98.90 -9.48
N PRO OC 485 60.57 -97.95 -9.91
CA PRO OC 485 60.96 -97.89 -11.33
C PRO OC 485 61.57 -99.16 -11.92
N PHE OC 486 62.59 -99.75 -11.28
CA PHE OC 486 63.27 -100.89 -11.90
C PHE OC 486 62.58 -102.22 -11.64
N LEU OC 487 62.09 -102.42 -10.43
CA LEU OC 487 61.52 -103.72 -10.10
C LEU OC 487 60.11 -103.89 -10.64
N GLY OC 488 59.38 -102.80 -10.81
CA GLY OC 488 58.02 -102.88 -11.30
C GLY OC 488 57.89 -103.56 -12.65
N LYS OC 489 58.99 -103.80 -13.34
CA LYS OC 489 58.94 -104.45 -14.64
C LYS OC 489 59.66 -105.79 -14.67
N LEU OC 490 60.03 -106.33 -13.51
CA LEU OC 490 60.64 -107.64 -13.47
C LEU OC 490 59.62 -108.69 -13.90
N PRO OC 491 60.03 -109.68 -14.70
CA PRO OC 491 59.06 -110.64 -15.24
C PRO OC 491 58.29 -111.45 -14.19
N LEU OC 492 58.97 -111.99 -13.18
CA LEU OC 492 58.31 -112.83 -12.21
C LEU OC 492 57.84 -112.12 -10.95
N ILE OC 493 58.45 -111.01 -10.56
CA ILE OC 493 58.10 -110.35 -9.30
C ILE OC 493 57.63 -108.91 -9.49
N GLY OC 494 57.61 -108.39 -10.71
CA GLY OC 494 57.20 -107.01 -10.90
C GLY OC 494 55.88 -106.69 -10.22
N SER OC 495 54.93 -107.63 -10.25
CA SER OC 495 53.63 -107.45 -9.62
C SER OC 495 53.73 -107.20 -8.12
N LEU OC 496 54.84 -107.56 -7.49
CA LEU OC 496 55.04 -107.26 -6.08
C LEU OC 496 55.31 -105.78 -5.81
N PHE OC 497 55.66 -105.00 -6.82
CA PHE OC 497 56.08 -103.61 -6.63
C PHE OC 497 55.14 -102.60 -7.27
N ARG OC 498 53.97 -103.02 -7.74
CA ARG OC 498 52.98 -102.14 -8.31
C ARG OC 498 51.87 -101.83 -7.31
N TYR OC 499 51.33 -100.62 -7.40
CA TYR OC 499 50.04 -100.29 -6.84
C TYR OC 499 49.18 -99.55 -7.85
N SER OC 500 47.89 -99.89 -7.87
CA SER OC 500 46.96 -99.25 -8.79
C SER OC 500 45.56 -99.23 -8.19
N SER OC 501 44.75 -98.27 -8.64
CA SER OC 501 43.38 -98.12 -8.15
C SER OC 501 42.50 -97.46 -9.20
N LYS OC 502 41.19 -97.75 -9.12
CA LYS OC 502 40.22 -97.26 -10.08
C LYS OC 502 38.90 -96.90 -9.40
N ASN OC 503 38.27 -95.83 -9.89
CA ASN OC 503 36.98 -95.35 -9.38
C ASN OC 503 36.07 -94.95 -10.53
N LYS OC 504 34.79 -95.32 -10.44
CA LYS OC 504 33.81 -94.93 -11.44
C LYS OC 504 32.50 -94.57 -10.76
N SER OC 505 31.81 -93.54 -11.27
CA SER OC 505 30.58 -93.08 -10.65
C SER OC 505 29.61 -92.48 -11.67
N ASN OC 506 28.31 -92.69 -11.42
CA ASN OC 506 27.21 -92.18 -12.23
C ASN OC 506 26.05 -91.72 -11.35
N VAL OC 507 25.46 -90.57 -11.67
CA VAL OC 507 24.38 -89.99 -10.89
C VAL OC 507 23.36 -89.34 -11.82
N VAL OC 508 22.08 -89.56 -11.53
CA VAL OC 508 20.94 -88.97 -12.24
C VAL OC 508 19.89 -88.47 -11.25
N ARG OC 509 19.37 -87.26 -11.48
CA ARG OC 509 18.42 -86.61 -10.58
C ARG OC 509 17.47 -85.75 -11.40
N VAL OC 510 16.16 -86.02 -11.32
CA VAL OC 510 15.14 -85.37 -12.14
C VAL OC 510 13.93 -84.94 -11.32
N PHE OC 511 13.33 -83.82 -11.72
CA PHE OC 511 12.11 -83.27 -11.12
C PHE OC 511 11.01 -83.16 -12.17
N MET OC 512 9.88 -83.81 -11.90
CA MET OC 512 8.74 -83.84 -12.83
C MET OC 512 7.47 -83.36 -12.12
N ILE OC 513 6.60 -82.71 -12.89
CA ILE OC 513 5.36 -82.11 -12.39
C ILE OC 513 4.17 -82.68 -13.13
N GLU OC 514 3.11 -83.00 -12.39
CA GLU OC 514 1.91 -83.67 -12.92
C GLU OC 514 0.63 -83.11 -12.33
N PRO OC 515 0.21 -81.93 -12.76
CA PRO OC 515 -1.01 -81.32 -12.20
C PRO OC 515 -2.29 -81.97 -12.69
N LYS OC 516 -3.29 -81.99 -11.80
CA LYS OC 516 -4.59 -82.59 -12.06
C LYS OC 516 -5.71 -81.72 -11.52
N GLU OC 517 -6.78 -81.56 -12.30
CA GLU OC 517 -8.00 -80.94 -11.78
C GLU OC 517 -8.75 -81.86 -10.83
N ILE OC 518 -9.31 -81.27 -9.78
CA ILE OC 518 -10.13 -81.97 -8.78
C ILE OC 518 -11.57 -81.51 -8.89
N VAL OC 519 -12.46 -82.44 -9.20
CA VAL OC 519 -13.88 -82.16 -9.35
C VAL OC 519 -14.73 -82.86 -8.29
N ASP OC 520 -14.29 -84.01 -7.81
CA ASP OC 520 -15.09 -84.83 -6.91
C ASP OC 520 -14.36 -85.11 -5.59
N PRO OC 521 -15.10 -85.19 -4.47
CA PRO OC 521 -14.48 -85.56 -3.20
C PRO OC 521 -13.99 -86.99 -3.08
N LEU OC 522 -13.43 -87.30 -1.92
CA LEU OC 522 -13.00 -88.65 -1.58
C LEU OC 522 -14.16 -89.64 -1.63
N THR OC 523 -13.85 -90.86 -2.07
CA THR OC 523 -14.78 -91.98 -2.14
C THR OC 523 -14.02 -93.31 -2.05
N PRO OC 524 -14.13 -94.07 -0.95
CA PRO OC 524 -14.82 -93.91 0.33
C PRO OC 524 -14.36 -92.74 1.18
N ASP OC 525 -15.18 -92.42 2.19
CA ASP OC 525 -14.85 -91.36 3.13
C ASP OC 525 -13.64 -91.67 3.98
N ALA OC 526 -13.05 -90.58 4.49
CA ALA OC 526 -11.91 -90.64 5.39
C ALA OC 526 -12.17 -91.60 6.54
N SER OC 527 -13.26 -91.39 7.26
CA SER OC 527 -13.59 -92.27 8.38
C SER OC 527 -13.69 -93.72 7.95
N GLU OC 528 -14.26 -93.98 6.78
CA GLU OC 528 -14.33 -95.36 6.29
C GLU OC 528 -12.95 -95.98 6.19
N SER OC 529 -12.05 -95.32 5.47
CA SER OC 529 -10.68 -95.82 5.38
C SER OC 529 -10.00 -95.95 6.74
N VAL OC 530 -10.13 -94.92 7.57
CA VAL OC 530 -9.51 -94.92 8.90
C VAL OC 530 -9.97 -96.10 9.75
N ASN OC 531 -11.26 -96.42 9.73
CA ASN OC 531 -11.73 -97.58 10.50
C ASN OC 531 -11.00 -98.85 10.10
N ASN OC 532 -10.87 -99.08 8.79
CA ASN OC 532 -10.11 -100.23 8.31
C ASN OC 532 -8.68 -100.21 8.82
N ILE OC 533 -7.98 -99.10 8.56
CA ILE OC 533 -6.61 -98.96 9.05
C ILE OC 533 -6.51 -99.33 10.53
N LEU OC 534 -7.32 -98.68 11.36
CA LEU OC 534 -7.32 -98.92 12.80
C LEU OC 534 -7.48 -100.39 13.15
N LYS OC 535 -8.55 -101.02 12.67
CA LYS OC 535 -8.80 -102.42 13.01
C LYS OC 535 -7.70 -103.34 12.50
N GLN OC 536 -7.32 -103.19 11.23
CA GLN OC 536 -6.27 -104.04 10.68
C GLN OC 536 -4.95 -103.85 11.41
N SER OC 537 -4.72 -102.68 11.98
CA SER OC 537 -3.54 -102.41 12.80
C SER OC 537 -3.70 -102.84 14.25
N GLY OC 538 -4.92 -103.20 14.67
CA GLY OC 538 -5.17 -103.44 16.07
C GLY OC 538 -5.03 -102.24 16.96
N ALA OC 539 -5.02 -101.05 16.37
CA ALA OC 539 -4.95 -99.80 17.12
C ALA OC 539 -6.31 -99.40 17.67
N TRP OC 540 -7.38 -99.98 17.15
CA TRP OC 540 -8.75 -99.63 17.51
C TRP OC 540 -8.93 -99.57 19.03
N SER OC 541 -9.77 -98.60 19.44
CA SER OC 541 -10.03 -98.31 20.86
C SER OC 541 -11.50 -98.18 21.21
N GLY OC 542 -12.38 -97.94 20.24
CA GLY OC 542 -13.79 -97.72 20.53
C GLY OC 542 -14.45 -98.87 21.26
N ASP OC 543 -13.82 -100.04 21.24
CA ASP OC 543 -14.32 -101.19 21.98
C ASP OC 543 -14.20 -100.99 23.48
N ASP OC 544 -13.51 -99.94 23.93
CA ASP OC 544 -13.33 -99.72 25.35
C ASP OC 544 -14.64 -99.35 26.02
N LYS OC 545 -14.88 -99.98 27.15
CA LYS OC 545 -16.11 -99.80 27.91
C LYS OC 545 -16.18 -98.44 28.56
N LEU OC 546 -15.05 -97.76 28.73
CA LEU OC 546 -15.04 -96.46 29.38
C LEU OC 546 -14.99 -95.29 28.41
N GLN OC 547 -14.11 -95.33 27.42
CA GLN OC 547 -14.01 -94.20 26.49
C GLN OC 547 -15.27 -94.01 25.64
N LYS OC 548 -16.07 -95.06 25.45
CA LYS OC 548 -17.29 -94.95 24.67
C LYS OC 548 -18.15 -93.75 25.09
N TRP OC 549 -18.22 -93.49 26.40
CA TRP OC 549 -19.07 -92.42 26.92
C TRP OC 549 -18.72 -91.05 26.39
N VAL OC 550 -17.53 -90.89 25.83
CA VAL OC 550 -17.08 -89.64 25.24
C VAL OC 550 -16.93 -89.77 23.75
N ARG OC 551 -16.30 -90.86 23.31
CA ARG OC 551 -16.15 -91.14 21.89
C ARG OC 551 -17.47 -90.94 21.16
N VAL OC 552 -18.58 -91.39 21.76
CA VAL OC 552 -19.89 -91.23 21.12
C VAL OC 552 -20.10 -89.83 20.57
N TYR OC 553 -19.91 -88.79 21.38
CA TYR OC 553 -20.14 -87.44 20.91
C TYR OC 553 -19.36 -87.11 19.65
N LEU OC 554 -18.12 -87.60 19.56
CA LEU OC 554 -17.27 -87.35 18.40
C LEU OC 554 -17.65 -88.19 17.20
N ASP OC 555 -17.76 -89.49 17.37
CA ASP OC 555 -17.99 -90.42 16.28
C ASP OC 555 -19.48 -90.54 15.94
N ARG OC 556 -20.35 -90.63 16.94
CA ARG OC 556 -21.77 -90.72 16.63
C ARG OC 556 -22.30 -89.36 16.16
N GLY OC 557 -22.07 -88.32 16.95
CA GLY OC 557 -22.60 -87.00 16.66
C GLY OC 557 -24.08 -86.93 16.98
N PRO PC 29 -94.37 15.36 3.80
CA PRO PC 29 -94.11 13.94 4.05
C PRO PC 29 -94.54 13.52 5.45
N VAL PC 30 -95.10 12.31 5.57
CA VAL PC 30 -95.91 11.97 6.74
C VAL PC 30 -95.06 11.46 7.89
N THR PC 31 -94.18 10.50 7.66
CA THR PC 31 -93.40 9.90 8.74
C THR PC 31 -92.22 9.14 8.14
N GLY PC 32 -91.39 8.59 9.02
CA GLY PC 32 -90.35 7.68 8.62
C GLY PC 32 -89.02 8.28 8.26
N SER PC 33 -88.79 9.55 8.57
CA SER PC 33 -87.44 10.10 8.57
C SER PC 33 -86.74 9.90 7.24
N GLY PC 34 -87.40 10.24 6.16
CA GLY PC 34 -86.78 10.21 4.86
C GLY PC 34 -85.96 11.45 4.59
N PHE PC 35 -85.38 11.49 3.40
CA PHE PC 35 -84.61 12.64 2.95
C PHE PC 35 -85.14 13.04 1.58
N VAL PC 36 -85.20 14.34 1.32
CA VAL PC 36 -85.65 14.86 0.05
C VAL PC 36 -84.49 15.56 -0.61
N ALA PC 37 -84.02 15.01 -1.73
CA ALA PC 37 -82.83 15.49 -2.41
C ALA PC 37 -83.23 16.23 -3.68
N LYS PC 38 -82.59 17.36 -3.94
CA LYS PC 38 -82.88 18.18 -5.11
C LYS PC 38 -81.57 18.53 -5.79
N ASP PC 39 -81.09 17.63 -6.64
CA ASP PC 39 -79.81 17.80 -7.33
C ASP PC 39 -78.67 17.95 -6.32
N ASP PC 40 -78.46 16.91 -5.53
CA ASP PC 40 -77.51 16.92 -4.44
C ASP PC 40 -76.33 16.02 -4.74
N SER PC 41 -75.14 16.46 -4.38
CA SER PC 41 -73.98 15.61 -4.52
C SER PC 41 -74.14 14.37 -3.66
N LEU PC 42 -73.60 13.25 -4.16
CA LEU PC 42 -73.60 12.03 -3.37
C LEU PC 42 -72.97 12.18 -2.00
N ARG PC 43 -71.99 13.07 -1.84
CA ARG PC 43 -71.41 13.26 -0.51
C ARG PC 43 -72.41 13.80 0.50
N THR PC 44 -73.19 14.80 0.11
CA THR PC 44 -74.21 15.33 1.00
C THR PC 44 -75.45 14.46 1.03
N PHE PC 45 -75.60 13.54 0.09
CA PHE PC 45 -76.67 12.56 0.24
C PHE PC 45 -76.31 11.52 1.30
N PHE PC 46 -75.16 10.86 1.15
CA PHE PC 46 -74.82 9.78 2.07
C PHE PC 46 -74.50 10.28 3.47
N ASP PC 47 -74.15 11.56 3.65
CA ASP PC 47 -74.10 12.04 5.02
C ASP PC 47 -75.47 11.99 5.68
N ALA PC 48 -76.52 12.29 4.93
CA ALA PC 48 -77.85 12.23 5.53
C ALA PC 48 -78.22 10.81 5.94
N MET PC 49 -77.67 9.80 5.28
CA MET PC 49 -77.94 8.41 5.62
C MET PC 49 -77.07 7.91 6.75
N ALA PC 50 -76.03 8.66 7.10
CA ALA PC 50 -75.04 8.17 8.04
C ALA PC 50 -75.60 7.95 9.44
N LEU PC 51 -76.65 8.65 9.83
CA LEU PC 51 -77.23 8.44 11.15
C LEU PC 51 -78.00 7.13 11.25
N GLN PC 52 -78.73 6.76 10.19
CA GLN PC 52 -79.42 5.48 10.20
C GLN PC 52 -78.46 4.32 10.03
N LEU PC 53 -77.42 4.50 9.23
CA LEU PC 53 -76.33 3.54 9.23
C LEU PC 53 -75.55 3.48 10.53
N LYS PC 54 -75.58 4.56 11.33
CA LYS PC 54 -74.89 4.59 12.62
C LYS PC 54 -73.37 4.50 12.48
N GLU PC 55 -72.84 4.97 11.35
CA GLU PC 55 -71.42 4.91 11.08
C GLU PC 55 -71.05 6.14 10.28
N PRO PC 56 -69.86 6.68 10.47
CA PRO PC 56 -69.37 7.74 9.60
C PRO PC 56 -69.14 7.22 8.18
N VAL PC 57 -69.37 8.08 7.20
CA VAL PC 57 -69.27 7.69 5.79
C VAL PC 57 -68.26 8.61 5.11
N ILE PC 58 -67.42 8.01 4.28
CA ILE PC 58 -66.39 8.69 3.51
C ILE PC 58 -66.60 8.41 2.02
N VAL PC 59 -66.72 9.47 1.23
CA VAL PC 59 -67.02 9.37 -0.19
C VAL PC 59 -65.85 9.95 -0.96
N SER PC 60 -65.32 9.17 -1.88
CA SER PC 60 -64.22 9.57 -2.74
C SER PC 60 -64.53 10.79 -3.60
N LYS PC 61 -63.44 11.43 -4.00
CA LYS PC 61 -63.48 12.64 -4.82
C LYS PC 61 -64.16 12.39 -6.16
N MET PC 62 -63.99 11.22 -6.74
CA MET PC 62 -64.57 10.91 -8.03
C MET PC 62 -66.00 10.44 -7.95
N ALA PC 63 -66.41 9.85 -6.83
CA ALA PC 63 -67.82 9.58 -6.62
C ALA PC 63 -68.61 10.85 -6.34
N ALA PC 64 -68.02 11.81 -5.64
CA ALA PC 64 -68.75 13.02 -5.30
C ALA PC 64 -69.26 13.81 -6.50
N ARG PC 65 -68.83 13.51 -7.73
CA ARG PC 65 -69.34 14.24 -8.89
C ARG PC 65 -70.78 13.88 -9.25
N LYS PC 66 -71.22 12.66 -8.98
CA LYS PC 66 -72.53 12.21 -9.39
C LYS PC 66 -73.65 12.91 -8.60
N LYS PC 67 -74.82 13.04 -9.21
CA LYS PC 67 -75.95 13.77 -8.64
C LYS PC 67 -77.18 12.91 -8.59
N ILE PC 68 -78.02 13.11 -7.56
CA ILE PC 68 -79.24 12.34 -7.36
C ILE PC 68 -80.37 13.26 -6.93
N THR PC 69 -81.60 12.88 -7.28
CA THR PC 69 -82.80 13.66 -6.96
C THR PC 69 -83.98 12.76 -6.62
N GLY PC 70 -84.75 13.13 -5.59
CA GLY PC 70 -85.96 12.39 -5.23
C GLY PC 70 -86.27 12.28 -3.75
N ASN PC 71 -87.33 11.55 -3.39
CA ASN PC 71 -87.63 11.20 -2.00
C ASN PC 71 -87.10 9.82 -1.64
N PHE PC 72 -86.50 9.70 -0.46
CA PHE PC 72 -86.05 8.39 -0.01
C PHE PC 72 -86.46 8.13 1.42
N GLU PC 73 -86.98 6.93 1.68
CA GLU PC 73 -87.32 6.47 3.02
C GLU PC 73 -86.26 5.50 3.52
N PHE PC 74 -85.73 5.75 4.72
CA PHE PC 74 -84.62 4.98 5.25
C PHE PC 74 -85.06 3.84 6.16
N HIS PC 75 -86.03 3.04 5.72
CA HIS PC 75 -86.44 1.86 6.50
C HIS PC 75 -85.29 0.88 6.70
N ASP PC 76 -84.54 0.57 5.65
CA ASP PC 76 -83.43 -0.38 5.74
C ASP PC 76 -82.24 0.14 4.95
N PRO PC 77 -81.43 0.98 5.57
CA PRO PC 77 -80.30 1.59 4.86
C PRO PC 77 -79.36 0.59 4.23
N ASN PC 78 -79.22 -0.61 4.77
CA ASN PC 78 -78.32 -1.58 4.16
C ASN PC 78 -78.82 -2.01 2.79
N ALA PC 79 -80.11 -2.36 2.72
CA ALA PC 79 -80.71 -2.71 1.45
C ALA PC 79 -80.64 -1.56 0.48
N LEU PC 80 -81.01 -0.36 0.93
CA LEU PC 80 -80.94 0.78 0.03
C LEU PC 80 -79.52 1.03 -0.46
N LEU PC 81 -78.53 0.86 0.41
CA LEU PC 81 -77.14 1.03 0.02
C LEU PC 81 -76.75 0.05 -1.07
N GLU PC 82 -77.17 -1.20 -0.96
CA GLU PC 82 -76.80 -2.18 -1.97
C GLU PC 82 -77.48 -1.89 -3.31
N LYS PC 83 -78.78 -1.62 -3.26
CA LYS PC 83 -79.50 -1.29 -4.48
C LYS PC 83 -78.87 -0.10 -5.21
N LEU PC 84 -78.64 0.99 -4.49
CA LEU PC 84 -78.05 2.15 -5.16
C LEU PC 84 -76.61 1.93 -5.58
N SER PC 85 -75.85 1.09 -4.88
CA SER PC 85 -74.52 0.75 -5.38
C SER PC 85 -74.58 0.12 -6.75
N LEU PC 86 -75.46 -0.85 -6.93
CA LEU PC 86 -75.57 -1.49 -8.24
C LEU PC 86 -76.16 -0.57 -9.29
N GLN PC 87 -77.14 0.26 -8.94
CA GLN PC 87 -77.72 1.16 -9.93
C GLN PC 87 -76.74 2.22 -10.39
N LEU PC 88 -75.95 2.81 -9.49
CA LEU PC 88 -75.14 3.96 -9.85
C LEU PC 88 -73.68 3.62 -10.14
N GLY PC 89 -73.25 2.40 -9.86
CA GLY PC 89 -71.91 2.00 -10.25
C GLY PC 89 -70.84 2.38 -9.24
N LEU PC 90 -71.05 1.98 -8.00
CA LEU PC 90 -70.17 2.27 -6.90
C LEU PC 90 -69.74 0.97 -6.26
N ILE PC 91 -68.65 1.02 -5.50
CA ILE PC 91 -68.24 -0.10 -4.68
C ILE PC 91 -68.05 0.45 -3.28
N TRP PC 92 -68.21 -0.40 -2.27
CA TRP PC 92 -68.11 0.09 -0.91
C TRP PC 92 -67.62 -0.99 0.04
N TYR PC 93 -67.23 -0.55 1.23
CA TYR PC 93 -66.56 -1.42 2.18
C TYR PC 93 -66.77 -0.89 3.58
N PHE PC 94 -66.49 -1.76 4.56
CA PHE PC 94 -66.85 -1.50 5.96
C PHE PC 94 -65.85 -2.20 6.87
N ASP PC 95 -64.90 -1.44 7.39
CA ASP PC 95 -63.85 -1.96 8.27
C ASP PC 95 -64.33 -2.23 9.69
N GLY PC 96 -65.57 -1.89 10.02
CA GLY PC 96 -66.11 -1.93 11.36
C GLY PC 96 -66.14 -0.60 12.08
N GLN PC 97 -65.38 0.38 11.62
CA GLN PC 97 -65.38 1.73 12.17
C GLN PC 97 -66.11 2.71 11.27
N ALA PC 98 -65.95 2.59 9.96
CA ALA PC 98 -66.53 3.55 9.03
C ALA PC 98 -66.80 2.88 7.70
N ILE PC 99 -67.67 3.51 6.91
CA ILE PC 99 -68.02 3.05 5.57
C ILE PC 99 -67.28 3.88 4.54
N TYR PC 100 -66.70 3.21 3.55
CA TYR PC 100 -65.96 3.87 2.48
C TYR PC 100 -66.61 3.54 1.15
N ILE PC 101 -66.76 4.55 0.30
CA ILE PC 101 -67.46 4.43 -0.96
C ILE PC 101 -66.60 4.98 -2.07
N TYR PC 102 -66.51 4.24 -3.18
CA TYR PC 102 -65.66 4.61 -4.30
C TYR PC 102 -66.43 4.46 -5.60
N ASP PC 103 -65.94 5.13 -6.63
CA ASP PC 103 -66.41 4.89 -7.99
C ASP PC 103 -65.88 3.55 -8.48
N ALA PC 104 -66.71 2.83 -9.23
CA ALA PC 104 -66.38 1.45 -9.57
C ALA PC 104 -65.12 1.32 -10.41
N SER PC 105 -64.75 2.35 -11.16
CA SER PC 105 -63.52 2.25 -11.93
C SER PC 105 -62.27 2.20 -11.05
N GLU PC 106 -62.36 2.62 -9.80
CA GLU PC 106 -61.22 2.69 -8.90
C GLU PC 106 -60.82 1.34 -8.32
N MET PC 107 -61.52 0.27 -8.63
CA MET PC 107 -61.17 -1.05 -8.12
C MET PC 107 -59.73 -1.41 -8.45
N ARG PC 108 -59.13 -2.23 -7.58
CA ARG PC 108 -57.69 -2.51 -7.68
C ARG PC 108 -57.47 -3.99 -7.42
N ASN PC 109 -56.31 -4.52 -7.84
CA ASN PC 109 -56.06 -5.94 -7.68
C ASN PC 109 -54.58 -6.25 -7.60
N ALA PC 110 -54.26 -7.42 -7.04
CA ALA PC 110 -52.88 -7.79 -6.73
C ALA PC 110 -52.77 -9.31 -6.64
N VAL PC 111 -51.53 -9.79 -6.82
CA VAL PC 111 -51.13 -11.17 -6.54
C VAL PC 111 -50.12 -11.18 -5.41
N VAL PC 112 -50.31 -12.07 -4.44
CA VAL PC 112 -49.45 -12.19 -3.26
C VAL PC 112 -48.95 -13.61 -3.16
N SER PC 113 -47.73 -13.77 -2.62
CA SER PC 113 -47.09 -15.08 -2.51
C SER PC 113 -46.28 -15.18 -1.23
N LEU PC 114 -46.77 -16.00 -0.30
CA LEU PC 114 -46.21 -16.22 1.02
C LEU PC 114 -45.31 -17.44 1.01
N ARG PC 115 -44.35 -17.46 1.92
CA ARG PC 115 -43.48 -18.62 2.09
C ARG PC 115 -43.94 -19.49 3.26
N ASN PC 116 -44.15 -18.90 4.42
CA ASN PC 116 -44.20 -19.61 5.68
C ASN PC 116 -45.62 -19.92 6.13
N VAL PC 117 -46.62 -19.50 5.38
CA VAL PC 117 -48.01 -19.53 5.82
C VAL PC 117 -48.83 -20.02 4.63
N SER PC 118 -50.05 -20.44 4.89
CA SER PC 118 -50.92 -20.94 3.84
C SER PC 118 -52.26 -20.22 3.85
N LEU PC 119 -52.87 -20.19 2.68
CA LEU PC 119 -54.08 -19.39 2.51
C LEU PC 119 -55.12 -19.80 3.54
N ASN PC 120 -55.14 -21.07 3.91
CA ASN PC 120 -56.09 -21.55 4.90
C ASN PC 120 -55.76 -20.98 6.27
N GLU PC 121 -54.48 -20.74 6.53
CA GLU PC 121 -54.08 -20.12 7.78
C GLU PC 121 -54.49 -18.66 7.81
N PHE PC 122 -54.24 -17.94 6.72
CA PHE PC 122 -54.46 -16.51 6.74
C PHE PC 122 -55.95 -16.17 6.75
N ASN PC 123 -56.79 -16.99 6.12
CA ASN PC 123 -58.23 -16.76 6.23
C ASN PC 123 -58.69 -16.74 7.68
N ASN PC 124 -58.20 -17.69 8.49
CA ASN PC 124 -58.57 -17.73 9.90
C ASN PC 124 -58.27 -16.40 10.59
N PHE PC 125 -57.08 -15.86 10.36
CA PHE PC 125 -56.74 -14.56 10.93
C PHE PC 125 -57.74 -13.50 10.52
N LEU PC 126 -58.04 -13.40 9.23
CA LEU PC 126 -59.05 -12.42 8.81
C LEU PC 126 -60.36 -12.62 9.56
N LYS PC 127 -60.80 -13.86 9.69
CA LYS PC 127 -62.05 -14.14 10.41
C LYS PC 127 -61.98 -13.67 11.86
N ARG PC 128 -60.97 -14.11 12.60
CA ARG PC 128 -60.82 -13.65 13.98
C ARG PC 128 -60.79 -12.14 14.08
N SER PC 129 -60.07 -11.48 13.18
CA SER PC 129 -60.04 -10.02 13.15
C SER PC 129 -61.40 -9.41 12.87
N GLY PC 130 -62.28 -10.12 12.17
CA GLY PC 130 -63.50 -9.49 11.71
C GLY PC 130 -63.31 -8.58 10.53
N LEU PC 131 -62.29 -8.87 9.71
CA LEU PC 131 -61.89 -8.13 8.54
C LEU PC 131 -62.36 -8.84 7.27
N TYR PC 132 -62.61 -10.13 7.38
CA TYR PC 132 -63.11 -10.96 6.29
C TYR PC 132 -64.35 -10.35 5.65
N ASN PC 133 -64.42 -10.49 4.33
CA ASN PC 133 -65.50 -9.95 3.50
C ASN PC 133 -65.82 -10.96 2.41
N LYS PC 134 -66.95 -11.63 2.56
CA LYS PC 134 -67.42 -12.63 1.61
C LYS PC 134 -67.69 -12.12 0.22
N ASN PC 135 -67.77 -10.80 0.01
CA ASN PC 135 -67.91 -10.27 -1.34
C ASN PC 135 -66.61 -10.22 -2.10
N TYR PC 136 -65.48 -10.11 -1.41
CA TYR PC 136 -64.17 -9.97 -2.05
C TYR PC 136 -63.19 -10.96 -1.43
N PRO PC 137 -63.49 -12.24 -1.45
CA PRO PC 137 -62.58 -13.23 -0.88
C PRO PC 137 -61.32 -13.46 -1.69
N LEU PC 138 -60.29 -13.91 -0.98
CA LEU PC 138 -59.06 -14.37 -1.62
C LEU PC 138 -59.32 -15.59 -2.49
N ARG PC 139 -58.66 -15.65 -3.65
CA ARG PC 139 -58.81 -16.75 -4.58
C ARG PC 139 -57.50 -17.47 -4.83
N GLY PC 140 -57.48 -18.77 -4.58
CA GLY PC 140 -56.29 -19.58 -4.71
C GLY PC 140 -56.45 -20.91 -4.01
N ASP PC 141 -55.45 -21.76 -4.21
CA ASP PC 141 -55.42 -23.08 -3.57
C ASP PC 141 -55.23 -22.99 -2.07
N ASN PC 142 -56.23 -23.45 -1.33
CA ASN PC 142 -56.19 -23.39 0.13
C ASN PC 142 -54.89 -23.94 0.71
N ARG PC 143 -54.31 -24.96 0.11
CA ARG PC 143 -53.08 -25.52 0.64
C ARG PC 143 -51.83 -24.73 0.27
N LYS PC 144 -51.84 -24.09 -0.89
CA LYS PC 144 -50.68 -23.37 -1.40
C LYS PC 144 -50.56 -21.99 -0.77
N GLY PC 145 -49.42 -21.36 -1.01
CA GLY PC 145 -49.13 -20.03 -0.54
C GLY PC 145 -49.24 -18.89 -1.54
N THR PC 146 -49.98 -19.05 -2.63
CA THR PC 146 -50.12 -17.98 -3.60
C THR PC 146 -51.60 -17.70 -3.79
N PHE PC 147 -51.95 -16.42 -3.84
CA PHE PC 147 -53.35 -16.06 -4.02
C PHE PC 147 -53.50 -14.73 -4.72
N TYR PC 148 -54.69 -14.56 -5.31
CA TYR PC 148 -55.08 -13.35 -6.01
C TYR PC 148 -56.19 -12.65 -5.22
N VAL PC 149 -56.13 -11.32 -5.15
CA VAL PC 149 -57.16 -10.55 -4.48
C VAL PC 149 -57.46 -9.25 -5.23
N SER PC 150 -58.72 -8.86 -5.27
CA SER PC 150 -59.10 -7.60 -5.89
C SER PC 150 -60.29 -7.01 -5.16
N GLY PC 151 -60.39 -5.68 -5.19
CA GLY PC 151 -61.42 -4.97 -4.47
C GLY PC 151 -61.07 -3.52 -4.22
N PRO PC 152 -61.80 -2.88 -3.31
CA PRO PC 152 -61.57 -1.48 -2.98
C PRO PC 152 -60.18 -1.22 -2.42
N PRO PC 153 -59.59 -0.07 -2.75
CA PRO PC 153 -58.21 0.19 -2.32
C PRO PC 153 -57.88 -0.04 -0.85
N VAL PC 154 -58.69 0.45 0.08
CA VAL PC 154 -58.32 0.25 1.48
C VAL PC 154 -58.20 -1.22 1.76
N TYR PC 155 -59.01 -2.01 1.09
CA TYR PC 155 -59.08 -3.43 1.36
C TYR PC 155 -57.82 -4.11 0.83
N VAL PC 156 -57.52 -3.87 -0.44
CA VAL PC 156 -56.38 -4.56 -1.02
C VAL PC 156 -55.07 -4.13 -0.37
N ASP PC 157 -54.96 -2.87 0.07
CA ASP PC 157 -53.70 -2.49 0.68
C ASP PC 157 -53.57 -3.05 2.09
N MET PC 158 -54.68 -3.16 2.80
CA MET PC 158 -54.63 -3.76 4.13
C MET PC 158 -54.22 -5.22 4.00
N VAL PC 159 -54.93 -5.98 3.17
CA VAL PC 159 -54.63 -7.39 3.02
C VAL PC 159 -53.19 -7.64 2.59
N VAL PC 160 -52.65 -6.83 1.69
CA VAL PC 160 -51.30 -7.13 1.23
C VAL PC 160 -50.24 -6.78 2.26
N ASN PC 161 -50.43 -5.70 3.00
CA ASN PC 161 -49.43 -5.38 4.01
C ASN PC 161 -49.49 -6.35 5.18
N ALA PC 162 -50.69 -6.75 5.58
CA ALA PC 162 -50.82 -7.69 6.68
C ALA PC 162 -50.18 -9.03 6.33
N ALA PC 163 -50.50 -9.56 5.15
CA ALA PC 163 -49.91 -10.84 4.78
C ALA PC 163 -48.38 -10.79 4.73
N THR PC 164 -47.81 -9.71 4.19
CA THR PC 164 -46.35 -9.64 4.19
C THR PC 164 -45.75 -9.59 5.60
N MET PC 165 -46.34 -8.80 6.49
CA MET PC 165 -45.84 -8.77 7.87
C MET PC 165 -45.94 -10.13 8.56
N MET PC 166 -47.07 -10.82 8.44
CA MET PC 166 -47.17 -12.16 9.01
C MET PC 166 -46.10 -13.09 8.50
N ASP PC 167 -45.88 -13.11 7.19
CA ASP PC 167 -44.83 -13.97 6.67
C ASP PC 167 -43.48 -13.64 7.29
N LYS PC 168 -43.13 -12.37 7.36
CA LYS PC 168 -41.84 -12.04 7.96
C LYS PC 168 -41.76 -12.46 9.42
N GLN PC 169 -42.86 -12.35 10.18
CA GLN PC 169 -42.82 -12.80 11.57
C GLN PC 169 -42.63 -14.30 11.70
N ASN PC 170 -43.46 -15.08 11.01
CA ASN PC 170 -43.29 -16.53 11.04
C ASN PC 170 -41.94 -17.01 10.54
N ASP PC 171 -41.24 -16.21 9.74
CA ASP PC 171 -39.95 -16.65 9.24
C ASP PC 171 -39.00 -17.12 10.33
N GLY PC 172 -39.10 -16.57 11.55
CA GLY PC 172 -38.25 -16.99 12.65
C GLY PC 172 -38.58 -18.32 13.33
N ILE PC 173 -39.78 -18.85 13.12
CA ILE PC 173 -40.14 -20.14 13.71
C ILE PC 173 -39.37 -21.29 13.07
N GLU PC 174 -38.88 -22.20 13.91
CA GLU PC 174 -38.26 -23.45 13.47
C GLU PC 174 -39.21 -24.62 13.68
N LEU PC 175 -39.38 -25.42 12.62
CA LEU PC 175 -40.25 -26.60 12.64
C LEU PC 175 -39.53 -27.94 12.75
N GLY PC 176 -38.26 -28.03 12.35
CA GLY PC 176 -37.52 -29.27 12.50
C GLY PC 176 -37.26 -29.74 13.93
N ARG PC 177 -38.01 -30.75 14.36
CA ARG PC 177 -37.85 -31.35 15.67
C ARG PC 177 -37.10 -32.66 15.51
N GLN PC 178 -36.06 -32.85 16.31
CA GLN PC 178 -35.36 -34.12 16.36
C GLN PC 178 -36.05 -35.08 17.31
N LYS PC 179 -35.86 -36.38 17.07
CA LYS PC 179 -36.22 -37.40 18.03
C LYS PC 179 -35.06 -38.38 18.23
N ILE PC 180 -35.10 -39.07 19.37
CA ILE PC 180 -34.12 -40.09 19.71
C ILE PC 180 -34.81 -41.45 19.82
N GLY PC 181 -34.25 -42.44 19.14
CA GLY PC 181 -34.66 -43.82 19.28
C GLY PC 181 -33.67 -44.62 20.08
N VAL PC 182 -34.15 -45.73 20.64
CA VAL PC 182 -33.33 -46.73 21.30
C VAL PC 182 -33.70 -48.09 20.73
N MET PC 183 -32.71 -48.92 20.45
CA MET PC 183 -33.00 -50.19 19.79
C MET PC 183 -32.04 -51.27 20.28
N ARG PC 184 -32.59 -52.29 20.93
CA ARG PC 184 -31.80 -53.46 21.29
C ARG PC 184 -31.45 -54.29 20.07
N LEU PC 185 -30.23 -54.83 20.06
CA LEU PC 185 -29.85 -55.84 19.09
C LEU PC 185 -30.02 -57.22 19.72
N ASN PC 186 -30.73 -58.09 19.02
CA ASN PC 186 -31.04 -59.41 19.57
C ASN PC 186 -29.98 -60.44 19.27
N ASN PC 187 -29.30 -60.34 18.13
CA ASN PC 187 -28.48 -61.42 17.62
C ASN PC 187 -26.98 -61.14 17.60
N THR PC 188 -26.49 -60.01 18.11
CA THR PC 188 -25.08 -59.70 17.91
C THR PC 188 -24.60 -58.66 18.91
N PHE PC 189 -23.28 -58.49 18.95
CA PHE PC 189 -22.63 -57.51 19.81
C PHE PC 189 -22.48 -56.15 19.11
N VAL PC 190 -22.63 -55.09 19.89
CA VAL PC 190 -22.62 -53.73 19.35
C VAL PC 190 -21.25 -53.30 18.86
N GLY PC 191 -20.24 -53.40 19.69
CA GLY PC 191 -18.93 -52.88 19.32
C GLY PC 191 -18.14 -53.63 18.28
N ASP PC 192 -17.12 -52.94 17.79
CA ASP PC 192 -16.10 -53.52 16.95
C ASP PC 192 -15.38 -54.63 17.69
N ARG PC 193 -14.88 -55.60 16.94
CA ARG PC 193 -14.28 -56.78 17.53
C ARG PC 193 -12.88 -56.97 16.99
N THR PC 194 -12.06 -57.66 17.78
CA THR PC 194 -10.69 -57.94 17.41
C THR PC 194 -10.33 -59.34 17.90
N TYR PC 195 -9.81 -60.15 16.99
CA TYR PC 195 -9.35 -61.49 17.28
C TYR PC 195 -7.83 -61.52 17.19
N ASN PC 196 -7.20 -61.77 18.33
CA ASN PC 196 -5.75 -61.75 18.47
C ASN PC 196 -5.22 -63.17 18.54
N LEU PC 197 -5.17 -63.81 17.38
CA LEU PC 197 -4.65 -65.17 17.25
C LEU PC 197 -3.16 -65.18 17.52
N ARG PC 198 -2.62 -66.38 17.77
CA ARG PC 198 -1.19 -66.55 18.02
C ARG PC 198 -0.28 -65.71 17.13
N ASP PC 199 -0.50 -65.73 15.82
CA ASP PC 199 0.41 -65.09 14.89
C ASP PC 199 -0.18 -63.91 14.16
N GLN PC 200 -1.50 -63.75 14.16
CA GLN PC 200 -2.16 -62.81 13.28
C GLN PC 200 -3.28 -62.15 14.05
N LYS PC 201 -3.52 -60.89 13.75
CA LYS PC 201 -4.57 -60.12 14.37
C LYS PC 201 -5.56 -59.69 13.31
N MET PC 202 -6.85 -59.78 13.62
CA MET PC 202 -7.92 -59.49 12.68
C MET PC 202 -8.93 -58.58 13.36
N VAL PC 203 -9.40 -57.58 12.63
CA VAL PC 203 -10.32 -56.57 13.17
C VAL PC 203 -11.58 -56.50 12.32
N ILE PC 204 -12.72 -56.32 12.98
CA ILE PC 204 -14.02 -56.27 12.33
C ILE PC 204 -14.81 -55.07 12.83
N PRO PC 205 -15.38 -54.26 11.94
CA PRO PC 205 -16.16 -53.09 12.36
C PRO PC 205 -17.58 -53.44 12.76
N GLY PC 206 -18.11 -52.65 13.68
CA GLY PC 206 -19.51 -52.72 14.04
C GLY PC 206 -20.47 -52.03 13.09
N ILE PC 207 -21.74 -52.27 13.36
CA ILE PC 207 -22.83 -51.72 12.57
C ILE PC 207 -22.77 -50.19 12.54
N ALA PC 208 -22.69 -49.57 13.71
CA ALA PC 208 -22.62 -48.12 13.80
C ALA PC 208 -21.48 -47.57 12.94
N THR PC 209 -20.29 -48.15 13.05
CA THR PC 209 -19.16 -47.64 12.28
C THR PC 209 -19.40 -47.77 10.78
N ALA PC 210 -19.87 -48.93 10.33
CA ALA PC 210 -20.12 -49.10 8.89
C ALA PC 210 -21.16 -48.10 8.38
N ILE PC 211 -22.24 -47.92 9.13
CA ILE PC 211 -23.26 -46.96 8.71
C ILE PC 211 -22.72 -45.55 8.65
N GLU PC 212 -22.06 -45.11 9.72
CA GLU PC 212 -21.47 -43.78 9.73
C GLU PC 212 -20.55 -43.57 8.52
N ARG PC 213 -19.68 -44.54 8.22
CA ARG PC 213 -18.84 -44.40 7.03
C ARG PC 213 -19.67 -44.23 5.77
N LEU PC 214 -20.77 -44.97 5.65
CA LEU PC 214 -21.56 -44.87 4.43
C LEU PC 214 -22.27 -43.53 4.29
N LEU PC 215 -22.97 -43.09 5.33
CA LEU PC 215 -23.72 -41.84 5.26
C LEU PC 215 -22.86 -40.59 5.33
N GLN PC 216 -21.60 -40.69 5.72
CA GLN PC 216 -20.74 -39.53 5.88
C GLN PC 216 -20.89 -38.49 4.77
N GLY PC 217 -21.32 -37.29 5.17
CA GLY PC 217 -21.52 -36.13 4.32
C GLY PC 217 -22.63 -36.15 3.29
N GLU PC 218 -23.53 -37.11 3.31
CA GLU PC 218 -24.61 -37.13 2.34
C GLU PC 218 -25.55 -35.95 2.54
N GLU PC 219 -25.86 -35.23 1.45
CA GLU PC 219 -26.75 -34.08 1.50
C GLU PC 219 -28.21 -34.41 1.15
N GLN PC 220 -28.44 -35.33 0.23
CA GLN PC 220 -29.81 -35.68 -0.15
C GLN PC 220 -30.48 -36.48 0.96
N PRO PC 221 -31.81 -36.41 1.04
CA PRO PC 221 -32.54 -37.25 1.99
C PRO PC 221 -32.66 -38.70 1.54
N LEU PC 222 -32.79 -39.57 2.53
CA LEU PC 222 -32.95 -40.99 2.31
C LEU PC 222 -34.29 -41.36 1.69
N GLY PC 223 -34.21 -42.29 0.74
CA GLY PC 223 -35.37 -42.98 0.22
C GLY PC 223 -35.59 -44.30 0.94
N ASN PC 224 -36.52 -45.09 0.40
CA ASN PC 224 -36.77 -46.41 0.94
C ASN PC 224 -35.56 -47.32 0.82
N ILE PC 225 -35.56 -48.37 1.63
CA ILE PC 225 -34.50 -49.37 1.67
C ILE PC 225 -34.89 -50.56 0.82
N VAL PC 226 -33.94 -51.08 0.05
CA VAL PC 226 -34.14 -52.28 -0.76
C VAL PC 226 -33.10 -53.31 -0.36
N SER PC 227 -33.45 -54.57 -0.50
CA SER PC 227 -32.54 -55.66 -0.13
C SER PC 227 -32.75 -56.91 -0.97
N LEU PC 254 -46.07 -26.26 0.14
CA LEU PC 254 -46.27 -26.99 1.38
C LEU PC 254 -45.07 -26.86 2.31
N GLN PC 255 -45.37 -26.83 3.61
CA GLN PC 255 -44.35 -26.76 4.63
C GLN PC 255 -43.73 -28.13 4.87
N GLU PC 256 -44.58 -29.16 4.85
CA GLU PC 256 -44.16 -30.47 5.31
C GLU PC 256 -43.04 -31.04 4.45
N ALA PC 257 -43.12 -30.90 3.12
CA ALA PC 257 -42.01 -31.34 2.28
C ALA PC 257 -40.72 -30.59 2.60
N LEU PC 258 -40.81 -29.31 2.96
CA LEU PC 258 -39.61 -28.61 3.38
C LEU PC 258 -39.04 -29.25 4.63
N LYS PC 259 -39.93 -29.60 5.56
CA LYS PC 259 -39.50 -30.25 6.80
C LYS PC 259 -38.85 -31.60 6.50
N GLN PC 260 -39.44 -32.36 5.57
CA GLN PC 260 -38.89 -33.65 5.18
C GLN PC 260 -37.54 -33.54 4.48
N ASN PC 261 -37.21 -32.41 3.90
CA ASN PC 261 -35.87 -32.28 3.35
C ASN PC 261 -34.86 -32.11 4.49
N ALA PC 262 -34.63 -33.17 5.25
CA ALA PC 262 -33.52 -33.25 6.19
C ALA PC 262 -32.43 -34.15 5.61
N ALA PC 263 -31.20 -33.65 5.63
CA ALA PC 263 -30.10 -34.35 4.97
C ALA PC 263 -29.73 -35.63 5.70
N ALA PC 264 -29.50 -36.68 4.92
CA ALA PC 264 -29.05 -37.96 5.46
C ALA PC 264 -27.78 -37.83 6.27
N GLY PC 265 -26.92 -36.89 5.91
CA GLY PC 265 -25.59 -36.83 6.49
C GLY PC 265 -25.52 -36.44 7.95
N ASN PC 266 -26.62 -36.01 8.56
CA ASN PC 266 -26.59 -35.63 9.97
C ASN PC 266 -27.39 -36.57 10.86
N ILE PC 267 -27.62 -37.81 10.42
CA ILE PC 267 -28.01 -38.88 11.34
C ILE PC 267 -26.82 -39.24 12.22
N LYS PC 268 -26.99 -39.12 13.53
CA LYS PC 268 -25.97 -39.51 14.51
C LYS PC 268 -26.33 -40.83 15.18
N ILE PC 269 -25.42 -41.80 15.12
CA ILE PC 269 -25.59 -43.13 15.72
C ILE PC 269 -24.51 -43.34 16.77
N VAL PC 270 -24.91 -43.77 17.97
CA VAL PC 270 -23.98 -44.04 19.07
C VAL PC 270 -24.24 -45.43 19.63
N ALA PC 271 -23.21 -46.26 19.67
CA ALA PC 271 -23.29 -47.59 20.28
C ALA PC 271 -23.27 -47.49 21.80
N TYR PC 272 -24.10 -48.31 22.44
CA TYR PC 272 -24.22 -48.33 23.90
C TYR PC 272 -24.08 -49.76 24.43
N PRO PC 273 -22.86 -50.22 24.65
CA PRO PC 273 -22.63 -51.61 25.10
C PRO PC 273 -23.36 -52.06 26.34
N ASP PC 274 -23.62 -51.19 27.31
CA ASP PC 274 -24.12 -51.66 28.60
C ASP PC 274 -25.45 -52.39 28.49
N THR PC 275 -26.24 -52.11 27.46
CA THR PC 275 -27.49 -52.83 27.22
C THR PC 275 -27.48 -53.46 25.84
N ASN PC 276 -26.34 -53.46 25.17
CA ASN PC 276 -26.19 -53.98 23.82
C ASN PC 276 -27.24 -53.42 22.86
N SER PC 277 -27.29 -52.09 22.78
CA SER PC 277 -28.32 -51.39 22.04
C SER PC 277 -27.72 -50.15 21.37
N LEU PC 278 -28.41 -49.67 20.34
CA LEU PC 278 -28.04 -48.46 19.60
C LEU PC 278 -28.94 -47.28 19.94
N LEU PC 279 -28.32 -46.10 20.11
CA LEU PC 279 -29.00 -44.81 20.24
C LEU PC 279 -28.98 -44.12 18.88
N VAL PC 280 -30.14 -43.72 18.40
CA VAL PC 280 -30.27 -43.13 17.06
C VAL PC 280 -30.89 -41.75 17.21
N LYS PC 281 -30.23 -40.73 16.67
CA LYS PC 281 -30.75 -39.37 16.65
C LYS PC 281 -31.10 -38.93 15.25
N GLY PC 282 -32.37 -38.62 15.01
CA GLY PC 282 -32.77 -38.15 13.69
C GLY PC 282 -34.24 -37.79 13.66
N THR PC 283 -34.73 -37.57 12.45
CA THR PC 283 -36.16 -37.34 12.25
C THR PC 283 -36.90 -38.67 12.23
N ALA PC 284 -38.20 -38.60 12.54
CA ALA PC 284 -39.06 -39.78 12.53
C ALA PC 284 -38.89 -40.70 11.34
N GLU PC 285 -38.92 -40.16 10.12
CA GLU PC 285 -38.74 -41.01 8.94
C GLU PC 285 -37.36 -41.64 8.90
N GLN PC 286 -36.33 -40.84 9.17
CA GLN PC 286 -34.98 -41.40 9.21
C GLN PC 286 -34.88 -42.54 10.20
N VAL PC 287 -35.34 -42.33 11.42
CA VAL PC 287 -35.36 -43.37 12.44
C VAL PC 287 -36.05 -44.62 11.92
N HIS PC 288 -37.19 -44.45 11.26
CA HIS PC 288 -37.88 -45.60 10.68
C HIS PC 288 -37.02 -46.37 9.70
N PHE PC 289 -36.42 -45.69 8.73
CA PHE PC 289 -35.53 -46.37 7.80
C PHE PC 289 -34.38 -47.08 8.51
N ILE PC 290 -33.73 -46.40 9.45
CA ILE PC 290 -32.64 -47.01 10.21
C ILE PC 290 -33.08 -48.30 10.88
N GLU PC 291 -34.22 -48.25 11.58
CA GLU PC 291 -34.77 -49.45 12.19
C GLU PC 291 -34.92 -50.59 11.17
N MET PC 292 -35.55 -50.29 10.03
CA MET PC 292 -35.70 -51.32 9.01
C MET PC 292 -34.36 -51.89 8.55
N LEU PC 293 -33.32 -51.06 8.50
CA LEU PC 293 -32.00 -51.57 8.10
C LEU PC 293 -31.38 -52.46 9.18
N VAL PC 294 -31.36 -52.01 10.42
CA VAL PC 294 -30.82 -52.83 11.50
C VAL PC 294 -31.49 -54.20 11.53
N LYS PC 295 -32.82 -54.22 11.36
CA LYS PC 295 -33.49 -55.51 11.31
C LYS PC 295 -33.14 -56.31 10.07
N ALA PC 296 -32.53 -55.70 9.07
CA ALA PC 296 -32.04 -56.45 7.93
C ALA PC 296 -30.62 -56.97 8.14
N LEU PC 297 -29.89 -56.39 9.10
CA LEU PC 297 -28.48 -56.73 9.29
C LEU PC 297 -28.19 -57.68 10.45
N ASP PC 298 -28.94 -57.64 11.54
CA ASP PC 298 -28.66 -58.56 12.66
C ASP PC 298 -29.33 -59.94 12.49
N VAL PC 299 -28.92 -60.66 11.44
CA VAL PC 299 -29.25 -62.08 11.27
C VAL PC 299 -28.45 -63.01 12.20
N ALA PC 300 -29.07 -64.13 12.57
CA ALA PC 300 -28.45 -65.20 13.37
C ALA PC 300 -27.53 -66.12 12.56
N LYS PC 301 -26.40 -66.51 13.17
CA LYS PC 301 -25.39 -67.34 12.53
C LYS PC 301 -25.53 -68.84 12.79
N ARG PC 302 -25.27 -69.65 11.76
CA ARG PC 302 -25.07 -71.10 11.84
C ARG PC 302 -23.74 -71.51 12.48
N HIS PC 303 -23.75 -72.65 13.19
CA HIS PC 303 -22.54 -73.27 13.74
C HIS PC 303 -21.91 -74.32 12.81
N VAL PC 304 -20.59 -74.23 12.64
CA VAL PC 304 -19.77 -75.16 11.87
C VAL PC 304 -18.80 -75.87 12.81
N GLU PC 305 -18.78 -77.20 12.77
CA GLU PC 305 -17.86 -78.04 13.53
C GLU PC 305 -16.96 -78.77 12.57
N LEU PC 306 -15.64 -78.64 12.74
CA LEU PC 306 -14.65 -79.16 11.81
C LEU PC 306 -13.81 -80.26 12.42
N SER PC 307 -13.60 -81.33 11.63
CA SER PC 307 -12.78 -82.48 12.01
C SER PC 307 -11.65 -82.64 11.01
N LEU PC 308 -10.47 -83.00 11.50
CA LEU PC 308 -9.27 -83.17 10.67
C LEU PC 308 -8.54 -84.46 11.00
N TRP PC 309 -8.53 -85.41 10.06
CA TRP PC 309 -7.82 -86.67 10.19
C TRP PC 309 -6.38 -86.55 9.69
N ILE PC 310 -5.43 -86.96 10.52
CA ILE PC 310 -4.01 -86.95 10.23
C ILE PC 310 -3.49 -88.37 10.39
N VAL PC 311 -2.85 -88.91 9.35
CA VAL PC 311 -2.44 -90.30 9.37
C VAL PC 311 -0.99 -90.45 8.93
N ASP PC 312 -0.24 -91.31 9.64
CA ASP PC 312 1.15 -91.64 9.34
C ASP PC 312 1.37 -93.15 9.41
N LEU PC 313 2.08 -93.66 8.40
CA LEU PC 313 2.41 -95.08 8.31
C LEU PC 313 3.87 -95.23 7.88
N ASN PC 314 4.59 -96.17 8.51
CA ASN PC 314 6.00 -96.34 8.21
C ASN PC 314 6.45 -97.78 8.40
N LYS PC 315 7.23 -98.28 7.43
CA LYS PC 315 7.78 -99.63 7.46
C LYS PC 315 9.23 -99.64 7.01
N SER PC 316 10.06 -100.44 7.66
CA SER PC 316 11.46 -100.52 7.26
C SER PC 316 12.10 -101.88 7.54
N ASP PC 317 12.99 -102.29 6.64
CA ASP PC 317 13.76 -103.53 6.73
C ASP PC 317 15.26 -103.22 6.64
N LEU PC 318 16.04 -103.80 7.54
CA LEU PC 318 17.50 -103.62 7.53
C LEU PC 318 18.23 -104.93 7.76
N GLU PC 319 19.24 -105.23 6.95
CA GLU PC 319 20.01 -106.46 7.12
C GLU PC 319 21.48 -106.25 6.77
N ARG PC 320 22.38 -106.76 7.62
CA ARG PC 320 23.82 -106.72 7.34
C ARG PC 320 24.46 -108.04 7.72
N LEU PC 321 25.39 -108.51 6.87
CA LEU PC 321 26.02 -109.80 7.06
C LEU PC 321 27.40 -109.88 6.42
N GLY PC 322 28.28 -110.66 7.05
CA GLY PC 322 29.64 -110.93 6.61
C GLY PC 322 30.73 -110.49 7.58
N THR PC 323 31.96 -110.49 7.06
CA THR PC 323 33.17 -110.29 7.86
C THR PC 323 34.17 -109.37 7.18
N SER PC 324 34.93 -108.64 8.02
CA SER PC 324 36.03 -107.78 7.59
C SER PC 324 37.35 -108.25 8.19
N TRP PC 325 38.42 -108.24 7.38
CA TRP PC 325 39.75 -108.73 7.76
C TRP PC 325 40.79 -107.62 7.67
N SER PC 326 41.63 -107.51 8.70
CA SER PC 326 42.68 -106.52 8.76
C SER PC 326 43.72 -106.95 9.77
N GLY PC 327 44.94 -106.43 9.64
CA GLY PC 327 45.96 -106.75 10.62
C GLY PC 327 47.37 -106.55 10.10
N SER PC 328 48.33 -106.78 10.99
CA SER PC 328 49.75 -106.57 10.69
C SER PC 328 50.62 -107.53 11.50
N ILE PC 329 51.67 -108.05 10.88
CA ILE PC 329 52.58 -108.98 11.55
C ILE PC 329 54.04 -108.61 11.30
N THR PC 330 54.81 -108.59 12.40
CA THR PC 330 56.26 -108.50 12.43
C THR PC 330 56.88 -109.84 12.07
N ILE PC 331 57.75 -109.88 11.06
CA ILE PC 331 58.37 -111.11 10.60
C ILE PC 331 59.88 -111.06 10.80
N GLY PC 332 60.36 -111.83 11.79
CA GLY PC 332 61.75 -112.03 12.11
C GLY PC 332 62.67 -110.86 12.41
N ASP PC 333 62.14 -109.67 12.66
CA ASP PC 333 62.97 -108.46 12.72
C ASP PC 333 63.59 -108.22 11.35
N LYS PC 334 62.83 -108.57 10.33
CA LYS PC 334 63.20 -108.46 8.94
C LYS PC 334 62.22 -107.56 8.21
N LEU PC 335 60.92 -107.88 8.30
CA LEU PC 335 59.93 -107.12 7.57
C LEU PC 335 58.68 -106.94 8.40
N GLY PC 336 58.06 -105.77 8.26
CA GLY PC 336 56.71 -105.55 8.74
C GLY PC 336 55.75 -105.65 7.58
N VAL PC 337 54.70 -106.42 7.76
CA VAL PC 337 53.72 -106.62 6.70
C VAL PC 337 52.35 -106.32 7.30
N SER PC 338 51.48 -105.70 6.50
CA SER PC 338 50.20 -105.28 7.01
C SER PC 338 49.18 -105.30 5.89
N LEU PC 339 47.95 -105.62 6.28
CA LEU PC 339 46.82 -105.70 5.37
C LEU PC 339 45.69 -104.81 5.85
N ASN PC 340 45.24 -103.97 4.92
CA ASN PC 340 44.10 -103.07 5.00
C ASN PC 340 44.09 -102.16 6.22
N GLN PC 341 45.26 -101.84 6.79
CA GLN PC 341 45.32 -100.78 7.79
C GLN PC 341 45.59 -99.47 7.06
N SER PC 342 44.81 -98.45 7.38
CA SER PC 342 44.90 -97.18 6.69
C SER PC 342 46.08 -96.33 7.16
N SER PC 343 46.64 -96.65 8.32
CA SER PC 343 47.97 -96.17 8.69
C SER PC 343 48.52 -97.13 9.74
N ILE PC 344 49.62 -97.79 9.39
CA ILE PC 344 49.91 -99.11 9.96
C ILE PC 344 50.25 -98.97 11.44
N SER PC 345 49.41 -99.56 12.29
CA SER PC 345 49.68 -99.56 13.72
C SER PC 345 50.93 -100.35 14.05
N THR PC 346 51.29 -101.30 13.18
CA THR PC 346 52.58 -101.98 13.25
C THR PC 346 52.81 -102.58 14.64
N LEU PC 347 51.83 -103.37 15.06
CA LEU PC 347 51.94 -104.17 16.27
C LEU PC 347 53.14 -105.10 16.17
N ASP PC 348 53.92 -105.17 17.25
CA ASP PC 348 55.01 -106.13 17.34
C ASP PC 348 54.48 -107.52 17.65
N GLY PC 349 55.23 -108.52 17.19
CA GLY PC 349 54.77 -109.90 17.12
C GLY PC 349 53.80 -110.09 15.96
N SER PC 350 52.74 -110.88 16.18
CA SER PC 350 51.71 -111.03 15.17
C SER PC 350 50.34 -111.28 15.79
N ARG PC 351 49.31 -110.68 15.19
CA ARG PC 351 47.96 -111.24 15.23
C ARG PC 351 47.09 -110.49 14.22
N PHE PC 352 46.46 -111.21 13.30
CA PHE PC 352 45.37 -110.67 12.51
C PHE PC 352 44.04 -110.84 13.22
N ILE PC 353 43.06 -110.03 12.79
CA ILE PC 353 41.74 -110.01 13.41
C ILE PC 353 40.68 -110.03 12.31
N ALA PC 354 39.67 -110.89 12.49
CA ALA PC 354 38.48 -110.92 11.65
C ALA PC 354 37.28 -110.45 12.48
N ALA PC 355 36.61 -109.40 12.02
CA ALA PC 355 35.48 -108.83 12.73
C ALA PC 355 34.18 -109.22 12.02
N VAL PC 356 33.26 -109.82 12.78
CA VAL PC 356 32.04 -110.43 12.26
C VAL PC 356 30.85 -109.68 12.82
N ASN PC 357 29.86 -109.42 11.97
CA ASN PC 357 28.52 -109.11 12.46
C ASN PC 357 27.46 -109.69 11.53
N ALA PC 358 26.28 -109.89 12.10
CA ALA PC 358 25.16 -110.54 11.43
C ALA PC 358 23.91 -110.05 12.13
N LEU PC 359 23.10 -109.23 11.45
CA LEU PC 359 21.90 -108.70 12.09
C LEU PC 359 20.81 -108.43 11.06
N GLU PC 360 19.57 -108.72 11.47
CA GLU PC 360 18.38 -108.35 10.71
C GLU PC 360 17.36 -107.68 11.62
N GLU PC 361 16.68 -106.67 11.09
CA GLU PC 361 15.70 -105.88 11.82
C GLU PC 361 14.51 -105.55 10.93
N LYS PC 362 13.32 -105.53 11.55
CA LYS PC 362 12.08 -105.16 10.90
C LYS PC 362 11.33 -104.20 11.81
N LYS PC 363 10.66 -103.21 11.22
CA LYS PC 363 9.95 -102.21 12.01
C LYS PC 363 8.71 -101.72 11.28
N GLN PC 364 7.63 -101.51 12.04
CA GLN PC 364 6.39 -100.95 11.54
C GLN PC 364 5.74 -100.05 12.57
N ALA PC 365 5.34 -98.84 12.15
CA ALA PC 365 4.68 -97.87 13.02
C ALA PC 365 3.44 -97.28 12.36
N THR PC 366 2.38 -97.10 13.16
CA THR PC 366 1.11 -96.53 12.74
C THR PC 366 0.63 -95.47 13.71
N VAL PC 367 0.28 -94.27 13.19
CA VAL PC 367 -0.19 -93.17 14.03
C VAL PC 367 -1.39 -92.48 13.40
N VAL PC 368 -2.41 -92.19 14.20
CA VAL PC 368 -3.62 -91.48 13.78
C VAL PC 368 -3.96 -90.40 14.80
N SER PC 369 -4.25 -89.19 14.32
CA SER PC 369 -4.63 -88.07 15.18
C SER PC 369 -5.83 -87.34 14.57
N ARG PC 370 -6.74 -86.88 15.42
CA ARG PC 370 -7.94 -86.20 14.94
C ARG PC 370 -8.45 -85.13 15.90
N PRO PC 371 -8.16 -83.86 15.65
CA PRO PC 371 -8.74 -82.77 16.43
C PRO PC 371 -10.14 -82.37 15.94
N VAL PC 372 -10.92 -81.79 16.84
CA VAL PC 372 -12.26 -81.30 16.55
C VAL PC 372 -12.44 -79.88 17.10
N LEU PC 373 -12.96 -78.97 16.27
CA LEU PC 373 -13.16 -77.57 16.66
C LEU PC 373 -14.52 -77.02 16.26
N LEU PC 374 -15.19 -76.34 17.20
CA LEU PC 374 -16.48 -75.69 16.99
C LEU PC 374 -16.36 -74.17 16.82
N THR PC 375 -16.97 -73.62 15.76
CA THR PC 375 -16.97 -72.18 15.54
C THR PC 375 -18.29 -71.78 14.90
N GLN PC 376 -18.62 -70.50 15.00
CA GLN PC 376 -19.66 -69.94 14.13
C GLN PC 376 -19.09 -69.58 12.76
N GLU PC 377 -19.99 -69.42 11.80
CA GLU PC 377 -19.64 -68.92 10.49
C GLU PC 377 -19.06 -67.51 10.55
N ASN PC 378 -18.15 -67.22 9.63
CA ASN PC 378 -17.49 -65.93 9.44
C ASN PC 378 -16.65 -65.51 10.63
N VAL PC 379 -16.45 -66.38 11.61
CA VAL PC 379 -15.71 -66.06 12.83
C VAL PC 379 -14.43 -66.87 12.80
N PRO PC 380 -13.26 -66.25 12.91
CA PRO PC 380 -12.02 -67.04 12.92
C PRO PC 380 -11.86 -67.80 14.23
N ALA PC 381 -11.13 -68.92 14.16
CA ALA PC 381 -10.93 -69.70 15.37
C ALA PC 381 -9.58 -70.39 15.31
N ILE PC 382 -9.09 -70.77 16.50
CA ILE PC 382 -7.79 -71.40 16.65
C ILE PC 382 -7.84 -72.54 17.66
N PHE PC 383 -7.07 -73.59 17.39
CA PHE PC 383 -6.89 -74.73 18.29
C PHE PC 383 -5.40 -75.00 18.41
N ASP PC 384 -4.90 -75.16 19.63
CA ASP PC 384 -3.46 -75.29 19.85
C ASP PC 384 -3.15 -76.25 20.99
N ASN PC 385 -2.41 -77.34 20.69
CA ASN PC 385 -2.20 -78.38 21.68
C ASN PC 385 -0.79 -78.97 21.61
N ASN PC 386 -0.29 -79.36 22.79
CA ASN PC 386 0.99 -80.03 22.96
C ASN PC 386 0.83 -81.16 23.97
N ARG PC 387 1.57 -82.24 23.77
CA ARG PC 387 1.59 -83.33 24.71
C ARG PC 387 2.95 -84.01 24.68
N THR PC 388 3.34 -84.60 25.80
CA THR PC 388 4.60 -85.32 25.90
C THR PC 388 4.36 -86.74 26.36
N PHE PC 389 5.14 -87.67 25.81
CA PHE PC 389 5.07 -89.07 26.15
C PHE PC 389 6.42 -89.58 26.60
N TYR PC 390 6.39 -90.52 27.54
CA TYR PC 390 7.57 -91.03 28.23
C TYR PC 390 7.64 -92.54 28.12
N THR PC 391 8.87 -93.04 28.05
CA THR PC 391 9.13 -94.47 28.17
C THR PC 391 10.25 -94.63 29.19
N LYS PC 392 10.11 -95.63 30.05
CA LYS PC 392 11.07 -95.88 31.11
C LYS PC 392 12.34 -96.52 30.56
N LEU PC 393 13.46 -96.21 31.20
CA LEU PC 393 14.61 -97.08 31.07
C LEU PC 393 14.30 -98.43 31.72
N ILE PC 394 15.09 -99.44 31.35
CA ILE PC 394 14.74 -100.82 31.67
C ILE PC 394 14.81 -101.04 33.17
N GLY PC 395 13.70 -101.45 33.75
CA GLY PC 395 13.58 -101.63 35.18
C GLY PC 395 13.49 -100.36 36.01
N GLU PC 396 12.98 -100.50 37.24
CA GLU PC 396 12.91 -99.41 38.20
C GLU PC 396 14.27 -99.12 38.84
N ARG PC 397 15.23 -100.02 38.66
CA ARG PC 397 16.56 -99.83 39.24
C ARG PC 397 17.25 -98.59 38.71
N ASN PC 398 16.91 -98.15 37.50
CA ASN PC 398 17.22 -96.80 37.06
C ASN PC 398 15.94 -95.99 36.85
N VAL PC 399 15.92 -94.78 37.42
CA VAL PC 399 14.77 -93.88 37.36
C VAL PC 399 14.61 -93.19 36.02
N ALA PC 400 15.60 -93.27 35.14
CA ALA PC 400 15.65 -92.47 33.92
C ALA PC 400 14.49 -92.75 32.96
N LEU PC 401 14.20 -91.74 32.14
CA LEU PC 401 13.19 -91.82 31.10
C LEU PC 401 13.74 -91.27 29.79
N GLU PC 402 13.11 -91.69 28.70
CA GLU PC 402 13.25 -91.08 27.37
C GLU PC 402 11.88 -90.60 26.90
N HIS PC 403 11.83 -89.41 26.28
CA HIS PC 403 10.55 -88.78 26.06
C HIS PC 403 10.53 -87.93 24.79
N VAL PC 404 9.33 -87.81 24.22
CA VAL PC 404 9.10 -87.08 22.98
C VAL PC 404 7.85 -86.22 23.09
N THR PC 405 7.88 -85.07 22.43
CA THR PC 405 6.76 -84.13 22.40
C THR PC 405 6.12 -84.06 21.02
N TYR PC 406 4.79 -84.01 21.00
CA TYR PC 406 3.97 -83.94 19.81
C TYR PC 406 3.05 -82.73 19.90
N GLY PC 407 2.81 -82.07 18.78
CA GLY PC 407 2.00 -80.87 18.85
C GLY PC 407 1.35 -80.48 17.54
N THR PC 408 0.27 -79.72 17.68
CA THR PC 408 -0.63 -79.36 16.59
C THR PC 408 -1.20 -77.97 16.75
N MET PC 409 -1.32 -77.25 15.63
CA MET PC 409 -1.96 -75.95 15.60
C MET PC 409 -2.84 -75.85 14.38
N ILE PC 410 -4.07 -75.33 14.56
CA ILE PC 410 -5.01 -75.10 13.47
C ILE PC 410 -5.59 -73.70 13.59
N ARG PC 411 -5.59 -72.95 12.48
CA ARG PC 411 -6.25 -71.66 12.40
C ARG PC 411 -7.20 -71.71 11.20
N VAL PC 412 -8.46 -71.34 11.40
CA VAL PC 412 -9.47 -71.55 10.36
C VAL PC 412 -10.49 -70.42 10.31
N LEU PC 413 -10.98 -70.17 9.10
CA LEU PC 413 -12.05 -69.20 8.80
C LEU PC 413 -13.10 -69.80 7.87
N PRO PC 414 -14.24 -70.27 8.40
CA PRO PC 414 -15.31 -70.89 7.61
C PRO PC 414 -16.39 -69.97 7.03
N ARG PC 415 -16.82 -70.32 5.83
CA ARG PC 415 -17.82 -69.60 5.02
C ARG PC 415 -18.85 -70.55 4.42
N PHE PC 416 -20.13 -70.20 4.54
CA PHE PC 416 -21.23 -70.96 3.94
C PHE PC 416 -21.50 -70.55 2.50
N SER PC 417 -21.41 -71.52 1.60
CA SER PC 417 -21.81 -71.35 0.21
C SER PC 417 -23.33 -71.21 0.11
N ALA PC 418 -23.78 -70.65 -1.01
CA ALA PC 418 -25.19 -70.70 -1.35
C ALA PC 418 -25.67 -72.11 -1.67
N ASP PC 419 -24.77 -73.00 -2.10
CA ASP PC 419 -25.13 -74.34 -2.49
C ASP PC 419 -25.07 -75.34 -1.35
N GLY PC 420 -24.94 -74.88 -0.11
CA GLY PC 420 -24.74 -75.77 1.01
C GLY PC 420 -23.33 -76.32 1.11
N GLN PC 421 -22.45 -75.94 0.19
CA GLN PC 421 -21.04 -76.20 0.35
C GLN PC 421 -20.45 -75.30 1.43
N ILE PC 422 -19.33 -75.74 2.01
CA ILE PC 422 -18.60 -74.96 3.01
C ILE PC 422 -17.20 -74.72 2.48
N GLU PC 423 -16.70 -73.51 2.71
CA GLU PC 423 -15.40 -73.06 2.26
C GLU PC 423 -14.59 -72.63 3.47
N MET PC 424 -13.30 -72.95 3.49
CA MET PC 424 -12.47 -72.66 4.65
C MET PC 424 -11.13 -72.12 4.22
N SER PC 425 -10.66 -71.10 4.91
CA SER PC 425 -9.26 -70.70 4.83
C SER PC 425 -8.50 -71.30 6.00
N LEU PC 426 -7.38 -71.99 5.71
CA LEU PC 426 -6.74 -72.91 6.66
C LEU PC 426 -5.24 -72.63 6.75
N ASP PC 427 -4.74 -72.53 7.97
CA ASP PC 427 -3.34 -72.76 8.30
C ASP PC 427 -3.21 -73.93 9.26
N ILE PC 428 -2.34 -74.89 8.96
CA ILE PC 428 -2.19 -76.08 9.77
C ILE PC 428 -0.71 -76.38 9.98
N GLU PC 429 -0.34 -76.76 11.20
CA GLU PC 429 1.02 -77.21 11.47
C GLU PC 429 1.03 -78.35 12.46
N ASP PC 430 1.87 -79.35 12.22
CA ASP PC 430 1.93 -80.49 13.14
C ASP PC 430 3.27 -81.20 13.08
N GLY PC 431 3.66 -81.77 14.22
CA GLY PC 431 4.80 -82.65 14.23
C GLY PC 431 5.41 -82.81 15.61
N ASN PC 432 6.56 -83.49 15.61
CA ASN PC 432 7.49 -83.51 16.74
C ASN PC 432 8.47 -82.35 16.69
N ASP PC 433 8.86 -81.88 17.87
CA ASP PC 433 9.94 -80.92 17.99
C ASP PC 433 11.29 -81.59 17.78
N LYS PC 434 12.07 -81.06 16.84
CA LYS PC 434 13.33 -81.66 16.43
C LYS PC 434 14.34 -81.67 17.57
N THR PC 435 14.79 -82.87 17.95
CA THR PC 435 15.73 -83.02 19.06
C THR PC 435 17.01 -83.60 18.50
N PRO PC 436 18.11 -82.85 18.50
CA PRO PC 436 19.36 -83.35 17.90
C PRO PC 436 20.21 -84.23 18.80
N GLN PC 437 20.09 -84.03 20.11
CA GLN PC 437 21.17 -84.38 21.04
C GLN PC 437 21.11 -85.85 21.47
N SER PC 438 21.67 -86.70 20.61
CA SER PC 438 22.21 -87.99 21.00
C SER PC 438 21.11 -88.97 21.45
N ASP PC 439 19.97 -88.94 20.77
CA ASP PC 439 18.84 -89.73 21.24
C ASP PC 439 19.23 -91.20 21.35
N THR PC 440 18.54 -91.91 22.22
CA THR PC 440 18.84 -93.32 22.48
C THR PC 440 18.19 -94.20 21.42
N THR PC 441 18.83 -95.33 21.13
CA THR PC 441 18.22 -96.32 20.25
C THR PC 441 16.87 -96.78 20.77
N THR PC 442 16.79 -97.03 22.08
CA THR PC 442 15.53 -97.41 22.70
C THR PC 442 14.46 -96.34 22.52
N SER PC 443 14.86 -95.07 22.49
CA SER PC 443 13.90 -94.00 22.31
C SER PC 443 13.20 -94.09 20.96
N VAL PC 444 13.98 -94.15 19.88
CA VAL PC 444 13.38 -94.22 18.55
C VAL PC 444 12.73 -95.57 18.29
N ASP PC 445 13.14 -96.62 19.00
CA ASP PC 445 12.38 -97.86 18.95
C ASP PC 445 11.01 -97.72 19.60
N ALA PC 446 10.93 -96.97 20.68
CA ALA PC 446 9.65 -96.81 21.39
C ALA PC 446 8.71 -95.82 20.72
N LEU PC 447 9.14 -94.58 20.52
CA LEU PC 447 8.26 -93.52 20.02
C LEU PC 447 8.55 -93.15 18.58
N PRO PC 448 7.59 -93.31 17.66
CA PRO PC 448 7.81 -92.95 16.26
C PRO PC 448 8.20 -91.50 16.05
N GLU PC 449 8.95 -91.27 14.96
CA GLU PC 449 9.20 -89.93 14.45
C GLU PC 449 8.12 -89.53 13.46
N VAL PC 450 7.75 -88.26 13.48
CA VAL PC 450 6.93 -87.68 12.43
C VAL PC 450 7.43 -86.28 12.06
N GLY PC 451 7.40 -85.98 10.77
CA GLY PC 451 7.96 -84.74 10.26
C GLY PC 451 7.14 -83.52 10.63
N ARG PC 452 7.81 -82.38 10.70
CA ARG PC 452 7.25 -81.11 11.17
C ARG PC 452 6.47 -80.38 10.09
N THR PC 453 5.49 -81.05 9.52
CA THR PC 453 4.80 -80.55 8.33
C THR PC 453 3.98 -79.28 8.58
N LEU PC 454 4.04 -78.36 7.61
CA LEU PC 454 3.30 -77.10 7.65
C LEU PC 454 2.59 -76.85 6.32
N ILE PC 455 1.30 -76.50 6.38
CA ILE PC 455 0.44 -76.32 5.21
C ILE PC 455 -0.39 -75.05 5.34
N SER PC 456 -0.62 -74.39 4.21
CA SER PC 456 -1.39 -73.14 4.18
C SER PC 456 -2.19 -73.03 2.89
N THR PC 457 -3.52 -73.13 2.96
CA THR PC 457 -4.30 -73.15 1.72
C THR PC 457 -5.78 -72.86 1.99
N ILE PC 458 -6.58 -72.90 0.91
CA ILE PC 458 -8.02 -72.68 0.93
C ILE PC 458 -8.73 -73.84 0.24
N ALA PC 459 -9.84 -74.32 0.83
CA ALA PC 459 -10.56 -75.44 0.27
C ALA PC 459 -12.07 -75.29 0.47
N ARG PC 460 -12.82 -75.81 -0.50
CA ARG PC 460 -14.28 -75.85 -0.51
C ARG PC 460 -14.74 -77.28 -0.70
N VAL PC 461 -15.75 -77.71 0.07
CA VAL PC 461 -16.23 -79.09 -0.04
C VAL PC 461 -17.74 -79.12 0.15
N PRO PC 462 -18.41 -80.03 -0.56
CA PRO PC 462 -19.81 -80.32 -0.25
C PRO PC 462 -20.03 -80.82 1.15
N HIS PC 463 -21.13 -80.37 1.75
CA HIS PC 463 -21.42 -80.63 3.15
C HIS PC 463 -21.41 -82.12 3.46
N GLY PC 464 -20.68 -82.49 4.51
CA GLY PC 464 -20.61 -83.88 4.95
C GLY PC 464 -19.71 -84.77 4.15
N LYS PC 465 -19.16 -84.30 3.05
CA LYS PC 465 -18.09 -85.00 2.35
C LYS PC 465 -16.76 -84.62 2.99
N SER PC 466 -15.66 -85.10 2.41
CA SER PC 466 -14.35 -84.85 2.96
C SER PC 466 -13.34 -84.75 1.82
N LEU PC 467 -12.21 -84.10 2.10
CA LEU PC 467 -11.18 -83.94 1.08
C LEU PC 467 -9.81 -84.21 1.66
N LEU PC 468 -8.89 -84.64 0.79
CA LEU PC 468 -7.47 -84.70 1.12
C LEU PC 468 -6.83 -83.35 0.79
N VAL PC 469 -6.43 -82.61 1.83
CA VAL PC 469 -5.82 -81.32 1.58
C VAL PC 469 -4.35 -81.45 1.21
N GLY PC 470 -3.68 -82.53 1.61
CA GLY PC 470 -2.32 -82.73 1.18
C GLY PC 470 -1.76 -84.02 1.75
N GLY PC 471 -0.61 -84.40 1.20
CA GLY PC 471 0.03 -85.62 1.63
C GLY PC 471 1.42 -85.74 1.04
N TYR PC 472 2.13 -86.76 1.51
CA TYR PC 472 3.50 -87.00 1.13
C TYR PC 472 3.77 -88.50 1.21
N THR PC 473 4.60 -89.00 0.31
CA THR PC 473 5.08 -90.38 0.40
C THR PC 473 6.55 -90.44 0.02
N ARG PC 474 7.26 -91.35 0.66
CA ARG PC 474 8.65 -91.62 0.30
C ARG PC 474 8.91 -93.12 0.29
N ASP PC 475 9.63 -93.59 -0.72
CA ASP PC 475 10.05 -94.97 -0.84
C ASP PC 475 11.52 -95.02 -1.23
N ALA PC 476 12.29 -95.87 -0.57
CA ALA PC 476 13.72 -95.89 -0.83
C ALA PC 476 14.32 -97.25 -0.53
N ASN PC 477 15.45 -97.51 -1.17
CA ASN PC 477 16.17 -98.77 -1.09
C ASN PC 477 17.65 -98.52 -1.29
N THR PC 478 18.48 -99.30 -0.59
CA THR PC 478 19.91 -99.28 -0.92
C THR PC 478 20.57 -100.62 -0.60
N ASP PC 479 21.64 -100.92 -1.33
CA ASP PC 479 22.29 -102.22 -1.29
C ASP PC 479 23.78 -102.07 -1.60
N THR PC 480 24.63 -102.80 -0.87
CA THR PC 480 26.06 -102.65 -1.08
C THR PC 480 26.84 -103.86 -0.56
N VAL PC 481 28.04 -104.06 -1.13
CA VAL PC 481 28.83 -105.26 -0.89
C VAL PC 481 30.33 -104.94 -1.01
N GLN PC 482 31.14 -105.64 -0.21
CA GLN PC 482 32.59 -105.51 -0.16
C GLN PC 482 33.24 -106.88 -0.17
N SER PC 483 34.41 -107.00 -0.80
CA SER PC 483 35.13 -108.27 -0.75
C SER PC 483 36.61 -108.11 -1.04
N ILE PC 484 37.37 -109.11 -0.62
CA ILE PC 484 38.77 -109.32 -0.99
C ILE PC 484 38.85 -109.86 -2.40
N PRO PC 485 39.57 -109.21 -3.33
CA PRO PC 485 39.39 -109.50 -4.75
C PRO PC 485 39.42 -110.98 -5.16
N PHE PC 486 40.52 -111.69 -4.91
CA PHE PC 486 40.66 -113.05 -5.40
C PHE PC 486 40.05 -114.09 -4.48
N LEU PC 487 40.13 -113.89 -3.17
CA LEU PC 487 39.61 -114.89 -2.26
C LEU PC 487 38.09 -114.85 -2.21
N GLY PC 488 37.50 -113.69 -2.47
CA GLY PC 488 36.06 -113.56 -2.47
C GLY PC 488 35.36 -114.47 -3.46
N LYS PC 489 36.09 -115.14 -4.34
CA LYS PC 489 35.49 -116.02 -5.33
C LYS PC 489 35.93 -117.48 -5.18
N LEU PC 490 36.59 -117.83 -4.10
CA LEU PC 490 36.91 -119.23 -3.87
C LEU PC 490 35.61 -120.03 -3.70
N PRO PC 491 35.51 -121.20 -4.32
CA PRO PC 491 34.22 -121.92 -4.33
C PRO PC 491 33.65 -122.26 -2.97
N LEU PC 492 34.46 -122.79 -2.06
CA LEU PC 492 33.95 -123.23 -0.76
C LEU PC 492 34.07 -122.20 0.36
N ILE PC 493 35.02 -121.28 0.28
CA ILE PC 493 35.24 -120.33 1.37
C ILE PC 493 35.09 -118.87 0.95
N GLY PC 494 34.87 -118.60 -0.33
CA GLY PC 494 34.74 -117.21 -0.77
C GLY PC 494 33.78 -116.41 0.09
N SER PC 495 32.70 -117.04 0.51
CA SER PC 495 31.69 -116.40 1.35
C SER PC 495 32.22 -115.91 2.70
N LEU PC 496 33.36 -116.43 3.17
CA LEU PC 496 33.97 -115.87 4.38
C LEU PC 496 34.61 -114.51 4.15
N PHE PC 497 34.82 -114.12 2.91
CA PHE PC 497 35.55 -112.90 2.57
C PHE PC 497 34.66 -111.84 1.93
N ARG PC 498 33.35 -111.94 2.09
CA ARG PC 498 32.43 -110.92 1.57
C ARG PC 498 31.64 -110.31 2.73
N TYR PC 499 31.25 -109.06 2.54
CA TYR PC 499 30.31 -108.36 3.41
C TYR PC 499 29.25 -107.62 2.59
N SER PC 500 28.03 -107.56 3.11
CA SER PC 500 26.90 -107.00 2.38
C SER PC 500 25.88 -106.40 3.33
N SER PC 501 25.10 -105.46 2.80
CA SER PC 501 24.07 -104.77 3.57
C SER PC 501 22.94 -104.31 2.65
N LYS PC 502 21.71 -104.35 3.19
CA LYS PC 502 20.50 -103.95 2.48
C LYS PC 502 19.55 -103.17 3.37
N ASN PC 503 18.90 -102.17 2.79
CA ASN PC 503 17.93 -101.34 3.50
C ASN PC 503 16.74 -101.04 2.59
N LYS PC 504 15.57 -100.93 3.21
CA LYS PC 504 14.34 -100.55 2.50
C LYS PC 504 13.42 -99.79 3.45
N SER PC 505 12.73 -98.79 2.92
CA SER PC 505 11.88 -97.91 3.71
C SER PC 505 10.69 -97.35 2.94
N ASN PC 506 9.51 -97.34 3.57
CA ASN PC 506 8.25 -96.88 3.01
C ASN PC 506 7.52 -95.99 4.01
N VAL PC 507 7.13 -94.78 3.59
CA VAL PC 507 6.52 -93.78 4.46
C VAL PC 507 5.35 -93.10 3.76
N VAL PC 508 4.23 -92.96 4.49
CA VAL PC 508 2.99 -92.33 4.01
C VAL PC 508 2.45 -91.37 5.06
N ARG PC 509 2.15 -90.13 4.66
CA ARG PC 509 1.55 -89.13 5.54
C ARG PC 509 0.46 -88.35 4.82
N VAL PC 510 -0.74 -88.24 5.44
CA VAL PC 510 -1.89 -87.59 4.80
C VAL PC 510 -2.70 -86.74 5.78
N PHE PC 511 -3.30 -85.68 5.24
CA PHE PC 511 -4.18 -84.74 5.96
C PHE PC 511 -5.52 -84.64 5.26
N MET PC 512 -6.62 -84.91 5.96
CA MET PC 512 -7.96 -84.87 5.36
C MET PC 512 -8.94 -84.11 6.24
N ILE PC 513 -9.78 -83.29 5.60
CA ILE PC 513 -10.69 -82.36 6.27
C ILE PC 513 -12.15 -82.76 6.07
N GLU PC 514 -12.95 -82.56 7.11
CA GLU PC 514 -14.33 -83.04 7.15
C GLU PC 514 -15.24 -82.12 8.00
N PRO PC 515 -15.80 -81.07 7.39
CA PRO PC 515 -16.74 -80.20 8.10
C PRO PC 515 -18.16 -80.75 8.26
N LYS PC 516 -18.81 -80.40 9.38
CA LYS PC 516 -20.18 -80.78 9.72
C LYS PC 516 -20.95 -79.57 10.24
N GLU PC 517 -22.16 -79.32 9.73
CA GLU PC 517 -23.03 -78.32 10.33
C GLU PC 517 -23.65 -78.85 11.60
N ILE PC 518 -23.61 -78.06 12.68
CA ILE PC 518 -24.15 -78.43 13.99
C ILE PC 518 -25.41 -77.62 14.30
N VAL PC 519 -26.50 -78.32 14.60
CA VAL PC 519 -27.78 -77.68 14.89
C VAL PC 519 -28.35 -78.05 16.25
N ASP PC 520 -27.97 -79.21 16.80
CA ASP PC 520 -28.58 -79.70 18.04
C ASP PC 520 -27.55 -79.88 19.16
N PRO PC 521 -27.91 -79.59 20.40
CA PRO PC 521 -27.02 -79.87 21.52
C PRO PC 521 -26.78 -81.36 21.72
N LEU PC 522 -25.82 -81.64 22.61
CA LEU PC 522 -25.50 -82.99 23.03
C LEU PC 522 -26.68 -83.72 23.65
N THR PC 523 -26.66 -85.06 23.51
CA THR PC 523 -27.63 -85.99 24.07
C THR PC 523 -26.99 -87.36 24.25
N PRO PC 524 -26.84 -87.88 25.48
CA PRO PC 524 -27.07 -87.34 26.83
C PRO PC 524 -26.34 -86.06 27.15
N ASP PC 525 -26.86 -85.35 28.15
CA ASP PC 525 -26.17 -84.18 28.68
C ASP PC 525 -24.78 -84.50 29.24
N ALA PC 526 -23.92 -83.49 29.16
CA ALA PC 526 -22.56 -83.57 29.66
C ALA PC 526 -22.51 -84.15 31.07
N SER PC 527 -23.31 -83.58 31.98
CA SER PC 527 -23.32 -84.07 33.36
C SER PC 527 -23.67 -85.54 33.43
N GLU PC 528 -24.56 -86.01 32.58
CA GLU PC 528 -24.93 -87.42 32.58
C GLU PC 528 -23.73 -88.29 32.23
N SER PC 529 -23.09 -88.00 31.09
CA SER PC 529 -21.94 -88.82 30.72
C SER PC 529 -20.81 -88.70 31.73
N VAL PC 530 -20.56 -87.49 32.24
CA VAL PC 530 -19.54 -87.31 33.27
C VAL PC 530 -19.80 -88.19 34.48
N ASN PC 531 -21.04 -88.18 34.97
CA ASN PC 531 -21.36 -88.97 36.15
C ASN PC 531 -21.17 -90.46 35.88
N ASN PC 532 -21.56 -90.91 34.70
CA ASN PC 532 -21.37 -92.33 34.39
C ASN PC 532 -19.89 -92.66 34.40
N ILE PC 533 -19.07 -91.82 33.79
CA ILE PC 533 -17.63 -92.08 33.76
C ILE PC 533 -17.07 -92.12 35.18
N LEU PC 534 -17.40 -91.12 35.99
CA LEU PC 534 -16.91 -91.11 37.37
C LEU PC 534 -17.24 -92.38 38.12
N LYS PC 535 -18.47 -92.87 37.99
CA LYS PC 535 -18.83 -94.06 38.75
C LYS PC 535 -18.19 -95.32 38.18
N GLN PC 536 -18.22 -95.50 36.87
CA GLN PC 536 -17.57 -96.68 36.29
C GLN PC 536 -16.08 -96.68 36.58
N SER PC 537 -15.47 -95.50 36.71
CA SER PC 537 -14.06 -95.36 37.06
C SER PC 537 -13.78 -95.41 38.56
N GLY PC 538 -14.80 -95.40 39.41
CA GLY PC 538 -14.56 -95.38 40.83
C GLY PC 538 -14.06 -94.07 41.38
N ALA PC 539 -13.91 -93.06 40.53
CA ALA PC 539 -13.49 -91.74 41.00
C ALA PC 539 -14.60 -91.08 41.81
N TRP PC 540 -15.85 -91.50 41.56
CA TRP PC 540 -16.98 -90.93 42.28
C TRP PC 540 -16.75 -90.91 43.79
N SER PC 541 -17.13 -89.78 44.39
CA SER PC 541 -16.95 -89.57 45.82
C SER PC 541 -18.11 -88.84 46.48
N GLY PC 542 -19.26 -88.73 45.82
CA GLY PC 542 -20.38 -88.03 46.44
C GLY PC 542 -20.96 -88.77 47.61
N ASP PC 543 -20.51 -90.00 47.82
CA ASP PC 543 -20.85 -90.78 48.99
C ASP PC 543 -20.28 -90.16 50.26
N ASP PC 544 -19.32 -89.25 50.12
CA ASP PC 544 -18.65 -88.68 51.29
C ASP PC 544 -19.62 -88.00 52.24
N LYS PC 545 -19.49 -88.37 53.52
CA LYS PC 545 -20.33 -87.83 54.57
C LYS PC 545 -20.25 -86.31 54.65
N LEU PC 546 -19.14 -85.72 54.24
CA LEU PC 546 -18.90 -84.31 54.46
C LEU PC 546 -19.01 -83.42 53.23
N GLN PC 547 -18.38 -83.77 52.12
CA GLN PC 547 -18.40 -82.88 50.96
C GLN PC 547 -19.81 -82.66 50.40
N LYS PC 548 -20.77 -83.50 50.76
CA LYS PC 548 -22.15 -83.31 50.33
C LYS PC 548 -22.66 -81.90 50.63
N TRP PC 549 -22.27 -81.36 51.79
CA TRP PC 549 -22.76 -80.05 52.24
C TRP PC 549 -22.46 -78.94 51.27
N VAL PC 550 -21.47 -79.13 50.38
CA VAL PC 550 -21.09 -78.12 49.42
C VAL PC 550 -21.40 -78.57 48.01
N ARG PC 551 -21.09 -79.82 47.69
CA ARG PC 551 -21.37 -80.32 46.36
C ARG PC 551 -22.84 -80.16 46.02
N VAL PC 552 -23.71 -80.14 47.03
CA VAL PC 552 -25.13 -79.90 46.76
C VAL PC 552 -25.32 -78.62 45.93
N TYR PC 553 -24.72 -77.52 46.35
CA TYR PC 553 -24.87 -76.26 45.60
C TYR PC 553 -24.49 -76.38 44.14
N LEU PC 554 -23.48 -77.18 43.82
CA LEU PC 554 -23.02 -77.26 42.43
C LEU PC 554 -23.85 -78.26 41.64
N ASP PC 555 -24.12 -79.42 42.22
CA ASP PC 555 -24.83 -80.49 41.51
C ASP PC 555 -26.33 -80.22 41.49
N ARG PC 556 -26.87 -79.64 42.57
CA ARG PC 556 -28.30 -79.42 42.62
C ARG PC 556 -28.71 -78.33 41.65
N GLY PC 557 -27.87 -77.30 41.50
CA GLY PC 557 -28.15 -76.19 40.62
C GLY PC 557 -29.20 -75.24 41.16
N GLU QC 26 -82.82 46.45 29.29
CA GLU QC 26 -81.77 45.46 29.37
C GLU QC 26 -81.25 45.15 27.98
N LYS QC 27 -79.99 44.72 27.89
CA LYS QC 27 -79.47 44.31 26.59
C LYS QC 27 -80.04 42.97 26.14
N ILE QC 28 -80.06 41.97 27.02
CA ILE QC 28 -80.63 40.67 26.64
C ILE QC 28 -81.99 40.45 27.28
N PRO QC 29 -83.10 40.77 26.59
CA PRO QC 29 -84.42 40.54 27.17
C PRO QC 29 -84.91 39.09 27.11
N VAL QC 30 -84.23 38.20 26.41
CA VAL QC 30 -84.71 36.84 26.20
C VAL QC 30 -84.63 36.03 27.49
N THR QC 31 -85.77 35.47 27.91
CA THR QC 31 -85.89 34.64 29.08
C THR QC 31 -85.52 33.18 28.79
N GLY QC 32 -85.34 32.40 29.85
CA GLY QC 32 -84.90 31.01 29.78
C GLY QC 32 -83.41 30.75 29.83
N SER QC 33 -82.92 29.73 29.13
CA SER QC 33 -81.49 29.51 28.96
C SER QC 33 -81.19 28.76 27.68
N GLY QC 34 -80.08 29.12 27.04
CA GLY QC 34 -79.66 28.42 25.83
C GLY QC 34 -78.59 29.20 25.10
N PHE QC 35 -78.34 28.77 23.87
CA PHE QC 35 -77.39 29.41 22.97
C PHE QC 35 -78.08 29.69 21.64
N VAL QC 36 -78.00 30.92 21.16
CA VAL QC 36 -78.61 31.30 19.90
C VAL QC 36 -77.51 31.55 18.89
N ALA QC 37 -77.44 30.71 17.88
CA ALA QC 37 -76.38 30.74 16.87
C ALA QC 37 -76.94 31.25 15.56
N LYS QC 38 -76.21 32.15 14.90
CA LYS QC 38 -76.59 32.63 13.57
C LYS QC 38 -75.39 32.54 12.64
N ASP QC 39 -75.38 31.53 11.78
CA ASP QC 39 -74.30 31.33 10.81
C ASP QC 39 -72.93 31.27 11.47
N ASP QC 40 -72.87 30.68 12.66
CA ASP QC 40 -71.61 30.60 13.39
C ASP QC 40 -70.77 29.45 12.86
N SER QC 41 -69.47 29.68 12.74
CA SER QC 41 -68.55 28.59 12.46
C SER QC 41 -68.58 27.56 13.57
N LEU QC 42 -68.33 26.31 13.21
CA LEU QC 42 -68.20 25.27 14.21
C LEU QC 42 -67.11 25.58 15.22
N ARG QC 43 -66.08 26.33 14.83
CA ARG QC 43 -65.08 26.79 15.79
C ARG QC 43 -65.72 27.55 16.93
N THR QC 44 -66.64 28.46 16.63
CA THR QC 44 -67.35 29.23 17.64
C THR QC 44 -68.36 28.37 18.40
N PHE QC 45 -69.16 27.60 17.67
CA PHE QC 45 -70.22 26.85 18.32
C PHE QC 45 -69.66 25.87 19.34
N PHE QC 46 -68.71 25.04 18.94
CA PHE QC 46 -68.20 24.08 19.93
C PHE QC 46 -67.34 24.72 20.99
N ASP QC 47 -67.02 26.01 20.90
CA ASP QC 47 -66.44 26.70 22.04
C ASP QC 47 -67.50 27.13 23.03
N ALA QC 48 -68.67 27.52 22.54
CA ALA QC 48 -69.75 27.87 23.46
C ALA QC 48 -70.22 26.70 24.31
N MET QC 49 -69.97 25.47 23.90
CA MET QC 49 -70.35 24.26 24.61
C MET QC 49 -69.30 23.78 25.61
N ALA QC 50 -68.16 24.46 25.67
CA ALA QC 50 -67.04 23.99 26.46
C ALA QC 50 -67.27 24.14 27.95
N LEU QC 51 -67.84 25.24 28.42
CA LEU QC 51 -68.10 25.36 29.85
C LEU QC 51 -68.95 24.21 30.39
N GLN QC 52 -69.92 23.73 29.61
CA GLN QC 52 -70.71 22.56 30.00
C GLN QC 52 -69.89 21.28 29.95
N LEU QC 53 -69.17 21.07 28.85
CA LEU QC 53 -68.30 19.90 28.76
C LEU QC 53 -67.24 19.89 29.87
N LYS QC 54 -66.85 21.06 30.37
CA LYS QC 54 -65.79 21.24 31.34
C LYS QC 54 -64.40 20.87 30.82
N GLU QC 55 -64.23 20.84 29.50
CA GLU QC 55 -62.96 20.46 28.89
C GLU QC 55 -62.73 21.40 27.72
N PRO QC 56 -61.49 21.82 27.47
CA PRO QC 56 -61.24 22.62 26.26
C PRO QC 56 -61.53 21.81 25.00
N VAL QC 57 -61.91 22.52 23.94
CA VAL QC 57 -62.31 21.93 22.67
C VAL QC 57 -61.40 22.44 21.56
N ILE QC 58 -60.93 21.53 20.71
CA ILE QC 58 -60.05 21.83 19.59
C ILE QC 58 -60.71 21.35 18.31
N VAL QC 59 -60.92 22.27 17.37
CA VAL QC 59 -61.57 21.97 16.09
C VAL QC 59 -60.57 22.10 14.96
N SER QC 60 -60.45 21.06 14.16
CA SER QC 60 -59.61 21.06 12.97
C SER QC 60 -60.05 22.11 11.95
N LYS QC 61 -59.07 22.60 11.20
CA LYS QC 61 -59.31 23.62 10.18
C LYS QC 61 -60.40 23.24 9.19
N MET QC 62 -60.36 22.02 8.66
CA MET QC 62 -61.38 21.60 7.71
C MET QC 62 -62.77 21.60 8.32
N ALA QC 63 -62.91 21.04 9.52
CA ALA QC 63 -64.20 21.04 10.20
C ALA QC 63 -64.70 22.43 10.51
N ALA QC 64 -63.80 23.40 10.66
CA ALA QC 64 -64.23 24.76 10.95
C ALA QC 64 -64.90 25.49 9.79
N ARG QC 65 -64.98 24.90 8.60
CA ARG QC 65 -65.64 25.59 7.49
C ARG QC 65 -67.16 25.44 7.47
N LYS QC 66 -67.72 24.48 8.20
CA LYS QC 66 -69.15 24.29 8.26
C LYS QC 66 -69.85 25.35 9.13
N LYS QC 67 -71.09 25.62 8.79
CA LYS QC 67 -71.92 26.63 9.46
C LYS QC 67 -73.16 26.00 10.07
N ILE QC 68 -73.60 26.50 11.22
CA ILE QC 68 -74.79 26.01 11.90
C ILE QC 68 -75.62 27.17 12.41
N THR QC 69 -76.95 27.01 12.34
CA THR QC 69 -77.92 28.01 12.77
C THR QC 69 -79.07 27.38 13.53
N GLY QC 70 -79.58 28.06 14.55
CA GLY QC 70 -80.68 27.53 15.32
C GLY QC 70 -80.63 27.94 16.78
N ASN QC 71 -81.27 27.14 17.63
CA ASN QC 71 -81.38 27.41 19.07
C ASN QC 71 -81.18 26.16 19.91
N PHE QC 72 -80.04 26.07 20.61
CA PHE QC 72 -79.59 24.84 21.26
C PHE QC 72 -79.48 24.99 22.78
N GLU QC 73 -79.75 23.87 23.49
CA GLU QC 73 -79.70 23.73 24.94
C GLU QC 73 -78.36 23.35 25.57
N PHE QC 74 -77.66 22.37 25.03
CA PHE QC 74 -76.45 21.81 25.64
C PHE QC 74 -76.70 21.18 27.00
N HIS QC 75 -77.91 20.73 27.29
CA HIS QC 75 -78.18 20.15 28.60
C HIS QC 75 -77.27 18.96 28.92
N ASP QC 76 -77.29 17.94 28.08
CA ASP QC 76 -76.44 16.77 28.22
C ASP QC 76 -75.43 16.75 27.07
N PRO QC 77 -74.34 17.48 27.24
CA PRO QC 77 -73.39 17.65 26.12
C PRO QC 77 -72.84 16.36 25.55
N ASN QC 78 -72.48 15.37 26.36
CA ASN QC 78 -71.89 14.17 25.77
C ASN QC 78 -72.85 13.48 24.82
N ALA QC 79 -74.14 13.43 25.15
CA ALA QC 79 -75.11 12.86 24.23
C ALA QC 79 -75.29 13.74 23.00
N LEU QC 80 -75.53 15.03 23.22
CA LEU QC 80 -75.72 15.95 22.10
C LEU QC 80 -74.56 15.90 21.12
N LEU QC 81 -73.33 15.98 21.63
CA LEU QC 81 -72.15 15.90 20.78
C LEU QC 81 -72.14 14.67 19.89
N GLU QC 82 -72.52 13.51 20.43
CA GLU QC 82 -72.59 12.32 19.60
C GLU QC 82 -73.64 12.48 18.51
N LYS QC 83 -74.86 12.84 18.90
CA LYS QC 83 -75.90 13.02 17.89
C LYS QC 83 -75.44 13.95 16.78
N LEU QC 84 -74.96 15.14 17.11
CA LEU QC 84 -74.49 16.07 16.08
C LEU QC 84 -73.38 15.50 15.22
N SER QC 85 -72.48 14.70 15.80
CA SER QC 85 -71.42 14.12 14.99
C SER QC 85 -71.95 13.37 13.77
N LEU QC 86 -72.98 12.58 13.95
CA LEU QC 86 -73.46 11.77 12.84
C LEU QC 86 -74.28 12.55 11.84
N GLN QC 87 -74.89 13.66 12.25
CA GLN QC 87 -75.61 14.50 11.32
C GLN QC 87 -74.66 15.34 10.47
N LEU QC 88 -73.64 15.91 11.09
CA LEU QC 88 -72.69 16.77 10.38
C LEU QC 88 -71.57 16.01 9.68
N GLY QC 89 -71.30 14.77 10.06
CA GLY QC 89 -70.19 14.00 9.52
C GLY QC 89 -68.84 14.23 10.16
N LEU QC 90 -68.82 14.49 11.45
CA LEU QC 90 -67.64 14.75 12.25
C LEU QC 90 -67.22 13.47 12.96
N ILE QC 91 -65.99 13.44 13.40
CA ILE QC 91 -65.48 12.37 14.26
C ILE QC 91 -64.77 13.08 15.39
N TRP QC 92 -64.78 12.47 16.56
CA TRP QC 92 -64.21 13.11 17.74
C TRP QC 92 -63.60 12.14 18.72
N TYR QC 93 -62.61 12.63 19.46
CA TYR QC 93 -61.86 11.84 20.41
C TYR QC 93 -61.71 12.61 21.71
N PHE QC 94 -61.45 11.87 22.79
CA PHE QC 94 -61.27 12.47 24.12
C PHE QC 94 -60.23 11.69 24.90
N ASP QC 95 -59.08 12.33 25.10
CA ASP QC 95 -57.92 11.78 25.79
C ASP QC 95 -57.99 11.92 27.31
N GLY QC 96 -58.98 12.63 27.83
CA GLY QC 96 -59.05 13.00 29.23
C GLY QC 96 -58.66 14.42 29.56
N GLN QC 97 -58.03 15.13 28.64
CA GLN QC 97 -57.62 16.51 28.86
C GLN QC 97 -58.32 17.48 27.92
N ALA QC 98 -58.59 17.07 26.68
CA ALA QC 98 -59.24 17.96 25.71
C ALA QC 98 -60.02 17.14 24.73
N ILE QC 99 -61.09 17.73 24.18
CA ILE QC 99 -61.90 17.10 23.14
C ILE QC 99 -61.46 17.57 21.76
N TYR QC 100 -61.10 16.63 20.89
CA TYR QC 100 -60.64 16.91 19.53
C TYR QC 100 -61.71 16.53 18.52
N ILE QC 101 -62.11 17.49 17.69
CA ILE QC 101 -63.13 17.32 16.65
C ILE QC 101 -62.52 17.49 15.27
N TYR QC 102 -62.72 16.49 14.40
CA TYR QC 102 -62.18 16.44 13.05
C TYR QC 102 -63.28 16.11 12.05
N ASP QC 103 -63.02 16.46 10.79
CA ASP QC 103 -63.86 16.00 9.70
C ASP QC 103 -63.64 14.51 9.42
N ALA QC 104 -64.74 13.82 9.12
CA ALA QC 104 -64.71 12.41 8.77
C ALA QC 104 -63.65 12.03 7.74
N SER QC 105 -63.47 12.85 6.72
CA SER QC 105 -62.50 12.52 5.69
C SER QC 105 -61.07 12.44 6.20
N GLU QC 106 -60.77 12.92 7.40
CA GLU QC 106 -59.43 12.86 7.97
C GLU QC 106 -59.05 11.51 8.60
N MET QC 107 -59.95 10.54 8.71
CA MET QC 107 -59.61 9.23 9.27
C MET QC 107 -58.26 8.73 8.79
N ARG QC 108 -57.43 8.31 9.74
CA ARG QC 108 -56.16 7.65 9.43
C ARG QC 108 -56.20 6.21 9.89
N ASN QC 109 -55.45 5.36 9.21
CA ASN QC 109 -55.39 3.96 9.58
C ASN QC 109 -54.03 3.37 9.23
N ALA QC 110 -53.66 2.30 9.94
CA ALA QC 110 -52.34 1.71 9.78
C ALA QC 110 -52.34 0.25 10.23
N VAL QC 111 -51.31 -0.46 9.78
CA VAL QC 111 -51.00 -1.83 10.17
C VAL QC 111 -49.73 -1.85 11.01
N VAL QC 112 -49.78 -2.51 12.16
CA VAL QC 112 -48.67 -2.57 13.11
C VAL QC 112 -48.32 -4.02 13.37
N SER QC 113 -47.03 -4.30 13.52
CA SER QC 113 -46.55 -5.65 13.80
C SER QC 113 -45.44 -5.63 14.83
N LEU QC 114 -45.69 -6.29 15.96
CA LEU QC 114 -44.80 -6.36 17.12
C LEU QC 114 -44.28 -7.77 17.31
N ARG QC 115 -43.09 -7.87 17.86
CA ARG QC 115 -42.39 -9.14 18.10
C ARG QC 115 -42.31 -9.54 19.56
N ASN QC 116 -42.14 -8.61 20.48
CA ASN QC 116 -41.98 -8.90 21.91
C ASN QC 116 -43.24 -8.69 22.74
N VAL QC 117 -44.33 -8.20 22.16
CA VAL QC 117 -45.49 -7.79 22.95
C VAL QC 117 -46.75 -8.37 22.33
N SER QC 118 -47.61 -8.91 23.18
CA SER QC 118 -48.92 -9.42 22.79
C SER QC 118 -49.97 -8.33 22.72
N LEU QC 119 -50.89 -8.51 21.77
CA LEU QC 119 -52.04 -7.61 21.66
C LEU QC 119 -52.76 -7.46 23.00
N ASN QC 120 -52.90 -8.55 23.76
CA ASN QC 120 -53.51 -8.45 25.08
C ASN QC 120 -52.71 -7.52 25.98
N GLU QC 121 -51.40 -7.70 26.01
CA GLU QC 121 -50.54 -6.84 26.81
C GLU QC 121 -50.78 -5.38 26.48
N PHE QC 122 -50.84 -5.07 25.19
CA PHE QC 122 -51.06 -3.68 24.79
C PHE QC 122 -52.46 -3.20 25.19
N ASN QC 123 -53.48 -4.03 25.00
CA ASN QC 123 -54.81 -3.61 25.41
C ASN QC 123 -54.88 -3.33 26.90
N ASN QC 124 -54.21 -4.15 27.71
CA ASN QC 124 -54.21 -3.87 29.15
C ASN QC 124 -53.50 -2.56 29.44
N PHE QC 125 -52.43 -2.28 28.72
CA PHE QC 125 -51.76 -0.99 28.88
C PHE QC 125 -52.75 0.15 28.65
N LEU QC 126 -53.41 0.13 27.50
CA LEU QC 126 -54.43 1.16 27.20
C LEU QC 126 -55.50 1.25 28.27
N LYS QC 127 -56.01 0.12 28.75
CA LYS QC 127 -57.06 0.19 29.76
C LYS QC 127 -56.56 0.83 31.04
N ARG QC 128 -55.41 0.40 31.55
CA ARG QC 128 -54.84 1.05 32.72
C ARG QC 128 -54.66 2.55 32.50
N SER QC 129 -54.17 2.92 31.32
CA SER QC 129 -54.00 4.33 30.98
C SER QC 129 -55.32 5.10 30.98
N GLY QC 130 -56.43 4.44 30.72
CA GLY QC 130 -57.67 5.19 30.53
C GLY QC 130 -57.73 5.90 29.19
N LEU QC 131 -57.03 5.35 28.21
CA LEU QC 131 -56.90 5.85 26.85
C LEU QC 131 -57.77 5.06 25.90
N TYR QC 132 -58.18 3.86 26.31
CA TYR QC 132 -58.98 2.98 25.49
C TYR QC 132 -60.29 3.67 25.09
N ASN QC 133 -60.77 3.32 23.90
CA ASN QC 133 -61.99 3.86 23.31
C ASN QC 133 -62.67 2.75 22.53
N LYS QC 134 -63.82 2.30 23.02
CA LYS QC 134 -64.56 1.21 22.39
C LYS QC 134 -65.15 1.54 21.02
N ASN QC 135 -65.12 2.78 20.54
CA ASN QC 135 -65.56 3.00 19.17
C ASN QC 135 -64.48 2.71 18.14
N TYR QC 136 -63.22 2.66 18.54
CA TYR QC 136 -62.11 2.45 17.61
C TYR QC 136 -61.12 1.40 18.11
N PRO QC 137 -61.59 0.22 18.50
CA PRO QC 137 -60.70 -0.75 19.13
C PRO QC 137 -59.72 -1.36 18.14
N LEU QC 138 -58.67 -1.95 18.68
CA LEU QC 138 -57.71 -2.65 17.84
C LEU QC 138 -58.30 -3.96 17.33
N ARG QC 139 -58.01 -4.28 16.07
CA ARG QC 139 -58.53 -5.48 15.42
C ARG QC 139 -57.43 -6.45 15.03
N GLY QC 140 -57.43 -7.63 15.62
CA GLY QC 140 -56.42 -8.62 15.27
C GLY QC 140 -56.53 -9.86 16.12
N ASP QC 141 -55.48 -10.67 16.12
CA ASP QC 141 -55.45 -11.90 16.92
C ASP QC 141 -54.74 -11.68 18.24
N ASN QC 142 -55.47 -11.85 19.34
CA ASN QC 142 -54.89 -11.73 20.67
C ASN QC 142 -53.57 -12.49 20.80
N ARG QC 143 -53.49 -13.68 20.24
CA ARG QC 143 -52.25 -14.45 20.30
C ARG QC 143 -51.14 -13.74 19.54
N LYS QC 144 -51.44 -13.20 18.38
CA LYS QC 144 -50.43 -12.67 17.48
C LYS QC 144 -50.09 -11.23 17.81
N GLY QC 145 -49.04 -10.75 17.17
CA GLY QC 145 -48.58 -9.38 17.26
C GLY QC 145 -48.91 -8.48 16.10
N THR QC 146 -49.79 -8.87 15.19
CA THR QC 146 -50.08 -8.09 14.00
C THR QC 146 -51.53 -7.64 14.03
N PHE QC 147 -51.73 -6.33 14.00
CA PHE QC 147 -53.07 -5.77 14.13
C PHE QC 147 -53.25 -4.56 13.22
N TYR QC 148 -54.51 -4.28 12.94
CA TYR QC 148 -54.98 -3.13 12.17
C TYR QC 148 -55.69 -2.12 13.05
N VAL QC 149 -55.37 -0.83 12.90
CA VAL QC 149 -55.97 0.22 13.70
C VAL QC 149 -56.39 1.38 12.81
N SER QC 150 -57.58 1.93 13.06
CA SER QC 150 -58.10 3.07 12.31
C SER QC 150 -58.86 4.01 13.21
N GLY QC 151 -58.73 5.31 12.96
CA GLY QC 151 -59.43 6.30 13.75
C GLY QC 151 -58.94 7.73 13.58
N PRO QC 152 -59.34 8.61 14.50
CA PRO QC 152 -58.87 9.98 14.44
C PRO QC 152 -57.37 10.09 14.53
N PRO QC 153 -56.79 11.08 13.89
CA PRO QC 153 -55.34 11.31 13.90
C PRO QC 153 -54.60 11.17 15.21
N VAL QC 154 -55.01 11.93 16.22
CA VAL QC 154 -54.31 11.89 17.50
C VAL QC 154 -54.28 10.49 18.07
N TYR QC 155 -55.41 9.81 18.04
CA TYR QC 155 -55.48 8.44 18.54
C TYR QC 155 -54.53 7.52 17.78
N VAL QC 156 -54.65 7.48 16.45
CA VAL QC 156 -53.78 6.63 15.66
C VAL QC 156 -52.30 6.90 15.92
N ASP QC 157 -51.88 8.15 15.79
CA ASP QC 157 -50.46 8.48 16.01
C ASP QC 157 -49.98 8.05 17.38
N MET QC 158 -50.76 8.32 18.42
CA MET QC 158 -50.36 7.92 19.75
C MET QC 158 -50.19 6.41 19.86
N VAL QC 159 -51.20 5.66 19.40
CA VAL QC 159 -51.11 4.21 19.43
C VAL QC 159 -49.86 3.70 18.73
N VAL QC 160 -49.61 4.17 17.52
CA VAL QC 160 -48.43 3.71 16.77
C VAL QC 160 -47.14 3.98 17.50
N ASN QC 161 -46.94 5.20 17.98
CA ASN QC 161 -45.72 5.51 18.72
C ASN QC 161 -45.56 4.65 19.96
N ALA QC 162 -46.59 4.58 20.78
CA ALA QC 162 -46.51 3.78 22.00
C ALA QC 162 -46.16 2.33 21.69
N ALA QC 163 -46.89 1.70 20.78
CA ALA QC 163 -46.59 0.32 20.42
C ALA QC 163 -45.15 0.12 19.98
N THR QC 164 -44.67 0.94 19.05
CA THR QC 164 -43.30 0.79 18.59
C THR QC 164 -42.28 0.88 19.73
N MET QC 165 -42.37 1.94 20.53
CA MET QC 165 -41.43 2.10 21.63
C MET QC 165 -41.51 0.97 22.65
N MET QC 166 -42.70 0.55 23.04
CA MET QC 166 -42.80 -0.58 23.95
C MET QC 166 -42.17 -1.83 23.39
N ASP QC 167 -42.37 -2.09 22.10
CA ASP QC 167 -41.74 -3.26 21.51
C ASP QC 167 -40.24 -3.19 21.59
N LYS QC 168 -39.64 -2.07 21.18
CA LYS QC 168 -38.18 -1.98 21.25
C LYS QC 168 -37.65 -2.10 22.67
N GLN QC 169 -38.29 -1.47 23.64
CA GLN QC 169 -37.85 -1.58 25.04
C GLN QC 169 -37.60 -3.01 25.51
N ASN QC 170 -38.53 -3.93 25.22
CA ASN QC 170 -38.43 -5.29 25.76
C ASN QC 170 -37.26 -6.12 25.25
N ASP QC 171 -36.51 -5.67 24.25
CA ASP QC 171 -35.32 -6.43 23.86
C ASP QC 171 -34.33 -6.55 25.01
N GLY QC 172 -34.38 -5.62 25.96
CA GLY QC 172 -33.58 -5.68 27.16
C GLY QC 172 -33.95 -6.80 28.13
N ILE QC 173 -34.88 -7.69 27.75
CA ILE QC 173 -35.41 -8.72 28.63
C ILE QC 173 -35.07 -10.09 28.07
N GLU QC 174 -34.90 -11.06 28.98
CA GLU QC 174 -34.66 -12.45 28.65
C GLU QC 174 -35.53 -13.34 29.52
N LEU QC 175 -36.15 -14.35 28.89
CA LEU QC 175 -37.06 -15.27 29.58
C LEU QC 175 -36.77 -16.76 29.43
N GLY QC 176 -35.77 -17.17 28.66
CA GLY QC 176 -35.42 -18.58 28.61
C GLY QC 176 -34.72 -19.13 29.83
N ARG QC 177 -35.41 -19.06 30.96
CA ARG QC 177 -34.85 -19.48 32.25
C ARG QC 177 -34.42 -20.93 32.25
N GLN QC 178 -33.13 -21.15 32.51
CA GLN QC 178 -32.56 -22.47 32.66
C GLN QC 178 -32.96 -23.10 34.00
N LYS QC 179 -33.13 -24.43 33.97
CA LYS QC 179 -33.57 -25.21 35.12
C LYS QC 179 -32.69 -26.45 35.31
N ILE QC 180 -32.49 -26.82 36.56
CA ILE QC 180 -31.61 -27.92 36.99
C ILE QC 180 -32.43 -29.07 37.56
N GLY QC 181 -32.18 -30.28 37.08
CA GLY QC 181 -32.80 -31.48 37.61
C GLY QC 181 -31.81 -32.53 38.08
N VAL QC 182 -32.14 -33.19 39.18
CA VAL QC 182 -31.34 -34.25 39.81
C VAL QC 182 -32.04 -35.59 39.58
N MET QC 183 -31.35 -36.54 38.95
CA MET QC 183 -31.92 -37.84 38.58
C MET QC 183 -31.07 -39.00 39.07
N ARG QC 184 -31.41 -39.53 40.24
CA ARG QC 184 -30.73 -40.70 40.79
C ARG QC 184 -30.95 -41.97 39.97
N LEU QC 185 -29.85 -42.55 39.49
CA LEU QC 185 -29.88 -43.86 38.85
C LEU QC 185 -30.08 -44.96 39.88
N ASN QC 186 -31.12 -45.77 39.70
CA ASN QC 186 -31.45 -46.83 40.64
C ASN QC 186 -30.86 -48.18 40.27
N ASN QC 187 -30.40 -48.37 39.03
CA ASN QC 187 -30.05 -49.70 38.56
C ASN QC 187 -28.64 -49.81 37.98
N THR QC 188 -27.80 -48.78 38.07
CA THR QC 188 -26.45 -48.91 37.52
C THR QC 188 -25.56 -47.83 38.08
N PHE QC 189 -24.24 -48.10 38.03
CA PHE QC 189 -23.24 -47.08 38.34
C PHE QC 189 -23.21 -45.97 37.30
N VAL QC 190 -22.99 -44.75 37.77
CA VAL QC 190 -22.94 -43.58 36.89
C VAL QC 190 -21.68 -43.55 36.03
N GLY QC 191 -20.53 -43.81 36.62
CA GLY QC 191 -19.28 -43.66 35.89
C GLY QC 191 -18.98 -44.72 34.84
N ASP QC 192 -18.04 -44.35 33.98
CA ASP QC 192 -17.44 -45.21 32.98
C ASP QC 192 -16.65 -46.32 33.66
N ARG QC 193 -16.58 -47.48 33.02
CA ARG QC 193 -15.88 -48.60 33.66
C ARG QC 193 -14.87 -49.26 32.73
N THR QC 194 -13.69 -49.51 33.28
CA THR QC 194 -12.59 -50.16 32.58
C THR QC 194 -12.42 -51.60 33.07
N TYR QC 195 -12.37 -52.52 32.14
CA TYR QC 195 -12.18 -53.94 32.38
C TYR QC 195 -10.81 -54.35 31.85
N ASN QC 196 -9.94 -54.73 32.78
CA ASN QC 196 -8.54 -55.06 32.52
C ASN QC 196 -8.36 -56.50 32.10
N LEU QC 197 -8.92 -56.84 30.94
CA LEU QC 197 -8.71 -58.18 30.41
C LEU QC 197 -7.21 -58.40 30.17
N ARG QC 198 -6.76 -59.61 30.50
CA ARG QC 198 -5.34 -59.95 30.41
C ARG QC 198 -4.74 -59.68 29.04
N ASP QC 199 -5.55 -59.70 27.98
CA ASP QC 199 -5.06 -59.42 26.64
C ASP QC 199 -5.58 -58.12 26.06
N GLN QC 200 -6.59 -57.51 26.68
CA GLN QC 200 -7.24 -56.35 26.09
C GLN QC 200 -7.76 -55.47 27.22
N LYS QC 201 -7.59 -54.17 27.07
CA LYS QC 201 -8.18 -53.19 27.97
C LYS QC 201 -9.48 -52.71 27.31
N MET QC 202 -10.60 -52.96 27.97
CA MET QC 202 -11.91 -52.60 27.45
C MET QC 202 -12.53 -51.49 28.27
N VAL QC 203 -13.16 -50.54 27.59
CA VAL QC 203 -13.81 -49.40 28.25
C VAL QC 203 -15.28 -49.39 27.87
N ILE QC 204 -16.13 -49.18 28.86
CA ILE QC 204 -17.57 -49.04 28.70
C ILE QC 204 -17.94 -47.61 29.08
N PRO QC 205 -18.47 -46.82 28.14
CA PRO QC 205 -18.87 -45.44 28.46
C PRO QC 205 -20.15 -45.34 29.24
N GLY QC 206 -20.15 -44.44 30.20
CA GLY QC 206 -21.35 -44.08 30.94
C GLY QC 206 -22.38 -43.29 30.13
N ILE QC 207 -23.53 -43.15 30.78
CA ILE QC 207 -24.67 -42.47 30.17
C ILE QC 207 -24.34 -41.04 29.79
N ALA QC 208 -23.77 -40.28 30.73
CA ALA QC 208 -23.41 -38.90 30.43
C ALA QC 208 -22.47 -38.80 29.24
N THR QC 209 -21.42 -39.60 29.21
CA THR QC 209 -20.52 -39.60 28.07
C THR QC 209 -21.26 -39.86 26.77
N ALA QC 210 -22.10 -40.88 26.75
CA ALA QC 210 -22.80 -41.21 25.52
C ALA QC 210 -23.79 -40.11 25.10
N ILE QC 211 -24.58 -39.58 26.02
CA ILE QC 211 -25.54 -38.56 25.62
C ILE QC 211 -24.85 -37.30 25.14
N GLU QC 212 -23.85 -36.83 25.88
CA GLU QC 212 -23.16 -35.63 25.44
C GLU QC 212 -22.48 -35.83 24.11
N ARG QC 213 -22.06 -37.05 23.80
CA ARG QC 213 -21.51 -37.35 22.49
C ARG QC 213 -22.58 -37.47 21.42
N LEU QC 214 -23.80 -37.78 21.81
CA LEU QC 214 -24.88 -37.92 20.83
C LEU QC 214 -25.45 -36.58 20.42
N LEU QC 215 -25.78 -35.73 21.38
CA LEU QC 215 -26.40 -34.45 21.06
C LEU QC 215 -25.43 -33.45 20.47
N GLN QC 216 -24.14 -33.74 20.49
CA GLN QC 216 -23.11 -32.75 20.24
C GLN QC 216 -23.30 -32.06 18.90
N GLY QC 217 -23.25 -30.73 18.93
CA GLY QC 217 -23.45 -29.92 17.75
C GLY QC 217 -24.86 -29.86 17.22
N GLU QC 218 -25.84 -30.46 17.90
CA GLU QC 218 -27.19 -30.32 17.43
C GLU QC 218 -27.60 -28.86 17.43
N GLU QC 219 -28.47 -28.51 16.50
CA GLU QC 219 -28.93 -27.14 16.35
C GLU QC 219 -30.44 -26.98 16.44
N GLN QC 220 -31.18 -28.01 16.08
CA GLN QC 220 -32.63 -27.99 16.10
C GLN QC 220 -33.17 -28.27 17.50
N PRO QC 221 -34.40 -27.88 17.78
CA PRO QC 221 -35.02 -28.28 19.03
C PRO QC 221 -35.11 -29.79 19.15
N LEU QC 222 -35.21 -30.25 20.40
CA LEU QC 222 -35.45 -31.64 20.71
C LEU QC 222 -36.93 -31.98 20.51
N GLY QC 223 -37.29 -33.23 20.78
CA GLY QC 223 -38.66 -33.66 20.62
C GLY QC 223 -38.97 -34.95 21.35
N ASN QC 224 -39.65 -35.88 20.67
CA ASN QC 224 -40.05 -37.13 21.29
C ASN QC 224 -38.84 -37.97 21.70
N ILE QC 225 -39.08 -38.86 22.66
CA ILE QC 225 -38.15 -39.93 23.00
C ILE QC 225 -38.93 -41.23 22.98
N VAL QC 226 -38.36 -42.26 22.35
CA VAL QC 226 -39.03 -43.55 22.22
C VAL QC 226 -38.00 -44.66 22.32
N SER QC 227 -38.44 -45.83 22.76
CA SER QC 227 -37.71 -47.05 22.50
C SER QC 227 -37.82 -47.40 21.02
N LEU QC 254 -47.36 -15.89 21.33
CA LEU QC 254 -46.30 -16.28 20.41
C LEU QC 254 -45.04 -16.64 21.18
N GLN QC 255 -44.71 -15.80 22.16
CA GLN QC 255 -43.41 -15.95 22.80
C GLN QC 255 -43.33 -17.29 23.52
N GLU QC 256 -44.47 -17.81 23.96
CA GLU QC 256 -44.49 -19.15 24.51
C GLU QC 256 -44.16 -20.20 23.46
N ALA QC 257 -44.28 -19.85 22.17
CA ALA QC 257 -43.75 -20.69 21.10
C ALA QC 257 -42.30 -20.38 20.75
N LEU QC 258 -41.84 -19.16 20.99
CA LEU QC 258 -40.43 -18.85 20.76
C LEU QC 258 -39.52 -19.45 21.81
N LYS QC 259 -39.95 -19.46 23.06
CA LYS QC 259 -39.14 -20.06 24.12
C LYS QC 259 -39.03 -21.57 23.99
N GLN QC 260 -39.95 -22.21 23.29
CA GLN QC 260 -39.82 -23.62 22.95
C GLN QC 260 -38.72 -23.90 21.92
N ASN QC 261 -38.17 -22.88 21.29
CA ASN QC 261 -37.18 -23.06 20.23
C ASN QC 261 -35.77 -23.37 20.74
N ALA QC 262 -35.61 -23.65 22.03
CA ALA QC 262 -34.29 -23.87 22.62
C ALA QC 262 -33.54 -25.03 21.99
N ALA QC 263 -32.35 -24.75 21.47
CA ALA QC 263 -31.58 -25.73 20.71
C ALA QC 263 -31.05 -26.85 21.60
N ALA QC 264 -31.05 -28.06 21.05
CA ALA QC 264 -30.65 -29.26 21.79
C ALA QC 264 -29.21 -29.23 22.26
N GLY QC 265 -28.33 -28.50 21.57
CA GLY QC 265 -26.94 -28.41 22.01
C GLY QC 265 -26.72 -27.72 23.35
N ASN QC 266 -27.72 -27.05 23.90
CA ASN QC 266 -27.57 -26.37 25.18
C ASN QC 266 -27.85 -27.25 26.39
N ILE QC 267 -28.30 -28.48 26.20
CA ILE QC 267 -28.42 -29.43 27.30
C ILE QC 267 -27.03 -29.77 27.82
N LYS QC 268 -26.87 -29.80 29.14
CA LYS QC 268 -25.61 -30.26 29.72
C LYS QC 268 -25.87 -31.31 30.79
N ILE QC 269 -25.10 -32.40 30.74
CA ILE QC 269 -25.16 -33.47 31.74
C ILE QC 269 -23.83 -33.58 32.48
N VAL QC 270 -23.90 -33.73 33.81
CA VAL QC 270 -22.74 -34.03 34.64
C VAL QC 270 -23.05 -35.22 35.54
N ALA QC 271 -22.18 -36.23 35.54
CA ALA QC 271 -22.29 -37.34 36.48
C ALA QC 271 -21.87 -36.93 37.88
N TYR QC 272 -22.50 -37.54 38.89
CA TYR QC 272 -22.22 -37.25 40.29
C TYR QC 272 -22.15 -38.55 41.08
N PRO QC 273 -21.02 -39.24 41.03
CA PRO QC 273 -20.84 -40.50 41.76
C PRO QC 273 -21.19 -40.49 43.24
N ASP QC 274 -20.89 -39.41 43.96
CA ASP QC 274 -21.09 -39.40 45.41
C ASP QC 274 -22.47 -39.85 45.82
N THR QC 275 -23.49 -39.62 44.98
CA THR QC 275 -24.85 -40.07 45.26
C THR QC 275 -25.38 -40.91 44.11
N ASN QC 276 -24.52 -41.27 43.17
CA ASN QC 276 -24.90 -42.05 42.00
C ASN QC 276 -26.02 -41.40 41.20
N SER QC 277 -25.91 -40.10 40.95
CA SER QC 277 -27.00 -39.39 40.29
C SER QC 277 -26.47 -38.53 39.15
N LEU QC 278 -27.33 -38.25 38.17
CA LEU QC 278 -27.04 -37.29 37.11
C LEU QC 278 -27.60 -35.90 37.41
N LEU QC 279 -26.82 -34.89 37.06
CA LEU QC 279 -27.26 -33.50 37.06
C LEU QC 279 -27.52 -33.08 35.62
N VAL QC 280 -28.71 -32.54 35.35
CA VAL QC 280 -29.10 -32.15 34.01
C VAL QC 280 -29.51 -30.69 34.04
N LYS QC 281 -28.91 -29.90 33.15
CA LYS QC 281 -29.21 -28.49 32.97
C LYS QC 281 -29.87 -28.24 31.63
N GLY QC 282 -31.04 -27.57 31.66
CA GLY QC 282 -31.75 -27.20 30.45
C GLY QC 282 -33.09 -26.60 30.80
N THR QC 283 -33.90 -26.36 29.76
CA THR QC 283 -35.27 -25.95 29.96
C THR QC 283 -36.10 -27.05 30.60
N ALA QC 284 -37.24 -26.66 31.17
CA ALA QC 284 -38.16 -27.61 31.77
C ALA QC 284 -38.51 -28.78 30.84
N GLU QC 285 -38.85 -28.50 29.59
CA GLU QC 285 -39.15 -29.57 28.65
C GLU QC 285 -37.93 -30.44 28.37
N GLN QC 286 -36.78 -29.83 28.12
CA GLN QC 286 -35.57 -30.60 27.90
C GLN QC 286 -35.30 -31.56 29.05
N VAL QC 287 -35.36 -31.04 30.27
CA VAL QC 287 -35.18 -31.87 31.46
C VAL QC 287 -36.16 -33.04 31.46
N HIS QC 288 -37.45 -32.76 31.28
CA HIS QC 288 -38.43 -33.83 31.21
C HIS QC 288 -38.05 -34.92 30.20
N PHE QC 289 -37.70 -34.52 28.98
CA PHE QC 289 -37.28 -35.49 27.98
C PHE QC 289 -36.10 -36.33 28.44
N ILE QC 290 -35.03 -35.69 28.86
CA ILE QC 290 -33.86 -36.43 29.36
C ILE QC 290 -34.26 -37.41 30.44
N GLU QC 291 -35.11 -37.00 31.37
CA GLU QC 291 -35.54 -37.92 32.43
C GLU QC 291 -36.30 -39.13 31.88
N MET QC 292 -37.08 -38.94 30.83
CA MET QC 292 -37.74 -40.08 30.20
C MET QC 292 -36.73 -41.04 29.59
N LEU QC 293 -35.72 -40.51 28.93
CA LEU QC 293 -34.68 -41.37 28.37
C LEU QC 293 -33.89 -42.12 29.45
N VAL QC 294 -33.58 -41.47 30.56
CA VAL QC 294 -32.93 -42.17 31.66
C VAL QC 294 -33.77 -43.34 32.15
N LYS QC 295 -35.08 -43.12 32.29
CA LYS QC 295 -35.97 -44.21 32.66
C LYS QC 295 -36.11 -45.27 31.58
N ALA QC 296 -35.79 -44.93 30.34
CA ALA QC 296 -35.72 -45.95 29.32
C ALA QC 296 -34.45 -46.77 29.40
N LEU QC 297 -33.36 -46.18 29.88
CA LEU QC 297 -32.06 -46.85 29.79
C LEU QC 297 -31.68 -47.67 31.02
N ASP QC 298 -32.03 -47.26 32.23
CA ASP QC 298 -31.50 -47.98 33.41
C ASP QC 298 -32.25 -49.24 33.86
N VAL QC 299 -32.52 -50.19 32.94
CA VAL QC 299 -33.02 -51.51 33.31
C VAL QC 299 -31.93 -52.42 33.88
N ALA QC 300 -32.26 -53.12 34.97
CA ALA QC 300 -31.34 -54.01 35.71
C ALA QC 300 -30.98 -55.29 34.95
N LYS QC 301 -29.77 -55.80 35.22
CA LYS QC 301 -29.15 -56.94 34.54
C LYS QC 301 -29.53 -58.31 35.14
N ARG QC 302 -29.59 -59.33 34.26
CA ARG QC 302 -29.71 -60.74 34.63
C ARG QC 302 -28.38 -61.40 35.02
N HIS QC 303 -28.37 -62.13 36.14
CA HIS QC 303 -27.25 -63.01 36.50
C HIS QC 303 -27.17 -64.29 35.67
N VAL QC 304 -25.93 -64.71 35.34
CA VAL QC 304 -25.64 -65.92 34.59
C VAL QC 304 -24.51 -66.71 35.25
N GLU QC 305 -24.73 -68.00 35.51
CA GLU QC 305 -23.69 -68.90 36.02
C GLU QC 305 -23.23 -69.86 34.93
N LEU QC 306 -21.91 -69.98 34.76
CA LEU QC 306 -21.30 -70.83 33.74
C LEU QC 306 -20.46 -71.93 34.37
N SER QC 307 -20.64 -73.16 33.89
CA SER QC 307 -19.91 -74.34 34.34
C SER QC 307 -19.17 -75.01 33.18
N LEU QC 308 -17.94 -75.44 33.43
CA LEU QC 308 -17.10 -76.05 32.39
C LEU QC 308 -16.58 -77.43 32.81
N TRP QC 309 -16.88 -78.44 31.99
CA TRP QC 309 -16.46 -79.83 32.19
C TRP QC 309 -15.25 -80.17 31.33
N ILE QC 310 -14.15 -80.54 31.96
CA ILE QC 310 -12.92 -80.94 31.25
C ILE QC 310 -12.59 -82.37 31.65
N VAL QC 311 -12.51 -83.24 30.63
CA VAL QC 311 -12.36 -84.69 30.80
C VAL QC 311 -11.23 -85.21 29.94
N ASP QC 312 -10.41 -86.12 30.49
CA ASP QC 312 -9.35 -86.76 29.74
C ASP QC 312 -9.15 -88.18 30.26
N LEU QC 313 -8.70 -89.07 29.37
CA LEU QC 313 -8.53 -90.47 29.69
C LEU QC 313 -7.28 -91.06 29.02
N ASN QC 314 -6.61 -92.00 29.69
CA ASN QC 314 -5.38 -92.54 29.12
C ASN QC 314 -5.25 -94.03 29.44
N LYS QC 315 -4.87 -94.82 28.42
CA LYS QC 315 -4.59 -96.26 28.53
C LYS QC 315 -3.34 -96.63 27.73
N SER QC 316 -2.48 -97.46 28.30
CA SER QC 316 -1.30 -97.91 27.55
C SER QC 316 -0.79 -99.28 27.99
N ASP QC 317 -0.35 -100.06 27.00
CA ASP QC 317 0.27 -101.39 27.19
C ASP QC 317 1.67 -101.39 26.61
N LEU QC 318 2.64 -101.89 27.37
CA LEU QC 318 4.03 -101.95 26.91
C LEU QC 318 4.69 -103.28 27.23
N GLU QC 319 5.32 -103.90 26.24
CA GLU QC 319 5.99 -105.19 26.45
C GLU QC 319 7.29 -105.29 25.67
N ARG QC 320 8.32 -105.85 26.31
CA ARG QC 320 9.63 -106.09 25.71
C ARG QC 320 10.08 -107.49 26.09
N LEU QC 321 10.58 -108.25 25.11
CA LEU QC 321 11.02 -109.62 25.38
C LEU QC 321 12.09 -110.09 24.40
N GLY QC 322 13.02 -110.89 24.92
CA GLY QC 322 14.12 -111.47 24.16
C GLY QC 322 15.55 -111.23 24.56
N THR QC 323 16.49 -111.45 23.64
CA THR QC 323 17.92 -111.45 23.94
C THR QC 323 18.76 -110.74 22.89
N SER QC 324 19.83 -110.09 23.33
CA SER QC 324 20.87 -109.56 22.45
C SER QC 324 22.23 -110.14 22.80
N TRP QC 325 23.10 -110.26 21.79
CA TRP QC 325 24.29 -111.12 21.86
C TRP QC 325 25.53 -110.38 21.37
N SER QC 326 26.66 -110.66 22.02
CA SER QC 326 27.96 -110.25 21.50
C SER QC 326 29.05 -111.10 22.13
N GLY QC 327 30.25 -111.08 21.55
CA GLY QC 327 31.36 -111.71 22.24
C GLY QC 327 32.59 -111.86 21.37
N SER QC 328 33.61 -112.52 21.95
CA SER QC 328 34.94 -112.53 21.36
C SER QC 328 35.66 -113.86 21.59
N ILE QC 329 36.62 -114.13 20.70
CA ILE QC 329 37.49 -115.30 20.69
C ILE QC 329 38.89 -114.84 20.27
N THR QC 330 39.93 -115.42 20.86
CA THR QC 330 41.29 -115.34 20.32
C THR QC 330 41.92 -116.73 20.19
N ILE QC 331 42.67 -116.93 19.11
CA ILE QC 331 43.17 -118.24 18.71
C ILE QC 331 44.68 -118.15 18.51
N GLY QC 332 45.42 -118.84 19.36
CA GLY QC 332 46.82 -119.17 19.14
C GLY QC 332 47.78 -118.02 18.92
N ASP QC 333 47.34 -116.80 19.22
CA ASP QC 333 48.02 -115.58 18.79
C ASP QC 333 48.21 -115.54 17.30
N LYS QC 334 47.52 -116.42 16.57
CA LYS QC 334 47.37 -116.27 15.13
C LYS QC 334 46.33 -115.20 14.84
N LEU QC 335 45.17 -115.31 15.48
CA LEU QC 335 43.96 -114.72 14.94
C LEU QC 335 43.06 -114.29 16.09
N GLY QC 336 42.22 -113.31 15.81
CA GLY QC 336 41.19 -112.91 16.73
C GLY QC 336 39.90 -112.68 15.99
N VAL QC 337 38.81 -112.99 16.65
CA VAL QC 337 37.49 -112.97 16.04
C VAL QC 337 36.51 -112.43 17.07
N SER QC 338 35.54 -111.66 16.61
CA SER QC 338 34.46 -111.26 17.49
C SER QC 338 33.15 -111.21 16.73
N LEU QC 339 32.08 -111.32 17.50
CA LEU QC 339 30.71 -111.24 17.00
C LEU QC 339 30.07 -109.99 17.56
N ASN QC 340 29.61 -109.14 16.64
CA ASN QC 340 28.63 -108.08 16.87
C ASN QC 340 29.12 -107.01 17.83
N GLN QC 341 30.38 -107.04 18.23
CA GLN QC 341 30.95 -105.97 19.04
C GLN QC 341 31.35 -104.80 18.14
N SER QC 342 31.27 -103.59 18.69
CA SER QC 342 31.64 -102.41 17.91
C SER QC 342 33.15 -102.22 17.87
N SER QC 343 33.85 -102.66 18.91
CA SER QC 343 35.29 -102.69 18.95
C SER QC 343 35.68 -103.70 20.01
N ILE QC 344 36.92 -104.19 19.93
CA ILE QC 344 37.36 -105.24 20.83
C ILE QC 344 38.81 -105.04 21.20
N SER QC 345 39.18 -105.61 22.35
CA SER QC 345 40.56 -105.69 22.80
C SER QC 345 41.18 -107.05 22.51
N THR QC 346 40.38 -108.01 22.04
CA THR QC 346 40.83 -109.37 21.74
C THR QC 346 41.48 -110.03 22.95
N LEU QC 347 40.70 -110.16 24.02
CA LEU QC 347 41.20 -110.77 25.24
C LEU QC 347 41.68 -112.19 24.92
N ASP QC 348 42.70 -112.62 25.64
CA ASP QC 348 43.28 -113.96 25.44
C ASP QC 348 42.37 -115.03 26.04
N GLY QC 349 41.41 -115.48 25.24
CA GLY QC 349 40.38 -116.42 25.66
C GLY QC 349 39.16 -116.28 24.76
N SER QC 350 38.00 -116.67 25.29
CA SER QC 350 36.74 -116.35 24.63
C SER QC 350 35.62 -116.18 25.64
N ARG QC 351 34.71 -115.26 25.35
CA ARG QC 351 33.54 -115.07 26.19
C ARG QC 351 32.44 -114.39 25.40
N PHE QC 352 31.20 -114.64 25.79
CA PHE QC 352 30.04 -114.00 25.19
C PHE QC 352 29.10 -113.46 26.25
N ILE QC 353 28.36 -112.42 25.88
CA ILE QC 353 27.33 -111.82 26.72
C ILE QC 353 26.00 -111.91 26.00
N ALA QC 354 25.02 -112.50 26.69
CA ALA QC 354 23.61 -112.57 26.30
C ALA QC 354 22.81 -111.71 27.27
N ALA QC 355 22.34 -110.55 26.79
CA ALA QC 355 21.56 -109.61 27.60
C ALA QC 355 20.07 -109.89 27.38
N VAL QC 356 19.43 -110.36 28.45
CA VAL QC 356 18.03 -110.78 28.46
C VAL QC 356 17.13 -109.64 28.92
N ASN QC 357 16.05 -109.39 28.17
CA ASN QC 357 15.04 -108.39 28.50
C ASN QC 357 13.68 -109.07 28.53
N ALA QC 358 12.93 -108.87 29.61
CA ALA QC 358 11.60 -109.45 29.73
C ALA QC 358 10.76 -108.62 30.69
N LEU QC 359 9.81 -107.85 30.15
CA LEU QC 359 9.00 -106.99 31.01
C LEU QC 359 7.70 -106.62 30.32
N GLU QC 360 6.62 -106.63 31.11
CA GLU QC 360 5.27 -106.29 30.69
C GLU QC 360 4.66 -105.27 31.65
N GLU QC 361 4.02 -104.23 31.11
CA GLU QC 361 3.45 -103.16 31.91
C GLU QC 361 2.12 -102.66 31.33
N LYS QC 362 1.20 -102.28 32.22
CA LYS QC 362 -0.09 -101.69 31.87
C LYS QC 362 -0.33 -100.43 32.68
N LYS QC 363 -1.04 -99.47 32.07
CA LYS QC 363 -1.28 -98.18 32.71
C LYS QC 363 -2.63 -97.59 32.33
N GLN QC 364 -3.31 -96.98 33.30
CA GLN QC 364 -4.59 -96.33 33.08
C GLN QC 364 -4.73 -95.10 33.97
N ALA QC 365 -5.27 -94.00 33.43
CA ALA QC 365 -5.44 -92.76 34.18
C ALA QC 365 -6.72 -92.04 33.77
N THR QC 366 -7.25 -91.24 34.71
CA THR QC 366 -8.53 -90.54 34.53
C THR QC 366 -8.62 -89.30 35.41
N VAL QC 367 -8.89 -88.13 34.81
CA VAL QC 367 -8.98 -86.86 35.53
C VAL QC 367 -10.16 -86.04 35.01
N VAL QC 368 -10.92 -85.43 35.92
CA VAL QC 368 -12.06 -84.56 35.58
C VAL QC 368 -12.01 -83.28 36.40
N SER QC 369 -12.10 -82.13 35.72
CA SER QC 369 -12.14 -80.80 36.35
C SER QC 369 -13.42 -80.05 35.98
N ARG QC 370 -13.99 -79.31 36.94
CA ARG QC 370 -15.23 -78.56 36.70
C ARG QC 370 -15.23 -77.17 37.35
N PRO QC 371 -14.63 -76.19 36.70
CA PRO QC 371 -14.75 -74.80 37.18
C PRO QC 371 -16.15 -74.21 36.98
N VAL QC 372 -16.53 -73.33 37.91
CA VAL QC 372 -17.83 -72.64 37.90
C VAL QC 372 -17.62 -71.15 38.19
N LEU QC 373 -18.25 -70.29 37.38
CA LEU QC 373 -18.11 -68.84 37.49
C LEU QC 373 -19.43 -68.09 37.35
N LEU QC 374 -19.67 -67.14 38.25
CA LEU QC 374 -20.82 -66.23 38.25
C LEU QC 374 -20.52 -64.89 37.59
N THR QC 375 -21.45 -64.42 36.75
CA THR QC 375 -21.29 -63.15 36.03
C THR QC 375 -22.65 -62.52 35.82
N GLN QC 376 -22.67 -61.35 35.20
CA GLN QC 376 -23.89 -60.76 34.68
C GLN QC 376 -23.81 -60.58 33.17
N GLU QC 377 -24.98 -60.53 32.56
CA GLU QC 377 -25.14 -60.16 31.16
C GLU QC 377 -24.30 -58.95 30.78
N ASN QC 378 -23.66 -59.04 29.62
CA ASN QC 378 -22.80 -57.98 29.07
C ASN QC 378 -21.57 -57.59 29.88
N VAL QC 379 -21.29 -58.26 30.99
CA VAL QC 379 -20.13 -57.91 31.80
C VAL QC 379 -19.05 -58.97 31.58
N PRO QC 380 -17.85 -58.61 31.17
CA PRO QC 380 -16.80 -59.61 31.00
C PRO QC 380 -16.29 -60.09 32.35
N ALA QC 381 -15.82 -61.34 32.39
CA ALA QC 381 -15.38 -61.88 33.66
C ALA QC 381 -14.22 -62.85 33.46
N ILE QC 382 -13.48 -63.06 34.55
CA ILE QC 382 -12.24 -63.81 34.56
C ILE QC 382 -12.25 -64.77 35.74
N PHE QC 383 -11.79 -65.98 35.52
CA PHE QC 383 -11.51 -66.94 36.59
C PHE QC 383 -10.15 -67.57 36.37
N ASP QC 384 -9.39 -67.76 37.43
CA ASP QC 384 -8.02 -68.25 37.28
C ASP QC 384 -7.55 -68.97 38.52
N ASN QC 385 -7.04 -70.19 38.34
CA ASN QC 385 -6.54 -70.99 39.46
C ASN QC 385 -5.37 -71.84 39.03
N ASN QC 386 -4.48 -72.12 39.98
CA ASN QC 386 -3.54 -73.23 39.81
C ASN QC 386 -3.25 -73.84 41.17
N ARG QC 387 -2.82 -75.10 41.15
CA ARG QC 387 -2.53 -75.84 42.37
C ARG QC 387 -1.37 -76.80 42.17
N THR QC 388 -0.63 -77.03 43.25
CA THR QC 388 0.41 -78.05 43.30
C THR QC 388 -0.08 -79.31 43.98
N PHE QC 389 0.27 -80.46 43.39
CA PHE QC 389 0.06 -81.78 43.99
C PHE QC 389 1.39 -82.45 44.32
N TYR QC 390 1.44 -83.08 45.49
CA TYR QC 390 2.63 -83.75 46.00
C TYR QC 390 2.38 -85.24 46.16
N THR QC 391 3.41 -86.05 45.90
CA THR QC 391 3.35 -87.48 46.11
C THR QC 391 4.62 -87.98 46.78
N LYS QC 392 4.45 -88.72 47.87
CA LYS QC 392 5.58 -89.37 48.54
C LYS QC 392 6.15 -90.45 47.63
N LEU QC 393 7.47 -90.59 47.63
CA LEU QC 393 8.15 -91.52 46.74
C LEU QC 393 8.97 -92.49 47.58
N ILE QC 394 8.60 -93.76 47.49
CA ILE QC 394 9.22 -94.83 48.26
C ILE QC 394 10.58 -95.20 47.68
N GLY QC 395 11.35 -95.94 48.48
CA GLY QC 395 12.78 -96.07 48.29
C GLY QC 395 13.52 -94.86 48.81
N GLU QC 396 14.84 -94.93 48.72
CA GLU QC 396 15.71 -93.83 49.15
C GLU QC 396 15.38 -93.42 50.59
N ARG QC 397 15.22 -94.42 51.45
CA ARG QC 397 14.76 -94.24 52.83
C ARG QC 397 13.45 -93.45 52.92
N ASN QC 398 12.65 -93.49 51.85
CA ASN QC 398 11.42 -92.67 51.76
C ASN QC 398 11.68 -91.18 51.95
N VAL QC 399 12.90 -90.71 51.67
CA VAL QC 399 13.15 -89.28 51.76
C VAL QC 399 12.48 -88.55 50.60
N ALA QC 400 12.28 -89.23 49.49
CA ALA QC 400 11.95 -88.56 48.24
C ALA QC 400 10.49 -88.12 48.15
N LEU QC 401 10.30 -87.06 47.37
CA LEU QC 401 9.00 -86.44 47.16
C LEU QC 401 8.96 -85.93 45.72
N GLU QC 402 7.78 -85.96 45.11
CA GLU QC 402 7.60 -85.44 43.77
C GLU QC 402 6.39 -84.52 43.74
N HIS QC 403 6.34 -83.64 42.74
CA HIS QC 403 5.24 -82.70 42.67
C HIS QC 403 4.98 -82.28 41.23
N VAL QC 404 3.77 -81.76 41.01
CA VAL QC 404 3.38 -81.23 39.71
C VAL QC 404 2.38 -80.10 39.93
N THR QC 405 2.31 -79.19 38.96
CA THR QC 405 1.36 -78.07 39.00
C THR QC 405 0.37 -78.16 37.85
N TYR QC 406 -0.92 -78.17 38.18
CA TYR QC 406 -2.00 -78.00 37.21
C TYR QC 406 -2.67 -76.65 37.35
N GLY QC 407 -3.04 -76.04 36.22
CA GLY QC 407 -3.71 -74.75 36.30
C GLY QC 407 -4.58 -74.45 35.10
N THR QC 408 -5.57 -73.58 35.35
CA THR QC 408 -6.62 -73.28 34.39
C THR QC 408 -7.03 -71.81 34.47
N MET QC 409 -7.32 -71.22 33.32
CA MET QC 409 -7.77 -69.84 33.23
C MET QC 409 -8.89 -69.71 32.21
N ILE QC 410 -9.88 -68.87 32.52
CA ILE QC 410 -11.08 -68.71 31.71
C ILE QC 410 -11.45 -67.25 31.62
N ARG QC 411 -11.71 -66.76 30.42
CA ARG QC 411 -12.26 -65.43 30.19
C ARG QC 411 -13.56 -65.60 29.43
N VAL QC 412 -14.58 -64.83 29.79
CA VAL QC 412 -15.90 -65.06 29.22
C VAL QC 412 -16.67 -63.76 29.09
N LEU QC 413 -17.55 -63.73 28.09
CA LEU QC 413 -18.47 -62.62 27.85
C LEU QC 413 -19.86 -63.14 27.45
N PRO QC 414 -20.82 -63.16 28.39
CA PRO QC 414 -22.18 -63.65 28.13
C PRO QC 414 -23.16 -62.64 27.54
N ARG QC 415 -24.06 -63.18 26.72
CA ARG QC 415 -25.13 -62.45 26.03
C ARG QC 415 -26.44 -63.24 26.03
N PHE QC 416 -27.57 -62.55 26.21
CA PHE QC 416 -28.89 -63.16 26.17
C PHE QC 416 -29.57 -62.91 24.84
N SER QC 417 -29.88 -63.99 24.12
CA SER QC 417 -30.67 -63.92 22.91
C SER QC 417 -32.16 -63.81 23.25
N ALA QC 418 -32.92 -63.23 22.32
CA ALA QC 418 -34.38 -63.23 22.45
C ALA QC 418 -34.97 -64.63 22.36
N ASP QC 419 -34.27 -65.54 21.69
CA ASP QC 419 -34.67 -66.94 21.57
C ASP QC 419 -34.57 -67.70 22.89
N GLY QC 420 -34.17 -67.03 23.97
CA GLY QC 420 -33.83 -67.67 25.22
C GLY QC 420 -32.52 -68.41 25.20
N GLN QC 421 -31.78 -68.34 24.09
CA GLN QC 421 -30.46 -68.93 24.02
C GLN QC 421 -29.45 -67.95 24.59
N ILE QC 422 -28.36 -68.50 25.14
CA ILE QC 422 -27.25 -67.71 25.66
C ILE QC 422 -26.06 -67.87 24.74
N GLU QC 423 -25.41 -66.75 24.44
CA GLU QC 423 -24.25 -66.68 23.56
C GLU QC 423 -23.02 -66.30 24.37
N MET QC 424 -21.93 -67.03 24.14
CA MET QC 424 -20.71 -66.88 24.92
C MET QC 424 -19.51 -66.60 24.04
N SER QC 425 -18.76 -65.56 24.37
CA SER QC 425 -17.43 -65.36 23.82
C SER QC 425 -16.46 -65.95 24.82
N LEU QC 426 -15.65 -66.93 24.38
CA LEU QC 426 -14.86 -67.75 25.30
C LEU QC 426 -13.39 -67.79 24.94
N ASP QC 427 -12.57 -67.71 25.99
CA ASP QC 427 -11.13 -67.97 25.93
C ASP QC 427 -10.79 -68.90 27.07
N ILE QC 428 -10.18 -70.05 26.76
CA ILE QC 428 -9.82 -71.04 27.76
C ILE QC 428 -8.37 -71.43 27.57
N GLU QC 429 -7.61 -71.47 28.67
CA GLU QC 429 -6.26 -72.02 28.66
C GLU QC 429 -6.10 -72.97 29.82
N ASP QC 430 -5.58 -74.17 29.57
CA ASP QC 430 -5.56 -75.18 30.62
C ASP QC 430 -4.41 -76.16 30.46
N GLY QC 431 -3.93 -76.67 31.58
CA GLY QC 431 -3.07 -77.84 31.51
C GLY QC 431 -2.11 -77.98 32.68
N ASN QC 432 -1.20 -78.93 32.49
CA ASN QC 432 0.04 -79.07 33.24
C ASN QC 432 1.20 -78.32 32.62
N ASP QC 433 2.04 -77.74 33.47
CA ASP QC 433 3.23 -77.05 32.96
C ASP QC 433 4.25 -78.02 32.40
N LYS QC 434 4.79 -77.69 31.23
CA LYS QC 434 5.82 -78.48 30.59
C LYS QC 434 7.04 -78.64 31.48
N THR QC 435 7.57 -79.86 31.54
CA THR QC 435 8.55 -80.24 32.55
C THR QC 435 9.58 -81.15 31.90
N PRO QC 436 10.74 -80.61 31.49
CA PRO QC 436 11.82 -81.46 30.98
C PRO QC 436 12.55 -82.23 32.07
N GLN QC 437 12.16 -82.00 33.33
CA GLN QC 437 12.94 -82.35 34.50
C GLN QC 437 12.67 -83.77 34.98
N SER QC 438 11.78 -84.50 34.34
CA SER QC 438 11.26 -85.75 34.90
C SER QC 438 12.39 -86.73 35.14
N ASP QC 439 12.49 -87.17 36.40
CA ASP QC 439 13.61 -87.95 36.88
C ASP QC 439 13.23 -89.34 37.38
N THR QC 440 11.95 -89.72 37.36
CA THR QC 440 11.60 -91.03 37.90
C THR QC 440 10.39 -91.64 37.20
N THR QC 441 10.27 -92.95 37.41
CA THR QC 441 9.11 -93.73 36.98
C THR QC 441 7.87 -93.42 37.81
N THR QC 442 7.94 -93.63 39.12
CA THR QC 442 6.73 -93.76 39.92
C THR QC 442 5.91 -92.48 39.94
N SER QC 443 6.55 -91.33 39.84
CA SER QC 443 5.77 -90.08 39.76
C SER QC 443 5.03 -89.99 38.45
N VAL QC 444 5.67 -90.35 37.34
CA VAL QC 444 4.96 -90.42 36.07
C VAL QC 444 3.91 -91.51 36.09
N ASP QC 445 4.04 -92.49 36.98
CA ASP QC 445 3.02 -93.49 37.23
C ASP QC 445 1.94 -93.04 38.21
N ALA QC 446 2.14 -91.95 38.93
CA ALA QC 446 1.24 -91.56 40.00
C ALA QC 446 0.54 -90.24 39.76
N LEU QC 447 1.18 -89.30 39.07
CA LEU QC 447 0.56 -88.04 38.69
C LEU QC 447 0.33 -88.02 37.19
N PRO QC 448 -0.91 -87.99 36.73
CA PRO QC 448 -1.17 -88.00 35.29
C PRO QC 448 -0.49 -86.85 34.57
N GLU QC 449 -0.05 -87.11 33.35
CA GLU QC 449 0.14 -86.03 32.39
C GLU QC 449 -1.18 -85.58 31.80
N VAL QC 450 -1.29 -84.28 31.54
CA VAL QC 450 -2.35 -83.71 30.72
C VAL QC 450 -1.75 -82.65 29.80
N GLY QC 451 -2.33 -82.52 28.63
CA GLY QC 451 -1.80 -81.61 27.62
C GLY QC 451 -1.85 -80.16 28.05
N ARG QC 452 -1.16 -79.32 27.29
CA ARG QC 452 -1.26 -77.88 27.38
C ARG QC 452 -2.13 -77.38 26.23
N THR QC 453 -3.28 -76.79 26.54
CA THR QC 453 -4.30 -76.59 25.53
C THR QC 453 -4.90 -75.19 25.61
N LEU QC 454 -5.13 -74.60 24.44
CA LEU QC 454 -5.65 -73.25 24.28
C LEU QC 454 -6.82 -73.25 23.30
N ILE QC 455 -7.91 -72.58 23.66
CA ILE QC 455 -9.09 -72.47 22.82
C ILE QC 455 -9.60 -71.03 22.85
N SER QC 456 -10.05 -70.54 21.70
CA SER QC 456 -10.71 -69.24 21.62
C SER QC 456 -11.80 -69.30 20.56
N THR QC 457 -13.05 -69.05 20.96
CA THR QC 457 -14.17 -69.24 20.04
C THR QC 457 -15.44 -68.58 20.57
N ILE QC 458 -16.48 -68.62 19.75
CA ILE QC 458 -17.82 -68.16 20.11
C ILE QC 458 -18.80 -69.31 19.94
N ALA QC 459 -19.74 -69.44 20.88
CA ALA QC 459 -20.75 -70.47 20.80
C ALA QC 459 -22.05 -69.98 21.42
N ARG QC 460 -23.17 -70.54 20.96
CA ARG QC 460 -24.49 -70.19 21.48
C ARG QC 460 -25.28 -71.46 21.74
N VAL QC 461 -25.98 -71.49 22.88
CA VAL QC 461 -26.70 -72.70 23.29
C VAL QC 461 -27.99 -72.30 23.99
N PRO QC 462 -29.05 -73.09 23.81
CA PRO QC 462 -30.21 -72.97 24.70
C PRO QC 462 -29.81 -73.24 26.14
N HIS QC 463 -30.21 -72.34 27.03
CA HIS QC 463 -29.70 -72.42 28.40
C HIS QC 463 -30.21 -73.67 29.08
N GLY QC 464 -29.35 -74.28 29.90
CA GLY QC 464 -29.63 -75.57 30.51
C GLY QC 464 -29.35 -76.76 29.63
N LYS QC 465 -29.01 -76.58 28.36
CA LYS QC 465 -28.42 -77.65 27.56
C LYS QC 465 -26.90 -77.51 27.64
N SER QC 466 -26.16 -78.26 26.82
CA SER QC 466 -24.71 -78.31 26.90
C SER QC 466 -24.14 -78.55 25.51
N LEU QC 467 -22.88 -78.13 25.31
CA LEU QC 467 -22.22 -78.33 24.02
C LEU QC 467 -20.81 -78.82 24.21
N LEU QC 468 -20.31 -79.53 23.20
CA LEU QC 468 -18.90 -79.87 23.10
C LEU QC 468 -18.24 -78.83 22.20
N VAL QC 469 -17.27 -78.10 22.74
CA VAL QC 469 -16.61 -77.03 22.00
C VAL QC 469 -15.31 -77.48 21.35
N GLY QC 470 -14.54 -78.34 21.99
CA GLY QC 470 -13.29 -78.79 21.42
C GLY QC 470 -12.87 -80.12 21.97
N GLY QC 471 -12.09 -80.86 21.20
CA GLY QC 471 -11.63 -82.16 21.65
C GLY QC 471 -10.56 -82.70 20.74
N TYR QC 472 -9.98 -83.81 21.16
CA TYR QC 472 -8.86 -84.41 20.48
C TYR QC 472 -8.76 -85.88 20.85
N THR QC 473 -8.28 -86.68 19.90
CA THR QC 473 -8.10 -88.12 20.08
C THR QC 473 -6.84 -88.59 19.39
N ARG QC 474 -6.11 -89.50 20.04
CA ARG QC 474 -4.89 -90.02 19.47
C ARG QC 474 -4.80 -91.52 19.73
N ASP QC 475 -4.42 -92.26 18.69
CA ASP QC 475 -4.28 -93.71 18.74
C ASP QC 475 -3.04 -94.15 18.01
N ALA QC 476 -2.22 -95.00 18.62
CA ALA QC 476 -0.98 -95.39 17.96
C ALA QC 476 -0.53 -96.77 18.39
N ASN QC 477 0.22 -97.41 17.49
CA ASN QC 477 0.78 -98.74 17.69
C ASN QC 477 2.16 -98.84 17.07
N THR QC 478 3.02 -99.65 17.70
CA THR QC 478 4.39 -99.85 17.24
C THR QC 478 4.84 -101.28 17.50
N ASP QC 479 5.56 -101.85 16.53
CA ASP QC 479 6.05 -103.22 16.59
C ASP QC 479 7.46 -103.31 16.04
N THR QC 480 8.30 -104.11 16.69
CA THR QC 480 9.70 -104.23 16.28
C THR QC 480 10.24 -105.62 16.61
N VAL QC 481 11.15 -106.11 15.78
CA VAL QC 481 11.81 -107.40 16.01
C VAL QC 481 13.22 -107.38 15.45
N GLN QC 482 14.15 -107.97 16.20
CA GLN QC 482 15.56 -108.15 15.82
C GLN QC 482 15.96 -109.61 15.97
N SER QC 483 16.75 -110.13 15.03
CA SER QC 483 17.17 -111.52 15.16
C SER QC 483 18.42 -111.79 14.35
N ILE QC 484 19.14 -112.83 14.78
CA ILE QC 484 20.29 -113.42 14.10
C ILE QC 484 19.87 -114.11 12.81
N PRO QC 485 20.40 -113.69 11.65
CA PRO QC 485 19.86 -114.17 10.38
C PRO QC 485 19.65 -115.68 10.24
N PHE QC 486 20.57 -116.51 10.71
CA PHE QC 486 20.39 -117.96 10.55
C PHE QC 486 19.91 -118.67 11.79
N LEU QC 487 20.29 -118.22 12.97
CA LEU QC 487 19.90 -118.93 14.18
C LEU QC 487 18.48 -118.60 14.59
N GLY QC 488 18.01 -117.40 14.28
CA GLY QC 488 16.67 -116.96 14.62
C GLY QC 488 15.57 -117.81 14.04
N LYS QC 489 15.88 -118.74 13.13
CA LYS QC 489 14.88 -119.58 12.51
C LYS QC 489 15.05 -121.05 12.83
N LEU QC 490 15.90 -121.39 13.79
CA LEU QC 490 16.03 -122.78 14.18
C LEU QC 490 14.71 -123.27 14.79
N PRO QC 491 14.28 -124.48 14.46
CA PRO QC 491 12.94 -124.92 14.90
C PRO QC 491 12.77 -124.98 16.41
N LEU QC 492 13.70 -125.54 17.15
CA LEU QC 492 13.54 -125.69 18.59
C LEU QC 492 14.19 -124.61 19.43
N ILE QC 493 15.21 -123.90 18.94
CA ILE QC 493 15.90 -122.91 19.73
C ILE QC 493 15.86 -121.51 19.11
N GLY QC 494 15.26 -121.35 17.94
CA GLY QC 494 15.24 -120.06 17.29
C GLY QC 494 14.83 -118.93 18.22
N SER QC 495 13.87 -119.20 19.11
CA SER QC 495 13.39 -118.19 20.04
C SER QC 495 14.48 -117.66 20.97
N LEU QC 496 15.60 -118.37 21.12
CA LEU QC 496 16.72 -117.83 21.88
C LEU QC 496 17.40 -116.66 21.18
N PHE QC 497 17.15 -116.47 19.89
CA PHE QC 497 17.89 -115.51 19.09
C PHE QC 497 17.01 -114.37 18.57
N ARG QC 498 15.86 -114.11 19.19
CA ARG QC 498 14.97 -113.03 18.80
C ARG QC 498 14.74 -112.10 19.97
N TYR QC 499 14.58 -110.82 19.65
CA TYR QC 499 14.07 -109.83 20.58
C TYR QC 499 13.00 -108.99 19.87
N SER QC 500 11.94 -108.67 20.60
CA SER QC 500 10.79 -107.98 20.05
C SER QC 500 10.21 -106.98 21.04
N SER QC 501 9.55 -105.97 20.52
CA SER QC 501 8.94 -104.93 21.35
C SER QC 501 7.64 -104.43 20.73
N LYS QC 502 6.61 -104.30 21.57
CA LYS QC 502 5.27 -103.87 21.15
C LYS QC 502 4.77 -102.76 22.06
N ASN QC 503 4.16 -101.74 21.46
CA ASN QC 503 3.65 -100.58 22.20
C ASN QC 503 2.33 -100.10 21.63
N LYS QC 504 1.33 -99.87 22.51
CA LYS QC 504 0.02 -99.37 22.10
C LYS QC 504 -0.42 -98.23 23.01
N SER QC 505 -1.00 -97.17 22.44
CA SER QC 505 -1.35 -95.96 23.18
C SER QC 505 -2.63 -95.29 22.68
N ASN QC 506 -3.57 -95.00 23.59
CA ASN QC 506 -4.86 -94.39 23.23
C ASN QC 506 -5.24 -93.27 24.20
N VAL QC 507 -5.60 -92.09 23.67
CA VAL QC 507 -5.82 -90.89 24.48
C VAL QC 507 -7.02 -90.11 23.94
N VAL QC 508 -7.83 -89.59 24.86
CA VAL QC 508 -9.03 -88.80 24.58
C VAL QC 508 -9.09 -87.56 25.47
N ARG QC 509 -9.43 -86.40 24.90
CA ARG QC 509 -9.56 -85.19 25.70
C ARG QC 509 -10.67 -84.31 25.12
N VAL QC 510 -11.57 -83.80 25.98
CA VAL QC 510 -12.76 -83.06 25.54
C VAL QC 510 -13.10 -81.91 26.48
N PHE QC 511 -13.69 -80.85 25.91
CA PHE QC 511 -14.18 -79.69 26.65
C PHE QC 511 -15.65 -79.45 26.32
N MET QC 512 -16.49 -79.44 27.36
CA MET QC 512 -17.92 -79.21 27.22
C MET QC 512 -18.35 -78.07 28.14
N ILE QC 513 -19.33 -77.29 27.67
CA ILE QC 513 -19.79 -76.09 28.35
C ILE QC 513 -21.29 -76.19 28.63
N GLU QC 514 -21.70 -75.68 29.81
CA GLU QC 514 -23.07 -75.82 30.30
C GLU QC 514 -23.50 -74.62 31.15
N PRO QC 515 -24.12 -73.61 30.56
CA PRO QC 515 -24.59 -72.44 31.31
C PRO QC 515 -26.00 -72.55 31.88
N LYS QC 516 -26.23 -71.81 32.98
CA LYS QC 516 -27.53 -71.75 33.65
C LYS QC 516 -27.82 -70.33 34.12
N GLU QC 517 -29.08 -69.89 34.00
CA GLU QC 517 -29.51 -68.65 34.64
C GLU QC 517 -29.72 -68.84 36.14
N ILE QC 518 -29.30 -67.85 36.93
CA ILE QC 518 -29.42 -67.84 38.38
C ILE QC 518 -30.41 -66.76 38.81
N VAL QC 519 -31.46 -67.19 39.53
CA VAL QC 519 -32.51 -66.29 39.99
C VAL QC 519 -32.69 -66.33 41.51
N ASP QC 520 -32.31 -67.43 42.15
CA ASP QC 520 -32.52 -67.55 43.58
C ASP QC 520 -31.21 -67.74 44.33
N PRO QC 521 -31.09 -67.16 45.53
CA PRO QC 521 -29.91 -67.40 46.36
C PRO QC 521 -29.75 -68.82 46.86
N LEU QC 522 -28.67 -69.05 47.59
CA LEU QC 522 -28.40 -70.32 48.26
C LEU QC 522 -29.50 -70.67 49.25
N THR QC 523 -29.67 -71.98 49.46
CA THR QC 523 -30.60 -72.57 50.43
C THR QC 523 -30.18 -74.00 50.75
N PRO QC 524 -29.72 -74.32 51.97
CA PRO QC 524 -29.43 -73.53 53.18
C PRO QC 524 -28.50 -72.36 53.00
N ASP QC 525 -28.55 -71.45 53.96
CA ASP QC 525 -27.58 -70.37 54.01
C ASP QC 525 -26.16 -70.87 54.28
N ALA QC 526 -25.21 -70.13 53.71
CA ALA QC 526 -23.79 -70.38 53.94
C ALA QC 526 -23.47 -70.53 55.41
N SER QC 527 -24.02 -69.66 56.25
CA SER QC 527 -23.75 -69.74 57.68
C SER QC 527 -24.17 -71.08 58.25
N GLU QC 528 -25.16 -71.73 57.66
CA GLU QC 528 -25.64 -73.02 58.13
C GLU QC 528 -24.75 -74.16 57.63
N SER QC 529 -24.57 -74.22 56.31
CA SER QC 529 -23.72 -75.29 55.75
C SER QC 529 -22.30 -75.25 56.32
N VAL QC 530 -21.70 -74.07 56.41
CA VAL QC 530 -20.37 -73.95 57.00
C VAL QC 530 -20.35 -74.45 58.44
N ASN QC 531 -21.36 -74.07 59.24
CA ASN QC 531 -21.39 -74.53 60.62
C ASN QC 531 -21.50 -76.05 60.69
N ASN QC 532 -22.29 -76.64 59.81
CA ASN QC 532 -22.39 -78.10 59.80
C ASN QC 532 -21.05 -78.73 59.49
N ILE QC 533 -20.38 -78.25 58.45
CA ILE QC 533 -19.07 -78.79 58.12
C ILE QC 533 -18.10 -78.67 59.30
N LEU QC 534 -18.06 -77.49 59.91
CA LEU QC 534 -17.19 -77.27 61.07
C LEU QC 534 -17.43 -78.28 62.17
N LYS QC 535 -18.67 -78.41 62.60
CA LYS QC 535 -18.96 -79.32 63.71
C LYS QC 535 -18.72 -80.77 63.32
N GLN QC 536 -19.11 -81.17 62.11
CA GLN QC 536 -18.90 -82.55 61.71
C GLN QC 536 -17.41 -82.87 61.59
N SER QC 537 -16.58 -81.89 61.23
CA SER QC 537 -15.14 -82.09 61.15
C SER QC 537 -14.41 -81.84 62.47
N GLY QC 538 -15.12 -81.47 63.52
CA GLY QC 538 -14.50 -81.11 64.77
C GLY QC 538 -13.61 -79.88 64.73
N ALA QC 539 -13.61 -79.18 63.60
CA ALA QC 539 -12.87 -77.94 63.48
C ALA QC 539 -13.47 -76.87 64.37
N TRP QC 540 -14.75 -77.00 64.69
CA TRP QC 540 -15.47 -76.03 65.51
C TRP QC 540 -14.68 -75.60 66.73
N SER QC 541 -14.80 -74.31 67.04
CA SER QC 541 -14.08 -73.66 68.13
C SER QC 541 -14.95 -72.73 68.95
N GLY QC 542 -16.18 -72.46 68.52
CA GLY QC 542 -17.05 -71.54 69.21
C GLY QC 542 -17.35 -71.98 70.63
N ASP QC 543 -17.06 -73.23 70.94
CA ASP QC 543 -17.23 -73.74 72.29
C ASP QC 543 -16.33 -73.01 73.28
N ASP QC 544 -15.25 -72.39 72.80
CA ASP QC 544 -14.31 -71.74 73.69
C ASP QC 544 -14.97 -70.67 74.53
N LYS QC 545 -14.69 -70.73 75.83
CA LYS QC 545 -15.18 -69.73 76.76
C LYS QC 545 -14.70 -68.33 76.40
N LEU QC 546 -13.47 -68.23 75.91
CA LEU QC 546 -12.84 -66.93 75.68
C LEU QC 546 -13.15 -66.31 74.32
N GLN QC 547 -12.87 -67.01 73.23
CA GLN QC 547 -13.11 -66.42 71.92
C GLN QC 547 -14.55 -65.93 71.74
N LYS QC 548 -15.52 -66.53 72.45
CA LYS QC 548 -16.91 -66.11 72.29
C LYS QC 548 -17.07 -64.59 72.45
N TRP QC 549 -16.30 -63.98 73.35
CA TRP QC 549 -16.41 -62.55 73.57
C TRP QC 549 -16.26 -61.74 72.30
N VAL QC 550 -15.47 -62.24 71.35
CA VAL QC 550 -15.25 -61.57 70.08
C VAL QC 550 -16.15 -62.15 69.00
N ARG QC 551 -16.13 -63.46 68.84
CA ARG QC 551 -16.94 -64.11 67.82
C ARG QC 551 -18.40 -63.66 67.87
N VAL QC 552 -18.92 -63.35 69.07
CA VAL QC 552 -20.28 -62.82 69.15
C VAL QC 552 -20.48 -61.68 68.16
N TYR QC 553 -19.58 -60.69 68.15
CA TYR QC 553 -19.70 -59.58 67.22
C TYR QC 553 -19.78 -60.03 65.76
N LEU QC 554 -19.05 -61.09 65.40
CA LEU QC 554 -19.07 -61.56 64.02
C LEU QC 554 -20.33 -62.35 63.69
N ASP QC 555 -20.70 -63.30 64.55
CA ASP QC 555 -21.84 -64.15 64.27
C ASP QC 555 -23.15 -63.50 64.69
N ARG QC 556 -23.17 -62.78 65.80
CA ARG QC 556 -24.38 -62.11 66.24
C ARG QC 556 -24.54 -60.76 65.55
N GLY QC 557 -23.48 -59.96 65.51
CA GLY QC 557 -23.57 -58.60 65.02
C GLY QC 557 -24.09 -57.61 66.05
N PRO RC 29 -68.71 52.33 39.88
CA PRO RC 29 -68.14 51.37 40.83
C PRO RC 29 -67.44 52.06 41.99
N VAL RC 30 -68.18 52.32 43.06
CA VAL RC 30 -67.73 53.27 44.07
C VAL RC 30 -66.58 52.69 44.89
N THR RC 31 -66.55 51.39 45.09
CA THR RC 31 -65.68 50.77 46.08
C THR RC 31 -65.02 49.52 45.49
N GLY RC 32 -64.07 48.97 46.24
CA GLY RC 32 -63.28 47.87 45.75
C GLY RC 32 -62.34 48.31 44.64
N SER RC 33 -62.07 47.38 43.71
CA SER RC 33 -61.22 47.69 42.58
C SER RC 33 -61.60 46.81 41.40
N GLY RC 34 -61.53 47.37 40.21
CA GLY RC 34 -61.90 46.62 39.02
C GLY RC 34 -61.53 47.42 37.79
N PHE RC 35 -61.86 46.84 36.63
CA PHE RC 35 -61.33 47.30 35.37
C PHE RC 35 -62.48 47.46 34.39
N VAL RC 36 -62.55 48.61 33.72
CA VAL RC 36 -63.56 48.85 32.70
C VAL RC 36 -62.90 48.73 31.35
N ALA RC 37 -63.29 47.71 30.59
CA ALA RC 37 -62.65 47.39 29.32
C ALA RC 37 -63.52 47.82 28.15
N LYS RC 38 -62.91 48.46 27.16
CA LYS RC 38 -63.65 48.86 25.96
C LYS RC 38 -62.96 48.27 24.75
N ASP RC 39 -63.25 47.01 24.48
CA ASP RC 39 -62.75 46.26 23.32
C ASP RC 39 -61.23 46.27 23.21
N ASP RC 40 -60.55 46.17 24.33
CA ASP RC 40 -59.10 46.12 24.28
C ASP RC 40 -58.62 44.68 24.29
N SER RC 41 -57.38 44.48 23.85
CA SER RC 41 -56.85 43.15 23.69
C SER RC 41 -56.81 42.41 25.01
N LEU RC 42 -56.92 41.09 24.93
CA LEU RC 42 -56.69 40.25 26.10
C LEU RC 42 -55.37 40.51 26.80
N ARG RC 43 -54.34 40.93 26.07
CA ARG RC 43 -53.06 41.22 26.74
C ARG RC 43 -53.15 42.44 27.65
N THR RC 44 -53.72 43.54 27.15
CA THR RC 44 -53.95 44.68 28.02
C THR RC 44 -55.00 44.40 29.07
N PHE RC 45 -55.85 43.40 28.88
CA PHE RC 45 -56.78 43.06 29.94
C PHE RC 45 -56.09 42.32 31.09
N PHE RC 46 -55.39 41.23 30.79
CA PHE RC 46 -54.74 40.45 31.84
C PHE RC 46 -53.58 41.18 32.50
N ASP RC 47 -52.95 42.14 31.81
CA ASP RC 47 -52.01 42.99 32.52
C ASP RC 47 -52.70 43.78 33.62
N ALA RC 48 -53.98 44.09 33.49
CA ALA RC 48 -54.67 44.79 34.56
C ALA RC 48 -54.94 43.88 35.75
N MET RC 49 -54.99 42.58 35.54
CA MET RC 49 -55.29 41.61 36.56
C MET RC 49 -54.06 41.11 37.28
N ALA RC 50 -52.89 41.31 36.67
CA ALA RC 50 -51.65 40.75 37.19
C ALA RC 50 -51.30 41.25 38.58
N LEU RC 51 -51.69 42.46 38.97
CA LEU RC 51 -51.41 42.90 40.33
C LEU RC 51 -52.20 42.12 41.38
N GLN RC 52 -53.49 41.88 41.12
CA GLN RC 52 -54.30 41.10 42.04
C GLN RC 52 -53.86 39.66 42.09
N LEU RC 53 -53.45 39.12 40.94
CA LEU RC 53 -52.86 37.79 40.91
C LEU RC 53 -51.45 37.73 41.49
N LYS RC 54 -50.77 38.86 41.63
CA LYS RC 54 -49.47 38.93 42.26
C LYS RC 54 -48.38 38.19 41.48
N GLU RC 55 -48.57 38.04 40.17
CA GLU RC 55 -47.67 37.30 39.30
C GLU RC 55 -47.61 38.01 37.96
N PRO RC 56 -46.45 38.04 37.31
CA PRO RC 56 -46.38 38.53 35.93
C PRO RC 56 -47.03 37.56 34.95
N VAL RC 57 -47.76 38.11 33.98
CA VAL RC 57 -48.51 37.31 33.03
C VAL RC 57 -47.91 37.44 31.63
N ILE RC 58 -47.74 36.30 30.98
CA ILE RC 58 -47.27 36.12 29.60
C ILE RC 58 -48.42 35.64 28.72
N VAL RC 59 -48.72 36.37 27.63
CA VAL RC 59 -49.82 36.00 26.76
C VAL RC 59 -49.31 35.85 25.33
N SER RC 60 -49.59 34.68 24.76
CA SER RC 60 -49.33 34.36 23.36
C SER RC 60 -50.00 35.32 22.37
N LYS RC 61 -49.29 35.58 21.27
CA LYS RC 61 -49.82 36.39 20.17
C LYS RC 61 -51.19 35.94 19.69
N MET RC 62 -51.34 34.63 19.51
CA MET RC 62 -52.58 34.09 18.97
C MET RC 62 -53.76 34.42 19.87
N ALA RC 63 -53.55 34.41 21.17
CA ALA RC 63 -54.60 34.82 22.09
C ALA RC 63 -54.73 36.33 22.15
N ALA RC 64 -53.62 37.05 22.09
CA ALA RC 64 -53.69 38.51 22.09
C ALA RC 64 -54.48 39.07 20.93
N ARG RC 65 -54.78 38.28 19.91
CA ARG RC 65 -55.68 38.75 18.86
C ARG RC 65 -57.15 38.86 19.28
N LYS RC 66 -57.57 38.22 20.37
CA LYS RC 66 -58.95 38.30 20.83
C LYS RC 66 -59.25 39.59 21.59
N LYS RC 67 -60.43 40.16 21.36
CA LYS RC 67 -60.89 41.34 22.09
C LYS RC 67 -61.85 40.96 23.19
N ILE RC 68 -62.04 41.89 24.13
CA ILE RC 68 -63.09 41.77 25.15
C ILE RC 68 -63.59 43.15 25.53
N THR RC 69 -64.86 43.23 25.94
CA THR RC 69 -65.43 44.48 26.45
C THR RC 69 -66.45 44.19 27.54
N GLY RC 70 -66.55 45.09 28.49
CA GLY RC 70 -67.41 44.91 29.64
C GLY RC 70 -66.81 45.53 30.89
N ASN RC 71 -67.38 45.17 32.04
CA ASN RC 71 -66.98 45.73 33.33
C ASN RC 71 -66.72 44.61 34.31
N PHE RC 72 -65.52 44.57 34.88
CA PHE RC 72 -65.09 43.45 35.70
C PHE RC 72 -64.59 43.94 37.05
N GLU RC 73 -64.81 43.12 38.07
CA GLU RC 73 -64.33 43.40 39.42
C GLU RC 73 -63.60 42.20 39.99
N PHE RC 74 -62.48 42.46 40.67
CA PHE RC 74 -61.50 41.43 40.98
C PHE RC 74 -61.53 41.01 42.44
N HIS RC 75 -62.63 40.44 42.93
CA HIS RC 75 -62.66 39.88 44.28
C HIS RC 75 -61.77 38.64 44.41
N ASP RC 76 -61.97 37.65 43.55
CA ASP RC 76 -61.11 36.47 43.52
C ASP RC 76 -60.67 36.20 42.09
N PRO RC 77 -59.47 36.63 41.72
CA PRO RC 77 -59.03 36.43 40.34
C PRO RC 77 -58.99 34.99 39.88
N ASN RC 78 -58.71 34.03 40.76
CA ASN RC 78 -58.55 32.66 40.28
C ASN RC 78 -59.83 32.06 39.71
N ALA RC 79 -60.96 32.43 40.29
CA ALA RC 79 -62.25 31.97 39.77
C ALA RC 79 -62.54 32.62 38.44
N LEU RC 80 -62.39 33.93 38.35
CA LEU RC 80 -62.63 34.59 37.09
C LEU RC 80 -61.69 34.07 36.02
N LEU RC 81 -60.44 33.80 36.38
CA LEU RC 81 -59.49 33.28 35.42
C LEU RC 81 -59.95 31.94 34.86
N GLU RC 82 -60.43 31.03 35.71
CA GLU RC 82 -60.86 29.73 35.20
C GLU RC 82 -62.14 29.84 34.37
N LYS RC 83 -63.11 30.60 34.87
CA LYS RC 83 -64.34 30.83 34.12
C LYS RC 83 -64.05 31.38 32.72
N LEU RC 84 -63.25 32.44 32.64
CA LEU RC 84 -62.95 33.04 31.35
C LEU RC 84 -62.12 32.13 30.48
N SER RC 85 -61.26 31.28 31.07
CA SER RC 85 -60.54 30.33 30.24
C SER RC 85 -61.49 29.41 29.51
N LEU RC 86 -62.48 28.88 30.21
CA LEU RC 86 -63.44 28.00 29.54
C LEU RC 86 -64.35 28.73 28.56
N GLN RC 87 -64.76 29.95 28.90
CA GLN RC 87 -65.62 30.71 27.99
C GLN RC 87 -64.89 31.12 26.72
N LEU RC 88 -63.64 31.54 26.79
CA LEU RC 88 -62.94 32.10 25.63
C LEU RC 88 -62.10 31.06 24.90
N GLY RC 89 -61.93 29.87 25.48
CA GLY RC 89 -61.11 28.83 24.91
C GLY RC 89 -59.63 28.92 25.13
N LEU RC 90 -59.22 29.50 26.25
CA LEU RC 90 -57.83 29.64 26.61
C LEU RC 90 -57.39 28.42 27.41
N ILE RC 91 -56.09 28.25 27.50
CA ILE RC 91 -55.48 27.26 28.38
C ILE RC 91 -54.41 28.02 29.13
N TRP RC 92 -54.20 27.67 30.38
CA TRP RC 92 -53.22 28.39 31.17
C TRP RC 92 -52.48 27.49 32.13
N TYR RC 93 -51.28 27.94 32.49
CA TYR RC 93 -50.38 27.18 33.34
C TYR RC 93 -49.68 28.13 34.30
N PHE RC 94 -49.19 27.58 35.40
CA PHE RC 94 -48.51 28.35 36.44
C PHE RC 94 -47.37 27.53 37.03
N ASP RC 95 -46.14 27.95 36.72
CA ASP RC 95 -44.92 27.28 37.13
C ASP RC 95 -44.35 27.77 38.45
N GLY RC 96 -44.99 28.74 39.10
CA GLY RC 96 -44.52 29.32 40.33
C GLY RC 96 -43.94 30.70 40.20
N GLN RC 97 -43.55 31.12 39.01
CA GLN RC 97 -42.96 32.43 38.79
C GLN RC 97 -43.80 33.32 37.90
N ALA RC 98 -44.49 32.76 36.90
CA ALA RC 98 -45.29 33.55 35.98
C ALA RC 98 -46.46 32.72 35.49
N ILE RC 99 -47.54 33.39 35.15
CA ILE RC 99 -48.70 32.75 34.52
C ILE RC 99 -48.63 32.83 33.00
N TYR RC 100 -48.74 31.68 32.33
CA TYR RC 100 -48.66 31.56 30.87
C TYR RC 100 -50.03 31.22 30.33
N ILE RC 101 -50.54 32.06 29.41
CA ILE RC 101 -51.84 31.87 28.79
C ILE RC 101 -51.69 31.70 27.29
N TYR RC 102 -52.25 30.60 26.77
CA TYR RC 102 -52.24 30.20 25.37
C TYR RC 102 -53.63 29.96 24.81
N ASP RC 103 -53.71 30.01 23.50
CA ASP RC 103 -54.91 29.58 22.80
C ASP RC 103 -55.00 28.06 22.84
N ALA RC 104 -56.22 27.54 23.01
CA ALA RC 104 -56.46 26.10 23.02
C ALA RC 104 -55.86 25.35 21.84
N SER RC 105 -55.85 25.93 20.66
CA SER RC 105 -55.26 25.27 19.50
C SER RC 105 -53.80 24.90 19.69
N GLU RC 106 -53.07 25.57 20.57
CA GLU RC 106 -51.65 25.29 20.81
C GLU RC 106 -51.36 24.03 21.63
N MET RC 107 -52.35 23.29 22.11
CA MET RC 107 -52.12 22.05 22.84
C MET RC 107 -51.12 21.13 22.15
N ARG RC 108 -50.08 20.73 22.89
CA ARG RC 108 -49.09 19.79 22.40
C ARG RC 108 -49.18 18.49 23.19
N ASN RC 109 -48.68 17.41 22.61
CA ASN RC 109 -48.65 16.13 23.31
C ASN RC 109 -47.49 15.27 22.82
N ALA RC 110 -47.08 14.33 23.65
CA ALA RC 110 -45.91 13.51 23.39
C ALA RC 110 -46.03 12.17 24.10
N VAL RC 111 -45.35 11.16 23.55
CA VAL RC 111 -45.13 9.88 24.21
C VAL RC 111 -43.67 9.76 24.62
N VAL RC 112 -43.43 9.44 25.89
CA VAL RC 112 -42.11 9.40 26.48
C VAL RC 112 -41.85 7.99 26.97
N SER RC 113 -40.59 7.55 26.83
CA SER RC 113 -40.19 6.22 27.29
C SER RC 113 -38.86 6.27 28.02
N LEU RC 114 -38.76 5.46 29.07
CA LEU RC 114 -37.70 5.52 30.06
C LEU RC 114 -37.09 4.15 30.21
N ARG RC 115 -35.86 4.11 30.72
CA ARG RC 115 -35.18 2.84 30.92
C ARG RC 115 -34.73 2.61 32.36
N ASN RC 116 -34.47 3.66 33.13
CA ASN RC 116 -33.94 3.52 34.48
C ASN RC 116 -34.86 4.08 35.56
N VAL RC 117 -36.08 4.46 35.22
CA VAL RC 117 -36.96 5.16 36.15
C VAL RC 117 -38.39 4.72 35.90
N SER RC 118 -39.22 4.82 36.93
CA SER RC 118 -40.63 4.48 36.83
C SER RC 118 -41.52 5.70 37.01
N LEU RC 119 -42.69 5.65 36.39
CA LEU RC 119 -43.61 6.77 36.43
C LEU RC 119 -43.90 7.16 37.88
N ASN RC 120 -44.00 6.17 38.76
CA ASN RC 120 -44.23 6.47 40.15
C ASN RC 120 -43.04 7.15 40.79
N GLU RC 121 -41.86 6.98 40.21
CA GLU RC 121 -40.72 7.75 40.70
C GLU RC 121 -40.83 9.19 40.23
N PHE RC 122 -41.08 9.36 38.94
CA PHE RC 122 -40.96 10.70 38.38
C PHE RC 122 -42.04 11.62 38.95
N ASN RC 123 -43.22 11.08 39.26
CA ASN RC 123 -44.23 11.88 39.93
C ASN RC 123 -43.70 12.50 41.22
N ASN RC 124 -43.03 11.70 42.04
CA ASN RC 124 -42.44 12.22 43.26
C ASN RC 124 -41.51 13.38 43.00
N PHE RC 125 -40.69 13.29 41.96
CA PHE RC 125 -39.82 14.39 41.59
C PHE RC 125 -40.63 15.65 41.31
N LEU RC 126 -41.64 15.55 40.45
CA LEU RC 126 -42.49 16.71 40.16
C LEU RC 126 -43.11 17.29 41.43
N LYS RC 127 -43.66 16.44 42.28
CA LYS RC 127 -44.26 16.94 43.53
C LYS RC 127 -43.26 17.70 44.38
N ARG RC 128 -42.11 17.10 44.67
CA ARG RC 128 -41.11 17.82 45.45
C ARG RC 128 -40.72 19.13 44.79
N SER RC 129 -40.54 19.14 43.47
CA SER RC 129 -40.25 20.36 42.74
C SER RC 129 -41.36 21.40 42.84
N GLY RC 130 -42.60 20.98 43.04
CA GLY RC 130 -43.69 21.94 42.97
C GLY RC 130 -44.10 22.29 41.56
N LEU RC 131 -43.84 21.40 40.62
CA LEU RC 131 -44.15 21.53 39.21
C LEU RC 131 -45.39 20.73 38.82
N TYR RC 132 -45.74 19.74 39.62
CA TYR RC 132 -46.93 18.92 39.38
C TYR RC 132 -48.17 19.77 39.17
N ASN RC 133 -49.03 19.29 38.26
CA ASN RC 133 -50.27 19.96 37.87
C ASN RC 133 -51.33 18.90 37.63
N LYS RC 134 -52.30 18.78 38.53
CA LYS RC 134 -53.35 17.78 38.42
C LYS RC 134 -54.33 17.98 37.28
N ASN RC 135 -54.28 19.08 36.53
CA ASN RC 135 -55.09 19.18 35.33
C ASN RC 135 -54.51 18.40 34.16
N TYR RC 136 -53.20 18.20 34.13
CA TYR RC 136 -52.53 17.55 33.01
C TYR RC 136 -51.60 16.44 33.48
N PRO RC 137 -52.10 15.56 34.34
CA PRO RC 137 -51.24 14.50 34.89
C PRO RC 137 -50.74 13.55 33.82
N LEU RC 138 -49.62 12.90 34.13
CA LEU RC 138 -49.09 11.83 33.30
C LEU RC 138 -50.02 10.63 33.31
N ARG RC 139 -50.26 10.07 32.13
CA ARG RC 139 -51.15 8.94 31.93
C ARG RC 139 -50.38 7.72 31.44
N GLY RC 140 -50.36 6.66 32.24
CA GLY RC 140 -49.66 5.45 31.85
C GLY RC 140 -49.69 4.42 32.96
N ASP RC 141 -48.81 3.42 32.87
CA ASP RC 141 -48.71 2.38 33.89
C ASP RC 141 -47.56 2.63 34.86
N ASN RC 142 -47.89 2.79 36.15
CA ASN RC 142 -46.88 2.93 37.19
C ASN RC 142 -45.80 1.88 37.15
N ARG RC 143 -46.14 0.65 36.78
CA ARG RC 143 -45.13 -0.40 36.75
C ARG RC 143 -44.13 -0.26 35.61
N LYS RC 144 -44.47 0.43 34.55
CA LYS RC 144 -43.66 0.45 33.34
C LYS RC 144 -43.21 1.87 33.02
N GLY RC 145 -42.21 1.95 32.17
CA GLY RC 145 -41.55 3.18 31.83
C GLY RC 145 -42.06 3.95 30.63
N THR RC 146 -43.29 3.73 30.20
CA THR RC 146 -43.80 4.40 29.01
C THR RC 146 -45.09 5.14 29.34
N PHE RC 147 -45.13 6.44 29.03
CA PHE RC 147 -46.30 7.23 29.35
C PHE RC 147 -46.57 8.26 28.26
N TYR RC 148 -47.80 8.76 28.26
CA TYR RC 148 -48.29 9.83 27.41
C TYR RC 148 -48.53 11.10 28.20
N VAL RC 149 -48.21 12.26 27.64
CA VAL RC 149 -48.47 13.54 28.30
C VAL RC 149 -48.96 14.56 27.28
N SER RC 150 -49.85 15.44 27.71
CA SER RC 150 -50.41 16.47 26.84
C SER RC 150 -50.75 17.73 27.62
N GLY RC 151 -50.54 18.88 27.00
CA GLY RC 151 -50.82 20.15 27.64
C GLY RC 151 -50.21 21.37 26.98
N PRO RC 152 -50.18 22.48 27.70
CA PRO RC 152 -49.51 23.66 27.19
C PRO RC 152 -48.06 23.42 26.84
N PRO RC 153 -47.55 24.09 25.81
CA PRO RC 153 -46.15 23.97 25.39
C PRO RC 153 -45.09 23.93 26.46
N VAL RC 154 -45.05 24.95 27.31
CA VAL RC 154 -44.04 25.03 28.35
C VAL RC 154 -44.05 23.79 29.22
N TYR RC 155 -45.22 23.39 29.67
CA TYR RC 155 -45.34 22.22 30.50
C TYR RC 155 -44.81 20.97 29.80
N VAL RC 156 -45.31 20.70 28.60
CA VAL RC 156 -44.84 19.54 27.84
C VAL RC 156 -43.32 19.55 27.67
N ASP RC 157 -42.76 20.63 27.16
CA ASP RC 157 -41.31 20.71 26.99
C ASP RC 157 -40.55 20.45 28.27
N MET RC 158 -40.97 21.06 29.37
CA MET RC 158 -40.28 20.82 30.63
C MET RC 158 -40.30 19.35 30.99
N VAL RC 159 -41.48 18.75 31.00
CA VAL RC 159 -41.60 17.32 31.29
C VAL RC 159 -40.65 16.47 30.45
N VAL RC 160 -40.72 16.61 29.13
CA VAL RC 160 -39.90 15.76 28.27
C VAL RC 160 -38.40 15.97 28.46
N ASN RC 161 -37.97 17.22 28.68
CA ASN RC 161 -36.58 17.47 29.03
C ASN RC 161 -36.18 16.77 30.32
N ALA RC 162 -36.88 17.08 31.39
CA ALA RC 162 -36.51 16.55 32.69
C ALA RC 162 -36.46 15.04 32.69
N ALA RC 163 -37.49 14.40 32.13
CA ALA RC 163 -37.50 12.94 32.12
C ALA RC 163 -36.36 12.35 31.31
N THR RC 164 -36.01 12.94 30.18
CA THR RC 164 -34.89 12.39 29.43
C THR RC 164 -33.57 12.55 30.19
N MET RC 165 -33.37 13.69 30.83
CA MET RC 165 -32.09 13.89 31.48
C MET RC 165 -31.97 13.10 32.77
N MET RC 166 -33.05 12.96 33.54
CA MET RC 166 -32.96 12.08 34.70
C MET RC 166 -32.68 10.65 34.29
N ASP RC 167 -33.29 10.19 33.19
CA ASP RC 167 -32.98 8.84 32.74
C ASP RC 167 -31.50 8.67 32.41
N LYS RC 168 -30.90 9.68 31.78
CA LYS RC 168 -29.46 9.57 31.53
C LYS RC 168 -28.64 9.61 32.80
N GLN RC 169 -29.07 10.38 33.80
CA GLN RC 169 -28.30 10.44 35.04
C GLN RC 169 -28.33 9.10 35.77
N ASN RC 170 -29.53 8.53 35.94
CA ASN RC 170 -29.62 7.20 36.55
C ASN RC 170 -28.93 6.12 35.73
N ASP RC 171 -28.75 6.34 34.43
CA ASP RC 171 -28.08 5.35 33.60
C ASP RC 171 -26.67 5.02 34.10
N GLY RC 172 -26.04 5.94 34.82
CA GLY RC 172 -24.72 5.72 35.38
C GLY RC 172 -24.63 4.90 36.65
N ILE RC 173 -25.74 4.55 37.30
CA ILE RC 173 -25.71 3.86 38.58
C ILE RC 173 -25.97 2.38 38.37
N GLU RC 174 -25.09 1.54 38.90
CA GLU RC 174 -25.30 0.10 38.97
C GLU RC 174 -26.00 -0.32 40.26
N LEU RC 175 -26.85 -1.35 40.14
CA LEU RC 175 -27.63 -1.87 41.26
C LEU RC 175 -27.52 -3.39 41.45
N GLY RC 176 -26.81 -4.10 40.58
CA GLY RC 176 -26.56 -5.52 40.78
C GLY RC 176 -25.61 -5.84 41.91
N ARG RC 177 -26.03 -5.50 43.11
CA ARG RC 177 -25.28 -5.78 44.33
C ARG RC 177 -24.96 -7.27 44.49
N GLN RC 178 -23.67 -7.61 44.49
CA GLN RC 178 -23.23 -8.97 44.72
C GLN RC 178 -23.33 -9.34 46.21
N LYS RC 179 -23.94 -10.47 46.50
CA LYS RC 179 -24.09 -10.99 47.86
C LYS RC 179 -23.24 -12.24 48.06
N ILE RC 180 -22.52 -12.27 49.18
CA ILE RC 180 -21.73 -13.41 49.64
C ILE RC 180 -22.51 -14.26 50.64
N GLY RC 181 -22.73 -15.52 50.30
CA GLY RC 181 -23.33 -16.50 51.19
C GLY RC 181 -22.32 -17.55 51.64
N VAL RC 182 -22.33 -17.85 52.94
CA VAL RC 182 -21.49 -18.88 53.55
C VAL RC 182 -22.37 -20.06 53.93
N MET RC 183 -22.09 -21.23 53.37
CA MET RC 183 -22.90 -22.43 53.59
C MET RC 183 -22.07 -23.54 54.21
N ARG RC 184 -22.47 -24.03 55.38
CA ARG RC 184 -21.86 -25.21 55.96
C ARG RC 184 -22.43 -26.48 55.35
N LEU RC 185 -21.57 -27.46 55.13
CA LEU RC 185 -21.98 -28.83 54.85
C LEU RC 185 -21.96 -29.67 56.12
N ASN RC 186 -23.06 -30.36 56.38
CA ASN RC 186 -23.23 -31.14 57.60
C ASN RC 186 -22.96 -32.62 57.43
N ASN RC 187 -23.01 -33.14 56.21
CA ASN RC 187 -22.95 -34.58 55.98
C ASN RC 187 -21.82 -35.06 55.08
N THR RC 188 -20.89 -34.21 54.65
CA THR RC 188 -19.86 -34.72 53.75
C THR RC 188 -18.63 -33.81 53.73
N PHE RC 189 -17.55 -34.36 53.18
CA PHE RC 189 -16.31 -33.62 52.99
C PHE RC 189 -16.34 -32.77 51.72
N VAL RC 190 -15.82 -31.55 51.84
CA VAL RC 190 -15.85 -30.58 50.74
C VAL RC 190 -14.92 -30.89 49.59
N GLY RC 191 -13.83 -31.63 49.79
CA GLY RC 191 -12.83 -31.76 48.75
C GLY RC 191 -13.07 -32.91 47.78
N ASP RC 192 -12.44 -32.82 46.61
CA ASP RC 192 -12.35 -33.96 45.71
C ASP RC 192 -11.45 -35.03 46.30
N ARG RC 193 -11.68 -36.28 45.89
CA ARG RC 193 -10.84 -37.36 46.41
C ARG RC 193 -10.48 -38.35 45.33
N THR RC 194 -9.30 -38.95 45.46
CA THR RC 194 -8.81 -39.95 44.51
C THR RC 194 -8.70 -41.30 45.21
N TYR RC 195 -9.20 -42.34 44.54
CA TYR RC 195 -9.04 -43.71 44.98
C TYR RC 195 -8.29 -44.49 43.90
N ASN RC 196 -7.15 -45.05 44.28
CA ASN RC 196 -6.28 -45.78 43.37
C ASN RC 196 -6.68 -47.25 43.36
N LEU RC 197 -7.72 -47.56 42.61
CA LEU RC 197 -8.02 -48.97 42.36
C LEU RC 197 -6.84 -49.60 41.65
N ARG RC 198 -6.76 -50.93 41.72
CA ARG RC 198 -5.77 -51.64 40.92
C ARG RC 198 -6.00 -51.35 39.45
N ASP RC 199 -7.26 -51.40 39.02
CA ASP RC 199 -7.57 -51.33 37.60
C ASP RC 199 -7.49 -49.91 37.07
N GLN RC 200 -7.80 -48.92 37.91
CA GLN RC 200 -7.89 -47.55 37.45
C GLN RC 200 -7.46 -46.62 38.56
N LYS RC 201 -6.89 -45.49 38.16
CA LYS RC 201 -6.95 -44.28 38.96
C LYS RC 201 -8.37 -43.73 38.86
N MET RC 202 -9.04 -43.54 40.00
CA MET RC 202 -10.42 -43.09 40.01
C MET RC 202 -10.53 -41.81 40.84
N VAL RC 203 -11.35 -40.88 40.39
CA VAL RC 203 -11.52 -39.60 41.07
C VAL RC 203 -13.00 -39.35 41.32
N ILE RC 204 -13.32 -38.80 42.48
CA ILE RC 204 -14.66 -38.38 42.84
C ILE RC 204 -14.66 -36.87 43.00
N PRO RC 205 -15.45 -36.14 42.21
CA PRO RC 205 -15.49 -34.68 42.30
C PRO RC 205 -16.42 -34.21 43.42
N GLY RC 206 -15.97 -33.18 44.14
CA GLY RC 206 -16.83 -32.53 45.10
C GLY RC 206 -17.86 -31.58 44.50
N ILE RC 207 -18.66 -31.02 45.41
CA ILE RC 207 -19.80 -30.20 45.03
C ILE RC 207 -19.38 -29.01 44.20
N ALA RC 208 -18.41 -28.25 44.69
CA ALA RC 208 -17.93 -27.09 43.96
C ALA RC 208 -17.56 -27.43 42.52
N THR RC 209 -16.71 -28.43 42.34
CA THR RC 209 -16.31 -28.84 40.99
C THR RC 209 -17.51 -29.19 40.13
N ALA RC 210 -18.42 -30.02 40.63
CA ALA RC 210 -19.59 -30.41 39.84
C ALA RC 210 -20.43 -29.21 39.42
N ILE RC 211 -20.88 -28.41 40.39
CA ILE RC 211 -21.70 -27.24 40.08
C ILE RC 211 -20.99 -26.28 39.14
N GLU RC 212 -19.75 -25.92 39.44
CA GLU RC 212 -19.01 -25.01 38.58
C GLU RC 212 -18.93 -25.54 37.15
N ARG RC 213 -18.50 -26.79 36.97
CA ARG RC 213 -18.49 -27.36 35.64
C ARG RC 213 -19.84 -27.27 34.94
N LEU RC 214 -20.92 -27.47 35.69
CA LEU RC 214 -22.26 -27.39 35.11
C LEU RC 214 -22.62 -25.98 34.64
N LEU RC 215 -22.49 -24.99 35.51
CA LEU RC 215 -22.85 -23.62 35.13
C LEU RC 215 -21.85 -22.97 34.17
N GLN RC 216 -20.65 -23.50 34.05
CA GLN RC 216 -19.61 -22.94 33.19
C GLN RC 216 -20.14 -22.54 31.83
N GLY RC 217 -19.88 -21.28 31.47
CA GLY RC 217 -20.31 -20.65 30.25
C GLY RC 217 -21.79 -20.41 30.07
N GLU RC 218 -22.60 -20.55 31.11
CA GLU RC 218 -24.02 -20.27 31.00
C GLU RC 218 -24.25 -18.80 30.71
N GLU RC 219 -25.35 -18.52 30.01
CA GLU RC 219 -25.68 -17.15 29.64
C GLU RC 219 -27.12 -16.74 29.94
N GLN RC 220 -28.03 -17.66 30.05
CA GLN RC 220 -29.40 -17.35 30.44
C GLN RC 220 -29.53 -17.32 31.96
N PRO RC 221 -30.55 -16.65 32.47
CA PRO RC 221 -30.77 -16.66 33.92
C PRO RC 221 -31.10 -18.03 34.46
N LEU RC 222 -30.71 -18.25 35.72
CA LEU RC 222 -31.04 -19.44 36.48
C LEU RC 222 -32.45 -19.33 37.02
N GLY RC 223 -33.34 -20.24 36.60
CA GLY RC 223 -34.71 -20.22 37.06
C GLY RC 223 -35.10 -21.03 38.28
N ASN RC 224 -35.05 -22.36 38.23
CA ASN RC 224 -35.58 -23.15 39.35
C ASN RC 224 -34.91 -24.51 39.39
N ILE RC 225 -35.13 -25.21 40.52
CA ILE RC 225 -34.55 -26.52 40.79
C ILE RC 225 -35.64 -27.52 41.18
N VAL RC 226 -35.55 -28.73 40.63
CA VAL RC 226 -36.45 -29.82 40.96
C VAL RC 226 -35.63 -31.10 41.04
N SER RC 227 -36.16 -32.09 41.75
CA SER RC 227 -35.51 -33.39 41.81
C SER RC 227 -35.76 -34.15 40.51
N SER RC 253 -42.25 -2.87 38.22
CA SER RC 253 -41.78 -4.24 38.13
C SER RC 253 -40.61 -4.35 37.16
N LEU RC 254 -40.46 -3.36 36.29
CA LEU RC 254 -39.34 -3.36 35.36
C LEU RC 254 -38.01 -3.34 36.11
N GLN RC 255 -37.97 -2.58 37.21
CA GLN RC 255 -36.84 -2.57 38.12
C GLN RC 255 -36.62 -3.91 38.81
N GLU RC 256 -37.62 -4.80 38.78
CA GLU RC 256 -37.43 -6.19 39.21
C GLU RC 256 -36.96 -7.10 38.09
N ALA RC 257 -37.61 -7.04 36.93
CA ALA RC 257 -37.23 -7.89 35.81
C ALA RC 257 -35.78 -7.65 35.41
N LEU RC 258 -35.32 -6.41 35.50
CA LEU RC 258 -33.92 -6.13 35.21
C LEU RC 258 -32.96 -6.66 36.26
N LYS RC 259 -33.43 -7.00 37.46
CA LYS RC 259 -32.62 -7.80 38.37
C LYS RC 259 -32.69 -9.29 38.05
N GLN RC 260 -33.89 -9.78 37.80
CA GLN RC 260 -34.09 -11.17 37.42
C GLN RC 260 -33.33 -11.57 36.17
N ASN RC 261 -32.94 -10.60 35.34
CA ASN RC 261 -32.16 -10.86 34.13
C ASN RC 261 -30.72 -11.31 34.39
N ALA RC 262 -30.22 -11.28 35.63
CA ALA RC 262 -28.81 -11.59 35.89
C ALA RC 262 -28.42 -12.99 35.41
N ALA RC 263 -27.29 -13.08 34.70
CA ALA RC 263 -26.84 -14.31 34.06
C ALA RC 263 -26.31 -15.34 35.06
N ALA RC 264 -26.53 -16.62 34.73
CA ALA RC 264 -26.10 -17.73 35.58
C ALA RC 264 -24.58 -17.92 35.63
N GLY RC 265 -23.85 -17.54 34.59
CA GLY RC 265 -22.40 -17.76 34.60
C GLY RC 265 -21.59 -16.94 35.59
N ASN RC 266 -22.16 -15.93 36.22
CA ASN RC 266 -21.43 -15.17 37.23
C ASN RC 266 -21.27 -15.87 38.57
N ILE RC 267 -22.08 -16.87 38.88
CA ILE RC 267 -22.03 -17.50 40.20
C ILE RC 267 -20.67 -18.12 40.43
N LYS RC 268 -20.02 -17.74 41.55
CA LYS RC 268 -18.70 -18.26 41.89
C LYS RC 268 -18.76 -19.04 43.20
N ILE RC 269 -18.18 -20.25 43.20
CA ILE RC 269 -18.11 -21.11 44.39
C ILE RC 269 -16.66 -21.42 44.75
N VAL RC 270 -16.31 -21.24 46.01
CA VAL RC 270 -14.97 -21.53 46.54
C VAL RC 270 -15.09 -22.47 47.74
N ALA RC 271 -14.51 -23.66 47.62
CA ALA RC 271 -14.46 -24.62 48.73
C ALA RC 271 -13.49 -24.19 49.82
N TYR RC 272 -13.92 -24.24 51.07
CA TYR RC 272 -13.13 -23.85 52.23
C TYR RC 272 -13.09 -24.98 53.25
N PRO RC 273 -12.18 -25.94 53.07
CA PRO RC 273 -12.06 -27.07 54.01
C PRO RC 273 -11.86 -26.71 55.47
N ASP RC 274 -11.19 -25.62 55.79
CA ASP RC 274 -10.91 -25.30 57.20
C ASP RC 274 -12.14 -25.42 58.07
N THR RC 275 -13.31 -25.15 57.53
CA THR RC 275 -14.56 -25.25 58.27
C THR RC 275 -15.55 -26.13 57.53
N ASN RC 276 -15.07 -26.86 56.54
CA ASN RC 276 -15.90 -27.71 55.70
C ASN RC 276 -17.10 -26.98 55.14
N SER RC 277 -16.85 -25.82 54.52
CA SER RC 277 -17.95 -24.94 54.11
C SER RC 277 -17.65 -24.37 52.73
N LEU RC 278 -18.71 -23.99 52.03
CA LEU RC 278 -18.61 -23.31 50.74
C LEU RC 278 -18.86 -21.82 50.85
N LEU RC 279 -18.11 -21.06 50.06
CA LEU RC 279 -18.35 -19.65 49.85
C LEU RC 279 -19.00 -19.48 48.48
N VAL RC 280 -20.12 -18.78 48.43
CA VAL RC 280 -20.92 -18.63 47.23
C VAL RC 280 -21.09 -17.14 46.99
N LYS RC 281 -20.85 -16.71 45.75
CA LYS RC 281 -21.00 -15.31 45.38
C LYS RC 281 -21.97 -15.18 44.23
N GLY RC 282 -23.02 -14.39 44.45
CA GLY RC 282 -23.99 -14.11 43.40
C GLY RC 282 -25.06 -13.18 43.92
N THR RC 283 -26.09 -12.97 43.12
CA THR RC 283 -27.26 -12.23 43.57
C THR RC 283 -27.99 -12.99 44.68
N ALA RC 284 -28.80 -12.25 45.43
CA ALA RC 284 -29.63 -12.85 46.48
C ALA RC 284 -30.47 -14.03 45.98
N GLU RC 285 -31.01 -13.95 44.77
CA GLU RC 285 -31.77 -15.09 44.24
C GLU RC 285 -30.85 -16.28 43.98
N GLN RC 286 -29.77 -16.04 43.25
CA GLN RC 286 -28.84 -17.10 42.92
C GLN RC 286 -28.37 -17.84 44.17
N VAL RC 287 -27.93 -17.10 45.17
CA VAL RC 287 -27.47 -17.73 46.40
C VAL RC 287 -28.54 -18.64 46.99
N HIS RC 288 -29.79 -18.17 46.98
CA HIS RC 288 -30.89 -19.00 47.46
C HIS RC 288 -31.01 -20.32 46.71
N PHE RC 289 -31.05 -20.25 45.38
CA PHE RC 289 -31.09 -21.49 44.59
C PHE RC 289 -29.93 -22.41 44.93
N ILE RC 290 -28.71 -21.88 44.97
CA ILE RC 290 -27.57 -22.72 45.32
C ILE RC 290 -27.79 -23.40 46.65
N GLU RC 291 -28.28 -22.66 47.64
CA GLU RC 291 -28.58 -23.26 48.93
C GLU RC 291 -29.51 -24.46 48.80
N MET RC 292 -30.59 -24.30 48.06
CA MET RC 292 -31.49 -25.43 47.85
C MET RC 292 -30.79 -26.62 47.23
N LEU RC 293 -30.03 -26.40 46.16
CA LEU RC 293 -29.34 -27.52 45.53
C LEU RC 293 -28.37 -28.23 46.48
N VAL RC 294 -27.59 -27.47 47.24
CA VAL RC 294 -26.70 -28.08 48.24
C VAL RC 294 -27.48 -28.97 49.20
N LYS RC 295 -28.61 -28.47 49.71
CA LYS RC 295 -29.42 -29.27 50.61
C LYS RC 295 -30.15 -30.41 49.91
N ALA RC 296 -30.23 -30.38 48.59
CA ALA RC 296 -30.69 -31.56 47.87
C ALA RC 296 -29.60 -32.58 47.65
N LEU RC 297 -28.34 -32.17 47.76
CA LEU RC 297 -27.23 -33.07 47.44
C LEU RC 297 -26.56 -33.75 48.63
N ASP RC 298 -26.24 -33.03 49.71
CA ASP RC 298 -25.44 -33.63 50.79
C ASP RC 298 -26.21 -34.57 51.74
N VAL RC 299 -26.85 -35.59 51.18
CA VAL RC 299 -27.48 -36.63 52.00
C VAL RC 299 -26.44 -37.43 52.80
N ALA RC 300 -26.84 -37.91 53.97
CA ALA RC 300 -26.02 -38.79 54.81
C ALA RC 300 -25.99 -40.22 54.26
N LYS RC 301 -24.80 -40.79 54.13
CA LYS RC 301 -24.63 -42.15 53.60
C LYS RC 301 -24.85 -43.27 54.63
N ARG RC 302 -25.40 -44.38 54.14
CA ARG RC 302 -25.53 -45.66 54.84
C ARG RC 302 -24.23 -46.47 54.89
N HIS RC 303 -24.11 -47.32 55.91
CA HIS RC 303 -22.98 -48.24 56.08
C HIS RC 303 -23.37 -49.68 55.75
N VAL RC 304 -22.49 -50.38 55.04
CA VAL RC 304 -22.65 -51.78 54.65
C VAL RC 304 -21.48 -52.60 55.17
N GLU RC 305 -21.75 -53.81 55.66
CA GLU RC 305 -20.72 -54.76 56.05
C GLU RC 305 -20.73 -55.99 55.14
N LEU RC 306 -19.57 -56.29 54.56
CA LEU RC 306 -19.37 -57.43 53.67
C LEU RC 306 -18.57 -58.51 54.40
N SER RC 307 -19.12 -59.72 54.43
CA SER RC 307 -18.50 -60.90 55.01
C SER RC 307 -18.32 -61.96 53.93
N LEU RC 308 -17.15 -62.59 53.88
CA LEU RC 308 -16.85 -63.57 52.82
C LEU RC 308 -16.31 -64.88 53.36
N TRP RC 309 -16.93 -66.00 52.95
CA TRP RC 309 -16.56 -67.35 53.35
C TRP RC 309 -15.78 -68.10 52.28
N ILE RC 310 -14.66 -68.70 52.67
CA ILE RC 310 -13.81 -69.49 51.79
C ILE RC 310 -13.56 -70.84 52.45
N VAL RC 311 -13.84 -71.93 51.73
CA VAL RC 311 -13.78 -73.28 52.25
C VAL RC 311 -12.96 -74.18 51.33
N ASP RC 312 -12.06 -74.98 51.92
CA ASP RC 312 -11.24 -75.94 51.21
C ASP RC 312 -11.22 -77.30 51.90
N LEU RC 313 -11.55 -78.35 51.15
CA LEU RC 313 -11.65 -79.72 51.65
C LEU RC 313 -10.85 -80.66 50.75
N ASN RC 314 -10.15 -81.61 51.36
CA ASN RC 314 -9.26 -82.49 50.61
C ASN RC 314 -9.19 -83.88 51.24
N LYS RC 315 -9.21 -84.91 50.38
CA LYS RC 315 -9.08 -86.31 50.76
C LYS RC 315 -8.20 -87.04 49.76
N SER RC 316 -7.37 -87.95 50.26
CA SER RC 316 -6.54 -88.74 49.35
C SER RC 316 -6.15 -90.08 49.97
N ASP RC 317 -6.04 -91.09 49.10
CA ASP RC 317 -5.68 -92.44 49.50
C ASP RC 317 -4.67 -93.02 48.52
N LEU RC 318 -3.63 -93.67 49.05
CA LEU RC 318 -2.49 -94.13 48.27
C LEU RC 318 -2.10 -95.54 48.72
N GLU RC 319 -1.81 -96.41 47.76
CA GLU RC 319 -1.20 -97.70 48.11
C GLU RC 319 -0.22 -98.16 47.05
N ARG RC 320 0.92 -98.68 47.49
CA ARG RC 320 1.93 -99.27 46.62
C ARG RC 320 2.37 -100.60 47.21
N LEU RC 321 2.48 -101.63 46.36
CA LEU RC 321 2.80 -102.95 46.88
C LEU RC 321 3.38 -103.87 45.81
N GLY RC 322 4.54 -104.47 46.10
CA GLY RC 322 5.09 -105.51 45.25
C GLY RC 322 6.61 -105.47 45.17
N THR RC 323 7.15 -106.19 44.19
CA THR RC 323 8.58 -106.45 44.09
C THR RC 323 9.11 -106.21 42.68
N SER RC 324 10.40 -105.92 42.59
CA SER RC 324 11.15 -105.94 41.34
C SER RC 324 12.39 -106.83 41.48
N TRP RC 325 12.73 -107.52 40.40
CA TRP RC 325 13.79 -108.53 40.39
C TRP RC 325 14.83 -108.19 39.35
N SER RC 326 16.10 -108.45 39.65
CA SER RC 326 17.11 -108.44 38.60
C SER RC 326 18.33 -109.20 39.09
N GLY RC 327 19.22 -109.56 38.17
CA GLY RC 327 20.39 -110.29 38.60
C GLY RC 327 21.25 -110.76 37.43
N SER RC 328 22.20 -111.63 37.76
CA SER RC 328 23.14 -112.10 36.77
C SER RC 328 23.76 -113.44 37.18
N ILE RC 329 24.26 -114.15 36.16
CA ILE RC 329 24.97 -115.40 36.32
C ILE RC 329 26.11 -115.44 35.29
N THR RC 330 27.24 -115.99 35.71
CA THR RC 330 28.33 -116.35 34.82
C THR RC 330 28.48 -117.87 34.78
N ILE RC 331 28.61 -118.43 33.58
CA ILE RC 331 28.84 -119.86 33.43
C ILE RC 331 30.14 -120.06 32.65
N GLY RC 332 30.94 -121.01 33.11
CA GLY RC 332 32.21 -121.37 32.52
C GLY RC 332 33.21 -120.23 32.44
N ASP RC 333 32.87 -119.08 33.02
CA ASP RC 333 33.52 -117.80 32.72
C ASP RC 333 33.49 -117.49 31.23
N LYS RC 334 32.68 -118.19 30.46
CA LYS RC 334 32.66 -118.08 29.01
C LYS RC 334 31.34 -117.57 28.48
N LEU RC 335 30.24 -117.75 29.19
CA LEU RC 335 28.99 -117.11 28.80
C LEU RC 335 28.44 -116.36 30.02
N GLY RC 336 28.19 -115.07 29.82
CA GLY RC 336 27.48 -114.25 30.79
C GLY RC 336 26.02 -114.06 30.45
N VAL RC 337 25.18 -114.18 31.47
CA VAL RC 337 23.74 -114.01 31.34
C VAL RC 337 23.36 -112.97 32.39
N SER RC 338 22.48 -112.05 32.02
CA SER RC 338 21.96 -111.11 32.99
C SER RC 338 20.50 -110.80 32.73
N LEU RC 339 19.81 -110.46 33.82
CA LEU RC 339 18.37 -110.32 33.87
C LEU RC 339 18.03 -108.91 34.32
N ASN RC 340 17.38 -108.17 33.43
CA ASN RC 340 16.90 -106.81 33.64
C ASN RC 340 17.96 -105.88 34.23
N GLN RC 341 19.16 -105.92 33.66
CA GLN RC 341 20.25 -105.05 34.07
C GLN RC 341 20.60 -104.16 32.89
N SER RC 342 20.64 -102.86 33.14
CA SER RC 342 21.05 -101.88 32.15
C SER RC 342 22.53 -101.55 32.24
N SER RC 343 23.35 -102.50 32.69
CA SER RC 343 24.75 -102.21 32.94
C SER RC 343 25.58 -103.48 32.84
N ILE RC 344 26.86 -103.28 32.58
CA ILE RC 344 27.83 -104.37 32.56
C ILE RC 344 27.91 -104.98 33.95
N SER RC 345 28.34 -106.24 34.00
CA SER RC 345 28.37 -107.02 35.23
C SER RC 345 29.76 -107.54 35.55
N THR RC 346 30.03 -107.61 36.85
CA THR RC 346 31.19 -108.31 37.38
C THR RC 346 30.84 -109.79 37.42
N LEU RC 347 31.71 -110.62 36.83
CA LEU RC 347 31.32 -111.95 36.37
C LEU RC 347 31.67 -113.06 37.34
N ASP RC 348 31.51 -112.81 38.64
CA ASP RC 348 31.44 -113.93 39.57
C ASP RC 348 30.08 -114.60 39.50
N GLY RC 349 29.04 -113.83 39.14
CA GLY RC 349 27.72 -114.35 38.91
C GLY RC 349 27.02 -114.89 40.15
N SER RC 350 25.87 -115.51 39.91
CA SER RC 350 24.99 -116.00 40.96
C SER RC 350 24.64 -114.87 41.93
N ARG RC 351 24.00 -113.83 41.39
CA ARG RC 351 23.77 -112.60 42.17
C ARG RC 351 22.41 -112.06 41.75
N PHE RC 352 21.44 -112.09 42.66
CA PHE RC 352 20.11 -111.54 42.39
C PHE RC 352 19.66 -110.58 43.48
N ILE RC 353 18.76 -109.68 43.10
CA ILE RC 353 18.17 -108.71 44.01
C ILE RC 353 16.66 -108.70 43.81
N ALA RC 354 15.94 -108.66 44.94
CA ALA RC 354 14.49 -108.48 45.00
C ALA RC 354 14.20 -107.23 45.83
N ALA RC 355 13.75 -106.16 45.16
CA ALA RC 355 13.40 -104.92 45.83
C ALA RC 355 11.91 -104.91 46.19
N VAL RC 356 11.61 -104.89 47.48
CA VAL RC 356 10.26 -105.03 47.99
C VAL RC 356 9.77 -103.68 48.50
N ASN RC 357 8.58 -103.28 48.07
CA ASN RC 357 7.92 -102.08 48.57
C ASN RC 357 6.51 -102.43 49.04
N ALA RC 358 6.12 -101.85 50.18
CA ALA RC 358 4.75 -102.03 50.68
C ALA RC 358 4.38 -100.83 51.54
N LEU RC 359 3.42 -100.02 51.08
CA LEU RC 359 2.99 -98.87 51.86
C LEU RC 359 1.54 -98.53 51.54
N GLU RC 360 0.83 -98.02 52.55
CA GLU RC 360 -0.54 -97.54 52.40
C GLU RC 360 -0.74 -96.28 53.22
N GLU RC 361 -1.58 -95.36 52.71
CA GLU RC 361 -1.79 -94.09 53.38
C GLU RC 361 -3.15 -93.48 53.06
N LYS RC 362 -3.67 -92.73 54.04
CA LYS RC 362 -4.90 -91.95 53.93
C LYS RC 362 -4.65 -90.56 54.49
N LYS RC 363 -5.26 -89.56 53.87
CA LYS RC 363 -5.09 -88.16 54.28
C LYS RC 363 -6.41 -87.40 54.13
N GLN RC 364 -6.69 -86.54 55.11
CA GLN RC 364 -7.88 -85.67 55.10
C GLN RC 364 -7.54 -84.32 55.68
N ALA RC 365 -7.92 -83.25 54.99
CA ALA RC 365 -7.65 -81.89 55.43
C ALA RC 365 -8.83 -80.97 55.14
N THR RC 366 -8.95 -79.93 55.97
CA THR RC 366 -10.05 -78.98 55.87
C THR RC 366 -9.66 -77.62 56.44
N VAL RC 367 -9.97 -76.56 55.69
CA VAL RC 367 -9.63 -75.19 56.07
C VAL RC 367 -10.79 -74.26 55.75
N VAL RC 368 -11.11 -73.38 56.69
CA VAL RC 368 -12.19 -72.40 56.55
C VAL RC 368 -11.66 -71.03 56.95
N SER RC 369 -11.98 -69.99 56.16
CA SER RC 369 -11.57 -68.63 56.45
C SER RC 369 -12.67 -67.66 56.11
N ARG RC 370 -12.84 -66.62 56.93
CA ARG RC 370 -13.94 -65.67 56.75
C ARG RC 370 -13.56 -64.24 57.12
N PRO RC 371 -13.13 -63.44 56.14
CA PRO RC 371 -12.90 -62.01 56.38
C PRO RC 371 -14.19 -61.20 56.50
N VAL RC 372 -14.08 -60.09 57.24
CA VAL RC 372 -15.16 -59.12 57.46
C VAL RC 372 -14.66 -57.70 57.22
N LEU RC 373 -15.42 -56.91 56.45
CA LEU RC 373 -15.02 -55.54 56.14
C LEU RC 373 -16.21 -54.58 56.13
N LEU RC 374 -16.08 -53.46 56.82
CA LEU RC 374 -17.07 -52.39 56.88
C LEU RC 374 -16.77 -51.25 55.90
N THR RC 375 -17.80 -50.79 55.19
CA THR RC 375 -17.67 -49.81 54.12
C THR RC 375 -18.88 -48.88 54.17
N GLN RC 376 -18.76 -47.72 53.55
CA GLN RC 376 -19.93 -46.93 53.18
C GLN RC 376 -20.34 -47.15 51.73
N GLU RC 377 -21.59 -46.77 51.47
CA GLU RC 377 -22.13 -46.71 50.12
C GLU RC 377 -21.25 -45.88 49.19
N ASN RC 378 -21.07 -46.38 47.97
CA ASN RC 378 -20.33 -45.72 46.90
C ASN RC 378 -18.84 -45.51 47.16
N VAL RC 379 -18.34 -45.93 48.31
CA VAL RC 379 -16.95 -45.70 48.69
C VAL RC 379 -16.18 -46.99 48.46
N PRO RC 380 -15.13 -46.99 47.64
CA PRO RC 380 -14.32 -48.20 47.51
C PRO RC 380 -13.52 -48.48 48.77
N ALA RC 381 -13.34 -49.76 49.07
CA ALA RC 381 -12.61 -50.17 50.26
C ALA RC 381 -11.76 -51.39 49.96
N ILE RC 382 -10.67 -51.52 50.72
CA ILE RC 382 -9.68 -52.58 50.55
C ILE RC 382 -9.31 -53.21 51.89
N PHE RC 383 -9.20 -54.53 51.88
CA PHE RC 383 -8.75 -55.32 53.03
C PHE RC 383 -7.65 -56.26 52.55
N ASP RC 384 -6.60 -56.41 53.35
CA ASP RC 384 -5.44 -57.19 52.95
C ASP RC 384 -4.72 -57.76 54.16
N ASN RC 385 -4.41 -59.05 54.14
CA ASN RC 385 -3.83 -59.70 55.32
C ASN RC 385 -2.98 -60.91 54.96
N ASN RC 386 -1.71 -60.90 55.37
CA ASN RC 386 -0.79 -62.02 55.30
C ASN RC 386 -0.60 -62.65 56.67
N ARG RC 387 -0.34 -63.96 56.68
CA ARG RC 387 -0.05 -64.67 57.91
C ARG RC 387 0.84 -65.87 57.61
N THR RC 388 1.74 -66.17 58.55
CA THR RC 388 2.70 -67.25 58.43
C THR RC 388 2.52 -68.24 59.55
N PHE RC 389 2.76 -69.51 59.24
CA PHE RC 389 2.65 -70.59 60.20
C PHE RC 389 3.90 -71.45 60.16
N TYR RC 390 4.28 -71.97 61.32
CA TYR RC 390 5.49 -72.72 61.52
C TYR RC 390 5.19 -74.11 62.05
N THR RC 391 6.09 -75.04 61.75
CA THR RC 391 6.05 -76.37 62.33
C THR RC 391 7.47 -76.76 62.69
N LYS RC 392 7.56 -77.60 63.72
CA LYS RC 392 8.81 -77.90 64.43
C LYS RC 392 8.97 -79.41 64.52
N LEU RC 393 10.20 -79.87 64.34
CA LEU RC 393 10.49 -81.25 64.00
C LEU RC 393 11.43 -81.88 65.02
N ILE RC 394 11.32 -83.21 65.13
CA ILE RC 394 12.10 -83.96 66.10
C ILE RC 394 13.58 -83.69 65.89
N GLY RC 395 14.34 -83.75 66.98
CA GLY RC 395 15.57 -82.99 67.07
C GLY RC 395 15.32 -81.54 67.38
N GLU RC 396 14.26 -81.25 68.16
CA GLU RC 396 13.60 -79.95 68.15
C GLU RC 396 14.52 -78.84 68.59
N ARG RC 397 15.64 -79.18 69.23
CA ARG RC 397 16.65 -78.20 69.59
C ARG RC 397 17.31 -77.64 68.34
N ASN RC 398 17.31 -78.40 67.24
CA ASN RC 398 18.01 -77.98 66.03
C ASN RC 398 17.17 -77.00 65.21
N VAL RC 399 17.85 -76.00 64.67
CA VAL RC 399 17.23 -74.72 64.26
C VAL RC 399 16.72 -74.90 62.82
N ALA RC 400 15.57 -75.56 62.68
CA ALA RC 400 14.99 -75.67 61.35
C ALA RC 400 13.47 -75.84 61.48
N LEU RC 401 12.77 -74.71 61.49
CA LEU RC 401 11.32 -74.69 61.37
C LEU RC 401 10.92 -74.71 59.91
N GLU RC 402 9.92 -75.52 59.58
CA GLU RC 402 9.28 -75.41 58.27
C GLU RC 402 8.15 -74.39 58.37
N HIS RC 403 7.90 -73.66 57.30
CA HIS RC 403 6.86 -72.64 57.38
C HIS RC 403 6.15 -72.44 56.05
N VAL RC 404 4.93 -71.90 56.16
CA VAL RC 404 4.07 -71.59 55.02
C VAL RC 404 3.40 -70.25 55.26
N THR RC 405 3.15 -69.52 54.18
CA THR RC 405 2.50 -68.21 54.25
C THR RC 405 1.23 -68.15 53.41
N TYR RC 406 0.11 -67.82 54.06
CA TYR RC 406 -1.17 -67.66 53.40
C TYR RC 406 -1.52 -66.17 53.42
N GLY RC 407 -2.13 -65.68 52.36
CA GLY RC 407 -2.49 -64.29 52.29
C GLY RC 407 -3.71 -64.06 51.44
N THR RC 408 -4.44 -62.99 51.75
CA THR RC 408 -5.72 -62.70 51.12
C THR RC 408 -5.92 -61.20 50.96
N MET RC 409 -6.63 -60.83 49.89
CA MET RC 409 -7.05 -59.45 49.74
C MET RC 409 -8.38 -59.36 49.01
N ILE RC 410 -9.12 -58.31 49.37
CA ILE RC 410 -10.45 -58.01 48.85
C ILE RC 410 -10.55 -56.52 48.56
N ARG RC 411 -11.06 -56.17 47.39
CA ARG RC 411 -11.34 -54.80 47.01
C ARG RC 411 -12.78 -54.75 46.52
N VAL RC 412 -13.58 -53.82 47.08
CA VAL RC 412 -15.01 -53.78 46.80
C VAL RC 412 -15.56 -52.36 46.70
N LEU RC 413 -16.68 -52.27 45.97
CA LEU RC 413 -17.44 -51.03 45.74
C LEU RC 413 -18.94 -51.31 45.83
N PRO RC 414 -19.59 -50.99 46.95
CA PRO RC 414 -21.03 -51.25 47.12
C PRO RC 414 -21.98 -50.17 46.60
N ARG RC 415 -23.15 -50.65 46.15
CA ARG RC 415 -24.28 -49.87 45.64
C ARG RC 415 -25.60 -50.35 46.23
N PHE RC 416 -26.45 -49.43 46.71
CA PHE RC 416 -27.79 -49.74 47.19
C PHE RC 416 -28.85 -49.57 46.11
N SER RC 417 -29.54 -50.67 45.79
CA SER RC 417 -30.68 -50.64 44.89
C SER RC 417 -31.95 -50.20 45.61
N ALA RC 418 -32.84 -49.56 44.84
CA ALA RC 418 -34.16 -49.20 45.35
C ALA RC 418 -34.95 -50.41 45.83
N ASP RC 419 -34.74 -51.57 45.21
CA ASP RC 419 -35.43 -52.81 45.57
C ASP RC 419 -34.99 -53.37 46.92
N GLY RC 420 -34.09 -52.69 47.63
CA GLY RC 420 -33.54 -53.26 48.84
C GLY RC 420 -32.56 -54.39 48.57
N GLN RC 421 -31.74 -54.22 47.54
CA GLN RC 421 -30.75 -55.21 47.15
C GLN RC 421 -29.39 -54.51 47.12
N ILE RC 422 -28.35 -55.27 47.43
CA ILE RC 422 -26.98 -54.78 47.45
C ILE RC 422 -26.26 -55.28 46.21
N GLU RC 423 -25.67 -54.36 45.46
CA GLU RC 423 -24.89 -54.68 44.28
C GLU RC 423 -23.44 -54.28 44.54
N MET RC 424 -22.51 -55.12 44.12
CA MET RC 424 -21.13 -54.95 44.53
C MET RC 424 -20.22 -55.25 43.35
N SER RC 425 -19.17 -54.46 43.18
CA SER RC 425 -18.11 -54.84 42.27
C SER RC 425 -16.94 -55.42 43.06
N LEU RC 426 -16.45 -56.60 42.65
CA LEU RC 426 -15.58 -57.40 43.48
C LEU RC 426 -14.28 -57.73 42.78
N ASP RC 427 -13.19 -57.71 43.55
CA ASP RC 427 -12.01 -58.51 43.30
C ASP RC 427 -11.76 -59.37 44.52
N ILE RC 428 -11.39 -60.63 44.31
CA ILE RC 428 -10.86 -61.48 45.36
C ILE RC 428 -9.56 -62.08 44.88
N GLU RC 429 -8.52 -61.98 45.70
CA GLU RC 429 -7.27 -62.67 45.42
C GLU RC 429 -6.84 -63.41 46.68
N ASP RC 430 -6.62 -64.72 46.58
CA ASP RC 430 -6.41 -65.50 47.78
C ASP RC 430 -5.57 -66.73 47.49
N GLY RC 431 -4.82 -67.19 48.48
CA GLY RC 431 -4.22 -68.51 48.41
C GLY RC 431 -2.91 -68.58 49.16
N ASN RC 432 -2.30 -69.76 49.07
CA ASN RC 432 -0.94 -70.02 49.51
C ASN RC 432 0.09 -69.55 48.50
N ASP RC 433 1.24 -69.10 49.02
CA ASP RC 433 2.33 -68.68 48.14
C ASP RC 433 2.95 -69.84 47.36
N LYS RC 434 3.28 -69.54 46.09
CA LYS RC 434 3.69 -70.52 45.09
C LYS RC 434 4.98 -71.27 45.41
N THR RC 435 5.86 -70.71 46.24
CA THR RC 435 7.25 -71.17 46.29
C THR RC 435 7.67 -71.66 47.66
N PRO RC 436 7.14 -72.79 48.09
CA PRO RC 436 7.64 -73.43 49.31
C PRO RC 436 8.98 -74.09 49.05
N GLN RC 437 9.64 -74.47 50.13
CA GLN RC 437 10.95 -75.08 50.10
C GLN RC 437 10.96 -76.31 51.03
N SER RC 438 9.85 -77.03 51.05
CA SER RC 438 9.79 -78.29 51.76
C SER RC 438 10.71 -79.32 51.14
N ASP RC 439 11.63 -79.85 51.94
CA ASP RC 439 12.50 -80.94 51.52
C ASP RC 439 12.00 -82.32 51.95
N THR RC 440 11.45 -82.46 53.16
CA THR RC 440 10.82 -83.70 53.58
C THR RC 440 9.30 -83.56 53.57
N THR RC 441 8.63 -84.71 53.60
CA THR RC 441 7.18 -84.73 53.56
C THR RC 441 6.57 -84.11 54.80
N THR RC 442 7.32 -84.05 55.90
CA THR RC 442 6.78 -83.59 57.17
C THR RC 442 6.03 -82.28 57.02
N SER RC 443 6.57 -81.35 56.24
CA SER RC 443 5.91 -80.08 56.02
C SER RC 443 4.60 -80.23 55.24
N VAL RC 444 4.55 -81.15 54.28
CA VAL RC 444 3.32 -81.31 53.52
C VAL RC 444 2.24 -81.98 54.36
N ASP RC 445 2.62 -82.99 55.12
CA ASP RC 445 1.67 -83.64 56.02
C ASP RC 445 1.24 -82.72 57.16
N ALA RC 446 2.06 -81.76 57.55
CA ALA RC 446 1.67 -80.83 58.61
C ALA RC 446 0.82 -79.67 58.10
N LEU RC 447 1.21 -79.00 57.02
CA LEU RC 447 0.59 -77.74 56.65
C LEU RC 447 -0.10 -77.85 55.31
N PRO RC 448 -1.40 -77.55 55.23
CA PRO RC 448 -2.17 -77.91 54.03
C PRO RC 448 -1.93 -76.94 52.90
N GLU RC 449 -1.57 -77.46 51.73
CA GLU RC 449 -1.59 -76.66 50.53
C GLU RC 449 -3.00 -76.23 50.15
N VAL RC 450 -3.09 -75.03 49.60
CA VAL RC 450 -4.27 -74.54 48.90
C VAL RC 450 -3.79 -73.82 47.65
N GLY RC 451 -4.65 -73.77 46.64
CA GLY RC 451 -4.29 -73.14 45.39
C GLY RC 451 -3.99 -71.65 45.52
N ARG RC 452 -3.65 -71.03 44.40
CA ARG RC 452 -3.71 -69.58 44.26
C ARG RC 452 -4.84 -69.24 43.31
N THR RC 453 -5.80 -68.45 43.78
CA THR RC 453 -7.05 -68.24 43.07
C THR RC 453 -7.35 -66.74 42.97
N LEU RC 454 -7.84 -66.36 41.80
CA LEU RC 454 -8.16 -64.97 41.49
C LEU RC 454 -9.52 -64.89 40.81
N ILE RC 455 -10.36 -63.96 41.27
CA ILE RC 455 -11.69 -63.76 40.72
C ILE RC 455 -11.94 -62.26 40.63
N SER RC 456 -12.55 -61.82 39.54
CA SER RC 456 -13.13 -60.49 39.51
C SER RC 456 -14.45 -60.48 38.77
N THR RC 457 -15.46 -59.86 39.39
CA THR RC 457 -16.80 -59.96 38.84
C THR RC 457 -17.73 -58.96 39.53
N ILE RC 458 -18.95 -58.86 39.02
CA ILE RC 458 -20.00 -58.06 39.63
C ILE RC 458 -21.16 -58.97 40.01
N ALA RC 459 -21.77 -58.73 41.17
CA ALA RC 459 -22.90 -59.53 41.61
C ALA RC 459 -23.81 -58.70 42.51
N ARG RC 460 -25.08 -59.08 42.54
CA ARG RC 460 -26.10 -58.41 43.35
C ARG RC 460 -26.91 -59.45 44.10
N VAL RC 461 -27.14 -59.23 45.38
CA VAL RC 461 -27.77 -60.24 46.23
C VAL RC 461 -28.89 -59.63 47.05
N PRO RC 462 -30.05 -60.26 47.13
CA PRO RC 462 -31.11 -59.77 48.02
C PRO RC 462 -30.60 -59.59 49.44
N HIS RC 463 -31.13 -58.58 50.11
CA HIS RC 463 -30.62 -58.17 51.41
C HIS RC 463 -30.58 -59.34 52.38
N GLY RC 464 -29.41 -59.57 52.97
CA GLY RC 464 -29.25 -60.58 54.00
C GLY RC 464 -29.17 -62.02 53.53
N LYS RC 465 -29.40 -62.29 52.26
CA LYS RC 465 -29.19 -63.62 51.69
C LYS RC 465 -27.71 -63.79 51.36
N SER RC 466 -27.37 -64.89 50.67
CA SER RC 466 -25.99 -65.22 50.38
C SER RC 466 -25.90 -65.87 49.02
N LEU RC 467 -24.68 -65.91 48.46
CA LEU RC 467 -24.54 -66.28 47.07
C LEU RC 467 -23.17 -66.92 46.80
N LEU RC 468 -23.15 -67.83 45.82
CA LEU RC 468 -21.94 -68.51 45.37
C LEU RC 468 -21.32 -67.78 44.19
N VAL RC 469 -20.16 -67.20 44.38
CA VAL RC 469 -19.51 -66.50 43.27
C VAL RC 469 -18.62 -67.41 42.42
N GLY RC 470 -17.98 -68.41 43.01
CA GLY RC 470 -17.10 -69.28 42.25
C GLY RC 470 -16.74 -70.54 43.00
N GLY RC 471 -16.32 -71.54 42.26
CA GLY RC 471 -15.96 -72.81 42.86
C GLY RC 471 -15.28 -73.72 41.87
N TYR RC 472 -14.63 -74.74 42.42
CA TYR RC 472 -13.82 -75.67 41.65
C TYR RC 472 -13.81 -77.03 42.31
N THR RC 473 -13.90 -78.09 41.48
CA THR RC 473 -13.86 -79.46 41.95
C THR RC 473 -12.97 -80.28 41.03
N ARG RC 474 -12.19 -81.18 41.62
CA ARG RC 474 -11.30 -82.02 40.84
C ARG RC 474 -11.29 -83.44 41.40
N ASP RC 475 -11.37 -84.42 40.51
CA ASP RC 475 -11.39 -85.82 40.90
C ASP RC 475 -10.53 -86.64 39.97
N ALA RC 476 -9.76 -87.58 40.53
CA ALA RC 476 -8.88 -88.35 39.67
C ALA RC 476 -8.60 -89.71 40.29
N ASN RC 477 -8.22 -90.64 39.42
CA ASN RC 477 -7.87 -92.01 39.77
C ASN RC 477 -6.78 -92.54 38.85
N THR RC 478 -5.94 -93.43 39.39
CA THR RC 478 -4.85 -94.01 38.61
C THR RC 478 -4.52 -95.41 39.11
N ASP RC 479 -4.21 -96.30 38.16
CA ASP RC 479 -3.88 -97.70 38.40
C ASP RC 479 -2.69 -98.12 37.54
N THR RC 480 -1.79 -98.91 38.10
CA THR RC 480 -0.70 -99.47 37.28
C THR RC 480 -0.23 -100.81 37.82
N VAL RC 481 0.12 -101.71 36.90
CA VAL RC 481 0.59 -103.05 37.23
C VAL RC 481 1.70 -103.50 36.27
N GLN RC 482 2.75 -104.10 36.83
CA GLN RC 482 3.85 -104.69 36.07
C GLN RC 482 4.04 -106.14 36.46
N SER RC 483 4.54 -106.95 35.54
CA SER RC 483 4.83 -108.34 35.83
C SER RC 483 5.83 -108.91 34.84
N ILE RC 484 6.51 -109.97 35.27
CA ILE RC 484 7.39 -110.78 34.43
C ILE RC 484 6.58 -111.70 33.52
N PRO RC 485 6.74 -111.63 32.19
CA PRO RC 485 5.79 -112.29 31.29
C PRO RC 485 5.48 -113.76 31.57
N PHE RC 486 6.47 -114.60 31.88
CA PHE RC 486 6.15 -116.00 32.16
C PHE RC 486 5.83 -116.28 33.62
N LEU RC 487 6.58 -115.67 34.53
CA LEU RC 487 6.44 -115.97 35.94
C LEU RC 487 5.24 -115.27 36.57
N GLY RC 488 4.84 -114.12 36.04
CA GLY RC 488 3.73 -113.40 36.62
C GLY RC 488 2.45 -114.21 36.70
N LYS RC 489 2.40 -115.37 36.05
CA LYS RC 489 1.19 -116.18 36.04
C LYS RC 489 1.38 -117.54 36.69
N LEU RC 490 2.49 -117.76 37.40
CA LEU RC 490 2.68 -119.03 38.07
C LEU RC 490 1.60 -119.23 39.12
N PRO RC 491 1.03 -120.43 39.23
CA PRO RC 491 -0.12 -120.63 40.13
C PRO RC 491 0.13 -120.32 41.60
N LEU RC 492 1.24 -120.77 42.17
CA LEU RC 492 1.50 -120.60 43.59
C LEU RC 492 2.35 -119.40 43.96
N ILE RC 493 3.22 -118.93 43.07
CA ILE RC 493 4.14 -117.85 43.38
C ILE RC 493 3.99 -116.65 42.46
N GLY RC 494 3.07 -116.68 41.50
CA GLY RC 494 2.94 -115.59 40.56
C GLY RC 494 2.92 -114.22 41.21
N SER RC 495 2.29 -114.11 42.38
CA SER RC 495 2.23 -112.82 43.07
C SER RC 495 3.61 -112.29 43.45
N LEU RC 496 4.63 -113.14 43.53
CA LEU RC 496 5.97 -112.65 43.83
C LEU RC 496 6.56 -111.80 42.71
N PHE RC 497 6.06 -111.93 41.50
CA PHE RC 497 6.62 -111.28 40.32
C PHE RC 497 5.78 -110.11 39.81
N ARG RC 498 4.97 -109.51 40.67
CA ARG RC 498 4.04 -108.46 40.26
C ARG RC 498 4.31 -107.19 41.05
N TYR RC 499 3.98 -106.06 40.43
CA TYR RC 499 3.98 -104.77 41.10
C TYR RC 499 2.70 -104.02 40.77
N SER RC 500 2.17 -103.31 41.77
CA SER RC 500 0.85 -102.69 41.65
C SER RC 500 0.81 -101.37 42.41
N SER RC 501 0.04 -100.42 41.87
CA SER RC 501 -0.12 -99.12 42.53
C SER RC 501 -1.45 -98.49 42.16
N LYS RC 502 -2.01 -97.73 43.11
CA LYS RC 502 -3.29 -97.05 42.97
C LYS RC 502 -3.32 -95.69 43.65
N ASN RC 503 -3.97 -94.72 43.02
CA ASN RC 503 -4.13 -93.37 43.55
C ASN RC 503 -5.55 -92.84 43.32
N LYS RC 504 -6.10 -92.20 44.35
CA LYS RC 504 -7.40 -91.53 44.27
C LYS RC 504 -7.32 -90.15 44.93
N SER RC 505 -7.92 -89.15 44.28
CA SER RC 505 -7.90 -87.79 44.83
C SER RC 505 -9.19 -87.03 44.53
N ASN RC 506 -9.67 -86.29 45.53
CA ASN RC 506 -10.88 -85.45 45.43
C ASN RC 506 -10.69 -84.10 46.11
N VAL RC 507 -11.03 -83.01 45.43
CA VAL RC 507 -10.81 -81.66 45.95
C VAL RC 507 -12.01 -80.78 45.64
N VAL RC 508 -12.42 -79.98 46.64
CA VAL RC 508 -13.52 -79.01 46.53
C VAL RC 508 -13.11 -77.67 47.12
N ARG RC 509 -13.35 -76.59 46.37
CA ARG RC 509 -13.03 -75.22 46.79
C ARG RC 509 -14.16 -74.29 46.37
N VAL RC 510 -14.64 -73.42 47.28
CA VAL RC 510 -15.77 -72.55 46.96
C VAL RC 510 -15.68 -71.21 47.68
N PHE RC 511 -16.25 -70.18 47.03
CA PHE RC 511 -16.33 -68.80 47.51
C PHE RC 511 -17.77 -68.31 47.64
N MET RC 512 -18.19 -67.96 48.85
CA MET RC 512 -19.55 -67.51 49.10
C MET RC 512 -19.55 -66.15 49.79
N ILE RC 513 -20.39 -65.25 49.28
CA ILE RC 513 -20.52 -63.86 49.75
C ILE RC 513 -21.84 -63.66 50.46
N GLU RC 514 -21.84 -62.85 51.51
CA GLU RC 514 -23.03 -62.63 52.33
C GLU RC 514 -23.05 -61.24 52.96
N PRO RC 515 -23.56 -60.23 52.25
CA PRO RC 515 -23.60 -58.86 52.80
C PRO RC 515 -24.81 -58.56 53.68
N LYS RC 516 -24.62 -57.59 54.59
CA LYS RC 516 -25.67 -57.13 55.51
C LYS RC 516 -25.54 -55.64 55.74
N GLU RC 517 -26.67 -54.96 55.96
CA GLU RC 517 -26.65 -53.56 56.37
C GLU RC 517 -26.41 -53.41 57.88
N ILE RC 518 -25.49 -52.50 58.24
CA ILE RC 518 -25.13 -52.19 59.62
C ILE RC 518 -25.79 -50.88 60.04
N VAL RC 519 -26.74 -50.97 60.96
CA VAL RC 519 -27.48 -49.83 61.46
C VAL RC 519 -27.07 -49.45 62.89
N ASP RC 520 -26.88 -50.44 63.77
CA ASP RC 520 -26.62 -50.20 65.19
C ASP RC 520 -25.20 -50.53 65.60
N PRO RC 521 -24.57 -49.70 66.44
CA PRO RC 521 -23.23 -50.02 66.97
C PRO RC 521 -23.13 -51.27 67.85
N LEU RC 522 -21.90 -51.58 68.25
CA LEU RC 522 -21.61 -52.71 69.12
C LEU RC 522 -22.14 -52.54 70.53
N THR RC 523 -22.78 -53.61 71.03
CA THR RC 523 -23.25 -53.80 72.39
C THR RC 523 -22.89 -55.20 72.86
N PRO RC 524 -22.16 -55.38 73.98
CA PRO RC 524 -21.41 -54.52 74.91
C PRO RC 524 -20.36 -53.62 74.28
N ASP RC 525 -20.04 -52.53 74.96
CA ASP RC 525 -18.95 -51.67 74.55
C ASP RC 525 -17.65 -52.47 74.40
N ALA RC 526 -16.88 -52.09 73.38
CA ALA RC 526 -15.58 -52.68 73.12
C ALA RC 526 -14.74 -52.84 74.38
N SER RC 527 -14.50 -51.74 75.08
CA SER RC 527 -13.72 -51.77 76.31
C SER RC 527 -14.32 -52.73 77.33
N GLU RC 528 -15.63 -52.72 77.49
CA GLU RC 528 -16.27 -53.61 78.44
C GLU RC 528 -16.03 -55.08 78.10
N SER RC 529 -15.91 -55.41 76.81
CA SER RC 529 -15.54 -56.78 76.45
C SER RC 529 -14.06 -57.05 76.72
N VAL RC 530 -13.20 -56.15 76.25
CA VAL RC 530 -11.76 -56.26 76.47
C VAL RC 530 -11.45 -56.52 77.94
N ASN RC 531 -12.11 -55.79 78.84
CA ASN RC 531 -11.86 -56.01 80.26
C ASN RC 531 -12.18 -57.44 80.70
N ASN RC 532 -13.17 -58.08 80.09
CA ASN RC 532 -13.42 -59.49 80.38
C ASN RC 532 -12.29 -60.36 79.85
N ILE RC 533 -11.98 -60.21 78.57
CA ILE RC 533 -10.91 -60.99 77.95
C ILE RC 533 -9.62 -60.92 78.76
N LEU RC 534 -9.17 -59.71 79.07
CA LEU RC 534 -7.92 -59.55 79.81
C LEU RC 534 -7.91 -60.30 81.14
N LYS RC 535 -8.98 -60.17 81.92
CA LYS RC 535 -9.04 -60.87 83.20
C LYS RC 535 -9.12 -62.38 83.01
N GLN RC 536 -10.05 -62.85 82.20
CA GLN RC 536 -10.13 -64.29 81.93
C GLN RC 536 -8.79 -64.86 81.49
N SER RC 537 -8.06 -64.13 80.64
CA SER RC 537 -6.75 -64.60 80.21
C SER RC 537 -5.66 -64.41 81.25
N GLY RC 538 -5.91 -63.66 82.32
CA GLY RC 538 -4.85 -63.34 83.25
C GLY RC 538 -3.82 -62.38 82.71
N ALA RC 539 -3.98 -61.91 81.48
CA ALA RC 539 -3.08 -60.90 80.94
C ALA RC 539 -3.19 -59.62 81.74
N TRP RC 540 -4.37 -59.36 82.30
CA TRP RC 540 -4.62 -58.19 83.12
C TRP RC 540 -3.51 -57.90 84.09
N SER RC 541 -3.10 -56.62 84.11
CA SER RC 541 -2.04 -56.14 84.99
C SER RC 541 -2.34 -54.74 85.50
N GLY RC 542 -3.57 -54.25 85.36
CA GLY RC 542 -3.95 -52.94 85.84
C GLY RC 542 -3.90 -52.81 87.36
N ASP RC 543 -3.53 -53.90 88.05
CA ASP RC 543 -3.42 -53.90 89.49
C ASP RC 543 -2.18 -53.17 90.01
N ASP RC 544 -1.15 -52.99 89.18
CA ASP RC 544 0.08 -52.34 89.62
C ASP RC 544 -0.13 -50.90 90.05
N LYS RC 545 -0.01 -50.66 91.35
CA LYS RC 545 -0.08 -49.31 91.89
C LYS RC 545 0.75 -48.32 91.09
N LEU RC 546 1.84 -48.78 90.48
CA LEU RC 546 2.69 -47.88 89.71
C LEU RC 546 2.08 -47.49 88.37
N GLN RC 547 1.51 -48.44 87.64
CA GLN RC 547 0.93 -48.10 86.34
C GLN RC 547 -0.42 -47.38 86.44
N LYS RC 548 -1.24 -47.69 87.43
CA LYS RC 548 -2.52 -46.99 87.57
C LYS RC 548 -2.38 -45.48 87.48
N TRP RC 549 -1.30 -44.94 88.05
CA TRP RC 549 -1.07 -43.50 88.04
C TRP RC 549 -1.26 -42.86 86.66
N VAL RC 550 -0.92 -43.58 85.59
CA VAL RC 550 -1.12 -43.09 84.25
C VAL RC 550 -2.26 -43.82 83.53
N ARG RC 551 -2.45 -45.10 83.78
CA ARG RC 551 -3.55 -45.80 83.13
C ARG RC 551 -4.87 -45.10 83.39
N VAL RC 552 -5.00 -44.44 84.53
CA VAL RC 552 -6.20 -43.67 84.85
C VAL RC 552 -6.56 -42.70 83.73
N TYR RC 553 -5.57 -42.08 83.09
CA TYR RC 553 -5.90 -41.12 82.05
C TYR RC 553 -6.42 -41.79 80.80
N LEU RC 554 -5.98 -43.00 80.51
CA LEU RC 554 -6.37 -43.68 79.30
C LEU RC 554 -7.64 -44.51 79.48
N ASP RC 555 -7.76 -45.20 80.62
CA ASP RC 555 -8.81 -46.20 80.74
C ASP RC 555 -10.19 -45.58 80.66
N ARG RC 556 -10.36 -44.38 81.19
CA ARG RC 556 -11.65 -43.70 81.13
C ARG RC 556 -11.42 -42.22 81.31
N GLY RC 557 -12.48 -41.45 81.11
CA GLY RC 557 -12.39 -40.00 81.15
C GLY RC 557 -11.70 -39.51 82.41
N GLU SC 26 -36.52 80.87 39.69
CA GLU SC 26 -37.23 81.57 38.63
C GLU SC 26 -37.82 80.54 37.68
N LYS SC 27 -36.95 79.78 36.99
CA LYS SC 27 -37.43 78.96 35.89
C LYS SC 27 -38.30 77.80 36.35
N ILE SC 28 -38.10 77.31 37.58
CA ILE SC 28 -38.97 76.26 38.10
C ILE SC 28 -39.73 76.73 39.33
N PRO SC 29 -40.86 77.40 39.17
CA PRO SC 29 -41.62 77.96 40.28
C PRO SC 29 -42.54 76.97 41.00
N VAL SC 30 -42.00 75.82 41.37
CA VAL SC 30 -42.79 74.75 41.98
C VAL SC 30 -42.14 74.36 43.30
N THR SC 31 -42.97 74.27 44.34
CA THR SC 31 -42.54 73.88 45.68
C THR SC 31 -42.43 72.37 45.80
N GLY SC 32 -41.89 71.93 46.95
CA GLY SC 32 -41.73 70.53 47.26
C GLY SC 32 -40.72 69.79 46.40
N SER SC 33 -40.99 68.51 46.16
CA SER SC 33 -40.07 67.66 45.40
C SER SC 33 -40.82 66.58 44.63
N GLY SC 34 -40.29 66.24 43.47
CA GLY SC 34 -40.85 65.17 42.67
C GLY SC 34 -40.35 65.24 41.24
N PHE SC 35 -40.88 64.36 40.41
CA PHE SC 35 -40.59 64.33 38.98
C PHE SC 35 -41.89 64.41 38.22
N VAL SC 36 -41.99 65.35 37.28
CA VAL SC 36 -43.18 65.49 36.45
C VAL SC 36 -42.88 64.90 35.08
N ALA SC 37 -43.38 63.72 34.82
CA ALA SC 37 -43.25 63.09 33.52
C ALA SC 37 -44.33 63.62 32.58
N LYS SC 38 -43.96 63.85 31.32
CA LYS SC 38 -44.95 64.02 30.27
C LYS SC 38 -44.55 63.20 29.05
N ASP SC 39 -45.21 62.07 28.88
CA ASP SC 39 -45.02 61.19 27.73
C ASP SC 39 -43.57 60.75 27.64
N ASP SC 40 -42.97 60.48 28.79
CA ASP SC 40 -41.61 60.00 28.85
C ASP SC 40 -41.55 58.53 28.50
N SER SC 41 -40.65 58.17 27.59
CA SER SC 41 -40.31 56.77 27.47
C SER SC 41 -39.72 56.26 28.77
N LEU SC 42 -40.05 55.01 29.08
CA LEU SC 42 -39.55 54.40 30.30
C LEU SC 42 -38.05 54.56 30.47
N ARG SC 43 -37.28 54.55 29.39
CA ARG SC 43 -35.84 54.73 29.56
C ARG SC 43 -35.48 56.09 30.15
N THR SC 44 -36.24 57.11 29.84
CA THR SC 44 -35.96 58.42 30.42
C THR SC 44 -36.62 58.59 31.77
N PHE SC 45 -37.60 57.76 32.08
CA PHE SC 45 -38.20 57.82 33.41
C PHE SC 45 -37.31 57.14 34.44
N PHE SC 46 -36.93 55.89 34.17
CA PHE SC 46 -36.03 55.21 35.08
C PHE SC 46 -34.63 55.83 35.11
N ASP SC 47 -34.20 56.54 34.08
CA ASP SC 47 -32.98 57.31 34.25
C ASP SC 47 -33.14 58.35 35.36
N ALA SC 48 -34.29 58.99 35.44
CA ALA SC 48 -34.50 59.97 36.50
C ALA SC 48 -34.52 59.29 37.85
N MET SC 49 -35.06 58.07 37.91
CA MET SC 49 -35.12 57.32 39.16
C MET SC 49 -33.75 56.82 39.64
N ALA SC 50 -32.77 56.82 38.74
CA ALA SC 50 -31.47 56.22 39.06
C ALA SC 50 -30.72 56.94 40.18
N LEU SC 51 -30.90 58.24 40.40
CA LEU SC 51 -30.15 58.87 41.48
C LEU SC 51 -30.63 58.47 42.85
N GLN SC 52 -31.92 58.19 43.00
CA GLN SC 52 -32.45 57.69 44.27
C GLN SC 52 -32.13 56.22 44.47
N LEU SC 53 -32.15 55.45 43.38
CA LEU SC 53 -31.74 54.06 43.47
C LEU SC 53 -30.24 53.90 43.70
N LYS SC 54 -29.43 54.84 43.23
CA LYS SC 54 -27.97 54.81 43.33
C LYS SC 54 -27.34 53.75 42.43
N GLU SC 55 -28.03 53.32 41.39
CA GLU SC 55 -27.55 52.28 40.51
C GLU SC 55 -27.86 52.68 39.06
N PRO SC 56 -26.94 52.44 38.13
CA PRO SC 56 -27.27 52.63 36.72
C PRO SC 56 -28.35 51.65 36.29
N VAL SC 57 -29.26 52.13 35.43
CA VAL SC 57 -30.39 51.31 34.99
C VAL SC 57 -30.28 51.09 33.49
N ILE SC 58 -30.48 49.83 33.09
CA ILE SC 58 -30.44 49.36 31.72
C ILE SC 58 -31.83 48.89 31.33
N VAL SC 59 -32.43 49.50 30.31
CA VAL SC 59 -33.79 49.16 29.92
C VAL SC 59 -33.79 48.53 28.54
N SER SC 60 -34.35 47.34 28.47
CA SER SC 60 -34.58 46.58 27.24
C SER SC 60 -35.23 47.39 26.13
N LYS SC 61 -34.76 47.14 24.92
CA LYS SC 61 -35.31 47.74 23.72
C LYS SC 61 -36.82 47.61 23.62
N MET SC 62 -37.38 46.48 24.05
CA MET SC 62 -38.82 46.29 23.98
C MET SC 62 -39.56 47.12 25.01
N ALA SC 63 -39.10 47.09 26.25
CA ALA SC 63 -39.75 47.86 27.30
C ALA SC 63 -39.64 49.36 27.08
N ALA SC 64 -38.60 49.84 26.42
CA ALA SC 64 -38.50 51.26 26.15
C ALA SC 64 -39.57 51.82 25.22
N ARG SC 65 -40.40 51.00 24.60
CA ARG SC 65 -41.51 51.52 23.80
C ARG SC 65 -42.68 52.06 24.61
N LYS SC 66 -42.86 51.64 25.86
CA LYS SC 66 -43.96 52.09 26.69
C LYS SC 66 -43.78 53.53 27.15
N LYS SC 67 -44.89 54.21 27.45
CA LYS SC 67 -44.89 55.63 27.80
C LYS SC 67 -45.58 55.79 29.14
N ILE SC 68 -45.33 56.92 29.81
CA ILE SC 68 -46.00 57.23 31.07
C ILE SC 68 -46.15 58.73 31.25
N THR SC 69 -47.14 59.14 32.06
CA THR SC 69 -47.34 60.54 32.43
C THR SC 69 -47.78 60.63 33.89
N GLY SC 70 -47.59 61.80 34.49
CA GLY SC 70 -48.04 62.03 35.85
C GLY SC 70 -46.97 62.68 36.70
N ASN SC 71 -47.32 62.85 37.97
CA ASN SC 71 -46.44 63.46 38.98
C ASN SC 71 -46.05 62.42 40.02
N PHE SC 72 -44.77 62.12 40.13
CA PHE SC 72 -44.30 60.97 40.89
C PHE SC 72 -43.35 61.37 42.00
N GLU SC 73 -43.39 60.61 43.09
CA GLU SC 73 -42.53 60.78 44.25
C GLU SC 73 -41.63 59.56 44.45
N PHE SC 74 -40.31 59.75 44.34
CA PHE SC 74 -39.37 58.63 44.43
C PHE SC 74 -38.89 58.41 45.86
N HIS SC 75 -39.82 58.37 46.80
CA HIS SC 75 -39.45 58.33 48.21
C HIS SC 75 -38.77 57.03 48.61
N ASP SC 76 -39.28 55.87 48.19
CA ASP SC 76 -38.61 54.59 48.40
C ASP SC 76 -38.56 53.82 47.08
N PRO SC 77 -37.51 54.01 46.30
CA PRO SC 77 -37.53 53.49 44.94
C PRO SC 77 -37.71 51.99 44.84
N ASN SC 78 -37.17 51.20 45.76
CA ASN SC 78 -37.33 49.75 45.65
C ASN SC 78 -38.80 49.36 45.71
N ALA SC 79 -39.56 50.06 46.54
CA ALA SC 79 -40.98 49.79 46.68
C ALA SC 79 -41.74 50.33 45.49
N LEU SC 80 -41.44 51.55 45.06
CA LEU SC 80 -42.16 52.07 43.90
C LEU SC 80 -41.91 51.18 42.69
N LEU SC 81 -40.66 50.78 42.49
CA LEU SC 81 -40.32 49.89 41.39
C LEU SC 81 -41.11 48.59 41.46
N GLU SC 82 -41.17 47.96 42.62
CA GLU SC 82 -42.01 46.78 42.77
C GLU SC 82 -43.48 47.05 42.43
N LYS SC 83 -43.99 48.21 42.85
CA LYS SC 83 -45.36 48.57 42.52
C LYS SC 83 -45.58 48.61 41.01
N LEU SC 84 -44.82 49.46 40.34
CA LEU SC 84 -45.04 49.66 38.91
C LEU SC 84 -44.70 48.43 38.09
N SER SC 85 -43.78 47.58 38.56
CA SER SC 85 -43.49 46.35 37.83
C SER SC 85 -44.74 45.59 37.46
N LEU SC 86 -45.66 45.42 38.41
CA LEU SC 86 -46.85 44.61 38.15
C LEU SC 86 -47.90 45.39 37.36
N GLN SC 87 -48.06 46.66 37.66
CA GLN SC 87 -49.02 47.48 36.92
C GLN SC 87 -48.67 47.55 35.44
N LEU SC 88 -47.40 47.71 35.11
CA LEU SC 88 -46.99 47.88 33.72
C LEU SC 88 -46.59 46.59 33.05
N GLY SC 89 -46.35 45.52 33.80
CA GLY SC 89 -45.98 44.24 33.21
C GLY SC 89 -44.51 44.04 32.96
N LEU SC 90 -43.66 44.65 33.77
CA LEU SC 90 -42.22 44.55 33.65
C LEU SC 90 -41.67 43.47 34.58
N ILE SC 91 -40.43 43.10 34.34
CA ILE SC 91 -39.67 42.20 35.20
C ILE SC 91 -38.31 42.84 35.36
N TRP SC 92 -37.67 42.63 36.51
CA TRP SC 92 -36.41 43.28 36.78
C TRP SC 92 -35.49 42.42 37.63
N TYR SC 93 -34.20 42.74 37.56
CA TYR SC 93 -33.19 42.00 38.28
C TYR SC 93 -32.09 42.96 38.72
N PHE SC 94 -31.35 42.55 39.75
CA PHE SC 94 -30.28 43.36 40.33
C PHE SC 94 -29.11 42.47 40.74
N ASP SC 95 -28.03 42.56 39.96
CA ASP SC 95 -26.81 41.79 40.11
C ASP SC 95 -25.83 42.35 41.14
N GLY SC 96 -26.10 43.53 41.68
CA GLY SC 96 -25.21 44.22 42.61
C GLY SC 96 -24.53 45.44 42.04
N GLN SC 97 -24.50 45.61 40.74
CA GLN SC 97 -23.86 46.74 40.10
C GLN SC 97 -24.83 47.58 39.27
N ALA SC 98 -25.87 46.97 38.71
CA ALA SC 98 -26.80 47.71 37.89
C ALA SC 98 -28.15 47.02 37.92
N ILE SC 99 -29.19 47.76 37.58
CA ILE SC 99 -30.55 47.25 37.52
C ILE SC 99 -30.99 47.05 36.08
N TYR SC 100 -31.34 45.82 35.72
CA TYR SC 100 -31.79 45.46 34.37
C TYR SC 100 -33.29 45.26 34.38
N ILE SC 101 -33.97 45.88 33.42
CA ILE SC 101 -35.43 45.86 33.32
C ILE SC 101 -35.86 45.40 31.95
N TYR SC 102 -36.80 44.46 31.91
CA TYR SC 102 -37.31 43.82 30.71
C TYR SC 102 -38.83 43.79 30.69
N ASP SC 103 -39.34 43.55 29.49
CA ASP SC 103 -40.75 43.25 29.29
C ASP SC 103 -41.03 41.80 29.68
N ALA SC 104 -42.10 41.58 30.42
CA ALA SC 104 -42.56 40.26 30.81
C ALA SC 104 -42.53 39.17 29.74
N SER SC 105 -42.85 39.50 28.50
CA SER SC 105 -42.84 38.52 27.43
C SER SC 105 -41.47 37.89 27.16
N GLU SC 106 -40.40 38.36 27.78
CA GLU SC 106 -39.06 37.83 27.54
C GLU SC 106 -38.59 36.73 28.50
N MET SC 107 -39.32 36.41 29.57
CA MET SC 107 -38.92 35.33 30.46
C MET SC 107 -38.36 34.11 29.75
N ARG SC 108 -37.13 33.73 30.09
CA ARG SC 108 -36.50 32.51 29.60
C ARG SC 108 -36.48 31.44 30.69
N ASN SC 109 -36.45 30.18 30.27
CA ASN SC 109 -36.43 29.08 31.22
C ASN SC 109 -35.63 27.92 30.65
N ALA SC 110 -35.01 27.14 31.53
CA ALA SC 110 -34.17 26.02 31.12
C ALA SC 110 -34.10 24.93 32.18
N VAL SC 111 -33.82 23.72 31.71
CA VAL SC 111 -33.53 22.54 32.53
C VAL SC 111 -32.03 22.27 32.50
N VAL SC 112 -31.43 22.20 33.69
CA VAL SC 112 -29.99 22.02 33.88
C VAL SC 112 -29.75 20.77 34.71
N SER SC 113 -28.76 19.97 34.32
CA SER SC 113 -28.37 18.84 35.15
C SER SC 113 -26.87 18.70 35.29
N LEU SC 114 -26.46 18.41 36.53
CA LEU SC 114 -25.08 18.36 36.98
C LEU SC 114 -24.72 16.96 37.47
N ARG SC 115 -23.52 16.51 37.09
CA ARG SC 115 -23.04 15.19 37.48
C ARG SC 115 -22.43 15.19 38.88
N ASN SC 116 -21.53 16.13 39.13
CA ASN SC 116 -20.71 16.17 40.34
C ASN SC 116 -21.16 17.13 41.42
N VAL SC 117 -22.24 17.89 41.24
CA VAL SC 117 -22.56 18.99 42.16
C VAL SC 117 -24.05 19.02 42.44
N SER SC 118 -24.43 18.78 43.69
CA SER SC 118 -25.81 18.85 44.13
C SER SC 118 -26.36 20.28 44.22
N LEU SC 119 -27.68 20.35 44.06
CA LEU SC 119 -28.43 21.60 44.14
C LEU SC 119 -28.11 22.36 45.41
N ASN SC 120 -28.11 21.67 46.54
CA ASN SC 120 -27.77 22.37 47.78
C ASN SC 120 -26.35 22.92 47.76
N GLU SC 121 -25.45 22.27 47.03
CA GLU SC 121 -24.10 22.80 46.90
C GLU SC 121 -24.09 24.06 46.06
N PHE SC 122 -24.94 24.13 45.05
CA PHE SC 122 -24.97 25.28 44.16
C PHE SC 122 -25.68 26.47 44.79
N ASN SC 123 -26.77 26.24 45.51
CA ASN SC 123 -27.44 27.36 46.17
C ASN SC 123 -26.50 28.09 47.08
N ASN SC 124 -25.67 27.37 47.84
CA ASN SC 124 -24.72 28.04 48.71
C ASN SC 124 -23.76 28.90 47.92
N PHE SC 125 -23.36 28.44 46.74
CA PHE SC 125 -22.50 29.24 45.87
C PHE SC 125 -23.17 30.57 45.56
N LEU SC 126 -24.42 30.52 45.12
CA LEU SC 126 -25.12 31.76 44.79
C LEU SC 126 -25.29 32.65 46.01
N LYS SC 127 -25.54 32.07 47.17
CA LYS SC 127 -25.67 32.86 48.38
C LYS SC 127 -24.37 33.57 48.72
N ARG SC 128 -23.26 32.83 48.72
CA ARG SC 128 -21.98 33.45 49.01
C ARG SC 128 -21.66 34.54 48.02
N SER SC 129 -21.99 34.34 46.75
CA SER SC 129 -21.77 35.36 45.73
C SER SC 129 -22.67 36.57 45.87
N GLY SC 130 -23.81 36.46 46.53
CA GLY SC 130 -24.70 37.60 46.55
C GLY SC 130 -25.48 37.77 45.27
N LEU SC 131 -25.65 36.68 44.54
CA LEU SC 131 -26.35 36.62 43.26
C LEU SC 131 -27.74 36.03 43.41
N TYR SC 132 -27.97 35.28 44.48
CA TYR SC 132 -29.24 34.64 44.73
C TYR SC 132 -30.38 35.66 44.78
N ASN SC 133 -31.56 35.22 44.35
CA ASN SC 133 -32.75 36.05 44.27
C ASN SC 133 -33.97 35.19 44.59
N LYS SC 134 -34.60 35.48 45.73
CA LYS SC 134 -35.74 34.70 46.21
C LYS SC 134 -37.00 34.83 45.36
N ASN SC 135 -37.05 35.69 44.36
CA ASN SC 135 -38.22 35.68 43.49
C ASN SC 135 -38.15 34.62 42.40
N TYR SC 136 -36.97 34.13 42.07
CA TYR SC 136 -36.80 33.15 41.01
C TYR SC 136 -35.94 31.96 41.45
N PRO SC 137 -36.23 31.38 42.60
CA PRO SC 137 -35.36 30.32 43.12
C PRO SC 137 -35.39 29.07 42.27
N LEU SC 138 -34.36 28.25 42.43
CA LEU SC 138 -34.30 26.97 41.74
C LEU SC 138 -35.29 25.98 42.31
N ARG SC 139 -35.88 25.20 41.41
CA ARG SC 139 -36.91 24.21 41.72
C ARG SC 139 -36.44 22.79 41.44
N GLY SC 140 -36.35 21.96 42.48
CA GLY SC 140 -35.92 20.59 42.27
C GLY SC 140 -35.76 19.84 43.58
N ASP SC 141 -35.04 18.73 43.51
CA ASP SC 141 -34.69 17.92 44.67
C ASP SC 141 -33.30 18.24 45.19
N ASN SC 142 -33.23 18.76 46.41
CA ASN SC 142 -31.95 19.08 47.01
C ASN SC 142 -30.97 17.92 46.95
N ARG SC 143 -31.47 16.69 47.01
CA ARG SC 143 -30.56 15.55 46.93
C ARG SC 143 -29.99 15.36 45.54
N LYS SC 144 -30.86 15.33 44.53
CA LYS SC 144 -30.43 15.09 43.16
C LYS SC 144 -29.80 16.33 42.56
N GLY SC 145 -29.22 16.14 41.37
CA GLY SC 145 -28.60 17.18 40.58
C GLY SC 145 -29.30 17.62 39.30
N THR SC 146 -30.62 17.78 39.34
CA THR SC 146 -31.36 18.18 38.15
C THR SC 146 -32.39 19.21 38.57
N PHE SC 147 -32.42 20.34 37.87
CA PHE SC 147 -33.31 21.42 38.28
C PHE SC 147 -33.77 22.26 37.09
N TYR SC 148 -34.89 22.95 37.31
CA TYR SC 148 -35.52 23.89 36.40
C TYR SC 148 -35.44 25.31 36.92
N VAL SC 149 -35.07 26.25 36.03
CA VAL SC 149 -34.96 27.66 36.41
C VAL SC 149 -35.58 28.54 35.33
N SER SC 150 -36.23 29.63 35.75
CA SER SC 150 -36.82 30.58 34.82
C SER SC 150 -36.73 32.00 35.38
N GLY SC 151 -36.57 32.97 34.48
CA GLY SC 151 -36.45 34.35 34.87
C GLY SC 151 -35.93 35.26 33.77
N PRO SC 152 -35.53 36.48 34.13
CA PRO SC 152 -34.93 37.37 33.15
C PRO SC 152 -33.72 36.75 32.47
N PRO SC 153 -33.50 37.08 31.20
CA PRO SC 153 -32.36 36.55 30.43
C PRO SC 153 -30.99 36.55 31.10
N VAL SC 154 -30.56 37.68 31.63
CA VAL SC 154 -29.24 37.75 32.26
C VAL SC 154 -29.12 36.71 33.36
N TYR SC 155 -30.09 36.70 34.27
CA TYR SC 155 -30.10 35.74 35.35
C TYR SC 155 -30.02 34.31 34.84
N VAL SC 156 -30.92 33.95 33.93
CA VAL SC 156 -30.93 32.59 33.39
C VAL SC 156 -29.58 32.21 32.78
N ASP SC 157 -29.06 33.01 31.87
CA ASP SC 157 -27.77 32.68 31.25
C ASP SC 157 -26.64 32.58 32.26
N MET SC 158 -26.58 33.48 33.23
CA MET SC 158 -25.55 33.38 34.25
C MET SC 158 -25.64 32.05 34.98
N VAL SC 159 -26.83 31.70 35.44
CA VAL SC 159 -27.02 30.43 36.12
C VAL SC 159 -26.56 29.26 35.27
N VAL SC 160 -27.12 29.11 34.08
CA VAL SC 160 -26.77 27.97 33.23
C VAL SC 160 -25.27 27.84 33.00
N ASN SC 161 -24.60 28.95 32.73
CA ASN SC 161 -23.16 28.86 32.44
C ASN SC 161 -22.34 28.58 33.70
N ALA SC 162 -22.51 29.38 34.73
CA ALA SC 162 -21.78 29.11 35.96
C ALA SC 162 -21.95 27.67 36.41
N ALA SC 163 -23.17 27.15 36.40
CA ALA SC 163 -23.38 25.76 36.77
C ALA SC 163 -22.58 24.79 35.90
N THR SC 164 -22.71 24.90 34.58
CA THR SC 164 -21.93 24.00 33.72
C THR SC 164 -20.43 24.06 34.00
N MET SC 165 -19.89 25.25 34.18
CA MET SC 165 -18.46 25.35 34.45
C MET SC 165 -18.07 24.76 35.80
N MET SC 166 -18.81 25.08 36.86
CA MET SC 166 -18.51 24.47 38.15
C MET SC 166 -18.46 22.96 38.05
N ASP SC 167 -19.50 22.36 37.47
CA ASP SC 167 -19.50 20.92 37.28
C ASP SC 167 -18.25 20.44 36.55
N LYS SC 168 -17.91 21.08 35.44
CA LYS SC 168 -16.73 20.67 34.69
C LYS SC 168 -15.44 20.76 35.50
N GLN SC 169 -15.29 21.80 36.31
CA GLN SC 169 -14.12 21.89 37.19
C GLN SC 169 -14.11 20.80 38.24
N ASN SC 170 -15.24 20.53 38.88
CA ASN SC 170 -15.22 19.64 40.04
C ASN SC 170 -15.03 18.18 39.67
N ASP SC 171 -14.89 17.82 38.41
CA ASP SC 171 -14.60 16.44 38.10
C ASP SC 171 -13.25 16.04 38.69
N GLY SC 172 -13.08 14.73 38.92
CA GLY SC 172 -11.86 14.19 39.46
C GLY SC 172 -11.84 14.03 40.97
N ILE SC 173 -12.98 14.26 41.63
CA ILE SC 173 -12.98 14.38 43.08
C ILE SC 173 -12.38 13.16 43.77
N GLU SC 174 -11.75 13.41 44.92
CA GLU SC 174 -11.04 12.42 45.73
C GLU SC 174 -11.97 11.38 46.34
N LEU SC 175 -13.27 11.46 46.07
CA LEU SC 175 -14.30 10.67 46.73
C LEU SC 175 -13.93 9.21 46.95
N GLY SC 176 -13.15 8.62 46.05
CA GLY SC 176 -12.61 7.30 46.30
C GLY SC 176 -11.49 7.22 47.32
N ARG SC 177 -11.65 7.87 48.47
CA ARG SC 177 -10.66 7.79 49.53
C ARG SC 177 -10.48 6.36 50.00
N GLN SC 178 -9.30 5.79 49.79
CA GLN SC 178 -9.01 4.42 50.17
C GLN SC 178 -8.62 4.35 51.65
N LYS SC 179 -9.45 3.71 52.45
CA LYS SC 179 -9.15 3.42 53.83
C LYS SC 179 -8.24 2.20 53.92
N ILE SC 180 -7.63 1.97 55.09
CA ILE SC 180 -6.91 0.74 55.38
C ILE SC 180 -7.36 0.13 56.70
N GLY SC 181 -7.54 -1.20 56.69
CA GLY SC 181 -7.92 -1.94 57.89
C GLY SC 181 -6.94 -3.01 58.30
N VAL SC 182 -6.57 -3.04 59.58
CA VAL SC 182 -5.77 -4.11 60.16
C VAL SC 182 -6.67 -4.98 61.03
N MET SC 183 -6.67 -6.30 60.78
CA MET SC 183 -7.55 -7.23 61.47
C MET SC 183 -6.77 -8.40 62.03
N ARG SC 184 -6.80 -8.58 63.36
CA ARG SC 184 -6.20 -9.76 63.96
C ARG SC 184 -7.13 -10.97 63.91
N LEU SC 185 -6.52 -12.13 63.75
CA LEU SC 185 -7.20 -13.41 63.82
C LEU SC 185 -6.95 -14.04 65.19
N ASN SC 186 -8.04 -14.45 65.83
CA ASN SC 186 -8.06 -15.00 67.18
C ASN SC 186 -8.06 -16.52 67.23
N ASN SC 187 -8.54 -17.18 66.19
CA ASN SC 187 -8.80 -18.61 66.26
C ASN SC 187 -8.11 -19.42 65.17
N THR SC 188 -7.19 -18.84 64.41
CA THR SC 188 -6.60 -19.57 63.29
C THR SC 188 -5.28 -18.91 62.87
N PHE SC 189 -4.54 -19.63 62.03
CA PHE SC 189 -3.29 -19.17 61.45
C PHE SC 189 -3.54 -18.48 60.11
N VAL SC 190 -2.97 -17.29 59.95
CA VAL SC 190 -3.19 -16.51 58.73
C VAL SC 190 -2.72 -17.26 57.48
N GLY SC 191 -1.54 -17.86 57.52
CA GLY SC 191 -1.02 -18.54 56.34
C GLY SC 191 -1.70 -19.85 55.98
N ASP SC 192 -1.39 -20.30 54.76
CA ASP SC 192 -1.76 -21.60 54.24
C ASP SC 192 -1.07 -22.72 55.00
N ARG SC 193 -1.62 -23.92 54.90
CA ARG SC 193 -1.09 -25.05 55.64
C ARG SC 193 -0.81 -26.24 54.73
N THR SC 194 0.14 -27.08 55.15
CA THR SC 194 0.55 -28.24 54.35
C THR SC 194 0.98 -29.40 55.23
N TYR SC 195 0.58 -30.59 54.81
CA TYR SC 195 0.87 -31.86 55.47
C TYR SC 195 1.57 -32.76 54.47
N ASN SC 196 2.80 -33.16 54.80
CA ASN SC 196 3.79 -33.75 53.90
C ASN SC 196 3.73 -35.27 53.73
N LEU SC 197 2.72 -35.97 54.26
CA LEU SC 197 2.79 -37.43 54.24
C LEU SC 197 2.77 -38.04 52.82
N ARG SC 198 3.56 -39.11 52.68
CA ARG SC 198 3.62 -39.91 51.44
C ARG SC 198 2.27 -40.52 51.07
N ASP SC 199 1.47 -40.93 52.04
CA ASP SC 199 0.20 -41.52 51.67
C ASP SC 199 -0.67 -40.44 51.07
N GLN SC 200 -0.50 -39.21 51.54
CA GLN SC 200 -1.20 -38.09 50.96
C GLN SC 200 -0.58 -36.82 51.52
N LYS SC 201 -0.13 -35.96 50.62
CA LYS SC 201 0.40 -34.65 50.96
C LYS SC 201 -0.68 -33.65 50.56
N MET SC 202 -1.13 -32.86 51.52
CA MET SC 202 -2.26 -31.99 51.33
C MET SC 202 -1.90 -30.54 51.63
N VAL SC 203 -2.46 -29.64 50.82
CA VAL SC 203 -2.26 -28.21 50.92
C VAL SC 203 -3.63 -27.57 51.09
N ILE SC 204 -3.78 -26.75 52.13
CA ILE SC 204 -5.04 -26.10 52.44
C ILE SC 204 -4.84 -24.59 52.30
N PRO SC 205 -5.71 -23.91 51.55
CA PRO SC 205 -5.64 -22.45 51.43
C PRO SC 205 -6.05 -21.71 52.68
N GLY SC 206 -5.43 -20.56 52.87
CA GLY SC 206 -5.84 -19.61 53.88
C GLY SC 206 -6.93 -18.65 53.44
N ILE SC 207 -7.44 -17.93 54.44
CA ILE SC 207 -8.51 -16.96 54.24
C ILE SC 207 -8.19 -15.99 53.10
N ALA SC 208 -6.99 -15.42 53.13
CA ALA SC 208 -6.62 -14.47 52.08
C ALA SC 208 -6.72 -15.08 50.69
N THR SC 209 -6.15 -16.27 50.51
CA THR SC 209 -6.23 -16.92 49.20
C THR SC 209 -7.67 -17.15 48.77
N ALA SC 210 -8.50 -17.67 49.69
CA ALA SC 210 -9.89 -17.91 49.36
C ALA SC 210 -10.63 -16.64 48.94
N ILE SC 211 -10.55 -15.59 49.76
CA ILE SC 211 -11.22 -14.33 49.41
C ILE SC 211 -10.69 -13.76 48.10
N GLU SC 212 -9.38 -13.67 47.94
CA GLU SC 212 -8.83 -13.17 46.69
C GLU SC 212 -9.32 -13.96 45.48
N ARG SC 213 -9.59 -15.25 45.66
CA ARG SC 213 -10.07 -16.05 44.54
C ARG SC 213 -11.54 -15.74 44.28
N LEU SC 214 -12.34 -15.68 45.33
CA LEU SC 214 -13.75 -15.35 45.18
C LEU SC 214 -13.95 -14.00 44.51
N LEU SC 215 -13.29 -12.96 45.00
CA LEU SC 215 -13.44 -11.62 44.41
C LEU SC 215 -12.64 -11.38 43.14
N GLN SC 216 -11.81 -12.31 42.69
CA GLN SC 216 -10.94 -12.05 41.55
C GLN SC 216 -11.67 -11.51 40.32
N GLY SC 217 -11.35 -10.27 39.94
CA GLY SC 217 -11.86 -9.57 38.77
C GLY SC 217 -13.29 -9.09 38.76
N GLU SC 218 -13.99 -9.11 39.89
CA GLU SC 218 -15.35 -8.61 39.93
C GLU SC 218 -15.40 -7.14 39.50
N GLU SC 219 -16.46 -6.77 38.77
CA GLU SC 219 -16.66 -5.39 38.31
C GLU SC 219 -18.03 -4.85 38.70
N GLN SC 220 -18.55 -5.27 39.84
CA GLN SC 220 -19.87 -4.92 40.34
C GLN SC 220 -19.72 -4.61 41.82
N PRO SC 221 -20.58 -3.74 42.36
CA PRO SC 221 -20.50 -3.43 43.79
C PRO SC 221 -20.81 -4.60 44.71
N LEU SC 222 -20.01 -4.68 45.77
CA LEU SC 222 -20.19 -5.61 46.85
C LEU SC 222 -21.42 -5.24 47.68
N GLY SC 223 -22.22 -6.25 48.04
CA GLY SC 223 -23.33 -6.07 48.93
C GLY SC 223 -23.10 -6.66 50.30
N ASN SC 224 -24.19 -6.75 51.07
CA ASN SC 224 -24.11 -7.29 52.42
C ASN SC 224 -23.91 -8.81 52.46
N ILE SC 225 -23.15 -9.23 53.47
CA ILE SC 225 -22.88 -10.63 53.75
C ILE SC 225 -24.07 -11.28 54.43
N VAL SC 226 -24.32 -12.55 54.11
CA VAL SC 226 -25.38 -13.34 54.72
C VAL SC 226 -24.82 -14.71 55.02
N SER SC 227 -25.44 -15.40 55.98
CA SER SC 227 -25.02 -16.74 56.36
C SER SC 227 -26.17 -17.57 56.89
N LEU SC 254 -26.65 11.36 43.70
CA LEU SC 254 -26.13 11.83 44.98
C LEU SC 254 -24.84 11.12 45.34
N GLN SC 255 -23.92 11.89 45.91
CA GLN SC 255 -22.52 11.46 45.93
C GLN SC 255 -22.32 10.23 46.80
N GLU SC 256 -23.15 10.03 47.82
CA GLU SC 256 -23.09 8.76 48.53
C GLU SC 256 -23.43 7.60 47.61
N ALA SC 257 -24.38 7.80 46.71
CA ALA SC 257 -24.68 6.76 45.73
C ALA SC 257 -23.53 6.54 44.75
N LEU SC 258 -22.87 7.62 44.33
CA LEU SC 258 -21.67 7.47 43.51
C LEU SC 258 -20.54 6.75 44.25
N LYS SC 259 -20.40 7.05 45.55
CA LYS SC 259 -19.43 6.38 46.40
C LYS SC 259 -19.70 4.89 46.54
N GLN SC 260 -20.97 4.49 46.56
CA GLN SC 260 -21.30 3.07 46.64
C GLN SC 260 -20.79 2.25 45.45
N ASN SC 261 -20.53 2.88 44.32
CA ASN SC 261 -20.27 2.16 43.06
C ASN SC 261 -18.86 1.58 42.93
N ALA SC 262 -18.00 1.69 43.94
CA ALA SC 262 -16.69 1.04 43.88
C ALA SC 262 -16.83 -0.47 43.69
N ALA SC 263 -16.13 -0.98 42.67
CA ALA SC 263 -16.17 -2.40 42.34
C ALA SC 263 -15.41 -3.25 43.35
N ALA SC 264 -15.96 -4.43 43.61
CA ALA SC 264 -15.34 -5.40 44.50
C ALA SC 264 -13.90 -5.75 44.13
N GLY SC 265 -13.60 -5.86 42.84
CA GLY SC 265 -12.23 -6.17 42.43
C GLY SC 265 -11.18 -5.17 42.88
N ASN SC 266 -11.56 -4.00 43.39
CA ASN SC 266 -10.58 -3.08 43.95
C ASN SC 266 -10.05 -3.52 45.31
N ILE SC 267 -10.85 -4.25 46.09
CA ILE SC 267 -10.40 -4.73 47.39
C ILE SC 267 -9.13 -5.53 47.25
N LYS SC 268 -8.20 -5.29 48.19
CA LYS SC 268 -6.95 -6.04 48.26
C LYS SC 268 -6.71 -6.54 49.68
N ILE SC 269 -6.14 -7.74 49.78
CA ILE SC 269 -5.82 -8.36 51.07
C ILE SC 269 -4.39 -8.88 51.06
N VAL SC 270 -3.66 -8.65 52.15
CA VAL SC 270 -2.29 -9.13 52.34
C VAL SC 270 -2.18 -9.76 53.72
N ALA SC 271 -1.67 -11.00 53.77
CA ALA SC 271 -1.41 -11.66 55.03
C ALA SC 271 -0.14 -11.16 55.68
N TYR SC 272 -0.15 -11.03 57.00
CA TYR SC 272 0.98 -10.54 57.79
C TYR SC 272 1.19 -11.48 58.97
N PRO SC 273 1.78 -12.65 58.72
CA PRO SC 273 2.04 -13.61 59.81
C PRO SC 273 2.82 -13.05 60.97
N ASP SC 274 3.68 -12.05 60.77
CA ASP SC 274 4.47 -11.50 61.87
C ASP SC 274 3.62 -11.19 63.09
N THR SC 275 2.35 -10.85 62.90
CA THR SC 275 1.45 -10.54 63.99
C THR SC 275 0.14 -11.29 63.83
N ASN SC 276 0.12 -12.30 62.96
CA ASN SC 276 -1.06 -13.09 62.67
C ASN SC 276 -2.27 -12.23 62.31
N SER SC 277 -2.09 -11.33 61.34
CA SER SC 277 -3.16 -10.38 61.04
C SER SC 277 -3.24 -10.12 59.54
N LEU SC 278 -4.42 -9.73 59.09
CA LEU SC 278 -4.66 -9.37 57.71
C LEU SC 278 -4.64 -7.86 57.54
N LEU SC 279 -4.19 -7.43 56.37
CA LEU SC 279 -4.23 -6.04 55.92
C LEU SC 279 -5.21 -5.95 54.77
N VAL SC 280 -6.13 -5.01 54.83
CA VAL SC 280 -7.19 -4.89 53.83
C VAL SC 280 -7.23 -3.46 53.34
N LYS SC 281 -7.22 -3.28 52.02
CA LYS SC 281 -7.38 -1.97 51.41
C LYS SC 281 -8.66 -1.91 50.61
N GLY SC 282 -9.41 -0.84 50.82
CA GLY SC 282 -10.64 -0.56 50.12
C GLY SC 282 -11.35 0.62 50.76
N THR SC 283 -12.54 0.91 50.24
CA THR SC 283 -13.39 1.92 50.86
C THR SC 283 -13.80 1.49 52.26
N ALA SC 284 -14.30 2.46 53.02
CA ALA SC 284 -14.83 2.20 54.36
C ALA SC 284 -15.90 1.11 54.39
N GLU SC 285 -16.87 1.17 53.48
CA GLU SC 285 -17.88 0.13 53.43
C GLU SC 285 -17.31 -1.22 53.05
N GLN SC 286 -16.40 -1.24 52.09
CA GLN SC 286 -15.79 -2.49 51.69
C GLN SC 286 -15.00 -3.12 52.83
N VAL SC 287 -14.24 -2.32 53.56
CA VAL SC 287 -13.53 -2.83 54.72
C VAL SC 287 -14.51 -3.35 55.77
N HIS SC 288 -15.64 -2.67 55.95
CA HIS SC 288 -16.61 -3.13 56.94
C HIS SC 288 -17.21 -4.49 56.58
N PHE SC 289 -17.56 -4.69 55.30
CA PHE SC 289 -18.04 -6.00 54.89
C PHE SC 289 -16.97 -7.08 55.00
N ILE SC 290 -15.72 -6.76 54.69
CA ILE SC 290 -14.67 -7.76 54.88
C ILE SC 290 -14.50 -8.12 56.34
N GLU SC 291 -14.58 -7.13 57.23
CA GLU SC 291 -14.48 -7.42 58.65
C GLU SC 291 -15.60 -8.36 59.12
N MET SC 292 -16.82 -8.14 58.67
CA MET SC 292 -17.90 -9.05 59.04
C MET SC 292 -17.68 -10.45 58.51
N LEU SC 293 -17.12 -10.57 57.31
CA LEU SC 293 -16.84 -11.89 56.78
C LEU SC 293 -15.76 -12.63 57.56
N VAL SC 294 -14.66 -11.94 57.88
CA VAL SC 294 -13.61 -12.57 58.69
C VAL SC 294 -14.18 -13.05 60.02
N LYS SC 295 -14.96 -12.20 60.69
CA LYS SC 295 -15.55 -12.65 61.94
C LYS SC 295 -16.52 -13.80 61.75
N ALA SC 296 -17.09 -13.96 60.56
CA ALA SC 296 -17.93 -15.12 60.34
C ALA SC 296 -17.12 -16.39 60.13
N LEU SC 297 -15.94 -16.26 59.55
CA LEU SC 297 -15.15 -17.44 59.19
C LEU SC 297 -14.26 -18.01 60.30
N ASP SC 298 -13.62 -17.19 61.14
CA ASP SC 298 -12.71 -17.76 62.15
C ASP SC 298 -13.41 -18.25 63.42
N VAL SC 299 -14.20 -19.33 63.28
CA VAL SC 299 -14.71 -20.11 64.40
C VAL SC 299 -13.65 -21.03 65.02
N ALA SC 300 -13.73 -21.20 66.34
CA ALA SC 300 -12.81 -22.06 67.10
C ALA SC 300 -13.03 -23.55 66.82
N LYS SC 301 -11.94 -24.28 66.57
CA LYS SC 301 -11.99 -25.73 66.40
C LYS SC 301 -12.15 -26.52 67.72
N ARG SC 302 -12.91 -27.63 67.64
CA ARG SC 302 -13.05 -28.69 68.64
C ARG SC 302 -11.93 -29.76 68.60
N HIS SC 303 -11.75 -30.45 69.73
CA HIS SC 303 -10.81 -31.57 69.91
C HIS SC 303 -11.47 -32.95 69.93
N VAL SC 304 -10.92 -33.90 69.18
CA VAL SC 304 -11.39 -35.29 69.11
C VAL SC 304 -10.24 -36.25 69.44
N GLU SC 305 -10.43 -37.11 70.43
CA GLU SC 305 -9.51 -38.20 70.77
C GLU SC 305 -9.96 -39.53 70.16
N LEU SC 306 -9.04 -40.21 69.47
CA LEU SC 306 -9.28 -41.50 68.79
C LEU SC 306 -8.55 -42.64 69.48
N SER SC 307 -9.31 -43.58 70.06
CA SER SC 307 -8.83 -44.80 70.70
C SER SC 307 -9.14 -46.02 69.84
N LEU SC 308 -8.16 -46.91 69.64
CA LEU SC 308 -8.29 -48.10 68.80
C LEU SC 308 -7.81 -49.37 69.49
N TRP SC 309 -8.67 -50.39 69.54
CA TRP SC 309 -8.39 -51.70 70.15
C TRP SC 309 -8.02 -52.78 69.13
N ILE SC 310 -6.85 -53.37 69.28
CA ILE SC 310 -6.39 -54.52 68.48
C ILE SC 310 -6.26 -55.71 69.42
N VAL SC 311 -6.88 -56.83 69.04
CA VAL SC 311 -6.89 -58.05 69.87
C VAL SC 311 -6.58 -59.28 69.02
N ASP SC 312 -5.67 -60.12 69.50
CA ASP SC 312 -5.30 -61.37 68.83
C ASP SC 312 -5.28 -62.54 69.80
N LEU SC 313 -5.90 -63.64 69.39
CA LEU SC 313 -6.03 -64.87 70.16
C LEU SC 313 -5.63 -66.07 69.31
N ASN SC 314 -4.91 -67.02 69.90
CA ASN SC 314 -4.41 -68.15 69.11
C ASN SC 314 -4.30 -69.41 69.98
N LYS SC 315 -4.90 -70.51 69.50
CA LYS SC 315 -4.85 -71.83 70.12
C LYS SC 315 -4.30 -72.87 69.16
N SER SC 316 -3.53 -73.82 69.72
CA SER SC 316 -2.90 -74.87 68.91
C SER SC 316 -2.85 -76.20 69.66
N ASP SC 317 -3.23 -77.28 68.98
CA ASP SC 317 -3.12 -78.64 69.48
C ASP SC 317 -2.39 -79.50 68.46
N LEU SC 318 -1.40 -80.26 68.89
CA LEU SC 318 -0.58 -81.07 68.00
C LEU SC 318 -0.25 -82.41 68.63
N GLU SC 319 -0.26 -83.48 67.82
CA GLU SC 319 0.21 -84.77 68.29
C GLU SC 319 0.82 -85.58 67.14
N ARG SC 320 1.83 -86.38 67.47
CA ARG SC 320 2.43 -87.35 66.57
C ARG SC 320 2.67 -88.65 67.32
N LEU SC 321 2.39 -89.78 66.68
CA LEU SC 321 2.60 -91.08 67.31
C LEU SC 321 2.73 -92.20 66.29
N GLY SC 322 3.71 -93.09 66.51
CA GLY SC 322 3.84 -94.33 65.76
C GLY SC 322 5.25 -94.62 65.27
N THR SC 323 5.32 -95.47 64.23
CA THR SC 323 6.58 -96.13 63.86
C THR SC 323 6.76 -96.21 62.35
N SER SC 324 8.03 -96.32 61.94
CA SER SC 324 8.43 -96.64 60.56
C SER SC 324 9.48 -97.74 60.53
N TRP SC 325 9.52 -98.50 59.43
CA TRP SC 325 10.32 -99.71 59.32
C TRP SC 325 10.98 -99.79 57.95
N SER SC 326 12.18 -100.39 57.92
CA SER SC 326 12.89 -100.71 56.68
C SER SC 326 13.99 -101.72 57.00
N GLY SC 327 14.58 -102.30 55.97
CA GLY SC 327 15.79 -103.10 56.21
C GLY SC 327 16.20 -103.96 55.04
N SER SC 328 17.09 -104.92 55.32
CA SER SC 328 17.62 -105.77 54.26
C SER SC 328 17.97 -107.18 54.74
N ILE SC 329 18.02 -108.11 53.78
CA ILE SC 329 18.21 -109.53 54.04
C ILE SC 329 19.14 -110.10 52.96
N THR SC 330 19.92 -111.11 53.32
CA THR SC 330 20.75 -111.83 52.37
C THR SC 330 20.68 -113.33 52.66
N ILE SC 331 20.82 -114.14 51.62
CA ILE SC 331 20.76 -115.61 51.76
C ILE SC 331 22.01 -116.22 51.13
N GLY SC 332 23.04 -116.46 51.94
CA GLY SC 332 24.28 -117.05 51.44
C GLY SC 332 24.91 -116.37 50.24
N ASP SC 333 24.66 -115.06 50.09
CA ASP SC 333 25.10 -114.33 48.91
C ASP SC 333 24.47 -114.88 47.64
N LYS SC 334 23.33 -115.54 47.80
CA LYS SC 334 22.54 -116.04 46.68
C LYS SC 334 21.63 -114.92 46.23
N LEU SC 335 20.83 -114.41 47.16
CA LEU SC 335 19.82 -113.40 46.89
C LEU SC 335 19.88 -112.36 48.00
N GLY SC 336 19.63 -111.12 47.61
CA GLY SC 336 19.52 -110.03 48.56
C GLY SC 336 18.19 -109.33 48.38
N VAL SC 337 17.62 -108.91 49.50
CA VAL SC 337 16.28 -108.33 49.54
C VAL SC 337 16.34 -107.04 50.34
N SER SC 338 15.63 -106.02 49.87
CA SER SC 338 15.51 -104.77 50.59
C SER SC 338 14.04 -104.43 50.78
N LEU SC 339 13.71 -103.96 51.97
CA LEU SC 339 12.37 -103.52 52.32
C LEU SC 339 12.42 -102.01 52.50
N ASN SC 340 11.83 -101.30 51.52
CA ASN SC 340 11.76 -99.84 51.46
C ASN SC 340 13.12 -99.16 51.32
N GLN SC 341 14.19 -99.94 51.16
CA GLN SC 341 15.53 -99.41 51.04
C GLN SC 341 16.06 -99.66 49.64
N SER SC 342 16.82 -98.70 49.14
CA SER SC 342 17.38 -98.75 47.80
C SER SC 342 18.80 -99.30 47.76
N SER SC 343 19.35 -99.72 48.89
CA SER SC 343 20.60 -100.47 48.89
C SER SC 343 20.60 -101.42 50.07
N ILE SC 344 21.20 -102.60 49.87
CA ILE SC 344 21.22 -103.62 50.91
C ILE SC 344 22.36 -103.36 51.88
N SER SC 345 22.19 -103.88 53.11
CA SER SC 345 23.23 -103.82 54.12
C SER SC 345 24.24 -104.95 53.99
N THR SC 346 24.08 -105.82 53.00
CA THR SC 346 24.76 -107.12 52.92
C THR SC 346 24.56 -107.92 54.20
N LEU SC 347 23.34 -107.87 54.73
CA LEU SC 347 23.03 -108.47 56.02
C LEU SC 347 21.95 -109.53 55.90
N ASP SC 348 22.10 -110.55 56.74
CA ASP SC 348 21.43 -111.84 56.57
C ASP SC 348 20.05 -111.87 57.26
N GLY SC 349 19.26 -110.84 57.00
CA GLY SC 349 18.04 -110.64 57.78
C GLY SC 349 18.31 -110.01 59.12
N SER SC 350 19.21 -109.04 59.17
CA SER SC 350 19.67 -108.44 60.41
C SER SC 350 19.94 -106.96 60.20
N ARG SC 351 19.97 -106.23 61.30
CA ARG SC 351 19.88 -104.77 61.33
C ARG SC 351 18.79 -104.23 60.41
N PHE SC 352 17.55 -104.59 60.72
CA PHE SC 352 16.43 -103.73 60.39
C PHE SC 352 16.57 -102.43 61.19
N ILE SC 353 15.77 -101.43 60.83
CA ILE SC 353 15.73 -100.18 61.59
C ILE SC 353 14.29 -99.76 61.80
N ALA SC 354 13.97 -99.35 63.03
CA ALA SC 354 12.67 -98.84 63.41
C ALA SC 354 12.82 -97.42 63.95
N ALA SC 355 12.04 -96.49 63.42
CA ALA SC 355 12.04 -95.10 63.86
C ALA SC 355 10.73 -94.80 64.56
N VAL SC 356 10.81 -94.32 65.80
CA VAL SC 356 9.66 -94.16 66.68
C VAL SC 356 9.45 -92.68 66.94
N ASN SC 357 8.20 -92.23 66.86
CA ASN SC 357 7.84 -90.87 67.22
C ASN SC 357 6.69 -90.89 68.21
N ALA SC 358 6.80 -90.04 69.23
CA ALA SC 358 5.73 -89.89 70.21
C ALA SC 358 5.87 -88.50 70.82
N LEU SC 359 4.96 -87.59 70.48
CA LEU SC 359 4.99 -86.25 71.03
C LEU SC 359 3.61 -85.63 71.04
N GLU SC 360 3.33 -84.83 72.07
CA GLU SC 360 2.10 -84.06 72.19
C GLU SC 360 2.41 -82.65 72.62
N GLU SC 361 1.69 -81.68 72.07
CA GLU SC 361 1.87 -80.28 72.47
C GLU SC 361 0.56 -79.53 72.43
N LYS SC 362 0.41 -78.59 73.36
CA LYS SC 362 -0.65 -77.58 73.32
C LYS SC 362 -0.05 -76.20 73.53
N LYS SC 363 -0.66 -75.20 72.90
CA LYS SC 363 -0.16 -73.83 73.03
C LYS SC 363 -1.32 -72.86 72.97
N GLN SC 364 -1.17 -71.73 73.69
CA GLN SC 364 -2.09 -70.61 73.56
C GLN SC 364 -1.35 -69.30 73.70
N ALA SC 365 -1.80 -68.28 72.94
CA ALA SC 365 -1.26 -66.93 73.05
C ALA SC 365 -2.34 -65.87 72.91
N THR SC 366 -2.22 -64.80 73.71
CA THR SC 366 -3.12 -63.65 73.68
C THR SC 366 -2.34 -62.34 73.69
N VAL SC 367 -2.67 -61.46 72.74
CA VAL SC 367 -2.05 -60.13 72.65
C VAL SC 367 -3.13 -59.07 72.51
N VAL SC 368 -2.95 -57.96 73.25
CA VAL SC 368 -3.88 -56.83 73.22
C VAL SC 368 -3.07 -55.55 73.07
N SER SC 369 -3.53 -54.63 72.22
CA SER SC 369 -2.84 -53.37 72.00
C SER SC 369 -3.83 -52.23 71.81
N ARG SC 370 -3.50 -51.05 72.35
CA ARG SC 370 -4.39 -49.92 72.23
C ARG SC 370 -3.66 -48.57 72.07
N PRO SC 371 -3.69 -47.98 70.88
CA PRO SC 371 -3.15 -46.63 70.68
C PRO SC 371 -4.16 -45.53 71.01
N VAL SC 372 -3.63 -44.32 71.18
CA VAL SC 372 -4.43 -43.13 71.47
C VAL SC 372 -3.87 -41.95 70.69
N LEU SC 373 -4.74 -41.15 70.07
CA LEU SC 373 -4.30 -39.99 69.29
C LEU SC 373 -5.26 -38.83 69.41
N LEU SC 374 -4.76 -37.65 69.79
CA LEU SC 374 -5.57 -36.44 69.86
C LEU SC 374 -5.43 -35.60 68.59
N THR SC 375 -6.55 -35.07 68.10
CA THR SC 375 -6.59 -34.32 66.85
C THR SC 375 -7.60 -33.19 66.98
N GLN SC 376 -7.44 -32.16 66.15
CA GLN SC 376 -8.45 -31.14 66.03
C GLN SC 376 -9.33 -31.38 64.81
N GLU SC 377 -10.60 -30.99 64.96
CA GLU SC 377 -11.60 -31.02 63.90
C GLU SC 377 -11.05 -30.53 62.58
N ASN SC 378 -11.23 -31.35 61.53
CA ASN SC 378 -10.83 -31.12 60.15
C ASN SC 378 -9.33 -31.17 59.92
N VAL SC 379 -8.51 -31.49 60.90
CA VAL SC 379 -7.05 -31.47 60.77
C VAL SC 379 -6.60 -32.92 60.67
N PRO SC 380 -5.94 -33.33 59.59
CA PRO SC 380 -5.43 -34.69 59.53
C PRO SC 380 -4.23 -34.87 60.44
N ALA SC 381 -4.09 -36.09 60.96
CA ALA SC 381 -3.02 -36.39 61.89
C ALA SC 381 -2.51 -37.81 61.64
N ILE SC 382 -1.27 -38.04 62.09
CA ILE SC 382 -0.59 -39.32 61.95
C ILE SC 382 0.02 -39.74 63.27
N PHE SC 383 -0.06 -41.03 63.56
CA PHE SC 383 0.63 -41.67 64.67
C PHE SC 383 1.40 -42.87 64.17
N ASP SC 384 2.60 -43.06 64.69
CA ASP SC 384 3.50 -44.10 64.22
C ASP SC 384 4.40 -44.60 65.34
N ASN SC 385 4.35 -45.91 65.61
CA ASN SC 385 5.20 -46.53 66.63
C ASN SC 385 5.78 -47.84 66.17
N ASN SC 386 7.01 -48.11 66.61
CA ASN SC 386 7.76 -49.30 66.23
C ASN SC 386 8.53 -49.78 67.45
N ARG SC 387 8.47 -51.08 67.74
CA ARG SC 387 9.05 -51.58 68.98
C ARG SC 387 9.47 -53.04 68.84
N THR SC 388 10.40 -53.45 69.71
CA THR SC 388 11.10 -54.72 69.56
C THR SC 388 11.15 -55.45 70.90
N PHE SC 389 11.16 -56.78 70.84
CA PHE SC 389 11.18 -57.61 72.04
C PHE SC 389 12.14 -58.78 71.86
N TYR SC 390 12.71 -59.23 72.98
CA TYR SC 390 13.82 -60.18 73.01
C TYR SC 390 13.48 -61.36 73.92
N THR SC 391 14.09 -62.50 73.61
CA THR SC 391 14.03 -63.69 74.46
C THR SC 391 15.42 -64.30 74.53
N LYS SC 392 15.89 -64.50 75.76
CA LYS SC 392 16.94 -65.46 76.07
C LYS SC 392 16.46 -66.88 75.85
N LEU SC 393 17.42 -67.79 75.68
CA LEU SC 393 17.14 -69.21 75.50
C LEU SC 393 17.91 -70.06 76.50
N ILE SC 394 17.34 -71.24 76.77
CA ILE SC 394 17.98 -72.24 77.62
C ILE SC 394 19.10 -72.93 76.84
N GLY SC 395 20.04 -73.49 77.59
CA GLY SC 395 21.35 -73.82 77.06
C GLY SC 395 22.10 -72.52 76.95
N GLU SC 396 21.97 -71.69 77.99
CA GLU SC 396 22.31 -70.28 78.08
C GLU SC 396 23.79 -70.00 78.02
N ARG SC 397 24.64 -71.00 77.87
CA ARG SC 397 26.08 -70.74 77.77
C ARG SC 397 26.37 -69.77 76.64
N ASN SC 398 25.81 -70.00 75.45
CA ASN SC 398 26.03 -69.05 74.36
C ASN SC 398 24.97 -69.30 73.28
N VAL SC 399 23.84 -68.61 73.41
CA VAL SC 399 22.73 -68.67 72.47
C VAL SC 399 22.21 -67.24 72.31
N ALA SC 400 22.48 -66.64 71.14
CA ALA SC 400 22.07 -65.27 70.89
C ALA SC 400 20.58 -65.06 71.17
N LEU SC 401 20.27 -63.84 71.57
CA LEU SC 401 18.91 -63.42 71.86
C LEU SC 401 18.04 -63.45 70.61
N GLU SC 402 16.92 -64.16 70.69
CA GLU SC 402 15.94 -64.12 69.61
C GLU SC 402 15.08 -62.88 69.78
N HIS SC 403 14.64 -62.30 68.67
CA HIS SC 403 13.87 -61.06 68.79
C HIS SC 403 12.83 -60.94 67.68
N VAL SC 404 11.83 -60.10 67.94
CA VAL SC 404 10.75 -59.81 67.00
C VAL SC 404 10.37 -58.34 67.11
N THR SC 405 9.95 -57.76 65.98
CA THR SC 405 9.56 -56.35 65.91
C THR SC 405 8.12 -56.14 65.47
N TYR SC 406 7.37 -55.38 66.26
CA TYR SC 406 5.98 -55.01 66.00
C TYR SC 406 5.92 -53.54 65.61
N GLY SC 407 5.05 -53.21 64.67
CA GLY SC 407 4.91 -51.82 64.24
C GLY SC 407 3.51 -51.47 63.82
N THR SC 408 3.14 -50.20 64.04
CA THR SC 408 1.77 -49.74 63.86
C THR SC 408 1.76 -48.29 63.38
N MET SC 409 0.91 -48.03 62.40
CA MET SC 409 0.74 -46.69 61.83
C MET SC 409 -0.73 -46.39 61.59
N ILE SC 410 -1.12 -45.15 61.90
CA ILE SC 410 -2.49 -44.69 61.74
C ILE SC 410 -2.50 -43.29 61.15
N ARG SC 411 -3.28 -43.08 60.10
CA ARG SC 411 -3.57 -41.76 59.55
C ARG SC 411 -5.07 -41.51 59.74
N VAL SC 412 -5.45 -40.30 60.14
CA VAL SC 412 -6.88 -40.03 60.36
C VAL SC 412 -7.26 -38.58 60.06
N LEU SC 413 -8.53 -38.41 59.68
CA LEU SC 413 -9.15 -37.11 59.41
C LEU SC 413 -10.57 -37.09 59.96
N PRO SC 414 -10.80 -36.41 61.09
CA PRO SC 414 -12.12 -36.33 61.73
C PRO SC 414 -13.04 -35.18 61.33
N ARG SC 415 -14.32 -35.53 61.12
CA ARG SC 415 -15.42 -34.64 60.78
C ARG SC 415 -16.55 -34.73 61.80
N PHE SC 416 -17.09 -33.58 62.22
CA PHE SC 416 -18.25 -33.52 63.11
C PHE SC 416 -19.54 -33.37 62.32
N SER SC 417 -20.46 -34.29 62.55
CA SER SC 417 -21.82 -34.25 62.05
C SER SC 417 -22.66 -33.23 62.84
N ALA SC 418 -23.77 -32.84 62.24
CA ALA SC 418 -24.77 -32.02 62.93
C ALA SC 418 -25.50 -32.80 64.03
N ASP SC 419 -25.68 -34.09 63.84
CA ASP SC 419 -26.36 -34.97 64.79
C ASP SC 419 -25.47 -35.40 65.94
N GLY SC 420 -24.29 -34.80 66.08
CA GLY SC 420 -23.27 -35.18 67.03
C GLY SC 420 -22.53 -36.46 66.73
N GLN SC 421 -22.64 -36.98 65.52
CA GLN SC 421 -21.87 -38.15 65.14
C GLN SC 421 -20.50 -37.70 64.65
N ILE SC 422 -19.51 -38.56 64.80
CA ILE SC 422 -18.17 -38.31 64.31
C ILE SC 422 -17.88 -39.25 63.16
N GLU SC 423 -17.34 -38.71 62.07
CA GLU SC 423 -17.01 -39.44 60.86
C GLU SC 423 -15.52 -39.29 60.60
N MET SC 424 -14.85 -40.40 60.29
CA MET SC 424 -13.41 -40.32 60.12
C MET SC 424 -12.95 -41.10 58.90
N SER SC 425 -12.01 -40.50 58.17
CA SER SC 425 -11.29 -41.23 57.14
C SER SC 425 -10.09 -41.91 57.77
N LEU SC 426 -9.98 -43.23 57.58
CA LEU SC 426 -8.95 -44.01 58.26
C LEU SC 426 -8.10 -44.83 57.31
N ASP SC 427 -6.85 -44.97 57.72
CA ASP SC 427 -5.84 -45.82 57.09
C ASP SC 427 -5.00 -46.38 58.22
N ILE SC 428 -5.03 -47.70 58.37
CA ILE SC 428 -4.39 -48.40 59.48
C ILE SC 428 -3.52 -49.51 58.94
N GLU SC 429 -2.34 -49.66 59.54
CA GLU SC 429 -1.39 -50.67 59.10
C GLU SC 429 -0.63 -51.16 60.32
N ASP SC 430 -0.85 -52.42 60.70
CA ASP SC 430 -0.20 -53.02 61.86
C ASP SC 430 0.31 -54.42 61.64
N GLY SC 431 1.51 -54.71 62.13
CA GLY SC 431 1.96 -56.09 62.09
C GLY SC 431 3.35 -56.33 62.62
N ASN SC 432 3.59 -57.63 62.86
CA ASN SC 432 4.91 -58.23 62.93
C ASN SC 432 5.58 -58.32 61.57
N ASP SC 433 6.83 -57.91 61.48
CA ASP SC 433 7.58 -58.04 60.23
C ASP SC 433 7.94 -59.48 59.95
N LYS SC 434 7.87 -59.85 58.67
CA LYS SC 434 8.20 -61.19 58.21
C LYS SC 434 9.64 -61.59 58.54
N THR SC 435 9.81 -62.81 59.04
CA THR SC 435 11.12 -63.39 59.27
C THR SC 435 11.72 -63.83 57.94
N PRO SC 436 12.86 -63.29 57.51
CA PRO SC 436 13.43 -63.64 56.20
C PRO SC 436 13.48 -65.13 55.85
N GLN SC 437 14.14 -65.99 56.63
CA GLN SC 437 14.18 -67.39 56.23
C GLN SC 437 14.03 -68.45 57.32
N SER SC 438 14.78 -68.38 58.43
CA SER SC 438 14.71 -69.45 59.41
C SER SC 438 14.95 -68.92 60.81
N ASP SC 439 14.32 -69.59 61.78
CA ASP SC 439 14.44 -69.23 63.18
C ASP SC 439 14.42 -70.48 64.05
N THR SC 440 14.98 -70.35 65.25
CA THR SC 440 14.94 -71.40 66.25
C THR SC 440 13.51 -71.78 66.62
N THR SC 441 13.31 -73.07 66.89
CA THR SC 441 12.03 -73.60 67.33
C THR SC 441 11.55 -73.02 68.65
N THR SC 442 12.45 -72.50 69.49
CA THR SC 442 12.08 -71.97 70.79
C THR SC 442 11.49 -70.56 70.67
N SER SC 443 12.08 -69.75 69.80
CA SER SC 443 11.61 -68.38 69.63
C SER SC 443 10.13 -68.34 69.30
N VAL SC 444 9.71 -69.07 68.27
CA VAL SC 444 8.29 -69.13 67.94
C VAL SC 444 7.45 -69.52 69.15
N ASP SC 445 8.00 -70.34 70.04
CA ASP SC 445 7.31 -70.68 71.28
C ASP SC 445 7.11 -69.45 72.16
N ALA SC 446 8.15 -68.63 72.28
CA ALA SC 446 8.06 -67.47 73.17
C ALA SC 446 7.38 -66.24 72.55
N LEU SC 447 7.63 -65.95 71.29
CA LEU SC 447 7.13 -64.74 70.64
C LEU SC 447 5.99 -65.08 69.70
N PRO SC 448 4.77 -64.61 69.95
CA PRO SC 448 3.64 -65.01 69.10
C PRO SC 448 3.63 -64.30 67.76
N GLU SC 449 3.51 -65.08 66.70
CA GLU SC 449 3.25 -64.57 65.37
C GLU SC 449 1.93 -63.83 65.27
N VAL SC 450 1.93 -62.73 64.53
CA VAL SC 450 0.73 -61.99 64.20
C VAL SC 450 0.90 -61.57 62.73
N GLY SC 451 -0.21 -61.38 62.05
CA GLY SC 451 -0.18 -60.93 60.68
C GLY SC 451 0.33 -59.51 60.48
N ARG SC 452 0.40 -59.16 59.21
CA ARG SC 452 0.69 -57.83 58.70
C ARG SC 452 -0.56 -57.37 57.97
N THR SC 453 -1.32 -56.45 58.55
CA THR SC 453 -2.66 -56.17 58.08
C THR SC 453 -2.78 -54.68 57.74
N LEU SC 454 -3.58 -54.43 56.71
CA LEU SC 454 -3.78 -53.10 56.15
C LEU SC 454 -5.25 -52.85 55.84
N ILE SC 455 -5.81 -51.76 56.35
CA ILE SC 455 -7.21 -51.42 56.13
C ILE SC 455 -7.30 -49.94 55.78
N SER SC 456 -8.21 -49.60 54.88
CA SER SC 456 -8.46 -48.23 54.45
C SER SC 456 -9.94 -47.99 54.20
N THR SC 457 -10.59 -47.21 55.06
CA THR SC 457 -12.04 -47.08 54.95
C THR SC 457 -12.53 -45.83 55.68
N ILE SC 458 -13.81 -45.52 55.47
CA ILE SC 458 -14.52 -44.46 56.17
C ILE SC 458 -15.58 -45.07 57.06
N ALA SC 459 -15.73 -44.53 58.27
CA ALA SC 459 -16.75 -44.97 59.20
C ALA SC 459 -17.27 -43.77 59.99
N ARG SC 460 -18.52 -43.88 60.45
CA ARG SC 460 -19.15 -42.87 61.28
C ARG SC 460 -19.84 -43.53 62.46
N VAL SC 461 -19.70 -42.93 63.65
CA VAL SC 461 -20.18 -43.58 64.86
C VAL SC 461 -20.93 -42.62 65.78
N PRO SC 462 -22.04 -43.05 66.37
CA PRO SC 462 -22.65 -42.29 67.47
C PRO SC 462 -21.68 -42.01 68.59
N HIS SC 463 -21.90 -40.89 69.26
CA HIS SC 463 -20.91 -40.34 70.19
C HIS SC 463 -20.59 -41.31 71.31
N GLY SC 464 -19.30 -41.58 71.50
CA GLY SC 464 -18.85 -42.46 72.57
C GLY SC 464 -19.18 -43.93 72.41
N LYS SC 465 -19.81 -44.33 71.31
CA LYS SC 465 -20.03 -45.73 71.01
C LYS SC 465 -18.83 -46.27 70.22
N SER SC 466 -18.92 -47.50 69.74
CA SER SC 466 -17.80 -48.14 69.06
C SER SC 466 -18.29 -49.04 67.93
N LEU SC 467 -17.40 -49.27 66.96
CA LEU SC 467 -17.69 -50.09 65.78
C LEU SC 467 -16.55 -51.06 65.51
N LEU SC 468 -16.89 -52.20 64.93
CA LEU SC 468 -15.91 -53.20 64.48
C LEU SC 468 -15.63 -53.04 62.99
N VAL SC 469 -14.49 -52.42 62.67
CA VAL SC 469 -14.23 -52.04 61.29
C VAL SC 469 -13.70 -53.19 60.44
N GLY SC 470 -13.04 -54.17 61.04
CA GLY SC 470 -12.61 -55.33 60.27
C GLY SC 470 -12.04 -56.42 61.15
N GLY SC 471 -12.08 -57.63 60.61
CA GLY SC 471 -11.63 -58.78 61.37
C GLY SC 471 -11.50 -60.00 60.50
N TYR SC 472 -10.89 -61.03 61.09
CA TYR SC 472 -10.53 -62.25 60.37
C TYR SC 472 -10.57 -63.43 61.32
N THR SC 473 -10.94 -64.60 60.81
CA THR SC 473 -10.86 -65.82 61.58
C THR SC 473 -10.44 -66.97 60.68
N ARG SC 474 -9.65 -67.88 61.23
CA ARG SC 474 -9.19 -69.06 60.50
C ARG SC 474 -9.30 -70.30 61.37
N ASP SC 475 -9.86 -71.37 60.81
CA ASP SC 475 -10.05 -72.63 61.53
C ASP SC 475 -9.64 -73.80 60.65
N ALA SC 476 -8.80 -74.70 61.17
CA ALA SC 476 -8.33 -75.79 60.33
C ALA SC 476 -8.01 -77.02 61.16
N ASN SC 477 -8.13 -78.18 60.52
CA ASN SC 477 -7.82 -79.47 61.13
C ASN SC 477 -7.28 -80.42 60.07
N THR SC 478 -6.36 -81.30 60.49
CA THR SC 478 -5.73 -82.27 59.61
C THR SC 478 -5.38 -83.54 60.35
N ASP SC 479 -5.46 -84.66 59.64
CA ASP SC 479 -5.17 -85.99 60.19
C ASP SC 479 -4.57 -86.88 59.13
N THR SC 480 -3.56 -87.67 59.51
CA THR SC 480 -2.94 -88.59 58.57
C THR SC 480 -2.51 -89.88 59.27
N VAL SC 481 -2.59 -90.99 58.55
CA VAL SC 481 -2.17 -92.30 59.04
C VAL SC 481 -1.48 -93.10 57.94
N GLN SC 482 -0.31 -93.67 58.27
CA GLN SC 482 0.47 -94.54 57.39
C GLN SC 482 0.55 -95.93 57.99
N SER SC 483 0.52 -96.96 57.13
CA SER SC 483 0.52 -98.32 57.62
C SER SC 483 0.91 -99.31 56.53
N ILE SC 484 1.49 -100.43 56.97
CA ILE SC 484 1.83 -101.60 56.16
C ILE SC 484 0.57 -102.40 55.81
N PRO SC 485 0.33 -102.69 54.51
CA PRO SC 485 -0.99 -103.18 54.06
C PRO SC 485 -1.61 -104.34 54.82
N PHE SC 486 -0.84 -105.33 55.27
CA PHE SC 486 -1.38 -106.46 56.01
C PHE SC 486 -1.10 -106.43 57.50
N LEU SC 487 0.06 -105.94 57.90
CA LEU SC 487 0.40 -105.96 59.32
C LEU SC 487 -0.34 -104.88 60.08
N GLY SC 488 -0.60 -103.75 59.45
CA GLY SC 488 -1.36 -102.68 60.07
C GLY SC 488 -2.77 -103.09 60.45
N LYS SC 489 -3.17 -104.31 60.10
CA LYS SC 489 -4.53 -104.78 60.32
C LYS SC 489 -4.57 -105.89 61.34
N LEU SC 490 -3.43 -106.24 61.91
CA LEU SC 490 -3.38 -107.28 62.92
C LEU SC 490 -4.03 -106.79 64.21
N PRO SC 491 -4.83 -107.62 64.86
CA PRO SC 491 -5.55 -107.16 66.07
C PRO SC 491 -4.66 -106.69 67.23
N LEU SC 492 -3.62 -107.45 67.56
CA LEU SC 492 -2.77 -107.10 68.70
C LEU SC 492 -1.51 -106.31 68.40
N ILE SC 493 -0.95 -106.34 67.19
CA ILE SC 493 0.30 -105.65 66.93
C ILE SC 493 0.20 -104.56 65.85
N GLY SC 494 -0.96 -104.37 65.24
CA GLY SC 494 -1.08 -103.35 64.20
C GLY SC 494 -0.51 -102.00 64.63
N SER SC 495 -0.70 -101.66 65.91
CA SER SC 495 -0.19 -100.40 66.40
C SER SC 495 1.33 -100.31 66.28
N LEU SC 496 2.03 -101.43 66.17
CA LEU SC 496 3.45 -101.35 65.89
C LEU SC 496 3.72 -100.99 64.43
N PHE SC 497 2.72 -101.12 63.55
CA PHE SC 497 2.90 -100.91 62.12
C PHE SC 497 1.97 -99.82 61.60
N ARG SC 498 1.53 -98.95 62.48
CA ARG SC 498 0.79 -97.75 62.07
C ARG SC 498 1.54 -96.53 62.60
N TYR SC 499 1.47 -95.44 61.83
CA TYR SC 499 1.93 -94.14 62.26
C TYR SC 499 0.91 -93.07 61.90
N SER SC 500 0.75 -92.08 62.78
CA SER SC 500 -0.42 -91.22 62.77
C SER SC 500 -0.04 -89.83 63.26
N SER SC 501 -0.79 -88.83 62.78
CA SER SC 501 -0.51 -87.44 63.13
C SER SC 501 -1.80 -86.62 63.06
N LYS SC 502 -1.86 -85.58 63.89
CA LYS SC 502 -3.00 -84.67 63.97
C LYS SC 502 -2.54 -83.23 64.10
N ASN SC 503 -3.36 -82.30 63.61
CA ASN SC 503 -3.10 -80.88 63.70
C ASN SC 503 -4.39 -80.08 63.78
N LYS SC 504 -4.53 -79.19 64.77
CA LYS SC 504 -5.72 -78.35 64.89
C LYS SC 504 -5.34 -76.91 65.22
N SER SC 505 -5.98 -75.95 64.54
CA SER SC 505 -5.68 -74.53 64.73
C SER SC 505 -6.92 -73.65 64.65
N ASN SC 506 -6.93 -72.59 65.47
CA ASN SC 506 -8.03 -71.60 65.55
C ASN SC 506 -7.47 -70.21 65.84
N VAL SC 507 -7.77 -69.23 64.98
CA VAL SC 507 -7.22 -67.88 65.11
C VAL SC 507 -8.31 -66.84 64.89
N VAL SC 508 -8.24 -65.74 65.67
CA VAL SC 508 -9.17 -64.60 65.61
C VAL SC 508 -8.43 -63.28 65.72
N ARG SC 509 -8.76 -62.32 64.85
CA ARG SC 509 -8.17 -60.98 64.82
C ARG SC 509 -9.23 -59.92 64.53
N VAL SC 510 -9.26 -58.82 65.30
CA VAL SC 510 -10.32 -57.81 65.15
C VAL SC 510 -9.81 -56.42 65.47
N PHE SC 511 -10.43 -55.41 64.83
CA PHE SC 511 -10.16 -53.99 65.01
C PHE SC 511 -11.45 -53.24 65.37
N MET SC 512 -11.46 -52.57 66.53
CA MET SC 512 -12.62 -51.81 66.97
C MET SC 512 -12.21 -50.37 67.26
N ILE SC 513 -13.03 -49.42 66.80
CA ILE SC 513 -12.81 -47.99 66.96
C ILE SC 513 -13.84 -47.37 67.89
N GLU SC 514 -13.38 -46.46 68.75
CA GLU SC 514 -14.20 -45.85 69.80
C GLU SC 514 -13.78 -44.41 70.05
N PRO SC 515 -14.19 -43.47 69.21
CA PRO SC 515 -13.82 -42.07 69.43
C PRO SC 515 -14.58 -41.36 70.55
N LYS SC 516 -13.90 -40.39 71.17
CA LYS SC 516 -14.42 -39.58 72.26
C LYS SC 516 -14.03 -38.12 72.11
N GLU SC 517 -14.97 -37.22 72.36
CA GLU SC 517 -14.68 -35.79 72.40
C GLU SC 517 -13.96 -35.40 73.69
N ILE SC 518 -12.94 -34.56 73.55
CA ILE SC 518 -12.16 -34.02 74.67
C ILE SC 518 -12.49 -32.55 74.85
N VAL SC 519 -12.83 -32.18 76.09
CA VAL SC 519 -13.23 -30.82 76.42
C VAL SC 519 -12.48 -30.23 77.61
N ASP SC 520 -11.87 -31.02 78.49
CA ASP SC 520 -11.24 -30.50 79.69
C ASP SC 520 -9.82 -30.98 79.79
N PRO SC 521 -8.93 -30.18 80.37
CA PRO SC 521 -7.57 -30.64 80.63
C PRO SC 521 -7.53 -31.75 81.67
N LEU SC 522 -6.36 -32.37 81.74
CA LEU SC 522 -6.09 -33.42 82.70
C LEU SC 522 -6.33 -32.97 84.14
N THR SC 523 -6.77 -33.92 84.94
CA THR SC 523 -7.01 -33.79 86.37
C THR SC 523 -6.59 -35.10 87.04
N PRO SC 524 -5.55 -35.13 87.88
CA PRO SC 524 -4.52 -34.17 88.28
C PRO SC 524 -3.65 -33.67 87.15
N ASP SC 525 -2.95 -32.57 87.38
CA ASP SC 525 -1.94 -32.11 86.44
C ASP SC 525 -0.81 -33.13 86.35
N ALA SC 526 -0.34 -33.33 85.12
CA ALA SC 526 0.69 -34.32 84.83
C ALA SC 526 1.84 -34.36 85.84
N SER SC 527 2.42 -33.20 86.14
CA SER SC 527 3.55 -33.13 87.05
C SER SC 527 3.33 -33.86 88.37
N GLU SC 528 2.16 -33.72 88.96
CA GLU SC 528 1.90 -34.42 90.22
C GLU SC 528 1.97 -35.93 90.05
N SER SC 529 1.34 -36.45 89.02
CA SER SC 529 1.40 -37.88 88.75
C SER SC 529 2.84 -38.33 88.50
N VAL SC 530 3.57 -37.59 87.67
CA VAL SC 530 4.97 -37.90 87.41
C VAL SC 530 5.76 -37.96 88.72
N ASN SC 531 5.60 -36.96 89.58
CA ASN SC 531 6.30 -36.98 90.87
C ASN SC 531 5.94 -38.21 91.70
N ASN SC 532 4.68 -38.59 91.72
CA ASN SC 532 4.29 -39.78 92.46
C ASN SC 532 4.99 -41.01 91.91
N ILE SC 533 4.93 -41.21 90.60
CA ILE SC 533 5.64 -42.32 89.97
C ILE SC 533 7.11 -42.32 90.34
N LEU SC 534 7.78 -41.17 90.20
CA LEU SC 534 9.21 -41.09 90.46
C LEU SC 534 9.56 -41.43 91.90
N LYS SC 535 8.77 -40.96 92.86
CA LYS SC 535 9.02 -41.29 94.25
C LYS SC 535 8.75 -42.76 94.54
N GLN SC 536 7.63 -43.28 94.09
CA GLN SC 536 7.32 -44.69 94.34
C GLN SC 536 8.33 -45.61 93.65
N SER SC 537 8.86 -45.19 92.50
CA SER SC 537 9.91 -45.96 91.83
C SER SC 537 11.28 -45.77 92.46
N GLY SC 538 11.48 -44.74 93.28
CA GLY SC 538 12.81 -44.42 93.74
C GLY SC 538 13.71 -43.78 92.71
N ALA SC 539 13.20 -43.52 91.50
CA ALA SC 539 13.95 -42.75 90.53
C ALA SC 539 14.09 -41.30 90.95
N TRP SC 540 13.22 -40.84 91.85
CA TRP SC 540 13.29 -39.50 92.41
C TRP SC 540 14.73 -39.06 92.70
N SER SC 541 14.99 -37.78 92.40
CA SER SC 541 16.35 -37.22 92.41
C SER SC 541 16.54 -36.09 93.39
N GLY SC 542 15.46 -35.48 93.89
CA GLY SC 542 15.52 -34.29 94.72
C GLY SC 542 16.13 -34.53 96.08
N ASP SC 543 16.53 -35.75 96.36
CA ASP SC 543 17.41 -36.04 97.49
C ASP SC 543 18.83 -35.52 97.26
N ASP SC 544 19.21 -35.20 96.04
CA ASP SC 544 20.54 -34.66 95.74
C ASP SC 544 20.59 -33.15 95.95
N LYS SC 545 21.57 -32.71 96.74
CA LYS SC 545 21.73 -31.30 97.06
C LYS SC 545 22.39 -30.50 95.94
N LEU SC 546 22.97 -31.15 94.94
CA LEU SC 546 23.76 -30.41 93.96
C LEU SC 546 23.01 -30.13 92.68
N GLN SC 547 22.07 -30.99 92.30
CA GLN SC 547 21.24 -30.73 91.13
C GLN SC 547 20.13 -29.74 91.43
N LYS SC 548 19.64 -29.71 92.67
CA LYS SC 548 18.57 -28.80 93.04
C LYS SC 548 18.84 -27.36 92.61
N TRP SC 549 20.09 -26.90 92.70
CA TRP SC 549 20.37 -25.52 92.30
C TRP SC 549 19.92 -25.23 90.88
N VAL SC 550 19.88 -26.23 90.02
CA VAL SC 550 19.43 -26.06 88.64
C VAL SC 550 17.99 -26.50 88.48
N ARG SC 551 17.69 -27.73 88.88
CA ARG SC 551 16.32 -28.25 88.79
C ARG SC 551 15.29 -27.26 89.30
N VAL SC 552 15.63 -26.50 90.34
CA VAL SC 552 14.71 -25.49 90.86
C VAL SC 552 14.11 -24.67 89.72
N TYR SC 553 14.95 -24.16 88.82
CA TYR SC 553 14.42 -23.38 87.70
C TYR SC 553 13.42 -24.18 86.88
N LEU SC 554 13.75 -25.43 86.59
CA LEU SC 554 12.90 -26.25 85.72
C LEU SC 554 11.56 -26.56 86.34
N ASP SC 555 11.54 -27.23 87.49
CA ASP SC 555 10.30 -27.79 88.01
C ASP SC 555 9.54 -26.89 88.97
N ARG SC 556 10.20 -26.10 89.80
CA ARG SC 556 9.47 -25.26 90.74
C ARG SC 556 8.40 -24.46 90.00
N GLY SC 557 8.82 -23.58 89.10
CA GLY SC 557 7.90 -22.64 88.49
C GLY SC 557 8.61 -21.57 87.67
N PRO TC 29 -19.17 85.57 37.24
CA PRO TC 29 -18.32 84.56 37.87
C PRO TC 29 -17.04 85.19 38.41
N VAL TC 30 -17.25 86.08 39.38
CA VAL TC 30 -16.17 86.86 39.97
C VAL TC 30 -15.04 86.02 40.53
N THR TC 31 -15.31 84.78 40.95
CA THR TC 31 -14.30 83.98 41.61
C THR TC 31 -14.29 82.53 41.13
N GLY TC 32 -13.16 81.89 41.40
CA GLY TC 32 -12.89 80.51 41.03
C GLY TC 32 -12.72 80.24 39.54
N SER TC 33 -13.28 79.11 39.09
CA SER TC 33 -13.15 78.72 37.69
C SER TC 33 -14.24 77.75 37.30
N GLY TC 34 -14.99 78.05 36.25
CA GLY TC 34 -16.01 77.12 35.83
C GLY TC 34 -16.28 77.21 34.35
N PHE TC 35 -17.35 76.62 33.86
CA PHE TC 35 -17.61 76.57 32.43
C PHE TC 35 -19.05 76.93 32.15
N VAL TC 36 -19.28 77.80 31.18
CA VAL TC 36 -20.63 78.20 30.80
C VAL TC 36 -20.96 77.47 29.51
N ALA TC 37 -21.82 76.47 29.62
CA ALA TC 37 -22.18 75.60 28.51
C ALA TC 37 -23.39 76.14 27.77
N LYS TC 38 -23.42 75.87 26.46
CA LYS TC 38 -24.54 76.27 25.61
C LYS TC 38 -24.85 75.11 24.67
N ASP TC 39 -25.70 74.19 25.12
CA ASP TC 39 -26.03 72.96 24.39
C ASP TC 39 -24.77 72.30 23.84
N ASP TC 40 -23.77 72.20 24.69
CA ASP TC 40 -22.49 71.64 24.28
C ASP TC 40 -22.53 70.14 24.35
N SER TC 41 -21.85 69.49 23.42
CA SER TC 41 -21.67 68.06 23.51
C SER TC 41 -20.85 67.69 24.74
N LEU TC 42 -21.24 66.58 25.35
CA LEU TC 42 -20.52 66.08 26.50
C LEU TC 42 -19.03 65.96 26.25
N ARG TC 43 -18.60 65.65 25.04
CA ARG TC 43 -17.16 65.58 24.80
C ARG TC 43 -16.47 66.92 25.05
N THR TC 44 -17.07 68.02 24.62
CA THR TC 44 -16.45 69.33 24.89
C THR TC 44 -16.60 69.73 26.35
N PHE TC 45 -17.65 69.28 27.00
CA PHE TC 45 -17.83 69.63 28.41
C PHE TC 45 -16.82 68.92 29.30
N PHE TC 46 -16.72 67.60 29.18
CA PHE TC 46 -15.76 66.89 29.99
C PHE TC 46 -14.32 67.16 29.57
N ASP TC 47 -14.09 67.54 28.32
CA ASP TC 47 -12.77 68.05 27.99
C ASP TC 47 -12.43 69.32 28.76
N ALA TC 48 -13.40 70.24 28.89
CA ALA TC 48 -13.11 71.43 29.69
C ALA TC 48 -12.86 71.09 31.15
N MET TC 49 -13.48 70.03 31.64
CA MET TC 49 -13.27 69.58 33.02
C MET TC 49 -11.92 68.89 33.24
N ALA TC 50 -11.33 68.36 32.18
CA ALA TC 50 -10.08 67.61 32.29
C ALA TC 50 -8.96 68.32 33.04
N LEU TC 51 -8.79 69.62 32.85
CA LEU TC 51 -7.71 70.31 33.57
C LEU TC 51 -7.84 70.20 35.09
N GLN TC 52 -9.03 70.39 35.63
CA GLN TC 52 -9.23 70.21 37.07
C GLN TC 52 -9.09 68.76 37.49
N LEU TC 53 -9.60 67.85 36.68
CA LEU TC 53 -9.38 66.43 36.95
C LEU TC 53 -7.91 66.07 36.93
N LYS TC 54 -7.08 66.83 36.22
CA LYS TC 54 -5.66 66.53 36.02
C LYS TC 54 -5.42 65.23 35.26
N GLU TC 55 -6.38 64.81 34.44
CA GLU TC 55 -6.34 63.55 33.74
C GLU TC 55 -6.98 63.77 32.37
N PRO TC 56 -6.49 63.12 31.33
CA PRO TC 56 -7.20 63.15 30.05
C PRO TC 56 -8.49 62.33 30.10
N VAL TC 57 -9.54 62.86 29.48
CA VAL TC 57 -10.87 62.26 29.51
C VAL TC 57 -11.23 61.74 28.12
N ILE TC 58 -11.59 60.47 28.05
CA ILE TC 58 -12.05 59.79 26.84
C ILE TC 58 -13.57 59.58 26.90
N VAL TC 59 -14.30 60.14 25.93
CA VAL TC 59 -15.76 60.04 25.90
C VAL TC 59 -16.19 59.18 24.73
N SER TC 60 -16.86 58.08 25.04
CA SER TC 60 -17.46 57.18 24.06
C SER TC 60 -18.38 57.91 23.08
N LYS TC 61 -18.25 57.54 21.81
CA LYS TC 61 -19.10 58.08 20.73
C LYS TC 61 -20.58 58.10 21.09
N MET TC 62 -21.08 57.07 21.76
CA MET TC 62 -22.50 57.04 22.08
C MET TC 62 -22.85 58.10 23.11
N ALA TC 63 -22.03 58.23 24.15
CA ALA TC 63 -22.20 59.28 25.14
C ALA TC 63 -22.16 60.66 24.50
N ALA TC 64 -21.27 60.87 23.55
CA ALA TC 64 -21.15 62.17 22.91
C ALA TC 64 -22.44 62.73 22.31
N ARG TC 65 -23.48 61.94 22.08
CA ARG TC 65 -24.71 62.51 21.54
C ARG TC 65 -25.49 63.38 22.51
N LYS TC 66 -25.32 63.22 23.82
CA LYS TC 66 -26.05 64.01 24.81
C LYS TC 66 -25.56 65.46 24.89
N LYS TC 67 -26.48 66.38 25.16
CA LYS TC 67 -26.23 67.82 25.24
C LYS TC 67 -26.56 68.34 26.64
N ILE TC 68 -25.86 69.40 27.05
CA ILE TC 68 -26.04 69.99 28.38
C ILE TC 68 -25.93 71.51 28.31
N THR TC 69 -26.68 72.19 29.20
CA THR TC 69 -26.69 73.65 29.29
C THR TC 69 -26.72 74.20 30.71
N GLY TC 70 -25.83 75.15 31.04
CA GLY TC 70 -25.84 75.78 32.35
C GLY TC 70 -24.47 76.23 32.83
N ASN TC 71 -24.44 76.72 34.08
CA ASN TC 71 -23.23 77.14 34.78
C ASN TC 71 -22.76 76.11 35.80
N PHE TC 72 -21.50 75.72 35.71
CA PHE TC 72 -20.91 74.75 36.60
C PHE TC 72 -19.63 75.29 37.23
N GLU TC 73 -19.43 74.95 38.50
CA GLU TC 73 -18.31 75.43 39.30
C GLU TC 73 -17.45 74.23 39.67
N PHE TC 74 -16.18 74.28 39.28
CA PHE TC 74 -15.24 73.18 39.52
C PHE TC 74 -14.58 73.23 40.89
N HIS TC 75 -15.41 73.17 41.93
CA HIS TC 75 -14.90 73.09 43.30
C HIS TC 75 -14.34 71.70 43.55
N ASP TC 76 -15.18 70.67 43.38
CA ASP TC 76 -14.74 69.29 43.57
C ASP TC 76 -15.22 68.49 42.37
N PRO TC 77 -14.40 68.43 41.32
CA PRO TC 77 -14.74 67.66 40.13
C PRO TC 77 -15.16 66.23 40.38
N ASN TC 78 -14.63 65.56 41.39
CA ASN TC 78 -15.04 64.18 41.64
C ASN TC 78 -16.51 64.09 42.01
N ALA TC 79 -16.94 64.91 42.96
CA ALA TC 79 -18.35 64.93 43.32
C ALA TC 79 -19.22 65.34 42.14
N LEU TC 80 -18.81 66.39 41.44
CA LEU TC 80 -19.57 66.80 40.25
C LEU TC 80 -19.72 65.65 39.26
N LEU TC 81 -18.60 65.01 38.92
CA LEU TC 81 -18.61 63.88 38.01
C LEU TC 81 -19.57 62.78 38.45
N GLU TC 82 -19.56 62.43 39.74
CA GLU TC 82 -20.47 61.37 40.19
C GLU TC 82 -21.94 61.78 40.11
N LYS TC 83 -22.26 62.96 40.60
CA LYS TC 83 -23.64 63.43 40.50
C LYS TC 83 -24.15 63.43 39.06
N LEU TC 84 -23.39 64.03 38.14
CA LEU TC 84 -23.79 64.02 36.74
C LEU TC 84 -23.85 62.62 36.14
N SER TC 85 -22.96 61.73 36.52
CA SER TC 85 -23.05 60.36 36.04
C SER TC 85 -24.39 59.75 36.38
N LEU TC 86 -24.85 59.93 37.61
CA LEU TC 86 -26.13 59.29 37.92
C LEU TC 86 -27.32 60.04 37.35
N GLN TC 87 -27.26 61.37 37.30
CA GLN TC 87 -28.36 62.12 36.69
C GLN TC 87 -28.53 61.81 35.20
N LEU TC 88 -27.44 61.72 34.45
CA LEU TC 88 -27.54 61.51 33.02
C LEU TC 88 -27.54 60.06 32.59
N GLY TC 89 -27.04 59.14 33.41
CA GLY TC 89 -27.02 57.74 33.04
C GLY TC 89 -25.77 57.26 32.36
N LEU TC 90 -24.63 57.79 32.76
CA LEU TC 90 -23.31 57.43 32.29
C LEU TC 90 -22.67 56.51 33.32
N ILE TC 91 -21.63 55.82 32.89
CA ILE TC 91 -20.81 55.01 33.78
C ILE TC 91 -19.39 55.40 33.44
N TRP TC 92 -18.50 55.28 34.41
CA TRP TC 92 -17.13 55.73 34.20
C TRP TC 92 -16.14 54.90 34.99
N TYR TC 93 -14.88 55.03 34.60
CA TYR TC 93 -13.81 54.27 35.21
C TYR TC 93 -12.50 55.03 35.10
N PHE TC 94 -11.50 54.56 35.83
CA PHE TC 94 -10.19 55.20 35.88
C PHE TC 94 -9.13 54.16 36.14
N ASP TC 95 -8.20 54.02 35.19
CA ASP TC 95 -7.14 53.05 35.22
C ASP TC 95 -5.82 53.58 35.77
N GLY TC 96 -5.76 54.83 36.19
CA GLY TC 96 -4.56 55.44 36.66
C GLY TC 96 -3.92 56.40 35.67
N GLN TC 97 -4.29 56.31 34.40
CA GLN TC 97 -3.74 57.18 33.36
C GLN TC 97 -4.78 58.06 32.69
N ALA TC 98 -6.03 57.60 32.59
CA ALA TC 98 -7.06 58.43 31.99
C ALA TC 98 -8.42 58.02 32.51
N ILE TC 99 -9.37 58.95 32.48
CA ILE TC 99 -10.76 58.70 32.83
C ILE TC 99 -11.56 58.33 31.59
N TYR TC 100 -12.35 57.26 31.66
CA TYR TC 100 -13.15 56.82 30.52
C TYR TC 100 -14.63 56.87 30.91
N ILE TC 101 -15.43 57.45 30.01
CA ILE TC 101 -16.86 57.67 30.20
C ILE TC 101 -17.65 56.97 29.11
N TYR TC 102 -18.66 56.21 29.51
CA TYR TC 102 -19.50 55.42 28.63
C TYR TC 102 -20.96 55.64 28.98
N ASP TC 103 -21.83 55.21 28.09
CA ASP TC 103 -23.26 55.19 28.34
C ASP TC 103 -23.63 53.90 29.06
N ALA TC 104 -24.52 54.03 30.03
CA ALA TC 104 -25.06 52.94 30.83
C ALA TC 104 -25.42 51.67 30.07
N SER TC 105 -26.05 51.79 28.91
CA SER TC 105 -26.43 50.61 28.15
C SER TC 105 -25.26 49.77 27.66
N GLU TC 106 -24.04 50.29 27.70
CA GLU TC 106 -22.86 49.54 27.29
C GLU TC 106 -22.27 48.58 28.34
N MET TC 107 -22.82 48.48 29.55
CA MET TC 107 -22.29 47.55 30.52
C MET TC 107 -22.08 46.17 29.89
N ARG TC 108 -20.96 45.53 30.24
CA ARG TC 108 -20.62 44.19 29.77
C ARG TC 108 -20.56 43.21 30.92
N ASN TC 109 -20.89 41.95 30.65
CA ASN TC 109 -21.03 40.90 31.65
C ASN TC 109 -20.38 39.61 31.17
N ALA TC 110 -19.57 38.97 32.01
CA ALA TC 110 -18.88 37.76 31.61
C ALA TC 110 -18.71 36.82 32.80
N VAL TC 111 -18.50 35.55 32.48
CA VAL TC 111 -18.23 34.47 33.43
C VAL TC 111 -16.88 33.86 33.13
N VAL TC 112 -16.03 33.75 34.15
CA VAL TC 112 -14.67 33.24 33.99
C VAL TC 112 -14.46 32.06 34.91
N SER TC 113 -13.74 31.05 34.40
CA SER TC 113 -13.42 29.83 35.14
C SER TC 113 -11.93 29.52 35.01
N LEU TC 114 -11.29 29.31 36.14
CA LEU TC 114 -9.84 29.09 36.23
C LEU TC 114 -9.56 27.87 37.09
N ARG TC 115 -8.64 27.03 36.63
CA ARG TC 115 -8.25 25.85 37.40
C ARG TC 115 -7.25 26.15 38.51
N ASN TC 116 -6.11 26.72 38.16
CA ASN TC 116 -5.01 26.90 39.11
C ASN TC 116 -5.11 28.15 39.98
N VAL TC 117 -5.79 29.21 39.56
CA VAL TC 117 -5.77 30.48 40.29
C VAL TC 117 -7.14 30.74 40.88
N SER TC 118 -7.20 30.88 42.19
CA SER TC 118 -8.42 31.19 42.93
C SER TC 118 -8.72 32.69 42.93
N LEU TC 119 -9.98 32.99 43.24
CA LEU TC 119 -10.44 34.37 43.29
C LEU TC 119 -9.71 35.17 44.35
N ASN TC 120 -9.44 34.57 45.49
CA ASN TC 120 -8.74 35.32 46.52
C ASN TC 120 -7.33 35.65 46.08
N GLU TC 121 -6.70 34.75 45.33
CA GLU TC 121 -5.37 35.05 44.80
C GLU TC 121 -5.43 36.20 43.82
N PHE TC 122 -6.40 36.17 42.90
CA PHE TC 122 -6.45 37.20 41.88
C PHE TC 122 -6.79 38.58 42.44
N ASN TC 123 -7.59 38.64 43.50
CA ASN TC 123 -7.88 39.95 44.05
C ASN TC 123 -6.61 40.63 44.57
N ASN TC 124 -5.66 39.84 45.05
CA ASN TC 124 -4.42 40.43 45.54
C ASN TC 124 -3.65 41.07 44.39
N PHE TC 125 -3.62 40.39 43.25
CA PHE TC 125 -2.93 40.95 42.10
C PHE TC 125 -3.55 42.27 41.72
N LEU TC 126 -4.88 42.33 41.63
CA LEU TC 126 -5.51 43.60 41.28
C LEU TC 126 -5.20 44.69 42.30
N LYS TC 127 -5.17 44.34 43.58
CA LYS TC 127 -4.86 45.34 44.61
C LYS TC 127 -3.44 45.86 44.48
N ARG TC 128 -2.48 44.96 44.33
CA ARG TC 128 -1.09 45.39 44.19
C ARG TC 128 -0.92 46.23 42.92
N SER TC 129 -1.61 45.87 41.85
CA SER TC 129 -1.55 46.65 40.62
C SER TC 129 -2.18 48.02 40.76
N GLY TC 130 -3.06 48.23 41.72
CA GLY TC 130 -3.74 49.50 41.78
C GLY TC 130 -4.84 49.64 40.77
N LEU TC 131 -5.40 48.51 40.34
CA LEU TC 131 -6.45 48.41 39.34
C LEU TC 131 -7.78 48.04 39.95
N TYR TC 132 -7.79 47.59 41.20
CA TYR TC 132 -9.01 47.21 41.88
C TYR TC 132 -9.97 48.39 41.93
N ASN TC 133 -11.27 48.07 41.89
CA ASN TC 133 -12.34 49.06 41.88
C ASN TC 133 -13.50 48.54 42.70
N LYS TC 134 -13.76 49.16 43.85
CA LYS TC 134 -14.83 48.71 44.72
C LYS TC 134 -16.24 48.93 44.18
N ASN TC 135 -16.42 49.61 43.06
CA ASN TC 135 -17.77 49.71 42.50
C ASN TC 135 -18.15 48.52 41.64
N TYR TC 136 -17.19 47.76 41.14
CA TYR TC 136 -17.45 46.63 40.26
C TYR TC 136 -16.70 45.38 40.66
N PRO TC 137 -16.73 45.00 41.92
CA PRO TC 137 -15.88 43.88 42.36
C PRO TC 137 -16.33 42.55 41.77
N LEU TC 138 -15.40 41.61 41.75
CA LEU TC 138 -15.68 40.25 41.30
C LEU TC 138 -16.55 39.55 42.33
N ARG TC 139 -17.49 38.73 41.83
CA ARG TC 139 -18.44 38.04 42.68
C ARG TC 139 -18.31 36.54 42.53
N GLY TC 140 -18.01 35.86 43.62
CA GLY TC 140 -17.88 34.41 43.61
C GLY TC 140 -17.43 33.91 44.96
N ASP TC 141 -17.01 32.65 44.99
CA ASP TC 141 -16.56 32.02 46.22
C ASP TC 141 -15.04 32.17 46.33
N ASN TC 142 -14.59 32.89 47.35
CA ASN TC 142 -13.17 33.14 47.55
C ASN TC 142 -12.32 31.89 47.38
N ARG TC 143 -12.80 30.76 47.83
CA ARG TC 143 -11.98 29.56 47.75
C ARG TC 143 -11.99 28.95 46.36
N LYS TC 144 -13.09 29.11 45.62
CA LYS TC 144 -13.20 28.53 44.29
C LYS TC 144 -12.47 29.36 43.25
N GLY TC 145 -12.45 28.84 42.04
CA GLY TC 145 -11.91 29.52 40.88
C GLY TC 145 -12.91 29.86 39.79
N THR TC 146 -14.07 30.40 40.12
CA THR TC 146 -15.10 30.64 39.13
C THR TC 146 -15.88 31.84 39.57
N PHE TC 147 -15.95 32.86 38.71
CA PHE TC 147 -16.54 34.11 39.13
C PHE TC 147 -17.24 34.81 37.98
N TYR TC 148 -18.12 35.72 38.37
CA TYR TC 148 -18.90 36.60 37.50
C TYR TC 148 -18.41 38.03 37.61
N VAL TC 149 -18.23 38.70 36.47
CA VAL TC 149 -17.75 40.08 36.46
C VAL TC 149 -18.57 40.91 35.48
N SER TC 150 -18.89 42.13 35.88
CA SER TC 150 -19.65 43.06 35.05
C SER TC 150 -19.17 44.49 35.23
N GLY TC 151 -19.17 45.27 34.16
CA GLY TC 151 -18.75 46.65 34.21
C GLY TC 151 -18.47 47.32 32.88
N PRO TC 152 -17.79 48.47 32.92
CA PRO TC 152 -17.38 49.12 31.68
C PRO TC 152 -16.51 48.23 30.82
N PRO TC 153 -16.62 48.36 29.49
CA PRO TC 153 -15.81 47.55 28.57
C PRO TC 153 -14.32 47.44 28.86
N VAL TC 154 -13.63 48.56 29.08
CA VAL TC 154 -12.20 48.52 29.34
C VAL TC 154 -11.88 47.60 30.51
N TYR TC 155 -12.54 47.83 31.62
CA TYR TC 155 -12.33 47.03 32.82
C TYR TC 155 -12.60 45.55 32.57
N VAL TC 156 -13.75 45.23 32.00
CA VAL TC 156 -14.07 43.82 31.75
C VAL TC 156 -13.03 43.17 30.82
N ASP TC 157 -12.68 43.85 29.73
CA ASP TC 157 -11.69 43.29 28.80
C ASP TC 157 -10.32 43.14 29.41
N MET TC 158 -9.98 43.94 30.40
CA MET TC 158 -8.67 43.78 31.03
C MET TC 158 -8.69 42.61 32.00
N VAL TC 159 -9.71 42.56 32.83
CA VAL TC 159 -9.85 41.46 33.80
C VAL TC 159 -9.84 40.11 33.11
N VAL TC 160 -10.65 39.93 32.07
CA VAL TC 160 -10.75 38.61 31.45
C VAL TC 160 -9.43 38.16 30.85
N ASN TC 161 -8.71 39.07 30.19
CA ASN TC 161 -7.45 38.72 29.57
C ASN TC 161 -6.38 38.40 30.60
N ALA TC 162 -6.18 39.28 31.58
CA ALA TC 162 -5.16 39.01 32.57
C ALA TC 162 -5.45 37.73 33.35
N ALA TC 163 -6.71 37.44 33.64
CA ALA TC 163 -7.03 36.19 34.32
C ALA TC 163 -6.66 34.97 33.50
N THR TC 164 -7.09 34.94 32.24
CA THR TC 164 -6.77 33.79 31.41
C THR TC 164 -5.27 33.58 31.26
N MET TC 165 -4.49 34.66 31.13
CA MET TC 165 -3.05 34.46 30.99
C MET TC 165 -2.41 34.00 32.28
N MET TC 166 -2.78 34.58 33.43
CA MET TC 166 -2.22 34.07 34.68
C MET TC 166 -2.48 32.57 34.82
N ASP TC 167 -3.68 32.12 34.47
CA ASP TC 167 -3.93 30.69 34.52
C ASP TC 167 -3.00 29.89 33.63
N LYS TC 168 -2.93 30.24 32.34
CA LYS TC 168 -1.99 29.53 31.47
C LYS TC 168 -0.56 29.52 31.98
N GLN TC 169 -0.09 30.60 32.60
CA GLN TC 169 1.26 30.61 33.16
C GLN TC 169 1.40 29.68 34.36
N ASN TC 170 0.41 29.59 35.21
CA ASN TC 170 0.54 28.77 36.42
C ASN TC 170 0.74 27.28 36.14
N ASP TC 171 0.44 26.81 34.94
CA ASP TC 171 0.78 25.42 34.60
C ASP TC 171 2.27 25.12 34.76
N GLY TC 172 3.12 26.13 34.62
CA GLY TC 172 4.55 25.95 34.85
C GLY TC 172 4.95 25.80 36.30
N ILE TC 173 4.22 26.44 37.22
CA ILE TC 173 4.48 26.27 38.65
C ILE TC 173 4.11 24.86 39.12
N GLU TC 174 4.98 24.29 39.96
CA GLU TC 174 4.80 22.97 40.55
C GLU TC 174 5.03 23.07 42.04
N LEU TC 175 4.09 22.51 42.82
CA LEU TC 175 4.10 22.62 44.28
C LEU TC 175 3.96 21.31 45.04
N GLY TC 176 3.57 20.22 44.39
CA GLY TC 176 3.43 18.94 45.07
C GLY TC 176 4.75 18.28 45.43
N ARG TC 177 5.70 19.08 45.92
CA ARG TC 177 7.02 18.57 46.26
C ARG TC 177 7.01 17.51 47.35
N GLN TC 178 7.77 16.45 47.09
CA GLN TC 178 7.99 15.31 47.96
C GLN TC 178 8.84 15.64 49.18
N LYS TC 179 8.62 14.89 50.26
CA LYS TC 179 9.44 14.96 51.46
C LYS TC 179 9.77 13.55 51.92
N ILE TC 180 10.86 13.44 52.69
CA ILE TC 180 11.43 12.19 53.17
C ILE TC 180 11.38 12.10 54.69
N GLY TC 181 10.88 10.96 55.18
CA GLY TC 181 10.83 10.66 56.60
C GLY TC 181 11.42 9.32 57.00
N VAL TC 182 12.36 9.37 57.94
CA VAL TC 182 13.06 8.21 58.48
C VAL TC 182 12.32 7.71 59.72
N MET TC 183 11.89 6.45 59.71
CA MET TC 183 11.10 5.86 60.79
C MET TC 183 11.79 4.62 61.35
N ARG TC 184 12.41 4.78 62.51
CA ARG TC 184 13.03 3.67 63.22
C ARG TC 184 11.99 2.72 63.80
N LEU TC 185 12.30 1.43 63.75
CA LEU TC 185 11.50 0.35 64.37
C LEU TC 185 12.10 -0.07 65.71
N ASN TC 186 11.26 -0.10 66.74
CA ASN TC 186 11.65 -0.38 68.12
C ASN TC 186 11.34 -1.80 68.59
N ASN TC 187 10.48 -2.55 67.91
CA ASN TC 187 10.09 -3.86 68.43
C ASN TC 187 10.21 -4.99 67.42
N THR TC 188 10.77 -4.76 66.23
CA THR TC 188 10.83 -5.83 65.25
C THR TC 188 12.01 -5.60 64.31
N PHE TC 189 12.42 -6.68 63.65
CA PHE TC 189 13.43 -6.60 62.60
C PHE TC 189 12.85 -6.05 61.31
N VAL TC 190 13.67 -5.31 60.59
CA VAL TC 190 13.27 -4.67 59.34
C VAL TC 190 13.17 -5.66 58.18
N GLY TC 191 14.10 -6.59 58.05
CA GLY TC 191 14.10 -7.47 56.90
C GLY TC 191 13.22 -8.71 56.97
N ASP TC 192 13.09 -9.33 55.80
CA ASP TC 192 12.41 -10.60 55.64
C ASP TC 192 13.18 -11.73 56.28
N ARG TC 193 12.46 -12.77 56.69
CA ARG TC 193 13.08 -13.86 57.43
C ARG TC 193 12.58 -15.19 56.89
N THR TC 194 13.46 -16.19 56.97
CA THR TC 194 13.19 -17.51 56.39
C THR TC 194 13.50 -18.60 57.41
N TYR TC 195 12.61 -19.58 57.47
CA TYR TC 195 12.69 -20.67 58.44
C TYR TC 195 12.47 -21.96 57.70
N ASN TC 196 13.12 -23.03 58.15
CA ASN TC 196 12.92 -24.35 57.54
C ASN TC 196 11.90 -25.16 58.33
N LEU TC 197 10.93 -25.71 57.63
CA LEU TC 197 9.95 -26.59 58.24
C LEU TC 197 10.31 -28.05 57.99
N ARG TC 198 9.36 -28.95 58.24
CA ARG TC 198 9.60 -30.38 58.11
C ARG TC 198 10.22 -30.72 56.77
N ASP TC 199 9.62 -30.24 55.68
CA ASP TC 199 10.14 -30.54 54.35
C ASP TC 199 10.00 -29.36 53.41
N GLN TC 200 9.78 -28.16 53.93
CA GLN TC 200 9.59 -26.98 53.11
C GLN TC 200 10.00 -25.77 53.91
N LYS TC 201 10.22 -24.67 53.22
CA LYS TC 201 10.54 -23.43 53.89
C LYS TC 201 9.28 -22.63 54.16
N MET TC 202 9.39 -21.75 55.15
CA MET TC 202 8.41 -20.73 55.47
C MET TC 202 9.14 -19.41 55.41
N VAL TC 203 8.46 -18.38 54.91
CA VAL TC 203 9.05 -17.05 54.78
C VAL TC 203 8.08 -16.03 55.32
N ILE TC 204 8.61 -15.08 56.08
CA ILE TC 204 7.83 -13.98 56.62
C ILE TC 204 8.35 -12.71 55.95
N PRO TC 205 7.52 -11.96 55.25
CA PRO TC 205 7.94 -10.69 54.67
C PRO TC 205 8.15 -9.58 55.69
N GLY TC 206 8.89 -8.58 55.27
CA GLY TC 206 9.04 -7.36 56.02
C GLY TC 206 7.94 -6.35 55.78
N ILE TC 207 7.87 -5.38 56.69
CA ILE TC 207 6.90 -4.30 56.57
C ILE TC 207 7.00 -3.63 55.21
N ALA TC 208 8.23 -3.36 54.76
CA ALA TC 208 8.41 -2.75 53.45
C ALA TC 208 7.79 -3.59 52.36
N THR TC 209 8.15 -4.86 52.29
CA THR TC 209 7.64 -5.73 51.24
C THR TC 209 6.11 -5.80 51.27
N ALA TC 210 5.54 -6.02 52.46
CA ALA TC 210 4.09 -6.13 52.57
C ALA TC 210 3.38 -4.85 52.16
N ILE TC 211 3.82 -3.70 52.68
CA ILE TC 211 3.11 -2.47 52.33
C ILE TC 211 3.28 -2.13 50.86
N GLU TC 212 4.49 -2.29 50.33
CA GLU TC 212 4.70 -1.99 48.92
C GLU TC 212 3.86 -2.88 48.02
N ARG TC 213 3.68 -4.15 48.41
CA ARG TC 213 2.76 -5.00 47.69
C ARG TC 213 1.33 -4.52 47.82
N LEU TC 214 0.96 -4.02 48.99
CA LEU TC 214 -0.44 -3.65 49.20
C LEU TC 214 -0.80 -2.39 48.44
N LEU TC 215 0.06 -1.37 48.49
CA LEU TC 215 -0.20 -0.15 47.76
C LEU TC 215 0.08 -0.26 46.27
N GLN TC 216 0.67 -1.36 45.80
CA GLN TC 216 1.16 -1.41 44.44
C GLN TC 216 0.12 -0.93 43.44
N GLY TC 217 0.47 0.11 42.67
CA GLY TC 217 -0.37 0.63 41.61
C GLY TC 217 -1.69 1.28 41.97
N GLU TC 218 -1.94 1.55 43.25
CA GLU TC 218 -3.16 2.25 43.62
C GLU TC 218 -3.22 3.62 42.96
N GLU TC 219 -4.44 4.05 42.62
CA GLU TC 219 -4.62 5.33 41.94
C GLU TC 219 -5.33 6.40 42.75
N GLN TC 220 -6.07 6.03 43.76
CA GLN TC 220 -6.85 6.97 44.55
C GLN TC 220 -6.06 7.47 45.75
N PRO TC 221 -6.48 8.55 46.38
CA PRO TC 221 -5.77 9.05 47.55
C PRO TC 221 -5.94 8.15 48.76
N LEU TC 222 -4.91 8.17 49.60
CA LEU TC 222 -4.91 7.41 50.84
C LEU TC 222 -5.62 8.16 51.96
N GLY TC 223 -6.52 7.47 52.66
CA GLY TC 223 -7.23 8.02 53.79
C GLY TC 223 -6.69 7.53 55.12
N ASN TC 224 -7.49 7.71 56.17
CA ASN TC 224 -7.14 7.28 57.52
C ASN TC 224 -7.06 5.75 57.62
N ILE TC 225 -6.47 5.30 58.73
CA ILE TC 225 -6.25 3.89 59.03
C ILE TC 225 -7.01 3.50 60.29
N VAL TC 226 -7.62 2.31 60.26
CA VAL TC 226 -8.37 1.79 61.40
C VAL TC 226 -7.78 0.45 61.80
N SER TC 227 -7.56 0.27 63.09
CA SER TC 227 -7.07 -1.00 63.62
C SER TC 227 -8.18 -2.04 63.62
N LEU TC 254 -10.71 24.56 48.37
CA LEU TC 254 -9.41 25.22 48.46
C LEU TC 254 -8.41 24.62 47.47
N GLN TC 255 -7.54 25.46 46.93
CA GLN TC 255 -6.44 24.96 46.11
C GLN TC 255 -5.49 24.11 46.94
N GLU TC 256 -5.43 24.36 48.24
CA GLU TC 256 -4.69 23.48 49.14
C GLU TC 256 -5.20 22.06 49.05
N ALA TC 257 -6.50 21.88 48.81
CA ALA TC 257 -7.07 20.56 48.63
C ALA TC 257 -6.65 19.91 47.32
N LEU TC 258 -6.26 20.69 46.33
CA LEU TC 258 -5.83 20.13 45.07
C LEU TC 258 -4.62 19.22 45.24
N LYS TC 259 -3.60 19.70 45.95
CA LYS TC 259 -2.41 18.89 46.21
C LYS TC 259 -2.71 17.58 46.92
N GLN TC 260 -3.77 17.54 47.74
CA GLN TC 260 -4.13 16.29 48.42
C GLN TC 260 -4.37 15.13 47.45
N ASN TC 261 -4.70 15.43 46.19
CA ASN TC 261 -5.00 14.41 45.18
C ASN TC 261 -3.87 13.42 44.93
N ALA TC 262 -2.67 13.64 45.45
CA ALA TC 262 -1.58 12.70 45.23
C ALA TC 262 -2.01 11.25 45.42
N ALA TC 263 -1.73 10.44 44.41
CA ALA TC 263 -2.05 9.02 44.40
C ALA TC 263 -1.26 8.22 45.44
N ALA TC 264 -1.97 7.32 46.11
CA ALA TC 264 -1.36 6.41 47.07
C ALA TC 264 -0.25 5.56 46.44
N GLY TC 265 -0.45 5.09 45.23
CA GLY TC 265 0.57 4.30 44.55
C GLY TC 265 1.84 5.02 44.20
N ASN TC 266 1.98 6.30 44.53
CA ASN TC 266 3.23 7.02 44.31
C ASN TC 266 4.18 7.00 45.50
N ILE TC 267 3.69 6.66 46.69
CA ILE TC 267 4.54 6.53 47.87
C ILE TC 267 5.63 5.50 47.62
N LYS TC 268 6.84 5.78 48.11
CA LYS TC 268 7.92 4.81 48.02
C LYS TC 268 8.52 4.53 49.39
N ILE TC 269 8.79 3.25 49.67
CA ILE TC 269 9.39 2.79 50.91
C ILE TC 269 10.67 2.00 50.63
N VAL TC 270 11.68 2.19 51.49
CA VAL TC 270 12.93 1.46 51.37
C VAL TC 270 13.41 1.02 52.75
N ALA TC 271 13.69 -0.26 52.89
CA ALA TC 271 14.25 -0.85 54.10
C ALA TC 271 15.72 -0.50 54.27
N TYR TC 272 16.17 -0.30 55.53
CA TYR TC 272 17.56 0.05 55.82
C TYR TC 272 18.04 -0.71 57.04
N PRO TC 273 18.36 -2.00 56.88
CA PRO TC 273 18.81 -2.82 58.01
C PRO TC 273 19.97 -2.26 58.80
N ASP TC 274 20.80 -1.43 58.19
CA ASP TC 274 21.94 -0.86 58.90
C ASP TC 274 21.53 -0.22 60.22
N THR TC 275 20.42 0.51 60.23
CA THR TC 275 19.96 1.22 61.39
C THR TC 275 18.63 0.69 61.92
N ASN TC 276 18.04 -0.29 61.25
CA ASN TC 276 16.74 -0.81 61.61
C ASN TC 276 15.61 0.21 61.43
N SER TC 277 15.52 0.78 60.22
CA SER TC 277 14.59 1.87 59.97
C SER TC 277 14.13 1.85 58.52
N LEU TC 278 12.94 2.42 58.29
CA LEU TC 278 12.40 2.64 56.96
C LEU TC 278 12.61 4.06 56.47
N LEU TC 279 12.93 4.20 55.20
CA LEU TC 279 12.94 5.48 54.51
C LEU TC 279 11.65 5.60 53.72
N VAL TC 280 10.92 6.70 53.90
CA VAL TC 280 9.62 6.87 53.27
C VAL TC 280 9.62 8.18 52.51
N LYS TC 281 9.30 8.11 51.22
CA LYS TC 281 9.21 9.26 50.33
C LYS TC 281 7.79 9.50 49.86
N GLY TC 282 7.28 10.70 50.14
CA GLY TC 282 5.95 11.07 49.70
C GLY TC 282 5.60 12.46 50.21
N THR TC 283 4.36 12.87 49.99
CA THR TC 283 3.84 14.09 50.58
C THR TC 283 3.70 13.96 52.09
N ALA TC 284 3.71 15.12 52.76
CA ALA TC 284 3.58 15.18 54.21
C ALA TC 284 2.38 14.39 54.75
N GLU TC 285 1.23 14.50 54.10
CA GLU TC 285 0.07 13.72 54.55
C GLU TC 285 0.35 12.23 54.45
N GLN TC 286 0.82 11.78 53.30
CA GLN TC 286 1.13 10.37 53.12
C GLN TC 286 2.12 9.87 54.15
N VAL TC 287 3.23 10.58 54.33
CA VAL TC 287 4.22 10.19 55.33
C VAL TC 287 3.60 10.10 56.71
N HIS TC 288 2.71 11.02 57.05
CA HIS TC 288 2.04 10.95 58.35
C HIS TC 288 1.18 9.68 58.48
N PHE TC 289 0.32 9.44 57.51
CA PHE TC 289 -0.47 8.22 57.51
C PHE TC 289 0.38 6.96 57.64
N ILE TC 290 1.47 6.90 56.87
CA ILE TC 290 2.39 5.76 56.96
C ILE TC 290 2.93 5.59 58.37
N GLU TC 291 3.37 6.68 58.97
CA GLU TC 291 3.83 6.62 60.36
C GLU TC 291 2.78 6.01 61.28
N MET TC 292 1.56 6.54 61.23
CA MET TC 292 0.48 5.97 62.04
C MET TC 292 0.30 4.48 61.79
N LEU TC 293 0.39 4.07 60.53
CA LEU TC 293 0.29 2.64 60.22
C LEU TC 293 1.38 1.83 60.88
N VAL TC 294 2.64 2.21 60.66
CA VAL TC 294 3.77 1.49 61.26
C VAL TC 294 3.59 1.32 62.77
N LYS TC 295 3.09 2.37 63.43
CA LYS TC 295 2.93 2.27 64.86
C LYS TC 295 1.83 1.31 65.28
N ALA TC 296 0.98 0.88 64.35
CA ALA TC 296 0.05 -0.21 64.64
C ALA TC 296 0.66 -1.59 64.50
N LEU TC 297 1.80 -1.71 63.84
CA LEU TC 297 2.34 -3.00 63.43
C LEU TC 297 3.60 -3.43 64.18
N ASP TC 298 4.52 -2.53 64.53
CA ASP TC 298 5.67 -2.97 65.33
C ASP TC 298 5.38 -3.09 66.84
N VAL TC 299 4.43 -3.96 67.18
CA VAL TC 299 4.16 -4.35 68.56
C VAL TC 299 5.17 -5.37 69.07
N ALA TC 300 5.38 -5.41 70.39
CA ALA TC 300 6.27 -6.38 71.03
C ALA TC 300 5.60 -7.73 71.23
N LYS TC 301 6.35 -8.81 70.97
CA LYS TC 301 5.92 -10.18 71.21
C LYS TC 301 6.15 -10.66 72.65
N ARG TC 302 5.40 -11.70 73.02
CA ARG TC 302 5.45 -12.38 74.31
C ARG TC 302 6.13 -13.75 74.23
N HIS TC 303 6.93 -14.07 75.25
CA HIS TC 303 7.60 -15.38 75.33
C HIS TC 303 6.72 -16.49 75.88
N VAL TC 304 6.86 -17.67 75.27
CA VAL TC 304 6.18 -18.92 75.63
C VAL TC 304 7.22 -20.00 75.88
N GLU TC 305 7.09 -20.71 76.99
CA GLU TC 305 7.90 -21.89 77.27
C GLU TC 305 7.07 -23.17 77.20
N LEU TC 306 7.59 -24.15 76.47
CA LEU TC 306 6.99 -25.46 76.27
C LEU TC 306 7.70 -26.53 77.10
N SER TC 307 6.92 -27.25 77.90
CA SER TC 307 7.35 -28.36 78.74
C SER TC 307 6.65 -29.63 78.26
N LEU TC 308 7.43 -30.71 78.09
CA LEU TC 308 6.91 -31.96 77.55
C LEU TC 308 7.41 -33.14 78.37
N TRP TC 309 6.49 -34.03 78.78
CA TRP TC 309 6.79 -35.22 79.56
C TRP TC 309 6.68 -36.50 78.75
N ILE TC 310 7.67 -37.39 78.90
CA ILE TC 310 7.71 -38.68 78.23
C ILE TC 310 8.00 -39.76 79.28
N VAL TC 311 7.07 -40.70 79.43
CA VAL TC 311 7.10 -41.70 80.50
C VAL TC 311 7.04 -43.10 79.90
N ASP TC 312 7.90 -44.01 80.39
CA ASP TC 312 8.00 -45.37 79.90
C ASP TC 312 8.07 -46.36 81.05
N LEU TC 313 7.08 -47.24 81.16
CA LEU TC 313 6.99 -48.27 82.18
C LEU TC 313 6.96 -49.65 81.53
N ASN TC 314 7.70 -50.60 82.10
CA ASN TC 314 7.75 -51.93 81.54
C ASN TC 314 7.86 -52.96 82.66
N LYS TC 315 7.16 -54.09 82.49
CA LYS TC 315 7.16 -55.20 83.44
C LYS TC 315 7.12 -56.52 82.69
N SER TC 316 7.90 -57.49 83.17
CA SER TC 316 8.10 -58.75 82.46
C SER TC 316 8.31 -59.92 83.41
N ASP TC 317 7.74 -61.07 83.06
CA ASP TC 317 7.78 -62.27 83.90
C ASP TC 317 7.88 -63.51 83.03
N LEU TC 318 8.80 -64.42 83.37
CA LEU TC 318 9.12 -65.56 82.52
C LEU TC 318 9.46 -66.79 83.34
N GLU TC 319 9.13 -67.97 82.80
CA GLU TC 319 9.41 -69.24 83.45
C GLU TC 319 9.54 -70.37 82.45
N ARG TC 320 10.53 -71.24 82.67
CA ARG TC 320 10.76 -72.45 81.87
C ARG TC 320 11.05 -73.58 82.83
N LEU TC 321 10.24 -74.64 82.78
CA LEU TC 321 10.41 -75.74 83.73
C LEU TC 321 9.96 -77.09 83.19
N GLY TC 322 10.89 -78.02 83.05
CA GLY TC 322 10.59 -79.36 82.58
C GLY TC 322 11.76 -80.01 81.88
N THR TC 323 11.46 -81.10 81.16
CA THR TC 323 12.49 -81.91 80.51
C THR TC 323 12.08 -82.38 79.13
N SER TC 324 13.07 -82.86 78.40
CA SER TC 324 12.92 -83.46 77.08
C SER TC 324 13.79 -84.70 76.97
N TRP TC 325 13.28 -85.75 76.33
CA TRP TC 325 13.90 -87.07 76.33
C TRP TC 325 14.25 -87.54 74.93
N SER TC 326 15.45 -88.11 74.79
CA SER TC 326 15.90 -88.70 73.52
C SER TC 326 16.80 -89.88 73.78
N GLY TC 327 16.96 -90.74 72.78
CA GLY TC 327 17.84 -91.87 72.93
C GLY TC 327 17.65 -92.96 71.90
N SER TC 328 18.35 -94.06 72.15
CA SER TC 328 18.42 -95.17 71.20
C SER TC 328 18.89 -96.45 71.87
N ILE TC 329 18.70 -97.54 71.12
CA ILE TC 329 19.05 -98.90 71.51
C ILE TC 329 19.49 -99.61 70.23
N THR TC 330 20.42 -100.55 70.36
CA THR TC 330 20.55 -101.61 69.36
C THR TC 330 20.66 -102.97 70.01
N ILE TC 331 19.96 -103.95 69.46
CA ILE TC 331 19.84 -105.27 70.07
C ILE TC 331 20.64 -106.24 69.21
N GLY TC 332 21.72 -106.78 69.79
CA GLY TC 332 22.68 -107.53 69.02
C GLY TC 332 23.18 -106.75 67.83
N ASP TC 333 22.84 -107.25 66.63
CA ASP TC 333 22.80 -106.42 65.44
C ASP TC 333 21.52 -106.67 64.67
N LYS TC 334 20.50 -107.22 65.33
CA LYS TC 334 19.24 -107.49 64.66
C LYS TC 334 18.52 -106.20 64.30
N LEU TC 335 18.44 -105.28 65.24
CA LEU TC 335 17.62 -104.08 65.06
C LEU TC 335 18.25 -102.91 65.79
N GLY TC 336 18.19 -101.75 65.15
CA GLY TC 336 18.29 -100.47 65.82
C GLY TC 336 16.94 -99.81 66.07
N VAL TC 337 16.69 -99.49 67.34
CA VAL TC 337 15.54 -98.66 67.72
C VAL TC 337 16.09 -97.30 68.11
N SER TC 338 15.44 -96.24 67.63
CA SER TC 338 15.74 -94.90 68.10
C SER TC 338 14.46 -94.12 68.31
N LEU TC 339 14.52 -93.14 69.22
CA LEU TC 339 13.46 -92.17 69.41
C LEU TC 339 13.86 -90.81 68.84
N ASN TC 340 15.15 -90.55 68.83
CA ASN TC 340 15.74 -89.50 68.02
C ASN TC 340 15.57 -89.84 66.55
N GLN TC 341 15.33 -88.84 65.73
CA GLN TC 341 15.23 -89.10 64.30
C GLN TC 341 15.91 -88.00 63.48
N SER TC 342 16.98 -87.45 64.04
CA SER TC 342 17.89 -86.59 63.29
C SER TC 342 18.79 -87.46 62.44
N SER TC 343 19.23 -88.58 63.00
CA SER TC 343 20.08 -89.59 62.37
C SER TC 343 19.99 -90.82 63.25
N ILE TC 344 20.78 -91.85 62.94
CA ILE TC 344 20.87 -93.02 63.81
C ILE TC 344 22.32 -93.37 64.07
N SER TC 345 22.70 -93.41 65.35
CA SER TC 345 24.01 -93.79 65.81
C SER TC 345 23.79 -94.71 66.99
N THR TC 346 24.39 -95.90 66.98
CA THR TC 346 24.04 -96.89 68.00
C THR TC 346 25.15 -97.93 68.13
N LEU TC 347 25.53 -98.20 69.37
CA LEU TC 347 26.56 -99.18 69.70
C LEU TC 347 26.20 -100.01 70.92
N ASP TC 348 25.18 -99.63 71.69
CA ASP TC 348 24.89 -100.17 73.01
C ASP TC 348 23.40 -100.53 73.12
N GLY TC 349 23.10 -101.27 74.18
CA GLY TC 349 21.72 -101.52 74.57
C GLY TC 349 21.00 -100.32 75.13
N SER TC 350 21.69 -99.23 75.44
CA SER TC 350 21.00 -98.05 75.95
C SER TC 350 21.86 -96.81 75.76
N ARG TC 351 21.20 -95.74 75.28
CA ARG TC 351 21.85 -94.43 75.14
C ARG TC 351 20.74 -93.40 75.30
N PHE TC 352 20.65 -92.76 76.46
CA PHE TC 352 19.56 -91.83 76.70
C PHE TC 352 20.05 -90.49 77.25
N ILE TC 353 19.33 -89.44 76.84
CA ILE TC 353 19.57 -88.06 77.24
C ILE TC 353 18.29 -87.44 77.74
N ALA TC 354 18.36 -86.77 78.90
CA ALA TC 354 17.26 -86.00 79.46
C ALA TC 354 17.74 -84.57 79.66
N ALA TC 355 17.25 -83.65 78.82
CA ALA TC 355 17.57 -82.23 78.93
C ALA TC 355 16.61 -81.52 79.87
N VAL TC 356 17.15 -80.98 80.97
CA VAL TC 356 16.39 -80.31 82.02
C VAL TC 356 16.52 -78.80 81.91
N ASN TC 357 15.38 -78.11 81.73
CA ASN TC 357 15.29 -76.65 81.68
C ASN TC 357 14.57 -76.17 82.94
N ALA TC 358 15.22 -75.33 83.73
CA ALA TC 358 14.62 -74.84 84.98
C ALA TC 358 15.11 -73.43 85.31
N LEU TC 359 14.27 -72.42 85.02
CA LEU TC 359 14.62 -71.03 85.26
C LEU TC 359 13.37 -70.16 85.40
N GLU TC 360 13.42 -69.22 86.34
CA GLU TC 360 12.38 -68.22 86.58
C GLU TC 360 12.98 -66.84 86.67
N GLU TC 361 12.37 -65.86 85.98
CA GLU TC 361 12.95 -64.52 85.90
C GLU TC 361 11.89 -63.43 85.86
N LYS TC 362 12.16 -62.32 86.55
CA LYS TC 362 11.27 -61.17 86.60
C LYS TC 362 12.07 -59.90 86.31
N LYS TC 363 11.42 -58.92 85.68
CA LYS TC 363 12.08 -57.68 85.31
C LYS TC 363 11.12 -56.51 85.35
N GLN TC 364 11.59 -55.36 85.80
CA GLN TC 364 10.81 -54.13 85.84
C GLN TC 364 11.72 -52.95 85.51
N ALA TC 365 11.19 -52.00 84.73
CA ALA TC 365 11.98 -50.83 84.36
C ALA TC 365 11.09 -49.61 84.21
N THR TC 366 11.70 -48.44 84.42
CA THR TC 366 11.01 -47.16 84.35
C THR TC 366 11.93 -46.05 83.89
N VAL TC 367 11.43 -45.20 83.00
CA VAL TC 367 12.18 -44.06 82.48
C VAL TC 367 11.27 -42.85 82.36
N VAL TC 368 11.80 -41.69 82.75
CA VAL TC 368 11.10 -40.42 82.65
C VAL TC 368 12.05 -39.41 82.01
N SER TC 369 11.55 -38.66 81.03
CA SER TC 369 12.37 -37.64 80.38
C SER TC 369 11.53 -36.43 80.04
N ARG TC 370 12.16 -35.27 80.07
CA ARG TC 370 11.45 -34.03 79.83
C ARG TC 370 12.30 -32.93 79.19
N PRO TC 371 12.11 -32.65 77.91
CA PRO TC 371 12.76 -31.48 77.33
C PRO TC 371 11.95 -30.21 77.58
N VAL TC 372 12.66 -29.08 77.52
CA VAL TC 372 12.07 -27.76 77.71
C VAL TC 372 12.59 -26.83 76.64
N LEU TC 373 11.71 -25.98 76.10
CA LEU TC 373 12.12 -25.06 75.06
C LEU TC 373 11.38 -23.74 75.19
N LEU TC 374 12.07 -22.64 74.88
CA LEU TC 374 11.50 -21.30 74.94
C LEU TC 374 11.51 -20.62 73.58
N THR TC 375 10.40 -19.95 73.23
CA THR TC 375 10.30 -19.27 71.95
C THR TC 375 9.30 -18.14 72.05
N GLN TC 376 9.39 -17.22 71.09
CA GLN TC 376 8.43 -16.14 70.95
C GLN TC 376 7.23 -16.52 70.10
N GLU TC 377 6.09 -15.96 70.49
CA GLU TC 377 4.83 -16.07 69.76
C GLU TC 377 5.03 -15.96 68.25
N ASN TC 378 4.42 -16.89 67.53
CA ASN TC 378 4.42 -16.98 66.07
C ASN TC 378 5.76 -17.35 65.44
N VAL TC 379 6.77 -17.69 66.22
CA VAL TC 379 8.10 -18.00 65.68
C VAL TC 379 8.33 -19.51 65.86
N PRO TC 380 8.49 -20.28 64.80
CA PRO TC 380 8.76 -21.71 64.97
C PRO TC 380 10.09 -21.99 65.63
N ALA TC 381 10.11 -23.02 66.47
CA ALA TC 381 11.32 -23.39 67.21
C ALA TC 381 11.64 -24.86 67.02
N ILE TC 382 12.94 -25.16 67.06
CA ILE TC 382 13.50 -26.50 66.84
C ILE TC 382 14.40 -26.88 68.01
N PHE TC 383 14.21 -28.09 68.54
CA PHE TC 383 15.10 -28.66 69.56
C PHE TC 383 15.48 -30.07 69.12
N ASP TC 384 16.77 -30.41 69.25
CA ASP TC 384 17.27 -31.71 68.80
C ASP TC 384 18.40 -32.22 69.68
N ASN TC 385 18.30 -33.47 70.14
CA ASN TC 385 19.29 -34.01 71.06
C ASN TC 385 19.57 -35.49 70.84
N ASN TC 386 20.85 -35.85 70.95
CA ASN TC 386 21.37 -37.22 70.88
C ASN TC 386 22.29 -37.47 72.07
N ARG TC 387 22.19 -38.66 72.67
CA ARG TC 387 23.06 -38.99 73.79
C ARG TC 387 23.26 -40.48 73.89
N THR TC 388 24.47 -40.90 74.26
CA THR TC 388 24.78 -42.30 74.48
C THR TC 388 24.99 -42.62 75.96
N PHE TC 389 24.68 -43.86 76.31
CA PHE TC 389 24.82 -44.38 77.67
C PHE TC 389 25.58 -45.70 77.64
N TYR TC 390 26.45 -45.89 78.64
CA TYR TC 390 27.36 -47.02 78.72
C TYR TC 390 27.08 -47.87 79.96
N THR TC 391 27.16 -49.18 79.77
CA THR TC 391 27.11 -50.20 80.82
C THR TC 391 28.52 -50.64 81.20
N LYS TC 392 28.62 -51.31 82.33
CA LYS TC 392 29.81 -52.05 82.72
C LYS TC 392 29.46 -53.49 83.03
N LEU TC 393 30.29 -54.41 82.54
CA LEU TC 393 30.01 -55.84 82.51
C LEU TC 393 31.30 -56.58 82.83
N ILE TC 394 31.15 -57.84 83.24
CA ILE TC 394 32.30 -58.73 83.39
C ILE TC 394 32.60 -59.41 82.06
N GLY TC 395 33.75 -59.05 81.48
CA GLY TC 395 34.29 -59.72 80.31
C GLY TC 395 34.96 -61.03 80.69
N GLU TC 396 35.92 -61.46 79.86
CA GLU TC 396 36.64 -62.69 80.17
C GLU TC 396 37.35 -62.58 81.52
N ARG TC 397 38.09 -61.50 81.72
CA ARG TC 397 38.63 -61.20 83.03
C ARG TC 397 38.39 -59.72 83.32
N ASN TC 398 38.75 -58.86 82.38
CA ASN TC 398 38.58 -57.43 82.57
C ASN TC 398 37.12 -57.02 82.44
N VAL TC 399 36.84 -55.83 82.97
CA VAL TC 399 35.56 -55.18 82.74
C VAL TC 399 35.39 -54.83 81.26
N ALA TC 400 34.16 -54.95 80.77
CA ALA TC 400 33.79 -54.66 79.39
C ALA TC 400 32.60 -53.70 79.42
N LEU TC 401 32.24 -53.18 78.24
CA LEU TC 401 31.11 -52.26 78.18
C LEU TC 401 30.32 -52.40 76.89
N GLU TC 402 29.07 -51.96 76.95
CA GLU TC 402 28.17 -51.87 75.81
C GLU TC 402 27.28 -50.64 76.01
N HIS TC 403 26.66 -50.17 74.93
CA HIS TC 403 26.05 -48.86 74.98
C HIS TC 403 24.79 -48.79 74.14
N VAL TC 404 23.99 -47.75 74.41
CA VAL TC 404 22.81 -47.43 73.60
C VAL TC 404 22.77 -45.92 73.35
N THR TC 405 22.24 -45.52 72.20
CA THR TC 405 22.01 -44.12 71.90
C THR TC 405 20.53 -43.77 71.86
N TYR TC 406 20.14 -42.76 72.64
CA TYR TC 406 18.80 -42.19 72.67
C TYR TC 406 18.77 -40.86 71.94
N GLY TC 407 17.66 -40.58 71.24
CA GLY TC 407 17.51 -39.33 70.53
C GLY TC 407 16.10 -38.78 70.60
N THR TC 408 16.02 -37.47 70.36
CA THR TC 408 14.79 -36.70 70.52
C THR TC 408 14.81 -35.50 69.59
N MET TC 409 13.64 -35.17 69.04
CA MET TC 409 13.48 -33.98 68.20
C MET TC 409 12.10 -33.38 68.39
N ILE TC 410 12.03 -32.05 68.38
CA ILE TC 410 10.78 -31.32 68.54
C ILE TC 410 10.78 -30.10 67.64
N ARG TC 411 9.69 -29.92 66.91
CA ARG TC 411 9.37 -28.70 66.16
C ARG TC 411 8.07 -28.18 66.72
N VAL TC 412 7.96 -26.86 66.87
CA VAL TC 412 6.76 -26.30 67.50
C VAL TC 412 6.49 -24.91 66.97
N LEU TC 413 5.22 -24.51 67.04
CA LEU TC 413 4.76 -23.19 66.61
C LEU TC 413 3.61 -22.71 67.50
N PRO TC 414 3.91 -21.86 68.49
CA PRO TC 414 2.90 -21.36 69.44
C PRO TC 414 2.16 -20.09 69.04
N ARG TC 415 0.85 -20.13 69.26
CA ARG TC 415 -0.11 -19.05 68.98
C ARG TC 415 -0.92 -18.72 70.21
N PHE TC 416 -0.92 -17.45 70.64
CA PHE TC 416 -1.77 -17.02 71.74
C PHE TC 416 -3.20 -16.78 71.29
N SER TC 417 -4.14 -17.43 71.96
CA SER TC 417 -5.55 -17.16 71.76
C SER TC 417 -5.88 -15.79 72.33
N ALA TC 418 -7.11 -15.34 72.08
CA ALA TC 418 -7.63 -14.11 72.64
C ALA TC 418 -8.29 -14.26 74.01
N ASP TC 419 -8.15 -15.41 74.66
CA ASP TC 419 -8.88 -15.65 75.90
C ASP TC 419 -8.07 -16.46 76.91
N GLY TC 420 -6.75 -16.43 76.81
CA GLY TC 420 -5.87 -17.19 77.69
C GLY TC 420 -5.55 -18.63 77.34
N GLN TC 421 -5.78 -19.05 76.10
CA GLN TC 421 -5.45 -20.40 75.66
C GLN TC 421 -4.30 -20.30 74.67
N ILE TC 422 -3.46 -21.33 74.64
CA ILE TC 422 -2.34 -21.41 73.70
C ILE TC 422 -2.57 -22.57 72.75
N GLU TC 423 -2.38 -22.30 71.45
CA GLU TC 423 -2.52 -23.26 70.37
C GLU TC 423 -1.14 -23.56 69.80
N MET TC 424 -0.83 -24.83 69.58
CA MET TC 424 0.51 -25.13 69.06
C MET TC 424 0.45 -26.18 67.97
N SER TC 425 1.24 -25.94 66.92
CA SER TC 425 1.52 -26.96 65.91
C SER TC 425 2.73 -27.75 66.38
N LEU TC 426 2.56 -29.06 66.61
CA LEU TC 426 3.58 -29.89 67.25
C LEU TC 426 4.03 -31.08 66.41
N ASP TC 427 5.34 -31.18 66.22
CA ASP TC 427 6.02 -32.34 65.65
C ASP TC 427 6.95 -32.91 66.71
N ILE TC 428 6.79 -34.19 67.03
CA ILE TC 428 7.57 -34.84 68.08
C ILE TC 428 8.10 -36.18 67.60
N GLU TC 429 9.38 -36.46 67.87
CA GLU TC 429 10.00 -37.72 67.48
C GLU TC 429 10.96 -38.15 68.58
N ASP TC 430 10.90 -39.43 68.96
CA ASP TC 430 11.72 -39.88 70.09
C ASP TC 430 12.02 -41.36 70.06
N GLY TC 431 13.18 -41.74 70.63
CA GLY TC 431 13.51 -43.14 70.79
C GLY TC 431 14.97 -43.50 70.66
N ASN TC 432 15.31 -44.78 70.88
CA ASN TC 432 16.64 -45.25 70.52
C ASN TC 432 16.75 -45.38 69.01
N ASP TC 433 17.88 -44.90 68.47
CA ASP TC 433 18.04 -44.78 67.03
C ASP TC 433 17.95 -46.09 66.26
N LYS TC 434 18.29 -47.22 66.86
CA LYS TC 434 18.30 -48.47 66.11
C LYS TC 434 17.04 -49.30 66.36
N THR TC 435 16.57 -49.95 65.29
CA THR TC 435 15.43 -50.84 65.40
C THR TC 435 15.75 -52.05 66.28
N PRO TC 436 16.82 -52.80 66.02
CA PRO TC 436 17.40 -53.61 67.08
C PRO TC 436 18.29 -52.76 67.97
N GLN TC 437 18.34 -53.13 69.24
CA GLN TC 437 19.22 -52.45 70.17
C GLN TC 437 20.68 -52.70 69.86
N SER TC 438 21.50 -51.67 70.08
CA SER TC 438 22.84 -51.61 69.49
C SER TC 438 23.70 -52.77 69.99
N ASP TC 439 23.76 -52.95 71.31
CA ASP TC 439 24.64 -53.92 71.93
C ASP TC 439 23.98 -54.45 73.18
N THR TC 440 24.16 -55.76 73.42
CA THR TC 440 23.52 -56.46 74.53
C THR TC 440 24.40 -57.63 74.95
N THR TC 441 23.91 -58.44 75.88
CA THR TC 441 24.62 -59.61 76.38
C THR TC 441 23.75 -60.84 76.18
N THR TC 442 24.40 -62.00 76.02
CA THR TC 442 23.65 -63.23 75.78
C THR TC 442 22.83 -63.64 77.00
N SER TC 443 23.27 -63.28 78.20
CA SER TC 443 22.62 -63.69 79.44
C SER TC 443 22.04 -62.54 80.24
N VAL TC 444 22.26 -61.29 79.83
CA VAL TC 444 21.96 -60.12 80.65
C VAL TC 444 21.45 -59.01 79.75
N ASP TC 445 20.51 -58.22 80.25
CA ASP TC 445 20.15 -56.96 79.63
C ASP TC 445 20.12 -55.87 80.70
N ALA TC 446 20.67 -54.71 80.35
CA ALA TC 446 21.02 -53.72 81.34
C ALA TC 446 20.56 -52.31 81.01
N LEU TC 447 20.11 -52.03 79.78
CA LEU TC 447 19.54 -50.74 79.47
C LEU TC 447 18.09 -50.89 79.03
N PRO TC 448 17.16 -50.13 79.63
CA PRO TC 448 15.79 -50.07 79.10
C PRO TC 448 15.63 -49.90 77.60
N GLU TC 449 15.07 -50.92 76.97
CA GLU TC 449 14.62 -50.81 75.59
C GLU TC 449 13.38 -49.93 75.49
N VAL TC 450 13.36 -49.05 74.49
CA VAL TC 450 12.22 -48.19 74.20
C VAL TC 450 12.03 -48.19 72.69
N GLY TC 451 10.79 -47.99 72.26
CA GLY TC 451 10.49 -47.87 70.86
C GLY TC 451 11.08 -46.61 70.24
N ARG TC 452 10.87 -46.49 68.94
CA ARG TC 452 10.97 -45.21 68.24
C ARG TC 452 9.61 -44.78 67.73
N THR TC 453 9.24 -43.54 68.06
CA THR TC 453 7.87 -43.06 67.99
C THR TC 453 7.84 -41.69 67.30
N LEU TC 454 6.78 -41.46 66.54
CA LEU TC 454 6.56 -40.21 65.81
C LEU TC 454 5.13 -39.73 65.99
N ILE TC 455 4.98 -38.43 66.23
CA ILE TC 455 3.67 -37.80 66.34
C ILE TC 455 3.69 -36.46 65.62
N SER TC 456 2.59 -36.14 64.93
CA SER TC 456 2.37 -34.80 64.40
C SER TC 456 0.92 -34.39 64.58
N THR TC 457 0.68 -33.22 65.17
CA THR TC 457 -0.70 -32.83 65.47
C THR TC 457 -0.79 -31.35 65.81
N ILE TC 458 -2.02 -30.89 66.05
CA ILE TC 458 -2.31 -29.58 66.61
C ILE TC 458 -3.11 -29.76 67.90
N ALA TC 459 -2.84 -28.92 68.89
CA ALA TC 459 -3.57 -28.95 70.15
C ALA TC 459 -3.63 -27.56 70.75
N ARG TC 460 -4.60 -27.36 71.63
CA ARG TC 460 -4.80 -26.09 72.32
C ARG TC 460 -5.10 -26.34 73.79
N VAL TC 461 -4.54 -25.51 74.67
CA VAL TC 461 -4.68 -25.75 76.10
C VAL TC 461 -4.68 -24.44 76.90
N PRO TC 462 -5.42 -24.37 78.01
CA PRO TC 462 -5.33 -23.20 78.90
C PRO TC 462 -4.00 -23.08 79.61
N HIS TC 463 -3.75 -21.88 80.13
CA HIS TC 463 -2.50 -21.55 80.82
C HIS TC 463 -2.16 -22.55 81.91
N GLY TC 464 -0.98 -23.16 81.78
CA GLY TC 464 -0.44 -23.97 82.84
C GLY TC 464 -1.13 -25.30 83.07
N LYS TC 465 -2.14 -25.62 82.27
CA LYS TC 465 -2.77 -26.93 82.32
C LYS TC 465 -1.99 -27.89 81.42
N SER TC 466 -2.43 -29.14 81.35
CA SER TC 466 -1.73 -30.13 80.55
C SER TC 466 -2.74 -30.97 79.78
N LEU TC 467 -2.25 -31.59 78.70
CA LEU TC 467 -3.06 -32.46 77.87
C LEU TC 467 -2.28 -33.71 77.53
N LEU TC 468 -2.99 -34.77 77.20
CA LEU TC 468 -2.36 -35.98 76.68
C LEU TC 468 -2.53 -36.05 75.17
N VAL TC 469 -1.42 -36.02 74.44
CA VAL TC 469 -1.47 -36.03 72.99
C VAL TC 469 -1.48 -37.44 72.41
N GLY TC 470 -0.89 -38.41 73.09
CA GLY TC 470 -0.91 -39.76 72.57
C GLY TC 470 -0.25 -40.73 73.53
N GLY TC 471 -0.33 -42.01 73.18
CA GLY TC 471 0.15 -43.04 74.06
C GLY TC 471 -0.09 -44.41 73.47
N TYR TC 472 0.37 -45.41 74.20
CA TYR TC 472 0.37 -46.78 73.74
C TYR TC 472 0.40 -47.72 74.93
N THR TC 473 -0.40 -48.78 74.87
CA THR TC 473 -0.43 -49.78 75.92
C THR TC 473 -0.45 -51.16 75.28
N ARG TC 474 0.35 -52.08 75.81
CA ARG TC 474 0.39 -53.43 75.27
C ARG TC 474 0.44 -54.42 76.41
N ASP TC 475 -0.40 -55.46 76.32
CA ASP TC 475 -0.46 -56.54 77.30
C ASP TC 475 -0.46 -57.88 76.59
N ALA TC 476 0.38 -58.81 77.03
CA ALA TC 476 0.47 -60.08 76.32
C ALA TC 476 0.84 -61.21 77.26
N ASN TC 477 0.25 -62.38 77.01
CA ASN TC 477 0.54 -63.59 77.77
C ASN TC 477 0.56 -64.83 76.88
N THR TC 478 1.53 -65.70 77.12
CA THR TC 478 1.76 -66.91 76.33
C THR TC 478 2.03 -68.08 77.26
N ASP TC 479 1.47 -69.24 76.91
CA ASP TC 479 1.62 -70.45 77.71
C ASP TC 479 1.78 -71.67 76.81
N THR TC 480 2.68 -72.57 77.20
CA THR TC 480 3.02 -73.75 76.42
C THR TC 480 3.20 -74.96 77.33
N VAL TC 481 2.77 -76.13 76.86
CA VAL TC 481 3.09 -77.39 77.54
C VAL TC 481 3.34 -78.52 76.54
N GLN TC 482 4.34 -79.35 76.83
CA GLN TC 482 4.70 -80.52 76.03
C GLN TC 482 4.71 -81.75 76.92
N SER TC 483 4.38 -82.90 76.35
CA SER TC 483 4.50 -84.15 77.10
C SER TC 483 4.66 -85.33 76.14
N ILE TC 484 5.23 -86.40 76.67
CA ILE TC 484 5.26 -87.72 76.03
C ILE TC 484 3.89 -88.39 76.14
N PRO TC 485 3.23 -88.70 75.02
CA PRO TC 485 1.77 -88.94 75.06
C PRO TC 485 1.25 -89.85 76.17
N PHE TC 486 1.88 -90.98 76.45
CA PHE TC 486 1.41 -91.83 77.55
C PHE TC 486 2.06 -91.50 78.88
N LEU TC 487 3.36 -91.22 78.91
CA LEU TC 487 4.05 -91.12 80.19
C LEU TC 487 3.70 -89.82 80.88
N GLY TC 488 3.44 -88.76 80.12
CA GLY TC 488 3.00 -87.51 80.69
C GLY TC 488 1.73 -87.61 81.49
N LYS TC 489 1.03 -88.74 81.42
CA LYS TC 489 -0.24 -88.90 82.12
C LYS TC 489 -0.18 -89.95 83.21
N LEU TC 490 0.99 -90.48 83.50
CA LEU TC 490 1.16 -91.29 84.70
C LEU TC 490 1.01 -90.42 85.94
N PRO TC 491 0.25 -90.86 86.93
CA PRO TC 491 -0.11 -89.95 88.04
C PRO TC 491 1.08 -89.44 88.83
N LEU TC 492 2.06 -90.29 89.12
CA LEU TC 492 3.18 -89.93 89.99
C LEU TC 492 4.39 -89.37 89.27
N ILE TC 493 4.62 -89.72 88.01
CA ILE TC 493 5.88 -89.39 87.35
C ILE TC 493 5.72 -88.55 86.08
N GLY TC 494 4.50 -88.27 85.63
CA GLY TC 494 4.31 -87.51 84.40
C GLY TC 494 5.12 -86.23 84.37
N SER TC 495 5.24 -85.58 85.52
CA SER TC 495 6.06 -84.39 85.61
C SER TC 495 7.49 -84.66 85.21
N LEU TC 496 7.93 -85.91 85.24
CA LEU TC 496 9.22 -86.24 84.66
C LEU TC 496 9.16 -86.28 83.14
N PHE TC 497 7.95 -86.36 82.57
CA PHE TC 497 7.75 -86.48 81.14
C PHE TC 497 6.95 -85.31 80.57
N ARG TC 498 7.07 -84.16 81.22
CA ARG TC 498 6.24 -83.01 80.89
C ARG TC 498 7.12 -81.77 80.89
N TYR TC 499 6.68 -80.74 80.17
CA TYR TC 499 7.43 -79.48 80.08
C TYR TC 499 6.49 -78.33 79.81
N SER TC 500 6.54 -77.30 80.65
CA SER TC 500 5.71 -76.11 80.53
C SER TC 500 6.54 -74.83 80.54
N SER TC 501 5.95 -73.77 79.97
CA SER TC 501 6.57 -72.45 79.89
C SER TC 501 5.50 -71.37 79.91
N LYS TC 502 5.78 -70.29 80.66
CA LYS TC 502 4.90 -69.14 80.80
C LYS TC 502 5.62 -67.84 80.48
N ASN TC 503 4.89 -66.86 79.95
CA ASN TC 503 5.48 -65.58 79.56
C ASN TC 503 4.44 -64.47 79.60
N LYS TC 504 4.69 -63.43 80.40
CA LYS TC 504 3.76 -62.31 80.56
C LYS TC 504 4.48 -60.96 80.47
N SER TC 505 3.86 -59.99 79.80
CA SER TC 505 4.45 -58.66 79.67
C SER TC 505 3.39 -57.57 79.57
N ASN TC 506 3.75 -56.39 80.05
CA ASN TC 506 2.91 -55.19 80.04
C ASN TC 506 3.76 -53.95 79.82
N VAL TC 507 3.33 -53.06 78.92
CA VAL TC 507 4.09 -51.86 78.59
C VAL TC 507 3.13 -50.68 78.42
N VAL TC 508 3.54 -49.52 78.94
CA VAL TC 508 2.79 -48.27 78.84
C VAL TC 508 3.73 -47.14 78.46
N ARG TC 509 3.28 -46.28 77.54
CA ARG TC 509 4.10 -45.18 77.04
C ARG TC 509 3.22 -44.01 76.66
N VAL TC 510 3.44 -42.82 77.22
CA VAL TC 510 2.53 -41.70 77.02
C VAL TC 510 3.30 -40.39 76.86
N PHE TC 511 2.69 -39.46 76.11
CA PHE TC 511 3.21 -38.12 75.87
C PHE TC 511 2.24 -37.06 76.38
N MET TC 512 2.72 -36.18 77.25
CA MET TC 512 1.88 -35.21 77.91
C MET TC 512 2.54 -33.84 77.83
N ILE TC 513 1.73 -32.81 77.57
CA ILE TC 513 2.21 -31.50 77.16
C ILE TC 513 1.65 -30.45 78.09
N GLU TC 514 2.44 -29.41 78.41
CA GLU TC 514 2.17 -28.55 79.56
C GLU TC 514 2.79 -27.16 79.38
N PRO TC 515 2.25 -26.34 78.49
CA PRO TC 515 2.88 -25.04 78.21
C PRO TC 515 2.57 -24.01 79.28
N LYS TC 516 3.44 -23.00 79.36
CA LYS TC 516 3.19 -21.86 80.25
C LYS TC 516 3.82 -20.60 79.66
N GLU TC 517 3.26 -19.45 80.01
CA GLU TC 517 3.88 -18.17 79.69
C GLU TC 517 5.02 -17.81 80.65
N ILE TC 518 6.05 -17.19 80.10
CA ILE TC 518 7.20 -16.68 80.86
C ILE TC 518 7.19 -15.16 80.79
N VAL TC 519 7.48 -14.51 81.92
CA VAL TC 519 7.47 -13.06 82.00
C VAL TC 519 8.72 -12.51 82.68
N ASP TC 520 9.02 -13.00 83.89
CA ASP TC 520 10.19 -12.51 84.61
C ASP TC 520 11.48 -13.21 84.18
N PRO TC 521 12.60 -12.49 84.19
CA PRO TC 521 13.90 -13.15 84.08
C PRO TC 521 14.25 -13.97 85.31
N LEU TC 522 15.30 -14.78 85.14
CA LEU TC 522 15.70 -15.76 86.13
C LEU TC 522 16.03 -15.14 87.48
N THR TC 523 15.61 -15.83 88.54
CA THR TC 523 16.02 -15.49 89.90
C THR TC 523 16.38 -16.78 90.64
N PRO TC 524 17.53 -16.84 91.33
CA PRO TC 524 18.73 -16.00 91.32
C PRO TC 524 19.41 -15.90 89.96
N ASP TC 525 20.35 -14.98 89.85
CA ASP TC 525 21.11 -14.83 88.62
C ASP TC 525 21.89 -16.10 88.28
N ALA TC 526 22.04 -16.34 86.98
CA ALA TC 526 22.76 -17.51 86.49
C ALA TC 526 24.20 -17.52 86.96
N SER TC 527 24.90 -16.40 86.78
CA SER TC 527 26.29 -16.28 87.19
C SER TC 527 26.47 -16.37 88.69
N GLU TC 528 25.42 -16.13 89.45
CA GLU TC 528 25.46 -16.44 90.88
C GLU TC 528 25.29 -17.93 91.14
N SER TC 529 24.27 -18.54 90.55
CA SER TC 529 23.95 -19.92 90.87
C SER TC 529 24.97 -20.91 90.32
N VAL TC 530 25.71 -20.54 89.29
CA VAL TC 530 26.83 -21.38 88.84
C VAL TC 530 27.86 -21.56 89.96
N ASN TC 531 28.16 -20.50 90.68
CA ASN TC 531 29.24 -20.57 91.67
C ASN TC 531 28.93 -21.56 92.77
N ASN TC 532 27.66 -21.73 93.13
CA ASN TC 532 27.32 -22.78 94.09
C ASN TC 532 27.69 -24.15 93.56
N ILE TC 533 27.40 -24.43 92.30
CA ILE TC 533 27.74 -25.72 91.73
C ILE TC 533 29.25 -25.92 91.72
N LEU TC 534 29.97 -24.89 91.28
CA LEU TC 534 31.43 -24.99 91.23
C LEU TC 534 31.98 -25.29 92.63
N LYS TC 535 31.70 -24.42 93.59
CA LYS TC 535 32.34 -24.54 94.89
C LYS TC 535 31.91 -25.81 95.62
N GLN TC 536 30.63 -26.20 95.53
CA GLN TC 536 30.23 -27.46 96.13
C GLN TC 536 30.88 -28.65 95.45
N SER TC 537 31.13 -28.58 94.14
CA SER TC 537 31.75 -29.70 93.44
C SER TC 537 33.26 -29.73 93.64
N GLY TC 538 33.88 -28.62 94.03
CA GLY TC 538 35.30 -28.49 94.05
C GLY TC 538 35.96 -28.37 92.69
N ALA TC 539 35.20 -28.38 91.60
CA ALA TC 539 35.64 -27.71 90.38
C ALA TC 539 35.59 -26.22 90.63
N TRP TC 540 36.76 -25.58 90.74
CA TRP TC 540 36.81 -24.22 91.26
C TRP TC 540 38.14 -23.61 90.84
N SER TC 541 38.07 -22.45 90.19
CA SER TC 541 39.24 -21.84 89.57
C SER TC 541 39.85 -20.70 90.36
N GLY TC 542 39.07 -20.04 91.22
CA GLY TC 542 39.49 -18.81 91.85
C GLY TC 542 40.65 -18.96 92.81
N ASP TC 543 41.10 -20.19 93.03
CA ASP TC 543 42.34 -20.43 93.77
C ASP TC 543 43.56 -19.80 93.10
N ASP TC 544 43.64 -19.81 91.76
CA ASP TC 544 44.93 -19.70 91.09
C ASP TC 544 45.24 -18.27 90.64
N LYS TC 545 46.39 -17.78 91.12
CA LYS TC 545 46.82 -16.41 90.85
C LYS TC 545 46.93 -16.18 89.35
N LEU TC 546 47.59 -17.11 88.67
CA LEU TC 546 47.92 -16.95 87.28
C LEU TC 546 46.68 -17.00 86.40
N GLN TC 547 45.66 -17.76 86.80
CA GLN TC 547 44.42 -17.71 86.04
C GLN TC 547 43.62 -16.45 86.37
N LYS TC 548 43.57 -16.04 87.64
CA LYS TC 548 42.72 -14.91 88.00
C LYS TC 548 43.24 -13.59 87.48
N TRP TC 549 44.52 -13.53 87.11
CA TRP TC 549 45.01 -12.38 86.34
C TRP TC 549 44.20 -12.13 85.08
N VAL TC 550 43.77 -13.17 84.40
CA VAL TC 550 42.93 -12.99 83.22
C VAL TC 550 41.46 -13.03 83.58
N ARG TC 551 41.06 -14.03 84.35
CA ARG TC 551 39.64 -14.23 84.62
C ARG TC 551 39.02 -12.98 85.22
N VAL TC 552 39.82 -12.13 85.86
CA VAL TC 552 39.27 -10.88 86.37
C VAL TC 552 38.67 -10.01 85.27
N TYR TC 553 39.06 -10.19 84.01
CA TYR TC 553 38.35 -9.52 82.92
C TYR TC 553 36.98 -10.10 82.64
N LEU TC 554 36.72 -11.36 82.97
CA LEU TC 554 35.52 -12.03 82.49
C LEU TC 554 34.46 -12.23 83.55
N ASP TC 555 34.82 -12.76 84.72
CA ASP TC 555 33.80 -13.20 85.67
C ASP TC 555 33.33 -12.08 86.58
N ARG TC 556 34.13 -11.03 86.75
CA ARG TC 556 33.69 -9.87 87.51
C ARG TC 556 32.52 -9.16 86.86
N GLY TC 557 32.33 -9.33 85.56
CA GLY TC 557 31.28 -8.63 84.85
C GLY TC 557 31.78 -7.27 84.42
N GLU UC 26 10.15 98.84 9.36
CA GLU UC 26 10.21 97.39 9.21
C GLU UC 26 8.83 96.89 8.83
N LYS UC 27 8.75 95.79 8.09
CA LYS UC 27 7.44 95.17 7.87
C LYS UC 27 6.87 94.51 9.12
N ILE UC 28 7.61 94.44 10.22
CA ILE UC 28 7.14 93.79 11.44
C ILE UC 28 7.14 94.80 12.59
N PRO UC 29 6.24 95.76 12.60
CA PRO UC 29 6.23 96.83 13.61
C PRO UC 29 5.62 96.42 14.95
N VAL UC 30 6.15 95.35 15.55
CA VAL UC 30 5.71 94.92 16.88
C VAL UC 30 6.91 94.78 17.79
N THR UC 31 6.72 95.16 19.06
CA THR UC 31 7.83 95.52 19.93
C THR UC 31 8.49 94.33 20.61
N GLY UC 32 7.72 93.38 21.12
CA GLY UC 32 8.30 92.33 21.95
C GLY UC 32 8.89 91.14 21.22
N SER UC 33 8.59 89.93 21.69
CA SER UC 33 8.76 88.73 20.91
C SER UC 33 7.67 87.71 21.26
N GLY UC 34 7.31 86.90 20.28
CA GLY UC 34 6.27 85.91 20.49
C GLY UC 34 5.81 85.33 19.16
N PHE UC 35 4.71 84.60 19.22
CA PHE UC 35 4.07 84.05 18.04
C PHE UC 35 2.61 84.45 18.03
N VAL UC 36 2.15 85.01 16.94
CA VAL UC 36 0.77 85.44 16.82
C VAL UC 36 0.09 84.44 15.89
N ALA UC 37 -0.65 83.50 16.47
CA ALA UC 37 -1.46 82.57 15.70
C ALA UC 37 -2.74 83.25 15.30
N LYS UC 38 -3.21 82.95 14.09
CA LYS UC 38 -4.57 83.32 13.72
C LYS UC 38 -5.18 82.20 12.89
N ASP UC 39 -6.00 81.38 13.55
CA ASP UC 39 -6.66 80.24 12.91
C ASP UC 39 -5.65 79.29 12.28
N ASP UC 40 -4.76 78.78 13.11
CA ASP UC 40 -3.70 77.89 12.69
C ASP UC 40 -4.04 76.45 13.02
N SER UC 41 -3.91 75.56 12.06
CA SER UC 41 -3.91 74.15 12.37
C SER UC 41 -2.81 73.84 13.38
N LEU UC 42 -3.10 72.95 14.31
CA LEU UC 42 -2.10 72.62 15.32
C LEU UC 42 -0.78 72.17 14.73
N ARG UC 43 -0.78 71.59 13.53
CA ARG UC 43 0.50 71.24 12.93
C ARG UC 43 1.37 72.47 12.70
N THR UC 44 0.79 73.50 12.10
CA THR UC 44 1.55 74.70 11.79
C THR UC 44 1.78 75.55 13.01
N PHE UC 45 1.04 75.32 14.09
CA PHE UC 45 1.35 76.01 15.33
C PHE UC 45 2.49 75.35 16.08
N PHE UC 46 2.45 74.03 16.27
CA PHE UC 46 3.50 73.36 17.00
C PHE UC 46 4.82 73.33 16.24
N ASP UC 47 4.80 73.43 14.92
CA ASP UC 47 6.05 73.66 14.22
C ASP UC 47 6.73 74.94 14.69
N ALA UC 48 5.98 76.00 14.91
CA ALA UC 48 6.60 77.23 15.39
C ALA UC 48 7.21 77.05 16.76
N MET UC 49 6.75 76.08 17.52
CA MET UC 49 7.28 75.80 18.85
C MET UC 49 8.46 74.85 18.82
N ALA UC 50 8.69 74.22 17.67
CA ALA UC 50 9.70 73.18 17.60
C ALA UC 50 11.12 73.71 17.81
N LEU UC 51 11.41 74.95 17.43
CA LEU UC 51 12.77 75.45 17.63
C LEU UC 51 13.09 75.70 19.10
N GLN UC 52 12.13 76.20 19.87
CA GLN UC 52 12.33 76.34 21.31
C GLN UC 52 12.39 74.99 22.00
N LEU UC 53 11.60 74.04 21.53
CA LEU UC 53 11.72 72.66 21.99
C LEU UC 53 13.01 72.01 21.57
N LYS UC 54 13.64 72.48 20.51
CA LYS UC 54 14.87 71.89 19.98
C LYS UC 54 14.66 70.46 19.49
N GLU UC 55 13.43 70.13 19.08
CA GLU UC 55 13.10 68.80 18.65
C GLU UC 55 12.11 68.86 17.50
N PRO UC 56 12.21 67.96 16.53
CA PRO UC 56 11.17 67.88 15.50
C PRO UC 56 9.88 67.32 16.07
N VAL UC 57 8.75 67.87 15.61
CA VAL UC 57 7.43 67.50 16.13
C VAL UC 57 6.64 66.79 15.04
N ILE UC 58 6.06 65.65 15.40
CA ILE UC 58 5.17 64.83 14.59
C ILE UC 58 3.75 64.90 15.13
N VAL UC 59 2.79 65.30 14.29
CA VAL UC 59 1.40 65.47 14.71
C VAL UC 59 0.49 64.59 13.87
N SER UC 60 -0.33 63.78 14.54
CA SER UC 60 -1.38 62.99 13.94
C SER UC 60 -2.43 63.83 13.21
N LYS UC 61 -2.94 63.30 12.09
CA LYS UC 61 -4.00 63.95 11.32
C LYS UC 61 -5.24 64.29 12.15
N MET UC 62 -5.63 63.39 13.04
CA MET UC 62 -6.79 63.63 13.89
C MET UC 62 -6.59 64.85 14.77
N ALA UC 63 -5.40 65.02 15.32
CA ALA UC 63 -5.11 66.24 16.07
C ALA UC 63 -4.98 67.44 15.17
N ALA UC 64 -4.38 67.27 14.00
CA ALA UC 64 -4.23 68.34 13.04
C ALA UC 64 -5.55 68.88 12.51
N ARG UC 65 -6.66 68.22 12.79
CA ARG UC 65 -7.96 68.85 12.51
C ARG UC 65 -8.36 69.99 13.45
N LYS UC 66 -7.77 70.10 14.64
CA LYS UC 66 -8.08 71.16 15.59
C LYS UC 66 -7.42 72.49 15.23
N LYS UC 67 -8.00 73.59 15.73
CA LYS UC 67 -7.58 74.95 15.39
C LYS UC 67 -7.29 75.74 16.65
N ILE UC 68 -6.48 76.80 16.52
CA ILE UC 68 -6.19 77.69 17.63
C ILE UC 68 -5.97 79.12 17.15
N THR UC 69 -6.28 80.08 18.01
CA THR UC 69 -6.04 81.51 17.77
C THR UC 69 -5.57 82.20 19.03
N GLY UC 70 -4.60 83.10 18.94
CA GLY UC 70 -4.15 83.84 20.09
C GLY UC 70 -2.72 84.32 19.93
N ASN UC 71 -2.19 84.89 21.03
CA ASN UC 71 -0.83 85.42 21.10
C ASN UC 71 -0.05 84.75 22.22
N PHE UC 72 1.05 84.07 21.88
CA PHE UC 72 1.67 83.12 22.80
C PHE UC 72 3.14 83.40 23.06
N GLU UC 73 3.56 83.16 24.30
CA GLU UC 73 4.94 83.26 24.78
C GLU UC 73 5.55 81.86 24.91
N PHE UC 74 6.43 81.48 24.00
CA PHE UC 74 7.12 80.19 24.11
C PHE UC 74 8.29 80.21 25.08
N HIS UC 75 8.13 80.82 26.25
CA HIS UC 75 9.26 81.01 27.15
C HIS UC 75 9.74 79.71 27.81
N ASP UC 76 8.83 78.81 28.18
CA ASP UC 76 9.21 77.53 28.78
C ASP UC 76 8.43 76.38 28.17
N PRO UC 77 8.92 75.86 27.04
CA PRO UC 77 8.08 75.04 26.18
C PRO UC 77 7.49 73.82 26.87
N ASN UC 78 8.25 73.10 27.68
CA ASN UC 78 7.69 71.91 28.33
C ASN UC 78 6.49 72.27 29.18
N ALA UC 79 6.62 73.34 29.98
CA ALA UC 79 5.54 73.73 30.85
C ALA UC 79 4.35 74.28 30.08
N LEU UC 80 4.58 74.86 28.91
CA LEU UC 80 3.44 75.26 28.08
C LEU UC 80 2.76 74.05 27.46
N LEU UC 81 3.55 73.14 26.90
CA LEU UC 81 3.02 71.97 26.24
C LEU UC 81 2.19 71.11 27.19
N GLU UC 82 2.66 70.91 28.42
CA GLU UC 82 1.87 70.21 29.41
C GLU UC 82 0.51 70.84 29.63
N LYS UC 83 0.45 72.16 29.76
CA LYS UC 83 -0.81 72.81 30.03
C LYS UC 83 -1.76 72.68 28.84
N LEU UC 84 -1.27 73.02 27.65
CA LEU UC 84 -2.13 72.94 26.49
C LEU UC 84 -2.61 71.52 26.21
N SER UC 85 -1.82 70.49 26.52
CA SER UC 85 -2.33 69.13 26.42
C SER UC 85 -3.64 68.95 27.18
N LEU UC 86 -3.69 69.43 28.41
CA LEU UC 86 -4.89 69.28 29.23
C LEU UC 86 -6.02 70.18 28.78
N GLN UC 87 -5.70 71.34 28.23
CA GLN UC 87 -6.78 72.22 27.79
C GLN UC 87 -7.37 71.78 26.46
N LEU UC 88 -6.59 71.17 25.57
CA LEU UC 88 -7.07 70.84 24.23
C LEU UC 88 -7.38 69.36 24.08
N GLY UC 89 -7.08 68.54 25.08
CA GLY UC 89 -7.29 67.12 25.00
C GLY UC 89 -6.29 66.29 24.23
N LEU UC 90 -5.06 66.75 24.13
CA LEU UC 90 -4.02 66.01 23.44
C LEU UC 90 -3.30 65.10 24.42
N ILE UC 91 -2.49 64.20 23.87
CA ILE UC 91 -1.57 63.37 24.64
C ILE UC 91 -0.25 63.46 23.88
N TRP UC 92 0.86 63.37 24.60
CA TRP UC 92 2.15 63.53 23.97
C TRP UC 92 3.22 62.67 24.60
N TYR UC 93 4.24 62.37 23.80
CA TYR UC 93 5.34 61.51 24.21
C TYR UC 93 6.64 62.02 23.62
N PHE UC 94 7.76 61.61 24.23
CA PHE UC 94 9.10 62.01 23.78
C PHE UC 94 10.08 60.87 23.97
N ASP UC 95 10.54 60.31 22.85
CA ASP UC 95 11.45 59.17 22.80
C ASP UC 95 12.93 59.55 22.77
N GLY UC 96 13.26 60.83 22.83
CA GLY UC 96 14.62 61.32 22.78
C GLY UC 96 15.03 61.93 21.46
N GLN UC 97 14.30 61.67 20.38
CA GLN UC 97 14.61 62.20 19.07
C GLN UC 97 13.53 63.11 18.52
N ALA UC 98 12.26 62.84 18.80
CA ALA UC 98 11.17 63.64 18.28
C ALA UC 98 10.01 63.61 19.25
N ILE UC 99 9.22 64.67 19.24
CA ILE UC 99 8.00 64.76 20.04
C ILE UC 99 6.78 64.35 19.22
N TYR UC 100 5.98 63.42 19.74
CA TYR UC 100 4.80 62.88 19.09
C TYR UC 100 3.56 63.32 19.83
N ILE UC 101 2.61 63.93 19.11
CA ILE UC 101 1.38 64.45 19.70
C ILE UC 101 0.17 63.82 19.00
N TYR UC 102 -0.73 63.25 19.81
CA TYR UC 102 -1.93 62.56 19.36
C TYR UC 102 -3.16 63.09 20.06
N ASP UC 103 -4.31 62.83 19.47
CA ASP UC 103 -5.59 63.07 20.14
C ASP UC 103 -5.81 62.02 21.23
N ALA UC 104 -6.37 62.47 22.35
CA ALA UC 104 -6.70 61.59 23.48
C ALA UC 104 -7.51 60.35 23.11
N SER UC 105 -8.41 60.45 22.14
CA SER UC 105 -9.19 59.27 21.74
C SER UC 105 -8.37 58.14 21.16
N GLU UC 106 -7.12 58.37 20.81
CA GLU UC 106 -6.23 57.33 20.27
C GLU UC 106 -5.52 56.46 21.30
N MET UC 107 -5.68 56.69 22.60
CA MET UC 107 -5.03 55.86 23.60
C MET UC 107 -5.13 54.36 23.28
N ARG UC 108 -4.02 53.65 23.50
CA ARG UC 108 -3.92 52.20 23.32
C ARG UC 108 -3.65 51.54 24.66
N ASN UC 109 -4.08 50.30 24.81
CA ASN UC 109 -3.80 49.55 26.03
C ASN UC 109 -3.61 48.08 25.70
N ALA UC 110 -2.77 47.40 26.47
CA ALA UC 110 -2.49 46.00 26.22
C ALA UC 110 -2.02 45.30 27.47
N VAL UC 111 -2.26 44.00 27.50
CA VAL UC 111 -1.82 43.06 28.53
C VAL UC 111 -0.68 42.22 27.99
N VAL UC 112 0.42 42.16 28.75
CA VAL UC 112 1.61 41.42 28.35
C VAL UC 112 1.92 40.38 29.40
N SER UC 113 2.37 39.21 28.94
CA SER UC 113 2.78 38.11 29.82
C SER UC 113 4.14 37.61 29.42
N LEU UC 114 5.06 37.63 30.37
CA LEU UC 114 6.45 37.24 30.24
C LEU UC 114 6.73 36.02 31.11
N ARG UC 115 7.48 35.09 30.55
CA ARG UC 115 7.84 33.84 31.21
C ARG UC 115 9.22 33.88 31.84
N ASN UC 116 10.19 34.53 31.19
CA ASN UC 116 11.56 34.51 31.63
C ASN UC 116 12.05 35.78 32.32
N VAL UC 117 11.30 36.88 32.30
CA VAL UC 117 11.81 38.16 32.77
C VAL UC 117 10.80 38.79 33.72
N SER UC 118 11.28 39.26 34.87
CA SER UC 118 10.49 40.03 35.83
C SER UC 118 10.19 41.45 35.37
N LEU UC 119 9.02 41.93 35.79
CA LEU UC 119 8.61 43.31 35.54
C LEU UC 119 9.69 44.30 35.91
N ASN UC 120 10.24 44.21 37.13
CA ASN UC 120 11.28 45.15 37.51
C ASN UC 120 12.54 44.99 36.68
N GLU UC 121 12.83 43.79 36.20
CA GLU UC 121 13.96 43.64 35.29
C GLU UC 121 13.72 44.44 34.02
N PHE UC 122 12.51 44.38 33.49
CA PHE UC 122 12.20 45.15 32.29
C PHE UC 122 12.28 46.65 32.57
N ASN UC 123 11.83 47.07 33.75
CA ASN UC 123 11.95 48.49 34.09
C ASN UC 123 13.38 48.99 33.95
N ASN UC 124 14.35 48.25 34.48
CA ASN UC 124 15.76 48.63 34.34
C ASN UC 124 16.14 48.84 32.88
N PHE UC 125 15.67 47.98 32.00
CA PHE UC 125 15.93 48.16 30.58
C PHE UC 125 15.38 49.50 30.11
N LEU UC 126 14.11 49.77 30.38
CA LEU UC 126 13.55 51.07 30.00
C LEU UC 126 14.35 52.24 30.55
N LYS UC 127 14.75 52.18 31.81
CA LYS UC 127 15.49 53.31 32.39
C LYS UC 127 16.83 53.50 31.71
N ARG UC 128 17.61 52.43 31.56
CA ARG UC 128 18.88 52.57 30.84
C ARG UC 128 18.66 53.13 29.45
N SER UC 129 17.62 52.65 28.76
CA SER UC 129 17.30 53.17 27.44
C SER UC 129 16.96 54.65 27.45
N GLY UC 130 16.45 55.18 28.56
CA GLY UC 130 15.98 56.55 28.53
C GLY UC 130 14.64 56.68 27.86
N LEU UC 131 13.88 55.60 27.89
CA LEU UC 131 12.55 55.45 27.32
C LEU UC 131 11.46 55.52 28.37
N TYR UC 132 11.80 55.30 29.63
CA TYR UC 132 10.81 55.31 30.68
C TYR UC 132 10.08 56.65 30.72
N ASN UC 133 8.81 56.58 31.11
CA ASN UC 133 7.90 57.73 31.18
C ASN UC 133 7.00 57.59 32.38
N LYS UC 134 7.24 58.38 33.42
CA LYS UC 134 6.45 58.28 34.64
C LYS UC 134 4.99 58.70 34.50
N ASN UC 135 4.55 59.25 33.37
CA ASN UC 135 3.11 59.45 33.21
C ASN UC 135 2.34 58.19 32.84
N TYR UC 136 2.99 57.22 32.22
CA TYR UC 136 2.33 56.00 31.75
C TYR UC 136 3.07 54.75 32.21
N PRO UC 137 3.39 54.65 33.49
CA PRO UC 137 4.22 53.54 33.95
C PRO UC 137 3.50 52.21 33.85
N LEU UC 138 4.28 51.14 33.90
CA LEU UC 138 3.72 49.80 33.89
C LEU UC 138 3.07 49.49 35.21
N ARG UC 139 2.00 48.70 35.16
CA ARG UC 139 1.23 48.36 36.34
C ARG UC 139 1.17 46.84 36.52
N GLY UC 140 1.59 46.35 37.68
CA GLY UC 140 1.59 44.92 37.91
C GLY UC 140 2.37 44.55 39.15
N ASP UC 141 2.74 43.28 39.24
CA ASP UC 141 3.49 42.75 40.37
C ASP UC 141 4.97 42.63 40.04
N ASN UC 142 5.80 43.42 40.73
CA ASN UC 142 7.25 43.36 40.51
C ASN UC 142 7.78 41.93 40.48
N ARG UC 143 7.20 41.06 41.29
CA ARG UC 143 7.71 39.69 41.42
C ARG UC 143 7.18 38.74 40.35
N LYS UC 144 6.08 39.07 39.70
CA LYS UC 144 5.46 38.18 38.74
C LYS UC 144 5.78 38.63 37.32
N GLY UC 145 5.28 37.87 36.35
CA GLY UC 145 5.48 38.18 34.96
C GLY UC 145 4.28 38.57 34.12
N THR UC 146 3.40 39.40 34.63
CA THR UC 146 2.21 39.77 33.88
C THR UC 146 1.88 41.20 34.23
N PHE UC 147 1.60 42.02 33.22
CA PHE UC 147 1.34 43.42 33.49
C PHE UC 147 0.45 44.03 32.43
N TYR UC 148 -0.10 45.18 32.77
CA TYR UC 148 -0.95 46.01 31.92
C TYR UC 148 -0.27 47.33 31.62
N VAL UC 149 -0.37 47.79 30.38
CA VAL UC 149 0.24 49.05 29.96
C VAL UC 149 -0.70 49.78 29.01
N SER UC 150 -0.79 51.09 29.16
CA SER UC 150 -1.61 51.90 28.26
C SER UC 150 -0.97 53.26 28.03
N GLY UC 151 -1.13 53.78 26.83
CA GLY UC 151 -0.56 55.05 26.48
C GLY UC 151 -0.61 55.36 24.98
N PRO UC 152 0.14 56.36 24.55
CA PRO UC 152 0.21 56.66 23.14
C PRO UC 152 0.65 55.46 22.32
N PRO UC 153 0.14 55.34 21.09
CA PRO UC 153 0.52 54.26 20.18
C PRO UC 153 1.99 53.88 20.10
N VAL UC 154 2.85 54.85 19.85
CA VAL UC 154 4.27 54.55 19.71
C VAL UC 154 4.82 53.87 20.95
N TYR UC 155 4.51 54.41 22.11
CA TYR UC 155 5.02 53.85 23.35
C TYR UC 155 4.50 52.44 23.58
N VAL UC 156 3.20 52.25 23.37
CA VAL UC 156 2.64 50.91 23.55
C VAL UC 156 3.31 49.90 22.63
N ASP UC 157 3.33 50.18 21.33
CA ASP UC 157 3.96 49.27 20.38
C ASP UC 157 5.39 48.93 20.75
N MET UC 158 6.20 49.95 21.03
CA MET UC 158 7.58 49.68 21.39
C MET UC 158 7.67 48.77 22.60
N VAL UC 159 6.95 49.10 23.68
CA VAL UC 159 6.96 48.25 24.86
C VAL UC 159 6.62 46.79 24.53
N VAL UC 160 5.49 46.57 23.87
CA VAL UC 160 5.07 45.19 23.58
C VAL UC 160 6.14 44.44 22.78
N ASN UC 161 6.70 45.06 21.75
CA ASN UC 161 7.73 44.38 20.97
C ASN UC 161 8.96 44.08 21.79
N ALA UC 162 9.57 45.11 22.35
CA ALA UC 162 10.75 44.92 23.19
C ALA UC 162 10.58 43.80 24.20
N ALA UC 163 9.52 43.84 25.00
CA ALA UC 163 9.30 42.79 25.98
C ALA UC 163 9.22 41.40 25.37
N THR UC 164 8.49 41.24 24.27
CA THR UC 164 8.42 39.93 23.64
C THR UC 164 9.78 39.42 23.19
N MET UC 165 10.61 40.30 22.65
CA MET UC 165 11.95 39.87 22.24
C MET UC 165 12.85 39.56 23.42
N MET UC 166 12.82 40.36 24.47
CA MET UC 166 13.56 40.01 25.68
C MET UC 166 13.23 38.61 26.14
N ASP UC 167 11.93 38.32 26.23
CA ASP UC 167 11.52 37.00 26.70
C ASP UC 167 11.99 35.89 25.77
N LYS UC 168 11.91 36.09 24.46
CA LYS UC 168 12.36 35.02 23.57
C LYS UC 168 13.87 34.81 23.66
N GLN UC 169 14.66 35.88 23.68
CA GLN UC 169 16.10 35.69 23.74
C GLN UC 169 16.53 35.00 25.01
N ASN UC 170 15.83 35.24 26.12
CA ASN UC 170 16.21 34.55 27.36
C ASN UC 170 15.92 33.05 27.35
N ASP UC 171 15.33 32.50 26.29
CA ASP UC 171 15.33 31.05 26.09
C ASP UC 171 16.70 30.47 25.77
N GLY UC 172 17.67 31.29 25.41
CA GLY UC 172 19.04 30.83 25.23
C GLY UC 172 19.92 30.86 26.47
N ILE UC 173 19.48 31.56 27.51
CA ILE UC 173 20.23 31.58 28.76
C ILE UC 173 19.88 30.36 29.60
N GLU UC 174 20.79 30.03 30.52
CA GLU UC 174 20.61 28.90 31.42
C GLU UC 174 20.97 29.27 32.86
N LEU UC 175 20.12 28.81 33.79
CA LEU UC 175 20.26 29.05 35.21
C LEU UC 175 20.84 27.88 35.98
N GLY UC 176 20.56 26.65 35.58
CA GLY UC 176 20.74 25.49 36.43
C GLY UC 176 22.13 24.90 36.45
N ARG UC 177 23.11 25.72 36.79
CA ARG UC 177 24.46 25.22 37.01
C ARG UC 177 24.48 24.22 38.15
N GLN UC 178 25.02 23.04 37.88
CA GLN UC 178 25.18 22.02 38.90
C GLN UC 178 26.31 22.38 39.85
N LYS UC 179 26.21 21.88 41.08
CA LYS UC 179 27.32 21.91 42.01
C LYS UC 179 27.58 20.51 42.57
N ILE UC 180 28.80 20.33 43.03
CA ILE UC 180 29.32 19.07 43.58
C ILE UC 180 29.65 19.23 45.06
N GLY UC 181 29.02 18.42 45.91
CA GLY UC 181 29.39 18.30 47.31
C GLY UC 181 30.18 17.04 47.60
N VAL UC 182 31.29 17.19 48.30
CA VAL UC 182 32.08 16.07 48.80
C VAL UC 182 31.83 15.92 50.30
N MET UC 183 31.29 14.77 50.72
CA MET UC 183 30.91 14.59 52.13
C MET UC 183 31.52 13.32 52.70
N ARG UC 184 32.47 13.48 53.61
CA ARG UC 184 33.05 12.37 54.36
C ARG UC 184 32.11 11.79 55.41
N LEU UC 185 31.95 10.47 55.41
CA LEU UC 185 31.26 9.76 56.49
C LEU UC 185 32.17 9.53 57.69
N ASN UC 186 31.72 9.95 58.86
CA ASN UC 186 32.48 9.88 60.10
C ASN UC 186 32.25 8.62 60.90
N ASN UC 187 31.13 7.92 60.71
CA ASN UC 187 30.76 6.81 61.57
C ASN UC 187 30.51 5.48 60.88
N THR UC 188 30.70 5.36 59.57
CA THR UC 188 30.37 4.10 58.92
C THR UC 188 31.08 4.00 57.59
N PHE UC 189 31.21 2.77 57.10
CA PHE UC 189 31.76 2.50 55.78
C PHE UC 189 30.78 2.88 54.68
N VAL UC 190 31.33 3.53 53.63
CA VAL UC 190 30.51 3.95 52.51
C VAL UC 190 29.97 2.77 51.72
N GLY UC 191 30.80 1.77 51.44
CA GLY UC 191 30.34 0.67 50.62
C GLY UC 191 29.38 -0.28 51.30
N ASP UC 192 28.59 -0.95 50.45
CA ASP UC 192 27.71 -2.03 50.85
C ASP UC 192 28.52 -3.25 51.28
N ARG UC 193 27.92 -4.09 52.11
CA ARG UC 193 28.62 -5.25 52.66
C ARG UC 193 27.78 -6.51 52.51
N THR UC 194 28.48 -7.63 52.36
CA THR UC 194 27.87 -8.94 52.26
C THR UC 194 28.44 -9.84 53.34
N TYR UC 195 27.54 -10.48 54.09
CA TYR UC 195 27.88 -11.39 55.16
C TYR UC 195 27.46 -12.80 54.74
N ASN UC 196 28.44 -13.57 54.31
CA ASN UC 196 28.26 -14.96 53.94
C ASN UC 196 28.09 -15.81 55.19
N LEU UC 197 26.86 -15.84 55.69
CA LEU UC 197 26.60 -16.76 56.79
C LEU UC 197 26.81 -18.17 56.25
N ARG UC 198 27.38 -19.02 57.10
CA ARG UC 198 27.61 -20.40 56.71
C ARG UC 198 26.37 -21.04 56.10
N ASP UC 199 25.18 -20.54 56.45
CA ASP UC 199 23.93 -21.06 55.91
C ASP UC 199 23.30 -20.15 54.87
N GLN UC 200 23.63 -18.86 54.86
CA GLN UC 200 22.91 -17.90 54.05
C GLN UC 200 23.80 -16.69 53.78
N LYS UC 201 23.72 -16.17 52.56
CA LYS UC 201 24.34 -14.92 52.18
C LYS UC 201 23.37 -13.76 52.37
N MET UC 202 23.81 -12.69 53.04
CA MET UC 202 22.92 -11.59 53.36
C MET UC 202 23.64 -10.29 53.05
N VAL UC 203 22.87 -9.30 52.60
CA VAL UC 203 23.44 -8.04 52.11
C VAL UC 203 22.90 -6.85 52.88
N ILE UC 204 23.81 -5.93 53.20
CA ILE UC 204 23.49 -4.65 53.82
C ILE UC 204 23.90 -3.58 52.82
N PRO UC 205 22.95 -2.87 52.21
CA PRO UC 205 23.31 -1.85 51.22
C PRO UC 205 23.92 -0.60 51.83
N GLY UC 206 24.71 0.08 50.99
CA GLY UC 206 25.23 1.39 51.33
C GLY UC 206 24.25 2.51 51.09
N ILE UC 207 24.53 3.62 51.79
CA ILE UC 207 23.70 4.82 51.71
C ILE UC 207 23.47 5.24 50.26
N ALA UC 208 24.53 5.24 49.45
CA ALA UC 208 24.37 5.59 48.05
C ALA UC 208 23.32 4.73 47.37
N THR UC 209 23.42 3.42 47.53
CA THR UC 209 22.44 2.53 46.93
C THR UC 209 21.04 2.81 47.43
N ALA UC 210 20.86 2.87 48.75
CA ALA UC 210 19.55 3.15 49.32
C ALA UC 210 18.93 4.44 48.79
N ILE UC 211 19.68 5.54 48.81
CA ILE UC 211 19.14 6.81 48.35
C ILE UC 211 18.84 6.78 46.85
N GLU UC 212 19.77 6.30 46.03
CA GLU UC 212 19.47 6.19 44.62
C GLU UC 212 18.19 5.42 44.38
N ARG UC 213 18.07 4.23 44.96
CA ARG UC 213 16.86 3.44 44.81
C ARG UC 213 15.61 4.20 45.26
N LEU UC 214 15.71 4.98 46.33
CA LEU UC 214 14.57 5.78 46.78
C LEU UC 214 14.16 6.85 45.78
N LEU UC 215 15.10 7.65 45.31
CA LEU UC 215 14.78 8.76 44.40
C LEU UC 215 14.48 8.34 42.96
N GLN UC 216 14.99 7.21 42.52
CA GLN UC 216 14.90 6.80 41.13
C GLN UC 216 13.52 6.97 40.53
N GLY UC 217 13.47 7.70 39.41
CA GLY UC 217 12.27 8.05 38.67
C GLY UC 217 11.39 9.14 39.23
N GLU UC 218 11.83 9.85 40.26
CA GLU UC 218 11.03 10.95 40.78
C GLU UC 218 10.87 12.07 39.75
N GLU UC 219 9.69 12.71 39.75
CA GLU UC 219 9.36 13.81 38.86
C GLU UC 219 9.32 15.16 39.55
N GLN UC 220 8.96 15.21 40.84
CA GLN UC 220 8.74 16.44 41.58
C GLN UC 220 9.96 16.83 42.41
N PRO UC 221 10.02 18.08 42.84
CA PRO UC 221 11.10 18.51 43.76
C PRO UC 221 11.02 17.86 45.13
N LEU UC 222 12.12 18.00 45.86
CA LEU UC 222 12.29 17.66 47.27
C LEU UC 222 12.01 18.84 48.18
N GLY UC 223 11.81 18.52 49.46
CA GLY UC 223 11.67 19.55 50.47
C GLY UC 223 11.46 18.97 51.86
N ASN UC 224 11.85 19.76 52.87
CA ASN UC 224 11.61 19.46 54.28
C ASN UC 224 12.03 18.04 54.65
N ILE UC 225 13.32 17.79 54.54
CA ILE UC 225 13.91 16.56 55.05
C ILE UC 225 13.70 16.52 56.56
N VAL UC 226 13.11 15.43 57.06
CA VAL UC 226 12.85 15.30 58.48
C VAL UC 226 13.26 13.92 58.97
N SER UC 227 13.56 13.85 60.26
CA SER UC 227 13.83 12.57 60.92
C SER UC 227 12.58 11.71 60.96
N MET UC 252 11.15 38.93 42.20
CA MET UC 252 12.12 37.90 42.57
C MET UC 252 11.49 36.53 42.66
N SER UC 253 10.25 36.47 43.17
CA SER UC 253 9.62 35.19 43.39
C SER UC 253 9.68 34.30 42.16
N LEU UC 254 9.56 34.90 40.97
CA LEU UC 254 9.67 34.14 39.74
C LEU UC 254 11.01 33.40 39.61
N GLN UC 255 12.09 34.04 40.04
CA GLN UC 255 13.40 33.38 39.98
C GLN UC 255 13.48 32.17 40.90
N GLU UC 256 13.07 32.32 42.17
CA GLU UC 256 13.04 31.17 43.07
C GLU UC 256 12.09 30.09 42.57
N ALA UC 257 10.91 30.48 42.08
CA ALA UC 257 9.97 29.53 41.52
C ALA UC 257 10.56 28.75 40.37
N LEU UC 258 11.48 29.34 39.63
CA LEU UC 258 12.12 28.61 38.54
C LEU UC 258 13.27 27.74 39.03
N LYS UC 259 14.13 28.29 39.89
CA LYS UC 259 15.27 27.54 40.40
C LYS UC 259 14.85 26.31 41.20
N GLN UC 260 13.84 26.45 42.04
CA GLN UC 260 13.35 25.36 42.87
C GLN UC 260 12.48 24.36 42.13
N ASN UC 261 12.45 24.44 40.80
CA ASN UC 261 11.68 23.50 39.99
C ASN UC 261 12.42 22.20 39.68
N ALA UC 262 13.73 22.13 39.91
CA ALA UC 262 14.51 20.97 39.50
C ALA UC 262 14.07 19.69 40.18
N ALA UC 263 13.92 18.64 39.37
CA ALA UC 263 13.43 17.34 39.82
C ALA UC 263 14.48 16.54 40.58
N ALA UC 264 14.01 15.89 41.65
CA ALA UC 264 14.83 14.99 42.46
C ALA UC 264 15.57 13.95 41.64
N GLY UC 265 14.93 13.40 40.61
CA GLY UC 265 15.57 12.37 39.80
C GLY UC 265 16.91 12.74 39.19
N ASN UC 266 17.23 14.03 39.06
CA ASN UC 266 18.55 14.42 38.57
C ASN UC 266 19.65 14.30 39.60
N ILE UC 267 19.33 14.25 40.89
CA ILE UC 267 20.36 14.15 41.90
C ILE UC 267 21.16 12.87 41.66
N LYS UC 268 22.48 12.96 41.78
CA LYS UC 268 23.32 11.76 41.67
C LYS UC 268 24.25 11.63 42.86
N ILE UC 269 24.34 10.43 43.42
CA ILE UC 269 25.31 10.07 44.44
C ILE UC 269 26.28 9.02 43.90
N VAL UC 270 27.57 9.21 44.15
CA VAL UC 270 28.60 8.21 43.85
C VAL UC 270 29.42 7.92 45.10
N ALA UC 271 29.63 6.63 45.38
CA ALA UC 271 30.47 6.17 46.49
C ALA UC 271 31.95 6.22 46.12
N TYR UC 272 32.80 6.74 47.03
CA TYR UC 272 34.24 6.81 46.77
C TYR UC 272 34.97 6.28 47.99
N PRO UC 273 35.13 4.95 48.09
CA PRO UC 273 35.77 4.33 49.25
C PRO UC 273 37.19 4.79 49.55
N ASP UC 274 37.93 5.32 48.58
CA ASP UC 274 39.32 5.69 48.82
C ASP UC 274 39.47 6.65 50.00
N THR UC 275 38.57 7.61 50.11
CA THR UC 275 38.54 8.56 51.21
C THR UC 275 37.34 8.34 52.09
N ASN UC 276 36.57 7.28 51.82
CA ASN UC 276 35.34 7.02 52.55
C ASN UC 276 34.38 8.20 52.47
N SER UC 277 34.15 8.66 51.23
CA SER UC 277 33.36 9.88 51.03
C SER UC 277 32.39 9.71 49.89
N LEU UC 278 31.24 10.39 50.00
CA LEU UC 278 30.27 10.47 48.92
C LEU UC 278 30.48 11.71 48.07
N LEU UC 279 30.38 11.54 46.76
CA LEU UC 279 30.25 12.65 45.83
C LEU UC 279 28.78 12.84 45.48
N VAL UC 280 28.30 14.07 45.57
CA VAL UC 280 26.89 14.39 45.35
C VAL UC 280 26.82 15.49 44.30
N LYS UC 281 25.94 15.33 43.32
CA LYS UC 281 25.81 16.28 42.24
C LYS UC 281 24.35 16.70 42.12
N GLY UC 282 24.12 18.01 42.10
CA GLY UC 282 22.77 18.52 41.96
C GLY UC 282 22.75 20.03 42.01
N THR UC 283 21.57 20.61 42.23
CA THR UC 283 21.53 22.02 42.59
C THR UC 283 21.93 22.23 44.04
N ALA UC 284 22.24 23.48 44.38
CA ALA UC 284 22.65 23.82 45.74
C ALA UC 284 21.60 23.47 46.78
N GLU UC 285 20.32 23.65 46.46
CA GLU UC 285 19.26 23.22 47.36
C GLU UC 285 19.33 21.71 47.58
N GLN UC 286 19.46 20.97 46.49
CA GLN UC 286 19.48 19.52 46.59
C GLN UC 286 20.66 19.04 47.40
N VAL UC 287 21.84 19.63 47.16
CA VAL UC 287 23.01 19.26 47.93
C VAL UC 287 22.82 19.55 49.42
N HIS UC 288 22.15 20.64 49.74
CA HIS UC 288 21.90 20.93 51.15
C HIS UC 288 20.95 19.91 51.78
N PHE UC 289 19.93 19.48 51.06
CA PHE UC 289 19.04 18.47 51.60
C PHE UC 289 19.73 17.12 51.77
N ILE UC 290 20.52 16.71 50.77
CA ILE UC 290 21.20 15.43 50.89
C ILE UC 290 22.19 15.46 52.04
N GLU UC 291 22.86 16.59 52.25
CA GLU UC 291 23.71 16.73 53.42
C GLU UC 291 22.96 16.54 54.72
N MET UC 292 21.77 17.13 54.84
CA MET UC 292 21.01 16.95 56.08
C MET UC 292 20.55 15.50 56.27
N LEU UC 293 20.21 14.81 55.20
CA LEU UC 293 19.84 13.41 55.34
C LEU UC 293 21.02 12.52 55.74
N VAL UC 294 22.16 12.71 55.07
CA VAL UC 294 23.33 11.93 55.45
C VAL UC 294 23.65 12.10 56.93
N LYS UC 295 23.59 13.35 57.41
CA LYS UC 295 23.80 13.60 58.82
C LYS UC 295 22.70 13.02 59.69
N ALA UC 296 21.52 12.77 59.14
CA ALA UC 296 20.52 12.02 59.88
C ALA UC 296 20.82 10.54 59.97
N LEU UC 297 21.59 10.00 59.04
CA LEU UC 297 21.73 8.55 58.91
C LEU UC 297 23.00 7.96 59.52
N ASP UC 298 24.14 8.62 59.42
CA ASP UC 298 25.40 8.05 59.95
C ASP UC 298 25.60 8.28 61.46
N VAL UC 299 24.78 7.60 62.27
CA VAL UC 299 24.95 7.56 63.72
C VAL UC 299 25.67 6.28 64.18
N ALA UC 300 26.68 6.45 65.03
CA ALA UC 300 27.59 5.37 65.46
C ALA UC 300 26.91 4.29 66.31
N LYS UC 301 27.18 3.03 65.97
CA LYS UC 301 26.65 1.87 66.69
C LYS UC 301 27.23 1.66 68.10
N ARG UC 302 26.36 1.22 69.02
CA ARG UC 302 26.72 0.65 70.33
C ARG UC 302 27.28 -0.78 70.24
N HIS UC 303 28.21 -1.11 71.16
CA HIS UC 303 28.76 -2.47 71.34
C HIS UC 303 27.97 -3.31 72.35
N VAL UC 304 27.83 -4.60 72.05
CA VAL UC 304 27.18 -5.58 72.93
C VAL UC 304 28.06 -6.80 73.15
N GLU UC 305 28.32 -7.15 74.40
CA GLU UC 305 28.99 -8.41 74.75
C GLU UC 305 27.98 -9.46 75.18
N LEU UC 306 28.05 -10.64 74.56
CA LEU UC 306 27.19 -11.78 74.82
C LEU UC 306 27.97 -12.88 75.53
N SER UC 307 27.39 -13.46 76.58
CA SER UC 307 27.99 -14.54 77.35
C SER UC 307 26.98 -15.68 77.48
N LEU UC 308 27.46 -16.92 77.38
CA LEU UC 308 26.59 -18.09 77.44
C LEU UC 308 27.12 -19.15 78.39
N TRP UC 309 26.28 -19.60 79.32
CA TRP UC 309 26.61 -20.68 80.26
C TRP UC 309 25.97 -22.00 79.89
N ILE UC 310 26.78 -23.06 79.85
CA ILE UC 310 26.34 -24.43 79.59
C ILE UC 310 26.75 -25.28 80.78
N VAL UC 311 25.80 -26.00 81.37
CA VAL UC 311 26.01 -26.77 82.59
C VAL UC 311 25.49 -28.19 82.41
N ASP UC 312 26.29 -29.18 82.81
CA ASP UC 312 25.95 -30.59 82.62
C ASP UC 312 26.41 -31.43 83.81
N LEU UC 313 25.47 -32.15 84.41
CA LEU UC 313 25.70 -32.91 85.65
C LEU UC 313 25.19 -34.33 85.49
N ASN UC 314 25.97 -35.31 85.96
CA ASN UC 314 25.58 -36.72 85.84
C ASN UC 314 25.90 -37.52 87.10
N LYS UC 315 24.93 -38.31 87.56
CA LYS UC 315 25.06 -39.22 88.70
C LYS UC 315 24.50 -40.59 88.38
N SER UC 316 25.19 -41.66 88.80
CA SER UC 316 24.66 -43.00 88.53
C SER UC 316 25.17 -44.01 89.53
N ASP UC 317 24.31 -45.00 89.82
CA ASP UC 317 24.58 -46.14 90.67
C ASP UC 317 24.34 -47.45 89.92
N LEU UC 318 25.19 -48.44 90.18
CA LEU UC 318 25.10 -49.74 89.53
C LEU UC 318 25.58 -50.86 90.44
N GLU UC 319 24.86 -51.97 90.48
CA GLU UC 319 25.38 -53.11 91.21
C GLU UC 319 24.80 -54.41 90.68
N ARG UC 320 25.59 -55.48 90.76
CA ARG UC 320 25.18 -56.82 90.38
C ARG UC 320 25.71 -57.82 91.38
N LEU UC 321 24.87 -58.77 91.75
CA LEU UC 321 25.22 -59.74 92.79
C LEU UC 321 24.46 -61.05 92.62
N GLY UC 322 25.16 -62.16 92.79
CA GLY UC 322 24.54 -63.47 92.74
C GLY UC 322 25.28 -64.53 91.92
N THR UC 323 24.57 -65.64 91.69
CA THR UC 323 25.11 -66.87 91.11
C THR UC 323 24.29 -67.42 89.95
N SER UC 324 24.96 -68.24 89.14
CA SER UC 324 24.39 -69.00 88.03
C SER UC 324 24.95 -70.42 88.09
N TRP UC 325 24.11 -71.41 87.76
CA TRP UC 325 24.43 -72.82 87.95
C TRP UC 325 24.14 -73.66 86.72
N SER UC 326 25.00 -74.67 86.50
CA SER UC 326 24.83 -75.55 85.33
C SER UC 326 25.66 -76.80 85.55
N GLY UC 327 25.09 -77.96 85.21
CA GLY UC 327 25.87 -79.18 85.44
C GLY UC 327 25.46 -80.35 84.57
N SER UC 328 26.30 -81.39 84.59
CA SER UC 328 26.06 -82.59 83.82
C SER UC 328 26.39 -83.83 84.64
N ILE UC 329 25.48 -84.81 84.62
CA ILE UC 329 25.64 -86.03 85.39
C ILE UC 329 25.28 -87.21 84.49
N THR UC 330 25.75 -88.39 84.87
CA THR UC 330 25.46 -89.58 84.08
C THR UC 330 25.22 -90.80 84.96
N ILE UC 331 24.56 -91.79 84.36
CA ILE UC 331 24.34 -93.11 84.92
C ILE UC 331 24.82 -94.09 83.87
N GLY UC 332 25.94 -94.76 84.15
CA GLY UC 332 26.58 -95.58 83.15
C GLY UC 332 26.75 -94.76 81.88
N ASP UC 333 26.65 -95.44 80.74
CA ASP UC 333 26.54 -94.75 79.47
C ASP UC 333 25.12 -94.89 78.95
N LYS UC 334 24.21 -95.26 79.85
CA LYS UC 334 22.81 -95.46 79.55
C LYS UC 334 22.10 -94.11 79.54
N LEU UC 335 22.19 -93.37 80.63
CA LEU UC 335 21.46 -92.12 80.75
C LEU UC 335 22.40 -90.96 81.04
N GLY UC 336 22.30 -89.92 80.22
CA GLY UC 336 22.98 -88.66 80.44
C GLY UC 336 21.96 -87.58 80.78
N VAL UC 337 22.31 -86.73 81.74
CA VAL UC 337 21.41 -85.69 82.22
C VAL UC 337 22.19 -84.39 82.28
N SER UC 338 21.57 -83.31 81.80
CA SER UC 338 22.23 -82.01 81.77
C SER UC 338 21.28 -80.90 82.21
N LEU UC 339 21.83 -79.98 82.99
CA LEU UC 339 21.14 -78.82 83.51
C LEU UC 339 21.77 -77.56 82.90
N ASN UC 340 20.98 -76.88 82.07
CA ASN UC 340 21.32 -75.61 81.43
C ASN UC 340 22.68 -75.59 80.71
N GLN UC 341 22.98 -76.64 79.95
CA GLN UC 341 24.23 -76.70 79.21
C GLN UC 341 24.03 -77.11 77.76
N SER UC 342 24.75 -76.41 76.87
CA SER UC 342 24.80 -76.83 75.48
C SER UC 342 25.49 -78.18 75.38
N SER UC 343 26.59 -78.34 76.13
CA SER UC 343 27.28 -79.61 76.21
C SER UC 343 26.47 -80.52 77.12
N ILE UC 344 26.23 -81.74 76.67
CA ILE UC 344 25.33 -82.64 77.39
C ILE UC 344 26.01 -83.69 78.25
N SER UC 345 27.24 -84.07 77.97
CA SER UC 345 27.83 -85.12 78.79
C SER UC 345 29.34 -85.15 78.65
N THR UC 346 29.95 -85.74 79.68
CA THR UC 346 31.37 -86.08 79.72
C THR UC 346 31.57 -87.57 79.85
N LEU UC 347 30.52 -88.34 80.13
CA LEU UC 347 30.61 -89.77 80.39
C LEU UC 347 31.59 -90.06 81.52
N ASP UC 348 31.62 -89.17 82.53
CA ASP UC 348 32.53 -89.35 83.66
C ASP UC 348 31.89 -88.85 84.95
N GLY UC 349 30.92 -89.61 85.43
CA GLY UC 349 30.17 -89.27 86.63
C GLY UC 349 29.37 -87.98 86.60
N SER UC 350 29.71 -87.10 87.55
CA SER UC 350 29.06 -85.79 87.74
C SER UC 350 30.05 -84.63 87.72
N ARG UC 351 29.62 -83.51 87.12
CA ARG UC 351 30.43 -82.30 87.02
C ARG UC 351 29.47 -81.12 87.12
N PHE UC 352 29.88 -80.08 87.83
CA PHE UC 352 29.06 -78.87 87.99
C PHE UC 352 29.90 -77.61 87.99
N ILE UC 353 29.40 -76.57 87.33
CA ILE UC 353 30.05 -75.27 87.32
C ILE UC 353 29.06 -74.19 87.72
N ALA UC 354 29.54 -73.24 88.52
CA ALA UC 354 28.80 -72.09 88.99
C ALA UC 354 29.59 -70.82 88.71
N ALA UC 355 28.90 -69.79 88.25
CA ALA UC 355 29.46 -68.48 87.99
C ALA UC 355 28.92 -67.49 89.01
N VAL UC 356 29.79 -66.61 89.51
CA VAL UC 356 29.42 -65.65 90.54
C VAL UC 356 29.84 -64.24 90.12
N ASN UC 357 28.93 -63.29 90.30
CA ASN UC 357 29.20 -61.87 90.08
C ASN UC 357 28.87 -61.08 91.35
N ALA UC 358 29.77 -60.15 91.69
CA ALA UC 358 29.59 -59.30 92.88
C ALA UC 358 30.37 -58.00 92.64
N LEU UC 359 29.65 -56.95 92.26
CA LEU UC 359 30.31 -55.69 91.95
C LEU UC 359 29.36 -54.52 92.12
N GLU UC 360 29.89 -53.39 92.61
CA GLU UC 360 29.12 -52.18 92.81
C GLU UC 360 29.93 -50.95 92.39
N GLU UC 361 29.26 -50.00 91.75
CA GLU UC 361 29.89 -48.77 91.28
C GLU UC 361 29.00 -47.55 91.45
N LYS UC 362 29.61 -46.43 91.82
CA LYS UC 362 28.96 -45.13 91.92
C LYS UC 362 29.79 -44.14 91.12
N LYS UC 363 29.12 -43.21 90.43
CA LYS UC 363 29.85 -42.30 89.54
C LYS UC 363 29.16 -40.95 89.49
N GLN UC 364 29.98 -39.89 89.39
CA GLN UC 364 29.51 -38.52 89.30
C GLN UC 364 30.43 -37.67 88.45
N ALA UC 365 29.83 -36.78 87.64
CA ALA UC 365 30.60 -35.92 86.74
C ALA UC 365 29.91 -34.57 86.60
N THR UC 366 30.71 -33.54 86.31
CA THR UC 366 30.24 -32.16 86.18
C THR UC 366 31.07 -31.37 85.19
N VAL UC 367 30.41 -30.62 84.31
CA VAL UC 367 31.08 -29.81 83.29
C VAL UC 367 30.36 -28.48 83.13
N VAL UC 368 31.16 -27.41 83.01
CA VAL UC 368 30.68 -26.05 82.78
C VAL UC 368 31.48 -25.41 81.65
N SER UC 369 30.78 -24.82 80.68
CA SER UC 369 31.39 -24.12 79.56
C SER UC 369 30.81 -22.72 79.42
N ARG UC 370 31.66 -21.76 79.06
CA ARG UC 370 31.24 -20.37 78.94
C ARG UC 370 31.87 -19.62 77.78
N PRO UC 371 31.27 -19.66 76.60
CA PRO UC 371 31.72 -18.81 75.51
C PRO UC 371 31.30 -17.35 75.69
N VAL UC 372 32.16 -16.45 75.24
CA VAL UC 372 31.95 -15.00 75.30
C VAL UC 372 32.31 -14.36 73.97
N LEU UC 373 31.41 -13.52 73.44
CA LEU UC 373 31.61 -12.90 72.13
C LEU UC 373 31.18 -11.43 72.14
N LEU UC 374 32.00 -10.58 71.50
CA LEU UC 374 31.72 -9.15 71.33
C LEU UC 374 31.18 -8.84 69.94
N THR UC 375 30.13 -8.02 69.88
CA THR UC 375 29.47 -7.69 68.62
C THR UC 375 29.01 -6.23 68.64
N GLN UC 376 28.52 -5.77 67.50
CA GLN UC 376 27.88 -4.47 67.37
C GLN UC 376 26.44 -4.62 66.95
N GLU UC 377 25.62 -3.72 67.46
CA GLU UC 377 24.21 -3.60 67.10
C GLU UC 377 23.96 -3.79 65.61
N ASN UC 378 23.05 -4.69 65.29
CA ASN UC 378 22.62 -5.05 63.95
C ASN UC 378 23.68 -5.72 63.09
N VAL UC 379 24.78 -6.19 63.65
CA VAL UC 379 25.84 -6.83 62.87
C VAL UC 379 25.90 -8.30 63.28
N PRO UC 380 25.73 -9.24 62.36
CA PRO UC 380 25.83 -10.65 62.74
C PRO UC 380 27.23 -11.04 63.18
N ALA UC 381 27.29 -12.08 64.02
CA ALA UC 381 28.57 -12.55 64.54
C ALA UC 381 28.52 -14.05 64.74
N ILE UC 382 29.68 -14.68 64.55
CA ILE UC 382 29.82 -16.13 64.66
C ILE UC 382 31.06 -16.50 65.47
N PHE UC 383 30.90 -17.45 66.38
CA PHE UC 383 31.99 -18.01 67.18
C PHE UC 383 32.02 -19.51 66.96
N ASP UC 384 33.22 -20.08 66.78
CA ASP UC 384 33.37 -21.50 66.54
C ASP UC 384 34.66 -22.03 67.14
N ASN UC 385 34.57 -23.11 67.93
CA ASN UC 385 35.73 -23.63 68.64
C ASN UC 385 35.71 -25.14 68.81
N ASN UC 386 36.86 -25.77 68.62
CA ASN UC 386 37.08 -27.20 68.81
C ASN UC 386 38.32 -27.44 69.65
N ARG UC 387 38.25 -28.41 70.56
CA ARG UC 387 39.40 -28.76 71.39
C ARG UC 387 39.40 -30.25 71.73
N THR UC 388 40.58 -30.84 71.65
CA THR UC 388 40.80 -32.26 71.89
C THR UC 388 41.51 -32.48 73.22
N PHE UC 389 40.92 -33.29 74.09
CA PHE UC 389 41.42 -33.58 75.41
C PHE UC 389 41.92 -35.01 75.45
N TYR UC 390 43.15 -35.18 75.95
CA TYR UC 390 43.83 -36.46 76.01
C TYR UC 390 43.77 -37.03 77.41
N THR UC 391 43.56 -38.34 77.49
CA THR UC 391 43.75 -39.11 78.71
C THR UC 391 44.98 -39.98 78.55
N LYS UC 392 45.93 -39.83 79.48
CA LYS UC 392 47.12 -40.69 79.50
C LYS UC 392 46.71 -42.10 79.88
N LEU UC 393 46.62 -42.97 78.88
CA LEU UC 393 46.31 -44.36 79.13
C LEU UC 393 47.44 -45.01 79.92
N ILE UC 394 47.14 -46.17 80.50
CA ILE UC 394 47.97 -46.74 81.55
C ILE UC 394 49.42 -46.84 81.08
N GLY UC 395 50.33 -46.42 81.94
CA GLY UC 395 51.75 -46.41 81.62
C GLY UC 395 52.37 -47.79 81.60
N GLU UC 396 51.57 -48.81 81.31
CA GLU UC 396 52.08 -50.17 81.26
C GLU UC 396 52.94 -50.40 80.03
N ARG UC 397 52.52 -49.84 78.89
CA ARG UC 397 53.18 -50.04 77.61
C ARG UC 397 52.77 -48.89 76.71
N ASN UC 398 53.51 -48.69 75.63
CA ASN UC 398 52.95 -47.90 74.54
C ASN UC 398 51.87 -48.70 73.82
N VAL UC 399 50.74 -48.85 74.50
CA VAL UC 399 49.60 -49.60 73.99
C VAL UC 399 48.68 -48.72 73.16
N ALA UC 400 48.34 -47.54 73.66
CA ALA UC 400 47.38 -46.65 73.01
C ALA UC 400 47.44 -45.30 73.69
N LEU UC 401 46.78 -44.33 73.07
CA LEU UC 401 46.38 -43.11 73.76
C LEU UC 401 44.95 -42.80 73.34
N GLU UC 402 44.14 -42.31 74.27
CA GLU UC 402 42.75 -42.01 73.99
C GLU UC 402 42.45 -40.52 74.18
N HIS UC 403 41.47 -40.04 73.41
CA HIS UC 403 41.13 -38.64 73.40
C HIS UC 403 39.68 -38.44 73.00
N VAL UC 404 39.15 -37.28 73.35
CA VAL UC 404 37.80 -36.87 72.96
C VAL UC 404 37.87 -35.42 72.48
N THR UC 405 37.11 -35.10 71.43
CA THR UC 405 37.03 -33.73 70.93
C THR UC 405 35.69 -33.08 71.20
N TYR UC 406 35.72 -31.92 71.83
CA TYR UC 406 34.54 -31.13 72.17
C TYR UC 406 34.49 -29.89 71.30
N GLY UC 407 33.31 -29.55 70.80
CA GLY UC 407 33.20 -28.38 69.94
C GLY UC 407 31.89 -27.63 70.13
N THR UC 408 31.94 -26.33 69.84
CA THR UC 408 30.84 -25.42 70.08
C THR UC 408 30.77 -24.36 68.99
N MET UC 409 29.54 -24.02 68.58
CA MET UC 409 29.33 -22.96 67.61
C MET UC 409 28.13 -22.12 68.03
N ILE UC 410 28.25 -20.81 67.87
CA ILE UC 410 27.16 -19.88 68.12
C ILE UC 410 27.09 -18.87 66.98
N ARG UC 411 25.88 -18.60 66.50
CA ARG UC 411 25.63 -17.47 65.62
C ARG UC 411 24.52 -16.60 66.19
N VAL UC 412 24.71 -15.27 66.08
CA VAL UC 412 23.84 -14.31 66.75
C VAL UC 412 23.75 -13.02 65.95
N LEU UC 413 22.62 -12.32 66.12
CA LEU UC 413 22.40 -11.00 65.54
C LEU UC 413 21.66 -10.11 66.55
N PRO UC 414 22.35 -9.19 67.23
CA PRO UC 414 21.69 -8.44 68.32
C PRO UC 414 21.00 -7.16 67.91
N ARG UC 415 19.91 -6.88 68.63
CA ARG UC 415 19.03 -5.72 68.45
C ARG UC 415 18.79 -5.00 69.76
N PHE UC 416 18.90 -3.67 69.75
CA PHE UC 416 18.61 -2.83 70.91
C PHE UC 416 17.17 -2.34 70.93
N SER UC 417 16.45 -2.77 71.97
CA SER UC 417 15.10 -2.30 72.23
C SER UC 417 15.11 -0.86 72.69
N ALA UC 418 13.98 -0.17 72.45
CA ALA UC 418 13.78 1.18 72.97
C ALA UC 418 13.58 1.21 74.48
N ASP UC 419 13.30 0.07 75.10
CA ASP UC 419 13.01 -0.03 76.53
C ASP UC 419 14.21 -0.46 77.35
N GLY UC 420 15.39 -0.48 76.75
CA GLY UC 420 16.58 -0.99 77.40
C GLY UC 420 16.56 -2.49 77.58
N GLN UC 421 16.24 -3.17 76.48
CA GLN UC 421 16.19 -4.62 76.38
C GLN UC 421 16.95 -4.99 75.13
N ILE UC 422 17.58 -6.16 75.16
CA ILE UC 422 18.35 -6.68 74.03
C ILE UC 422 17.67 -7.93 73.51
N GLU UC 423 17.40 -7.94 72.20
CA GLU UC 423 16.77 -9.05 71.51
C GLU UC 423 17.78 -9.72 70.59
N MET UC 424 17.85 -11.05 70.67
CA MET UC 424 18.82 -11.78 69.85
C MET UC 424 18.17 -13.00 69.22
N SER UC 425 18.53 -13.23 67.97
CA SER UC 425 18.19 -14.41 67.20
C SER UC 425 19.38 -15.34 67.27
N LEU UC 426 19.19 -16.54 67.81
CA LEU UC 426 20.32 -17.40 68.15
C LEU UC 426 20.23 -18.78 67.51
N ASP UC 427 21.43 -19.27 67.17
CA ASP UC 427 21.64 -20.64 66.73
C ASP UC 427 22.83 -21.17 67.52
N ILE UC 428 22.62 -22.26 68.25
CA ILE UC 428 23.59 -22.84 69.14
C ILE UC 428 23.76 -24.31 68.84
N GLU UC 429 25.00 -24.76 68.74
CA GLU UC 429 25.31 -26.17 68.60
C GLU UC 429 26.46 -26.53 69.52
N ASP UC 430 26.31 -27.61 70.28
CA ASP UC 430 27.39 -28.07 71.13
C ASP UC 430 27.35 -29.58 71.36
N GLY UC 431 28.54 -30.14 71.56
CA GLY UC 431 28.68 -31.46 72.14
C GLY UC 431 30.02 -32.05 71.77
N ASN UC 432 30.26 -33.26 72.28
CA ASN UC 432 31.28 -34.10 71.68
C ASN UC 432 30.77 -34.76 70.39
N ASP UC 433 31.70 -35.20 69.57
CA ASP UC 433 31.37 -35.84 68.30
C ASP UC 433 31.20 -37.35 68.45
N LYS UC 434 30.35 -37.91 67.59
CA LYS UC 434 29.98 -39.33 67.62
C LYS UC 434 31.05 -40.18 66.94
N THR UC 435 32.21 -40.25 67.57
CA THR UC 435 33.32 -40.96 66.95
C THR UC 435 32.97 -42.43 66.76
N PRO UC 436 33.29 -43.01 65.58
CA PRO UC 436 33.16 -44.46 65.38
C PRO UC 436 34.35 -45.27 65.86
N GLN UC 437 35.48 -44.60 66.10
CA GLN UC 437 36.76 -45.29 66.22
C GLN UC 437 36.78 -46.23 67.43
N SER UC 438 36.41 -45.72 68.61
CA SER UC 438 36.65 -46.52 69.80
C SER UC 438 35.72 -46.11 70.94
N ASP UC 439 35.42 -47.08 71.79
CA ASP UC 439 34.97 -46.87 73.15
C ASP UC 439 35.71 -47.86 74.04
N THR UC 440 36.13 -47.40 75.22
CA THR UC 440 36.83 -48.27 76.15
C THR UC 440 36.72 -47.71 77.56
N THR UC 441 36.89 -48.60 78.54
CA THR UC 441 36.61 -48.24 79.93
C THR UC 441 37.43 -47.04 80.35
N THR UC 442 38.70 -46.96 79.95
CA THR UC 442 39.53 -45.83 80.37
C THR UC 442 38.98 -44.54 79.81
N SER UC 443 38.56 -44.55 78.55
CA SER UC 443 38.01 -43.36 77.92
C SER UC 443 36.71 -42.91 78.61
N VAL UC 444 35.76 -43.81 78.77
CA VAL UC 444 34.52 -43.43 79.43
C VAL UC 444 34.77 -42.96 80.86
N ASP UC 445 35.74 -43.57 81.53
CA ASP UC 445 36.11 -43.15 82.88
C ASP UC 445 36.65 -41.73 82.91
N ALA UC 446 37.64 -41.43 82.07
CA ALA UC 446 38.31 -40.13 82.09
C ALA UC 446 37.48 -39.01 81.47
N LEU UC 447 36.89 -39.22 80.30
CA LEU UC 447 36.36 -38.10 79.54
C LEU UC 447 34.85 -38.14 79.44
N PRO UC 448 34.17 -37.14 79.99
CA PRO UC 448 32.69 -37.16 80.06
C PRO UC 448 32.01 -37.24 78.69
N GLU UC 449 31.08 -38.19 78.56
CA GLU UC 449 30.04 -38.16 77.54
C GLU UC 449 28.98 -37.15 77.92
N VAL UC 450 29.13 -35.91 77.44
CA VAL UC 450 27.99 -35.01 77.24
C VAL UC 450 27.22 -35.44 76.00
N GLY UC 451 26.02 -34.89 75.83
CA GLY UC 451 25.24 -35.15 74.64
C GLY UC 451 25.81 -34.43 73.43
N ARG UC 452 24.99 -34.37 72.39
CA ARG UC 452 25.09 -33.32 71.38
C ARG UC 452 23.73 -32.71 71.09
N THR UC 453 23.67 -31.38 71.08
CA THR UC 453 22.41 -30.64 71.15
C THR UC 453 22.46 -29.46 70.20
N LEU UC 454 21.31 -29.16 69.60
CA LEU UC 454 21.18 -28.00 68.73
C LEU UC 454 19.90 -27.24 69.04
N ILE UC 455 19.99 -25.92 69.05
CA ILE UC 455 18.87 -25.05 69.39
C ILE UC 455 18.86 -23.84 68.45
N SER UC 456 17.67 -23.46 68.01
CA SER UC 456 17.48 -22.22 67.27
C SER UC 456 16.23 -21.50 67.77
N THR UC 457 16.38 -20.22 68.12
CA THR UC 457 15.27 -19.53 68.76
C THR UC 457 15.51 -18.02 68.75
N ILE UC 458 14.49 -17.28 69.20
CA ILE UC 458 14.60 -15.85 69.46
C ILE UC 458 14.24 -15.57 70.91
N ALA UC 459 14.97 -14.65 71.55
CA ALA UC 459 14.66 -14.28 72.92
C ALA UC 459 15.00 -12.81 73.15
N ARG UC 460 14.26 -12.19 74.07
CA ARG UC 460 14.47 -10.81 74.48
C ARG UC 460 14.63 -10.75 75.99
N VAL UC 461 15.70 -10.11 76.46
CA VAL UC 461 15.98 -10.07 77.89
C VAL UC 461 16.27 -8.66 78.39
N PRO UC 462 15.73 -8.25 79.52
CA PRO UC 462 16.14 -6.98 80.14
C PRO UC 462 17.65 -6.88 80.32
N HIS UC 463 18.16 -5.68 80.05
CA HIS UC 463 19.57 -5.33 80.18
C HIS UC 463 20.28 -5.84 81.43
N GLY UC 464 21.26 -6.71 81.24
CA GLY UC 464 22.02 -7.32 82.32
C GLY UC 464 21.35 -8.41 83.10
N LYS UC 465 20.20 -8.90 82.67
CA LYS UC 465 19.53 -10.02 83.33
C LYS UC 465 19.94 -11.30 82.62
N SER UC 466 19.30 -12.42 82.95
CA SER UC 466 19.65 -13.71 82.38
C SER UC 466 18.38 -14.52 82.15
N LEU UC 467 18.39 -15.32 81.08
CA LEU UC 467 17.25 -16.18 80.74
C LEU UC 467 17.66 -17.60 80.38
N LEU UC 468 16.80 -18.54 80.76
CA LEU UC 468 16.94 -19.94 80.34
C LEU UC 468 16.32 -20.12 78.96
N VAL UC 469 17.04 -20.81 78.08
CA VAL UC 469 16.55 -21.06 76.72
C VAL UC 469 16.16 -22.51 76.48
N GLY UC 470 16.68 -23.47 77.22
CA GLY UC 470 16.33 -24.85 76.99
C GLY UC 470 17.11 -25.77 77.91
N GLY UC 471 16.57 -26.98 78.04
CA GLY UC 471 17.21 -27.95 78.90
C GLY UC 471 16.71 -29.35 78.64
N TYR UC 472 17.30 -30.28 79.38
CA TYR UC 472 16.96 -31.70 79.31
C TYR UC 472 17.20 -32.31 80.67
N THR UC 473 16.26 -33.10 81.14
CA THR UC 473 16.41 -33.86 82.38
C THR UC 473 15.93 -35.28 82.16
N ARG UC 474 16.66 -36.25 82.71
CA ARG UC 474 16.33 -37.64 82.48
C ARG UC 474 16.61 -38.47 83.71
N ASP UC 475 15.69 -39.37 84.03
CA ASP UC 475 15.79 -40.25 85.19
C ASP UC 475 15.39 -41.65 84.79
N ALA UC 476 16.11 -42.64 85.28
CA ALA UC 476 15.76 -44.02 84.97
C ALA UC 476 16.21 -44.95 86.09
N ASN UC 477 15.55 -46.10 86.18
CA ASN UC 477 15.92 -47.14 87.11
C ASN UC 477 15.46 -48.49 86.59
N THR UC 478 16.23 -49.54 86.91
CA THR UC 478 15.85 -50.90 86.52
C THR UC 478 16.22 -51.90 87.59
N ASP UC 479 15.52 -53.04 87.57
CA ASP UC 479 15.68 -54.16 88.48
C ASP UC 479 15.55 -55.49 87.75
N THR UC 480 16.31 -56.50 88.19
CA THR UC 480 16.16 -57.85 87.68
C THR UC 480 16.33 -58.86 88.81
N VAL UC 481 15.70 -60.04 88.65
CA VAL UC 481 16.04 -61.19 89.49
C VAL UC 481 15.91 -62.48 88.69
N GLN UC 482 16.84 -63.42 88.93
CA GLN UC 482 16.87 -64.74 88.30
C GLN UC 482 17.04 -65.80 89.38
N SER UC 483 16.33 -66.92 89.26
CA SER UC 483 16.48 -67.94 90.28
C SER UC 483 16.01 -69.30 89.78
N ILE UC 484 16.49 -70.33 90.45
CA ILE UC 484 16.11 -71.73 90.24
C ILE UC 484 14.77 -72.02 90.90
N PRO UC 485 13.72 -72.39 90.15
CA PRO UC 485 12.35 -72.27 90.65
C PRO UC 485 12.05 -72.73 92.08
N PHE UC 486 12.45 -73.94 92.48
CA PHE UC 486 12.15 -74.39 93.84
C PHE UC 486 13.20 -73.98 94.87
N LEU UC 487 14.44 -73.78 94.46
CA LEU UC 487 15.47 -73.45 95.43
C LEU UC 487 15.41 -71.98 95.83
N GLY UC 488 14.88 -71.13 94.96
CA GLY UC 488 14.79 -69.71 95.24
C GLY UC 488 14.08 -69.36 96.53
N LYS UC 489 13.40 -70.32 97.16
CA LYS UC 489 12.68 -70.06 98.40
C LYS UC 489 13.22 -70.86 99.59
N LEU UC 490 14.34 -71.54 99.44
CA LEU UC 490 14.91 -72.23 100.58
C LEU UC 490 15.38 -71.20 101.62
N PRO UC 491 15.10 -71.44 102.90
CA PRO UC 491 15.44 -70.42 103.92
C PRO UC 491 16.93 -70.09 104.04
N LEU UC 492 17.79 -71.10 104.09
CA LEU UC 492 19.21 -70.85 104.31
C LEU UC 492 20.06 -70.74 103.05
N ILE UC 493 19.67 -71.31 101.92
CA ILE UC 493 20.52 -71.29 100.73
C ILE UC 493 19.90 -70.62 99.51
N GLY UC 494 18.65 -70.17 99.58
CA GLY UC 494 18.07 -69.49 98.43
C GLY UC 494 18.95 -68.38 97.91
N SER UC 495 19.61 -67.67 98.82
CA SER UC 495 20.53 -66.61 98.43
C SER UC 495 21.66 -67.16 97.56
N LEU UC 496 21.94 -68.46 97.64
CA LEU UC 496 22.91 -69.05 96.73
C LEU UC 496 22.30 -69.37 95.37
N PHE UC 497 20.97 -69.39 95.26
CA PHE UC 497 20.29 -69.69 94.02
C PHE UC 497 19.57 -68.48 93.46
N ARG UC 498 19.96 -67.28 93.87
CA ARG UC 498 19.38 -66.07 93.32
C ARG UC 498 20.47 -65.23 92.65
N TYR UC 499 20.07 -64.53 91.59
CA TYR UC 499 20.83 -63.47 90.94
C TYR UC 499 20.02 -62.19 90.83
N SER UC 500 20.66 -61.05 91.05
CA SER UC 500 19.93 -59.78 91.05
C SER UC 500 20.83 -58.66 90.55
N SER UC 501 20.19 -57.61 90.04
CA SER UC 501 20.87 -56.45 89.46
C SER UC 501 19.96 -55.22 89.54
N LYS UC 502 20.56 -54.07 89.83
CA LYS UC 502 19.87 -52.81 89.97
C LYS UC 502 20.68 -51.66 89.38
N ASN UC 503 20.00 -50.68 88.79
CA ASN UC 503 20.70 -49.50 88.31
C ASN UC 503 19.79 -48.27 88.36
N LYS UC 504 20.43 -47.11 88.54
CA LYS UC 504 19.77 -45.81 88.62
C LYS UC 504 20.59 -44.73 87.92
N SER UC 505 19.92 -43.78 87.27
CA SER UC 505 20.63 -42.70 86.59
C SER UC 505 19.81 -41.41 86.53
N ASN UC 506 20.50 -40.27 86.71
CA ASN UC 506 19.91 -38.94 86.68
C ASN UC 506 20.83 -37.97 85.92
N VAL UC 507 20.28 -37.25 84.95
CA VAL UC 507 21.03 -36.34 84.09
C VAL UC 507 20.32 -35.01 83.98
N VAL UC 508 21.08 -33.92 83.97
CA VAL UC 508 20.57 -32.56 83.77
C VAL UC 508 21.50 -31.77 82.86
N ARG UC 509 20.92 -31.05 81.90
CA ARG UC 509 21.67 -30.22 80.96
C ARG UC 509 20.87 -28.97 80.65
N VAL UC 510 21.46 -27.78 80.78
CA VAL UC 510 20.71 -26.54 80.60
C VAL UC 510 21.55 -25.45 79.94
N PHE UC 511 20.85 -24.57 79.22
CA PHE UC 511 21.43 -23.43 78.51
C PHE UC 511 20.79 -22.13 78.94
N MET UC 512 21.62 -21.14 79.26
CA MET UC 512 21.10 -19.85 79.70
C MET UC 512 22.03 -18.75 79.22
N ILE UC 513 21.42 -17.60 78.93
CA ILE UC 513 22.06 -16.47 78.26
C ILE UC 513 22.06 -15.24 79.17
N GLU UC 514 23.12 -14.44 79.08
CA GLU UC 514 23.32 -13.29 79.97
C GLU UC 514 24.10 -12.19 79.27
N PRO UC 515 23.44 -11.41 78.42
CA PRO UC 515 24.13 -10.34 77.69
C PRO UC 515 24.41 -9.10 78.52
N LYS UC 516 25.48 -8.38 78.13
CA LYS UC 516 25.93 -7.16 78.78
C LYS UC 516 26.23 -6.09 77.75
N GLU UC 517 25.78 -4.88 78.00
CA GLU UC 517 26.23 -3.72 77.24
C GLU UC 517 27.67 -3.38 77.62
N ILE UC 518 28.51 -3.13 76.61
CA ILE UC 518 29.91 -2.77 76.78
C ILE UC 518 30.09 -1.31 76.45
N VAL UC 519 30.63 -0.56 77.40
CA VAL UC 519 30.78 0.88 77.27
C VAL UC 519 32.22 1.36 77.45
N ASP UC 520 33.10 0.61 78.09
CA ASP UC 520 34.44 1.07 78.42
C ASP UC 520 35.49 0.03 78.07
N PRO UC 521 36.70 0.47 77.73
CA PRO UC 521 37.80 -0.48 77.50
C PRO UC 521 38.20 -1.23 78.77
N LEU UC 522 39.11 -2.17 78.55
CA LEU UC 522 39.71 -2.93 79.64
C LEU UC 522 40.51 -2.03 80.59
N THR UC 523 40.60 -2.46 81.85
CA THR UC 523 41.35 -1.78 82.91
C THR UC 523 41.85 -2.77 83.95
N PRO UC 524 43.15 -3.02 84.09
CA PRO UC 524 44.37 -2.63 83.36
C PRO UC 524 44.38 -3.01 81.90
N ASP UC 525 45.38 -2.53 81.16
CA ASP UC 525 45.53 -2.91 79.78
C ASP UC 525 46.07 -4.34 79.62
N ALA UC 526 45.78 -4.88 78.43
CA ALA UC 526 46.23 -6.20 78.01
C ALA UC 526 47.71 -6.41 78.25
N SER UC 527 48.54 -5.54 77.65
CA SER UC 527 49.98 -5.63 77.82
C SER UC 527 50.38 -5.72 79.28
N GLU UC 528 49.81 -4.85 80.12
CA GLU UC 528 50.10 -4.89 81.54
C GLU UC 528 49.83 -6.27 82.13
N SER UC 529 48.64 -6.79 81.90
CA SER UC 529 48.32 -8.11 82.43
C SER UC 529 49.25 -9.19 81.90
N VAL UC 530 49.44 -9.22 80.58
CA VAL UC 530 50.34 -10.20 79.96
C VAL UC 530 51.73 -10.18 80.60
N ASN UC 531 52.31 -8.99 80.78
CA ASN UC 531 53.60 -8.91 81.42
C ASN UC 531 53.64 -9.63 82.77
N ASN UC 532 52.62 -9.39 83.60
CA ASN UC 532 52.55 -10.07 84.90
C ASN UC 532 52.46 -11.57 84.74
N ILE UC 533 51.59 -12.03 83.86
CA ILE UC 533 51.48 -13.47 83.61
C ILE UC 533 52.83 -14.06 83.20
N LEU UC 534 53.46 -13.48 82.19
CA LEU UC 534 54.77 -13.94 81.74
C LEU UC 534 55.81 -13.98 82.86
N LYS UC 535 55.96 -12.88 83.59
CA LYS UC 535 56.95 -12.86 84.67
C LYS UC 535 56.65 -13.88 85.76
N GLN UC 536 55.44 -13.89 86.28
CA GLN UC 536 55.09 -14.87 87.30
C GLN UC 536 55.32 -16.30 86.82
N SER UC 537 55.08 -16.56 85.55
CA SER UC 537 55.37 -17.87 84.97
C SER UC 537 56.86 -18.10 84.73
N GLY UC 538 57.67 -17.05 84.70
CA GLY UC 538 59.05 -17.13 84.27
C GLY UC 538 59.25 -17.39 82.80
N ALA UC 539 58.17 -17.45 82.01
CA ALA UC 539 58.31 -17.53 80.57
C ALA UC 539 59.08 -16.33 80.03
N TRP UC 540 59.01 -15.21 80.75
CA TRP UC 540 59.62 -13.96 80.35
C TRP UC 540 60.98 -14.14 79.70
N SER UC 541 61.16 -13.42 78.58
CA SER UC 541 62.35 -13.47 77.75
C SER UC 541 63.04 -12.12 77.57
N GLY UC 542 62.32 -11.01 77.78
CA GLY UC 542 62.83 -9.68 77.51
C GLY UC 542 64.16 -9.35 78.15
N ASP UC 543 64.62 -10.21 79.05
CA ASP UC 543 65.95 -10.08 79.59
C ASP UC 543 67.02 -10.42 78.57
N ASP UC 544 66.70 -11.22 77.55
CA ASP UC 544 67.73 -11.65 76.61
C ASP UC 544 68.47 -10.48 76.01
N LYS UC 545 69.77 -10.47 76.28
CA LYS UC 545 70.68 -9.47 75.74
C LYS UC 545 70.50 -9.30 74.24
N LEU UC 546 70.40 -10.41 73.52
CA LEU UC 546 70.25 -10.36 72.06
C LEU UC 546 68.85 -9.96 71.60
N GLN UC 547 67.81 -10.64 72.04
CA GLN UC 547 66.47 -10.32 71.56
C GLN UC 547 66.06 -8.89 71.94
N LYS UC 548 66.57 -8.39 73.07
CA LYS UC 548 66.32 -7.01 73.46
C LYS UC 548 66.56 -6.03 72.33
N TRP UC 549 67.53 -6.33 71.46
CA TRP UC 549 67.80 -5.48 70.29
C TRP UC 549 66.61 -5.31 69.37
N VAL UC 550 65.66 -6.22 69.37
CA VAL UC 550 64.52 -6.19 68.45
C VAL UC 550 63.20 -5.96 69.19
N ARG UC 551 62.94 -6.77 70.22
CA ARG UC 551 61.68 -6.64 70.95
C ARG UC 551 61.37 -5.20 71.34
N VAL UC 552 62.40 -4.41 71.61
CA VAL UC 552 62.21 -2.98 71.86
C VAL UC 552 61.24 -2.37 70.87
N TYR UC 553 61.43 -2.64 69.57
CA TYR UC 553 60.50 -2.09 68.57
C TYR UC 553 59.05 -2.48 68.85
N LEU UC 554 58.83 -3.63 69.49
CA LEU UC 554 57.49 -4.14 69.72
C LEU UC 554 56.92 -3.74 71.07
N ASP UC 555 57.74 -3.24 71.97
CA ASP UC 555 57.27 -2.83 73.30
C ASP UC 555 57.45 -1.33 73.51
N ARG UC 556 58.66 -0.82 73.43
CA ARG UC 556 58.86 0.61 73.54
C ARG UC 556 58.22 1.34 72.37
N GLY UC 557 58.51 0.88 71.16
CA GLY UC 557 58.07 1.56 69.95
C GLY UC 557 58.94 2.76 69.65
N PRO VC 29 24.01 93.38 -3.00
CA PRO VC 29 25.13 93.17 -2.09
C PRO VC 29 26.47 93.07 -2.81
N VAL VC 30 27.37 93.97 -2.40
CA VAL VC 30 28.68 94.13 -3.03
C VAL VC 30 29.63 92.98 -2.68
N THR VC 31 29.50 92.40 -1.50
CA THR VC 31 30.46 91.42 -1.00
C THR VC 31 29.83 90.06 -0.69
N GLY VC 32 30.66 89.04 -0.85
CA GLY VC 32 30.34 87.63 -0.66
C GLY VC 32 29.39 87.01 -1.67
N SER VC 33 28.59 86.07 -1.18
CA SER VC 33 27.65 85.35 -2.02
C SER VC 33 26.39 84.99 -1.25
N GLY VC 34 25.30 84.85 -1.99
CA GLY VC 34 24.04 84.48 -1.39
C GLY VC 34 23.05 84.14 -2.46
N PHE VC 35 21.78 84.06 -2.07
CA PHE VC 35 20.72 83.70 -3.01
C PHE VC 35 19.52 84.57 -2.71
N VAL VC 36 18.77 84.86 -3.76
CA VAL VC 36 17.58 85.71 -3.65
C VAL VC 36 16.39 84.90 -4.14
N ALA VC 37 15.77 84.15 -3.25
CA ALA VC 37 14.62 83.33 -3.60
C ALA VC 37 13.40 84.20 -3.76
N LYS VC 38 12.55 83.86 -4.72
CA LYS VC 38 11.26 84.53 -4.89
C LYS VC 38 10.23 83.45 -5.19
N ASP VC 39 9.57 82.97 -4.13
CA ASP VC 39 8.57 81.93 -4.23
C ASP VC 39 9.13 80.66 -4.86
N ASP VC 40 10.31 80.25 -4.40
CA ASP VC 40 11.04 79.16 -5.02
C ASP VC 40 10.91 77.91 -4.17
N SER VC 41 10.64 76.80 -4.83
CA SER VC 41 10.55 75.52 -4.14
C SER VC 41 11.85 75.20 -3.41
N LEU VC 42 11.69 74.53 -2.27
CA LEU VC 42 12.84 74.10 -1.52
C LEU VC 42 13.80 73.26 -2.35
N ARG VC 43 13.31 72.55 -3.36
CA ARG VC 43 14.23 71.81 -4.22
C ARG VC 43 15.25 72.73 -4.86
N THR VC 44 14.79 73.82 -5.48
CA THR VC 44 15.71 74.74 -6.14
C THR VC 44 16.53 75.50 -5.13
N PHE VC 45 15.98 75.79 -3.96
CA PHE VC 45 16.75 76.53 -2.98
C PHE VC 45 17.91 75.70 -2.44
N PHE VC 46 17.65 74.48 -2.00
CA PHE VC 46 18.78 73.71 -1.50
C PHE VC 46 19.72 73.29 -2.60
N ASP VC 47 19.27 73.26 -3.86
CA ASP VC 47 20.24 73.16 -4.92
C ASP VC 47 21.15 74.38 -4.94
N ALA VC 48 20.60 75.56 -4.76
CA ALA VC 48 21.47 76.73 -4.76
C ALA VC 48 22.44 76.72 -3.59
N MET VC 49 22.12 75.98 -2.54
CA MET VC 49 23.05 75.83 -1.43
C MET VC 49 24.09 74.74 -1.65
N ALA VC 50 23.88 73.88 -2.64
CA ALA VC 50 24.67 72.67 -2.74
C ALA VC 50 26.16 72.93 -2.99
N LEU VC 51 26.53 73.96 -3.75
CA LEU VC 51 27.95 74.21 -3.97
C LEU VC 51 28.67 74.66 -2.70
N GLN VC 52 28.05 75.55 -1.93
CA GLN VC 52 28.63 75.95 -0.66
C GLN VC 52 28.69 74.80 0.34
N LEU VC 53 27.77 73.85 0.24
CA LEU VC 53 27.87 72.65 1.05
C LEU VC 53 28.87 71.64 0.51
N LYS VC 54 29.19 71.71 -0.78
CA LYS VC 54 30.18 70.84 -1.41
C LYS VC 54 29.69 69.40 -1.53
N GLU VC 55 28.39 69.18 -1.55
CA GLU VC 55 27.80 67.87 -1.55
C GLU VC 55 26.53 67.92 -2.39
N PRO VC 56 26.22 66.85 -3.12
CA PRO VC 56 24.92 66.77 -3.79
C PRO VC 56 23.78 66.62 -2.79
N VAL VC 57 22.68 67.33 -3.02
CA VAL VC 57 21.54 67.33 -2.12
C VAL VC 57 20.34 66.69 -2.80
N ILE VC 58 19.74 65.72 -2.10
CA ILE VC 58 18.54 64.99 -2.49
C ILE VC 58 17.35 65.42 -1.63
N VAL VC 59 16.27 65.88 -2.25
CA VAL VC 59 15.10 66.37 -1.52
C VAL VC 59 13.86 65.56 -1.90
N SER VC 60 13.20 65.00 -0.89
CA SER VC 60 11.91 64.35 -1.02
C SER VC 60 10.83 65.27 -1.57
N LYS VC 61 9.96 64.71 -2.41
CA LYS VC 61 8.81 65.43 -2.96
C LYS VC 61 7.92 66.06 -1.89
N MET VC 62 7.62 65.30 -0.84
CA MET VC 62 6.80 65.83 0.25
C MET VC 62 7.39 67.11 0.83
N ALA VC 63 8.70 67.22 0.88
CA ALA VC 63 9.30 68.48 1.31
C ALA VC 63 9.28 69.50 0.19
N ALA VC 64 9.56 69.07 -1.04
CA ALA VC 64 9.59 69.97 -2.17
C ALA VC 64 8.28 70.69 -2.41
N ARG VC 65 7.20 70.30 -1.74
CA ARG VC 65 5.99 71.12 -1.81
C ARG VC 65 6.10 72.48 -1.11
N LYS VC 66 6.98 72.65 -0.14
CA LYS VC 66 7.05 73.89 0.64
C LYS VC 66 7.74 75.01 -0.13
N LYS VC 67 7.26 76.25 0.03
CA LYS VC 67 7.87 77.43 -0.57
C LYS VC 67 8.70 78.20 0.44
N ILE VC 68 9.57 79.07 -0.08
CA ILE VC 68 10.35 80.00 0.73
C ILE VC 68 10.56 81.29 -0.05
N THR VC 69 10.82 82.38 0.66
CA THR VC 69 11.04 83.68 0.02
C THR VC 69 11.95 84.55 0.88
N GLY VC 70 12.71 85.41 0.21
CA GLY VC 70 13.70 86.25 0.84
C GLY VC 70 15.09 86.00 0.29
N ASN VC 71 16.08 86.68 0.88
CA ASN VC 71 17.46 86.57 0.42
C ASN VC 71 18.43 86.26 1.55
N PHE VC 72 19.34 85.34 1.28
CA PHE VC 72 20.09 84.63 2.32
C PHE VC 72 21.56 84.66 1.97
N GLU VC 73 22.40 84.80 2.99
CA GLU VC 73 23.86 84.81 2.82
C GLU VC 73 24.45 83.49 3.31
N PHE VC 74 25.29 82.87 2.48
CA PHE VC 74 25.81 81.54 2.76
C PHE VC 74 27.19 81.62 3.42
N HIS VC 75 27.23 82.26 4.59
CA HIS VC 75 28.48 82.30 5.35
C HIS VC 75 28.81 80.93 5.95
N ASP VC 76 27.83 80.30 6.61
CA ASP VC 76 28.04 79.01 7.27
C ASP VC 76 26.83 78.11 6.98
N PRO VC 77 26.85 77.43 5.84
CA PRO VC 77 25.70 76.60 5.46
C PRO VC 77 25.25 75.60 6.51
N ASN VC 78 26.15 75.06 7.32
CA ASN VC 78 25.73 74.07 8.32
C ASN VC 78 24.79 74.70 9.34
N ALA VC 79 25.17 75.85 9.89
CA ALA VC 79 24.33 76.58 10.81
C ALA VC 79 23.02 76.97 10.15
N LEU VC 80 23.09 77.56 8.96
CA LEU VC 80 21.86 77.96 8.30
C LEU VC 80 20.95 76.76 8.10
N LEU VC 81 21.52 75.62 7.74
CA LEU VC 81 20.73 74.41 7.52
C LEU VC 81 20.04 73.95 8.79
N GLU VC 82 20.73 73.99 9.93
CA GLU VC 82 20.08 73.57 11.17
C GLU VC 82 18.96 74.52 11.58
N LYS VC 83 19.20 75.82 11.49
CA LYS VC 83 18.13 76.78 11.76
C LYS VC 83 16.90 76.50 10.90
N LEU VC 84 17.09 76.45 9.58
CA LEU VC 84 15.94 76.25 8.72
C LEU VC 84 15.29 74.89 8.93
N SER VC 85 16.07 73.87 9.29
CA SER VC 85 15.47 72.58 9.61
C SER VC 85 14.48 72.73 10.74
N LEU VC 86 14.85 73.41 11.81
CA LEU VC 86 13.90 73.49 12.92
C LEU VC 86 12.77 74.49 12.67
N GLN VC 87 13.00 75.52 11.86
CA GLN VC 87 11.90 76.43 11.53
C GLN VC 87 10.86 75.77 10.65
N LEU VC 88 11.26 74.99 9.65
CA LEU VC 88 10.34 74.48 8.66
C LEU VC 88 9.88 73.05 8.96
N GLY VC 89 10.50 72.39 9.92
CA GLY VC 89 10.16 71.02 10.25
C GLY VC 89 10.77 69.93 9.40
N LEU VC 90 11.93 70.15 8.85
CA LEU VC 90 12.58 69.15 8.03
C LEU VC 90 13.48 68.29 8.91
N ILE VC 91 13.90 67.16 8.39
CA ILE VC 91 14.89 66.30 9.02
C ILE VC 91 15.90 66.00 7.94
N TRP VC 92 17.16 65.85 8.33
CA TRP VC 92 18.21 65.63 7.35
C TRP VC 92 19.28 64.70 7.87
N TYR VC 93 19.96 64.06 6.92
CA TYR VC 93 20.99 63.08 7.20
C TYR VC 93 22.13 63.25 6.22
N PHE VC 94 23.30 62.75 6.60
CA PHE VC 94 24.51 62.87 5.79
C PHE VC 94 25.36 61.61 5.94
N ASP VC 95 25.40 60.83 4.88
CA ASP VC 95 26.11 59.56 4.77
C ASP VC 95 27.58 59.70 4.40
N GLY VC 96 28.02 60.91 4.05
CA GLY VC 96 29.36 61.18 3.58
C GLY VC 96 29.47 61.42 2.10
N GLN VC 97 28.46 61.07 1.34
CA GLN VC 97 28.41 61.24 -0.10
C GLN VC 97 27.32 62.21 -0.54
N ALA VC 98 26.18 62.22 0.13
CA ALA VC 98 25.09 63.11 -0.26
C ALA VC 98 24.26 63.47 0.96
N ILE VC 99 23.66 64.64 0.93
CA ILE VC 99 22.72 65.10 1.96
C ILE VC 99 21.28 64.80 1.57
N TYR VC 100 20.55 64.10 2.44
CA TYR VC 100 19.16 63.69 2.22
C TYR VC 100 18.26 64.46 3.16
N ILE VC 101 17.27 65.16 2.61
CA ILE VC 101 16.33 65.95 3.39
C ILE VC 101 14.90 65.47 3.17
N TYR VC 102 14.22 65.19 4.27
CA TYR VC 102 12.86 64.66 4.32
C TYR VC 102 11.97 65.51 5.21
N ASP VC 103 10.66 65.38 5.00
CA ASP VC 103 9.70 65.96 5.94
C ASP VC 103 9.68 65.17 7.25
N ALA VC 104 9.55 65.90 8.35
CA ALA VC 104 9.46 65.29 9.69
C ALA VC 104 8.43 64.18 9.83
N SER VC 105 7.30 64.28 9.15
CA SER VC 105 6.31 63.21 9.23
C SER VC 105 6.83 61.84 8.82
N GLU VC 106 7.88 61.78 8.00
CA GLU VC 106 8.44 60.51 7.55
C GLU VC 106 9.30 59.76 8.57
N MET VC 107 9.58 60.30 9.75
CA MET VC 107 10.35 59.56 10.76
C MET VC 107 9.89 58.12 10.96
N ARG VC 108 10.80 57.17 10.74
CA ARG VC 108 10.55 55.75 10.98
C ARG VC 108 11.26 55.27 12.23
N ASN VC 109 10.74 54.19 12.82
CA ASN VC 109 11.36 53.60 14.00
C ASN VC 109 11.12 52.10 14.02
N ALA VC 110 12.07 51.36 14.61
CA ALA VC 110 12.01 49.91 14.65
C ALA VC 110 12.75 49.35 15.87
N VAL VC 111 12.33 48.15 16.27
CA VAL VC 111 12.97 47.35 17.31
C VAL VC 111 13.75 46.21 16.68
N VAL VC 112 15.05 46.16 16.97
CA VAL VC 112 15.97 45.16 16.41
C VAL VC 112 16.53 44.34 17.56
N SER VC 113 16.56 43.01 17.39
CA SER VC 113 17.13 42.13 18.40
C SER VC 113 18.05 41.09 17.79
N LEU VC 114 19.28 41.02 18.30
CA LEU VC 114 20.38 40.25 17.75
C LEU VC 114 20.85 39.21 18.74
N ARG VC 115 21.26 38.05 18.25
CA ARG VC 115 21.57 36.93 19.11
C ARG VC 115 23.05 36.88 19.49
N ASN VC 116 23.93 37.04 18.51
CA ASN VC 116 25.37 36.92 18.68
C ASN VC 116 26.08 38.22 19.00
N VAL VC 117 25.59 39.34 18.48
CA VAL VC 117 26.27 40.62 18.56
C VAL VC 117 25.63 41.49 19.62
N SER VC 118 26.44 42.03 20.52
CA SER VC 118 26.02 43.02 21.49
C SER VC 118 26.04 44.42 20.91
N LEU VC 119 25.12 45.24 21.40
CA LEU VC 119 25.01 46.63 20.96
C LEU VC 119 26.34 47.37 21.02
N ASN VC 120 27.08 47.18 22.11
CA ASN VC 120 28.32 47.93 22.31
C ASN VC 120 29.25 47.83 21.10
N GLU VC 121 29.52 46.62 20.63
CA GLU VC 121 30.39 46.49 19.46
C GLU VC 121 29.75 47.00 18.18
N PHE VC 122 28.44 46.86 18.03
CA PHE VC 122 27.81 47.40 16.83
C PHE VC 122 28.04 48.91 16.76
N ASN VC 123 27.96 49.59 17.89
CA ASN VC 123 28.33 51.01 17.89
C ASN VC 123 29.74 51.22 17.36
N ASN VC 124 30.69 50.38 17.77
CA ASN VC 124 32.05 50.52 17.28
C ASN VC 124 32.11 50.30 15.78
N PHE VC 125 31.33 49.37 15.27
CA PHE VC 125 31.31 49.18 13.83
C PHE VC 125 30.85 50.44 13.13
N LEU VC 126 29.75 51.03 13.60
CA LEU VC 126 29.28 52.25 12.96
C LEU VC 126 30.32 53.35 13.03
N LYS VC 127 31.04 53.43 14.15
CA LYS VC 127 32.05 54.47 14.27
C LYS VC 127 33.16 54.25 13.26
N ARG VC 128 33.68 53.03 13.15
CA ARG VC 128 34.73 52.79 12.18
C ARG VC 128 34.25 53.06 10.76
N SER VC 129 33.01 52.72 10.45
CA SER VC 129 32.47 53.00 9.14
C SER VC 129 32.26 54.48 8.86
N GLY VC 130 32.17 55.32 9.89
CA GLY VC 130 31.86 56.71 9.62
C GLY VC 130 30.40 56.94 9.31
N LEU VC 131 29.53 56.04 9.80
CA LEU VC 131 28.09 56.03 9.62
C LEU VC 131 27.36 56.51 10.85
N TYR VC 132 28.02 56.48 12.00
CA TYR VC 132 27.42 56.90 13.26
C TYR VC 132 26.92 58.33 13.16
N ASN VC 133 25.85 58.61 13.92
CA ASN VC 133 25.21 59.92 13.94
C ASN VC 133 24.71 60.19 15.35
N LYS VC 134 25.33 61.15 16.03
CA LYS VC 134 24.93 61.47 17.40
C LYS VC 134 23.55 62.11 17.55
N ASN VC 135 22.86 62.49 16.48
CA ASN VC 135 21.49 62.97 16.65
C ASN VC 135 20.45 61.88 16.70
N TYR VC 136 20.75 60.68 16.21
CA TYR VC 136 19.80 59.57 16.19
C TYR VC 136 20.41 58.28 16.71
N PRO VC 137 21.08 58.31 17.86
CA PRO VC 137 21.80 57.13 18.31
C PRO VC 137 20.88 55.98 18.71
N LEU VC 138 21.46 54.79 18.72
CA LEU VC 138 20.76 53.60 19.21
C LEU VC 138 20.53 53.71 20.71
N ARG VC 139 19.34 53.34 21.13
CA ARG VC 139 18.92 53.40 22.53
C ARG VC 139 18.65 52.03 23.12
N GLY VC 140 19.46 51.63 24.10
CA GLY VC 140 19.29 50.33 24.71
C GLY VC 140 20.38 50.04 25.72
N ASP VC 141 20.51 48.78 26.10
CA ASP VC 141 21.54 48.32 27.03
C ASP VC 141 22.76 47.76 26.31
N ASN VC 142 23.88 48.45 26.45
CA ASN VC 142 25.11 48.04 25.80
C ASN VC 142 25.45 46.57 26.06
N ARG VC 143 25.07 46.05 27.22
CA ARG VC 143 25.35 44.65 27.51
C ARG VC 143 24.49 43.70 26.71
N LYS VC 144 23.20 43.99 26.58
CA LYS VC 144 22.26 43.11 25.88
C LYS VC 144 22.41 43.26 24.38
N GLY VC 145 21.50 42.62 23.64
CA GLY VC 145 21.44 42.71 22.21
C GLY VC 145 20.14 43.16 21.59
N THR VC 146 19.28 43.82 22.36
CA THR VC 146 18.01 44.32 21.84
C THR VC 146 18.01 45.83 21.97
N PHE VC 147 17.74 46.52 20.87
CA PHE VC 147 17.76 47.97 20.82
C PHE VC 147 16.63 48.53 19.98
N TYR VC 148 16.32 49.79 20.25
CA TYR VC 148 15.34 50.61 19.54
C TYR VC 148 16.04 51.70 18.74
N VAL VC 149 15.63 51.89 17.48
CA VAL VC 149 16.22 52.91 16.60
C VAL VC 149 15.13 53.70 15.89
N SER VC 150 15.33 55.02 15.78
CA SER VC 150 14.39 55.86 15.04
C SER VC 150 15.14 56.99 14.34
N GLY VC 151 14.64 57.36 13.16
CA GLY VC 151 15.24 58.40 12.36
C GLY VC 151 14.74 58.46 10.93
N PRO VC 152 15.46 59.18 10.07
CA PRO VC 152 15.12 59.20 8.66
C PRO VC 152 15.13 57.81 8.05
N PRO VC 153 14.29 57.59 7.04
CA PRO VC 153 14.22 56.32 6.32
C PRO VC 153 15.53 55.62 5.96
N VAL VC 154 16.40 56.30 5.22
CA VAL VC 154 17.65 55.67 4.79
C VAL VC 154 18.44 55.18 5.98
N TYR VC 155 18.58 56.03 6.99
CA TYR VC 155 19.33 55.66 8.17
C TYR VC 155 18.76 54.39 8.80
N VAL VC 156 17.46 54.39 9.07
CA VAL VC 156 16.83 53.22 9.65
C VAL VC 156 17.04 51.96 8.82
N ASP VC 157 16.71 52.01 7.53
CA ASP VC 157 16.87 50.82 6.68
C ASP VC 157 18.29 50.29 6.66
N MET VC 158 19.28 51.18 6.52
CA MET VC 158 20.66 50.75 6.54
C MET VC 158 21.02 50.06 7.85
N VAL VC 159 20.74 50.72 8.98
CA VAL VC 159 21.00 50.11 10.29
C VAL VC 159 20.40 48.73 10.40
N VAL VC 160 19.11 48.59 10.11
CA VAL VC 160 18.42 47.31 10.20
C VAL VC 160 19.12 46.22 9.38
N ASN VC 161 19.33 46.48 8.10
CA ASN VC 161 19.94 45.45 7.25
C ASN VC 161 21.36 45.10 7.69
N ALA VC 162 22.17 46.10 8.01
CA ALA VC 162 23.52 45.84 8.48
C ALA VC 162 23.52 44.92 9.69
N ALA VC 163 22.75 45.26 10.72
CA ALA VC 163 22.69 44.42 11.91
C ALA VC 163 22.26 42.99 11.60
N THR VC 164 21.21 42.82 10.79
CA THR VC 164 20.78 41.47 10.43
C THR VC 164 21.88 40.67 9.76
N MET VC 165 22.51 41.24 8.74
CA MET VC 165 23.59 40.53 8.06
C MET VC 165 24.73 40.15 9.01
N MET VC 166 25.21 41.09 9.81
CA MET VC 166 26.24 40.75 10.79
C MET VC 166 25.84 39.57 11.66
N ASP VC 167 24.64 39.61 12.23
CA ASP VC 167 24.21 38.51 13.07
C ASP VC 167 24.22 37.18 12.35
N LYS VC 168 23.76 37.13 11.10
CA LYS VC 168 23.85 35.87 10.37
C LYS VC 168 25.30 35.45 10.11
N GLN VC 169 26.17 36.39 9.75
CA GLN VC 169 27.57 36.05 9.51
C GLN VC 169 28.23 35.40 10.72
N ASN VC 170 28.09 36.01 11.90
CA ASN VC 170 28.75 35.45 13.07
C ASN VC 170 28.29 34.04 13.42
N ASP VC 171 27.10 33.63 13.01
CA ASP VC 171 26.66 32.25 13.22
C ASP VC 171 27.68 31.24 12.71
N GLY VC 172 28.32 31.56 11.58
CA GLY VC 172 29.36 30.71 10.98
C GLY VC 172 30.69 30.71 11.69
N ILE VC 173 30.88 31.49 12.75
CA ILE VC 173 32.17 31.60 13.42
C ILE VC 173 32.14 30.81 14.73
N GLU VC 174 32.97 29.78 14.78
CA GLU VC 174 33.11 28.95 15.96
C GLU VC 174 33.99 29.63 16.99
N LEU VC 175 33.57 29.56 18.26
CA LEU VC 175 34.30 30.20 19.36
C LEU VC 175 34.60 29.28 20.54
N GLY VC 176 34.06 28.07 20.59
CA GLY VC 176 34.27 27.21 21.74
C GLY VC 176 35.56 26.42 21.72
N ARG VC 177 36.68 27.14 21.64
CA ARG VC 177 37.98 26.51 21.51
C ARG VC 177 38.32 25.68 22.75
N GLN VC 178 38.49 24.38 22.54
CA GLN VC 178 38.83 23.46 23.62
C GLN VC 178 40.28 23.67 24.09
N LYS VC 179 40.53 23.29 25.34
CA LYS VC 179 41.88 23.23 25.89
C LYS VC 179 42.09 21.91 26.61
N ILE VC 180 43.37 21.54 26.77
CA ILE VC 180 43.78 20.33 27.46
C ILE VC 180 44.69 20.67 28.63
N GLY VC 181 44.42 20.08 29.78
CA GLY VC 181 45.25 20.14 30.97
C GLY VC 181 45.86 18.82 31.40
N VAL VC 182 46.93 18.91 32.21
CA VAL VC 182 47.68 17.76 32.70
C VAL VC 182 47.86 17.94 34.19
N MET VC 183 47.55 16.92 34.97
CA MET VC 183 47.55 17.05 36.43
C MET VC 183 48.12 15.80 37.11
N ARG VC 184 49.38 15.90 37.53
CA ARG VC 184 50.01 14.84 38.30
C ARG VC 184 49.38 14.70 39.67
N LEU VC 185 49.12 13.45 40.06
CA LEU VC 185 48.65 13.11 41.40
C LEU VC 185 49.84 12.86 42.32
N ASN VC 186 49.78 13.45 43.51
CA ASN VC 186 50.85 13.44 44.49
C ASN VC 186 50.63 12.48 45.66
N ASN VC 187 49.39 12.09 45.94
CA ASN VC 187 49.09 11.28 47.12
C ASN VC 187 48.45 9.92 46.83
N THR VC 188 48.22 9.56 45.58
CA THR VC 188 47.48 8.35 45.31
C THR VC 188 47.85 7.78 43.94
N PHE VC 189 47.50 6.51 43.73
CA PHE VC 189 47.68 5.84 42.46
C PHE VC 189 46.49 6.08 41.55
N VAL VC 190 46.78 6.45 40.30
CA VAL VC 190 45.74 6.74 39.30
C VAL VC 190 44.86 5.55 39.01
N GLY VC 191 45.43 4.35 38.88
CA GLY VC 191 44.62 3.19 38.53
C GLY VC 191 43.78 2.60 39.64
N ASP VC 192 42.62 2.10 39.22
CA ASP VC 192 41.67 1.37 40.06
C ASP VC 192 42.28 0.04 40.49
N ARG VC 193 41.86 -0.47 41.64
CA ARG VC 193 42.53 -1.65 42.18
C ARG VC 193 41.53 -2.60 42.84
N THR VC 194 41.97 -3.85 43.04
CA THR VC 194 41.10 -4.92 43.49
C THR VC 194 41.80 -5.78 44.52
N TYR VC 195 41.02 -6.28 45.48
CA TYR VC 195 41.54 -6.88 46.70
C TYR VC 195 40.81 -8.17 46.98
N ASN VC 196 41.56 -9.14 47.48
CA ASN VC 196 41.23 -10.56 47.42
C ASN VC 196 40.59 -11.06 48.71
N LEU VC 197 39.47 -10.46 49.09
CA LEU VC 197 38.70 -11.02 50.19
C LEU VC 197 37.97 -12.25 49.71
N ARG VC 198 37.92 -13.27 50.55
CA ARG VC 198 37.27 -14.52 50.13
C ARG VC 198 35.79 -14.33 49.89
N ASP VC 199 35.13 -13.52 50.73
CA ASP VC 199 33.72 -13.20 50.51
C ASP VC 199 33.52 -12.27 49.33
N GLN VC 200 34.52 -11.50 48.94
CA GLN VC 200 34.32 -10.42 47.98
C GLN VC 200 35.62 -10.14 47.26
N LYS VC 201 35.62 -10.31 45.94
CA LYS VC 201 36.70 -9.74 45.13
C LYS VC 201 36.51 -8.23 45.07
N MET VC 202 36.75 -7.56 46.19
CA MET VC 202 36.36 -6.17 46.38
C MET VC 202 37.14 -5.25 45.47
N VAL VC 203 36.48 -4.20 44.97
CA VAL VC 203 37.08 -3.29 44.00
C VAL VC 203 36.98 -1.88 44.52
N ILE VC 204 38.02 -1.09 44.27
CA ILE VC 204 38.05 0.34 44.55
C ILE VC 204 38.33 1.07 43.24
N PRO VC 205 37.44 1.94 42.79
CA PRO VC 205 37.59 2.55 41.47
C PRO VC 205 38.58 3.70 41.47
N GLY VC 206 39.15 3.95 40.29
CA GLY VC 206 39.98 5.12 40.12
C GLY VC 206 39.19 6.40 39.97
N ILE VC 207 39.87 7.50 40.33
CA ILE VC 207 39.26 8.82 40.29
C ILE VC 207 38.67 9.13 38.91
N ALA VC 208 39.44 8.88 37.85
CA ALA VC 208 38.91 9.09 36.51
C ALA VC 208 37.63 8.33 36.27
N THR VC 209 37.47 7.20 36.93
CA THR VC 209 36.26 6.40 36.77
C THR VC 209 35.11 6.97 37.55
N ALA VC 210 35.32 7.26 38.83
CA ALA VC 210 34.25 7.80 39.64
C ALA VC 210 33.77 9.13 39.08
N ILE VC 211 34.68 9.99 38.66
CA ILE VC 211 34.28 11.29 38.11
C ILE VC 211 33.55 11.13 36.79
N GLU VC 212 34.09 10.31 35.87
CA GLU VC 212 33.43 10.17 34.59
C GLU VC 212 32.04 9.57 34.74
N ARG VC 213 31.90 8.58 35.61
CA ARG VC 213 30.60 8.02 35.95
C ARG VC 213 29.67 9.05 36.57
N LEU VC 214 30.18 9.94 37.41
CA LEU VC 214 29.33 10.96 37.99
C LEU VC 214 28.82 11.95 36.95
N LEU VC 215 29.71 12.44 36.09
CA LEU VC 215 29.27 13.41 35.09
C LEU VC 215 28.43 12.81 33.99
N GLN VC 216 28.49 11.51 33.77
CA GLN VC 216 27.91 10.90 32.58
C GLN VC 216 26.53 11.45 32.27
N GLY VC 217 26.37 11.91 31.04
CA GLY VC 217 25.10 12.34 30.49
C GLY VC 217 24.59 13.72 30.88
N GLU VC 218 25.27 14.46 31.73
CA GLU VC 218 24.73 15.74 32.17
C GLU VC 218 24.78 16.76 31.04
N GLU VC 219 23.66 17.46 30.83
CA GLU VC 219 23.56 18.55 29.86
C GLU VC 219 23.73 19.93 30.46
N GLN VC 220 23.49 20.10 31.76
CA GLN VC 220 23.67 21.40 32.37
C GLN VC 220 25.14 21.77 32.49
N PRO VC 221 25.46 23.06 32.53
CA PRO VC 221 26.82 23.49 32.90
C PRO VC 221 27.11 23.19 34.36
N LEU VC 222 28.38 23.39 34.71
CA LEU VC 222 28.88 23.08 36.04
C LEU VC 222 29.53 24.31 36.65
N GLY VC 223 29.40 24.43 37.97
CA GLY VC 223 30.20 25.40 38.71
C GLY VC 223 30.28 25.10 40.19
N ASN VC 224 31.04 25.94 40.87
CA ASN VC 224 31.02 26.08 42.33
C ASN VC 224 31.21 24.75 43.06
N ILE VC 225 32.35 24.12 42.83
CA ILE VC 225 32.74 22.95 43.62
C ILE VC 225 32.97 23.39 45.06
N VAL VC 226 32.44 22.62 46.01
CA VAL VC 226 32.59 22.94 47.43
C VAL VC 226 32.74 21.64 48.20
N SER VC 227 33.28 21.76 49.41
CA SER VC 227 33.31 20.63 50.33
C SER VC 227 31.92 20.33 50.85
N GLN VC 255 27.66 37.56 25.56
CA GLN VC 255 28.80 36.69 25.31
C GLN VC 255 29.15 35.78 26.49
N GLU VC 256 28.95 36.26 27.72
CA GLU VC 256 29.26 35.46 28.88
C GLU VC 256 28.51 34.14 28.85
N ALA VC 257 27.18 34.21 28.74
CA ALA VC 257 26.39 32.98 28.66
C ALA VC 257 26.79 32.12 27.48
N LEU VC 258 27.29 32.72 26.41
CA LEU VC 258 27.69 31.91 25.26
C LEU VC 258 28.88 31.02 25.58
N LYS VC 259 29.75 31.48 26.48
CA LYS VC 259 30.89 30.69 26.91
C LYS VC 259 30.51 29.72 28.02
N GLN VC 260 29.76 30.21 29.00
CA GLN VC 260 29.34 29.41 30.15
C GLN VC 260 28.27 28.37 29.82
N ASN VC 261 27.66 28.42 28.64
CA ASN VC 261 26.67 27.43 28.26
C ASN VC 261 27.24 26.05 27.96
N ALA VC 262 28.55 25.83 28.08
CA ALA VC 262 29.15 24.57 27.68
C ALA VC 262 28.57 23.43 28.52
N ALA VC 263 28.31 22.30 27.86
CA ALA VC 263 27.73 21.14 28.53
C ALA VC 263 28.76 20.38 29.36
N ALA VC 264 28.43 20.19 30.64
CA ALA VC 264 29.34 19.54 31.57
C ALA VC 264 29.65 18.10 31.16
N GLY VC 265 28.66 17.39 30.61
CA GLY VC 265 28.92 16.04 30.11
C GLY VC 265 29.88 15.97 28.95
N ASN VC 266 30.32 17.10 28.40
CA ASN VC 266 31.32 17.10 27.34
C ASN VC 266 32.74 16.93 27.87
N ILE VC 267 32.97 17.21 29.15
CA ILE VC 267 34.30 17.03 29.74
C ILE VC 267 34.77 15.61 29.54
N LYS VC 268 36.07 15.45 29.27
CA LYS VC 268 36.66 14.12 29.16
C LYS VC 268 37.90 14.01 30.03
N ILE VC 269 38.04 12.85 30.68
CA ILE VC 269 39.15 12.52 31.55
C ILE VC 269 39.79 11.21 31.12
N VAL VC 270 41.12 11.17 31.04
CA VAL VC 270 41.82 9.93 30.76
C VAL VC 270 42.96 9.74 31.76
N ALA VC 271 43.05 8.55 32.33
CA ALA VC 271 44.14 8.17 33.20
C ALA VC 271 45.42 7.87 32.41
N TYR VC 272 46.56 8.31 32.94
CA TYR VC 272 47.88 8.09 32.33
C TYR VC 272 48.81 7.60 33.42
N PRO VC 273 48.84 6.29 33.68
CA PRO VC 273 49.69 5.75 34.74
C PRO VC 273 51.17 5.80 34.42
N ASP VC 274 51.55 6.09 33.19
CA ASP VC 274 52.96 6.20 32.85
C ASP VC 274 53.67 7.14 33.80
N THR VC 275 53.07 8.31 34.03
CA THR VC 275 53.61 9.35 34.89
C THR VC 275 52.74 9.58 36.11
N ASN VC 276 51.74 8.74 36.33
CA ASN VC 276 50.79 8.91 37.42
C ASN VC 276 50.04 10.23 37.35
N SER VC 277 49.38 10.48 36.22
CA SER VC 277 48.77 11.77 35.97
C SER VC 277 47.43 11.61 35.25
N LEU VC 278 46.61 12.63 35.37
CA LEU VC 278 45.32 12.74 34.70
C LEU VC 278 45.41 13.71 33.53
N LEU VC 279 44.78 13.35 32.42
CA LEU VC 279 44.64 14.25 31.28
C LEU VC 279 43.18 14.69 31.21
N VAL VC 280 42.98 15.99 31.04
CA VAL VC 280 41.65 16.59 31.08
C VAL VC 280 41.43 17.38 29.81
N LYS VC 281 40.31 17.15 29.14
CA LYS VC 281 39.92 17.95 28.00
C LYS VC 281 38.61 18.67 28.32
N GLY VC 282 38.61 19.98 28.11
CA GLY VC 282 37.40 20.75 28.30
C GLY VC 282 37.62 22.20 27.99
N THR VC 283 36.69 23.04 28.43
CA THR VC 283 36.89 24.48 28.42
C THR VC 283 37.84 24.88 29.54
N ALA VC 284 38.40 26.08 29.42
CA ALA VC 284 39.25 26.62 30.49
C ALA VC 284 38.56 26.66 31.84
N GLU VC 285 37.30 27.10 31.88
CA GLU VC 285 36.56 27.09 33.14
C GLU VC 285 36.42 25.71 33.73
N GLN VC 286 35.93 24.77 32.93
CA GLN VC 286 35.80 23.39 33.37
C GLN VC 286 37.12 22.83 33.89
N VAL VC 287 38.19 23.02 33.13
CA VAL VC 287 39.51 22.58 33.57
C VAL VC 287 39.84 23.13 34.93
N HIS VC 288 39.65 24.43 35.12
CA HIS VC 288 39.88 25.04 36.43
C HIS VC 288 39.08 24.34 37.53
N PHE VC 289 37.81 24.07 37.28
CA PHE VC 289 36.99 23.39 38.28
C PHE VC 289 37.50 21.98 38.59
N ILE VC 290 37.70 21.18 37.55
CA ILE VC 290 38.13 19.81 37.76
C ILE VC 290 39.43 19.77 38.55
N GLU VC 291 40.32 20.73 38.31
CA GLU VC 291 41.54 20.81 39.11
C GLU VC 291 41.24 20.93 40.60
N MET VC 292 40.28 21.78 40.96
CA MET VC 292 39.91 21.94 42.36
C MET VC 292 39.35 20.65 42.93
N LEU VC 293 38.50 19.97 42.18
CA LEU VC 293 37.97 18.70 42.70
C LEU VC 293 39.08 17.66 42.89
N VAL VC 294 39.99 17.54 41.93
CA VAL VC 294 41.13 16.65 42.06
C VAL VC 294 41.89 16.91 43.35
N LYS VC 295 42.16 18.18 43.63
CA LYS VC 295 42.85 18.54 44.86
C LYS VC 295 42.00 18.35 46.09
N ALA VC 296 40.68 18.40 45.96
CA ALA VC 296 39.85 18.12 47.11
C ALA VC 296 39.87 16.64 47.45
N LEU VC 297 40.17 15.80 46.47
CA LEU VC 297 40.12 14.36 46.71
C LEU VC 297 41.43 13.75 47.16
N ASP VC 298 42.57 14.12 46.56
CA ASP VC 298 43.79 13.34 46.86
C ASP VC 298 44.53 13.73 48.15
N VAL VC 299 43.84 13.73 49.30
CA VAL VC 299 44.52 13.79 50.60
C VAL VC 299 45.32 12.52 50.90
N ALA VC 300 46.45 12.70 51.61
CA ALA VC 300 47.33 11.63 52.07
C ALA VC 300 46.73 10.82 53.21
N LYS VC 301 47.02 9.51 53.23
CA LYS VC 301 46.57 8.59 54.27
C LYS VC 301 47.50 8.43 55.46
N ARG VC 302 46.89 8.29 56.66
CA ARG VC 302 47.55 7.87 57.90
C ARG VC 302 47.86 6.38 57.93
N HIS VC 303 48.93 6.02 58.66
CA HIS VC 303 49.32 4.64 58.92
C HIS VC 303 48.83 4.14 60.27
N VAL VC 304 48.40 2.88 60.31
CA VAL VC 304 47.91 2.20 61.51
C VAL VC 304 48.72 0.94 61.79
N GLU VC 305 49.18 0.81 63.04
CA GLU VC 305 49.79 -0.40 63.57
C GLU VC 305 48.77 -1.21 64.37
N LEU VC 306 48.57 -2.46 63.98
CA LEU VC 306 47.65 -3.39 64.62
C LEU VC 306 48.43 -4.51 65.31
N SER VC 307 48.10 -4.77 66.58
CA SER VC 307 48.78 -5.80 67.36
C SER VC 307 47.74 -6.63 68.10
N LEU VC 308 47.93 -7.95 68.14
CA LEU VC 308 46.96 -8.87 68.73
C LEU VC 308 47.59 -9.80 69.76
N TRP VC 309 46.89 -9.98 70.89
CA TRP VC 309 47.31 -10.84 71.99
C TRP VC 309 46.45 -12.09 72.12
N ILE VC 310 47.11 -13.26 72.18
CA ILE VC 310 46.45 -14.55 72.34
C ILE VC 310 47.07 -15.25 73.55
N VAL VC 311 46.22 -15.68 74.47
CA VAL VC 311 46.63 -16.30 75.73
C VAL VC 311 45.76 -17.50 76.07
N ASP VC 312 46.37 -18.56 76.58
CA ASP VC 312 45.63 -19.72 77.05
C ASP VC 312 46.38 -20.43 78.17
N LEU VC 313 45.62 -21.06 79.08
CA LEU VC 313 46.15 -21.70 80.27
C LEU VC 313 45.50 -23.06 80.47
N ASN VC 314 46.23 -23.98 81.10
CA ASN VC 314 45.74 -25.35 81.27
C ASN VC 314 46.34 -25.99 82.51
N LYS VC 315 45.47 -26.49 83.40
CA LYS VC 315 45.79 -27.17 84.65
C LYS VC 315 45.03 -28.49 84.73
N SER VC 316 45.70 -29.55 85.20
CA SER VC 316 45.00 -30.83 85.36
C SER VC 316 45.63 -31.72 86.43
N ASP VC 317 44.78 -32.47 87.14
CA ASP VC 317 45.18 -33.44 88.15
C ASP VC 317 44.50 -34.78 87.89
N LEU VC 318 45.23 -35.89 88.07
CA LEU VC 318 44.68 -37.22 87.85
C LEU VC 318 45.17 -38.22 88.90
N GLU VC 319 44.29 -39.13 89.31
CA GLU VC 319 44.68 -40.17 90.28
C GLU VC 319 43.94 -41.48 90.04
N ARG VC 320 44.68 -42.59 90.09
CA ARG VC 320 44.12 -43.95 90.01
C ARG VC 320 44.69 -44.79 91.15
N LEU VC 321 43.83 -45.50 91.88
CA LEU VC 321 44.30 -46.27 93.02
C LEU VC 321 43.36 -47.40 93.43
N GLY VC 322 43.95 -48.59 93.72
CA GLY VC 322 43.22 -49.73 94.22
C GLY VC 322 43.45 -51.06 93.51
N THR VC 323 42.49 -51.99 93.71
CA THR VC 323 42.59 -53.37 93.24
C THR VC 323 41.36 -53.93 92.53
N SER VC 324 41.62 -54.72 91.49
CA SER VC 324 40.65 -55.49 90.72
C SER VC 324 40.85 -56.99 91.04
N TRP VC 325 39.78 -57.68 91.45
CA TRP VC 325 39.88 -59.06 91.92
C TRP VC 325 39.08 -60.00 91.04
N SER VC 326 39.62 -61.22 90.87
CA SER VC 326 38.98 -62.29 90.12
C SER VC 326 39.68 -63.60 90.47
N GLY VC 327 39.03 -64.71 90.15
CA GLY VC 327 39.70 -65.99 90.32
C GLY VC 327 38.75 -67.16 90.24
N SER VC 328 39.28 -68.34 90.56
CA SER VC 328 38.51 -69.57 90.52
C SER VC 328 39.07 -70.60 91.50
N ILE VC 329 38.21 -71.56 91.85
CA ILE VC 329 38.55 -72.69 92.71
C ILE VC 329 38.01 -73.97 92.10
N THR VC 330 38.80 -75.04 92.16
CA THR VC 330 38.37 -76.38 91.78
C THR VC 330 38.25 -77.23 93.04
N ILE VC 331 37.13 -77.93 93.19
CA ILE VC 331 36.93 -78.83 94.31
C ILE VC 331 36.32 -80.14 93.82
N GLY VC 332 36.85 -81.24 94.35
CA GLY VC 332 36.72 -82.56 93.79
C GLY VC 332 37.20 -82.56 92.35
N ASP VC 333 36.72 -83.53 91.61
CA ASP VC 333 36.67 -83.44 90.15
C ASP VC 333 35.40 -82.75 89.68
N LYS VC 334 34.36 -82.82 90.52
CA LYS VC 334 33.01 -82.46 90.08
C LYS VC 334 32.86 -80.95 89.90
N LEU VC 335 33.42 -80.15 90.81
CA LEU VC 335 33.04 -78.75 90.89
C LEU VC 335 34.18 -77.81 90.48
N GLY VC 336 33.81 -76.81 89.70
CA GLY VC 336 34.65 -75.65 89.49
C GLY VC 336 33.82 -74.40 89.61
N VAL VC 337 34.37 -73.39 90.28
CA VAL VC 337 33.64 -72.18 90.59
C VAL VC 337 34.53 -70.99 90.24
N SER VC 338 33.93 -69.96 89.65
CA SER VC 338 34.70 -68.80 89.22
C SER VC 338 34.00 -67.51 89.61
N LEU VC 339 34.81 -66.53 89.99
CA LEU VC 339 34.38 -65.23 90.45
C LEU VC 339 34.93 -64.19 89.51
N ASN VC 340 34.04 -63.35 88.98
CA ASN VC 340 34.42 -62.21 88.16
C ASN VC 340 35.38 -62.64 87.06
N GLN VC 341 35.08 -63.79 86.46
CA GLN VC 341 35.97 -64.42 85.51
C GLN VC 341 35.09 -65.33 84.66
N SER VC 342 34.96 -65.00 83.37
CA SER VC 342 33.80 -65.46 82.61
C SER VC 342 33.79 -66.96 82.36
N SER VC 343 34.95 -67.56 82.12
CA SER VC 343 34.96 -68.99 81.78
C SER VC 343 36.33 -69.58 82.02
N ILE VC 344 36.40 -70.56 82.91
CA ILE VC 344 37.65 -71.23 83.26
C ILE VC 344 37.35 -72.71 83.47
N SER VC 345 38.16 -73.57 82.86
CA SER VC 345 38.29 -74.94 83.32
C SER VC 345 39.18 -74.90 84.55
N THR VC 346 38.55 -74.91 85.71
CA THR VC 346 39.19 -74.40 86.91
C THR VC 346 40.50 -75.15 87.18
N LEU VC 347 41.52 -74.41 87.60
CA LEU VC 347 42.79 -75.02 87.93
C LEU VC 347 42.63 -75.91 89.15
N ASP VC 348 43.24 -77.10 89.07
CA ASP VC 348 42.85 -78.23 89.90
C ASP VC 348 42.95 -77.94 91.40
N GLY VC 349 43.69 -76.92 91.81
CA GLY VC 349 43.53 -76.31 93.12
C GLY VC 349 42.78 -75.00 93.02
N SER VC 350 43.50 -73.89 92.91
CA SER VC 350 42.84 -72.59 92.83
C SER VC 350 43.77 -71.61 92.14
N ARG VC 351 43.18 -70.53 91.64
CA ARG VC 351 43.95 -69.39 91.15
C ARG VC 351 43.20 -68.12 91.50
N PHE VC 352 43.91 -67.15 92.08
CA PHE VC 352 43.38 -65.81 92.23
C PHE VC 352 44.36 -64.80 91.67
N ILE VC 353 43.82 -63.71 91.14
CA ILE VC 353 44.63 -62.68 90.52
C ILE VC 353 44.12 -61.33 90.99
N ALA VC 354 45.02 -60.49 91.47
CA ALA VC 354 44.68 -59.13 91.87
C ALA VC 354 45.49 -58.15 91.06
N ALA VC 355 44.81 -57.24 90.38
CA ALA VC 355 45.46 -56.23 89.57
C ALA VC 355 45.44 -54.93 90.36
N VAL VC 356 46.61 -54.35 90.60
CA VAL VC 356 46.77 -53.20 91.47
C VAL VC 356 47.20 -52.03 90.62
N ASN VC 357 46.62 -50.87 90.86
CA ASN VC 357 47.10 -49.62 90.28
C ASN VC 357 47.35 -48.59 91.36
N ALA VC 358 48.40 -47.79 91.16
CA ALA VC 358 48.61 -46.60 91.96
C ALA VC 358 49.36 -45.57 91.13
N LEU VC 359 48.71 -44.46 90.79
CA LEU VC 359 49.33 -43.43 89.99
C LEU VC 359 48.73 -42.06 90.32
N GLU VC 360 49.57 -41.04 90.28
CA GLU VC 360 49.17 -39.66 90.51
C GLU VC 360 49.89 -38.73 89.56
N GLU VC 361 49.18 -37.77 88.98
CA GLU VC 361 49.78 -36.92 87.95
C GLU VC 361 49.25 -35.50 88.02
N LYS VC 362 50.12 -34.54 87.72
CA LYS VC 362 49.79 -33.12 87.70
C LYS VC 362 50.40 -32.48 86.47
N LYS VC 363 49.66 -31.58 85.82
CA LYS VC 363 50.14 -30.96 84.59
C LYS VC 363 49.69 -29.50 84.47
N GLN VC 364 50.58 -28.65 83.94
CA GLN VC 364 50.27 -27.25 83.74
C GLN VC 364 51.05 -26.70 82.53
N ALA VC 365 50.38 -25.87 81.74
CA ALA VC 365 50.98 -25.30 80.52
C ALA VC 365 50.53 -23.86 80.29
N THR VC 366 51.33 -23.11 79.52
CA THR VC 366 51.03 -21.71 79.22
C THR VC 366 51.63 -21.26 77.91
N VAL VC 367 50.84 -20.59 77.07
CA VAL VC 367 51.28 -20.12 75.76
C VAL VC 367 50.75 -18.70 75.52
N VAL VC 368 51.63 -17.84 74.99
CA VAL VC 368 51.30 -16.45 74.64
C VAL VC 368 51.80 -16.15 73.24
N SER VC 369 50.99 -15.44 72.44
CA SER VC 369 51.41 -15.12 71.08
C SER VC 369 50.91 -13.75 70.64
N ARG VC 370 51.71 -13.09 69.80
CA ARG VC 370 51.39 -11.78 69.24
C ARG VC 370 51.72 -11.57 67.77
N PRO VC 371 50.75 -11.48 66.88
CA PRO VC 371 51.02 -10.97 65.54
C PRO VC 371 50.87 -9.45 65.50
N VAL VC 372 51.68 -8.84 64.63
CA VAL VC 372 51.71 -7.39 64.44
C VAL VC 372 51.73 -7.08 62.95
N LEU VC 373 50.84 -6.18 62.52
CA LEU VC 373 50.70 -5.84 61.10
C LEU VC 373 50.58 -4.34 60.92
N LEU VC 374 51.11 -3.86 59.79
CA LEU VC 374 51.06 -2.46 59.40
C LEU VC 374 50.14 -2.26 58.20
N THR VC 375 49.20 -1.32 58.32
CA THR VC 375 48.25 -1.06 57.24
C THR VC 375 47.95 0.42 57.21
N GLN VC 376 47.84 0.99 56.02
CA GLN VC 376 47.31 2.34 55.94
C GLN VC 376 45.83 2.34 56.30
N GLU VC 377 45.37 3.51 56.73
CA GLU VC 377 43.95 3.78 56.85
C GLU VC 377 43.19 3.30 55.63
N ASN VC 378 42.05 2.66 55.88
CA ASN VC 378 41.03 2.46 54.87
C ASN VC 378 41.46 1.52 53.75
N VAL VC 379 42.51 0.74 53.96
CA VAL VC 379 42.99 -0.24 52.99
C VAL VC 379 43.06 -1.60 53.68
N PRO VC 380 42.54 -2.67 53.07
CA PRO VC 380 42.54 -3.97 53.74
C PRO VC 380 43.89 -4.65 53.65
N ALA VC 381 44.18 -5.49 54.65
CA ALA VC 381 45.42 -6.26 54.62
C ALA VC 381 45.22 -7.59 55.33
N ILE VC 382 46.15 -8.50 55.07
CA ILE VC 382 46.12 -9.86 55.61
C ILE VC 382 47.47 -10.20 56.21
N PHE VC 383 47.45 -11.06 57.22
CA PHE VC 383 48.65 -11.66 57.78
C PHE VC 383 48.41 -13.14 57.98
N ASP VC 384 49.36 -13.95 57.52
CA ASP VC 384 49.23 -15.39 57.62
C ASP VC 384 50.56 -16.04 58.00
N ASN VC 385 50.53 -16.94 58.98
CA ASN VC 385 51.74 -17.61 59.43
C ASN VC 385 51.42 -19.01 59.91
N ASN VC 386 52.37 -19.93 59.71
CA ASN VC 386 52.33 -21.21 60.38
C ASN VC 386 53.74 -21.72 60.60
N ARG VC 387 53.91 -22.48 61.67
CA ARG VC 387 55.22 -22.94 62.09
C ARG VC 387 55.12 -24.29 62.80
N THR VC 388 56.20 -25.05 62.72
CA THR VC 388 56.24 -26.42 63.23
C THR VC 388 57.35 -26.58 64.24
N PHE VC 389 57.04 -27.29 65.32
CA PHE VC 389 57.97 -27.52 66.42
C PHE VC 389 58.12 -29.01 66.67
N TYR VC 390 59.31 -29.39 67.14
CA TYR VC 390 59.73 -30.78 67.17
C TYR VC 390 60.20 -31.18 68.56
N THR VC 391 60.13 -32.49 68.81
CA THR VC 391 60.67 -33.11 70.00
C THR VC 391 61.20 -34.48 69.60
N LYS VC 392 62.25 -34.93 70.28
CA LYS VC 392 62.72 -36.30 70.13
C LYS VC 392 62.27 -37.12 71.31
N LEU VC 393 61.74 -38.31 71.03
CA LEU VC 393 61.42 -39.24 72.09
C LEU VC 393 62.68 -39.83 72.70
N ILE VC 394 62.46 -40.58 73.78
CA ILE VC 394 63.51 -40.96 74.71
C ILE VC 394 64.61 -41.74 74.00
N GLY VC 395 65.83 -41.21 74.07
CA GLY VC 395 67.03 -42.03 73.96
C GLY VC 395 67.68 -42.29 72.62
N GLU VC 396 68.40 -43.41 72.58
CA GLU VC 396 69.29 -43.74 71.47
C GLU VC 396 68.54 -44.12 70.19
N ARG VC 397 67.31 -44.62 70.30
CA ARG VC 397 66.66 -45.14 69.10
C ARG VC 397 66.47 -44.02 68.07
N ASN VC 398 66.57 -44.41 66.80
CA ASN VC 398 66.63 -43.46 65.70
C ASN VC 398 65.22 -43.00 65.33
N VAL VC 399 64.43 -42.63 66.33
CA VAL VC 399 63.03 -42.31 66.14
C VAL VC 399 62.91 -41.01 65.34
N ALA VC 400 62.03 -41.03 64.33
CA ALA VC 400 61.65 -39.82 63.64
C ALA VC 400 60.90 -38.88 64.58
N LEU VC 401 61.37 -37.64 64.66
CA LEU VC 401 60.94 -36.74 65.72
C LEU VC 401 59.44 -36.47 65.64
N GLU VC 402 58.81 -36.38 66.80
CA GLU VC 402 57.40 -36.02 66.90
C GLU VC 402 57.25 -34.51 66.76
N HIS VC 403 56.17 -34.07 66.13
CA HIS VC 403 56.00 -32.64 65.85
C HIS VC 403 54.57 -32.19 66.05
N VAL VC 404 54.42 -30.86 66.15
CA VAL VC 404 53.14 -30.17 66.14
C VAL VC 404 53.24 -28.91 65.30
N THR VC 405 52.13 -28.53 64.65
CA THR VC 405 52.09 -27.32 63.84
C THR VC 405 51.02 -26.35 64.31
N TYR VC 406 51.39 -25.07 64.40
CA TYR VC 406 50.53 -24.00 64.88
C TYR VC 406 50.46 -22.90 63.83
N GLY VC 407 49.26 -22.34 63.64
CA GLY VC 407 49.10 -21.33 62.60
C GLY VC 407 48.00 -20.33 62.90
N THR VC 408 48.14 -19.17 62.26
CA THR VC 408 47.36 -17.99 62.59
C THR VC 408 47.09 -17.19 61.33
N MET VC 409 45.89 -16.61 61.27
CA MET VC 409 45.40 -15.85 60.13
C MET VC 409 44.63 -14.64 60.63
N ILE VC 410 44.87 -13.49 59.99
CA ILE VC 410 44.13 -12.27 60.25
C ILE VC 410 43.80 -11.61 58.93
N ARG VC 411 42.57 -11.14 58.77
CA ARG VC 411 42.26 -10.10 57.79
C ARG VC 411 41.64 -8.89 58.48
N VAL VC 412 42.04 -7.69 58.06
CA VAL VC 412 41.59 -6.49 58.76
C VAL VC 412 41.47 -5.32 57.78
N LEU VC 413 40.54 -4.41 58.11
CA LEU VC 413 40.25 -3.19 57.40
C LEU VC 413 39.91 -2.08 58.40
N PRO VC 414 40.81 -1.11 58.61
CA PRO VC 414 40.60 -0.03 59.58
C PRO VC 414 39.94 1.24 59.08
N ARG VC 415 39.26 1.93 59.99
CA ARG VC 415 38.59 3.20 59.82
C ARG VC 415 38.91 4.16 60.96
N PHE VC 416 39.17 5.44 60.62
CA PHE VC 416 39.42 6.50 61.60
C PHE VC 416 38.16 7.31 61.92
N SER VC 417 37.70 7.20 63.15
CA SER VC 417 36.62 8.02 63.66
C SER VC 417 37.05 9.47 63.80
N ALA VC 418 36.14 10.38 63.48
CA ALA VC 418 36.36 11.81 63.69
C ALA VC 418 36.67 12.15 65.14
N ASP VC 419 36.26 11.30 66.09
CA ASP VC 419 36.52 11.47 67.52
C ASP VC 419 37.88 10.93 67.93
N GLY VC 420 38.72 10.57 66.96
CA GLY VC 420 39.98 9.91 67.22
C GLY VC 420 39.90 8.49 67.76
N GLN VC 421 39.12 7.66 67.07
CA GLN VC 421 38.88 6.28 67.44
C GLN VC 421 39.08 5.44 66.18
N ILE VC 422 39.36 4.16 66.37
CA ILE VC 422 39.58 3.24 65.26
C ILE VC 422 38.55 2.11 65.28
N GLU VC 423 37.97 1.85 64.12
CA GLU VC 423 36.98 0.81 63.90
C GLU VC 423 37.53 -0.17 62.89
N MET VC 424 37.37 -1.48 63.12
CA MET VC 424 37.98 -2.45 62.24
C MET VC 424 37.11 -3.66 61.99
N SER VC 425 37.09 -4.12 60.75
CA SER VC 425 36.49 -5.41 60.40
C SER VC 425 37.50 -6.51 60.73
N LEU VC 426 37.10 -7.54 61.49
CA LEU VC 426 38.05 -8.54 61.95
C LEU VC 426 37.66 -9.97 61.67
N ASP VC 427 38.55 -10.69 60.97
CA ASP VC 427 38.51 -12.14 60.77
C ASP VC 427 39.77 -12.70 61.41
N ILE VC 428 39.61 -13.58 62.40
CA ILE VC 428 40.71 -14.21 63.11
C ILE VC 428 40.53 -15.72 63.09
N GLU VC 429 41.58 -16.43 62.69
CA GLU VC 429 41.57 -17.89 62.73
C GLU VC 429 42.90 -18.36 63.31
N ASP VC 430 42.85 -19.19 64.35
CA ASP VC 430 44.10 -19.58 64.99
C ASP VC 430 44.00 -20.90 65.72
N GLY VC 431 45.12 -21.61 65.75
CA GLY VC 431 45.20 -22.85 66.49
C GLY VC 431 46.18 -23.82 65.89
N ASN VC 432 46.12 -25.04 66.40
CA ASN VC 432 46.90 -26.16 65.91
C ASN VC 432 46.02 -27.16 65.18
N ASP VC 433 46.53 -27.66 64.06
CA ASP VC 433 45.81 -28.64 63.25
C ASP VC 433 45.45 -29.89 64.05
N LYS VC 434 44.22 -30.35 63.86
CA LYS VC 434 43.75 -31.60 64.46
C LYS VC 434 44.68 -32.75 64.12
N THR VC 435 44.91 -33.63 65.10
CA THR VC 435 45.85 -34.73 64.98
C THR VC 435 45.15 -36.02 65.40
N PRO VC 436 44.42 -36.65 64.47
CA PRO VC 436 43.79 -37.95 64.76
C PRO VC 436 44.75 -39.05 65.11
N GLN VC 437 46.05 -38.88 64.87
CA GLN VC 437 46.99 -39.96 64.98
C GLN VC 437 47.09 -40.43 66.42
N SER VC 438 47.59 -41.66 66.58
CA SER VC 438 47.86 -42.21 67.91
C SER VC 438 49.13 -41.56 68.45
N ASP VC 439 48.97 -40.31 68.88
CA ASP VC 439 50.03 -39.59 69.54
C ASP VC 439 50.59 -40.40 70.71
N THR VC 440 51.91 -40.38 70.84
CA THR VC 440 52.56 -41.10 71.92
C THR VC 440 52.30 -40.41 73.26
N THR VC 441 52.37 -41.22 74.33
CA THR VC 441 52.06 -40.73 75.67
C THR VC 441 52.89 -39.51 76.04
N THR VC 442 54.20 -39.56 75.77
CA THR VC 442 55.05 -38.40 76.01
C THR VC 442 54.80 -37.28 75.02
N SER VC 443 54.10 -37.54 73.91
CA SER VC 443 53.94 -36.51 72.89
C SER VC 443 53.16 -35.31 73.43
N VAL VC 444 52.06 -35.60 74.15
CA VAL VC 444 51.26 -34.55 74.76
C VAL VC 444 51.89 -33.99 76.01
N ASP VC 445 52.89 -34.67 76.57
CA ASP VC 445 53.64 -34.07 77.66
C ASP VC 445 54.65 -33.07 77.10
N ALA VC 446 55.19 -33.36 75.93
CA ALA VC 446 56.22 -32.52 75.34
C ALA VC 446 55.65 -31.30 74.64
N LEU VC 447 54.45 -31.40 74.04
CA LEU VC 447 53.93 -30.24 73.35
C LEU VC 447 52.48 -29.94 73.68
N PRO VC 448 52.13 -28.67 73.91
CA PRO VC 448 50.79 -28.30 74.36
C PRO VC 448 49.78 -28.21 73.22
N GLU VC 449 48.52 -28.46 73.58
CA GLU VC 449 47.40 -28.50 72.64
C GLU VC 449 46.57 -27.22 72.75
N VAL VC 450 46.31 -26.57 71.61
CA VAL VC 450 45.49 -25.35 71.56
C VAL VC 450 44.44 -25.44 70.46
N GLY VC 451 43.17 -25.42 70.86
CA GLY VC 451 42.06 -25.66 69.96
C GLY VC 451 41.98 -24.65 68.83
N ARG VC 452 41.27 -25.07 67.78
CA ARG VC 452 41.24 -24.44 66.46
C ARG VC 452 40.19 -23.33 66.36
N THR VC 453 40.37 -22.31 67.19
CA THR VC 453 39.39 -21.22 67.30
C THR VC 453 39.28 -20.37 66.05
N LEU VC 454 38.02 -19.99 65.74
CA LEU VC 454 37.70 -19.11 64.62
C LEU VC 454 36.68 -18.06 65.05
N ILE VC 455 36.94 -16.78 64.74
CA ILE VC 455 36.07 -15.68 65.14
C ILE VC 455 35.98 -14.65 64.02
N SER VC 456 34.79 -14.07 63.84
CA SER VC 456 34.61 -12.91 62.98
C SER VC 456 33.65 -11.90 63.59
N THR VC 457 34.01 -10.62 63.54
CA THR VC 457 33.21 -9.57 64.17
C THR VC 457 33.67 -8.19 63.72
N ILE VC 458 33.05 -7.16 64.30
CA ILE VC 458 33.47 -5.77 64.18
C ILE VC 458 33.73 -5.18 65.56
N ALA VC 459 34.75 -4.34 65.68
CA ALA VC 459 35.04 -3.68 66.95
C ALA VC 459 35.61 -2.27 66.73
N ARG VC 460 35.29 -1.39 67.67
CA ARG VC 460 35.75 0.00 67.69
C ARG VC 460 36.38 0.30 69.04
N VAL VC 461 37.53 0.95 69.05
CA VAL VC 461 38.27 1.17 70.29
C VAL VC 461 38.87 2.57 70.37
N PRO VC 462 38.91 3.17 71.56
CA PRO VC 462 39.64 4.44 71.73
C PRO VC 462 41.12 4.34 71.42
N HIS VC 463 41.69 5.48 71.02
CA HIS VC 463 42.93 5.51 70.26
C HIS VC 463 44.01 4.60 70.82
N GLY VC 464 44.29 4.71 72.12
CA GLY VC 464 45.39 4.00 72.73
C GLY VC 464 45.01 2.79 73.56
N LYS VC 465 43.77 2.36 73.51
CA LYS VC 465 43.25 1.42 74.48
C LYS VC 465 43.16 0.03 73.87
N SER VC 466 42.81 -0.94 74.72
CA SER VC 466 42.69 -2.33 74.30
C SER VC 466 41.36 -2.88 74.76
N LEU VC 467 40.89 -3.92 74.07
CA LEU VC 467 39.52 -4.37 74.22
C LEU VC 467 39.48 -5.89 74.07
N LEU VC 468 38.56 -6.52 74.79
CA LEU VC 468 38.35 -7.97 74.74
C LEU VC 468 37.39 -8.35 73.61
N VAL VC 469 37.93 -8.92 72.53
CA VAL VC 469 37.06 -9.35 71.43
C VAL VC 469 36.43 -10.71 71.69
N GLY VC 470 37.02 -11.56 72.51
CA GLY VC 470 36.36 -12.82 72.82
C GLY VC 470 37.18 -13.80 73.63
N GLY VC 471 36.52 -14.80 74.20
CA GLY VC 471 37.22 -15.79 75.00
C GLY VC 471 36.35 -16.98 75.30
N TYR VC 472 36.99 -18.00 75.87
CA TYR VC 472 36.37 -19.29 76.14
C TYR VC 472 36.89 -19.84 77.45
N THR VC 473 35.98 -20.43 78.23
CA THR VC 473 36.33 -21.06 79.50
C THR VC 473 35.71 -22.44 79.57
N ARG VC 474 36.47 -23.41 80.08
CA ARG VC 474 35.95 -24.74 80.32
C ARG VC 474 36.42 -25.25 81.67
N ASP VC 475 35.56 -26.03 82.32
CA ASP VC 475 35.83 -26.45 83.69
C ASP VC 475 35.13 -27.77 83.95
N ALA VC 476 35.85 -28.78 84.44
CA ALA VC 476 35.24 -30.08 84.62
C ALA VC 476 35.87 -30.88 85.76
N ASN VC 477 35.08 -31.79 86.32
CA ASN VC 477 35.46 -32.66 87.42
C ASN VC 477 34.79 -34.02 87.25
N THR VC 478 35.49 -35.07 87.68
CA THR VC 478 34.94 -36.42 87.60
C THR VC 478 35.45 -37.27 88.76
N ASP VC 479 34.59 -38.20 89.20
CA ASP VC 479 34.90 -39.10 90.30
C ASP VC 479 34.15 -40.43 90.17
N THR VC 480 34.86 -41.53 90.43
CA THR VC 480 34.24 -42.87 90.41
C THR VC 480 34.82 -43.76 91.49
N VAL VC 481 34.05 -44.78 91.89
CA VAL VC 481 34.50 -45.76 92.88
C VAL VC 481 33.83 -47.11 92.62
N GLN VC 482 34.62 -48.18 92.77
CA GLN VC 482 34.18 -49.56 92.64
C GLN VC 482 34.55 -50.34 93.90
N SER VC 483 33.73 -51.32 94.27
CA SER VC 483 34.06 -52.13 95.44
C SER VC 483 33.28 -53.43 95.44
N ILE VC 484 33.84 -54.42 96.14
CA ILE VC 484 33.17 -55.67 96.49
C ILE VC 484 32.08 -55.47 97.54
N PRO VC 485 30.82 -55.78 97.22
CA PRO VC 485 29.70 -55.42 98.12
C PRO VC 485 29.81 -55.84 99.58
N PHE VC 486 30.31 -57.04 99.89
CA PHE VC 486 30.48 -57.41 101.29
C PHE VC 486 31.70 -56.75 101.91
N LEU VC 487 32.83 -56.82 101.24
CA LEU VC 487 34.10 -56.56 101.87
C LEU VC 487 34.39 -55.07 101.94
N GLY VC 488 33.83 -54.30 101.00
CA GLY VC 488 34.12 -52.89 100.91
C GLY VC 488 33.84 -52.11 102.17
N LYS VC 489 33.12 -52.70 103.14
CA LYS VC 489 32.84 -52.00 104.39
C LYS VC 489 33.41 -52.72 105.60
N LEU VC 490 34.24 -53.73 105.40
CA LEU VC 490 35.01 -54.28 106.51
C LEU VC 490 36.04 -53.26 106.98
N PRO VC 491 36.17 -53.04 108.29
CA PRO VC 491 36.84 -51.82 108.76
C PRO VC 491 38.31 -51.70 108.37
N LEU VC 492 39.06 -52.78 108.47
CA LEU VC 492 40.51 -52.77 108.32
C LEU VC 492 40.99 -53.03 106.90
N ILE VC 493 40.19 -53.67 106.05
CA ILE VC 493 40.68 -54.21 104.78
C ILE VC 493 39.98 -53.62 103.57
N GLY VC 494 38.97 -52.77 103.75
CA GLY VC 494 38.22 -52.26 102.61
C GLY VC 494 39.13 -51.73 101.51
N SER VC 495 40.22 -51.09 101.91
CA SER VC 495 41.19 -50.59 100.95
C SER VC 495 41.77 -51.70 100.10
N LEU VC 496 41.73 -52.96 100.55
CA LEU VC 496 42.11 -54.04 99.66
C LEU VC 496 41.05 -54.32 98.62
N PHE VC 497 39.83 -53.83 98.81
CA PHE VC 497 38.71 -54.15 97.94
C PHE VC 497 38.11 -52.92 97.29
N ARG VC 498 38.81 -51.79 97.29
CA ARG VC 498 38.30 -50.60 96.63
C ARG VC 498 39.19 -50.15 95.47
N TYR VC 499 38.54 -49.56 94.47
CA TYR VC 499 39.16 -48.79 93.41
C TYR VC 499 38.50 -47.42 93.29
N SER VC 500 39.28 -46.41 92.93
CA SER VC 500 38.75 -45.06 92.84
C SER VC 500 39.49 -44.28 91.75
N SER VC 501 38.78 -43.31 91.19
CA SER VC 501 39.34 -42.43 90.15
C SER VC 501 38.87 -41.01 90.35
N LYS VC 502 39.79 -40.04 90.26
CA LYS VC 502 39.50 -38.62 90.40
C LYS VC 502 40.17 -37.82 89.30
N ASN VC 503 39.45 -36.84 88.75
CA ASN VC 503 39.97 -36.02 87.67
C ASN VC 503 39.39 -34.60 87.73
N LYS VC 504 40.20 -33.62 87.33
CA LYS VC 504 39.82 -32.21 87.35
C LYS VC 504 40.58 -31.42 86.30
N SER VC 505 39.93 -30.42 85.71
CA SER VC 505 40.62 -29.57 84.73
C SER VC 505 39.94 -28.22 84.52
N ASN VC 506 40.76 -27.19 84.29
CA ASN VC 506 40.34 -25.80 84.05
C ASN VC 506 41.11 -25.19 82.88
N VAL VC 507 40.40 -24.61 81.91
CA VAL VC 507 41.02 -24.06 80.70
C VAL VC 507 40.45 -22.68 80.38
N VAL VC 508 41.33 -21.75 80.03
CA VAL VC 508 40.97 -20.38 79.63
C VAL VC 508 41.70 -19.99 78.35
N ARG VC 509 40.98 -19.34 77.43
CA ARG VC 509 41.55 -18.82 76.19
C ARG VC 509 40.95 -17.45 75.88
N VAL VC 510 41.78 -16.47 75.50
CA VAL VC 510 41.26 -15.10 75.34
C VAL VC 510 42.02 -14.35 74.25
N PHE VC 511 41.30 -13.47 73.55
CA PHE VC 511 41.80 -12.64 72.45
C PHE VC 511 41.58 -11.16 72.72
N MET VC 512 42.65 -10.37 72.75
CA MET VC 512 42.59 -8.94 73.00
C MET VC 512 43.35 -8.16 71.94
N ILE VC 513 42.73 -7.06 71.47
CA ILE VC 513 43.25 -6.24 70.38
C ILE VC 513 43.68 -4.87 70.89
N GLU VC 514 44.78 -4.33 70.34
CA GLU VC 514 45.38 -3.09 70.83
C GLU VC 514 46.04 -2.31 69.70
N PRO VC 515 45.25 -1.63 68.88
CA PRO VC 515 45.81 -0.84 67.78
C PRO VC 515 46.45 0.49 68.20
N LYS VC 516 47.40 0.94 67.37
CA LYS VC 516 48.10 2.20 67.58
C LYS VC 516 48.38 2.93 66.28
N GLU VC 517 48.31 4.26 66.32
CA GLU VC 517 48.75 5.11 65.22
C GLU VC 517 50.26 5.21 65.14
N ILE VC 518 50.80 5.12 63.93
CA ILE VC 518 52.23 5.19 63.67
C ILE VC 518 52.53 6.38 62.75
N VAL VC 519 53.39 7.28 63.22
CA VAL VC 519 53.76 8.47 62.46
C VAL VC 519 55.27 8.61 62.27
N ASP VC 520 56.12 7.97 63.08
CA ASP VC 520 57.57 8.16 63.04
C ASP VC 520 58.28 6.88 62.64
N PRO VC 521 59.38 6.98 61.89
CA PRO VC 521 60.18 5.79 61.61
C PRO VC 521 60.87 5.24 62.85
N LEU VC 522 61.46 4.07 62.67
CA LEU VC 522 62.25 3.41 63.70
C LEU VC 522 63.48 4.21 64.06
N THR VC 523 63.96 3.96 65.28
CA THR VC 523 65.17 4.52 65.85
C THR VC 523 65.76 3.55 66.87
N PRO VC 524 66.96 3.00 66.67
CA PRO VC 524 67.90 3.03 65.53
C PRO VC 524 67.37 2.48 64.23
N ASP VC 525 68.10 2.73 63.16
CA ASP VC 525 67.80 2.14 61.87
C ASP VC 525 67.86 0.62 61.91
N ALA VC 526 67.18 0.02 60.94
CA ALA VC 526 67.24 -1.43 60.76
C ALA VC 526 68.68 -1.92 60.63
N SER VC 527 69.43 -1.34 59.70
CA SER VC 527 70.84 -1.71 59.54
C SER VC 527 71.64 -1.50 60.81
N GLU VC 528 71.48 -0.33 61.44
CA GLU VC 528 72.16 -0.07 62.71
C GLU VC 528 71.86 -1.13 63.75
N SER VC 529 70.67 -1.71 63.73
CA SER VC 529 70.30 -2.72 64.71
C SER VC 529 70.83 -4.09 64.33
N VAL VC 530 70.65 -4.49 63.08
CA VAL VC 530 71.08 -5.80 62.61
C VAL VC 530 72.54 -6.09 62.98
N ASN VC 531 73.42 -5.13 62.71
CA ASN VC 531 74.84 -5.34 62.99
C ASN VC 531 75.12 -5.74 64.44
N ASN VC 532 74.43 -5.13 65.41
CA ASN VC 532 74.66 -5.52 66.79
C ASN VC 532 74.42 -7.02 66.97
N ILE VC 533 73.29 -7.50 66.47
CA ILE VC 533 72.98 -8.93 66.55
C ILE VC 533 74.05 -9.75 65.84
N LEU VC 534 74.34 -9.43 64.59
CA LEU VC 534 75.36 -10.16 63.83
C LEU VC 534 76.69 -10.27 64.56
N LYS VC 535 77.20 -9.15 65.06
CA LYS VC 535 78.50 -9.18 65.74
C LYS VC 535 78.43 -9.92 67.08
N GLN VC 536 77.39 -9.67 67.87
CA GLN VC 536 77.29 -10.41 69.13
C GLN VC 536 77.11 -11.90 68.89
N SER VC 537 76.55 -12.29 67.74
CA SER VC 537 76.46 -13.69 67.38
C SER VC 537 77.73 -14.26 66.77
N GLY VC 538 78.61 -13.41 66.22
CA GLY VC 538 79.71 -13.90 65.43
C GLY VC 538 79.40 -14.29 64.00
N ALA VC 539 78.16 -14.10 63.57
CA ALA VC 539 77.77 -14.42 62.20
C ALA VC 539 78.41 -13.47 61.19
N TRP VC 540 78.92 -12.34 61.65
CA TRP VC 540 79.43 -11.31 60.76
C TRP VC 540 80.43 -11.87 59.76
N SER VC 541 80.52 -11.18 58.61
CA SER VC 541 81.44 -11.56 57.54
C SER VC 541 82.08 -10.38 56.83
N GLY VC 542 81.80 -9.14 57.24
CA GLY VC 542 82.48 -7.99 56.68
C GLY VC 542 83.95 -7.98 57.01
N ASP VC 543 84.33 -8.77 58.01
CA ASP VC 543 85.73 -9.03 58.34
C ASP VC 543 86.40 -9.90 57.31
N ASP VC 544 85.64 -10.42 56.34
CA ASP VC 544 86.18 -11.33 55.36
C ASP VC 544 87.12 -10.62 54.39
N LYS VC 545 88.14 -11.36 53.98
CA LYS VC 545 89.15 -10.82 53.08
C LYS VC 545 88.63 -10.61 51.68
N LEU VC 546 87.54 -11.29 51.30
CA LEU VC 546 87.16 -11.40 49.90
C LEU VC 546 85.77 -10.86 49.61
N GLN VC 547 84.77 -11.20 50.42
CA GLN VC 547 83.41 -10.81 50.07
C GLN VC 547 83.25 -9.29 50.06
N LYS VC 548 84.20 -8.57 50.65
CA LYS VC 548 84.24 -7.12 50.59
C LYS VC 548 83.93 -6.56 49.20
N TRP VC 549 84.55 -7.14 48.17
CA TRP VC 549 84.37 -6.63 46.80
C TRP VC 549 82.91 -6.49 46.41
N VAL VC 550 82.05 -7.36 46.91
CA VAL VC 550 80.63 -7.31 46.60
C VAL VC 550 79.83 -6.60 47.68
N ARG VC 551 79.99 -7.04 48.93
CA ARG VC 551 79.26 -6.43 50.04
C ARG VC 551 79.39 -4.91 50.05
N VAL VC 552 80.56 -4.39 49.67
CA VAL VC 552 80.72 -2.93 49.63
C VAL VC 552 79.56 -2.27 48.86
N TYR VC 553 79.22 -2.80 47.70
CA TYR VC 553 78.13 -2.20 46.92
C TYR VC 553 76.78 -2.27 47.59
N LEU VC 554 76.53 -3.29 48.41
CA LEU VC 554 75.24 -3.40 49.09
C LEU VC 554 75.17 -2.49 50.32
N ASP VC 555 76.17 -2.56 51.19
CA ASP VC 555 76.11 -1.77 52.42
C ASP VC 555 76.47 -0.31 52.19
N ARG VC 556 77.55 -0.04 51.48
CA ARG VC 556 77.90 1.35 51.18
C ARG VC 556 77.12 1.85 49.96
N GLY VC 557 77.25 1.15 48.84
CA GLY VC 557 76.66 1.58 47.59
C GLY VC 557 77.24 2.89 47.06
N GLU WC 26 31.74 84.99 -45.40
CA GLU WC 26 31.78 84.43 -44.04
C GLU WC 26 30.38 84.20 -43.51
N LYS WC 27 30.23 83.17 -42.68
CA LYS WC 27 28.98 82.93 -41.98
C LYS WC 27 29.12 82.93 -40.48
N ILE WC 28 30.32 82.76 -39.94
CA ILE WC 28 30.53 82.85 -38.50
C ILE WC 28 31.41 84.07 -38.25
N PRO WC 29 30.85 85.26 -38.33
CA PRO WC 29 31.67 86.46 -38.09
C PRO WC 29 32.01 86.70 -36.63
N VAL WC 30 32.62 85.71 -35.97
CA VAL WC 30 32.95 85.79 -34.55
C VAL WC 30 34.44 85.50 -34.40
N THR WC 31 35.11 86.33 -33.62
CA THR WC 31 36.53 86.19 -33.32
C THR WC 31 36.79 85.38 -32.05
N GLY WC 32 37.93 84.70 -32.03
CA GLY WC 32 38.35 83.82 -30.95
C GLY WC 32 37.85 82.39 -30.97
N SER WC 33 37.56 81.82 -29.80
CA SER WC 33 37.09 80.45 -29.70
C SER WC 33 36.18 80.24 -28.50
N GLY WC 34 35.25 79.32 -28.63
CA GLY WC 34 34.38 78.94 -27.53
C GLY WC 34 33.14 78.22 -28.06
N PHE WC 35 32.14 78.10 -27.19
CA PHE WC 35 30.86 77.52 -27.54
C PHE WC 35 29.73 78.42 -27.08
N VAL WC 36 28.80 78.74 -27.96
CA VAL WC 36 27.66 79.56 -27.61
C VAL WC 36 26.42 78.69 -27.58
N ALA WC 37 25.85 78.53 -26.39
CA ALA WC 37 24.65 77.74 -26.16
C ALA WC 37 23.46 78.67 -26.10
N LYS WC 38 22.40 78.37 -26.84
CA LYS WC 38 21.16 79.09 -26.69
C LYS WC 38 20.01 78.12 -26.48
N ASP WC 39 19.52 78.05 -25.24
CA ASP WC 39 18.40 77.20 -24.88
C ASP WC 39 18.66 75.73 -25.21
N ASP WC 40 19.90 75.29 -25.09
CA ASP WC 40 20.25 73.93 -25.44
C ASP WC 40 19.89 72.97 -24.33
N SER WC 41 19.45 71.78 -24.70
CA SER WC 41 19.42 70.68 -23.75
C SER WC 41 20.83 70.30 -23.31
N LEU WC 42 20.93 69.87 -22.07
CA LEU WC 42 22.19 69.35 -21.56
C LEU WC 42 22.80 68.26 -22.43
N ARG WC 43 21.98 67.48 -23.15
CA ARG WC 43 22.56 66.47 -24.02
C ARG WC 43 23.36 67.09 -25.16
N THR WC 44 22.81 68.14 -25.75
CA THR WC 44 23.54 68.88 -26.77
C THR WC 44 24.78 69.55 -26.21
N PHE WC 45 24.66 70.15 -25.03
CA PHE WC 45 25.79 70.86 -24.45
C PHE WC 45 26.94 69.91 -24.14
N PHE WC 46 26.67 68.81 -23.46
CA PHE WC 46 27.77 67.92 -23.14
C PHE WC 46 28.30 67.17 -24.35
N ASP WC 47 27.49 66.98 -25.39
CA ASP WC 47 28.11 66.46 -26.60
C ASP WC 47 29.09 67.46 -27.16
N ALA WC 48 28.75 68.75 -27.10
CA ALA WC 48 29.70 69.74 -27.61
C ALA WC 48 30.99 69.72 -26.81
N MET WC 49 30.91 69.41 -25.53
CA MET WC 49 32.10 69.34 -24.68
C MET WC 49 32.89 68.04 -24.84
N ALA WC 50 32.30 67.04 -25.49
CA ALA WC 50 32.92 65.71 -25.54
C ALA WC 50 34.21 65.61 -26.35
N LEU WC 51 34.48 66.51 -27.29
CA LEU WC 51 35.77 66.43 -27.99
C LEU WC 51 36.93 66.88 -27.12
N GLN WC 52 36.74 67.95 -26.36
CA GLN WC 52 37.76 68.42 -25.43
C GLN WC 52 37.95 67.45 -24.27
N LEU WC 53 36.84 66.84 -23.82
CA LEU WC 53 36.98 65.73 -22.89
C LEU WC 53 37.66 64.52 -23.51
N LYS WC 54 37.56 64.34 -24.82
CA LYS WC 54 38.20 63.23 -25.53
C LYS WC 54 37.57 61.89 -25.18
N GLU WC 55 36.30 61.90 -24.76
CA GLU WC 55 35.60 60.72 -24.31
C GLU WC 55 34.15 60.86 -24.75
N PRO WC 56 33.49 59.77 -25.13
CA PRO WC 56 32.06 59.84 -25.39
C PRO WC 56 31.26 60.03 -24.11
N VAL WC 57 30.22 60.88 -24.16
CA VAL WC 57 29.44 61.22 -22.99
C VAL WC 57 28.01 60.72 -23.15
N ILE WC 58 27.56 59.98 -22.15
CA ILE WC 58 26.22 59.43 -22.01
C ILE WC 58 25.42 60.22 -20.97
N VAL WC 59 24.26 60.76 -21.35
CA VAL WC 59 23.47 61.58 -20.44
C VAL WC 59 22.07 60.97 -20.32
N SER WC 60 21.66 60.74 -19.08
CA SER WC 60 20.32 60.29 -18.72
C SER WC 60 19.21 61.19 -19.24
N LYS WC 61 18.08 60.56 -19.59
CA LYS WC 61 16.92 61.28 -20.12
C LYS WC 61 16.23 62.14 -19.07
N MET WC 62 16.55 61.97 -17.80
CA MET WC 62 16.04 62.83 -16.74
C MET WC 62 16.83 64.14 -16.67
N ALA WC 63 18.14 64.03 -16.81
CA ALA WC 63 19.02 65.18 -16.85
C ALA WC 63 18.89 65.95 -18.16
N ALA WC 64 18.69 65.26 -19.27
CA ALA WC 64 18.55 65.93 -20.55
C ALA WC 64 17.30 66.80 -20.67
N ARG WC 65 16.41 66.82 -19.67
CA ARG WC 65 15.32 67.77 -19.66
C ARG WC 65 15.66 69.13 -19.05
N LYS WC 66 16.80 69.28 -18.38
CA LYS WC 66 17.29 70.59 -17.97
C LYS WC 66 17.85 71.37 -19.17
N LYS WC 67 17.91 72.69 -19.03
CA LYS WC 67 18.31 73.57 -20.12
C LYS WC 67 19.42 74.49 -19.63
N ILE WC 68 20.21 75.03 -20.56
CA ILE WC 68 21.24 76.01 -20.24
C ILE WC 68 21.42 76.98 -21.39
N THR WC 69 21.93 78.18 -21.08
CA THR WC 69 22.34 79.11 -22.12
C THR WC 69 23.49 79.98 -21.62
N GLY WC 70 24.28 80.49 -22.57
CA GLY WC 70 25.45 81.30 -22.25
C GLY WC 70 26.65 81.06 -23.15
N ASN WC 71 27.73 81.83 -22.94
CA ASN WC 71 28.98 81.70 -23.68
C ASN WC 71 30.06 81.03 -22.83
N PHE WC 72 30.56 79.89 -23.28
CA PHE WC 72 31.41 79.03 -22.45
C PHE WC 72 32.79 78.79 -23.06
N GLU WC 73 33.75 78.46 -22.20
CA GLU WC 73 35.10 78.05 -22.58
C GLU WC 73 35.39 76.68 -21.99
N PHE WC 74 36.20 75.88 -22.68
CA PHE WC 74 36.51 74.52 -22.26
C PHE WC 74 38.01 74.32 -22.04
N HIS WC 75 38.67 75.34 -21.50
CA HIS WC 75 40.10 75.24 -21.17
C HIS WC 75 40.44 73.98 -20.38
N ASP WC 76 39.65 73.66 -19.36
CA ASP WC 76 39.90 72.48 -18.52
C ASP WC 76 38.59 71.75 -18.25
N PRO WC 77 38.24 70.81 -19.11
CA PRO WC 77 36.94 70.16 -19.01
C PRO WC 77 36.63 69.53 -17.66
N ASN WC 78 37.61 68.94 -16.98
CA ASN WC 78 37.32 68.26 -15.71
C ASN WC 78 36.85 69.25 -14.66
N ALA WC 79 37.59 70.34 -14.48
CA ALA WC 79 37.19 71.37 -13.53
C ALA WC 79 35.85 71.99 -13.91
N LEU WC 80 35.66 72.31 -15.19
CA LEU WC 80 34.36 72.85 -15.57
C LEU WC 80 33.25 71.86 -15.25
N LEU WC 81 33.49 70.58 -15.53
CA LEU WC 81 32.49 69.56 -15.26
C LEU WC 81 32.13 69.52 -13.78
N GLU WC 82 33.11 69.71 -12.90
CA GLU WC 82 32.82 69.65 -11.47
C GLU WC 82 32.03 70.86 -11.00
N LYS WC 83 32.42 72.05 -11.44
CA LYS WC 83 31.68 73.24 -11.08
C LYS WC 83 30.24 73.13 -11.54
N LEU WC 84 30.00 72.74 -12.79
CA LEU WC 84 28.64 72.62 -13.25
C LEU WC 84 27.87 71.49 -12.57
N SER WC 85 28.53 70.40 -12.21
CA SER WC 85 27.85 69.36 -11.45
C SER WC 85 27.26 69.91 -10.16
N LEU WC 86 28.06 70.66 -9.40
CA LEU WC 86 27.51 71.17 -8.16
C LEU WC 86 26.59 72.38 -8.32
N GLN WC 87 26.67 73.11 -9.43
CA GLN WC 87 25.72 74.20 -9.63
C GLN WC 87 24.39 73.73 -10.17
N LEU WC 88 24.33 72.61 -10.87
CA LEU WC 88 23.11 72.16 -11.52
C LEU WC 88 22.50 70.95 -10.82
N GLY WC 89 23.24 70.32 -9.92
CA GLY WC 89 22.79 69.12 -9.25
C GLY WC 89 22.99 67.82 -9.97
N LEU WC 90 23.99 67.74 -10.82
CA LEU WC 90 24.24 66.51 -11.54
C LEU WC 90 25.21 65.66 -10.71
N ILE WC 91 25.32 64.39 -11.08
CA ILE WC 91 26.31 63.48 -10.55
C ILE WC 91 26.94 62.80 -11.76
N TRP WC 92 28.22 62.49 -11.68
CA TRP WC 92 28.90 61.93 -12.83
C TRP WC 92 29.97 60.92 -12.43
N TYR WC 93 30.35 60.11 -13.40
CA TYR WC 93 31.31 59.04 -13.19
C TYR WC 93 32.07 58.75 -14.48
N PHE WC 94 33.17 58.03 -14.35
CA PHE WC 94 34.04 57.69 -15.48
C PHE WC 94 34.70 56.34 -15.27
N ASP WC 95 34.40 55.41 -16.18
CA ASP WC 95 34.86 54.03 -16.12
C ASP WC 95 36.12 53.79 -16.97
N GLY WC 96 36.71 54.83 -17.53
CA GLY WC 96 37.87 54.73 -18.39
C GLY WC 96 37.56 54.78 -19.87
N GLN WC 97 36.32 54.51 -20.27
CA GLN WC 97 35.92 54.53 -21.67
C GLN WC 97 34.91 55.64 -21.98
N ALA WC 98 33.92 55.86 -21.13
CA ALA WC 98 32.91 56.87 -21.38
C ALA WC 98 32.52 57.55 -20.07
N ILE WC 99 32.10 58.80 -20.17
CA ILE WC 99 31.59 59.55 -19.02
C ILE WC 99 30.07 59.45 -18.95
N TYR WC 100 29.55 59.16 -17.76
CA TYR WC 100 28.12 58.99 -17.51
C TYR WC 100 27.65 60.08 -16.55
N ILE WC 101 26.54 60.73 -16.91
CA ILE WC 101 25.99 61.84 -16.14
C ILE WC 101 24.52 61.58 -15.84
N TYR WC 102 24.15 61.73 -14.57
CA TYR WC 102 22.81 61.49 -14.07
C TYR WC 102 22.34 62.62 -13.18
N ASP WC 103 21.03 62.69 -12.98
CA ASP WC 103 20.46 63.60 -11.99
C ASP WC 103 20.74 63.07 -10.59
N ALA WC 104 21.02 63.98 -9.67
CA ALA WC 104 21.24 63.63 -8.27
C ALA WC 104 20.17 62.77 -7.63
N SER WC 105 18.91 62.96 -7.96
CA SER WC 105 17.85 62.12 -7.39
C SER WC 105 18.02 60.64 -7.68
N GLU WC 106 18.73 60.28 -8.75
CA GLU WC 106 18.96 58.88 -9.13
C GLU WC 106 19.99 58.13 -8.28
N MET WC 107 20.66 58.76 -7.33
CA MET WC 107 21.62 58.04 -6.48
C MET WC 107 21.08 56.73 -5.92
N ARG WC 108 21.75 55.62 -6.24
CA ARG WC 108 21.40 54.32 -5.68
C ARG WC 108 22.36 53.94 -4.57
N ASN WC 109 21.88 53.11 -3.65
CA ASN WC 109 22.71 52.64 -2.54
C ASN WC 109 22.28 51.23 -2.12
N ALA WC 110 23.24 50.45 -1.63
CA ALA WC 110 23.02 49.06 -1.25
C ALA WC 110 23.97 48.61 -0.15
N VAL WC 111 23.52 47.62 0.62
CA VAL WC 111 24.29 46.94 1.66
C VAL WC 111 24.70 45.55 1.16
N VAL WC 112 26.00 45.28 1.15
CA VAL WC 112 26.55 44.01 0.66
C VAL WC 112 27.28 43.28 1.76
N SER WC 113 27.04 41.97 1.86
CA SER WC 113 27.69 41.07 2.80
C SER WC 113 28.39 39.93 2.08
N LEU WC 114 29.70 39.84 2.30
CA LEU WC 114 30.57 38.81 1.75
C LEU WC 114 31.09 37.92 2.88
N ARG WC 115 31.15 36.63 2.62
CA ARG WC 115 31.62 35.65 3.59
C ARG WC 115 33.10 35.27 3.41
N ASN WC 116 33.55 35.04 2.19
CA ASN WC 116 34.92 34.58 1.94
C ASN WC 116 35.93 35.68 1.64
N VAL WC 117 35.49 36.88 1.28
CA VAL WC 117 36.38 37.95 0.85
C VAL WC 117 36.20 39.17 1.74
N SER WC 118 37.32 39.72 2.23
CA SER WC 118 37.32 40.92 3.05
C SER WC 118 37.32 42.20 2.22
N LEU WC 119 36.79 43.25 2.85
CA LEU WC 119 36.72 44.56 2.21
C LEU WC 119 38.08 45.05 1.78
N ASN WC 120 39.10 44.84 2.60
CA ASN WC 120 40.42 45.29 2.20
C ASN WC 120 40.97 44.49 1.04
N GLU WC 121 40.50 43.26 0.87
CA GLU WC 121 40.91 42.45 -0.27
C GLU WC 121 40.19 42.88 -1.53
N PHE WC 122 39.00 43.46 -1.40
CA PHE WC 122 38.25 43.87 -2.58
C PHE WC 122 38.66 45.27 -3.04
N ASN WC 123 39.07 46.13 -2.11
CA ASN WC 123 39.55 47.44 -2.51
C ASN WC 123 40.75 47.30 -3.42
N ASN WC 124 41.65 46.37 -3.10
CA ASN WC 124 42.83 46.17 -3.92
C ASN WC 124 42.42 45.79 -5.34
N PHE WC 125 41.35 45.03 -5.50
CA PHE WC 125 40.88 44.69 -6.83
C PHE WC 125 40.44 45.93 -7.57
N LEU WC 126 39.62 46.76 -6.93
CA LEU WC 126 39.18 47.97 -7.61
C LEU WC 126 40.36 48.85 -7.99
N LYS WC 127 41.37 48.95 -7.12
CA LYS WC 127 42.53 49.77 -7.44
C LYS WC 127 43.28 49.21 -8.63
N ARG WC 128 43.67 47.94 -8.59
CA ARG WC 128 44.39 47.36 -9.70
C ARG WC 128 43.60 47.47 -11.00
N SER WC 129 42.28 47.45 -10.93
CA SER WC 129 41.50 47.55 -12.16
C SER WC 129 41.35 48.97 -12.67
N GLY WC 130 41.52 49.98 -11.83
CA GLY WC 130 41.32 51.34 -12.30
C GLY WC 130 39.90 51.81 -12.22
N LEU WC 131 39.10 51.19 -11.37
CA LEU WC 131 37.68 51.45 -11.15
C LEU WC 131 37.44 52.32 -9.94
N TYR WC 132 38.32 52.22 -8.94
CA TYR WC 132 38.18 52.95 -7.71
C TYR WC 132 37.90 54.44 -7.96
N ASN WC 133 37.11 55.01 -7.07
CA ASN WC 133 36.71 56.41 -7.13
C ASN WC 133 36.60 56.93 -5.71
N LYS WC 134 37.50 57.83 -5.33
CA LYS WC 134 37.52 58.36 -3.98
C LYS WC 134 36.32 59.22 -3.60
N ASN WC 135 35.42 59.57 -4.51
CA ASN WC 135 34.22 60.28 -4.09
C ASN WC 135 33.13 59.38 -3.57
N TYR WC 136 33.17 58.10 -3.90
CA TYR WC 136 32.13 57.16 -3.50
C TYR WC 136 32.72 55.89 -2.89
N PRO WC 137 33.66 56.02 -1.97
CA PRO WC 137 34.36 54.84 -1.47
C PRO WC 137 33.45 53.95 -0.67
N LEU WC 138 33.88 52.69 -0.54
CA LEU WC 138 33.16 51.74 0.28
C LEU WC 138 33.35 52.08 1.73
N ARG WC 139 32.30 51.91 2.53
CA ARG WC 139 32.32 52.26 3.94
C ARG WC 139 32.05 51.02 4.77
N GLY WC 140 32.99 50.68 5.64
CA GLY WC 140 32.86 49.51 6.50
C GLY WC 140 34.14 49.29 7.27
N ASP WC 141 34.27 48.10 7.82
CA ASP WC 141 35.48 47.72 8.56
C ASP WC 141 36.36 46.87 7.65
N ASN WC 142 37.58 47.33 7.40
CA ASN WC 142 38.47 46.62 6.50
C ASN WC 142 38.66 45.16 6.87
N ARG WC 143 38.55 44.83 8.14
CA ARG WC 143 38.73 43.43 8.56
C ARG WC 143 37.51 42.57 8.30
N LYS WC 144 36.32 43.14 8.21
CA LYS WC 144 35.10 42.37 8.06
C LYS WC 144 34.65 42.28 6.61
N GLY WC 145 33.51 41.63 6.40
CA GLY WC 145 32.92 41.47 5.09
C GLY WC 145 31.62 42.19 4.81
N THR WC 146 31.20 43.15 5.64
CA THR WC 146 29.92 43.82 5.46
C THR WC 146 30.16 45.30 5.21
N PHE WC 147 29.68 45.80 4.07
CA PHE WC 147 29.91 47.19 3.72
C PHE WC 147 28.67 47.80 3.07
N TYR WC 148 28.62 49.13 3.14
CA TYR WC 148 27.60 49.98 2.53
C TYR WC 148 28.19 50.77 1.38
N VAL WC 149 27.51 50.81 0.24
CA VAL WC 149 27.98 51.51 -0.94
C VAL WC 149 26.86 52.35 -1.54
N SER WC 150 27.17 53.56 -1.95
CA SER WC 150 26.22 54.47 -2.56
C SER WC 150 26.85 55.27 -3.67
N GLY WC 151 26.09 55.51 -4.74
CA GLY WC 151 26.58 56.26 -5.87
C GLY WC 151 25.76 56.15 -7.14
N PRO WC 152 26.32 56.60 -8.25
CA PRO WC 152 25.64 56.46 -9.52
C PRO WC 152 25.31 55.02 -9.86
N PRO WC 153 24.22 54.79 -10.57
CA PRO WC 153 23.82 53.44 -11.00
C PRO WC 153 24.89 52.50 -11.55
N VAL WC 154 25.62 52.94 -12.57
CA VAL WC 154 26.65 52.09 -13.18
C VAL WC 154 27.63 51.60 -12.14
N TYR WC 155 28.11 52.49 -11.30
CA TYR WC 155 29.10 52.13 -10.31
C TYR WC 155 28.52 51.18 -9.27
N VAL WC 156 27.35 51.50 -8.74
CA VAL WC 156 26.73 50.61 -7.76
C VAL WC 156 26.50 49.21 -8.34
N ASP WC 157 25.88 49.12 -9.51
CA ASP WC 157 25.66 47.84 -10.16
C ASP WC 157 26.93 47.02 -10.35
N MET WC 158 27.97 47.65 -10.90
CA MET WC 158 29.23 46.94 -11.10
C MET WC 158 29.80 46.43 -9.78
N VAL WC 159 29.93 47.31 -8.80
CA VAL WC 159 30.44 46.90 -7.49
C VAL WC 159 29.69 45.69 -6.94
N VAL WC 160 28.36 45.75 -6.93
CA VAL WC 160 27.58 44.63 -6.39
C VAL WC 160 27.85 43.32 -7.14
N ASN WC 161 27.74 43.35 -8.46
CA ASN WC 161 27.98 42.13 -9.23
C ASN WC 161 29.37 41.57 -8.97
N ALA WC 162 30.40 42.38 -9.15
CA ALA WC 162 31.76 41.89 -8.99
C ALA WC 162 31.99 41.29 -7.60
N ALA WC 163 31.57 41.99 -6.55
CA ALA WC 163 31.74 41.44 -5.21
C ALA WC 163 31.09 40.07 -5.06
N THR WC 164 29.81 39.97 -5.43
CA THR WC 164 29.10 38.71 -5.31
C THR WC 164 29.80 37.56 -6.05
N MET WC 165 30.20 37.82 -7.28
CA MET WC 165 30.86 36.77 -8.07
C MET WC 165 32.19 36.37 -7.48
N MET WC 166 33.03 37.34 -7.10
CA MET WC 166 34.28 36.99 -6.45
C MET WC 166 34.07 36.06 -5.26
N ASP WC 167 33.13 36.42 -4.38
CA ASP WC 167 32.85 35.54 -3.24
C ASP WC 167 32.52 34.12 -3.67
N LYS WC 168 31.57 33.98 -4.60
CA LYS WC 168 31.24 32.64 -5.10
C LYS WC 168 32.45 31.90 -5.65
N GLN WC 169 33.36 32.60 -6.32
CA GLN WC 169 34.58 31.94 -6.80
C GLN WC 169 35.49 31.49 -5.66
N ASN WC 170 35.83 32.39 -4.76
CA ASN WC 170 36.73 32.00 -3.67
C ASN WC 170 36.15 30.88 -2.83
N ASP WC 171 34.84 30.68 -2.85
CA ASP WC 171 34.24 29.52 -2.20
C ASP WC 171 35.02 28.22 -2.42
N GLY WC 172 35.30 27.89 -3.68
CA GLY WC 172 36.01 26.67 -4.06
C GLY WC 172 37.50 26.60 -3.74
N ILE WC 173 38.13 27.73 -3.44
CA ILE WC 173 39.54 27.70 -3.02
C ILE WC 173 39.70 26.85 -1.77
N GLU WC 174 40.72 26.00 -1.78
CA GLU WC 174 40.97 25.03 -0.72
C GLU WC 174 41.91 25.55 0.37
N LEU WC 175 41.47 25.38 1.62
CA LEU WC 175 42.21 25.72 2.83
C LEU WC 175 42.75 24.52 3.59
N GLY WC 176 42.03 23.39 3.56
CA GLY WC 176 42.44 22.18 4.24
C GLY WC 176 43.55 21.34 3.66
N ARG WC 177 44.80 21.73 3.92
CA ARG WC 177 45.98 21.02 3.43
C ARG WC 177 46.70 20.40 4.63
N GLN WC 178 46.61 19.08 4.73
CA GLN WC 178 47.24 18.33 5.80
C GLN WC 178 48.74 18.21 5.60
N LYS WC 179 49.48 18.34 6.70
CA LYS WC 179 50.90 18.06 6.73
C LYS WC 179 51.14 16.82 7.58
N ILE WC 180 52.34 16.26 7.48
CA ILE WC 180 52.74 15.08 8.24
C ILE WC 180 53.94 15.40 9.10
N GLY WC 181 53.75 15.32 10.41
CA GLY WC 181 54.81 15.44 11.38
C GLY WC 181 55.38 14.10 11.82
N VAL WC 182 56.64 14.13 12.24
CA VAL WC 182 57.39 12.95 12.68
C VAL WC 182 58.06 13.34 13.98
N MET WC 183 57.82 12.57 15.03
CA MET WC 183 58.29 12.94 16.37
C MET WC 183 58.86 11.74 17.12
N ARG WC 184 60.17 11.65 17.17
CA ARG WC 184 60.84 10.63 17.97
C ARG WC 184 60.61 10.85 19.46
N LEU WC 185 60.31 9.76 20.16
CA LEU WC 185 60.23 9.73 21.61
C LEU WC 185 61.62 9.45 22.20
N ASN WC 186 62.11 10.38 23.00
CA ASN WC 186 63.46 10.32 23.51
C ASN WC 186 63.57 9.64 24.86
N ASN WC 187 62.50 9.60 25.64
CA ASN WC 187 62.54 9.11 27.02
C ASN WC 187 61.62 7.93 27.28
N THR WC 188 60.97 7.35 26.28
CA THR WC 188 60.09 6.24 26.57
C THR WC 188 59.86 5.38 25.33
N PHE WC 189 59.34 4.19 25.57
CA PHE WC 189 58.91 3.28 24.52
C PHE WC 189 57.53 3.66 23.99
N VAL WC 190 57.31 3.38 22.70
CA VAL WC 190 56.01 3.62 22.08
C VAL WC 190 54.99 2.54 22.38
N GLY WC 191 55.39 1.35 22.85
CA GLY WC 191 54.46 0.26 22.99
C GLY WC 191 53.70 0.23 24.31
N ASP WC 192 52.61 -0.54 24.30
CA ASP WC 192 51.69 -0.70 25.44
C ASP WC 192 52.24 -1.74 26.42
N ARG WC 193 53.27 -1.34 27.16
CA ARG WC 193 53.89 -2.23 28.13
C ARG WC 193 52.83 -2.79 29.08
N THR WC 194 53.00 -4.05 29.46
CA THR WC 194 51.95 -4.77 30.16
C THR WC 194 52.57 -5.74 31.17
N TYR WC 195 51.93 -5.88 32.32
CA TYR WC 195 52.52 -6.60 33.44
C TYR WC 195 51.42 -7.32 34.21
N ASN WC 196 51.81 -8.33 34.97
CA ASN WC 196 50.89 -9.19 35.70
C ASN WC 196 51.09 -8.96 37.18
N LEU WC 197 50.04 -8.52 37.87
CA LEU WC 197 50.11 -8.31 39.31
C LEU WC 197 49.32 -9.38 40.06
N ARG WC 198 49.58 -9.43 41.37
CA ARG WC 198 48.92 -10.39 42.23
C ARG WC 198 47.40 -10.29 42.15
N ASP WC 199 46.87 -9.09 41.90
CA ASP WC 199 45.43 -8.87 41.90
C ASP WC 199 44.86 -8.51 40.54
N GLN WC 200 45.67 -7.92 39.66
CA GLN WC 200 45.12 -7.22 38.51
C GLN WC 200 46.12 -7.19 37.37
N LYS WC 201 45.72 -7.67 36.22
CA LYS WC 201 46.47 -7.46 34.98
C LYS WC 201 46.60 -5.96 34.74
N MET WC 202 47.84 -5.46 34.70
CA MET WC 202 48.12 -4.03 34.62
C MET WC 202 48.61 -3.69 33.22
N VAL WC 203 47.92 -2.76 32.57
CA VAL WC 203 48.20 -2.34 31.20
C VAL WC 203 48.58 -0.86 31.20
N ILE WC 204 49.70 -0.54 30.57
CA ILE WC 204 50.11 0.85 30.38
C ILE WC 204 49.74 1.25 28.95
N PRO WC 205 48.75 2.11 28.77
CA PRO WC 205 48.40 2.56 27.41
C PRO WC 205 49.47 3.44 26.80
N GLY WC 206 49.67 3.26 25.49
CA GLY WC 206 50.63 4.07 24.77
C GLY WC 206 50.12 5.48 24.52
N ILE WC 207 51.07 6.37 24.24
CA ILE WC 207 50.75 7.78 24.05
C ILE WC 207 49.77 7.97 22.90
N ALA WC 208 49.97 7.27 21.80
CA ALA WC 208 49.04 7.38 20.67
C ALA WC 208 47.64 6.95 21.07
N THR WC 209 47.53 5.89 21.85
CA THR WC 209 46.23 5.42 22.30
C THR WC 209 45.56 6.43 23.22
N ALA WC 210 46.24 6.83 24.28
CA ALA WC 210 45.62 7.73 25.25
C ALA WC 210 45.28 9.09 24.64
N ILE WC 211 46.10 9.58 23.73
CA ILE WC 211 45.77 10.84 23.07
C ILE WC 211 44.59 10.69 22.13
N GLU WC 212 44.61 9.67 21.27
CA GLU WC 212 43.49 9.55 20.34
C GLU WC 212 42.20 9.26 21.06
N ARG WC 213 42.24 8.48 22.14
CA ARG WC 213 41.08 8.28 22.99
C ARG WC 213 40.58 9.59 23.60
N LEU WC 214 41.49 10.51 23.92
CA LEU WC 214 41.04 11.78 24.49
C LEU WC 214 40.45 12.71 23.45
N LEU WC 215 41.05 12.79 22.26
CA LEU WC 215 40.47 13.60 21.20
C LEU WC 215 39.24 12.99 20.57
N GLN WC 216 38.90 11.75 20.88
CA GLN WC 216 37.91 11.03 20.10
C GLN WC 216 36.60 11.78 19.97
N GLY WC 217 36.13 11.91 18.72
CA GLY WC 217 34.85 12.50 18.39
C GLY WC 217 34.71 14.00 18.59
N GLU WC 218 35.75 14.69 19.00
CA GLU WC 218 35.60 16.11 19.29
C GLU WC 218 35.48 16.90 18.00
N GLU WC 219 34.53 17.83 17.97
CA GLU WC 219 34.27 18.64 16.78
C GLU WC 219 34.68 20.09 16.92
N GLN WC 220 34.90 20.56 18.14
CA GLN WC 220 35.50 21.86 18.33
C GLN WC 220 36.96 21.88 17.88
N PRO WC 221 37.47 23.04 17.49
CA PRO WC 221 38.91 23.20 17.34
C PRO WC 221 39.59 23.27 18.70
N LEU WC 222 40.88 23.02 18.70
CA LEU WC 222 41.64 22.84 19.93
C LEU WC 222 42.76 23.87 20.01
N GLY WC 223 43.11 24.24 21.24
CA GLY WC 223 44.29 25.07 21.42
C GLY WC 223 44.69 25.21 22.87
N ASN WC 224 45.70 26.05 23.08
CA ASN WC 224 46.12 26.54 24.38
C ASN WC 224 46.45 25.43 25.39
N ILE WC 225 47.23 24.44 24.94
CA ILE WC 225 47.61 23.34 25.83
C ILE WC 225 48.25 23.92 27.09
N VAL WC 226 47.78 23.47 28.25
CA VAL WC 226 48.35 23.92 29.51
C VAL WC 226 48.83 22.71 30.31
N SER WC 227 49.27 22.95 31.54
CA SER WC 227 49.73 21.87 32.41
C SER WC 227 49.54 22.27 33.87
N LEU WC 254 37.47 37.73 8.08
CA LEU WC 254 38.83 37.22 8.21
C LEU WC 254 38.95 35.85 7.57
N GLN WC 255 40.13 35.56 7.03
CA GLN WC 255 40.42 34.22 6.53
C GLN WC 255 40.95 33.30 7.62
N GLU WC 256 41.76 33.84 8.52
CA GLU WC 256 42.24 33.08 9.68
C GLU WC 256 41.08 32.43 10.43
N ALA WC 257 40.03 33.22 10.70
CA ALA WC 257 38.86 32.66 11.35
C ALA WC 257 38.26 31.47 10.61
N LEU WC 258 38.55 31.31 9.33
CA LEU WC 258 38.08 30.16 8.57
C LEU WC 258 39.08 29.02 8.60
N LYS WC 259 40.35 29.33 8.33
CA LYS WC 259 41.40 28.33 8.34
C LYS WC 259 41.54 27.64 9.69
N GLN WC 260 41.61 28.43 10.76
CA GLN WC 260 41.84 27.91 12.10
C GLN WC 260 40.77 26.95 12.60
N ASN WC 261 39.66 26.76 11.89
CA ASN WC 261 38.54 25.96 12.41
C ASN WC 261 38.75 24.46 12.36
N ALA WC 262 39.91 23.96 11.94
CA ALA WC 262 40.09 22.53 11.72
C ALA WC 262 39.79 21.73 12.98
N ALA WC 263 38.83 20.83 12.89
CA ALA WC 263 38.28 20.14 14.05
C ALA WC 263 39.29 19.20 14.70
N ALA WC 264 39.31 19.22 16.03
CA ALA WC 264 40.28 18.46 16.82
C ALA WC 264 40.22 16.97 16.58
N GLY WC 265 39.03 16.41 16.35
CA GLY WC 265 38.96 14.98 16.07
C GLY WC 265 39.45 14.58 14.70
N ASN WC 266 39.76 15.54 13.84
CA ASN WC 266 40.33 15.25 12.53
C ASN WC 266 41.78 14.77 12.60
N ILE WC 267 42.50 15.05 13.68
CA ILE WC 267 43.89 14.63 13.83
C ILE WC 267 43.99 13.12 13.92
N LYS WC 268 44.99 12.56 13.23
CA LYS WC 268 45.32 11.14 13.33
C LYS WC 268 46.75 10.92 13.80
N ILE WC 269 46.96 9.91 14.63
CA ILE WC 269 48.28 9.53 15.12
C ILE WC 269 48.53 8.04 14.87
N VAL WC 270 49.72 7.72 14.35
CA VAL WC 270 50.14 6.35 14.08
C VAL WC 270 51.46 6.06 14.79
N ALA WC 271 51.49 5.03 15.63
CA ALA WC 271 52.70 4.62 16.32
C ALA WC 271 53.64 3.89 15.38
N TYR WC 272 54.95 4.09 15.57
CA TYR WC 272 55.98 3.48 14.71
C TYR WC 272 57.14 2.96 15.56
N PRO WC 273 56.93 1.84 16.24
CA PRO WC 273 57.99 1.22 17.05
C PRO WC 273 59.28 0.90 16.31
N ASP WC 274 59.24 0.91 14.98
CA ASP WC 274 60.43 0.59 14.20
C ASP WC 274 61.56 1.54 14.53
N THR WC 275 61.28 2.84 14.56
CA THR WC 275 62.24 3.88 14.89
C THR WC 275 61.89 4.52 16.22
N ASN WC 276 60.87 4.02 16.90
CA ASN WC 276 60.38 4.60 18.13
C ASN WC 276 59.89 6.03 17.95
N SER WC 277 59.03 6.23 16.94
CA SER WC 277 58.58 7.57 16.58
C SER WC 277 57.08 7.57 16.35
N LEU WC 278 56.49 8.77 16.41
CA LEU WC 278 55.07 8.99 16.13
C LEU WC 278 54.88 9.72 14.81
N LEU WC 279 53.94 9.24 14.00
CA LEU WC 279 53.51 9.91 12.78
C LEU WC 279 52.21 10.66 13.09
N VAL WC 280 52.14 11.93 12.71
CA VAL WC 280 50.99 12.77 13.02
C VAL WC 280 50.46 13.41 11.75
N LYS WC 281 49.16 13.27 11.52
CA LYS WC 281 48.45 13.88 10.39
C LYS WC 281 47.48 14.95 10.89
N GLY WC 282 47.74 16.20 10.50
CA GLY WC 282 46.91 17.33 10.86
C GLY WC 282 47.43 18.59 10.19
N THR WC 283 46.74 19.70 10.46
CA THR WC 283 47.18 21.00 9.99
C THR WC 283 48.42 21.46 10.76
N ALA WC 284 49.10 22.45 10.20
CA ALA WC 284 50.32 22.99 10.81
C ALA WC 284 50.12 23.44 12.26
N GLU WC 285 48.97 24.03 12.58
CA GLU WC 285 48.68 24.38 13.97
C GLU WC 285 48.53 23.15 14.84
N GLN WC 286 47.64 22.24 14.43
CA GLN WC 286 47.42 21.01 15.15
C GLN WC 286 48.74 20.29 15.46
N VAL WC 287 49.57 20.11 14.45
CA VAL WC 287 50.87 19.48 14.62
C VAL WC 287 51.67 20.15 15.72
N HIS WC 288 51.74 21.47 15.69
CA HIS WC 288 52.43 22.22 16.74
C HIS WC 288 51.91 21.88 18.13
N PHE WC 289 50.60 22.01 18.31
CA PHE WC 289 49.98 21.66 19.59
C PHE WC 289 50.34 20.24 20.03
N ILE WC 290 50.17 19.27 19.16
CA ILE WC 290 50.53 17.89 19.47
C ILE WC 290 51.99 17.77 19.90
N GLU WC 291 52.88 18.47 19.21
CA GLU WC 291 54.29 18.47 19.60
C GLU WC 291 54.50 18.95 21.03
N MET WC 292 53.94 20.11 21.35
CA MET WC 292 54.00 20.59 22.74
C MET WC 292 53.48 19.54 23.71
N LEU WC 293 52.35 18.93 23.40
CA LEU WC 293 51.79 17.92 24.28
C LEU WC 293 52.73 16.74 24.49
N VAL WC 294 53.29 16.20 23.41
CA VAL WC 294 54.26 15.11 23.54
C VAL WC 294 55.43 15.50 24.44
N LYS WC 295 55.96 16.71 24.24
CA LYS WC 295 57.06 17.16 25.06
C LYS WC 295 56.65 17.35 26.50
N ALA WC 296 55.36 17.52 26.77
CA ALA WC 296 54.92 17.55 28.15
C ALA WC 296 54.89 16.17 28.80
N LEU WC 297 54.80 15.11 28.01
CA LEU WC 297 54.63 13.77 28.57
C LEU WC 297 55.91 12.95 28.66
N ASP WC 298 56.82 13.04 27.69
CA ASP WC 298 58.01 12.17 27.71
C ASP WC 298 59.12 12.63 28.66
N VAL WC 299 58.79 12.74 29.96
CA VAL WC 299 59.80 12.89 31.01
C VAL WC 299 60.44 11.55 31.36
N ALA WC 300 61.73 11.61 31.76
CA ALA WC 300 62.53 10.43 32.11
C ALA WC 300 62.38 10.04 33.59
N LYS WC 301 62.16 8.75 33.83
CA LYS WC 301 61.98 8.18 35.16
C LYS WC 301 63.25 8.18 36.03
N ARG WC 302 63.05 8.47 37.32
CA ARG WC 302 63.99 8.21 38.41
C ARG WC 302 64.15 6.72 38.75
N HIS WC 303 65.36 6.31 39.15
CA HIS WC 303 65.60 4.96 39.66
C HIS WC 303 65.46 4.87 41.18
N VAL WC 304 64.93 3.73 41.64
CA VAL WC 304 64.79 3.40 43.06
C VAL WC 304 65.28 1.99 43.33
N GLU WC 305 66.04 1.82 44.40
CA GLU WC 305 66.45 0.53 44.92
C GLU WC 305 65.75 0.26 46.25
N LEU WC 306 65.39 -1.00 46.48
CA LEU WC 306 64.74 -1.41 47.72
C LEU WC 306 65.50 -2.54 48.37
N SER WC 307 65.64 -2.46 49.70
CA SER WC 307 66.26 -3.52 50.49
C SER WC 307 65.32 -3.98 51.58
N LEU WC 308 65.37 -5.29 51.90
CA LEU WC 308 64.46 -5.87 52.89
C LEU WC 308 65.21 -6.72 53.90
N TRP WC 309 65.06 -6.39 55.18
CA TRP WC 309 65.71 -7.11 56.29
C TRP WC 309 64.74 -8.06 56.95
N ILE WC 310 65.10 -9.35 56.99
CA ILE WC 310 64.29 -10.40 57.60
C ILE WC 310 65.12 -11.02 58.71
N VAL WC 311 64.58 -11.07 59.92
CA VAL WC 311 65.33 -11.52 61.09
C VAL WC 311 64.54 -12.57 61.85
N ASP WC 312 65.19 -13.70 62.13
CA ASP WC 312 64.66 -14.74 62.99
C ASP WC 312 65.59 -15.00 64.17
N LEU WC 313 64.99 -15.18 65.35
CA LEU WC 313 65.70 -15.52 66.58
C LEU WC 313 64.96 -16.61 67.34
N ASN WC 314 65.71 -17.58 67.88
CA ASN WC 314 65.11 -18.74 68.51
C ASN WC 314 65.93 -19.20 69.72
N LYS WC 315 65.24 -19.51 70.82
CA LYS WC 315 65.81 -20.11 72.01
C LYS WC 315 64.92 -21.21 72.56
N SER WC 316 65.54 -22.27 73.09
CA SER WC 316 64.80 -23.35 73.69
C SER WC 316 65.60 -24.04 74.79
N ASP WC 317 64.88 -24.54 75.79
CA ASP WC 317 65.43 -25.34 76.86
C ASP WC 317 64.48 -26.49 77.15
N LEU WC 318 65.03 -27.68 77.44
CA LEU WC 318 64.19 -28.74 78.00
C LEU WC 318 65.00 -29.61 78.95
N GLU WC 319 64.26 -30.27 79.85
CA GLU WC 319 64.86 -31.21 80.79
C GLU WC 319 63.87 -32.30 81.14
N ARG WC 320 64.38 -33.52 81.28
CA ARG WC 320 63.60 -34.70 81.64
C ARG WC 320 64.36 -35.49 82.69
N LEU WC 321 63.68 -35.90 83.76
CA LEU WC 321 64.41 -36.63 84.80
C LEU WC 321 63.46 -37.49 85.62
N GLY WC 322 63.92 -38.69 85.96
CA GLY WC 322 63.21 -39.52 86.92
C GLY WC 322 63.01 -40.95 86.44
N THR WC 323 62.04 -41.61 87.07
CA THR WC 323 61.96 -43.06 87.07
C THR WC 323 60.53 -43.56 86.87
N SER WC 324 60.42 -44.75 86.30
CA SER WC 324 59.15 -45.47 86.20
C SER WC 324 59.31 -46.89 86.74
N TRP WC 325 58.21 -47.42 87.29
CA TRP WC 325 58.19 -48.70 87.99
C TRP WC 325 56.97 -49.55 87.64
N SER WC 326 57.19 -50.85 87.51
CA SER WC 326 56.14 -51.82 87.28
C SER WC 326 56.71 -53.18 87.65
N GLY WC 327 55.82 -54.15 87.88
CA GLY WC 327 56.33 -55.47 88.19
C GLY WC 327 55.25 -56.52 88.33
N SER WC 328 55.70 -57.69 88.76
CA SER WC 328 54.83 -58.86 88.94
C SER WC 328 55.38 -59.74 90.05
N ILE WC 329 54.49 -60.22 90.92
CA ILE WC 329 54.86 -60.98 92.10
C ILE WC 329 53.97 -62.21 92.15
N THR WC 330 54.54 -63.35 92.53
CA THR WC 330 53.80 -64.60 92.60
C THR WC 330 54.00 -65.27 93.95
N ILE WC 331 52.88 -65.64 94.59
CA ILE WC 331 52.88 -66.32 95.87
C ILE WC 331 52.21 -67.67 95.62
N GLY WC 332 52.97 -68.73 95.82
CA GLY WC 332 52.60 -70.07 95.45
C GLY WC 332 52.17 -70.10 94.00
N ASP WC 333 51.45 -71.16 93.62
CA ASP WC 333 50.82 -71.21 92.31
C ASP WC 333 49.52 -70.42 92.29
N LYS WC 334 48.66 -70.72 93.26
CA LYS WC 334 47.34 -70.11 93.37
C LYS WC 334 47.32 -68.58 93.39
N LEU WC 335 48.34 -67.89 93.91
CA LEU WC 335 48.20 -66.44 94.00
C LEU WC 335 49.29 -65.71 93.23
N GLY WC 336 48.90 -64.56 92.67
CA GLY WC 336 49.81 -63.65 92.02
C GLY WC 336 49.21 -62.27 91.90
N VAL WC 337 50.08 -61.28 91.74
CA VAL WC 337 49.71 -59.88 91.68
C VAL WC 337 50.50 -59.22 90.57
N SER WC 338 49.84 -58.36 89.79
CA SER WC 338 50.47 -57.53 88.79
C SER WC 338 50.39 -56.06 89.20
N LEU WC 339 51.53 -55.39 89.22
CA LEU WC 339 51.61 -53.98 89.56
C LEU WC 339 51.90 -53.15 88.33
N ASN WC 340 50.99 -52.23 88.00
CA ASN WC 340 51.14 -51.32 86.87
C ASN WC 340 51.37 -52.02 85.54
N GLN WC 341 50.87 -53.24 85.37
CA GLN WC 341 51.06 -53.93 84.11
C GLN WC 341 49.85 -54.81 83.86
N SER WC 342 49.48 -54.91 82.58
CA SER WC 342 48.22 -55.55 82.20
C SER WC 342 48.10 -56.97 82.72
N SER WC 343 49.20 -57.68 82.93
CA SER WC 343 49.06 -59.08 83.32
C SER WC 343 50.25 -59.52 84.17
N ILE WC 344 49.98 -60.55 84.97
CA ILE WC 344 51.02 -61.17 85.79
C ILE WC 344 52.02 -61.87 84.89
N SER WC 345 53.30 -61.66 85.16
CA SER WC 345 54.34 -62.46 84.53
C SER WC 345 54.29 -63.89 85.07
N THR WC 346 54.14 -64.85 84.18
CA THR WC 346 53.99 -66.26 84.58
C THR WC 346 55.35 -66.73 85.05
N LEU WC 347 55.70 -66.31 86.26
CA LEU WC 347 57.09 -66.30 86.70
C LEU WC 347 57.14 -66.53 88.20
N ASP WC 348 58.23 -67.13 88.65
CA ASP WC 348 58.43 -67.40 90.07
C ASP WC 348 59.00 -66.20 90.80
N GLY WC 349 58.67 -66.13 92.09
CA GLY WC 349 59.14 -65.06 92.95
C GLY WC 349 58.63 -63.68 92.61
N SER WC 350 59.52 -62.79 92.20
CA SER WC 350 59.14 -61.43 91.89
C SER WC 350 60.01 -60.88 90.79
N ARG WC 351 59.49 -59.90 90.06
CA ARG WC 351 60.32 -59.15 89.14
C ARG WC 351 59.80 -57.73 89.07
N PHE WC 352 60.74 -56.79 88.92
CA PHE WC 352 60.42 -55.37 88.85
C PHE WC 352 61.30 -54.73 87.78
N ILE WC 353 60.85 -53.60 87.26
CA ILE WC 353 61.66 -52.85 86.31
C ILE WC 353 61.60 -51.36 86.64
N ALA WC 354 62.76 -50.71 86.63
CA ALA WC 354 62.90 -49.30 86.99
C ALA WC 354 63.50 -48.54 85.82
N ALA WC 355 62.67 -48.18 84.84
CA ALA WC 355 63.14 -47.35 83.73
C ALA WC 355 63.62 -46.00 84.25
N VAL WC 356 64.81 -45.58 83.80
CA VAL WC 356 65.42 -44.33 84.24
C VAL WC 356 65.65 -43.41 83.04
N ASN WC 357 65.21 -42.16 83.17
CA ASN WC 357 65.44 -41.10 82.18
C ASN WC 357 66.19 -39.94 82.82
N ALA WC 358 67.25 -39.48 82.16
CA ALA WC 358 68.03 -38.34 82.66
C ALA WC 358 68.62 -37.58 81.48
N LEU WC 359 68.09 -36.39 81.18
CA LEU WC 359 68.56 -35.66 80.02
C LEU WC 359 68.24 -34.17 80.13
N GLU WC 360 69.12 -33.34 79.58
CA GLU WC 360 68.99 -31.89 79.60
C GLU WC 360 69.56 -31.27 78.32
N GLU WC 361 68.84 -30.31 77.73
CA GLU WC 361 69.30 -29.73 76.47
C GLU WC 361 68.96 -28.25 76.34
N LYS WC 362 69.86 -27.50 75.72
CA LYS WC 362 69.73 -26.07 75.43
C LYS WC 362 70.04 -25.83 73.96
N LYS WC 363 69.25 -24.99 73.30
CA LYS WC 363 69.45 -24.70 71.88
C LYS WC 363 69.17 -23.24 71.56
N GLN WC 364 70.01 -22.65 70.70
CA GLN WC 364 69.85 -21.25 70.31
C GLN WC 364 70.27 -21.06 68.87
N ALA WC 365 69.53 -20.22 68.13
CA ALA WC 365 69.80 -20.02 66.71
C ALA WC 365 69.38 -18.61 66.27
N THR WC 366 69.99 -18.18 65.15
CA THR WC 366 69.77 -16.87 64.57
C THR WC 366 69.98 -16.84 63.07
N VAL WC 367 69.05 -16.23 62.33
CA VAL WC 367 69.12 -16.17 60.87
C VAL WC 367 68.73 -14.79 60.38
N VAL WC 368 69.50 -14.24 59.43
CA VAL WC 368 69.23 -12.94 58.83
C VAL WC 368 69.35 -13.03 57.32
N SER WC 369 68.31 -12.58 56.61
CA SER WC 369 68.26 -12.53 55.15
C SER WC 369 67.96 -11.13 54.64
N ARG WC 370 68.63 -10.70 53.58
CA ARG WC 370 68.47 -9.34 53.07
C ARG WC 370 68.60 -9.29 51.55
N PRO WC 371 67.51 -9.49 50.83
CA PRO WC 371 67.45 -9.15 49.39
C PRO WC 371 67.50 -7.66 49.09
N VAL WC 372 68.00 -7.36 47.88
CA VAL WC 372 68.04 -6.02 47.31
C VAL WC 372 67.62 -6.07 45.84
N LEU WC 373 66.80 -5.09 45.41
CA LEU WC 373 66.25 -5.06 44.06
C LEU WC 373 66.23 -3.63 43.50
N LEU WC 374 66.47 -3.50 42.19
CA LEU WC 374 66.41 -2.21 41.50
C LEU WC 374 65.21 -2.08 40.56
N THR WC 375 64.54 -0.92 40.61
CA THR WC 375 63.31 -0.67 39.88
C THR WC 375 63.30 0.77 39.40
N GLN WC 376 62.45 1.06 38.42
CA GLN WC 376 62.14 2.44 38.05
C GLN WC 376 60.81 2.86 38.65
N GLU WC 377 60.68 4.16 38.86
CA GLU WC 377 59.43 4.76 39.29
C GLU WC 377 58.24 4.28 38.48
N ASN WC 378 57.17 3.92 39.18
CA ASN WC 378 55.90 3.45 38.65
C ASN WC 378 55.98 2.13 37.89
N VAL WC 379 57.13 1.47 37.88
CA VAL WC 379 57.32 0.22 37.15
C VAL WC 379 57.26 -0.93 38.16
N PRO WC 380 56.39 -1.91 37.97
CA PRO WC 380 56.36 -3.05 38.90
C PRO WC 380 57.59 -3.93 38.75
N ALA WC 381 57.98 -4.59 39.85
CA ALA WC 381 59.16 -5.45 39.82
C ALA WC 381 58.94 -6.73 40.63
N ILE WC 382 59.63 -7.78 40.20
CA ILE WC 382 59.54 -9.13 40.75
C ILE WC 382 60.93 -9.68 41.04
N PHE WC 383 61.13 -10.21 42.25
CA PHE WC 383 62.35 -10.93 42.60
C PHE WC 383 61.96 -12.21 43.32
N ASP WC 384 62.55 -13.33 42.94
CA ASP WC 384 62.29 -14.55 43.67
C ASP WC 384 63.49 -15.48 43.61
N ASN WC 385 63.68 -16.26 44.68
CA ASN WC 385 64.84 -17.11 44.78
C ASN WC 385 64.58 -18.25 45.74
N ASN WC 386 65.26 -19.37 45.52
CA ASN WC 386 65.18 -20.51 46.41
C ASN WC 386 66.52 -21.24 46.37
N ARG WC 387 66.94 -21.75 47.52
CA ARG WC 387 68.24 -22.39 47.67
C ARG WC 387 68.16 -23.55 48.66
N THR WC 388 68.86 -24.62 48.34
CA THR WC 388 68.88 -25.84 49.15
C THR WC 388 70.21 -25.98 49.87
N PHE WC 389 70.13 -26.35 51.15
CA PHE WC 389 71.30 -26.58 51.99
C PHE WC 389 71.27 -28.01 52.51
N TYR WC 390 72.44 -28.55 52.81
CA TYR WC 390 72.61 -29.95 53.12
C TYR WC 390 73.33 -30.15 54.44
N THR WC 391 73.05 -31.30 55.06
CA THR WC 391 73.86 -31.85 56.14
C THR WC 391 74.25 -33.27 55.78
N LYS WC 392 75.44 -33.67 56.22
CA LYS WC 392 75.92 -35.04 56.14
C LYS WC 392 75.89 -35.64 57.55
N LEU WC 393 75.31 -36.83 57.65
CA LEU WC 393 75.00 -37.41 58.95
C LEU WC 393 76.22 -38.00 59.66
N ILE WC 394 76.88 -38.99 59.05
CA ILE WC 394 77.94 -39.71 59.74
C ILE WC 394 79.11 -39.98 58.79
N GLY WC 395 80.31 -39.95 59.37
CA GLY WC 395 81.51 -40.42 58.71
C GLY WC 395 81.70 -39.89 57.30
N GLU WC 396 82.04 -40.79 56.38
CA GLU WC 396 82.08 -40.50 54.95
C GLU WC 396 81.28 -41.52 54.15
N ARG WC 397 80.33 -42.20 54.78
CA ARG WC 397 79.51 -43.16 54.06
C ARG WC 397 78.81 -42.54 52.85
N ASN WC 398 78.63 -43.36 51.82
CA ASN WC 398 78.31 -42.87 50.48
C ASN WC 398 77.00 -42.08 50.47
N VAL WC 399 75.99 -42.53 51.21
CA VAL WC 399 74.72 -41.81 51.32
C VAL WC 399 74.50 -41.39 52.77
N ALA WC 400 74.49 -40.08 53.00
CA ALA WC 400 74.36 -39.51 54.33
C ALA WC 400 73.72 -38.13 54.28
N LEU WC 401 73.22 -37.70 53.12
CA LEU WC 401 72.71 -36.36 52.92
C LEU WC 401 71.25 -36.17 53.32
N GLU WC 402 71.00 -35.04 53.97
CA GLU WC 402 69.66 -34.55 54.29
C GLU WC 402 69.65 -33.08 53.91
N HIS WC 403 68.50 -32.57 53.49
CA HIS WC 403 68.49 -31.22 52.95
C HIS WC 403 67.21 -30.47 53.24
N VAL WC 404 67.34 -29.14 53.19
CA VAL WC 404 66.26 -28.20 53.46
C VAL WC 404 66.31 -27.09 52.42
N THR WC 405 65.15 -26.64 51.95
CA THR WC 405 65.06 -25.61 50.92
C THR WC 405 64.37 -24.36 51.43
N TYR WC 406 65.07 -23.22 51.35
CA TYR WC 406 64.53 -21.92 51.74
C TYR WC 406 64.23 -21.12 50.49
N GLY WC 407 63.05 -20.50 50.47
CA GLY WC 407 62.64 -19.66 49.36
C GLY WC 407 62.05 -18.33 49.80
N THR WC 408 62.15 -17.35 48.90
CA THR WC 408 61.76 -15.98 49.18
C THR WC 408 61.24 -15.36 47.89
N MET WC 409 60.23 -14.49 48.02
CA MET WC 409 59.71 -13.75 46.88
C MET WC 409 59.30 -12.36 47.33
N ILE WC 410 59.54 -11.37 46.47
CA ILE WC 410 59.02 -10.01 46.64
C ILE WC 410 58.43 -9.53 45.33
N ARG WC 411 57.20 -9.03 45.39
CA ARG WC 411 56.59 -8.26 44.32
C ARG WC 411 56.31 -6.85 44.84
N VAL WC 412 56.63 -5.83 44.02
CA VAL WC 412 56.64 -4.47 44.52
C VAL WC 412 56.25 -3.48 43.44
N LEU WC 413 55.60 -2.40 43.86
CA LEU WC 413 55.36 -1.23 43.01
C LEU WC 413 55.75 0.06 43.74
N PRO WC 414 56.66 0.89 43.16
CA PRO WC 414 57.07 2.15 43.81
C PRO WC 414 56.32 3.40 43.35
N ARG WC 415 56.14 4.37 44.25
CA ARG WC 415 55.62 5.70 43.94
C ARG WC 415 56.41 6.77 44.67
N PHE WC 416 56.71 7.87 43.97
CA PHE WC 416 57.33 9.05 44.57
C PHE WC 416 56.28 10.08 44.97
N SER WC 417 56.25 10.45 46.25
CA SER WC 417 55.58 11.65 46.69
C SER WC 417 56.43 12.86 46.34
N ALA WC 418 55.77 14.00 46.11
CA ALA WC 418 56.49 15.27 46.01
C ALA WC 418 57.19 15.65 47.30
N ASP WC 419 56.82 15.04 48.43
CA ASP WC 419 57.44 15.29 49.72
C ASP WC 419 58.85 14.73 49.84
N GLY WC 420 59.29 13.88 48.91
CA GLY WC 420 60.46 13.06 49.13
C GLY WC 420 60.20 11.86 50.00
N GLN WC 421 59.00 11.31 49.92
CA GLN WC 421 58.60 10.07 50.57
C GLN WC 421 58.31 9.05 49.48
N ILE WC 422 58.69 7.80 49.70
CA ILE WC 422 58.41 6.75 48.74
C ILE WC 422 57.32 5.85 49.31
N GLU WC 423 56.30 5.61 48.50
CA GLU WC 423 55.14 4.78 48.83
C GLU WC 423 55.25 3.45 48.10
N MET WC 424 55.08 2.35 48.82
CA MET WC 424 55.34 1.04 48.27
C MET WC 424 54.11 0.15 48.39
N SER WC 425 53.79 -0.55 47.31
CA SER WC 425 52.84 -1.64 47.30
C SER WC 425 53.64 -2.92 47.37
N LEU WC 426 53.41 -3.74 48.40
CA LEU WC 426 54.28 -4.87 48.69
C LEU WC 426 53.52 -6.16 48.87
N ASP WC 427 54.12 -7.22 48.31
CA ASP WC 427 53.69 -8.61 48.46
C ASP WC 427 54.93 -9.41 48.81
N ILE WC 428 54.90 -10.09 49.95
CA ILE WC 428 56.09 -10.75 50.49
C ILE WC 428 55.74 -12.14 50.97
N GLU WC 429 56.60 -13.10 50.65
CA GLU WC 429 56.39 -14.49 51.01
C GLU WC 429 57.75 -15.15 51.26
N ASP WC 430 57.94 -15.71 52.46
CA ASP WC 430 59.27 -16.19 52.81
C ASP WC 430 59.28 -17.28 53.89
N GLY WC 431 60.21 -18.22 53.74
CA GLY WC 431 60.46 -19.29 54.69
C GLY WC 431 60.73 -20.61 54.01
N ASN WC 432 60.53 -21.70 54.76
CA ASN WC 432 60.56 -23.05 54.21
C ASN WC 432 59.69 -23.19 52.98
N ASP WC 433 60.22 -23.88 51.97
CA ASP WC 433 59.48 -24.07 50.72
C ASP WC 433 58.41 -25.15 50.86
N LYS WC 434 58.52 -26.01 51.86
CA LYS WC 434 57.56 -27.07 52.10
C LYS WC 434 57.60 -27.40 53.59
N THR WC 435 56.72 -28.29 54.02
CA THR WC 435 57.04 -29.12 55.16
C THR WC 435 58.40 -29.76 54.87
N PRO WC 436 59.38 -29.68 55.78
CA PRO WC 436 60.77 -29.79 55.35
C PRO WC 436 61.03 -31.13 54.69
N GLN WC 437 61.77 -31.09 53.59
CA GLN WC 437 61.63 -32.13 52.56
C GLN WC 437 62.18 -33.47 53.05
N SER WC 438 63.36 -33.46 53.64
CA SER WC 438 63.90 -34.65 54.27
C SER WC 438 63.25 -34.90 55.61
N ASP WC 439 62.93 -36.16 55.85
CA ASP WC 439 62.41 -36.65 57.13
C ASP WC 439 63.59 -36.73 58.10
N THR WC 440 63.80 -35.64 58.83
CA THR WC 440 64.94 -35.53 59.72
C THR WC 440 64.79 -36.45 60.92
N THR WC 441 65.71 -37.40 61.05
CA THR WC 441 65.78 -38.29 62.20
C THR WC 441 66.83 -37.89 63.23
N THR WC 442 67.83 -37.12 62.85
CA THR WC 442 68.74 -36.56 63.84
C THR WC 442 68.06 -35.44 64.61
N SER WC 443 68.19 -35.49 65.93
CA SER WC 443 67.59 -34.44 66.75
C SER WC 443 68.32 -33.11 66.55
N VAL WC 444 69.65 -33.16 66.53
CA VAL WC 444 70.45 -31.98 66.14
C VAL WC 444 70.74 -32.12 64.66
N ASP WC 445 69.78 -31.70 63.84
CA ASP WC 445 70.03 -31.53 62.43
C ASP WC 445 70.83 -30.26 62.15
N ALA WC 446 70.78 -29.30 63.07
CA ALA WC 446 71.33 -27.96 62.87
C ALA WC 446 70.81 -27.28 61.61
N LEU WC 447 69.58 -27.57 61.22
CA LEU WC 447 68.91 -26.80 60.17
C LEU WC 447 67.78 -26.02 60.83
N PRO WC 448 67.82 -24.68 60.85
CA PRO WC 448 66.76 -23.95 61.56
C PRO WC 448 65.45 -24.02 60.79
N GLU WC 449 64.41 -24.51 61.49
CA GLU WC 449 63.05 -24.64 60.94
C GLU WC 449 62.29 -23.32 60.90
N VAL WC 450 62.76 -22.41 60.04
CA VAL WC 450 62.00 -21.20 59.78
C VAL WC 450 60.63 -21.61 59.27
N GLY WC 451 59.58 -20.95 59.76
CA GLY WC 451 58.26 -21.25 59.21
C GLY WC 451 58.01 -20.72 57.82
N ARG WC 452 56.74 -20.44 57.51
CA ARG WC 452 56.30 -19.83 56.26
C ARG WC 452 55.43 -18.63 56.57
N THR WC 453 55.74 -17.48 55.96
CA THR WC 453 55.01 -16.26 56.27
C THR WC 453 54.70 -15.51 54.99
N LEU WC 454 53.50 -14.94 54.96
CA LEU WC 454 52.95 -14.24 53.81
C LEU WC 454 52.27 -12.95 54.24
N ILE WC 455 52.59 -11.86 53.56
CA ILE WC 455 52.07 -10.54 53.92
C ILE WC 455 51.81 -9.75 52.65
N SER WC 456 50.75 -8.94 52.67
CA SER WC 456 50.38 -8.07 51.57
C SER WC 456 49.91 -6.73 52.13
N THR WC 457 50.62 -5.65 51.80
CA THR WC 457 50.26 -4.36 52.38
C THR WC 457 50.86 -3.21 51.60
N ILE WC 458 50.45 -2.00 51.98
CA ILE WC 458 51.02 -0.75 51.48
C ILE WC 458 51.69 0.00 52.61
N ALA WC 459 52.82 0.63 52.31
CA ALA WC 459 53.51 1.47 53.29
C ALA WC 459 54.23 2.59 52.58
N ARG WC 460 54.43 3.69 53.32
CA ARG WC 460 55.15 4.87 52.83
C ARG WC 460 56.19 5.31 53.85
N VAL WC 461 57.39 5.65 53.38
CA VAL WC 461 58.48 6.00 54.29
C VAL WC 461 59.39 7.06 53.69
N PRO WC 462 59.93 7.99 54.50
CA PRO WC 462 60.88 8.99 53.99
C PRO WC 462 62.17 8.39 53.42
N HIS WC 463 62.81 9.17 52.55
CA HIS WC 463 64.09 8.77 51.94
C HIS WC 463 65.05 8.22 52.98
N GLY WC 464 65.58 7.03 52.71
CA GLY WC 464 66.65 6.49 53.53
C GLY WC 464 66.24 6.06 54.91
N LYS WC 465 64.99 6.27 55.31
CA LYS WC 465 64.50 5.74 56.57
C LYS WC 465 64.09 4.28 56.37
N SER WC 466 63.66 3.65 57.45
CA SER WC 466 63.27 2.25 57.41
C SER WC 466 62.11 2.01 58.35
N LEU WC 467 61.36 0.94 58.10
CA LEU WC 467 60.10 0.78 58.81
C LEU WC 467 59.75 -0.69 59.01
N LEU WC 468 59.14 -1.00 60.16
CA LEU WC 468 58.68 -2.34 60.50
C LEU WC 468 57.34 -2.65 59.82
N VAL WC 469 57.37 -3.50 58.79
CA VAL WC 469 56.13 -3.83 58.09
C VAL WC 469 55.36 -4.98 58.74
N GLY WC 470 56.02 -5.86 59.47
CA GLY WC 470 55.30 -6.89 60.21
C GLY WC 470 56.21 -7.69 61.10
N GLY WC 471 55.60 -8.30 62.12
CA GLY WC 471 56.39 -9.07 63.07
C GLY WC 471 55.55 -10.08 63.82
N TYR WC 472 56.25 -10.98 64.48
CA TYR WC 472 55.64 -12.09 65.19
C TYR WC 472 56.50 -12.44 66.40
N THR WC 473 55.85 -12.83 67.50
CA THR WC 473 56.56 -13.36 68.65
C THR WC 473 55.76 -14.49 69.27
N ARG WC 474 56.47 -15.46 69.84
CA ARG WC 474 55.82 -16.54 70.55
C ARG WC 474 56.67 -16.94 71.75
N ASP WC 475 56.02 -17.14 72.88
CA ASP WC 475 56.69 -17.54 74.11
C ASP WC 475 55.88 -18.61 74.81
N ALA WC 476 56.53 -19.68 75.26
CA ALA WC 476 55.76 -20.76 75.87
C ALA WC 476 56.58 -21.48 76.93
N ASN WC 477 55.85 -22.12 77.84
CA ASN WC 477 56.43 -22.84 78.96
C ASN WC 477 55.56 -24.05 79.28
N THR WC 478 56.19 -25.11 79.76
CA THR WC 478 55.46 -26.33 80.12
C THR WC 478 56.18 -27.04 81.25
N ASP WC 479 55.39 -27.62 82.16
CA ASP WC 479 55.92 -28.25 83.36
C ASP WC 479 55.01 -29.38 83.79
N THR WC 480 55.61 -30.52 84.15
CA THR WC 480 54.81 -31.67 84.57
C THR WC 480 55.58 -32.57 85.50
N VAL WC 481 54.84 -33.21 86.42
CA VAL WC 481 55.41 -34.14 87.39
C VAL WC 481 54.40 -35.25 87.66
N GLN WC 482 54.91 -36.44 87.92
CA GLN WC 482 54.10 -37.60 88.26
C GLN WC 482 54.89 -38.48 89.22
N SER WC 483 54.18 -39.23 90.06
CA SER WC 483 54.84 -40.04 91.07
C SER WC 483 53.91 -41.12 91.60
N ILE WC 484 54.51 -42.10 92.27
CA ILE WC 484 53.75 -43.07 93.08
C ILE WC 484 53.05 -42.34 94.21
N PRO WC 485 51.74 -42.49 94.36
CA PRO WC 485 50.98 -41.61 95.25
C PRO WC 485 51.50 -41.44 96.67
N PHE WC 486 51.94 -42.51 97.35
CA PHE WC 486 52.34 -42.39 98.74
C PHE WC 486 53.85 -42.38 98.95
N LEU WC 487 54.60 -43.18 98.21
CA LEU WC 487 56.04 -43.27 98.44
C LEU WC 487 56.76 -42.05 97.88
N GLY WC 488 56.22 -41.44 96.83
CA GLY WC 488 56.82 -40.27 96.23
C GLY WC 488 57.02 -39.12 97.18
N LYS WC 489 56.47 -39.18 98.39
CA LYS WC 489 56.61 -38.11 99.36
C LYS WC 489 57.40 -38.53 100.59
N LEU WC 490 57.96 -39.72 100.59
CA LEU WC 490 58.80 -40.15 101.70
C LEU WC 490 60.07 -39.30 101.74
N PRO WC 491 60.49 -38.83 102.91
CA PRO WC 491 61.65 -37.93 102.97
C PRO WC 491 62.93 -38.49 102.40
N LEU WC 492 63.23 -39.77 102.63
CA LEU WC 492 64.50 -40.33 102.19
C LEU WC 492 64.46 -41.02 100.83
N ILE WC 493 63.33 -41.53 100.37
CA ILE WC 493 63.28 -42.25 99.11
C ILE WC 493 62.33 -41.64 98.09
N GLY WC 494 61.57 -40.61 98.46
CA GLY WC 494 60.60 -40.04 97.52
C GLY WC 494 61.19 -39.73 96.16
N SER WC 495 62.42 -39.21 96.14
CA SER WC 495 63.07 -38.86 94.88
C SER WC 495 63.26 -40.05 93.95
N LEU WC 496 63.24 -41.28 94.46
CA LEU WC 496 63.33 -42.44 93.59
C LEU WC 496 62.05 -42.73 92.81
N PHE WC 497 60.95 -42.07 93.12
CA PHE WC 497 59.64 -42.43 92.61
C PHE WC 497 58.93 -41.27 91.92
N ARG WC 498 59.68 -40.25 91.51
CA ARG WC 498 59.11 -39.13 90.79
C ARG WC 498 59.71 -39.06 89.39
N TYR WC 499 58.92 -38.54 88.46
CA TYR WC 499 59.36 -38.23 87.11
C TYR WC 499 58.82 -36.88 86.73
N SER WC 500 59.67 -36.04 86.12
CA SER WC 500 59.27 -34.68 85.82
C SER WC 500 59.92 -34.20 84.54
N SER WC 501 59.26 -33.23 83.91
CA SER WC 501 59.70 -32.65 82.65
C SER WC 501 59.40 -31.16 82.59
N LYS WC 502 60.32 -30.40 81.99
CA LYS WC 502 60.18 -28.97 81.86
C LYS WC 502 60.63 -28.52 80.47
N ASN WC 503 59.96 -27.50 79.93
CA ASN WC 503 60.27 -27.01 78.60
C ASN WC 503 59.97 -25.52 78.50
N LYS WC 504 60.87 -24.77 77.86
CA LYS WC 504 60.71 -23.35 77.62
C LYS WC 504 61.12 -22.98 76.20
N SER WC 505 60.37 -22.09 75.55
CA SER WC 505 60.69 -21.68 74.19
C SER WC 505 60.36 -20.22 73.93
N ASN WC 506 61.20 -19.56 73.14
CA ASN WC 506 61.07 -18.14 72.80
C ASN WC 506 61.47 -17.91 71.34
N VAL WC 507 60.58 -17.29 70.56
CA VAL WC 507 60.79 -17.10 69.13
C VAL WC 507 60.37 -15.70 68.72
N VAL WC 508 61.16 -15.07 67.85
CA VAL WC 508 60.87 -13.74 67.31
C VAL WC 508 61.20 -13.69 65.83
N ARG WC 509 60.30 -13.08 65.05
CA ARG WC 509 60.46 -12.93 63.60
C ARG WC 509 60.00 -11.55 63.14
N VAL WC 510 60.83 -10.83 62.38
CA VAL WC 510 60.48 -9.46 61.99
C VAL WC 510 60.91 -9.16 60.56
N PHE WC 511 60.10 -8.35 59.87
CA PHE WC 511 60.32 -7.87 58.50
C PHE WC 511 60.40 -6.35 58.49
N MET WC 512 61.52 -5.80 58.02
CA MET WC 512 61.74 -4.36 57.99
C MET WC 512 62.22 -3.91 56.61
N ILE WC 513 61.75 -2.76 56.15
CA ILE WC 513 61.90 -2.32 54.77
C ILE WC 513 62.70 -1.03 54.71
N GLU WC 514 63.47 -0.86 53.63
CA GLU WC 514 64.41 0.27 53.51
C GLU WC 514 64.60 0.68 52.05
N PRO WC 515 63.81 1.62 51.56
CA PRO WC 515 63.99 2.13 50.19
C PRO WC 515 65.05 3.23 50.09
N LYS WC 516 65.72 3.29 48.94
CA LYS WC 516 66.66 4.35 48.62
C LYS WC 516 66.49 4.76 47.16
N GLU WC 517 66.62 6.06 46.87
CA GLU WC 517 66.78 6.51 45.50
C GLU WC 517 68.19 6.22 44.99
N ILE WC 518 68.32 5.93 43.69
CA ILE WC 518 69.62 5.70 43.07
C ILE WC 518 69.82 6.69 41.93
N VAL WC 519 71.03 7.25 41.85
CA VAL WC 519 71.30 8.34 40.92
C VAL WC 519 72.62 8.20 40.18
N ASP WC 520 73.48 7.28 40.60
CA ASP WC 520 74.83 7.19 40.05
C ASP WC 520 75.25 5.74 39.86
N PRO WC 521 76.06 5.46 38.83
CA PRO WC 521 76.50 4.09 38.57
C PRO WC 521 77.52 3.54 39.57
N LEU WC 522 77.87 2.27 39.39
CA LEU WC 522 78.86 1.61 40.22
C LEU WC 522 80.21 2.30 40.16
N THR WC 523 80.92 2.25 41.29
CA THR WC 523 82.32 2.66 41.43
C THR WC 523 82.93 1.90 42.61
N PRO WC 524 84.01 1.13 42.41
CA PRO WC 524 84.68 0.63 41.20
C PRO WC 524 83.74 -0.03 40.23
N ASP WC 525 84.19 -0.23 39.00
CA ASP WC 525 83.38 -0.94 38.03
C ASP WC 525 83.36 -2.45 38.25
N ALA WC 526 82.49 -3.08 37.46
CA ALA WC 526 82.30 -4.52 37.50
C ALA WC 526 83.62 -5.26 37.26
N SER WC 527 84.20 -5.07 36.08
CA SER WC 527 85.44 -5.76 35.74
C SER WC 527 86.53 -5.51 36.77
N GLU WC 528 86.63 -4.29 37.29
CA GLU WC 528 87.61 -4.04 38.34
C GLU WC 528 87.40 -4.97 39.52
N SER WC 529 86.16 -5.07 40.00
CA SER WC 529 85.89 -5.97 41.11
C SER WC 529 86.11 -7.44 40.77
N VAL WC 530 85.53 -7.89 39.67
CA VAL WC 530 85.64 -9.28 39.23
C VAL WC 530 87.10 -9.73 39.08
N ASN WC 531 87.93 -8.90 38.42
CA ASN WC 531 89.35 -9.25 38.29
C ASN WC 531 90.01 -9.49 39.64
N ASN WC 532 89.80 -8.57 40.58
CA ASN WC 532 90.35 -8.74 41.92
C ASN WC 532 89.86 -10.02 42.56
N ILE WC 533 88.57 -10.29 42.47
CA ILE WC 533 88.00 -11.50 43.04
C ILE WC 533 88.70 -12.74 42.47
N LEU WC 534 88.72 -12.86 41.15
CA LEU WC 534 89.39 -13.99 40.51
C LEU WC 534 90.84 -14.16 40.96
N LYS WC 535 91.64 -13.11 40.83
CA LYS WC 535 93.04 -13.19 41.23
C LYS WC 535 93.21 -13.60 42.68
N GLN WC 536 92.55 -12.90 43.60
CA GLN WC 536 92.66 -13.25 45.01
C GLN WC 536 92.21 -14.68 45.28
N SER WC 537 91.14 -15.13 44.62
CA SER WC 537 90.68 -16.50 44.76
C SER WC 537 91.59 -17.51 44.09
N GLY WC 538 92.53 -17.07 43.26
CA GLY WC 538 93.26 -17.99 42.42
C GLY WC 538 92.45 -18.66 41.35
N ALA WC 539 91.22 -18.21 41.14
CA ALA WC 539 90.41 -18.72 40.04
C ALA WC 539 90.92 -18.21 38.71
N TRP WC 540 91.65 -17.09 38.73
CA TRP WC 540 92.18 -16.46 37.53
C TRP WC 540 92.74 -17.47 36.55
N SER WC 541 92.49 -17.21 35.27
CA SER WC 541 92.86 -18.08 34.18
C SER WC 541 93.47 -17.38 32.99
N GLY WC 542 93.43 -16.05 32.90
CA GLY WC 542 93.91 -15.35 31.72
C GLY WC 542 95.40 -15.55 31.46
N ASP WC 543 96.09 -16.22 32.35
CA ASP WC 543 97.48 -16.60 32.15
C ASP WC 543 97.61 -17.70 31.11
N ASP WC 544 96.50 -18.27 30.68
CA ASP WC 544 96.53 -19.41 29.77
C ASP WC 544 97.20 -19.09 28.44
N LYS WC 545 97.93 -20.09 27.93
CA LYS WC 545 98.62 -19.97 26.67
C LYS WC 545 97.68 -19.81 25.48
N LEU WC 546 96.46 -20.35 25.57
CA LEU WC 546 95.64 -20.45 24.37
C LEU WC 546 94.29 -19.75 24.43
N GLN WC 547 93.58 -19.79 25.55
CA GLN WC 547 92.27 -19.15 25.54
C GLN WC 547 92.37 -17.64 25.34
N LYS WC 548 93.56 -17.06 25.50
CA LYS WC 548 93.77 -15.65 25.26
C LYS WC 548 93.28 -15.20 23.88
N TRP WC 549 93.42 -16.06 22.88
CA TRP WC 549 93.04 -15.68 21.52
C TRP WC 549 91.56 -15.38 21.38
N VAL WC 550 90.73 -15.94 22.24
CA VAL WC 550 89.31 -15.70 22.19
C VAL WC 550 88.89 -14.73 23.28
N ARG WC 551 89.39 -14.93 24.49
CA ARG WC 551 89.05 -14.03 25.59
C ARG WC 551 89.33 -12.58 25.23
N VAL WC 552 90.37 -12.31 24.45
CA VAL WC 552 90.69 -10.94 24.13
C VAL WC 552 89.50 -10.24 23.47
N TYR WC 553 88.77 -10.94 22.61
CA TYR WC 553 87.64 -10.27 21.96
C TYR WC 553 86.54 -9.91 22.95
N LEU WC 554 86.39 -10.70 24.01
CA LEU WC 554 85.39 -10.39 25.03
C LEU WC 554 85.84 -9.24 25.92
N ASP WC 555 87.00 -9.41 26.54
CA ASP WC 555 87.50 -8.43 27.50
C ASP WC 555 87.87 -7.12 26.80
N ARG WC 556 88.58 -7.20 25.68
CA ARG WC 556 88.97 -5.98 24.99
C ARG WC 556 87.84 -5.46 24.10
N GLY WC 557 87.31 -6.33 23.24
CA GLY WC 557 86.28 -5.92 22.28
C GLY WC 557 86.80 -5.19 21.06
N VAL XC 30 37.58 71.55 -58.80
CA VAL XC 30 38.08 70.96 -57.57
C VAL XC 30 38.97 69.77 -57.89
N THR XC 31 39.77 69.37 -56.91
CA THR XC 31 40.81 68.38 -57.08
C THR XC 31 40.56 67.17 -56.18
N GLY XC 32 41.12 66.04 -56.56
CA GLY XC 32 40.92 64.83 -55.78
C GLY XC 32 39.49 64.32 -55.86
N SER XC 33 39.00 63.78 -54.74
CA SER XC 33 37.64 63.31 -54.64
C SER XC 33 37.08 63.57 -53.24
N GLY XC 34 35.78 63.79 -53.19
CA GLY XC 34 35.10 64.07 -51.94
C GLY XC 34 33.61 64.12 -52.19
N PHE XC 35 32.87 64.42 -51.14
CA PHE XC 35 31.42 64.31 -51.16
C PHE XC 35 30.79 65.63 -50.76
N VAL XC 36 29.69 65.98 -51.43
CA VAL XC 36 28.92 67.17 -51.12
C VAL XC 36 27.60 66.70 -50.55
N ALA XC 37 27.39 66.94 -49.27
CA ALA XC 37 26.18 66.54 -48.58
C ALA XC 37 25.25 67.72 -48.41
N LYS XC 38 23.96 67.50 -48.62
CA LYS XC 38 22.95 68.54 -48.49
C LYS XC 38 21.80 67.98 -47.67
N ASP XC 39 21.89 68.15 -46.36
CA ASP XC 39 20.88 67.64 -45.44
C ASP XC 39 20.68 66.14 -45.58
N ASP XC 40 21.79 65.39 -45.56
CA ASP XC 40 21.76 63.96 -45.80
C ASP XC 40 21.86 63.20 -44.49
N SER XC 41 21.11 62.11 -44.41
CA SER XC 41 21.23 61.20 -43.28
C SER XC 41 22.60 60.55 -43.23
N LEU XC 42 23.12 60.37 -42.03
CA LEU XC 42 24.37 59.64 -41.87
C LEU XC 42 24.34 58.29 -42.56
N ARG XC 43 23.17 57.67 -42.68
CA ARG XC 43 23.05 56.43 -43.43
C ARG XC 43 23.59 56.58 -44.85
N THR XC 44 23.32 57.70 -45.50
CA THR XC 44 23.75 57.92 -46.87
C THR XC 44 25.10 58.59 -46.94
N PHE XC 45 25.49 59.31 -45.89
CA PHE XC 45 26.80 59.94 -45.89
C PHE XC 45 27.92 58.93 -45.72
N PHE XC 46 27.81 58.02 -44.74
CA PHE XC 46 28.92 57.09 -44.53
C PHE XC 46 29.10 56.09 -45.66
N ASP XC 47 28.06 55.82 -46.43
CA ASP XC 47 28.27 54.98 -47.60
C ASP XC 47 29.05 55.68 -48.69
N ALA XC 48 29.09 57.01 -48.71
CA ALA XC 48 30.06 57.68 -49.57
C ALA XC 48 31.50 57.42 -49.14
N MET XC 49 31.72 57.14 -47.86
CA MET XC 49 33.05 56.99 -47.31
C MET XC 49 33.51 55.54 -47.33
N ALA XC 50 32.58 54.62 -47.53
CA ALA XC 50 32.93 53.20 -47.47
C ALA XC 50 33.95 52.81 -48.54
N LEU XC 51 33.89 53.40 -49.73
CA LEU XC 51 34.87 53.07 -50.75
C LEU XC 51 36.29 53.45 -50.36
N GLN XC 52 36.48 54.53 -49.61
CA GLN XC 52 37.82 54.91 -49.15
C GLN XC 52 38.25 54.10 -47.96
N LEU XC 53 37.32 53.74 -47.08
CA LEU XC 53 37.67 52.85 -45.98
C LEU XC 53 37.97 51.45 -46.48
N LYS XC 54 37.42 51.06 -47.62
CA LYS XC 54 37.57 49.73 -48.19
C LYS XC 54 36.89 48.65 -47.37
N GLU XC 55 35.76 48.97 -46.75
CA GLU XC 55 34.99 48.04 -45.95
C GLU XC 55 33.51 48.36 -46.13
N PRO XC 56 32.64 47.38 -45.98
CA PRO XC 56 31.22 47.68 -45.71
C PRO XC 56 31.02 48.40 -44.38
N VAL XC 57 30.17 49.44 -44.43
CA VAL XC 57 29.85 50.26 -43.27
C VAL XC 57 28.38 50.06 -42.89
N ILE XC 58 28.13 49.81 -41.60
CA ILE XC 58 26.81 49.46 -41.09
C ILE XC 58 26.41 50.51 -40.07
N VAL XC 59 25.33 51.24 -40.33
CA VAL XC 59 24.86 52.32 -39.47
C VAL XC 59 23.61 51.89 -38.70
N SER XC 60 23.67 52.01 -37.38
CA SER XC 60 22.52 51.72 -36.51
C SER XC 60 21.34 52.65 -36.77
N LYS XC 61 20.14 52.08 -36.64
CA LYS XC 61 18.90 52.81 -36.90
C LYS XC 61 18.80 54.10 -36.10
N MET XC 62 19.19 54.07 -34.84
CA MET XC 62 19.12 55.28 -34.01
C MET XC 62 20.12 56.33 -34.44
N ALA XC 63 21.22 55.93 -35.06
CA ALA XC 63 22.15 56.90 -35.61
C ALA XC 63 21.71 57.45 -36.95
N ALA XC 64 20.91 56.70 -37.68
CA ALA XC 64 20.46 57.19 -38.98
C ALA XC 64 19.58 58.42 -38.90
N ARG XC 65 19.08 58.77 -37.72
CA ARG XC 65 18.25 59.97 -37.59
C ARG XC 65 19.01 61.29 -37.71
N LYS XC 66 20.30 61.31 -37.47
CA LYS XC 66 21.06 62.55 -37.50
C LYS XC 66 21.34 63.01 -38.93
N LYS XC 67 21.26 64.31 -39.15
CA LYS XC 67 21.42 64.90 -40.47
C LYS XC 67 22.67 65.77 -40.50
N ILE XC 68 23.42 65.70 -41.59
CA ILE XC 68 24.62 66.50 -41.80
C ILE XC 68 24.51 67.25 -43.12
N THR XC 69 25.15 68.42 -43.17
CA THR XC 69 25.27 69.17 -44.41
C THR XC 69 26.61 69.89 -44.48
N GLY XC 70 27.14 70.01 -45.70
CA GLY XC 70 28.49 70.50 -45.96
C GLY XC 70 29.19 69.71 -47.04
N ASN XC 71 30.46 70.00 -47.33
CA ASN XC 71 31.26 69.17 -48.24
C ASN XC 71 32.61 68.81 -47.63
N PHE XC 72 33.06 67.59 -47.89
CA PHE XC 72 34.13 66.96 -47.13
C PHE XC 72 35.18 66.34 -48.04
N GLU XC 73 36.45 66.51 -47.67
CA GLU XC 73 37.58 65.95 -48.39
C GLU XC 73 38.06 64.68 -47.69
N PHE XC 74 38.01 63.56 -48.39
CA PHE XC 74 38.45 62.27 -47.85
C PHE XC 74 39.94 62.02 -48.01
N HIS XC 75 40.78 62.97 -47.59
CA HIS XC 75 42.22 62.73 -47.58
C HIS XC 75 42.60 61.55 -46.69
N ASP XC 76 42.06 61.50 -45.47
CA ASP XC 76 42.28 60.36 -44.58
C ASP XC 76 40.99 60.06 -43.82
N PRO XC 77 40.23 59.09 -44.29
CA PRO XC 77 39.02 58.71 -43.58
C PRO XC 77 39.21 58.35 -42.13
N ASN XC 78 40.32 57.77 -41.73
CA ASN XC 78 40.40 57.31 -40.34
C ASN XC 78 40.42 58.47 -39.36
N ALA XC 79 41.10 59.55 -39.73
CA ALA XC 79 41.09 60.75 -38.92
C ALA XC 79 39.77 61.50 -39.05
N LEU XC 80 39.18 61.52 -40.24
CA LEU XC 80 37.89 62.17 -40.36
C LEU XC 80 36.82 61.44 -39.56
N LEU XC 81 36.89 60.11 -39.54
CA LEU XC 81 35.99 59.32 -38.73
C LEU XC 81 36.18 59.55 -37.24
N GLU XC 82 37.43 59.67 -36.78
CA GLU XC 82 37.65 59.96 -35.36
C GLU XC 82 37.12 61.32 -34.96
N LYS XC 83 37.38 62.34 -35.77
CA LYS XC 83 36.88 63.66 -35.45
C LYS XC 83 35.36 63.70 -35.43
N LEU XC 84 34.73 63.23 -36.49
CA LEU XC 84 33.27 63.27 -36.52
C LEU XC 84 32.63 62.42 -35.43
N SER XC 85 33.21 61.27 -35.10
CA SER XC 85 32.68 60.50 -33.97
C SER XC 85 32.69 61.28 -32.67
N LEU XC 86 33.79 61.96 -32.37
CA LEU XC 86 33.82 62.77 -31.16
C LEU XC 86 32.90 63.99 -31.24
N GLN XC 87 32.70 64.56 -32.42
CA GLN XC 87 31.85 65.75 -32.50
C GLN XC 87 30.37 65.41 -32.48
N LEU XC 88 29.96 64.31 -33.06
CA LEU XC 88 28.55 63.98 -33.16
C LEU XC 88 28.07 63.03 -32.08
N GLY XC 89 28.99 62.39 -31.36
CA GLY XC 89 28.62 61.45 -30.33
C GLY XC 89 28.39 60.02 -30.75
N LEU XC 90 29.05 59.57 -31.80
CA LEU XC 90 28.92 58.21 -32.26
C LEU XC 90 30.00 57.35 -31.61
N ILE XC 91 29.80 56.05 -31.67
CA ILE XC 91 30.79 55.06 -31.23
C ILE XC 91 30.93 54.07 -32.36
N TRP XC 92 32.13 53.54 -32.56
CA TRP XC 92 32.38 52.77 -33.76
C TRP XC 92 33.37 51.66 -33.47
N TYR XC 93 33.27 50.60 -34.27
CA TYR XC 93 34.05 49.39 -34.08
C TYR XC 93 34.33 48.72 -35.40
N PHE XC 94 35.42 47.94 -35.42
CA PHE XC 94 35.88 47.28 -36.62
C PHE XC 94 36.45 45.92 -36.25
N ASP XC 95 35.85 44.88 -36.82
CA ASP XC 95 36.18 43.49 -36.59
C ASP XC 95 37.17 42.93 -37.60
N GLY XC 96 37.54 43.69 -38.61
CA GLY XC 96 38.34 43.23 -39.72
C GLY XC 96 37.55 42.91 -40.96
N GLN XC 97 36.22 42.93 -40.87
CA GLN XC 97 35.36 42.68 -42.02
C GLN XC 97 34.38 43.81 -42.29
N ALA XC 98 33.96 44.55 -41.27
CA ALA XC 98 33.00 45.63 -41.47
C ALA XC 98 33.17 46.65 -40.35
N ILE XC 99 32.73 47.88 -40.61
CA ILE XC 99 32.77 48.93 -39.61
C ILE XC 99 31.34 49.25 -39.15
N TYR XC 100 31.09 49.12 -37.84
CA TYR XC 100 29.81 49.42 -37.24
C TYR XC 100 29.83 50.79 -36.56
N ILE XC 101 28.85 51.63 -36.89
CA ILE XC 101 28.60 52.91 -36.23
C ILE XC 101 27.32 52.82 -35.42
N TYR XC 102 27.40 53.04 -34.11
CA TYR XC 102 26.25 53.19 -33.22
C TYR XC 102 26.20 54.57 -32.57
N ASP XC 103 25.07 54.83 -31.93
CA ASP XC 103 24.89 55.99 -31.07
C ASP XC 103 25.48 55.70 -29.69
N ALA XC 104 26.12 56.72 -29.12
CA ALA XC 104 26.69 56.61 -27.77
C ALA XC 104 25.75 56.09 -26.70
N SER XC 105 24.47 56.45 -26.76
CA SER XC 105 23.53 55.93 -25.77
C SER XC 105 23.46 54.41 -25.74
N GLU XC 106 23.82 53.75 -26.84
CA GLU XC 106 23.77 52.30 -26.93
C GLU XC 106 24.91 51.54 -26.25
N MET XC 107 25.92 52.21 -25.70
CA MET XC 107 26.99 51.51 -24.97
C MET XC 107 26.42 50.49 -24.01
N ARG XC 108 26.96 49.26 -24.05
CA ARG XC 108 26.56 48.22 -23.10
C ARG XC 108 27.76 47.78 -22.29
N ASN XC 109 27.49 47.19 -21.13
CA ASN XC 109 28.55 46.75 -20.24
C ASN XC 109 28.12 45.51 -19.48
N ALA XC 110 29.10 44.70 -19.09
CA ALA XC 110 28.84 43.43 -18.41
C ALA XC 110 30.03 43.06 -17.54
N VAL XC 111 29.76 42.21 -16.55
CA VAL XC 111 30.79 41.61 -15.72
C VAL XC 111 30.84 40.12 -15.98
N VAL XC 112 32.04 39.59 -16.19
CA VAL XC 112 32.26 38.20 -16.53
C VAL XC 112 33.14 37.54 -15.48
N SER XC 113 32.85 36.28 -15.17
CA SER XC 113 33.64 35.52 -14.23
C SER XC 113 33.91 34.12 -14.77
N LEU XC 114 35.18 33.70 -14.67
CA LEU XC 114 35.70 32.46 -15.21
C LEU XC 114 36.26 31.59 -14.09
N ARG XC 115 36.00 30.29 -14.17
CA ARG XC 115 36.43 29.30 -13.19
C ARG XC 115 37.80 28.70 -13.49
N ASN XC 116 38.10 28.42 -14.76
CA ASN XC 116 39.32 27.73 -15.16
C ASN XC 116 40.30 28.56 -15.97
N VAL XC 117 40.08 29.86 -16.10
CA VAL XC 117 40.86 30.66 -17.03
C VAL XC 117 41.34 31.93 -16.33
N SER XC 118 42.47 32.44 -16.80
CA SER XC 118 43.07 33.69 -16.35
C SER XC 118 42.95 34.78 -17.40
N LEU XC 119 42.68 35.99 -16.93
CA LEU XC 119 42.54 37.12 -17.83
C LEU XC 119 43.76 37.28 -18.72
N ASN XC 120 44.94 36.93 -18.23
CA ASN XC 120 46.12 37.03 -19.09
C ASN XC 120 46.02 36.05 -20.24
N GLU XC 121 45.46 34.87 -19.99
CA GLU XC 121 45.27 33.89 -21.05
C GLU XC 121 44.28 34.40 -22.07
N PHE XC 122 43.12 34.84 -21.61
CA PHE XC 122 42.09 35.33 -22.53
C PHE XC 122 42.61 36.48 -23.39
N ASN XC 123 43.35 37.41 -22.81
CA ASN XC 123 43.86 38.50 -23.64
C ASN XC 123 44.69 37.97 -24.79
N ASN XC 124 45.50 36.94 -24.55
CA ASN XC 124 46.30 36.40 -25.64
C ASN XC 124 45.42 35.80 -26.71
N PHE XC 125 44.30 35.18 -26.32
CA PHE XC 125 43.36 34.69 -27.31
C PHE XC 125 42.89 35.81 -28.21
N LEU XC 126 42.45 36.91 -27.60
CA LEU XC 126 42.01 38.06 -28.38
C LEU XC 126 43.12 38.55 -29.32
N LYS XC 127 44.33 38.65 -28.82
CA LYS XC 127 45.39 39.17 -29.67
C LYS XC 127 45.67 38.24 -30.85
N ARG XC 128 45.82 36.95 -30.61
CA ARG XC 128 46.02 36.02 -31.72
C ARG XC 128 44.90 36.12 -32.74
N SER XC 129 43.65 36.20 -32.27
CA SER XC 129 42.52 36.39 -33.17
C SER XC 129 42.58 37.70 -33.94
N GLY XC 130 43.23 38.72 -33.38
CA GLY XC 130 43.14 40.05 -33.95
C GLY XC 130 41.84 40.78 -33.67
N LEU XC 131 41.18 40.41 -32.58
CA LEU XC 131 39.92 40.99 -32.14
C LEU XC 131 40.17 42.12 -31.16
N TYR XC 132 41.25 41.99 -30.39
CA TYR XC 132 41.67 42.98 -29.41
C TYR XC 132 41.52 44.40 -29.93
N ASN XC 133 41.09 45.28 -29.04
CA ASN XC 133 40.84 46.69 -29.34
C ASN XC 133 41.28 47.52 -28.15
N LYS XC 134 42.39 48.23 -28.31
CA LYS XC 134 42.96 49.07 -27.26
C LYS XC 134 42.04 50.18 -26.76
N ASN XC 135 40.98 50.53 -27.49
CA ASN XC 135 40.08 51.57 -26.96
C ASN XC 135 39.10 51.05 -25.93
N TYR XC 136 38.82 49.76 -25.92
CA TYR XC 136 37.84 49.17 -24.99
C TYR XC 136 38.44 47.97 -24.25
N PRO XC 137 39.61 48.14 -23.66
CA PRO XC 137 40.31 47.02 -23.06
C PRO XC 137 39.59 46.45 -21.85
N LEU XC 138 39.85 45.18 -21.59
CA LEU XC 138 39.35 44.55 -20.38
C LEU XC 138 40.04 45.13 -19.16
N ARG XC 139 39.30 45.22 -18.06
CA ARG XC 139 39.82 45.77 -16.81
C ARG XC 139 39.62 44.77 -15.69
N GLY XC 140 40.72 44.38 -15.05
CA GLY XC 140 40.66 43.37 -14.02
C GLY XC 140 42.05 42.91 -13.66
N ASP XC 141 42.13 42.15 -12.57
CA ASP XC 141 43.40 41.65 -12.08
C ASP XC 141 43.86 40.48 -12.96
N ASN XC 142 45.03 40.65 -13.58
CA ASN XC 142 45.55 39.63 -14.49
C ASN XC 142 45.63 38.24 -13.89
N ARG XC 143 45.77 38.14 -12.59
CA ARG XC 143 45.88 36.83 -11.96
C ARG XC 143 44.53 36.20 -11.64
N LYS XC 144 43.47 36.99 -11.55
CA LYS XC 144 42.15 36.49 -11.21
C LYS XC 144 41.39 36.11 -12.47
N GLY XC 145 40.16 35.71 -12.28
CA GLY XC 145 39.27 35.35 -13.36
C GLY XC 145 37.98 36.12 -13.33
N THR XC 146 38.05 37.43 -13.17
CA THR XC 146 36.84 38.25 -13.14
C THR XC 146 37.17 39.62 -13.70
N PHE XC 147 36.29 40.13 -14.55
CA PHE XC 147 36.60 41.42 -15.15
C PHE XC 147 35.32 42.10 -15.62
N TYR XC 148 35.46 43.38 -15.91
CA TYR XC 148 34.40 44.24 -16.40
C TYR XC 148 34.69 44.65 -17.84
N VAL XC 149 33.64 44.73 -18.66
CA VAL XC 149 33.77 45.05 -20.07
C VAL XC 149 32.70 46.05 -20.44
N SER XC 150 33.05 47.02 -21.27
CA SER XC 150 32.05 47.96 -21.77
C SER XC 150 32.40 48.40 -23.18
N GLY XC 151 31.38 48.58 -24.02
CA GLY XC 151 31.59 48.96 -25.38
C GLY XC 151 30.39 48.78 -26.29
N PRO XC 152 30.63 48.90 -27.59
CA PRO XC 152 29.58 48.63 -28.56
C PRO XC 152 28.99 47.24 -28.41
N PRO XC 153 27.71 47.10 -28.73
CA PRO XC 153 27.00 45.82 -28.65
C PRO XC 153 27.69 44.57 -29.20
N VAL XC 154 28.07 44.57 -30.48
CA VAL XC 154 28.70 43.39 -31.07
C VAL XC 154 29.96 43.02 -30.33
N TYR XC 155 30.73 44.01 -29.91
CA TYR XC 155 31.94 43.74 -29.15
C TYR XC 155 31.62 43.05 -27.84
N VAL XC 156 30.78 43.66 -27.03
CA VAL XC 156 30.41 43.07 -25.74
C VAL XC 156 29.88 41.65 -25.91
N ASP XC 157 28.97 41.44 -26.85
CA ASP XC 157 28.41 40.11 -27.06
C ASP XC 157 29.44 39.08 -27.47
N MET XC 158 30.26 39.39 -28.47
CA MET XC 158 31.30 38.46 -28.86
C MET XC 158 32.19 38.11 -27.68
N VAL XC 159 32.64 39.12 -26.93
CA VAL XC 159 33.48 38.88 -25.76
C VAL XC 159 32.83 37.91 -24.77
N VAL XC 160 31.61 38.21 -24.34
CA VAL XC 160 30.95 37.36 -23.36
C VAL XC 160 30.78 35.92 -23.86
N ASN XC 161 30.29 35.75 -25.09
CA ASN XC 161 30.13 34.41 -25.64
C ASN XC 161 31.45 33.65 -25.68
N ALA XC 162 32.46 34.24 -26.32
CA ALA XC 162 33.75 33.58 -26.42
C ALA XC 162 34.29 33.16 -25.05
N ALA XC 163 34.28 34.07 -24.08
CA ALA XC 163 34.75 33.71 -22.76
C ALA XC 163 34.00 32.53 -22.16
N THR XC 164 32.68 32.58 -22.19
CA THR XC 164 31.90 31.46 -21.64
C THR XC 164 32.24 30.12 -22.29
N MET XC 165 32.21 30.07 -23.61
CA MET XC 165 32.51 28.80 -24.29
C MET XC 165 33.92 28.31 -24.02
N MET XC 166 34.92 29.17 -24.20
CA MET XC 166 36.29 28.74 -23.95
C MET XC 166 36.47 28.22 -22.54
N ASP XC 167 35.90 28.91 -21.55
CA ASP XC 167 35.96 28.43 -20.18
C ASP XC 167 35.35 27.05 -20.02
N LYS XC 168 34.18 26.80 -20.61
CA LYS XC 168 33.60 25.46 -20.50
C LYS XC 168 34.45 24.38 -21.17
N GLN XC 169 35.01 24.66 -22.35
CA GLN XC 169 35.86 23.64 -22.95
C GLN XC 169 37.03 23.31 -22.04
N ASN XC 170 37.72 24.33 -21.53
CA ASN XC 170 38.87 24.07 -20.66
C ASN XC 170 38.44 23.35 -19.39
N ASP XC 171 37.27 23.72 -18.86
CA ASP XC 171 36.70 23.03 -17.71
C ASP XC 171 36.51 21.54 -17.98
N GLY XC 172 36.27 21.18 -19.24
CA GLY XC 172 36.06 19.78 -19.56
C GLY XC 172 37.31 18.91 -19.47
N ILE XC 173 38.49 19.50 -19.39
CA ILE XC 173 39.73 18.75 -19.29
C ILE XC 173 39.90 18.22 -17.87
N GLU XC 174 40.42 17.00 -17.73
CA GLU XC 174 41.08 16.60 -16.49
C GLU XC 174 42.22 15.64 -16.81
N LEU XC 175 43.45 16.17 -16.79
CA LEU XC 175 44.67 15.37 -16.93
C LEU XC 175 45.07 14.76 -15.57
N GLY XC 176 44.14 14.01 -14.99
CA GLY XC 176 44.43 13.23 -13.80
C GLY XC 176 45.27 11.99 -14.07
N ARG XC 177 46.36 12.17 -14.79
CA ARG XC 177 47.19 11.05 -15.22
C ARG XC 177 47.89 10.41 -14.02
N GLN XC 178 47.62 9.14 -13.80
CA GLN XC 178 48.33 8.36 -12.80
C GLN XC 178 49.74 8.05 -13.27
N LYS XC 179 50.69 8.13 -12.35
CA LYS XC 179 52.01 7.55 -12.58
C LYS XC 179 52.47 6.75 -11.38
N ILE XC 180 53.43 5.87 -11.65
CA ILE XC 180 53.84 4.81 -10.74
C ILE XC 180 55.28 5.04 -10.31
N GLY XC 181 55.50 5.05 -8.99
CA GLY XC 181 56.82 5.04 -8.42
C GLY XC 181 57.26 3.64 -8.06
N VAL XC 182 58.56 3.41 -8.11
CA VAL XC 182 59.20 2.20 -7.61
C VAL XC 182 60.40 2.62 -6.78
N MET XC 183 60.51 2.11 -5.56
CA MET XC 183 61.51 2.62 -4.61
C MET XC 183 62.10 1.48 -3.82
N ARG XC 184 63.38 1.18 -4.06
CA ARG XC 184 64.07 0.19 -3.23
C ARG XC 184 64.30 0.74 -1.83
N LEU XC 185 64.17 -0.13 -0.84
CA LEU XC 185 64.58 0.18 0.53
C LEU XC 185 66.00 -0.28 0.75
N ASN XC 186 66.89 0.67 1.02
CA ASN XC 186 68.30 0.38 1.20
C ASN XC 186 68.67 0.02 2.64
N ASN XC 187 67.78 0.19 3.61
CA ASN XC 187 68.16 0.05 5.01
C ASN XC 187 67.27 -0.88 5.83
N THR XC 188 66.23 -1.47 5.26
CA THR XC 188 65.34 -2.28 6.08
C THR XC 188 64.55 -3.24 5.20
N PHE XC 189 64.00 -4.26 5.83
CA PHE XC 189 63.07 -5.17 5.19
C PHE XC 189 61.70 -4.51 5.01
N VAL XC 190 61.06 -4.83 3.89
CA VAL XC 190 59.73 -4.30 3.56
C VAL XC 190 58.65 -4.85 4.48
N GLY XC 191 58.72 -6.11 4.87
CA GLY XC 191 57.60 -6.73 5.53
C GLY XC 191 57.51 -6.46 7.02
N ASP XC 192 56.33 -6.73 7.55
CA ASP XC 192 56.10 -6.75 9.00
C ASP XC 192 56.92 -7.85 9.66
N ARG XC 193 57.22 -7.63 10.94
CA ARG XC 193 58.06 -8.55 11.69
C ARG XC 193 57.33 -9.04 12.93
N THR XC 194 57.63 -10.26 13.36
CA THR XC 194 56.93 -10.89 14.48
C THR XC 194 57.90 -11.49 15.48
N TYR XC 195 57.60 -11.32 16.77
CA TYR XC 195 58.44 -11.85 17.84
C TYR XC 195 57.59 -12.40 18.98
N ASN XC 196 58.01 -13.53 19.55
CA ASN XC 196 57.34 -14.15 20.68
C ASN XC 196 58.10 -13.86 21.97
N LEU XC 197 57.34 -13.54 23.02
CA LEU XC 197 57.85 -13.22 24.34
C LEU XC 197 57.11 -14.04 25.39
N ARG XC 198 57.67 -14.07 26.59
CA ARG XC 198 57.03 -14.80 27.69
C ARG XC 198 55.66 -14.25 28.02
N ASP XC 199 55.45 -12.94 27.83
CA ASP XC 199 54.21 -12.31 28.24
C ASP XC 199 53.38 -11.77 27.08
N GLN XC 200 53.93 -11.71 25.87
CA GLN XC 200 53.22 -11.14 24.74
C GLN XC 200 53.69 -11.82 23.47
N LYS XC 201 52.87 -11.72 22.42
CA LYS XC 201 53.37 -11.82 21.06
C LYS XC 201 53.30 -10.43 20.42
N MET XC 202 54.43 -10.01 19.84
CA MET XC 202 54.66 -8.66 19.36
C MET XC 202 54.72 -8.66 17.84
N VAL XC 203 54.12 -7.63 17.25
CA VAL XC 203 54.17 -7.42 15.80
C VAL XC 203 54.60 -5.99 15.52
N ILE XC 204 55.49 -5.83 14.55
CA ILE XC 204 56.03 -4.56 14.10
C ILE XC 204 55.52 -4.32 12.68
N PRO XC 205 54.70 -3.29 12.46
CA PRO XC 205 54.18 -3.02 11.12
C PRO XC 205 55.22 -2.42 10.18
N GLY XC 206 55.14 -2.82 8.92
CA GLY XC 206 55.96 -2.20 7.90
C GLY XC 206 55.48 -0.81 7.48
N ILE XC 207 56.39 -0.15 6.75
CA ILE XC 207 56.15 1.19 6.23
C ILE XC 207 54.83 1.28 5.46
N ALA XC 208 54.61 0.38 4.51
CA ALA XC 208 53.37 0.40 3.75
C ALA XC 208 52.16 0.34 4.66
N THR XC 209 52.16 -0.58 5.61
CA THR XC 209 51.07 -0.71 6.57
C THR XC 209 50.81 0.60 7.30
N ALA XC 210 51.84 1.14 7.95
CA ALA XC 210 51.69 2.39 8.70
C ALA XC 210 51.21 3.54 7.84
N ILE XC 211 51.78 3.72 6.66
CA ILE XC 211 51.36 4.83 5.80
C ILE XC 211 49.91 4.67 5.37
N GLU XC 212 49.56 3.49 4.85
CA GLU XC 212 48.19 3.28 4.44
C GLU XC 212 47.20 3.50 5.59
N ARG XC 213 47.61 3.17 6.81
CA ARG XC 213 46.76 3.51 7.96
C ARG XC 213 46.62 5.01 8.12
N LEU XC 214 47.74 5.72 8.16
CA LEU XC 214 47.70 7.17 8.34
C LEU XC 214 46.84 7.87 7.31
N LEU XC 215 46.91 7.44 6.05
CA LEU XC 215 46.13 8.07 4.98
C LEU XC 215 44.74 7.51 4.79
N GLN XC 216 44.39 6.43 5.49
CA GLN XC 216 43.11 5.75 5.30
C GLN XC 216 41.90 6.67 5.23
N GLY XC 217 41.27 6.71 4.05
CA GLY XC 217 40.10 7.50 3.75
C GLY XC 217 40.20 9.01 3.79
N GLU XC 218 41.40 9.58 3.80
CA GLU XC 218 41.53 11.02 3.77
C GLU XC 218 40.94 11.56 2.47
N GLU XC 219 40.15 12.64 2.57
CA GLU XC 219 39.53 13.25 1.39
C GLU XC 219 40.19 14.54 0.93
N GLN XC 220 40.99 15.16 1.74
CA GLN XC 220 41.65 16.40 1.39
C GLN XC 220 42.96 16.13 0.66
N PRO XC 221 43.53 17.14 0.01
CA PRO XC 221 44.86 16.98 -0.58
C PRO XC 221 45.95 16.97 0.48
N LEU XC 222 47.12 16.52 0.06
CA LEU XC 222 48.28 16.38 0.92
C LEU XC 222 49.15 17.62 0.87
N GLY XC 223 50.29 17.58 1.55
CA GLY XC 223 51.15 18.73 1.65
C GLY XC 223 52.48 18.37 2.26
N ASN XC 224 53.16 19.37 2.79
CA ASN XC 224 54.55 19.22 3.20
C ASN XC 224 54.73 18.15 4.27
N ILE XC 225 55.98 17.71 4.41
CA ILE XC 225 56.43 16.81 5.45
C ILE XC 225 57.53 17.51 6.23
N VAL XC 226 57.57 17.31 7.54
CA VAL XC 226 58.51 17.99 8.41
C VAL XC 226 59.08 16.97 9.39
N SER XC 227 60.15 17.38 10.08
CA SER XC 227 60.76 16.52 11.08
C SER XC 227 61.49 17.33 12.15
N GLU XC 256 45.42 24.94 -12.61
CA GLU XC 256 46.59 24.68 -11.77
C GLU XC 256 46.11 24.22 -10.39
N ALA XC 257 45.61 25.17 -9.60
CA ALA XC 257 45.18 24.86 -8.25
C ALA XC 257 43.97 23.93 -8.25
N LEU XC 258 43.34 23.75 -9.40
CA LEU XC 258 42.23 22.82 -9.55
C LEU XC 258 42.68 21.47 -10.07
N LYS XC 259 43.85 21.42 -10.71
CA LYS XC 259 44.44 20.14 -11.07
C LYS XC 259 45.06 19.49 -9.84
N GLN XC 260 45.88 20.23 -9.10
CA GLN XC 260 46.57 19.67 -7.93
C GLN XC 260 45.59 19.59 -6.77
N ASN XC 261 44.59 18.72 -6.96
CA ASN XC 261 43.55 18.45 -5.98
C ASN XC 261 43.33 16.97 -5.73
N ALA XC 262 44.10 16.10 -6.37
CA ALA XC 262 43.90 14.67 -6.23
C ALA XC 262 43.99 14.26 -4.76
N ALA XC 263 42.91 13.65 -4.28
CA ALA XC 263 42.71 13.46 -2.85
C ALA XC 263 43.72 12.48 -2.27
N ALA XC 264 44.08 12.72 -1.00
CA ALA XC 264 45.09 11.93 -0.32
C ALA XC 264 44.73 10.46 -0.22
N GLY XC 265 43.43 10.14 -0.20
CA GLY XC 265 43.03 8.75 -0.19
C GLY XC 265 43.22 8.00 -1.49
N ASN XC 266 43.57 8.69 -2.58
CA ASN XC 266 43.81 7.98 -3.84
C ASN XC 266 45.16 7.29 -3.87
N ILE XC 267 46.09 7.66 -3.00
CA ILE XC 267 47.42 7.06 -3.02
C ILE XC 267 47.29 5.56 -2.78
N LYS XC 268 48.06 4.78 -3.53
CA LYS XC 268 48.07 3.33 -3.33
C LYS XC 268 49.50 2.85 -3.16
N ILE XC 269 49.74 2.05 -2.11
CA ILE XC 269 51.05 1.49 -1.83
C ILE XC 269 50.96 -0.03 -1.78
N VAL XC 270 51.92 -0.69 -2.43
CA VAL XC 270 52.02 -2.15 -2.44
C VAL XC 270 53.46 -2.55 -2.12
N ALA XC 271 53.63 -3.42 -1.14
CA ALA XC 271 54.96 -3.92 -0.79
C ALA XC 271 55.38 -5.02 -1.73
N TYR XC 272 56.67 -5.04 -2.11
CA TYR XC 272 57.22 -6.01 -3.05
C TYR XC 272 58.54 -6.52 -2.48
N PRO XC 273 58.49 -7.55 -1.62
CA PRO XC 273 59.71 -8.06 -0.99
C PRO XC 273 60.64 -8.78 -1.93
N ASP XC 274 60.19 -9.16 -3.12
CA ASP XC 274 61.04 -9.93 -4.02
C ASP XC 274 62.29 -9.14 -4.38
N THR XC 275 62.18 -7.83 -4.47
CA THR XC 275 63.29 -6.93 -4.72
C THR XC 275 63.50 -5.97 -3.56
N ASN XC 276 62.70 -6.11 -2.51
CA ASN XC 276 62.72 -5.22 -1.35
C ASN XC 276 62.40 -3.76 -1.70
N SER XC 277 61.25 -3.56 -2.34
CA SER XC 277 60.90 -2.24 -2.84
C SER XC 277 59.41 -1.99 -2.68
N LEU XC 278 59.05 -0.72 -2.49
CA LEU XC 278 57.67 -0.29 -2.55
C LEU XC 278 57.26 0.06 -3.97
N LEU XC 279 55.99 -0.16 -4.26
CA LEU XC 279 55.31 0.31 -5.45
C LEU XC 279 54.28 1.34 -5.02
N VAL XC 280 54.23 2.47 -5.71
CA VAL XC 280 53.37 3.59 -5.33
C VAL XC 280 52.64 4.06 -6.57
N LYS XC 281 51.35 4.34 -6.42
CA LYS XC 281 50.51 4.85 -7.49
C LYS XC 281 49.85 6.15 -7.08
N GLY XC 282 50.07 7.19 -7.89
CA GLY XC 282 49.43 8.47 -7.63
C GLY XC 282 49.85 9.51 -8.65
N THR XC 283 49.60 10.78 -8.33
CA THR XC 283 50.12 11.89 -9.12
C THR XC 283 51.56 12.20 -8.74
N ALA XC 284 52.29 12.80 -9.69
CA ALA XC 284 53.69 13.15 -9.49
C ALA XC 284 53.95 13.87 -8.17
N GLU XC 285 53.14 14.86 -7.83
CA GLU XC 285 53.31 15.53 -6.54
C GLU XC 285 53.24 14.54 -5.38
N GLN XC 286 52.16 13.77 -5.33
CA GLN XC 286 52.00 12.77 -4.28
C GLN XC 286 53.19 11.82 -4.22
N VAL XC 287 53.59 11.27 -5.36
CA VAL XC 287 54.76 10.40 -5.42
C VAL XC 287 55.98 11.06 -4.80
N HIS XC 288 56.25 12.30 -5.18
CA HIS XC 288 57.38 13.02 -4.61
C HIS XC 288 57.29 13.12 -3.08
N PHE XC 289 56.14 13.54 -2.57
CA PHE XC 289 55.95 13.58 -1.13
C PHE XC 289 56.19 12.23 -0.47
N ILE XC 290 55.58 11.17 -1.00
CA ILE XC 290 55.79 9.83 -0.46
C ILE XC 290 57.26 9.47 -0.44
N GLU XC 291 57.98 9.78 -1.51
CA GLU XC 291 59.43 9.53 -1.55
C GLU XC 291 60.15 10.24 -0.41
N MET XC 292 59.81 11.50 -0.17
CA MET XC 292 60.41 12.21 0.95
C MET XC 292 60.12 11.52 2.26
N LEU XC 293 58.86 11.18 2.48
CA LEU XC 293 58.47 10.48 3.70
C LEU XC 293 59.27 9.19 3.90
N VAL XC 294 59.36 8.37 2.85
CA VAL XC 294 60.17 7.15 2.90
C VAL XC 294 61.60 7.43 3.38
N LYS XC 295 62.28 8.35 2.70
CA LYS XC 295 63.65 8.64 3.10
C LYS XC 295 63.75 9.32 4.45
N ALA XC 296 62.65 9.81 5.00
CA ALA XC 296 62.67 10.26 6.38
C ALA XC 296 62.44 9.13 7.35
N LEU XC 297 61.67 8.13 6.94
CA LEU XC 297 61.34 7.02 7.84
C LEU XC 297 62.50 6.05 8.03
N ASP XC 298 63.18 5.64 6.96
CA ASP XC 298 64.21 4.62 7.16
C ASP XC 298 65.59 5.18 7.52
N VAL XC 299 66.27 4.50 8.44
CA VAL XC 299 67.65 4.78 8.83
C VAL XC 299 68.36 3.47 9.17
N ALA XC 300 69.68 3.47 9.06
CA ALA XC 300 70.50 2.36 9.54
C ALA XC 300 70.42 2.24 11.07
N LYS XC 301 70.14 1.03 11.55
CA LYS XC 301 70.17 0.77 12.98
C LYS XC 301 71.58 0.64 13.55
N ARG XC 302 71.79 1.23 14.74
CA ARG XC 302 72.98 0.97 15.57
C ARG XC 302 73.01 -0.43 16.18
N HIS XC 303 74.21 -1.02 16.28
CA HIS XC 303 74.41 -2.27 17.01
C HIS XC 303 74.78 -2.04 18.48
N VAL XC 304 74.28 -2.90 19.34
CA VAL XC 304 74.55 -2.82 20.78
C VAL XC 304 74.90 -4.20 21.29
N GLU XC 305 76.01 -4.30 22.02
CA GLU XC 305 76.42 -5.49 22.74
C GLU XC 305 76.06 -5.34 24.21
N LEU XC 306 75.59 -6.42 24.81
CA LEU XC 306 75.25 -6.46 26.21
C LEU XC 306 76.01 -7.58 26.89
N SER XC 307 76.43 -7.35 28.12
CA SER XC 307 77.25 -8.30 28.84
C SER XC 307 76.88 -8.25 30.31
N LEU XC 308 77.02 -9.38 30.98
CA LEU XC 308 76.35 -9.60 32.25
C LEU XC 308 77.20 -10.48 33.14
N TRP XC 309 77.54 -9.95 34.30
CA TRP XC 309 78.43 -10.59 35.26
C TRP XC 309 77.58 -11.17 36.39
N ILE XC 310 77.82 -12.43 36.71
CA ILE XC 310 77.08 -13.12 37.76
C ILE XC 310 78.11 -13.72 38.70
N VAL XC 311 77.93 -13.52 40.00
CA VAL XC 311 78.97 -13.87 40.96
C VAL XC 311 78.32 -14.50 42.18
N ASP XC 312 78.89 -15.62 42.63
CA ASP XC 312 78.43 -16.32 43.82
C ASP XC 312 79.60 -16.74 44.70
N LEU XC 313 79.41 -16.57 46.00
CA LEU XC 313 80.46 -16.84 46.97
C LEU XC 313 79.83 -17.53 48.17
N ASN XC 314 80.58 -18.48 48.76
CA ASN XC 314 80.06 -19.22 49.90
C ASN XC 314 81.19 -19.55 50.86
N LYS XC 315 80.87 -19.51 52.16
CA LYS XC 315 81.74 -19.99 53.22
C LYS XC 315 80.93 -20.80 54.21
N SER XC 316 81.54 -21.84 54.77
CA SER XC 316 80.87 -22.62 55.80
C SER XC 316 81.85 -23.28 56.75
N ASP XC 317 81.47 -23.34 58.02
CA ASP XC 317 82.30 -23.90 59.08
C ASP XC 317 81.43 -24.75 60.01
N LEU XC 318 81.92 -25.94 60.36
CA LEU XC 318 81.08 -26.92 61.04
C LEU XC 318 81.89 -27.70 62.05
N GLU XC 319 81.23 -28.14 63.13
CA GLU XC 319 81.96 -28.84 64.19
C GLU XC 319 81.00 -29.64 65.06
N ARG XC 320 81.24 -30.94 65.16
CA ARG XC 320 80.51 -31.86 66.03
C ARG XC 320 81.50 -32.56 66.95
N LEU XC 321 81.20 -32.61 68.25
CA LEU XC 321 82.15 -33.28 69.13
C LEU XC 321 81.52 -33.62 70.46
N GLY XC 322 81.61 -34.90 70.83
CA GLY XC 322 81.17 -35.36 72.12
C GLY XC 322 80.61 -36.77 72.06
N THR XC 323 79.85 -37.10 73.09
CA THR XC 323 79.55 -38.47 73.44
C THR XC 323 78.12 -38.60 73.93
N SER XC 324 77.59 -39.81 73.79
CA SER XC 324 76.29 -40.21 74.31
C SER XC 324 76.42 -41.59 74.93
N TRP XC 325 75.40 -41.99 75.70
CA TRP XC 325 75.52 -43.17 76.54
C TRP XC 325 74.15 -43.84 76.66
N SER XC 326 74.17 -45.15 76.91
CA SER XC 326 72.97 -45.84 77.36
C SER XC 326 73.40 -47.15 77.99
N GLY XC 327 72.48 -47.81 78.69
CA GLY XC 327 72.77 -49.17 79.11
C GLY XC 327 71.73 -49.77 80.03
N SER XC 328 72.17 -50.79 80.77
CA SER XC 328 71.30 -51.77 81.40
C SER XC 328 72.12 -52.52 82.44
N ILE XC 329 71.51 -52.81 83.59
CA ILE XC 329 72.01 -53.84 84.49
C ILE XC 329 70.87 -54.76 84.93
N THR XC 330 71.25 -55.90 85.52
CA THR XC 330 70.35 -56.77 86.25
C THR XC 330 70.94 -57.12 87.61
N ILE XC 331 70.08 -57.11 88.63
CA ILE XC 331 70.43 -57.42 90.01
C ILE XC 331 69.52 -58.52 90.53
N GLY XC 332 70.13 -59.62 90.98
CA GLY XC 332 69.50 -60.60 91.83
C GLY XC 332 68.29 -61.30 91.25
N ASP XC 333 68.10 -61.22 89.94
CA ASP XC 333 66.85 -61.65 89.31
C ASP XC 333 65.63 -60.99 89.94
N LYS XC 334 65.84 -59.86 90.61
CA LYS XC 334 64.77 -59.00 91.05
C LYS XC 334 64.61 -57.83 90.09
N LEU XC 335 65.68 -57.05 89.91
CA LEU XC 335 65.59 -55.74 89.31
C LEU XC 335 66.36 -55.72 87.99
N GLY XC 336 65.68 -55.38 86.91
CA GLY XC 336 66.33 -54.76 85.79
C GLY XC 336 66.38 -53.25 85.95
N VAL XC 337 67.45 -52.66 85.43
CA VAL XC 337 67.54 -51.21 85.31
C VAL XC 337 67.99 -50.91 83.89
N SER XC 338 67.39 -49.89 83.29
CA SER XC 338 67.81 -49.40 81.99
C SER XC 338 67.91 -47.90 82.01
N LEU XC 339 68.96 -47.38 81.40
CA LEU XC 339 69.20 -45.96 81.30
C LEU XC 339 69.19 -45.58 79.83
N ASN XC 340 68.34 -44.60 79.51
CA ASN XC 340 68.23 -43.99 78.19
C ASN XC 340 68.11 -45.03 77.09
N GLN XC 341 67.41 -46.12 77.39
CA GLN XC 341 66.99 -47.08 76.38
C GLN XC 341 65.48 -47.19 76.39
N SER XC 342 64.88 -47.31 75.22
CA SER XC 342 63.50 -47.76 75.09
C SER XC 342 63.42 -49.28 75.01
N SER XC 343 64.50 -49.97 75.28
CA SER XC 343 64.54 -51.42 75.15
C SER XC 343 63.99 -52.10 76.41
N ILE XC 344 63.87 -53.42 76.30
CA ILE XC 344 63.45 -54.27 77.41
C ILE XC 344 64.58 -54.63 78.35
N SER XC 345 65.82 -54.28 78.02
CA SER XC 345 67.00 -54.73 78.75
C SER XC 345 67.12 -56.26 78.70
N THR XC 346 66.96 -56.80 77.49
CA THR XC 346 66.62 -58.20 77.29
C THR XC 346 67.71 -59.15 77.76
N LEU XC 347 68.94 -58.69 77.92
CA LEU XC 347 70.07 -59.59 78.09
C LEU XC 347 70.10 -60.27 79.44
N ASP XC 348 69.41 -59.75 80.44
CA ASP XC 348 69.53 -60.24 81.81
C ASP XC 348 70.98 -60.17 82.31
N GLY XC 349 71.78 -59.30 81.70
CA GLY XC 349 73.15 -59.09 82.14
C GLY XC 349 73.63 -57.71 81.77
N SER XC 350 74.61 -57.22 82.53
CA SER XC 350 74.98 -55.82 82.47
C SER XC 350 75.61 -55.46 81.13
N ARG XC 351 75.04 -54.46 80.47
CA ARG XC 351 75.62 -53.89 79.25
C ARG XC 351 75.61 -52.38 79.32
N PHE XC 352 76.68 -51.77 78.82
CA PHE XC 352 76.74 -50.33 78.62
C PHE XC 352 77.22 -50.07 77.20
N ILE XC 353 76.76 -48.97 76.61
CA ILE XC 353 77.13 -48.63 75.25
C ILE XC 353 77.35 -47.13 75.16
N ALA XC 354 78.60 -46.74 74.98
CA ALA XC 354 79.03 -45.40 74.66
C ALA XC 354 78.90 -45.15 73.17
N ALA XC 355 78.87 -43.87 72.80
CA ALA XC 355 78.87 -43.45 71.41
C ALA XC 355 79.71 -42.18 71.37
N VAL XC 356 80.67 -42.15 70.45
CA VAL XC 356 81.62 -41.06 70.36
C VAL XC 356 81.68 -40.54 68.93
N ASN XC 357 81.73 -39.21 68.79
CA ASN XC 357 81.94 -38.63 67.48
C ASN XC 357 82.76 -37.36 67.64
N ALA XC 358 83.60 -37.11 66.64
CA ALA XC 358 84.50 -35.97 66.65
C ALA XC 358 84.84 -35.60 65.21
N LEU XC 359 84.40 -34.42 64.78
CA LEU XC 359 84.59 -34.03 63.39
C LEU XC 359 84.51 -32.52 63.27
N GLU XC 360 85.32 -31.96 62.38
CA GLU XC 360 85.33 -30.54 62.07
C GLU XC 360 85.51 -30.37 60.57
N GLU XC 361 84.90 -29.34 60.01
CA GLU XC 361 84.95 -29.16 58.56
C GLU XC 361 84.93 -27.68 58.20
N LYS XC 362 85.62 -27.36 57.09
CA LYS XC 362 85.62 -26.02 56.54
C LYS XC 362 85.47 -26.11 55.03
N LYS XC 363 84.68 -25.20 54.46
CA LYS XC 363 84.43 -25.24 53.02
C LYS XC 363 84.28 -23.83 52.49
N GLN XC 364 84.79 -23.59 51.29
CA GLN XC 364 84.69 -22.29 50.64
C GLN XC 364 84.56 -22.48 49.15
N ALA XC 365 83.66 -21.72 48.52
CA ALA XC 365 83.46 -21.84 47.07
C ALA XC 365 83.23 -20.48 46.43
N THR XC 366 83.49 -20.43 45.12
CA THR XC 366 83.38 -19.21 44.32
C THR XC 366 83.11 -19.53 42.85
N VAL XC 367 82.05 -18.93 42.30
CA VAL XC 367 81.64 -19.17 40.91
C VAL XC 367 81.35 -17.85 40.22
N VAL XC 368 81.82 -17.71 38.98
CA VAL XC 368 81.65 -16.51 38.17
C VAL XC 368 81.25 -16.89 36.76
N SER XC 369 80.27 -16.18 36.19
CA SER XC 369 79.83 -16.43 34.82
C SER XC 369 79.47 -15.13 34.12
N ARG XC 370 79.74 -15.05 32.81
CA ARG XC 370 79.49 -13.82 32.04
C ARG XC 370 79.10 -14.08 30.59
N PRO XC 371 77.80 -14.07 30.29
CA PRO XC 371 77.36 -14.15 28.88
C PRO XC 371 77.52 -12.85 28.12
N VAL XC 372 77.63 -12.98 26.79
CA VAL XC 372 77.76 -11.86 25.86
C VAL XC 372 76.76 -12.02 24.71
N LEU XC 373 75.97 -10.98 24.45
CA LEU XC 373 75.00 -11.00 23.36
C LEU XC 373 75.04 -9.74 22.53
N LEU XC 374 74.82 -9.87 21.22
CA LEU XC 374 74.79 -8.76 20.29
C LEU XC 374 73.41 -8.59 19.68
N THR XC 375 72.92 -7.35 19.63
CA THR XC 375 71.61 -7.04 19.08
C THR XC 375 71.70 -5.73 18.30
N GLN XC 376 70.55 -5.29 17.80
CA GLN XC 376 70.37 -3.97 17.23
C GLN XC 376 69.44 -3.13 18.09
N GLU XC 377 69.41 -1.85 17.78
CA GLU XC 377 68.47 -0.92 18.39
C GLU XC 377 67.02 -1.29 18.10
N ASN XC 378 66.20 -1.26 19.15
CA ASN XC 378 64.76 -1.53 19.13
C ASN XC 378 64.39 -2.96 18.74
N VAL XC 379 65.35 -3.89 18.71
CA VAL XC 379 65.11 -5.27 18.29
C VAL XC 379 65.19 -6.15 19.54
N PRO XC 380 64.18 -6.97 19.82
CA PRO XC 380 64.28 -7.88 20.96
C PRO XC 380 65.17 -9.09 20.66
N ALA XC 381 65.92 -9.51 21.68
CA ALA XC 381 66.87 -10.61 21.50
C ALA XC 381 66.81 -11.61 22.64
N ILE XC 382 67.14 -12.86 22.31
CA ILE XC 382 67.05 -14.02 23.19
C ILE XC 382 68.38 -14.77 23.20
N PHE XC 383 68.88 -15.06 24.40
CA PHE XC 383 70.06 -15.89 24.61
C PHE XC 383 69.72 -16.99 25.59
N ASP XC 384 70.06 -18.23 25.25
CA ASP XC 384 69.68 -19.38 26.08
C ASP XC 384 70.74 -20.47 26.03
N ASN XC 385 71.21 -20.91 27.20
CA ASN XC 385 72.27 -21.89 27.25
C ASN XC 385 72.13 -22.85 28.43
N ASN XC 386 72.55 -24.09 28.19
CA ASN XC 386 72.58 -25.17 29.17
C ASN XC 386 73.94 -25.86 29.12
N ARG XC 387 74.39 -26.35 30.27
CA ARG XC 387 75.62 -27.11 30.31
C ARG XC 387 75.58 -28.10 31.47
N THR XC 388 76.35 -29.17 31.33
CA THR XC 388 76.39 -30.26 32.29
C THR XC 388 77.80 -30.54 32.75
N PHE XC 389 77.95 -30.72 34.05
CA PHE XC 389 79.23 -31.01 34.69
C PHE XC 389 79.13 -32.32 35.46
N TYR XC 390 80.24 -33.06 35.45
CA TYR XC 390 80.30 -34.40 36.02
C TYR XC 390 81.48 -34.47 36.97
N THR XC 391 81.41 -35.42 37.89
CA THR XC 391 82.60 -35.83 38.61
C THR XC 391 82.54 -37.34 38.80
N LYS XC 392 83.73 -37.93 38.90
CA LYS XC 392 83.92 -39.36 39.04
C LYS XC 392 84.20 -39.74 40.48
N LEU XC 393 83.55 -40.80 40.94
CA LEU XC 393 83.96 -41.41 42.18
C LEU XC 393 85.40 -41.88 42.05
N ILE XC 394 85.98 -42.23 43.20
CA ILE XC 394 87.38 -42.68 43.24
C ILE XC 394 87.59 -43.87 42.31
N GLY XC 395 88.67 -43.79 41.53
CA GLY XC 395 89.11 -44.68 40.47
C GLY XC 395 88.11 -44.82 39.34
N GLU XC 396 88.21 -45.96 38.63
CA GLU XC 396 87.25 -46.29 37.58
C GLU XC 396 86.57 -47.63 37.73
N ARG XC 397 87.05 -48.51 38.61
CA ARG XC 397 86.33 -49.77 38.84
C ARG XC 397 84.96 -49.47 39.43
N ASN XC 398 84.93 -48.60 40.42
CA ASN XC 398 83.69 -48.06 40.98
C ASN XC 398 83.21 -46.98 40.02
N VAL XC 399 82.02 -47.16 39.44
CA VAL XC 399 81.53 -46.28 38.37
C VAL XC 399 80.21 -45.64 38.76
N ALA XC 400 80.26 -44.33 39.01
CA ALA XC 400 79.11 -43.47 39.22
C ALA XC 400 79.55 -42.08 38.82
N LEU XC 401 78.59 -41.27 38.38
CA LEU XC 401 78.88 -39.89 37.99
C LEU XC 401 77.92 -38.93 38.66
N GLU XC 402 78.47 -37.83 39.18
CA GLU XC 402 77.69 -36.88 39.98
C GLU XC 402 77.24 -35.73 39.06
N HIS XC 403 76.21 -36.02 38.26
CA HIS XC 403 75.64 -35.03 37.37
C HIS XC 403 75.19 -33.77 38.08
N VAL XC 404 75.46 -32.64 37.45
CA VAL XC 404 74.91 -31.33 37.81
C VAL XC 404 74.72 -30.58 36.52
N THR XC 405 73.64 -29.81 36.41
CA THR XC 405 73.44 -29.00 35.23
C THR XC 405 73.10 -27.56 35.59
N TYR XC 406 73.71 -26.64 34.85
CA TYR XC 406 73.59 -25.21 35.06
C TYR XC 406 73.12 -24.57 33.78
N GLY XC 407 72.30 -23.54 33.89
CA GLY XC 407 71.72 -22.97 32.70
C GLY XC 407 71.08 -21.62 32.95
N THR XC 408 70.95 -20.87 31.86
CA THR XC 408 70.75 -19.43 31.93
C THR XC 408 70.04 -18.94 30.68
N MET XC 409 69.23 -17.90 30.86
CA MET XC 409 68.52 -17.27 29.76
C MET XC 409 68.50 -15.77 29.99
N ILE XC 410 68.48 -15.03 28.88
CA ILE XC 410 68.16 -13.61 28.88
C ILE XC 410 67.21 -13.31 27.72
N ARG XC 411 66.20 -12.51 27.98
CA ARG XC 411 65.53 -11.72 26.95
C ARG XC 411 65.82 -10.24 27.21
N VAL XC 412 65.89 -9.46 26.13
CA VAL XC 412 66.22 -8.05 26.27
C VAL XC 412 65.66 -7.25 25.11
N LEU XC 413 65.47 -5.95 25.34
CA LEU XC 413 65.12 -4.99 24.30
C LEU XC 413 65.80 -3.64 24.55
N PRO XC 414 66.74 -3.19 23.66
CA PRO XC 414 67.45 -1.92 23.85
C PRO XC 414 66.84 -0.65 23.25
N ARG XC 415 66.78 0.41 24.07
CA ARG XC 415 66.34 1.75 23.70
C ARG XC 415 67.48 2.75 23.84
N PHE XC 416 67.75 3.51 22.76
CA PHE XC 416 68.76 4.55 22.76
C PHE XC 416 68.20 5.89 23.24
N SER XC 417 68.75 6.40 24.33
CA SER XC 417 68.43 7.71 24.86
C SER XC 417 69.15 8.81 24.07
N ALA XC 418 68.50 9.98 23.99
CA ALA XC 418 69.14 11.16 23.43
C ALA XC 418 70.39 11.57 24.21
N ASP XC 419 70.46 11.23 25.50
CA ASP XC 419 71.62 11.50 26.34
C ASP XC 419 72.81 10.60 26.02
N GLY XC 420 72.63 9.62 25.14
CA GLY XC 420 73.55 8.54 24.92
C GLY XC 420 73.49 7.47 25.97
N GLN XC 421 72.53 7.54 26.87
CA GLN XC 421 72.24 6.45 27.80
C GLN XC 421 71.56 5.33 27.05
N ILE XC 422 71.75 4.11 27.54
CA ILE XC 422 71.10 2.91 27.01
C ILE XC 422 70.12 2.40 28.05
N GLU XC 423 68.89 2.15 27.62
CA GLU XC 423 67.80 1.67 28.46
C GLU XC 423 67.40 0.29 28.00
N MET XC 424 67.21 -0.63 28.94
CA MET XC 424 67.04 -2.03 28.60
C MET XC 424 65.85 -2.63 29.32
N SER XC 425 64.96 -3.24 28.54
CA SER XC 425 63.94 -4.12 29.08
C SER XC 425 64.60 -5.48 29.29
N LEU XC 426 64.66 -5.96 30.54
CA LEU XC 426 65.43 -7.16 30.87
C LEU XC 426 64.58 -8.22 31.54
N ASP XC 427 64.90 -9.47 31.17
CA ASP XC 427 64.32 -10.67 31.78
C ASP XC 427 65.44 -11.70 31.88
N ILE XC 428 65.80 -12.06 33.10
CA ILE XC 428 67.01 -12.83 33.38
C ILE XC 428 66.63 -14.03 34.24
N GLU XC 429 67.09 -15.21 33.84
CA GLU XC 429 66.80 -16.44 34.56
C GLU XC 429 68.06 -17.27 34.65
N ASP XC 430 68.41 -17.74 35.85
CA ASP XC 430 69.69 -18.43 35.96
C ASP XC 430 69.74 -19.34 37.16
N GLY XC 431 70.46 -20.45 37.00
CA GLY XC 431 70.76 -21.26 38.18
C GLY XC 431 71.15 -22.68 37.78
N ASN XC 432 70.96 -23.59 38.74
CA ASN XC 432 71.07 -25.02 38.51
C ASN XC 432 69.73 -25.70 38.68
N ASP XC 433 69.58 -26.84 38.00
CA ASP XC 433 68.31 -27.57 38.00
C ASP XC 433 67.92 -28.04 39.39
N LYS XC 434 66.71 -27.68 39.80
CA LYS XC 434 66.19 -28.00 41.13
C LYS XC 434 65.95 -29.49 41.36
N THR XC 435 65.87 -30.29 40.30
CA THR XC 435 65.41 -31.66 40.45
C THR XC 435 66.21 -32.39 41.53
N PRO XC 436 65.53 -33.04 42.53
CA PRO XC 436 66.16 -33.47 43.78
C PRO XC 436 66.95 -34.78 43.68
N GLN XC 437 67.84 -34.85 42.71
CA GLN XC 437 68.60 -36.06 42.45
C GLN XC 437 69.82 -36.19 43.34
N SER XC 438 70.00 -35.30 44.31
CA SER XC 438 71.24 -35.24 45.09
C SER XC 438 71.37 -36.49 45.94
N ASP XC 439 72.41 -37.26 45.71
CA ASP XC 439 72.55 -38.61 46.24
C ASP XC 439 73.67 -38.79 47.25
N THR XC 440 74.85 -38.18 47.05
CA THR XC 440 76.05 -38.69 47.71
C THR XC 440 77.00 -37.55 48.06
N THR XC 441 77.88 -37.85 49.02
CA THR XC 441 78.80 -36.87 49.56
C THR XC 441 79.63 -36.17 48.48
N THR XC 442 80.23 -36.94 47.57
CA THR XC 442 80.97 -36.34 46.48
C THR XC 442 80.11 -35.43 45.62
N SER XC 443 78.81 -35.71 45.52
CA SER XC 443 77.93 -34.90 44.69
C SER XC 443 77.67 -33.52 45.27
N VAL XC 444 77.92 -33.32 46.57
CA VAL XC 444 77.85 -31.99 47.15
C VAL XC 444 79.24 -31.40 47.35
N ASP XC 445 80.23 -32.26 47.61
CA ASP XC 445 81.59 -31.80 47.76
C ASP XC 445 82.16 -31.22 46.47
N ALA XC 446 81.92 -31.87 45.34
CA ALA XC 446 82.61 -31.50 44.13
C ALA XC 446 82.00 -30.33 43.38
N LEU XC 447 80.70 -30.09 43.49
CA LEU XC 447 80.08 -29.13 42.59
C LEU XC 447 79.30 -28.07 43.37
N PRO XC 448 79.57 -26.79 43.13
CA PRO XC 448 78.81 -25.73 43.79
C PRO XC 448 77.32 -25.82 43.55
N GLU XC 449 76.55 -25.57 44.61
CA GLU XC 449 75.12 -25.38 44.51
C GLU XC 449 74.81 -23.89 44.34
N VAL XC 450 74.00 -23.57 43.33
CA VAL XC 450 73.52 -22.21 43.11
C VAL XC 450 72.00 -22.27 42.96
N GLY XC 451 71.29 -21.54 43.79
CA GLY XC 451 69.84 -21.48 43.69
C GLY XC 451 69.36 -20.95 42.36
N ARG XC 452 68.11 -21.28 42.07
CA ARG XC 452 67.37 -20.75 40.94
C ARG XC 452 66.92 -19.32 41.21
N THR XC 453 67.22 -18.41 40.28
CA THR XC 453 66.88 -17.01 40.48
C THR XC 453 66.26 -16.47 39.19
N LEU XC 454 65.25 -15.62 39.38
CA LEU XC 454 64.47 -15.03 38.31
C LEU XC 454 64.20 -13.57 38.57
N ILE XC 455 64.62 -12.70 37.65
CA ILE XC 455 64.52 -11.26 37.83
C ILE XC 455 64.02 -10.64 36.53
N SER XC 456 63.10 -9.68 36.65
CA SER XC 456 62.58 -8.97 35.50
C SER XC 456 62.43 -7.50 35.84
N THR XC 457 63.09 -6.63 35.06
CA THR XC 457 63.07 -5.21 35.41
C THR XC 457 63.51 -4.36 34.21
N ILE XC 458 63.29 -3.04 34.35
CA ILE XC 458 63.84 -2.04 33.45
C ILE XC 458 64.96 -1.30 34.15
N ALA XC 459 66.04 -1.03 33.41
CA ALA XC 459 67.14 -0.19 33.88
C ALA XC 459 67.66 0.66 32.75
N ARG XC 460 68.30 1.78 33.13
CA ARG XC 460 68.97 2.69 32.20
C ARG XC 460 70.34 3.05 32.74
N VAL XC 461 71.34 3.07 31.86
CA VAL XC 461 72.72 3.34 32.27
C VAL XC 461 73.44 4.11 31.18
N PRO XC 462 74.34 5.03 31.58
CA PRO XC 462 75.29 5.59 30.60
C PRO XC 462 76.21 4.52 30.03
N HIS XC 463 76.44 4.58 28.72
CA HIS XC 463 77.18 3.51 28.08
C HIS XC 463 78.59 3.43 28.65
N GLY XC 464 79.10 2.19 28.74
CA GLY XC 464 80.36 1.91 29.37
C GLY XC 464 80.33 1.87 30.87
N LYS XC 465 79.26 2.34 31.51
CA LYS XC 465 79.10 2.17 32.93
C LYS XC 465 78.36 0.86 33.21
N SER XC 466 78.24 0.51 34.48
CA SER XC 466 77.62 -0.74 34.88
C SER XC 466 76.71 -0.51 36.09
N LEU XC 467 75.76 -1.42 36.27
CA LEU XC 467 74.82 -1.34 37.38
C LEU XC 467 74.70 -2.68 38.07
N LEU XC 468 74.53 -2.66 39.40
CA LEU XC 468 73.97 -3.79 40.13
C LEU XC 468 72.47 -3.81 39.99
N VAL XC 469 71.92 -4.85 39.36
CA VAL XC 469 70.48 -4.96 39.23
C VAL XC 469 69.83 -5.77 40.37
N GLY XC 470 70.52 -6.75 40.93
CA GLY XC 470 69.93 -7.53 42.00
C GLY XC 470 70.98 -8.32 42.75
N GLY XC 471 70.70 -8.56 44.03
CA GLY XC 471 71.67 -9.25 44.86
C GLY XC 471 71.01 -9.76 46.12
N TYR XC 472 71.71 -10.68 46.77
CA TYR XC 472 71.15 -11.42 47.89
C TYR XC 472 72.29 -11.87 48.79
N THR XC 473 72.03 -11.88 50.10
CA THR XC 473 72.99 -12.41 51.06
C THR XC 473 72.27 -13.12 52.19
N ARG XC 474 72.88 -14.22 52.65
CA ARG XC 474 72.36 -14.96 53.79
C ARG XC 474 73.47 -15.28 54.78
N ASP XC 475 73.20 -15.07 56.06
CA ASP XC 475 74.18 -15.29 57.12
C ASP XC 475 73.51 -16.00 58.28
N ALA XC 476 74.09 -17.08 58.75
CA ALA XC 476 73.42 -17.86 59.79
C ALA XC 476 74.42 -18.55 60.70
N ASN XC 477 74.00 -18.81 61.93
CA ASN XC 477 74.81 -19.53 62.91
C ASN XC 477 73.92 -20.32 63.86
N THR XC 478 74.41 -21.49 64.26
CA THR XC 478 73.67 -22.42 65.10
C THR XC 478 74.58 -23.09 66.11
N ASP XC 479 74.05 -23.31 67.32
CA ASP XC 479 74.83 -23.90 68.41
C ASP XC 479 73.93 -24.75 69.31
N THR XC 480 74.39 -25.95 69.67
CA THR XC 480 73.63 -26.82 70.56
C THR XC 480 74.56 -27.58 71.51
N VAL XC 481 73.99 -27.96 72.65
CA VAL XC 481 74.68 -28.77 73.66
C VAL XC 481 73.68 -29.66 74.40
N GLN XC 482 74.15 -30.83 74.81
CA GLN XC 482 73.37 -31.78 75.59
C GLN XC 482 74.22 -32.33 76.73
N SER XC 483 73.58 -32.73 77.82
CA SER XC 483 74.33 -33.33 78.91
C SER XC 483 73.43 -34.14 79.84
N ILE XC 484 74.08 -34.97 80.65
CA ILE XC 484 73.46 -35.71 81.75
C ILE XC 484 73.24 -34.83 82.98
N PRO XC 485 72.01 -34.70 83.47
CA PRO XC 485 71.72 -33.68 84.50
C PRO XC 485 72.68 -33.60 85.69
N PHE XC 486 73.04 -34.71 86.32
CA PHE XC 486 73.96 -34.62 87.45
C PHE XC 486 75.42 -34.51 87.04
N LEU XC 487 75.87 -35.38 86.13
CA LEU XC 487 77.29 -35.60 85.96
C LEU XC 487 77.95 -34.56 85.08
N GLY XC 488 77.21 -33.98 84.13
CA GLY XC 488 77.78 -33.07 83.16
C GLY XC 488 78.45 -31.86 83.76
N LYS XC 489 78.26 -31.60 85.05
CA LYS XC 489 78.89 -30.44 85.68
C LYS XC 489 79.86 -30.86 86.77
N LEU XC 490 80.21 -32.13 86.84
CA LEU XC 490 81.22 -32.56 87.78
C LEU XC 490 82.56 -31.93 87.37
N PRO XC 491 83.33 -31.41 88.32
CA PRO XC 491 84.56 -30.71 87.95
C PRO XC 491 85.58 -31.56 87.20
N LEU XC 492 85.77 -32.80 87.60
CA LEU XC 492 86.79 -33.64 87.00
C LEU XC 492 86.31 -34.50 85.84
N ILE XC 493 85.02 -34.83 85.76
CA ILE XC 493 84.52 -35.72 84.73
C ILE XC 493 83.41 -35.12 83.89
N GLY XC 494 82.95 -33.91 84.20
CA GLY XC 494 81.83 -33.33 83.47
C GLY XC 494 81.97 -33.43 81.97
N SER XC 495 83.17 -33.20 81.45
CA SER XC 495 83.40 -33.25 80.01
C SER XC 495 83.11 -34.62 79.40
N LEU XC 496 83.08 -35.66 80.22
CA LEU XC 496 82.72 -37.00 79.74
C LEU XC 496 81.25 -37.13 79.35
N PHE XC 497 80.40 -36.19 79.79
CA PHE XC 497 78.95 -36.29 79.65
C PHE XC 497 78.36 -35.16 78.82
N ARG XC 498 79.11 -34.58 77.91
CA ARG XC 498 78.64 -33.49 77.08
C ARG XC 498 78.69 -33.83 75.61
N TYR XC 499 77.80 -33.20 74.86
CA TYR XC 499 77.75 -33.22 73.41
C TYR XC 499 77.65 -31.79 72.92
N SER XC 500 78.36 -31.46 71.84
CA SER XC 500 78.34 -30.10 71.36
C SER XC 500 78.37 -30.05 69.85
N SER XC 501 77.75 -29.01 69.30
CA SER XC 501 77.67 -28.88 67.86
C SER XC 501 77.49 -27.42 67.46
N LYS XC 502 78.22 -27.01 66.43
CA LYS XC 502 78.23 -25.63 65.96
C LYS XC 502 78.21 -25.62 64.43
N ASN XC 503 77.62 -24.55 63.89
CA ASN XC 503 77.51 -24.35 62.46
C ASN XC 503 77.46 -22.87 62.10
N LYS XC 504 78.13 -22.50 61.01
CA LYS XC 504 78.10 -21.11 60.54
C LYS XC 504 78.16 -21.10 59.02
N SER XC 505 77.39 -20.20 58.40
CA SER XC 505 77.35 -20.11 56.95
C SER XC 505 77.14 -18.68 56.46
N ASN XC 506 77.76 -18.38 55.32
CA ASN XC 506 77.67 -17.07 54.66
C ASN XC 506 77.60 -17.20 53.15
N VAL XC 507 76.61 -16.57 52.53
CA VAL XC 507 76.35 -16.70 51.10
C VAL XC 507 76.10 -15.32 50.49
N VAL XC 508 76.69 -15.08 49.31
CA VAL XC 508 76.54 -13.82 48.57
C VAL XC 508 76.33 -14.11 47.08
N ARG XC 509 75.32 -13.47 46.49
CA ARG XC 509 74.97 -13.64 45.08
C ARG XC 509 74.63 -12.29 44.45
N VAL XC 510 75.22 -11.97 43.29
CA VAL XC 510 74.97 -10.67 42.66
C VAL XC 510 74.96 -10.76 41.13
N PHE XC 511 74.11 -9.91 40.54
CA PHE XC 511 73.91 -9.68 39.10
C PHE XC 511 74.28 -8.26 38.70
N MET XC 512 75.33 -8.11 37.89
CA MET XC 512 75.81 -6.82 37.43
C MET XC 512 75.75 -6.76 35.90
N ILE XC 513 75.25 -5.65 35.36
CA ILE XC 513 75.02 -5.50 33.93
C ILE XC 513 75.87 -4.37 33.34
N GLU XC 514 76.36 -4.59 32.12
CA GLU XC 514 77.20 -3.63 31.41
C GLU XC 514 76.95 -3.62 29.90
N PRO XC 515 76.27 -2.58 29.38
CA PRO XC 515 76.11 -2.44 27.91
C PRO XC 515 77.28 -1.72 27.26
N LYS XC 516 77.50 -2.03 25.97
CA LYS XC 516 78.52 -1.38 25.14
C LYS XC 516 77.96 -1.13 23.74
N GLU XC 517 78.17 0.07 23.21
CA GLU XC 517 77.85 0.32 21.81
C GLU XC 517 78.90 -0.33 20.89
N ILE XC 518 78.45 -0.99 19.81
CA ILE XC 518 79.35 -1.67 18.88
C ILE XC 518 79.38 -0.93 17.56
N VAL XC 519 80.58 -0.45 17.20
CA VAL XC 519 80.76 0.32 15.97
C VAL XC 519 81.79 -0.29 15.03
N ASP XC 520 82.74 -1.09 15.53
CA ASP XC 520 83.81 -1.61 14.68
C ASP XC 520 83.83 -3.14 14.66
N PRO XC 521 84.21 -3.74 13.53
CA PRO XC 521 84.32 -5.21 13.45
C PRO XC 521 85.51 -5.81 14.18
N LEU XC 522 85.55 -7.14 14.19
CA LEU XC 522 86.61 -7.89 14.84
C LEU XC 522 87.97 -7.67 14.19
N THR XC 523 89.00 -7.52 15.03
CA THR XC 523 90.40 -7.41 14.61
C THR XC 523 91.31 -7.99 15.68
N PRO XC 524 92.14 -9.01 15.39
CA PRO XC 524 92.31 -9.83 14.19
C PRO XC 524 91.03 -10.52 13.76
N ASP XC 525 90.96 -10.94 12.51
CA ASP XC 525 89.76 -11.62 12.05
C ASP XC 525 89.59 -12.99 12.69
N ALA XC 526 88.34 -13.45 12.62
CA ALA XC 526 87.97 -14.74 13.19
C ALA XC 526 88.79 -15.86 12.60
N SER XC 527 88.94 -15.89 11.28
CA SER XC 527 89.65 -17.01 10.65
C SER XC 527 91.10 -17.06 11.08
N GLU XC 528 91.73 -15.90 11.26
CA GLU XC 528 93.11 -15.89 11.70
C GLU XC 528 93.23 -16.40 13.13
N SER XC 529 92.36 -15.93 14.02
CA SER XC 529 92.42 -16.43 15.38
C SER XC 529 92.16 -17.94 15.43
N VAL XC 530 91.20 -18.41 14.65
CA VAL XC 530 90.89 -19.84 14.59
C VAL XC 530 92.10 -20.63 14.12
N ASN XC 531 92.76 -20.16 13.05
CA ASN XC 531 93.93 -20.87 12.56
C ASN XC 531 95.02 -20.92 13.61
N ASN XC 532 95.21 -19.84 14.36
CA ASN XC 532 96.21 -19.86 15.42
C ASN XC 532 95.85 -20.90 16.47
N ILE XC 533 94.60 -20.96 16.86
CA ILE XC 533 94.18 -21.93 17.86
C ILE XC 533 94.44 -23.35 17.37
N LEU XC 534 94.03 -23.64 16.13
CA LEU XC 534 94.25 -24.98 15.58
C LEU XC 534 95.72 -25.36 15.57
N LYS XC 535 96.58 -24.47 15.09
CA LYS XC 535 98.01 -24.75 15.04
C LYS XC 535 98.60 -24.95 16.43
N GLN XC 536 98.36 -24.01 17.34
CA GLN XC 536 98.94 -24.14 18.67
C GLN XC 536 98.40 -25.36 19.41
N SER XC 537 97.17 -25.77 19.12
CA SER XC 537 96.59 -26.96 19.74
C SER XC 537 96.93 -28.25 19.01
N GLY XC 538 97.63 -28.18 17.89
CA GLY XC 538 97.88 -29.36 17.09
C GLY XC 538 96.67 -29.96 16.41
N ALA XC 539 95.55 -29.27 16.40
CA ALA XC 539 94.36 -29.76 15.72
C ALA XC 539 94.46 -29.56 14.22
N TRP XC 540 95.31 -28.65 13.78
CA TRP XC 540 95.47 -28.33 12.37
C TRP XC 540 95.49 -29.58 11.49
N SER XC 541 94.86 -29.43 10.32
CA SER XC 541 94.67 -30.51 9.36
C SER XC 541 95.09 -30.15 7.95
N GLY XC 542 95.32 -28.88 7.65
CA GLY XC 542 95.70 -28.47 6.29
C GLY XC 542 96.99 -29.07 5.82
N ASP XC 543 97.70 -29.78 6.70
CA ASP XC 543 98.88 -30.52 6.31
C ASP XC 543 98.50 -31.79 5.55
N ASP XC 544 97.24 -32.23 5.64
CA ASP XC 544 96.85 -33.49 5.05
C ASP XC 544 96.96 -33.43 3.53
N LYS XC 545 97.57 -34.47 2.98
CA LYS XC 545 97.79 -34.63 1.54
C LYS XC 545 96.51 -34.74 0.73
N LEU XC 546 95.38 -35.09 1.34
CA LEU XC 546 94.17 -35.39 0.57
C LEU XC 546 93.04 -34.40 0.77
N GLN XC 547 92.65 -34.13 2.01
CA GLN XC 547 91.57 -33.16 2.25
C GLN XC 547 91.84 -31.81 1.59
N LYS XC 548 93.10 -31.44 1.41
CA LYS XC 548 93.43 -30.18 0.73
C LYS XC 548 92.61 -29.95 -0.54
N TRP XC 549 92.36 -31.00 -1.33
CA TRP XC 549 91.60 -30.83 -2.57
C TRP XC 549 90.22 -30.22 -2.35
N VAL XC 550 89.61 -30.45 -1.19
CA VAL XC 550 88.31 -29.88 -0.88
C VAL XC 550 88.45 -28.64 -0.01
N ARG XC 551 89.21 -28.75 1.07
CA ARG XC 551 89.40 -27.63 1.97
C ARG XC 551 89.79 -26.36 1.22
N VAL XC 552 90.58 -26.47 0.15
CA VAL XC 552 90.92 -25.28 -0.63
C VAL XC 552 89.68 -24.42 -0.90
N TYR XC 553 88.61 -25.03 -1.41
CA TYR XC 553 87.42 -24.24 -1.74
C TYR XC 553 86.87 -23.49 -0.53
N LEU XC 554 86.97 -24.09 0.65
CA LEU XC 554 86.46 -23.46 1.86
C LEU XC 554 87.39 -22.37 2.40
N ASP XC 555 88.63 -22.74 2.69
CA ASP XC 555 89.59 -21.80 3.26
C ASP XC 555 90.04 -20.76 2.25
N ARG XC 556 90.51 -21.18 1.08
CA ARG XC 556 90.96 -20.20 0.12
C ARG XC 556 89.79 -19.56 -0.62
N GLY XC 557 88.84 -20.37 -1.05
CA GLY XC 557 87.70 -19.87 -1.79
C GLY XC 557 88.10 -19.23 -3.10
N GLU YC 26 16.90 50.22 -87.94
CA GLU YC 26 16.44 49.18 -87.03
C GLU YC 26 15.93 49.77 -85.73
N LYS YC 27 15.24 48.95 -84.96
CA LYS YC 27 15.18 49.21 -83.54
C LYS YC 27 16.57 49.02 -82.94
N ILE YC 28 16.80 49.65 -81.79
CA ILE YC 28 18.12 49.72 -81.19
C ILE YC 28 19.13 50.33 -82.16
N PRO YC 29 18.96 51.59 -82.57
CA PRO YC 29 19.91 52.22 -83.49
C PRO YC 29 21.23 52.63 -82.87
N VAL YC 30 21.45 52.41 -81.57
CA VAL YC 30 22.71 52.79 -80.95
C VAL YC 30 23.82 51.85 -81.41
N THR YC 31 24.88 52.43 -81.98
CA THR YC 31 25.88 51.68 -82.73
C THR YC 31 26.84 50.88 -81.85
N GLY YC 32 26.99 51.24 -80.58
CA GLY YC 32 27.99 50.59 -79.75
C GLY YC 32 27.64 49.26 -79.13
N SER YC 33 28.12 49.03 -77.90
CA SER YC 33 27.81 47.86 -77.10
C SER YC 33 27.69 48.25 -75.64
N GLY YC 34 26.82 47.56 -74.91
CA GLY YC 34 26.69 47.79 -73.49
C GLY YC 34 25.28 47.49 -73.02
N PHE YC 35 24.94 48.04 -71.87
CA PHE YC 35 23.59 48.00 -71.32
C PHE YC 35 23.20 49.38 -70.85
N VAL YC 36 21.99 49.81 -71.16
CA VAL YC 36 21.49 51.13 -70.78
C VAL YC 36 20.37 50.94 -69.78
N ALA YC 37 20.63 51.32 -68.54
CA ALA YC 37 19.67 51.24 -67.46
C ALA YC 37 18.94 52.56 -67.30
N LYS YC 38 17.66 52.50 -66.97
CA LYS YC 38 16.84 53.70 -66.77
C LYS YC 38 15.88 53.42 -65.62
N ASP YC 39 16.35 53.70 -64.41
CA ASP YC 39 15.57 53.45 -63.20
C ASP YC 39 15.29 51.96 -63.02
N ASP YC 40 16.28 51.13 -63.33
CA ASP YC 40 16.12 49.71 -63.13
C ASP YC 40 16.25 49.36 -61.66
N SER YC 41 15.46 48.40 -61.22
CA SER YC 41 15.73 47.77 -59.94
C SER YC 41 17.05 47.02 -60.04
N LEU YC 42 17.74 46.91 -58.91
CA LEU YC 42 18.90 46.03 -58.87
C LEU YC 42 18.57 44.60 -59.26
N ARG YC 43 17.35 44.13 -59.00
CA ARG YC 43 16.99 42.77 -59.38
C ARG YC 43 16.91 42.59 -60.89
N THR YC 44 16.42 43.59 -61.60
CA THR YC 44 16.40 43.53 -63.06
C THR YC 44 17.72 43.94 -63.66
N PHE YC 45 18.56 44.63 -62.91
CA PHE YC 45 19.89 45.03 -63.40
C PHE YC 45 20.87 43.87 -63.38
N PHE YC 46 21.07 43.24 -62.22
CA PHE YC 46 22.13 42.24 -62.21
C PHE YC 46 21.80 41.05 -63.09
N ASP YC 47 20.52 40.78 -63.35
CA ASP YC 47 20.18 39.78 -64.34
C ASP YC 47 20.75 40.07 -65.73
N ALA YC 48 21.02 41.34 -66.04
CA ALA YC 48 21.65 41.63 -67.32
C ALA YC 48 23.10 41.23 -67.34
N MET YC 49 23.67 40.94 -66.18
CA MET YC 49 25.09 40.77 -65.99
C MET YC 49 25.48 39.30 -66.02
N ALA YC 50 24.48 38.42 -65.91
CA ALA YC 50 24.72 37.01 -65.67
C ALA YC 50 25.35 36.30 -66.85
N LEU YC 51 24.94 36.63 -68.07
CA LEU YC 51 25.58 35.99 -69.23
C LEU YC 51 27.08 36.21 -69.23
N GLN YC 52 27.53 37.38 -68.79
CA GLN YC 52 28.96 37.68 -68.70
C GLN YC 52 29.60 37.05 -67.48
N LEU YC 53 28.87 37.01 -66.36
CA LEU YC 53 29.35 36.28 -65.20
C LEU YC 53 29.43 34.78 -65.44
N LYS YC 54 28.73 34.25 -66.42
CA LYS YC 54 28.56 32.80 -66.61
C LYS YC 54 27.99 32.09 -65.40
N GLU YC 55 27.25 32.80 -64.56
CA GLU YC 55 26.70 32.26 -63.32
C GLU YC 55 25.33 32.90 -63.10
N PRO YC 56 24.37 32.15 -62.57
CA PRO YC 56 23.12 32.79 -62.19
C PRO YC 56 23.31 33.67 -60.98
N VAL YC 57 22.36 34.59 -60.80
CA VAL YC 57 22.40 35.61 -59.75
C VAL YC 57 21.13 35.56 -58.93
N ILE YC 58 21.24 35.94 -57.67
CA ILE YC 58 20.08 36.07 -56.80
C ILE YC 58 20.26 37.32 -55.96
N VAL YC 59 19.18 38.07 -55.79
CA VAL YC 59 19.21 39.34 -55.08
C VAL YC 59 18.25 39.30 -53.92
N SER YC 60 18.72 39.73 -52.75
CA SER YC 60 17.86 39.79 -51.58
C SER YC 60 16.76 40.82 -51.79
N LYS YC 61 15.64 40.62 -51.12
CA LYS YC 61 14.51 41.51 -51.32
C LYS YC 61 14.81 42.91 -50.83
N MET YC 62 15.57 43.05 -49.75
CA MET YC 62 15.91 44.38 -49.29
C MET YC 62 16.79 45.10 -50.31
N ALA YC 63 17.80 44.41 -50.83
CA ALA YC 63 18.64 45.01 -51.86
C ALA YC 63 17.85 45.35 -53.11
N ALA YC 64 16.80 44.59 -53.40
CA ALA YC 64 16.04 44.82 -54.64
C ALA YC 64 15.31 46.15 -54.67
N ARG YC 65 15.25 46.89 -53.56
CA ARG YC 65 14.57 48.18 -53.56
C ARG YC 65 15.39 49.31 -54.15
N LYS YC 66 16.71 49.18 -54.19
CA LYS YC 66 17.55 50.25 -54.74
C LYS YC 66 17.42 50.34 -56.26
N LYS YC 67 17.64 51.54 -56.78
CA LYS YC 67 17.45 51.87 -58.19
C LYS YC 67 18.77 52.35 -58.76
N ILE YC 68 19.00 52.07 -60.05
CA ILE YC 68 20.20 52.56 -60.73
C ILE YC 68 19.83 53.01 -62.12
N THR YC 69 20.67 53.87 -62.69
CA THR YC 69 20.52 54.35 -64.05
C THR YC 69 21.86 54.77 -64.61
N GLY YC 70 21.97 54.75 -65.94
CA GLY YC 70 23.17 55.12 -66.67
C GLY YC 70 23.54 54.11 -67.72
N ASN YC 71 24.72 54.30 -68.32
CA ASN YC 71 25.22 53.47 -69.41
C ASN YC 71 26.47 52.71 -69.00
N PHE YC 72 26.43 51.38 -69.11
CA PHE YC 72 27.41 50.49 -68.50
C PHE YC 72 28.04 49.55 -69.50
N GLU YC 73 29.31 49.24 -69.29
CA GLU YC 73 30.01 48.16 -69.99
C GLU YC 73 30.35 47.01 -69.04
N PHE YC 74 29.83 45.82 -69.33
CA PHE YC 74 30.09 44.61 -68.56
C PHE YC 74 31.36 43.89 -69.02
N HIS YC 75 32.42 44.63 -69.32
CA HIS YC 75 33.62 44.01 -69.88
C HIS YC 75 34.43 43.20 -68.87
N ASP YC 76 34.42 43.57 -67.59
CA ASP YC 76 35.18 42.83 -66.57
C ASP YC 76 34.33 42.60 -65.33
N PRO YC 77 33.38 41.68 -65.41
CA PRO YC 77 32.35 41.60 -64.37
C PRO YC 77 32.87 41.45 -62.96
N ASN YC 78 33.83 40.56 -62.71
CA ASN YC 78 34.25 40.36 -61.33
C ASN YC 78 34.93 41.58 -60.71
N ALA YC 79 35.43 42.52 -61.51
CA ALA YC 79 35.94 43.76 -60.95
C ALA YC 79 34.87 44.84 -60.83
N LEU YC 80 33.96 44.89 -61.80
CA LEU YC 80 32.86 45.85 -61.70
C LEU YC 80 31.93 45.53 -60.53
N LEU YC 81 31.59 44.26 -60.37
CA LEU YC 81 30.77 43.85 -59.24
C LEU YC 81 31.39 44.22 -57.91
N GLU YC 82 32.69 44.02 -57.76
CA GLU YC 82 33.33 44.37 -56.49
C GLU YC 82 33.37 45.87 -56.25
N LYS YC 83 33.64 46.70 -57.25
CA LYS YC 83 33.63 48.13 -56.92
C LYS YC 83 32.21 48.64 -56.69
N LEU YC 84 31.25 48.21 -57.51
CA LEU YC 84 29.87 48.63 -57.28
C LEU YC 84 29.38 48.22 -55.90
N SER YC 85 29.81 47.06 -55.41
CA SER YC 85 29.36 46.64 -54.09
C SER YC 85 29.76 47.62 -53.01
N LEU YC 86 30.93 48.22 -53.14
CA LEU YC 86 31.36 49.22 -52.17
C LEU YC 86 30.71 50.57 -52.43
N GLN YC 87 30.38 50.89 -53.67
CA GLN YC 87 29.72 52.16 -53.89
C GLN YC 87 28.27 52.14 -53.46
N LEU YC 88 27.59 51.01 -53.54
CA LEU YC 88 26.17 50.96 -53.21
C LEU YC 88 25.88 50.39 -51.84
N GLY YC 89 26.84 49.75 -51.16
CA GLY YC 89 26.56 49.21 -49.86
C GLY YC 89 25.98 47.81 -49.85
N LEU YC 90 26.61 46.91 -50.58
CA LEU YC 90 26.17 45.55 -50.77
C LEU YC 90 27.23 44.60 -50.27
N ILE YC 91 26.87 43.34 -50.11
CA ILE YC 91 27.82 42.29 -49.80
C ILE YC 91 27.44 41.10 -50.68
N TRP YC 92 28.41 40.28 -51.01
CA TRP YC 92 28.16 39.25 -52.00
C TRP YC 92 29.13 38.09 -51.85
N TYR YC 93 28.81 36.99 -52.51
CA TYR YC 93 29.36 35.70 -52.12
C TYR YC 93 29.21 34.79 -53.32
N PHE YC 94 30.02 33.74 -53.35
CA PHE YC 94 30.02 32.81 -54.49
C PHE YC 94 30.33 31.39 -54.03
N ASP YC 95 29.32 30.52 -54.11
CA ASP YC 95 29.41 29.12 -53.70
C ASP YC 95 29.98 28.21 -54.78
N GLY YC 96 30.15 28.70 -56.00
CA GLY YC 96 30.53 27.91 -57.16
C GLY YC 96 29.40 27.56 -58.11
N GLN YC 97 28.15 27.74 -57.68
CA GLN YC 97 26.98 27.48 -58.51
C GLN YC 97 26.19 28.75 -58.80
N ALA YC 98 26.14 29.70 -57.86
CA ALA YC 98 25.39 30.92 -58.05
C ALA YC 98 26.04 32.04 -57.24
N ILE YC 99 25.89 33.26 -57.72
CA ILE YC 99 26.32 34.47 -57.01
C ILE YC 99 25.19 35.04 -56.19
N TYR YC 100 25.44 35.27 -54.91
CA TYR YC 100 24.44 35.81 -53.99
C TYR YC 100 24.83 37.23 -53.63
N ILE YC 101 23.83 38.10 -53.57
CA ILE YC 101 23.96 39.49 -53.19
C ILE YC 101 23.00 39.80 -52.06
N TYR YC 102 23.47 40.60 -51.10
CA TYR YC 102 22.66 41.02 -49.97
C TYR YC 102 22.94 42.49 -49.70
N ASP YC 103 22.03 43.11 -48.96
CA ASP YC 103 22.28 44.45 -48.42
C ASP YC 103 23.16 44.37 -47.18
N ALA YC 104 24.08 45.33 -47.06
CA ALA YC 104 25.12 45.28 -46.04
C ALA YC 104 24.58 45.23 -44.62
N SER YC 105 23.37 45.68 -44.37
CA SER YC 105 22.81 45.61 -43.03
C SER YC 105 22.43 44.20 -42.62
N GLU YC 106 22.29 43.28 -43.56
CA GLU YC 106 21.92 41.90 -43.28
C GLU YC 106 23.05 41.03 -42.74
N MET YC 107 24.22 41.58 -42.49
CA MET YC 107 25.46 40.81 -42.29
C MET YC 107 25.49 40.17 -40.91
N ARG YC 108 25.02 38.92 -40.81
CA ARG YC 108 25.02 38.18 -39.56
C ARG YC 108 26.44 37.85 -39.10
N ASN YC 109 26.56 37.51 -37.82
CA ASN YC 109 27.81 36.99 -37.25
C ASN YC 109 27.50 36.04 -36.11
N ALA YC 110 28.42 35.11 -35.83
CA ALA YC 110 28.19 34.08 -34.82
C ALA YC 110 29.50 33.54 -34.28
N VAL YC 111 29.41 32.87 -33.14
CA VAL YC 111 30.53 32.21 -32.46
C VAL YC 111 30.28 30.71 -32.41
N VAL YC 112 31.33 29.92 -32.62
CA VAL YC 112 31.27 28.47 -32.60
C VAL YC 112 32.40 27.92 -31.76
N SER YC 113 32.13 26.85 -31.03
CA SER YC 113 33.18 26.13 -30.30
C SER YC 113 33.04 24.63 -30.50
N LEU YC 114 34.19 23.98 -30.69
CA LEU YC 114 34.28 22.61 -31.17
C LEU YC 114 34.92 21.72 -30.13
N ARG YC 115 34.41 20.50 -30.04
CA ARG YC 115 34.89 19.52 -29.07
C ARG YC 115 36.22 18.90 -29.49
N ASN YC 116 36.32 18.45 -30.75
CA ASN YC 116 37.49 17.70 -31.22
C ASN YC 116 38.23 18.35 -32.38
N VAL YC 117 37.52 18.84 -33.38
CA VAL YC 117 38.16 19.43 -34.55
C VAL YC 117 38.88 20.71 -34.20
N SER YC 118 40.06 20.91 -34.78
CA SER YC 118 40.83 22.13 -34.63
C SER YC 118 40.50 23.12 -35.73
N LEU YC 119 40.81 24.39 -35.49
CA LEU YC 119 40.54 25.41 -36.49
C LEU YC 119 41.35 25.21 -37.75
N ASN YC 120 42.61 24.83 -37.64
CA ASN YC 120 43.36 24.61 -38.88
C ASN YC 120 42.80 23.40 -39.62
N GLU YC 121 42.44 22.36 -38.87
CA GLU YC 121 41.86 21.18 -39.49
C GLU YC 121 40.59 21.55 -40.24
N PHE YC 122 39.84 22.52 -39.74
CA PHE YC 122 38.60 22.90 -40.38
C PHE YC 122 38.87 23.73 -41.63
N ASN YC 123 39.86 24.61 -41.54
CA ASN YC 123 40.26 25.37 -42.71
C ASN YC 123 40.66 24.43 -43.84
N ASN YC 124 41.40 23.37 -43.53
CA ASN YC 124 41.74 22.40 -44.57
C ASN YC 124 40.48 21.88 -45.26
N PHE YC 125 39.49 21.46 -44.49
CA PHE YC 125 38.22 21.04 -45.06
C PHE YC 125 37.64 22.07 -46.01
N LEU YC 126 37.52 23.31 -45.55
CA LEU YC 126 36.99 24.37 -46.41
C LEU YC 126 37.79 24.53 -47.69
N LYS YC 127 39.11 24.47 -47.60
CA LYS YC 127 39.93 24.60 -48.80
C LYS YC 127 39.66 23.47 -49.78
N ARG YC 128 39.78 22.24 -49.31
CA ARG YC 128 39.47 21.09 -50.16
C ARG YC 128 38.11 21.23 -50.82
N SER YC 129 37.09 21.60 -50.05
CA SER YC 129 35.76 21.81 -50.58
C SER YC 129 35.65 22.99 -51.53
N GLY YC 130 36.61 23.90 -51.53
CA GLY YC 130 36.46 25.07 -52.37
C GLY YC 130 35.41 26.05 -51.89
N LEU YC 131 34.97 25.90 -50.66
CA LEU YC 131 34.02 26.81 -50.03
C LEU YC 131 34.72 28.01 -49.44
N TYR YC 132 35.96 27.81 -48.98
CA TYR YC 132 36.74 28.85 -48.34
C TYR YC 132 36.67 30.17 -49.09
N ASN YC 133 36.57 31.25 -48.30
CA ASN YC 133 36.50 32.62 -48.79
C ASN YC 133 37.52 33.46 -48.04
N LYS YC 134 38.43 34.08 -48.80
CA LYS YC 134 39.48 34.91 -48.26
C LYS YC 134 39.00 36.24 -47.67
N ASN YC 135 37.90 36.78 -48.17
CA ASN YC 135 37.36 38.00 -47.58
C ASN YC 135 36.60 37.84 -46.28
N TYR YC 136 36.19 36.64 -45.89
CA TYR YC 136 35.55 36.45 -44.58
C TYR YC 136 36.18 35.29 -43.81
N PRO YC 137 37.50 35.30 -43.65
CA PRO YC 137 38.17 34.21 -42.93
C PRO YC 137 37.71 34.05 -41.49
N LEU YC 138 37.81 32.80 -41.01
CA LEU YC 138 37.57 32.50 -39.61
C LEU YC 138 38.67 33.11 -38.76
N ARG YC 139 38.28 33.75 -37.66
CA ARG YC 139 39.21 34.39 -36.75
C ARG YC 139 39.25 33.68 -35.40
N GLY YC 140 40.43 33.19 -35.03
CA GLY YC 140 40.58 32.47 -33.77
C GLY YC 140 42.01 32.00 -33.49
N ASP YC 141 42.18 30.83 -32.88
CA ASP YC 141 43.50 30.26 -32.63
C ASP YC 141 43.63 28.87 -33.25
N ASN YC 142 44.56 28.72 -34.18
CA ASN YC 142 44.75 27.46 -34.89
C ASN YC 142 44.78 26.24 -33.97
N ARG YC 143 45.27 26.37 -32.75
CA ARG YC 143 45.32 25.21 -31.87
C ARG YC 143 44.01 24.96 -31.15
N LYS YC 144 43.25 26.01 -30.87
CA LYS YC 144 42.05 25.91 -30.07
C LYS YC 144 40.84 25.54 -30.90
N GLY YC 145 39.79 25.16 -30.20
CA GLY YC 145 38.49 24.89 -30.78
C GLY YC 145 37.49 26.02 -30.63
N THR YC 146 37.91 27.24 -30.88
CA THR YC 146 37.05 28.40 -30.70
C THR YC 146 37.42 29.40 -31.77
N PHE YC 147 36.41 29.87 -32.49
CA PHE YC 147 36.62 30.83 -33.57
C PHE YC 147 35.37 31.69 -33.75
N TYR YC 148 35.57 32.85 -34.37
CA TYR YC 148 34.51 33.78 -34.69
C TYR YC 148 34.39 33.95 -36.19
N VAL YC 149 33.14 34.02 -36.68
CA VAL YC 149 32.83 34.11 -38.10
C VAL YC 149 31.76 35.16 -38.36
N SER YC 150 31.90 35.90 -39.45
CA SER YC 150 30.93 36.92 -39.79
C SER YC 150 30.88 37.11 -41.30
N GLY YC 151 29.68 37.37 -41.83
CA GLY YC 151 29.51 37.67 -43.23
C GLY YC 151 28.09 37.45 -43.74
N PRO YC 152 27.93 37.15 -45.01
CA PRO YC 152 26.60 36.90 -45.55
C PRO YC 152 25.88 35.75 -44.86
N PRO YC 153 24.56 35.88 -44.68
CA PRO YC 153 23.78 34.84 -44.00
C PRO YC 153 24.00 33.41 -44.46
N VAL YC 154 23.95 33.16 -45.76
CA VAL YC 154 24.15 31.79 -46.25
C VAL YC 154 25.51 31.26 -45.83
N TYR YC 155 26.56 32.03 -46.05
CA TYR YC 155 27.89 31.61 -45.66
C TYR YC 155 27.97 31.31 -44.17
N VAL YC 156 27.42 32.18 -43.35
CA VAL YC 156 27.44 31.98 -41.90
C VAL YC 156 26.72 30.70 -41.49
N ASP YC 157 25.50 30.50 -41.99
CA ASP YC 157 24.78 29.28 -41.62
C ASP YC 157 25.46 28.03 -42.14
N MET YC 158 25.98 28.06 -43.36
CA MET YC 158 26.72 26.91 -43.85
C MET YC 158 27.87 26.56 -42.93
N VAL YC 159 28.76 27.52 -42.66
CA VAL YC 159 29.88 27.29 -41.75
C VAL YC 159 29.44 26.72 -40.41
N VAL YC 160 28.47 27.36 -39.76
CA VAL YC 160 28.03 26.90 -38.44
C VAL YC 160 27.53 25.46 -38.47
N ASN YC 161 26.58 25.17 -39.36
CA ASN YC 161 26.04 23.82 -39.42
C ASN YC 161 27.08 22.77 -39.79
N ALA YC 162 27.78 22.99 -40.90
CA ALA YC 162 28.84 22.07 -41.29
C ALA YC 162 29.79 21.78 -40.15
N ALA YC 163 30.36 22.81 -39.55
CA ALA YC 163 31.26 22.58 -38.42
C ALA YC 163 30.63 21.75 -37.32
N THR YC 164 29.41 22.09 -36.91
CA THR YC 164 28.78 21.30 -35.85
C THR YC 164 28.65 19.82 -36.19
N MET YC 165 28.16 19.51 -37.40
CA MET YC 165 28.03 18.11 -37.79
C MET YC 165 29.37 17.41 -37.90
N MET YC 166 30.32 18.03 -38.60
CA MET YC 166 31.63 17.43 -38.77
C MET YC 166 32.27 17.11 -37.43
N ASP YC 167 32.18 18.04 -36.48
CA ASP YC 167 32.70 17.79 -35.15
C ASP YC 167 31.98 16.65 -34.44
N LYS YC 168 30.64 16.67 -34.45
CA LYS YC 168 29.92 15.60 -33.78
C LYS YC 168 30.20 14.22 -34.35
N GLN YC 169 30.49 14.12 -35.65
CA GLN YC 169 30.87 12.82 -36.20
C GLN YC 169 32.16 12.28 -35.60
N ASN YC 170 33.27 12.98 -35.81
CA ASN YC 170 34.55 12.54 -35.27
C ASN YC 170 34.57 12.44 -33.76
N ASP YC 171 33.78 13.26 -33.07
CA ASP YC 171 33.69 13.17 -31.61
C ASP YC 171 33.34 11.76 -31.15
N GLY YC 172 32.49 11.08 -31.91
CA GLY YC 172 32.11 9.71 -31.64
C GLY YC 172 33.21 8.69 -31.88
N ILE YC 173 34.36 9.11 -32.42
CA ILE YC 173 35.42 8.20 -32.83
C ILE YC 173 36.42 8.01 -31.69
N GLU YC 174 36.47 6.78 -31.18
CA GLU YC 174 37.49 6.29 -30.28
C GLU YC 174 38.01 5.00 -30.89
N LEU YC 175 39.33 4.87 -30.97
CA LEU YC 175 39.92 3.76 -31.71
C LEU YC 175 39.29 2.43 -31.29
N GLY YC 176 39.22 2.18 -29.99
CA GLY YC 176 38.48 1.04 -29.49
C GLY YC 176 38.92 -0.31 -30.04
N ARG YC 177 40.21 -0.62 -29.96
CA ARG YC 177 40.69 -1.92 -30.39
C ARG YC 177 41.75 -2.37 -29.40
N GLN YC 178 41.81 -3.67 -29.15
CA GLN YC 178 42.75 -4.21 -28.18
C GLN YC 178 43.90 -4.98 -28.81
N LYS YC 179 44.89 -5.20 -27.97
CA LYS YC 179 46.16 -5.85 -28.27
C LYS YC 179 46.51 -6.87 -27.20
N ILE YC 180 47.12 -7.97 -27.63
CA ILE YC 180 47.60 -9.05 -26.76
C ILE YC 180 49.12 -9.13 -26.88
N GLY YC 181 49.81 -8.79 -25.80
CA GLY YC 181 51.25 -8.93 -25.72
C GLY YC 181 51.70 -10.13 -24.90
N VAL YC 182 52.71 -10.83 -25.42
CA VAL YC 182 53.31 -12.00 -24.79
C VAL YC 182 54.70 -11.59 -24.34
N MET YC 183 55.01 -11.76 -23.05
CA MET YC 183 56.28 -11.29 -22.51
C MET YC 183 56.93 -12.35 -21.62
N ARG YC 184 57.96 -13.01 -22.15
CA ARG YC 184 58.76 -13.93 -21.37
C ARG YC 184 59.56 -13.22 -20.29
N LEU YC 185 59.54 -13.77 -19.09
CA LEU YC 185 60.42 -13.34 -18.01
C LEU YC 185 61.71 -14.13 -18.11
N ASN YC 186 62.82 -13.43 -17.90
CA ASN YC 186 64.15 -13.99 -18.05
C ASN YC 186 64.89 -14.21 -16.75
N ASN YC 187 64.56 -13.47 -15.69
CA ASN YC 187 65.31 -13.53 -14.45
C ASN YC 187 64.54 -14.10 -13.28
N THR YC 188 63.25 -14.41 -13.42
CA THR YC 188 62.50 -14.84 -12.26
C THR YC 188 61.36 -15.77 -12.64
N PHE YC 189 60.93 -16.54 -11.64
CA PHE YC 189 59.78 -17.44 -11.75
C PHE YC 189 58.46 -16.69 -11.67
N VAL YC 190 57.54 -17.05 -12.56
CA VAL YC 190 56.26 -16.36 -12.66
C VAL YC 190 55.35 -16.57 -11.45
N GLY YC 191 55.54 -17.63 -10.67
CA GLY YC 191 54.56 -17.95 -9.64
C GLY YC 191 54.75 -17.22 -8.32
N ASP YC 192 53.65 -17.15 -7.57
CA ASP YC 192 53.69 -16.81 -6.15
C ASP YC 192 54.35 -17.95 -5.38
N ARG YC 193 55.27 -17.62 -4.47
CA ARG YC 193 56.02 -18.62 -3.73
C ARG YC 193 55.91 -18.37 -2.24
N THR YC 194 55.99 -19.44 -1.46
CA THR YC 194 55.75 -19.32 -0.03
C THR YC 194 56.69 -20.22 0.75
N TYR YC 195 57.22 -19.68 1.84
CA TYR YC 195 58.28 -20.32 2.61
C TYR YC 195 57.83 -20.44 4.05
N ASN YC 196 57.81 -21.67 4.57
CA ASN YC 196 57.27 -21.92 5.91
C ASN YC 196 58.36 -21.67 6.93
N LEU YC 197 58.37 -20.49 7.52
CA LEU YC 197 59.39 -20.13 8.48
C LEU YC 197 58.99 -20.59 9.88
N ARG YC 198 59.79 -20.22 10.87
CA ARG YC 198 59.49 -20.54 12.26
C ARG YC 198 58.14 -19.96 12.68
N ASP YC 199 57.86 -18.71 12.31
CA ASP YC 199 56.58 -18.10 12.58
C ASP YC 199 55.81 -17.80 11.29
N GLN YC 200 56.35 -16.94 10.43
CA GLN YC 200 55.61 -16.48 9.27
C GLN YC 200 55.59 -17.56 8.21
N LYS YC 201 54.40 -17.83 7.68
CA LYS YC 201 54.24 -18.46 6.38
C LYS YC 201 54.53 -17.38 5.36
N MET YC 202 55.83 -17.15 5.10
CA MET YC 202 56.27 -15.97 4.38
C MET YC 202 55.88 -16.06 2.92
N VAL YC 203 54.99 -15.17 2.50
CA VAL YC 203 54.45 -15.09 1.15
C VAL YC 203 55.27 -14.13 0.30
N ILE YC 204 55.54 -14.52 -0.93
CA ILE YC 204 56.27 -13.73 -1.91
C ILE YC 204 55.40 -13.70 -3.16
N PRO YC 205 54.59 -12.65 -3.34
CA PRO YC 205 53.68 -12.58 -4.49
C PRO YC 205 54.39 -12.42 -5.81
N GLY YC 206 53.78 -12.99 -6.84
CA GLY YC 206 54.22 -12.81 -8.19
C GLY YC 206 53.87 -11.45 -8.78
N ILE YC 207 54.55 -11.16 -9.87
CA ILE YC 207 54.40 -9.89 -10.58
C ILE YC 207 52.94 -9.66 -10.96
N ALA YC 208 52.31 -10.66 -11.58
CA ALA YC 208 50.90 -10.50 -11.96
C ALA YC 208 50.04 -10.11 -10.76
N THR YC 209 50.25 -10.78 -9.64
CA THR YC 209 49.49 -10.46 -8.43
C THR YC 209 49.67 -9.00 -8.02
N ALA YC 210 50.91 -8.60 -7.80
CA ALA YC 210 51.16 -7.24 -7.31
C ALA YC 210 50.69 -6.18 -8.31
N ILE YC 211 50.91 -6.41 -9.60
CA ILE YC 211 50.44 -5.46 -10.60
C ILE YC 211 48.92 -5.31 -10.55
N GLU YC 212 48.21 -6.43 -10.69
CA GLU YC 212 46.77 -6.32 -10.83
C GLU YC 212 46.13 -5.78 -9.56
N ARG YC 213 46.73 -6.08 -8.41
CA ARG YC 213 46.30 -5.48 -7.16
C ARG YC 213 46.53 -3.97 -7.15
N LEU YC 214 47.67 -3.51 -7.68
CA LEU YC 214 47.89 -2.08 -7.70
C LEU YC 214 46.94 -1.35 -8.64
N LEU YC 215 46.69 -1.90 -9.82
CA LEU YC 215 45.78 -1.26 -10.76
C LEU YC 215 44.31 -1.44 -10.39
N GLN YC 216 44.00 -2.23 -9.38
CA GLN YC 216 42.61 -2.61 -9.14
C GLN YC 216 41.68 -1.40 -9.04
N GLY YC 217 40.60 -1.43 -9.82
CA GLY YC 217 39.60 -0.38 -9.88
C GLY YC 217 39.99 1.00 -10.37
N GLU YC 218 41.22 1.18 -10.82
CA GLU YC 218 41.68 2.50 -11.23
C GLU YC 218 40.99 2.95 -12.52
N GLU YC 219 40.16 4.00 -12.42
CA GLU YC 219 39.57 4.60 -13.61
C GLU YC 219 40.51 5.53 -14.37
N GLN YC 220 41.41 6.19 -13.66
CA GLN YC 220 42.36 7.10 -14.28
C GLN YC 220 43.32 6.35 -15.20
N PRO YC 221 43.76 6.97 -16.28
CA PRO YC 221 44.77 6.35 -17.15
C PRO YC 221 46.19 6.46 -16.61
N LEU YC 222 47.02 5.53 -17.09
CA LEU YC 222 48.44 5.44 -16.76
C LEU YC 222 49.32 6.34 -17.60
N GLY YC 223 50.47 6.67 -17.03
CA GLY YC 223 51.50 7.35 -17.80
C GLY YC 223 52.79 7.46 -17.02
N ASN YC 224 53.86 7.73 -17.76
CA ASN YC 224 55.17 8.10 -17.23
C ASN YC 224 55.67 7.17 -16.12
N ILE YC 225 55.67 5.87 -16.38
CA ILE YC 225 56.25 4.95 -15.40
C ILE YC 225 57.70 5.32 -15.16
N VAL YC 226 58.06 5.54 -13.89
CA VAL YC 226 59.42 5.95 -13.54
C VAL YC 226 59.84 5.27 -12.25
N SER YC 227 61.14 5.24 -12.03
CA SER YC 227 61.70 4.74 -10.78
C SER YC 227 61.22 5.61 -9.63
N LYS YC 259 44.82 12.35 -26.60
CA LYS YC 259 44.00 11.70 -27.62
C LYS YC 259 43.46 10.36 -27.13
N GLN YC 260 44.32 9.34 -27.14
CA GLN YC 260 43.93 8.04 -26.63
C GLN YC 260 43.69 8.12 -25.13
N ASN YC 261 42.63 7.45 -24.68
CA ASN YC 261 42.20 7.57 -23.29
C ASN YC 261 41.48 6.29 -22.87
N ALA YC 262 42.17 5.45 -22.11
CA ALA YC 262 41.61 4.19 -21.64
C ALA YC 262 41.90 4.02 -20.15
N ALA YC 263 40.90 3.52 -19.44
CA ALA YC 263 41.02 3.26 -18.01
C ALA YC 263 42.16 2.31 -17.69
N ALA YC 264 42.91 2.66 -16.64
CA ALA YC 264 43.99 1.82 -16.14
C ALA YC 264 43.49 0.43 -15.75
N GLY YC 265 42.40 0.37 -15.00
CA GLY YC 265 41.84 -0.89 -14.54
C GLY YC 265 41.29 -1.80 -15.62
N ASN YC 266 41.33 -1.40 -16.88
CA ASN YC 266 40.89 -2.26 -17.96
C ASN YC 266 41.95 -3.28 -18.36
N ILE YC 267 43.21 -3.01 -18.00
CA ILE YC 267 44.32 -3.92 -18.30
C ILE YC 267 44.08 -5.25 -17.61
N LYS YC 268 44.43 -6.34 -18.31
CA LYS YC 268 44.35 -7.67 -17.69
C LYS YC 268 45.63 -8.46 -17.90
N ILE YC 269 46.08 -9.13 -16.85
CA ILE YC 269 47.30 -9.94 -16.84
C ILE YC 269 47.00 -11.38 -16.44
N VAL YC 270 47.54 -12.33 -17.20
CA VAL YC 270 47.39 -13.76 -16.92
C VAL YC 270 48.77 -14.42 -16.94
N ALA YC 271 49.15 -15.02 -15.81
CA ALA YC 271 50.41 -15.77 -15.71
C ALA YC 271 50.33 -17.05 -16.52
N TYR YC 272 51.48 -17.47 -17.08
CA TYR YC 272 51.55 -18.69 -17.89
C TYR YC 272 52.87 -19.40 -17.61
N PRO YC 273 52.93 -20.15 -16.51
CA PRO YC 273 54.17 -20.86 -16.15
C PRO YC 273 54.66 -21.85 -17.19
N ASP YC 274 53.78 -22.41 -18.02
CA ASP YC 274 54.22 -23.40 -18.99
C ASP YC 274 55.42 -22.93 -19.79
N THR YC 275 55.51 -21.63 -20.06
CA THR YC 275 56.63 -21.02 -20.75
C THR YC 275 57.27 -19.93 -19.91
N ASN YC 276 56.84 -19.80 -18.65
CA ASN YC 276 57.31 -18.75 -17.77
C ASN YC 276 57.12 -17.36 -18.35
N SER YC 277 55.91 -17.09 -18.86
CA SER YC 277 55.64 -15.86 -19.56
C SER YC 277 54.35 -15.23 -19.05
N LEU YC 278 54.21 -13.92 -19.29
CA LEU YC 278 53.01 -13.16 -18.93
C LEU YC 278 52.22 -12.81 -20.18
N LEU YC 279 50.90 -13.00 -20.13
CA LEU YC 279 49.99 -12.55 -21.16
C LEU YC 279 49.33 -11.26 -20.69
N VAL YC 280 49.44 -10.21 -21.49
CA VAL YC 280 48.95 -8.87 -21.13
C VAL YC 280 47.97 -8.44 -22.21
N LYS YC 281 46.82 -7.94 -21.79
CA LYS YC 281 45.79 -7.47 -22.70
C LYS YC 281 45.39 -6.04 -22.41
N GLY YC 282 45.39 -5.23 -23.47
CA GLY YC 282 45.00 -3.83 -23.37
C GLY YC 282 45.31 -3.10 -24.67
N THR YC 283 45.28 -1.77 -24.62
CA THR YC 283 45.72 -0.98 -25.76
C THR YC 283 47.23 -1.05 -25.93
N ALA YC 284 47.69 -0.82 -27.16
CA ALA YC 284 49.12 -0.80 -27.44
C ALA YC 284 49.90 0.14 -26.51
N GLU YC 285 49.35 1.32 -26.25
CA GLU YC 285 49.98 2.24 -25.30
C GLU YC 285 50.18 1.58 -23.94
N GLN YC 286 49.10 1.04 -23.38
CA GLN YC 286 49.18 0.37 -22.09
C GLN YC 286 50.16 -0.79 -22.12
N VAL YC 287 50.03 -1.68 -23.10
CA VAL YC 287 50.94 -2.81 -23.24
C VAL YC 287 52.38 -2.36 -23.22
N HIS YC 288 52.68 -1.24 -23.89
CA HIS YC 288 54.03 -0.69 -23.86
C HIS YC 288 54.44 -0.31 -22.45
N PHE YC 289 53.65 0.55 -21.82
CA PHE YC 289 53.92 0.93 -20.45
C PHE YC 289 54.18 -0.28 -19.56
N ILE YC 290 53.27 -1.25 -19.60
CA ILE YC 290 53.42 -2.49 -18.85
C ILE YC 290 54.77 -3.14 -19.10
N GLU YC 291 55.17 -3.26 -20.36
CA GLU YC 291 56.45 -3.90 -20.63
C GLU YC 291 57.61 -3.11 -20.02
N MET YC 292 57.50 -1.78 -19.99
CA MET YC 292 58.53 -0.99 -19.32
C MET YC 292 58.61 -1.34 -17.84
N LEU YC 293 57.45 -1.39 -17.20
CA LEU YC 293 57.39 -1.78 -15.79
C LEU YC 293 58.02 -3.14 -15.56
N VAL YC 294 57.63 -4.14 -16.35
CA VAL YC 294 58.17 -5.49 -16.22
C VAL YC 294 59.69 -5.48 -16.31
N LYS YC 295 60.24 -4.74 -17.27
CA LYS YC 295 61.69 -4.67 -17.40
C LYS YC 295 62.34 -3.91 -16.26
N ALA YC 296 61.61 -3.03 -15.60
CA ALA YC 296 62.12 -2.38 -14.40
C ALA YC 296 62.08 -3.29 -13.18
N LEU YC 297 61.22 -4.30 -13.20
CA LEU YC 297 61.03 -5.18 -12.04
C LEU YC 297 61.86 -6.46 -12.07
N ASP YC 298 62.09 -7.08 -13.23
CA ASP YC 298 62.77 -8.37 -13.20
C ASP YC 298 64.29 -8.32 -13.08
N VAL YC 299 64.78 -7.61 -12.06
CA VAL YC 299 66.22 -7.60 -11.73
C VAL YC 299 66.75 -8.96 -11.28
N ALA YC 300 67.98 -9.28 -11.70
CA ALA YC 300 68.67 -10.52 -11.37
C ALA YC 300 69.22 -10.52 -9.94
N LYS YC 301 69.04 -11.66 -9.25
CA LYS YC 301 69.53 -11.82 -7.88
C LYS YC 301 71.02 -12.18 -7.78
N ARG YC 302 71.70 -11.61 -6.78
CA ARG YC 302 73.05 -11.95 -6.36
C ARG YC 302 73.09 -13.17 -5.42
N HIS YC 303 74.30 -13.75 -5.29
CA HIS YC 303 74.59 -14.90 -4.43
C HIS YC 303 75.44 -14.49 -3.23
N VAL YC 304 75.11 -15.03 -2.06
CA VAL YC 304 75.79 -14.77 -0.80
C VAL YC 304 76.22 -16.10 -0.16
N GLU YC 305 77.47 -16.18 0.27
CA GLU YC 305 77.99 -17.31 1.04
C GLU YC 305 78.17 -16.93 2.50
N LEU YC 306 77.57 -17.71 3.39
CA LEU YC 306 77.60 -17.52 4.83
C LEU YC 306 78.40 -18.63 5.51
N SER YC 307 79.44 -18.25 6.25
CA SER YC 307 80.25 -19.17 7.02
C SER YC 307 80.10 -18.84 8.50
N LEU YC 308 80.20 -19.87 9.35
CA LEU YC 308 79.92 -19.69 10.78
C LEU YC 308 80.90 -20.47 11.67
N TRP YC 309 81.91 -19.79 12.20
CA TRP YC 309 82.88 -20.44 13.07
C TRP YC 309 82.34 -20.61 14.50
N ILE YC 310 82.51 -21.82 15.05
CA ILE YC 310 82.12 -22.20 16.41
C ILE YC 310 83.33 -22.81 17.11
N VAL YC 311 83.63 -22.35 18.33
CA VAL YC 311 84.82 -22.78 19.06
C VAL YC 311 84.48 -23.07 20.52
N ASP YC 312 84.97 -24.20 21.04
CA ASP YC 312 84.80 -24.61 22.43
C ASP YC 312 86.13 -25.04 23.04
N LEU YC 313 86.44 -24.52 24.24
CA LEU YC 313 87.68 -24.78 24.95
C LEU YC 313 87.42 -25.12 26.41
N ASN YC 314 88.09 -26.14 26.94
CA ASN YC 314 87.83 -26.58 28.31
C ASN YC 314 89.06 -27.17 28.98
N LYS YC 315 89.47 -26.58 30.10
CA LYS YC 315 90.59 -27.05 30.92
C LYS YC 315 90.10 -27.34 32.34
N SER YC 316 90.48 -28.48 32.91
CA SER YC 316 90.08 -28.82 34.26
C SER YC 316 91.14 -29.61 35.02
N ASP YC 317 91.29 -29.31 36.31
CA ASP YC 317 92.29 -29.94 37.17
C ASP YC 317 91.70 -30.33 38.51
N LEU YC 318 92.03 -31.54 38.98
CA LEU YC 318 91.46 -32.11 40.20
C LEU YC 318 92.55 -32.74 41.05
N GLU YC 319 92.45 -32.59 42.36
CA GLU YC 319 93.28 -33.35 43.29
C GLU YC 319 92.48 -33.79 44.51
N ARG YC 320 92.66 -35.04 44.91
CA ARG YC 320 92.17 -35.58 46.17
C ARG YC 320 93.32 -36.24 46.92
N LEU YC 321 93.43 -35.96 48.21
CA LEU YC 321 94.45 -36.63 49.01
C LEU YC 321 94.07 -36.64 50.48
N GLY YC 322 94.34 -37.78 51.15
CA GLY YC 322 94.20 -37.88 52.59
C GLY YC 322 93.38 -39.08 53.04
N THR YC 323 92.84 -38.99 54.26
CA THR YC 323 92.41 -40.17 55.01
C THR YC 323 91.04 -39.95 55.65
N SER YC 324 90.45 -41.06 56.09
CA SER YC 324 89.29 -41.09 56.98
C SER YC 324 89.39 -42.30 57.90
N TRP YC 325 88.81 -42.19 59.10
CA TRP YC 325 89.07 -43.12 60.20
C TRP YC 325 87.78 -43.47 60.92
N SER YC 326 87.65 -44.74 61.34
CA SER YC 326 86.55 -45.12 62.22
C SER YC 326 86.89 -46.43 62.91
N GLY YC 327 86.15 -46.76 63.96
CA GLY YC 327 86.42 -48.03 64.61
C GLY YC 327 85.56 -48.30 65.84
N SER YC 328 85.93 -49.37 66.54
CA SER YC 328 85.18 -49.87 67.69
C SER YC 328 86.10 -50.61 68.65
N ILE YC 329 85.68 -50.63 69.92
CA ILE YC 329 86.44 -51.26 71.00
C ILE YC 329 85.46 -51.91 71.97
N THR YC 330 85.94 -52.94 72.66
CA THR YC 330 85.20 -53.62 73.71
C THR YC 330 86.02 -53.68 75.00
N ILE YC 331 85.35 -53.41 76.12
CA ILE YC 331 85.95 -53.49 77.44
C ILE YC 331 85.21 -54.58 78.18
N GLY YC 332 85.94 -55.65 78.49
CA GLY YC 332 85.39 -56.89 79.00
C GLY YC 332 84.19 -57.33 78.19
N ASP YC 333 83.08 -57.53 78.88
CA ASP YC 333 81.79 -57.68 78.23
C ASP YC 333 80.82 -56.67 78.84
N LYS YC 334 81.36 -55.63 79.46
CA LYS YC 334 80.57 -54.59 80.08
C LYS YC 334 80.35 -53.45 79.09
N LEU YC 335 81.42 -52.74 78.71
CA LEU YC 335 81.27 -51.52 77.93
C LEU YC 335 81.74 -51.65 76.49
N GLY YC 336 80.85 -51.36 75.55
CA GLY YC 336 81.18 -51.23 74.14
C GLY YC 336 81.33 -49.76 73.76
N VAL YC 337 82.31 -49.48 72.90
CA VAL YC 337 82.63 -48.11 72.50
C VAL YC 337 82.82 -48.09 71.00
N SER YC 338 82.36 -47.01 70.35
CA SER YC 338 82.55 -46.90 68.91
C SER YC 338 82.80 -45.47 68.51
N LEU YC 339 83.62 -45.32 67.47
CA LEU YC 339 83.98 -44.05 66.86
C LEU YC 339 83.47 -44.00 65.44
N ASN YC 340 82.55 -43.07 65.18
CA ASN YC 340 81.92 -42.86 63.86
C ASN YC 340 81.30 -44.13 63.27
N GLN YC 341 80.80 -45.03 64.12
CA GLN YC 341 80.27 -46.29 63.65
C GLN YC 341 79.02 -46.65 64.45
N SER YC 342 78.23 -47.54 63.87
CA SER YC 342 77.05 -48.08 64.54
C SER YC 342 77.45 -48.96 65.74
N SER YC 343 76.45 -49.26 66.57
CA SER YC 343 76.67 -50.11 67.74
C SER YC 343 77.00 -51.55 67.39
N ILE YC 344 76.81 -51.97 66.14
CA ILE YC 344 77.29 -53.29 65.74
C ILE YC 344 78.81 -53.38 65.85
N SER YC 345 79.50 -52.28 65.57
CA SER YC 345 80.95 -52.34 65.41
C SER YC 345 81.65 -52.85 66.66
N THR YC 346 81.13 -52.54 67.84
CA THR YC 346 81.71 -53.06 69.07
C THR YC 346 81.56 -54.58 69.20
N LEU YC 347 80.67 -55.19 68.43
CA LEU YC 347 80.52 -56.64 68.48
C LEU YC 347 81.72 -57.38 67.88
N ASP YC 348 82.52 -56.71 67.04
CA ASP YC 348 83.73 -57.29 66.50
C ASP YC 348 84.90 -57.25 67.47
N GLY YC 349 84.78 -56.51 68.57
CA GLY YC 349 85.92 -56.21 69.40
C GLY YC 349 86.73 -55.01 68.90
N SER YC 350 88.02 -55.05 69.19
CA SER YC 350 88.98 -54.11 68.59
C SER YC 350 88.96 -54.17 67.07
N ARG YC 351 88.57 -53.06 66.44
CA ARG YC 351 88.54 -52.95 65.00
C ARG YC 351 88.73 -51.50 64.60
N PHE YC 352 89.70 -51.22 63.74
CA PHE YC 352 89.86 -49.89 63.18
C PHE YC 352 90.02 -49.98 61.68
N ILE YC 353 89.44 -49.02 60.97
CA ILE YC 353 89.54 -48.98 59.52
C ILE YC 353 89.84 -47.54 59.10
N ALA YC 354 90.88 -47.39 58.29
CA ALA YC 354 91.30 -46.11 57.74
C ALA YC 354 91.28 -46.22 56.22
N ALA YC 355 90.55 -45.31 55.57
CA ALA YC 355 90.43 -45.26 54.13
C ALA YC 355 91.30 -44.14 53.59
N VAL YC 356 92.07 -44.46 52.56
CA VAL YC 356 93.05 -43.55 51.97
C VAL YC 356 92.67 -43.27 50.53
N ASN YC 357 92.68 -41.98 50.16
CA ASN YC 357 92.41 -41.53 48.81
C ASN YC 357 93.59 -40.68 48.33
N ALA YC 358 94.12 -41.01 47.17
CA ALA YC 358 95.23 -40.25 46.60
C ALA YC 358 95.17 -40.26 45.06
N LEU YC 359 94.90 -39.11 44.46
CA LEU YC 359 94.73 -39.05 43.01
C LEU YC 359 94.76 -37.61 42.52
N GLU YC 360 95.39 -37.39 41.36
CA GLU YC 360 95.36 -36.12 40.66
C GLU YC 360 95.02 -36.33 39.20
N GLU YC 361 94.35 -35.35 38.60
CA GLU YC 361 93.93 -35.44 37.21
C GLU YC 361 93.99 -34.08 36.52
N LYS YC 362 94.37 -34.10 35.24
CA LYS YC 362 94.42 -32.92 34.38
C LYS YC 362 93.76 -33.26 33.06
N LYS YC 363 92.96 -32.35 32.54
CA LYS YC 363 92.21 -32.61 31.32
C LYS YC 363 92.05 -31.34 30.49
N GLN YC 364 92.16 -31.48 29.18
CA GLN YC 364 91.98 -30.39 28.24
C GLN YC 364 91.30 -30.89 26.97
N ALA YC 365 90.38 -30.08 26.45
CA ALA YC 365 89.67 -30.42 25.21
C ALA YC 365 89.36 -29.16 24.41
N THR YC 366 89.40 -29.29 23.08
CA THR YC 366 89.14 -28.20 22.15
C THR YC 366 88.40 -28.71 20.93
N VAL YC 367 87.34 -28.01 20.54
CA VAL YC 367 86.53 -28.37 19.39
C VAL YC 367 86.29 -27.14 18.53
N VAL YC 368 86.43 -27.30 17.21
CA VAL YC 368 86.13 -26.27 16.22
C VAL YC 368 85.20 -26.84 15.15
N SER YC 369 84.20 -26.04 14.76
CA SER YC 369 83.26 -26.42 13.72
C SER YC 369 82.96 -25.20 12.86
N ARG YC 370 82.77 -25.41 11.56
CA ARG YC 370 82.58 -24.30 10.64
C ARG YC 370 81.63 -24.69 9.51
N PRO YC 371 80.33 -24.53 9.71
CA PRO YC 371 79.38 -24.73 8.61
C PRO YC 371 79.44 -23.61 7.57
N VAL YC 372 79.04 -23.97 6.35
CA VAL YC 372 79.00 -23.07 5.20
C VAL YC 372 77.70 -23.29 4.44
N LEU YC 373 77.04 -22.20 4.06
CA LEU YC 373 75.81 -22.24 3.29
C LEU YC 373 75.80 -21.16 2.22
N LEU YC 374 75.18 -21.45 1.09
CA LEU YC 374 75.05 -20.50 -0.01
C LEU YC 374 73.59 -20.25 -0.34
N THR YC 375 73.26 -18.97 -0.55
CA THR YC 375 71.89 -18.56 -0.83
C THR YC 375 71.91 -17.47 -1.87
N GLN YC 376 70.80 -17.29 -2.59
CA GLN YC 376 70.65 -16.01 -3.25
C GLN YC 376 70.31 -14.94 -2.22
N GLU YC 377 70.49 -13.69 -2.61
CA GLU YC 377 70.01 -12.57 -1.83
C GLU YC 377 68.51 -12.68 -1.63
N ASN YC 378 68.03 -12.12 -0.53
CA ASN YC 378 66.61 -11.80 -0.38
C ASN YC 378 65.72 -13.04 -0.38
N VAL YC 379 66.29 -14.22 -0.20
CA VAL YC 379 65.52 -15.46 -0.12
C VAL YC 379 65.94 -16.23 1.12
N PRO YC 380 65.01 -16.76 1.91
CA PRO YC 380 65.41 -17.46 3.13
C PRO YC 380 65.99 -18.82 2.83
N ALA YC 381 66.90 -19.27 3.68
CA ALA YC 381 67.51 -20.58 3.46
C ALA YC 381 67.88 -21.21 4.79
N ILE YC 382 68.04 -22.54 4.77
CA ILE YC 382 68.34 -23.29 5.98
C ILE YC 382 69.35 -24.38 5.68
N PHE YC 383 70.04 -24.78 6.74
CA PHE YC 383 70.98 -25.89 6.76
C PHE YC 383 70.80 -26.65 8.05
N ASP YC 384 70.85 -27.98 8.00
CA ASP YC 384 70.64 -28.75 9.21
C ASP YC 384 71.43 -30.05 9.15
N ASN YC 385 72.24 -30.30 10.18
CA ASN YC 385 73.10 -31.46 10.18
C ASN YC 385 73.23 -32.05 11.58
N ASN YC 386 73.37 -33.37 11.65
CA ASN YC 386 73.77 -34.04 12.86
C ASN YC 386 74.61 -35.27 12.53
N ARG YC 387 75.46 -35.66 13.48
CA ARG YC 387 76.41 -36.74 13.27
C ARG YC 387 76.71 -37.42 14.61
N THR YC 388 77.05 -38.71 14.55
CA THR YC 388 77.35 -39.50 15.74
C THR YC 388 78.81 -39.93 15.75
N PHE YC 389 79.42 -39.91 16.94
CA PHE YC 389 80.78 -40.38 17.17
C PHE YC 389 80.80 -41.50 18.19
N TYR YC 390 81.54 -42.58 17.87
CA TYR YC 390 81.66 -43.77 18.70
C TYR YC 390 83.11 -43.93 19.14
N THR YC 391 83.30 -44.53 20.32
CA THR YC 391 84.62 -44.81 20.87
C THR YC 391 84.64 -46.22 21.45
N LYS YC 392 85.78 -46.88 21.24
CA LYS YC 392 86.10 -48.18 21.82
C LYS YC 392 86.51 -48.08 23.28
N LEU YC 393 86.27 -49.17 24.02
CA LEU YC 393 86.66 -49.29 25.41
C LEU YC 393 87.42 -50.59 25.66
N ILE YC 394 88.24 -50.56 26.70
CA ILE YC 394 89.11 -51.68 27.06
C ILE YC 394 88.29 -52.91 27.41
N GLY YC 395 88.89 -54.08 27.23
CA GLY YC 395 88.16 -55.33 27.26
C GLY YC 395 87.38 -55.61 25.99
N GLU YC 396 88.08 -55.56 24.85
CA GLU YC 396 87.42 -55.47 23.56
C GLU YC 396 86.53 -56.68 23.29
N ARG YC 397 86.83 -57.82 23.91
CA ARG YC 397 85.95 -58.97 23.77
C ARG YC 397 84.66 -58.79 24.57
N ASN YC 398 84.76 -58.15 25.74
CA ASN YC 398 83.57 -57.66 26.44
C ASN YC 398 83.07 -56.37 25.80
N VAL YC 399 82.80 -56.49 24.50
CA VAL YC 399 82.84 -55.34 23.60
C VAL YC 399 81.95 -54.21 24.11
N ALA YC 400 82.47 -52.99 24.06
CA ALA YC 400 81.69 -51.83 24.48
C ALA YC 400 82.06 -50.65 23.61
N LEU YC 401 81.04 -49.92 23.19
CA LEU YC 401 81.18 -48.61 22.57
C LEU YC 401 80.42 -47.57 23.39
N GLU YC 402 81.02 -46.39 23.51
CA GLU YC 402 80.30 -45.23 24.02
C GLU YC 402 80.39 -44.09 23.02
N HIS YC 403 79.32 -43.29 22.94
CA HIS YC 403 79.10 -42.47 21.77
C HIS YC 403 78.31 -41.24 22.17
N VAL YC 404 78.35 -40.23 21.30
CA VAL YC 404 77.57 -39.01 21.48
C VAL YC 404 77.21 -38.46 20.11
N THR YC 405 76.12 -37.71 20.04
CA THR YC 405 75.66 -37.14 18.78
C THR YC 405 75.58 -35.62 18.87
N TYR YC 406 76.22 -34.96 17.91
CA TYR YC 406 76.21 -33.50 17.77
C TYR YC 406 75.24 -33.09 16.68
N GLY YC 407 74.66 -31.91 16.83
CA GLY YC 407 73.74 -31.41 15.83
C GLY YC 407 73.57 -29.92 15.86
N THR YC 408 73.28 -29.35 14.70
CA THR YC 408 73.20 -27.90 14.54
C THR YC 408 72.30 -27.55 13.37
N MET YC 409 71.59 -26.43 13.54
CA MET YC 409 70.70 -25.85 12.55
C MET YC 409 71.07 -24.40 12.28
N ILE YC 410 70.83 -23.96 11.06
CA ILE YC 410 71.00 -22.57 10.69
C ILE YC 410 69.84 -22.18 9.78
N ARG YC 411 69.20 -21.07 10.11
CA ARG YC 411 68.23 -20.41 9.25
C ARG YC 411 68.73 -19.00 9.04
N VAL YC 412 68.56 -18.47 7.83
CA VAL YC 412 69.08 -17.14 7.53
C VAL YC 412 68.25 -16.48 6.44
N LEU YC 413 68.20 -15.15 6.53
CA LEU YC 413 67.61 -14.29 5.51
C LEU YC 413 68.51 -13.09 5.25
N PRO YC 414 69.20 -13.02 4.09
CA PRO YC 414 70.12 -11.90 3.82
C PRO YC 414 69.54 -10.75 3.00
N ARG YC 415 70.12 -9.57 3.24
CA ARG YC 415 69.78 -8.30 2.60
C ARG YC 415 71.05 -7.55 2.24
N PHE YC 416 71.11 -7.00 1.02
CA PHE YC 416 72.24 -6.19 0.55
C PHE YC 416 72.01 -4.69 0.75
N SER YC 417 72.89 -4.08 1.54
CA SER YC 417 72.94 -2.64 1.72
C SER YC 417 73.52 -1.96 0.47
N ALA YC 418 73.22 -0.67 0.33
CA ALA YC 418 73.88 0.16 -0.69
C ALA YC 418 75.37 0.31 -0.42
N ASP YC 419 75.77 0.44 0.84
CA ASP YC 419 77.16 0.56 1.27
C ASP YC 419 77.98 -0.70 1.05
N GLY YC 420 77.39 -1.75 0.49
CA GLY YC 420 77.99 -3.05 0.42
C GLY YC 420 77.99 -3.80 1.73
N GLN YC 421 77.38 -3.24 2.77
CA GLN YC 421 77.21 -3.99 4.00
C GLN YC 421 76.13 -5.04 3.79
N ILE YC 422 76.35 -6.21 4.37
CA ILE YC 422 75.38 -7.30 4.33
C ILE YC 422 74.70 -7.38 5.69
N GLU YC 423 73.37 -7.44 5.65
CA GLU YC 423 72.52 -7.53 6.83
C GLU YC 423 71.77 -8.85 6.77
N MET YC 424 71.58 -9.49 7.90
CA MET YC 424 70.87 -10.77 7.83
C MET YC 424 70.20 -11.10 9.15
N SER YC 425 69.05 -11.76 9.02
CA SER YC 425 68.29 -12.30 10.15
C SER YC 425 68.72 -13.75 10.40
N LEU YC 426 69.19 -14.04 11.63
CA LEU YC 426 69.83 -15.30 11.95
C LEU YC 426 69.33 -15.90 13.24
N ASP YC 427 69.24 -17.23 13.26
CA ASP YC 427 68.98 -18.00 14.47
C ASP YC 427 69.75 -19.31 14.34
N ILE YC 428 70.33 -19.77 15.44
CA ILE YC 428 71.19 -20.95 15.44
C ILE YC 428 70.96 -21.78 16.69
N GLU YC 429 70.60 -23.05 16.49
CA GLU YC 429 70.61 -24.07 17.52
C GLU YC 429 71.85 -24.93 17.33
N ASP YC 430 72.65 -25.09 18.37
CA ASP YC 430 73.84 -25.92 18.27
C ASP YC 430 74.17 -26.64 19.56
N GLY YC 431 74.61 -27.89 19.45
CA GLY YC 431 75.06 -28.58 20.64
C GLY YC 431 75.08 -30.08 20.49
N ASN YC 432 75.05 -30.75 21.64
CA ASN YC 432 74.90 -32.19 21.75
C ASN YC 432 73.69 -32.57 22.59
N ASP YC 433 73.25 -33.81 22.38
CA ASP YC 433 72.14 -34.39 23.12
C ASP YC 433 72.51 -34.67 24.58
N LYS YC 434 71.70 -34.15 25.50
CA LYS YC 434 71.89 -34.35 26.93
C LYS YC 434 72.05 -35.82 27.29
N THR YC 435 73.07 -36.09 28.12
CA THR YC 435 73.36 -37.45 28.56
C THR YC 435 72.13 -38.09 29.22
N PRO YC 436 72.03 -39.41 29.15
CA PRO YC 436 70.89 -40.10 29.75
C PRO YC 436 70.94 -40.31 31.26
N GLN YC 437 71.54 -39.40 32.03
CA GLN YC 437 71.58 -39.55 33.49
C GLN YC 437 72.24 -40.87 33.90
N SER YC 438 73.32 -41.25 33.22
CA SER YC 438 73.81 -42.62 33.29
C SER YC 438 75.33 -42.62 33.18
N ASP YC 439 75.93 -43.79 33.43
CA ASP YC 439 77.36 -43.91 33.59
C ASP YC 439 78.15 -43.77 32.28
N THR YC 440 79.41 -43.38 32.46
CA THR YC 440 80.35 -43.05 31.40
C THR YC 440 81.74 -43.24 32.02
N THR YC 441 82.79 -43.16 31.19
CA THR YC 441 84.14 -43.33 31.68
C THR YC 441 84.99 -42.13 31.26
N THR YC 442 86.02 -41.83 32.06
CA THR YC 442 86.90 -40.69 31.77
C THR YC 442 87.56 -40.76 30.40
N SER YC 443 87.72 -41.95 29.84
CA SER YC 443 88.11 -42.06 28.43
C SER YC 443 86.99 -41.62 27.51
N VAL YC 444 85.75 -42.06 27.79
CA VAL YC 444 84.64 -41.65 26.95
C VAL YC 444 84.42 -40.16 27.05
N ASP YC 445 84.82 -39.57 28.16
CA ASP YC 445 84.87 -38.12 28.23
C ASP YC 445 85.93 -37.55 27.31
N ALA YC 446 86.61 -38.40 26.52
CA ALA YC 446 87.29 -37.94 25.32
C ALA YC 446 86.32 -37.67 24.19
N LEU YC 447 85.08 -38.11 24.29
CA LEU YC 447 83.99 -37.54 23.51
C LEU YC 447 83.46 -36.35 24.29
N PRO YC 448 83.74 -35.12 23.89
CA PRO YC 448 83.70 -34.00 24.84
C PRO YC 448 82.30 -33.43 24.96
N GLU YC 449 81.98 -32.97 26.16
CA GLU YC 449 80.79 -32.18 26.34
C GLU YC 449 80.92 -30.82 25.69
N VAL YC 450 79.84 -30.40 25.03
CA VAL YC 450 79.55 -29.00 24.80
C VAL YC 450 78.09 -28.78 25.20
N GLY YC 451 77.76 -27.53 25.50
CA GLY YC 451 76.44 -27.22 25.95
C GLY YC 451 75.41 -27.43 24.85
N ARG YC 452 74.22 -26.89 25.11
CA ARG YC 452 73.18 -26.71 24.11
C ARG YC 452 72.83 -25.24 24.08
N THR YC 453 72.97 -24.61 22.91
CA THR YC 453 72.87 -23.16 22.83
C THR YC 453 71.92 -22.78 21.72
N LEU YC 454 71.16 -21.73 21.97
CA LEU YC 454 70.25 -21.13 21.01
C LEU YC 454 70.48 -19.63 20.96
N ILE YC 455 70.60 -19.09 19.75
CA ILE YC 455 70.82 -17.67 19.55
C ILE YC 455 69.88 -17.20 18.45
N SER YC 456 69.33 -16.01 18.59
CA SER YC 456 68.47 -15.45 17.56
C SER YC 456 68.56 -13.93 17.56
N THR YC 457 68.98 -13.35 16.44
CA THR YC 457 69.32 -11.94 16.39
C THR YC 457 69.40 -11.46 14.94
N ILE YC 458 69.58 -10.16 14.80
CA ILE YC 458 69.77 -9.48 13.52
C ILE YC 458 71.14 -8.83 13.53
N ALA YC 459 71.89 -9.00 12.45
CA ALA YC 459 73.24 -8.43 12.41
C ALA YC 459 73.54 -7.87 11.04
N ARG YC 460 74.29 -6.77 11.04
CA ARG YC 460 74.78 -6.10 9.84
C ARG YC 460 76.28 -5.95 9.98
N VAL YC 461 77.01 -6.34 8.94
CA VAL YC 461 78.47 -6.32 8.98
C VAL YC 461 79.00 -5.92 7.61
N PRO YC 462 80.08 -5.14 7.55
CA PRO YC 462 80.66 -4.81 6.24
C PRO YC 462 81.16 -6.06 5.53
N HIS YC 463 81.14 -6.00 4.21
CA HIS YC 463 81.58 -7.11 3.38
C HIS YC 463 82.95 -7.63 3.78
N GLY YC 464 83.03 -8.94 4.04
CA GLY YC 464 84.28 -9.59 4.38
C GLY YC 464 84.75 -9.45 5.81
N LYS YC 465 84.09 -8.66 6.64
CA LYS YC 465 84.50 -8.57 8.03
C LYS YC 465 83.85 -9.69 8.82
N SER YC 466 83.94 -9.64 10.15
CA SER YC 466 83.32 -10.66 10.99
C SER YC 466 82.92 -10.04 12.32
N LEU YC 467 81.93 -10.64 12.98
CA LEU YC 467 81.45 -10.12 14.24
C LEU YC 467 81.19 -11.24 15.24
N LEU YC 468 81.40 -10.93 16.51
CA LEU YC 468 81.07 -11.81 17.63
C LEU YC 468 79.60 -11.66 17.96
N VAL YC 469 78.78 -12.64 17.56
CA VAL YC 469 77.37 -12.58 17.89
C VAL YC 469 77.11 -12.96 19.34
N GLY YC 470 77.85 -13.92 19.87
CA GLY YC 470 77.61 -14.31 21.26
C GLY YC 470 78.66 -15.27 21.76
N GLY YC 471 78.66 -15.43 23.08
CA GLY YC 471 79.61 -16.29 23.74
C GLY YC 471 79.31 -16.41 25.22
N TYR YC 472 80.02 -17.34 25.85
CA TYR YC 472 79.83 -17.68 27.25
C TYR YC 472 81.15 -18.09 27.86
N THR YC 473 81.36 -17.68 29.11
CA THR YC 473 82.56 -18.03 29.86
C THR YC 473 82.21 -18.43 31.27
N ARG YC 474 82.81 -19.51 31.76
CA ARG YC 474 82.57 -19.95 33.13
C ARG YC 474 83.89 -20.28 33.79
N ASP YC 475 84.05 -19.80 35.03
CA ASP YC 475 85.23 -20.05 35.83
C ASP YC 475 84.84 -20.38 37.26
N ALA YC 476 85.39 -21.45 37.82
CA ALA YC 476 85.00 -21.87 39.16
C ALA YC 476 86.15 -22.54 39.89
N ASN YC 477 86.15 -22.38 41.21
CA ASN YC 477 87.16 -22.97 42.09
C ASN YC 477 86.51 -23.47 43.37
N THR YC 478 86.95 -24.64 43.82
CA THR YC 478 86.42 -25.28 45.03
C THR YC 478 87.55 -25.85 45.87
N ASP YC 479 87.37 -25.79 47.19
CA ASP YC 479 88.36 -26.26 48.14
C ASP YC 479 87.68 -26.72 49.42
N THR YC 480 88.10 -27.87 49.94
CA THR YC 480 87.52 -28.39 51.18
C THR YC 480 88.57 -29.14 51.97
N VAL YC 481 88.40 -29.15 53.29
CA VAL YC 481 89.28 -29.88 54.20
C VAL YC 481 88.48 -30.45 55.37
N GLN YC 482 88.88 -31.63 55.83
CA GLN YC 482 88.24 -32.31 56.96
C GLN YC 482 89.32 -32.86 57.88
N SER YC 483 89.03 -32.90 59.18
CA SER YC 483 90.03 -33.37 60.14
C SER YC 483 89.40 -33.62 61.49
N ILE YC 484 90.06 -34.47 62.27
CA ILE YC 484 89.75 -34.71 63.68
C ILE YC 484 90.10 -33.45 64.47
N PRO YC 485 89.15 -32.84 65.17
CA PRO YC 485 89.41 -31.57 65.87
C PRO YC 485 90.72 -31.41 66.62
N PHE YC 486 91.06 -32.29 67.55
CA PHE YC 486 92.31 -32.16 68.30
C PHE YC 486 93.50 -32.85 67.64
N LEU YC 487 93.33 -34.10 67.22
CA LEU YC 487 94.42 -34.85 66.62
C LEU YC 487 94.90 -34.21 65.32
N GLY YC 488 93.97 -33.64 64.56
CA GLY YC 488 94.34 -32.94 63.34
C GLY YC 488 95.25 -31.77 63.56
N LYS YC 489 95.33 -31.26 64.78
CA LYS YC 489 96.20 -30.15 65.10
C LYS YC 489 97.54 -30.58 65.66
N LEU YC 490 97.80 -31.88 65.74
CA LEU YC 490 99.08 -32.32 66.27
C LEU YC 490 100.20 -31.82 65.37
N PRO YC 491 101.33 -31.37 65.93
CA PRO YC 491 102.36 -30.76 65.10
C PRO YC 491 103.10 -31.72 64.17
N LEU YC 492 103.40 -32.94 64.63
CA LEU YC 492 104.18 -33.86 63.80
C LEU YC 492 103.35 -34.63 62.79
N ILE YC 493 102.28 -35.28 63.25
CA ILE YC 493 101.52 -36.21 62.42
C ILE YC 493 100.08 -35.76 62.16
N GLY YC 494 99.72 -34.56 62.59
CA GLY YC 494 98.36 -34.10 62.37
C GLY YC 494 97.88 -34.26 60.95
N SER YC 495 98.78 -34.09 59.98
CA SER YC 495 98.42 -34.32 58.58
C SER YC 495 97.88 -35.72 58.33
N LEU YC 496 98.30 -36.70 59.13
CA LEU YC 496 97.76 -38.04 58.99
C LEU YC 496 96.26 -38.09 59.21
N PHE YC 497 95.70 -37.15 59.96
CA PHE YC 497 94.28 -37.13 60.33
C PHE YC 497 93.45 -36.14 59.54
N ARG YC 498 93.88 -35.71 58.36
CA ARG YC 498 93.15 -34.70 57.62
C ARG YC 498 92.92 -35.17 56.19
N TYR YC 499 91.87 -34.60 55.60
CA TYR YC 499 91.44 -34.83 54.23
C TYR YC 499 91.20 -33.51 53.53
N SER YC 500 91.70 -33.37 52.31
CA SER YC 500 91.50 -32.15 51.53
C SER YC 500 91.22 -32.49 50.08
N SER YC 501 90.55 -31.57 49.41
CA SER YC 501 90.19 -31.70 48.00
C SER YC 501 90.18 -30.32 47.35
N LYS YC 502 90.59 -30.27 46.08
CA LYS YC 502 90.61 -29.02 45.32
C LYS YC 502 90.15 -29.26 43.89
N ASN YC 503 89.44 -28.28 43.34
CA ASN YC 503 88.94 -28.39 41.98
C ASN YC 503 88.91 -27.01 41.31
N LYS YC 504 89.22 -26.97 40.01
CA LYS YC 504 89.20 -25.71 39.27
C LYS YC 504 88.76 -25.97 37.84
N SER YC 505 87.96 -25.06 37.28
CA SER YC 505 87.44 -25.22 35.93
C SER YC 505 87.32 -23.89 35.20
N ASN YC 506 87.59 -23.91 33.90
CA ASN YC 506 87.57 -22.72 33.05
C ASN YC 506 87.12 -23.08 31.63
N VAL YC 507 86.04 -22.47 31.15
CA VAL YC 507 85.42 -22.86 29.89
C VAL YC 507 85.01 -21.63 29.10
N VAL YC 508 85.17 -21.70 27.77
CA VAL YC 508 84.83 -20.63 26.84
C VAL YC 508 84.13 -21.18 25.60
N ARG YC 509 83.10 -20.46 25.14
CA ARG YC 509 82.30 -20.83 23.97
C ARG YC 509 81.94 -19.56 23.20
N VAL YC 510 82.15 -19.54 21.87
CA VAL YC 510 81.87 -18.34 21.09
C VAL YC 510 81.38 -18.68 19.70
N PHE YC 511 80.64 -17.74 19.10
CA PHE YC 511 80.07 -17.85 17.75
C PHE YC 511 80.43 -16.61 16.91
N MET YC 512 81.19 -16.82 15.85
CA MET YC 512 81.63 -15.75 14.93
C MET YC 512 81.13 -16.03 13.53
N ILE YC 513 80.53 -15.01 12.90
CA ILE YC 513 79.97 -15.09 11.55
C ILE YC 513 80.85 -14.30 10.58
N GLU YC 514 80.88 -14.78 9.32
CA GLU YC 514 81.74 -14.20 8.29
C GLU YC 514 81.12 -14.38 6.89
N PRO YC 515 80.50 -13.34 6.33
CA PRO YC 515 79.93 -13.46 4.98
C PRO YC 515 80.91 -13.17 3.85
N LYS YC 516 80.59 -13.72 2.68
CA LYS YC 516 81.32 -13.51 1.43
C LYS YC 516 80.35 -13.46 0.27
N GLU YC 517 80.53 -12.51 -0.64
CA GLU YC 517 79.82 -12.53 -1.91
C GLU YC 517 80.49 -13.52 -2.88
N ILE YC 518 79.67 -14.32 -3.55
CA ILE YC 518 80.10 -15.32 -4.53
C ILE YC 518 79.97 -14.76 -5.92
N VAL YC 519 81.10 -14.67 -6.62
CA VAL YC 519 81.19 -14.07 -7.95
C VAL YC 519 81.39 -15.13 -9.04
N ASP YC 520 82.42 -15.96 -8.90
CA ASP YC 520 82.75 -16.91 -9.96
C ASP YC 520 82.63 -18.36 -9.51
N PRO YC 521 82.38 -19.30 -10.46
CA PRO YC 521 82.32 -20.73 -10.12
C PRO YC 521 83.63 -21.37 -9.66
N LEU YC 522 83.51 -22.65 -9.34
CA LEU YC 522 84.62 -23.46 -8.84
C LEU YC 522 85.76 -23.56 -9.84
N THR YC 523 86.98 -23.60 -9.30
CA THR YC 523 88.24 -23.79 -10.01
C THR YC 523 89.25 -24.47 -9.10
N PRO YC 524 89.76 -25.67 -9.45
CA PRO YC 524 89.47 -26.56 -10.57
C PRO YC 524 88.04 -27.04 -10.59
N ASP YC 525 87.65 -27.70 -11.69
CA ASP YC 525 86.33 -28.31 -11.73
C ASP YC 525 86.17 -29.41 -10.69
N ALA YC 526 84.95 -29.47 -10.15
CA ALA YC 526 84.56 -30.51 -9.22
C ALA YC 526 84.97 -31.90 -9.69
N SER YC 527 84.69 -32.24 -10.94
CA SER YC 527 85.08 -33.55 -11.46
C SER YC 527 86.58 -33.78 -11.37
N GLU YC 528 87.38 -32.75 -11.62
CA GLU YC 528 88.83 -32.89 -11.49
C GLU YC 528 89.23 -33.18 -10.05
N SER YC 529 88.74 -32.37 -9.12
CA SER YC 529 89.05 -32.63 -7.72
C SER YC 529 88.61 -34.03 -7.30
N VAL YC 530 87.41 -34.44 -7.71
CA VAL YC 530 86.91 -35.78 -7.42
C VAL YC 530 87.86 -36.85 -7.95
N ASN YC 531 88.28 -36.70 -9.21
CA ASN YC 531 89.20 -37.67 -9.78
C ASN YC 531 90.50 -37.75 -8.99
N ASN YC 532 91.05 -36.60 -8.62
CA ASN YC 532 92.28 -36.61 -7.82
C ASN YC 532 92.07 -37.38 -6.53
N ILE YC 533 91.00 -37.04 -5.82
CA ILE YC 533 90.70 -37.71 -4.55
C ILE YC 533 90.59 -39.22 -4.73
N LEU YC 534 89.74 -39.65 -5.66
CA LEU YC 534 89.53 -41.08 -5.88
C LEU YC 534 90.82 -41.81 -6.21
N LYS YC 535 91.63 -41.27 -7.11
CA LYS YC 535 92.85 -41.98 -7.49
C LYS YC 535 93.86 -41.99 -6.36
N GLN YC 536 94.05 -40.87 -5.67
CA GLN YC 536 94.95 -40.88 -4.53
C GLN YC 536 94.49 -41.88 -3.48
N SER YC 537 93.18 -41.95 -3.24
CA SER YC 537 92.60 -42.91 -2.30
C SER YC 537 92.67 -44.34 -2.78
N GLY YC 538 92.90 -44.57 -4.07
CA GLY YC 538 92.81 -45.93 -4.58
C GLY YC 538 91.41 -46.48 -4.66
N ALA YC 539 90.40 -45.64 -4.46
CA ALA YC 539 89.01 -46.04 -4.60
C ALA YC 539 88.61 -46.19 -6.06
N TRP YC 540 89.34 -45.56 -6.97
CA TRP YC 540 89.03 -45.58 -8.39
C TRP YC 540 88.64 -46.97 -8.87
N SER YC 541 87.69 -46.99 -9.81
CA SER YC 541 87.10 -48.21 -10.35
C SER YC 541 86.82 -48.17 -11.84
N GLY YC 542 86.78 -47.00 -12.47
CA GLY YC 542 86.48 -46.89 -13.89
C GLY YC 542 87.37 -47.73 -14.77
N ASP YC 543 88.50 -48.19 -14.25
CA ASP YC 543 89.34 -49.14 -14.96
C ASP YC 543 88.58 -50.41 -15.30
N ASP YC 544 87.56 -50.75 -14.51
CA ASP YC 544 86.86 -52.00 -14.73
C ASP YC 544 86.44 -52.14 -16.18
N LYS YC 545 86.97 -53.18 -16.81
CA LYS YC 545 86.65 -53.52 -18.19
C LYS YC 545 85.15 -53.48 -18.46
N LEU YC 546 84.34 -53.90 -17.49
CA LEU YC 546 82.90 -53.97 -17.65
C LEU YC 546 82.21 -52.64 -17.33
N GLN YC 547 82.39 -52.12 -16.12
CA GLN YC 547 81.71 -50.89 -15.73
C GLN YC 547 81.94 -49.73 -16.70
N LYS YC 548 83.09 -49.69 -17.39
CA LYS YC 548 83.31 -48.62 -18.37
C LYS YC 548 82.11 -48.43 -19.29
N TRP YC 549 81.49 -49.54 -19.72
CA TRP YC 549 80.34 -49.47 -20.63
C TRP YC 549 79.23 -48.60 -20.10
N VAL YC 550 79.05 -48.53 -18.80
CA VAL YC 550 78.00 -47.69 -18.20
C VAL YC 550 78.56 -46.32 -17.84
N ARG YC 551 79.62 -46.30 -17.04
CA ARG YC 551 80.19 -45.03 -16.60
C ARG YC 551 80.43 -44.08 -17.77
N VAL YC 552 80.83 -44.61 -18.94
CA VAL YC 552 81.04 -43.74 -20.09
C VAL YC 552 79.83 -42.83 -20.30
N TYR YC 553 78.62 -43.40 -20.31
CA TYR YC 553 77.43 -42.56 -20.49
C TYR YC 553 77.34 -41.46 -19.44
N LEU YC 554 77.86 -41.70 -18.24
CA LEU YC 554 77.79 -40.73 -17.16
C LEU YC 554 78.95 -39.75 -17.22
N ASP YC 555 80.16 -40.24 -17.51
CA ASP YC 555 81.34 -39.39 -17.56
C ASP YC 555 81.49 -38.75 -18.93
N ARG YC 556 81.27 -39.52 -19.99
CA ARG YC 556 81.40 -38.98 -21.34
C ARG YC 556 80.14 -38.23 -21.76
N GLY YC 557 78.97 -38.83 -21.53
CA GLY YC 557 77.72 -38.29 -22.02
C GLY YC 557 77.63 -38.21 -23.53
N PRO ZC 29 8.07 33.39 -92.33
CA PRO ZC 29 9.32 32.67 -92.60
C PRO ZC 29 9.19 31.71 -93.78
N VAL ZC 30 10.27 31.61 -94.55
CA VAL ZC 30 10.26 30.84 -95.79
C VAL ZC 30 10.55 29.34 -95.58
N THR ZC 31 11.46 28.98 -94.69
CA THR ZC 31 11.90 27.58 -94.62
C THR ZC 31 12.01 27.01 -93.20
N GLY ZC 32 12.03 25.68 -93.18
CA GLY ZC 32 12.15 24.87 -91.98
C GLY ZC 32 11.08 24.97 -90.92
N SER ZC 33 11.49 25.30 -89.70
CA SER ZC 33 10.55 25.40 -88.59
C SER ZC 33 11.02 26.44 -87.58
N GLY ZC 34 10.07 26.86 -86.77
CA GLY ZC 34 10.34 27.79 -85.68
C GLY ZC 34 9.04 28.29 -85.12
N PHE ZC 35 9.13 29.30 -84.27
CA PHE ZC 35 7.96 29.78 -83.56
C PHE ZC 35 7.93 31.29 -83.56
N VAL ZC 36 6.73 31.85 -83.66
CA VAL ZC 36 6.52 33.28 -83.69
C VAL ZC 36 5.67 33.63 -82.49
N ALA ZC 37 6.21 34.43 -81.58
CA ALA ZC 37 5.64 34.63 -80.26
C ALA ZC 37 5.34 36.09 -80.02
N LYS ZC 38 4.20 36.36 -79.41
CA LYS ZC 38 3.68 37.73 -79.29
C LYS ZC 38 3.09 37.87 -77.88
N ASP ZC 39 3.91 38.34 -76.95
CA ASP ZC 39 3.48 38.54 -75.58
C ASP ZC 39 2.99 37.24 -74.94
N ASP ZC 40 3.76 36.18 -75.12
CA ASP ZC 40 3.38 34.83 -74.74
C ASP ZC 40 4.02 34.43 -73.43
N SER ZC 41 3.25 33.78 -72.57
CA SER ZC 41 3.82 33.22 -71.36
C SER ZC 41 4.89 32.19 -71.69
N LEU ZC 42 5.93 32.18 -70.86
CA LEU ZC 42 6.95 31.16 -71.00
C LEU ZC 42 6.38 29.75 -70.97
N ARG ZC 43 5.26 29.53 -70.28
CA ARG ZC 43 4.69 28.17 -70.29
C ARG ZC 43 4.24 27.74 -71.67
N THR ZC 44 3.72 28.65 -72.48
CA THR ZC 44 3.37 28.28 -73.84
C THR ZC 44 4.59 28.24 -74.72
N PHE ZC 45 5.55 29.13 -74.47
CA PHE ZC 45 6.73 29.18 -75.33
C PHE ZC 45 7.56 27.91 -75.20
N PHE ZC 46 7.86 27.46 -74.00
CA PHE ZC 46 8.68 26.26 -73.88
C PHE ZC 46 7.93 25.02 -74.33
N ASP ZC 47 6.60 25.02 -74.25
CA ASP ZC 47 5.86 23.91 -74.81
C ASP ZC 47 6.05 23.85 -76.31
N ALA ZC 48 6.13 25.01 -76.96
CA ALA ZC 48 6.36 24.97 -78.40
C ALA ZC 48 7.73 24.39 -78.72
N MET ZC 49 8.70 24.52 -77.82
CA MET ZC 49 10.05 23.99 -78.00
C MET ZC 49 10.16 22.51 -77.65
N ALA ZC 50 9.15 21.96 -76.99
CA ALA ZC 50 9.31 20.63 -76.42
C ALA ZC 50 9.54 19.56 -77.48
N LEU ZC 51 8.87 19.65 -78.62
CA LEU ZC 51 9.02 18.58 -79.61
C LEU ZC 51 10.45 18.53 -80.13
N GLN ZC 52 11.05 19.69 -80.39
CA GLN ZC 52 12.44 19.71 -80.82
C GLN ZC 52 13.35 19.20 -79.72
N LEU ZC 53 12.98 19.42 -78.46
CA LEU ZC 53 13.77 18.84 -77.38
C LEU ZC 53 13.54 17.35 -77.22
N LYS ZC 54 12.48 16.80 -77.79
CA LYS ZC 54 12.12 15.39 -77.66
C LYS ZC 54 11.70 14.99 -76.25
N GLU ZC 55 11.34 15.95 -75.40
CA GLU ZC 55 11.06 15.63 -74.01
C GLU ZC 55 9.92 16.52 -73.53
N PRO ZC 56 9.12 16.05 -72.59
CA PRO ZC 56 8.17 16.96 -71.94
C PRO ZC 56 8.86 17.97 -71.05
N VAL ZC 57 8.27 19.17 -70.99
CA VAL ZC 57 8.84 20.33 -70.31
C VAL ZC 57 7.87 20.82 -69.25
N ILE ZC 58 8.41 21.17 -68.08
CA ILE ZC 58 7.59 21.53 -66.93
C ILE ZC 58 8.09 22.85 -66.37
N VAL ZC 59 7.18 23.80 -66.16
CA VAL ZC 59 7.52 25.17 -65.81
C VAL ZC 59 6.78 25.54 -64.54
N SER ZC 60 7.50 26.07 -63.55
CA SER ZC 60 6.88 26.44 -62.29
C SER ZC 60 5.96 27.65 -62.47
N LYS ZC 61 5.05 27.81 -61.51
CA LYS ZC 61 4.12 28.93 -61.53
C LYS ZC 61 4.85 30.27 -61.52
N MET ZC 62 5.83 30.42 -60.64
CA MET ZC 62 6.58 31.67 -60.55
C MET ZC 62 7.32 32.00 -61.85
N ALA ZC 63 7.88 31.00 -62.51
CA ALA ZC 63 8.50 31.24 -63.81
C ALA ZC 63 7.48 31.61 -64.86
N ALA ZC 64 6.30 31.01 -64.83
CA ALA ZC 64 5.32 31.27 -65.86
C ALA ZC 64 4.80 32.70 -65.91
N ARG ZC 65 5.19 33.56 -64.96
CA ARG ZC 65 4.76 34.96 -65.03
C ARG ZC 65 5.46 35.74 -66.13
N LYS ZC 66 6.66 35.35 -66.50
CA LYS ZC 66 7.46 36.14 -67.43
C LYS ZC 66 6.89 36.05 -68.84
N LYS ZC 67 7.08 37.12 -69.61
CA LYS ZC 67 6.52 37.24 -70.93
C LYS ZC 67 7.65 37.42 -71.94
N ILE ZC 68 7.46 36.92 -73.16
CA ILE ZC 68 8.45 37.04 -74.21
C ILE ZC 68 7.78 37.36 -75.52
N THR ZC 69 8.51 38.02 -76.42
CA THR ZC 69 8.04 38.25 -77.77
C THR ZC 69 9.21 38.28 -78.73
N GLY ZC 70 8.99 37.83 -79.95
CA GLY ZC 70 10.09 37.74 -80.90
C GLY ZC 70 9.81 36.74 -82.00
N ASN ZC 71 10.88 36.13 -82.50
CA ASN ZC 71 10.80 35.21 -83.63
C ASN ZC 71 12.00 34.30 -83.60
N PHE ZC 72 11.78 32.99 -83.51
CA PHE ZC 72 12.85 32.07 -83.16
C PHE ZC 72 12.88 30.88 -84.10
N GLU ZC 73 14.06 30.29 -84.22
CA GLU ZC 73 14.28 29.08 -85.00
C GLU ZC 73 14.88 28.02 -84.10
N PHE ZC 74 14.48 26.76 -84.32
CA PHE ZC 74 14.90 25.70 -83.42
C PHE ZC 74 15.94 24.79 -84.07
N HIS ZC 75 17.09 25.36 -84.38
CA HIS ZC 75 18.21 24.59 -84.93
C HIS ZC 75 18.89 23.75 -83.85
N ASP ZC 76 19.12 24.33 -82.66
CA ASP ZC 76 19.74 23.62 -81.55
C ASP ZC 76 19.13 24.09 -80.25
N PRO ZC 77 17.96 23.55 -79.91
CA PRO ZC 77 17.29 23.96 -78.68
C PRO ZC 77 18.14 23.92 -77.45
N ASN ZC 78 19.11 23.01 -77.35
CA ASN ZC 78 19.94 22.97 -76.14
C ASN ZC 78 20.73 24.26 -75.97
N ALA ZC 79 21.40 24.69 -77.04
CA ALA ZC 79 22.13 25.95 -76.98
C ALA ZC 79 21.19 27.11 -76.70
N LEU ZC 80 20.07 27.16 -77.42
CA LEU ZC 80 19.15 28.27 -77.21
C LEU ZC 80 18.64 28.29 -75.77
N LEU ZC 81 18.28 27.13 -75.25
CA LEU ZC 81 17.83 27.00 -73.87
C LEU ZC 81 18.87 27.49 -72.88
N GLU ZC 82 20.13 27.17 -73.09
CA GLU ZC 82 21.15 27.63 -72.14
C GLU ZC 82 21.30 29.14 -72.19
N LYS ZC 83 21.40 29.69 -73.39
CA LYS ZC 83 21.52 31.14 -73.50
C LYS ZC 83 20.34 31.85 -72.86
N LEU ZC 84 19.13 31.43 -73.19
CA LEU ZC 84 17.95 32.06 -72.59
C LEU ZC 84 17.88 31.88 -71.09
N SER ZC 85 18.35 30.76 -70.55
CA SER ZC 85 18.41 30.61 -69.10
C SER ZC 85 19.27 31.69 -68.46
N LEU ZC 86 20.45 31.95 -69.04
CA LEU ZC 86 21.30 33.00 -68.47
C LEU ZC 86 20.74 34.40 -68.70
N GLN ZC 87 20.09 34.63 -69.82
CA GLN ZC 87 19.55 35.96 -70.08
C GLN ZC 87 18.30 36.27 -69.27
N LEU ZC 88 17.45 35.29 -69.02
CA LEU ZC 88 16.20 35.52 -68.30
C LEU ZC 88 16.28 35.17 -66.81
N GLY ZC 89 17.40 34.63 -66.35
CA GLY ZC 89 17.52 34.27 -64.95
C GLY ZC 89 16.84 33.00 -64.53
N LEU ZC 90 16.69 32.05 -65.44
CA LEU ZC 90 16.10 30.77 -65.11
C LEU ZC 90 17.20 29.78 -64.72
N ILE ZC 91 16.77 28.66 -64.15
CA ILE ZC 91 17.62 27.53 -63.81
C ILE ZC 91 16.87 26.31 -64.34
N TRP ZC 92 17.61 25.31 -64.77
CA TRP ZC 92 16.96 24.15 -65.36
C TRP ZC 92 17.70 22.86 -65.06
N TYR ZC 93 16.96 21.77 -65.20
CA TYR ZC 93 17.47 20.44 -64.92
C TYR ZC 93 16.84 19.42 -65.86
N PHE ZC 94 17.47 18.24 -65.89
CA PHE ZC 94 17.02 17.14 -66.74
C PHE ZC 94 17.34 15.82 -66.08
N ASP ZC 95 16.29 15.08 -65.72
CA ASP ZC 95 16.37 13.80 -65.02
C ASP ZC 95 16.48 12.60 -65.95
N GLY ZC 96 16.38 12.81 -67.25
CA GLY ZC 96 16.29 11.75 -68.24
C GLY ZC 96 14.90 11.48 -68.75
N GLN ZC 97 13.88 11.99 -68.07
CA GLN ZC 97 12.49 11.83 -68.48
C GLN ZC 97 11.81 13.14 -68.80
N ALA ZC 98 12.14 14.22 -68.09
CA ALA ZC 98 11.51 15.50 -68.35
C ALA ZC 98 12.45 16.64 -67.99
N ILE ZC 99 12.30 17.76 -68.69
CA ILE ZC 99 13.06 18.98 -68.40
C ILE ZC 99 12.27 19.88 -67.46
N TYR ZC 100 12.90 20.34 -66.39
CA TYR ZC 100 12.30 21.21 -65.37
C TYR ZC 100 12.93 22.58 -65.38
N ILE ZC 101 12.08 23.61 -65.40
CA ILE ZC 101 12.51 25.01 -65.48
C ILE ZC 101 11.95 25.75 -64.27
N TYR ZC 102 12.84 26.41 -63.52
CA TYR ZC 102 12.54 27.16 -62.31
C TYR ZC 102 13.15 28.54 -62.33
N ASP ZC 103 12.47 29.50 -61.72
CA ASP ZC 103 13.03 30.84 -61.61
C ASP ZC 103 14.15 30.84 -60.57
N ALA ZC 104 15.24 31.53 -60.89
CA ALA ZC 104 16.47 31.42 -60.10
C ALA ZC 104 16.28 31.63 -58.61
N SER ZC 105 15.35 32.46 -58.20
CA SER ZC 105 15.19 32.69 -56.78
C SER ZC 105 14.80 31.43 -56.02
N GLU ZC 106 14.38 30.37 -56.72
CA GLU ZC 106 13.99 29.11 -56.11
C GLU ZC 106 15.13 28.13 -55.86
N MET ZC 107 16.38 28.54 -56.03
CA MET ZC 107 17.50 27.69 -55.64
C MET ZC 107 17.32 27.14 -54.23
N ARG ZC 108 17.82 25.93 -54.02
CA ARG ZC 108 17.80 25.26 -52.72
C ARG ZC 108 19.21 24.94 -52.26
N ASN ZC 109 19.40 24.86 -50.95
CA ASN ZC 109 20.69 24.58 -50.34
C ASN ZC 109 20.50 23.61 -49.18
N ALA ZC 110 21.42 22.65 -49.02
CA ALA ZC 110 21.35 21.76 -47.88
C ALA ZC 110 22.74 21.28 -47.48
N VAL ZC 111 22.86 20.90 -46.21
CA VAL ZC 111 24.06 20.28 -45.65
C VAL ZC 111 23.70 18.89 -45.16
N VAL ZC 112 24.52 17.89 -45.49
CA VAL ZC 112 24.21 16.49 -45.19
C VAL ZC 112 25.40 15.85 -44.51
N SER ZC 113 25.14 14.98 -43.54
CA SER ZC 113 26.20 14.22 -42.88
C SER ZC 113 25.85 12.75 -42.74
N LEU ZC 114 26.78 11.87 -43.09
CA LEU ZC 114 26.60 10.43 -43.18
C LEU ZC 114 27.64 9.71 -42.32
N ARG ZC 115 27.28 8.56 -41.78
CA ARG ZC 115 28.25 7.76 -41.03
C ARG ZC 115 28.83 6.57 -41.79
N ASN ZC 116 28.08 5.94 -42.69
CA ASN ZC 116 28.53 4.71 -43.32
C ASN ZC 116 28.77 4.85 -44.82
N VAL ZC 117 28.88 6.06 -45.34
CA VAL ZC 117 29.05 6.25 -46.78
C VAL ZC 117 29.95 7.47 -47.01
N SER ZC 118 31.10 7.25 -47.62
CA SER ZC 118 31.89 8.39 -48.04
C SER ZC 118 31.38 9.03 -49.33
N LEU ZC 119 31.71 10.31 -49.48
CA LEU ZC 119 31.23 11.07 -50.62
C LEU ZC 119 31.68 10.43 -51.92
N ASN ZC 120 32.87 9.84 -51.92
CA ASN ZC 120 33.34 9.16 -53.12
C ASN ZC 120 32.49 7.93 -53.43
N GLU ZC 121 31.97 7.28 -52.41
CA GLU ZC 121 31.10 6.14 -52.65
C GLU ZC 121 29.76 6.59 -53.19
N PHE ZC 122 29.29 7.76 -52.77
CA PHE ZC 122 27.99 8.21 -53.22
C PHE ZC 122 28.06 8.72 -54.65
N ASN ZC 123 29.16 9.39 -55.02
CA ASN ZC 123 29.28 9.88 -56.38
C ASN ZC 123 29.22 8.73 -57.39
N ASN ZC 124 29.80 7.58 -57.03
CA ASN ZC 124 29.71 6.40 -57.89
C ASN ZC 124 28.28 6.01 -58.14
N PHE ZC 125 27.45 6.02 -57.10
CA PHE ZC 125 26.04 5.72 -57.26
C PHE ZC 125 25.38 6.68 -58.23
N LEU ZC 126 25.58 7.98 -58.03
CA LEU ZC 126 25.02 8.94 -58.98
C LEU ZC 126 25.47 8.68 -60.41
N LYS ZC 127 26.75 8.40 -60.62
CA LYS ZC 127 27.24 8.11 -61.96
C LYS ZC 127 26.57 6.89 -62.57
N ARG ZC 128 26.59 5.75 -61.88
CA ARG ZC 128 25.92 4.57 -62.39
C ARG ZC 128 24.47 4.84 -62.72
N SER ZC 129 23.77 5.58 -61.84
CA SER ZC 129 22.40 5.97 -62.11
C SER ZC 129 22.27 6.84 -63.34
N GLY ZC 130 23.31 7.59 -63.69
CA GLY ZC 130 23.17 8.60 -64.73
C GLY ZC 130 22.41 9.82 -64.28
N LEU ZC 131 22.42 10.09 -62.99
CA LEU ZC 131 21.77 11.23 -62.36
C LEU ZC 131 22.74 12.38 -62.19
N TYR ZC 132 24.02 12.06 -62.03
CA TYR ZC 132 25.08 13.05 -61.89
C TYR ZC 132 24.96 14.17 -62.91
N ASN ZC 133 25.03 15.40 -62.39
CA ASN ZC 133 24.91 16.64 -63.16
C ASN ZC 133 26.09 17.53 -62.79
N LYS ZC 134 27.03 17.67 -63.72
CA LYS ZC 134 28.24 18.45 -63.49
C LYS ZC 134 28.04 19.95 -63.32
N ASN ZC 135 26.86 20.52 -63.49
CA ASN ZC 135 26.68 21.93 -63.13
C ASN ZC 135 26.52 22.15 -61.64
N TYR ZC 136 26.02 21.17 -60.91
CA TYR ZC 136 25.74 21.30 -59.47
C TYR ZC 136 26.33 20.17 -58.65
N PRO ZC 137 27.59 19.83 -58.85
CA PRO ZC 137 28.17 18.70 -58.14
C PRO ZC 137 28.22 18.91 -56.64
N LEU ZC 138 28.29 17.79 -55.92
CA LEU ZC 138 28.47 17.82 -54.47
C LEU ZC 138 29.85 18.36 -54.16
N ARG ZC 139 29.92 19.25 -53.17
CA ARG ZC 139 31.15 19.89 -52.75
C ARG ZC 139 31.54 19.48 -51.34
N GLY ZC 140 32.70 18.84 -51.20
CA GLY ZC 140 33.15 18.42 -49.89
C GLY ZC 140 34.45 17.65 -49.95
N ASP ZC 141 34.74 16.88 -48.89
CA ASP ZC 141 35.91 16.02 -48.84
C ASP ZC 141 35.57 14.57 -49.22
N ASN ZC 142 36.12 14.12 -50.34
CA ASN ZC 142 35.85 12.77 -50.82
C ASN ZC 142 36.10 11.69 -49.79
N ARG ZC 143 37.01 11.92 -48.84
CA ARG ZC 143 37.27 10.93 -47.81
C ARG ZC 143 36.19 10.90 -46.74
N LYS ZC 144 35.70 12.07 -46.33
CA LYS ZC 144 34.71 12.20 -45.26
C LYS ZC 144 33.30 11.91 -45.76
N GLY ZC 145 32.34 12.13 -44.88
CA GLY ZC 145 30.93 11.98 -45.19
C GLY ZC 145 30.04 13.18 -44.95
N THR ZC 146 30.61 14.38 -44.92
CA THR ZC 146 29.85 15.62 -44.70
C THR ZC 146 30.00 16.51 -45.92
N PHE ZC 147 28.88 16.90 -46.51
CA PHE ZC 147 28.92 17.64 -47.76
C PHE ZC 147 27.80 18.66 -47.88
N TYR ZC 148 28.03 19.62 -48.78
CA TYR ZC 148 27.11 20.69 -49.16
C TYR ZC 148 26.57 20.50 -50.57
N VAL ZC 149 25.25 20.65 -50.74
CA VAL ZC 149 24.61 20.50 -52.04
C VAL ZC 149 23.68 21.68 -52.30
N SER ZC 150 23.70 22.20 -53.52
CA SER ZC 150 22.86 23.32 -53.91
C SER ZC 150 22.35 23.17 -55.33
N GLY ZC 151 21.09 23.53 -55.57
CA GLY ZC 151 20.53 23.43 -56.89
C GLY ZC 151 19.01 23.49 -56.97
N PRO ZC 152 18.46 23.14 -58.13
CA PRO ZC 152 17.01 23.06 -58.28
C PRO ZC 152 16.36 22.15 -57.25
N PRO ZC 153 15.14 22.49 -56.85
CA PRO ZC 153 14.42 21.65 -55.88
C PRO ZC 153 14.35 20.17 -56.16
N VAL ZC 154 14.01 19.79 -57.39
CA VAL ZC 154 13.90 18.37 -57.74
C VAL ZC 154 15.20 17.64 -57.51
N TYR ZC 155 16.31 18.28 -57.84
CA TYR ZC 155 17.62 17.67 -57.64
C TYR ZC 155 18.00 17.58 -56.17
N VAL ZC 156 17.96 18.71 -55.47
CA VAL ZC 156 18.33 18.71 -54.05
C VAL ZC 156 17.48 17.73 -53.25
N ASP ZC 157 16.16 17.76 -53.41
CA ASP ZC 157 15.29 16.87 -52.66
C ASP ZC 157 15.50 15.41 -53.02
N MET ZC 158 16.03 15.13 -54.20
CA MET ZC 158 16.33 13.76 -54.57
C MET ZC 158 17.61 13.31 -53.86
N VAL ZC 159 18.68 14.06 -54.05
CA VAL ZC 159 19.96 13.75 -53.41
C VAL ZC 159 19.81 13.54 -51.91
N VAL ZC 160 19.17 14.46 -51.21
CA VAL ZC 160 19.05 14.33 -49.76
C VAL ZC 160 18.34 13.04 -49.35
N ASN ZC 161 17.26 12.69 -50.03
CA ASN ZC 161 16.54 11.47 -49.70
C ASN ZC 161 17.37 10.23 -50.00
N ALA ZC 162 17.88 10.13 -51.22
CA ALA ZC 162 18.72 9.00 -51.57
C ALA ZC 162 19.84 8.78 -50.56
N ALA ZC 163 20.65 9.80 -50.32
CA ALA ZC 163 21.73 9.67 -49.34
C ALA ZC 163 21.26 9.22 -47.97
N THR ZC 164 20.21 9.84 -47.43
CA THR ZC 164 19.74 9.45 -46.11
C THR ZC 164 19.29 7.99 -46.05
N MET ZC 165 18.46 7.55 -46.98
CA MET ZC 165 18.02 6.17 -46.93
C MET ZC 165 19.14 5.19 -47.22
N MET ZC 166 20.03 5.51 -48.14
CA MET ZC 166 21.12 4.60 -48.44
C MET ZC 166 22.04 4.44 -47.23
N ASP ZC 167 22.18 5.50 -46.43
CA ASP ZC 167 22.90 5.36 -45.17
C ASP ZC 167 22.17 4.44 -44.19
N LYS ZC 168 20.88 4.66 -43.97
CA LYS ZC 168 20.22 3.81 -42.98
C LYS ZC 168 20.13 2.36 -43.42
N GLN ZC 169 20.07 2.09 -44.71
CA GLN ZC 169 20.23 0.72 -45.18
C GLN ZC 169 21.62 0.18 -44.90
N ASN ZC 170 22.66 0.98 -45.09
CA ASN ZC 170 24.00 0.47 -44.87
C ASN ZC 170 24.35 0.42 -43.38
N ASP ZC 171 23.46 -0.16 -42.58
CA ASP ZC 171 23.64 -0.21 -41.13
C ASP ZC 171 24.92 -0.89 -40.69
N GLY ZC 172 25.62 -1.61 -41.57
CA GLY ZC 172 26.87 -2.26 -41.20
C GLY ZC 172 26.79 -3.50 -40.32
N ILE ZC 173 25.61 -4.05 -40.07
CA ILE ZC 173 25.46 -5.16 -39.12
C ILE ZC 173 25.79 -6.48 -39.85
N GLU ZC 174 27.00 -6.99 -39.63
CA GLU ZC 174 27.39 -8.29 -40.15
C GLU ZC 174 26.68 -9.44 -39.42
N LEU ZC 175 26.33 -10.47 -40.18
CA LEU ZC 175 25.64 -11.63 -39.62
C LEU ZC 175 26.51 -12.40 -38.62
N GLY ZC 176 27.78 -12.60 -38.95
CA GLY ZC 176 28.65 -13.35 -38.07
C GLY ZC 176 28.36 -14.84 -38.02
N ARG ZC 177 28.15 -15.46 -39.19
CA ARG ZC 177 28.02 -16.91 -39.25
C ARG ZC 177 29.29 -17.61 -38.79
N GLN ZC 178 29.18 -18.38 -37.72
CA GLN ZC 178 30.35 -18.85 -36.97
C GLN ZC 178 31.14 -19.94 -37.68
N LYS ZC 179 32.44 -19.70 -37.84
CA LYS ZC 179 33.40 -20.73 -38.22
C LYS ZC 179 33.76 -21.58 -37.01
N ILE ZC 180 34.05 -22.86 -37.27
CA ILE ZC 180 34.61 -23.79 -36.29
C ILE ZC 180 35.99 -24.22 -36.74
N GLY ZC 181 37.00 -23.88 -35.95
CA GLY ZC 181 38.37 -24.33 -36.17
C GLY ZC 181 38.71 -25.55 -35.34
N VAL ZC 182 39.41 -26.50 -35.95
CA VAL ZC 182 39.98 -27.65 -35.26
C VAL ZC 182 41.49 -27.58 -35.43
N MET ZC 183 42.24 -27.69 -34.33
CA MET ZC 183 43.67 -27.42 -34.38
C MET ZC 183 44.40 -28.42 -33.49
N ARG ZC 184 45.08 -29.39 -34.10
CA ARG ZC 184 46.02 -30.21 -33.35
C ARG ZC 184 47.17 -29.41 -32.79
N LEU ZC 185 47.51 -29.70 -31.55
CA LEU ZC 185 48.76 -29.26 -30.96
C LEU ZC 185 49.85 -30.25 -31.33
N ASN ZC 186 51.06 -29.76 -31.48
CA ASN ZC 186 52.22 -30.53 -31.91
C ASN ZC 186 53.25 -30.76 -30.82
N ASN ZC 187 53.51 -29.78 -29.96
CA ASN ZC 187 54.63 -29.84 -29.04
C ASN ZC 187 54.23 -29.94 -27.57
N THR ZC 188 52.94 -29.97 -27.24
CA THR ZC 188 52.55 -29.98 -25.85
C THR ZC 188 51.18 -30.63 -25.67
N PHE ZC 189 50.91 -31.07 -24.45
CA PHE ZC 189 49.60 -31.61 -24.09
C PHE ZC 189 48.55 -30.51 -24.03
N VAL ZC 190 47.37 -30.81 -24.57
CA VAL ZC 190 46.29 -29.83 -24.59
C VAL ZC 190 45.76 -29.56 -23.19
N GLY ZC 191 45.67 -30.57 -22.36
CA GLY ZC 191 45.00 -30.40 -21.08
C GLY ZC 191 45.83 -29.67 -20.04
N ASP ZC 192 45.15 -29.31 -18.96
CA ASP ZC 192 45.85 -28.90 -17.74
C ASP ZC 192 46.82 -29.97 -17.30
N ARG ZC 193 47.99 -29.54 -16.87
CA ARG ZC 193 49.10 -30.44 -16.59
C ARG ZC 193 49.19 -30.66 -15.09
N THR ZC 194 49.34 -31.92 -14.69
CA THR ZC 194 49.32 -32.30 -13.30
C THR ZC 194 50.53 -33.19 -13.05
N TYR ZC 195 51.26 -32.90 -11.99
CA TYR ZC 195 52.44 -33.67 -11.62
C TYR ZC 195 52.26 -34.19 -10.20
N ASN ZC 196 52.06 -35.50 -10.10
CA ASN ZC 196 51.91 -36.20 -8.82
C ASN ZC 196 53.26 -36.45 -8.16
N LEU ZC 197 53.97 -35.38 -7.85
CA LEU ZC 197 55.12 -35.52 -6.98
C LEU ZC 197 54.65 -35.95 -5.60
N ARG ZC 198 55.17 -37.06 -5.10
CA ARG ZC 198 54.56 -37.71 -3.95
C ARG ZC 198 54.52 -36.80 -2.74
N ASP ZC 199 55.47 -35.88 -2.61
CA ASP ZC 199 55.45 -34.95 -1.49
C ASP ZC 199 54.62 -33.70 -1.78
N GLN ZC 200 54.65 -33.18 -3.00
CA GLN ZC 200 53.94 -31.94 -3.30
C GLN ZC 200 53.52 -31.95 -4.77
N LYS ZC 201 52.25 -32.25 -4.99
CA LYS ZC 201 51.63 -32.20 -6.30
C LYS ZC 201 51.69 -30.79 -6.87
N MET ZC 202 51.73 -30.68 -8.20
CA MET ZC 202 51.71 -29.37 -8.85
C MET ZC 202 50.76 -29.37 -10.04
N VAL ZC 203 50.11 -28.22 -10.24
CA VAL ZC 203 49.13 -28.01 -11.30
C VAL ZC 203 49.50 -26.82 -12.15
N ILE ZC 204 49.36 -26.96 -13.47
CA ILE ZC 204 49.65 -25.90 -14.42
C ILE ZC 204 48.46 -25.75 -15.35
N PRO ZC 205 47.92 -24.53 -15.51
CA PRO ZC 205 46.75 -24.32 -16.37
C PRO ZC 205 47.01 -24.62 -17.84
N GLY ZC 206 45.98 -25.14 -18.49
CA GLY ZC 206 46.02 -25.35 -19.92
C GLY ZC 206 45.80 -24.08 -20.73
N ILE ZC 207 46.31 -24.15 -21.97
CA ILE ZC 207 46.20 -23.04 -22.91
C ILE ZC 207 44.76 -22.55 -23.01
N ALA ZC 208 43.83 -23.48 -23.25
CA ALA ZC 208 42.43 -23.13 -23.39
C ALA ZC 208 41.92 -22.25 -22.24
N THR ZC 209 42.08 -22.72 -21.02
CA THR ZC 209 41.59 -21.95 -19.87
C THR ZC 209 42.34 -20.63 -19.70
N ALA ZC 210 43.66 -20.63 -19.86
CA ALA ZC 210 44.39 -19.38 -19.70
C ALA ZC 210 43.97 -18.34 -20.73
N ILE ZC 211 43.70 -18.77 -21.95
CA ILE ZC 211 43.19 -17.86 -22.98
C ILE ZC 211 41.79 -17.37 -22.65
N GLU ZC 212 40.88 -18.27 -22.30
CA GLU ZC 212 39.53 -17.81 -22.03
C GLU ZC 212 39.48 -16.90 -20.81
N ARG ZC 213 40.42 -17.06 -19.87
CA ARG ZC 213 40.54 -16.10 -18.79
C ARG ZC 213 41.03 -14.76 -19.29
N LEU ZC 214 41.97 -14.75 -20.23
CA LEU ZC 214 42.43 -13.48 -20.77
C LEU ZC 214 41.33 -12.76 -21.56
N LEU ZC 215 40.53 -13.50 -22.31
CA LEU ZC 215 39.40 -12.89 -23.04
C LEU ZC 215 38.17 -12.66 -22.19
N GLN ZC 216 38.21 -13.01 -20.92
CA GLN ZC 216 37.02 -13.03 -20.08
C GLN ZC 216 36.28 -11.70 -20.07
N GLY ZC 217 35.01 -11.75 -20.51
CA GLY ZC 217 34.15 -10.58 -20.60
C GLY ZC 217 34.58 -9.46 -21.51
N GLU ZC 218 35.43 -9.73 -22.48
CA GLU ZC 218 35.89 -8.69 -23.39
C GLU ZC 218 34.72 -8.04 -24.12
N GLU ZC 219 34.94 -6.80 -24.57
CA GLU ZC 219 33.93 -6.02 -25.28
C GLU ZC 219 34.34 -5.58 -26.68
N GLN ZC 220 35.61 -5.31 -26.93
CA GLN ZC 220 36.11 -4.80 -28.19
C GLN ZC 220 36.66 -5.93 -29.05
N PRO ZC 221 36.75 -5.74 -30.35
CA PRO ZC 221 37.45 -6.72 -31.20
C PRO ZC 221 38.93 -6.84 -30.88
N LEU ZC 222 39.62 -7.73 -31.58
CA LEU ZC 222 41.03 -8.01 -31.35
C LEU ZC 222 41.87 -7.90 -32.61
N GLY ZC 223 43.16 -7.71 -32.40
CA GLY ZC 223 44.12 -7.74 -33.48
C GLY ZC 223 45.51 -7.47 -32.96
N ASN ZC 224 46.45 -7.30 -33.89
CA ASN ZC 224 47.80 -6.85 -33.59
C ASN ZC 224 48.51 -7.75 -32.60
N ILE ZC 225 48.19 -9.05 -32.63
CA ILE ZC 225 48.80 -10.00 -31.70
C ILE ZC 225 50.30 -10.02 -31.90
N VAL ZC 226 51.06 -9.66 -30.88
CA VAL ZC 226 52.51 -9.57 -30.99
C VAL ZC 226 53.15 -10.02 -29.68
N SER ZC 227 54.42 -10.43 -29.79
CA SER ZC 227 55.22 -10.73 -28.61
C SER ZC 227 55.33 -9.48 -27.75
N LYS ZC 259 33.65 -2.88 -41.30
CA LYS ZC 259 34.56 -3.51 -40.37
C LYS ZC 259 33.84 -4.51 -39.47
N GLN ZC 260 34.56 -5.53 -39.02
CA GLN ZC 260 34.00 -6.50 -38.10
C GLN ZC 260 33.89 -5.90 -36.71
N ASN ZC 261 32.87 -6.34 -35.98
CA ASN ZC 261 32.57 -5.83 -34.65
C ASN ZC 261 32.39 -6.90 -33.58
N ALA ZC 262 32.27 -8.17 -33.94
CA ALA ZC 262 32.06 -9.24 -32.98
C ALA ZC 262 33.10 -9.18 -31.86
N ALA ZC 263 32.60 -9.01 -30.64
CA ALA ZC 263 33.44 -8.93 -29.45
C ALA ZC 263 34.05 -10.28 -29.09
N ALA ZC 264 35.30 -10.22 -28.64
CA ALA ZC 264 36.01 -11.40 -28.15
C ALA ZC 264 35.23 -12.17 -27.11
N GLY ZC 265 34.36 -11.51 -26.36
CA GLY ZC 265 33.55 -12.21 -25.36
C GLY ZC 265 32.70 -13.34 -25.90
N ASN ZC 266 32.65 -13.55 -27.22
CA ASN ZC 266 31.91 -14.67 -27.79
C ASN ZC 266 32.77 -15.88 -28.09
N ILE ZC 267 34.09 -15.71 -28.25
CA ILE ZC 267 34.97 -16.85 -28.53
C ILE ZC 267 34.83 -17.87 -27.42
N LYS ZC 268 34.68 -19.13 -27.82
CA LYS ZC 268 34.46 -20.26 -26.92
C LYS ZC 268 35.47 -21.35 -27.30
N ILE ZC 269 36.15 -21.90 -26.30
CA ILE ZC 269 37.18 -22.91 -26.48
C ILE ZC 269 36.85 -24.16 -25.69
N VAL ZC 270 37.01 -25.32 -26.32
CA VAL ZC 270 36.86 -26.61 -25.64
C VAL ZC 270 38.09 -27.47 -25.95
N ALA ZC 271 38.69 -28.03 -24.91
CA ALA ZC 271 39.80 -28.96 -25.04
C ALA ZC 271 39.32 -30.35 -25.41
N TYR ZC 272 40.11 -31.06 -26.21
CA TYR ZC 272 39.77 -32.41 -26.66
C TYR ZC 272 41.02 -33.28 -26.63
N PRO ZC 273 41.38 -33.78 -25.45
CA PRO ZC 273 42.58 -34.61 -25.31
C PRO ZC 273 42.59 -35.87 -26.16
N ASP ZC 274 41.43 -36.38 -26.56
CA ASP ZC 274 41.40 -37.64 -27.28
C ASP ZC 274 42.15 -37.61 -28.59
N THR ZC 275 42.32 -36.44 -29.21
CA THR ZC 275 43.20 -36.30 -30.37
C THR ZC 275 44.22 -35.19 -30.14
N ASN ZC 276 44.45 -34.82 -28.89
CA ASN ZC 276 45.35 -33.73 -28.52
C ASN ZC 276 45.12 -32.49 -29.36
N SER ZC 277 43.86 -32.11 -29.53
CA SER ZC 277 43.50 -31.01 -30.40
C SER ZC 277 42.55 -30.07 -29.67
N LEU ZC 278 42.69 -28.77 -29.96
CA LEU ZC 278 41.69 -27.78 -29.55
C LEU ZC 278 40.56 -27.69 -30.56
N LEU ZC 279 39.37 -27.37 -30.04
CA LEU ZC 279 38.27 -26.86 -30.85
C LEU ZC 279 38.02 -25.39 -30.51
N VAL ZC 280 37.86 -24.57 -31.54
CA VAL ZC 280 37.76 -23.13 -31.43
C VAL ZC 280 36.55 -22.67 -32.24
N LYS ZC 281 35.85 -21.67 -31.73
CA LYS ZC 281 34.64 -21.17 -32.37
C LYS ZC 281 34.66 -19.66 -32.43
N GLY ZC 282 34.26 -19.10 -33.57
CA GLY ZC 282 34.17 -17.65 -33.65
C GLY ZC 282 33.79 -17.20 -35.04
N THR ZC 283 34.15 -15.97 -35.38
CA THR ZC 283 34.21 -15.58 -36.78
C THR ZC 283 35.53 -16.03 -37.39
N ALA ZC 284 35.60 -15.97 -38.73
CA ALA ZC 284 36.80 -16.39 -39.43
C ALA ZC 284 38.02 -15.57 -39.00
N GLU ZC 285 37.84 -14.26 -38.85
CA GLU ZC 285 38.91 -13.41 -38.35
C GLU ZC 285 39.34 -13.82 -36.96
N GLN ZC 286 38.37 -14.05 -36.08
CA GLN ZC 286 38.67 -14.48 -34.73
C GLN ZC 286 39.47 -15.77 -34.73
N VAL ZC 287 38.97 -16.80 -35.43
CA VAL ZC 287 39.63 -18.10 -35.46
C VAL ZC 287 41.03 -18.01 -36.04
N HIS ZC 288 41.26 -17.11 -36.99
CA HIS ZC 288 42.62 -16.88 -37.45
C HIS ZC 288 43.51 -16.25 -36.38
N PHE ZC 289 43.00 -15.23 -35.70
CA PHE ZC 289 43.76 -14.66 -34.59
C PHE ZC 289 44.11 -15.72 -33.54
N ILE ZC 290 43.13 -16.53 -33.15
CA ILE ZC 290 43.39 -17.61 -32.21
C ILE ZC 290 44.50 -18.53 -32.69
N GLU ZC 291 44.42 -18.96 -33.94
CA GLU ZC 291 45.49 -19.78 -34.51
C GLU ZC 291 46.86 -19.12 -34.40
N MET ZC 292 46.97 -17.87 -34.83
CA MET ZC 292 48.21 -17.13 -34.71
C MET ZC 292 48.71 -17.08 -33.27
N LEU ZC 293 47.79 -16.95 -32.32
CA LEU ZC 293 48.17 -16.93 -30.91
C LEU ZC 293 48.75 -18.28 -30.48
N VAL ZC 294 47.98 -19.35 -30.68
CA VAL ZC 294 48.40 -20.67 -30.21
C VAL ZC 294 49.76 -21.05 -30.79
N LYS ZC 295 49.96 -20.77 -32.08
CA LYS ZC 295 51.26 -21.03 -32.66
C LYS ZC 295 52.37 -20.21 -32.03
N ALA ZC 296 52.03 -19.11 -31.35
CA ALA ZC 296 53.02 -18.40 -30.57
C ALA ZC 296 53.30 -19.04 -29.24
N LEU ZC 297 52.37 -19.82 -28.71
CA LEU ZC 297 52.46 -20.31 -27.35
C LEU ZC 297 53.10 -21.69 -27.22
N ASP ZC 298 52.74 -22.63 -28.09
CA ASP ZC 298 53.27 -24.01 -27.98
C ASP ZC 298 54.68 -24.16 -28.59
N VAL ZC 299 55.65 -23.51 -27.93
CA VAL ZC 299 57.07 -23.81 -28.16
C VAL ZC 299 57.45 -25.20 -27.65
N ALA ZC 300 58.50 -25.79 -28.25
CA ALA ZC 300 59.14 -27.02 -27.78
C ALA ZC 300 60.08 -26.79 -26.59
N LYS ZC 301 60.12 -27.78 -25.68
CA LYS ZC 301 60.96 -27.74 -24.49
C LYS ZC 301 62.35 -28.36 -24.64
N ARG ZC 302 63.36 -27.70 -24.06
CA ARG ZC 302 64.70 -28.24 -23.82
C ARG ZC 302 64.75 -29.29 -22.70
N HIS ZC 303 65.70 -30.22 -22.84
CA HIS ZC 303 66.02 -31.23 -21.83
C HIS ZC 303 67.29 -30.83 -21.06
N VAL ZC 304 67.23 -30.89 -19.74
CA VAL ZC 304 68.34 -30.56 -18.85
C VAL ZC 304 68.68 -31.74 -17.94
N GLU ZC 305 69.93 -32.22 -18.02
CA GLU ZC 305 70.48 -33.20 -17.10
C GLU ZC 305 71.11 -32.52 -15.89
N LEU ZC 306 70.85 -33.05 -14.70
CA LEU ZC 306 71.40 -32.57 -13.44
C LEU ZC 306 72.27 -33.66 -12.82
N SER ZC 307 73.48 -33.30 -12.43
CA SER ZC 307 74.38 -34.19 -11.70
C SER ZC 307 74.77 -33.59 -10.36
N LEU ZC 308 74.89 -34.43 -9.34
CA LEU ZC 308 75.30 -33.97 -8.02
C LEU ZC 308 76.41 -34.84 -7.45
N TRP ZC 309 77.41 -34.20 -6.87
CA TRP ZC 309 78.52 -34.85 -6.18
C TRP ZC 309 78.38 -34.65 -4.67
N ILE ZC 310 78.42 -35.77 -3.93
CA ILE ZC 310 78.46 -35.77 -2.48
C ILE ZC 310 79.75 -36.43 -2.08
N VAL ZC 311 80.59 -35.70 -1.34
CA VAL ZC 311 81.91 -36.22 -0.97
C VAL ZC 311 82.08 -36.16 0.53
N ASP ZC 312 82.60 -37.25 1.11
CA ASP ZC 312 82.74 -37.37 2.56
C ASP ZC 312 84.05 -38.04 2.89
N LEU ZC 313 84.82 -37.44 3.82
CA LEU ZC 313 86.18 -37.85 4.11
C LEU ZC 313 86.38 -37.81 5.62
N ASN ZC 314 87.10 -38.81 6.16
CA ASN ZC 314 87.29 -38.84 7.60
C ASN ZC 314 88.63 -39.45 7.98
N LYS ZC 315 89.19 -38.96 9.09
CA LYS ZC 315 90.39 -39.54 9.70
C LYS ZC 315 90.33 -39.44 11.22
N SER ZC 316 90.96 -40.42 11.90
CA SER ZC 316 91.15 -40.27 13.34
C SER ZC 316 92.33 -41.10 13.85
N ASP ZC 317 92.94 -40.61 14.92
CA ASP ZC 317 93.99 -41.30 15.67
C ASP ZC 317 93.63 -41.42 17.14
N LEU ZC 318 93.94 -42.57 17.75
CA LEU ZC 318 93.64 -42.79 19.16
C LEU ZC 318 94.76 -43.50 19.89
N GLU ZC 319 95.02 -43.10 21.13
CA GLU ZC 319 96.06 -43.70 21.98
C GLU ZC 319 95.53 -43.79 23.40
N ARG ZC 320 95.82 -44.91 24.07
CA ARG ZC 320 95.72 -45.04 25.51
C ARG ZC 320 96.96 -45.75 26.05
N LEU ZC 321 97.50 -45.26 27.16
CA LEU ZC 321 98.62 -45.96 27.79
C LEU ZC 321 98.70 -45.66 29.28
N GLY ZC 322 99.09 -46.68 30.06
CA GLY ZC 322 99.43 -46.50 31.46
C GLY ZC 322 98.70 -47.45 32.40
N THR ZC 323 98.72 -47.08 33.69
CA THR ZC 323 98.38 -47.99 34.77
C THR ZC 323 97.34 -47.41 35.72
N SER ZC 324 96.60 -48.31 36.37
CA SER ZC 324 95.67 -48.00 37.45
C SER ZC 324 95.98 -48.86 38.66
N TRP ZC 325 95.87 -48.28 39.86
CA TRP ZC 325 96.37 -48.90 41.09
C TRP ZC 325 95.33 -48.91 42.19
N SER ZC 326 95.34 -49.98 42.98
CA SER ZC 326 94.51 -50.09 44.19
C SER ZC 326 95.14 -51.15 45.08
N GLY ZC 327 94.70 -51.22 46.33
CA GLY ZC 327 95.24 -52.23 47.22
C GLY ZC 327 94.64 -52.12 48.61
N SER ZC 328 94.93 -53.15 49.42
CA SER ZC 328 94.47 -53.16 50.80
C SER ZC 328 95.37 -54.05 51.64
N ILE ZC 329 95.47 -53.72 52.92
CA ILE ZC 329 96.30 -54.45 53.87
C ILE ZC 329 95.53 -54.63 55.18
N THR ZC 330 96.18 -55.33 56.12
CA THR ZC 330 95.63 -55.56 57.45
C THR ZC 330 96.80 -55.75 58.40
N ILE ZC 331 96.78 -55.04 59.52
CA ILE ZC 331 97.87 -55.07 60.49
C ILE ZC 331 97.31 -55.41 61.87
N GLY ZC 332 97.89 -56.46 62.48
CA GLY ZC 332 97.55 -56.92 63.81
C GLY ZC 332 96.12 -57.37 63.97
N ASP ZC 333 95.39 -57.43 62.86
CA ASP ZC 333 93.95 -57.69 62.83
C ASP ZC 333 93.19 -56.64 63.63
N LYS ZC 334 93.87 -55.59 64.05
CA LYS ZC 334 93.25 -54.43 64.67
C LYS ZC 334 92.90 -53.42 63.60
N LEU ZC 335 93.84 -53.17 62.69
CA LEU ZC 335 93.71 -52.05 61.77
C LEU ZC 335 93.77 -52.54 60.33
N GLY ZC 336 92.59 -52.64 59.73
CA GLY ZC 336 92.45 -52.83 58.30
C GLY ZC 336 92.69 -51.50 57.61
N VAL ZC 337 93.29 -51.57 56.43
CA VAL ZC 337 93.63 -50.37 55.69
C VAL ZC 337 93.37 -50.63 54.22
N SER ZC 338 92.86 -49.64 53.52
CA SER ZC 338 92.53 -49.80 52.11
C SER ZC 338 92.80 -48.51 51.37
N LEU ZC 339 93.02 -48.65 50.07
CA LEU ZC 339 93.33 -47.53 49.20
C LEU ZC 339 92.32 -47.48 48.07
N ASN ZC 340 91.92 -46.27 47.70
CA ASN ZC 340 91.02 -46.05 46.57
C ASN ZC 340 89.72 -46.85 46.72
N GLN ZC 341 89.14 -46.77 47.91
CA GLN ZC 341 87.86 -47.42 48.22
C GLN ZC 341 87.88 -48.93 48.03
N SER ZC 342 89.02 -49.58 48.25
CA SER ZC 342 89.01 -51.03 48.27
C SER ZC 342 88.37 -51.43 49.60
N SER ZC 343 87.10 -51.05 49.76
CA SER ZC 343 86.33 -51.18 51.00
C SER ZC 343 86.20 -52.61 51.50
N ILE ZC 344 86.63 -53.62 50.75
CA ILE ZC 344 86.40 -55.00 51.18
C ILE ZC 344 87.11 -55.28 52.50
N SER ZC 345 88.28 -54.69 52.72
CA SER ZC 345 89.02 -54.84 53.98
C SER ZC 345 89.25 -56.29 54.38
N THR ZC 346 89.19 -57.22 53.42
CA THR ZC 346 89.22 -58.66 53.70
C THR ZC 346 90.57 -59.29 53.41
N LEU ZC 347 91.45 -58.60 52.69
CA LEU ZC 347 92.74 -59.13 52.29
C LEU ZC 347 93.83 -58.70 53.28
N ASP ZC 348 94.51 -59.70 53.84
CA ASP ZC 348 95.49 -59.56 54.94
C ASP ZC 348 96.84 -59.08 54.41
N GLY ZC 349 96.87 -57.84 53.94
CA GLY ZC 349 98.06 -57.37 53.26
C GLY ZC 349 98.35 -58.18 52.02
N SER ZC 350 97.36 -58.93 51.56
CA SER ZC 350 97.52 -59.92 50.52
C SER ZC 350 97.00 -59.43 49.18
N ARG ZC 351 96.83 -58.12 49.01
CA ARG ZC 351 96.47 -57.65 47.69
C ARG ZC 351 96.89 -56.21 47.43
N PHE ZC 352 97.61 -56.05 46.33
CA PHE ZC 352 97.61 -54.83 45.54
C PHE ZC 352 97.21 -55.26 44.14
N ILE ZC 353 96.54 -54.36 43.42
CA ILE ZC 353 96.11 -54.65 42.06
C ILE ZC 353 96.56 -53.50 41.18
N ALA ZC 354 97.18 -53.84 40.06
CA ALA ZC 354 97.48 -52.92 38.99
C ALA ZC 354 96.76 -53.40 37.74
N ALA ZC 355 96.23 -52.47 36.96
CA ALA ZC 355 95.65 -52.79 35.67
C ALA ZC 355 96.30 -51.94 34.60
N VAL ZC 356 96.77 -52.59 33.55
CA VAL ZC 356 97.53 -51.95 32.49
C VAL ZC 356 96.62 -51.78 31.29
N ASN ZC 357 96.64 -50.59 30.69
CA ASN ZC 357 96.06 -50.36 29.38
C ASN ZC 357 97.14 -49.88 28.43
N ALA ZC 358 97.12 -50.40 27.21
CA ALA ZC 358 98.06 -49.97 26.19
C ALA ZC 358 97.46 -50.30 24.83
N LEU ZC 359 97.12 -49.27 24.06
CA LEU ZC 359 96.60 -49.51 22.72
C LEU ZC 359 96.76 -48.25 21.88
N GLU ZC 360 96.94 -48.46 20.58
CA GLU ZC 360 97.03 -47.38 19.62
C GLU ZC 360 96.39 -47.77 18.31
N GLU ZC 361 95.73 -46.82 17.66
CA GLU ZC 361 94.90 -47.14 16.51
C GLU ZC 361 94.80 -45.94 15.57
N LYS ZC 362 94.69 -46.24 14.28
CA LYS ZC 362 94.44 -45.24 13.26
C LYS ZC 362 93.30 -45.70 12.37
N LYS ZC 363 92.52 -44.76 11.87
CA LYS ZC 363 91.40 -45.08 11.00
C LYS ZC 363 91.23 -43.98 9.95
N GLN ZC 364 90.88 -44.40 8.72
CA GLN ZC 364 90.57 -43.45 7.65
C GLN ZC 364 89.46 -43.98 6.77
N ALA ZC 365 88.61 -43.09 6.27
CA ALA ZC 365 87.47 -43.49 5.44
C ALA ZC 365 87.18 -42.46 4.35
N THR ZC 366 86.50 -42.92 3.30
CA THR ZC 366 86.16 -42.12 2.13
C THR ZC 366 84.93 -42.62 1.40
N VAL ZC 367 84.02 -41.71 1.05
CA VAL ZC 367 82.80 -42.08 0.32
C VAL ZC 367 82.45 -41.01 -0.70
N VAL ZC 368 82.11 -41.43 -1.93
CA VAL ZC 368 81.71 -40.54 -3.00
C VAL ZC 368 80.44 -41.06 -3.65
N SER ZC 369 79.40 -40.23 -3.70
CA SER ZC 369 78.13 -40.57 -4.33
C SER ZC 369 77.76 -39.53 -5.38
N ARG ZC 370 77.25 -39.98 -6.53
CA ARG ZC 370 76.93 -39.06 -7.61
C ARG ZC 370 75.69 -39.48 -8.38
N PRO ZC 371 74.52 -38.98 -7.99
CA PRO ZC 371 73.31 -39.21 -8.78
C PRO ZC 371 73.18 -38.28 -9.99
N VAL ZC 372 72.46 -38.79 -10.98
CA VAL ZC 372 72.18 -38.10 -12.24
C VAL ZC 372 70.71 -38.24 -12.58
N LEU ZC 373 70.09 -37.15 -13.04
CA LEU ZC 373 68.68 -37.11 -13.37
C LEU ZC 373 68.43 -36.29 -14.62
N LEU ZC 374 67.45 -36.70 -15.43
CA LEU ZC 374 67.01 -35.97 -16.60
C LEU ZC 374 65.68 -35.27 -16.37
N THR ZC 375 65.55 -34.04 -16.86
CA THR ZC 375 64.36 -33.24 -16.63
C THR ZC 375 64.10 -32.37 -17.84
N GLN ZC 376 62.90 -31.82 -17.92
CA GLN ZC 376 62.57 -30.79 -18.90
C GLN ZC 376 62.42 -29.43 -18.24
N GLU ZC 377 62.70 -28.41 -19.04
CA GLU ZC 377 62.54 -27.02 -18.65
C GLU ZC 377 61.18 -26.75 -18.03
N ASN ZC 378 61.18 -26.09 -16.89
CA ASN ZC 378 59.99 -25.71 -16.15
C ASN ZC 378 59.18 -26.88 -15.61
N VAL ZC 379 59.78 -28.06 -15.47
CA VAL ZC 379 59.07 -29.24 -15.01
C VAL ZC 379 59.75 -29.76 -13.75
N PRO ZC 380 59.04 -29.93 -12.64
CA PRO ZC 380 59.66 -30.49 -11.44
C PRO ZC 380 59.97 -31.96 -11.60
N ALA ZC 381 61.04 -32.41 -10.95
CA ALA ZC 381 61.44 -33.80 -11.00
C ALA ZC 381 61.95 -34.24 -9.63
N ILE ZC 382 61.75 -35.53 -9.33
CA ILE ZC 382 62.17 -36.14 -8.07
C ILE ZC 382 62.99 -37.39 -8.35
N PHE ZC 383 64.05 -37.55 -7.58
CA PHE ZC 383 64.89 -38.74 -7.60
C PHE ZC 383 65.03 -39.23 -6.17
N ASP ZC 384 64.77 -40.51 -5.96
CA ASP ZC 384 64.83 -41.09 -4.63
C ASP ZC 384 65.42 -42.49 -4.69
N ASN ZC 385 66.45 -42.72 -3.89
CA ASN ZC 385 67.16 -43.99 -3.87
C ASN ZC 385 67.47 -44.41 -2.44
N ASN ZC 386 67.46 -45.73 -2.23
CA ASN ZC 386 67.68 -46.31 -0.92
C ASN ZC 386 68.41 -47.62 -1.09
N ARG ZC 387 69.45 -47.85 -0.27
CA ARG ZC 387 70.19 -49.10 -0.37
C ARG ZC 387 70.76 -49.54 0.97
N THR ZC 388 70.83 -50.85 1.16
CA THR ZC 388 71.30 -51.47 2.38
C THR ZC 388 72.58 -52.28 2.13
N PHE ZC 389 73.52 -52.21 3.08
CA PHE ZC 389 74.76 -52.97 2.99
C PHE ZC 389 74.95 -53.79 4.26
N TYR ZC 390 75.31 -55.04 4.07
CA TYR ZC 390 75.59 -56.00 5.12
C TYR ZC 390 77.08 -56.24 5.29
N THR ZC 391 77.44 -56.79 6.44
CA THR ZC 391 78.83 -57.15 6.74
C THR ZC 391 78.85 -58.56 7.32
N LYS ZC 392 79.72 -59.40 6.76
CA LYS ZC 392 80.01 -60.71 7.31
C LYS ZC 392 80.93 -60.58 8.51
N LEU ZC 393 80.49 -61.15 9.65
CA LEU ZC 393 81.29 -61.16 10.85
C LEU ZC 393 82.45 -62.13 10.71
N ILE ZC 394 83.41 -62.00 11.63
CA ILE ZC 394 84.39 -63.05 11.82
C ILE ZC 394 83.76 -64.27 12.47
N GLY ZC 395 84.19 -65.44 12.01
CA GLY ZC 395 83.74 -66.73 12.50
C GLY ZC 395 82.41 -67.20 11.95
N GLU ZC 396 82.34 -68.51 11.69
CA GLU ZC 396 81.10 -69.16 11.29
C GLU ZC 396 80.09 -69.20 12.43
N ARG ZC 397 80.54 -69.00 13.67
CA ARG ZC 397 79.69 -69.23 14.83
C ARG ZC 397 78.52 -68.26 14.89
N ASN ZC 398 78.77 -66.97 14.66
CA ASN ZC 398 77.72 -65.96 14.84
C ASN ZC 398 76.82 -65.89 13.61
N VAL ZC 399 75.60 -66.43 13.74
CA VAL ZC 399 74.60 -66.45 12.68
C VAL ZC 399 73.90 -65.13 12.44
N ALA ZC 400 74.22 -64.07 13.19
CA ALA ZC 400 73.72 -62.75 12.87
C ALA ZC 400 74.53 -62.07 11.75
N LEU ZC 401 74.08 -60.88 11.36
CA LEU ZC 401 74.83 -59.94 10.56
C LEU ZC 401 74.60 -58.54 11.08
N GLU ZC 402 75.52 -57.63 10.75
CA GLU ZC 402 75.37 -56.20 11.01
C GLU ZC 402 75.23 -55.45 9.69
N HIS ZC 403 74.33 -54.46 9.66
CA HIS ZC 403 73.94 -53.84 8.41
C HIS ZC 403 73.57 -52.38 8.62
N VAL ZC 404 73.57 -51.63 7.52
CA VAL ZC 404 73.34 -50.19 7.52
C VAL ZC 404 72.58 -49.81 6.25
N THR ZC 405 71.82 -48.72 6.32
CA THR ZC 405 71.06 -48.25 5.16
C THR ZC 405 71.32 -46.78 4.85
N TYR ZC 406 71.46 -46.48 3.56
CA TYR ZC 406 71.71 -45.14 3.03
C TYR ZC 406 70.55 -44.70 2.17
N GLY ZC 407 69.98 -43.55 2.51
CA GLY ZC 407 68.87 -42.96 1.78
C GLY ZC 407 69.23 -41.59 1.23
N THR ZC 408 68.85 -41.34 -0.02
CA THR ZC 408 69.27 -40.13 -0.74
C THR ZC 408 68.13 -39.68 -1.64
N MET ZC 409 67.66 -38.45 -1.46
CA MET ZC 409 66.58 -37.94 -2.30
C MET ZC 409 66.78 -36.48 -2.65
N ILE ZC 410 66.41 -36.14 -3.89
CA ILE ZC 410 66.58 -34.81 -4.47
C ILE ZC 410 65.34 -34.44 -5.28
N ARG ZC 411 64.96 -33.17 -5.20
CA ARG ZC 411 63.86 -32.61 -5.97
C ARG ZC 411 64.32 -31.30 -6.60
N VAL ZC 412 63.99 -31.09 -7.88
CA VAL ZC 412 64.50 -29.91 -8.58
C VAL ZC 412 63.52 -29.39 -9.65
N LEU ZC 413 63.63 -28.09 -9.91
CA LEU ZC 413 62.90 -27.39 -10.97
C LEU ZC 413 63.85 -26.55 -11.84
N PRO ZC 414 64.07 -26.89 -13.11
CA PRO ZC 414 64.97 -26.10 -13.97
C PRO ZC 414 64.34 -24.91 -14.69
N ARG ZC 415 65.10 -23.82 -14.73
CA ARG ZC 415 64.77 -22.58 -15.44
C ARG ZC 415 65.94 -22.10 -16.29
N PHE ZC 416 65.67 -21.78 -17.55
CA PHE ZC 416 66.67 -21.30 -18.51
C PHE ZC 416 66.71 -19.78 -18.58
N SER ZC 417 67.91 -19.23 -18.45
CA SER ZC 417 68.18 -17.81 -18.54
C SER ZC 417 68.93 -17.51 -19.84
N ALA ZC 418 68.59 -16.38 -20.46
CA ALA ZC 418 69.20 -15.96 -21.73
C ALA ZC 418 70.71 -15.84 -21.65
N ASP ZC 419 71.28 -15.65 -20.47
CA ASP ZC 419 72.73 -15.57 -20.30
C ASP ZC 419 73.41 -16.94 -20.45
N GLY ZC 420 72.66 -17.98 -20.78
CA GLY ZC 420 73.22 -19.33 -20.76
C GLY ZC 420 73.38 -19.92 -19.40
N GLN ZC 421 72.64 -19.41 -18.41
CA GLN ZC 421 72.73 -19.87 -17.04
C GLN ZC 421 71.48 -20.69 -16.72
N ILE ZC 422 71.67 -21.75 -15.95
CA ILE ZC 422 70.59 -22.61 -15.48
C ILE ZC 422 70.32 -22.31 -14.02
N GLU ZC 423 69.04 -22.16 -13.67
CA GLU ZC 423 68.60 -21.83 -12.33
C GLU ZC 423 67.70 -22.93 -11.79
N MET ZC 424 67.87 -23.24 -10.50
CA MET ZC 424 67.16 -24.36 -9.89
C MET ZC 424 66.79 -24.03 -8.45
N SER ZC 425 65.59 -24.45 -8.05
CA SER ZC 425 65.21 -24.55 -6.66
C SER ZC 425 65.49 -25.97 -6.16
N LEU ZC 426 66.23 -26.10 -5.07
CA LEU ZC 426 66.84 -27.37 -4.68
C LEU ZC 426 66.51 -27.71 -3.24
N ASP ZC 427 66.15 -28.98 -3.03
CA ASP ZC 427 66.08 -29.58 -1.71
C ASP ZC 427 66.78 -30.93 -1.79
N ILE ZC 428 67.60 -31.21 -0.78
CA ILE ZC 428 68.42 -32.41 -0.77
C ILE ZC 428 68.38 -33.02 0.61
N GLU ZC 429 68.14 -34.32 0.68
CA GLU ZC 429 68.33 -35.07 1.92
C GLU ZC 429 69.23 -36.27 1.64
N ASP ZC 430 70.18 -36.50 2.53
CA ASP ZC 430 71.04 -37.66 2.39
C ASP ZC 430 71.49 -38.17 3.74
N GLY ZC 431 71.79 -39.46 3.81
CA GLY ZC 431 72.53 -39.97 4.94
C GLY ZC 431 72.30 -41.44 5.15
N ASN ZC 432 73.05 -41.99 6.09
CA ASN ZC 432 72.65 -43.27 6.67
C ASN ZC 432 71.55 -43.03 7.70
N ASP ZC 433 70.66 -44.00 7.80
CA ASP ZC 433 69.66 -43.97 8.86
C ASP ZC 433 70.28 -44.29 10.22
N LYS ZC 434 69.80 -43.59 11.25
CA LYS ZC 434 70.37 -43.67 12.58
C LYS ZC 434 70.37 -45.09 13.12
N THR ZC 435 71.56 -45.60 13.40
CA THR ZC 435 71.74 -46.90 14.04
C THR ZC 435 72.76 -46.70 15.15
N PRO ZC 436 72.39 -45.93 16.19
CA PRO ZC 436 73.40 -45.49 17.16
C PRO ZC 436 73.87 -46.61 18.05
N GLN ZC 437 73.11 -47.70 18.13
CA GLN ZC 437 73.44 -48.84 18.97
C GLN ZC 437 74.10 -49.96 18.17
N SER ZC 438 74.79 -49.62 17.08
CA SER ZC 438 75.60 -50.61 16.39
C SER ZC 438 76.50 -51.29 17.40
N ASP ZC 439 76.37 -52.61 17.50
CA ASP ZC 439 76.83 -53.31 18.68
C ASP ZC 439 78.33 -53.50 18.68
N THR ZC 440 78.87 -54.21 17.68
CA THR ZC 440 80.28 -54.56 17.68
C THR ZC 440 81.11 -53.42 17.11
N THR ZC 441 82.30 -53.24 17.69
CA THR ZC 441 83.28 -52.32 17.13
C THR ZC 441 83.58 -52.59 15.67
N THR ZC 442 83.71 -53.87 15.32
CA THR ZC 442 84.06 -54.24 13.95
C THR ZC 442 83.01 -53.83 12.92
N SER ZC 443 81.73 -53.81 13.29
CA SER ZC 443 80.72 -53.33 12.34
C SER ZC 443 80.87 -51.86 12.04
N VAL ZC 444 81.16 -51.04 13.06
CA VAL ZC 444 81.39 -49.62 12.82
C VAL ZC 444 82.66 -49.43 12.00
N ASP ZC 445 83.70 -50.18 12.31
CA ASP ZC 445 84.90 -50.13 11.49
C ASP ZC 445 84.61 -50.51 10.05
N ALA ZC 446 83.69 -51.46 9.86
CA ALA ZC 446 83.33 -51.93 8.53
C ALA ZC 446 82.45 -50.95 7.77
N LEU ZC 447 81.69 -50.09 8.44
CA LEU ZC 447 80.71 -49.24 7.77
C LEU ZC 447 80.91 -47.78 8.13
N PRO ZC 448 81.12 -46.90 7.14
CA PRO ZC 448 81.35 -45.48 7.45
C PRO ZC 448 80.11 -44.77 7.97
N GLU ZC 449 80.27 -44.07 9.08
CA GLU ZC 449 79.28 -43.12 9.55
C GLU ZC 449 79.27 -41.89 8.64
N VAL ZC 450 78.11 -41.57 8.09
CA VAL ZC 450 77.92 -40.39 7.24
C VAL ZC 450 76.65 -39.70 7.73
N GLY ZC 451 76.83 -38.62 8.47
CA GLY ZC 451 75.73 -37.93 9.12
C GLY ZC 451 74.58 -37.43 8.26
N ARG ZC 452 73.39 -37.71 8.75
CA ARG ZC 452 72.13 -37.32 8.14
C ARG ZC 452 72.05 -35.82 7.95
N THR ZC 453 71.93 -35.37 6.70
CA THR ZC 453 72.00 -33.95 6.39
C THR ZC 453 70.89 -33.56 5.43
N LEU ZC 454 70.37 -32.35 5.65
CA LEU ZC 454 69.30 -31.77 4.87
C LEU ZC 454 69.66 -30.35 4.48
N ILE ZC 455 69.45 -30.02 3.20
CA ILE ZC 455 69.77 -28.71 2.65
C ILE ZC 455 68.61 -28.24 1.80
N SER ZC 456 68.31 -26.95 1.86
CA SER ZC 456 67.27 -26.34 1.04
C SER ZC 456 67.69 -24.94 0.62
N THR ZC 457 67.75 -24.70 -0.69
CA THR ZC 457 68.25 -23.42 -1.18
C THR ZC 457 67.92 -23.25 -2.66
N ILE ZC 458 68.23 -22.07 -3.16
CA ILE ZC 458 68.03 -21.68 -4.56
C ILE ZC 458 69.37 -21.22 -5.12
N ALA ZC 459 69.72 -21.71 -6.33
CA ALA ZC 459 71.02 -21.38 -6.89
C ALA ZC 459 70.97 -21.35 -8.41
N ARG ZC 460 71.86 -20.53 -8.98
CA ARG ZC 460 72.04 -20.35 -10.42
C ARG ZC 460 73.50 -20.56 -10.77
N VAL ZC 461 73.75 -21.15 -11.93
CA VAL ZC 461 75.12 -21.43 -12.37
C VAL ZC 461 75.28 -21.28 -13.87
N PRO ZC 462 76.38 -20.71 -14.36
CA PRO ZC 462 76.64 -20.72 -15.81
C PRO ZC 462 76.76 -22.13 -16.33
N HIS ZC 463 76.15 -22.35 -17.49
CA HIS ZC 463 76.14 -23.65 -18.14
C HIS ZC 463 77.49 -24.35 -18.14
N GLY ZC 464 77.49 -25.61 -17.71
CA GLY ZC 464 78.67 -26.44 -17.58
C GLY ZC 464 79.55 -26.17 -16.40
N LYS ZC 465 79.40 -25.02 -15.74
CA LYS ZC 465 80.15 -24.78 -14.52
C LYS ZC 465 79.55 -25.61 -13.38
N SER ZC 466 80.23 -25.61 -12.24
CA SER ZC 466 79.77 -26.33 -11.07
C SER ZC 466 79.92 -25.43 -9.85
N LEU ZC 467 79.11 -25.70 -8.83
CA LEU ZC 467 79.13 -24.88 -7.62
C LEU ZC 467 79.00 -25.70 -6.35
N LEU ZC 468 79.69 -25.23 -5.31
CA LEU ZC 468 79.50 -25.73 -3.96
C LEU ZC 468 78.27 -25.07 -3.35
N VAL ZC 469 77.33 -25.88 -2.86
CA VAL ZC 469 76.14 -25.35 -2.21
C VAL ZC 469 76.27 -25.37 -0.70
N GLY ZC 470 77.01 -26.32 -0.15
CA GLY ZC 470 77.16 -26.39 1.28
C GLY ZC 470 78.14 -27.46 1.69
N GLY ZC 471 78.57 -27.37 2.94
CA GLY ZC 471 79.54 -28.32 3.46
C GLY ZC 471 79.65 -28.23 4.96
N TYR ZC 472 80.55 -29.03 5.51
CA TYR ZC 472 80.72 -29.13 6.95
C TYR ZC 472 82.10 -29.68 7.22
N THR ZC 473 82.83 -29.02 8.12
CA THR ZC 473 84.15 -29.45 8.55
C THR ZC 473 84.25 -29.47 10.06
N ARG ZC 474 84.82 -30.55 10.60
CA ARG ZC 474 84.97 -30.69 12.04
C ARG ZC 474 86.39 -31.12 12.35
N ASP ZC 475 86.99 -30.48 13.36
CA ASP ZC 475 88.34 -30.78 13.81
C ASP ZC 475 88.38 -30.77 15.33
N ALA ZC 476 88.90 -31.83 15.94
CA ALA ZC 476 88.86 -31.90 17.40
C ALA ZC 476 90.00 -32.75 17.93
N ASN ZC 477 90.42 -32.42 19.15
CA ASN ZC 477 91.47 -33.15 19.84
C ASN ZC 477 91.26 -33.12 21.34
N THR ZC 478 91.71 -34.17 22.02
CA THR ZC 478 91.61 -34.28 23.46
C THR ZC 478 92.85 -34.93 24.04
N ASP ZC 479 93.19 -34.49 25.25
CA ASP ZC 479 94.32 -34.98 26.03
C ASP ZC 479 93.93 -35.17 27.48
N THR ZC 480 94.33 -36.30 28.06
CA THR ZC 480 94.02 -36.60 29.46
C THR ZC 480 95.18 -37.34 30.11
N VAL ZC 481 95.43 -37.04 31.38
CA VAL ZC 481 96.48 -37.71 32.14
C VAL ZC 481 96.07 -37.78 33.60
N GLN ZC 482 96.34 -38.94 34.22
CA GLN ZC 482 96.02 -39.21 35.61
C GLN ZC 482 97.20 -39.89 36.28
N SER ZC 483 97.43 -39.57 37.55
CA SER ZC 483 98.54 -40.18 38.26
C SER ZC 483 98.34 -40.08 39.77
N ILE ZC 484 98.98 -41.01 40.48
CA ILE ZC 484 99.13 -40.89 41.94
C ILE ZC 484 99.93 -39.64 42.27
N PRO ZC 485 99.52 -38.85 43.25
CA PRO ZC 485 100.16 -37.53 43.44
C PRO ZC 485 101.66 -37.56 43.68
N PHE ZC 486 102.15 -38.39 44.60
CA PHE ZC 486 103.55 -38.35 45.01
C PHE ZC 486 104.47 -39.19 44.15
N LEU ZC 487 104.01 -40.35 43.66
CA LEU ZC 487 104.87 -41.23 42.89
C LEU ZC 487 105.03 -40.75 41.45
N GLY ZC 488 104.04 -40.01 40.94
CA GLY ZC 488 104.05 -39.55 39.58
C GLY ZC 488 105.26 -38.72 39.19
N LYS ZC 489 106.09 -38.32 40.16
CA LYS ZC 489 107.27 -37.51 39.84
C LYS ZC 489 108.56 -38.22 40.22
N LEU ZC 490 108.49 -39.49 40.61
CA LEU ZC 490 109.68 -40.25 40.94
C LEU ZC 490 110.53 -40.48 39.68
N PRO ZC 491 111.84 -40.36 39.79
CA PRO ZC 491 112.70 -40.47 38.59
C PRO ZC 491 112.65 -41.81 37.88
N LEU ZC 492 112.76 -42.92 38.60
CA LEU ZC 492 112.78 -44.24 37.96
C LEU ZC 492 111.44 -44.96 37.91
N ILE ZC 493 110.50 -44.68 38.81
CA ILE ZC 493 109.24 -45.41 38.82
C ILE ZC 493 108.03 -44.54 38.55
N GLY ZC 494 108.21 -43.23 38.40
CA GLY ZC 494 107.06 -42.38 38.11
C GLY ZC 494 106.25 -42.88 36.94
N SER ZC 495 106.93 -43.35 35.90
CA SER ZC 495 106.27 -43.90 34.72
C SER ZC 495 105.41 -45.12 35.05
N LEU ZC 496 105.62 -45.73 36.20
CA LEU ZC 496 104.81 -46.87 36.65
C LEU ZC 496 103.46 -46.46 37.24
N PHE ZC 497 103.27 -45.18 37.53
CA PHE ZC 497 102.12 -44.68 38.27
C PHE ZC 497 101.35 -43.60 37.50
N ARG ZC 498 101.42 -43.65 36.17
CA ARG ZC 498 100.77 -42.68 35.30
C ARG ZC 498 99.81 -43.37 34.34
N TYR ZC 499 98.79 -42.62 33.94
CA TYR ZC 499 97.83 -43.03 32.93
C TYR ZC 499 97.54 -41.82 32.04
N SER ZC 500 97.43 -42.06 30.73
CA SER ZC 500 97.09 -41.00 29.80
C SER ZC 500 96.36 -41.55 28.58
N SER ZC 501 95.69 -40.64 27.89
CA SER ZC 501 95.07 -40.95 26.60
C SER ZC 501 94.95 -39.70 25.74
N LYS ZC 502 95.01 -39.91 24.43
CA LYS ZC 502 95.00 -38.82 23.46
C LYS ZC 502 94.18 -39.20 22.24
N ASN ZC 503 93.54 -38.21 21.62
CA ASN ZC 503 92.55 -38.50 20.58
C ASN ZC 503 92.42 -37.34 19.60
N LYS ZC 504 92.60 -37.60 18.31
CA LYS ZC 504 92.48 -36.57 17.27
C LYS ZC 504 91.54 -37.02 16.17
N SER ZC 505 90.68 -36.12 15.69
CA SER ZC 505 89.76 -36.48 14.62
C SER ZC 505 89.42 -35.31 13.69
N ASN ZC 506 89.25 -35.63 12.40
CA ASN ZC 506 88.96 -34.63 11.37
C ASN ZC 506 87.95 -35.18 10.36
N VAL ZC 507 86.96 -34.35 10.00
CA VAL ZC 507 85.86 -34.76 9.14
C VAL ZC 507 85.56 -33.65 8.13
N VAL ZC 508 85.31 -34.03 6.87
CA VAL ZC 508 84.95 -33.10 5.80
C VAL ZC 508 83.81 -33.66 4.96
N ARG ZC 509 82.85 -32.80 4.61
CA ARG ZC 509 81.69 -33.24 3.83
C ARG ZC 509 81.21 -32.10 2.94
N VAL ZC 510 81.00 -32.35 1.64
CA VAL ZC 510 80.64 -31.30 0.70
C VAL ZC 510 79.62 -31.74 -0.35
N PHE ZC 511 78.79 -30.77 -0.77
CA PHE ZC 511 77.74 -30.90 -1.78
C PHE ZC 511 78.01 -29.99 -2.98
N MET ZC 512 78.25 -30.58 -4.15
CA MET ZC 512 78.57 -29.85 -5.37
C MET ZC 512 77.58 -30.20 -6.47
N ILE ZC 513 77.10 -29.19 -7.21
CA ILE ZC 513 76.10 -29.35 -8.25
C ILE ZC 513 76.65 -28.98 -9.62
N GLU ZC 514 76.24 -29.74 -10.66
CA GLU ZC 514 76.62 -29.50 -12.05
C GLU ZC 514 75.53 -29.85 -13.08
N PRO ZC 515 74.87 -28.88 -13.69
CA PRO ZC 515 73.94 -29.17 -14.78
C PRO ZC 515 74.57 -29.19 -16.17
N LYS ZC 516 73.97 -30.00 -17.06
CA LYS ZC 516 74.40 -30.14 -18.45
C LYS ZC 516 73.18 -30.17 -19.37
N GLU ZC 517 73.17 -29.35 -20.42
CA GLU ZC 517 72.13 -29.46 -21.43
C GLU ZC 517 72.34 -30.69 -22.29
N ILE ZC 518 71.27 -31.46 -22.49
CA ILE ZC 518 71.29 -32.72 -23.25
C ILE ZC 518 70.49 -32.54 -24.54
N VAL ZC 519 71.16 -32.76 -25.67
CA VAL ZC 519 70.53 -32.62 -26.98
C VAL ZC 519 70.63 -33.88 -27.83
N ASP ZC 520 71.59 -34.78 -27.59
CA ASP ZC 520 71.78 -35.97 -28.41
C ASP ZC 520 71.52 -37.24 -27.61
N PRO ZC 521 70.87 -38.24 -28.21
CA PRO ZC 521 70.69 -39.52 -27.52
C PRO ZC 521 72.00 -40.27 -27.30
N LEU ZC 522 71.86 -41.37 -26.58
CA LEU ZC 522 72.97 -42.27 -26.29
C LEU ZC 522 73.64 -42.81 -27.54
N THR ZC 523 74.97 -42.78 -27.53
CA THR ZC 523 75.80 -43.33 -28.59
C THR ZC 523 76.93 -44.13 -27.96
N PRO ZC 524 77.06 -45.44 -28.24
CA PRO ZC 524 76.24 -46.44 -28.93
C PRO ZC 524 74.81 -46.59 -28.44
N ASP ZC 525 73.97 -47.22 -29.26
CA ASP ZC 525 72.64 -47.58 -28.83
C ASP ZC 525 72.68 -48.43 -27.57
N ALA ZC 526 71.80 -48.09 -26.62
CA ALA ZC 526 71.72 -48.78 -25.34
C ALA ZC 526 71.82 -50.30 -25.44
N SER ZC 527 71.01 -50.89 -26.31
CA SER ZC 527 71.01 -52.34 -26.51
C SER ZC 527 72.39 -52.89 -26.82
N GLU ZC 528 73.18 -52.19 -27.64
CA GLU ZC 528 74.50 -52.70 -27.98
C GLU ZC 528 75.39 -52.79 -26.75
N SER ZC 529 75.30 -51.80 -25.87
CA SER ZC 529 76.08 -51.83 -24.63
C SER ZC 529 75.58 -52.93 -23.70
N VAL ZC 530 74.26 -53.11 -23.63
CA VAL ZC 530 73.71 -54.20 -22.84
C VAL ZC 530 74.25 -55.55 -23.33
N ASN ZC 531 74.19 -55.78 -24.64
CA ASN ZC 531 74.76 -56.99 -25.22
C ASN ZC 531 76.22 -57.19 -24.83
N ASN ZC 532 77.03 -56.14 -24.99
CA ASN ZC 532 78.43 -56.24 -24.61
C ASN ZC 532 78.58 -56.63 -23.15
N ILE ZC 533 77.85 -55.95 -22.27
CA ILE ZC 533 77.88 -56.26 -20.84
C ILE ZC 533 77.59 -57.72 -20.57
N LEU ZC 534 76.48 -58.21 -21.13
CA LEU ZC 534 76.08 -59.61 -20.91
C LEU ZC 534 77.13 -60.60 -21.39
N LYS ZC 535 77.61 -60.42 -22.62
CA LYS ZC 535 78.58 -61.37 -23.16
C LYS ZC 535 79.89 -61.32 -22.38
N GLN ZC 536 80.38 -60.13 -22.05
CA GLN ZC 536 81.60 -60.01 -21.28
C GLN ZC 536 81.44 -60.54 -19.86
N SER ZC 537 80.25 -60.44 -19.28
CA SER ZC 537 79.98 -61.02 -17.96
C SER ZC 537 79.76 -62.52 -18.00
N GLY ZC 538 79.57 -63.12 -19.17
CA GLY ZC 538 79.05 -64.48 -19.19
C GLY ZC 538 77.61 -64.61 -18.77
N ALA ZC 539 76.92 -63.50 -18.55
CA ALA ZC 539 75.51 -63.54 -18.18
C ALA ZC 539 74.63 -63.96 -19.35
N TRP ZC 540 75.17 -63.90 -20.56
CA TRP ZC 540 74.40 -64.21 -21.75
C TRP ZC 540 73.79 -65.60 -21.72
N SER ZC 541 72.53 -65.65 -22.14
CA SER ZC 541 71.86 -66.92 -22.43
C SER ZC 541 70.86 -66.76 -23.58
N GLY ZC 542 70.88 -65.64 -24.29
CA GLY ZC 542 69.90 -65.27 -25.29
C GLY ZC 542 69.93 -66.15 -26.53
N ASP ZC 543 70.98 -66.94 -26.69
CA ASP ZC 543 71.08 -67.93 -27.76
C ASP ZC 543 70.65 -69.32 -27.32
N ASP ZC 544 70.01 -69.45 -26.17
CA ASP ZC 544 69.52 -70.75 -25.75
C ASP ZC 544 68.64 -71.38 -26.83
N LYS ZC 545 68.85 -72.68 -27.02
CA LYS ZC 545 68.24 -73.41 -28.12
C LYS ZC 545 66.73 -73.25 -28.15
N LEU ZC 546 66.11 -72.98 -27.00
CA LEU ZC 546 64.67 -72.81 -26.91
C LEU ZC 546 64.25 -71.35 -26.80
N GLN ZC 547 64.90 -70.57 -25.94
CA GLN ZC 547 64.42 -69.22 -25.68
C GLN ZC 547 64.48 -68.32 -26.91
N LYS ZC 548 65.32 -68.64 -27.89
CA LYS ZC 548 65.32 -67.93 -29.16
C LYS ZC 548 63.91 -67.73 -29.72
N TRP ZC 549 63.05 -68.73 -29.56
CA TRP ZC 549 61.71 -68.68 -30.15
C TRP ZC 549 60.89 -67.52 -29.62
N VAL ZC 550 61.18 -67.08 -28.40
CA VAL ZC 550 60.46 -65.99 -27.76
C VAL ZC 550 61.28 -64.71 -27.83
N ARG ZC 551 62.54 -64.78 -27.44
CA ARG ZC 551 63.40 -63.62 -27.43
C ARG ZC 551 63.51 -62.97 -28.81
N VAL ZC 552 63.16 -63.70 -29.86
CA VAL ZC 552 63.13 -63.09 -31.18
C VAL ZC 552 62.22 -61.85 -31.18
N TYR ZC 553 60.97 -62.00 -30.71
CA TYR ZC 553 60.04 -60.88 -30.83
C TYR ZC 553 60.45 -59.68 -29.98
N LEU ZC 554 61.12 -59.91 -28.85
CA LEU ZC 554 61.60 -58.84 -28.00
C LEU ZC 554 62.76 -58.10 -28.65
N ASP ZC 555 63.79 -58.83 -29.07
CA ASP ZC 555 65.00 -58.24 -29.61
C ASP ZC 555 64.85 -57.86 -31.08
N ARG ZC 556 64.09 -58.62 -31.85
CA ARG ZC 556 63.98 -58.35 -33.27
C ARG ZC 556 62.91 -57.30 -33.56
N GLY ZC 557 61.69 -57.52 -33.12
CA GLY ZC 557 60.58 -56.64 -33.46
C GLY ZC 557 59.83 -57.07 -34.72
N GLU AD 26 -26.72 10.47 -96.61
CA GLU AD 26 -26.93 11.81 -97.14
C GLU AD 26 -26.96 12.86 -96.05
N LYS AD 27 -27.52 12.53 -94.89
CA LYS AD 27 -27.60 13.52 -93.82
C LYS AD 27 -26.22 14.10 -93.53
N ILE AD 28 -25.17 13.29 -93.63
CA ILE AD 28 -23.81 13.79 -93.71
C ILE AD 28 -23.40 13.84 -95.18
N PRO AD 29 -23.17 15.01 -95.76
CA PRO AD 29 -22.75 15.06 -97.16
C PRO AD 29 -21.32 14.64 -97.43
N VAL AD 30 -20.37 15.01 -96.55
CA VAL AD 30 -18.95 14.94 -96.87
C VAL AD 30 -18.46 13.50 -96.94
N THR AD 31 -17.80 13.17 -98.06
CA THR AD 31 -17.27 11.85 -98.37
C THR AD 31 -15.85 11.64 -97.85
N GLY AD 32 -15.51 10.37 -97.63
CA GLY AD 32 -14.21 9.98 -97.12
C GLY AD 32 -14.20 9.43 -95.70
N SER AD 33 -13.24 9.86 -94.88
CA SER AD 33 -13.20 9.45 -93.48
C SER AD 33 -12.49 10.52 -92.67
N GLY AD 34 -12.77 10.54 -91.38
CA GLY AD 34 -12.01 11.37 -90.47
C GLY AD 34 -12.90 11.79 -89.31
N PHE AD 35 -12.31 12.58 -88.43
CA PHE AD 35 -13.03 13.21 -87.34
C PHE AD 35 -12.88 14.71 -87.44
N VAL AD 36 -13.99 15.43 -87.41
CA VAL AD 36 -13.96 16.87 -87.62
C VAL AD 36 -14.31 17.56 -86.31
N ALA AD 37 -13.29 17.90 -85.54
CA ALA AD 37 -13.49 18.58 -84.27
C ALA AD 37 -13.72 20.06 -84.49
N LYS AD 38 -14.57 20.65 -83.65
CA LYS AD 38 -14.84 22.09 -83.68
C LYS AD 38 -14.89 22.56 -82.24
N ASP AD 39 -13.74 22.96 -81.73
CA ASP AD 39 -13.59 23.42 -80.36
C ASP AD 39 -14.08 22.36 -79.37
N ASP AD 40 -13.66 21.12 -79.60
CA ASP AD 40 -13.96 20.02 -78.71
C ASP AD 40 -13.01 20.03 -77.53
N SER AD 41 -13.55 19.76 -76.34
CA SER AD 41 -12.67 19.46 -75.23
C SER AD 41 -11.93 18.16 -75.52
N LEU AD 42 -10.69 18.08 -75.06
CA LEU AD 42 -9.92 16.86 -75.24
C LEU AD 42 -10.62 15.62 -74.70
N ARG AD 43 -11.45 15.75 -73.67
CA ARG AD 43 -12.15 14.57 -73.18
C ARG AD 43 -13.13 14.01 -74.19
N THR AD 44 -13.76 14.86 -74.98
CA THR AD 44 -14.67 14.37 -76.02
C THR AD 44 -13.98 14.21 -77.36
N PHE AD 45 -12.72 14.62 -77.47
CA PHE AD 45 -11.92 14.26 -78.64
C PHE AD 45 -11.37 12.85 -78.54
N PHE AD 46 -10.70 12.53 -77.44
CA PHE AD 46 -10.04 11.24 -77.33
C PHE AD 46 -11.02 10.06 -77.22
N ASP AD 47 -12.28 10.31 -76.92
CA ASP AD 47 -13.26 9.24 -77.04
C ASP AD 47 -13.47 8.82 -78.49
N ALA AD 48 -13.46 9.78 -79.43
CA ALA AD 48 -13.63 9.37 -80.81
C ALA AD 48 -12.46 8.54 -81.30
N MET AD 49 -11.28 8.76 -80.73
CA MET AD 49 -10.08 8.00 -81.04
C MET AD 49 -10.03 6.66 -80.32
N ALA AD 50 -10.88 6.47 -79.32
CA ALA AD 50 -10.78 5.26 -78.52
C ALA AD 50 -11.15 4.01 -79.28
N LEU AD 51 -12.08 4.07 -80.23
CA LEU AD 51 -12.42 2.84 -80.95
C LEU AD 51 -11.26 2.34 -81.79
N GLN AD 52 -10.56 3.27 -82.46
CA GLN AD 52 -9.37 2.91 -83.23
C GLN AD 52 -8.26 2.40 -82.33
N LEU AD 53 -8.14 2.96 -81.14
CA LEU AD 53 -7.19 2.41 -80.18
C LEU AD 53 -7.63 1.09 -79.57
N LYS AD 54 -8.92 0.76 -79.60
CA LYS AD 54 -9.39 -0.52 -79.09
C LYS AD 54 -9.17 -0.66 -77.59
N GLU AD 55 -9.11 0.48 -76.90
CA GLU AD 55 -8.98 0.54 -75.46
C GLU AD 55 -9.82 1.70 -74.96
N PRO AD 56 -10.36 1.61 -73.75
CA PRO AD 56 -10.98 2.79 -73.15
C PRO AD 56 -9.92 3.81 -72.75
N VAL AD 57 -10.30 5.08 -72.82
CA VAL AD 57 -9.41 6.20 -72.55
C VAL AD 57 -9.93 7.03 -71.39
N ILE AD 58 -9.03 7.39 -70.48
CA ILE AD 58 -9.33 8.18 -69.30
C ILE AD 58 -8.52 9.47 -69.39
N VAL AD 59 -9.20 10.61 -69.27
CA VAL AD 59 -8.54 11.91 -69.38
C VAL AD 59 -8.64 12.63 -68.04
N SER AD 60 -7.49 13.02 -67.50
CA SER AD 60 -7.43 13.79 -66.27
C SER AD 60 -8.17 15.12 -66.38
N LYS AD 61 -8.77 15.52 -65.27
CA LYS AD 61 -9.58 16.73 -65.25
C LYS AD 61 -8.81 17.94 -65.76
N MET AD 62 -7.59 18.12 -65.28
CA MET AD 62 -6.79 19.27 -65.71
C MET AD 62 -6.49 19.26 -67.19
N ALA AD 63 -6.34 18.08 -67.79
CA ALA AD 63 -6.17 17.99 -69.23
C ALA AD 63 -7.46 18.29 -69.97
N ALA AD 64 -8.60 17.98 -69.39
CA ALA AD 64 -9.86 18.19 -70.10
C ALA AD 64 -10.18 19.66 -70.35
N ARG AD 65 -9.44 20.60 -69.74
CA ARG AD 65 -9.67 22.02 -70.03
C ARG AD 65 -9.17 22.46 -71.41
N LYS AD 66 -8.21 21.75 -71.98
CA LYS AD 66 -7.65 22.17 -73.25
C LYS AD 66 -8.62 21.93 -74.41
N LYS AD 67 -8.47 22.71 -75.46
CA LYS AD 67 -9.38 22.72 -76.60
C LYS AD 67 -8.60 22.43 -77.88
N ILE AD 68 -9.26 21.80 -78.85
CA ILE AD 68 -8.63 21.47 -80.12
C ILE AD 68 -9.62 21.63 -81.26
N THR AD 69 -9.10 21.98 -82.43
CA THR AD 69 -9.92 22.21 -83.61
C THR AD 69 -9.20 21.70 -84.85
N GLY AD 70 -9.96 21.30 -85.87
CA GLY AD 70 -9.40 20.87 -87.13
C GLY AD 70 -9.93 19.54 -87.57
N ASN AD 71 -9.41 19.07 -88.71
CA ASN AD 71 -9.84 17.85 -89.38
C ASN AD 71 -8.75 16.78 -89.27
N PHE AD 72 -9.07 15.66 -88.63
CA PHE AD 72 -8.07 14.69 -88.23
C PHE AD 72 -8.32 13.31 -88.82
N GLU AD 73 -7.24 12.59 -89.09
CA GLU AD 73 -7.26 11.23 -89.64
C GLU AD 73 -6.66 10.25 -88.64
N PHE AD 74 -7.49 9.36 -88.08
CA PHE AD 74 -7.03 8.36 -87.13
C PHE AD 74 -6.45 7.11 -87.79
N HIS AD 75 -5.52 7.30 -88.72
CA HIS AD 75 -5.00 6.16 -89.48
C HIS AD 75 -4.08 5.26 -88.64
N ASP AD 76 -3.14 5.85 -87.89
CA ASP AD 76 -2.29 5.10 -86.96
C ASP AD 76 -2.29 5.74 -85.59
N PRO AD 77 -3.18 5.31 -84.71
CA PRO AD 77 -3.39 6.06 -83.46
C PRO AD 77 -2.17 6.18 -82.57
N ASN AD 78 -1.37 5.13 -82.39
CA ASN AD 78 -0.26 5.27 -81.45
C ASN AD 78 0.73 6.34 -81.89
N ALA AD 79 0.97 6.42 -83.20
CA ALA AD 79 1.87 7.43 -83.75
C ALA AD 79 1.24 8.81 -83.70
N LEU AD 80 -0.07 8.90 -83.85
CA LEU AD 80 -0.69 10.21 -83.71
C LEU AD 80 -0.67 10.65 -82.25
N LEU AD 81 -0.99 9.74 -81.35
CA LEU AD 81 -1.08 10.04 -79.94
C LEU AD 81 0.24 10.54 -79.38
N GLU AD 82 1.35 9.89 -79.69
CA GLU AD 82 2.62 10.38 -79.14
C GLU AD 82 3.01 11.75 -79.69
N LYS AD 83 2.75 12.00 -80.97
CA LYS AD 83 3.07 13.30 -81.53
C LYS AD 83 2.25 14.39 -80.88
N LEU AD 84 0.94 14.18 -80.75
CA LEU AD 84 0.15 15.20 -80.09
C LEU AD 84 0.53 15.35 -78.63
N SER AD 85 0.90 14.26 -77.95
CA SER AD 85 1.41 14.38 -76.60
C SER AD 85 2.53 15.40 -76.52
N LEU AD 86 3.48 15.30 -77.44
CA LEU AD 86 4.60 16.24 -77.44
C LEU AD 86 4.18 17.67 -77.79
N GLN AD 87 3.27 17.83 -78.73
CA GLN AD 87 2.86 19.19 -79.10
C GLN AD 87 2.00 19.85 -78.03
N LEU AD 88 1.09 19.13 -77.40
CA LEU AD 88 0.16 19.72 -76.45
C LEU AD 88 0.67 19.72 -75.01
N GLY AD 89 1.69 18.93 -74.68
CA GLY AD 89 2.18 18.91 -73.32
C GLY AD 89 1.55 17.89 -72.42
N LEU AD 90 1.05 16.79 -72.97
CA LEU AD 90 0.42 15.73 -72.20
C LEU AD 90 1.42 14.62 -71.92
N ILE AD 91 1.09 13.78 -70.95
CA ILE AD 91 1.82 12.57 -70.64
C ILE AD 91 0.79 11.46 -70.59
N TRP AD 92 1.20 10.26 -70.98
CA TRP AD 92 0.26 9.16 -71.07
C TRP AD 92 0.90 7.83 -70.70
N TYR AD 93 0.03 6.87 -70.38
CA TYR AD 93 0.45 5.53 -69.98
C TYR AD 93 -0.58 4.51 -70.41
N PHE AD 94 -0.17 3.24 -70.38
CA PHE AD 94 -1.02 2.13 -70.79
C PHE AD 94 -0.70 0.89 -69.97
N ASP AD 95 -1.64 0.50 -69.11
CA ASP AD 95 -1.53 -0.63 -68.19
C ASP AD 95 -1.88 -1.98 -68.84
N GLY AD 96 -2.37 -1.98 -70.07
CA GLY AD 96 -2.90 -3.15 -70.75
C GLY AD 96 -4.41 -3.24 -70.77
N GLN AD 97 -5.09 -2.44 -69.98
CA GLN AD 97 -6.56 -2.42 -69.95
C GLN AD 97 -7.12 -1.07 -70.36
N ALA AD 98 -6.46 0.03 -70.02
CA ALA AD 98 -6.95 1.35 -70.38
C ALA AD 98 -5.79 2.31 -70.55
N ILE AD 99 -6.00 3.30 -71.41
CA ILE AD 99 -5.03 4.38 -71.60
C ILE AD 99 -5.37 5.56 -70.70
N TYR AD 100 -4.36 6.08 -70.00
CA TYR AD 100 -4.49 7.20 -69.07
C TYR AD 100 -3.71 8.39 -69.59
N ILE AD 101 -4.34 9.57 -69.56
CA ILE AD 101 -3.72 10.80 -70.05
C ILE AD 101 -3.84 11.89 -69.00
N TYR AD 102 -2.71 12.55 -68.73
CA TYR AD 102 -2.55 13.60 -67.74
C TYR AD 102 -1.84 14.80 -68.34
N ASP AD 103 -1.98 15.94 -67.68
CA ASP AD 103 -1.17 17.10 -68.03
C ASP AD 103 0.24 16.93 -67.48
N ALA AD 104 1.21 17.40 -68.25
CA ALA AD 104 2.62 17.35 -67.86
C ALA AD 104 2.93 17.86 -66.46
N SER AD 105 2.23 18.89 -66.00
CA SER AD 105 2.46 19.37 -64.64
C SER AD 105 2.22 18.31 -63.56
N GLU AD 106 1.40 17.31 -63.83
CA GLU AD 106 1.10 16.26 -62.86
C GLU AD 106 2.20 15.21 -62.65
N MET AD 107 3.34 15.28 -63.33
CA MET AD 107 4.42 14.32 -63.11
C MET AD 107 4.72 14.11 -61.63
N ARG AD 108 4.85 12.85 -61.22
CA ARG AD 108 5.21 12.50 -59.85
C ARG AD 108 6.51 11.72 -59.84
N ASN AD 109 7.26 11.84 -58.75
CA ASN AD 109 8.55 11.17 -58.63
C ASN AD 109 8.83 10.84 -57.17
N ALA AD 110 9.52 9.72 -56.94
CA ALA AD 110 9.79 9.25 -55.60
C ALA AD 110 11.09 8.46 -55.56
N VAL AD 111 11.56 8.25 -54.33
CA VAL AD 111 12.74 7.43 -54.01
C VAL AD 111 12.30 6.26 -53.16
N VAL AD 112 12.72 5.04 -53.54
CA VAL AD 112 12.32 3.82 -52.87
C VAL AD 112 13.56 3.04 -52.49
N SER AD 113 13.52 2.45 -51.29
CA SER AD 113 14.59 1.60 -50.76
C SER AD 113 14.04 0.29 -50.25
N LEU AD 114 14.67 -0.81 -50.66
CA LEU AD 114 14.22 -2.17 -50.43
C LEU AD 114 15.24 -2.93 -49.60
N ARG AD 115 14.76 -3.68 -48.61
CA ARG AD 115 15.64 -4.41 -47.71
C ARG AD 115 16.10 -5.74 -48.30
N ASN AD 116 15.20 -6.50 -48.92
CA ASN AD 116 15.45 -7.89 -49.26
C ASN AD 116 15.53 -8.18 -50.75
N VAL AD 117 15.42 -7.17 -51.60
CA VAL AD 117 15.26 -7.38 -53.04
C VAL AD 117 16.20 -6.43 -53.75
N SER AD 118 16.85 -6.93 -54.80
CA SER AD 118 17.67 -6.09 -55.66
C SER AD 118 16.86 -5.49 -56.79
N LEU AD 119 17.37 -4.36 -57.30
CA LEU AD 119 16.68 -3.70 -58.39
C LEU AD 119 16.56 -4.58 -59.61
N ASN AD 120 17.59 -5.37 -59.92
CA ASN AD 120 17.49 -6.29 -61.03
C ASN AD 120 16.49 -7.40 -60.76
N GLU AD 121 16.32 -7.76 -59.50
CA GLU AD 121 15.33 -8.75 -59.12
C GLU AD 121 13.91 -8.21 -59.24
N PHE AD 122 13.72 -6.92 -58.98
CA PHE AD 122 12.40 -6.31 -59.14
C PHE AD 122 12.07 -6.06 -60.60
N ASN AD 123 13.04 -5.65 -61.42
CA ASN AD 123 12.76 -5.39 -62.83
C ASN AD 123 12.10 -6.57 -63.50
N ASN AD 124 12.55 -7.80 -63.18
CA ASN AD 124 11.98 -8.96 -63.80
C ASN AD 124 10.50 -9.11 -63.50
N PHE AD 125 10.07 -8.70 -62.32
CA PHE AD 125 8.64 -8.79 -62.03
C PHE AD 125 7.86 -7.87 -62.96
N LEU AD 126 8.38 -6.68 -63.23
CA LEU AD 126 7.67 -5.78 -64.13
C LEU AD 126 7.66 -6.32 -65.56
N LYS AD 127 8.74 -6.95 -65.98
CA LYS AD 127 8.76 -7.54 -67.32
C LYS AD 127 7.75 -8.67 -67.44
N ARG AD 128 7.65 -9.52 -66.42
CA ARG AD 128 6.70 -10.62 -66.47
C ARG AD 128 5.27 -10.11 -66.44
N SER AD 129 5.01 -9.13 -65.58
CA SER AD 129 3.70 -8.48 -65.52
C SER AD 129 3.33 -7.78 -66.82
N GLY AD 130 4.30 -7.36 -67.61
CA GLY AD 130 3.97 -6.53 -68.76
C GLY AD 130 3.59 -5.11 -68.43
N LEU AD 131 4.12 -4.60 -67.33
CA LEU AD 131 3.87 -3.26 -66.82
C LEU AD 131 5.04 -2.34 -67.13
N TYR AD 132 6.22 -2.91 -67.36
CA TYR AD 132 7.42 -2.18 -67.72
C TYR AD 132 7.17 -1.22 -68.88
N ASN AD 133 7.79 -0.05 -68.78
CA ASN AD 133 7.66 1.02 -69.77
C ASN AD 133 9.02 1.69 -69.93
N LYS AD 134 9.66 1.45 -71.07
CA LYS AD 134 10.97 1.99 -71.37
C LYS AD 134 11.05 3.51 -71.42
N ASN AD 135 9.94 4.23 -71.45
CA ASN AD 135 10.04 5.68 -71.37
C ASN AD 135 10.33 6.18 -69.95
N TYR AD 136 9.95 5.39 -68.95
CA TYR AD 136 10.08 5.79 -67.54
C TYR AD 136 10.75 4.70 -66.71
N PRO AD 137 11.88 4.18 -67.17
CA PRO AD 137 12.52 3.09 -66.45
C PRO AD 137 13.02 3.50 -65.07
N LEU AD 138 13.24 2.50 -64.24
CA LEU AD 138 13.87 2.71 -62.93
C LEU AD 138 15.34 3.04 -63.09
N ARG AD 139 15.79 4.01 -62.31
CA ARG AD 139 17.16 4.49 -62.31
C ARG AD 139 17.89 4.20 -61.00
N GLY AD 140 18.98 3.45 -61.08
CA GLY AD 140 19.75 3.11 -59.92
C GLY AD 140 20.75 2.01 -60.21
N ASP AD 141 21.50 1.65 -59.17
CA ASP AD 141 22.46 0.56 -59.23
C ASP AD 141 21.77 -0.79 -59.17
N ASN AD 142 21.81 -1.52 -60.29
CA ASN AD 142 21.17 -2.83 -60.38
C ASN AD 142 21.51 -3.75 -59.22
N ARG AD 143 22.70 -3.64 -58.66
CA ARG AD 143 23.07 -4.51 -57.56
C ARG AD 143 22.43 -4.06 -56.25
N LYS AD 144 22.41 -2.75 -56.00
CA LYS AD 144 21.86 -2.23 -54.77
C LYS AD 144 20.34 -2.32 -54.75
N GLY AD 145 19.78 -2.02 -53.59
CA GLY AD 145 18.35 -1.95 -53.38
C GLY AD 145 17.76 -0.56 -53.22
N THR AD 146 18.19 0.41 -54.00
CA THR AD 146 17.67 1.77 -53.85
C THR AD 146 17.59 2.42 -55.21
N PHE AD 147 16.44 3.01 -55.51
CA PHE AD 147 16.26 3.61 -56.83
C PHE AD 147 15.32 4.79 -56.79
N TYR AD 148 15.37 5.56 -57.88
CA TYR AD 148 14.56 6.72 -58.15
C TYR AD 148 13.60 6.43 -59.31
N VAL AD 149 12.37 6.96 -59.23
CA VAL AD 149 11.35 6.70 -60.25
C VAL AD 149 10.53 7.95 -60.47
N SER AD 150 10.16 8.21 -61.72
CA SER AD 150 9.33 9.36 -62.06
C SER AD 150 8.45 9.08 -63.27
N GLY AD 151 7.26 9.67 -63.28
CA GLY AD 151 6.31 9.49 -64.35
C GLY AD 151 4.86 9.82 -64.01
N PRO AD 152 3.93 9.26 -64.77
CA PRO AD 152 2.52 9.48 -64.45
C PRO AD 152 2.14 8.91 -63.10
N PRO AD 153 1.23 9.58 -62.39
CA PRO AD 153 0.75 9.12 -61.07
C PRO AD 153 0.41 7.66 -60.90
N VAL AD 154 -0.49 7.13 -61.74
CA VAL AD 154 -0.89 5.74 -61.61
C VAL AD 154 0.31 4.82 -61.68
N TYR AD 155 1.27 5.14 -62.52
CA TYR AD 155 2.47 4.32 -62.66
C TYR AD 155 3.32 4.40 -61.40
N VAL AD 156 3.67 5.61 -60.98
CA VAL AD 156 4.47 5.79 -59.78
C VAL AD 156 3.85 5.06 -58.59
N ASP AD 157 2.58 5.33 -58.32
CA ASP AD 157 1.89 4.70 -57.19
C ASP AD 157 1.87 3.17 -57.26
N MET AD 158 1.61 2.61 -58.45
CA MET AD 158 1.65 1.15 -58.57
C MET AD 158 3.03 0.61 -58.27
N VAL AD 159 4.07 1.23 -58.81
CA VAL AD 159 5.43 0.77 -58.55
C VAL AD 159 5.76 0.82 -57.05
N VAL AD 160 5.48 1.95 -56.41
CA VAL AD 160 5.84 2.10 -55.00
C VAL AD 160 5.10 1.10 -54.12
N ASN AD 161 3.83 0.83 -54.42
CA ASN AD 161 3.13 -0.19 -53.65
C ASN AD 161 3.73 -1.57 -53.87
N ALA AD 162 3.80 -2.02 -55.12
CA ALA AD 162 4.27 -3.37 -55.36
C ALA AD 162 5.65 -3.60 -54.73
N ALA AD 163 6.55 -2.64 -54.87
CA ALA AD 163 7.87 -2.78 -54.26
C ALA AD 163 7.81 -2.86 -52.75
N THR AD 164 6.98 -2.04 -52.12
CA THR AD 164 6.88 -2.11 -50.66
C THR AD 164 6.35 -3.45 -50.19
N MET AD 165 5.43 -4.06 -50.93
CA MET AD 165 4.90 -5.31 -50.41
C MET AD 165 5.78 -6.51 -50.74
N MET AD 166 6.39 -6.53 -51.92
CA MET AD 166 7.36 -7.59 -52.18
C MET AD 166 8.46 -7.58 -51.14
N ASP AD 167 8.88 -6.41 -50.68
CA ASP AD 167 9.93 -6.41 -49.65
C ASP AD 167 9.46 -7.11 -48.38
N LYS AD 168 8.25 -6.80 -47.93
CA LYS AD 168 7.70 -7.39 -46.71
C LYS AD 168 7.37 -8.87 -46.81
N GLN AD 169 7.39 -9.45 -48.00
CA GLN AD 169 7.20 -10.90 -48.07
C GLN AD 169 8.48 -11.71 -47.88
N ASN AD 170 9.64 -11.15 -48.18
CA ASN AD 170 10.87 -11.91 -48.30
C ASN AD 170 11.66 -12.03 -47.00
N ASP AD 171 11.17 -11.46 -45.90
CA ASP AD 171 11.74 -11.71 -44.59
C ASP AD 171 11.35 -13.06 -44.00
N GLY AD 172 10.34 -13.72 -44.54
CA GLY AD 172 9.74 -14.90 -43.93
C GLY AD 172 10.58 -16.16 -43.99
N ILE AD 173 11.80 -16.11 -43.44
CA ILE AD 173 12.57 -17.31 -43.16
C ILE AD 173 11.91 -18.10 -42.05
N GLU AD 174 11.52 -19.34 -42.37
CA GLU AD 174 10.80 -20.23 -41.45
C GLU AD 174 11.67 -21.43 -41.10
N LEU AD 175 11.80 -21.70 -39.80
CA LEU AD 175 12.36 -22.96 -39.31
C LEU AD 175 11.38 -24.10 -39.50
N GLY AD 176 11.82 -25.16 -40.19
CA GLY AD 176 10.92 -26.19 -40.68
C GLY AD 176 11.05 -27.57 -40.06
N ARG AD 177 10.72 -28.58 -40.86
CA ARG AD 177 10.78 -29.97 -40.42
C ARG AD 177 12.17 -30.36 -39.92
N GLN AD 178 12.20 -31.16 -38.86
CA GLN AD 178 13.44 -31.70 -38.32
C GLN AD 178 13.87 -32.94 -39.11
N LYS AD 179 15.17 -33.23 -39.06
CA LYS AD 179 15.74 -34.47 -39.58
C LYS AD 179 16.52 -35.20 -38.49
N ILE AD 180 16.47 -36.53 -38.51
CA ILE AD 180 17.35 -37.37 -37.70
C ILE AD 180 18.45 -37.99 -38.55
N GLY AD 181 19.71 -37.78 -38.15
CA GLY AD 181 20.85 -38.50 -38.68
C GLY AD 181 21.38 -39.51 -37.68
N VAL AD 182 21.50 -40.76 -38.13
CA VAL AD 182 22.06 -41.87 -37.35
C VAL AD 182 23.43 -42.20 -37.90
N MET AD 183 24.46 -42.12 -37.05
CA MET AD 183 25.83 -42.01 -37.53
C MET AD 183 26.73 -42.96 -36.76
N ARG AD 184 27.21 -43.99 -37.44
CA ARG AD 184 28.18 -44.92 -36.86
C ARG AD 184 29.58 -44.34 -36.78
N LEU AD 185 30.24 -44.58 -35.66
CA LEU AD 185 31.67 -44.31 -35.50
C LEU AD 185 32.44 -45.58 -35.81
N ASN AD 186 33.54 -45.42 -36.54
CA ASN AD 186 34.32 -46.54 -37.04
C ASN AD 186 35.71 -46.66 -36.43
N ASN AD 187 36.18 -45.64 -35.73
CA ASN AD 187 37.55 -45.66 -35.22
C ASN AD 187 37.64 -45.39 -33.73
N THR AD 188 36.52 -45.17 -33.04
CA THR AD 188 36.59 -44.90 -31.62
C THR AD 188 35.26 -45.25 -30.95
N PHE AD 189 35.35 -45.51 -29.65
CA PHE AD 189 34.18 -45.74 -28.82
C PHE AD 189 33.40 -44.45 -28.61
N VAL AD 190 32.07 -44.54 -28.71
CA VAL AD 190 31.22 -43.36 -28.60
C VAL AD 190 31.23 -42.74 -27.20
N GLY AD 191 31.54 -43.51 -26.18
CA GLY AD 191 31.46 -42.99 -24.83
C GLY AD 191 32.65 -42.14 -24.41
N ASP AD 192 32.43 -41.44 -23.29
CA ASP AD 192 33.51 -41.01 -22.41
C ASP AD 192 34.27 -42.21 -21.89
N ARG AD 193 35.48 -41.97 -21.39
CA ARG AD 193 36.31 -43.07 -20.90
C ARG AD 193 36.89 -42.76 -19.55
N THR AD 194 37.04 -43.81 -18.73
CA THR AD 194 37.53 -43.71 -17.37
C THR AD 194 38.52 -44.84 -17.15
N TYR AD 195 39.66 -44.51 -16.54
CA TYR AD 195 40.79 -45.42 -16.41
C TYR AD 195 41.16 -45.55 -14.93
N ASN AD 196 40.96 -46.75 -14.39
CA ASN AD 196 41.18 -47.06 -12.98
C ASN AD 196 42.64 -47.33 -12.66
N LEU AD 197 43.53 -46.43 -13.04
CA LEU AD 197 44.94 -46.63 -12.74
C LEU AD 197 45.19 -46.52 -11.24
N ARG AD 198 46.20 -47.26 -10.78
CA ARG AD 198 46.46 -47.43 -9.35
C ARG AD 198 46.37 -46.11 -8.59
N ASP AD 199 46.99 -45.06 -9.13
CA ASP AD 199 47.06 -43.77 -8.44
C ASP AD 199 46.22 -42.69 -9.09
N GLN AD 200 45.47 -42.99 -10.14
CA GLN AD 200 44.81 -41.93 -10.90
C GLN AD 200 43.66 -42.52 -11.69
N LYS AD 201 42.44 -42.21 -11.23
CA LYS AD 201 41.20 -42.56 -11.91
C LYS AD 201 40.93 -41.54 -13.02
N MET AD 202 41.72 -41.67 -14.10
CA MET AD 202 41.72 -40.65 -15.15
C MET AD 202 40.42 -40.66 -15.94
N VAL AD 203 39.94 -39.47 -16.30
CA VAL AD 203 38.66 -39.29 -16.98
C VAL AD 203 38.84 -38.47 -18.25
N ILE AD 204 38.24 -38.92 -19.35
CA ILE AD 204 38.31 -38.23 -20.63
C ILE AD 204 36.90 -38.09 -21.22
N PRO AD 205 36.50 -36.89 -21.66
CA PRO AD 205 35.17 -36.72 -22.26
C PRO AD 205 35.07 -37.30 -23.66
N GLY AD 206 33.83 -37.65 -24.02
CA GLY AD 206 33.51 -38.10 -25.36
C GLY AD 206 33.03 -37.01 -26.30
N ILE AD 207 32.90 -37.41 -27.57
CA ILE AD 207 32.46 -36.51 -28.64
C ILE AD 207 31.14 -35.80 -28.29
N ALA AD 208 30.11 -36.58 -27.97
CA ALA AD 208 28.82 -35.98 -27.61
C ALA AD 208 28.98 -34.89 -26.56
N THR AD 209 29.76 -35.17 -25.53
CA THR AD 209 30.02 -34.20 -24.47
C THR AD 209 30.72 -32.96 -25.01
N ALA AD 210 31.85 -33.15 -25.67
CA ALA AD 210 32.63 -32.02 -26.16
C ALA AD 210 31.82 -31.13 -27.10
N ILE AD 211 31.02 -31.71 -27.98
CA ILE AD 211 30.26 -30.88 -28.91
C ILE AD 211 29.08 -30.20 -28.24
N GLU AD 212 28.33 -30.91 -27.40
CA GLU AD 212 27.23 -30.25 -26.72
C GLU AD 212 27.70 -29.13 -25.81
N ARG AD 213 28.88 -29.28 -25.21
CA ARG AD 213 29.51 -28.16 -24.52
C ARG AD 213 29.90 -27.05 -25.47
N LEU AD 214 30.48 -27.38 -26.63
CA LEU AD 214 30.92 -26.34 -27.54
C LEU AD 214 29.75 -25.50 -28.03
N LEU AD 215 28.62 -26.12 -28.31
CA LEU AD 215 27.45 -25.40 -28.78
C LEU AD 215 26.55 -24.91 -27.66
N GLN AD 216 26.90 -25.19 -26.42
CA GLN AD 216 25.96 -25.00 -25.33
C GLN AD 216 25.49 -23.56 -25.23
N GLY AD 217 24.20 -23.35 -25.39
CA GLY AD 217 23.63 -22.01 -25.40
C GLY AD 217 24.02 -21.08 -26.53
N GLU AD 218 24.25 -21.60 -27.73
CA GLU AD 218 24.55 -20.73 -28.86
C GLU AD 218 23.33 -20.54 -29.75
N GLU AD 219 23.06 -19.29 -30.10
CA GLU AD 219 21.96 -18.92 -30.97
C GLU AD 219 22.40 -18.60 -32.40
N GLN AD 220 23.66 -18.27 -32.61
CA GLN AD 220 24.15 -18.07 -33.95
C GLN AD 220 23.99 -19.35 -34.76
N PRO AD 221 23.67 -19.26 -36.04
CA PRO AD 221 23.71 -20.45 -36.91
C PRO AD 221 25.13 -20.81 -37.31
N LEU AD 222 25.28 -22.06 -37.70
CA LEU AD 222 26.55 -22.59 -38.16
C LEU AD 222 26.88 -22.12 -39.57
N GLY AD 223 28.16 -21.84 -39.79
CA GLY AD 223 28.71 -21.55 -41.10
C GLY AD 223 29.26 -22.79 -41.75
N ASN AD 224 30.48 -23.18 -41.39
CA ASN AD 224 31.09 -24.40 -41.89
C ASN AD 224 32.33 -24.69 -41.08
N ILE AD 225 32.88 -25.88 -41.26
CA ILE AD 225 34.12 -26.25 -40.61
C ILE AD 225 35.31 -25.69 -41.36
N VAL AD 226 36.31 -25.29 -40.59
CA VAL AD 226 37.62 -24.88 -41.10
C VAL AD 226 38.63 -25.89 -40.57
N SER AD 227 39.27 -26.62 -41.48
CA SER AD 227 40.27 -27.61 -41.12
C SER AD 227 41.27 -27.10 -40.09
N GLN AD 260 16.50 -21.25 -41.56
CA GLN AD 260 17.67 -20.86 -42.35
C GLN AD 260 18.62 -20.01 -41.51
N ASN AD 261 18.20 -19.72 -40.28
CA ASN AD 261 19.02 -19.10 -39.25
C ASN AD 261 18.88 -19.86 -37.94
N ALA AD 262 18.71 -21.18 -38.03
CA ALA AD 262 18.37 -21.98 -36.86
C ALA AD 262 19.48 -21.99 -35.83
N ALA AD 263 19.07 -21.94 -34.56
CA ALA AD 263 19.99 -21.78 -33.44
C ALA AD 263 20.88 -23.00 -33.31
N ALA AD 264 22.18 -22.79 -33.34
CA ALA AD 264 23.13 -23.89 -33.19
C ALA AD 264 22.86 -24.68 -31.91
N GLY AD 265 22.41 -24.02 -30.86
CA GLY AD 265 22.10 -24.69 -29.62
C GLY AD 265 20.91 -25.61 -29.67
N ASN AD 266 20.06 -25.49 -30.69
CA ASN AD 266 18.95 -26.44 -30.83
C ASN AD 266 19.40 -27.82 -31.27
N ILE AD 267 20.59 -27.95 -31.87
CA ILE AD 267 21.10 -29.26 -32.25
C ILE AD 267 21.20 -30.16 -31.02
N LYS AD 268 20.65 -31.37 -31.14
CA LYS AD 268 20.67 -32.33 -30.04
C LYS AD 268 21.45 -33.58 -30.44
N ILE AD 269 22.36 -34.02 -29.57
CA ILE AD 269 23.22 -35.18 -29.81
C ILE AD 269 23.01 -36.22 -28.71
N VAL AD 270 22.86 -37.48 -29.11
CA VAL AD 270 22.63 -38.59 -28.18
C VAL AD 270 23.54 -39.76 -28.51
N ALA AD 271 24.43 -40.10 -27.58
CA ALA AD 271 25.30 -41.27 -27.73
C ALA AD 271 24.50 -42.56 -27.60
N TYR AD 272 24.86 -43.57 -28.41
CA TYR AD 272 24.17 -44.86 -28.45
C TYR AD 272 25.19 -45.99 -28.54
N PRO AD 273 25.87 -46.28 -27.42
CA PRO AD 273 26.89 -47.35 -27.41
C PRO AD 273 26.43 -48.68 -27.97
N ASP AD 274 25.16 -49.05 -27.78
CA ASP AD 274 24.63 -50.32 -28.23
C ASP AD 274 25.12 -50.68 -29.63
N THR AD 275 25.19 -49.70 -30.52
CA THR AD 275 25.68 -49.87 -31.88
C THR AD 275 26.87 -48.95 -32.14
N ASN AD 276 27.48 -48.42 -31.09
CA ASN AD 276 28.56 -47.46 -31.22
C ASN AD 276 28.24 -46.37 -32.23
N SER AD 277 27.06 -45.77 -32.05
CA SER AD 277 26.52 -44.84 -33.03
C SER AD 277 26.02 -43.58 -32.33
N LEU AD 278 25.86 -42.50 -33.09
CA LEU AD 278 25.35 -41.24 -32.56
C LEU AD 278 24.05 -40.89 -33.25
N LEU AD 279 23.11 -40.34 -32.49
CA LEU AD 279 21.90 -39.74 -33.03
C LEU AD 279 22.04 -38.23 -32.99
N VAL AD 280 21.73 -37.57 -34.11
CA VAL AD 280 21.73 -36.12 -34.18
C VAL AD 280 20.36 -35.65 -34.65
N LYS AD 281 19.76 -34.74 -33.88
CA LYS AD 281 18.51 -34.07 -34.27
C LYS AD 281 18.82 -32.63 -34.65
N GLY AD 282 18.38 -32.25 -35.85
CA GLY AD 282 18.50 -30.87 -36.31
C GLY AD 282 17.79 -30.68 -37.63
N THR AD 283 18.10 -29.57 -38.29
CA THR AD 283 17.81 -29.42 -39.71
C THR AD 283 18.90 -30.10 -40.54
N ALA AD 284 18.56 -30.39 -41.80
CA ALA AD 284 19.46 -31.13 -42.68
C ALA AD 284 20.82 -30.44 -42.85
N GLU AD 285 20.84 -29.12 -42.99
CA GLU AD 285 22.10 -28.39 -43.03
C GLU AD 285 22.96 -28.69 -41.81
N GLN AD 286 22.36 -28.56 -40.64
CA GLN AD 286 23.09 -28.81 -39.40
C GLN AD 286 23.57 -30.24 -39.34
N VAL AD 287 22.71 -31.20 -39.66
CA VAL AD 287 23.11 -32.60 -39.63
C VAL AD 287 24.30 -32.83 -40.56
N HIS AD 288 24.31 -32.16 -41.71
CA HIS AD 288 25.45 -32.26 -42.63
C HIS AD 288 26.73 -31.73 -42.00
N PHE AD 289 26.69 -30.50 -41.49
CA PHE AD 289 27.83 -29.95 -40.79
C PHE AD 289 28.34 -30.87 -39.69
N ILE AD 290 27.43 -31.36 -38.85
CA ILE AD 290 27.77 -32.30 -37.79
C ILE AD 290 28.49 -33.52 -38.34
N GLU AD 291 27.97 -34.09 -39.43
CA GLU AD 291 28.64 -35.22 -40.05
C GLU AD 291 30.06 -34.88 -40.47
N MET AD 292 30.24 -33.78 -41.19
CA MET AD 292 31.59 -33.37 -41.58
C MET AD 292 32.50 -33.23 -40.37
N LEU AD 293 31.99 -32.71 -39.27
CA LEU AD 293 32.80 -32.59 -38.06
C LEU AD 293 33.20 -33.93 -37.47
N VAL AD 294 32.23 -34.80 -37.23
CA VAL AD 294 32.51 -36.15 -36.76
C VAL AD 294 33.60 -36.80 -37.61
N LYS AD 295 33.44 -36.69 -38.93
CA LYS AD 295 34.40 -37.34 -39.81
C LYS AD 295 35.75 -36.64 -39.79
N ALA AD 296 35.78 -35.34 -39.45
CA ALA AD 296 37.04 -34.67 -39.24
C ALA AD 296 37.70 -35.07 -37.93
N LEU AD 297 36.98 -35.73 -37.05
CA LEU AD 297 37.49 -36.01 -35.71
C LEU AD 297 37.87 -37.45 -35.43
N ASP AD 298 37.07 -38.43 -35.83
CA ASP AD 298 37.34 -39.84 -35.46
C ASP AD 298 38.44 -40.52 -36.30
N VAL AD 299 39.63 -39.91 -36.29
CA VAL AD 299 40.82 -40.58 -36.83
C VAL AD 299 41.22 -41.81 -35.99
N ALA AD 300 41.97 -42.71 -36.62
CA ALA AD 300 42.59 -43.86 -35.97
C ALA AD 300 43.83 -43.49 -35.16
N LYS AD 301 44.13 -44.32 -34.16
CA LYS AD 301 45.33 -44.18 -33.32
C LYS AD 301 46.48 -45.11 -33.74
N ARG AD 302 47.71 -44.64 -33.54
CA ARG AD 302 48.94 -45.41 -33.75
C ARG AD 302 49.45 -46.10 -32.49
N HIS AD 303 49.65 -47.42 -32.56
CA HIS AD 303 50.27 -48.18 -31.48
C HIS AD 303 51.76 -47.88 -31.29
N VAL AD 304 52.17 -47.79 -30.03
CA VAL AD 304 53.56 -47.57 -29.64
C VAL AD 304 53.99 -48.62 -28.62
N GLU AD 305 55.16 -49.23 -28.84
CA GLU AD 305 55.81 -50.14 -27.92
C GLU AD 305 56.94 -49.44 -27.17
N LEU AD 306 56.96 -49.59 -25.85
CA LEU AD 306 57.97 -48.98 -25.01
C LEU AD 306 58.79 -50.10 -24.35
N SER AD 307 60.11 -50.02 -24.48
CA SER AD 307 61.02 -50.92 -23.78
C SER AD 307 61.90 -50.13 -22.82
N LEU AD 308 62.19 -50.75 -21.67
CA LEU AD 308 63.05 -50.13 -20.68
C LEU AD 308 64.11 -51.10 -20.21
N TRP AD 309 65.35 -50.64 -20.19
CA TRP AD 309 66.48 -51.39 -19.65
C TRP AD 309 66.82 -50.87 -18.26
N ILE AD 310 66.86 -51.78 -17.29
CA ILE AD 310 67.35 -51.50 -15.95
C ILE AD 310 68.58 -52.36 -15.74
N VAL AD 311 69.69 -51.72 -15.37
CA VAL AD 311 70.95 -52.44 -15.22
C VAL AD 311 71.57 -52.11 -13.87
N ASP AD 312 72.06 -53.14 -13.19
CA ASP AD 312 72.80 -52.98 -11.95
C ASP AD 312 74.09 -53.80 -11.98
N LEU AD 313 75.16 -53.20 -11.48
CA LEU AD 313 76.47 -53.82 -11.35
C LEU AD 313 77.03 -53.57 -9.97
N ASN AD 314 77.68 -54.58 -9.38
CA ASN AD 314 78.33 -54.42 -8.09
C ASN AD 314 79.62 -55.23 -8.00
N LYS AD 315 80.60 -54.66 -7.31
CA LYS AD 315 81.85 -55.33 -6.99
C LYS AD 315 82.26 -54.99 -5.56
N SER AD 316 82.88 -55.95 -4.88
CA SER AD 316 83.45 -55.66 -3.56
C SER AD 316 84.66 -56.54 -3.26
N ASP AD 317 85.53 -55.98 -2.42
CA ASP AD 317 86.76 -56.62 -1.94
C ASP AD 317 86.88 -56.42 -0.44
N LEU AD 318 87.29 -57.46 0.29
CA LEU AD 318 87.45 -57.40 1.72
C LEU AD 318 88.68 -58.17 2.14
N GLU AD 319 89.42 -57.65 3.12
CA GLU AD 319 90.43 -58.44 3.82
C GLU AD 319 90.53 -58.03 5.28
N ARG AD 320 90.73 -59.01 6.15
CA ARG AD 320 91.00 -58.78 7.57
C ARG AD 320 92.11 -59.70 8.04
N LEU AD 321 93.07 -59.16 8.79
CA LEU AD 321 94.20 -59.96 9.22
C LEU AD 321 94.87 -59.37 10.45
N GLY AD 322 95.09 -60.19 11.47
CA GLY AD 322 95.88 -59.79 12.62
C GLY AD 322 95.39 -60.45 13.91
N THR AD 323 95.79 -59.85 15.03
CA THR AD 323 95.77 -60.49 16.33
C THR AD 323 95.32 -59.55 17.43
N SER AD 324 94.76 -60.12 18.50
CA SER AD 324 94.44 -59.41 19.74
C SER AD 324 94.93 -60.21 20.94
N TRP AD 325 95.21 -59.50 22.04
CA TRP AD 325 95.94 -60.05 23.17
C TRP AD 325 95.36 -59.57 24.49
N SER AD 326 95.39 -60.43 25.50
CA SER AD 326 95.04 -60.02 26.86
C SER AD 326 95.60 -61.05 27.85
N GLY AD 327 95.64 -60.69 29.13
CA GLY AD 327 96.19 -61.64 30.08
C GLY AD 327 95.99 -61.23 31.52
N SER AD 328 96.32 -62.15 32.42
CA SER AD 328 96.30 -61.89 33.85
C SER AD 328 97.35 -62.73 34.57
N ILE AD 329 97.97 -62.14 35.59
CA ILE AD 329 99.07 -62.73 36.33
C ILE AD 329 98.81 -62.50 37.81
N THR AD 330 99.13 -63.49 38.62
CA THR AD 330 99.20 -63.36 40.07
C THR AD 330 100.61 -63.64 40.55
N ILE AD 331 101.12 -62.77 41.41
CA ILE AD 331 102.42 -62.97 42.05
C ILE AD 331 102.13 -63.11 43.53
N GLY AD 332 102.42 -64.28 44.07
CA GLY AD 332 102.04 -64.68 45.39
C GLY AD 332 100.57 -64.42 45.60
N ASP AD 333 100.19 -64.25 46.87
CA ASP AD 333 98.88 -63.73 47.20
C ASP AD 333 98.84 -62.21 47.09
N LYS AD 334 99.95 -61.58 47.45
CA LYS AD 334 100.02 -60.12 47.56
C LYS AD 334 99.68 -59.38 46.28
N LEU AD 335 100.01 -59.90 45.09
CA LEU AD 335 99.91 -59.05 43.90
C LEU AD 335 99.09 -59.66 42.78
N GLY AD 336 98.21 -58.84 42.22
CA GLY AD 336 97.45 -59.18 41.03
C GLY AD 336 97.71 -58.15 39.93
N VAL AD 337 97.86 -58.64 38.70
CA VAL AD 337 98.20 -57.80 37.55
C VAL AD 337 97.37 -58.28 36.38
N SER AD 338 96.91 -57.34 35.55
CA SER AD 338 96.15 -57.71 34.37
C SER AD 338 96.43 -56.80 33.19
N LEU AD 339 96.40 -57.37 32.00
CA LEU AD 339 96.60 -56.68 30.74
C LEU AD 339 95.31 -56.73 29.95
N ASN AD 340 94.74 -55.54 29.72
CA ASN AD 340 93.56 -55.33 28.90
C ASN AD 340 92.40 -56.26 29.23
N GLN AD 341 92.14 -56.45 30.53
CA GLN AD 341 91.01 -57.25 30.96
C GLN AD 341 90.17 -56.40 31.90
N SER AD 342 88.85 -56.44 31.69
CA SER AD 342 87.94 -55.72 32.59
C SER AD 342 88.04 -56.22 34.02
N SER AD 343 88.03 -57.53 34.20
CA SER AD 343 88.17 -58.15 35.51
C SER AD 343 89.61 -58.57 35.74
N ILE AD 344 90.12 -58.26 36.92
CA ILE AD 344 91.46 -58.71 37.28
C ILE AD 344 91.57 -60.21 37.07
N SER AD 345 90.53 -60.95 37.45
CA SER AD 345 90.45 -62.38 37.18
C SER AD 345 91.77 -63.06 37.51
N THR AD 346 92.24 -62.81 38.73
CA THR AD 346 93.49 -63.34 39.23
C THR AD 346 93.58 -64.84 38.98
N LEU AD 347 92.69 -65.58 39.63
CA LEU AD 347 92.61 -67.04 39.56
C LEU AD 347 93.89 -67.73 40.00
N ASP AD 348 94.80 -67.00 40.66
CA ASP AD 348 96.03 -67.57 41.20
C ASP AD 348 97.00 -68.09 40.13
N GLY AD 349 96.97 -67.56 38.92
CA GLY AD 349 97.90 -68.08 37.92
C GLY AD 349 98.51 -67.06 36.97
N SER AD 350 99.14 -67.57 35.92
CA SER AD 350 99.81 -66.76 34.89
C SER AD 350 99.27 -67.14 33.52
N ARG AD 351 98.20 -66.50 33.08
CA ARG AD 351 97.50 -66.96 31.88
C ARG AD 351 97.34 -65.81 30.90
N PHE AD 352 97.55 -66.12 29.63
CA PHE AD 352 97.39 -65.20 28.52
C PHE AD 352 96.50 -65.79 27.45
N ILE AD 353 95.80 -64.93 26.75
CA ILE AD 353 94.89 -65.32 25.69
C ILE AD 353 95.17 -64.46 24.47
N ALA AD 354 95.15 -65.11 23.30
CA ALA AD 354 95.36 -64.46 22.02
C ALA AD 354 94.27 -64.90 21.05
N ALA AD 355 93.96 -64.04 20.09
CA ALA AD 355 92.95 -64.33 19.07
C ALA AD 355 93.46 -63.87 17.73
N VAL AD 356 93.31 -64.72 16.71
CA VAL AD 356 93.84 -64.48 15.37
C VAL AD 356 92.70 -64.50 14.37
N ASN AD 357 92.67 -63.49 13.50
CA ASN AD 357 91.67 -63.33 12.45
C ASN AD 357 92.38 -63.25 11.10
N ALA AD 358 91.97 -64.08 10.14
CA ALA AD 358 92.59 -64.09 8.82
C ALA AD 358 91.56 -64.49 7.77
N LEU AD 359 91.22 -63.57 6.87
CA LEU AD 359 90.20 -63.83 5.86
C LEU AD 359 90.30 -62.84 4.71
N GLU AD 360 90.09 -63.34 3.50
CA GLU AD 360 90.05 -62.53 2.28
C GLU AD 360 88.88 -62.94 1.41
N GLU AD 361 88.21 -61.96 0.80
CA GLU AD 361 86.98 -62.26 0.05
C GLU AD 361 86.76 -61.25 -1.07
N LYS AD 362 86.20 -61.74 -2.17
CA LYS AD 362 85.85 -60.95 -3.33
C LYS AD 362 84.45 -61.34 -3.81
N LYS AD 363 83.73 -60.39 -4.39
CA LYS AD 363 82.37 -60.66 -4.83
C LYS AD 363 81.97 -59.75 -5.99
N GLN AD 364 81.25 -60.32 -6.96
CA GLN AD 364 80.81 -59.59 -8.15
C GLN AD 364 79.39 -60.00 -8.53
N ALA AD 365 78.55 -59.02 -8.87
CA ALA AD 365 77.14 -59.28 -9.19
C ALA AD 365 76.65 -58.42 -10.34
N THR AD 366 75.89 -59.05 -11.25
CA THR AD 366 75.36 -58.45 -12.47
C THR AD 366 73.87 -58.74 -12.65
N VAL AD 367 73.07 -57.70 -12.89
CA VAL AD 367 71.62 -57.87 -13.04
C VAL AD 367 71.09 -57.00 -14.16
N VAL AD 368 70.24 -57.58 -15.02
CA VAL AD 368 69.62 -56.88 -16.14
C VAL AD 368 68.13 -57.24 -16.22
N SER AD 369 67.26 -56.24 -16.10
CA SER AD 369 65.81 -56.37 -16.22
C SER AD 369 65.30 -55.52 -17.38
N ARG AD 370 64.46 -56.08 -18.23
CA ARG AD 370 63.99 -55.34 -19.42
C ARG AD 370 62.52 -55.60 -19.70
N PRO AD 371 61.63 -54.76 -19.18
CA PRO AD 371 60.20 -54.88 -19.51
C PRO AD 371 59.83 -54.18 -20.80
N VAL AD 372 58.74 -54.69 -21.39
CA VAL AD 372 58.18 -54.22 -22.65
C VAL AD 372 56.67 -54.06 -22.51
N LEU AD 373 56.13 -52.93 -23.00
CA LEU AD 373 54.71 -52.65 -22.88
C LEU AD 373 54.17 -52.01 -24.16
N LEU AD 374 52.96 -52.41 -24.54
CA LEU AD 374 52.25 -51.87 -25.68
C LEU AD 374 51.15 -50.90 -25.25
N THR AD 375 51.08 -49.75 -25.92
CA THR AD 375 50.12 -48.70 -25.56
C THR AD 375 49.69 -48.01 -26.83
N GLN AD 376 48.55 -47.33 -26.77
CA GLN AD 376 48.12 -46.47 -27.86
C GLN AD 376 48.43 -45.00 -27.62
N GLU AD 377 48.62 -44.30 -28.72
CA GLU AD 377 48.77 -42.85 -28.77
C GLU AD 377 47.74 -42.13 -27.91
N ASN AD 378 48.22 -41.35 -26.94
CA ASN AD 378 47.44 -40.57 -26.00
C ASN AD 378 46.65 -41.38 -24.99
N VAL AD 379 46.86 -42.69 -24.91
CA VAL AD 379 46.13 -43.55 -23.98
C VAL AD 379 47.11 -43.97 -22.88
N PRO AD 380 46.84 -43.69 -21.61
CA PRO AD 380 47.75 -44.10 -20.54
C PRO AD 380 47.74 -45.61 -20.32
N ALA AD 381 48.83 -46.10 -19.72
CA ALA AD 381 48.94 -47.52 -19.45
C ALA AD 381 49.83 -47.75 -18.24
N ILE AD 382 49.66 -48.95 -17.65
CA ILE AD 382 50.38 -49.36 -16.45
C ILE AD 382 50.86 -50.80 -16.61
N PHE AD 383 52.04 -51.07 -16.07
CA PHE AD 383 52.63 -52.40 -15.98
C PHE AD 383 53.13 -52.64 -14.57
N ASP AD 384 52.69 -53.74 -13.97
CA ASP AD 384 53.10 -54.11 -12.61
C ASP AD 384 53.50 -55.58 -12.57
N ASN AD 385 54.73 -55.86 -12.14
CA ASN AD 385 55.22 -57.23 -12.03
C ASN AD 385 55.91 -57.45 -10.70
N ASN AD 386 55.71 -58.65 -10.15
CA ASN AD 386 56.22 -59.02 -8.85
C ASN AD 386 56.57 -60.50 -8.83
N ARG AD 387 57.80 -60.84 -8.49
CA ARG AD 387 58.26 -62.23 -8.56
C ARG AD 387 59.17 -62.56 -7.38
N THR AD 388 59.13 -63.83 -6.94
CA THR AD 388 59.95 -64.34 -5.85
C THR AD 388 60.94 -65.41 -6.31
N PHE AD 389 62.11 -65.43 -5.68
CA PHE AD 389 63.15 -66.42 -5.93
C PHE AD 389 63.60 -67.05 -4.62
N TYR AD 390 64.07 -68.29 -4.73
CA TYR AD 390 64.47 -69.11 -3.59
C TYR AD 390 65.94 -69.49 -3.65
N THR AD 391 66.61 -69.34 -2.50
CA THR AD 391 68.02 -69.67 -2.28
C THR AD 391 68.16 -71.08 -1.70
N LYS AD 392 68.40 -72.05 -2.58
CA LYS AD 392 68.66 -73.42 -2.10
C LYS AD 392 70.03 -73.51 -1.42
N LEU AD 393 70.12 -74.43 -0.46
CA LEU AD 393 71.27 -74.52 0.43
C LEU AD 393 71.57 -75.98 0.75
N ILE AD 394 72.77 -76.21 1.27
CA ILE AD 394 73.13 -77.51 1.80
C ILE AD 394 72.28 -77.84 3.03
N GLY AD 395 71.98 -79.13 3.19
CA GLY AD 395 71.13 -79.63 4.25
C GLY AD 395 69.69 -79.74 3.78
N GLU AD 396 69.49 -80.52 2.71
CA GLU AD 396 68.21 -80.57 2.01
C GLU AD 396 67.00 -80.56 2.95
N ARG AD 397 66.97 -81.49 3.91
CA ARG AD 397 65.85 -81.55 4.84
C ARG AD 397 65.95 -80.46 5.91
N ASN AD 398 67.15 -80.01 6.22
CA ASN AD 398 67.35 -79.06 7.31
C ASN AD 398 67.02 -77.64 6.84
N VAL AD 399 67.36 -77.34 5.59
CA VAL AD 399 67.24 -75.98 5.08
C VAL AD 399 65.78 -75.55 5.09
N ALA AD 400 65.49 -74.46 5.80
CA ALA AD 400 64.36 -73.63 5.42
C ALA AD 400 64.87 -72.69 4.34
N LEU AD 401 64.27 -72.76 3.15
CA LEU AD 401 64.74 -71.93 2.05
C LEU AD 401 64.59 -70.45 2.37
N GLU AD 402 65.66 -69.70 2.15
CA GLU AD 402 65.58 -68.25 2.11
C GLU AD 402 65.02 -67.79 0.77
N HIS AD 403 64.45 -66.60 0.75
CA HIS AD 403 63.83 -66.12 -0.47
C HIS AD 403 63.91 -64.60 -0.53
N VAL AD 404 63.87 -64.07 -1.75
CA VAL AD 404 63.84 -62.64 -1.98
C VAL AD 404 62.85 -62.33 -3.09
N THR AD 405 62.17 -61.19 -2.96
CA THR AD 405 61.13 -60.79 -3.89
C THR AD 405 61.49 -59.47 -4.55
N TYR AD 406 61.19 -59.38 -5.85
CA TYR AD 406 61.49 -58.21 -6.66
C TYR AD 406 60.19 -57.72 -7.28
N GLY AD 407 60.10 -56.40 -7.44
CA GLY AD 407 58.91 -55.78 -7.97
C GLY AD 407 59.21 -54.51 -8.73
N THR AD 408 58.55 -54.37 -9.88
CA THR AD 408 58.77 -53.26 -10.78
C THR AD 408 57.44 -52.80 -11.37
N MET AD 409 57.24 -51.49 -11.44
CA MET AD 409 56.03 -50.98 -12.07
C MET AD 409 56.30 -49.67 -12.79
N ILE AD 410 55.52 -49.47 -13.85
CA ILE AD 410 55.65 -48.33 -14.74
C ILE AD 410 54.28 -47.81 -15.09
N ARG AD 411 54.12 -46.49 -15.09
CA ARG AD 411 52.94 -45.84 -15.63
C ARG AD 411 53.37 -44.76 -16.63
N VAL AD 412 52.70 -44.71 -17.78
CA VAL AD 412 53.19 -43.92 -18.90
C VAL AD 412 52.04 -43.44 -19.79
N LEU AD 413 52.27 -42.32 -20.45
CA LEU AD 413 51.32 -41.72 -21.41
C LEU AD 413 52.00 -41.34 -22.72
N PRO AD 414 51.72 -42.03 -23.82
CA PRO AD 414 52.34 -41.69 -25.12
C PRO AD 414 51.80 -40.44 -25.79
N ARG AD 415 52.72 -39.63 -26.31
CA ARG AD 415 52.41 -38.46 -27.15
C ARG AD 415 53.28 -38.47 -28.40
N PHE AD 416 52.67 -38.29 -29.57
CA PHE AD 416 53.39 -38.20 -30.85
C PHE AD 416 53.68 -36.76 -31.22
N SER AD 417 54.96 -36.47 -31.44
CA SER AD 417 55.40 -35.18 -31.93
C SER AD 417 55.08 -35.07 -33.42
N ALA AD 418 55.10 -33.83 -33.92
CA ALA AD 418 55.07 -33.60 -35.36
C ALA AD 418 56.34 -34.00 -36.09
N ASP AD 419 57.48 -34.06 -35.41
CA ASP AD 419 58.77 -34.26 -36.06
C ASP AD 419 59.35 -35.65 -35.81
N GLY AD 420 58.50 -36.67 -35.73
CA GLY AD 420 59.01 -38.02 -35.61
C GLY AD 420 59.60 -38.34 -34.26
N GLN AD 421 59.09 -37.72 -33.20
CA GLN AD 421 59.54 -37.97 -31.84
C GLN AD 421 58.38 -38.49 -31.01
N ILE AD 422 58.75 -39.25 -29.97
CA ILE AD 422 57.81 -39.75 -28.97
C ILE AD 422 58.10 -39.05 -27.66
N GLU AD 423 57.04 -38.52 -27.04
CA GLU AD 423 57.13 -37.82 -25.76
C GLU AD 423 56.38 -38.62 -24.71
N MET AD 424 57.01 -38.80 -23.55
CA MET AD 424 56.51 -39.69 -22.51
C MET AD 424 56.61 -39.04 -21.14
N SER AD 425 55.51 -39.09 -20.40
CA SER AD 425 55.52 -38.86 -18.96
C SER AD 425 55.65 -40.19 -18.25
N LEU AD 426 56.65 -40.31 -17.37
CA LEU AD 426 57.07 -41.59 -16.84
C LEU AD 426 57.04 -41.55 -15.33
N ASP AD 427 56.28 -42.47 -14.73
CA ASP AD 427 56.43 -42.84 -13.33
C ASP AD 427 56.99 -44.25 -13.28
N ILE AD 428 58.13 -44.42 -12.59
CA ILE AD 428 58.84 -45.69 -12.57
C ILE AD 428 59.23 -46.01 -11.14
N GLU AD 429 58.96 -47.22 -10.70
CA GLU AD 429 59.33 -47.64 -9.36
C GLU AD 429 59.87 -49.05 -9.41
N ASP AD 430 60.94 -49.31 -8.67
CA ASP AD 430 61.55 -50.64 -8.74
C ASP AD 430 62.30 -50.97 -7.46
N GLY AD 431 62.42 -52.26 -7.19
CA GLY AD 431 63.38 -52.72 -6.21
C GLY AD 431 63.05 -54.12 -5.75
N ASN AD 432 63.82 -54.60 -4.79
CA ASN AD 432 63.41 -55.72 -3.95
C ASN AD 432 62.79 -55.24 -2.65
N ASP AD 433 62.02 -56.13 -2.03
CA ASP AD 433 61.37 -55.86 -0.75
C ASP AD 433 62.37 -55.48 0.34
N LYS AD 434 62.18 -54.29 0.91
CA LYS AD 434 63.03 -53.79 1.99
C LYS AD 434 62.76 -54.54 3.28
N THR AD 435 63.49 -55.64 3.53
CA THR AD 435 63.57 -56.17 4.88
C THR AD 435 64.91 -56.87 5.12
N PRO AD 436 65.65 -56.47 6.15
CA PRO AD 436 66.99 -57.05 6.40
C PRO AD 436 66.98 -58.41 7.07
N GLN AD 437 65.82 -59.04 7.20
CA GLN AD 437 65.65 -60.30 7.92
C GLN AD 437 66.31 -61.48 7.21
N SER AD 438 66.94 -61.26 6.05
CA SER AD 438 67.67 -62.29 5.32
C SER AD 438 68.98 -62.65 6.00
N ASP AD 439 68.88 -63.17 7.22
CA ASP AD 439 70.00 -63.34 8.13
C ASP AD 439 70.93 -64.48 7.72
N THR AD 440 70.46 -65.42 6.89
CA THR AD 440 71.33 -66.47 6.37
C THR AD 440 72.38 -65.87 5.44
N THR AD 441 73.65 -65.94 5.87
CA THR AD 441 74.72 -65.21 5.21
C THR AD 441 74.75 -65.50 3.71
N THR AD 442 74.59 -66.76 3.33
CA THR AD 442 74.66 -67.15 1.93
C THR AD 442 73.47 -66.65 1.12
N SER AD 443 72.50 -66.00 1.76
CA SER AD 443 71.53 -65.24 0.99
C SER AD 443 72.20 -64.17 0.16
N VAL AD 444 73.17 -63.44 0.72
CA VAL AD 444 73.89 -62.48 -0.12
C VAL AD 444 74.99 -63.12 -0.94
N ASP AD 445 75.36 -64.36 -0.63
CA ASP AD 445 76.21 -65.14 -1.52
C ASP AD 445 75.46 -65.58 -2.77
N ALA AD 446 74.13 -65.51 -2.74
CA ALA AD 446 73.32 -65.96 -3.86
C ALA AD 446 72.55 -64.81 -4.50
N LEU AD 447 71.59 -64.22 -3.82
CA LEU AD 447 70.69 -63.24 -4.41
C LEU AD 447 71.18 -61.82 -4.16
N PRO AD 448 71.31 -61.00 -5.20
CA PRO AD 448 71.94 -59.67 -5.06
C PRO AD 448 71.00 -58.65 -4.45
N GLU AD 449 71.53 -57.90 -3.47
CA GLU AD 449 70.81 -56.76 -2.89
C GLU AD 449 70.86 -55.56 -3.83
N VAL AD 450 69.95 -55.57 -4.80
CA VAL AD 450 69.56 -54.32 -5.45
C VAL AD 450 68.84 -53.41 -4.44
N GLY AD 451 68.88 -52.12 -4.73
CA GLY AD 451 68.22 -51.13 -3.89
C GLY AD 451 66.73 -51.00 -4.18
N ARG AD 452 66.20 -49.84 -3.81
CA ARG AD 452 64.85 -49.43 -4.19
C ARG AD 452 64.87 -48.00 -4.68
N THR AD 453 64.16 -47.74 -5.78
CA THR AD 453 64.24 -46.45 -6.45
C THR AD 453 62.90 -46.04 -7.02
N LEU AD 454 62.67 -44.73 -7.01
CA LEU AD 454 61.48 -44.09 -7.53
C LEU AD 454 61.91 -42.91 -8.39
N ILE AD 455 61.35 -42.82 -9.60
CA ILE AD 455 61.63 -41.73 -10.52
C ILE AD 455 60.32 -41.28 -11.17
N SER AD 456 60.15 -39.98 -11.29
CA SER AD 456 59.08 -39.41 -12.10
C SER AD 456 59.63 -38.26 -12.91
N THR AD 457 59.38 -38.26 -14.22
CA THR AD 457 59.93 -37.21 -15.08
C THR AD 457 59.24 -37.24 -16.44
N ILE AD 458 59.59 -36.29 -17.28
CA ILE AD 458 59.06 -36.19 -18.64
C ILE AD 458 60.22 -36.08 -19.63
N ALA AD 459 60.12 -36.78 -20.76
CA ALA AD 459 61.21 -36.81 -21.73
C ALA AD 459 60.67 -37.08 -23.13
N ARG AD 460 61.49 -36.72 -24.13
CA ARG AD 460 61.15 -36.83 -25.54
C ARG AD 460 62.35 -37.34 -26.31
N VAL AD 461 62.12 -38.25 -27.26
CA VAL AD 461 63.22 -38.85 -28.02
C VAL AD 461 62.82 -39.15 -29.46
N PRO AD 462 63.74 -39.07 -30.42
CA PRO AD 462 63.46 -39.55 -31.78
C PRO AD 462 63.21 -41.05 -31.86
N HIS AD 463 62.52 -41.44 -32.93
CA HIS AD 463 62.14 -42.84 -33.17
C HIS AD 463 63.31 -43.79 -32.96
N GLY AD 464 63.08 -44.83 -32.17
CA GLY AD 464 64.00 -45.94 -32.08
C GLY AD 464 65.35 -45.63 -31.47
N LYS AD 465 65.59 -44.41 -31.06
CA LYS AD 465 66.78 -44.10 -30.30
C LYS AD 465 66.49 -44.26 -28.81
N SER AD 466 67.55 -44.24 -28.01
CA SER AD 466 67.43 -44.54 -26.59
C SER AD 466 68.12 -43.45 -25.81
N LEU AD 467 67.58 -43.15 -24.63
CA LEU AD 467 68.21 -42.14 -23.77
C LEU AD 467 68.16 -42.56 -22.31
N LEU AD 468 69.05 -41.95 -21.52
CA LEU AD 468 69.25 -42.31 -20.13
C LEU AD 468 68.50 -41.34 -19.21
N VAL AD 469 67.46 -41.83 -18.56
CA VAL AD 469 66.60 -40.98 -17.74
C VAL AD 469 67.18 -40.75 -16.35
N GLY AD 470 67.91 -41.70 -15.80
CA GLY AD 470 68.57 -41.48 -14.52
C GLY AD 470 69.38 -42.68 -14.10
N GLY AD 471 70.22 -42.45 -13.10
CA GLY AD 471 71.09 -43.50 -12.60
C GLY AD 471 71.86 -43.03 -11.39
N TYR AD 472 72.69 -43.94 -10.88
CA TYR AD 472 73.42 -43.73 -9.64
C TYR AD 472 74.73 -44.49 -9.69
N THR AD 473 75.75 -43.94 -9.02
CA THR AD 473 76.99 -44.66 -8.77
C THR AD 473 77.49 -44.37 -7.37
N ARG AD 474 78.07 -45.38 -6.72
CA ARG AD 474 78.69 -45.21 -5.42
C ARG AD 474 80.02 -45.94 -5.38
N ASP AD 475 81.04 -45.29 -4.83
CA ASP AD 475 82.33 -45.92 -4.68
C ASP AD 475 82.88 -45.59 -3.29
N ALA AD 476 83.32 -46.60 -2.56
CA ALA AD 476 83.77 -46.37 -1.19
C ALA AD 476 84.94 -47.26 -0.85
N ASN AD 477 85.76 -46.78 0.09
CA ASN AD 477 86.94 -47.50 0.55
C ASN AD 477 87.20 -47.17 2.01
N THR AD 478 87.79 -48.13 2.72
CA THR AD 478 88.11 -47.95 4.12
C THR AD 478 89.31 -48.81 4.50
N ASP AD 479 90.06 -48.33 5.48
CA ASP AD 479 91.26 -49.00 5.96
C ASP AD 479 91.46 -48.71 7.43
N THR AD 480 92.02 -49.70 8.14
CA THR AD 480 92.27 -49.54 9.58
C THR AD 480 93.42 -50.44 10.00
N VAL AD 481 94.09 -50.04 11.09
CA VAL AD 481 95.18 -50.80 11.69
C VAL AD 481 95.20 -50.51 13.19
N GLN AD 482 95.39 -51.57 13.98
CA GLN AD 482 95.40 -51.50 15.44
C GLN AD 482 96.53 -52.34 16.03
N SER AD 483 97.29 -51.77 16.99
CA SER AD 483 98.43 -52.51 17.51
C SER AD 483 98.85 -52.04 18.90
N ILE AD 484 99.58 -52.92 19.58
CA ILE AD 484 100.28 -52.75 20.86
C ILE AD 484 101.45 -51.77 20.73
N PRO AD 485 101.48 -50.67 21.47
CA PRO AD 485 102.53 -49.65 21.26
C PRO AD 485 103.99 -50.11 21.30
N PHE AD 486 104.45 -50.73 22.39
CA PHE AD 486 105.88 -51.05 22.50
C PHE AD 486 106.29 -52.21 21.60
N LEU AD 487 105.44 -53.23 21.49
CA LEU AD 487 105.80 -54.41 20.73
C LEU AD 487 105.56 -54.21 19.24
N GLY AD 488 104.61 -53.36 18.88
CA GLY AD 488 104.29 -53.13 17.50
C GLY AD 488 105.45 -52.69 16.64
N LYS AD 489 106.59 -52.34 17.24
CA LYS AD 489 107.75 -51.90 16.47
C LYS AD 489 108.97 -52.79 16.70
N LEU AD 490 108.80 -53.94 17.34
CA LEU AD 490 109.90 -54.88 17.43
C LEU AD 490 110.25 -55.37 16.03
N PRO AD 491 111.52 -55.44 15.67
CA PRO AD 491 111.87 -55.72 14.26
C PRO AD 491 111.32 -57.01 13.68
N LEU AD 492 111.40 -58.14 14.40
CA LEU AD 492 110.95 -59.40 13.83
C LEU AD 492 109.52 -59.81 14.19
N ILE AD 493 108.96 -59.30 15.28
CA ILE AD 493 107.66 -59.76 15.76
C ILE AD 493 106.57 -58.70 15.73
N GLY AD 494 106.90 -57.45 15.41
CA GLY AD 494 105.90 -56.40 15.47
C GLY AD 494 104.61 -56.77 14.75
N SER AD 495 104.72 -57.43 13.60
CA SER AD 495 103.53 -57.89 12.89
C SER AD 495 102.69 -58.85 13.73
N LEU AD 496 103.27 -59.51 14.72
CA LEU AD 496 102.50 -60.40 15.58
C LEU AD 496 101.47 -59.67 16.43
N PHE AD 497 101.65 -58.37 16.65
CA PHE AD 497 100.82 -57.57 17.54
C PHE AD 497 99.93 -56.56 16.83
N ARG AD 498 99.60 -56.79 15.57
CA ARG AD 498 98.85 -55.84 14.76
C ARG AD 498 97.64 -56.52 14.14
N TYR AD 499 96.68 -55.67 13.78
CA TYR AD 499 95.45 -56.06 13.13
C TYR AD 499 95.04 -54.97 12.16
N SER AD 500 94.65 -55.38 10.96
CA SER AD 500 94.25 -54.41 9.94
C SER AD 500 93.12 -54.98 9.12
N SER AD 501 92.37 -54.05 8.52
CA SER AD 501 91.23 -54.37 7.68
C SER AD 501 91.07 -53.39 6.54
N LYS AD 502 90.74 -53.92 5.35
CA LYS AD 502 90.56 -53.14 4.14
C LYS AD 502 89.25 -53.54 3.48
N ASN AD 503 88.49 -52.54 3.04
CA ASN AD 503 87.18 -52.75 2.43
C ASN AD 503 86.95 -51.81 1.25
N LYS AD 504 86.62 -52.36 0.08
CA LYS AD 504 86.37 -51.57 -1.12
C LYS AD 504 85.11 -52.01 -1.83
N SER AD 505 84.31 -51.04 -2.29
CA SER AD 505 83.07 -51.38 -2.99
C SER AD 505 82.74 -50.38 -4.09
N ASN AD 506 82.16 -50.91 -5.17
CA ASN AD 506 81.76 -50.15 -6.35
C ASN AD 506 80.39 -50.58 -6.84
N VAL AD 507 79.48 -49.63 -7.04
CA VAL AD 507 78.09 -49.90 -7.41
C VAL AD 507 77.66 -48.96 -8.53
N VAL AD 508 76.93 -49.50 -9.51
CA VAL AD 508 76.40 -48.74 -10.64
C VAL AD 508 74.98 -49.20 -10.95
N ARG AD 509 74.11 -48.25 -11.29
CA ARG AD 509 72.70 -48.55 -11.54
C ARG AD 509 72.11 -47.55 -12.52
N VAL AD 510 71.55 -48.01 -13.65
CA VAL AD 510 71.04 -47.08 -14.66
C VAL AD 510 69.73 -47.54 -15.27
N PHE AD 511 68.91 -46.55 -15.66
CA PHE AD 511 67.62 -46.69 -16.35
C PHE AD 511 67.66 -46.07 -17.75
N MET AD 512 67.52 -46.88 -18.79
CA MET AD 512 67.56 -46.43 -20.19
C MET AD 512 66.25 -46.77 -20.89
N ILE AD 513 65.69 -45.79 -21.59
CA ILE AD 513 64.38 -45.90 -22.23
C ILE AD 513 64.50 -45.89 -23.75
N GLU AD 514 63.66 -46.74 -24.41
CA GLU AD 514 63.67 -46.88 -25.87
C GLU AD 514 62.27 -47.15 -26.44
N PRO AD 515 61.57 -46.12 -26.92
CA PRO AD 515 60.27 -46.30 -27.57
C PRO AD 515 60.40 -46.62 -29.05
N LYS AD 516 59.36 -47.28 -29.58
CA LYS AD 516 59.33 -47.66 -30.99
C LYS AD 516 57.88 -47.81 -31.47
N GLU AD 517 57.52 -47.15 -32.55
CA GLU AD 517 56.18 -47.32 -33.12
C GLU AD 517 55.98 -48.74 -33.64
N ILE AD 518 54.81 -49.33 -33.35
CA ILE AD 518 54.44 -50.66 -33.81
C ILE AD 518 53.39 -50.53 -34.90
N VAL AD 519 53.69 -51.08 -36.07
CA VAL AD 519 52.81 -50.98 -37.24
C VAL AD 519 52.28 -52.34 -37.68
N ASP AD 520 53.07 -53.41 -37.53
CA ASP AD 520 52.71 -54.69 -38.10
C ASP AD 520 52.59 -55.79 -37.05
N PRO AD 521 51.62 -56.70 -37.21
CA PRO AD 521 51.52 -57.86 -36.30
C PRO AD 521 52.70 -58.79 -36.41
N LEU AD 522 52.76 -59.70 -35.45
CA LEU AD 522 53.87 -60.64 -35.31
C LEU AD 522 54.02 -61.53 -36.54
N THR AD 523 55.24 -62.00 -36.74
CA THR AD 523 55.61 -62.99 -37.76
C THR AD 523 56.81 -63.78 -37.24
N PRO AD 524 56.72 -65.11 -37.08
CA PRO AD 524 55.60 -66.06 -37.14
C PRO AD 524 54.45 -65.70 -36.24
N ASP AD 525 53.27 -66.24 -36.50
CA ASP AD 525 52.20 -66.14 -35.54
C ASP AD 525 52.53 -66.82 -34.22
N ALA AD 526 51.89 -66.32 -33.17
CA ALA AD 526 52.19 -66.77 -31.82
C ALA AD 526 52.11 -68.28 -31.72
N SER AD 527 51.01 -68.86 -32.22
CA SER AD 527 50.83 -70.30 -32.20
C SER AD 527 51.88 -71.02 -33.02
N GLU AD 528 52.35 -70.39 -34.10
CA GLU AD 528 53.39 -70.98 -34.93
C GLU AD 528 54.69 -71.11 -34.16
N SER AD 529 54.92 -70.24 -33.18
CA SER AD 529 56.11 -70.39 -32.35
C SER AD 529 55.84 -71.25 -31.12
N VAL AD 530 54.63 -71.14 -30.56
CA VAL AD 530 54.27 -71.90 -29.38
C VAL AD 530 54.35 -73.40 -29.64
N ASN AD 531 53.84 -73.84 -30.79
CA ASN AD 531 53.91 -75.27 -31.08
C ASN AD 531 55.36 -75.76 -31.10
N ASN AD 532 56.25 -74.93 -31.62
CA ASN AD 532 57.67 -75.28 -31.62
C ASN AD 532 58.20 -75.43 -30.22
N ILE AD 533 57.95 -74.42 -29.39
CA ILE AD 533 58.37 -74.47 -27.99
C ILE AD 533 57.86 -75.74 -27.31
N LEU AD 534 56.57 -76.02 -27.44
CA LEU AD 534 56.00 -77.22 -26.84
C LEU AD 534 56.71 -78.49 -27.29
N LYS AD 535 56.83 -78.69 -28.61
CA LYS AD 535 57.50 -79.89 -29.11
C LYS AD 535 58.94 -80.01 -28.62
N GLN AD 536 59.71 -78.93 -28.73
CA GLN AD 536 61.09 -78.96 -28.28
C GLN AD 536 61.18 -79.27 -26.79
N SER AD 537 60.26 -78.71 -26.00
CA SER AD 537 60.20 -79.01 -24.57
C SER AD 537 59.67 -80.41 -24.27
N GLY AD 538 59.04 -81.06 -25.24
CA GLY AD 538 58.31 -82.29 -24.99
C GLY AD 538 57.05 -82.13 -24.19
N ALA AD 539 56.60 -80.90 -23.96
CA ALA AD 539 55.33 -80.67 -23.30
C ALA AD 539 54.17 -81.05 -24.21
N TRP AD 540 54.40 -81.09 -25.52
CA TRP AD 540 53.41 -81.46 -26.51
C TRP AD 540 52.51 -82.59 -26.04
N SER AD 541 51.21 -82.42 -26.31
CA SER AD 541 50.17 -83.34 -25.89
C SER AD 541 49.13 -83.64 -26.96
N GLY AD 542 49.24 -83.04 -28.15
CA GLY AD 542 48.26 -83.28 -29.21
C GLY AD 542 48.15 -84.73 -29.62
N ASP AD 543 49.16 -85.54 -29.28
CA ASP AD 543 49.06 -86.98 -29.52
C ASP AD 543 47.90 -87.62 -28.77
N ASP AD 544 47.42 -87.02 -27.69
CA ASP AD 544 46.51 -87.74 -26.82
C ASP AD 544 45.19 -88.09 -27.50
N LYS AD 545 44.92 -89.39 -27.50
CA LYS AD 545 43.77 -89.99 -28.17
C LYS AD 545 42.46 -89.58 -27.55
N LEU AD 546 42.47 -89.04 -26.34
CA LEU AD 546 41.22 -88.67 -25.71
C LEU AD 546 41.01 -87.17 -25.76
N GLN AD 547 42.04 -86.40 -25.41
CA GLN AD 547 41.88 -84.95 -25.44
C GLN AD 547 41.71 -84.43 -26.85
N LYS AD 548 42.09 -85.22 -27.87
CA LYS AD 548 41.89 -84.83 -29.26
C LYS AD 548 40.46 -84.35 -29.55
N TRP AD 549 39.46 -85.01 -28.93
CA TRP AD 549 38.06 -84.73 -29.21
C TRP AD 549 37.62 -83.34 -28.82
N VAL AD 550 38.40 -82.64 -27.99
CA VAL AD 550 38.08 -81.28 -27.59
C VAL AD 550 39.15 -80.31 -28.06
N ARG AD 551 40.41 -80.69 -27.95
CA ARG AD 551 41.48 -79.82 -28.41
C ARG AD 551 41.31 -79.48 -29.88
N VAL AD 552 40.62 -80.34 -30.64
CA VAL AD 552 40.24 -79.96 -32.01
C VAL AD 552 39.55 -78.61 -32.01
N TYR AD 553 38.56 -78.41 -31.15
CA TYR AD 553 37.81 -77.15 -31.16
C TYR AD 553 38.71 -75.96 -30.85
N LEU AD 554 39.66 -76.14 -29.95
CA LEU AD 554 40.50 -75.03 -29.51
C LEU AD 554 41.57 -74.65 -30.53
N ASP AD 555 42.23 -75.63 -31.13
CA ASP AD 555 43.33 -75.36 -32.04
C ASP AD 555 42.90 -75.23 -33.49
N ARG AD 556 41.83 -75.90 -33.89
CA ARG AD 556 41.33 -75.73 -35.25
C ARG AD 556 40.54 -74.44 -35.39
N GLY AD 557 39.50 -74.27 -34.58
CA GLY AD 557 38.55 -73.19 -34.82
C GLY AD 557 37.88 -73.30 -36.17
N ASP BD 20 -7.03 147.14 -38.50
CA ASP BD 20 -6.94 145.97 -37.64
C ASP BD 20 -7.12 144.71 -38.47
N LYS BD 21 -6.41 143.66 -38.09
CA LYS BD 21 -6.45 142.39 -38.79
C LYS BD 21 -7.19 141.33 -37.99
N ASP BD 22 -8.02 140.56 -38.70
CA ASP BD 22 -8.76 139.45 -38.13
C ASP BD 22 -7.89 138.23 -37.92
N LEU BD 23 -7.81 137.76 -36.68
CA LEU BD 23 -7.15 136.51 -36.34
C LEU BD 23 -8.11 135.32 -36.45
N LEU BD 24 -9.23 135.37 -35.74
CA LEU BD 24 -10.09 134.21 -35.62
C LEU BD 24 -11.53 134.65 -35.60
N LYS BD 25 -12.41 133.80 -36.14
CA LYS BD 25 -13.84 134.06 -36.18
C LYS BD 25 -14.63 132.81 -35.87
N GLY BD 26 -15.91 133.01 -35.56
CA GLY BD 26 -16.79 131.93 -35.17
C GLY BD 26 -16.37 131.15 -33.95
N LEU BD 27 -15.73 131.81 -32.98
CA LEU BD 27 -15.32 131.15 -31.75
C LEU BD 27 -16.49 131.01 -30.79
N ASP BD 28 -16.40 130.02 -29.92
CA ASP BD 28 -17.21 130.00 -28.70
C ASP BD 28 -16.66 130.92 -27.62
N GLN BD 29 -17.55 131.24 -26.69
CA GLN BD 29 -17.23 132.07 -25.54
C GLN BD 29 -15.96 131.62 -24.82
N GLU BD 30 -15.80 130.31 -24.68
CA GLU BD 30 -14.70 129.77 -23.91
C GLU BD 30 -13.47 129.51 -24.75
N GLN BD 31 -13.59 129.61 -26.06
CA GLN BD 31 -12.41 129.67 -26.90
C GLN BD 31 -11.87 131.09 -26.92
N ALA BD 32 -12.77 132.06 -27.03
CA ALA BD 32 -12.35 133.46 -27.07
C ALA BD 32 -11.64 133.84 -25.78
N ASN BD 33 -12.21 133.49 -24.63
CA ASN BD 33 -11.57 133.94 -23.40
C ASN BD 33 -10.20 133.31 -23.22
N GLU BD 34 -10.01 132.09 -23.71
CA GLU BD 34 -8.70 131.46 -23.65
C GLU BD 34 -7.68 132.14 -24.56
N VAL BD 35 -8.13 132.54 -25.74
CA VAL BD 35 -7.22 133.24 -26.65
C VAL BD 35 -6.84 134.60 -26.08
N ILE BD 36 -7.79 135.34 -25.53
CA ILE BD 36 -7.45 136.63 -24.96
C ILE BD 36 -6.45 136.45 -23.82
N ALA BD 37 -6.69 135.49 -22.94
CA ALA BD 37 -5.77 135.26 -21.83
C ALA BD 37 -4.35 135.01 -22.30
N VAL BD 38 -4.21 134.14 -23.29
CA VAL BD 38 -2.86 133.81 -23.75
C VAL BD 38 -2.20 134.97 -24.48
N LEU BD 39 -2.95 135.81 -25.18
CA LEU BD 39 -2.25 136.93 -25.81
C LEU BD 39 -1.90 138.02 -24.83
N GLN BD 40 -2.79 138.37 -23.92
CA GLN BD 40 -2.44 139.34 -22.89
C GLN BD 40 -1.21 138.93 -22.12
N MET BD 41 -1.04 137.65 -21.82
CA MET BD 41 0.15 137.27 -21.08
C MET BD 41 1.44 137.69 -21.79
N HIS BD 42 1.46 137.70 -23.12
CA HIS BD 42 2.65 138.09 -23.88
C HIS BD 42 2.66 139.57 -24.28
N ASN BD 43 1.88 140.40 -23.60
CA ASN BD 43 1.78 141.84 -23.87
C ASN BD 43 1.17 142.22 -25.22
N ILE BD 44 0.18 141.47 -25.67
CA ILE BD 44 -0.54 141.78 -26.90
C ILE BD 44 -1.96 142.15 -26.53
N GLU BD 45 -2.33 143.40 -26.79
CA GLU BD 45 -3.69 143.89 -26.60
C GLU BD 45 -4.63 143.41 -27.69
N ALA BD 46 -5.68 142.68 -27.32
CA ALA BD 46 -6.61 142.08 -28.27
C ALA BD 46 -8.04 142.54 -27.98
N ASN BD 47 -8.91 142.39 -28.98
CA ASN BD 47 -10.30 142.80 -28.87
C ASN BD 47 -11.26 141.68 -29.27
N LYS BD 48 -12.30 141.50 -28.45
CA LYS BD 48 -13.35 140.51 -28.67
C LYS BD 48 -14.64 141.19 -29.11
N ILE BD 49 -15.18 140.73 -30.23
CA ILE BD 49 -16.40 141.27 -30.84
C ILE BD 49 -17.42 140.15 -30.98
N ASP BD 50 -18.69 140.47 -30.73
CA ASP BD 50 -19.78 139.51 -30.79
C ASP BD 50 -20.69 139.76 -31.98
N SER BD 51 -20.90 138.72 -32.80
CA SER BD 51 -21.77 138.75 -33.96
C SER BD 51 -23.01 137.89 -33.78
N GLY BD 52 -23.30 137.47 -32.55
CA GLY BD 52 -24.39 136.57 -32.21
C GLY BD 52 -24.40 135.16 -32.76
N LYS BD 53 -25.33 134.83 -33.65
CA LYS BD 53 -25.32 133.51 -34.27
C LYS BD 53 -24.01 133.19 -34.97
N LEU BD 54 -23.19 134.19 -35.28
CA LEU BD 54 -21.92 133.94 -35.93
C LEU BD 54 -20.78 133.78 -34.93
N GLY BD 55 -21.06 133.91 -33.64
CA GLY BD 55 -20.04 133.86 -32.61
C GLY BD 55 -19.16 135.08 -32.43
N TYR BD 56 -18.06 134.85 -31.74
CA TYR BD 56 -17.07 135.87 -31.44
C TYR BD 56 -15.91 135.93 -32.41
N SER BD 57 -15.38 137.13 -32.58
CA SER BD 57 -14.26 137.45 -33.44
C SER BD 57 -13.18 138.14 -32.61
N ILE BD 58 -11.94 137.90 -32.95
CA ILE BD 58 -10.77 138.45 -32.26
C ILE BD 58 -9.95 139.27 -33.23
N THR BD 59 -9.57 140.47 -32.82
CA THR BD 59 -8.80 141.35 -33.69
C THR BD 59 -7.67 142.01 -32.91
N VAL BD 60 -6.59 142.34 -33.64
CA VAL BD 60 -5.41 142.97 -33.09
C VAL BD 60 -4.87 143.99 -34.07
N ALA BD 61 -4.02 144.88 -33.56
CA ALA BD 61 -3.28 145.82 -34.41
C ALA BD 61 -2.18 145.16 -35.25
N GLU BD 62 -1.86 145.84 -36.34
CA GLU BD 62 -0.83 145.40 -37.28
C GLU BD 62 0.56 145.21 -36.66
N PRO BD 63 1.11 146.17 -35.92
CA PRO BD 63 2.43 145.93 -35.30
C PRO BD 63 2.48 144.67 -34.48
N ASP BD 64 1.37 144.18 -33.97
CA ASP BD 64 1.34 142.99 -33.14
C ASP BD 64 0.87 141.76 -33.90
N PHE BD 65 0.46 141.92 -35.15
CA PHE BD 65 -0.08 140.81 -35.91
C PHE BD 65 0.91 139.64 -36.01
N THR BD 66 2.14 139.91 -36.43
CA THR BD 66 3.14 138.86 -36.54
C THR BD 66 3.32 138.04 -35.26
N ALA BD 67 3.56 138.72 -34.15
CA ALA BD 67 3.69 138.02 -32.88
C ALA BD 67 2.45 137.22 -32.54
N ALA BD 68 1.27 137.80 -32.73
CA ALA BD 68 0.06 137.07 -32.37
C ALA BD 68 -0.06 135.80 -33.19
N VAL BD 69 0.32 135.85 -34.46
CA VAL BD 69 0.33 134.65 -35.30
C VAL BD 69 1.28 133.60 -34.74
N TYR BD 70 2.50 134.01 -34.40
CA TYR BD 70 3.46 133.05 -33.88
C TYR BD 70 2.98 132.38 -32.60
N TRP BD 71 2.35 133.13 -31.70
CA TRP BD 71 1.83 132.50 -30.49
C TRP BD 71 0.62 131.62 -30.76
N ILE BD 72 -0.26 132.02 -31.67
CA ILE BD 72 -1.37 131.15 -32.03
C ILE BD 72 -0.89 129.81 -32.55
N LYS BD 73 0.14 129.82 -33.37
CA LYS BD 73 0.75 128.56 -33.80
C LYS BD 73 1.37 127.82 -32.64
N THR BD 74 2.16 128.49 -31.81
CA THR BD 74 2.89 127.79 -30.77
C THR BD 74 1.95 127.10 -29.80
N TYR BD 75 0.86 127.76 -29.40
CA TYR BD 75 -0.08 127.12 -28.49
C TYR BD 75 -1.14 126.30 -29.21
N GLN BD 76 -1.11 126.20 -30.52
CA GLN BD 76 -2.12 125.46 -31.25
C GLN BD 76 -3.54 125.89 -30.89
N LEU BD 77 -3.74 127.18 -30.83
CA LEU BD 77 -5.06 127.70 -30.56
C LEU BD 77 -5.89 127.68 -31.83
N PRO BD 78 -7.22 127.81 -31.73
CA PRO BD 78 -8.07 127.78 -30.57
C PRO BD 78 -8.17 126.41 -29.95
N PRO BD 79 -8.50 126.33 -28.67
CA PRO BD 79 -8.48 125.03 -28.00
C PRO BD 79 -9.63 124.16 -28.48
N ARG BD 80 -9.49 122.89 -28.24
CA ARG BD 80 -10.44 121.89 -28.69
C ARG BD 80 -11.44 121.57 -27.60
N PRO BD 81 -12.55 120.92 -27.94
CA PRO BD 81 -13.51 120.50 -26.90
C PRO BD 81 -12.94 119.41 -26.02
N ARG BD 82 -13.39 119.39 -24.77
CA ARG BD 82 -12.92 118.42 -23.79
C ARG BD 82 -13.56 117.06 -24.03
N VAL BD 83 -12.74 116.01 -23.88
CA VAL BD 83 -13.11 114.64 -24.23
C VAL BD 83 -13.43 113.84 -22.97
N GLU BD 84 -14.54 113.10 -23.00
CA GLU BD 84 -14.90 112.17 -21.95
C GLU BD 84 -15.39 110.86 -22.56
N ILE BD 85 -15.00 109.74 -21.94
CA ILE BD 85 -15.15 108.44 -22.58
C ILE BD 85 -16.61 108.11 -22.84
N ALA BD 86 -17.51 108.60 -22.00
CA ALA BD 86 -18.93 108.40 -22.23
C ALA BD 86 -19.41 108.91 -23.57
N GLN BD 87 -18.66 109.80 -24.22
CA GLN BD 87 -19.09 110.31 -25.52
C GLN BD 87 -18.94 109.31 -26.65
N MET BD 88 -18.19 108.23 -26.48
CA MET BD 88 -18.08 107.22 -27.51
C MET BD 88 -19.12 106.11 -27.42
N PHE BD 89 -19.91 106.06 -26.36
CA PHE BD 89 -20.82 104.94 -26.13
C PHE BD 89 -22.19 105.47 -25.75
N PRO BD 90 -22.82 106.19 -26.65
CA PRO BD 90 -24.11 106.81 -26.33
C PRO BD 90 -25.17 105.75 -26.09
N ALA BD 91 -26.13 106.11 -25.26
CA ALA BD 91 -27.14 105.21 -24.72
C ALA BD 91 -28.15 104.75 -25.75
N ASP BD 92 -27.99 105.01 -27.04
CA ASP BD 92 -29.01 104.73 -28.05
C ASP BD 92 -28.87 103.30 -28.58
N SER BD 93 -29.32 102.35 -27.77
CA SER BD 93 -29.58 100.99 -28.25
C SER BD 93 -30.67 100.37 -27.39
N LEU BD 94 -31.37 99.41 -27.98
CA LEU BD 94 -32.34 98.60 -27.22
C LEU BD 94 -31.68 97.52 -26.38
N VAL BD 95 -30.62 96.88 -26.87
CA VAL BD 95 -29.65 96.20 -26.03
C VAL BD 95 -28.29 96.87 -26.13
N SER BD 96 -27.71 97.19 -24.98
CA SER BD 96 -26.40 97.80 -24.91
C SER BD 96 -25.44 96.75 -24.36
N SER BD 97 -24.31 96.58 -25.02
CA SER BD 97 -23.38 95.54 -24.63
C SER BD 97 -22.71 95.81 -23.29
N PRO BD 98 -22.36 94.75 -22.57
CA PRO BD 98 -21.72 94.92 -21.26
C PRO BD 98 -20.49 95.79 -21.29
N ARG BD 99 -19.72 95.74 -22.38
CA ARG BD 99 -18.54 96.59 -22.47
C ARG BD 99 -18.90 98.06 -22.48
N ALA BD 100 -19.96 98.42 -23.19
CA ALA BD 100 -20.33 99.82 -23.21
C ALA BD 100 -20.97 100.25 -21.90
N GLU BD 101 -21.67 99.34 -21.23
CA GLU BD 101 -22.17 99.70 -19.90
C GLU BD 101 -21.05 99.98 -18.91
N LYS BD 102 -20.07 99.08 -18.81
CA LYS BD 102 -18.96 99.35 -17.91
C LYS BD 102 -18.16 100.58 -18.32
N ALA BD 103 -18.05 100.87 -19.61
CA ALA BD 103 -17.40 102.10 -20.00
C ALA BD 103 -18.13 103.33 -19.50
N ARG BD 104 -19.46 103.33 -19.54
CA ARG BD 104 -20.14 104.51 -19.03
C ARG BD 104 -19.99 104.60 -17.52
N LEU BD 105 -19.94 103.47 -16.86
CA LEU BD 105 -19.84 103.48 -15.40
C LEU BD 105 -18.54 104.14 -14.95
N TYR BD 106 -17.41 103.61 -15.41
CA TYR BD 106 -16.13 104.22 -15.08
C TYR BD 106 -16.01 105.66 -15.57
N SER BD 107 -16.56 105.96 -16.74
CA SER BD 107 -16.50 107.34 -17.18
C SER BD 107 -17.35 108.28 -16.34
N ALA BD 108 -18.21 107.75 -15.49
CA ALA BD 108 -18.93 108.63 -14.58
C ALA BD 108 -18.19 108.79 -13.26
N ILE BD 109 -17.61 107.70 -12.78
CA ILE BD 109 -16.88 107.75 -11.52
C ILE BD 109 -15.67 108.68 -11.61
N GLU BD 110 -14.91 108.61 -12.71
CA GLU BD 110 -13.79 109.54 -12.86
C GLU BD 110 -14.21 111.00 -12.69
N GLN BD 111 -15.30 111.38 -13.34
CA GLN BD 111 -15.72 112.78 -13.28
C GLN BD 111 -16.17 113.15 -11.88
N ARG BD 112 -16.84 112.24 -11.20
CA ARG BD 112 -17.33 112.59 -9.88
C ARG BD 112 -16.18 112.74 -8.89
N LEU BD 113 -15.13 111.94 -9.06
CA LEU BD 113 -13.95 112.13 -8.22
C LEU BD 113 -13.24 113.45 -8.50
N GLU BD 114 -13.10 113.84 -9.76
CA GLU BD 114 -12.49 115.15 -10.02
C GLU BD 114 -13.27 116.28 -9.35
N GLN BD 115 -14.60 116.22 -9.46
CA GLN BD 115 -15.39 117.27 -8.82
C GLN BD 115 -15.26 117.26 -7.32
N SER BD 116 -15.05 116.10 -6.72
CA SER BD 116 -14.87 116.10 -5.27
C SER BD 116 -13.52 116.65 -4.89
N LEU BD 117 -12.47 116.31 -5.63
CA LEU BD 117 -11.14 116.86 -5.30
C LEU BD 117 -11.10 118.37 -5.37
N GLN BD 118 -11.78 118.98 -6.34
CA GLN BD 118 -11.67 120.44 -6.37
C GLN BD 118 -12.23 121.13 -5.13
N THR BD 119 -12.92 120.43 -4.25
CA THR BD 119 -13.41 121.02 -3.01
C THR BD 119 -12.42 120.97 -1.85
N MET BD 120 -11.30 120.28 -1.98
CA MET BD 120 -10.35 120.27 -0.88
C MET BD 120 -9.73 121.65 -0.68
N GLU BD 121 -9.08 121.80 0.47
CA GLU BD 121 -8.57 123.09 0.93
C GLU BD 121 -7.47 123.62 0.03
N GLY BD 122 -7.80 124.64 -0.76
CA GLY BD 122 -6.84 125.36 -1.56
C GLY BD 122 -6.43 124.72 -2.87
N VAL BD 123 -7.09 123.65 -3.30
CA VAL BD 123 -6.90 123.16 -4.65
C VAL BD 123 -7.57 124.11 -5.63
N LEU BD 124 -6.94 124.31 -6.78
CA LEU BD 124 -7.54 125.14 -7.84
C LEU BD 124 -8.09 124.31 -8.98
N SER BD 125 -7.39 123.26 -9.41
CA SER BD 125 -7.91 122.37 -10.43
C SER BD 125 -7.23 121.02 -10.30
N ALA BD 126 -7.87 120.00 -10.89
CA ALA BD 126 -7.38 118.64 -10.76
C ALA BD 126 -7.79 117.80 -11.96
N ARG BD 127 -7.15 116.66 -12.09
CA ARG BD 127 -7.50 115.64 -13.07
C ARG BD 127 -7.30 114.27 -12.45
N VAL BD 128 -8.13 113.32 -12.84
CA VAL BD 128 -8.03 111.94 -12.38
C VAL BD 128 -8.13 111.00 -13.57
N HIS BD 129 -7.38 109.89 -13.51
CA HIS BD 129 -7.42 108.83 -14.50
C HIS BD 129 -7.51 107.47 -13.82
N ILE BD 130 -8.28 106.57 -14.41
CA ILE BD 130 -8.47 105.23 -13.88
C ILE BD 130 -8.09 104.19 -14.93
N SER BD 131 -7.51 103.08 -14.46
CA SER BD 131 -7.21 101.96 -15.35
C SER BD 131 -8.49 101.28 -15.82
N TYR BD 132 -8.84 101.44 -17.08
CA TYR BD 132 -9.97 100.71 -17.66
C TYR BD 132 -9.66 99.25 -17.92
N ASP BD 133 -9.99 98.38 -16.97
CA ASP BD 133 -9.84 96.94 -17.12
C ASP BD 133 -10.89 96.35 -18.03
N ILE BD 134 -11.73 97.19 -18.63
CA ILE BD 134 -12.87 96.77 -19.42
C ILE BD 134 -12.53 96.50 -20.87
N ASP BD 135 -11.32 96.81 -21.32
CA ASP BD 135 -10.92 96.46 -22.67
C ASP BD 135 -10.82 94.96 -22.86
N ALA BD 136 -10.99 94.21 -21.79
CA ALA BD 136 -11.51 92.85 -21.84
C ALA BD 136 -12.69 92.78 -20.89
N GLY BD 137 -13.66 91.94 -21.24
CA GLY BD 137 -14.86 91.88 -20.42
C GLY BD 137 -14.58 91.36 -19.03
N GLU BD 138 -13.44 90.70 -18.83
CA GLU BD 138 -13.19 89.93 -17.62
C GLU BD 138 -14.23 88.83 -17.43
N ASN BD 139 -14.89 88.44 -18.52
CA ASN BD 139 -15.69 87.24 -18.55
C ASN BD 139 -14.75 86.03 -18.55
N GLY BD 140 -14.88 85.19 -17.52
CA GLY BD 140 -14.09 83.98 -17.44
C GLY BD 140 -12.65 84.18 -16.99
N ARG BD 141 -12.24 85.42 -16.69
CA ARG BD 141 -10.88 85.69 -16.26
C ARG BD 141 -10.91 86.52 -14.99
N PRO BD 142 -10.07 86.22 -14.01
CA PRO BD 142 -10.11 86.95 -12.73
C PRO BD 142 -9.69 88.41 -12.93
N PRO BD 143 -10.44 89.35 -12.35
CA PRO BD 143 -10.27 90.77 -12.71
C PRO BD 143 -9.00 91.37 -12.11
N LYS BD 144 -8.34 92.22 -12.90
CA LYS BD 144 -7.10 92.86 -12.48
C LYS BD 144 -7.37 93.96 -11.45
N PRO BD 145 -6.39 94.26 -10.60
CA PRO BD 145 -6.56 95.34 -9.63
C PRO BD 145 -6.49 96.71 -10.27
N VAL BD 146 -7.06 97.69 -9.58
CA VAL BD 146 -7.21 99.05 -10.10
C VAL BD 146 -5.95 99.86 -9.89
N HIS BD 147 -5.72 100.82 -10.81
CA HIS BD 147 -4.70 101.84 -10.68
C HIS BD 147 -5.31 103.22 -10.96
N LEU BD 148 -4.80 104.24 -10.26
CA LEU BD 148 -5.27 105.61 -10.42
C LEU BD 148 -4.10 106.57 -10.59
N SER BD 149 -4.35 107.68 -11.30
CA SER BD 149 -3.41 108.78 -11.38
C SER BD 149 -4.12 110.11 -11.15
N ALA BD 150 -3.45 111.06 -10.50
CA ALA BD 150 -4.04 112.36 -10.23
C ALA BD 150 -3.06 113.50 -10.42
N LEU BD 151 -3.52 114.59 -11.02
CA LEU BD 151 -2.77 115.82 -11.19
C LEU BD 151 -3.49 116.93 -10.47
N ALA BD 152 -2.76 117.83 -9.79
CA ALA BD 152 -3.46 118.92 -9.13
C ALA BD 152 -2.61 120.17 -9.01
N VAL BD 153 -3.29 121.32 -8.93
CA VAL BD 153 -2.65 122.63 -8.89
C VAL BD 153 -3.09 123.37 -7.63
N TYR BD 154 -2.13 124.00 -6.96
CA TYR BD 154 -2.35 124.62 -5.65
C TYR BD 154 -2.08 126.11 -5.66
N GLU BD 155 -2.72 126.79 -4.71
CA GLU BD 155 -2.33 128.14 -4.32
C GLU BD 155 -0.88 128.22 -3.86
N ARG BD 156 -0.29 129.39 -4.05
CA ARG BD 156 1.10 129.65 -3.69
C ARG BD 156 1.31 129.66 -2.18
N GLY BD 157 2.40 129.01 -1.73
CA GLY BD 157 2.68 128.85 -0.32
C GLY BD 157 2.08 127.63 0.34
N SER BD 158 1.85 126.58 -0.41
CA SER BD 158 1.24 125.32 0.02
C SER BD 158 2.29 124.26 0.29
N PRO BD 159 2.25 123.55 1.44
CA PRO BD 159 3.19 122.44 1.67
C PRO BD 159 2.80 121.18 0.90
N LEU BD 160 3.26 121.14 -0.35
CA LEU BD 160 2.92 120.03 -1.25
C LEU BD 160 3.25 118.67 -0.63
N ALA BD 161 4.45 118.55 -0.06
CA ALA BD 161 4.83 117.29 0.55
C ALA BD 161 3.83 116.82 1.58
N HIS BD 162 3.39 117.70 2.46
CA HIS BD 162 2.41 117.29 3.45
C HIS BD 162 1.02 117.07 2.86
N GLN BD 163 0.74 117.61 1.67
CA GLN BD 163 -0.60 117.40 1.14
C GLN BD 163 -0.73 116.18 0.25
N ILE BD 164 0.37 115.58 -0.20
CA ILE BD 164 0.21 114.36 -0.98
C ILE BD 164 -0.41 113.25 -0.14
N SER BD 165 -0.04 113.19 1.13
CA SER BD 165 -0.59 112.17 2.03
C SER BD 165 -2.11 112.20 2.06
N ASP BD 166 -2.69 113.37 2.26
CA ASP BD 166 -4.15 113.49 2.29
C ASP BD 166 -4.78 112.91 1.04
N ILE BD 167 -4.29 113.28 -0.13
CA ILE BD 167 -4.91 112.82 -1.36
C ILE BD 167 -4.78 111.31 -1.51
N LYS BD 168 -3.61 110.76 -1.22
CA LYS BD 168 -3.50 109.30 -1.29
C LYS BD 168 -4.46 108.61 -0.34
N ARG BD 169 -4.55 109.10 0.89
CA ARG BD 169 -5.49 108.54 1.85
C ARG BD 169 -6.91 108.57 1.32
N PHE BD 170 -7.33 109.70 0.78
CA PHE BD 170 -8.68 109.83 0.26
C PHE BD 170 -8.94 108.90 -0.91
N LEU BD 171 -8.02 108.83 -1.87
CA LEU BD 171 -8.27 107.97 -3.02
C LEU BD 171 -8.24 106.48 -2.68
N LYS BD 172 -7.39 106.06 -1.74
CA LYS BD 172 -7.27 104.65 -1.43
C LYS BD 172 -8.61 103.95 -1.17
N ASN BD 173 -9.46 104.55 -0.35
CA ASN BD 173 -10.71 103.90 0.04
C ASN BD 173 -11.90 104.22 -0.83
N SER BD 174 -11.74 104.96 -1.89
CA SER BD 174 -12.84 105.15 -2.82
C SER BD 174 -13.03 103.97 -3.75
N PHE BD 175 -12.28 102.88 -3.59
CA PHE BD 175 -12.31 101.79 -4.54
C PHE BD 175 -12.10 100.46 -3.83
N ALA BD 176 -12.44 99.38 -4.53
CA ALA BD 176 -12.55 98.07 -3.88
C ALA BD 176 -11.22 97.54 -3.38
N ASP BD 177 -10.14 97.73 -4.12
CA ASP BD 177 -8.85 97.19 -3.67
C ASP BD 177 -7.71 97.93 -4.36
N VAL BD 178 -7.06 98.80 -3.61
CA VAL BD 178 -6.04 99.71 -4.13
C VAL BD 178 -4.90 99.76 -3.13
N ASP BD 179 -3.68 99.76 -3.63
CA ASP BD 179 -2.49 99.85 -2.80
C ASP BD 179 -1.82 101.20 -3.00
N TYR BD 180 -1.30 101.77 -1.92
CA TYR BD 180 -0.58 103.03 -2.03
C TYR BD 180 0.49 102.96 -3.08
N ASP BD 181 1.04 101.77 -3.31
CA ASP BD 181 2.04 101.59 -4.36
C ASP BD 181 1.47 101.78 -5.75
N ASN BD 182 0.15 101.80 -5.90
CA ASN BD 182 -0.50 101.88 -7.20
C ASN BD 182 -1.26 103.17 -7.41
N ILE BD 183 -1.01 104.20 -6.60
CA ILE BD 183 -1.59 105.53 -6.80
C ILE BD 183 -0.45 106.50 -7.08
N SER BD 184 -0.56 107.22 -8.20
CA SER BD 184 0.40 108.25 -8.58
C SER BD 184 -0.22 109.63 -8.42
N VAL BD 185 0.53 110.56 -7.85
CA VAL BD 185 0.07 111.92 -7.61
C VAL BD 185 1.14 112.91 -8.03
N VAL BD 186 0.76 113.94 -8.79
CA VAL BD 186 1.68 114.97 -9.25
C VAL BD 186 1.08 116.35 -9.00
N LEU BD 187 1.83 117.23 -8.35
CA LEU BD 187 1.35 118.52 -7.89
C LEU BD 187 2.15 119.66 -8.52
N SER BD 188 1.50 120.80 -8.66
CA SER BD 188 2.18 122.00 -9.16
C SER BD 188 1.56 123.24 -8.54
N GLU BD 189 2.37 124.29 -8.38
CA GLU BD 189 1.90 125.58 -7.91
C GLU BD 189 1.39 126.46 -9.04
N ARG BD 190 0.49 127.37 -8.70
CA ARG BD 190 0.04 128.39 -9.64
C ARG BD 190 1.17 129.32 -10.07
N SER BD 191 1.09 129.75 -11.32
CA SER BD 191 2.00 130.74 -11.88
C SER BD 191 1.75 132.13 -11.32
N ASP BD 192 2.69 133.03 -11.58
CA ASP BD 192 2.53 134.43 -11.22
C ASP BD 192 1.27 135.04 -11.82
N ALA BD 193 0.62 135.89 -11.03
CA ALA BD 193 -0.60 136.58 -11.45
C ALA BD 193 -0.35 137.68 -12.47
N GLN BD 194 -1.18 137.70 -13.51
CA GLN BD 194 -1.22 138.74 -14.55
C GLN BD 194 -2.22 139.84 -14.21
N LEU BD 195 -1.77 140.86 -13.49
CA LEU BD 195 -2.64 141.93 -13.02
C LEU BD 195 -2.55 143.21 -13.82
N GLN BD 196 -1.36 143.62 -14.24
CA GLN BD 196 -1.20 144.85 -15.03
C GLN BD 196 -1.57 144.64 -16.49
N ALA BD 197 -2.23 145.65 -17.05
CA ALA BD 197 -2.66 145.63 -18.44
C ALA BD 197 -1.51 145.84 -19.43
N PRO BD 198 -1.60 145.22 -20.61
CA PRO BD 198 -0.59 145.44 -21.64
C PRO BD 198 -0.63 146.86 -22.19
N GLY BD 199 0.53 147.30 -22.68
CA GLY BD 199 0.64 148.61 -23.30
C GLY BD 199 0.14 148.67 -24.74
N THR BD 200 -0.53 149.77 -25.08
CA THR BD 200 -1.05 150.00 -26.42
C THR BD 200 0.08 150.47 -27.34
N PRO BD 201 0.19 149.94 -28.55
CA PRO BD 201 1.21 150.43 -29.49
C PRO BD 201 1.16 151.94 -29.67
N VAL BD 202 2.33 152.54 -29.76
CA VAL BD 202 2.47 153.96 -30.03
C VAL BD 202 2.18 154.25 -31.48
N ASP CD 20 -17.98 149.30 -20.35
CA ASP CD 20 -17.93 148.01 -19.68
C ASP CD 20 -17.72 146.92 -20.72
N LYS CD 21 -16.97 145.88 -20.36
CA LYS CD 21 -16.67 144.78 -21.25
C LYS CD 21 -17.43 143.52 -20.83
N ASP CD 22 -17.98 142.82 -21.81
CA ASP CD 22 -18.68 141.56 -21.58
C ASP CD 22 -17.71 140.41 -21.35
N LEU CD 23 -17.82 139.77 -20.20
CA LEU CD 23 -17.10 138.54 -19.90
C LEU CD 23 -17.85 137.31 -20.35
N LEU CD 24 -19.11 137.16 -19.93
CA LEU CD 24 -19.84 135.94 -20.18
C LEU CD 24 -21.29 136.28 -20.43
N LYS CD 25 -21.95 135.44 -21.24
CA LYS CD 25 -23.38 135.55 -21.48
C LYS CD 25 -24.06 134.19 -21.38
N GLY CD 26 -25.38 134.25 -21.27
CA GLY CD 26 -26.19 133.04 -21.20
C GLY CD 26 -25.91 132.15 -20.03
N LEU CD 27 -25.53 132.71 -18.89
CA LEU CD 27 -25.25 131.90 -17.72
C LEU CD 27 -26.53 131.51 -17.00
N ASP CD 28 -26.48 130.39 -16.29
CA ASP CD 28 -27.45 130.10 -15.26
C ASP CD 28 -27.29 131.01 -14.04
N GLN CD 29 -28.35 131.05 -13.24
CA GLN CD 29 -28.31 131.68 -11.93
C GLN CD 29 -27.18 131.14 -11.06
N GLU CD 30 -26.93 129.83 -11.15
CA GLU CD 30 -25.93 129.18 -10.32
C GLU CD 30 -24.53 129.47 -10.78
N GLN CD 31 -24.37 129.68 -12.08
CA GLN CD 31 -23.08 130.02 -12.62
C GLN CD 31 -22.77 131.47 -12.34
N ALA CD 32 -23.77 132.33 -12.49
CA ALA CD 32 -23.57 133.75 -12.22
C ALA CD 32 -23.13 133.99 -10.78
N ASN CD 33 -23.83 133.38 -9.81
CA ASN CD 33 -23.48 133.72 -8.44
C ASN CD 33 -22.12 133.18 -8.02
N GLU CD 34 -21.67 132.11 -8.65
CA GLU CD 34 -20.31 131.63 -8.40
C GLU CD 34 -19.27 132.54 -9.01
N VAL CD 35 -19.51 133.03 -10.22
CA VAL CD 35 -18.56 133.93 -10.84
C VAL CD 35 -18.43 135.22 -10.03
N ILE CD 36 -19.57 135.81 -9.67
CA ILE CD 36 -19.50 137.02 -8.86
C ILE CD 36 -18.75 136.78 -7.57
N ALA CD 37 -19.03 135.67 -6.88
CA ALA CD 37 -18.31 135.40 -5.65
C ALA CD 37 -16.81 135.36 -5.84
N VAL CD 38 -16.35 134.70 -6.91
CA VAL CD 38 -14.92 134.59 -7.13
C VAL CD 38 -14.28 135.92 -7.53
N LEU CD 39 -14.95 136.72 -8.34
CA LEU CD 39 -14.33 138.01 -8.65
C LEU CD 39 -14.32 138.96 -7.46
N GLN CD 40 -15.42 139.04 -6.72
CA GLN CD 40 -15.42 139.88 -5.52
C GLN CD 40 -14.31 139.51 -4.57
N MET CD 41 -14.03 138.21 -4.41
CA MET CD 41 -12.96 137.85 -3.50
C MET CD 41 -11.63 138.50 -3.86
N HIS CD 42 -11.35 138.71 -5.14
CA HIS CD 42 -10.10 139.33 -5.58
C HIS CD 42 -10.19 140.83 -5.80
N ASN CD 43 -11.18 141.50 -5.20
CA ASN CD 43 -11.37 142.94 -5.33
C ASN CD 43 -11.75 143.44 -6.71
N ILE CD 44 -12.56 142.69 -7.43
CA ILE CD 44 -13.04 143.09 -8.75
C ILE CD 44 -14.55 143.33 -8.63
N GLU CD 45 -14.96 144.57 -8.83
CA GLU CD 45 -16.37 144.94 -8.85
C GLU CD 45 -17.04 144.51 -10.15
N ALA CD 46 -18.07 143.68 -10.05
CA ALA CD 46 -18.75 143.12 -11.21
C ALA CD 46 -20.24 143.43 -11.15
N ASN CD 47 -20.89 143.32 -12.31
CA ASN CD 47 -22.32 143.61 -12.44
C ASN CD 47 -23.03 142.45 -13.12
N LYS CD 48 -24.19 142.07 -12.57
CA LYS CD 48 -25.03 141.01 -13.09
C LYS CD 48 -26.28 141.60 -13.72
N ILE CD 49 -26.54 141.22 -14.97
CA ILE CD 49 -27.68 141.71 -15.73
C ILE CD 49 -28.51 140.51 -16.18
N ASP CD 50 -29.82 140.66 -16.14
CA ASP CD 50 -30.77 139.61 -16.51
C ASP CD 50 -31.46 139.93 -17.82
N SER CD 51 -31.38 139.00 -18.78
CA SER CD 51 -32.01 139.12 -20.09
C SER CD 51 -33.13 138.11 -20.30
N GLY CD 52 -33.61 137.47 -19.24
CA GLY CD 52 -34.62 136.43 -19.30
C GLY CD 52 -34.33 135.14 -20.03
N LYS CD 53 -35.02 134.88 -21.15
CA LYS CD 53 -34.72 133.70 -21.95
C LYS CD 53 -33.27 133.65 -22.41
N LEU CD 54 -32.54 134.74 -22.38
CA LEU CD 54 -31.15 134.75 -22.79
C LEU CD 54 -30.20 134.54 -21.61
N GLY CD 55 -30.71 134.41 -20.40
CA GLY CD 55 -29.94 134.28 -19.19
C GLY CD 55 -29.27 135.54 -18.66
N TYR CD 56 -28.32 135.30 -17.77
CA TYR CD 56 -27.56 136.36 -17.12
C TYR CD 56 -26.25 136.68 -17.83
N SER CD 57 -25.85 137.94 -17.71
CA SER CD 57 -24.63 138.49 -18.27
C SER CD 57 -23.82 139.13 -17.15
N ILE CD 58 -22.51 139.05 -17.27
CA ILE CD 58 -21.57 139.58 -16.29
C ILE CD 58 -20.68 140.62 -16.95
N THR CD 59 -20.52 141.78 -16.32
CA THR CD 59 -19.70 142.84 -16.88
C THR CD 59 -18.81 143.48 -15.83
N VAL CD 60 -17.67 144.00 -16.28
CA VAL CD 60 -16.68 144.66 -15.45
C VAL CD 60 -16.11 145.85 -16.19
N ALA CD 61 -15.48 146.75 -15.44
CA ALA CD 61 -14.74 147.85 -16.02
C ALA CD 61 -13.42 147.42 -16.68
N GLU CD 62 -12.99 148.25 -17.63
CA GLU CD 62 -11.75 148.04 -18.37
C GLU CD 62 -10.52 147.92 -17.48
N PRO CD 63 -10.26 148.83 -16.55
CA PRO CD 63 -9.09 148.66 -15.68
C PRO CD 63 -9.03 147.30 -15.01
N ASP CD 64 -10.15 146.62 -14.81
CA ASP CD 64 -10.17 145.33 -14.16
C ASP CD 64 -10.31 144.18 -15.14
N PHE CD 65 -10.48 144.48 -16.41
CA PHE CD 65 -10.69 143.45 -17.43
C PHE CD 65 -9.57 142.41 -17.45
N THR CD 66 -8.32 142.84 -17.55
CA THR CD 66 -7.20 141.90 -17.58
C THR CD 66 -7.21 140.91 -16.42
N ALA CD 67 -7.29 141.42 -15.20
CA ALA CD 67 -7.35 140.55 -14.04
C ALA CD 67 -8.54 139.61 -14.10
N ALA CD 68 -9.72 140.13 -14.46
CA ALA CD 68 -10.89 139.26 -14.48
C ALA CD 68 -10.70 138.11 -15.46
N VAL CD 69 -10.08 138.39 -16.60
CA VAL CD 69 -9.77 137.34 -17.56
C VAL CD 69 -8.84 136.31 -16.95
N TYR CD 70 -7.72 136.76 -16.39
CA TYR CD 70 -6.77 135.83 -15.82
C TYR CD 70 -7.40 134.93 -14.76
N TRP CD 71 -8.23 135.48 -13.90
CA TRP CD 71 -8.90 134.64 -12.90
C TRP CD 71 -9.89 133.67 -13.52
N ILE CD 72 -10.66 134.12 -14.50
CA ILE CD 72 -11.61 133.21 -15.14
C ILE CD 72 -10.89 132.02 -15.75
N LYS CD 73 -9.73 132.25 -16.34
CA LYS CD 73 -8.95 131.11 -16.83
C LYS CD 73 -8.43 130.26 -15.70
N THR CD 74 -7.89 130.87 -14.65
CA THR CD 74 -7.23 130.07 -13.63
C THR CD 74 -8.23 129.19 -12.89
N TYR CD 75 -9.42 129.69 -12.60
CA TYR CD 75 -10.45 128.87 -11.98
C TYR CD 75 -11.28 128.06 -12.96
N GLN CD 76 -11.05 128.16 -14.26
CA GLN CD 76 -11.88 127.47 -15.24
C GLN CD 76 -13.37 127.74 -15.06
N LEU CD 77 -13.72 128.99 -14.89
CA LEU CD 77 -15.12 129.35 -14.81
C LEU CD 77 -15.71 129.37 -16.20
N PRO CD 78 -17.04 129.36 -16.33
CA PRO CD 78 -18.08 129.07 -15.37
C PRO CD 78 -18.10 127.61 -14.97
N PRO CD 79 -18.61 127.30 -13.79
CA PRO CD 79 -18.59 125.92 -13.34
C PRO CD 79 -19.51 125.06 -14.18
N ARG CD 80 -19.25 123.77 -14.15
CA ARG CD 80 -20.01 122.79 -14.91
C ARG CD 80 -21.14 122.21 -14.08
N PRO CD 81 -22.06 121.49 -14.70
CA PRO CD 81 -23.10 120.80 -13.94
C PRO CD 81 -22.53 119.66 -13.12
N ARG CD 82 -23.28 119.27 -12.09
CA ARG CD 82 -22.80 118.35 -11.08
C ARG CD 82 -23.27 116.94 -11.39
N VAL CD 83 -22.34 116.00 -11.44
CA VAL CD 83 -22.55 114.66 -11.96
C VAL CD 83 -23.06 113.74 -10.86
N GLU CD 84 -23.98 112.84 -11.23
CA GLU CD 84 -24.40 111.73 -10.39
C GLU CD 84 -24.58 110.48 -11.23
N ILE CD 85 -24.16 109.34 -10.69
CA ILE CD 85 -24.04 108.13 -11.49
C ILE CD 85 -25.38 107.72 -12.08
N ALA CD 86 -26.47 107.92 -11.34
CA ALA CD 86 -27.78 107.58 -11.85
C ALA CD 86 -28.12 108.27 -13.16
N GLN CD 87 -27.44 109.35 -13.52
CA GLN CD 87 -27.71 110.00 -14.80
C GLN CD 87 -27.35 109.12 -15.99
N MET CD 88 -26.48 108.13 -15.80
CA MET CD 88 -26.08 107.28 -16.91
C MET CD 88 -27.03 106.13 -17.19
N PHE CD 89 -28.01 105.90 -16.34
CA PHE CD 89 -28.78 104.66 -16.43
C PHE CD 89 -30.26 104.91 -16.24
N PRO CD 90 -30.86 105.82 -17.00
CA PRO CD 90 -32.32 105.99 -16.88
C PRO CD 90 -33.02 104.83 -17.56
N ALA CD 91 -33.90 104.17 -16.83
CA ALA CD 91 -34.47 102.91 -17.27
C ALA CD 91 -35.70 103.13 -18.14
N ASP CD 92 -35.66 102.58 -19.35
CA ASP CD 92 -36.81 102.48 -20.23
C ASP CD 92 -37.17 101.05 -20.58
N SER CD 93 -36.26 100.10 -20.35
CA SER CD 93 -36.44 98.72 -20.77
C SER CD 93 -37.57 98.04 -20.00
N LEU CD 94 -38.00 96.91 -20.54
CA LEU CD 94 -38.69 95.94 -19.70
C LEU CD 94 -37.75 95.37 -18.66
N VAL CD 95 -36.53 95.02 -19.07
CA VAL CD 95 -35.57 94.32 -18.23
C VAL CD 95 -34.29 95.12 -18.33
N SER CD 96 -33.89 95.75 -17.23
CA SER CD 96 -32.56 96.31 -17.14
C SER CD 96 -31.64 95.42 -16.33
N SER CD 97 -30.34 95.54 -16.62
CA SER CD 97 -29.39 94.56 -16.14
C SER CD 97 -29.28 94.59 -14.62
N PRO CD 98 -28.94 93.46 -14.02
CA PRO CD 98 -28.53 93.47 -12.61
C PRO CD 98 -27.44 94.49 -12.33
N ARG CD 99 -26.76 94.95 -13.37
CA ARG CD 99 -25.75 95.97 -13.19
C ARG CD 99 -26.42 97.32 -13.04
N ALA CD 100 -27.36 97.63 -13.92
CA ALA CD 100 -27.96 98.94 -13.95
C ALA CD 100 -28.77 99.20 -12.69
N GLU CD 101 -29.62 98.23 -12.30
CA GLU CD 101 -30.40 98.42 -11.08
C GLU CD 101 -29.50 98.70 -9.87
N LYS CD 102 -28.49 97.86 -9.66
CA LYS CD 102 -27.57 98.07 -8.54
C LYS CD 102 -26.87 99.41 -8.61
N ALA CD 103 -26.51 99.86 -9.80
CA ALA CD 103 -25.89 101.16 -9.94
C ALA CD 103 -26.82 102.28 -9.49
N ARG CD 104 -28.05 102.29 -9.97
CA ARG CD 104 -28.97 103.31 -9.48
C ARG CD 104 -29.17 103.26 -7.98
N LEU CD 105 -29.23 102.06 -7.41
CA LEU CD 105 -29.40 101.96 -5.97
C LEU CD 105 -28.26 102.63 -5.21
N TYR CD 106 -27.02 102.28 -5.54
CA TYR CD 106 -25.91 102.90 -4.83
C TYR CD 106 -25.85 104.39 -5.10
N SER CD 107 -26.17 104.80 -6.32
CA SER CD 107 -26.19 106.21 -6.65
C SER CD 107 -27.27 106.99 -5.94
N ALA CD 108 -28.19 106.32 -5.26
CA ALA CD 108 -29.15 107.04 -4.44
C ALA CD 108 -28.75 107.05 -2.98
N ILE CD 109 -28.15 105.97 -2.52
CA ILE CD 109 -27.70 105.94 -1.13
C ILE CD 109 -26.62 106.98 -0.88
N GLU CD 110 -25.70 107.15 -1.84
CA GLU CD 110 -24.71 108.22 -1.72
C GLU CD 110 -25.33 109.59 -1.44
N GLN CD 111 -26.31 109.97 -2.25
CA GLN CD 111 -26.91 111.29 -2.08
C GLN CD 111 -27.67 111.40 -0.78
N ARG CD 112 -28.28 110.32 -0.33
CA ARG CD 112 -29.04 110.42 0.90
C ARG CD 112 -28.11 110.53 2.10
N LEU CD 113 -26.93 109.93 2.02
CA LEU CD 113 -25.97 110.11 3.10
C LEU CD 113 -25.43 111.54 3.14
N GLU CD 114 -25.10 112.12 1.98
CA GLU CD 114 -24.64 113.50 2.02
C GLU CD 114 -25.70 114.42 2.61
N GLN CD 115 -26.97 114.15 2.32
CA GLN CD 115 -28.01 114.99 2.89
C GLN CD 115 -28.17 114.76 4.39
N SER CD 116 -27.88 113.56 4.87
CA SER CD 116 -28.01 113.37 6.31
C SER CD 116 -26.86 114.04 7.04
N LEU CD 117 -25.64 113.81 6.58
CA LEU CD 117 -24.49 114.48 7.20
C LEU CD 117 -24.64 115.98 7.27
N GLN CD 118 -25.19 116.62 6.24
CA GLN CD 118 -25.30 118.07 6.35
C GLN CD 118 -26.13 118.53 7.53
N THR CD 119 -26.91 117.66 8.17
CA THR CD 119 -27.66 118.09 9.35
C THR CD 119 -26.87 118.05 10.64
N MET CD 120 -25.73 117.38 10.68
CA MET CD 120 -25.01 117.28 11.94
C MET CD 120 -24.57 118.65 12.42
N GLU CD 121 -24.24 118.74 13.70
CA GLU CD 121 -23.93 120.01 14.33
C GLU CD 121 -22.69 120.69 13.76
N GLY CD 122 -22.89 121.82 13.08
CA GLY CD 122 -21.83 122.67 12.60
C GLY CD 122 -21.15 122.25 11.32
N VAL CD 123 -21.58 121.17 10.67
CA VAL CD 123 -21.11 120.86 9.33
C VAL CD 123 -21.76 121.82 8.34
N LEU CD 124 -20.96 122.39 7.45
CA LEU CD 124 -21.51 123.26 6.41
C LEU CD 124 -21.82 122.50 5.14
N SER CD 125 -20.95 121.59 4.72
CA SER CD 125 -21.22 120.78 3.54
C SER CD 125 -20.35 119.54 3.61
N ALA CD 126 -20.71 118.55 2.80
CA ALA CD 126 -19.96 117.31 2.78
C ALA CD 126 -20.21 116.58 1.47
N ARG CD 127 -19.34 115.63 1.18
CA ARG CD 127 -19.47 114.76 0.03
C ARG CD 127 -19.07 113.35 0.41
N VAL CD 128 -19.63 112.36 -0.28
CA VAL CD 128 -19.45 110.95 0.09
C VAL CD 128 -19.27 110.09 -1.14
N HIS CD 129 -18.44 109.04 -1.02
CA HIS CD 129 -18.17 108.12 -2.11
C HIS CD 129 -18.19 106.67 -1.62
N ILE CD 130 -18.73 105.78 -2.44
CA ILE CD 130 -18.82 104.35 -2.14
C ILE CD 130 -18.13 103.55 -3.22
N SER CD 131 -17.45 102.46 -2.84
CA SER CD 131 -16.85 101.54 -3.80
C SER CD 131 -17.90 100.74 -4.55
N TYR CD 132 -18.07 101.00 -5.86
CA TYR CD 132 -19.02 100.21 -6.67
C TYR CD 132 -18.45 98.86 -7.02
N ASP CD 133 -18.87 97.81 -6.31
CA ASP CD 133 -18.49 96.46 -6.71
C ASP CD 133 -19.08 96.11 -8.07
N ILE CD 134 -20.16 96.79 -8.42
CA ILE CD 134 -20.93 96.61 -9.64
C ILE CD 134 -20.13 96.75 -10.92
N ASP CD 135 -18.90 97.25 -10.86
CA ASP CD 135 -18.10 97.17 -12.07
C ASP CD 135 -17.83 95.75 -12.47
N ALA CD 136 -18.16 94.79 -11.61
CA ALA CD 136 -18.48 93.43 -12.01
C ALA CD 136 -19.94 93.19 -11.66
N GLY CD 137 -20.65 92.49 -12.53
CA GLY CD 137 -22.00 92.11 -12.17
C GLY CD 137 -22.06 91.21 -10.96
N GLU CD 138 -20.94 90.63 -10.58
CA GLU CD 138 -20.87 89.57 -9.58
C GLU CD 138 -21.67 88.33 -9.99
N ASN CD 139 -21.90 88.15 -11.29
CA ASN CD 139 -22.26 86.85 -11.82
C ASN CD 139 -21.09 85.90 -11.69
N GLY CD 140 -21.33 84.73 -11.09
CA GLY CD 140 -20.32 83.71 -10.91
C GLY CD 140 -19.34 83.93 -9.78
N ARG CD 141 -19.13 85.15 -9.30
CA ARG CD 141 -18.06 85.39 -8.34
C ARG CD 141 -18.59 86.02 -7.06
N PRO CD 142 -17.95 85.73 -5.92
CA PRO CD 142 -18.49 86.20 -4.64
C PRO CD 142 -18.29 87.70 -4.45
N PRO CD 143 -19.21 88.36 -3.75
CA PRO CD 143 -19.16 89.83 -3.62
C PRO CD 143 -18.10 90.30 -2.64
N LYS CD 144 -17.49 91.47 -2.95
CA LYS CD 144 -16.39 92.07 -2.19
C LYS CD 144 -16.91 93.07 -1.15
N PRO CD 145 -16.14 93.30 -0.10
CA PRO CD 145 -16.58 94.22 0.96
C PRO CD 145 -16.47 95.67 0.55
N VAL CD 146 -17.28 96.50 1.20
CA VAL CD 146 -17.47 97.90 0.85
C VAL CD 146 -16.40 98.77 1.47
N HIS CD 147 -16.07 99.87 0.78
CA HIS CD 147 -15.26 100.95 1.30
C HIS CD 147 -15.94 102.29 1.07
N LEU CD 148 -15.67 103.24 1.97
CA LEU CD 148 -16.34 104.54 1.99
C LEU CD 148 -15.31 105.66 2.18
N SER CD 149 -15.54 106.78 1.53
CA SER CD 149 -14.74 108.00 1.74
C SER CD 149 -15.64 109.21 1.90
N ALA CD 150 -15.25 110.14 2.76
CA ALA CD 150 -16.03 111.35 2.93
C ALA CD 150 -15.16 112.57 3.11
N LEU CD 151 -15.66 113.70 2.60
CA LEU CD 151 -15.07 115.03 2.79
C LEU CD 151 -16.07 115.91 3.52
N ALA CD 152 -15.60 116.73 4.45
CA ALA CD 152 -16.54 117.65 5.09
C ALA CD 152 -15.88 118.95 5.52
N VAL CD 153 -16.71 119.99 5.60
CA VAL CD 153 -16.28 121.35 5.90
C VAL CD 153 -16.97 121.82 7.17
N TYR CD 154 -16.22 122.45 8.06
CA TYR CD 154 -16.71 122.83 9.38
C TYR CD 154 -16.65 124.33 9.64
N GLU CD 155 -17.52 124.80 10.52
CA GLU CD 155 -17.43 126.15 11.07
C GLU CD 155 -16.15 126.33 11.87
N ARG CD 156 -15.71 127.57 11.96
CA ARG CD 156 -14.45 127.90 12.60
C ARG CD 156 -14.51 127.62 14.10
N GLY CD 157 -13.42 127.07 14.64
CA GLY CD 157 -13.37 126.71 16.04
C GLY CD 157 -13.89 125.33 16.39
N SER CD 158 -13.84 124.40 15.48
CA SER CD 158 -14.31 123.03 15.65
C SER CD 158 -13.17 122.08 15.98
N PRO CD 159 -13.27 121.24 17.01
CA PRO CD 159 -12.21 120.25 17.27
C PRO CD 159 -12.27 119.08 16.31
N LEU CD 160 -11.63 119.25 15.15
CA LEU CD 160 -11.67 118.25 14.09
C LEU CD 160 -11.26 116.85 14.57
N ALA CD 161 -10.16 116.77 15.30
CA ALA CD 161 -9.71 115.49 15.80
C ALA CD 161 -10.80 114.79 16.59
N HIS CD 162 -11.44 115.52 17.50
CA HIS CD 162 -12.52 114.93 18.27
C HIS CD 162 -13.77 114.67 17.46
N GLN CD 163 -13.92 115.29 16.29
CA GLN CD 163 -15.16 115.10 15.54
C GLN CD 163 -15.08 114.01 14.48
N ILE CD 164 -13.90 113.47 14.20
CA ILE CD 164 -13.85 112.36 13.25
C ILE CD 164 -14.56 111.12 13.80
N SER CD 165 -14.46 110.88 15.10
CA SER CD 165 -15.10 109.74 15.72
C SER CD 165 -16.59 109.66 15.42
N ASP CD 166 -17.31 110.76 15.61
CA ASP CD 166 -18.73 110.77 15.32
C ASP CD 166 -19.03 110.29 13.92
N ILE CD 167 -18.35 110.86 12.92
CA ILE CD 167 -18.64 110.47 11.54
C ILE CD 167 -18.37 108.99 11.32
N LYS CD 168 -17.21 108.50 11.76
CA LYS CD 168 -16.96 107.08 11.59
C LYS CD 168 -18.06 106.23 12.23
N ARG CD 169 -18.40 106.52 13.46
CA ARG CD 169 -19.46 105.77 14.12
C ARG CD 169 -20.75 105.80 13.32
N PHE CD 170 -21.14 106.96 12.84
CA PHE CD 170 -22.38 107.06 12.08
C PHE CD 170 -22.33 106.25 10.80
N LEU CD 171 -21.23 106.29 10.06
CA LEU CD 171 -21.22 105.58 8.78
C LEU CD 171 -21.02 104.08 8.92
N LYS CD 172 -20.26 103.62 9.90
CA LYS CD 172 -20.02 102.19 10.03
C LYS CD 172 -21.28 101.34 9.96
N ASN CD 173 -22.35 101.77 10.60
CA ASN CD 173 -23.57 100.98 10.69
C ASN CD 173 -24.60 101.31 9.63
N SER CD 174 -24.26 102.06 8.61
CA SER CD 174 -25.16 102.23 7.48
C SER CD 174 -25.02 101.12 6.44
N PHE CD 175 -24.12 100.16 6.65
CA PHE CD 175 -23.87 99.12 5.66
C PHE CD 175 -23.56 97.81 6.35
N ALA CD 176 -23.76 96.72 5.63
CA ALA CD 176 -23.81 95.41 6.28
C ALA CD 176 -22.45 94.90 6.71
N ASP CD 177 -21.37 95.29 6.04
CA ASP CD 177 -20.04 94.85 6.44
C ASP CD 177 -19.04 95.96 6.18
N VAL CD 178 -18.65 96.68 7.21
CA VAL CD 178 -17.70 97.76 7.07
C VAL CD 178 -16.80 97.75 8.30
N ASP CD 179 -15.51 97.95 8.09
CA ASP CD 179 -14.53 98.03 9.15
C ASP CD 179 -14.00 99.45 9.24
N TYR CD 180 -13.77 99.90 10.45
CA TYR CD 180 -13.20 101.23 10.65
C TYR CD 180 -11.96 101.43 9.82
N ASP CD 181 -11.20 100.37 9.58
CA ASP CD 181 -10.02 100.49 8.74
C ASP CD 181 -10.37 100.92 7.32
N ASN CD 182 -11.54 100.56 6.82
CA ASN CD 182 -11.93 100.85 5.45
C ASN CD 182 -12.66 102.18 5.26
N ILE CD 183 -12.67 103.07 6.26
CA ILE CD 183 -13.36 104.35 6.14
C ILE CD 183 -12.36 105.49 6.23
N SER CD 184 -12.29 106.29 5.18
CA SER CD 184 -11.46 107.48 5.09
C SER CD 184 -12.29 108.74 5.27
N VAL CD 185 -11.81 109.65 6.11
CA VAL CD 185 -12.51 110.90 6.42
C VAL CD 185 -11.51 112.04 6.36
N VAL CD 186 -11.85 113.07 5.60
CA VAL CD 186 -11.03 114.27 5.45
C VAL CD 186 -11.84 115.52 5.79
N LEU CD 187 -11.32 116.34 6.69
CA LEU CD 187 -12.03 117.51 7.19
C LEU CD 187 -11.24 118.79 6.93
N SER CD 188 -11.98 119.90 6.79
CA SER CD 188 -11.36 121.21 6.61
C SER CD 188 -12.25 122.28 7.22
N GLU CD 189 -11.65 123.40 7.61
CA GLU CD 189 -12.35 124.58 8.12
C GLU CD 189 -12.75 125.55 7.01
N ARG CD 190 -13.79 126.34 7.30
CA ARG CD 190 -14.15 127.47 6.46
C ARG CD 190 -13.02 128.49 6.41
N SER CD 191 -12.78 129.05 5.23
CA SER CD 191 -11.93 130.23 5.06
C SER CD 191 -12.55 131.49 5.67
N ASP CD 192 -11.71 132.51 5.80
CA ASP CD 192 -12.12 133.83 6.27
C ASP CD 192 -13.30 134.41 5.49
N ALA CD 193 -14.20 135.06 6.22
CA ALA CD 193 -15.38 135.70 5.64
C ALA CD 193 -15.07 136.97 4.84
N GLN CD 194 -15.66 137.07 3.65
CA GLN CD 194 -15.63 138.25 2.79
C GLN CD 194 -16.82 139.17 3.00
N LEU CD 195 -16.68 140.13 3.91
CA LEU CD 195 -17.78 141.02 4.27
C LEU CD 195 -17.69 142.41 3.66
N GLN CD 196 -16.52 143.01 3.57
CA GLN CD 196 -16.39 144.34 2.98
C GLN CD 196 -16.42 144.29 1.46
N ALA CD 197 -17.09 145.28 0.87
CA ALA CD 197 -17.22 145.40 -0.57
C ALA CD 197 -15.92 145.85 -1.25
N PRO CD 198 -15.69 145.39 -2.47
CA PRO CD 198 -14.51 145.86 -3.22
C PRO CD 198 -14.61 147.32 -3.60
N GLY CD 199 -13.44 147.93 -3.77
CA GLY CD 199 -13.35 149.32 -4.19
C GLY CD 199 -13.57 149.56 -5.67
N THR CD 200 -14.27 150.65 -5.97
CA THR CD 200 -14.57 151.09 -7.32
C THR CD 200 -13.36 151.77 -7.94
N PRO CD 201 -13.01 151.48 -9.19
CA PRO CD 201 -11.90 152.19 -9.84
C PRO CD 201 -12.07 153.71 -9.76
N VAL CD 202 -10.95 154.39 -9.53
CA VAL CD 202 -10.94 155.84 -9.52
C VAL CD 202 -11.04 156.38 -10.94
N ASP DD 20 -31.91 147.90 -5.38
CA ASP DD 20 -31.90 146.54 -4.88
C ASP DD 20 -31.35 145.59 -5.92
N LYS DD 21 -30.59 144.60 -5.47
CA LYS DD 21 -30.01 143.61 -6.37
C LYS DD 21 -30.72 142.28 -6.22
N ASP DD 22 -30.98 141.64 -7.36
CA ASP DD 22 -31.59 140.31 -7.38
C ASP DD 22 -30.57 139.23 -7.06
N LEU DD 23 -30.85 138.46 -6.01
CA LEU DD 23 -30.05 137.28 -5.70
C LEU DD 23 -30.57 136.05 -6.42
N LEU DD 24 -31.86 135.75 -6.30
CA LEU DD 24 -32.40 134.51 -6.81
C LEU DD 24 -33.81 134.77 -7.32
N LYS DD 25 -34.21 133.98 -8.32
CA LYS DD 25 -35.57 134.00 -8.82
C LYS DD 25 -36.09 132.58 -9.06
N GLY DD 26 -37.40 132.49 -9.23
CA GLY DD 26 -38.07 131.22 -9.46
C GLY DD 26 -37.93 130.20 -8.35
N LEU DD 27 -37.88 130.64 -7.10
CA LEU DD 27 -37.76 129.73 -5.98
C LEU DD 27 -39.11 129.14 -5.62
N ASP DD 28 -39.07 127.95 -5.01
CA ASP DD 28 -40.19 127.43 -4.27
C ASP DD 28 -40.34 128.09 -2.90
N GLN DD 29 -41.54 127.95 -2.35
CA GLN DD 29 -41.85 128.38 -0.99
C GLN DD 29 -40.79 127.94 0.01
N GLU DD 30 -40.53 126.64 0.05
CA GLU DD 30 -39.66 126.05 1.05
C GLU DD 30 -38.18 126.22 0.75
N GLN DD 31 -37.82 126.67 -0.44
CA GLN DD 31 -36.45 127.13 -0.66
C GLN DD 31 -36.29 128.55 -0.15
N ALA DD 32 -37.24 129.41 -0.50
CA ALA DD 32 -37.17 130.81 -0.10
C ALA DD 32 -37.09 130.94 1.41
N ASN DD 33 -37.91 130.19 2.14
CA ASN DD 33 -37.88 130.32 3.59
C ASN DD 33 -36.54 129.93 4.19
N GLU DD 34 -35.88 128.92 3.62
CA GLU DD 34 -34.55 128.57 4.09
C GLU DD 34 -33.55 129.68 3.81
N VAL DD 35 -33.62 130.29 2.63
CA VAL DD 35 -32.68 131.35 2.31
C VAL DD 35 -32.87 132.53 3.25
N ILE DD 36 -34.10 132.95 3.45
CA ILE DD 36 -34.37 134.03 4.41
C ILE DD 36 -33.79 133.70 5.78
N ALA DD 37 -34.04 132.48 6.27
CA ALA DD 37 -33.55 132.11 7.60
C ALA DD 37 -32.04 132.24 7.71
N VAL DD 38 -31.32 131.77 6.70
CA VAL DD 38 -29.86 131.86 6.77
C VAL DD 38 -29.35 133.28 6.63
N LEU DD 39 -29.99 134.12 5.82
CA LEU DD 39 -29.51 135.48 5.78
C LEU DD 39 -29.80 136.21 7.08
N GLN DD 40 -31.00 136.09 7.61
CA GLN DD 40 -31.31 136.73 8.89
C GLN DD 40 -30.36 136.32 9.99
N MET DD 41 -29.93 135.06 10.01
CA MET DD 41 -29.05 134.66 11.09
C MET DD 41 -27.74 135.44 11.10
N HIS DD 42 -27.27 135.90 9.94
CA HIS DD 42 -26.02 136.64 9.87
C HIS DD 42 -26.23 138.15 9.74
N ASN DD 43 -27.37 138.64 10.18
CA ASN DD 43 -27.67 140.08 10.22
C ASN DD 43 -27.87 140.73 8.86
N ILE DD 44 -28.48 140.01 7.91
CA ILE DD 44 -28.76 140.55 6.59
C ILE DD 44 -30.28 140.64 6.45
N GLU DD 45 -30.79 141.86 6.35
CA GLU DD 45 -32.21 142.07 6.09
C GLU DD 45 -32.58 141.79 4.64
N ALA DD 46 -33.48 140.84 4.41
CA ALA DD 46 -33.85 140.41 3.06
C ALA DD 46 -35.37 140.54 2.88
N ASN DD 47 -35.79 140.57 1.62
CA ASN DD 47 -37.20 140.68 1.25
C ASN DD 47 -37.61 139.61 0.26
N LYS DD 48 -38.77 139.01 0.53
CA LYS DD 48 -39.38 137.98 -0.30
C LYS DD 48 -40.55 138.54 -1.08
N ILE DD 49 -40.54 138.35 -2.39
CA ILE DD 49 -41.56 138.85 -3.31
C ILE DD 49 -42.15 137.69 -4.08
N ASP DD 50 -43.46 137.72 -4.30
CA ASP DD 50 -44.20 136.68 -4.99
C ASP DD 50 -44.66 137.16 -6.37
N SER DD 51 -44.29 136.39 -7.40
CA SER DD 51 -44.67 136.65 -8.78
C SER DD 51 -45.61 135.59 -9.34
N GLY DD 52 -46.22 134.77 -8.49
CA GLY DD 52 -47.07 133.68 -8.89
C GLY DD 52 -46.49 132.55 -9.72
N LYS DD 53 -46.90 132.42 -10.97
CA LYS DD 53 -46.32 131.41 -11.84
C LYS DD 53 -44.81 131.53 -11.97
N LEU DD 54 -44.23 132.66 -11.63
CA LEU DD 54 -42.78 132.83 -11.70
C LEU DD 54 -42.09 132.51 -10.39
N GLY DD 55 -42.84 132.16 -9.35
CA GLY DD 55 -42.26 131.90 -8.05
C GLY DD 55 -41.86 133.12 -7.26
N TYR DD 56 -41.04 132.85 -6.25
CA TYR DD 56 -40.52 133.87 -5.36
C TYR DD 56 -39.17 134.43 -5.78
N SER DD 57 -38.97 135.69 -5.43
CA SER DD 57 -37.77 136.46 -5.68
C SER DD 57 -37.27 136.98 -4.34
N ILE DD 58 -35.96 137.11 -4.22
CA ILE DD 58 -35.33 137.56 -2.98
C ILE DD 58 -34.45 138.76 -3.30
N THR DD 59 -34.54 139.79 -2.46
CA THR DD 59 -33.79 141.02 -2.67
C THR DD 59 -33.15 141.50 -1.38
N VAL DD 60 -32.02 142.21 -1.53
CA VAL DD 60 -31.26 142.77 -0.43
C VAL DD 60 -30.73 144.14 -0.86
N ALA DD 61 -30.33 144.93 0.13
CA ALA DD 61 -29.64 146.18 -0.14
C ALA DD 61 -28.21 145.98 -0.63
N GLU DD 62 -27.72 146.99 -1.34
CA GLU DD 62 -26.36 146.99 -1.87
C GLU DD 62 -25.29 146.81 -0.81
N PRO DD 63 -25.29 147.57 0.28
CA PRO DD 63 -24.28 147.35 1.33
C PRO DD 63 -24.21 145.91 1.81
N ASP DD 64 -25.27 145.13 1.68
CA ASP DD 64 -25.29 143.75 2.14
C ASP DD 64 -25.11 142.77 1.01
N PHE DD 65 -25.05 143.24 -0.22
CA PHE DD 65 -24.96 142.37 -1.37
C PHE DD 65 -23.74 141.44 -1.30
N THR DD 66 -22.55 142.00 -1.09
CA THR DD 66 -21.35 141.19 -1.01
C THR DD 66 -21.45 140.05 0.01
N ALA DD 67 -21.81 140.37 1.24
CA ALA DD 67 -21.98 139.37 2.27
C ALA DD 67 -23.01 138.32 1.89
N ALA DD 68 -24.14 138.74 1.34
CA ALA DD 68 -25.16 137.78 0.96
C ALA DD 68 -24.66 136.81 -0.11
N VAL DD 69 -23.89 137.29 -1.08
CA VAL DD 69 -23.31 136.37 -2.06
C VAL DD 69 -22.30 135.43 -1.41
N TYR DD 70 -21.48 135.94 -0.50
CA TYR DD 70 -20.55 135.04 0.18
C TYR DD 70 -21.26 133.94 0.94
N TRP DD 71 -22.36 134.25 1.61
CA TRP DD 71 -23.06 133.21 2.35
C TRP DD 71 -23.80 132.25 1.43
N ILE DD 72 -24.36 132.74 0.34
CA ILE DD 72 -25.00 131.85 -0.61
C ILE DD 72 -24.01 130.84 -1.17
N LYS DD 73 -22.80 131.29 -1.48
CA LYS DD 73 -21.79 130.32 -1.88
C LYS DD 73 -21.48 129.35 -0.75
N THR DD 74 -21.23 129.86 0.45
CA THR DD 74 -20.71 128.98 1.50
C THR DD 74 -21.73 127.91 1.88
N TYR DD 75 -23.00 128.25 1.96
CA TYR DD 75 -24.02 127.26 2.26
C TYR DD 75 -24.58 126.53 1.05
N GLN DD 76 -24.10 126.82 -0.15
CA GLN DD 76 -24.63 126.17 -1.36
C GLN DD 76 -26.14 126.32 -1.50
N LEU DD 77 -26.70 127.42 -1.08
CA LEU DD 77 -28.12 127.63 -1.26
C LEU DD 77 -28.43 127.80 -2.74
N PRO DD 78 -29.70 127.65 -3.14
CA PRO DD 78 -30.87 127.10 -2.49
C PRO DD 78 -30.86 125.59 -2.45
N PRO DD 79 -31.49 125.00 -1.45
CA PRO DD 79 -31.27 123.57 -1.21
C PRO DD 79 -31.96 122.72 -2.26
N ARG DD 80 -31.33 121.59 -2.56
CA ARG DD 80 -31.95 120.56 -3.38
C ARG DD 80 -33.03 119.82 -2.61
N PRO DD 81 -34.02 119.26 -3.31
CA PRO DD 81 -35.08 118.53 -2.61
C PRO DD 81 -34.59 117.24 -1.98
N ARG DD 82 -35.36 116.75 -1.03
CA ARG DD 82 -35.04 115.50 -0.35
C ARG DD 82 -35.05 114.31 -1.29
N VAL DD 83 -34.11 113.40 -1.11
CA VAL DD 83 -33.99 112.18 -1.90
C VAL DD 83 -34.48 110.98 -1.12
N GLU DD 84 -35.36 110.19 -1.73
CA GLU DD 84 -35.88 108.95 -1.15
C GLU DD 84 -35.81 107.83 -2.16
N ILE DD 85 -35.41 106.65 -1.70
CA ILE DD 85 -34.95 105.61 -2.61
C ILE DD 85 -36.05 105.16 -3.55
N ALA DD 86 -37.30 105.15 -3.09
CA ALA DD 86 -38.41 104.78 -3.96
C ALA DD 86 -38.49 105.62 -5.23
N GLN DD 87 -37.95 106.83 -5.23
CA GLN DD 87 -37.91 107.60 -6.47
C GLN DD 87 -37.12 106.91 -7.57
N MET DD 88 -36.22 106.01 -7.23
CA MET DD 88 -35.48 105.29 -8.25
C MET DD 88 -36.24 104.11 -8.83
N PHE DD 89 -37.30 103.65 -8.18
CA PHE DD 89 -37.96 102.41 -8.57
C PHE DD 89 -39.46 102.64 -8.56
N PRO DD 90 -39.96 103.38 -9.53
CA PRO DD 90 -41.37 103.78 -9.51
C PRO DD 90 -42.27 102.56 -9.43
N ALA DD 91 -43.41 102.73 -8.78
CA ALA DD 91 -44.36 101.63 -8.62
C ALA DD 91 -45.01 101.22 -9.93
N ASP DD 92 -44.89 102.03 -10.99
CA ASP DD 92 -45.77 101.90 -12.14
C ASP DD 92 -45.08 101.39 -13.40
N SER DD 93 -43.82 101.01 -13.32
CA SER DD 93 -43.21 100.36 -14.48
C SER DD 93 -43.93 99.06 -14.80
N LEU DD 94 -43.80 98.64 -16.06
CA LEU DD 94 -44.48 97.43 -16.51
C LEU DD 94 -44.10 96.22 -15.67
N VAL DD 95 -42.84 96.11 -15.26
CA VAL DD 95 -42.34 94.91 -14.62
C VAL DD 95 -41.39 95.32 -13.52
N SER DD 96 -41.23 94.44 -12.52
CA SER DD 96 -40.22 94.63 -11.50
C SER DD 96 -39.56 93.30 -11.16
N SER DD 97 -38.23 93.32 -11.11
CA SER DD 97 -37.48 92.23 -10.51
C SER DD 97 -37.67 92.27 -9.00
N PRO DD 98 -37.38 91.16 -8.31
CA PRO DD 98 -37.51 91.17 -6.85
C PRO DD 98 -36.71 92.27 -6.18
N ARG DD 99 -35.55 92.61 -6.73
CA ARG DD 99 -34.70 93.61 -6.11
C ARG DD 99 -35.41 94.95 -5.97
N ALA DD 100 -36.11 95.36 -7.02
CA ALA DD 100 -36.85 96.62 -6.98
C ALA DD 100 -37.94 96.62 -5.91
N GLU DD 101 -38.77 95.58 -5.87
CA GLU DD 101 -39.80 95.51 -4.86
C GLU DD 101 -39.21 95.60 -3.45
N LYS DD 102 -38.20 94.79 -3.18
CA LYS DD 102 -37.53 94.78 -1.88
C LYS DD 102 -36.96 96.16 -1.50
N ALA DD 103 -36.42 96.88 -2.48
CA ALA DD 103 -35.98 98.25 -2.24
C ALA DD 103 -37.13 99.20 -1.93
N ARG DD 104 -38.24 99.11 -2.65
CA ARG DD 104 -39.38 99.95 -2.25
C ARG DD 104 -39.82 99.66 -0.83
N LEU DD 105 -39.77 98.40 -0.43
CA LEU DD 105 -40.20 98.04 0.92
C LEU DD 105 -39.33 98.72 1.98
N TYR DD 106 -38.03 98.51 1.92
CA TYR DD 106 -37.19 99.21 2.90
C TYR DD 106 -37.27 100.73 2.78
N SER DD 107 -37.39 101.24 1.57
CA SER DD 107 -37.53 102.68 1.40
C SER DD 107 -38.77 103.23 2.03
N ALA DD 108 -39.73 102.38 2.38
CA ALA DD 108 -40.91 102.86 3.09
C ALA DD 108 -40.77 102.69 4.60
N ILE DD 109 -40.12 101.62 5.02
CA ILE DD 109 -39.93 101.41 6.45
C ILE DD 109 -39.06 102.51 7.06
N GLU DD 110 -38.03 102.96 6.33
CA GLU DD 110 -37.24 104.09 6.81
C GLU DD 110 -38.11 105.31 7.12
N GLN DD 111 -38.99 105.66 6.20
CA GLN DD 111 -39.76 106.88 6.37
C GLN DD 111 -40.76 106.73 7.49
N ARG DD 112 -41.26 105.52 7.69
CA ARG DD 112 -42.23 105.32 8.75
C ARG DD 112 -41.58 105.40 10.13
N LEU DD 113 -40.39 104.83 10.29
CA LEU DD 113 -39.68 105.00 11.56
C LEU DD 113 -39.32 106.45 11.82
N GLU DD 114 -38.89 107.20 10.82
CA GLU DD 114 -38.63 108.62 11.08
C GLU DD 114 -39.86 109.32 11.59
N GLN DD 115 -40.99 109.09 10.94
CA GLN DD 115 -42.22 109.74 11.38
C GLN DD 115 -42.63 109.28 12.76
N SER DD 116 -42.23 108.09 13.17
CA SER DD 116 -42.62 107.67 14.51
C SER DD 116 -41.73 108.33 15.56
N LEU DD 117 -40.42 108.34 15.34
CA LEU DD 117 -39.53 108.95 16.31
C LEU DD 117 -39.86 110.42 16.53
N GLN DD 118 -40.31 111.12 15.49
CA GLN DD 118 -40.64 112.52 15.73
C GLN DD 118 -41.74 112.73 16.75
N THR DD 119 -42.42 111.68 17.20
CA THR DD 119 -43.41 111.83 18.26
C THR DD 119 -42.87 111.61 19.66
N MET DD 120 -41.64 111.14 19.81
CA MET DD 120 -41.12 110.95 21.16
C MET DD 120 -40.95 112.29 21.86
N GLU DD 121 -40.89 112.25 23.17
CA GLU DD 121 -40.90 113.44 24.00
C GLU DD 121 -39.69 114.35 23.78
N GLY DD 122 -39.95 115.54 23.24
CA GLY DD 122 -38.94 116.56 23.09
C GLY DD 122 -38.00 116.40 21.91
N VAL DD 123 -38.22 115.42 21.04
CA VAL DD 123 -37.47 115.34 19.80
C VAL DD 123 -38.00 116.34 18.80
N LEU DD 124 -37.11 117.06 18.14
CA LEU DD 124 -37.50 118.03 17.12
C LEU DD 124 -37.48 117.46 15.71
N SER DD 125 -36.42 116.73 15.35
CA SER DD 125 -36.38 116.06 14.06
C SER DD 125 -35.36 114.94 14.11
N ALA DD 126 -35.47 114.03 13.14
CA ALA DD 126 -34.65 112.82 13.15
C ALA DD 126 -34.46 112.29 11.74
N ARG DD 127 -33.45 111.45 11.60
CA ARG DD 127 -33.09 110.77 10.36
C ARG DD 127 -32.77 109.32 10.68
N VAL DD 128 -33.14 108.40 9.79
CA VAL DD 128 -32.87 106.99 9.96
C VAL DD 128 -32.27 106.41 8.69
N HIS DD 129 -31.34 105.47 8.85
CA HIS DD 129 -30.74 104.74 7.74
C HIS DD 129 -30.73 103.25 8.05
N ILE DD 130 -31.04 102.43 7.05
CA ILE DD 130 -31.04 100.97 7.16
C ILE DD 130 -30.06 100.37 6.17
N SER DD 131 -29.36 99.33 6.59
CA SER DD 131 -28.45 98.61 5.68
C SER DD 131 -29.24 97.88 4.61
N TYR DD 132 -29.13 98.34 3.36
CA TYR DD 132 -29.76 97.64 2.26
C TYR DD 132 -29.04 96.36 1.87
N ASP DD 133 -29.45 95.24 2.46
CA ASP DD 133 -28.90 93.95 2.07
C ASP DD 133 -29.32 93.58 0.66
N ILE DD 134 -30.35 94.24 0.14
CA ILE DD 134 -30.94 93.92 -1.15
C ILE DD 134 -29.94 93.96 -2.29
N ASP DD 135 -28.81 94.64 -2.10
CA ASP DD 135 -27.82 94.74 -3.16
C ASP DD 135 -27.13 93.41 -3.45
N ALA DD 136 -27.44 92.36 -2.69
CA ALA DD 136 -27.14 91.01 -3.13
C ALA DD 136 -28.32 90.10 -2.78
N GLY DD 137 -28.37 88.96 -3.45
CA GLY DD 137 -29.48 88.04 -3.25
C GLY DD 137 -29.49 87.38 -1.89
N GLU DD 138 -28.31 86.99 -1.39
CA GLU DD 138 -28.22 86.07 -0.27
C GLU DD 138 -28.93 84.75 -0.56
N ASN DD 139 -29.11 84.44 -1.84
CA ASN DD 139 -29.68 83.17 -2.27
C ASN DD 139 -28.70 82.02 -2.07
N GLY DD 140 -29.22 80.86 -1.69
CA GLY DD 140 -28.37 79.74 -1.37
C GLY DD 140 -27.42 80.04 -0.24
N ARG DD 141 -27.66 81.14 0.47
CA ARG DD 141 -26.68 81.74 1.35
C ARG DD 141 -27.37 82.28 2.59
N PRO DD 142 -26.64 82.44 3.68
CA PRO DD 142 -27.21 83.04 4.88
C PRO DD 142 -27.39 84.54 4.71
N PRO DD 143 -28.61 85.05 4.82
CA PRO DD 143 -28.79 86.50 4.73
C PRO DD 143 -28.21 87.19 5.95
N LYS DD 144 -27.54 88.31 5.70
CA LYS DD 144 -26.81 89.01 6.74
C LYS DD 144 -27.76 89.71 7.70
N PRO DD 145 -27.35 89.96 8.93
CA PRO DD 145 -28.18 90.72 9.86
C PRO DD 145 -28.24 92.19 9.47
N VAL DD 146 -29.20 92.88 10.05
CA VAL DD 146 -29.48 94.27 9.72
C VAL DD 146 -28.66 95.22 10.56
N HIS DD 147 -28.37 96.40 10.01
CA HIS DD 147 -27.73 97.49 10.73
C HIS DD 147 -28.54 98.77 10.57
N LEU DD 148 -28.50 99.62 11.61
CA LEU DD 148 -29.33 100.81 11.70
C LEU DD 148 -28.51 101.99 12.20
N SER DD 149 -28.78 103.18 11.64
CA SER DD 149 -28.20 104.41 12.16
C SER DD 149 -29.27 105.48 12.31
N ALA DD 150 -29.19 106.28 13.37
CA ALA DD 150 -30.14 107.36 13.57
C ALA DD 150 -29.48 108.64 14.08
N LEU DD 151 -30.01 109.77 13.62
CA LEU DD 151 -29.60 111.11 14.03
C LEU DD 151 -30.80 111.83 14.61
N ALA DD 152 -30.60 112.60 15.68
CA ALA DD 152 -31.74 113.32 16.23
C ALA DD 152 -31.34 114.64 16.91
N VAL DD 153 -32.29 115.58 16.92
CA VAL DD 153 -32.08 116.90 17.49
C VAL DD 153 -33.06 117.12 18.62
N TYR DD 154 -32.58 117.64 19.75
CA TYR DD 154 -33.35 117.76 20.97
C TYR DD 154 -33.49 119.20 21.43
N GLU DD 155 -34.57 119.46 22.17
CA GLU DD 155 -34.73 120.73 22.86
C GLU DD 155 -33.68 120.89 23.95
N ARG DD 156 -33.34 122.14 24.24
CA ARG DD 156 -32.29 122.43 25.20
C ARG DD 156 -32.68 121.94 26.60
N GLY DD 157 -31.69 121.40 27.31
CA GLY DD 157 -31.89 120.85 28.63
C GLY DD 157 -32.34 119.41 28.74
N SER DD 158 -32.03 118.59 27.77
CA SER DD 158 -32.38 117.18 27.69
C SER DD 158 -31.20 116.31 28.14
N PRO DD 159 -31.38 115.34 29.03
CA PRO DD 159 -30.28 114.44 29.38
C PRO DD 159 -30.00 113.40 28.29
N LEU DD 160 -29.17 113.81 27.34
CA LEU DD 160 -28.85 112.99 26.17
C LEU DD 160 -28.36 111.59 26.56
N ALA DD 161 -27.45 111.51 27.52
CA ALA DD 161 -26.95 110.22 27.95
C ALA DD 161 -28.08 109.30 28.36
N HIS DD 162 -29.02 109.80 29.16
CA HIS DD 162 -30.15 108.99 29.57
C HIS DD 162 -31.12 108.74 28.44
N GLN DD 163 -31.07 109.52 27.37
CA GLN DD 163 -32.04 109.32 26.30
C GLN DD 163 -31.55 108.43 25.17
N ILE DD 164 -30.30 108.04 25.14
CA ILE DD 164 -29.88 107.11 24.11
C ILE DD 164 -30.52 105.74 24.32
N SER DD 165 -30.66 105.33 25.57
CA SER DD 165 -31.25 104.04 25.91
C SER DD 165 -32.63 103.87 25.31
N ASP DD 166 -33.50 104.84 25.49
CA ASP DD 166 -34.86 104.73 24.93
C ASP DD 166 -34.82 104.45 23.44
N ILE DD 167 -34.04 105.22 22.69
CA ILE DD 167 -34.06 105.03 21.26
C ILE DD 167 -33.50 103.67 20.87
N LYS DD 168 -32.41 103.24 21.50
CA LYS DD 168 -31.93 101.88 21.21
C LYS DD 168 -32.97 100.83 21.50
N ARG DD 169 -33.58 100.88 22.68
CA ARG DD 169 -34.62 99.93 23.04
C ARG DD 169 -35.75 99.91 22.02
N PHE DD 170 -36.20 101.08 21.61
CA PHE DD 170 -37.30 101.14 20.65
C PHE DD 170 -36.90 100.56 19.29
N LEU DD 171 -35.74 100.93 18.75
CA LEU DD 171 -35.39 100.41 17.44
C LEU DD 171 -35.06 98.92 17.45
N LYS DD 172 -34.48 98.40 18.52
CA LYS DD 172 -34.10 96.99 18.53
C LYS DD 172 -35.20 96.04 18.09
N ASN DD 173 -36.41 96.22 18.59
CA ASN DD 173 -37.52 95.34 18.27
C ASN DD 173 -38.25 95.67 16.98
N SER DD 174 -37.78 96.62 16.20
CA SER DD 174 -38.42 96.95 14.95
C SER DD 174 -38.08 95.95 13.85
N PHE DD 175 -37.12 95.06 14.09
CA PHE DD 175 -36.68 94.12 13.06
C PHE DD 175 -36.36 92.77 13.69
N ALA DD 176 -36.43 91.75 12.84
CA ALA DD 176 -36.26 90.36 13.27
C ALA DD 176 -34.95 90.07 13.98
N ASP DD 177 -33.85 90.72 13.63
CA ASP DD 177 -32.57 90.37 14.25
C ASP DD 177 -31.67 91.60 14.25
N VAL DD 178 -31.57 92.23 15.41
CA VAL DD 178 -30.75 93.42 15.57
C VAL DD 178 -30.11 93.32 16.94
N ASP DD 179 -28.85 93.67 17.01
CA ASP DD 179 -28.10 93.69 18.26
C ASP DD 179 -27.80 95.13 18.64
N TYR DD 180 -27.86 95.41 19.93
CA TYR DD 180 -27.52 96.74 20.39
C TYR DD 180 -26.18 97.19 19.83
N ASP DD 181 -25.28 96.24 19.64
CA ASP DD 181 -23.98 96.57 19.06
C ASP DD 181 -24.11 97.13 17.64
N ASN DD 182 -25.12 96.74 16.89
CA ASN DD 182 -25.29 97.16 15.51
C ASN DD 182 -26.12 98.43 15.33
N ILE DD 183 -26.42 99.17 16.40
CA ILE DD 183 -27.21 100.39 16.32
C ILE DD 183 -26.38 101.59 16.74
N SER DD 184 -26.21 102.53 15.82
CA SER DD 184 -25.51 103.79 16.05
C SER DD 184 -26.51 104.93 16.21
N VAL DD 185 -26.31 105.75 17.24
CA VAL DD 185 -27.20 106.86 17.55
C VAL DD 185 -26.37 108.10 17.83
N VAL DD 186 -26.69 109.20 17.15
CA VAL DD 186 -26.01 110.48 17.32
C VAL DD 186 -27.03 111.57 17.62
N LEU DD 187 -26.81 112.29 18.72
CA LEU DD 187 -27.75 113.30 19.22
C LEU DD 187 -27.09 114.66 19.30
N SER DD 188 -27.91 115.70 19.11
CA SER DD 188 -27.42 117.08 19.23
C SER DD 188 -28.53 117.95 19.79
N GLU DD 189 -28.14 119.03 20.47
CA GLU DD 189 -29.08 120.03 20.98
C GLU DD 189 -29.35 121.11 19.95
N ARG DD 190 -30.50 121.76 20.10
CA ARG DD 190 -30.82 122.93 19.31
C ARG DD 190 -29.88 124.10 19.60
N SER DD 191 -29.60 124.87 18.55
CA SER DD 191 -28.83 126.09 18.62
C SER DD 191 -29.62 127.20 19.30
N ASP DD 192 -28.91 128.28 19.64
CA ASP DD 192 -29.55 129.47 20.17
C ASP DD 192 -30.66 130.00 19.27
N ALA DD 193 -31.74 130.45 19.89
CA ALA DD 193 -32.89 131.02 19.20
C ALA DD 193 -32.63 132.40 18.61
N GLN DD 194 -33.05 132.59 17.36
CA GLN DD 194 -33.00 133.88 16.66
C GLN DD 194 -34.31 134.65 16.79
N LEU DD 195 -34.40 135.47 17.82
CA LEU DD 195 -35.63 136.21 18.11
C LEU DD 195 -35.60 137.67 17.71
N GLN DD 196 -34.49 138.38 17.91
CA GLN DD 196 -34.42 139.79 17.53
C GLN DD 196 -34.18 139.96 16.03
N ALA DD 197 -34.85 140.96 15.46
CA ALA DD 197 -34.73 141.27 14.04
C ALA DD 197 -33.40 141.94 13.70
N PRO DD 198 -32.87 141.70 12.51
CA PRO DD 198 -31.66 142.40 12.07
C PRO DD 198 -31.85 143.89 11.85
N GLY DD 199 -30.76 144.62 12.00
CA GLY DD 199 -30.76 146.05 11.77
C GLY DD 199 -30.68 146.47 10.31
N THR DD 200 -31.43 147.51 9.98
CA THR DD 200 -31.47 148.09 8.63
C THR DD 200 -30.25 148.98 8.40
N PRO DD 201 -29.59 148.88 7.24
CA PRO DD 201 -28.47 149.79 6.95
C PRO DD 201 -28.83 151.25 7.13
N VAL DD 202 -27.87 152.01 7.67
CA VAL DD 202 -28.02 153.44 7.84
C VAL DD 202 -27.88 154.14 6.50
N ASP ED 20 -48.85 142.99 6.93
CA ASP ED 20 -48.65 141.58 7.23
C ASP ED 20 -47.80 140.92 6.16
N LYS ED 21 -46.98 139.95 6.56
CA LYS ED 21 -46.10 139.24 5.65
C LYS ED 21 -46.61 137.83 5.45
N ASP ED 22 -46.59 137.38 4.19
CA ASP ED 22 -46.99 136.02 3.86
C ASP ED 22 -45.91 135.00 4.21
N LEU ED 23 -46.24 134.04 5.07
CA LEU ED 23 -45.36 132.92 5.33
C LEU ED 23 -45.61 131.79 4.35
N LEU ED 24 -46.85 131.32 4.25
CA LEU ED 24 -47.14 130.11 3.50
C LEU ED 24 -48.48 130.23 2.77
N LYS ED 25 -48.57 129.57 1.63
CA LYS ED 25 -49.78 129.57 0.82
C LYS ED 25 -50.08 128.16 0.31
N GLY ED 26 -51.34 127.97 -0.07
CA GLY ED 26 -51.82 126.71 -0.60
C GLY ED 26 -51.70 125.53 0.33
N LEU ED 27 -51.78 125.77 1.63
CA LEU ED 27 -51.75 124.70 2.62
C LEU ED 27 -53.10 124.01 2.68
N ASP ED 28 -53.08 122.78 3.16
CA ASP ED 28 -54.30 122.08 3.49
C ASP ED 28 -54.72 122.41 4.93
N GLN ED 29 -55.92 121.98 5.28
CA GLN ED 29 -56.47 122.16 6.61
C GLN ED 29 -55.60 121.59 7.74
N GLU ED 30 -55.06 120.39 7.57
CA GLU ED 30 -54.31 119.81 8.68
C GLU ED 30 -52.96 120.48 8.83
N GLN ED 31 -52.36 120.90 7.73
CA GLN ED 31 -51.09 121.61 7.80
C GLN ED 31 -51.29 122.95 8.46
N ALA ED 32 -52.31 123.68 8.04
CA ALA ED 32 -52.60 124.97 8.65
C ALA ED 32 -52.77 124.85 10.15
N ASN ED 33 -53.62 123.94 10.62
CA ASN ED 33 -53.82 123.88 12.06
C ASN ED 33 -52.59 123.43 12.82
N GLU ED 34 -51.71 122.65 12.19
CA GLU ED 34 -50.45 122.32 12.85
C GLU ED 34 -49.56 123.54 13.02
N VAL ED 35 -49.38 124.29 11.94
CA VAL ED 35 -48.54 125.49 12.00
C VAL ED 35 -49.06 126.47 13.04
N ILE ED 36 -50.36 126.75 12.99
CA ILE ED 36 -50.96 127.63 14.00
C ILE ED 36 -50.65 127.16 15.41
N ALA ED 37 -50.84 125.88 15.71
CA ALA ED 37 -50.55 125.39 17.05
C ALA ED 37 -49.11 125.63 17.48
N VAL ED 38 -48.16 125.34 16.60
CA VAL ED 38 -46.76 125.55 16.96
C VAL ED 38 -46.46 127.02 17.19
N LEU ED 39 -46.96 127.91 16.34
CA LEU ED 39 -46.66 129.32 16.56
C LEU ED 39 -47.27 129.84 17.84
N GLN ED 40 -48.56 129.59 18.07
CA GLN ED 40 -49.17 130.04 19.31
C GLN ED 40 -48.40 129.58 20.53
N MET ED 41 -47.87 128.37 20.52
CA MET ED 41 -47.12 127.94 21.70
C MET ED 41 -45.97 128.89 22.03
N HIS ED 42 -45.33 129.50 21.05
CA HIS ED 42 -44.22 130.41 21.26
C HIS ED 42 -44.60 131.88 21.36
N ASN ED 43 -45.86 132.20 21.65
CA ASN ED 43 -46.33 133.58 21.75
C ASN ED 43 -46.32 134.38 20.46
N ILE ED 44 -46.62 133.74 19.34
CA ILE ED 44 -46.69 134.41 18.04
C ILE ED 44 -48.15 134.38 17.58
N GLU ED 45 -48.76 135.56 17.47
CA GLU ED 45 -50.11 135.69 16.92
C GLU ED 45 -50.14 135.53 15.42
N ALA ED 46 -50.89 134.55 14.92
CA ALA ED 46 -50.94 134.24 13.51
C ALA ED 46 -52.38 134.29 13.02
N ASN ED 47 -52.57 134.42 11.71
CA ASN ED 47 -53.90 134.47 11.11
C ASN ED 47 -54.00 133.53 9.94
N LYS ED 48 -55.14 132.85 9.86
CA LYS ED 48 -55.48 131.90 8.80
C LYS ED 48 -56.52 132.48 7.85
N ILE ED 49 -56.21 132.44 6.56
CA ILE ED 49 -57.06 132.98 5.50
C ILE ED 49 -57.37 131.86 4.52
N ASP ED 50 -58.60 131.84 4.04
CA ASP ED 50 -59.09 130.83 3.11
C ASP ED 50 -59.30 131.42 1.72
N SER ED 51 -58.68 130.78 0.72
CA SER ED 51 -58.79 131.18 -0.68
C SER ED 51 -59.53 130.13 -1.50
N GLY ED 52 -60.22 129.20 -0.85
CA GLY ED 52 -60.90 128.09 -1.48
C GLY ED 52 -60.06 127.08 -2.23
N LYS ED 53 -60.22 127.00 -3.56
CA LYS ED 53 -59.40 126.06 -4.31
C LYS ED 53 -57.91 126.36 -4.22
N LEU ED 54 -57.52 127.51 -3.69
CA LEU ED 54 -56.11 127.84 -3.55
C LEU ED 54 -55.59 127.54 -2.16
N GLY ED 55 -56.40 126.95 -1.29
CA GLY ED 55 -56.03 126.63 0.06
C GLY ED 55 -55.95 127.77 1.07
N TYR ED 56 -55.30 127.45 2.17
CA TYR ED 56 -55.09 128.36 3.29
C TYR ED 56 -53.77 129.09 3.23
N SER ED 57 -53.78 130.30 3.77
CA SER ED 57 -52.64 131.17 3.87
C SER ED 57 -52.46 131.56 5.33
N ILE ED 58 -51.21 131.73 5.73
CA ILE ED 58 -50.83 132.08 7.10
C ILE ED 58 -50.08 133.40 7.06
N THR ED 59 -50.46 134.32 7.96
CA THR ED 59 -49.82 135.62 8.01
C THR ED 59 -49.54 136.01 9.45
N VAL ED 60 -48.50 136.83 9.61
CA VAL ED 60 -48.07 137.32 10.92
C VAL ED 60 -47.64 138.78 10.79
N ALA ED 61 -47.57 139.45 11.93
CA ALA ED 61 -47.02 140.80 11.99
C ALA ED 61 -45.50 140.82 11.80
N GLU ED 62 -45.04 141.98 11.35
CA GLU ED 62 -43.61 142.22 11.11
C GLU ED 62 -42.77 142.00 12.35
N PRO ED 63 -43.08 142.57 13.51
CA PRO ED 63 -42.27 142.30 14.70
C PRO ED 63 -42.10 140.83 15.00
N ASP ED 64 -43.00 139.97 14.54
CA ASP ED 64 -42.94 138.54 14.80
C ASP ED 64 -42.43 137.74 13.61
N PHE ED 65 -42.20 138.39 12.48
CA PHE ED 65 -41.78 137.69 11.27
C PHE ED 65 -40.49 136.90 11.49
N THR ED 66 -39.45 137.54 12.00
CA THR ED 66 -38.18 136.86 12.23
C THR ED 66 -38.31 135.58 13.05
N ALA ED 67 -38.93 135.67 14.22
CA ALA ED 67 -39.14 134.49 15.04
C ALA ED 67 -39.95 133.44 14.33
N ALA ED 68 -41.02 133.83 13.67
CA ALA ED 68 -41.82 132.86 12.92
C ALA ED 68 -40.99 132.09 11.92
N VAL ED 69 -40.17 132.77 11.14
CA VAL ED 69 -39.30 132.10 10.19
C VAL ED 69 -38.38 131.11 10.89
N TYR ED 70 -37.74 131.55 11.97
CA TYR ED 70 -36.83 130.64 12.67
C TYR ED 70 -37.52 129.39 13.19
N TRP ED 71 -38.73 129.52 13.74
CA TRP ED 71 -39.42 128.31 14.21
C TRP ED 71 -39.89 127.44 13.06
N ILE ED 72 -40.38 128.03 11.97
CA ILE ED 72 -40.75 127.23 10.81
C ILE ED 72 -39.58 126.40 10.31
N LYS ED 73 -38.40 126.99 10.27
CA LYS ED 73 -37.23 126.19 9.93
C LYS ED 73 -36.96 125.11 10.97
N THR ED 74 -37.01 125.46 12.25
CA THR ED 74 -36.58 124.52 13.27
C THR ED 74 -37.47 123.29 13.32
N TYR ED 75 -38.77 123.45 13.17
CA TYR ED 75 -39.67 122.31 13.13
C TYR ED 75 -39.87 121.71 11.75
N GLN ED 76 -39.29 122.30 10.71
CA GLN ED 76 -39.47 121.79 9.35
C GLN ED 76 -40.94 121.77 8.91
N LEU ED 77 -41.70 122.77 9.32
CA LEU ED 77 -43.08 122.86 8.89
C LEU ED 77 -43.12 123.26 7.43
N PRO ED 78 -44.22 122.97 6.73
CA PRO ED 78 -45.41 122.19 7.06
C PRO ED 78 -45.17 120.69 7.04
N PRO ED 79 -45.96 119.93 7.79
CA PRO ED 79 -45.70 118.50 7.92
C PRO ED 79 -45.98 117.75 6.64
N ARG ED 80 -45.22 116.67 6.44
CA ARG ED 80 -45.41 115.79 5.31
C ARG ED 80 -46.66 114.94 5.50
N PRO ED 81 -47.24 114.42 4.43
CA PRO ED 81 -48.32 113.44 4.58
C PRO ED 81 -47.83 112.18 5.27
N ARG ED 82 -48.73 111.53 6.00
CA ARG ED 82 -48.37 110.32 6.74
C ARG ED 82 -48.17 109.13 5.80
N VAL ED 83 -47.10 108.37 6.04
CA VAL ED 83 -46.69 107.23 5.23
C VAL ED 83 -47.29 105.91 5.74
N GLU ED 84 -47.87 105.13 4.82
CA GLU ED 84 -48.29 103.76 5.09
C GLU ED 84 -47.76 102.81 4.02
N ILE ED 85 -47.27 101.66 4.47
CA ILE ED 85 -46.57 100.71 3.59
C ILE ED 85 -47.43 100.32 2.40
N ALA ED 86 -48.72 100.13 2.60
CA ALA ED 86 -49.56 99.70 1.48
C ALA ED 86 -49.59 100.70 0.34
N GLN ED 87 -49.16 101.93 0.56
CA GLN ED 87 -49.10 102.90 -0.53
C GLN ED 87 -48.11 102.49 -1.62
N MET ED 88 -47.10 101.70 -1.27
CA MET ED 88 -46.12 101.29 -2.26
C MET ED 88 -46.57 100.11 -3.09
N PHE ED 89 -47.59 99.40 -2.66
CA PHE ED 89 -48.11 98.21 -3.32
C PHE ED 89 -49.61 98.36 -3.50
N PRO ED 90 -50.03 99.32 -4.30
CA PRO ED 90 -51.46 99.56 -4.49
C PRO ED 90 -52.17 98.30 -4.91
N ALA ED 91 -53.35 98.11 -4.31
CA ALA ED 91 -54.19 96.96 -4.61
C ALA ED 91 -54.88 97.12 -5.95
N ASP ED 92 -55.16 98.35 -6.37
CA ASP ED 92 -55.78 98.61 -7.66
C ASP ED 92 -54.74 98.59 -8.78
N SER ED 93 -54.23 97.39 -9.04
CA SER ED 93 -53.19 97.18 -10.03
C SER ED 93 -53.48 95.85 -10.70
N LEU ED 94 -52.95 95.64 -11.89
CA LEU ED 94 -53.42 94.51 -12.68
C LEU ED 94 -53.05 93.19 -12.03
N VAL ED 95 -51.82 93.07 -11.53
CA VAL ED 95 -51.37 91.84 -10.91
C VAL ED 95 -50.48 92.19 -9.72
N SER ED 96 -50.45 91.28 -8.75
CA SER ED 96 -49.83 91.51 -7.46
C SER ED 96 -49.02 90.28 -7.13
N SER ED 97 -47.72 90.46 -6.99
CA SER ED 97 -46.87 89.38 -6.59
C SER ED 97 -47.15 88.96 -5.14
N PRO ED 98 -46.84 87.73 -4.79
CA PRO ED 98 -46.99 87.30 -3.40
C PRO ED 98 -46.32 88.22 -2.42
N ARG ED 99 -45.15 88.75 -2.73
CA ARG ED 99 -44.50 89.69 -1.83
C ARG ED 99 -45.40 90.89 -1.56
N ALA ED 100 -46.02 91.42 -2.61
CA ALA ED 100 -46.93 92.55 -2.44
C ALA ED 100 -48.14 92.21 -1.58
N GLU ED 101 -48.79 91.08 -1.85
CA GLU ED 101 -49.92 90.71 -1.00
C GLU ED 101 -49.52 90.50 0.45
N LYS ED 102 -48.39 89.82 0.67
CA LYS ED 102 -47.89 89.56 2.00
C LYS ED 102 -47.51 90.84 2.70
N ALA ED 103 -47.27 91.90 1.96
CA ALA ED 103 -46.96 93.21 2.52
C ALA ED 103 -48.21 93.95 2.93
N ARG ED 104 -49.19 94.03 2.04
CA ARG ED 104 -50.45 94.67 2.36
C ARG ED 104 -51.14 94.05 3.58
N LEU ED 105 -51.05 92.74 3.76
CA LEU ED 105 -51.64 92.17 4.97
C LEU ED 105 -51.07 92.77 6.25
N TYR ED 106 -49.75 92.78 6.39
CA TYR ED 106 -49.12 93.34 7.58
C TYR ED 106 -49.41 94.82 7.71
N SER ED 107 -49.34 95.55 6.62
CA SER ED 107 -49.61 96.97 6.70
C SER ED 107 -51.04 97.28 7.05
N ALA ED 108 -51.94 96.30 6.96
CA ALA ED 108 -53.27 96.55 7.51
C ALA ED 108 -53.39 96.15 8.99
N ILE ED 109 -52.71 95.08 9.39
CA ILE ED 109 -52.75 94.71 10.81
C ILE ED 109 -52.16 95.80 11.69
N GLU ED 110 -51.05 96.40 11.27
CA GLU ED 110 -50.47 97.51 12.04
C GLU ED 110 -51.49 98.59 12.34
N GLN ED 111 -52.16 99.09 11.32
CA GLN ED 111 -53.13 100.14 11.48
C GLN ED 111 -54.29 99.72 12.37
N ARG ED 112 -54.75 98.47 12.24
CA ARG ED 112 -55.86 98.08 13.09
C ARG ED 112 -55.46 97.95 14.55
N LEU ED 113 -54.20 97.63 14.83
CA LEU ED 113 -53.78 97.63 16.23
C LEU ED 113 -53.66 99.05 16.78
N GLU ED 114 -53.07 99.97 16.02
CA GLU ED 114 -53.06 101.36 16.48
C GLU ED 114 -54.45 101.82 16.85
N GLN ED 115 -55.41 101.62 15.94
CA GLN ED 115 -56.77 102.02 16.21
C GLN ED 115 -57.38 101.32 17.39
N SER ED 116 -56.92 100.12 17.75
CA SER ED 116 -57.49 99.52 18.95
C SER ED 116 -56.88 100.12 20.20
N LEU ED 117 -55.57 100.28 20.23
CA LEU ED 117 -54.92 100.91 21.38
C LEU ED 117 -55.54 102.25 21.72
N GLN ED 118 -55.88 103.05 20.72
CA GLN ED 118 -56.47 104.34 21.05
C GLN ED 118 -57.73 104.24 21.89
N THR ED 119 -58.35 103.07 21.96
CA THR ED 119 -59.57 102.93 22.74
C THR ED 119 -59.34 102.58 24.20
N MET ED 120 -58.12 102.22 24.61
CA MET ED 120 -57.88 101.96 26.02
C MET ED 120 -58.09 103.22 26.84
N GLU ED 121 -58.34 103.01 28.13
CA GLU ED 121 -58.59 104.08 29.08
C GLU ED 121 -57.37 104.96 29.31
N GLY ED 122 -57.53 106.25 29.03
CA GLY ED 122 -56.51 107.25 29.27
C GLY ED 122 -55.48 107.45 28.17
N VAL ED 123 -55.49 106.64 27.14
CA VAL ED 123 -54.54 106.80 26.05
C VAL ED 123 -55.04 107.87 25.10
N LEU ED 124 -54.15 108.72 24.62
CA LEU ED 124 -54.48 109.73 23.63
C LEU ED 124 -54.06 109.33 22.22
N SER ED 125 -52.88 108.72 22.05
CA SER ED 125 -52.47 108.29 20.73
C SER ED 125 -51.36 107.26 20.87
N ALA ED 126 -51.14 106.52 19.77
CA ALA ED 126 -50.16 105.45 19.77
C ALA ED 126 -49.60 105.23 18.37
N ARG ED 127 -48.43 104.58 18.32
CA ARG ED 127 -47.84 104.05 17.10
C ARG ED 127 -47.37 102.63 17.34
N VAL ED 128 -47.55 101.76 16.34
CA VAL ED 128 -47.11 100.38 16.43
C VAL ED 128 -46.26 100.02 15.23
N HIS ED 129 -45.29 99.13 15.43
CA HIS ED 129 -44.44 98.61 14.37
C HIS ED 129 -44.28 97.10 14.51
N ILE ED 130 -44.31 96.40 13.39
CA ILE ED 130 -44.11 94.95 13.34
C ILE ED 130 -42.91 94.61 12.46
N SER ED 131 -42.17 93.58 12.84
CA SER ED 131 -41.09 93.06 11.99
C SER ED 131 -41.64 92.42 10.71
N TYR ED 132 -41.37 93.02 9.56
CA TYR ED 132 -41.79 92.49 8.25
C TYR ED 132 -40.93 91.33 7.78
N ASP ED 133 -41.27 90.11 8.17
CA ASP ED 133 -40.48 88.96 7.72
C ASP ED 133 -40.57 88.73 6.22
N ILE ED 134 -41.50 89.41 5.54
CA ILE ED 134 -41.63 89.32 4.09
C ILE ED 134 -40.37 89.74 3.37
N ASP ED 135 -39.48 90.48 4.03
CA ASP ED 135 -38.23 90.87 3.40
C ASP ED 135 -37.32 89.69 3.11
N ALA ED 136 -37.72 88.49 3.53
CA ALA ED 136 -37.34 87.27 2.86
C ALA ED 136 -38.62 86.49 2.59
N GLY ED 137 -38.63 85.74 1.49
CA GLY ED 137 -39.75 84.86 1.23
C GLY ED 137 -39.79 83.72 2.22
N GLU ED 138 -38.63 83.33 2.73
CA GLU ED 138 -38.48 82.17 3.61
C GLU ED 138 -38.98 80.90 2.97
N ASN ED 139 -39.09 80.89 1.64
CA ASN ED 139 -39.31 79.65 0.91
C ASN ED 139 -38.16 78.69 1.18
N GLY ED 140 -38.50 77.43 1.41
CA GLY ED 140 -37.47 76.48 1.77
C GLY ED 140 -36.77 76.77 3.08
N ARG ED 141 -37.35 77.64 3.92
CA ARG ED 141 -36.68 78.11 5.12
C ARG ED 141 -37.67 78.19 6.27
N PRO ED 142 -37.20 78.05 7.51
CA PRO ED 142 -38.08 78.23 8.67
C PRO ED 142 -38.34 79.70 8.93
N PRO ED 143 -39.59 80.08 9.22
CA PRO ED 143 -39.90 81.50 9.41
C PRO ED 143 -39.41 82.03 10.75
N LYS ED 144 -38.85 83.22 10.73
CA LYS ED 144 -38.37 83.89 11.93
C LYS ED 144 -39.53 84.21 12.86
N PRO ED 145 -39.29 84.36 14.15
CA PRO ED 145 -40.34 84.88 15.04
C PRO ED 145 -40.59 86.36 14.85
N VAL ED 146 -41.78 86.78 15.28
CA VAL ED 146 -42.23 88.16 15.23
C VAL ED 146 -41.74 89.01 16.38
N HIS ED 147 -41.43 90.29 16.09
CA HIS ED 147 -41.08 91.30 17.06
C HIS ED 147 -42.00 92.52 16.88
N LEU ED 148 -42.33 93.18 18.00
CA LEU ED 148 -43.26 94.29 18.04
C LEU ED 148 -42.71 95.46 18.85
N SER ED 149 -43.01 96.68 18.41
CA SER ED 149 -42.64 97.90 19.11
C SER ED 149 -43.81 98.86 19.18
N ALA ED 150 -43.99 99.52 20.33
CA ALA ED 150 -45.12 100.42 20.52
C ALA ED 150 -44.76 101.67 21.31
N LEU ED 151 -45.36 102.80 20.90
CA LEU ED 151 -45.19 104.10 21.53
C LEU ED 151 -46.57 104.62 21.91
N ALA ED 152 -46.70 105.24 23.09
CA ALA ED 152 -48.01 105.76 23.49
C ALA ED 152 -47.91 106.99 24.39
N VAL ED 153 -48.95 107.84 24.29
CA VAL ED 153 -49.05 109.08 25.05
C VAL ED 153 -50.24 109.03 25.99
N TYR ED 154 -50.01 109.32 27.27
CA TYR ED 154 -51.02 109.26 28.32
C TYR ED 154 -51.37 110.62 28.91
N GLU ED 155 -52.58 110.69 29.45
CA GLU ED 155 -53.04 111.81 30.26
C GLU ED 155 -52.22 111.95 31.54
N ARG ED 156 -52.10 113.20 31.98
CA ARG ED 156 -51.37 113.53 33.21
C ARG ED 156 -51.96 112.85 34.44
N GLY ED 157 -51.08 112.32 35.28
CA GLY ED 157 -51.46 111.56 36.46
C GLY ED 157 -51.75 110.09 36.25
N SER ED 158 -51.17 109.49 35.24
CA SER ED 158 -51.33 108.09 34.88
C SER ED 158 -50.18 107.26 35.42
N PRO ED 159 -50.42 106.13 36.12
CA PRO ED 159 -49.30 105.28 36.54
C PRO ED 159 -48.72 104.44 35.41
N LEU ED 160 -47.79 105.08 34.68
CA LEU ED 160 -47.17 104.48 33.51
C LEU ED 160 -46.58 103.10 33.81
N ALA ED 161 -45.84 103.02 34.92
CA ALA ED 161 -45.22 101.75 35.29
C ALA ED 161 -46.25 100.65 35.37
N HIS ED 162 -47.37 100.89 36.01
CA HIS ED 162 -48.37 99.84 36.10
C HIS ED 162 -49.16 99.67 34.83
N GLN ED 163 -49.06 100.58 33.87
CA GLN ED 163 -49.79 100.42 32.62
C GLN ED 163 -49.02 99.69 31.54
N ILE ED 164 -47.71 99.53 31.68
CA ILE ED 164 -46.99 98.77 30.65
C ILE ED 164 -47.46 97.32 30.59
N SER ED 165 -47.74 96.73 31.75
CA SER ED 165 -48.18 95.34 31.81
C SER ED 165 -49.40 95.06 30.93
N ASP ED 166 -50.45 95.86 31.07
CA ASP ED 166 -51.64 95.65 30.25
C ASP ED 166 -51.33 95.61 28.77
N ILE ED 167 -50.60 96.61 28.28
CA ILE ED 167 -50.23 96.63 26.88
C ILE ED 167 -49.49 95.36 26.48
N LYS ED 168 -48.43 95.01 27.19
CA LYS ED 168 -47.72 93.78 26.85
C LYS ED 168 -48.66 92.57 26.80
N ARG ED 169 -49.48 92.39 27.81
CA ARG ED 169 -50.43 91.29 27.81
C ARG ED 169 -51.30 91.30 26.57
N PHE ED 170 -51.85 92.46 26.24
CA PHE ED 170 -52.74 92.56 25.09
C PHE ED 170 -52.02 92.24 23.80
N LEU ED 171 -50.83 92.76 23.60
CA LEU ED 171 -50.10 92.52 22.36
C LEU ED 171 -49.66 91.07 22.20
N LYS ED 172 -49.19 90.45 23.28
CA LYS ED 172 -48.68 89.08 23.18
C LYS ED 172 -49.60 88.13 22.42
N ASN ED 173 -50.89 88.15 22.70
CA ASN ED 173 -51.82 87.23 22.05
C ASN ED 173 -52.31 87.69 20.70
N SER ED 174 -51.80 88.78 20.16
CA SER ED 174 -52.24 89.22 18.85
C SER ED 174 -51.60 88.43 17.74
N PHE ED 175 -50.58 87.63 18.03
CA PHE ED 175 -49.79 86.96 17.01
C PHE ED 175 -49.41 85.58 17.49
N ALA ED 176 -49.15 84.69 16.53
CA ALA ED 176 -49.06 83.27 16.84
C ALA ED 176 -47.92 82.93 17.78
N ASP ED 177 -46.85 83.71 17.81
CA ASP ED 177 -45.68 83.35 18.60
C ASP ED 177 -44.95 84.63 18.96
N VAL ED 178 -45.10 85.08 20.19
CA VAL ED 178 -44.46 86.29 20.66
C VAL ED 178 -44.03 86.07 22.09
N ASP ED 179 -42.84 86.55 22.41
CA ASP ED 179 -42.29 86.47 23.75
C ASP ED 179 -42.25 87.85 24.35
N TYR ED 180 -42.53 87.94 25.63
CA TYR ED 180 -42.45 89.22 26.32
C TYR ED 180 -41.12 89.88 26.06
N ASP ED 181 -40.06 89.11 25.88
CA ASP ED 181 -38.77 89.72 25.64
C ASP ED 181 -38.71 90.44 24.29
N ASN ED 182 -39.52 90.07 23.32
CA ASN ED 182 -39.52 90.67 22.00
C ASN ED 182 -40.47 91.85 21.85
N ILE ED 183 -41.04 92.38 22.93
CA ILE ED 183 -41.98 93.49 22.87
C ILE ED 183 -41.39 94.70 23.57
N SER ED 184 -41.23 95.78 22.82
CA SER ED 184 -40.76 97.06 23.32
C SER ED 184 -41.90 98.05 23.46
N VAL ED 185 -41.98 98.73 24.61
CA VAL ED 185 -43.04 99.69 24.91
C VAL ED 185 -42.43 100.94 25.50
N VAL ED 186 -42.77 102.09 24.92
CA VAL ED 186 -42.31 103.39 25.38
C VAL ED 186 -43.51 104.30 25.62
N LEU ED 187 -43.59 104.88 26.82
CA LEU ED 187 -44.70 105.71 27.24
C LEU ED 187 -44.25 107.11 27.61
N SER ED 188 -45.14 108.09 27.40
CA SER ED 188 -44.84 109.46 27.79
C SER ED 188 -46.13 110.16 28.16
N GLU ED 189 -46.01 111.21 28.97
CA GLU ED 189 -47.14 112.04 29.37
C GLU ED 189 -47.35 113.25 28.48
N ARG ED 190 -48.61 113.69 28.42
CA ARG ED 190 -48.98 114.94 27.79
C ARG ED 190 -48.26 116.12 28.42
N SER ED 191 -47.81 117.04 27.58
CA SER ED 191 -47.23 118.31 27.99
C SER ED 191 -48.29 119.23 28.59
N ASP ED 192 -47.81 120.31 29.23
CA ASP ED 192 -48.68 121.36 29.74
C ASP ED 192 -49.60 121.95 28.68
N ALA ED 193 -50.85 122.21 29.08
CA ALA ED 193 -51.87 122.80 28.22
C ALA ED 193 -51.65 124.27 27.91
N GLN ED 194 -51.80 124.63 26.63
CA GLN ED 194 -51.77 126.01 26.14
C GLN ED 194 -53.17 126.60 26.05
N LEU ED 195 -53.62 127.23 27.14
CA LEU ED 195 -54.97 127.76 27.24
C LEU ED 195 -55.06 129.27 27.05
N GLN ED 196 -54.13 130.04 27.59
CA GLN ED 196 -54.16 131.49 27.45
C GLN ED 196 -53.66 131.94 26.09
N ALA ED 197 -54.33 132.96 25.54
CA ALA ED 197 -53.98 133.51 24.24
C ALA ED 197 -52.70 134.33 24.26
N PRO ED 198 -51.95 134.33 23.15
CA PRO ED 198 -50.76 135.18 23.05
C PRO ED 198 -51.10 136.66 23.02
N GLY ED 199 -50.13 137.45 23.46
CA GLY ED 199 -50.27 138.91 23.43
C GLY ED 199 -50.02 139.52 22.07
N THR ED 200 -50.83 140.53 21.75
CA THR ED 200 -50.73 141.26 20.50
C THR ED 200 -49.59 142.28 20.55
N PRO ED 201 -48.75 142.37 19.52
CA PRO ED 201 -47.71 143.40 19.49
C PRO ED 201 -48.26 144.79 19.73
N VAL ED 202 -47.52 145.58 20.50
CA VAL ED 202 -47.89 146.96 20.75
C VAL ED 202 -47.62 147.83 19.54
N ASP FD 20 -66.65 134.72 14.50
CA ASP FD 20 -66.35 133.32 14.70
C ASP FD 20 -65.24 132.88 13.76
N LYS FD 21 -64.39 131.98 14.23
CA LYS FD 21 -63.27 131.48 13.45
C LYS FD 21 -63.53 130.04 13.01
N ASP FD 22 -63.20 129.77 11.76
CA ASP FD 22 -63.32 128.42 11.20
C ASP FD 22 -62.20 127.50 11.65
N LEU FD 23 -62.57 126.41 12.29
CA LEU FD 23 -61.64 125.33 12.63
C LEU FD 23 -61.53 124.33 11.50
N LEU FD 24 -62.66 123.79 11.05
CA LEU FD 24 -62.64 122.69 10.11
C LEU FD 24 -63.77 122.84 9.12
N LYS FD 25 -63.55 122.35 7.90
CA LYS FD 25 -64.57 122.36 6.87
C LYS FD 25 -64.59 121.02 6.15
N GLY FD 26 -65.71 120.77 5.47
CA GLY FD 26 -65.87 119.55 4.71
C GLY FD 26 -65.87 118.28 5.52
N LEU FD 27 -66.28 118.34 6.78
CA LEU FD 27 -66.38 117.15 7.60
C LEU FD 27 -67.59 116.33 7.16
N ASP FD 28 -67.59 115.06 7.50
CA ASP FD 28 -68.82 114.29 7.54
C ASP FD 28 -69.49 114.32 8.91
N GLN FD 29 -70.65 113.66 8.98
CA GLN FD 29 -71.49 113.64 10.17
C GLN FD 29 -70.83 112.97 11.38
N GLU FD 30 -70.11 111.88 11.15
CA GLU FD 30 -69.40 111.21 12.24
C GLU FD 30 -68.22 112.03 12.73
N GLN FD 31 -67.49 112.64 11.81
CA GLN FD 31 -66.36 113.44 12.21
C GLN FD 31 -66.83 114.64 12.99
N ALA FD 32 -67.94 115.25 12.57
CA ALA FD 32 -68.41 116.44 13.26
C ALA FD 32 -68.85 116.08 14.67
N ASN FD 33 -69.60 115.00 14.84
CA ASN FD 33 -70.08 114.68 16.18
C ASN FD 33 -68.95 114.29 17.12
N GLU FD 34 -67.90 113.64 16.61
CA GLU FD 34 -66.75 113.34 17.46
C GLU FD 34 -65.98 114.59 17.87
N VAL FD 35 -65.85 115.53 16.95
CA VAL FD 35 -65.21 116.79 17.32
C VAL FD 35 -66.00 117.50 18.40
N ILE FD 36 -67.30 117.70 18.16
CA ILE FD 36 -68.12 118.43 19.11
C ILE FD 36 -68.04 117.80 20.49
N ALA FD 37 -68.14 116.47 20.56
CA ALA FD 37 -68.04 115.78 21.84
C ALA FD 37 -66.75 116.13 22.58
N VAL FD 38 -65.61 116.02 21.89
CA VAL FD 38 -64.36 116.29 22.59
C VAL FD 38 -64.22 117.75 22.97
N LEU FD 39 -64.77 118.68 22.21
CA LEU FD 39 -64.66 120.07 22.63
C LEU FD 39 -65.55 120.39 23.81
N GLN FD 40 -66.82 119.97 23.78
CA GLN FD 40 -67.69 120.15 24.94
C GLN FD 40 -67.07 119.62 26.21
N MET FD 41 -66.39 118.48 26.16
CA MET FD 41 -65.81 117.98 27.39
C MET FD 41 -64.88 118.97 28.07
N HIS FD 42 -64.15 119.80 27.34
CA HIS FD 42 -63.22 120.78 27.91
C HIS FD 42 -63.81 122.16 28.12
N ASN FD 43 -65.13 122.28 28.16
CA ASN FD 43 -65.80 123.56 28.35
C ASN FD 43 -65.64 124.55 27.20
N ILE FD 44 -65.64 124.06 25.97
CA ILE FD 44 -65.55 124.91 24.79
C ILE FD 44 -66.87 124.79 24.07
N GLU FD 45 -67.63 125.87 24.00
CA GLU FD 45 -68.87 125.93 23.23
C GLU FD 45 -68.59 126.03 21.73
N ALA FD 46 -69.09 125.07 20.95
CA ALA FD 46 -68.82 125.01 19.52
C ALA FD 46 -70.13 124.98 18.74
N ASN FD 47 -70.06 125.32 17.45
CA ASN FD 47 -71.21 125.36 16.57
C ASN FD 47 -70.97 124.55 15.31
N LYS FD 48 -71.97 123.75 14.94
CA LYS FD 48 -71.95 122.91 13.74
C LYS FD 48 -72.90 123.48 12.69
N ILE FD 49 -72.38 123.68 11.48
CA ILE FD 49 -73.11 124.25 10.36
C ILE FD 49 -73.06 123.28 9.19
N ASP FD 50 -74.18 123.17 8.49
CA ASP FD 50 -74.33 122.27 7.35
C ASP FD 50 -74.42 123.05 6.04
N SER FD 51 -73.54 122.70 5.10
CA SER FD 51 -73.47 123.31 3.78
C SER FD 51 -73.89 122.35 2.68
N GLY FD 52 -74.52 121.23 3.05
CA GLY FD 52 -74.88 120.19 2.10
C GLY FD 52 -73.78 119.47 1.36
N LYS FD 53 -73.69 119.68 0.05
CA LYS FD 53 -72.61 119.08 -0.71
C LYS FD 53 -71.22 119.44 -0.19
N LEU FD 54 -71.08 120.50 0.59
CA LEU FD 54 -69.78 120.87 1.13
C LEU FD 54 -69.53 120.28 2.51
N GLY FD 55 -70.47 119.54 3.08
CA GLY FD 55 -70.35 119.01 4.42
C GLY FD 55 -70.54 120.00 5.56
N TYR FD 56 -70.08 119.56 6.73
CA TYR FD 56 -70.19 120.32 7.96
C TYR FD 56 -68.96 121.17 8.28
N SER FD 57 -69.22 122.28 8.95
CA SER FD 57 -68.22 123.24 9.40
C SER FD 57 -68.37 123.44 10.89
N ILE FD 58 -67.25 123.68 11.56
CA ILE FD 58 -67.18 123.87 13.01
C ILE FD 58 -66.62 125.25 13.28
N THR FD 59 -67.28 125.99 14.18
CA THR FD 59 -66.84 127.33 14.52
C THR FD 59 -66.91 127.54 16.01
N VAL FD 60 -66.05 128.43 16.50
CA VAL FD 60 -65.97 128.76 17.92
C VAL FD 60 -65.70 130.25 18.08
N ALA FD 61 -65.94 130.75 19.28
CA ALA FD 61 -65.57 132.12 19.63
C ALA FD 61 -64.06 132.29 19.78
N GLU FD 62 -63.65 133.54 19.60
CA GLU FD 62 -62.24 133.92 19.70
C GLU FD 62 -61.61 133.59 21.03
N PRO FD 63 -62.20 133.95 22.16
CA PRO FD 63 -61.58 133.57 23.45
C PRO FD 63 -61.29 132.09 23.57
N ASP FD 64 -62.01 131.23 22.84
CA ASP FD 64 -61.82 129.80 22.92
C ASP FD 64 -61.00 129.24 21.76
N PHE FD 65 -60.66 130.08 20.79
CA PHE FD 65 -59.94 129.61 19.61
C PHE FD 65 -58.63 128.92 19.97
N THR FD 66 -57.80 129.58 20.78
CA THR FD 66 -56.52 128.99 21.18
C THR FD 66 -56.66 127.60 21.78
N ALA FD 67 -57.52 127.45 22.78
CA ALA FD 67 -57.75 126.15 23.38
C ALA FD 67 -58.24 125.14 22.35
N ALA FD 68 -59.19 125.53 21.51
CA ALA FD 68 -59.69 124.59 20.53
C ALA FD 68 -58.58 124.08 19.63
N VAL FD 69 -57.70 124.97 19.19
CA VAL FD 69 -56.56 124.55 18.37
C VAL FD 69 -55.68 123.56 19.11
N TYR FD 70 -55.35 123.85 20.36
CA TYR FD 70 -54.50 122.94 21.11
C TYR FD 70 -55.12 121.57 21.28
N TRP FD 71 -56.41 121.50 21.58
CA TRP FD 71 -57.02 120.18 21.76
C TRP FD 71 -57.17 119.44 20.43
N ILE FD 72 -57.51 120.14 19.36
CA ILE FD 72 -57.54 119.50 18.05
C ILE FD 72 -56.20 118.85 17.76
N LYS FD 73 -55.12 119.58 17.98
CA LYS FD 73 -53.81 118.98 17.77
C LYS FD 73 -53.59 117.77 18.64
N THR FD 74 -53.87 117.88 19.94
CA THR FD 74 -53.54 116.80 20.85
C THR FD 74 -54.31 115.52 20.56
N TYR FD 75 -55.60 115.63 20.27
CA TYR FD 75 -56.36 114.43 19.94
C TYR FD 75 -56.26 114.03 18.47
N GLN FD 76 -55.58 114.80 17.64
CA GLN FD 76 -55.39 114.45 16.24
C GLN FD 76 -56.69 114.34 15.48
N LEU FD 77 -57.69 115.11 15.85
CA LEU FD 77 -58.95 115.11 15.15
C LEU FD 77 -58.72 115.72 13.78
N PRO FD 78 -59.67 115.56 12.85
CA PRO FD 78 -60.80 114.64 12.82
C PRO FD 78 -60.35 113.22 12.58
N PRO FD 79 -61.08 112.24 13.08
CA PRO FD 79 -60.56 110.87 13.10
C PRO FD 79 -60.48 110.30 11.70
N ARG FD 80 -59.48 109.46 11.48
CA ARG FD 80 -59.41 108.67 10.27
C ARG FD 80 -60.53 107.64 10.23
N PRO FD 81 -60.97 107.24 9.05
CA PRO FD 81 -61.99 106.20 8.95
C PRO FD 81 -61.48 104.87 9.47
N ARG FD 82 -62.42 104.01 9.85
CA ARG FD 82 -62.11 102.75 10.50
C ARG FD 82 -61.56 101.75 9.49
N VAL FD 83 -60.58 100.95 9.91
CA VAL FD 83 -59.82 100.06 9.03
C VAL FD 83 -60.24 98.61 9.24
N GLU FD 84 -60.56 97.92 8.14
CA GLU FD 84 -60.81 96.49 8.14
C GLU FD 84 -60.04 95.78 7.04
N ILE FD 85 -59.49 94.60 7.36
CA ILE FD 85 -58.52 93.94 6.50
C ILE FD 85 -59.10 93.63 5.12
N ALA FD 86 -60.39 93.32 5.05
CA ALA FD 86 -61.01 93.03 3.77
C ALA FD 86 -60.86 94.16 2.77
N GLN FD 87 -60.61 95.37 3.22
CA GLN FD 87 -60.41 96.49 2.31
C GLN FD 87 -59.19 96.32 1.43
N MET FD 88 -58.24 95.50 1.83
CA MET FD 88 -57.02 95.31 1.06
C MET FD 88 -57.14 94.25 -0.03
N PHE FD 89 -58.26 93.54 -0.11
CA PHE FD 89 -58.40 92.42 -1.05
C PHE FD 89 -59.76 92.50 -1.72
N PRO FD 90 -59.95 93.46 -2.60
CA PRO FD 90 -61.26 93.61 -3.26
C PRO FD 90 -61.62 92.37 -4.06
N ALA FD 91 -62.86 91.91 -3.90
CA ALA FD 91 -63.33 90.73 -4.61
C ALA FD 91 -63.44 90.92 -6.11
N ASP FD 92 -63.47 92.15 -6.58
CA ASP FD 92 -63.51 92.46 -8.00
C ASP FD 92 -62.20 92.25 -8.69
N SER FD 93 -61.20 91.68 -8.03
CA SER FD 93 -59.93 91.43 -8.68
C SER FD 93 -60.06 90.38 -9.78
N LEU FD 94 -59.12 90.45 -10.74
CA LEU FD 94 -59.09 89.47 -11.82
C LEU FD 94 -58.80 88.07 -11.31
N VAL FD 95 -58.07 87.95 -10.20
CA VAL FD 95 -57.60 86.68 -9.68
C VAL FD 95 -57.74 86.76 -8.16
N SER FD 96 -58.06 85.63 -7.53
CA SER FD 96 -57.92 85.51 -6.08
C SER FD 96 -57.10 84.27 -5.75
N SER FD 97 -56.08 84.46 -4.95
CA SER FD 97 -55.34 83.34 -4.40
C SER FD 97 -55.98 82.83 -3.13
N PRO FD 98 -55.53 81.66 -2.65
CA PRO FD 98 -55.95 81.20 -1.33
C PRO FD 98 -55.65 82.18 -0.22
N ARG FD 99 -54.52 82.89 -0.30
CA ARG FD 99 -54.20 83.86 0.74
C ARG FD 99 -55.23 84.97 0.79
N ALA FD 100 -55.70 85.42 -0.37
CA ALA FD 100 -56.69 86.48 -0.37
C ALA FD 100 -58.05 85.97 0.10
N GLU FD 101 -58.37 84.72 -0.21
CA GLU FD 101 -59.66 84.21 0.24
C GLU FD 101 -59.68 84.04 1.75
N LYS FD 102 -58.65 83.42 2.31
CA LYS FD 102 -58.60 83.28 3.77
C LYS FD 102 -58.52 84.61 4.48
N ALA FD 103 -57.88 85.61 3.88
CA ALA FD 103 -57.91 86.94 4.46
C ALA FD 103 -59.31 87.52 4.55
N ARG FD 104 -60.11 87.38 3.50
CA ARG FD 104 -61.46 87.91 3.63
C ARG FD 104 -62.31 87.10 4.60
N LEU FD 105 -62.07 85.79 4.70
CA LEU FD 105 -62.82 85.00 5.67
C LEU FD 105 -62.54 85.48 7.09
N TYR FD 106 -61.27 85.60 7.47
CA TYR FD 106 -61.01 86.00 8.84
C TYR FD 106 -61.47 87.43 9.09
N SER FD 107 -61.31 88.30 8.11
CA SER FD 107 -61.77 89.67 8.27
C SER FD 107 -63.27 89.75 8.48
N ALA FD 108 -64.02 88.73 8.11
CA ALA FD 108 -65.46 88.79 8.36
C ALA FD 108 -65.85 88.12 9.67
N ILE FD 109 -65.09 87.12 10.10
CA ILE FD 109 -65.38 86.51 11.39
C ILE FD 109 -65.09 87.48 12.53
N GLU FD 110 -63.99 88.23 12.46
CA GLU FD 110 -63.71 89.20 13.51
C GLU FD 110 -64.85 90.19 13.70
N GLN FD 111 -65.38 90.71 12.61
CA GLN FD 111 -66.48 91.66 12.71
C GLN FD 111 -67.72 91.02 13.28
N ARG FD 112 -68.00 89.77 12.93
CA ARG FD 112 -69.22 89.16 13.46
C ARG FD 112 -69.09 88.82 14.93
N LEU FD 113 -67.88 88.57 15.43
CA LEU FD 113 -67.73 88.43 16.87
C LEU FD 113 -67.90 89.75 17.60
N GLU FD 114 -67.30 90.83 17.10
CA GLU FD 114 -67.52 92.11 17.78
C GLU FD 114 -69.00 92.42 17.88
N GLN FD 115 -69.73 92.20 16.78
CA GLN FD 115 -71.16 92.49 16.81
C GLN FD 115 -71.90 91.59 17.78
N SER FD 116 -71.38 90.40 18.03
CA SER FD 116 -72.08 89.56 19.00
C SER FD 116 -71.80 90.01 20.42
N LEU FD 117 -70.55 90.34 20.74
CA LEU FD 117 -70.25 90.80 22.10
C LEU FD 117 -71.03 92.04 22.48
N GLN FD 118 -71.26 92.96 21.54
CA GLN FD 118 -72.04 94.13 21.93
C GLN FD 118 -73.42 93.78 22.49
N THR FD 119 -73.92 92.58 22.26
CA THR FD 119 -75.23 92.19 22.78
C THR FD 119 -75.21 91.67 24.21
N MET FD 120 -74.06 91.35 24.77
CA MET FD 120 -74.05 90.78 26.11
C MET FD 120 -74.49 91.81 27.14
N GLU FD 121 -74.82 91.32 28.32
CA GLU FD 121 -75.37 92.15 29.38
C GLU FD 121 -74.36 93.19 29.87
N GLY FD 122 -74.70 94.46 29.68
CA GLY FD 122 -73.96 95.57 30.22
C GLY FD 122 -72.74 96.00 29.43
N VAL FD 123 -72.44 95.36 28.32
CA VAL FD 123 -71.35 95.83 27.47
C VAL FD 123 -71.82 97.01 26.64
N LEU FD 124 -70.93 97.97 26.44
CA LEU FD 124 -71.17 99.12 25.58
C LEU FD 124 -70.45 99.01 24.25
N SER FD 125 -69.19 98.58 24.25
CA SER FD 125 -68.47 98.38 23.00
C SER FD 125 -67.30 97.44 23.24
N ALA FD 126 -66.81 96.86 22.15
CA ALA FD 126 -65.75 95.86 22.21
C ALA FD 126 -64.98 95.83 20.91
N ARG FD 127 -63.76 95.29 20.99
CA ARG FD 127 -62.89 95.07 19.85
C ARG FD 127 -62.26 93.69 19.97
N VAL FD 128 -62.07 93.01 18.83
CA VAL FD 128 -61.54 91.65 18.83
C VAL FD 128 -60.45 91.50 17.77
N HIS FD 129 -59.40 90.74 18.10
CA HIS FD 129 -58.29 90.45 17.21
C HIS FD 129 -58.01 88.96 17.16
N ILE FD 130 -57.69 88.45 15.96
CA ILE FD 130 -57.37 87.04 15.73
C ILE FD 130 -56.00 86.93 15.09
N SER FD 131 -55.26 85.88 15.44
CA SER FD 131 -53.96 85.63 14.82
C SER FD 131 -54.12 85.13 13.38
N TYR FD 132 -53.79 85.96 12.40
CA TYR FD 132 -53.76 85.55 10.99
C TYR FD 132 -52.57 84.66 10.70
N ASP FD 133 -52.78 83.35 10.69
CA ASP FD 133 -51.77 82.40 10.23
C ASP FD 133 -51.61 82.38 8.72
N ILE FD 134 -52.51 83.04 7.99
CA ILE FD 134 -52.48 83.10 6.54
C ILE FD 134 -51.22 83.74 5.97
N ASP FD 135 -50.42 84.42 6.79
CA ASP FD 135 -49.17 84.98 6.29
C ASP FD 135 -48.14 83.93 5.91
N ALA FD 136 -48.41 82.65 6.19
CA ALA FD 136 -47.84 81.55 5.43
C ALA FD 136 -48.97 80.75 4.81
N GLY FD 137 -48.66 80.10 3.70
CA GLY FD 137 -49.68 79.52 2.86
C GLY FD 137 -50.40 78.36 3.48
N GLU FD 138 -50.07 77.98 4.72
CA GLU FD 138 -50.55 76.74 5.33
C GLU FD 138 -50.18 75.55 4.45
N ASN FD 139 -49.01 75.62 3.83
CA ASN FD 139 -48.55 74.62 2.88
C ASN FD 139 -47.16 74.16 3.28
N GLY FD 140 -46.90 72.87 3.07
CA GLY FD 140 -45.70 72.29 3.62
C GLY FD 140 -45.76 72.14 5.14
N ARG FD 141 -45.72 73.26 5.84
CA ARG FD 141 -45.80 73.21 7.30
C ARG FD 141 -47.25 73.06 7.76
N PRO FD 142 -47.50 72.25 8.79
CA PRO FD 142 -48.84 72.13 9.34
C PRO FD 142 -49.26 73.43 10.01
N PRO FD 143 -50.56 73.67 10.13
CA PRO FD 143 -51.06 74.92 10.70
C PRO FD 143 -50.82 75.02 12.19
N LYS FD 144 -50.84 76.27 12.70
CA LYS FD 144 -50.51 76.59 14.08
C LYS FD 144 -51.73 77.09 14.83
N PRO FD 145 -51.80 76.86 16.14
CA PRO FD 145 -53.02 77.15 16.90
C PRO FD 145 -53.33 78.65 16.93
N VAL FD 146 -54.61 78.94 17.11
CA VAL FD 146 -55.15 80.29 17.03
C VAL FD 146 -55.00 81.02 18.36
N HIS FD 147 -54.75 82.32 18.29
CA HIS FD 147 -54.73 83.20 19.46
C HIS FD 147 -55.74 84.33 19.26
N LEU FD 148 -56.27 84.82 20.38
CA LEU FD 148 -57.33 85.82 20.39
C LEU FD 148 -57.03 86.92 21.40
N SER FD 149 -57.45 88.14 21.09
CA SER FD 149 -57.42 89.22 22.07
C SER FD 149 -58.71 90.05 22.03
N ALA FD 150 -59.19 90.47 23.19
CA ALA FD 150 -60.40 91.29 23.26
C ALA FD 150 -60.24 92.48 24.19
N LEU FD 151 -60.90 93.58 23.82
CA LEU FD 151 -61.03 94.77 24.66
C LEU FD 151 -62.50 95.10 24.82
N ALA FD 152 -62.91 95.57 25.99
CA ALA FD 152 -64.31 95.95 26.14
C ALA FD 152 -64.53 97.01 27.22
N VAL FD 153 -65.70 97.64 27.15
CA VAL FD 153 -66.08 98.74 28.03
C VAL FD 153 -67.39 98.41 28.72
N TYR FD 154 -67.46 98.67 30.02
CA TYR FD 154 -68.57 98.26 30.87
C TYR FD 154 -69.26 99.44 31.54
N GLU FD 155 -70.55 99.27 31.81
CA GLU FD 155 -71.29 100.17 32.67
C GLU FD 155 -70.69 100.25 34.07
N ARG FD 156 -70.84 101.43 34.67
CA ARG FD 156 -70.37 101.67 36.03
C ARG FD 156 -71.00 100.73 37.06
N GLY FD 157 -70.16 100.20 37.96
CA GLY FD 157 -70.59 99.23 38.95
C GLY FD 157 -70.61 97.78 38.53
N SER FD 158 -69.79 97.41 37.58
CA SER FD 158 -69.70 96.05 37.07
C SER FD 158 -68.55 95.29 37.72
N PRO FD 159 -68.75 94.07 38.26
CA PRO FD 159 -67.60 93.31 38.76
C PRO FD 159 -66.79 92.69 37.63
N LEU FD 160 -65.86 93.51 37.14
CA LEU FD 160 -65.03 93.15 35.99
C LEU FD 160 -64.34 91.79 36.19
N ALA FD 161 -63.75 91.59 37.37
CA ALA FD 161 -63.09 90.32 37.64
C ALA FD 161 -64.01 89.15 37.39
N HIS FD 162 -65.24 89.22 37.90
CA HIS FD 162 -66.18 88.13 37.67
C HIS FD 162 -66.69 88.07 36.25
N GLN FD 163 -66.57 89.13 35.47
CA GLN FD 163 -67.08 89.10 34.11
C GLN FD 163 -66.09 88.64 33.07
N ILE FD 164 -64.80 88.56 33.38
CA ILE FD 164 -63.85 88.06 32.38
C ILE FD 164 -64.15 86.60 32.03
N SER FD 165 -64.56 85.80 33.01
CA SER FD 165 -64.86 84.40 32.78
C SER FD 165 -65.86 84.17 31.66
N ASP FD 166 -66.99 84.87 31.69
CA ASP FD 166 -68.00 84.71 30.64
C ASP FD 166 -67.41 84.91 29.26
N ILE FD 167 -66.71 86.01 29.06
CA ILE FD 167 -66.10 86.27 27.76
C ILE FD 167 -65.18 85.12 27.35
N LYS FD 168 -64.24 84.74 28.21
CA LYS FD 168 -63.38 83.62 27.85
C LYS FD 168 -64.17 82.37 27.47
N ARG FD 169 -65.15 82.00 28.29
CA ARG FD 169 -65.96 80.82 27.98
C ARG FD 169 -66.60 80.94 26.61
N PHE FD 170 -67.18 82.08 26.31
CA PHE FD 170 -67.84 82.25 25.03
C PHE FD 170 -66.86 82.16 23.87
N LEU FD 171 -65.71 82.79 23.97
CA LEU FD 171 -64.73 82.78 22.88
C LEU FD 171 -64.11 81.41 22.65
N LYS FD 172 -63.78 80.68 23.72
CA LYS FD 172 -63.11 79.40 23.56
C LYS FD 172 -63.74 78.46 22.54
N ASN FD 173 -65.05 78.31 22.55
CA ASN FD 173 -65.70 77.37 21.64
C ASN FD 173 -66.00 77.94 20.26
N SER FD 174 -65.58 79.15 19.95
CA SER FD 174 -65.87 79.71 18.64
C SER FD 174 -64.88 79.28 17.58
N PHE FD 175 -63.84 78.52 17.96
CA PHE FD 175 -62.83 78.06 17.03
C PHE FD 175 -62.42 76.63 17.33
N ALA FD 176 -61.81 76.00 16.34
CA ALA FD 176 -61.43 74.59 16.43
C ALA FD 176 -60.41 74.29 17.52
N ASP FD 177 -59.49 75.19 17.81
CA ASP FD 177 -58.45 74.89 18.80
C ASP FD 177 -57.99 76.17 19.48
N VAL FD 178 -58.47 76.39 20.69
CA VAL FD 178 -58.11 77.56 21.47
C VAL FD 178 -57.98 77.11 22.90
N ASP FD 179 -56.96 77.60 23.58
CA ASP FD 179 -56.73 77.33 24.98
C ASP FD 179 -56.94 78.58 25.81
N TYR FD 180 -57.52 78.41 27.00
CA TYR FD 180 -57.68 79.55 27.88
C TYR FD 180 -56.39 80.31 28.07
N ASP FD 181 -55.26 79.63 28.05
CA ASP FD 181 -53.99 80.34 28.16
C ASP FD 181 -53.76 81.32 27.03
N ASN FD 182 -54.29 81.05 25.85
CA ASN FD 182 -54.08 81.87 24.66
C ASN FD 182 -55.12 82.97 24.47
N ILE FD 183 -55.95 83.27 25.45
CA ILE FD 183 -56.98 84.31 25.31
C ILE FD 183 -56.68 85.42 26.30
N SER FD 184 -56.46 86.62 25.77
CA SER FD 184 -56.25 87.85 26.53
C SER FD 184 -57.49 88.72 26.52
N VAL FD 185 -57.88 89.23 27.68
CA VAL FD 185 -59.09 90.04 27.82
C VAL FD 185 -58.77 91.26 28.68
N VAL FD 186 -59.09 92.44 28.17
CA VAL FD 186 -58.89 93.70 28.91
C VAL FD 186 -60.22 94.47 28.97
N LEU FD 187 -60.62 94.83 30.18
CA LEU FD 187 -61.87 95.52 30.46
C LEU FD 187 -61.64 96.86 31.11
N SER FD 188 -62.57 97.78 30.89
CA SER FD 188 -62.50 99.10 31.50
C SER FD 188 -63.91 99.62 31.71
N GLU FD 189 -64.06 100.54 32.67
CA GLU FD 189 -65.34 101.20 32.96
C GLU FD 189 -65.53 102.50 32.20
N ARG FD 190 -66.79 102.81 31.93
CA ARG FD 190 -67.16 104.09 31.35
C ARG FD 190 -66.80 105.24 32.28
N SER FD 191 -66.28 106.31 31.68
CA SER FD 191 -65.98 107.56 32.36
C SER FD 191 -67.25 108.25 32.86
N ASP FD 192 -67.04 109.25 33.70
CA ASP FD 192 -68.12 110.11 34.19
C ASP FD 192 -68.90 110.77 33.05
N ALA FD 193 -70.21 110.84 33.22
CA ALA FD 193 -71.11 111.46 32.25
C ALA FD 193 -70.99 112.98 32.20
N GLN FD 194 -70.92 113.52 30.99
CA GLN FD 194 -70.95 114.95 30.68
C GLN FD 194 -72.36 115.42 30.37
N LEU FD 195 -73.09 115.85 31.41
CA LEU FD 195 -74.48 116.23 31.28
C LEU FD 195 -74.72 117.73 31.24
N GLN FD 196 -74.00 118.52 32.04
CA GLN FD 196 -74.19 119.96 32.03
C GLN FD 196 -73.50 120.62 30.84
N ALA FD 197 -74.17 121.61 30.27
CA ALA FD 197 -73.65 122.37 29.14
C ALA FD 197 -72.53 123.31 29.54
N PRO FD 198 -71.58 123.54 28.64
CA PRO FD 198 -70.52 124.52 28.91
C PRO FD 198 -71.01 125.95 28.97
N GLY FD 199 -70.26 126.76 29.72
CA GLY FD 199 -70.55 128.18 29.84
C GLY FD 199 -70.10 129.01 28.65
N THR FD 200 -70.92 129.98 28.28
CA THR FD 200 -70.59 130.88 27.18
C THR FD 200 -69.59 131.96 27.59
N PRO FD 201 -68.56 132.22 26.79
CA PRO FD 201 -67.62 133.30 27.09
C PRO FD 201 -68.31 134.63 27.35
N VAL FD 202 -67.77 135.37 28.32
CA VAL FD 202 -68.26 136.70 28.62
C VAL FD 202 -67.78 137.67 27.55
N ASP GD 20 -84.38 124.03 17.12
CA ASP GD 20 -83.97 122.64 17.24
C ASP GD 20 -82.64 122.42 16.56
N LYS GD 21 -81.81 121.54 17.13
CA LYS GD 21 -80.50 121.24 16.58
C LYS GD 21 -80.51 119.86 15.95
N ASP GD 22 -79.87 119.78 14.78
CA ASP GD 22 -79.72 118.52 14.07
C ASP GD 22 -78.63 117.64 14.64
N LEU GD 23 -79.00 116.44 15.06
CA LEU GD 23 -78.06 115.41 15.45
C LEU GD 23 -77.59 114.60 14.26
N LEU GD 24 -78.53 114.05 13.50
CA LEU GD 24 -78.19 113.11 12.44
C LEU GD 24 -79.13 113.32 11.27
N LYS GD 25 -78.63 113.00 10.07
CA LYS GD 25 -79.44 113.05 8.87
C LYS GD 25 -79.19 111.80 8.02
N GLY GD 26 -80.13 111.55 7.10
CA GLY GD 26 -80.02 110.44 6.18
C GLY GD 26 -79.99 109.08 6.82
N LEU GD 27 -80.67 108.91 7.94
CA LEU GD 27 -80.70 107.63 8.61
C LEU GD 27 -81.69 106.69 7.93
N ASP GD 28 -81.43 105.39 8.08
CA ASP GD 28 -82.42 104.37 7.82
C ASP GD 28 -83.44 104.27 8.94
N GLN GD 29 -84.61 103.74 8.60
CA GLN GD 29 -85.68 103.50 9.57
C GLN GD 29 -85.24 102.69 10.78
N GLU GD 30 -84.43 101.66 10.55
CA GLU GD 30 -83.98 100.83 11.66
C GLU GD 30 -82.78 101.41 12.37
N GLN GD 31 -82.13 102.40 11.81
CA GLN GD 31 -81.18 103.18 12.57
C GLN GD 31 -81.90 104.18 13.45
N ALA GD 32 -82.91 104.83 12.90
CA ALA GD 32 -83.62 105.88 13.62
C ALA GD 32 -84.30 105.32 14.86
N ASN GD 33 -85.00 104.20 14.73
CA ASN GD 33 -85.71 103.67 15.89
C ASN GD 33 -84.75 103.23 17.00
N GLU GD 34 -83.55 102.80 16.65
CA GLU GD 34 -82.55 102.50 17.66
C GLU GD 34 -82.03 103.75 18.35
N VAL GD 35 -81.81 104.81 17.60
CA VAL GD 35 -81.35 106.04 18.24
C VAL GD 35 -82.41 106.59 19.17
N ILE GD 36 -83.66 106.61 18.72
CA ILE GD 36 -84.75 107.09 19.56
C ILE GD 36 -84.84 106.29 20.84
N ALA GD 37 -84.75 104.96 20.75
CA ALA GD 37 -84.80 104.11 21.93
C ALA GD 37 -83.71 104.46 22.94
N VAL GD 38 -82.49 104.64 22.46
CA VAL GD 38 -81.41 104.95 23.40
C VAL GD 38 -81.51 106.34 23.98
N LEU GD 39 -82.04 107.32 23.25
CA LEU GD 39 -82.21 108.62 23.87
C LEU GD 39 -83.33 108.61 24.91
N GLN GD 40 -84.48 108.04 24.56
CA GLN GD 40 -85.56 107.96 25.54
C GLN GD 40 -85.14 107.28 26.83
N MET GD 41 -84.32 106.24 26.75
CA MET GD 41 -83.90 105.62 28.00
C MET GD 41 -83.24 106.60 28.97
N HIS GD 42 -82.50 107.59 28.47
CA HIS GD 42 -81.84 108.56 29.32
C HIS GD 42 -82.64 109.83 29.56
N ASN GD 43 -83.95 109.80 29.34
CA ASN GD 43 -84.81 110.96 29.53
C ASN GD 43 -84.56 112.12 28.56
N ILE GD 44 -84.24 111.83 27.32
CA ILE GD 44 -84.04 112.86 26.32
C ILE GD 44 -85.18 112.72 25.32
N GLU GD 45 -86.03 113.73 25.24
CA GLU GD 45 -87.10 113.78 24.25
C GLU GD 45 -86.58 114.14 22.86
N ALA GD 46 -86.78 113.25 21.89
CA ALA GD 46 -86.25 113.43 20.54
C ALA GD 46 -87.38 113.38 19.53
N ASN GD 47 -87.14 113.92 18.34
CA ASN GD 47 -88.12 113.95 17.26
C ASN GD 47 -87.54 113.39 15.97
N LYS GD 48 -88.33 112.54 15.31
CA LYS GD 48 -87.98 111.90 14.05
C LYS GD 48 -88.78 112.52 12.91
N ILE GD 49 -88.07 112.97 11.88
CA ILE GD 49 -88.65 113.63 10.71
C ILE GD 49 -88.25 112.85 9.47
N ASP GD 50 -89.20 112.72 8.54
CA ASP GD 50 -89.00 111.98 7.29
C ASP GD 50 -88.95 112.92 6.10
N SER GD 51 -87.87 112.83 5.33
CA SER GD 51 -87.66 113.62 4.11
C SER GD 51 -87.70 112.75 2.87
N GLY GD 52 -88.19 111.52 2.99
CA GLY GD 52 -88.22 110.53 1.93
C GLY GD 52 -86.92 110.02 1.33
N LYS GD 53 -86.63 110.37 0.08
CA LYS GD 53 -85.36 109.98 -0.51
C LYS GD 53 -84.15 110.46 0.29
N LEU GD 54 -84.32 111.43 1.17
CA LEU GD 54 -83.23 111.92 1.99
C LEU GD 54 -83.15 111.19 3.32
N GLY GD 55 -84.07 110.29 3.61
CA GLY GD 55 -84.15 109.60 4.87
C GLY GD 55 -84.69 110.40 6.04
N TYR GD 56 -84.43 109.84 7.23
CA TYR GD 56 -84.85 110.40 8.49
C TYR GD 56 -83.81 111.30 9.16
N SER GD 57 -84.33 112.27 9.90
CA SER GD 57 -83.56 113.23 10.66
C SER GD 57 -84.01 113.18 12.11
N ILE GD 58 -83.08 113.41 13.02
CA ILE GD 58 -83.32 113.37 14.45
C ILE GD 58 -82.99 114.73 15.02
N THR GD 59 -83.89 115.27 15.84
CA THR GD 59 -83.66 116.58 16.42
C THR GD 59 -84.04 116.57 17.89
N VAL GD 60 -83.37 117.44 18.66
CA VAL GD 60 -83.60 117.58 20.09
C VAL GD 60 -83.52 119.05 20.47
N ALA GD 61 -84.04 119.35 21.66
CA ALA GD 61 -83.89 120.69 22.22
C ALA GD 61 -82.46 120.97 22.69
N GLU GD 62 -82.17 122.27 22.75
CA GLU GD 62 -80.86 122.75 23.18
C GLU GD 62 -80.47 122.30 24.58
N PRO GD 63 -81.28 122.46 25.60
CA PRO GD 63 -80.89 121.96 26.93
C PRO GD 63 -80.45 120.51 26.94
N ASP GD 64 -80.93 119.69 26.00
CA ASP GD 64 -80.59 118.27 25.96
C ASP GD 64 -79.51 117.97 24.93
N PHE GD 65 -79.10 118.97 24.15
CA PHE GD 65 -78.13 118.74 23.09
C PHE GD 65 -76.82 118.14 23.61
N THR GD 66 -76.23 118.75 24.64
CA THR GD 66 -74.99 118.23 25.21
C THR GD 66 -75.07 116.75 25.57
N ALA GD 67 -76.05 116.39 26.37
CA ALA GD 67 -76.24 114.99 26.74
C ALA GD 67 -76.40 114.11 25.51
N ALA GD 68 -77.21 114.53 24.56
CA ALA GD 68 -77.44 113.69 23.39
C ALA GD 68 -76.13 113.41 22.67
N VAL GD 69 -75.30 114.43 22.49
CA VAL GD 69 -74.01 114.24 21.84
C VAL GD 69 -73.17 113.23 22.59
N TYR GD 70 -73.07 113.39 23.91
CA TYR GD 70 -72.26 112.46 24.69
C TYR GD 70 -72.76 111.02 24.60
N TRP GD 71 -74.07 110.80 24.56
CA TRP GD 71 -74.56 109.44 24.42
C TRP GD 71 -74.34 108.87 23.02
N ILE GD 72 -74.52 109.68 21.98
CA ILE GD 72 -74.19 109.22 20.64
C ILE GD 72 -72.74 108.80 20.56
N LYS GD 73 -71.85 109.55 21.19
CA LYS GD 73 -70.46 109.11 21.27
C LYS GD 73 -70.32 107.79 22.02
N THR GD 74 -70.96 107.69 23.18
CA THR GD 74 -70.68 106.53 24.02
C THR GD 74 -71.18 105.24 23.39
N TYR GD 75 -72.33 105.28 22.73
CA TYR GD 75 -72.85 104.09 22.07
C TYR GD 75 -72.44 103.95 20.61
N GLN GD 76 -71.63 104.86 20.07
CA GLN GD 76 -71.15 104.74 18.70
C GLN GD 76 -72.28 104.67 17.68
N LEU GD 77 -73.39 105.33 17.94
CA LEU GD 77 -74.51 105.34 17.00
C LEU GD 77 -74.16 106.18 15.78
N PRO GD 78 -74.87 105.99 14.67
CA PRO GD 78 -75.86 104.97 14.34
C PRO GD 78 -75.25 103.61 14.11
N PRO GD 79 -76.01 102.55 14.34
CA PRO GD 79 -75.43 101.20 14.25
C PRO GD 79 -75.04 100.86 12.83
N ARG GD 80 -73.92 100.15 12.69
CA ARG GD 80 -73.53 99.57 11.42
C ARG GD 80 -74.44 98.41 11.04
N PRO GD 81 -74.61 98.13 9.75
CA PRO GD 81 -75.46 97.01 9.34
C PRO GD 81 -74.88 95.67 9.79
N ARG GD 82 -75.76 94.68 9.83
CA ARG GD 82 -75.43 93.37 10.39
C ARG GD 82 -74.64 92.54 9.39
N VAL GD 83 -73.61 91.86 9.88
CA VAL GD 83 -72.63 91.17 9.04
C VAL GD 83 -72.90 89.67 9.03
N GLU GD 84 -72.87 89.07 7.84
CA GLU GD 84 -72.95 87.62 7.64
C GLU GD 84 -71.96 87.18 6.59
N ILE GD 85 -71.35 86.02 6.81
CA ILE GD 85 -70.17 85.62 6.03
C ILE GD 85 -70.49 85.44 4.55
N ALA GD 86 -71.72 85.04 4.24
CA ALA GD 86 -72.12 84.91 2.85
C ALA GD 86 -71.98 86.19 2.06
N GLN GD 87 -71.88 87.34 2.71
CA GLN GD 87 -71.66 88.59 1.98
C GLN GD 87 -70.29 88.67 1.32
N MET GD 88 -69.32 87.87 1.74
CA MET GD 88 -67.97 87.96 1.20
C MET GD 88 -67.73 87.03 0.03
N PHE GD 89 -68.70 86.18 -0.30
CA PHE GD 89 -68.55 85.17 -1.34
C PHE GD 89 -69.81 85.17 -2.18
N PRO GD 90 -70.02 86.21 -2.99
CA PRO GD 90 -71.36 86.56 -3.45
C PRO GD 90 -72.05 85.50 -4.28
N ALA GD 91 -71.38 84.42 -4.65
CA ALA GD 91 -71.94 83.41 -5.54
C ALA GD 91 -72.29 83.94 -6.93
N ASP GD 92 -71.84 85.13 -7.27
CA ASP GD 92 -71.91 85.63 -8.64
C ASP GD 92 -70.69 85.26 -9.45
N SER GD 93 -69.81 84.43 -8.88
CA SER GD 93 -68.56 84.09 -9.52
C SER GD 93 -68.81 83.38 -10.85
N LEU GD 94 -67.76 83.29 -11.64
CA LEU GD 94 -67.73 82.34 -12.73
C LEU GD 94 -67.74 80.93 -12.17
N VAL GD 95 -66.75 80.60 -11.35
CA VAL GD 95 -66.75 79.37 -10.57
C VAL GD 95 -66.17 79.72 -9.21
N SER GD 96 -66.57 78.97 -8.20
CA SER GD 96 -66.10 79.16 -6.84
C SER GD 96 -65.43 77.90 -6.32
N SER GD 97 -64.33 78.08 -5.59
CA SER GD 97 -63.59 76.97 -5.05
C SER GD 97 -64.39 76.21 -4.00
N PRO GD 98 -63.92 75.03 -3.64
CA PRO GD 98 -64.50 74.33 -2.48
C PRO GD 98 -64.51 75.18 -1.24
N ARG GD 99 -63.49 76.00 -1.06
CA ARG GD 99 -63.42 76.84 0.12
C ARG GD 99 -64.61 77.78 0.17
N ALA GD 100 -64.95 78.40 -0.95
CA ALA GD 100 -66.05 79.35 -0.93
C ALA GD 100 -67.39 78.65 -0.75
N GLU GD 101 -67.60 77.55 -1.48
CA GLU GD 101 -68.86 76.84 -1.30
C GLU GD 101 -69.08 76.40 0.15
N LYS GD 102 -68.04 75.86 0.79
CA LYS GD 102 -68.23 75.38 2.16
C LYS GD 102 -68.51 76.52 3.13
N ALA GD 103 -68.06 77.72 2.79
CA ALA GD 103 -68.34 78.88 3.63
C ALA GD 103 -69.79 79.28 3.50
N ARG GD 104 -70.28 79.46 2.27
CA ARG GD 104 -71.70 79.77 2.12
C ARG GD 104 -72.57 78.77 2.86
N LEU GD 105 -72.27 77.48 2.71
CA LEU GD 105 -73.04 76.46 3.41
C LEU GD 105 -73.12 76.71 4.93
N TYR GD 106 -71.96 76.80 5.58
CA TYR GD 106 -71.97 77.05 7.02
C TYR GD 106 -72.69 78.35 7.39
N SER GD 107 -72.47 79.41 6.63
CA SER GD 107 -73.15 80.66 6.95
C SER GD 107 -74.65 80.58 6.80
N ALA GD 108 -75.16 79.64 6.02
CA ALA GD 108 -76.61 79.49 5.96
C ALA GD 108 -77.15 78.66 7.10
N ILE GD 109 -76.37 77.67 7.54
CA ILE GD 109 -76.79 76.90 8.71
C ILE GD 109 -76.84 77.76 9.98
N GLU GD 110 -75.86 78.64 10.17
CA GLU GD 110 -75.93 79.52 11.34
C GLU GD 110 -77.20 80.35 11.39
N GLN GD 111 -77.62 80.91 10.27
CA GLN GD 111 -78.82 81.74 10.28
C GLN GD 111 -80.06 80.90 10.52
N ARG GD 112 -80.10 79.70 9.96
CA ARG GD 112 -81.28 78.90 10.16
C ARG GD 112 -81.41 78.45 11.60
N LEU GD 113 -80.29 78.19 12.27
CA LEU GD 113 -80.38 77.83 13.68
C LEU GD 113 -80.80 78.99 14.56
N GLU GD 114 -80.25 80.19 14.35
CA GLU GD 114 -80.72 81.32 15.13
C GLU GD 114 -82.23 81.53 14.98
N GLN GD 115 -82.74 81.34 13.77
CA GLN GD 115 -84.18 81.49 13.59
C GLN GD 115 -84.97 80.38 14.26
N SER GD 116 -84.40 79.18 14.37
CA SER GD 116 -85.15 78.15 15.07
C SER GD 116 -85.17 78.44 16.56
N LEU GD 117 -84.04 78.80 17.14
CA LEU GD 117 -84.03 79.07 18.58
C LEU GD 117 -85.01 80.17 18.95
N GLN GD 118 -85.14 81.19 18.11
CA GLN GD 118 -86.10 82.23 18.49
C GLN GD 118 -87.52 81.71 18.67
N THR GD 119 -87.84 80.51 18.23
CA THR GD 119 -89.17 79.94 18.45
C THR GD 119 -89.33 79.21 19.77
N MET GD 120 -88.25 78.91 20.48
CA MET GD 120 -88.41 78.19 21.74
C MET GD 120 -89.17 79.04 22.74
N GLU GD 121 -89.58 78.40 23.83
CA GLU GD 121 -90.44 79.04 24.83
C GLU GD 121 -89.70 80.15 25.57
N GLY GD 122 -90.22 81.37 25.45
CA GLY GD 122 -89.75 82.52 26.19
C GLY GD 122 -88.45 83.12 25.72
N VAL GD 123 -87.82 82.59 24.69
CA VAL GD 123 -86.66 83.26 24.10
C VAL GD 123 -87.11 84.46 23.31
N LEU GD 124 -86.42 85.58 23.50
CA LEU GD 124 -86.65 86.80 22.73
C LEU GD 124 -85.69 86.94 21.57
N SER GD 125 -84.42 86.58 21.75
CA SER GD 125 -83.43 86.71 20.70
C SER GD 125 -82.25 85.81 21.03
N ALA GD 126 -81.46 85.52 20.00
CA ALA GD 126 -80.30 84.66 20.18
C ALA GD 126 -79.28 84.93 19.09
N ARG GD 127 -78.06 84.46 19.36
CA ARG GD 127 -76.98 84.49 18.38
C ARG GD 127 -76.23 83.16 18.44
N VAL GD 128 -75.81 82.65 17.28
CA VAL GD 128 -75.09 81.38 17.22
C VAL GD 128 -73.84 81.54 16.37
N HIS GD 129 -72.78 80.84 16.75
CA HIS GD 129 -71.52 80.82 16.01
C HIS GD 129 -71.03 79.39 15.86
N ILE GD 130 -70.42 79.09 14.70
CA ILE GD 130 -69.88 77.76 14.41
C ILE GD 130 -68.43 77.88 14.00
N SER GD 131 -67.60 76.93 14.45
CA SER GD 131 -66.20 76.92 14.02
C SER GD 131 -66.06 76.59 12.55
N TYR GD 132 -65.55 77.54 11.75
CA TYR GD 132 -65.35 77.33 10.32
C TYR GD 132 -64.13 76.45 10.06
N ASP GD 133 -64.34 75.16 9.86
CA ASP GD 133 -63.29 74.26 9.42
C ASP GD 133 -62.71 74.63 8.07
N ILE GD 134 -63.36 75.54 7.33
CA ILE GD 134 -62.91 75.93 6.00
C ILE GD 134 -61.52 76.53 5.98
N ASP GD 135 -61.03 77.04 7.11
CA ASP GD 135 -59.73 77.70 7.11
C ASP GD 135 -58.68 76.87 6.37
N ALA GD 136 -58.64 75.57 6.59
CA ALA GD 136 -57.74 74.68 5.87
C ALA GD 136 -58.51 73.52 5.26
N GLY GD 137 -59.65 73.83 4.66
CA GLY GD 137 -60.27 72.89 3.76
C GLY GD 137 -59.37 72.62 2.57
N GLU GD 138 -59.36 71.37 2.12
CA GLU GD 138 -58.75 71.04 0.83
C GLU GD 138 -57.26 71.37 0.78
N ASN GD 139 -56.52 70.94 1.80
CA ASN GD 139 -55.06 70.89 1.72
C ASN GD 139 -54.57 69.44 1.84
N GLY GD 140 -55.45 68.47 1.62
CA GLY GD 140 -55.14 67.07 1.80
C GLY GD 140 -55.37 66.54 3.19
N ARG GD 141 -55.49 67.38 4.18
CA ARG GD 141 -55.61 66.89 5.56
C ARG GD 141 -57.07 66.64 5.93
N PRO GD 142 -57.32 65.73 6.87
CA PRO GD 142 -58.69 65.42 7.28
C PRO GD 142 -59.32 66.54 8.08
N PRO GD 143 -60.64 66.56 8.18
CA PRO GD 143 -61.34 67.61 8.93
C PRO GD 143 -61.25 67.42 10.44
N LYS GD 144 -61.64 68.47 11.15
CA LYS GD 144 -61.54 68.61 12.60
C LYS GD 144 -62.94 68.72 13.22
N PRO GD 145 -63.10 68.31 14.47
CA PRO GD 145 -64.45 68.33 15.08
C PRO GD 145 -64.95 69.75 15.27
N VAL GD 146 -66.28 69.87 15.25
CA VAL GD 146 -66.96 71.17 15.24
C VAL GD 146 -67.16 71.69 16.67
N HIS GD 147 -67.21 73.01 16.80
CA HIS GD 147 -67.55 73.67 18.05
C HIS GD 147 -68.64 74.70 17.79
N LEU GD 148 -69.45 74.98 18.82
CA LEU GD 148 -70.63 75.84 18.72
C LEU GD 148 -70.73 76.76 19.92
N SER GD 149 -71.15 78.01 19.69
CA SER GD 149 -71.41 78.94 20.79
C SER GD 149 -72.75 79.63 20.60
N ALA GD 150 -73.49 79.81 21.70
CA ALA GD 150 -74.80 80.46 21.66
C ALA GD 150 -74.99 81.50 22.75
N LEU GD 151 -75.67 82.59 22.41
CA LEU GD 151 -76.15 83.59 23.34
C LEU GD 151 -77.67 83.68 23.26
N ALA GD 152 -78.34 83.89 24.38
CA ALA GD 152 -79.79 84.10 24.32
C ALA GD 152 -80.32 85.00 25.42
N VAL GD 153 -81.46 85.64 25.13
CA VAL GD 153 -82.12 86.55 26.05
C VAL GD 153 -83.49 85.98 26.42
N TYR GD 154 -83.81 86.01 27.72
CA TYR GD 154 -85.03 85.41 28.26
C TYR GD 154 -85.93 86.46 28.88
N GLU GD 155 -87.23 86.15 28.92
CA GLU GD 155 -88.15 86.92 29.76
C GLU GD 155 -87.82 86.80 31.23
N ARG GD 156 -88.20 87.84 31.98
CA ARG GD 156 -87.98 87.93 33.42
C ARG GD 156 -88.69 86.84 34.23
N GLY GD 157 -87.97 86.26 35.18
CA GLY GD 157 -88.49 85.16 35.99
C GLY GD 157 -88.36 83.77 35.43
N SER GD 158 -87.40 83.55 34.58
CA SER GD 158 -87.14 82.27 33.93
C SER GD 158 -86.04 81.51 34.65
N PRO GD 159 -86.21 80.24 35.00
CA PRO GD 159 -85.08 79.49 35.60
C PRO GD 159 -84.04 79.08 34.57
N LEU GD 160 -83.12 80.03 34.37
CA LEU GD 160 -82.06 79.91 33.38
C LEU GD 160 -81.27 78.62 33.54
N ALA GD 161 -80.89 78.30 34.78
CA ALA GD 161 -80.12 77.09 35.01
C ALA GD 161 -80.84 75.87 34.45
N HIS GD 162 -82.13 75.74 34.72
CA HIS GD 162 -82.87 74.60 34.18
C HIS GD 162 -83.07 74.70 32.68
N GLN GD 163 -82.95 75.88 32.10
CA GLN GD 163 -83.19 75.99 30.67
C GLN GD 163 -81.95 75.80 29.81
N ILE GD 164 -80.75 75.84 30.38
CA ILE GD 164 -79.56 75.60 29.56
C ILE GD 164 -79.56 74.19 28.98
N SER GD 165 -80.02 73.21 29.77
CA SER GD 165 -80.04 71.83 29.30
C SER GD 165 -80.78 71.65 27.98
N ASP GD 166 -81.98 72.20 27.87
CA ASP GD 166 -82.73 72.09 26.63
C ASP GD 166 -81.95 72.57 25.43
N ILE GD 167 -81.37 73.77 25.51
CA ILE GD 167 -80.59 74.29 24.41
C ILE GD 167 -79.46 73.35 24.04
N LYS GD 168 -78.63 72.97 25.02
CA LYS GD 168 -77.56 72.03 24.70
C LYS GD 168 -78.07 70.77 24.02
N ARG GD 169 -79.11 70.17 24.57
CA ARG GD 169 -79.70 68.98 23.97
C ARG GD 169 -80.09 69.23 22.52
N PHE GD 170 -80.76 70.34 22.25
CA PHE GD 170 -81.19 70.62 20.89
C PHE GD 170 -80.02 70.79 19.93
N LEU GD 171 -78.97 71.51 20.36
CA LEU GD 171 -77.82 71.75 19.48
C LEU GD 171 -76.99 70.49 19.23
N LYS GD 172 -76.78 69.67 20.25
CA LYS GD 172 -75.91 68.50 20.09
C LYS GD 172 -76.21 67.67 18.85
N ASN GD 173 -77.46 67.40 18.56
CA ASN GD 173 -77.78 66.52 17.45
C ASN GD 173 -77.99 67.22 16.13
N SER GD 174 -77.71 68.51 16.03
CA SER GD 174 -77.78 69.18 14.74
C SER GD 174 -76.54 68.94 13.89
N PHE GD 175 -75.50 68.32 14.43
CA PHE GD 175 -74.24 68.14 13.71
C PHE GD 175 -73.69 66.75 13.94
N ALA GD 176 -72.87 66.30 12.99
CA ALA GD 176 -72.50 64.89 12.95
C ALA GD 176 -71.63 64.45 14.11
N ASP GD 177 -70.89 65.38 14.73
CA ASP GD 177 -70.00 65.02 15.83
C ASP GD 177 -69.84 66.24 16.72
N VAL GD 178 -70.54 66.24 17.84
CA VAL GD 178 -70.49 67.34 18.79
C VAL GD 178 -70.54 66.74 20.18
N ASP GD 179 -69.73 67.28 21.07
CA ASP GD 179 -69.68 66.86 22.46
C ASP GD 179 -70.22 67.96 23.36
N TYR GD 180 -70.94 67.58 24.40
CA TYR GD 180 -71.44 68.55 25.36
C TYR GD 180 -70.32 69.45 25.84
N ASP GD 181 -69.10 68.92 25.92
CA ASP GD 181 -67.97 69.74 26.31
C ASP GD 181 -67.72 70.87 25.32
N ASN GD 182 -68.03 70.68 24.04
CA ASN GD 182 -67.75 71.67 23.01
C ASN GD 182 -68.88 72.66 22.77
N ILE GD 183 -69.90 72.74 23.62
CA ILE GD 183 -71.01 73.65 23.43
C ILE GD 183 -71.02 74.65 24.58
N SER GD 184 -70.86 75.93 24.25
CA SER GD 184 -70.93 77.03 25.19
C SER GD 184 -72.24 77.78 25.07
N VAL GD 185 -72.88 78.06 26.21
CA VAL GD 185 -74.18 78.72 26.24
C VAL GD 185 -74.16 79.83 27.28
N VAL GD 186 -74.54 81.04 26.87
CA VAL GD 186 -74.63 82.19 27.77
C VAL GD 186 -76.03 82.80 27.68
N LEU GD 187 -76.68 82.95 28.83
CA LEU GD 187 -78.05 83.44 28.93
C LEU GD 187 -78.13 84.70 29.77
N SER GD 188 -79.12 85.54 29.45
CA SER GD 188 -79.33 86.75 30.23
C SER GD 188 -80.81 87.09 30.23
N GLU GD 189 -81.23 87.84 31.26
CA GLU GD 189 -82.58 88.35 31.40
C GLU GD 189 -82.75 89.74 30.82
N ARG GD 190 -83.96 90.02 30.35
CA ARG GD 190 -84.34 91.35 29.91
C ARG GD 190 -84.24 92.39 31.01
N SER GD 191 -83.86 93.59 30.61
CA SER GD 191 -83.84 94.78 31.45
C SER GD 191 -85.24 95.28 31.79
N ASP GD 192 -85.30 96.19 32.75
CA ASP GD 192 -86.53 96.89 33.11
C ASP GD 192 -87.21 97.56 31.93
N ALA GD 193 -88.54 97.48 31.91
CA ALA GD 193 -89.35 98.09 30.86
C ALA GD 193 -89.42 99.61 30.94
N GLN GD 194 -89.21 100.26 29.80
CA GLN GD 194 -89.37 101.71 29.63
C GLN GD 194 -90.77 102.08 29.16
N LEU GD 195 -91.68 102.31 30.10
CA LEU GD 195 -93.07 102.59 29.77
C LEU GD 195 -93.46 104.06 29.88
N GLN GD 196 -92.97 104.76 30.89
CA GLN GD 196 -93.28 106.18 31.05
C GLN GD 196 -92.48 107.09 30.13
N ALA GD 197 -93.14 108.11 29.62
CA ALA GD 197 -92.54 109.09 28.72
C ALA GD 197 -91.59 110.04 29.44
N PRO GD 198 -90.54 110.50 28.76
CA PRO GD 198 -89.65 111.51 29.34
C PRO GD 198 -90.31 112.87 29.53
N GLY GD 199 -89.78 113.61 30.50
CA GLY GD 199 -90.25 114.97 30.76
C GLY GD 199 -89.70 116.00 29.79
N THR GD 200 -90.56 116.95 29.42
CA THR GD 200 -90.20 118.03 28.51
C THR GD 200 -89.43 119.13 29.23
N PRO GD 201 -88.34 119.64 28.66
CA PRO GD 201 -87.61 120.76 29.27
C PRO GD 201 -88.51 121.94 29.62
N VAL GD 202 -88.24 122.53 30.78
CA VAL GD 202 -88.93 123.73 31.23
C VAL GD 202 -88.48 124.95 30.45
N ASP HD 20 -100.91 111.11 15.43
CA ASP HD 20 -100.29 109.79 15.32
C ASP HD 20 -98.88 109.89 14.75
N LYS HD 21 -98.00 109.05 15.28
CA LYS HD 21 -96.60 109.00 14.86
C LYS HD 21 -96.34 107.74 14.04
N ASP HD 22 -95.58 107.91 12.98
CA ASP HD 22 -95.18 106.80 12.12
C ASP HD 22 -94.07 105.98 12.77
N LEU HD 23 -94.33 104.69 12.96
CA LEU HD 23 -93.35 103.72 13.41
C LEU HD 23 -92.60 103.09 12.26
N LEU HD 24 -93.30 102.56 11.26
CA LEU HD 24 -92.67 101.79 10.21
C LEU HD 24 -93.41 102.05 8.91
N LYS HD 25 -92.67 101.96 7.81
CA LYS HD 25 -93.25 102.08 6.48
C LYS HD 25 -92.69 101.02 5.55
N GLY HD 26 -93.42 100.79 4.46
CA GLY HD 26 -93.00 99.82 3.46
C GLY HD 26 -92.93 98.38 3.93
N LEU HD 27 -93.81 97.98 4.83
CA LEU HD 27 -93.81 96.60 5.30
C LEU HD 27 -94.49 95.67 4.29
N ASP HD 28 -94.13 94.40 4.38
CA ASP HD 28 -94.95 93.32 3.83
C ASP HD 28 -96.15 93.00 4.72
N GLN HD 29 -97.11 92.33 4.10
CA GLN HD 29 -98.29 91.86 4.80
C GLN HD 29 -97.94 90.96 5.98
N GLU HD 30 -96.95 90.10 5.81
CA GLU HD 30 -96.54 89.18 6.87
C GLU HD 30 -95.71 89.85 7.94
N GLN HD 31 -95.11 90.99 7.64
CA GLN HD 31 -94.38 91.74 8.66
C GLN HD 31 -95.34 92.62 9.45
N ALA HD 32 -96.32 93.17 8.77
CA ALA HD 32 -97.29 94.02 9.44
C ALA HD 32 -98.10 93.21 10.44
N ASN HD 33 -98.57 92.03 10.05
CA ASN HD 33 -99.43 91.31 11.00
C ASN HD 33 -98.65 90.83 12.22
N GLU HD 34 -97.37 90.51 12.07
CA GLU HD 34 -96.57 90.17 13.25
C GLU HD 34 -96.33 91.36 14.16
N VAL HD 35 -96.16 92.55 13.58
CA VAL HD 35 -95.97 93.71 14.43
C VAL HD 35 -97.24 94.01 15.19
N ILE HD 36 -98.39 94.00 14.50
CA ILE HD 36 -99.64 94.26 15.18
C ILE HD 36 -99.87 93.27 16.31
N ALA HD 37 -99.58 91.99 16.08
CA ALA HD 37 -99.77 90.99 17.12
C ALA HD 37 -98.94 91.28 18.36
N VAL HD 38 -97.68 91.68 18.17
CA VAL HD 38 -96.88 91.95 19.36
C VAL HD 38 -97.25 93.25 20.05
N LEU HD 39 -97.66 94.27 19.32
CA LEU HD 39 -98.12 95.47 20.03
C LEU HD 39 -99.38 95.19 20.82
N GLN HD 40 -100.36 94.53 20.21
CA GLN HD 40 -101.60 94.22 20.92
C GLN HD 40 -101.36 93.40 22.18
N MET HD 41 -100.45 92.45 22.14
CA MET HD 41 -100.22 91.66 23.35
C MET HD 41 -99.86 92.52 24.56
N HIS HD 42 -99.15 93.62 24.38
CA HIS HD 42 -98.78 94.49 25.49
C HIS HD 42 -99.76 95.63 25.73
N ASN HD 43 -100.99 95.51 25.25
CA ASN HD 43 -102.01 96.54 25.42
C ASN HD 43 -101.76 97.85 24.69
N ILE HD 44 -101.18 97.77 23.49
CA ILE HD 44 -100.95 98.95 22.67
C ILE HD 44 -101.84 98.86 21.44
N GLU HD 45 -102.79 99.78 21.33
CA GLU HD 45 -103.65 99.90 20.15
C GLU HD 45 -102.92 100.50 18.97
N ALA HD 46 -102.84 99.76 17.86
CA ALA HD 46 -102.10 100.17 16.68
C ALA HD 46 -103.01 100.19 15.47
N ASN HD 47 -102.58 100.90 14.42
CA ASN HD 47 -103.34 101.01 13.18
C ASN HD 47 -102.47 100.66 11.99
N LYS HD 48 -103.02 99.86 11.09
CA LYS HD 48 -102.37 99.43 9.86
C LYS HD 48 -102.99 100.14 8.66
N ILE HD 49 -102.15 100.77 7.85
CA ILE HD 49 -102.58 101.54 6.68
C ILE HD 49 -101.89 100.98 5.45
N ASP HD 50 -102.64 100.92 4.35
CA ASP HD 50 -102.17 100.39 3.08
C ASP HD 50 -101.99 101.50 2.05
N SER HD 51 -100.79 101.58 1.47
CA SER HD 51 -100.44 102.55 0.44
C SER HD 51 -100.19 101.88 -0.90
N GLY HD 52 -100.59 100.63 -1.05
CA GLY HD 52 -100.34 99.83 -2.23
C GLY HD 52 -98.92 99.50 -2.65
N LYS HD 53 -98.46 100.03 -3.77
CA LYS HD 53 -97.07 99.82 -4.18
C LYS HD 53 -96.05 100.27 -3.14
N LEU HD 54 -96.44 101.10 -2.18
CA LEU HD 54 -95.51 101.53 -1.15
C LEU HD 54 -95.57 100.65 0.10
N GLY HD 55 -96.45 99.65 0.12
CA GLY HD 55 -96.68 98.80 1.27
C GLY HD 55 -97.50 99.38 2.42
N TYR HD 56 -97.39 98.69 3.54
CA TYR HD 56 -98.09 99.06 4.77
C TYR HD 56 -97.29 99.93 5.72
N SER HD 57 -98.02 100.75 6.45
CA SER HD 57 -97.52 101.68 7.46
C SER HD 57 -98.24 101.40 8.76
N ILE HD 58 -97.56 101.61 9.88
CA ILE HD 58 -98.09 101.33 11.21
C ILE HD 58 -98.00 102.60 12.05
N THR HD 59 -99.10 102.93 12.72
CA THR HD 59 -99.15 104.15 13.54
C THR HD 59 -99.77 103.88 14.90
N VAL HD 60 -99.36 104.69 15.89
CA VAL HD 60 -99.86 104.61 17.25
C VAL HD 60 -100.01 106.02 17.80
N ALA HD 61 -100.78 106.11 18.89
CA ALA HD 61 -100.91 107.36 19.64
C ALA HD 61 -99.64 107.70 20.43
N GLU HD 62 -99.53 108.99 20.71
CA GLU HD 62 -98.40 109.53 21.48
C GLU HD 62 -98.24 108.91 22.85
N PRO HD 63 -99.26 108.83 23.69
CA PRO HD 63 -99.06 108.17 24.99
C PRO HD 63 -98.46 106.78 24.89
N ASP HD 64 -98.62 106.08 23.77
CA ASP HD 64 -98.09 104.74 23.61
C ASP HD 64 -96.82 104.69 22.77
N PHE HD 65 -96.39 105.82 22.22
CA PHE HD 65 -95.23 105.84 21.34
C PHE HD 65 -93.98 105.28 22.03
N THR HD 66 -93.65 105.79 23.20
CA THR HD 66 -92.48 105.32 23.93
C THR HD 66 -92.46 103.82 24.12
N ALA HD 67 -93.53 103.26 24.65
CA ALA HD 67 -93.61 101.82 24.83
C ALA HD 67 -93.46 101.09 23.50
N ALA HD 68 -94.14 101.55 22.46
CA ALA HD 68 -94.03 100.85 21.19
C ALA HD 68 -92.61 100.82 20.69
N VAL HD 69 -91.87 101.91 20.87
CA VAL HD 69 -90.46 101.95 20.49
C VAL HD 69 -89.65 100.93 21.28
N TYR HD 70 -89.83 100.92 22.59
CA TYR HD 70 -89.09 99.96 23.41
C TYR HD 70 -89.37 98.51 23.05
N TRP HD 71 -90.62 98.16 22.75
CA TRP HD 71 -90.90 96.78 22.34
C TRP HD 71 -90.38 96.46 20.94
N ILE HD 72 -90.48 97.39 20.00
CA ILE HD 72 -89.87 97.16 18.69
C ILE HD 72 -88.39 96.90 18.82
N LYS HD 73 -87.70 97.61 19.70
CA LYS HD 73 -86.31 97.28 19.94
C LYS HD 73 -86.16 95.91 20.57
N THR HD 74 -86.96 95.60 21.57
CA THR HD 74 -86.70 94.37 22.30
C THR HD 74 -86.90 93.15 21.44
N TYR HD 75 -87.95 93.14 20.61
CA TYR HD 75 -88.16 92.01 19.71
C TYR HD 75 -87.43 92.14 18.38
N GLN HD 76 -86.71 93.23 18.15
CA GLN HD 76 -86.00 93.44 16.89
C GLN HD 76 -86.91 93.33 15.67
N LEU HD 77 -88.13 93.81 15.79
CA LEU HD 77 -89.04 93.82 14.67
C LEU HD 77 -88.57 94.84 13.65
N PRO HD 78 -89.08 94.77 12.41
CA PRO HD 78 -89.87 93.72 11.77
C PRO HD 78 -89.07 92.47 11.53
N PRO HD 79 -89.72 91.33 11.38
CA PRO HD 79 -88.99 90.07 11.22
C PRO HD 79 -88.28 90.00 9.88
N ARG HD 80 -87.14 89.33 9.89
CA ARG HD 80 -86.41 88.99 8.68
C ARG HD 80 -87.07 87.83 7.95
N PRO HD 81 -86.85 87.71 6.65
CA PRO HD 81 -87.42 86.58 5.91
C PRO HD 81 -86.83 85.26 6.34
N ARG HD 82 -87.60 84.20 6.13
CA ARG HD 82 -87.18 82.85 6.48
C ARG HD 82 -86.07 82.35 5.56
N VAL HD 83 -85.11 81.65 6.15
CA VAL HD 83 -83.91 81.19 5.46
C VAL HD 83 -84.01 79.70 5.17
N GLU HD 84 -83.67 79.29 3.95
CA GLU HD 84 -83.59 77.88 3.59
C GLU HD 84 -82.36 77.62 2.73
N ILE HD 85 -81.68 76.50 2.99
CA ILE HD 85 -80.34 76.29 2.46
C ILE HD 85 -80.34 76.27 0.94
N ALA HD 86 -81.42 75.80 0.33
CA ALA HD 86 -81.52 75.80 -1.12
C ALA HD 86 -81.30 77.17 -1.73
N GLN HD 87 -81.52 78.25 -1.00
CA GLN HD 87 -81.35 79.58 -1.57
C GLN HD 87 -79.89 79.90 -1.87
N MET HD 88 -78.94 79.28 -1.18
CA MET HD 88 -77.53 79.55 -1.45
C MET HD 88 -77.00 78.84 -2.68
N PHE HD 89 -77.75 77.93 -3.27
CA PHE HD 89 -77.30 77.15 -4.41
C PHE HD 89 -78.42 77.08 -5.42
N PRO HD 90 -78.80 78.22 -6.01
CA PRO HD 90 -79.93 78.24 -6.92
C PRO HD 90 -79.79 77.17 -7.99
N ALA HD 91 -80.91 76.49 -8.26
CA ALA HD 91 -80.95 75.46 -9.28
C ALA HD 91 -80.82 76.02 -10.68
N ASP HD 92 -80.92 77.32 -10.86
CA ASP HD 92 -80.78 77.95 -12.16
C ASP HD 92 -79.32 78.09 -12.61
N SER HD 93 -78.37 77.54 -11.85
CA SER HD 93 -76.99 77.60 -12.27
C SER HD 93 -76.79 76.74 -13.51
N LEU HD 94 -75.74 77.06 -14.27
CA LEU HD 94 -75.35 76.26 -15.42
C LEU HD 94 -74.34 75.18 -15.06
N VAL HD 95 -73.80 75.21 -13.86
CA VAL HD 95 -72.88 74.18 -13.39
C VAL HD 95 -73.31 73.77 -12.00
N SER HD 96 -73.07 72.51 -11.66
CA SER HD 96 -73.24 72.07 -10.28
C SER HD 96 -72.16 71.09 -9.89
N SER HD 97 -71.58 71.30 -8.73
CA SER HD 97 -70.72 70.33 -8.10
C SER HD 97 -71.57 69.25 -7.47
N PRO HD 98 -70.99 68.10 -7.15
CA PRO HD 98 -71.73 67.15 -6.31
C PRO HD 98 -72.23 67.77 -5.01
N ARG HD 99 -71.47 68.72 -4.47
CA ARG HD 99 -71.77 69.27 -3.16
C ARG HD 99 -73.06 70.09 -3.20
N ALA HD 100 -73.21 70.91 -4.22
CA ALA HD 100 -74.42 71.71 -4.37
C ALA HD 100 -75.65 70.82 -4.54
N GLU HD 101 -75.57 69.84 -5.43
CA GLU HD 101 -76.70 68.93 -5.60
C GLU HD 101 -77.09 68.26 -4.29
N LYS HD 102 -76.12 67.70 -3.59
CA LYS HD 102 -76.40 67.06 -2.31
C LYS HD 102 -77.03 68.02 -1.30
N ALA HD 103 -76.57 69.27 -1.28
CA ALA HD 103 -77.17 70.26 -0.40
C ALA HD 103 -78.62 70.52 -0.74
N ARG HD 104 -78.92 70.80 -2.01
CA ARG HD 104 -80.32 70.99 -2.39
C ARG HD 104 -81.18 69.81 -1.95
N LEU HD 105 -80.70 68.59 -2.18
CA LEU HD 105 -81.44 67.42 -1.75
C LEU HD 105 -81.82 67.48 -0.28
N TYR HD 106 -80.83 67.62 0.60
CA TYR HD 106 -81.16 67.68 2.02
C TYR HD 106 -82.01 68.89 2.38
N SER HD 107 -81.80 70.02 1.72
CA SER HD 107 -82.60 71.20 2.00
C SER HD 107 -84.03 71.07 1.55
N ALA HD 108 -84.35 70.05 0.77
CA ALA HD 108 -85.74 69.78 0.43
C ALA HD 108 -86.36 68.69 1.28
N ILE HD 109 -85.56 67.73 1.73
CA ILE HD 109 -86.08 66.76 2.68
C ILE HD 109 -86.47 67.42 3.99
N GLU HD 110 -85.65 68.33 4.51
CA GLU HD 110 -86.01 69.02 5.75
C GLU HD 110 -87.39 69.66 5.66
N GLN HD 111 -87.63 70.39 4.58
CA GLN HD 111 -88.90 71.09 4.45
C GLN HD 111 -90.05 70.11 4.33
N ARG HD 112 -89.85 69.03 3.59
CA ARG HD 112 -90.96 68.10 3.42
C ARG HD 112 -91.32 67.41 4.73
N LEU HD 113 -90.33 67.19 5.59
CA LEU HD 113 -90.67 66.62 6.90
C LEU HD 113 -91.39 67.61 7.80
N GLU HD 114 -90.92 68.85 7.88
CA GLU HD 114 -91.69 69.82 8.67
C GLU HD 114 -93.14 69.91 8.20
N GLN HD 115 -93.35 69.85 6.89
CA GLN HD 115 -94.71 69.90 6.38
C GLN HD 115 -95.50 68.68 6.72
N SER HD 116 -94.85 67.53 6.87
CA SER HD 116 -95.62 66.36 7.27
C SER HD 116 -95.95 66.38 8.74
N LEU HD 117 -95.00 66.75 9.60
CA LEU HD 117 -95.31 66.81 11.03
C LEU HD 117 -96.44 67.75 11.35
N GLN HD 118 -96.56 68.87 10.63
CA GLN HD 118 -97.70 69.73 10.97
C GLN HD 118 -99.06 69.07 10.78
N THR HD 119 -99.15 67.92 10.11
CA THR HD 119 -100.43 67.24 9.96
C THR HD 119 -100.79 66.31 11.11
N MET HD 120 -99.88 65.99 12.02
CA MET HD 120 -100.24 65.08 13.10
C MET HD 120 -101.32 65.72 13.97
N GLU HD 121 -101.81 64.93 14.93
CA GLU HD 121 -102.85 65.39 15.84
C GLU HD 121 -102.44 66.53 16.75
N GLY HD 122 -103.04 67.70 16.54
CA GLY HD 122 -102.89 68.81 17.45
C GLY HD 122 -101.54 69.47 17.48
N VAL HD 123 -100.69 69.21 16.51
CA VAL HD 123 -99.47 70.00 16.35
C VAL HD 123 -99.78 71.28 15.60
N LEU HD 124 -99.32 72.41 16.13
CA LEU HD 124 -99.54 73.67 15.44
C LEU HD 124 -98.40 73.99 14.48
N SER HD 125 -97.17 73.84 14.92
CA SER HD 125 -96.03 74.17 14.10
C SER HD 125 -94.82 73.39 14.59
N ALA HD 126 -93.85 73.23 13.69
CA ALA HD 126 -92.69 72.41 13.99
C ALA HD 126 -91.52 72.84 13.13
N ARG HD 127 -90.34 72.41 13.55
CA ARG HD 127 -89.10 72.68 12.85
C ARG HD 127 -88.23 71.44 12.91
N VAL HD 128 -87.41 71.22 11.88
CA VAL HD 128 -86.55 70.05 11.81
C VAL HD 128 -85.19 70.47 11.27
N HIS HD 129 -84.15 69.78 11.74
CA HIS HD 129 -82.79 70.00 11.28
C HIS HD 129 -82.11 68.67 11.03
N ILE HD 130 -81.30 68.60 9.97
CA ILE HD 130 -80.57 67.39 9.59
C ILE HD 130 -79.08 67.69 9.57
N SER HD 131 -78.28 66.75 10.06
CA SER HD 131 -76.82 66.88 9.98
C SER HD 131 -76.33 66.75 8.54
N TYR HD 132 -75.87 67.85 7.96
CA TYR HD 132 -75.19 67.84 6.66
C TYR HD 132 -73.78 67.26 6.78
N ASP HD 133 -73.60 66.00 6.40
CA ASP HD 133 -72.24 65.54 6.11
C ASP HD 133 -71.68 66.15 4.84
N ILE HD 134 -72.54 66.80 4.05
CA ILE HD 134 -72.20 67.24 2.71
C ILE HD 134 -71.04 68.21 2.67
N ASP HD 135 -70.74 68.85 3.79
CA ASP HD 135 -69.59 69.73 3.85
C ASP HD 135 -68.25 69.00 3.71
N ALA HD 136 -68.26 67.67 3.69
CA ALA HD 136 -67.12 66.90 3.24
C ALA HD 136 -67.60 65.75 2.38
N GLY HD 137 -66.70 65.24 1.54
CA GLY HD 137 -66.94 64.02 0.81
C GLY HD 137 -66.78 62.75 1.61
N GLU HD 138 -66.38 62.84 2.88
CA GLU HD 138 -66.08 61.65 3.69
C GLU HD 138 -65.09 60.77 2.95
N ASN HD 139 -64.16 61.43 2.26
CA ASN HD 139 -63.37 60.83 1.18
C ASN HD 139 -62.53 59.67 1.69
N GLY HD 140 -62.80 58.47 1.17
CA GLY HD 140 -62.07 57.30 1.60
C GLY HD 140 -62.42 56.81 2.98
N ARG HD 141 -63.45 57.38 3.60
CA ARG HD 141 -63.83 57.08 4.96
C ARG HD 141 -65.25 56.49 4.97
N PRO HD 142 -65.55 55.61 5.92
CA PRO HD 142 -66.92 55.15 6.09
C PRO HD 142 -67.82 56.30 6.53
N PRO HD 143 -68.82 56.65 5.73
CA PRO HD 143 -69.54 57.91 6.00
C PRO HD 143 -70.33 57.86 7.29
N LYS HD 144 -70.28 58.97 8.02
CA LYS HD 144 -70.82 59.07 9.37
C LYS HD 144 -72.35 58.92 9.36
N PRO HD 145 -72.93 58.43 10.46
CA PRO HD 145 -74.38 58.34 10.54
C PRO HD 145 -75.04 59.70 10.69
N VAL HD 146 -76.32 59.73 10.33
CA VAL HD 146 -77.14 60.95 10.34
C VAL HD 146 -77.69 61.26 11.73
N HIS HD 147 -77.86 62.55 11.99
CA HIS HD 147 -78.48 63.04 13.21
C HIS HD 147 -79.60 64.01 12.85
N LEU HD 148 -80.60 64.10 13.73
CA LEU HD 148 -81.79 64.90 13.53
C LEU HD 148 -82.16 65.67 14.77
N SER HD 149 -82.78 66.83 14.59
CA SER HD 149 -83.39 67.56 15.70
C SER HD 149 -84.75 68.09 15.32
N ALA HD 150 -85.69 68.12 16.26
CA ALA HD 150 -87.01 68.67 15.98
C ALA HD 150 -87.57 69.44 17.16
N LEU HD 151 -88.32 70.49 16.84
CA LEU HD 151 -89.05 71.31 17.79
C LEU HD 151 -90.52 71.30 17.41
N ALA HD 152 -91.41 71.31 18.41
CA ALA HD 152 -92.83 71.40 18.08
C ALA HD 152 -93.64 72.09 19.16
N VAL HD 153 -94.77 72.67 18.74
CA VAL HD 153 -95.69 73.39 19.60
C VAL HD 153 -97.04 72.68 19.63
N TYR HD 154 -97.48 72.27 20.81
CA TYR HD 154 -98.74 71.56 21.00
C TYR HD 154 -99.83 72.45 21.56
N GLU HD 155 -101.08 72.00 21.35
CA GLU HD 155 -102.23 72.56 22.02
C GLU HD 155 -102.27 72.21 23.51
N ARG HD 156 -102.93 73.08 24.26
CA ARG HD 156 -103.05 72.93 25.71
C ARG HD 156 -103.76 71.66 26.13
N GLY HD 157 -103.20 70.98 27.13
CA GLY HD 157 -103.72 69.70 27.59
C GLY HD 157 -103.25 68.47 26.86
N SER HD 158 -102.08 68.50 26.27
CA SER HD 158 -101.50 67.41 25.51
C SER HD 158 -100.52 66.63 26.37
N PRO HD 159 -100.59 65.30 26.45
CA PRO HD 159 -99.57 64.55 27.20
C PRO HD 159 -98.26 64.44 26.44
N LEU HD 160 -97.46 65.49 26.64
CA LEU HD 160 -96.19 65.64 25.94
C LEU HD 160 -95.29 64.41 26.11
N ALA HD 161 -95.17 63.91 27.33
CA ALA HD 161 -94.33 62.74 27.58
C ALA HD 161 -94.74 61.58 26.69
N HIS HD 162 -96.03 61.29 26.62
CA HIS HD 162 -96.47 60.22 25.76
C HIS HD 162 -96.38 60.54 24.28
N GLN HD 163 -96.28 61.80 23.90
CA GLN HD 163 -96.21 62.08 22.48
C GLN HD 163 -94.80 62.15 21.92
N ILE HD 164 -93.77 62.23 22.75
CA ILE HD 164 -92.42 62.22 22.17
C ILE HD 164 -92.12 60.90 21.48
N SER HD 165 -92.60 59.80 22.06
CA SER HD 165 -92.37 58.48 21.46
C SER HD 165 -92.82 58.40 20.02
N ASP HD 166 -94.05 58.81 19.73
CA ASP HD 166 -94.55 58.76 18.36
C ASP HD 166 -93.63 59.49 17.39
N ILE HD 167 -93.26 60.72 17.71
CA ILE HD 167 -92.36 61.47 16.85
C ILE HD 167 -91.06 60.71 16.61
N LYS HD 168 -90.38 60.29 17.67
CA LYS HD 168 -89.16 59.53 17.46
C LYS HD 168 -89.38 58.33 16.55
N ARG HD 169 -90.42 57.55 16.81
CA ARG HD 169 -90.72 56.39 15.96
C ARG HD 169 -90.87 56.80 14.50
N PHE HD 170 -91.62 57.85 14.23
CA PHE HD 170 -91.82 58.26 12.85
C PHE HD 170 -90.53 58.70 12.19
N LEU HD 171 -89.70 59.45 12.89
CA LEU HD 171 -88.45 59.90 12.28
C LEU HD 171 -87.46 58.77 12.05
N LYS HD 172 -87.35 57.84 12.99
CA LYS HD 172 -86.36 56.77 12.87
C LYS HD 172 -86.36 56.07 11.52
N ASN HD 173 -87.51 55.73 10.98
CA ASN HD 173 -87.56 55.01 9.72
C ASN HD 173 -87.48 55.89 8.48
N SER HD 174 -87.33 57.19 8.63
CA SER HD 174 -87.23 58.02 7.43
C SER HD 174 -85.84 58.00 6.83
N PHE HD 175 -84.86 57.36 7.46
CA PHE HD 175 -83.50 57.37 6.97
C PHE HD 175 -82.83 56.02 7.15
N ALA HD 176 -81.84 55.76 6.30
CA ALA HD 176 -81.15 54.48 6.25
C ALA HD 176 -80.55 54.04 7.57
N ASP HD 177 -80.06 54.95 8.40
CA ASP HD 177 -79.41 54.55 9.64
C ASP HD 177 -79.56 55.64 10.68
N VAL HD 178 -80.47 55.43 11.61
CA VAL HD 178 -80.73 56.39 12.67
C VAL HD 178 -80.99 55.61 13.94
N ASP HD 179 -80.42 56.07 15.03
CA ASP HD 179 -80.61 55.48 16.34
C ASP HD 179 -81.42 56.42 17.21
N TYR HD 180 -82.29 55.85 18.03
CA TYR HD 180 -83.06 56.68 18.95
C TYR HD 180 -82.15 57.59 19.77
N ASP HD 181 -80.94 57.13 20.05
CA ASP HD 181 -80.00 57.96 20.78
C ASP HD 181 -79.63 59.24 20.03
N ASN HD 182 -79.64 59.21 18.69
CA ASN HD 182 -79.25 60.37 17.89
C ASN HD 182 -80.39 61.32 17.53
N ILE HD 183 -81.56 61.19 18.13
CA ILE HD 183 -82.70 62.06 17.83
C ILE HD 183 -83.08 62.87 19.07
N SER HD 184 -83.01 64.19 18.94
CA SER HD 184 -83.41 65.13 19.97
C SER HD 184 -84.75 65.75 19.61
N VAL HD 185 -85.67 65.80 20.58
CA VAL HD 185 -87.01 66.33 20.37
C VAL HD 185 -87.36 67.24 21.53
N VAL HD 186 -87.79 68.47 21.21
CA VAL HD 186 -88.20 69.44 22.22
C VAL HD 186 -89.61 69.94 21.91
N LEU HD 187 -90.48 69.84 22.90
CA LEU HD 187 -91.89 70.18 22.79
C LEU HD 187 -92.28 71.27 23.78
N SER HD 188 -93.27 72.08 23.39
CA SER HD 188 -93.78 73.12 24.27
C SER HD 188 -95.26 73.34 23.99
N GLU HD 189 -95.96 73.87 25.00
CA GLU HD 189 -97.37 74.23 24.88
C GLU HD 189 -97.59 75.68 24.46
N ARG HD 190 -98.72 75.89 23.79
CA ARG HD 190 -99.16 77.23 23.43
C ARG HD 190 -99.45 78.09 24.65
N SER HD 191 -99.06 79.35 24.55
CA SER HD 191 -99.34 80.39 25.52
C SER HD 191 -100.82 80.72 25.62
N ASP HD 192 -101.16 81.47 26.66
CA ASP HD 192 -102.51 81.98 26.85
C ASP HD 192 -103.02 82.78 25.65
N ALA HD 193 -104.29 82.59 25.34
CA ALA HD 193 -104.97 83.28 24.25
C ALA HD 193 -105.22 84.75 24.52
N GLN HD 194 -104.91 85.59 23.53
CA GLN HD 194 -105.20 87.03 23.54
C GLN HD 194 -106.53 87.32 22.87
N LEU HD 195 -107.60 87.30 23.64
CA LEU HD 195 -108.95 87.47 23.11
C LEU HD 195 -109.54 88.86 23.34
N GLN HD 196 -109.33 89.47 24.50
CA GLN HD 196 -109.87 90.80 24.76
C GLN HD 196 -109.04 91.89 24.09
N ALA HD 197 -109.75 92.88 23.56
CA ALA HD 197 -109.13 94.02 22.89
C ALA HD 197 -108.47 94.99 23.86
N PRO HD 198 -107.39 95.64 23.44
CA PRO HD 198 -106.76 96.67 24.27
C PRO HD 198 -107.62 97.90 24.45
N GLY HD 199 -107.38 98.59 25.56
CA GLY HD 199 -108.06 99.83 25.88
C GLY HD 199 -107.50 101.02 25.13
N THR HD 200 -108.39 101.90 24.70
CA THR HD 200 -108.02 103.12 23.99
C THR HD 200 -107.51 104.19 24.96
N PRO HD 201 -106.39 104.86 24.65
CA PRO HD 201 -105.92 105.95 25.51
C PRO HD 201 -107.01 106.98 25.76
N VAL HD 202 -107.05 107.48 27.00
CA VAL HD 202 -107.98 108.54 27.35
C VAL HD 202 -107.50 109.85 26.76
N ASP ID 20 -114.83 97.53 8.46
CA ASP ID 20 -114.18 96.22 8.39
C ASP ID 20 -112.70 96.40 8.15
N LYS ID 21 -111.90 95.51 8.74
CA LYS ID 21 -110.45 95.57 8.61
C LYS ID 21 -109.93 94.44 7.73
N ASP ID 22 -108.98 94.79 6.87
CA ASP ID 22 -108.31 93.84 5.99
C ASP ID 22 -107.25 93.04 6.74
N LEU ID 23 -107.39 91.73 6.71
CA LEU ID 23 -106.39 90.81 7.22
C LEU ID 23 -105.36 90.48 6.15
N LEU ID 24 -105.81 89.97 5.01
CA LEU ID 24 -104.89 89.43 4.01
C LEU ID 24 -105.41 89.78 2.63
N LYS ID 25 -104.49 89.98 1.69
CA LYS ID 25 -104.83 90.28 0.31
C LYS ID 25 -103.94 89.50 -0.65
N GLY ID 26 -104.37 89.46 -1.90
CA GLY ID 26 -103.66 88.72 -2.93
C GLY ID 26 -103.49 87.24 -2.65
N LEU ID 27 -104.45 86.63 -1.96
CA LEU ID 27 -104.38 85.21 -1.68
C LEU ID 27 -104.75 84.39 -2.90
N ASP ID 28 -104.28 83.14 -2.91
CA ASP ID 28 -104.82 82.13 -3.80
C ASP ID 28 -106.10 81.52 -3.23
N GLN ID 29 -106.89 80.93 -4.12
CA GLN ID 29 -108.13 80.26 -3.75
C GLN ID 29 -107.93 79.20 -2.65
N GLU ID 30 -107.03 78.25 -2.92
CA GLU ID 30 -106.75 77.18 -1.99
C GLU ID 30 -106.15 77.70 -0.71
N GLN ID 31 -105.54 78.86 -0.78
CA GLN ID 31 -104.84 79.48 0.33
C GLN ID 31 -105.77 80.31 1.20
N ALA ID 32 -106.90 80.74 0.64
CA ALA ID 32 -107.94 81.49 1.32
C ALA ID 32 -108.95 80.59 2.04
N ASN ID 33 -109.39 79.54 1.38
CA ASN ID 33 -110.35 78.64 2.02
C ASN ID 33 -109.80 78.01 3.29
N GLU ID 34 -108.49 77.84 3.40
CA GLU ID 34 -107.91 77.41 4.65
C GLU ID 34 -108.04 78.44 5.76
N VAL ID 35 -107.87 79.71 5.43
CA VAL ID 35 -108.00 80.75 6.45
C VAL ID 35 -109.44 80.81 6.94
N ILE ID 36 -110.39 80.82 6.01
CA ILE ID 36 -111.79 80.81 6.43
C ILE ID 36 -112.07 79.63 7.34
N ALA ID 37 -111.56 78.45 7.00
CA ALA ID 37 -111.80 77.28 7.82
C ALA ID 37 -111.27 77.45 9.24
N VAL ID 38 -110.05 77.93 9.37
CA VAL ID 38 -109.46 78.10 10.69
C VAL ID 38 -110.17 79.16 11.50
N LEU ID 39 -110.62 80.24 10.87
CA LEU ID 39 -111.34 81.23 11.65
C LEU ID 39 -112.70 80.73 12.10
N GLN ID 40 -113.48 80.15 11.18
CA GLN ID 40 -114.76 79.59 11.56
C GLN ID 40 -114.66 78.64 12.72
N MET ID 41 -113.62 77.83 12.77
CA MET ID 41 -113.51 76.92 13.90
C MET ID 41 -113.52 77.64 15.25
N HIS ID 42 -112.94 78.83 15.34
CA HIS ID 42 -112.88 79.59 16.58
C HIS ID 42 -114.01 80.59 16.77
N ASN ID 43 -115.12 80.44 16.07
CA ASN ID 43 -116.26 81.34 16.16
C ASN ID 43 -116.02 82.76 15.66
N ILE ID 44 -115.24 82.90 14.60
CA ILE ID 44 -114.98 84.21 13.99
C ILE ID 44 -115.62 84.20 12.61
N GLU ID 45 -116.61 85.05 12.41
CA GLU ID 45 -117.26 85.23 11.12
C GLU ID 45 -116.41 86.05 10.15
N ALA ID 46 -116.06 85.46 9.00
CA ALA ID 46 -115.18 86.09 8.04
C ALA ID 46 -115.85 86.17 6.67
N ASN ID 47 -115.35 87.05 5.82
CA ASN ID 47 -115.86 87.25 4.46
C ASN ID 47 -114.73 87.19 3.44
N LYS ID 48 -114.98 86.47 2.35
CA LYS ID 48 -114.04 86.32 1.24
C LYS ID 48 -114.53 87.12 0.05
N ILE ID 49 -113.67 87.99 -0.48
CA ILE ID 49 -113.97 88.88 -1.59
C ILE ID 49 -112.99 88.62 -2.71
N ASP ID 50 -113.48 88.67 -3.95
CA ASP ID 50 -112.67 88.43 -5.14
C ASP ID 50 -112.45 89.70 -5.94
N SER ID 51 -111.17 90.01 -6.20
CA SER ID 51 -110.75 91.16 -6.99
C SER ID 51 -110.12 90.74 -8.30
N GLY ID 52 -110.29 89.49 -8.71
CA GLY ID 52 -109.69 88.92 -9.89
C GLY ID 52 -108.18 88.82 -9.98
N LYS ID 53 -107.55 89.58 -10.88
CA LYS ID 53 -106.10 89.60 -10.95
C LYS ID 53 -105.42 89.97 -9.64
N LEU ID 54 -106.14 90.58 -8.71
CA LEU ID 54 -105.57 90.92 -7.42
C LEU ID 54 -105.80 89.83 -6.37
N GLY ID 55 -106.49 88.75 -6.74
CA GLY ID 55 -106.84 87.69 -5.83
C GLY ID 55 -107.95 87.94 -4.83
N TYR ID 56 -107.98 87.08 -3.83
CA TYR ID 56 -108.95 87.13 -2.75
C TYR ID 56 -108.48 87.92 -1.55
N SER ID 57 -109.45 88.52 -0.89
CA SER ID 57 -109.26 89.32 0.31
C SER ID 57 -110.15 88.74 1.40
N ILE ID 58 -109.67 88.84 2.64
CA ILE ID 58 -110.37 88.32 3.80
C ILE ID 58 -110.64 89.48 4.74
N THR ID 59 -111.87 89.57 5.23
CA THR ID 59 -112.23 90.68 6.12
C THR ID 59 -113.06 90.16 7.28
N VAL ID 60 -112.96 90.87 8.40
CA VAL ID 60 -113.67 90.54 9.63
C VAL ID 60 -114.12 91.83 10.30
N ALA ID 61 -115.07 91.68 11.22
CA ALA ID 61 -115.49 92.80 12.05
C ALA ID 61 -114.44 93.20 13.10
N GLU ID 62 -114.56 94.45 13.51
CA GLU ID 62 -113.66 95.02 14.52
C GLU ID 62 -113.65 94.27 15.83
N PRO ID 63 -114.78 93.97 16.46
CA PRO ID 63 -114.73 93.21 17.71
C PRO ID 63 -113.95 91.91 17.61
N ASP ID 64 -113.82 91.34 16.43
CA ASP ID 64 -113.10 90.08 16.25
C ASP ID 64 -111.70 90.26 15.69
N PHE ID 65 -111.33 91.49 15.35
CA PHE ID 65 -110.03 91.73 14.73
C PHE ID 65 -108.87 91.22 15.60
N THR ID 66 -108.84 91.60 16.87
CA THR ID 66 -107.78 91.13 17.77
C THR ID 66 -107.61 89.62 17.76
N ALA ID 67 -108.71 88.90 18.00
CA ALA ID 67 -108.64 87.44 17.96
C ALA ID 67 -108.15 86.92 16.63
N ALA ID 68 -108.68 87.44 15.53
CA ALA ID 68 -108.25 86.96 14.23
C ALA ID 68 -106.75 87.14 14.03
N VAL ID 69 -106.21 88.27 14.45
CA VAL ID 69 -104.77 88.48 14.37
C VAL ID 69 -104.01 87.44 15.18
N TYR ID 70 -104.46 87.19 16.40
CA TYR ID 70 -103.78 86.20 17.23
C TYR ID 70 -103.80 84.82 16.61
N TRP ID 71 -104.91 84.40 16.04
CA TRP ID 71 -104.94 83.08 15.42
C TRP ID 71 -104.11 83.00 14.16
N ILE ID 72 -104.15 84.03 13.31
CA ILE ID 72 -103.30 84.03 12.13
C ILE ID 72 -101.84 83.87 12.52
N LYS ID 73 -101.41 84.59 13.54
CA LYS ID 73 -100.03 84.39 14.01
C LYS ID 73 -99.84 82.96 14.51
N THR ID 74 -100.74 82.48 15.34
CA THR ID 74 -100.49 81.21 16.02
C THR ID 74 -100.40 80.05 15.03
N TYR ID 75 -101.26 80.02 14.02
CA TYR ID 75 -101.16 79.00 12.98
C TYR ID 75 -100.19 79.34 11.86
N GLN ID 76 -99.55 80.50 11.89
CA GLN ID 76 -98.66 80.91 10.82
C GLN ID 76 -99.31 80.85 9.45
N LEU ID 77 -100.45 81.49 9.34
CA LEU ID 77 -101.16 81.57 8.08
C LEU ID 77 -100.64 82.74 7.27
N PRO ID 78 -100.83 82.74 5.95
CA PRO ID 78 -101.39 81.72 5.06
C PRO ID 78 -100.47 80.55 4.86
N PRO ID 79 -101.00 79.40 4.46
CA PRO ID 79 -100.14 78.24 4.23
C PRO ID 79 -99.27 78.43 3.01
N ARG ID 80 -98.20 77.66 2.96
CA ARG ID 80 -97.23 77.71 1.88
C ARG ID 80 -97.61 76.74 0.78
N PRO ID 81 -96.97 76.83 -0.38
CA PRO ID 81 -97.02 75.71 -1.33
C PRO ID 81 -96.35 74.46 -0.78
N ARG ID 82 -96.84 73.31 -1.24
CA ARG ID 82 -96.31 72.02 -0.83
C ARG ID 82 -95.07 71.67 -1.64
N VAL ID 83 -94.12 71.00 -0.99
CA VAL ID 83 -92.81 70.73 -1.56
C VAL ID 83 -92.70 69.29 -2.01
N GLU ID 84 -92.12 69.08 -3.19
CA GLU ID 84 -91.74 67.77 -3.70
C GLU ID 84 -90.34 67.80 -4.28
N ILE ID 85 -89.57 66.75 -4.01
CA ILE ID 85 -88.14 66.78 -4.29
C ILE ID 85 -87.86 67.01 -5.77
N ALA ID 86 -88.73 66.51 -6.64
CA ALA ID 86 -88.53 66.73 -8.07
C ALA ID 86 -88.46 68.19 -8.44
N GLN ID 87 -88.97 69.09 -7.61
CA GLN ID 87 -88.85 70.51 -7.90
C GLN ID 87 -87.42 71.01 -7.83
N MET ID 88 -86.53 70.28 -7.19
CA MET ID 88 -85.14 70.67 -7.02
C MET ID 88 -84.23 70.28 -8.18
N PHE ID 89 -84.68 69.40 -9.08
CA PHE ID 89 -83.82 68.88 -10.14
C PHE ID 89 -84.59 68.87 -11.45
N PRO ID 90 -84.93 70.05 -11.97
CA PRO ID 90 -85.90 70.11 -13.05
C PRO ID 90 -85.46 69.28 -14.25
N ALA ID 91 -86.42 68.57 -14.83
CA ALA ID 91 -86.15 67.74 -16.00
C ALA ID 91 -85.76 68.54 -17.23
N ASP ID 92 -85.98 69.85 -17.22
CA ASP ID 92 -85.61 70.71 -18.31
C ASP ID 92 -84.14 71.13 -18.29
N SER ID 93 -83.33 70.53 -17.43
CA SER ID 93 -81.91 70.83 -17.39
C SER ID 93 -81.27 70.43 -18.71
N LEU ID 94 -80.04 70.92 -18.93
CA LEU ID 94 -79.27 70.46 -20.08
C LEU ID 94 -78.80 69.04 -19.90
N VAL ID 95 -78.40 68.68 -18.69
CA VAL ID 95 -77.84 67.36 -18.42
C VAL ID 95 -78.46 66.87 -17.13
N SER ID 96 -78.57 65.55 -17.00
CA SER ID 96 -78.94 64.92 -15.75
C SER ID 96 -77.78 64.07 -15.27
N SER ID 97 -77.29 64.37 -14.09
CA SER ID 97 -76.45 63.41 -13.41
C SER ID 97 -77.29 62.22 -12.99
N PRO ID 98 -76.66 61.06 -12.81
CA PRO ID 98 -77.39 59.91 -12.28
C PRO ID 98 -78.07 60.23 -10.98
N ARG ID 99 -77.49 61.12 -10.18
CA ARG ID 99 -78.14 61.56 -8.96
C ARG ID 99 -79.47 62.22 -9.26
N ALA ID 100 -79.50 63.13 -10.23
CA ALA ID 100 -80.75 63.83 -10.47
C ALA ID 100 -81.81 62.90 -11.03
N GLU ID 101 -81.42 61.97 -11.90
CA GLU ID 101 -82.42 61.02 -12.39
C GLU ID 101 -82.97 60.17 -11.26
N LYS ID 102 -82.10 59.70 -10.37
CA LYS ID 102 -82.54 58.78 -9.33
C LYS ID 102 -83.45 59.49 -8.35
N ALA ID 103 -83.14 60.76 -8.05
CA ALA ID 103 -83.98 61.55 -7.17
C ALA ID 103 -85.36 61.77 -7.78
N ARG ID 104 -85.44 62.22 -9.03
CA ARG ID 104 -86.76 62.36 -9.63
C ARG ID 104 -87.56 61.06 -9.54
N LEU ID 105 -86.93 59.93 -9.87
CA LEU ID 105 -87.63 58.65 -9.78
C LEU ID 105 -88.27 58.42 -8.41
N TYR ID 106 -87.48 58.47 -7.34
CA TYR ID 106 -88.04 58.28 -6.01
C TYR ID 106 -89.13 59.28 -5.69
N SER ID 107 -88.92 60.54 -6.04
CA SER ID 107 -89.91 61.57 -5.75
C SER ID 107 -91.17 61.44 -6.59
N ALA ID 108 -91.19 60.54 -7.56
CA ALA ID 108 -92.45 60.24 -8.23
C ALA ID 108 -93.14 59.02 -7.65
N ILE ID 109 -92.35 58.04 -7.22
CA ILE ID 109 -92.95 56.87 -6.57
C ILE ID 109 -93.65 57.27 -5.27
N GLU ID 110 -93.05 58.16 -4.48
CA GLU ID 110 -93.72 58.63 -3.28
C GLU ID 110 -95.12 59.16 -3.54
N GLN ID 111 -95.25 60.03 -4.53
CA GLN ID 111 -96.55 60.62 -4.81
C GLN ID 111 -97.54 59.56 -5.29
N ARG ID 112 -97.08 58.64 -6.11
CA ARG ID 112 -98.03 57.65 -6.62
C ARG ID 112 -98.50 56.72 -5.53
N LEU ID 113 -97.67 56.46 -4.53
CA LEU ID 113 -98.13 55.66 -3.41
C LEU ID 113 -99.15 56.40 -2.56
N GLU ID 114 -98.90 57.67 -2.26
CA GLU ID 114 -99.91 58.42 -1.51
C GLU ID 114 -101.25 58.40 -2.22
N GLN ID 115 -101.24 58.65 -3.53
CA GLN ID 115 -102.51 58.64 -4.25
C GLN ID 115 -103.17 57.27 -4.22
N SER ID 116 -102.40 56.20 -4.12
CA SER ID 116 -103.08 54.92 -4.02
C SER ID 116 -103.64 54.68 -2.63
N LEU ID 117 -102.90 55.03 -1.57
CA LEU ID 117 -103.42 54.82 -0.22
C LEU ID 117 -104.73 55.56 0.00
N GLN ID 118 -104.87 56.74 -0.57
CA GLN ID 118 -106.16 57.41 -0.38
C GLN ID 118 -107.34 56.63 -0.91
N THR ID 119 -107.13 55.64 -1.76
CA THR ID 119 -108.26 54.85 -2.25
C THR ID 119 -108.69 53.72 -1.33
N MET ID 120 -107.92 53.36 -0.31
CA MET ID 120 -108.39 52.34 0.61
C MET ID 120 -109.66 52.78 1.33
N GLU ID 121 -110.39 51.80 1.83
CA GLU ID 121 -111.63 52.03 2.54
C GLU ID 121 -111.43 52.75 3.87
N GLY ID 122 -112.06 53.93 3.98
CA GLY ID 122 -112.00 54.76 5.17
C GLY ID 122 -110.90 55.78 5.23
N VAL ID 123 -109.80 55.60 4.50
CA VAL ID 123 -108.72 56.57 4.59
C VAL ID 123 -109.16 57.89 3.99
N LEU ID 124 -109.03 58.97 4.76
CA LEU ID 124 -109.28 60.30 4.23
C LEU ID 124 -108.04 60.91 3.59
N SER ID 125 -106.89 60.84 4.25
CA SER ID 125 -105.66 61.36 3.67
C SER ID 125 -104.47 60.62 4.25
N ALA ID 126 -103.33 60.74 3.57
CA ALA ID 126 -102.13 60.06 4.01
C ALA ID 126 -100.91 60.75 3.44
N ARG ID 127 -99.75 60.42 4.02
CA ARG ID 127 -98.47 60.90 3.53
C ARG ID 127 -97.44 59.80 3.69
N VAL ID 128 -96.44 59.78 2.81
CA VAL ID 128 -95.44 58.71 2.80
C VAL ID 128 -94.05 59.28 2.58
N HIS ID 129 -93.04 58.62 3.15
CA HIS ID 129 -91.65 59.01 3.01
C HIS ID 129 -90.78 57.80 2.74
N ILE ID 130 -89.78 57.95 1.86
CA ILE ID 130 -88.80 56.90 1.58
C ILE ID 130 -87.40 57.38 1.92
N SER ID 131 -86.57 56.46 2.42
CA SER ID 131 -85.14 56.73 2.59
C SER ID 131 -84.39 56.96 1.28
N TYR ID 132 -84.01 58.20 0.99
CA TYR ID 132 -83.20 58.54 -0.20
C TYR ID 132 -81.74 58.14 0.00
N ASP ID 133 -81.44 56.88 -0.30
CA ASP ID 133 -80.07 56.39 -0.18
C ASP ID 133 -79.15 57.09 -1.17
N ILE ID 134 -79.73 57.77 -2.16
CA ILE ID 134 -79.04 58.41 -3.26
C ILE ID 134 -78.07 59.48 -2.79
N ASP ID 135 -78.16 59.91 -1.54
CA ASP ID 135 -77.22 60.91 -1.03
C ASP ID 135 -75.79 60.38 -1.03
N ALA ID 136 -75.61 59.09 -1.31
CA ALA ID 136 -74.38 58.59 -1.91
C ALA ID 136 -74.76 57.78 -3.13
N GLY ID 137 -73.89 57.81 -4.14
CA GLY ID 137 -74.20 57.12 -5.38
C GLY ID 137 -74.28 55.62 -5.23
N GLU ID 138 -73.73 55.07 -4.15
CA GLU ID 138 -73.52 53.63 -3.99
C GLU ID 138 -72.60 53.06 -5.05
N ASN ID 139 -72.01 53.92 -5.88
CA ASN ID 139 -71.00 53.47 -6.83
C ASN ID 139 -69.83 52.83 -6.10
N GLY ID 140 -69.59 51.57 -6.38
CA GLY ID 140 -68.60 50.81 -5.65
C GLY ID 140 -68.98 50.50 -4.22
N ARG ID 141 -70.25 50.70 -3.84
CA ARG ID 141 -70.69 50.32 -2.52
C ARG ID 141 -71.87 49.36 -2.61
N PRO ID 142 -72.00 48.41 -1.68
CA PRO ID 142 -73.18 47.56 -1.63
C PRO ID 142 -74.40 48.33 -1.16
N PRO ID 143 -75.46 48.38 -1.96
CA PRO ID 143 -76.55 49.32 -1.69
C PRO ID 143 -77.38 48.93 -0.47
N LYS ID 144 -77.75 49.94 0.31
CA LYS ID 144 -78.36 49.76 1.62
C LYS ID 144 -79.85 49.48 1.49
N PRO ID 145 -80.46 48.86 2.50
CA PRO ID 145 -81.89 48.58 2.43
C PRO ID 145 -82.76 49.82 2.59
N VAL ID 146 -83.95 49.74 2.02
CA VAL ID 146 -84.96 50.80 2.04
C VAL ID 146 -85.76 50.82 3.33
N HIS ID 147 -86.09 52.03 3.79
CA HIS ID 147 -86.94 52.32 4.92
C HIS ID 147 -88.09 53.22 4.49
N LEU ID 148 -89.27 53.00 5.05
CA LEU ID 148 -90.51 53.69 4.68
C LEU ID 148 -91.25 54.17 5.91
N SER ID 149 -91.87 55.34 5.82
CA SER ID 149 -92.76 55.81 6.87
C SER ID 149 -94.06 56.35 6.29
N ALA ID 150 -95.16 56.18 7.04
CA ALA ID 150 -96.47 56.65 6.58
C ALA ID 150 -97.32 57.21 7.72
N LEU ID 151 -98.10 58.23 7.39
CA LEU ID 151 -99.11 58.82 8.28
C LEU ID 151 -100.46 58.70 7.60
N ALA ID 152 -101.52 58.44 8.37
CA ALA ID 152 -102.85 58.45 7.77
C ALA ID 152 -103.96 58.84 8.74
N VAL ID 153 -105.00 59.45 8.18
CA VAL ID 153 -106.17 59.91 8.91
C VAL ID 153 -107.38 59.06 8.54
N TYR ID 154 -108.12 58.60 9.55
CA TYR ID 154 -109.27 57.72 9.38
C TYR ID 154 -110.59 58.35 9.79
N GLU ID 155 -111.66 57.83 9.19
CA GLU ID 155 -113.01 58.12 9.63
C GLU ID 155 -113.23 57.61 11.05
N ARG ID 156 -114.07 58.31 11.78
CA ARG ID 156 -114.42 57.96 13.16
C ARG ID 156 -115.03 56.58 13.29
N GLY ID 157 -114.58 55.84 14.31
CA GLY ID 157 -115.04 54.49 14.58
C GLY ID 157 -114.30 53.38 13.87
N SER ID 158 -113.08 53.60 13.50
CA SER ID 158 -112.21 52.65 12.82
C SER ID 158 -111.28 51.95 13.80
N PRO ID 159 -111.17 50.61 13.79
CA PRO ID 159 -110.20 49.95 14.68
C PRO ID 159 -108.81 50.03 14.10
N LEU ID 160 -108.14 51.12 14.47
CA LEU ID 160 -106.81 51.44 13.99
C LEU ID 160 -105.83 50.28 14.17
N ALA ID 161 -105.83 49.68 15.35
CA ALA ID 161 -104.93 48.56 15.62
C ALA ID 161 -105.10 47.46 14.57
N HIS ID 162 -106.35 47.09 14.28
CA HIS ID 162 -106.55 46.07 13.28
C HIS ID 162 -106.26 46.54 11.86
N GLN ID 163 -106.23 47.85 11.62
CA GLN ID 163 -105.97 48.32 10.27
C GLN ID 163 -104.50 48.58 9.94
N ILE ID 164 -103.62 48.63 10.92
CA ILE ID 164 -102.20 48.82 10.58
C ILE ID 164 -101.66 47.65 9.75
N SER ID 165 -102.12 46.45 10.04
CA SER ID 165 -101.67 45.26 9.32
C SER ID 165 -101.82 45.41 7.81
N ASP ID 166 -103.01 45.82 7.35
CA ASP ID 166 -103.24 46.00 5.92
C ASP ID 166 -102.21 46.92 5.29
N ILE ID 167 -102.00 48.09 5.87
CA ILE ID 167 -101.02 49.03 5.34
C ILE ID 167 -99.63 48.42 5.25
N LYS ID 168 -99.12 47.85 6.35
CA LYS ID 168 -97.80 47.23 6.26
C LYS ID 168 -97.74 46.19 5.14
N ARG ID 169 -98.72 45.29 5.08
CA ARG ID 169 -98.74 44.29 4.03
C ARG ID 169 -98.69 44.94 2.65
N PHE ID 170 -99.47 45.96 2.42
CA PHE ID 170 -99.49 46.59 1.11
C PHE ID 170 -98.15 47.23 0.77
N LEU ID 171 -97.52 47.93 1.71
CA LEU ID 171 -96.28 48.61 1.36
C LEU ID 171 -95.10 47.65 1.20
N LYS ID 172 -95.06 46.58 2.00
CA LYS ID 172 -93.92 45.66 1.93
C LYS ID 172 -93.54 45.23 0.52
N ASN ID 173 -94.49 44.84 -0.30
CA ASN ID 173 -94.18 44.37 -1.64
C ASN ID 173 -94.00 45.44 -2.70
N SER ID 174 -94.06 46.71 -2.35
CA SER ID 174 -93.88 47.71 -3.38
C SER ID 174 -92.40 47.95 -3.69
N PHE ID 175 -91.49 47.34 -2.94
CA PHE ID 175 -90.06 47.54 -3.11
C PHE ID 175 -89.33 46.22 -3.10
N ALA ID 176 -88.15 46.22 -3.72
CA ALA ID 176 -87.33 45.01 -3.81
C ALA ID 176 -86.93 44.42 -2.47
N ASP ID 177 -86.69 45.22 -1.45
CA ASP ID 177 -86.21 44.65 -0.19
C ASP ID 177 -86.65 45.52 0.98
N VAL ID 178 -87.68 45.06 1.68
CA VAL ID 178 -88.23 45.76 2.82
C VAL ID 178 -88.62 44.74 3.85
N ASP ID 179 -88.33 45.04 5.11
CA ASP ID 179 -88.69 44.19 6.23
C ASP ID 179 -89.77 44.88 7.05
N TYR ID 180 -90.71 44.10 7.56
CA TYR ID 180 -91.73 44.67 8.41
C TYR ID 180 -91.14 45.50 9.54
N ASP ID 181 -89.97 45.11 10.01
CA ASP ID 181 -89.31 45.89 11.05
C ASP ID 181 -88.99 47.31 10.61
N ASN ID 182 -88.73 47.55 9.33
CA ASN ID 182 -88.34 48.87 8.84
C ASN ID 182 -89.48 49.76 8.40
N ILE ID 183 -90.74 49.45 8.70
CA ILE ID 183 -91.87 50.27 8.27
C ILE ID 183 -92.58 50.83 9.49
N SER ID 184 -92.62 52.16 9.58
CA SER ID 184 -93.33 52.89 10.63
C SER ID 184 -94.65 53.45 10.10
N VAL ID 185 -95.72 53.26 10.86
CA VAL ID 185 -97.06 53.70 10.49
C VAL ID 185 -97.71 54.39 11.67
N VAL ID 186 -98.21 55.60 11.47
CA VAL ID 186 -98.90 56.37 12.49
C VAL ID 186 -100.29 56.77 11.98
N LEU ID 187 -101.33 56.45 12.74
CA LEU ID 187 -102.71 56.70 12.37
C LEU ID 187 -103.41 57.60 13.38
N SER ID 188 -104.39 58.36 12.90
CA SER ID 188 -105.17 59.23 13.76
C SER ID 188 -106.59 59.35 13.21
N GLU ID 189 -107.53 59.69 14.09
CA GLU ID 189 -108.91 59.94 13.71
C GLU ID 189 -109.22 61.39 13.40
N ARG ID 190 -110.22 61.57 12.54
CA ARG ID 190 -110.81 62.88 12.26
C ARG ID 190 -111.37 63.54 13.52
N SER ID 191 -111.13 64.85 13.61
CA SER ID 191 -111.71 65.69 14.66
C SER ID 191 -113.22 65.84 14.50
N ASP ID 192 -113.84 66.37 15.56
CA ASP ID 192 -115.26 66.70 15.55
C ASP ID 192 -115.63 67.65 14.41
N ALA ID 193 -116.79 67.40 13.80
CA ALA ID 193 -117.32 68.20 12.71
C ALA ID 193 -117.83 69.57 13.13
N GLN ID 194 -117.44 70.60 12.38
CA GLN ID 194 -117.92 71.98 12.52
C GLN ID 194 -119.10 72.27 11.62
N LEU ID 195 -120.32 72.03 12.11
CA LEU ID 195 -121.52 72.18 11.29
C LEU ID 195 -122.30 73.46 11.55
N GLN ID 196 -122.43 73.89 12.80
CA GLN ID 196 -123.15 75.12 13.10
C GLN ID 196 -122.32 76.36 12.82
N ALA ID 197 -122.98 77.39 12.29
CA ALA ID 197 -122.35 78.66 11.96
C ALA ID 197 -122.05 79.50 13.20
N PRO ID 198 -120.98 80.29 13.16
CA PRO ID 198 -120.69 81.22 14.26
C PRO ID 198 -121.70 82.35 14.38
N GLY ID 199 -121.81 82.87 15.60
CA GLY ID 199 -122.69 84.01 15.88
C GLY ID 199 -122.09 85.35 15.48
N THR ID 200 -122.94 86.21 14.95
CA THR ID 200 -122.57 87.56 14.54
C THR ID 200 -122.46 88.49 15.74
N PRO ID 201 -121.41 89.32 15.82
CA PRO ID 201 -121.32 90.31 16.91
C PRO ID 201 -122.56 91.16 17.03
N VAL ID 202 -122.95 91.43 18.28
CA VAL ID 202 -124.07 92.30 18.58
C VAL ID 202 -123.69 93.75 18.35
N ASP JD 20 -126.07 83.21 -2.93
CA ASP JD 20 -125.13 82.11 -3.09
C ASP JD 20 -123.68 82.58 -2.92
N LYS JD 21 -122.88 81.75 -2.28
CA LYS JD 21 -121.48 82.02 -2.05
C LYS JD 21 -120.60 81.16 -2.94
N ASP JD 22 -119.58 81.77 -3.51
CA ASP JD 22 -118.60 81.06 -4.34
C ASP JD 22 -117.61 80.27 -3.51
N LEU JD 23 -117.57 78.97 -3.74
CA LEU JD 23 -116.55 78.10 -3.16
C LEU JD 23 -115.30 78.02 -4.02
N LEU JD 24 -115.46 77.66 -5.29
CA LEU JD 24 -114.32 77.40 -6.16
C LEU JD 24 -114.63 77.91 -7.55
N LYS JD 25 -113.57 78.31 -8.25
CA LYS JD 25 -113.68 78.75 -9.64
C LYS JD 25 -112.57 78.14 -10.48
N GLY JD 26 -112.78 78.18 -11.80
CA GLY JD 26 -111.82 77.66 -12.72
C GLY JD 26 -111.55 76.18 -12.61
N LEU JD 27 -112.54 75.40 -12.20
CA LEU JD 27 -112.37 73.96 -12.16
C LEU JD 27 -112.39 73.41 -13.57
N ASP JD 28 -111.83 72.23 -13.74
CA ASP JD 28 -112.19 71.37 -14.85
C ASP JD 28 -113.34 70.43 -14.52
N GLN JD 29 -113.80 69.74 -15.56
CA GLN JD 29 -114.94 68.86 -15.50
C GLN JD 29 -114.79 67.74 -14.47
N GLU JD 30 -113.63 67.09 -14.47
CA GLU JD 30 -113.40 65.96 -13.58
C GLU JD 30 -113.13 66.36 -12.15
N GLN JD 31 -112.75 67.60 -11.89
CA GLN JD 31 -112.70 68.08 -10.52
C GLN JD 31 -114.10 68.45 -10.05
N ALA JD 32 -114.84 69.17 -10.88
CA ALA JD 32 -116.15 69.65 -10.49
C ALA JD 32 -117.05 68.49 -10.08
N ASN JD 33 -117.08 67.43 -10.89
CA ASN JD 33 -117.96 66.32 -10.56
C ASN JD 33 -117.56 65.58 -9.29
N GLU JD 34 -116.27 65.53 -8.98
CA GLU JD 34 -115.87 64.93 -7.71
C GLU JD 34 -116.28 65.78 -6.51
N VAL JD 35 -116.18 67.10 -6.64
CA VAL JD 35 -116.62 67.94 -5.53
C VAL JD 35 -118.12 67.83 -5.32
N ILE JD 36 -118.89 67.88 -6.39
CA ILE JD 36 -120.34 67.72 -6.24
C ILE JD 36 -120.67 66.40 -5.56
N ALA JD 37 -120.04 65.31 -6.00
CA ALA JD 37 -120.31 64.01 -5.40
C ALA JD 37 -120.06 64.02 -3.89
N VAL JD 38 -118.92 64.56 -3.49
CA VAL JD 38 -118.61 64.56 -2.07
C VAL JD 38 -119.53 65.47 -1.26
N LEU JD 39 -119.99 66.58 -1.83
CA LEU JD 39 -120.91 67.39 -1.03
C LEU JD 39 -122.28 66.72 -0.92
N GLN JD 40 -122.85 66.26 -2.03
CA GLN JD 40 -124.12 65.56 -1.98
C GLN JD 40 -124.11 64.42 -0.97
N MET JD 41 -123.01 63.70 -0.85
CA MET JD 41 -123.00 62.61 0.12
C MET JD 41 -123.31 63.11 1.54
N HIS JD 42 -122.89 64.32 1.91
CA HIS JD 42 -123.13 64.87 3.24
C HIS JD 42 -124.37 65.75 3.34
N ASN JD 43 -125.32 65.62 2.43
CA ASN JD 43 -126.54 66.40 2.43
C ASN JD 43 -126.39 67.90 2.15
N ILE JD 44 -125.46 68.28 1.28
CA ILE JD 44 -125.27 69.67 0.90
C ILE JD 44 -125.65 69.79 -0.57
N GLU JD 45 -126.72 70.54 -0.85
CA GLU JD 45 -127.14 70.83 -2.23
C GLU JD 45 -126.25 71.88 -2.89
N ALA JD 46 -125.60 71.53 -3.99
CA ALA JD 46 -124.66 72.42 -4.67
C ALA JD 46 -125.06 72.61 -6.12
N ASN JD 47 -124.52 73.67 -6.74
CA ASN JD 47 -124.81 74.00 -8.13
C ASN JD 47 -123.53 74.18 -8.90
N LYS JD 48 -123.48 73.59 -10.10
CA LYS JD 48 -122.36 73.66 -11.02
C LYS JD 48 -122.72 74.55 -12.19
N ILE JD 49 -121.87 75.54 -12.45
CA ILE JD 49 -122.06 76.51 -13.52
C ILE JD 49 -120.85 76.46 -14.44
N ASP JD 50 -121.10 76.56 -15.74
CA ASP JD 50 -120.07 76.52 -16.76
C ASP JD 50 -119.87 77.90 -17.38
N SER JD 51 -118.63 78.38 -17.36
CA SER JD 51 -118.26 79.66 -17.93
C SER JD 51 -117.33 79.51 -19.13
N GLY JD 52 -117.22 78.30 -19.67
CA GLY JD 52 -116.31 77.99 -20.76
C GLY JD 52 -114.82 78.15 -20.55
N LYS JD 53 -114.22 79.12 -21.24
CA LYS JD 53 -112.81 79.40 -21.04
C LYS JD 53 -112.46 79.70 -19.59
N LEU JD 54 -113.43 80.04 -18.76
CA LEU JD 54 -113.17 80.30 -17.35
C LEU JD 54 -113.37 79.06 -16.49
N GLY JD 55 -113.77 77.94 -17.08
CA GLY JD 55 -114.07 76.72 -16.35
C GLY JD 55 -115.38 76.72 -15.59
N TYR JD 56 -115.48 75.76 -14.68
CA TYR JD 56 -116.64 75.57 -13.84
C TYR JD 56 -116.53 76.26 -12.48
N SER JD 57 -117.68 76.66 -11.97
CA SER JD 57 -117.87 77.31 -10.69
C SER JD 57 -118.87 76.51 -9.88
N ILE JD 58 -118.68 76.48 -8.56
CA ILE JD 58 -119.54 75.71 -7.67
C ILE JD 58 -120.07 76.64 -6.59
N THR JD 59 -121.36 76.59 -6.34
CA THR JD 59 -122.00 77.47 -5.37
C THR JD 59 -122.92 76.70 -4.43
N VAL JD 60 -123.09 77.25 -3.22
CA VAL JD 60 -123.95 76.68 -2.19
C VAL JD 60 -124.66 77.80 -1.45
N ALA JD 61 -125.73 77.43 -0.76
CA ALA JD 61 -126.42 78.35 0.13
C ALA JD 61 -125.65 78.68 1.41
N GLU JD 62 -125.99 79.84 1.96
CA GLU JD 62 -125.38 80.33 3.20
C GLU JD 62 -125.52 79.40 4.39
N PRO JD 63 -126.71 78.90 4.71
CA PRO JD 63 -126.82 77.96 5.83
C PRO JD 63 -125.88 76.76 5.73
N ASP JD 64 -125.46 76.39 4.53
CA ASP JD 64 -124.59 75.25 4.33
C ASP JD 64 -123.13 75.64 4.07
N PHE JD 65 -122.85 76.94 3.98
CA PHE JD 65 -121.49 77.39 3.67
C PHE JD 65 -120.46 76.86 4.65
N THR JD 66 -120.69 77.04 5.95
CA THR JD 66 -119.74 76.55 6.95
C THR JD 66 -119.41 75.07 6.79
N ALA JD 67 -120.43 74.22 6.72
CA ALA JD 67 -120.19 72.80 6.53
C ALA JD 67 -119.41 72.52 5.25
N ALA JD 68 -119.80 73.16 4.15
CA ALA JD 68 -119.10 72.90 2.91
C ALA JD 68 -117.63 73.27 3.01
N VAL JD 69 -117.31 74.36 3.70
CA VAL JD 69 -115.91 74.72 3.93
C VAL JD 69 -115.20 73.65 4.73
N TYR JD 70 -115.83 73.17 5.80
CA TYR JD 70 -115.18 72.14 6.60
C TYR JD 70 -114.91 70.86 5.83
N TRP JD 71 -115.85 70.41 5.00
CA TRP JD 71 -115.56 69.22 4.23
C TRP JD 71 -114.53 69.45 3.13
N ILE JD 72 -114.57 70.61 2.48
CA ILE JD 72 -113.55 70.90 1.48
C ILE JD 72 -112.16 70.85 2.09
N LYS JD 73 -112.00 71.38 3.30
CA LYS JD 73 -110.72 71.23 3.97
C LYS JD 73 -110.42 69.78 4.26
N THR JD 74 -111.36 69.06 4.86
CA THR JD 74 -111.03 67.72 5.33
C THR JD 74 -110.61 66.82 4.19
N TYR JD 75 -111.33 66.86 3.07
CA TYR JD 75 -110.98 66.03 1.92
C TYR JD 75 -109.94 66.65 0.99
N GLN JD 76 -109.41 67.83 1.30
CA GLN JD 76 -108.38 68.43 0.47
C GLN JD 76 -108.81 68.61 -0.97
N LEU JD 77 -110.01 69.10 -1.17
CA LEU JD 77 -110.53 69.29 -2.52
C LEU JD 77 -110.04 70.62 -3.07
N PRO JD 78 -110.04 70.79 -4.39
CA PRO JD 78 -110.27 69.85 -5.48
C PRO JD 78 -109.11 68.91 -5.67
N PRO JD 79 -109.35 67.76 -6.29
CA PRO JD 79 -108.30 66.75 -6.38
C PRO JD 79 -107.21 67.18 -7.34
N ARG JD 80 -106.05 66.59 -7.16
CA ARG JD 80 -104.92 66.77 -8.05
C ARG JD 80 -104.99 65.78 -9.21
N PRO JD 81 -104.23 66.00 -10.27
CA PRO JD 81 -104.15 65.00 -11.34
C PRO JD 81 -103.36 63.77 -10.91
N ARG JD 82 -103.67 62.65 -11.56
CA ARG JD 82 -102.92 61.42 -11.37
C ARG JD 82 -101.47 61.58 -11.82
N VAL JD 83 -100.57 60.96 -11.07
CA VAL JD 83 -99.14 60.93 -11.38
C VAL JD 83 -98.77 59.60 -12.00
N GLU JD 84 -98.04 59.64 -13.10
CA GLU JD 84 -97.45 58.46 -13.71
C GLU JD 84 -95.96 58.68 -13.97
N ILE JD 85 -95.16 57.66 -13.71
CA ILE JD 85 -93.70 57.83 -13.72
C ILE JD 85 -93.20 58.30 -15.07
N ALA JD 86 -93.85 57.91 -16.15
CA ALA JD 86 -93.45 58.37 -17.48
C ALA JD 86 -93.45 59.88 -17.64
N GLN JD 87 -94.10 60.62 -16.74
CA GLN JD 87 -94.02 62.07 -16.81
C GLN JD 87 -92.66 62.63 -16.40
N MET JD 88 -91.86 61.86 -15.70
CA MET JD 88 -90.53 62.32 -15.29
C MET JD 88 -89.45 62.10 -16.34
N PHE JD 89 -89.73 61.44 -17.45
CA PHE JD 89 -88.69 61.01 -18.38
C PHE JD 89 -89.14 61.19 -19.82
N PRO JD 90 -89.41 62.43 -20.23
CA PRO JD 90 -89.92 62.65 -21.58
C PRO JD 90 -88.95 62.07 -22.60
N ALA JD 91 -89.51 61.44 -23.63
CA ALA JD 91 -88.70 60.91 -24.71
C ALA JD 91 -88.06 61.98 -25.57
N ASP JD 92 -88.43 63.24 -25.39
CA ASP JD 92 -87.89 64.32 -26.20
C ASP JD 92 -86.43 64.61 -25.90
N SER JD 93 -85.89 64.13 -24.79
CA SER JD 93 -84.53 64.51 -24.43
C SER JD 93 -83.53 64.03 -25.49
N LEU JD 94 -82.47 64.81 -25.67
CA LEU JD 94 -81.48 64.51 -26.67
C LEU JD 94 -80.71 63.23 -26.34
N VAL JD 95 -80.44 63.01 -25.05
CA VAL JD 95 -79.81 61.79 -24.58
C VAL JD 95 -80.82 61.02 -23.74
N SER JD 96 -80.79 59.70 -23.87
CA SER JD 96 -81.52 58.81 -22.98
C SER JD 96 -80.54 57.79 -22.42
N SER JD 97 -80.35 57.80 -21.11
CA SER JD 97 -79.66 56.71 -20.45
C SER JD 97 -80.51 55.45 -20.54
N PRO JD 98 -79.92 54.29 -20.31
CA PRO JD 98 -80.74 53.09 -20.13
C PRO JD 98 -81.78 53.27 -19.06
N ARG JD 99 -81.48 54.08 -18.05
CA ARG JD 99 -82.33 54.17 -16.88
C ARG JD 99 -83.69 54.73 -17.25
N ALA JD 100 -83.70 55.79 -18.06
CA ALA JD 100 -84.94 56.40 -18.51
C ALA JD 100 -85.78 55.44 -19.35
N GLU JD 101 -85.17 54.80 -20.34
CA GLU JD 101 -85.92 53.84 -21.14
C GLU JD 101 -86.55 52.75 -20.30
N LYS JD 102 -85.76 52.13 -19.42
CA LYS JD 102 -86.30 51.09 -18.55
C LYS JD 102 -87.44 51.61 -17.68
N ALA JD 103 -87.32 52.84 -17.20
CA ALA JD 103 -88.40 53.43 -16.41
C ALA JD 103 -89.67 53.58 -17.23
N ARG JD 104 -89.58 54.19 -18.40
CA ARG JD 104 -90.76 54.31 -19.25
C ARG JD 104 -91.42 52.94 -19.48
N LEU JD 105 -90.62 51.93 -19.80
CA LEU JD 105 -91.16 50.59 -20.02
C LEU JD 105 -92.02 50.12 -18.84
N TYR JD 106 -91.44 50.09 -17.64
CA TYR JD 106 -92.20 49.67 -16.48
C TYR JD 106 -93.45 50.52 -16.26
N SER JD 107 -93.33 51.83 -16.43
CA SER JD 107 -94.49 52.69 -16.23
C SER JD 107 -95.58 52.47 -17.26
N ALA JD 108 -95.27 51.86 -18.39
CA ALA JD 108 -96.35 51.50 -19.31
C ALA JD 108 -96.98 50.17 -18.94
N ILE JD 109 -96.17 49.20 -18.54
CA ILE JD 109 -96.70 47.91 -18.12
C ILE JD 109 -97.67 48.05 -16.95
N GLU JD 110 -97.34 48.86 -15.96
CA GLU JD 110 -98.28 49.11 -14.86
C GLU JD 110 -99.66 49.53 -15.34
N GLN JD 111 -99.71 50.51 -16.23
CA GLN JD 111 -100.99 51.01 -16.71
C GLN JD 111 -101.73 49.96 -17.52
N ARG JD 112 -101.02 49.13 -18.26
CA ARG JD 112 -101.69 48.13 -19.06
C ARG JD 112 -102.29 47.04 -18.18
N LEU JD 113 -101.61 46.69 -17.09
CA LEU JD 113 -102.20 45.71 -16.18
C LEU JD 113 -103.43 46.27 -15.49
N GLU JD 114 -103.37 47.49 -14.98
CA GLU JD 114 -104.58 48.07 -14.39
C GLU JD 114 -105.76 47.96 -15.35
N GLN JD 115 -105.54 48.35 -16.61
CA GLN JD 115 -106.63 48.32 -17.56
C GLN JD 115 -107.12 46.91 -17.82
N SER JD 116 -106.27 45.92 -17.64
CA SER JD 116 -106.75 44.56 -17.83
C SER JD 116 -107.56 44.09 -16.64
N LEU JD 117 -107.11 44.36 -15.42
CA LEU JD 117 -107.88 43.94 -14.25
C LEU JD 117 -109.27 44.53 -14.26
N GLN JD 118 -109.44 45.76 -14.73
CA GLN JD 118 -110.79 46.29 -14.75
C GLN JD 118 -111.77 45.48 -15.60
N THR JD 119 -111.28 44.60 -16.48
CA THR JD 119 -112.20 43.76 -17.26
C THR JD 119 -112.70 42.52 -16.53
N MET JD 120 -112.06 42.09 -15.45
CA MET JD 120 -112.54 40.91 -14.74
C MET JD 120 -113.96 41.12 -14.23
N GLU JD 121 -114.61 39.99 -13.98
CA GLU JD 121 -115.97 39.94 -13.48
C GLU JD 121 -116.11 40.52 -12.08
N GLY JD 122 -116.92 41.57 -11.97
CA GLY JD 122 -117.20 42.24 -10.71
C GLY JD 122 -116.27 43.36 -10.32
N VAL JD 123 -115.05 43.41 -10.84
CA VAL JD 123 -114.12 44.46 -10.44
C VAL JD 123 -114.58 45.80 -10.95
N LEU JD 124 -114.70 46.78 -10.06
CA LEU JD 124 -115.06 48.14 -10.45
C LEU JD 124 -113.84 49.00 -10.75
N SER JD 125 -112.81 48.93 -9.92
CA SER JD 125 -111.56 49.61 -10.25
C SER JD 125 -110.42 48.96 -9.49
N ALA JD 126 -109.20 49.33 -9.89
CA ALA JD 126 -108.02 48.73 -9.29
C ALA JD 126 -106.82 49.64 -9.50
N ARG JD 127 -105.76 49.37 -8.75
CA ARG JD 127 -104.47 50.00 -8.93
C ARG JD 127 -103.37 48.97 -8.70
N VAL JD 128 -102.23 49.15 -9.38
CA VAL JD 128 -101.15 48.18 -9.38
C VAL JD 128 -99.81 48.89 -9.23
N HIS JD 129 -98.86 48.22 -8.56
CA HIS JD 129 -97.53 48.76 -8.35
C HIS JD 129 -96.47 47.71 -8.62
N ILE JD 130 -95.36 48.13 -9.23
CA ILE JD 130 -94.22 47.27 -9.57
C ILE JD 130 -92.96 47.80 -8.88
N SER JD 131 -92.11 46.89 -8.43
CA SER JD 131 -90.80 47.26 -7.87
C SER JD 131 -89.85 47.76 -8.95
N TYR JD 132 -89.61 49.08 -9.00
CA TYR JD 132 -88.66 49.65 -9.95
C TYR JD 132 -87.22 49.45 -9.52
N ASP JD 133 -86.66 48.28 -9.84
CA ASP JD 133 -85.23 48.10 -9.60
C ASP JD 133 -84.39 48.97 -10.51
N ILE JD 134 -85.00 49.61 -11.50
CA ILE JD 134 -84.36 50.58 -12.36
C ILE JD 134 -83.70 51.70 -11.57
N ASP JD 135 -84.06 51.84 -10.30
CA ASP JD 135 -83.32 52.74 -9.44
C ASP JD 135 -81.88 52.28 -9.25
N ALA JD 136 -81.54 51.09 -9.71
CA ALA JD 136 -80.18 50.76 -10.11
C ALA JD 136 -80.17 50.27 -11.55
N GLY JD 137 -79.04 50.47 -12.22
CA GLY JD 137 -78.85 49.90 -13.53
C GLY JD 137 -78.63 48.42 -13.55
N GLU JD 138 -78.32 47.82 -12.38
CA GLU JD 138 -77.86 46.45 -12.29
C GLU JD 138 -76.62 46.19 -13.15
N ASN JD 139 -75.96 47.26 -13.57
CA ASN JD 139 -74.67 47.15 -14.24
C ASN JD 139 -73.67 46.37 -13.37
N GLY JD 140 -73.24 45.22 -13.88
CA GLY JD 140 -72.34 44.35 -13.16
C GLY JD 140 -72.94 43.56 -12.01
N ARG JD 141 -74.24 43.64 -11.78
CA ARG JD 141 -74.84 42.89 -10.67
C ARG JD 141 -75.99 42.02 -11.15
N PRO JD 142 -76.14 40.83 -10.59
CA PRO JD 142 -77.24 39.94 -10.95
C PRO JD 142 -78.59 40.54 -10.59
N PRO JD 143 -79.56 40.51 -11.49
CA PRO JD 143 -80.77 41.32 -11.34
C PRO JD 143 -81.74 40.75 -10.31
N LYS JD 144 -82.31 41.65 -9.51
CA LYS JD 144 -83.18 41.27 -8.40
C LYS JD 144 -84.51 40.73 -8.89
N PRO JD 145 -85.21 39.95 -8.06
CA PRO JD 145 -86.58 39.54 -8.39
C PRO JD 145 -87.60 40.65 -8.27
N VAL JD 146 -88.66 40.52 -9.06
CA VAL JD 146 -89.77 41.47 -9.13
C VAL JD 146 -90.77 41.26 -8.00
N HIS JD 147 -91.32 42.37 -7.49
CA HIS JD 147 -92.40 42.43 -6.51
C HIS JD 147 -93.56 43.26 -7.04
N LEU JD 148 -94.79 42.83 -6.73
CA LEU JD 148 -96.01 43.45 -7.22
C LEU JD 148 -97.01 43.65 -6.09
N SER JD 149 -97.77 44.74 -6.15
CA SER JD 149 -98.89 44.97 -5.23
C SER JD 149 -100.13 45.41 -5.97
N ALA JD 150 -101.31 44.96 -5.53
CA ALA JD 150 -102.56 45.39 -6.14
C ALA JD 150 -103.65 45.72 -5.12
N LEU JD 151 -104.43 46.75 -5.44
CA LEU JD 151 -105.62 47.16 -4.71
C LEU JD 151 -106.82 47.05 -5.63
N ALA JD 152 -107.94 46.54 -5.12
CA ALA JD 152 -109.12 46.49 -5.99
C ALA JD 152 -110.43 46.58 -5.21
N VAL JD 153 -111.46 47.07 -5.91
CA VAL JD 153 -112.78 47.28 -5.33
C VAL JD 153 -113.80 46.40 -6.05
N TYR JD 154 -114.68 45.77 -5.28
CA TYR JD 154 -115.65 44.80 -5.78
C TYR JD 154 -117.09 45.22 -5.54
N GLU JD 155 -117.97 44.70 -6.38
CA GLU JD 155 -119.40 44.78 -6.17
C GLU JD 155 -119.80 44.05 -4.89
N ARG JD 156 -120.84 44.57 -4.24
CA ARG JD 156 -121.38 43.98 -3.02
C ARG JD 156 -121.87 42.55 -3.24
N GLY JD 157 -121.51 41.67 -2.30
CA GLY JD 157 -121.89 40.27 -2.37
C GLY JD 157 -120.93 39.37 -3.12
N SER JD 158 -119.68 39.75 -3.20
CA SER JD 158 -118.61 39.03 -3.86
C SER JD 158 -117.80 38.23 -2.84
N PRO JD 159 -117.53 36.94 -3.06
CA PRO JD 159 -116.66 36.21 -2.13
C PRO JD 159 -115.19 36.56 -2.33
N LEU JD 160 -114.81 37.63 -1.64
CA LEU JD 160 -113.47 38.19 -1.75
C LEU JD 160 -112.38 37.15 -1.52
N ALA JD 161 -112.54 36.35 -0.47
CA ALA JD 161 -111.56 35.31 -0.18
C ALA JD 161 -111.34 34.41 -1.38
N HIS JD 162 -112.42 33.95 -2.01
CA HIS JD 162 -112.26 33.10 -3.18
C HIS JD 162 -111.75 33.84 -4.39
N GLN JD 163 -111.85 35.17 -4.44
CA GLN JD 163 -111.38 35.88 -5.63
C GLN JD 163 -109.93 36.33 -5.54
N ILE JD 164 -109.31 36.31 -4.36
CA ILE JD 164 -107.89 36.68 -4.32
C ILE JD 164 -107.06 35.70 -5.14
N SER JD 165 -107.43 34.42 -5.12
CA SER JD 165 -106.70 33.41 -5.86
C SER JD 165 -106.60 33.76 -7.35
N ASP JD 166 -107.71 34.12 -7.98
CA ASP JD 166 -107.69 34.49 -9.39
C ASP JD 166 -106.69 35.58 -9.68
N ILE JD 167 -106.73 36.67 -8.92
CA ILE JD 167 -105.78 37.76 -9.15
C ILE JD 167 -104.35 37.26 -9.04
N LYS JD 168 -104.00 36.60 -7.95
CA LYS JD 168 -102.64 36.09 -7.85
C LYS JD 168 -102.25 35.22 -9.04
N ARG JD 169 -103.10 34.27 -9.41
CA ARG JD 169 -102.80 33.42 -10.55
C ARG JD 169 -102.53 34.24 -11.79
N PHE JD 170 -103.38 35.21 -12.08
CA PHE JD 170 -103.21 36.00 -13.29
C PHE JD 170 -101.94 36.83 -13.27
N LEU JD 171 -101.61 37.45 -12.15
CA LEU JD 171 -100.39 38.26 -12.09
C LEU JD 171 -99.12 37.44 -12.16
N LYS JD 172 -99.07 36.30 -11.47
CA LYS JD 172 -97.84 35.51 -11.42
C LYS JD 172 -97.18 35.27 -12.76
N ASN JD 173 -97.93 34.89 -13.78
CA ASN JD 173 -97.32 34.60 -15.07
C ASN JD 173 -97.08 35.80 -15.96
N SER JD 174 -97.34 37.00 -15.49
CA SER JD 174 -97.10 38.16 -16.34
C SER JD 174 -95.64 38.62 -16.30
N PHE JD 175 -94.81 37.98 -15.49
CA PHE JD 175 -93.41 38.37 -15.34
C PHE JD 175 -92.52 37.13 -15.34
N ALA JD 176 -91.26 37.34 -15.69
CA ALA JD 176 -90.31 36.23 -15.77
C ALA JD 176 -90.10 35.49 -14.45
N ASP JD 177 -90.18 36.16 -13.30
CA ASP JD 177 -89.90 35.46 -12.04
C ASP JD 177 -90.68 36.12 -10.90
N VAL JD 178 -91.76 35.49 -10.49
CA VAL JD 178 -92.58 36.01 -9.41
C VAL JD 178 -93.06 34.83 -8.58
N ASP JD 179 -93.05 35.01 -7.27
CA ASP JD 179 -93.51 34.02 -6.32
C ASP JD 179 -94.78 34.50 -5.65
N TYR JD 180 -95.69 33.57 -5.39
CA TYR JD 180 -96.91 33.93 -4.69
C TYR JD 180 -96.58 34.68 -3.42
N ASP JD 181 -95.47 34.36 -2.80
CA ASP JD 181 -95.05 35.08 -1.60
C ASP JD 181 -94.81 36.57 -1.87
N ASN JD 182 -94.39 36.94 -3.06
CA ASN JD 182 -94.06 38.32 -3.37
C ASN JD 182 -95.22 39.14 -3.92
N ILE JD 183 -96.45 38.67 -3.87
CA ILE JD 183 -97.60 39.39 -4.39
C ILE JD 183 -98.55 39.72 -3.24
N SER JD 184 -98.78 41.01 -3.03
CA SER JD 184 -99.73 41.51 -2.04
C SER JD 184 -100.99 41.98 -2.73
N VAL JD 185 -102.15 41.59 -2.20
CA VAL JD 185 -103.44 41.91 -2.78
C VAL JD 185 -104.39 42.37 -1.67
N VAL JD 186 -105.00 43.53 -1.85
CA VAL JD 186 -105.96 44.09 -0.90
C VAL JD 186 -107.27 44.41 -1.62
N LEU JD 187 -108.38 43.90 -1.09
CA LEU JD 187 -109.70 44.04 -1.70
C LEU JD 187 -110.67 44.73 -0.75
N SER JD 188 -111.63 45.44 -1.33
CA SER JD 188 -112.66 46.11 -0.54
C SER JD 188 -113.96 46.18 -1.32
N GLU JD 189 -115.07 46.29 -0.60
CA GLU JD 189 -116.39 46.45 -1.22
C GLU JD 189 -116.82 47.89 -1.41
N ARG JD 190 -117.67 48.09 -2.42
CA ARG JD 190 -118.36 49.36 -2.65
C ARG JD 190 -119.20 49.76 -1.46
N SER JD 191 -119.16 51.04 -1.13
CA SER JD 191 -120.02 51.63 -0.11
C SER JD 191 -121.47 51.68 -0.58
N ASP JD 192 -122.36 51.96 0.38
CA ASP JD 192 -123.78 52.15 0.09
C ASP JD 192 -124.02 53.23 -0.96
N ALA JD 193 -125.00 52.95 -1.83
CA ALA JD 193 -125.41 53.87 -2.90
C ALA JD 193 -126.16 55.10 -2.39
N GLN JD 194 -125.76 56.26 -2.90
CA GLN JD 194 -126.42 57.55 -2.67
C GLN JD 194 -127.44 57.86 -3.74
N LEU JD 195 -128.68 57.43 -3.53
CA LEU JD 195 -129.74 57.58 -4.53
C LEU JD 195 -130.72 58.72 -4.26
N GLN JD 196 -131.11 58.96 -3.01
CA GLN JD 196 -132.02 60.05 -2.71
C GLN JD 196 -131.32 61.40 -2.69
N ALA JD 197 -132.01 62.41 -3.21
CA ALA JD 197 -131.49 63.77 -3.27
C ALA JD 197 -131.51 64.46 -1.90
N PRO JD 198 -130.55 65.35 -1.65
CA PRO JD 198 -130.55 66.14 -0.42
C PRO JD 198 -131.69 67.12 -0.32
N GLY JD 199 -132.04 67.45 0.93
CA GLY JD 199 -133.08 68.43 1.20
C GLY JD 199 -132.60 69.87 1.06
N THR JD 200 -133.49 70.71 0.52
CA THR JD 200 -133.21 72.14 0.32
C THR JD 200 -133.40 72.91 1.63
N PRO JD 201 -132.47 73.81 1.96
CA PRO JD 201 -132.64 74.65 3.15
C PRO JD 201 -133.97 75.35 3.20
N VAL JD 202 -134.54 75.41 4.40
CA VAL JD 202 -135.78 76.13 4.63
C VAL JD 202 -135.51 77.63 4.63
N ASP KD 20 -132.68 70.22 -17.92
CA ASP KD 20 -131.67 69.18 -17.95
C ASP KD 20 -130.36 69.70 -17.41
N LYS KD 21 -129.61 68.85 -16.72
CA LYS KD 21 -128.33 69.23 -16.15
C LYS KD 21 -127.22 68.58 -16.94
N ASP KD 22 -126.18 69.36 -17.21
CA ASP KD 22 -125.01 68.87 -17.91
C ASP KD 22 -124.10 68.04 -17.01
N LEU KD 23 -123.88 66.80 -17.39
CA LEU KD 23 -122.91 65.93 -16.73
C LEU KD 23 -121.53 66.09 -17.36
N LEU KD 24 -121.45 65.89 -18.66
CA LEU KD 24 -120.18 65.81 -19.34
C LEU KD 24 -120.31 66.48 -20.70
N LYS KD 25 -119.22 67.07 -21.16
CA LYS KD 25 -119.18 67.71 -22.47
C LYS KD 25 -117.87 67.41 -23.16
N GLY KD 26 -117.86 67.63 -24.47
CA GLY KD 26 -116.69 67.34 -25.26
C GLY KD 26 -116.24 65.90 -25.25
N LEU KD 27 -117.18 64.97 -25.13
CA LEU KD 27 -116.81 63.57 -25.15
C LEU KD 27 -116.54 63.11 -26.58
N ASP KD 28 -115.72 62.09 -26.68
CA ASP KD 28 -115.62 61.31 -27.90
C ASP KD 28 -116.76 60.29 -27.99
N GLN KD 29 -117.02 59.86 -29.22
CA GLN KD 29 -118.09 58.92 -29.51
C GLN KD 29 -117.97 57.62 -28.71
N GLU KD 30 -116.78 57.08 -28.60
CA GLU KD 30 -116.55 55.84 -27.88
C GLU KD 30 -116.65 56.02 -26.37
N GLN KD 31 -116.47 57.24 -25.89
CA GLN KD 31 -116.69 57.51 -24.48
C GLN KD 31 -118.17 57.71 -24.19
N ALA KD 32 -118.86 58.45 -25.03
CA ALA KD 32 -120.27 58.73 -24.82
C ALA KD 32 -121.06 57.43 -24.80
N ASN KD 33 -120.82 56.54 -25.76
CA ASN KD 33 -121.58 55.30 -25.76
C ASN KD 33 -121.31 54.44 -24.54
N GLU KD 34 -120.10 54.51 -23.99
CA GLU KD 34 -119.84 53.81 -22.73
C GLU KD 34 -120.61 54.41 -21.55
N VAL KD 35 -120.65 55.75 -21.47
CA VAL KD 35 -121.40 56.36 -20.38
C VAL KD 35 -122.88 56.06 -20.50
N ILE KD 36 -123.44 56.16 -21.70
CA ILE KD 36 -124.84 55.85 -21.88
C ILE KD 36 -125.14 54.43 -21.45
N ALA KD 37 -124.27 53.49 -21.84
CA ALA KD 37 -124.48 52.10 -21.47
C ALA KD 37 -124.52 51.91 -19.97
N VAL KD 38 -123.56 52.51 -19.26
CA VAL KD 38 -123.52 52.35 -17.81
C VAL KD 38 -124.70 53.01 -17.13
N LEU KD 39 -125.17 54.16 -17.63
CA LEU KD 39 -126.31 54.75 -16.97
C LEU KD 39 -127.59 53.96 -17.21
N GLN KD 40 -127.85 53.57 -18.45
CA GLN KD 40 -129.03 52.75 -18.71
C GLN KD 40 -129.07 51.51 -17.85
N MET KD 41 -127.94 50.87 -17.61
CA MET KD 41 -127.98 49.68 -16.78
C MET KD 41 -128.60 49.95 -15.41
N HIS KD 42 -128.40 51.13 -14.84
CA HIS KD 42 -128.95 51.48 -13.52
C HIS KD 42 -130.30 52.18 -13.56
N ASN KD 43 -131.03 52.07 -14.65
CA ASN KD 43 -132.34 52.69 -14.81
C ASN KD 43 -132.34 54.21 -14.84
N ILE KD 44 -131.33 54.81 -15.46
CA ILE KD 44 -131.26 56.26 -15.62
C ILE KD 44 -131.38 56.56 -17.11
N GLU KD 45 -132.45 57.25 -17.48
CA GLU KD 45 -132.64 57.70 -18.86
C GLU KD 45 -131.76 58.89 -19.18
N ALA KD 46 -130.89 58.75 -20.18
CA ALA KD 46 -129.93 59.80 -20.53
C ALA KD 46 -130.11 60.18 -21.98
N ASN KD 47 -129.61 61.36 -22.34
CA ASN KD 47 -129.71 61.89 -23.70
C ASN KD 47 -128.34 62.33 -24.19
N LYS KD 48 -128.02 61.94 -25.43
CA LYS KD 48 -126.78 62.28 -26.10
C LYS KD 48 -127.03 63.33 -27.17
N ILE KD 49 -126.27 64.43 -27.10
CA ILE KD 49 -126.39 65.55 -28.01
C ILE KD 49 -125.06 65.78 -28.70
N ASP KD 50 -125.09 66.10 -29.98
CA ASP KD 50 -123.91 66.33 -30.79
C ASP KD 50 -123.72 67.79 -31.16
N SER KD 51 -122.55 68.34 -30.83
CA SER KD 51 -122.19 69.71 -31.15
C SER KD 51 -121.07 69.79 -32.17
N GLY KD 52 -120.77 68.68 -32.85
CA GLY KD 52 -119.68 68.57 -33.79
C GLY KD 52 -118.25 68.77 -33.32
N LYS KD 53 -117.60 69.84 -33.75
CA LYS KD 53 -116.26 70.15 -33.27
C LYS KD 53 -116.18 70.29 -31.76
N LEU KD 54 -117.29 70.48 -31.08
CA LEU KD 54 -117.30 70.58 -29.63
C LEU KD 54 -117.55 69.24 -28.95
N GLY KD 55 -117.76 68.18 -29.74
CA GLY KD 55 -118.10 66.86 -29.27
C GLY KD 55 -119.53 66.62 -28.78
N TYR KD 56 -119.67 65.50 -28.07
CA TYR KD 56 -120.92 65.06 -27.50
C TYR KD 56 -121.14 65.50 -26.07
N SER KD 57 -122.41 65.70 -25.73
CA SER KD 57 -122.87 66.09 -24.41
C SER KD 57 -123.89 65.08 -23.92
N ILE KD 58 -123.91 64.88 -22.60
CA ILE KD 58 -124.79 63.93 -21.93
C ILE KD 58 -125.65 64.70 -20.95
N THR KD 59 -126.95 64.44 -20.97
CA THR KD 59 -127.87 65.13 -20.07
C THR KD 59 -128.87 64.16 -19.47
N VAL KD 60 -129.34 64.50 -18.26
CA VAL KD 60 -130.30 63.72 -17.52
C VAL KD 60 -131.28 64.64 -16.80
N ALA KD 61 -132.40 64.08 -16.38
CA ALA KD 61 -133.35 64.79 -15.54
C ALA KD 61 -132.85 65.00 -14.11
N GLU KD 62 -133.42 66.03 -13.48
CA GLU KD 62 -133.09 66.39 -12.10
C GLU KD 62 -133.31 65.27 -11.11
N PRO KD 63 -134.45 64.59 -11.07
CA PRO KD 63 -134.59 63.47 -10.12
C PRO KD 63 -133.49 62.45 -10.22
N ASP KD 64 -132.82 62.33 -11.37
CA ASP KD 64 -131.77 61.35 -11.57
C ASP KD 64 -130.37 61.94 -11.48
N PHE KD 65 -130.27 63.25 -11.33
CA PHE KD 65 -128.96 63.90 -11.31
C PHE KD 65 -128.06 63.31 -10.23
N THR KD 66 -128.54 63.26 -9.00
CA THR KD 66 -127.75 62.72 -7.90
C THR KD 66 -127.20 61.32 -8.18
N ALA KD 67 -128.07 60.40 -8.56
CA ALA KD 67 -127.61 59.05 -8.90
C ALA KD 67 -126.59 59.07 -10.01
N ALA KD 68 -126.84 59.83 -11.07
CA ALA KD 68 -125.88 59.86 -12.17
C ALA KD 68 -124.50 60.31 -11.70
N VAL KD 69 -124.46 61.31 -10.83
CA VAL KD 69 -123.19 61.76 -10.27
C VAL KD 69 -122.50 60.65 -9.49
N TYR KD 70 -123.24 59.99 -8.61
CA TYR KD 70 -122.64 58.93 -7.82
C TYR KD 70 -122.13 57.77 -8.66
N TRP KD 71 -122.82 57.41 -9.74
CA TRP KD 71 -122.29 56.34 -10.58
C TRP KD 71 -121.10 56.79 -11.39
N ILE KD 72 -121.11 58.02 -11.91
CA ILE KD 72 -119.94 58.50 -12.62
C ILE KD 72 -118.70 58.47 -11.72
N LYS KD 73 -118.85 58.88 -10.46
CA LYS KD 73 -117.73 58.73 -9.54
C LYS KD 73 -117.36 57.27 -9.31
N THR KD 74 -118.34 56.41 -9.09
CA THR KD 74 -118.00 55.04 -8.71
C THR KD 74 -117.30 54.29 -9.84
N TYR KD 75 -117.69 54.53 -11.08
CA TYR KD 75 -117.02 53.87 -12.20
C TYR KD 75 -115.84 54.66 -12.75
N GLN KD 76 -115.57 55.86 -12.26
CA GLN KD 76 -114.49 56.69 -12.80
C GLN KD 76 -114.65 56.98 -14.28
N LEU KD 77 -115.87 57.22 -14.72
CA LEU KD 77 -116.10 57.60 -16.09
C LEU KD 77 -115.67 59.04 -16.31
N PRO KD 78 -115.43 59.46 -17.57
CA PRO KD 78 -115.35 58.74 -18.83
C PRO KD 78 -114.06 57.96 -18.97
N PRO KD 79 -114.06 56.90 -19.75
CA PRO KD 79 -112.88 56.02 -19.77
C PRO KD 79 -111.70 56.69 -20.46
N ARG KD 80 -110.52 56.36 -19.96
CA ARG KD 80 -109.27 56.78 -20.59
C ARG KD 80 -109.03 56.01 -21.88
N PRO KD 81 -108.14 56.50 -22.74
CA PRO KD 81 -107.75 55.72 -23.92
C PRO KD 81 -106.89 54.52 -23.55
N ARG KD 82 -106.94 53.53 -24.43
CA ARG KD 82 -106.22 52.28 -24.21
C ARG KD 82 -104.71 52.44 -24.43
N VAL KD 83 -103.91 51.86 -23.55
CA VAL KD 83 -102.45 51.98 -23.58
C VAL KD 83 -101.83 50.77 -24.27
N GLU KD 84 -100.84 51.03 -25.13
CA GLU KD 84 -100.02 49.99 -25.73
C GLU KD 84 -98.56 50.39 -25.78
N ILE KD 85 -97.68 49.43 -25.51
CA ILE KD 85 -96.29 49.72 -25.19
C ILE KD 85 -95.56 50.39 -26.35
N ALA KD 86 -95.98 50.11 -27.58
CA ALA KD 86 -95.37 50.78 -28.73
C ALA KD 86 -95.52 52.29 -28.70
N GLN KD 87 -96.44 52.83 -27.92
CA GLN KD 87 -96.54 54.28 -27.82
C GLN KD 87 -95.38 54.93 -27.08
N MET KD 88 -94.67 54.19 -26.24
CA MET KD 88 -93.52 54.73 -25.54
C MET KD 88 -92.25 54.78 -26.38
N PHE KD 89 -92.22 54.17 -27.57
CA PHE KD 89 -90.99 54.01 -28.34
C PHE KD 89 -91.26 54.30 -29.81
N PRO KD 90 -91.67 55.51 -30.14
CA PRO KD 90 -92.04 55.81 -31.51
C PRO KD 90 -90.86 55.61 -32.45
N ALA KD 91 -91.15 55.11 -33.64
CA ALA KD 91 -90.11 54.86 -34.64
C ALA KD 91 -89.58 56.14 -35.27
N ASP KD 92 -90.23 57.28 -34.99
CA ASP KD 92 -89.85 58.53 -35.65
C ASP KD 92 -88.39 58.88 -35.46
N SER KD 93 -87.78 58.45 -34.35
CA SER KD 93 -86.40 58.84 -34.10
C SER KD 93 -85.46 58.20 -35.11
N LEU KD 94 -84.34 58.88 -35.33
CA LEU KD 94 -83.26 58.34 -36.14
C LEU KD 94 -82.53 57.21 -35.44
N VAL KD 95 -82.61 57.14 -34.12
CA VAL KD 95 -81.85 56.17 -33.33
C VAL KD 95 -82.82 55.21 -32.68
N SER KD 96 -82.40 53.96 -32.55
CA SER KD 96 -83.02 53.03 -31.63
C SER KD 96 -81.97 52.07 -31.11
N SER KD 97 -81.93 51.91 -29.80
CA SER KD 97 -81.17 50.83 -29.19
C SER KD 97 -81.83 49.51 -29.53
N PRO KD 98 -81.14 48.41 -29.30
CA PRO KD 98 -81.83 47.11 -29.41
C PRO KD 98 -83.07 47.04 -28.55
N ARG KD 99 -83.06 47.75 -27.43
CA ARG KD 99 -84.11 47.59 -26.45
C ARG KD 99 -85.44 48.10 -27.00
N ALA KD 100 -85.43 49.25 -27.65
CA ALA KD 100 -86.65 49.80 -28.23
C ALA KD 100 -87.21 48.89 -29.33
N GLU KD 101 -86.37 48.46 -30.26
CA GLU KD 101 -86.85 47.55 -31.30
C GLU KD 101 -87.49 46.30 -30.70
N LYS KD 102 -86.78 45.64 -29.79
CA LYS KD 102 -87.32 44.45 -29.16
C LYS KD 102 -88.65 44.71 -28.46
N ALA KD 103 -88.77 45.88 -27.83
CA ALA KD 103 -90.03 46.25 -27.19
C ALA KD 103 -91.16 46.40 -28.19
N ARG KD 104 -90.92 47.14 -29.27
CA ARG KD 104 -91.95 47.24 -30.31
C ARG KD 104 -92.35 45.88 -30.87
N LEU KD 105 -91.40 44.98 -31.05
CA LEU KD 105 -91.74 43.66 -31.56
C LEU KD 105 -92.71 42.92 -30.64
N TYR KD 106 -92.40 42.86 -29.35
CA TYR KD 106 -93.31 42.16 -28.44
C TYR KD 106 -94.65 42.88 -28.35
N SER KD 107 -94.64 44.21 -28.29
CA SER KD 107 -95.89 44.95 -28.23
C SER KD 107 -96.76 44.74 -29.44
N ALA KD 108 -96.20 44.28 -30.55
CA ALA KD 108 -97.04 43.97 -31.71
C ALA KD 108 -97.54 42.54 -31.72
N ILE KD 109 -96.73 41.62 -31.21
CA ILE KD 109 -97.20 40.24 -31.10
C ILE KD 109 -98.39 40.14 -30.15
N GLU KD 110 -98.32 40.82 -29.00
CA GLU KD 110 -99.45 40.81 -28.08
C GLU KD 110 -100.76 41.19 -28.76
N GLN KD 111 -100.75 42.25 -29.54
CA GLN KD 111 -101.96 42.69 -30.20
C GLN KD 111 -102.42 41.68 -31.24
N ARG KD 112 -101.48 41.03 -31.92
CA ARG KD 112 -101.90 40.13 -32.97
C ARG KD 112 -102.48 38.85 -32.40
N LEU KD 113 -102.00 38.43 -31.24
CA LEU KD 113 -102.61 37.27 -30.59
C LEU KD 113 -104.00 37.59 -30.09
N GLU KD 114 -104.21 38.76 -29.47
CA GLU KD 114 -105.58 39.07 -29.05
C GLU KD 114 -106.53 39.06 -30.23
N GLN KD 115 -106.12 39.65 -31.36
CA GLN KD 115 -106.97 39.65 -32.53
C GLN KD 115 -107.22 38.27 -33.07
N SER KD 116 -106.30 37.33 -32.88
CA SER KD 116 -106.60 35.99 -33.35
C SER KD 116 -107.54 35.24 -32.41
N LEU KD 117 -107.34 35.38 -31.10
CA LEU KD 117 -108.24 34.71 -30.16
C LEU KD 117 -109.68 35.18 -30.30
N GLN KD 118 -109.91 36.45 -30.60
CA GLN KD 118 -111.29 36.86 -30.81
C GLN KD 118 -112.00 36.10 -31.91
N THR KD 119 -111.28 35.44 -32.81
CA THR KD 119 -111.93 34.67 -33.86
C THR KD 119 -112.37 33.28 -33.43
N MET KD 120 -111.91 32.76 -32.29
CA MET KD 120 -112.35 31.46 -31.85
C MET KD 120 -113.85 31.46 -31.58
N GLU KD 121 -114.41 30.26 -31.61
CA GLU KD 121 -115.82 30.02 -31.39
C GLU KD 121 -116.30 30.36 -29.98
N GLY KD 122 -117.25 31.30 -29.91
CA GLY KD 122 -117.84 31.75 -28.67
C GLY KD 122 -117.15 32.89 -27.96
N VAL KD 123 -115.88 33.14 -28.23
CA VAL KD 123 -115.17 34.19 -27.51
C VAL KD 123 -115.68 35.56 -27.96
N LEU KD 124 -115.95 36.43 -27.00
CA LEU KD 124 -116.43 37.77 -27.26
C LEU KD 124 -115.33 38.80 -27.17
N SER KD 125 -114.44 38.68 -26.19
CA SER KD 125 -113.30 39.56 -26.07
C SER KD 125 -112.23 38.85 -25.28
N ALA KD 126 -110.99 39.29 -25.46
CA ALA KD 126 -109.85 38.68 -24.79
C ALA KD 126 -108.75 39.71 -24.61
N ARG KD 127 -107.81 39.39 -23.74
CA ARG KD 127 -106.63 40.22 -23.57
C ARG KD 127 -105.44 39.36 -23.17
N VAL KD 128 -104.23 39.72 -23.62
CA VAL KD 128 -103.04 38.90 -23.47
C VAL KD 128 -101.87 39.72 -22.95
N HIS KD 129 -101.01 39.07 -22.16
CA HIS KD 129 -99.79 39.67 -21.64
C HIS KD 129 -98.61 38.73 -21.80
N ILE KD 130 -97.46 39.26 -22.25
CA ILE KD 130 -96.22 38.50 -22.39
C ILE KD 130 -95.16 39.03 -21.44
N SER KD 131 -94.33 38.13 -20.91
CA SER KD 131 -93.16 38.54 -20.15
C SER KD 131 -92.13 39.30 -20.97
N TYR KD 132 -92.00 40.62 -20.78
CA TYR KD 132 -90.97 41.43 -21.44
C TYR KD 132 -89.60 41.20 -20.80
N ASP KD 133 -88.91 40.15 -21.23
CA ASP KD 133 -87.61 39.86 -20.64
C ASP KD 133 -86.60 40.94 -20.99
N ILE KD 134 -86.92 41.74 -21.99
CA ILE KD 134 -86.12 42.87 -22.42
C ILE KD 134 -85.92 43.92 -21.34
N ASP KD 135 -86.65 43.83 -20.24
CA ASP KD 135 -86.36 44.72 -19.11
C ASP KD 135 -84.97 44.48 -18.54
N ALA KD 136 -84.28 43.48 -19.06
CA ALA KD 136 -82.82 43.45 -19.09
C ALA KD 136 -82.42 43.03 -20.49
N GLY KD 137 -81.19 43.36 -20.86
CA GLY KD 137 -80.79 43.11 -22.23
C GLY KD 137 -80.63 41.63 -22.57
N GLU KD 138 -80.47 40.78 -21.56
CA GLU KD 138 -79.98 39.42 -21.81
C GLU KD 138 -78.62 39.43 -22.50
N ASN KD 139 -77.90 40.54 -22.38
CA ASN KD 139 -76.50 40.62 -22.75
C ASN KD 139 -75.64 39.91 -21.72
N GLY KD 140 -74.63 39.19 -22.22
CA GLY KD 140 -73.72 38.47 -21.36
C GLY KD 140 -74.40 37.40 -20.53
N ARG KD 141 -75.66 37.10 -20.81
CA ARG KD 141 -76.45 36.29 -19.90
C ARG KD 141 -77.41 35.42 -20.71
N PRO KD 142 -77.77 34.25 -20.23
CA PRO KD 142 -78.72 33.40 -20.94
C PRO KD 142 -80.13 33.94 -20.85
N PRO KD 143 -80.86 33.93 -21.97
CA PRO KD 143 -82.23 34.45 -21.96
C PRO KD 143 -83.19 33.53 -21.22
N LYS KD 144 -84.08 34.13 -20.43
CA LYS KD 144 -85.02 33.41 -19.57
C LYS KD 144 -86.22 32.90 -20.38
N PRO KD 145 -86.93 31.90 -19.87
CA PRO KD 145 -88.12 31.43 -20.58
C PRO KD 145 -89.28 32.42 -20.52
N VAL KD 146 -90.14 32.32 -21.54
CA VAL KD 146 -91.34 33.13 -21.69
C VAL KD 146 -92.50 32.65 -20.82
N HIS KD 147 -93.27 33.62 -20.32
CA HIS KD 147 -94.51 33.44 -19.57
C HIS KD 147 -95.62 34.24 -20.25
N LEU KD 148 -96.84 33.69 -20.25
CA LEU KD 148 -98.00 34.28 -20.90
C LEU KD 148 -99.21 34.25 -19.98
N SER KD 149 -100.04 35.29 -20.02
CA SER KD 149 -101.33 35.30 -19.35
C SER KD 149 -102.44 35.79 -20.26
N ALA KD 150 -103.62 35.15 -20.18
CA ALA KD 150 -104.75 35.55 -21.01
C ALA KD 150 -106.07 35.57 -20.25
N LEU KD 151 -106.90 36.56 -20.58
CA LEU KD 151 -108.24 36.74 -20.03
C LEU KD 151 -109.26 36.66 -21.16
N ALA KD 152 -110.39 35.98 -20.94
CA ALA KD 152 -111.38 35.91 -22.00
C ALA KD 152 -112.80 35.81 -21.48
N VAL KD 153 -113.74 36.32 -22.28
CA VAL KD 153 -115.16 36.32 -21.94
C VAL KD 153 -115.94 35.48 -22.94
N TYR KD 154 -116.85 34.65 -22.45
CA TYR KD 154 -117.63 33.71 -23.25
C TYR KD 154 -119.13 33.97 -23.22
N GLU KD 155 -119.79 33.53 -24.28
CA GLU KD 155 -121.25 33.45 -24.32
C GLU KD 155 -121.78 32.48 -23.27
N ARG KD 156 -122.98 32.79 -22.78
CA ARG KD 156 -123.65 31.96 -21.79
C ARG KD 156 -123.91 30.54 -22.29
N GLY KD 157 -123.62 29.56 -21.43
CA GLY KD 157 -123.79 28.16 -21.76
C GLY KD 157 -122.61 27.47 -22.41
N SER KD 158 -121.41 27.96 -22.20
CA SER KD 158 -120.14 27.47 -22.71
C SER KD 158 -119.42 26.61 -21.69
N PRO KD 159 -118.92 25.40 -22.04
CA PRO KD 159 -118.17 24.62 -21.05
C PRO KD 159 -116.74 25.11 -20.91
N LEU KD 160 -116.60 26.06 -19.99
CA LEU KD 160 -115.33 26.72 -19.73
C LEU KD 160 -114.21 25.73 -19.42
N ALA KD 161 -114.51 24.78 -18.54
CA ALA KD 161 -113.52 23.77 -18.18
C ALA KD 161 -112.96 23.07 -19.41
N HIS KD 162 -113.83 22.65 -20.31
CA HIS KD 162 -113.33 21.96 -21.49
C HIS KD 162 -112.74 22.90 -22.51
N GLN KD 163 -112.94 24.22 -22.39
CA GLN KD 163 -112.36 25.15 -23.35
C GLN KD 163 -111.01 25.70 -22.93
N ILE KD 164 -110.59 25.55 -21.68
CA ILE KD 164 -109.27 26.04 -21.32
C ILE KD 164 -108.17 25.29 -22.07
N SER KD 165 -108.35 23.98 -22.25
CA SER KD 165 -107.37 23.16 -22.93
C SER KD 165 -107.03 23.70 -24.33
N ASP KD 166 -108.05 23.98 -25.13
CA ASP KD 166 -107.81 24.51 -26.47
C ASP KD 166 -106.94 25.75 -26.45
N ILE KD 167 -107.28 26.72 -25.62
CA ILE KD 167 -106.47 27.94 -25.52
C ILE KD 167 -105.03 27.59 -25.18
N LYS KD 168 -104.80 26.83 -24.11
CA LYS KD 168 -103.42 26.47 -23.78
C LYS KD 168 -102.69 25.82 -24.95
N ARG KD 169 -103.32 24.84 -25.60
CA ARG KD 169 -102.71 24.20 -26.75
C ARG KD 169 -102.33 25.22 -27.82
N PHE KD 170 -103.24 26.13 -28.12
CA PHE KD 170 -102.95 27.12 -29.15
C PHE KD 170 -101.80 28.02 -28.76
N LEU KD 171 -101.76 28.49 -27.52
CA LEU KD 171 -100.72 29.44 -27.14
C LEU KD 171 -99.35 28.79 -26.99
N LYS KD 172 -99.30 27.53 -26.57
CA LYS KD 172 -98.02 26.86 -26.37
C LYS KD 172 -97.07 26.97 -27.56
N ASN KD 173 -97.57 26.75 -28.76
CA ASN KD 173 -96.71 26.77 -29.95
C ASN KD 173 -96.47 28.15 -30.55
N SER KD 174 -96.94 29.22 -29.95
CA SER KD 174 -96.66 30.52 -30.55
C SER KD 174 -95.27 31.04 -30.20
N PHE KD 175 -94.51 30.34 -29.36
CA PHE KD 175 -93.19 30.78 -28.92
C PHE KD 175 -92.24 29.59 -28.90
N ALA KD 176 -90.95 29.92 -29.00
CA ALA KD 176 -89.90 28.90 -29.03
C ALA KD 176 -89.85 28.01 -27.80
N ASP KD 177 -90.17 28.53 -26.61
CA ASP KD 177 -90.03 27.70 -25.41
C ASP KD 177 -91.05 28.14 -24.37
N VAL KD 178 -92.12 27.37 -24.24
CA VAL KD 178 -93.18 27.67 -23.28
C VAL KD 178 -93.64 26.35 -22.70
N ASP KD 179 -93.89 26.34 -21.40
CA ASP KD 179 -94.40 25.18 -20.70
C ASP KD 179 -95.82 25.43 -20.26
N TYR KD 180 -96.65 24.38 -20.33
CA TYR KD 180 -98.03 24.52 -19.87
C TYR KD 180 -98.10 25.07 -18.46
N ASP KD 181 -97.12 24.75 -17.63
CA ASP KD 181 -97.10 25.29 -16.29
C ASP KD 181 -97.01 26.81 -16.26
N ASN KD 182 -96.38 27.43 -17.25
CA ASN KD 182 -96.16 28.87 -17.30
C ASN KD 182 -97.27 29.66 -17.99
N ILE KD 183 -98.42 29.06 -18.27
CA ILE KD 183 -99.52 29.75 -18.95
C ILE KD 183 -100.71 29.82 -18.00
N SER KD 184 -101.14 31.05 -17.70
CA SER KD 184 -102.32 31.34 -16.89
C SER KD 184 -103.47 31.78 -17.77
N VAL KD 185 -104.66 31.21 -17.52
CA VAL KD 185 -105.86 31.51 -18.30
C VAL KD 185 -107.02 31.72 -17.36
N VAL KD 186 -107.72 32.84 -17.53
CA VAL KD 186 -108.90 33.18 -16.73
C VAL KD 186 -110.08 33.47 -17.64
N LEU KD 187 -111.19 32.78 -17.40
CA LEU KD 187 -112.39 32.88 -18.21
C LEU KD 187 -113.58 33.34 -17.39
N SER KD 188 -114.49 34.04 -18.05
CA SER KD 188 -115.70 34.50 -17.38
C SER KD 188 -116.83 34.55 -18.39
N GLU KD 189 -118.06 34.47 -17.89
CA GLU KD 189 -119.25 34.59 -18.74
C GLU KD 189 -119.80 36.01 -18.85
N ARG KD 190 -120.44 36.26 -19.97
CA ARG KD 190 -121.21 37.48 -20.19
C ARG KD 190 -122.31 37.62 -19.16
N SER KD 191 -122.50 38.85 -18.67
CA SER KD 191 -123.60 39.19 -17.79
C SER KD 191 -124.94 39.16 -18.53
N ASP KD 192 -126.02 39.21 -17.73
CA ASP KD 192 -127.37 39.30 -18.26
C ASP KD 192 -127.57 40.49 -19.20
N ALA KD 193 -128.34 40.25 -20.26
CA ALA KD 193 -128.67 41.24 -21.27
C ALA KD 193 -129.65 42.31 -20.79
N GLN KD 194 -129.32 43.56 -21.08
CA GLN KD 194 -130.16 44.73 -20.84
C GLN KD 194 -131.00 45.07 -22.06
N LEU KD 195 -132.20 44.50 -22.16
CA LEU KD 195 -133.05 44.67 -23.33
C LEU KD 195 -134.19 45.66 -23.13
N GLN KD 196 -134.85 45.68 -21.98
CA GLN KD 196 -135.93 46.63 -21.76
C GLN KD 196 -135.42 48.02 -21.40
N ALA KD 197 -136.09 49.03 -21.94
CA ALA KD 197 -135.74 50.42 -21.70
C ALA KD 197 -136.09 50.88 -20.29
N PRO KD 198 -135.30 51.79 -19.72
CA PRO KD 198 -135.63 52.36 -18.41
C PRO KD 198 -136.87 53.24 -18.44
N GLY KD 199 -137.51 53.34 -17.27
CA GLY KD 199 -138.68 54.18 -17.08
C GLY KD 199 -138.35 55.66 -16.90
N THR KD 200 -139.18 56.51 -17.50
CA THR KD 200 -139.03 57.96 -17.41
C THR KD 200 -139.55 58.49 -16.07
N PRO KD 201 -138.81 59.38 -15.41
CA PRO KD 201 -139.31 60.01 -14.17
C PRO KD 201 -140.69 60.62 -14.34
N VAL KD 202 -141.52 60.46 -13.32
CA VAL KD 202 -142.84 61.08 -13.32
C VAL KD 202 -142.70 62.57 -13.07
N ASP LD 20 -135.29 58.76 -35.03
CA ASP LD 20 -134.16 57.84 -35.01
C ASP LD 20 -132.99 58.44 -34.25
N LYS LD 21 -132.24 57.59 -33.55
CA LYS LD 21 -131.09 58.01 -32.77
C LYS LD 21 -129.80 57.58 -33.45
N ASP LD 22 -128.82 58.48 -33.46
CA ASP LD 22 -127.49 58.20 -34.01
C ASP LD 22 -126.66 57.36 -33.07
N LEU LD 23 -126.21 56.20 -33.56
CA LEU LD 23 -125.27 55.35 -32.86
C LEU LD 23 -123.83 55.73 -33.17
N LEU LD 24 -123.48 55.76 -34.45
CA LEU LD 24 -122.09 55.94 -34.82
C LEU LD 24 -122.02 56.79 -36.09
N LYS LD 25 -120.96 57.57 -36.19
CA LYS LD 25 -120.67 58.37 -37.37
C LYS LD 25 -119.22 58.22 -37.81
N GLY LD 26 -118.98 58.67 -39.03
CA GLY LD 26 -117.66 58.62 -39.62
C GLY LD 26 -117.07 57.24 -39.76
N LEU LD 27 -117.91 56.22 -39.87
CA LEU LD 27 -117.39 54.89 -40.10
C LEU LD 27 -116.89 54.81 -41.54
N ASP LD 28 -116.00 53.87 -41.80
CA ASP LD 28 -115.77 53.42 -43.15
C ASP LD 28 -116.57 52.17 -43.50
N GLN LD 29 -116.34 51.72 -44.73
CA GLN LD 29 -117.13 50.67 -45.36
C GLN LD 29 -117.17 49.38 -44.55
N GLU LD 30 -115.99 48.84 -44.25
CA GLU LD 30 -115.86 47.55 -43.60
C GLU LD 30 -116.06 47.59 -42.10
N GLN LD 31 -116.04 48.77 -41.49
CA GLN LD 31 -116.58 48.89 -40.15
C GLN LD 31 -118.10 48.85 -40.16
N ALA LD 32 -118.72 49.62 -41.04
CA ALA LD 32 -120.18 49.70 -41.04
C ALA LD 32 -120.80 48.34 -41.30
N ASN LD 33 -120.28 47.61 -42.30
CA ASN LD 33 -120.85 46.30 -42.60
C ASN LD 33 -120.78 45.33 -41.42
N GLU LD 34 -119.68 45.37 -40.67
CA GLU LD 34 -119.59 44.53 -39.48
C GLU LD 34 -120.62 44.91 -38.43
N VAL LD 35 -120.83 46.21 -38.23
CA VAL LD 35 -121.80 46.61 -37.23
C VAL LD 35 -123.19 46.18 -37.63
N ILE LD 36 -123.56 46.43 -38.89
CA ILE LD 36 -124.88 46.02 -39.37
C ILE LD 36 -125.08 44.52 -39.17
N ALA LD 37 -124.09 43.72 -39.52
CA ALA LD 37 -124.19 42.27 -39.34
C ALA LD 37 -124.48 41.86 -37.90
N VAL LD 38 -123.77 42.47 -36.96
CA VAL LD 38 -123.98 42.10 -35.57
C VAL LD 38 -125.35 42.56 -35.06
N LEU LD 39 -125.82 43.72 -35.48
CA LEU LD 39 -127.15 44.09 -35.02
C LEU LD 39 -128.23 43.22 -35.62
N GLN LD 40 -128.18 42.96 -36.93
CA GLN LD 40 -129.17 42.06 -37.52
C GLN LD 40 -129.24 40.70 -36.84
N MET LD 41 -128.10 40.15 -36.44
CA MET LD 41 -128.17 38.85 -35.78
C MET LD 41 -129.07 38.84 -34.56
N HIS LD 42 -129.13 39.94 -33.82
CA HIS LD 42 -129.95 40.03 -32.61
C HIS LD 42 -131.35 40.62 -32.83
N ASN LD 43 -131.84 40.58 -34.05
CA ASN LD 43 -133.16 41.13 -34.38
C ASN LD 43 -133.30 42.63 -34.24
N ILE LD 44 -132.26 43.39 -34.57
CA ILE LD 44 -132.29 44.84 -34.53
C ILE LD 44 -132.18 45.33 -35.97
N GLU LD 45 -133.24 45.97 -36.47
CA GLU LD 45 -133.24 46.60 -37.78
C GLU LD 45 -132.47 47.91 -37.78
N ALA LD 46 -131.43 48.01 -38.61
CA ALA LD 46 -130.56 49.18 -38.63
C ALA LD 46 -130.52 49.77 -40.03
N ASN LD 47 -130.10 51.03 -40.12
CA ASN LD 47 -130.02 51.75 -41.38
C ASN LD 47 -128.64 52.36 -41.56
N LYS LD 48 -128.08 52.20 -42.76
CA LYS LD 48 -126.78 52.74 -43.13
C LYS LD 48 -126.95 53.91 -44.08
N ILE LD 49 -126.35 55.04 -43.74
CA ILE LD 49 -126.43 56.29 -44.49
C ILE LD 49 -125.04 56.74 -44.87
N ASP LD 50 -124.90 57.27 -46.08
CA ASP LD 50 -123.62 57.74 -46.61
C ASP LD 50 -123.58 59.26 -46.72
N SER LD 51 -122.55 59.85 -46.11
CA SER LD 51 -122.32 61.29 -46.10
C SER LD 51 -121.06 61.67 -46.88
N GLY LD 52 -120.52 60.75 -47.68
CA GLY LD 52 -119.27 60.92 -48.40
C GLY LD 52 -117.98 61.12 -47.64
N LYS LD 53 -117.38 62.31 -47.75
CA LYS LD 53 -116.18 62.60 -46.97
C LYS LD 53 -116.39 62.42 -45.47
N LEU LD 54 -117.63 62.41 -45.01
CA LEU LD 54 -117.91 62.23 -43.59
C LEU LD 54 -118.13 60.77 -43.22
N GLY LD 55 -118.09 59.86 -44.18
CA GLY LD 55 -118.35 58.46 -43.95
C GLY LD 55 -119.80 58.05 -43.75
N TYR LD 56 -119.94 56.83 -43.24
CA TYR LD 56 -121.22 56.23 -42.97
C TYR LD 56 -121.72 56.43 -41.54
N SER LD 57 -123.04 56.48 -41.41
CA SER LD 57 -123.76 56.64 -40.17
C SER LD 57 -124.76 55.49 -40.03
N ILE LD 58 -124.98 55.06 -38.81
CA ILE LD 58 -125.88 53.96 -38.48
C ILE LD 58 -126.97 54.49 -37.57
N THR LD 59 -128.21 54.17 -37.87
CA THR LD 59 -129.33 54.64 -37.07
C THR LD 59 -130.34 53.54 -36.84
N VAL LD 60 -131.04 53.64 -35.70
CA VAL LD 60 -132.05 52.69 -35.27
C VAL LD 60 -133.21 53.43 -34.63
N ALA LD 61 -134.34 52.73 -34.51
CA ALA LD 61 -135.48 53.24 -33.76
C ALA LD 61 -135.25 53.24 -32.25
N GLU LD 62 -136.01 54.11 -31.59
CA GLU LD 62 -135.94 54.26 -30.14
C GLU LD 62 -136.22 52.98 -29.38
N PRO LD 63 -137.29 52.24 -29.65
CA PRO LD 63 -137.49 50.97 -28.92
C PRO LD 63 -136.30 50.03 -28.97
N ASP LD 64 -135.44 50.13 -29.97
CA ASP LD 64 -134.28 49.26 -30.10
C ASP LD 64 -132.98 49.94 -29.66
N PHE LD 65 -133.04 51.22 -29.33
CA PHE LD 65 -131.83 51.95 -28.97
C PHE LD 65 -131.09 51.30 -27.80
N THR LD 66 -131.79 51.04 -26.70
CA THR LD 66 -131.15 50.42 -25.54
C THR LD 66 -130.40 49.14 -25.87
N ALA LD 67 -131.07 48.20 -26.54
CA ALA LD 67 -130.41 46.97 -26.93
C ALA LD 67 -129.20 47.25 -27.82
N ALA LD 68 -129.34 48.13 -28.80
CA ALA LD 68 -128.20 48.40 -29.67
C ALA LD 68 -127.00 48.92 -28.89
N VAL LD 69 -127.24 49.78 -27.92
CA VAL LD 69 -126.16 50.27 -27.08
C VAL LD 69 -125.49 49.12 -26.33
N TYR LD 70 -126.28 48.27 -25.69
CA TYR LD 70 -125.70 47.17 -24.93
C TYR LD 70 -124.90 46.22 -25.80
N TRP LD 71 -125.36 45.94 -26.99
CA TRP LD 71 -124.58 45.06 -27.86
C TRP LD 71 -123.31 45.72 -28.38
N ILE LD 72 -123.35 46.98 -28.80
CA ILE LD 72 -122.08 47.53 -29.28
C ILE LD 72 -121.07 47.64 -28.15
N LYS LD 73 -121.53 47.86 -26.93
CA LYS LD 73 -120.59 47.77 -25.82
C LYS LD 73 -120.03 46.37 -25.68
N THR LD 74 -120.90 45.36 -25.68
CA THR LD 74 -120.43 44.01 -25.41
C THR LD 74 -119.44 43.52 -26.46
N TYR LD 75 -119.72 43.74 -27.73
CA TYR LD 75 -118.77 43.35 -28.77
C TYR LD 75 -117.66 44.36 -29.00
N GLN LD 76 -117.63 45.49 -28.30
CA GLN LD 76 -116.59 46.49 -28.52
C GLN LD 76 -116.51 46.95 -29.97
N LEU LD 77 -117.64 47.23 -30.56
CA LEU LD 77 -117.65 47.71 -31.92
C LEU LD 77 -117.35 49.21 -31.92
N PRO LD 78 -116.92 49.77 -33.06
CA PRO LD 78 -116.51 49.19 -34.34
C PRO LD 78 -115.13 48.56 -34.28
N PRO LD 79 -114.84 47.62 -35.16
CA PRO LD 79 -113.57 46.91 -35.07
C PRO LD 79 -112.41 47.81 -35.47
N ARG LD 80 -111.37 47.78 -34.67
CA ARG LD 80 -110.10 48.42 -34.98
C ARG LD 80 -109.29 47.55 -35.94
N PRO LD 81 -108.44 48.16 -36.76
CA PRO LD 81 -107.89 47.44 -37.92
C PRO LD 81 -106.85 46.41 -37.57
N ARG LD 82 -106.61 45.53 -38.54
CA ARG LD 82 -105.67 44.42 -38.39
C ARG LD 82 -104.24 44.89 -38.18
N VAL LD 83 -103.58 44.34 -37.16
CA VAL LD 83 -102.19 44.62 -36.86
C VAL LD 83 -101.30 43.58 -37.53
N GLU LD 84 -100.27 44.04 -38.23
CA GLU LD 84 -99.28 43.20 -38.87
C GLU LD 84 -97.88 43.68 -38.52
N ILE LD 85 -96.98 42.73 -38.24
CA ILE LD 85 -95.71 43.09 -37.62
C ILE LD 85 -94.87 43.99 -38.52
N ALA LD 86 -94.98 43.82 -39.83
CA ALA LD 86 -94.29 44.69 -40.77
C ALA LD 86 -94.67 46.15 -40.65
N GLN LD 87 -95.75 46.50 -39.94
CA GLN LD 87 -96.04 47.91 -39.70
C GLN LD 87 -95.08 48.54 -38.72
N MET LD 88 -94.41 47.76 -37.90
CA MET LD 88 -93.54 48.32 -36.88
C MET LD 88 -92.16 48.65 -37.40
N PHE LD 89 -91.82 48.21 -38.60
CA PHE LD 89 -90.47 48.38 -39.15
C PHE LD 89 -90.60 48.86 -40.59
N PRO LD 90 -91.00 50.11 -40.78
CA PRO LD 90 -91.11 50.64 -42.14
C PRO LD 90 -89.79 50.56 -42.89
N ALA LD 91 -89.87 50.19 -44.16
CA ALA LD 91 -88.68 50.14 -45.01
C ALA LD 91 -88.07 51.50 -45.27
N ASP LD 92 -88.79 52.59 -45.00
CA ASP LD 92 -88.28 53.94 -45.14
C ASP LD 92 -87.19 54.30 -44.13
N SER LD 93 -86.90 53.44 -43.16
CA SER LD 93 -85.73 53.66 -42.31
C SER LD 93 -84.47 53.78 -43.14
N LEU LD 94 -83.52 54.55 -42.62
CA LEU LD 94 -82.35 54.93 -43.41
C LEU LD 94 -81.52 53.71 -43.78
N VAL LD 95 -81.02 53.00 -42.77
CA VAL LD 95 -80.33 51.72 -42.97
C VAL LD 95 -80.71 50.81 -41.81
N SER LD 96 -81.25 49.64 -42.13
CA SER LD 96 -81.87 48.80 -41.11
C SER LD 96 -80.84 47.94 -40.41
N SER LD 97 -81.11 47.64 -39.15
CA SER LD 97 -80.47 46.53 -38.47
C SER LD 97 -80.92 45.23 -39.10
N PRO LD 98 -80.17 44.15 -38.91
CA PRO LD 98 -80.67 42.82 -39.32
C PRO LD 98 -82.02 42.49 -38.74
N ARG LD 99 -82.29 42.96 -37.53
CA ARG LD 99 -83.48 42.54 -36.80
C ARG LD 99 -84.74 42.93 -37.55
N ALA LD 100 -84.78 44.18 -38.04
CA ALA LD 100 -85.95 44.64 -38.76
C ALA LD 100 -86.16 43.89 -40.07
N GLU LD 101 -85.09 43.63 -40.82
CA GLU LD 101 -85.24 42.85 -42.04
C GLU LD 101 -85.80 41.46 -41.76
N LYS LD 102 -85.21 40.78 -40.79
CA LYS LD 102 -85.69 39.45 -40.43
C LYS LD 102 -87.16 39.44 -40.01
N ALA LD 103 -87.57 40.42 -39.22
CA ALA LD 103 -88.97 40.51 -38.85
C ALA LD 103 -89.90 40.86 -40.01
N ARG LD 104 -89.49 41.73 -40.93
CA ARG LD 104 -90.30 41.93 -42.12
C ARG LD 104 -90.43 40.66 -42.96
N LEU LD 105 -89.38 39.86 -43.03
CA LEU LD 105 -89.46 38.64 -43.80
C LEU LD 105 -90.51 37.70 -43.21
N TYR LD 106 -90.34 37.36 -41.93
CA TYR LD 106 -91.32 36.45 -41.33
C TYR LD 106 -92.72 37.03 -41.39
N SER LD 107 -92.86 38.33 -41.18
CA SER LD 107 -94.18 38.94 -41.26
C SER LD 107 -94.79 38.87 -42.64
N ALA LD 108 -94.02 38.52 -43.65
CA ALA LD 108 -94.63 38.36 -44.97
C ALA LD 108 -94.90 36.90 -45.31
N ILE LD 109 -94.05 36.00 -44.84
CA ILE LD 109 -94.34 34.56 -44.95
C ILE LD 109 -95.66 34.22 -44.30
N GLU LD 110 -95.89 34.69 -43.08
CA GLU LD 110 -97.16 34.40 -42.41
C GLU LD 110 -98.38 34.78 -43.25
N GLN LD 111 -98.37 35.96 -43.84
CA GLN LD 111 -99.51 36.38 -44.64
C GLN LD 111 -99.65 35.55 -45.90
N ARG LD 112 -98.54 35.18 -46.53
CA ARG LD 112 -98.64 34.38 -47.73
C ARG LD 112 -99.16 32.98 -47.43
N LEU LD 113 -98.84 32.43 -46.26
CA LEU LD 113 -99.39 31.13 -45.91
C LEU LD 113 -100.88 31.23 -45.64
N GLU LD 114 -101.33 32.24 -44.90
CA GLU LD 114 -102.76 32.40 -44.71
C GLU LD 114 -103.48 32.43 -46.04
N GLN LD 115 -102.97 33.22 -46.98
CA GLN LD 115 -103.65 33.32 -48.27
C GLN LD 115 -103.61 32.03 -49.05
N SER LD 116 -102.63 31.18 -48.79
CA SER LD 116 -102.63 29.90 -49.50
C SER LD 116 -103.61 28.91 -48.88
N LEU LD 117 -103.65 28.85 -47.56
CA LEU LD 117 -104.62 27.97 -46.91
C LEU LD 117 -106.04 28.31 -47.30
N GLN LD 118 -106.35 29.59 -47.50
CA GLN LD 118 -107.71 29.89 -47.93
C GLN LD 118 -108.12 29.19 -49.22
N THR LD 119 -107.19 28.68 -50.01
CA THR LD 119 -107.58 28.01 -51.24
C THR LD 119 -107.89 26.53 -51.08
N MET LD 120 -107.58 25.90 -49.96
CA MET LD 120 -107.96 24.52 -49.78
C MET LD 120 -109.47 24.35 -49.83
N GLU LD 121 -109.89 23.14 -50.13
CA GLU LD 121 -111.29 22.77 -50.23
C GLU LD 121 -112.04 22.83 -48.91
N GLY LD 122 -113.07 23.67 -48.87
CA GLY LD 122 -113.92 23.86 -47.72
C GLY LD 122 -113.50 24.94 -46.75
N VAL LD 123 -112.24 25.35 -46.73
CA VAL LD 123 -111.82 26.34 -45.75
C VAL LD 123 -112.41 27.69 -46.11
N LEU LD 124 -112.96 28.38 -45.11
CA LEU LD 124 -113.48 29.73 -45.29
C LEU LD 124 -112.51 30.81 -44.84
N SER LD 125 -111.80 30.62 -43.74
CA SER LD 125 -110.81 31.60 -43.31
C SER LD 125 -109.83 30.93 -42.37
N ALA LD 126 -108.67 31.57 -42.20
CA ALA LD 126 -107.61 31.02 -41.37
C ALA LD 126 -106.72 32.11 -40.82
N ARG LD 127 -105.93 31.73 -39.80
CA ARG LD 127 -104.90 32.57 -39.21
C ARG LD 127 -103.68 31.70 -38.92
N VAL LD 128 -102.49 32.29 -39.05
CA VAL LD 128 -101.24 31.58 -38.81
C VAL LD 128 -100.33 32.43 -37.93
N HIS LD 129 -99.58 31.78 -37.04
CA HIS LD 129 -98.58 32.43 -36.21
C HIS LD 129 -97.29 31.62 -36.24
N ILE LD 130 -96.15 32.32 -36.39
CA ILE LD 130 -94.83 31.72 -36.34
C ILE LD 130 -94.04 32.21 -35.13
N SER LD 131 -93.22 31.32 -34.56
CA SER LD 131 -92.26 31.68 -33.51
C SER LD 131 -91.19 32.65 -33.98
N TYR LD 132 -91.23 33.91 -33.56
CA TYR LD 132 -90.20 34.88 -33.92
C TYR LD 132 -88.95 34.69 -33.07
N ASP LD 133 -87.98 33.96 -33.59
CA ASP LD 133 -86.68 33.85 -32.93
C ASP LD 133 -85.88 35.15 -32.98
N ILE LD 134 -86.31 36.11 -33.81
CA ILE LD 134 -85.58 37.35 -33.99
C ILE LD 134 -85.50 38.14 -32.70
N ASP LD 135 -86.33 37.82 -31.72
CA ASP LD 135 -86.25 38.44 -30.42
C ASP LD 135 -85.00 38.02 -29.65
N ALA LD 136 -84.20 37.13 -30.20
CA ALA LD 136 -82.81 36.98 -29.79
C ALA LD 136 -81.92 37.15 -31.02
N GLY LD 137 -80.72 37.66 -30.79
CA GLY LD 137 -79.78 37.82 -31.89
C GLY LD 137 -79.16 36.52 -32.36
N GLU LD 138 -79.07 35.53 -31.47
CA GLU LD 138 -78.45 34.24 -31.79
C GLU LD 138 -77.00 34.40 -32.26
N ASN LD 139 -76.36 35.52 -31.95
CA ASN LD 139 -74.96 35.70 -32.34
C ASN LD 139 -74.07 34.67 -31.66
N GLY LD 140 -73.44 33.82 -32.46
CA GLY LD 140 -72.68 32.73 -31.89
C GLY LD 140 -73.52 31.73 -31.12
N ARG LD 141 -74.83 31.74 -31.32
CA ARG LD 141 -75.71 30.83 -30.61
C ARG LD 141 -76.43 29.91 -31.60
N PRO LD 142 -76.67 28.66 -31.21
CA PRO LD 142 -77.40 27.76 -32.10
C PRO LD 142 -78.84 28.22 -32.28
N PRO LD 143 -79.35 28.23 -33.52
CA PRO LD 143 -80.70 28.71 -33.75
C PRO LD 143 -81.74 27.72 -33.24
N LYS LD 144 -82.74 28.25 -32.54
CA LYS LD 144 -83.81 27.43 -31.98
C LYS LD 144 -84.72 26.92 -33.10
N PRO LD 145 -85.36 25.77 -32.90
CA PRO LD 145 -86.32 25.28 -33.90
C PRO LD 145 -87.59 26.12 -33.97
N VAL LD 146 -88.25 26.01 -35.13
CA VAL LD 146 -89.48 26.74 -35.43
C VAL LD 146 -90.72 26.06 -34.84
N HIS LD 147 -91.67 26.87 -34.40
CA HIS LD 147 -93.00 26.47 -33.93
C HIS LD 147 -94.05 27.24 -34.71
N LEU LD 148 -95.18 26.59 -34.99
CA LEU LD 148 -96.27 27.16 -35.77
C LEU LD 148 -97.61 26.88 -35.12
N SER LD 149 -98.54 27.82 -35.23
CA SER LD 149 -99.92 27.60 -34.84
C SER LD 149 -100.91 28.12 -35.87
N ALA LD 150 -101.97 27.35 -36.13
CA ALA LD 150 -102.99 27.75 -37.11
C ALA LD 150 -104.41 27.57 -36.58
N LEU LD 151 -105.27 28.52 -36.94
CA LEU LD 151 -106.70 28.49 -36.66
C LEU LD 151 -107.46 28.49 -37.98
N ALA LD 152 -108.55 27.72 -38.08
CA ALA LD 152 -109.34 27.79 -39.30
C ALA LD 152 -110.81 27.47 -39.09
N VAL LD 153 -111.63 27.89 -40.07
CA VAL LD 153 -113.07 27.69 -40.03
C VAL LD 153 -113.54 26.91 -41.26
N TYR LD 154 -114.40 25.93 -41.04
CA TYR LD 154 -114.89 25.02 -42.08
C TYR LD 154 -116.39 25.10 -42.33
N GLU LD 155 -116.76 24.70 -43.54
CA GLU LD 155 -118.15 24.48 -43.91
C GLU LD 155 -118.76 23.35 -43.08
N ARG LD 156 -120.06 23.48 -42.84
CA ARG LD 156 -120.82 22.48 -42.09
C ARG LD 156 -120.80 21.11 -42.75
N GLY LD 157 -120.58 20.08 -41.94
CA GLY LD 157 -120.53 18.71 -42.40
C GLY LD 157 -119.18 18.21 -42.85
N SER LD 158 -118.12 18.79 -42.37
CA SER LD 158 -116.74 18.44 -42.68
C SER LD 158 -116.14 17.54 -41.61
N PRO LD 159 -115.52 16.41 -41.95
CA PRO LD 159 -114.84 15.60 -40.94
C PRO LD 159 -113.52 16.21 -40.50
N LEU LD 160 -113.64 17.10 -39.52
CA LEU LD 160 -112.52 17.87 -39.02
C LEU LD 160 -111.34 16.98 -38.62
N ALA LD 161 -111.62 15.92 -37.89
CA ALA LD 161 -110.55 15.01 -37.49
C ALA LD 161 -109.74 14.52 -38.68
N HIS LD 162 -110.43 14.10 -39.74
CA HIS LD 162 -109.69 13.66 -40.92
C HIS LD 162 -109.04 14.80 -41.68
N GLN LD 163 -109.46 16.04 -41.48
CA GLN LD 163 -108.85 17.14 -42.22
C GLN LD 163 -107.67 17.80 -41.54
N ILE LD 164 -107.43 17.54 -40.26
CA ILE LD 164 -106.25 18.11 -39.62
C ILE LD 164 -104.97 17.61 -40.27
N SER LD 165 -104.96 16.35 -40.69
CA SER LD 165 -103.78 15.75 -41.32
C SER LD 165 -103.27 16.56 -42.51
N ASP LD 166 -104.15 16.92 -43.43
CA ASP LD 166 -103.74 17.71 -44.59
C ASP LD 166 -103.00 18.98 -44.18
N ILE LD 167 -103.59 19.76 -43.28
CA ILE LD 167 -102.94 20.98 -42.84
C ILE LD 167 -101.56 20.69 -42.27
N LYS LD 168 -101.45 19.77 -41.32
CA LYS LD 168 -100.13 19.47 -40.80
C LYS LD 168 -99.13 19.10 -41.89
N ARG LD 169 -99.52 18.20 -42.79
CA ARG LD 169 -98.63 17.81 -43.88
C ARG LD 169 -98.19 19.01 -44.70
N PHE LD 170 -99.11 19.87 -45.07
CA PHE LD 170 -98.76 21.02 -45.89
C PHE LD 170 -97.85 21.99 -45.17
N LEU LD 171 -98.10 22.25 -43.89
CA LEU LD 171 -97.25 23.20 -43.16
C LEU LD 171 -95.85 22.66 -42.90
N LYS LD 172 -95.74 21.39 -42.54
CA LYS LD 172 -94.43 20.83 -42.20
C LYS LD 172 -93.34 21.15 -43.20
N ASN LD 173 -93.59 21.01 -44.48
CA ASN LD 173 -92.55 21.23 -45.48
C ASN LD 173 -92.34 22.68 -45.89
N SER LD 174 -93.04 23.65 -45.32
CA SER LD 174 -92.78 25.03 -45.71
C SER LD 174 -91.57 25.61 -45.00
N PHE LD 175 -90.94 24.87 -44.08
CA PHE LD 175 -89.80 25.37 -43.32
C PHE LD 175 -88.70 24.32 -43.24
N ALA LD 176 -87.49 24.81 -43.02
CA ALA LD 176 -86.32 23.96 -42.93
C ALA LD 176 -86.36 22.91 -41.83
N ASP LD 177 -86.98 23.20 -40.68
CA ASP LD 177 -86.95 22.24 -39.59
C ASP LD 177 -88.19 22.40 -38.72
N VAL LD 178 -89.14 21.50 -38.90
CA VAL LD 178 -90.39 21.52 -38.16
C VAL LD 178 -90.78 20.09 -37.85
N ASP LD 179 -91.26 19.86 -36.65
CA ASP LD 179 -91.71 18.56 -36.22
C ASP LD 179 -93.22 18.59 -36.05
N TYR LD 180 -93.87 17.49 -36.41
CA TYR LD 180 -95.32 17.42 -36.21
C TYR LD 180 -95.70 17.73 -34.78
N ASP LD 181 -94.85 17.39 -33.83
CA ASP LD 181 -95.15 17.72 -32.44
C ASP LD 181 -95.25 19.22 -32.20
N ASN LD 182 -94.52 20.02 -32.95
CA ASN LD 182 -94.48 21.47 -32.75
C ASN LD 182 -95.52 22.25 -33.53
N ILE LD 183 -96.52 21.61 -34.12
CA ILE LD 183 -97.55 22.31 -34.90
C ILE LD 183 -98.88 22.10 -34.22
N SER LD 184 -99.51 23.21 -33.82
CA SER LD 184 -100.83 23.25 -33.22
C SER LD 184 -101.86 23.71 -34.23
N VAL LD 185 -102.98 22.99 -34.32
CA VAL LD 185 -104.05 23.28 -35.27
C VAL LD 185 -105.39 23.22 -34.56
N VAL LD 186 -106.19 24.29 -34.70
CA VAL LD 186 -107.52 24.37 -34.11
C VAL LD 186 -108.54 24.70 -35.21
N LEU LD 187 -109.59 23.89 -35.30
CA LEU LD 187 -110.62 24.02 -36.31
C LEU LD 187 -111.98 24.22 -35.68
N SER LD 188 -112.85 24.94 -36.40
CA SER LD 188 -114.21 25.16 -35.92
C SER LD 188 -115.13 25.28 -37.13
N GLU LD 189 -116.41 25.00 -36.93
CA GLU LD 189 -117.42 25.14 -37.97
C GLU LD 189 -118.12 26.49 -37.98
N ARG LD 190 -118.58 26.85 -39.18
CA ARG LD 190 -119.45 27.99 -39.39
C ARG LD 190 -120.74 27.85 -38.59
N SER LD 191 -121.16 28.97 -38.01
CA SER LD 191 -122.44 29.09 -37.32
C SER LD 191 -123.61 29.04 -38.30
N ASP LD 192 -124.81 28.87 -37.74
CA ASP LD 192 -126.04 28.92 -38.52
C ASP LD 192 -126.20 30.20 -39.33
N ALA LD 193 -126.71 30.03 -40.55
CA ALA LD 193 -126.96 31.14 -41.47
C ALA LD 193 -128.13 32.04 -41.07
N GLN LD 194 -127.90 33.35 -41.11
CA GLN LD 194 -128.90 34.39 -40.91
C GLN LD 194 -129.52 34.85 -42.22
N LEU LD 195 -130.61 34.19 -42.62
CA LEU LD 195 -131.26 34.43 -43.90
C LEU LD 195 -132.53 35.26 -43.79
N GLN LD 196 -133.35 35.03 -42.76
CA GLN LD 196 -134.58 35.82 -42.60
C GLN LD 196 -134.29 37.18 -42.01
N ALA LD 197 -135.01 38.18 -42.51
CA ALA LD 197 -134.88 39.56 -42.06
C ALA LD 197 -135.51 39.79 -40.68
N PRO LD 198 -134.95 40.71 -39.90
CA PRO LD 198 -135.56 41.07 -38.61
C PRO LD 198 -136.90 41.78 -38.77
N GLY LD 199 -137.72 41.65 -37.73
CA GLY LD 199 -139.01 42.32 -37.69
C GLY LD 199 -138.94 43.79 -37.32
N THR LD 200 -139.77 44.59 -37.99
CA THR LD 200 -139.86 46.02 -37.75
C THR LD 200 -140.68 46.30 -36.48
N PRO LD 201 -140.22 47.20 -35.61
CA PRO LD 201 -141.01 47.58 -34.44
C PRO LD 201 -142.43 48.01 -34.79
N VAL LD 202 -143.39 47.59 -33.96
CA VAL LD 202 -144.78 47.98 -34.10
C VAL LD 202 -144.97 49.42 -33.66
N ASP MD 20 -132.86 49.99 -54.13
CA ASP MD 20 -131.67 49.16 -54.00
C ASP MD 20 -130.77 49.71 -52.91
N LYS MD 21 -130.10 48.82 -52.20
CA LYS MD 21 -129.21 49.20 -51.11
C LYS MD 21 -127.76 49.01 -51.51
N ASP MD 22 -126.92 49.99 -51.16
CA ASP MD 22 -125.48 49.91 -51.42
C ASP MD 22 -124.77 49.02 -50.43
N LEU MD 23 -124.11 47.98 -50.95
CA LEU MD 23 -123.23 47.15 -50.15
C LEU MD 23 -121.82 47.73 -50.13
N LEU MD 24 -121.24 47.95 -51.30
CA LEU MD 24 -119.83 48.29 -51.42
C LEU MD 24 -119.64 49.31 -52.54
N LYS MD 25 -118.64 50.16 -52.38
CA LYS MD 25 -118.31 51.18 -53.36
C LYS MD 25 -116.80 51.26 -53.56
N GLY MD 26 -116.43 51.82 -54.70
CA GLY MD 26 -115.03 52.00 -55.06
C GLY MD 26 -114.24 50.72 -55.19
N LEU MD 27 -114.88 49.65 -55.59
CA LEU MD 27 -114.19 48.39 -55.80
C LEU MD 27 -113.43 48.44 -57.12
N ASP MD 28 -112.41 47.60 -57.23
CA ASP MD 28 -111.73 47.36 -58.49
C ASP MD 28 -112.43 46.25 -59.26
N GLN MD 29 -112.04 46.12 -60.52
CA GLN MD 29 -112.60 45.11 -61.41
C GLN MD 29 -112.55 43.70 -60.82
N GLU MD 30 -111.44 43.34 -60.20
CA GLU MD 30 -111.27 41.96 -59.75
C GLU MD 30 -112.10 41.69 -58.51
N GLN MD 31 -112.11 42.63 -57.58
CA GLN MD 31 -112.91 42.46 -56.38
C GLN MD 31 -114.39 42.43 -56.73
N ALA MD 32 -114.81 43.29 -57.64
CA ALA MD 32 -116.19 43.25 -58.10
C ALA MD 32 -116.57 41.87 -58.60
N ASN MD 33 -115.78 41.32 -59.53
CA ASN MD 33 -116.14 40.03 -60.08
C ASN MD 33 -116.06 38.89 -59.08
N GLU MD 34 -115.24 39.01 -58.04
CA GLU MD 34 -115.26 38.02 -56.98
C GLU MD 34 -116.55 38.08 -56.17
N VAL MD 35 -116.92 39.28 -55.73
CA VAL MD 35 -118.13 39.43 -54.95
C VAL MD 35 -119.34 38.92 -55.72
N ILE MD 36 -119.47 39.33 -56.98
CA ILE MD 36 -120.57 38.81 -57.80
C ILE MD 36 -120.60 37.29 -57.83
N ALA MD 37 -119.46 36.65 -58.07
CA ALA MD 37 -119.46 35.19 -58.10
C ALA MD 37 -119.94 34.57 -56.79
N VAL MD 38 -119.46 35.08 -55.66
CA VAL MD 38 -119.87 34.53 -54.38
C VAL MD 38 -121.36 34.74 -54.13
N LEU MD 39 -121.90 35.91 -54.46
CA LEU MD 39 -123.32 36.10 -54.20
C LEU MD 39 -124.17 35.20 -55.09
N GLN MD 40 -123.91 35.18 -56.40
CA GLN MD 40 -124.67 34.29 -57.25
C GLN MD 40 -124.67 32.85 -56.77
N MET MD 41 -123.56 32.37 -56.24
CA MET MD 41 -123.56 30.99 -55.76
C MET MD 41 -124.66 30.74 -54.73
N HIS MD 42 -124.99 31.71 -53.88
CA HIS MD 42 -126.03 31.53 -52.86
C HIS MD 42 -127.42 31.98 -53.29
N ASN MD 43 -127.67 32.09 -54.59
CA ASN MD 43 -128.98 32.52 -55.10
C ASN MD 43 -129.34 33.97 -54.78
N ILE MD 44 -128.36 34.86 -54.82
CA ILE MD 44 -128.58 36.28 -54.59
C ILE MD 44 -128.30 37.01 -55.90
N GLU MD 45 -129.32 37.63 -56.47
CA GLU MD 45 -129.16 38.47 -57.64
C GLU MD 45 -128.53 39.81 -57.29
N ALA MD 46 -127.37 40.11 -57.88
CA ALA MD 46 -126.62 41.31 -57.56
C ALA MD 46 -126.37 42.10 -58.83
N ASN MD 47 -126.06 43.39 -58.68
CA ASN MD 47 -125.79 44.25 -59.82
C ASN MD 47 -124.51 45.03 -59.63
N LYS MD 48 -123.77 45.14 -60.72
CA LYS MD 48 -122.51 45.87 -60.80
C LYS MD 48 -122.70 47.15 -61.58
N ILE MD 49 -122.30 48.27 -60.99
CA ILE MD 49 -122.45 49.60 -61.57
C ILE MD 49 -121.07 50.23 -61.65
N ASP MD 50 -120.81 50.93 -62.74
CA ASP MD 50 -119.55 51.59 -63.00
C ASP MD 50 -119.65 53.11 -62.90
N SER MD 51 -118.81 53.70 -62.06
CA SER MD 51 -118.73 55.13 -61.85
C SER MD 51 -117.43 55.71 -62.38
N GLY MD 52 -116.70 54.94 -63.19
CA GLY MD 52 -115.39 55.28 -63.70
C GLY MD 52 -114.26 55.50 -62.72
N LYS MD 53 -113.77 56.72 -62.59
CA LYS MD 53 -112.69 56.99 -61.65
C LYS MD 53 -113.09 56.73 -60.21
N LEU MD 54 -114.37 56.52 -59.91
CA LEU MD 54 -114.81 56.21 -58.56
C LEU MD 54 -115.01 54.72 -58.34
N GLY MD 55 -114.68 53.89 -59.32
CA GLY MD 55 -114.83 52.46 -59.27
C GLY MD 55 -116.25 51.91 -59.42
N TYR MD 56 -116.36 50.65 -59.04
CA TYR MD 56 -117.58 49.88 -59.08
C TYR MD 56 -118.37 49.87 -57.78
N SER MD 57 -119.68 49.77 -57.93
CA SER MD 57 -120.65 49.71 -56.86
C SER MD 57 -121.48 48.46 -57.04
N ILE MD 58 -121.89 47.87 -55.93
CA ILE MD 58 -122.68 46.64 -55.90
C ILE MD 58 -123.99 46.92 -55.21
N THR MD 59 -125.09 46.47 -55.81
CA THR MD 59 -126.41 46.71 -55.22
C THR MD 59 -127.26 45.45 -55.32
N VAL MD 60 -128.18 45.33 -54.35
CA VAL MD 60 -129.10 44.20 -54.25
C VAL MD 60 -130.46 44.69 -53.79
N ALA MD 61 -131.47 43.84 -53.99
CA ALA MD 61 -132.80 44.09 -53.45
C ALA MD 61 -132.86 43.91 -51.93
N GLU MD 62 -133.85 44.58 -51.35
CA GLU MD 62 -134.07 44.52 -49.91
C GLU MD 62 -134.32 43.12 -49.36
N PRO MD 63 -135.22 42.32 -49.93
CA PRO MD 63 -135.38 40.95 -49.41
C PRO MD 63 -134.10 40.15 -49.34
N ASP MD 64 -133.09 40.48 -50.15
CA ASP MD 64 -131.82 39.75 -50.15
C ASP MD 64 -130.73 40.47 -49.40
N PHE MD 65 -131.00 41.69 -48.92
CA PHE MD 65 -129.99 42.47 -48.25
C PHE MD 65 -129.38 41.75 -47.04
N THR MD 66 -130.22 41.26 -46.15
CA THR MD 66 -129.74 40.55 -44.96
C THR MD 66 -128.78 39.41 -45.29
N ALA MD 67 -129.19 38.52 -46.17
CA ALA MD 67 -128.31 37.43 -46.58
C ALA MD 67 -127.02 37.94 -47.18
N ALA MD 68 -127.10 38.92 -48.07
CA ALA MD 68 -125.88 39.47 -48.65
C ALA MD 68 -124.91 39.95 -47.59
N VAL MD 69 -125.39 40.69 -46.61
CA VAL MD 69 -124.53 41.13 -45.52
C VAL MD 69 -123.89 39.95 -44.81
N TYR MD 70 -124.70 38.95 -44.44
CA TYR MD 70 -124.15 37.81 -43.72
C TYR MD 70 -123.05 37.10 -44.50
N TRP MD 71 -123.23 36.91 -45.80
CA TRP MD 71 -122.17 36.25 -46.56
C TRP MD 71 -120.96 37.13 -46.80
N ILE MD 72 -121.14 38.43 -46.98
CA ILE MD 72 -119.98 39.31 -47.03
C ILE MD 72 -119.15 39.18 -45.78
N LYS MD 73 -119.80 39.12 -44.63
CA LYS MD 73 -119.04 38.90 -43.41
C LYS MD 73 -118.37 37.55 -43.41
N THR MD 74 -119.11 36.49 -43.70
CA THR MD 74 -118.54 35.16 -43.53
C THR MD 74 -117.36 34.91 -44.46
N TYR MD 75 -117.37 35.45 -45.66
CA TYR MD 75 -116.21 35.32 -46.54
C TYR MD 75 -115.20 36.44 -46.42
N GLN MD 76 -115.42 37.42 -45.55
CA GLN MD 76 -114.46 38.52 -45.42
C GLN MD 76 -114.20 39.24 -46.73
N LEU MD 77 -115.24 39.48 -47.50
CA LEU MD 77 -115.10 40.18 -48.76
C LEU MD 77 -115.03 41.68 -48.50
N PRO MD 78 -114.51 42.46 -49.45
CA PRO MD 78 -113.81 42.17 -50.69
C PRO MD 78 -112.41 41.68 -50.46
N PRO MD 79 -111.87 40.88 -51.37
CA PRO MD 79 -110.61 40.22 -51.07
C PRO MD 79 -109.44 41.20 -51.07
N ARG MD 80 -108.48 40.92 -50.21
CA ARG MD 80 -107.24 41.67 -50.17
C ARG MD 80 -106.36 41.37 -51.38
N PRO MD 81 -105.41 42.24 -51.69
CA PRO MD 81 -104.48 41.96 -52.78
C PRO MD 81 -103.48 40.89 -52.42
N ARG MD 82 -102.99 40.19 -53.44
CA ARG MD 82 -102.00 39.14 -53.24
C ARG MD 82 -100.71 39.70 -52.66
N VAL MD 83 -100.07 38.90 -51.81
CA VAL MD 83 -98.76 39.21 -51.24
C VAL MD 83 -97.68 38.42 -51.96
N GLU MD 84 -96.58 39.09 -52.27
CA GLU MD 84 -95.37 38.43 -52.73
C GLU MD 84 -94.17 39.05 -52.02
N ILE MD 85 -93.22 38.20 -51.62
CA ILE MD 85 -92.19 38.65 -50.69
C ILE MD 85 -91.35 39.76 -51.29
N ALA MD 86 -91.15 39.75 -52.61
CA ALA MD 86 -90.40 40.81 -53.27
C ALA MD 86 -90.94 42.21 -53.03
N GLN MD 87 -92.15 42.37 -52.50
CA GLN MD 87 -92.61 43.71 -52.17
C GLN MD 87 -92.00 44.26 -50.90
N MET MD 88 -91.48 43.42 -50.03
CA MET MD 88 -90.90 43.88 -48.78
C MET MD 88 -89.47 44.38 -48.93
N PHE MD 89 -88.81 44.06 -50.04
CA PHE MD 89 -87.41 44.41 -50.27
C PHE MD 89 -87.24 45.07 -51.61
N PRO MD 90 -87.81 46.26 -51.78
CA PRO MD 90 -87.88 46.87 -53.11
C PRO MD 90 -86.49 47.04 -53.69
N ALA MD 91 -86.35 46.68 -54.97
CA ALA MD 91 -85.07 46.65 -55.65
C ALA MD 91 -84.45 48.03 -55.86
N ASP MD 92 -85.08 49.08 -55.35
CA ASP MD 92 -84.70 50.44 -55.68
C ASP MD 92 -83.65 51.05 -54.75
N SER MD 93 -83.42 50.48 -53.59
CA SER MD 93 -82.43 51.04 -52.68
C SER MD 93 -81.02 50.78 -53.20
N LEU MD 94 -80.13 51.73 -52.94
CA LEU MD 94 -78.73 51.58 -53.34
C LEU MD 94 -78.00 50.58 -52.46
N VAL MD 95 -78.23 50.63 -51.15
CA VAL MD 95 -77.89 49.50 -50.28
C VAL MD 95 -78.78 48.32 -50.59
N SER MD 96 -78.20 47.12 -50.58
CA SER MD 96 -78.99 45.90 -50.60
C SER MD 96 -78.15 44.81 -49.98
N SER MD 97 -78.57 44.31 -48.83
CA SER MD 97 -77.84 43.27 -48.16
C SER MD 97 -77.89 41.97 -48.95
N PRO MD 98 -76.97 41.06 -48.68
CA PRO MD 98 -77.10 39.70 -49.19
C PRO MD 98 -78.44 39.07 -48.89
N ARG MD 99 -79.02 39.37 -47.73
CA ARG MD 99 -80.34 38.84 -47.43
C ARG MD 99 -81.38 39.37 -48.40
N ALA MD 100 -81.38 40.68 -48.64
CA ALA MD 100 -82.40 41.21 -49.54
C ALA MD 100 -82.25 40.62 -50.93
N GLU MD 101 -81.02 40.49 -51.42
CA GLU MD 101 -80.84 39.93 -52.75
C GLU MD 101 -81.35 38.49 -52.80
N LYS MD 102 -81.12 37.75 -51.73
CA LYS MD 102 -81.43 36.33 -51.73
C LYS MD 102 -82.93 36.14 -51.66
N ALA MD 103 -83.59 36.98 -50.89
CA ALA MD 103 -85.04 36.94 -50.80
C ALA MD 103 -85.67 37.26 -52.14
N ARG MD 104 -85.27 38.35 -52.78
CA ARG MD 104 -85.83 38.60 -54.11
C ARG MD 104 -85.67 37.41 -55.04
N LEU MD 105 -84.49 36.82 -55.08
CA LEU MD 105 -84.28 35.65 -55.94
C LEU MD 105 -85.32 34.54 -55.71
N TYR MD 106 -85.41 34.06 -54.46
CA TYR MD 106 -86.40 33.02 -54.15
C TYR MD 106 -87.82 33.46 -54.48
N SER MD 107 -88.15 34.71 -54.21
CA SER MD 107 -89.50 35.18 -54.48
C SER MD 107 -89.80 35.28 -55.96
N ALA MD 108 -88.80 35.23 -56.81
CA ALA MD 108 -89.08 35.16 -58.23
C ALA MD 108 -89.15 33.73 -58.73
N ILE MD 109 -88.41 32.83 -58.10
CA ILE MD 109 -88.50 31.43 -58.50
C ILE MD 109 -89.87 30.84 -58.13
N GLU MD 110 -90.39 31.14 -56.95
CA GLU MD 110 -91.73 30.68 -56.58
C GLU MD 110 -92.77 31.02 -57.64
N GLN MD 111 -92.78 32.27 -58.09
CA GLN MD 111 -93.76 32.68 -59.09
C GLN MD 111 -93.55 31.96 -60.41
N ARG MD 112 -92.31 31.86 -60.86
CA ARG MD 112 -92.09 31.22 -62.15
C ARG MD 112 -92.50 29.75 -62.12
N LEU MD 113 -92.36 29.08 -60.98
CA LEU MD 113 -92.83 27.69 -60.90
C LEU MD 113 -94.35 27.61 -60.87
N GLU MD 114 -95.02 28.48 -60.14
CA GLU MD 114 -96.48 28.47 -60.21
C GLU MD 114 -96.95 28.60 -61.66
N GLN MD 115 -96.37 29.54 -62.38
CA GLN MD 115 -96.77 29.74 -63.76
C GLN MD 115 -96.39 28.57 -64.65
N SER MD 116 -95.42 27.78 -64.27
CA SER MD 116 -95.11 26.62 -65.10
C SER MD 116 -96.08 25.48 -64.83
N LEU MD 117 -96.39 25.22 -63.56
CA LEU MD 117 -97.35 24.17 -63.28
C LEU MD 117 -98.71 24.44 -63.89
N GLN MD 118 -99.13 25.69 -63.99
CA GLN MD 118 -100.40 25.93 -64.65
C GLN MD 118 -100.45 25.44 -66.08
N THR MD 119 -99.32 25.13 -66.69
CA THR MD 119 -99.32 24.59 -68.05
C THR MD 119 -99.48 23.08 -68.11
N MET MD 120 -99.36 22.37 -67.00
CA MET MD 120 -99.51 20.92 -67.03
C MET MD 120 -100.96 20.55 -67.34
N GLU MD 121 -101.13 19.36 -67.89
CA GLU MD 121 -102.40 18.87 -68.41
C GLU MD 121 -103.52 18.81 -67.38
N GLY MD 122 -104.56 19.62 -67.58
CA GLY MD 122 -105.74 19.58 -66.76
C GLY MD 122 -105.63 20.21 -65.38
N VAL MD 123 -104.54 20.90 -65.09
CA VAL MD 123 -104.45 21.73 -63.89
C VAL MD 123 -105.13 23.05 -64.15
N LEU MD 124 -105.91 23.53 -63.17
CA LEU MD 124 -106.58 24.81 -63.27
C LEU MD 124 -105.83 25.91 -62.53
N SER MD 125 -105.30 25.63 -61.35
CA SER MD 125 -104.49 26.62 -60.65
C SER MD 125 -103.67 25.90 -59.60
N ALA MD 126 -102.63 26.60 -59.14
CA ALA MD 126 -101.70 26.00 -58.18
C ALA MD 126 -101.02 27.09 -57.39
N ARG MD 127 -100.44 26.67 -56.26
CA ARG MD 127 -99.60 27.54 -55.44
C ARG MD 127 -98.39 26.76 -54.96
N VAL MD 128 -97.26 27.44 -54.84
CA VAL MD 128 -96.00 26.81 -54.43
C VAL MD 128 -95.34 27.64 -53.34
N HIS MD 129 -94.70 26.95 -52.40
CA HIS MD 129 -93.96 27.57 -51.31
C HIS MD 129 -92.58 26.92 -51.18
N ILE MD 130 -91.57 27.75 -50.93
CA ILE MD 130 -90.19 27.30 -50.74
C ILE MD 130 -89.73 27.67 -49.33
N SER MD 131 -88.94 26.80 -48.70
CA SER MD 131 -88.36 27.17 -47.42
C SER MD 131 -87.30 28.24 -47.62
N TYR MD 132 -87.52 29.43 -47.05
CA TYR MD 132 -86.55 30.52 -47.10
C TYR MD 132 -85.40 30.28 -46.13
N ASP MD 133 -84.47 29.43 -46.53
CA ASP MD 133 -83.33 29.14 -45.65
C ASP MD 133 -82.44 30.36 -45.44
N ILE MD 134 -82.77 31.48 -46.08
CA ILE MD 134 -82.12 32.76 -45.84
C ILE MD 134 -82.38 33.28 -44.44
N ASP MD 135 -83.45 32.83 -43.80
CA ASP MD 135 -83.95 33.49 -42.60
C ASP MD 135 -82.89 33.58 -41.52
N ALA MD 136 -81.86 32.75 -41.60
CA ALA MD 136 -80.56 33.05 -41.05
C ALA MD 136 -79.54 32.98 -42.17
N GLY MD 137 -78.73 34.02 -42.29
CA GLY MD 137 -78.07 34.30 -43.54
C GLY MD 137 -77.07 33.26 -43.99
N GLU MD 138 -76.92 32.16 -43.26
CA GLU MD 138 -75.87 31.19 -43.51
C GLU MD 138 -74.46 31.77 -43.38
N ASN MD 139 -74.34 32.92 -42.74
CA ASN MD 139 -73.01 33.43 -42.37
C ASN MD 139 -72.47 32.60 -41.22
N GLY MD 140 -71.41 31.84 -41.49
CA GLY MD 140 -70.77 31.00 -40.49
C GLY MD 140 -71.50 29.73 -40.13
N ARG MD 141 -72.63 29.43 -40.76
CA ARG MD 141 -73.34 28.20 -40.50
C ARG MD 141 -73.55 27.43 -41.80
N PRO MD 142 -73.39 26.10 -41.78
CA PRO MD 142 -73.53 25.32 -43.00
C PRO MD 142 -74.96 25.30 -43.48
N PRO MD 143 -75.18 25.43 -44.80
CA PRO MD 143 -76.54 25.65 -45.32
C PRO MD 143 -77.40 24.40 -45.22
N LYS MD 144 -78.76 24.61 -45.03
CA LYS MD 144 -79.77 23.58 -44.90
C LYS MD 144 -80.30 23.14 -46.26
N PRO MD 145 -80.78 21.91 -46.39
CA PRO MD 145 -81.47 21.51 -47.61
C PRO MD 145 -82.86 22.10 -47.73
N VAL MD 146 -83.25 22.38 -48.98
CA VAL MD 146 -84.52 23.02 -49.29
C VAL MD 146 -85.71 22.08 -49.08
N HIS MD 147 -86.86 22.67 -48.73
CA HIS MD 147 -88.15 22.01 -48.72
C HIS MD 147 -89.14 22.75 -49.59
N LEU MD 148 -90.13 22.02 -50.13
CA LEU MD 148 -91.11 22.56 -51.07
C LEU MD 148 -92.51 22.08 -50.72
N SER MD 149 -93.51 22.93 -50.93
CA SER MD 149 -94.90 22.52 -50.77
C SER MD 149 -95.76 23.07 -51.90
N ALA MD 150 -96.73 22.29 -52.36
CA ALA MD 150 -97.59 22.73 -53.45
C ALA MD 150 -99.03 22.30 -53.26
N LEU MD 151 -99.93 23.15 -53.76
CA LEU MD 151 -101.37 22.93 -53.76
C LEU MD 151 -101.87 23.05 -55.19
N ALA MD 152 -102.85 22.22 -55.58
CA ALA MD 152 -103.38 22.37 -56.94
C ALA MD 152 -104.82 21.91 -57.05
N VAL MD 153 -105.50 22.46 -58.05
CA VAL MD 153 -106.88 22.12 -58.37
C VAL MD 153 -106.96 21.48 -59.76
N TYR MD 154 -107.65 20.35 -59.85
CA TYR MD 154 -107.83 19.59 -61.08
C TYR MD 154 -109.25 19.60 -61.62
N GLU MD 155 -109.35 19.40 -62.92
CA GLU MD 155 -110.64 19.13 -63.55
C GLU MD 155 -111.23 17.83 -63.03
N ARG MD 156 -112.56 17.79 -63.00
CA ARG MD 156 -113.28 16.61 -62.55
C ARG MD 156 -112.95 15.38 -63.38
N GLY MD 157 -112.75 14.26 -62.68
CA GLY MD 157 -112.41 13.00 -63.32
C GLY MD 157 -110.95 12.72 -63.55
N SER MD 158 -110.07 13.33 -62.78
CA SER MD 158 -108.62 13.17 -62.85
C SER MD 158 -108.13 12.17 -61.81
N PRO MD 159 -107.31 11.17 -62.18
CA PRO MD 159 -106.75 10.27 -61.16
C PRO MD 159 -105.63 10.92 -60.37
N LEU MD 160 -106.05 11.63 -59.34
CA LEU MD 160 -105.16 12.40 -58.50
C LEU MD 160 -104.00 11.56 -57.98
N ALA MD 161 -104.29 10.37 -57.50
CA ALA MD 161 -103.25 9.49 -56.99
C ALA MD 161 -102.16 9.28 -58.03
N HIS MD 162 -102.54 8.99 -59.26
CA HIS MD 162 -101.53 8.77 -60.28
C HIS MD 162 -100.90 10.05 -60.79
N GLN MD 163 -101.47 11.21 -60.48
CA GLN MD 163 -100.89 12.47 -60.91
C GLN MD 163 -99.94 13.10 -59.91
N ILE MD 164 -99.92 12.63 -58.66
CA ILE MD 164 -98.95 13.20 -57.73
C ILE MD 164 -97.52 12.91 -58.16
N SER MD 165 -97.28 11.74 -58.72
CA SER MD 165 -95.94 11.36 -59.16
C SER MD 165 -95.32 12.38 -60.11
N ASP MD 166 -96.05 12.77 -61.16
CA ASP MD 166 -95.52 13.76 -62.08
C ASP MD 166 -95.06 15.04 -61.38
N ILE MD 167 -95.91 15.60 -60.53
CA ILE MD 167 -95.53 16.81 -59.82
C ILE MD 167 -94.26 16.60 -59.02
N LYS MD 168 -94.22 15.57 -58.19
CA LYS MD 168 -93.00 15.33 -57.43
C LYS MD 168 -91.77 15.22 -58.32
N ARG MD 169 -91.85 14.41 -59.38
CA ARG MD 169 -90.73 14.28 -60.29
C ARG MD 169 -90.30 15.62 -60.86
N PHE MD 170 -91.24 16.42 -61.32
CA PHE MD 170 -90.90 17.71 -61.91
C PHE MD 170 -90.24 18.65 -60.91
N LEU MD 171 -90.77 18.71 -59.69
CA LEU MD 171 -90.20 19.63 -58.70
C LEU MD 171 -88.82 19.19 -58.22
N LYS MD 172 -88.62 17.90 -58.02
CA LYS MD 172 -87.35 17.42 -57.49
C LYS MD 172 -86.12 17.99 -58.18
N ASN MD 173 -86.10 18.05 -59.50
CA ASN MD 173 -84.92 18.53 -60.20
C ASN MD 173 -84.81 20.04 -60.35
N SER MD 174 -85.73 20.82 -59.79
CA SER MD 174 -85.60 22.27 -59.93
C SER MD 174 -84.61 22.87 -58.94
N PHE MD 175 -84.05 22.08 -58.03
CA PHE MD 175 -83.15 22.58 -57.00
C PHE MD 175 -81.97 21.63 -56.82
N ALA MD 176 -80.88 22.19 -56.30
CA ALA MD 176 -79.63 21.44 -56.10
C ALA MD 176 -79.77 20.24 -55.16
N ASP MD 177 -80.62 20.29 -54.14
CA ASP MD 177 -80.68 19.17 -53.20
C ASP MD 177 -82.08 19.08 -52.61
N VAL MD 178 -82.86 18.14 -53.11
CA VAL MD 178 -84.22 17.94 -52.65
C VAL MD 178 -84.49 16.44 -52.65
N ASP MD 179 -85.16 15.98 -51.61
CA ASP MD 179 -85.57 14.59 -51.48
C ASP MD 179 -87.07 14.48 -51.59
N TYR MD 180 -87.53 13.41 -52.21
CA TYR MD 180 -88.97 13.19 -52.31
C TYR MD 180 -89.64 13.28 -50.96
N ASP MD 181 -88.94 12.90 -49.90
CA ASP MD 181 -89.51 13.02 -48.57
C ASP MD 181 -89.83 14.46 -48.18
N ASN MD 182 -89.09 15.43 -48.69
CA ASN MD 182 -89.27 16.83 -48.35
C ASN MD 182 -90.25 17.59 -49.25
N ILE MD 183 -91.03 16.91 -50.07
CA ILE MD 183 -91.97 17.56 -50.97
C ILE MD 183 -93.38 17.14 -50.57
N SER MD 184 -94.20 18.13 -50.20
CA SER MD 184 -95.61 17.95 -49.86
C SER MD 184 -96.50 18.42 -50.99
N VAL MD 185 -97.51 17.62 -51.34
CA VAL MD 185 -98.42 17.92 -52.43
C VAL MD 185 -99.85 17.65 -51.98
N VAL MD 186 -100.72 18.65 -52.16
CA VAL MD 186 -102.15 18.52 -51.83
C VAL MD 186 -102.96 18.89 -53.06
N LEU MD 187 -103.87 17.99 -53.45
CA LEU MD 187 -104.68 18.15 -54.64
C LEU MD 187 -106.17 18.12 -54.31
N SER MD 188 -106.96 18.83 -55.11
CA SER MD 188 -108.40 18.83 -54.94
C SER MD 188 -109.07 19.01 -56.30
N GLU MD 189 -110.32 18.55 -56.40
CA GLU MD 189 -111.11 18.72 -57.61
C GLU MD 189 -111.99 19.97 -57.60
N ARG MD 190 -112.28 20.46 -58.80
CA ARG MD 190 -113.25 21.51 -59.00
C ARG MD 190 -114.62 21.12 -58.49
N SER MD 191 -115.28 22.07 -57.84
CA SER MD 191 -116.66 21.98 -57.39
C SER MD 191 -117.64 22.00 -58.55
N ASP MD 192 -118.89 21.69 -58.25
CA ASP MD 192 -119.97 21.77 -59.23
C ASP MD 192 -120.08 23.14 -59.89
N ALA MD 193 -120.36 23.11 -61.19
CA ALA MD 193 -120.54 24.31 -62.01
C ALA MD 193 -121.84 25.06 -61.73
N GLN MD 194 -121.72 26.38 -61.61
CA GLN MD 194 -122.85 27.31 -61.47
C GLN MD 194 -123.30 27.85 -62.83
N LEU MD 195 -124.22 27.14 -63.47
CA LEU MD 195 -124.67 27.50 -64.81
C LEU MD 195 -126.02 28.19 -64.83
N GLN MD 196 -126.98 27.76 -64.02
CA GLN MD 196 -128.29 28.38 -63.98
C GLN MD 196 -128.30 29.68 -63.18
N ALA MD 197 -129.04 30.66 -63.70
CA ALA MD 197 -129.17 31.98 -63.08
C ALA MD 197 -130.06 31.94 -61.84
N PRO MD 198 -129.78 32.79 -60.85
CA PRO MD 198 -130.66 32.90 -59.68
C PRO MD 198 -132.02 33.47 -60.00
N GLY MD 199 -132.99 33.10 -59.17
CA GLY MD 199 -134.36 33.62 -59.28
C GLY MD 199 -134.52 35.01 -58.70
N THR MD 200 -135.31 35.82 -59.39
CA THR MD 200 -135.62 37.19 -58.97
C THR MD 200 -136.68 37.20 -57.88
N PRO MD 201 -136.51 37.99 -56.82
CA PRO MD 201 -137.56 38.10 -55.80
C PRO MD 201 -138.91 38.46 -56.41
N VAL MD 202 -139.96 37.83 -55.89
CA VAL MD 202 -141.32 38.14 -56.30
C VAL MD 202 -141.78 39.48 -55.75
N ASP ND 20 -126.33 44.04 -73.12
CA ASP ND 20 -125.09 43.32 -72.86
C ASP ND 20 -124.46 43.83 -71.57
N LYS ND 21 -123.83 42.92 -70.84
CA LYS ND 21 -123.19 43.23 -69.57
C LYS ND 21 -121.67 43.22 -69.74
N ASP ND 22 -121.03 44.22 -69.12
CA ASP ND 22 -119.58 44.33 -69.12
C ASP ND 22 -118.91 43.37 -68.14
N LEU ND 23 -118.05 42.51 -68.67
CA LEU ND 23 -117.21 41.64 -67.87
C LEU ND 23 -115.89 42.30 -67.47
N LEU ND 24 -115.16 42.82 -68.44
CA LEU ND 24 -113.81 43.31 -68.19
C LEU ND 24 -113.52 44.52 -69.05
N LYS ND 25 -112.67 45.40 -68.54
CA LYS ND 25 -112.21 46.56 -69.29
C LYS ND 25 -110.71 46.74 -69.16
N GLY ND 26 -110.16 47.51 -70.09
CA GLY ND 26 -108.73 47.83 -70.08
C GLY ND 26 -107.80 46.66 -70.26
N LEU ND 27 -108.18 45.66 -71.03
CA LEU ND 27 -107.33 44.52 -71.27
C LEU ND 27 -106.29 44.81 -72.34
N ASP ND 28 -105.16 44.11 -72.27
CA ASP ND 28 -104.26 43.99 -73.40
C ASP ND 28 -104.76 42.97 -74.41
N GLN ND 29 -104.23 43.09 -75.61
CA GLN ND 29 -104.56 42.21 -76.72
C GLN ND 29 -104.40 40.73 -76.35
N GLU ND 30 -103.27 40.38 -75.77
CA GLU ND 30 -103.00 38.99 -75.42
C GLU ND 30 -103.80 38.51 -74.23
N GLN ND 31 -104.30 39.42 -73.40
CA GLN ND 31 -105.23 39.02 -72.37
C GLN ND 31 -106.62 38.78 -72.95
N ALA ND 32 -107.01 39.64 -73.87
CA ALA ND 32 -108.33 39.53 -74.48
C ALA ND 32 -108.47 38.21 -75.23
N ASN ND 33 -107.49 37.87 -76.05
CA ASN ND 33 -107.62 36.63 -76.83
C ASN ND 33 -107.64 35.39 -75.94
N GLU ND 34 -106.92 35.39 -74.83
CA GLU ND 34 -107.02 34.27 -73.90
C GLU ND 34 -108.40 34.17 -73.26
N VAL ND 35 -108.99 35.31 -72.90
CA VAL ND 35 -110.34 35.26 -72.34
C VAL ND 35 -111.32 34.73 -73.37
N ILE ND 36 -111.24 35.24 -74.59
CA ILE ND 36 -112.17 34.79 -75.62
C ILE ND 36 -112.04 33.30 -75.86
N ALA ND 37 -110.81 32.80 -75.95
CA ALA ND 37 -110.59 31.38 -76.17
C ALA ND 37 -111.22 30.52 -75.08
N VAL ND 38 -111.04 30.92 -73.82
CA VAL ND 38 -111.60 30.12 -72.74
C VAL ND 38 -113.12 30.18 -72.73
N LEU ND 39 -113.71 31.31 -73.08
CA LEU ND 39 -115.16 31.34 -73.10
C LEU ND 39 -115.72 30.51 -74.24
N GLN ND 40 -115.18 30.66 -75.45
CA GLN ND 40 -115.66 29.82 -76.55
C GLN ND 40 -115.58 28.34 -76.26
N MET ND 41 -114.53 27.90 -75.58
CA MET ND 41 -114.45 26.47 -75.29
C MET ND 41 -115.68 25.97 -74.53
N HIS ND 42 -116.27 26.79 -73.66
CA HIS ND 42 -117.44 26.40 -72.88
C HIS ND 42 -118.77 26.81 -73.52
N ASN ND 43 -118.78 27.09 -74.81
CA ASN ND 43 -119.98 27.50 -75.52
C ASN ND 43 -120.56 28.85 -75.10
N ILE ND 44 -119.71 29.81 -74.79
CA ILE ND 44 -120.14 31.15 -74.42
C ILE ND 44 -119.70 32.10 -75.53
N GLU ND 45 -120.65 32.69 -76.23
CA GLU ND 45 -120.40 33.71 -77.23
C GLU ND 45 -120.06 35.06 -76.61
N ALA ND 46 -118.87 35.59 -76.92
CA ALA ND 46 -118.39 36.82 -76.33
C ALA ND 46 -118.03 37.81 -77.43
N ASN ND 47 -117.95 39.10 -77.07
CA ASN ND 47 -117.63 40.16 -78.03
C ASN ND 47 -116.49 41.00 -77.48
N LYS ND 48 -115.53 41.29 -78.35
CA LYS ND 48 -114.36 42.10 -78.06
C LYS ND 48 -114.47 43.46 -78.74
N ILE ND 49 -114.33 44.52 -77.96
CA ILE ND 49 -114.45 45.89 -78.42
C ILE ND 49 -113.16 46.63 -78.11
N ASP ND 50 -112.71 47.47 -79.03
CA ASP ND 50 -111.48 48.24 -78.89
C ASP ND 50 -111.77 49.72 -78.67
N SER ND 51 -111.21 50.27 -77.59
CA SER ND 51 -111.35 51.67 -77.22
C SER ND 51 -110.02 52.43 -77.34
N GLY ND 52 -109.03 51.85 -78.01
CA GLY ND 52 -107.69 52.41 -78.11
C GLY ND 52 -106.85 52.60 -76.88
N LYS ND 53 -106.57 53.85 -76.49
CA LYS ND 53 -105.83 54.06 -75.25
C LYS ND 53 -106.49 53.43 -74.03
N LEU ND 54 -107.77 53.09 -74.11
CA LEU ND 54 -108.44 52.46 -72.98
C LEU ND 54 -108.40 50.94 -73.05
N GLY ND 55 -107.83 50.37 -74.10
CA GLY ND 55 -107.81 48.94 -74.30
C GLY ND 55 -109.10 48.29 -74.77
N TYR ND 56 -109.13 46.98 -74.61
CA TYR ND 56 -110.26 46.14 -74.99
C TYR ND 56 -111.25 45.88 -73.86
N SER ND 57 -112.50 45.71 -74.26
CA SER ND 57 -113.63 45.40 -73.41
C SER ND 57 -114.29 44.13 -73.91
N ILE ND 58 -114.82 43.36 -72.98
CA ILE ND 58 -115.47 42.09 -73.27
C ILE ND 58 -116.92 42.16 -72.79
N THR ND 59 -117.83 41.72 -73.64
CA THR ND 59 -119.25 41.76 -73.29
C THR ND 59 -119.91 40.45 -73.70
N VAL ND 60 -120.98 40.10 -72.97
CA VAL ND 60 -121.74 38.89 -73.21
C VAL ND 60 -123.23 39.17 -73.02
N ALA ND 61 -124.04 38.26 -73.53
CA ALA ND 61 -125.47 38.29 -73.27
C ALA ND 61 -125.82 37.89 -71.84
N GLU ND 62 -126.99 38.36 -71.43
CA GLU ND 62 -127.51 38.07 -70.09
C GLU ND 62 -127.64 36.59 -69.79
N PRO ND 63 -128.27 35.78 -70.64
CA PRO ND 63 -128.34 34.34 -70.33
C PRO ND 63 -126.99 33.70 -70.06
N ASP ND 64 -125.89 34.25 -70.55
CA ASP ND 64 -124.56 33.68 -70.36
C ASP ND 64 -123.75 34.41 -69.29
N PHE ND 65 -124.28 35.48 -68.73
CA PHE ND 65 -123.52 36.25 -67.75
C PHE ND 65 -123.07 35.39 -66.57
N THR ND 66 -124.00 34.69 -65.94
CA THR ND 66 -123.67 33.83 -64.79
C THR ND 66 -122.53 32.85 -65.08
N ALA ND 67 -122.65 32.08 -66.14
CA ALA ND 67 -121.58 31.16 -66.50
C ALA ND 67 -120.26 31.87 -66.74
N ALA ND 68 -120.28 32.99 -67.46
CA ALA ND 68 -119.03 33.67 -67.72
C ALA ND 68 -118.36 34.13 -66.44
N VAL ND 69 -119.14 34.62 -65.50
CA VAL ND 69 -118.57 35.01 -64.20
C VAL ND 69 -117.93 33.81 -63.51
N TYR ND 70 -118.66 32.71 -63.43
CA TYR ND 70 -118.10 31.54 -62.76
C TYR ND 70 -116.82 31.04 -63.42
N TRP ND 71 -116.72 31.08 -64.74
CA TRP ND 71 -115.49 30.62 -65.37
C TRP ND 71 -114.34 31.61 -65.19
N ILE ND 72 -114.62 32.90 -65.23
CA ILE ND 72 -113.58 33.87 -64.96
C ILE ND 72 -113.01 33.67 -63.57
N LYS ND 73 -113.87 33.38 -62.60
CA LYS ND 73 -113.37 33.02 -61.28
C LYS ND 73 -112.53 31.75 -61.33
N THR ND 74 -113.07 30.69 -61.93
CA THR ND 74 -112.42 29.39 -61.81
C THR ND 74 -111.04 29.39 -62.44
N TYR ND 75 -110.88 30.03 -63.59
CA TYR ND 75 -109.55 30.14 -64.21
C TYR ND 75 -108.74 31.33 -63.75
N GLN ND 76 -109.27 32.20 -62.91
CA GLN ND 76 -108.53 33.37 -62.45
C GLN ND 76 -108.07 34.25 -63.59
N LEU ND 77 -108.91 34.44 -64.59
CA LEU ND 77 -108.59 35.33 -65.67
C LEU ND 77 -108.79 36.77 -65.20
N PRO ND 78 -108.19 37.74 -65.90
CA PRO ND 78 -107.22 37.68 -66.98
C PRO ND 78 -105.83 37.29 -66.48
N PRO ND 79 -105.00 36.76 -67.36
CA PRO ND 79 -103.71 36.21 -66.92
C PRO ND 79 -102.75 37.31 -66.48
N ARG ND 80 -101.95 36.98 -65.47
CA ARG ND 80 -100.85 37.83 -65.07
C ARG ND 80 -99.84 37.96 -66.22
N PRO ND 81 -99.00 38.99 -66.20
CA PRO ND 81 -97.86 39.00 -67.10
C PRO ND 81 -96.84 37.92 -66.77
N ARG ND 82 -96.08 37.55 -67.79
CA ARG ND 82 -95.07 36.50 -67.67
C ARG ND 82 -93.87 36.97 -66.84
N VAL ND 83 -93.43 36.14 -65.90
CA VAL ND 83 -92.30 36.46 -65.01
C VAL ND 83 -91.01 35.86 -65.54
N GLU ND 84 -89.93 36.64 -65.47
CA GLU ND 84 -88.58 36.18 -65.78
C GLU ND 84 -87.59 36.77 -64.78
N ILE ND 85 -86.63 35.95 -64.36
CA ILE ND 85 -85.81 36.30 -63.20
C ILE ND 85 -85.02 37.58 -63.45
N ALA ND 86 -84.64 37.85 -64.69
CA ALA ND 86 -83.90 39.06 -65.00
C ALA ND 86 -84.61 40.34 -64.59
N GLN ND 87 -85.92 40.28 -64.36
CA GLN ND 87 -86.65 41.47 -63.92
C GLN ND 87 -86.36 41.87 -62.50
N MET ND 88 -85.84 40.97 -61.67
CA MET ND 88 -85.47 41.33 -60.30
C MET ND 88 -84.11 41.98 -60.19
N PHE ND 89 -83.30 41.95 -61.24
CA PHE ND 89 -81.93 42.46 -61.20
C PHE ND 89 -81.64 43.23 -62.47
N PRO ND 90 -82.27 44.39 -62.62
CA PRO ND 90 -82.17 45.12 -63.88
C PRO ND 90 -80.77 45.69 -64.04
N ALA ND 91 -80.28 45.63 -65.28
CA ALA ND 91 -78.92 46.05 -65.59
C ALA ND 91 -78.71 47.55 -65.47
N ASP ND 92 -79.77 48.34 -65.58
CA ASP ND 92 -79.68 49.76 -65.26
C ASP ND 92 -79.57 49.99 -63.76
N SER ND 93 -78.42 49.65 -63.19
CA SER ND 93 -78.13 49.84 -61.78
C SER ND 93 -76.64 50.16 -61.67
N LEU ND 94 -76.28 50.93 -60.65
CA LEU ND 94 -74.93 51.49 -60.60
C LEU ND 94 -73.90 50.44 -60.19
N VAL ND 95 -74.32 49.41 -59.46
CA VAL ND 95 -73.43 48.34 -59.03
C VAL ND 95 -74.15 47.03 -59.30
N SER ND 96 -73.40 46.03 -59.73
CA SER ND 96 -73.91 44.66 -59.81
C SER ND 96 -73.03 43.75 -58.96
N SER ND 97 -73.65 43.00 -58.08
CA SER ND 97 -72.93 41.98 -57.36
C SER ND 97 -72.58 40.81 -58.29
N PRO ND 98 -71.57 40.03 -57.90
CA PRO ND 98 -71.35 38.74 -58.57
C PRO ND 98 -72.55 37.84 -58.52
N ARG ND 99 -73.46 38.06 -57.57
CA ARG ND 99 -74.70 37.29 -57.56
C ARG ND 99 -75.64 37.75 -58.67
N ALA ND 100 -75.83 39.05 -58.80
CA ALA ND 100 -76.77 39.55 -59.80
C ALA ND 100 -76.31 39.23 -61.22
N GLU ND 101 -75.03 39.45 -61.52
CA GLU ND 101 -74.58 39.14 -62.87
C GLU ND 101 -74.83 37.67 -63.21
N LYS ND 102 -74.52 36.79 -62.27
CA LYS ND 102 -74.66 35.36 -62.52
C LYS ND 102 -76.13 35.00 -62.71
N ALA ND 103 -77.01 35.63 -61.94
CA ALA ND 103 -78.43 35.39 -62.09
C ALA ND 103 -78.93 35.81 -63.47
N ARG ND 104 -78.62 37.03 -63.90
CA ARG ND 104 -79.00 37.41 -65.24
C ARG ND 104 -78.53 36.40 -66.28
N LEU ND 105 -77.28 35.97 -66.17
CA LEU ND 105 -76.78 34.97 -67.10
C LEU ND 105 -77.67 33.73 -67.18
N TYR ND 106 -77.91 33.08 -66.05
CA TYR ND 106 -78.78 31.92 -66.04
C TYR ND 106 -80.17 32.23 -66.59
N SER ND 107 -80.72 33.37 -66.23
CA SER ND 107 -82.07 33.70 -66.67
C SER ND 107 -82.13 33.97 -68.15
N ALA ND 108 -81.00 34.19 -68.81
CA ALA ND 108 -81.04 34.29 -70.26
C ALA ND 108 -80.83 32.95 -70.94
N ILE ND 109 -79.99 32.09 -70.34
CA ILE ND 109 -79.82 30.76 -70.90
C ILE ND 109 -81.11 29.95 -70.88
N GLU ND 110 -81.87 30.04 -69.79
CA GLU ND 110 -83.18 29.38 -69.74
C GLU ND 110 -84.06 29.74 -70.94
N GLN ND 111 -84.13 31.01 -71.27
CA GLN ND 111 -84.99 31.45 -72.35
C GLN ND 111 -84.46 31.00 -73.70
N ARG ND 112 -83.15 31.01 -73.86
CA ARG ND 112 -82.61 30.58 -75.14
C ARG ND 112 -82.82 29.09 -75.37
N LEU ND 113 -82.76 28.27 -74.32
CA LEU ND 113 -83.09 26.86 -74.50
C LEU ND 113 -84.56 26.64 -74.81
N GLU ND 114 -85.46 27.35 -74.13
CA GLU ND 114 -86.88 27.19 -74.49
C GLU ND 114 -87.12 27.51 -75.96
N GLN ND 115 -86.52 28.59 -76.44
CA GLN ND 115 -86.73 28.95 -77.84
C GLN ND 115 -86.06 27.97 -78.79
N SER ND 116 -85.03 27.27 -78.34
CA SER ND 116 -84.45 26.28 -79.23
C SER ND 116 -85.33 25.04 -79.29
N LEU ND 117 -85.82 24.56 -78.15
CA LEU ND 117 -86.69 23.39 -78.18
C LEU ND 117 -87.91 23.63 -79.03
N GLN ND 118 -88.45 24.84 -79.03
CA GLN ND 118 -89.63 25.04 -79.87
C GLN ND 118 -89.38 24.79 -81.36
N THR ND 119 -88.14 24.65 -81.79
CA THR ND 119 -87.87 24.32 -83.19
C THR ND 119 -87.82 22.83 -83.49
N MET ND 120 -87.77 21.96 -82.50
CA MET ND 120 -87.79 20.53 -82.78
C MET ND 120 -89.08 20.13 -83.46
N GLU ND 121 -89.01 18.99 -84.14
CA GLU ND 121 -90.13 18.42 -84.88
C GLU ND 121 -91.28 17.98 -83.99
N GLY ND 122 -92.46 18.58 -84.20
CA GLY ND 122 -93.66 18.28 -83.47
C GLY ND 122 -93.89 19.09 -82.21
N VAL ND 123 -92.87 19.71 -81.64
CA VAL ND 123 -93.06 20.44 -80.39
C VAL ND 123 -93.83 21.72 -80.66
N LEU ND 124 -94.86 21.96 -79.86
CA LEU ND 124 -95.66 23.18 -79.95
C LEU ND 124 -95.22 24.25 -78.97
N SER ND 125 -94.95 23.87 -77.72
CA SER ND 125 -94.39 24.81 -76.76
C SER ND 125 -93.73 24.04 -75.63
N ALA ND 126 -92.86 24.73 -74.91
CA ALA ND 126 -92.05 24.07 -73.90
C ALA ND 126 -91.65 25.07 -72.83
N ARG ND 127 -91.17 24.54 -71.71
CA ARG ND 127 -90.58 25.34 -70.66
C ARG ND 127 -89.42 24.60 -70.03
N VAL ND 128 -88.43 25.34 -69.56
CA VAL ND 128 -87.22 24.78 -68.98
C VAL ND 128 -86.90 25.51 -67.68
N HIS ND 129 -86.37 24.77 -66.70
CA HIS ND 129 -85.98 25.32 -65.41
C HIS ND 129 -84.59 24.83 -65.07
N ILE ND 130 -83.74 25.72 -64.53
CA ILE ND 130 -82.37 25.38 -64.15
C ILE ND 130 -82.18 25.64 -62.66
N SER ND 131 -81.41 24.78 -62.00
CA SER ND 131 -81.01 25.01 -60.61
C SER ND 131 -80.13 26.24 -60.41
N TYR ND 132 -80.66 27.30 -59.83
CA TYR ND 132 -79.86 28.48 -59.51
C TYR ND 132 -78.96 28.27 -58.30
N ASP ND 133 -77.74 27.78 -58.48
CA ASP ND 133 -76.83 27.70 -57.33
C ASP ND 133 -76.39 29.08 -56.87
N ILE ND 134 -76.67 30.10 -57.67
CA ILE ND 134 -76.29 31.47 -57.41
C ILE ND 134 -76.96 32.02 -56.16
N ASP ND 135 -77.94 31.30 -55.62
CA ASP ND 135 -78.52 31.69 -54.34
C ASP ND 135 -77.51 31.59 -53.21
N ALA ND 136 -76.35 31.00 -53.45
CA ALA ND 136 -75.16 31.32 -52.71
C ALA ND 136 -74.15 31.88 -53.69
N GLY ND 137 -73.23 32.70 -53.20
CA GLY ND 137 -72.20 33.19 -54.08
C GLY ND 137 -71.39 32.06 -54.69
N GLU ND 138 -71.44 30.88 -54.07
CA GLU ND 138 -70.38 29.88 -54.18
C GLU ND 138 -69.05 30.49 -53.75
N ASN ND 139 -69.12 31.37 -52.76
CA ASN ND 139 -67.93 31.88 -52.10
C ASN ND 139 -67.36 30.84 -51.15
N GLY ND 140 -66.05 30.59 -51.28
CA GLY ND 140 -65.37 29.63 -50.44
C GLY ND 140 -65.70 28.19 -50.73
N ARG ND 141 -66.98 27.82 -50.74
CA ARG ND 141 -67.36 26.48 -51.12
C ARG ND 141 -67.16 26.26 -52.62
N PRO ND 142 -66.81 25.04 -53.03
CA PRO ND 142 -66.82 24.69 -54.44
C PRO ND 142 -68.24 24.61 -54.99
N PRO ND 143 -68.40 24.68 -56.31
CA PRO ND 143 -69.73 24.67 -56.89
C PRO ND 143 -70.37 23.29 -56.88
N LYS ND 144 -71.71 23.27 -56.84
CA LYS ND 144 -72.55 22.08 -56.91
C LYS ND 144 -72.91 21.72 -58.34
N PRO ND 145 -73.24 20.46 -58.61
CA PRO ND 145 -73.71 20.09 -59.96
C PRO ND 145 -75.09 20.65 -60.28
N VAL ND 146 -75.30 20.83 -61.57
CA VAL ND 146 -76.52 21.41 -62.14
C VAL ND 146 -77.64 20.37 -62.30
N HIS ND 147 -78.87 20.83 -62.07
CA HIS ND 147 -80.10 20.06 -62.28
C HIS ND 147 -81.00 20.85 -63.22
N LEU ND 148 -81.75 20.12 -64.05
CA LEU ND 148 -82.63 20.68 -65.06
C LEU ND 148 -83.99 20.01 -65.03
N SER ND 149 -85.03 20.76 -65.41
CA SER ND 149 -86.35 20.18 -65.68
C SER ND 149 -86.98 20.79 -66.91
N ALA ND 150 -87.78 19.99 -67.63
CA ALA ND 150 -88.46 20.50 -68.80
C ALA ND 150 -89.88 19.95 -68.94
N LEU ND 151 -90.73 20.74 -69.59
CA LEU ND 151 -92.10 20.39 -69.95
C LEU ND 151 -92.30 20.66 -71.44
N ALA ND 152 -93.04 19.80 -72.12
CA ALA ND 152 -93.36 20.10 -73.51
C ALA ND 152 -94.70 19.53 -73.96
N VAL ND 153 -95.30 20.20 -74.94
CA VAL ND 153 -96.54 19.76 -75.59
C VAL ND 153 -96.26 19.29 -77.01
N TYR ND 154 -96.83 18.15 -77.38
CA TYR ND 154 -96.68 17.56 -78.71
C TYR ND 154 -97.99 17.51 -79.48
N GLU ND 155 -97.86 17.49 -80.79
CA GLU ND 155 -98.98 17.20 -81.69
C GLU ND 155 -99.50 15.79 -81.46
N ARG ND 156 -100.81 15.63 -81.69
CA ARG ND 156 -101.47 14.34 -81.54
C ARG ND 156 -100.88 13.27 -82.46
N GLY ND 157 -100.65 12.09 -81.90
CA GLY ND 157 -100.08 10.95 -82.61
C GLY ND 157 -98.57 10.86 -82.62
N SER ND 158 -97.92 11.44 -81.65
CA SER ND 158 -96.48 11.48 -81.44
C SER ND 158 -96.03 10.42 -80.44
N PRO ND 159 -95.01 9.60 -80.71
CA PRO ND 159 -94.57 8.63 -79.69
C PRO ND 159 -93.70 9.28 -78.62
N LEU ND 160 -94.40 9.75 -77.60
CA LEU ND 160 -93.78 10.46 -76.48
C LEU ND 160 -92.65 9.66 -75.85
N ALA ND 161 -92.90 8.38 -75.59
CA ALA ND 161 -91.89 7.54 -74.99
C ALA ND 161 -90.59 7.57 -75.79
N HIS ND 162 -90.68 7.44 -77.10
CA HIS ND 162 -89.46 7.44 -77.89
C HIS ND 162 -88.89 8.83 -78.10
N GLN ND 163 -89.64 9.89 -77.79
CA GLN ND 163 -89.11 11.24 -77.96
C GLN ND 163 -88.44 11.79 -76.71
N ILE ND 164 -88.65 11.18 -75.55
CA ILE ND 164 -87.95 11.70 -74.37
C ILE ND 164 -86.43 11.57 -74.50
N SER ND 165 -85.96 10.48 -75.11
CA SER ND 165 -84.53 10.27 -75.27
C SER ND 165 -83.83 11.43 -75.97
N ASP ND 166 -84.37 11.86 -77.11
CA ASP ND 166 -83.78 12.98 -77.84
C ASP ND 166 -83.61 14.21 -76.97
N ILE ND 167 -84.68 14.62 -76.28
CA ILE ND 167 -84.57 15.80 -75.42
C ILE ND 167 -83.47 15.62 -74.39
N LYS ND 168 -83.48 14.51 -73.65
CA LYS ND 168 -82.42 14.30 -72.68
C LYS ND 168 -81.03 14.40 -73.31
N ARG ND 169 -80.82 13.72 -74.43
CA ARG ND 169 -79.54 13.79 -75.11
C ARG ND 169 -79.15 15.23 -75.43
N PHE ND 170 -80.08 16.01 -75.96
CA PHE ND 170 -79.77 17.38 -76.32
C PHE ND 170 -79.43 18.24 -75.09
N LEU ND 171 -80.15 18.08 -73.99
CA LEU ND 171 -79.89 18.93 -72.84
C LEU ND 171 -78.60 18.55 -72.12
N LYS ND 172 -78.29 17.25 -72.06
CA LYS ND 172 -77.10 16.80 -71.33
C LYS ND 172 -75.83 17.58 -71.67
N ASN ND 173 -75.57 17.84 -72.94
CA ASN ND 173 -74.35 18.52 -73.34
C ASN ND 173 -74.38 20.03 -73.29
N SER ND 174 -75.44 20.66 -72.81
CA SER ND 174 -75.42 22.13 -72.77
C SER ND 174 -74.71 22.67 -71.53
N PHE ND 175 -74.27 21.82 -70.61
CA PHE ND 175 -73.63 22.25 -69.38
C PHE ND 175 -72.43 21.37 -69.08
N ALA ND 176 -71.51 21.93 -68.30
CA ALA ND 176 -70.28 21.24 -67.94
C ALA ND 176 -70.47 19.92 -67.21
N ASP ND 177 -71.50 19.77 -66.40
CA ASP ND 177 -71.63 18.52 -65.64
C ASP ND 177 -73.09 18.22 -65.36
N VAL ND 178 -73.66 17.29 -66.11
CA VAL ND 178 -75.04 16.91 -65.96
C VAL ND 178 -75.14 15.41 -66.17
N ASP ND 179 -75.92 14.75 -65.34
CA ASP ND 179 -76.17 13.32 -65.45
C ASP ND 179 -77.60 13.08 -65.87
N TYR ND 180 -77.79 12.05 -66.70
CA TYR ND 180 -79.13 11.69 -67.11
C TYR ND 180 -80.04 11.51 -65.91
N ASP ND 181 -79.50 11.06 -64.79
CA ASP ND 181 -80.31 10.94 -63.59
C ASP ND 181 -80.87 12.28 -63.12
N ASN ND 182 -80.16 13.38 -63.36
CA ASN ND 182 -80.58 14.70 -62.89
C ASN ND 182 -81.44 15.48 -63.86
N ILE ND 183 -81.96 14.86 -64.93
CA ILE ND 183 -82.78 15.56 -65.91
C ILE ND 183 -84.18 14.96 -65.89
N SER ND 184 -85.16 15.80 -65.59
CA SER ND 184 -86.58 15.46 -65.59
C SER ND 184 -87.28 16.02 -66.82
N VAL ND 185 -88.08 15.19 -67.48
CA VAL ND 185 -88.79 15.58 -68.69
C VAL ND 185 -90.24 15.09 -68.59
N VAL ND 186 -91.19 16.00 -68.79
CA VAL ND 186 -92.61 15.67 -68.78
C VAL ND 186 -93.25 16.15 -70.08
N LEU ND 187 -93.95 15.24 -70.76
CA LEU ND 187 -94.57 15.51 -72.05
C LEU ND 187 -96.07 15.31 -71.99
N SER ND 188 -96.78 16.05 -72.84
CA SER ND 188 -98.24 15.91 -72.94
C SER ND 188 -98.68 16.21 -74.37
N GLU ND 189 -99.84 15.68 -74.75
CA GLU ND 189 -100.43 15.94 -76.05
C GLU ND 189 -101.43 17.09 -76.06
N ARG ND 190 -101.54 17.71 -77.23
CA ARG ND 190 -102.58 18.69 -77.51
C ARG ND 190 -103.98 18.13 -77.31
N SER ND 191 -104.84 18.94 -76.71
CA SER ND 191 -106.25 18.67 -76.55
C SER ND 191 -106.99 18.77 -77.89
N ASP ND 192 -108.24 18.29 -77.88
CA ASP ND 192 -109.13 18.40 -79.02
C ASP ND 192 -109.30 19.83 -79.52
N ALA ND 193 -109.35 19.97 -80.84
CA ALA ND 193 -109.54 21.25 -81.52
C ALA ND 193 -110.94 21.82 -81.39
N GLN ND 194 -111.02 23.11 -81.06
CA GLN ND 194 -112.27 23.88 -81.02
C GLN ND 194 -112.53 24.58 -82.35
N LEU ND 195 -113.21 23.90 -83.26
CA LEU ND 195 -113.44 24.42 -84.59
C LEU ND 195 -114.85 24.97 -84.82
N GLN ND 196 -115.89 24.33 -84.31
CA GLN ND 196 -117.25 24.83 -84.49
C GLN ND 196 -117.57 25.98 -83.55
N ALA ND 197 -118.29 26.96 -84.09
CA ALA ND 197 -118.69 28.14 -83.33
C ALA ND 197 -119.82 27.85 -82.34
N PRO ND 198 -119.83 28.55 -81.21
CA PRO ND 198 -120.93 28.40 -80.24
C PRO ND 198 -122.25 28.92 -80.78
N GLY ND 199 -123.33 28.37 -80.23
CA GLY ND 199 -124.68 28.81 -80.58
C GLY ND 199 -125.08 30.09 -79.87
N THR ND 200 -125.80 30.94 -80.59
CA THR ND 200 -126.30 32.21 -80.06
C THR ND 200 -127.55 31.97 -79.21
N PRO ND 201 -127.66 32.61 -78.03
CA PRO ND 201 -128.87 32.48 -77.23
C PRO ND 201 -130.14 32.80 -78.01
N VAL ND 202 -131.18 32.02 -77.74
CA VAL ND 202 -132.48 32.25 -78.33
C VAL ND 202 -133.14 33.45 -77.68
N ASP OD 20 -115.36 41.63 -91.20
CA ASP OD 20 -114.13 41.00 -90.72
C ASP OD 20 -113.82 41.43 -89.30
N LYS OD 21 -113.26 40.51 -88.53
CA LYS OD 21 -112.92 40.72 -87.14
C LYS OD 21 -111.41 40.87 -86.97
N ASP OD 22 -111.01 41.82 -86.14
CA ASP OD 22 -109.61 42.05 -85.82
C ASP OD 22 -109.04 41.02 -84.84
N LEU OD 23 -108.00 40.32 -85.26
CA LEU OD 23 -107.24 39.42 -84.40
C LEU OD 23 -106.13 40.15 -83.67
N LEU OD 24 -105.26 40.85 -84.39
CA LEU OD 24 -104.08 41.43 -83.78
C LEU OD 24 -103.80 42.78 -84.44
N LYS OD 25 -103.19 43.68 -83.67
CA LYS OD 25 -102.79 44.98 -84.17
C LYS OD 25 -101.38 45.32 -83.72
N GLY OD 26 -100.77 46.27 -84.44
CA GLY OD 26 -99.44 46.74 -84.10
C GLY OD 26 -98.33 45.70 -84.21
N LEU OD 27 -98.43 44.79 -85.17
CA LEU OD 27 -97.40 43.79 -85.37
C LEU OD 27 -96.23 44.35 -86.16
N ASP OD 28 -95.07 43.75 -85.97
CA ASP OD 28 -93.95 43.86 -86.91
C ASP OD 28 -94.12 42.96 -88.13
N GLN OD 29 -93.33 43.28 -89.14
CA GLN OD 29 -93.30 42.54 -90.39
C GLN OD 29 -93.10 41.04 -90.20
N GLU OD 30 -92.07 40.64 -89.46
CA GLU OD 30 -91.80 39.22 -89.26
C GLU OD 30 -92.90 38.53 -88.46
N GLN OD 31 -93.52 39.26 -87.55
CA GLN OD 31 -94.58 38.66 -86.78
C GLN OD 31 -95.80 38.44 -87.65
N ALA OD 32 -96.13 39.42 -88.47
CA ALA OD 32 -97.28 39.27 -89.34
C ALA OD 32 -97.08 38.08 -90.26
N ASN OD 33 -95.89 37.96 -90.84
CA ASN OD 33 -95.66 36.86 -91.77
C ASN OD 33 -95.66 35.49 -91.11
N GLU OD 34 -95.18 35.39 -89.87
CA GLU OD 34 -95.31 34.12 -89.15
C GLU OD 34 -96.76 33.78 -88.81
N VAL OD 35 -97.56 34.78 -88.45
CA VAL OD 35 -98.96 34.51 -88.18
C VAL OD 35 -99.68 34.06 -89.44
N ILE OD 36 -99.43 34.73 -90.55
CA ILE OD 36 -100.10 34.34 -91.79
C ILE OD 36 -99.72 32.92 -92.17
N ALA OD 37 -98.45 32.57 -92.06
CA ALA OD 37 -98.01 31.21 -92.39
C ALA OD 37 -98.74 30.17 -91.56
N VAL OD 38 -98.87 30.39 -90.26
CA VAL OD 38 -99.56 29.41 -89.43
C VAL OD 38 -101.04 29.34 -89.72
N LEU OD 39 -101.69 30.46 -90.03
CA LEU OD 39 -103.09 30.35 -90.37
C LEU OD 39 -103.30 29.61 -91.68
N GLN OD 40 -102.53 29.96 -92.70
CA GLN OD 40 -102.66 29.28 -93.98
C GLN OD 40 -102.47 27.77 -93.85
N MET OD 41 -101.55 27.33 -93.02
CA MET OD 41 -101.38 25.89 -92.89
C MET OD 41 -102.66 25.17 -92.48
N HIS OD 42 -103.51 25.78 -91.66
CA HIS OD 42 -104.76 25.17 -91.22
C HIS OD 42 -105.98 25.53 -92.06
N ASN OD 43 -105.78 26.00 -93.28
CA ASN OD 43 -106.89 26.39 -94.16
C ASN OD 43 -107.70 27.59 -93.71
N ILE OD 44 -107.06 28.59 -93.13
CA ILE OD 44 -107.74 29.81 -92.72
C ILE OD 44 -107.20 30.93 -93.59
N GLU OD 45 -108.07 31.51 -94.41
CA GLU OD 45 -107.72 32.68 -95.22
C GLU OD 45 -107.68 33.95 -94.39
N ALA OD 46 -106.51 34.60 -94.36
CA ALA OD 46 -106.31 35.79 -93.53
C ALA OD 46 -105.82 36.95 -94.40
N ASN OD 47 -105.97 38.17 -93.87
CA ASN OD 47 -105.55 39.37 -94.58
C ASN OD 47 -104.66 40.25 -93.72
N LYS OD 48 -103.57 40.73 -94.32
CA LYS OD 48 -102.61 41.61 -93.68
C LYS OD 48 -102.73 43.02 -94.23
N ILE OD 49 -102.90 43.98 -93.32
CA ILE OD 49 -103.07 45.39 -93.66
C ILE OD 49 -101.98 46.20 -92.96
N ASP OD 50 -101.45 47.19 -93.66
CA ASP OD 50 -100.39 48.05 -93.14
C ASP OD 50 -100.92 49.45 -92.87
N SER OD 51 -100.72 49.93 -91.65
CA SER OD 51 -101.12 51.25 -91.19
C SER OD 51 -99.93 52.15 -90.89
N GLY OD 52 -98.75 51.76 -91.33
CA GLY OD 52 -97.50 52.46 -91.04
C GLY OD 52 -97.02 52.59 -89.61
N LYS OD 53 -97.02 53.80 -89.05
CA LYS OD 53 -96.64 53.96 -87.65
C LYS OD 53 -97.50 53.12 -86.71
N LEU OD 54 -98.65 52.65 -87.13
CA LEU OD 54 -99.49 51.82 -86.29
C LEU OD 54 -99.23 50.34 -86.47
N GLY OD 55 -98.34 49.97 -87.39
CA GLY OD 55 -98.05 48.59 -87.72
C GLY OD 55 -99.08 47.86 -88.56
N TYR OD 56 -98.95 46.54 -88.57
CA TYR OD 56 -99.82 45.64 -89.31
C TYR OD 56 -100.98 45.10 -88.48
N SER OD 57 -102.08 44.85 -89.20
CA SER OD 57 -103.30 44.29 -88.65
C SER OD 57 -103.66 43.04 -89.43
N ILE OD 58 -104.25 42.08 -88.73
CA ILE OD 58 -104.65 40.79 -89.29
C ILE OD 58 -106.14 40.62 -89.12
N THR OD 59 -106.82 40.22 -90.19
CA THR OD 59 -108.26 40.05 -90.13
C THR OD 59 -108.69 38.77 -90.81
N VAL OD 60 -109.82 38.22 -90.35
CA VAL OD 60 -110.39 36.99 -90.87
C VAL OD 60 -111.90 37.11 -90.90
N ALA OD 61 -112.52 36.21 -91.67
CA ALA OD 61 -113.96 36.08 -91.69
C ALA OD 61 -114.52 35.44 -90.41
N GLU OD 62 -115.79 35.74 -90.17
CA GLU OD 62 -116.50 35.22 -89.01
C GLU OD 62 -116.53 33.71 -88.93
N PRO OD 63 -116.90 32.98 -89.98
CA PRO OD 63 -116.86 31.51 -89.88
C PRO OD 63 -115.54 30.95 -89.45
N ASP OD 64 -114.43 31.66 -89.66
CA ASP OD 64 -113.11 31.17 -89.30
C ASP OD 64 -112.56 31.80 -88.02
N PHE OD 65 -113.28 32.78 -87.45
CA PHE OD 65 -112.78 33.47 -86.28
C PHE OD 65 -112.50 32.53 -85.12
N THR OD 66 -113.46 31.68 -84.76
CA THR OD 66 -113.28 30.74 -83.68
C THR OD 66 -112.01 29.89 -83.81
N ALA OD 67 -111.86 29.23 -84.95
CA ALA OD 67 -110.66 28.44 -85.19
C ALA OD 67 -109.40 29.28 -85.09
N ALA OD 68 -109.40 30.46 -85.70
CA ALA OD 68 -108.20 31.29 -85.66
C ALA OD 68 -107.83 31.66 -84.24
N VAL OD 69 -108.82 31.92 -83.39
CA VAL OD 69 -108.54 32.18 -81.98
C VAL OD 69 -107.90 30.97 -81.31
N TYR OD 70 -108.49 29.80 -81.53
CA TYR OD 70 -107.93 28.59 -80.93
C TYR OD 70 -106.48 28.32 -81.36
N TRP OD 71 -106.15 28.55 -82.62
CA TRP OD 71 -104.76 28.37 -83.04
C TRP OD 71 -103.84 29.45 -82.51
N ILE OD 72 -104.29 30.70 -82.46
CA ILE OD 72 -103.44 31.74 -81.88
C ILE OD 72 -103.12 31.40 -80.44
N LYS OD 73 -104.09 30.89 -79.71
CA LYS OD 73 -103.79 30.40 -78.37
C LYS OD 73 -102.78 29.27 -78.40
N THR OD 74 -103.04 28.24 -79.18
CA THR OD 74 -102.21 27.04 -79.10
C THR OD 74 -100.76 27.32 -79.44
N TYR OD 75 -100.51 28.17 -80.43
CA TYR OD 75 -99.13 28.51 -80.77
C TYR OD 75 -98.58 29.72 -80.04
N GLN OD 76 -99.36 30.38 -79.19
CA GLN OD 76 -98.84 31.51 -78.44
C GLN OD 76 -98.33 32.63 -79.33
N LEU OD 77 -99.01 32.87 -80.43
CA LEU OD 77 -98.59 33.92 -81.33
C LEU OD 77 -98.99 35.27 -80.74
N PRO OD 78 -98.37 36.36 -81.19
CA PRO OD 78 -97.21 36.48 -82.06
C PRO OD 78 -95.94 36.05 -81.37
N PRO OD 79 -94.92 35.68 -82.13
CA PRO OD 79 -93.69 35.19 -81.50
C PRO OD 79 -92.94 36.29 -80.77
N ARG OD 80 -92.42 35.95 -79.60
CA ARG OD 80 -91.48 36.80 -78.91
C ARG OD 80 -90.19 36.96 -79.72
N PRO OD 81 -89.46 38.05 -79.51
CA PRO OD 81 -88.21 38.25 -80.23
C PRO OD 81 -87.12 37.30 -79.77
N ARG OD 82 -86.15 37.08 -80.66
CA ARG OD 82 -85.08 36.13 -80.43
C ARG OD 82 -84.10 36.65 -79.38
N VAL OD 83 -83.67 35.76 -78.49
CA VAL OD 83 -82.87 36.11 -77.31
C VAL OD 83 -81.41 35.74 -77.52
N GLU OD 84 -80.50 36.70 -77.28
CA GLU OD 84 -79.07 36.48 -77.35
C GLU OD 84 -78.37 37.07 -76.13
N ILE OD 85 -77.36 36.35 -75.64
CA ILE OD 85 -76.81 36.62 -74.30
C ILE OD 85 -76.15 37.98 -74.24
N ALA OD 86 -75.62 38.47 -75.36
CA ALA OD 86 -75.05 39.81 -75.38
C ALA OD 86 -76.05 40.89 -75.01
N GLN OD 87 -77.35 40.61 -75.09
CA GLN OD 87 -78.33 41.60 -74.67
C GLN OD 87 -78.26 41.92 -73.19
N MET OD 88 -77.84 40.97 -72.36
CA MET OD 88 -77.86 41.17 -70.92
C MET OD 88 -76.67 41.98 -70.42
N PHE OD 89 -75.62 42.15 -71.21
CA PHE OD 89 -74.42 42.88 -70.81
C PHE OD 89 -74.12 43.93 -71.87
N PRO OD 90 -74.96 44.94 -71.98
CA PRO OD 90 -74.76 45.95 -73.02
C PRO OD 90 -73.35 46.52 -72.96
N ALA OD 91 -72.69 46.54 -74.12
CA ALA OD 91 -71.31 46.97 -74.21
C ALA OD 91 -71.13 48.47 -73.97
N ASP OD 92 -72.21 49.24 -73.94
CA ASP OD 92 -72.12 50.67 -73.72
C ASP OD 92 -71.79 51.04 -72.28
N SER OD 93 -71.65 50.06 -71.39
CA SER OD 93 -71.46 50.37 -69.98
C SER OD 93 -70.11 51.04 -69.74
N LEU OD 94 -70.07 51.86 -68.71
CA LEU OD 94 -68.83 52.53 -68.33
C LEU OD 94 -67.86 51.60 -67.61
N VAL OD 95 -68.35 50.54 -67.00
CA VAL OD 95 -67.50 49.58 -66.29
C VAL OD 95 -67.92 48.18 -66.70
N SER OD 96 -66.93 47.29 -66.82
CA SER OD 96 -67.20 45.89 -67.12
C SER OD 96 -66.28 45.02 -66.28
N SER OD 97 -66.84 43.94 -65.76
CA SER OD 97 -66.02 42.91 -65.15
C SER OD 97 -65.48 41.99 -66.21
N PRO OD 98 -64.45 41.22 -65.90
CA PRO OD 98 -64.06 40.15 -66.81
C PRO OD 98 -65.20 39.21 -67.17
N ARG OD 99 -66.12 38.98 -66.24
CA ARG OD 99 -67.21 38.05 -66.49
C ARG OD 99 -68.07 38.53 -67.65
N ALA OD 100 -68.40 39.81 -67.69
CA ALA OD 100 -69.19 40.36 -68.78
C ALA OD 100 -68.47 40.27 -70.12
N GLU OD 101 -67.20 40.68 -70.17
CA GLU OD 101 -66.46 40.57 -71.41
C GLU OD 101 -66.44 39.14 -71.93
N LYS OD 102 -66.09 38.20 -71.06
CA LYS OD 102 -66.08 36.80 -71.45
C LYS OD 102 -67.44 36.33 -71.96
N ALA OD 103 -68.51 36.80 -71.34
CA ALA OD 103 -69.85 36.45 -71.81
C ALA OD 103 -70.11 36.98 -73.21
N ARG OD 104 -69.87 38.26 -73.45
CA ARG OD 104 -70.04 38.77 -74.81
C ARG OD 104 -69.26 37.96 -75.83
N LEU OD 105 -68.01 37.65 -75.53
CA LEU OD 105 -67.22 36.84 -76.44
C LEU OD 105 -67.93 35.53 -76.82
N TYR OD 106 -68.28 34.72 -75.83
CA TYR OD 106 -68.97 33.47 -76.15
C TYR OD 106 -70.27 33.69 -76.91
N SER OD 107 -71.03 34.71 -76.56
CA SER OD 107 -72.28 34.94 -77.26
C SER OD 107 -72.10 35.43 -78.67
N ALA OD 108 -70.90 35.88 -79.04
CA ALA OD 108 -70.66 36.17 -80.43
C ALA OD 108 -70.14 34.97 -81.20
N ILE OD 109 -69.41 34.09 -80.54
CA ILE OD 109 -68.95 32.88 -81.23
C ILE OD 109 -70.12 31.97 -81.57
N GLU OD 110 -71.07 31.80 -80.65
CA GLU OD 110 -72.26 31.00 -80.98
C GLU OD 110 -72.98 31.49 -82.23
N GLN OD 111 -73.12 32.80 -82.39
CA GLN OD 111 -73.82 33.30 -83.56
C GLN OD 111 -73.00 33.08 -84.82
N ARG OD 112 -71.69 33.26 -84.73
CA ARG OD 112 -70.91 33.10 -85.95
C ARG OD 112 -70.88 31.66 -86.39
N LEU OD 113 -70.98 30.71 -85.46
CA LEU OD 113 -71.08 29.32 -85.87
C LEU OD 113 -72.42 28.98 -86.49
N GLU OD 114 -73.53 29.44 -85.91
CA GLU OD 114 -74.79 29.20 -86.62
C GLU OD 114 -74.81 29.81 -88.02
N GLN OD 115 -74.18 30.97 -88.20
CA GLN OD 115 -74.12 31.53 -89.53
C GLN OD 115 -73.24 30.72 -90.45
N SER OD 116 -72.30 29.98 -89.89
CA SER OD 116 -71.45 29.18 -90.77
C SER OD 116 -72.18 27.90 -91.16
N LEU OD 117 -72.79 27.23 -90.19
CA LEU OD 117 -73.53 26.02 -90.51
C LEU OD 117 -74.58 26.24 -91.57
N GLN OD 118 -75.28 27.37 -91.52
CA GLN OD 118 -76.29 27.56 -92.56
C GLN OD 118 -75.74 27.56 -93.98
N THR OD 119 -74.43 27.65 -94.19
CA THR OD 119 -73.88 27.60 -95.54
C THR OD 119 -73.58 26.20 -96.04
N MET OD 120 -73.53 25.19 -95.18
CA MET OD 120 -73.29 23.85 -95.66
C MET OD 120 -74.36 23.41 -96.66
N GLU OD 121 -74.00 22.43 -97.47
CA GLU OD 121 -74.87 21.85 -98.48
C GLU OD 121 -76.07 21.13 -97.90
N GLY OD 122 -77.26 21.60 -98.25
CA GLY OD 122 -78.52 21.05 -97.80
C GLY OD 122 -79.10 21.59 -96.51
N VAL OD 123 -78.30 22.23 -95.67
CA VAL OD 123 -78.84 22.73 -94.40
C VAL OD 123 -79.74 23.92 -94.67
N LEU OD 124 -80.92 23.92 -94.05
CA LEU OD 124 -81.82 25.07 -94.11
C LEU OD 124 -81.69 26.00 -92.92
N SER OD 125 -81.56 25.46 -91.71
CA SER OD 125 -81.17 26.28 -90.57
C SER OD 125 -80.59 25.41 -89.48
N ALA OD 126 -79.90 26.05 -88.54
CA ALA OD 126 -79.32 25.36 -87.41
C ALA OD 126 -79.37 26.25 -86.18
N ARG OD 127 -79.23 25.63 -85.02
CA ARG OD 127 -79.04 26.35 -83.77
C ARG OD 127 -77.95 25.67 -82.96
N VAL OD 128 -77.13 26.46 -82.26
CA VAL OD 128 -75.97 25.93 -81.54
C VAL OD 128 -75.93 26.50 -80.14
N HIS OD 129 -75.50 25.68 -79.17
CA HIS OD 129 -75.32 26.07 -77.78
C HIS OD 129 -73.94 25.67 -77.29
N ILE OD 130 -73.33 26.54 -76.49
CA ILE OD 130 -72.06 26.26 -75.84
C ILE OD 130 -72.23 26.25 -74.33
N SER OD 131 -71.48 25.38 -73.66
CA SER OD 131 -71.34 25.39 -72.21
C SER OD 131 -70.66 26.65 -71.68
N TYR OD 132 -71.41 27.60 -71.12
CA TYR OD 132 -70.78 28.74 -70.46
C TYR OD 132 -70.25 28.32 -69.11
N ASP OD 133 -68.96 28.55 -68.89
CA ASP OD 133 -68.31 28.32 -67.60
C ASP OD 133 -67.74 29.63 -67.07
N ILE OD 134 -68.12 30.75 -67.67
CA ILE OD 134 -67.75 32.07 -67.20
C ILE OD 134 -68.33 32.37 -65.84
N ASP OD 135 -69.32 31.60 -65.40
CA ASP OD 135 -69.77 31.69 -64.02
C ASP OD 135 -68.69 31.26 -63.04
N ALA OD 136 -67.68 30.53 -63.46
CA ALA OD 136 -66.51 30.37 -62.61
C ALA OD 136 -65.68 31.65 -62.62
N GLY OD 137 -65.10 31.95 -61.46
CA GLY OD 137 -64.07 32.96 -61.37
C GLY OD 137 -62.71 32.50 -61.82
N GLU OD 138 -62.51 31.18 -61.91
CA GLU OD 138 -61.27 30.60 -62.41
C GLU OD 138 -60.08 30.99 -61.53
N ASN OD 139 -60.37 31.37 -60.29
CA ASN OD 139 -59.36 31.72 -59.31
C ASN OD 139 -58.60 30.48 -58.88
N GLY OD 140 -57.32 30.40 -59.22
CA GLY OD 140 -56.51 29.31 -58.70
C GLY OD 140 -57.09 27.95 -59.01
N ARG OD 141 -57.77 27.83 -60.14
CA ARG OD 141 -58.69 26.73 -60.37
C ARG OD 141 -58.65 26.29 -61.82
N PRO OD 142 -58.66 24.98 -62.08
CA PRO OD 142 -58.51 24.51 -63.45
C PRO OD 142 -59.77 24.75 -64.27
N PRO OD 143 -59.63 25.00 -65.56
CA PRO OD 143 -60.82 25.15 -66.42
C PRO OD 143 -61.45 23.81 -66.75
N LYS OD 144 -62.79 23.78 -66.73
CA LYS OD 144 -63.53 22.61 -67.15
C LYS OD 144 -63.54 22.48 -68.67
N PRO OD 145 -63.75 21.28 -69.19
CA PRO OD 145 -63.86 21.11 -70.64
C PRO OD 145 -65.16 21.70 -71.19
N VAL OD 146 -65.11 22.03 -72.47
CA VAL OD 146 -66.23 22.57 -73.23
C VAL OD 146 -67.19 21.48 -73.71
N HIS OD 147 -68.48 21.80 -73.71
CA HIS OD 147 -69.56 20.97 -74.24
C HIS OD 147 -70.35 21.77 -75.27
N LEU OD 148 -70.79 21.11 -76.34
CA LEU OD 148 -71.49 21.75 -77.45
C LEU OD 148 -72.71 20.95 -77.84
N SER OD 149 -73.81 21.65 -78.17
CA SER OD 149 -75.00 21.01 -78.71
C SER OD 149 -75.49 21.71 -79.97
N ALA OD 150 -76.00 20.93 -80.93
CA ALA OD 150 -76.50 21.52 -82.17
C ALA OD 150 -77.78 20.84 -82.68
N LEU OD 151 -78.65 21.65 -83.28
CA LEU OD 151 -79.84 21.20 -84.00
C LEU OD 151 -79.75 21.66 -85.45
N ALA OD 152 -80.23 20.84 -86.39
CA ALA OD 152 -80.30 21.32 -87.77
C ALA OD 152 -81.43 20.68 -88.57
N VAL OD 153 -81.91 21.43 -89.56
CA VAL OD 153 -82.97 20.98 -90.46
C VAL OD 153 -82.41 20.79 -91.87
N TYR OD 154 -82.77 19.66 -92.49
CA TYR OD 154 -82.29 19.30 -93.83
C TYR OD 154 -83.40 19.22 -94.87
N GLU OD 155 -83.00 19.42 -96.12
CA GLU OD 155 -83.86 19.15 -97.27
C GLU OD 155 -84.23 17.66 -97.34
N ARG OD 156 -85.42 17.42 -97.85
CA ARG OD 156 -85.95 16.06 -98.02
C ARG OD 156 -85.10 15.18 -98.93
N GLY OD 157 -84.89 13.94 -98.48
CA GLY OD 157 -84.09 12.95 -99.18
C GLY OD 157 -82.62 12.96 -98.87
N SER OD 158 -82.25 13.43 -97.72
CA SER OD 158 -80.91 13.54 -97.18
C SER OD 158 -80.59 12.39 -96.23
N PRO OD 159 -79.47 11.69 -96.38
CA PRO OD 159 -79.15 10.62 -95.41
C PRO OD 159 -78.57 11.20 -94.12
N LEU OD 160 -79.50 11.48 -93.21
CA LEU OD 160 -79.19 12.10 -91.93
C LEU OD 160 -78.08 11.35 -91.20
N ALA OD 161 -78.20 10.02 -91.14
CA ALA OD 161 -77.21 9.21 -90.46
C ALA OD 161 -75.81 9.52 -90.99
N HIS OD 162 -75.65 9.58 -92.31
CA HIS OD 162 -74.33 9.86 -92.83
C HIS OD 162 -73.94 11.32 -92.74
N GLN OD 163 -74.87 12.22 -92.46
CA GLN OD 163 -74.51 13.63 -92.34
C GLN OD 163 -74.15 14.08 -90.94
N ILE OD 164 -74.44 13.30 -89.91
CA ILE OD 164 -74.02 13.74 -88.57
C ILE OD 164 -72.50 13.83 -88.47
N SER OD 165 -71.79 12.91 -89.12
CA SER OD 165 -70.34 12.90 -89.08
C SER OD 165 -69.70 14.23 -89.49
N ASP OD 166 -70.12 14.78 -90.63
CA ASP OD 166 -69.57 16.06 -91.08
C ASP OD 166 -69.69 17.15 -90.02
N ILE OD 167 -70.88 17.33 -89.48
CA ILE OD 167 -71.08 18.34 -88.45
C ILE OD 167 -70.14 18.12 -87.28
N LYS OD 168 -70.12 16.92 -86.71
CA LYS OD 168 -69.20 16.67 -85.60
C LYS OD 168 -67.76 17.01 -85.96
N ARG OD 169 -67.29 16.54 -87.10
CA ARG OD 169 -65.92 16.86 -87.53
C ARG OD 169 -65.69 18.36 -87.56
N PHE OD 170 -66.62 19.10 -88.14
CA PHE OD 170 -66.44 20.54 -88.26
C PHE OD 170 -66.40 21.22 -86.89
N LEU OD 171 -67.28 20.83 -85.98
CA LEU OD 171 -67.32 21.47 -84.66
C LEU OD 171 -66.11 21.14 -83.80
N LYS OD 172 -65.65 19.88 -83.83
CA LYS OD 172 -64.55 19.49 -82.95
C LYS OD 172 -63.36 20.44 -82.94
N ASN OD 173 -62.91 20.89 -84.09
CA ASN OD 173 -61.74 21.76 -84.14
C ASN OD 173 -62.00 23.24 -83.92
N SER OD 174 -63.22 23.66 -83.62
CA SER OD 174 -63.44 25.08 -83.38
C SER OD 174 -63.07 25.52 -81.96
N PHE OD 175 -62.66 24.60 -81.10
CA PHE OD 175 -62.33 24.93 -79.71
C PHE OD 175 -61.08 24.18 -79.28
N ALA OD 176 -60.44 24.73 -78.25
CA ALA OD 176 -59.20 24.16 -77.72
C ALA OD 176 -59.34 22.74 -77.21
N ASP OD 177 -60.48 22.35 -76.64
CA ASP OD 177 -60.56 21.01 -76.07
C ASP OD 177 -61.99 20.50 -76.13
N VAL OD 178 -62.26 19.63 -77.09
CA VAL OD 178 -63.58 19.04 -77.27
C VAL OD 178 -63.40 17.60 -77.67
N ASP OD 179 -64.23 16.73 -77.11
CA ASP OD 179 -64.23 15.31 -77.42
C ASP OD 179 -65.50 14.96 -78.17
N TYR OD 180 -65.39 14.06 -79.14
CA TYR OD 180 -66.58 13.62 -79.85
C TYR OD 180 -67.66 13.17 -78.89
N ASP OD 181 -67.28 12.60 -77.76
CA ASP OD 181 -68.26 12.21 -76.77
C ASP OD 181 -69.07 13.39 -76.24
N ASN OD 182 -68.49 14.58 -76.20
CA ASN OD 182 -69.14 15.77 -75.65
C ASN OD 182 -69.92 16.59 -76.66
N ILE OD 183 -70.18 16.07 -77.86
CA ILE OD 183 -70.91 16.83 -78.88
C ILE OD 183 -72.21 16.09 -79.19
N SER OD 184 -73.33 16.76 -78.96
CA SER OD 184 -74.67 16.27 -79.27
C SER OD 184 -75.20 16.94 -80.52
N VAL OD 185 -75.75 16.13 -81.43
CA VAL OD 185 -76.28 16.61 -82.71
C VAL OD 185 -77.63 15.98 -82.96
N VAL OD 186 -78.63 16.82 -83.24
CA VAL OD 186 -79.99 16.36 -83.55
C VAL OD 186 -80.42 16.95 -84.88
N LEU OD 187 -80.87 16.08 -85.79
CA LEU OD 187 -81.27 16.47 -87.14
C LEU OD 187 -82.71 16.11 -87.43
N SER OD 188 -83.34 16.90 -88.29
CA SER OD 188 -84.72 16.64 -88.70
C SER OD 188 -84.92 17.13 -90.13
N GLU OD 189 -85.90 16.56 -90.81
CA GLU OD 189 -86.28 16.97 -92.16
C GLU OD 189 -87.38 18.01 -92.21
N ARG OD 190 -87.35 18.80 -93.28
CA ARG OD 190 -88.42 19.71 -93.62
C ARG OD 190 -89.75 18.98 -93.82
N SER OD 191 -90.81 19.59 -93.30
CA SER OD 191 -92.18 19.13 -93.51
C SER OD 191 -92.64 19.34 -94.96
N ASP OD 192 -93.77 18.72 -95.27
CA ASP OD 192 -94.42 18.88 -96.57
C ASP OD 192 -94.70 20.34 -96.91
N ALA OD 193 -94.51 20.67 -98.19
CA ALA OD 193 -94.75 22.02 -98.70
C ALA OD 193 -96.22 22.39 -98.80
N GLN OD 194 -96.54 23.57 -98.31
CA GLN OD 194 -97.88 24.19 -98.42
C GLN OD 194 -97.97 25.08 -99.66
N LEU OD 195 -98.37 24.51 -100.79
CA LEU OD 195 -98.40 25.23 -102.06
C LEU OD 195 -99.79 25.66 -102.49
N GLN OD 196 -100.82 24.86 -102.30
CA GLN OD 196 -102.18 25.25 -102.69
C GLN OD 196 -102.80 26.21 -101.69
N ALA OD 197 -103.53 27.19 -102.24
CA ALA OD 197 -104.21 28.21 -101.44
C ALA OD 197 -105.44 27.66 -100.72
N PRO OD 198 -105.75 28.20 -99.54
CA PRO OD 198 -106.97 27.81 -98.83
C PRO OD 198 -108.24 28.25 -99.54
N GLY OD 199 -109.31 27.51 -99.28
CA GLY OD 199 -110.63 27.83 -99.82
C GLY OD 199 -111.34 28.95 -99.09
N THR OD 200 -112.02 29.78 -99.87
CA THR OD 200 -112.80 30.90 -99.34
C THR OD 200 -114.14 30.43 -98.79
N PRO OD 201 -114.56 30.90 -97.62
CA PRO OD 201 -115.89 30.54 -97.11
C PRO OD 201 -116.97 30.82 -98.15
N VAL OD 202 -117.94 29.92 -98.23
CA VAL OD 202 -119.07 30.12 -99.12
C VAL OD 202 -120.00 31.16 -98.52
N ASP PD 20 -101.28 42.91 -106.73
CA ASP PD 20 -100.07 42.40 -106.12
C ASP PD 20 -100.10 42.61 -104.61
N LYS PD 21 -99.53 41.65 -103.88
CA LYS PD 21 -99.47 41.68 -102.43
C LYS PD 21 -98.06 41.98 -101.96
N ASP PD 22 -97.95 42.83 -100.95
CA ASP PD 22 -96.67 43.17 -100.33
C ASP PD 22 -96.19 42.08 -99.39
N LEU PD 23 -95.00 41.55 -99.69
CA LEU PD 23 -94.30 40.62 -98.80
C LEU PD 23 -93.44 41.34 -97.77
N LEU PD 24 -92.55 42.22 -98.23
CA LEU PD 24 -91.60 42.85 -97.34
C LEU PD 24 -91.38 44.30 -97.78
N LYS PD 25 -91.03 45.14 -96.80
CA LYS PD 25 -90.68 46.52 -97.06
C LYS PD 25 -89.45 46.92 -96.27
N GLY PD 26 -88.85 48.02 -96.70
CA GLY PD 26 -87.67 48.54 -96.03
C GLY PD 26 -86.47 47.63 -96.07
N LEU PD 27 -86.31 46.84 -97.12
CA LEU PD 27 -85.16 45.98 -97.21
C LEU PD 27 -83.93 46.78 -97.62
N ASP PD 28 -82.78 46.25 -97.26
CA ASP PD 28 -81.52 46.63 -97.89
C ASP PD 28 -81.33 45.93 -99.23
N GLN PD 29 -80.50 46.53 -100.07
CA GLN PD 29 -80.16 45.98 -101.37
C GLN PD 29 -79.72 44.52 -101.29
N GLU PD 30 -78.83 44.21 -100.36
CA GLU PD 30 -78.30 42.86 -100.25
C GLU PD 30 -79.31 41.88 -99.67
N GLN PD 31 -80.28 42.38 -98.91
CA GLN PD 31 -81.37 41.53 -98.48
C GLN PD 31 -82.32 41.25 -99.64
N ALA PD 32 -82.58 42.28 -100.45
CA ALA PD 32 -83.54 42.14 -101.54
C ALA PD 32 -83.05 41.13 -102.55
N ASN PD 33 -81.79 41.22 -102.96
CA ASN PD 33 -81.34 40.30 -103.99
C ASN PD 33 -81.30 38.86 -103.52
N GLU PD 34 -81.07 38.62 -102.24
CA GLU PD 34 -81.14 37.27 -101.72
C GLU PD 34 -82.56 36.74 -101.66
N VAL PD 35 -83.53 37.59 -101.36
CA VAL PD 35 -84.91 37.15 -101.41
C VAL PD 35 -85.29 36.82 -102.85
N ILE PD 36 -84.98 37.70 -103.78
CA ILE PD 36 -85.36 37.44 -105.17
C ILE PD 36 -84.77 36.12 -105.62
N ALA PD 37 -83.50 35.88 -105.33
CA ALA PD 37 -82.88 34.61 -105.71
C ALA PD 37 -83.61 33.40 -105.17
N VAL PD 38 -84.01 33.46 -103.90
CA VAL PD 38 -84.70 32.30 -103.33
C VAL PD 38 -86.10 32.13 -103.89
N LEU PD 39 -86.81 33.20 -104.22
CA LEU PD 39 -88.11 32.99 -104.86
C LEU PD 39 -87.98 32.44 -106.26
N GLN PD 40 -87.10 33.03 -107.08
CA GLN PD 40 -86.91 32.52 -108.43
C GLN PD 40 -86.56 31.05 -108.46
N MET PD 41 -85.73 30.59 -107.52
CA MET PD 41 -85.39 29.17 -107.56
C MET PD 41 -86.63 28.26 -107.51
N HIS PD 42 -87.68 28.67 -106.82
CA HIS PD 42 -88.90 27.87 -106.73
C HIS PD 42 -89.96 28.25 -107.75
N ASN PD 43 -89.58 28.91 -108.83
CA ASN PD 43 -90.51 29.34 -109.88
C ASN PD 43 -91.53 30.39 -109.47
N ILE PD 44 -91.14 31.34 -108.64
CA ILE PD 44 -92.02 32.42 -108.23
C ILE PD 44 -91.45 33.71 -108.80
N GLU PD 45 -92.18 34.33 -109.71
CA GLU PD 45 -91.83 35.63 -110.26
C GLU PD 45 -92.10 36.75 -109.27
N ALA PD 46 -91.07 37.52 -108.91
CA ALA PD 46 -91.17 38.56 -107.91
C ALA PD 46 -90.73 39.88 -108.50
N ASN PD 47 -91.12 40.99 -107.86
CA ASN PD 47 -90.78 42.32 -108.32
C ASN PD 47 -90.15 43.14 -107.19
N LYS PD 48 -89.07 43.84 -107.53
CA LYS PD 48 -88.36 44.71 -106.62
C LYS PD 48 -88.62 46.17 -106.96
N ILE PD 49 -89.04 46.94 -105.96
CA ILE PD 49 -89.38 48.34 -106.10
C ILE PD 49 -88.53 49.16 -105.14
N ASP PD 50 -88.08 50.32 -105.61
CA ASP PD 50 -87.23 51.22 -104.84
C ASP PD 50 -87.96 52.49 -104.42
N SER PD 51 -87.97 52.75 -103.11
CA SER PD 51 -88.58 53.94 -102.53
C SER PD 51 -87.56 54.89 -101.93
N GLY PD 52 -86.29 54.70 -102.24
CA GLY PD 52 -85.20 55.47 -101.67
C GLY PD 52 -84.92 55.40 -100.18
N LYS PD 53 -85.14 56.49 -99.46
CA LYS PD 53 -84.98 56.45 -98.01
C LYS PD 53 -85.83 55.39 -97.33
N LEU PD 54 -86.85 54.88 -98.00
CA LEU PD 54 -87.68 53.83 -97.41
C LEU PD 54 -87.20 52.44 -97.79
N GLY PD 55 -86.15 52.32 -98.61
CA GLY PD 55 -85.64 51.06 -99.10
C GLY PD 55 -86.44 50.38 -100.20
N TYR PD 56 -86.13 49.10 -100.37
CA TYR PD 56 -86.77 48.23 -101.34
C TYR PD 56 -87.94 47.44 -100.81
N SER PD 57 -88.89 47.18 -101.70
CA SER PD 57 -90.10 46.42 -101.44
C SER PD 57 -90.19 45.28 -102.45
N ILE PD 58 -90.76 44.16 -102.02
CA ILE PD 58 -90.91 42.96 -102.83
C ILE PD 58 -92.39 42.62 -102.96
N THR PD 59 -92.83 42.36 -104.19
CA THR PD 59 -94.23 42.04 -104.42
C THR PD 59 -94.38 40.87 -105.37
N VAL PD 60 -95.49 40.14 -105.22
CA VAL PD 60 -95.82 38.97 -106.03
C VAL PD 60 -97.32 38.95 -106.30
N ALA PD 61 -97.69 38.15 -107.31
CA ALA PD 61 -99.09 37.88 -107.61
C ALA PD 61 -99.75 36.98 -106.57
N GLU PD 62 -101.07 37.09 -106.53
CA GLU PD 62 -101.90 36.31 -105.60
C GLU PD 62 -101.72 34.80 -105.75
N PRO PD 63 -101.80 34.23 -106.94
CA PRO PD 63 -101.58 32.78 -107.05
C PRO PD 63 -100.28 32.30 -106.45
N ASP PD 64 -99.27 33.15 -106.35
CA ASP PD 64 -97.98 32.75 -105.79
C ASP PD 64 -97.78 33.23 -104.36
N PHE PD 65 -98.71 34.02 -103.82
CA PHE PD 65 -98.55 34.57 -102.48
C PHE PD 65 -98.35 33.49 -101.42
N THR PD 66 -99.24 32.50 -101.39
CA THR PD 66 -99.13 31.42 -100.41
C THR PD 66 -97.77 30.74 -100.43
N ALA PD 67 -97.32 30.30 -101.60
CA ALA PD 67 -96.01 29.68 -101.70
C ALA PD 67 -94.92 30.62 -101.22
N ALA PD 68 -94.95 31.88 -101.63
CA ALA PD 68 -93.90 32.78 -101.23
C ALA PD 68 -93.85 32.92 -99.71
N VAL PD 69 -95.00 32.98 -99.08
CA VAL PD 69 -95.04 33.03 -97.61
C VAL PD 69 -94.39 31.80 -97.01
N TYR PD 70 -94.75 30.62 -97.52
CA TYR PD 70 -94.17 29.41 -96.98
C TYR PD 70 -92.65 29.36 -97.12
N TRP PD 71 -92.12 29.81 -98.24
CA TRP PD 71 -90.67 29.78 -98.40
C TRP PD 71 -89.97 30.82 -97.53
N ILE PD 72 -90.52 32.01 -97.43
CA ILE PD 72 -89.90 33.02 -96.57
C ILE PD 72 -89.84 32.54 -95.14
N LYS PD 73 -90.90 31.86 -94.68
CA LYS PD 73 -90.81 31.27 -93.34
C LYS PD 73 -89.74 30.19 -93.29
N THR PD 74 -89.75 29.27 -94.24
CA THR PD 74 -88.85 28.13 -94.11
C THR PD 74 -87.40 28.57 -94.12
N TYR PD 75 -87.04 29.57 -94.92
CA TYR PD 75 -85.67 30.05 -94.97
C TYR PD 75 -85.39 31.20 -94.00
N GLN PD 76 -86.33 31.56 -93.14
CA GLN PD 76 -86.10 32.63 -92.18
C GLN PD 76 -85.66 33.93 -92.82
N LEU PD 77 -86.24 34.26 -93.95
CA LEU PD 77 -85.86 35.48 -94.62
C LEU PD 77 -86.56 36.67 -93.95
N PRO PD 78 -86.05 37.89 -94.14
CA PRO PD 78 -84.81 38.29 -94.78
C PRO PD 78 -83.60 38.00 -93.91
N PRO PD 79 -82.44 37.85 -94.52
CA PRO PD 79 -81.29 37.35 -93.77
C PRO PD 79 -80.78 38.37 -92.74
N ARG PD 80 -80.24 37.83 -91.66
CA ARG PD 80 -79.55 38.63 -90.66
C ARG PD 80 -78.27 39.21 -91.26
N PRO PD 81 -77.80 40.34 -90.74
CA PRO PD 81 -76.46 40.83 -91.12
C PRO PD 81 -75.37 39.94 -90.55
N ARG PD 82 -74.21 39.99 -91.19
CA ARG PD 82 -73.14 39.06 -90.89
C ARG PD 82 -72.32 39.50 -89.68
N VAL PD 83 -72.15 38.60 -88.71
CA VAL PD 83 -71.44 38.87 -87.47
C VAL PD 83 -69.93 38.77 -87.66
N GLU PD 84 -69.19 39.69 -87.05
CA GLU PD 84 -67.75 39.56 -86.84
C GLU PD 84 -67.37 39.97 -85.43
N ILE PD 85 -66.43 39.24 -84.84
CA ILE PD 85 -66.20 39.34 -83.40
C ILE PD 85 -65.74 40.72 -83.01
N ALA PD 86 -65.02 41.41 -83.90
CA ALA PD 86 -64.63 42.79 -83.64
C ALA PD 86 -65.80 43.70 -83.34
N GLN PD 87 -67.01 43.33 -83.75
CA GLN PD 87 -68.16 44.18 -83.46
C GLN PD 87 -68.53 44.24 -81.98
N MET PD 88 -68.09 43.28 -81.18
CA MET PD 88 -68.37 43.30 -79.75
C MET PD 88 -67.39 44.14 -78.95
N PHE PD 89 -66.28 44.56 -79.53
CA PHE PD 89 -65.25 45.31 -78.81
C PHE PD 89 -64.82 46.49 -79.66
N PRO PD 90 -65.70 47.47 -79.83
CA PRO PD 90 -65.40 48.56 -80.77
C PRO PD 90 -64.12 49.28 -80.36
N ALA PD 91 -63.32 49.62 -81.35
CA ALA PD 91 -62.12 50.41 -81.10
C ALA PD 91 -62.44 51.79 -80.56
N ASP PD 92 -63.69 52.23 -80.69
CA ASP PD 92 -64.17 53.45 -80.05
C ASP PD 92 -64.30 53.34 -78.54
N SER PD 93 -64.05 52.18 -77.95
CA SER PD 93 -64.22 52.06 -76.51
C SER PD 93 -63.36 53.10 -75.79
N LEU PD 94 -63.87 53.58 -74.65
CA LEU PD 94 -63.16 54.58 -73.87
C LEU PD 94 -61.90 54.01 -73.25
N VAL PD 95 -61.86 52.71 -73.00
CA VAL PD 95 -60.71 52.05 -72.43
C VAL PD 95 -60.64 50.63 -72.98
N SER PD 96 -59.46 50.03 -72.92
CA SER PD 96 -59.28 48.67 -73.38
C SER PD 96 -58.51 47.86 -72.36
N SER PD 97 -58.97 46.64 -72.14
CA SER PD 97 -58.21 45.61 -71.46
C SER PD 97 -57.41 44.82 -72.48
N PRO PD 98 -56.46 44.01 -72.02
CA PRO PD 98 -55.78 43.09 -72.96
C PRO PD 98 -56.71 42.13 -73.67
N ARG PD 99 -57.75 41.66 -73.00
CA ARG PD 99 -58.67 40.71 -73.62
C ARG PD 99 -59.29 41.28 -74.89
N ALA PD 100 -59.74 42.53 -74.85
CA ALA PD 100 -60.32 43.14 -76.04
C ALA PD 100 -59.31 43.25 -77.18
N GLU PD 101 -58.12 43.75 -76.91
CA GLU PD 101 -57.12 43.85 -77.96
C GLU PD 101 -56.84 42.50 -78.61
N LYS PD 102 -56.59 41.49 -77.78
CA LYS PD 102 -56.34 40.15 -78.33
C LYS PD 102 -57.52 39.63 -79.16
N ALA PD 103 -58.74 39.92 -78.72
CA ALA PD 103 -59.90 39.51 -79.50
C ALA PD 103 -59.93 40.19 -80.87
N ARG PD 104 -59.79 41.51 -80.90
CA ARG PD 104 -59.74 42.20 -82.19
C ARG PD 104 -58.68 41.60 -83.10
N LEU PD 105 -57.49 41.35 -82.57
CA LEU PD 105 -56.44 40.74 -83.38
C LEU PD 105 -56.89 39.46 -84.06
N TYR PD 106 -57.34 38.49 -83.28
CA TYR PD 106 -57.82 37.24 -83.86
C TYR PD 106 -58.96 37.44 -84.86
N SER PD 107 -59.87 38.35 -84.57
CA SER PD 107 -60.96 38.56 -85.50
C SER PD 107 -60.52 39.20 -86.79
N ALA PD 108 -59.38 39.86 -86.81
CA ALA PD 108 -58.89 40.39 -88.08
C ALA PD 108 -58.09 39.36 -88.86
N ILE PD 109 -57.40 38.48 -88.17
CA ILE PD 109 -56.71 37.40 -88.87
C ILE PD 109 -57.69 36.45 -89.57
N GLU PD 110 -58.80 36.09 -88.92
CA GLU PD 110 -59.77 35.23 -89.59
C GLU PD 110 -60.25 35.82 -90.92
N GLN PD 111 -60.59 37.10 -90.92
CA GLN PD 111 -61.07 37.71 -92.14
C GLN PD 111 -59.99 37.75 -93.21
N ARG PD 112 -58.76 38.04 -92.81
CA ARG PD 112 -57.72 38.13 -93.83
C ARG PD 112 -57.42 36.76 -94.43
N LEU PD 113 -57.57 35.69 -93.66
CA LEU PD 113 -57.41 34.37 -94.26
C LEU PD 113 -58.54 34.00 -95.20
N GLU PD 114 -59.79 34.27 -94.85
CA GLU PD 114 -60.86 34.00 -95.83
C GLU PD 114 -60.64 34.75 -97.13
N GLN PD 115 -60.27 36.03 -97.03
CA GLN PD 115 -60.01 36.78 -98.25
C GLN PD 115 -58.84 36.21 -99.02
N SER PD 116 -57.90 35.58 -98.34
CA SER PD 116 -56.79 35.01 -99.09
C SER PD 116 -57.21 33.72 -99.78
N LEU PD 117 -57.96 32.86 -99.08
CA LEU PD 117 -58.37 31.60 -99.69
C LEU PD 117 -59.21 31.80 -100.93
N GLN PD 118 -60.07 32.82 -100.95
CA GLN PD 118 -60.85 32.99 -102.17
C GLN PD 118 -60.01 33.20 -103.42
N THR PD 119 -58.75 33.63 -103.30
CA THR PD 119 -57.92 33.77 -104.48
C THR PD 119 -57.43 32.46 -105.06
N MET PD 120 -57.50 31.34 -104.33
CA MET PD 120 -57.07 30.09 -104.90
C MET PD 120 -57.92 29.71 -106.12
N GLU PD 121 -57.34 28.85 -106.95
CA GLU PD 121 -57.97 28.37 -108.17
C GLU PD 121 -59.20 27.50 -107.93
N GLY PD 122 -60.34 27.95 -108.46
CA GLY PD 122 -61.61 27.26 -108.37
C GLY PD 122 -62.46 27.57 -107.18
N VAL PD 123 -61.91 28.07 -106.08
CA VAL PD 123 -62.73 28.32 -104.91
C VAL PD 123 -63.69 29.48 -105.21
N LEU PD 124 -64.96 29.28 -104.89
CA LEU PD 124 -65.95 30.35 -105.00
C LEU PD 124 -66.13 31.12 -103.70
N SER PD 125 -66.16 30.42 -102.56
CA SER PD 125 -66.19 31.11 -101.29
C SER PD 125 -65.76 30.15 -100.20
N ALA PD 126 -65.40 30.73 -99.04
CA ALA PD 126 -64.93 29.94 -97.92
C ALA PD 126 -65.23 30.67 -96.63
N ARG PD 127 -65.20 29.92 -95.53
CA ARG PD 127 -65.30 30.49 -94.19
C ARG PD 127 -64.30 29.80 -93.28
N VAL PD 128 -63.71 30.53 -92.34
CA VAL PD 128 -62.68 29.99 -91.47
C VAL PD 128 -62.97 30.37 -90.02
N HIS PD 129 -62.55 29.49 -89.10
CA HIS PD 129 -62.75 29.67 -87.67
C HIS PD 129 -61.48 29.35 -86.91
N ILE PD 130 -61.25 30.07 -85.82
CA ILE PD 130 -60.06 29.93 -84.98
C ILE PD 130 -60.45 29.69 -83.52
N SER PD 131 -59.57 28.98 -82.81
CA SER PD 131 -59.66 28.84 -81.36
C SER PD 131 -59.36 30.16 -80.65
N TYR PD 132 -60.38 30.91 -80.25
CA TYR PD 132 -60.15 32.05 -79.39
C TYR PD 132 -59.83 31.67 -77.96
N ASP PD 133 -58.65 31.12 -77.69
CA ASP PD 133 -58.36 30.74 -76.31
C ASP PD 133 -58.19 31.94 -75.40
N ILE PD 134 -58.30 33.14 -75.96
CA ILE PD 134 -58.23 34.39 -75.21
C ILE PD 134 -59.20 34.47 -74.04
N ASP PD 135 -60.26 33.68 -74.05
CA ASP PD 135 -61.24 33.79 -72.98
C ASP PD 135 -60.62 33.56 -71.62
N ALA PD 136 -59.60 32.72 -71.52
CA ALA PD 136 -58.63 32.82 -70.44
C ALA PD 136 -57.55 33.82 -70.85
N GLY PD 137 -57.41 34.88 -70.06
CA GLY PD 137 -56.45 35.91 -70.38
C GLY PD 137 -55.01 35.49 -70.15
N GLU PD 138 -54.79 34.19 -69.92
CA GLU PD 138 -53.44 33.67 -69.68
C GLU PD 138 -52.73 34.42 -68.57
N ASN PD 139 -53.48 34.88 -67.57
CA ASN PD 139 -52.83 35.22 -66.32
C ASN PD 139 -52.27 33.95 -65.68
N GLY PD 140 -50.94 33.91 -65.54
CA GLY PD 140 -50.24 32.75 -65.02
C GLY PD 140 -50.23 31.54 -65.93
N ARG PD 141 -51.41 31.10 -66.34
CA ARG PD 141 -51.52 29.86 -67.09
C ARG PD 141 -50.83 29.97 -68.45
N PRO PD 142 -50.17 28.91 -68.91
CA PRO PD 142 -49.55 28.94 -70.23
C PRO PD 142 -50.59 28.89 -71.33
N PRO PD 143 -50.22 29.26 -72.55
CA PRO PD 143 -51.18 29.20 -73.66
C PRO PD 143 -51.44 27.77 -74.09
N LYS PD 144 -52.59 27.57 -74.72
CA LYS PD 144 -52.91 26.32 -75.39
C LYS PD 144 -52.66 26.42 -76.89
N PRO PD 145 -52.47 25.29 -77.57
CA PRO PD 145 -52.31 25.32 -79.02
C PRO PD 145 -53.58 25.70 -79.76
N VAL PD 146 -53.39 26.26 -80.96
CA VAL PD 146 -54.47 26.72 -81.83
C VAL PD 146 -55.12 25.55 -82.57
N HIS PD 147 -56.44 25.64 -82.75
CA HIS PD 147 -57.19 24.79 -83.66
C HIS PD 147 -57.92 25.65 -84.70
N LEU PD 148 -58.10 25.09 -85.90
CA LEU PD 148 -58.65 25.81 -87.05
C LEU PD 148 -59.70 24.95 -87.75
N SER PD 149 -60.76 25.60 -88.25
CA SER PD 149 -61.73 24.93 -89.11
C SER PD 149 -61.98 25.74 -90.37
N ALA PD 150 -62.23 25.05 -91.50
CA ALA PD 150 -62.53 25.74 -92.75
C ALA PD 150 -63.59 25.02 -93.59
N LEU PD 151 -64.43 25.82 -94.24
CA LEU PD 151 -65.40 25.35 -95.23
C LEU PD 151 -65.12 26.02 -96.56
N ALA PD 152 -65.32 25.30 -97.67
CA ALA PD 152 -65.22 25.96 -98.97
C ALA PD 152 -66.10 25.32 -100.03
N VAL PD 153 -66.49 26.14 -101.02
CA VAL PD 153 -67.30 25.71 -102.16
C VAL PD 153 -66.47 25.78 -103.44
N TYR PD 154 -66.55 24.73 -104.25
CA TYR PD 154 -65.78 24.61 -105.48
C TYR PD 154 -66.65 24.61 -106.73
N GLU PD 155 -66.03 25.02 -107.84
CA GLU PD 155 -66.62 24.84 -109.16
C GLU PD 155 -66.79 23.37 -109.49
N ARG PD 156 -67.81 23.08 -110.28
CA ARG PD 156 -68.11 21.71 -110.69
C ARG PD 156 -66.98 21.07 -111.49
N GLY PD 157 -66.67 19.82 -111.16
CA GLY PD 157 -65.61 19.06 -111.79
C GLY PD 157 -64.24 19.19 -111.16
N SER PD 158 -64.19 19.51 -109.90
CA SER PD 158 -62.98 19.68 -109.10
C SER PD 158 -62.68 18.42 -108.28
N PRO PD 159 -61.46 17.89 -108.31
CA PRO PD 159 -61.15 16.73 -107.47
C PRO PD 159 -60.90 17.14 -106.03
N LEU PD 160 -62.00 17.15 -105.28
CA LEU PD 160 -62.01 17.58 -103.90
C LEU PD 160 -60.97 16.86 -103.06
N ALA PD 161 -60.90 15.54 -103.21
CA ALA PD 161 -59.92 14.76 -102.46
C ALA PD 161 -58.51 15.29 -102.68
N HIS PD 162 -58.14 15.54 -103.92
CA HIS PD 162 -56.81 16.08 -104.18
C HIS PD 162 -56.65 17.53 -103.76
N GLN PD 163 -57.74 18.27 -103.57
CA GLN PD 163 -57.58 19.68 -103.19
C GLN PD 163 -57.57 19.92 -101.69
N ILE PD 164 -57.98 18.96 -100.87
CA ILE PD 164 -57.90 19.19 -99.42
C ILE PD 164 -56.46 19.37 -98.99
N SER PD 165 -55.54 18.61 -99.58
CA SER PD 165 -54.13 18.70 -99.24
C SER PD 165 -53.59 20.13 -99.33
N ASP PD 166 -53.84 20.79 -100.46
CA ASP PD 166 -53.36 22.16 -100.61
C ASP PD 166 -53.82 23.05 -99.47
N ILE PD 167 -55.11 23.05 -99.17
CA ILE PD 167 -55.60 23.88 -98.08
C ILE PD 167 -54.87 23.57 -96.77
N LYS PD 168 -54.84 22.31 -96.38
CA LYS PD 168 -54.13 21.98 -95.14
C LYS PD 168 -52.70 22.47 -95.15
N ARG PD 169 -51.97 22.22 -96.23
CA ARG PD 169 -50.60 22.71 -96.32
C ARG PD 169 -50.54 24.21 -96.13
N PHE PD 170 -51.42 24.94 -96.79
CA PHE PD 170 -51.41 26.39 -96.67
C PHE PD 170 -51.67 26.84 -95.24
N LEU PD 171 -52.67 26.27 -94.58
CA LEU PD 171 -53.03 26.77 -93.26
C LEU PD 171 -51.99 26.39 -92.20
N LYS PD 172 -51.40 25.22 -92.29
CA LYS PD 172 -50.46 24.77 -91.26
C LYS PD 172 -49.41 25.81 -90.88
N ASN PD 173 -48.80 26.45 -91.86
CA ASN PD 173 -47.74 27.41 -91.57
C ASN PD 173 -48.21 28.82 -91.23
N SER PD 174 -49.50 29.08 -91.15
CA SER PD 174 -49.92 30.43 -90.82
C SER PD 174 -49.87 30.72 -89.33
N PHE PD 175 -49.56 29.73 -88.50
CA PHE PD 175 -49.55 29.89 -87.05
C PHE PD 175 -48.34 29.20 -86.45
N ALA PD 176 -47.97 29.67 -85.26
CA ALA PD 176 -46.80 29.14 -84.56
C ALA PD 176 -46.86 27.65 -84.27
N ASP PD 177 -48.04 27.08 -84.00
CA ASP PD 177 -48.06 25.67 -83.63
C ASP PD 177 -49.38 25.05 -84.05
N VAL PD 178 -49.36 24.30 -85.14
CA VAL PD 178 -50.55 23.64 -85.66
C VAL PD 178 -50.13 22.30 -86.20
N ASP PD 179 -50.95 21.29 -85.94
CA ASP PD 179 -50.74 19.93 -86.41
C ASP PD 179 -51.80 19.59 -87.44
N TYR PD 180 -51.42 18.83 -88.46
CA TYR PD 180 -52.40 18.41 -89.45
C TYR PD 180 -53.60 17.78 -88.79
N ASP PD 181 -53.39 17.11 -87.66
CA ASP PD 181 -54.50 16.54 -86.93
C ASP PD 181 -55.49 17.59 -86.45
N ASN PD 182 -55.05 18.80 -86.16
CA ASN PD 182 -55.91 19.84 -85.60
C ASN PD 182 -56.59 20.73 -86.64
N ILE PD 183 -56.57 20.37 -87.93
CA ILE PD 183 -57.20 21.18 -88.97
C ILE PD 183 -58.31 20.36 -89.60
N SER PD 184 -59.53 20.87 -89.51
CA SER PD 184 -60.73 20.29 -90.12
C SER PD 184 -61.09 21.07 -91.38
N VAL PD 185 -61.37 20.36 -92.47
CA VAL PD 185 -61.70 20.95 -93.75
C VAL PD 185 -62.90 20.25 -94.33
N VAL PD 186 -63.92 21.02 -94.70
CA VAL PD 186 -65.13 20.49 -95.33
C VAL PD 186 -65.37 21.23 -96.65
N LEU PD 187 -65.53 20.46 -97.72
CA LEU PD 187 -65.68 20.99 -99.07
C LEU PD 187 -67.00 20.54 -99.68
N SER PD 188 -67.53 21.38 -100.57
CA SER PD 188 -68.77 21.06 -101.28
C SER PD 188 -68.74 21.71 -102.65
N GLU PD 189 -69.50 21.15 -103.58
CA GLU PD 189 -69.65 21.71 -104.91
C GLU PD 189 -70.84 22.64 -105.06
N ARG PD 190 -70.69 23.57 -106.00
CA ARG PD 190 -71.79 24.43 -106.42
C ARG PD 190 -72.97 23.62 -106.93
N SER PD 191 -74.16 24.07 -106.57
CA SER PD 191 -75.41 23.53 -107.08
C SER PD 191 -75.61 23.85 -108.57
N ASP PD 192 -76.59 23.17 -109.15
CA ASP PD 192 -77.01 23.44 -110.52
C ASP PD 192 -77.38 24.89 -110.78
N ALA PD 193 -76.99 25.37 -111.95
CA ALA PD 193 -77.28 26.74 -112.39
C ALA PD 193 -78.74 26.98 -112.74
N GLN PD 194 -79.27 28.09 -112.24
CA GLN PD 194 -80.62 28.60 -112.54
C GLN PD 194 -80.60 29.59 -113.69
N LEU PD 195 -80.76 29.08 -114.91
CA LEU PD 195 -80.67 29.90 -116.13
C LEU PD 195 -82.01 30.25 -116.74
N GLN PD 196 -82.97 29.32 -116.78
CA GLN PD 196 -84.27 29.61 -117.36
C GLN PD 196 -85.16 30.40 -116.42
N ALA PD 197 -85.91 31.34 -117.01
CA ALA PD 197 -86.83 32.20 -116.28
C ALA PD 197 -88.09 31.46 -115.82
N PRO PD 198 -88.65 31.86 -114.69
CA PRO PD 198 -89.93 31.28 -114.24
C PRO PD 198 -91.10 31.64 -115.13
N GLY PD 199 -92.10 30.77 -115.11
CA GLY PD 199 -93.32 31.00 -115.85
C GLY PD 199 -94.29 31.95 -115.16
N THR PD 200 -94.91 32.81 -115.96
CA THR PD 200 -95.89 33.77 -115.47
C THR PD 200 -97.24 33.11 -115.24
N PRO PD 201 -97.91 33.39 -114.12
CA PRO PD 201 -99.25 32.85 -113.91
C PRO PD 201 -100.18 33.14 -115.07
N VAL PD 202 -101.00 32.15 -115.41
CA VAL PD 202 -102.00 32.31 -116.46
C VAL PD 202 -103.15 33.17 -115.97
N ASP QD 20 -85.13 47.91 -118.71
CA ASP QD 20 -83.93 47.44 -118.03
C ASP QD 20 -84.15 47.41 -116.53
N LYS QD 21 -83.57 46.43 -115.86
CA LYS QD 21 -83.71 46.27 -114.42
C LYS QD 21 -82.42 46.62 -113.69
N ASP QD 22 -82.58 47.34 -112.58
CA ASP QD 22 -81.48 47.71 -111.70
C ASP QD 22 -81.02 46.54 -110.84
N LEU QD 23 -79.75 46.18 -110.96
CA LEU QD 23 -79.13 45.20 -110.09
C LEU QD 23 -78.56 45.84 -108.83
N LEU QD 24 -77.71 46.83 -108.98
CA LEU QD 24 -76.99 47.38 -107.85
C LEU QD 24 -76.82 48.87 -108.04
N LYS QD 25 -76.83 49.59 -106.93
CA LYS QD 25 -76.66 51.03 -106.93
C LYS QD 25 -75.68 51.46 -105.85
N GLY QD 26 -75.13 52.65 -106.03
CA GLY QD 26 -74.19 53.19 -105.07
C GLY QD 26 -72.89 52.43 -104.96
N LEU QD 27 -72.46 51.77 -106.02
CA LEU QD 27 -71.19 51.06 -105.98
C LEU QD 27 -70.04 52.06 -106.07
N ASP QD 28 -68.87 51.62 -105.62
CA ASP QD 28 -67.64 52.29 -105.99
C ASP QD 28 -67.01 51.71 -107.26
N GLN QD 29 -65.98 52.42 -107.72
CA GLN QD 29 -65.31 52.11 -108.98
C GLN QD 29 -64.76 50.69 -109.04
N GLU QD 30 -64.20 50.20 -107.94
CA GLU QD 30 -63.59 48.88 -107.93
C GLU QD 30 -64.60 47.76 -107.81
N GLN QD 31 -65.68 48.01 -107.08
CA GLN QD 31 -66.75 47.04 -107.02
C GLN QD 31 -67.45 46.95 -108.36
N ALA QD 32 -67.64 48.08 -109.02
CA ALA QD 32 -68.34 48.05 -110.29
C ALA QD 32 -67.52 47.26 -111.31
N ASN QD 33 -66.24 47.58 -111.44
CA ASN QD 33 -65.43 46.85 -112.42
C ASN QD 33 -65.33 45.37 -112.10
N GLU QD 34 -65.37 45.00 -110.82
CA GLU QD 34 -65.39 43.59 -110.45
C GLU QD 34 -66.68 42.89 -110.89
N VAL QD 35 -67.82 43.52 -110.65
CA VAL QD 35 -69.08 42.92 -111.09
C VAL QD 35 -69.10 42.78 -112.60
N ILE QD 36 -68.75 43.85 -113.32
CA ILE QD 36 -68.76 43.75 -114.77
C ILE QD 36 -67.88 42.61 -115.25
N ALA QD 37 -66.68 42.47 -114.69
CA ALA QD 37 -65.82 41.36 -115.08
C ALA QD 37 -66.48 40.01 -114.90
N VAL QD 38 -67.10 39.80 -113.74
CA VAL QD 38 -67.73 38.51 -113.50
C VAL QD 38 -68.91 38.28 -114.42
N LEU QD 39 -69.68 39.31 -114.73
CA LEU QD 39 -70.82 39.08 -115.61
C LEU QD 39 -70.39 38.81 -117.04
N GLN QD 40 -69.45 39.60 -117.56
CA GLN QD 40 -68.93 39.34 -118.89
C GLN QD 40 -68.39 37.92 -119.04
N MET QD 41 -67.74 37.40 -118.02
CA MET QD 41 -67.24 36.03 -118.17
C MET QD 41 -68.34 35.03 -118.49
N HIS QD 42 -69.56 35.21 -117.98
CA HIS QD 42 -70.67 34.30 -118.23
C HIS QD 42 -71.58 34.71 -119.39
N ASN QD 43 -71.10 35.56 -120.29
CA ASN QD 43 -71.89 36.02 -121.44
C ASN QD 43 -73.09 36.89 -121.11
N ILE QD 44 -72.99 37.76 -120.11
CA ILE QD 44 -74.06 38.68 -119.77
C ILE QD 44 -73.57 40.09 -120.08
N GLU QD 45 -74.21 40.75 -121.04
CA GLU QD 45 -73.92 42.14 -121.36
C GLU QD 45 -74.49 43.11 -120.33
N ALA QD 46 -73.63 43.89 -119.69
CA ALA QD 46 -74.03 44.78 -118.60
C ALA QD 46 -73.60 46.21 -118.93
N ASN QD 47 -74.22 47.17 -118.24
CA ASN QD 47 -73.95 48.59 -118.41
C ASN QD 47 -73.65 49.25 -117.09
N LYS QD 48 -72.61 50.08 -117.08
CA LYS QD 48 -72.18 50.86 -115.92
C LYS QD 48 -72.55 52.32 -116.14
N ILE QD 49 -73.26 52.89 -115.18
CA ILE QD 49 -73.74 54.26 -115.23
C ILE QD 49 -73.21 55.01 -114.01
N ASP QD 50 -72.83 56.25 -114.22
CA ASP QD 50 -72.27 57.11 -113.18
C ASP QD 50 -73.25 58.21 -112.80
N SER QD 51 -73.55 58.30 -111.51
CA SER QD 51 -74.43 59.30 -110.94
C SER QD 51 -73.68 60.28 -110.06
N GLY QD 52 -72.35 60.29 -110.15
CA GLY QD 52 -71.47 61.10 -109.33
C GLY QD 52 -71.45 60.87 -107.83
N LYS QD 53 -71.93 61.85 -107.06
CA LYS QD 53 -72.02 61.68 -105.62
C LYS QD 53 -72.83 60.46 -105.20
N LEU QD 54 -73.64 59.91 -106.08
CA LEU QD 54 -74.44 58.72 -105.77
C LEU QD 54 -73.74 57.42 -106.18
N GLY QD 55 -72.56 57.50 -106.77
CA GLY QD 55 -71.82 56.37 -107.29
C GLY QD 55 -72.31 55.76 -108.59
N TYR QD 56 -71.82 54.55 -108.85
CA TYR QD 56 -72.15 53.79 -110.03
C TYR QD 56 -73.30 52.81 -109.84
N SER QD 57 -74.02 52.59 -110.95
CA SER QD 57 -75.16 51.68 -111.06
C SER QD 57 -74.90 50.71 -112.20
N ILE QD 58 -75.40 49.49 -112.04
CA ILE QD 58 -75.24 48.40 -113.00
C ILE QD 58 -76.60 47.94 -113.48
N THR QD 59 -76.76 47.80 -114.79
CA THR QD 59 -78.04 47.38 -115.36
C THR QD 59 -77.84 46.34 -116.45
N VAL QD 60 -78.86 45.49 -116.61
CA VAL QD 60 -78.89 44.41 -117.59
C VAL QD 60 -80.29 44.30 -118.17
N ALA QD 61 -80.38 43.61 -119.30
CA ALA QD 61 -81.65 43.27 -119.90
C ALA QD 61 -82.43 42.19 -119.13
N GLU QD 62 -83.74 42.23 -119.34
CA GLU QD 62 -84.66 41.29 -118.72
C GLU QD 62 -84.35 39.83 -118.99
N PRO QD 63 -84.14 39.40 -120.23
CA PRO QD 63 -83.78 37.99 -120.45
C PRO QD 63 -82.59 37.54 -119.63
N ASP QD 64 -81.71 38.44 -119.22
CA ASP QD 64 -80.52 38.08 -118.46
C ASP QD 64 -80.66 38.37 -116.98
N PHE QD 65 -81.76 38.98 -116.55
CA PHE QD 65 -81.93 39.34 -115.15
C PHE QD 65 -81.79 38.13 -114.23
N THR QD 66 -82.53 37.06 -114.52
CA THR QD 66 -82.46 35.84 -113.70
C THR QD 66 -81.04 35.32 -113.51
N ALA QD 67 -80.32 35.12 -114.62
CA ALA QD 67 -78.93 34.66 -114.52
C ALA QD 67 -78.07 35.62 -113.71
N ALA QD 68 -78.20 36.92 -113.96
CA ALA QD 68 -77.37 37.87 -113.22
C ALA QD 68 -77.63 37.78 -111.72
N VAL QD 69 -78.89 37.61 -111.34
CA VAL QD 69 -79.20 37.42 -109.92
C VAL QD 69 -78.52 36.19 -109.36
N TYR QD 70 -78.64 35.07 -110.06
CA TYR QD 70 -78.05 33.83 -109.56
C TYR QD 70 -76.54 33.94 -109.40
N TRP QD 71 -75.86 34.61 -110.32
CA TRP QD 71 -74.41 34.76 -110.16
C TRP QD 71 -74.03 35.76 -109.08
N ILE QD 72 -74.78 36.85 -108.95
CA ILE QD 72 -74.51 37.78 -107.85
C ILE QD 72 -74.60 37.06 -106.51
N LYS QD 73 -75.60 36.21 -106.34
CA LYS QD 73 -75.63 35.41 -105.12
C LYS QD 73 -74.45 34.46 -105.03
N THR QD 74 -74.17 33.71 -106.10
CA THR QD 74 -73.19 32.64 -105.98
C THR QD 74 -71.80 33.18 -105.69
N TYR QD 75 -71.43 34.31 -106.26
CA TYR QD 75 -70.15 34.92 -105.91
C TYR QD 75 -70.21 35.87 -104.72
N GLN QD 76 -71.39 36.09 -104.13
CA GLN QD 76 -71.50 37.03 -103.01
C GLN QD 76 -70.95 38.41 -103.36
N LEU QD 77 -71.41 38.95 -104.44
CA LEU QD 77 -71.02 40.29 -104.84
C LEU QD 77 -71.91 41.31 -104.16
N PRO QD 78 -71.49 42.58 -104.10
CA PRO QD 78 -70.18 43.15 -104.40
C PRO QD 78 -69.14 42.82 -103.35
N PRO QD 79 -67.86 42.87 -103.73
CA PRO QD 79 -66.81 42.52 -102.78
C PRO QD 79 -66.60 43.61 -101.75
N ARG QD 80 -66.69 43.23 -100.48
CA ARG QD 80 -66.31 44.13 -99.40
C ARG QD 80 -64.80 44.31 -99.33
N PRO QD 81 -64.34 45.44 -98.84
CA PRO QD 81 -62.97 45.88 -99.12
C PRO QD 81 -61.93 45.12 -98.32
N ARG QD 82 -60.68 45.28 -98.75
CA ARG QD 82 -59.59 44.45 -98.27
C ARG QD 82 -59.21 44.82 -96.83
N VAL QD 83 -58.98 43.79 -96.01
CA VAL QD 83 -58.68 43.93 -94.60
C VAL QD 83 -57.18 43.87 -94.38
N GLU QD 84 -56.66 44.79 -93.57
CA GLU QD 84 -55.28 44.77 -93.13
C GLU QD 84 -55.19 45.02 -91.63
N ILE QD 85 -54.31 44.27 -90.96
CA ILE QD 85 -54.37 44.20 -89.49
C ILE QD 85 -54.15 45.56 -88.85
N ALA QD 86 -53.33 46.41 -89.46
CA ALA QD 86 -53.17 47.75 -88.94
C ALA QD 86 -54.47 48.53 -88.83
N GLN QD 87 -55.51 48.13 -89.55
CA GLN QD 87 -56.79 48.82 -89.42
C GLN QD 87 -57.46 48.64 -88.07
N MET QD 88 -57.11 47.60 -87.32
CA MET QD 88 -57.72 47.41 -86.00
C MET QD 88 -57.07 48.27 -84.93
N PHE QD 89 -55.82 48.70 -85.13
CA PHE QD 89 -55.05 49.38 -84.11
C PHE QD 89 -54.55 50.69 -84.68
N PRO QD 90 -55.46 51.56 -85.11
CA PRO QD 90 -55.05 52.63 -86.01
C PRO QD 90 -53.95 53.48 -85.38
N ALA QD 91 -52.92 53.73 -86.18
CA ALA QD 91 -51.72 54.40 -85.67
C ALA QD 91 -52.05 55.80 -85.16
N ASP QD 92 -52.90 56.52 -85.88
CA ASP QD 92 -53.35 57.83 -85.45
C ASP QD 92 -54.25 57.69 -84.23
N SER QD 93 -53.70 58.01 -83.08
CA SER QD 93 -54.41 57.95 -81.81
C SER QD 93 -53.66 58.82 -80.83
N LEU QD 94 -54.33 59.15 -79.73
CA LEU QD 94 -53.63 59.80 -78.63
C LEU QD 94 -52.70 58.84 -77.92
N VAL QD 95 -52.98 57.53 -77.99
CA VAL QD 95 -52.31 56.56 -77.14
C VAL QD 95 -51.98 55.28 -77.89
N SER QD 96 -50.94 54.59 -77.42
CA SER QD 96 -50.51 53.32 -77.98
C SER QD 96 -49.94 52.46 -76.87
N SER QD 97 -49.89 51.16 -77.11
CA SER QD 97 -49.38 50.21 -76.14
C SER QD 97 -48.55 49.17 -76.85
N PRO QD 98 -47.64 48.50 -76.14
CA PRO QD 98 -46.66 47.66 -76.82
C PRO QD 98 -47.30 46.67 -77.77
N ARG QD 99 -48.43 46.11 -77.38
CA ARG QD 99 -49.12 45.16 -78.25
C ARG QD 99 -49.54 45.81 -79.55
N ALA QD 100 -50.09 47.01 -79.48
CA ALA QD 100 -50.49 47.73 -80.67
C ALA QD 100 -49.30 48.06 -81.56
N GLU QD 101 -48.24 48.62 -80.97
CA GLU QD 101 -47.06 48.92 -81.79
C GLU QD 101 -46.53 47.68 -82.50
N LYS QD 102 -46.34 46.60 -81.77
CA LYS QD 102 -45.84 45.37 -82.37
C LYS QD 102 -46.75 44.87 -83.48
N ALA QD 103 -48.06 44.99 -83.31
CA ALA QD 103 -48.99 44.59 -84.36
C ALA QD 103 -48.83 45.43 -85.61
N ARG QD 104 -48.84 46.76 -85.47
CA ARG QD 104 -48.61 47.59 -86.65
C ARG QD 104 -47.33 47.21 -87.37
N LEU QD 105 -46.24 47.02 -86.63
CA LEU QD 105 -44.98 46.63 -87.26
C LEU QD 105 -45.13 45.40 -88.15
N TYR QD 106 -45.61 44.29 -87.60
CA TYR QD 106 -45.81 43.09 -88.41
C TYR QD 106 -46.75 43.33 -89.59
N SER QD 107 -47.83 44.05 -89.39
CA SER QD 107 -48.74 44.32 -90.49
C SER QD 107 -48.17 45.25 -91.54
N ALA QD 108 -47.06 45.91 -91.27
CA ALA QD 108 -46.39 46.65 -92.34
C ALA QD 108 -45.38 45.80 -93.08
N ILE QD 109 -44.67 44.93 -92.37
CA ILE QD 109 -43.75 44.03 -93.06
C ILE QD 109 -44.49 43.12 -94.03
N GLU QD 110 -45.64 42.58 -93.63
CA GLU QD 110 -46.43 41.75 -94.56
C GLU QD 110 -46.70 42.47 -95.89
N GLN QD 111 -47.15 43.70 -95.82
CA GLN QD 111 -47.51 44.42 -97.04
C GLN QD 111 -46.28 44.73 -97.87
N ARG QD 112 -45.18 45.08 -97.23
CA ARG QD 112 -43.99 45.40 -98.01
C ARG QD 112 -43.43 44.16 -98.70
N LEU QD 113 -43.57 42.98 -98.08
CA LEU QD 113 -43.11 41.79 -98.77
C LEU QD 113 -44.00 41.45 -99.96
N GLU QD 114 -45.32 41.51 -99.81
CA GLU QD 114 -46.15 41.25 -100.99
C GLU QD 114 -45.82 42.20 -102.14
N GLN QD 115 -45.63 43.47 -101.82
CA GLN QD 115 -45.28 44.43 -102.87
C GLN QD 115 -43.95 44.09 -103.50
N SER QD 116 -43.04 43.47 -102.77
CA SER QD 116 -41.78 43.11 -103.40
C SER QD 116 -41.92 41.88 -104.28
N LEU QD 117 -42.66 40.87 -103.84
CA LEU QD 117 -42.81 39.68 -104.67
C LEU QD 117 -43.47 39.99 -106.00
N GLN QD 118 -44.42 40.91 -106.03
CA GLN QD 118 -45.02 41.19 -107.33
C GLN QD 118 -44.05 41.74 -108.36
N THR QD 119 -42.83 42.11 -107.98
CA THR QD 119 -41.82 42.53 -108.95
C THR QD 119 -41.03 41.38 -109.58
N MET QD 120 -41.09 40.18 -109.03
CA MET QD 120 -40.39 39.05 -109.66
C MET QD 120 -40.94 38.78 -111.05
N GLU QD 121 -40.13 38.11 -111.85
CA GLU QD 121 -40.47 37.75 -113.22
C GLU QD 121 -41.62 36.76 -113.35
N GLY QD 122 -42.68 37.19 -114.03
CA GLY QD 122 -43.86 36.38 -114.27
C GLY QD 122 -44.96 36.46 -113.24
N VAL QD 123 -44.66 36.87 -112.02
CA VAL QD 123 -45.69 36.85 -111.00
C VAL QD 123 -46.70 37.95 -111.29
N LEU QD 124 -47.97 37.58 -111.36
CA LEU QD 124 -49.05 38.56 -111.56
C LEU QD 124 -49.60 39.11 -110.25
N SER QD 125 -49.81 38.26 -109.26
CA SER QD 125 -50.16 38.73 -107.93
C SER QD 125 -49.77 37.67 -106.90
N ALA QD 126 -49.63 38.12 -105.65
CA ALA QD 126 -49.24 37.24 -104.57
C ALA QD 126 -49.85 37.73 -103.27
N ARG QD 127 -49.92 36.82 -102.31
CA ARG QD 127 -50.34 37.17 -100.96
C ARG QD 127 -49.45 36.47 -99.95
N VAL QD 128 -49.19 37.12 -98.82
CA VAL QD 128 -48.27 36.60 -97.81
C VAL QD 128 -48.91 36.71 -96.43
N HIS QD 129 -48.61 35.72 -95.57
CA HIS QD 129 -49.08 35.68 -94.20
C HIS QD 129 -47.92 35.38 -93.25
N ILE QD 130 -47.92 36.02 -92.08
CA ILE QD 130 -46.92 35.84 -91.03
C ILE QD 130 -47.57 35.37 -89.74
N SER QD 131 -46.87 34.49 -89.00
CA SER QD 131 -47.27 34.10 -87.65
C SER QD 131 -47.15 35.26 -86.66
N TYR QD 132 -48.28 35.82 -86.23
CA TYR QD 132 -48.32 36.86 -85.20
C TYR QD 132 -48.09 36.34 -83.78
N ASP QD 133 -46.84 36.29 -83.32
CA ASP QD 133 -46.55 35.87 -81.95
C ASP QD 133 -46.93 36.93 -80.93
N ILE QD 134 -47.33 38.11 -81.40
CA ILE QD 134 -47.59 39.25 -80.53
C ILE QD 134 -48.81 39.04 -79.66
N ASP QD 135 -49.64 38.06 -79.99
CA ASP QD 135 -50.77 37.70 -79.15
C ASP QD 135 -50.33 37.14 -77.82
N ALA QD 136 -49.05 36.85 -77.65
CA ALA QD 136 -48.41 36.85 -76.35
C ALA QD 136 -47.39 37.99 -76.32
N GLY QD 137 -47.20 38.54 -75.13
CA GLY QD 137 -46.32 39.69 -75.02
C GLY QD 137 -44.87 39.36 -75.32
N GLU QD 138 -44.49 38.10 -75.23
CA GLU QD 138 -43.09 37.71 -75.34
C GLU QD 138 -42.23 38.45 -74.31
N ASN QD 139 -42.85 38.90 -73.23
CA ASN QD 139 -42.15 39.48 -72.10
C ASN QD 139 -42.09 38.44 -70.99
N GLY QD 140 -40.88 38.16 -70.52
CA GLY QD 140 -40.64 36.99 -69.71
C GLY QD 140 -40.71 35.69 -70.48
N ARG QD 141 -41.84 35.42 -71.09
CA ARG QD 141 -41.97 34.22 -71.91
C ARG QD 141 -41.01 34.33 -73.10
N PRO QD 142 -40.25 33.29 -73.40
CA PRO QD 142 -39.30 33.39 -74.51
C PRO QD 142 -39.99 33.44 -75.85
N PRO QD 143 -39.47 34.22 -76.80
CA PRO QD 143 -40.13 34.36 -78.11
C PRO QD 143 -39.97 33.11 -78.97
N LYS QD 144 -40.91 32.93 -79.90
CA LYS QD 144 -41.13 31.69 -80.64
C LYS QD 144 -40.86 31.89 -82.12
N PRO QD 145 -40.40 30.85 -82.82
CA PRO QD 145 -39.92 31.02 -84.19
C PRO QD 145 -41.05 31.28 -85.19
N VAL QD 146 -40.67 31.95 -86.27
CA VAL QD 146 -41.57 32.50 -87.29
C VAL QD 146 -41.96 31.48 -88.35
N HIS QD 147 -43.22 31.58 -88.80
CA HIS QD 147 -43.79 30.81 -89.90
C HIS QD 147 -44.37 31.78 -90.92
N LEU QD 148 -44.26 31.42 -92.20
CA LEU QD 148 -44.65 32.26 -93.33
C LEU QD 148 -45.39 31.42 -94.35
N SER QD 149 -46.43 31.99 -94.97
CA SER QD 149 -47.13 31.35 -96.07
C SER QD 149 -47.31 32.29 -97.25
N ALA QD 150 -47.17 31.79 -98.48
CA ALA QD 150 -47.37 32.62 -99.65
C ALA QD 150 -48.17 31.91 -100.75
N LEU QD 151 -49.04 32.67 -101.40
CA LEU QD 151 -49.78 32.26 -102.60
C LEU QD 151 -49.32 33.12 -103.76
N ALA QD 152 -49.18 32.54 -104.95
CA ALA QD 152 -48.91 33.39 -106.11
C ALA QD 152 -49.45 32.82 -107.43
N VAL QD 153 -49.81 33.74 -108.32
CA VAL QD 153 -50.32 33.41 -109.66
C VAL QD 153 -49.30 33.77 -110.73
N TYR QD 154 -49.08 32.86 -111.68
CA TYR QD 154 -48.10 33.00 -112.74
C TYR QD 154 -48.72 33.06 -114.12
N GLU QD 155 -48.00 33.71 -115.04
CA GLU QD 155 -48.30 33.64 -116.46
C GLU QD 155 -48.16 32.22 -116.98
N ARG QD 156 -48.98 31.91 -117.98
CA ARG QD 156 -49.00 30.61 -118.62
C ARG QD 156 -47.67 30.22 -119.26
N GLY QD 157 -47.26 28.97 -119.04
CA GLY QD 157 -46.01 28.43 -119.55
C GLY QD 157 -44.79 28.63 -118.67
N SER QD 158 -44.99 28.77 -117.39
CA SER QD 158 -43.99 28.96 -116.35
C SER QD 158 -43.67 27.64 -115.64
N PRO QD 159 -42.39 27.27 -115.48
CA PRO QD 159 -42.07 26.06 -114.71
C PRO QD 159 -42.20 26.25 -113.20
N LEU QD 160 -43.43 26.04 -112.73
CA LEU QD 160 -43.77 26.25 -111.33
C LEU QD 160 -42.82 25.50 -110.39
N ALA QD 161 -42.57 24.23 -110.67
CA ALA QD 161 -41.68 23.46 -109.83
C ALA QD 161 -40.33 24.14 -109.68
N HIS QD 162 -39.75 24.59 -110.77
CA HIS QD 162 -38.46 25.25 -110.67
C HIS QD 162 -38.57 26.64 -110.04
N GLN QD 163 -39.75 27.24 -109.99
CA GLN QD 163 -39.84 28.58 -109.40
C GLN QD 163 -40.15 28.60 -107.91
N ILE QD 164 -40.60 27.50 -107.32
CA ILE QD 164 -40.81 27.53 -105.87
C ILE QD 164 -39.51 27.74 -105.11
N SER QD 165 -38.42 27.14 -105.60
CA SER QD 165 -37.13 27.28 -104.94
C SER QD 165 -36.73 28.74 -104.74
N ASP QD 166 -36.80 29.53 -105.79
CA ASP QD 166 -36.45 30.95 -105.68
C ASP QD 166 -37.23 31.62 -104.57
N ILE QD 167 -38.55 31.46 -104.56
CA ILE QD 167 -39.35 32.08 -103.51
C ILE QD 167 -38.88 31.66 -102.12
N LYS QD 168 -38.76 30.36 -101.87
CA LYS QD 168 -38.27 29.94 -100.57
C LYS QD 168 -36.94 30.59 -100.22
N ARG QD 169 -35.99 30.56 -101.14
CA ARG QD 169 -34.69 31.18 -100.88
C ARG QD 169 -34.86 32.65 -100.50
N PHE QD 170 -35.67 33.37 -101.23
CA PHE QD 170 -35.86 34.78 -100.93
C PHE QD 170 -36.48 34.99 -99.56
N LEU QD 171 -37.51 34.22 -99.23
CA LEU QD 171 -38.19 34.45 -97.96
C LEU QD 171 -37.34 34.05 -96.76
N LYS QD 172 -36.57 32.97 -96.88
CA LYS QD 172 -35.79 32.47 -95.76
C LYS QD 172 -34.96 33.54 -95.07
N ASN QD 173 -34.28 34.38 -95.83
CA ASN QD 173 -33.42 35.39 -95.24
C ASN QD 173 -34.12 36.67 -94.84
N SER QD 174 -35.42 36.79 -94.97
CA SER QD 174 -36.06 38.02 -94.54
C SER QD 174 -36.26 38.10 -93.04
N PHE QD 175 -35.99 37.02 -92.30
CA PHE QD 175 -36.22 36.97 -90.86
C PHE QD 175 -35.04 36.32 -90.15
N ALA QD 176 -34.92 36.63 -88.87
CA ALA QD 176 -33.82 36.13 -88.05
C ALA QD 176 -33.77 34.61 -87.95
N ASP QD 177 -34.89 33.92 -87.96
CA ASP QD 177 -34.83 32.45 -87.78
C ASP QD 177 -36.00 31.81 -88.50
N VAL QD 178 -35.73 31.23 -89.65
CA VAL QD 178 -36.73 30.57 -90.46
C VAL QD 178 -36.09 29.35 -91.07
N ASP QD 179 -36.81 28.24 -91.08
CA ASP QD 179 -36.37 26.99 -91.67
C ASP QD 179 -37.20 26.71 -92.90
N TYR QD 180 -36.57 26.16 -93.93
CA TYR QD 180 -37.31 25.79 -95.12
C TYR QD 180 -38.51 24.94 -94.81
N ASP QD 181 -38.43 24.12 -93.78
CA ASP QD 181 -39.58 23.32 -93.40
C ASP QD 181 -40.78 24.17 -93.00
N ASN QD 182 -40.57 25.36 -92.45
CA ASN QD 182 -41.67 26.20 -91.97
C ASN QD 182 -42.23 27.16 -93.00
N ILE QD 183 -41.90 27.04 -94.28
CA ILE QD 183 -42.41 27.95 -95.30
C ILE QD 183 -43.27 27.17 -96.29
N SER QD 184 -44.53 27.56 -96.39
CA SER QD 184 -45.47 26.98 -97.34
C SER QD 184 -45.70 27.91 -98.52
N VAL QD 185 -45.66 27.35 -99.72
CA VAL QD 185 -45.81 28.12 -100.96
C VAL QD 185 -46.77 27.37 -101.88
N VAL QD 186 -47.80 28.07 -102.36
CA VAL QD 186 -48.79 27.53 -103.28
C VAL QD 186 -48.87 28.40 -104.52
N LEU QD 187 -48.72 27.79 -105.69
CA LEU QD 187 -48.70 28.50 -106.96
C LEU QD 187 -49.81 28.01 -107.90
N SER QD 188 -50.27 28.92 -108.75
CA SER QD 188 -51.29 28.57 -109.74
C SER QD 188 -51.10 29.42 -110.98
N GLU QD 189 -51.60 28.93 -112.12
CA GLU QD 189 -51.57 29.67 -113.37
C GLU QD 189 -52.84 30.48 -113.63
N ARG QD 190 -52.65 31.55 -114.41
CA ARG QD 190 -53.76 32.35 -114.94
C ARG QD 190 -54.72 31.52 -115.77
N SER QD 191 -56.01 31.79 -115.59
CA SER QD 191 -57.06 31.20 -116.42
C SER QD 191 -57.03 31.75 -117.85
N ASP QD 192 -57.77 31.09 -118.72
CA ASP QD 192 -57.94 31.54 -120.10
C ASP QD 192 -58.47 32.97 -120.18
N ALA QD 193 -57.93 33.71 -121.15
CA ALA QD 193 -58.33 35.10 -121.40
C ALA QD 193 -59.71 35.25 -122.04
N GLN QD 194 -60.49 36.18 -121.49
CA GLN QD 194 -61.80 36.61 -122.00
C GLN QD 194 -61.67 37.80 -122.94
N LEU QD 195 -61.50 37.54 -124.23
CA LEU QD 195 -61.26 38.60 -125.22
C LEU QD 195 -62.48 38.94 -126.06
N GLN QD 196 -63.27 37.96 -126.46
CA GLN QD 196 -64.46 38.21 -127.26
C GLN QD 196 -65.62 38.73 -126.42
N ALA QD 197 -66.34 39.68 -126.97
CA ALA QD 197 -67.50 40.28 -126.31
C ALA QD 197 -68.71 39.36 -126.28
N PRO QD 198 -69.52 39.44 -125.22
CA PRO QD 198 -70.77 38.68 -125.18
C PRO QD 198 -71.79 39.14 -126.21
N GLY QD 199 -72.65 38.20 -126.59
CA GLY QD 199 -73.73 38.51 -127.52
C GLY QD 199 -74.92 39.19 -126.86
N THR QD 200 -75.50 40.15 -127.59
CA THR QD 200 -76.67 40.89 -127.13
C THR QD 200 -77.94 40.06 -127.33
N PRO QD 201 -78.84 40.01 -126.35
CA PRO QD 201 -80.10 39.30 -126.54
C PRO QD 201 -80.83 39.74 -127.80
N VAL QD 202 -81.40 38.75 -128.48
CA VAL QD 202 -82.20 39.00 -129.68
C VAL QD 202 -83.57 39.57 -129.32
N ASP RD 20 -67.19 56.39 -126.38
CA ASP RD 20 -66.13 55.93 -125.49
C ASP RD 20 -66.66 55.60 -124.11
N LYS RD 21 -66.09 54.58 -123.48
CA LYS RD 21 -66.51 54.17 -122.15
C LYS RD 21 -65.46 54.54 -121.13
N ASP RD 22 -65.91 55.04 -119.99
CA ASP RD 22 -65.04 55.38 -118.88
C ASP RD 22 -64.64 54.14 -118.09
N LEU RD 23 -63.32 53.89 -118.00
CA LEU RD 23 -62.78 52.85 -117.15
C LEU RD 23 -62.52 53.36 -115.74
N LEU RD 24 -61.73 54.42 -115.60
CA LEU RD 24 -61.27 54.83 -114.29
C LEU RD 24 -61.18 56.35 -114.26
N LYS RD 25 -61.40 56.92 -113.08
CA LYS RD 25 -61.39 58.35 -112.89
C LYS RD 25 -60.69 58.71 -111.58
N GLY RD 26 -60.28 59.98 -111.50
CA GLY RD 26 -59.57 60.44 -110.32
C GLY RD 26 -58.25 59.76 -110.04
N LEU RD 27 -57.55 59.34 -111.08
CA LEU RD 27 -56.26 58.69 -110.87
C LEU RD 27 -55.18 59.73 -110.60
N ASP RD 28 -54.13 59.27 -109.93
CA ASP RD 28 -52.86 59.98 -109.90
C ASP RD 28 -52.07 59.80 -111.19
N GLN RD 29 -51.17 60.74 -111.42
CA GLN RD 29 -50.25 60.68 -112.55
C GLN RD 29 -49.50 59.36 -112.62
N GLU RD 30 -49.04 58.86 -111.49
CA GLU RD 30 -48.25 57.64 -111.44
C GLU RD 30 -49.09 56.38 -111.37
N GLN RD 31 -50.40 56.49 -111.23
CA GLN RD 31 -51.26 55.36 -111.48
C GLN RD 31 -51.62 55.30 -112.96
N ALA RD 32 -51.97 56.45 -113.52
CA ALA RD 32 -52.45 56.50 -114.88
C ALA RD 32 -51.38 55.99 -115.84
N ASN RD 33 -50.14 56.46 -115.68
CA ASN RD 33 -49.10 55.99 -116.59
C ASN RD 33 -48.88 54.48 -116.50
N GLU RD 34 -49.10 53.88 -115.34
CA GLU RD 34 -48.97 52.43 -115.21
C GLU RD 34 -50.10 51.68 -115.88
N VAL RD 35 -51.31 52.22 -115.80
CA VAL RD 35 -52.41 51.58 -116.52
C VAL RD 35 -52.18 51.66 -118.02
N ILE RD 36 -51.82 52.84 -118.51
CA ILE RD 36 -51.57 53.00 -119.93
C ILE RD 36 -50.52 52.00 -120.41
N ALA RD 37 -49.42 51.88 -119.67
CA ALA RD 37 -48.39 50.92 -120.03
C ALA RD 37 -48.94 49.49 -120.14
N VAL RD 38 -49.75 49.08 -119.17
CA VAL RD 38 -50.25 47.71 -119.20
C VAL RD 38 -51.23 47.49 -120.34
N LEU RD 39 -52.07 48.47 -120.66
CA LEU RD 39 -52.98 48.25 -121.78
C LEU RD 39 -52.25 48.23 -123.11
N GLN RD 40 -51.35 49.18 -123.34
CA GLN RD 40 -50.57 49.14 -124.58
C GLN RD 40 -49.85 47.82 -124.78
N MET RD 41 -49.33 47.23 -123.71
CA MET RD 41 -48.66 45.96 -123.90
C MET RD 41 -49.55 44.90 -124.55
N HIS RD 42 -50.85 44.92 -124.26
CA HIS RD 42 -51.79 43.95 -124.84
C HIS RD 42 -52.49 44.43 -126.10
N ASN RD 43 -51.93 45.42 -126.78
CA ASN RD 43 -52.50 45.98 -128.00
C ASN RD 43 -53.84 46.70 -127.85
N ILE RD 44 -54.02 47.42 -126.75
CA ILE RD 44 -55.23 48.20 -126.52
C ILE RD 44 -54.82 49.67 -126.53
N GLU RD 45 -55.32 50.41 -127.50
CA GLU RD 45 -55.11 51.86 -127.58
C GLU RD 45 -55.99 52.61 -126.59
N ALA RD 46 -55.37 53.38 -125.69
CA ALA RD 46 -56.08 54.06 -124.61
C ALA RD 46 -55.79 55.56 -124.64
N ASN RD 47 -56.66 56.32 -123.97
CA ASN RD 47 -56.55 57.78 -123.91
C ASN RD 47 -56.59 58.28 -122.47
N LYS RD 48 -55.70 59.20 -122.15
CA LYS RD 48 -55.59 59.83 -120.84
C LYS RD 48 -56.08 61.27 -120.92
N ILE RD 49 -57.01 61.62 -120.03
CA ILE RD 49 -57.64 62.95 -119.98
C ILE RD 49 -57.43 63.56 -118.61
N ASP RD 50 -57.17 64.86 -118.58
CA ASP RD 50 -56.92 65.61 -117.34
C ASP RD 50 -58.06 66.55 -117.00
N SER RD 51 -58.60 66.40 -115.78
CA SER RD 51 -59.67 67.24 -115.25
C SER RD 51 -59.21 68.11 -114.09
N GLY RD 52 -57.90 68.25 -113.90
CA GLY RD 52 -57.32 68.97 -112.78
C GLY RD 52 -57.57 68.50 -111.36
N LYS RD 53 -58.31 69.28 -110.56
CA LYS RD 53 -58.66 68.82 -109.21
C LYS RD 53 -59.38 67.48 -109.20
N LEU RD 54 -59.94 67.04 -110.32
CA LEU RD 54 -60.63 65.76 -110.40
C LEU RD 54 -59.72 64.62 -110.84
N GLY RD 55 -58.46 64.91 -111.14
CA GLY RD 55 -57.52 63.93 -111.65
C GLY RD 55 -57.69 63.51 -113.10
N TYR RD 56 -57.04 62.38 -113.41
CA TYR RD 56 -57.03 61.78 -114.72
C TYR RD 56 -58.10 60.72 -114.93
N SER RD 57 -58.53 60.61 -116.18
CA SER RD 57 -59.52 59.65 -116.65
C SER RD 57 -58.92 58.86 -117.79
N ILE RD 58 -59.33 57.59 -117.89
CA ILE RD 58 -58.83 56.66 -118.90
C ILE RD 58 -60.01 56.18 -119.74
N THR RD 59 -59.86 56.21 -121.05
CA THR RD 59 -60.94 55.78 -121.93
C THR RD 59 -60.43 54.91 -123.06
N VAL RD 60 -61.30 54.02 -123.53
CA VAL RD 60 -61.05 53.09 -124.62
C VAL RD 60 -62.30 52.95 -125.48
N ALA RD 61 -62.10 52.43 -126.68
CA ALA RD 61 -63.21 52.07 -127.56
C ALA RD 61 -63.97 50.84 -127.10
N GLU RD 62 -65.22 50.78 -127.56
CA GLU RD 62 -66.12 49.67 -127.24
C GLU RD 62 -65.57 48.31 -127.65
N PRO RD 63 -65.09 48.10 -128.88
CA PRO RD 63 -64.53 46.79 -129.21
C PRO RD 63 -63.45 46.31 -128.26
N ASP RD 64 -62.76 47.21 -127.56
CA ASP RD 64 -61.69 46.84 -126.65
C ASP RD 64 -62.11 46.87 -125.19
N PHE RD 65 -63.34 47.30 -124.91
CA PHE RD 65 -63.79 47.43 -123.54
C PHE RD 65 -63.67 46.13 -122.74
N THR RD 66 -64.23 45.04 -123.26
CA THR RD 66 -64.15 43.75 -122.58
C THR RD 66 -62.73 43.36 -122.19
N ALA RD 67 -61.82 43.37 -123.15
CA ALA RD 67 -60.43 43.05 -122.85
C ALA RD 67 -59.85 43.98 -121.80
N ALA RD 68 -60.09 45.28 -121.93
CA ALA RD 68 -59.53 46.19 -120.94
C ALA RD 68 -60.02 45.86 -119.55
N VAL RD 69 -61.31 45.52 -119.41
CA VAL RD 69 -61.83 45.10 -118.12
C VAL RD 69 -61.14 43.86 -117.60
N TYR RD 70 -61.01 42.84 -118.44
CA TYR RD 70 -60.35 41.63 -118.01
C TYR RD 70 -58.92 41.85 -117.54
N TRP RD 71 -58.15 42.67 -118.25
CA TRP RD 71 -56.79 42.93 -117.79
C TRP RD 71 -56.75 43.78 -116.54
N ILE RD 72 -57.60 44.80 -116.44
CA ILE RD 72 -57.63 45.57 -115.21
C ILE RD 72 -57.89 44.69 -114.01
N LYS RD 73 -58.83 43.76 -114.12
CA LYS RD 73 -59.03 42.83 -113.02
C LYS RD 73 -57.80 41.96 -112.79
N THR RD 74 -57.24 41.39 -113.86
CA THR RD 74 -56.21 40.39 -113.66
C THR RD 74 -54.96 40.99 -113.03
N TYR RD 75 -54.61 42.22 -113.37
CA TYR RD 75 -53.49 42.89 -112.70
C TYR RD 75 -53.89 43.66 -111.46
N GLN RD 76 -55.17 43.65 -111.09
CA GLN RD 76 -55.62 44.38 -109.91
C GLN RD 76 -55.21 45.85 -109.94
N LEU RD 77 -55.45 46.49 -111.07
CA LEU RD 77 -55.15 47.89 -111.20
C LEU RD 77 -56.30 48.69 -110.60
N PRO RD 78 -56.07 49.97 -110.25
CA PRO RD 78 -54.86 50.77 -110.23
C PRO RD 78 -53.96 50.42 -109.07
N PRO RD 79 -52.66 50.68 -109.20
CA PRO RD 79 -51.71 50.25 -108.17
C PRO RD 79 -51.85 51.06 -106.91
N ARG RD 80 -51.39 50.47 -105.82
CA ARG RD 80 -51.44 51.08 -104.50
C ARG RD 80 -50.36 52.14 -104.37
N PRO RD 81 -50.43 52.98 -103.34
CA PRO RD 81 -49.22 53.64 -102.85
C PRO RD 81 -48.21 52.63 -102.33
N ARG RD 82 -46.94 53.00 -102.41
CA ARG RD 82 -45.86 52.15 -101.91
C ARG RD 82 -45.64 52.35 -100.41
N VAL RD 83 -45.38 51.25 -99.71
CA VAL RD 83 -45.41 51.19 -98.25
C VAL RD 83 -44.01 51.19 -97.67
N GLU RD 84 -43.78 52.01 -96.65
CA GLU RD 84 -42.51 52.10 -95.96
C GLU RD 84 -42.71 52.14 -94.46
N ILE RD 85 -41.91 51.36 -93.73
CA ILE RD 85 -42.18 51.11 -92.32
C ILE RD 85 -42.26 52.40 -91.52
N ALA RD 86 -41.46 53.39 -91.87
CA ALA RD 86 -41.48 54.66 -91.15
C ALA RD 86 -42.85 55.32 -91.10
N GLN RD 87 -43.78 54.96 -91.97
CA GLN RD 87 -45.12 55.52 -91.89
C GLN RD 87 -45.91 55.07 -90.65
N MET RD 88 -45.58 53.93 -90.07
CA MET RD 88 -46.33 53.44 -88.92
C MET RD 88 -45.91 54.10 -87.61
N PHE RD 89 -44.84 54.87 -87.61
CA PHE RD 89 -44.28 55.44 -86.37
C PHE RD 89 -43.92 56.89 -86.61
N PRO RD 90 -44.91 57.72 -86.87
CA PRO RD 90 -44.64 59.12 -87.19
C PRO RD 90 -44.00 59.83 -86.01
N ALA RD 91 -43.02 60.68 -86.32
CA ALA RD 91 -42.18 61.31 -85.33
C ALA RD 91 -42.90 62.36 -84.49
N ASP RD 92 -44.15 62.69 -84.82
CA ASP RD 92 -44.94 63.49 -83.90
C ASP RD 92 -45.36 62.66 -82.70
N SER RD 93 -44.50 62.62 -81.68
CA SER RD 93 -44.73 61.84 -80.49
C SER RD 93 -44.37 62.67 -79.27
N LEU RD 94 -45.13 62.48 -78.19
CA LEU RD 94 -44.66 62.93 -76.89
C LEU RD 94 -43.52 62.06 -76.37
N VAL RD 95 -43.69 60.74 -76.46
CA VAL RD 95 -42.64 59.79 -76.10
C VAL RD 95 -42.55 58.75 -77.19
N SER RD 96 -41.33 58.45 -77.63
CA SER RD 96 -41.05 57.26 -78.41
C SER RD 96 -40.31 56.25 -77.55
N SER RD 97 -40.82 55.03 -77.53
CA SER RD 97 -40.12 53.88 -76.96
C SER RD 97 -38.85 53.60 -77.76
N PRO RD 98 -37.96 52.76 -77.24
CA PRO RD 98 -36.86 52.27 -78.09
C PRO RD 98 -37.33 51.71 -79.40
N ARG RD 99 -38.52 51.14 -79.44
CA ARG RD 99 -38.93 50.30 -80.56
C ARG RD 99 -39.17 51.15 -81.79
N ALA RD 100 -39.87 52.26 -81.60
CA ALA RD 100 -40.14 53.16 -82.72
C ALA RD 100 -38.86 53.77 -83.27
N GLU RD 101 -37.99 54.29 -82.42
CA GLU RD 101 -36.74 54.84 -82.92
C GLU RD 101 -35.94 53.81 -83.72
N LYS RD 102 -35.74 52.63 -83.17
CA LYS RD 102 -34.99 51.61 -83.92
C LYS RD 102 -35.67 51.28 -85.24
N ALA RD 103 -37.00 51.22 -85.27
CA ALA RD 103 -37.69 50.96 -86.51
C ALA RD 103 -37.46 52.04 -87.55
N ARG RD 104 -37.67 53.31 -87.19
CA ARG RD 104 -37.37 54.38 -88.15
C ARG RD 104 -35.96 54.28 -88.68
N LEU RD 105 -34.99 54.06 -87.79
CA LEU RD 105 -33.61 53.91 -88.22
C LEU RD 105 -33.45 52.87 -89.31
N TYR RD 106 -33.88 51.63 -89.04
CA TYR RD 106 -33.71 50.59 -90.03
C TYR RD 106 -34.50 50.85 -91.31
N SER RD 107 -35.68 51.46 -91.19
CA SER RD 107 -36.45 51.77 -92.38
C SER RD 107 -35.84 52.88 -93.21
N ALA RD 108 -34.95 53.67 -92.64
CA ALA RD 108 -34.21 54.64 -93.46
C ALA RD 108 -33.01 54.00 -94.13
N ILE RD 109 -32.32 53.11 -93.42
CA ILE RD 109 -31.20 52.40 -94.03
C ILE RD 109 -31.65 51.60 -95.24
N GLU RD 110 -32.74 50.85 -95.12
CA GLU RD 110 -33.22 50.08 -96.27
C GLU RD 110 -33.37 50.93 -97.53
N GLN RD 111 -33.91 52.13 -97.39
CA GLN RD 111 -34.15 52.97 -98.55
C GLN RD 111 -32.85 53.53 -99.09
N ARG RD 112 -31.92 53.87 -98.21
CA ARG RD 112 -30.68 54.43 -98.70
C ARG RD 112 -29.84 53.37 -99.40
N LEU RD 113 -29.96 52.11 -98.98
CA LEU RD 113 -29.29 51.04 -99.72
C LEU RD 113 -29.89 50.85 -101.10
N GLU RD 114 -31.21 50.79 -101.22
CA GLU RD 114 -31.75 50.65 -102.58
C GLU RD 114 -31.30 51.78 -103.48
N GLN RD 115 -31.34 53.01 -102.98
CA GLN RD 115 -30.91 54.12 -103.81
C GLN RD 115 -29.45 54.01 -104.19
N SER RD 116 -28.63 53.38 -103.38
CA SER RD 116 -27.23 53.23 -103.79
C SER RD 116 -27.07 52.13 -104.83
N LEU RD 117 -27.77 51.02 -104.68
CA LEU RD 117 -27.65 49.96 -105.67
C LEU RD 117 -28.08 50.41 -107.05
N GLN RD 118 -29.07 51.28 -107.16
CA GLN RD 118 -29.40 51.70 -108.51
C GLN RD 118 -28.28 52.44 -109.22
N THR RD 119 -27.24 52.88 -108.53
CA THR RD 119 -26.12 53.51 -109.22
C THR RD 119 -25.10 52.53 -109.78
N MET RD 120 -25.11 51.27 -109.37
CA MET RD 120 -24.19 50.32 -109.95
C MET RD 120 -24.40 50.22 -111.45
N GLU RD 121 -23.37 49.75 -112.13
CA GLU RD 121 -23.40 49.58 -113.58
C GLU RD 121 -24.40 48.54 -114.04
N GLY RD 122 -25.35 48.97 -114.86
CA GLY RD 122 -26.32 48.09 -115.49
C GLY RD 122 -27.57 47.76 -114.71
N VAL RD 123 -27.62 48.06 -113.41
CA VAL RD 123 -28.84 47.81 -112.66
C VAL RD 123 -29.88 48.86 -113.01
N LEU RD 124 -31.12 48.40 -113.20
CA LEU RD 124 -32.24 49.29 -113.51
C LEU RD 124 -33.12 49.56 -112.30
N SER RD 125 -33.43 48.55 -111.51
CA SER RD 125 -34.10 48.80 -110.24
C SER RD 125 -33.82 47.65 -109.30
N ALA RD 126 -34.05 47.90 -108.01
CA ALA RD 126 -33.75 46.91 -106.99
C ALA RD 126 -34.63 47.14 -105.77
N ARG RD 127 -34.72 46.12 -104.93
CA ARG RD 127 -35.40 46.23 -103.65
C ARG RD 127 -34.60 45.48 -102.60
N VAL RD 128 -34.69 45.94 -101.36
CA VAL RD 128 -33.88 45.40 -100.27
C VAL RD 128 -34.75 45.20 -99.04
N HIS RD 129 -34.41 44.17 -98.25
CA HIS RD 129 -35.10 43.87 -97.01
C HIS RD 129 -34.09 43.55 -95.91
N ILE RD 130 -34.39 44.00 -94.70
CA ILE RD 130 -33.57 43.75 -93.51
C ILE RD 130 -34.41 43.04 -92.46
N SER RD 131 -33.83 42.07 -91.77
CA SER RD 131 -34.50 41.41 -90.65
C SER RD 131 -34.66 42.37 -89.47
N TYR RD 132 -35.88 42.84 -89.22
CA TYR RD 132 -36.14 43.66 -88.04
C TYR RD 132 -36.08 42.89 -86.73
N ASP RD 133 -34.92 42.84 -86.08
CA ASP RD 133 -34.88 42.38 -84.70
C ASP RD 133 -35.75 43.24 -83.79
N ILE RD 134 -36.08 44.45 -84.22
CA ILE RD 134 -36.71 45.44 -83.38
C ILE RD 134 -38.07 45.02 -82.87
N ASP RD 135 -38.63 43.94 -83.40
CA ASP RD 135 -39.90 43.43 -82.89
C ASP RD 135 -39.79 42.89 -81.48
N ALA RD 136 -38.59 42.82 -80.91
CA ALA RD 136 -38.43 42.83 -79.48
C ALA RD 136 -37.23 43.70 -79.13
N GLY RD 137 -37.25 44.24 -77.93
CA GLY RD 137 -36.21 45.14 -77.51
C GLY RD 137 -34.89 44.47 -77.18
N GLU RD 138 -34.81 43.14 -77.30
CA GLU RD 138 -33.73 42.37 -76.69
C GLU RD 138 -33.69 42.54 -75.18
N ASN RD 139 -34.85 42.81 -74.57
CA ASN RD 139 -34.89 43.21 -73.17
C ASN RD 139 -34.42 42.06 -72.30
N GLY RD 140 -33.22 42.21 -71.75
CA GLY RD 140 -32.55 41.16 -71.03
C GLY RD 140 -32.13 39.99 -71.89
N ARG RD 141 -32.07 40.17 -73.21
CA ARG RD 141 -31.78 39.06 -74.10
C ARG RD 141 -30.61 39.40 -75.00
N PRO RD 142 -29.79 38.40 -75.34
CA PRO RD 142 -28.66 38.65 -76.23
C PRO RD 142 -29.14 38.99 -77.62
N PRO RD 143 -28.40 39.82 -78.35
CA PRO RD 143 -28.84 40.28 -79.66
C PRO RD 143 -28.70 39.18 -80.71
N LYS RD 144 -29.52 39.29 -81.76
CA LYS RD 144 -29.55 38.35 -82.86
C LYS RD 144 -28.89 38.92 -84.11
N PRO RD 145 -28.25 38.07 -84.91
CA PRO RD 145 -27.58 38.54 -86.13
C PRO RD 145 -28.58 38.98 -87.19
N VAL RD 146 -28.07 39.73 -88.15
CA VAL RD 146 -28.85 40.39 -89.19
C VAL RD 146 -28.84 39.59 -90.48
N HIS RD 147 -29.99 39.53 -91.14
CA HIS RD 147 -30.15 38.92 -92.45
C HIS RD 147 -30.65 39.95 -93.45
N LEU RD 148 -30.29 39.77 -94.72
CA LEU RD 148 -30.60 40.69 -95.80
C LEU RD 148 -31.11 39.95 -97.01
N SER RD 149 -32.07 40.54 -97.71
CA SER RD 149 -32.52 40.04 -99.00
C SER RD 149 -32.50 41.14 -100.04
N ALA RD 150 -32.15 40.82 -101.29
CA ALA RD 150 -32.18 41.81 -102.35
C ALA RD 150 -32.66 41.24 -103.67
N LEU RD 151 -33.45 42.04 -104.39
CA LEU RD 151 -33.94 41.73 -105.72
C LEU RD 151 -33.41 42.77 -106.68
N ALA RD 152 -33.00 42.37 -107.90
CA ALA RD 152 -32.61 43.39 -108.86
C ALA RD 152 -32.83 42.97 -110.31
N VAL RD 153 -33.07 43.98 -111.15
CA VAL RD 153 -33.35 43.80 -112.57
C VAL RD 153 -32.20 44.39 -113.38
N TYR RD 154 -31.70 43.62 -114.34
CA TYR RD 154 -30.54 43.99 -115.15
C TYR RD 154 -30.91 44.23 -116.61
N GLU RD 155 -30.09 45.02 -117.29
CA GLU RD 155 -30.14 45.10 -118.74
C GLU RD 155 -29.75 43.79 -119.42
N ARG RD 156 -30.27 43.64 -120.63
CA ARG RD 156 -30.07 42.45 -121.47
C ARG RD 156 -28.61 42.21 -121.84
N GLY RD 157 -28.18 40.95 -121.73
CA GLY RD 157 -26.81 40.57 -121.98
C GLY RD 157 -25.83 40.71 -120.84
N SER RD 158 -26.29 40.64 -119.64
CA SER RD 158 -25.50 40.77 -118.42
C SER RD 158 -25.13 39.39 -117.86
N PRO RD 159 -23.87 39.12 -117.53
CA PRO RD 159 -23.55 37.84 -116.87
C PRO RD 159 -23.94 37.82 -115.41
N LEU RD 160 -25.21 37.45 -115.20
CA LEU RD 160 -25.82 37.46 -113.87
C LEU RD 160 -24.99 36.69 -112.85
N ALA RD 161 -24.56 35.49 -113.22
CA ALA RD 161 -23.75 34.68 -112.32
C ALA RD 161 -22.54 35.45 -111.82
N HIS RD 162 -21.82 36.09 -112.72
CA HIS RD 162 -20.67 36.87 -112.31
C HIS RD 162 -21.02 38.14 -111.57
N GLN RD 163 -22.25 38.63 -111.68
CA GLN RD 163 -22.59 39.87 -110.99
C GLN RD 163 -23.15 39.68 -109.59
N ILE RD 164 -23.56 38.48 -109.20
CA ILE RD 164 -24.04 38.31 -107.82
C ILE RD 164 -22.93 38.57 -106.81
N SER RD 165 -21.70 38.17 -107.14
CA SER RD 165 -20.57 38.37 -106.24
C SER RD 165 -20.42 39.82 -105.80
N ASP RD 166 -20.44 40.74 -106.77
CA ASP RD 166 -20.31 42.15 -106.43
C ASP RD 166 -21.34 42.59 -105.40
N ILE RD 167 -22.61 42.29 -105.63
CA ILE RD 167 -23.64 42.66 -104.67
C ILE RD 167 -23.36 42.09 -103.29
N LYS RD 168 -23.13 40.79 -103.18
CA LYS RD 168 -22.83 40.24 -101.86
C LYS RD 168 -21.67 40.95 -101.19
N ARG RD 169 -20.57 41.13 -101.90
CA ARG RD 169 -19.43 41.83 -101.31
C ARG RD 169 -19.84 43.20 -100.81
N PHE RD 170 -20.58 43.95 -101.61
CA PHE RD 170 -20.98 45.28 -101.21
C PHE RD 170 -21.86 45.28 -99.97
N LEU RD 171 -22.83 44.38 -99.90
CA LEU RD 171 -23.72 44.36 -98.73
C LEU RD 171 -23.03 43.89 -97.46
N LYS RD 172 -22.18 42.88 -97.55
CA LYS RD 172 -21.53 42.34 -96.35
C LYS RD 172 -20.95 43.39 -95.42
N ASN RD 173 -20.21 44.35 -95.96
CA ASN RD 173 -19.58 45.36 -95.11
C ASN RD 173 -20.48 46.51 -94.71
N SER RD 174 -21.74 46.49 -95.11
CA SER RD 174 -22.62 47.58 -94.72
C SER RD 174 -23.17 47.40 -93.32
N PHE RD 175 -22.84 46.30 -92.62
CA PHE RD 175 -23.37 46.03 -91.30
C PHE RD 175 -22.30 45.40 -90.42
N ALA RD 176 -22.49 45.58 -89.11
CA ALA RD 176 -21.53 45.10 -88.13
C ALA RD 176 -21.26 43.60 -88.20
N ASP RD 177 -22.24 42.78 -88.53
CA ASP RD 177 -22.00 41.33 -88.50
C ASP RD 177 -22.91 40.63 -89.49
N VAL RD 178 -22.35 40.24 -90.63
CA VAL RD 178 -23.11 39.57 -91.67
C VAL RD 178 -22.22 38.52 -92.29
N ASP RD 179 -22.80 37.36 -92.56
CA ASP RD 179 -22.11 36.26 -93.21
C ASP RD 179 -22.68 36.06 -94.60
N TYR RD 180 -21.80 35.74 -95.54
CA TYR RD 180 -22.25 35.47 -96.90
C TYR RD 180 -23.36 34.45 -96.90
N ASP RD 181 -23.35 33.53 -95.96
CA ASP RD 181 -24.41 32.55 -95.86
C ASP RD 181 -25.76 33.20 -95.59
N ASN RD 182 -25.80 34.33 -94.89
CA ASN RD 182 -27.05 34.99 -94.52
C ASN RD 182 -27.56 36.01 -95.52
N ILE RD 183 -27.02 36.09 -96.73
CA ILE RD 183 -27.46 37.07 -97.72
C ILE RD 183 -28.04 36.35 -98.93
N SER RD 184 -29.32 36.63 -99.23
CA SER RD 184 -30.02 36.11 -100.40
C SER RD 184 -30.15 37.17 -101.48
N VAL RD 185 -29.82 36.81 -102.72
CA VAL RD 185 -29.84 37.73 -103.86
C VAL RD 185 -30.52 37.05 -105.05
N VAL RD 186 -31.51 37.73 -105.63
CA VAL RD 186 -32.24 37.24 -106.79
C VAL RD 186 -32.19 38.29 -107.91
N LEU RD 187 -31.76 37.87 -109.10
CA LEU RD 187 -31.59 38.74 -110.25
C LEU RD 187 -32.44 38.28 -111.42
N SER RD 188 -32.86 39.24 -112.25
CA SER RD 188 -33.63 38.93 -113.45
C SER RD 188 -33.33 39.96 -114.52
N GLU RD 189 -33.55 39.57 -115.78
CA GLU RD 189 -33.39 40.47 -116.93
C GLU RD 189 -34.66 41.19 -117.33
N ARG RD 190 -34.48 42.37 -117.89
CA ARG RD 190 -35.58 43.12 -118.49
C ARG RD 190 -36.22 42.37 -119.65
N SER RD 191 -37.55 42.48 -119.74
CA SER RD 191 -38.33 41.97 -120.84
C SER RD 191 -38.07 42.75 -122.13
N ASP RD 192 -38.56 42.18 -123.23
CA ASP RD 192 -38.51 42.83 -124.54
C ASP RD 192 -39.18 44.21 -124.54
N ALA RD 193 -38.56 45.14 -125.28
CA ALA RD 193 -39.06 46.50 -125.42
C ALA RD 193 -40.30 46.61 -126.29
N GLN RD 194 -41.29 47.37 -125.79
CA GLN RD 194 -42.53 47.72 -126.51
C GLN RD 194 -42.41 49.05 -127.24
N LEU RD 195 -41.99 49.00 -128.50
CA LEU RD 195 -41.73 50.21 -129.29
C LEU RD 195 -42.82 50.54 -130.30
N GLN RD 196 -43.40 49.56 -130.99
CA GLN RD 196 -44.45 49.84 -131.96
C GLN RD 196 -45.80 50.09 -131.29
N ALA RD 197 -46.52 51.06 -131.83
CA ALA RD 197 -47.84 51.44 -131.33
C ALA RD 197 -48.93 50.41 -131.66
N PRO RD 198 -49.92 50.27 -130.78
CA PRO RD 198 -51.06 49.38 -131.08
C PRO RD 198 -51.92 49.89 -132.21
N GLY RD 199 -52.58 48.94 -132.87
CA GLY RD 199 -53.52 49.25 -133.95
C GLY RD 199 -54.89 49.73 -133.49
N THR RD 200 -55.42 50.69 -134.23
CA THR RD 200 -56.74 51.27 -133.99
C THR RD 200 -57.83 50.36 -134.54
N PRO RD 201 -58.91 50.13 -133.79
CA PRO RD 201 -60.03 49.34 -134.33
C PRO RD 201 -60.50 49.86 -135.67
N VAL RD 202 -60.83 48.93 -136.56
CA VAL RD 202 -61.38 49.27 -137.87
C VAL RD 202 -62.83 49.70 -137.74
N ASP SD 20 -49.35 67.16 -129.40
CA ASP SD 20 -48.45 66.64 -128.38
C ASP SD 20 -49.24 66.11 -127.20
N LYS SD 21 -48.73 65.04 -126.61
CA LYS SD 21 -49.35 64.40 -125.47
C LYS SD 21 -48.55 64.69 -124.21
N ASP SD 22 -49.26 64.99 -123.13
CA ASP SD 22 -48.65 65.23 -121.84
C ASP SD 22 -48.23 63.94 -121.14
N LEU SD 23 -46.95 63.82 -120.81
CA LEU SD 23 -46.45 62.72 -120.00
C LEU SD 23 -46.52 63.05 -118.52
N LEU SD 24 -45.98 64.19 -118.11
CA LEU SD 24 -45.88 64.48 -116.70
C LEU SD 24 -46.08 65.96 -116.46
N LYS SD 25 -46.60 66.29 -115.28
CA LYS SD 25 -46.80 67.66 -114.84
C LYS SD 25 -46.28 67.87 -113.43
N GLY SD 26 -46.04 69.14 -113.13
CA GLY SD 26 -45.64 69.54 -111.79
C GLY SD 26 -44.31 69.01 -111.33
N LEU SD 27 -43.41 68.71 -112.25
CA LEU SD 27 -42.09 68.28 -111.85
C LEU SD 27 -41.32 69.48 -111.32
N ASP SD 28 -40.30 69.21 -110.54
CA ASP SD 28 -39.27 70.21 -110.30
C ASP SD 28 -38.05 70.00 -111.19
N GLN SD 29 -37.18 71.00 -111.14
CA GLN SD 29 -36.06 71.14 -112.07
C GLN SD 29 -35.19 69.89 -112.17
N GLU SD 30 -34.84 69.29 -111.04
CA GLU SD 30 -33.95 68.15 -111.02
C GLU SD 30 -34.64 66.86 -111.43
N GLN SD 31 -35.95 66.79 -111.35
CA GLN SD 31 -36.68 65.67 -111.91
C GLN SD 31 -36.79 65.81 -113.42
N ALA SD 32 -37.09 67.02 -113.89
CA ALA SD 32 -37.23 67.23 -115.32
C ALA SD 32 -35.94 66.93 -116.06
N ASN SD 33 -34.82 67.44 -115.57
CA ASN SD 33 -33.57 67.21 -116.32
C ASN SD 33 -33.19 65.74 -116.38
N GLU SD 34 -33.52 64.96 -115.35
CA GLU SD 34 -33.32 63.52 -115.43
C GLU SD 34 -34.23 62.86 -116.46
N VAL SD 35 -35.49 63.26 -116.52
CA VAL SD 35 -36.37 62.64 -117.51
C VAL SD 35 -35.90 62.96 -118.92
N ILE SD 36 -35.48 64.20 -119.16
CA ILE SD 36 -34.96 64.53 -120.48
C ILE SD 36 -33.74 63.69 -120.81
N ALA SD 37 -32.78 63.60 -119.89
CA ALA SD 37 -31.57 62.83 -120.17
C ALA SD 37 -31.90 61.39 -120.55
N VAL SD 38 -32.80 60.77 -119.81
CA VAL SD 38 -33.13 59.37 -120.10
C VAL SD 38 -33.85 59.23 -121.42
N LEU SD 39 -34.76 60.12 -121.76
CA LEU SD 39 -35.45 59.93 -123.03
C LEU SD 39 -34.53 60.20 -124.21
N GLN SD 40 -33.74 61.27 -124.16
CA GLN SD 40 -32.77 61.51 -125.22
C GLN SD 40 -31.84 60.34 -125.46
N MET SD 41 -31.42 59.66 -124.40
CA MET SD 41 -30.52 58.52 -124.61
C MET SD 41 -31.12 57.47 -125.55
N HIS SD 42 -32.43 57.26 -125.51
CA HIS SD 42 -33.10 56.27 -126.35
C HIS SD 42 -33.62 56.83 -127.67
N ASN SD 43 -33.11 57.95 -128.12
CA ASN SD 43 -33.54 58.60 -129.36
C ASN SD 43 -34.97 59.15 -129.38
N ILE SD 44 -35.43 59.70 -128.25
CA ILE SD 44 -36.75 60.31 -128.17
C ILE SD 44 -36.54 61.80 -127.96
N GLU SD 45 -36.95 62.61 -128.92
CA GLU SD 45 -36.91 64.07 -128.79
C GLU SD 45 -38.05 64.57 -127.91
N ALA SD 46 -37.72 65.24 -126.81
CA ALA SD 46 -38.70 65.70 -125.84
C ALA SD 46 -38.58 67.21 -125.62
N ASN SD 47 -39.64 67.81 -125.06
CA ASN SD 47 -39.71 69.24 -124.80
C ASN SD 47 -40.11 69.52 -123.36
N LYS SD 48 -39.39 70.46 -122.74
CA LYS SD 48 -39.61 70.91 -121.36
C LYS SD 48 -40.23 72.30 -121.36
N ILE SD 49 -41.34 72.46 -120.65
CA ILE SD 49 -42.08 73.71 -120.56
C ILE SD 49 -42.18 74.11 -119.09
N ASP SD 50 -42.04 75.40 -118.84
CA ASP SD 50 -42.08 75.95 -117.48
C ASP SD 50 -43.34 76.77 -117.26
N SER SD 51 -44.09 76.42 -116.21
CA SER SD 51 -45.32 77.11 -115.82
C SER SD 51 -45.16 77.82 -114.48
N GLY SD 52 -43.91 77.98 -114.02
CA GLY SD 52 -43.60 78.56 -112.72
C GLY SD 52 -44.07 77.88 -111.44
N LYS SD 53 -45.00 78.51 -110.71
CA LYS SD 53 -45.54 77.86 -109.53
C LYS SD 53 -46.15 76.50 -109.80
N LEU SD 54 -46.46 76.18 -111.04
CA LEU SD 54 -47.01 74.88 -111.38
C LEU SD 54 -45.93 73.88 -111.79
N GLY SD 55 -44.68 74.29 -111.82
CA GLY SD 55 -43.56 73.49 -112.25
C GLY SD 55 -43.40 73.26 -113.75
N TYR SD 56 -42.58 72.27 -114.05
CA TYR SD 56 -42.27 71.86 -115.42
C TYR SD 56 -43.14 70.73 -115.94
N SER SD 57 -43.34 70.76 -117.26
CA SER SD 57 -44.12 69.79 -118.02
C SER SD 57 -43.25 69.23 -119.12
N ILE SD 58 -43.46 67.97 -119.45
CA ILE SD 58 -42.71 67.24 -120.46
C ILE SD 58 -43.65 66.76 -121.54
N THR SD 59 -43.28 66.98 -122.80
CA THR SD 59 -44.13 66.58 -123.92
C THR SD 59 -43.29 65.92 -125.01
N VAL SD 60 -43.95 65.02 -125.74
CA VAL SD 60 -43.35 64.27 -126.85
C VAL SD 60 -44.35 64.13 -127.98
N ALA SD 61 -43.84 63.79 -129.16
CA ALA SD 61 -44.67 63.46 -130.30
C ALA SD 61 -45.37 62.11 -130.16
N GLU SD 62 -46.49 61.99 -130.89
CA GLU SD 62 -47.29 60.78 -130.90
C GLU SD 62 -46.52 59.54 -131.34
N PRO SD 63 -45.79 59.54 -132.45
CA PRO SD 63 -45.02 58.35 -132.82
C PRO SD 63 -44.11 57.85 -131.71
N ASP SD 64 -43.69 58.72 -130.79
CA ASP SD 64 -42.80 58.33 -129.71
C ASP SD 64 -43.51 58.14 -128.39
N PHE SD 65 -44.82 58.40 -128.34
CA PHE SD 65 -45.55 58.29 -127.09
C PHE SD 65 -45.43 56.90 -126.47
N THR SD 66 -45.72 55.86 -127.24
CA THR SD 66 -45.63 54.50 -126.74
C THR SD 66 -44.28 54.17 -126.11
N ALA SD 67 -43.20 54.41 -126.84
CA ALA SD 67 -41.87 54.19 -126.30
C ALA SD 67 -41.63 54.99 -125.03
N ALA SD 68 -41.99 56.27 -125.05
CA ALA SD 68 -41.75 57.09 -123.86
C ALA SD 68 -42.44 56.52 -122.64
N VAL SD 69 -43.67 56.04 -122.81
CA VAL SD 69 -44.39 55.42 -121.71
C VAL SD 69 -43.64 54.19 -121.20
N TYR SD 70 -43.25 53.32 -122.13
CA TYR SD 70 -42.55 52.11 -121.72
C TYR SD 70 -41.25 52.39 -120.97
N TRP SD 71 -40.49 53.39 -121.40
CA TRP SD 71 -39.26 53.68 -120.67
C TRP SD 71 -39.54 54.32 -119.31
N ILE SD 72 -40.51 55.22 -119.24
CA ILE SD 72 -40.89 55.78 -117.95
C ILE SD 72 -41.23 54.67 -116.95
N LYS SD 73 -41.99 53.68 -117.39
CA LYS SD 73 -42.23 52.51 -116.54
C LYS SD 73 -40.94 51.79 -116.20
N THR SD 74 -40.12 51.48 -117.18
CA THR SD 74 -38.98 50.61 -116.92
C THR SD 74 -38.02 51.23 -115.92
N TYR SD 75 -37.74 52.52 -116.04
CA TYR SD 75 -36.86 53.18 -115.08
C TYR SD 75 -37.56 53.70 -113.84
N GLN SD 76 -38.88 53.58 -113.74
CA GLN SD 76 -39.62 54.12 -112.60
C GLN SD 76 -39.38 55.61 -112.38
N LEU SD 77 -39.52 56.38 -113.45
CA LEU SD 77 -39.40 57.82 -113.34
C LEU SD 77 -40.71 58.41 -112.86
N PRO SD 78 -40.71 59.66 -112.35
CA PRO SD 78 -39.63 60.56 -111.99
C PRO SD 78 -38.94 60.16 -110.71
N PRO SD 79 -37.68 60.51 -110.54
CA PRO SD 79 -36.91 59.96 -109.43
C PRO SD 79 -37.37 60.49 -108.10
N ARG SD 80 -37.10 59.70 -107.06
CA ARG SD 80 -37.37 60.07 -105.69
C ARG SD 80 -36.48 61.22 -105.24
N PRO SD 81 -36.84 61.89 -104.16
CA PRO SD 81 -35.86 62.71 -103.43
C PRO SD 81 -34.88 61.84 -102.67
N ARG SD 82 -33.67 62.34 -102.50
CA ARG SD 82 -32.61 61.56 -101.87
C ARG SD 82 -32.77 61.53 -100.36
N VAL SD 83 -32.53 60.36 -99.77
CA VAL SD 83 -32.80 60.08 -98.36
C VAL SD 83 -31.53 60.16 -97.55
N GLU SD 84 -31.59 60.84 -96.40
CA GLU SD 84 -30.48 60.87 -95.46
C GLU SD 84 -30.96 60.66 -94.03
N ILE SD 85 -30.22 59.85 -93.28
CA ILE SD 85 -30.69 59.37 -91.99
C ILE SD 85 -30.99 60.52 -91.03
N ALA SD 86 -30.23 61.61 -91.11
CA ALA SD 86 -30.53 62.80 -90.32
C ALA SD 86 -31.92 63.37 -90.52
N GLN SD 87 -32.64 62.97 -91.57
CA GLN SD 87 -34.01 63.40 -91.72
C GLN SD 87 -35.00 62.71 -90.80
N MET SD 88 -34.64 61.57 -90.24
CA MET SD 88 -35.51 60.89 -89.30
C MET SD 88 -35.47 61.45 -87.90
N PHE SD 89 -34.49 62.29 -87.58
CA PHE SD 89 -34.24 62.74 -86.21
C PHE SD 89 -34.01 64.24 -86.20
N PRO SD 90 -35.06 65.01 -86.44
CA PRO SD 90 -34.89 66.45 -86.64
C PRO SD 90 -34.26 67.13 -85.43
N ALA SD 91 -33.21 67.89 -85.67
CA ALA SD 91 -32.60 68.74 -84.66
C ALA SD 91 -33.52 69.85 -84.15
N ASP SD 92 -34.70 70.03 -84.73
CA ASP SD 92 -35.69 70.92 -84.13
C ASP SD 92 -36.22 70.42 -82.79
N SER SD 93 -36.15 69.12 -82.53
CA SER SD 93 -36.78 68.58 -81.33
C SER SD 93 -36.14 69.14 -80.07
N LEU SD 94 -36.97 69.43 -79.08
CA LEU SD 94 -36.53 70.18 -77.91
C LEU SD 94 -35.68 69.32 -76.99
N VAL SD 95 -36.03 68.06 -76.82
CA VAL SD 95 -35.20 67.11 -76.11
C VAL SD 95 -35.17 65.82 -76.91
N SER SD 96 -33.99 65.20 -76.98
CA SER SD 96 -33.88 63.97 -77.74
C SER SD 96 -32.85 63.07 -77.09
N SER SD 97 -33.08 61.77 -77.22
CA SER SD 97 -32.34 60.79 -76.47
C SER SD 97 -30.93 60.65 -77.03
N PRO SD 98 -30.01 60.04 -76.26
CA PRO SD 98 -28.66 59.83 -76.80
C PRO SD 98 -28.63 59.03 -78.08
N ARG SD 99 -29.62 58.18 -78.31
CA ARG SD 99 -29.63 57.41 -79.54
C ARG SD 99 -29.79 58.32 -80.74
N ALA SD 100 -30.74 59.23 -80.68
CA ALA SD 100 -30.97 60.13 -81.80
C ALA SD 100 -29.72 60.93 -82.12
N GLU SD 101 -29.10 61.53 -81.10
CA GLU SD 101 -27.86 62.28 -81.32
C GLU SD 101 -26.79 61.43 -81.99
N LYS SD 102 -26.53 60.24 -81.46
CA LYS SD 102 -25.52 59.39 -82.09
C LYS SD 102 -25.85 59.11 -83.54
N ALA SD 103 -27.13 58.92 -83.85
CA ALA SD 103 -27.51 58.71 -85.24
C ALA SD 103 -27.21 59.94 -86.10
N ARG SD 104 -27.65 61.12 -85.67
CA ARG SD 104 -27.30 62.32 -86.44
C ARG SD 104 -25.80 62.44 -86.68
N LEU SD 105 -25.00 62.24 -85.64
CA LEU SD 105 -23.55 62.32 -85.79
C LEU SD 105 -23.05 61.43 -86.92
N TYR SD 106 -23.35 60.14 -86.85
CA TYR SD 106 -22.93 59.24 -87.93
C TYR SD 106 -23.46 59.67 -89.30
N SER SD 107 -24.72 60.07 -89.36
CA SER SD 107 -25.31 60.46 -90.63
C SER SD 107 -24.73 61.75 -91.17
N ALA SD 108 -23.99 62.50 -90.38
CA ALA SD 108 -23.26 63.64 -90.92
C ALA SD 108 -21.87 63.25 -91.39
N ILE SD 109 -21.21 62.36 -90.65
CA ILE SD 109 -19.90 61.90 -91.09
C ILE SD 109 -19.97 61.23 -92.45
N GLU SD 110 -20.99 60.40 -92.67
CA GLU SD 110 -21.18 59.79 -94.00
C GLU SD 110 -21.15 60.82 -95.12
N GLN SD 111 -21.89 61.90 -94.96
CA GLN SD 111 -21.97 62.89 -96.02
C GLN SD 111 -20.65 63.62 -96.19
N ARG SD 112 -19.97 63.91 -95.10
CA ARG SD 112 -18.71 64.62 -95.25
C ARG SD 112 -17.68 63.75 -95.95
N LEU SD 113 -17.73 62.44 -95.73
CA LEU SD 113 -16.81 61.56 -96.46
C LEU SD 113 -17.14 61.54 -97.94
N GLU SD 114 -18.41 61.38 -98.30
CA GLU SD 114 -18.75 61.39 -99.71
C GLU SD 114 -18.23 62.65 -100.39
N GLN SD 115 -18.39 63.79 -99.73
CA GLN SD 115 -17.94 65.03 -100.33
C GLN SD 115 -16.43 65.11 -100.42
N SER SD 116 -15.71 64.40 -99.55
CA SER SD 116 -14.26 64.45 -99.71
C SER SD 116 -13.80 63.56 -100.84
N LEU SD 117 -14.35 62.35 -100.95
CA LEU SD 117 -13.96 61.48 -102.05
C LEU SD 117 -14.23 62.13 -103.40
N GLN SD 118 -15.31 62.88 -103.52
CA GLN SD 118 -15.54 63.51 -104.81
C GLN SD 118 -14.45 64.50 -105.22
N THR SD 119 -13.50 64.82 -104.36
CA THR SD 119 -12.40 65.68 -104.79
C THR SD 119 -11.17 64.93 -105.29
N MET SD 120 -11.05 63.63 -105.08
CA MET SD 120 -9.92 62.91 -105.62
C MET SD 120 -9.89 63.00 -107.15
N GLU SD 121 -8.71 62.77 -107.69
CA GLU SD 121 -8.46 62.80 -109.13
C GLU SD 121 -9.17 61.71 -109.90
N GLY SD 122 -10.04 62.11 -110.83
CA GLY SD 122 -10.80 61.23 -111.68
C GLY SD 122 -12.15 60.79 -111.17
N VAL SD 123 -12.44 60.92 -109.89
CA VAL SD 123 -13.74 60.47 -109.40
C VAL SD 123 -14.81 61.44 -109.92
N LEU SD 124 -15.88 60.88 -110.47
CA LEU SD 124 -17.03 61.68 -110.89
C LEU SD 124 -18.11 61.71 -109.83
N SER SD 125 -18.34 60.59 -109.14
CA SER SD 125 -19.33 60.56 -108.07
C SER SD 125 -19.03 59.37 -107.18
N ALA SD 126 -19.62 59.39 -105.99
CA ALA SD 126 -19.33 58.38 -104.97
C ALA SD 126 -20.50 58.22 -104.03
N ARG SD 127 -20.46 57.13 -103.25
CA ARG SD 127 -21.39 56.88 -102.16
C ARG SD 127 -20.64 56.16 -101.06
N VAL SD 128 -21.06 56.38 -99.81
CA VAL SD 128 -20.47 55.71 -98.66
C VAL SD 128 -21.55 55.23 -97.71
N HIS SD 129 -21.28 54.12 -97.04
CA HIS SD 129 -22.16 53.56 -96.02
C HIS SD 129 -21.33 53.14 -94.82
N ILE SD 130 -21.86 53.36 -93.61
CA ILE SD 130 -21.19 53.02 -92.36
C ILE SD 130 -22.06 52.08 -91.53
N SER SD 131 -21.44 51.13 -90.84
CA SER SD 131 -22.12 50.27 -89.89
C SER SD 131 -22.58 51.04 -88.65
N TYR SD 132 -23.89 51.28 -88.53
CA TYR SD 132 -24.47 51.91 -87.33
C TYR SD 132 -24.62 50.92 -86.18
N ASP SD 133 -23.61 50.83 -85.32
CA ASP SD 133 -23.74 49.95 -84.16
C ASP SD 133 -24.83 50.41 -83.21
N ILE SD 134 -25.29 51.66 -83.34
CA ILE SD 134 -26.37 52.20 -82.52
C ILE SD 134 -27.64 51.38 -82.60
N ASP SD 135 -27.73 50.44 -83.54
CA ASP SD 135 -28.82 49.47 -83.48
C ASP SD 135 -28.84 48.75 -82.16
N ALA SD 136 -27.73 48.79 -81.42
CA ALA SD 136 -27.74 48.52 -80.00
C ALA SD 136 -27.11 49.72 -79.32
N GLY SD 137 -27.46 49.93 -78.06
CA GLY SD 137 -26.74 50.90 -77.27
C GLY SD 137 -25.38 50.41 -76.82
N GLU SD 138 -25.08 49.13 -77.02
CA GLU SD 138 -23.86 48.55 -76.49
C GLU SD 138 -23.83 48.70 -74.97
N ASN SD 139 -24.99 48.52 -74.34
CA ASN SD 139 -25.09 48.55 -72.89
C ASN SD 139 -24.48 47.30 -72.26
N GLY SD 140 -23.60 47.50 -71.29
CA GLY SD 140 -23.00 46.37 -70.61
C GLY SD 140 -22.18 45.48 -71.51
N ARG SD 141 -21.71 46.01 -72.64
CA ARG SD 141 -21.13 45.19 -73.69
C ARG SD 141 -20.09 46.01 -74.42
N PRO SD 142 -19.01 45.40 -74.90
CA PRO SD 142 -18.00 46.15 -75.64
C PRO SD 142 -18.52 46.58 -77.01
N PRO SD 143 -18.12 47.76 -77.47
CA PRO SD 143 -18.56 48.21 -78.79
C PRO SD 143 -17.87 47.46 -79.92
N LYS SD 144 -18.66 47.13 -80.94
CA LYS SD 144 -18.18 46.34 -82.07
C LYS SD 144 -17.28 47.17 -82.99
N PRO SD 145 -16.46 46.52 -83.81
CA PRO SD 145 -15.67 47.26 -84.81
C PRO SD 145 -16.52 47.81 -85.95
N VAL SD 146 -16.03 48.90 -86.52
CA VAL SD 146 -16.63 49.58 -87.66
C VAL SD 146 -16.37 48.87 -88.99
N HIS SD 147 -17.38 48.90 -89.86
CA HIS SD 147 -17.35 48.41 -91.24
C HIS SD 147 -17.80 49.55 -92.16
N LEU SD 148 -17.20 49.62 -93.36
CA LEU SD 148 -17.43 50.69 -94.32
C LEU SD 148 -17.58 50.14 -95.73
N SER SD 149 -18.50 50.69 -96.51
CA SER SD 149 -18.66 50.34 -97.92
C SER SD 149 -18.69 51.59 -98.79
N ALA SD 150 -18.00 51.54 -99.95
CA ALA SD 150 -17.97 52.70 -100.83
C ALA SD 150 -18.07 52.32 -102.30
N LEU SD 151 -18.82 53.15 -103.04
CA LEU SD 151 -19.00 53.02 -104.49
C LEU SD 151 -18.42 54.24 -105.18
N ALA SD 152 -17.78 54.07 -106.33
CA ALA SD 152 -17.36 55.25 -107.08
C ALA SD 152 -17.24 55.02 -108.58
N VAL SD 153 -17.43 56.11 -109.33
CA VAL SD 153 -17.38 56.11 -110.79
C VAL SD 153 -16.18 56.91 -111.28
N TYR SD 154 -15.40 56.34 -112.22
CA TYR SD 154 -14.19 56.95 -112.75
C TYR SD 154 -14.30 57.36 -114.22
N GLU SD 155 -13.47 58.33 -114.58
CA GLU SD 155 -13.25 58.68 -115.98
C GLU SD 155 -12.64 57.52 -116.74
N ARG SD 156 -12.98 57.44 -118.03
CA ARG SD 156 -12.48 56.40 -118.92
C ARG SD 156 -10.96 56.40 -119.04
N GLY SD 157 -10.37 55.20 -118.97
CA GLY SD 157 -8.93 55.03 -119.05
C GLY SD 157 -8.17 55.09 -117.75
N SER SD 158 -8.82 54.82 -116.65
CA SER SD 158 -8.28 54.82 -115.30
C SER SD 158 -7.91 53.40 -114.85
N PRO SD 159 -6.70 53.17 -114.32
CA PRO SD 159 -6.37 51.84 -113.78
C PRO SD 159 -7.01 51.55 -112.43
N LEU SD 160 -8.23 51.04 -112.52
CA LEU SD 160 -9.05 50.77 -111.33
C LEU SD 160 -8.33 49.93 -110.30
N ALA SD 161 -7.69 48.85 -110.74
CA ALA SD 161 -6.98 47.99 -109.80
C ALA SD 161 -5.98 48.80 -108.98
N HIS SD 162 -5.19 49.65 -109.62
CA HIS SD 162 -4.24 50.46 -108.87
C HIS SD 162 -4.89 51.57 -108.06
N GLN SD 163 -6.13 51.96 -108.37
CA GLN SD 163 -6.72 53.04 -107.60
C GLN SD 163 -7.52 52.59 -106.39
N ILE SD 164 -7.85 51.30 -106.28
CA ILE SD 164 -8.56 50.86 -105.06
C ILE SD 164 -7.70 51.05 -103.82
N SER SD 165 -6.39 50.83 -103.94
CA SER SD 165 -5.49 50.97 -102.81
C SER SD 165 -5.61 52.34 -102.14
N ASP SD 166 -5.54 53.41 -102.93
CA ASP SD 166 -5.67 54.75 -102.36
C ASP SD 166 -6.93 54.92 -101.54
N ILE SD 167 -8.07 54.55 -102.08
CA ILE SD 167 -9.32 54.66 -101.34
C ILE SD 167 -9.25 53.91 -100.02
N LYS SD 168 -8.86 52.63 -100.05
CA LYS SD 168 -8.75 51.92 -98.78
C LYS SD 168 -7.85 52.64 -97.79
N ARG SD 169 -6.68 53.05 -98.24
CA ARG SD 169 -5.77 53.79 -97.36
C ARG SD 169 -6.43 55.01 -96.76
N PHE SD 170 -7.12 55.80 -97.58
CA PHE SD 170 -7.75 57.01 -97.08
C PHE SD 170 -8.85 56.73 -96.07
N LEU SD 171 -9.68 55.73 -96.33
CA LEU SD 171 -10.78 55.43 -95.42
C LEU SD 171 -10.31 54.84 -94.10
N LYS SD 172 -9.31 53.96 -94.12
CA LYS SD 172 -8.87 53.29 -92.90
C LYS SD 172 -8.68 54.22 -91.70
N ASN SD 173 -8.05 55.37 -91.90
CA ASN SD 173 -7.77 56.26 -90.78
C ASN SD 173 -8.90 57.20 -90.38
N SER SD 174 -10.08 57.12 -90.97
CA SER SD 174 -11.12 58.03 -90.53
C SER SD 174 -11.84 57.56 -89.28
N PHE SD 175 -11.50 56.40 -88.74
CA PHE SD 175 -12.17 55.85 -87.57
C PHE SD 175 -11.15 55.21 -86.63
N ALA SD 176 -11.53 55.13 -85.37
CA ALA SD 176 -10.67 54.58 -84.33
C ALA SD 176 -10.22 53.15 -84.57
N ASP SD 177 -11.04 52.31 -85.18
CA ASP SD 177 -10.63 50.91 -85.33
C ASP SD 177 -11.26 50.32 -86.58
N VAL SD 178 -10.46 50.20 -87.62
CA VAL SD 178 -10.89 49.66 -88.90
C VAL SD 178 -9.76 48.82 -89.47
N ASP SD 179 -10.11 47.68 -90.04
CA ASP SD 179 -9.18 46.78 -90.69
C ASP SD 179 -9.43 46.79 -92.18
N TYR SD 180 -8.36 46.71 -92.96
CA TYR SD 180 -8.52 46.63 -94.40
C TYR SD 180 -9.49 45.55 -94.80
N ASP SD 181 -9.55 44.48 -94.03
CA ASP SD 181 -10.51 43.42 -94.33
C ASP SD 181 -11.95 43.89 -94.28
N ASN SD 182 -12.27 44.87 -93.46
CA ASN SD 182 -13.63 45.35 -93.28
C ASN SD 182 -14.05 46.48 -94.22
N ILE SD 183 -13.28 46.79 -95.25
CA ILE SD 183 -13.61 47.87 -96.17
C ILE SD 183 -13.87 47.28 -97.55
N SER SD 184 -15.07 47.49 -98.06
CA SER SD 184 -15.50 47.09 -99.40
C SER SD 184 -15.53 48.27 -100.34
N VAL SD 185 -14.96 48.11 -101.53
CA VAL SD 185 -14.88 49.19 -102.51
C VAL SD 185 -15.28 48.63 -103.87
N VAL SD 186 -16.23 49.29 -104.53
CA VAL SD 186 -16.69 48.91 -105.85
C VAL SD 186 -16.57 50.09 -106.79
N LEU SD 187 -15.89 49.88 -107.92
CA LEU SD 187 -15.62 50.92 -108.89
C LEU SD 187 -16.19 50.57 -110.26
N SER SD 188 -16.55 51.61 -111.01
CA SER SD 188 -17.05 51.41 -112.37
C SER SD 188 -16.66 52.61 -113.22
N GLU SD 189 -16.61 52.40 -114.53
CA GLU SD 189 -16.34 53.49 -115.47
C GLU SD 189 -17.59 54.14 -116.00
N ARG SD 190 -17.45 55.42 -116.36
CA ARG SD 190 -18.47 56.16 -117.08
C ARG SD 190 -18.82 55.50 -118.40
N SER SD 191 -20.11 55.48 -118.71
CA SER SD 191 -20.60 55.04 -120.01
C SER SD 191 -20.22 56.01 -121.12
N ASP SD 192 -20.40 55.56 -122.35
CA ASP SD 192 -20.18 56.42 -123.52
C ASP SD 192 -21.01 57.70 -123.49
N ALA SD 193 -20.37 58.78 -123.94
CA ALA SD 193 -21.00 60.10 -124.02
C ALA SD 193 -22.04 60.21 -125.13
N GLN SD 194 -23.19 60.79 -124.77
CA GLN SD 194 -24.30 61.14 -125.67
C GLN SD 194 -24.19 62.56 -126.18
N LEU SD 195 -23.53 62.74 -127.32
CA LEU SD 195 -23.27 64.06 -127.88
C LEU SD 195 -24.19 64.43 -129.04
N GLN SD 196 -24.51 63.50 -129.93
CA GLN SD 196 -25.40 63.82 -131.05
C GLN SD 196 -26.86 63.84 -130.62
N ALA SD 197 -27.60 64.80 -131.18
CA ALA SD 197 -29.02 64.96 -130.91
C ALA SD 197 -29.88 63.89 -131.57
N PRO SD 198 -31.00 63.52 -130.95
CA PRO SD 198 -31.93 62.59 -131.58
C PRO SD 198 -32.62 63.17 -132.80
N GLY SD 199 -33.03 62.27 -133.70
CA GLY SD 199 -33.77 62.66 -134.89
C GLY SD 199 -35.25 62.92 -134.65
N THR SD 200 -35.76 63.95 -135.31
CA THR SD 200 -37.16 64.33 -135.22
C THR SD 200 -38.02 63.42 -136.09
N PRO SD 201 -39.16 62.95 -135.59
CA PRO SD 201 -40.06 62.14 -136.41
C PRO SD 201 -40.40 62.79 -137.73
N VAL SD 202 -40.46 61.98 -138.78
CA VAL SD 202 -40.86 62.44 -140.09
C VAL SD 202 -42.36 62.66 -140.07
N ASP TD 20 -32.71 80.03 -127.37
CA ASP TD 20 -31.94 79.45 -126.28
C ASP TD 20 -32.83 78.64 -125.36
N LYS TD 21 -32.29 77.55 -124.83
CA LYS TD 21 -33.04 76.69 -123.93
C LYS TD 21 -32.52 76.85 -122.51
N ASP TD 22 -33.45 76.92 -121.56
CA ASP TD 22 -33.13 77.03 -120.14
C ASP TD 22 -32.70 75.71 -119.52
N LEU TD 23 -31.49 75.69 -118.97
CA LEU TD 23 -30.99 74.55 -118.19
C LEU TD 23 -31.39 74.66 -116.72
N LEU TD 24 -31.03 75.76 -116.07
CA LEU TD 24 -31.23 75.85 -114.63
C LEU TD 24 -31.65 77.27 -114.27
N LYS TD 25 -32.41 77.37 -113.18
CA LYS TD 25 -32.86 78.64 -112.64
C LYS TD 25 -32.69 78.69 -111.13
N GLY TD 26 -32.69 79.90 -110.59
CA GLY TD 26 -32.59 80.08 -109.16
C GLY TD 26 -31.32 79.60 -108.52
N LEU TD 27 -30.20 79.62 -109.24
CA LEU TD 27 -28.94 79.18 -108.68
C LEU TD 27 -28.37 80.27 -107.77
N ASP TD 28 -27.47 79.86 -106.89
CA ASP TD 28 -26.57 80.78 -106.22
C ASP TD 28 -25.37 81.12 -107.10
N GLN TD 29 -24.70 82.21 -106.72
CA GLN TD 29 -23.46 82.64 -107.34
C GLN TD 29 -22.42 81.51 -107.44
N GLU TD 30 -22.16 80.84 -106.32
CA GLU TD 30 -21.16 79.79 -106.27
C GLU TD 30 -21.62 78.49 -106.90
N GLN TD 31 -22.89 78.37 -107.24
CA GLN TD 31 -23.35 77.24 -108.03
C GLN TD 31 -23.20 77.53 -109.50
N ALA TD 32 -23.59 78.73 -109.90
CA ALA TD 32 -23.48 79.13 -111.30
C ALA TD 32 -22.05 79.05 -111.77
N ASN TD 33 -21.10 79.61 -111.01
CA ASN TD 33 -19.73 79.60 -111.48
C ASN TD 33 -19.17 78.18 -111.63
N GLU TD 34 -19.58 77.27 -110.76
CA GLU TD 34 -19.16 75.88 -110.91
C GLU TD 34 -19.73 75.25 -112.18
N VAL TD 35 -21.01 75.48 -112.44
CA VAL TD 35 -21.60 74.93 -113.65
C VAL TD 35 -20.91 75.48 -114.89
N ILE TD 36 -20.73 76.79 -114.95
CA ILE TD 36 -20.06 77.39 -116.10
C ILE TD 36 -18.70 76.76 -116.33
N ALA TD 37 -17.91 76.63 -115.26
CA ALA TD 37 -16.60 76.00 -115.38
C ALA TD 37 -16.67 74.61 -115.98
N VAL TD 38 -17.59 73.79 -115.48
CA VAL TD 38 -17.67 72.43 -115.99
C VAL TD 38 -18.11 72.39 -117.45
N LEU TD 39 -19.01 73.27 -117.86
CA LEU TD 39 -19.40 73.23 -119.27
C LEU TD 39 -18.30 73.75 -120.18
N GLN TD 40 -17.69 74.88 -119.86
CA GLN TD 40 -16.57 75.35 -120.66
C GLN TD 40 -15.49 74.30 -120.84
N MET TD 41 -15.21 73.51 -119.81
CA MET TD 41 -14.19 72.49 -120.00
C MET TD 41 -14.52 71.55 -121.16
N HIS TD 42 -15.78 71.27 -121.41
CA HIS TD 42 -16.20 70.37 -122.49
C HIS TD 42 -16.54 71.06 -123.80
N ASN TD 43 -16.08 72.29 -123.99
CA ASN TD 43 -16.34 73.06 -125.21
C ASN TD 43 -17.79 73.46 -125.44
N ILE TD 44 -18.53 73.79 -124.39
CA ILE TD 44 -19.90 74.25 -124.48
C ILE TD 44 -19.94 75.71 -124.03
N GLU TD 45 -20.27 76.61 -124.95
CA GLU TD 45 -20.46 78.01 -124.63
C GLU TD 45 -21.78 78.28 -123.92
N ALA TD 46 -21.72 78.82 -122.70
CA ALA TD 46 -22.92 79.04 -121.90
C ALA TD 46 -23.00 80.51 -121.50
N ASN TD 47 -24.20 80.95 -121.12
CA ASN TD 47 -24.45 82.34 -120.72
C ASN TD 47 -25.15 82.38 -119.38
N LYS TD 48 -24.68 83.28 -118.51
CA LYS TD 48 -25.22 83.51 -117.18
C LYS TD 48 -25.98 84.83 -117.12
N ILE TD 49 -27.21 84.77 -116.64
CA ILE TD 49 -28.10 85.92 -116.54
C ILE TD 49 -28.53 86.05 -115.09
N ASP TD 50 -28.62 87.28 -114.61
CA ASP TD 50 -28.99 87.58 -113.22
C ASP TD 50 -30.37 88.21 -113.12
N SER TD 51 -31.24 87.60 -112.31
CA SER TD 51 -32.59 88.07 -112.05
C SER TD 51 -32.77 88.57 -110.62
N GLY TD 52 -31.68 88.77 -109.89
CA GLY TD 52 -31.70 89.15 -108.49
C GLY TD 52 -32.30 88.21 -107.46
N LYS TD 53 -33.43 88.60 -106.86
CA LYS TD 53 -34.13 87.71 -105.95
C LYS TD 53 -34.49 86.36 -106.58
N LEU TD 54 -34.51 86.25 -107.89
CA LEU TD 54 -34.82 84.99 -108.54
C LEU TD 54 -33.55 84.18 -108.83
N GLY TD 55 -32.38 84.72 -108.51
CA GLY TD 55 -31.09 84.12 -108.79
C GLY TD 55 -30.59 84.18 -110.22
N TYR TD 56 -29.58 83.35 -110.47
CA TYR TD 56 -28.95 83.22 -111.76
C TYR TD 56 -29.56 82.12 -112.61
N SER TD 57 -29.52 82.35 -113.92
CA SER TD 57 -30.01 81.43 -114.92
C SER TD 57 -28.88 81.14 -115.91
N ILE TD 58 -28.87 79.91 -116.42
CA ILE TD 58 -27.86 79.43 -117.35
C ILE TD 58 -28.56 79.01 -118.63
N THR TD 59 -28.01 79.44 -119.77
CA THR TD 59 -28.61 79.12 -121.06
C THR TD 59 -27.53 78.72 -122.06
N VAL TD 60 -27.93 77.88 -123.03
CA VAL TD 60 -27.06 77.39 -124.08
C VAL TD 60 -27.84 77.33 -125.38
N ALA TD 61 -27.11 77.24 -126.48
CA ALA TD 61 -27.71 77.01 -127.78
C ALA TD 61 -28.23 75.57 -127.95
N GLU TD 62 -29.18 75.45 -128.86
CA GLU TD 62 -29.80 74.16 -129.18
C GLU TD 62 -28.81 73.11 -129.62
N PRO TD 63 -27.92 73.36 -130.57
CA PRO TD 63 -26.94 72.33 -130.94
C PRO TD 63 -26.16 71.77 -129.77
N ASP TD 64 -26.03 72.52 -128.67
CA ASP TD 64 -25.29 72.07 -127.50
C ASP TD 64 -26.19 71.59 -126.37
N PHE TD 65 -27.51 71.71 -126.53
CA PHE TD 65 -28.43 71.33 -125.47
C PHE TD 65 -28.26 69.88 -125.03
N THR TD 66 -28.29 68.95 -125.97
CA THR TD 66 -28.13 67.54 -125.63
C THR TD 66 -26.89 67.25 -124.80
N ALA TD 67 -25.74 67.70 -125.27
CA ALA TD 67 -24.51 67.52 -124.52
C ALA TD 67 -24.58 68.14 -123.13
N ALA TD 68 -25.07 69.37 -123.04
CA ALA TD 68 -25.12 70.00 -121.72
C ALA TD 68 -25.99 69.20 -120.76
N VAL TD 69 -27.11 68.68 -121.23
CA VAL TD 69 -27.94 67.82 -120.39
C VAL TD 69 -27.16 66.60 -119.92
N TYR TD 70 -26.53 65.90 -120.84
CA TYR TD 70 -25.81 64.70 -120.44
C TYR TD 70 -24.72 64.99 -119.42
N TRP TD 71 -23.98 66.08 -119.59
CA TRP TD 71 -22.95 66.40 -118.59
C TRP TD 71 -23.58 66.79 -117.25
N ILE TD 72 -24.67 67.53 -117.26
CA ILE TD 72 -25.32 67.87 -116.00
C ILE TD 72 -25.70 66.61 -115.23
N LYS TD 73 -26.24 65.61 -115.93
CA LYS TD 73 -26.53 64.36 -115.24
C LYS TD 73 -25.27 63.64 -114.78
N THR TD 74 -24.22 63.61 -115.61
CA THR TD 74 -23.04 62.85 -115.25
C THR TD 74 -22.33 63.41 -114.02
N TYR TD 75 -22.30 64.73 -113.86
CA TYR TD 75 -21.71 65.32 -112.67
C TYR TD 75 -22.70 65.60 -111.55
N GLN TD 76 -23.99 65.43 -111.77
CA GLN TD 76 -25.00 65.76 -110.76
C GLN TD 76 -24.89 67.21 -110.31
N LEU TD 77 -24.92 68.12 -111.25
CA LEU TD 77 -24.97 69.53 -110.93
C LEU TD 77 -26.41 69.93 -110.63
N PRO TD 78 -26.63 71.07 -109.99
CA PRO TD 78 -25.73 71.98 -109.28
C PRO TD 78 -25.34 71.41 -107.94
N PRO TD 79 -24.18 71.79 -107.42
CA PRO TD 79 -23.65 71.11 -106.24
C PRO TD 79 -24.41 71.48 -104.98
N ARG TD 80 -24.26 70.61 -103.98
CA ARG TD 80 -24.84 70.80 -102.67
C ARG TD 80 -24.17 71.97 -101.96
N PRO TD 81 -24.75 72.42 -100.86
CA PRO TD 81 -23.94 73.09 -99.83
C PRO TD 81 -22.97 72.11 -99.17
N ARG TD 82 -22.01 72.66 -98.45
CA ARG TD 82 -20.93 71.87 -97.88
C ARG TD 82 -21.20 71.58 -96.40
N VAL TD 83 -21.17 70.30 -96.06
CA VAL TD 83 -21.55 69.81 -94.74
C VAL TD 83 -20.42 69.97 -93.73
N GLU TD 84 -20.74 70.49 -92.55
CA GLU TD 84 -19.84 70.51 -91.42
C GLU TD 84 -20.58 70.05 -90.17
N ILE TD 85 -19.93 69.25 -89.35
CA ILE TD 85 -20.63 68.54 -88.29
C ILE TD 85 -21.22 69.51 -87.29
N ALA TD 86 -20.59 70.65 -87.08
CA ALA TD 86 -21.16 71.68 -86.21
C ALA TD 86 -22.56 72.11 -86.62
N GLN TD 87 -22.93 71.97 -87.88
CA GLN TD 87 -24.28 72.34 -88.28
C GLN TD 87 -25.35 71.45 -87.69
N MET TD 88 -24.99 70.24 -87.27
CA MET TD 88 -25.94 69.33 -86.68
C MET TD 88 -26.24 69.63 -85.21
N PHE TD 89 -25.46 70.48 -84.56
CA PHE TD 89 -25.62 70.74 -83.13
C PHE TD 89 -25.50 72.23 -82.90
N PRO TD 90 -26.46 73.00 -83.40
CA PRO TD 90 -26.31 74.45 -83.42
C PRO TD 90 -26.09 75.00 -82.02
N ALA TD 91 -25.21 76.00 -81.92
CA ALA TD 91 -25.06 76.71 -80.66
C ALA TD 91 -26.34 77.42 -80.26
N ASP TD 92 -27.14 77.83 -81.25
CA ASP TD 92 -28.47 78.38 -81.03
C ASP TD 92 -29.51 77.29 -80.75
N SER TD 93 -29.45 76.74 -79.55
CA SER TD 93 -30.38 75.69 -79.16
C SER TD 93 -30.59 75.79 -77.66
N LEU TD 94 -31.78 75.40 -77.20
CA LEU TD 94 -32.14 75.65 -75.81
C LEU TD 94 -31.50 74.67 -74.84
N VAL TD 95 -30.99 73.55 -75.32
CA VAL TD 95 -30.45 72.51 -74.46
C VAL TD 95 -29.17 72.00 -75.09
N SER TD 96 -28.28 71.44 -74.27
CA SER TD 96 -27.14 70.71 -74.84
C SER TD 96 -26.74 69.58 -73.92
N SER TD 97 -26.62 68.39 -74.49
CA SER TD 97 -25.89 67.31 -73.86
C SER TD 97 -24.39 67.57 -73.96
N PRO TD 98 -23.60 66.96 -73.09
CA PRO TD 98 -22.14 67.03 -73.28
C PRO TD 98 -21.67 66.51 -74.63
N ARG TD 99 -22.33 65.49 -75.16
CA ARG TD 99 -22.01 65.00 -76.50
C ARG TD 99 -22.04 66.10 -77.54
N ALA TD 100 -23.06 66.96 -77.49
CA ALA TD 100 -23.15 68.05 -78.46
C ALA TD 100 -21.98 69.01 -78.33
N GLU TD 101 -21.66 69.45 -77.12
CA GLU TD 101 -20.51 70.33 -76.96
C GLU TD 101 -19.23 69.70 -77.51
N LYS TD 102 -18.96 68.46 -77.13
CA LYS TD 102 -17.78 67.77 -77.61
C LYS TD 102 -17.74 67.69 -79.14
N ALA TD 103 -18.89 67.46 -79.75
CA ALA TD 103 -18.94 67.44 -81.20
C ALA TD 103 -18.59 68.78 -81.81
N ARG TD 104 -19.21 69.86 -81.34
CA ARG TD 104 -18.82 71.17 -81.85
C ARG TD 104 -17.32 71.42 -81.74
N LEU TD 105 -16.74 71.10 -80.58
CA LEU TD 105 -15.31 71.28 -80.41
C LEU TD 105 -14.49 70.62 -81.53
N TYR TD 106 -14.68 69.30 -81.70
CA TYR TD 106 -13.95 68.62 -82.77
C TYR TD 106 -14.23 69.23 -84.15
N SER TD 107 -15.49 69.52 -84.43
CA SER TD 107 -15.83 70.10 -85.72
C SER TD 107 -15.16 71.43 -85.98
N ALA TD 108 -14.76 72.15 -84.95
CA ALA TD 108 -14.02 73.39 -85.20
C ALA TD 108 -12.52 73.16 -85.33
N ILE TD 109 -11.98 72.18 -84.61
CA ILE TD 109 -10.57 71.86 -84.79
C ILE TD 109 -10.29 71.42 -86.22
N GLU TD 110 -11.14 70.57 -86.77
CA GLU TD 110 -10.97 70.16 -88.16
C GLU TD 110 -10.83 71.35 -89.11
N GLN TD 111 -11.78 72.27 -89.05
CA GLN TD 111 -11.76 73.42 -89.94
C GLN TD 111 -10.53 74.30 -89.70
N ARG TD 112 -10.04 74.38 -88.49
CA ARG TD 112 -8.85 75.21 -88.29
C ARG TD 112 -7.60 74.55 -88.87
N LEU TD 113 -7.54 73.22 -88.87
CA LEU TD 113 -6.42 72.58 -89.55
C LEU TD 113 -6.54 72.75 -91.05
N GLU TD 114 -7.73 72.59 -91.61
CA GLU TD 114 -7.87 72.77 -93.04
C GLU TD 114 -7.41 74.16 -93.45
N GLN TD 115 -7.73 75.16 -92.63
CA GLN TD 115 -7.35 76.53 -92.95
C GLN TD 115 -5.86 76.76 -92.76
N SER TD 116 -5.20 75.96 -91.93
CA SER TD 116 -3.78 76.15 -91.73
C SER TD 116 -2.97 75.55 -92.86
N LEU TD 117 -3.30 74.34 -93.30
CA LEU TD 117 -2.52 73.73 -94.38
C LEU TD 117 -2.48 74.59 -95.64
N GLN TD 118 -3.55 75.26 -95.98
CA GLN TD 118 -3.53 76.07 -97.20
C GLN TD 118 -2.50 77.17 -97.19
N THR TD 119 -1.89 77.48 -96.07
CA THR TD 119 -0.82 78.45 -96.09
C THR TD 119 0.54 77.87 -96.40
N MET TD 120 0.68 76.55 -96.44
CA MET TD 120 1.95 75.96 -96.83
C MET TD 120 2.26 76.28 -98.30
N GLU TD 121 3.55 76.20 -98.60
CA GLU TD 121 4.08 76.46 -99.94
C GLU TD 121 3.62 75.45 -100.99
N GLY TD 122 2.92 75.95 -102.00
CA GLY TD 122 2.42 75.15 -103.10
C GLY TD 122 1.03 74.55 -102.94
N VAL TD 123 0.53 74.38 -101.72
CA VAL TD 123 -0.76 73.74 -101.55
C VAL TD 123 -1.86 74.66 -102.06
N LEU TD 124 -2.70 74.14 -102.95
CA LEU TD 124 -3.85 74.87 -103.46
C LEU TD 124 -5.09 74.68 -102.58
N SER TD 125 -5.41 73.45 -102.22
CA SER TD 125 -6.49 73.22 -101.26
C SER TD 125 -6.31 71.87 -100.58
N ALA TD 126 -7.01 71.70 -99.47
CA ALA TD 126 -6.84 70.53 -98.61
C ALA TD 126 -8.13 70.23 -97.86
N ARG TD 127 -8.23 68.98 -97.39
CA ARG TD 127 -9.32 68.56 -96.52
C ARG TD 127 -8.79 67.61 -95.46
N VAL TD 128 -9.38 67.67 -94.26
CA VAL TD 128 -8.91 66.89 -93.11
C VAL TD 128 -10.07 66.19 -92.43
N HIS TD 129 -9.80 65.00 -91.90
CA HIS TD 129 -10.76 64.23 -91.11
C HIS TD 129 -10.15 63.73 -89.81
N ILE TD 130 -10.91 63.80 -88.73
CA ILE TD 130 -10.51 63.30 -87.41
C ILE TD 130 -11.41 62.15 -86.97
N SER TD 131 -10.83 61.17 -86.28
CA SER TD 131 -11.60 60.11 -85.63
C SER TD 131 -12.42 60.66 -84.47
N TYR TD 132 -13.73 60.75 -84.63
CA TYR TD 132 -14.65 61.16 -83.56
C TYR TD 132 -14.87 60.06 -82.52
N ASP TD 133 -13.94 59.91 -81.59
CA ASP TD 133 -14.08 58.84 -80.62
C ASP TD 133 -15.28 59.08 -79.72
N ILE TD 134 -15.80 60.30 -79.73
CA ILE TD 134 -16.94 60.75 -78.95
C ILE TD 134 -18.21 59.97 -79.24
N ASP TD 135 -18.22 59.19 -80.31
CA ASP TD 135 -19.35 58.32 -80.59
C ASP TD 135 -19.47 57.20 -79.58
N ALA TD 136 -18.49 57.06 -78.69
CA ALA TD 136 -18.73 56.49 -77.38
C ALA TD 136 -18.21 57.50 -76.36
N GLY TD 137 -18.73 57.41 -75.14
CA GLY TD 137 -18.34 58.35 -74.12
C GLY TD 137 -16.92 58.18 -73.64
N GLU TD 138 -16.29 57.03 -73.91
CA GLU TD 138 -15.07 56.64 -73.22
C GLU TD 138 -15.26 56.57 -71.71
N ASN TD 139 -16.51 56.36 -71.30
CA ASN TD 139 -16.83 56.08 -69.91
C ASN TD 139 -16.45 54.64 -69.56
N GLY TD 140 -15.99 54.45 -68.32
CA GLY TD 140 -15.68 53.12 -67.82
C GLY TD 140 -14.54 52.45 -68.55
N ARG TD 141 -13.90 53.13 -69.50
CA ARG TD 141 -12.90 52.51 -70.34
C ARG TD 141 -11.83 53.53 -70.65
N PRO TD 142 -10.60 53.10 -70.89
CA PRO TD 142 -9.56 54.02 -71.33
C PRO TD 142 -9.85 54.54 -72.72
N PRO TD 143 -9.51 55.79 -73.00
CA PRO TD 143 -9.78 56.36 -74.32
C PRO TD 143 -8.90 55.76 -75.40
N LYS TD 144 -9.42 55.76 -76.62
CA LYS TD 144 -8.69 55.25 -77.77
C LYS TD 144 -7.79 56.33 -78.36
N PRO TD 145 -6.75 55.94 -79.09
CA PRO TD 145 -5.91 56.93 -79.77
C PRO TD 145 -6.62 57.57 -80.96
N VAL TD 146 -6.19 58.79 -81.25
CA VAL TD 146 -6.62 59.56 -82.42
C VAL TD 146 -6.01 59.08 -83.73
N HIS TD 147 -6.83 59.14 -84.79
CA HIS TD 147 -6.47 58.89 -86.19
C HIS TD 147 -6.86 60.11 -87.03
N LEU TD 148 -6.02 60.41 -88.04
CA LEU TD 148 -6.15 61.59 -88.89
C LEU TD 148 -5.97 61.23 -90.35
N SER TD 149 -6.77 61.84 -91.23
CA SER TD 149 -6.60 61.69 -92.67
C SER TD 149 -6.62 63.03 -93.39
N ALA TD 150 -5.73 63.20 -94.39
CA ALA TD 150 -5.66 64.44 -95.13
C ALA TD 150 -5.50 64.24 -96.64
N LEU TD 151 -6.24 65.04 -97.40
CA LEU TD 151 -6.14 65.13 -98.86
C LEU TD 151 -5.64 66.51 -99.27
N ALA TD 152 -4.74 66.58 -100.26
CA ALA TD 152 -4.33 67.90 -100.72
C ALA TD 152 -3.96 67.92 -102.20
N VAL TD 153 -3.96 69.13 -102.76
CA VAL TD 153 -3.70 69.35 -104.18
C VAL TD 153 -2.55 70.33 -104.36
N TYR TD 154 -1.59 69.97 -105.20
CA TYR TD 154 -0.34 70.70 -105.43
C TYR TD 154 -0.21 71.25 -106.84
N GLU TD 155 0.60 72.29 -106.96
CA GLU TD 155 0.97 72.86 -108.24
C GLU TD 155 1.91 71.93 -109.01
N ARG TD 156 1.86 72.02 -110.33
CA ARG TD 156 2.66 71.19 -111.21
C ARG TD 156 4.16 71.35 -111.01
N GLY TD 157 4.87 70.23 -110.96
CA GLY TD 157 6.32 70.23 -110.77
C GLY TD 157 6.83 70.21 -109.35
N SER TD 158 6.05 69.71 -108.40
CA SER TD 158 6.29 69.57 -106.96
C SER TD 158 6.71 68.16 -106.58
N PRO TD 159 7.72 67.99 -105.71
CA PRO TD 159 8.10 66.63 -105.26
C PRO TD 159 7.18 66.10 -104.18
N LEU TD 160 6.12 65.43 -104.61
CA LEU TD 160 5.13 64.90 -103.69
C LEU TD 160 5.77 64.02 -102.62
N ALA TD 161 6.64 63.12 -103.05
CA ALA TD 161 7.32 62.23 -102.12
C ALA TD 161 8.03 63.01 -101.02
N HIS TD 162 8.75 64.05 -101.39
CA HIS TD 162 9.44 64.80 -100.37
C HIS TD 162 8.53 65.71 -99.58
N GLN TD 163 7.30 65.93 -100.02
CA GLN TD 163 6.39 66.78 -99.28
C GLN TD 163 5.51 66.02 -98.29
N ILE TD 164 5.40 64.70 -98.38
CA ILE TD 164 4.52 64.06 -97.42
C ILE TD 164 5.11 64.07 -96.02
N SER TD 165 6.44 64.03 -95.92
CA SER TD 165 7.10 64.09 -94.62
C SER TD 165 6.70 65.33 -93.84
N ASP TD 166 6.78 66.50 -94.46
CA ASP TD 166 6.40 67.73 -93.77
C ASP TD 166 5.00 67.68 -93.20
N ILE TD 167 4.03 67.29 -94.01
CA ILE TD 167 2.66 67.19 -93.51
C ILE TD 167 2.57 66.27 -92.31
N LYS TD 168 3.08 65.05 -92.42
CA LYS TD 168 3.04 64.16 -91.27
C LYS TD 168 3.67 64.79 -90.03
N ARG TD 169 4.85 65.36 -90.17
CA ARG TD 169 5.49 66.01 -89.03
C ARG TD 169 4.59 67.07 -88.42
N PHE TD 170 3.99 67.90 -89.25
CA PHE TD 170 3.14 68.96 -88.72
C PHE TD 170 1.93 68.40 -87.98
N LEU TD 171 1.23 67.44 -88.58
CA LEU TD 171 0.03 66.90 -87.95
C LEU TD 171 0.31 66.16 -86.65
N LYS TD 172 1.40 65.40 -86.60
CA LYS TD 172 1.69 64.60 -85.41
C LYS TD 172 1.57 65.37 -84.10
N ASN TD 173 2.12 66.57 -84.01
CA ASN TD 173 2.08 67.31 -82.76
C ASN TD 173 0.81 68.10 -82.51
N SER TD 174 -0.20 68.00 -83.35
CA SER TD 174 -1.42 68.75 -83.09
C SER TD 174 -2.33 68.05 -82.09
N PHE TD 175 -1.97 66.86 -81.62
CA PHE TD 175 -2.79 66.07 -80.71
C PHE TD 175 -1.89 65.42 -79.68
N ALA TD 176 -2.49 65.08 -78.54
CA ALA TD 176 -1.76 64.47 -77.43
C ALA TD 176 -1.10 63.15 -77.77
N ASP TD 177 -1.68 62.33 -78.63
CA ASP TD 177 -1.09 61.00 -78.88
C ASP TD 177 -1.43 60.55 -80.29
N VAL TD 178 -0.46 60.66 -81.18
CA VAL TD 178 -0.62 60.28 -82.56
C VAL TD 178 0.67 59.62 -83.02
N ASP TD 179 0.54 58.55 -83.77
CA ASP TD 179 1.65 57.82 -84.34
C ASP TD 179 1.65 58.01 -85.84
N TYR TD 180 2.85 58.12 -86.42
CA TYR TD 180 2.96 58.24 -87.85
C TYR TD 180 2.19 57.14 -88.57
N ASP TD 181 2.10 55.98 -87.96
CA ASP TD 181 1.30 54.91 -88.57
C ASP TD 181 -0.16 55.28 -88.71
N ASN TD 182 -0.69 56.10 -87.83
CA ASN TD 182 -2.11 56.44 -87.83
C ASN TD 182 -2.46 57.67 -88.66
N ILE TD 183 -1.55 58.18 -89.48
CA ILE TD 183 -1.80 59.37 -90.30
C ILE TD 183 -1.74 58.97 -91.77
N SER TD 184 -2.85 59.17 -92.47
CA SER TD 184 -2.96 58.94 -93.91
C SER TD 184 -2.92 60.24 -94.68
N VAL TD 185 -2.12 60.29 -95.74
CA VAL TD 185 -1.96 61.50 -96.55
C VAL TD 185 -2.02 61.11 -98.00
N VAL TD 186 -2.89 61.78 -98.76
CA VAL TD 186 -3.03 61.58 -100.20
C VAL TD 186 -2.88 62.90 -100.92
N LEU TD 187 -1.98 62.94 -101.91
CA LEU TD 187 -1.66 64.15 -102.65
C LEU TD 187 -1.94 63.94 -104.13
N SER TD 188 -2.29 65.04 -104.81
CA SER TD 188 -2.53 64.98 -106.25
C SER TD 188 -2.16 66.31 -106.87
N GLU TD 189 -1.85 66.28 -108.17
CA GLU TD 189 -1.55 67.48 -108.94
C GLU TD 189 -2.75 68.10 -109.64
N ARG TD 190 -2.67 69.42 -109.83
CA ARG TD 190 -3.61 70.16 -110.66
C ARG TD 190 -3.64 69.67 -112.09
N SER TD 191 -4.84 69.59 -112.66
CA SER TD 191 -5.04 69.29 -114.07
C SER TD 191 -4.58 70.45 -114.96
N ASP TD 192 -4.50 70.16 -116.26
CA ASP TD 192 -4.19 71.19 -117.26
C ASP TD 192 -5.15 72.37 -117.22
N ALA TD 193 -4.58 73.56 -117.41
CA ALA TD 193 -5.33 74.81 -117.43
C ALA TD 193 -6.19 74.99 -118.68
N GLN TD 194 -7.44 75.40 -118.45
CA GLN TD 194 -8.40 75.77 -119.51
C GLN TD 194 -8.35 77.26 -119.80
N LEU TD 195 -7.49 77.65 -120.72
CA LEU TD 195 -7.25 79.06 -121.05
C LEU TD 195 -7.95 79.53 -122.31
N GLN TD 196 -7.97 78.74 -123.38
CA GLN TD 196 -8.64 79.16 -124.60
C GLN TD 196 -10.15 78.98 -124.50
N ALA TD 197 -10.87 79.92 -125.11
CA ALA TD 197 -12.32 79.93 -125.15
C ALA TD 197 -12.91 78.86 -126.06
N PRO TD 198 -14.08 78.34 -125.72
CA PRO TD 198 -14.77 77.39 -126.59
C PRO TD 198 -15.24 78.04 -127.87
N GLY TD 199 -15.38 77.21 -128.90
CA GLY TD 199 -15.88 77.67 -130.19
C GLY TD 199 -17.40 77.81 -130.21
N THR TD 200 -17.86 78.86 -130.88
CA THR TD 200 -19.28 79.13 -131.01
C THR TD 200 -19.92 78.26 -132.10
N PRO TD 201 -21.08 77.67 -131.84
CA PRO TD 201 -21.78 76.91 -132.88
C PRO TD 201 -21.94 77.70 -134.17
N VAL TD 202 -21.76 77.01 -135.29
CA VAL TD 202 -21.98 77.62 -136.60
C VAL TD 202 -23.47 77.78 -136.84
N ASP UD 20 -18.40 94.04 -120.28
CA ASP UD 20 -17.81 93.36 -119.13
C ASP UD 20 -18.76 92.33 -118.57
N LYS UD 21 -18.21 91.22 -118.09
CA LYS UD 21 -19.01 90.14 -117.53
C LYS UD 21 -18.84 90.12 -116.02
N ASP UD 22 -19.94 89.94 -115.30
CA ASP UD 22 -19.92 89.85 -113.85
C ASP UD 22 -19.47 88.48 -113.36
N LEU UD 23 -18.39 88.47 -112.58
CA LEU UD 23 -17.92 87.28 -111.88
C LEU UD 23 -18.58 87.14 -110.52
N LEU UD 24 -18.47 88.17 -109.68
CA LEU UD 24 -18.91 88.04 -108.30
C LEU UD 24 -19.50 89.37 -107.82
N LYS UD 25 -20.46 89.26 -106.93
CA LYS UD 25 -21.11 90.41 -106.31
C LYS UD 25 -21.21 90.25 -104.80
N GLY UD 26 -21.46 91.37 -104.13
CA GLY UD 26 -21.65 91.39 -102.69
C GLY UD 26 -20.50 90.93 -101.85
N LEU UD 27 -19.27 91.15 -102.29
CA LEU UD 27 -18.12 90.73 -101.51
C LEU UD 27 -17.86 91.69 -100.37
N ASP UD 28 -17.08 91.23 -99.40
CA ASP UD 28 -16.39 92.11 -98.46
C ASP UD 28 -15.13 92.69 -99.05
N GLN UD 29 -14.71 93.80 -98.46
CA GLN UD 29 -13.40 94.40 -98.72
C GLN UD 29 -12.26 93.38 -98.81
N GLU UD 30 -12.11 92.58 -97.77
CA GLU UD 30 -10.99 91.67 -97.68
C GLU UD 30 -11.17 90.41 -98.52
N GLN UD 31 -12.35 90.20 -99.06
CA GLN UD 31 -12.53 89.15 -100.05
C GLN UD 31 -12.13 89.68 -101.43
N ALA UD 32 -12.63 90.87 -101.75
CA ALA UD 32 -12.36 91.45 -103.04
C ALA UD 32 -10.86 91.63 -103.26
N ASN UD 33 -10.16 92.17 -102.27
CA ASN UD 33 -8.72 92.37 -102.45
C ASN UD 33 -7.97 91.06 -102.67
N GLU UD 34 -8.41 89.99 -102.05
CA GLU UD 34 -7.79 88.70 -102.29
C GLU UD 34 -8.04 88.19 -103.69
N VAL UD 35 -9.27 88.35 -104.17
CA VAL UD 35 -9.57 87.91 -105.53
C VAL UD 35 -8.76 88.70 -106.54
N ILE UD 36 -8.70 90.01 -106.38
CA ILE UD 36 -7.92 90.84 -107.28
C ILE UD 36 -6.46 90.40 -107.30
N ALA UD 37 -5.88 90.19 -106.12
CA ALA UD 37 -4.50 89.72 -106.04
C ALA UD 37 -4.27 88.44 -106.83
N VAL UD 38 -5.16 87.47 -106.65
CA VAL UD 38 -4.98 86.19 -107.34
C VAL UD 38 -5.16 86.33 -108.83
N LEU UD 39 -6.06 87.20 -109.29
CA LEU UD 39 -6.20 87.32 -110.72
C LEU UD 39 -5.02 88.04 -111.35
N GLN UD 40 -4.57 89.14 -110.75
CA GLN UD 40 -3.35 89.79 -111.25
C GLN UD 40 -2.18 88.84 -111.35
N MET UD 41 -2.01 87.94 -110.38
CA MET UD 41 -0.89 87.02 -110.49
C MET UD 41 -0.89 86.22 -111.79
N HIS UD 42 -2.06 85.88 -112.33
CA HIS UD 42 -2.13 85.12 -113.56
C HIS UD 42 -2.27 85.98 -114.81
N ASN UD 43 -1.93 87.26 -114.71
CA ASN UD 43 -2.03 88.19 -115.83
C ASN UD 43 -3.45 88.47 -116.32
N ILE UD 44 -4.40 88.55 -115.40
CA ILE UD 44 -5.79 88.86 -115.72
C ILE UD 44 -6.10 90.22 -115.11
N GLU UD 45 -6.38 91.20 -115.95
CA GLU UD 45 -6.81 92.52 -115.51
C GLU UD 45 -8.25 92.55 -115.05
N ALA UD 46 -8.49 92.92 -113.79
CA ALA UD 46 -9.81 92.91 -113.21
C ALA UD 46 -10.14 94.31 -112.68
N ASN UD 47 -11.44 94.56 -112.47
CA ASN UD 47 -11.93 95.84 -111.98
C ASN UD 47 -12.84 95.62 -110.79
N LYS UD 48 -12.63 96.45 -109.76
CA LYS UD 48 -13.40 96.43 -108.52
C LYS UD 48 -14.33 97.63 -108.48
N ILE UD 49 -15.61 97.37 -108.24
CA ILE UD 49 -16.65 98.38 -108.20
C ILE UD 49 -17.34 98.31 -106.84
N ASP UD 50 -17.66 99.48 -106.28
CA ASP UD 50 -18.29 99.59 -104.98
C ASP UD 50 -19.74 100.07 -105.09
N SER UD 51 -20.66 99.28 -104.51
CA SER UD 51 -22.08 99.60 -104.50
C SER UD 51 -22.57 99.91 -103.08
N GLY UD 52 -21.66 100.13 -102.15
CA GLY UD 52 -21.97 100.35 -100.75
C GLY UD 52 -22.63 99.25 -99.94
N LYS UD 53 -23.88 99.47 -99.52
CA LYS UD 53 -24.63 98.43 -98.83
C LYS UD 53 -24.74 97.14 -99.62
N LEU UD 54 -24.52 97.19 -100.92
CA LEU UD 54 -24.58 96.00 -101.76
C LEU UD 54 -23.22 95.32 -101.92
N GLY UD 55 -22.18 95.89 -101.33
CA GLY UD 55 -20.80 95.42 -101.45
C GLY UD 55 -20.07 95.70 -102.75
N TYR UD 56 -18.97 94.97 -102.91
CA TYR UD 56 -18.10 95.06 -104.07
C TYR UD 56 -18.43 94.04 -105.15
N SER UD 57 -18.16 94.44 -106.39
CA SER UD 57 -18.35 93.64 -107.58
C SER UD 57 -17.03 93.58 -108.33
N ILE UD 58 -16.79 92.45 -108.99
CA ILE UD 58 -15.57 92.19 -109.75
C ILE UD 58 -15.94 91.91 -111.19
N THR UD 59 -15.26 92.58 -112.12
CA THR UD 59 -15.54 92.39 -113.54
C THR UD 59 -14.27 92.27 -114.35
N VAL UD 60 -14.37 91.56 -115.48
CA VAL UD 60 -13.26 91.34 -116.40
C VAL UD 60 -13.78 91.40 -117.83
N ALA UD 61 -12.86 91.57 -118.76
CA ALA UD 61 -13.15 91.48 -120.18
C ALA UD 61 -13.43 90.04 -120.64
N GLU UD 62 -14.16 89.96 -121.75
CA GLU UD 62 -14.53 88.68 -122.34
C GLU UD 62 -13.35 87.79 -122.69
N PRO UD 63 -12.33 88.27 -123.40
CA PRO UD 63 -11.17 87.40 -123.66
C PRO UD 63 -10.59 86.77 -122.42
N ASP UD 64 -10.78 87.36 -121.25
CA ASP UD 64 -10.23 86.83 -120.01
C ASP UD 64 -11.27 86.11 -119.17
N PHE UD 65 -12.52 86.12 -119.58
CA PHE UD 65 -13.58 85.50 -118.80
C PHE UD 65 -13.32 84.03 -118.52
N THR UD 66 -13.04 83.25 -119.56
CA THR UD 66 -12.78 81.84 -119.39
C THR UD 66 -11.69 81.54 -118.35
N ALA UD 67 -10.53 82.16 -118.51
CA ALA UD 67 -9.46 81.97 -117.54
C ALA UD 67 -9.89 82.37 -116.14
N ALA UD 68 -10.52 83.52 -116.00
CA ALA UD 68 -10.92 83.94 -114.66
C ALA UD 68 -11.82 82.91 -114.00
N VAL UD 69 -12.80 82.40 -114.74
CA VAL UD 69 -13.67 81.36 -114.19
C VAL UD 69 -12.89 80.15 -113.74
N TYR UD 70 -11.98 79.67 -114.59
CA TYR UD 70 -11.22 78.48 -114.22
C TYR UD 70 -10.36 78.70 -112.99
N TRP UD 71 -9.77 79.87 -112.83
CA TRP UD 71 -8.99 80.10 -111.62
C TRP UD 71 -9.86 80.24 -110.39
N ILE UD 72 -11.01 80.88 -110.52
CA ILE UD 72 -11.93 80.94 -109.37
C ILE UD 72 -12.30 79.56 -108.91
N LYS UD 73 -12.57 78.65 -109.84
CA LYS UD 73 -12.83 77.27 -109.44
C LYS UD 73 -11.61 76.64 -108.79
N THR UD 74 -10.42 76.86 -109.31
CA THR UD 74 -9.27 76.12 -108.80
C THR UD 74 -8.88 76.59 -107.41
N TYR UD 75 -8.95 77.88 -107.13
CA TYR UD 75 -8.64 78.38 -105.80
C TYR UD 75 -9.81 78.39 -104.84
N GLN UD 76 -11.03 78.09 -105.30
CA GLN UD 76 -12.21 78.14 -104.44
C GLN UD 76 -12.37 79.50 -103.78
N LEU UD 77 -12.55 80.49 -104.59
CA LEU UD 77 -12.78 81.84 -104.15
C LEU UD 77 -14.28 82.11 -104.09
N PRO UD 78 -14.72 83.13 -103.35
CA PRO UD 78 -14.03 83.97 -102.39
C PRO UD 78 -13.69 83.21 -101.12
N PRO UD 79 -12.71 83.68 -100.37
CA PRO UD 79 -12.23 82.90 -99.23
C PRO UD 79 -13.26 82.82 -98.13
N ARG UD 80 -13.27 81.68 -97.44
CA ARG UD 80 -14.12 81.49 -96.30
C ARG UD 80 -13.68 82.41 -95.17
N PRO UD 81 -14.58 82.76 -94.25
CA PRO UD 81 -14.16 83.50 -93.07
C PRO UD 81 -13.24 82.67 -92.19
N ARG UD 82 -12.40 83.35 -91.42
CA ARG UD 82 -11.42 82.68 -90.58
C ARG UD 82 -12.08 82.14 -89.32
N VAL UD 83 -11.70 80.93 -88.92
CA VAL UD 83 -12.32 80.20 -87.82
C VAL UD 83 -11.47 80.27 -86.56
N GLU UD 84 -12.10 80.59 -85.44
CA GLU UD 84 -11.48 80.51 -84.12
C GLU UD 84 -12.39 79.77 -83.16
N ILE UD 85 -11.80 78.91 -82.32
CA ILE UD 85 -12.61 77.98 -81.55
C ILE UD 85 -13.55 78.71 -80.61
N ALA UD 86 -13.14 79.87 -80.11
CA ALA UD 86 -14.01 80.67 -79.25
C ALA UD 86 -15.38 80.95 -79.85
N GLN UD 87 -15.48 81.00 -81.19
CA GLN UD 87 -16.78 81.25 -81.81
C GLN UD 87 -17.79 80.13 -81.57
N MET UD 88 -17.34 78.95 -81.20
CA MET UD 88 -18.28 77.89 -80.87
C MET UD 88 -18.82 78.00 -79.46
N PHE UD 89 -18.20 78.81 -78.60
CA PHE UD 89 -18.59 78.90 -77.19
C PHE UD 89 -18.67 80.35 -76.77
N PRO UD 90 -19.56 81.11 -77.38
CA PRO UD 90 -19.53 82.57 -77.17
C PRO UD 90 -19.86 82.91 -75.74
N ALA UD 91 -19.09 83.85 -75.18
CA ALA UD 91 -19.25 84.21 -73.78
C ALA UD 91 -20.60 84.82 -73.47
N ASP UD 92 -21.32 85.30 -74.49
CA ASP UD 92 -22.69 85.76 -74.31
C ASP UD 92 -23.65 84.64 -73.96
N SER UD 93 -23.30 83.39 -74.25
CA SER UD 93 -24.27 82.32 -74.11
C SER UD 93 -24.80 82.25 -72.68
N LEU UD 94 -26.07 81.86 -72.59
CA LEU UD 94 -26.79 81.95 -71.32
C LEU UD 94 -26.33 80.93 -70.30
N VAL UD 95 -25.59 79.90 -70.70
CA VAL UD 95 -24.89 79.06 -69.75
C VAL UD 95 -23.48 78.77 -70.26
N SER UD 96 -22.50 78.86 -69.36
CA SER UD 96 -21.18 78.34 -69.61
C SER UD 96 -21.11 76.86 -69.23
N SER UD 97 -19.90 76.33 -69.15
CA SER UD 97 -19.64 75.06 -68.51
C SER UD 97 -18.14 74.95 -68.25
N PRO UD 98 -17.72 74.02 -67.40
CA PRO UD 98 -16.29 73.78 -67.24
C PRO UD 98 -15.56 73.48 -68.53
N ARG UD 99 -16.22 72.85 -69.49
CA ARG UD 99 -15.62 72.64 -70.80
C ARG UD 99 -15.53 73.92 -71.60
N ALA UD 100 -16.60 74.71 -71.63
CA ALA UD 100 -16.61 75.91 -72.45
C ALA UD 100 -15.59 76.92 -71.98
N GLU UD 101 -15.48 77.13 -70.66
CA GLU UD 101 -14.52 78.12 -70.19
C GLU UD 101 -13.10 77.73 -70.57
N LYS UD 102 -12.76 76.47 -70.37
CA LYS UD 102 -11.42 75.99 -70.69
C LYS UD 102 -11.12 76.12 -72.18
N ALA UD 103 -12.13 75.86 -73.01
CA ALA UD 103 -11.93 76.04 -74.45
C ALA UD 103 -11.65 77.49 -74.80
N ARG UD 104 -12.49 78.41 -74.34
CA ARG UD 104 -12.20 79.82 -74.60
C ARG UD 104 -10.79 80.22 -74.16
N LEU UD 105 -10.38 79.81 -72.96
CA LEU UD 105 -9.04 80.12 -72.50
C LEU UD 105 -7.96 79.71 -73.51
N TYR UD 106 -7.93 78.43 -73.88
CA TYR UD 106 -6.95 77.99 -74.88
C TYR UD 106 -7.07 78.77 -76.18
N SER UD 107 -8.29 78.99 -76.65
CA SER UD 107 -8.47 79.68 -77.91
C SER UD 107 -8.03 81.12 -77.86
N ALA UD 108 -7.84 81.69 -76.68
CA ALA UD 108 -7.26 83.03 -76.63
C ALA UD 108 -5.75 83.02 -76.46
N ILE UD 109 -5.22 81.98 -75.81
CA ILE UD 109 -3.75 81.86 -75.75
C ILE UD 109 -3.17 81.67 -77.14
N GLU UD 110 -3.78 80.82 -77.95
CA GLU UD 110 -3.33 80.64 -79.33
C GLU UD 110 -3.18 81.97 -80.06
N GLN UD 111 -4.20 82.80 -80.03
CA GLN UD 111 -4.17 84.07 -80.73
C GLN UD 111 -3.13 85.02 -80.16
N ARG UD 112 -2.88 84.99 -78.86
CA ARG UD 112 -1.86 85.89 -78.33
C ARG UD 112 -0.47 85.44 -78.74
N LEU UD 113 -0.25 84.14 -78.88
CA LEU UD 113 1.06 83.70 -79.35
C LEU UD 113 1.26 84.07 -80.82
N GLU UD 114 0.24 83.84 -81.66
CA GLU UD 114 0.40 84.22 -83.05
C GLU UD 114 0.79 85.69 -83.19
N GLN UD 115 0.10 86.55 -82.43
CA GLN UD 115 0.41 87.97 -82.53
C GLN UD 115 1.76 88.30 -81.94
N SER UD 116 2.30 87.47 -81.05
CA SER UD 116 3.63 87.77 -80.55
C SER UD 116 4.69 87.36 -81.57
N LEU UD 117 4.55 86.17 -82.16
CA LEU UD 117 5.53 85.74 -83.15
C LEU UD 117 5.61 86.70 -84.31
N GLN UD 118 4.48 87.30 -84.69
CA GLN UD 118 4.57 88.26 -85.80
C GLN UD 118 5.50 89.44 -85.54
N THR UD 119 5.94 89.68 -84.32
CA THR UD 119 6.91 90.74 -84.08
C THR UD 119 8.36 90.29 -84.10
N MET UD 120 8.65 89.00 -84.20
CA MET UD 120 10.04 88.60 -84.31
C MET UD 120 10.62 89.05 -85.64
N GLU UD 121 11.94 89.27 -85.63
CA GLU UD 121 12.65 89.81 -86.77
C GLU UD 121 12.52 88.94 -88.01
N GLY UD 122 11.99 89.52 -89.08
CA GLY UD 122 11.85 88.84 -90.36
C GLY UD 122 10.56 88.10 -90.58
N VAL UD 123 9.81 87.76 -89.54
CA VAL UD 123 8.58 87.02 -89.72
C VAL UD 123 7.54 87.89 -90.41
N LEU UD 124 6.82 87.30 -91.37
CA LEU UD 124 5.71 87.96 -92.04
C LEU UD 124 4.36 87.46 -91.57
N SER UD 125 4.25 86.18 -91.25
CA SER UD 125 3.04 85.69 -90.62
C SER UD 125 3.33 84.33 -90.01
N ALA UD 126 2.43 83.91 -89.12
CA ALA UD 126 2.56 82.63 -88.45
C ALA UD 126 1.19 82.12 -88.03
N ARG UD 127 1.12 80.82 -87.76
CA ARG UD 127 -0.05 80.22 -87.13
C ARG UD 127 0.37 79.16 -86.14
N VAL UD 128 -0.35 79.05 -85.03
CA VAL UD 128 0.00 78.17 -83.93
C VAL UD 128 -1.17 77.27 -83.57
N HIS UD 129 -0.88 76.02 -83.23
CA HIS UD 129 -1.87 75.04 -82.79
C HIS UD 129 -1.45 74.41 -81.48
N ILE UD 130 -2.39 74.29 -80.54
CA ILE UD 130 -2.16 73.66 -79.24
C ILE UD 130 -3.02 72.42 -79.11
N SER UD 131 -2.50 71.38 -78.46
CA SER UD 131 -3.31 70.20 -78.13
C SER UD 131 -4.44 70.47 -77.14
N TYR UD 132 -5.68 70.47 -77.59
CA TYR UD 132 -6.85 70.61 -76.71
C TYR UD 132 -7.16 69.34 -75.92
N ASP UD 133 -6.46 69.14 -74.82
CA ASP UD 133 -6.72 67.94 -74.02
C ASP UD 133 -8.09 68.01 -73.35
N ILE UD 134 -8.68 69.20 -73.33
CA ILE UD 134 -9.97 69.47 -72.73
C ILE UD 134 -11.10 68.65 -73.32
N ASP UD 135 -10.88 67.98 -74.43
CA ASP UD 135 -11.93 67.13 -74.98
C ASP UD 135 -12.30 66.01 -74.04
N ALA UD 136 -11.48 65.73 -73.04
CA ALA UD 136 -11.95 65.15 -71.80
C ALA UD 136 -11.60 66.12 -70.68
N GLY UD 137 -12.45 66.15 -69.65
CA GLY UD 137 -12.28 67.14 -68.62
C GLY UD 137 -10.99 67.01 -67.85
N GLU UD 138 -10.30 65.88 -67.96
CA GLU UD 138 -9.21 65.53 -67.06
C GLU UD 138 -9.71 65.40 -65.63
N ASN UD 139 -11.03 65.29 -65.47
CA ASN UD 139 -11.62 64.85 -64.21
C ASN UD 139 -11.39 63.35 -64.06
N GLY UD 140 -10.98 62.93 -62.87
CA GLY UD 140 -10.79 61.51 -62.60
C GLY UD 140 -9.61 60.89 -63.31
N ARG UD 141 -8.96 61.59 -64.23
CA ARG UD 141 -7.82 61.05 -64.95
C ARG UD 141 -6.69 62.07 -64.89
N PRO UD 142 -5.45 61.62 -64.73
CA PRO UD 142 -4.33 62.56 -64.62
C PRO UD 142 -4.10 63.30 -65.93
N PRO UD 143 -3.76 64.59 -65.88
CA PRO UD 143 -3.71 65.39 -67.12
C PRO UD 143 -2.52 65.01 -67.98
N LYS UD 144 -2.71 65.15 -69.29
CA LYS UD 144 -1.72 64.82 -70.30
C LYS UD 144 -0.78 65.99 -70.58
N PRO UD 145 0.41 65.72 -71.09
CA PRO UD 145 1.31 66.79 -71.49
C PRO UD 145 0.83 67.50 -72.75
N VAL UD 146 1.28 68.75 -72.90
CA VAL UD 146 0.92 69.60 -74.02
C VAL UD 146 1.80 69.36 -75.23
N HIS UD 147 1.22 69.54 -76.42
CA HIS UD 147 1.94 69.56 -77.69
C HIS UD 147 1.63 70.85 -78.45
N LEU UD 148 2.59 71.31 -79.27
CA LEU UD 148 2.50 72.56 -80.02
C LEU UD 148 2.96 72.37 -81.46
N SER UD 149 2.31 73.06 -82.41
CA SER UD 149 2.80 73.14 -83.79
C SER UD 149 2.74 74.57 -84.34
N ALA UD 150 3.75 74.97 -85.11
CA ALA UD 150 3.77 76.31 -85.70
C ALA UD 150 4.19 76.31 -87.16
N LEU UD 151 3.55 77.18 -87.95
CA LEU UD 151 3.93 77.49 -89.32
C LEU UD 151 4.34 78.95 -89.42
N ALA UD 152 5.37 79.25 -90.21
CA ALA UD 152 5.74 80.66 -90.39
C ALA UD 152 6.38 80.94 -91.76
N VAL UD 153 6.31 82.21 -92.16
CA VAL UD 153 6.81 82.67 -93.45
C VAL UD 153 7.85 83.75 -93.26
N TYR UD 154 8.97 83.66 -93.97
CA TYR UD 154 10.12 84.55 -93.80
C TYR UD 154 10.45 85.35 -95.06
N GLU UD 155 11.09 86.50 -94.83
CA GLU UD 155 11.64 87.31 -95.90
C GLU UD 155 12.84 86.61 -96.53
N ARG UD 156 13.10 86.94 -97.79
CA ARG UD 156 14.05 86.20 -98.59
C ARG UD 156 15.47 86.35 -98.07
N GLY UD 157 16.18 85.23 -98.01
CA GLY UD 157 17.56 85.19 -97.56
C GLY UD 157 17.74 85.02 -96.07
N SER UD 158 16.73 84.51 -95.38
CA SER UD 158 16.77 84.17 -93.96
C SER UD 158 17.33 82.77 -93.75
N PRO UD 159 18.30 82.58 -92.85
CA PRO UD 159 18.82 81.23 -92.63
C PRO UD 159 17.89 80.44 -91.72
N LEU UD 160 16.91 79.85 -92.40
CA LEU UD 160 15.85 79.09 -91.75
C LEU UD 160 16.39 78.06 -90.77
N ALA UD 161 17.39 77.29 -91.20
CA ALA UD 161 17.86 76.22 -90.36
C ALA UD 161 18.31 76.75 -89.01
N HIS UD 162 18.90 77.94 -89.00
CA HIS UD 162 19.31 78.51 -87.73
C HIS UD 162 18.14 79.11 -86.98
N GLN UD 163 17.16 79.66 -87.69
CA GLN UD 163 16.10 80.38 -86.99
C GLN UD 163 15.06 79.51 -86.33
N ILE UD 164 14.91 78.25 -86.73
CA ILE UD 164 14.10 77.31 -85.92
C ILE UD 164 14.47 77.26 -84.44
N SER UD 165 15.75 77.42 -84.11
CA SER UD 165 16.18 77.41 -82.70
C SER UD 165 15.54 78.49 -81.85
N ASP UD 166 15.33 79.68 -82.40
CA ASP UD 166 14.72 80.73 -81.58
C ASP UD 166 13.25 80.49 -81.34
N ILE UD 167 12.53 80.00 -82.33
CA ILE UD 167 11.12 79.74 -82.13
C ILE UD 167 10.91 78.60 -81.14
N LYS UD 168 11.74 77.57 -81.19
CA LYS UD 168 11.63 76.53 -80.16
C LYS UD 168 11.97 77.03 -78.76
N ARG UD 169 13.09 77.73 -78.59
CA ARG UD 169 13.34 78.39 -77.30
C ARG UD 169 12.25 79.32 -76.83
N PHE UD 170 11.57 80.01 -77.73
CA PHE UD 170 10.48 80.87 -77.27
C PHE UD 170 9.26 80.07 -76.84
N LEU UD 171 8.81 79.13 -77.66
CA LEU UD 171 7.58 78.42 -77.32
C LEU UD 171 7.72 77.52 -76.11
N LYS UD 172 8.89 76.91 -75.89
CA LYS UD 172 9.01 75.95 -74.80
C LYS UD 172 8.56 76.47 -73.45
N ASN UD 173 8.89 77.71 -73.11
CA ASN UD 173 8.53 78.25 -71.81
C ASN UD 173 7.15 78.89 -71.70
N SER UD 174 6.34 78.87 -72.74
CA SER UD 174 5.00 79.41 -72.59
C SER UD 174 4.05 78.49 -71.84
N PHE UD 175 4.41 77.23 -71.61
CA PHE UD 175 3.55 76.32 -70.88
C PHE UD 175 4.33 75.52 -69.86
N ALA UD 176 3.59 74.97 -68.91
CA ALA UD 176 4.18 74.44 -67.68
C ALA UD 176 5.08 73.24 -67.94
N ASP UD 177 4.81 72.45 -68.97
CA ASP UD 177 5.65 71.28 -69.24
C ASP UD 177 5.55 70.95 -70.72
N VAL UD 178 6.58 71.33 -71.47
CA VAL UD 178 6.72 70.99 -72.87
C VAL UD 178 8.14 70.53 -73.11
N ASP UD 179 8.30 69.49 -73.91
CA ASP UD 179 9.62 69.01 -74.30
C ASP UD 179 9.95 69.46 -75.71
N TYR UD 180 11.23 69.72 -75.95
CA TYR UD 180 11.65 70.08 -77.29
C TYR UD 180 11.30 69.01 -78.30
N ASP UD 181 11.07 67.79 -77.86
CA ASP UD 181 10.62 66.73 -78.75
C ASP UD 181 9.20 66.95 -79.24
N ASN UD 182 8.39 67.70 -78.52
CA ASN UD 182 6.97 67.85 -78.80
C ASN UD 182 6.61 69.15 -79.48
N ILE UD 183 7.57 69.84 -80.10
CA ILE UD 183 7.30 71.06 -80.84
C ILE UD 183 7.65 70.82 -82.30
N SER UD 184 6.66 70.95 -83.17
CA SER UD 184 6.82 70.95 -84.62
C SER UD 184 6.88 72.36 -85.18
N VAL UD 185 7.85 72.62 -86.05
CA VAL UD 185 8.04 73.93 -86.64
C VAL UD 185 8.28 73.76 -88.14
N VAL UD 186 7.49 74.46 -88.95
CA VAL UD 186 7.63 74.45 -90.40
C VAL UD 186 7.76 75.88 -90.92
N LEU UD 187 8.82 76.12 -91.69
CA LEU UD 187 9.13 77.44 -92.22
C LEU UD 187 9.19 77.46 -93.74
N SER UD 188 8.85 78.61 -94.31
CA SER UD 188 8.94 78.75 -95.76
C SER UD 188 9.28 80.21 -96.10
N GLU UD 189 9.85 80.39 -97.29
CA GLU UD 189 10.16 81.71 -97.82
C GLU UD 189 9.06 82.31 -98.68
N ARG UD 190 9.00 83.63 -98.68
CA ARG UD 190 8.11 84.37 -99.56
C ARG UD 190 8.45 84.18 -101.04
N SER UD 191 7.41 84.05 -101.85
CA SER UD 191 7.50 83.98 -103.30
C SER UD 191 8.00 85.29 -103.90
N ASP UD 192 8.35 85.21 -105.19
CA ASP UD 192 8.73 86.37 -106.00
C ASP UD 192 7.64 87.44 -106.01
N ALA UD 193 8.08 88.70 -105.94
CA ALA UD 193 7.18 89.85 -105.93
C ALA UD 193 6.56 90.17 -107.29
N GLN UD 194 5.24 90.29 -107.30
CA GLN UD 194 4.40 90.71 -108.44
C GLN UD 194 4.30 92.23 -108.53
N LEU UD 195 5.24 92.88 -109.19
CA LEU UD 195 5.29 94.33 -109.24
C LEU UD 195 4.81 94.93 -110.55
N GLN UD 196 5.00 94.28 -111.68
CA GLN UD 196 4.53 94.82 -112.95
C GLN UD 196 3.05 94.53 -113.16
N ALA UD 197 2.34 95.50 -113.75
CA ALA UD 197 0.93 95.37 -114.04
C ALA UD 197 0.65 94.43 -115.21
N PRO UD 198 -0.49 93.73 -115.18
CA PRO UD 198 -0.87 92.90 -116.31
C PRO UD 198 -1.21 93.71 -117.55
N GLY UD 199 -1.04 93.08 -118.71
CA GLY UD 199 -1.37 93.69 -119.99
C GLY UD 199 -2.86 93.65 -120.33
N THR UD 200 -3.33 94.75 -120.93
CA THR UD 200 -4.73 94.84 -121.35
C THR UD 200 -4.93 94.10 -122.66
N PRO UD 201 -6.00 93.31 -122.80
CA PRO UD 201 -6.27 92.65 -124.08
C PRO UD 201 -6.28 93.61 -125.25
N VAL UD 202 -5.73 93.16 -126.36
CA VAL UD 202 -5.73 93.93 -127.61
C VAL UD 202 -7.11 93.89 -128.25
N ASP VD 20 -7.22 108.17 -108.74
CA ASP VD 20 -6.83 107.34 -107.61
C ASP VD 20 -7.80 106.19 -107.40
N LYS VD 21 -7.26 105.06 -106.98
CA LYS VD 21 -8.05 103.87 -106.72
C LYS VD 21 -8.15 103.63 -105.22
N ASP VD 22 -9.34 103.27 -104.78
CA ASP VD 22 -9.59 102.94 -103.37
C ASP VD 22 -9.09 101.55 -103.02
N LEU VD 23 -8.19 101.48 -102.05
CA LEU VD 23 -7.73 100.22 -101.48
C LEU VD 23 -8.61 99.77 -100.32
N LEU VD 24 -8.82 100.64 -99.33
CA LEU VD 24 -9.50 100.24 -98.11
C LEU VD 24 -10.36 101.39 -97.62
N LYS VD 25 -11.47 101.05 -96.96
CA LYS VD 25 -12.36 102.02 -96.36
C LYS VD 25 -12.70 101.66 -94.93
N GLY VD 26 -13.14 102.67 -94.19
CA GLY VD 26 -13.58 102.48 -92.82
C GLY VD 26 -12.53 102.04 -91.84
N LEU VD 27 -11.28 102.43 -92.03
CA LEU VD 27 -10.23 102.04 -91.11
C LEU VD 27 -10.28 102.91 -89.86
N ASP VD 28 -9.71 102.38 -88.78
CA ASP VD 28 -9.33 103.17 -87.62
C ASP VD 28 -8.03 103.93 -87.84
N GLN VD 29 -7.84 104.95 -87.02
CA GLN VD 29 -6.59 105.69 -86.96
C GLN VD 29 -5.35 104.79 -86.84
N GLU VD 30 -5.37 103.88 -85.88
CA GLU VD 30 -4.23 103.01 -85.64
C GLU VD 30 -4.12 101.87 -86.62
N GLN VD 31 -5.07 101.72 -87.52
CA GLN VD 31 -4.91 100.82 -88.65
C GLN VD 31 -4.30 101.60 -89.81
N ALA VD 32 -4.85 102.77 -90.07
CA ALA VD 32 -4.40 103.57 -91.20
C ALA VD 32 -2.93 103.90 -91.08
N ASN VD 33 -2.45 104.30 -89.90
CA ASN VD 33 -1.04 104.64 -89.79
C ASN VD 33 -0.13 103.45 -89.99
N GLU VD 34 -0.59 102.24 -89.68
CA GLU VD 34 0.19 101.06 -90.00
C GLU VD 34 0.24 100.79 -91.49
N VAL VD 35 -0.90 100.91 -92.15
CA VAL VD 35 -0.91 100.67 -93.59
C VAL VD 35 0.00 101.67 -94.29
N ILE VD 36 -0.12 102.94 -93.92
CA ILE VD 36 0.73 103.96 -94.52
C ILE VD 36 2.20 103.64 -94.32
N ALA VD 37 2.59 103.27 -93.10
CA ALA VD 37 3.98 102.93 -92.83
C ALA VD 37 4.50 101.81 -93.71
N VAL VD 38 3.74 100.72 -93.83
CA VAL VD 38 4.21 99.60 -94.63
C VAL VD 38 4.26 99.93 -96.11
N LEU VD 39 3.32 100.74 -96.61
CA LEU VD 39 3.46 101.10 -98.02
C LEU VD 39 4.66 101.99 -98.24
N GLN VD 40 4.82 103.04 -97.42
CA GLN VD 40 5.92 103.97 -97.64
C GLN VD 40 7.26 103.27 -97.56
N MET VD 41 7.36 102.19 -96.81
CA MET VD 41 8.63 101.47 -96.78
C MET VD 41 8.99 100.91 -98.16
N HIS VD 42 8.01 100.50 -98.95
CA HIS VD 42 8.29 99.88 -100.25
C HIS VD 42 8.24 100.87 -101.40
N ASN VD 43 8.36 102.16 -101.13
CA ASN VD 43 8.31 103.17 -102.18
C ASN VD 43 6.95 103.34 -102.85
N ILE VD 44 5.86 103.25 -102.10
CA ILE VD 44 4.55 103.55 -102.64
C ILE VD 44 4.02 104.78 -101.92
N GLU VD 45 3.79 105.85 -102.67
CA GLU VD 45 3.09 107.04 -102.19
C GLU VD 45 1.60 106.79 -101.99
N ALA VD 46 1.11 106.97 -100.77
CA ALA VD 46 -0.29 106.70 -100.46
C ALA VD 46 -0.92 107.95 -99.86
N ASN VD 47 -2.25 108.01 -99.88
CA ASN VD 47 -2.99 109.14 -99.36
C ASN VD 47 -4.06 108.68 -98.38
N LYS VD 48 -4.16 109.36 -97.25
CA LYS VD 48 -5.14 109.09 -96.21
C LYS VD 48 -6.21 110.17 -96.20
N ILE VD 49 -7.47 109.75 -96.27
CA ILE VD 49 -8.62 110.64 -96.32
C ILE VD 49 -9.53 110.30 -95.16
N ASP VD 50 -10.11 111.33 -94.55
CA ASP VD 50 -10.99 111.22 -93.40
C ASP VD 50 -12.43 111.54 -93.75
N SER VD 51 -13.34 110.62 -93.45
CA SER VD 51 -14.77 110.76 -93.68
C SER VD 51 -15.56 110.85 -92.39
N GLY VD 52 -14.89 111.07 -91.27
CA GLY VD 52 -15.48 111.08 -89.95
C GLY VD 52 -16.13 109.82 -89.40
N LYS VD 53 -17.45 109.83 -89.23
CA LYS VD 53 -18.15 108.62 -88.80
C LYS VD 53 -17.92 107.42 -89.72
N LEU VD 54 -17.46 107.65 -90.93
CA LEU VD 54 -17.19 106.55 -91.85
C LEU VD 54 -15.75 106.07 -91.80
N GLY VD 55 -14.91 106.69 -90.97
CA GLY VD 55 -13.49 106.39 -90.87
C GLY VD 55 -12.58 106.88 -91.98
N TYR VD 56 -11.39 106.31 -92.01
CA TYR VD 56 -10.36 106.63 -92.98
C TYR VD 56 -10.35 105.74 -94.21
N SER VD 57 -9.92 106.34 -95.32
CA SER VD 57 -9.79 105.69 -96.63
C SER VD 57 -8.36 105.88 -97.11
N ILE VD 58 -7.85 104.90 -97.84
CA ILE VD 58 -6.50 104.90 -98.38
C ILE VD 58 -6.58 104.79 -99.89
N THR VD 59 -5.84 105.65 -100.59
CA THR VD 59 -5.85 105.65 -102.04
C THR VD 59 -4.43 105.78 -102.58
N VAL VD 60 -4.23 105.23 -103.77
CA VAL VD 60 -2.93 105.25 -104.45
C VAL VD 60 -3.15 105.47 -105.94
N ALA VD 61 -2.07 105.85 -106.61
CA ALA VD 61 -2.08 105.93 -108.07
C ALA VD 61 -2.11 104.55 -108.72
N GLU VD 62 -2.62 104.56 -109.96
CA GLU VD 62 -2.72 103.34 -110.76
C GLU VD 62 -1.40 102.63 -110.97
N PRO VD 63 -0.33 103.28 -111.40
CA PRO VD 63 0.95 102.58 -111.54
C PRO VD 63 1.39 101.83 -110.28
N ASP VD 64 0.93 102.24 -109.10
CA ASP VD 64 1.32 101.61 -107.86
C ASP VD 64 0.24 100.68 -107.31
N PHE VD 65 -0.92 100.64 -107.95
CA PHE VD 65 -2.03 99.83 -107.45
C PHE VD 65 -1.65 98.37 -107.31
N THR VD 66 -1.10 97.76 -108.37
CA THR VD 66 -0.69 96.35 -108.33
C THR VD 66 0.22 96.02 -107.16
N ALA VD 67 1.30 96.77 -107.01
CA ALA VD 67 2.19 96.55 -105.88
C ALA VD 67 1.47 96.69 -104.55
N ALA VD 68 0.67 97.73 -104.39
CA ALA VD 68 0.00 97.91 -103.12
C ALA VD 68 -0.87 96.71 -102.79
N VAL VD 69 -1.61 96.21 -103.77
CA VAL VD 69 -2.43 95.02 -103.56
C VAL VD 69 -1.58 93.83 -103.11
N TYR VD 70 -0.48 93.58 -103.81
CA TYR VD 70 0.35 92.43 -103.45
C TYR VD 70 0.94 92.54 -102.06
N TRP VD 71 1.38 93.72 -101.65
CA TRP VD 71 1.89 93.84 -100.29
C TRP VD 71 0.78 93.72 -99.25
N ILE VD 72 -0.39 94.29 -99.53
CA ILE VD 72 -1.50 94.13 -98.60
C ILE VD 72 -1.82 92.66 -98.38
N LYS VD 73 -1.86 91.88 -99.45
CA LYS VD 73 -2.02 90.44 -99.31
C LYS VD 73 -0.91 89.83 -98.48
N THR VD 74 0.33 90.24 -98.69
CA THR VD 74 1.43 89.52 -98.05
C THR VD 74 1.51 89.82 -96.56
N TYR VD 75 1.34 91.06 -96.16
CA TYR VD 75 1.30 91.37 -94.73
C TYR VD 75 -0.06 91.13 -94.08
N GLN VD 76 -1.08 90.75 -94.82
CA GLN VD 76 -2.40 90.49 -94.25
C GLN VD 76 -2.96 91.70 -93.51
N LEU VD 77 -2.84 92.87 -94.10
CA LEU VD 77 -3.43 94.07 -93.55
C LEU VD 77 -4.93 94.10 -93.81
N PRO VD 78 -5.68 94.94 -93.08
CA PRO VD 78 -5.36 95.72 -91.90
C PRO VD 78 -5.28 94.88 -90.64
N PRO VD 79 -4.50 95.32 -89.65
CA PRO VD 79 -4.23 94.46 -88.51
C PRO VD 79 -5.46 94.25 -87.64
N ARG VD 80 -5.52 93.08 -87.01
CA ARG VD 80 -6.53 92.80 -86.00
C ARG VD 80 -6.27 93.61 -84.74
N PRO VD 81 -7.31 93.85 -83.94
CA PRO VD 81 -7.10 94.43 -82.61
C PRO VD 81 -6.35 93.47 -81.70
N ARG VD 82 -5.69 94.04 -80.70
CA ARG VD 82 -4.82 93.27 -79.83
C ARG VD 82 -5.63 92.45 -78.83
N VAL VD 83 -5.19 91.22 -78.57
CA VAL VD 83 -5.93 90.25 -77.76
C VAL VD 83 -5.36 90.15 -76.36
N GLU VD 84 -6.24 90.22 -75.36
CA GLU VD 84 -5.90 90.03 -73.95
C GLU VD 84 -6.87 89.08 -73.29
N ILE VD 85 -6.33 88.18 -72.46
CA ILE VD 85 -7.11 87.03 -72.00
C ILE VD 85 -8.31 87.46 -71.19
N ALA VD 86 -8.18 88.55 -70.44
CA ALA VD 86 -9.31 89.06 -69.67
C ALA VD 86 -10.54 89.34 -70.52
N GLN VD 87 -10.38 89.57 -71.83
CA GLN VD 87 -11.55 89.83 -72.66
C GLN VD 87 -12.47 88.64 -72.79
N MET VD 88 -12.00 87.43 -72.52
CA MET VD 88 -12.86 86.26 -72.55
C MET VD 88 -13.71 86.09 -71.32
N PHE VD 89 -13.52 86.88 -70.27
CA PHE VD 89 -14.16 86.64 -68.98
C PHE VD 89 -14.71 87.92 -68.40
N PRO VD 90 -15.73 88.50 -69.03
CA PRO VD 90 -16.21 89.80 -68.60
C PRO VD 90 -16.64 89.77 -67.13
N ALA VD 91 -16.28 90.82 -66.41
CA ALA VD 91 -16.53 90.89 -64.97
C ALA VD 91 -18.00 91.08 -64.60
N ASP VD 92 -18.86 91.43 -65.55
CA ASP VD 92 -20.29 91.50 -65.26
C ASP VD 92 -20.88 90.10 -65.20
N SER VD 93 -20.90 89.57 -63.98
CA SER VD 93 -21.47 88.27 -63.68
C SER VD 93 -22.07 88.36 -62.29
N LEU VD 94 -23.03 87.49 -62.02
CA LEU VD 94 -23.55 87.39 -60.65
C LEU VD 94 -22.68 86.48 -59.79
N VAL VD 95 -22.18 85.40 -60.35
CA VAL VD 95 -21.24 84.51 -59.66
C VAL VD 95 -20.16 84.10 -60.64
N SER VD 96 -18.93 83.98 -60.16
CA SER VD 96 -17.81 83.60 -61.00
C SER VD 96 -17.15 82.34 -60.46
N SER VD 97 -16.66 81.52 -61.38
CA SER VD 97 -15.92 80.34 -61.00
C SER VD 97 -14.57 80.73 -60.42
N PRO VD 98 -13.96 79.83 -59.64
CA PRO VD 98 -12.54 80.01 -59.30
C PRO VD 98 -11.62 80.09 -60.51
N ARG VD 99 -12.09 79.73 -61.70
CA ARG VD 99 -11.24 79.73 -62.88
C ARG VD 99 -11.14 81.12 -63.49
N ALA VD 100 -12.25 81.85 -63.47
CA ALA VD 100 -12.33 83.13 -64.16
C ALA VD 100 -11.52 84.18 -63.41
N GLU VD 101 -11.71 84.26 -62.11
CA GLU VD 101 -10.94 85.20 -61.31
C GLU VD 101 -9.45 84.99 -61.50
N LYS VD 102 -8.99 83.74 -61.37
CA LYS VD 102 -7.58 83.46 -61.57
C LYS VD 102 -7.10 83.88 -62.95
N ALA VD 103 -7.92 83.67 -63.97
CA ALA VD 103 -7.53 84.10 -65.31
C ALA VD 103 -7.38 85.61 -65.39
N ARG VD 104 -8.39 86.36 -64.95
CA ARG VD 104 -8.28 87.81 -64.94
C ARG VD 104 -7.03 88.29 -64.21
N LEU VD 105 -6.77 87.74 -63.03
CA LEU VD 105 -5.59 88.11 -62.27
C LEU VD 105 -4.30 87.97 -63.09
N TYR VD 106 -4.05 86.78 -63.61
CA TYR VD 106 -2.83 86.56 -64.39
C TYR VD 106 -2.79 87.47 -65.62
N SER VD 107 -3.92 87.66 -66.28
CA SER VD 107 -3.96 88.51 -67.46
C SER VD 107 -3.75 89.98 -67.13
N ALA VD 108 -3.84 90.37 -65.88
CA ALA VD 108 -3.45 91.73 -65.52
C ALA VD 108 -1.98 91.83 -65.13
N ILE VD 109 -1.44 90.78 -64.53
CA ILE VD 109 -0.01 90.77 -64.23
C ILE VD 109 0.83 90.84 -65.50
N GLU VD 110 0.43 90.10 -66.54
CA GLU VD 110 1.16 90.17 -67.81
C GLU VD 110 1.26 91.59 -68.35
N GLN VD 111 0.16 92.32 -68.32
CA GLN VD 111 0.17 93.68 -68.84
C GLN VD 111 0.98 94.62 -67.98
N ARG VD 112 0.99 94.41 -66.67
CA ARG VD 112 1.79 95.32 -65.85
C ARG VD 112 3.27 95.06 -66.03
N LEU VD 113 3.66 93.82 -66.28
CA LEU VD 113 5.08 93.57 -66.55
C LEU VD 113 5.51 94.13 -67.90
N GLU VD 114 4.72 93.95 -68.94
CA GLU VD 114 5.07 94.59 -70.21
C GLU VD 114 5.28 96.09 -70.04
N GLN VD 115 4.33 96.76 -69.39
CA GLN VD 115 4.47 98.20 -69.22
C GLN VD 115 5.68 98.56 -68.38
N SER VD 116 6.09 97.69 -67.45
CA SER VD 116 7.28 98.03 -66.67
C SER VD 116 8.54 97.89 -67.50
N LEU VD 117 8.69 96.79 -68.23
CA LEU VD 117 9.87 96.63 -69.06
C LEU VD 117 10.05 97.77 -70.03
N GLN VD 118 8.96 98.29 -70.59
CA GLN VD 118 9.17 99.39 -71.53
C GLN VD 118 9.87 100.60 -70.91
N THR VD 119 10.01 100.66 -69.60
CA THR VD 119 10.75 101.75 -68.97
C THR VD 119 12.24 101.48 -68.81
N MET VD 120 12.71 100.26 -69.03
CA MET VD 120 14.14 99.98 -68.93
C MET VD 120 14.89 100.70 -70.04
N GLU VD 121 16.10 101.13 -69.72
CA GLU VD 121 16.84 102.04 -70.59
C GLU VD 121 17.14 101.42 -71.95
N GLY VD 122 16.72 102.12 -73.00
CA GLY VD 122 16.95 101.73 -74.37
C GLY VD 122 16.00 100.69 -74.92
N VAL VD 123 15.07 100.17 -74.12
CA VAL VD 123 14.04 99.31 -74.68
C VAL VD 123 13.05 100.16 -75.47
N LEU VD 124 12.58 99.62 -76.59
CA LEU VD 124 11.56 100.26 -77.42
C LEU VD 124 10.20 99.62 -77.26
N SER VD 125 10.12 98.30 -77.24
CA SER VD 125 8.88 97.61 -76.91
C SER VD 125 9.18 96.18 -76.50
N ALA VD 126 8.19 95.55 -75.88
CA ALA VD 126 8.38 94.22 -75.31
C ALA VD 126 7.08 93.43 -75.33
N ARG VD 127 7.21 92.13 -75.06
CA ARG VD 127 6.09 91.23 -74.84
C ARG VD 127 6.45 90.27 -73.73
N VAL VD 128 5.46 89.85 -72.94
CA VAL VD 128 5.67 88.86 -71.90
C VAL VD 128 4.56 87.82 -71.94
N HIS VD 129 4.91 86.57 -71.65
CA HIS VD 129 3.96 85.46 -71.56
C HIS VD 129 4.21 84.65 -70.31
N ILE VD 130 3.13 84.25 -69.64
CA ILE VD 130 3.17 83.51 -68.38
C ILE VD 130 2.43 82.19 -68.53
N SER VD 131 2.96 81.13 -67.92
CA SER VD 131 2.28 79.83 -67.92
C SER VD 131 0.99 79.89 -67.13
N TYR VD 132 -0.14 79.78 -67.81
CA TYR VD 132 -1.45 79.72 -67.20
C TYR VD 132 -1.75 78.38 -66.53
N ASP VD 133 -1.38 78.23 -65.27
CA ASP VD 133 -1.75 77.04 -64.51
C ASP VD 133 -3.21 77.06 -64.06
N ILE VD 134 -4.11 77.28 -65.01
CA ILE VD 134 -5.54 77.43 -64.73
C ILE VD 134 -6.29 76.46 -65.63
N ASP VD 135 -5.60 75.85 -66.58
CA ASP VD 135 -6.17 74.77 -67.34
C ASP VD 135 -6.49 73.57 -66.47
N ALA VD 136 -6.01 73.58 -65.23
CA ALA VD 136 -6.62 72.86 -64.14
C ALA VD 136 -6.82 73.82 -62.99
N GLY VD 137 -7.90 73.62 -62.25
CA GLY VD 137 -8.16 74.49 -61.13
C GLY VD 137 -7.13 74.41 -60.02
N GLU VD 138 -6.25 73.41 -60.07
CA GLU VD 138 -5.38 73.06 -58.96
C GLU VD 138 -6.17 72.67 -57.71
N ASN VD 139 -7.45 72.33 -57.88
CA ASN VD 139 -8.16 71.64 -56.82
C ASN VD 139 -7.60 70.23 -56.64
N GLY VD 140 -7.29 69.88 -55.40
CA GLY VD 140 -6.85 68.55 -55.03
C GLY VD 140 -5.42 68.21 -55.40
N ARG VD 141 -4.69 69.09 -56.08
CA ARG VD 141 -3.36 68.75 -56.56
C ARG VD 141 -2.40 69.90 -56.27
N PRO VD 142 -1.13 69.59 -56.02
CA PRO VD 142 -0.16 70.64 -55.75
C PRO VD 142 0.12 71.49 -56.97
N PRO VD 143 0.34 72.79 -56.80
CA PRO VD 143 0.44 73.69 -57.95
C PRO VD 143 1.77 73.51 -58.67
N LYS VD 144 1.73 73.59 -60.00
CA LYS VD 144 2.95 73.53 -60.80
C LYS VD 144 3.70 74.86 -60.74
N PRO VD 145 5.02 74.82 -60.92
CA PRO VD 145 5.80 76.06 -60.96
C PRO VD 145 5.58 76.85 -62.24
N VAL VD 146 5.73 78.17 -62.12
CA VAL VD 146 5.53 79.09 -63.23
C VAL VD 146 6.72 79.08 -64.19
N HIS VD 147 6.41 79.28 -65.47
CA HIS VD 147 7.39 79.58 -66.52
C HIS VD 147 7.05 80.91 -67.19
N LEU VD 148 8.09 81.59 -67.68
CA LEU VD 148 7.99 82.93 -68.25
C LEU VD 148 8.75 83.02 -69.57
N SER VD 149 8.25 83.83 -70.50
CA SER VD 149 8.98 84.14 -71.72
C SER VD 149 8.83 85.61 -72.08
N ALA VD 150 9.88 86.20 -72.66
CA ALA VD 150 9.82 87.60 -73.06
C ALA VD 150 10.53 87.87 -74.38
N LEU VD 151 10.03 88.88 -75.09
CA LEU VD 151 10.60 89.36 -76.34
C LEU VD 151 10.85 90.86 -76.24
N ALA VD 152 11.94 91.36 -76.81
CA ALA VD 152 12.18 92.80 -76.71
C ALA VD 152 12.98 93.34 -77.87
N VAL VD 153 12.85 94.66 -78.09
CA VAL VD 153 13.51 95.35 -79.19
C VAL VD 153 14.34 96.52 -78.64
N TYR VD 154 15.55 96.70 -79.17
CA TYR VD 154 16.49 97.70 -78.65
C TYR VD 154 16.86 98.75 -79.68
N GLU VD 155 17.24 99.92 -79.18
CA GLU VD 155 18.02 100.90 -79.95
C GLU VD 155 19.29 100.29 -80.51
N ARG VD 156 19.66 100.74 -81.71
CA ARG VD 156 20.85 100.24 -82.39
C ARG VD 156 22.13 100.58 -81.63
N GLY VD 157 23.10 99.67 -81.72
CA GLY VD 157 24.35 99.80 -81.00
C GLY VD 157 24.30 99.44 -79.55
N SER VD 158 23.47 98.50 -79.19
CA SER VD 158 23.36 97.98 -77.84
C SER VD 158 24.04 96.62 -77.73
N PRO VD 159 24.82 96.37 -76.69
CA PRO VD 159 25.56 95.09 -76.58
C PRO VD 159 24.66 93.98 -76.06
N LEU VD 160 23.78 93.49 -76.94
CA LEU VD 160 22.62 92.71 -76.52
C LEU VD 160 22.97 91.59 -75.56
N ALA VD 161 24.09 90.92 -75.78
CA ALA VD 161 24.44 89.78 -74.94
C ALA VD 161 24.69 90.16 -73.48
N HIS VD 162 25.04 91.41 -73.19
CA HIS VD 162 25.19 91.83 -71.82
C HIS VD 162 23.87 92.19 -71.14
N GLN VD 163 22.78 92.30 -71.88
CA GLN VD 163 21.52 92.78 -71.32
C GLN VD 163 20.53 91.68 -70.98
N ILE VD 164 20.79 90.44 -71.36
CA ILE VD 164 19.90 89.36 -70.94
C ILE VD 164 19.93 89.19 -69.43
N SER VD 165 21.10 89.37 -68.82
CA SER VD 165 21.23 89.17 -67.38
C SER VD 165 20.35 90.12 -66.58
N ASP VD 166 20.21 91.37 -67.02
CA ASP VD 166 19.32 92.28 -66.32
C ASP VD 166 17.87 91.84 -66.38
N ILE VD 167 17.41 91.45 -67.56
CA ILE VD 167 16.02 91.03 -67.67
C ILE VD 167 15.74 89.79 -66.85
N LYS VD 168 16.64 88.80 -66.91
CA LYS VD 168 16.46 87.64 -66.04
C LYS VD 168 16.47 88.01 -64.56
N ARG VD 169 17.42 88.83 -64.14
CA ARG VD 169 17.47 89.20 -62.73
C ARG VD 169 16.22 89.94 -62.30
N PHE VD 170 15.67 90.76 -63.17
CA PHE VD 170 14.45 91.47 -62.85
C PHE VD 170 13.24 90.56 -62.79
N LEU VD 171 13.05 89.70 -63.79
CA LEU VD 171 11.86 88.85 -63.79
C LEU VD 171 11.88 87.82 -62.67
N LYS VD 172 13.06 87.27 -62.35
CA LYS VD 172 13.08 86.13 -61.43
C LYS VD 172 12.32 86.38 -60.14
N ASN VD 173 12.51 87.53 -59.51
CA ASN VD 173 11.85 87.79 -58.23
C ASN VD 173 10.45 88.33 -58.35
N SER VD 174 9.86 88.37 -59.53
CA SER VD 174 8.47 88.79 -59.64
C SER VD 174 7.48 87.72 -59.21
N PHE VD 175 7.94 86.49 -58.98
CA PHE VD 175 7.06 85.38 -58.65
C PHE VD 175 7.68 84.51 -57.56
N ALA VD 176 6.81 83.73 -56.91
CA ALA VD 176 7.19 83.03 -55.69
C ALA VD 176 8.20 81.92 -55.93
N ASP VD 177 8.20 81.29 -57.09
CA ASP VD 177 9.22 80.30 -57.41
C ASP VD 177 9.46 80.29 -58.90
N VAL VD 178 10.63 80.77 -59.32
CA VAL VD 178 11.04 80.67 -60.70
C VAL VD 178 12.55 80.45 -60.74
N ASP VD 179 12.98 79.62 -61.66
CA ASP VD 179 14.39 79.29 -61.84
C ASP VD 179 14.89 79.99 -63.10
N TYR VD 180 16.18 80.30 -63.12
CA TYR VD 180 16.73 80.90 -64.33
C TYR VD 180 16.58 79.94 -65.50
N ASP VD 181 16.61 78.65 -65.25
CA ASP VD 181 16.35 77.64 -66.26
C ASP VD 181 14.96 77.71 -66.86
N ASN VD 182 14.06 78.52 -66.33
CA ASN VD 182 12.68 78.60 -66.83
C ASN VD 182 12.32 79.98 -67.35
N ILE VD 183 13.29 80.82 -67.65
CA ILE VD 183 13.02 82.12 -68.26
C ILE VD 183 13.68 82.16 -69.64
N SER VD 184 12.84 82.28 -70.67
CA SER VD 184 13.29 82.53 -72.02
C SER VD 184 13.31 84.02 -72.33
N VAL VD 185 14.36 84.47 -73.01
CA VAL VD 185 14.49 85.86 -73.45
C VAL VD 185 14.96 85.88 -74.90
N VAL VD 186 14.28 86.64 -75.74
CA VAL VD 186 14.72 86.82 -77.13
C VAL VD 186 14.72 88.30 -77.50
N LEU VD 187 15.83 88.78 -78.04
CA LEU VD 187 16.09 90.19 -78.24
C LEU VD 187 16.39 90.49 -79.71
N SER VD 188 16.10 91.72 -80.13
CA SER VD 188 16.46 92.17 -81.47
C SER VD 188 16.79 93.65 -81.43
N GLU VD 189 17.34 94.17 -82.54
CA GLU VD 189 17.60 95.60 -82.68
C GLU VD 189 16.75 96.24 -83.78
N ARG VD 190 16.49 97.53 -83.60
CA ARG VD 190 15.72 98.30 -84.56
C ARG VD 190 16.25 98.17 -85.98
N SER VD 191 15.33 98.00 -86.93
CA SER VD 191 15.64 98.05 -88.34
C SER VD 191 16.13 99.44 -88.74
N ASP VD 192 16.77 99.51 -89.91
CA ASP VD 192 17.23 100.78 -90.44
C ASP VD 192 16.08 101.75 -90.71
N ALA VD 193 16.33 103.03 -90.45
CA ALA VD 193 15.28 104.05 -90.45
C ALA VD 193 14.80 104.36 -91.86
N GLN VD 194 13.51 104.70 -91.96
CA GLN VD 194 12.90 105.23 -93.17
C GLN VD 194 12.68 106.74 -93.02
N LEU VD 195 13.64 107.53 -93.47
CA LEU VD 195 13.59 108.98 -93.35
C LEU VD 195 13.21 109.70 -94.64
N GLN VD 196 13.71 109.28 -95.79
CA GLN VD 196 13.38 109.93 -97.04
C GLN VD 196 12.01 109.52 -97.57
N ALA VD 197 11.35 110.48 -98.21
CA ALA VD 197 10.02 110.28 -98.79
C ALA VD 197 10.06 109.44 -100.06
N PRO VD 198 9.00 108.69 -100.32
CA PRO VD 198 8.90 107.93 -101.57
C PRO VD 198 8.74 108.83 -102.79
N GLY VD 199 9.22 108.32 -103.92
CA GLY VD 199 9.25 109.12 -105.15
C GLY VD 199 7.90 109.11 -105.84
N THR VD 200 7.51 110.27 -106.34
CA THR VD 200 6.22 110.43 -107.04
C THR VD 200 6.26 109.82 -108.43
N PRO VD 201 5.24 109.06 -108.83
CA PRO VD 201 5.19 108.53 -110.20
C PRO VD 201 5.35 109.62 -111.25
N VAL VD 202 6.09 109.29 -112.31
CA VAL VD 202 6.25 110.21 -113.42
C VAL VD 202 4.98 110.23 -114.26
N ASP WD 20 -0.62 121.08 -93.75
CA ASP WD 20 -0.28 120.20 -92.63
C ASP WD 20 -1.08 118.92 -92.70
N LYS WD 21 -0.47 117.82 -92.29
CA LYS WD 21 -1.12 116.51 -92.31
C LYS WD 21 -1.48 116.05 -90.91
N ASP WD 22 -2.68 115.50 -90.78
CA ASP WD 22 -3.16 114.94 -89.52
C ASP WD 22 -2.56 113.57 -89.25
N LEU WD 23 -1.87 113.45 -88.12
CA LEU WD 23 -1.38 112.17 -87.63
C LEU WD 23 -2.43 111.49 -86.76
N LEU WD 24 -2.86 112.17 -85.70
CA LEU WD 24 -3.65 111.57 -84.65
C LEU WD 24 -4.70 112.56 -84.21
N LYS WD 25 -5.85 112.05 -83.79
CA LYS WD 25 -6.97 112.89 -83.37
C LYS WD 25 -7.64 112.28 -82.15
N GLY WD 26 -8.46 113.09 -81.50
CA GLY WD 26 -9.13 112.68 -80.30
C GLY WD 26 -8.24 112.19 -79.19
N LEU WD 27 -7.00 112.67 -79.15
CA LEU WD 27 -6.08 112.25 -78.12
C LEU WD 27 -6.37 112.96 -76.82
N ASP WD 28 -5.99 112.31 -75.72
CA ASP WD 28 -6.01 112.93 -74.41
C ASP WD 28 -4.73 113.72 -74.17
N GLN WD 29 -4.80 114.65 -73.21
CA GLN WD 29 -3.66 115.49 -72.85
C GLN WD 29 -2.43 114.68 -72.46
N GLU WD 30 -2.63 113.62 -71.68
CA GLU WD 30 -1.54 112.80 -71.20
C GLU WD 30 -0.89 112.01 -72.32
N GLN WD 31 -1.58 111.87 -73.44
CA GLN WD 31 -1.06 111.17 -74.60
C GLN WD 31 -0.36 112.16 -75.53
N ALA WD 32 -1.03 113.29 -75.74
CA ALA WD 32 -0.51 114.30 -76.64
C ALA WD 32 0.87 114.78 -76.23
N ASN WD 33 1.06 115.03 -74.93
CA ASN WD 33 2.38 115.50 -74.52
C ASN WD 33 3.48 114.45 -74.66
N GLU WD 34 3.13 113.17 -74.61
CA GLU WD 34 4.13 112.14 -74.87
C GLU WD 34 4.49 112.10 -76.36
N VAL WD 35 3.50 112.23 -77.22
CA VAL WD 35 3.80 112.22 -78.65
C VAL WD 35 4.67 113.41 -79.00
N ILE WD 36 4.29 114.59 -78.51
CA ILE WD 36 5.10 115.78 -78.78
C ILE WD 36 6.54 115.57 -78.35
N ALA WD 37 6.74 114.99 -77.17
CA ALA WD 37 8.10 114.75 -76.68
C ALA WD 37 8.91 113.86 -77.60
N VAL WD 38 8.33 112.74 -78.00
CA VAL WD 38 9.10 111.83 -78.85
C VAL WD 38 9.37 112.43 -80.22
N LEU WD 39 8.42 113.19 -80.77
CA LEU WD 39 8.73 113.75 -82.08
C LEU WD 39 9.82 114.80 -82.01
N GLN WD 40 9.72 115.73 -81.06
CA GLN WD 40 10.81 116.70 -80.87
C GLN WD 40 12.17 116.05 -80.69
N MET WD 41 12.24 114.93 -79.99
CA MET WD 41 13.55 114.29 -79.81
C MET WD 41 14.24 113.96 -81.14
N HIS WD 42 13.49 113.60 -82.17
CA HIS WD 42 14.06 113.26 -83.47
C HIS WD 42 14.11 114.42 -84.45
N ASN WD 43 14.02 115.65 -83.96
CA ASN WD 43 14.05 116.84 -84.80
C ASN WD 43 12.85 117.03 -85.71
N ILE WD 44 11.67 116.67 -85.25
CA ILE WD 44 10.44 116.85 -86.01
C ILE WD 44 9.62 117.90 -85.27
N GLU WD 45 9.39 119.04 -85.91
CA GLU WD 45 8.52 120.08 -85.37
C GLU WD 45 7.06 119.71 -85.51
N ALA WD 46 6.34 119.62 -84.40
CA ALA WD 46 4.95 119.19 -84.40
C ALA WD 46 4.09 120.25 -83.71
N ASN WD 47 2.79 120.20 -83.98
CA ASN WD 47 1.84 121.15 -83.41
C ASN WD 47 0.68 120.43 -82.75
N LYS WD 48 0.32 120.90 -81.56
CA LYS WD 48 -0.79 120.40 -80.76
C LYS WD 48 -1.94 121.39 -80.81
N ILE WD 49 -3.12 120.91 -81.18
CA ILE WD 49 -4.31 121.73 -81.32
C ILE WD 49 -5.40 121.16 -80.43
N ASP WD 50 -6.16 122.04 -79.80
CA ASP WD 50 -7.24 121.68 -78.89
C ASP WD 50 -8.59 122.00 -79.52
N SER WD 51 -9.46 121.00 -79.58
CA SER WD 51 -10.80 121.12 -80.13
C SER WD 51 -11.88 120.91 -79.07
N GLY WD 52 -11.51 121.07 -77.80
CA GLY WD 52 -12.40 120.82 -76.68
C GLY WD 52 -12.96 119.43 -76.45
N LYS WD 53 -14.27 119.26 -76.62
CA LYS WD 53 -14.88 117.96 -76.51
C LYS WD 53 -14.27 116.91 -77.45
N LEU WD 54 -13.56 117.31 -78.49
CA LEU WD 54 -12.99 116.36 -79.42
C LEU WD 54 -11.51 116.09 -79.16
N GLY WD 55 -10.97 116.63 -78.07
CA GLY WD 55 -9.59 116.41 -77.73
C GLY WD 55 -8.56 117.15 -78.56
N TYR WD 56 -7.33 116.68 -78.43
CA TYR WD 56 -6.18 117.21 -79.12
C TYR WD 56 -5.87 116.50 -80.44
N SER WD 57 -5.32 117.27 -81.35
CA SER WD 57 -4.90 116.83 -82.68
C SER WD 57 -3.44 117.21 -82.85
N ILE WD 58 -2.70 116.37 -83.58
CA ILE WD 58 -1.28 116.57 -83.82
C ILE WD 58 -1.05 116.70 -85.31
N THR WD 59 -0.30 117.72 -85.71
CA THR WD 59 -0.03 117.94 -87.13
C THR WD 59 1.43 118.25 -87.36
N VAL WD 60 1.90 117.92 -88.56
CA VAL WD 60 3.27 118.14 -88.99
C VAL WD 60 3.30 118.55 -90.44
N ALA WD 61 4.42 119.13 -90.85
CA ALA WD 61 4.67 119.42 -92.26
C ALA WD 61 4.95 118.17 -93.08
N GLU WD 62 4.69 118.33 -94.39
CA GLU WD 62 4.90 117.27 -95.37
C GLU WD 62 6.31 116.73 -95.43
N PRO WD 63 7.34 117.55 -95.53
CA PRO WD 63 8.70 116.98 -95.53
C PRO WD 63 8.99 116.08 -94.36
N ASP WD 64 8.29 116.25 -93.23
CA ASP WD 64 8.51 115.44 -92.05
C ASP WD 64 7.45 114.36 -91.85
N PHE WD 65 6.43 114.33 -92.70
CA PHE WD 65 5.35 113.37 -92.52
C PHE WD 65 5.85 111.94 -92.50
N THR WD 66 6.62 111.54 -93.51
CA THR WD 66 7.16 110.18 -93.58
C THR WD 66 7.90 109.77 -92.31
N ALA WD 67 8.86 110.58 -91.88
CA ALA WD 67 9.58 110.28 -90.66
C ALA WD 67 8.65 110.16 -89.45
N ALA WD 68 7.78 111.14 -89.26
CA ALA WD 68 6.86 111.05 -88.13
C ALA WD 68 6.04 109.76 -88.14
N VAL WD 69 5.53 109.38 -89.30
CA VAL WD 69 4.78 108.13 -89.42
C VAL WD 69 5.63 106.94 -89.00
N TYR WD 70 6.88 106.92 -89.41
CA TYR WD 70 7.75 105.82 -89.01
C TYR WD 70 8.00 105.78 -87.51
N TRP WD 71 8.26 106.93 -86.90
CA TRP WD 71 8.52 106.90 -85.46
C TRP WD 71 7.28 106.56 -84.65
N ILE WD 72 6.12 107.04 -85.06
CA ILE WD 72 4.88 106.63 -84.41
C ILE WD 72 4.74 105.12 -84.45
N LYS WD 73 4.98 104.52 -85.61
CA LYS WD 73 4.97 103.06 -85.66
C LYS WD 73 5.97 102.46 -84.68
N THR WD 74 7.19 102.94 -84.70
CA THR WD 74 8.24 102.26 -83.98
C THR WD 74 8.06 102.33 -82.48
N TYR WD 75 7.52 103.43 -81.95
CA TYR WD 75 7.21 103.49 -80.53
C TYR WD 75 5.81 103.01 -80.17
N GLN WD 76 5.00 102.60 -81.13
CA GLN WD 76 3.63 102.19 -80.85
C GLN WD 76 2.84 103.24 -80.08
N LEU WD 77 3.02 104.50 -80.43
CA LEU WD 77 2.22 105.54 -79.85
C LEU WD 77 0.82 105.48 -80.46
N PRO WD 78 -0.18 106.09 -79.81
CA PRO WD 78 -0.19 106.74 -78.51
C PRO WD 78 -0.16 105.74 -77.38
N PRO WD 79 0.32 106.15 -76.22
CA PRO WD 79 0.52 105.19 -75.13
C PRO WD 79 -0.80 104.67 -74.58
N ARG WD 80 -0.73 103.48 -74.01
CA ARG WD 80 -1.87 102.90 -73.32
C ARG WD 80 -2.20 103.70 -72.07
N PRO WD 81 -3.38 103.47 -71.48
CA PRO WD 81 -3.57 103.78 -70.06
C PRO WD 81 -2.74 102.89 -69.16
N ARG WD 82 -2.41 103.43 -67.99
CA ARG WD 82 -1.62 102.69 -66.99
C ARG WD 82 -2.48 101.70 -66.21
N VAL WD 83 -1.96 100.49 -66.03
CA VAL WD 83 -2.71 99.35 -65.49
C VAL WD 83 -2.35 99.10 -64.02
N GLU WD 84 -3.39 98.93 -63.19
CA GLU WD 84 -3.22 98.54 -61.80
C GLU WD 84 -4.22 97.45 -61.43
N ILE WD 85 -3.75 96.46 -60.67
CA ILE WD 85 -4.50 95.22 -60.50
C ILE WD 85 -5.87 95.45 -59.89
N ALA WD 86 -5.99 96.42 -58.99
CA ALA WD 86 -7.28 96.72 -58.38
C ALA WD 86 -8.39 96.94 -59.37
N GLN WD 87 -8.07 97.35 -60.59
CA GLN WD 87 -9.11 97.57 -61.59
C GLN WD 87 -9.84 96.29 -62.00
N MET WD 88 -9.26 95.12 -61.77
CA MET WD 88 -9.97 93.87 -62.07
C MET WD 88 -10.95 93.47 -60.98
N PHE WD 89 -10.98 94.12 -59.85
CA PHE WD 89 -11.78 93.69 -58.70
C PHE WD 89 -12.43 94.89 -58.05
N PRO WD 90 -13.43 95.48 -58.69
CA PRO WD 90 -13.85 96.83 -58.34
C PRO WD 90 -14.64 96.95 -57.05
N ALA WD 91 -14.66 95.90 -56.21
CA ALA WD 91 -15.15 95.95 -54.85
C ALA WD 91 -16.65 96.23 -54.75
N ASP WD 92 -17.37 96.22 -55.86
CA ASP WD 92 -18.76 96.64 -55.84
C ASP WD 92 -19.72 95.50 -55.60
N SER WD 93 -19.23 94.26 -55.52
CA SER WD 93 -20.13 93.17 -55.21
C SER WD 93 -20.63 93.29 -53.78
N LEU WD 94 -21.68 92.56 -53.48
CA LEU WD 94 -22.17 92.52 -52.11
C LEU WD 94 -21.15 91.85 -51.19
N VAL WD 95 -20.69 90.64 -51.55
CA VAL WD 95 -19.55 90.03 -50.89
C VAL WD 95 -18.53 89.58 -51.93
N SER WD 96 -17.28 89.48 -51.50
CA SER WD 96 -16.18 89.11 -52.38
C SER WD 96 -15.45 87.90 -51.81
N SER WD 97 -14.89 87.09 -52.71
CA SER WD 97 -14.08 85.97 -52.28
C SER WD 97 -12.91 86.46 -51.45
N PRO WD 98 -12.36 85.60 -50.60
CA PRO WD 98 -11.12 85.97 -49.90
C PRO WD 98 -9.98 86.27 -50.83
N ARG WD 99 -10.06 85.81 -52.07
CA ARG WD 99 -9.04 86.12 -53.07
C ARG WD 99 -9.06 87.61 -53.43
N ALA WD 100 -10.22 88.14 -53.78
CA ALA WD 100 -10.26 89.46 -54.38
C ALA WD 100 -9.86 90.53 -53.39
N GLU WD 101 -10.32 90.43 -52.14
CA GLU WD 101 -9.85 91.33 -51.09
C GLU WD 101 -8.33 91.31 -50.95
N LYS WD 102 -7.74 90.14 -50.86
CA LYS WD 102 -6.29 90.03 -50.74
C LYS WD 102 -5.59 90.67 -51.93
N ALA WD 103 -6.15 90.52 -53.12
CA ALA WD 103 -5.57 91.15 -54.29
C ALA WD 103 -5.63 92.67 -54.18
N ARG WD 104 -6.79 93.23 -53.87
CA ARG WD 104 -6.87 94.67 -53.67
C ARG WD 104 -5.82 95.15 -52.67
N LEU WD 105 -5.71 94.45 -51.53
CA LEU WD 105 -4.72 94.83 -50.54
C LEU WD 105 -3.32 94.95 -51.13
N TYR WD 106 -2.82 93.88 -51.74
CA TYR WD 106 -1.49 93.94 -52.35
C TYR WD 106 -1.38 95.05 -53.40
N SER WD 107 -2.38 95.18 -54.26
CA SER WD 107 -2.31 96.19 -55.29
C SER WD 107 -2.34 97.61 -54.75
N ALA WD 108 -2.75 97.79 -53.50
CA ALA WD 108 -2.64 99.11 -52.89
C ALA WD 108 -1.30 99.33 -52.21
N ILE WD 109 -0.73 98.26 -51.65
CA ILE WD 109 0.60 98.38 -51.07
C ILE WD 109 1.66 98.71 -52.12
N GLU WD 110 1.61 98.05 -53.28
CA GLU WD 110 2.58 98.36 -54.33
C GLU WD 110 2.59 99.84 -54.67
N GLN WD 111 1.43 100.42 -54.88
CA GLN WD 111 1.37 101.83 -55.23
C GLN WD 111 1.91 102.69 -54.11
N ARG WD 112 1.61 102.34 -52.87
CA ARG WD 112 2.11 103.16 -51.77
C ARG WD 112 3.62 103.11 -51.67
N LEU WD 113 4.22 101.98 -52.00
CA LEU WD 113 5.68 101.92 -51.98
C LEU WD 113 6.30 102.72 -53.13
N GLU WD 114 5.74 102.65 -54.33
CA GLU WD 114 6.32 103.49 -55.39
C GLU WD 114 6.25 104.96 -55.01
N GLN WD 115 5.12 105.40 -54.49
CA GLN WD 115 5.01 106.78 -54.05
C GLN WD 115 5.95 107.09 -52.90
N SER WD 116 6.38 106.10 -52.13
CA SER WD 116 7.33 106.42 -51.09
C SER WD 116 8.73 106.57 -51.68
N LEU WD 117 9.14 105.67 -52.57
CA LEU WD 117 10.50 105.75 -53.08
C LEU WD 117 10.70 107.03 -53.88
N GLN WD 118 9.69 107.49 -54.59
CA GLN WD 118 9.87 108.74 -55.32
C GLN WD 118 10.28 109.89 -54.42
N THR WD 119 10.10 109.78 -53.11
CA THR WD 119 10.53 110.84 -52.21
C THR WD 119 12.00 110.73 -51.80
N MET WD 120 12.68 109.64 -52.10
CA MET WD 120 14.09 109.58 -51.77
C MET WD 120 14.88 110.59 -52.59
N GLU WD 121 16.06 110.91 -52.07
CA GLU WD 121 16.97 111.85 -52.70
C GLU WD 121 17.53 111.37 -54.03
N GLY WD 122 17.25 112.14 -55.08
CA GLY WD 122 17.70 111.87 -56.43
C GLY WD 122 16.80 111.02 -57.29
N VAL WD 123 15.89 110.25 -56.71
CA VAL WD 123 15.03 109.40 -57.52
C VAL WD 123 14.10 110.28 -58.35
N LEU WD 124 14.06 110.04 -59.65
CA LEU WD 124 13.09 110.70 -60.51
C LEU WD 124 11.81 109.90 -60.64
N SER WD 125 11.92 108.58 -60.78
CA SER WD 125 10.73 107.73 -60.73
C SER WD 125 11.15 106.31 -60.45
N ALA WD 126 10.17 105.52 -60.02
CA ALA WD 126 10.44 104.12 -59.69
C ALA WD 126 9.20 103.29 -59.93
N ARG WD 127 9.41 101.99 -60.02
CA ARG WD 127 8.32 101.03 -60.15
C ARG WD 127 8.62 99.79 -59.32
N VAL WD 128 7.59 99.20 -58.71
CA VAL WD 128 7.77 98.12 -57.75
C VAL WD 128 6.78 97.01 -58.06
N HIS WD 129 7.24 95.76 -57.90
CA HIS WD 129 6.43 94.58 -58.13
C HIS WD 129 6.53 93.63 -56.95
N ILE WD 130 5.41 92.99 -56.60
CA ILE WD 130 5.36 92.05 -55.49
C ILE WD 130 4.84 90.71 -55.97
N SER WD 131 5.35 89.63 -55.36
CA SER WD 131 4.84 88.30 -55.64
C SER WD 131 3.43 88.12 -55.07
N TYR WD 132 2.42 88.14 -55.93
CA TYR WD 132 1.07 87.79 -55.50
C TYR WD 132 1.00 86.30 -55.21
N ASP WD 133 0.97 85.91 -53.93
CA ASP WD 133 0.67 84.53 -53.62
C ASP WD 133 -0.82 84.23 -53.69
N ILE WD 134 -1.63 85.28 -53.87
CA ILE WD 134 -3.08 85.19 -53.86
C ILE WD 134 -3.62 84.27 -54.93
N ASP WD 135 -2.81 83.96 -55.95
CA ASP WD 135 -3.23 82.96 -56.91
C ASP WD 135 -3.34 81.58 -56.32
N ALA WD 136 -2.83 81.37 -55.10
CA ALA WD 136 -3.19 80.21 -54.30
C ALA WD 136 -3.96 80.66 -53.08
N GLY WD 137 -5.06 79.96 -52.80
CA GLY WD 137 -5.79 80.20 -51.57
C GLY WD 137 -5.02 79.76 -50.34
N GLU WD 138 -4.07 78.86 -50.51
CA GLU WD 138 -3.22 78.37 -49.43
C GLU WD 138 -4.02 77.76 -48.30
N ASN WD 139 -5.26 77.36 -48.56
CA ASN WD 139 -6.03 76.65 -47.56
C ASN WD 139 -5.33 75.34 -47.25
N GLY WD 140 -4.99 75.15 -45.99
CA GLY WD 140 -4.18 74.01 -45.58
C GLY WD 140 -2.75 74.04 -46.03
N ARG WD 141 -2.28 75.15 -46.62
CA ARG WD 141 -0.90 75.22 -47.05
C ARG WD 141 -0.14 76.25 -46.24
N PRO WD 142 1.14 76.02 -45.96
CA PRO WD 142 1.99 77.10 -45.46
C PRO WD 142 2.28 78.09 -46.58
N PRO WD 143 2.32 79.38 -46.27
CA PRO WD 143 2.55 80.38 -47.32
C PRO WD 143 3.99 80.42 -47.78
N LYS WD 144 4.17 80.70 -49.06
CA LYS WD 144 5.50 81.03 -49.56
C LYS WD 144 5.94 82.40 -49.06
N PRO WD 145 7.24 82.62 -48.91
CA PRO WD 145 7.72 83.96 -48.59
C PRO WD 145 7.56 84.91 -49.76
N VAL WD 146 7.54 86.19 -49.45
CA VAL WD 146 7.35 87.25 -50.43
C VAL WD 146 8.63 87.55 -51.19
N HIS WD 147 8.49 87.91 -52.46
CA HIS WD 147 9.56 88.41 -53.31
C HIS WD 147 9.20 89.78 -53.86
N LEU WD 148 10.23 90.60 -54.14
CA LEU WD 148 10.06 91.99 -54.55
C LEU WD 148 11.02 92.33 -55.69
N SER WD 149 10.57 93.20 -56.60
CA SER WD 149 11.44 93.81 -57.60
C SER WD 149 11.23 95.30 -57.72
N ALA WD 150 12.32 96.06 -57.91
CA ALA WD 150 12.26 97.50 -58.06
C ALA WD 150 13.11 98.03 -59.21
N LEU WD 151 12.57 99.01 -59.94
CA LEU WD 151 13.28 99.74 -60.98
C LEU WD 151 13.34 101.21 -60.59
N ALA WD 152 14.45 101.89 -60.89
CA ALA WD 152 14.50 103.33 -60.61
C ALA WD 152 15.37 104.09 -61.60
N VAL WD 153 15.03 105.38 -61.79
CA VAL WD 153 15.81 106.30 -62.62
C VAL WD 153 16.44 107.38 -61.74
N TYR WD 154 17.76 107.53 -61.80
CA TYR WD 154 18.50 108.53 -61.06
C TYR WD 154 18.99 109.70 -61.92
N GLU WD 155 19.22 110.83 -61.26
CA GLU WD 155 19.96 111.95 -61.83
C GLU WD 155 21.40 111.55 -62.18
N ARG WD 156 21.91 112.21 -63.22
CA ARG WD 156 23.28 111.99 -63.70
C ARG WD 156 24.37 112.28 -62.69
N GLY WD 157 25.34 111.38 -62.61
CA GLY WD 157 26.44 111.42 -61.66
C GLY WD 157 26.18 110.82 -60.30
N SER WD 158 25.22 109.94 -60.17
CA SER WD 158 24.88 109.36 -58.87
C SER WD 158 25.71 108.11 -58.60
N PRO WD 159 26.18 107.90 -57.37
CA PRO WD 159 27.03 106.74 -57.03
C PRO WD 159 26.21 105.47 -56.84
N LEU WD 160 25.69 104.95 -57.95
CA LEU WD 160 24.56 104.03 -57.92
C LEU WD 160 24.82 102.84 -57.01
N ALA WD 161 26.03 102.32 -57.03
CA ALA WD 161 26.36 101.15 -56.22
C ALA WD 161 26.13 101.41 -54.75
N HIS WD 162 26.38 102.62 -54.29
CA HIS WD 162 26.18 102.89 -52.88
C HIS WD 162 24.73 103.15 -52.52
N GLN WD 163 23.83 103.18 -53.51
CA GLN WD 163 22.43 103.39 -53.24
C GLN WD 163 21.61 102.13 -53.41
N ILE WD 164 22.17 101.12 -54.05
CA ILE WD 164 21.48 99.83 -54.08
C ILE WD 164 21.29 99.31 -52.66
N SER WD 165 22.33 99.39 -51.84
CA SER WD 165 22.24 98.92 -50.47
C SER WD 165 21.16 99.66 -49.70
N ASP WD 166 21.07 100.97 -49.91
CA ASP WD 166 20.11 101.77 -49.15
C ASP WD 166 18.68 101.42 -49.52
N ILE WD 167 18.43 101.14 -50.79
CA ILE WD 167 17.07 100.73 -51.16
C ILE WD 167 16.78 99.32 -50.66
N LYS WD 168 17.71 98.39 -50.80
CA LYS WD 168 17.46 97.07 -50.23
C LYS WD 168 17.16 97.15 -48.75
N ARG WD 169 17.93 97.96 -48.02
CA ARG WD 169 17.70 98.09 -46.58
C ARG WD 169 16.32 98.62 -46.29
N PHE WD 170 15.86 99.59 -47.07
CA PHE WD 170 14.51 100.08 -46.85
C PHE WD 170 13.46 99.01 -47.13
N LEU WD 171 13.56 98.32 -48.26
CA LEU WD 171 12.52 97.35 -48.61
C LEU WD 171 12.47 96.16 -47.65
N LYS WD 172 13.62 95.70 -47.16
CA LYS WD 172 13.62 94.47 -46.36
C LYS WD 172 12.65 94.47 -45.20
N ASN WD 173 12.40 95.60 -44.57
CA ASN WD 173 11.57 95.64 -43.37
C ASN WD 173 10.11 95.97 -43.62
N SER WD 174 9.68 96.12 -44.86
CA SER WD 174 8.28 96.45 -45.12
C SER WD 174 7.36 95.23 -45.04
N PHE WD 175 7.92 94.02 -44.90
CA PHE WD 175 7.13 92.79 -44.90
C PHE WD 175 7.60 91.87 -43.79
N ALA WD 176 6.68 90.99 -43.39
CA ALA WD 176 6.96 90.05 -42.30
C ALA WD 176 8.13 89.14 -42.55
N ASP WD 177 8.42 88.75 -43.78
CA ASP WD 177 9.57 87.89 -44.02
C ASP WD 177 10.12 88.11 -45.41
N VAL WD 178 11.36 88.58 -45.46
CA VAL WD 178 12.05 88.78 -46.73
C VAL WD 178 13.53 88.59 -46.46
N ASP WD 179 14.23 88.08 -47.47
CA ASP WD 179 15.67 87.92 -47.41
C ASP WD 179 16.31 88.79 -48.48
N TYR WD 180 17.52 89.27 -48.19
CA TYR WD 180 18.22 90.07 -49.19
C TYR WD 180 18.43 89.31 -50.48
N ASP WD 181 18.42 87.98 -50.41
CA ASP WD 181 18.47 87.15 -51.59
C ASP WD 181 17.27 87.32 -52.50
N ASN WD 182 16.16 87.84 -52.00
CA ASN WD 182 14.91 87.86 -52.72
C ASN WD 182 14.45 89.27 -53.10
N ILE WD 183 15.34 90.25 -53.08
CA ILE WD 183 15.05 91.58 -53.60
C ILE WD 183 15.94 91.85 -54.80
N SER WD 184 15.33 92.09 -55.95
CA SER WD 184 16.01 92.55 -57.15
C SER WD 184 15.88 94.06 -57.31
N VAL WD 185 16.99 94.73 -57.61
CA VAL WD 185 17.03 96.17 -57.80
C VAL WD 185 17.76 96.50 -59.09
N VAL WD 186 17.15 97.33 -59.94
CA VAL WD 186 17.75 97.72 -61.21
C VAL WD 186 17.67 99.23 -61.38
N LEU WD 187 18.81 99.84 -61.68
CA LEU WD 187 18.98 101.29 -61.69
C LEU WD 187 19.42 101.78 -63.07
N SER WD 188 19.03 103.00 -63.40
CA SER WD 188 19.50 103.62 -64.64
C SER WD 188 19.61 105.13 -64.41
N GLU WD 189 20.39 105.80 -65.25
CA GLU WD 189 20.47 107.25 -65.21
C GLU WD 189 19.60 107.94 -66.25
N ARG WD 190 19.22 109.17 -65.94
CA ARG WD 190 18.59 110.08 -66.89
C ARG WD 190 19.39 110.19 -68.18
N SER WD 191 18.67 110.19 -69.31
CA SER WD 191 19.24 110.46 -70.61
C SER WD 191 19.66 111.93 -70.75
N ASP WD 192 20.41 112.21 -71.81
CA ASP WD 192 20.79 113.57 -72.14
C ASP WD 192 19.57 114.48 -72.29
N ALA WD 193 19.71 115.70 -71.80
CA ALA WD 193 18.64 116.70 -71.88
C ALA WD 193 18.42 117.26 -73.28
N GLN WD 194 17.16 117.31 -73.70
CA GLN WD 194 16.71 117.94 -74.96
C GLN WD 194 16.29 119.39 -74.74
N LEU WD 195 17.23 120.33 -74.88
CA LEU WD 195 16.96 121.73 -74.60
C LEU WD 195 16.78 122.58 -75.86
N GLN WD 196 17.56 122.36 -76.90
CA GLN WD 196 17.44 123.14 -78.13
C GLN WD 196 16.26 122.66 -78.98
N ALA WD 197 15.58 123.61 -79.59
CA ALA WD 197 14.38 123.35 -80.38
C ALA WD 197 14.72 122.88 -81.80
N PRO WD 198 13.84 122.10 -82.41
CA PRO WD 198 14.07 121.64 -83.78
C PRO WD 198 14.03 122.76 -84.81
N GLY WD 199 14.74 122.51 -85.91
CA GLY WD 199 14.77 123.44 -87.04
C GLY WD 199 13.54 123.34 -87.94
N THR WD 200 13.10 124.51 -88.41
CA THR WD 200 11.94 124.59 -89.31
C THR WD 200 12.36 124.22 -90.73
N PRO WD 201 11.56 123.40 -91.43
CA PRO WD 201 11.87 123.10 -92.83
C PRO WD 201 12.05 124.37 -93.66
N VAL WD 202 13.03 124.34 -94.56
CA VAL WD 202 13.25 125.45 -95.47
C VAL WD 202 12.20 125.45 -96.56
N ASP XD 20 1.79 132.24 -76.60
CA ASP XD 20 2.01 131.30 -75.51
C ASP XD 20 1.36 129.98 -75.84
N LYS XD 21 2.01 128.89 -75.47
CA LYS XD 21 1.49 127.56 -75.70
C LYS XD 21 1.01 126.91 -74.41
N ASP XD 22 -0.13 126.25 -74.50
CA ASP XD 22 -0.72 125.52 -73.41
C ASP XD 22 -0.05 124.18 -73.16
N LEU XD 23 0.44 124.00 -71.93
CA LEU XD 23 0.98 122.73 -71.47
C LEU XD 23 -0.12 121.86 -70.88
N LEU XD 24 -0.88 122.38 -69.92
CA LEU XD 24 -1.78 121.55 -69.17
C LEU XD 24 -3.04 122.35 -68.86
N LYS XD 25 -4.16 121.64 -68.77
CA LYS XD 25 -5.44 122.23 -68.40
C LYS XD 25 -6.18 121.35 -67.43
N GLY XD 26 -7.18 121.95 -66.80
CA GLY XD 26 -8.01 121.26 -65.81
C GLY XD 26 -7.25 120.72 -64.62
N LEU XD 27 -6.20 121.40 -64.20
CA LEU XD 27 -5.42 120.98 -63.05
C LEU XD 27 -6.10 121.35 -61.74
N ASP XD 28 -5.81 120.57 -60.72
CA ASP XD 28 -6.03 120.96 -59.34
C ASP XD 28 -4.95 121.92 -58.86
N GLN XD 29 -5.31 122.68 -57.83
CA GLN XD 29 -4.41 123.68 -57.25
C GLN XD 29 -3.07 123.08 -56.82
N GLU XD 30 -3.10 121.94 -56.14
CA GLU XD 30 -1.86 121.35 -55.65
C GLU XD 30 -1.00 120.84 -56.79
N GLN XD 31 -1.63 120.46 -57.88
CA GLN XD 31 -0.90 120.03 -59.07
C GLN XD 31 -0.26 121.23 -59.74
N ALA XD 32 -0.99 122.34 -59.81
CA ALA XD 32 -0.43 123.53 -60.41
C ALA XD 32 0.79 124.00 -59.63
N ASN XD 33 0.72 123.99 -58.30
CA ASN XD 33 1.86 124.44 -57.53
C ASN XD 33 3.06 123.50 -57.62
N GLU XD 34 2.81 122.20 -57.79
CA GLU XD 34 3.93 121.30 -58.04
C GLU XD 34 4.60 121.56 -59.37
N VAL XD 35 3.81 121.80 -60.41
CA VAL XD 35 4.38 122.03 -61.73
C VAL XD 35 5.18 123.32 -61.75
N ILE XD 36 4.63 124.38 -61.18
CA ILE XD 36 5.37 125.64 -61.11
C ILE XD 36 6.69 125.46 -60.37
N ALA XD 37 6.68 124.73 -59.26
CA ALA XD 37 7.93 124.50 -58.53
C ALA XD 37 8.98 123.82 -59.37
N VAL XD 38 8.59 122.77 -60.10
CA VAL XD 38 9.57 122.04 -60.89
C VAL XD 38 10.09 122.84 -62.08
N LEU XD 39 9.25 123.67 -62.71
CA LEU XD 39 9.81 124.45 -63.82
C LEU XD 39 10.72 125.57 -63.33
N GLN XD 40 10.31 126.29 -62.30
CA GLN XD 40 11.21 127.29 -61.75
C GLN XD 40 12.55 126.70 -61.38
N MET XD 41 12.57 125.50 -60.83
CA MET XD 41 13.89 124.94 -60.51
C MET XD 41 14.77 124.85 -61.73
N HIS XD 42 14.22 124.58 -62.92
CA HIS XD 42 15.03 124.50 -64.13
C HIS XD 42 15.08 125.79 -64.92
N ASN XD 43 14.73 126.91 -64.30
CA ASN XD 43 14.78 128.21 -64.97
C ASN XD 43 13.79 128.43 -66.11
N ILE XD 44 12.59 127.92 -65.99
CA ILE XD 44 11.55 128.12 -66.98
C ILE XD 44 10.48 128.97 -66.31
N GLU XD 45 10.29 130.18 -66.81
CA GLU XD 45 9.23 131.07 -66.33
C GLU XD 45 7.87 130.63 -66.85
N ALA XD 46 6.95 130.33 -65.92
CA ALA XD 46 5.64 129.80 -66.25
C ALA XD 46 4.56 130.69 -65.67
N ASN XD 47 3.35 130.56 -66.20
CA ASN XD 47 2.20 131.34 -65.76
C ASN XD 47 1.04 130.43 -65.44
N LYS XD 48 0.40 130.70 -64.30
CA LYS XD 48 -0.76 129.97 -63.80
C LYS XD 48 -2.02 130.82 -63.95
N ILE XD 49 -3.03 130.24 -64.59
CA ILE XD 49 -4.31 130.90 -64.88
C ILE XD 49 -5.45 130.10 -64.28
N ASP XD 50 -6.44 130.80 -63.73
CA ASP XD 50 -7.62 130.21 -63.10
C ASP XD 50 -8.87 130.42 -63.94
N SER XD 51 -9.55 129.32 -64.25
CA SER XD 51 -10.80 129.31 -65.01
C SER XD 51 -11.98 128.88 -64.16
N GLY XD 52 -11.82 128.86 -62.84
CA GLY XD 52 -12.81 128.39 -61.88
C GLY XD 52 -13.26 126.94 -61.92
N LYS XD 53 -14.50 126.67 -62.29
CA LYS XD 53 -14.97 125.29 -62.43
C LYS XD 53 -14.12 124.48 -63.40
N LEU XD 54 -13.35 125.12 -64.27
CA LEU XD 54 -12.50 124.41 -65.21
C LEU XD 54 -11.10 124.18 -64.69
N GLY XD 55 -10.78 124.64 -63.49
CA GLY XD 55 -9.45 124.54 -62.93
C GLY XD 55 -8.39 125.49 -63.48
N TYR XD 56 -7.15 125.13 -63.20
CA TYR XD 56 -5.98 125.88 -63.61
C TYR XD 56 -5.36 125.42 -64.92
N SER XD 57 -4.77 126.39 -65.60
CA SER XD 57 -4.08 126.26 -66.87
C SER XD 57 -2.67 126.79 -66.70
N ILE XD 58 -1.73 126.20 -67.42
CA ILE XD 58 -0.32 126.52 -67.32
C ILE XD 58 0.19 126.89 -68.70
N THR XD 59 0.91 128.01 -68.78
CA THR XD 59 1.44 128.48 -70.05
C THR XD 59 2.89 128.90 -69.94
N VAL XD 60 3.60 128.80 -71.06
CA VAL XD 60 5.01 129.16 -71.17
C VAL XD 60 5.23 129.84 -72.51
N ALA XD 61 6.36 130.54 -72.61
CA ALA XD 61 6.82 131.09 -73.87
C ALA XD 61 7.33 130.03 -74.83
N GLU XD 62 7.29 130.40 -76.12
CA GLU XD 62 7.75 129.51 -77.18
C GLU XD 62 9.20 129.08 -77.01
N PRO XD 63 10.17 129.97 -76.79
CA PRO XD 63 11.54 129.51 -76.59
C PRO XD 63 11.72 128.47 -75.50
N ASP XD 64 10.82 128.41 -74.53
CA ASP XD 64 10.93 127.45 -73.43
C ASP XD 64 10.00 126.26 -73.59
N PHE XD 65 9.16 126.25 -74.61
CA PHE XD 65 8.20 125.16 -74.77
C PHE XD 65 8.89 123.79 -74.83
N THR XD 66 9.89 123.63 -75.69
CA THR XD 66 10.60 122.36 -75.81
C THR XD 66 11.12 121.84 -74.48
N ALA XD 67 11.86 122.66 -73.75
CA ALA XD 67 12.34 122.25 -72.44
C ALA XD 67 11.21 121.87 -71.52
N ALA XD 68 10.15 122.67 -71.49
CA ALA XD 68 9.05 122.35 -70.60
C ALA XD 68 8.48 120.98 -70.90
N VAL XD 69 8.28 120.68 -72.17
CA VAL XD 69 7.80 119.36 -72.57
C VAL XD 69 8.72 118.27 -72.06
N TYR XD 70 10.01 118.43 -72.26
CA TYR XD 70 10.95 117.38 -71.85
C TYR XD 70 10.94 117.15 -70.34
N TRP XD 71 10.86 118.21 -69.54
CA TRP XD 71 10.80 117.99 -68.10
C TRP XD 71 9.46 117.42 -67.65
N ILE XD 72 8.36 117.88 -68.23
CA ILE XD 72 7.08 117.27 -67.92
C ILE XD 72 7.11 115.78 -68.14
N LYS XD 73 7.70 115.35 -69.26
CA LYS XD 73 7.87 113.92 -69.47
C LYS XD 73 8.74 113.28 -68.40
N THR XD 74 9.90 113.86 -68.12
CA THR XD 74 10.84 113.18 -67.25
C THR XD 74 10.28 113.01 -65.84
N TYR XD 75 9.63 114.03 -65.30
CA TYR XD 75 9.01 113.91 -63.99
C TYR XD 75 7.60 113.32 -64.01
N GLN XD 76 7.06 112.97 -65.16
CA GLN XD 76 5.74 112.36 -65.23
C GLN XD 76 4.67 113.22 -64.57
N LEU XD 77 4.78 114.53 -64.72
CA LEU XD 77 3.80 115.42 -64.15
C LEU XD 77 2.53 115.36 -64.99
N PRO XD 78 1.41 115.84 -64.46
CA PRO XD 78 1.09 116.25 -63.10
C PRO XD 78 0.97 115.07 -62.15
N PRO XD 79 1.15 115.31 -60.87
CA PRO XD 79 1.25 114.21 -59.92
C PRO XD 79 -0.10 113.54 -59.68
N ARG XD 80 -0.06 112.24 -59.45
CA ARG XD 80 -1.24 111.49 -59.07
C ARG XD 80 -1.51 111.57 -57.58
N PRO XD 81 -2.75 111.34 -57.16
CA PRO XD 81 -3.11 111.52 -55.75
C PRO XD 81 -2.49 110.48 -54.85
N ARG XD 82 -2.35 110.84 -53.57
CA ARG XD 82 -1.79 109.93 -52.58
C ARG XD 82 -2.70 108.72 -52.37
N VAL XD 83 -2.06 107.58 -52.15
CA VAL XD 83 -2.74 106.30 -51.94
C VAL XD 83 -2.69 105.92 -50.46
N GLU XD 84 -3.86 105.64 -49.89
CA GLU XD 84 -3.95 105.12 -48.53
C GLU XD 84 -4.88 103.91 -48.48
N ILE XD 85 -4.46 102.88 -47.75
CA ILE XD 85 -5.09 101.57 -47.88
C ILE XD 85 -6.57 101.64 -47.52
N ALA XD 86 -6.93 102.48 -46.57
CA ALA XD 86 -8.33 102.65 -46.20
C ALA XD 86 -9.23 102.97 -47.38
N GLN XD 87 -8.69 103.54 -48.46
CA GLN XD 87 -9.52 103.79 -49.63
C GLN XD 87 -10.07 102.52 -50.25
N MET XD 88 -9.34 101.42 -50.16
CA MET XD 88 -9.81 100.18 -50.73
C MET XD 88 -10.90 99.51 -49.91
N PHE XD 89 -11.15 99.97 -48.69
CA PHE XD 89 -12.08 99.31 -47.78
C PHE XD 89 -12.96 100.36 -47.11
N PRO XD 90 -13.76 101.07 -47.89
CA PRO XD 90 -14.56 102.15 -47.32
C PRO XD 90 -15.48 101.65 -46.21
N ALA XD 91 -15.73 102.53 -45.24
CA ALA XD 91 -16.62 102.23 -44.14
C ALA XD 91 -18.09 102.16 -44.56
N ASP XD 92 -18.43 102.65 -45.74
CA ASP XD 92 -19.81 102.67 -46.22
C ASP XD 92 -20.36 101.31 -46.61
N SER XD 93 -19.53 100.29 -46.76
CA SER XD 93 -20.01 99.05 -47.33
C SER XD 93 -21.02 98.37 -46.39
N LEU XD 94 -21.95 97.64 -47.00
CA LEU XD 94 -23.00 97.00 -46.22
C LEU XD 94 -22.48 95.85 -45.38
N VAL XD 95 -21.34 95.26 -45.75
CA VAL XD 95 -20.74 94.21 -44.96
C VAL XD 95 -19.25 94.50 -44.86
N SER XD 96 -18.64 94.06 -43.77
CA SER XD 96 -17.19 94.03 -43.70
C SER XD 96 -16.72 92.72 -43.09
N SER XD 97 -15.70 92.15 -43.70
CA SER XD 97 -15.02 91.01 -43.11
C SER XD 97 -14.06 91.49 -42.03
N PRO XD 98 -13.74 90.61 -41.08
CA PRO XD 98 -12.66 90.94 -40.16
C PRO XD 98 -11.37 91.39 -40.84
N ARG XD 99 -11.06 90.84 -42.00
CA ARG XD 99 -9.88 91.28 -42.73
C ARG XD 99 -9.97 92.75 -43.09
N ALA XD 100 -11.12 93.19 -43.59
CA ALA XD 100 -11.30 94.59 -43.93
C ALA XD 100 -11.20 95.49 -42.71
N GLU XD 101 -11.89 95.15 -41.63
CA GLU XD 101 -11.77 95.97 -40.43
C GLU XD 101 -10.33 96.11 -39.97
N LYS XD 102 -9.63 94.99 -39.86
CA LYS XD 102 -8.23 95.00 -39.43
C LYS XD 102 -7.36 95.85 -40.36
N ALA XD 103 -7.62 95.79 -41.66
CA ALA XD 103 -6.86 96.63 -42.59
C ALA XD 103 -7.10 98.11 -42.33
N ARG XD 104 -8.35 98.54 -42.23
CA ARG XD 104 -8.58 99.95 -41.90
C ARG XD 104 -7.82 100.36 -40.65
N LEU XD 105 -7.88 99.54 -39.61
CA LEU XD 105 -7.15 99.86 -38.39
C LEU XD 105 -5.67 100.16 -38.65
N TYR XD 106 -4.96 99.20 -39.25
CA TYR XD 106 -3.54 99.45 -39.55
C TYR XD 106 -3.32 100.69 -40.40
N SER XD 107 -4.18 100.92 -41.39
CA SER XD 107 -3.98 102.07 -42.25
C SER XD 107 -4.23 103.38 -41.54
N ALA XD 108 -4.93 103.38 -40.43
CA ALA XD 108 -5.06 104.61 -39.67
C ALA XD 108 -3.92 104.81 -38.68
N ILE XD 109 -3.38 103.72 -38.16
CA ILE XD 109 -2.20 103.84 -37.31
C ILE XD 109 -1.00 104.39 -38.07
N GLU XD 110 -0.77 103.92 -39.30
CA GLU XD 110 0.31 104.49 -40.12
C GLU XD 110 0.21 106.00 -40.26
N GLN XD 111 -0.96 106.49 -40.62
CA GLN XD 111 -1.12 107.92 -40.85
C GLN XD 111 -0.92 108.69 -39.56
N ARG XD 112 -1.36 108.16 -38.45
CA ARG XD 112 -1.20 108.90 -37.21
C ARG XD 112 0.26 108.97 -36.78
N LEU XD 113 1.03 107.91 -37.05
CA LEU XD 113 2.45 108.00 -36.72
C LEU XD 113 3.19 108.99 -37.60
N GLU XD 114 2.93 109.00 -38.91
CA GLU XD 114 3.56 110.04 -39.75
C GLU XD 114 3.25 111.44 -39.24
N GLN XD 115 2.00 111.69 -38.88
CA GLN XD 115 1.70 113.02 -38.38
C GLN XD 115 2.40 113.29 -37.07
N SER XD 116 2.67 112.26 -36.27
CA SER XD 116 3.39 112.53 -35.03
C SER XD 116 4.84 112.86 -35.32
N LEU XD 117 5.49 112.09 -36.19
CA LEU XD 117 6.91 112.35 -36.46
C LEU XD 117 7.14 113.75 -36.99
N GLN XD 118 6.24 114.26 -37.82
CA GLN XD 118 6.51 115.61 -38.32
C GLN XD 118 6.60 116.68 -37.25
N THR XD 119 6.16 116.44 -36.02
CA THR XD 119 6.31 117.44 -34.97
C THR XD 119 7.65 117.41 -34.25
N MET XD 120 8.46 116.37 -34.43
CA MET XD 120 9.81 116.39 -33.86
C MET XD 120 10.61 117.58 -34.38
N GLU XD 121 11.63 117.92 -33.61
CA GLU XD 121 12.54 119.03 -33.92
C GLU XD 121 13.38 118.78 -35.16
N GLY XD 122 13.22 119.66 -36.15
CA GLY XD 122 13.96 119.59 -37.40
C GLY XD 122 13.31 118.78 -38.51
N VAL XD 123 12.43 117.84 -38.20
CA VAL XD 123 11.86 117.04 -39.27
C VAL XD 123 10.94 117.91 -40.12
N LEU XD 124 11.12 117.86 -41.44
CA LEU XD 124 10.25 118.55 -42.37
C LEU XD 124 9.16 117.66 -42.94
N SER XD 125 9.47 116.41 -43.25
CA SER XD 125 8.47 115.47 -43.72
C SER XD 125 8.97 114.05 -43.48
N ALA XD 126 8.01 113.12 -43.40
CA ALA XD 126 8.36 111.73 -43.13
C ALA XD 126 7.32 110.80 -43.73
N ARG XD 127 7.72 109.53 -43.84
CA ARG XD 127 6.88 108.45 -44.36
C ARG XD 127 7.10 107.24 -43.46
N VAL XD 128 6.04 106.47 -43.20
CA VAL XD 128 6.16 105.26 -42.38
C VAL XD 128 5.40 104.11 -43.02
N HIS XD 129 5.96 102.90 -42.90
CA HIS XD 129 5.34 101.68 -43.41
C HIS XD 129 5.31 100.60 -42.34
N ILE XD 130 4.23 99.82 -42.31
CA ILE XD 130 4.04 98.72 -41.36
C ILE XD 130 3.78 97.42 -42.10
N SER XD 131 4.30 96.32 -41.58
CA SER XD 131 4.00 94.98 -42.10
C SER XD 131 2.53 94.61 -41.89
N TYR XD 132 1.74 94.59 -42.96
CA TYR XD 132 0.34 94.16 -42.91
C TYR XD 132 0.24 92.64 -42.79
N ASP XD 133 0.40 92.15 -41.56
CA ASP XD 133 0.47 90.71 -41.32
C ASP XD 133 -0.84 90.00 -41.64
N ILE XD 134 -1.95 90.72 -41.70
CA ILE XD 134 -3.29 90.14 -41.84
C ILE XD 134 -3.50 89.56 -43.23
N ASP XD 135 -2.49 89.62 -44.08
CA ASP XD 135 -2.55 88.91 -45.36
C ASP XD 135 -2.53 87.41 -45.20
N ALA XD 136 -2.36 86.93 -43.97
CA ALA XD 136 -2.83 85.62 -43.53
C ALA XD 136 -3.73 85.83 -42.33
N GLY XD 137 -4.64 84.88 -42.10
CA GLY XD 137 -5.62 85.08 -41.07
C GLY XD 137 -5.04 85.07 -39.68
N GLU XD 138 -3.86 84.50 -39.52
CA GLU XD 138 -3.20 84.36 -38.23
C GLU XD 138 -4.01 83.54 -37.23
N ASN XD 139 -5.00 82.80 -37.70
CA ASN XD 139 -5.51 81.67 -36.96
C ASN XD 139 -4.65 80.44 -37.21
N GLY XD 140 -4.68 79.50 -36.27
CA GLY XD 140 -3.97 78.26 -36.44
C GLY XD 140 -2.46 78.38 -36.43
N ARG XD 141 -1.91 79.59 -36.55
CA ARG XD 141 -0.50 79.84 -36.42
C ARG XD 141 -0.28 80.95 -35.40
N PRO XD 142 0.81 80.89 -34.64
CA PRO XD 142 1.15 82.00 -33.77
C PRO XD 142 1.48 83.24 -34.59
N PRO XD 143 1.21 84.43 -34.07
CA PRO XD 143 1.38 85.65 -34.84
C PRO XD 143 2.85 86.00 -35.05
N LYS XD 144 3.14 86.57 -36.20
CA LYS XD 144 4.48 86.94 -36.60
C LYS XD 144 4.86 88.27 -35.92
N PRO XD 145 6.15 88.54 -35.75
CA PRO XD 145 6.54 89.88 -35.28
C PRO XD 145 6.30 90.97 -36.30
N VAL XD 146 6.03 92.17 -35.78
CA VAL XD 146 5.87 93.39 -36.57
C VAL XD 146 7.20 93.93 -37.08
N HIS XD 147 7.18 94.48 -38.30
CA HIS XD 147 8.28 95.19 -38.93
C HIS XD 147 7.83 96.58 -39.36
N LEU XD 148 8.73 97.56 -39.20
CA LEU XD 148 8.47 98.96 -39.48
C LEU XD 148 9.59 99.57 -40.30
N SER XD 149 9.25 100.49 -41.20
CA SER XD 149 10.26 101.26 -41.96
C SER XD 149 9.91 102.74 -42.02
N ALA XD 150 10.91 103.60 -41.91
CA ALA XD 150 10.68 105.05 -41.92
C ALA XD 150 11.66 105.83 -42.79
N LEU XD 151 11.15 106.86 -43.45
CA LEU XD 151 11.95 107.83 -44.20
C LEU XD 151 11.73 109.22 -43.63
N ALA XD 152 12.77 110.04 -43.55
CA ALA XD 152 12.58 111.42 -43.12
C ALA XD 152 13.56 112.39 -43.74
N VAL XD 153 13.12 113.65 -43.87
CA VAL XD 153 13.94 114.76 -44.36
C VAL XD 153 14.18 115.79 -43.26
N TYR XD 154 15.44 116.17 -43.08
CA TYR XD 154 15.87 117.10 -42.03
C TYR XD 154 16.35 118.44 -42.57
N GLU XD 155 16.25 119.44 -41.71
CA GLU XD 155 16.88 120.73 -41.94
C GLU XD 155 18.40 120.59 -42.03
N ARG XD 156 19.00 121.46 -42.83
CA ARG XD 156 20.44 121.49 -43.03
C ARG XD 156 21.22 121.75 -41.74
N GLY XD 157 22.28 120.98 -41.55
CA GLY XD 157 23.11 121.06 -40.36
C GLY XD 157 22.69 120.20 -39.20
N SER XD 158 21.99 119.12 -39.46
CA SER XD 158 21.50 118.16 -38.48
C SER XD 158 22.43 116.95 -38.39
N PRO XD 159 22.86 116.53 -37.19
CA PRO XD 159 23.66 115.30 -37.09
C PRO XD 159 22.80 114.06 -37.25
N LEU XD 160 22.62 113.67 -38.50
CA LEU XD 160 21.75 112.55 -38.84
C LEU XD 160 22.09 111.29 -38.07
N ALA XD 161 23.38 110.95 -38.01
CA ALA XD 161 23.79 109.76 -37.29
C ALA XD 161 23.28 109.78 -35.86
N HIS XD 162 23.45 110.90 -35.16
CA HIS XD 162 22.95 110.98 -33.80
C HIS XD 162 21.43 111.06 -33.70
N GLN XD 163 20.75 111.41 -34.78
CA GLN XD 163 19.29 111.52 -34.68
C GLN XD 163 18.56 110.24 -35.04
N ILE XD 164 19.22 109.26 -35.64
CA ILE XD 164 18.50 108.01 -35.90
C ILE XD 164 18.07 107.37 -34.59
N SER XD 165 18.90 107.45 -33.56
CA SER XD 165 18.58 106.87 -32.27
C SER XD 165 17.22 107.33 -31.74
N ASP XD 166 16.97 108.63 -31.71
CA ASP XD 166 15.69 109.14 -31.22
C ASP XD 166 14.51 108.52 -31.95
N ILE XD 167 14.54 108.52 -33.28
CA ILE XD 167 13.44 107.92 -34.04
C ILE XD 167 13.24 106.46 -33.64
N LYS XD 168 14.30 105.66 -33.68
CA LYS XD 168 14.14 104.27 -33.27
C LYS XD 168 13.53 104.13 -31.89
N ARG XD 169 14.02 104.88 -30.92
CA ARG XD 169 13.49 104.80 -29.58
C ARG XD 169 12.01 105.13 -29.55
N PHE XD 170 11.60 106.13 -30.33
CA PHE XD 170 10.21 106.51 -30.39
C PHE XD 170 9.33 105.44 -31.01
N LEU XD 171 9.77 104.81 -32.09
CA LEU XD 171 8.93 103.83 -32.76
C LEU XD 171 8.85 102.51 -32.00
N LYS XD 172 9.94 102.07 -31.38
CA LYS XD 172 9.94 100.78 -30.70
C LYS XD 172 8.73 100.55 -29.79
N ASN XD 173 8.36 101.52 -28.99
CA ASN XD 173 7.24 101.34 -28.05
C ASN XD 173 5.85 101.57 -28.61
N SER XD 174 5.68 101.87 -29.88
CA SER XD 174 4.32 102.05 -30.37
C SER XD 174 3.61 100.73 -30.66
N PHE XD 175 4.29 99.59 -30.52
CA PHE XD 175 3.70 98.29 -30.82
C PHE XD 175 4.06 97.29 -29.74
N ALA XD 176 3.23 96.26 -29.64
CA ALA XD 176 3.42 95.23 -28.63
C ALA XD 176 4.74 94.48 -28.73
N ASP XD 177 5.28 94.27 -29.92
CA ASP XD 177 6.51 93.48 -30.01
C ASP XD 177 7.31 93.90 -31.23
N VAL XD 178 8.35 94.69 -30.99
CA VAL XD 178 9.21 95.18 -32.04
C VAL XD 178 10.62 95.18 -31.51
N ASP XD 179 11.56 94.77 -32.35
CA ASP XD 179 12.97 94.74 -32.01
C ASP XD 179 13.71 95.79 -32.82
N TYR XD 180 14.70 96.43 -32.19
CA TYR XD 180 15.50 97.41 -32.91
C TYR XD 180 16.03 96.83 -34.21
N ASP XD 181 16.28 95.53 -34.22
CA ASP XD 181 16.73 94.88 -35.45
C ASP XD 181 15.70 94.99 -36.56
N ASN XD 182 14.42 95.04 -36.24
CA ASN XD 182 13.35 95.08 -37.23
C ASN XD 182 12.92 96.49 -37.65
N ILE XD 183 13.67 97.53 -37.33
CA ILE XD 183 13.30 98.90 -37.70
C ILE XD 183 14.35 99.47 -38.64
N SER XD 184 13.92 99.83 -39.84
CA SER XD 184 14.75 100.48 -40.84
C SER XD 184 14.46 101.97 -40.91
N VAL XD 185 15.51 102.78 -40.93
CA VAL XD 185 15.39 104.24 -40.94
C VAL XD 185 16.34 104.83 -41.97
N VAL XD 186 15.81 105.67 -42.85
CA VAL XD 186 16.59 106.38 -43.87
C VAL XD 186 16.34 107.88 -43.76
N LEU XD 187 17.41 108.64 -43.66
CA LEU XD 187 17.35 110.09 -43.49
C LEU XD 187 18.05 110.82 -44.62
N SER XD 188 17.58 112.03 -44.91
CA SER XD 188 18.21 112.86 -45.94
C SER XD 188 18.05 114.33 -45.58
N GLU XD 189 18.94 115.16 -46.13
CA GLU XD 189 18.87 116.60 -45.95
C GLU XD 189 18.11 117.32 -47.06
N ARG XD 190 17.54 118.45 -46.70
CA ARG XD 190 16.94 119.39 -47.65
C ARG XD 190 17.95 119.87 -48.69
N SER XD 191 17.50 119.95 -49.93
CA SER XD 191 18.26 120.52 -51.03
C SER XD 191 18.43 122.03 -50.88
N ASP XD 192 19.32 122.58 -51.71
CA ASP XD 192 19.55 124.02 -51.79
C ASP XD 192 18.27 124.78 -52.09
N ALA XD 193 18.12 125.93 -51.45
CA ALA XD 193 16.97 126.81 -51.62
C ALA XD 193 16.93 127.52 -52.97
N GLN XD 194 15.77 127.51 -53.60
CA GLN XD 194 15.50 128.26 -54.83
C GLN XD 194 14.89 129.61 -54.53
N LEU XD 195 15.74 130.62 -54.35
CA LEU XD 195 15.32 131.97 -53.96
C LEU XD 195 15.32 132.96 -55.12
N GLN XD 196 16.31 132.92 -56.00
CA GLN XD 196 16.35 133.85 -57.13
C GLN XD 196 15.41 133.44 -58.24
N ALA XD 197 14.76 134.44 -58.84
CA ALA XD 197 13.82 134.25 -59.93
C ALA XD 197 14.49 133.89 -61.25
N PRO XD 198 13.82 133.10 -62.08
CA PRO XD 198 14.34 132.80 -63.42
C PRO XD 198 14.36 134.01 -64.33
N GLY XD 199 15.27 133.98 -65.30
CA GLY XD 199 15.36 135.03 -66.29
C GLY XD 199 14.34 134.93 -67.41
N THR XD 200 13.83 136.08 -67.82
CA THR XD 200 12.84 136.16 -68.91
C THR XD 200 13.53 136.07 -70.26
N PRO XD 201 13.01 135.29 -71.20
CA PRO XD 201 13.59 135.25 -72.54
C PRO XD 201 13.72 136.65 -73.13
N VAL XD 202 14.83 136.89 -73.82
CA VAL XD 202 15.04 138.15 -74.50
C VAL XD 202 14.17 138.21 -75.75
N ASP YD 20 -0.31 141.33 -57.55
CA ASP YD 20 -0.16 140.23 -56.60
C ASP YD 20 -0.59 138.92 -57.23
N LYS YD 21 0.09 137.85 -56.87
CA LYS YD 21 -0.20 136.53 -57.40
C LYS YD 21 -0.87 135.66 -56.35
N ASP YD 22 -1.88 134.93 -56.78
CA ASP YD 22 -2.61 133.98 -55.94
C ASP YD 22 -1.83 132.69 -55.73
N LEU YD 23 -1.57 132.38 -54.46
CA LEU YD 23 -0.99 131.10 -54.06
C LEU YD 23 -2.04 130.04 -53.83
N LEU YD 24 -3.02 130.32 -52.97
CA LEU YD 24 -3.94 129.29 -52.52
C LEU YD 24 -5.30 129.92 -52.32
N LYS YD 25 -6.34 129.12 -52.55
CA LYS YD 25 -7.71 129.55 -52.37
C LYS YD 25 -8.53 128.46 -51.69
N GLY YD 26 -9.69 128.86 -51.19
CA GLY YD 26 -10.57 127.95 -50.48
C GLY YD 26 -9.99 127.30 -49.25
N LEU YD 27 -9.07 127.97 -48.56
CA LEU YD 27 -8.49 127.42 -47.36
C LEU YD 27 -9.47 127.50 -46.20
N ASP YD 28 -9.27 126.65 -45.20
CA ASP YD 28 -9.87 126.84 -43.89
C ASP YD 28 -9.03 127.75 -43.00
N GLN YD 29 -9.71 128.34 -42.01
CA GLN YD 29 -9.08 129.28 -41.07
C GLN YD 29 -7.80 128.75 -40.45
N GLU YD 30 -7.77 127.48 -40.10
CA GLU YD 30 -6.65 126.88 -39.41
C GLU YD 30 -5.61 126.33 -40.36
N GLN YD 31 -5.91 126.28 -41.64
CA GLN YD 31 -4.87 126.13 -42.63
C GLN YD 31 -4.21 127.47 -42.90
N ALA YD 32 -5.02 128.51 -43.09
CA ALA YD 32 -4.49 129.81 -43.45
C ALA YD 32 -3.54 130.35 -42.39
N ASN YD 33 -3.86 130.16 -41.11
CA ASN YD 33 -2.95 130.70 -40.11
C ASN YD 33 -1.63 129.95 -40.04
N GLU YD 34 -1.63 128.66 -40.38
CA GLU YD 34 -0.38 127.92 -40.47
C GLU YD 34 0.45 128.37 -41.66
N VAL YD 35 -0.20 128.63 -42.79
CA VAL YD 35 0.54 129.10 -43.96
C VAL YD 35 1.18 130.45 -43.68
N ILE YD 36 0.41 131.39 -43.14
CA ILE YD 36 0.98 132.69 -42.84
C ILE YD 36 2.17 132.56 -41.90
N ALA YD 37 2.06 131.68 -40.89
CA ALA YD 37 3.17 131.52 -39.97
C ALA YD 37 4.44 131.04 -40.67
N VAL YD 38 4.29 130.05 -41.54
CA VAL YD 38 5.47 129.53 -42.23
C VAL YD 38 6.05 130.51 -43.22
N LEU YD 39 5.24 131.33 -43.87
CA LEU YD 39 5.83 132.31 -44.78
C LEU YD 39 6.53 133.43 -44.02
N GLN YD 40 5.90 133.98 -42.99
CA GLN YD 40 6.55 135.01 -42.19
C GLN YD 40 7.88 134.57 -41.64
N MET YD 41 7.99 133.31 -41.21
CA MET YD 41 9.28 132.89 -40.67
C MET YD 41 10.45 133.09 -41.65
N HIS YD 42 10.23 132.93 -42.96
CA HIS YD 42 11.27 133.11 -43.96
C HIS YD 42 11.33 134.50 -44.56
N ASN YD 43 10.76 135.48 -43.90
CA ASN YD 43 10.73 136.87 -44.36
C ASN YD 43 9.90 137.15 -45.61
N ILE YD 44 8.78 136.47 -45.78
CA ILE YD 44 7.89 136.72 -46.90
C ILE YD 44 6.62 137.32 -46.31
N GLU YD 45 6.33 138.56 -46.67
CA GLU YD 45 5.10 139.24 -46.28
C GLU YD 45 3.91 138.76 -47.10
N ALA YD 46 2.89 138.23 -46.43
CA ALA YD 46 1.74 137.65 -47.09
C ALA YD 46 0.46 138.33 -46.60
N ASN YD 47 -0.60 138.19 -47.40
CA ASN YD 47 -1.90 138.78 -47.09
C ASN YD 47 -3.00 137.74 -47.16
N LYS YD 48 -3.87 137.76 -46.16
CA LYS YD 48 -5.02 136.87 -46.04
C LYS YD 48 -6.30 137.63 -46.33
N ILE YD 49 -7.10 137.10 -47.24
CA ILE YD 49 -8.36 137.71 -47.69
C ILE YD 49 -9.49 136.71 -47.44
N ASP YD 50 -10.62 137.23 -46.99
CA ASP YD 50 -11.80 136.43 -46.68
C ASP YD 50 -12.91 136.64 -47.70
N SER YD 51 -13.39 135.53 -48.28
CA SER YD 51 -14.48 135.52 -49.24
C SER YD 51 -15.73 134.84 -48.69
N GLY YD 52 -15.79 134.61 -47.39
CA GLY YD 52 -16.86 133.89 -46.73
C GLY YD 52 -17.09 132.44 -47.09
N LYS YD 53 -18.22 132.14 -47.73
CA LYS YD 53 -18.48 130.78 -48.19
C LYS YD 53 -17.39 130.23 -49.10
N LEU YD 54 -16.55 131.07 -49.68
CA LEU YD 54 -15.48 130.59 -50.55
C LEU YD 54 -14.17 130.40 -49.79
N GLY YD 55 -14.13 130.70 -48.49
CA GLY YD 55 -12.94 130.64 -47.67
C GLY YD 55 -11.91 131.75 -47.83
N TYR YD 56 -10.73 131.45 -47.30
CA TYR YD 56 -9.60 132.37 -47.33
C TYR YD 56 -8.65 132.17 -48.51
N SER YD 57 -8.06 133.27 -48.93
CA SER YD 57 -7.09 133.34 -50.02
C SER YD 57 -5.83 133.99 -49.50
N ILE YD 58 -4.69 133.55 -50.04
CA ILE YD 58 -3.36 134.04 -49.65
C ILE YD 58 -2.69 134.63 -50.88
N THR YD 59 -2.12 135.83 -50.70
CA THR YD 59 -1.45 136.50 -51.81
C THR YD 59 -0.14 137.09 -51.35
N VAL YD 60 0.79 137.20 -52.30
CA VAL YD 60 2.12 137.75 -52.07
C VAL YD 60 2.54 138.58 -53.27
N ALA YD 61 3.55 139.40 -53.06
CA ALA YD 61 4.17 140.15 -54.14
C ALA YD 61 5.01 139.26 -55.07
N GLU YD 62 5.16 139.76 -56.29
CA GLU YD 62 5.94 139.07 -57.32
C GLU YD 62 7.37 138.77 -56.91
N PRO YD 63 8.14 139.72 -56.41
CA PRO YD 63 9.51 139.38 -55.98
C PRO YD 63 9.59 138.21 -55.02
N ASP YD 64 8.53 137.94 -54.27
CA ASP YD 64 8.55 136.85 -53.30
C ASP YD 64 7.81 135.61 -53.79
N PHE YD 65 7.18 135.67 -54.94
CA PHE YD 65 6.39 134.54 -55.43
C PHE YD 65 7.23 133.28 -55.54
N THR YD 66 8.36 133.35 -56.22
CA THR YD 66 9.24 132.18 -56.37
C THR YD 66 9.59 131.51 -55.05
N ALA YD 67 10.11 132.28 -54.09
CA ALA YD 67 10.43 131.72 -52.79
C ALA YD 67 9.22 131.10 -52.12
N ALA YD 68 8.09 131.79 -52.15
CA ALA YD 68 6.91 131.24 -51.49
C ALA YD 68 6.51 129.92 -52.10
N VAL YD 69 6.61 129.78 -53.42
CA VAL YD 69 6.34 128.51 -54.07
C VAL YD 69 7.27 127.43 -53.57
N TYR YD 70 8.56 127.71 -53.53
CA TYR YD 70 9.50 126.70 -53.06
C TYR YD 70 9.24 126.26 -51.63
N TRP YD 71 8.89 127.20 -50.74
CA TRP YD 71 8.59 126.79 -49.38
C TRP YD 71 7.29 126.00 -49.27
N ILE YD 72 6.24 126.42 -49.97
CA ILE YD 72 5.00 125.65 -49.95
C ILE YD 72 5.27 124.22 -50.40
N LYS YD 73 6.06 124.03 -51.44
CA LYS YD 73 6.44 122.67 -51.79
C LYS YD 73 7.23 121.99 -50.69
N THR YD 74 8.23 122.66 -50.13
CA THR YD 74 9.11 121.98 -49.19
C THR YD 74 8.37 121.53 -47.95
N TYR YD 75 7.42 122.31 -47.46
CA TYR YD 75 6.62 121.88 -46.32
C TYR YD 75 5.37 121.10 -46.69
N GLN YD 76 5.11 120.88 -47.97
CA GLN YD 76 3.88 120.21 -48.39
C GLN YD 76 2.62 120.86 -47.81
N LEU YD 77 2.62 122.18 -47.78
CA LEU YD 77 1.45 122.88 -47.31
C LEU YD 77 0.38 122.84 -48.40
N PRO YD 78 -0.89 123.10 -48.06
CA PRO YD 78 -1.50 123.30 -46.75
C PRO YD 78 -1.60 122.03 -45.95
N PRO YD 79 -1.75 122.15 -44.64
CA PRO YD 79 -1.74 120.96 -43.78
C PRO YD 79 -3.05 120.17 -43.88
N ARG YD 80 -2.98 118.94 -43.39
CA ARG YD 80 -4.11 118.02 -43.36
C ARG YD 80 -4.90 118.20 -42.09
N PRO YD 81 -6.11 117.64 -42.03
CA PRO YD 81 -6.75 117.42 -40.74
C PRO YD 81 -6.06 116.33 -39.93
N ARG YD 82 -6.19 116.45 -38.62
CA ARG YD 82 -5.68 115.43 -37.70
C ARG YD 82 -6.43 114.11 -37.87
N VAL YD 83 -5.70 113.01 -37.73
CA VAL YD 83 -6.25 111.67 -37.83
C VAL YD 83 -6.44 111.07 -36.44
N GLU YD 84 -7.64 110.56 -36.17
CA GLU YD 84 -7.94 109.85 -34.93
C GLU YD 84 -8.64 108.54 -35.24
N ILE YD 85 -8.23 107.48 -34.55
CA ILE YD 85 -8.67 106.14 -34.94
C ILE YD 85 -10.19 106.02 -34.84
N ALA YD 86 -10.80 106.74 -33.91
CA ALA YD 86 -12.26 106.78 -33.82
C ALA YD 86 -12.93 107.18 -35.11
N GLN YD 87 -12.25 107.91 -36.00
CA GLN YD 87 -12.88 108.30 -37.26
C GLN YD 87 -13.10 107.14 -38.21
N MET YD 88 -12.38 106.03 -38.04
CA MET YD 88 -12.59 104.88 -38.91
C MET YD 88 -13.79 104.04 -38.50
N PHE YD 89 -14.26 104.15 -37.27
CA PHE YD 89 -15.31 103.27 -36.75
C PHE YD 89 -16.38 104.10 -36.08
N PRO YD 90 -17.09 104.92 -36.84
CA PRO YD 90 -17.96 105.92 -36.22
C PRO YD 90 -19.01 105.28 -35.34
N ALA YD 91 -19.26 105.89 -34.19
CA ALA YD 91 -20.35 105.47 -33.33
C ALA YD 91 -21.71 105.59 -33.99
N ASP YD 92 -21.79 106.23 -35.15
CA ASP YD 92 -23.04 106.39 -35.87
C ASP YD 92 -23.33 105.25 -36.84
N SER YD 93 -22.40 104.32 -37.03
CA SER YD 93 -22.74 103.11 -37.74
C SER YD 93 -23.78 102.34 -36.93
N LEU YD 94 -24.70 101.70 -37.64
CA LEU YD 94 -25.79 101.01 -36.96
C LEU YD 94 -25.32 99.75 -36.25
N VAL YD 95 -24.24 99.14 -36.69
CA VAL YD 95 -23.65 98.00 -36.00
C VAL YD 95 -22.20 98.30 -35.68
N SER YD 96 -21.73 97.83 -34.53
CA SER YD 96 -20.31 97.86 -34.21
C SER YD 96 -19.89 96.49 -33.70
N SER YD 97 -18.84 95.95 -34.30
CA SER YD 97 -18.25 94.74 -33.81
C SER YD 97 -17.44 95.01 -32.54
N PRO YD 98 -17.17 93.97 -31.76
CA PRO YD 98 -16.30 94.17 -30.60
C PRO YD 98 -14.98 94.83 -30.94
N ARG YD 99 -14.39 94.48 -32.08
CA ARG YD 99 -13.17 95.13 -32.53
C ARG YD 99 -13.36 96.63 -32.64
N ALA YD 100 -14.47 97.05 -33.23
CA ALA YD 100 -14.76 98.48 -33.36
C ALA YD 100 -14.91 99.14 -32.01
N GLU YD 101 -15.68 98.54 -31.12
CA GLU YD 101 -15.89 99.19 -29.83
C GLU YD 101 -14.59 99.32 -29.04
N LYS YD 102 -13.77 98.29 -29.04
CA LYS YD 102 -12.49 98.37 -28.34
C LYS YD 102 -11.55 99.40 -28.97
N ALA YD 103 -11.65 99.57 -30.29
CA ALA YD 103 -10.87 100.61 -30.95
C ALA YD 103 -11.30 102.00 -30.52
N ARG YD 104 -12.60 102.26 -30.53
CA ARG YD 104 -13.08 103.56 -30.05
C ARG YD 104 -12.64 103.82 -28.62
N LEU YD 105 -12.71 102.81 -27.75
CA LEU YD 105 -12.28 103.02 -26.39
C LEU YD 105 -10.83 103.50 -26.31
N TYR YD 106 -9.92 102.79 -26.95
CA TYR YD 106 -8.53 103.22 -26.86
C TYR YD 106 -8.31 104.58 -27.51
N SER YD 107 -8.97 104.83 -28.63
CA SER YD 107 -8.79 106.12 -29.27
C SER YD 107 -9.33 107.28 -28.44
N ALA YD 108 -10.22 107.01 -27.51
CA ALA YD 108 -10.65 108.08 -26.62
C ALA YD 108 -9.70 108.28 -25.45
N ILE YD 109 -9.13 107.19 -24.95
CA ILE YD 109 -8.16 107.34 -23.87
C ILE YD 109 -6.92 108.10 -24.33
N GLU YD 110 -6.44 107.82 -25.55
CA GLU YD 110 -5.28 108.57 -26.05
C GLU YD 110 -5.50 110.08 -26.01
N GLN YD 111 -6.65 110.54 -26.49
CA GLN YD 111 -6.91 111.97 -26.51
C GLN YD 111 -7.05 112.53 -25.10
N ARG YD 112 -7.64 111.76 -24.19
CA ARG YD 112 -7.82 112.30 -22.86
C ARG YD 112 -6.49 112.40 -22.12
N LEU YD 113 -5.54 111.53 -22.43
CA LEU YD 113 -4.20 111.70 -21.86
C LEU YD 113 -3.47 112.89 -22.45
N GLU YD 114 -3.54 113.11 -23.76
CA GLU YD 114 -2.88 114.31 -24.28
C GLU YD 114 -3.43 115.57 -23.62
N GLN YD 115 -4.74 115.67 -23.51
CA GLN YD 115 -5.32 116.85 -22.88
C GLN YD 115 -4.88 116.98 -21.43
N SER YD 116 -4.63 115.88 -20.75
CA SER YD 116 -4.18 116.04 -19.36
C SER YD 116 -2.73 116.47 -19.31
N LEU YD 117 -1.87 115.89 -20.14
CA LEU YD 117 -0.47 116.27 -20.14
C LEU YD 117 -0.27 117.75 -20.40
N GLN YD 118 -1.07 118.34 -21.29
CA GLN YD 118 -0.88 119.77 -21.52
C GLN YD 118 -1.13 120.64 -20.30
N THR YD 119 -1.77 120.13 -19.26
CA THR YD 119 -1.93 120.89 -18.03
C THR YD 119 -0.71 120.90 -17.12
N MET YD 120 0.23 119.99 -17.29
CA MET YD 120 1.41 120.02 -16.44
C MET YD 120 2.13 121.35 -16.60
N GLU YD 121 3.00 121.63 -15.62
CA GLU YD 121 3.76 122.87 -15.59
C GLU YD 121 4.82 122.98 -16.68
N GLY YD 122 4.69 124.00 -17.53
CA GLY YD 122 5.62 124.25 -18.60
C GLY YD 122 5.34 123.59 -19.92
N VAL YD 123 4.54 122.53 -19.96
CA VAL YD 123 4.32 121.81 -21.20
C VAL YD 123 3.46 122.65 -22.13
N LEU YD 124 3.98 122.94 -23.33
CA LEU YD 124 3.20 123.64 -24.34
C LEU YD 124 2.34 122.71 -25.18
N SER YD 125 2.84 121.53 -25.54
CA SER YD 125 2.02 120.58 -26.27
C SER YD 125 2.61 119.19 -26.10
N ALA YD 126 1.80 118.18 -26.37
CA ALA YD 126 2.26 116.81 -26.25
C ALA YD 126 1.43 115.91 -27.15
N ARG YD 127 1.97 114.72 -27.40
CA ARG YD 127 1.26 113.68 -28.15
C ARG YD 127 1.55 112.33 -27.53
N VAL YD 128 0.57 111.43 -27.56
CA VAL YD 128 0.72 110.12 -26.94
C VAL YD 128 0.19 109.04 -27.88
N HIS YD 129 0.79 107.85 -27.77
CA HIS YD 129 0.40 106.68 -28.55
C HIS YD 129 0.34 105.45 -27.65
N ILE YD 130 -0.61 104.55 -27.96
CA ILE YD 130 -0.84 103.33 -27.19
C ILE YD 130 -0.80 102.13 -28.12
N SER YD 131 -0.18 101.03 -27.67
CA SER YD 131 -0.19 99.78 -28.44
C SER YD 131 -1.59 99.20 -28.53
N TYR YD 132 -2.20 99.24 -29.72
CA TYR YD 132 -3.47 98.56 -29.94
C TYR YD 132 -3.33 97.05 -29.96
N ASP YD 133 -3.92 96.37 -28.98
CA ASP YD 133 -4.01 94.91 -28.98
C ASP YD 133 -5.14 94.41 -29.87
N ILE YD 134 -6.02 95.29 -30.30
CA ILE YD 134 -7.22 94.97 -31.05
C ILE YD 134 -6.87 94.43 -32.43
N ASP YD 135 -5.58 94.41 -32.77
CA ASP YD 135 -5.17 93.68 -33.95
C ASP YD 135 -5.38 92.18 -33.82
N ALA YD 136 -5.71 91.69 -32.63
CA ALA YD 136 -6.42 90.45 -32.47
C ALA YD 136 -7.54 90.65 -31.46
N GLY YD 137 -8.52 89.75 -31.49
CA GLY YD 137 -9.48 89.77 -30.41
C GLY YD 137 -8.88 89.42 -29.08
N GLU YD 138 -7.67 88.87 -29.07
CA GLU YD 138 -7.06 88.19 -27.93
C GLU YD 138 -7.79 86.92 -27.54
N ASN YD 139 -8.62 86.39 -28.43
CA ASN YD 139 -9.33 85.15 -28.15
C ASN YD 139 -8.38 83.96 -28.16
N GLY YD 140 -8.62 83.03 -27.24
CA GLY YD 140 -7.77 81.86 -27.13
C GLY YD 140 -6.35 82.12 -26.66
N ARG YD 141 -6.01 83.34 -26.27
CA ARG YD 141 -4.61 83.69 -26.04
C ARG YD 141 -4.50 84.60 -24.83
N PRO YD 142 -3.39 84.50 -24.10
CA PRO YD 142 -3.17 85.43 -22.99
C PRO YD 142 -2.91 86.83 -23.51
N PRO YD 143 -3.51 87.85 -22.89
CA PRO YD 143 -3.37 89.20 -23.42
C PRO YD 143 -1.97 89.75 -23.26
N LYS YD 144 -1.48 90.39 -24.32
CA LYS YD 144 -0.17 91.02 -24.27
C LYS YD 144 -0.19 92.25 -23.36
N PRO YD 145 0.96 92.61 -22.76
CA PRO YD 145 1.04 93.87 -22.01
C PRO YD 145 1.04 95.07 -22.94
N VAL YD 146 0.76 96.22 -22.36
CA VAL YD 146 0.62 97.48 -23.08
C VAL YD 146 1.96 98.20 -23.20
N HIS YD 147 2.10 99.00 -24.27
CA HIS YD 147 3.20 99.94 -24.42
C HIS YD 147 2.68 101.34 -24.71
N LEU YD 148 3.47 102.35 -24.34
CA LEU YD 148 3.13 103.76 -24.49
C LEU YD 148 4.28 104.55 -25.07
N SER YD 149 3.98 105.55 -25.90
CA SER YD 149 4.98 106.52 -26.36
C SER YD 149 4.49 107.95 -26.21
N ALA YD 150 5.38 108.87 -25.79
CA ALA YD 150 5.01 110.27 -25.65
C ALA YD 150 6.05 111.22 -26.22
N LEU YD 151 5.58 112.28 -26.87
CA LEU YD 151 6.38 113.43 -27.29
C LEU YD 151 5.90 114.67 -26.56
N ALA YD 152 6.81 115.56 -26.17
CA ALA YD 152 6.37 116.83 -25.60
C ALA YD 152 7.32 117.99 -25.88
N VAL YD 153 6.75 119.19 -25.96
CA VAL YD 153 7.49 120.44 -26.18
C VAL YD 153 7.45 121.26 -24.89
N TYR YD 154 8.61 121.80 -24.50
CA TYR YD 154 8.74 122.58 -23.27
C TYR YD 154 9.15 124.02 -23.51
N GLU YD 155 8.85 124.86 -22.53
CA GLU YD 155 9.37 126.22 -22.47
C GLU YD 155 10.88 126.21 -22.27
N ARG YD 156 11.53 127.22 -22.83
CA ARG YD 156 12.98 127.41 -22.74
C ARG YD 156 13.49 127.55 -21.30
N GLY YD 157 14.58 126.85 -21.00
CA GLY YD 157 15.15 126.80 -19.66
C GLY YD 157 14.57 125.78 -18.71
N SER YD 158 14.05 124.68 -19.21
CA SER YD 158 13.43 123.59 -18.46
C SER YD 158 14.43 122.43 -18.27
N PRO YD 159 14.62 121.90 -17.05
CA PRO YD 159 15.48 120.73 -16.90
C PRO YD 159 14.82 119.44 -17.36
N LEU YD 160 14.97 119.21 -18.67
CA LEU YD 160 14.35 118.09 -19.34
C LEU YD 160 14.66 116.77 -18.65
N ALA YD 161 15.93 116.56 -18.31
CA ALA YD 161 16.33 115.33 -17.64
C ALA YD 161 15.50 115.11 -16.38
N HIS YD 162 15.36 116.15 -15.56
CA HIS YD 162 14.57 116.03 -14.35
C HIS YD 162 13.07 115.91 -14.59
N GLN YD 163 12.58 116.19 -15.80
CA GLN YD 163 11.14 116.11 -16.02
C GLN YD 163 10.69 114.85 -16.76
N ILE YD 164 11.61 114.10 -17.34
CA ILE YD 164 11.24 112.77 -17.82
C ILE YD 164 10.78 111.87 -16.68
N SER YD 165 11.38 112.01 -15.50
CA SER YD 165 10.95 111.22 -14.36
C SER YD 165 9.49 111.49 -14.02
N ASP YD 166 9.09 112.75 -14.03
CA ASP YD 166 7.71 113.09 -13.71
C ASP YD 166 6.76 112.49 -14.72
N ILE YD 167 7.05 112.66 -16.00
CA ILE YD 167 6.10 112.16 -16.99
C ILE YD 167 5.98 110.64 -16.89
N LYS YD 168 7.11 109.93 -16.82
CA LYS YD 168 7.02 108.48 -16.67
C LYS YD 168 6.23 108.07 -15.44
N ARG YD 169 6.40 108.78 -14.33
CA ARG YD 169 5.66 108.41 -13.13
C ARG YD 169 4.17 108.56 -13.37
N PHE YD 170 3.77 109.68 -13.96
CA PHE YD 170 2.35 109.89 -14.21
C PHE YD 170 1.78 108.80 -15.10
N LEU YD 171 2.43 108.52 -16.22
CA LEU YD 171 1.88 107.54 -17.16
C LEU YD 171 1.81 106.14 -16.59
N LYS YD 172 2.78 105.73 -15.79
CA LYS YD 172 2.84 104.32 -15.43
C LYS YD 172 1.55 103.77 -14.80
N ASN YD 173 0.92 104.52 -13.91
CA ASN YD 173 -0.30 104.05 -13.27
C ASN YD 173 -1.58 104.31 -14.05
N SER YD 174 -1.51 104.96 -15.20
CA SER YD 174 -2.73 105.09 -15.98
C SER YD 174 -3.19 103.77 -16.59
N PHE YD 175 -2.48 102.66 -16.41
CA PHE YD 175 -2.86 101.42 -17.05
C PHE YD 175 -2.55 100.23 -16.16
N ALA YD 176 -3.20 99.12 -16.46
CA ALA YD 176 -3.30 98.01 -15.52
C ALA YD 176 -2.02 97.22 -15.35
N ASP YD 177 -1.12 97.23 -16.33
CA ASP YD 177 0.20 96.66 -16.11
C ASP YD 177 1.18 97.23 -17.12
N VAL YD 178 2.08 98.09 -16.65
CA VAL YD 178 3.07 98.74 -17.49
C VAL YD 178 4.36 98.81 -16.71
N ASP YD 179 5.47 98.66 -17.41
CA ASP YD 179 6.80 98.70 -16.79
C ASP YD 179 7.54 99.94 -17.25
N TYR YD 180 8.35 100.52 -16.37
CA TYR YD 180 9.06 101.72 -16.76
C TYR YD 180 9.92 101.47 -17.98
N ASP YD 181 10.33 100.23 -18.17
CA ASP YD 181 11.03 99.84 -19.38
C ASP YD 181 10.22 100.09 -20.65
N ASN YD 182 8.92 99.91 -20.59
CA ASN YD 182 8.07 99.99 -21.78
C ASN YD 182 7.45 101.35 -22.02
N ILE YD 183 7.99 102.42 -21.45
CA ILE YD 183 7.51 103.76 -21.74
C ILE YD 183 8.65 104.57 -22.34
N SER YD 184 8.43 105.08 -23.55
CA SER YD 184 9.34 105.99 -24.23
C SER YD 184 8.90 107.44 -24.09
N VAL YD 185 9.85 108.34 -23.83
CA VAL YD 185 9.57 109.77 -23.76
C VAL YD 185 10.61 110.53 -24.55
N VAL YD 186 10.15 111.39 -25.47
CA VAL YD 186 11.00 112.31 -26.23
C VAL YD 186 10.59 113.75 -25.96
N LEU YD 187 11.53 114.59 -25.53
CA LEU YD 187 11.24 115.97 -25.18
C LEU YD 187 12.06 116.91 -26.05
N SER YD 188 11.50 118.09 -26.31
CA SER YD 188 12.22 119.11 -27.08
C SER YD 188 11.83 120.50 -26.58
N GLU YD 189 12.72 121.46 -26.81
CA GLU YD 189 12.47 122.86 -26.48
C GLU YD 189 11.87 123.67 -27.61
N ARG YD 190 11.11 124.70 -27.24
CA ARG YD 190 10.62 125.71 -28.17
C ARG YD 190 11.75 126.42 -28.90
N SER YD 191 11.53 126.63 -30.20
CA SER YD 191 12.42 127.42 -31.02
C SER YD 191 12.36 128.90 -30.66
N ASP YD 192 13.32 129.66 -31.19
CA ASP YD 192 13.34 131.10 -31.03
C ASP YD 192 12.05 131.77 -31.50
N ALA YD 193 11.63 132.78 -30.74
CA ALA YD 193 10.43 133.56 -31.04
C ALA YD 193 10.60 134.48 -32.24
N GLN YD 194 9.59 134.45 -33.12
CA GLN YD 194 9.45 135.35 -34.28
C GLN YD 194 8.61 136.57 -33.92
N LEU YD 195 9.27 137.62 -33.46
CA LEU YD 195 8.58 138.83 -32.98
C LEU YD 195 8.61 139.98 -33.98
N GLN YD 196 9.73 140.21 -34.65
CA GLN YD 196 9.82 141.31 -35.61
C GLN YD 196 9.16 140.97 -36.94
N ALA YD 197 8.49 141.97 -37.51
CA ALA YD 197 7.79 141.83 -38.78
C ALA YD 197 8.73 141.76 -39.98
N PRO YD 198 8.36 141.02 -41.02
CA PRO YD 198 9.15 140.99 -42.24
C PRO YD 198 9.16 142.32 -42.99
N GLY YD 199 10.24 142.51 -43.74
CA GLY YD 199 10.40 143.69 -44.58
C GLY YD 199 9.63 143.64 -45.88
N THR YD 200 9.08 144.81 -46.26
CA THR YD 200 8.33 144.96 -47.50
C THR YD 200 9.29 145.11 -48.68
N PRO YD 201 9.04 144.42 -49.80
CA PRO YD 201 9.88 144.62 -50.99
C PRO YD 201 10.01 146.08 -51.38
N VAL YD 202 11.21 146.47 -51.79
CA VAL YD 202 11.45 147.82 -52.27
C VAL YD 202 10.86 148.01 -53.66
N ALA ZD 171 -5.25 162.14 -1.77
CA ALA ZD 171 -5.79 160.81 -1.55
C ALA ZD 171 -4.71 159.88 -0.98
N GLU ZD 172 -4.71 159.71 0.33
CA GLU ZD 172 -3.70 158.86 0.92
C GLU ZD 172 -3.98 157.39 0.59
N LEU ZD 173 -2.93 156.58 0.72
CA LEU ZD 173 -3.07 155.17 0.42
C LEU ZD 173 -4.02 154.46 1.37
N ASP ZD 174 -4.00 154.81 2.65
CA ASP ZD 174 -4.89 154.16 3.61
C ASP ZD 174 -6.36 154.30 3.23
N SER ZD 175 -6.74 155.41 2.62
CA SER ZD 175 -8.14 155.61 2.25
C SER ZD 175 -8.59 154.69 1.12
N LEU ZD 176 -7.66 154.15 0.35
CA LEU ZD 176 -7.97 153.31 -0.80
C LEU ZD 176 -8.01 151.82 -0.51
N LEU ZD 177 -7.44 151.36 0.59
CA LEU ZD 177 -7.37 149.92 0.83
C LEU ZD 177 -8.66 149.32 1.33
N GLY ZD 178 -9.60 150.11 1.81
CA GLY ZD 178 -10.82 149.53 2.35
C GLY ZD 178 -11.43 150.16 3.58
N GLN ZD 179 -12.49 149.52 4.07
CA GLN ZD 179 -13.10 149.91 5.32
C GLN ZD 179 -12.30 149.46 6.55
N GLU ZD 180 -11.80 148.24 6.55
CA GLU ZD 180 -11.15 147.69 7.74
C GLU ZD 180 -9.71 148.19 7.84
N LYS ZD 181 -9.57 149.40 8.38
CA LYS ZD 181 -8.28 150.04 8.47
C LYS ZD 181 -7.27 149.24 9.27
N GLU ZD 182 -7.72 148.36 10.16
CA GLU ZD 182 -6.82 147.53 10.94
C GLU ZD 182 -6.11 146.48 10.13
N ARG ZD 183 -6.60 146.17 8.93
CA ARG ZD 183 -6.13 144.96 8.25
C ARG ZD 183 -4.74 145.12 7.66
N PHE ZD 184 -4.36 146.35 7.29
CA PHE ZD 184 -3.11 146.64 6.61
C PHE ZD 184 -2.31 147.63 7.43
N GLN ZD 185 -1.02 147.69 7.15
CA GLN ZD 185 -0.14 148.62 7.84
C GLN ZD 185 0.79 149.26 6.79
N VAL ZD 186 0.79 150.58 6.75
CA VAL ZD 186 1.56 151.38 5.81
C VAL ZD 186 2.83 151.90 6.48
N LEU ZD 187 3.97 151.70 5.82
CA LEU ZD 187 5.25 152.14 6.35
C LEU ZD 187 6.03 152.91 5.28
N PRO ZD 188 6.57 154.08 5.62
CA PRO ZD 188 7.40 154.83 4.66
C PRO ZD 188 8.85 154.36 4.69
N GLY ZD 189 9.44 154.17 3.51
CA GLY ZD 189 10.81 153.71 3.40
C GLY ZD 189 11.79 154.82 3.06
N ARG ZD 190 13.06 154.57 3.38
CA ARG ZD 190 14.12 155.54 3.14
C ARG ZD 190 14.30 155.87 1.66
N ASP ZD 191 13.93 154.97 0.76
CA ASP ZD 191 13.96 155.27 -0.67
C ASP ZD 191 12.76 156.09 -1.11
N LYS ZD 192 11.97 156.59 -0.17
CA LYS ZD 192 10.78 157.39 -0.45
C LYS ZD 192 9.74 156.60 -1.23
N MET ZD 193 9.40 155.43 -0.71
CA MET ZD 193 8.43 154.54 -1.32
C MET ZD 193 7.55 154.02 -0.20
N LEU ZD 194 6.26 153.85 -0.45
CA LEU ZD 194 5.37 153.26 0.55
C LEU ZD 194 5.36 151.73 0.51
N TYR ZD 195 5.59 151.10 1.65
CA TYR ZD 195 5.56 149.65 1.82
C TYR ZD 195 4.32 149.24 2.60
N VAL ZD 196 3.48 148.43 1.98
CA VAL ZD 196 2.24 147.93 2.57
C VAL ZD 196 2.50 146.52 3.11
N ALA ZD 197 2.37 146.36 4.42
CA ALA ZD 197 2.56 145.08 5.09
C ALA ZD 197 1.24 144.31 5.19
N ALA ZD 198 1.22 143.11 4.62
CA ALA ZD 198 0.10 142.19 4.62
C ALA ZD 198 0.40 140.97 5.47
N GLN ZD 199 -0.66 140.25 5.82
CA GLN ZD 199 -0.58 139.06 6.66
C GLN ZD 199 -0.64 137.74 5.89
N ASN ZD 200 -1.17 137.72 4.68
CA ASN ZD 200 -1.37 136.48 3.95
C ASN ZD 200 -1.47 136.78 2.47
N GLU ZD 201 -1.53 135.71 1.67
CA GLU ZD 201 -1.68 135.83 0.23
C GLU ZD 201 -2.96 136.52 -0.21
N ARG ZD 202 -4.11 136.05 0.27
CA ARG ZD 202 -5.37 136.67 -0.11
C ARG ZD 202 -5.34 138.18 0.09
N ASP ZD 203 -4.91 138.62 1.26
CA ASP ZD 203 -4.74 140.05 1.51
C ASP ZD 203 -3.70 140.68 0.60
N THR ZD 204 -2.61 139.98 0.35
CA THR ZD 204 -1.60 140.49 -0.56
C THR ZD 204 -2.20 140.84 -1.91
N LEU ZD 205 -2.93 139.90 -2.50
CA LEU ZD 205 -3.55 140.19 -3.79
C LEU ZD 205 -4.63 141.25 -3.70
N TRP ZD 206 -5.35 141.30 -2.58
CA TRP ZD 206 -6.31 142.39 -2.40
C TRP ZD 206 -5.64 143.74 -2.48
N ALA ZD 207 -4.42 143.84 -1.98
CA ALA ZD 207 -3.68 145.10 -2.09
C ALA ZD 207 -3.08 145.30 -3.47
N ARG ZD 208 -2.39 144.29 -3.99
CA ARG ZD 208 -1.74 144.44 -5.29
C ARG ZD 208 -2.70 144.85 -6.38
N GLN ZD 209 -3.95 144.39 -6.33
CA GLN ZD 209 -4.90 144.86 -7.34
C GLN ZD 209 -5.03 146.37 -7.36
N VAL ZD 210 -5.00 147.01 -6.19
CA VAL ZD 210 -5.20 148.46 -6.15
C VAL ZD 210 -4.05 149.18 -6.83
N LEU ZD 211 -2.82 148.74 -6.58
CA LEU ZD 211 -1.66 149.35 -7.21
C LEU ZD 211 -1.62 149.06 -8.71
N ALA ZD 212 -1.82 147.80 -9.09
CA ALA ZD 212 -1.74 147.44 -10.50
C ALA ZD 212 -2.84 148.12 -11.32
N ARG ZD 213 -4.02 148.30 -10.73
CA ARG ZD 213 -5.05 149.07 -11.41
C ARG ZD 213 -4.60 150.50 -11.66
N GLY ZD 214 -3.70 151.01 -10.82
CA GLY ZD 214 -3.26 152.39 -10.92
C GLY ZD 214 -4.18 153.38 -10.24
N ASP ZD 215 -4.73 153.01 -9.08
CA ASP ZD 215 -5.51 153.97 -8.32
C ASP ZD 215 -4.60 154.99 -7.63
N TYR ZD 216 -3.51 154.54 -7.05
CA TYR ZD 216 -2.55 155.43 -6.42
C TYR ZD 216 -1.56 155.97 -7.46
N ASP ZD 217 -0.96 157.12 -7.16
CA ASP ZD 217 -0.10 157.80 -8.11
C ASP ZD 217 1.40 157.76 -7.80
N LYS ZD 218 1.79 157.82 -6.53
CA LYS ZD 218 3.19 157.65 -6.14
C LYS ZD 218 3.59 156.17 -6.11
N ASN ZD 219 4.87 155.92 -5.82
CA ASN ZD 219 5.38 154.57 -5.70
C ASN ZD 219 5.02 153.85 -4.41
N ALA ZD 220 4.71 152.57 -4.56
CA ALA ZD 220 4.31 151.72 -3.47
C ALA ZD 220 4.66 150.29 -3.81
N ARG ZD 221 4.75 149.46 -2.78
CA ARG ZD 221 5.10 148.07 -2.90
C ARG ZD 221 4.36 147.30 -1.82
N VAL ZD 222 4.12 146.02 -2.06
CA VAL ZD 222 3.46 145.13 -1.11
C VAL ZD 222 4.45 144.09 -0.64
N ILE ZD 223 4.46 143.80 0.66
CA ILE ZD 223 5.41 142.85 1.22
C ILE ZD 223 4.78 141.96 2.29
N ASN ZD 224 5.38 140.79 2.49
CA ASN ZD 224 4.96 139.87 3.53
C ASN ZD 224 6.16 139.05 3.99
N GLU ZD 225 5.99 138.45 5.16
CA GLU ZD 225 7.05 137.69 5.82
C GLU ZD 225 7.65 136.59 4.94
N ASN ZD 226 6.82 135.76 4.31
CA ASN ZD 226 7.37 134.69 3.50
C ASN ZD 226 8.23 135.20 2.36
N GLU ZD 227 7.71 136.16 1.59
CA GLU ZD 227 8.49 136.71 0.50
C GLU ZD 227 9.81 137.30 0.97
N GLU ZD 228 9.79 138.04 2.07
CA GLU ZD 228 11.05 138.61 2.50
C GLU ZD 228 12.03 137.56 3.02
N ASN ZD 229 11.56 136.55 3.73
CA ASN ZD 229 12.44 135.45 4.08
C ASN ZD 229 13.14 134.88 2.85
N LYS ZD 230 12.36 134.56 1.82
CA LYS ZD 230 12.96 134.04 0.58
C LYS ZD 230 14.00 134.98 -0.02
N ARG ZD 231 13.64 136.24 -0.24
CA ARG ZD 231 14.58 137.18 -0.84
C ARG ZD 231 15.87 137.30 -0.04
N ILE ZD 232 15.76 137.42 1.27
CA ILE ZD 232 16.95 137.52 2.09
C ILE ZD 232 17.80 136.26 2.00
N SER ZD 233 17.17 135.08 2.03
CA SER ZD 233 17.94 133.86 1.90
C SER ZD 233 18.71 133.82 0.58
N ILE ZD 234 18.07 134.23 -0.51
CA ILE ZD 234 18.78 134.30 -1.78
C ILE ZD 234 19.99 135.21 -1.71
N TRP ZD 235 19.90 136.33 -1.01
CA TRP ZD 235 21.06 137.21 -0.93
C TRP ZD 235 22.17 136.60 -0.05
N LEU ZD 236 21.79 136.06 1.09
CA LEU ZD 236 22.76 135.38 1.94
C LEU ZD 236 23.49 134.28 1.19
N ASP ZD 237 22.78 133.54 0.35
CA ASP ZD 237 23.43 132.49 -0.45
C ASP ZD 237 24.64 133.01 -1.20
N THR ZD 238 24.64 134.27 -1.61
CA THR ZD 238 25.76 134.80 -2.37
C THR ZD 238 26.85 135.37 -1.47
N TYR ZD 239 26.50 136.18 -0.48
CA TYR ZD 239 27.57 136.83 0.29
C TYR ZD 239 27.98 136.14 1.59
N TYR ZD 240 27.21 135.20 2.10
CA TYR ZD 240 27.54 134.45 3.32
C TYR ZD 240 27.17 132.98 3.10
N PRO ZD 241 27.88 132.30 2.20
CA PRO ZD 241 27.49 130.94 1.80
C PRO ZD 241 27.68 129.88 2.86
N GLN ZD 242 28.17 130.19 4.06
CA GLN ZD 242 28.38 129.17 5.08
C GLN ZD 242 27.72 129.55 6.40
N LEU ZD 243 26.92 130.60 6.43
CA LEU ZD 243 26.23 131.01 7.64
C LEU ZD 243 25.07 130.09 7.97
N ALA ZD 244 25.04 129.62 9.22
CA ALA ZD 244 23.97 128.78 9.77
C ALA ZD 244 22.97 129.63 10.52
N TYR ZD 245 21.70 129.60 10.08
CA TYR ZD 245 20.70 130.47 10.67
C TYR ZD 245 19.33 129.81 10.52
N TYR ZD 246 18.35 130.36 11.26
CA TYR ZD 246 16.98 129.84 11.26
C TYR ZD 246 15.97 130.69 10.51
N ARG ZD 247 15.54 131.81 11.08
CA ARG ZD 247 14.46 132.56 10.44
C ARG ZD 247 14.49 134.01 10.92
N ILE ZD 248 13.91 134.88 10.09
CA ILE ZD 248 13.70 136.29 10.41
C ILE ZD 248 12.24 136.58 10.68
N HIS ZD 249 11.96 137.08 11.88
CA HIS ZD 249 10.62 137.42 12.37
C HIS ZD 249 10.30 138.89 12.19
N PHE ZD 250 9.09 139.18 11.71
CA PHE ZD 250 8.61 140.54 11.47
C PHE ZD 250 7.40 140.91 12.33
N ASP ZD 251 7.33 140.40 13.56
CA ASP ZD 251 6.23 140.77 14.44
C ASP ZD 251 6.16 142.28 14.56
N GLU ZD 252 7.29 142.92 14.81
CA GLU ZD 252 7.43 144.37 14.78
C GLU ZD 252 8.24 144.65 13.52
N PRO ZD 253 7.59 144.98 12.40
CA PRO ZD 253 8.33 145.11 11.15
C PRO ZD 253 9.42 146.17 11.18
N ARG ZD 254 9.37 147.12 12.10
CA ARG ZD 254 10.44 148.09 12.15
C ARG ZD 254 11.68 147.58 12.86
N LYS ZD 255 11.61 146.45 13.55
CA LYS ZD 255 12.77 145.90 14.27
C LYS ZD 255 12.78 144.39 14.16
N PRO ZD 256 13.07 143.86 12.98
CA PRO ZD 256 13.11 142.41 12.82
C PRO ZD 256 14.14 141.76 13.72
N VAL ZD 257 13.91 140.47 13.97
CA VAL ZD 257 14.75 139.63 14.81
C VAL ZD 257 15.30 138.50 13.96
N PHE ZD 258 16.61 138.35 13.95
CA PHE ZD 258 17.30 137.34 13.16
C PHE ZD 258 17.95 136.32 14.08
N TRP ZD 259 17.52 135.07 13.99
CA TRP ZD 259 18.03 133.96 14.80
C TRP ZD 259 19.19 133.21 14.15
N LEU ZD 260 20.36 133.27 14.77
CA LEU ZD 260 21.55 132.54 14.34
C LEU ZD 260 21.83 131.39 15.30
N SER ZD 261 22.50 130.36 14.79
CA SER ZD 261 22.99 129.30 15.66
C SER ZD 261 24.16 129.75 16.52
N ARG ZD 262 24.13 129.33 17.78
CA ARG ZD 262 25.26 129.53 18.69
C ARG ZD 262 26.43 128.58 18.44
N GLN ZD 263 26.15 127.32 18.12
CA GLN ZD 263 27.25 126.37 17.90
C GLN ZD 263 27.86 126.49 16.52
N ARG ZD 264 27.05 126.50 15.48
CA ARG ZD 264 27.56 126.36 14.13
C ARG ZD 264 28.12 127.65 13.56
N ASN ZD 265 28.12 128.75 14.32
CA ASN ZD 265 28.75 129.99 13.89
C ASN ZD 265 29.81 130.41 14.89
N THR ZD 266 30.96 130.82 14.37
CA THR ZD 266 32.02 131.47 15.14
C THR ZD 266 32.37 132.79 14.46
N MET ZD 267 31.93 133.90 15.04
CA MET ZD 267 32.11 135.21 14.45
C MET ZD 267 32.42 136.20 15.57
N SER ZD 268 33.09 137.28 15.23
CA SER ZD 268 33.28 138.35 16.20
C SER ZD 268 32.07 139.27 16.27
N LYS ZD 269 32.02 140.01 17.37
CA LYS ZD 269 31.00 141.02 17.57
C LYS ZD 269 31.00 142.05 16.44
N LYS ZD 270 32.18 142.49 16.00
CA LYS ZD 270 32.28 143.40 14.87
C LYS ZD 270 31.65 142.81 13.62
N GLU ZD 271 31.97 141.57 13.32
CA GLU ZD 271 31.39 140.90 12.17
C GLU ZD 271 29.87 140.85 12.25
N LEU ZD 272 29.34 140.48 13.42
CA LEU ZD 272 27.89 140.48 13.58
C LEU ZD 272 27.29 141.86 13.37
N GLU ZD 273 27.93 142.90 13.90
CA GLU ZD 273 27.45 144.26 13.70
C GLU ZD 273 27.43 144.63 12.22
N VAL ZD 274 28.50 144.30 11.51
CA VAL ZD 274 28.55 144.55 10.07
C VAL ZD 274 27.39 143.86 9.36
N LEU ZD 275 27.19 142.58 9.66
CA LEU ZD 275 26.06 141.85 9.11
C LEU ZD 275 24.76 142.58 9.36
N SER ZD 276 24.57 143.05 10.58
CA SER ZD 276 23.39 143.82 10.94
C SER ZD 276 23.21 145.01 10.01
N GLN ZD 277 24.28 145.78 9.82
CA GLN ZD 277 24.17 146.96 8.98
C GLN ZD 277 23.83 146.60 7.53
N LYS ZD 278 24.39 145.53 7.00
CA LYS ZD 278 24.07 145.17 5.62
C LYS ZD 278 22.62 144.72 5.47
N LEU ZD 279 22.11 143.97 6.45
CA LEU ZD 279 20.68 143.67 6.43
C LEU ZD 279 19.86 144.94 6.45
N ARG ZD 280 20.23 145.88 7.31
CA ARG ZD 280 19.47 147.12 7.37
C ARG ZD 280 19.49 147.82 6.03
N ALA ZD 281 20.58 147.67 5.27
CA ALA ZD 281 20.60 148.31 3.96
C ALA ZD 281 19.70 147.58 2.98
N LEU ZD 282 19.51 146.27 3.15
CA LEU ZD 282 18.57 145.55 2.29
C LEU ZD 282 17.11 145.82 2.61
N MET ZD 283 16.79 146.23 3.84
CA MET ZD 283 15.42 146.43 4.26
C MET ZD 283 15.22 147.92 4.56
N PRO ZD 284 14.93 148.72 3.54
CA PRO ZD 284 14.77 150.16 3.75
C PRO ZD 284 13.58 150.55 4.60
N TYR ZD 285 12.72 149.62 4.98
CA TYR ZD 285 11.61 149.94 5.86
C TYR ZD 285 11.90 149.66 7.31
N ALA ZD 286 13.02 149.04 7.64
CA ALA ZD 286 13.35 148.68 9.01
C ALA ZD 286 14.40 149.63 9.58
N ASP ZD 287 14.20 150.02 10.83
CA ASP ZD 287 15.15 150.91 11.49
C ASP ZD 287 16.36 150.16 12.04
N SER ZD 288 16.22 148.91 12.43
CA SER ZD 288 17.38 148.16 12.90
C SER ZD 288 17.04 146.68 12.93
N VAL ZD 289 18.08 145.86 12.91
CA VAL ZD 289 17.96 144.40 12.94
C VAL ZD 289 18.62 143.87 14.19
N ASN ZD 290 17.85 143.17 15.02
CA ASN ZD 290 18.36 142.59 16.26
C ASN ZD 290 18.75 141.13 15.99
N ILE ZD 291 20.00 140.79 16.24
CA ILE ZD 291 20.52 139.44 16.06
C ILE ZD 291 20.55 138.69 17.38
N THR ZD 292 19.87 137.55 17.42
CA THR ZD 292 19.73 136.71 18.61
C THR ZD 292 20.29 135.32 18.32
N LEU ZD 293 21.04 134.79 19.27
CA LEU ZD 293 21.62 133.45 19.20
C LEU ZD 293 20.75 132.42 19.90
N MET ZD 294 20.41 131.35 19.19
CA MET ZD 294 19.52 130.29 19.66
C MET ZD 294 20.28 128.99 19.78
N ASP ZD 295 19.78 128.10 20.63
CA ASP ZD 295 20.38 126.80 20.88
C ASP ZD 295 19.77 125.66 20.05
N ASP ZD 296 20.65 124.95 19.33
CA ASP ZD 296 20.24 123.81 18.52
C ASP ZD 296 19.65 122.70 19.36
N VAL ZD 297 20.26 122.39 20.49
CA VAL ZD 297 19.72 121.33 21.35
C VAL ZD 297 18.28 121.65 21.72
N THR ZD 298 18.00 122.91 22.03
CA THR ZD 298 16.63 123.32 22.30
C THR ZD 298 15.72 123.05 21.12
N ALA ZD 299 16.10 123.51 19.94
CA ALA ZD 299 15.29 123.25 18.74
C ALA ZD 299 14.93 121.77 18.57
N ALA ZD 300 15.95 120.92 18.50
CA ALA ZD 300 15.72 119.49 18.37
C ALA ZD 300 14.86 118.92 19.50
N GLY ZD 301 15.10 119.35 20.73
CA GLY ZD 301 14.32 118.83 21.83
C GLY ZD 301 12.86 119.17 21.74
N GLN ZD 302 12.54 120.43 21.42
CA GLN ZD 302 11.13 120.78 21.26
C GLN ZD 302 10.47 120.05 20.10
N ALA ZD 303 11.23 119.69 19.07
CA ALA ZD 303 10.65 118.82 18.04
C ALA ZD 303 10.31 117.44 18.58
N GLU ZD 304 11.29 116.76 19.17
CA GLU ZD 304 11.04 115.40 19.62
C GLU ZD 304 9.97 115.34 20.68
N ALA ZD 305 9.99 116.28 21.63
CA ALA ZD 305 8.93 116.35 22.62
C ALA ZD 305 7.56 116.56 21.98
N GLY ZD 306 7.46 117.39 20.95
CA GLY ZD 306 6.17 117.53 20.28
C GLY ZD 306 5.67 116.25 19.65
N LEU ZD 307 6.57 115.44 19.11
CA LEU ZD 307 6.13 114.15 18.58
C LEU ZD 307 5.69 113.19 19.68
N LYS ZD 308 6.45 113.10 20.76
CA LYS ZD 308 6.00 112.23 21.86
C LYS ZD 308 4.67 112.70 22.41
N GLN ZD 309 4.47 114.01 22.51
CA GLN ZD 309 3.20 114.55 22.96
C GLN ZD 309 2.06 114.06 22.08
N GLN ZD 310 2.25 114.10 20.76
CA GLN ZD 310 1.22 113.60 19.86
C GLN ZD 310 1.16 112.08 19.79
N ALA ZD 311 2.07 111.39 20.46
CA ALA ZD 311 2.10 109.92 20.47
C ALA ZD 311 2.28 109.29 19.09
N LEU ZD 312 2.87 110.00 18.14
CA LEU ZD 312 3.14 109.40 16.85
C LEU ZD 312 4.29 108.41 16.98
N PRO ZD 313 4.28 107.33 16.19
CA PRO ZD 313 5.52 106.56 16.01
C PRO ZD 313 6.51 107.28 15.13
N TYR ZD 314 7.80 107.21 15.48
CA TYR ZD 314 8.80 107.91 14.68
C TYR ZD 314 10.17 107.28 14.87
N SER ZD 315 11.08 107.64 13.95
CA SER ZD 315 12.51 107.36 14.04
C SER ZD 315 13.30 108.65 13.89
N ARG ZD 316 14.40 108.75 14.65
CA ARG ZD 316 15.28 109.92 14.61
C ARG ZD 316 16.63 109.59 13.99
N ARG ZD 317 17.09 110.44 13.08
CA ARG ZD 317 18.41 110.32 12.49
C ARG ZD 317 19.17 111.64 12.63
N ASN ZD 318 20.43 111.54 13.06
CA ASN ZD 318 21.27 112.69 13.37
C ASN ZD 318 22.41 112.81 12.37
N HIS ZD 319 22.66 114.04 11.93
CA HIS ZD 319 23.77 114.35 11.04
C HIS ZD 319 24.50 115.55 11.59
N LYS ZD 320 25.68 115.81 11.03
CA LYS ZD 320 26.49 116.95 11.45
C LYS ZD 320 25.70 118.25 11.42
N GLY ZD 321 24.90 118.45 10.38
CA GLY ZD 321 24.21 119.70 10.19
C GLY ZD 321 22.70 119.64 10.15
N GLY ZD 322 22.09 118.57 10.63
CA GLY ZD 322 20.64 118.49 10.58
C GLY ZD 322 20.12 117.27 11.29
N VAL ZD 323 18.80 117.30 11.54
CA VAL ZD 323 18.09 116.20 12.18
C VAL ZD 323 16.89 115.85 11.32
N THR ZD 324 16.66 114.55 11.13
CA THR ZD 324 15.55 114.06 10.33
C THR ZD 324 14.66 113.10 11.12
N PHE ZD 325 13.37 113.38 11.15
CA PHE ZD 325 12.38 112.52 11.78
C PHE ZD 325 11.54 111.84 10.72
N VAL ZD 326 11.58 110.51 10.71
CA VAL ZD 326 10.83 109.70 9.77
C VAL ZD 326 9.62 109.11 10.48
N ILE ZD 327 8.44 109.35 9.92
CA ILE ZD 327 7.18 108.82 10.40
C ILE ZD 327 6.61 108.01 9.25
N GLN ZD 328 6.51 106.69 9.42
CA GLN ZD 328 6.00 105.85 8.36
C GLN ZD 328 5.18 104.71 8.92
N GLY ZD 329 4.26 104.22 8.09
CA GLY ZD 329 3.42 103.10 8.47
C GLY ZD 329 2.02 103.26 7.94
N ALA ZD 330 1.14 102.34 8.36
CA ALA ZD 330 -0.30 102.41 8.06
C ALA ZD 330 -1.01 103.32 9.06
N LEU ZD 331 -0.74 104.61 8.93
CA LEU ZD 331 -1.32 105.59 9.85
C LEU ZD 331 -2.83 105.71 9.67
N ASP ZD 332 -3.49 106.05 10.78
CA ASP ZD 332 -4.92 106.38 10.84
C ASP ZD 332 -5.18 107.83 10.45
N ASP ZD 333 -6.42 108.10 10.05
CA ASP ZD 333 -6.79 109.49 9.71
C ASP ZD 333 -6.60 110.45 10.86
N VAL ZD 334 -6.81 110.01 12.10
CA VAL ZD 334 -6.61 110.91 13.23
C VAL ZD 334 -5.13 111.17 13.45
N GLU ZD 335 -4.29 110.24 13.04
CA GLU ZD 335 -2.86 110.45 13.16
C GLU ZD 335 -2.34 111.35 12.06
N ILE ZD 336 -2.83 111.16 10.84
CA ILE ZD 336 -2.43 112.08 9.78
C ILE ZD 336 -2.84 113.50 10.13
N LEU ZD 337 -4.05 113.69 10.65
CA LEU ZD 337 -4.48 115.03 11.01
C LEU ZD 337 -3.61 115.63 12.10
N ARG ZD 338 -3.31 114.87 13.15
CA ARG ZD 338 -2.50 115.42 14.22
C ARG ZD 338 -1.10 115.77 13.72
N ALA ZD 339 -0.48 114.87 12.94
CA ALA ZD 339 0.85 115.15 12.45
C ALA ZD 339 0.87 116.42 11.62
N ARG ZD 340 -0.11 116.56 10.73
CA ARG ZD 340 -0.14 117.73 9.85
C ARG ZD 340 -0.22 119.01 10.66
N GLN ZD 341 -1.17 119.09 11.59
CA GLN ZD 341 -1.29 120.28 12.43
C GLN ZD 341 0.00 120.60 13.18
N PHE ZD 342 0.60 119.61 13.83
CA PHE ZD 342 1.84 119.86 14.57
C PHE ZD 342 2.97 120.37 13.68
N VAL ZD 343 3.30 119.61 12.64
CA VAL ZD 343 4.38 120.00 11.74
C VAL ZD 343 4.18 121.42 11.23
N ASP ZD 344 2.97 121.74 10.80
CA ASP ZD 344 2.73 123.09 10.32
C ASP ZD 344 2.89 124.14 11.42
N SER ZD 345 2.62 123.79 12.67
CA SER ZD 345 2.83 124.74 13.75
C SER ZD 345 4.31 124.98 14.02
N TYR ZD 346 5.10 123.91 13.99
CA TYR ZD 346 6.54 124.03 14.24
C TYR ZD 346 7.25 124.81 13.14
N TYR ZD 347 6.97 124.48 11.90
CA TYR ZD 347 7.66 125.13 10.79
C TYR ZD 347 7.55 126.63 10.86
N ARG ZD 348 6.39 127.17 11.23
CA ARG ZD 348 6.24 128.62 11.29
C ARG ZD 348 7.21 129.26 12.26
N THR ZD 349 7.47 128.62 13.39
CA THR ZD 349 8.44 129.16 14.34
C THR ZD 349 9.87 129.00 13.87
N TRP ZD 350 10.26 127.80 13.48
CA TRP ZD 350 11.67 127.50 13.33
C TRP ZD 350 12.20 127.50 11.90
N GLY ZD 351 11.34 127.54 10.90
CA GLY ZD 351 11.75 127.27 9.54
C GLY ZD 351 12.13 125.82 9.31
N GLY ZD 352 12.61 125.57 8.09
CA GLY ZD 352 12.87 124.21 7.66
C GLY ZD 352 14.33 123.83 7.46
N ARG ZD 353 15.25 124.62 7.99
CA ARG ZD 353 16.65 124.42 7.61
C ARG ZD 353 17.33 123.32 8.44
N TYR ZD 354 17.11 123.29 9.75
CA TYR ZD 354 17.78 122.32 10.61
C TYR ZD 354 17.05 120.99 10.77
N VAL ZD 355 15.74 121.02 11.07
CA VAL ZD 355 14.94 119.81 11.30
C VAL ZD 355 13.99 119.55 10.13
N GLN ZD 356 14.00 118.31 9.62
CA GLN ZD 356 13.12 117.85 8.55
C GLN ZD 356 12.24 116.69 8.99
N PHE ZD 357 10.97 116.71 8.60
CA PHE ZD 357 10.01 115.63 8.84
C PHE ZD 357 9.59 114.95 7.54
N ALA ZD 358 9.49 113.62 7.56
CA ALA ZD 358 9.07 112.82 6.41
C ALA ZD 358 7.94 111.88 6.79
N ILE ZD 359 6.79 112.02 6.13
CA ILE ZD 359 5.60 111.19 6.35
C ILE ZD 359 5.40 110.23 5.18
N GLU ZD 360 5.37 108.92 5.47
CA GLU ZD 360 5.29 107.88 4.44
C GLU ZD 360 4.29 106.79 4.78
N LEU ZD 361 3.16 106.79 4.09
CA LEU ZD 361 2.13 105.78 4.26
C LEU ZD 361 2.53 104.49 3.53
N LYS ZD 362 2.35 103.36 4.19
CA LYS ZD 362 2.63 102.06 3.60
C LYS ZD 362 1.52 101.07 3.91
N ASP ZD 363 1.43 100.04 3.07
CA ASP ZD 363 0.40 99.01 3.19
C ASP ZD 363 0.71 98.05 4.33
N ASP ZD 364 -0.30 97.27 4.71
CA ASP ZD 364 -0.23 96.38 5.86
C ASP ZD 364 -0.10 94.94 5.38
N TRP ZD 365 0.99 94.29 5.77
CA TRP ZD 365 1.24 92.91 5.42
C TRP ZD 365 0.65 91.93 6.42
N LEU ZD 366 0.36 92.38 7.63
CA LEU ZD 366 0.05 91.50 8.74
C LEU ZD 366 -1.43 91.15 8.88
N LYS ZD 367 -2.32 92.00 8.39
CA LYS ZD 367 -3.73 91.73 8.57
C LYS ZD 367 -4.12 90.39 7.96
N GLY ZD 368 -4.53 89.46 8.83
CA GLY ZD 368 -4.98 88.15 8.41
C GLY ZD 368 -3.92 87.08 8.28
N ARG ZD 369 -2.68 87.37 8.66
CA ARG ZD 369 -1.60 86.41 8.61
C ARG ZD 369 -1.03 86.20 10.01
N SER ZD 370 -0.57 84.98 10.28
CA SER ZD 370 0.19 84.70 11.48
C SER ZD 370 1.67 84.92 11.26
N PHE ZD 371 2.40 85.22 12.33
CA PHE ZD 371 3.81 85.53 12.19
C PHE ZD 371 4.53 85.40 13.51
N GLN ZD 372 5.85 85.29 13.42
CA GLN ZD 372 6.73 85.38 14.57
C GLN ZD 372 7.42 86.73 14.55
N TYR ZD 373 7.57 87.34 15.73
CA TYR ZD 373 8.19 88.65 15.85
C TYR ZD 373 9.20 88.67 16.97
N GLY ZD 374 10.03 89.72 16.95
CA GLY ZD 374 11.31 89.72 17.65
C GLY ZD 374 12.43 89.16 16.81
N ALA ZD 375 13.45 88.63 17.46
CA ALA ZD 375 14.54 88.02 16.73
C ALA ZD 375 14.02 86.86 15.89
N GLU ZD 376 14.65 86.63 14.75
CA GLU ZD 376 14.27 85.52 13.87
C GLU ZD 376 12.81 85.62 13.47
N GLY ZD 377 12.38 86.85 13.17
CA GLY ZD 377 11.01 87.07 12.77
C GLY ZD 377 10.76 86.72 11.30
N TYR ZD 378 9.57 86.20 11.04
CA TYR ZD 378 9.17 85.90 9.67
C TYR ZD 378 7.66 85.94 9.62
N ILE ZD 379 7.15 86.27 8.45
CA ILE ZD 379 5.75 86.15 8.14
C ILE ZD 379 5.56 84.83 7.45
N LYS ZD 380 4.32 84.35 7.39
CA LYS ZD 380 4.03 83.29 6.45
C LYS ZD 380 2.74 83.57 5.72
N MET ZD 381 2.88 83.70 4.40
CA MET ZD 381 1.78 84.10 3.54
C MET ZD 381 0.61 83.14 3.66
N SER ZD 382 0.91 81.86 3.73
CA SER ZD 382 -0.08 80.79 3.76
C SER ZD 382 0.63 79.57 4.29
N PRO ZD 383 -0.11 78.59 4.77
CA PRO ZD 383 0.57 77.38 5.22
C PRO ZD 383 1.50 76.89 4.14
N GLY ZD 384 2.69 76.47 4.55
CA GLY ZD 384 3.71 76.08 3.62
C GLY ZD 384 4.44 77.17 2.86
N HIS ZD 385 4.22 78.45 3.16
CA HIS ZD 385 4.96 79.50 2.46
C HIS ZD 385 5.48 80.54 3.45
N TRP ZD 386 6.73 80.38 3.85
CA TRP ZD 386 7.43 81.31 4.74
C TRP ZD 386 8.01 82.51 3.98
N TYR ZD 387 8.09 83.63 4.68
CA TYR ZD 387 8.71 84.84 4.15
C TYR ZD 387 9.60 85.45 5.21
N PHE ZD 388 10.82 85.83 4.84
CA PHE ZD 388 11.83 86.35 5.76
C PHE ZD 388 12.21 87.77 5.37
N PRO ZD 389 11.48 88.77 5.79
CA PRO ZD 389 11.96 90.15 5.65
C PRO ZD 389 13.34 90.36 6.26
N SER ZD 390 14.00 91.44 5.85
CA SER ZD 390 15.34 91.76 6.36
C SER ZD 390 15.30 92.41 7.73
N ALA AE 171 -24.97 159.18 17.54
CA ALA AE 171 -25.28 157.78 17.29
C ALA AE 171 -24.24 156.88 17.93
N GLU AE 172 -24.52 156.41 19.14
CA GLU AE 172 -23.56 155.56 19.81
C GLU AE 172 -23.55 154.17 19.20
N LEU AE 173 -22.47 153.43 19.45
CA LEU AE 173 -22.36 152.08 18.93
C LEU AE 173 -23.37 151.13 19.55
N ASP AE 174 -23.62 151.26 20.85
CA ASP AE 174 -24.58 150.39 21.51
C ASP AE 174 -25.96 150.45 20.89
N SER AE 175 -26.34 151.60 20.35
CA SER AE 175 -27.66 151.71 19.72
C SER AE 175 -27.74 150.93 18.41
N LEU AE 176 -26.62 150.60 17.82
CA LEU AE 176 -26.54 149.92 16.53
C LEU AE 176 -26.45 148.41 16.63
N LEU AE 177 -26.07 147.85 17.77
CA LEU AE 177 -25.85 146.42 17.85
C LEU AE 177 -27.12 145.59 18.01
N GLY AE 178 -28.26 146.18 18.32
CA GLY AE 178 -29.45 145.39 18.50
C GLY AE 178 -30.32 145.88 19.63
N GLN AE 179 -31.37 145.11 19.89
CA GLN AE 179 -32.23 145.33 21.05
C GLN AE 179 -31.67 144.74 22.34
N GLU AE 180 -31.07 143.56 22.30
CA GLU AE 180 -30.50 142.96 23.49
C GLU AE 180 -29.17 143.62 23.80
N LYS AE 181 -29.22 144.65 24.65
CA LYS AE 181 -28.05 145.48 24.91
C LYS AE 181 -26.94 144.70 25.58
N GLU AE 182 -27.27 143.90 26.58
CA GLU AE 182 -26.26 143.18 27.37
C GLU AE 182 -25.62 142.02 26.62
N ARG AE 183 -26.08 141.73 25.41
CA ARG AE 183 -25.47 140.65 24.64
C ARG AE 183 -24.01 140.94 24.32
N PHE AE 184 -23.64 142.21 24.21
CA PHE AE 184 -22.29 142.64 23.87
C PHE AE 184 -21.79 143.59 24.93
N GLN AE 185 -20.47 143.84 24.96
CA GLN AE 185 -19.95 144.82 25.90
C GLN AE 185 -18.93 145.72 25.21
N VAL AE 186 -19.03 147.03 25.44
CA VAL AE 186 -18.22 148.01 24.73
C VAL AE 186 -17.20 148.62 25.67
N LEU AE 187 -15.93 148.58 25.28
CA LEU AE 187 -14.81 149.04 26.07
C LEU AE 187 -14.05 150.14 25.34
N PRO AE 188 -13.86 151.31 25.93
CA PRO AE 188 -12.85 152.23 25.39
C PRO AE 188 -11.44 151.78 25.73
N GLY AE 189 -10.48 152.28 24.96
CA GLY AE 189 -9.10 151.89 25.19
C GLY AE 189 -8.11 152.96 24.78
N ARG AE 190 -6.88 152.80 25.27
CA ARG AE 190 -5.83 153.79 25.04
C ARG AE 190 -5.56 154.01 23.57
N ASP AE 191 -5.87 153.04 22.73
CA ASP AE 191 -5.75 153.19 21.29
C ASP AE 191 -6.66 154.27 20.73
N LYS AE 192 -7.59 154.80 21.51
CA LYS AE 192 -8.62 155.68 20.98
C LYS AE 192 -9.43 154.99 19.89
N MET AE 193 -9.80 153.74 20.17
CA MET AE 193 -10.59 152.90 19.29
C MET AE 193 -11.54 152.14 20.20
N LEU AE 194 -12.78 151.95 19.76
CA LEU AE 194 -13.71 151.15 20.55
C LEU AE 194 -13.48 149.66 20.36
N TYR AE 195 -13.43 148.91 21.45
CA TYR AE 195 -13.35 147.46 21.41
C TYR AE 195 -14.68 146.86 21.84
N VAL AE 196 -15.24 145.98 21.02
CA VAL AE 196 -16.49 145.31 21.31
C VAL AE 196 -16.18 143.87 21.68
N ALA AE 197 -16.57 143.47 22.88
CA ALA AE 197 -16.34 142.13 23.39
C ALA AE 197 -17.58 141.27 23.18
N ALA AE 198 -17.38 140.10 22.55
CA ALA AE 198 -18.43 139.16 22.22
C ALA AE 198 -18.16 137.77 22.79
N GLN AE 199 -19.23 137.02 23.03
CA GLN AE 199 -19.15 135.72 23.71
C GLN AE 199 -18.75 134.56 22.80
N ASN AE 200 -19.12 134.59 21.51
CA ASN AE 200 -18.97 133.42 20.66
C ASN AE 200 -18.92 133.86 19.21
N GLU AE 201 -18.57 132.92 18.33
CA GLU AE 201 -18.37 133.26 16.92
C GLU AE 201 -19.62 133.84 16.28
N ARG AE 202 -20.78 133.30 16.60
CA ARG AE 202 -21.98 133.78 15.91
C ARG AE 202 -22.28 135.22 16.26
N ASP AE 203 -22.17 135.57 17.54
CA ASP AE 203 -22.25 136.96 17.97
C ASP AE 203 -21.14 137.80 17.35
N THR AE 204 -19.94 137.23 17.25
CA THR AE 204 -18.84 137.93 16.62
C THR AE 204 -19.21 138.38 15.21
N LEU AE 205 -19.73 137.48 14.39
CA LEU AE 205 -20.11 137.88 13.04
C LEU AE 205 -21.31 138.83 13.05
N TRP AE 206 -22.27 138.61 13.94
CA TRP AE 206 -23.37 139.56 14.06
C TRP AE 206 -22.87 140.97 14.31
N ALA AE 207 -21.79 141.11 15.06
CA ALA AE 207 -21.21 142.43 15.29
C ALA AE 207 -20.41 142.91 14.09
N ARG AE 208 -19.49 142.07 13.61
CA ARG AE 208 -18.62 142.49 12.52
C ARG AE 208 -19.39 143.00 11.32
N GLN AE 209 -20.57 142.44 11.05
CA GLN AE 209 -21.34 142.96 9.94
C GLN AE 209 -21.65 144.44 10.08
N VAL AE 210 -21.94 144.90 11.29
CA VAL AE 210 -22.28 146.32 11.48
C VAL AE 210 -21.10 147.20 11.09
N LEU AE 211 -19.91 146.84 11.54
CA LEU AE 211 -18.72 147.62 11.20
C LEU AE 211 -18.42 147.56 9.72
N ALA AE 212 -18.33 146.35 9.17
CA ALA AE 212 -17.92 146.19 7.78
C ALA AE 212 -18.91 146.84 6.83
N ARG AE 213 -20.18 146.89 7.18
CA ARG AE 213 -21.13 147.62 6.36
C ARG AE 213 -20.85 149.11 6.35
N GLY AE 214 -20.12 149.61 7.35
CA GLY AE 214 -19.89 151.03 7.45
C GLY AE 214 -21.00 151.82 8.08
N ASP AE 215 -21.77 151.21 8.97
CA ASP AE 215 -22.80 151.94 9.70
C ASP AE 215 -22.22 152.86 10.76
N TYR AE 216 -20.96 152.67 11.13
CA TYR AE 216 -20.31 153.50 12.13
C TYR AE 216 -19.07 154.12 11.52
N ASP AE 217 -18.71 155.31 12.00
CA ASP AE 217 -17.73 156.16 11.34
C ASP AE 217 -16.37 156.20 12.02
N LYS AE 218 -16.33 156.20 13.35
CA LYS AE 218 -15.06 156.09 14.05
C LYS AE 218 -14.51 154.67 14.01
N ASN AE 219 -13.33 154.49 14.59
CA ASN AE 219 -12.68 153.19 14.65
C ASN AE 219 -13.24 152.27 15.72
N ALA AE 220 -13.37 150.99 15.35
CA ALA AE 220 -13.90 149.98 16.23
C ALA AE 220 -13.35 148.63 15.83
N ARG AE 221 -13.36 147.70 16.77
CA ARG AE 221 -12.83 146.36 16.57
C ARG AE 221 -13.66 145.38 17.39
N VAL AE 222 -13.69 144.12 16.95
CA VAL AE 222 -14.43 143.06 17.63
C VAL AE 222 -13.44 142.04 18.17
N ILE AE 223 -13.67 141.58 19.40
CA ILE AE 223 -12.76 140.64 20.05
C ILE AE 223 -13.49 139.57 20.84
N ASN AE 224 -12.78 138.46 21.03
CA ASN AE 224 -13.25 137.32 21.81
C ASN AE 224 -12.05 136.61 22.42
N GLU AE 225 -12.35 135.79 23.43
CA GLU AE 225 -11.33 135.06 24.17
C GLU AE 225 -10.43 134.20 23.30
N ASN AE 226 -11.00 133.38 22.42
CA ASN AE 226 -10.18 132.50 21.60
C ASN AE 226 -9.22 133.27 20.69
N GLU AE 227 -9.72 134.27 19.99
CA GLU AE 227 -8.84 135.07 19.14
C GLU AE 227 -7.71 135.67 19.93
N GLU AE 228 -8.01 136.24 21.10
CA GLU AE 228 -6.94 136.83 21.89
C GLU AE 228 -5.94 135.79 22.36
N ASN AE 229 -6.40 134.63 22.83
CA ASN AE 229 -5.46 133.59 23.18
C ASN AE 229 -4.50 133.25 22.04
N LYS AE 230 -5.03 133.04 20.85
CA LYS AE 230 -4.18 132.75 19.70
C LYS AE 230 -3.15 133.86 19.44
N ARG AE 231 -3.61 135.09 19.28
CA ARG AE 231 -2.72 136.22 19.04
C ARG AE 231 -1.60 136.33 20.09
N ILE AE 232 -1.97 136.30 21.36
CA ILE AE 232 -0.96 136.41 22.41
C ILE AE 232 0.02 135.26 22.37
N SER AE 233 -0.46 134.04 22.13
CA SER AE 233 0.47 132.92 22.06
C SER AE 233 1.44 133.07 20.90
N ILE AE 234 0.99 133.63 19.78
CA ILE AE 234 1.89 133.90 18.67
C ILE AE 234 2.95 134.92 19.05
N TRP AE 235 2.59 135.92 19.83
CA TRP AE 235 3.61 136.90 20.24
C TRP AE 235 4.62 136.29 21.22
N LEU AE 236 4.12 135.52 22.18
CA LEU AE 236 5.00 134.83 23.12
C LEU AE 236 5.95 133.88 22.41
N ASP AE 237 5.50 133.19 21.37
CA ASP AE 237 6.40 132.33 20.63
C ASP AE 237 7.64 133.05 20.11
N THR AE 238 7.49 134.32 19.71
CA THR AE 238 8.67 135.10 19.33
C THR AE 238 9.52 135.55 20.51
N TYR AE 239 8.92 136.16 21.54
CA TYR AE 239 9.76 136.82 22.53
C TYR AE 239 10.06 136.02 23.79
N TYR AE 240 9.29 135.00 24.11
CA TYR AE 240 9.50 134.17 25.29
C TYR AE 240 9.35 132.71 24.89
N PRO AE 241 10.25 132.22 24.05
CA PRO AE 241 10.06 130.90 23.43
C PRO AE 241 10.17 129.71 24.37
N GLN AE 242 10.44 129.90 25.66
CA GLN AE 242 10.56 128.79 26.59
C GLN AE 242 9.67 128.95 27.81
N LEU AE 243 8.79 129.93 27.82
CA LEU AE 243 7.86 130.11 28.91
C LEU AE 243 6.81 129.01 28.93
N ALA AE 244 6.64 128.37 30.09
CA ALA AE 244 5.63 127.35 30.30
C ALA AE 244 4.40 127.97 30.95
N TYR AE 245 3.25 127.89 30.30
CA TYR AE 245 2.07 128.58 30.77
C TYR AE 245 0.84 127.86 30.29
N TYR AE 246 -0.29 128.16 30.94
CA TYR AE 246 -1.56 127.53 30.62
C TYR AE 246 -2.48 128.38 29.76
N ARG AE 247 -3.16 129.37 30.34
CA ARG AE 247 -4.15 130.10 29.56
C ARG AE 247 -4.39 131.46 30.22
N ILE AE 248 -4.90 132.38 29.41
CA ILE AE 248 -5.36 133.69 29.87
C ILE AE 248 -6.88 133.79 29.83
N HIS AE 249 -7.49 134.04 30.99
CA HIS AE 249 -8.93 134.17 31.17
C HIS AE 249 -9.37 135.62 31.11
N PHE AE 250 -10.47 135.87 30.38
CA PHE AE 250 -11.04 137.20 30.20
C PHE AE 250 -12.43 137.33 30.77
N ASP AE 251 -12.71 136.64 31.88
CA ASP AE 251 -14.02 136.78 32.51
C ASP AE 251 -14.32 138.24 32.81
N GLU AE 252 -13.36 138.95 33.40
CA GLU AE 252 -13.41 140.39 33.61
C GLU AE 252 -12.40 140.97 32.63
N PRO AE 253 -12.83 141.41 31.45
CA PRO AE 253 -11.87 141.84 30.43
C PRO AE 253 -10.97 142.99 30.82
N ARG AE 254 -11.32 143.79 31.81
CA ARG AE 254 -10.41 144.84 32.23
C ARG AE 254 -9.24 144.33 33.05
N LYS AE 255 -9.31 143.14 33.63
CA LYS AE 255 -8.24 142.62 34.48
C LYS AE 255 -8.06 141.14 34.25
N PRO AE 256 -7.51 140.76 33.10
CA PRO AE 256 -7.30 139.36 32.80
C PRO AE 256 -6.37 138.68 33.80
N VAL AE 257 -6.48 137.36 33.84
CA VAL AE 257 -5.72 136.49 34.73
C VAL AE 257 -4.92 135.54 33.87
N PHE AE 258 -3.62 135.50 34.08
CA PHE AE 258 -2.68 134.68 33.32
C PHE AE 258 -2.07 133.62 34.23
N TRP AE 259 -2.34 132.35 33.92
CA TRP AE 259 -1.88 131.20 34.69
C TRP AE 259 -0.55 130.64 34.18
N LEU AE 260 0.47 130.68 35.02
CA LEU AE 260 1.78 130.13 34.73
C LEU AE 260 1.97 128.87 35.55
N SER AE 261 2.82 127.96 35.06
CA SER AE 261 3.26 126.85 35.88
C SER AE 261 4.24 127.27 36.96
N ARG AE 262 4.02 126.76 38.17
CA ARG AE 262 4.98 126.97 39.26
C ARG AE 262 6.25 126.15 39.11
N GLN AE 263 6.15 124.90 38.65
CA GLN AE 263 7.36 124.09 38.57
C GLN AE 263 8.25 124.44 37.38
N ARG AE 264 7.68 124.56 36.20
CA ARG AE 264 8.51 124.59 35.01
C ARG AE 264 9.06 125.96 34.68
N ASN AE 265 8.70 127.01 35.42
CA ASN AE 265 9.25 128.35 35.22
C ASN AE 265 10.12 128.75 36.39
N THR AE 266 11.22 129.43 36.09
CA THR AE 266 12.07 130.07 37.09
C THR AE 266 12.33 131.52 36.73
N MET AE 267 11.67 132.46 37.41
CA MET AE 267 11.80 133.87 37.12
C MET AE 267 11.76 134.66 38.42
N SER AE 268 12.33 135.85 38.41
CA SER AE 268 12.18 136.74 39.54
C SER AE 268 10.93 137.60 39.42
N LYS AE 269 10.55 138.18 40.56
CA LYS AE 269 9.44 139.12 40.59
C LYS AE 269 9.61 140.27 39.59
N LYS AE 270 10.81 140.82 39.48
CA LYS AE 270 11.05 141.87 38.50
C LYS AE 270 10.74 141.40 37.08
N GLU AE 271 11.24 140.23 36.72
CA GLU AE 271 10.96 139.69 35.40
C GLU AE 271 9.46 139.51 35.18
N LEU AE 272 8.76 138.99 36.19
CA LEU AE 272 7.31 138.85 36.10
C LEU AE 272 6.63 140.20 35.87
N GLU AE 273 7.09 141.22 36.60
CA GLU AE 273 6.55 142.56 36.43
C GLU AE 273 6.75 143.07 35.02
N VAL AE 274 7.96 142.90 34.48
CA VAL AE 274 8.23 143.30 33.10
C VAL AE 274 7.30 142.59 32.13
N LEU AE 275 7.16 141.28 32.28
CA LEU AE 275 6.21 140.52 31.47
C LEU AE 275 4.80 141.10 31.53
N SER AE 276 4.33 141.36 32.75
CA SER AE 276 3.02 141.97 32.95
C SER AE 276 2.88 143.27 32.17
N GLN AE 277 3.86 144.16 32.30
CA GLN AE 277 3.81 145.43 31.57
C GLN AE 277 3.74 145.22 30.06
N LYS AE 278 4.57 144.33 29.52
CA LYS AE 278 4.53 144.08 28.09
C LYS AE 278 3.17 143.56 27.63
N LEU AE 279 2.59 142.63 28.38
CA LEU AE 279 1.24 142.19 28.05
C LEU AE 279 0.27 143.36 28.08
N ARG AE 280 0.37 144.21 29.10
CA ARG AE 280 -0.49 145.38 29.15
C ARG AE 280 -0.35 146.21 27.88
N ALA AE 281 0.86 146.26 27.33
CA ALA AE 281 1.05 146.97 26.08
C ALA AE 281 0.33 146.28 24.92
N LEU AE 282 0.30 144.94 24.92
CA LEU AE 282 -0.43 144.24 23.87
C LEU AE 282 -1.94 144.44 23.96
N MET AE 283 -2.48 144.61 25.15
CA MET AE 283 -3.92 144.70 25.34
C MET AE 283 -4.34 146.11 25.75
N PRO AE 284 -4.44 147.03 24.79
CA PRO AE 284 -4.80 148.42 25.12
C PRO AE 284 -6.17 148.60 25.76
N TYR AE 285 -6.99 147.58 25.81
CA TYR AE 285 -8.27 147.69 26.49
C TYR AE 285 -8.19 147.26 27.94
N ALA AE 286 -7.11 146.59 28.33
CA ALA AE 286 -6.93 146.09 29.68
C ALA AE 286 -6.14 147.08 30.54
N ASP AE 287 -6.60 147.28 31.76
CA ASP AE 287 -5.92 148.16 32.71
C ASP AE 287 -4.74 147.47 33.40
N SER AE 288 -4.84 146.17 33.66
CA SER AE 288 -3.74 145.47 34.32
C SER AE 288 -3.93 143.98 34.10
N VAL AE 289 -2.83 143.25 34.17
CA VAL AE 289 -2.80 141.79 34.02
C VAL AE 289 -2.31 141.14 35.30
N ASN AE 290 -3.12 140.25 35.87
CA ASN AE 290 -2.77 139.54 37.09
C ASN AE 290 -2.17 138.18 36.73
N ILE AE 291 -0.96 137.93 37.20
CA ILE AE 291 -0.27 136.65 36.99
C ILE AE 291 -0.39 135.76 38.22
N THR AE 292 -0.91 134.55 38.00
CA THR AE 292 -1.15 133.55 39.03
C THR AE 292 -0.41 132.27 38.72
N LEU AE 293 0.21 131.67 39.73
CA LEU AE 293 0.94 130.41 39.62
C LEU AE 293 0.08 129.22 40.00
N MET AE 294 0.03 128.22 39.11
CA MET AE 294 -0.78 127.03 39.27
C MET AE 294 0.11 125.80 39.35
N ASP AE 295 -0.41 124.74 39.95
CA ASP AE 295 0.31 123.47 40.11
C ASP AE 295 -0.03 122.41 39.05
N ASP AE 296 1.02 121.93 38.41
CA ASP AE 296 0.89 120.88 37.39
C ASP AE 296 0.29 119.61 37.96
N VAL AE 297 0.71 119.20 39.15
CA VAL AE 297 0.14 117.99 39.75
C VAL AE 297 -1.36 118.14 39.87
N THR AE 298 -1.82 119.32 40.24
CA THR AE 298 -3.26 119.58 40.29
C THR AE 298 -3.91 119.39 38.93
N ALA AE 299 -3.36 120.02 37.90
CA ALA AE 299 -3.94 119.86 36.56
C ALA AE 299 -4.03 118.40 36.11
N ALA AE 300 -2.97 117.63 36.32
CA ALA AE 300 -3.00 116.23 35.93
C ALA AE 300 -3.99 115.43 36.76
N GLY AE 301 -4.04 115.67 38.06
CA GLY AE 301 -4.97 114.94 38.90
C GLY AE 301 -6.42 115.22 38.55
N GLN AE 302 -6.75 116.48 38.28
CA GLN AE 302 -8.10 116.79 37.82
C GLN AE 302 -8.45 116.13 36.49
N ALA AE 303 -7.49 116.01 35.57
CA ALA AE 303 -7.76 115.21 34.38
C ALA AE 303 -8.07 113.75 34.70
N GLU AE 304 -7.18 113.10 35.42
CA GLU AE 304 -7.36 111.67 35.64
C GLU AE 304 -8.62 111.37 36.43
N ALA AE 305 -8.87 112.14 37.47
CA ALA AE 305 -10.10 111.93 38.22
C ALA AE 305 -11.34 112.20 37.38
N GLY AE 306 -11.27 113.13 36.43
CA GLY AE 306 -12.42 113.30 35.56
C GLY AE 306 -12.70 112.12 34.66
N LEU AE 307 -11.66 111.42 34.21
CA LEU AE 307 -11.92 110.18 33.46
C LEU AE 307 -12.46 109.06 34.34
N LYS AE 308 -11.89 108.88 35.52
CA LYS AE 308 -12.41 107.83 36.40
C LYS AE 308 -13.85 108.09 36.76
N GLN AE 309 -14.21 109.34 37.01
CA GLN AE 309 -15.59 109.68 37.30
C GLN AE 309 -16.54 109.35 36.18
N GLN AE 310 -16.05 109.06 34.98
CA GLN AE 310 -16.92 108.65 33.87
C GLN AE 310 -16.72 107.20 33.49
N ALA AE 311 -15.85 106.48 34.18
CA ALA AE 311 -15.60 105.08 33.89
C ALA AE 311 -15.17 104.82 32.45
N LEU AE 312 -14.52 105.75 31.85
CA LEU AE 312 -13.98 105.52 30.52
C LEU AE 312 -12.74 104.64 30.63
N PRO AE 313 -12.50 103.74 29.67
CA PRO AE 313 -11.22 103.04 29.65
C PRO AE 313 -10.15 103.92 29.04
N TYR AE 314 -8.98 103.94 29.67
CA TYR AE 314 -7.92 104.82 29.21
C TYR AE 314 -6.57 104.28 29.60
N SER AE 315 -5.54 104.80 28.93
CA SER AE 315 -4.14 104.68 29.33
C SER AE 315 -3.54 106.06 29.57
N ARG AE 316 -2.63 106.13 30.53
CA ARG AE 316 -1.87 107.34 30.80
C ARG AE 316 -0.40 107.12 30.45
N ARG AE 317 0.21 108.11 29.81
CA ARG AE 317 1.63 108.13 29.52
C ARG AE 317 2.24 109.44 29.99
N ASN AE 318 3.42 109.35 30.60
CA ASN AE 318 4.09 110.49 31.19
C ASN AE 318 5.34 110.85 30.40
N HIS AE 319 5.51 112.13 30.12
CA HIS AE 319 6.69 112.69 29.49
C HIS AE 319 7.25 113.76 30.40
N LYS AE 320 8.40 114.29 30.02
CA LYS AE 320 9.01 115.34 30.82
C LYS AE 320 8.10 116.56 30.88
N GLY AE 321 7.55 116.95 29.73
CA GLY AE 321 6.76 118.15 29.61
C GLY AE 321 5.28 117.97 29.44
N GLY AE 322 4.74 116.77 29.57
CA GLY AE 322 3.31 116.59 29.32
C GLY AE 322 2.82 115.21 29.65
N VAL AE 323 1.51 115.07 29.58
CA VAL AE 323 0.79 113.83 29.91
C VAL AE 323 -0.18 113.53 28.78
N THR AE 324 -0.20 112.28 28.33
CA THR AE 324 -1.10 111.87 27.26
C THR AE 324 -2.05 110.76 27.73
N PHE AE 325 -3.34 110.98 27.53
CA PHE AE 325 -4.37 109.99 27.81
C PHE AE 325 -4.88 109.44 26.49
N VAL AE 326 -4.77 108.12 26.33
CA VAL AE 326 -5.17 107.41 25.12
C VAL AE 326 -6.41 106.58 25.38
N ILE AE 327 -7.48 106.89 24.64
CA ILE AE 327 -8.76 106.21 24.73
C ILE AE 327 -9.04 105.63 23.35
N GLN AE 328 -9.14 104.31 23.26
CA GLN AE 328 -9.26 103.69 21.95
C GLN AE 328 -9.98 102.36 22.03
N GLY AE 329 -10.55 101.95 20.88
CA GLY AE 329 -11.13 100.64 20.68
C GLY AE 329 -12.53 100.74 20.10
N ALA AE 330 -13.29 99.65 20.23
CA ALA AE 330 -14.71 99.61 19.91
C ALA AE 330 -15.57 100.25 21.00
N LEU AE 331 -15.41 101.56 21.15
CA LEU AE 331 -16.22 102.30 22.11
C LEU AE 331 -17.69 102.28 21.73
N ASP AE 332 -18.55 102.33 22.74
CA ASP AE 332 -19.99 102.46 22.57
C ASP AE 332 -20.40 103.91 22.39
N ASP AE 333 -21.61 104.10 21.84
CA ASP AE 333 -22.09 105.45 21.55
C ASP AE 333 -22.24 106.31 22.80
N VAL AE 334 -22.63 105.72 23.92
CA VAL AE 334 -22.79 106.50 25.14
C VAL AE 334 -21.45 106.84 25.76
N GLU AE 335 -20.46 105.98 25.55
CA GLU AE 335 -19.11 106.30 25.98
C GLU AE 335 -18.51 107.42 25.14
N ILE AE 336 -18.71 107.37 23.84
CA ILE AE 336 -18.25 108.48 23.00
C ILE AE 336 -18.88 109.80 23.43
N LEU AE 337 -20.19 109.79 23.68
CA LEU AE 337 -20.83 111.03 24.10
C LEU AE 337 -20.27 111.57 25.42
N ARG AE 338 -20.21 110.73 26.45
CA ARG AE 338 -19.71 111.21 27.72
C ARG AE 338 -18.27 111.71 27.61
N ALA AE 339 -17.42 110.99 26.89
CA ALA AE 339 -16.04 111.42 26.73
C ALA AE 339 -15.94 112.79 26.07
N ARG AE 340 -16.68 113.01 24.99
CA ARG AE 340 -16.53 114.29 24.31
C ARG AE 340 -17.13 115.45 25.08
N GLN AE 341 -18.15 115.20 25.91
CA GLN AE 341 -18.60 116.27 26.80
C GLN AE 341 -17.54 116.62 27.85
N PHE AE 342 -16.91 115.61 28.45
CA PHE AE 342 -15.90 115.93 29.44
C PHE AE 342 -14.75 116.70 28.80
N VAL AE 343 -14.16 116.16 27.74
CA VAL AE 343 -12.98 116.80 27.16
C VAL AE 343 -13.30 118.23 26.74
N ASP AE 344 -14.48 118.45 26.15
CA ASP AE 344 -14.83 119.81 25.78
C ASP AE 344 -15.01 120.72 26.98
N SER AE 345 -15.23 120.18 28.16
CA SER AE 345 -15.29 121.07 29.31
C SER AE 345 -13.92 121.37 29.89
N TYR AE 346 -13.06 120.36 29.96
CA TYR AE 346 -11.71 120.55 30.47
C TYR AE 346 -10.88 121.49 29.60
N TYR AE 347 -10.93 121.31 28.28
CA TYR AE 347 -10.14 122.13 27.38
C TYR AE 347 -10.38 123.62 27.60
N ARG AE 348 -11.63 124.01 27.84
CA ARG AE 348 -11.93 125.41 28.06
C ARG AE 348 -11.21 125.97 29.27
N THR AE 349 -10.89 125.15 30.24
CA THR AE 349 -10.28 125.66 31.45
C THR AE 349 -8.77 125.61 31.37
N TRP AE 350 -8.20 124.47 31.06
CA TRP AE 350 -6.75 124.32 31.10
C TRP AE 350 -6.05 124.51 29.77
N GLY AE 351 -6.77 124.61 28.67
CA GLY AE 351 -6.14 124.60 27.36
C GLY AE 351 -5.48 123.28 27.03
N GLY AE 352 -5.05 123.14 25.78
CA GLY AE 352 -4.38 121.97 25.26
C GLY AE 352 -2.88 121.88 25.36
N ARG AE 353 -2.19 122.84 25.95
CA ARG AE 353 -0.74 122.79 25.98
C ARG AE 353 -0.20 121.60 26.78
N TYR AE 354 -0.54 121.50 28.05
CA TYR AE 354 0.09 120.47 28.88
C TYR AE 354 -0.53 119.08 28.72
N VAL AE 355 -1.85 118.95 28.80
CA VAL AE 355 -2.54 117.66 28.69
C VAL AE 355 -3.20 117.47 27.33
N GLN AE 356 -2.96 116.31 26.72
CA GLN AE 356 -3.53 115.90 25.44
C GLN AE 356 -4.39 114.66 25.57
N PHE AE 357 -5.53 114.66 24.88
CA PHE AE 357 -6.43 113.50 24.81
C PHE AE 357 -6.55 113.04 23.36
N ALA AE 358 -6.28 111.75 23.13
CA ALA AE 358 -6.48 111.10 21.84
C ALA AE 358 -7.66 110.12 21.89
N ILE AE 359 -8.61 110.28 20.99
CA ILE AE 359 -9.77 109.40 20.89
C ILE AE 359 -9.76 108.72 19.53
N GLU AE 360 -9.63 107.39 19.52
CA GLU AE 360 -9.42 106.65 18.28
C GLU AE 360 -10.28 105.40 18.24
N LEU AE 361 -10.96 105.17 17.13
CA LEU AE 361 -11.81 103.99 16.96
C LEU AE 361 -11.08 102.89 16.20
N LYS AE 362 -11.05 101.69 16.77
CA LYS AE 362 -10.32 100.56 16.24
C LYS AE 362 -11.25 99.37 16.16
N ASP AE 363 -10.91 98.42 15.29
CA ASP AE 363 -11.64 97.16 15.19
C ASP AE 363 -11.26 96.21 16.30
N ASP AE 364 -11.30 96.67 17.56
CA ASP AE 364 -10.75 95.89 18.67
C ASP AE 364 -11.69 95.96 19.85
N TRP AE 365 -12.04 94.78 20.38
CA TRP AE 365 -13.05 94.67 21.42
C TRP AE 365 -12.51 94.73 22.84
N LEU AE 366 -11.21 94.57 23.05
CA LEU AE 366 -10.67 94.69 24.39
C LEU AE 366 -10.40 96.13 24.78
N LYS AE 367 -10.77 97.08 23.94
CA LYS AE 367 -10.65 98.51 24.24
C LYS AE 367 -9.26 98.90 24.74
N GLY AE 368 -8.22 98.39 24.08
CA GLY AE 368 -6.85 98.78 24.36
C GLY AE 368 -6.03 97.88 25.25
N ARG AE 369 -6.64 97.00 26.03
CA ARG AE 369 -5.84 96.05 26.78
C ARG AE 369 -5.23 95.00 25.86
N SER AE 370 -4.19 94.32 26.35
CA SER AE 370 -3.47 93.36 25.53
C SER AE 370 -2.69 92.41 26.42
N PHE AE 371 -2.73 91.11 26.10
CA PHE AE 371 -2.09 90.09 26.90
C PHE AE 371 -1.40 89.02 26.06
N GLN AE 372 -0.38 88.42 26.63
CA GLN AE 372 0.31 87.26 26.08
C GLN AE 372 0.04 86.07 26.98
N TYR AE 373 -0.12 84.89 26.38
CA TYR AE 373 -0.32 83.66 27.12
C TYR AE 373 0.98 82.88 27.19
N GLY AE 374 1.36 82.50 28.40
CA GLY AE 374 2.52 81.68 28.66
C GLY AE 374 2.22 80.58 29.65
N ALA AE 375 3.27 79.83 30.00
CA ALA AE 375 3.12 78.76 30.99
C ALA AE 375 2.47 79.24 32.28
N GLU AE 376 2.85 80.41 32.76
CA GLU AE 376 2.30 80.97 33.99
C GLU AE 376 0.98 81.70 33.78
N GLY AE 377 0.35 81.56 32.63
CA GLY AE 377 -0.84 82.29 32.27
C GLY AE 377 -0.68 83.59 31.52
N TYR AE 378 -1.64 84.50 31.68
CA TYR AE 378 -1.58 85.80 31.02
C TYR AE 378 -0.57 86.76 31.62
N ILE AE 379 0.01 87.56 30.73
CA ILE AE 379 0.96 88.62 31.05
C ILE AE 379 0.49 89.86 30.31
N LYS AE 380 0.35 90.97 31.03
CA LYS AE 380 -0.01 92.23 30.39
C LYS AE 380 1.11 92.75 29.51
N MET AE 381 0.75 93.17 28.30
CA MET AE 381 1.70 93.66 27.31
C MET AE 381 1.70 95.18 27.29
N SER AE 382 2.90 95.75 27.31
CA SER AE 382 3.10 97.19 27.23
C SER AE 382 2.40 97.82 26.03
N PRO AE 383 2.05 99.10 26.12
CA PRO AE 383 1.49 99.84 24.98
C PRO AE 383 2.32 99.71 23.71
N GLY AE 384 1.66 99.90 22.58
CA GLY AE 384 2.30 99.86 21.28
C GLY AE 384 1.30 100.13 20.18
N HIS AE 385 1.84 100.54 19.04
CA HIS AE 385 1.00 100.88 17.88
C HIS AE 385 0.22 99.70 17.33
N TRP AE 386 0.80 98.51 17.30
CA TRP AE 386 0.09 97.37 16.72
C TRP AE 386 -0.87 96.75 17.72
N TYR AE 387 -2.05 96.38 17.22
CA TYR AE 387 -3.11 95.75 17.97
C TYR AE 387 -3.69 94.61 17.16
N PHE AE 388 -4.15 93.58 17.86
CA PHE AE 388 -4.72 92.40 17.25
C PHE AE 388 -6.18 92.66 16.93
N PRO AE 389 -6.56 92.75 15.65
CA PRO AE 389 -7.97 93.01 15.33
C PRO AE 389 -8.89 91.89 15.79
N SER AE 390 -10.10 92.29 16.15
CA SER AE 390 -11.09 91.42 16.71
C SER AE 390 -11.38 90.21 15.84
N PRO AE 391 -11.18 88.98 16.34
CA PRO AE 391 -11.58 87.80 15.57
C PRO AE 391 -13.04 87.47 15.71
N LEU AE 392 -13.70 87.95 16.76
CA LEU AE 392 -15.12 87.72 16.94
C LEU AE 392 -15.90 88.38 15.82
N ALA BE 171 -48.05 151.24 31.13
CA ALA BE 171 -48.03 149.82 30.81
C ALA BE 171 -46.92 149.11 31.58
N GLU BE 172 -47.26 148.52 32.71
CA GLU BE 172 -46.27 147.82 33.50
C GLU BE 172 -45.88 146.52 32.83
N LEU BE 173 -44.73 145.98 33.24
CA LEU BE 173 -44.26 144.74 32.63
C LEU BE 173 -45.19 143.57 32.96
N ASP BE 174 -45.71 143.49 34.18
CA ASP BE 174 -46.61 142.40 34.54
C ASP BE 174 -47.82 142.34 33.63
N SER BE 175 -48.28 143.48 33.14
CA SER BE 175 -49.43 143.52 32.24
C SER BE 175 -49.13 142.91 30.87
N LEU BE 176 -47.86 142.79 30.50
CA LEU BE 176 -47.48 142.28 29.20
C LEU BE 176 -47.19 140.79 29.19
N LEU BE 177 -46.97 140.17 30.35
CA LEU BE 177 -46.58 138.77 30.36
C LEU BE 177 -47.76 137.82 30.17
N GLY BE 178 -48.99 138.29 30.30
CA GLY BE 178 -50.10 137.38 30.15
C GLY BE 178 -51.27 137.56 31.09
N GLN BE 179 -52.24 136.65 30.96
CA GLN BE 179 -53.36 136.59 31.89
C GLN BE 179 -53.02 135.83 33.15
N GLU BE 180 -52.26 134.74 33.07
CA GLU BE 180 -51.89 133.97 34.24
C GLU BE 180 -50.79 134.68 35.00
N LYS BE 181 -51.21 135.59 35.87
CA LYS BE 181 -50.29 136.48 36.58
C LYS BE 181 -49.28 135.71 37.41
N GLU BE 182 -49.69 134.62 38.04
CA GLU BE 182 -48.84 133.84 38.92
C GLU BE 182 -47.77 133.03 38.21
N ARG BE 183 -47.71 133.05 36.89
CA ARG BE 183 -46.77 132.19 36.19
C ARG BE 183 -45.32 132.70 36.25
N PHE BE 184 -45.11 134.00 36.47
CA PHE BE 184 -43.80 134.64 36.39
C PHE BE 184 -43.60 135.49 37.63
N GLN BE 185 -42.35 135.83 37.93
CA GLN BE 185 -42.11 136.66 39.11
C GLN BE 185 -41.10 137.74 38.76
N VAL BE 186 -41.47 139.00 39.00
CA VAL BE 186 -40.63 140.16 38.70
C VAL BE 186 -39.92 140.65 39.95
N LEU BE 187 -38.61 140.84 39.84
CA LEU BE 187 -37.77 141.28 40.94
C LEU BE 187 -36.91 142.47 40.49
N PRO BE 188 -36.84 143.54 41.28
CA PRO BE 188 -35.96 144.66 40.95
C PRO BE 188 -34.52 144.44 41.41
N GLY BE 189 -33.57 144.84 40.58
CA GLY BE 189 -32.17 144.65 40.88
C GLY BE 189 -31.39 145.93 41.13
N ARG BE 190 -30.29 145.81 41.88
CA ARG BE 190 -29.45 146.96 42.20
C ARG BE 190 -28.92 147.68 40.97
N ASP BE 191 -28.72 146.96 39.87
CA ASP BE 191 -28.26 147.57 38.64
C ASP BE 191 -29.35 148.30 37.87
N LYS BE 192 -30.49 148.57 38.51
CA LYS BE 192 -31.60 149.26 37.88
C LYS BE 192 -32.18 148.49 36.71
N MET BE 193 -32.47 147.22 36.94
CA MET BE 193 -32.98 146.36 35.88
C MET BE 193 -34.00 145.40 36.50
N LEU BE 194 -35.03 145.09 35.75
CA LEU BE 194 -36.01 144.09 36.14
C LEU BE 194 -35.59 142.69 35.73
N TYR BE 195 -35.65 141.77 36.68
CA TYR BE 195 -35.33 140.36 36.47
C TYR BE 195 -36.61 139.55 36.56
N VAL BE 196 -36.98 138.89 35.47
CA VAL BE 196 -38.17 138.07 35.41
C VAL BE 196 -37.74 136.63 35.62
N ALA BE 197 -38.02 136.10 36.80
CA ALA BE 197 -37.75 134.70 37.11
C ALA BE 197 -38.84 133.82 36.52
N ALA BE 198 -38.39 132.75 35.85
CA ALA BE 198 -39.20 131.74 35.19
C ALA BE 198 -38.91 130.35 35.75
N GLN BE 199 -39.83 129.42 35.50
CA GLN BE 199 -39.71 128.05 35.99
C GLN BE 199 -39.20 127.03 34.97
N ASN BE 200 -39.27 127.29 33.67
CA ASN BE 200 -38.89 126.27 32.71
C ASN BE 200 -38.53 126.93 31.38
N GLU BE 201 -38.03 126.12 30.45
CA GLU BE 201 -37.69 126.59 29.12
C GLU BE 201 -38.87 127.18 28.36
N ARG BE 202 -39.98 126.47 28.29
CA ARG BE 202 -41.14 126.98 27.58
C ARG BE 202 -41.53 128.38 28.08
N ASP BE 203 -41.65 128.55 29.40
CA ASP BE 203 -41.95 129.86 29.96
C ASP BE 203 -40.84 130.88 29.69
N THR BE 204 -39.60 130.45 29.76
CA THR BE 204 -38.47 131.33 29.45
C THR BE 204 -38.61 131.93 28.06
N LEU BE 205 -38.88 131.09 27.07
CA LEU BE 205 -39.07 131.60 25.72
C LEU BE 205 -40.35 132.42 25.58
N TRP BE 206 -41.39 132.08 26.33
CA TRP BE 206 -42.58 132.92 26.31
C TRP BE 206 -42.28 134.35 26.77
N ALA BE 207 -41.41 134.50 27.75
CA ALA BE 207 -41.03 135.85 28.20
C ALA BE 207 -40.04 136.52 27.25
N ARG BE 208 -39.00 135.80 26.86
CA ARG BE 208 -38.01 136.38 25.98
C ARG BE 208 -38.64 136.91 24.70
N GLN BE 209 -39.64 136.22 24.16
CA GLN BE 209 -40.28 136.77 22.97
C GLN BE 209 -40.85 138.16 23.25
N VAL BE 210 -41.41 138.38 24.43
CA VAL BE 210 -42.00 139.66 24.74
C VAL BE 210 -40.95 140.74 24.84
N LEU BE 211 -39.83 140.45 25.51
CA LEU BE 211 -38.78 141.46 25.58
C LEU BE 211 -38.14 141.70 24.22
N ALA BE 212 -37.78 140.65 23.51
CA ALA BE 212 -37.09 140.79 22.23
C ALA BE 212 -37.95 141.49 21.19
N ARG BE 213 -39.26 141.29 21.21
CA ARG BE 213 -40.12 142.06 20.32
C ARG BE 213 -40.01 143.55 20.58
N GLY BE 214 -39.60 143.94 21.79
CA GLY BE 214 -39.58 145.33 22.15
C GLY BE 214 -40.91 145.91 22.57
N ASP BE 215 -41.76 145.12 23.22
CA ASP BE 215 -43.00 145.66 23.74
C ASP BE 215 -42.73 146.57 24.93
N TYR BE 216 -41.82 146.16 25.80
CA TYR BE 216 -41.32 147.00 26.88
C TYR BE 216 -40.16 147.84 26.37
N ASP BE 217 -39.91 148.94 27.07
CA ASP BE 217 -38.98 149.95 26.57
C ASP BE 217 -37.79 150.24 27.48
N LYS BE 218 -37.90 150.02 28.79
CA LYS BE 218 -36.73 149.99 29.66
C LYS BE 218 -36.00 148.65 29.55
N ASN BE 219 -34.91 148.53 30.30
CA ASN BE 219 -34.13 147.29 30.37
C ASN BE 219 -34.79 146.23 31.26
N ALA BE 220 -34.70 144.99 30.80
CA ALA BE 220 -35.25 143.84 31.50
C ALA BE 220 -34.49 142.59 31.08
N ARG BE 221 -34.58 141.55 31.91
CA ARG BE 221 -33.90 140.30 31.62
C ARG BE 221 -34.73 139.14 32.14
N VAL BE 222 -34.55 137.96 31.54
CA VAL BE 222 -35.23 136.73 31.93
C VAL BE 222 -34.21 135.74 32.47
N ILE BE 223 -34.53 135.08 33.58
CA ILE BE 223 -33.61 134.17 34.24
C ILE BE 223 -34.30 132.91 34.75
N ASN BE 224 -33.50 131.85 34.90
CA ASN BE 224 -33.95 130.58 35.44
C ASN BE 224 -32.81 129.89 36.15
N GLU BE 225 -33.18 128.90 36.95
CA GLU BE 225 -32.23 128.21 37.82
C GLU BE 225 -31.11 127.48 37.08
N ASN BE 226 -31.42 126.78 36.01
CA ASN BE 226 -30.36 126.07 35.29
C ASN BE 226 -29.32 127.02 34.71
N GLU BE 227 -29.77 128.05 34.00
CA GLU BE 227 -28.84 129.02 33.44
C GLU BE 227 -27.99 129.65 34.53
N GLU BE 228 -28.60 130.00 35.65
CA GLU BE 228 -27.80 130.64 36.68
C GLU BE 228 -26.79 129.68 37.30
N ASN BE 229 -27.17 128.42 37.51
CA ASN BE 229 -26.17 127.48 37.99
C ASN BE 229 -24.98 127.37 37.06
N LYS BE 230 -25.23 127.28 35.75
CA LYS BE 230 -24.13 127.25 34.78
C LYS BE 230 -23.22 128.47 34.89
N ARG BE 231 -23.81 129.66 34.80
CA ARG BE 231 -23.03 130.90 34.90
C ARG BE 231 -22.17 130.95 36.16
N ILE BE 232 -22.75 130.67 37.31
CA ILE BE 232 -21.96 130.78 38.53
C ILE BE 232 -20.88 129.72 38.59
N SER BE 233 -21.16 128.50 38.12
CA SER BE 233 -20.11 127.49 38.08
C SER BE 233 -18.94 127.93 37.21
N ILE BE 234 -19.23 128.52 36.05
CA ILE BE 234 -18.18 129.06 35.19
C ILE BE 234 -17.32 130.10 35.90
N TRP BE 235 -17.92 130.96 36.72
CA TRP BE 235 -17.09 131.93 37.43
C TRP BE 235 -16.25 131.28 38.53
N LEU BE 236 -16.85 130.36 39.28
CA LEU BE 236 -16.09 129.64 40.29
C LEU BE 236 -14.90 128.92 39.67
N ASP BE 237 -15.07 128.33 38.50
CA ASP BE 237 -13.95 127.67 37.84
C ASP BE 237 -12.72 128.55 37.71
N THR BE 238 -12.90 129.86 37.61
CA THR BE 238 -11.77 130.77 37.50
C THR BE 238 -11.20 131.16 38.86
N TYR BE 239 -12.05 131.67 39.76
CA TYR BE 239 -11.52 132.20 41.03
C TYR BE 239 -11.39 131.20 42.18
N TYR BE 240 -12.12 130.09 42.17
CA TYR BE 240 -12.06 129.08 43.22
C TYR BE 240 -12.01 127.72 42.57
N PRO BE 241 -10.92 127.43 41.86
CA PRO BE 241 -10.82 126.20 41.06
C PRO BE 241 -10.75 124.91 41.86
N GLN BE 242 -10.77 124.95 43.19
CA GLN BE 242 -10.67 123.74 43.99
C GLN BE 242 -11.78 123.64 45.02
N LEU BE 243 -12.77 124.52 44.95
CA LEU BE 243 -13.90 124.47 45.87
C LEU BE 243 -14.80 123.29 45.56
N ALA BE 244 -15.12 122.51 46.58
CA ALA BE 244 -16.03 121.38 46.50
C ALA BE 244 -17.42 121.82 46.92
N TYR BE 245 -18.40 121.64 46.04
CA TYR BE 245 -19.74 122.10 46.31
C TYR BE 245 -20.74 121.26 45.52
N TYR BE 246 -22.02 121.40 45.88
CA TYR BE 246 -23.11 120.68 45.24
C TYR BE 246 -23.96 121.52 44.31
N ARG BE 247 -24.84 122.35 44.85
CA ARG BE 247 -25.79 123.08 44.02
C ARG BE 247 -26.27 124.31 44.77
N ILE BE 248 -26.75 125.28 44.00
CA ILE BE 248 -27.41 126.48 44.51
C ILE BE 248 -28.90 126.41 44.24
N HIS BE 249 -29.69 126.47 45.30
CA HIS BE 249 -31.15 126.39 45.27
C HIS BE 249 -31.76 127.79 45.28
N PHE BE 250 -32.75 127.99 44.43
CA PHE BE 250 -33.45 129.26 44.26
C PHE BE 250 -34.93 129.11 44.53
N ASP BE 251 -35.28 128.33 45.56
CA ASP BE 251 -36.68 128.22 45.94
C ASP BE 251 -37.21 129.59 46.34
N GLU BE 252 -36.41 130.34 47.08
CA GLU BE 252 -36.68 131.72 47.45
C GLU BE 252 -35.66 132.53 46.68
N PRO BE 253 -36.01 133.12 45.53
CA PRO BE 253 -34.98 133.75 44.71
C PRO BE 253 -34.33 134.96 45.35
N ARG BE 254 -34.92 135.53 46.39
CA ARG BE 254 -34.28 136.63 47.08
C ARG BE 254 -33.26 136.17 48.10
N LYS BE 255 -33.22 134.88 48.45
CA LYS BE 255 -32.27 134.37 49.43
C LYS BE 255 -31.83 132.97 49.06
N PRO BE 256 -30.95 132.84 48.08
CA PRO BE 256 -30.49 131.51 47.68
C PRO BE 256 -29.71 130.80 48.77
N VAL BE 257 -29.64 129.47 48.60
CA VAL BE 257 -28.96 128.57 49.53
C VAL BE 257 -27.89 127.83 48.75
N PHE BE 258 -26.65 127.87 49.24
CA PHE BE 258 -25.51 127.26 48.58
C PHE BE 258 -24.96 126.15 49.46
N TRP BE 259 -25.00 124.92 48.95
CA TRP BE 259 -24.53 123.71 49.66
C TRP BE 259 -23.07 123.37 49.38
N LEU BE 260 -22.26 123.37 50.42
CA LEU BE 260 -20.84 123.01 50.33
C LEU BE 260 -20.60 121.69 51.04
N SER BE 261 -19.57 120.97 50.62
CA SER BE 261 -19.14 119.77 51.31
C SER BE 261 -18.46 120.08 52.62
N ARG BE 262 -18.90 119.40 53.69
CA ARG BE 262 -18.23 119.51 54.98
C ARG BE 262 -16.84 118.89 55.01
N GLN BE 263 -16.64 117.74 54.40
CA GLN BE 263 -15.32 117.11 54.46
C GLN BE 263 -14.32 117.74 53.50
N ARG BE 264 -14.68 117.89 52.24
CA ARG BE 264 -13.67 118.13 51.21
C ARG BE 264 -13.31 119.59 51.08
N ASN BE 265 -13.68 120.44 52.03
CA ASN BE 265 -13.30 121.84 52.02
C ASN BE 265 -12.71 122.19 53.37
N THR BE 266 -11.63 122.96 53.34
CA THR BE 266 -11.08 123.60 54.53
C THR BE 266 -11.04 125.11 54.30
N MET BE 267 -11.91 125.83 55.00
CA MET BE 267 -11.95 127.27 54.90
C MET BE 267 -12.36 127.81 56.26
N SER BE 268 -11.95 129.03 56.56
CA SER BE 268 -12.41 129.67 57.79
C SER BE 268 -13.72 130.42 57.57
N LYS BE 269 -14.37 130.71 58.70
CA LYS BE 269 -15.58 131.51 58.72
C LYS BE 269 -15.41 132.82 57.96
N LYS BE 270 -14.28 133.50 58.15
CA LYS BE 270 -13.98 134.72 57.43
C LYS BE 270 -13.99 134.51 55.93
N GLU BE 271 -13.30 133.47 55.48
CA GLU BE 271 -13.27 133.15 54.06
C GLU BE 271 -14.66 132.88 53.52
N LEU BE 272 -15.45 132.12 54.27
CA LEU BE 272 -16.83 131.86 53.85
C LEU BE 272 -17.62 133.16 53.69
N GLU BE 273 -17.44 134.09 54.63
CA GLU BE 273 -18.10 135.39 54.50
C GLU BE 273 -17.66 136.13 53.24
N VAL BE 274 -16.36 136.14 52.97
CA VAL BE 274 -15.86 136.77 51.75
C VAL BE 274 -16.51 136.14 50.51
N LEU BE 275 -16.52 134.82 50.46
CA LEU BE 275 -17.19 134.10 49.37
C LEU BE 275 -18.64 134.55 49.23
N SER BE 276 -19.35 134.60 50.34
CA SER BE 276 -20.73 135.06 50.36
C SER BE 276 -20.86 136.44 49.71
N GLN BE 277 -20.01 137.38 50.10
CA GLN BE 277 -20.11 138.71 49.55
C GLN BE 277 -19.84 138.74 48.05
N LYS BE 278 -18.89 137.94 47.58
CA LYS BE 278 -18.63 137.92 46.14
C LYS BE 278 -19.81 137.32 45.37
N LEU BE 279 -20.43 136.27 45.91
CA LEU BE 279 -21.64 135.76 45.30
C LEU BE 279 -22.71 136.84 45.25
N ARG BE 280 -22.87 137.56 46.35
CA ARG BE 280 -23.86 138.62 46.36
C ARG BE 280 -23.56 139.65 45.29
N ALA BE 281 -22.29 139.82 44.96
CA ALA BE 281 -21.96 140.74 43.87
C ALA BE 281 -22.32 140.15 42.52
N LEU BE 282 -22.27 138.83 42.38
CA LEU BE 282 -22.69 138.22 41.11
C LEU BE 282 -24.19 138.23 40.91
N MET BE 283 -24.96 138.24 41.98
CA MET BE 283 -26.42 138.16 41.84
C MET BE 283 -27.09 139.44 42.32
N PRO BE 284 -27.21 140.46 41.46
CA PRO BE 284 -27.78 141.74 41.90
C PRO BE 284 -29.24 141.69 42.28
N TYR BE 285 -29.92 140.57 42.09
CA TYR BE 285 -31.31 140.47 42.52
C TYR BE 285 -31.46 139.83 43.89
N ALA BE 286 -30.38 139.29 44.46
CA ALA BE 286 -30.42 138.61 45.73
C ALA BE 286 -29.96 139.51 46.87
N ASP BE 287 -30.64 139.42 48.01
CA ASP BE 287 -30.28 140.21 49.18
C ASP BE 287 -29.16 139.58 49.99
N SER BE 288 -29.05 138.26 50.01
CA SER BE 288 -27.97 137.58 50.71
C SER BE 288 -27.93 136.14 50.25
N VAL BE 289 -26.76 135.51 50.44
CA VAL BE 289 -26.53 134.13 50.08
C VAL BE 289 -26.25 133.32 51.34
N ASN BE 290 -27.07 132.30 51.60
CA ASN BE 290 -26.92 131.48 52.79
C ASN BE 290 -26.12 130.23 52.43
N ILE BE 291 -25.01 130.00 53.11
CA ILE BE 291 -24.15 128.83 52.90
C ILE BE 291 -24.39 127.76 53.95
N THR BE 292 -24.70 126.56 53.48
CA THR BE 292 -25.01 125.39 54.31
C THR BE 292 -24.04 124.25 53.99
N LEU BE 293 -23.54 123.60 55.04
CA LEU BE 293 -22.63 122.46 54.91
C LEU BE 293 -23.38 121.14 54.95
N MET BE 294 -23.14 120.29 53.95
CA MET BE 294 -23.80 119.00 53.77
C MET BE 294 -22.81 117.85 53.90
N ASP BE 295 -23.34 116.67 54.24
CA ASP BE 295 -22.56 115.45 54.39
C ASP BE 295 -22.56 114.53 53.17
N ASP BE 296 -21.35 114.18 52.74
CA ASP BE 296 -21.16 113.26 51.61
C ASP BE 296 -21.75 111.89 51.90
N VAL BE 297 -21.53 111.36 53.10
CA VAL BE 297 -22.09 110.05 53.42
C VAL BE 297 -23.60 110.07 53.25
N THR BE 298 -24.25 111.16 53.65
CA THR BE 298 -25.68 111.28 53.43
C THR BE 298 -26.03 111.19 51.96
N ALA BE 299 -25.37 112.01 51.13
CA ALA BE 299 -25.61 111.93 49.69
C ALA BE 299 -25.49 110.51 49.14
N ALA BE 300 -24.33 109.88 49.35
CA ALA BE 300 -24.13 108.50 48.88
C ALA BE 300 -25.18 107.54 49.40
N GLY BE 301 -25.55 107.66 50.67
CA GLY BE 301 -26.55 106.78 51.22
C GLY BE 301 -27.91 106.92 50.58
N GLN BE 302 -28.34 108.16 50.33
CA GLN BE 302 -29.59 108.32 49.59
C GLN BE 302 -29.53 107.75 48.20
N ALA BE 303 -28.39 107.84 47.54
CA ALA BE 303 -28.29 107.23 46.20
C ALA BE 303 -28.42 105.71 46.24
N GLU BE 304 -27.66 105.06 47.10
CA GLU BE 304 -27.75 103.60 47.17
C GLU BE 304 -29.10 103.12 47.69
N ALA BE 305 -29.67 103.79 48.67
CA ALA BE 305 -31.01 103.45 49.10
C ALA BE 305 -32.03 103.60 47.99
N GLY BE 306 -31.92 104.63 47.16
CA GLY BE 306 -32.82 104.73 46.04
C GLY BE 306 -32.71 103.59 45.04
N LEU BE 307 -31.48 103.19 44.71
CA LEU BE 307 -31.36 102.07 43.76
C LEU BE 307 -31.83 100.74 44.36
N LYS BE 308 -31.62 100.54 45.65
CA LYS BE 308 -32.16 99.33 46.26
C LYS BE 308 -33.69 99.39 46.26
N GLN BE 309 -34.25 100.49 46.70
CA GLN BE 309 -35.70 100.59 46.74
C GLN BE 309 -36.29 100.31 45.38
N GLN BE 310 -35.65 100.79 44.32
CA GLN BE 310 -36.19 100.51 42.99
C GLN BE 310 -35.81 99.14 42.46
N ALA BE 311 -35.07 98.33 43.21
CA ALA BE 311 -34.71 96.98 42.78
C ALA BE 311 -33.90 96.91 41.48
N LEU BE 312 -33.12 97.89 41.19
CA LEU BE 312 -32.27 97.80 40.01
C LEU BE 312 -30.99 97.03 40.34
N PRO BE 313 -30.43 96.30 39.37
CA PRO BE 313 -29.09 95.73 39.56
C PRO BE 313 -28.02 96.77 39.27
N TYR BE 314 -26.99 96.80 40.10
CA TYR BE 314 -26.01 97.86 40.01
C TYR BE 314 -24.67 97.45 40.62
N SER BE 315 -23.63 98.22 40.29
CA SER BE 315 -22.34 98.11 40.94
C SER BE 315 -21.87 99.48 41.39
N ARG BE 316 -21.16 99.52 42.52
CA ARG BE 316 -20.65 100.76 43.10
C ARG BE 316 -19.13 100.78 43.02
N ARG BE 317 -18.58 101.87 42.49
CA ARG BE 317 -17.17 102.19 42.54
C ARG BE 317 -16.91 103.45 43.36
N ASN BE 318 -15.88 103.40 44.20
CA ASN BE 318 -15.48 104.52 45.04
C ASN BE 318 -14.14 105.09 44.59
N HIS BE 319 -14.07 106.41 44.51
CA HIS BE 319 -12.85 107.14 44.23
C HIS BE 319 -12.68 108.17 45.33
N LYS BE 320 -11.53 108.83 45.33
CA LYS BE 320 -11.32 109.90 46.30
C LYS BE 320 -12.38 110.97 46.16
N GLY BE 321 -12.58 111.48 44.95
CA GLY BE 321 -13.48 112.58 44.73
C GLY BE 321 -14.91 112.24 44.39
N GLY BE 322 -15.32 110.98 44.36
CA GLY BE 322 -16.65 110.69 43.85
C GLY BE 322 -17.01 109.23 43.94
N VAL BE 323 -18.29 108.96 43.67
CA VAL BE 323 -18.87 107.63 43.67
C VAL BE 323 -19.57 107.43 42.34
N THR BE 324 -19.44 106.24 41.77
CA THR BE 324 -20.06 105.93 40.48
C THR BE 324 -20.88 104.65 40.59
N PHE BE 325 -22.10 104.69 40.08
CA PHE BE 325 -22.98 103.54 40.04
C PHE BE 325 -23.20 103.11 38.60
N VAL BE 326 -22.81 101.89 38.27
CA VAL BE 326 -22.92 101.35 36.92
C VAL BE 326 -24.10 100.38 36.87
N ILE BE 327 -25.09 100.75 36.06
CA ILE BE 327 -26.31 99.98 35.81
C ILE BE 327 -26.22 99.51 34.36
N GLN BE 328 -25.98 98.22 34.15
CA GLN BE 328 -25.78 97.77 32.78
C GLN BE 328 -26.16 96.31 32.62
N GLY BE 329 -26.41 95.94 31.37
CA GLY BE 329 -26.83 94.61 30.99
C GLY BE 329 -28.11 94.60 30.19
N ALA BE 330 -28.83 93.49 30.20
CA ALA BE 330 -30.15 93.41 29.59
C ALA BE 330 -31.20 93.89 30.59
N LEU BE 331 -31.84 95.00 30.27
CA LEU BE 331 -32.84 95.60 31.13
C LEU BE 331 -34.20 95.53 30.46
N ASP BE 332 -35.23 95.28 31.27
CA ASP BE 332 -36.59 95.31 30.79
C ASP BE 332 -37.12 96.74 30.74
N ASP BE 333 -38.17 96.92 29.93
CA ASP BE 333 -38.82 98.22 29.78
C ASP BE 333 -39.21 98.85 31.11
N VAL BE 334 -39.85 98.07 31.98
CA VAL BE 334 -40.23 98.59 33.29
C VAL BE 334 -39.01 99.09 34.06
N GLU BE 335 -37.93 98.33 34.02
CA GLU BE 335 -36.72 98.75 34.71
C GLU BE 335 -36.17 100.05 34.13
N ILE BE 336 -36.06 100.14 32.82
CA ILE BE 336 -35.61 101.38 32.19
C ILE BE 336 -36.44 102.57 32.61
N LEU BE 337 -37.76 102.42 32.63
CA LEU BE 337 -38.61 103.52 33.06
C LEU BE 337 -38.36 103.93 34.51
N ARG BE 338 -38.40 102.97 35.43
CA ARG BE 338 -38.09 103.27 36.81
C ARG BE 338 -36.76 104.01 36.98
N ALA BE 339 -35.71 103.48 36.36
CA ALA BE 339 -34.41 104.11 36.43
C ALA BE 339 -34.43 105.55 35.97
N ARG BE 340 -34.95 105.80 34.77
CA ARG BE 340 -34.99 107.17 34.28
C ARG BE 340 -35.72 108.10 35.25
N GLN BE 341 -36.86 107.68 35.78
CA GLN BE 341 -37.59 108.53 36.72
C GLN BE 341 -36.78 108.84 37.97
N PHE BE 342 -36.24 107.81 38.63
CA PHE BE 342 -35.45 108.03 39.82
C PHE BE 342 -34.28 108.97 39.59
N VAL BE 343 -33.44 108.64 38.62
CA VAL BE 343 -32.25 109.47 38.35
C VAL BE 343 -32.65 110.91 38.10
N ASP BE 344 -33.66 111.14 37.28
CA ASP BE 344 -34.11 112.50 37.07
C ASP BE 344 -34.50 113.18 38.37
N SER BE 345 -35.08 112.44 39.30
CA SER BE 345 -35.46 113.04 40.58
C SER BE 345 -34.23 113.41 41.41
N TYR BE 346 -33.30 112.48 41.55
CA TYR BE 346 -32.07 112.71 42.32
C TYR BE 346 -31.29 113.91 41.80
N TYR BE 347 -31.02 113.91 40.51
CA TYR BE 347 -30.20 114.97 39.93
C TYR BE 347 -30.73 116.35 40.24
N ARG BE 348 -32.04 116.52 40.34
CA ARG BE 348 -32.54 117.86 40.60
C ARG BE 348 -32.24 118.34 42.00
N THR BE 349 -32.00 117.43 42.92
CA THR BE 349 -31.65 117.77 44.29
C THR BE 349 -30.16 117.97 44.47
N TRP BE 350 -29.38 116.97 44.11
CA TRP BE 350 -27.94 116.99 44.37
C TRP BE 350 -27.06 117.43 43.21
N GLY BE 351 -27.58 117.64 42.02
CA GLY BE 351 -26.72 117.93 40.89
C GLY BE 351 -25.90 116.73 40.46
N GLY BE 352 -25.03 116.96 39.49
CA GLY BE 352 -24.16 115.93 38.97
C GLY BE 352 -22.68 115.97 39.27
N ARG BE 353 -22.27 116.62 40.34
CA ARG BE 353 -20.84 116.75 40.60
C ARG BE 353 -20.24 115.60 41.40
N TYR BE 354 -20.89 115.16 42.46
CA TYR BE 354 -20.29 114.10 43.27
C TYR BE 354 -20.65 112.68 42.81
N VAL BE 355 -21.91 112.39 42.48
CA VAL BE 355 -22.36 111.04 42.10
C VAL BE 355 -22.79 111.00 40.64
N GLN BE 356 -22.29 110.01 39.90
CA GLN BE 356 -22.62 109.77 38.50
C GLN BE 356 -23.24 108.39 38.31
N PHE BE 357 -24.31 108.33 37.52
CA PHE BE 357 -25.01 107.09 37.15
C PHE BE 357 -24.78 106.77 35.68
N ALA BE 358 -24.10 105.66 35.41
CA ALA BE 358 -23.85 105.17 34.06
C ALA BE 358 -24.85 104.07 33.72
N ILE BE 359 -25.72 104.33 32.75
CA ILE BE 359 -26.75 103.40 32.28
C ILE BE 359 -26.37 102.94 30.88
N GLU BE 360 -26.17 101.63 30.71
CA GLU BE 360 -25.68 101.10 29.44
C GLU BE 360 -26.32 99.76 29.10
N LEU BE 361 -27.08 99.72 28.00
CA LEU BE 361 -27.66 98.48 27.49
C LEU BE 361 -26.63 97.61 26.79
N LYS BE 362 -26.42 96.41 27.32
CA LYS BE 362 -25.47 95.44 26.80
C LYS BE 362 -26.23 94.24 26.25
N ASP BE 363 -25.76 93.74 25.12
CA ASP BE 363 -26.09 92.38 24.72
C ASP BE 363 -25.51 91.39 25.71
N ASP BE 364 -25.75 90.10 25.48
CA ASP BE 364 -25.02 89.09 26.23
C ASP BE 364 -23.53 89.28 26.03
N TRP BE 365 -22.78 89.18 27.13
CA TRP BE 365 -21.39 89.63 27.12
C TRP BE 365 -20.63 88.97 25.99
N LEU BE 366 -20.57 87.65 25.99
CA LEU BE 366 -20.05 86.89 24.86
C LEU BE 366 -21.22 86.34 24.08
N LYS BE 367 -21.14 86.48 22.76
CA LYS BE 367 -22.31 86.53 21.90
C LYS BE 367 -22.91 85.15 21.67
N GLY BE 368 -23.31 84.51 22.77
CA GLY BE 368 -23.80 83.14 22.67
C GLY BE 368 -22.75 82.07 22.45
N ARG BE 369 -21.56 82.24 22.99
CA ARG BE 369 -20.47 81.29 22.80
C ARG BE 369 -20.07 80.73 24.15
N SER BE 370 -19.72 79.46 24.18
CA SER BE 370 -19.26 78.85 25.42
C SER BE 370 -17.85 79.31 25.74
N PHE BE 371 -17.58 79.41 27.03
CA PHE BE 371 -16.28 79.87 27.46
C PHE BE 371 -15.98 79.37 28.85
N GLN BE 372 -14.71 79.38 29.20
CA GLN BE 372 -14.26 79.12 30.55
C GLN BE 372 -13.73 80.41 31.14
N TYR BE 373 -14.23 80.76 32.32
CA TYR BE 373 -13.82 81.96 33.03
C TYR BE 373 -12.74 81.64 34.07
N GLY BE 374 -12.16 82.69 34.60
CA GLY BE 374 -11.06 82.62 35.53
C GLY BE 374 -9.73 82.92 34.89
N ALA BE 375 -8.68 82.76 35.69
CA ALA BE 375 -7.35 83.15 35.26
C ALA BE 375 -6.83 82.33 34.08
N GLU BE 376 -7.39 81.15 33.82
CA GLU BE 376 -7.02 80.35 32.66
C GLU BE 376 -8.10 80.35 31.60
N GLY BE 377 -8.99 81.33 31.61
CA GLY BE 377 -10.14 81.30 30.75
C GLY BE 377 -9.79 81.34 29.27
N TYR BE 378 -10.79 80.95 28.48
CA TYR BE 378 -10.68 80.96 27.03
C TYR BE 378 -12.08 80.90 26.45
N ILE BE 379 -12.18 81.19 25.16
CA ILE BE 379 -13.45 81.15 24.45
C ILE BE 379 -13.44 80.05 23.41
N LYS BE 380 -14.54 79.30 23.33
CA LYS BE 380 -14.77 78.35 22.26
C LYS BE 380 -15.39 79.06 21.07
N MET BE 381 -14.59 79.35 20.06
CA MET BE 381 -15.16 79.94 18.85
C MET BE 381 -16.15 78.97 18.25
N SER BE 382 -15.76 77.71 18.19
CA SER BE 382 -16.60 76.61 17.74
C SER BE 382 -16.02 75.36 18.36
N PRO BE 383 -16.77 74.26 18.35
CA PRO BE 383 -16.12 72.99 18.67
C PRO BE 383 -14.85 72.83 17.87
N GLY BE 384 -13.78 72.40 18.54
CA GLY BE 384 -12.49 72.31 17.91
C GLY BE 384 -11.75 73.59 17.61
N HIS BE 385 -12.18 74.75 18.13
CA HIS BE 385 -11.50 76.01 17.84
C HIS BE 385 -11.45 76.85 19.10
N TRP BE 386 -10.27 76.96 19.72
CA TRP BE 386 -10.06 77.74 20.93
C TRP BE 386 -9.48 79.11 20.62
N TYR BE 387 -9.87 80.11 21.40
CA TYR BE 387 -9.34 81.46 21.30
C TYR BE 387 -8.95 81.96 22.68
N PHE BE 388 -7.76 82.52 22.82
CA PHE BE 388 -7.18 82.88 24.11
C PHE BE 388 -6.99 84.40 24.25
N PRO BE 389 -8.05 85.14 24.43
CA PRO BE 389 -7.94 86.59 24.37
C PRO BE 389 -7.38 87.23 25.62
N SER BE 390 -7.74 86.71 26.78
CA SER BE 390 -7.62 87.45 28.03
C SER BE 390 -7.88 86.48 29.17
N PRO BE 391 -7.48 86.82 30.40
CA PRO BE 391 -8.16 86.23 31.55
C PRO BE 391 -9.63 86.61 31.52
N LEU BE 392 -10.47 85.66 31.93
CA LEU BE 392 -11.90 85.90 31.96
C LEU BE 392 -12.45 85.70 33.37
N ALA CE 171 -71.20 139.42 39.91
CA ALA CE 171 -70.97 138.10 39.33
C ALA CE 171 -69.93 137.33 40.11
N GLU CE 172 -70.37 136.51 41.05
CA GLU CE 172 -69.43 135.76 41.86
C GLU CE 172 -68.76 134.67 41.04
N LEU CE 173 -67.65 134.17 41.54
CA LEU CE 173 -66.95 133.12 40.83
C LEU CE 173 -67.76 131.84 40.75
N ASP CE 174 -68.44 131.48 41.84
CA ASP CE 174 -69.25 130.27 41.84
C ASP CE 174 -70.32 130.28 40.75
N SER CE 175 -70.84 131.45 40.39
CA SER CE 175 -71.86 131.53 39.36
C SER CE 175 -71.33 131.21 37.97
N LEU CE 176 -70.02 131.30 37.78
CA LEU CE 176 -69.40 131.09 36.48
C LEU CE 176 -68.95 129.66 36.25
N LEU CE 177 -68.81 128.86 37.31
CA LEU CE 177 -68.29 127.51 37.16
C LEU CE 177 -69.30 126.51 36.66
N GLY CE 178 -70.59 126.81 36.67
CA GLY CE 178 -71.54 125.81 36.22
C GLY CE 178 -72.85 125.70 36.96
N GLN CE 179 -73.66 124.73 36.53
CA GLN CE 179 -74.88 124.36 37.22
C GLN CE 179 -74.65 123.45 38.42
N GLU CE 180 -73.77 122.47 38.31
CA GLU CE 180 -73.47 121.59 39.43
C GLU CE 180 -72.61 122.31 40.47
N LYS CE 181 -73.28 123.12 41.27
CA LYS CE 181 -72.61 124.03 42.20
C LYS CE 181 -71.64 123.28 43.11
N GLU CE 182 -72.05 122.13 43.63
CA GLU CE 182 -71.28 121.41 44.64
C GLU CE 182 -70.07 120.71 44.08
N ARG CE 183 -69.88 120.70 42.76
CA ARG CE 183 -68.73 120.02 42.20
C ARG CE 183 -67.43 120.69 42.62
N PHE CE 184 -67.47 121.99 42.92
CA PHE CE 184 -66.29 122.79 43.24
C PHE CE 184 -66.48 123.45 44.58
N GLN CE 185 -65.37 123.87 45.18
CA GLN CE 185 -65.39 124.55 46.46
C GLN CE 185 -64.44 125.73 46.41
N VAL CE 186 -64.99 126.93 46.66
CA VAL CE 186 -64.27 128.20 46.64
C VAL CE 186 -63.84 128.59 48.04
N LEU CE 187 -62.56 128.86 48.23
CA LEU CE 187 -62.03 129.23 49.53
C LEU CE 187 -61.21 130.52 49.41
N PRO CE 188 -61.39 131.48 50.32
CA PRO CE 188 -60.53 132.67 50.31
C PRO CE 188 -59.22 132.39 51.02
N GLY CE 189 -58.26 133.32 50.86
CA GLY CE 189 -57.00 133.13 51.55
C GLY CE 189 -56.30 134.41 51.95
N ARG CE 190 -55.27 134.21 52.78
CA ARG CE 190 -54.54 135.33 53.37
C ARG CE 190 -53.87 136.23 52.34
N ASP CE 191 -53.39 135.67 51.24
CA ASP CE 191 -52.81 136.49 50.19
C ASP CE 191 -53.85 137.20 49.35
N LYS CE 192 -55.10 137.24 49.80
CA LYS CE 192 -56.18 137.90 49.10
C LYS CE 192 -56.44 137.28 47.73
N MET CE 193 -56.59 135.96 47.70
CA MET CE 193 -56.81 135.26 46.45
C MET CE 193 -57.81 134.14 46.72
N LEU CE 194 -58.68 133.91 45.74
CA LEU CE 194 -59.64 132.81 45.75
C LEU CE 194 -59.02 131.52 45.21
N TYR CE 195 -59.01 130.49 46.05
CA TYR CE 195 -58.54 129.16 45.70
C TYR CE 195 -59.71 128.24 45.43
N VAL CE 196 -59.77 127.67 44.23
CA VAL CE 196 -60.81 126.75 43.81
C VAL CE 196 -60.28 125.34 43.92
N ALA CE 197 -60.88 124.56 44.80
CA ALA CE 197 -60.50 123.16 45.03
C ALA CE 197 -61.30 122.23 44.13
N ALA CE 198 -60.58 121.44 43.34
CA ALA CE 198 -61.10 120.45 42.41
C ALA CE 198 -60.74 119.05 42.88
N GLN CE 199 -61.45 118.06 42.33
CA GLN CE 199 -61.27 116.66 42.70
C GLN CE 199 -60.42 115.86 41.73
N ASN CE 200 -60.27 116.28 40.48
CA ASN CE 200 -59.56 115.45 39.51
C ASN CE 200 -59.08 116.35 38.38
N GLU CE 201 -58.31 115.76 37.47
CA GLU CE 201 -57.79 116.49 36.32
C GLU CE 201 -58.88 117.06 35.42
N ARG CE 202 -59.83 116.24 35.01
CA ARG CE 202 -60.89 116.74 34.14
C ARG CE 202 -61.57 117.98 34.72
N ASP CE 203 -61.96 117.91 35.99
CA ASP CE 203 -62.55 119.07 36.66
C ASP CE 203 -61.57 120.23 36.75
N THR CE 204 -60.31 119.93 37.04
CA THR CE 204 -59.27 120.97 37.09
C THR CE 204 -59.21 121.75 35.80
N LEU CE 205 -59.18 121.06 34.66
CA LEU CE 205 -59.16 121.77 33.39
C LEU CE 205 -60.48 122.47 33.10
N TRP CE 206 -61.60 121.92 33.54
CA TRP CE 206 -62.86 122.64 33.43
C TRP CE 206 -62.81 123.97 34.14
N ALA CE 207 -62.18 124.01 35.32
CA ALA CE 207 -62.05 125.28 36.02
C ALA CE 207 -61.04 126.20 35.37
N ARG CE 208 -59.85 125.68 35.08
CA ARG CE 208 -58.80 126.50 34.49
C ARG CE 208 -59.24 127.20 33.22
N GLN CE 209 -60.07 126.56 32.40
CA GLN CE 209 -60.54 127.24 31.20
C GLN CE 209 -61.28 128.54 31.51
N VAL CE 210 -62.03 128.57 32.59
CA VAL CE 210 -62.78 129.78 32.92
C VAL CE 210 -61.85 130.92 33.27
N LEU CE 211 -60.83 130.66 34.07
CA LEU CE 211 -59.88 131.70 34.43
C LEU CE 211 -59.04 132.13 33.24
N ALA CE 212 -58.53 131.17 32.49
CA ALA CE 212 -57.67 131.49 31.34
C ALA CE 212 -58.43 132.25 30.28
N ARG CE 213 -59.73 132.00 30.14
CA ARG CE 213 -60.53 132.81 29.24
C ARG CE 213 -60.62 134.25 29.72
N GLY CE 214 -60.43 134.48 31.02
CA GLY CE 214 -60.61 135.80 31.59
C GLY CE 214 -62.04 136.21 31.85
N ASP CE 215 -62.92 135.26 32.18
CA ASP CE 215 -64.27 135.61 32.55
C ASP CE 215 -64.35 136.27 33.92
N TYR CE 216 -63.34 136.07 34.76
CA TYR CE 216 -63.26 136.69 36.08
C TYR CE 216 -62.13 137.69 36.13
N ASP CE 217 -62.35 138.80 36.83
CA ASP CE 217 -61.45 139.95 36.78
C ASP CE 217 -60.43 139.99 37.90
N LYS CE 218 -60.77 139.55 39.10
CA LYS CE 218 -59.79 139.47 40.19
C LYS CE 218 -58.87 138.26 40.04
N ASN CE 219 -57.95 138.14 40.99
CA ASN CE 219 -57.03 137.01 41.04
C ASN CE 219 -57.73 135.76 41.57
N ALA CE 220 -57.38 134.62 40.98
CA ALA CE 220 -57.95 133.34 41.38
C ALA CE 220 -56.96 132.25 40.98
N ARG CE 221 -57.12 131.09 41.60
CA ARG CE 221 -56.21 129.97 41.36
C ARG CE 221 -56.95 128.67 41.54
N VAL CE 222 -56.52 127.64 40.80
CA VAL CE 222 -57.08 126.29 40.86
C VAL CE 222 -56.06 125.36 41.49
N ILE CE 223 -56.52 124.49 42.40
CA ILE CE 223 -55.64 123.58 43.11
C ILE CE 223 -56.27 122.20 43.27
N ASN CE 224 -55.42 121.20 43.45
CA ASN CE 224 -55.87 119.83 43.70
C ASN CE 224 -54.82 119.12 44.54
N GLU CE 225 -55.26 117.99 45.11
CA GLU CE 225 -54.44 117.25 46.05
C GLU CE 225 -53.11 116.78 45.48
N ASN CE 226 -53.10 116.23 44.27
CA ASN CE 226 -51.82 115.72 43.78
C ASN CE 226 -50.83 116.84 43.51
N GLU CE 227 -51.27 117.93 42.89
CA GLU CE 227 -50.39 119.06 42.66
C GLU CE 227 -49.82 119.59 43.96
N GLU CE 228 -50.67 119.72 44.98
CA GLU CE 228 -50.17 120.25 46.24
C GLU CE 228 -49.22 119.30 46.93
N ASN CE 229 -49.49 118.00 46.88
CA ASN CE 229 -48.53 117.07 47.47
C ASN CE 229 -47.17 117.20 46.81
N LYS CE 230 -47.14 117.32 45.48
CA LYS CE 230 -45.86 117.47 44.80
C LYS CE 230 -45.15 118.76 45.20
N ARG CE 231 -45.87 119.89 45.19
CA ARG CE 231 -45.23 121.15 45.55
C ARG CE 231 -44.63 121.11 46.95
N ILE CE 232 -45.37 120.55 47.90
CA ILE CE 232 -44.86 120.52 49.26
C ILE CE 232 -43.66 119.58 49.38
N SER CE 233 -43.68 118.46 48.67
CA SER CE 233 -42.53 117.58 48.75
C SER CE 233 -41.30 118.24 48.17
N ILE CE 234 -41.47 119.01 47.09
CA ILE CE 234 -40.32 119.72 46.53
C ILE CE 234 -39.75 120.74 47.50
N TRP CE 235 -40.58 121.40 48.30
CA TRP CE 235 -40.03 122.35 49.26
C TRP CE 235 -39.32 121.64 50.41
N LEU CE 236 -39.93 120.56 50.91
CA LEU CE 236 -39.28 119.74 51.93
C LEU CE 236 -37.93 119.24 51.46
N ASP CE 237 -37.82 118.85 50.20
CA ASP CE 237 -36.54 118.39 49.68
C ASP CE 237 -35.42 119.38 49.94
N THR CE 238 -35.73 120.67 49.97
CA THR CE 238 -34.70 121.67 50.18
C THR CE 238 -34.49 121.98 51.65
N TYR CE 239 -35.54 122.22 52.43
CA TYR CE 239 -35.28 122.66 53.80
C TYR CE 239 -35.27 121.55 54.85
N TYR CE 240 -35.79 120.37 54.55
CA TYR CE 240 -35.80 119.23 55.46
C TYR CE 240 -35.42 117.99 54.67
N PRO CE 241 -34.18 117.93 54.19
CA PRO CE 241 -33.78 116.85 53.29
C PRO CE 241 -33.68 115.48 53.93
N GLN CE 242 -33.98 115.32 55.22
CA GLN CE 242 -33.84 114.03 55.87
C GLN CE 242 -35.10 113.61 56.62
N LEU CE 243 -36.19 114.35 56.47
CA LEU CE 243 -37.43 114.05 57.17
C LEU CE 243 -38.12 112.86 56.50
N ALA CE 244 -38.53 111.89 57.32
CA ALA CE 244 -39.28 110.72 56.89
C ALA CE 244 -40.77 110.95 57.09
N TYR CE 245 -41.54 110.86 56.00
CA TYR CE 245 -42.97 111.15 56.04
C TYR CE 245 -43.68 110.37 54.94
N TYR CE 246 -45.01 110.33 55.04
CA TYR CE 246 -45.85 109.62 54.08
C TYR CE 246 -46.61 110.53 53.11
N ARG CE 247 -47.68 111.16 53.57
CA ARG CE 247 -48.52 111.92 52.67
C ARG CE 247 -49.30 112.94 53.48
N ILE CE 248 -49.74 113.99 52.80
CA ILE CE 248 -50.64 114.99 53.36
C ILE CE 248 -52.03 114.86 52.75
N HIS CE 249 -53.02 114.65 53.62
CA HIS CE 249 -54.42 114.44 53.27
C HIS CE 249 -55.20 115.75 53.35
N PHE CE 250 -56.02 116.00 52.33
CA PHE CE 250 -56.83 117.21 52.19
C PHE CE 250 -58.31 116.89 52.11
N ASP CE 251 -58.78 115.94 52.92
CA ASP CE 251 -60.20 115.65 52.92
C ASP CE 251 -60.99 116.88 53.35
N GLU CE 252 -60.51 117.59 54.36
CA GLU CE 252 -61.04 118.88 54.77
C GLU CE 252 -59.95 119.87 54.43
N PRO CE 253 -60.05 120.61 53.32
CA PRO CE 253 -58.93 121.43 52.88
C PRO CE 253 -58.56 122.56 53.82
N ARG CE 254 -59.43 122.93 54.76
CA ARG CE 254 -59.03 123.94 55.71
C ARG CE 254 -58.19 123.41 56.86
N LYS CE 255 -58.08 122.10 57.03
CA LYS CE 255 -57.27 121.54 58.12
C LYS CE 255 -56.62 120.25 57.68
N PRO CE 256 -55.56 120.33 56.89
CA PRO CE 256 -54.87 119.12 56.44
C PRO CE 256 -54.23 118.34 57.58
N VAL CE 257 -53.97 117.07 57.28
CA VAL CE 257 -53.36 116.10 58.19
C VAL CE 257 -52.08 115.61 57.55
N PHE CE 258 -50.96 115.71 58.28
CA PHE CE 258 -49.66 115.33 57.78
C PHE CE 258 -49.14 114.15 58.59
N TRP CE 259 -48.92 113.02 57.91
CA TRP CE 259 -48.46 111.77 58.52
C TRP CE 259 -46.95 111.61 58.50
N LEU CE 260 -46.34 111.54 59.68
CA LEU CE 260 -44.90 111.35 59.85
C LEU CE 260 -44.66 109.96 60.42
N SER CE 261 -43.52 109.39 60.07
CA SER CE 261 -43.10 108.13 60.70
C SER CE 261 -42.68 108.36 62.14
N ARG CE 262 -43.16 107.48 63.01
CA ARG CE 262 -42.77 107.52 64.42
C ARG CE 262 -41.33 107.09 64.66
N GLN CE 263 -40.89 106.01 64.02
CA GLN CE 263 -39.54 105.52 64.28
C GLN CE 263 -38.46 106.33 63.57
N ARG CE 264 -38.63 106.59 62.29
CA ARG CE 264 -37.56 107.17 61.49
C ARG CE 264 -37.40 108.67 61.67
N ASN CE 265 -38.08 109.29 62.63
CA ASN CE 265 -37.83 110.68 62.96
C ASN CE 265 -37.58 110.84 64.44
N THR CE 266 -36.62 111.68 64.77
CA THR CE 266 -36.43 112.22 66.11
C THR CE 266 -36.56 113.73 66.08
N MET CE 267 -37.59 114.25 66.73
CA MET CE 267 -37.81 115.68 66.81
C MET CE 267 -38.44 115.99 68.15
N SER CE 268 -38.26 117.24 68.61
CA SER CE 268 -38.96 117.70 69.79
C SER CE 268 -40.28 118.37 69.45
N LYS CE 269 -41.08 118.58 70.50
CA LYS CE 269 -42.37 119.26 70.36
C LYS CE 269 -42.21 120.64 69.75
N LYS CE 270 -41.21 121.40 70.19
CA LYS CE 270 -40.93 122.71 69.62
C LYS CE 270 -40.62 122.62 68.14
N GLU CE 271 -39.77 121.67 67.76
CA GLU CE 271 -39.46 121.47 66.35
C GLU CE 271 -40.72 121.15 65.55
N LEU CE 272 -41.56 120.27 66.06
CA LEU CE 272 -42.82 119.98 65.37
C LEU CE 272 -43.68 121.23 65.20
N GLU CE 273 -43.76 122.06 66.25
CA GLU CE 273 -44.51 123.30 66.13
C GLU CE 273 -43.94 124.22 65.05
N VAL CE 274 -42.63 124.39 65.02
CA VAL CE 274 -42.00 125.19 63.98
C VAL CE 274 -42.34 124.66 62.59
N LEU CE 275 -42.18 123.36 62.40
CA LEU CE 275 -42.55 122.74 61.13
C LEU CE 275 -43.99 123.06 60.76
N SER CE 276 -44.90 122.89 61.73
CA SER CE 276 -46.31 123.20 61.52
C SER CE 276 -46.51 124.62 61.03
N GLN CE 277 -45.88 125.59 61.69
CA GLN CE 277 -46.08 126.97 61.28
C GLN CE 277 -45.54 127.23 59.89
N LYS CE 278 -44.41 126.63 59.53
CA LYS CE 278 -43.90 126.87 58.19
C LYS CE 278 -44.81 126.25 57.13
N LEU CE 279 -45.36 125.08 57.41
CA LEU CE 279 -46.36 124.53 56.50
C LEU CE 279 -47.55 125.46 56.35
N ARG CE 280 -48.03 125.99 57.47
CA ARG CE 280 -49.15 126.91 57.38
C ARG CE 280 -48.81 128.11 56.54
N ALA CE 281 -47.53 128.50 56.53
CA ALA CE 281 -47.14 129.62 55.67
C ALA CE 281 -47.12 129.21 54.21
N LEU CE 282 -46.83 127.94 53.91
CA LEU CE 282 -46.88 127.51 52.51
C LEU CE 282 -48.30 127.39 52.00
N MET CE 283 -49.26 127.16 52.87
CA MET CE 283 -50.63 126.95 52.41
C MET CE 283 -51.53 128.08 52.89
N PRO CE 284 -51.56 129.21 52.17
CA PRO CE 284 -52.34 130.36 52.64
C PRO CE 284 -53.84 130.15 52.67
N TYR CE 285 -54.36 129.02 52.19
CA TYR CE 285 -55.79 128.78 52.28
C TYR CE 285 -56.15 127.93 53.48
N ALA CE 286 -55.17 127.36 54.18
CA ALA CE 286 -55.40 126.52 55.34
C ALA CE 286 -55.26 127.30 56.63
N ASP CE 287 -56.09 126.96 57.61
CA ASP CE 287 -56.04 127.60 58.91
C ASP CE 287 -55.05 126.96 59.87
N SER CE 288 -54.80 125.67 59.74
CA SER CE 288 -53.81 125.00 60.57
C SER CE 288 -53.50 123.64 59.97
N VAL CE 289 -52.35 123.08 60.35
CA VAL CE 289 -51.94 121.77 59.88
C VAL CE 289 -51.75 120.86 61.09
N ASN CE 290 -52.42 119.71 61.08
CA ASN CE 290 -52.35 118.75 62.17
C ASN CE 290 -51.30 117.70 61.81
N ILE CE 291 -50.29 117.53 62.66
CA ILE CE 291 -49.25 116.52 62.46
C ILE CE 291 -49.55 115.28 63.30
N THR CE 292 -49.62 114.13 62.63
CA THR CE 292 -49.91 112.83 63.21
C THR CE 292 -48.81 111.83 62.94
N LEU CE 293 -48.43 111.06 63.96
CA LEU CE 293 -47.40 110.02 63.86
C LEU CE 293 -48.02 108.65 63.59
N MET CE 294 -47.51 107.97 62.56
CA MET CE 294 -48.01 106.68 62.09
C MET CE 294 -46.94 105.61 62.29
N ASP CE 295 -47.40 104.36 62.34
CA ASP CE 295 -46.54 103.20 62.52
C ASP CE 295 -46.15 102.46 61.23
N ASP CE 296 -44.84 102.30 61.04
CA ASP CE 296 -44.30 101.59 59.88
C ASP CE 296 -44.76 100.14 59.84
N VAL CE 297 -44.74 99.46 60.98
CA VAL CE 297 -45.17 98.07 61.01
C VAL CE 297 -46.59 97.95 60.51
N THR CE 298 -47.44 98.89 60.89
CA THR CE 298 -48.80 98.91 60.38
C THR CE 298 -48.82 99.01 58.86
N ALA CE 299 -48.13 100.00 58.31
CA ALA CE 299 -48.07 100.12 56.85
C ALA CE 299 -47.66 98.83 56.15
N ALA CE 300 -46.51 98.29 56.52
CA ALA CE 300 -46.04 97.04 55.93
C ALA CE 300 -47.05 95.89 56.10
N GLY CE 301 -47.65 95.78 57.27
CA GLY CE 301 -48.61 94.72 57.49
C GLY CE 301 -49.84 94.81 56.63
N GLN CE 302 -50.41 96.00 56.47
CA GLN CE 302 -51.52 96.12 55.54
C GLN CE 302 -51.13 95.81 54.10
N ALA CE 303 -49.90 96.12 53.70
CA ALA CE 303 -49.47 95.75 52.35
C ALA CE 303 -49.44 94.25 52.16
N GLU CE 304 -48.82 93.54 53.10
CA GLU CE 304 -48.72 92.09 52.95
C GLU CE 304 -50.07 91.40 53.12
N ALA CE 305 -50.90 91.89 54.04
CA ALA CE 305 -52.25 91.36 54.12
C ALA CE 305 -52.98 91.51 52.80
N GLY CE 306 -52.84 92.65 52.13
CA GLY CE 306 -53.56 92.83 50.88
C GLY CE 306 -53.11 91.86 49.80
N LEU CE 307 -51.80 91.64 49.68
CA LEU CE 307 -51.37 90.69 48.67
C LEU CE 307 -51.83 89.26 48.98
N LYS CE 308 -51.79 88.87 50.24
CA LYS CE 308 -52.31 87.55 50.59
C LYS CE 308 -53.79 87.47 50.27
N GLN CE 309 -54.54 88.50 50.61
CA GLN CE 309 -55.97 88.50 50.36
C GLN CE 309 -56.31 88.39 48.88
N GLN CE 310 -55.46 88.90 48.00
CA GLN CE 310 -55.70 88.66 46.57
C GLN CE 310 -55.00 87.41 46.05
N ALA CE 311 -54.38 86.62 46.93
CA ALA CE 311 -53.73 85.37 46.54
C ALA CE 311 -52.65 85.53 45.48
N LEU CE 312 -52.06 86.69 45.35
CA LEU CE 312 -51.02 86.87 44.35
C LEU CE 312 -49.73 86.23 44.85
N PRO CE 313 -48.92 85.69 43.95
CA PRO CE 313 -47.57 85.24 44.34
C PRO CE 313 -46.64 86.42 44.47
N TYR CE 314 -45.80 86.39 45.51
CA TYR CE 314 -44.93 87.52 45.75
C TYR CE 314 -43.68 87.11 46.52
N SER CE 315 -42.69 87.99 46.48
CA SER CE 315 -41.52 87.94 47.35
C SER CE 315 -41.30 89.30 48.01
N ARG CE 316 -40.99 89.28 49.29
CA ARG CE 316 -40.76 90.49 50.07
C ARG CE 316 -39.27 90.68 50.31
N ARG CE 317 -38.80 91.93 50.18
CA ARG CE 317 -37.46 92.33 50.58
C ARG CE 317 -37.54 93.56 51.48
N ASN CE 318 -36.72 93.55 52.53
CA ASN CE 318 -36.64 94.66 53.47
C ASN CE 318 -35.30 95.36 53.36
N HIS CE 319 -35.34 96.70 53.44
CA HIS CE 319 -34.15 97.52 53.42
C HIS CE 319 -34.28 98.54 54.53
N LYS CE 320 -33.14 99.15 54.87
CA LYS CE 320 -33.08 100.01 56.05
C LYS CE 320 -34.17 101.06 56.06
N GLY CE 321 -34.59 101.51 54.89
CA GLY CE 321 -35.60 102.54 54.81
C GLY CE 321 -36.78 102.24 53.93
N GLY CE 322 -37.05 100.98 53.61
CA GLY CE 322 -38.15 100.71 52.69
C GLY CE 322 -38.39 99.24 52.50
N VAL CE 323 -39.56 98.93 51.96
CA VAL CE 323 -39.98 97.57 51.69
C VAL CE 323 -40.32 97.44 50.21
N THR CE 324 -39.89 96.34 49.59
CA THR CE 324 -40.18 96.09 48.19
C THR CE 324 -40.86 94.74 48.02
N PHE CE 325 -42.00 94.74 47.34
CA PHE CE 325 -42.74 93.54 46.98
C PHE CE 325 -42.64 93.28 45.49
N VAL CE 326 -42.07 92.14 45.13
CA VAL CE 326 -41.90 91.74 43.75
C VAL CE 326 -42.95 90.68 43.42
N ILE CE 327 -43.71 90.94 42.37
CA ILE CE 327 -44.80 90.09 41.89
C ILE CE 327 -44.45 89.79 40.45
N GLN CE 328 -43.89 88.61 40.20
CA GLN CE 328 -43.39 88.29 38.87
C GLN CE 328 -43.68 86.85 38.49
N GLY CE 329 -43.84 86.64 37.20
CA GLY CE 329 -44.09 85.34 36.62
C GLY CE 329 -45.12 85.40 35.52
N ALA CE 330 -45.64 84.22 35.16
CA ALA CE 330 -46.71 84.05 34.18
C ALA CE 330 -48.10 84.28 34.79
N LEU CE 331 -48.38 85.54 35.11
CA LEU CE 331 -49.66 85.88 35.72
C LEU CE 331 -50.76 85.87 34.67
N ASP CE 332 -51.95 85.47 35.11
CA ASP CE 332 -53.17 85.46 34.32
C ASP CE 332 -53.88 86.81 34.34
N ASP CE 333 -54.73 87.02 33.34
CA ASP CE 333 -55.55 88.22 33.23
C ASP CE 333 -56.28 88.61 34.52
N VAL CE 334 -56.95 87.65 35.14
CA VAL CE 334 -57.66 87.95 36.39
C VAL CE 334 -56.71 88.45 37.47
N GLU CE 335 -55.53 87.86 37.54
CA GLU CE 335 -54.54 88.29 38.52
C GLU CE 335 -54.04 89.69 38.22
N ILE CE 336 -53.61 89.95 36.99
CA ILE CE 336 -53.18 91.30 36.65
C ILE CE 336 -54.23 92.32 37.04
N LEU CE 337 -55.49 92.07 36.70
CA LEU CE 337 -56.55 92.99 37.08
C LEU CE 337 -56.65 93.22 38.59
N ARG CE 338 -56.75 92.15 39.37
CA ARG CE 338 -56.82 92.31 40.81
C ARG CE 338 -55.62 93.05 41.38
N ALA CE 339 -54.41 92.65 41.01
CA ALA CE 339 -53.22 93.35 41.46
C ALA CE 339 -53.29 94.84 41.17
N ARG CE 340 -53.57 95.20 39.94
CA ARG CE 340 -53.67 96.61 39.58
C ARG CE 340 -54.65 97.36 40.47
N GLN CE 341 -55.86 96.83 40.63
CA GLN CE 341 -56.84 97.48 41.52
C GLN CE 341 -56.30 97.68 42.93
N PHE CE 342 -55.74 96.63 43.52
CA PHE CE 342 -55.22 96.74 44.88
C PHE CE 342 -54.13 97.79 45.00
N VAL CE 343 -53.09 97.67 44.19
CA VAL CE 343 -51.98 98.63 44.24
C VAL CE 343 -52.49 100.05 44.12
N ASP CE 344 -53.41 100.29 43.20
CA ASP CE 344 -53.91 101.65 43.07
C ASP CE 344 -54.70 102.09 44.29
N SER CE 345 -55.33 101.15 45.00
CA SER CE 345 -56.03 101.54 46.22
C SER CE 345 -55.04 101.94 47.30
N TYR CE 346 -54.03 101.10 47.50
CA TYR CE 346 -53.01 101.36 48.53
C TYR CE 346 -52.30 102.70 48.31
N TYR CE 347 -51.83 102.94 47.09
CA TYR CE 347 -51.08 104.16 46.83
C TYR CE 347 -51.86 105.42 47.20
N ARG CE 348 -53.17 105.43 47.03
CA ARG CE 348 -53.88 106.65 47.37
C ARG CE 348 -53.93 106.93 48.86
N THR CE 349 -53.73 105.93 49.69
CA THR CE 349 -53.69 106.09 51.13
C THR CE 349 -52.31 106.40 51.66
N TRP CE 350 -51.35 105.53 51.36
CA TRP CE 350 -49.99 105.64 51.90
C TRP CE 350 -48.97 106.32 51.00
N GLY CE 351 -49.29 106.65 49.77
CA GLY CE 351 -48.28 107.10 48.83
C GLY CE 351 -47.26 106.03 48.44
N GLY CE 352 -46.26 106.48 47.71
CA GLY CE 352 -45.19 105.63 47.23
C GLY CE 352 -43.80 105.76 47.81
N ARG CE 353 -43.68 106.28 49.02
CA ARG CE 353 -42.36 106.51 49.59
C ARG CE 353 -41.76 105.31 50.32
N TYR CE 354 -42.52 104.65 51.18
CA TYR CE 354 -41.97 103.54 51.95
C TYR CE 354 -42.07 102.17 51.26
N VAL CE 355 -43.24 101.81 50.75
CA VAL CE 355 -43.49 100.50 50.13
C VAL CE 355 -43.61 100.63 48.62
N GLN CE 356 -42.84 99.81 47.90
CA GLN CE 356 -42.83 99.77 46.44
C GLN CE 356 -43.23 98.39 45.91
N PHE CE 357 -44.04 98.38 44.85
CA PHE CE 357 -44.48 97.17 44.18
C PHE CE 357 -43.90 97.10 42.77
N ALA CE 358 -43.43 95.92 42.38
CA ALA CE 358 -42.87 95.67 41.05
C ALA CE 358 -43.55 94.46 40.41
N ILE CE 359 -44.31 94.69 39.34
CA ILE CE 359 -45.05 93.67 38.62
C ILE CE 359 -44.34 93.34 37.31
N GLU CE 360 -43.96 92.07 37.13
CA GLU CE 360 -43.21 91.66 35.95
C GLU CE 360 -43.76 90.37 35.35
N LEU CE 361 -43.95 90.39 34.03
CA LEU CE 361 -44.43 89.26 33.23
C LEU CE 361 -43.28 88.58 32.51
N LYS CE 362 -43.20 87.27 32.64
CA LYS CE 362 -42.16 86.50 31.98
C LYS CE 362 -42.74 85.17 31.49
N ASP CE 363 -42.16 84.68 30.39
CA ASP CE 363 -42.58 83.44 29.75
C ASP CE 363 -42.45 82.22 30.66
N ASP CE 364 -43.20 81.18 30.30
CA ASP CE 364 -43.21 79.92 31.02
C ASP CE 364 -42.44 78.87 30.22
N TRP CE 365 -41.34 78.40 30.80
CA TRP CE 365 -40.49 77.40 30.18
C TRP CE 365 -41.04 75.98 30.32
N LEU CE 366 -41.80 75.72 31.36
CA LEU CE 366 -42.25 74.37 31.69
C LEU CE 366 -43.37 73.83 30.82
N LYS CE 367 -44.18 74.67 30.21
CA LYS CE 367 -45.29 74.16 29.41
C LYS CE 367 -44.88 73.09 28.41
N GLY CE 368 -45.33 71.87 28.66
CA GLY CE 368 -45.11 70.70 27.81
C GLY CE 368 -43.79 69.98 27.94
N ARG CE 369 -42.99 70.28 28.95
CA ARG CE 369 -41.68 69.67 29.15
C ARG CE 369 -41.70 68.93 30.48
N SER CE 370 -41.05 67.78 30.54
CA SER CE 370 -40.91 67.13 31.84
C SER CE 370 -39.69 67.69 32.53
N PHE CE 371 -39.72 67.67 33.85
CA PHE CE 371 -38.71 68.31 34.66
C PHE CE 371 -38.71 67.75 36.06
N GLN CE 372 -37.60 67.94 36.76
CA GLN CE 372 -37.51 67.64 38.17
C GLN CE 372 -37.48 68.94 38.96
N TYR CE 373 -38.17 68.96 40.09
CA TYR CE 373 -38.25 70.13 40.95
C TYR CE 373 -37.89 69.74 42.37
N GLY CE 374 -37.21 70.61 43.07
CA GLY CE 374 -36.78 70.34 44.42
C GLY CE 374 -35.50 71.11 44.73
N ALA CE 375 -34.58 70.42 45.39
CA ALA CE 375 -33.28 71.01 45.68
C ALA CE 375 -32.40 71.11 44.44
N GLU CE 376 -32.38 70.08 43.61
CA GLU CE 376 -31.54 70.04 42.41
C GLU CE 376 -32.37 69.68 41.17
N GLY CE 377 -33.38 70.47 40.90
CA GLY CE 377 -34.18 70.23 39.72
C GLY CE 377 -33.48 70.61 38.44
N TYR CE 378 -34.11 70.25 37.34
CA TYR CE 378 -33.61 70.55 36.01
C TYR CE 378 -34.74 70.31 35.02
N ILE CE 379 -34.53 70.77 33.81
CA ILE CE 379 -35.51 70.71 32.73
C ILE CE 379 -34.97 69.85 31.60
N LYS CE 380 -35.83 69.04 31.00
CA LYS CE 380 -35.45 68.28 29.82
C LYS CE 380 -35.96 69.02 28.60
N MET CE 381 -35.07 69.76 27.96
CA MET CE 381 -35.48 70.52 26.78
C MET CE 381 -36.05 69.59 25.72
N SER CE 382 -35.47 68.42 25.61
CA SER CE 382 -35.95 67.29 24.81
C SER CE 382 -35.32 66.09 25.49
N PRO CE 383 -35.58 64.88 25.07
CA PRO CE 383 -34.68 63.80 25.47
C PRO CE 383 -33.25 64.14 25.11
N GLY CE 384 -32.29 63.56 25.81
CA GLY CE 384 -30.90 63.82 25.55
C GLY CE 384 -30.40 65.23 25.81
N HIS CE 385 -31.26 66.18 26.18
CA HIS CE 385 -30.80 67.55 26.41
C HIS CE 385 -31.27 68.04 27.76
N TRP CE 386 -30.33 68.23 28.69
CA TRP CE 386 -30.60 68.68 30.04
C TRP CE 386 -30.26 70.15 30.20
N TYR CE 387 -31.15 70.92 30.82
CA TYR CE 387 -30.89 72.30 31.18
C TYR CE 387 -30.89 72.43 32.70
N PHE CE 388 -29.81 72.95 33.26
CA PHE CE 388 -29.63 73.18 34.69
C PHE CE 388 -29.71 74.67 35.01
N PRO CE 389 -30.88 75.22 35.28
CA PRO CE 389 -30.95 76.60 35.77
C PRO CE 389 -30.43 76.68 37.20
N SER CE 390 -30.22 77.91 37.65
CA SER CE 390 -29.77 78.14 39.02
C SER CE 390 -30.39 79.37 39.67
N ALA DE 171 -93.88 124.65 41.87
CA ALA DE 171 -93.49 123.43 41.17
C ALA DE 171 -92.57 122.60 42.06
N GLU DE 172 -93.14 121.62 42.76
CA GLU DE 172 -92.32 120.82 43.64
C GLU DE 172 -91.45 119.86 42.84
N LEU DE 173 -90.39 119.39 43.49
CA LEU DE 173 -89.46 118.49 42.82
C LEU DE 173 -90.09 117.16 42.47
N ASP DE 174 -90.94 116.62 43.35
CA ASP DE 174 -91.57 115.34 43.06
C ASP DE 174 -92.38 115.36 41.78
N SER DE 175 -92.98 116.50 41.44
CA SER DE 175 -93.78 116.63 40.23
C SER DE 175 -92.95 116.58 38.96
N LEU DE 176 -91.65 116.79 39.05
CA LEU DE 176 -90.77 116.84 37.89
C LEU DE 176 -90.10 115.51 37.57
N LEU DE 177 -90.06 114.57 38.49
CA LEU DE 177 -89.33 113.34 38.25
C LEU DE 177 -90.07 112.33 37.39
N GLY DE 178 -91.37 112.48 37.17
CA GLY DE 178 -92.09 111.48 36.41
C GLY DE 178 -93.49 111.10 36.84
N GLN DE 179 -94.07 110.16 36.10
CA GLN DE 179 -95.38 109.62 36.46
C GLN DE 179 -95.32 108.57 37.56
N GLU DE 180 -94.28 107.74 37.58
CA GLU DE 180 -94.17 106.71 38.61
C GLU DE 180 -93.58 107.35 39.86
N LYS DE 181 -94.44 108.08 40.58
CA LYS DE 181 -93.99 108.86 41.72
C LYS DE 181 -93.34 108.00 42.81
N GLU DE 182 -93.72 106.73 42.91
CA GLU DE 182 -93.11 105.84 43.90
C GLU DE 182 -91.66 105.50 43.62
N ARG DE 183 -91.18 105.76 42.41
CA ARG DE 183 -89.87 105.29 42.01
C ARG DE 183 -88.72 105.98 42.75
N PHE DE 184 -88.93 107.19 43.26
CA PHE DE 184 -87.90 108.03 43.84
C PHE DE 184 -88.34 108.48 45.22
N GLN DE 185 -87.39 108.94 46.04
CA GLN DE 185 -87.75 109.42 47.37
C GLN DE 185 -87.01 110.72 47.67
N VAL DE 186 -87.75 111.77 47.97
CA VAL DE 186 -87.20 113.10 48.24
C VAL DE 186 -87.11 113.33 49.74
N LEU DE 187 -85.91 113.66 50.22
CA LEU DE 187 -85.64 113.91 51.62
C LEU DE 187 -85.03 115.28 51.83
N PRO DE 188 -85.50 116.02 52.84
CA PRO DE 188 -84.87 117.30 53.19
C PRO DE 188 -83.64 117.09 54.04
N GLY DE 189 -82.64 117.96 53.84
CA GLY DE 189 -81.40 117.87 54.59
C GLY DE 189 -81.13 119.12 55.39
N ARG DE 190 -80.44 118.95 56.51
CA ARG DE 190 -80.14 120.07 57.40
C ARG DE 190 -79.34 121.18 56.73
N ASP DE 191 -78.55 120.86 55.72
CA ASP DE 191 -77.84 121.88 54.96
C ASP DE 191 -78.72 122.63 53.98
N LYS DE 192 -80.04 122.48 54.09
CA LYS DE 192 -81.01 123.14 53.22
C LYS DE 192 -80.86 122.73 51.75
N MET DE 193 -80.83 121.42 51.52
CA MET DE 193 -80.65 120.88 50.18
C MET DE 193 -81.56 119.68 50.08
N LEU DE 194 -82.17 119.48 48.91
CA LEU DE 194 -83.00 118.29 48.69
C LEU DE 194 -82.18 117.10 48.19
N TYR DE 195 -82.30 115.98 48.88
CA TYR DE 195 -81.62 114.74 48.52
C TYR DE 195 -82.60 113.76 47.90
N VAL DE 196 -82.38 113.40 46.65
CA VAL DE 196 -83.20 112.45 45.92
C VAL DE 196 -82.53 111.09 46.05
N ALA DE 197 -83.18 110.18 46.75
CA ALA DE 197 -82.70 108.82 46.93
C ALA DE 197 -83.24 107.97 45.79
N ALA DE 198 -82.32 107.31 45.08
CA ALA DE 198 -82.57 106.42 43.96
C ALA DE 198 -82.21 104.98 44.32
N GLN DE 199 -82.70 104.05 43.51
CA GLN DE 199 -82.48 102.62 43.71
C GLN DE 199 -81.41 102.00 42.82
N ASN DE 200 -81.05 102.61 41.70
CA ASN DE 200 -80.12 101.97 40.78
C ASN DE 200 -79.48 103.04 39.91
N GLU DE 201 -78.49 102.61 39.13
CA GLU DE 201 -77.78 103.51 38.22
C GLU DE 201 -78.68 104.16 37.17
N ARG DE 202 -79.44 103.36 36.44
CA ARG DE 202 -80.33 103.90 35.43
C ARG DE 202 -81.23 105.00 36.00
N ASP DE 203 -81.87 104.73 37.13
CA ASP DE 203 -82.68 105.76 37.79
C ASP DE 203 -81.86 106.95 38.23
N THR DE 204 -80.64 106.72 38.71
CA THR DE 204 -79.76 107.82 39.09
C THR DE 204 -79.57 108.78 37.95
N LEU DE 205 -79.29 108.26 36.76
CA LEU DE 205 -79.17 109.13 35.59
C LEU DE 205 -80.49 109.74 35.18
N TRP DE 206 -81.60 109.04 35.37
CA TRP DE 206 -82.90 109.64 35.08
C TRP DE 206 -83.13 110.88 35.91
N ALA DE 207 -82.66 110.90 37.15
CA ALA DE 207 -82.74 112.11 37.96
C ALA DE 207 -81.70 113.15 37.59
N ARG DE 208 -80.44 112.74 37.50
CA ARG DE 208 -79.39 113.69 37.20
C ARG DE 208 -79.67 114.48 35.94
N GLN DE 209 -80.23 113.85 34.90
CA GLN DE 209 -80.56 114.64 33.72
C GLN DE 209 -81.50 115.79 34.05
N VAL DE 210 -82.45 115.55 34.96
CA VAL DE 210 -83.40 116.60 35.33
C VAL DE 210 -82.69 117.73 36.03
N LEU DE 211 -81.82 117.40 36.97
CA LEU DE 211 -81.09 118.45 37.67
C LEU DE 211 -80.13 119.20 36.75
N ALA DE 212 -79.35 118.47 35.96
CA ALA DE 212 -78.36 119.08 35.08
C ALA DE 212 -79.01 119.97 34.02
N ARG DE 213 -80.19 119.60 33.54
CA ARG DE 213 -80.89 120.48 32.63
C ARG DE 213 -81.24 121.81 33.28
N GLY DE 214 -81.33 121.85 34.60
CA GLY DE 214 -81.74 123.04 35.31
C GLY DE 214 -83.22 123.28 35.40
N ASP DE 215 -84.03 122.22 35.37
CA ASP DE 215 -85.46 122.40 35.53
C ASP DE 215 -85.84 122.86 36.93
N TYR DE 216 -84.97 122.66 37.92
CA TYR DE 216 -85.25 123.08 39.28
C TYR DE 216 -84.24 124.11 39.75
N ASP DE 217 -84.71 125.04 40.59
CA ASP DE 217 -83.95 126.24 40.93
C ASP DE 217 -83.26 126.22 42.29
N LYS DE 218 -83.81 125.56 43.30
CA LYS DE 218 -83.09 125.40 44.56
C LYS DE 218 -82.03 124.31 44.44
N ASN DE 219 -81.27 124.12 45.52
CA ASN DE 219 -80.23 123.11 45.56
C ASN DE 219 -80.76 121.68 45.77
N ALA DE 220 -80.17 120.74 45.05
CA ALA DE 220 -80.57 119.35 45.12
C ALA DE 220 -79.39 118.47 44.76
N ARG DE 221 -79.48 117.21 45.16
CA ARG DE 221 -78.41 116.24 44.96
C ARG DE 221 -79.06 114.87 44.84
N VAL DE 222 -78.42 113.98 44.09
CA VAL DE 222 -78.88 112.61 43.90
C VAL DE 222 -77.94 111.64 44.60
N ILE DE 223 -78.50 110.64 45.29
CA ILE DE 223 -77.71 109.68 46.05
C ILE DE 223 -78.26 108.28 45.92
N ASN DE 224 -77.35 107.32 46.13
CA ASN DE 224 -77.64 105.89 46.13
C ASN DE 224 -76.65 105.20 47.07
N GLU DE 225 -77.02 103.98 47.44
CA GLU DE 225 -76.28 103.24 48.45
C GLU DE 225 -74.84 102.97 48.07
N ASN DE 226 -74.56 102.60 46.82
CA ASN DE 226 -73.18 102.28 46.48
C ASN DE 226 -72.28 103.51 46.55
N GLU DE 227 -72.74 104.63 45.99
CA GLU DE 227 -71.98 105.86 46.07
C GLU DE 227 -71.70 106.25 47.50
N GLU DE 228 -72.71 106.18 48.36
CA GLU DE 228 -72.48 106.59 49.73
C GLU DE 228 -71.54 105.64 50.45
N ASN DE 229 -71.63 104.35 50.18
CA ASN DE 229 -70.68 103.44 50.78
C ASN DE 229 -69.25 103.79 50.38
N LYS DE 230 -69.03 104.11 49.11
CA LYS DE 230 -67.68 104.47 48.69
C LYS DE 230 -67.19 105.74 49.37
N ARG DE 231 -68.00 106.79 49.36
CA ARG DE 231 -67.60 108.04 49.99
C ARG DE 231 -67.26 107.85 51.46
N ILE DE 232 -68.10 107.12 52.19
CA ILE DE 232 -67.84 106.95 53.60
C ILE DE 232 -66.62 106.09 53.85
N SER DE 233 -66.38 105.10 52.99
CA SER DE 233 -65.18 104.31 53.19
C SER DE 233 -63.94 105.16 52.97
N ILE DE 234 -63.99 106.07 52.00
CA ILE DE 234 -62.85 106.96 51.80
C ILE DE 234 -62.62 107.87 52.98
N TRP DE 235 -63.68 108.30 53.68
CA TRP DE 235 -63.44 109.15 54.84
C TRP DE 235 -62.87 108.35 56.00
N LEU DE 236 -63.42 107.17 56.25
CA LEU DE 236 -62.87 106.28 57.27
C LEU DE 236 -61.40 105.98 57.04
N ASP DE 237 -61.02 105.77 55.77
CA ASP DE 237 -59.63 105.53 55.45
C ASP DE 237 -58.70 106.57 56.04
N THR DE 238 -59.16 107.80 56.18
CA THR DE 238 -58.31 108.86 56.70
C THR DE 238 -58.40 108.98 58.22
N TYR DE 239 -59.60 109.00 58.80
CA TYR DE 239 -59.64 109.27 60.24
C TYR DE 239 -59.70 108.04 61.14
N TYR DE 240 -60.00 106.87 60.61
CA TYR DE 240 -60.02 105.62 61.38
C TYR DE 240 -59.37 104.56 60.52
N PRO DE 241 -58.07 104.69 60.28
CA PRO DE 241 -57.39 103.79 59.34
C PRO DE 241 -57.24 102.35 59.80
N GLN DE 242 -57.71 101.97 60.98
CA GLN DE 242 -57.55 100.61 61.46
C GLN DE 242 -58.87 100.00 61.93
N LEU DE 243 -59.99 100.66 61.67
CA LEU DE 243 -61.30 100.15 62.04
C LEU DE 243 -61.73 99.02 61.13
N ALA DE 244 -62.15 97.90 61.73
CA ALA DE 244 -62.68 96.74 61.03
C ALA DE 244 -64.20 96.81 60.96
N TYR DE 245 -64.75 96.81 59.74
CA TYR DE 245 -66.18 96.97 59.57
C TYR DE 245 -66.61 96.28 58.28
N TYR DE 246 -67.92 96.11 58.13
CA TYR DE 246 -68.51 95.45 56.97
C TYR DE 246 -69.19 96.37 55.97
N ARG DE 247 -70.40 96.84 56.29
CA ARG DE 247 -71.16 97.60 55.31
C ARG DE 247 -72.19 98.44 56.05
N ILE DE 248 -72.62 99.51 55.36
CA ILE DE 248 -73.71 100.36 55.82
C ILE DE 248 -74.96 100.14 54.98
N HIS DE 249 -76.04 99.77 55.65
CA HIS DE 249 -77.35 99.48 55.06
C HIS DE 249 -78.27 100.69 55.13
N PHE DE 250 -78.95 100.97 54.04
CA PHE DE 250 -79.89 102.09 53.92
C PHE DE 250 -81.29 101.63 53.59
N ASP DE 251 -81.74 100.55 54.21
CA ASP DE 251 -83.11 100.10 53.99
C ASP DE 251 -84.09 101.18 54.43
N GLU DE 252 -83.81 101.83 55.55
CA GLU DE 252 -84.55 102.99 56.01
C GLU DE 252 -83.59 104.16 55.92
N PRO DE 253 -83.67 105.02 54.89
CA PRO DE 253 -82.61 106.01 54.70
C PRO DE 253 -82.51 107.02 55.80
N ARG DE 254 -83.53 107.18 56.64
CA ARG DE 254 -83.44 108.08 57.77
C ARG DE 254 -82.72 107.48 58.96
N LYS DE 255 -82.48 106.17 58.98
CA LYS DE 255 -81.82 105.51 60.11
C LYS DE 255 -80.92 104.39 59.64
N PRO DE 256 -79.74 104.71 59.11
CA PRO DE 256 -78.84 103.67 58.63
C PRO DE 256 -78.32 102.78 59.75
N VAL DE 257 -77.85 101.61 59.33
CA VAL DE 257 -77.29 100.57 60.19
C VAL DE 257 -75.85 100.32 59.79
N PHE DE 258 -74.92 100.41 60.73
CA PHE DE 258 -73.50 100.22 60.48
C PHE DE 258 -73.02 98.97 61.21
N TRP DE 259 -72.55 97.99 60.44
CA TRP DE 259 -72.07 96.70 60.96
C TRP DE 259 -70.57 96.66 61.22
N LEU DE 260 -70.19 96.51 62.48
CA LEU DE 260 -68.80 96.39 62.89
C LEU DE 260 -68.53 94.94 63.26
N SER DE 261 -67.30 94.48 63.05
CA SER DE 261 -66.86 93.20 63.58
C SER DE 261 -66.74 93.22 65.10
N ARG DE 262 -67.23 92.15 65.74
CA ARG DE 262 -67.09 92.00 67.18
C ARG DE 262 -65.66 91.71 67.63
N GLN DE 263 -65.00 90.74 67.01
CA GLN DE 263 -63.68 90.36 67.51
C GLN DE 263 -62.58 91.32 67.11
N ARG DE 264 -62.60 91.80 65.88
CA ARG DE 264 -61.50 92.61 65.39
C ARG DE 264 -61.59 94.07 65.81
N ASN DE 265 -62.54 94.44 66.67
CA ASN DE 265 -62.58 95.80 67.19
C ASN DE 265 -62.54 95.80 68.71
N THR DE 266 -61.86 96.81 69.27
CA THR DE 266 -61.86 97.09 70.69
C THR DE 266 -62.14 98.58 70.91
N MET DE 267 -63.33 98.89 71.41
CA MET DE 267 -63.71 100.27 71.66
C MET DE 267 -64.58 100.32 72.91
N SER DE 268 -64.60 101.49 73.56
CA SER DE 268 -65.60 101.76 74.57
C SER DE 268 -66.89 102.27 73.95
N LYS DE 269 -67.93 102.26 74.79
CA LYS DE 269 -69.20 102.87 74.42
C LYS DE 269 -69.07 104.34 74.06
N LYS DE 270 -68.26 105.09 74.80
CA LYS DE 270 -68.00 106.48 74.46
C LYS DE 270 -67.42 106.63 73.06
N GLU DE 271 -66.41 105.83 72.75
CA GLU DE 271 -65.82 105.86 71.42
C GLU DE 271 -66.87 105.55 70.36
N LEU DE 272 -67.69 104.53 70.59
CA LEU DE 272 -68.77 104.23 69.65
C LEU DE 272 -69.71 105.41 69.47
N GLU DE 273 -70.07 106.08 70.56
CA GLU DE 273 -70.95 107.25 70.48
C GLU DE 273 -70.32 108.38 69.66
N VAL DE 274 -69.05 108.68 69.92
CA VAL DE 274 -68.37 109.71 69.14
C VAL DE 274 -68.39 109.35 67.66
N LEU DE 275 -68.04 108.11 67.33
CA LEU DE 275 -68.13 107.64 65.95
C LEU DE 275 -69.53 107.87 65.37
N SER DE 276 -70.55 107.49 66.12
CA SER DE 276 -71.93 107.71 65.71
C SER DE 276 -72.19 109.17 65.36
N GLN DE 277 -71.78 110.07 66.23
CA GLN DE 277 -72.02 111.49 65.99
C GLN DE 277 -71.27 112.00 64.75
N LYS DE 278 -70.04 111.55 64.55
CA LYS DE 278 -69.33 112.02 63.37
C LYS DE 278 -69.94 111.49 62.09
N LEU DE 279 -70.38 110.24 62.08
CA LEU DE 279 -71.11 109.75 60.92
C LEU DE 279 -72.37 110.55 60.67
N ARG DE 280 -73.11 110.86 61.74
CA ARG DE 280 -74.31 111.67 61.57
C ARG DE 280 -73.97 113.03 60.99
N ALA DE 281 -72.81 113.56 61.31
CA ALA DE 281 -72.45 114.84 60.71
C ALA DE 281 -72.09 114.69 59.24
N LEU DE 282 -71.55 113.53 58.86
CA LEU DE 282 -71.26 113.30 57.45
C LEU DE 282 -72.51 113.08 56.61
N MET DE 283 -73.61 112.63 57.22
CA MET DE 283 -74.83 112.32 56.48
C MET DE 283 -75.95 113.26 56.93
N PRO DE 284 -76.04 114.45 56.33
CA PRO DE 284 -77.03 115.44 56.76
C PRO DE 284 -78.47 115.05 56.50
N TYR DE 285 -78.76 113.95 55.82
CA TYR DE 285 -80.13 113.53 55.62
C TYR DE 285 -80.60 112.49 56.62
N ALA DE 286 -79.72 111.97 57.47
CA ALA DE 286 -80.07 110.95 58.44
C ALA DE 286 -80.19 111.54 59.84
N ASP DE 287 -81.18 111.07 60.58
CA ASP DE 287 -81.38 111.54 61.95
C ASP DE 287 -80.50 110.84 62.96
N SER DE 288 -80.13 109.59 62.73
CA SER DE 288 -79.25 108.89 63.65
C SER DE 288 -78.70 107.66 62.96
N VAL DE 289 -77.60 107.14 63.49
CA VAL DE 289 -76.96 105.95 62.95
C VAL DE 289 -76.89 104.88 64.02
N ASN DE 290 -77.38 103.69 63.71
CA ASN DE 290 -77.39 102.56 64.63
C ASN DE 290 -76.17 101.69 64.35
N ILE DE 291 -75.33 101.47 65.37
CA ILE DE 291 -74.15 100.61 65.25
C ILE DE 291 -74.44 99.23 65.82
N THR DE 292 -74.23 98.20 65.00
CA THR DE 292 -74.49 96.81 65.34
C THR DE 292 -73.22 95.98 65.17
N LEU DE 293 -72.97 95.11 66.15
CA LEU DE 293 -71.82 94.21 66.16
C LEU DE 293 -72.18 92.83 65.61
N MET DE 294 -71.41 92.36 64.62
CA MET DE 294 -71.65 91.10 63.95
C MET DE 294 -70.49 90.14 64.19
N ASP DE 295 -70.77 88.84 64.03
CA ASP DE 295 -69.80 87.77 64.25
C ASP DE 295 -69.12 87.29 62.96
N ASP DE 296 -67.79 87.31 62.99
CA ASP DE 296 -66.99 86.85 61.85
C ASP DE 296 -67.23 85.38 61.55
N VAL DE 297 -67.29 84.55 62.58
CA VAL DE 297 -67.54 83.13 62.35
C VAL DE 297 -68.84 82.93 61.59
N THR DE 298 -69.86 83.70 61.95
CA THR DE 298 -71.11 83.65 61.21
C THR DE 298 -70.93 83.99 59.75
N ALA DE 299 -70.30 85.13 59.46
CA ALA DE 299 -70.02 85.48 58.07
C ALA DE 299 -69.34 84.36 57.29
N ALA DE 300 -68.19 83.90 57.77
CA ALA DE 300 -67.48 82.82 57.10
C ALA DE 300 -68.33 81.56 56.95
N GLY DE 301 -69.09 81.21 57.97
CA GLY DE 301 -69.93 80.03 57.88
C GLY DE 301 -70.97 80.13 56.80
N GLN DE 302 -71.68 81.25 56.73
CA GLN DE 302 -72.66 81.39 55.66
C GLN DE 302 -72.04 81.40 54.27
N ALA DE 303 -70.84 81.95 54.11
CA ALA DE 303 -70.16 81.83 52.83
C ALA DE 303 -69.92 80.37 52.44
N GLU DE 304 -69.37 79.59 53.35
CA GLU DE 304 -69.06 78.21 52.98
C GLU DE 304 -70.32 77.40 52.77
N ALA DE 305 -71.32 77.58 53.63
CA ALA DE 305 -72.57 76.87 53.44
C ALA DE 305 -73.20 77.18 52.09
N GLY DE 306 -73.13 78.43 51.63
CA GLY DE 306 -73.65 78.71 50.31
C GLY DE 306 -72.90 78.02 49.18
N LEU DE 307 -71.57 77.91 49.30
CA LEU DE 307 -70.84 77.17 48.26
C LEU DE 307 -71.18 75.69 48.24
N LYS DE 308 -71.28 75.09 49.42
CA LYS DE 308 -71.69 73.69 49.48
C LYS DE 308 -73.11 73.50 48.97
N GLN DE 309 -74.01 74.37 49.39
CA GLN DE 309 -75.39 74.26 48.92
C GLN DE 309 -75.49 74.41 47.42
N GLN DE 310 -74.55 75.09 46.79
CA GLN DE 310 -74.56 75.13 45.33
C GLN DE 310 -73.78 73.98 44.70
N ALA DE 311 -73.08 73.18 45.51
CA ALA DE 311 -72.18 72.14 45.02
C ALA DE 311 -71.03 72.62 44.15
N LEU DE 312 -70.53 73.80 44.38
CA LEU DE 312 -69.38 74.28 43.63
C LEU DE 312 -68.10 73.65 44.16
N PRO DE 313 -67.12 73.37 43.30
CA PRO DE 313 -65.80 72.95 43.81
C PRO DE 313 -64.96 74.15 44.20
N TYR DE 314 -64.36 74.10 45.38
CA TYR DE 314 -63.68 75.26 45.94
C TYR DE 314 -62.54 74.85 46.85
N SER DE 315 -61.68 75.81 47.15
CA SER DE 315 -60.65 75.70 48.18
C SER DE 315 -60.72 76.90 49.13
N ARG DE 316 -60.52 76.66 50.42
CA ARG DE 316 -60.61 77.69 51.44
C ARG DE 316 -59.25 77.97 52.06
N ARG DE 317 -58.96 79.26 52.27
CA ARG DE 317 -57.69 79.68 52.87
C ARG DE 317 -57.92 80.76 53.91
N ASN DE 318 -57.26 80.62 55.06
CA ASN DE 318 -57.45 81.51 56.20
C ASN DE 318 -56.21 82.33 56.46
N HIS DE 319 -56.40 83.59 56.82
CA HIS DE 319 -55.33 84.48 57.20
C HIS DE 319 -55.69 85.20 58.49
N LYS DE 320 -54.72 85.97 58.99
CA LYS DE 320 -54.91 86.71 60.21
C LYS DE 320 -56.24 87.45 60.23
N GLY DE 321 -56.62 88.04 59.10
CA GLY DE 321 -57.78 88.90 59.06
C GLY DE 321 -58.63 88.79 57.81
N GLY DE 322 -58.65 87.61 57.18
CA GLY DE 322 -59.43 87.44 55.97
C GLY DE 322 -59.49 85.99 55.55
N VAL DE 323 -60.48 85.69 54.72
CA VAL DE 323 -60.73 84.35 54.20
C VAL DE 323 -60.86 84.46 52.70
N THR DE 324 -60.30 83.50 51.98
CA THR DE 324 -60.44 83.48 50.54
C THR DE 324 -60.90 82.11 50.06
N PHE DE 325 -61.88 82.13 49.16
CA PHE DE 325 -62.38 80.95 48.50
C PHE DE 325 -61.98 81.01 47.03
N VAL DE 326 -61.19 80.04 46.58
CA VAL DE 326 -60.74 79.97 45.21
C VAL DE 326 -61.50 78.89 44.47
N ILE DE 327 -62.15 79.28 43.38
CA ILE DE 327 -62.91 78.41 42.49
C ILE DE 327 -62.20 78.47 41.15
N GLN DE 328 -61.55 77.38 40.75
CA GLN DE 328 -60.77 77.43 39.52
C GLN DE 328 -60.68 76.07 38.86
N GLY DE 329 -60.52 76.10 37.54
CA GLY DE 329 -60.37 74.91 36.73
C GLY DE 329 -61.18 75.01 35.46
N ALA DE 330 -61.40 73.86 34.83
CA ALA DE 330 -62.27 73.72 33.67
C ALA DE 330 -63.75 73.64 34.09
N LEU DE 331 -64.26 74.75 34.59
CA LEU DE 331 -65.63 74.80 35.05
C LEU DE 331 -66.61 74.69 33.88
N ASP DE 332 -67.83 74.28 34.20
CA ASP DE 332 -68.92 74.15 33.26
C ASP DE 332 -69.87 75.33 33.30
N ASP DE 333 -70.57 75.55 32.19
CA ASP DE 333 -71.52 76.64 32.05
C ASP DE 333 -72.51 76.76 33.21
N VAL DE 334 -73.12 75.65 33.61
CA VAL DE 334 -74.09 75.71 34.70
C VAL DE 334 -73.40 76.12 36.00
N GLU DE 335 -72.17 75.67 36.20
CA GLU DE 335 -71.41 76.07 37.37
C GLU DE 335 -71.11 77.56 37.35
N ILE DE 336 -70.56 78.06 36.26
CA ILE DE 336 -70.30 79.50 36.15
C ILE DE 336 -71.55 80.29 36.48
N LEU DE 337 -72.67 79.94 35.87
CA LEU DE 337 -73.91 80.67 36.14
C LEU DE 337 -74.29 80.67 37.62
N ARG DE 338 -74.40 79.49 38.23
CA ARG DE 338 -74.72 79.45 39.66
C ARG DE 338 -73.75 80.25 40.50
N ALA DE 339 -72.45 80.08 40.27
CA ALA DE 339 -71.45 80.85 41.01
C ALA DE 339 -71.67 82.35 40.90
N ARG DE 340 -71.72 82.87 39.68
CA ARG DE 340 -71.97 84.30 39.53
C ARG DE 340 -73.19 84.75 40.33
N GLN DE 341 -74.28 83.97 40.29
CA GLN DE 341 -75.46 84.39 41.03
C GLN DE 341 -75.23 84.44 42.52
N PHE DE 342 -74.69 83.36 43.09
CA PHE DE 342 -74.41 83.34 44.52
C PHE DE 342 -73.48 84.47 44.96
N VAL DE 343 -72.31 84.55 44.33
CA VAL DE 343 -71.35 85.59 44.66
C VAL DE 343 -72.00 86.95 44.66
N ASP DE 344 -72.76 87.27 43.62
CA ASP DE 344 -73.37 88.59 43.59
C ASP DE 344 -74.43 88.76 44.66
N SER DE 345 -75.07 87.69 45.10
CA SER DE 345 -76.03 87.82 46.19
C SER DE 345 -75.34 88.12 47.51
N TYR DE 346 -74.33 87.33 47.85
CA TYR DE 346 -73.56 87.51 49.08
C TYR DE 346 -72.95 88.90 49.19
N TYR DE 347 -72.25 89.33 48.15
CA TYR DE 347 -71.56 90.61 48.22
C TYR DE 347 -72.51 91.72 48.61
N ARG DE 348 -73.76 91.67 48.16
CA ARG DE 348 -74.67 92.75 48.51
C ARG DE 348 -75.02 92.80 49.98
N THR DE 349 -74.87 91.70 50.69
CA THR DE 349 -75.13 91.65 52.12
C THR DE 349 -73.91 92.01 52.95
N TRP DE 350 -72.82 91.28 52.75
CA TRP DE 350 -71.63 91.42 53.58
C TRP DE 350 -70.54 92.33 52.98
N GLY DE 351 -70.69 92.79 51.76
CA GLY DE 351 -69.60 93.48 51.10
C GLY DE 351 -68.41 92.60 50.76
N GLY DE 352 -67.36 93.26 50.30
CA GLY DE 352 -66.12 92.60 49.94
C GLY DE 352 -64.88 92.78 50.80
N ARG DE 353 -65.03 93.16 52.05
CA ARG DE 353 -63.86 93.44 52.88
C ARG DE 353 -63.31 92.20 53.57
N TYR DE 354 -64.15 91.38 54.17
CA TYR DE 354 -63.63 90.23 54.90
C TYR DE 354 -63.45 88.98 54.03
N VAL DE 355 -64.45 88.62 53.21
CA VAL DE 355 -64.43 87.41 52.39
C VAL DE 355 -64.35 87.75 50.90
N GLN DE 356 -63.37 87.17 50.21
CA GLN DE 356 -63.12 87.36 48.78
C GLN DE 356 -63.29 86.05 48.00
N PHE DE 357 -63.81 86.15 46.78
CA PHE DE 357 -64.05 85.03 45.87
C PHE DE 357 -63.26 85.22 44.57
N ALA DE 358 -62.61 84.16 44.12
CA ALA DE 358 -61.86 84.17 42.85
C ALA DE 358 -62.37 83.08 41.93
N ILE DE 359 -62.69 83.46 40.68
CA ILE DE 359 -63.18 82.54 39.66
C ILE DE 359 -62.22 82.57 38.48
N GLU DE 360 -61.43 81.51 38.32
CA GLU DE 360 -60.43 81.43 37.26
C GLU DE 360 -60.61 80.19 36.39
N LEU DE 361 -60.68 80.39 35.09
CA LEU DE 361 -60.72 79.27 34.14
C LEU DE 361 -59.32 78.81 33.77
N LYS DE 362 -59.14 77.50 33.72
CA LYS DE 362 -57.86 76.84 33.49
C LYS DE 362 -58.06 75.63 32.60
N ASP DE 363 -57.00 75.28 31.86
CA ASP DE 363 -56.94 74.05 31.09
C ASP DE 363 -56.70 72.84 31.97
N ASP DE 364 -57.54 72.64 32.99
CA ASP DE 364 -57.29 71.66 34.03
C ASP DE 364 -58.61 70.98 34.38
N TRP DE 365 -58.72 69.71 33.98
CA TRP DE 365 -59.91 68.89 34.21
C TRP DE 365 -60.11 68.49 35.66
N LEU DE 366 -59.06 68.49 36.49
CA LEU DE 366 -59.23 68.08 37.88
C LEU DE 366 -59.87 69.19 38.73
N LYS DE 367 -60.02 70.39 38.20
CA LYS DE 367 -60.63 71.51 38.91
C LYS DE 367 -59.91 71.91 40.19
N GLY DE 368 -58.58 71.89 40.16
CA GLY DE 368 -57.72 72.23 41.26
C GLY DE 368 -57.32 71.16 42.24
N ARG DE 369 -57.91 69.97 42.19
CA ARG DE 369 -57.37 68.92 43.05
C ARG DE 369 -55.99 68.54 42.53
N SER DE 370 -55.13 68.07 43.43
CA SER DE 370 -53.78 67.74 43.01
C SER DE 370 -53.21 66.61 43.86
N PHE DE 371 -52.43 65.74 43.24
CA PHE DE 371 -51.89 64.59 43.94
C PHE DE 371 -50.51 64.24 43.41
N GLN DE 372 -49.74 63.55 44.23
CA GLN DE 372 -48.56 62.81 43.79
C GLN DE 372 -48.85 61.32 43.96
N TYR DE 373 -48.33 60.51 43.04
CA TYR DE 373 -48.41 59.07 43.21
C TYR DE 373 -47.08 58.52 43.69
N GLY DE 374 -47.13 57.68 44.71
CA GLY DE 374 -45.90 57.20 45.31
C GLY DE 374 -45.97 55.75 45.74
N ALA DE 375 -45.03 55.36 46.61
CA ALA DE 375 -44.93 53.96 47.00
C ALA DE 375 -46.20 53.48 47.68
N GLU DE 376 -47.03 54.39 48.17
CA GLU DE 376 -48.24 54.03 48.89
C GLU DE 376 -49.47 54.66 48.26
N GLY DE 377 -49.46 54.87 46.96
CA GLY DE 377 -50.60 55.46 46.33
C GLY DE 377 -50.62 56.96 46.53
N TYR DE 378 -51.73 57.56 46.12
CA TYR DE 378 -51.76 59.00 45.98
C TYR DE 378 -51.67 59.72 47.31
N ILE DE 379 -51.11 60.92 47.26
CA ILE DE 379 -51.02 61.86 48.37
C ILE DE 379 -51.56 63.18 47.86
N LYS DE 380 -52.41 63.83 48.63
CA LYS DE 380 -52.92 65.12 48.20
C LYS DE 380 -51.87 66.20 48.42
N MET DE 381 -51.77 67.14 47.48
CA MET DE 381 -50.86 68.27 47.61
C MET DE 381 -51.60 69.52 48.08
N SER DE 382 -50.83 70.47 48.61
CA SER DE 382 -51.32 71.80 48.87
C SER DE 382 -51.42 72.65 47.60
N PRO DE 383 -52.26 73.69 47.63
CA PRO DE 383 -52.41 74.57 46.46
C PRO DE 383 -51.19 75.41 46.14
N GLY DE 384 -51.15 75.89 44.90
CA GLY DE 384 -50.06 76.73 44.43
C GLY DE 384 -50.35 77.25 43.04
N HIS DE 385 -49.44 78.10 42.57
CA HIS DE 385 -49.58 78.67 41.22
C HIS DE 385 -49.46 77.61 40.13
N TRP DE 386 -48.64 76.60 40.33
CA TRP DE 386 -48.48 75.53 39.35
C TRP DE 386 -49.70 74.61 39.29
N TYR DE 387 -50.02 74.18 38.07
CA TYR DE 387 -51.07 73.21 37.81
C TYR DE 387 -50.73 72.46 36.54
N PHE DE 388 -50.95 71.15 36.54
CA PHE DE 388 -50.62 70.30 35.41
C PHE DE 388 -51.76 70.33 34.40
N PRO DE 389 -51.52 70.79 33.17
CA PRO DE 389 -52.60 70.89 32.19
C PRO DE 389 -53.11 69.54 31.73
N SER DE 390 -54.41 69.49 31.49
CA SER DE 390 -55.14 68.30 31.05
C SER DE 390 -54.55 67.70 29.79
N PRO DE 391 -53.95 66.51 29.84
CA PRO DE 391 -53.55 65.85 28.59
C PRO DE 391 -54.73 65.30 27.83
N LEU DE 392 -55.81 64.92 28.52
CA LEU DE 392 -57.00 64.44 27.84
C LEU DE 392 -57.49 65.50 26.87
N ALA EE 171 -114.68 107.32 36.95
CA ALA EE 171 -114.00 106.25 36.24
C ALA EE 171 -113.18 105.42 37.20
N GLU EE 172 -113.74 104.30 37.66
CA GLU EE 172 -113.00 103.47 38.60
C GLU EE 172 -111.87 102.77 37.88
N LEU EE 173 -110.91 102.29 38.67
CA LEU EE 173 -109.78 101.58 38.07
C LEU EE 173 -110.21 100.27 37.42
N ASP EE 174 -111.14 99.54 38.03
CA ASP EE 174 -111.58 98.28 37.45
C ASP EE 174 -112.14 98.46 36.04
N SER EE 175 -112.74 99.61 35.75
CA SER EE 175 -113.27 99.86 34.42
C SER EE 175 -112.17 100.05 33.38
N LEU EE 176 -110.96 100.37 33.80
CA LEU EE 176 -109.86 100.64 32.88
C LEU EE 176 -108.99 99.44 32.60
N LEU EE 177 -109.06 98.40 33.40
CA LEU EE 177 -108.17 97.27 33.20
C LEU EE 177 -108.62 96.33 32.09
N GLY EE 178 -109.86 96.43 31.63
CA GLY EE 178 -110.32 95.50 30.62
C GLY EE 178 -111.74 94.99 30.72
N GLN EE 179 -112.09 94.12 29.77
CA GLN EE 179 -113.39 93.46 29.77
C GLN EE 179 -113.47 92.29 30.73
N GLU EE 180 -112.44 91.47 30.81
CA GLU EE 180 -112.39 90.48 31.88
C GLU EE 180 -112.11 91.16 33.20
N LYS EE 181 -112.92 90.84 34.21
CA LYS EE 181 -112.86 91.51 35.50
C LYS EE 181 -112.16 90.68 36.57
N GLU EE 182 -112.48 89.39 36.63
CA GLU EE 182 -111.88 88.52 37.63
C GLU EE 182 -110.40 88.30 37.41
N ARG EE 183 -109.87 88.70 36.26
CA ARG EE 183 -108.46 88.50 35.98
C ARG EE 183 -107.56 89.30 36.93
N PHE EE 184 -108.00 90.48 37.35
CA PHE EE 184 -107.24 91.36 38.24
C PHE EE 184 -108.02 91.58 39.52
N GLN EE 185 -107.32 91.95 40.60
CA GLN EE 185 -108.00 92.18 41.88
C GLN EE 185 -107.51 93.48 42.51
N VAL EE 186 -108.43 94.39 42.80
CA VAL EE 186 -108.11 95.71 43.36
C VAL EE 186 -108.33 95.72 44.87
N LEU EE 187 -107.30 96.13 45.61
CA LEU EE 187 -107.36 96.21 47.07
C LEU EE 187 -106.99 97.61 47.55
N PRO EE 188 -107.76 98.19 48.47
CA PRO EE 188 -107.41 99.50 49.07
C PRO EE 188 -106.37 99.36 50.18
N GLY EE 189 -105.23 100.04 50.02
CA GLY EE 189 -104.18 99.99 51.01
C GLY EE 189 -104.30 101.09 52.04
N ARG EE 190 -103.82 100.79 53.26
CA ARG EE 190 -103.82 101.77 54.34
C ARG EE 190 -103.03 103.02 54.02
N ASP EE 191 -102.08 102.94 53.10
CA ASP EE 191 -101.34 104.10 52.61
C ASP EE 191 -102.16 104.94 51.63
N LYS EE 192 -103.43 104.63 51.46
CA LYS EE 192 -104.33 105.35 50.55
C LYS EE 192 -103.88 105.24 49.09
N MET EE 193 -103.61 104.01 48.67
CA MET EE 193 -103.16 103.71 47.32
C MET EE 193 -103.90 102.46 46.90
N LEU EE 194 -104.32 102.39 45.63
CA LEU EE 194 -104.92 101.16 45.14
C LEU EE 194 -103.85 100.17 44.71
N TYR EE 195 -103.89 98.97 45.28
CA TYR EE 195 -102.99 97.88 44.93
C TYR EE 195 -103.70 96.91 44.00
N VAL EE 196 -103.19 96.75 42.79
CA VAL EE 196 -103.72 95.83 41.81
C VAL EE 196 -102.90 94.56 41.87
N ALA EE 197 -103.52 93.48 42.31
CA ALA EE 197 -102.92 92.16 42.38
C ALA EE 197 -103.14 91.42 41.08
N ALA EE 198 -102.03 90.98 40.48
CA ALA EE 198 -101.95 90.21 39.23
C ALA EE 198 -101.43 88.81 39.52
N GLN EE 199 -101.63 87.91 38.55
CA GLN EE 199 -101.20 86.52 38.68
C GLN EE 199 -99.90 86.17 37.97
N ASN EE 200 -99.47 86.93 36.97
CA ASN EE 200 -98.29 86.54 36.20
C ASN EE 200 -97.69 87.79 35.57
N GLU EE 201 -96.52 87.61 34.97
CA GLU EE 201 -95.79 88.72 34.34
C GLU EE 201 -96.55 89.40 33.21
N ARG EE 202 -97.02 88.62 32.24
CA ARG EE 202 -97.78 89.21 31.14
C ARG EE 202 -98.92 90.10 31.65
N ASP EE 203 -99.72 89.59 32.58
CA ASP EE 203 -100.79 90.39 33.18
C ASP EE 203 -100.23 91.61 33.91
N THR EE 204 -99.13 91.44 34.61
CA THR EE 204 -98.50 92.56 35.29
C THR EE 204 -98.21 93.69 34.34
N LEU EE 205 -97.64 93.39 33.18
CA LEU EE 205 -97.37 94.44 32.21
C LEU EE 205 -98.64 95.00 31.58
N TRP EE 206 -99.66 94.15 31.40
CA TRP EE 206 -100.94 94.65 30.93
C TRP EE 206 -101.52 95.68 31.88
N ALA EE 207 -101.30 95.50 33.16
CA ALA EE 207 -101.74 96.49 34.13
C ALA EE 207 -100.85 97.73 34.15
N ARG EE 208 -99.55 97.54 34.27
CA ARG EE 208 -98.63 98.68 34.35
C ARG EE 208 -98.78 99.63 33.19
N GLN EE 209 -99.10 99.15 31.99
CA GLN EE 209 -99.32 100.08 30.89
C GLN EE 209 -100.42 101.09 31.19
N VAL EE 210 -101.48 100.66 31.88
CA VAL EE 210 -102.59 101.58 32.17
C VAL EE 210 -102.15 102.68 33.12
N LEU EE 211 -101.34 102.33 34.11
CA LEU EE 211 -100.85 103.35 35.04
C LEU EE 211 -99.88 104.28 34.36
N ALA EE 212 -98.84 103.74 33.73
CA ALA EE 212 -97.81 104.59 33.15
C ALA EE 212 -98.36 105.45 32.03
N ARG EE 213 -99.40 105.01 31.34
CA ARG EE 213 -100.05 105.89 30.39
C ARG EE 213 -100.72 107.07 31.08
N GLY EE 214 -101.05 106.92 32.36
CA GLY EE 214 -101.73 107.95 33.12
C GLY EE 214 -103.23 107.98 32.97
N ASP EE 215 -103.86 106.83 32.74
CA ASP EE 215 -105.30 106.79 32.63
C ASP EE 215 -106.01 106.99 33.96
N TYR EE 216 -105.31 106.83 35.08
CA TYR EE 216 -105.92 107.02 36.38
C TYR EE 216 -105.19 108.14 37.10
N ASP EE 217 -105.94 108.95 37.84
CA ASP EE 217 -105.42 110.17 38.45
C ASP EE 217 -104.93 110.00 39.88
N LYS EE 218 -105.56 109.14 40.66
CA LYS EE 218 -105.08 108.84 42.00
C LYS EE 218 -103.88 107.90 41.97
N ASN EE 219 -103.34 107.60 43.15
CA ASN EE 219 -102.22 106.69 43.29
C ASN EE 219 -102.62 105.21 43.22
N ALA EE 220 -101.75 104.44 42.56
CA ALA EE 220 -101.96 103.01 42.39
C ALA EE 220 -100.61 102.34 42.22
N ARG EE 221 -100.61 101.03 42.43
CA ARG EE 221 -99.39 100.22 42.36
C ARG EE 221 -99.80 98.83 41.92
N VAL EE 222 -98.89 98.13 41.24
CA VAL EE 222 -99.12 96.78 40.76
C VAL EE 222 -98.24 95.80 41.51
N ILE EE 223 -98.80 94.66 41.91
CA ILE EE 223 -98.05 93.67 42.67
C ILE EE 223 -98.37 92.24 42.24
N ASN EE 224 -97.43 91.35 42.53
CA ASN EE 224 -97.54 89.92 42.30
C ASN EE 224 -96.67 89.20 43.34
N GLU EE 225 -96.93 87.90 43.46
CA GLU EE 225 -96.29 87.08 44.49
C GLU EE 225 -94.76 87.03 44.37
N ASN EE 226 -94.22 86.87 43.19
CA ASN EE 226 -92.76 86.73 43.12
C ASN EE 226 -92.05 88.02 43.53
N GLU EE 227 -92.53 89.15 43.05
CA GLU EE 227 -91.96 90.43 43.45
C GLU EE 227 -92.05 90.63 44.95
N GLU EE 228 -93.19 90.32 45.56
CA GLU EE 228 -93.28 90.54 46.99
C GLU EE 228 -92.39 89.60 47.77
N ASN EE 229 -92.27 88.34 47.35
CA ASN EE 229 -91.35 87.46 48.04
C ASN EE 229 -89.93 88.00 48.00
N LYS EE 230 -89.50 88.50 46.84
CA LYS EE 230 -88.14 89.04 46.77
C LYS EE 230 -87.96 90.26 47.67
N ARG EE 231 -88.90 91.21 47.60
CA ARG EE 231 -88.78 92.40 48.43
C ARG EE 231 -88.72 92.07 49.91
N ILE EE 232 -89.57 91.16 50.38
CA ILE EE 232 -89.58 90.84 51.80
C ILE EE 232 -88.31 90.10 52.19
N SER EE 233 -87.82 89.23 51.32
CA SER EE 233 -86.59 88.53 51.68
C SER EE 233 -85.44 89.51 51.79
N ILE EE 234 -85.41 90.52 50.95
CA ILE EE 234 -84.36 91.52 51.07
C ILE EE 234 -84.46 92.29 52.38
N TRP EE 235 -85.67 92.51 52.89
CA TRP EE 235 -85.74 93.21 54.17
C TRP EE 235 -85.32 92.31 55.34
N LEU EE 236 -85.80 91.07 55.33
CA LEU EE 236 -85.37 90.10 56.34
C LEU EE 236 -83.86 89.95 56.37
N ASP EE 237 -83.23 89.94 55.20
CA ASP EE 237 -81.78 89.85 55.12
C ASP EE 237 -81.08 90.88 55.99
N THR EE 238 -81.69 92.04 56.19
CA THR EE 238 -81.06 93.09 56.97
C THR EE 238 -81.42 93.00 58.44
N TYR EE 239 -82.69 92.83 58.79
CA TYR EE 239 -83.03 92.89 60.22
C TYR EE 239 -83.09 91.54 60.94
N TYR EE 240 -83.13 90.43 60.21
CA TYR EE 240 -83.16 89.08 60.79
C TYR EE 240 -82.22 88.20 59.98
N PRO EE 241 -80.92 88.48 60.04
CA PRO EE 241 -79.94 87.78 59.20
C PRO EE 241 -79.73 86.32 59.53
N GLN EE 242 -80.43 85.75 60.50
CA GLN EE 242 -80.23 84.35 60.85
C GLN EE 242 -81.54 83.57 60.88
N LEU EE 243 -82.63 84.18 60.44
CA LEU EE 243 -83.92 83.51 60.41
C LEU EE 243 -83.99 82.48 59.30
N ALA EE 244 -84.40 81.26 59.65
CA ALA EE 244 -84.60 80.18 58.70
C ALA EE 244 -86.08 80.09 58.33
N TYR EE 245 -86.39 80.22 57.05
CA TYR EE 245 -87.78 80.27 56.60
C TYR EE 245 -87.87 79.76 55.17
N TYR EE 246 -89.09 79.47 54.75
CA TYR EE 246 -89.39 78.94 53.42
C TYR EE 246 -90.01 79.94 52.45
N ARG EE 247 -91.30 80.22 52.59
CA ARG EE 247 -91.98 81.06 51.62
C ARG EE 247 -93.22 81.67 52.24
N ILE EE 248 -93.65 82.78 51.66
CA ILE EE 248 -94.89 83.44 52.00
C ILE EE 248 -95.91 83.24 50.88
N HIS EE 249 -97.04 82.63 51.23
CA HIS EE 249 -98.12 82.32 50.31
C HIS EE 249 -99.20 83.40 50.35
N PHE EE 250 -99.68 83.80 49.18
CA PHE EE 250 -100.69 84.84 49.02
C PHE EE 250 -101.92 84.34 48.30
N ASP EE 251 -102.36 83.13 48.60
CA ASP EE 251 -103.59 82.63 47.97
C ASP EE 251 -104.77 83.53 48.33
N GLU EE 252 -104.84 83.96 49.58
CA GLU EE 252 -105.81 84.94 50.04
C GLU EE 252 -104.99 86.18 50.35
N PRO EE 253 -104.97 87.18 49.47
CA PRO EE 253 -104.01 88.28 49.65
C PRO EE 253 -104.24 89.12 50.89
N ARG EE 254 -105.40 89.06 51.52
CA ARG EE 254 -105.59 89.81 52.74
C ARG EE 254 -105.04 89.13 53.98
N LYS EE 255 -104.65 87.86 53.91
CA LYS EE 255 -104.15 87.14 55.08
C LYS EE 255 -103.05 86.17 54.68
N PRO EE 256 -101.85 86.66 54.42
CA PRO EE 256 -100.76 85.79 54.01
C PRO EE 256 -100.36 84.80 55.09
N VAL EE 257 -99.68 83.75 54.65
CA VAL EE 257 -99.19 82.66 55.47
C VAL EE 257 -97.68 82.60 55.32
N PHE EE 258 -96.97 82.63 56.45
CA PHE EE 258 -95.52 82.63 56.48
C PHE EE 258 -95.04 81.33 57.12
N TRP EE 259 -94.31 80.52 56.36
CA TRP EE 259 -93.77 79.24 56.81
C TRP EE 259 -92.35 79.35 57.37
N LEU EE 260 -92.18 78.98 58.64
CA LEU EE 260 -90.89 78.97 59.32
C LEU EE 260 -90.51 77.54 59.64
N SER EE 261 -89.21 77.28 59.71
CA SER EE 261 -88.73 75.99 60.17
C SER EE 261 -88.93 75.81 61.67
N ARG EE 262 -89.48 74.65 62.05
CA ARG EE 262 -89.61 74.32 63.47
C ARG EE 262 -88.28 73.98 64.13
N GLN EE 263 -87.40 73.23 63.47
CA GLN EE 263 -86.12 72.92 64.12
C GLN EE 263 -85.16 74.08 64.11
N ARG EE 264 -84.99 74.73 62.98
CA ARG EE 264 -83.91 75.69 62.81
C ARG EE 264 -84.25 77.07 63.33
N ASN EE 265 -85.26 77.20 64.19
CA ASN EE 265 -85.58 78.46 64.82
C ASN EE 265 -85.72 78.25 66.32
N THR EE 266 -85.33 79.29 67.06
CA THR EE 266 -85.35 79.28 68.53
C THR EE 266 -85.92 80.61 69.02
N MET EE 267 -87.24 80.70 69.08
CA MET EE 267 -87.90 81.98 69.33
C MET EE 267 -89.11 81.76 70.23
N SER EE 268 -89.41 82.79 71.02
CA SER EE 268 -90.60 82.78 71.87
C SER EE 268 -91.81 83.31 71.11
N LYS EE 269 -92.99 82.96 71.63
CA LYS EE 269 -94.24 83.45 71.07
C LYS EE 269 -94.26 84.97 70.98
N LYS EE 270 -93.76 85.66 72.00
CA LYS EE 270 -93.69 87.11 71.96
C LYS EE 270 -92.88 87.60 70.76
N GLU EE 271 -91.71 87.02 70.56
CA GLU EE 271 -90.90 87.38 69.40
C GLU EE 271 -91.64 87.13 68.10
N LEU EE 272 -92.31 85.98 68.01
CA LEU EE 272 -93.08 85.69 66.82
C LEU EE 272 -94.15 86.76 66.58
N GLU EE 273 -94.83 87.17 67.63
CA GLU EE 273 -95.83 88.24 67.50
C GLU EE 273 -95.20 89.54 66.99
N VAL EE 274 -94.06 89.93 67.55
CA VAL EE 274 -93.38 91.13 67.07
C VAL EE 274 -93.07 91.02 65.59
N LEU EE 275 -92.48 89.90 65.19
CA LEU EE 275 -92.21 89.65 63.77
C LEU EE 275 -93.47 89.82 62.94
N SER EE 276 -94.56 89.21 63.39
CA SER EE 276 -95.85 89.35 62.72
C SER EE 276 -96.23 90.81 62.52
N GLN EE 277 -96.15 91.61 63.57
CA GLN EE 277 -96.53 93.01 63.43
C GLN EE 277 -95.63 93.76 62.47
N LYS EE 278 -94.32 93.48 62.48
CA LYS EE 278 -93.46 94.21 61.56
C LYS EE 278 -93.75 93.83 60.10
N LEU EE 279 -94.03 92.56 59.85
CA LEU EE 279 -94.47 92.18 58.51
C LEU EE 279 -95.76 92.90 58.13
N ARG EE 280 -96.70 92.97 59.05
CA ARG EE 280 -97.93 93.68 58.73
C ARG EE 280 -97.65 95.12 58.41
N ALA EE 281 -96.60 95.70 59.02
CA ALA EE 281 -96.28 97.08 58.67
C ALA EE 281 -95.67 97.18 57.30
N LEU EE 282 -94.97 96.13 56.84
CA LEU EE 282 -94.43 96.17 55.48
C LEU EE 282 -95.50 95.98 54.41
N MET EE 283 -96.62 95.34 54.73
CA MET EE 283 -97.65 95.04 53.72
C MET EE 283 -98.92 95.78 54.05
N PRO EE 284 -99.05 97.03 53.62
CA PRO EE 284 -100.23 97.83 53.95
C PRO EE 284 -101.53 97.33 53.34
N TYR EE 285 -101.52 96.32 52.49
CA TYR EE 285 -102.76 95.77 51.96
C TYR EE 285 -103.23 94.53 52.70
N ALA EE 286 -102.42 93.99 53.62
CA ALA EE 286 -102.78 92.78 54.35
C ALA EE 286 -103.25 93.13 55.76
N ASP EE 287 -104.31 92.46 56.18
CA ASP EE 287 -104.87 92.71 57.50
C ASP EE 287 -104.12 91.98 58.60
N SER EE 288 -103.53 90.83 58.31
CA SER EE 288 -102.75 90.12 59.32
C SER EE 288 -101.89 89.07 58.63
N VAL EE 289 -100.83 88.66 59.32
CA VAL EE 289 -99.91 87.64 58.84
C VAL EE 289 -99.95 86.44 59.77
N ASN EE 290 -100.27 85.27 59.23
CA ASN EE 290 -100.32 84.04 60.01
C ASN EE 290 -99.00 83.30 59.88
N ILE EE 291 -98.35 83.02 61.01
CA ILE EE 291 -97.09 82.29 61.04
C ILE EE 291 -97.33 80.82 61.36
N THR EE 292 -96.83 79.95 60.49
CA THR EE 292 -96.96 78.50 60.59
C THR EE 292 -95.59 77.84 60.61
N LEU EE 293 -95.42 76.85 61.48
CA LEU EE 293 -94.19 76.08 61.60
C LEU EE 293 -94.27 74.79 60.81
N MET EE 294 -93.29 74.56 59.94
CA MET EE 294 -93.24 73.41 59.05
C MET EE 294 -92.04 72.53 59.39
N ASP EE 295 -92.15 71.25 59.03
CA ASP EE 295 -91.11 70.26 59.29
C ASP EE 295 -90.17 70.01 58.11
N ASP EE 296 -88.87 70.14 58.40
CA ASP EE 296 -87.82 69.90 57.41
C ASP EE 296 -87.84 68.46 56.92
N VAL EE 297 -88.01 67.50 57.82
CA VAL EE 297 -88.04 66.11 57.40
C VAL EE 297 -89.13 65.91 56.37
N THR EE 298 -90.28 66.54 56.56
CA THR EE 298 -91.35 66.48 55.57
C THR EE 298 -90.90 67.04 54.22
N ALA EE 299 -90.35 68.26 54.22
CA ALA EE 299 -89.85 68.83 52.97
C ALA EE 299 -88.90 67.91 52.20
N ALA EE 300 -87.85 67.45 52.86
CA ALA EE 300 -86.95 66.49 52.23
C ALA EE 300 -87.66 65.22 51.79
N GLY EE 301 -88.60 64.74 52.58
CA GLY EE 301 -89.33 63.55 52.20
C GLY EE 301 -90.03 63.72 50.87
N GLN EE 302 -90.79 64.80 50.73
CA GLN EE 302 -91.52 65.00 49.48
C GLN EE 302 -90.57 65.19 48.30
N ALA EE 303 -89.43 65.84 48.50
CA ALA EE 303 -88.49 65.92 47.39
C ALA EE 303 -88.07 64.54 46.92
N GLU EE 304 -87.68 63.67 47.85
CA GLU EE 304 -87.16 62.38 47.41
C GLU EE 304 -88.26 61.48 46.89
N ALA EE 305 -89.46 61.57 47.47
CA ALA EE 305 -90.60 60.86 46.91
C ALA EE 305 -90.79 61.22 45.45
N GLY EE 306 -90.80 62.51 45.15
CA GLY EE 306 -90.98 62.92 43.77
C GLY EE 306 -89.93 62.35 42.84
N LEU EE 307 -88.65 62.41 43.25
CA LEU EE 307 -87.61 61.89 42.35
C LEU EE 307 -87.77 60.39 42.12
N LYS EE 308 -88.01 59.62 43.16
CA LYS EE 308 -88.18 58.20 42.95
C LYS EE 308 -89.37 57.94 42.05
N GLN EE 309 -90.49 58.59 42.34
CA GLN EE 309 -91.69 58.39 41.56
C GLN EE 309 -91.44 58.69 40.09
N GLN EE 310 -90.63 59.70 39.80
CA GLN EE 310 -90.28 59.97 38.40
C GLN EE 310 -89.17 59.08 37.87
N ALA EE 311 -88.68 58.13 38.66
CA ALA EE 311 -87.64 57.20 38.20
C ALA EE 311 -86.36 57.85 37.72
N LEU EE 312 -86.03 59.00 38.24
CA LEU EE 312 -84.82 59.69 37.81
C LEU EE 312 -83.61 59.11 38.55
N PRO EE 313 -82.43 59.07 37.91
CA PRO EE 313 -81.20 58.77 38.63
C PRO EE 313 -80.68 60.01 39.37
N TYR EE 314 -80.35 59.84 40.65
CA TYR EE 314 -79.92 60.98 41.44
C TYR EE 314 -78.97 60.56 42.55
N SER EE 315 -78.27 61.55 43.11
CA SER EE 315 -77.46 61.38 44.31
C SER EE 315 -77.83 62.43 45.33
N ARG EE 316 -77.90 62.03 46.60
CA ARG EE 316 -78.33 62.91 47.68
C ARG EE 316 -77.15 63.27 48.57
N ARG EE 317 -77.09 64.55 48.96
CA ARG EE 317 -76.08 65.06 49.86
C ARG EE 317 -76.74 65.86 50.98
N ASN EE 318 -76.39 65.56 52.22
CA ASN EE 318 -76.93 66.24 53.39
C ASN EE 318 -75.90 67.16 54.02
N HIS EE 319 -76.24 68.43 54.16
CA HIS EE 319 -75.44 69.40 54.88
C HIS EE 319 -76.21 69.83 56.11
N LYS EE 320 -75.56 70.64 56.94
CA LYS EE 320 -76.18 71.09 58.16
C LYS EE 320 -77.43 71.91 57.87
N GLY EE 321 -77.37 72.79 56.87
CA GLY EE 321 -78.45 73.68 56.56
C GLY EE 321 -79.14 73.49 55.23
N GLY EE 322 -79.00 72.33 54.60
CA GLY EE 322 -79.53 72.16 53.26
C GLY EE 322 -79.29 70.76 52.73
N VAL EE 323 -80.03 70.44 51.67
CA VAL EE 323 -80.00 69.15 51.01
C VAL EE 323 -79.81 69.39 49.52
N THR EE 324 -78.98 68.57 48.88
CA THR EE 324 -78.74 68.72 47.45
C THR EE 324 -78.93 67.40 46.71
N PHE EE 325 -79.73 67.44 45.65
CA PHE EE 325 -79.94 66.31 44.76
C PHE EE 325 -79.26 66.60 43.44
N VAL EE 326 -78.31 65.75 43.05
CA VAL EE 326 -77.58 65.91 41.80
C VAL EE 326 -78.07 64.87 40.80
N ILE EE 327 -78.63 65.36 39.70
CA ILE EE 327 -79.09 64.58 38.56
C ILE EE 327 -78.17 64.91 37.39
N GLN EE 328 -77.35 63.96 36.94
CA GLN EE 328 -76.39 64.29 35.91
C GLN EE 328 -76.00 63.07 35.08
N GLY EE 329 -75.47 63.34 33.88
CA GLY EE 329 -75.03 62.32 32.96
C GLY EE 329 -75.73 62.41 31.60
N ALA EE 330 -76.04 61.25 31.04
CA ALA EE 330 -76.69 61.10 29.73
C ALA EE 330 -78.21 60.97 29.78
N LEU EE 331 -78.89 61.93 30.41
CA LEU EE 331 -80.34 61.89 30.47
C LEU EE 331 -80.96 61.85 29.08
N ASP EE 332 -82.07 61.12 28.97
CA ASP EE 332 -82.89 61.07 27.76
C ASP EE 332 -83.90 62.23 27.73
N ASP EE 333 -84.41 62.48 26.52
CA ASP EE 333 -85.43 63.51 26.31
C ASP EE 333 -86.62 63.40 27.27
N VAL EE 334 -87.19 62.20 27.38
CA VAL EE 334 -88.30 62.00 28.29
C VAL EE 334 -87.92 62.35 29.72
N GLU EE 335 -86.74 61.92 30.14
CA GLU EE 335 -86.29 62.22 31.49
C GLU EE 335 -86.13 63.71 31.71
N ILE EE 336 -85.45 64.39 30.80
CA ILE EE 336 -85.33 65.85 30.88
C ILE EE 336 -86.68 66.52 31.05
N LEU EE 337 -87.65 66.15 30.22
CA LEU EE 337 -88.98 66.76 30.35
C LEU EE 337 -89.62 66.50 31.70
N ARG EE 338 -89.70 65.23 32.11
CA ARG EE 338 -90.25 64.90 33.42
C ARG EE 338 -89.60 65.72 34.54
N ALA EE 339 -88.28 65.69 34.60
CA ALA EE 339 -87.55 66.42 35.62
C ALA EE 339 -87.88 67.91 35.61
N ARG EE 340 -87.78 68.57 34.47
CA ARG EE 340 -88.09 69.99 34.45
C ARG EE 340 -89.48 70.26 34.99
N GLN EE 341 -90.46 69.43 34.66
CA GLN EE 341 -91.81 69.66 35.18
C GLN EE 341 -91.88 69.50 36.69
N PHE EE 342 -91.40 68.38 37.21
CA PHE EE 342 -91.44 68.16 38.65
C PHE EE 342 -90.71 69.24 39.43
N VAL EE 343 -89.47 69.55 39.07
CA VAL EE 343 -88.73 70.57 39.79
C VAL EE 343 -89.49 71.90 39.78
N ASP EE 344 -89.98 72.31 38.62
CA ASP EE 344 -90.71 73.57 38.59
C ASP EE 344 -91.96 73.50 39.47
N SER EE 345 -92.55 72.34 39.63
CA SER EE 345 -93.72 72.23 40.51
C SER EE 345 -93.34 72.38 41.98
N TYR EE 346 -92.34 71.61 42.41
CA TYR EE 346 -91.86 71.67 43.79
C TYR EE 346 -91.45 73.07 44.21
N TYR EE 347 -90.64 73.73 43.38
CA TYR EE 347 -90.13 75.04 43.76
C TYR EE 347 -91.26 76.02 44.05
N ARG EE 348 -92.35 75.96 43.31
CA ARG EE 348 -93.44 76.88 43.60
C ARG EE 348 -94.07 76.69 44.97
N THR EE 349 -93.91 75.53 45.56
CA THR EE 349 -94.45 75.24 46.88
C THR EE 349 -93.46 75.61 48.00
N TRP EE 350 -92.27 75.03 47.93
CA TRP EE 350 -91.28 75.15 48.99
C TRP EE 350 -90.23 76.23 48.79
N GLY EE 351 -90.17 76.90 47.65
CA GLY EE 351 -89.09 77.84 47.38
C GLY EE 351 -87.76 77.15 47.16
N GLY EE 352 -86.73 77.97 46.96
CA GLY EE 352 -85.38 77.47 46.75
C GLY EE 352 -84.36 77.62 47.84
N ARG EE 353 -84.80 77.77 49.07
CA ARG EE 353 -83.87 78.01 50.18
C ARG EE 353 -83.31 76.74 50.79
N TYR EE 354 -84.15 75.74 51.06
CA TYR EE 354 -83.64 74.54 51.71
C TYR EE 354 -83.14 73.46 50.75
N VAL EE 355 -83.89 73.12 49.70
CA VAL EE 355 -83.52 72.04 48.78
C VAL EE 355 -83.14 72.58 47.39
N GLN EE 356 -82.00 72.11 46.87
CA GLN EE 356 -81.47 72.46 45.55
C GLN EE 356 -81.38 71.26 44.62
N PHE EE 357 -81.71 71.48 43.33
CA PHE EE 357 -81.65 70.46 42.28
C PHE EE 357 -80.68 70.89 41.18
N ALA EE 358 -79.55 70.19 41.07
CA ALA EE 358 -78.55 70.40 40.02
C ALA EE 358 -78.76 69.41 38.89
N ILE EE 359 -79.02 69.92 37.68
CA ILE EE 359 -79.29 69.10 36.49
C ILE EE 359 -78.20 69.40 35.47
N GLU EE 360 -77.15 68.57 35.43
CA GLU EE 360 -76.00 68.82 34.56
C GLU EE 360 -75.79 67.69 33.55
N LEU EE 361 -76.02 68.00 32.28
CA LEU EE 361 -75.69 67.10 31.18
C LEU EE 361 -74.18 66.95 30.99
N LYS EE 362 -73.72 65.71 30.96
CA LYS EE 362 -72.31 65.38 30.80
C LYS EE 362 -72.21 64.22 29.83
N ASP EE 363 -71.11 64.20 29.08
CA ASP EE 363 -70.75 63.00 28.35
C ASP EE 363 -70.35 61.91 29.33
N ASP EE 364 -70.06 60.73 28.78
CA ASP EE 364 -69.44 59.68 29.58
C ASP EE 364 -68.21 60.24 30.27
N TRP EE 365 -68.00 59.81 31.50
CA TRP EE 365 -67.04 60.47 32.36
C TRP EE 365 -65.65 60.47 31.73
N LEU EE 366 -65.12 59.29 31.45
CA LEU EE 366 -63.87 59.17 30.70
C LEU EE 366 -64.18 58.73 29.28
N LYS EE 367 -63.66 59.51 28.34
CA LYS EE 367 -64.25 59.66 27.01
C LYS EE 367 -63.96 58.44 26.14
N GLY EE 368 -64.54 57.31 26.54
CA GLY EE 368 -64.25 56.09 25.81
C GLY EE 368 -62.83 55.57 25.96
N ARG EE 369 -62.30 55.55 27.17
CA ARG EE 369 -60.97 55.04 27.44
C ARG EE 369 -61.08 53.95 28.50
N SER EE 370 -60.22 52.95 28.40
CA SER EE 370 -60.12 51.98 29.48
C SER EE 370 -59.47 52.61 30.70
N PHE EE 371 -59.95 52.23 31.88
CA PHE EE 371 -59.32 52.66 33.11
C PHE EE 371 -59.58 51.66 34.21
N GLN EE 372 -58.72 51.69 35.21
CA GLN EE 372 -58.89 50.94 36.44
C GLN EE 372 -59.35 51.92 37.51
N TYR EE 373 -60.48 51.66 38.13
CA TYR EE 373 -60.91 52.45 39.27
C TYR EE 373 -60.34 51.88 40.56
N GLY EE 374 -60.36 52.69 41.60
CA GLY EE 374 -59.91 52.28 42.91
C GLY EE 374 -58.88 53.25 43.45
N ALA EE 375 -58.42 52.96 44.67
CA ALA EE 375 -57.40 53.79 45.30
C ALA EE 375 -56.08 53.80 44.53
N GLU EE 376 -55.89 52.91 43.56
CA GLU EE 376 -54.71 52.90 42.72
C GLU EE 376 -55.07 52.94 41.25
N GLY EE 377 -56.25 53.43 40.93
CA GLY EE 377 -56.69 53.49 39.56
C GLY EE 377 -55.80 54.32 38.67
N TYR EE 378 -55.98 54.09 37.38
CA TYR EE 378 -55.26 54.83 36.34
C TYR EE 378 -56.02 54.73 35.03
N ILE EE 379 -55.69 55.65 34.13
CA ILE EE 379 -56.31 55.78 32.82
C ILE EE 379 -55.32 55.35 31.75
N LYS EE 380 -55.79 54.62 30.76
CA LYS EE 380 -54.93 54.26 29.65
C LYS EE 380 -55.25 55.17 28.48
N MET EE 381 -54.29 56.02 28.15
CA MET EE 381 -54.41 56.90 27.00
C MET EE 381 -54.54 56.07 25.73
N SER EE 382 -53.85 54.97 25.68
CA SER EE 382 -53.84 54.08 24.54
C SER EE 382 -53.15 52.82 25.04
N PRO EE 383 -53.14 51.73 24.30
CA PRO EE 383 -52.24 50.63 24.66
C PRO EE 383 -50.81 51.13 24.78
N GLY EE 384 -50.17 50.77 25.90
CA GLY EE 384 -48.83 51.21 26.16
C GLY EE 384 -48.63 52.60 26.72
N HIS EE 385 -49.69 53.29 27.16
CA HIS EE 385 -49.52 54.65 27.68
C HIS EE 385 -50.45 54.86 28.86
N TRP EE 386 -49.88 55.00 30.06
CA TRP EE 386 -50.61 55.06 31.32
C TRP EE 386 -50.53 56.47 31.89
N TYR EE 387 -51.58 56.92 32.62
CA TYR EE 387 -51.62 58.32 33.02
C TYR EE 387 -51.67 58.62 34.52
N PHE EE 388 -52.05 57.69 35.38
CA PHE EE 388 -51.98 57.95 36.84
C PHE EE 388 -52.40 59.32 37.36
N PRO EE 389 -53.59 59.80 37.04
CA PRO EE 389 -53.94 61.19 37.36
C PRO EE 389 -54.36 61.44 38.80
N SER EE 390 -55.04 60.46 39.39
CA SER EE 390 -55.77 60.65 40.63
C SER EE 390 -56.21 59.28 41.12
N PRO EE 391 -56.60 59.13 42.38
CA PRO EE 391 -57.47 58.02 42.71
C PRO EE 391 -58.77 58.14 41.93
N LEU EE 392 -59.34 57.01 41.58
CA LEU EE 392 -60.55 57.00 40.78
C LEU EE 392 -61.65 56.26 41.51
N ALA FE 171 -132.10 89.04 26.67
CA ALA FE 171 -131.19 88.21 25.90
C ALA FE 171 -130.45 87.25 26.81
N GLU FE 172 -130.96 86.02 26.93
CA GLU FE 172 -130.31 85.08 27.82
C GLU FE 172 -128.98 84.64 27.24
N LEU FE 173 -128.13 84.09 28.11
CA LEU FE 173 -126.83 83.63 27.65
C LEU FE 173 -126.94 82.43 26.72
N ASP FE 174 -127.85 81.50 27.02
CA ASP FE 174 -128.02 80.32 26.18
C ASP FE 174 -128.35 80.67 24.73
N SER FE 175 -129.04 81.77 24.50
CA SER FE 175 -129.40 82.16 23.15
C SER FE 175 -128.20 82.59 22.33
N LEU FE 176 -127.10 82.97 22.97
CA LEU FE 176 -125.91 83.47 22.30
C LEU FE 176 -124.88 82.41 21.98
N LEU FE 177 -124.94 81.24 22.62
CA LEU FE 177 -123.90 80.24 22.44
C LEU FE 177 -124.04 79.45 21.16
N GLY FE 178 -125.17 79.50 20.47
CA GLY FE 178 -125.32 78.68 19.28
C GLY FE 178 -126.65 78.02 19.04
N GLN FE 179 -126.69 77.25 17.95
CA GLN FE 179 -127.83 76.40 17.64
C GLN FE 179 -127.83 75.08 18.39
N GLU FE 180 -126.67 74.49 18.60
CA GLU FE 180 -126.58 73.23 19.35
C GLU FE 180 -126.77 73.52 20.83
N LYS FE 181 -128.03 73.57 21.25
CA LYS FE 181 -128.37 74.09 22.57
C LYS FE 181 -127.72 73.28 23.68
N GLU FE 182 -127.85 71.96 23.64
CA GLU FE 182 -127.38 71.06 24.68
C GLU FE 182 -125.87 70.97 24.79
N ARG FE 183 -125.12 71.54 23.84
CA ARG FE 183 -123.68 71.39 23.88
C ARG FE 183 -123.07 72.01 25.13
N PHE FE 184 -123.73 73.02 25.70
CA PHE FE 184 -123.24 73.76 26.86
C PHE FE 184 -124.29 73.69 27.96
N GLN FE 185 -123.86 73.93 29.19
CA GLN FE 185 -124.76 73.92 30.33
C GLN FE 185 -124.44 75.12 31.20
N VAL FE 186 -125.45 75.96 31.43
CA VAL FE 186 -125.36 77.19 32.20
C VAL FE 186 -125.85 76.97 33.62
N LEU FE 187 -125.01 77.30 34.60
CA LEU FE 187 -125.30 77.12 36.00
C LEU FE 187 -125.23 78.45 36.74
N PRO FE 188 -126.22 78.77 37.59
CA PRO FE 188 -126.16 79.98 38.41
C PRO FE 188 -125.31 79.77 39.65
N GLY FE 189 -124.59 80.81 40.07
CA GLY FE 189 -123.73 80.73 41.23
C GLY FE 189 -124.14 81.71 42.31
N ARG FE 190 -123.80 81.37 43.56
CA ARG FE 190 -124.15 82.20 44.70
C ARG FE 190 -123.48 83.56 44.66
N ASP FE 191 -122.35 83.69 43.98
CA ASP FE 191 -121.65 84.96 43.86
C ASP FE 191 -122.26 85.89 42.82
N LYS FE 192 -123.50 85.64 42.41
CA LYS FE 192 -124.17 86.44 41.40
C LYS FE 192 -123.45 86.39 40.06
N MET FE 193 -123.05 85.19 39.65
CA MET FE 193 -122.29 85.03 38.42
C MET FE 193 -122.76 83.75 37.76
N LEU FE 194 -122.80 83.77 36.44
CA LEU FE 194 -123.13 82.60 35.64
C LEU FE 194 -121.89 81.81 35.25
N TYR FE 195 -121.95 80.50 35.41
CA TYR FE 195 -120.88 79.59 35.07
C TYR FE 195 -121.28 78.72 33.90
N VAL FE 196 -120.48 78.75 32.85
CA VAL FE 196 -120.71 77.98 31.64
C VAL FE 196 -119.78 76.79 31.68
N ALA FE 197 -120.34 75.60 31.74
CA ALA FE 197 -119.57 74.36 31.79
C ALA FE 197 -119.39 73.80 30.39
N ALA FE 198 -118.13 73.59 30.01
CA ALA FE 198 -117.71 73.04 28.74
C ALA FE 198 -117.09 71.66 28.96
N GLN FE 199 -117.00 70.90 27.88
CA GLN FE 199 -116.47 69.55 27.93
C GLN FE 199 -115.04 69.43 27.44
N ASN FE 200 -114.52 70.38 26.67
CA ASN FE 200 -113.19 70.25 26.08
C ASN FE 200 -112.68 71.65 25.74
N GLU FE 201 -111.43 71.71 25.33
CA GLU FE 201 -110.79 72.98 24.94
C GLU FE 201 -111.48 73.70 23.80
N ARG FE 202 -111.68 73.02 22.68
CA ARG FE 202 -112.34 73.66 21.55
C ARG FE 202 -113.65 74.34 21.95
N ASP FE 203 -114.51 73.62 22.66
CA ASP FE 203 -115.75 74.22 23.15
C ASP FE 203 -115.47 75.36 24.13
N THR FE 204 -114.48 75.19 24.98
CA THR FE 204 -114.12 76.25 25.92
C THR FE 204 -113.83 77.55 25.18
N LEU FE 205 -113.04 77.49 24.12
CA LEU FE 205 -112.74 78.70 23.35
C LEU FE 205 -113.96 79.21 22.61
N TRP FE 206 -114.80 78.32 22.08
CA TRP FE 206 -116.02 78.77 21.43
C TRP FE 206 -116.90 79.55 22.39
N ALA FE 207 -116.91 79.16 23.66
CA ALA FE 207 -117.66 79.92 24.66
C ALA FE 207 -116.96 81.22 25.03
N ARG FE 208 -115.67 81.16 25.33
CA ARG FE 208 -114.94 82.35 25.76
C ARG FE 208 -114.99 83.48 24.75
N GLN FE 209 -115.01 83.16 23.45
CA GLN FE 209 -115.11 84.24 22.47
C GLN FE 209 -116.34 85.10 22.68
N VAL FE 210 -117.46 84.50 23.08
CA VAL FE 210 -118.69 85.28 23.25
C VAL FE 210 -118.52 86.28 24.38
N LEU FE 211 -117.96 85.86 25.49
CA LEU FE 211 -117.74 86.77 26.61
C LEU FE 211 -116.73 87.85 26.25
N ALA FE 212 -115.57 87.45 25.75
CA ALA FE 212 -114.50 88.40 25.48
C ALA FE 212 -114.87 89.40 24.39
N ARG FE 213 -115.69 89.00 23.42
CA ARG FE 213 -116.20 89.95 22.46
C ARG FE 213 -117.11 90.98 23.10
N GLY FE 214 -117.69 90.65 24.25
CA GLY FE 214 -118.64 91.53 24.91
C GLY FE 214 -120.04 91.47 24.37
N ASP FE 215 -120.47 90.31 23.86
CA ASP FE 215 -121.85 90.17 23.42
C ASP FE 215 -122.82 90.11 24.58
N TYR FE 216 -122.34 89.88 25.80
CA TYR FE 216 -123.18 89.82 26.99
C TYR FE 216 -122.73 90.92 27.94
N ASP FE 217 -123.71 91.47 28.66
CA ASP FE 217 -123.44 92.63 29.51
C ASP FE 217 -123.12 92.30 30.96
N LYS FE 218 -123.79 91.31 31.54
CA LYS FE 218 -123.52 90.91 32.91
C LYS FE 218 -122.24 90.09 33.00
N ASN FE 219 -121.87 89.73 34.24
CA ASN FE 219 -120.72 88.88 34.50
C ASN FE 219 -120.98 87.42 34.21
N ALA FE 220 -119.95 86.74 33.69
CA ALA FE 220 -120.03 85.33 33.36
C ALA FE 220 -118.63 84.75 33.40
N ARG FE 221 -118.56 83.42 33.49
CA ARG FE 221 -117.28 82.74 33.56
C ARG FE 221 -117.40 81.38 32.89
N VAL FE 222 -116.31 80.91 32.29
CA VAL FE 222 -116.25 79.60 31.63
C VAL FE 222 -115.36 78.66 32.45
N ILE FE 223 -115.80 77.41 32.60
CA ILE FE 223 -115.08 76.41 33.39
C ILE FE 223 -115.10 75.04 32.74
N ASN FE 224 -114.09 74.24 33.09
CA ASN FE 224 -114.00 72.86 32.64
C ASN FE 224 -113.26 72.06 33.71
N GLU FE 225 -113.38 70.73 33.59
CA GLU FE 225 -112.86 69.82 34.60
C GLU FE 225 -111.35 69.93 34.79
N ASN FE 226 -110.57 70.04 33.73
CA ASN FE 226 -109.12 70.06 33.95
C ASN FE 226 -108.70 71.33 34.67
N GLU FE 227 -109.23 72.48 34.26
CA GLU FE 227 -108.92 73.72 34.96
C GLU FE 227 -109.32 73.65 36.42
N GLU FE 228 -110.50 73.11 36.73
CA GLU FE 228 -110.90 73.07 38.13
C GLU FE 228 -110.06 72.10 38.93
N ASN FE 229 -109.69 70.96 38.37
CA ASN FE 229 -108.80 70.08 39.11
C ASN FE 229 -107.49 70.78 39.43
N LYS FE 230 -106.92 71.49 38.46
CA LYS FE 230 -105.67 72.20 38.75
C LYS FE 230 -105.82 73.26 39.83
N ARG FE 231 -106.84 74.12 39.70
CA ARG FE 231 -107.04 75.17 40.69
C ARG FE 231 -107.21 74.61 42.10
N ILE FE 232 -108.03 73.58 42.24
CA ILE FE 232 -108.26 73.04 43.58
C ILE FE 232 -107.00 72.36 44.09
N SER FE 233 -106.24 71.70 43.23
CA SER FE 233 -105.01 71.09 43.73
C SER FE 233 -104.04 72.16 44.21
N ILE FE 234 -104.00 73.30 43.52
CA ILE FE 234 -103.14 74.39 43.96
C ILE FE 234 -103.56 74.93 45.32
N TRP FE 235 -104.87 74.96 45.60
CA TRP FE 235 -105.29 75.44 46.93
C TRP FE 235 -104.98 74.41 48.02
N LEU FE 236 -105.24 73.13 47.74
CA LEU FE 236 -104.88 72.07 48.67
C LEU FE 236 -103.41 72.10 49.00
N ASP FE 237 -102.56 72.33 48.01
CA ASP FE 237 -101.13 72.44 48.24
C ASP FE 237 -100.80 73.43 49.35
N THR FE 238 -101.62 74.46 49.53
CA THR FE 238 -101.34 75.45 50.55
C THR FE 238 -101.94 75.09 51.90
N TYR FE 239 -103.22 74.73 51.95
CA TYR FE 239 -103.83 74.51 53.27
C TYR FE 239 -103.84 73.07 53.78
N TYR FE 240 -103.59 72.09 52.92
CA TYR FE 240 -103.56 70.67 53.29
C TYR FE 240 -102.38 70.02 52.59
N PRO FE 241 -101.16 70.40 52.98
CA PRO FE 241 -99.96 69.93 52.29
C PRO FE 241 -99.64 68.46 52.49
N GLN FE 242 -100.44 67.70 53.22
CA GLN FE 242 -100.14 66.29 53.46
C GLN FE 242 -101.32 65.39 53.14
N LEU FE 243 -102.37 65.92 52.52
CA LEU FE 243 -103.53 65.12 52.15
C LEU FE 243 -103.25 64.24 50.94
N ALA FE 244 -103.57 62.95 51.08
CA ALA FE 244 -103.44 61.98 50.01
C ALA FE 244 -104.78 61.79 49.31
N TYR FE 245 -104.83 62.07 48.02
CA TYR FE 245 -106.09 62.05 47.29
C TYR FE 245 -105.81 61.72 45.83
N TYR FE 246 -106.87 61.38 45.10
CA TYR FE 246 -106.80 61.00 43.70
C TYR FE 246 -107.29 62.07 42.73
N ARG FE 247 -108.60 62.22 42.59
CA ARG FE 247 -109.16 63.13 41.60
C ARG FE 247 -110.55 63.53 42.03
N ILE FE 248 -111.00 64.67 41.53
CA ILE FE 248 -112.36 65.16 41.71
C ILE FE 248 -113.15 65.04 40.41
N HIS FE 249 -114.25 64.29 40.46
CA HIS FE 249 -115.13 64.00 39.34
C HIS FE 249 -116.31 64.95 39.31
N PHE FE 250 -116.63 65.46 38.12
CA PHE FE 250 -117.70 66.43 37.89
C PHE FE 250 -118.74 65.91 36.92
N ASP FE 251 -119.09 64.62 37.03
CA ASP FE 251 -120.13 64.08 36.16
C ASP FE 251 -121.45 64.82 36.37
N GLU FE 252 -121.81 65.10 37.62
CA GLU FE 252 -122.95 65.96 37.94
C GLU FE 252 -122.37 67.23 38.52
N PRO FE 253 -122.29 68.31 37.74
CA PRO FE 253 -121.54 69.48 38.22
C PRO FE 253 -122.13 70.14 39.45
N ARG FE 254 -123.37 69.84 39.80
CA ARG FE 254 -123.92 70.39 41.03
C ARG FE 254 -123.53 69.60 42.27
N LYS FE 255 -122.96 68.40 42.13
CA LYS FE 255 -122.61 67.58 43.28
C LYS FE 255 -121.33 66.81 43.02
N PRO FE 256 -120.18 67.47 43.09
CA PRO FE 256 -118.92 66.78 42.83
C PRO FE 256 -118.60 65.68 43.83
N VAL FE 257 -117.75 64.78 43.37
CA VAL FE 257 -117.30 63.60 44.11
C VAL FE 257 -115.79 63.68 44.27
N PHE FE 258 -115.31 63.60 45.50
CA PHE FE 258 -113.89 63.72 45.81
C PHE FE 258 -113.40 62.38 46.37
N TRP FE 259 -112.46 61.76 45.67
CA TRP FE 259 -111.89 60.45 46.05
C TRP FE 259 -110.63 60.60 46.91
N LEU FE 260 -110.71 60.13 48.14
CA LEU FE 260 -109.60 60.14 49.08
C LEU FE 260 -109.11 58.72 49.34
N SER FE 261 -107.82 58.59 49.61
CA SER FE 261 -107.26 57.31 50.02
C SER FE 261 -107.73 56.90 51.40
N ARG FE 262 -108.12 55.63 51.53
CA ARG FE 262 -108.44 55.06 52.84
C ARG FE 262 -107.20 54.80 53.69
N GLN FE 263 -106.19 54.15 53.13
CA GLN FE 263 -105.02 53.80 53.93
C GLN FE 263 -104.18 55.00 54.32
N ARG FE 264 -103.89 55.89 53.38
CA ARG FE 264 -102.88 56.90 53.66
C ARG FE 264 -103.38 58.08 54.48
N ASN FE 265 -104.69 58.30 54.60
CA ASN FE 265 -105.21 59.41 55.38
C ASN FE 265 -105.81 58.93 56.69
N THR FE 266 -105.38 59.56 57.78
CA THR FE 266 -106.02 59.47 59.08
C THR FE 266 -106.72 60.79 59.39
N MET FE 267 -108.06 60.77 59.35
CA MET FE 267 -108.84 61.95 59.66
C MET FE 267 -110.11 61.51 60.39
N SER FE 268 -110.59 62.35 61.29
CA SER FE 268 -111.90 62.14 61.87
C SER FE 268 -113.02 62.66 60.96
N LYS FE 269 -114.23 62.17 61.24
CA LYS FE 269 -115.40 62.60 60.51
C LYS FE 269 -115.61 64.11 60.56
N LYS FE 270 -115.41 64.72 61.73
CA LYS FE 270 -115.50 66.16 61.86
C LYS FE 270 -114.53 66.87 60.92
N GLU FE 271 -113.30 66.40 60.90
CA GLU FE 271 -112.30 66.97 60.00
C GLU FE 271 -112.75 66.85 58.54
N LEU FE 272 -113.25 65.67 58.16
CA LEU FE 272 -113.78 65.51 56.82
C LEU FE 272 -114.91 66.49 56.52
N GLU FE 273 -115.80 66.70 57.47
CA GLU FE 273 -116.88 67.66 57.29
C GLU FE 273 -116.35 69.06 57.08
N VAL FE 274 -115.39 69.48 57.89
CA VAL FE 274 -114.77 70.79 57.71
C VAL FE 274 -114.18 70.93 56.32
N LEU FE 275 -113.41 69.92 55.90
CA LEU FE 275 -112.86 69.89 54.54
C LEU FE 275 -113.95 70.06 53.50
N SER FE 276 -115.04 69.31 53.66
CA SER FE 276 -116.19 69.41 52.76
C SER FE 276 -116.70 70.83 52.67
N GLN FE 277 -116.90 71.47 53.80
CA GLN FE 277 -117.44 72.82 53.78
C GLN FE 277 -116.48 73.80 53.12
N LYS FE 278 -115.17 73.64 53.34
CA LYS FE 278 -114.25 74.58 52.69
C LYS FE 278 -114.21 74.38 51.18
N LEU FE 279 -114.27 73.13 50.72
CA LEU FE 279 -114.42 72.92 49.28
C LEU FE 279 -115.69 73.58 48.77
N ARG FE 280 -116.78 73.43 49.50
CA ARG FE 280 -118.01 74.06 49.05
C ARG FE 280 -117.86 75.56 48.97
N ALA FE 281 -117.01 76.14 49.80
CA ALA FE 281 -116.79 77.57 49.68
C ALA FE 281 -115.95 77.91 48.45
N LEU FE 282 -115.08 77.00 48.03
CA LEU FE 282 -114.30 77.27 46.82
C LEU FE 282 -115.14 77.12 45.56
N MET FE 283 -116.19 76.32 45.61
CA MET FE 283 -116.99 76.06 44.42
C MET FE 283 -118.40 76.63 44.58
N PRO FE 284 -118.59 77.92 44.29
CA PRO FE 284 -119.91 78.54 44.48
C PRO FE 284 -121.01 78.03 43.58
N TYR FE 285 -120.74 77.14 42.64
CA TYR FE 285 -121.78 76.58 41.80
C TYR FE 285 -122.24 75.21 42.27
N ALA FE 286 -121.58 74.64 43.27
CA ALA FE 286 -121.91 73.32 43.78
C ALA FE 286 -122.71 73.42 45.07
N ASP FE 287 -123.70 72.53 45.21
CA ASP FE 287 -124.51 72.50 46.42
C ASP FE 287 -123.87 71.69 47.53
N SER FE 288 -123.07 70.69 47.20
CA SER FE 288 -122.40 69.91 48.23
C SER FE 288 -121.29 69.11 47.58
N VAL FE 289 -120.34 68.68 48.40
CA VAL FE 289 -119.22 67.87 47.95
C VAL FE 289 -119.28 66.52 48.68
N ASN FE 290 -119.35 65.44 47.92
CA ASN FE 290 -119.41 64.10 48.49
C ASN FE 290 -117.99 63.53 48.52
N ILE FE 291 -117.53 63.14 49.70
CA ILE FE 291 -116.21 62.53 49.88
C ILE FE 291 -116.35 61.02 49.99
N THR FE 292 -115.62 60.31 49.13
CA THR FE 292 -115.61 58.85 49.06
C THR FE 292 -114.20 58.30 49.25
N LEU FE 293 -114.09 57.23 50.03
CA LEU FE 293 -112.83 56.57 50.28
C LEU FE 293 -112.59 55.39 49.32
N MET FE 294 -111.44 55.39 48.66
CA MET FE 294 -111.04 54.40 47.67
C MET FE 294 -109.82 53.62 48.14
N ASP FE 295 -109.68 52.41 47.61
CA ASP FE 295 -108.57 51.51 47.95
C ASP FE 295 -107.40 51.55 46.97
N ASP FE 296 -106.22 51.77 47.54
CA ASP FE 296 -104.99 51.79 46.75
C ASP FE 296 -104.72 50.46 46.06
N VAL FE 297 -104.91 49.35 46.77
CA VAL FE 297 -104.70 48.05 46.14
C VAL FE 297 -105.59 47.90 44.92
N THR FE 298 -106.83 48.37 45.00
CA THR FE 298 -107.70 48.34 43.85
C THR FE 298 -107.10 49.11 42.67
N ALA FE 299 -106.70 50.35 42.91
CA ALA FE 299 -106.05 51.14 41.87
C ALA FE 299 -104.87 50.41 41.22
N ALA FE 300 -103.88 50.02 42.03
CA ALA FE 300 -102.71 49.32 41.52
C ALA FE 300 -103.07 48.05 40.76
N GLY FE 301 -104.03 47.29 41.26
CA GLY FE 301 -104.42 46.08 40.57
C GLY FE 301 -105.03 46.33 39.21
N GLN FE 302 -105.96 47.27 39.13
CA GLN FE 302 -106.50 47.60 37.81
C GLN FE 302 -105.47 48.15 36.84
N ALA FE 303 -104.40 48.76 37.33
CA ALA FE 303 -103.29 49.10 36.44
C ALA FE 303 -102.57 47.86 35.92
N GLU FE 304 -102.08 47.03 36.82
CA GLU FE 304 -101.32 45.87 36.37
C GLU FE 304 -102.15 44.97 35.47
N ALA FE 305 -103.41 44.74 35.85
CA ALA FE 305 -104.31 43.95 35.04
C ALA FE 305 -104.50 44.53 33.65
N GLY FE 306 -104.57 45.86 33.52
CA GLY FE 306 -104.64 46.42 32.19
C GLY FE 306 -103.41 46.19 31.35
N LEU FE 307 -102.23 46.30 31.95
CA LEU FE 307 -101.02 45.98 31.17
C LEU FE 307 -100.97 44.52 30.75
N LYS FE 308 -101.33 43.60 31.64
CA LYS FE 308 -101.34 42.20 31.25
C LYS FE 308 -102.35 41.95 30.15
N GLN FE 309 -103.55 42.51 30.28
CA GLN FE 309 -104.54 42.39 29.22
C GLN FE 309 -104.01 42.89 27.90
N GLN FE 310 -103.16 43.91 27.89
CA GLN FE 310 -102.59 44.36 26.64
C GLN FE 310 -101.33 43.60 26.24
N ALA FE 311 -100.90 42.64 27.04
CA ALA FE 311 -99.68 41.87 26.77
C ALA FE 311 -98.42 42.71 26.60
N LEU FE 312 -98.34 43.85 27.23
CA LEU FE 312 -97.14 44.67 27.16
C LEU FE 312 -96.06 44.11 28.10
N PRO FE 313 -94.79 44.20 27.74
CA PRO FE 313 -93.72 43.92 28.70
C PRO FE 313 -93.47 45.09 29.62
N TYR FE 314 -93.26 44.81 30.91
CA TYR FE 314 -93.11 45.88 31.89
C TYR FE 314 -92.35 45.40 33.11
N SER FE 315 -91.93 46.37 33.91
CA SER FE 315 -91.36 46.16 35.24
C SER FE 315 -92.07 47.06 36.24
N ARG FE 316 -92.35 46.52 37.43
CA ARG FE 316 -93.09 47.23 38.46
C ARG FE 316 -92.19 47.55 39.64
N ARG FE 317 -92.17 48.83 40.04
CA ARG FE 317 -91.48 49.30 41.22
C ARG FE 317 -92.47 49.85 42.23
N ASN FE 318 -92.37 49.41 43.48
CA ASN FE 318 -93.23 49.85 44.57
C ASN FE 318 -92.48 50.80 45.49
N HIS FE 319 -93.15 51.89 45.88
CA HIS FE 319 -92.64 52.81 46.88
C HIS FE 319 -93.76 53.15 47.85
N LYS FE 320 -93.33 53.71 48.97
CA LYS FE 320 -94.23 54.03 50.07
C LYS FE 320 -95.45 54.80 49.60
N GLY FE 321 -95.25 55.77 48.72
CA GLY FE 321 -96.33 56.60 48.26
C GLY FE 321 -96.63 56.51 46.79
N GLY FE 322 -96.19 55.47 46.09
CA GLY FE 322 -96.46 55.43 44.66
C GLY FE 322 -95.98 54.16 44.01
N VAL FE 323 -96.51 53.92 42.82
CA VAL FE 323 -96.17 52.75 42.04
C VAL FE 323 -95.75 53.21 40.65
N THR FE 324 -94.67 52.62 40.13
CA THR FE 324 -94.16 52.96 38.81
C THR FE 324 -94.06 51.74 37.90
N PHE FE 325 -94.64 51.83 36.71
CA PHE FE 325 -94.53 50.79 35.69
C PHE FE 325 -93.66 51.30 34.54
N VAL FE 326 -92.56 50.60 34.29
CA VAL FE 326 -91.61 50.93 33.25
C VAL FE 326 -91.83 49.99 32.07
N ILE FE 327 -92.04 50.57 30.89
CA ILE FE 327 -92.32 49.87 29.65
C ILE FE 327 -91.28 50.32 28.65
N GLN FE 328 -90.25 49.52 28.43
CA GLN FE 328 -89.14 49.95 27.60
C GLN FE 328 -88.65 48.83 26.70
N GLY FE 329 -88.03 49.24 25.59
CA GLY FE 329 -87.46 48.34 24.60
C GLY FE 329 -87.79 48.75 23.17
N ALA FE 330 -87.64 47.78 22.27
CA ALA FE 330 -87.93 47.96 20.84
C ALA FE 330 -89.39 47.69 20.47
N LEU FE 331 -90.29 48.42 21.10
CA LEU FE 331 -91.71 48.24 20.84
C LEU FE 331 -92.05 48.48 19.37
N ASP FE 332 -93.01 47.70 18.88
CA ASP FE 332 -93.62 47.84 17.57
C ASP FE 332 -94.70 48.92 17.54
N ASP FE 333 -94.99 49.42 16.35
CA ASP FE 333 -96.07 50.39 16.14
C ASP FE 333 -97.37 49.99 16.81
N VAL FE 334 -97.80 48.75 16.61
CA VAL FE 334 -99.02 48.27 17.24
C VAL FE 334 -98.95 48.42 18.75
N GLU FE 335 -97.86 47.95 19.35
CA GLU FE 335 -97.69 48.09 20.80
C GLU FE 335 -97.74 49.53 21.26
N ILE FE 336 -97.01 50.42 20.58
CA ILE FE 336 -97.09 51.83 20.94
C ILE FE 336 -98.52 52.33 20.92
N LEU FE 337 -99.26 52.05 19.86
CA LEU FE 337 -100.65 52.47 19.80
C LEU FE 337 -101.49 51.94 20.96
N ARG FE 338 -101.45 50.63 21.20
CA ARG FE 338 -102.21 50.06 22.30
C ARG FE 338 -101.84 50.69 23.65
N ALA FE 339 -100.55 50.79 23.93
CA ALA FE 339 -100.11 51.40 25.18
C ALA FE 339 -100.65 52.81 25.34
N ARG FE 340 -100.46 53.65 24.33
CA ARG FE 340 -100.96 55.01 24.39
C ARG FE 340 -102.45 55.08 24.69
N GLN FE 341 -103.26 54.30 23.96
CA GLN FE 341 -104.69 54.27 24.23
C GLN FE 341 -105.01 53.89 25.67
N PHE FE 342 -104.39 52.82 26.16
CA PHE FE 342 -104.66 52.39 27.53
C PHE FE 342 -104.30 53.45 28.56
N VAL FE 343 -103.07 53.92 28.54
CA VAL FE 343 -102.65 54.94 29.51
C VAL FE 343 -103.59 56.13 29.47
N ASP FE 344 -103.98 56.58 28.28
CA ASP FE 344 -104.91 57.69 28.20
C ASP FE 344 -106.25 57.36 28.84
N SER FE 345 -106.69 56.11 28.75
CA SER FE 345 -107.95 55.76 29.39
C SER FE 345 -107.83 55.77 30.91
N TYR FE 346 -106.79 55.15 31.43
CA TYR FE 346 -106.57 55.09 32.88
C TYR FE 346 -106.45 56.46 33.52
N TYR FE 347 -105.59 57.31 32.96
CA TYR FE 347 -105.36 58.61 33.58
C TYR FE 347 -106.63 59.41 33.78
N ARG FE 348 -107.61 59.30 32.88
CA ARG FE 348 -108.82 60.09 33.08
C ARG FE 348 -109.66 59.61 34.23
N THR FE 349 -109.49 58.37 34.65
CA THR FE 349 -110.22 57.82 35.78
C THR FE 349 -109.51 58.08 37.11
N TRP FE 350 -108.27 57.69 37.21
CA TRP FE 350 -107.52 57.76 38.46
C TRP FE 350 -106.61 58.97 38.62
N GLY FE 351 -106.41 59.80 37.61
CA GLY FE 351 -105.42 60.85 37.71
C GLY FE 351 -104.01 60.32 37.69
N GLY FE 352 -103.06 61.24 37.86
CA GLY FE 352 -101.65 60.90 37.87
C GLY FE 352 -100.86 60.98 39.15
N ARG FE 353 -101.52 60.88 40.30
CA ARG FE 353 -100.82 61.03 41.57
C ARG FE 353 -100.22 59.75 42.11
N TYR FE 354 -100.96 58.65 42.12
CA TYR FE 354 -100.43 57.43 42.75
C TYR FE 354 -99.63 56.53 41.80
N VAL FE 355 -100.15 56.22 40.61
CA VAL FE 355 -99.49 55.34 39.64
C VAL FE 355 -98.93 56.14 38.46
N GLN FE 356 -97.66 55.88 38.14
CA GLN FE 356 -96.96 56.51 37.03
C GLN FE 356 -96.47 55.47 36.03
N PHE FE 357 -96.62 55.77 34.74
CA PHE FE 357 -96.14 54.94 33.64
C PHE FE 357 -95.04 55.66 32.88
N ALA FE 358 -93.97 54.93 32.56
CA ALA FE 358 -92.83 55.48 31.82
C ALA FE 358 -92.55 54.58 30.62
N ILE FE 359 -92.73 55.11 29.42
CA ILE FE 359 -92.52 54.40 28.15
C ILE FE 359 -91.25 54.90 27.49
N GLU FE 360 -90.31 53.98 27.24
CA GLU FE 360 -89.02 54.33 26.65
C GLU FE 360 -88.63 53.37 25.53
N LEU FE 361 -88.23 53.94 24.40
CA LEU FE 361 -87.75 53.18 23.26
C LEU FE 361 -86.23 53.11 23.32
N LYS FE 362 -85.69 51.92 23.09
CA LYS FE 362 -84.25 51.82 22.88
C LYS FE 362 -83.88 50.67 21.97
N ASP FE 363 -82.80 50.86 21.22
CA ASP FE 363 -82.48 50.08 20.04
C ASP FE 363 -82.19 48.63 20.40
N ASP FE 364 -82.23 47.78 19.38
CA ASP FE 364 -82.00 46.35 19.56
C ASP FE 364 -80.58 45.98 19.17
N TRP FE 365 -79.89 45.30 20.07
CA TRP FE 365 -78.54 44.81 19.84
C TRP FE 365 -78.49 43.43 19.23
N LEU FE 366 -79.54 42.64 19.40
CA LEU FE 366 -79.50 41.22 19.11
C LEU FE 366 -79.78 40.86 17.66
N LYS FE 367 -80.32 41.78 16.87
CA LYS FE 367 -80.57 41.45 15.48
C LYS FE 367 -79.27 41.22 14.72
N GLY FE 368 -79.11 40.01 14.21
CA GLY FE 368 -77.94 39.64 13.45
C GLY FE 368 -76.75 39.13 14.23
N ARG FE 369 -76.86 38.93 15.54
CA ARG FE 369 -75.76 38.44 16.34
C ARG FE 369 -76.15 37.15 17.03
N SER FE 370 -75.13 36.36 17.37
CA SER FE 370 -75.32 35.17 18.18
C SER FE 370 -74.93 35.45 19.61
N PHE FE 371 -75.61 34.82 20.55
CA PHE FE 371 -75.43 35.18 21.94
C PHE FE 371 -75.82 34.03 22.85
N GLN FE 372 -75.32 34.10 24.07
CA GLN FE 372 -75.62 33.19 25.16
C GLN FE 372 -76.55 33.88 26.13
N TYR FE 373 -77.57 33.19 26.60
CA TYR FE 373 -78.49 33.75 27.57
C TYR FE 373 -78.75 32.75 28.67
N GLY FE 374 -79.21 33.26 29.80
CA GLY FE 374 -79.27 32.50 31.02
C GLY FE 374 -78.59 33.22 32.16
N ALA FE 375 -78.04 32.47 33.11
CA ALA FE 375 -77.36 33.09 34.23
C ALA FE 375 -76.08 33.81 33.83
N GLU FE 376 -75.47 33.45 32.71
CA GLU FE 376 -74.11 33.85 32.38
C GLU FE 376 -74.04 34.52 31.02
N GLY FE 377 -75.06 35.28 30.67
CA GLY FE 377 -75.19 35.72 29.28
C GLY FE 377 -74.03 36.58 28.84
N TYR FE 378 -73.75 36.53 27.54
CA TYR FE 378 -72.79 37.38 26.87
C TYR FE 378 -73.17 37.40 25.40
N ILE FE 379 -72.62 38.35 24.66
CA ILE FE 379 -72.98 38.54 23.27
C ILE FE 379 -71.70 38.49 22.44
N LYS FE 380 -71.77 37.79 21.32
CA LYS FE 380 -70.71 37.82 20.31
C LYS FE 380 -70.85 39.04 19.43
N MET FE 381 -70.21 40.14 19.81
CA MET FE 381 -70.35 41.34 19.00
C MET FE 381 -69.90 41.02 17.58
N SER FE 382 -68.87 40.20 17.48
CA SER FE 382 -68.35 39.66 16.23
C SER FE 382 -67.62 38.39 16.59
N PRO FE 383 -67.25 37.59 15.60
CA PRO FE 383 -66.30 36.53 15.89
C PRO FE 383 -65.05 37.12 16.52
N GLY FE 384 -64.57 36.46 17.57
CA GLY FE 384 -63.48 36.99 18.34
C GLY FE 384 -63.72 38.17 19.26
N HIS FE 385 -64.97 38.55 19.56
CA HIS FE 385 -65.19 39.72 20.40
C HIS FE 385 -66.40 39.47 21.29
N TRP FE 386 -66.14 39.27 22.59
CA TRP FE 386 -67.15 39.06 23.62
C TRP FE 386 -67.56 40.33 24.34
N TYR FE 387 -68.86 40.50 24.54
CA TYR FE 387 -69.43 41.59 25.32
C TYR FE 387 -70.22 41.02 26.49
N PHE FE 388 -69.87 41.44 27.71
CA PHE FE 388 -70.54 40.95 28.91
C PHE FE 388 -71.39 42.04 29.56
N PRO FE 389 -72.62 42.25 29.10
CA PRO FE 389 -73.48 43.24 29.74
C PRO FE 389 -73.57 43.03 31.24
N SER FE 390 -73.87 44.11 31.95
CA SER FE 390 -74.01 44.08 33.40
C SER FE 390 -75.24 43.30 33.83
N ALA GE 171 -145.11 70.85 10.44
CA ALA GE 171 -144.01 70.22 9.73
C ALA GE 171 -143.27 69.24 10.63
N GLU GE 172 -143.60 67.95 10.53
CA GLU GE 172 -142.95 66.99 11.40
C GLU GE 172 -141.51 66.81 11.00
N LEU GE 173 -140.72 66.30 11.94
CA LEU GE 173 -139.31 66.09 11.69
C LEU GE 173 -139.08 65.01 10.63
N ASP GE 174 -139.86 63.94 10.68
CA ASP GE 174 -139.70 62.86 9.69
C ASP GE 174 -139.87 63.37 8.27
N SER GE 175 -140.67 64.40 8.07
CA SER GE 175 -140.84 64.97 6.74
C SER GE 175 -139.57 65.66 6.26
N LEU GE 176 -138.69 66.04 7.17
CA LEU GE 176 -137.47 66.75 6.81
C LEU GE 176 -136.27 65.85 6.59
N LEU GE 177 -136.30 64.61 7.07
CA LEU GE 177 -135.12 63.77 6.97
C LEU GE 177 -134.93 63.15 5.59
N GLY GE 178 -135.95 63.16 4.74
CA GLY GE 178 -135.79 62.54 3.43
C GLY GE 178 -136.96 61.76 2.86
N GLN GE 179 -136.77 61.27 1.64
CA GLN GE 179 -137.78 60.46 0.97
C GLN GE 179 -137.84 59.04 1.51
N GLU GE 180 -136.70 58.44 1.81
CA GLU GE 180 -136.71 57.19 2.56
C GLU GE 180 -137.08 57.47 4.00
N LYS GE 181 -138.04 56.71 4.51
CA LYS GE 181 -138.63 56.96 5.82
C LYS GE 181 -138.10 56.00 6.89
N GLU GE 182 -138.04 54.72 6.57
CA GLU GE 182 -137.62 53.70 7.51
C GLU GE 182 -136.15 53.84 7.91
N ARG GE 183 -135.37 54.62 7.16
CA ARG GE 183 -133.94 54.71 7.47
C ARG GE 183 -133.68 55.29 8.85
N PHE GE 184 -134.57 56.15 9.35
CA PHE GE 184 -134.41 56.80 10.64
C PHE GE 184 -135.59 56.42 11.52
N GLN GE 185 -135.40 56.57 12.83
CA GLN GE 185 -136.51 56.25 13.74
C GLN GE 185 -136.60 57.37 14.76
N VAL GE 186 -137.78 58.00 14.86
CA VAL GE 186 -138.05 59.12 15.75
C VAL GE 186 -138.76 58.65 17.01
N LEU GE 187 -138.21 59.02 18.16
CA LEU GE 187 -138.76 58.65 19.46
C LEU GE 187 -138.93 59.86 20.37
N PRO GE 188 -140.06 59.96 21.07
CA PRO GE 188 -140.22 61.01 22.07
C PRO GE 188 -139.60 60.60 23.40
N GLY GE 189 -139.15 61.60 24.16
CA GLY GE 189 -138.54 61.34 25.45
C GLY GE 189 -139.12 62.17 26.56
N ARG GE 190 -138.97 61.65 27.78
CA ARG GE 190 -139.53 62.27 28.98
C ARG GE 190 -138.99 63.66 29.24
N ASP GE 191 -137.81 63.99 28.75
CA ASP GE 191 -137.30 65.35 28.90
C ASP GE 191 -137.91 66.32 27.90
N LYS GE 192 -138.98 65.92 27.23
CA LYS GE 192 -139.64 66.77 26.24
C LYS GE 192 -138.72 67.11 25.07
N MET GE 193 -138.04 66.08 24.54
CA MET GE 193 -137.11 66.29 23.45
C MET GE 193 -137.24 65.11 22.51
N LEU GE 194 -137.13 65.38 21.21
CA LEU GE 194 -137.11 64.33 20.20
C LEU GE 194 -135.73 63.71 20.00
N TYR GE 195 -135.70 62.39 19.92
CA TYR GE 195 -134.49 61.62 19.69
C TYR GE 195 -134.60 60.89 18.36
N VAL GE 196 -133.60 61.07 17.50
CA VAL GE 196 -133.53 60.44 16.19
C VAL GE 196 -132.48 59.34 16.29
N ALA GE 197 -132.92 58.11 16.07
CA ALA GE 197 -132.05 56.95 16.10
C ALA GE 197 -131.58 56.61 14.70
N ALA GE 198 -130.25 56.56 14.55
CA ALA GE 198 -129.54 56.26 13.31
C ALA GE 198 -128.78 54.94 13.45
N GLN GE 199 -128.38 54.38 12.31
CA GLN GE 199 -127.67 53.11 12.28
C GLN GE 199 -126.16 53.20 12.10
N ASN GE 200 -125.62 54.30 11.59
CA ASN GE 200 -124.19 54.36 11.31
C ASN GE 200 -123.76 55.82 11.27
N GLU GE 201 -122.45 56.02 11.16
CA GLU GE 201 -121.88 57.36 11.09
C GLU GE 201 -122.39 58.19 9.92
N ARG GE 202 -122.35 57.63 8.71
CA ARG GE 202 -122.83 58.35 7.54
C ARG GE 202 -124.26 58.85 7.73
N ASP GE 203 -125.15 57.98 8.15
CA ASP GE 203 -126.54 58.39 8.42
C ASP GE 203 -126.62 59.39 9.55
N THR GE 204 -125.82 59.20 10.59
CA THR GE 204 -125.78 60.15 11.70
C THR GE 204 -125.47 61.56 11.22
N LEU GE 205 -124.47 61.71 10.37
CA LEU GE 205 -124.17 63.04 9.84
C LEU GE 205 -125.25 63.55 8.89
N TRP GE 206 -125.84 62.67 8.09
CA TRP GE 206 -126.95 63.08 7.24
C TRP GE 206 -128.09 63.65 8.06
N ALA GE 207 -128.32 63.13 9.26
CA ALA GE 207 -129.32 63.69 10.15
C ALA GE 207 -128.85 64.98 10.82
N ARG GE 208 -127.68 64.94 11.43
CA ARG GE 208 -127.18 66.09 12.17
C ARG GE 208 -127.16 67.36 11.33
N GLN GE 209 -126.85 67.24 10.04
CA GLN GE 209 -126.87 68.43 9.19
C GLN GE 209 -128.22 69.15 9.24
N VAL GE 210 -129.32 68.40 9.25
CA VAL GE 210 -130.63 69.03 9.25
C VAL GE 210 -130.83 69.89 10.48
N LEU GE 211 -130.54 69.33 11.65
CA LEU GE 211 -130.72 70.09 12.89
C LEU GE 211 -129.80 71.28 12.96
N ALA GE 212 -128.51 71.08 12.73
CA ALA GE 212 -127.57 72.19 12.87
C ALA GE 212 -127.81 73.28 11.86
N ARG GE 213 -128.32 72.94 10.67
CA ARG GE 213 -128.75 73.96 9.73
C ARG GE 213 -129.88 74.79 10.28
N GLY GE 214 -130.66 74.25 11.21
CA GLY GE 214 -131.85 74.92 11.72
C GLY GE 214 -133.09 74.76 10.89
N ASP GE 215 -133.22 73.65 10.15
CA ASP GE 215 -134.47 73.36 9.45
C ASP GE 215 -135.61 73.03 10.41
N TYR GE 216 -135.29 72.70 11.66
CA TYR GE 216 -136.29 72.41 12.67
C TYR GE 216 -136.19 73.44 13.78
N ASP GE 217 -137.32 73.73 14.41
CA ASP GE 217 -137.42 74.81 15.38
C ASP GE 217 -137.33 74.37 16.82
N LYS GE 218 -137.92 73.24 17.18
CA LYS GE 218 -137.83 72.72 18.54
C LYS GE 218 -136.52 71.98 18.77
N ASN GE 219 -136.35 71.50 20.00
CA ASN GE 219 -135.16 70.76 20.38
C ASN GE 219 -135.20 69.32 19.88
N ALA GE 220 -134.03 68.82 19.45
CA ALA GE 220 -133.90 67.46 18.94
C ALA GE 220 -132.46 67.02 19.14
N ARG GE 221 -132.25 65.71 19.07
CA ARG GE 221 -130.92 65.14 19.27
C ARG GE 221 -130.82 63.85 18.46
N VAL GE 222 -129.60 63.54 18.02
CA VAL GE 222 -129.32 62.33 17.23
C VAL GE 222 -128.49 61.36 18.06
N ILE GE 223 -128.83 60.07 18.00
CA ILE GE 223 -128.17 59.05 18.78
C ILE GE 223 -127.95 57.77 17.99
N ASN GE 224 -126.94 57.01 18.45
CA ASN GE 224 -126.55 55.74 17.88
C ASN GE 224 -125.94 54.87 18.98
N GLU GE 225 -125.89 53.57 18.69
CA GLU GE 225 -125.41 52.56 19.62
C GLU GE 225 -124.00 52.81 20.13
N ASN GE 226 -123.04 53.09 19.25
CA ASN GE 226 -121.67 53.29 19.71
C ASN GE 226 -121.56 54.48 20.66
N GLU GE 227 -122.13 55.61 20.30
CA GLU GE 227 -122.08 56.78 21.16
C GLU GE 227 -122.69 56.48 22.52
N GLU GE 228 -123.84 55.82 22.55
CA GLU GE 228 -124.45 55.59 23.85
C GLU GE 228 -123.67 54.57 24.68
N ASN GE 229 -123.13 53.54 24.06
CA ASN GE 229 -122.26 52.63 24.79
C ASN GE 229 -121.12 53.40 25.48
N LYS GE 230 -120.45 54.27 24.73
CA LYS GE 230 -119.40 55.08 25.32
C LYS GE 230 -119.88 55.92 26.50
N ARG GE 231 -120.93 56.71 26.29
CA ARG GE 231 -121.42 57.57 27.36
C ARG GE 231 -121.79 56.79 28.62
N ILE GE 232 -122.49 55.67 28.46
CA ILE GE 232 -122.85 54.89 29.63
C ILE GE 232 -121.62 54.34 30.32
N SER GE 233 -120.64 53.86 29.56
CA SER GE 233 -119.42 53.37 30.20
C SER GE 233 -118.75 54.48 31.00
N ILE GE 234 -118.70 55.68 30.46
CA ILE GE 234 -118.14 56.80 31.22
C ILE GE 234 -118.87 57.00 32.54
N TRP GE 235 -120.19 56.86 32.56
CA TRP GE 235 -120.90 57.05 33.84
C TRP GE 235 -120.65 55.89 34.81
N LEU GE 236 -120.68 54.67 34.30
CA LEU GE 236 -120.36 53.50 35.14
C LEU GE 236 -118.98 53.60 35.75
N ASP GE 237 -117.99 54.08 35.00
CA ASP GE 237 -116.66 54.26 35.55
C ASP GE 237 -116.66 55.09 36.82
N THR GE 238 -117.59 56.02 36.97
CA THR GE 238 -117.59 56.84 38.16
C THR GE 238 -118.43 56.24 39.29
N TYR GE 239 -119.64 55.78 39.02
CA TYR GE 239 -120.46 55.34 40.15
C TYR GE 239 -120.42 53.84 40.46
N TYR GE 240 -119.92 53.02 39.55
CA TYR GE 240 -119.80 51.57 39.75
C TYR GE 240 -118.44 51.15 39.22
N PRO GE 241 -117.36 51.61 39.86
CA PRO GE 241 -116.00 51.39 39.35
C PRO GE 241 -115.52 49.95 39.40
N GLN GE 242 -116.32 49.00 39.86
CA GLN GE 242 -115.87 47.62 39.97
C GLN GE 242 -116.84 46.64 39.31
N LEU GE 243 -117.83 47.14 38.59
CA LEU GE 243 -118.79 46.28 37.91
C LEU GE 243 -118.19 45.63 36.67
N ALA GE 244 -118.35 44.32 36.56
CA ALA GE 244 -117.93 43.54 35.39
C ALA GE 244 -119.11 43.34 34.47
N TYR GE 245 -119.00 43.81 33.22
CA TYR GE 245 -120.10 43.77 32.29
C TYR GE 245 -119.57 43.70 30.86
N TYR GE 246 -120.46 43.39 29.93
CA TYR GE 246 -120.10 43.27 28.52
C TYR GE 246 -120.55 44.41 27.64
N ARG GE 247 -121.83 44.46 27.28
CA ARG GE 247 -122.30 45.45 26.32
C ARG GE 247 -123.80 45.67 26.52
N ILE GE 248 -124.25 46.82 26.07
CA ILE GE 248 -125.67 47.14 26.00
C ILE GE 248 -126.16 47.14 24.56
N HIS GE 249 -127.16 46.30 24.30
CA HIS GE 249 -127.78 46.12 22.98
C HIS GE 249 -129.03 46.97 22.87
N PHE GE 250 -129.19 47.65 21.75
CA PHE GE 250 -130.32 48.54 21.47
C PHE GE 250 -131.07 48.11 20.23
N ASP GE 251 -131.27 46.81 20.07
CA ASP GE 251 -132.04 46.32 18.93
C ASP GE 251 -133.45 46.88 18.98
N GLU GE 252 -134.06 46.89 20.15
CA GLU GE 252 -135.35 47.53 20.40
C GLU GE 252 -135.04 48.72 21.28
N PRO GE 253 -134.98 49.93 20.74
CA PRO GE 253 -134.50 51.07 21.53
C PRO GE 253 -135.37 51.41 22.73
N ARG GE 254 -136.60 50.95 22.78
CA ARG GE 254 -137.43 51.19 23.95
C ARG GE 254 -137.16 50.22 25.10
N LYS GE 255 -136.42 49.14 24.89
CA LYS GE 255 -136.17 48.16 25.96
C LYS GE 255 -134.77 47.57 25.81
N PRO GE 256 -133.75 48.32 26.21
CA PRO GE 256 -132.39 47.83 26.07
C PRO GE 256 -132.11 46.61 26.92
N VAL GE 257 -131.05 45.91 26.53
CA VAL GE 257 -130.58 44.69 27.18
C VAL GE 257 -129.14 44.92 27.64
N PHE GE 258 -128.90 44.70 28.93
CA PHE GE 258 -127.59 44.92 29.53
C PHE GE 258 -127.03 43.57 30.00
N TRP GE 259 -125.91 43.14 29.42
CA TRP GE 259 -125.28 41.87 29.73
C TRP GE 259 -124.23 41.99 30.83
N LEU GE 260 -124.47 41.34 31.96
CA LEU GE 260 -123.58 41.34 33.11
C LEU GE 260 -122.96 39.96 33.24
N SER GE 261 -121.74 39.89 33.77
CA SER GE 261 -121.14 38.60 34.07
C SER GE 261 -121.78 37.97 35.29
N ARG GE 262 -122.06 36.67 35.17
CA ARG GE 262 -122.55 35.92 36.32
C ARG GE 262 -121.47 35.68 37.37
N GLN GE 263 -120.30 35.20 36.96
CA GLN GE 263 -119.29 34.87 37.97
C GLN GE 263 -118.65 36.11 38.59
N ARG GE 264 -118.33 37.12 37.81
CA ARG GE 264 -117.46 38.16 38.34
C ARG GE 264 -118.18 39.16 39.21
N ASN GE 265 -119.51 39.25 39.14
CA ASN GE 265 -120.28 40.18 39.95
C ASN GE 265 -120.95 39.42 41.08
N THR GE 266 -120.87 39.96 42.29
CA THR GE 266 -121.81 39.67 43.36
C THR GE 266 -122.73 40.86 43.63
N MET GE 267 -124.02 40.66 43.41
CA MET GE 267 -125.03 41.68 43.69
C MET GE 267 -126.28 40.98 44.21
N SER GE 268 -127.04 41.68 45.05
CA SER GE 268 -128.37 41.20 45.35
C SER GE 268 -129.36 41.61 44.26
N LYS GE 269 -130.51 40.95 44.29
CA LYS GE 269 -131.64 41.32 43.45
C LYS GE 269 -132.03 42.78 43.61
N LYS GE 270 -132.10 43.25 44.85
CA LYS GE 270 -132.42 44.65 45.12
C LYS GE 270 -131.42 45.59 44.46
N GLU GE 271 -130.13 45.30 44.64
CA GLU GE 271 -129.10 46.11 44.01
C GLU GE 271 -129.25 46.14 42.50
N LEU GE 272 -129.51 44.99 41.91
CA LEU GE 272 -129.75 44.94 40.47
C LEU GE 272 -130.92 45.82 40.06
N GLU GE 273 -132.01 45.78 40.83
CA GLU GE 273 -133.15 46.64 40.55
C GLU GE 273 -132.80 48.12 40.62
N VAL GE 274 -132.09 48.53 41.67
CA VAL GE 274 -131.67 49.92 41.77
C VAL GE 274 -130.83 50.32 40.58
N LEU GE 275 -129.85 49.50 40.22
CA LEU GE 275 -129.04 49.76 39.04
C LEU GE 275 -129.92 49.98 37.82
N SER GE 276 -130.91 49.11 37.63
CA SER GE 276 -131.86 49.25 36.54
C SER GE 276 -132.51 50.62 36.54
N GLN GE 277 -133.01 51.05 37.70
CA GLN GE 277 -133.69 52.34 37.76
C GLN GE 277 -132.75 53.49 37.44
N LYS GE 278 -131.51 53.44 37.89
CA LYS GE 278 -130.59 54.52 37.57
C LYS GE 278 -130.26 54.56 36.08
N LEU GE 279 -130.10 53.40 35.45
CA LEU GE 279 -129.95 53.39 34.01
C LEU GE 279 -131.15 54.03 33.33
N ARG GE 280 -132.35 53.67 33.79
CA ARG GE 280 -133.53 54.25 33.20
C ARG GE 280 -133.52 55.76 33.35
N ALA GE 281 -132.89 56.26 34.41
CA ALA GE 281 -132.80 57.71 34.55
C ALA GE 281 -131.80 58.30 33.58
N LEU GE 282 -130.76 57.55 33.22
CA LEU GE 282 -129.83 58.07 32.21
C LEU GE 282 -130.39 58.06 30.79
N MET GE 283 -131.35 57.18 30.51
CA MET GE 283 -131.90 57.03 29.16
C MET GE 283 -133.36 57.46 29.15
N PRO GE 284 -133.62 58.76 29.00
CA PRO GE 284 -135.01 59.24 29.03
C PRO GE 284 -135.87 58.78 27.87
N TYR GE 285 -135.30 58.09 26.89
CA TYR GE 285 -136.09 57.58 25.77
C TYR GE 285 -136.47 56.12 25.96
N ALA GE 286 -135.95 55.45 26.98
CA ALA GE 286 -136.23 54.05 27.21
C ALA GE 286 -137.29 53.87 28.29
N ASP GE 287 -138.15 52.88 28.11
CA ASP GE 287 -139.20 52.59 29.07
C ASP GE 287 -138.73 51.67 30.19
N SER GE 288 -137.77 50.79 29.93
CA SER GE 288 -137.24 49.91 30.96
C SER GE 288 -135.95 49.31 30.45
N VAL GE 289 -135.13 48.81 31.37
CA VAL GE 289 -133.88 48.15 31.02
C VAL GE 289 -133.87 46.74 31.57
N ASN GE 290 -133.61 45.76 30.70
CA ASN GE 290 -133.56 44.36 31.09
C ASN GE 290 -132.10 43.96 31.35
N ILE GE 291 -131.83 43.46 32.54
CA ILE GE 291 -130.49 42.99 32.91
C ILE GE 291 -130.44 41.47 32.80
N THR GE 292 -129.49 40.97 32.01
CA THR GE 292 -129.29 39.56 31.74
C THR GE 292 -127.89 39.13 32.13
N LEU GE 293 -127.78 37.97 32.76
CA LEU GE 293 -126.50 37.40 33.16
C LEU GE 293 -125.98 36.40 32.12
N MET GE 294 -124.73 36.57 31.69
CA MET GE 294 -124.08 35.75 30.67
C MET GE 294 -122.88 35.01 31.27
N ASP GE 295 -122.51 33.91 30.64
CA ASP GE 295 -121.39 33.07 31.08
C ASP GE 295 -120.07 33.35 30.36
N ASP GE 296 -119.04 33.61 31.15
CA ASP GE 296 -117.70 33.88 30.63
C ASP GE 296 -117.14 32.70 29.85
N VAL GE 297 -117.31 31.49 30.37
CA VAL GE 297 -116.82 30.32 29.64
C VAL GE 297 -117.46 30.27 28.26
N THR GE 298 -118.74 30.60 28.16
CA THR GE 298 -119.39 30.67 26.86
C THR GE 298 -118.69 31.66 25.95
N ALA GE 299 -118.50 32.88 26.41
CA ALA GE 299 -117.78 33.87 25.61
C ALA GE 299 -116.42 33.36 25.11
N ALA GE 300 -115.56 32.95 26.03
CA ALA GE 300 -114.24 32.42 25.67
C ALA GE 300 -114.32 31.26 24.69
N GLY GE 301 -115.27 30.36 24.89
CA GLY GE 301 -115.42 29.23 24.00
C GLY GE 301 -115.78 29.64 22.59
N GLN GE 302 -116.77 30.50 22.46
CA GLN GE 302 -117.13 30.97 21.12
C GLN GE 302 -115.99 31.67 20.42
N ALA GE 303 -115.17 32.43 21.16
CA ALA GE 303 -113.94 32.97 20.56
C ALA GE 303 -113.00 31.90 20.03
N GLU GE 304 -112.68 30.91 20.86
CA GLU GE 304 -111.73 29.91 20.41
C GLU GE 304 -112.26 29.10 19.26
N ALA GE 305 -113.52 28.70 19.31
CA ALA GE 305 -114.11 27.99 18.20
C ALA GE 305 -114.08 28.79 16.91
N GLY GE 306 -114.37 30.09 16.97
CA GLY GE 306 -114.25 30.89 15.76
C GLY GE 306 -112.85 30.94 15.17
N LEU GE 307 -111.82 30.95 16.02
CA LEU GE 307 -110.47 30.88 15.46
C LEU GE 307 -110.13 29.52 14.86
N LYS GE 308 -110.50 28.45 15.54
CA LYS GE 308 -110.23 27.13 14.97
C LYS GE 308 -111.00 26.93 13.68
N GLN GE 309 -112.23 27.41 13.65
CA GLN GE 309 -113.06 27.29 12.46
C GLN GE 309 -112.44 28.01 11.29
N GLN GE 310 -111.79 29.15 11.53
CA GLN GE 310 -111.11 29.80 10.44
C GLN GE 310 -109.73 29.20 10.15
N ALA GE 311 -109.24 28.34 11.02
CA ALA GE 311 -107.88 27.78 10.92
C ALA GE 311 -106.80 28.85 10.85
N LEU GE 312 -106.89 29.82 11.74
CA LEU GE 312 -105.80 30.76 11.97
C LEU GE 312 -104.85 30.20 13.02
N PRO GE 313 -103.53 30.39 12.90
CA PRO GE 313 -102.63 30.08 14.01
C PRO GE 313 -102.73 31.14 15.09
N TYR GE 314 -102.71 30.70 16.35
CA TYR GE 314 -102.86 31.62 17.47
C TYR GE 314 -102.24 31.04 18.73
N SER GE 315 -102.11 31.90 19.74
CA SER GE 315 -101.80 31.48 21.10
C SER GE 315 -102.73 32.14 22.10
N ARG GE 316 -103.14 31.39 23.12
CA ARG GE 316 -104.07 31.85 24.13
C ARG GE 316 -103.34 32.10 25.44
N ARG GE 317 -103.71 33.19 26.12
CA ARG GE 317 -103.18 33.50 27.44
C ARG GE 317 -104.32 33.92 28.35
N ASN GE 318 -104.31 33.42 29.58
CA ASN GE 318 -105.41 33.64 30.52
C ASN GE 318 -104.99 34.50 31.68
N HIS GE 319 -105.90 35.36 32.13
CA HIS GE 319 -105.69 36.20 33.29
C HIS GE 319 -106.95 36.15 34.12
N LYS GE 320 -106.81 36.54 35.38
CA LYS GE 320 -107.94 36.51 36.30
C LYS GE 320 -109.10 37.34 35.79
N GLY GE 321 -108.84 38.32 34.95
CA GLY GE 321 -109.90 39.18 34.48
C GLY GE 321 -110.06 39.20 32.98
N GLY GE 322 -109.47 38.26 32.24
CA GLY GE 322 -109.59 38.36 30.80
C GLY GE 322 -108.83 37.26 30.09
N VAL GE 323 -108.99 37.24 28.78
CA VAL GE 323 -108.31 36.29 27.94
C VAL GE 323 -107.78 37.02 26.73
N THR GE 324 -106.55 36.69 26.32
CA THR GE 324 -105.92 37.26 25.14
C THR GE 324 -105.67 36.15 24.12
N PHE GE 325 -105.96 36.44 22.86
CA PHE GE 325 -105.48 35.63 21.75
C PHE GE 325 -104.51 36.45 20.92
N VAL GE 326 -103.30 35.94 20.73
CA VAL GE 326 -102.26 36.60 19.95
C VAL GE 326 -102.07 35.85 18.65
N ILE GE 327 -102.17 36.58 17.54
CA ILE GE 327 -102.02 36.04 16.19
C ILE GE 327 -100.89 36.82 15.54
N GLN GE 328 -99.77 36.15 15.24
CA GLN GE 328 -98.60 36.90 14.79
C GLN GE 328 -97.74 36.04 13.88
N GLY GE 329 -96.97 36.72 13.03
CA GLY GE 329 -96.01 36.11 12.14
C GLY GE 329 -96.13 36.66 10.74
N ALA GE 330 -95.52 35.96 9.81
CA ALA GE 330 -95.63 36.24 8.37
C ALA GE 330 -96.92 35.64 7.84
N LEU GE 331 -98.03 36.32 8.09
CA LEU GE 331 -99.32 35.83 7.64
C LEU GE 331 -99.56 36.14 6.18
N ASP GE 332 -100.34 35.27 5.54
CA ASP GE 332 -100.79 35.44 4.17
C ASP GE 332 -101.99 36.38 4.06
N ASP GE 333 -102.14 36.97 2.87
CA ASP GE 333 -103.27 37.85 2.56
C ASP GE 333 -104.62 37.23 2.90
N VAL GE 334 -104.82 35.96 2.57
CA VAL GE 334 -106.10 35.32 2.86
C VAL GE 334 -106.33 35.23 4.37
N GLU GE 335 -105.30 34.82 5.11
CA GLU GE 335 -105.42 34.78 6.56
C GLU GE 335 -105.77 36.14 7.13
N ILE GE 336 -105.03 37.17 6.73
CA ILE GE 336 -105.35 38.53 7.19
C ILE GE 336 -106.82 38.88 6.96
N LEU GE 337 -107.29 38.71 5.72
CA LEU GE 337 -108.68 39.01 5.42
C LEU GE 337 -109.66 38.26 6.31
N ARG GE 338 -109.54 36.94 6.39
CA ARG GE 338 -110.46 36.17 7.21
C ARG GE 338 -110.40 36.55 8.68
N ALA GE 339 -109.19 36.72 9.23
CA ALA GE 339 -109.03 37.19 10.59
C ALA GE 339 -109.75 38.49 10.88
N ARG GE 340 -109.45 39.52 10.10
CA ARG GE 340 -110.08 40.82 10.33
C ARG GE 340 -111.59 40.75 10.21
N GLN GE 341 -112.13 39.95 9.29
CA GLN GE 341 -113.58 39.80 9.23
C GLN GE 341 -114.15 39.21 10.51
N PHE GE 342 -113.56 38.11 10.96
CA PHE GE 342 -114.04 37.46 12.18
C PHE GE 342 -114.00 38.37 13.39
N VAL GE 343 -112.84 38.96 13.67
CA VAL GE 343 -112.74 39.88 14.82
C VAL GE 343 -113.79 40.97 14.74
N ASP GE 344 -113.92 41.62 13.58
CA ASP GE 344 -114.96 42.64 13.45
C ASP GE 344 -116.35 42.10 13.78
N SER GE 345 -116.63 40.85 13.44
CA SER GE 345 -117.94 40.30 13.73
C SER GE 345 -118.14 40.06 15.22
N TYR GE 346 -117.21 39.36 15.83
CA TYR GE 346 -117.30 39.05 17.27
C TYR GE 346 -117.42 40.29 18.14
N TYR GE 347 -116.54 41.27 17.92
CA TYR GE 347 -116.58 42.49 18.73
C TYR GE 347 -117.97 43.12 18.75
N ARG GE 348 -118.66 43.17 17.62
CA ARG GE 348 -120.02 43.71 17.61
C ARG GE 348 -120.94 43.00 18.57
N THR GE 349 -120.71 41.72 18.82
CA THR GE 349 -121.59 40.98 19.71
C THR GE 349 -121.19 41.10 21.17
N TRP GE 350 -119.91 40.87 21.48
CA TRP GE 350 -119.50 40.84 22.88
C TRP GE 350 -118.79 42.08 23.37
N GLY GE 351 -118.41 43.01 22.51
CA GLY GE 351 -117.59 44.12 22.95
C GLY GE 351 -116.20 43.76 23.41
N GLY GE 352 -115.35 44.78 23.52
CA GLY GE 352 -113.93 44.64 23.81
C GLY GE 352 -113.52 44.38 25.24
N ARG GE 353 -114.43 44.27 26.19
CA ARG GE 353 -114.05 44.41 27.59
C ARG GE 353 -113.43 43.15 28.18
N TYR GE 354 -113.56 42.01 27.54
CA TYR GE 354 -113.09 40.76 28.15
C TYR GE 354 -112.07 40.01 27.30
N VAL GE 355 -112.29 39.88 25.99
CA VAL GE 355 -111.34 39.23 25.10
C VAL GE 355 -110.65 40.24 24.19
N GLN GE 356 -109.32 40.18 24.12
CA GLN GE 356 -108.53 40.97 23.18
C GLN GE 356 -107.88 40.11 22.11
N PHE GE 357 -107.97 40.56 20.86
CA PHE GE 357 -107.28 39.96 19.72
C PHE GE 357 -106.17 40.88 19.24
N ALA GE 358 -104.94 40.38 19.18
CA ALA GE 358 -103.81 41.16 18.69
C ALA GE 358 -103.25 40.57 17.40
N ILE GE 359 -103.16 41.37 16.35
CA ILE GE 359 -102.62 40.96 15.05
C ILE GE 359 -101.34 41.74 14.78
N GLU GE 360 -100.22 41.03 14.64
CA GLU GE 360 -98.93 41.68 14.44
C GLU GE 360 -98.08 40.90 13.45
N LEU GE 361 -97.73 41.55 12.34
CA LEU GE 361 -96.82 40.98 11.34
C LEU GE 361 -95.37 41.00 11.78
N LYS GE 362 -94.66 39.91 11.49
CA LYS GE 362 -93.27 39.70 11.85
C LYS GE 362 -92.57 38.97 10.72
N ASP GE 363 -91.25 39.15 10.65
CA ASP GE 363 -90.39 38.38 9.75
C ASP GE 363 -90.12 36.98 10.32
N ASP GE 364 -91.19 36.22 10.50
CA ASP GE 364 -91.11 34.94 11.19
C ASP GE 364 -92.05 33.94 10.49
N TRP GE 365 -91.46 32.97 9.80
CA TRP GE 365 -92.21 31.96 9.07
C TRP GE 365 -92.83 30.89 9.96
N LEU GE 366 -92.38 30.73 11.20
CA LEU GE 366 -93.01 29.75 12.08
C LEU GE 366 -94.36 30.21 12.62
N LYS GE 367 -94.66 31.50 12.47
CA LYS GE 367 -95.91 32.07 12.94
C LYS GE 367 -96.13 31.94 14.44
N GLY GE 368 -95.12 32.32 15.20
CA GLY GE 368 -95.08 32.29 16.66
C GLY GE 368 -94.70 30.99 17.33
N ARG GE 369 -94.54 29.90 16.61
CA ARG GE 369 -94.07 28.68 17.26
C ARG GE 369 -92.56 28.80 17.53
N SER GE 370 -92.08 28.09 18.53
CA SER GE 370 -90.65 28.13 18.81
C SER GE 370 -90.21 26.84 19.51
N PHE GE 371 -88.99 26.42 19.23
CA PHE GE 371 -88.45 25.18 19.78
C PHE GE 371 -86.96 25.30 20.06
N GLN GE 372 -86.49 24.44 20.95
CA GLN GE 372 -85.08 24.27 21.26
C GLN GE 372 -84.66 22.85 20.92
N TYR GE 373 -83.48 22.71 20.35
CA TYR GE 373 -82.91 21.43 20.00
C TYR GE 373 -81.95 20.99 21.10
N GLY GE 374 -82.30 19.89 21.77
CA GLY GE 374 -81.46 19.26 22.76
C GLY GE 374 -81.12 17.84 22.35
N ALA GE 375 -80.41 17.15 23.23
CA ALA GE 375 -80.08 15.75 22.95
C ALA GE 375 -81.34 14.91 22.77
N GLU GE 376 -82.44 15.29 23.39
CA GLU GE 376 -83.71 14.61 23.25
C GLU GE 376 -84.51 15.09 22.04
N GLY GE 377 -83.90 15.86 21.16
CA GLY GE 377 -84.57 16.46 20.04
C GLY GE 377 -85.24 17.77 20.41
N TYR GE 378 -86.26 18.10 19.63
CA TYR GE 378 -87.03 19.32 19.83
C TYR GE 378 -87.87 19.35 21.09
N ILE GE 379 -87.92 20.53 21.71
CA ILE GE 379 -88.76 20.81 22.87
C ILE GE 379 -89.42 22.15 22.58
N LYS GE 380 -90.73 22.23 22.83
CA LYS GE 380 -91.45 23.48 22.60
C LYS GE 380 -91.15 24.56 23.62
N MET GE 381 -90.73 25.73 23.13
CA MET GE 381 -90.47 26.90 23.95
C MET GE 381 -91.77 27.54 24.45
N SER GE 382 -91.72 28.06 25.67
CA SER GE 382 -92.78 28.92 26.14
C SER GE 382 -92.86 30.18 25.27
N PRO GE 383 -94.01 30.83 25.23
CA PRO GE 383 -94.13 32.10 24.49
C PRO GE 383 -93.30 33.21 25.14
N GLY GE 384 -93.22 34.32 24.44
CA GLY GE 384 -92.48 35.47 24.94
C GLY GE 384 -92.45 36.59 23.93
N HIS GE 385 -91.77 37.67 24.31
CA HIS GE 385 -91.61 38.83 23.43
C HIS GE 385 -90.62 38.57 22.29
N TRP GE 386 -89.38 38.25 22.64
CA TRP GE 386 -88.35 38.05 21.62
C TRP GE 386 -88.66 36.88 20.71
N TYR GE 387 -88.23 37.01 19.46
CA TYR GE 387 -88.39 36.01 18.43
C TYR GE 387 -87.17 35.98 17.52
N PHE GE 388 -86.93 34.83 16.91
CA PHE GE 388 -85.88 34.55 15.96
C PHE GE 388 -86.31 34.89 14.53
N PRO GE 389 -85.83 36.01 13.97
CA PRO GE 389 -86.16 36.32 12.58
C PRO GE 389 -85.58 35.25 11.65
N SER GE 390 -86.44 34.74 10.78
CA SER GE 390 -86.07 33.65 9.91
C SER GE 390 -85.00 34.03 8.90
N PRO GE 391 -83.97 33.21 8.73
CA PRO GE 391 -83.07 33.39 7.60
C PRO GE 391 -83.70 32.89 6.32
N LEU GE 392 -84.43 31.79 6.44
CA LEU GE 392 -85.16 31.21 5.32
C LEU GE 392 -86.29 32.11 4.87
N ALA HE 171 -152.17 54.50 -10.48
CA ALA HE 171 -150.87 54.05 -10.92
C ALA HE 171 -150.29 53.03 -9.95
N GLU HE 172 -150.50 51.74 -10.22
CA GLU HE 172 -150.00 50.74 -9.31
C GLU HE 172 -148.48 50.63 -9.44
N LEU HE 173 -147.87 50.01 -8.42
CA LEU HE 173 -146.42 49.88 -8.41
C LEU HE 173 -145.91 48.97 -9.53
N ASP HE 174 -146.62 47.89 -9.81
CA ASP HE 174 -146.20 46.98 -10.88
C ASP HE 174 -146.09 47.68 -12.22
N SER HE 175 -146.94 48.67 -12.47
CA SER HE 175 -146.89 49.38 -13.74
C SER HE 175 -145.62 50.22 -13.89
N LEU HE 176 -144.95 50.52 -12.79
CA LEU HE 176 -143.75 51.34 -12.79
C LEU HE 176 -142.46 50.55 -12.88
N LEU HE 177 -142.47 49.25 -12.59
CA LEU HE 177 -141.22 48.51 -12.57
C LEU HE 177 -140.70 48.12 -13.93
N GLY HE 178 -141.50 48.16 -14.99
CA GLY HE 178 -140.98 47.75 -16.28
C GLY HE 178 -141.88 46.98 -17.20
N GLN HE 179 -141.32 46.54 -18.34
CA GLN HE 179 -142.02 45.64 -19.24
C GLN HE 179 -141.95 44.17 -18.83
N GLU HE 180 -140.79 43.69 -18.36
CA GLU HE 180 -140.66 42.28 -17.99
C GLU HE 180 -141.39 42.02 -16.68
N LYS HE 181 -142.69 41.80 -16.80
CA LYS HE 181 -143.59 41.78 -15.65
C LYS HE 181 -143.14 40.81 -14.55
N GLU HE 182 -142.78 39.60 -14.93
CA GLU HE 182 -142.42 38.57 -13.96
C GLU HE 182 -141.07 38.76 -13.30
N ARG HE 183 -140.29 39.76 -13.69
CA ARG HE 183 -138.98 39.91 -13.06
C ARG HE 183 -139.07 40.18 -11.56
N PHE HE 184 -140.13 40.83 -11.10
CA PHE HE 184 -140.27 41.28 -9.72
C PHE HE 184 -141.56 40.73 -9.12
N GLN HE 185 -141.63 40.69 -7.80
CA GLN HE 185 -142.85 40.18 -7.16
C GLN HE 185 -143.28 41.10 -6.03
N VAL HE 186 -144.54 41.54 -6.08
CA VAL HE 186 -145.11 42.50 -5.14
C VAL HE 186 -146.03 41.80 -4.17
N LEU HE 187 -145.78 41.97 -2.87
CA LEU HE 187 -146.55 41.37 -1.79
C LEU HE 187 -147.03 42.43 -0.80
N PRO HE 188 -148.22 42.27 -0.24
CA PRO HE 188 -148.66 43.18 0.82
C PRO HE 188 -148.08 42.80 2.17
N GLY HE 189 -148.11 43.75 3.09
CA GLY HE 189 -147.57 43.55 4.42
C GLY HE 189 -148.50 44.04 5.50
N ARG HE 190 -148.54 43.29 6.61
CA ARG HE 190 -149.37 43.65 7.75
C ARG HE 190 -149.02 45.02 8.32
N ASP HE 191 -147.85 45.54 8.00
CA ASP HE 191 -147.44 46.88 8.35
C ASP HE 191 -148.02 47.94 7.43
N LYS HE 192 -148.97 47.56 6.58
CA LYS HE 192 -149.57 48.48 5.62
C LYS HE 192 -148.56 49.00 4.60
N MET HE 193 -147.71 48.12 4.10
CA MET HE 193 -146.63 48.51 3.20
C MET HE 193 -146.45 47.42 2.16
N LEU HE 194 -146.09 47.84 0.95
CA LEU HE 194 -145.74 46.92 -0.12
C LEU HE 194 -144.28 46.46 -0.05
N TYR HE 195 -144.09 45.15 -0.09
CA TYR HE 195 -142.78 44.53 -0.14
C TYR HE 195 -142.53 44.02 -1.56
N VAL HE 196 -141.43 44.45 -2.15
CA VAL HE 196 -141.02 44.04 -3.50
C VAL HE 196 -139.86 43.09 -3.36
N ALA HE 197 -140.06 41.86 -3.82
CA ALA HE 197 -139.04 40.83 -3.78
C ALA HE 197 -138.30 40.80 -5.10
N ALA HE 198 -136.98 40.90 -4.99
CA ALA HE 198 -136.00 40.86 -6.08
C ALA HE 198 -135.15 39.60 -5.97
N GLN HE 199 -134.47 39.27 -7.07
CA GLN HE 199 -133.63 38.08 -7.13
C GLN HE 199 -132.14 38.35 -6.98
N ASN HE 200 -131.64 39.56 -7.22
CA ASN HE 200 -130.21 39.78 -7.21
C ASN HE 200 -129.95 41.27 -6.98
N GLU HE 201 -128.67 41.60 -6.84
CA GLU HE 201 -128.26 42.99 -6.63
C GLU HE 201 -128.65 43.91 -7.78
N ARG HE 202 -128.32 43.54 -9.01
CA ARG HE 202 -128.67 44.40 -10.14
C ARG HE 202 -130.15 44.75 -10.15
N ASP HE 203 -131.01 43.74 -10.01
CA ASP HE 203 -132.44 43.99 -9.93
C ASP HE 203 -132.81 44.82 -8.72
N THR HE 204 -132.16 44.56 -7.59
CA THR HE 204 -132.41 45.36 -6.39
C THR HE 204 -132.21 46.84 -6.65
N LEU HE 205 -131.10 47.20 -7.27
CA LEU HE 205 -130.86 48.60 -7.59
C LEU HE 205 -131.83 49.13 -8.65
N TRP HE 206 -132.17 48.30 -9.63
CA TRP HE 206 -133.19 48.69 -10.60
C TRP HE 206 -134.52 49.03 -9.94
N ALA HE 207 -134.86 48.33 -8.87
CA ALA HE 207 -136.08 48.64 -8.13
C ALA HE 207 -135.92 49.84 -7.22
N ARG HE 208 -134.88 49.85 -6.39
CA ARG HE 208 -134.67 50.95 -5.46
C ARG HE 208 -134.65 52.30 -6.14
N GLN HE 209 -134.11 52.38 -7.36
CA GLN HE 209 -134.12 53.67 -8.04
C GLN HE 209 -135.52 54.22 -8.19
N VAL HE 210 -136.50 53.35 -8.47
CA VAL HE 210 -137.87 53.81 -8.65
C VAL HE 210 -138.40 54.48 -7.39
N LEU HE 211 -138.14 53.87 -6.24
CA LEU HE 211 -138.64 54.43 -4.99
C LEU HE 211 -137.89 55.70 -4.61
N ALA HE 212 -136.56 55.66 -4.69
CA ALA HE 212 -135.76 56.81 -4.30
C ALA HE 212 -136.01 58.01 -5.20
N ARG HE 213 -136.33 57.77 -6.47
CA ARG HE 213 -136.75 58.87 -7.33
C ARG HE 213 -138.06 59.48 -6.84
N GLY HE 214 -138.88 58.69 -6.15
CA GLY HE 214 -140.19 59.15 -5.73
C GLY HE 214 -141.27 59.04 -6.78
N ASP HE 215 -141.24 58.00 -7.60
CA ASP HE 215 -142.33 57.78 -8.55
C ASP HE 215 -143.59 57.22 -7.92
N TYR HE 216 -143.52 56.71 -6.70
CA TYR HE 216 -144.68 56.17 -6.01
C TYR HE 216 -144.87 56.93 -4.71
N ASP HE 217 -146.13 57.16 -4.34
CA ASP HE 217 -146.42 58.05 -3.22
C ASP HE 217 -146.58 57.34 -1.87
N LYS HE 218 -147.08 56.12 -1.84
CA LYS HE 218 -147.15 55.39 -0.59
C LYS HE 218 -145.81 54.78 -0.21
N ASN HE 219 -145.79 54.11 0.94
CA ASN HE 219 -144.60 53.41 1.41
C ASN HE 219 -144.40 52.09 0.69
N ALA HE 220 -143.13 51.77 0.43
CA ALA HE 220 -142.74 50.52 -0.21
C ALA HE 220 -141.32 50.19 0.21
N ARG HE 221 -140.95 48.92 0.07
CA ARG HE 221 -139.62 48.50 0.47
C ARG HE 221 -139.19 47.35 -0.43
N VAL HE 222 -137.88 47.24 -0.68
CA VAL HE 222 -137.31 46.19 -1.53
C VAL HE 222 -136.49 45.22 -0.68
N ILE HE 223 -136.62 43.92 -0.98
CA ILE HE 223 -135.96 42.87 -0.21
C ILE HE 223 -135.41 41.75 -1.08
N ASN HE 224 -134.43 41.04 -0.52
CA ASN HE 224 -133.82 39.87 -1.13
C ASN HE 224 -133.36 38.90 -0.06
N GLU HE 225 -133.11 37.67 -0.49
CA GLU HE 225 -132.73 36.57 0.40
C GLU HE 225 -131.48 36.85 1.24
N ASN HE 226 -130.39 37.28 0.62
CA ASN HE 226 -129.17 37.49 1.39
C ASN HE 226 -129.35 38.54 2.47
N GLU HE 227 -129.90 39.69 2.10
CA GLU HE 227 -130.14 40.74 3.08
C GLU HE 227 -131.00 40.25 4.23
N GLU HE 228 -132.07 39.52 3.94
CA GLU HE 228 -132.92 39.08 5.04
C GLU HE 228 -132.24 38.03 5.90
N ASN HE 229 -131.48 37.13 5.30
CA ASN HE 229 -130.68 36.20 6.10
C ASN HE 229 -129.80 36.95 7.09
N LYS HE 230 -129.08 37.97 6.61
CA LYS HE 230 -128.25 38.76 7.51
C LYS HE 230 -129.03 39.40 8.65
N ARG HE 231 -130.11 40.10 8.33
CA ARG HE 231 -130.90 40.76 9.36
C ARG HE 231 -131.40 39.77 10.41
N ILE HE 232 -131.93 38.63 9.98
CA ILE HE 232 -132.43 37.67 10.96
C ILE HE 232 -131.29 37.14 11.82
N SER HE 233 -130.13 36.85 11.22
CA SER HE 233 -129.01 36.40 12.02
C SER HE 233 -128.61 37.44 13.07
N ILE HE 234 -128.60 38.71 12.70
CA ILE HE 234 -128.32 39.78 13.66
C ILE HE 234 -129.29 39.77 14.83
N TRP HE 235 -130.57 39.52 14.58
CA TRP HE 235 -131.53 39.50 15.70
C TRP HE 235 -131.34 38.25 16.57
N LEU HE 236 -131.14 37.10 15.94
CA LEU HE 236 -130.86 35.87 16.66
C LEU HE 236 -129.64 36.01 17.57
N ASP HE 237 -128.61 36.70 17.08
CA ASP HE 237 -127.43 36.95 17.92
C ASP HE 237 -127.78 37.55 19.26
N THR HE 238 -128.84 38.35 19.33
CA THR HE 238 -129.20 38.99 20.59
C THR HE 238 -130.12 38.13 21.43
N TYR HE 239 -131.19 37.57 20.87
CA TYR HE 239 -132.13 36.88 21.74
C TYR HE 239 -131.93 35.36 21.86
N TYR HE 240 -131.18 34.75 20.96
CA TYR HE 240 -130.89 33.31 21.00
C TYR HE 240 -129.41 33.12 20.68
N PRO HE 241 -128.53 33.59 21.57
CA PRO HE 241 -127.10 33.60 21.27
C PRO HE 241 -126.45 32.23 21.23
N GLN HE 242 -127.19 31.15 21.44
CA GLN HE 242 -126.60 29.81 21.45
C GLN HE 242 -127.32 28.85 20.52
N LEU HE 243 -128.23 29.36 19.69
CA LEU HE 243 -128.95 28.53 18.73
C LEU HE 243 -128.08 28.17 17.54
N ALA HE 244 -128.03 26.87 17.24
CA ALA HE 244 -127.31 26.32 16.10
C ALA HE 244 -128.29 26.09 14.95
N TYR HE 245 -128.01 26.70 13.81
CA TYR HE 245 -128.94 26.65 12.68
C TYR HE 245 -128.15 26.82 11.39
N TYR HE 246 -128.81 26.51 10.27
CA TYR HE 246 -128.20 26.61 8.95
C TYR HE 246 -128.63 27.81 8.13
N ARG HE 247 -129.82 27.78 7.55
CA ARG HE 247 -130.21 28.84 6.62
C ARG HE 247 -131.72 28.89 6.52
N ILE HE 248 -132.20 30.06 6.12
CA ILE HE 248 -133.61 30.27 5.81
C ILE HE 248 -133.79 30.45 4.30
N HIS HE 249 -134.62 29.59 3.71
CA HIS HE 249 -134.90 29.55 2.28
C HIS HE 249 -136.17 30.34 1.99
N PHE HE 250 -136.15 31.14 0.94
CA PHE HE 250 -137.27 31.97 0.52
C PHE HE 250 -137.70 31.63 -0.89
N ASP HE 251 -137.74 30.34 -1.20
CA ASP HE 251 -138.22 29.94 -2.51
C ASP HE 251 -139.66 30.38 -2.69
N GLU HE 252 -140.48 30.20 -1.64
CA GLU HE 252 -141.84 30.69 -1.57
C GLU HE 252 -141.87 31.78 -0.51
N PRO HE 253 -141.82 33.06 -0.88
CA PRO HE 253 -141.66 34.10 0.15
C PRO HE 253 -142.80 34.19 1.13
N ARG HE 254 -143.95 33.62 0.84
CA ARG HE 254 -145.04 33.60 1.81
C ARG HE 254 -144.89 32.51 2.87
N LYS HE 255 -144.00 31.55 2.68
CA LYS HE 255 -143.85 30.44 3.63
C LYS HE 255 -142.40 30.04 3.72
N PRO HE 256 -141.59 30.82 4.42
CA PRO HE 256 -140.17 30.48 4.54
C PRO HE 256 -139.92 29.20 5.31
N VAL HE 257 -138.74 28.65 5.07
CA VAL HE 257 -138.27 27.40 5.66
C VAL HE 257 -136.99 27.69 6.44
N PHE HE 258 -136.96 27.31 7.71
CA PHE HE 258 -135.82 27.53 8.59
C PHE HE 258 -135.24 26.18 8.99
N TRP HE 259 -133.99 25.94 8.61
CA TRP HE 259 -133.27 24.69 8.88
C TRP HE 259 -132.48 24.76 10.18
N LEU HE 260 -132.88 23.98 11.17
CA LEU HE 260 -132.16 23.85 12.42
C LEU HE 260 -131.38 22.54 12.42
N SER HE 261 -130.35 22.46 13.24
CA SER HE 261 -129.65 21.21 13.47
C SER HE 261 -130.41 20.31 14.44
N ARG HE 262 -130.36 19.01 14.17
CA ARG HE 262 -130.95 18.03 15.08
C ARG HE 262 -130.10 17.76 16.32
N GLN HE 263 -128.80 17.59 16.17
CA GLN HE 263 -128.00 17.22 17.34
C GLN HE 263 -127.76 18.37 18.28
N ARG HE 264 -127.40 19.53 17.75
CA ARG HE 264 -126.86 20.60 18.57
C ARG HE 264 -127.92 21.41 19.29
N ASN HE 265 -129.19 21.25 18.95
CA ASN HE 265 -130.27 21.96 19.62
C ASN HE 265 -131.07 20.98 20.49
N THR HE 266 -131.35 21.40 21.72
CA THR HE 266 -132.19 20.67 22.66
C THR HE 266 -133.33 21.59 23.09
N MET HE 267 -134.35 21.69 22.25
CA MET HE 267 -135.48 22.57 22.49
C MET HE 267 -136.75 21.74 22.49
N SER HE 268 -137.72 22.17 23.30
CA SER HE 268 -139.03 21.53 23.31
C SER HE 268 -139.91 22.09 22.19
N LYS HE 269 -140.98 21.37 21.90
CA LYS HE 269 -141.92 21.81 20.88
C LYS HE 269 -142.48 23.19 21.18
N LYS HE 270 -142.84 23.44 22.44
CA LYS HE 270 -143.35 24.76 22.82
C LYS HE 270 -142.34 25.85 22.50
N GLU HE 271 -141.08 25.63 22.85
CA GLU HE 271 -140.03 26.59 22.52
C GLU HE 271 -139.93 26.81 21.03
N LEU HE 272 -139.97 25.72 20.24
CA LEU HE 272 -139.94 25.85 18.80
C LEU HE 272 -141.11 26.68 18.29
N GLU HE 273 -142.29 26.46 18.84
CA GLU HE 273 -143.46 27.26 18.48
C GLU HE 273 -143.26 28.74 18.78
N VAL HE 274 -142.76 29.05 19.98
CA VAL HE 274 -142.49 30.44 20.32
C VAL HE 274 -141.50 31.06 19.34
N LEU HE 275 -140.39 30.38 19.08
CA LEU HE 275 -139.43 30.86 18.09
C LEU HE 275 -140.10 31.14 16.76
N SER HE 276 -140.92 30.21 16.30
CA SER HE 276 -141.67 30.39 15.07
C SER HE 276 -142.50 31.67 15.10
N GLN HE 277 -143.23 31.89 16.19
CA GLN HE 277 -144.07 33.08 16.26
C GLN HE 277 -143.24 34.35 16.25
N LYS HE 278 -142.08 34.35 16.90
CA LYS HE 278 -141.27 35.57 16.87
C LYS HE 278 -140.70 35.83 15.48
N LEU HE 279 -140.27 34.79 14.77
CA LEU HE 279 -139.88 34.99 13.38
C LEU HE 279 -141.01 35.56 12.57
N ARG HE 280 -142.22 35.01 12.75
CA ARG HE 280 -143.36 35.53 12.03
C ARG HE 280 -143.60 36.99 12.35
N ALA HE 281 -143.27 37.42 13.55
CA ALA HE 281 -143.42 38.83 13.86
C ALA HE 281 -142.34 39.67 13.19
N LEU HE 282 -141.14 39.10 12.99
CA LEU HE 282 -140.10 39.84 12.29
C LEU HE 282 -140.36 39.97 10.79
N MET HE 283 -141.11 39.06 10.22
CA MET HE 283 -141.33 39.09 8.77
C MET HE 283 -142.80 39.37 8.47
N PRO HE 284 -143.20 40.64 8.44
CA PRO HE 284 -144.62 40.97 8.24
C PRO HE 284 -145.18 40.59 6.88
N TYR HE 285 -144.37 40.11 5.96
CA TYR HE 285 -144.87 39.68 4.67
C TYR HE 285 -145.09 38.17 4.62
N ALA HE 286 -144.67 37.44 5.64
CA ALA HE 286 -144.79 35.99 5.67
C ALA HE 286 -145.97 35.55 6.51
N ASP HE 287 -146.70 34.54 6.03
CA ASP HE 287 -147.83 34.04 6.79
C ASP HE 287 -147.42 33.03 7.86
N SER HE 288 -146.35 32.28 7.65
CA SER HE 288 -145.89 31.32 8.64
C SER HE 288 -144.48 30.89 8.32
N VAL HE 289 -143.79 30.39 9.34
CA VAL HE 289 -142.41 29.93 9.23
C VAL HE 289 -142.37 28.45 9.57
N ASN HE 290 -141.89 27.63 8.64
CA ASN HE 290 -141.79 26.19 8.86
C ASN HE 290 -140.36 25.85 9.31
N ILE HE 291 -140.24 25.22 10.46
CA ILE HE 291 -138.95 24.78 11.00
C ILE HE 291 -138.71 23.31 10.72
N THR HE 292 -137.59 23.01 10.08
CA THR HE 292 -137.20 21.67 9.69
C THR HE 292 -135.84 21.32 10.29
N LEU HE 293 -135.72 20.12 10.83
CA LEU HE 293 -134.47 19.63 11.43
C LEU HE 293 -133.65 18.82 10.43
N MET HE 294 -132.38 19.20 10.26
CA MET HE 294 -131.46 18.59 9.31
C MET HE 294 -130.31 17.92 10.07
N ASP HE 295 -129.68 16.95 9.40
CA ASP HE 295 -128.56 16.20 9.95
C ASP HE 295 -127.18 16.70 9.55
N ASP HE 296 -126.36 16.96 10.56
CA ASP HE 296 -124.99 17.41 10.36
C ASP HE 296 -124.17 16.41 9.58
N VAL HE 297 -124.29 15.12 9.89
CA VAL HE 297 -123.53 14.11 9.16
C VAL HE 297 -123.86 14.20 7.68
N THR HE 298 -125.12 14.42 7.34
CA THR HE 298 -125.49 14.60 5.95
C THR HE 298 -124.76 15.78 5.34
N ALA HE 299 -124.80 16.94 6.00
CA ALA HE 299 -124.08 18.11 5.49
C ALA HE 299 -122.60 17.81 5.21
N ALA HE 300 -121.88 17.38 6.22
CA ALA HE 300 -120.46 17.05 6.07
C ALA HE 300 -120.21 16.03 4.97
N GLY HE 301 -121.05 15.01 4.87
CA GLY HE 301 -120.86 14.01 3.83
C GLY HE 301 -121.03 14.57 2.42
N GLN HE 302 -122.07 15.33 2.19
CA GLN HE 302 -122.21 15.95 0.87
C GLN HE 302 -121.05 16.87 0.51
N ALA HE 303 -120.48 17.57 1.48
CA ALA HE 303 -119.27 18.34 1.19
C ALA HE 303 -118.11 17.45 0.74
N GLU HE 304 -117.80 16.43 1.52
CA GLU HE 304 -116.62 15.63 1.19
C GLU HE 304 -116.82 14.86 -0.11
N ALA HE 305 -118.00 14.32 -0.32
CA ALA HE 305 -118.28 13.66 -1.59
C ALA HE 305 -118.17 14.60 -2.77
N GLY HE 306 -118.54 15.87 -2.61
CA GLY HE 306 -118.33 16.80 -3.71
C GLY HE 306 -116.87 17.06 -4.03
N LEU HE 307 -116.02 17.15 -3.01
CA LEU HE 307 -114.60 17.33 -3.32
C LEU HE 307 -114.00 16.09 -3.99
N LYS HE 308 -114.35 14.91 -3.51
CA LYS HE 308 -113.87 13.72 -4.21
C LYS HE 308 -114.39 13.68 -5.64
N GLN HE 309 -115.67 13.99 -5.83
CA GLN HE 309 -116.22 14.03 -7.17
C GLN HE 309 -115.49 15.01 -8.06
N GLN HE 310 -114.82 16.00 -7.49
CA GLN HE 310 -114.05 16.93 -8.32
C GLN HE 310 -112.56 16.61 -8.34
N ALA HE 311 -112.15 15.52 -7.71
CA ALA HE 311 -110.74 15.11 -7.66
C ALA HE 311 -109.80 16.18 -7.10
N LEU HE 312 -110.28 17.04 -6.26
CA LEU HE 312 -109.41 18.07 -5.69
C LEU HE 312 -108.59 17.46 -4.54
N PRO HE 313 -107.35 17.88 -4.37
CA PRO HE 313 -106.60 17.52 -3.16
C PRO HE 313 -107.05 18.34 -1.98
N TYR HE 314 -107.23 17.68 -0.83
CA TYR HE 314 -107.73 18.37 0.36
C TYR HE 314 -107.29 17.66 1.63
N SER HE 315 -107.40 18.37 2.75
CA SER HE 315 -107.35 17.77 4.08
C SER HE 315 -108.59 18.17 4.87
N ARG HE 316 -109.05 17.27 5.74
CA ARG HE 316 -110.25 17.49 6.54
C ARG HE 316 -109.90 17.58 8.02
N ARG HE 317 -110.51 18.53 8.72
CA ARG HE 317 -110.34 18.68 10.16
C ARG HE 317 -111.68 18.83 10.85
N ASN HE 318 -111.83 18.13 11.97
CA ASN HE 318 -113.08 18.06 12.71
C ASN HE 318 -112.95 18.77 14.05
N HIS HE 319 -113.99 19.52 14.42
CA HIS HE 319 -114.06 20.21 15.69
C HIS HE 319 -115.40 19.96 16.33
N LYS HE 320 -115.49 20.33 17.60
CA LYS HE 320 -116.74 20.21 18.35
C LYS HE 320 -117.93 20.71 17.56
N GLY HE 321 -117.75 21.79 16.81
CA GLY HE 321 -118.87 22.40 16.13
C GLY HE 321 -118.63 22.85 14.70
N GLY HE 322 -117.72 22.21 13.98
CA GLY HE 322 -117.53 22.56 12.60
C GLY HE 322 -116.48 21.68 11.95
N VAL HE 323 -116.49 21.71 10.62
CA VAL HE 323 -115.59 20.92 9.81
C VAL HE 323 -114.90 21.86 8.83
N THR HE 324 -113.58 21.80 8.78
CA THR HE 324 -112.78 22.64 7.90
C THR HE 324 -112.06 21.79 6.86
N PHE HE 325 -112.29 22.08 5.58
CA PHE HE 325 -111.58 21.45 4.48
C PHE HE 325 -110.55 22.44 3.96
N VAL HE 326 -109.28 22.08 4.03
CA VAL HE 326 -108.16 22.92 3.61
C VAL HE 326 -107.63 22.40 2.29
N ILE HE 327 -107.80 23.23 1.25
CA ILE HE 327 -107.33 22.98 -0.11
C ILE HE 327 -106.18 23.93 -0.36
N GLN HE 328 -104.94 23.43 -0.41
CA GLN HE 328 -103.83 24.35 -0.59
C GLN HE 328 -102.67 23.66 -1.31
N GLY HE 329 -101.87 24.49 -1.98
CA GLY HE 329 -100.71 24.07 -2.73
C GLY HE 329 -100.67 24.72 -4.09
N ALA HE 330 -99.89 24.13 -4.98
CA ALA HE 330 -99.84 24.52 -6.39
C ALA HE 330 -100.99 23.88 -7.15
N LEU HE 331 -101.92 24.71 -7.60
CA LEU HE 331 -103.13 24.26 -8.27
C LEU HE 331 -103.14 24.74 -9.71
N ASP HE 332 -103.61 23.88 -10.61
CA ASP HE 332 -103.81 24.22 -11.99
C ASP HE 332 -105.06 25.10 -12.17
N ASP HE 333 -105.05 25.86 -13.27
CA ASP HE 333 -106.20 26.68 -13.64
C ASP HE 333 -107.50 25.90 -13.65
N VAL HE 334 -107.48 24.69 -14.18
CA VAL HE 334 -108.68 23.87 -14.20
C VAL HE 334 -109.15 23.58 -12.78
N GLU HE 335 -108.24 23.19 -11.91
CA GLU HE 335 -108.59 22.94 -10.52
C GLU HE 335 -109.19 24.18 -9.86
N ILE HE 336 -108.58 25.34 -10.05
CA ILE HE 336 -109.12 26.56 -9.46
C ILE HE 336 -110.54 26.83 -9.94
N LEU HE 337 -110.78 26.70 -11.24
CA LEU HE 337 -112.12 26.91 -11.77
C LEU HE 337 -113.14 25.93 -11.19
N ARG HE 338 -112.88 24.63 -11.29
CA ARG HE 338 -113.79 23.65 -10.72
C ARG HE 338 -114.07 23.92 -9.25
N ALA HE 339 -113.02 24.14 -8.47
CA ALA HE 339 -113.17 24.45 -7.06
C ALA HE 339 -114.11 25.62 -6.81
N ARG HE 340 -113.84 26.77 -7.39
CA ARG HE 340 -114.71 27.91 -7.13
C ARG HE 340 -116.16 27.66 -7.56
N GLN HE 341 -116.37 26.89 -8.64
CA GLN HE 341 -117.74 26.60 -9.03
C GLN HE 341 -118.47 25.75 -7.99
N PHE HE 342 -117.86 24.63 -7.60
CA PHE HE 342 -118.47 23.78 -6.59
C PHE HE 342 -118.73 24.53 -5.30
N VAL HE 343 -117.71 25.20 -4.77
CA VAL HE 343 -117.89 25.92 -3.51
C VAL HE 343 -119.06 26.89 -3.59
N ASP HE 344 -119.09 27.74 -4.62
CA ASP HE 344 -120.24 28.63 -4.73
C ASP HE 344 -121.56 27.88 -4.76
N SER HE 345 -121.60 26.69 -5.35
CA SER HE 345 -122.87 25.97 -5.38
C SER HE 345 -123.28 25.47 -4.00
N TYR HE 346 -122.37 24.78 -3.31
CA TYR HE 346 -122.66 24.27 -1.97
C TYR HE 346 -123.04 25.36 -0.98
N TYR HE 347 -122.27 26.44 -0.95
CA TYR HE 347 -122.58 27.55 -0.06
C TYR HE 347 -124.02 28.02 -0.21
N ARG HE 348 -124.47 28.18 -1.44
CA ARG HE 348 -125.84 28.64 -1.65
C ARG HE 348 -126.87 27.76 -0.99
N THR HE 349 -126.58 26.48 -0.84
CA THR HE 349 -127.52 25.56 -0.21
C THR HE 349 -127.42 25.53 1.31
N TRP HE 350 -126.22 25.36 1.85
CA TRP HE 350 -126.12 25.19 3.31
C TRP HE 350 -125.70 26.43 4.09
N GLY HE 351 -125.17 27.47 3.46
CA GLY HE 351 -124.52 28.56 4.15
C GLY HE 351 -123.22 28.25 4.87
N GLY HE 352 -122.47 29.30 5.19
CA GLY HE 352 -121.15 29.18 5.76
C GLY HE 352 -121.03 28.96 7.26
N ARG HE 353 -122.05 28.38 7.89
CA ARG HE 353 -122.11 28.37 9.35
C ARG HE 353 -121.53 27.12 9.98
N TYR HE 354 -121.43 26.02 9.24
CA TYR HE 354 -120.91 24.78 9.80
C TYR HE 354 -119.67 24.29 9.08
N VAL HE 355 -119.67 24.24 7.76
CA VAL HE 355 -118.51 23.81 6.99
C VAL HE 355 -117.85 25.02 6.37
N GLN HE 356 -116.53 25.10 6.49
CA GLN HE 356 -115.72 26.14 5.86
C GLN HE 356 -114.72 25.54 4.89
N PHE HE 357 -114.46 26.25 3.80
CA PHE HE 357 -113.46 25.88 2.81
C PHE HE 357 -112.39 26.96 2.76
N ALA HE 358 -111.14 26.56 2.94
CA ALA HE 358 -110.00 27.46 2.83
C ALA HE 358 -109.18 27.09 1.59
N ILE HE 359 -109.02 28.03 0.68
CA ILE HE 359 -108.34 27.81 -0.60
C ILE HE 359 -107.13 28.72 -0.64
N GLU HE 360 -105.94 28.13 -0.74
CA GLU HE 360 -104.72 28.91 -0.71
C GLU HE 360 -103.72 28.41 -1.72
N LEU HE 361 -103.14 29.32 -2.50
CA LEU HE 361 -102.04 29.01 -3.38
C LEU HE 361 -100.72 29.09 -2.63
N LYS HE 362 -99.94 28.02 -2.72
CA LYS HE 362 -98.65 27.92 -2.07
C LYS HE 362 -97.61 27.60 -3.12
N ASP HE 363 -96.40 28.08 -2.90
CA ASP HE 363 -95.27 27.66 -3.71
C ASP HE 363 -94.71 26.35 -3.14
N ASP HE 364 -93.51 25.97 -3.56
CA ASP HE 364 -92.81 24.89 -2.89
C ASP HE 364 -92.69 25.14 -1.39
N TRP HE 365 -92.90 24.08 -0.62
CA TRP HE 365 -93.05 24.24 0.82
C TRP HE 365 -91.82 24.92 1.42
N LEU HE 366 -90.63 24.54 0.97
CA LEU HE 366 -89.39 25.09 1.53
C LEU HE 366 -88.54 25.79 0.47
N LYS HE 367 -89.17 26.28 -0.59
CA LYS HE 367 -88.48 27.09 -1.59
C LYS HE 367 -87.38 26.32 -2.32
N GLY HE 368 -87.51 25.02 -2.49
CA GLY HE 368 -86.61 24.33 -3.40
C GLY HE 368 -85.24 24.00 -2.85
N ARG HE 369 -85.15 23.54 -1.61
CA ARG HE 369 -83.87 23.16 -1.03
C ARG HE 369 -84.03 21.91 -0.18
N SER HE 370 -82.92 21.20 -0.01
CA SER HE 370 -82.98 19.85 0.54
C SER HE 370 -83.17 19.87 2.05
N PHE HE 371 -83.89 18.88 2.55
CA PHE HE 371 -84.18 18.83 3.97
C PHE HE 371 -84.49 17.41 4.38
N GLN HE 372 -84.37 17.16 5.68
CA GLN HE 372 -84.76 15.89 6.26
C GLN HE 372 -86.03 16.15 7.05
N TYR HE 373 -87.04 15.32 6.84
CA TYR HE 373 -88.37 15.50 7.40
C TYR HE 373 -88.70 14.59 8.58
N GLY HE 374 -87.73 13.89 9.12
CA GLY HE 374 -87.97 13.10 10.31
C GLY HE 374 -88.29 13.94 11.54
N ALA HE 375 -88.47 13.23 12.65
CA ALA HE 375 -88.71 13.86 13.95
C ALA HE 375 -87.52 14.70 14.38
N GLU HE 376 -86.39 14.61 13.67
CA GLU HE 376 -85.17 15.33 13.95
C GLU HE 376 -84.73 16.05 12.68
N GLY HE 377 -85.72 16.38 11.86
CA GLY HE 377 -85.50 17.02 10.58
C GLY HE 377 -84.77 18.34 10.68
N TYR HE 378 -84.27 18.76 9.52
CA TYR HE 378 -83.51 20.00 9.42
C TYR HE 378 -83.42 20.39 7.95
N ILE HE 379 -82.95 21.61 7.70
CA ILE HE 379 -82.86 22.20 6.38
C ILE HE 379 -81.41 22.47 6.02
N LYS HE 380 -81.02 22.09 4.80
CA LYS HE 380 -79.73 22.48 4.26
C LYS HE 380 -79.89 23.80 3.54
N MET HE 381 -79.41 24.88 4.16
CA MET HE 381 -79.41 26.17 3.49
C MET HE 381 -78.55 26.13 2.25
N SER HE 382 -77.41 25.48 2.36
CA SER HE 382 -76.41 25.31 1.32
C SER HE 382 -75.55 24.15 1.75
N PRO HE 383 -74.82 23.53 0.84
CA PRO HE 383 -73.89 22.50 1.31
C PRO HE 383 -72.99 23.11 2.36
N GLY HE 384 -72.81 22.38 3.45
CA GLY HE 384 -72.11 22.92 4.61
C GLY HE 384 -72.89 23.83 5.53
N HIS HE 385 -74.21 23.98 5.39
CA HIS HE 385 -74.95 24.87 6.27
C HIS HE 385 -76.27 24.21 6.70
N TRP HE 386 -76.38 23.88 7.99
CA TRP HE 386 -77.56 23.27 8.61
C TRP HE 386 -78.38 24.29 9.38
N TYR HE 387 -79.71 24.12 9.39
CA TYR HE 387 -80.57 25.11 10.04
C TYR HE 387 -81.42 24.65 11.23
N PHE HE 388 -81.77 23.37 11.37
CA PHE HE 388 -82.52 22.94 12.57
C PHE HE 388 -83.63 23.86 13.09
N PRO HE 389 -84.55 24.33 12.25
CA PRO HE 389 -85.55 25.27 12.74
C PRO HE 389 -86.62 24.68 13.63
N SER HE 390 -87.06 23.47 13.35
CA SER HE 390 -88.25 22.90 13.99
C SER HE 390 -88.38 21.46 13.53
N PRO HE 391 -89.09 20.61 14.27
CA PRO HE 391 -89.40 19.30 13.69
C PRO HE 391 -90.22 19.46 12.42
N LEU HE 392 -89.66 18.97 11.33
CA LEU HE 392 -90.31 19.04 10.04
C LEU HE 392 -91.11 17.79 9.80
N ALA IE 171 -153.49 40.19 -34.24
CA ALA IE 171 -152.07 39.93 -34.40
C ALA IE 171 -151.60 38.85 -33.43
N GLU IE 172 -151.55 37.61 -33.91
CA GLU IE 172 -151.15 36.52 -33.05
C GLU IE 172 -149.65 36.58 -32.81
N LEU IE 173 -149.20 35.86 -31.77
CA LEU IE 173 -147.78 35.87 -31.45
C LEU IE 173 -146.94 35.22 -32.55
N ASP IE 174 -147.44 34.14 -33.15
CA ASP IE 174 -146.68 33.48 -34.21
C ASP IE 174 -146.39 34.40 -35.38
N SER IE 175 -147.27 35.36 -35.66
CA SER IE 175 -147.03 36.28 -36.77
C SER IE 175 -145.88 37.24 -36.50
N LEU IE 176 -145.50 37.42 -35.25
CA LEU IE 176 -144.45 38.34 -34.86
C LEU IE 176 -143.07 37.70 -34.76
N LEU IE 177 -142.98 36.38 -34.67
CA LEU IE 177 -141.69 35.75 -34.48
C LEU IE 177 -140.86 35.61 -35.74
N GLY IE 178 -141.43 35.74 -36.92
CA GLY IE 178 -140.63 35.60 -38.11
C GLY IE 178 -141.33 34.84 -39.23
N GLN IE 179 -140.55 34.60 -40.29
CA GLN IE 179 -140.97 33.78 -41.41
C GLN IE 179 -140.82 32.28 -41.16
N GLU IE 180 -139.72 31.85 -40.54
CA GLU IE 180 -139.49 30.43 -40.30
C GLU IE 180 -140.37 29.94 -39.16
N LYS IE 181 -141.66 29.81 -39.47
CA LYS IE 181 -142.64 29.59 -38.42
C LYS IE 181 -142.37 28.32 -37.62
N GLU IE 182 -141.83 27.29 -38.26
CA GLU IE 182 -141.55 26.06 -37.53
C GLU IE 182 -140.41 26.19 -36.54
N ARG IE 183 -139.64 27.27 -36.62
CA ARG IE 183 -138.49 27.42 -35.73
C ARG IE 183 -138.90 27.53 -34.27
N PHE IE 184 -140.10 28.05 -34.00
CA PHE IE 184 -140.62 28.25 -32.65
C PHE IE 184 -141.91 27.47 -32.42
N GLN IE 185 -142.21 27.25 -31.15
CA GLN IE 185 -143.41 26.54 -30.73
C GLN IE 185 -144.03 27.30 -29.58
N VAL IE 186 -145.31 27.63 -29.74
CA VAL IE 186 -146.11 28.38 -28.76
C VAL IE 186 -147.05 27.43 -28.03
N LEU IE 187 -147.02 27.47 -26.70
CA LEU IE 187 -147.86 26.61 -25.89
C LEU IE 187 -148.64 27.45 -24.88
N PRO IE 188 -149.94 27.24 -24.75
CA PRO IE 188 -150.70 27.92 -23.70
C PRO IE 188 -150.54 27.24 -22.35
N GLY IE 189 -150.51 28.05 -21.29
CA GLY IE 189 -150.35 27.50 -19.95
C GLY IE 189 -151.54 27.72 -19.03
N ARG IE 190 -151.61 26.89 -17.99
CA ARG IE 190 -152.73 26.93 -17.05
C ARG IE 190 -152.82 28.25 -16.29
N ASP IE 191 -151.72 28.99 -16.15
CA ASP IE 191 -151.73 30.28 -15.48
C ASP IE 191 -152.16 31.43 -16.39
N LYS IE 192 -152.78 31.13 -17.53
CA LYS IE 192 -153.22 32.14 -18.49
C LYS IE 192 -152.05 32.90 -19.12
N MET IE 193 -151.03 32.17 -19.57
CA MET IE 193 -149.84 32.81 -20.11
C MET IE 193 -149.34 31.99 -21.30
N LEU IE 194 -148.74 32.68 -22.26
CA LEU IE 194 -148.12 32.02 -23.42
C LEU IE 194 -146.65 31.72 -23.20
N TYR IE 195 -146.27 30.46 -23.42
CA TYR IE 195 -144.91 29.97 -23.29
C TYR IE 195 -144.31 29.68 -24.66
N VAL IE 196 -143.19 30.32 -24.97
CA VAL IE 196 -142.50 30.16 -26.25
C VAL IE 196 -141.27 29.31 -26.00
N ALA IE 197 -141.23 28.15 -26.65
CA ALA IE 197 -140.12 27.21 -26.53
C ALA IE 197 -139.08 27.44 -27.62
N ALA IE 198 -137.83 27.61 -27.20
CA ALA IE 198 -136.68 27.82 -28.05
C ALA IE 198 -135.72 26.63 -27.96
N GLN IE 199 -134.82 26.54 -28.94
CA GLN IE 199 -133.86 25.45 -29.02
C GLN IE 199 -132.45 25.83 -28.56
N ASN IE 200 -132.09 27.10 -28.55
CA ASN IE 200 -130.72 27.48 -28.24
C ASN IE 200 -130.72 28.94 -27.79
N GLU IE 201 -129.55 29.39 -27.33
CA GLU IE 201 -129.36 30.77 -26.87
C GLU IE 201 -129.63 31.81 -27.96
N ARG IE 202 -129.02 31.66 -29.12
CA ARG IE 202 -129.24 32.63 -30.18
C ARG IE 202 -130.74 32.84 -30.46
N ASP IE 203 -131.48 31.75 -30.64
CA ASP IE 203 -132.92 31.86 -30.83
C ASP IE 203 -133.62 32.44 -29.61
N THR IE 204 -133.18 32.06 -28.42
CA THR IE 204 -133.75 32.62 -27.20
C THR IE 204 -133.69 34.14 -27.20
N LEU IE 205 -132.53 34.71 -27.47
CA LEU IE 205 -132.42 36.16 -27.51
C LEU IE 205 -133.19 36.78 -28.67
N TRP IE 206 -133.26 36.09 -29.80
CA TRP IE 206 -134.12 36.53 -30.88
C TRP IE 206 -135.56 36.65 -30.44
N ALA IE 207 -136.03 35.72 -29.62
CA ALA IE 207 -137.39 35.78 -29.12
C ALA IE 207 -137.57 36.87 -28.07
N ARG IE 208 -136.69 36.90 -27.08
CA ARG IE 208 -136.81 37.87 -26.00
C ARG IE 208 -136.87 39.30 -26.52
N GLN IE 209 -136.15 39.61 -27.59
CA GLN IE 209 -136.21 40.99 -28.09
C GLN IE 209 -137.64 41.43 -28.42
N VAL IE 210 -138.43 40.54 -29.01
CA VAL IE 210 -139.78 40.92 -29.43
C VAL IE 210 -140.63 41.32 -28.23
N LEU IE 211 -140.58 40.53 -27.18
CA LEU IE 211 -141.33 40.84 -25.97
C LEU IE 211 -140.81 42.10 -25.29
N ALA IE 212 -139.50 42.19 -25.09
CA ALA IE 212 -138.93 43.32 -24.39
C ALA IE 212 -139.22 44.62 -25.13
N ARG IE 213 -139.24 44.58 -26.45
CA ARG IE 213 -139.64 45.74 -27.22
C ARG IE 213 -141.09 46.11 -26.96
N GLY IE 214 -141.90 45.17 -26.48
CA GLY IE 214 -143.31 45.42 -26.26
C GLY IE 214 -144.18 45.34 -27.49
N ASP IE 215 -143.84 44.48 -28.45
CA ASP IE 215 -144.66 44.28 -29.63
C ASP IE 215 -145.94 43.50 -29.35
N TYR IE 216 -146.07 42.85 -28.20
CA TYR IE 216 -147.26 42.05 -27.90
C TYR IE 216 -147.86 42.50 -26.58
N ASP IE 217 -149.18 42.65 -26.58
CA ASP IE 217 -149.88 43.31 -25.48
C ASP IE 217 -150.10 42.43 -24.26
N LYS IE 218 -150.34 41.14 -24.44
CA LYS IE 218 -150.58 40.25 -23.32
C LYS IE 218 -149.28 39.74 -22.72
N ASN IE 219 -149.40 38.93 -21.67
CA ASN IE 219 -148.25 38.30 -21.02
C ASN IE 219 -147.70 37.14 -21.83
N ALA IE 220 -146.38 37.00 -21.83
CA ALA IE 220 -145.71 35.94 -22.55
C ALA IE 220 -144.37 35.67 -21.88
N ARG IE 221 -143.81 34.49 -22.14
CA ARG IE 221 -142.55 34.10 -21.54
C ARG IE 221 -141.79 33.20 -22.51
N VAL IE 222 -140.46 33.26 -22.45
CA VAL IE 222 -139.57 32.44 -23.26
C VAL IE 222 -138.84 31.44 -22.36
N ILE IE 223 -138.76 30.18 -22.82
CA ILE IE 223 -138.14 29.13 -22.02
C ILE IE 223 -137.30 28.20 -22.89
N ASN IE 224 -136.35 27.53 -22.26
CA ASN IE 224 -135.51 26.56 -22.93
C ASN IE 224 -135.09 25.48 -21.94
N GLU IE 225 -134.61 24.37 -22.49
CA GLU IE 225 -134.31 23.20 -21.70
C GLU IE 225 -133.27 23.44 -20.62
N ASN IE 226 -132.18 24.15 -20.93
CA ASN IE 226 -131.17 24.32 -19.90
C ASN IE 226 -131.65 25.19 -18.76
N GLU IE 227 -132.32 26.29 -19.07
CA GLU IE 227 -132.89 27.13 -18.01
C GLU IE 227 -133.84 26.35 -17.14
N GLU IE 228 -134.70 25.54 -17.73
CA GLU IE 228 -135.65 24.81 -16.91
C GLU IE 228 -134.97 23.73 -16.09
N ASN IE 229 -133.97 23.06 -16.63
CA ASN IE 229 -133.25 22.10 -15.81
C ASN IE 229 -132.66 22.78 -14.59
N LYS IE 230 -132.06 23.97 -14.78
CA LYS IE 230 -131.49 24.68 -13.64
C LYS IE 230 -132.55 25.06 -12.60
N ARG IE 231 -133.65 25.64 -13.05
CA ARG IE 231 -134.70 26.06 -12.13
C ARG IE 231 -135.26 24.88 -11.32
N ILE IE 232 -135.50 23.76 -12.00
CA ILE IE 232 -136.05 22.62 -11.28
C ILE IE 232 -135.04 22.04 -10.31
N SER IE 233 -133.76 22.03 -10.68
CA SER IE 233 -132.77 21.52 -9.74
C SER IE 233 -132.68 22.41 -8.52
N ILE IE 234 -132.81 23.72 -8.70
CA ILE IE 234 -132.80 24.62 -7.55
C ILE IE 234 -133.97 24.36 -6.63
N TRP IE 235 -135.13 23.99 -7.18
CA TRP IE 235 -136.26 23.70 -6.29
C TRP IE 235 -136.06 22.37 -5.57
N LEU IE 236 -135.62 21.36 -6.29
CA LEU IE 236 -135.31 20.07 -5.67
C LEU IE 236 -134.32 20.23 -4.54
N ASP IE 237 -133.30 21.07 -4.73
CA ASP IE 237 -132.33 21.32 -3.67
C ASP IE 237 -132.97 21.71 -2.35
N THR IE 238 -134.12 22.38 -2.39
CA THR IE 238 -134.75 22.82 -1.15
C THR IE 238 -135.70 21.77 -0.58
N TYR IE 239 -136.60 21.20 -1.40
CA TYR IE 239 -137.58 20.31 -0.80
C TYR IE 239 -137.22 18.83 -0.83
N TYR IE 240 -136.24 18.43 -1.62
CA TYR IE 240 -135.81 17.03 -1.73
C TYR IE 240 -134.29 17.00 -1.78
N PRO IE 241 -133.63 17.39 -0.68
CA PRO IE 241 -132.18 17.56 -0.70
C PRO IE 241 -131.37 16.28 -0.85
N GLN IE 242 -131.99 15.10 -0.95
CA GLN IE 242 -131.25 13.86 -1.05
C GLN IE 242 -131.70 13.00 -2.23
N LEU IE 243 -132.52 13.54 -3.12
CA LEU IE 243 -132.96 12.79 -4.29
C LEU IE 243 -131.84 12.64 -5.31
N ALA IE 244 -131.61 11.39 -5.74
CA ALA IE 244 -130.63 11.05 -6.77
C ALA IE 244 -131.32 10.97 -8.12
N TYR IE 245 -130.89 11.79 -9.07
CA TYR IE 245 -131.55 11.87 -10.36
C TYR IE 245 -130.55 12.31 -11.42
N TYR IE 246 -130.96 12.14 -12.68
CA TYR IE 246 -130.12 12.50 -13.82
C TYR IE 246 -130.54 13.78 -14.54
N ARG IE 247 -131.56 13.72 -15.37
CA ARG IE 247 -131.91 14.88 -16.18
C ARG IE 247 -133.37 14.79 -16.59
N ILE IE 248 -133.93 15.93 -16.93
CA ILE IE 248 -135.28 16.03 -17.49
C ILE IE 248 -135.21 16.38 -18.97
N HIS IE 249 -135.80 15.51 -19.79
CA HIS IE 249 -135.86 15.63 -21.24
C HIS IE 249 -137.16 16.29 -21.68
N PHE IE 250 -137.05 17.23 -22.62
CA PHE IE 250 -138.18 17.98 -23.14
C PHE IE 250 -138.35 17.82 -24.63
N ASP IE 251 -138.13 16.60 -25.15
CA ASP IE 251 -138.34 16.38 -26.57
C ASP IE 251 -139.78 16.67 -26.95
N GLU IE 252 -140.72 16.22 -26.13
CA GLU IE 252 -142.14 16.57 -26.24
C GLU IE 252 -142.46 17.45 -25.06
N PRO IE 253 -142.54 18.77 -25.22
CA PRO IE 253 -142.66 19.64 -24.05
C PRO IE 253 -143.93 19.45 -23.27
N ARG IE 254 -144.94 18.82 -23.85
CA ARG IE 254 -146.16 18.54 -23.13
C ARG IE 254 -146.07 17.33 -22.22
N LYS IE 255 -145.04 16.50 -22.36
CA LYS IE 255 -144.90 15.29 -21.53
C LYS IE 255 -143.44 15.03 -21.24
N PRO IE 256 -142.85 15.78 -20.30
CA PRO IE 256 -141.44 15.57 -19.98
C PRO IE 256 -141.18 14.21 -19.34
N VAL IE 257 -139.92 13.80 -19.42
CA VAL IE 257 -139.43 12.53 -18.92
C VAL IE 257 -138.34 12.82 -17.89
N PHE IE 258 -138.51 12.28 -16.67
CA PHE IE 258 -137.59 12.52 -15.57
C PHE IE 258 -136.92 11.20 -15.20
N TRP IE 259 -135.60 11.15 -15.33
CA TRP IE 259 -134.79 9.96 -15.05
C TRP IE 259 -134.25 9.91 -13.63
N LEU IE 260 -134.67 8.90 -12.87
CA LEU IE 260 -134.26 8.69 -11.49
C LEU IE 260 -133.37 7.46 -11.42
N SER IE 261 -132.48 7.44 -10.44
CA SER IE 261 -131.68 6.26 -10.18
C SER IE 261 -132.49 5.14 -9.56
N ARG IE 262 -132.39 3.95 -10.15
CA ARG IE 262 -132.96 2.75 -9.57
C ARG IE 262 -132.31 2.35 -8.26
N GLN IE 263 -130.98 2.38 -8.18
CA GLN IE 263 -130.31 1.90 -6.97
C GLN IE 263 -130.31 2.90 -5.83
N ARG IE 264 -129.97 4.15 -6.10
CA ARG IE 264 -129.71 5.06 -5.00
C ARG IE 264 -130.97 5.64 -4.37
N ASN IE 265 -132.14 5.44 -4.95
CA ASN IE 265 -133.38 5.94 -4.38
C ASN IE 265 -134.24 4.79 -3.87
N THR IE 266 -134.86 4.98 -2.71
CA THR IE 266 -135.92 4.12 -2.21
C THR IE 266 -137.15 4.94 -1.88
N MET IE 267 -138.21 4.75 -2.67
CA MET IE 267 -139.45 5.48 -2.50
C MET IE 267 -140.60 4.53 -2.82
N SER IE 268 -141.77 4.82 -2.27
CA SER IE 268 -142.96 4.11 -2.73
C SER IE 268 -143.57 4.78 -3.96
N LYS IE 269 -144.43 4.00 -4.63
CA LYS IE 269 -145.22 4.53 -5.73
C LYS IE 269 -146.01 5.78 -5.35
N LYS IE 270 -146.61 5.79 -4.17
CA LYS IE 270 -147.32 6.96 -3.68
C LYS IE 270 -146.41 8.18 -3.62
N GLU IE 271 -145.23 8.01 -3.03
CA GLU IE 271 -144.26 9.10 -2.96
C GLU IE 271 -143.89 9.59 -4.34
N LEU IE 272 -143.64 8.67 -5.27
CA LEU IE 272 -143.34 9.04 -6.65
C LEU IE 272 -144.48 9.84 -7.28
N GLU IE 273 -145.72 9.40 -7.06
CA GLU IE 273 -146.86 10.13 -7.60
C GLU IE 273 -146.95 11.55 -7.03
N VAL IE 274 -146.78 11.70 -5.72
CA VAL IE 274 -146.79 13.02 -5.13
C VAL IE 274 -145.72 13.90 -5.78
N LEU IE 275 -144.50 13.38 -5.90
CA LEU IE 275 -143.44 14.09 -6.61
C LEU IE 275 -143.89 14.52 -8.00
N SER IE 276 -144.49 13.59 -8.74
CA SER IE 276 -145.00 13.88 -10.07
C SER IE 276 -145.96 15.07 -10.04
N GLN IE 277 -146.90 15.05 -9.13
CA GLN IE 277 -147.88 16.14 -9.08
C GLN IE 277 -147.23 17.47 -8.74
N LYS IE 278 -146.25 17.47 -7.84
CA LYS IE 278 -145.60 18.74 -7.52
C LYS IE 278 -144.81 19.28 -8.70
N LEU IE 279 -144.15 18.39 -9.45
CA LEU IE 279 -143.50 18.83 -10.68
C LEU IE 279 -144.52 19.42 -11.65
N ARG IE 280 -145.65 18.76 -11.80
CA ARG IE 280 -146.66 19.31 -12.70
C ARG IE 280 -147.08 20.69 -12.24
N ALA IE 281 -147.04 20.93 -10.93
CA ALA IE 281 -147.40 22.26 -10.46
C ALA IE 281 -146.31 23.28 -10.78
N LEU IE 282 -145.06 22.84 -10.83
CA LEU IE 282 -143.99 23.78 -11.19
C LEU IE 282 -143.98 24.12 -12.67
N MET IE 283 -144.52 23.24 -13.52
CA MET IE 283 -144.48 23.43 -14.96
C MET IE 283 -145.89 23.62 -15.48
N PRO IE 284 -146.41 24.85 -15.48
CA PRO IE 284 -147.79 25.08 -15.93
C PRO IE 284 -148.04 24.85 -17.40
N TYR IE 285 -147.02 24.58 -18.20
CA TYR IE 285 -147.23 24.25 -19.60
C TYR IE 285 -147.27 22.76 -19.87
N ALA IE 286 -146.98 21.92 -18.87
CA ALA IE 286 -146.95 20.49 -19.04
C ALA IE 286 -148.24 19.84 -18.54
N ASP IE 287 -148.70 18.82 -19.26
CA ASP IE 287 -149.89 18.10 -18.83
C ASP IE 287 -149.59 17.01 -17.83
N SER IE 288 -148.41 16.39 -17.91
CA SER IE 288 -148.02 15.35 -16.97
C SER IE 288 -146.53 15.12 -17.09
N VAL IE 289 -145.95 14.53 -16.05
CA VAL IE 289 -144.53 14.20 -16.02
C VAL IE 289 -144.36 12.72 -15.83
N ASN IE 290 -143.60 12.07 -16.71
CA ASN IE 290 -143.35 10.65 -16.68
C ASN IE 290 -142.03 10.40 -15.97
N ILE IE 291 -142.05 9.61 -14.89
CA ILE IE 291 -140.85 9.23 -14.15
C ILE IE 291 -140.37 7.85 -14.55
N THR IE 292 -139.11 7.77 -14.98
CA THR IE 292 -138.46 6.55 -15.44
C THR IE 292 -137.21 6.27 -14.62
N LEU IE 293 -137.01 5.01 -14.25
CA LEU IE 293 -135.84 4.56 -13.49
C LEU IE 293 -134.76 4.01 -14.42
N MET IE 294 -133.54 4.54 -14.28
CA MET IE 294 -132.39 4.19 -15.09
C MET IE 294 -131.33 3.51 -14.24
N ASP IE 295 -130.48 2.71 -14.88
CA ASP IE 295 -129.40 1.98 -14.22
C ASP IE 295 -128.03 2.66 -14.28
N ASP IE 296 -127.45 2.83 -13.08
CA ASP IE 296 -126.12 3.43 -12.96
C ASP IE 296 -125.05 2.62 -13.67
N VAL IE 297 -125.09 1.30 -13.55
CA VAL IE 297 -124.10 0.47 -14.23
C VAL IE 297 -124.15 0.74 -15.72
N THR IE 298 -125.35 0.88 -16.27
CA THR IE 298 -125.47 1.22 -17.69
C THR IE 298 -124.77 2.53 -18.00
N ALA IE 299 -125.09 3.58 -17.25
CA ALA IE 299 -124.42 4.87 -17.47
C ALA IE 299 -122.89 4.75 -17.48
N ALA IE 300 -122.33 4.22 -16.40
CA ALA IE 300 -120.88 4.04 -16.30
C ALA IE 300 -120.31 3.21 -17.46
N GLY IE 301 -121.00 2.15 -17.85
CA GLY IE 301 -120.52 1.34 -18.95
C GLY IE 301 -120.47 2.10 -20.26
N GLN IE 302 -121.54 2.80 -20.59
CA GLN IE 302 -121.53 3.59 -21.81
C GLN IE 302 -120.44 4.65 -21.83
N ALA IE 303 -120.10 5.23 -20.68
CA ALA IE 303 -118.97 6.15 -20.64
C ALA IE 303 -117.63 5.46 -20.88
N GLU IE 304 -117.39 4.33 -20.22
CA GLU IE 304 -116.09 3.69 -20.39
C GLU IE 304 -115.92 3.13 -21.80
N ALA IE 305 -116.96 2.50 -22.33
CA ALA IE 305 -116.92 2.09 -23.72
C ALA IE 305 -116.68 3.25 -24.65
N GLY IE 306 -117.28 4.41 -24.39
CA GLY IE 306 -116.97 5.56 -25.23
C GLY IE 306 -115.49 5.94 -25.23
N LEU IE 307 -114.87 5.99 -24.06
CA LEU IE 307 -113.44 6.31 -24.03
C LEU IE 307 -112.58 5.25 -24.71
N LYS IE 308 -112.90 3.98 -24.55
CA LYS IE 308 -112.14 2.96 -25.26
C LYS IE 308 -112.33 3.08 -26.76
N GLN IE 309 -113.56 3.29 -27.20
CA GLN IE 309 -113.82 3.45 -28.61
C GLN IE 309 -113.03 4.62 -29.18
N GLN IE 310 -112.87 5.70 -28.41
CA GLN IE 310 -112.01 6.77 -28.89
C GLN IE 310 -110.52 6.48 -28.71
N ALA IE 311 -110.16 5.36 -28.12
CA ALA IE 311 -108.75 5.04 -27.85
C ALA IE 311 -108.00 6.11 -27.06
N LEU IE 312 -108.67 6.79 -26.16
CA LEU IE 312 -108.02 7.77 -25.31
C LEU IE 312 -107.35 7.08 -24.13
N PRO IE 313 -106.23 7.62 -23.64
CA PRO IE 313 -105.67 7.15 -22.37
C PRO IE 313 -106.39 7.77 -21.18
N TYR IE 314 -106.71 6.97 -20.19
CA TYR IE 314 -107.54 7.42 -19.08
C TYR IE 314 -107.30 6.53 -17.87
N SER IE 315 -107.79 7.00 -16.72
CA SER IE 315 -107.93 6.16 -15.53
C SER IE 315 -109.29 6.42 -14.89
N ARG IE 316 -109.79 5.40 -14.19
CA ARG IE 316 -111.13 5.42 -13.61
C ARG IE 316 -111.05 5.35 -12.10
N ARG IE 317 -111.84 6.19 -11.43
CA ARG IE 317 -111.98 6.19 -9.99
C ARG IE 317 -113.44 6.09 -9.64
N ASN IE 318 -113.78 5.20 -8.70
CA ASN IE 318 -115.15 4.99 -8.27
C ASN IE 318 -115.34 5.50 -6.85
N HIS IE 319 -116.46 6.14 -6.59
CA HIS IE 319 -116.81 6.60 -5.26
C HIS IE 319 -118.21 6.14 -4.92
N LYS IE 320 -118.51 6.26 -3.64
CA LYS IE 320 -119.81 5.92 -3.08
C LYS IE 320 -120.96 6.55 -3.82
N GLY IE 321 -120.71 7.60 -4.60
CA GLY IE 321 -121.78 8.24 -5.31
C GLY IE 321 -121.43 8.74 -6.69
N GLY IE 322 -120.38 8.22 -7.33
CA GLY IE 322 -120.04 8.80 -8.62
C GLY IE 322 -118.77 8.22 -9.19
N VAL IE 323 -118.54 8.55 -10.46
CA VAL IE 323 -117.38 8.05 -11.18
C VAL IE 323 -116.60 9.22 -11.77
N THR IE 324 -115.28 9.11 -11.72
CA THR IE 324 -114.40 10.14 -12.26
C THR IE 324 -113.39 9.53 -13.22
N PHE IE 325 -113.32 10.06 -14.44
CA PHE IE 325 -112.35 9.65 -15.45
C PHE IE 325 -111.32 10.76 -15.62
N VAL IE 326 -110.05 10.41 -15.44
CA VAL IE 326 -108.94 11.34 -15.56
C VAL IE 326 -108.14 11.03 -16.81
N ILE IE 327 -108.03 12.02 -17.70
CA ILE IE 327 -107.31 11.95 -18.96
C ILE IE 327 -106.20 12.97 -18.84
N GLN IE 328 -104.94 12.53 -18.82
CA GLN IE 328 -103.85 13.47 -18.63
C GLN IE 328 -102.61 13.02 -19.36
N GLY IE 329 -101.83 14.00 -19.81
CA GLY IE 329 -100.60 13.73 -20.51
C GLY IE 329 -100.31 14.77 -21.58
N ALA IE 330 -99.48 14.37 -22.53
CA ALA IE 330 -99.14 15.18 -23.70
C ALA IE 330 -100.02 14.81 -24.90
N LEU IE 331 -101.31 15.06 -24.76
CA LEU IE 331 -102.26 14.72 -25.82
C LEU IE 331 -102.00 15.53 -27.08
N ASP IE 332 -102.25 14.89 -28.21
CA ASP IE 332 -102.20 15.48 -29.54
C ASP IE 332 -103.47 16.24 -29.87
N ASP IE 333 -103.36 17.16 -30.84
CA ASP IE 333 -104.52 17.90 -31.32
C ASP IE 333 -105.70 17.00 -31.71
N VAL IE 334 -105.43 15.94 -32.46
CA VAL IE 334 -106.50 15.03 -32.84
C VAL IE 334 -107.19 14.45 -31.61
N GLU IE 335 -106.40 14.01 -30.64
CA GLU IE 335 -106.97 13.46 -29.42
C GLU IE 335 -107.80 14.50 -28.67
N ILE IE 336 -107.30 15.71 -28.53
CA ILE IE 336 -108.07 16.76 -27.88
C ILE IE 336 -109.42 16.96 -28.56
N LEU IE 337 -109.40 17.08 -29.89
CA LEU IE 337 -110.65 17.24 -30.62
C LEU IE 337 -111.63 16.10 -30.40
N ARG IE 338 -111.16 14.87 -30.58
CA ARG IE 338 -112.03 13.71 -30.35
C ARG IE 338 -112.63 13.72 -28.96
N ALA IE 339 -111.79 13.90 -27.93
CA ALA IE 339 -112.27 13.97 -26.56
C ALA IE 339 -113.35 15.04 -26.36
N ARG IE 340 -113.07 16.27 -26.77
CA ARG IE 340 -114.08 17.32 -26.63
C ARG IE 340 -115.41 16.95 -27.27
N GLN IE 341 -115.38 16.41 -28.47
CA GLN IE 341 -116.64 16.01 -29.11
C GLN IE 341 -117.38 14.95 -28.31
N PHE IE 342 -116.69 13.86 -27.96
CA PHE IE 342 -117.35 12.81 -27.21
C PHE IE 342 -117.95 13.31 -25.90
N VAL IE 343 -117.14 13.97 -25.08
CA VAL IE 343 -117.63 14.48 -23.80
C VAL IE 343 -118.86 15.34 -23.99
N ASP IE 344 -118.81 16.29 -24.93
CA ASP IE 344 -119.98 17.12 -25.15
C ASP IE 344 -121.18 16.31 -25.59
N SER IE 345 -120.96 15.19 -26.26
CA SER IE 345 -122.10 14.36 -26.66
C SER IE 345 -122.72 13.67 -25.45
N TYR IE 346 -121.90 12.98 -24.68
CA TYR IE 346 -122.38 12.26 -23.50
C TYR IE 346 -123.11 13.16 -22.53
N TYR IE 347 -122.52 14.30 -22.21
CA TYR IE 347 -123.12 15.19 -21.23
C TYR IE 347 -124.52 15.63 -21.63
N ARG IE 348 -124.77 15.82 -22.92
CA ARG IE 348 -126.12 16.21 -23.29
C ARG IE 348 -127.15 15.15 -23.00
N THR IE 349 -126.75 13.89 -22.87
CA THR IE 349 -127.65 12.80 -22.55
C THR IE 349 -127.82 12.61 -21.04
N TRP IE 350 -126.70 12.42 -20.34
CA TRP IE 350 -126.72 12.08 -18.93
C TRP IE 350 -126.53 13.23 -17.95
N GLY IE 351 -126.22 14.42 -18.40
CA GLY IE 351 -125.81 15.46 -17.49
C GLY IE 351 -124.49 15.18 -16.77
N GLY IE 352 -124.19 16.07 -15.83
CA GLY IE 352 -123.00 16.00 -15.02
C GLY IE 352 -123.10 15.51 -13.61
N ARG IE 353 -124.26 15.07 -13.15
CA ARG IE 353 -124.40 14.72 -11.75
C ARG IE 353 -123.71 13.42 -11.34
N TYR IE 354 -123.45 12.48 -12.24
CA TYR IE 354 -122.91 11.19 -11.80
C TYR IE 354 -121.52 10.85 -12.33
N VAL IE 355 -121.13 11.34 -13.51
CA VAL IE 355 -119.83 11.02 -14.10
C VAL IE 355 -119.12 12.32 -14.47
N GLN IE 356 -117.85 12.45 -14.10
CA GLN IE 356 -117.01 13.60 -14.43
C GLN IE 356 -115.78 13.24 -15.23
N PHE IE 357 -115.45 14.08 -16.21
CA PHE IE 357 -114.28 13.93 -17.08
C PHE IE 357 -113.31 15.09 -16.83
N ALA IE 358 -112.10 14.77 -16.39
CA ALA IE 358 -111.04 15.74 -16.14
C ALA IE 358 -109.93 15.58 -17.17
N ILE IE 359 -109.57 16.68 -17.84
CA ILE IE 359 -108.52 16.68 -18.88
C ILE IE 359 -107.36 17.56 -18.42
N GLU IE 360 -106.15 16.97 -18.35
CA GLU IE 360 -104.95 17.62 -17.83
C GLU IE 360 -103.72 17.50 -18.74
N LEU IE 361 -103.51 18.50 -19.58
CA LEU IE 361 -102.32 18.61 -20.42
C LEU IE 361 -101.07 18.91 -19.60
N LYS IE 362 -100.00 18.13 -19.79
CA LYS IE 362 -98.76 18.35 -19.04
C LYS IE 362 -97.57 17.96 -19.89
N ASP IE 363 -96.43 18.59 -19.57
CA ASP IE 363 -95.20 18.48 -20.36
C ASP IE 363 -94.54 17.10 -20.34
N ASP IE 364 -94.01 16.73 -21.51
CA ASP IE 364 -93.26 15.49 -21.72
C ASP IE 364 -91.84 15.59 -21.18
N TRP IE 365 -91.54 14.85 -20.13
CA TRP IE 365 -90.19 14.80 -19.58
C TRP IE 365 -89.21 13.94 -20.37
N LEU IE 366 -89.71 12.88 -21.02
CA LEU IE 366 -88.86 11.87 -21.62
C LEU IE 366 -88.25 12.21 -22.97
N LYS IE 367 -88.80 13.18 -23.69
CA LYS IE 367 -88.24 13.50 -25.00
C LYS IE 367 -86.74 13.75 -24.94
N GLY IE 368 -86.00 12.94 -25.70
CA GLY IE 368 -84.55 12.91 -25.77
C GLY IE 368 -83.80 12.35 -24.58
N ARG IE 369 -84.44 11.97 -23.49
CA ARG IE 369 -83.76 11.45 -22.32
C ARG IE 369 -83.84 9.93 -22.27
N SER IE 370 -82.71 9.28 -22.00
CA SER IE 370 -82.71 7.85 -21.77
C SER IE 370 -83.20 7.56 -20.35
N PHE IE 371 -83.90 6.44 -20.20
CA PHE IE 371 -84.53 6.11 -18.93
C PHE IE 371 -84.80 4.62 -18.82
N GLN IE 372 -85.03 4.20 -17.58
CA GLN IE 372 -85.45 2.84 -17.26
C GLN IE 372 -86.91 2.85 -16.81
N TYR IE 373 -87.69 1.92 -17.32
CA TYR IE 373 -89.10 1.81 -17.00
C TYR IE 373 -89.46 0.42 -16.49
N GLY IE 374 -90.49 0.38 -15.65
CA GLY IE 374 -90.93 -0.83 -14.98
C GLY IE 374 -90.98 -0.66 -13.46
N ALA IE 375 -90.64 -1.74 -12.74
CA ALA IE 375 -90.65 -1.71 -11.28
C ALA IE 375 -89.65 -0.74 -10.65
N GLU IE 376 -88.58 -0.37 -11.34
CA GLU IE 376 -87.51 0.41 -10.74
C GLU IE 376 -87.12 1.58 -11.63
N GLY IE 377 -88.07 2.09 -12.38
CA GLY IE 377 -87.75 3.14 -13.32
C GLY IE 377 -87.17 4.38 -12.69
N TYR IE 378 -86.38 5.08 -13.50
CA TYR IE 378 -85.65 6.28 -13.15
C TYR IE 378 -85.28 6.95 -14.46
N ILE IE 379 -84.95 8.23 -14.39
CA ILE IE 379 -84.62 9.02 -15.57
C ILE IE 379 -83.23 9.60 -15.44
N LYS IE 380 -82.46 9.49 -16.52
CA LYS IE 380 -81.15 10.13 -16.64
C LYS IE 380 -81.36 11.56 -17.12
N MET IE 381 -81.47 12.50 -16.19
CA MET IE 381 -81.61 13.88 -16.60
C MET IE 381 -80.46 14.21 -17.53
N SER IE 382 -79.27 13.78 -17.14
CA SER IE 382 -78.07 13.96 -17.93
C SER IE 382 -77.10 12.88 -17.52
N PRO IE 383 -76.06 12.64 -18.28
CA PRO IE 383 -75.00 11.75 -17.81
C PRO IE 383 -74.57 12.16 -16.40
N GLY IE 384 -74.54 11.17 -15.51
CA GLY IE 384 -74.27 11.42 -14.11
C GLY IE 384 -75.37 12.02 -13.25
N HIS IE 385 -76.60 12.15 -13.72
CA HIS IE 385 -77.66 12.74 -12.89
C HIS IE 385 -78.91 11.88 -12.97
N TRP IE 386 -79.16 11.11 -11.91
CA TRP IE 386 -80.34 10.27 -11.76
C TRP IE 386 -81.52 10.98 -11.11
N TYR IE 387 -82.72 10.61 -11.55
CA TYR IE 387 -83.97 11.10 -11.00
C TYR IE 387 -84.88 9.91 -10.73
N PHE IE 388 -85.37 9.75 -9.49
CA PHE IE 388 -86.26 8.64 -9.14
C PHE IE 388 -87.67 9.13 -8.82
N PRO IE 389 -88.52 9.28 -9.81
CA PRO IE 389 -89.91 9.66 -9.52
C PRO IE 389 -90.57 8.69 -8.55
N SER IE 390 -91.69 9.09 -7.97
CA SER IE 390 -92.45 8.21 -7.08
C SER IE 390 -93.51 7.43 -7.81
N ALA JE 171 -148.80 29.63 -58.47
CA ALA JE 171 -147.35 29.48 -58.59
C ALA JE 171 -146.86 28.34 -57.72
N GLU JE 172 -146.71 27.16 -58.31
CA GLU JE 172 -146.26 26.01 -57.53
C GLU JE 172 -144.79 26.19 -57.15
N LEU JE 173 -144.39 25.43 -56.15
CA LEU JE 173 -143.01 25.53 -55.67
C LEU JE 173 -142.02 25.07 -56.72
N ASP JE 174 -142.33 24.02 -57.47
CA ASP JE 174 -141.37 23.57 -58.47
C ASP JE 174 -141.03 24.67 -59.46
N SER JE 175 -141.99 25.54 -59.78
CA SER JE 175 -141.72 26.62 -60.72
C SER JE 175 -140.76 27.66 -60.17
N LEU JE 176 -140.60 27.72 -58.85
CA LEU JE 176 -139.76 28.70 -58.18
C LEU JE 176 -138.33 28.24 -57.93
N LEU JE 177 -138.05 26.95 -57.97
CA LEU JE 177 -136.70 26.49 -57.63
C LEU JE 177 -135.68 26.63 -58.74
N GLY JE 178 -136.08 26.84 -59.99
CA GLY JE 178 -135.08 26.89 -61.04
C GLY JE 178 -135.41 26.24 -62.36
N GLN JE 179 -134.45 26.30 -63.28
CA GLN JE 179 -134.57 25.61 -64.56
C GLN JE 179 -134.21 24.14 -64.48
N GLU JE 180 -133.20 23.78 -63.71
CA GLU JE 180 -132.93 22.37 -63.45
C GLU JE 180 -133.95 21.80 -62.48
N LYS JE 181 -134.95 21.11 -63.01
CA LYS JE 181 -136.02 20.57 -62.16
C LYS JE 181 -135.53 19.41 -61.32
N GLU JE 182 -134.85 18.45 -61.94
CA GLU JE 182 -134.51 17.19 -61.29
C GLU JE 182 -133.57 17.38 -60.11
N ARG JE 183 -132.94 18.54 -59.99
CA ARG JE 183 -132.05 18.77 -58.87
C ARG JE 183 -132.74 18.64 -57.52
N PHE JE 184 -134.04 18.92 -57.45
CA PHE JE 184 -134.79 18.94 -56.21
C PHE JE 184 -135.96 17.97 -56.32
N GLN JE 185 -136.52 17.57 -55.17
CA GLN JE 185 -137.68 16.69 -55.21
C GLN JE 185 -138.70 17.19 -54.21
N VAL JE 186 -139.92 17.47 -54.68
CA VAL JE 186 -141.00 18.00 -53.86
C VAL JE 186 -141.96 16.89 -53.48
N LEU JE 187 -142.25 16.77 -52.18
CA LEU JE 187 -143.13 15.76 -51.63
C LEU JE 187 -144.22 16.37 -50.76
N PRO JE 188 -145.41 15.80 -50.78
CA PRO JE 188 -146.46 16.20 -49.83
C PRO JE 188 -146.24 15.56 -48.47
N GLY JE 189 -146.97 16.05 -47.48
CA GLY JE 189 -146.86 15.50 -46.13
C GLY JE 189 -148.18 15.56 -45.39
N ARG JE 190 -148.37 14.56 -44.51
CA ARG JE 190 -149.62 14.43 -43.77
C ARG JE 190 -149.94 15.65 -42.91
N ASP JE 191 -148.94 16.41 -42.48
CA ASP JE 191 -149.21 17.65 -41.75
C ASP JE 191 -149.58 18.81 -42.67
N LYS JE 192 -149.84 18.53 -43.94
CA LYS JE 192 -150.20 19.54 -44.92
C LYS JE 192 -149.10 20.58 -45.12
N MET JE 193 -147.89 20.10 -45.39
CA MET JE 193 -146.73 20.97 -45.55
C MET JE 193 -145.93 20.37 -46.69
N LEU JE 194 -145.31 21.21 -47.52
CA LEU JE 194 -144.45 20.70 -48.58
C LEU JE 194 -143.03 20.43 -48.09
N TYR JE 195 -142.50 19.25 -48.40
CA TYR JE 195 -141.14 18.85 -48.04
C TYR JE 195 -140.28 18.77 -49.29
N VAL JE 196 -139.22 19.57 -49.32
CA VAL JE 196 -138.28 19.64 -50.43
C VAL JE 196 -137.04 18.85 -50.05
N ALA JE 197 -136.77 17.79 -50.78
CA ALA JE 197 -135.62 16.91 -50.56
C ALA JE 197 -134.48 17.35 -51.46
N ALA JE 198 -133.34 17.62 -50.83
CA ALA JE 198 -132.09 18.05 -51.45
C ALA JE 198 -131.02 16.97 -51.29
N GLN JE 199 -129.96 17.09 -52.10
CA GLN JE 199 -128.87 16.13 -52.09
C GLN JE 199 -127.63 16.59 -51.33
N ASN JE 200 -127.43 17.88 -51.10
CA ASN JE 200 -126.19 18.34 -50.50
C ASN JE 200 -126.44 19.69 -49.86
N GLU JE 201 -125.43 20.17 -49.14
CA GLU JE 201 -125.49 21.47 -48.47
C GLU JE 201 -125.73 22.64 -49.42
N ARG JE 202 -124.91 22.77 -50.45
CA ARG JE 202 -125.08 23.86 -51.40
C ARG JE 202 -126.50 23.95 -51.93
N ASP JE 203 -127.04 22.83 -52.41
CA ASP JE 203 -128.43 22.80 -52.88
C ASP JE 203 -129.40 23.11 -51.75
N THR JE 204 -129.14 22.61 -50.56
CA THR JE 204 -129.98 22.92 -49.41
C THR JE 204 -130.12 24.42 -49.20
N LEU JE 205 -129.01 25.13 -49.20
CA LEU JE 205 -129.09 26.58 -49.04
C LEU JE 205 -129.72 27.25 -50.24
N TRP JE 206 -129.49 26.73 -51.45
CA TRP JE 206 -130.18 27.26 -52.62
C TRP JE 206 -131.69 27.19 -52.45
N ALA JE 207 -132.18 26.15 -51.81
CA ALA JE 207 -133.61 26.06 -51.54
C ALA JE 207 -134.05 26.93 -50.38
N ARG JE 208 -133.36 26.84 -49.25
CA ARG JE 208 -133.75 27.60 -48.08
C ARG JE 208 -133.87 29.09 -48.36
N GLN JE 209 -133.01 29.63 -49.21
CA GLN JE 209 -133.15 31.05 -49.53
C GLN JE 209 -134.51 31.37 -50.11
N VAL JE 210 -135.06 30.50 -50.95
CA VAL JE 210 -136.34 30.79 -51.59
C VAL JE 210 -137.46 30.86 -50.57
N LEU JE 211 -137.42 30.02 -49.56
CA LEU JE 211 -138.43 30.07 -48.50
C LEU JE 211 -138.23 31.29 -47.62
N ALA JE 212 -137.01 31.48 -47.12
CA ALA JE 212 -136.78 32.55 -46.16
C ALA JE 212 -137.00 33.92 -46.77
N ARG JE 213 -136.79 34.05 -48.08
CA ARG JE 213 -137.15 35.29 -48.74
C ARG JE 213 -138.65 35.54 -48.69
N GLY JE 214 -139.44 34.48 -48.57
CA GLY JE 214 -140.87 34.59 -48.65
C GLY JE 214 -141.45 34.64 -50.04
N ASP JE 215 -140.83 33.96 -50.99
CA ASP JE 215 -141.41 33.88 -52.31
C ASP JE 215 -142.63 32.96 -52.38
N TYR JE 216 -142.82 32.10 -51.39
CA TYR JE 216 -143.95 31.18 -51.36
C TYR JE 216 -144.81 31.45 -50.15
N ASP JE 217 -146.12 31.28 -50.31
CA ASP JE 217 -147.08 31.67 -49.27
C ASP JE 217 -147.49 30.54 -48.34
N LYS JE 218 -147.55 29.30 -48.80
CA LYS JE 218 -147.89 28.20 -47.90
C LYS JE 218 -146.65 27.71 -47.14
N ASN JE 219 -146.87 26.74 -46.25
CA ASN JE 219 -145.78 26.15 -45.50
C ASN JE 219 -144.95 25.12 -46.29
N ALA JE 220 -143.65 25.18 -46.06
CA ALA JE 220 -142.70 24.30 -46.72
C ALA JE 220 -141.47 24.16 -45.83
N ARG JE 221 -140.71 23.11 -46.09
CA ARG JE 221 -139.53 22.81 -45.31
C ARG JE 221 -138.53 22.10 -46.22
N VAL JE 222 -137.25 22.30 -45.96
CA VAL JE 222 -136.17 21.69 -46.72
C VAL JE 222 -135.49 20.64 -45.85
N ILE JE 223 -135.19 19.49 -46.45
CA ILE JE 223 -134.59 18.37 -45.73
C ILE JE 223 -133.53 17.67 -46.55
N ASN JE 224 -132.64 17.00 -45.83
CA ASN JE 224 -131.58 16.20 -46.41
C ASN JE 224 -131.24 15.06 -45.47
N GLU JE 225 -130.55 14.07 -46.03
CA GLU JE 225 -130.25 12.83 -45.33
C GLU JE 225 -129.44 13.03 -44.06
N ASN JE 226 -128.41 13.88 -44.08
CA ASN JE 226 -127.60 13.99 -42.86
C ASN JE 226 -128.36 14.64 -41.72
N GLU JE 227 -129.07 15.74 -41.98
CA GLU JE 227 -129.85 16.36 -40.93
C GLU JE 227 -130.88 15.40 -40.36
N GLU JE 228 -131.55 14.64 -41.22
CA GLU JE 228 -132.55 13.72 -40.70
C GLU JE 228 -131.92 12.60 -39.90
N ASN JE 229 -130.76 12.08 -40.33
CA ASN JE 229 -130.12 11.07 -39.52
C ASN JE 229 -129.81 11.61 -38.12
N LYS JE 230 -129.32 12.84 -38.04
CA LYS JE 230 -129.03 13.41 -36.72
C LYS JE 230 -130.28 13.57 -35.88
N ARG JE 231 -131.34 14.14 -36.45
CA ARG JE 231 -132.56 14.33 -35.68
C ARG JE 231 -133.11 13.01 -35.16
N ILE JE 232 -133.12 11.97 -35.99
CA ILE JE 232 -133.66 10.70 -35.54
C ILE JE 232 -132.78 10.09 -34.48
N SER JE 233 -131.46 10.25 -34.60
CA SER JE 233 -130.61 9.71 -33.55
C SER JE 233 -130.85 10.40 -32.23
N ILE JE 234 -131.09 11.71 -32.27
CA ILE JE 234 -131.38 12.42 -31.02
C ILE JE 234 -132.67 11.94 -30.38
N TRP JE 235 -133.68 11.58 -31.18
CA TRP JE 235 -134.90 11.07 -30.55
C TRP JE 235 -134.69 9.67 -29.98
N LEU JE 236 -134.01 8.82 -30.74
CA LEU JE 236 -133.66 7.48 -30.26
C LEU JE 236 -132.88 7.53 -28.96
N ASP JE 237 -131.95 8.47 -28.84
CA ASP JE 237 -131.20 8.63 -27.61
C ASP JE 237 -132.10 8.74 -26.39
N THR JE 238 -133.29 9.31 -26.55
CA THR JE 238 -134.17 9.50 -25.41
C THR JE 238 -135.09 8.31 -25.17
N TYR JE 239 -135.74 7.79 -26.20
CA TYR JE 239 -136.72 6.73 -25.93
C TYR JE 239 -136.19 5.30 -26.11
N TYR JE 240 -135.05 5.12 -26.74
CA TYR JE 240 -134.43 3.81 -26.94
C TYR JE 240 -132.95 3.92 -26.64
N PRO JE 241 -132.59 4.20 -25.39
CA PRO JE 241 -131.20 4.49 -25.05
C PRO JE 241 -130.24 3.30 -25.16
N GLN JE 242 -130.70 2.12 -25.55
CA GLN JE 242 -129.85 0.95 -25.61
C GLN JE 242 -129.94 0.23 -26.96
N LEU JE 243 -130.60 0.83 -27.94
CA LEU JE 243 -130.72 0.22 -29.25
C LEU JE 243 -129.43 0.29 -30.04
N ALA JE 244 -129.01 -0.86 -30.58
CA ALA JE 244 -127.84 -0.96 -31.46
C ALA JE 244 -128.29 -0.90 -32.91
N TYR JE 245 -127.80 0.08 -33.65
CA TYR JE 245 -128.23 0.27 -35.03
C TYR JE 245 -127.11 0.94 -35.80
N TYR JE 246 -127.24 0.95 -37.13
CA TYR JE 246 -126.24 1.56 -38.00
C TYR JE 246 -126.68 2.87 -38.62
N ARG JE 247 -127.53 2.85 -39.64
CA ARG JE 247 -127.87 4.07 -40.35
C ARG JE 247 -129.21 3.90 -41.03
N ILE JE 248 -129.85 5.03 -41.32
CA ILE JE 248 -131.06 5.10 -42.10
C ILE JE 248 -130.78 5.68 -43.49
N HIS JE 249 -131.11 4.90 -44.52
CA HIS JE 249 -130.91 5.23 -45.92
C HIS JE 249 -132.18 5.82 -46.53
N PHE JE 250 -132.02 6.88 -47.31
CA PHE JE 250 -133.13 7.58 -47.96
C PHE JE 250 -132.98 7.61 -49.48
N ASP JE 251 -132.55 6.49 -50.07
CA ASP JE 251 -132.48 6.45 -51.52
C ASP JE 251 -133.86 6.68 -52.13
N GLU JE 252 -134.87 6.07 -51.55
CA GLU JE 252 -136.27 6.29 -51.89
C GLU JE 252 -136.88 6.98 -50.70
N PRO JE 253 -137.09 8.30 -50.73
CA PRO JE 253 -137.51 8.99 -49.51
C PRO JE 253 -138.88 8.57 -49.03
N ARG JE 254 -139.70 7.95 -49.86
CA ARG JE 254 -140.99 7.49 -49.40
C ARG JE 254 -140.92 6.16 -48.67
N LYS JE 255 -139.79 5.45 -48.71
CA LYS JE 255 -139.67 4.16 -48.04
C LYS JE 255 -138.26 3.98 -47.51
N PRO JE 256 -137.92 4.64 -46.40
CA PRO JE 256 -136.57 4.50 -45.86
C PRO JE 256 -136.27 3.09 -45.39
N VAL JE 257 -134.97 2.82 -45.28
CA VAL JE 257 -134.42 1.54 -44.86
C VAL JE 257 -133.60 1.77 -43.60
N PHE JE 258 -133.92 1.05 -42.53
CA PHE JE 258 -133.26 1.19 -41.24
C PHE JE 258 -132.51 -0.10 -40.91
N TRP JE 259 -131.20 -0.02 -40.80
CA TRP JE 259 -130.32 -1.15 -40.50
C TRP JE 259 -130.05 -1.34 -39.01
N LEU JE 260 -130.50 -2.47 -38.47
CA LEU JE 260 -130.30 -2.84 -37.07
C LEU JE 260 -129.28 -3.97 -37.00
N SER JE 261 -128.55 -4.03 -35.88
CA SER JE 261 -127.68 -5.16 -35.62
C SER JE 261 -128.47 -6.41 -35.27
N ARG JE 262 -128.05 -7.54 -35.85
CA ARG JE 262 -128.60 -8.84 -35.48
C ARG JE 262 -128.11 -9.35 -34.13
N GLN JE 263 -126.80 -9.30 -33.89
CA GLN JE 263 -126.29 -9.89 -32.65
C GLN JE 263 -126.57 -9.03 -31.43
N ARG JE 264 -126.43 -7.71 -31.53
CA ARG JE 264 -126.48 -6.87 -30.35
C ARG JE 264 -127.88 -6.47 -29.93
N ASN JE 265 -128.93 -6.88 -30.64
CA ASN JE 265 -130.29 -6.53 -30.28
C ASN JE 265 -131.09 -7.78 -29.90
N THR JE 266 -131.92 -7.64 -28.87
CA THR JE 266 -132.84 -8.68 -28.44
C THR JE 266 -134.26 -8.10 -28.39
N MET JE 267 -135.05 -8.34 -29.43
CA MET JE 267 -136.38 -7.77 -29.53
C MET JE 267 -137.31 -8.79 -30.16
N SER JE 268 -138.61 -8.56 -30.00
CA SER JE 268 -139.63 -9.34 -30.68
C SER JE 268 -140.16 -8.63 -31.91
N LYS JE 269 -140.81 -9.40 -32.77
CA LYS JE 269 -141.43 -8.86 -33.96
C LYS JE 269 -142.44 -7.76 -33.63
N LYS JE 270 -143.23 -7.96 -32.58
CA LYS JE 270 -144.16 -6.92 -32.15
C LYS JE 270 -143.45 -5.62 -31.82
N GLU JE 271 -142.36 -5.71 -31.06
CA GLU JE 271 -141.57 -4.53 -30.75
C GLU JE 271 -141.03 -3.86 -32.00
N LEU JE 272 -140.50 -4.64 -32.94
CA LEU JE 272 -140.05 -4.05 -34.19
C LEU JE 272 -141.18 -3.32 -34.91
N GLU JE 273 -142.37 -3.91 -34.94
CA GLU JE 273 -143.52 -3.23 -35.54
C GLU JE 273 -143.85 -1.91 -34.86
N VAL JE 274 -143.89 -1.92 -33.53
CA VAL JE 274 -144.15 -0.68 -32.79
C VAL JE 274 -143.11 0.38 -33.12
N LEU JE 275 -141.84 0.00 -33.08
CA LEU JE 275 -140.76 0.90 -33.47
C LEU JE 275 -140.99 1.49 -34.86
N SER JE 276 -141.36 0.63 -35.81
CA SER JE 276 -141.69 1.08 -37.15
C SER JE 276 -142.75 2.14 -37.15
N GLN JE 277 -143.85 1.90 -36.43
CA GLN JE 277 -144.94 2.87 -36.43
C GLN JE 277 -144.52 4.19 -35.79
N LYS JE 278 -143.74 4.16 -34.73
CA LYS JE 278 -143.32 5.42 -34.13
C LYS JE 278 -142.39 6.20 -35.05
N LEU JE 279 -141.50 5.51 -35.75
CA LEU JE 279 -140.70 6.18 -36.77
C LEU JE 279 -141.59 6.81 -37.83
N ARG JE 280 -142.60 6.07 -38.27
CA ARG JE 280 -143.50 6.63 -39.28
C ARG JE 280 -144.19 7.87 -38.76
N ALA JE 281 -144.42 7.94 -37.46
CA ALA JE 281 -145.01 9.16 -36.93
C ALA JE 281 -144.00 10.30 -36.92
N LEU JE 282 -142.71 9.99 -36.77
CA LEU JE 282 -141.70 11.05 -36.83
C LEU JE 282 -141.44 11.56 -38.24
N MET JE 283 -141.69 10.75 -39.26
CA MET JE 283 -141.39 11.11 -40.65
C MET JE 283 -142.70 11.23 -41.43
N PRO JE 284 -143.34 12.40 -41.38
CA PRO JE 284 -144.63 12.54 -42.06
C PRO JE 284 -144.59 12.46 -43.56
N TYR JE 285 -143.41 12.39 -44.17
CA TYR JE 285 -143.32 12.24 -45.62
C TYR JE 285 -143.12 10.81 -46.08
N ALA JE 286 -142.92 9.87 -45.18
CA ALA JE 286 -142.68 8.48 -45.55
C ALA JE 286 -143.91 7.62 -45.32
N ASP JE 287 -144.15 6.69 -46.25
CA ASP JE 287 -145.29 5.78 -46.14
C ASP JE 287 -145.00 4.59 -45.24
N SER JE 288 -143.75 4.16 -45.16
CA SER JE 288 -143.41 3.05 -44.28
C SER JE 288 -141.91 3.01 -44.08
N VAL JE 289 -141.50 2.33 -43.02
CA VAL JE 289 -140.10 2.17 -42.66
C VAL JE 289 -139.76 0.69 -42.73
N ASN JE 290 -138.79 0.33 -43.55
CA ASN JE 290 -138.38 -1.06 -43.69
C ASN JE 290 -137.20 -1.31 -42.78
N ILE JE 291 -137.33 -2.26 -41.86
CA ILE JE 291 -136.26 -2.64 -40.93
C ILE JE 291 -135.54 -3.88 -41.41
N THR JE 292 -134.22 -3.77 -41.57
CA THR JE 292 -133.34 -4.83 -42.06
C THR JE 292 -132.25 -5.12 -41.03
N LEU JE 293 -131.99 -6.40 -40.81
CA LEU JE 293 -130.96 -6.85 -39.88
C LEU JE 293 -129.64 -7.14 -40.60
N MET JE 294 -128.56 -6.54 -40.11
CA MET JE 294 -127.23 -6.62 -40.72
C MET JE 294 -126.27 -7.32 -39.77
N ASP JE 295 -125.21 -7.91 -40.34
CA ASP JE 295 -124.20 -8.64 -39.59
C ASP JE 295 -122.96 -7.81 -39.26
N ASP JE 296 -122.63 -7.76 -37.97
CA ASP JE 296 -121.46 -7.04 -37.48
C ASP JE 296 -120.17 -7.59 -38.07
N VAL JE 297 -120.04 -8.92 -38.13
CA VAL JE 297 -118.84 -9.51 -38.71
C VAL JE 297 -118.66 -9.04 -40.15
N THR JE 298 -119.75 -8.94 -40.90
CA THR JE 298 -119.66 -8.43 -42.25
C THR JE 298 -119.12 -7.00 -42.27
N ALA JE 299 -119.71 -6.12 -41.46
CA ALA JE 299 -119.22 -4.75 -41.37
C ALA JE 299 -117.71 -4.68 -41.09
N ALA JE 300 -117.27 -5.30 -40.00
CA ALA JE 300 -115.83 -5.32 -39.69
C ALA JE 300 -114.99 -5.89 -40.82
N GLY JE 301 -115.44 -6.97 -41.45
CA GLY JE 301 -114.68 -7.56 -42.53
C GLY JE 301 -114.52 -6.66 -43.74
N GLN JE 302 -115.59 -5.99 -44.15
CA GLN JE 302 -115.45 -5.00 -45.21
C GLN JE 302 -114.52 -3.86 -44.85
N ALA JE 303 -114.48 -3.45 -43.58
CA ALA JE 303 -113.49 -2.44 -43.19
C ALA JE 303 -112.05 -2.96 -43.34
N GLU JE 304 -111.78 -4.15 -42.81
CA GLU JE 304 -110.41 -4.64 -42.86
C GLU JE 304 -109.96 -4.93 -44.28
N ALA JE 305 -110.80 -5.59 -45.07
CA ALA JE 305 -110.46 -5.82 -46.47
C ALA JE 305 -110.28 -4.53 -47.25
N GLY JE 306 -110.97 -3.45 -46.88
CA GLY JE 306 -110.70 -2.18 -47.53
C GLY JE 306 -109.32 -1.62 -47.22
N LEU JE 307 -108.94 -1.62 -45.95
CA LEU JE 307 -107.58 -1.16 -45.65
C LEU JE 307 -106.52 -2.03 -46.33
N LYS JE 308 -106.72 -3.34 -46.35
CA LYS JE 308 -105.77 -4.19 -47.04
C LYS JE 308 -105.70 -3.86 -48.52
N GLN JE 309 -106.85 -3.70 -49.16
CA GLN JE 309 -106.85 -3.36 -50.57
C GLN JE 309 -106.13 -2.05 -50.83
N GLN JE 310 -106.12 -1.13 -49.87
CA GLN JE 310 -105.31 0.07 -50.10
C GLN JE 310 -103.85 -0.12 -49.73
N ALA JE 311 -103.50 -1.23 -49.09
CA ALA JE 311 -102.14 -1.45 -48.58
C ALA JE 311 -101.67 -0.40 -47.59
N LEU JE 312 -102.56 0.07 -46.76
CA LEU JE 312 -102.20 0.97 -45.68
C LEU JE 312 -101.68 0.18 -44.49
N PRO JE 313 -100.77 0.75 -43.69
CA PRO JE 313 -100.43 0.14 -42.41
C PRO JE 313 -101.48 0.48 -41.36
N TYR JE 314 -101.82 -0.49 -40.52
CA TYR JE 314 -102.86 -0.26 -39.52
C TYR JE 314 -102.69 -1.18 -38.32
N SER JE 315 -103.36 -0.79 -37.23
CA SER JE 315 -103.64 -1.63 -36.07
C SER JE 315 -105.13 -1.80 -35.88
N ARG JE 316 -105.55 -3.00 -35.46
CA ARG JE 316 -106.94 -3.28 -35.13
C ARG JE 316 -107.07 -3.56 -33.65
N ARG JE 317 -108.07 -2.93 -33.01
CA ARG JE 317 -108.38 -3.15 -31.60
C ARG JE 317 -109.86 -3.45 -31.44
N ASN JE 318 -110.17 -4.51 -30.71
CA ASN JE 318 -111.53 -5.01 -30.56
C ASN JE 318 -112.07 -4.73 -29.18
N HIS JE 319 -113.33 -4.27 -29.12
CA HIS JE 319 -114.04 -4.04 -27.88
C HIS JE 319 -115.43 -4.64 -28.01
N LYS JE 320 -116.05 -4.83 -26.85
CA LYS JE 320 -117.37 -5.44 -26.82
C LYS JE 320 -118.35 -4.69 -27.70
N GLY JE 321 -118.23 -3.39 -27.77
CA GLY JE 321 -119.14 -2.58 -28.53
C GLY JE 321 -118.63 -2.06 -29.84
N GLY JE 322 -117.41 -2.39 -30.26
CA GLY JE 322 -116.88 -1.69 -31.41
C GLY JE 322 -115.51 -2.18 -31.80
N VAL JE 323 -115.02 -1.64 -32.91
CA VAL JE 323 -113.69 -1.91 -33.41
C VAL JE 323 -113.04 -0.59 -33.77
N THR JE 324 -111.76 -0.44 -33.46
CA THR JE 324 -110.98 0.73 -33.85
C THR JE 324 -109.83 0.32 -34.75
N PHE JE 325 -109.68 1.03 -35.87
CA PHE JE 325 -108.50 0.90 -36.73
C PHE JE 325 -107.66 2.16 -36.62
N VAL JE 326 -106.41 2.00 -36.23
CA VAL JE 326 -105.49 3.12 -36.03
C VAL JE 326 -104.43 3.13 -37.12
N ILE JE 327 -104.30 4.27 -37.79
CA ILE JE 327 -103.26 4.52 -38.79
C ILE JE 327 -102.40 5.66 -38.26
N GLN JE 328 -101.12 5.40 -38.03
CA GLN JE 328 -100.28 6.45 -37.47
C GLN JE 328 -98.84 6.31 -37.91
N GLY JE 329 -98.13 7.43 -37.95
CA GLY JE 329 -96.72 7.49 -38.19
C GLY JE 329 -96.39 8.56 -39.22
N ALA JE 330 -95.22 8.41 -39.83
CA ALA JE 330 -94.78 9.31 -40.90
C ALA JE 330 -95.30 8.78 -42.23
N LEU JE 331 -96.56 9.10 -42.50
CA LEU JE 331 -97.21 8.67 -43.73
C LEU JE 331 -96.69 9.47 -44.92
N ASP JE 332 -97.05 8.98 -46.11
CA ASP JE 332 -96.75 9.63 -47.37
C ASP JE 332 -98.01 10.22 -47.97
N ASP JE 333 -97.82 11.24 -48.81
CA ASP JE 333 -98.93 11.91 -49.50
C ASP JE 333 -99.88 10.95 -50.21
N VAL JE 334 -99.34 9.98 -50.94
CA VAL JE 334 -100.21 9.03 -51.64
C VAL JE 334 -101.03 8.23 -50.65
N GLU JE 335 -100.42 7.82 -49.54
CA GLU JE 335 -101.13 7.10 -48.51
C GLU JE 335 -102.24 7.95 -47.89
N ILE JE 336 -101.91 9.17 -47.48
CA ILE JE 336 -102.93 10.04 -46.91
C ILE JE 336 -104.12 10.20 -47.86
N LEU JE 337 -103.84 10.51 -49.12
CA LEU JE 337 -104.93 10.64 -50.09
C LEU JE 337 -105.80 9.42 -50.19
N ARG JE 338 -105.21 8.25 -50.46
CA ARG JE 338 -105.99 7.02 -50.52
C ARG JE 338 -106.80 6.80 -49.26
N ALA JE 339 -106.14 6.89 -48.10
CA ALA JE 339 -106.80 6.72 -46.82
C ALA JE 339 -108.06 7.56 -46.69
N ARG JE 340 -107.95 8.88 -46.82
CA ARG JE 340 -109.14 9.69 -46.67
C ARG JE 340 -110.22 9.35 -47.71
N GLN JE 341 -109.86 9.13 -48.96
CA GLN JE 341 -110.90 8.72 -49.92
C GLN JE 341 -111.68 7.50 -49.46
N PHE JE 342 -110.97 6.46 -49.08
CA PHE JE 342 -111.63 5.24 -48.61
C PHE JE 342 -112.50 5.49 -47.38
N VAL JE 343 -111.93 6.08 -46.34
CA VAL JE 343 -112.69 6.35 -45.13
C VAL JE 343 -113.99 7.08 -45.46
N ASP JE 344 -113.88 8.16 -46.22
CA ASP JE 344 -115.07 8.89 -46.62
C ASP JE 344 -116.08 8.03 -47.35
N SER JE 345 -115.62 7.07 -48.15
CA SER JE 345 -116.58 6.22 -48.86
C SER JE 345 -117.29 5.28 -47.90
N TYR JE 346 -116.55 4.57 -47.06
CA TYR JE 346 -117.13 3.64 -46.10
C TYR JE 346 -118.14 4.32 -45.17
N TYR JE 347 -117.75 5.43 -44.58
CA TYR JE 347 -118.62 6.14 -43.67
C TYR JE 347 -120.00 6.40 -44.27
N ARG JE 348 -120.05 6.82 -45.52
CA ARG JE 348 -121.34 7.09 -46.15
C ARG JE 348 -122.26 5.88 -46.14
N THR JE 349 -121.71 4.67 -46.13
CA THR JE 349 -122.51 3.46 -46.12
C THR JE 349 -122.89 3.02 -44.72
N TRP JE 350 -121.90 2.82 -43.86
CA TRP JE 350 -122.12 2.26 -42.52
C TRP JE 350 -122.24 3.29 -41.42
N GLY JE 351 -122.02 4.55 -41.68
CA GLY JE 351 -121.94 5.50 -40.58
C GLY JE 351 -120.75 5.28 -39.65
N GLY JE 352 -120.77 6.05 -38.56
CA GLY JE 352 -119.72 5.99 -37.55
C GLY JE 352 -120.00 5.40 -36.19
N ARG JE 353 -120.98 4.51 -36.06
CA ARG JE 353 -121.31 4.01 -34.73
C ARG JE 353 -120.48 2.79 -34.33
N TYR JE 354 -120.34 1.81 -35.21
CA TYR JE 354 -119.64 0.59 -34.84
C TYR JE 354 -118.12 0.64 -35.09
N VAL JE 355 -117.68 1.07 -36.27
CA VAL JE 355 -116.26 1.11 -36.62
C VAL JE 355 -115.71 2.54 -36.66
N GLN JE 356 -114.64 2.79 -35.92
CA GLN JE 356 -113.92 4.07 -35.83
C GLN JE 356 -112.56 4.01 -36.52
N PHE JE 357 -112.29 5.00 -37.38
CA PHE JE 357 -110.97 5.16 -38.01
C PHE JE 357 -110.27 6.38 -37.45
N ALA JE 358 -109.09 6.18 -36.88
CA ALA JE 358 -108.23 7.23 -36.35
C ALA JE 358 -106.98 7.43 -37.21
N ILE JE 359 -106.80 8.64 -37.73
CA ILE JE 359 -105.63 8.99 -38.54
C ILE JE 359 -104.80 10.00 -37.76
N GLU JE 360 -103.54 9.66 -37.50
CA GLU JE 360 -102.64 10.52 -36.74
C GLU JE 360 -101.25 10.57 -37.36
N LEU JE 361 -100.65 11.75 -37.42
CA LEU JE 361 -99.28 11.92 -37.89
C LEU JE 361 -98.32 12.03 -36.71
N LYS JE 362 -97.21 11.28 -36.79
CA LYS JE 362 -96.20 11.23 -35.75
C LYS JE 362 -94.83 11.22 -36.39
N ASP JE 363 -93.83 11.67 -35.63
CA ASP JE 363 -92.42 11.56 -36.06
C ASP JE 363 -91.89 10.14 -35.84
N ASP JE 364 -92.53 9.17 -36.49
CA ASP JE 364 -92.25 7.76 -36.24
C ASP JE 364 -92.11 7.05 -37.57
N TRP JE 365 -90.87 6.77 -37.99
CA TRP JE 365 -90.63 6.19 -39.30
C TRP JE 365 -91.04 4.73 -39.40
N LEU JE 366 -91.18 4.01 -38.29
CA LEU JE 366 -91.64 2.64 -38.35
C LEU JE 366 -93.15 2.52 -38.53
N LYS JE 367 -93.87 3.64 -38.51
CA LYS JE 367 -95.31 3.65 -38.69
C LYS JE 367 -96.06 2.70 -37.75
N GLY JE 368 -95.76 2.82 -36.47
CA GLY JE 368 -96.51 2.13 -35.43
C GLY JE 368 -95.95 0.81 -34.95
N ARG JE 369 -95.11 0.14 -35.71
CA ARG JE 369 -94.49 -1.08 -35.22
C ARG JE 369 -93.44 -0.78 -34.17
N SER JE 370 -93.15 -1.77 -33.33
CA SER JE 370 -92.23 -1.55 -32.22
C SER JE 370 -91.67 -2.88 -31.72
N PHE JE 371 -90.38 -2.88 -31.37
CA PHE JE 371 -89.69 -4.09 -30.97
C PHE JE 371 -88.70 -3.85 -29.85
N GLN JE 372 -88.54 -4.89 -29.03
CA GLN JE 372 -87.48 -5.01 -28.04
C GLN JE 372 -86.42 -5.97 -28.55
N TYR JE 373 -85.16 -5.65 -28.25
CA TYR JE 373 -84.02 -6.49 -28.58
C TYR JE 373 -83.51 -7.20 -27.34
N GLY JE 374 -83.24 -8.49 -27.49
CA GLY JE 374 -82.74 -9.30 -26.39
C GLY JE 374 -81.91 -10.48 -26.87
N ALA JE 375 -81.55 -11.37 -25.96
CA ALA JE 375 -80.76 -12.54 -26.33
C ALA JE 375 -81.37 -13.32 -27.48
N GLU JE 376 -82.69 -13.50 -27.47
CA GLU JE 376 -83.41 -14.18 -28.53
C GLU JE 376 -83.58 -13.33 -29.78
N GLY JE 377 -83.08 -12.11 -29.79
CA GLY JE 377 -83.34 -11.14 -30.82
C GLY JE 377 -84.54 -10.24 -30.63
N TYR JE 378 -85.10 -9.76 -31.72
CA TYR JE 378 -86.29 -8.91 -31.68
C TYR JE 378 -87.56 -9.64 -31.32
N ILE JE 379 -88.40 -8.94 -30.56
CA ILE JE 379 -89.73 -9.40 -30.17
C ILE JE 379 -90.63 -8.18 -30.26
N LYS JE 380 -91.85 -8.39 -30.75
CA LYS JE 380 -92.81 -7.31 -30.88
C LYS JE 380 -93.42 -6.86 -29.56
N MET JE 381 -93.54 -5.54 -29.40
CA MET JE 381 -94.24 -4.93 -28.27
C MET JE 381 -95.68 -4.65 -28.61
N SER JE 382 -96.55 -4.79 -27.61
CA SER JE 382 -97.95 -4.42 -27.76
C SER JE 382 -98.11 -2.91 -27.90
N PRO JE 383 -99.17 -2.45 -28.57
CA PRO JE 383 -99.40 -1.01 -28.72
C PRO JE 383 -99.63 -0.26 -27.42
N GLY JE 384 -99.31 1.03 -27.46
CA GLY JE 384 -99.54 1.95 -26.35
C GLY JE 384 -99.36 3.38 -26.81
N HIS JE 385 -99.55 4.30 -25.88
CA HIS JE 385 -99.39 5.72 -26.17
C HIS JE 385 -97.94 6.15 -26.36
N TRP JE 386 -96.99 5.46 -25.76
CA TRP JE 386 -95.59 5.77 -26.03
C TRP JE 386 -95.15 5.32 -27.42
N TYR JE 387 -94.21 6.08 -27.98
CA TYR JE 387 -93.46 5.66 -29.16
C TYR JE 387 -92.11 6.36 -29.16
N PHE JE 388 -91.13 5.72 -29.78
CA PHE JE 388 -89.79 6.27 -29.92
C PHE JE 388 -89.70 7.23 -31.11
N PRO JE 389 -89.47 8.52 -30.89
CA PRO JE 389 -89.36 9.43 -32.04
C PRO JE 389 -88.15 9.10 -32.88
N SER JE 390 -88.31 9.19 -34.19
CA SER JE 390 -87.31 8.66 -35.11
C SER JE 390 -85.99 9.39 -34.92
N PRO JE 391 -84.89 8.69 -34.64
CA PRO JE 391 -83.58 9.35 -34.68
C PRO JE 391 -83.01 9.42 -36.08
N LEU JE 392 -83.55 8.66 -37.01
CA LEU JE 392 -82.93 8.46 -38.30
C LEU JE 392 -82.99 9.75 -39.10
N ALA KE 171 -138.22 23.46 -83.08
CA ALA KE 171 -136.79 23.46 -82.82
C ALA KE 171 -136.38 22.21 -82.08
N GLU KE 172 -135.91 21.19 -82.81
CA GLU KE 172 -135.53 19.96 -82.15
C GLU KE 172 -134.25 20.16 -81.37
N LEU KE 173 -134.03 19.27 -80.41
CA LEU KE 173 -132.83 19.39 -79.58
C LEU KE 173 -131.56 19.18 -80.40
N ASP KE 174 -131.56 18.22 -81.32
CA ASP KE 174 -130.38 17.98 -82.14
C ASP KE 174 -129.97 19.21 -82.93
N SER KE 175 -130.92 20.04 -83.34
CA SER KE 175 -130.61 21.25 -84.08
C SER KE 175 -129.90 22.30 -83.24
N LEU KE 176 -130.01 22.23 -81.92
CA LEU KE 176 -129.42 23.20 -81.01
C LEU KE 176 -128.03 22.86 -80.54
N LEU KE 177 -127.60 21.60 -80.66
CA LEU KE 177 -126.32 21.22 -80.09
C LEU KE 177 -125.13 21.64 -80.95
N GLY KE 178 -125.33 22.02 -82.21
CA GLY KE 178 -124.20 22.38 -83.03
C GLY KE 178 -124.23 21.97 -84.49
N GLN KE 179 -123.14 22.28 -85.19
CA GLN KE 179 -122.94 21.80 -86.55
C GLN KE 179 -122.49 20.35 -86.62
N GLU KE 180 -121.64 19.91 -85.69
CA GLU KE 180 -121.23 18.51 -85.67
C GLU KE 180 -122.36 17.69 -85.04
N LYS KE 181 -123.14 17.03 -85.89
CA LYS KE 181 -124.26 16.23 -85.40
C LYS KE 181 -123.79 14.99 -84.65
N GLU KE 182 -122.81 14.29 -85.22
CA GLU KE 182 -122.41 12.99 -84.68
C GLU KE 182 -121.88 13.08 -83.25
N ARG KE 183 -121.36 14.24 -82.85
CA ARG KE 183 -120.69 14.33 -81.55
C ARG KE 183 -121.57 13.86 -80.39
N PHE KE 184 -122.88 14.00 -80.50
CA PHE KE 184 -123.83 13.72 -79.43
C PHE KE 184 -124.86 12.72 -79.90
N GLN KE 185 -125.53 12.05 -78.96
CA GLN KE 185 -126.56 11.10 -79.37
C GLN KE 185 -127.80 11.29 -78.50
N VAL KE 186 -128.95 11.49 -79.14
CA VAL KE 186 -130.21 11.76 -78.45
C VAL KE 186 -131.08 10.51 -78.41
N LEU KE 187 -131.63 10.22 -77.22
CA LEU KE 187 -132.48 9.07 -77.03
C LEU KE 187 -133.73 9.47 -76.26
N PRO KE 188 -134.92 9.03 -76.67
CA PRO KE 188 -136.09 9.19 -75.82
C PRO KE 188 -136.20 8.09 -74.79
N GLY KE 189 -136.68 8.44 -73.61
CA GLY KE 189 -136.83 7.47 -72.55
C GLY KE 189 -138.27 7.33 -72.12
N ARG KE 190 -138.59 6.18 -71.53
CA ARG KE 190 -139.97 5.83 -71.25
C ARG KE 190 -140.70 6.93 -70.50
N ASP KE 191 -140.04 7.58 -69.56
CA ASP KE 191 -140.66 8.60 -68.71
C ASP KE 191 -140.62 9.99 -69.32
N LYS KE 192 -140.98 10.12 -70.58
CA LYS KE 192 -141.32 11.41 -71.18
C LYS KE 192 -140.15 12.39 -71.18
N MET KE 193 -138.92 11.89 -71.16
CA MET KE 193 -137.77 12.77 -71.09
C MET KE 193 -136.73 12.31 -72.09
N LEU KE 194 -135.98 13.26 -72.63
CA LEU KE 194 -134.90 12.97 -73.56
C LEU KE 194 -133.57 12.93 -72.82
N TYR KE 195 -132.71 12.00 -73.24
CA TYR KE 195 -131.37 11.86 -72.70
C TYR KE 195 -130.36 12.12 -73.80
N VAL KE 196 -129.41 13.00 -73.52
CA VAL KE 196 -128.31 13.32 -74.41
C VAL KE 196 -127.09 12.56 -73.91
N ALA KE 197 -126.62 11.62 -74.71
CA ALA KE 197 -125.45 10.82 -74.36
C ALA KE 197 -124.21 11.49 -74.96
N ALA KE 198 -123.25 11.78 -74.08
CA ALA KE 198 -121.96 12.38 -74.39
C ALA KE 198 -120.83 11.40 -74.15
N GLN KE 199 -119.66 11.72 -74.70
CA GLN KE 199 -118.47 10.89 -74.59
C GLN KE 199 -117.46 11.36 -73.57
N ASN KE 200 -117.47 12.62 -73.15
CA ASN KE 200 -116.43 13.11 -72.25
C ASN KE 200 -116.96 14.33 -71.51
N GLU KE 201 -116.16 14.78 -70.53
CA GLU KE 201 -116.51 15.94 -69.72
C GLU KE 201 -116.69 17.23 -70.52
N ARG KE 202 -115.70 17.58 -71.32
CA ARG KE 202 -115.81 18.79 -72.13
C ARG KE 202 -117.11 18.81 -72.94
N ASP KE 203 -117.41 17.72 -73.63
CA ASP KE 203 -118.67 17.62 -74.37
C ASP KE 203 -119.88 17.69 -73.45
N THR KE 204 -119.80 17.04 -72.28
CA THR KE 204 -120.88 17.11 -71.31
C THR KE 204 -121.22 18.54 -70.95
N LEU KE 205 -120.22 19.35 -70.64
CA LEU KE 205 -120.46 20.74 -70.30
C LEU KE 205 -120.91 21.56 -71.51
N TRP KE 206 -120.44 21.21 -72.70
CA TRP KE 206 -120.97 21.83 -73.90
C TRP KE 206 -122.46 21.60 -74.02
N ALA KE 207 -122.92 20.42 -73.66
CA ALA KE 207 -124.36 20.15 -73.73
C ALA KE 207 -125.11 20.84 -72.61
N ARG KE 208 -124.65 20.66 -71.37
CA ARG KE 208 -125.35 21.23 -70.23
C ARG KE 208 -125.58 22.72 -70.36
N GLN KE 209 -124.64 23.46 -70.96
CA GLN KE 209 -124.87 24.89 -71.13
C GLN KE 209 -126.16 25.18 -71.91
N VAL KE 210 -126.47 24.39 -72.93
CA VAL KE 210 -127.65 24.64 -73.74
C VAL KE 210 -128.91 24.52 -72.90
N LEU KE 211 -129.00 23.47 -72.09
CA LEU KE 211 -130.16 23.26 -71.25
C LEU KE 211 -130.26 24.31 -70.16
N ALA KE 212 -129.16 24.58 -69.46
CA ALA KE 212 -129.18 25.54 -68.36
C ALA KE 212 -129.52 26.94 -68.86
N ARG KE 213 -129.09 27.29 -70.06
CA ARG KE 213 -129.51 28.58 -70.60
C ARG KE 213 -131.02 28.65 -70.79
N GLY KE 214 -131.68 27.50 -70.93
CA GLY KE 214 -133.09 27.47 -71.21
C GLY KE 214 -133.47 27.69 -72.65
N ASP KE 215 -132.62 27.26 -73.59
CA ASP KE 215 -132.98 27.34 -74.99
C ASP KE 215 -134.09 26.37 -75.34
N TYR KE 216 -134.01 25.14 -74.83
CA TYR KE 216 -135.06 24.16 -74.99
C TYR KE 216 -136.14 24.33 -73.92
N ASP KE 217 -137.33 23.81 -74.22
CA ASP KE 217 -138.53 24.06 -73.43
C ASP KE 217 -139.11 22.85 -72.72
N LYS KE 218 -139.06 21.67 -73.31
CA LYS KE 218 -139.41 20.44 -72.60
C LYS KE 218 -138.28 20.00 -71.67
N ASN KE 219 -138.52 18.92 -70.95
CA ASN KE 219 -137.51 18.33 -70.07
C ASN KE 219 -136.46 17.58 -70.86
N ALA KE 220 -135.22 17.67 -70.40
CA ALA KE 220 -134.11 16.98 -71.03
C ALA KE 220 -133.04 16.75 -69.98
N ARG KE 221 -132.14 15.81 -70.27
CA ARG KE 221 -131.10 15.47 -69.31
C ARG KE 221 -129.87 15.04 -70.06
N VAL KE 222 -128.69 15.29 -69.48
CA VAL KE 222 -127.40 14.93 -70.05
C VAL KE 222 -126.77 13.79 -69.25
N ILE KE 223 -126.19 12.82 -69.94
CA ILE KE 223 -125.60 11.66 -69.29
C ILE KE 223 -124.30 11.23 -69.96
N ASN KE 224 -123.49 10.53 -69.17
CA ASN KE 224 -122.23 9.96 -69.61
C ASN KE 224 -121.97 8.71 -68.76
N GLU KE 225 -121.04 7.90 -69.27
CA GLU KE 225 -120.74 6.61 -68.64
C GLU KE 225 -120.25 6.72 -67.20
N ASN KE 226 -119.36 7.66 -66.90
CA ASN KE 226 -118.85 7.69 -65.53
C ASN KE 226 -119.90 8.11 -64.51
N GLU KE 227 -120.70 9.12 -64.83
CA GLU KE 227 -121.79 9.50 -63.94
C GLU KE 227 -122.75 8.34 -63.73
N GLU KE 228 -123.11 7.64 -64.80
CA GLU KE 228 -124.03 6.52 -64.65
C GLU KE 228 -123.42 5.42 -63.78
N ASN KE 229 -122.16 5.07 -64.00
CA ASN KE 229 -121.55 4.07 -63.14
C ASN KE 229 -121.57 4.48 -61.67
N LYS KE 230 -121.27 5.74 -61.37
CA LYS KE 230 -121.30 6.14 -59.96
C LYS KE 230 -122.69 6.06 -59.36
N ARG KE 231 -123.69 6.59 -60.05
CA ARG KE 231 -125.07 6.52 -59.58
C ARG KE 231 -125.51 5.09 -59.30
N ILE KE 232 -125.27 4.20 -60.25
CA ILE KE 232 -125.71 2.83 -60.08
C ILE KE 232 -124.93 2.14 -58.97
N SER KE 233 -123.66 2.45 -58.81
CA SER KE 233 -122.92 1.82 -57.73
C SER KE 233 -123.47 2.27 -56.38
N ILE KE 234 -123.88 3.53 -56.27
CA ILE KE 234 -124.47 3.97 -55.01
C ILE KE 234 -125.78 3.26 -54.73
N TRP KE 235 -126.56 2.92 -55.75
CA TRP KE 235 -127.80 2.18 -55.47
C TRP KE 235 -127.51 0.73 -55.08
N LEU KE 236 -126.60 0.08 -55.79
CA LEU KE 236 -126.20 -1.28 -55.44
C LEU KE 236 -125.67 -1.34 -54.00
N ASP KE 237 -124.92 -0.34 -53.60
CA ASP KE 237 -124.40 -0.29 -52.23
C ASP KE 237 -125.50 -0.46 -51.20
N THR KE 238 -126.71 -0.01 -51.49
CA THR KE 238 -127.80 -0.08 -50.55
C THR KE 238 -128.58 -1.39 -50.66
N TYR KE 239 -128.96 -1.82 -51.86
CA TYR KE 239 -129.83 -3.00 -51.92
C TYR KE 239 -129.11 -4.33 -52.15
N TYR KE 240 -127.85 -4.31 -52.57
CA TYR KE 240 -127.06 -5.53 -52.76
C TYR KE 240 -125.67 -5.27 -52.20
N PRO KE 241 -125.58 -5.12 -50.88
CA PRO KE 241 -124.31 -4.74 -50.25
C PRO KE 241 -123.23 -5.79 -50.29
N GLN KE 242 -123.46 -6.95 -50.89
CA GLN KE 242 -122.45 -8.00 -50.93
C GLN KE 242 -122.22 -8.52 -52.34
N LEU KE 243 -122.79 -7.88 -53.35
CA LEU KE 243 -122.60 -8.29 -54.74
C LEU KE 243 -121.21 -7.95 -55.25
N ALA KE 244 -120.55 -8.95 -55.83
CA ALA KE 244 -119.24 -8.80 -56.46
C ALA KE 244 -119.40 -8.60 -57.95
N TYR KE 245 -118.93 -7.47 -58.47
CA TYR KE 245 -119.13 -7.13 -59.87
C TYR KE 245 -117.99 -6.24 -60.33
N TYR KE 246 -117.88 -6.06 -61.64
CA TYR KE 246 -116.84 -5.23 -62.26
C TYR KE 246 -117.32 -3.89 -62.78
N ARG KE 247 -117.96 -3.87 -63.95
CA ARG KE 247 -118.31 -2.60 -64.56
C ARG KE 247 -119.45 -2.81 -65.53
N ILE KE 248 -120.16 -1.71 -65.80
CA ILE KE 248 -121.22 -1.66 -66.81
C ILE KE 248 -120.77 -0.86 -68.03
N HIS KE 249 -120.78 -1.51 -69.19
CA HIS KE 249 -120.37 -0.93 -70.47
C HIS KE 249 -121.57 -0.41 -71.25
N PHE KE 250 -121.43 0.79 -71.83
CA PHE KE 250 -122.47 1.47 -72.59
C PHE KE 250 -122.07 1.69 -74.04
N ASP KE 251 -121.33 0.76 -74.63
CA ASP KE 251 -120.97 0.91 -76.04
C ASP KE 251 -122.23 1.08 -76.88
N GLU KE 252 -123.21 0.21 -76.67
CA GLU KE 252 -124.55 0.33 -77.25
C GLU KE 252 -125.44 0.75 -76.09
N PRO KE 253 -125.70 2.05 -75.92
CA PRO KE 253 -126.43 2.50 -74.73
C PRO KE 253 -127.81 1.93 -74.58
N ARG KE 254 -128.43 1.42 -75.63
CA ARG KE 254 -129.73 0.81 -75.46
C ARG KE 254 -129.64 -0.56 -74.81
N LYS KE 255 -128.49 -1.22 -74.81
CA LYS KE 255 -128.35 -2.57 -74.27
C LYS KE 255 -127.04 -2.72 -73.55
N PRO KE 256 -126.92 -2.10 -72.37
CA PRO KE 256 -125.69 -2.21 -71.59
C PRO KE 256 -125.37 -3.64 -71.21
N VAL KE 257 -124.10 -3.85 -70.90
CA VAL KE 257 -123.54 -5.15 -70.53
C VAL KE 257 -122.97 -5.03 -69.13
N PHE KE 258 -123.41 -5.92 -68.24
CA PHE KE 258 -123.00 -5.90 -66.84
C PHE KE 258 -122.20 -7.15 -66.52
N TRP KE 259 -120.94 -6.96 -66.15
CA TRP KE 259 -119.98 -8.02 -65.83
C TRP KE 259 -119.98 -8.38 -64.34
N LEU KE 260 -120.38 -9.60 -64.03
CA LEU KE 260 -120.37 -10.12 -62.68
C LEU KE 260 -119.26 -11.15 -62.55
N SER KE 261 -118.68 -11.22 -61.36
CA SER KE 261 -117.73 -12.30 -61.09
C SER KE 261 -118.43 -13.64 -61.02
N ARG KE 262 -117.83 -14.64 -61.68
CA ARG KE 262 -118.30 -16.01 -61.57
C ARG KE 262 -118.00 -16.63 -60.20
N GLN KE 263 -116.76 -16.54 -59.74
CA GLN KE 263 -116.43 -17.23 -58.50
C GLN KE 263 -117.02 -16.56 -57.27
N ARG KE 264 -116.99 -15.24 -57.20
CA ARG KE 264 -117.34 -14.57 -55.95
C ARG KE 264 -118.84 -14.38 -55.75
N ASN KE 265 -119.68 -14.87 -56.65
CA ASN KE 265 -121.12 -14.74 -56.49
C ASN KE 265 -121.74 -16.11 -56.43
N THR KE 266 -122.92 -16.18 -55.79
CA THR KE 266 -123.75 -17.38 -55.82
C THR KE 266 -125.21 -16.96 -55.92
N MET KE 267 -125.75 -17.08 -57.11
CA MET KE 267 -127.11 -16.65 -57.39
C MET KE 267 -127.73 -17.65 -58.34
N SER KE 268 -129.05 -17.73 -58.35
CA SER KE 268 -129.76 -18.49 -59.35
C SER KE 268 -130.22 -17.60 -60.49
N LYS KE 269 -130.67 -18.26 -61.56
CA LYS KE 269 -131.15 -17.55 -62.73
C LYS KE 269 -132.29 -16.62 -62.38
N LYS KE 270 -133.20 -17.07 -61.53
CA LYS KE 270 -134.31 -16.22 -61.10
C LYS KE 270 -133.82 -14.93 -60.46
N GLU KE 271 -132.88 -15.06 -59.53
CA GLU KE 271 -132.30 -13.88 -58.90
C GLU KE 271 -131.67 -12.95 -59.92
N LEU KE 272 -130.90 -13.52 -60.85
CA LEU KE 272 -130.31 -12.69 -61.90
C LEU KE 272 -131.37 -11.96 -62.72
N GLU KE 273 -132.46 -12.64 -63.07
CA GLU KE 273 -133.54 -12.00 -63.80
C GLU KE 273 -134.15 -10.84 -63.02
N VAL KE 274 -134.42 -11.04 -61.75
CA VAL KE 274 -134.95 -9.96 -60.92
C VAL KE 274 -134.00 -8.78 -60.91
N LEU KE 275 -132.71 -9.04 -60.67
CA LEU KE 275 -131.71 -7.99 -60.73
C LEU KE 275 -131.73 -7.23 -62.05
N SER KE 276 -131.76 -7.97 -63.16
CA SER KE 276 -131.84 -7.36 -64.48
C SER KE 276 -133.04 -6.42 -64.60
N GLN KE 277 -134.22 -6.89 -64.21
CA GLN KE 277 -135.41 -6.04 -64.29
C GLN KE 277 -135.26 -4.78 -63.45
N LYS KE 278 -134.75 -4.90 -62.23
CA LYS KE 278 -134.55 -3.71 -61.40
C LYS KE 278 -133.59 -2.71 -62.05
N LEU KE 279 -132.49 -3.17 -62.61
CA LEU KE 279 -131.62 -2.26 -63.35
C LEU KE 279 -132.36 -1.60 -64.50
N ARG KE 280 -133.12 -2.37 -65.26
CA ARG KE 280 -133.91 -1.79 -66.33
C ARG KE 280 -134.79 -0.68 -65.82
N ALA KE 281 -135.33 -0.83 -64.61
CA ALA KE 281 -136.13 0.24 -64.03
C ALA KE 281 -135.29 1.46 -63.68
N LEU KE 282 -134.05 1.27 -63.23
CA LEU KE 282 -133.20 2.45 -62.98
C LEU KE 282 -132.84 3.20 -64.23
N MET KE 283 -132.71 2.53 -65.36
CA MET KE 283 -132.27 3.16 -66.60
C MET KE 283 -133.38 3.29 -67.63
N PRO KE 284 -134.24 4.30 -67.51
CA PRO KE 284 -135.39 4.41 -68.43
C PRO KE 284 -135.02 4.59 -69.88
N TYR KE 285 -133.76 4.82 -70.22
CA TYR KE 285 -133.38 4.95 -71.62
C TYR KE 285 -132.92 3.62 -72.22
N ALA KE 286 -132.64 2.63 -71.38
CA ALA KE 286 -132.13 1.33 -71.83
C ALA KE 286 -133.28 0.36 -71.96
N ASP KE 287 -133.34 -0.35 -73.09
CA ASP KE 287 -134.37 -1.35 -73.29
C ASP KE 287 -134.13 -2.62 -72.46
N SER KE 288 -132.88 -3.01 -72.28
CA SER KE 288 -132.60 -4.22 -71.51
C SER KE 288 -131.14 -4.22 -71.12
N VAL KE 289 -130.83 -4.95 -70.06
CA VAL KE 289 -129.48 -5.10 -69.53
C VAL KE 289 -129.05 -6.55 -69.63
N ASN KE 290 -127.96 -6.81 -70.34
CA ASN KE 290 -127.42 -8.15 -70.51
C ASN KE 290 -126.37 -8.40 -69.44
N ILE KE 291 -126.55 -9.46 -68.65
CA ILE KE 291 -125.61 -9.85 -67.60
C ILE KE 291 -124.70 -10.98 -68.06
N THR KE 292 -123.39 -10.74 -67.97
CA THR KE 292 -122.35 -11.67 -68.37
C THR KE 292 -121.41 -11.96 -67.21
N LEU KE 293 -121.05 -13.23 -67.05
CA LEU KE 293 -120.13 -13.68 -66.01
C LEU KE 293 -118.71 -13.77 -66.53
N MET KE 294 -117.78 -13.13 -65.79
CA MET KE 294 -116.39 -13.02 -66.17
C MET KE 294 -115.52 -13.77 -65.17
N ASP KE 295 -114.32 -14.16 -65.60
CA ASP KE 295 -113.38 -14.91 -64.77
C ASP KE 295 -112.30 -14.04 -64.14
N ASP KE 296 -112.20 -14.14 -62.82
CA ASP KE 296 -111.20 -13.41 -62.04
C ASP KE 296 -109.78 -13.79 -62.45
N VAL KE 297 -109.51 -15.07 -62.65
CA VAL KE 297 -108.16 -15.48 -63.04
C VAL KE 297 -107.76 -14.75 -64.31
N THR KE 298 -108.67 -14.64 -65.27
CA THR KE 298 -108.38 -13.89 -66.48
C THR KE 298 -108.02 -12.45 -66.17
N ALA KE 299 -108.86 -11.77 -65.39
CA ALA KE 299 -108.54 -10.39 -65.00
C ALA KE 299 -107.12 -10.24 -64.42
N ALA KE 300 -106.83 -10.98 -63.35
CA ALA KE 300 -105.51 -10.93 -62.74
C ALA KE 300 -104.38 -11.24 -63.71
N GLY KE 301 -104.57 -12.23 -64.57
CA GLY KE 301 -103.54 -12.56 -65.53
C GLY KE 301 -103.25 -11.47 -66.55
N GLN KE 302 -104.30 -10.84 -67.08
CA GLN KE 302 -104.06 -9.70 -67.96
C GLN KE 302 -103.36 -8.55 -67.27
N ALA KE 303 -103.63 -8.33 -65.98
CA ALA KE 303 -102.88 -7.30 -65.26
C ALA KE 303 -101.39 -7.64 -65.15
N GLU KE 304 -101.08 -8.84 -64.70
CA GLU KE 304 -99.67 -9.19 -64.54
C GLU KE 304 -98.93 -9.25 -65.87
N ALA KE 305 -99.56 -9.77 -66.90
CA ALA KE 305 -98.93 -9.76 -68.21
C ALA KE 305 -98.69 -8.36 -68.74
N GLY KE 306 -99.56 -7.41 -68.43
CA GLY KE 306 -99.27 -6.03 -68.81
C GLY KE 306 -98.06 -5.46 -68.11
N LEU KE 307 -97.93 -5.71 -66.81
CA LEU KE 307 -96.73 -5.20 -66.13
C LEU KE 307 -95.45 -5.85 -66.62
N LYS KE 308 -95.49 -7.14 -66.92
CA LYS KE 308 -94.31 -7.77 -67.49
C LYS KE 308 -93.98 -7.20 -68.86
N GLN KE 309 -94.98 -7.11 -69.73
CA GLN KE 309 -94.73 -6.57 -71.06
C GLN KE 309 -94.18 -5.16 -71.00
N GLN KE 310 -94.54 -4.39 -69.97
CA GLN KE 310 -93.94 -3.08 -69.80
C GLN KE 310 -92.60 -3.11 -69.08
N ALA KE 311 -92.15 -4.28 -68.61
CA ALA KE 311 -90.91 -4.39 -67.86
C ALA KE 311 -90.82 -3.46 -66.65
N LEU KE 312 -91.94 -3.24 -66.00
CA LEU KE 312 -91.91 -2.41 -64.81
C LEU KE 312 -91.58 -3.27 -63.60
N PRO KE 313 -90.73 -2.86 -62.66
CA PRO KE 313 -90.57 -3.63 -61.43
C PRO KE 313 -91.81 -3.54 -60.56
N TYR KE 314 -92.22 -4.68 -60.00
CA TYR KE 314 -93.46 -4.73 -59.23
C TYR KE 314 -93.40 -5.84 -58.20
N SER KE 315 -94.35 -5.79 -57.27
CA SER KE 315 -94.61 -6.88 -56.33
C SER KE 315 -96.10 -7.13 -56.25
N ARG KE 316 -96.49 -8.38 -55.99
CA ARG KE 316 -97.88 -8.78 -56.02
C ARG KE 316 -98.30 -9.31 -54.65
N ARG KE 317 -99.52 -8.94 -54.23
CA ARG KE 317 -100.09 -9.38 -52.97
C ARG KE 317 -101.53 -9.82 -53.16
N ASN KE 318 -101.87 -11.00 -52.64
CA ASN KE 318 -103.16 -11.62 -52.82
C ASN KE 318 -103.98 -11.60 -51.54
N HIS KE 319 -105.27 -11.31 -51.68
CA HIS KE 319 -106.20 -11.34 -50.57
C HIS KE 319 -107.46 -12.03 -51.07
N LYS KE 320 -108.26 -12.49 -50.11
CA LYS KE 320 -109.49 -13.18 -50.42
C LYS KE 320 -110.34 -12.40 -51.39
N GLY KE 321 -110.29 -11.07 -51.32
CA GLY KE 321 -111.14 -10.24 -52.13
C GLY KE 321 -110.44 -9.39 -53.16
N GLY KE 322 -109.16 -9.59 -53.42
CA GLY KE 322 -108.49 -8.64 -54.29
C GLY KE 322 -107.02 -8.94 -54.45
N VAL KE 323 -106.44 -8.25 -55.43
CA VAL KE 323 -105.03 -8.35 -55.78
C VAL KE 323 -104.47 -6.94 -55.80
N THR KE 324 -103.32 -6.74 -55.17
CA THR KE 324 -102.66 -5.45 -55.25
C THR KE 324 -101.28 -5.60 -55.85
N PHE KE 325 -100.93 -4.68 -56.74
CA PHE KE 325 -99.61 -4.55 -57.32
C PHE KE 325 -98.95 -3.29 -56.79
N VAL KE 326 -97.80 -3.45 -56.15
CA VAL KE 326 -97.05 -2.36 -55.56
C VAL KE 326 -95.84 -2.07 -56.43
N ILE KE 327 -95.76 -0.84 -56.94
CA ILE KE 327 -94.68 -0.36 -57.80
C ILE KE 327 -94.04 0.81 -57.07
N GLN KE 328 -92.82 0.63 -56.59
CA GLN KE 328 -92.22 1.67 -55.77
C GLN KE 328 -90.71 1.65 -55.89
N GLY KE 329 -90.10 2.80 -55.57
CA GLY KE 329 -88.67 2.99 -55.65
C GLY KE 329 -88.23 4.18 -56.46
N ALA KE 330 -87.07 4.09 -57.10
CA ALA KE 330 -86.59 5.11 -58.03
C ALA KE 330 -86.93 4.74 -59.47
N LEU KE 331 -87.87 5.45 -60.06
CA LEU KE 331 -88.35 5.18 -61.40
C LEU KE 331 -87.85 6.26 -62.35
N ASP KE 332 -87.45 5.85 -63.54
CA ASP KE 332 -87.12 6.81 -64.57
C ASP KE 332 -88.36 7.39 -65.22
N ASP KE 333 -88.18 8.55 -65.86
CA ASP KE 333 -89.25 9.22 -66.58
C ASP KE 333 -89.96 8.33 -67.59
N VAL KE 334 -89.21 7.59 -68.39
CA VAL KE 334 -89.81 6.68 -69.37
C VAL KE 334 -90.72 5.69 -68.67
N GLU KE 335 -90.27 5.12 -67.56
CA GLU KE 335 -91.08 4.18 -66.81
C GLU KE 335 -92.35 4.84 -66.27
N ILE KE 336 -92.22 6.00 -65.64
CA ILE KE 336 -93.42 6.70 -65.18
C ILE KE 336 -94.43 6.88 -66.29
N LEU KE 337 -93.97 7.30 -67.47
CA LEU KE 337 -94.90 7.45 -68.58
C LEU KE 337 -95.58 6.15 -68.98
N ARG KE 338 -94.79 5.11 -69.26
CA ARG KE 338 -95.37 3.82 -69.59
C ARG KE 338 -96.40 3.37 -68.57
N ALA KE 339 -96.03 3.41 -67.29
CA ALA KE 339 -96.92 2.99 -66.22
C ALA KE 339 -98.24 3.75 -66.25
N ARG KE 340 -98.20 5.07 -66.22
CA ARG KE 340 -99.46 5.81 -66.24
C ARG KE 340 -100.31 5.47 -67.46
N GLN KE 341 -99.69 5.28 -68.62
CA GLN KE 341 -100.48 4.92 -69.80
C GLN KE 341 -101.16 3.57 -69.67
N PHE KE 342 -100.40 2.54 -69.31
CA PHE KE 342 -100.98 1.21 -69.14
C PHE KE 342 -102.10 1.21 -68.11
N VAL KE 343 -101.81 1.71 -66.90
CA VAL KE 343 -102.82 1.76 -65.85
C VAL KE 343 -104.09 2.40 -66.37
N ASP KE 344 -103.98 3.59 -66.96
CA ASP KE 344 -105.19 4.24 -67.44
C ASP KE 344 -105.90 3.41 -68.50
N SER KE 345 -105.17 2.59 -69.25
CA SER KE 345 -105.83 1.73 -70.22
C SER KE 345 -106.63 0.63 -69.55
N TYR KE 346 -105.99 -0.07 -68.62
CA TYR KE 346 -106.63 -1.17 -67.89
C TYR KE 346 -107.88 -0.71 -67.14
N TYR KE 347 -107.74 0.35 -66.35
CA TYR KE 347 -108.86 0.81 -65.54
C TYR KE 347 -110.10 1.06 -66.38
N ARG KE 348 -109.96 1.56 -67.59
CA ARG KE 348 -111.16 1.79 -68.38
C ARG KE 348 -111.90 0.53 -68.75
N THR KE 349 -111.22 -0.60 -68.79
CA THR KE 349 -111.85 -1.87 -69.11
C THR KE 349 -112.42 -2.56 -67.89
N TRP KE 350 -111.58 -2.80 -66.89
CA TRP KE 350 -111.96 -3.58 -65.72
C TRP KE 350 -112.42 -2.78 -64.51
N GLY KE 351 -112.34 -1.47 -64.51
CA GLY KE 351 -112.65 -0.70 -63.31
C GLY KE 351 -111.60 -0.85 -62.21
N GLY KE 352 -111.89 -0.22 -61.08
CA GLY KE 352 -111.01 -0.28 -59.94
C GLY KE 352 -111.40 -1.09 -58.72
N ARG KE 353 -112.27 -2.08 -58.88
CA ARG KE 353 -112.75 -2.83 -57.74
C ARG KE 353 -111.88 -4.02 -57.37
N TYR KE 354 -111.47 -4.83 -58.33
CA TYR KE 354 -110.72 -6.02 -57.96
C TYR KE 354 -109.21 -5.82 -57.88
N VAL KE 355 -108.58 -5.15 -58.84
CA VAL KE 355 -107.13 -4.95 -58.87
C VAL KE 355 -106.77 -3.48 -58.68
N GLN KE 356 -105.90 -3.21 -57.70
CA GLN KE 356 -105.39 -1.87 -57.39
C GLN KE 356 -103.88 -1.77 -57.67
N PHE KE 357 -103.46 -0.63 -58.23
CA PHE KE 357 -102.06 -0.32 -58.52
C PHE KE 357 -101.59 0.86 -57.67
N ALA KE 358 -100.62 0.63 -56.80
CA ALA KE 358 -100.02 1.67 -55.97
C ALA KE 358 -98.64 2.04 -56.50
N ILE KE 359 -98.48 3.29 -56.95
CA ILE KE 359 -97.23 3.81 -57.48
C ILE KE 359 -96.66 4.85 -56.54
N GLU KE 360 -95.48 4.59 -55.99
CA GLU KE 360 -94.85 5.46 -55.00
C GLU KE 360 -93.37 5.69 -55.31
N LEU KE 361 -92.94 6.95 -55.24
CA LEU KE 361 -91.54 7.34 -55.42
C LEU KE 361 -90.80 7.47 -54.09
N LYS KE 362 -89.74 6.69 -53.93
CA LYS KE 362 -88.94 6.60 -52.71
C LYS KE 362 -87.49 6.93 -53.04
N ASP KE 363 -86.82 7.65 -52.15
CA ASP KE 363 -85.38 7.81 -52.24
C ASP KE 363 -84.67 6.50 -51.93
N ASP KE 364 -83.34 6.51 -52.05
CA ASP KE 364 -82.54 5.37 -51.59
C ASP KE 364 -82.99 4.94 -50.21
N TRP KE 365 -83.32 3.66 -50.08
CA TRP KE 365 -83.78 3.13 -48.82
C TRP KE 365 -82.71 3.34 -47.74
N LEU KE 366 -83.15 3.80 -46.58
CA LEU KE 366 -82.29 4.21 -45.47
C LEU KE 366 -81.20 5.20 -45.87
N LYS KE 367 -81.47 6.02 -46.89
CA LYS KE 367 -80.68 7.23 -47.15
C LYS KE 367 -79.19 6.99 -47.33
N GLY KE 368 -78.77 5.81 -47.77
CA GLY KE 368 -77.35 5.62 -47.96
C GLY KE 368 -76.52 5.34 -46.72
N ARG KE 369 -77.14 5.03 -45.60
CA ARG KE 369 -76.41 4.51 -44.46
C ARG KE 369 -76.09 3.03 -44.66
N SER KE 370 -75.10 2.53 -43.93
CA SER KE 370 -74.76 1.12 -43.96
C SER KE 370 -75.55 0.35 -42.92
N PHE KE 371 -75.88 -0.90 -43.23
CA PHE KE 371 -76.69 -1.68 -42.31
C PHE KE 371 -76.50 -3.16 -42.56
N GLN KE 372 -76.87 -3.95 -41.57
CA GLN KE 372 -76.88 -5.40 -41.63
C GLN KE 372 -78.32 -5.84 -41.66
N TYR KE 373 -78.72 -6.58 -42.69
CA TYR KE 373 -80.13 -6.76 -43.02
C TYR KE 373 -80.66 -8.12 -42.59
N GLY KE 374 -80.12 -8.71 -41.54
CA GLY KE 374 -80.61 -9.98 -41.05
C GLY KE 374 -81.79 -9.81 -40.10
N ALA KE 375 -82.24 -10.95 -39.58
CA ALA KE 375 -83.07 -10.94 -38.39
C ALA KE 375 -82.33 -10.42 -37.17
N GLU KE 376 -81.01 -10.49 -37.17
CA GLU KE 376 -80.16 -9.80 -36.21
C GLU KE 376 -79.74 -8.41 -36.70
N GLY KE 377 -80.46 -7.82 -37.65
CA GLY KE 377 -79.98 -6.63 -38.32
C GLY KE 377 -79.85 -5.42 -37.44
N TYR KE 378 -79.13 -4.43 -37.98
CA TYR KE 378 -79.02 -3.11 -37.35
C TYR KE 378 -78.52 -2.08 -38.35
N ILE KE 379 -78.68 -0.81 -38.01
CA ILE KE 379 -78.23 0.32 -38.81
C ILE KE 379 -77.06 1.02 -38.14
N LYS KE 380 -76.04 1.33 -38.93
CA LYS KE 380 -74.90 2.11 -38.46
C LYS KE 380 -75.14 3.60 -38.69
N MET KE 381 -75.42 4.33 -37.63
CA MET KE 381 -75.64 5.76 -37.77
C MET KE 381 -74.38 6.41 -38.30
N SER KE 382 -73.25 6.05 -37.72
CA SER KE 382 -71.96 6.57 -38.09
C SER KE 382 -70.93 5.55 -37.65
N PRO KE 383 -69.72 5.65 -38.12
CA PRO KE 383 -68.68 4.79 -37.55
C PRO KE 383 -68.63 4.95 -36.05
N GLY KE 384 -68.79 3.84 -35.36
CA GLY KE 384 -68.90 3.81 -33.91
C GLY KE 384 -70.29 4.05 -33.34
N HIS KE 385 -71.35 4.04 -34.13
CA HIS KE 385 -72.69 4.28 -33.60
C HIS KE 385 -73.66 3.28 -34.21
N TRP KE 386 -74.33 2.50 -33.37
CA TRP KE 386 -75.28 1.46 -33.76
C TRP KE 386 -76.69 1.83 -33.33
N TYR KE 387 -77.71 1.32 -34.06
CA TYR KE 387 -79.07 1.72 -33.76
C TYR KE 387 -80.12 0.63 -33.52
N PHE KE 388 -79.95 -0.60 -33.99
CA PHE KE 388 -80.90 -1.66 -33.63
C PHE KE 388 -82.41 -1.37 -33.63
N PRO KE 389 -82.99 -0.83 -34.68
CA PRO KE 389 -84.39 -0.43 -34.63
C PRO KE 389 -85.39 -1.56 -34.76
N SER KE 390 -85.05 -2.57 -35.54
CA SER KE 390 -86.01 -3.53 -36.08
C SER KE 390 -85.22 -4.68 -36.70
N PRO KE 391 -85.82 -5.84 -36.89
CA PRO KE 391 -85.28 -6.75 -37.89
C PRO KE 391 -85.43 -6.17 -39.28
N LEU KE 392 -84.52 -6.57 -40.15
CA LEU KE 392 -84.47 -6.02 -41.50
C LEU KE 392 -84.39 -7.15 -42.53
N ALA LE 171 -122.72 21.68 -105.68
CA ALA LE 171 -121.37 21.78 -105.16
C ALA LE 171 -120.94 20.48 -104.52
N GLU LE 172 -120.22 19.64 -105.26
CA GLU LE 172 -119.79 18.38 -104.68
C GLU LE 172 -118.70 18.62 -103.66
N LEU LE 173 -118.49 17.63 -102.81
CA LEU LE 173 -117.47 17.77 -101.77
C LEU LE 173 -116.07 17.82 -102.35
N ASP LE 174 -115.79 17.02 -103.37
CA ASP LE 174 -114.46 17.04 -103.97
C ASP LE 174 -114.07 18.43 -104.47
N SER LE 175 -115.04 19.22 -104.92
CA SER LE 175 -114.74 20.57 -105.40
C SER LE 175 -114.36 21.51 -104.27
N LEU LE 176 -114.70 21.18 -103.03
CA LEU LE 176 -114.44 22.01 -101.87
C LEU LE 176 -113.14 21.68 -101.16
N LEU LE 177 -112.55 20.52 -101.40
CA LEU LE 177 -111.36 20.12 -100.67
C LEU LE 177 -110.08 20.75 -101.22
N GLY LE 178 -110.10 21.32 -102.42
CA GLY LE 178 -108.88 21.87 -102.96
C GLY LE 178 -108.64 21.67 -104.44
N GLN LE 179 -107.50 22.14 -104.90
CA GLN LE 179 -107.01 21.85 -106.25
C GLN LE 179 -106.39 20.46 -106.37
N GLU LE 180 -105.64 20.02 -105.38
CA GLU LE 180 -104.98 18.72 -105.42
C GLU LE 180 -106.01 17.60 -105.25
N LYS LE 181 -106.70 17.29 -106.34
CA LYS LE 181 -107.88 16.43 -106.28
C LYS LE 181 -107.62 15.11 -105.57
N GLU LE 182 -106.55 14.42 -105.94
CA GLU LE 182 -106.30 13.08 -105.41
C GLU LE 182 -105.72 13.07 -104.01
N ARG LE 183 -105.45 14.23 -103.41
CA ARG LE 183 -104.96 14.23 -102.03
C ARG LE 183 -105.96 13.58 -101.07
N PHE LE 184 -107.24 13.55 -101.42
CA PHE LE 184 -108.31 13.06 -100.56
C PHE LE 184 -109.11 12.02 -101.33
N GLN LE 185 -109.86 11.20 -100.59
CA GLN LE 185 -110.69 10.19 -101.22
C GLN LE 185 -112.06 10.15 -100.55
N VAL LE 186 -113.10 10.28 -101.35
CA VAL LE 186 -114.49 10.35 -100.92
C VAL LE 186 -115.20 9.02 -101.16
N LEU LE 187 -115.82 8.47 -100.12
CA LEU LE 187 -116.55 7.22 -100.24
C LEU LE 187 -117.97 7.36 -99.73
N PRO LE 188 -118.93 6.69 -100.36
CA PRO LE 188 -120.30 6.67 -99.86
C PRO LE 188 -120.52 5.62 -98.78
N GLY LE 189 -121.24 6.00 -97.72
CA GLY LE 189 -121.53 5.11 -96.62
C GLY LE 189 -122.98 4.65 -96.64
N ARG LE 190 -123.21 3.40 -96.26
CA ARG LE 190 -124.55 2.85 -96.21
C ARG LE 190 -125.48 3.61 -95.28
N ASP LE 191 -124.94 4.31 -94.30
CA ASP LE 191 -125.73 5.14 -93.40
C ASP LE 191 -126.14 6.47 -94.03
N LYS LE 192 -125.98 6.61 -95.35
CA LYS LE 192 -126.32 7.85 -96.05
C LYS LE 192 -125.43 9.03 -95.64
N MET LE 193 -124.13 8.79 -95.54
CA MET LE 193 -123.20 9.81 -95.09
C MET LE 193 -121.93 9.67 -95.92
N LEU LE 194 -121.29 10.79 -96.25
CA LEU LE 194 -120.02 10.73 -96.96
C LEU LE 194 -118.83 10.58 -96.03
N TYR LE 195 -117.89 9.74 -96.41
CA TYR LE 195 -116.67 9.45 -95.64
C TYR LE 195 -115.44 9.91 -96.41
N VAL LE 196 -114.72 10.87 -95.85
CA VAL LE 196 -113.50 11.41 -96.44
C VAL LE 196 -112.32 10.71 -95.80
N ALA LE 197 -111.55 9.99 -96.61
CA ALA LE 197 -110.35 9.29 -96.17
C ALA LE 197 -109.11 10.15 -96.38
N ALA LE 198 -108.38 10.39 -95.30
CA ALA LE 198 -107.15 11.18 -95.27
C ALA LE 198 -105.96 10.29 -94.92
N GLN LE 199 -104.76 10.81 -95.21
CA GLN LE 199 -103.52 10.09 -94.96
C GLN LE 199 -102.77 10.50 -93.70
N ASN LE 200 -103.03 11.67 -93.13
CA ASN LE 200 -102.26 12.10 -91.97
C ASN LE 200 -103.07 13.15 -91.21
N GLU LE 201 -102.54 13.54 -90.06
CA GLU LE 201 -103.19 14.52 -89.20
C GLU LE 201 -103.38 15.89 -89.86
N ARG LE 202 -102.32 16.44 -90.42
CA ARG LE 202 -102.43 17.73 -91.09
C ARG LE 202 -103.55 17.74 -92.13
N ASP LE 203 -103.57 16.73 -92.99
CA ASP LE 203 -104.64 16.62 -93.99
C ASP LE 203 -106.00 16.45 -93.33
N THR LE 204 -106.07 15.65 -92.28
CA THR LE 204 -107.32 15.48 -91.54
C THR LE 204 -107.87 16.82 -91.08
N LEU LE 205 -107.03 17.66 -90.49
CA LEU LE 205 -107.51 18.98 -90.07
C LEU LE 205 -107.82 19.89 -91.25
N TRP LE 206 -107.09 19.78 -92.35
CA TRP LE 206 -107.46 20.55 -93.54
C TRP LE 206 -108.86 20.21 -94.01
N ALA LE 207 -109.22 18.93 -93.97
CA ALA LE 207 -110.58 18.55 -94.33
C ALA LE 207 -111.59 19.00 -93.30
N ARG LE 208 -111.33 18.67 -92.04
CA ARG LE 208 -112.28 18.97 -90.97
C ARG LE 208 -112.64 20.44 -90.91
N GLN LE 209 -111.72 21.34 -91.24
CA GLN LE 209 -112.08 22.76 -91.25
C GLN LE 209 -113.24 23.05 -92.20
N VAL LE 210 -113.29 22.37 -93.34
CA VAL LE 210 -114.36 22.64 -94.30
C VAL LE 210 -115.70 22.27 -93.72
N LEU LE 211 -115.81 21.08 -93.14
CA LEU LE 211 -117.06 20.63 -92.56
C LEU LE 211 -117.46 21.48 -91.37
N ALA LE 212 -116.52 21.76 -90.47
CA ALA LE 212 -116.82 22.56 -89.29
C ALA LE 212 -117.20 23.98 -89.64
N ARG LE 213 -116.67 24.53 -90.72
CA ARG LE 213 -117.16 25.81 -91.19
C ARG LE 213 -118.60 25.71 -91.67
N GLY LE 214 -119.05 24.51 -92.01
CA GLY LE 214 -120.38 24.31 -92.56
C GLY LE 214 -120.53 24.66 -94.01
N ASP LE 215 -119.49 24.46 -94.81
CA ASP LE 215 -119.62 24.71 -96.23
C ASP LE 215 -120.54 23.71 -96.92
N TYR LE 216 -120.64 22.50 -96.40
CA TYR LE 216 -121.43 21.45 -97.02
C TYR LE 216 -122.70 21.19 -96.21
N ASP LE 217 -123.80 20.95 -96.92
CA ASP LE 217 -125.11 20.80 -96.29
C ASP LE 217 -125.54 19.37 -95.95
N LYS LE 218 -125.08 18.36 -96.68
CA LYS LE 218 -125.37 16.98 -96.30
C LYS LE 218 -124.43 16.51 -95.18
N ASN LE 219 -124.64 15.27 -94.72
CA ASN LE 219 -123.77 14.67 -93.72
C ASN LE 219 -122.47 14.15 -94.28
N ALA LE 220 -121.40 14.37 -93.52
CA ALA LE 220 -120.07 13.93 -93.91
C ALA LE 220 -119.24 13.70 -92.65
N ARG LE 221 -118.17 12.95 -92.83
CA ARG LE 221 -117.30 12.57 -91.74
C ARG LE 221 -115.89 12.38 -92.28
N VAL LE 222 -114.89 12.65 -91.44
CA VAL LE 222 -113.49 12.51 -91.80
C VAL LE 222 -112.92 11.36 -91.00
N ILE LE 223 -112.11 10.51 -91.65
CA ILE LE 223 -111.57 9.32 -91.01
C ILE LE 223 -110.14 9.08 -91.45
N ASN LE 224 -109.40 8.37 -90.59
CA ASN LE 224 -108.03 7.99 -90.88
C ASN LE 224 -107.71 6.69 -90.17
N GLU LE 225 -106.63 6.06 -90.62
CA GLU LE 225 -106.27 4.72 -90.16
C GLU LE 225 -106.01 4.63 -88.66
N ASN LE 226 -105.29 5.58 -88.07
CA ASN LE 226 -105.01 5.43 -86.65
C ASN LE 226 -106.26 5.58 -85.80
N GLU LE 227 -107.10 6.56 -86.10
CA GLU LE 227 -108.35 6.71 -85.38
C GLU LE 227 -109.22 5.47 -85.51
N GLU LE 228 -109.30 4.90 -86.70
CA GLU LE 228 -110.14 3.72 -86.85
C GLU LE 228 -109.56 2.52 -86.11
N ASN LE 229 -108.25 2.35 -86.13
CA ASN LE 229 -107.68 1.27 -85.34
C ASN LE 229 -108.03 1.41 -83.87
N LYS LE 230 -107.95 2.63 -83.34
CA LYS LE 230 -108.29 2.83 -81.93
C LYS LE 230 -109.76 2.51 -81.64
N ARG LE 231 -110.68 3.04 -82.46
CA ARG LE 231 -112.09 2.76 -82.24
C ARG LE 231 -112.41 1.28 -82.29
N ILE LE 232 -111.85 0.57 -83.25
CA ILE LE 232 -112.16 -0.85 -83.36
C ILE LE 232 -111.56 -1.62 -82.20
N SER LE 233 -110.37 -1.23 -81.74
CA SER LE 233 -109.83 -1.93 -80.59
C SER LE 233 -110.70 -1.71 -79.36
N ILE LE 234 -111.26 -0.52 -79.21
CA ILE LE 234 -112.15 -0.28 -78.07
C ILE LE 234 -113.40 -1.15 -78.16
N TRP LE 235 -113.90 -1.41 -79.36
CA TRP LE 235 -115.08 -2.28 -79.44
C TRP LE 235 -114.73 -3.74 -79.15
N LEU LE 236 -113.62 -4.22 -79.72
CA LEU LE 236 -113.15 -5.55 -79.41
C LEU LE 236 -112.90 -5.75 -77.93
N ASP LE 237 -112.34 -4.75 -77.25
CA ASP LE 237 -112.13 -4.86 -75.81
C ASP LE 237 -113.40 -5.25 -75.07
N THR LE 238 -114.56 -4.85 -75.56
CA THR LE 238 -115.79 -5.17 -74.87
C THR LE 238 -116.38 -6.51 -75.30
N TYR LE 239 -116.49 -6.77 -76.60
CA TYR LE 239 -117.18 -8.02 -76.97
C TYR LE 239 -116.27 -9.22 -77.23
N TYR LE 240 -114.98 -9.02 -77.42
CA TYR LE 240 -114.03 -10.12 -77.65
C TYR LE 240 -112.79 -9.84 -76.81
N PRO LE 241 -112.93 -9.87 -75.49
CA PRO LE 241 -111.81 -9.47 -74.61
C PRO LE 241 -110.65 -10.44 -74.59
N GLN LE 242 -110.67 -11.52 -75.34
CA GLN LE 242 -109.59 -12.50 -75.28
C GLN LE 242 -109.03 -12.81 -76.66
N LEU LE 243 -109.44 -12.08 -77.69
CA LEU LE 243 -108.96 -12.28 -79.04
C LEU LE 243 -107.55 -11.72 -79.21
N ALA LE 244 -106.65 -12.52 -79.75
CA ALA LE 244 -105.27 -12.14 -80.05
C ALA LE 244 -105.13 -11.69 -81.50
N TYR LE 245 -104.71 -10.45 -81.72
CA TYR LE 245 -104.63 -9.89 -83.05
C TYR LE 245 -103.56 -8.80 -83.10
N TYR LE 246 -103.19 -8.42 -84.32
CA TYR LE 246 -102.14 -7.44 -84.57
C TYR LE 246 -102.66 -6.08 -85.01
N ARG LE 247 -103.08 -5.94 -86.26
CA ARG LE 247 -103.47 -4.65 -86.79
C ARG LE 247 -104.39 -4.84 -87.97
N ILE LE 248 -105.18 -3.81 -88.25
CA ILE LE 248 -106.02 -3.72 -89.44
C ILE LE 248 -105.46 -2.72 -90.44
N HIS LE 249 -105.17 -3.20 -91.64
CA HIS LE 249 -104.61 -2.42 -92.73
C HIS LE 249 -105.72 -1.90 -93.65
N PHE LE 250 -105.61 -0.63 -94.02
CA PHE LE 250 -106.58 0.05 -94.87
C PHE LE 250 -105.93 0.59 -96.13
N ASP LE 251 -105.02 -0.19 -96.72
CA ASP LE 251 -104.42 0.24 -97.97
C ASP LE 251 -105.49 0.39 -99.05
N GLU LE 252 -106.43 -0.53 -99.07
CA GLU LE 252 -107.62 -0.47 -99.90
C GLU LE 252 -108.78 -0.23 -98.96
N PRO LE 253 -109.29 1.00 -98.83
CA PRO LE 253 -110.30 1.26 -97.81
C PRO LE 253 -111.59 0.53 -98.04
N ARG LE 254 -111.86 0.04 -99.23
CA ARG LE 254 -113.07 -0.74 -99.44
C ARG LE 254 -112.93 -2.18 -99.01
N LYS LE 255 -111.72 -2.68 -98.75
CA LYS LE 255 -111.53 -4.08 -98.36
C LYS LE 255 -110.39 -4.21 -97.38
N PRO LE 256 -110.61 -3.85 -96.13
CA PRO LE 256 -109.55 -3.95 -95.14
C PRO LE 256 -109.12 -5.39 -94.88
N VAL LE 257 -107.93 -5.50 -94.31
CA VAL LE 257 -107.29 -6.78 -94.01
C VAL LE 257 -107.03 -6.84 -92.51
N PHE LE 258 -107.51 -7.89 -91.86
CA PHE LE 258 -107.39 -8.06 -90.42
C PHE LE 258 -106.49 -9.25 -90.12
N TRP LE 259 -105.38 -8.99 -89.46
CA TRP LE 259 -104.37 -9.98 -89.08
C TRP LE 259 -104.60 -10.57 -87.70
N LEU LE 260 -104.80 -11.88 -87.63
CA LEU LE 260 -104.98 -12.59 -86.36
C LEU LE 260 -103.80 -13.53 -86.13
N SER LE 261 -103.48 -13.76 -84.87
CA SER LE 261 -102.48 -14.74 -84.51
C SER LE 261 -102.95 -16.17 -84.74
N ARG LE 262 -102.13 -16.94 -85.44
CA ARG LE 262 -102.39 -18.36 -85.65
C ARG LE 262 -102.30 -19.21 -84.38
N GLN LE 263 -101.33 -18.95 -83.52
CA GLN LE 263 -101.20 -19.77 -82.32
C GLN LE 263 -102.12 -19.33 -81.18
N ARG LE 264 -102.15 -18.05 -80.86
CA ARG LE 264 -102.79 -17.63 -79.62
C ARG LE 264 -104.31 -17.61 -79.71
N ASN LE 265 -104.91 -17.92 -80.86
CA ASN LE 265 -106.34 -18.07 -80.97
C ASN LE 265 -106.69 -19.49 -81.37
N THR LE 266 -107.82 -19.97 -80.87
CA THR LE 266 -108.58 -21.05 -81.50
C THR LE 266 -109.98 -20.57 -81.83
N MET LE 267 -110.35 -20.64 -83.10
CA MET LE 267 -111.69 -20.30 -83.54
C MET LE 267 -112.06 -21.22 -84.69
N SER LE 268 -113.35 -21.49 -84.82
CA SER LE 268 -113.87 -22.19 -85.99
C SER LE 268 -114.18 -21.22 -87.12
N LYS LE 269 -114.30 -21.78 -88.32
CA LYS LE 269 -114.65 -21.00 -89.49
C LYS LE 269 -115.93 -20.20 -89.31
N LYS LE 270 -116.93 -20.81 -88.69
CA LYS LE 270 -118.19 -20.12 -88.41
C LYS LE 270 -117.95 -18.89 -87.56
N GLU LE 271 -117.18 -19.04 -86.49
CA GLU LE 271 -116.84 -17.92 -85.63
C GLU LE 271 -116.12 -16.84 -86.40
N LEU LE 272 -115.14 -17.21 -87.22
CA LEU LE 272 -114.44 -16.21 -88.02
C LEU LE 272 -115.39 -15.45 -88.92
N GLU LE 273 -116.32 -16.14 -89.56
CA GLU LE 273 -117.30 -15.47 -90.41
C GLU LE 273 -118.16 -14.48 -89.61
N VAL LE 274 -118.66 -14.92 -88.46
CA VAL LE 274 -119.46 -14.02 -87.63
C VAL LE 274 -118.67 -12.76 -87.27
N LEU LE 275 -117.44 -12.95 -86.81
CA LEU LE 275 -116.56 -11.82 -86.53
C LEU LE 275 -116.45 -10.90 -87.74
N SER LE 276 -116.22 -11.49 -88.92
CA SER LE 276 -116.14 -10.72 -90.16
C SER LE 276 -117.38 -9.85 -90.38
N GLN LE 277 -118.55 -10.45 -90.23
CA GLN LE 277 -119.77 -9.68 -90.46
C GLN LE 277 -119.95 -8.58 -89.44
N LYS LE 278 -119.62 -8.82 -88.18
CA LYS LE 278 -119.79 -7.74 -87.20
C LYS LE 278 -118.83 -6.59 -87.46
N LEU LE 279 -117.59 -6.89 -87.85
CA LEU LE 279 -116.69 -5.81 -88.26
C LEU LE 279 -117.27 -5.03 -89.43
N ARG LE 280 -117.79 -5.75 -90.41
CA ARG LE 280 -118.37 -5.08 -91.55
C ARG LE 280 -119.51 -4.18 -91.12
N ALA LE 281 -120.23 -4.57 -90.07
CA ALA LE 281 -121.30 -3.70 -89.60
C ALA LE 281 -120.74 -2.47 -88.89
N LEU LE 282 -119.57 -2.58 -88.29
CA LEU LE 282 -118.96 -1.39 -87.69
C LEU LE 282 -118.41 -0.43 -88.72
N MET LE 283 -118.06 -0.91 -89.91
CA MET LE 283 -117.45 -0.06 -90.93
C MET LE 283 -118.39 0.05 -92.12
N PRO LE 284 -119.32 1.02 -92.10
CA PRO LE 284 -120.30 1.13 -93.18
C PRO LE 284 -119.73 1.53 -94.53
N TYR LE 285 -118.45 1.85 -94.65
CA TYR LE 285 -117.88 2.17 -95.95
C TYR LE 285 -117.14 1.01 -96.58
N ALA LE 286 -116.99 -0.11 -95.89
CA ALA LE 286 -116.25 -1.25 -96.40
C ALA LE 286 -117.20 -2.31 -96.93
N ASP LE 287 -116.88 -2.86 -98.10
CA ASP LE 287 -117.70 -3.90 -98.69
C ASP LE 287 -117.44 -5.27 -98.08
N SER LE 288 -116.24 -5.54 -97.60
CA SER LE 288 -115.95 -6.82 -96.96
C SER LE 288 -114.65 -6.70 -96.21
N VAL LE 289 -114.44 -7.60 -95.26
CA VAL LE 289 -113.21 -7.64 -94.47
C VAL LE 289 -112.54 -8.99 -94.65
N ASN LE 290 -111.27 -8.98 -95.05
CA ASN LE 290 -110.51 -10.19 -95.27
C ASN LE 290 -109.71 -10.52 -94.01
N ILE LE 291 -109.91 -11.71 -93.45
CA ILE LE 291 -109.16 -12.16 -92.27
C ILE LE 291 -108.02 -13.06 -92.67
N THR LE 292 -106.82 -12.70 -92.25
CA THR LE 292 -105.59 -13.44 -92.54
C THR LE 292 -104.88 -13.80 -91.25
N LEU LE 293 -104.41 -15.04 -91.16
CA LEU LE 293 -103.65 -15.54 -90.02
C LEU LE 293 -102.16 -15.39 -90.23
N MET LE 294 -101.48 -14.77 -89.27
CA MET LE 294 -100.06 -14.48 -89.33
C MET LE 294 -99.34 -15.26 -88.24
N ASP LE 295 -98.05 -15.49 -88.46
CA ASP LE 295 -97.19 -16.23 -87.53
C ASP LE 295 -96.38 -15.36 -86.57
N ASP LE 296 -96.53 -15.66 -85.28
CA ASP LE 296 -95.79 -14.95 -84.23
C ASP LE 296 -94.29 -15.14 -84.38
N VAL LE 297 -93.84 -16.36 -84.67
CA VAL LE 297 -92.40 -16.57 -84.83
C VAL LE 297 -91.86 -15.65 -85.90
N THR LE 298 -92.59 -15.47 -86.99
CA THR LE 298 -92.19 -14.53 -88.02
C THR LE 298 -92.05 -13.12 -87.46
N ALA LE 299 -93.09 -12.63 -86.79
CA ALA LE 299 -93.01 -11.31 -86.17
C ALA LE 299 -91.76 -11.12 -85.30
N ALA LE 300 -91.59 -12.00 -84.31
CA ALA LE 300 -90.42 -11.94 -83.43
C ALA LE 300 -89.11 -12.00 -84.21
N GLY LE 301 -89.01 -12.89 -85.19
CA GLY LE 301 -87.79 -12.99 -85.97
C GLY LE 301 -87.46 -11.75 -86.75
N GLN LE 302 -88.44 -11.15 -87.41
CA GLN LE 302 -88.19 -9.89 -88.09
C GLN LE 302 -87.80 -8.77 -87.14
N ALA LE 303 -88.29 -8.79 -85.90
CA ALA LE 303 -87.80 -7.82 -84.93
C ALA LE 303 -86.32 -8.04 -84.60
N GLU LE 304 -85.94 -9.27 -84.33
CA GLU LE 304 -84.56 -9.48 -83.91
C GLU LE 304 -83.60 -9.27 -85.07
N ALA LE 305 -83.97 -9.73 -86.25
CA ALA LE 305 -83.12 -9.51 -87.41
C ALA LE 305 -82.92 -8.03 -87.68
N GLY LE 306 -83.97 -7.22 -87.53
CA GLY LE 306 -83.77 -5.79 -87.72
C GLY LE 306 -82.82 -5.18 -86.71
N LEU LE 307 -82.95 -5.56 -85.43
CA LEU LE 307 -81.99 -5.03 -84.45
C LEU LE 307 -80.56 -5.44 -84.75
N LYS LE 308 -80.35 -6.68 -85.20
CA LYS LE 308 -79.00 -7.08 -85.55
C LYS LE 308 -78.51 -6.31 -86.76
N GLN LE 309 -79.34 -6.18 -87.79
CA GLN LE 309 -78.93 -5.45 -88.96
C GLN LE 309 -78.52 -4.04 -88.60
N GLN LE 310 -79.17 -3.44 -87.61
CA GLN LE 310 -78.76 -2.10 -87.19
C GLN LE 310 -77.60 -2.12 -86.21
N ALA LE 311 -77.11 -3.29 -85.82
CA ALA LE 311 -76.00 -3.40 -84.87
C ALA LE 311 -76.20 -2.64 -83.56
N LEU LE 312 -77.41 -2.62 -83.07
CA LEU LE 312 -77.67 -2.06 -81.75
C LEU LE 312 -77.39 -3.12 -80.68
N PRO LE 313 -76.93 -2.71 -79.50
CA PRO LE 313 -76.88 -3.65 -78.37
C PRO LE 313 -78.25 -3.82 -77.73
N TYR LE 314 -78.58 -5.06 -77.37
CA TYR LE 314 -79.91 -5.32 -76.84
C TYR LE 314 -79.93 -6.58 -75.98
N SER LE 315 -81.02 -6.70 -75.22
CA SER LE 315 -81.37 -7.91 -74.47
C SER LE 315 -82.81 -8.29 -74.81
N ARG LE 316 -83.07 -9.59 -74.88
CA ARG LE 316 -84.38 -10.12 -75.26
C ARG LE 316 -84.99 -10.88 -74.10
N ARG LE 317 -86.24 -10.57 -73.76
CA ARG LE 317 -87.00 -11.26 -72.74
C ARG LE 317 -88.28 -11.82 -73.35
N ASN LE 318 -88.57 -13.09 -73.05
CA ASN LE 318 -89.74 -13.77 -73.56
C ASN LE 318 -90.79 -13.97 -72.48
N HIS LE 319 -92.03 -13.64 -72.78
CA HIS LE 319 -93.14 -13.87 -71.88
C HIS LE 319 -94.20 -14.62 -72.65
N LYS LE 320 -95.16 -15.19 -71.92
CA LYS LE 320 -96.18 -16.03 -72.53
C LYS LE 320 -96.83 -15.33 -73.70
N GLY LE 321 -97.19 -14.06 -73.53
CA GLY LE 321 -97.92 -13.34 -74.53
C GLY LE 321 -97.16 -12.24 -75.22
N GLY LE 322 -95.83 -12.20 -75.12
CA GLY LE 322 -95.15 -11.07 -75.72
C GLY LE 322 -93.65 -11.15 -75.59
N VAL LE 323 -92.98 -10.29 -76.36
CA VAL LE 323 -91.53 -10.23 -76.38
C VAL LE 323 -91.10 -8.81 -76.10
N THR LE 324 -90.07 -8.65 -75.28
CA THR LE 324 -89.55 -7.34 -74.91
C THR LE 324 -88.07 -7.22 -75.21
N PHE LE 325 -87.70 -6.20 -75.97
CA PHE LE 325 -86.30 -5.90 -76.26
C PHE LE 325 -85.89 -4.65 -75.51
N VAL LE 326 -84.90 -4.79 -74.64
CA VAL LE 326 -84.34 -3.70 -73.85
C VAL LE 326 -83.04 -3.25 -74.47
N ILE LE 327 -82.95 -1.96 -74.78
CA ILE LE 327 -81.81 -1.33 -75.40
C ILE LE 327 -81.36 -0.22 -74.45
N GLN LE 328 -80.38 -0.51 -73.61
CA GLN LE 328 -80.00 0.42 -72.55
C GLN LE 328 -78.50 0.59 -72.48
N GLY LE 329 -78.07 1.79 -72.12
CA GLY LE 329 -76.68 2.12 -71.99
C GLY LE 329 -76.37 3.51 -72.49
N ALA LE 330 -75.07 3.77 -72.64
CA ALA LE 330 -74.50 5.01 -73.17
C ALA LE 330 -74.54 5.14 -74.68
N LEU LE 331 -75.72 4.98 -75.27
CA LEU LE 331 -75.87 5.06 -76.72
C LEU LE 331 -75.35 6.39 -77.27
N ASP LE 332 -74.87 6.34 -78.51
CA ASP LE 332 -74.43 7.48 -79.29
C ASP LE 332 -75.57 8.07 -80.12
N ASP LE 333 -75.36 9.32 -80.56
CA ASP LE 333 -76.31 10.01 -81.43
C ASP LE 333 -76.69 9.21 -82.68
N VAL LE 334 -75.69 8.66 -83.37
CA VAL LE 334 -75.96 7.87 -84.56
C VAL LE 334 -76.83 6.67 -84.24
N GLU LE 335 -76.57 6.03 -83.11
CA GLU LE 335 -77.38 4.90 -82.68
C GLU LE 335 -78.80 5.32 -82.36
N ILE LE 336 -78.97 6.35 -81.53
CA ILE LE 336 -80.31 6.83 -81.24
C ILE LE 336 -81.10 7.09 -82.52
N LEU LE 337 -80.48 7.77 -83.48
CA LEU LE 337 -81.17 8.04 -84.73
C LEU LE 337 -81.58 6.75 -85.47
N ARG LE 338 -80.63 5.84 -85.69
CA ARG LE 338 -80.98 4.59 -86.34
C ARG LE 338 -82.11 3.85 -85.63
N ALA LE 339 -81.97 3.65 -84.33
CA ALA LE 339 -83.01 2.98 -83.55
C ALA LE 339 -84.37 3.62 -83.72
N ARG LE 340 -84.46 4.94 -83.54
CA ARG LE 340 -85.74 5.60 -83.73
C ARG LE 340 -86.35 5.30 -85.10
N GLN LE 341 -85.57 5.47 -86.17
CA GLN LE 341 -86.09 5.15 -87.50
C GLN LE 341 -86.61 3.71 -87.60
N PHE LE 342 -85.82 2.76 -87.15
CA PHE LE 342 -86.22 1.35 -87.21
C PHE LE 342 -87.50 1.08 -86.45
N VAL LE 343 -87.53 1.45 -85.17
CA VAL LE 343 -88.73 1.23 -84.36
C VAL LE 343 -89.95 1.82 -85.05
N ASP LE 344 -89.84 3.03 -85.56
CA ASP LE 344 -91.00 3.61 -86.19
C ASP LE 344 -91.39 2.87 -87.46
N SER LE 345 -90.44 2.24 -88.13
CA SER LE 345 -90.81 1.46 -89.31
C SER LE 345 -91.56 0.20 -88.94
N TYR LE 346 -91.04 -0.54 -87.96
CA TYR LE 346 -91.68 -1.77 -87.50
C TYR LE 346 -93.08 -1.54 -86.98
N TYR LE 347 -93.22 -0.57 -86.07
CA TYR LE 347 -94.51 -0.32 -85.47
C TYR LE 347 -95.60 -0.04 -86.48
N ARG LE 348 -95.28 0.61 -87.59
CA ARG LE 348 -96.32 0.92 -88.56
C ARG LE 348 -96.85 -0.31 -89.27
N THR LE 349 -96.08 -1.38 -89.28
CA THR LE 349 -96.48 -2.66 -89.87
C THR LE 349 -97.21 -3.55 -88.86
N TRP LE 350 -96.58 -3.84 -87.74
CA TRP LE 350 -97.08 -4.79 -86.77
C TRP LE 350 -97.84 -4.22 -85.57
N GLY LE 351 -97.90 -2.91 -85.40
CA GLY LE 351 -98.44 -2.38 -84.17
C GLY LE 351 -97.59 -2.67 -82.93
N GLY LE 352 -98.14 -2.30 -81.79
CA GLY LE 352 -97.52 -2.48 -80.49
C GLY LE 352 -98.04 -3.51 -79.51
N ARG LE 353 -98.76 -4.52 -79.97
CA ARG LE 353 -99.37 -5.49 -79.06
C ARG LE 353 -98.45 -6.65 -78.67
N TYR LE 354 -97.75 -7.26 -79.61
CA TYR LE 354 -96.93 -8.42 -79.27
C TYR LE 354 -95.49 -8.09 -78.85
N VAL LE 355 -94.78 -7.28 -79.63
CA VAL LE 355 -93.38 -6.93 -79.37
C VAL LE 355 -93.26 -5.48 -78.88
N GLN LE 356 -92.52 -5.28 -77.79
CA GLN LE 356 -92.24 -3.98 -77.19
C GLN LE 356 -90.74 -3.68 -77.14
N PHE LE 357 -90.37 -2.43 -77.44
CA PHE LE 357 -89.00 -1.93 -77.38
C PHE LE 357 -88.85 -0.86 -76.30
N ALA LE 358 -87.77 -0.95 -75.52
CA ALA LE 358 -87.50 0.01 -74.44
C ALA LE 358 -86.09 0.58 -74.57
N ILE LE 359 -86.00 1.89 -74.80
CA ILE LE 359 -84.73 2.63 -74.95
C ILE LE 359 -84.39 3.37 -73.67
N GLU LE 360 -83.22 3.10 -73.08
CA GLU LE 360 -82.86 3.63 -71.76
C GLU LE 360 -81.43 4.17 -71.67
N LEU LE 361 -81.29 5.48 -71.85
CA LEU LE 361 -80.01 6.17 -71.69
C LEU LE 361 -79.56 6.20 -70.25
N LYS LE 362 -78.29 5.92 -70.00
CA LYS LE 362 -77.75 5.95 -68.65
C LYS LE 362 -76.27 6.32 -68.70
N ASP LE 363 -75.78 6.80 -67.57
CA ASP LE 363 -74.40 7.25 -67.42
C ASP LE 363 -73.37 6.13 -67.51
N ASP LE 364 -72.14 6.54 -67.85
CA ASP LE 364 -70.98 5.68 -67.99
C ASP LE 364 -70.11 5.74 -66.73
N TRP LE 365 -69.90 4.59 -66.10
CA TRP LE 365 -69.06 4.49 -64.91
C TRP LE 365 -67.61 4.17 -65.22
N LEU LE 366 -67.33 3.52 -66.33
CA LEU LE 366 -65.99 3.02 -66.63
C LEU LE 366 -65.01 4.06 -67.15
N LYS LE 367 -65.48 5.06 -67.89
CA LYS LE 367 -64.58 6.08 -68.40
C LYS LE 367 -63.62 6.61 -67.35
N GLY LE 368 -62.32 6.47 -67.65
CA GLY LE 368 -61.20 6.82 -66.79
C GLY LE 368 -60.94 5.97 -65.56
N ARG LE 369 -61.51 4.78 -65.45
CA ARG LE 369 -61.29 3.92 -64.29
C ARG LE 369 -60.72 2.57 -64.72
N SER LE 370 -59.85 2.02 -63.88
CA SER LE 370 -59.32 0.68 -64.07
C SER LE 370 -60.30 -0.33 -63.52
N PHE LE 371 -60.40 -1.48 -64.18
CA PHE LE 371 -61.38 -2.47 -63.74
C PHE LE 371 -61.01 -3.86 -64.22
N GLN LE 372 -61.57 -4.85 -63.55
CA GLN LE 372 -61.48 -6.25 -63.91
C GLN LE 372 -62.83 -6.74 -64.37
N TYR LE 373 -62.87 -7.47 -65.46
CA TYR LE 373 -64.11 -7.92 -66.06
C TYR LE 373 -64.12 -9.41 -66.31
N GLY LE 374 -65.33 -9.97 -66.35
CA GLY LE 374 -65.54 -11.40 -66.44
C GLY LE 374 -66.39 -11.91 -65.28
N ALA LE 375 -66.05 -13.11 -64.81
CA ALA LE 375 -66.78 -13.71 -63.69
C ALA LE 375 -66.64 -12.93 -62.37
N GLU LE 376 -65.46 -12.40 -62.10
CA GLU LE 376 -65.18 -11.73 -60.82
C GLU LE 376 -64.92 -10.24 -60.94
N GLY LE 377 -65.69 -9.53 -61.75
CA GLY LE 377 -65.35 -8.15 -62.01
C GLY LE 377 -65.63 -7.24 -60.84
N TYR LE 378 -64.90 -6.13 -60.84
CA TYR LE 378 -65.05 -5.04 -59.88
C TYR LE 378 -64.39 -3.81 -60.48
N ILE LE 379 -64.70 -2.66 -59.91
CA ILE LE 379 -64.19 -1.39 -60.43
C ILE LE 379 -63.34 -0.73 -59.36
N LYS LE 380 -62.23 -0.13 -59.78
CA LYS LE 380 -61.44 0.70 -58.89
C LYS LE 380 -61.99 2.12 -58.94
N MET LE 381 -62.71 2.52 -57.90
CA MET LE 381 -63.18 3.90 -57.84
C MET LE 381 -61.97 4.82 -57.77
N SER LE 382 -61.00 4.44 -56.97
CA SER LE 382 -59.70 5.09 -56.91
C SER LE 382 -58.76 4.10 -56.25
N PRO LE 383 -57.46 4.34 -56.30
CA PRO LE 383 -56.55 3.50 -55.51
C PRO LE 383 -57.04 3.40 -54.08
N GLY LE 384 -57.13 2.16 -53.59
CA GLY LE 384 -57.67 1.93 -52.27
C GLY LE 384 -59.18 1.84 -52.13
N HIS LE 385 -59.96 2.02 -53.19
CA HIS LE 385 -61.41 1.90 -53.08
C HIS LE 385 -61.96 0.95 -54.15
N TRP LE 386 -62.49 -0.19 -53.71
CA TRP LE 386 -63.02 -1.22 -54.60
C TRP LE 386 -64.54 -1.21 -54.57
N TYR LE 387 -65.15 -1.24 -55.75
CA TYR LE 387 -66.59 -1.35 -55.90
C TYR LE 387 -66.95 -2.69 -56.52
N PHE LE 388 -67.83 -3.44 -55.87
CA PHE LE 388 -68.28 -4.71 -56.42
C PHE LE 388 -69.70 -4.55 -56.90
N PRO LE 389 -69.99 -4.66 -58.19
CA PRO LE 389 -71.37 -4.64 -58.65
C PRO LE 389 -72.06 -5.97 -58.40
N SER LE 390 -73.37 -5.96 -58.58
CA SER LE 390 -74.19 -7.13 -58.28
C SER LE 390 -73.96 -8.27 -59.26
N ALA ME 171 -103.48 24.71 -124.87
CA ALA ME 171 -102.24 24.93 -124.15
C ALA ME 171 -101.77 23.63 -123.52
N GLU ME 172 -100.85 22.95 -124.19
CA GLU ME 172 -100.37 21.68 -123.68
C GLU ME 172 -99.49 21.89 -122.46
N LEU ME 173 -99.33 20.83 -121.68
CA LEU ME 173 -98.54 20.93 -120.47
C LEU ME 173 -97.07 21.21 -120.76
N ASP ME 174 -96.53 20.60 -121.81
CA ASP ME 174 -95.13 20.82 -122.13
C ASP ME 174 -94.82 22.30 -122.39
N SER ME 175 -95.78 23.05 -122.93
CA SER ME 175 -95.55 24.46 -123.20
C SER ME 175 -95.47 25.30 -121.93
N LEU ME 176 -96.01 24.80 -120.82
CA LEU ME 176 -96.05 25.55 -119.57
C LEU ME 176 -94.88 25.29 -118.64
N LEU ME 177 -94.12 24.21 -118.83
CA LEU ME 177 -93.07 23.90 -117.88
C LEU ME 177 -91.80 24.70 -118.07
N GLY ME 178 -91.60 25.36 -119.21
CA GLY ME 178 -90.34 26.06 -119.38
C GLY ME 178 -89.69 26.02 -120.74
N GLN ME 179 -88.57 26.73 -120.85
CA GLN ME 179 -87.75 26.69 -122.04
C GLN ME 179 -86.91 25.42 -122.14
N GLU ME 180 -86.34 24.95 -121.03
CA GLU ME 180 -85.60 23.70 -121.04
C GLU ME 180 -86.51 22.49 -121.19
N LYS ME 181 -87.06 22.30 -122.39
CA LYS ME 181 -88.02 21.23 -122.64
C LYS ME 181 -87.53 19.86 -122.20
N GLU ME 182 -86.25 19.59 -122.36
CA GLU ME 182 -85.66 18.27 -122.11
C GLU ME 182 -85.60 17.90 -120.64
N ARG ME 183 -85.83 18.85 -119.74
CA ARG ME 183 -85.66 18.60 -118.33
C ARG ME 183 -86.74 17.66 -117.76
N PHE ME 184 -87.88 17.51 -118.42
CA PHE ME 184 -89.05 16.83 -117.90
C PHE ME 184 -89.57 15.82 -118.92
N GLN ME 185 -90.37 14.86 -118.46
CA GLN ME 185 -90.94 13.88 -119.41
C GLN ME 185 -92.40 13.64 -119.06
N VAL ME 186 -93.28 13.82 -120.04
CA VAL ME 186 -94.73 13.73 -119.86
C VAL ME 186 -95.28 12.45 -120.47
N LEU ME 187 -95.86 11.59 -119.63
CA LEU ME 187 -96.43 10.32 -120.04
C LEU ME 187 -97.94 10.28 -119.83
N PRO ME 188 -98.70 9.80 -120.80
CA PRO ME 188 -100.15 9.61 -120.61
C PRO ME 188 -100.45 8.34 -119.83
N GLY ME 189 -101.22 8.47 -118.77
CA GLY ME 189 -101.59 7.34 -117.93
C GLY ME 189 -102.93 6.76 -118.33
N ARG ME 190 -103.07 5.44 -118.15
CA ARG ME 190 -104.31 4.77 -118.48
C ARG ME 190 -105.50 5.28 -117.68
N ASP ME 191 -105.27 5.88 -116.52
CA ASP ME 191 -106.34 6.44 -115.69
C ASP ME 191 -106.78 7.83 -116.13
N LYS ME 192 -106.47 8.24 -117.35
CA LYS ME 192 -106.85 9.55 -117.86
C LYS ME 192 -106.19 10.70 -117.10
N MET ME 193 -104.90 10.59 -116.86
CA MET ME 193 -104.18 11.60 -116.08
C MET ME 193 -102.79 11.73 -116.68
N LEU ME 194 -102.26 12.95 -116.70
CA LEU ME 194 -100.89 13.18 -117.17
C LEU ME 194 -99.86 13.02 -116.05
N TYR ME 195 -98.85 12.18 -116.27
CA TYR ME 195 -97.78 11.96 -115.30
C TYR ME 195 -96.49 12.63 -115.77
N VAL ME 196 -95.97 13.53 -114.96
CA VAL ME 196 -94.75 14.26 -115.24
C VAL ME 196 -93.63 13.61 -114.44
N ALA ME 197 -92.67 13.04 -115.15
CA ALA ME 197 -91.49 12.41 -114.56
C ALA ME 197 -90.37 13.44 -114.44
N ALA ME 198 -89.87 13.59 -113.21
CA ALA ME 198 -88.80 14.49 -112.81
C ALA ME 198 -87.58 13.68 -112.39
N GLN ME 199 -86.44 14.37 -112.30
CA GLN ME 199 -85.17 13.72 -111.91
C GLN ME 199 -84.77 13.97 -110.46
N ASN ME 200 -85.26 15.01 -109.81
CA ASN ME 200 -84.77 15.35 -108.48
C ASN ME 200 -85.82 16.20 -107.78
N GLU ME 201 -85.57 16.46 -106.50
CA GLU ME 201 -86.46 17.30 -105.70
C GLU ME 201 -86.66 18.71 -106.24
N ARG ME 202 -85.58 19.42 -106.50
CA ARG ME 202 -85.69 20.78 -107.02
C ARG ME 202 -86.58 20.83 -108.27
N ASP ME 203 -86.33 19.97 -109.24
CA ASP ME 203 -87.17 19.90 -110.43
C ASP ME 203 -88.60 19.50 -110.10
N THR ME 204 -88.76 18.57 -109.18
CA THR ME 204 -90.08 18.16 -108.72
C THR ME 204 -90.90 19.34 -108.23
N LEU ME 205 -90.30 20.17 -107.39
CA LEU ME 205 -91.02 21.36 -106.92
C LEU ME 205 -91.22 22.39 -108.04
N TRP ME 206 -90.28 22.49 -108.97
CA TRP ME 206 -90.50 23.38 -110.10
C TRP ME 206 -91.74 22.99 -110.88
N ALA ME 207 -91.99 21.69 -111.00
CA ALA ME 207 -93.20 21.24 -111.68
C ALA ME 207 -94.43 21.42 -110.81
N ARG ME 208 -94.38 20.93 -109.57
CA ARG ME 208 -95.54 21.01 -108.70
C ARG ME 208 -96.07 22.43 -108.55
N GLN ME 209 -95.21 23.44 -108.56
CA GLN ME 209 -95.73 24.81 -108.49
C GLN ME 209 -96.67 25.12 -109.65
N VAL ME 210 -96.37 24.61 -110.84
CA VAL ME 210 -97.22 24.90 -112.00
C VAL ME 210 -98.62 24.34 -111.79
N LEU ME 211 -98.71 23.09 -111.36
CA LEU ME 211 -99.99 22.47 -111.12
C LEU ME 211 -100.73 23.12 -109.97
N ALA ME 212 -100.07 23.29 -108.84
CA ALA ME 212 -100.73 23.81 -107.65
C ALA ME 212 -101.20 25.24 -107.83
N ARG ME 213 -100.48 26.04 -108.59
CA ARG ME 213 -101.01 27.35 -108.95
C ARG ME 213 -102.30 27.19 -109.75
N GLY ME 214 -102.45 26.08 -110.47
CA GLY ME 214 -103.61 25.85 -111.28
C GLY ME 214 -103.53 26.37 -112.70
N ASP ME 215 -102.34 26.39 -113.28
CA ASP ME 215 -102.20 26.84 -114.66
C ASP ME 215 -102.77 25.84 -115.66
N TYR ME 216 -102.85 24.56 -115.30
CA TYR ME 216 -103.38 23.52 -116.18
C TYR ME 216 -104.72 23.05 -115.65
N ASP ME 217 -105.65 22.79 -116.56
CA ASP ME 217 -107.04 22.50 -116.18
C ASP ME 217 -107.35 21.02 -116.00
N LYS ME 218 -106.76 20.15 -116.79
CA LYS ME 218 -106.97 18.72 -116.63
C LYS ME 218 -106.15 18.15 -115.47
N ASN ME 219 -106.34 16.85 -115.22
CA ASN ME 219 -105.61 16.16 -114.16
C ASN ME 219 -104.17 15.83 -114.53
N ALA ME 220 -103.29 16.03 -113.55
CA ALA ME 220 -101.88 15.77 -113.73
C ALA ME 220 -101.27 15.46 -112.37
N ARG ME 221 -100.10 14.83 -112.42
CA ARG ME 221 -99.42 14.38 -111.22
C ARG ME 221 -97.93 14.42 -111.51
N VAL ME 222 -97.12 14.63 -110.47
CA VAL ME 222 -95.66 14.66 -110.58
C VAL ME 222 -95.09 13.45 -109.86
N ILE ME 223 -94.09 12.81 -110.47
CA ILE ME 223 -93.50 11.61 -109.88
C ILE ME 223 -91.99 11.57 -110.11
N ASN ME 224 -91.33 10.83 -109.21
CA ASN ME 224 -89.89 10.60 -109.27
C ASN ME 224 -89.60 9.23 -108.65
N GLU ME 225 -88.39 8.76 -108.95
CA GLU ME 225 -87.98 7.42 -108.58
C GLU ME 225 -87.98 7.15 -107.08
N ASN ME 226 -87.52 8.07 -106.25
CA ASN ME 226 -87.48 7.75 -104.82
C ASN ME 226 -88.88 7.65 -104.23
N GLU ME 227 -89.76 8.59 -104.56
CA GLU ME 227 -91.13 8.51 -104.08
C GLU ME 227 -91.78 7.20 -104.50
N GLU ME 228 -91.59 6.81 -105.75
CA GLU ME 228 -92.24 5.58 -106.20
C GLU ME 228 -91.64 4.35 -105.52
N ASN ME 229 -90.34 4.30 -105.31
CA ASN ME 229 -89.79 3.17 -104.58
C ASN ME 229 -90.42 3.07 -103.20
N LYS ME 230 -90.58 4.19 -102.51
CA LYS ME 230 -91.20 4.15 -101.19
C LYS ME 230 -92.63 3.65 -101.23
N ARG ME 231 -93.43 4.22 -102.14
CA ARG ME 231 -94.84 3.82 -102.25
C ARG ME 231 -94.98 2.32 -102.54
N ILE ME 232 -94.20 1.81 -103.48
CA ILE ME 232 -94.34 0.41 -103.82
C ILE ME 232 -93.86 -0.47 -102.67
N SER ME 233 -92.82 -0.06 -101.95
CA SER ME 233 -92.40 -0.88 -100.83
C SER ME 233 -93.47 -0.91 -99.75
N ILE ME 234 -94.16 0.20 -99.55
CA ILE ME 234 -95.24 0.18 -98.57
C ILE ME 234 -96.36 -0.76 -98.98
N TRP ME 235 -96.64 -0.88 -100.27
CA TRP ME 235 -97.68 -1.83 -100.67
C TRP ME 235 -97.22 -3.28 -100.53
N LEU ME 236 -95.98 -3.55 -100.94
CA LEU ME 236 -95.41 -4.89 -100.74
C LEU ME 236 -95.46 -5.30 -99.29
N ASP ME 237 -95.18 -4.37 -98.38
CA ASP ME 237 -95.25 -4.67 -96.95
C ASP ME 237 -96.57 -5.28 -96.55
N THR ME 238 -97.65 -4.93 -97.23
CA THR ME 238 -98.94 -5.47 -96.86
C THR ME 238 -99.26 -6.77 -97.56
N TYR ME 239 -99.06 -6.87 -98.87
CA TYR ME 239 -99.49 -8.10 -99.54
C TYR ME 239 -98.41 -9.17 -99.73
N TYR ME 240 -97.14 -8.84 -99.60
CA TYR ME 240 -96.03 -9.78 -99.75
C TYR ME 240 -95.03 -9.50 -98.64
N PRO ME 241 -95.42 -9.73 -97.39
CA PRO ME 241 -94.57 -9.34 -96.26
C PRO ME 241 -93.29 -10.15 -96.10
N GLN ME 242 -93.01 -11.13 -96.95
CA GLN ME 242 -91.81 -11.95 -96.80
C GLN ME 242 -90.99 -12.00 -98.08
N LEU ME 243 -91.33 -11.18 -99.08
CA LEU ME 243 -90.57 -11.13 -100.31
C LEU ME 243 -89.24 -10.41 -100.11
N ALA ME 244 -88.15 -11.04 -100.54
CA ALA ME 244 -86.82 -10.48 -100.50
C ALA ME 244 -86.48 -9.85 -101.84
N TYR ME 245 -86.16 -8.55 -101.84
CA TYR ME 245 -85.93 -7.84 -103.08
C TYR ME 245 -84.98 -6.69 -102.83
N TYR ME 246 -84.46 -6.11 -103.91
CA TYR ME 246 -83.51 -5.00 -103.84
C TYR ME 246 -84.10 -3.64 -104.21
N ARG ME 247 -84.33 -3.38 -105.48
CA ARG ME 247 -84.78 -2.06 -105.90
C ARG ME 247 -85.48 -2.18 -107.24
N ILE ME 248 -86.33 -1.19 -107.51
CA ILE ME 248 -86.97 -1.02 -108.81
C ILE ME 248 -86.36 0.17 -109.54
N HIS ME 249 -85.80 -0.10 -110.72
CA HIS ME 249 -85.12 0.88 -111.58
C HIS ME 249 -86.08 1.43 -112.63
N PHE ME 250 -86.05 2.75 -112.81
CA PHE ME 250 -86.90 3.46 -113.76
C PHE ME 250 -86.07 4.24 -114.77
N ASP ME 251 -84.98 3.66 -115.24
CA ASP ME 251 -84.20 4.32 -116.27
C ASP ME 251 -85.05 4.54 -117.53
N GLU ME 252 -85.83 3.54 -117.90
CA GLU ME 252 -86.81 3.60 -118.98
C GLU ME 252 -88.17 3.50 -118.30
N PRO ME 253 -88.88 4.61 -118.10
CA PRO ME 253 -90.09 4.56 -117.27
C PRO ME 253 -91.23 3.74 -117.85
N ARG ME 254 -91.22 3.42 -119.13
CA ARG ME 254 -92.28 2.55 -119.64
C ARG ME 254 -92.02 1.07 -119.40
N LYS ME 255 -90.82 0.67 -118.97
CA LYS ME 255 -90.52 -0.75 -118.75
C LYS ME 255 -89.58 -0.88 -117.57
N PRO ME 256 -90.10 -0.73 -116.36
CA PRO ME 256 -89.25 -0.85 -115.17
C PRO ME 256 -88.67 -2.25 -115.00
N VAL ME 257 -87.60 -2.30 -114.23
CA VAL ME 257 -86.85 -3.52 -113.93
C VAL ME 257 -86.87 -3.72 -112.42
N PHE ME 258 -87.33 -4.88 -111.98
CA PHE ME 258 -87.47 -5.21 -110.57
C PHE ME 258 -86.49 -6.32 -110.22
N TRP ME 259 -85.55 -6.03 -109.32
CA TRP ME 259 -84.52 -6.97 -108.89
C TRP ME 259 -84.91 -7.77 -107.67
N LEU ME 260 -84.93 -9.09 -107.79
CA LEU ME 260 -85.26 -9.99 -106.70
C LEU ME 260 -84.03 -10.81 -106.37
N SER ME 261 -83.89 -11.19 -105.10
CA SER ME 261 -82.87 -12.16 -104.73
C SER ME 261 -83.19 -13.53 -105.29
N ARG ME 262 -82.17 -14.21 -105.79
CA ARG ME 262 -82.30 -15.61 -106.18
C ARG ME 262 -82.33 -16.59 -105.00
N GLN ME 263 -81.43 -16.44 -104.05
CA GLN ME 263 -81.36 -17.44 -102.99
C GLN ME 263 -82.50 -17.32 -102.00
N ARG ME 264 -82.86 -16.11 -101.62
CA ARG ME 264 -83.80 -15.94 -100.52
C ARG ME 264 -85.25 -16.08 -100.94
N ASN ME 265 -85.58 -15.88 -102.21
CA ASN ME 265 -86.95 -16.11 -102.63
C ASN ME 265 -87.11 -17.55 -103.10
N THR ME 266 -88.37 -18.01 -103.13
CA THR ME 266 -88.71 -19.25 -103.81
C THR ME 266 -90.14 -19.18 -104.33
N MET ME 267 -90.30 -19.08 -105.64
CA MET ME 267 -91.60 -18.81 -106.26
C MET ME 267 -91.62 -19.51 -107.60
N SER ME 268 -92.83 -19.81 -108.07
CA SER ME 268 -93.00 -20.38 -109.40
C SER ME 268 -93.18 -19.31 -110.46
N LYS ME 269 -93.04 -19.73 -111.71
CA LYS ME 269 -93.26 -18.82 -112.84
C LYS ME 269 -94.66 -18.21 -112.82
N LYS ME 270 -95.66 -19.01 -112.50
CA LYS ME 270 -97.02 -18.49 -112.40
C LYS ME 270 -97.12 -17.38 -111.35
N GLU ME 271 -96.57 -17.62 -110.17
CA GLU ME 271 -96.56 -16.61 -109.12
C GLU ME 271 -95.83 -15.35 -109.56
N LEU ME 272 -94.69 -15.51 -110.21
CA LEU ME 272 -93.98 -14.34 -110.73
C LEU ME 272 -94.84 -13.57 -111.72
N GLU ME 273 -95.55 -14.25 -112.61
CA GLU ME 273 -96.44 -13.57 -113.53
C GLU ME 273 -97.55 -12.81 -112.81
N VAL ME 274 -98.18 -13.44 -111.84
CA VAL ME 274 -99.21 -12.76 -111.06
C VAL ME 274 -98.66 -11.51 -110.38
N LEU ME 275 -97.51 -11.63 -109.73
CA LEU ME 275 -96.83 -10.48 -109.15
C LEU ME 275 -96.60 -9.38 -110.17
N SER ME 276 -96.10 -9.77 -111.34
CA SER ME 276 -95.90 -8.83 -112.43
C SER ME 276 -97.17 -8.07 -112.76
N GLN ME 277 -98.27 -8.79 -112.91
CA GLN ME 277 -99.53 -8.12 -113.25
C GLN ME 277 -100.01 -7.19 -112.14
N LYS ME 278 -99.86 -7.58 -110.89
CA LYS ME 278 -100.30 -6.68 -109.81
C LYS ME 278 -99.44 -5.42 -109.75
N LEU ME 279 -98.14 -5.54 -109.96
CA LEU ME 279 -97.32 -4.34 -110.08
C LEU ME 279 -97.79 -3.47 -111.23
N ARG ME 280 -98.07 -4.09 -112.37
CA ARG ME 280 -98.54 -3.31 -113.50
C ARG ME 280 -99.83 -2.60 -113.16
N ALA ME 281 -100.66 -3.20 -112.31
CA ALA ME 281 -101.89 -2.53 -111.94
C ALA ME 281 -101.61 -1.35 -111.02
N LEU ME 282 -100.54 -1.43 -110.21
CA LEU ME 282 -100.19 -0.29 -109.37
C LEU ME 282 -99.57 0.86 -110.16
N MET ME 283 -98.97 0.59 -111.30
CA MET ME 283 -98.27 1.64 -112.04
C MET ME 283 -98.97 1.89 -113.36
N PRO ME 284 -99.99 2.76 -113.38
CA PRO ME 284 -100.73 3.00 -114.62
C PRO ME 284 -99.95 3.69 -115.72
N TYR ME 285 -98.72 4.12 -115.49
CA TYR ME 285 -97.94 4.71 -116.55
C TYR ME 285 -96.96 3.72 -117.18
N ALA ME 286 -96.84 2.51 -116.63
CA ALA ME 286 -95.89 1.53 -117.13
C ALA ME 286 -96.62 0.48 -117.95
N ASP ME 287 -96.02 0.12 -119.09
CA ASP ME 287 -96.61 -0.91 -119.94
C ASP ME 287 -96.33 -2.32 -119.46
N SER ME 288 -95.21 -2.55 -118.80
CA SER ME 288 -94.91 -3.89 -118.29
C SER ME 288 -93.78 -3.78 -117.30
N VAL ME 289 -93.63 -4.80 -116.46
CA VAL ME 289 -92.57 -4.86 -115.47
C VAL ME 289 -91.73 -6.10 -115.72
N ASN ME 290 -90.43 -5.92 -115.84
CA ASN ME 290 -89.49 -7.01 -116.08
C ASN ME 290 -88.88 -7.41 -114.75
N ILE ME 291 -89.00 -8.68 -114.38
CA ILE ME 291 -88.43 -9.21 -113.14
C ILE ME 291 -87.12 -9.93 -113.43
N THR ME 292 -86.06 -9.51 -112.74
CA THR ME 292 -84.72 -10.05 -112.88
C THR ME 292 -84.19 -10.55 -111.56
N LEU ME 293 -83.56 -11.72 -111.57
CA LEU ME 293 -82.97 -12.34 -110.38
C LEU ME 293 -81.49 -12.01 -110.29
N MET ME 294 -81.09 -11.49 -109.14
CA MET ME 294 -79.72 -11.05 -108.86
C MET ME 294 -79.12 -11.93 -107.77
N ASP ME 295 -77.79 -11.97 -107.74
CA ASP ME 295 -77.04 -12.74 -106.74
C ASP ME 295 -76.57 -11.93 -105.55
N ASP ME 296 -76.92 -12.42 -104.36
CA ASP ME 296 -76.51 -11.79 -103.10
C ASP ME 296 -75.00 -11.78 -102.94
N VAL ME 297 -74.34 -12.90 -103.24
CA VAL ME 297 -72.89 -12.95 -103.11
C VAL ME 297 -72.25 -11.89 -104.00
N THR ME 298 -72.78 -11.67 -105.19
CA THR ME 298 -72.28 -10.61 -106.05
C THR ME 298 -72.41 -9.25 -105.37
N ALA ME 299 -73.61 -8.93 -104.89
CA ALA ME 299 -73.79 -7.66 -104.18
C ALA ME 299 -72.77 -7.45 -103.06
N ALA ME 300 -72.72 -8.39 -102.12
CA ALA ME 300 -71.77 -8.31 -101.01
C ALA ME 300 -70.32 -8.18 -101.48
N GLY ME 301 -69.94 -8.94 -102.50
CA GLY ME 301 -68.58 -8.85 -102.98
C GLY ME 301 -68.24 -7.48 -103.54
N GLN ME 302 -69.15 -6.91 -104.34
CA GLN ME 302 -68.90 -5.56 -104.82
C GLN ME 302 -68.79 -4.55 -103.69
N ALA ME 303 -69.58 -4.71 -102.64
CA ALA ME 303 -69.44 -3.83 -101.47
C ALA ME 303 -68.05 -3.90 -100.86
N GLU ME 304 -67.58 -5.11 -100.59
CA GLU ME 304 -66.26 -5.23 -99.97
C GLU ME 304 -65.14 -4.80 -100.92
N ALA ME 305 -65.27 -5.12 -102.20
CA ALA ME 305 -64.29 -4.66 -103.17
C ALA ME 305 -64.18 -3.14 -103.21
N GLY ME 306 -65.30 -2.43 -103.17
CA GLY ME 306 -65.23 -0.99 -103.13
C GLY ME 306 -64.59 -0.44 -101.86
N LEU ME 307 -64.83 -1.09 -100.72
CA LEU ME 307 -64.13 -0.64 -99.53
C LEU ME 307 -62.63 -0.82 -99.66
N LYS ME 308 -62.19 -2.00 -100.09
CA LYS ME 308 -60.76 -2.21 -100.24
C LYS ME 308 -60.17 -1.25 -101.25
N GLN ME 309 -60.88 -1.00 -102.34
CA GLN ME 309 -60.41 -0.06 -103.36
C GLN ME 309 -60.21 1.33 -102.80
N GLN ME 310 -60.96 1.70 -101.78
CA GLN ME 310 -60.69 2.99 -101.14
C GLN ME 310 -59.69 2.90 -99.99
N ALA ME 311 -59.34 1.69 -99.57
CA ALA ME 311 -58.50 1.49 -98.39
C ALA ME 311 -59.07 2.15 -97.13
N LEU ME 312 -60.35 2.07 -96.98
CA LEU ME 312 -60.99 2.46 -95.73
C LEU ME 312 -60.82 1.35 -94.69
N PRO ME 313 -60.56 1.67 -93.43
CA PRO ME 313 -60.57 0.63 -92.40
C PRO ME 313 -61.99 0.24 -92.05
N TYR ME 314 -62.23 -1.05 -91.86
CA TYR ME 314 -63.60 -1.50 -91.67
C TYR ME 314 -63.64 -2.87 -91.01
N SER ME 315 -64.84 -3.20 -90.50
CA SER ME 315 -65.19 -4.54 -90.04
C SER ME 315 -66.41 -5.05 -90.78
N ARG ME 316 -66.47 -6.36 -90.99
CA ARG ME 316 -67.60 -7.02 -91.64
C ARG ME 316 -68.30 -7.96 -90.67
N ARG ME 317 -69.62 -7.89 -90.63
CA ARG ME 317 -70.46 -8.76 -89.81
C ARG ME 317 -71.55 -9.38 -90.67
N ASN ME 318 -71.76 -10.68 -90.55
CA ASN ME 318 -72.74 -11.40 -91.35
C ASN ME 318 -73.89 -11.94 -90.51
N HIS ME 319 -75.10 -11.84 -91.07
CA HIS ME 319 -76.31 -12.33 -90.45
C HIS ME 319 -77.08 -13.08 -91.51
N LYS ME 320 -78.09 -13.81 -91.04
CA LYS ME 320 -78.93 -14.59 -91.95
C LYS ME 320 -79.46 -13.72 -93.07
N GLY ME 321 -79.99 -12.57 -92.73
CA GLY ME 321 -80.60 -11.72 -93.71
C GLY ME 321 -79.73 -10.64 -94.30
N GLY ME 322 -78.46 -10.51 -93.92
CA GLY ME 322 -77.78 -9.30 -94.34
C GLY ME 322 -76.34 -9.23 -93.89
N VAL ME 323 -75.69 -8.18 -94.37
CA VAL ME 323 -74.28 -7.87 -94.11
C VAL ME 323 -74.17 -6.45 -93.58
N THR ME 324 -73.30 -6.24 -92.60
CA THR ME 324 -73.08 -4.92 -92.04
C THR ME 324 -71.59 -4.61 -92.03
N PHE ME 325 -71.23 -3.44 -92.54
CA PHE ME 325 -69.85 -2.96 -92.53
C PHE ME 325 -69.77 -1.76 -91.61
N VAL ME 326 -68.90 -1.82 -90.63
CA VAL ME 326 -68.69 -0.75 -89.65
C VAL ME 326 -67.36 -0.07 -89.88
N ILE ME 327 -67.41 1.26 -89.95
CA ILE ME 327 -66.26 2.14 -90.17
C ILE ME 327 -66.29 3.13 -89.02
N GLN ME 328 -65.33 3.03 -88.10
CA GLN ME 328 -65.43 3.83 -86.89
C GLN ME 328 -64.07 4.17 -86.28
N GLY ME 329 -64.06 5.24 -85.50
CA GLY ME 329 -62.89 5.71 -84.80
C GLY ME 329 -62.49 7.13 -85.19
N ALA ME 330 -61.21 7.43 -85.05
CA ALA ME 330 -60.60 8.71 -85.42
C ALA ME 330 -60.32 8.82 -86.91
N LEU ME 331 -61.39 8.89 -87.69
CA LEU ME 331 -61.23 9.00 -89.14
C LEU ME 331 -60.64 10.36 -89.50
N ASP ME 332 -60.05 10.41 -90.69
CA ASP ME 332 -59.49 11.62 -91.26
C ASP ME 332 -60.42 12.21 -92.30
N ASP ME 333 -60.32 13.53 -92.48
CA ASP ME 333 -61.13 14.26 -93.45
C ASP ME 333 -61.19 13.58 -94.82
N VAL ME 334 -60.04 13.14 -95.32
CA VAL ME 334 -60.02 12.56 -96.67
C VAL ME 334 -60.77 11.25 -96.67
N GLU ME 335 -60.64 10.47 -95.62
CA GLU ME 335 -61.37 9.23 -95.50
C GLU ME 335 -62.86 9.49 -95.43
N ILE ME 336 -63.28 10.40 -94.55
CA ILE ME 336 -64.71 10.74 -94.48
C ILE ME 336 -65.25 11.09 -95.85
N LEU ME 337 -64.54 11.93 -96.60
CA LEU ME 337 -65.02 12.30 -97.93
C LEU ME 337 -65.17 11.10 -98.85
N ARG ME 338 -64.10 10.31 -99.01
CA ARG ME 338 -64.18 9.12 -99.86
C ARG ME 338 -65.33 8.20 -99.45
N ALA ME 339 -65.41 7.88 -98.17
CA ALA ME 339 -66.48 7.03 -97.65
C ALA ME 339 -67.86 7.52 -98.04
N ARG ME 340 -68.19 8.76 -97.69
CA ARG ME 340 -69.52 9.26 -98.05
C ARG ME 340 -69.78 9.16 -99.55
N GLN ME 341 -68.79 9.48 -100.38
CA GLN ME 341 -69.02 9.37 -101.83
C GLN ME 341 -69.30 7.94 -102.26
N PHE ME 342 -68.46 6.99 -101.83
CA PHE ME 342 -68.69 5.60 -102.20
C PHE ME 342 -70.05 5.09 -101.75
N VAL ME 343 -70.35 5.24 -100.47
CA VAL ME 343 -71.64 4.80 -99.94
C VAL ME 343 -72.78 5.38 -100.76
N ASP ME 344 -72.75 6.68 -101.00
CA ASP ME 344 -73.83 7.28 -101.77
C ASP ME 344 -73.92 6.72 -103.18
N SER ME 345 -72.80 6.29 -103.75
CA SER ME 345 -72.86 5.67 -105.07
C SER ME 345 -73.53 4.30 -105.02
N TYR ME 346 -73.07 3.46 -104.10
CA TYR ME 346 -73.61 2.11 -103.94
C TYR ME 346 -75.10 2.09 -103.64
N TYR ME 347 -75.53 2.90 -102.68
CA TYR ME 347 -76.93 2.90 -102.31
C TYR ME 347 -77.83 3.16 -103.50
N ARG ME 348 -77.40 4.02 -104.42
CA ARG ME 348 -78.27 4.28 -105.55
C ARG ME 348 -78.46 3.09 -106.46
N THR ME 349 -77.53 2.14 -106.44
CA THR ME 349 -77.64 0.93 -107.26
C THR ME 349 -78.41 -0.17 -106.57
N TRP ME 350 -77.94 -0.57 -105.39
CA TRP ME 350 -78.48 -1.72 -104.66
C TRP ME 350 -79.50 -1.39 -103.59
N GLY ME 351 -79.74 -0.13 -103.27
CA GLY ME 351 -80.60 0.20 -102.14
C GLY ME 351 -79.98 -0.15 -100.79
N GLY ME 352 -80.76 0.10 -99.75
CA GLY ME 352 -80.34 -0.18 -98.39
C GLY ME 352 -80.95 -1.36 -97.66
N ARG ME 353 -81.43 -2.35 -98.39
CA ARG ME 353 -82.12 -3.47 -97.77
C ARG ME 353 -81.17 -4.59 -97.36
N TYR ME 354 -80.23 -4.98 -98.21
CA TYR ME 354 -79.38 -6.10 -97.87
C TYR ME 354 -78.10 -5.71 -97.13
N VAL ME 355 -77.37 -4.68 -97.59
CA VAL ME 355 -76.10 -4.28 -96.99
C VAL ME 355 -76.20 -2.91 -96.34
N GLN ME 356 -75.71 -2.80 -95.11
CA GLN ME 356 -75.71 -1.59 -94.30
C GLN ME 356 -74.30 -1.09 -94.01
N PHE ME 357 -74.12 0.23 -94.06
CA PHE ME 357 -72.88 0.91 -93.73
C PHE ME 357 -73.09 1.86 -92.56
N ALA ME 358 -72.34 1.67 -91.48
CA ALA ME 358 -72.40 2.51 -90.29
C ALA ME 358 -71.09 3.26 -90.10
N ILE ME 359 -71.15 4.59 -90.08
CA ILE ME 359 -69.98 5.47 -89.94
C ILE ME 359 -70.11 6.23 -88.62
N GLU ME 360 -69.19 5.98 -87.69
CA GLU ME 360 -69.22 6.62 -86.37
C GLU ME 360 -67.85 7.09 -85.94
N LEU ME 361 -67.74 8.37 -85.58
CA LEU ME 361 -66.51 8.93 -85.03
C LEU ME 361 -66.38 8.68 -83.53
N LYS ME 362 -65.24 8.14 -83.13
CA LYS ME 362 -64.91 7.84 -81.75
C LYS ME 362 -63.52 8.37 -81.50
N ASP ME 363 -63.25 8.75 -80.24
CA ASP ME 363 -61.90 9.12 -79.82
C ASP ME 363 -61.07 7.85 -79.60
N ASP ME 364 -60.73 7.21 -80.72
CA ASP ME 364 -60.05 5.93 -80.73
C ASP ME 364 -59.06 5.92 -81.90
N TRP ME 365 -57.78 6.02 -81.58
CA TRP ME 365 -56.74 6.07 -82.61
C TRP ME 365 -56.59 4.77 -83.38
N LEU ME 366 -56.92 3.62 -82.80
CA LEU ME 366 -56.75 2.37 -83.53
C LEU ME 366 -57.81 2.14 -84.61
N LYS ME 367 -58.83 2.96 -84.67
CA LYS ME 367 -59.90 2.85 -85.68
C LYS ME 367 -60.60 1.50 -85.70
N GLY ME 368 -61.09 1.08 -84.53
CA GLY ME 368 -61.80 -0.17 -84.33
C GLY ME 368 -61.00 -1.44 -84.13
N ARG ME 369 -59.72 -1.49 -84.48
CA ARG ME 369 -58.97 -2.66 -84.10
C ARG ME 369 -58.90 -2.75 -82.57
N SER ME 370 -58.68 -3.96 -82.06
CA SER ME 370 -58.52 -4.12 -80.63
C SER ME 370 -57.72 -5.36 -80.34
N PHE ME 371 -56.87 -5.29 -79.31
CA PHE ME 371 -55.99 -6.40 -78.98
C PHE ME 371 -55.88 -6.54 -77.48
N GLN ME 372 -55.52 -7.75 -77.07
CA GLN ME 372 -55.28 -8.07 -75.68
C GLN ME 372 -53.90 -8.69 -75.58
N TYR ME 373 -53.17 -8.32 -74.53
CA TYR ME 373 -51.77 -8.70 -74.38
C TYR ME 373 -51.60 -9.79 -73.34
N GLY ME 374 -50.78 -10.79 -73.67
CA GLY ME 374 -50.61 -11.93 -72.80
C GLY ME 374 -49.26 -12.59 -72.99
N ALA ME 375 -49.05 -13.72 -72.34
CA ALA ME 375 -47.73 -14.34 -72.31
C ALA ME 375 -47.20 -14.68 -73.69
N GLU ME 376 -48.07 -15.00 -74.65
CA GLU ME 376 -47.63 -15.28 -76.00
C GLU ME 376 -47.52 -14.04 -76.88
N GLY ME 377 -48.00 -12.89 -76.43
CA GLY ME 377 -48.06 -11.72 -77.26
C GLY ME 377 -49.46 -11.15 -77.37
N TYR ME 378 -49.72 -10.38 -78.40
CA TYR ME 378 -51.05 -9.90 -78.65
C TYR ME 378 -51.94 -10.97 -79.26
N ILE ME 379 -53.22 -10.91 -78.94
CA ILE ME 379 -54.26 -11.64 -79.66
C ILE ME 379 -55.35 -10.63 -79.99
N LYS ME 380 -56.01 -10.82 -81.13
CA LYS ME 380 -57.10 -9.94 -81.49
C LYS ME 380 -58.30 -10.16 -80.59
N MET ME 381 -58.96 -9.07 -80.21
CA MET ME 381 -60.22 -9.16 -79.50
C MET ME 381 -61.34 -9.51 -80.47
N SER ME 382 -62.44 -10.00 -79.91
CA SER ME 382 -63.68 -10.06 -80.67
C SER ME 382 -64.32 -8.69 -80.81
N PRO ME 383 -65.18 -8.51 -81.81
CA PRO ME 383 -66.00 -7.30 -81.89
C PRO ME 383 -66.77 -7.02 -80.62
N GLY ME 384 -67.00 -5.73 -80.34
CA GLY ME 384 -67.76 -5.36 -79.17
C GLY ME 384 -68.08 -3.88 -79.15
N HIS ME 385 -69.05 -3.54 -78.29
CA HIS ME 385 -69.47 -2.15 -78.10
C HIS ME 385 -68.43 -1.32 -77.37
N TRP ME 386 -67.80 -1.90 -76.34
CA TRP ME 386 -66.77 -1.23 -75.57
C TRP ME 386 -65.53 -0.90 -76.40
N TYR ME 387 -64.98 0.30 -76.17
CA TYR ME 387 -63.76 0.75 -76.79
C TYR ME 387 -62.94 1.57 -75.79
N PHE ME 388 -61.61 1.40 -75.87
CA PHE ME 388 -60.65 2.09 -75.02
C PHE ME 388 -60.27 3.45 -75.58
N PRO ME 389 -60.75 4.56 -75.00
CA PRO ME 389 -60.34 5.89 -75.50
C PRO ME 389 -58.83 6.03 -75.51
N SER ME 390 -58.31 6.57 -76.60
CA SER ME 390 -56.88 6.78 -76.81
C SER ME 390 -56.26 7.76 -75.82
N PRO ME 391 -55.41 7.30 -74.91
CA PRO ME 391 -54.68 8.25 -74.07
C PRO ME 391 -53.82 9.22 -74.86
N LEU ME 392 -53.23 8.79 -75.97
CA LEU ME 392 -52.38 9.67 -76.78
C LEU ME 392 -53.11 10.97 -77.13
N ALA NE 171 -80.70 32.46 -139.54
CA ALA NE 171 -79.74 32.63 -138.45
C ALA NE 171 -79.32 31.28 -137.89
N GLU NE 172 -78.18 30.77 -138.35
CA GLU NE 172 -77.72 29.50 -137.86
C GLU NE 172 -77.20 29.63 -136.44
N LEU NE 173 -77.11 28.49 -135.76
CA LEU NE 173 -76.65 28.47 -134.39
C LEU NE 173 -75.20 28.87 -134.27
N ASP NE 174 -74.35 28.45 -135.21
CA ASP NE 174 -72.95 28.83 -135.15
C ASP NE 174 -72.76 30.34 -135.15
N SER NE 175 -73.66 31.07 -135.81
CA SER NE 175 -73.57 32.52 -135.87
C SER NE 175 -73.87 33.19 -134.54
N LEU NE 176 -74.52 32.49 -133.62
CA LEU NE 176 -74.93 33.03 -132.33
C LEU NE 176 -73.93 32.80 -131.21
N LEU NE 177 -73.01 31.85 -131.34
CA LEU NE 177 -72.14 31.51 -130.24
C LEU NE 177 -70.96 32.46 -130.06
N GLY NE 178 -70.66 33.32 -131.03
CA GLY NE 178 -69.50 34.17 -130.88
C GLY NE 178 -68.65 34.45 -132.10
N GLN NE 179 -67.59 35.21 -131.88
CA GLN NE 179 -66.60 35.47 -132.91
C GLN NE 179 -65.61 34.32 -133.10
N GLU NE 180 -65.13 33.70 -132.04
CA GLU NE 180 -64.20 32.58 -132.20
C GLU NE 180 -64.97 31.36 -132.68
N LYS NE 181 -65.23 31.36 -133.99
CA LYS NE 181 -66.14 30.38 -134.60
C LYS NE 181 -65.75 28.95 -134.28
N GLU NE 182 -64.45 28.67 -134.20
CA GLU NE 182 -63.93 27.32 -134.02
C GLU NE 182 -64.06 26.79 -132.60
N ARG NE 183 -64.42 27.62 -131.63
CA ARG NE 183 -64.42 27.22 -130.23
C ARG NE 183 -65.43 26.10 -129.94
N PHE NE 184 -66.44 25.91 -130.79
CA PHE NE 184 -67.58 25.03 -130.55
C PHE NE 184 -67.78 24.16 -131.77
N GLN NE 185 -68.53 23.07 -131.60
CA GLN NE 185 -68.79 22.20 -132.75
C GLN NE 185 -70.26 21.79 -132.77
N VAL NE 186 -70.91 22.04 -133.90
CA VAL NE 186 -72.33 21.75 -134.11
C VAL NE 186 -72.50 20.42 -134.82
N LEU NE 187 -73.34 19.55 -134.26
CA LEU NE 187 -73.60 18.24 -134.85
C LEU NE 187 -75.11 18.03 -134.97
N PRO NE 188 -75.62 17.63 -136.15
CA PRO NE 188 -77.02 17.24 -136.28
C PRO NE 188 -77.27 15.84 -135.74
N GLY NE 189 -78.40 15.63 -135.08
CA GLY NE 189 -78.74 14.34 -134.53
C GLY NE 189 -79.95 13.70 -135.18
N ARG NE 190 -79.98 12.36 -135.17
CA ARG NE 190 -81.10 11.61 -135.72
C ARG NE 190 -82.40 11.92 -135.00
N ASP NE 191 -82.33 12.47 -133.79
CA ASP NE 191 -83.49 12.93 -133.04
C ASP NE 191 -84.01 14.28 -133.53
N LYS NE 192 -83.46 14.81 -134.62
CA LYS NE 192 -83.85 16.11 -135.13
C LYS NE 192 -83.52 17.21 -134.13
N MET NE 193 -82.35 17.14 -133.52
CA MET NE 193 -81.94 18.10 -132.51
C MET NE 193 -80.48 18.43 -132.75
N LEU NE 194 -80.13 19.71 -132.57
CA LEU NE 194 -78.74 20.12 -132.70
C LEU NE 194 -77.97 19.90 -131.39
N TYR NE 195 -76.79 19.29 -131.50
CA TYR NE 195 -75.91 19.05 -130.37
C TYR NE 195 -74.66 19.92 -130.47
N VAL NE 196 -74.47 20.79 -129.48
CA VAL NE 196 -73.33 21.68 -129.40
C VAL NE 196 -72.29 21.03 -128.48
N ALA NE 197 -71.16 20.63 -129.09
CA ALA NE 197 -70.06 20.02 -128.38
C ALA NE 197 -69.10 21.10 -127.91
N ALA NE 198 -68.88 21.12 -126.59
CA ALA NE 198 -68.00 22.04 -125.87
C ALA NE 198 -66.81 21.28 -125.29
N GLN NE 199 -65.77 22.03 -124.91
CA GLN NE 199 -64.54 21.46 -124.37
C GLN NE 199 -64.41 21.53 -122.86
N ASN NE 200 -65.12 22.40 -122.17
CA ASN NE 200 -64.91 22.56 -120.74
C ASN NE 200 -66.16 23.17 -120.12
N GLU NE 201 -66.14 23.26 -118.80
CA GLU NE 201 -67.26 23.86 -118.06
C GLU NE 201 -67.52 25.32 -118.44
N ARG NE 202 -66.50 26.15 -118.42
CA ARG NE 202 -66.67 27.55 -118.78
C ARG NE 202 -67.35 27.72 -120.13
N ASP NE 203 -66.85 27.02 -121.15
CA ASP NE 203 -67.47 27.05 -122.47
C ASP NE 203 -68.88 26.48 -122.45
N THR NE 204 -69.10 25.43 -121.68
CA THR NE 204 -70.44 24.87 -121.53
C THR NE 204 -71.44 25.91 -121.06
N LEU NE 205 -71.09 26.67 -120.03
CA LEU NE 205 -72.02 27.70 -119.57
C LEU NE 205 -72.13 28.87 -120.54
N TRP NE 206 -71.05 29.20 -121.24
CA TRP NE 206 -71.16 30.20 -122.29
C TRP NE 206 -72.17 29.79 -123.34
N ALA NE 207 -72.23 28.51 -123.67
CA ALA NE 207 -73.22 28.05 -124.65
C ALA NE 207 -74.62 28.00 -124.06
N ARG NE 208 -74.78 27.36 -122.92
CA ARG NE 208 -76.10 27.20 -122.32
C ARG NE 208 -76.82 28.53 -122.13
N GLN NE 209 -76.09 29.60 -121.83
CA GLN NE 209 -76.75 30.90 -121.71
C GLN NE 209 -77.53 31.27 -122.97
N VAL NE 210 -76.97 31.00 -124.15
CA VAL NE 210 -77.63 31.38 -125.40
C VAL NE 210 -78.96 30.65 -125.56
N LEU NE 211 -78.96 29.35 -125.29
CA LEU NE 211 -80.19 28.58 -125.39
C LEU NE 211 -81.21 29.02 -124.34
N ALA NE 212 -80.79 29.09 -123.08
CA ALA NE 212 -81.73 29.38 -122.00
C ALA NE 212 -82.31 30.78 -122.13
N ARG NE 213 -81.55 31.74 -122.63
CA ARG NE 213 -82.12 33.05 -122.91
C ARG NE 213 -83.21 32.95 -123.97
N GLY NE 214 -83.12 31.94 -124.83
CA GLY NE 214 -84.07 31.75 -125.91
C GLY NE 214 -83.74 32.43 -127.21
N ASP NE 215 -82.46 32.62 -127.52
CA ASP NE 215 -82.09 33.23 -128.79
C ASP NE 215 -82.28 32.30 -129.97
N TYR NE 216 -82.43 31.00 -129.74
CA TYR NE 216 -82.66 30.03 -130.81
C TYR NE 216 -84.00 29.35 -130.61
N ASP NE 217 -84.61 28.94 -131.72
CA ASP NE 217 -86.00 28.51 -131.73
C ASP NE 217 -86.22 27.03 -131.96
N LYS NE 218 -85.38 26.35 -132.73
CA LYS NE 218 -85.43 24.90 -132.77
C LYS NE 218 -84.79 24.27 -131.53
N ASN NE 219 -84.83 22.94 -131.46
CA ASN NE 219 -84.22 22.22 -130.36
C ASN NE 219 -82.71 22.10 -130.46
N ALA NE 220 -82.05 22.27 -129.32
CA ALA NE 220 -80.61 22.16 -129.23
C ALA NE 220 -80.25 21.74 -127.81
N ARG NE 221 -79.05 21.21 -127.68
CA ARG NE 221 -78.57 20.70 -126.40
C ARG NE 221 -77.06 20.87 -126.37
N VAL NE 222 -76.50 21.05 -125.17
CA VAL NE 222 -75.07 21.22 -124.97
C VAL NE 222 -74.48 19.99 -124.30
N ILE NE 223 -73.32 19.55 -124.78
CA ILE NE 223 -72.68 18.34 -124.27
C ILE NE 223 -71.16 18.47 -124.16
N ASN NE 224 -70.60 17.65 -123.29
CA ASN NE 224 -69.16 17.55 -123.07
C ASN NE 224 -68.84 16.13 -122.62
N GLU NE 225 -67.56 15.80 -122.72
CA GLU NE 225 -67.10 14.43 -122.46
C GLU NE 225 -67.39 13.94 -121.05
N ASN NE 226 -67.17 14.76 -120.03
CA ASN NE 226 -67.38 14.23 -118.67
C ASN NE 226 -68.86 13.94 -118.41
N GLU NE 227 -69.73 14.84 -118.82
CA GLU NE 227 -71.16 14.60 -118.66
C GLU NE 227 -71.57 13.32 -119.36
N GLU NE 228 -71.06 13.11 -120.58
CA GLU NE 228 -71.48 11.91 -121.30
C GLU NE 228 -70.91 10.65 -120.67
N ASN NE 229 -69.67 10.68 -120.19
CA ASN NE 229 -69.16 9.51 -119.50
C ASN NE 229 -70.02 9.15 -118.30
N LYS NE 230 -70.43 10.15 -117.52
CA LYS NE 230 -71.29 9.86 -116.37
C LYS NE 230 -72.63 9.26 -116.77
N ARG NE 231 -73.29 9.85 -117.75
CA ARG NE 231 -74.58 9.34 -118.19
C ARG NE 231 -74.48 7.89 -118.67
N ILE NE 232 -73.47 7.59 -119.47
CA ILE NE 232 -73.37 6.23 -120.00
C ILE NE 232 -73.02 5.26 -118.89
N SER NE 233 -72.20 5.66 -117.92
CA SER NE 233 -71.90 4.75 -116.84
C SER NE 233 -73.14 4.45 -116.03
N ILE NE 234 -74.00 5.44 -115.83
CA ILE NE 234 -75.24 5.19 -115.11
C ILE NE 234 -76.13 4.21 -115.85
N TRP NE 235 -76.13 4.24 -117.19
CA TRP NE 235 -76.96 3.26 -117.90
C TRP NE 235 -76.36 1.85 -117.82
N LEU NE 236 -75.05 1.76 -118.00
CA LEU NE 236 -74.37 0.48 -117.85
C LEU NE 236 -74.62 -0.14 -116.49
N ASP NE 237 -74.63 0.67 -115.43
CA ASP NE 237 -74.90 0.16 -114.09
C ASP NE 237 -76.17 -0.66 -114.03
N THR NE 238 -77.16 -0.32 -114.85
CA THR NE 238 -78.43 -1.03 -114.81
C THR NE 238 -78.44 -2.24 -115.74
N TYR NE 239 -77.98 -2.11 -116.98
CA TYR NE 239 -78.14 -3.25 -117.90
C TYR NE 239 -76.91 -4.16 -118.04
N TYR NE 240 -75.73 -3.74 -117.59
CA TYR NE 240 -74.51 -4.56 -117.65
C TYR NE 240 -73.79 -4.41 -116.33
N PRO NE 241 -74.39 -4.91 -115.24
CA PRO NE 241 -73.84 -4.67 -113.91
C PRO NE 241 -72.53 -5.36 -113.60
N GLN NE 242 -71.94 -6.13 -114.51
CA GLN NE 242 -70.69 -6.81 -114.20
C GLN NE 242 -69.61 -6.57 -115.26
N LEU NE 243 -69.85 -5.66 -116.20
CA LEU NE 243 -68.86 -5.36 -117.23
C LEU NE 243 -67.69 -4.54 -116.66
N ALA NE 244 -66.47 -5.00 -116.95
CA ALA NE 244 -65.24 -4.31 -116.58
C ALA NE 244 -64.74 -3.45 -117.74
N TYR NE 245 -64.60 -2.14 -117.51
CA TYR NE 245 -64.24 -1.22 -118.58
C TYR NE 245 -63.52 -0.01 -118.00
N TYR NE 246 -62.91 0.77 -118.90
CA TYR NE 246 -62.16 1.97 -118.54
C TYR NE 246 -62.85 3.30 -118.86
N ARG NE 247 -62.86 3.72 -120.11
CA ARG NE 247 -63.38 5.03 -120.46
C ARG NE 247 -63.79 5.09 -121.91
N ILE NE 248 -64.66 6.04 -122.22
CA ILE NE 248 -65.05 6.38 -123.58
C ILE NE 248 -64.45 7.72 -124.00
N HIS NE 249 -63.66 7.70 -125.06
CA HIS NE 249 -62.98 8.86 -125.62
C HIS NE 249 -63.79 9.46 -126.76
N PHE NE 250 -63.89 10.78 -126.78
CA PHE NE 250 -64.65 11.52 -127.79
C PHE NE 250 -63.78 12.50 -128.55
N ASP NE 251 -62.55 12.11 -128.89
CA ASP NE 251 -61.70 13.00 -129.67
C ASP NE 251 -62.34 13.28 -131.03
N GLU NE 252 -62.91 12.24 -131.64
CA GLU NE 252 -63.70 12.37 -132.86
C GLU NE 252 -65.13 12.09 -132.45
N PRO NE 253 -65.97 13.10 -132.24
CA PRO NE 253 -67.29 12.84 -131.66
C PRO NE 253 -68.20 12.02 -132.54
N ARG NE 254 -67.93 11.89 -133.82
CA ARG NE 254 -68.75 11.01 -134.63
C ARG NE 254 -68.38 9.54 -134.55
N LYS NE 255 -67.24 9.19 -133.95
CA LYS NE 255 -66.82 7.79 -133.86
C LYS NE 255 -66.09 7.56 -132.56
N PRO NE 256 -66.81 7.46 -131.46
CA PRO NE 256 -66.16 7.23 -130.16
C PRO NE 256 -65.48 5.88 -130.07
N VAL NE 257 -64.57 5.80 -129.11
CA VAL NE 257 -63.76 4.63 -128.83
C VAL NE 257 -64.02 4.20 -127.39
N PHE NE 258 -64.38 2.93 -127.20
CA PHE NE 258 -64.71 2.37 -125.89
C PHE NE 258 -63.67 1.33 -125.52
N TRP NE 259 -62.96 1.56 -124.42
CA TRP NE 259 -61.91 0.67 -123.91
C TRP NE 259 -62.40 -0.34 -122.88
N LEU NE 260 -62.36 -1.62 -123.23
CA LEU NE 260 -62.71 -2.71 -122.32
C LEU NE 260 -61.43 -3.42 -121.91
N SER NE 261 -61.43 -3.97 -120.69
CA SER NE 261 -60.36 -4.86 -120.28
C SER NE 261 -60.40 -6.19 -121.01
N ARG NE 262 -59.24 -6.64 -121.45
CA ARG NE 262 -59.13 -7.95 -122.09
C ARG NE 262 -59.24 -9.12 -121.13
N GLN NE 263 -58.61 -9.04 -119.96
CA GLN NE 263 -58.69 -10.18 -119.05
C GLN NE 263 -60.04 -10.32 -118.38
N ARG NE 264 -60.54 -9.25 -117.79
CA ARG NE 264 -61.65 -9.39 -116.86
C ARG NE 264 -63.00 -9.56 -117.54
N ASN NE 265 -63.07 -9.50 -118.87
CA ASN NE 265 -64.32 -9.72 -119.59
C ASN NE 265 -64.22 -10.96 -120.44
N THR NE 266 -65.29 -11.75 -120.43
CA THR NE 266 -65.53 -12.82 -121.39
C THR NE 266 -66.83 -12.55 -122.13
N MET NE 267 -66.73 -12.27 -123.43
CA MET NE 267 -67.89 -12.00 -124.25
C MET NE 267 -67.61 -12.54 -125.64
N SER NE 268 -68.67 -12.89 -126.37
CA SER NE 268 -68.50 -13.27 -127.76
C SER NE 268 -68.61 -12.07 -128.70
N LYS NE 269 -68.23 -12.32 -129.95
CA LYS NE 269 -68.34 -11.31 -131.00
C LYS NE 269 -69.75 -10.76 -131.13
N LYS NE 270 -70.74 -11.65 -131.13
CA LYS NE 270 -72.12 -11.22 -131.21
C LYS NE 270 -72.50 -10.28 -130.05
N GLU NE 271 -72.13 -10.68 -128.83
CA GLU NE 271 -72.40 -9.84 -127.67
C GLU NE 271 -71.75 -8.48 -127.79
N LEU NE 272 -70.48 -8.44 -128.21
CA LEU NE 272 -69.82 -7.16 -128.42
C LEU NE 272 -70.55 -6.31 -129.45
N GLU NE 273 -70.99 -6.91 -130.54
CA GLU NE 273 -71.74 -6.18 -131.55
C GLU NE 273 -73.05 -5.62 -131.00
N VAL NE 274 -73.79 -6.44 -130.26
CA VAL NE 274 -75.03 -5.97 -129.64
C VAL NE 274 -74.76 -4.78 -128.71
N LEU NE 275 -73.76 -4.90 -127.85
CA LEU NE 275 -73.37 -3.79 -127.00
C LEU NE 275 -73.11 -2.54 -127.81
N SER NE 276 -72.34 -2.69 -128.88
CA SER NE 276 -72.07 -1.56 -129.78
C SER NE 276 -73.36 -0.92 -130.27
N GLN NE 277 -74.29 -1.72 -130.75
CA GLN NE 277 -75.53 -1.17 -131.26
C GLN NE 277 -76.34 -0.45 -130.19
N LYS NE 278 -76.39 -0.99 -128.97
CA LYS NE 278 -77.14 -0.28 -127.94
C LYS NE 278 -76.48 1.03 -127.53
N LEU NE 279 -75.15 1.07 -127.47
CA LEU NE 279 -74.50 2.35 -127.25
C LEU NE 279 -74.85 3.33 -128.35
N ARG NE 280 -74.82 2.85 -129.59
CA ARG NE 280 -75.16 3.72 -130.70
C ARG NE 280 -76.59 4.22 -130.57
N ALA NE 281 -77.46 3.43 -129.95
CA ALA NE 281 -78.81 3.92 -129.74
C ALA NE 281 -78.85 4.99 -128.66
N LEU NE 282 -77.91 4.94 -127.70
CA LEU NE 282 -77.86 6.00 -126.69
C LEU NE 282 -77.28 7.29 -127.22
N MET NE 283 -76.45 7.22 -128.25
CA MET NE 283 -75.78 8.43 -128.76
C MET NE 283 -76.26 8.75 -130.16
N PRO NE 284 -77.37 9.48 -130.30
CA PRO NE 284 -77.89 9.77 -131.64
C PRO NE 284 -77.02 10.67 -132.48
N TYR NE 285 -75.93 11.21 -131.96
CA TYR NE 285 -75.02 12.01 -132.77
C TYR NE 285 -73.84 11.22 -133.29
N ALA NE 286 -73.66 9.99 -132.84
CA ALA NE 286 -72.52 9.16 -133.23
C ALA NE 286 -72.93 8.17 -134.31
N ASP NE 287 -72.06 7.99 -135.30
CA ASP NE 287 -72.35 7.03 -136.37
C ASP NE 287 -71.98 5.61 -136.00
N SER NE 288 -70.97 5.42 -135.14
CA SER NE 288 -70.63 4.08 -134.70
C SER NE 288 -69.73 4.18 -133.48
N VAL NE 289 -69.68 3.10 -132.72
CA VAL NE 289 -68.87 2.99 -131.52
C VAL NE 289 -67.87 1.88 -131.74
N ASN NE 290 -66.58 2.20 -131.67
CA ASN NE 290 -65.52 1.22 -131.87
C ASN NE 290 -65.07 0.71 -130.52
N ILE NE 291 -65.12 -0.59 -130.31
CA ILE NE 291 -64.71 -1.24 -129.07
C ILE NE 291 -63.29 -1.80 -129.19
N THR NE 292 -62.43 -1.38 -128.26
CA THR NE 292 -61.02 -1.74 -128.21
C THR NE 292 -60.68 -2.39 -126.88
N LEU NE 293 -59.93 -3.47 -126.93
CA LEU NE 293 -59.50 -4.20 -125.75
C LEU NE 293 -58.10 -3.76 -125.30
N MET NE 294 -57.97 -3.39 -124.03
CA MET NE 294 -56.74 -2.90 -123.42
C MET NE 294 -56.27 -3.86 -122.34
N ASP NE 295 -54.98 -3.78 -122.03
CA ASP NE 295 -54.35 -4.61 -121.01
C ASP NE 295 -54.22 -3.93 -119.64
N ASP NE 296 -54.72 -4.62 -118.62
CA ASP NE 296 -54.62 -4.14 -117.24
C ASP NE 296 -53.17 -4.03 -116.81
N VAL NE 297 -52.35 -5.03 -117.14
CA VAL NE 297 -50.94 -4.97 -116.75
C VAL NE 297 -50.30 -3.73 -117.32
N THR NE 298 -50.62 -3.38 -118.56
CA THR NE 298 -50.11 -2.15 -119.15
C THR NE 298 -50.53 -0.93 -118.33
N ALA NE 299 -51.82 -0.81 -118.03
CA ALA NE 299 -52.28 0.30 -117.19
C ALA NE 299 -51.49 0.42 -115.88
N ALA NE 300 -51.49 -0.64 -115.09
CA ALA NE 300 -50.76 -0.65 -113.83
C ALA NE 300 -49.29 -0.31 -113.99
N GLY NE 301 -48.65 -0.84 -115.02
CA GLY NE 301 -47.25 -0.54 -115.24
C GLY NE 301 -46.99 0.93 -115.53
N GLN NE 302 -47.78 1.52 -116.41
CA GLN NE 302 -47.62 2.94 -116.67
C GLN NE 302 -47.83 3.79 -115.43
N ALA NE 303 -48.77 3.39 -114.57
CA ALA NE 303 -48.91 4.11 -113.30
C ALA NE 303 -47.65 4.04 -112.45
N GLU NE 304 -47.16 2.83 -112.20
CA GLU NE 304 -46.00 2.72 -111.32
C GLU NE 304 -44.75 3.38 -111.91
N ALA NE 305 -44.55 3.22 -113.22
CA ALA NE 305 -43.44 3.92 -113.86
C ALA NE 305 -43.54 5.43 -113.71
N GLY NE 306 -44.75 5.97 -113.76
CA GLY NE 306 -44.86 7.41 -113.56
C GLY NE 306 -44.55 7.84 -112.15
N LEU NE 307 -44.95 7.04 -111.16
CA LEU NE 307 -44.57 7.40 -109.79
C LEU NE 307 -43.06 7.34 -109.59
N LYS NE 308 -42.41 6.31 -110.12
CA LYS NE 308 -40.96 6.24 -109.99
C LYS NE 308 -40.29 7.40 -110.69
N GLN NE 309 -40.71 7.70 -111.92
CA GLN NE 309 -40.19 8.85 -112.63
C GLN NE 309 -40.42 10.15 -111.90
N GLN NE 310 -41.40 10.23 -111.01
CA GLN NE 310 -41.57 11.43 -110.21
C GLN NE 310 -40.89 11.33 -108.85
N ALA NE 311 -40.27 10.20 -108.54
CA ALA NE 311 -39.55 10.01 -107.28
C ALA NE 311 -40.41 10.24 -106.03
N LEU NE 312 -41.65 9.87 -106.10
CA LEU NE 312 -42.53 9.98 -104.93
C LEU NE 312 -42.35 8.74 -104.05
N PRO NE 313 -42.45 8.88 -102.73
CA PRO NE 313 -42.55 7.70 -101.86
C PRO NE 313 -43.96 7.15 -101.90
N TYR NE 314 -44.09 5.83 -102.05
CA TYR NE 314 -45.40 5.22 -102.15
C TYR NE 314 -45.39 3.79 -101.63
N SER NE 315 -46.59 3.26 -101.43
CA SER NE 315 -46.82 1.84 -101.22
C SER NE 315 -47.87 1.34 -102.19
N ARG NE 316 -47.69 0.12 -102.69
CA ARG NE 316 -48.61 -0.51 -103.63
C ARG NE 316 -49.35 -1.66 -102.97
N ARG NE 317 -50.66 -1.74 -103.23
CA ARG NE 317 -51.49 -2.85 -102.79
C ARG NE 317 -52.31 -3.39 -103.95
N ASN NE 318 -52.34 -4.71 -104.09
CA ASN NE 318 -53.08 -5.38 -105.15
C ASN NE 318 -54.29 -6.11 -104.59
N HIS NE 319 -55.39 -6.06 -105.34
CA HIS NE 319 -56.61 -6.75 -104.99
C HIS NE 319 -57.15 -7.47 -106.21
N LYS NE 320 -58.17 -8.28 -105.98
CA LYS NE 320 -58.78 -9.04 -107.06
C LYS NE 320 -59.21 -8.14 -108.21
N GLY NE 321 -59.64 -6.93 -107.90
CA GLY NE 321 -60.18 -6.04 -108.91
C GLY NE 321 -59.55 -4.68 -109.07
N GLY NE 322 -58.47 -4.39 -108.35
CA GLY NE 322 -57.91 -3.06 -108.47
C GLY NE 322 -56.59 -2.93 -107.74
N VAL NE 323 -55.91 -1.82 -108.01
CA VAL NE 323 -54.62 -1.52 -107.42
C VAL NE 323 -54.70 -0.17 -106.74
N THR NE 324 -54.09 -0.07 -105.57
CA THR NE 324 -54.08 1.15 -104.79
C THR NE 324 -52.66 1.59 -104.50
N PHE NE 325 -52.38 2.87 -104.74
CA PHE NE 325 -51.10 3.48 -104.43
C PHE NE 325 -51.31 4.51 -103.34
N VAL NE 326 -50.70 4.28 -102.19
CA VAL NE 326 -50.81 5.16 -101.04
C VAL NE 326 -49.56 6.02 -100.96
N ILE NE 327 -49.77 7.34 -100.91
CA ILE NE 327 -48.71 8.35 -100.84
C ILE NE 327 -49.06 9.18 -99.62
N GLN NE 328 -48.40 8.93 -98.50
CA GLN NE 328 -48.75 9.63 -97.28
C GLN NE 328 -47.52 9.90 -96.43
N GLY NE 329 -47.58 10.97 -95.64
CA GLY NE 329 -46.49 11.34 -94.77
C GLY NE 329 -46.22 12.83 -94.64
N ALA NE 330 -44.96 13.20 -94.51
CA ALA NE 330 -44.52 14.59 -94.45
C ALA NE 330 -44.07 15.14 -95.81
N LEU NE 331 -44.98 15.09 -96.78
CA LEU NE 331 -44.65 15.55 -98.12
C LEU NE 331 -44.30 17.03 -98.12
N ASP NE 332 -43.34 17.39 -98.98
CA ASP NE 332 -42.94 18.76 -99.26
C ASP NE 332 -43.80 19.40 -100.34
N ASP NE 333 -43.75 20.74 -100.40
CA ASP NE 333 -44.49 21.50 -101.40
C ASP NE 333 -44.20 21.08 -102.83
N VAL NE 334 -42.94 20.86 -103.17
CA VAL NE 334 -42.60 20.44 -104.52
C VAL NE 334 -43.20 19.08 -104.83
N GLU NE 335 -43.10 18.15 -103.88
CA GLU NE 335 -43.69 16.84 -104.09
C GLU NE 335 -45.19 16.92 -104.27
N ILE NE 336 -45.87 17.67 -103.42
CA ILE NE 336 -47.31 17.83 -103.58
C ILE NE 336 -47.67 18.36 -104.95
N LEU NE 337 -46.93 19.35 -105.43
CA LEU NE 337 -47.22 19.87 -106.77
C LEU NE 337 -47.01 18.83 -107.86
N ARG NE 338 -45.84 18.20 -107.90
CA ARG NE 338 -45.60 17.14 -108.86
C ARG NE 338 -46.69 16.07 -108.86
N ALA NE 339 -46.98 15.52 -107.69
CA ALA NE 339 -48.03 14.53 -107.54
C ALA NE 339 -49.36 14.98 -108.14
N ARG NE 340 -49.86 16.12 -107.69
CA ARG NE 340 -51.11 16.63 -108.25
C ARG NE 340 -51.09 16.65 -109.78
N GLN NE 341 -49.98 17.09 -110.36
CA GLN NE 341 -49.90 17.16 -111.81
C GLN NE 341 -49.97 15.78 -112.46
N PHE NE 342 -49.16 14.85 -111.99
CA PHE NE 342 -49.16 13.50 -112.55
C PHE NE 342 -50.53 12.84 -112.46
N VAL NE 343 -51.11 12.80 -111.26
CA VAL NE 343 -52.43 12.20 -111.07
C VAL NE 343 -53.44 12.82 -112.02
N ASP NE 344 -53.48 14.14 -112.09
CA ASP NE 344 -54.47 14.75 -112.98
C ASP NE 344 -54.22 14.38 -114.44
N SER NE 345 -52.98 14.13 -114.83
CA SER NE 345 -52.75 13.71 -116.21
C SER NE 345 -53.26 12.30 -116.45
N TYR NE 346 -52.86 11.37 -115.59
CA TYR NE 346 -53.27 9.97 -115.70
C TYR NE 346 -54.78 9.80 -115.73
N TYR NE 347 -55.46 10.38 -114.76
CA TYR NE 347 -56.91 10.19 -114.67
C TYR NE 347 -57.61 10.54 -115.97
N ARG NE 348 -57.13 11.56 -116.69
CA ARG NE 348 -57.81 11.93 -117.92
C ARG NE 348 -57.67 10.88 -119.01
N THR NE 349 -56.67 10.03 -118.93
CA THR NE 349 -56.48 8.96 -119.91
C THR NE 349 -57.21 7.69 -119.52
N TRP NE 350 -56.92 7.17 -118.34
CA TRP NE 350 -57.45 5.88 -117.92
C TRP NE 350 -58.69 5.91 -117.04
N GLY NE 351 -59.16 7.07 -116.61
CA GLY NE 351 -60.27 7.14 -115.69
C GLY NE 351 -59.90 6.66 -114.28
N GLY NE 352 -60.92 6.65 -113.42
CA GLY NE 352 -60.77 6.22 -112.04
C GLY NE 352 -61.34 4.90 -111.59
N ARG NE 353 -61.56 3.96 -112.48
CA ARG NE 353 -62.19 2.70 -112.09
C ARG NE 353 -61.20 1.64 -111.63
N TYR NE 354 -60.09 1.46 -112.33
CA TYR NE 354 -59.18 0.40 -111.96
C TYR NE 354 -58.08 0.80 -110.96
N VAL NE 355 -57.44 1.97 -111.10
CA VAL NE 355 -56.32 2.36 -110.23
C VAL NE 355 -56.66 3.61 -109.44
N GLN NE 356 -56.40 3.57 -108.12
CA GLN NE 356 -56.69 4.66 -107.19
C GLN NE 356 -55.44 5.16 -106.45
N PHE NE 357 -55.31 6.48 -106.36
CA PHE NE 357 -54.24 7.16 -105.64
C PHE NE 357 -54.78 7.88 -104.41
N ALA NE 358 -54.23 7.57 -103.24
CA ALA NE 358 -54.61 8.20 -101.97
C ALA NE 358 -53.45 9.04 -101.44
N ILE NE 359 -53.64 10.35 -101.38
CA ILE NE 359 -52.64 11.32 -100.90
C ILE NE 359 -53.09 11.91 -99.57
N GLU NE 360 -52.37 11.61 -98.49
CA GLU NE 360 -52.73 12.14 -97.17
C GLU NE 360 -51.48 12.61 -96.41
N LEU NE 361 -51.60 13.79 -95.81
CA LEU NE 361 -50.57 14.37 -94.95
C LEU NE 361 -50.76 13.98 -93.48
N LYS NE 362 -49.74 13.38 -92.89
CA LYS NE 362 -49.80 12.90 -91.51
C LYS NE 362 -48.62 13.47 -90.73
N ASP NE 363 -48.87 13.83 -89.47
CA ASP NE 363 -47.79 14.12 -88.54
C ASP NE 363 -46.93 12.87 -88.34
N ASP NE 364 -45.72 13.07 -87.82
CA ASP NE 364 -44.86 11.93 -87.57
C ASP NE 364 -45.63 10.88 -86.78
N TRP NE 365 -45.51 9.64 -87.20
CA TRP NE 365 -46.18 8.54 -86.53
C TRP NE 365 -45.80 8.50 -85.06
N LEU NE 366 -46.81 8.34 -84.21
CA LEU NE 366 -46.69 8.34 -82.74
C LEU NE 366 -46.16 9.66 -82.18
N LYS NE 367 -46.18 10.72 -82.98
CA LYS NE 367 -46.06 12.08 -82.45
C LYS NE 367 -44.78 12.31 -81.63
N GLY NE 368 -43.66 11.78 -82.08
CA GLY NE 368 -42.42 12.09 -81.39
C GLY NE 368 -42.04 11.20 -80.22
N ARG NE 369 -42.82 10.17 -79.91
CA ARG NE 369 -42.56 9.34 -78.75
C ARG NE 369 -41.62 8.21 -79.12
N SER NE 370 -40.83 7.76 -78.16
CA SER NE 370 -40.01 6.58 -78.36
C SER NE 370 -40.82 5.30 -78.15
N PHE NE 371 -40.44 4.27 -78.89
CA PHE NE 371 -41.19 3.04 -78.87
C PHE NE 371 -40.34 1.90 -79.39
N GLN NE 372 -40.76 0.68 -79.05
CA GLN NE 372 -40.21 -0.53 -79.63
C GLN NE 372 -41.18 -1.06 -80.65
N TYR NE 373 -40.72 -1.22 -81.89
CA TYR NE 373 -41.51 -1.80 -82.97
C TYR NE 373 -41.43 -3.31 -82.95
N GLY NE 374 -42.30 -3.94 -83.72
CA GLY NE 374 -42.37 -5.37 -83.85
C GLY NE 374 -43.41 -6.02 -82.97
N ALA NE 375 -43.37 -7.35 -82.94
CA ALA NE 375 -44.47 -8.12 -82.38
C ALA NE 375 -44.58 -7.95 -80.87
N GLU NE 376 -43.49 -7.63 -80.18
CA GLU NE 376 -43.53 -7.32 -78.76
C GLU NE 376 -43.52 -5.82 -78.52
N GLY NE 377 -44.05 -5.05 -79.45
CA GLY NE 377 -43.89 -3.61 -79.41
C GLY NE 377 -44.63 -2.95 -78.27
N TYR NE 378 -44.18 -1.75 -77.95
CA TYR NE 378 -44.84 -0.91 -76.96
C TYR NE 378 -44.37 0.52 -77.13
N ILE NE 379 -45.10 1.45 -76.53
CA ILE NE 379 -44.75 2.86 -76.59
C ILE NE 379 -44.38 3.36 -75.20
N LYS NE 380 -43.32 4.16 -75.14
CA LYS NE 380 -42.95 4.93 -73.95
C LYS NE 380 -43.76 6.21 -73.88
N MET NE 381 -44.77 6.25 -73.03
CA MET NE 381 -45.50 7.49 -72.84
C MET NE 381 -44.57 8.55 -72.28
N SER NE 382 -43.69 8.15 -71.39
CA SER NE 382 -42.76 9.04 -70.72
C SER NE 382 -41.75 8.11 -70.08
N PRO NE 383 -40.60 8.61 -69.61
CA PRO NE 383 -39.73 7.75 -68.83
C PRO NE 383 -40.45 7.15 -67.64
N GLY NE 384 -40.42 5.83 -67.57
CA GLY NE 384 -41.16 5.08 -66.58
C GLY NE 384 -42.63 4.80 -66.86
N HIS NE 385 -43.10 4.97 -68.09
CA HIS NE 385 -44.52 4.75 -68.38
C HIS NE 385 -44.65 4.01 -69.71
N TRP NE 386 -45.09 2.75 -69.68
CA TRP NE 386 -45.29 1.90 -70.84
C TRP NE 386 -46.76 1.84 -71.24
N TYR NE 387 -47.03 1.63 -72.54
CA TYR NE 387 -48.42 1.63 -72.99
C TYR NE 387 -48.96 0.33 -73.60
N PHE NE 388 -48.16 -0.55 -74.18
CA PHE NE 388 -48.64 -1.82 -74.71
C PHE NE 388 -49.97 -1.75 -75.49
N PRO NE 389 -50.07 -0.94 -76.51
CA PRO NE 389 -51.35 -0.80 -77.18
C PRO NE 389 -51.65 -1.85 -78.23
N SER NE 390 -50.63 -2.33 -78.93
CA SER NE 390 -50.81 -3.06 -80.17
C SER NE 390 -49.47 -3.66 -80.57
N PRO NE 391 -49.46 -4.67 -81.43
CA PRO NE 391 -48.26 -4.90 -82.24
C PRO NE 391 -47.94 -3.66 -83.05
N LEU NE 392 -46.66 -3.34 -83.15
CA LEU NE 392 -46.24 -2.19 -83.94
C LEU NE 392 -45.30 -2.59 -85.06
N ALA OE 171 -57.46 44.35 -147.92
CA ALA OE 171 -56.78 44.50 -146.64
C ALA OE 171 -56.29 43.15 -146.14
N GLU OE 172 -55.03 42.86 -146.41
CA GLU OE 172 -54.49 41.58 -146.00
C GLU OE 172 -54.27 41.55 -144.49
N LEU OE 173 -54.17 40.34 -143.96
CA LEU OE 173 -53.98 40.18 -142.52
C LEU OE 173 -52.64 40.73 -142.07
N ASP OE 174 -51.59 40.55 -142.87
CA ASP OE 174 -50.27 41.04 -142.52
C ASP OE 174 -50.27 42.56 -142.29
N SER OE 175 -51.13 43.28 -143.00
CA SER OE 175 -51.23 44.72 -142.84
C SER OE 175 -51.81 45.12 -141.50
N LEU OE 176 -52.50 44.19 -140.84
CA LEU OE 176 -53.17 44.44 -139.56
C LEU OE 176 -52.34 44.09 -138.34
N LEU OE 177 -51.27 43.33 -138.49
CA LEU OE 177 -50.51 42.90 -137.32
C LEU OE 177 -49.55 43.94 -136.77
N GLY OE 178 -49.25 45.01 -137.49
CA GLY OE 178 -48.30 45.96 -136.95
C GLY OE 178 -47.35 46.51 -137.98
N GLN OE 179 -46.41 47.30 -137.49
CA GLN OE 179 -45.27 47.78 -138.28
C GLN OE 179 -44.16 46.75 -138.44
N GLU OE 180 -43.79 46.04 -137.38
CA GLU OE 180 -42.74 45.03 -137.48
C GLU OE 180 -43.28 43.80 -138.21
N LYS OE 181 -42.91 43.66 -139.48
CA LYS OE 181 -43.51 42.62 -140.30
C LYS OE 181 -43.00 41.23 -139.93
N GLU OE 182 -41.69 41.07 -139.87
CA GLU OE 182 -41.04 39.77 -139.69
C GLU OE 182 -41.25 39.18 -138.32
N ARG OE 183 -41.98 39.85 -137.43
CA ARG OE 183 -42.30 39.25 -136.15
C ARG OE 183 -43.23 38.05 -136.32
N PHE OE 184 -44.12 38.07 -137.32
CA PHE OE 184 -45.11 37.03 -137.54
C PHE OE 184 -44.95 36.41 -138.92
N GLN OE 185 -45.51 35.21 -139.08
CA GLN OE 185 -45.48 34.51 -140.34
C GLN OE 185 -46.87 33.94 -140.61
N VAL OE 186 -47.44 34.33 -141.74
CA VAL OE 186 -48.79 33.94 -142.16
C VAL OE 186 -48.71 32.76 -143.12
N LEU OE 187 -49.44 31.69 -142.80
CA LEU OE 187 -49.45 30.51 -143.64
C LEU OE 187 -50.88 30.12 -144.01
N PRO OE 188 -51.16 29.91 -145.29
CA PRO OE 188 -52.46 29.37 -145.70
C PRO OE 188 -52.58 27.89 -145.41
N GLY OE 189 -53.80 27.43 -145.12
CA GLY OE 189 -54.03 26.04 -144.83
C GLY OE 189 -55.07 25.43 -145.75
N ARG OE 190 -54.95 24.11 -145.95
CA ARG OE 190 -55.86 23.37 -146.82
C ARG OE 190 -57.30 23.43 -146.34
N ASP OE 191 -57.51 23.70 -145.06
CA ASP OE 191 -58.83 23.87 -144.49
C ASP OE 191 -59.46 25.21 -144.85
N LYS OE 192 -58.81 25.98 -145.72
CA LYS OE 192 -59.28 27.30 -146.12
C LYS OE 192 -59.31 28.27 -144.94
N MET OE 193 -58.22 28.26 -144.18
CA MET OE 193 -58.10 29.09 -143.00
C MET OE 193 -56.67 29.61 -142.92
N LEU OE 194 -56.51 30.86 -142.51
CA LEU OE 194 -55.17 31.40 -142.27
C LEU OE 194 -54.64 31.03 -140.89
N TYR OE 195 -53.39 30.61 -140.84
CA TYR OE 195 -52.67 30.30 -139.61
C TYR OE 195 -51.58 31.34 -139.37
N VAL OE 196 -51.55 31.89 -138.16
CA VAL OE 196 -50.54 32.87 -137.76
C VAL OE 196 -49.61 32.21 -136.76
N ALA OE 197 -48.33 32.12 -137.13
CA ALA OE 197 -47.30 31.51 -136.28
C ALA OE 197 -46.62 32.58 -135.43
N ALA OE 198 -46.64 32.38 -134.12
CA ALA OE 198 -46.05 33.23 -133.11
C ALA OE 198 -44.90 32.53 -132.40
N GLN OE 199 -44.06 33.32 -131.74
CA GLN OE 199 -42.90 32.80 -131.03
C GLN OE 199 -43.11 32.65 -129.52
N ASN OE 200 -44.06 33.35 -128.93
CA ASN OE 200 -44.20 33.32 -127.47
C ASN OE 200 -45.62 33.76 -127.11
N GLU OE 201 -45.91 33.65 -125.82
CA GLU OE 201 -47.22 34.05 -125.29
C GLU OE 201 -47.55 35.51 -125.53
N ARG OE 202 -46.65 36.42 -125.17
CA ARG OE 202 -46.92 37.83 -125.38
C ARG OE 202 -47.33 38.13 -126.83
N ASP OE 203 -46.57 37.63 -127.79
CA ASP OE 203 -46.95 37.80 -129.20
C ASP OE 203 -48.26 37.10 -129.52
N THR OE 204 -48.48 35.92 -128.96
CA THR OE 204 -49.73 35.21 -129.19
C THR OE 204 -50.93 36.07 -128.81
N LEU OE 205 -50.88 36.70 -127.65
CA LEU OE 205 -51.99 37.57 -127.26
C LEU OE 205 -52.05 38.84 -128.08
N TRP OE 206 -50.91 39.38 -128.48
CA TRP OE 206 -50.92 40.52 -129.39
C TRP OE 206 -51.66 40.20 -130.67
N ALA OE 207 -51.52 38.98 -131.17
CA ALA OE 207 -52.23 38.56 -132.37
C ALA OE 207 -53.69 38.24 -132.10
N ARG OE 208 -53.98 37.43 -131.09
CA ARG OE 208 -55.35 37.07 -130.79
C ARG OE 208 -56.25 38.28 -130.64
N GLN OE 209 -55.73 39.38 -130.09
CA GLN OE 209 -56.57 40.55 -129.94
C GLN OE 209 -57.15 41.01 -131.27
N VAL OE 210 -56.37 40.95 -132.34
CA VAL OE 210 -56.84 41.44 -133.64
C VAL OE 210 -58.05 40.65 -134.11
N LEU OE 211 -57.97 39.32 -134.00
CA LEU OE 211 -59.07 38.47 -134.42
C LEU OE 211 -60.28 38.63 -133.52
N ALA OE 212 -60.08 38.61 -132.21
CA ALA OE 212 -61.21 38.71 -131.30
C ALA OE 212 -61.92 40.05 -131.44
N ARG OE 213 -61.19 41.11 -131.74
CA ARG OE 213 -61.83 42.37 -132.06
C ARG OE 213 -62.63 42.28 -133.34
N GLY OE 214 -62.27 41.35 -134.23
CA GLY OE 214 -62.95 41.21 -135.50
C GLY OE 214 -62.44 42.10 -136.60
N ASP OE 215 -61.17 42.49 -136.55
CA ASP OE 215 -60.62 43.33 -137.60
C ASP OE 215 -60.49 42.61 -138.94
N TYR OE 216 -60.59 41.29 -138.96
CA TYR OE 216 -60.48 40.52 -140.20
C TYR OE 216 -61.76 39.75 -140.44
N ASP OE 217 -62.10 39.60 -141.72
CA ASP OE 217 -63.40 39.07 -142.11
C ASP OE 217 -63.41 37.57 -142.38
N LYS OE 218 -62.34 36.99 -142.89
CA LYS OE 218 -62.26 35.56 -143.09
C LYS OE 218 -61.78 34.83 -141.84
N ASN OE 219 -61.71 33.50 -141.92
CA ASN OE 219 -61.25 32.68 -140.81
C ASN OE 219 -59.73 32.66 -140.64
N ALA OE 220 -59.32 32.69 -139.39
CA ALA OE 220 -57.91 32.70 -139.02
C ALA OE 220 -57.76 32.10 -137.64
N ARG OE 221 -56.53 31.67 -137.35
CA ARG OE 221 -56.22 31.01 -136.09
C ARG OE 221 -54.77 31.32 -135.75
N VAL OE 222 -54.46 31.36 -134.47
CA VAL OE 222 -53.11 31.63 -133.97
C VAL OE 222 -52.55 30.37 -133.32
N ILE OE 223 -51.27 30.07 -133.60
CA ILE OE 223 -50.64 28.86 -133.09
C ILE OE 223 -49.21 29.11 -132.63
N ASN OE 224 -48.74 28.21 -131.76
CA ASN OE 224 -47.38 28.26 -131.24
C ASN OE 224 -46.93 26.84 -130.89
N GLU OE 225 -45.62 26.71 -130.71
CA GLU OE 225 -45.00 25.39 -130.52
C GLU OE 225 -45.50 24.66 -129.28
N ASN OE 226 -45.66 25.34 -128.16
CA ASN OE 226 -46.07 24.60 -126.97
C ASN OE 226 -47.49 24.09 -127.11
N GLU OE 227 -48.38 24.94 -127.62
CA GLU OE 227 -49.75 24.53 -127.85
C GLU OE 227 -49.81 23.33 -128.78
N GLU OE 228 -49.07 23.36 -129.88
CA GLU OE 228 -49.15 22.23 -130.80
C GLU OE 228 -48.55 20.96 -130.21
N ASN OE 229 -47.45 21.06 -129.47
CA ASN OE 229 -46.95 19.86 -128.82
C ASN OE 229 -48.00 19.25 -127.89
N LYS OE 230 -48.67 20.09 -127.10
CA LYS OE 230 -49.68 19.56 -126.19
C LYS OE 230 -50.82 18.89 -126.94
N ARG OE 231 -51.37 19.57 -127.94
CA ARG OE 231 -52.48 19.00 -128.70
C ARG OE 231 -52.12 17.68 -129.34
N ILE OE 232 -50.95 17.59 -129.95
CA ILE OE 232 -50.58 16.33 -130.59
C ILE OE 232 -50.33 15.24 -129.57
N SER OE 233 -49.76 15.58 -128.42
CA SER OE 233 -49.56 14.55 -127.42
C SER OE 233 -50.90 14.02 -126.91
N ILE OE 234 -51.88 14.90 -126.80
CA ILE OE 234 -53.20 14.44 -126.37
C ILE OE 234 -53.82 13.48 -127.39
N TRP OE 235 -53.57 13.70 -128.68
CA TRP OE 235 -54.11 12.76 -129.66
C TRP OE 235 -53.36 11.43 -129.63
N LEU OE 236 -52.03 11.49 -129.54
CA LEU OE 236 -51.22 10.28 -129.40
C LEU OE 236 -51.65 9.45 -128.20
N ASP OE 237 -51.96 10.10 -127.09
CA ASP OE 237 -52.43 9.36 -125.92
C ASP OE 237 -53.60 8.45 -126.24
N THR OE 238 -54.42 8.82 -127.21
CA THR OE 238 -55.58 8.00 -127.54
C THR OE 238 -55.27 6.93 -128.58
N TYR OE 239 -54.60 7.27 -129.67
CA TYR OE 239 -54.44 6.26 -130.73
C TYR OE 239 -53.13 5.49 -130.69
N TYR OE 240 -52.12 5.97 -129.98
CA TYR OE 240 -50.81 5.31 -129.87
C TYR OE 240 -50.37 5.39 -128.42
N PRO OE 241 -51.09 4.72 -127.52
CA PRO OE 241 -50.83 4.86 -126.08
C PRO OE 241 -49.52 4.26 -125.60
N GLN OE 242 -48.69 3.69 -126.46
CA GLN OE 242 -47.45 3.07 -126.01
C GLN OE 242 -46.24 3.56 -126.81
N LEU OE 243 -46.41 4.58 -127.64
CA LEU OE 243 -45.31 5.10 -128.43
C LEU OE 243 -44.35 5.92 -127.58
N ALA OE 244 -43.06 5.62 -127.71
CA ALA OE 244 -41.98 6.33 -127.05
C ALA OE 244 -41.39 7.40 -127.97
N TYR OE 245 -41.43 8.65 -127.55
CA TYR OE 245 -41.00 9.75 -128.40
C TYR OE 245 -40.58 10.92 -127.54
N TYR OE 246 -39.91 11.88 -128.18
CA TYR OE 246 -39.40 13.08 -127.54
C TYR OE 246 -40.16 14.36 -127.82
N ARG OE 247 -39.98 14.98 -128.97
CA ARG OE 247 -40.58 16.27 -129.22
C ARG OE 247 -40.70 16.53 -130.71
N ILE OE 248 -41.61 17.43 -131.05
CA ILE OE 248 -41.79 17.92 -132.41
C ILE OE 248 -41.31 19.36 -132.51
N HIS OE 249 -40.35 19.58 -133.39
CA HIS OE 249 -39.69 20.86 -133.64
C HIS OE 249 -40.34 21.57 -134.82
N PHE OE 250 -40.59 22.86 -134.69
CA PHE OE 250 -41.25 23.65 -135.73
C PHE OE 250 -40.38 24.80 -136.19
N ASP OE 251 -39.07 24.56 -136.29
CA ASP OE 251 -38.19 25.60 -136.79
C ASP OE 251 -38.56 25.97 -138.22
N GLU OE 252 -38.86 24.97 -139.04
CA GLU OE 252 -39.43 25.17 -140.38
C GLU OE 252 -40.87 24.69 -140.30
N PRO OE 253 -41.85 25.59 -140.21
CA PRO OE 253 -43.22 25.13 -139.95
C PRO OE 253 -43.83 24.33 -141.08
N ARG OE 254 -43.27 24.37 -142.28
CA ARG OE 254 -43.81 23.55 -143.35
C ARG OE 254 -43.29 22.12 -143.33
N LYS OE 255 -42.28 21.80 -142.54
CA LYS OE 255 -41.74 20.44 -142.46
C LYS OE 255 -41.30 20.12 -141.05
N PRO OE 256 -42.23 19.83 -140.15
CA PRO OE 256 -41.84 19.53 -138.78
C PRO OE 256 -41.01 18.27 -138.69
N VAL OE 257 -40.28 18.16 -137.58
CA VAL OE 257 -39.39 17.05 -137.30
C VAL OE 257 -39.86 16.36 -136.03
N PHE OE 258 -40.11 15.07 -136.10
CA PHE OE 258 -40.61 14.27 -134.98
C PHE OE 258 -39.54 13.28 -134.55
N TRP OE 259 -39.06 13.42 -133.31
CA TRP OE 259 -38.02 12.56 -132.73
C TRP OE 259 -38.59 11.36 -131.97
N LEU OE 260 -38.26 10.16 -132.43
CA LEU OE 260 -38.68 8.91 -131.81
C LEU OE 260 -37.48 8.17 -131.25
N SER OE 261 -37.73 7.41 -130.18
CA SER OE 261 -36.70 6.55 -129.61
C SER OE 261 -36.33 5.38 -130.51
N ARG OE 262 -35.03 5.18 -130.70
CA ARG OE 262 -34.55 4.03 -131.47
C ARG OE 262 -34.76 2.71 -130.75
N GLN OE 263 -34.53 2.65 -129.44
CA GLN OE 263 -34.61 1.37 -128.77
C GLN OE 263 -36.02 0.99 -128.33
N ARG OE 264 -36.77 1.94 -127.81
CA ARG OE 264 -38.03 1.58 -127.16
C ARG OE 264 -39.15 1.37 -128.16
N ASN OE 265 -39.01 1.83 -129.39
CA ASN OE 265 -40.02 1.62 -130.41
C ASN OE 265 -39.72 0.37 -131.22
N THR OE 266 -40.77 -0.24 -131.75
CA THR OE 266 -40.64 -1.29 -132.76
C THR OE 266 -41.75 -1.13 -133.80
N MET OE 267 -41.40 -0.60 -134.97
CA MET OE 267 -42.37 -0.38 -136.03
C MET OE 267 -41.73 -0.74 -137.37
N SER OE 268 -42.57 -1.14 -138.32
CA SER OE 268 -42.13 -1.26 -139.70
C SER OE 268 -42.15 0.08 -140.42
N LYS OE 269 -41.44 0.11 -141.55
CA LYS OE 269 -41.46 1.28 -142.42
C LYS OE 269 -42.87 1.69 -142.82
N LYS OE 270 -43.70 0.71 -143.16
CA LYS OE 270 -45.09 1.00 -143.49
C LYS OE 270 -45.81 1.69 -142.34
N GLU OE 271 -45.67 1.15 -141.14
CA GLU OE 271 -46.29 1.74 -139.97
C GLU OE 271 -45.82 3.17 -139.75
N LEU OE 272 -44.52 3.41 -139.87
CA LEU OE 272 -43.99 4.77 -139.73
C LEU OE 272 -44.61 5.69 -140.77
N GLU OE 273 -44.73 5.24 -142.01
CA GLU OE 273 -45.35 6.05 -143.04
C GLU OE 273 -46.80 6.37 -142.71
N VAL OE 274 -47.55 5.38 -142.24
CA VAL OE 274 -48.93 5.62 -141.84
C VAL OE 274 -49.00 6.69 -140.75
N LEU OE 275 -48.16 6.55 -139.73
CA LEU OE 275 -48.07 7.57 -138.68
C LEU OE 275 -47.82 8.96 -139.28
N SER OE 276 -46.86 9.04 -140.19
CA SER OE 276 -46.57 10.29 -140.87
C SER OE 276 -47.82 10.87 -141.51
N GLN OE 277 -48.56 10.05 -142.25
CA GLN OE 277 -49.74 10.55 -142.93
C GLN OE 277 -50.82 11.02 -141.95
N LYS OE 278 -51.00 10.31 -140.85
CA LYS OE 278 -52.03 10.76 -139.91
C LYS OE 278 -51.63 12.07 -139.23
N LEU OE 279 -50.36 12.22 -138.88
CA LEU OE 279 -49.89 13.51 -138.39
C LEU OE 279 -50.13 14.61 -139.41
N ARG OE 280 -49.83 14.32 -140.68
CA ARG OE 280 -50.06 15.31 -141.71
C ARG OE 280 -51.53 15.69 -141.75
N ALA OE 281 -52.42 14.75 -141.43
CA ALA OE 281 -53.82 15.12 -141.41
C ALA OE 281 -54.15 15.98 -140.21
N LEU OE 282 -53.42 15.81 -139.09
CA LEU OE 282 -53.66 16.69 -137.95
C LEU OE 282 -53.14 18.11 -138.16
N MET OE 283 -52.15 18.28 -139.02
CA MET OE 283 -51.54 19.60 -139.24
C MET OE 283 -51.82 20.08 -140.66
N PRO OE 284 -52.95 20.72 -140.92
CA PRO OE 284 -53.27 21.16 -142.27
C PRO OE 284 -52.39 22.26 -142.82
N TYR OE 285 -51.47 22.82 -142.06
CA TYR OE 285 -50.56 23.84 -142.57
C TYR OE 285 -49.22 23.28 -142.99
N ALA OE 286 -48.93 22.02 -142.68
CA ALA OE 286 -47.66 21.40 -143.01
C ALA OE 286 -47.79 20.53 -144.24
N ASP OE 287 -46.74 20.52 -145.06
CA ASP OE 287 -46.75 19.70 -146.26
C ASP OE 287 -46.28 18.28 -146.01
N SER OE 288 -45.41 18.06 -145.03
CA SER OE 288 -44.96 16.72 -144.70
C SER OE 288 -44.29 16.75 -143.35
N VAL OE 289 -44.20 15.58 -142.72
CA VAL OE 289 -43.58 15.43 -141.41
C VAL OE 289 -42.43 14.44 -141.52
N ASN OE 290 -41.25 14.85 -141.06
CA ASN OE 290 -40.06 14.01 -141.10
C ASN OE 290 -39.88 13.34 -139.76
N ILE OE 291 -39.83 12.01 -139.75
CA ILE OE 291 -39.61 11.24 -138.53
C ILE OE 291 -38.16 10.82 -138.45
N THR OE 292 -37.50 11.17 -137.35
CA THR OE 292 -36.11 10.90 -137.10
C THR OE 292 -35.95 10.11 -135.80
N LEU OE 293 -35.10 9.09 -135.82
CA LEU OE 293 -34.80 8.26 -134.66
C LEU OE 293 -33.57 8.74 -133.93
N MET OE 294 -33.69 8.94 -132.62
CA MET OE 294 -32.65 9.48 -131.76
C MET OE 294 -32.26 8.44 -130.72
N ASP OE 295 -31.05 8.56 -130.19
CA ASP OE 295 -30.54 7.64 -129.19
C ASP OE 295 -30.71 8.11 -127.75
N ASP OE 296 -31.33 7.26 -126.94
CA ASP OE 296 -31.56 7.55 -125.53
C ASP OE 296 -30.25 7.70 -124.77
N VAL OE 297 -29.28 6.84 -125.03
CA VAL OE 297 -28.00 6.96 -124.34
C VAL OE 297 -27.41 8.34 -124.60
N THR OE 298 -27.54 8.83 -125.83
CA THR OE 298 -27.09 10.19 -126.12
C THR OE 298 -27.80 11.20 -125.24
N ALA OE 299 -29.12 11.18 -125.22
CA ALA OE 299 -29.87 12.10 -124.36
C ALA OE 299 -29.40 12.09 -122.91
N ALA OE 300 -29.43 10.92 -122.27
CA ALA OE 300 -28.98 10.80 -120.89
C ALA OE 300 -27.55 11.31 -120.69
N GLY OE 301 -26.65 10.98 -121.62
CA GLY OE 301 -25.28 11.43 -121.49
C GLY OE 301 -25.13 12.94 -121.55
N GLN OE 302 -25.82 13.58 -122.49
CA GLN OE 302 -25.79 15.04 -122.54
C GLN OE 302 -26.31 15.65 -121.25
N ALA OE 303 -27.35 15.08 -120.66
CA ALA OE 303 -27.80 15.59 -119.36
C ALA OE 303 -26.72 15.48 -118.29
N GLU OE 304 -26.17 14.29 -118.11
CA GLU OE 304 -25.17 14.12 -117.06
C GLU OE 304 -23.93 14.97 -117.30
N ALA OE 305 -23.48 15.05 -118.55
CA ALA OE 305 -22.34 15.90 -118.86
C ALA OE 305 -22.63 17.35 -118.53
N GLY OE 306 -23.83 17.83 -118.81
CA GLY OE 306 -24.15 19.19 -118.44
C GLY OE 306 -24.10 19.45 -116.94
N LEU OE 307 -24.64 18.52 -116.14
CA LEU OE 307 -24.54 18.71 -114.69
C LEU OE 307 -23.11 18.70 -114.19
N LYS OE 308 -22.26 17.85 -114.75
CA LYS OE 308 -20.86 17.90 -114.35
C LYS OE 308 -20.24 19.23 -114.76
N GLN OE 309 -20.49 19.65 -115.99
CA GLN OE 309 -19.96 20.92 -116.46
C GLN OE 309 -20.33 22.04 -115.50
N GLN OE 310 -21.55 22.04 -114.99
CA GLN OE 310 -21.96 23.07 -114.06
C GLN OE 310 -21.46 22.83 -112.63
N ALA OE 311 -20.80 21.70 -112.38
CA ALA OE 311 -20.32 21.38 -111.04
C ALA OE 311 -21.41 21.33 -109.98
N LEU OE 312 -22.59 20.89 -110.34
CA LEU OE 312 -23.64 20.72 -109.35
C LEU OE 312 -23.48 19.37 -108.65
N PRO OE 313 -23.86 19.26 -107.38
CA PRO OE 313 -23.99 17.94 -106.76
C PRO OE 313 -25.28 17.27 -107.17
N TYR OE 314 -25.23 15.95 -107.37
CA TYR OE 314 -26.41 15.23 -107.83
C TYR OE 314 -26.30 13.75 -107.52
N SER OE 315 -27.44 13.08 -107.63
CA SER OE 315 -27.55 11.63 -107.67
C SER OE 315 -28.35 11.22 -108.89
N ARG OE 316 -27.97 10.11 -109.51
CA ARG OE 316 -28.65 9.58 -110.69
C ARG OE 316 -29.38 8.29 -110.35
N ARG OE 317 -30.63 8.18 -110.81
CA ARG OE 317 -31.39 6.94 -110.70
C ARG OE 317 -31.93 6.55 -112.07
N ASN OE 318 -31.81 5.26 -112.38
CA ASN OE 318 -32.22 4.69 -113.65
C ASN OE 318 -33.45 3.82 -113.49
N HIS OE 319 -34.40 3.94 -114.40
CA HIS OE 319 -35.56 3.09 -114.47
C HIS OE 319 -35.71 2.58 -115.88
N LYS OE 320 -36.60 1.63 -116.06
CA LYS OE 320 -36.76 0.98 -117.35
C LYS OE 320 -36.98 1.99 -118.47
N GLY OE 321 -37.79 3.00 -118.22
CA GLY OE 321 -38.14 3.95 -119.25
C GLY OE 321 -37.84 5.41 -118.97
N GLY OE 322 -36.94 5.68 -118.03
CA GLY OE 322 -36.68 7.07 -117.67
C GLY OE 322 -35.54 7.18 -116.71
N VAL OE 323 -35.00 8.40 -116.61
CA VAL OE 323 -33.88 8.70 -115.74
C VAL OE 323 -34.25 9.90 -114.87
N THR OE 324 -33.90 9.83 -113.59
CA THR OE 324 -34.17 10.92 -112.65
C THR OE 324 -32.89 11.38 -111.98
N PHE OE 325 -32.65 12.68 -112.01
CA PHE OE 325 -31.52 13.32 -111.34
C PHE OE 325 -32.01 14.13 -110.15
N VAL OE 326 -31.56 13.75 -108.97
CA VAL OE 326 -31.94 14.40 -107.73
C VAL OE 326 -30.80 15.33 -107.32
N ILE OE 327 -31.14 16.59 -107.13
CA ILE OE 327 -30.20 17.66 -106.77
C ILE OE 327 -30.79 18.28 -105.52
N GLN OE 328 -30.26 17.94 -104.36
CA GLN OE 328 -30.83 18.43 -103.13
C GLN OE 328 -29.77 18.71 -102.09
N GLY OE 329 -30.05 19.69 -101.24
CA GLY OE 329 -29.14 20.08 -100.19
C GLY OE 329 -29.29 21.55 -99.85
N ALA OE 330 -28.23 22.10 -99.26
CA ALA OE 330 -28.11 23.52 -98.94
C ALA OE 330 -27.47 24.34 -100.05
N LEU OE 331 -28.06 24.27 -101.23
CA LEU OE 331 -27.50 24.98 -102.38
C LEU OE 331 -27.44 26.49 -102.12
N ASP OE 332 -26.42 27.11 -102.71
CA ASP OE 332 -26.19 28.55 -102.74
C ASP OE 332 -26.89 29.23 -103.92
N ASP OE 333 -27.11 30.53 -103.78
CA ASP OE 333 -27.71 31.35 -104.83
C ASP OE 333 -27.10 31.12 -106.21
N VAL OE 334 -25.77 31.17 -106.29
CA VAL OE 334 -25.10 30.92 -107.56
C VAL OE 334 -25.52 29.58 -108.14
N GLU OE 335 -25.51 28.55 -107.31
CA GLU OE 335 -25.90 27.22 -107.78
C GLU OE 335 -27.34 27.20 -108.26
N ILE OE 336 -28.27 27.74 -107.47
CA ILE OE 336 -29.66 27.78 -107.91
C ILE OE 336 -29.78 28.43 -109.29
N LEU OE 337 -29.17 29.59 -109.47
CA LEU OE 337 -29.25 30.27 -110.76
C LEU OE 337 -28.70 29.43 -111.90
N ARG OE 338 -27.48 28.92 -111.76
CA ARG OE 338 -26.91 28.12 -112.84
C ARG OE 338 -27.72 26.86 -113.13
N ALA OE 339 -28.17 26.17 -112.09
CA ALA OE 339 -29.03 25.01 -112.31
C ALA OE 339 -30.29 25.36 -113.08
N ARG OE 340 -31.00 26.40 -112.65
CA ARG OE 340 -32.19 26.83 -113.36
C ARG OE 340 -31.95 27.10 -114.83
N GLN OE 341 -30.92 27.89 -115.14
CA GLN OE 341 -30.60 28.15 -116.54
C GLN OE 341 -30.36 26.87 -117.34
N PHE OE 342 -29.52 25.98 -116.81
CA PHE OE 342 -29.24 24.73 -117.52
C PHE OE 342 -30.50 23.92 -117.77
N VAL OE 343 -31.25 23.62 -116.72
CA VAL OE 343 -32.48 22.84 -116.89
C VAL OE 343 -33.39 23.46 -117.92
N ASP OE 344 -33.55 24.77 -117.88
CA ASP OE 344 -34.37 25.41 -118.90
C ASP OE 344 -33.83 25.19 -120.29
N SER OE 345 -32.52 25.14 -120.45
CA SER OE 345 -31.98 24.94 -121.79
C SER OE 345 -32.24 23.52 -122.28
N TYR OE 346 -31.95 22.54 -121.45
CA TYR OE 346 -32.15 21.14 -121.82
C TYR OE 346 -33.61 20.83 -122.16
N TYR OE 347 -34.52 21.19 -121.27
CA TYR OE 347 -35.94 20.93 -121.50
C TYR OE 347 -36.42 21.42 -122.86
N ARG OE 348 -35.96 22.58 -123.31
CA ARG OE 348 -36.40 23.06 -124.62
C ARG OE 348 -35.99 22.15 -125.76
N THR OE 349 -34.91 21.42 -125.59
CA THR OE 349 -34.43 20.52 -126.65
C THR OE 349 -35.10 19.15 -126.57
N TRP OE 350 -34.98 18.49 -125.43
CA TRP OE 350 -35.44 17.11 -125.31
C TRP OE 350 -36.83 16.94 -124.71
N GLY OE 351 -37.47 17.99 -124.24
CA GLY OE 351 -38.68 17.85 -123.47
C GLY OE 351 -38.49 17.19 -122.12
N GLY OE 352 -39.61 16.94 -121.45
CA GLY OE 352 -39.62 16.32 -120.15
C GLY OE 352 -40.11 14.91 -120.01
N ARG OE 353 -40.08 14.11 -121.07
CA ARG OE 353 -40.65 12.78 -121.00
C ARG OE 353 -39.66 11.73 -120.50
N TYR OE 354 -38.43 11.74 -120.98
CA TYR OE 354 -37.46 10.72 -120.58
C TYR OE 354 -36.65 11.08 -119.33
N VAL OE 355 -36.07 12.27 -119.26
CA VAL OE 355 -35.24 12.72 -118.14
C VAL OE 355 -35.97 13.74 -117.29
N GLN OE 356 -35.97 13.51 -115.97
CA GLN OE 356 -36.57 14.38 -114.95
C GLN OE 356 -35.52 14.89 -113.97
N PHE OE 357 -35.62 16.16 -113.60
CA PHE OE 357 -34.75 16.77 -112.60
C PHE OE 357 -35.57 17.19 -111.38
N ALA OE 358 -35.15 16.76 -110.19
CA ALA OE 358 -35.79 17.13 -108.93
C ALA OE 358 -34.83 17.96 -108.09
N ILE OE 359 -35.20 19.22 -107.83
CA ILE OE 359 -34.38 20.17 -107.09
C ILE OE 359 -35.01 20.45 -105.73
N GLU OE 360 -34.26 20.21 -104.65
CA GLU OE 360 -34.80 20.43 -103.32
C GLU OE 360 -33.81 21.09 -102.38
N LEU OE 361 -34.32 22.06 -101.62
CA LEU OE 361 -33.56 22.79 -100.62
C LEU OE 361 -33.85 22.21 -99.25
N LYS OE 362 -32.81 21.97 -98.47
CA LYS OE 362 -33.01 21.51 -97.10
C LYS OE 362 -31.98 22.14 -96.17
N ASP OE 363 -32.39 22.27 -94.91
CA ASP OE 363 -31.58 22.96 -93.91
C ASP OE 363 -30.37 22.12 -93.52
N ASP OE 364 -29.30 22.81 -93.13
CA ASP OE 364 -28.04 22.16 -92.81
C ASP OE 364 -28.03 21.72 -91.35
N TRP OE 365 -28.15 20.42 -91.12
CA TRP OE 365 -28.05 19.89 -89.77
C TRP OE 365 -26.65 20.04 -89.21
N LEU OE 366 -25.64 20.13 -90.07
CA LEU OE 366 -24.25 19.91 -89.73
C LEU OE 366 -23.46 21.17 -89.39
N LYS OE 367 -23.99 22.35 -89.69
CA LYS OE 367 -23.28 23.59 -89.39
C LYS OE 367 -22.98 23.77 -87.91
N GLY OE 368 -21.70 23.94 -87.59
CA GLY OE 368 -21.27 24.19 -86.23
C GLY OE 368 -21.13 23.02 -85.29
N ARG OE 369 -21.27 21.79 -85.77
CA ARG OE 369 -21.22 20.61 -84.90
C ARG OE 369 -20.06 19.73 -85.32
N SER OE 370 -19.40 19.10 -84.35
CA SER OE 370 -18.34 18.18 -84.66
C SER OE 370 -18.92 16.78 -84.90
N PHE OE 371 -18.28 16.04 -85.78
CA PHE OE 371 -18.85 14.77 -86.22
C PHE OE 371 -17.77 13.87 -86.78
N GLN OE 372 -18.11 12.59 -86.87
CA GLN OE 372 -17.27 11.58 -87.52
C GLN OE 372 -17.91 11.24 -88.85
N TYR OE 373 -17.10 11.17 -89.89
CA TYR OE 373 -17.56 10.74 -91.20
C TYR OE 373 -16.71 9.58 -91.67
N GLY OE 374 -17.29 8.74 -92.51
CA GLY OE 374 -16.69 7.47 -92.86
C GLY OE 374 -17.76 6.41 -92.97
N ALA OE 375 -17.35 5.16 -92.80
CA ALA OE 375 -18.31 4.06 -92.76
C ALA OE 375 -19.20 4.10 -91.52
N GLU OE 376 -18.74 4.71 -90.44
CA GLU OE 376 -19.40 4.64 -89.14
C GLU OE 376 -19.67 6.04 -88.60
N GLY OE 377 -20.28 6.89 -89.41
CA GLY OE 377 -20.46 8.26 -89.01
C GLY OE 377 -21.51 8.44 -87.93
N TYR OE 378 -21.39 9.56 -87.23
CA TYR OE 378 -22.41 10.02 -86.31
C TYR OE 378 -22.14 11.50 -86.02
N ILE OE 379 -23.14 12.17 -85.47
CA ILE OE 379 -23.03 13.59 -85.17
C ILE OE 379 -23.14 13.79 -83.67
N LYS OE 380 -22.26 14.61 -83.10
CA LYS OE 380 -22.45 15.07 -81.74
C LYS OE 380 -23.43 16.22 -81.73
N MET OE 381 -24.68 15.96 -81.35
CA MET OE 381 -25.64 17.06 -81.29
C MET OE 381 -25.16 18.11 -80.29
N SER OE 382 -24.55 17.67 -79.22
CA SER OE 382 -23.88 18.49 -78.23
C SER OE 382 -22.90 17.56 -77.56
N PRO OE 383 -22.05 18.01 -76.64
CA PRO OE 383 -21.46 17.07 -75.70
C PRO OE 383 -22.54 16.20 -75.08
N GLY OE 384 -22.18 14.96 -74.78
CA GLY OE 384 -23.11 14.04 -74.18
C GLY OE 384 -24.26 13.56 -75.03
N HIS OE 385 -24.45 14.04 -76.26
CA HIS OE 385 -25.57 13.59 -77.08
C HIS OE 385 -25.09 13.12 -78.44
N TRP OE 386 -25.29 11.84 -78.74
CA TRP OE 386 -24.92 11.24 -80.02
C TRP OE 386 -26.13 11.00 -80.90
N TYR OE 387 -26.04 11.39 -82.17
CA TYR OE 387 -27.04 11.07 -83.17
C TYR OE 387 -26.44 10.12 -84.21
N PHE OE 388 -27.13 8.99 -84.45
CA PHE OE 388 -26.71 8.01 -85.45
C PHE OE 388 -27.67 7.94 -86.62
N PRO OE 389 -27.54 8.79 -87.62
CA PRO OE 389 -28.34 8.61 -88.83
C PRO OE 389 -27.86 7.40 -89.60
N SER OE 390 -28.78 6.82 -90.38
CA SER OE 390 -28.50 5.57 -91.08
C SER OE 390 -29.31 5.46 -92.37
N ALA PE 171 -35.15 59.46 -149.47
CA ALA PE 171 -34.62 59.49 -148.11
C ALA PE 171 -33.90 58.19 -147.79
N GLU PE 172 -32.58 58.18 -147.96
CA GLU PE 172 -31.85 56.95 -147.74
C GLU PE 172 -31.80 56.64 -146.25
N LEU PE 173 -31.54 55.38 -145.94
CA LEU PE 173 -31.50 54.97 -144.54
C LEU PE 173 -30.34 55.61 -143.78
N ASP PE 174 -29.17 55.72 -144.40
CA ASP PE 174 -28.04 56.32 -143.71
C ASP PE 174 -28.29 57.75 -143.26
N SER PE 175 -29.12 58.49 -144.00
CA SER PE 175 -29.42 59.87 -143.62
C SER PE 175 -30.30 59.96 -142.37
N LEU PE 176 -30.98 58.87 -142.01
CA LEU PE 176 -31.89 58.84 -140.87
C LEU PE 176 -31.27 58.38 -139.57
N LEU PE 177 -30.11 57.72 -139.59
CA LEU PE 177 -29.56 57.16 -138.36
C LEU PE 177 -28.85 58.17 -137.48
N GLY PE 178 -28.52 59.35 -137.96
CA GLY PE 178 -27.80 60.30 -137.15
C GLY PE 178 -26.77 61.08 -137.94
N GLN PE 179 -26.00 61.89 -137.19
CA GLN PE 179 -24.82 62.53 -137.74
C GLN PE 179 -23.61 61.60 -137.81
N GLU PE 180 -23.41 60.74 -136.83
CA GLU PE 180 -22.29 59.82 -136.82
C GLU PE 180 -22.54 58.69 -137.80
N LYS PE 181 -22.19 58.94 -139.06
CA LYS PE 181 -22.49 57.98 -140.14
C LYS PE 181 -21.83 56.63 -139.88
N GLU PE 182 -20.56 56.63 -139.51
CA GLU PE 182 -19.76 55.42 -139.44
C GLU PE 182 -20.14 54.50 -138.28
N ARG PE 183 -20.97 54.97 -137.35
CA ARG PE 183 -21.35 54.17 -136.20
C ARG PE 183 -22.09 52.89 -136.60
N PHE PE 184 -22.81 52.91 -137.72
CA PHE PE 184 -23.66 51.82 -138.19
C PHE PE 184 -23.20 51.36 -139.56
N GLN PE 185 -23.58 50.14 -139.95
CA GLN PE 185 -23.19 49.66 -141.27
C GLN PE 185 -24.39 49.03 -141.95
N VAL PE 186 -24.71 49.52 -143.14
CA VAL PE 186 -25.86 49.08 -143.93
C VAL PE 186 -25.43 48.07 -144.98
N LEU PE 187 -26.09 46.91 -145.00
CA LEU PE 187 -25.79 45.84 -145.93
C LEU PE 187 -27.05 45.38 -146.66
N PRO PE 188 -27.02 45.19 -147.97
CA PRO PE 188 -28.16 44.61 -148.68
C PRO PE 188 -28.22 43.10 -148.54
N GLY PE 189 -29.42 42.57 -148.55
CA GLY PE 189 -29.64 41.14 -148.44
C GLY PE 189 -30.37 40.56 -149.65
N ARG PE 190 -30.05 39.29 -149.95
CA ARG PE 190 -30.71 38.59 -151.05
C ARG PE 190 -32.23 38.48 -150.86
N ASP PE 191 -32.71 38.62 -149.62
CA ASP PE 191 -34.14 38.65 -149.34
C ASP PE 191 -34.78 40.00 -149.65
N LYS PE 192 -34.01 40.93 -150.21
CA LYS PE 192 -34.50 42.28 -150.54
C LYS PE 192 -34.90 43.07 -149.31
N MET PE 193 -34.01 43.10 -148.31
CA MET PE 193 -34.26 43.80 -147.07
C MET PE 193 -32.93 44.43 -146.66
N LEU PE 194 -32.96 45.63 -146.11
CA LEU PE 194 -31.73 46.24 -145.58
C LEU PE 194 -31.39 45.76 -144.18
N TYR PE 195 -30.18 45.25 -144.01
CA TYR PE 195 -29.68 44.80 -142.71
C TYR PE 195 -28.74 45.85 -142.13
N VAL PE 196 -29.05 46.32 -140.93
CA VAL PE 196 -28.26 47.33 -140.24
C VAL PE 196 -27.47 46.61 -139.15
N ALA PE 197 -26.15 46.63 -139.29
CA ALA PE 197 -25.24 46.02 -138.34
C ALA PE 197 -24.84 47.05 -137.29
N ALA PE 198 -25.08 46.70 -136.02
CA ALA PE 198 -24.80 47.48 -134.83
C ALA PE 198 -23.73 46.80 -133.97
N GLN PE 199 -23.16 47.56 -133.05
CA GLN PE 199 -22.10 47.07 -132.18
C GLN PE 199 -22.54 46.70 -130.77
N ASN PE 200 -23.64 47.22 -130.27
CA ASN PE 200 -24.02 46.98 -128.88
C ASN PE 200 -25.51 47.19 -128.72
N GLU PE 201 -26.01 46.85 -127.53
CA GLU PE 201 -27.42 47.02 -127.21
C GLU PE 201 -27.91 48.46 -127.31
N ARG PE 202 -27.22 49.39 -126.65
CA ARG PE 202 -27.61 50.79 -126.70
C ARG PE 202 -27.78 51.29 -128.13
N ASP PE 203 -26.78 51.05 -128.98
CA ASP PE 203 -26.87 51.40 -130.39
C ASP PE 203 -27.98 50.65 -131.11
N THR PE 204 -28.16 49.39 -130.76
CA THR PE 204 -29.24 48.60 -131.34
C THR PE 204 -30.58 49.29 -131.13
N LEU PE 205 -30.88 49.65 -129.89
CA LEU PE 205 -32.15 50.33 -129.64
C LEU PE 205 -32.21 51.71 -130.26
N TRP PE 206 -31.09 52.42 -130.32
CA TRP PE 206 -31.07 53.69 -131.05
C TRP PE 206 -31.52 53.51 -132.49
N ALA PE 207 -31.15 52.38 -133.10
CA ALA PE 207 -31.60 52.09 -134.46
C ALA PE 207 -33.03 51.61 -134.52
N ARG PE 208 -33.39 50.64 -133.69
CA ARG PE 208 -34.73 50.08 -133.72
C ARG PE 208 -35.81 51.13 -133.54
N GLN PE 209 -35.54 52.16 -132.74
CA GLN PE 209 -36.55 53.21 -132.58
C GLN PE 209 -36.91 53.88 -133.90
N VAL PE 210 -35.93 54.05 -134.80
CA VAL PE 210 -36.24 54.70 -136.07
C VAL PE 210 -37.17 53.84 -136.91
N LEU PE 211 -36.90 52.55 -136.99
CA LEU PE 211 -37.75 51.68 -137.79
C LEU PE 211 -39.13 51.51 -137.17
N ALA PE 212 -39.19 51.27 -135.87
CA ALA PE 212 -40.47 51.07 -135.20
C ALA PE 212 -41.32 52.33 -135.26
N ARG PE 213 -40.71 53.50 -135.21
CA ARG PE 213 -41.48 54.71 -135.47
C ARG PE 213 -42.02 54.72 -136.89
N GLY PE 214 -41.37 54.00 -137.80
CA GLY PE 214 -41.81 53.97 -139.19
C GLY PE 214 -41.34 55.13 -140.03
N ASP PE 215 -40.14 55.63 -139.79
CA ASP PE 215 -39.61 56.69 -140.63
C ASP PE 215 -39.22 56.16 -142.01
N TYR PE 216 -38.48 55.06 -142.06
CA TYR PE 216 -38.22 54.40 -143.33
C TYR PE 216 -39.45 53.59 -143.75
N ASP PE 217 -39.53 53.32 -145.05
CA ASP PE 217 -40.72 52.72 -145.65
C ASP PE 217 -40.54 51.33 -146.22
N LYS PE 218 -39.40 51.02 -146.83
CA LYS PE 218 -39.11 49.65 -147.20
C LYS PE 218 -38.76 48.80 -145.99
N ASN PE 219 -38.48 47.52 -146.25
CA ASN PE 219 -38.10 46.60 -145.19
C ASN PE 219 -36.65 46.73 -144.73
N ALA PE 220 -36.48 46.62 -143.42
CA ALA PE 220 -35.16 46.72 -142.81
C ALA PE 220 -35.19 45.96 -141.49
N ARG PE 221 -34.00 45.59 -141.04
CA ARG PE 221 -33.88 44.79 -139.82
C ARG PE 221 -32.54 45.16 -139.19
N VAL PE 222 -32.48 45.07 -137.86
CA VAL PE 222 -31.27 45.37 -137.09
C VAL PE 222 -30.68 44.09 -136.53
N ILE PE 223 -29.35 43.98 -136.60
CA ILE PE 223 -28.64 42.78 -136.16
C ILE PE 223 -27.36 43.12 -135.42
N ASN PE 224 -26.94 42.17 -134.58
CA ASN PE 224 -25.70 42.25 -133.81
C ASN PE 224 -25.19 40.82 -133.57
N GLU PE 225 -23.91 40.75 -133.20
CA GLU PE 225 -23.22 39.47 -133.06
C GLU PE 225 -23.84 38.56 -132.01
N ASN PE 226 -24.22 39.07 -130.85
CA ASN PE 226 -24.73 38.16 -129.83
C ASN PE 226 -26.07 37.57 -130.25
N GLU PE 227 -26.96 38.40 -130.78
CA GLU PE 227 -28.24 37.90 -131.25
C GLU PE 227 -28.05 36.82 -132.30
N GLU PE 228 -27.14 37.06 -133.24
CA GLU PE 228 -26.97 36.06 -134.29
C GLU PE 228 -26.33 34.79 -133.76
N ASN PE 229 -25.39 34.91 -132.83
CA ASN PE 229 -24.84 33.69 -132.26
C ASN PE 229 -25.93 32.85 -131.62
N LYS PE 230 -26.83 33.49 -130.87
CA LYS PE 230 -27.90 32.74 -130.24
C LYS PE 230 -28.82 32.07 -131.26
N ARG PE 231 -29.26 32.83 -132.26
CA ARG PE 231 -30.15 32.27 -133.28
C ARG PE 231 -29.52 31.07 -133.98
N ILE PE 232 -28.25 31.18 -134.37
CA ILE PE 232 -27.64 30.07 -135.08
C ILE PE 232 -27.45 28.88 -134.17
N SER PE 233 -27.14 29.11 -132.90
CA SER PE 233 -27.01 27.96 -132.02
C SER PE 233 -28.34 27.25 -131.85
N ILE PE 234 -29.44 28.01 -131.82
CA ILE PE 234 -30.74 27.37 -131.73
C ILE PE 234 -31.05 26.54 -132.97
N TRP PE 235 -30.60 26.96 -134.14
CA TRP PE 235 -30.86 26.12 -135.32
C TRP PE 235 -29.99 24.86 -135.32
N LEU PE 236 -28.71 25.03 -134.98
CA LEU PE 236 -27.81 23.89 -134.86
C LEU PE 236 -28.33 22.85 -133.86
N ASP PE 237 -28.88 23.31 -132.75
CA ASP PE 237 -29.45 22.38 -131.77
C ASP PE 237 -30.43 21.41 -132.39
N THR PE 238 -31.14 21.83 -133.43
CA THR PE 238 -32.14 20.96 -134.04
C THR PE 238 -31.56 20.10 -135.14
N TYR PE 239 -30.79 20.66 -136.08
CA TYR PE 239 -30.35 19.84 -137.20
C TYR PE 239 -28.98 19.20 -137.06
N TYR PE 240 -28.16 19.64 -136.12
CA TYR PE 240 -26.83 19.09 -135.86
C TYR PE 240 -26.65 18.97 -134.36
N PRO PE 241 -27.42 18.09 -133.74
CA PRO PE 241 -27.43 17.98 -132.27
C PRO PE 241 -26.16 17.44 -131.63
N GLN PE 242 -25.12 17.10 -132.39
CA GLN PE 242 -23.92 16.54 -131.80
C GLN PE 242 -22.65 17.24 -132.26
N LEU PE 243 -22.77 18.36 -132.96
CA LEU PE 243 -21.62 19.11 -133.42
C LEU PE 243 -20.95 19.88 -132.29
N ALA PE 244 -19.63 19.72 -132.18
CA ALA PE 244 -18.78 20.43 -131.23
C ALA PE 244 -18.17 21.65 -131.90
N TYR PE 245 -18.44 22.83 -131.36
CA TYR PE 245 -18.02 24.07 -131.99
C TYR PE 245 -17.81 25.14 -130.92
N TYR PE 246 -17.17 26.23 -131.31
CA TYR PE 246 -16.88 27.35 -130.42
C TYR PE 246 -17.74 28.57 -130.66
N ARG PE 247 -17.44 29.35 -131.69
CA ARG PE 247 -18.15 30.61 -131.87
C ARG PE 247 -18.06 31.06 -133.31
N ILE PE 248 -19.01 31.91 -133.69
CA ILE PE 248 -19.02 32.58 -134.99
C ILE PE 248 -18.71 34.05 -134.85
N HIS PE 249 -17.64 34.48 -135.51
CA HIS PE 249 -17.12 35.85 -135.50
C HIS PE 249 -17.62 36.63 -136.70
N PHE PE 250 -18.03 37.87 -136.45
CA PHE PE 250 -18.56 38.77 -137.47
C PHE PE 250 -17.73 40.03 -137.57
N ASP PE 251 -16.41 39.87 -137.44
CA ASP PE 251 -15.55 41.04 -137.58
C ASP PE 251 -15.68 41.61 -138.98
N GLU PE 252 -15.75 40.73 -139.98
CA GLU PE 252 -16.03 41.07 -141.37
C GLU PE 252 -17.42 40.53 -141.65
N PRO PE 253 -18.47 41.34 -141.61
CA PRO PE 253 -19.81 40.76 -141.68
C PRO PE 253 -20.12 40.10 -143.01
N ARG PE 254 -19.38 40.39 -144.07
CA ARG PE 254 -19.63 39.71 -145.34
C ARG PE 254 -18.97 38.35 -145.45
N LYS PE 255 -18.07 38.00 -144.53
CA LYS PE 255 -17.41 36.70 -144.54
C LYS PE 255 -17.18 36.21 -143.13
N PRO PE 256 -18.21 35.69 -142.48
CA PRO PE 256 -18.03 35.21 -141.11
C PRO PE 256 -17.06 34.04 -141.03
N VAL PE 257 -16.57 33.83 -139.82
CA VAL PE 257 -15.60 32.79 -139.50
C VAL PE 257 -16.22 31.89 -138.44
N PHE PE 258 -16.26 30.60 -138.70
CA PHE PE 258 -16.86 29.63 -137.79
C PHE PE 258 -15.78 28.68 -137.28
N TRP PE 259 -15.55 28.69 -135.97
CA TRP PE 259 -14.53 27.87 -135.31
C TRP PE 259 -15.08 26.52 -134.84
N LEU PE 260 -14.54 25.44 -135.38
CA LEU PE 260 -14.92 24.08 -135.00
C LEU PE 260 -13.77 23.39 -134.30
N SER PE 261 -14.08 22.47 -133.40
CA SER PE 261 -13.05 21.65 -132.78
C SER PE 261 -12.49 20.63 -133.75
N ARG PE 262 -11.16 20.56 -133.81
CA ARG PE 262 -10.49 19.53 -134.59
C ARG PE 262 -10.66 18.13 -134.02
N GLN PE 263 -10.49 17.96 -132.71
CA GLN PE 263 -10.51 16.61 -132.16
C GLN PE 263 -11.91 16.03 -132.06
N ARG PE 264 -12.86 16.80 -131.56
CA ARG PE 264 -14.12 16.18 -131.17
C ARG PE 264 -15.06 15.95 -132.34
N ASN PE 265 -14.80 16.52 -133.51
CA ASN PE 265 -15.63 16.31 -134.68
C ASN PE 265 -14.93 15.35 -135.64
N THR PE 266 -15.74 14.60 -136.37
CA THR PE 266 -15.26 13.76 -137.48
C THR PE 266 -16.18 13.92 -138.68
N MET PE 267 -15.69 14.60 -139.72
CA MET PE 267 -16.51 14.92 -140.86
C MET PE 267 -15.63 14.92 -142.10
N SER PE 268 -16.23 14.69 -143.27
CA SER PE 268 -15.52 14.83 -144.52
C SER PE 268 -15.73 16.22 -145.12
N LYS PE 269 -14.89 16.52 -146.11
CA LYS PE 269 -14.97 17.79 -146.83
C LYS PE 269 -16.34 18.04 -147.41
N LYS PE 270 -16.96 17.01 -147.98
CA LYS PE 270 -18.30 17.16 -148.51
C LYS PE 270 -19.27 17.63 -147.43
N GLU PE 271 -19.22 16.97 -146.28
CA GLU PE 271 -20.07 17.33 -145.16
C GLU PE 271 -19.82 18.78 -144.73
N LEU PE 272 -18.56 19.17 -144.62
CA LEU PE 272 -18.24 20.54 -144.28
C LEU PE 272 -18.80 21.52 -145.30
N GLU PE 273 -18.69 21.19 -146.58
CA GLU PE 273 -19.25 22.06 -147.63
C GLU PE 273 -20.76 22.19 -147.50
N VAL PE 274 -21.46 21.09 -147.29
CA VAL PE 274 -22.91 21.15 -147.08
C VAL PE 274 -23.25 22.05 -145.90
N LEU PE 275 -22.56 21.84 -144.78
CA LEU PE 275 -22.73 22.71 -143.62
C LEU PE 275 -22.55 24.18 -143.98
N SER PE 276 -21.46 24.48 -144.69
CA SER PE 276 -21.19 25.84 -145.12
C SER PE 276 -22.37 26.41 -145.91
N GLN PE 277 -22.87 25.66 -146.89
CA GLN PE 277 -23.97 26.17 -147.69
C GLN PE 277 -25.22 26.39 -146.86
N LYS PE 278 -25.50 25.51 -145.91
CA LYS PE 278 -26.70 25.72 -145.10
C LYS PE 278 -26.58 26.95 -144.20
N LEU PE 279 -25.39 27.19 -143.63
CA LEU PE 279 -25.20 28.44 -142.91
C LEU PE 279 -25.40 29.64 -143.82
N ARG PE 280 -24.83 29.58 -145.03
CA ARG PE 280 -25.02 30.69 -145.95
C ARG PE 280 -26.49 30.90 -146.25
N ALA PE 281 -27.28 29.85 -146.22
CA ALA PE 281 -28.70 30.04 -146.43
C ALA PE 281 -29.36 30.69 -145.23
N LEU PE 282 -28.83 30.45 -144.03
CA LEU PE 282 -29.38 31.12 -142.85
C LEU PE 282 -29.01 32.60 -142.76
N MET PE 283 -27.91 33.02 -143.39
CA MET PE 283 -27.42 34.39 -143.28
C MET PE 283 -27.49 35.08 -144.65
N PRO PE 284 -28.64 35.65 -145.01
CA PRO PE 284 -28.79 36.25 -146.34
C PRO PE 284 -27.94 37.49 -146.58
N TYR PE 285 -27.25 38.01 -145.58
CA TYR PE 285 -26.38 39.17 -145.79
C TYR PE 285 -24.93 38.77 -145.99
N ALA PE 286 -24.58 37.51 -145.78
CA ALA PE 286 -23.21 37.04 -145.88
C ALA PE 286 -22.98 36.32 -147.19
N ASP PE 287 -21.84 36.58 -147.82
CA ASP PE 287 -21.52 35.95 -149.09
C ASP PE 287 -20.94 34.55 -148.92
N SER PE 288 -20.25 34.26 -147.82
CA SER PE 288 -19.70 32.94 -147.61
C SER PE 288 -19.30 32.79 -146.15
N VAL PE 289 -19.20 31.53 -145.72
CA VAL PE 289 -18.83 31.17 -144.36
C VAL PE 289 -17.52 30.40 -144.39
N ASN PE 290 -16.50 30.91 -143.70
CA ASN PE 290 -15.20 30.26 -143.67
C ASN PE 290 -15.12 29.42 -142.40
N ILE PE 291 -14.90 28.12 -142.55
CA ILE PE 291 -14.79 27.20 -141.44
C ILE PE 291 -13.33 26.93 -141.11
N THR PE 292 -12.97 27.16 -139.84
CA THR PE 292 -11.61 26.98 -139.35
C THR PE 292 -11.59 25.99 -138.18
N LEU PE 293 -10.61 25.09 -138.19
CA LEU PE 293 -10.44 24.11 -137.13
C LEU PE 293 -9.45 24.59 -136.07
N MET PE 294 -9.87 24.56 -134.81
CA MET PE 294 -9.11 25.05 -133.66
C MET PE 294 -8.78 23.91 -132.70
N ASP PE 295 -7.74 24.10 -131.89
CA ASP PE 295 -7.30 23.11 -130.91
C ASP PE 295 -7.82 23.38 -129.49
N ASP PE 296 -8.47 22.36 -128.94
CA ASP PE 296 -8.99 22.42 -127.57
C ASP PE 296 -7.86 22.59 -126.56
N VAL PE 297 -6.76 21.87 -126.74
CA VAL PE 297 -5.65 22.02 -125.80
C VAL PE 297 -5.19 23.46 -125.77
N THR PE 298 -5.14 24.11 -126.93
CA THR PE 298 -4.81 25.52 -126.98
C THR PE 298 -5.79 26.35 -126.16
N ALA PE 299 -7.09 26.16 -126.39
CA ALA PE 299 -8.09 26.88 -125.59
C ALA PE 299 -7.90 26.74 -124.08
N ALA PE 300 -7.91 25.50 -123.60
CA ALA PE 300 -7.71 25.24 -122.17
C ALA PE 300 -6.42 25.84 -121.64
N GLY PE 301 -5.33 25.73 -122.40
CA GLY PE 301 -4.08 26.30 -121.95
C GLY PE 301 -4.11 27.80 -121.82
N GLN PE 302 -4.66 28.50 -122.80
CA GLN PE 302 -4.80 29.95 -122.65
C GLN PE 302 -5.69 30.36 -121.48
N ALA PE 303 -6.69 29.56 -121.15
CA ALA PE 303 -7.47 29.84 -119.94
C ALA PE 303 -6.63 29.71 -118.68
N GLU PE 304 -5.93 28.59 -118.53
CA GLU PE 304 -5.17 28.39 -117.30
C GLU PE 304 -4.04 29.40 -117.18
N ALA PE 305 -3.31 29.62 -118.27
CA ALA PE 305 -2.27 30.63 -118.24
C ALA PE 305 -2.80 31.99 -117.85
N GLY PE 306 -3.98 32.38 -118.32
CA GLY PE 306 -4.52 33.65 -117.89
C GLY PE 306 -4.83 33.73 -116.39
N LEU PE 307 -5.36 32.65 -115.81
CA LEU PE 307 -5.57 32.68 -114.37
C LEU PE 307 -4.26 32.73 -113.58
N LYS PE 308 -3.24 32.01 -114.03
CA LYS PE 308 -1.95 32.13 -113.35
C LYS PE 308 -1.40 33.53 -113.49
N GLN PE 309 -1.47 34.08 -114.69
CA GLN PE 309 -0.96 35.42 -114.92
C GLN PE 309 -1.68 36.42 -114.03
N GLN PE 310 -2.90 36.14 -113.62
CA GLN PE 310 -3.57 37.03 -112.67
C GLN PE 310 -3.38 36.62 -111.22
N ALA PE 311 -2.63 35.55 -110.95
CA ALA PE 311 -2.41 35.04 -109.60
C ALA PE 311 -3.66 34.66 -108.83
N LEU PE 312 -4.74 34.41 -109.47
CA LEU PE 312 -5.93 34.02 -108.73
C LEU PE 312 -5.80 32.56 -108.29
N PRO PE 313 -6.25 32.21 -107.10
CA PRO PE 313 -6.30 30.79 -106.74
C PRO PE 313 -7.46 30.10 -107.41
N TYR PE 314 -7.23 28.85 -107.83
CA TYR PE 314 -8.27 28.10 -108.52
C TYR PE 314 -8.04 26.61 -108.35
N SER PE 315 -9.10 25.84 -108.62
CA SER PE 315 -9.02 24.41 -108.87
C SER PE 315 -9.51 24.09 -110.27
N ARG PE 316 -8.80 23.18 -110.93
CA ARG PE 316 -9.17 22.73 -112.25
C ARG PE 316 -9.81 21.35 -112.16
N ARG PE 317 -10.85 21.13 -112.96
CA ARG PE 317 -11.46 19.82 -113.12
C ARG PE 317 -11.65 19.51 -114.58
N ASN PE 318 -11.27 18.30 -114.98
CA ASN PE 318 -11.37 17.84 -116.36
C ASN PE 318 -12.50 16.83 -116.51
N HIS PE 319 -13.26 16.97 -117.58
CA HIS PE 319 -14.31 16.05 -117.94
C HIS PE 319 -14.15 15.72 -119.42
N LYS PE 320 -14.77 14.62 -119.82
CA LYS PE 320 -14.59 14.11 -121.16
C LYS PE 320 -15.05 15.08 -122.23
N GLY PE 321 -15.87 16.06 -121.85
CA GLY PE 321 -16.31 17.04 -122.81
C GLY PE 321 -16.06 18.48 -122.41
N GLY PE 322 -15.31 18.73 -121.35
CA GLY PE 322 -15.22 20.10 -120.88
C GLY PE 322 -14.24 20.25 -119.72
N VAL PE 323 -13.96 21.50 -119.38
CA VAL PE 323 -13.07 21.84 -118.29
C VAL PE 323 -13.73 22.90 -117.44
N THR PE 324 -13.63 22.75 -116.12
CA THR PE 324 -14.17 23.72 -115.17
C THR PE 324 -13.03 24.29 -114.34
N PHE PE 325 -13.01 25.60 -114.18
CA PHE PE 325 -12.16 26.27 -113.21
C PHE PE 325 -13.03 26.85 -112.11
N VAL PE 326 -12.76 26.45 -110.87
CA VAL PE 326 -13.54 26.90 -109.71
C VAL PE 326 -12.69 27.78 -108.82
N ILE PE 327 -13.19 28.98 -108.54
CA ILE PE 327 -12.53 29.97 -107.70
C ILE PE 327 -13.51 30.25 -106.57
N GLN PE 328 -13.09 30.02 -105.33
CA GLN PE 328 -13.99 30.29 -104.22
C GLN PE 328 -13.24 30.59 -102.93
N GLY PE 329 -13.91 31.31 -102.04
CA GLY PE 329 -13.43 31.60 -100.72
C GLY PE 329 -13.75 33.04 -100.34
N ALA PE 330 -12.97 33.58 -99.41
CA ALA PE 330 -13.07 34.98 -99.00
C ALA PE 330 -12.16 35.86 -99.86
N LEU PE 331 -12.45 35.88 -101.16
CA LEU PE 331 -11.68 36.72 -102.07
C LEU PE 331 -11.71 38.19 -101.68
N ASP PE 332 -10.63 38.88 -102.02
CA ASP PE 332 -10.52 40.32 -101.83
C ASP PE 332 -11.11 41.07 -103.03
N ASP PE 333 -11.46 42.33 -102.79
CA ASP PE 333 -11.93 43.24 -103.83
C ASP PE 333 -11.05 43.28 -105.09
N VAL PE 334 -9.74 43.41 -104.90
CA VAL PE 334 -8.84 43.47 -106.06
C VAL PE 334 -8.93 42.19 -106.87
N GLU PE 335 -8.98 41.06 -106.19
CA GLU PE 335 -9.09 39.78 -106.87
C GLU PE 335 -10.40 39.68 -107.63
N ILE PE 336 -11.52 39.93 -106.98
CA ILE PE 336 -12.81 39.94 -107.67
C ILE PE 336 -12.75 40.78 -108.94
N LEU PE 337 -12.31 42.03 -108.82
CA LEU PE 337 -12.21 42.90 -110.00
C LEU PE 337 -11.39 42.28 -111.14
N ARG PE 338 -10.18 41.85 -110.84
CA ARG PE 338 -9.34 41.27 -111.89
C ARG PE 338 -9.95 40.01 -112.49
N ALA PE 339 -10.54 39.17 -111.66
CA ALA PE 339 -11.23 37.99 -112.16
C ALA PE 339 -12.33 38.36 -113.16
N ARG PE 340 -13.26 39.22 -112.76
CA ARG PE 340 -14.30 39.66 -113.68
C ARG PE 340 -13.74 40.19 -115.00
N GLN PE 341 -12.67 40.98 -114.95
CA GLN PE 341 -12.12 41.50 -116.20
C GLN PE 341 -11.60 40.38 -117.10
N PHE PE 342 -10.77 39.50 -116.57
CA PHE PE 342 -10.25 38.41 -117.37
C PHE PE 342 -11.34 37.54 -117.95
N VAL PE 343 -12.25 37.06 -117.10
CA VAL PE 343 -13.34 36.21 -117.57
C VAL PE 343 -14.08 36.87 -118.73
N ASP PE 344 -14.50 38.12 -118.57
CA ASP PE 344 -15.22 38.73 -119.68
C ASP PE 344 -14.34 38.89 -120.92
N SER PE 345 -13.03 39.02 -120.75
CA SER PE 345 -12.17 39.14 -121.94
C SER PE 345 -12.13 37.83 -122.70
N TYR PE 346 -11.85 36.75 -122.01
CA TYR PE 346 -11.80 35.42 -122.62
C TYR PE 346 -13.12 35.02 -123.25
N TYR PE 347 -14.21 35.21 -122.53
CA TYR PE 347 -15.51 34.78 -123.06
C TYR PE 347 -15.80 35.41 -124.41
N ARG PE 348 -15.41 36.68 -124.60
CA ARG PE 348 -15.70 37.29 -125.89
C ARG PE 348 -14.96 36.63 -127.03
N THR PE 349 -13.86 35.94 -126.75
CA THR PE 349 -13.09 35.25 -127.76
C THR PE 349 -13.60 33.84 -128.02
N TRP PE 350 -13.65 33.01 -126.98
CA TRP PE 350 -13.97 31.60 -127.11
C TRP PE 350 -15.41 31.21 -126.85
N GLY PE 351 -16.25 32.11 -126.37
CA GLY PE 351 -17.58 31.71 -125.97
C GLY PE 351 -17.58 30.84 -124.72
N GLY PE 352 -18.79 30.42 -124.33
CA GLY PE 352 -18.97 29.61 -123.15
C GLY PE 352 -19.33 28.14 -123.26
N ARG PE 353 -18.98 27.48 -124.36
CA ARG PE 353 -19.38 26.10 -124.56
C ARG PE 353 -18.40 25.09 -123.98
N TYR PE 354 -17.10 25.29 -124.19
CA TYR PE 354 -16.13 24.30 -123.73
C TYR PE 354 -15.61 24.55 -122.31
N VAL PE 355 -15.22 25.77 -121.95
CA VAL PE 355 -14.62 26.08 -120.65
C VAL PE 355 -15.53 26.93 -119.79
N GLN PE 356 -15.71 26.51 -118.53
CA GLN PE 356 -16.53 27.21 -117.54
C GLN PE 356 -15.72 27.76 -116.38
N PHE PE 357 -16.10 28.96 -115.91
CA PHE PE 357 -15.52 29.62 -114.74
C PHE PE 357 -16.60 29.87 -113.71
N ALA PE 358 -16.34 29.46 -112.46
CA ALA PE 358 -17.28 29.66 -111.36
C ALA PE 358 -16.62 30.43 -110.22
N ILE PE 359 -17.22 31.55 -109.83
CA ILE PE 359 -16.72 32.40 -108.75
C ILE PE 359 -17.75 32.41 -107.63
N GLU PE 360 -17.39 31.86 -106.47
CA GLU PE 360 -18.30 31.76 -105.33
C GLU PE 360 -17.64 32.25 -104.04
N LEU PE 361 -18.27 33.22 -103.37
CA LEU PE 361 -17.81 33.74 -102.09
C LEU PE 361 -18.29 32.87 -100.91
N LYS PE 362 -17.36 32.52 -100.04
CA LYS PE 362 -17.58 31.65 -98.90
C LYS PE 362 -16.85 32.20 -97.69
N ASP PE 363 -17.41 31.92 -96.52
CA ASP PE 363 -16.76 32.19 -95.24
C ASP PE 363 -15.64 31.17 -94.97
N ASP PE 364 -14.62 31.24 -95.81
CA ASP PE 364 -13.54 30.27 -95.81
C ASP PE 364 -12.26 31.02 -96.17
N TRP PE 365 -11.38 31.15 -95.18
CA TRP PE 365 -10.12 31.87 -95.33
C TRP PE 365 -9.08 31.10 -96.14
N LEU PE 366 -9.18 29.78 -96.24
CA LEU PE 366 -8.18 29.03 -96.99
C LEU PE 366 -8.39 29.13 -98.49
N LYS PE 367 -9.47 29.75 -98.93
CA LYS PE 367 -9.78 29.92 -100.35
C LYS PE 367 -9.88 28.60 -101.12
N GLY PE 368 -10.57 27.63 -100.51
CA GLY PE 368 -10.82 26.31 -101.04
C GLY PE 368 -9.74 25.25 -100.94
N ARG PE 369 -8.58 25.53 -100.36
CA ARG PE 369 -7.65 24.44 -100.12
C ARG PE 369 -8.20 23.58 -98.99
N SER PE 370 -7.69 22.36 -98.86
CA SER PE 370 -8.18 21.51 -97.77
C SER PE 370 -7.17 20.43 -97.43
N PHE PE 371 -6.88 20.33 -96.13
CA PHE PE 371 -5.90 19.39 -95.61
C PHE PE 371 -6.47 18.62 -94.44
N GLN PE 372 -5.97 17.41 -94.27
CA GLN PE 372 -6.32 16.50 -93.20
C GLN PE 372 -5.03 16.14 -92.48
N TYR PE 373 -5.04 16.25 -91.16
CA TYR PE 373 -3.85 16.03 -90.35
C TYR PE 373 -3.77 14.61 -89.85
N GLY PE 374 -2.62 13.96 -90.09
CA GLY PE 374 -2.36 12.62 -89.63
C GLY PE 374 -0.96 12.50 -89.06
N ALA PE 375 -0.62 11.28 -88.67
CA ALA PE 375 0.70 10.98 -88.14
C ALA PE 375 1.83 11.42 -89.06
N GLU PE 376 1.61 11.37 -90.38
CA GLU PE 376 2.59 11.80 -91.36
C GLU PE 376 2.39 13.25 -91.78
N GLY PE 377 1.91 14.08 -90.87
CA GLY PE 377 1.54 15.45 -91.15
C GLY PE 377 0.30 15.65 -92.01
N TYR PE 378 0.29 16.77 -92.70
CA TYR PE 378 -0.81 17.14 -93.58
C TYR PE 378 -0.88 16.36 -94.88
N ILE PE 379 -2.11 16.01 -95.25
CA ILE PE 379 -2.46 15.34 -96.49
C ILE PE 379 -3.44 16.26 -97.19
N LYS PE 380 -3.25 16.50 -98.47
CA LYS PE 380 -4.20 17.29 -99.23
C LYS PE 380 -5.37 16.41 -99.63
N MET PE 381 -6.60 16.93 -99.51
CA MET PE 381 -7.78 16.13 -99.80
C MET PE 381 -8.57 16.72 -100.97
N SER PE 382 -9.22 15.82 -101.69
CA SER PE 382 -10.02 16.14 -102.86
C SER PE 382 -11.18 17.08 -102.56
N PRO PE 383 -11.63 17.84 -103.55
CA PRO PE 383 -12.75 18.76 -103.37
C PRO PE 383 -14.10 18.06 -103.20
N GLY PE 384 -15.11 18.88 -102.94
CA GLY PE 384 -16.47 18.41 -102.82
C GLY PE 384 -17.40 19.53 -102.42
N HIS PE 385 -18.64 19.14 -102.13
CA HIS PE 385 -19.64 20.10 -101.66
C HIS PE 385 -19.28 20.72 -100.31
N TRP PE 386 -18.94 19.91 -99.33
CA TRP PE 386 -18.76 20.42 -97.97
C TRP PE 386 -17.44 21.15 -97.77
N TYR PE 387 -17.48 22.14 -96.89
CA TYR PE 387 -16.35 23.02 -96.57
C TYR PE 387 -16.43 23.39 -95.08
N PHE PE 388 -15.30 23.83 -94.54
CA PHE PE 388 -15.18 24.19 -93.13
C PHE PE 388 -15.19 25.69 -92.96
N PRO PE 389 -16.28 26.28 -92.44
CA PRO PE 389 -16.30 27.73 -92.20
C PRO PE 389 -15.18 28.20 -91.28
N SER PE 390 -14.46 29.21 -91.73
CA SER PE 390 -13.31 29.79 -91.06
C SER PE 390 -13.60 30.18 -89.62
N PRO PE 391 -12.98 29.52 -88.64
CA PRO PE 391 -13.09 30.00 -87.25
C PRO PE 391 -12.51 31.39 -87.03
N LEU PE 392 -11.34 31.68 -87.60
CA LEU PE 392 -10.73 33.00 -87.43
C LEU PE 392 -11.62 34.11 -87.99
N ALA QE 171 -13.73 77.08 -145.09
CA ALA QE 171 -13.61 76.82 -143.66
C ALA QE 171 -12.89 75.50 -143.43
N GLU QE 172 -11.57 75.54 -143.25
CA GLU QE 172 -10.84 74.31 -143.06
C GLU QE 172 -11.12 73.78 -141.66
N LEU QE 173 -10.75 72.52 -141.42
CA LEU QE 173 -10.98 71.96 -140.10
C LEU QE 173 -10.12 72.64 -139.05
N ASP QE 174 -8.87 72.93 -139.39
CA ASP QE 174 -7.95 73.58 -138.45
C ASP QE 174 -8.49 74.88 -137.89
N SER QE 175 -9.30 75.60 -138.68
CA SER QE 175 -9.87 76.86 -138.21
C SER QE 175 -10.90 76.68 -137.13
N LEU QE 176 -11.46 75.48 -136.97
CA LEU QE 176 -12.52 75.24 -136.02
C LEU QE 176 -12.06 74.71 -134.67
N LEU QE 177 -10.87 74.13 -134.58
CA LEU QE 177 -10.51 73.38 -133.39
C LEU QE 177 -10.10 74.27 -132.21
N GLY QE 178 -9.91 75.56 -132.40
CA GLY QE 178 -9.50 76.43 -131.32
C GLY QE 178 -8.50 77.48 -131.75
N GLN QE 179 -8.05 78.25 -130.75
CA GLN QE 179 -6.95 79.20 -130.94
C GLN QE 179 -5.61 78.51 -131.08
N GLU QE 180 -5.34 77.51 -130.26
CA GLU QE 180 -4.16 76.69 -130.44
C GLU QE 180 -4.33 75.74 -131.60
N LYS QE 181 -3.23 75.48 -132.30
CA LYS QE 181 -3.21 74.56 -133.42
C LYS QE 181 -2.37 73.32 -133.13
N GLU QE 182 -1.21 73.50 -132.52
CA GLU QE 182 -0.36 72.38 -132.18
C GLU QE 182 -1.06 71.34 -131.32
N ARG QE 183 -2.14 71.73 -130.62
CA ARG QE 183 -2.87 70.81 -129.77
C ARG QE 183 -3.46 69.60 -130.50
N PHE QE 184 -3.59 69.65 -131.82
CA PHE QE 184 -4.12 68.52 -132.58
C PHE QE 184 -3.31 68.32 -133.84
N GLN QE 185 -3.54 67.19 -134.52
CA GLN QE 185 -2.88 67.00 -135.80
C GLN QE 185 -3.88 66.42 -136.80
N VAL QE 186 -3.93 67.00 -138.00
CA VAL QE 186 -4.83 66.56 -139.07
C VAL QE 186 -4.09 65.73 -140.11
N LEU QE 187 -4.57 64.51 -140.34
CA LEU QE 187 -4.02 63.58 -141.31
C LEU QE 187 -5.04 63.23 -142.37
N PRO QE 188 -4.69 63.28 -143.65
CA PRO QE 188 -5.60 62.78 -144.70
C PRO QE 188 -5.55 61.27 -144.82
N GLY QE 189 -6.72 60.65 -144.96
CA GLY QE 189 -6.84 59.22 -145.14
C GLY QE 189 -7.20 58.84 -146.56
N ARG QE 190 -6.66 57.70 -147.01
CA ARG QE 190 -6.95 57.23 -148.37
C ARG QE 190 -8.43 56.95 -148.58
N ASP QE 191 -9.17 56.72 -147.54
CA ASP QE 191 -10.61 56.53 -147.58
C ASP QE 191 -11.36 57.79 -147.82
N LYS QE 192 -10.66 58.88 -148.13
CA LYS QE 192 -11.28 60.18 -148.33
C LYS QE 192 -11.94 60.69 -147.05
N MET QE 193 -11.22 60.57 -145.94
CA MET QE 193 -11.73 60.97 -144.64
C MET QE 193 -10.58 61.63 -143.89
N LEU QE 194 -10.87 62.70 -143.17
CA LEU QE 194 -9.88 63.34 -142.33
C LEU QE 194 -9.80 62.71 -140.95
N TYR QE 195 -8.59 62.51 -140.46
CA TYR QE 195 -8.31 61.93 -139.16
C TYR QE 195 -7.69 63.01 -138.28
N VAL QE 196 -8.23 63.18 -137.09
CA VAL QE 196 -7.75 64.16 -136.13
C VAL QE 196 -7.14 63.38 -134.98
N ALA QE 197 -5.84 63.50 -134.80
CA ALA QE 197 -5.16 62.80 -133.72
C ALA QE 197 -5.01 63.72 -132.52
N ALA QE 198 -5.45 63.20 -131.36
CA ALA QE 198 -5.50 63.89 -130.08
C ALA QE 198 -4.66 63.17 -129.02
N GLN QE 199 -3.98 63.93 -128.18
CA GLN QE 199 -3.05 63.33 -127.23
C GLN QE 199 -3.72 62.67 -126.03
N ASN QE 200 -4.92 63.09 -125.62
CA ASN QE 200 -5.52 62.56 -124.41
C ASN QE 200 -7.04 62.59 -124.52
N GLU QE 201 -7.70 62.06 -123.49
CA GLU QE 201 -9.16 62.00 -123.44
C GLU QE 201 -9.82 63.37 -123.47
N ARG QE 202 -9.39 64.26 -122.59
CA ARG QE 202 -9.97 65.59 -122.54
C ARG QE 202 -9.95 66.25 -123.92
N ASP QE 203 -8.80 66.22 -124.58
CA ASP QE 203 -8.69 66.81 -125.91
C ASP QE 203 -9.51 66.04 -126.92
N THR QE 204 -9.64 64.74 -126.72
CA THR QE 204 -10.51 63.94 -127.56
C THR QE 204 -11.91 64.53 -127.55
N LEU QE 205 -12.52 64.62 -126.39
CA LEU QE 205 -13.90 65.07 -126.32
C LEU QE 205 -14.03 66.53 -126.74
N TRP QE 206 -13.01 67.35 -126.46
CA TRP QE 206 -12.96 68.69 -127.04
C TRP QE 206 -13.09 68.68 -128.55
N ALA QE 207 -12.49 67.70 -129.22
CA ALA QE 207 -12.68 67.61 -130.67
C ALA QE 207 -14.03 67.03 -131.04
N ARG QE 208 -14.42 65.93 -130.39
CA ARG QE 208 -15.65 65.23 -130.74
C ARG QE 208 -16.87 66.12 -130.66
N GLN QE 209 -16.90 67.07 -129.74
CA GLN QE 209 -18.04 67.98 -129.72
C GLN QE 209 -18.17 68.76 -131.02
N VAL QE 210 -17.06 69.13 -131.65
CA VAL QE 210 -17.14 69.93 -132.87
C VAL QE 210 -17.84 69.15 -133.97
N LEU QE 211 -17.48 67.88 -134.15
CA LEU QE 211 -18.12 67.05 -135.16
C LEU QE 211 -19.57 66.74 -134.80
N ALA QE 212 -19.81 66.32 -133.56
CA ALA QE 212 -21.16 65.92 -133.16
C ALA QE 212 -22.13 67.10 -133.22
N ARG QE 213 -21.63 68.30 -133.00
CA ARG QE 213 -22.47 69.48 -133.24
C ARG QE 213 -22.75 69.63 -134.73
N GLY QE 214 -21.87 69.12 -135.58
CA GLY QE 214 -22.00 69.29 -137.01
C GLY QE 214 -21.48 70.60 -137.55
N ASP QE 215 -20.38 71.11 -137.01
CA ASP QE 215 -19.77 72.30 -137.59
C ASP QE 215 -19.09 71.98 -138.93
N TYR QE 216 -18.37 70.87 -139.00
CA TYR QE 216 -17.81 70.44 -140.27
C TYR QE 216 -18.87 69.74 -141.09
N ASP QE 217 -18.68 69.78 -142.41
CA ASP QE 217 -19.66 69.30 -143.37
C ASP QE 217 -19.30 67.99 -144.05
N LYS QE 218 -18.04 67.81 -144.42
CA LYS QE 218 -17.53 66.54 -144.89
C LYS QE 218 -17.32 65.55 -143.74
N ASN QE 219 -16.84 64.36 -144.09
CA ASN QE 219 -16.52 63.32 -143.12
C ASN QE 219 -15.22 63.59 -142.38
N ALA QE 220 -15.21 63.23 -141.08
CA ALA QE 220 -14.05 63.39 -140.23
C ALA QE 220 -14.14 62.37 -139.10
N ARG QE 221 -13.01 62.11 -138.47
CA ARG QE 221 -12.94 61.14 -137.38
C ARG QE 221 -11.86 61.55 -136.38
N VAL QE 222 -12.06 61.21 -135.11
CA VAL QE 222 -11.12 61.50 -134.03
C VAL QE 222 -10.48 60.21 -133.54
N ILE QE 223 -9.15 60.24 -133.32
CA ILE QE 223 -8.41 59.05 -132.91
C ILE QE 223 -7.35 59.36 -131.86
N ASN QE 224 -6.99 58.31 -131.11
CA ASN QE 224 -5.96 58.37 -130.09
C ASN QE 224 -5.30 57.00 -129.96
N GLU QE 225 -4.14 57.02 -129.30
CA GLU QE 225 -3.33 55.81 -129.11
C GLU QE 225 -4.06 54.67 -128.44
N ASN QE 226 -4.69 54.91 -127.29
CA ASN QE 226 -5.33 53.80 -126.59
C ASN QE 226 -6.42 53.14 -127.42
N GLU QE 227 -7.29 53.95 -128.02
CA GLU QE 227 -8.36 53.39 -128.84
C GLU QE 227 -7.79 52.54 -129.96
N GLU QE 228 -6.77 53.04 -130.64
CA GLU QE 228 -6.18 52.26 -131.71
C GLU QE 228 -5.59 50.95 -131.20
N ASN QE 229 -4.87 50.99 -130.08
CA ASN QE 229 -4.32 49.74 -129.55
C ASN QE 229 -5.41 48.73 -129.27
N LYS QE 230 -6.52 49.16 -128.68
CA LYS QE 230 -7.60 48.21 -128.40
C LYS QE 230 -8.20 47.62 -129.67
N ARG QE 231 -8.53 48.48 -130.63
CA ARG QE 231 -9.14 47.98 -131.86
C ARG QE 231 -8.25 46.97 -132.58
N ILE QE 232 -6.96 47.28 -132.68
CA ILE QE 232 -6.07 46.38 -133.38
C ILE QE 232 -5.90 45.08 -132.60
N SER QE 233 -5.88 45.15 -131.27
CA SER QE 233 -5.76 43.91 -130.53
C SER QE 233 -6.97 43.04 -130.76
N ILE QE 234 -8.15 43.65 -130.86
CA ILE QE 234 -9.36 42.87 -131.14
C ILE QE 234 -9.31 42.21 -132.50
N TRP QE 235 -8.69 42.85 -133.49
CA TRP QE 235 -8.58 42.19 -134.79
C TRP QE 235 -7.57 41.04 -134.77
N LEU QE 236 -6.42 41.29 -134.14
CA LEU QE 236 -5.43 40.23 -133.97
C LEU QE 236 -6.01 39.03 -133.27
N ASP QE 237 -6.82 39.26 -132.24
CA ASP QE 237 -7.45 38.15 -131.53
C ASP QE 237 -8.16 37.20 -132.47
N THR QE 238 -8.68 37.69 -133.58
CA THR QE 238 -9.44 36.84 -134.48
C THR QE 238 -8.55 36.20 -135.54
N TYR QE 239 -7.69 36.96 -136.21
CA TYR QE 239 -6.94 36.33 -137.31
C TYR QE 239 -5.56 35.81 -136.95
N TYR QE 240 -5.00 36.20 -135.80
CA TYR QE 240 -3.69 35.76 -135.34
C TYR QE 240 -3.79 35.44 -133.85
N PRO QE 241 -4.56 34.42 -133.49
CA PRO QE 241 -4.83 34.13 -132.08
C PRO QE 241 -3.65 33.61 -131.28
N GLN QE 242 -2.47 33.47 -131.88
CA GLN QE 242 -1.31 32.93 -131.16
C GLN QE 242 -0.09 33.82 -131.29
N LEU QE 243 -0.25 35.04 -131.80
CA LEU QE 243 0.85 35.97 -131.91
C LEU QE 243 1.22 36.59 -130.57
N ALA QE 244 2.51 36.54 -130.25
CA ALA QE 244 3.08 37.16 -129.06
C ALA QE 244 3.63 38.53 -129.41
N TYR QE 245 3.10 39.57 -128.77
CA TYR QE 245 3.47 40.93 -129.12
C TYR QE 245 3.28 41.82 -127.90
N TYR QE 246 3.87 43.02 -127.98
CA TYR QE 246 3.84 44.00 -126.91
C TYR QE 246 2.91 45.18 -127.19
N ARG QE 247 3.33 46.13 -128.02
CA ARG QE 247 2.54 47.33 -128.21
C ARG QE 247 2.87 47.98 -129.53
N ILE QE 248 1.93 48.80 -130.00
CA ILE QE 248 2.06 49.64 -131.18
C ILE QE 248 2.17 51.09 -130.76
N HIS QE 249 3.27 51.75 -131.15
CA HIS QE 249 3.55 53.13 -130.80
C HIS QE 249 3.23 54.05 -131.97
N PHE QE 250 2.65 55.21 -131.67
CA PHE QE 250 2.24 56.20 -132.66
C PHE QE 250 2.95 57.54 -132.51
N ASP QE 251 4.20 57.55 -132.07
CA ASP QE 251 4.91 58.82 -131.97
C ASP QE 251 4.89 59.54 -133.32
N GLU QE 252 5.20 58.81 -134.39
CA GLU QE 252 5.07 59.31 -135.75
C GLU QE 252 3.86 58.59 -136.33
N PRO QE 253 2.67 59.19 -136.30
CA PRO QE 253 1.48 58.46 -136.71
C PRO QE 253 1.50 57.97 -138.13
N ARG QE 254 2.33 58.53 -139.00
CA ARG QE 254 2.45 58.03 -140.36
C ARG QE 254 3.26 56.74 -140.45
N LYS QE 255 4.07 56.41 -139.45
CA LYS QE 255 4.97 55.25 -139.52
C LYS QE 255 5.02 54.58 -138.16
N PRO QE 256 3.95 53.91 -137.75
CA PRO QE 256 3.92 53.27 -136.45
C PRO QE 256 4.94 52.14 -136.33
N VAL QE 257 5.24 51.82 -135.08
CA VAL QE 257 6.22 50.80 -134.72
C VAL QE 257 5.51 49.71 -133.92
N PHE QE 258 5.64 48.48 -134.38
CA PHE QE 258 5.01 47.32 -133.75
C PHE QE 258 6.10 46.40 -133.20
N TRP QE 259 6.10 46.21 -131.89
CA TRP QE 259 7.07 45.37 -131.18
C TRP QE 259 6.58 43.93 -131.01
N LEU QE 260 7.34 42.98 -131.56
CA LEU QE 260 7.06 41.56 -131.44
C LEU QE 260 8.13 40.88 -130.59
N SER QE 261 7.75 39.77 -129.97
CA SER QE 261 8.71 38.93 -129.26
C SER QE 261 9.61 38.16 -130.20
N ARG QE 262 10.90 38.13 -129.86
CA ARG QE 262 11.84 37.29 -130.59
C ARG QE 262 11.68 35.81 -130.28
N GLN QE 263 11.57 35.45 -129.01
CA GLN QE 263 11.54 34.03 -128.67
C GLN QE 263 10.17 33.39 -128.84
N ARG QE 264 9.11 34.07 -128.47
CA ARG QE 264 7.79 33.44 -128.52
C ARG QE 264 7.15 33.49 -129.90
N ASN QE 265 7.91 33.79 -130.96
CA ASN QE 265 7.37 33.81 -132.30
C ASN QE 265 8.29 33.03 -133.22
N THR QE 266 7.73 32.59 -134.35
CA THR QE 266 8.53 32.06 -135.45
C THR QE 266 7.78 32.26 -136.75
N MET QE 267 8.34 33.10 -137.62
CA MET QE 267 7.70 33.44 -138.88
C MET QE 267 8.80 33.60 -139.92
N SER QE 268 8.43 33.47 -141.19
CA SER QE 268 9.32 33.91 -142.26
C SER QE 268 9.13 35.39 -142.55
N LYS QE 269 10.13 35.93 -143.26
CA LYS QE 269 10.04 37.30 -143.73
C LYS QE 269 8.80 37.55 -144.56
N LYS QE 270 8.43 36.61 -145.43
CA LYS QE 270 7.21 36.76 -146.21
C LYS QE 270 5.99 36.92 -145.31
N GLU QE 271 5.87 36.06 -144.31
CA GLU QE 271 4.78 36.16 -143.37
C GLU QE 271 4.78 37.51 -142.67
N LEU QE 272 5.94 37.96 -142.21
CA LEU QE 272 6.01 39.27 -141.56
C LEU QE 272 5.56 40.39 -142.49
N GLU QE 273 6.00 40.36 -143.74
CA GLU QE 273 5.57 41.37 -144.70
C GLU QE 273 4.08 41.35 -144.95
N VAL QE 274 3.50 40.16 -145.12
CA VAL QE 274 2.06 40.06 -145.27
C VAL QE 274 1.35 40.66 -144.07
N LEU QE 275 1.79 40.30 -142.87
CA LEU QE 275 1.25 40.90 -141.66
C LEU QE 275 1.30 42.43 -141.73
N SER QE 276 2.45 42.95 -142.12
CA SER QE 276 2.62 44.39 -142.27
C SER QE 276 1.56 44.97 -143.20
N GLN QE 277 1.39 44.38 -144.37
CA GLN QE 277 0.43 44.91 -145.33
C GLN QE 277 -0.99 44.85 -144.79
N LYS QE 278 -1.35 43.79 -144.08
CA LYS QE 278 -2.69 43.75 -143.53
C LYS QE 278 -2.90 44.82 -142.46
N LEU QE 279 -1.89 45.08 -141.63
CA LEU QE 279 -2.00 46.22 -140.72
C LEU QE 279 -2.20 47.50 -141.49
N ARG QE 280 -1.44 47.69 -142.56
CA ARG QE 280 -1.60 48.91 -143.33
C ARG QE 280 -3.00 49.01 -143.88
N ALA QE 281 -3.64 47.87 -144.15
CA ALA QE 281 -5.01 47.94 -144.62
C ALA QE 281 -5.95 48.33 -143.51
N LEU QE 282 -5.61 47.99 -142.26
CA LEU QE 282 -6.46 48.41 -141.15
C LEU QE 282 -6.32 49.89 -140.81
N MET QE 283 -5.19 50.51 -141.15
CA MET QE 283 -4.91 51.90 -140.78
C MET QE 283 -4.77 52.75 -142.03
N PRO QE 284 -5.89 53.24 -142.58
CA PRO QE 284 -5.82 54.02 -143.81
C PRO QE 284 -5.13 55.37 -143.67
N TYR QE 285 -4.75 55.77 -142.47
CA TYR QE 285 -4.03 57.02 -142.30
C TYR QE 285 -2.52 56.84 -142.31
N ALA QE 286 -2.03 55.62 -142.16
CA ALA QE 286 -0.59 55.36 -142.07
C ALA QE 286 -0.03 54.86 -143.39
N ASP QE 287 1.20 55.30 -143.70
CA ASP QE 287 1.85 54.90 -144.94
C ASP QE 287 2.56 53.55 -144.82
N SER QE 288 3.05 53.18 -143.64
CA SER QE 288 3.70 51.89 -143.50
C SER QE 288 3.81 51.55 -142.03
N VAL QE 289 3.98 50.25 -141.75
CA VAL QE 289 4.13 49.74 -140.40
C VAL QE 289 5.50 49.09 -140.26
N ASN QE 290 6.30 49.56 -139.31
CA ASN QE 290 7.63 49.01 -139.06
C ASN QE 290 7.53 47.99 -137.94
N ILE QE 291 7.94 46.75 -138.22
CA ILE QE 291 7.95 45.68 -137.23
C ILE QE 291 9.35 45.47 -136.67
N THR QE 292 9.47 45.53 -135.35
CA THR QE 292 10.72 45.42 -134.61
C THR QE 292 10.64 44.29 -133.60
N LEU QE 293 11.72 43.53 -133.49
CA LEU QE 293 11.84 42.42 -132.54
C LEU QE 293 12.54 42.86 -131.26
N MET QE 294 11.89 42.62 -130.12
CA MET QE 294 12.38 43.00 -128.80
C MET QE 294 12.64 41.74 -127.97
N ASP QE 295 13.51 41.89 -126.98
CA ASP QE 295 13.91 40.78 -126.10
C ASP QE 295 13.16 40.74 -124.78
N ASP QE 296 12.56 39.57 -124.50
CA ASP QE 296 11.83 39.34 -123.26
C ASP QE 296 12.72 39.51 -122.03
N VAL QE 297 13.94 38.98 -122.08
CA VAL QE 297 14.84 39.14 -120.94
C VAL QE 297 15.06 40.61 -120.64
N THR QE 298 15.20 41.42 -121.68
CA THR QE 298 15.32 42.85 -121.48
C THR QE 298 14.12 43.42 -120.75
N ALA QE 299 12.91 43.15 -121.25
CA ALA QE 299 11.70 43.61 -120.58
C ALA QE 299 11.65 43.24 -119.09
N ALA QE 300 11.76 41.95 -118.79
CA ALA QE 300 11.76 41.49 -117.40
C ALA QE 300 12.84 42.16 -116.55
N GLY QE 301 14.04 42.30 -117.10
CA GLY QE 301 15.11 42.93 -116.35
C GLY QE 301 14.85 44.39 -116.02
N GLN QE 302 14.33 45.14 -116.97
CA GLN QE 302 13.91 46.50 -116.64
C GLN QE 302 12.84 46.56 -115.58
N ALA QE 303 11.92 45.61 -115.54
CA ALA QE 303 10.95 45.58 -114.45
C ALA QE 303 11.62 45.35 -113.10
N GLU QE 304 12.40 44.30 -112.99
CA GLU QE 304 12.97 43.98 -111.69
C GLU QE 304 13.93 45.06 -111.22
N ALA QE 305 14.77 45.57 -112.11
CA ALA QE 305 15.65 46.66 -111.72
C ALA QE 305 14.89 47.89 -111.31
N GLY QE 306 13.67 48.09 -111.83
CA GLY QE 306 12.91 49.24 -111.37
C GLY QE 306 12.34 49.08 -109.97
N LEU QE 307 11.83 47.90 -109.65
CA LEU QE 307 11.39 47.69 -108.27
C LEU QE 307 12.55 47.72 -107.28
N LYS QE 308 13.71 47.21 -107.67
CA LYS QE 308 14.87 47.36 -106.79
C LYS QE 308 15.22 48.82 -106.60
N GLN QE 309 15.31 49.57 -107.69
CA GLN QE 309 15.60 50.99 -107.57
C GLN QE 309 14.64 51.67 -106.62
N GLN QE 310 13.35 51.36 -106.69
CA GLN QE 310 12.40 51.98 -105.79
C GLN QE 310 12.38 51.37 -104.39
N ALA QE 311 13.17 50.32 -104.13
CA ALA QE 311 13.21 49.69 -102.81
C ALA QE 311 11.84 49.26 -102.31
N LEU QE 312 11.06 48.72 -103.13
CA LEU QE 312 9.83 48.08 -102.70
C LEU QE 312 10.08 46.61 -102.39
N PRO QE 313 9.34 46.02 -101.46
CA PRO QE 313 9.39 44.55 -101.29
C PRO QE 313 8.49 43.85 -102.29
N TYR QE 314 8.98 42.74 -102.84
CA TYR QE 314 8.24 42.03 -103.88
C TYR QE 314 8.59 40.56 -103.89
N SER QE 315 7.77 39.78 -104.59
CA SER QE 315 8.09 38.42 -104.98
C SER QE 315 7.88 38.24 -106.48
N ARG QE 316 8.75 37.48 -107.12
CA ARG QE 316 8.65 37.20 -108.55
C ARG QE 316 8.19 35.77 -108.77
N ARG QE 317 7.21 35.59 -109.65
CA ARG QE 317 6.83 34.29 -110.17
C ARG QE 317 7.03 34.25 -111.68
N ASN QE 318 7.50 33.11 -112.18
CA ASN QE 318 7.71 32.88 -113.60
C ASN QE 318 6.74 31.84 -114.12
N HIS QE 319 6.23 32.07 -115.33
CA HIS QE 319 5.30 31.17 -115.98
C HIS QE 319 5.78 30.89 -117.39
N LYS QE 320 5.13 29.92 -118.01
CA LYS QE 320 5.47 29.51 -119.37
C LYS QE 320 5.53 30.67 -120.32
N GLY QE 321 4.73 31.71 -120.09
CA GLY QE 321 4.71 32.85 -120.98
C GLY QE 321 4.45 34.18 -120.32
N GLY QE 322 4.88 34.35 -119.07
CA GLY QE 322 4.62 35.58 -118.36
C GLY QE 322 5.42 35.64 -117.08
N VAL QE 323 5.49 36.85 -116.54
CA VAL QE 323 6.15 37.09 -115.26
C VAL QE 323 5.23 37.95 -114.41
N THR QE 324 5.08 37.57 -113.14
CA THR QE 324 4.20 38.27 -112.22
C THR QE 324 5.00 38.75 -111.02
N PHE QE 325 4.88 40.03 -110.69
CA PHE QE 325 5.45 40.58 -109.46
C PHE QE 325 4.33 40.86 -108.49
N VAL QE 326 4.46 40.30 -107.28
CA VAL QE 326 3.47 40.43 -106.23
C VAL QE 326 4.04 41.33 -105.13
N ILE QE 327 3.33 42.41 -104.86
CA ILE QE 327 3.73 43.43 -103.89
C ILE QE 327 2.56 43.56 -102.93
N GLN QE 328 2.76 43.16 -101.67
CA GLN QE 328 1.62 43.12 -100.77
C GLN QE 328 2.09 43.23 -99.33
N GLY QE 329 1.19 43.75 -98.48
CA GLY QE 329 1.48 43.92 -97.08
C GLY QE 329 1.01 45.23 -96.48
N ALA QE 330 1.69 45.67 -95.43
CA ALA QE 330 1.41 46.96 -94.78
C ALA QE 330 2.24 48.09 -95.37
N LEU QE 331 2.04 48.34 -96.65
CA LEU QE 331 2.79 49.40 -97.33
C LEU QE 331 2.49 50.76 -96.71
N ASP QE 332 3.53 51.60 -96.67
CA ASP QE 332 3.42 52.99 -96.25
C ASP QE 332 2.99 53.92 -97.39
N ASP QE 333 2.54 55.11 -97.00
CA ASP QE 333 2.13 56.15 -97.93
C ASP QE 333 3.19 56.46 -99.00
N VAL QE 334 4.43 56.68 -98.57
CA VAL QE 334 5.49 56.99 -99.52
C VAL QE 334 5.65 55.87 -100.53
N GLU QE 335 5.64 54.63 -100.05
CA GLU QE 335 5.77 53.48 -100.94
C GLU QE 335 4.62 53.41 -101.93
N ILE QE 336 3.40 53.55 -101.45
CA ILE QE 336 2.25 53.52 -102.37
C ILE QE 336 2.39 54.59 -103.45
N LEU QE 337 2.82 55.79 -103.08
CA LEU QE 337 2.99 56.82 -104.11
C LEU QE 337 4.07 56.46 -105.14
N ARG QE 338 5.27 56.14 -104.66
CA ARG QE 338 6.31 55.72 -105.57
C ARG QE 338 5.85 54.61 -106.51
N ALA QE 339 5.28 53.56 -105.93
CA ALA QE 339 4.77 52.43 -106.70
C ALA QE 339 3.82 52.85 -107.81
N ARG QE 340 2.73 53.54 -107.47
CA ARG QE 340 1.81 53.95 -108.52
C ARG QE 340 2.51 54.73 -109.63
N GLN QE 341 3.48 55.59 -109.28
CA GLN QE 341 4.17 56.34 -110.33
C GLN QE 341 4.97 55.44 -111.25
N PHE QE 342 5.82 54.61 -110.67
CA PHE QE 342 6.62 53.68 -111.47
C PHE QE 342 5.76 52.79 -112.36
N VAL QE 343 4.77 52.13 -111.79
CA VAL QE 343 3.91 51.25 -112.57
C VAL QE 343 3.30 51.99 -113.75
N ASP QE 344 2.68 53.13 -113.50
CA ASP QE 344 2.11 53.89 -114.61
C ASP QE 344 3.15 54.22 -115.68
N SER QE 345 4.39 54.48 -115.28
CA SER QE 345 5.40 54.79 -116.29
C SER QE 345 5.74 53.59 -117.14
N TYR QE 346 6.03 52.45 -116.50
CA TYR QE 346 6.35 51.23 -117.23
C TYR QE 346 5.25 50.82 -118.18
N TYR QE 347 4.01 50.77 -117.68
CA TYR QE 347 2.90 50.34 -118.52
C TYR QE 347 2.82 51.13 -119.82
N ARG QE 348 3.11 52.42 -119.79
CA ARG QE 348 3.03 53.18 -121.02
C ARG QE 348 4.03 52.74 -122.07
N THR QE 349 5.13 52.13 -121.65
CA THR QE 349 6.15 51.65 -122.58
C THR QE 349 5.85 50.26 -123.09
N TRP QE 350 5.71 49.30 -122.18
CA TRP QE 350 5.59 47.90 -122.51
C TRP QE 350 4.17 47.35 -122.59
N GLY QE 351 3.15 48.09 -122.23
CA GLY QE 351 1.81 47.52 -122.17
C GLY QE 351 1.65 46.53 -121.04
N GLY QE 352 0.48 45.92 -120.99
CA GLY QE 352 0.17 44.94 -119.96
C GLY QE 352 0.06 43.48 -120.33
N ARG QE 353 0.70 43.05 -121.40
CA ARG QE 353 0.53 41.68 -121.86
C ARG QE 353 1.51 40.71 -121.22
N TYR QE 354 2.79 41.07 -121.14
CA TYR QE 354 3.78 40.14 -120.62
C TYR QE 354 4.02 40.22 -119.10
N VAL QE 355 4.21 41.41 -118.54
CA VAL QE 355 4.53 41.57 -117.12
C VAL QE 355 3.38 42.22 -116.37
N GLN QE 356 3.00 41.62 -115.23
CA GLN QE 356 1.92 42.10 -114.37
C GLN QE 356 2.44 42.49 -112.98
N PHE QE 357 1.80 43.51 -112.40
CA PHE QE 357 2.09 44.02 -111.05
C PHE QE 357 0.85 44.00 -110.17
N ALA QE 358 0.85 43.15 -109.13
CA ALA QE 358 -0.30 42.99 -108.26
C ALA QE 358 -0.01 43.62 -106.90
N ILE QE 359 -0.78 44.64 -106.54
CA ILE QE 359 -0.60 45.41 -105.32
C ILE QE 359 -1.80 45.19 -104.40
N GLU QE 360 -1.56 44.70 -103.18
CA GLU QE 360 -2.64 44.46 -102.24
C GLU QE 360 -2.25 44.88 -100.84
N LEU QE 361 -3.09 45.68 -100.18
CA LEU QE 361 -2.89 46.02 -98.78
C LEU QE 361 -3.47 44.94 -97.88
N LYS QE 362 -2.69 44.48 -96.91
CA LYS QE 362 -3.08 43.42 -96.01
C LYS QE 362 -2.99 43.87 -94.56
N ASP QE 363 -3.87 43.33 -93.73
CA ASP QE 363 -3.60 43.32 -92.30
C ASP QE 363 -2.49 42.32 -91.99
N ASP QE 364 -2.05 42.32 -90.74
CA ASP QE 364 -1.04 41.36 -90.33
C ASP QE 364 -1.55 39.94 -90.60
N TRP QE 365 -0.66 39.10 -91.13
CA TRP QE 365 -1.05 37.74 -91.41
C TRP QE 365 -1.34 36.99 -90.11
N LEU QE 366 -2.38 36.18 -90.14
CA LEU QE 366 -2.95 35.54 -88.95
C LEU QE 366 -3.30 36.53 -87.86
N LYS QE 367 -3.43 37.81 -88.20
CA LYS QE 367 -4.13 38.77 -87.37
C LYS QE 367 -3.55 38.91 -85.97
N GLY QE 368 -2.24 38.70 -85.79
CA GLY QE 368 -1.65 38.96 -84.49
C GLY QE 368 -1.74 37.84 -83.47
N ARG QE 369 -2.09 36.64 -83.88
CA ARG QE 369 -2.02 35.47 -83.01
C ARG QE 369 -0.65 34.80 -83.09
N SER QE 370 -0.31 34.05 -82.05
CA SER QE 370 0.92 33.28 -82.08
C SER QE 370 0.72 32.03 -82.91
N PHE QE 371 1.81 31.57 -83.52
CA PHE QE 371 1.70 30.39 -84.35
C PHE QE 371 3.06 29.77 -84.55
N GLN QE 372 3.05 28.52 -85.00
CA GLN QE 372 4.25 27.79 -85.36
C GLN QE 372 4.20 27.55 -86.85
N TYR QE 373 5.25 27.99 -87.55
CA TYR QE 373 5.30 28.07 -89.00
C TYR QE 373 5.99 26.90 -89.66
N GLY QE 374 6.29 25.84 -88.93
CA GLY QE 374 6.89 24.67 -89.53
C GLY QE 374 5.95 23.87 -90.42
N ALA QE 375 6.51 22.82 -91.01
CA ALA QE 375 5.74 21.90 -91.84
C ALA QE 375 4.59 21.28 -91.05
N GLU QE 376 4.65 21.35 -89.73
CA GLU QE 376 3.63 20.85 -88.84
C GLU QE 376 3.06 22.01 -88.03
N GLY QE 377 3.00 23.15 -88.68
CA GLY QE 377 2.57 24.37 -88.03
C GLY QE 377 1.13 24.36 -87.58
N TYR QE 378 0.84 25.33 -86.73
CA TYR QE 378 -0.49 25.46 -86.16
C TYR QE 378 -0.63 26.85 -85.58
N ILE QE 379 -1.87 27.22 -85.27
CA ILE QE 379 -2.22 28.52 -84.75
C ILE QE 379 -2.76 28.40 -83.34
N LYS QE 380 -2.22 29.19 -82.42
CA LYS QE 380 -2.73 29.25 -81.07
C LYS QE 380 -3.85 30.28 -81.04
N MET QE 381 -5.09 29.80 -80.99
CA MET QE 381 -6.23 30.70 -80.83
C MET QE 381 -6.11 31.47 -79.54
N SER QE 382 -5.78 30.78 -78.46
CA SER QE 382 -5.64 31.32 -77.13
C SER QE 382 -4.76 30.36 -76.35
N PRO QE 383 -4.21 30.79 -75.24
CA PRO QE 383 -3.57 29.79 -74.39
C PRO QE 383 -4.54 28.66 -74.14
N GLY QE 384 -4.12 27.44 -74.44
CA GLY QE 384 -5.00 26.30 -74.28
C GLY QE 384 -5.92 26.00 -75.44
N HIS QE 385 -5.72 26.59 -76.62
CA HIS QE 385 -6.57 26.27 -77.77
C HIS QE 385 -5.75 26.28 -79.05
N TRP QE 386 -5.57 25.10 -79.66
CA TRP QE 386 -4.84 24.85 -80.89
C TRP QE 386 -5.79 24.77 -82.08
N TYR QE 387 -5.26 25.02 -83.28
CA TYR QE 387 -6.11 25.00 -84.47
C TYR QE 387 -5.70 24.10 -85.64
N PHE QE 388 -4.43 23.80 -85.85
CA PHE QE 388 -4.03 22.86 -86.91
C PHE QE 388 -4.71 23.01 -88.26
N PRO QE 389 -4.83 24.22 -88.81
CA PRO QE 389 -5.58 24.37 -90.07
C PRO QE 389 -4.88 23.82 -91.30
N SER QE 390 -3.58 24.03 -91.43
CA SER QE 390 -2.89 23.80 -92.68
C SER QE 390 -1.39 23.81 -92.41
N PRO QE 391 -0.57 23.21 -93.26
CA PRO QE 391 0.86 23.48 -93.18
C PRO QE 391 1.13 24.95 -93.45
N LEU QE 392 2.07 25.50 -92.70
CA LEU QE 392 2.40 26.90 -92.81
C LEU QE 392 3.87 27.05 -93.21
N ALA RE 171 3.50 94.83 -134.27
CA ALA RE 171 3.59 94.61 -132.84
C ALA RE 171 4.42 93.36 -132.55
N GLU RE 172 5.68 93.54 -132.19
CA GLU RE 172 6.50 92.39 -131.86
C GLU RE 172 5.98 91.72 -130.59
N LEU RE 173 6.47 90.51 -130.36
CA LEU RE 173 6.04 89.76 -129.19
C LEU RE 173 6.61 90.35 -127.89
N ASP RE 174 7.88 90.74 -127.89
CA ASP RE 174 8.49 91.29 -126.69
C ASP RE 174 7.69 92.46 -126.13
N SER RE 175 7.00 93.21 -126.98
CA SER RE 175 6.23 94.36 -126.54
C SER RE 175 4.99 93.95 -125.77
N LEU RE 176 4.51 92.74 -125.97
CA LEU RE 176 3.32 92.22 -125.35
C LEU RE 176 3.59 91.42 -124.08
N LEU RE 177 4.83 91.04 -123.83
CA LEU RE 177 5.15 90.24 -122.67
C LEU RE 177 5.30 91.04 -121.39
N GLY RE 178 5.49 92.35 -121.46
CA GLY RE 178 5.68 93.09 -120.22
C GLY RE 178 6.71 94.19 -120.23
N GLN RE 179 6.78 94.88 -119.09
CA GLN RE 179 7.78 95.93 -118.88
C GLN RE 179 9.17 95.37 -118.60
N GLU RE 180 9.28 94.38 -117.74
CA GLU RE 180 10.55 93.67 -117.61
C GLU RE 180 10.81 92.83 -118.85
N LYS RE 181 11.86 93.19 -119.60
CA LYS RE 181 12.16 92.53 -120.86
C LYS RE 181 13.06 91.32 -120.66
N GLU RE 182 14.11 91.44 -119.87
CA GLU RE 182 15.02 90.35 -119.61
C GLU RE 182 14.37 89.20 -118.87
N ARG RE 183 13.11 89.34 -118.47
CA ARG RE 183 12.41 88.21 -117.86
C ARG RE 183 12.21 87.07 -118.85
N PHE RE 184 11.96 87.38 -120.12
CA PHE RE 184 11.77 86.35 -121.14
C PHE RE 184 12.90 86.40 -122.15
N GLN RE 185 13.03 85.32 -122.92
CA GLN RE 185 13.91 85.26 -124.08
C GLN RE 185 13.19 84.65 -125.28
N VAL RE 186 13.26 85.30 -126.43
CA VAL RE 186 12.54 84.88 -127.63
C VAL RE 186 13.55 84.37 -128.65
N LEU RE 187 13.29 83.18 -129.19
CA LEU RE 187 14.09 82.54 -130.22
C LEU RE 187 13.29 82.33 -131.50
N PRO RE 188 13.82 82.68 -132.68
CA PRO RE 188 13.24 82.16 -133.92
C PRO RE 188 13.50 80.68 -134.11
N GLY RE 189 12.62 80.03 -134.86
CA GLY RE 189 12.79 78.62 -135.21
C GLY RE 189 12.83 78.37 -136.70
N ARG RE 190 13.61 77.35 -137.09
CA ARG RE 190 13.68 76.93 -138.49
C ARG RE 190 12.32 76.54 -139.04
N ASP RE 191 11.40 76.14 -138.17
CA ASP RE 191 10.04 75.70 -138.51
C ASP RE 191 9.09 76.86 -138.74
N LYS RE 192 9.60 78.08 -138.83
CA LYS RE 192 8.78 79.27 -139.02
C LYS RE 192 7.83 79.52 -137.85
N MET RE 193 8.38 79.42 -136.64
CA MET RE 193 7.61 79.60 -135.41
C MET RE 193 8.51 80.27 -134.39
N LEU RE 194 7.91 81.07 -133.51
CA LEU RE 194 8.62 81.66 -132.39
C LEU RE 194 8.55 80.78 -131.16
N TYR RE 195 9.68 80.65 -130.47
CA TYR RE 195 9.80 79.94 -129.22
C TYR RE 195 10.13 80.89 -128.08
N VAL RE 196 9.32 80.87 -127.04
CA VAL RE 196 9.53 81.71 -125.86
C VAL RE 196 10.02 80.79 -124.76
N ALA RE 197 11.21 81.08 -124.27
CA ALA RE 197 11.85 80.35 -123.19
C ALA RE 197 11.57 81.00 -121.85
N ALA RE 198 10.99 80.24 -120.94
CA ALA RE 198 10.64 80.65 -119.60
C ALA RE 198 11.45 79.87 -118.58
N GLN RE 199 11.48 80.38 -117.35
CA GLN RE 199 12.27 79.83 -116.27
C GLN RE 199 11.44 79.00 -115.29
N ASN RE 200 10.14 79.20 -115.19
CA ASN RE 200 9.38 78.51 -114.16
C ASN RE 200 7.91 78.48 -114.58
N GLU RE 201 7.11 77.77 -113.79
CA GLU RE 201 5.68 77.67 -114.03
C GLU RE 201 4.95 79.00 -114.00
N ARG RE 202 5.15 79.78 -112.95
CA ARG RE 202 4.48 81.08 -112.86
C ARG RE 202 4.70 81.92 -114.11
N ASP RE 203 5.95 82.09 -114.53
CA ASP RE 203 6.24 82.83 -115.75
C ASP RE 203 5.66 82.14 -116.99
N THR RE 204 5.74 80.82 -117.03
CA THR RE 204 5.16 80.08 -118.14
C THR RE 204 3.68 80.40 -118.34
N LEU RE 205 2.90 80.39 -117.28
CA LEU RE 205 1.49 80.76 -117.39
C LEU RE 205 1.29 82.25 -117.66
N TRP RE 206 2.19 83.10 -117.17
CA TRP RE 206 2.12 84.51 -117.54
C TRP RE 206 2.28 84.70 -119.03
N ALA RE 207 3.14 83.92 -119.65
CA ALA RE 207 3.29 84.00 -121.09
C ALA RE 207 2.13 83.37 -121.82
N ARG RE 208 1.77 82.15 -121.47
CA ARG RE 208 0.72 81.43 -122.18
C ARG RE 208 -0.60 82.19 -122.21
N GLN RE 209 -0.95 82.89 -121.13
CA GLN RE 209 -2.17 83.69 -121.19
C GLN RE 209 -2.20 84.65 -122.37
N VAL RE 210 -1.08 85.32 -122.65
CA VAL RE 210 -1.05 86.28 -123.76
C VAL RE 210 -1.38 85.60 -125.08
N LEU RE 211 -0.84 84.41 -125.31
CA LEU RE 211 -1.08 83.71 -126.56
C LEU RE 211 -2.50 83.17 -126.63
N ALA RE 212 -2.96 82.50 -125.57
CA ALA RE 212 -4.31 81.95 -125.60
C ALA RE 212 -5.35 83.04 -125.73
N ARG RE 213 -5.06 84.21 -125.19
CA ARG RE 213 -5.92 85.37 -125.40
C ARG RE 213 -6.00 85.75 -126.87
N GLY RE 214 -5.04 85.32 -127.67
CA GLY RE 214 -5.00 85.70 -129.07
C GLY RE 214 -4.64 87.14 -129.31
N ASP RE 215 -3.87 87.75 -128.40
CA ASP RE 215 -3.42 89.11 -128.64
C ASP RE 215 -2.40 89.18 -129.77
N TYR RE 216 -1.49 88.21 -129.83
CA TYR RE 216 -0.67 87.96 -131.01
C TYR RE 216 -1.38 87.04 -131.99
N ASP RE 217 -0.95 87.14 -133.25
CA ASP RE 217 -1.73 86.65 -134.38
C ASP RE 217 -1.02 85.59 -135.22
N LYS RE 218 0.30 85.65 -135.34
CA LYS RE 218 1.07 84.56 -135.92
C LYS RE 218 1.19 83.39 -134.96
N ASN RE 219 1.87 82.35 -135.41
CA ASN RE 219 2.20 81.20 -134.57
C ASN RE 219 3.28 81.51 -133.55
N ALA RE 220 3.13 80.93 -132.36
CA ALA RE 220 4.12 81.05 -131.29
C ALA RE 220 3.98 79.83 -130.39
N ARG RE 221 5.00 79.61 -129.56
CA ARG RE 221 4.96 78.50 -128.62
C ARG RE 221 5.79 78.84 -127.40
N VAL RE 222 5.37 78.31 -126.24
CA VAL RE 222 6.07 78.50 -124.97
C VAL RE 222 6.73 77.19 -124.57
N ILE RE 223 7.97 77.27 -124.09
CA ILE RE 223 8.76 76.11 -123.73
C ILE RE 223 9.54 76.36 -122.46
N ASN RE 224 9.87 75.28 -121.75
CA ASN RE 224 10.66 75.39 -120.53
C ASN RE 224 11.45 74.09 -120.37
N GLU RE 225 12.39 74.13 -119.43
CA GLU RE 225 13.30 73.00 -119.26
C GLU RE 225 12.58 71.72 -118.83
N ASN RE 226 11.68 71.80 -117.86
CA ASN RE 226 11.12 70.54 -117.37
C ASN RE 226 10.27 69.87 -118.44
N GLU RE 227 9.46 70.67 -119.13
CA GLU RE 227 8.62 70.13 -120.20
C GLU RE 227 9.47 69.50 -121.28
N GLU RE 228 10.56 70.16 -121.65
CA GLU RE 228 11.38 69.62 -122.73
C GLU RE 228 12.09 68.34 -122.30
N ASN RE 229 12.62 68.30 -121.08
CA ASN RE 229 13.22 67.06 -120.64
C ASN RE 229 12.25 65.90 -120.69
N LYS RE 230 11.00 66.11 -120.25
CA LYS RE 230 10.03 65.03 -120.34
C LYS RE 230 9.72 64.61 -121.77
N ARG RE 231 9.44 65.58 -122.64
CA ARG RE 231 9.20 65.30 -124.05
C ARG RE 231 10.30 64.44 -124.66
N ILE RE 232 11.54 64.84 -124.47
CA ILE RE 232 12.63 64.13 -125.12
C ILE RE 232 12.83 62.77 -124.50
N SER RE 233 12.63 62.62 -123.19
CA SER RE 233 12.77 61.27 -122.66
C SER RE 233 11.68 60.37 -123.19
N ILE RE 234 10.47 60.87 -123.38
CA ILE RE 234 9.41 60.09 -124.01
C ILE RE 234 9.80 59.60 -125.40
N TRP RE 235 10.48 60.44 -126.19
CA TRP RE 235 10.87 59.97 -127.52
C TRP RE 235 12.02 58.95 -127.45
N LEU RE 236 13.00 59.22 -126.60
CA LEU RE 236 14.08 58.27 -126.38
C LEU RE 236 13.56 56.91 -125.96
N ASP RE 237 12.57 56.89 -125.09
CA ASP RE 237 11.97 55.63 -124.66
C ASP RE 237 11.52 54.77 -125.84
N THR RE 238 11.14 55.37 -126.96
CA THR RE 238 10.69 54.59 -128.09
C THR RE 238 11.83 54.19 -129.02
N TYR RE 239 12.71 55.11 -129.41
CA TYR RE 239 13.71 54.71 -130.40
C TYR RE 239 15.06 54.27 -129.83
N TYR RE 240 15.34 54.56 -128.59
CA TYR RE 240 16.58 54.17 -127.91
C TYR RE 240 16.23 53.66 -126.53
N PRO RE 241 15.53 52.53 -126.46
CA PRO RE 241 15.01 52.03 -125.18
C PRO RE 241 16.06 51.52 -124.20
N GLN RE 242 17.35 51.54 -124.53
CA GLN RE 242 18.36 50.99 -123.64
C GLN RE 242 19.49 51.97 -123.39
N LEU RE 243 19.34 53.23 -123.78
CA LEU RE 243 20.36 54.22 -123.58
C LEU RE 243 20.40 54.65 -122.12
N ALA RE 244 21.60 54.67 -121.54
CA ALA RE 244 21.83 55.14 -120.18
C ALA RE 244 22.29 56.60 -120.20
N TYR RE 245 21.54 57.47 -119.56
CA TYR RE 245 21.86 58.89 -119.64
C TYR RE 245 21.33 59.59 -118.40
N TYR RE 246 21.77 60.84 -118.21
CA TYR RE 246 21.37 61.67 -117.09
C TYR RE 246 20.37 62.77 -117.38
N ARG RE 247 20.83 63.88 -117.93
CA ARG RE 247 19.94 65.02 -118.17
C ARG RE 247 20.50 65.92 -119.26
N ILE RE 248 19.57 66.69 -119.84
CA ILE RE 248 19.85 67.73 -120.82
C ILE RE 248 19.71 69.09 -120.17
N HIS RE 249 20.80 69.85 -120.15
CA HIS RE 249 20.86 71.19 -119.57
C HIS RE 249 20.66 72.24 -120.67
N PHE RE 250 19.80 73.22 -120.41
CA PHE RE 250 19.51 74.31 -121.34
C PHE RE 250 20.00 75.68 -120.88
N ASP RE 251 21.22 75.76 -120.34
CA ASP RE 251 21.75 77.06 -119.95
C ASP RE 251 21.75 78.01 -121.14
N GLU RE 252 22.33 77.57 -122.26
CA GLU RE 252 22.36 78.33 -123.51
C GLU RE 252 21.46 77.57 -124.47
N PRO RE 253 20.17 77.94 -124.56
CA PRO RE 253 19.23 77.14 -125.35
C PRO RE 253 19.61 76.95 -126.80
N ARG RE 254 20.44 77.79 -127.39
CA ARG RE 254 20.88 77.53 -128.75
C ARG RE 254 21.90 76.40 -128.82
N LYS RE 255 22.49 76.00 -127.70
CA LYS RE 255 23.46 74.89 -127.69
C LYS RE 255 23.30 74.06 -126.42
N PRO RE 256 22.25 73.26 -126.35
CA PRO RE 256 22.07 72.37 -125.21
C PRO RE 256 23.20 71.37 -125.07
N VAL RE 257 23.30 70.85 -123.84
CA VAL RE 257 24.32 69.90 -123.41
C VAL RE 257 23.60 68.67 -122.92
N PHE RE 258 23.97 67.51 -123.47
CA PHE RE 258 23.37 66.23 -123.12
C PHE RE 258 24.43 65.35 -122.46
N TRP RE 259 24.18 65.00 -121.20
CA TRP RE 259 25.07 64.18 -120.39
C TRP RE 259 24.75 62.69 -120.51
N LEU RE 260 25.72 61.91 -120.98
CA LEU RE 260 25.59 60.47 -121.09
C LEU RE 260 26.49 59.79 -120.07
N SER RE 261 26.10 58.59 -119.66
CA SER RE 261 27.00 57.73 -118.92
C SER RE 261 28.09 57.17 -119.81
N ARG RE 262 29.34 57.29 -119.36
CA ARG RE 262 30.44 56.60 -120.03
C ARG RE 262 30.42 55.09 -119.80
N GLN RE 263 30.31 54.67 -118.55
CA GLN RE 263 30.52 53.25 -118.27
C GLN RE 263 29.44 52.35 -118.86
N ARG RE 264 28.19 52.79 -118.84
CA ARG RE 264 27.12 51.86 -119.17
C ARG RE 264 26.79 51.80 -120.66
N ASN RE 265 27.14 52.81 -121.45
CA ASN RE 265 26.95 52.73 -122.89
C ASN RE 265 28.23 52.28 -123.58
N THR RE 266 28.07 51.75 -124.79
CA THR RE 266 29.20 51.57 -125.71
C THR RE 266 28.72 51.83 -127.14
N MET RE 267 29.11 52.96 -127.69
CA MET RE 267 28.68 53.37 -129.02
C MET RE 267 29.85 54.06 -129.70
N SER RE 268 29.83 54.05 -131.03
CA SER RE 268 30.89 54.70 -131.78
C SER RE 268 30.58 56.17 -132.03
N LYS RE 269 31.60 56.89 -132.47
CA LYS RE 269 31.45 58.30 -132.79
C LYS RE 269 30.39 58.54 -133.84
N LYS RE 270 30.34 57.69 -134.87
CA LYS RE 270 29.30 57.80 -135.88
C LYS RE 270 27.91 57.68 -135.27
N GLU RE 271 27.71 56.69 -134.43
CA GLU RE 271 26.43 56.52 -133.75
C GLU RE 271 26.07 57.76 -132.95
N LEU RE 272 27.03 58.30 -132.21
CA LEU RE 272 26.80 59.53 -131.46
C LEU RE 272 26.41 60.68 -132.39
N GLU RE 273 27.08 60.81 -133.52
CA GLU RE 273 26.72 61.85 -134.48
C GLU RE 273 25.29 61.70 -134.99
N VAL RE 274 24.91 60.48 -135.34
CA VAL RE 274 23.55 60.23 -135.78
C VAL RE 274 22.56 60.64 -134.69
N LEU RE 275 22.80 60.21 -133.46
CA LEU RE 275 21.98 60.62 -132.33
C LEU RE 275 21.86 62.13 -132.24
N SER RE 276 22.99 62.81 -132.33
CA SER RE 276 23.02 64.26 -132.31
C SER RE 276 22.10 64.85 -133.38
N GLN RE 277 22.21 64.36 -134.61
CA GLN RE 277 21.38 64.92 -135.66
C GLN RE 277 19.90 64.67 -135.41
N LYS RE 278 19.54 63.51 -134.89
CA LYS RE 278 18.12 63.28 -134.62
C LYS RE 278 17.61 64.18 -133.50
N LEU RE 279 18.42 64.39 -132.47
CA LEU RE 279 18.07 65.36 -131.44
C LEU RE 279 17.88 66.74 -132.05
N ARG RE 280 18.79 67.14 -132.92
CA ARG RE 280 18.64 68.45 -133.52
C ARG RE 280 17.36 68.53 -134.29
N ALA RE 281 16.90 67.42 -134.86
CA ALA RE 281 15.65 67.48 -135.58
C ALA RE 281 14.47 67.64 -134.64
N LEU RE 282 14.58 67.14 -133.40
CA LEU RE 282 13.49 67.35 -132.44
C LEU RE 282 13.37 68.77 -131.90
N MET RE 283 14.45 69.56 -131.92
CA MET RE 283 14.51 70.88 -131.30
C MET RE 283 14.76 71.93 -132.38
N PRO RE 284 13.73 72.35 -133.12
CA PRO RE 284 13.94 73.33 -134.19
C PRO RE 284 14.45 74.68 -133.72
N TYR RE 285 14.52 74.93 -132.43
CA TYR RE 285 15.07 76.18 -131.93
C TYR RE 285 16.56 76.10 -131.64
N ALA RE 286 17.15 74.92 -131.70
CA ALA RE 286 18.58 74.70 -131.44
C ALA RE 286 19.41 74.61 -132.70
N ASP RE 287 20.59 75.23 -132.63
CA ASP RE 287 21.61 75.12 -133.67
C ASP RE 287 22.41 73.82 -133.61
N SER RE 288 22.66 73.29 -132.42
CA SER RE 288 23.44 72.05 -132.32
C SER RE 288 23.27 71.50 -130.92
N VAL RE 289 23.65 70.23 -130.75
CA VAL RE 289 23.63 69.58 -129.45
C VAL RE 289 25.01 69.04 -129.11
N ASN RE 290 25.53 69.42 -127.95
CA ASN RE 290 26.82 68.95 -127.48
C ASN RE 290 26.61 67.75 -126.56
N ILE RE 291 27.20 66.62 -126.89
CA ILE RE 291 27.13 65.42 -126.05
C ILE RE 291 28.40 65.28 -125.23
N THR RE 292 28.23 65.17 -123.91
CA THR RE 292 29.31 65.06 -122.93
C THR RE 292 29.17 63.78 -122.12
N LEU RE 293 30.29 63.08 -121.94
CA LEU RE 293 30.35 61.84 -121.16
C LEU RE 293 30.74 62.10 -119.71
N MET RE 294 29.96 61.56 -118.77
CA MET RE 294 30.15 61.76 -117.33
C MET RE 294 30.46 60.44 -116.64
N ASP RE 295 31.12 60.53 -115.49
CA ASP RE 295 31.47 59.38 -114.66
C ASP RE 295 30.48 59.09 -113.52
N ASP RE 296 29.97 57.86 -113.50
CA ASP RE 296 29.04 57.43 -112.46
C ASP RE 296 29.66 57.49 -111.06
N VAL RE 297 30.92 57.08 -110.92
CA VAL RE 297 31.55 57.17 -109.62
C VAL RE 297 31.54 58.60 -109.12
N THR RE 298 31.77 59.56 -110.02
CA THR RE 298 31.69 60.96 -109.66
C THR RE 298 30.31 61.31 -109.13
N ALA RE 299 29.27 60.95 -109.87
CA ALA RE 299 27.91 61.20 -109.39
C ALA RE 299 27.67 60.63 -107.99
N ALA RE 300 27.87 59.33 -107.82
CA ALA RE 300 27.67 58.72 -106.52
C ALA RE 300 28.46 59.40 -105.41
N GLY RE 301 29.72 59.76 -105.68
CA GLY RE 301 30.50 60.43 -104.65
C GLY RE 301 29.99 61.80 -104.27
N GLN RE 302 29.54 62.57 -105.26
CA GLN RE 302 28.84 63.82 -104.95
C GLN RE 302 27.54 63.63 -104.21
N ALA RE 303 26.98 62.44 -104.20
CA ALA RE 303 25.80 62.19 -103.37
C ALA RE 303 26.18 61.84 -101.93
N GLU RE 304 27.05 60.86 -101.76
CA GLU RE 304 27.39 60.42 -100.42
C GLU RE 304 28.17 61.49 -99.65
N ALA RE 305 29.04 62.23 -100.33
CA ALA RE 305 29.64 63.38 -99.67
C ALA RE 305 28.60 64.37 -99.20
N GLY RE 306 27.50 64.54 -99.94
CA GLY RE 306 26.47 65.47 -99.52
C GLY RE 306 25.79 65.06 -98.24
N LEU RE 307 25.36 63.80 -98.16
CA LEU RE 307 24.73 63.33 -96.94
C LEU RE 307 25.69 63.34 -95.75
N LYS RE 308 26.97 63.03 -95.98
CA LYS RE 308 27.93 63.17 -94.89
C LYS RE 308 28.06 64.62 -94.46
N GLN RE 309 28.11 65.54 -95.40
CA GLN RE 309 28.17 66.95 -95.04
C GLN RE 309 27.00 67.35 -94.18
N GLN RE 310 25.79 66.93 -94.54
CA GLN RE 310 24.64 67.28 -93.69
C GLN RE 310 24.59 66.49 -92.38
N ALA RE 311 25.43 65.46 -92.21
CA ALA RE 311 25.40 64.63 -91.01
C ALA RE 311 24.09 63.88 -90.83
N LEU RE 312 23.52 63.48 -91.86
CA LEU RE 312 22.30 62.71 -91.74
C LEU RE 312 22.63 61.23 -91.54
N PRO RE 313 21.78 60.48 -90.84
CA PRO RE 313 21.92 59.02 -90.86
C PRO RE 313 21.42 58.44 -92.18
N TYR RE 314 22.15 57.46 -92.71
CA TYR RE 314 21.70 56.84 -93.94
C TYR RE 314 22.25 55.43 -94.09
N SER RE 315 21.66 54.69 -95.03
CA SER RE 315 22.16 53.41 -95.51
C SER RE 315 22.26 53.45 -97.03
N ARG RE 316 23.37 52.96 -97.57
CA ARG RE 316 23.58 52.89 -99.01
C ARG RE 316 23.36 51.48 -99.53
N ARG RE 317 22.67 51.37 -100.67
CA ARG RE 317 22.46 50.14 -101.39
C ARG RE 317 22.92 50.31 -102.82
N ASN RE 318 23.64 49.32 -103.34
CA ASN RE 318 24.18 49.36 -104.69
C ASN RE 318 23.51 48.29 -105.54
N HIS RE 319 23.23 48.63 -106.80
CA HIS RE 319 22.70 47.65 -107.75
C HIS RE 319 23.48 47.78 -109.05
N LYS RE 320 23.10 46.96 -110.02
CA LYS RE 320 23.71 47.09 -111.34
C LYS RE 320 23.48 48.49 -111.89
N GLY RE 321 22.24 48.96 -111.83
CA GLY RE 321 21.85 50.14 -112.57
C GLY RE 321 21.58 51.38 -111.75
N GLY RE 322 21.94 51.40 -110.47
CA GLY RE 322 21.57 52.53 -109.65
C GLY RE 322 22.04 52.40 -108.22
N VAL RE 323 21.97 53.52 -107.52
CA VAL RE 323 22.31 53.63 -106.10
C VAL RE 323 21.11 54.15 -105.33
N THR RE 324 20.83 53.55 -104.17
CA THR RE 324 19.71 53.97 -103.35
C THR RE 324 20.16 54.30 -101.93
N PHE RE 325 19.80 55.49 -101.46
CA PHE RE 325 20.10 55.94 -100.10
C PHE RE 325 18.82 55.99 -99.28
N VAL RE 326 18.77 55.20 -98.22
CA VAL RE 326 17.62 55.13 -97.32
C VAL RE 326 17.93 55.90 -96.04
N ILE RE 327 17.17 56.97 -95.82
CA ILE RE 327 17.26 57.86 -94.67
C ILE RE 327 16.06 57.56 -93.79
N GLN RE 328 16.30 56.96 -92.64
CA GLN RE 328 15.25 56.40 -91.81
C GLN RE 328 15.47 56.71 -90.34
N GLY RE 329 14.40 57.04 -89.64
CA GLY RE 329 14.42 57.22 -88.20
C GLY RE 329 13.47 58.31 -87.75
N ALA RE 330 13.54 58.64 -86.45
CA ALA RE 330 12.81 59.75 -85.86
C ALA RE 330 13.52 61.09 -86.02
N LEU RE 331 13.65 61.51 -87.27
CA LEU RE 331 14.39 62.72 -87.60
C LEU RE 331 13.75 63.95 -86.98
N ASP RE 332 14.60 64.89 -86.56
CA ASP RE 332 14.16 66.17 -86.05
C ASP RE 332 13.89 67.18 -87.17
N ASP RE 333 13.13 68.22 -86.82
CA ASP RE 333 12.79 69.31 -87.73
C ASP RE 333 13.96 69.83 -88.55
N VAL RE 334 15.05 70.17 -87.87
CA VAL RE 334 16.25 70.66 -88.57
C VAL RE 334 16.72 69.64 -89.59
N GLU RE 335 16.82 68.38 -89.18
CA GLU RE 335 17.27 67.35 -90.10
C GLU RE 335 16.37 67.26 -91.32
N ILE RE 336 15.06 67.23 -91.10
CA ILE RE 336 14.12 67.19 -92.24
C ILE RE 336 14.39 68.34 -93.19
N LEU RE 337 14.51 69.56 -92.66
CA LEU RE 337 14.70 70.73 -93.51
C LEU RE 337 15.99 70.64 -94.32
N ARG RE 338 17.11 70.39 -93.65
CA ARG RE 338 18.38 70.29 -94.35
C ARG RE 338 18.41 69.15 -95.36
N ALA RE 339 17.84 68.00 -95.03
CA ALA RE 339 17.73 66.91 -95.99
C ALA RE 339 16.97 67.35 -97.24
N ARG RE 340 15.80 67.94 -97.06
CA ARG RE 340 15.03 68.44 -98.20
C ARG RE 340 15.83 69.38 -99.08
N GLN RE 341 16.43 70.42 -98.50
CA GLN RE 341 17.21 71.36 -99.30
C GLN RE 341 18.30 70.66 -100.10
N PHE RE 342 19.07 69.80 -99.45
CA PHE RE 342 20.14 69.11 -100.16
C PHE RE 342 19.60 68.30 -101.33
N VAL RE 343 18.65 67.41 -101.05
CA VAL RE 343 18.07 66.59 -102.10
C VAL RE 343 17.62 67.42 -103.27
N ASP RE 344 16.90 68.51 -103.00
CA ASP RE 344 16.40 69.26 -104.14
C ASP RE 344 17.51 69.96 -104.90
N SER RE 345 18.61 70.31 -104.24
CA SER RE 345 19.72 70.90 -105.00
C SER RE 345 20.36 69.86 -105.91
N TYR RE 346 20.60 68.66 -105.38
CA TYR RE 346 21.18 67.57 -106.16
C TYR RE 346 20.35 67.25 -107.39
N TYR RE 347 19.05 67.06 -107.19
CA TYR RE 347 18.18 66.64 -108.29
C TYR RE 347 18.21 67.62 -109.46
N ARG RE 348 18.45 68.90 -109.22
CA ARG RE 348 18.44 69.82 -110.35
C ARG RE 348 19.65 69.66 -111.24
N THR RE 349 20.74 69.15 -110.69
CA THR RE 349 21.95 68.87 -111.45
C THR RE 349 21.88 67.52 -112.14
N TRP RE 350 21.61 66.47 -111.40
CA TRP RE 350 21.73 65.13 -111.96
C TRP RE 350 20.42 64.45 -112.37
N GLY RE 351 19.26 65.00 -112.08
CA GLY RE 351 18.05 64.23 -112.32
C GLY RE 351 17.91 63.09 -111.34
N GLY RE 352 16.89 62.28 -111.57
CA GLY RE 352 16.64 61.11 -110.74
C GLY RE 352 16.80 59.73 -111.31
N ARG RE 353 17.56 59.57 -112.38
CA ARG RE 353 17.61 58.27 -113.02
C ARG RE 353 18.60 57.31 -112.36
N TYR RE 354 19.79 57.76 -111.98
CA TYR RE 354 20.76 56.86 -111.38
C TYR RE 354 20.68 56.73 -109.85
N VAL RE 355 20.60 57.85 -109.12
CA VAL RE 355 20.58 57.87 -107.66
C VAL RE 355 19.21 58.23 -107.11
N GLN RE 356 18.69 57.40 -106.21
CA GLN RE 356 17.40 57.60 -105.56
C GLN RE 356 17.52 57.70 -104.04
N PHE RE 357 16.74 58.62 -103.45
CA PHE RE 357 16.67 58.84 -102.01
C PHE RE 357 15.30 58.46 -101.48
N ALA RE 358 15.28 57.83 -100.31
CA ALA RE 358 14.03 57.47 -99.63
C ALA RE 358 14.06 57.93 -98.18
N ILE RE 359 13.19 58.88 -97.83
CA ILE RE 359 13.10 59.45 -96.49
C ILE RE 359 11.85 58.91 -95.81
N GLU RE 360 12.04 58.22 -94.68
CA GLU RE 360 10.93 57.60 -93.96
C GLU RE 360 11.00 57.92 -92.47
N LEU RE 361 9.89 58.43 -91.95
CA LEU RE 361 9.69 58.78 -90.54
C LEU RE 361 9.05 57.63 -89.77
N LYS RE 362 9.71 57.18 -88.70
CA LYS RE 362 9.21 56.09 -87.90
C LYS RE 362 9.37 56.39 -86.41
N ASP RE 363 8.37 55.98 -85.64
CA ASP RE 363 8.40 56.13 -84.18
C ASP RE 363 9.59 55.42 -83.58
N ASP RE 364 10.04 55.93 -82.43
CA ASP RE 364 11.12 55.32 -81.67
C ASP RE 364 10.55 54.60 -80.46
N TRP RE 365 10.85 53.31 -80.36
CA TRP RE 365 10.40 52.52 -79.21
C TRP RE 365 11.21 52.82 -77.96
N LEU RE 366 12.47 53.23 -78.12
CA LEU RE 366 13.42 53.27 -77.01
C LEU RE 366 13.20 54.41 -76.03
N LYS RE 367 12.35 55.38 -76.33
CA LYS RE 367 12.07 56.43 -75.38
C LYS RE 367 11.55 55.91 -74.05
N GLY RE 368 12.33 56.03 -72.99
CA GLY RE 368 11.94 55.57 -71.67
C GLY RE 368 12.20 54.13 -71.32
N ARG RE 369 12.83 53.35 -72.19
CA ARG RE 369 13.02 51.92 -71.96
C ARG RE 369 14.51 51.62 -71.83
N SER RE 370 14.84 50.62 -71.03
CA SER RE 370 16.20 50.11 -70.98
C SER RE 370 16.38 48.98 -71.99
N PHE RE 371 17.61 48.80 -72.45
CA PHE RE 371 17.88 47.80 -73.46
C PHE RE 371 19.34 47.38 -73.41
N GLN RE 372 19.61 46.23 -73.99
CA GLN RE 372 20.97 45.79 -74.27
C GLN RE 372 21.24 45.93 -75.76
N TYR RE 373 22.42 46.43 -76.10
CA TYR RE 373 22.78 46.74 -77.47
C TYR RE 373 24.17 46.18 -77.74
N GLY RE 374 24.47 46.03 -79.01
CA GLY RE 374 25.47 45.09 -79.48
C GLY RE 374 24.83 43.96 -80.24
N ALA RE 375 25.61 42.88 -80.42
CA ALA RE 375 25.11 41.76 -81.22
C ALA RE 375 23.90 41.09 -80.58
N GLU RE 376 23.98 40.77 -79.30
CA GLU RE 376 22.89 40.10 -78.58
C GLU RE 376 21.87 41.06 -78.00
N GLY RE 377 21.44 42.07 -78.76
CA GLY RE 377 20.58 43.08 -78.20
C GLY RE 377 19.16 42.59 -77.98
N TYR RE 378 18.48 43.28 -77.06
CA TYR RE 378 17.06 43.07 -76.81
C TYR RE 378 16.54 44.28 -76.06
N ILE RE 379 15.22 44.45 -76.07
CA ILE RE 379 14.58 45.55 -75.37
C ILE RE 379 13.73 45.02 -74.23
N LYS RE 380 13.83 45.64 -73.07
CA LYS RE 380 12.90 45.38 -71.98
C LYS RE 380 11.65 46.19 -72.19
N MET RE 381 10.57 45.53 -72.64
CA MET RE 381 9.33 46.27 -72.82
C MET RE 381 8.82 46.74 -71.48
N SER RE 382 9.11 45.97 -70.43
CA SER RE 382 8.86 46.32 -69.05
C SER RE 382 9.69 45.38 -68.20
N PRO RE 383 9.74 45.60 -66.90
CA PRO RE 383 10.05 44.47 -66.02
C PRO RE 383 9.21 43.26 -66.39
N GLY RE 384 9.85 42.09 -66.41
CA GLY RE 384 9.16 40.88 -66.79
C GLY RE 384 8.89 40.63 -68.26
N HIS RE 385 9.23 41.54 -69.17
CA HIS RE 385 8.85 41.34 -70.56
C HIS RE 385 10.00 41.70 -71.49
N TRP RE 386 10.45 40.72 -72.28
CA TRP RE 386 11.60 40.86 -73.17
C TRP RE 386 11.13 40.84 -74.62
N TYR RE 387 11.68 41.74 -75.42
CA TYR RE 387 11.51 41.74 -76.87
C TYR RE 387 12.84 41.47 -77.56
N PHE RE 388 12.86 40.51 -78.48
CA PHE RE 388 14.10 40.18 -79.18
C PHE RE 388 13.94 40.58 -80.64
N PRO RE 389 14.82 41.43 -81.17
CA PRO RE 389 14.71 41.82 -82.57
C PRO RE 389 15.48 40.86 -83.46
N SER RE 390 15.12 40.86 -84.74
CA SER RE 390 15.74 39.94 -85.69
C SER RE 390 16.50 40.71 -86.74
N ALA SE 171 17.57 113.71 -117.33
CA ALA SE 171 17.15 113.06 -116.09
C ALA SE 171 17.79 111.69 -115.97
N GLU SE 172 18.94 111.63 -115.30
CA GLU SE 172 19.61 110.35 -115.17
C GLU SE 172 18.79 109.45 -114.24
N LEU SE 173 19.12 108.17 -114.26
CA LEU SE 173 18.50 107.23 -113.34
C LEU SE 173 18.68 107.65 -111.88
N ASP SE 174 19.87 108.15 -111.54
CA ASP SE 174 20.13 108.50 -110.15
C ASP SE 174 19.15 109.54 -109.65
N SER SE 175 18.75 110.48 -110.50
CA SER SE 175 17.82 111.50 -110.05
C SER SE 175 16.44 110.91 -109.78
N LEU SE 176 16.18 109.71 -110.28
CA LEU SE 176 14.93 109.01 -110.07
C LEU SE 176 14.99 108.10 -108.87
N LEU SE 177 16.20 107.72 -108.44
CA LEU SE 177 16.28 106.76 -107.35
C LEU SE 177 15.93 107.38 -106.00
N GLY SE 178 16.51 108.50 -105.63
CA GLY SE 178 16.14 109.07 -104.35
C GLY SE 178 16.80 110.40 -104.09
N GLN SE 179 16.63 110.88 -102.85
CA GLN SE 179 17.39 112.02 -102.35
C GLN SE 179 18.72 111.62 -101.76
N GLU SE 180 18.78 110.51 -101.04
CA GLU SE 180 20.08 109.91 -100.75
C GLU SE 180 20.69 109.42 -102.05
N LYS SE 181 22.01 109.35 -102.08
CA LYS SE 181 22.69 109.15 -103.36
C LYS SE 181 23.67 107.99 -103.26
N GLU SE 182 24.47 107.99 -102.20
CA GLU SE 182 25.45 106.94 -101.96
C GLU SE 182 24.82 105.59 -101.73
N ARG SE 183 23.50 105.53 -101.53
CA ARG SE 183 22.83 104.26 -101.30
C ARG SE 183 22.82 103.34 -102.52
N PHE SE 184 23.01 103.86 -103.72
CA PHE SE 184 22.94 103.07 -104.94
C PHE SE 184 24.12 103.43 -105.84
N GLN SE 185 24.53 102.48 -106.69
CA GLN SE 185 25.66 102.76 -107.55
C GLN SE 185 25.32 102.28 -108.95
N VAL SE 186 25.56 103.12 -109.96
CA VAL SE 186 25.13 102.85 -111.33
C VAL SE 186 26.34 102.55 -112.21
N LEU SE 187 26.35 101.35 -112.79
CA LEU SE 187 27.43 100.84 -113.60
C LEU SE 187 26.96 100.68 -115.04
N PRO SE 188 27.59 101.32 -116.04
CA PRO SE 188 27.24 101.05 -117.44
C PRO SE 188 27.90 99.78 -117.94
N GLY SE 189 27.08 98.79 -118.33
CA GLY SE 189 27.59 97.54 -118.83
C GLY SE 189 27.86 97.52 -120.34
N ARG SE 190 28.72 96.58 -120.73
CA ARG SE 190 29.14 96.44 -122.12
C ARG SE 190 27.99 96.17 -123.09
N ASP SE 191 26.86 95.64 -122.63
CA ASP SE 191 25.69 95.47 -123.48
C ASP SE 191 24.76 96.68 -123.45
N LYS SE 192 25.28 97.84 -123.07
CA LYS SE 192 24.53 99.09 -123.08
C LYS SE 192 23.29 99.00 -122.20
N MET SE 193 23.45 98.43 -121.01
CA MET SE 193 22.37 98.35 -120.05
C MET SE 193 22.92 98.89 -118.74
N LEU SE 194 22.13 99.69 -118.04
CA LEU SE 194 22.53 100.22 -116.74
C LEU SE 194 22.28 99.17 -115.67
N TYR SE 195 23.33 98.77 -114.98
CA TYR SE 195 23.21 97.89 -113.83
C TYR SE 195 23.30 98.70 -112.55
N VAL SE 196 22.25 98.66 -111.75
CA VAL SE 196 22.20 99.36 -110.48
C VAL SE 196 22.57 98.37 -109.39
N ALA SE 197 23.64 98.64 -108.67
CA ALA SE 197 24.04 97.80 -107.55
C ALA SE 197 23.46 98.35 -106.27
N ALA SE 198 22.91 97.43 -105.46
CA ALA SE 198 22.24 97.74 -104.20
C ALA SE 198 22.82 96.88 -103.08
N GLN SE 199 22.82 97.42 -101.86
CA GLN SE 199 23.52 96.79 -100.75
C GLN SE 199 22.73 95.65 -100.09
N ASN SE 200 21.41 95.60 -100.22
CA ASN SE 200 20.62 94.63 -99.46
C ASN SE 200 19.23 94.52 -100.08
N GLU SE 201 18.42 93.63 -99.48
CA GLU SE 201 17.11 93.31 -100.04
C GLU SE 201 16.16 94.50 -100.07
N ARG SE 202 16.10 95.25 -98.98
CA ARG SE 202 15.13 96.33 -98.91
C ARG SE 202 15.48 97.43 -99.92
N ASP SE 203 16.76 97.72 -100.05
CA ASP SE 203 17.22 98.65 -101.09
C ASP SE 203 16.95 98.11 -102.48
N THR SE 204 17.10 96.80 -102.66
CA THR SE 204 16.79 96.18 -103.94
C THR SE 204 15.33 96.39 -104.33
N LEU SE 205 14.41 96.13 -103.40
CA LEU SE 205 13.00 96.36 -103.71
C LEU SE 205 12.70 97.84 -103.92
N TRP SE 206 13.39 98.72 -103.20
CA TRP SE 206 13.24 100.14 -103.44
C TRP SE 206 13.62 100.51 -104.85
N ALA SE 207 14.67 99.90 -105.38
CA ALA SE 207 15.05 100.21 -106.74
C ALA SE 207 14.11 99.57 -107.74
N ARG SE 208 13.87 98.27 -107.61
CA ARG SE 208 13.04 97.57 -108.58
C ARG SE 208 11.66 98.20 -108.75
N GLN SE 209 11.11 98.80 -107.70
CA GLN SE 209 9.85 99.51 -107.90
C GLN SE 209 9.95 100.59 -108.98
N VAL SE 210 11.06 101.34 -109.00
CA VAL SE 210 11.19 102.43 -109.97
C VAL SE 210 11.20 101.91 -111.40
N LEU SE 211 11.86 100.78 -111.63
CA LEU SE 211 11.87 100.20 -112.97
C LEU SE 211 10.50 99.63 -113.33
N ALA SE 212 9.93 98.81 -112.45
CA ALA SE 212 8.66 98.17 -112.77
C ALA SE 212 7.57 99.21 -112.99
N ARG SE 213 7.62 100.31 -112.28
CA ARG SE 213 6.68 101.38 -112.53
C ARG SE 213 6.83 101.94 -113.94
N GLY SE 214 7.98 101.74 -114.56
CA GLY SE 214 8.28 102.32 -115.86
C GLY SE 214 8.56 103.81 -115.82
N ASP SE 215 9.10 104.31 -114.72
CA ASP SE 215 9.51 105.69 -114.66
C ASP SE 215 10.67 105.99 -115.61
N TYR SE 216 11.65 105.10 -115.68
CA TYR SE 216 12.68 105.18 -116.70
C TYR SE 216 12.26 104.51 -117.99
N ASP SE 217 12.76 105.04 -119.10
CA ASP SE 217 12.37 104.60 -120.44
C ASP SE 217 13.34 103.63 -121.09
N LYS SE 218 14.64 103.78 -120.87
CA LYS SE 218 15.59 102.80 -121.37
C LYS SE 218 15.64 101.54 -120.51
N ASN SE 219 16.48 100.60 -120.94
CA ASN SE 219 16.75 99.36 -120.25
C ASN SE 219 17.56 99.56 -118.96
N ALA SE 220 17.30 98.70 -117.99
CA ALA SE 220 18.13 98.67 -116.78
C ALA SE 220 17.93 97.33 -116.10
N ARG SE 221 18.83 97.02 -115.18
CA ARG SE 221 18.74 95.84 -114.34
C ARG SE 221 19.31 96.19 -112.97
N VAL SE 222 18.90 95.43 -111.94
CA VAL SE 222 19.24 95.75 -110.56
C VAL SE 222 19.73 94.49 -109.86
N ILE SE 223 20.85 94.62 -109.15
CA ILE SE 223 21.64 93.47 -108.72
C ILE SE 223 22.14 93.67 -107.29
N ASN SE 224 22.45 92.54 -106.64
CA ASN SE 224 23.10 92.53 -105.34
C ASN SE 224 23.94 91.27 -105.22
N GLU SE 225 24.85 91.29 -104.24
CA GLU SE 225 25.89 90.27 -104.15
C GLU SE 225 25.34 88.86 -104.08
N ASN SE 226 24.26 88.65 -103.36
CA ASN SE 226 23.80 87.29 -103.09
C ASN SE 226 23.28 86.61 -104.36
N GLU SE 227 22.39 87.29 -105.07
CA GLU SE 227 21.84 86.72 -106.29
C GLU SE 227 22.93 86.45 -107.31
N GLU SE 228 23.94 87.31 -107.38
CA GLU SE 228 25.02 87.07 -108.32
C GLU SE 228 25.80 85.83 -107.94
N ASN SE 229 26.13 85.68 -106.66
CA ASN SE 229 26.73 84.43 -106.23
C ASN SE 229 25.92 83.22 -106.68
N LYS SE 230 24.60 83.23 -106.42
CA LYS SE 230 23.76 82.11 -106.84
C LYS SE 230 23.81 81.83 -108.34
N ARG SE 231 23.56 82.86 -109.16
CA ARG SE 231 23.60 82.71 -110.61
C ARG SE 231 24.91 82.10 -111.09
N ILE SE 232 26.03 82.67 -110.65
CA ILE SE 232 27.33 82.15 -111.06
C ILE SE 232 27.50 80.71 -110.61
N SER SE 233 27.09 80.37 -109.40
CA SER SE 233 27.19 78.98 -108.97
C SER SE 233 26.41 78.05 -109.88
N ILE SE 234 25.19 78.43 -110.24
CA ILE SE 234 24.40 77.59 -111.16
C ILE SE 234 25.13 77.37 -112.47
N TRP SE 235 25.77 78.40 -113.01
CA TRP SE 235 26.51 78.22 -114.26
C TRP SE 235 27.71 77.28 -114.09
N LEU SE 236 28.50 77.51 -113.05
CA LEU SE 236 29.62 76.63 -112.77
C LEU SE 236 29.17 75.19 -112.62
N ASP SE 237 28.03 74.95 -111.97
CA ASP SE 237 27.53 73.58 -111.84
C ASP SE 237 27.46 72.86 -113.18
N THR SE 238 27.18 73.58 -114.26
CA THR SE 238 27.09 72.96 -115.59
C THR SE 238 28.45 72.80 -116.23
N TYR SE 239 29.18 73.89 -116.41
CA TYR SE 239 30.42 73.82 -117.18
C TYR SE 239 31.68 73.45 -116.41
N TYR SE 240 31.70 73.50 -115.10
CA TYR SE 240 32.89 73.15 -114.32
C TYR SE 240 32.48 72.31 -113.13
N PRO SE 241 31.89 71.14 -113.39
CA PRO SE 241 31.10 70.44 -112.38
C PRO SE 241 31.90 69.89 -111.22
N GLN SE 242 33.22 70.06 -111.17
CA GLN SE 242 33.99 69.54 -110.06
C GLN SE 242 34.89 70.59 -109.41
N LEU SE 243 34.79 71.84 -109.85
CA LEU SE 243 35.65 72.89 -109.33
C LEU SE 243 35.41 73.08 -107.85
N ALA SE 244 36.46 73.38 -107.09
CA ALA SE 244 36.34 73.75 -105.69
C ALA SE 244 36.61 75.23 -105.52
N TYR SE 245 35.61 75.96 -105.00
CA TYR SE 245 35.75 77.40 -104.85
C TYR SE 245 34.99 77.84 -103.61
N TYR SE 246 35.29 79.05 -103.15
CA TYR SE 246 34.61 79.58 -101.97
C TYR SE 246 33.54 80.62 -102.29
N ARG SE 247 33.95 81.78 -102.79
CA ARG SE 247 32.98 82.84 -103.04
C ARG SE 247 33.60 83.84 -103.99
N ILE SE 248 32.75 84.69 -104.57
CA ILE SE 248 33.16 85.89 -105.28
C ILE SE 248 32.73 87.13 -104.52
N HIS SE 249 33.67 88.06 -104.30
CA HIS SE 249 33.47 89.23 -103.48
C HIS SE 249 33.34 90.48 -104.35
N PHE SE 250 32.30 91.28 -104.12
CA PHE SE 250 31.95 92.41 -104.98
C PHE SE 250 32.15 93.75 -104.27
N ASP SE 251 33.12 93.85 -103.38
CA ASP SE 251 33.42 95.13 -102.74
C ASP SE 251 33.84 96.20 -103.75
N GLU SE 252 34.41 95.79 -104.88
CA GLU SE 252 34.61 96.63 -106.05
C GLU SE 252 33.95 95.93 -107.23
N PRO SE 253 32.69 96.23 -107.52
CA PRO SE 253 31.99 95.45 -108.55
C PRO SE 253 32.69 95.47 -109.89
N ARG SE 254 33.56 96.45 -110.15
CA ARG SE 254 34.26 96.45 -111.41
C ARG SE 254 35.38 95.42 -111.45
N LYS SE 255 35.85 94.94 -110.32
CA LYS SE 255 36.99 94.02 -110.27
C LYS SE 255 36.82 92.96 -109.20
N PRO SE 256 35.84 92.08 -109.36
CA PRO SE 256 35.57 91.07 -108.35
C PRO SE 256 36.78 90.19 -108.07
N VAL SE 257 36.76 89.58 -106.89
CA VAL SE 257 37.80 88.69 -106.40
C VAL SE 257 37.18 87.31 -106.20
N PHE SE 258 37.75 86.30 -106.86
CA PHE SE 258 37.24 84.93 -106.86
C PHE SE 258 38.24 84.03 -106.16
N TRP SE 259 37.86 83.51 -105.00
CA TRP SE 259 38.72 82.64 -104.18
C TRP SE 259 38.55 81.17 -104.54
N LEU SE 260 39.58 80.58 -105.12
CA LEU SE 260 39.61 79.14 -105.34
C LEU SE 260 40.35 78.46 -104.19
N SER SE 261 40.07 77.18 -104.01
CA SER SE 261 40.91 76.35 -103.14
C SER SE 261 42.24 76.06 -103.79
N ARG SE 262 43.32 76.18 -102.99
CA ARG SE 262 44.63 75.72 -103.45
C ARG SE 262 44.75 74.20 -103.51
N GLN SE 263 44.38 73.51 -102.45
CA GLN SE 263 44.72 72.09 -102.37
C GLN SE 263 43.78 71.17 -103.13
N ARG SE 264 42.53 71.56 -103.35
CA ARG SE 264 41.57 70.69 -104.02
C ARG SE 264 41.41 70.99 -105.49
N ASN SE 265 42.34 71.73 -106.09
CA ASN SE 265 42.27 72.02 -107.52
C ASN SE 265 43.60 71.72 -108.17
N THR SE 266 43.52 71.35 -109.44
CA THR SE 266 44.69 71.22 -110.31
C THR SE 266 44.38 71.85 -111.66
N MET SE 267 44.90 73.05 -111.87
CA MET SE 267 44.68 73.77 -113.12
C MET SE 267 45.95 74.49 -113.50
N SER SE 268 46.14 74.70 -114.79
CA SER SE 268 47.28 75.42 -115.31
C SER SE 268 46.96 76.90 -115.47
N LYS SE 269 48.02 77.71 -115.53
CA LYS SE 269 47.83 79.14 -115.68
C LYS SE 269 46.96 79.45 -116.89
N LYS SE 270 47.16 78.73 -117.98
CA LYS SE 270 46.33 78.92 -119.16
C LYS SE 270 44.86 78.69 -118.85
N GLU SE 271 44.56 77.57 -118.21
CA GLU SE 271 43.18 77.30 -117.84
C GLU SE 271 42.60 78.36 -116.93
N LEU SE 272 43.36 78.78 -115.91
CA LEU SE 272 42.89 79.84 -115.04
C LEU SE 272 42.56 81.11 -115.83
N GLU SE 273 43.41 81.46 -116.78
CA GLU SE 273 43.12 82.58 -117.66
C GLU SE 273 41.83 82.37 -118.43
N VAL SE 274 41.63 81.18 -118.98
CA VAL SE 274 40.44 80.93 -119.77
C VAL SE 274 39.20 81.09 -118.90
N LEU SE 275 39.20 80.44 -117.74
CA LEU SE 275 38.12 80.61 -116.77
C LEU SE 275 37.85 82.08 -116.45
N SER SE 276 38.90 82.85 -116.22
CA SER SE 276 38.73 84.29 -116.01
C SER SE 276 37.98 84.95 -117.16
N GLN SE 277 38.46 84.75 -118.38
CA GLN SE 277 37.83 85.34 -119.54
C GLN SE 277 36.38 84.91 -119.69
N LYS SE 278 36.09 83.65 -119.44
CA LYS SE 278 34.70 83.18 -119.51
C LYS SE 278 33.81 83.86 -118.47
N LEU SE 279 34.26 83.91 -117.22
CA LEU SE 279 33.46 84.61 -116.21
C LEU SE 279 33.24 86.07 -116.58
N ARG SE 280 34.25 86.72 -117.13
CA ARG SE 280 34.08 88.11 -117.56
C ARG SE 280 32.88 88.26 -118.47
N ALA SE 281 32.59 87.26 -119.30
CA ALA SE 281 31.45 87.37 -120.20
C ALA SE 281 30.13 87.37 -119.46
N LEU SE 282 30.01 86.63 -118.36
CA LEU SE 282 28.78 86.63 -117.58
C LEU SE 282 28.50 87.97 -116.90
N MET SE 283 29.53 88.69 -116.54
CA MET SE 283 29.41 89.91 -115.75
C MET SE 283 29.76 91.09 -116.63
N PRO SE 284 28.84 91.53 -117.49
CA PRO SE 284 29.18 92.57 -118.45
C PRO SE 284 29.47 93.92 -117.82
N TYR SE 285 29.12 94.12 -116.56
CA TYR SE 285 29.53 95.33 -115.87
C TYR SE 285 30.92 95.20 -115.28
N ALA SE 286 31.54 94.03 -115.33
CA ALA SE 286 32.90 93.84 -114.87
C ALA SE 286 33.93 94.19 -115.94
N ASP SE 287 35.03 94.79 -115.50
CA ASP SE 287 36.21 94.99 -116.34
C ASP SE 287 37.14 93.79 -116.31
N SER SE 288 37.30 93.17 -115.14
CA SER SE 288 38.22 92.05 -115.00
C SER SE 288 37.87 91.30 -113.73
N VAL SE 289 38.28 90.04 -113.70
CA VAL SE 289 38.10 89.15 -112.56
C VAL SE 289 39.46 88.74 -112.05
N ASN SE 290 39.73 88.98 -110.76
CA ASN SE 290 40.98 88.56 -110.16
C ASN SE 290 40.76 87.25 -109.41
N ILE SE 291 41.52 86.23 -109.79
CA ILE SE 291 41.46 84.91 -109.18
C ILE SE 291 42.59 84.76 -108.19
N THR SE 292 42.25 84.34 -106.97
CA THR SE 292 43.18 84.20 -105.87
C THR SE 292 42.97 82.84 -105.24
N LEU SE 293 44.02 82.32 -104.60
CA LEU SE 293 43.99 80.98 -104.05
C LEU SE 293 44.10 81.05 -102.53
N MET SE 294 43.32 80.20 -101.87
CA MET SE 294 43.20 80.17 -100.42
C MET SE 294 43.57 78.79 -99.91
N ASP SE 295 43.88 78.72 -98.62
CA ASP SE 295 44.29 77.48 -97.97
C ASP SE 295 43.17 76.93 -97.11
N ASP SE 296 42.82 75.66 -97.34
CA ASP SE 296 41.74 75.03 -96.59
C ASP SE 296 42.05 74.90 -95.11
N VAL SE 297 43.32 74.87 -94.73
CA VAL SE 297 43.65 74.77 -93.32
C VAL SE 297 43.30 76.06 -92.60
N THR SE 298 43.50 77.20 -93.27
CA THR SE 298 43.12 78.46 -92.65
C THR SE 298 41.62 78.53 -92.35
N ALA SE 299 40.79 78.09 -93.29
CA ALA SE 299 39.34 78.20 -93.08
C ALA SE 299 38.87 77.35 -91.91
N ALA SE 300 39.48 76.19 -91.71
CA ALA SE 300 39.14 75.39 -90.54
C ALA SE 300 39.66 76.04 -89.27
N GLY SE 301 40.92 76.46 -89.27
CA GLY SE 301 41.45 77.06 -88.06
C GLY SE 301 40.64 78.27 -87.64
N GLN SE 302 40.22 79.09 -88.59
CA GLN SE 302 39.36 80.23 -88.28
C GLN SE 302 37.97 79.84 -87.82
N ALA SE 303 37.46 78.68 -88.22
CA ALA SE 303 36.18 78.25 -87.63
C ALA SE 303 36.38 77.80 -86.18
N GLU SE 304 37.29 76.88 -85.96
CA GLU SE 304 37.43 76.33 -84.62
C GLU SE 304 37.84 77.39 -83.62
N ALA SE 305 38.81 78.23 -83.98
CA ALA SE 305 39.16 79.34 -83.11
C ALA SE 305 37.98 80.25 -82.82
N GLY SE 306 37.08 80.42 -83.78
CA GLY SE 306 35.92 81.26 -83.51
C GLY SE 306 34.84 80.63 -82.68
N LEU SE 307 34.89 79.32 -82.46
CA LEU SE 307 34.05 78.73 -81.42
C LEU SE 307 34.73 78.78 -80.06
N LYS SE 308 36.02 78.44 -80.01
CA LYS SE 308 36.73 78.46 -78.76
C LYS SE 308 36.71 79.85 -78.16
N GLN SE 309 36.92 80.87 -78.98
CA GLN SE 309 36.83 82.25 -78.51
C GLN SE 309 35.43 82.63 -78.06
N GLN SE 310 34.42 81.78 -78.26
CA GLN SE 310 33.10 82.04 -77.71
C GLN SE 310 32.71 81.04 -76.63
N ALA SE 311 33.64 80.17 -76.24
CA ALA SE 311 33.41 79.16 -75.21
C ALA SE 311 32.24 78.23 -75.49
N LEU SE 312 31.80 78.09 -76.74
CA LEU SE 312 30.68 77.21 -77.02
C LEU SE 312 31.11 75.75 -76.90
N PRO SE 313 30.23 74.86 -76.46
CA PRO SE 313 30.49 73.42 -76.56
C PRO SE 313 30.18 72.90 -77.96
N TYR SE 314 31.14 72.19 -78.55
CA TYR SE 314 30.99 71.75 -79.93
C TYR SE 314 31.71 70.43 -80.17
N SER SE 315 31.41 69.82 -81.31
CA SER SE 315 32.11 68.65 -81.82
C SER SE 315 32.52 68.91 -83.27
N ARG SE 316 33.65 68.33 -83.68
CA ARG SE 316 34.15 68.47 -85.05
C ARG SE 316 34.27 67.11 -85.73
N ARG SE 317 33.75 67.02 -86.95
CA ARG SE 317 33.90 65.82 -87.78
C ARG SE 317 34.54 66.19 -89.12
N ASN SE 318 35.63 65.50 -89.46
CA ASN SE 318 36.36 65.75 -90.69
C ASN SE 318 35.98 64.75 -91.77
N HIS SE 319 35.74 65.26 -92.97
CA HIS SE 319 35.51 64.47 -94.16
C HIS SE 319 36.48 64.94 -95.23
N LYS SE 320 36.67 64.09 -96.23
CA LYS SE 320 37.62 64.38 -97.28
C LYS SE 320 37.32 65.70 -97.96
N GLY SE 321 36.06 66.06 -98.07
CA GLY SE 321 35.66 67.27 -98.72
C GLY SE 321 35.31 68.43 -97.80
N GLY SE 322 35.26 68.24 -96.50
CA GLY SE 322 34.72 69.30 -95.67
C GLY SE 322 34.81 68.99 -94.20
N VAL SE 323 34.34 69.94 -93.39
CA VAL SE 323 34.34 69.80 -91.94
C VAL SE 323 32.96 70.20 -91.46
N THR SE 324 32.44 69.45 -90.50
CA THR SE 324 31.11 69.66 -89.95
C THR SE 324 31.13 69.82 -88.44
N PHE SE 325 30.65 70.97 -87.97
CA PHE SE 325 30.74 71.35 -86.56
C PHE SE 325 29.35 71.22 -85.99
N VAL SE 326 29.21 70.46 -84.91
CA VAL SE 326 27.90 70.19 -84.30
C VAL SE 326 27.80 70.86 -82.94
N ILE SE 327 26.67 71.53 -82.69
CA ILE SE 327 26.38 72.25 -81.46
C ILE SE 327 24.98 71.84 -81.03
N GLN SE 328 24.86 71.07 -79.95
CA GLN SE 328 23.55 70.52 -79.63
C GLN SE 328 23.39 70.33 -78.13
N GLY SE 329 22.12 70.25 -77.71
CA GLY SE 329 21.72 69.98 -76.34
C GLY SE 329 20.89 71.07 -75.70
N ALA SE 330 20.81 71.10 -74.37
CA ALA SE 330 20.17 72.19 -73.64
C ALA SE 330 20.99 73.47 -73.61
N LEU SE 331 21.13 74.12 -74.75
CA LEU SE 331 21.80 75.42 -74.82
C LEU SE 331 21.03 76.52 -74.13
N ASP SE 332 21.77 77.46 -73.55
CA ASP SE 332 21.21 78.64 -72.89
C ASP SE 332 20.94 79.77 -73.89
N ASP SE 333 20.06 80.70 -73.50
CA ASP SE 333 19.73 81.86 -74.32
C ASP SE 333 20.94 82.71 -74.71
N VAL SE 334 21.95 82.78 -73.87
CA VAL SE 334 23.14 83.52 -74.25
C VAL SE 334 23.96 82.74 -75.26
N GLU SE 335 24.07 81.43 -75.07
CA GLU SE 335 24.81 80.64 -76.03
C GLU SE 335 24.14 80.69 -77.39
N ILE SE 336 22.82 80.60 -77.44
CA ILE SE 336 22.12 80.72 -78.71
C ILE SE 336 22.34 82.06 -79.37
N LEU SE 337 22.36 83.14 -78.60
CA LEU SE 337 22.59 84.44 -79.23
C LEU SE 337 24.00 84.58 -79.78
N ARG SE 338 25.01 84.23 -78.99
CA ARG SE 338 26.37 84.37 -79.48
C ARG SE 338 26.68 83.41 -80.62
N ALA SE 339 26.11 82.22 -80.59
CA ALA SE 339 26.26 81.30 -81.72
C ALA SE 339 25.69 81.89 -83.00
N ARG SE 340 24.46 82.38 -82.97
CA ARG SE 340 23.90 82.91 -84.21
C ARG SE 340 24.68 84.10 -84.72
N GLN SE 341 25.16 84.96 -83.83
CA GLN SE 341 25.95 86.10 -84.30
C GLN SE 341 27.24 85.66 -84.96
N PHE SE 342 27.95 84.73 -84.36
CA PHE SE 342 29.20 84.29 -84.98
C PHE SE 342 28.95 83.59 -86.29
N VAL SE 343 28.05 82.63 -86.32
CA VAL SE 343 27.83 81.88 -87.55
C VAL SE 343 27.45 82.81 -88.69
N ASP SE 344 26.63 83.83 -88.40
CA ASP SE 344 26.28 84.75 -89.46
C ASP SE 344 27.39 85.74 -89.78
N SER SE 345 28.44 85.81 -88.97
CA SER SE 345 29.58 86.64 -89.35
C SER SE 345 30.59 85.87 -90.19
N TYR SE 346 30.76 84.59 -89.91
CA TYR SE 346 31.60 83.71 -90.72
C TYR SE 346 31.03 83.51 -92.12
N TYR SE 347 29.72 83.29 -92.20
CA TYR SE 347 29.12 82.94 -93.49
C TYR SE 347 29.40 83.95 -94.58
N ARG SE 348 29.32 85.25 -94.28
CA ARG SE 348 29.58 86.22 -95.34
C ARG SE 348 31.01 86.16 -95.84
N THR SE 349 31.96 85.80 -94.99
CA THR SE 349 33.35 85.80 -95.42
C THR SE 349 33.66 84.56 -96.24
N TRP SE 350 33.20 83.40 -95.81
CA TRP SE 350 33.62 82.16 -96.43
C TRP SE 350 32.51 81.41 -97.16
N GLY SE 351 31.26 81.79 -96.97
CA GLY SE 351 30.14 81.02 -97.46
C GLY SE 351 29.99 79.65 -96.83
N GLY SE 352 29.07 78.88 -97.40
CA GLY SE 352 28.71 77.57 -96.87
C GLY SE 352 29.19 76.34 -97.61
N ARG SE 353 30.24 76.44 -98.41
CA ARG SE 353 30.64 75.32 -99.24
C ARG SE 353 31.59 74.34 -98.58
N TYR SE 354 32.58 74.82 -97.85
CA TYR SE 354 33.50 73.91 -97.19
C TYR SE 354 33.06 73.52 -95.78
N VAL SE 355 32.68 74.48 -94.94
CA VAL SE 355 32.39 74.25 -93.53
C VAL SE 355 30.92 74.52 -93.26
N GLN SE 356 30.26 73.58 -92.57
CA GLN SE 356 28.87 73.68 -92.16
C GLN SE 356 28.72 73.60 -90.65
N PHE SE 357 27.75 74.33 -90.12
CA PHE SE 357 27.36 74.31 -88.72
C PHE SE 357 25.95 73.76 -88.57
N ALA SE 358 25.74 72.90 -87.58
CA ALA SE 358 24.40 72.40 -87.24
C ALA SE 358 24.07 72.69 -85.79
N ILE SE 359 22.97 73.40 -85.56
CA ILE SE 359 22.54 73.80 -84.22
C ILE SE 359 21.22 73.10 -83.90
N GLU SE 360 21.21 72.30 -82.84
CA GLU SE 360 20.07 71.43 -82.55
C GLU SE 360 19.76 71.44 -81.06
N LEU SE 361 18.58 71.93 -80.71
CA LEU SE 361 18.10 71.91 -79.32
C LEU SE 361 17.54 70.53 -78.99
N LYS SE 362 18.41 69.65 -78.51
CA LYS SE 362 17.97 68.39 -77.94
C LYS SE 362 17.64 68.58 -76.47
N ASP SE 363 16.90 67.63 -75.92
CA ASP SE 363 16.58 67.59 -74.50
C ASP SE 363 17.70 67.00 -73.65
N ASP SE 364 18.95 67.37 -73.91
CA ASP SE 364 20.12 66.70 -73.39
C ASP SE 364 20.96 67.68 -72.58
N TRP SE 365 21.11 67.42 -71.29
CA TRP SE 365 21.81 68.35 -70.41
C TRP SE 365 23.33 68.24 -70.48
N LEU SE 366 23.88 67.14 -70.98
CA LEU SE 366 25.34 67.07 -71.12
C LEU SE 366 25.85 67.72 -72.39
N LYS SE 367 24.98 68.38 -73.15
CA LYS SE 367 25.38 69.18 -74.30
C LYS SE 367 26.26 68.40 -75.28
N GLY SE 368 25.94 67.14 -75.49
CA GLY SE 368 26.56 66.33 -76.51
C GLY SE 368 27.69 65.42 -76.06
N ARG SE 369 28.29 65.67 -74.91
CA ARG SE 369 29.24 64.71 -74.37
C ARG SE 369 28.52 63.43 -73.96
N SER SE 370 29.24 62.31 -74.07
CA SER SE 370 28.67 61.03 -73.64
C SER SE 370 29.78 60.14 -73.10
N PHE SE 371 29.41 59.29 -72.15
CA PHE SE 371 30.37 58.46 -71.45
C PHE SE 371 29.77 57.09 -71.21
N GLN SE 372 30.66 56.13 -70.97
CA GLN SE 372 30.27 54.77 -70.61
C GLN SE 372 31.09 54.36 -69.41
N TYR SE 373 30.44 53.78 -68.42
CA TYR SE 373 31.08 53.45 -67.15
C TYR SE 373 31.49 52.00 -67.12
N GLY SE 374 32.74 51.73 -66.73
CA GLY SE 374 33.24 50.38 -66.62
C GLY SE 374 34.00 50.19 -65.32
N ALA SE 375 34.50 48.97 -65.14
CA ALA SE 375 35.35 48.70 -63.99
C ALA SE 375 36.58 49.59 -63.99
N GLU SE 376 36.97 50.09 -65.16
CA GLU SE 376 38.09 51.01 -65.26
C GLU SE 376 37.80 52.41 -64.74
N GLY SE 377 36.54 52.79 -64.63
CA GLY SE 377 36.15 54.19 -64.64
C GLY SE 377 35.39 54.54 -65.90
N TYR SE 378 35.21 55.85 -66.10
CA TYR SE 378 34.54 56.32 -67.30
C TYR SE 378 35.40 56.20 -68.54
N ILE SE 379 34.72 56.12 -69.68
CA ILE SE 379 35.31 56.09 -71.01
C ILE SE 379 34.48 57.03 -71.88
N LYS SE 380 35.12 57.73 -72.79
CA LYS SE 380 34.40 58.60 -73.69
C LYS SE 380 33.72 57.80 -74.79
N MET SE 381 32.52 58.22 -75.18
CA MET SE 381 31.77 57.54 -76.24
C MET SE 381 32.02 58.17 -77.59
N SER SE 382 31.71 57.42 -78.64
CA SER SE 382 31.67 57.99 -79.98
C SER SE 382 30.34 58.70 -80.23
N PRO SE 383 30.33 59.70 -81.11
CA PRO SE 383 29.07 60.29 -81.57
C PRO SE 383 28.13 59.27 -82.19
N GLY SE 384 26.85 59.63 -82.24
CA GLY SE 384 25.84 58.82 -82.87
C GLY SE 384 24.54 59.59 -82.97
N HIS SE 385 23.59 59.00 -83.67
CA HIS SE 385 22.28 59.63 -83.81
C HIS SE 385 21.44 59.56 -82.54
N TRP SE 386 21.40 58.41 -81.89
CA TRP SE 386 20.70 58.34 -80.62
C TRP SE 386 21.46 59.09 -79.53
N TYR SE 387 20.70 59.52 -78.52
CA TYR SE 387 21.24 60.11 -77.30
C TYR SE 387 20.34 59.73 -76.13
N PHE SE 388 20.95 59.75 -74.95
CA PHE SE 388 20.25 59.46 -73.71
C PHE SE 388 19.62 60.72 -73.14
N PRO SE 389 18.29 60.80 -73.03
CA PRO SE 389 17.67 62.00 -72.48
C PRO SE 389 17.92 62.12 -71.00
N SER SE 390 18.03 63.37 -70.53
CA SER SE 390 18.39 63.59 -69.15
C SER SE 390 17.29 63.13 -68.21
N PRO SE 391 17.63 62.48 -67.10
CA PRO SE 391 16.62 62.22 -66.06
C PRO SE 391 16.32 63.41 -65.18
N LEU SE 392 17.19 64.41 -65.16
CA LEU SE 392 17.00 65.58 -64.31
C LEU SE 392 15.75 66.35 -64.76
N ALA TE 171 24.04 129.81 -97.20
CA ALA TE 171 23.55 129.04 -96.06
C ALA TE 171 24.50 127.90 -95.75
N GLU TE 172 25.37 128.10 -94.76
CA GLU TE 172 26.27 127.03 -94.40
C GLU TE 172 25.50 125.89 -93.75
N LEU TE 173 26.15 124.75 -93.66
CA LEU TE 173 25.53 123.59 -93.03
C LEU TE 173 25.49 123.75 -91.51
N ASP TE 174 26.56 124.32 -90.95
CA ASP TE 174 26.65 124.50 -89.52
C ASP TE 174 25.53 125.39 -89.00
N SER TE 175 25.01 126.29 -89.82
CA SER TE 175 23.87 127.10 -89.40
C SER TE 175 22.58 126.31 -89.40
N LEU TE 176 22.49 125.25 -90.18
CA LEU TE 176 21.29 124.46 -90.27
C LEU TE 176 21.26 123.34 -89.26
N LEU TE 177 22.40 123.00 -88.69
CA LEU TE 177 22.41 121.89 -87.76
C LEU TE 177 21.99 122.28 -86.36
N GLY TE 178 22.05 123.56 -85.99
CA GLY TE 178 21.60 123.92 -84.66
C GLY TE 178 22.32 125.04 -83.94
N GLN TE 179 21.74 125.43 -82.81
CA GLN TE 179 22.33 126.44 -81.94
C GLN TE 179 23.55 125.92 -81.21
N GLU TE 180 23.54 124.65 -80.82
CA GLU TE 180 24.69 124.00 -80.18
C GLU TE 180 25.79 123.68 -81.18
N LYS TE 181 26.33 124.74 -81.79
CA LYS TE 181 27.23 124.60 -82.94
C LYS TE 181 28.35 123.60 -82.69
N GLU TE 182 28.95 123.63 -81.51
CA GLU TE 182 30.09 122.77 -81.21
C GLU TE 182 29.70 121.32 -80.98
N ARG TE 183 28.42 120.98 -81.05
CA ARG TE 183 28.01 119.59 -80.95
C ARG TE 183 28.39 118.78 -82.19
N PHE TE 184 28.44 119.43 -83.35
CA PHE TE 184 28.77 118.82 -84.63
C PHE TE 184 30.05 119.42 -85.18
N GLN TE 185 30.70 118.67 -86.07
CA GLN TE 185 31.93 119.12 -86.70
C GLN TE 185 31.90 118.74 -88.17
N VAL TE 186 32.05 119.76 -89.02
CA VAL TE 186 31.99 119.65 -90.48
C VAL TE 186 33.39 119.59 -91.07
N LEU TE 187 33.65 118.58 -91.89
CA LEU TE 187 34.95 118.35 -92.50
C LEU TE 187 34.79 118.25 -94.02
N PRO TE 188 35.55 119.00 -94.80
CA PRO TE 188 35.57 118.79 -96.25
C PRO TE 188 36.51 117.66 -96.62
N GLY TE 189 36.20 116.99 -97.76
CA GLY TE 189 37.03 115.92 -98.24
C GLY TE 189 37.43 116.07 -99.71
N ARG TE 190 38.39 115.22 -100.10
CA ARG TE 190 38.93 115.22 -101.46
C ARG TE 190 37.88 114.98 -102.54
N ASP TE 191 36.84 114.19 -102.26
CA ASP TE 191 35.84 113.90 -103.27
C ASP TE 191 34.76 114.98 -103.34
N LYS TE 192 35.06 116.18 -102.86
CA LYS TE 192 34.15 117.32 -102.92
C LYS TE 192 32.87 117.07 -102.14
N MET TE 193 33.01 116.49 -100.96
CA MET TE 193 31.84 116.14 -100.16
C MET TE 193 32.14 116.54 -98.72
N LEU TE 194 31.10 116.99 -98.04
CA LEU TE 194 31.17 117.31 -96.62
C LEU TE 194 30.82 116.11 -95.75
N TYR TE 195 31.66 115.87 -94.76
CA TYR TE 195 31.51 114.79 -93.79
C TYR TE 195 31.20 115.42 -92.45
N VAL TE 196 30.06 115.07 -91.87
CA VAL TE 196 29.61 115.57 -90.58
C VAL TE 196 29.88 114.49 -89.57
N ALA TE 197 30.72 114.80 -88.58
CA ALA TE 197 31.13 113.85 -87.56
C ALA TE 197 30.25 114.01 -86.33
N ALA TE 198 29.65 112.90 -85.91
CA ALA TE 198 28.77 112.84 -84.75
C ALA TE 198 29.43 112.00 -83.67
N GLN TE 199 28.91 112.13 -82.45
CA GLN TE 199 29.43 111.40 -81.30
C GLN TE 199 28.59 110.18 -80.94
N ASN TE 200 27.32 110.14 -81.33
CA ASN TE 200 26.50 109.00 -80.93
C ASN TE 200 25.26 108.95 -81.81
N GLU TE 201 24.50 107.87 -81.63
CA GLU TE 201 23.32 107.60 -82.44
C GLU TE 201 22.30 108.72 -82.45
N ARG TE 202 21.92 109.20 -81.27
CA ARG TE 202 20.91 110.24 -81.22
C ARG TE 202 21.29 111.46 -82.05
N ASP TE 203 22.52 111.94 -81.91
CA ASP TE 203 22.99 113.05 -82.74
C ASP TE 203 23.06 112.67 -84.21
N THR TE 204 23.52 111.46 -84.51
CA THR TE 204 23.54 110.98 -85.89
C THR TE 204 22.17 111.09 -86.54
N LEU TE 205 21.13 110.67 -85.84
CA LEU TE 205 19.78 110.84 -86.35
C LEU TE 205 19.36 112.31 -86.43
N TRP TE 206 19.77 113.11 -85.47
CA TRP TE 206 19.47 114.54 -85.54
C TRP TE 206 20.01 115.16 -86.82
N ALA TE 207 21.22 114.82 -87.19
CA ALA TE 207 21.80 115.31 -88.44
C ALA TE 207 21.13 114.72 -89.67
N ARG TE 208 20.99 113.40 -89.69
CA ARG TE 208 20.42 112.74 -90.85
C ARG TE 208 19.03 113.24 -91.17
N GLN TE 209 18.23 113.62 -90.18
CA GLN TE 209 16.95 114.23 -90.52
C GLN TE 209 17.13 115.52 -91.32
N VAL TE 210 18.11 116.34 -90.95
CA VAL TE 210 18.37 117.58 -91.67
C VAL TE 210 18.74 117.30 -93.12
N LEU TE 211 19.53 116.27 -93.34
CA LEU TE 211 19.93 115.94 -94.70
C LEU TE 211 18.81 115.31 -95.51
N ALA TE 212 18.14 114.31 -94.95
CA ALA TE 212 17.08 113.60 -95.66
C ALA TE 212 15.87 114.47 -95.92
N ARG TE 213 15.59 115.45 -95.07
CA ARG TE 213 14.55 116.41 -95.41
C ARG TE 213 14.89 117.20 -96.66
N GLY TE 214 16.16 117.23 -97.04
CA GLY TE 214 16.56 117.95 -98.22
C GLY TE 214 16.67 119.44 -98.03
N ASP TE 215 17.06 119.89 -96.85
CA ASP TE 215 17.24 121.31 -96.63
C ASP TE 215 18.54 121.82 -97.25
N TYR TE 216 19.49 120.94 -97.52
CA TYR TE 216 20.76 121.32 -98.09
C TYR TE 216 20.93 120.67 -99.46
N ASP TE 217 21.58 121.40 -100.36
CA ASP TE 217 21.57 121.10 -101.78
C ASP TE 217 22.79 120.36 -102.28
N LYS TE 218 23.99 120.72 -101.84
CA LYS TE 218 25.17 119.97 -102.23
C LYS TE 218 25.20 118.62 -101.52
N ASN TE 219 26.20 117.82 -101.85
CA ASN TE 219 26.39 116.53 -101.21
C ASN TE 219 26.89 116.65 -99.77
N ALA TE 220 26.38 115.78 -98.91
CA ALA TE 220 26.82 115.72 -97.52
C ALA TE 220 26.66 114.29 -97.05
N ARG TE 221 27.37 113.94 -95.99
CA ARG TE 221 27.29 112.61 -95.43
C ARG TE 221 27.50 112.70 -93.93
N VAL TE 222 26.92 111.77 -93.17
CA VAL TE 222 27.06 111.71 -91.72
C VAL TE 222 27.83 110.46 -91.32
N ILE TE 223 28.73 110.59 -90.34
CA ILE TE 223 29.60 109.51 -89.92
C ILE TE 223 29.79 109.50 -88.40
N ASN TE 224 30.20 108.34 -87.90
CA ASN TE 224 30.67 108.23 -86.52
C ASN TE 224 31.60 107.03 -86.37
N GLU TE 225 32.22 106.99 -85.20
CA GLU TE 225 33.32 106.06 -84.91
C GLU TE 225 32.94 104.59 -85.02
N ASN TE 226 31.74 104.21 -84.58
CA ASN TE 226 31.39 102.80 -84.65
C ASN TE 226 31.16 102.37 -86.10
N GLU TE 227 30.39 103.14 -86.85
CA GLU TE 227 30.06 102.69 -88.18
C GLU TE 227 31.27 102.71 -89.10
N GLU TE 228 32.20 103.64 -88.87
CA GLU TE 228 33.44 103.56 -89.61
C GLU TE 228 34.33 102.40 -89.19
N ASN TE 229 34.32 102.00 -87.92
CA ASN TE 229 35.02 100.77 -87.56
C ASN TE 229 34.44 99.54 -88.25
N LYS TE 230 33.12 99.45 -88.35
CA LYS TE 230 32.51 98.33 -89.07
C LYS TE 230 32.86 98.33 -90.55
N ARG TE 231 32.77 99.48 -91.20
CA ARG TE 231 33.08 99.53 -92.63
C ARG TE 231 34.51 99.09 -92.88
N ILE TE 232 35.46 99.66 -92.16
CA ILE TE 232 36.85 99.30 -92.40
C ILE TE 232 37.10 97.83 -92.10
N SER TE 233 36.46 97.28 -91.07
CA SER TE 233 36.72 95.87 -90.77
C SER TE 233 36.20 94.96 -91.86
N ILE TE 234 35.05 95.29 -92.45
CA ILE TE 234 34.61 94.48 -93.60
C ILE TE 234 35.60 94.57 -94.76
N TRP TE 235 36.10 95.75 -95.06
CA TRP TE 235 37.08 95.83 -96.16
C TRP TE 235 38.33 95.01 -95.86
N LEU TE 236 38.82 95.08 -94.63
CA LEU TE 236 39.99 94.30 -94.25
C LEU TE 236 39.73 92.81 -94.33
N ASP TE 237 38.48 92.38 -94.14
CA ASP TE 237 38.21 90.94 -94.29
C ASP TE 237 38.42 90.47 -95.71
N THR TE 238 38.16 91.32 -96.69
CA THR TE 238 38.35 90.95 -98.09
C THR TE 238 39.83 90.98 -98.47
N TYR TE 239 40.59 91.99 -98.06
CA TYR TE 239 41.94 92.15 -98.60
C TYR TE 239 43.09 91.74 -97.69
N TYR TE 240 42.89 91.68 -96.38
CA TYR TE 240 43.97 91.35 -95.45
C TYR TE 240 43.44 90.34 -94.44
N PRO TE 241 43.04 89.16 -94.90
CA PRO TE 241 42.20 88.28 -94.10
C PRO TE 241 42.90 87.67 -92.90
N GLN TE 242 44.17 87.99 -92.65
CA GLN TE 242 44.85 87.46 -91.49
C GLN TE 242 45.48 88.53 -90.62
N LEU TE 243 45.37 89.79 -91.00
CA LEU TE 243 45.94 90.87 -90.21
C LEU TE 243 45.35 90.87 -88.82
N ALA TE 244 46.20 90.86 -87.80
CA ALA TE 244 45.78 90.95 -86.40
C ALA TE 244 45.81 92.41 -85.96
N TYR TE 245 44.64 92.95 -85.63
CA TYR TE 245 44.53 94.36 -85.27
C TYR TE 245 43.46 94.56 -84.21
N TYR TE 246 43.62 95.63 -83.43
CA TYR TE 246 42.70 95.93 -82.31
C TYR TE 246 41.58 96.88 -82.69
N ARG TE 247 41.90 98.15 -82.94
CA ARG TE 247 40.89 99.13 -83.22
C ARG TE 247 41.52 100.32 -83.94
N ILE TE 248 40.69 101.12 -84.57
CA ILE TE 248 41.07 102.43 -85.08
C ILE TE 248 40.42 103.53 -84.26
N HIS TE 249 41.23 104.46 -83.75
CA HIS TE 249 40.78 105.50 -82.85
C HIS TE 249 40.63 106.83 -83.58
N PHE TE 250 39.47 107.47 -83.42
CA PHE TE 250 39.13 108.71 -84.08
C PHE TE 250 39.07 109.90 -83.13
N ASP TE 251 40.00 109.98 -82.18
CA ASP TE 251 39.99 111.13 -81.27
C ASP TE 251 40.21 112.42 -82.03
N GLU TE 252 40.90 112.38 -83.16
CA GLU TE 252 41.09 113.52 -84.04
C GLU TE 252 40.78 113.06 -85.44
N PRO TE 253 39.60 113.40 -85.97
CA PRO TE 253 39.11 112.69 -87.15
C PRO TE 253 39.98 112.92 -88.36
N ARG TE 254 40.76 113.99 -88.37
CA ARG TE 254 41.70 114.24 -89.43
C ARG TE 254 42.95 113.36 -89.36
N LYS TE 255 43.26 112.75 -88.23
CA LYS TE 255 44.48 111.94 -88.10
C LYS TE 255 44.23 110.68 -87.29
N PRO TE 256 43.40 109.78 -87.80
CA PRO TE 256 43.14 108.52 -87.10
C PRO TE 256 44.40 107.74 -86.75
N VAL TE 257 44.29 106.94 -85.70
CA VAL TE 257 45.34 106.06 -85.22
C VAL TE 257 44.84 104.63 -85.28
N PHE TE 258 45.66 103.73 -85.83
CA PHE TE 258 45.31 102.34 -86.03
C PHE TE 258 46.28 101.50 -85.20
N TRP TE 259 45.77 100.56 -84.41
CA TRP TE 259 46.58 99.75 -83.52
C TRP TE 259 46.74 98.33 -84.02
N LEU TE 260 47.98 97.92 -84.26
CA LEU TE 260 48.28 96.57 -84.71
C LEU TE 260 48.90 95.77 -83.56
N SER TE 261 48.65 94.46 -83.57
CA SER TE 261 49.36 93.57 -82.66
C SER TE 261 50.85 93.50 -83.03
N ARG TE 262 51.71 93.66 -82.03
CA ARG TE 262 53.14 93.51 -82.26
C ARG TE 262 53.58 92.06 -82.44
N GLN TE 263 53.06 91.14 -81.64
CA GLN TE 263 53.53 89.76 -81.72
C GLN TE 263 52.88 88.93 -82.82
N ARG TE 264 51.61 89.15 -83.12
CA ARG TE 264 50.92 88.28 -84.08
C ARG TE 264 50.95 88.82 -85.51
N ASN TE 265 51.86 89.72 -85.83
CA ASN TE 265 52.03 90.19 -87.20
C ASN TE 265 53.50 90.21 -87.56
N THR TE 266 53.76 90.09 -88.87
CA THR TE 266 55.13 90.14 -89.38
C THR TE 266 55.12 90.84 -90.73
N MET TE 267 55.60 92.08 -90.75
CA MET TE 267 55.51 92.90 -91.95
C MET TE 267 56.74 93.80 -92.02
N SER TE 268 57.13 94.12 -93.25
CA SER TE 268 58.15 95.11 -93.53
C SER TE 268 57.60 96.53 -93.50
N LYS TE 269 58.51 97.48 -93.34
CA LYS TE 269 58.15 98.89 -93.38
C LYS TE 269 57.43 99.24 -94.68
N LYS TE 270 57.89 98.70 -95.80
CA LYS TE 270 57.22 98.95 -97.07
C LYS TE 270 55.77 98.51 -97.00
N GLU TE 271 55.54 97.28 -96.57
CA GLU TE 271 54.21 96.73 -96.44
C GLU TE 271 53.32 97.62 -95.57
N LEU TE 272 53.84 98.05 -94.42
CA LEU TE 272 53.05 98.91 -93.54
C LEU TE 272 52.78 100.28 -94.15
N GLU TE 273 53.67 100.78 -94.99
CA GLU TE 273 53.39 102.02 -95.69
C GLU TE 273 52.31 101.84 -96.73
N VAL TE 274 52.40 100.78 -97.52
CA VAL TE 274 51.37 100.48 -98.50
C VAL TE 274 50.01 100.37 -97.83
N LEU TE 275 49.95 99.64 -96.72
CA LEU TE 275 48.69 99.54 -95.99
C LEU TE 275 48.21 100.90 -95.51
N SER TE 276 49.12 101.76 -95.05
CA SER TE 276 48.74 103.11 -94.67
C SER TE 276 48.07 103.88 -95.80
N GLN TE 277 48.68 103.85 -96.98
CA GLN TE 277 48.10 104.53 -98.14
C GLN TE 277 46.74 103.94 -98.52
N LYS TE 278 46.65 102.61 -98.57
CA LYS TE 278 45.38 101.98 -98.89
C LYS TE 278 44.28 102.38 -97.92
N LEU TE 279 44.58 102.43 -96.63
CA LEU TE 279 43.56 102.90 -95.69
C LEU TE 279 43.24 104.37 -95.88
N ARG TE 280 44.21 105.18 -96.26
CA ARG TE 280 43.93 106.57 -96.56
C ARG TE 280 42.92 106.69 -97.70
N ALA TE 281 43.00 105.79 -98.67
CA ALA TE 281 42.07 105.83 -99.80
C ALA TE 281 40.62 105.59 -99.39
N LEU TE 282 40.37 104.84 -98.32
CA LEU TE 282 38.99 104.67 -97.83
C LEU TE 282 38.43 105.92 -97.19
N MET TE 283 39.25 106.71 -96.53
CA MET TE 283 38.78 107.82 -95.72
C MET TE 283 39.16 109.15 -96.36
N PRO TE 284 38.40 109.62 -97.33
CA PRO TE 284 38.74 110.87 -98.02
C PRO TE 284 38.74 112.08 -97.10
N TYR TE 285 38.24 111.95 -95.89
CA TYR TE 285 38.21 113.07 -94.96
C TYR TE 285 39.45 113.12 -94.10
N ALA TE 286 40.28 112.07 -94.12
CA ALA TE 286 41.47 111.99 -93.31
C ALA TE 286 42.68 112.43 -94.12
N ASP TE 287 43.52 113.27 -93.52
CA ASP TE 287 44.76 113.67 -94.15
C ASP TE 287 45.86 112.63 -94.04
N SER TE 288 45.88 111.87 -92.95
CA SER TE 288 46.92 110.88 -92.76
C SER TE 288 46.45 109.88 -91.73
N VAL TE 289 47.00 108.69 -91.81
CA VAL TE 289 46.71 107.60 -90.89
C VAL TE 289 47.99 107.18 -90.20
N ASN TE 290 48.00 107.19 -88.88
CA ASN TE 290 49.15 106.70 -88.13
C ASN TE 290 48.88 105.26 -87.73
N ILE TE 291 49.90 104.42 -87.87
CA ILE TE 291 49.88 103.04 -87.37
C ILE TE 291 50.82 102.92 -86.19
N THR TE 292 50.31 102.35 -85.09
CA THR TE 292 51.07 102.10 -83.87
C THR TE 292 50.98 100.64 -83.48
N LEU TE 293 52.10 100.04 -83.14
CA LEU TE 293 52.12 98.69 -82.63
C LEU TE 293 51.85 98.68 -81.13
N MET TE 294 51.14 97.66 -80.66
CA MET TE 294 50.78 97.51 -79.26
C MET TE 294 51.14 96.12 -78.77
N ASP TE 295 51.61 96.02 -77.52
CA ASP TE 295 51.85 94.71 -76.93
C ASP TE 295 50.54 93.99 -76.63
N ASP TE 296 50.49 92.69 -76.95
CA ASP TE 296 49.35 91.87 -76.59
C ASP TE 296 49.25 91.61 -75.08
N VAL TE 297 50.39 91.49 -74.39
CA VAL TE 297 50.35 91.08 -72.99
C VAL TE 297 49.71 92.17 -72.13
N THR TE 298 49.95 93.43 -72.47
CA THR TE 298 49.29 94.53 -71.80
C THR TE 298 47.77 94.38 -71.81
N ALA TE 299 47.20 94.00 -72.93
CA ALA TE 299 45.75 93.92 -73.05
C ALA TE 299 45.15 92.81 -72.19
N ALA TE 300 45.89 91.72 -71.97
CA ALA TE 300 45.43 90.75 -70.97
C ALA TE 300 45.63 91.25 -69.55
N GLY TE 301 46.77 91.87 -69.27
CA GLY TE 301 47.03 92.35 -67.92
C GLY TE 301 46.02 93.36 -67.42
N GLN TE 302 45.63 94.31 -68.28
CA GLN TE 302 44.62 95.27 -67.86
C GLN TE 302 43.26 94.62 -67.61
N ALA TE 303 42.92 93.58 -68.34
CA ALA TE 303 41.64 92.93 -68.12
C ALA TE 303 41.63 92.21 -66.78
N GLU TE 304 42.63 91.37 -66.56
CA GLU TE 304 42.61 90.59 -65.33
C GLU TE 304 42.73 91.50 -64.12
N ALA TE 305 43.58 92.53 -64.20
CA ALA TE 305 43.67 93.46 -63.10
C ALA TE 305 42.36 94.19 -62.86
N GLY TE 306 41.58 94.46 -63.90
CA GLY TE 306 40.28 95.06 -63.69
C GLY TE 306 39.33 94.16 -62.93
N LEU TE 307 39.22 92.90 -63.35
CA LEU TE 307 38.33 91.99 -62.62
C LEU TE 307 38.75 91.82 -61.17
N LYS TE 308 40.05 91.79 -60.91
CA LYS TE 308 40.50 91.73 -59.53
C LYS TE 308 40.09 92.97 -58.76
N GLN TE 309 40.31 94.14 -59.34
CA GLN TE 309 39.93 95.37 -58.66
C GLN TE 309 38.44 95.42 -58.38
N GLN TE 310 37.61 94.84 -59.23
CA GLN TE 310 36.17 94.77 -58.92
C GLN TE 310 35.80 93.60 -58.02
N ALA TE 311 36.73 92.75 -57.64
CA ALA TE 311 36.43 91.56 -56.84
C ALA TE 311 35.40 90.63 -57.45
N LEU TE 312 35.31 90.59 -58.75
CA LEU TE 312 34.42 89.64 -59.40
C LEU TE 312 35.08 88.26 -59.45
N PRO TE 313 34.33 87.18 -59.26
CA PRO TE 313 34.88 85.85 -59.53
C PRO TE 313 34.95 85.57 -61.02
N TYR TE 314 36.01 84.87 -61.45
CA TYR TE 314 36.18 84.60 -62.86
C TYR TE 314 37.02 83.36 -63.07
N SER TE 315 37.02 82.86 -64.31
CA SER TE 315 37.99 81.88 -64.78
C SER TE 315 38.56 82.27 -66.13
N ARG TE 316 39.87 82.11 -66.29
CA ARG TE 316 40.60 82.53 -67.48
C ARG TE 316 40.97 81.32 -68.33
N ARG TE 317 40.75 81.43 -69.64
CA ARG TE 317 41.19 80.44 -70.61
C ARG TE 317 42.01 81.10 -71.70
N ASN TE 318 43.20 80.57 -71.97
CA ASN TE 318 44.12 81.16 -72.94
C ASN TE 318 44.19 80.30 -74.20
N HIS TE 319 43.88 80.90 -75.35
CA HIS TE 319 43.89 80.22 -76.63
C HIS TE 319 45.02 80.75 -77.50
N LYS TE 320 45.26 80.03 -78.60
CA LYS TE 320 46.30 80.42 -79.53
C LYS TE 320 46.05 81.78 -80.16
N GLY TE 321 44.87 82.36 -79.97
CA GLY TE 321 44.60 83.66 -80.57
C GLY TE 321 43.69 84.56 -79.77
N GLY TE 322 43.52 84.28 -78.49
CA GLY TE 322 42.64 85.11 -77.69
C GLY TE 322 42.60 84.63 -76.25
N VAL TE 323 41.85 85.37 -75.45
CA VAL TE 323 41.61 85.05 -74.07
C VAL TE 323 40.11 85.08 -73.85
N THR TE 324 39.59 84.17 -73.03
CA THR TE 324 38.21 84.23 -72.59
C THR TE 324 38.16 84.27 -71.08
N PHE TE 325 37.38 85.20 -70.53
CA PHE TE 325 37.06 85.23 -69.10
C PHE TE 325 35.61 84.85 -68.90
N VAL TE 326 35.38 83.83 -68.09
CA VAL TE 326 34.05 83.34 -67.79
C VAL TE 326 33.65 83.82 -66.41
N ILE TE 327 32.44 84.35 -66.29
CA ILE TE 327 31.91 84.92 -65.06
C ILE TE 327 30.49 84.38 -64.92
N GLN TE 328 30.30 83.34 -64.11
CA GLN TE 328 29.00 82.69 -64.10
C GLN TE 328 28.70 82.11 -62.73
N GLY TE 329 27.42 82.02 -62.45
CA GLY TE 329 26.92 81.47 -61.20
C GLY TE 329 25.63 82.18 -60.81
N ALA TE 330 25.48 82.40 -59.51
CA ALA TE 330 24.51 83.34 -58.97
C ALA TE 330 25.24 84.57 -58.45
N LEU TE 331 24.76 85.75 -58.83
CA LEU TE 331 25.47 86.99 -58.59
C LEU TE 331 24.53 88.00 -57.95
N ASP TE 332 25.12 88.96 -57.25
CA ASP TE 332 24.33 90.04 -56.65
C ASP TE 332 24.12 91.16 -57.66
N ASP TE 333 23.10 91.97 -57.38
CA ASP TE 333 22.83 93.13 -58.22
C ASP TE 333 23.97 94.13 -58.24
N VAL TE 334 24.75 94.21 -57.15
CA VAL TE 334 25.93 95.07 -57.20
C VAL TE 334 27.00 94.45 -58.08
N GLU TE 335 27.16 93.14 -58.06
CA GLU TE 335 28.17 92.54 -58.91
C GLU TE 335 27.78 92.69 -60.37
N ILE TE 336 26.51 92.48 -60.68
CA ILE TE 336 26.04 92.70 -62.05
C ILE TE 336 26.31 94.12 -62.48
N LEU TE 337 26.02 95.10 -61.63
CA LEU TE 337 26.25 96.49 -62.03
C LEU TE 337 27.72 96.76 -62.27
N ARG TE 338 28.58 96.33 -61.34
CA ARG TE 338 30.00 96.65 -61.47
C ARG TE 338 30.58 96.02 -62.74
N ALA TE 339 30.28 94.75 -62.96
CA ALA TE 339 30.75 94.09 -64.18
C ALA TE 339 30.26 94.81 -65.41
N ARG TE 340 28.94 95.06 -65.49
CA ARG TE 340 28.41 95.65 -66.70
C ARG TE 340 28.99 97.02 -66.99
N GLN TE 341 29.48 97.72 -65.96
CA GLN TE 341 30.17 98.99 -66.19
C GLN TE 341 31.60 98.78 -66.69
N PHE TE 342 32.34 97.89 -66.04
CA PHE TE 342 33.73 97.69 -66.41
C PHE TE 342 33.86 97.18 -67.84
N VAL TE 343 33.08 96.16 -68.19
CA VAL TE 343 33.21 95.58 -69.52
C VAL TE 343 32.96 96.61 -70.60
N ASP TE 344 31.99 97.49 -70.37
CA ASP TE 344 31.72 98.54 -71.34
C ASP TE 344 32.72 99.66 -71.29
N SER TE 345 33.55 99.73 -70.26
CA SER TE 345 34.60 100.73 -70.29
C SER TE 345 35.80 100.21 -71.07
N TYR TE 346 36.15 98.96 -70.83
CA TYR TE 346 37.23 98.32 -71.58
C TYR TE 346 36.95 98.25 -73.07
N TYR TE 347 35.73 97.88 -73.46
CA TYR TE 347 35.42 97.72 -74.87
C TYR TE 347 35.64 98.98 -75.69
N ARG TE 348 35.44 100.16 -75.11
CA ARG TE 348 35.72 101.39 -75.85
C ARG TE 348 37.19 101.55 -76.19
N THR TE 349 38.07 101.02 -75.37
CA THR TE 349 39.50 101.13 -75.65
C THR TE 349 39.98 100.05 -76.59
N TRP TE 350 39.57 98.82 -76.38
CA TRP TE 350 40.23 97.69 -77.03
C TRP TE 350 39.39 97.00 -78.09
N GLY TE 351 38.07 97.09 -78.02
CA GLY TE 351 37.22 96.29 -78.87
C GLY TE 351 37.24 94.81 -78.60
N GLY TE 352 36.30 94.10 -79.21
CA GLY TE 352 36.05 92.70 -78.92
C GLY TE 352 36.87 91.68 -79.68
N ARG TE 353 38.00 92.08 -80.22
CA ARG TE 353 38.70 91.22 -81.16
C ARG TE 353 39.74 90.31 -80.51
N TYR TE 354 40.07 90.52 -79.25
CA TYR TE 354 41.08 89.67 -78.63
C TYR TE 354 40.67 89.14 -77.27
N VAL TE 355 39.86 89.85 -76.51
CA VAL TE 355 39.34 89.35 -75.24
C VAL TE 355 37.81 89.36 -75.27
N GLN TE 356 37.21 88.33 -74.68
CA GLN TE 356 35.77 88.20 -74.53
C GLN TE 356 35.40 87.96 -73.08
N PHE TE 357 34.29 88.56 -72.64
CA PHE TE 357 33.72 88.30 -71.32
C PHE TE 357 32.35 87.65 -71.50
N ALA TE 358 32.19 86.46 -70.93
CA ALA TE 358 30.95 85.68 -70.99
C ALA TE 358 30.24 85.69 -69.64
N ILE TE 359 29.23 86.52 -69.49
CA ILE TE 359 28.53 86.71 -68.22
C ILE TE 359 27.22 85.92 -68.23
N GLU TE 360 27.10 84.90 -67.38
CA GLU TE 360 25.96 83.99 -67.44
C GLU TE 360 25.43 83.71 -66.05
N LEU TE 361 24.13 83.93 -65.86
CA LEU TE 361 23.43 83.57 -64.62
C LEU TE 361 22.98 82.11 -64.66
N LYS TE 362 23.43 81.32 -63.67
CA LYS TE 362 23.07 79.92 -63.57
C LYS TE 362 22.30 79.69 -62.28
N ASP TE 363 21.41 78.72 -62.30
CA ASP TE 363 21.00 78.06 -61.06
C ASP TE 363 22.17 77.27 -60.48
N ASP TE 364 22.17 77.12 -59.16
CA ASP TE 364 23.25 76.40 -58.51
C ASP TE 364 23.30 74.97 -59.03
N TRP TE 365 24.50 74.52 -59.33
CA TRP TE 365 24.70 73.36 -60.18
C TRP TE 365 24.09 72.11 -59.57
N LEU TE 366 23.55 71.24 -60.42
CA LEU TE 366 22.84 70.03 -60.02
C LEU TE 366 21.71 70.30 -59.03
N LYS TE 367 21.21 71.52 -58.97
CA LYS TE 367 19.85 71.78 -58.50
C LYS TE 367 19.61 71.28 -57.08
N GLY TE 368 20.65 71.16 -56.27
CA GLY TE 368 20.44 70.79 -54.89
C GLY TE 368 20.53 69.31 -54.59
N ARG TE 369 21.03 68.51 -55.52
CA ARG TE 369 21.29 67.11 -55.24
C ARG TE 369 22.65 66.95 -54.57
N SER TE 370 22.80 65.83 -53.87
CA SER TE 370 24.10 65.41 -53.36
C SER TE 370 24.84 64.59 -54.40
N PHE TE 371 26.16 64.68 -54.36
CA PHE TE 371 26.94 64.00 -55.40
C PHE TE 371 28.35 63.82 -54.91
N GLN TE 372 29.07 62.95 -55.61
CA GLN TE 372 30.49 62.70 -55.36
C GLN TE 372 31.25 63.11 -56.61
N TYR TE 373 32.23 64.00 -56.44
CA TYR TE 373 32.85 64.73 -57.54
C TYR TE 373 34.20 64.17 -57.99
N GLY TE 374 34.58 62.99 -57.56
CA GLY TE 374 35.80 62.38 -58.07
C GLY TE 374 35.70 62.04 -59.54
N ALA TE 375 36.78 61.47 -60.07
CA ALA TE 375 36.69 60.86 -61.40
C ALA TE 375 35.66 59.75 -61.42
N GLU TE 376 35.57 58.99 -60.33
CA GLU TE 376 34.52 57.99 -60.12
C GLU TE 376 33.22 58.61 -59.61
N GLY TE 377 32.87 59.79 -60.09
CA GLY TE 377 31.78 60.53 -59.50
C GLY TE 377 30.42 60.00 -59.89
N TYR TE 378 29.44 60.42 -59.10
CA TYR TE 378 28.05 60.06 -59.37
C TYR TE 378 27.13 61.05 -58.67
N ILE TE 379 25.86 61.02 -59.04
CA ILE TE 379 24.82 61.85 -58.45
C ILE TE 379 23.80 60.99 -57.74
N LYS TE 380 23.37 61.43 -56.56
CA LYS TE 380 22.22 60.85 -55.88
C LYS TE 380 20.94 61.52 -56.35
N MET TE 381 20.06 60.75 -56.98
CA MET TE 381 18.76 61.27 -57.35
C MET TE 381 17.82 61.26 -56.15
N SER TE 382 18.01 60.28 -55.28
CA SER TE 382 17.43 60.25 -53.95
C SER TE 382 18.25 59.25 -53.16
N PRO TE 383 18.04 59.16 -51.85
CA PRO TE 383 18.37 57.91 -51.18
C PRO TE 383 17.85 56.73 -51.96
N GLY TE 384 18.73 55.77 -52.21
CA GLY TE 384 18.39 54.61 -53.01
C GLY TE 384 18.49 54.73 -54.52
N HIS TE 385 18.86 55.87 -55.07
CA HIS TE 385 18.87 56.01 -56.53
C HIS TE 385 20.13 56.73 -56.98
N TRP TE 386 20.98 56.06 -57.76
CA TRP TE 386 22.28 56.54 -58.21
C TRP TE 386 22.28 56.73 -59.72
N TYR TE 387 23.03 57.73 -60.22
CA TYR TE 387 22.90 58.08 -61.63
C TYR TE 387 24.14 57.90 -62.50
N PHE TE 388 25.36 57.89 -61.96
CA PHE TE 388 26.58 57.61 -62.72
C PHE TE 388 26.64 58.27 -64.11
N PRO TE 389 26.49 59.57 -64.19
CA PRO TE 389 26.32 60.17 -65.51
C PRO TE 389 27.61 60.47 -66.24
N SER TE 390 28.66 60.73 -65.50
CA SER TE 390 29.82 61.42 -66.07
C SER TE 390 30.95 61.50 -65.08
N PRO TE 391 32.19 61.56 -65.52
CA PRO TE 391 33.25 61.86 -64.57
C PRO TE 391 33.20 63.32 -64.17
N LEU TE 392 32.46 63.63 -63.11
CA LEU TE 392 32.39 65.01 -62.67
C LEU TE 392 33.79 65.52 -62.43
N ALA UE 171 25.53 143.75 -73.56
CA ALA UE 171 24.86 142.81 -72.66
C ALA UE 171 25.79 141.66 -72.31
N GLU UE 172 26.44 141.74 -71.17
CA GLU UE 172 27.34 140.68 -70.79
C GLU UE 172 26.56 139.43 -70.38
N LEU UE 173 27.28 138.31 -70.39
CA LEU UE 173 26.70 137.04 -69.96
C LEU UE 173 26.40 137.04 -68.47
N ASP UE 174 27.29 137.62 -67.66
CA ASP UE 174 27.06 137.67 -66.22
C ASP UE 174 25.74 138.36 -65.88
N SER UE 175 25.30 139.29 -66.72
CA SER UE 175 24.05 139.97 -66.46
C SER UE 175 22.86 139.10 -66.82
N LEU UE 176 23.08 138.09 -67.65
CA LEU UE 176 22.06 137.16 -68.11
C LEU UE 176 21.97 135.92 -67.26
N LEU UE 177 22.99 135.64 -66.45
CA LEU UE 177 22.93 134.41 -65.67
C LEU UE 177 22.03 134.50 -64.44
N GLY UE 178 21.52 135.67 -64.07
CA GLY UE 178 20.70 135.75 -62.89
C GLY UE 178 20.90 137.02 -62.09
N GLN UE 179 20.36 136.99 -60.88
CA GLN UE 179 20.71 137.95 -59.83
C GLN UE 179 22.08 137.70 -59.24
N GLU UE 180 22.28 136.51 -58.67
CA GLU UE 180 23.51 136.28 -57.93
C GLU UE 180 24.70 136.24 -58.89
N LYS UE 181 25.81 136.79 -58.44
CA LYS UE 181 27.00 136.96 -59.29
C LYS UE 181 28.00 135.84 -59.10
N GLU UE 182 28.48 135.67 -57.87
CA GLU UE 182 29.57 134.77 -57.52
C GLU UE 182 29.22 133.32 -57.71
N ARG UE 183 27.96 132.99 -57.94
CA ARG UE 183 27.60 131.59 -58.16
C ARG UE 183 28.22 131.03 -59.43
N PHE UE 184 28.19 131.79 -60.52
CA PHE UE 184 28.93 131.44 -61.74
C PHE UE 184 30.20 132.26 -61.89
N GLN UE 185 31.14 131.69 -62.65
CA GLN UE 185 32.42 132.31 -62.94
C GLN UE 185 32.67 132.22 -64.43
N VAL UE 186 32.92 133.37 -65.07
CA VAL UE 186 33.12 133.47 -66.52
C VAL UE 186 34.59 133.65 -66.83
N LEU UE 187 35.12 132.81 -67.73
CA LEU UE 187 36.51 132.81 -68.15
C LEU UE 187 36.64 132.94 -69.66
N PRO UE 188 37.56 133.76 -70.16
CA PRO UE 188 37.83 133.77 -71.61
C PRO UE 188 38.81 132.67 -71.99
N GLY UE 189 38.63 132.16 -73.21
CA GLY UE 189 39.50 131.14 -73.75
C GLY UE 189 40.27 131.58 -74.98
N ARG UE 190 41.42 130.95 -75.20
CA ARG UE 190 42.23 131.28 -76.36
C ARG UE 190 41.48 131.04 -77.65
N ASP UE 191 40.55 130.10 -77.66
CA ASP UE 191 39.76 129.86 -78.88
C ASP UE 191 38.72 130.94 -79.10
N LYS UE 192 38.82 132.04 -78.37
CA LYS UE 192 37.90 133.17 -78.52
C LYS UE 192 36.46 132.79 -78.15
N MET UE 193 36.31 132.11 -77.01
CA MET UE 193 35.03 131.57 -76.58
C MET UE 193 34.97 131.73 -75.06
N LEU UE 194 33.78 132.02 -74.56
CA LEU UE 194 33.54 132.17 -73.12
C LEU UE 194 33.16 130.85 -72.45
N TYR UE 195 33.90 130.50 -71.41
CA TYR UE 195 33.73 129.28 -70.64
C TYR UE 195 33.13 129.63 -69.27
N VAL UE 196 31.95 129.11 -69.01
CA VAL UE 196 31.22 129.35 -67.77
C VAL UE 196 31.39 128.14 -66.89
N ALA UE 197 32.01 128.34 -65.73
CA ALA UE 197 32.29 127.29 -64.75
C ALA UE 197 31.25 127.26 -63.66
N ALA UE 198 30.67 126.08 -63.46
CA ALA UE 198 29.66 125.79 -62.44
C ALA UE 198 30.20 124.82 -61.40
N GLN UE 199 29.47 124.71 -60.30
CA GLN UE 199 29.81 123.87 -59.16
C GLN UE 199 29.05 122.55 -59.14
N ASN UE 200 27.90 122.45 -59.81
CA ASN UE 200 27.09 121.25 -59.70
C ASN UE 200 26.19 121.14 -60.93
N GLU UE 201 25.50 120.01 -61.02
CA GLU UE 201 24.57 119.74 -62.10
C GLU UE 201 23.44 120.76 -62.20
N ARG UE 202 22.74 121.00 -61.09
CA ARG UE 202 21.64 121.96 -61.09
C ARG UE 202 22.07 123.32 -61.65
N ASP UE 203 23.16 123.87 -61.13
CA ASP UE 203 23.68 125.13 -61.66
C ASP UE 203 24.09 125.00 -63.12
N THR UE 204 24.70 123.89 -63.50
CA THR UE 204 25.02 123.67 -64.90
C THR UE 204 23.80 123.85 -65.77
N LEU UE 205 22.73 123.10 -65.48
CA LEU UE 205 21.54 123.17 -66.31
C LEU UE 205 20.83 124.52 -66.22
N TRP UE 206 21.06 125.28 -65.16
CA TRP UE 206 20.62 126.67 -65.14
C TRP UE 206 21.38 127.54 -66.11
N ALA UE 207 22.65 127.25 -66.37
CA ALA UE 207 23.38 128.01 -67.37
C ALA UE 207 23.05 127.54 -68.79
N ARG UE 208 23.12 126.23 -69.00
CA ARG UE 208 22.83 125.68 -70.30
C ARG UE 208 21.45 126.09 -70.81
N GLN UE 209 20.44 126.20 -69.93
CA GLN UE 209 19.17 126.72 -70.43
C GLN UE 209 19.30 128.13 -71.02
N VAL UE 210 20.15 128.96 -70.45
CA VAL UE 210 20.33 130.32 -70.96
C VAL UE 210 21.03 130.32 -72.30
N LEU UE 211 22.01 129.43 -72.47
CA LEU UE 211 22.64 129.32 -73.79
C LEU UE 211 21.68 128.72 -74.81
N ALA UE 212 21.07 127.59 -74.50
CA ALA UE 212 20.22 126.88 -75.46
C ALA UE 212 19.03 127.72 -75.88
N ARG UE 213 18.52 128.58 -75.00
CA ARG UE 213 17.50 129.51 -75.42
C ARG UE 213 18.02 130.48 -76.47
N GLY UE 214 19.33 130.70 -76.53
CA GLY UE 214 19.90 131.73 -77.38
C GLY UE 214 19.67 133.14 -76.93
N ASP UE 215 19.64 133.38 -75.62
CA ASP UE 215 19.66 134.74 -75.12
C ASP UE 215 20.98 135.46 -75.39
N TYR UE 216 22.10 134.75 -75.27
CA TYR UE 216 23.37 135.24 -75.81
C TYR UE 216 23.53 135.00 -77.30
N ASP UE 217 24.12 135.99 -77.98
CA ASP UE 217 24.33 135.93 -79.42
C ASP UE 217 25.67 135.32 -79.82
N LYS UE 218 26.72 135.51 -79.03
CA LYS UE 218 28.02 134.98 -79.35
C LYS UE 218 28.18 133.54 -78.89
N ASN UE 219 29.34 132.96 -79.17
CA ASN UE 219 29.65 131.61 -78.71
C ASN UE 219 29.97 131.54 -77.22
N ALA UE 220 29.51 130.47 -76.58
CA ALA UE 220 29.79 130.23 -75.17
C ALA UE 220 29.68 128.74 -74.91
N ARG UE 221 30.28 128.30 -73.81
CA ARG UE 221 30.26 126.89 -73.44
C ARG UE 221 30.24 126.79 -71.92
N VAL UE 222 29.57 125.77 -71.40
CA VAL UE 222 29.46 125.51 -69.96
C VAL UE 222 30.27 124.27 -69.59
N ILE UE 223 31.00 124.35 -68.47
CA ILE UE 223 31.90 123.29 -68.04
C ILE UE 223 31.85 123.09 -66.53
N ASN UE 224 32.25 121.89 -66.09
CA ASN UE 224 32.35 121.57 -64.67
C ASN UE 224 33.42 120.50 -64.49
N GLU UE 225 33.85 120.36 -63.23
CA GLU UE 225 34.93 119.43 -62.87
C GLU UE 225 34.69 117.98 -63.30
N ASN UE 226 33.53 117.41 -63.00
CA ASN UE 226 33.31 116.02 -63.36
C ASN UE 226 33.36 115.81 -64.87
N GLU UE 227 32.63 116.64 -65.61
CA GLU UE 227 32.67 116.53 -67.06
C GLU UE 227 34.08 116.66 -67.61
N GLU UE 228 34.87 117.60 -67.10
CA GLU UE 228 36.24 117.74 -67.58
C GLU UE 228 37.08 116.51 -67.27
N ASN UE 229 37.01 116.00 -66.05
CA ASN UE 229 37.74 114.77 -65.77
C ASN UE 229 37.39 113.66 -66.76
N LYS UE 230 36.10 113.44 -67.00
CA LYS UE 230 35.73 112.39 -67.95
C LYS UE 230 36.13 112.71 -69.38
N ARG UE 231 36.12 113.98 -69.76
CA ARG UE 231 36.62 114.39 -71.08
C ARG UE 231 38.08 114.04 -71.25
N ILE UE 232 38.89 114.26 -70.23
CA ILE UE 232 40.34 114.21 -70.37
C ILE UE 232 40.87 112.81 -70.16
N SER UE 233 40.40 112.08 -69.17
CA SER UE 233 40.89 110.72 -69.06
C SER UE 233 40.62 109.91 -70.32
N ILE UE 234 39.52 110.17 -71.03
CA ILE UE 234 39.33 109.51 -72.32
C ILE UE 234 40.36 109.89 -73.38
N TRP UE 235 40.97 111.06 -73.30
CA TRP UE 235 42.07 111.38 -74.19
C TRP UE 235 43.35 110.66 -73.77
N LEU UE 236 43.60 110.65 -72.46
CA LEU UE 236 44.77 109.95 -71.96
C LEU UE 236 44.72 108.48 -72.30
N ASP UE 237 43.54 107.87 -72.23
CA ASP UE 237 43.43 106.46 -72.57
C ASP UE 237 43.96 106.16 -73.95
N THR UE 238 43.84 107.11 -74.88
CA THR UE 238 44.41 106.91 -76.21
C THR UE 238 45.91 107.18 -76.21
N TYR UE 239 46.31 108.37 -75.80
CA TYR UE 239 47.69 108.80 -76.06
C TYR UE 239 48.71 108.38 -75.01
N TYR UE 240 48.28 108.02 -73.82
CA TYR UE 240 49.19 107.67 -72.72
C TYR UE 240 48.64 106.46 -72.00
N PRO UE 241 48.55 105.33 -72.68
CA PRO UE 241 47.67 104.25 -72.22
C PRO UE 241 48.12 103.59 -70.93
N GLN UE 242 49.36 103.77 -70.50
CA GLN UE 242 49.84 103.11 -69.30
C GLN UE 242 50.24 104.08 -68.20
N LEU UE 243 49.87 105.34 -68.31
CA LEU UE 243 50.15 106.32 -67.27
C LEU UE 243 49.32 106.04 -66.03
N ALA UE 244 49.97 106.05 -64.86
CA ALA UE 244 49.28 105.91 -63.57
C ALA UE 244 49.05 107.29 -62.96
N TYR UE 245 47.78 107.64 -62.76
CA TYR UE 245 47.42 108.98 -62.30
C TYR UE 245 46.20 108.90 -61.41
N TYR UE 246 45.99 109.95 -60.60
CA TYR UE 246 44.89 109.98 -59.65
C TYR UE 246 43.73 110.86 -60.12
N ARG UE 247 43.90 112.17 -60.05
CA ARG UE 247 42.82 113.10 -60.32
C ARG UE 247 43.43 114.42 -60.75
N ILE UE 248 42.62 115.24 -61.41
CA ILE UE 248 42.94 116.63 -61.68
C ILE UE 248 42.03 117.54 -60.87
N HIS UE 249 42.62 118.42 -60.07
CA HIS UE 249 41.92 119.34 -59.19
C HIS UE 249 41.84 120.73 -59.81
N PHE UE 250 40.65 121.32 -59.79
CA PHE UE 250 40.42 122.64 -60.38
C PHE UE 250 40.05 123.69 -59.35
N ASP UE 251 40.76 123.74 -58.22
CA ASP UE 251 40.44 124.75 -57.22
C ASP UE 251 40.70 126.17 -57.70
N GLU UE 252 41.52 126.36 -58.72
CA GLU UE 252 41.42 127.51 -59.62
C GLU UE 252 41.28 126.99 -61.04
N PRO UE 253 40.22 127.31 -61.76
CA PRO UE 253 40.19 126.92 -63.17
C PRO UE 253 41.34 127.47 -64.00
N ARG UE 254 42.03 128.51 -63.55
CA ARG UE 254 43.18 128.99 -64.30
C ARG UE 254 44.44 128.16 -64.11
N LYS UE 255 44.55 127.37 -63.05
CA LYS UE 255 45.79 126.62 -62.79
C LYS UE 255 45.49 125.24 -62.24
N PRO UE 256 44.98 124.37 -63.06
CA PRO UE 256 44.68 123.00 -62.63
C PRO UE 256 45.94 122.29 -62.16
N VAL UE 257 45.73 121.33 -61.28
CA VAL UE 257 46.80 120.60 -60.63
C VAL UE 257 46.52 119.13 -60.81
N PHE UE 258 47.55 118.38 -61.16
CA PHE UE 258 47.42 117.02 -61.66
C PHE UE 258 48.26 116.15 -60.75
N TRP UE 259 47.71 115.06 -60.27
CA TRP UE 259 48.39 114.17 -59.33
C TRP UE 259 48.83 112.89 -60.01
N LEU UE 260 50.13 112.64 -59.99
CA LEU UE 260 50.74 111.48 -60.64
C LEU UE 260 51.36 110.61 -59.57
N SER UE 261 51.34 109.31 -59.79
CA SER UE 261 51.96 108.43 -58.83
C SER UE 261 53.48 108.56 -58.89
N ARG UE 262 54.07 108.95 -57.76
CA ARG UE 262 55.51 108.87 -57.59
C ARG UE 262 56.03 107.45 -57.71
N GLN UE 263 55.24 106.49 -57.30
CA GLN UE 263 55.77 105.13 -57.18
C GLN UE 263 55.75 104.32 -58.47
N ARG UE 264 54.76 104.51 -59.32
CA ARG UE 264 54.64 103.71 -60.54
C ARG UE 264 55.17 104.38 -61.81
N ASN UE 265 54.95 105.67 -62.01
CA ASN UE 265 55.41 106.30 -63.25
C ASN UE 265 56.91 106.57 -63.18
N THR UE 266 57.60 106.31 -64.28
CA THR UE 266 58.98 106.72 -64.47
C THR UE 266 59.12 107.50 -65.77
N MET UE 267 59.51 108.77 -65.67
CA MET UE 267 59.54 109.65 -66.83
C MET UE 267 60.67 110.66 -66.62
N SER UE 268 61.20 111.18 -67.72
CA SER UE 268 62.09 112.33 -67.62
C SER UE 268 61.31 113.63 -67.44
N LYS UE 269 61.98 114.62 -66.88
CA LYS UE 269 61.36 115.92 -66.72
C LYS UE 269 60.97 116.50 -68.08
N LYS UE 270 61.68 116.12 -69.13
CA LYS UE 270 61.33 116.56 -70.47
C LYS UE 270 59.97 116.01 -70.86
N GLU UE 271 59.79 114.71 -70.63
CA GLU UE 271 58.52 114.06 -70.90
C GLU UE 271 57.40 114.72 -70.10
N LEU UE 272 57.64 114.98 -68.82
CA LEU UE 272 56.64 115.65 -68.01
C LEU UE 272 56.28 117.02 -68.57
N GLU UE 273 57.26 117.78 -69.02
CA GLU UE 273 56.97 119.07 -69.62
C GLU UE 273 56.13 118.93 -70.89
N VAL UE 274 56.47 117.97 -71.73
CA VAL UE 274 55.66 117.72 -72.93
C VAL UE 274 54.22 117.40 -72.56
N LEU UE 275 54.03 116.47 -71.63
CA LEU UE 275 52.69 116.15 -71.15
C LEU UE 275 51.95 117.39 -70.69
N SER UE 276 52.62 118.22 -69.90
CA SER UE 276 52.04 119.47 -69.44
C SER UE 276 51.56 120.33 -70.60
N GLN UE 277 52.41 120.53 -71.60
CA GLN UE 277 52.01 121.33 -72.74
C GLN UE 277 50.81 120.75 -73.47
N LYS UE 278 50.78 119.44 -73.69
CA LYS UE 278 49.61 118.85 -74.36
C LYS UE 278 48.32 119.08 -73.58
N LEU UE 279 48.36 118.88 -72.26
CA LEU UE 279 47.18 119.20 -71.47
C LEU UE 279 46.80 120.67 -71.58
N ARG UE 280 47.78 121.56 -71.52
CA ARG UE 280 47.48 122.97 -71.70
C ARG UE 280 46.77 123.21 -73.01
N ALA UE 281 47.15 122.47 -74.05
CA ALA UE 281 46.46 122.60 -75.33
C ALA UE 281 45.03 122.11 -75.27
N LEU UE 282 44.76 121.07 -74.47
CA LEU UE 282 43.37 120.63 -74.29
C LEU UE 282 42.52 121.64 -73.53
N MET UE 283 43.11 122.40 -72.64
CA MET UE 283 42.36 123.33 -71.79
C MET UE 283 42.66 124.77 -72.18
N PRO UE 284 42.02 125.28 -73.22
CA PRO UE 284 42.29 126.65 -73.67
C PRO UE 284 41.95 127.73 -72.67
N TYR UE 285 41.26 127.41 -71.59
CA TYR UE 285 40.96 128.41 -70.56
C TYR UE 285 42.02 128.45 -69.47
N ALA UE 286 42.91 127.46 -69.41
CA ALA UE 286 43.93 127.35 -68.38
C ALA UE 286 45.26 127.91 -68.84
N ASP UE 287 45.89 128.70 -67.96
CA ASP UE 287 47.21 129.25 -68.24
C ASP UE 287 48.32 128.22 -68.10
N SER UE 288 48.20 127.30 -67.15
CA SER UE 288 49.27 126.33 -66.95
C SER UE 288 48.72 125.18 -66.14
N VAL UE 289 49.36 124.03 -66.28
CA VAL UE 289 49.02 122.82 -65.54
C VAL UE 289 50.19 122.43 -64.65
N ASN UE 290 49.95 122.35 -63.35
CA ASN UE 290 50.99 122.00 -62.39
C ASN UE 290 50.89 120.51 -62.09
N ILE UE 291 51.98 119.78 -62.35
CA ILE UE 291 52.06 118.34 -62.08
C ILE UE 291 52.79 118.07 -60.77
N THR UE 292 52.10 117.36 -59.87
CA THR UE 292 52.59 117.01 -58.54
C THR UE 292 52.58 115.49 -58.36
N LEU UE 293 53.63 114.96 -57.77
CA LEU UE 293 53.77 113.54 -57.49
C LEU UE 293 53.30 113.20 -56.08
N MET UE 294 52.41 112.21 -55.98
CA MET UE 294 51.80 111.77 -54.72
C MET UE 294 52.23 110.35 -54.39
N ASP UE 295 52.20 110.02 -53.09
CA ASP UE 295 52.59 108.70 -52.60
C ASP UE 295 51.42 107.75 -52.37
N ASP UE 296 51.50 106.58 -53.02
CA ASP UE 296 50.47 105.56 -52.91
C ASP UE 296 50.30 105.06 -51.49
N VAL UE 297 51.39 104.85 -50.74
CA VAL UE 297 51.24 104.39 -49.37
C VAL UE 297 50.37 105.35 -48.58
N THR UE 298 50.55 106.65 -48.78
CA THR UE 298 49.68 107.63 -48.12
C THR UE 298 48.23 107.44 -48.55
N ALA UE 299 47.98 107.43 -49.86
CA ALA UE 299 46.63 107.20 -50.36
C ALA UE 299 45.94 105.96 -49.78
N ALA UE 300 46.67 104.86 -49.61
CA ALA UE 300 46.18 103.70 -48.88
C ALA UE 300 45.89 103.99 -47.41
N GLY UE 301 46.88 104.48 -46.69
CA GLY UE 301 46.76 104.59 -45.25
C GLY UE 301 45.70 105.57 -44.78
N GLN UE 302 45.48 106.65 -45.51
CA GLN UE 302 44.31 107.47 -45.19
C GLN UE 302 42.99 106.74 -45.35
N ALA UE 303 42.92 105.75 -46.22
CA ALA UE 303 41.68 104.97 -46.34
C ALA UE 303 41.53 104.00 -45.20
N GLU UE 304 42.57 103.24 -44.90
CA GLU UE 304 42.44 102.28 -43.81
C GLU UE 304 42.24 102.98 -42.47
N ALA UE 305 42.95 104.07 -42.24
CA ALA UE 305 42.72 104.84 -41.02
C ALA UE 305 41.31 105.41 -40.95
N GLY UE 306 40.70 105.78 -42.07
CA GLY UE 306 39.33 106.24 -41.99
C GLY UE 306 38.34 105.13 -41.65
N LEU UE 307 38.55 103.94 -42.21
CA LEU UE 307 37.69 102.83 -41.81
C LEU UE 307 37.84 102.51 -40.33
N LYS UE 308 39.07 102.52 -39.82
CA LYS UE 308 39.22 102.26 -38.40
C LYS UE 308 38.53 103.33 -37.60
N GLN UE 309 38.70 104.58 -38.00
CA GLN UE 309 38.05 105.67 -37.29
C GLN UE 309 36.54 105.47 -37.24
N GLN UE 310 35.97 104.80 -38.24
CA GLN UE 310 34.53 104.59 -38.22
C GLN UE 310 34.12 103.28 -37.56
N ALA UE 311 35.08 102.48 -37.13
CA ALA UE 311 34.80 101.17 -36.55
C ALA UE 311 33.98 100.25 -37.45
N LEU UE 312 34.05 100.45 -38.76
CA LEU UE 312 33.39 99.54 -39.67
C LEU UE 312 34.20 98.25 -39.77
N PRO UE 313 33.54 97.10 -39.95
CA PRO UE 313 34.28 95.87 -40.27
C PRO UE 313 34.69 95.86 -41.73
N TYR UE 314 35.88 95.35 -42.00
CA TYR UE 314 36.38 95.33 -43.36
C TYR UE 314 37.43 94.25 -43.55
N SER UE 315 37.73 93.97 -44.82
CA SER UE 315 38.85 93.13 -45.22
C SER UE 315 39.60 93.84 -46.33
N ARG UE 316 40.93 93.78 -46.28
CA ARG UE 316 41.79 94.42 -47.26
C ARG UE 316 42.42 93.39 -48.17
N ARG UE 317 42.47 93.70 -49.47
CA ARG UE 317 43.19 92.88 -50.44
C ARG UE 317 44.11 93.75 -51.27
N ASN UE 318 45.36 93.32 -51.43
CA ASN UE 318 46.36 94.04 -52.21
C ASN UE 318 46.57 93.37 -53.56
N HIS UE 319 46.48 94.15 -54.62
CA HIS UE 319 46.83 93.73 -55.96
C HIS UE 319 48.02 94.54 -56.43
N LYS UE 320 48.59 94.11 -57.55
CA LYS UE 320 49.79 94.76 -58.05
C LYS UE 320 49.55 96.23 -58.34
N GLY UE 321 48.35 96.59 -58.78
CA GLY UE 321 48.03 97.96 -59.12
C GLY UE 321 46.85 98.59 -58.41
N GLY UE 322 46.43 98.03 -57.27
CA GLY UE 322 45.24 98.55 -56.62
C GLY UE 322 45.01 97.90 -55.28
N VAL UE 323 44.09 98.50 -54.52
CA VAL UE 323 43.69 97.94 -53.24
C VAL UE 323 42.17 97.90 -53.17
N THR UE 324 41.64 96.77 -52.71
CA THR UE 324 40.21 96.58 -52.56
C THR UE 324 39.88 96.43 -51.07
N PHE UE 325 38.88 97.16 -50.62
CA PHE UE 325 38.30 96.95 -49.29
C PHE UE 325 36.90 96.41 -49.43
N VAL UE 326 36.62 95.31 -48.73
CA VAL UE 326 35.31 94.68 -48.74
C VAL UE 326 34.68 94.84 -47.37
N ILE UE 327 33.44 95.29 -47.35
CA ILE UE 327 32.66 95.44 -46.12
C ILE UE 327 31.38 94.66 -46.32
N GLN UE 328 31.13 93.66 -45.49
CA GLN UE 328 29.94 92.87 -45.71
C GLN UE 328 29.40 92.32 -44.40
N GLY UE 329 28.11 92.02 -44.42
CA GLY UE 329 27.47 91.33 -43.33
C GLY UE 329 26.10 91.92 -43.04
N ALA UE 330 25.61 91.64 -41.84
CA ALA UE 330 24.36 92.20 -41.33
C ALA UE 330 24.57 93.60 -40.75
N LEU UE 331 24.99 94.52 -41.62
CA LEU UE 331 25.23 95.88 -41.18
C LEU UE 331 23.93 96.55 -40.70
N ASP UE 332 24.11 97.64 -39.96
CA ASP UE 332 23.04 98.34 -39.28
C ASP UE 332 22.90 99.75 -39.85
N ASP UE 333 21.73 100.36 -39.65
CA ASP UE 333 21.43 101.61 -40.33
C ASP UE 333 22.38 102.74 -39.98
N VAL UE 334 23.00 102.70 -38.82
CA VAL UE 334 23.98 103.71 -38.49
C VAL UE 334 25.27 103.43 -39.22
N GLU UE 335 25.62 102.16 -39.36
CA GLU UE 335 26.84 101.84 -40.05
C GLU UE 335 26.72 102.22 -41.52
N ILE UE 336 25.63 101.81 -42.15
CA ILE UE 336 25.42 102.18 -43.55
C ILE UE 336 25.50 103.68 -43.72
N LEU UE 337 24.90 104.44 -42.82
CA LEU UE 337 24.93 105.90 -42.99
C LEU UE 337 26.33 106.46 -42.84
N ARG UE 338 27.10 105.99 -41.88
CA ARG UE 338 28.45 106.54 -41.74
C ARG UE 338 29.36 106.12 -42.88
N ALA UE 339 29.17 104.90 -43.39
CA ALA UE 339 29.98 104.40 -44.48
C ALA UE 339 29.78 105.20 -45.75
N ARG UE 340 28.53 105.31 -46.20
CA ARG UE 340 28.23 106.13 -47.36
C ARG UE 340 28.89 107.51 -47.29
N GLN UE 341 28.74 108.21 -46.18
CA GLN UE 341 29.38 109.52 -46.03
C GLN UE 341 30.88 109.46 -46.21
N PHE UE 342 31.56 108.57 -45.48
CA PHE UE 342 33.01 108.48 -45.60
C PHE UE 342 33.47 108.20 -47.02
N VAL UE 343 32.91 107.18 -47.65
CA VAL UE 343 33.29 106.85 -49.02
C VAL UE 343 33.10 108.04 -49.94
N ASP UE 344 31.92 108.63 -49.94
CA ASP UE 344 31.70 109.82 -50.74
C ASP UE 344 32.71 110.92 -50.47
N SER UE 345 33.15 111.06 -49.23
CA SER UE 345 34.15 112.08 -48.90
C SER UE 345 35.52 111.76 -49.50
N TYR UE 346 36.00 110.55 -49.30
CA TYR UE 346 37.28 110.11 -49.84
C TYR UE 346 37.32 110.25 -51.35
N TYR UE 347 36.31 109.73 -52.02
CA TYR UE 347 36.31 109.71 -53.47
C TYR UE 347 36.46 111.11 -54.06
N ARG UE 348 35.87 112.12 -53.42
CA ARG UE 348 36.05 113.48 -53.92
C ARG UE 348 37.49 113.94 -53.90
N THR UE 349 38.31 113.38 -53.03
CA THR UE 349 39.71 113.74 -52.95
C THR UE 349 40.56 112.93 -53.92
N TRP UE 350 40.52 111.62 -53.81
CA TRP UE 350 41.45 110.78 -54.55
C TRP UE 350 40.89 110.15 -55.82
N GLY UE 351 39.59 110.18 -56.05
CA GLY UE 351 39.00 109.43 -57.15
C GLY UE 351 39.03 107.93 -56.97
N GLY UE 352 38.45 107.24 -57.95
CA GLY UE 352 38.34 105.79 -57.93
C GLY UE 352 39.48 104.97 -58.50
N ARG UE 353 40.56 105.58 -58.90
CA ARG UE 353 41.51 104.91 -59.79
C ARG UE 353 42.47 103.98 -59.07
N TYR UE 354 42.43 103.85 -57.74
CA TYR UE 354 43.35 102.95 -57.06
C TYR UE 354 42.76 102.16 -55.90
N VAL UE 355 41.95 102.79 -55.06
CA VAL UE 355 41.26 102.12 -53.96
C VAL UE 355 39.79 101.98 -54.32
N GLN UE 356 39.27 100.76 -54.18
CA GLN UE 356 37.84 100.51 -54.34
C GLN UE 356 37.21 99.98 -53.07
N PHE UE 357 36.00 100.46 -52.78
CA PHE UE 357 35.19 99.99 -51.66
C PHE UE 357 33.99 99.23 -52.18
N ALA UE 358 33.77 98.02 -51.68
CA ALA UE 358 32.62 97.20 -52.03
C ALA UE 358 31.83 96.88 -50.77
N ILE UE 359 30.50 97.04 -50.84
CA ILE UE 359 29.62 96.87 -49.69
C ILE UE 359 28.59 95.80 -50.00
N GLU UE 360 28.38 94.87 -49.05
CA GLU UE 360 27.54 93.70 -49.30
C GLU UE 360 26.66 93.39 -48.08
N LEU UE 361 25.38 93.75 -48.16
CA LEU UE 361 24.41 93.34 -47.16
C LEU UE 361 24.04 91.87 -47.34
N LYS UE 362 24.22 91.06 -46.30
CA LYS UE 362 23.77 89.68 -46.36
C LYS UE 362 23.30 89.18 -45.01
N ASP UE 363 22.36 88.24 -45.06
CA ASP UE 363 21.55 87.82 -43.93
C ASP UE 363 22.36 87.11 -42.86
N ASP UE 364 21.76 87.04 -41.67
CA ASP UE 364 22.41 86.50 -40.48
C ASP UE 364 21.98 85.06 -40.25
N TRP UE 365 22.94 84.16 -40.29
CA TRP UE 365 22.67 82.75 -40.01
C TRP UE 365 22.57 82.44 -38.53
N LEU UE 366 23.23 83.24 -37.70
CA LEU UE 366 23.40 82.91 -36.29
C LEU UE 366 22.23 83.28 -35.42
N LYS UE 367 21.34 84.16 -35.86
CA LYS UE 367 20.25 84.60 -35.02
C LYS UE 367 19.39 83.44 -34.53
N GLY UE 368 19.39 83.23 -33.22
CA GLY UE 368 18.62 82.18 -32.58
C GLY UE 368 19.27 80.81 -32.53
N ARG UE 369 20.41 80.61 -33.16
CA ARG UE 369 21.02 79.28 -33.20
C ARG UE 369 22.18 79.21 -32.21
N SER UE 370 22.68 78.00 -32.01
CA SER UE 370 23.88 77.76 -31.23
C SER UE 370 24.95 77.17 -32.11
N PHE UE 371 26.20 77.48 -31.79
CA PHE UE 371 27.30 77.18 -32.68
C PHE UE 371 28.59 77.11 -31.89
N GLN UE 372 29.58 76.47 -32.48
CA GLN UE 372 30.95 76.51 -31.99
C GLN UE 372 31.76 77.38 -32.94
N TYR UE 373 32.65 78.20 -32.38
CA TYR UE 373 33.49 79.07 -33.17
C TYR UE 373 34.92 78.89 -32.74
N GLY UE 374 35.83 79.15 -33.67
CA GLY UE 374 37.23 78.88 -33.43
C GLY UE 374 37.90 78.23 -34.62
N ALA UE 375 38.84 77.32 -34.35
CA ALA UE 375 39.50 76.61 -35.42
C ALA UE 375 38.56 75.64 -36.13
N GLU UE 376 37.57 75.10 -35.43
CA GLU UE 376 36.77 73.98 -35.91
C GLU UE 376 35.30 74.24 -35.73
N GLY UE 377 34.86 75.44 -36.12
CA GLY UE 377 33.49 75.82 -35.88
C GLY UE 377 32.49 75.03 -36.71
N TYR UE 378 31.25 75.06 -36.23
CA TYR UE 378 30.11 74.54 -36.96
C TYR UE 378 28.86 75.16 -36.36
N ILE UE 379 27.77 75.11 -37.10
CA ILE UE 379 26.50 75.65 -36.65
C ILE UE 379 25.53 74.51 -36.44
N LYS UE 380 24.75 74.58 -35.38
CA LYS UE 380 23.62 73.67 -35.22
C LYS UE 380 22.43 74.29 -35.95
N MET UE 381 22.03 73.69 -37.06
CA MET UE 381 20.82 74.16 -37.70
C MET UE 381 19.63 73.89 -36.80
N SER UE 382 19.70 72.79 -36.08
CA SER UE 382 18.69 72.36 -35.12
C SER UE 382 19.32 71.31 -34.25
N PRO UE 383 18.66 70.85 -33.21
CA PRO UE 383 18.99 69.53 -32.66
C PRO UE 383 19.08 68.50 -33.77
N GLY UE 384 20.10 67.66 -33.70
CA GLY UE 384 20.28 66.63 -34.71
C GLY UE 384 20.69 67.06 -36.10
N HIS UE 385 21.00 68.33 -36.34
CA HIS UE 385 21.43 68.75 -37.66
C HIS UE 385 22.61 69.70 -37.58
N TRP UE 386 23.76 69.27 -38.08
CA TRP UE 386 25.01 70.02 -38.06
C TRP UE 386 25.34 70.56 -39.44
N TYR UE 387 25.79 71.81 -39.49
CA TYR UE 387 26.30 72.41 -40.72
C TYR UE 387 27.76 72.81 -40.53
N PHE UE 388 28.62 72.32 -41.42
CA PHE UE 388 30.04 72.67 -41.44
C PHE UE 388 30.36 73.65 -42.57
N PRO UE 389 30.34 74.95 -42.33
CA PRO UE 389 30.70 75.87 -43.40
C PRO UE 389 32.18 75.79 -43.69
N SER UE 390 32.55 76.22 -44.90
CA SER UE 390 33.89 76.00 -45.42
C SER UE 390 34.93 76.93 -44.81
N ALA VE 171 20.50 154.34 -48.51
CA ALA VE 171 19.95 153.09 -48.01
C ALA VE 171 21.06 152.16 -47.58
N GLU VE 172 21.37 152.15 -46.28
CA GLU VE 172 22.41 151.28 -45.80
C GLU VE 172 21.91 149.84 -45.79
N LEU VE 173 22.85 148.90 -45.76
CA LEU VE 173 22.46 147.50 -45.72
C LEU VE 173 21.78 147.15 -44.40
N ASP VE 174 22.29 147.67 -43.28
CA ASP VE 174 21.71 147.40 -41.97
C ASP VE 174 20.26 147.83 -41.87
N SER VE 175 19.88 148.89 -42.59
CA SER VE 175 18.51 149.36 -42.54
C SER VE 175 17.53 148.39 -43.19
N LEU VE 176 18.01 147.48 -44.01
CA LEU VE 176 17.16 146.51 -44.69
C LEU VE 176 17.03 145.19 -43.96
N LEU VE 177 17.94 144.88 -43.05
CA LEU VE 177 17.91 143.58 -42.41
C LEU VE 177 16.89 143.47 -41.29
N GLY VE 178 16.36 144.57 -40.79
CA GLY VE 178 15.42 144.47 -39.70
C GLY VE 178 15.47 145.53 -38.63
N GLN VE 179 14.64 145.33 -37.61
CA GLN VE 179 14.68 146.15 -36.40
C GLN VE 179 15.79 145.73 -35.44
N GLU VE 180 15.99 144.45 -35.23
CA GLU VE 180 16.95 143.99 -34.22
C GLU VE 180 18.37 144.14 -34.76
N LYS VE 181 18.89 145.36 -34.63
CA LYS VE 181 20.10 145.77 -35.33
C LYS VE 181 21.29 144.86 -34.99
N GLU VE 182 21.40 144.47 -33.72
CA GLU VE 182 22.53 143.67 -33.26
C GLU VE 182 22.49 142.21 -33.68
N ARG VE 183 21.41 141.76 -34.30
CA ARG VE 183 21.31 140.36 -34.65
C ARG VE 183 22.27 139.96 -35.77
N PHE VE 184 22.55 140.86 -36.71
CA PHE VE 184 23.46 140.65 -37.83
C PHE VE 184 24.67 141.56 -37.71
N GLN VE 185 25.75 141.21 -38.41
CA GLN VE 185 26.95 142.05 -38.35
C GLN VE 185 27.49 142.22 -39.77
N VAL VE 186 27.64 143.48 -40.19
CA VAL VE 186 28.08 143.85 -41.54
C VAL VE 186 29.55 144.28 -41.51
N LEU VE 187 30.35 143.64 -42.36
CA LEU VE 187 31.78 143.90 -42.48
C LEU VE 187 32.18 144.21 -43.91
N PRO VE 188 33.08 145.16 -44.12
CA PRO VE 188 33.61 145.42 -45.46
C PRO VE 188 34.76 144.49 -45.81
N GLY VE 189 34.85 144.14 -47.09
CA GLY VE 189 35.91 143.27 -47.57
C GLY VE 189 36.83 143.98 -48.54
N ARG VE 190 38.10 143.54 -48.56
CA ARG VE 190 39.10 144.14 -49.42
C ARG VE 190 38.73 144.06 -50.91
N ASP VE 191 37.93 143.07 -51.31
CA ASP VE 191 37.51 142.96 -52.70
C ASP VE 191 36.28 143.80 -53.02
N LYS VE 192 36.03 144.84 -52.24
CA LYS VE 192 34.92 145.76 -52.48
C LYS VE 192 33.57 145.06 -52.39
N MET VE 193 33.37 144.27 -51.33
CA MET VE 193 32.14 143.53 -51.16
C MET VE 193 31.76 143.55 -49.69
N LEU VE 194 30.45 143.60 -49.43
CA LEU VE 194 29.92 143.54 -48.09
C LEU VE 194 29.62 142.12 -47.64
N TYR VE 195 30.18 141.72 -46.50
CA TYR VE 195 29.98 140.41 -45.91
C TYR VE 195 29.10 140.53 -44.68
N VAL VE 196 27.98 139.84 -44.67
CA VAL VE 196 27.04 139.84 -43.57
C VAL VE 196 27.24 138.55 -42.80
N ALA VE 197 27.64 138.67 -41.55
CA ALA VE 197 27.86 137.53 -40.67
C ALA VE 197 26.60 137.27 -39.87
N ALA VE 198 26.14 136.02 -39.95
CA ALA VE 198 24.97 135.49 -39.28
C ALA VE 198 25.40 134.44 -38.25
N GLN VE 199 24.49 134.12 -37.35
CA GLN VE 199 24.73 133.16 -36.27
C GLN VE 199 24.14 131.77 -36.53
N ASN VE 200 23.15 131.61 -37.40
CA ASN VE 200 22.50 130.32 -37.56
C ASN VE 200 21.82 130.28 -38.90
N GLU VE 201 21.28 129.11 -39.23
CA GLU VE 201 20.60 128.90 -40.50
C GLU VE 201 19.38 129.79 -40.70
N ARG VE 202 18.45 129.78 -39.76
CA ARG VE 202 17.26 130.61 -39.88
C ARG VE 202 17.61 132.08 -40.16
N ASP VE 203 18.59 132.61 -39.44
CA ASP VE 203 19.04 133.98 -39.71
C ASP VE 203 19.70 134.10 -41.06
N THR VE 204 20.51 133.13 -41.44
CA THR VE 204 21.14 133.13 -42.74
C THR VE 204 20.12 133.26 -43.86
N LEU VE 205 19.04 132.50 -43.78
CA LEU VE 205 17.98 132.63 -44.78
C LEU VE 205 17.23 133.94 -44.67
N TRP VE 206 17.03 134.44 -43.45
CA TRP VE 206 16.40 135.76 -43.30
C TRP VE 206 17.21 136.84 -44.00
N ALA VE 207 18.52 136.71 -43.99
CA ALA VE 207 19.36 137.67 -44.71
C ALA VE 207 19.38 137.42 -46.21
N ARG VE 208 19.61 136.18 -46.62
CA ARG VE 208 19.67 135.86 -48.04
C ARG VE 208 18.41 136.28 -48.79
N GLN VE 209 17.24 136.18 -48.16
CA GLN VE 209 16.05 136.63 -48.87
C GLN VE 209 16.12 138.09 -49.29
N VAL VE 210 16.72 138.95 -48.47
CA VAL VE 210 16.82 140.36 -48.84
C VAL VE 210 17.67 140.55 -50.09
N LEU VE 211 18.79 139.83 -50.17
CA LEU VE 211 19.64 139.95 -51.34
C LEU VE 211 19.00 139.33 -52.56
N ALA VE 212 18.48 138.11 -52.43
CA ALA VE 212 17.92 137.41 -53.58
C ALA VE 212 16.70 138.13 -54.13
N ARG VE 213 15.97 138.85 -53.28
CA ARG VE 213 14.90 139.68 -53.80
C ARG VE 213 15.47 140.83 -54.61
N GLY VE 214 16.73 141.20 -54.37
CA GLY VE 214 17.35 142.32 -55.03
C GLY VE 214 17.01 143.68 -54.44
N ASP VE 215 16.76 143.73 -53.13
CA ASP VE 215 16.45 145.01 -52.51
C ASP VE 215 17.67 145.92 -52.46
N TYR VE 216 18.86 145.34 -52.31
CA TYR VE 216 20.11 146.11 -52.30
C TYR VE 216 20.85 145.93 -53.62
N ASP VE 217 21.30 147.04 -54.18
CA ASP VE 217 21.78 147.08 -55.56
C ASP VE 217 23.25 146.74 -55.72
N LYS VE 218 24.08 147.07 -54.73
CA LYS VE 218 25.49 146.70 -54.78
C LYS VE 218 25.69 145.22 -54.43
N ASN VE 219 26.94 144.79 -54.47
CA ASN VE 219 27.28 143.42 -54.10
C ASN VE 219 27.28 143.18 -52.59
N ALA VE 220 26.82 141.99 -52.22
CA ALA VE 220 26.78 141.57 -50.82
C ALA VE 220 26.81 140.06 -50.79
N ARG VE 221 27.16 139.52 -49.62
CA ARG VE 221 27.26 138.08 -49.45
C ARG VE 221 26.94 137.77 -48.00
N VAL VE 222 26.38 136.59 -47.75
CA VAL VE 222 26.05 136.11 -46.41
C VAL VE 222 26.97 134.96 -46.03
N ILE VE 223 27.46 134.98 -44.79
CA ILE VE 223 28.39 133.97 -44.29
C ILE VE 223 28.07 133.55 -42.87
N ASN VE 224 28.51 132.33 -42.55
CA ASN VE 224 28.38 131.78 -41.21
C ASN VE 224 29.53 130.79 -40.98
N GLU VE 225 29.72 130.46 -39.70
CA GLU VE 225 30.86 129.66 -39.27
C GLU VE 225 30.92 128.26 -39.88
N ASN VE 226 29.81 127.54 -39.95
CA ASN VE 226 29.90 126.19 -40.46
C ASN VE 226 30.27 126.17 -41.94
N GLU VE 227 29.63 127.04 -42.72
CA GLU VE 227 29.96 127.15 -44.13
C GLU VE 227 31.43 127.47 -44.33
N GLU VE 228 31.96 128.42 -43.56
CA GLU VE 228 33.35 128.77 -43.77
C GLU VE 228 34.29 127.64 -43.35
N ASN VE 229 33.98 126.94 -42.28
CA ASN VE 229 34.83 125.80 -41.93
C ASN VE 229 34.88 124.77 -43.05
N LYS VE 230 33.72 124.48 -43.65
CA LYS VE 230 33.71 123.51 -44.74
C LYS VE 230 34.52 123.99 -45.94
N ARG VE 231 34.30 125.22 -46.36
CA ARG VE 231 35.02 125.76 -47.51
C ARG VE 231 36.54 125.69 -47.31
N ILE VE 232 37.01 126.08 -46.12
CA ILE VE 232 38.44 126.07 -45.89
C ILE VE 232 38.96 124.65 -45.84
N SER VE 233 38.20 123.71 -45.29
CA SER VE 233 38.71 122.35 -45.27
C SER VE 233 38.85 121.80 -46.69
N ILE VE 234 37.91 122.13 -47.57
CA ILE VE 234 38.05 121.75 -48.97
C ILE VE 234 39.32 122.31 -49.60
N TRP VE 235 39.68 123.54 -49.28
CA TRP VE 235 40.92 124.11 -49.84
C TRP VE 235 42.17 123.41 -49.28
N LEU VE 236 42.23 123.25 -47.97
CA LEU VE 236 43.34 122.54 -47.35
C LEU VE 236 43.51 121.13 -47.90
N ASP VE 237 42.40 120.42 -48.14
CA ASP VE 237 42.52 119.09 -48.72
C ASP VE 237 43.35 119.08 -50.00
N THR VE 238 43.33 120.16 -50.76
CA THR VE 238 44.09 120.21 -52.00
C THR VE 238 45.54 120.60 -51.76
N TYR VE 239 45.79 121.72 -51.10
CA TYR VE 239 47.18 122.19 -50.98
C TYR VE 239 47.98 121.64 -49.79
N TYR VE 240 47.34 121.18 -48.74
CA TYR VE 240 48.03 120.66 -47.54
C TYR VE 240 47.35 119.37 -47.15
N PRO VE 241 47.48 118.34 -47.98
CA PRO VE 241 46.74 117.09 -47.77
C PRO VE 241 47.16 116.27 -46.57
N GLN VE 242 48.15 116.71 -45.80
CA GLN VE 242 48.61 115.93 -44.64
C GLN VE 242 48.64 116.77 -43.38
N LEU VE 243 48.11 117.98 -43.42
CA LEU VE 243 48.08 118.84 -42.25
C LEU VE 243 47.05 118.35 -41.24
N ALA VE 244 47.49 118.20 -40.00
CA ALA VE 244 46.65 117.80 -38.87
C ALA VE 244 46.16 119.03 -38.10
N TYR VE 245 44.84 119.21 -38.01
CA TYR VE 245 44.30 120.41 -37.39
C TYR VE 245 42.92 120.10 -36.83
N TYR VE 246 42.43 121.00 -35.99
CA TYR VE 246 41.13 120.86 -35.34
C TYR VE 246 40.05 121.74 -35.94
N ARG VE 247 40.05 123.05 -35.63
CA ARG VE 247 38.96 123.89 -36.07
C ARG VE 247 39.42 125.33 -36.10
N ILE VE 248 38.70 126.13 -36.88
CA ILE VE 248 38.87 127.58 -36.94
C ILE VE 248 37.68 128.28 -36.27
N HIS VE 249 37.99 129.10 -35.26
CA HIS VE 249 36.98 129.80 -34.48
C HIS VE 249 36.87 131.24 -34.95
N PHE VE 250 35.64 131.75 -35.02
CA PHE VE 250 35.32 133.09 -35.48
C PHE VE 250 34.58 133.90 -34.42
N ASP VE 251 34.95 133.78 -33.15
CA ASP VE 251 34.27 134.60 -32.15
C ASP VE 251 34.48 136.07 -32.46
N GLU VE 252 35.69 136.43 -32.87
CA GLU VE 252 36.03 137.76 -33.35
C GLU VE 252 36.28 137.57 -34.84
N PRO VE 253 35.33 137.92 -35.71
CA PRO VE 253 35.51 137.59 -37.13
C PRO VE 253 36.66 138.31 -37.80
N ARG VE 254 37.17 139.38 -37.23
CA ARG VE 254 38.33 140.04 -37.81
C ARG VE 254 39.65 139.38 -37.43
N LYS VE 255 39.67 138.47 -36.46
CA LYS VE 255 40.93 137.84 -36.04
C LYS VE 255 40.67 136.40 -35.67
N PRO VE 256 40.48 135.52 -36.65
CA PRO VE 256 40.22 134.12 -36.36
C PRO VE 256 41.41 133.42 -35.71
N VAL VE 257 41.10 132.30 -35.08
CA VAL VE 257 42.06 131.45 -34.38
C VAL VE 257 42.01 130.07 -35.02
N PHE VE 258 43.16 129.55 -35.43
CA PHE VE 258 43.26 128.26 -36.09
C PHE VE 258 44.07 127.31 -35.21
N TRP VE 259 43.43 126.23 -34.75
CA TRP VE 259 44.03 125.24 -33.87
C TRP VE 259 44.68 124.07 -34.61
N LEU VE 260 46.00 123.92 -34.45
CA LEU VE 260 46.77 122.84 -35.03
C LEU VE 260 47.25 121.91 -33.93
N SER VE 261 47.42 120.63 -34.26
CA SER VE 261 48.04 119.69 -33.34
C SER VE 261 49.52 119.99 -33.19
N ARG VE 262 50.00 119.91 -31.94
CA ARG VE 262 51.43 119.98 -31.67
C ARG VE 262 52.19 118.72 -32.04
N GLN VE 263 51.67 117.54 -31.72
CA GLN VE 263 52.47 116.34 -31.95
C GLN VE 263 52.39 115.84 -33.38
N ARG VE 264 51.23 115.90 -34.00
CA ARG VE 264 51.07 115.31 -35.31
C ARG VE 264 51.50 116.22 -36.45
N ASN VE 265 52.15 117.35 -36.15
CA ASN VE 265 52.63 118.26 -37.18
C ASN VE 265 54.08 118.60 -36.91
N THR VE 266 54.81 118.89 -37.98
CA THR VE 266 56.17 119.44 -37.89
C THR VE 266 56.36 120.49 -38.99
N MET VE 267 56.41 121.76 -38.59
CA MET VE 267 56.58 122.86 -39.53
C MET VE 267 57.51 123.87 -38.90
N SER VE 268 58.26 124.58 -39.76
CA SER VE 268 59.01 125.74 -39.29
C SER VE 268 58.12 126.97 -39.14
N LYS VE 269 58.63 127.91 -38.34
CA LYS VE 269 57.99 129.21 -38.18
C LYS VE 269 57.71 129.90 -39.52
N LYS VE 270 58.66 129.84 -40.45
CA LYS VE 270 58.45 130.39 -41.78
C LYS VE 270 57.26 129.75 -42.48
N GLU VE 271 57.21 128.43 -42.45
CA GLU VE 271 56.10 127.71 -43.05
C GLU VE 271 54.77 128.12 -42.42
N LEU VE 272 54.73 128.22 -41.10
CA LEU VE 272 53.52 128.69 -40.43
C LEU VE 272 53.12 130.08 -40.90
N GLU VE 273 54.08 130.98 -41.06
CA GLU VE 273 53.77 132.31 -41.55
C GLU VE 273 53.18 132.27 -42.96
N VAL VE 274 53.77 131.49 -43.85
CA VAL VE 274 53.23 131.35 -45.20
C VAL VE 274 51.79 130.83 -45.16
N LEU VE 275 51.55 129.77 -44.40
CA LEU VE 275 50.19 129.28 -44.21
C LEU VE 275 49.25 130.37 -43.75
N SER VE 276 49.67 131.14 -42.76
CA SER VE 276 48.90 132.27 -42.27
C SER VE 276 48.53 133.22 -43.40
N GLN VE 277 49.49 133.60 -44.21
CA GLN VE 277 49.20 134.55 -45.29
C GLN VE 277 48.24 133.97 -46.31
N LYS VE 278 48.37 132.69 -46.64
CA LYS VE 278 47.43 132.14 -47.62
C LYS VE 278 46.02 132.09 -47.07
N LEU VE 279 45.87 131.74 -45.79
CA LEU VE 279 44.54 131.84 -45.18
C LEU VE 279 44.01 133.26 -45.27
N ARG VE 280 44.86 134.24 -44.97
CA ARG VE 280 44.41 135.62 -45.07
C ARG VE 280 43.97 135.95 -46.48
N ALA VE 281 44.57 135.30 -47.48
CA ALA VE 281 44.11 135.59 -48.84
C ALA VE 281 42.77 134.94 -49.12
N LEU VE 282 42.48 133.79 -48.49
CA LEU VE 282 41.16 133.19 -48.63
C LEU VE 282 40.06 134.01 -47.95
N MET VE 283 40.38 134.68 -46.87
CA MET VE 283 39.37 135.40 -46.09
C MET VE 283 39.59 136.90 -46.16
N PRO VE 284 39.06 137.56 -47.20
CA PRO VE 284 39.29 138.99 -47.36
C PRO VE 284 38.64 139.87 -46.32
N TYR VE 285 37.85 139.32 -45.41
CA TYR VE 285 37.26 140.14 -44.35
C TYR VE 285 38.06 140.09 -43.06
N ALA VE 286 39.10 139.26 -42.99
CA ALA VE 286 39.91 139.13 -41.78
C ALA VE 286 41.24 139.86 -41.92
N ASP VE 287 41.64 140.53 -40.84
CA ASP VE 287 42.91 141.25 -40.85
C ASP VE 287 44.11 140.36 -40.57
N SER VE 288 43.94 139.28 -39.82
CA SER VE 288 45.06 138.38 -39.57
C SER VE 288 44.51 137.07 -39.02
N VAL VE 289 45.32 136.02 -39.12
CA VAL VE 289 44.98 134.70 -38.62
C VAL VE 289 45.98 134.30 -37.55
N ASN VE 290 45.49 133.99 -36.35
CA ASN VE 290 46.35 133.57 -35.25
C ASN VE 290 46.36 132.05 -35.22
N ILE VE 291 47.55 131.46 -35.30
CA ILE VE 291 47.73 130.02 -35.26
C ILE VE 291 48.16 129.57 -33.86
N THR VE 292 47.39 128.64 -33.29
CA THR VE 292 47.60 128.13 -31.94
C THR VE 292 47.78 126.63 -31.95
N LEU VE 293 48.77 126.14 -31.20
CA LEU VE 293 49.07 124.73 -31.07
C LEU VE 293 48.40 124.15 -29.83
N MET VE 294 47.64 123.07 -30.01
CA MET VE 294 46.87 122.41 -28.97
C MET VE 294 47.39 121.00 -28.72
N ASP VE 295 47.12 120.49 -27.52
CA ASP VE 295 47.53 119.15 -27.11
C ASP VE 295 46.44 118.09 -27.29
N ASP VE 296 46.80 117.03 -28.03
CA ASP VE 296 45.91 115.91 -28.26
C ASP VE 296 45.51 115.21 -26.96
N VAL VE 297 46.46 115.01 -26.06
CA VAL VE 297 46.14 114.37 -24.79
C VAL VE 297 45.07 115.17 -24.06
N THR VE 298 45.16 116.49 -24.10
CA THR VE 298 44.11 117.32 -23.52
C THR VE 298 42.77 117.04 -24.16
N ALA VE 299 42.69 117.09 -25.49
CA ALA VE 299 41.44 116.77 -26.18
C ALA VE 299 40.83 115.45 -25.73
N ALA VE 300 41.59 114.36 -25.88
CA ALA VE 300 41.13 113.04 -25.46
C ALA VE 300 40.72 113.00 -24.00
N GLY VE 301 41.47 113.66 -23.14
CA GLY VE 301 41.13 113.66 -21.72
C GLY VE 301 39.79 114.32 -21.44
N GLN VE 302 39.58 115.51 -21.99
CA GLN VE 302 38.29 116.15 -21.79
C GLN VE 302 37.12 115.36 -22.37
N ALA VE 303 37.34 114.59 -23.44
CA ALA VE 303 36.28 113.71 -23.91
C ALA VE 303 35.96 112.60 -22.91
N GLU VE 304 36.99 111.89 -22.45
CA GLU VE 304 36.70 110.82 -21.50
C GLU VE 304 36.10 111.36 -20.22
N ALA VE 305 36.66 112.45 -19.70
CA ALA VE 305 36.16 113.01 -18.45
C ALA VE 305 34.71 113.44 -18.58
N GLY VE 306 34.31 113.96 -19.74
CA GLY VE 306 32.90 114.28 -19.92
C GLY VE 306 32.00 113.05 -19.91
N LEU VE 307 32.46 111.94 -20.49
CA LEU VE 307 31.62 110.74 -20.43
C LEU VE 307 31.52 110.19 -19.01
N LYS VE 308 32.61 110.22 -18.25
CA LYS VE 308 32.51 109.79 -16.86
C LYS VE 308 31.63 110.72 -16.05
N GLN VE 309 31.78 112.02 -16.25
CA GLN VE 309 30.95 112.98 -15.54
C GLN VE 309 29.47 112.74 -15.82
N GLN VE 310 29.12 112.29 -17.01
CA GLN VE 310 27.73 111.92 -17.28
C GLN VE 310 27.38 110.50 -16.85
N ALA VE 311 28.35 109.71 -16.44
CA ALA VE 311 28.14 108.31 -16.06
C ALA VE 311 27.47 107.48 -17.15
N LEU VE 312 27.83 107.73 -18.38
CA LEU VE 312 27.42 106.89 -19.49
C LEU VE 312 28.32 105.65 -19.56
N PRO VE 313 27.79 104.50 -19.96
CA PRO VE 313 28.67 103.37 -20.26
C PRO VE 313 29.27 103.47 -21.66
N TYR VE 314 30.57 103.21 -21.77
CA TYR VE 314 31.26 103.38 -23.03
C TYR VE 314 32.43 102.42 -23.14
N SER VE 315 32.92 102.25 -24.38
CA SER VE 315 34.22 101.69 -24.65
C SER VE 315 35.08 102.67 -25.43
N ARG VE 316 36.39 102.63 -25.17
CA ARG VE 316 37.36 103.49 -25.82
C ARG VE 316 38.33 102.65 -26.66
N ARG VE 317 38.62 103.13 -27.86
CA ARG VE 317 39.56 102.48 -28.77
C ARG VE 317 40.55 103.50 -29.33
N ASN VE 318 41.83 103.15 -29.31
CA ASN VE 318 42.91 104.04 -29.68
C ASN VE 318 43.52 103.62 -31.02
N HIS VE 319 43.69 104.59 -31.91
CA HIS VE 319 44.37 104.40 -33.16
C HIS VE 319 45.45 105.47 -33.27
N LYS VE 320 46.30 105.35 -34.29
CA LYS VE 320 47.40 106.29 -34.43
C LYS VE 320 46.88 107.71 -34.55
N GLY VE 321 45.91 107.92 -35.43
CA GLY VE 321 45.40 109.24 -35.74
C GLY VE 321 44.09 109.62 -35.08
N GLY VE 322 43.59 108.87 -34.11
CA GLY VE 322 42.27 109.16 -33.59
C GLY VE 322 41.86 108.25 -32.46
N VAL VE 323 40.79 108.66 -31.80
CA VAL VE 323 40.24 107.97 -30.64
C VAL VE 323 38.74 107.80 -30.89
N THR VE 324 38.23 106.59 -30.67
CA THR VE 324 36.83 106.29 -30.88
C THR VE 324 36.16 105.90 -29.57
N PHE VE 325 34.97 106.45 -29.34
CA PHE VE 325 34.15 106.11 -28.18
C PHE VE 325 32.85 105.50 -28.68
N VAL VE 326 32.58 104.29 -28.22
CA VAL VE 326 31.41 103.50 -28.61
C VAL VE 326 30.45 103.45 -27.42
N ILE VE 327 29.21 103.83 -27.66
CA ILE VE 327 28.14 103.73 -26.67
C ILE VE 327 27.03 102.95 -27.36
N GLN VE 328 26.69 101.78 -26.82
CA GLN VE 328 25.75 100.92 -27.51
C GLN VE 328 24.96 100.04 -26.55
N GLY VE 329 23.85 99.52 -27.05
CA GLY VE 329 22.95 98.65 -26.31
C GLY VE 329 21.56 99.14 -26.01
N ALA VE 330 20.98 98.64 -24.91
CA ALA VE 330 19.65 99.06 -24.44
C ALA VE 330 19.67 100.32 -23.59
N LEU VE 331 20.09 101.42 -24.18
CA LEU VE 331 20.14 102.67 -23.44
C LEU VE 331 18.73 103.15 -23.07
N ASP VE 332 18.66 103.89 -21.98
CA ASP VE 332 17.44 104.51 -21.48
C ASP VE 332 17.30 105.95 -21.95
N ASP VE 333 16.07 106.47 -21.87
CA ASP VE 333 15.78 107.81 -22.39
C ASP VE 333 16.61 108.90 -21.73
N VAL VE 334 16.89 108.75 -20.44
CA VAL VE 334 17.74 109.71 -19.75
C VAL VE 334 19.13 109.69 -20.34
N GLU VE 335 19.70 108.50 -20.46
CA GLU VE 335 21.03 108.35 -21.02
C GLU VE 335 21.10 108.93 -22.43
N ILE VE 336 20.18 108.55 -23.30
CA ILE VE 336 20.16 109.12 -24.65
C ILE VE 336 20.17 110.64 -24.61
N LEU VE 337 19.26 111.24 -23.85
CA LEU VE 337 19.20 112.70 -23.78
C LEU VE 337 20.51 113.33 -23.33
N ARG VE 338 21.04 112.91 -22.18
CA ARG VE 338 22.28 113.50 -21.71
C ARG VE 338 23.46 113.25 -22.64
N ALA VE 339 23.54 112.07 -23.23
CA ALA VE 339 24.56 111.79 -24.22
C ALA VE 339 24.53 112.75 -25.39
N ARG VE 340 23.38 112.82 -26.08
CA ARG VE 340 23.29 113.71 -27.24
C ARG VE 340 23.58 115.17 -26.87
N GLN VE 341 23.16 115.62 -25.70
CA GLN VE 341 23.50 116.98 -25.30
C GLN VE 341 25.01 117.18 -25.17
N PHE VE 342 25.68 116.27 -24.47
CA PHE VE 342 27.13 116.39 -24.31
C PHE VE 342 27.86 116.37 -25.64
N VAL VE 343 27.61 115.35 -26.46
CA VAL VE 343 28.25 115.27 -27.77
C VAL VE 343 28.06 116.56 -28.55
N ASP VE 344 26.83 117.04 -28.64
CA ASP VE 344 26.60 118.30 -29.32
C ASP VE 344 27.42 119.45 -28.76
N SER VE 345 27.66 119.46 -27.45
CA SER VE 345 28.46 120.54 -26.88
C SER VE 345 29.92 120.42 -27.29
N TYR VE 346 30.49 119.24 -27.15
CA TYR VE 346 31.89 119.01 -27.50
C TYR VE 346 32.18 119.31 -28.96
N TYR VE 347 31.41 118.70 -29.86
CA TYR VE 347 31.64 118.90 -31.29
C TYR VE 347 31.79 120.36 -31.66
N ARG VE 348 30.98 121.24 -31.07
CA ARG VE 348 31.11 122.66 -31.38
C ARG VE 348 32.48 123.21 -31.05
N THR VE 349 33.16 122.66 -30.05
CA THR VE 349 34.47 123.15 -29.66
C THR VE 349 35.60 122.51 -30.46
N TRP VE 350 35.70 121.20 -30.46
CA TRP VE 350 36.82 120.49 -31.07
C TRP VE 350 36.57 119.99 -32.49
N GLY VE 351 35.37 120.09 -33.01
CA GLY VE 351 35.00 119.44 -34.26
C GLY VE 351 35.00 117.91 -34.29
N GLY VE 352 34.91 117.39 -35.50
CA GLY VE 352 34.97 115.95 -35.78
C GLY VE 352 36.26 115.30 -36.22
N ARG VE 353 37.38 116.01 -36.26
CA ARG VE 353 38.53 115.50 -36.98
C ARG VE 353 39.38 114.53 -36.20
N TYR VE 354 39.11 114.30 -34.91
CA TYR VE 354 40.00 113.48 -34.11
C TYR VE 354 39.26 112.52 -33.19
N VAL VE 355 38.28 112.99 -32.44
CA VAL VE 355 37.44 112.16 -31.60
C VAL VE 355 36.09 111.95 -32.26
N GLN VE 356 35.68 110.70 -32.43
CA GLN VE 356 34.37 110.32 -32.95
C GLN VE 356 33.60 109.54 -31.88
N PHE VE 357 32.31 109.85 -31.76
CA PHE VE 357 31.38 109.12 -30.91
C PHE VE 357 30.37 108.38 -31.76
N ALA VE 358 30.28 107.07 -31.58
CA ALA VE 358 29.31 106.24 -32.29
C ALA VE 358 28.24 105.74 -31.32
N ILE VE 359 26.99 106.15 -31.52
CA ILE VE 359 25.87 105.77 -30.66
C ILE VE 359 24.97 104.83 -31.44
N GLU VE 360 24.76 103.63 -30.92
CA GLU VE 360 23.96 102.62 -31.60
C GLU VE 360 23.13 101.85 -30.60
N LEU VE 361 21.80 101.89 -30.76
CA LEU VE 361 20.92 101.08 -29.93
C LEU VE 361 20.93 99.63 -30.39
N LYS VE 362 21.10 98.71 -29.46
CA LYS VE 362 21.10 97.28 -29.75
C LYS VE 362 20.13 96.58 -28.82
N ASP VE 363 19.63 95.45 -29.28
CA ASP VE 363 18.87 94.51 -28.45
C ASP VE 363 19.77 93.80 -27.46
N ASP VE 364 20.45 94.53 -26.57
CA ASP VE 364 21.47 93.92 -25.71
C ASP VE 364 21.39 94.56 -24.33
N TRP VE 365 20.96 93.74 -23.37
CA TRP VE 365 20.87 94.12 -21.97
C TRP VE 365 22.18 94.58 -21.35
N LEU VE 366 23.30 93.95 -21.71
CA LEU VE 366 24.54 94.18 -20.96
C LEU VE 366 25.23 95.48 -21.32
N LYS VE 367 24.59 96.37 -22.06
CA LYS VE 367 25.17 97.64 -22.44
C LYS VE 367 26.53 97.50 -23.12
N GLY VE 368 26.77 96.37 -23.78
CA GLY VE 368 28.00 96.17 -24.53
C GLY VE 368 29.18 95.55 -23.81
N ARG VE 369 29.10 95.27 -22.52
CA ARG VE 369 30.10 94.41 -21.92
C ARG VE 369 29.96 92.98 -22.45
N SER VE 370 31.02 92.19 -22.32
CA SER VE 370 30.92 90.78 -22.64
C SER VE 370 31.88 89.94 -21.81
N PHE VE 371 31.42 88.76 -21.42
CA PHE VE 371 32.18 87.81 -20.61
C PHE VE 371 31.93 86.41 -21.11
N GLN VE 372 32.81 85.50 -20.72
CA GLN VE 372 32.63 84.08 -21.01
C GLN VE 372 33.01 83.30 -19.77
N TYR VE 373 32.15 82.36 -19.41
CA TYR VE 373 32.31 81.51 -18.23
C TYR VE 373 33.24 80.34 -18.50
N GLY VE 374 33.94 79.93 -17.45
CA GLY VE 374 34.83 78.79 -17.55
C GLY VE 374 35.21 78.25 -16.18
N ALA VE 375 36.21 77.37 -16.18
CA ALA VE 375 36.70 76.75 -14.96
C ALA VE 375 37.10 77.78 -13.90
N GLU VE 376 37.57 78.94 -14.33
CA GLU VE 376 38.01 80.02 -13.45
C GLU VE 376 36.91 81.03 -13.17
N GLY VE 377 35.69 80.75 -13.62
CA GLY VE 377 34.63 81.70 -13.64
C GLY VE 377 34.63 82.59 -14.87
N TYR VE 378 33.96 83.73 -14.72
CA TYR VE 378 33.87 84.73 -15.76
C TYR VE 378 35.19 85.37 -16.13
N ILE VE 379 35.39 85.54 -17.43
CA ILE VE 379 36.55 86.22 -17.99
C ILE VE 379 36.01 87.23 -18.99
N LYS VE 380 36.43 88.47 -18.83
CA LYS VE 380 36.08 89.52 -19.78
C LYS VE 380 36.65 89.19 -21.15
N MET VE 381 35.94 89.61 -22.19
CA MET VE 381 36.39 89.37 -23.56
C MET VE 381 36.40 90.68 -24.31
N SER VE 382 37.33 90.78 -25.25
CA SER VE 382 37.54 91.98 -26.04
C SER VE 382 36.35 92.35 -26.93
N PRO VE 383 36.18 93.65 -27.20
CA PRO VE 383 35.12 94.12 -28.12
C PRO VE 383 35.06 93.42 -29.47
N GLY VE 384 33.90 93.51 -30.11
CA GLY VE 384 33.72 92.98 -31.45
C GLY VE 384 32.42 93.49 -32.03
N HIS VE 385 32.23 93.18 -33.31
CA HIS VE 385 30.99 93.55 -33.99
C HIS VE 385 29.81 92.68 -33.56
N TRP VE 386 30.01 91.37 -33.52
CA TRP VE 386 28.93 90.48 -33.10
C TRP VE 386 28.64 90.61 -31.61
N TYR VE 387 27.36 90.48 -31.26
CA TYR VE 387 26.88 90.58 -29.89
C TYR VE 387 25.72 89.61 -29.68
N PHE VE 388 25.63 89.09 -28.47
CA PHE VE 388 24.65 88.09 -28.08
C PHE VE 388 23.37 88.77 -27.60
N PRO VE 389 22.25 88.65 -28.31
CA PRO VE 389 21.04 89.36 -27.90
C PRO VE 389 20.45 88.78 -26.63
N SER VE 390 19.95 89.68 -25.78
CA SER VE 390 19.54 89.35 -24.43
C SER VE 390 18.14 88.76 -24.37
N PRO VE 391 17.99 87.48 -24.02
CA PRO VE 391 16.65 86.91 -23.86
C PRO VE 391 15.97 87.35 -22.58
N LEU VE 392 16.70 87.95 -21.65
CA LEU VE 392 16.20 88.21 -20.30
C LEU VE 392 14.81 88.78 -20.33
N ALA WE 171 10.09 160.30 -24.31
CA ALA WE 171 9.57 158.99 -23.93
C ALA WE 171 10.68 158.14 -23.35
N GLU WE 172 10.81 158.10 -22.03
CA GLU WE 172 11.85 157.28 -21.45
C GLU WE 172 11.48 155.82 -21.59
N LEU WE 173 12.49 154.95 -21.48
CA LEU WE 173 12.21 153.53 -21.62
C LEU WE 173 11.34 153.00 -20.48
N ASP WE 174 11.59 153.45 -19.25
CA ASP WE 174 10.79 152.98 -18.12
C ASP WE 174 9.30 153.25 -18.28
N SER WE 175 8.94 154.33 -18.96
CA SER WE 175 7.53 154.66 -19.14
C SER WE 175 6.82 153.67 -20.06
N LEU WE 176 7.54 152.94 -20.88
CA LEU WE 176 6.96 152.00 -21.82
C LEU WE 176 6.84 150.58 -21.30
N LEU WE 177 7.57 150.23 -20.26
CA LEU WE 177 7.57 148.85 -19.79
C LEU WE 177 6.35 148.48 -18.96
N GLY WE 178 5.57 149.45 -18.49
CA GLY WE 178 4.44 149.12 -17.65
C GLY WE 178 4.15 150.05 -16.49
N GLN WE 179 3.13 149.71 -15.71
CA GLN WE 179 2.84 150.43 -14.48
C GLN WE 179 3.78 150.07 -13.34
N GLU WE 180 4.09 148.78 -13.17
CA GLU WE 180 4.89 148.34 -12.02
C GLU WE 180 6.37 148.60 -12.30
N LYS WE 181 6.76 149.86 -12.10
CA LYS WE 181 8.04 150.36 -12.59
C LYS WE 181 9.22 149.52 -12.11
N GLU WE 182 9.18 149.01 -10.89
CA GLU WE 182 10.33 148.35 -10.30
C GLU WE 182 10.52 146.91 -10.74
N ARG WE 183 9.64 146.37 -11.58
CA ARG WE 183 9.81 144.99 -12.03
C ARG WE 183 11.06 144.82 -12.92
N PHE WE 184 11.48 145.89 -13.59
CA PHE WE 184 12.60 145.89 -14.53
C PHE WE 184 13.65 146.88 -14.07
N GLN WE 185 14.89 146.72 -14.57
CA GLN WE 185 15.94 147.65 -14.19
C GLN WE 185 16.70 148.08 -15.44
N VAL WE 186 16.77 149.39 -15.67
CA VAL WE 186 17.42 149.98 -16.84
C VAL WE 186 18.83 150.45 -16.49
N LEU WE 187 19.80 150.09 -17.33
CA LEU WE 187 21.19 150.45 -17.14
C LEU WE 187 21.78 151.01 -18.42
N PRO WE 188 22.48 152.15 -18.36
CA PRO WE 188 23.16 152.67 -19.56
C PRO WE 188 24.51 152.00 -19.76
N GLY WE 189 24.80 151.61 -20.99
CA GLY WE 189 26.05 150.96 -21.33
C GLY WE 189 27.05 151.91 -21.95
N ARG WE 190 28.34 151.59 -21.77
CA ARG WE 190 29.40 152.41 -22.31
C ARG WE 190 29.37 152.48 -23.83
N ASP WE 191 28.74 151.51 -24.48
CA ASP WE 191 28.57 151.51 -25.93
C ASP WE 191 27.43 152.43 -26.38
N LYS WE 192 26.89 153.23 -25.48
CA LYS WE 192 25.78 154.13 -25.78
C LYS WE 192 24.51 153.36 -26.16
N MET WE 193 24.20 152.33 -25.38
CA MET WE 193 23.04 151.50 -25.64
C MET WE 193 22.35 151.26 -24.30
N LEU WE 194 21.03 151.27 -24.28
CA LEU WE 194 20.32 150.92 -23.06
C LEU WE 194 20.19 149.41 -22.88
N TYR WE 195 20.40 148.95 -21.66
CA TYR WE 195 20.24 147.55 -21.28
C TYR WE 195 19.11 147.42 -20.28
N VAL WE 196 18.24 146.45 -20.48
CA VAL WE 196 17.10 146.20 -19.63
C VAL WE 196 17.32 144.86 -18.97
N ALA WE 197 17.48 144.87 -17.66
CA ALA WE 197 17.66 143.66 -16.87
C ALA WE 197 16.32 143.16 -16.40
N ALA WE 198 16.07 141.87 -16.66
CA ALA WE 198 14.86 141.15 -16.30
C ALA WE 198 15.20 140.01 -15.35
N GLN WE 199 14.18 139.47 -14.69
CA GLN WE 199 14.36 138.40 -13.73
C GLN WE 199 14.05 137.01 -14.26
N ASN WE 200 13.26 136.88 -15.32
CA ASN WE 200 12.84 135.55 -15.76
C ASN WE 200 12.44 135.63 -17.22
N GLU WE 201 12.14 134.46 -17.78
CA GLU WE 201 11.73 134.34 -19.18
C GLU WE 201 10.48 135.13 -19.53
N ARG WE 202 9.40 134.90 -18.79
CA ARG WE 202 8.15 135.61 -19.05
C ARG WE 202 8.37 137.12 -19.08
N ASP WE 203 9.04 137.66 -18.08
CA ASP WE 203 9.36 139.08 -18.07
C ASP WE 203 10.24 139.49 -19.24
N THR WE 204 11.21 138.65 -19.58
CA THR WE 204 12.06 138.91 -20.73
C THR WE 204 11.24 139.14 -21.99
N LEU WE 205 10.29 138.24 -22.26
CA LEU WE 205 9.47 138.41 -23.45
C LEU WE 205 8.52 139.58 -23.33
N TRP WE 206 8.06 139.90 -22.13
CA TRP WE 206 7.25 141.10 -21.96
C TRP WE 206 8.03 142.33 -22.37
N ALA WE 207 9.31 142.39 -22.02
CA ALA WE 207 10.11 143.54 -22.41
C ALA WE 207 10.45 143.54 -23.90
N ARG WE 208 10.93 142.41 -24.40
CA ARG WE 208 11.31 142.33 -25.81
C ARG WE 208 10.19 142.71 -26.75
N GLN WE 209 8.95 142.39 -26.40
CA GLN WE 209 7.85 142.81 -27.27
C GLN WE 209 7.83 144.32 -27.50
N VAL WE 210 8.19 145.11 -26.50
CA VAL WE 210 8.18 146.56 -26.66
C VAL WE 210 9.20 147.00 -27.71
N LEU WE 211 10.41 146.46 -27.63
CA LEU WE 211 11.45 146.83 -28.58
C LEU WE 211 11.12 146.33 -29.98
N ALA WE 212 10.78 145.06 -30.10
CA ALA WE 212 10.53 144.49 -31.42
C ALA WE 212 9.33 145.13 -32.09
N ARG WE 213 8.31 145.53 -31.33
CA ARG WE 213 7.23 146.30 -31.93
C ARG WE 213 7.75 147.63 -32.44
N GLY WE 214 8.84 148.13 -31.86
CA GLY WE 214 9.39 149.40 -32.24
C GLY WE 214 8.76 150.60 -31.57
N ASP WE 215 8.33 150.45 -30.32
CA ASP WE 215 7.81 151.58 -29.59
C ASP WE 215 8.89 152.58 -29.20
N TYR WE 216 10.16 152.15 -29.18
CA TYR WE 216 11.27 153.01 -28.80
C TYR WE 216 12.25 153.14 -29.96
N ASP WE 217 12.92 154.28 -30.02
CA ASP WE 217 13.69 154.67 -31.20
C ASP WE 217 15.21 154.57 -31.06
N LYS WE 218 15.76 154.70 -29.85
CA LYS WE 218 17.18 154.46 -29.67
C LYS WE 218 17.49 152.96 -29.54
N ASN WE 219 18.77 152.64 -29.43
CA ASN WE 219 19.21 151.26 -29.23
C ASN WE 219 19.02 150.76 -27.81
N ALA WE 220 18.57 149.51 -27.70
CA ALA WE 220 18.32 148.89 -26.42
C ALA WE 220 18.43 147.39 -26.59
N ARG WE 221 18.69 146.72 -25.47
CA ARG WE 221 18.83 145.28 -25.43
C ARG WE 221 18.27 144.74 -24.13
N VAL WE 222 17.79 143.52 -24.15
CA VAL WE 222 17.24 142.83 -22.99
C VAL WE 222 18.19 141.74 -22.54
N ILE WE 223 18.41 141.63 -21.22
CA ILE WE 223 19.34 140.65 -20.68
C ILE WE 223 18.83 140.03 -19.40
N ASN WE 224 19.34 138.83 -19.14
CA ASN WE 224 19.05 138.07 -17.92
C ASN WE 224 20.25 137.18 -17.63
N GLU WE 225 20.29 136.70 -16.38
CA GLU WE 225 21.43 135.94 -15.88
C GLU WE 225 21.72 134.66 -16.65
N ASN WE 226 20.70 133.88 -16.99
CA ASN WE 226 21.04 132.60 -17.64
C ASN WE 226 21.64 132.82 -19.03
N GLU WE 227 21.07 133.73 -19.81
CA GLU WE 227 21.62 134.05 -21.11
C GLU WE 227 23.05 134.55 -20.99
N GLU WE 228 23.30 135.44 -20.04
CA GLU WE 228 24.66 135.96 -19.91
C GLU WE 228 25.64 134.90 -19.45
N ASN WE 229 25.24 134.01 -18.55
CA ASN WE 229 26.13 132.93 -18.16
C ASN WE 229 26.51 132.09 -19.37
N LYS WE 230 25.53 131.79 -20.23
CA LYS WE 230 25.83 131.01 -21.42
C LYS WE 230 26.81 131.71 -22.34
N ARG WE 231 26.56 132.99 -22.63
CA ARG WE 231 27.44 133.73 -23.53
C ARG WE 231 28.86 133.79 -23.00
N ILE WE 232 29.03 134.05 -21.72
CA ILE WE 232 30.38 134.15 -21.19
C ILE WE 232 31.07 132.79 -21.18
N SER WE 233 30.33 131.72 -20.92
CA SER WE 233 30.97 130.42 -20.97
C SER WE 233 31.43 130.09 -22.38
N ILE WE 234 30.65 130.49 -23.38
CA ILE WE 234 31.07 130.27 -24.76
C ILE WE 234 32.32 131.05 -25.11
N TRP WE 235 32.50 132.25 -24.55
CA TRP WE 235 33.74 132.97 -24.85
C TRP WE 235 34.94 132.36 -24.14
N LEU WE 236 34.76 132.00 -22.87
CA LEU WE 236 35.82 131.32 -22.13
C LEU WE 236 36.26 130.04 -22.82
N ASP WE 237 35.31 129.28 -23.37
CA ASP WE 237 35.67 128.07 -24.11
C ASP WE 237 36.73 128.33 -25.16
N THR WE 238 36.75 129.51 -25.74
CA THR WE 238 37.72 129.79 -26.79
C THR WE 238 39.03 130.33 -26.24
N TYR WE 239 38.99 131.32 -25.34
CA TYR WE 239 40.27 131.91 -24.94
C TYR WE 239 40.90 131.34 -23.66
N TYR WE 240 40.15 130.62 -22.85
CA TYR WE 240 40.64 130.02 -21.60
C TYR WE 240 40.08 128.61 -21.52
N PRO WE 241 40.50 127.73 -22.42
CA PRO WE 241 39.90 126.39 -22.49
C PRO WE 241 40.19 125.47 -21.31
N GLN WE 242 40.96 125.89 -20.32
CA GLN WE 242 41.32 125.00 -19.22
C GLN WE 242 41.00 125.62 -17.86
N LEU WE 243 40.31 126.75 -17.83
CA LEU WE 243 39.97 127.40 -16.57
C LEU WE 243 38.84 126.65 -15.87
N ALA WE 244 39.04 126.36 -14.60
CA ALA WE 244 38.04 125.72 -13.74
C ALA WE 244 37.28 126.77 -12.95
N TYR WE 245 35.96 126.82 -13.13
CA TYR WE 245 35.15 127.86 -12.50
C TYR WE 245 33.74 127.34 -12.30
N TYR WE 246 32.98 128.06 -11.48
CA TYR WE 246 31.60 127.72 -11.13
C TYR WE 246 30.53 128.56 -11.81
N ARG WE 247 30.32 129.79 -11.34
CA ARG WE 247 29.21 130.58 -11.85
C ARG WE 247 29.50 132.05 -11.60
N ILE WE 248 28.83 132.88 -12.40
CA ILE WE 248 28.85 134.33 -12.25
C ILE WE 248 27.51 134.81 -11.72
N HIS WE 249 27.54 135.47 -10.57
CA HIS WE 249 26.37 135.99 -9.88
C HIS WE 249 26.13 137.45 -10.22
N PHE WE 250 24.89 137.80 -10.49
CA PHE WE 250 24.47 139.15 -10.88
C PHE WE 250 23.43 139.71 -9.93
N ASP WE 251 23.59 139.48 -8.63
CA ASP WE 251 22.66 140.07 -7.68
C ASP WE 251 22.71 141.59 -7.78
N GLU WE 252 23.90 142.14 -7.91
CA GLU WE 252 24.10 143.56 -8.21
C GLU WE 252 24.69 143.59 -9.60
N PRO WE 253 23.90 143.88 -10.64
CA PRO WE 253 24.42 143.73 -12.00
C PRO WE 253 25.54 144.68 -12.33
N ARG WE 254 25.76 145.72 -11.53
CA ARG WE 254 26.90 146.60 -11.77
C ARG WE 254 28.20 146.07 -11.24
N LYS WE 255 28.20 145.00 -10.43
CA LYS WE 255 29.44 144.47 -9.85
C LYS WE 255 29.34 142.97 -9.73
N PRO WE 256 29.47 142.24 -10.83
CA PRO WE 256 29.37 140.79 -10.78
C PRO WE 256 30.45 140.12 -9.97
N VAL WE 257 30.16 138.90 -9.55
CA VAL WE 257 31.03 138.06 -8.73
C VAL WE 257 31.32 136.77 -9.49
N PHE WE 258 32.59 136.46 -9.66
CA PHE WE 258 33.02 135.29 -10.42
C PHE WE 258 33.72 134.31 -9.48
N TRP WE 259 33.15 133.12 -9.32
CA TRP WE 259 33.68 132.07 -8.44
C TRP WE 259 34.62 131.11 -9.15
N LEU WE 260 35.89 131.09 -8.73
CA LEU WE 260 36.90 130.20 -9.27
C LEU WE 260 37.30 129.16 -8.23
N SER WE 261 37.65 127.96 -8.71
CA SER WE 261 38.16 126.93 -7.83
C SER WE 261 39.58 127.24 -7.38
N ARG WE 262 39.80 127.17 -6.06
CA ARG WE 262 41.14 127.34 -5.52
C ARG WE 262 42.12 126.25 -5.94
N GLN WE 263 41.75 124.99 -5.75
CA GLN WE 263 42.70 123.92 -6.03
C GLN WE 263 42.99 123.74 -7.51
N ARG WE 264 41.97 123.78 -8.35
CA ARG WE 264 42.16 123.38 -9.74
C ARG WE 264 42.65 124.50 -10.64
N ASN WE 265 42.80 125.72 -10.15
CA ASN WE 265 43.30 126.82 -10.95
C ASN WE 265 44.67 127.23 -10.45
N THR WE 266 45.58 127.47 -11.39
CA THR WE 266 46.93 127.96 -11.10
C THR WE 266 47.22 129.24 -11.89
N MET WE 267 47.11 130.40 -11.23
CA MET WE 267 47.27 131.66 -11.92
C MET WE 267 47.94 132.64 -10.97
N SER WE 268 48.64 133.63 -11.55
CA SER WE 268 49.16 134.74 -10.76
C SER WE 268 48.14 135.86 -10.65
N LYS WE 269 48.41 136.75 -9.69
CA LYS WE 269 47.62 137.96 -9.51
C LYS WE 269 47.50 138.78 -10.79
N LYS WE 270 48.60 138.96 -11.50
CA LYS WE 270 48.57 139.68 -12.77
C LYS WE 270 47.61 139.03 -13.77
N GLU WE 271 47.72 137.71 -13.91
CA GLU WE 271 46.82 137.00 -14.81
C GLU WE 271 45.37 137.19 -14.39
N LEU WE 272 45.08 137.07 -13.11
CA LEU WE 272 43.73 137.30 -12.62
C LEU WE 272 43.24 138.70 -12.96
N GLU WE 273 44.09 139.70 -12.80
CA GLU WE 273 43.71 141.06 -13.19
C GLU WE 273 43.41 141.16 -14.67
N VAL WE 274 44.25 140.57 -15.51
CA VAL WE 274 44.00 140.58 -16.95
C VAL WE 274 42.64 139.96 -17.25
N LEU WE 275 42.37 138.80 -16.66
CA LEU WE 275 41.06 138.16 -16.79
C LEU WE 275 39.93 139.10 -16.40
N SER WE 276 40.08 139.77 -15.26
CA SER WE 276 39.10 140.75 -14.83
C SER WE 276 38.85 141.80 -15.90
N GLN WE 277 39.92 142.37 -16.44
CA GLN WE 277 39.75 143.42 -17.44
C GLN WE 277 39.09 142.90 -18.71
N LYS WE 278 39.40 141.69 -19.14
CA LYS WE 278 38.74 141.18 -20.34
C LYS WE 278 37.27 140.91 -20.11
N LEU WE 279 36.90 140.40 -18.94
CA LEU WE 279 35.49 140.29 -18.61
C LEU WE 279 34.82 141.65 -18.63
N ARG WE 280 35.49 142.66 -18.05
CA ARG WE 280 34.91 143.98 -18.07
C ARG WE 280 34.71 144.47 -19.49
N ALA WE 281 35.56 144.03 -20.41
CA ALA WE 281 35.35 144.44 -21.79
C ALA WE 281 34.17 143.71 -22.42
N LEU WE 282 33.90 142.48 -21.96
CA LEU WE 282 32.72 141.78 -22.48
C LEU WE 282 31.42 142.32 -21.95
N MET WE 283 31.43 142.94 -20.77
CA MET WE 283 30.23 143.42 -20.10
C MET WE 283 30.25 144.93 -20.00
N PRO WE 284 29.81 145.64 -21.05
CA PRO WE 284 29.85 147.11 -21.02
C PRO WE 284 28.92 147.77 -20.02
N TYR WE 285 28.06 147.03 -19.33
CA TYR WE 285 27.21 147.63 -18.31
C TYR WE 285 27.75 147.48 -16.90
N ALA WE 286 28.83 146.75 -16.70
CA ALA WE 286 29.38 146.52 -15.37
C ALA WE 286 30.62 147.37 -15.15
N ASP WE 287 30.74 147.93 -13.94
CA ASP WE 287 31.90 148.75 -13.62
C ASP WE 287 33.11 147.93 -13.23
N SER WE 288 32.92 146.74 -12.65
CA SER WE 288 34.06 145.91 -12.32
C SER WE 288 33.56 144.51 -12.02
N VAL WE 289 34.47 143.54 -12.12
CA VAL WE 289 34.18 142.14 -11.83
C VAL WE 289 35.05 141.68 -10.68
N ASN WE 290 34.44 141.22 -9.60
CA ASN WE 290 35.16 140.76 -8.43
C ASN WE 290 35.33 139.26 -8.52
N ILE WE 291 36.57 138.79 -8.45
CA ILE WE 291 36.92 137.37 -8.49
C ILE WE 291 37.13 136.82 -7.08
N THR WE 292 36.38 135.76 -6.76
CA THR WE 292 36.41 135.10 -5.47
C THR WE 292 36.75 133.62 -5.61
N LEU WE 293 37.62 133.12 -4.75
CA LEU WE 293 38.05 131.72 -4.73
C LEU WE 293 37.23 130.90 -3.75
N MET WE 294 36.65 129.80 -4.24
CA MET WE 294 35.77 128.92 -3.48
C MET WE 294 36.40 127.54 -3.35
N ASP WE 295 35.98 126.80 -2.34
CA ASP WE 295 36.48 125.45 -2.06
C ASP WE 295 35.60 124.31 -2.59
N ASP WE 296 36.26 123.43 -3.35
CA ASP WE 296 35.59 122.25 -3.90
C ASP WE 296 35.07 121.33 -2.81
N VAL WE 297 35.85 121.11 -1.76
CA VAL WE 297 35.39 120.25 -0.67
C VAL WE 297 34.11 120.80 -0.08
N THR WE 298 34.02 122.12 0.08
CA THR WE 298 32.78 122.73 0.55
C THR WE 298 31.62 122.41 -0.37
N ALA WE 299 31.77 122.64 -1.67
CA ALA WE 299 30.71 122.29 -2.61
C ALA WE 299 30.22 120.85 -2.47
N ALA WE 300 31.14 119.90 -2.62
CA ALA WE 300 30.79 118.48 -2.49
C ALA WE 300 30.13 118.16 -1.14
N GLY WE 301 30.63 118.75 -0.06
CA GLY WE 301 30.05 118.49 1.24
C GLY WE 301 28.61 118.97 1.36
N GLN WE 302 28.35 120.20 0.90
CA GLN WE 302 26.97 120.67 0.92
C GLN WE 302 26.03 119.85 0.05
N ALA WE 303 26.53 119.30 -1.06
CA ALA WE 303 25.72 118.36 -1.82
C ALA WE 303 25.35 117.10 -1.03
N GLU WE 304 26.34 116.46 -0.43
CA GLU WE 304 26.03 115.22 0.30
C GLU WE 304 25.18 115.51 1.53
N ALA WE 305 25.42 116.62 2.19
CA ALA WE 305 24.59 116.98 3.33
C ALA WE 305 23.14 117.19 2.93
N GLY WE 306 22.90 117.86 1.81
CA GLY WE 306 21.54 117.99 1.34
C GLY WE 306 20.86 116.66 1.04
N LEU WE 307 21.57 115.71 0.43
CA LEU WE 307 20.91 114.43 0.17
C LEU WE 307 20.62 113.66 1.45
N LYS WE 308 21.51 113.71 2.44
CA LYS WE 308 21.18 113.08 3.72
C LYS WE 308 20.00 113.77 4.38
N GLN WE 309 20.02 115.10 4.40
CA GLN WE 309 18.91 115.83 5.00
C GLN WE 309 17.58 115.49 4.35
N GLN WE 310 17.57 115.22 3.06
CA GLN WE 310 16.34 114.77 2.42
C GLN WE 310 16.11 113.27 2.54
N ALA WE 311 17.01 112.54 3.18
CA ALA WE 311 16.90 111.08 3.31
C ALA WE 311 16.82 110.31 2.00
N LEU WE 312 17.30 110.86 0.93
CA LEU WE 312 17.26 110.13 -0.33
C LEU WE 312 18.34 109.05 -0.35
N PRO WE 313 18.07 107.87 -0.89
CA PRO WE 313 19.14 106.90 -1.13
C PRO WE 313 19.96 107.27 -2.36
N TYR WE 314 21.27 107.08 -2.27
CA TYR WE 314 22.17 107.52 -3.33
C TYR WE 314 23.46 106.72 -3.31
N SER WE 315 24.24 106.87 -4.39
CA SER WE 315 25.63 106.44 -4.43
C SER WE 315 26.52 107.56 -4.93
N ARG WE 316 27.75 107.60 -4.45
CA ARG WE 316 28.70 108.65 -4.79
C ARG WE 316 29.86 108.08 -5.58
N ARG WE 317 30.26 108.78 -6.64
CA ARG WE 317 31.44 108.43 -7.42
C ARG WE 317 32.34 109.63 -7.60
N ASN WE 318 33.64 109.42 -7.44
CA ASN WE 318 34.63 110.48 -7.54
C ASN WE 318 35.45 110.36 -8.82
N HIS WE 319 35.74 111.49 -9.44
CA HIS WE 319 36.60 111.57 -10.61
C HIS WE 319 37.55 112.73 -10.42
N LYS WE 320 38.59 112.72 -11.24
CA LYS WE 320 39.67 113.69 -11.11
C LYS WE 320 39.14 115.12 -11.16
N GLY WE 321 38.05 115.34 -11.88
CA GLY WE 321 37.48 116.66 -11.94
C GLY WE 321 35.99 116.72 -11.68
N GLY WE 322 35.42 115.80 -10.92
CA GLY WE 322 33.99 115.89 -10.66
C GLY WE 322 33.49 114.83 -9.72
N VAL WE 323 32.29 115.07 -9.20
CA VAL WE 323 31.61 114.14 -8.30
C VAL WE 323 30.23 113.88 -8.86
N THR WE 324 29.84 112.60 -8.93
CA THR WE 324 28.54 112.21 -9.45
C THR WE 324 27.74 111.48 -8.38
N PHE WE 325 26.49 111.92 -8.18
CA PHE WE 325 25.56 111.28 -7.27
C PHE WE 325 24.49 110.56 -8.07
N VAL WE 326 24.41 109.25 -7.92
CA VAL WE 326 23.46 108.41 -8.66
C VAL WE 326 22.31 108.03 -7.74
N ILE WE 327 21.12 108.47 -8.11
CA ILE WE 327 19.86 108.22 -7.41
C ILE WE 327 18.99 107.40 -8.34
N GLN WE 328 18.76 106.13 -8.00
CA GLN WE 328 18.08 105.23 -8.92
C GLN WE 328 17.21 104.24 -8.17
N GLY WE 329 16.15 103.78 -8.84
CA GLY WE 329 15.24 102.79 -8.31
C GLY WE 329 13.76 103.10 -8.36
N ALA WE 330 12.98 102.50 -7.46
CA ALA WE 330 11.52 102.69 -7.37
C ALA WE 330 11.09 103.80 -6.39
N LEU WE 331 11.52 105.03 -6.64
CA LEU WE 331 11.23 106.08 -5.66
C LEU WE 331 9.73 106.35 -5.56
N ASP WE 332 9.29 106.73 -4.36
CA ASP WE 332 7.93 107.20 -4.09
C ASP WE 332 7.74 108.69 -4.42
N ASP WE 333 6.47 109.06 -4.68
CA ASP WE 333 6.18 110.37 -5.24
C ASP WE 333 6.64 111.51 -4.34
N VAL WE 334 6.65 111.27 -3.03
CA VAL WE 334 7.17 112.26 -2.09
C VAL WE 334 8.66 112.44 -2.30
N GLU WE 335 9.38 111.34 -2.46
CA GLU WE 335 10.80 111.41 -2.72
C GLU WE 335 11.07 112.17 -4.00
N ILE WE 336 10.35 111.84 -5.07
CA ILE WE 336 10.60 112.53 -6.32
C ILE WE 336 10.36 114.04 -6.17
N LEU WE 337 9.32 114.42 -5.43
CA LEU WE 337 9.10 115.85 -5.21
C LEU WE 337 10.24 116.51 -4.45
N ARG WE 338 10.62 115.94 -3.31
CA ARG WE 338 11.75 116.48 -2.55
C ARG WE 338 13.01 116.60 -3.38
N ALA WE 339 13.42 115.52 -4.04
CA ALA WE 339 14.60 115.54 -4.89
C ALA WE 339 14.56 116.64 -5.94
N ARG WE 340 13.47 116.73 -6.70
CA ARG WE 340 13.39 117.79 -7.69
C ARG WE 340 13.57 119.17 -7.08
N GLN WE 341 12.96 119.41 -5.91
CA GLN WE 341 13.11 120.72 -5.28
C GLN WE 341 14.54 121.00 -4.83
N PHE WE 342 15.15 120.05 -4.14
CA PHE WE 342 16.51 120.23 -3.67
C PHE WE 342 17.48 120.49 -4.82
N VAL WE 343 17.52 119.58 -5.79
CA VAL WE 343 18.43 119.74 -6.91
C VAL WE 343 18.22 121.08 -7.59
N ASP WE 344 16.96 121.47 -7.80
CA ASP WE 344 16.72 122.75 -8.43
C ASP WE 344 17.28 123.90 -7.61
N SER WE 345 17.27 123.79 -6.29
CA SER WE 345 17.85 124.85 -5.46
C SER WE 345 19.37 124.88 -5.56
N TYR WE 346 20.01 123.71 -5.44
CA TYR WE 346 21.47 123.63 -5.51
C TYR WE 346 22.02 124.14 -6.82
N TYR WE 347 21.48 123.65 -7.94
CA TYR WE 347 21.95 124.08 -9.24
C TYR WE 347 21.99 125.59 -9.37
N ARG WE 348 21.00 126.28 -8.83
CA ARG WE 348 20.99 127.73 -8.96
C ARG WE 348 22.10 128.41 -8.17
N THR WE 349 22.65 127.75 -7.17
CA THR WE 349 23.75 128.30 -6.39
C THR WE 349 25.11 128.02 -7.02
N TRP WE 350 25.40 126.74 -7.25
CA TRP WE 350 26.69 126.28 -7.73
C TRP WE 350 26.82 126.01 -9.22
N GLY WE 351 25.75 126.05 -9.99
CA GLY WE 351 25.79 125.64 -11.37
C GLY WE 351 25.99 124.14 -11.54
N GLY WE 352 26.12 123.73 -12.80
CA GLY WE 352 26.29 122.33 -13.17
C GLY WE 352 27.64 121.83 -13.60
N ARG WE 353 28.70 122.62 -13.52
CA ARG WE 353 29.98 122.19 -14.04
C ARG WE 353 30.63 121.11 -13.17
N TYR WE 354 30.67 121.31 -11.85
CA TYR WE 354 31.40 120.36 -11.02
C TYR WE 354 30.59 119.15 -10.51
N VAL WE 355 29.45 119.36 -9.88
CA VAL WE 355 28.63 118.28 -9.32
C VAL WE 355 27.41 117.97 -10.18
N GLN WE 356 27.25 116.69 -10.55
CA GLN WE 356 26.13 116.20 -11.35
C GLN WE 356 25.27 115.21 -10.57
N PHE WE 357 23.94 115.34 -10.70
CA PHE WE 357 22.94 114.46 -10.10
C PHE WE 357 22.22 113.64 -11.16
N ALA WE 358 22.42 112.33 -11.14
CA ALA WE 358 21.74 111.38 -12.02
C ALA WE 358 20.54 110.74 -11.33
N ILE WE 359 19.34 111.03 -11.82
CA ILE WE 359 18.08 110.52 -11.29
C ILE WE 359 17.50 109.53 -12.29
N GLU WE 360 17.19 108.32 -11.84
CA GLU WE 360 16.68 107.26 -12.72
C GLU WE 360 15.58 106.45 -12.05
N LEU WE 361 14.34 106.67 -12.47
CA LEU WE 361 13.27 105.70 -12.23
C LEU WE 361 13.52 104.42 -13.00
N LYS WE 362 13.50 103.29 -12.31
CA LYS WE 362 13.60 102.01 -13.00
C LYS WE 362 12.99 100.91 -12.15
N ASP WE 363 12.56 99.84 -12.82
CA ASP WE 363 11.96 98.69 -12.18
C ASP WE 363 12.98 97.90 -11.37
N ASP WE 364 12.46 96.99 -10.54
CA ASP WE 364 13.32 96.14 -9.74
C ASP WE 364 14.25 95.32 -10.62
N TRP WE 365 15.45 95.11 -10.11
CA TRP WE 365 16.51 94.50 -10.88
C TRP WE 365 16.13 93.08 -11.28
N LEU WE 366 16.36 92.75 -12.56
CA LEU WE 366 16.09 91.43 -13.13
C LEU WE 366 14.62 91.02 -13.05
N LYS WE 367 13.71 91.98 -12.94
CA LYS WE 367 12.30 91.73 -13.17
C LYS WE 367 11.69 90.71 -12.21
N GLY WE 368 12.28 90.47 -11.05
CA GLY WE 368 11.68 89.46 -10.18
C GLY WE 368 11.96 88.03 -10.56
N ARG WE 369 13.03 87.77 -11.29
CA ARG WE 369 13.62 86.43 -11.32
C ARG WE 369 14.46 86.22 -10.08
N SER WE 370 14.68 84.95 -9.73
CA SER WE 370 15.61 84.65 -8.66
C SER WE 370 17.00 84.35 -9.22
N PHE WE 371 18.00 84.63 -8.41
CA PHE WE 371 19.36 84.60 -8.91
C PHE WE 371 20.35 84.44 -7.76
N GLN WE 372 21.54 84.01 -8.13
CA GLN WE 372 22.63 83.72 -7.21
C GLN WE 372 23.66 84.81 -7.47
N TYR WE 373 23.93 85.65 -6.47
CA TYR WE 373 24.57 86.94 -6.72
C TYR WE 373 26.04 86.99 -6.36
N GLY WE 374 26.66 85.88 -6.04
CA GLY WE 374 28.10 85.84 -5.84
C GLY WE 374 28.93 86.17 -7.06
N ALA WE 375 30.26 86.02 -6.92
CA ALA WE 375 31.21 86.24 -8.01
C ALA WE 375 31.07 85.20 -9.09
N GLU WE 376 30.24 84.18 -8.87
CA GLU WE 376 29.97 83.10 -9.81
C GLU WE 376 28.47 83.02 -10.04
N GLY WE 377 27.81 84.14 -9.87
CA GLY WE 377 26.37 84.22 -9.92
C GLY WE 377 25.78 83.77 -11.24
N TYR WE 378 24.46 83.60 -11.20
CA TYR WE 378 23.69 83.29 -12.39
C TYR WE 378 22.23 83.62 -12.13
N ILE WE 379 21.46 83.65 -13.20
CA ILE WE 379 20.04 83.96 -13.18
C ILE WE 379 19.23 82.72 -13.54
N LYS WE 380 18.26 82.38 -12.69
CA LYS WE 380 17.31 81.37 -13.10
C LYS WE 380 16.28 82.01 -13.99
N MET WE 381 16.09 81.45 -15.18
CA MET WE 381 15.04 81.89 -16.07
C MET WE 381 13.73 81.31 -15.61
N SER WE 382 13.78 80.05 -15.24
CA SER WE 382 12.66 79.23 -14.81
C SER WE 382 13.27 78.03 -14.10
N PRO WE 383 12.51 77.32 -13.30
CA PRO WE 383 13.07 76.07 -12.78
C PRO WE 383 13.48 75.20 -13.94
N GLY WE 384 14.65 74.58 -13.81
CA GLY WE 384 15.28 73.90 -14.90
C GLY WE 384 16.02 74.73 -15.94
N HIS WE 385 16.26 76.03 -15.72
CA HIS WE 385 16.92 76.80 -16.78
C HIS WE 385 17.83 77.87 -16.19
N TRP WE 386 19.14 77.73 -16.44
CA TRP WE 386 20.19 78.62 -15.97
C TRP WE 386 20.72 79.53 -17.07
N TYR WE 387 21.04 80.78 -16.73
CA TYR WE 387 21.50 81.76 -17.71
C TYR WE 387 23.00 82.08 -17.69
N PHE WE 388 23.66 82.13 -16.55
CA PHE WE 388 25.10 82.47 -16.53
C PHE WE 388 25.52 83.64 -17.42
N PRO WE 389 24.90 84.80 -17.31
CA PRO WE 389 25.22 85.90 -18.21
C PRO WE 389 26.46 86.71 -17.87
N SER WE 390 26.70 86.92 -16.57
CA SER WE 390 27.73 87.85 -16.12
C SER WE 390 27.94 87.64 -14.63
N PRO WE 391 29.11 87.99 -14.11
CA PRO WE 391 29.21 88.08 -12.65
C PRO WE 391 28.26 89.12 -12.13
N LEU WE 392 27.60 88.80 -11.03
CA LEU WE 392 26.61 89.70 -10.45
C LEU WE 392 27.10 90.22 -9.11
#